data_7MIZ
#
_entry.id   7MIZ
#
_cell.length_a   1.00
_cell.length_b   1.00
_cell.length_c   1.00
_cell.angle_alpha   90.00
_cell.angle_beta   90.00
_cell.angle_gamma   90.00
#
_symmetry.space_group_name_H-M   'P 1'
#
loop_
_entity.id
_entity.type
_entity.pdbx_description
1 polymer 'Microtubule associated protein SPM1'
2 polymer 'Tubulin alpha chain'
3 polymer 'Tubulin beta chain'
4 polymer 'PDI family protein'
5 polymer 'PDI family protein'
6 non-polymer "GUANOSINE-5'-TRIPHOSPHATE"
7 non-polymer 'MAGNESIUM ION'
8 non-polymer "GUANOSINE-5'-DIPHOSPHATE"
#
loop_
_entity_poly.entity_id
_entity_poly.type
_entity_poly.pdbx_seq_one_letter_code
_entity_poly.pdbx_strand_id
1 'polypeptide(L)'
;MSGGNSNTPKKLPSEEGSDYGYPQKPQKYLPKSEQAEPDYSACCKGNDAYKGASHGTVQFSHPEEAQKYAGAAAGAETIQ
RGRERVAADRQPRAAGDVPARRLHLSDVDEAHRGQSPSRHPGYCVEELCTCGMHKCIPSRAPVPFTGSTQYRQEFVPKPL
PPPTQVSQVTLPPSLPFEAESSYRTEFVAKPLPPPAKFSEVKLPPTLPFHGESAYRTDYVPKPLPEVAKPVEVKLPPTLP
FNAQSCYRSEYVAKPLPPPVQTVEVKLPPSLPFEGSTHYRDEFQVKPLPPATKVTEVKLPPSLPFDATSMYRSDYVAKSN
PICPVSKLPQYPAATYPQNHVFWDPDTKQWY
;
0,1,2,3,4,5,6,7,8,9,10,11,12,13,14,15,16,17,18,19,20,21,22,23
2 'polypeptide(L)'
;MREVISIHVGQAGIQIGNACWELFCLEHGIQPDGQMPSDKTIGGGDDAFNTFFSETGAGKHVPRCVFLDLEPTVVDEVRT
GTYRHLFHPEQLISGKEDAANNFARGHYTIGKEIVDLSLDRIRKLADNCTGLQGFLMFNAVGGGTGSGLGCLLLERLSVD
YGKKSKLNFCSWPSPQVSTAVVEPYNSVLSTHSLLEHTDVAVMLDNEAIYDICRRNLDIERPTYTNLNRLIAQVISSLTA
SLRFDGALNVDVTEFQTNLVPYPRIHFMLSSYAPIISAEKAYHEQLSVAEITNSAFEPASMMAKCDPRHGKYMACCLMYR
GDVVPKDVNAAVATIKTKRTIQFVDWCPTGFKCGINYQPPTVVPGGDLAKVMRAVCMISNSTAIAEVFSRMDHKFDLMYA
KRAFVHWYVGEGMEEGEFSEAREDLAALEKDYEEVGIETAEGEGEEEGYGDEY
;
A0,A2,A4,A6,A8,B0,B2,B4,B6,B8,C0,C2,C4,C6,C8,D0,D2,D4,D6,D8,E0,E2,E4,E6,E8,F0
3 'polypeptide(L)'
;MREIVHVQGGQCGNQIGAKFWEVISDEHGIDPTGTYCGDSDLQLERINVFYNEATGGRFVPRAILMDLEPGTMDSVRAGP
FGQLFRPDNFVFGQTGAGNNWAKGHYTEGAELIDSVLDVVRKEAEGCDCLQGFQITHSLGGGTGSGMGTLLISKVREEYP
DRIMETFSVFPSPKVSDTVVEPYNATLSVHQLVENADEVQVIDNEALYDICFRTLKLTTPTYGDLNHLVSAAMSGVTCCL
RFPGQLNSDLRKLAVNLIPFPRLHFFLIGFAPLTSRGSQQYRALSVPELTQQMFDAKNMMCASDPRHGRYLTASAMFRGR
MSTKEVDEQMLNVQNKNSSYFVEWIPNNMKSSVCDIPPKGLKMSVTFVGNSTAIQEMFKRVSDQFTAMFRRKAFLHWYTG
EGMDEMEFTEAESNMNDLVSEYQQYQDATAEEEGEFDEEEGEMGAEEGA
;
A1,A3,A5,A7,A9,B1,B3,B5,B7,B9,C1,C3,C5,C7,C9,D1,D3,D5,D7,D9,E1,E3,E5,E7,E9,F1
4 'polypeptide(L)'
;MSQPVFASPLNVEKRRLNEERALMQAQKAGGEGVNIQLPPNYGDMDLILFPEGSLKNSNNTVIPQSHLKGKSVALYFADG
ADPKCASLLPFLLNYYRTMNEGGANQKIEIIFVSLDRDREAFESHRAHMPWLSIDLENPLTEILKRHFRVMKEYEVPTYG
YGSRTGVPSVIVIGSDGREAQFLPICSGLEEGDRALLRWDWRNTKFASDQFHVRPTLLEQ
;
a,b,c,d,e,f,g,h,i,j,o,p,q,r,s,t,u,v,n,m
5 'polypeptide(L)'
;MLAADCFFGPDVVKRTQQGNYVPVRPDHFAGVSVALFFAKAGHSKCAQIVPVVRQFYKTTNFSGEKAVIEIIYVSLDKDE
QDFERVRALMPWCSVEYKSCLRKKLIERYRVPNGELAFGTVRIPSTAIPLLIVIGPNGEEAGRMNFQQSDEFVLQRWDYR
FNKWPGSAQRLRTLNDATDPWKKRLPQNV
;
k,l,w,x
#
# COMPACT_ATOMS: atom_id res chain seq x y z
N PRO A 237 23.51 53.97 64.24
CA PRO A 237 24.13 52.78 63.64
C PRO A 237 25.34 52.31 64.43
N THR A 238 25.31 51.06 64.90
CA THR A 238 26.44 50.55 65.66
C THR A 238 27.58 50.14 64.73
N LEU A 239 28.77 50.03 65.31
CA LEU A 239 29.94 49.63 64.56
C LEU A 239 30.45 48.29 65.07
N PRO A 240 30.79 47.35 64.19
CA PRO A 240 31.05 45.98 64.62
C PRO A 240 32.37 45.83 65.35
N PHE A 241 32.46 44.75 66.13
CA PHE A 241 33.64 44.45 66.92
C PHE A 241 34.56 43.54 66.11
N ASN A 242 35.73 44.05 65.75
CA ASN A 242 36.58 43.39 64.78
C ASN A 242 38.03 43.37 65.25
N ALA A 243 38.24 42.95 66.50
CA ALA A 243 39.57 42.83 67.06
C ALA A 243 39.71 41.50 67.79
N GLN A 244 40.94 41.01 67.88
CA GLN A 244 41.23 39.73 68.50
C GLN A 244 42.48 39.89 69.35
N SER A 245 42.55 39.13 70.44
CA SER A 245 43.67 39.26 71.36
C SER A 245 44.95 38.74 70.74
N CYS A 246 46.08 39.13 71.33
CA CYS A 246 47.38 38.72 70.81
C CYS A 246 47.59 37.23 70.94
N TYR A 247 47.22 36.66 72.09
CA TYR A 247 47.36 35.22 72.30
C TYR A 247 46.52 34.44 71.30
N ARG A 248 45.26 34.82 71.13
CA ARG A 248 44.42 34.11 70.17
C ARG A 248 44.83 34.37 68.74
N SER A 249 45.53 35.47 68.48
CA SER A 249 45.93 35.75 67.12
C SER A 249 47.18 34.99 66.73
N GLU A 250 48.11 34.80 67.67
CA GLU A 250 49.40 34.28 67.29
C GLU A 250 49.74 32.89 67.85
N TYR A 251 49.12 32.45 68.93
CA TYR A 251 49.33 31.09 69.43
C TYR A 251 48.17 30.21 68.96
N VAL A 252 48.28 29.74 67.73
CA VAL A 252 47.22 28.93 67.13
C VAL A 252 47.73 27.50 66.98
N ALA A 253 46.88 26.62 66.47
CA ALA A 253 47.25 25.21 66.36
C ALA A 253 48.26 25.03 65.25
N LYS A 254 49.44 24.54 65.61
CA LYS A 254 50.53 24.42 64.65
C LYS A 254 50.55 23.03 64.04
N PRO A 255 50.89 22.92 62.76
CA PRO A 255 50.98 21.60 62.13
C PRO A 255 52.14 20.81 62.72
N LEU A 256 51.99 19.49 62.69
CA LEU A 256 53.06 18.76 63.35
C LEU A 256 54.11 18.35 62.34
N PRO A 257 55.38 18.38 62.73
CA PRO A 257 56.45 18.02 61.79
C PRO A 257 56.37 16.55 61.42
N PRO A 258 56.80 16.18 60.20
CA PRO A 258 56.74 14.80 59.72
C PRO A 258 57.64 13.84 60.48
N PRO B 237 -31.96 114.43 71.91
CA PRO B 237 -31.49 113.14 71.38
C PRO B 237 -30.42 112.53 72.25
N THR B 238 -30.37 111.20 72.29
CA THR B 238 -29.38 110.50 73.09
C THR B 238 -28.10 110.31 72.30
N LEU B 239 -27.01 110.04 73.02
CA LEU B 239 -25.71 109.78 72.44
C LEU B 239 -25.24 108.42 72.93
N PRO B 240 -24.75 107.55 72.05
CA PRO B 240 -24.47 106.17 72.45
C PRO B 240 -23.16 106.04 73.20
N PHE B 241 -22.99 104.88 73.82
CA PHE B 241 -21.81 104.57 74.63
C PHE B 241 -20.93 103.63 73.83
N ASN B 242 -19.76 104.12 73.42
CA ASN B 242 -18.86 103.39 72.53
C ASN B 242 -17.44 103.43 73.07
N ALA B 243 -17.29 103.12 74.35
CA ALA B 243 -15.99 103.16 75.01
C ALA B 243 -15.73 101.84 75.70
N GLN B 244 -14.46 101.50 75.85
CA GLN B 244 -14.07 100.18 76.31
C GLN B 244 -13.17 100.34 77.53
N SER B 245 -12.73 99.22 78.09
CA SER B 245 -11.69 99.25 79.10
C SER B 245 -10.37 98.87 78.48
N CYS B 246 -9.28 99.31 79.12
CA CYS B 246 -7.95 98.92 78.65
C CYS B 246 -7.76 97.42 78.76
N TYR B 247 -8.20 96.84 79.89
CA TYR B 247 -8.11 95.41 80.08
C TYR B 247 -8.94 94.65 79.05
N ARG B 248 -10.17 95.09 78.82
CA ARG B 248 -11.04 94.40 77.87
C ARG B 248 -10.54 94.56 76.45
N SER B 249 -9.89 95.68 76.14
CA SER B 249 -9.39 95.87 74.79
C SER B 249 -8.13 95.08 74.53
N GLU B 250 -7.21 95.00 75.49
CA GLU B 250 -5.90 94.45 75.18
C GLU B 250 -5.56 93.16 75.91
N TYR B 251 -6.50 92.54 76.61
CA TYR B 251 -6.29 91.19 77.14
C TYR B 251 -7.44 90.32 76.67
N VAL B 252 -7.32 89.78 75.47
CA VAL B 252 -8.40 89.00 74.86
C VAL B 252 -7.95 87.57 74.72
N ALA B 253 -8.83 86.71 74.21
CA ALA B 253 -8.55 85.28 74.11
C ALA B 253 -7.53 85.06 73.00
N LYS B 254 -6.28 84.90 73.39
CA LYS B 254 -5.18 84.74 72.47
C LYS B 254 -5.18 83.34 71.86
N PRO B 255 -4.80 83.22 70.58
CA PRO B 255 -4.70 81.90 69.97
C PRO B 255 -3.52 81.13 70.53
N LEU B 256 -3.62 79.81 70.46
CA LEU B 256 -2.54 79.09 71.12
C LEU B 256 -1.49 78.65 70.11
N PRO B 257 -0.22 78.65 70.50
CA PRO B 257 0.84 78.27 69.56
C PRO B 257 0.75 76.80 69.20
N PRO B 258 1.18 76.43 67.99
CA PRO B 258 1.18 75.03 67.54
C PRO B 258 2.16 74.15 68.30
N PRO C 237 44.80 65.29 30.08
CA PRO C 237 44.98 63.86 29.83
C PRO C 237 46.24 63.32 30.47
N THR C 238 46.41 62.00 30.49
CA THR C 238 47.52 61.35 31.17
C THR C 238 48.42 60.66 30.15
N LEU C 239 49.72 60.87 30.27
CA LEU C 239 50.77 60.22 29.49
C LEU C 239 51.36 59.06 30.28
N PRO C 240 51.80 58.00 29.62
CA PRO C 240 52.33 56.85 30.35
C PRO C 240 53.80 56.98 30.70
N PHE C 241 54.36 55.95 31.32
CA PHE C 241 55.74 55.93 31.76
C PHE C 241 56.50 54.91 30.94
N ASN C 242 57.41 55.39 30.09
CA ASN C 242 58.17 54.53 29.19
C ASN C 242 59.64 54.75 29.39
N ALA C 243 60.06 54.80 30.64
CA ALA C 243 61.43 55.11 31.00
C ALA C 243 62.02 53.94 31.76
N GLN C 244 63.29 53.64 31.46
CA GLN C 244 63.93 52.44 31.96
C GLN C 244 65.29 52.83 32.51
N SER C 245 65.73 52.14 33.55
CA SER C 245 67.08 52.32 34.00
C SER C 245 68.03 51.72 32.99
N CYS C 246 69.24 52.29 32.90
CA CYS C 246 70.26 51.71 32.04
C CYS C 246 70.65 50.32 32.55
N TYR C 247 70.69 50.17 33.86
CA TYR C 247 70.98 48.88 34.46
C TYR C 247 69.89 47.87 34.11
N ARG C 248 68.63 48.28 34.17
CA ARG C 248 67.55 47.37 33.83
C ARG C 248 67.54 47.03 32.36
N SER C 249 67.93 47.98 31.51
CA SER C 249 67.91 47.70 30.08
C SER C 249 69.06 46.79 29.67
N GLU C 250 70.19 46.87 30.37
CA GLU C 250 71.35 46.11 29.93
C GLU C 250 71.63 44.87 30.77
N TYR C 251 71.78 45.03 32.07
CA TYR C 251 72.35 44.01 32.94
C TYR C 251 71.27 42.97 33.19
N VAL C 252 71.02 42.15 32.18
CA VAL C 252 69.90 41.22 32.20
C VAL C 252 70.43 39.81 32.41
N ALA C 253 69.52 38.88 32.62
CA ALA C 253 69.90 37.48 32.73
C ALA C 253 70.35 36.97 31.38
N LYS C 254 71.56 36.43 31.32
CA LYS C 254 72.15 36.07 30.04
C LYS C 254 72.42 34.58 29.96
N PRO C 255 72.24 33.97 28.79
CA PRO C 255 72.39 32.52 28.68
C PRO C 255 73.82 32.08 28.86
N LEU C 256 73.98 30.88 29.37
CA LEU C 256 75.28 30.38 29.75
C LEU C 256 76.05 29.86 28.54
N PRO C 257 77.37 29.89 28.59
CA PRO C 257 78.17 29.30 27.51
C PRO C 257 78.03 27.79 27.54
N PRO C 258 78.23 27.11 26.39
CA PRO C 258 78.14 25.66 26.35
C PRO C 258 79.33 24.99 27.04
N PRO D 237 -11.16 125.05 37.48
CA PRO D 237 -10.74 123.66 37.28
C PRO D 237 -9.54 123.29 38.15
N THR D 238 -9.16 122.02 38.15
CA THR D 238 -8.03 121.54 38.94
C THR D 238 -7.06 120.81 38.03
N LEU D 239 -5.79 121.15 38.13
CA LEU D 239 -4.74 120.47 37.40
C LEU D 239 -4.26 119.24 38.17
N PRO D 240 -3.80 118.20 37.49
CA PRO D 240 -3.29 117.02 38.18
C PRO D 240 -1.83 117.19 38.52
N PHE D 241 -1.25 116.16 39.12
CA PHE D 241 0.14 116.17 39.54
C PHE D 241 0.89 115.17 38.67
N ASN D 242 1.76 115.68 37.80
CA ASN D 242 2.46 114.82 36.86
C ASN D 242 3.97 114.92 37.00
N ALA D 243 4.46 114.91 38.23
CA ALA D 243 5.90 115.02 38.46
C ALA D 243 6.35 113.92 39.41
N GLN D 244 7.58 113.44 39.18
CA GLN D 244 8.19 112.44 40.03
C GLN D 244 9.63 112.84 40.27
N SER D 245 10.19 112.35 41.37
CA SER D 245 11.57 112.66 41.69
C SER D 245 12.52 111.99 40.71
N CYS D 246 13.73 112.53 40.62
CA CYS D 246 14.75 111.90 39.78
C CYS D 246 15.13 110.54 40.34
N TYR D 247 15.19 110.44 41.67
CA TYR D 247 15.47 109.15 42.32
C TYR D 247 14.39 108.14 41.98
N ARG D 248 13.12 108.54 42.04
CA ARG D 248 12.05 107.59 41.76
C ARG D 248 11.99 107.24 40.29
N SER D 249 12.34 108.18 39.41
CA SER D 249 12.31 107.90 37.99
C SER D 249 13.45 107.01 37.56
N GLU D 250 14.57 107.03 38.29
CA GLU D 250 15.73 106.24 37.87
C GLU D 250 15.94 104.97 38.67
N TYR D 251 16.12 105.09 39.98
CA TYR D 251 16.64 104.00 40.80
C TYR D 251 15.50 103.00 41.00
N VAL D 252 15.30 102.18 39.99
CA VAL D 252 14.16 101.26 39.97
C VAL D 252 14.66 99.84 40.18
N ALA D 253 13.74 98.90 40.31
CA ALA D 253 14.12 97.50 40.43
C ALA D 253 14.62 97.00 39.08
N LYS D 254 15.89 96.68 39.01
CA LYS D 254 16.51 96.31 37.75
C LYS D 254 16.80 94.81 37.71
N PRO D 255 16.63 94.17 36.57
CA PRO D 255 16.79 92.71 36.51
C PRO D 255 18.23 92.29 36.72
N LEU D 256 18.38 91.12 37.31
CA LEU D 256 19.69 90.61 37.66
C LEU D 256 20.42 90.08 36.44
N PRO D 257 21.75 90.13 36.43
CA PRO D 257 22.49 89.53 35.33
C PRO D 257 22.40 88.02 35.38
N PRO D 258 22.57 87.34 34.24
CA PRO D 258 22.55 85.87 34.24
C PRO D 258 23.80 85.28 34.89
N PRO E 237 51.87 62.76 -9.70
CA PRO E 237 52.31 62.14 -10.95
C PRO E 237 53.82 61.93 -10.97
N THR E 238 54.35 61.45 -9.84
CA THR E 238 55.80 61.34 -9.69
C THR E 238 56.33 60.15 -10.48
N LEU E 239 57.34 60.40 -11.29
CA LEU E 239 58.00 59.34 -12.04
C LEU E 239 58.83 58.48 -11.08
N PRO E 240 59.08 57.22 -11.42
CA PRO E 240 59.89 56.38 -10.55
C PRO E 240 61.38 56.47 -10.88
N PHE E 241 62.17 55.82 -10.05
CA PHE E 241 63.63 55.80 -10.15
C PHE E 241 64.04 54.58 -10.94
N ASN E 242 64.78 54.80 -12.03
CA ASN E 242 65.18 53.68 -12.90
C ASN E 242 66.67 53.69 -13.18
N ALA E 243 67.49 54.21 -12.28
CA ALA E 243 68.91 54.34 -12.52
C ALA E 243 69.70 53.47 -11.56
N GLN E 244 70.92 53.14 -11.96
CA GLN E 244 71.83 52.38 -11.11
C GLN E 244 73.26 52.80 -11.43
N SER E 245 74.15 52.63 -10.45
CA SER E 245 75.52 53.05 -10.59
C SER E 245 76.28 52.12 -11.52
N CYS E 246 77.39 52.64 -12.05
CA CYS E 246 78.22 51.86 -12.96
C CYS E 246 78.87 50.68 -12.25
N TYR E 247 79.34 50.90 -11.02
CA TYR E 247 79.93 49.80 -10.25
C TYR E 247 78.90 48.73 -9.97
N ARG E 248 77.68 49.13 -9.61
CA ARG E 248 76.63 48.18 -9.31
C ARG E 248 76.25 47.38 -10.55
N SER E 249 76.18 48.04 -11.70
CA SER E 249 75.76 47.37 -12.92
C SER E 249 76.86 46.55 -13.56
N GLU E 250 78.12 46.80 -13.23
CA GLU E 250 79.18 46.10 -13.93
C GLU E 250 79.97 45.13 -13.06
N TYR E 251 80.22 45.44 -11.79
CA TYR E 251 80.92 44.54 -10.88
C TYR E 251 79.88 43.75 -10.09
N VAL E 252 79.51 42.58 -10.60
CA VAL E 252 78.56 41.72 -9.91
C VAL E 252 79.29 40.46 -9.46
N ALA E 253 78.58 39.57 -8.78
CA ALA E 253 79.17 38.31 -8.32
C ALA E 253 79.36 37.38 -9.51
N LYS E 254 80.59 37.22 -9.94
CA LYS E 254 80.85 36.48 -11.16
C LYS E 254 80.93 34.98 -10.88
N PRO E 255 80.55 34.15 -11.84
CA PRO E 255 80.73 32.70 -11.66
C PRO E 255 82.20 32.32 -11.72
N LEU E 256 82.53 31.28 -10.97
CA LEU E 256 83.93 30.91 -10.81
C LEU E 256 84.40 30.03 -11.96
N PRO E 257 85.69 30.04 -12.29
CA PRO E 257 86.20 29.12 -13.29
C PRO E 257 86.21 27.70 -12.76
N PRO E 258 86.13 26.69 -13.65
CA PRO E 258 86.24 25.29 -13.21
C PRO E 258 87.69 24.91 -12.92
N PRO F 237 -3.42 123.59 -1.73
CA PRO F 237 -3.14 122.67 -2.84
C PRO F 237 -1.65 122.42 -3.00
N THR F 238 -0.98 122.02 -1.93
CA THR F 238 0.46 121.81 -1.97
C THR F 238 0.80 120.57 -2.77
N LEU F 239 2.05 120.52 -3.21
CA LEU F 239 2.52 119.46 -4.08
C LEU F 239 3.54 118.61 -3.33
N PRO F 240 3.47 117.28 -3.44
CA PRO F 240 4.34 116.43 -2.64
C PRO F 240 5.82 116.55 -3.01
N PHE F 241 6.66 116.26 -2.03
CA PHE F 241 8.11 116.37 -2.15
C PHE F 241 8.66 115.07 -2.70
N ASN F 242 9.06 115.08 -3.97
CA ASN F 242 9.43 113.87 -4.69
C ASN F 242 10.86 113.93 -5.20
N ALA F 243 11.80 114.33 -4.34
CA ALA F 243 13.19 114.43 -4.72
C ALA F 243 14.06 113.82 -3.64
N GLN F 244 15.27 113.39 -4.03
CA GLN F 244 16.21 112.84 -3.06
C GLN F 244 17.62 113.01 -3.58
N SER F 245 18.57 112.94 -2.65
CA SER F 245 19.94 113.36 -2.88
C SER F 245 20.68 112.42 -3.83
N CYS F 246 21.77 112.95 -4.39
CA CYS F 246 22.57 112.15 -5.32
C CYS F 246 23.26 111.01 -4.60
N TYR F 247 23.75 111.26 -3.38
CA TYR F 247 24.40 110.22 -2.61
C TYR F 247 23.43 109.09 -2.28
N ARG F 248 22.22 109.44 -1.85
CA ARG F 248 21.25 108.41 -1.52
C ARG F 248 20.74 107.71 -2.76
N SER F 249 20.75 108.38 -3.89
CA SER F 249 20.29 107.74 -5.12
C SER F 249 21.34 106.79 -5.67
N GLU F 250 22.61 107.08 -5.45
CA GLU F 250 23.64 106.31 -6.13
C GLU F 250 24.37 105.32 -5.24
N TYR F 251 24.62 105.63 -3.98
CA TYR F 251 25.37 104.75 -3.08
C TYR F 251 24.36 103.96 -2.26
N VAL F 252 23.99 102.79 -2.74
CA VAL F 252 23.07 101.92 -2.04
C VAL F 252 23.78 100.63 -1.69
N ALA F 253 23.07 99.70 -1.04
CA ALA F 253 23.67 98.43 -0.68
C ALA F 253 23.84 97.58 -1.92
N LYS F 254 25.01 97.26 -2.24
CA LYS F 254 25.25 96.50 -3.45
C LYS F 254 25.40 95.02 -3.14
N PRO F 255 25.04 94.14 -4.07
CA PRO F 255 25.27 92.72 -3.84
C PRO F 255 26.74 92.38 -3.95
N LEU F 256 27.20 91.52 -3.07
CA LEU F 256 28.62 91.23 -2.98
C LEU F 256 29.06 90.33 -4.13
N PRO F 257 30.31 90.43 -4.56
CA PRO F 257 30.83 89.47 -5.54
C PRO F 257 30.93 88.09 -4.94
N PRO F 258 30.73 87.03 -5.74
CA PRO F 258 30.83 85.66 -5.24
C PRO F 258 32.27 85.20 -5.08
N PRO G 237 46.23 50.62 -49.28
CA PRO G 237 46.71 49.43 -48.58
C PRO G 237 48.21 49.23 -48.76
N THR G 238 48.83 48.45 -47.88
CA THR G 238 50.27 48.20 -47.93
C THR G 238 50.53 46.91 -48.69
N LEU G 239 51.25 47.02 -49.80
CA LEU G 239 51.63 45.84 -50.56
C LEU G 239 52.74 45.09 -49.82
N PRO G 240 52.84 43.78 -50.01
CA PRO G 240 53.96 43.04 -49.42
C PRO G 240 55.22 43.19 -50.25
N PHE G 241 56.33 42.81 -49.63
CA PHE G 241 57.65 42.89 -50.24
C PHE G 241 58.09 41.49 -50.60
N ASN G 242 58.37 41.26 -51.88
CA ASN G 242 58.70 39.94 -52.36
C ASN G 242 59.87 39.98 -53.33
N ALA G 243 60.83 40.86 -53.07
CA ALA G 243 62.06 40.93 -53.83
C ALA G 243 63.20 40.38 -53.00
N GLN G 244 64.22 39.85 -53.68
CA GLN G 244 65.24 39.07 -53.00
C GLN G 244 66.47 39.02 -53.88
N SER G 245 67.63 39.34 -53.31
CA SER G 245 68.80 39.70 -54.07
C SER G 245 69.47 38.50 -54.70
N CYS G 246 70.36 38.78 -55.66
CA CYS G 246 70.92 37.74 -56.50
C CYS G 246 71.95 36.91 -55.76
N TYR G 247 72.79 37.56 -54.95
CA TYR G 247 73.80 36.84 -54.18
C TYR G 247 73.15 35.86 -53.22
N ARG G 248 72.08 36.29 -52.57
CA ARG G 248 71.39 35.45 -51.61
C ARG G 248 70.55 34.39 -52.29
N SER G 249 70.06 34.66 -53.50
CA SER G 249 69.31 33.63 -54.22
C SER G 249 70.21 32.57 -54.80
N GLU G 250 71.44 32.92 -55.14
CA GLU G 250 72.30 31.97 -55.83
C GLU G 250 73.28 31.26 -54.90
N TYR G 251 74.06 31.99 -54.11
CA TYR G 251 75.08 31.39 -53.25
C TYR G 251 74.43 30.96 -51.95
N VAL G 252 73.87 29.75 -51.98
CA VAL G 252 73.21 29.14 -50.82
C VAL G 252 74.06 27.96 -50.38
N ALA G 253 73.62 27.25 -49.35
CA ALA G 253 74.39 26.13 -48.85
C ALA G 253 74.31 24.97 -49.82
N LYS G 254 75.44 24.58 -50.39
CA LYS G 254 75.47 23.54 -51.38
C LYS G 254 75.86 22.21 -50.73
N PRO G 255 75.29 21.10 -51.17
CA PRO G 255 75.68 19.81 -50.57
C PRO G 255 77.08 19.41 -50.98
N LEU G 256 77.81 18.86 -50.05
CA LEU G 256 79.20 18.54 -50.31
C LEU G 256 79.32 17.27 -51.13
N PRO G 257 80.34 17.19 -51.98
CA PRO G 257 80.57 15.95 -52.72
C PRO G 257 81.04 14.85 -51.80
N PRO G 258 80.67 13.59 -52.07
CA PRO G 258 81.08 12.47 -51.23
C PRO G 258 82.50 11.98 -51.55
N PRO H 237 -9.16 110.96 -41.50
CA PRO H 237 -8.68 109.78 -40.77
C PRO H 237 -7.19 109.57 -40.95
N THR H 238 -6.57 108.81 -40.05
CA THR H 238 -5.14 108.55 -40.10
C THR H 238 -4.89 107.28 -40.90
N LEU H 239 -4.20 107.42 -42.03
CA LEU H 239 -3.85 106.26 -42.83
C LEU H 239 -2.76 105.44 -42.12
N PRO H 240 -2.74 104.13 -42.33
CA PRO H 240 -1.65 103.33 -41.76
C PRO H 240 -0.37 103.54 -42.51
N PHE H 241 0.74 103.25 -41.83
CA PHE H 241 2.08 103.34 -42.38
C PHE H 241 2.56 101.94 -42.71
N ASN H 242 2.80 101.68 -43.99
CA ASN H 242 3.11 100.33 -44.43
C ASN H 242 4.25 100.34 -45.43
N ALA H 243 5.22 101.20 -45.22
CA ALA H 243 6.45 101.20 -46.01
C ALA H 243 7.59 100.68 -45.17
N GLN H 244 8.66 100.26 -45.85
CA GLN H 244 9.73 99.54 -45.20
C GLN H 244 10.96 99.57 -46.10
N SER H 245 12.13 99.64 -45.48
CA SER H 245 13.35 100.03 -46.17
C SER H 245 14.05 98.85 -46.82
N CYS H 246 14.94 99.17 -47.77
CA CYS H 246 15.51 98.14 -48.64
C CYS H 246 16.53 97.28 -47.93
N TYR H 247 17.43 97.89 -47.15
CA TYR H 247 18.42 97.12 -46.43
C TYR H 247 17.77 96.19 -45.42
N ARG H 248 16.77 96.69 -44.72
CA ARG H 248 16.09 95.89 -43.72
C ARG H 248 15.24 94.80 -44.36
N SER H 249 14.74 95.05 -45.57
CA SER H 249 13.99 94.00 -46.26
C SER H 249 14.89 92.91 -46.79
N GLU H 250 16.05 93.27 -47.29
CA GLU H 250 16.86 92.28 -48.00
C GLU H 250 17.85 91.58 -47.09
N TYR H 251 18.66 92.34 -46.34
CA TYR H 251 19.70 91.77 -45.48
C TYR H 251 19.05 91.31 -44.19
N VAL H 252 18.50 90.09 -44.23
CA VAL H 252 17.82 89.50 -43.09
C VAL H 252 18.63 88.30 -42.62
N ALA H 253 18.16 87.63 -41.57
CA ALA H 253 18.87 86.49 -41.03
C ALA H 253 18.75 85.31 -41.99
N LYS H 254 19.85 84.94 -42.59
CA LYS H 254 19.91 83.89 -43.60
C LYS H 254 20.30 82.57 -42.96
N PRO H 255 19.79 81.43 -43.41
CA PRO H 255 20.20 80.16 -42.81
C PRO H 255 21.59 79.76 -43.24
N LEU H 256 22.36 79.27 -42.29
CA LEU H 256 23.74 78.91 -42.55
C LEU H 256 23.83 77.61 -43.35
N PRO H 257 24.82 77.48 -44.22
CA PRO H 257 25.01 76.22 -44.92
C PRO H 257 25.52 75.14 -43.96
N PRO H 258 25.16 73.87 -44.19
CA PRO H 258 25.62 72.78 -43.33
C PRO H 258 27.06 72.37 -43.61
N PRO I 237 29.33 26.09 -78.60
CA PRO I 237 29.74 24.87 -77.90
C PRO I 237 31.14 24.40 -78.30
N THR I 238 31.91 23.95 -77.32
CA THR I 238 33.26 23.48 -77.57
C THR I 238 33.24 22.10 -78.23
N LEU I 239 34.41 21.68 -78.70
CA LEU I 239 34.53 20.41 -79.39
C LEU I 239 35.93 19.84 -79.11
N PRO I 240 36.03 18.56 -78.76
CA PRO I 240 37.34 18.00 -78.40
C PRO I 240 38.24 17.81 -79.61
N PHE I 241 39.54 17.76 -79.32
CA PHE I 241 40.56 17.56 -80.34
C PHE I 241 40.91 16.08 -80.43
N ASN I 242 40.82 15.53 -81.63
CA ASN I 242 40.94 14.08 -81.82
C ASN I 242 41.76 13.73 -83.05
N ALA I 243 42.90 14.39 -83.23
CA ALA I 243 43.74 14.13 -84.39
C ALA I 243 45.21 14.12 -84.00
N GLN I 244 46.04 13.56 -84.87
CA GLN I 244 47.46 13.41 -84.59
C GLN I 244 48.24 13.49 -85.89
N SER I 245 49.54 13.74 -85.76
CA SER I 245 50.41 13.81 -86.92
C SER I 245 50.83 12.40 -87.34
N CYS I 246 51.32 12.29 -88.57
CA CYS I 246 51.63 10.98 -89.13
C CYS I 246 52.81 10.35 -88.41
N TYR I 247 53.87 11.13 -88.20
CA TYR I 247 55.07 10.61 -87.56
C TYR I 247 54.78 10.21 -86.13
N ARG I 248 54.04 11.03 -85.40
CA ARG I 248 53.70 10.66 -84.04
C ARG I 248 52.70 9.53 -83.98
N SER I 249 51.90 9.33 -85.01
CA SER I 249 50.95 8.24 -84.97
C SER I 249 51.63 6.91 -85.22
N GLU I 250 52.65 6.89 -86.08
CA GLU I 250 53.21 5.59 -86.43
C GLU I 250 54.58 5.30 -85.85
N TYR I 251 55.50 6.26 -85.80
CA TYR I 251 56.83 5.99 -85.25
C TYR I 251 56.76 5.94 -83.74
N VAL I 252 56.27 4.81 -83.23
CA VAL I 252 56.06 4.60 -81.81
C VAL I 252 57.20 3.68 -81.36
N ALA I 253 57.26 3.42 -80.05
CA ALA I 253 58.13 2.38 -79.56
C ALA I 253 57.74 1.05 -80.18
N LYS I 254 58.73 0.28 -80.58
CA LYS I 254 58.47 -0.85 -81.43
C LYS I 254 59.14 -2.07 -80.80
N PRO I 255 58.68 -3.29 -81.10
CA PRO I 255 59.20 -4.46 -80.37
C PRO I 255 60.64 -4.77 -80.75
N LEU I 256 61.47 -4.98 -79.73
CA LEU I 256 62.86 -5.34 -79.96
C LEU I 256 62.95 -6.82 -80.33
N PRO I 257 63.84 -7.19 -81.25
CA PRO I 257 63.91 -8.57 -81.69
C PRO I 257 64.55 -9.44 -80.64
N PRO I 258 64.28 -10.77 -80.66
CA PRO I 258 64.96 -11.70 -79.77
C PRO I 258 66.40 -11.97 -80.20
N PRO J 237 -26.11 86.37 -70.57
CA PRO J 237 -25.77 84.99 -70.20
C PRO J 237 -24.43 84.55 -70.78
N THR J 238 -23.46 84.27 -69.91
CA THR J 238 -22.14 83.86 -70.36
C THR J 238 -22.15 82.39 -70.78
N LEU J 239 -21.12 82.02 -71.51
CA LEU J 239 -20.93 80.65 -71.99
C LEU J 239 -19.57 80.13 -71.52
N PRO J 240 -19.47 78.84 -71.22
CA PRO J 240 -18.18 78.29 -70.79
C PRO J 240 -17.21 78.17 -71.95
N PHE J 241 -15.93 78.08 -71.61
CA PHE J 241 -14.87 77.89 -72.60
C PHE J 241 -14.53 76.42 -72.68
N ASN J 242 -14.59 75.87 -73.88
CA ASN J 242 -14.42 74.43 -74.07
C ASN J 242 -13.58 74.13 -75.31
N ALA J 243 -12.48 74.86 -75.48
CA ALA J 243 -11.61 74.64 -76.62
C ALA J 243 -10.15 74.62 -76.18
N GLN J 244 -9.33 73.93 -76.96
CA GLN J 244 -7.89 73.85 -76.73
C GLN J 244 -7.17 73.84 -78.06
N SER J 245 -5.91 74.24 -78.04
CA SER J 245 -5.12 74.24 -79.26
C SER J 245 -4.69 72.82 -79.59
N CYS J 246 -4.27 72.64 -80.84
CA CYS J 246 -3.99 71.30 -81.34
C CYS J 246 -2.79 70.69 -80.62
N TYR J 247 -1.74 71.47 -80.43
CA TYR J 247 -0.53 70.94 -79.82
C TYR J 247 -0.79 70.56 -78.37
N ARG J 248 -1.54 71.40 -77.64
CA ARG J 248 -1.85 71.05 -76.27
C ARG J 248 -2.82 69.90 -76.18
N SER J 249 -3.67 69.73 -77.18
CA SER J 249 -4.63 68.64 -77.12
C SER J 249 -3.97 67.31 -77.40
N GLU J 250 -2.95 67.28 -78.25
CA GLU J 250 -2.34 65.99 -78.56
C GLU J 250 -1.03 65.72 -77.82
N TYR J 251 -0.08 66.65 -77.85
CA TYR J 251 1.26 66.30 -77.42
C TYR J 251 1.34 66.19 -75.91
N VAL J 252 0.77 65.12 -75.37
CA VAL J 252 0.71 64.89 -73.94
C VAL J 252 1.76 63.83 -73.67
N ALA J 253 2.07 63.62 -72.39
CA ALA J 253 2.97 62.54 -72.02
C ALA J 253 2.44 61.20 -72.51
N LYS J 254 3.32 60.44 -73.14
CA LYS J 254 3.00 59.17 -73.76
C LYS J 254 3.56 58.03 -72.94
N PRO J 255 3.09 56.80 -73.14
CA PRO J 255 3.67 55.68 -72.40
C PRO J 255 5.10 55.42 -72.83
N LEU J 256 5.95 55.21 -71.84
CA LEU J 256 7.34 54.94 -72.17
C LEU J 256 7.52 53.48 -72.54
N PRO J 257 8.35 53.18 -73.54
CA PRO J 257 8.46 51.81 -74.01
C PRO J 257 9.18 50.94 -73.00
N PRO J 258 8.95 49.62 -73.02
CA PRO J 258 9.67 48.70 -72.14
C PRO J 258 11.12 48.49 -72.56
N PRO K 237 -13.35 -40.76 -72.91
CA PRO K 237 -13.48 -42.21 -72.79
C PRO K 237 -12.85 -42.95 -73.97
N THR K 238 -11.56 -43.25 -73.85
CA THR K 238 -10.80 -43.90 -74.91
C THR K 238 -10.14 -45.15 -74.35
N LEU K 239 -10.63 -46.32 -74.73
CA LEU K 239 -9.97 -47.56 -74.39
C LEU K 239 -8.69 -47.67 -75.21
N PRO K 240 -7.65 -48.29 -74.68
CA PRO K 240 -6.36 -48.27 -75.38
C PRO K 240 -6.19 -49.34 -76.44
N PHE K 241 -4.99 -49.44 -77.00
CA PHE K 241 -4.65 -50.33 -78.10
C PHE K 241 -3.72 -51.41 -77.58
N ASN K 242 -4.20 -52.65 -77.57
CA ASN K 242 -3.43 -53.78 -77.02
C ASN K 242 -3.56 -55.01 -77.90
N ALA K 243 -3.42 -54.84 -79.20
CA ALA K 243 -3.54 -55.95 -80.14
C ALA K 243 -2.28 -56.06 -80.98
N GLN K 244 -1.76 -57.26 -81.10
CA GLN K 244 -0.52 -57.51 -81.82
C GLN K 244 -0.78 -58.36 -83.05
N SER K 245 0.18 -58.34 -83.96
CA SER K 245 0.10 -59.13 -85.17
C SER K 245 0.31 -60.61 -84.85
N CYS K 246 -0.15 -61.47 -85.76
CA CYS K 246 0.07 -62.89 -85.56
C CYS K 246 1.50 -63.29 -85.82
N TYR K 247 2.17 -62.60 -86.75
CA TYR K 247 3.58 -62.88 -86.99
C TYR K 247 4.43 -62.48 -85.80
N ARG K 248 4.19 -61.29 -85.27
CA ARG K 248 5.11 -60.75 -84.26
C ARG K 248 4.95 -61.45 -82.93
N SER K 249 3.74 -61.85 -82.57
CA SER K 249 3.54 -62.49 -81.29
C SER K 249 3.99 -63.94 -81.28
N GLU K 250 4.36 -64.48 -82.42
CA GLU K 250 4.70 -65.89 -82.40
C GLU K 250 6.08 -66.22 -82.94
N TYR K 251 6.56 -65.49 -83.95
CA TYR K 251 7.87 -65.76 -84.55
C TYR K 251 8.97 -65.04 -83.80
N VAL K 252 8.92 -65.15 -82.48
CA VAL K 252 9.87 -64.50 -81.61
C VAL K 252 11.19 -65.24 -81.67
N ALA K 253 12.29 -64.56 -81.34
CA ALA K 253 13.61 -65.15 -81.42
C ALA K 253 13.76 -66.35 -80.48
N LYS K 254 13.75 -67.55 -81.06
CA LYS K 254 13.79 -68.81 -80.35
C LYS K 254 15.19 -69.09 -79.83
N PRO K 255 15.31 -69.79 -78.70
CA PRO K 255 16.63 -70.18 -78.21
C PRO K 255 17.29 -71.19 -79.13
N LEU K 256 18.61 -71.16 -79.14
CA LEU K 256 19.28 -72.08 -80.05
C LEU K 256 19.50 -73.42 -79.37
N PRO K 257 19.36 -74.53 -80.12
CA PRO K 257 19.59 -75.83 -79.52
C PRO K 257 21.08 -76.06 -79.31
N PRO K 258 21.46 -76.92 -78.36
CA PRO K 258 22.88 -77.20 -78.10
C PRO K 258 23.54 -77.99 -79.22
N PRO L 237 -69.11 19.63 -65.95
CA PRO L 237 -68.83 18.32 -65.36
C PRO L 237 -68.14 17.36 -66.32
N THR L 238 -66.90 17.69 -66.69
CA THR L 238 -66.13 16.84 -67.58
C THR L 238 -65.65 15.59 -66.87
N LEU L 239 -65.83 14.45 -67.49
CA LEU L 239 -65.29 13.19 -66.99
C LEU L 239 -63.95 12.92 -67.65
N PRO L 240 -63.02 12.23 -67.00
CA PRO L 240 -61.69 12.07 -67.60
C PRO L 240 -61.62 11.10 -68.78
N PHE L 241 -60.41 10.85 -69.27
CA PHE L 241 -60.18 10.03 -70.45
C PHE L 241 -59.28 8.87 -70.03
N ASN L 242 -59.81 7.64 -70.09
CA ASN L 242 -59.08 6.45 -69.64
C ASN L 242 -59.25 5.29 -70.61
N ALA L 243 -59.03 5.54 -71.90
CA ALA L 243 -59.17 4.50 -72.91
C ALA L 243 -57.87 4.36 -73.69
N GLN L 244 -57.45 3.12 -73.95
CA GLN L 244 -56.17 2.87 -74.60
C GLN L 244 -56.37 1.94 -75.78
N SER L 245 -55.38 1.92 -76.66
CA SER L 245 -55.44 1.08 -77.83
C SER L 245 -55.20 -0.37 -77.44
N CYS L 246 -55.69 -1.29 -78.29
CA CYS L 246 -55.36 -2.69 -78.08
C CYS L 246 -53.88 -2.96 -78.29
N TYR L 247 -53.24 -2.21 -79.19
CA TYR L 247 -51.80 -2.34 -79.36
C TYR L 247 -51.07 -1.88 -78.11
N ARG L 248 -51.43 -0.69 -77.62
CA ARG L 248 -50.59 -0.05 -76.61
C ARG L 248 -50.70 -0.77 -75.27
N SER L 249 -51.86 -1.31 -74.95
CA SER L 249 -52.04 -1.96 -73.67
C SER L 249 -51.42 -3.35 -73.65
N GLU L 250 -51.18 -3.95 -74.82
CA GLU L 250 -50.82 -5.35 -74.88
C GLU L 250 -49.42 -5.59 -75.45
N TYR L 251 -49.12 -5.09 -76.63
CA TYR L 251 -47.78 -5.22 -77.20
C TYR L 251 -46.89 -4.28 -76.42
N VAL L 252 -46.31 -4.78 -75.34
CA VAL L 252 -45.50 -3.97 -74.45
C VAL L 252 -44.12 -4.59 -74.35
N ALA L 253 -43.25 -3.98 -73.55
CA ALA L 253 -41.90 -4.48 -73.38
C ALA L 253 -41.94 -5.79 -72.62
N LYS L 254 -41.68 -6.89 -73.32
CA LYS L 254 -41.77 -8.19 -72.68
C LYS L 254 -40.40 -8.71 -72.31
N PRO L 255 -40.27 -9.37 -71.17
CA PRO L 255 -38.95 -9.76 -70.67
C PRO L 255 -38.31 -10.83 -71.53
N LEU L 256 -37.00 -10.88 -71.48
CA LEU L 256 -36.35 -11.77 -72.41
C LEU L 256 -35.95 -13.07 -71.72
N PRO L 257 -36.14 -14.21 -72.36
CA PRO L 257 -35.81 -15.48 -71.73
C PRO L 257 -34.32 -15.68 -71.64
N PRO L 258 -33.84 -16.54 -70.73
CA PRO L 258 -32.40 -16.78 -70.62
C PRO L 258 -31.82 -17.57 -71.79
N PRO M 237 -27.21 -69.16 -46.95
CA PRO M 237 -26.25 -70.15 -46.45
C PRO M 237 -26.14 -71.35 -47.36
N THR M 238 -24.93 -71.85 -47.57
CA THR M 238 -24.71 -73.04 -48.38
C THR M 238 -23.84 -74.03 -47.64
N LEU M 239 -23.96 -75.29 -48.04
CA LEU M 239 -23.18 -76.36 -47.47
C LEU M 239 -22.11 -76.80 -48.45
N PRO M 240 -20.96 -77.26 -47.97
CA PRO M 240 -19.88 -77.63 -48.88
C PRO M 240 -20.10 -78.99 -49.54
N PHE M 241 -19.32 -79.22 -50.58
CA PHE M 241 -19.39 -80.48 -51.32
C PHE M 241 -18.54 -81.53 -50.63
N ASN M 242 -19.18 -82.60 -50.18
CA ASN M 242 -18.54 -83.62 -49.36
C ASN M 242 -18.76 -84.99 -49.96
N ALA M 243 -18.53 -85.13 -51.25
CA ALA M 243 -18.83 -86.36 -51.94
C ALA M 243 -17.69 -86.75 -52.86
N GLN M 244 -17.34 -88.02 -52.84
CA GLN M 244 -16.24 -88.55 -53.63
C GLN M 244 -16.75 -89.75 -54.39
N SER M 245 -16.34 -89.88 -55.63
CA SER M 245 -16.77 -91.03 -56.42
C SER M 245 -16.12 -92.29 -55.88
N CYS M 246 -16.75 -93.43 -56.14
CA CYS M 246 -16.21 -94.68 -55.61
C CYS M 246 -14.90 -95.03 -56.27
N TYR M 247 -14.69 -94.58 -57.52
CA TYR M 247 -13.44 -94.87 -58.23
C TYR M 247 -12.24 -94.29 -57.51
N ARG M 248 -12.32 -93.04 -57.08
CA ARG M 248 -11.20 -92.44 -56.39
C ARG M 248 -11.04 -92.98 -54.97
N SER M 249 -12.13 -93.45 -54.35
CA SER M 249 -12.01 -93.98 -53.01
C SER M 249 -11.39 -95.36 -52.99
N GLU M 250 -11.53 -96.13 -54.08
CA GLU M 250 -11.02 -97.50 -54.11
C GLU M 250 -9.66 -97.62 -54.77
N TYR M 251 -9.41 -96.89 -55.84
CA TYR M 251 -8.20 -97.07 -56.66
C TYR M 251 -7.23 -95.95 -56.36
N VAL M 252 -6.63 -96.03 -55.20
CA VAL M 252 -5.60 -95.11 -54.76
C VAL M 252 -4.28 -95.71 -55.20
N ALA M 253 -3.26 -94.86 -55.42
CA ALA M 253 -1.92 -95.36 -55.70
C ALA M 253 -1.40 -96.17 -54.52
N LYS M 254 -1.26 -97.48 -54.71
CA LYS M 254 -0.94 -98.46 -53.68
C LYS M 254 0.52 -98.83 -53.74
N PRO M 255 1.17 -99.11 -52.61
CA PRO M 255 2.61 -99.39 -52.64
C PRO M 255 2.91 -100.76 -53.22
N LEU M 256 4.01 -100.81 -53.96
CA LEU M 256 4.37 -102.04 -54.65
C LEU M 256 4.86 -103.10 -53.66
N PRO M 257 4.58 -104.36 -53.93
CA PRO M 257 5.09 -105.42 -53.06
C PRO M 257 6.58 -105.60 -53.29
N PRO M 258 7.37 -105.77 -52.22
CA PRO M 258 8.82 -105.93 -52.34
C PRO M 258 9.23 -107.27 -52.93
N PRO N 237 -82.97 -8.94 -39.57
CA PRO N 237 -81.91 -9.71 -38.92
C PRO N 237 -81.61 -11.01 -39.66
N THR N 238 -80.58 -11.01 -40.49
CA THR N 238 -80.27 -12.19 -41.27
C THR N 238 -79.60 -13.25 -40.41
N LEU N 239 -79.63 -14.47 -40.90
CA LEU N 239 -78.99 -15.59 -40.23
C LEU N 239 -77.84 -16.09 -41.07
N PRO N 240 -76.79 -16.62 -40.46
CA PRO N 240 -75.64 -17.10 -41.22
C PRO N 240 -75.92 -18.42 -41.90
N PHE N 241 -75.03 -18.77 -42.81
CA PHE N 241 -75.12 -19.97 -43.62
C PHE N 241 -74.12 -20.99 -43.10
N ASN N 242 -74.62 -22.11 -42.60
CA ASN N 242 -73.74 -23.10 -41.96
C ASN N 242 -74.08 -24.49 -42.44
N ALA N 243 -74.17 -24.65 -43.74
CA ALA N 243 -74.48 -25.94 -44.35
C ALA N 243 -73.39 -26.32 -45.33
N GLN N 244 -72.95 -27.57 -45.28
CA GLN N 244 -71.85 -28.05 -46.10
C GLN N 244 -72.31 -29.26 -46.86
N SER N 245 -71.73 -29.47 -48.04
CA SER N 245 -72.12 -30.58 -48.87
C SER N 245 -71.65 -31.89 -48.27
N CYS N 246 -72.33 -32.98 -48.63
CA CYS N 246 -71.86 -34.28 -48.19
C CYS N 246 -70.62 -34.71 -48.92
N TYR N 247 -70.34 -34.10 -50.08
CA TYR N 247 -69.08 -34.39 -50.75
C TYR N 247 -67.90 -33.81 -49.98
N ARG N 248 -67.98 -32.55 -49.60
CA ARG N 248 -66.84 -31.91 -48.97
C ARG N 248 -66.65 -32.39 -47.54
N SER N 249 -67.70 -32.86 -46.90
CA SER N 249 -67.57 -33.32 -45.53
C SER N 249 -66.93 -34.69 -45.44
N GLU N 250 -67.09 -35.52 -46.46
CA GLU N 250 -66.60 -36.89 -46.40
C GLU N 250 -65.34 -37.14 -47.21
N TYR N 251 -65.15 -36.48 -48.34
CA TYR N 251 -64.00 -36.76 -49.19
C TYR N 251 -62.99 -35.63 -48.96
N VAL N 252 -62.24 -35.77 -47.88
CA VAL N 252 -61.25 -34.78 -47.46
C VAL N 252 -59.89 -35.42 -47.69
N ALA N 253 -58.87 -34.59 -47.82
CA ALA N 253 -57.52 -35.07 -48.11
C ALA N 253 -57.00 -35.94 -46.98
N LYS N 254 -56.93 -37.24 -47.22
CA LYS N 254 -56.55 -38.24 -46.24
C LYS N 254 -55.03 -38.33 -46.13
N PRO N 255 -54.50 -38.68 -44.96
CA PRO N 255 -53.07 -38.95 -44.87
C PRO N 255 -52.72 -40.25 -45.56
N LEU N 256 -51.58 -40.25 -46.24
CA LEU N 256 -51.20 -41.40 -47.03
C LEU N 256 -50.77 -42.55 -46.12
N PRO N 257 -51.06 -43.79 -46.50
CA PRO N 257 -50.61 -44.92 -45.72
C PRO N 257 -49.12 -45.13 -45.88
N PRO N 258 -48.36 -45.21 -44.77
CA PRO N 258 -46.90 -45.37 -44.83
C PRO N 258 -46.48 -46.76 -45.26
N PRO O 237 -29.32 -88.65 -9.15
CA PRO O 237 -28.07 -89.09 -9.79
C PRO O 237 -28.18 -90.51 -10.34
N THR O 238 -27.05 -91.10 -10.75
CA THR O 238 -27.01 -92.44 -11.30
C THR O 238 -26.03 -93.30 -10.50
N LEU O 239 -25.89 -94.55 -10.92
CA LEU O 239 -25.00 -95.50 -10.27
C LEU O 239 -24.05 -96.10 -11.29
N PRO O 240 -22.84 -96.46 -10.88
CA PRO O 240 -21.92 -97.14 -11.79
C PRO O 240 -22.37 -98.57 -12.06
N PHE O 241 -21.66 -99.21 -12.98
CA PHE O 241 -21.97 -100.56 -13.43
C PHE O 241 -20.83 -101.47 -13.02
N ASN O 242 -20.92 -102.04 -11.82
CA ASN O 242 -19.84 -102.84 -11.25
C ASN O 242 -20.05 -104.33 -11.43
N ALA O 243 -20.78 -104.73 -12.47
CA ALA O 243 -21.13 -106.11 -12.68
C ALA O 243 -20.24 -106.73 -13.75
N GLN O 244 -19.86 -107.99 -13.56
CA GLN O 244 -19.07 -108.73 -14.52
C GLN O 244 -19.70 -110.09 -14.74
N SER O 245 -19.57 -110.60 -15.95
CA SER O 245 -20.12 -111.90 -16.28
C SER O 245 -19.37 -113.00 -15.56
N CYS O 246 -20.03 -114.15 -15.41
CA CYS O 246 -19.42 -115.24 -14.67
C CYS O 246 -18.24 -115.82 -15.42
N TYR O 247 -18.35 -115.91 -16.75
CA TYR O 247 -17.31 -116.55 -17.55
C TYR O 247 -16.02 -115.73 -17.57
N ARG O 248 -16.14 -114.42 -17.75
CA ARG O 248 -14.94 -113.59 -17.82
C ARG O 248 -14.29 -113.41 -16.46
N SER O 249 -15.02 -113.69 -15.39
CA SER O 249 -14.44 -113.59 -14.06
C SER O 249 -13.57 -114.81 -13.75
N GLU O 250 -13.91 -115.97 -14.31
CA GLU O 250 -13.30 -117.22 -13.92
C GLU O 250 -12.60 -117.97 -15.05
N TYR O 251 -12.61 -117.44 -16.27
CA TYR O 251 -11.83 -117.98 -17.36
C TYR O 251 -10.90 -116.85 -17.81
N VAL O 252 -9.77 -116.73 -17.12
CA VAL O 252 -8.83 -115.65 -17.40
C VAL O 252 -7.56 -116.26 -17.98
N ALA O 253 -6.61 -115.44 -18.35
CA ALA O 253 -5.35 -115.92 -18.89
C ALA O 253 -4.56 -116.61 -17.79
N LYS O 254 -4.47 -117.89 -17.85
CA LYS O 254 -3.81 -118.67 -16.84
C LYS O 254 -2.33 -118.85 -17.18
N PRO O 255 -1.46 -118.91 -16.18
CA PRO O 255 -0.04 -119.13 -16.46
C PRO O 255 0.21 -120.58 -16.86
N LEU O 256 1.05 -120.75 -17.87
CA LEU O 256 1.37 -122.09 -18.33
C LEU O 256 2.27 -122.80 -17.33
N PRO O 257 1.99 -124.06 -17.00
CA PRO O 257 2.86 -124.80 -16.10
C PRO O 257 4.19 -125.10 -16.76
N PRO O 258 5.28 -125.16 -15.99
CA PRO O 258 6.60 -125.44 -16.56
C PRO O 258 6.82 -126.92 -16.88
N PRO P 237 -84.70 -28.47 -2.17
CA PRO P 237 -83.34 -28.98 -2.25
C PRO P 237 -83.29 -30.44 -2.68
N THR P 238 -82.65 -30.72 -3.81
CA THR P 238 -82.59 -32.07 -4.35
C THR P 238 -81.57 -32.91 -3.59
N LEU P 239 -81.99 -34.08 -3.14
CA LEU P 239 -81.05 -35.00 -2.53
C LEU P 239 -80.16 -35.62 -3.60
N PRO P 240 -78.91 -35.93 -3.26
CA PRO P 240 -78.00 -36.53 -4.24
C PRO P 240 -78.29 -37.99 -4.46
N PHE P 241 -77.56 -38.58 -5.39
CA PHE P 241 -77.71 -39.96 -5.81
C PHE P 241 -76.46 -40.74 -5.39
N ASN P 242 -76.62 -41.67 -4.47
CA ASN P 242 -75.50 -42.39 -3.87
C ASN P 242 -75.71 -43.88 -3.96
N ALA P 243 -76.29 -44.34 -5.05
CA ALA P 243 -76.65 -45.75 -5.19
C ALA P 243 -75.87 -46.37 -6.32
N GLN P 244 -75.51 -47.64 -6.14
CA GLN P 244 -74.77 -48.39 -7.14
C GLN P 244 -75.41 -49.76 -7.28
N SER P 245 -75.25 -50.36 -8.45
CA SER P 245 -75.88 -51.64 -8.72
C SER P 245 -75.13 -52.75 -7.99
N CYS P 246 -75.75 -53.92 -7.95
CA CYS P 246 -75.13 -55.06 -7.30
C CYS P 246 -73.91 -55.52 -8.09
N TYR P 247 -73.98 -55.46 -9.42
CA TYR P 247 -72.90 -55.95 -10.26
C TYR P 247 -71.66 -55.10 -10.15
N ARG P 248 -71.80 -53.79 -10.27
CA ARG P 248 -70.64 -52.92 -10.26
C ARG P 248 -69.98 -52.89 -8.89
N SER P 249 -70.71 -53.27 -7.85
CA SER P 249 -70.18 -53.19 -6.50
C SER P 249 -69.22 -54.32 -6.20
N GLU P 250 -69.32 -55.43 -6.93
CA GLU P 250 -68.63 -56.64 -6.53
C GLU P 250 -67.87 -57.33 -7.65
N TYR P 251 -68.23 -57.12 -8.90
CA TYR P 251 -67.43 -57.62 -10.01
C TYR P 251 -66.50 -56.50 -10.43
N VAL P 252 -65.37 -56.37 -9.74
CA VAL P 252 -64.43 -55.30 -10.00
C VAL P 252 -63.18 -55.90 -10.62
N ALA P 253 -62.23 -55.05 -11.00
CA ALA P 253 -60.97 -55.50 -11.56
C ALA P 253 -60.17 -56.17 -10.46
N LYS P 254 -60.19 -57.48 -10.44
CA LYS P 254 -59.51 -58.24 -9.40
C LYS P 254 -58.02 -58.36 -9.72
N PRO P 255 -57.17 -58.46 -8.70
CA PRO P 255 -55.74 -58.69 -8.96
C PRO P 255 -55.47 -60.13 -9.35
N LEU P 256 -54.59 -60.31 -10.30
CA LEU P 256 -54.28 -61.65 -10.77
C LEU P 256 -53.37 -62.36 -9.78
N PRO P 257 -53.57 -63.66 -9.55
CA PRO P 257 -52.64 -64.42 -8.72
C PRO P 257 -51.32 -64.60 -9.43
N PRO P 258 -50.21 -64.72 -8.70
CA PRO P 258 -48.90 -64.89 -9.33
C PRO P 258 -48.66 -66.31 -9.82
N PRO Q 237 -18.55 -95.79 28.71
CA PRO Q 237 -17.16 -96.27 28.62
C PRO Q 237 -17.07 -97.79 28.59
N THR Q 238 -16.07 -98.32 27.92
CA THR Q 238 -15.86 -99.76 27.84
C THR Q 238 -14.58 -100.15 28.55
N LEU Q 239 -14.40 -101.45 28.73
CA LEU Q 239 -13.20 -102.02 29.32
C LEU Q 239 -12.64 -103.06 28.37
N PRO Q 240 -11.32 -103.20 28.29
CA PRO Q 240 -10.73 -104.15 27.36
C PRO Q 240 -10.95 -105.59 27.77
N PHE Q 241 -10.94 -106.48 26.78
CA PHE Q 241 -11.09 -107.90 27.00
C PHE Q 241 -9.71 -108.51 27.19
N ASN Q 242 -9.48 -109.17 28.33
CA ASN Q 242 -8.15 -109.61 28.70
C ASN Q 242 -8.07 -111.10 28.98
N ALA Q 243 -9.01 -111.88 28.46
CA ALA Q 243 -9.14 -113.28 28.84
C ALA Q 243 -8.68 -114.19 27.72
N GLN Q 244 -8.06 -115.31 28.08
CA GLN Q 244 -7.65 -116.33 27.14
C GLN Q 244 -8.03 -117.69 27.69
N SER Q 245 -8.20 -118.64 26.79
CA SER Q 245 -8.69 -119.95 27.17
C SER Q 245 -7.62 -120.73 27.93
N CYS Q 246 -8.06 -121.79 28.60
CA CYS Q 246 -7.12 -122.62 29.35
C CYS Q 246 -6.27 -123.46 28.41
N TYR Q 247 -6.85 -123.90 27.29
CA TYR Q 247 -6.06 -124.66 26.32
C TYR Q 247 -5.04 -123.77 25.65
N ARG Q 248 -5.40 -122.52 25.37
CA ARG Q 248 -4.47 -121.60 24.73
C ARG Q 248 -3.33 -121.23 25.67
N SER Q 249 -3.61 -121.10 26.96
CA SER Q 249 -2.57 -120.72 27.90
C SER Q 249 -1.62 -121.87 28.19
N GLU Q 250 -2.10 -123.10 28.14
CA GLU Q 250 -1.30 -124.25 28.58
C GLU Q 250 -0.67 -125.04 27.45
N TYR Q 251 -1.17 -124.93 26.23
CA TYR Q 251 -0.73 -125.80 25.13
C TYR Q 251 -0.09 -124.92 24.06
N VAL Q 252 1.20 -124.67 24.20
CA VAL Q 252 1.91 -123.83 23.24
C VAL Q 252 3.02 -124.65 22.61
N ALA Q 253 3.80 -124.02 21.74
CA ALA Q 253 4.88 -124.72 21.03
C ALA Q 253 6.03 -124.95 22.00
N LYS Q 254 6.09 -126.14 22.56
CA LYS Q 254 7.14 -126.48 23.50
C LYS Q 254 8.45 -126.76 22.77
N PRO Q 255 9.59 -126.42 23.36
CA PRO Q 255 10.86 -126.73 22.73
C PRO Q 255 11.13 -128.23 22.71
N LEU Q 256 11.76 -128.67 21.66
CA LEU Q 256 11.98 -130.10 21.48
C LEU Q 256 13.19 -130.56 22.30
N PRO Q 257 13.18 -131.81 22.77
CA PRO Q 257 14.35 -132.31 23.48
C PRO Q 257 15.49 -132.58 22.52
N PRO Q 258 16.75 -132.50 23.00
CA PRO Q 258 17.90 -132.77 22.14
C PRO Q 258 18.08 -134.26 21.87
N PRO R 237 -73.95 -35.08 35.89
CA PRO R 237 -72.65 -35.70 36.07
C PRO R 237 -72.68 -37.19 35.77
N THR R 238 -71.52 -37.83 35.70
CA THR R 238 -71.44 -39.27 35.53
C THR R 238 -70.17 -39.79 36.17
N LEU R 239 -70.18 -41.08 36.47
CA LEU R 239 -69.03 -41.76 37.01
C LEU R 239 -68.51 -42.75 35.98
N PRO R 240 -67.19 -42.91 35.88
CA PRO R 240 -66.64 -43.80 34.86
C PRO R 240 -66.75 -45.26 35.24
N PHE R 241 -66.88 -46.09 34.22
CA PHE R 241 -66.88 -47.54 34.39
C PHE R 241 -65.47 -48.01 34.70
N ASN R 242 -65.35 -48.89 35.69
CA ASN R 242 -64.04 -49.26 36.18
C ASN R 242 -63.78 -50.75 36.21
N ALA R 243 -64.79 -51.58 35.98
CA ALA R 243 -64.73 -52.99 36.36
C ALA R 243 -64.41 -53.87 35.16
N GLN R 244 -63.69 -54.95 35.43
CA GLN R 244 -63.40 -55.98 34.44
C GLN R 244 -63.68 -57.34 35.04
N SER R 245 -63.92 -58.30 34.17
CA SER R 245 -64.34 -59.62 34.62
C SER R 245 -63.20 -60.36 35.30
N CYS R 246 -63.56 -61.32 36.15
CA CYS R 246 -62.56 -62.12 36.84
C CYS R 246 -61.83 -63.05 35.88
N TYR R 247 -62.47 -63.43 34.77
CA TYR R 247 -61.78 -64.19 33.75
C TYR R 247 -60.67 -63.37 33.12
N ARG R 248 -60.94 -62.12 32.78
CA ARG R 248 -59.90 -61.29 32.14
C ARG R 248 -58.83 -60.89 33.14
N SER R 249 -59.14 -60.91 34.43
CA SER R 249 -58.17 -60.50 35.42
C SER R 249 -57.05 -61.53 35.54
N GLU R 250 -57.40 -62.80 35.63
CA GLU R 250 -56.44 -63.84 35.97
C GLU R 250 -56.35 -64.97 34.94
N TYR R 251 -56.86 -64.76 33.73
CA TYR R 251 -56.56 -65.67 32.61
C TYR R 251 -55.98 -64.79 31.51
N VAL R 252 -54.68 -64.57 31.57
CA VAL R 252 -53.99 -63.71 30.61
C VAL R 252 -52.82 -64.48 30.02
N ALA R 253 -52.03 -63.82 29.20
CA ALA R 253 -50.91 -64.47 28.53
C ALA R 253 -49.79 -64.68 29.53
N LYS R 254 -49.72 -65.88 30.09
CA LYS R 254 -48.66 -66.21 31.02
C LYS R 254 -47.35 -66.45 30.28
N PRO R 255 -46.21 -66.12 30.88
CA PRO R 255 -44.92 -66.41 30.24
C PRO R 255 -44.64 -67.89 30.26
N LEU R 256 -44.19 -68.42 29.12
CA LEU R 256 -43.97 -69.84 28.99
C LEU R 256 -42.73 -70.26 29.79
N PRO R 257 -42.73 -71.48 30.32
CA PRO R 257 -41.54 -71.98 31.01
C PRO R 257 -40.43 -72.25 30.02
N PRO R 258 -39.16 -72.17 30.46
CA PRO R 258 -38.03 -72.48 29.57
C PRO R 258 -37.89 -73.97 29.29
N PRO S 237 6.41 -90.83 61.37
CA PRO S 237 7.66 -90.87 62.14
C PRO S 237 7.98 -92.25 62.69
N THR S 238 8.15 -93.23 61.80
CA THR S 238 8.45 -94.59 62.20
C THR S 238 9.96 -94.78 62.36
N LEU S 239 10.34 -95.99 62.77
CA LEU S 239 11.76 -96.30 62.91
C LEU S 239 12.12 -97.51 62.08
N PRO S 240 13.36 -97.63 61.65
CA PRO S 240 13.80 -98.84 60.96
C PRO S 240 13.71 -100.06 61.86
N PHE S 241 13.45 -101.21 61.24
CA PHE S 241 13.41 -102.49 61.94
C PHE S 241 14.80 -103.11 61.91
N ASN S 242 15.41 -103.25 63.08
CA ASN S 242 16.80 -103.70 63.19
C ASN S 242 16.93 -104.86 64.15
N ALA S 243 16.01 -105.82 64.07
CA ALA S 243 16.05 -107.02 64.88
C ALA S 243 16.33 -108.23 63.99
N GLN S 244 17.13 -109.15 64.51
CA GLN S 244 17.51 -110.34 63.77
C GLN S 244 17.22 -111.57 64.60
N SER S 245 16.80 -112.64 63.95
CA SER S 245 16.49 -113.88 64.64
C SER S 245 17.75 -114.48 65.24
N CYS S 246 17.59 -115.17 66.36
CA CYS S 246 18.73 -115.76 67.05
C CYS S 246 19.31 -116.92 66.26
N TYR S 247 18.48 -117.58 65.46
CA TYR S 247 18.95 -118.63 64.58
C TYR S 247 19.88 -118.08 63.51
N ARG S 248 19.44 -117.05 62.79
CA ARG S 248 20.23 -116.52 61.68
C ARG S 248 21.52 -115.86 62.17
N SER S 249 21.51 -115.34 63.39
CA SER S 249 22.66 -114.59 63.86
C SER S 249 23.83 -115.48 64.30
N GLU S 250 23.61 -116.78 64.43
CA GLU S 250 24.69 -117.69 64.78
C GLU S 250 24.74 -118.97 63.97
N TYR S 251 23.74 -119.27 63.13
CA TYR S 251 23.80 -120.41 62.22
C TYR S 251 24.01 -119.87 60.81
N VAL S 252 25.27 -119.62 60.47
CA VAL S 252 25.61 -119.05 59.18
C VAL S 252 26.53 -120.01 58.44
N ALA S 253 27.00 -119.61 57.27
CA ALA S 253 27.99 -120.40 56.56
C ALA S 253 29.27 -120.48 57.39
N LYS S 254 29.88 -121.66 57.39
CA LYS S 254 31.00 -121.89 58.27
C LYS S 254 32.18 -122.41 57.45
N PRO S 255 33.41 -122.02 57.80
CA PRO S 255 34.56 -122.45 57.00
C PRO S 255 34.91 -123.90 57.28
N LEU S 256 34.95 -124.71 56.24
CA LEU S 256 35.30 -126.11 56.38
C LEU S 256 36.76 -126.26 56.73
N PRO S 257 37.12 -127.27 57.52
CA PRO S 257 38.52 -127.57 57.74
C PRO S 257 39.15 -128.12 56.48
N PRO S 258 40.47 -127.94 56.29
CA PRO S 258 41.13 -128.43 55.08
C PRO S 258 41.30 -129.94 55.05
N PRO T 237 -49.25 -30.38 68.74
CA PRO T 237 -48.14 -30.44 69.69
C PRO T 237 -47.88 -31.84 70.23
N THR T 238 -47.55 -32.78 69.35
CA THR T 238 -47.29 -34.16 69.74
C THR T 238 -45.80 -34.39 69.95
N LEU T 239 -45.46 -35.60 70.34
CA LEU T 239 -44.08 -36.01 70.54
C LEU T 239 -43.78 -37.23 69.69
N PRO T 240 -42.53 -37.41 69.25
CA PRO T 240 -42.18 -38.62 68.50
C PRO T 240 -42.06 -39.83 69.41
N PHE T 241 -41.92 -40.99 68.78
CA PHE T 241 -41.95 -42.28 69.46
C PHE T 241 -40.55 -42.86 69.58
N ASN T 242 -40.15 -43.22 70.78
CA ASN T 242 -38.77 -43.62 71.06
C ASN T 242 -38.73 -44.83 71.98
N ALA T 243 -39.54 -45.85 71.69
CA ALA T 243 -39.51 -47.07 72.49
C ALA T 243 -39.47 -48.29 71.59
N GLN T 244 -38.64 -49.27 71.95
CA GLN T 244 -38.57 -50.54 71.24
C GLN T 244 -38.67 -51.69 72.20
N SER T 245 -39.18 -52.81 71.70
CA SER T 245 -39.38 -53.99 72.52
C SER T 245 -38.05 -54.59 72.93
N CYS T 246 -38.07 -55.34 74.03
CA CYS T 246 -36.84 -55.91 74.56
C CYS T 246 -36.31 -57.02 73.68
N TYR T 247 -37.21 -57.77 73.04
CA TYR T 247 -36.78 -58.79 72.09
C TYR T 247 -36.09 -58.16 70.89
N ARG T 248 -36.62 -57.05 70.38
CA ARG T 248 -35.99 -56.40 69.23
C ARG T 248 -34.67 -55.75 69.59
N SER T 249 -34.42 -55.50 70.87
CA SER T 249 -33.18 -54.84 71.27
C SER T 249 -32.07 -55.81 71.59
N GLU T 250 -32.38 -56.98 72.14
CA GLU T 250 -31.36 -57.93 72.53
C GLU T 250 -31.26 -59.14 71.60
N TYR T 251 -32.14 -59.26 70.61
CA TYR T 251 -32.13 -60.43 69.74
C TYR T 251 -32.02 -59.93 68.30
N VAL T 252 -30.80 -59.66 67.88
CA VAL T 252 -30.53 -59.14 66.55
C VAL T 252 -29.55 -60.09 65.89
N ALA T 253 -29.01 -59.70 64.74
CA ALA T 253 -27.95 -60.46 64.11
C ALA T 253 -26.76 -60.59 65.05
N LYS T 254 -25.86 -61.54 64.75
CA LYS T 254 -24.86 -61.77 65.73
C LYS T 254 -23.66 -62.35 64.99
N PRO T 255 -22.45 -61.89 65.26
CA PRO T 255 -21.31 -62.28 64.41
C PRO T 255 -20.89 -63.71 64.70
N LEU T 256 -20.79 -64.50 63.63
CA LEU T 256 -20.45 -65.90 63.76
C LEU T 256 -18.98 -66.05 64.19
N PRO T 257 -18.67 -67.12 64.92
CA PRO T 257 -17.26 -67.42 65.18
C PRO T 257 -16.60 -67.93 63.92
N PRO T 258 -15.26 -67.78 63.81
CA PRO T 258 -14.56 -68.22 62.59
C PRO T 258 -14.41 -69.73 62.50
N PRO U 237 39.23 -75.27 75.88
CA PRO U 237 40.11 -76.23 75.22
C PRO U 237 40.64 -77.29 76.17
N THR U 238 40.70 -78.53 75.70
CA THR U 238 41.16 -79.64 76.52
C THR U 238 42.61 -79.99 76.20
N LEU U 239 43.38 -80.25 77.25
CA LEU U 239 44.75 -80.72 77.17
C LEU U 239 44.77 -82.21 76.87
N PRO U 240 45.74 -82.72 76.12
CA PRO U 240 45.78 -84.16 75.84
C PRO U 240 46.54 -84.99 76.87
N PHE U 241 46.42 -86.30 76.72
CA PHE U 241 47.02 -87.23 77.67
C PHE U 241 48.41 -87.62 77.17
N ASN U 242 49.43 -87.31 77.97
CA ASN U 242 50.82 -87.57 77.61
C ASN U 242 51.54 -88.52 78.55
N ALA U 243 50.93 -88.89 79.66
CA ALA U 243 51.59 -89.76 80.63
C ALA U 243 51.59 -91.20 80.14
N GLN U 244 52.63 -91.94 80.53
CA GLN U 244 52.75 -93.36 80.23
C GLN U 244 53.17 -94.08 81.50
N SER U 245 52.60 -95.26 81.72
CA SER U 245 52.91 -96.03 82.92
C SER U 245 54.35 -96.54 82.87
N CYS U 246 54.94 -96.70 84.05
CA CYS U 246 56.34 -97.08 84.12
C CYS U 246 56.57 -98.49 83.60
N TYR U 247 55.62 -99.40 83.87
CA TYR U 247 55.79 -100.78 83.43
C TYR U 247 55.72 -100.90 81.92
N ARG U 248 54.79 -100.17 81.29
CA ARG U 248 54.80 -100.11 79.83
C ARG U 248 56.07 -99.46 79.32
N SER U 249 56.53 -98.41 79.99
CA SER U 249 57.58 -97.57 79.42
C SER U 249 58.97 -98.10 79.69
N GLU U 250 59.13 -99.22 80.40
CA GLU U 250 60.47 -99.69 80.68
C GLU U 250 60.68 -101.19 80.46
N TYR U 251 59.64 -102.01 80.51
CA TYR U 251 59.76 -103.43 80.19
C TYR U 251 59.32 -103.66 78.75
N VAL U 252 60.14 -103.20 77.82
CA VAL U 252 59.88 -103.41 76.41
C VAL U 252 60.41 -104.79 76.04
N ALA U 253 59.92 -105.35 74.94
CA ALA U 253 60.38 -106.64 74.48
C ALA U 253 61.84 -106.57 74.06
N LYS U 254 62.73 -107.10 74.91
CA LYS U 254 64.16 -106.98 74.68
C LYS U 254 64.61 -107.93 73.57
N PRO U 255 65.65 -107.57 72.82
CA PRO U 255 66.25 -108.52 71.89
C PRO U 255 66.96 -109.65 72.62
N LEU U 256 66.92 -110.84 72.03
CA LEU U 256 67.54 -112.00 72.63
C LEU U 256 69.05 -111.98 72.42
N PRO U 257 69.82 -112.48 73.40
CA PRO U 257 71.26 -112.56 73.22
C PRO U 257 71.62 -113.61 72.17
N PRO U 258 72.75 -113.44 71.47
CA PRO U 258 73.17 -114.41 70.46
C PRO U 258 73.98 -115.56 71.03
N PRO V 237 -16.99 -15.33 83.33
CA PRO V 237 -15.96 -16.19 82.74
C PRO V 237 -15.39 -17.19 83.74
N THR V 238 -15.07 -18.39 83.27
CA THR V 238 -14.54 -19.45 84.11
C THR V 238 -13.12 -19.80 83.69
N LEU V 239 -12.34 -20.24 84.65
CA LEU V 239 -10.98 -20.66 84.42
C LEU V 239 -10.95 -22.13 84.00
N PRO V 240 -9.95 -22.55 83.22
CA PRO V 240 -9.82 -23.98 82.91
C PRO V 240 -9.21 -24.72 84.08
N PHE V 241 -9.53 -26.00 84.18
CA PHE V 241 -8.99 -26.85 85.23
C PHE V 241 -7.68 -27.46 84.74
N ASN V 242 -6.60 -27.20 85.49
CA ASN V 242 -5.26 -27.54 85.02
C ASN V 242 -4.43 -28.22 86.10
N ALA V 243 -5.08 -28.97 86.98
CA ALA V 243 -4.39 -29.72 88.03
C ALA V 243 -4.40 -31.20 87.70
N GLN V 244 -3.40 -31.91 88.18
CA GLN V 244 -3.27 -33.35 87.96
C GLN V 244 -2.79 -33.99 89.26
N SER V 245 -3.23 -35.22 89.50
CA SER V 245 -2.84 -35.93 90.71
C SER V 245 -1.37 -36.31 90.65
N CYS V 246 -0.77 -36.47 91.82
CA CYS V 246 0.66 -36.82 91.86
C CYS V 246 0.88 -38.24 91.40
N TYR V 247 -0.03 -39.16 91.75
CA TYR V 247 0.08 -40.54 91.26
C TYR V 247 -0.01 -40.59 89.74
N ARG V 248 -0.92 -39.83 89.16
CA ARG V 248 -1.05 -39.82 87.72
C ARG V 248 0.14 -39.14 87.05
N SER V 249 0.86 -38.31 87.80
CA SER V 249 1.91 -37.50 87.20
C SER V 249 3.15 -38.33 86.88
N GLU V 250 3.45 -39.32 87.71
CA GLU V 250 4.80 -39.83 87.82
C GLU V 250 4.93 -41.34 87.69
N TYR V 251 3.91 -42.10 88.04
CA TYR V 251 3.95 -43.55 87.81
C TYR V 251 3.37 -43.80 86.42
N VAL V 252 4.20 -43.62 85.40
CA VAL V 252 3.80 -43.77 84.02
C VAL V 252 4.51 -45.03 83.51
N ALA V 253 4.16 -45.46 82.29
CA ALA V 253 4.74 -46.66 81.72
C ALA V 253 6.20 -46.40 81.39
N LYS V 254 7.08 -46.77 82.31
CA LYS V 254 8.50 -46.63 82.11
C LYS V 254 8.97 -47.59 81.01
N PRO V 255 10.04 -47.26 80.31
CA PRO V 255 10.64 -48.23 79.39
C PRO V 255 11.24 -49.40 80.15
N LEU V 256 11.11 -50.59 79.57
CA LEU V 256 11.65 -51.78 80.22
C LEU V 256 13.17 -51.82 80.09
N PRO V 257 13.87 -52.32 81.11
CA PRO V 257 15.33 -52.43 80.99
C PRO V 257 15.71 -53.50 79.99
N PRO V 258 16.83 -53.33 79.27
CA PRO V 258 17.25 -54.29 78.24
C PRO V 258 17.76 -55.60 78.82
N MET W 1 19.54 -17.00 101.40
CA MET W 1 21.00 -17.05 101.38
C MET W 1 21.55 -16.05 102.39
N ARG W 2 22.87 -15.98 102.52
CA ARG W 2 23.50 -15.01 103.41
C ARG W 2 23.18 -13.60 102.94
N GLU W 3 22.87 -12.72 103.88
CA GLU W 3 21.99 -11.60 103.58
C GLU W 3 22.21 -10.48 104.59
N VAL W 4 21.59 -9.33 104.33
CA VAL W 4 21.61 -8.20 105.26
C VAL W 4 20.33 -7.39 105.05
N ILE W 5 19.80 -6.83 106.14
CA ILE W 5 18.50 -6.18 106.15
C ILE W 5 18.71 -4.68 106.34
N SER W 6 17.96 -3.88 105.59
CA SER W 6 18.18 -2.44 105.51
C SER W 6 17.01 -1.69 106.14
N ILE W 7 17.32 -0.71 107.00
CA ILE W 7 16.31 0.05 107.73
C ILE W 7 16.55 1.53 107.49
N HIS W 8 15.52 2.24 107.03
CA HIS W 8 15.61 3.67 106.76
C HIS W 8 14.60 4.40 107.62
N VAL W 9 15.07 5.26 108.51
CA VAL W 9 14.22 5.97 109.45
C VAL W 9 14.34 7.47 109.20
N GLY W 10 13.23 8.11 108.87
CA GLY W 10 13.19 9.55 108.77
C GLY W 10 13.55 10.06 107.38
N GLN W 11 13.24 11.34 107.13
CA GLN W 11 13.43 11.93 105.81
C GLN W 11 14.88 11.98 105.37
N ALA W 12 15.82 11.89 106.32
CA ALA W 12 17.22 11.80 105.92
C ALA W 12 17.49 10.47 105.23
N GLY W 13 17.28 9.38 105.94
CA GLY W 13 17.63 8.09 105.40
C GLY W 13 16.75 7.65 104.25
N ILE W 14 15.53 8.19 104.17
CA ILE W 14 14.62 7.74 103.14
C ILE W 14 15.12 8.15 101.76
N GLN W 15 15.50 9.41 101.59
CA GLN W 15 15.98 9.84 100.28
C GLN W 15 17.46 9.57 100.08
N ILE W 16 18.23 9.32 101.15
CA ILE W 16 19.50 8.62 100.98
C ILE W 16 19.25 7.24 100.42
N GLY W 17 18.26 6.55 100.98
CA GLY W 17 17.89 5.23 100.49
C GLY W 17 17.38 5.26 99.06
N ASN W 18 16.72 6.35 98.68
CA ASN W 18 16.34 6.51 97.28
C ASN W 18 17.56 6.58 96.39
N ALA W 19 18.59 7.28 96.84
CA ALA W 19 19.84 7.27 96.10
C ALA W 19 20.58 5.96 96.28
N CYS W 20 20.31 5.25 97.37
CA CYS W 20 20.99 3.98 97.61
C CYS W 20 20.53 2.91 96.63
N TRP W 21 19.23 2.62 96.63
CA TRP W 21 18.72 1.53 95.81
C TRP W 21 18.64 1.89 94.33
N GLU W 22 18.88 3.16 93.98
CA GLU W 22 19.08 3.51 92.57
C GLU W 22 20.30 2.81 92.00
N LEU W 23 21.42 2.85 92.74
CA LEU W 23 22.66 2.26 92.27
C LEU W 23 22.55 0.74 92.20
N PHE W 24 21.96 0.14 93.24
CA PHE W 24 21.92 -1.30 93.33
C PHE W 24 21.07 -1.90 92.22
N CYS W 25 20.05 -1.16 91.80
CA CYS W 25 19.33 -1.55 90.59
C CYS W 25 20.20 -1.45 89.36
N LEU W 26 21.05 -0.42 89.30
CA LEU W 26 21.93 -0.26 88.15
C LEU W 26 23.13 -1.21 88.23
N GLU W 27 23.60 -1.50 89.44
CA GLU W 27 24.70 -2.44 89.60
C GLU W 27 24.32 -3.84 89.12
N HIS W 28 23.10 -4.26 89.43
CA HIS W 28 22.63 -5.59 89.07
C HIS W 28 21.88 -5.62 87.73
N GLY W 29 21.75 -4.48 87.06
CA GLY W 29 21.22 -4.45 85.71
C GLY W 29 19.72 -4.51 85.59
N ILE W 30 18.98 -4.39 86.68
CA ILE W 30 17.52 -4.47 86.62
C ILE W 30 16.95 -3.09 86.30
N GLN W 31 16.01 -3.05 85.37
CA GLN W 31 15.32 -1.82 85.03
C GLN W 31 14.34 -1.44 86.13
N PRO W 32 13.92 -0.17 86.20
CA PRO W 32 12.94 0.22 87.22
C PRO W 32 11.59 -0.48 87.14
N ASP W 33 11.27 -1.14 86.03
CA ASP W 33 10.06 -1.97 85.97
C ASP W 33 10.15 -3.18 86.90
N GLY W 34 11.36 -3.64 87.22
CA GLY W 34 11.56 -4.70 88.20
C GLY W 34 12.15 -5.98 87.65
N GLN W 35 12.22 -6.15 86.33
CA GLN W 35 12.71 -7.37 85.72
C GLN W 35 14.00 -7.10 84.95
N MET W 36 14.86 -8.13 84.89
CA MET W 36 16.12 -8.03 84.18
C MET W 36 15.93 -8.34 82.69
N PRO W 37 16.73 -7.74 81.81
CA PRO W 37 16.62 -8.03 80.38
C PRO W 37 17.39 -9.29 79.98
N ASP W 47 22.42 -15.04 91.94
CA ASP W 47 22.82 -15.53 93.26
C ASP W 47 23.61 -14.48 94.03
N ALA W 48 24.35 -13.65 93.29
CA ALA W 48 25.13 -12.59 93.92
C ALA W 48 24.25 -11.47 94.47
N PHE W 49 23.05 -11.29 93.92
CA PHE W 49 22.12 -10.27 94.40
C PHE W 49 21.24 -10.75 95.54
N ASN W 50 21.39 -12.00 95.98
CA ASN W 50 20.53 -12.55 97.02
C ASN W 50 20.75 -11.90 98.38
N THR W 51 21.91 -11.28 98.60
CA THR W 51 22.17 -10.60 99.86
C THR W 51 21.51 -9.23 99.93
N PHE W 52 20.91 -8.77 98.84
CA PHE W 52 20.19 -7.50 98.85
C PHE W 52 18.85 -7.54 98.13
N PHE W 53 18.56 -8.59 97.36
CA PHE W 53 17.32 -8.67 96.58
C PHE W 53 16.80 -10.10 96.63
N SER W 54 15.49 -10.23 96.82
CA SER W 54 14.85 -11.55 96.83
C SER W 54 14.33 -11.85 95.44
N GLU W 55 13.56 -12.93 95.31
CA GLU W 55 13.00 -13.36 94.04
C GLU W 55 11.49 -13.45 94.14
N THR W 56 10.79 -12.98 93.11
CA THR W 56 9.33 -13.00 93.04
C THR W 56 8.93 -13.67 91.71
N GLY W 57 8.85 -14.98 91.73
CA GLY W 57 8.47 -15.73 90.52
C GLY W 57 9.69 -16.09 89.68
N ALA W 58 9.80 -15.45 88.51
CA ALA W 58 10.92 -15.69 87.61
C ALA W 58 11.26 -14.39 86.91
N GLY W 59 12.41 -13.81 87.27
CA GLY W 59 12.89 -12.58 86.67
C GLY W 59 12.60 -11.32 87.46
N LYS W 60 11.68 -11.38 88.41
CA LYS W 60 11.31 -10.23 89.22
C LYS W 60 12.07 -10.28 90.54
N HIS W 61 12.74 -9.18 90.89
CA HIS W 61 13.53 -9.10 92.11
C HIS W 61 12.99 -7.96 92.97
N VAL W 62 12.88 -8.21 94.27
CA VAL W 62 12.31 -7.22 95.18
C VAL W 62 13.38 -6.75 96.16
N PRO W 63 13.45 -5.46 96.46
CA PRO W 63 14.42 -4.97 97.45
C PRO W 63 14.13 -5.52 98.83
N ARG W 64 15.20 -5.79 99.56
CA ARG W 64 15.09 -6.19 100.96
C ARG W 64 15.49 -4.99 101.81
N CYS W 65 14.53 -4.10 102.00
CA CYS W 65 14.70 -2.95 102.88
C CYS W 65 13.36 -2.68 103.56
N VAL W 66 13.39 -1.91 104.63
CA VAL W 66 12.18 -1.38 105.24
C VAL W 66 12.32 0.12 105.36
N PHE W 67 11.26 0.84 105.03
CA PHE W 67 11.20 2.28 105.15
C PHE W 67 10.28 2.63 106.31
N LEU W 68 10.62 3.69 107.04
CA LEU W 68 9.90 4.00 108.25
C LEU W 68 9.95 5.49 108.50
N ASP W 69 8.79 6.13 108.51
CA ASP W 69 8.69 7.56 108.81
C ASP W 69 7.30 7.85 109.31
N LEU W 70 7.21 8.83 110.21
CA LEU W 70 5.94 9.14 110.84
C LEU W 70 5.04 10.03 110.01
N GLU W 71 5.56 10.69 108.98
CA GLU W 71 4.68 11.50 108.16
C GLU W 71 4.71 11.02 106.72
N PRO W 72 3.61 11.17 105.98
CA PRO W 72 3.57 10.67 104.62
C PRO W 72 4.12 11.62 103.57
N THR W 73 4.77 12.72 103.93
CA THR W 73 5.16 13.66 102.89
C THR W 73 6.40 13.22 102.12
N VAL W 74 7.15 12.24 102.63
CA VAL W 74 8.26 11.68 101.91
C VAL W 74 8.07 10.18 101.63
N VAL W 75 7.24 9.50 102.40
CA VAL W 75 6.91 8.11 102.08
C VAL W 75 6.09 8.07 100.79
N ASP W 76 5.17 9.02 100.62
CA ASP W 76 4.45 9.12 99.37
C ASP W 76 5.36 9.55 98.23
N GLU W 77 6.47 10.22 98.56
CA GLU W 77 7.40 10.64 97.51
C GLU W 77 8.10 9.44 96.88
N VAL W 78 8.36 8.40 97.67
CA VAL W 78 8.90 7.17 97.11
C VAL W 78 7.85 6.46 96.27
N ARG W 79 6.59 6.48 96.72
CA ARG W 79 5.53 5.69 96.10
C ARG W 79 5.17 6.24 94.72
N THR W 80 4.99 7.55 94.60
CA THR W 80 4.58 8.14 93.33
C THR W 80 5.75 8.43 92.41
N GLY W 81 6.98 8.15 92.84
CA GLY W 81 8.14 8.44 92.04
C GLY W 81 8.41 7.43 90.94
N THR W 82 9.70 7.17 90.68
CA THR W 82 10.05 6.25 89.59
C THR W 82 9.77 4.80 89.97
N TYR W 83 10.05 4.42 91.21
CA TYR W 83 9.98 3.02 91.63
C TYR W 83 8.58 2.67 92.13
N ARG W 84 7.59 2.87 91.25
CA ARG W 84 6.22 2.50 91.58
C ARG W 84 6.06 0.98 91.64
N HIS W 85 6.70 0.26 90.72
CA HIS W 85 6.46 -1.17 90.56
C HIS W 85 7.60 -2.05 91.06
N LEU W 86 8.83 -1.54 91.13
CA LEU W 86 9.94 -2.38 91.55
C LEU W 86 9.92 -2.64 93.05
N PHE W 87 9.41 -1.69 93.82
CA PHE W 87 9.33 -1.85 95.27
C PHE W 87 8.08 -2.65 95.63
N HIS W 88 7.75 -2.69 96.91
CA HIS W 88 6.63 -3.45 97.43
C HIS W 88 5.72 -2.51 98.22
N PRO W 89 4.40 -2.67 98.11
CA PRO W 89 3.51 -1.69 98.76
C PRO W 89 3.56 -1.73 100.27
N GLU W 90 3.50 -2.90 100.88
CA GLU W 90 3.51 -3.00 102.34
C GLU W 90 4.92 -2.97 102.89
N GLN W 91 5.91 -2.81 102.03
CA GLN W 91 7.28 -2.57 102.47
C GLN W 91 7.43 -1.18 103.08
N LEU W 92 6.57 -0.23 102.71
CA LEU W 92 6.67 1.15 103.15
C LEU W 92 5.69 1.39 104.28
N ILE W 93 6.15 1.99 105.36
CA ILE W 93 5.34 2.28 106.53
C ILE W 93 5.20 3.79 106.64
N SER W 94 3.97 4.27 106.73
CA SER W 94 3.68 5.69 106.86
C SER W 94 2.75 5.91 108.04
N GLY W 95 3.08 6.90 108.86
CA GLY W 95 2.29 7.24 110.02
C GLY W 95 1.32 8.38 109.75
N LYS W 96 1.07 9.17 110.80
CA LYS W 96 0.12 10.27 110.70
C LYS W 96 0.79 11.63 110.88
N GLU W 97 1.46 11.85 112.02
CA GLU W 97 2.09 13.13 112.30
C GLU W 97 3.57 12.94 112.55
N ASP W 98 4.38 13.85 112.00
CA ASP W 98 5.81 13.81 112.21
C ASP W 98 6.16 14.20 113.64
N ALA W 99 7.29 13.69 114.13
CA ALA W 99 7.72 13.98 115.49
C ALA W 99 8.13 15.43 115.68
N ALA W 100 8.52 16.10 114.60
CA ALA W 100 8.70 17.55 114.54
C ALA W 100 9.76 18.02 115.56
N ASN W 101 11.00 17.61 115.32
CA ASN W 101 12.18 18.07 116.07
C ASN W 101 12.02 17.89 117.56
N ASN W 102 11.48 16.76 117.96
CA ASN W 102 11.29 16.46 119.36
C ASN W 102 11.70 15.02 119.57
N PHE W 103 12.71 14.80 120.42
CA PHE W 103 13.08 13.44 120.79
C PHE W 103 11.95 12.76 121.52
N ALA W 104 11.15 13.54 122.25
CA ALA W 104 10.09 12.95 123.05
C ALA W 104 8.91 12.51 122.21
N ARG W 105 8.70 13.12 121.03
CA ARG W 105 7.51 12.76 120.27
C ARG W 105 7.65 11.39 119.63
N GLY W 106 8.86 11.04 119.19
CA GLY W 106 9.06 9.74 118.59
C GLY W 106 9.35 8.63 119.58
N HIS W 107 10.32 8.87 120.47
CA HIS W 107 10.78 7.83 121.38
C HIS W 107 9.79 7.55 122.50
N TYR W 108 8.85 8.45 122.75
CA TYR W 108 7.92 8.25 123.86
C TYR W 108 6.47 8.10 123.41
N THR W 109 5.90 9.05 122.68
CA THR W 109 4.47 9.00 122.42
C THR W 109 4.08 8.42 121.07
N ILE W 110 4.44 9.09 119.98
CA ILE W 110 3.78 8.77 118.72
C ILE W 110 4.46 7.64 117.98
N GLY W 111 5.68 7.27 118.36
CA GLY W 111 6.39 6.24 117.63
C GLY W 111 5.94 4.83 117.92
N LYS W 112 5.25 4.62 119.04
CA LYS W 112 4.91 3.26 119.43
C LYS W 112 3.86 2.62 118.55
N GLU W 113 3.07 3.42 117.83
CA GLU W 113 2.11 2.84 116.91
C GLU W 113 2.75 2.33 115.63
N ILE W 114 4.01 2.65 115.40
CA ILE W 114 4.72 2.17 114.23
C ILE W 114 5.70 1.05 114.58
N VAL W 115 6.22 1.00 115.81
CA VAL W 115 7.19 0.00 116.20
C VAL W 115 6.59 -1.39 116.17
N ASP W 116 5.35 -1.53 116.66
CA ASP W 116 4.67 -2.81 116.57
C ASP W 116 4.46 -3.23 115.13
N LEU W 117 4.18 -2.26 114.25
CA LEU W 117 4.06 -2.58 112.84
C LEU W 117 5.43 -2.87 112.23
N SER W 118 6.46 -2.17 112.68
CA SER W 118 7.79 -2.34 112.08
C SER W 118 8.42 -3.66 112.49
N LEU W 119 8.36 -4.00 113.78
CA LEU W 119 9.01 -5.20 114.27
C LEU W 119 8.35 -6.45 113.71
N ASP W 120 7.06 -6.38 113.41
CA ASP W 120 6.42 -7.49 112.72
C ASP W 120 6.98 -7.66 111.32
N ARG W 121 7.42 -6.57 110.70
CA ARG W 121 7.96 -6.67 109.35
C ARG W 121 9.36 -7.26 109.34
N ILE W 122 10.21 -6.84 110.28
CA ILE W 122 11.56 -7.41 110.36
C ILE W 122 11.48 -8.89 110.70
N ARG W 123 10.62 -9.24 111.65
CA ARG W 123 10.47 -10.64 112.04
C ARG W 123 9.92 -11.49 110.91
N LYS W 124 9.09 -10.90 110.05
CA LYS W 124 8.66 -11.63 108.86
C LYS W 124 9.81 -11.74 107.86
N LEU W 125 10.72 -10.78 107.87
CA LEU W 125 11.82 -10.80 106.92
C LEU W 125 13.01 -11.58 107.44
N ALA W 126 13.16 -11.71 108.75
CA ALA W 126 14.34 -12.37 109.31
C ALA W 126 14.14 -13.87 109.48
N ASP W 127 12.89 -14.33 109.64
CA ASP W 127 12.66 -15.72 110.00
C ASP W 127 12.82 -16.68 108.83
N ASN W 128 12.65 -16.20 107.59
CA ASN W 128 12.55 -17.12 106.46
C ASN W 128 13.88 -17.81 106.17
N CYS W 129 14.98 -17.08 106.19
CA CYS W 129 16.29 -17.61 105.86
C CYS W 129 17.26 -17.30 106.98
N THR W 130 17.98 -18.32 107.42
CA THR W 130 19.03 -18.10 108.41
C THR W 130 20.29 -17.60 107.74
N GLY W 131 21.33 -17.43 108.52
CA GLY W 131 22.57 -16.89 108.00
C GLY W 131 22.47 -15.42 107.63
N LEU W 132 21.68 -14.66 108.37
CA LEU W 132 21.67 -13.20 108.21
C LEU W 132 22.93 -12.65 108.84
N GLN W 133 23.32 -11.46 108.40
CA GLN W 133 24.60 -10.93 108.82
C GLN W 133 24.46 -9.66 109.66
N GLY W 134 23.51 -8.79 109.34
CA GLY W 134 23.38 -7.58 110.12
C GLY W 134 22.27 -6.69 109.61
N PHE W 135 22.25 -5.49 110.17
CA PHE W 135 21.28 -4.45 109.84
C PHE W 135 22.00 -3.20 109.38
N LEU W 136 21.29 -2.35 108.65
CA LEU W 136 21.84 -1.11 108.12
C LEU W 136 20.86 0.01 108.44
N MET W 137 21.18 0.81 109.44
CA MET W 137 20.38 1.98 109.77
C MET W 137 20.78 3.14 108.89
N PHE W 138 19.81 4.00 108.58
CA PHE W 138 20.08 5.25 107.88
C PHE W 138 19.22 6.32 108.52
N ASN W 139 19.85 7.23 109.27
CA ASN W 139 19.09 8.25 109.97
C ASN W 139 19.98 9.44 110.25
N ALA W 140 19.34 10.57 110.57
CA ALA W 140 20.03 11.78 111.00
C ALA W 140 19.94 11.87 112.50
N VAL W 141 21.07 12.18 113.13
CA VAL W 141 21.09 12.39 114.57
C VAL W 141 20.24 13.59 114.95
N GLY W 142 20.32 14.66 114.15
CA GLY W 142 19.65 15.89 114.52
C GLY W 142 18.14 15.89 114.39
N GLY W 143 17.61 15.24 113.35
CA GLY W 143 16.17 15.24 113.16
C GLY W 143 15.46 14.38 114.20
N GLY W 144 14.19 14.71 114.42
CA GLY W 144 13.45 14.10 115.53
C GLY W 144 13.17 12.62 115.32
N THR W 145 12.65 12.27 114.14
CA THR W 145 12.25 10.89 113.90
C THR W 145 13.46 9.96 113.77
N GLY W 146 14.51 10.44 113.10
CA GLY W 146 15.72 9.67 112.99
C GLY W 146 16.41 9.43 114.32
N SER W 147 16.35 10.41 115.22
CA SER W 147 16.88 10.22 116.57
C SER W 147 15.88 9.52 117.47
N GLY W 148 14.62 9.93 117.42
CA GLY W 148 13.62 9.32 118.28
C GLY W 148 13.28 7.91 117.85
N LEU W 149 12.59 7.78 116.73
CA LEU W 149 12.05 6.48 116.37
C LEU W 149 13.16 5.56 115.89
N GLY W 150 14.29 6.13 115.47
CA GLY W 150 15.45 5.32 115.19
C GLY W 150 16.02 4.66 116.43
N CYS W 151 15.98 5.37 117.57
CA CYS W 151 16.51 4.82 118.80
C CYS W 151 15.68 3.65 119.29
N LEU W 152 14.38 3.83 119.41
CA LEU W 152 13.56 2.83 120.08
C LEU W 152 13.49 1.58 119.23
N LEU W 153 13.59 1.72 117.92
CA LEU W 153 13.66 0.54 117.07
C LEU W 153 15.02 -0.12 117.19
N LEU W 154 16.08 0.66 117.36
CA LEU W 154 17.40 0.06 117.51
C LEU W 154 17.60 -0.44 118.94
N GLU W 155 16.93 0.18 119.90
CA GLU W 155 16.91 -0.36 121.26
C GLU W 155 16.19 -1.68 121.32
N ARG W 156 15.05 -1.78 120.65
CA ARG W 156 14.25 -2.99 120.78
C ARG W 156 14.89 -4.13 120.02
N LEU W 157 15.62 -3.83 118.95
CA LEU W 157 16.32 -4.88 118.22
C LEU W 157 17.48 -5.43 119.04
N SER W 158 18.05 -4.62 119.92
CA SER W 158 19.15 -5.08 120.75
C SER W 158 18.68 -6.10 121.78
N VAL W 159 17.47 -5.92 122.31
CA VAL W 159 16.94 -6.85 123.30
C VAL W 159 16.60 -8.18 122.64
N ASP W 160 15.99 -8.13 121.45
CA ASP W 160 15.51 -9.34 120.79
C ASP W 160 16.64 -10.15 120.18
N TYR W 161 17.38 -9.56 119.24
CA TYR W 161 18.48 -10.25 118.57
C TYR W 161 19.79 -9.70 119.13
N GLY W 162 20.09 -10.10 120.37
CA GLY W 162 21.21 -9.51 121.08
C GLY W 162 22.57 -9.92 120.54
N LYS W 163 22.67 -11.07 119.91
CA LYS W 163 23.93 -11.58 119.41
C LYS W 163 24.19 -11.17 117.98
N LYS W 164 23.46 -10.20 117.48
CA LYS W 164 23.47 -9.89 116.06
C LYS W 164 24.04 -8.49 115.81
N SER W 165 24.72 -8.34 114.69
CA SER W 165 25.38 -7.09 114.35
C SER W 165 24.37 -6.10 113.78
N LYS W 166 24.61 -4.81 114.02
CA LYS W 166 23.75 -3.77 113.46
C LYS W 166 24.55 -2.49 113.28
N LEU W 167 24.77 -2.14 112.01
CA LEU W 167 25.53 -0.98 111.61
C LEU W 167 24.64 0.25 111.62
N ASN W 168 25.25 1.40 111.84
CA ASN W 168 24.52 2.66 111.89
C ASN W 168 25.17 3.67 110.97
N PHE W 169 24.34 4.50 110.32
CA PHE W 169 24.82 5.58 109.47
C PHE W 169 24.15 6.86 109.89
N CYS W 170 24.94 7.82 110.38
CA CYS W 170 24.41 9.02 111.00
C CYS W 170 24.88 10.26 110.26
N SER W 171 24.03 11.26 110.22
CA SER W 171 24.34 12.56 109.62
C SER W 171 24.46 13.55 110.77
N TRP W 172 25.66 13.63 111.32
CA TRP W 172 25.90 14.45 112.49
C TRP W 172 25.79 15.94 112.15
N PRO W 173 25.34 16.76 113.09
CA PRO W 173 25.28 18.20 112.84
C PRO W 173 26.65 18.85 112.72
N SER W 174 26.81 19.66 111.69
CA SER W 174 28.05 20.32 111.34
C SER W 174 28.32 21.50 112.27
N PRO W 175 29.58 21.96 112.35
CA PRO W 175 29.88 23.08 113.24
C PRO W 175 29.27 24.41 112.86
N GLN W 176 28.85 24.61 111.60
CA GLN W 176 28.21 25.85 111.22
C GLN W 176 26.76 25.65 110.79
N VAL W 177 26.51 24.81 109.80
CA VAL W 177 25.15 24.53 109.34
C VAL W 177 24.49 23.58 110.30
N SER W 178 23.28 23.93 110.76
CA SER W 178 22.50 22.98 111.55
C SER W 178 21.03 22.89 111.14
N THR W 179 20.46 23.91 110.49
CA THR W 179 19.10 23.92 109.93
C THR W 179 18.01 23.54 110.93
N ALA W 180 18.26 23.72 112.23
CA ALA W 180 17.27 23.59 113.30
C ALA W 180 17.90 24.16 114.56
N VAL W 181 17.08 24.75 115.40
CA VAL W 181 17.61 25.35 116.62
C VAL W 181 17.77 24.32 117.75
N VAL W 182 17.10 23.18 117.65
CA VAL W 182 17.09 22.22 118.73
C VAL W 182 17.98 21.01 118.41
N GLU W 183 18.81 21.14 117.38
CA GLU W 183 19.89 20.18 117.10
C GLU W 183 20.80 19.87 118.27
N PRO W 184 21.28 20.83 119.08
CA PRO W 184 22.09 20.41 120.24
C PRO W 184 21.33 19.57 121.25
N TYR W 185 20.06 19.87 121.49
CA TYR W 185 19.28 19.05 122.40
C TYR W 185 19.05 17.66 121.82
N ASN W 186 18.76 17.60 120.53
CA ASN W 186 18.30 16.34 119.98
C ASN W 186 19.46 15.36 119.84
N SER W 187 20.67 15.90 119.66
CA SER W 187 21.82 15.04 119.42
C SER W 187 22.36 14.42 120.69
N VAL W 188 22.57 15.23 121.73
CA VAL W 188 23.13 14.71 122.99
C VAL W 188 22.18 13.71 123.61
N LEU W 189 20.89 13.95 123.48
CA LEU W 189 19.90 12.97 123.89
C LEU W 189 19.98 11.72 123.02
N SER W 190 20.39 11.86 121.75
CA SER W 190 20.44 10.70 120.88
C SER W 190 21.57 9.76 121.24
N THR W 191 22.77 10.30 121.41
CA THR W 191 23.94 9.46 121.56
C THR W 191 24.04 8.78 122.90
N HIS W 192 23.36 9.26 123.94
CA HIS W 192 23.30 8.48 125.16
C HIS W 192 22.60 7.16 124.91
N SER W 193 21.52 7.20 124.16
CA SER W 193 20.77 6.00 123.82
C SER W 193 21.15 5.47 122.45
N LEU W 194 22.19 6.02 121.84
CA LEU W 194 22.83 5.42 120.67
C LEU W 194 24.30 5.12 120.90
N LEU W 195 24.74 5.10 122.15
CA LEU W 195 26.05 4.58 122.48
C LEU W 195 25.95 3.12 122.88
N GLU W 196 25.02 2.81 123.77
CA GLU W 196 24.93 1.47 124.31
C GLU W 196 24.42 0.48 123.26
N HIS W 197 23.33 0.84 122.58
CA HIS W 197 22.58 -0.16 121.83
C HIS W 197 23.27 -0.55 120.52
N THR W 198 23.92 0.38 119.85
CA THR W 198 24.53 0.09 118.56
C THR W 198 25.92 -0.52 118.71
N ASP W 199 26.47 -0.96 117.58
CA ASP W 199 27.82 -1.53 117.56
C ASP W 199 28.83 -0.60 116.88
N VAL W 200 28.58 -0.23 115.64
CA VAL W 200 29.47 0.63 114.87
C VAL W 200 28.63 1.71 114.20
N ALA W 201 29.03 2.96 114.34
CA ALA W 201 28.24 4.09 113.84
C ALA W 201 29.14 4.98 113.00
N VAL W 202 28.89 5.00 111.69
CA VAL W 202 29.68 5.82 110.79
C VAL W 202 29.20 7.26 110.90
N MET W 203 30.01 8.12 111.49
CA MET W 203 29.67 9.52 111.62
C MET W 203 29.84 10.22 110.29
N LEU W 204 28.88 11.06 109.92
CA LEU W 204 29.04 11.91 108.75
C LEU W 204 28.51 13.30 109.06
N ASP W 205 29.15 14.32 108.49
CA ASP W 205 28.61 15.67 108.49
C ASP W 205 28.14 16.06 107.10
N ASN W 206 27.40 17.17 107.06
CA ASN W 206 26.90 17.71 105.81
C ASN W 206 27.79 18.80 105.24
N GLU W 207 28.33 19.67 106.07
CA GLU W 207 29.16 20.72 105.50
C GLU W 207 30.52 20.21 105.10
N ALA W 208 30.93 19.04 105.58
CA ALA W 208 32.13 18.39 105.07
C ALA W 208 31.94 18.00 103.62
N ILE W 209 30.77 17.45 103.29
CA ILE W 209 30.51 17.07 101.91
C ILE W 209 30.22 18.30 101.08
N TYR W 210 29.84 19.41 101.73
CA TYR W 210 29.71 20.67 101.03
C TYR W 210 31.07 21.18 100.53
N ASP W 211 32.13 21.01 101.32
CA ASP W 211 33.46 21.37 100.83
C ASP W 211 34.05 20.27 99.95
N ILE W 212 33.48 19.06 100.00
CA ILE W 212 33.85 18.02 99.04
C ILE W 212 33.38 18.41 97.65
N CYS W 213 32.14 18.88 97.55
CA CYS W 213 31.57 19.19 96.25
C CYS W 213 32.20 20.44 95.65
N ARG W 214 32.79 21.30 96.47
CA ARG W 214 33.26 22.58 95.97
C ARG W 214 34.72 22.55 95.58
N ARG W 215 35.51 21.64 96.14
CA ARG W 215 36.95 21.61 95.90
C ARG W 215 37.37 20.57 94.87
N ASN W 216 36.88 19.35 95.00
CA ASN W 216 37.28 18.28 94.08
C ASN W 216 36.29 18.11 92.94
N LEU W 217 35.01 18.15 93.26
CA LEU W 217 33.96 17.93 92.28
C LEU W 217 33.49 19.24 91.65
N ASP W 218 34.18 20.33 92.00
CA ASP W 218 34.05 21.73 91.56
C ASP W 218 32.64 22.20 91.18
N ILE W 219 31.67 22.00 92.06
CA ILE W 219 30.37 22.66 91.98
C ILE W 219 30.21 23.57 93.19
N GLU W 220 29.82 24.83 92.94
CA GLU W 220 29.93 25.81 94.02
C GLU W 220 28.69 25.92 94.89
N ARG W 221 27.54 25.42 94.45
CA ARG W 221 26.46 25.19 95.41
C ARG W 221 25.62 23.97 95.04
N PRO W 222 25.76 22.90 95.81
CA PRO W 222 25.00 21.67 95.53
C PRO W 222 23.71 21.56 96.33
N THR W 223 22.86 20.61 95.96
CA THR W 223 21.62 20.35 96.68
C THR W 223 21.53 18.88 97.08
N TYR W 224 20.41 18.48 97.69
CA TYR W 224 20.33 17.18 98.33
C TYR W 224 20.43 16.02 97.35
N THR W 225 20.06 16.21 96.10
CA THR W 225 20.17 15.11 95.16
C THR W 225 21.62 14.82 94.78
N ASN W 226 22.56 15.70 95.12
CA ASN W 226 23.97 15.40 94.93
C ASN W 226 24.62 14.89 96.20
N LEU W 227 24.10 15.30 97.36
CA LEU W 227 24.62 14.81 98.63
C LEU W 227 24.30 13.33 98.80
N ASN W 228 23.05 12.95 98.55
CA ASN W 228 22.67 11.55 98.71
C ASN W 228 23.28 10.68 97.63
N ARG W 229 23.49 11.25 96.45
CA ARG W 229 24.16 10.51 95.38
C ARG W 229 25.60 10.20 95.72
N LEU W 230 26.20 11.02 96.57
CA LEU W 230 27.60 10.83 96.92
C LEU W 230 27.76 9.94 98.14
N ILE W 231 26.78 9.93 99.04
CA ILE W 231 26.84 8.96 100.13
C ILE W 231 26.49 7.57 99.63
N ALA W 232 25.76 7.47 98.52
CA ALA W 232 25.38 6.16 98.00
C ALA W 232 26.58 5.43 97.41
N GLN W 233 27.55 6.16 96.89
CA GLN W 233 28.74 5.53 96.35
C GLN W 233 29.61 4.96 97.47
N VAL W 234 29.58 5.58 98.65
CA VAL W 234 30.37 5.09 99.76
C VAL W 234 29.79 3.78 100.29
N ILE W 235 28.48 3.73 100.48
CA ILE W 235 27.85 2.53 101.02
C ILE W 235 27.90 1.39 100.02
N SER W 236 27.84 1.68 98.72
CA SER W 236 27.98 0.63 97.73
C SER W 236 29.40 0.08 97.71
N SER W 237 30.38 0.95 97.94
CA SER W 237 31.77 0.52 98.05
C SER W 237 32.04 -0.17 99.38
N LEU W 238 31.25 0.14 100.40
CA LEU W 238 31.40 -0.54 101.69
C LEU W 238 30.98 -2.00 101.59
N THR W 239 29.81 -2.25 101.01
CA THR W 239 29.14 -3.53 101.13
C THR W 239 29.19 -4.37 99.86
N ALA W 240 30.08 -4.08 98.93
CA ALA W 240 30.16 -4.88 97.73
C ALA W 240 30.70 -6.27 98.01
N SER W 241 31.51 -6.44 99.06
CA SER W 241 32.07 -7.75 99.38
C SER W 241 30.99 -8.70 99.87
N LEU W 242 29.92 -8.18 100.47
CA LEU W 242 28.76 -9.02 100.74
C LEU W 242 28.07 -9.44 99.45
N ARG W 243 28.10 -8.59 98.42
CA ARG W 243 27.46 -8.90 97.15
C ARG W 243 28.35 -9.74 96.27
N PHE W 244 29.48 -9.21 95.86
CA PHE W 244 30.30 -9.79 94.81
C PHE W 244 31.55 -10.42 95.41
N ASP W 245 32.21 -11.23 94.60
CA ASP W 245 33.40 -11.97 95.00
C ASP W 245 34.66 -11.12 94.79
N GLY W 246 35.81 -11.72 95.06
CA GLY W 246 37.06 -11.02 94.81
C GLY W 246 38.23 -11.81 95.35
N ALA W 247 39.41 -11.20 95.21
CA ALA W 247 40.62 -11.81 95.77
C ALA W 247 40.58 -11.83 97.30
N LEU W 248 40.10 -10.75 97.91
CA LEU W 248 40.09 -10.63 99.37
C LEU W 248 38.85 -9.83 99.78
N ASN W 249 37.91 -10.49 100.44
CA ASN W 249 36.66 -9.86 100.84
C ASN W 249 36.43 -10.05 102.34
N VAL W 250 35.73 -9.08 102.95
CA VAL W 250 35.43 -9.09 104.36
C VAL W 250 33.97 -8.70 104.56
N ASP W 251 33.31 -9.37 105.50
CA ASP W 251 31.89 -9.17 105.77
C ASP W 251 31.70 -8.19 106.93
N VAL W 252 30.45 -8.12 107.43
CA VAL W 252 30.11 -7.19 108.49
C VAL W 252 30.74 -7.60 109.82
N THR W 253 30.70 -8.89 110.15
CA THR W 253 31.01 -9.33 111.50
C THR W 253 32.48 -9.14 111.87
N GLU W 254 33.37 -8.98 110.90
CA GLU W 254 34.76 -8.69 111.22
C GLU W 254 35.17 -7.28 110.80
N PHE W 255 34.22 -6.37 110.55
CA PHE W 255 34.52 -4.94 110.68
C PHE W 255 34.76 -4.59 112.13
N GLN W 256 33.86 -5.01 113.02
CA GLN W 256 33.99 -4.66 114.42
C GLN W 256 35.16 -5.37 115.06
N THR W 257 35.61 -6.48 114.50
CA THR W 257 36.80 -7.15 115.00
C THR W 257 38.04 -6.31 114.74
N ASN W 258 38.07 -5.62 113.60
CA ASN W 258 39.26 -4.90 113.22
C ASN W 258 39.29 -3.46 113.74
N LEU W 259 38.13 -2.83 113.87
CA LEU W 259 38.07 -1.39 114.00
C LEU W 259 37.72 -0.89 115.39
N VAL W 260 37.10 -1.70 116.23
CA VAL W 260 36.60 -1.22 117.50
C VAL W 260 37.48 -1.70 118.63
N PRO W 261 38.42 -0.89 119.12
CA PRO W 261 39.41 -1.42 120.06
C PRO W 261 38.84 -1.68 121.44
N TYR W 262 38.01 -0.78 121.92
CA TYR W 262 37.34 -0.88 123.20
C TYR W 262 35.84 -0.72 122.94
N PRO W 263 34.99 -1.23 123.84
CA PRO W 263 33.54 -1.19 123.56
C PRO W 263 32.94 0.19 123.43
N ARG W 264 33.57 1.21 123.99
CA ARG W 264 33.05 2.57 123.87
C ARG W 264 33.46 3.23 122.56
N ILE W 265 34.64 2.91 122.05
CA ILE W 265 35.30 3.72 121.02
C ILE W 265 34.89 3.11 119.68
N HIS W 266 33.72 3.53 119.19
CA HIS W 266 33.22 2.96 117.93
C HIS W 266 32.52 4.00 117.09
N PHE W 267 32.95 5.25 117.15
CA PHE W 267 32.44 6.30 116.28
C PHE W 267 33.56 6.67 115.32
N MET W 268 33.34 6.43 114.04
CA MET W 268 34.41 6.57 113.06
C MET W 268 33.94 7.28 111.81
N LEU W 269 34.93 7.81 111.08
CA LEU W 269 34.76 8.71 109.96
C LEU W 269 34.72 7.92 108.66
N SER W 270 34.84 8.62 107.54
CA SER W 270 34.87 7.95 106.24
C SER W 270 35.55 8.86 105.24
N SER W 271 35.99 8.25 104.14
CA SER W 271 36.50 9.00 103.00
C SER W 271 36.43 8.11 101.77
N TYR W 272 36.26 8.73 100.61
CA TYR W 272 36.15 8.01 99.35
C TYR W 272 37.00 8.69 98.31
N ALA W 273 37.86 7.92 97.65
CA ALA W 273 38.69 8.40 96.58
C ALA W 273 38.63 7.43 95.42
N PRO W 274 38.51 7.92 94.20
CA PRO W 274 38.48 9.32 93.82
C PRO W 274 37.10 9.93 93.77
N ILE W 275 37.03 11.21 94.13
CA ILE W 275 35.88 12.04 93.83
C ILE W 275 36.29 13.05 92.77
N ILE W 276 36.17 12.65 91.51
CA ILE W 276 36.75 13.41 90.41
C ILE W 276 35.73 13.49 89.30
N SER W 277 35.48 14.69 88.80
CA SER W 277 34.48 14.90 87.77
C SER W 277 35.03 14.47 86.43
N ALA W 278 34.27 14.73 85.37
CA ALA W 278 34.76 14.49 84.02
C ALA W 278 35.78 15.52 83.60
N GLU W 279 35.97 16.57 84.39
CA GLU W 279 37.04 17.53 84.16
C GLU W 279 38.38 16.83 84.20
N LYS W 280 38.64 16.11 85.27
CA LYS W 280 39.97 15.64 85.60
C LYS W 280 40.13 14.13 85.57
N ALA W 281 39.06 13.36 85.50
CA ALA W 281 39.23 11.93 85.27
C ALA W 281 39.76 11.69 83.87
N TYR W 282 39.51 12.63 82.97
CA TYR W 282 40.16 12.61 81.66
C TYR W 282 41.66 12.89 81.79
N HIS W 283 42.06 13.76 82.73
CA HIS W 283 43.37 14.41 82.67
C HIS W 283 44.46 13.84 83.57
N GLU W 284 44.18 12.97 84.54
CA GLU W 284 45.29 12.32 85.21
C GLU W 284 44.95 10.88 85.57
N GLN W 285 46.00 10.07 85.74
CA GLN W 285 45.86 8.81 86.46
C GLN W 285 45.18 8.99 87.80
N LEU W 286 44.54 7.92 88.22
CA LEU W 286 44.22 7.74 89.61
C LEU W 286 44.97 6.46 89.93
N SER W 287 46.26 6.60 90.18
CA SER W 287 47.07 5.43 90.46
C SER W 287 47.01 5.12 91.95
N VAL W 288 47.36 3.88 92.28
CA VAL W 288 47.21 3.40 93.64
C VAL W 288 48.12 4.16 94.59
N ALA W 289 49.26 4.64 94.10
CA ALA W 289 50.18 5.39 94.93
C ALA W 289 49.68 6.78 95.28
N GLU W 290 48.58 7.24 94.68
CA GLU W 290 48.07 8.58 94.95
C GLU W 290 46.60 8.64 95.29
N ILE W 291 45.79 7.64 94.94
CA ILE W 291 44.42 7.62 95.43
C ILE W 291 44.40 7.35 96.92
N THR W 292 45.43 6.71 97.46
CA THR W 292 45.50 6.59 98.91
C THR W 292 46.04 7.86 99.55
N ASN W 293 46.82 8.66 98.81
CA ASN W 293 47.23 9.95 99.34
C ASN W 293 46.06 10.92 99.41
N SER W 294 45.21 10.91 98.39
CA SER W 294 44.02 11.75 98.44
C SER W 294 43.06 11.26 99.50
N ALA W 295 43.09 9.97 99.81
CA ALA W 295 42.23 9.44 100.86
C ALA W 295 42.61 10.00 102.22
N PHE W 296 43.90 10.16 102.46
CA PHE W 296 44.36 10.67 103.75
C PHE W 296 44.33 12.19 103.82
N GLU W 297 44.00 12.85 102.72
CA GLU W 297 44.04 14.30 102.68
C GLU W 297 42.93 14.86 103.57
N PRO W 298 43.16 15.97 104.27
CA PRO W 298 42.10 16.55 105.11
C PRO W 298 40.88 16.99 104.34
N ALA W 299 41.01 17.21 103.03
CA ALA W 299 39.84 17.53 102.22
C ALA W 299 38.87 16.35 102.17
N SER W 300 39.37 15.18 101.81
CA SER W 300 38.51 14.09 101.38
C SER W 300 37.74 13.41 102.49
N MET W 301 38.07 13.68 103.75
CA MET W 301 37.31 13.07 104.83
C MET W 301 35.94 13.73 104.96
N MET W 302 34.95 12.95 105.39
CA MET W 302 33.55 13.30 105.23
C MET W 302 32.86 13.54 106.57
N ALA W 303 33.61 14.01 107.56
CA ALA W 303 33.06 14.20 108.89
C ALA W 303 33.51 15.49 109.55
N LYS W 304 34.08 16.43 108.79
CA LYS W 304 34.39 17.79 109.18
C LYS W 304 35.15 17.87 110.50
N CYS W 305 36.34 17.27 110.52
CA CYS W 305 37.30 17.54 111.57
C CYS W 305 38.69 17.21 111.03
N ASP W 306 39.62 18.10 111.26
CA ASP W 306 40.98 17.90 110.78
C ASP W 306 41.59 16.75 111.56
N PRO W 307 42.05 15.68 110.91
CA PRO W 307 42.75 14.63 111.67
C PRO W 307 44.14 15.03 112.15
N ARG W 308 44.61 16.24 111.85
CA ARG W 308 45.91 16.66 112.34
C ARG W 308 45.94 16.88 113.84
N HIS W 309 44.83 17.33 114.42
CA HIS W 309 44.70 17.48 115.87
C HIS W 309 44.02 16.28 116.52
N GLY W 310 44.30 15.09 115.99
CA GLY W 310 43.95 13.83 116.63
C GLY W 310 44.94 12.78 116.18
N LYS W 311 44.84 11.60 116.79
CA LYS W 311 45.72 10.49 116.50
C LYS W 311 44.92 9.35 115.89
N TYR W 312 45.36 8.88 114.73
CA TYR W 312 44.75 7.72 114.10
C TYR W 312 44.99 6.47 114.94
N MET W 313 44.01 5.58 114.97
CA MET W 313 44.17 4.35 115.74
C MET W 313 43.73 3.09 115.02
N ALA W 314 42.89 3.17 114.00
CA ALA W 314 42.52 1.99 113.22
C ALA W 314 41.97 2.48 111.88
N CYS W 315 42.30 1.77 110.81
CA CYS W 315 41.86 2.16 109.49
C CYS W 315 41.51 0.93 108.67
N CYS W 316 40.55 1.08 107.77
CA CYS W 316 40.04 -0.02 106.98
C CYS W 316 39.85 0.49 105.57
N LEU W 317 40.42 -0.23 104.60
CA LEU W 317 40.68 0.32 103.27
C LEU W 317 40.21 -0.66 102.21
N MET W 318 38.95 -0.55 101.76
CA MET W 318 38.48 -1.37 100.65
C MET W 318 38.84 -0.70 99.33
N TYR W 319 39.93 -1.16 98.73
CA TYR W 319 40.22 -0.80 97.36
C TYR W 319 39.29 -1.61 96.49
N ARG W 320 38.55 -0.95 95.62
CA ARG W 320 37.63 -1.66 94.74
C ARG W 320 37.95 -1.27 93.31
N GLY W 321 38.13 -2.27 92.46
CA GLY W 321 38.54 -2.07 91.10
C GLY W 321 39.89 -2.70 90.84
N ASP W 322 40.49 -2.31 89.72
CA ASP W 322 41.75 -2.89 89.29
C ASP W 322 42.94 -2.44 90.12
N VAL W 323 43.27 -3.21 91.15
CA VAL W 323 44.52 -3.01 91.88
C VAL W 323 45.14 -4.38 92.09
N VAL W 324 46.36 -4.57 91.62
CA VAL W 324 47.08 -5.78 92.01
C VAL W 324 47.77 -5.45 93.32
N PRO W 325 47.90 -6.42 94.24
CA PRO W 325 48.24 -6.07 95.63
C PRO W 325 49.65 -5.56 95.86
N LYS W 326 50.52 -5.61 94.85
CA LYS W 326 51.84 -5.01 95.03
C LYS W 326 51.74 -3.51 95.24
N ASP W 327 50.83 -2.85 94.51
CA ASP W 327 50.71 -1.40 94.62
C ASP W 327 50.11 -0.98 95.96
N VAL W 328 49.26 -1.84 96.55
CA VAL W 328 48.69 -1.52 97.86
C VAL W 328 49.79 -1.44 98.90
N ASN W 329 50.66 -2.45 98.97
CA ASN W 329 51.61 -2.54 100.07
C ASN W 329 52.67 -1.45 100.00
N ALA W 330 53.08 -1.08 98.78
CA ALA W 330 54.03 0.02 98.65
C ALA W 330 53.37 1.34 99.02
N ALA W 331 52.08 1.48 98.69
CA ALA W 331 51.37 2.69 99.05
C ALA W 331 51.17 2.79 100.55
N VAL W 332 50.89 1.65 101.21
CA VAL W 332 50.81 1.60 102.66
C VAL W 332 52.11 2.05 103.30
N ALA W 333 53.24 1.57 102.79
CA ALA W 333 54.52 1.88 103.42
C ALA W 333 54.84 3.36 103.31
N THR W 334 54.39 4.00 102.22
CA THR W 334 54.59 5.42 102.06
C THR W 334 53.91 6.21 103.15
N ILE W 335 52.70 5.79 103.52
CA ILE W 335 51.91 6.52 104.50
C ILE W 335 52.57 6.48 105.86
N LYS W 336 53.20 5.36 106.20
CA LYS W 336 53.87 5.24 107.49
C LYS W 336 55.05 6.21 107.58
N THR W 337 55.75 6.41 106.46
CA THR W 337 56.90 7.30 106.43
C THR W 337 56.51 8.74 106.67
N LYS W 338 55.26 9.10 106.37
CA LYS W 338 54.83 10.48 106.52
C LYS W 338 54.80 10.86 108.00
N ARG W 339 55.31 12.04 108.31
CA ARG W 339 55.46 12.47 109.68
C ARG W 339 54.21 13.15 110.22
N THR W 340 53.39 13.73 109.36
CA THR W 340 52.20 14.43 109.82
C THR W 340 51.12 13.49 110.33
N ILE W 341 51.16 12.23 109.93
CA ILE W 341 50.16 11.24 110.34
C ILE W 341 50.77 10.43 111.45
N GLN W 342 50.24 10.56 112.66
CA GLN W 342 50.79 9.87 113.82
C GLN W 342 49.79 8.82 114.26
N PHE W 343 50.21 7.56 114.26
CA PHE W 343 49.35 6.56 114.86
C PHE W 343 49.53 6.57 116.37
N VAL W 344 48.65 5.84 117.03
CA VAL W 344 48.78 5.66 118.45
C VAL W 344 49.81 4.56 118.68
N ASP W 345 50.70 4.77 119.66
CA ASP W 345 51.89 3.95 119.79
C ASP W 345 51.58 2.50 120.11
N TRP W 346 50.49 2.23 120.81
CA TRP W 346 50.25 0.86 121.21
C TRP W 346 49.64 0.00 120.11
N CYS W 347 49.41 0.54 118.92
CA CYS W 347 48.80 -0.21 117.82
C CYS W 347 49.75 -0.16 116.63
N PRO W 348 50.71 -1.09 116.55
CA PRO W 348 51.73 -1.03 115.50
C PRO W 348 51.14 -1.19 114.11
N THR W 349 50.42 -2.28 113.89
CA THR W 349 49.64 -2.35 112.68
C THR W 349 48.40 -1.48 112.82
N GLY W 350 47.96 -0.91 111.71
CA GLY W 350 46.77 -0.11 111.78
C GLY W 350 45.88 -0.22 110.56
N PHE W 351 46.32 -0.97 109.58
CA PHE W 351 45.63 -1.05 108.30
C PHE W 351 45.16 -2.46 108.04
N LYS W 352 43.90 -2.58 107.64
CA LYS W 352 43.34 -3.84 107.20
C LYS W 352 43.01 -3.69 105.72
N CYS W 353 43.97 -4.05 104.87
CA CYS W 353 43.83 -3.91 103.43
C CYS W 353 42.72 -4.80 102.91
N GLY W 354 42.00 -4.30 101.92
CA GLY W 354 40.99 -5.10 101.27
C GLY W 354 40.94 -4.79 99.79
N ILE W 355 41.11 -5.80 98.96
CA ILE W 355 41.17 -5.60 97.52
C ILE W 355 40.04 -6.37 96.88
N ASN W 356 39.18 -5.66 96.17
CA ASN W 356 38.13 -6.26 95.37
C ASN W 356 38.52 -6.21 93.91
N TYR W 357 37.82 -6.99 93.09
CA TYR W 357 38.09 -7.01 91.67
C TYR W 357 36.96 -6.43 90.83
N GLN W 358 35.79 -6.24 91.40
CA GLN W 358 34.71 -5.64 90.64
C GLN W 358 34.91 -4.14 90.53
N PRO W 359 34.61 -3.55 89.38
CA PRO W 359 34.93 -2.15 89.14
C PRO W 359 34.02 -1.24 89.94
N PRO W 360 34.40 0.02 90.11
CA PRO W 360 33.53 0.95 90.83
C PRO W 360 32.26 1.24 90.05
N THR W 361 31.17 1.44 90.79
CA THR W 361 29.89 1.71 90.16
C THR W 361 29.70 3.21 89.99
N VAL W 362 28.66 3.57 89.24
CA VAL W 362 28.40 4.96 88.93
C VAL W 362 26.91 5.10 88.63
N VAL W 363 26.33 6.21 89.06
CA VAL W 363 24.95 6.55 88.75
C VAL W 363 24.87 6.98 87.30
N PRO W 364 23.71 6.97 86.66
CA PRO W 364 23.58 7.63 85.37
C PRO W 364 23.18 9.09 85.52
N GLY W 365 23.84 9.94 84.74
CA GLY W 365 23.54 11.36 84.77
C GLY W 365 24.07 12.09 85.99
N GLY W 366 24.92 11.47 86.78
CA GLY W 366 25.48 12.12 87.95
C GLY W 366 26.82 12.78 87.67
N ASP W 367 27.28 13.54 88.67
CA ASP W 367 28.50 14.31 88.49
C ASP W 367 29.76 13.49 88.64
N LEU W 368 29.68 12.30 89.23
CA LEU W 368 30.86 11.48 89.40
C LEU W 368 31.24 10.84 88.08
N ALA W 369 32.53 10.80 87.81
CA ALA W 369 33.03 10.25 86.55
C ALA W 369 33.45 8.80 86.74
N LYS W 370 33.40 8.06 85.64
CA LYS W 370 33.84 6.68 85.63
C LYS W 370 35.31 6.61 85.98
N VAL W 371 35.64 5.86 87.02
CA VAL W 371 37.01 5.68 87.45
C VAL W 371 37.28 4.18 87.55
N MET W 372 38.48 3.78 87.17
CA MET W 372 38.80 2.37 87.11
C MET W 372 39.12 1.77 88.46
N ARG W 373 39.32 2.60 89.48
CA ARG W 373 39.63 2.08 90.80
C ARG W 373 39.21 3.07 91.86
N ALA W 374 38.72 2.55 92.98
CA ALA W 374 38.19 3.40 94.04
C ALA W 374 38.70 2.93 95.38
N VAL W 375 38.77 3.85 96.34
CA VAL W 375 39.11 3.53 97.72
C VAL W 375 38.00 4.05 98.62
N CYS W 376 37.52 3.20 99.51
CA CYS W 376 36.57 3.60 100.54
C CYS W 376 37.22 3.36 101.88
N MET W 377 37.67 4.43 102.51
CA MET W 377 38.44 4.35 103.75
C MET W 377 37.54 4.70 104.93
N ILE W 378 37.52 3.81 105.93
CA ILE W 378 36.77 4.01 107.16
C ILE W 378 37.75 3.98 108.30
N SER W 379 37.71 5.00 109.15
CA SER W 379 38.84 5.32 110.01
C SER W 379 38.38 5.63 111.42
N ASN W 380 38.80 4.83 112.38
CA ASN W 380 38.63 5.16 113.78
C ASN W 380 39.80 6.04 114.20
N SER W 381 39.52 7.30 114.53
CA SER W 381 40.57 8.20 115.00
C SER W 381 40.11 8.91 116.25
N THR W 382 41.06 9.51 116.94
CA THR W 382 40.79 10.23 118.16
C THR W 382 40.37 11.67 117.87
N ALA W 383 40.37 12.06 116.59
CA ALA W 383 39.94 13.40 116.20
C ALA W 383 38.45 13.62 116.38
N ILE W 384 37.67 12.57 116.66
CA ILE W 384 36.26 12.72 116.99
C ILE W 384 36.06 13.43 118.32
N ALA W 385 37.13 13.54 119.12
CA ALA W 385 37.01 14.01 120.50
C ALA W 385 36.45 15.42 120.59
N GLU W 386 36.84 16.31 119.68
CA GLU W 386 36.24 17.63 119.78
C GLU W 386 34.91 17.71 119.08
N VAL W 387 34.62 16.80 118.14
CA VAL W 387 33.29 16.80 117.51
C VAL W 387 32.23 16.46 118.53
N PHE W 388 32.57 15.60 119.49
CA PHE W 388 31.65 15.37 120.60
C PHE W 388 31.67 16.52 121.59
N SER W 389 32.82 17.17 121.81
CA SER W 389 32.83 18.24 122.79
C SER W 389 32.21 19.51 122.23
N ARG W 390 32.22 19.66 120.90
CA ARG W 390 31.57 20.82 120.30
C ARG W 390 30.07 20.79 120.53
N MET W 391 29.45 19.62 120.35
CA MET W 391 28.02 19.54 120.62
C MET W 391 27.75 19.62 122.11
N ASP W 392 28.69 19.18 122.94
CA ASP W 392 28.53 19.32 124.38
C ASP W 392 28.54 20.79 124.78
N HIS W 393 29.40 21.59 124.17
CA HIS W 393 29.41 23.01 124.48
C HIS W 393 28.15 23.71 123.95
N LYS W 394 27.63 23.28 122.79
CA LYS W 394 26.38 23.84 122.30
C LYS W 394 25.19 23.40 123.15
N PHE W 395 25.33 22.28 123.84
CA PHE W 395 24.31 21.90 124.80
C PHE W 395 24.37 22.74 126.05
N ASP W 396 25.58 23.14 126.45
CA ASP W 396 25.75 23.80 127.75
C ASP W 396 25.17 25.20 127.75
N LEU W 397 25.23 25.91 126.62
CA LEU W 397 24.67 27.24 126.57
C LEU W 397 23.14 27.20 126.60
N MET W 398 22.54 26.30 125.82
CA MET W 398 21.09 26.27 125.74
C MET W 398 20.45 25.66 126.96
N TYR W 399 21.09 24.70 127.61
CA TYR W 399 20.54 24.12 128.82
C TYR W 399 20.74 25.01 130.03
N ALA W 400 21.61 26.02 129.92
CA ALA W 400 21.92 26.88 131.06
C ALA W 400 20.70 27.64 131.54
N LYS W 401 19.76 27.94 130.65
CA LYS W 401 18.51 28.54 131.06
C LYS W 401 17.32 27.88 130.38
N ARG W 402 17.38 26.55 130.27
CA ARG W 402 16.22 25.68 130.13
C ARG W 402 15.39 25.99 128.89
N ALA W 403 16.03 26.54 127.87
CA ALA W 403 15.33 26.87 126.64
C ALA W 403 14.87 25.60 125.94
N PHE W 404 13.66 25.68 125.36
CA PHE W 404 13.08 24.61 124.55
C PHE W 404 12.89 23.31 125.32
N VAL W 405 12.81 23.37 126.64
CA VAL W 405 12.74 22.16 127.44
C VAL W 405 11.29 21.70 127.62
N HIS W 406 10.36 22.64 127.78
CA HIS W 406 8.98 22.29 128.13
C HIS W 406 8.28 21.50 127.03
N TRP W 407 8.77 21.56 125.79
CA TRP W 407 8.23 20.70 124.74
C TRP W 407 8.58 19.24 125.01
N TYR W 408 9.82 18.99 125.43
CA TYR W 408 10.23 17.64 125.78
C TYR W 408 9.51 17.18 127.04
N VAL W 409 9.48 18.04 128.06
CA VAL W 409 8.84 17.70 129.32
C VAL W 409 7.35 17.49 129.12
N GLY W 410 6.73 18.35 128.33
CA GLY W 410 5.30 18.28 128.13
C GLY W 410 4.84 17.07 127.35
N GLU W 411 5.75 16.44 126.61
CA GLU W 411 5.36 15.28 125.84
C GLU W 411 5.47 13.99 126.64
N GLY W 412 6.30 13.96 127.68
CA GLY W 412 6.39 12.78 128.51
C GLY W 412 7.77 12.49 129.05
N MET W 413 8.76 13.25 128.58
CA MET W 413 10.12 13.12 129.08
C MET W 413 10.21 13.76 130.46
N GLU W 414 11.38 13.64 131.08
CA GLU W 414 11.61 14.25 132.37
C GLU W 414 12.90 15.04 132.32
N GLU W 415 12.89 16.24 132.88
CA GLU W 415 14.14 16.93 133.15
C GLU W 415 14.94 16.11 134.16
N GLY W 416 16.22 15.94 133.88
CA GLY W 416 16.99 15.04 134.69
C GLY W 416 17.57 13.91 133.86
N GLU W 417 16.81 13.37 132.90
CA GLU W 417 17.47 12.44 132.00
C GLU W 417 18.29 13.22 130.98
N PHE W 418 17.96 14.50 130.79
CA PHE W 418 18.84 15.38 130.05
C PHE W 418 20.20 15.47 130.75
N SER W 419 20.17 15.56 132.08
CA SER W 419 21.40 15.59 132.85
C SER W 419 22.14 14.28 132.72
N GLU W 420 21.43 13.15 132.72
CA GLU W 420 22.07 11.85 132.61
C GLU W 420 22.83 11.70 131.29
N ALA W 421 22.34 12.34 130.25
CA ALA W 421 23.08 12.34 128.98
C ALA W 421 24.34 13.19 129.06
N ARG W 422 24.38 14.14 129.99
CA ARG W 422 25.54 15.04 130.07
C ARG W 422 26.77 14.30 130.58
N GLU W 423 26.65 13.55 131.69
CA GLU W 423 27.83 12.78 132.08
C GLU W 423 28.03 11.56 131.20
N ASP W 424 27.04 11.20 130.39
CA ASP W 424 27.27 10.12 129.43
C ASP W 424 28.18 10.60 128.30
N LEU W 425 27.90 11.77 127.74
CA LEU W 425 28.78 12.29 126.70
C LEU W 425 30.07 12.85 127.27
N ALA W 426 30.04 13.34 128.51
CA ALA W 426 31.29 13.79 129.13
C ALA W 426 32.20 12.61 129.38
N ALA W 427 31.62 11.45 129.69
CA ALA W 427 32.44 10.25 129.82
C ALA W 427 33.01 9.83 128.48
N LEU W 428 32.27 10.07 127.40
CA LEU W 428 32.77 9.71 126.07
C LEU W 428 33.96 10.57 125.68
N GLU W 429 33.93 11.86 125.99
CA GLU W 429 35.10 12.70 125.73
C GLU W 429 36.21 12.38 126.72
N LYS W 430 35.84 11.93 127.93
CA LYS W 430 36.86 11.57 128.91
C LYS W 430 37.57 10.29 128.52
N ASP W 431 36.89 9.40 127.79
CA ASP W 431 37.55 8.17 127.38
C ASP W 431 38.57 8.41 126.29
N TYR W 432 38.24 9.22 125.28
CA TYR W 432 39.19 9.49 124.19
C TYR W 432 40.45 10.17 124.69
N GLU W 433 40.32 11.11 125.63
CA GLU W 433 41.54 11.68 126.20
C GLU W 433 42.24 10.68 127.12
N GLU W 434 41.52 9.70 127.65
CA GLU W 434 42.18 8.65 128.42
C GLU W 434 42.86 7.64 127.50
N VAL W 435 42.25 7.35 126.35
CA VAL W 435 42.80 6.35 125.45
C VAL W 435 44.03 6.89 124.73
N GLY W 436 43.99 8.14 124.30
CA GLY W 436 45.01 8.67 123.42
C GLY W 436 46.35 8.96 124.07
N ILE W 437 46.47 8.81 125.38
CA ILE W 437 47.73 9.10 126.05
C ILE W 437 48.77 8.04 125.73
N MET X 1 -5.89 12.31 107.19
CA MET X 1 -4.45 12.47 107.33
C MET X 1 -4.14 13.67 108.23
N ARG X 2 -3.65 14.75 107.64
CA ARG X 2 -3.48 16.02 108.34
C ARG X 2 -4.46 17.03 107.77
N GLU X 3 -5.03 17.87 108.63
CA GLU X 3 -6.00 18.87 108.22
C GLU X 3 -5.80 20.13 109.04
N ILE X 4 -6.31 21.24 108.50
CA ILE X 4 -6.37 22.51 109.21
C ILE X 4 -7.76 23.11 108.99
N VAL X 5 -8.42 23.50 110.06
CA VAL X 5 -9.76 24.06 110.00
C VAL X 5 -9.68 25.55 110.25
N HIS X 6 -10.30 26.33 109.38
CA HIS X 6 -10.21 27.78 109.40
C HIS X 6 -11.40 28.39 110.11
N VAL X 7 -11.15 29.48 110.84
CA VAL X 7 -12.21 30.23 111.50
C VAL X 7 -11.95 31.71 111.24
N GLN X 8 -12.93 32.39 110.70
CA GLN X 8 -12.81 33.80 110.35
C GLN X 8 -13.71 34.61 111.28
N GLY X 9 -13.12 35.53 112.02
CA GLY X 9 -13.84 36.29 113.02
C GLY X 9 -13.61 37.78 112.86
N GLY X 10 -14.69 38.55 112.96
CA GLY X 10 -14.60 39.98 112.81
C GLY X 10 -14.60 40.41 111.35
N GLN X 11 -14.77 41.72 111.16
CA GLN X 11 -14.79 42.24 109.80
C GLN X 11 -13.42 42.14 109.14
N CYS X 12 -12.35 42.29 109.92
CA CYS X 12 -11.01 42.08 109.39
C CYS X 12 -10.84 40.64 108.94
N GLY X 13 -11.09 39.70 109.83
CA GLY X 13 -10.77 38.31 109.54
C GLY X 13 -11.65 37.72 108.46
N ASN X 14 -12.88 38.25 108.33
CA ASN X 14 -13.74 37.78 107.27
C ASN X 14 -13.21 38.19 105.91
N GLN X 15 -12.68 39.40 105.79
CA GLN X 15 -12.22 39.83 104.48
C GLN X 15 -10.71 39.84 104.34
N ILE X 16 -9.96 39.52 105.38
CA ILE X 16 -8.55 39.20 105.20
C ILE X 16 -8.39 37.71 104.94
N GLY X 17 -9.40 36.91 105.23
CA GLY X 17 -9.37 35.50 104.93
C GLY X 17 -10.12 35.23 103.65
N ALA X 18 -10.90 36.21 103.21
CA ALA X 18 -11.57 36.10 101.91
C ALA X 18 -10.54 36.02 100.80
N LYS X 19 -9.50 36.84 100.88
CA LYS X 19 -8.44 36.78 99.88
C LYS X 19 -7.49 35.63 100.13
N PHE X 20 -7.49 35.07 101.32
CA PHE X 20 -6.70 33.86 101.56
C PHE X 20 -7.25 32.69 100.77
N TRP X 21 -8.56 32.58 100.68
CA TRP X 21 -9.12 31.51 99.87
C TRP X 21 -9.02 31.84 98.39
N GLU X 22 -8.84 33.10 98.04
CA GLU X 22 -8.48 33.46 96.67
C GLU X 22 -7.10 32.92 96.33
N VAL X 23 -6.11 33.18 97.19
CA VAL X 23 -4.74 32.84 96.84
C VAL X 23 -4.48 31.35 97.06
N ILE X 24 -5.27 30.69 97.91
CA ILE X 24 -5.11 29.25 98.03
C ILE X 24 -5.70 28.54 96.83
N SER X 25 -6.90 28.94 96.41
CA SER X 25 -7.63 28.19 95.40
C SER X 25 -6.91 28.21 94.06
N ASP X 26 -6.39 29.36 93.66
CA ASP X 26 -5.68 29.40 92.40
C ASP X 26 -4.27 28.85 92.53
N GLU X 27 -3.78 28.68 93.75
CA GLU X 27 -2.54 27.94 93.94
C GLU X 27 -2.76 26.45 93.76
N HIS X 28 -3.95 25.97 94.11
CA HIS X 28 -4.28 24.56 93.95
C HIS X 28 -5.11 24.30 92.71
N GLY X 29 -5.33 25.30 91.87
CA GLY X 29 -6.10 25.11 90.66
C GLY X 29 -7.58 24.79 90.85
N ILE X 30 -8.25 25.51 91.74
CA ILE X 30 -9.67 25.30 92.00
C ILE X 30 -10.43 26.48 91.43
N ASP X 31 -11.30 26.20 90.46
CA ASP X 31 -12.18 27.20 89.90
C ASP X 31 -13.20 27.64 90.96
N PRO X 32 -13.78 28.84 90.83
CA PRO X 32 -14.75 29.27 91.84
C PRO X 32 -15.99 28.42 91.91
N THR X 33 -16.30 27.66 90.86
CA THR X 33 -17.39 26.71 90.92
C THR X 33 -17.12 25.62 91.96
N GLY X 34 -15.86 25.21 92.08
CA GLY X 34 -15.50 24.10 92.93
C GLY X 34 -14.95 22.91 92.18
N THR X 35 -14.88 22.96 90.86
CA THR X 35 -14.32 21.89 90.07
C THR X 35 -12.81 22.04 90.05
N TYR X 36 -12.14 21.30 89.18
CA TYR X 36 -10.69 21.28 89.17
C TYR X 36 -10.16 21.39 87.75
N CYS X 37 -9.13 22.20 87.58
CA CYS X 37 -8.36 22.27 86.35
C CYS X 37 -6.91 22.52 86.72
N GLY X 38 -6.00 22.11 85.85
CA GLY X 38 -4.60 22.38 86.10
C GLY X 38 -3.63 21.31 85.67
N ASP X 39 -4.16 20.09 85.49
CA ASP X 39 -3.45 18.92 84.92
C ASP X 39 -2.08 18.67 85.53
N SER X 40 -1.86 19.11 86.76
CA SER X 40 -0.66 18.80 87.53
C SER X 40 -1.13 18.14 88.81
N ASP X 41 -0.95 16.83 88.89
CA ASP X 41 -1.47 16.07 90.02
C ASP X 41 -0.77 16.40 91.34
N LEU X 42 0.33 17.14 91.29
CA LEU X 42 1.00 17.53 92.51
C LEU X 42 0.17 18.52 93.31
N GLN X 43 -0.68 19.30 92.63
CA GLN X 43 -1.61 20.14 93.35
C GLN X 43 -2.65 19.31 94.08
N LEU X 44 -3.27 18.38 93.37
CA LEU X 44 -4.46 17.71 93.88
C LEU X 44 -4.15 16.57 94.83
N GLU X 45 -2.90 16.11 94.87
CA GLU X 45 -2.56 15.00 95.74
C GLU X 45 -2.61 15.37 97.21
N ARG X 46 -2.41 16.63 97.54
CA ARG X 46 -2.56 17.06 98.93
C ARG X 46 -3.43 18.32 98.92
N ILE X 47 -4.74 18.10 98.90
CA ILE X 47 -5.71 19.18 98.97
C ILE X 47 -6.61 19.03 100.18
N ASN X 48 -6.66 17.86 100.79
CA ASN X 48 -7.54 17.66 101.93
C ASN X 48 -7.06 18.38 103.18
N VAL X 49 -5.87 18.98 103.15
CA VAL X 49 -5.39 19.75 104.29
C VAL X 49 -6.26 20.99 104.51
N PHE X 50 -6.76 21.60 103.44
CA PHE X 50 -7.69 22.70 103.57
C PHE X 50 -9.07 22.42 103.03
N TYR X 51 -9.23 21.45 102.14
CA TYR X 51 -10.45 21.30 101.38
C TYR X 51 -11.12 19.97 101.71
N ASN X 52 -12.41 19.88 101.41
CA ASN X 52 -13.18 18.67 101.61
C ASN X 52 -13.92 18.33 100.32
N GLU X 53 -13.97 17.05 99.99
CA GLU X 53 -14.78 16.60 98.87
C GLU X 53 -16.24 16.53 99.29
N ALA X 54 -17.13 16.95 98.41
CA ALA X 54 -18.54 17.10 98.74
C ALA X 54 -19.41 16.06 98.04
N THR X 55 -18.83 14.92 97.68
CA THR X 55 -19.52 13.78 97.05
C THR X 55 -20.21 14.19 95.76
N GLY X 56 -19.60 15.09 95.01
CA GLY X 56 -20.00 15.33 93.64
C GLY X 56 -18.80 15.67 92.79
N GLY X 57 -17.61 15.55 93.39
CA GLY X 57 -16.40 16.01 92.77
C GLY X 57 -16.07 17.47 93.02
N ARG X 58 -16.83 18.14 93.88
CA ARG X 58 -16.66 19.57 94.13
C ARG X 58 -15.96 19.76 95.48
N PHE X 59 -14.92 20.56 95.48
CA PHE X 59 -14.20 20.84 96.71
C PHE X 59 -14.81 22.04 97.42
N VAL X 60 -14.79 21.99 98.74
CA VAL X 60 -15.32 23.06 99.58
C VAL X 60 -14.28 23.42 100.63
N PRO X 61 -14.24 24.66 101.11
CA PRO X 61 -13.30 25.00 102.17
C PRO X 61 -13.72 24.40 103.50
N ARG X 62 -12.74 24.24 104.37
CA ARG X 62 -13.01 23.93 105.77
C ARG X 62 -12.95 25.21 106.60
N ALA X 63 -13.77 26.17 106.24
CA ALA X 63 -13.75 27.48 106.86
C ALA X 63 -15.08 27.80 107.51
N ILE X 64 -15.02 28.35 108.70
CA ILE X 64 -16.21 28.73 109.45
C ILE X 64 -16.17 30.24 109.64
N LEU X 65 -17.18 30.94 109.14
CA LEU X 65 -17.17 32.39 109.07
C LEU X 65 -18.05 32.92 110.19
N MET X 66 -17.46 33.68 111.12
CA MET X 66 -18.12 34.02 112.36
C MET X 66 -18.11 35.52 112.55
N ASP X 67 -19.29 36.10 112.74
CA ASP X 67 -19.45 37.54 112.92
C ASP X 67 -20.86 37.81 113.43
N LEU X 68 -21.12 39.08 113.70
CA LEU X 68 -22.41 39.51 114.23
C LEU X 68 -23.21 40.42 113.31
N GLU X 69 -22.57 41.15 112.42
CA GLU X 69 -23.31 41.99 111.48
C GLU X 69 -23.43 41.23 110.17
N PRO X 70 -24.64 40.92 109.71
CA PRO X 70 -24.78 40.08 108.53
C PRO X 70 -24.40 40.76 107.23
N GLY X 71 -24.11 42.06 107.25
CA GLY X 71 -23.73 42.73 106.02
C GLY X 71 -22.40 42.26 105.45
N THR X 72 -21.43 42.03 106.32
CA THR X 72 -20.10 41.72 105.83
C THR X 72 -20.00 40.29 105.31
N MET X 73 -20.78 39.37 105.85
CA MET X 73 -20.87 38.06 105.21
C MET X 73 -21.60 38.13 103.89
N ASP X 74 -22.52 39.08 103.74
CA ASP X 74 -23.13 39.29 102.44
C ASP X 74 -22.11 39.84 101.46
N SER X 75 -21.10 40.55 101.96
CA SER X 75 -20.05 41.07 101.09
C SER X 75 -19.18 39.93 100.56
N VAL X 76 -18.78 39.01 101.44
CA VAL X 76 -17.92 37.92 101.00
C VAL X 76 -18.71 36.89 100.20
N ARG X 77 -20.02 36.78 100.45
CA ARG X 77 -20.82 35.85 99.66
C ARG X 77 -21.06 36.37 98.25
N ALA X 78 -21.33 37.67 98.11
CA ALA X 78 -21.67 38.20 96.80
C ALA X 78 -20.47 38.28 95.88
N GLY X 79 -19.26 38.31 96.41
CA GLY X 79 -18.09 38.47 95.60
C GLY X 79 -17.71 37.19 94.89
N PRO X 80 -16.56 37.20 94.22
CA PRO X 80 -16.05 35.97 93.62
C PRO X 80 -15.34 35.02 94.57
N PHE X 81 -15.41 33.74 94.21
CA PHE X 81 -14.99 32.63 95.06
C PHE X 81 -15.70 32.68 96.42
N GLY X 82 -16.94 33.15 96.41
CA GLY X 82 -17.65 33.34 97.65
C GLY X 82 -18.69 32.27 97.83
N GLN X 83 -19.20 31.76 96.71
CA GLN X 83 -20.14 30.66 96.77
C GLN X 83 -19.46 29.32 96.94
N LEU X 84 -18.14 29.32 97.05
CA LEU X 84 -17.39 28.07 97.22
C LEU X 84 -17.65 27.45 98.58
N PHE X 85 -17.83 28.27 99.61
CA PHE X 85 -18.20 27.74 100.91
C PHE X 85 -19.59 27.12 100.85
N ARG X 86 -19.78 26.04 101.58
CA ARG X 86 -21.14 25.51 101.64
C ARG X 86 -21.97 26.37 102.59
N PRO X 87 -23.25 26.61 102.26
CA PRO X 87 -23.98 27.70 102.92
C PRO X 87 -24.23 27.51 104.39
N ASP X 88 -24.19 26.28 104.90
CA ASP X 88 -24.47 26.09 106.31
C ASP X 88 -23.32 26.53 107.22
N ASN X 89 -22.16 26.87 106.65
CA ASN X 89 -21.00 27.19 107.46
C ASN X 89 -21.09 28.57 108.10
N PHE X 90 -21.86 29.47 107.51
CA PHE X 90 -21.98 30.82 108.07
C PHE X 90 -22.70 30.77 109.41
N VAL X 91 -22.29 31.65 110.32
CA VAL X 91 -23.05 31.91 111.54
C VAL X 91 -23.24 33.42 111.66
N PHE X 92 -24.49 33.83 111.86
CA PHE X 92 -24.86 35.23 111.84
C PHE X 92 -25.30 35.64 113.23
N GLY X 93 -24.83 36.79 113.68
CA GLY X 93 -25.48 37.48 114.77
C GLY X 93 -26.53 38.42 114.25
N GLN X 94 -27.12 39.18 115.15
CA GLN X 94 -27.96 40.29 114.71
C GLN X 94 -27.77 41.58 115.48
N THR X 95 -27.33 41.56 116.74
CA THR X 95 -27.26 42.79 117.50
C THR X 95 -26.06 43.62 117.09
N GLY X 96 -24.99 42.98 116.68
CA GLY X 96 -23.80 43.71 116.32
C GLY X 96 -22.97 44.02 117.54
N ALA X 97 -21.70 43.62 117.52
CA ALA X 97 -20.80 44.04 118.57
C ALA X 97 -20.58 45.53 118.44
N GLY X 98 -20.73 46.25 119.53
CA GLY X 98 -20.58 47.68 119.47
C GLY X 98 -19.15 48.12 119.65
N ASN X 99 -18.23 47.36 119.07
CA ASN X 99 -16.80 47.49 119.31
C ASN X 99 -16.51 47.42 120.81
N ASN X 100 -17.28 46.61 121.49
CA ASN X 100 -17.21 46.44 122.94
C ASN X 100 -16.75 45.02 123.19
N TRP X 101 -15.66 44.85 123.95
CA TRP X 101 -15.17 43.52 124.21
C TRP X 101 -16.08 42.76 125.15
N ALA X 102 -16.81 43.47 125.99
CA ALA X 102 -17.86 42.82 126.76
C ALA X 102 -18.96 42.33 125.83
N LYS X 103 -19.28 43.10 124.79
CA LYS X 103 -20.31 42.69 123.84
C LYS X 103 -19.88 41.45 123.08
N GLY X 104 -18.62 41.35 122.75
CA GLY X 104 -18.14 40.18 122.07
C GLY X 104 -18.02 38.99 123.01
N HIS X 105 -17.26 39.15 124.09
CA HIS X 105 -16.80 37.96 124.80
C HIS X 105 -17.91 37.44 125.71
N TYR X 106 -18.28 38.20 126.74
CA TYR X 106 -19.21 37.61 127.70
C TYR X 106 -20.65 37.57 127.21
N THR X 107 -21.27 38.72 126.99
CA THR X 107 -22.73 38.70 127.00
C THR X 107 -23.32 38.26 125.68
N GLU X 108 -23.15 39.05 124.63
CA GLU X 108 -23.85 38.75 123.39
C GLU X 108 -23.23 37.58 122.67
N GLY X 109 -21.92 37.36 122.81
CA GLY X 109 -21.30 36.22 122.16
C GLY X 109 -21.74 34.90 122.72
N ALA X 110 -22.25 34.87 123.95
CA ALA X 110 -22.69 33.63 124.56
C ALA X 110 -23.87 33.02 123.83
N GLU X 111 -24.78 33.85 123.32
CA GLU X 111 -25.93 33.29 122.61
C GLU X 111 -25.58 32.81 121.22
N LEU X 112 -24.41 33.19 120.69
CA LEU X 112 -24.02 32.75 119.37
C LEU X 112 -22.93 31.70 119.39
N ILE X 113 -22.24 31.52 120.51
CA ILE X 113 -21.03 30.70 120.46
C ILE X 113 -21.37 29.22 120.48
N ASP X 114 -22.54 28.84 120.99
CA ASP X 114 -22.93 27.45 120.89
C ASP X 114 -23.33 27.06 119.48
N SER X 115 -23.77 28.01 118.66
CA SER X 115 -24.16 27.72 117.29
C SER X 115 -23.00 27.78 116.31
N VAL X 116 -21.84 28.27 116.74
CA VAL X 116 -20.65 28.16 115.90
C VAL X 116 -19.77 27.02 116.37
N LEU X 117 -19.86 26.65 117.64
CA LEU X 117 -19.00 25.60 118.16
C LEU X 117 -19.46 24.22 117.72
N ASP X 118 -20.77 24.02 117.54
CA ASP X 118 -21.21 22.74 117.01
C ASP X 118 -20.83 22.58 115.55
N VAL X 119 -20.65 23.67 114.83
CA VAL X 119 -20.25 23.55 113.44
C VAL X 119 -18.76 23.25 113.34
N VAL X 120 -17.95 23.89 114.19
CA VAL X 120 -16.53 23.59 114.18
C VAL X 120 -16.28 22.24 114.84
N ARG X 121 -17.22 21.76 115.66
CA ARG X 121 -17.12 20.39 116.15
C ARG X 121 -17.50 19.40 115.07
N LYS X 122 -18.38 19.79 114.15
CA LYS X 122 -18.77 18.89 113.08
C LYS X 122 -17.66 18.73 112.06
N GLU X 123 -17.01 19.84 111.68
CA GLU X 123 -15.98 19.77 110.67
C GLU X 123 -14.71 19.11 111.18
N ALA X 124 -14.37 19.37 112.44
CA ALA X 124 -13.13 18.83 112.99
C ALA X 124 -13.24 17.34 113.27
N GLU X 125 -14.33 16.91 113.90
CA GLU X 125 -14.46 15.51 114.27
C GLU X 125 -14.72 14.59 113.07
N GLY X 126 -14.98 15.15 111.90
CA GLY X 126 -15.27 14.31 110.78
C GLY X 126 -14.07 13.60 110.19
N CYS X 127 -12.87 13.94 110.65
CA CYS X 127 -11.64 13.40 110.09
C CYS X 127 -10.99 12.45 111.09
N ASP X 128 -9.89 11.85 110.65
CA ASP X 128 -9.14 10.95 111.51
C ASP X 128 -8.44 11.70 112.65
N CYS X 129 -7.75 12.78 112.31
CA CYS X 129 -6.89 13.54 113.20
C CYS X 129 -6.45 14.78 112.45
N LEU X 130 -6.22 15.87 113.17
CA LEU X 130 -5.96 17.15 112.55
C LEU X 130 -4.77 17.83 113.19
N GLN X 131 -4.04 18.61 112.38
CA GLN X 131 -2.92 19.39 112.88
C GLN X 131 -3.40 20.42 113.89
N GLY X 132 -4.38 21.22 113.50
CA GLY X 132 -4.85 22.30 114.37
C GLY X 132 -5.74 23.25 113.59
N PHE X 133 -6.01 24.39 114.21
CA PHE X 133 -6.87 25.40 113.64
C PHE X 133 -6.06 26.66 113.35
N GLN X 134 -6.53 27.44 112.39
CA GLN X 134 -6.01 28.78 112.18
C GLN X 134 -7.16 29.78 112.25
N ILE X 135 -6.93 30.88 112.97
CA ILE X 135 -7.97 31.85 113.28
C ILE X 135 -7.45 33.22 112.92
N THR X 136 -8.11 33.86 111.95
CA THR X 136 -7.75 35.20 111.52
C THR X 136 -8.72 36.17 112.16
N HIS X 137 -8.21 37.15 112.87
CA HIS X 137 -9.08 38.07 113.54
C HIS X 137 -8.36 39.37 113.77
N SER X 138 -9.12 40.39 114.16
CA SER X 138 -8.59 41.67 114.55
C SER X 138 -8.55 41.77 116.07
N LEU X 139 -7.62 42.57 116.57
CA LEU X 139 -7.56 42.91 117.98
C LEU X 139 -7.89 44.37 118.21
N GLY X 140 -8.55 45.01 117.26
CA GLY X 140 -9.08 46.34 117.47
C GLY X 140 -10.58 46.41 117.65
N GLY X 141 -11.32 45.74 116.78
CA GLY X 141 -12.76 45.78 116.85
C GLY X 141 -13.29 44.85 117.92
N GLY X 142 -14.61 44.78 118.00
CA GLY X 142 -15.21 44.03 119.08
C GLY X 142 -15.44 42.58 118.71
N THR X 143 -16.08 42.35 117.58
CA THR X 143 -16.50 40.99 117.24
C THR X 143 -15.35 40.10 116.80
N GLY X 144 -14.25 40.69 116.33
CA GLY X 144 -13.07 39.89 116.06
C GLY X 144 -12.21 39.63 117.27
N SER X 145 -12.30 40.48 118.29
CA SER X 145 -11.52 40.31 119.49
C SER X 145 -12.34 39.83 120.67
N GLY X 146 -13.65 39.96 120.64
CA GLY X 146 -14.45 39.42 121.72
C GLY X 146 -14.84 37.99 121.47
N MET X 147 -15.54 37.73 120.37
CA MET X 147 -15.94 36.36 120.10
C MET X 147 -14.81 35.53 119.52
N GLY X 148 -13.93 36.15 118.74
CA GLY X 148 -12.82 35.42 118.17
C GLY X 148 -11.87 34.92 119.23
N THR X 149 -11.56 35.76 120.21
CA THR X 149 -10.61 35.35 121.24
C THR X 149 -11.29 34.44 122.26
N LEU X 150 -12.63 34.50 122.32
CA LEU X 150 -13.34 33.48 123.10
C LEU X 150 -13.35 32.16 122.37
N LEU X 151 -13.57 32.18 121.06
CA LEU X 151 -13.50 30.94 120.29
C LEU X 151 -12.10 30.35 120.33
N ILE X 152 -11.09 31.21 120.46
CA ILE X 152 -9.76 30.73 120.79
C ILE X 152 -9.79 30.04 122.15
N SER X 153 -10.48 30.65 123.10
CA SER X 153 -10.37 30.20 124.49
C SER X 153 -11.04 28.86 124.69
N LYS X 154 -12.31 28.72 124.24
CA LYS X 154 -13.03 27.56 124.74
C LYS X 154 -12.58 26.31 123.99
N VAL X 155 -12.27 26.46 122.70
CA VAL X 155 -11.73 25.36 121.88
C VAL X 155 -10.42 24.81 122.43
N ARG X 156 -9.66 25.65 123.13
CA ARG X 156 -8.42 25.18 123.74
C ARG X 156 -8.66 24.10 124.78
N GLU X 157 -9.70 24.23 125.62
CA GLU X 157 -9.99 23.10 126.47
C GLU X 157 -10.91 22.08 125.81
N GLU X 158 -11.30 22.29 124.55
CA GLU X 158 -12.06 21.25 123.87
C GLU X 158 -11.15 20.31 123.11
N TYR X 159 -10.18 20.84 122.38
CA TYR X 159 -9.13 20.04 121.75
C TYR X 159 -7.81 20.49 122.35
N PRO X 160 -7.33 19.83 123.37
CA PRO X 160 -6.27 20.42 124.21
C PRO X 160 -4.87 20.30 123.62
N ASP X 161 -4.59 19.22 122.90
CA ASP X 161 -3.23 18.92 122.50
C ASP X 161 -2.98 19.24 121.02
N ARG X 162 -3.71 20.20 120.48
CA ARG X 162 -3.51 20.62 119.11
C ARG X 162 -3.13 22.09 119.08
N ILE X 163 -2.68 22.53 117.93
CA ILE X 163 -2.08 23.85 117.78
C ILE X 163 -3.17 24.85 117.40
N MET X 164 -2.95 26.10 117.83
CA MET X 164 -3.85 27.21 117.57
C MET X 164 -3.00 28.35 117.04
N GLU X 165 -3.00 28.56 115.74
CA GLU X 165 -2.07 29.53 115.17
C GLU X 165 -2.86 30.66 114.54
N THR X 166 -2.67 31.87 115.06
CA THR X 166 -3.57 32.98 114.83
C THR X 166 -2.87 34.10 114.10
N PHE X 167 -3.66 34.91 113.41
CA PHE X 167 -3.24 35.92 112.45
C PHE X 167 -3.89 37.23 112.89
N SER X 168 -3.11 38.14 113.42
CA SER X 168 -3.63 39.21 114.26
C SER X 168 -3.15 40.56 113.76
N VAL X 169 -4.09 41.49 113.54
CA VAL X 169 -3.70 42.87 113.31
C VAL X 169 -3.62 43.54 114.66
N PHE X 170 -3.01 44.72 114.74
CA PHE X 170 -2.73 45.35 116.02
C PHE X 170 -2.88 46.86 115.91
N PRO X 171 -3.02 47.54 117.04
CA PRO X 171 -3.00 49.02 117.03
C PRO X 171 -1.68 49.58 116.51
N SER X 172 -1.79 50.45 115.53
CA SER X 172 -0.62 51.17 115.03
C SER X 172 -0.27 52.31 115.98
N PRO X 173 1.01 52.67 116.04
CA PRO X 173 1.40 53.83 116.88
C PRO X 173 0.78 55.15 116.49
N LYS X 174 0.65 55.46 115.21
CA LYS X 174 0.24 56.82 114.82
C LYS X 174 -1.26 56.93 114.65
N VAL X 175 -1.79 56.24 113.69
CA VAL X 175 -3.23 56.30 113.42
C VAL X 175 -3.89 55.21 114.25
N SER X 176 -5.18 55.38 114.52
CA SER X 176 -5.88 54.41 115.36
C SER X 176 -7.36 54.46 115.06
N ASP X 177 -7.87 53.44 114.39
CA ASP X 177 -9.31 53.25 114.30
C ASP X 177 -9.81 52.67 115.62
N THR X 178 -11.12 52.80 115.86
CA THR X 178 -11.78 52.21 117.02
C THR X 178 -11.18 52.71 118.34
N VAL X 179 -11.50 53.94 118.71
CA VAL X 179 -10.85 54.72 119.78
C VAL X 179 -10.70 53.98 121.12
N VAL X 180 -11.47 52.93 121.36
CA VAL X 180 -11.13 52.00 122.46
C VAL X 180 -10.26 50.92 121.84
N GLU X 181 -9.02 51.30 121.56
CA GLU X 181 -8.02 50.33 121.13
C GLU X 181 -7.33 49.65 122.31
N PRO X 182 -6.78 50.37 123.30
CA PRO X 182 -6.04 49.65 124.34
C PRO X 182 -6.93 48.89 125.28
N TYR X 183 -8.17 49.33 125.43
CA TYR X 183 -9.13 48.55 126.20
C TYR X 183 -9.42 47.24 125.52
N ASN X 184 -9.48 47.26 124.21
CA ASN X 184 -9.89 46.08 123.48
C ASN X 184 -8.69 45.17 123.22
N ALA X 185 -7.51 45.76 123.05
CA ALA X 185 -6.33 44.95 122.77
C ALA X 185 -5.85 44.20 124.00
N THR X 186 -5.74 44.90 125.14
CA THR X 186 -5.14 44.29 126.32
C THR X 186 -6.02 43.19 126.89
N LEU X 187 -7.33 43.35 126.82
CA LEU X 187 -8.21 42.26 127.18
C LEU X 187 -8.14 41.10 126.21
N SER X 188 -7.58 41.30 125.02
CA SER X 188 -7.44 40.20 124.09
C SER X 188 -6.11 39.51 124.24
N VAL X 189 -5.03 40.27 124.40
CA VAL X 189 -3.71 39.67 124.52
C VAL X 189 -3.57 38.94 125.85
N HIS X 190 -4.24 39.44 126.89
CA HIS X 190 -4.07 38.83 128.22
C HIS X 190 -4.63 37.43 128.30
N GLN X 191 -5.44 37.01 127.34
CA GLN X 191 -5.79 35.60 127.24
C GLN X 191 -5.71 35.05 125.82
N LEU X 192 -4.86 35.63 124.97
CA LEU X 192 -4.22 34.84 123.92
C LEU X 192 -2.98 34.13 124.44
N VAL X 193 -2.29 34.72 125.42
CA VAL X 193 -1.03 34.14 125.87
C VAL X 193 -1.22 32.87 126.68
N GLU X 194 -2.45 32.56 127.09
CA GLU X 194 -2.70 31.25 127.66
C GLU X 194 -3.36 30.28 126.70
N ASN X 195 -3.87 30.75 125.57
CA ASN X 195 -4.79 29.92 124.81
C ASN X 195 -4.48 29.81 123.31
N ALA X 196 -3.38 30.37 122.84
CA ALA X 196 -3.00 30.23 121.44
C ALA X 196 -1.55 29.79 121.35
N ASP X 197 -1.24 29.01 120.32
CA ASP X 197 0.10 28.43 120.26
C ASP X 197 1.08 29.42 119.65
N GLU X 198 0.69 30.12 118.60
CA GLU X 198 1.52 31.17 118.04
C GLU X 198 0.63 32.24 117.44
N VAL X 199 0.97 33.50 117.70
CA VAL X 199 0.15 34.63 117.31
C VAL X 199 1.02 35.53 116.46
N GLN X 200 0.78 35.51 115.16
CA GLN X 200 1.60 36.26 114.22
C GLN X 200 1.06 37.66 114.09
N VAL X 201 1.84 38.63 114.50
CA VAL X 201 1.36 39.99 114.60
C VAL X 201 1.47 40.67 113.24
N ILE X 202 0.48 41.47 112.91
CA ILE X 202 0.48 42.31 111.72
C ILE X 202 0.14 43.71 112.20
N ASP X 203 0.77 44.71 111.62
CA ASP X 203 0.38 46.10 111.86
C ASP X 203 -0.17 46.68 110.58
N ASN X 204 -1.22 47.49 110.70
CA ASN X 204 -1.79 48.10 109.51
C ASN X 204 -0.84 49.11 108.90
N GLU X 205 -0.18 49.95 109.70
CA GLU X 205 0.58 51.03 109.08
C GLU X 205 1.84 50.52 108.39
N ALA X 206 2.36 49.36 108.81
CA ALA X 206 3.50 48.80 108.13
C ALA X 206 3.06 48.23 106.79
N LEU X 207 1.82 47.78 106.70
CA LEU X 207 1.26 47.41 105.41
C LEU X 207 1.17 48.62 104.51
N TYR X 208 0.74 49.76 105.07
CA TYR X 208 0.64 50.98 104.28
C TYR X 208 2.01 51.46 103.83
N ASP X 209 3.02 51.35 104.70
CA ASP X 209 4.32 51.92 104.39
C ASP X 209 5.07 51.13 103.34
N ILE X 210 5.07 49.79 103.45
CA ILE X 210 5.77 49.01 102.43
C ILE X 210 4.98 49.01 101.14
N CYS X 211 3.70 49.35 101.19
CA CYS X 211 2.99 49.68 99.96
C CYS X 211 3.49 50.99 99.39
N PHE X 212 3.90 51.93 100.24
CA PHE X 212 4.38 53.21 99.74
C PHE X 212 5.83 53.12 99.27
N ARG X 213 6.70 52.55 100.10
CA ARG X 213 8.13 52.71 99.87
C ARG X 213 8.80 51.45 99.33
N THR X 214 8.48 50.28 99.85
CA THR X 214 9.09 49.07 99.32
C THR X 214 8.55 48.75 97.93
N LEU X 215 7.24 48.81 97.76
CA LEU X 215 6.64 48.42 96.50
C LEU X 215 6.50 49.56 95.51
N LYS X 216 6.70 50.81 95.94
CA LYS X 216 6.41 51.99 95.10
C LYS X 216 4.99 51.96 94.54
N LEU X 217 4.04 51.53 95.35
CA LEU X 217 2.65 51.45 94.93
C LEU X 217 1.94 52.70 95.39
N THR X 218 1.31 53.41 94.46
CA THR X 218 0.87 54.78 94.74
C THR X 218 -0.45 54.80 95.50
N THR X 219 -1.52 54.32 94.89
CA THR X 219 -2.85 54.37 95.50
C THR X 219 -3.75 53.32 94.83
N PRO X 220 -3.64 52.05 95.24
CA PRO X 220 -4.70 51.08 94.90
C PRO X 220 -5.83 51.07 95.91
N THR X 221 -6.73 50.09 95.79
CA THR X 221 -7.80 49.87 96.75
C THR X 221 -7.27 49.33 98.08
N TYR X 222 -8.19 48.98 98.98
CA TYR X 222 -7.77 48.45 100.26
C TYR X 222 -7.30 47.01 100.16
N GLY X 223 -7.98 46.19 99.37
CA GLY X 223 -7.77 44.76 99.35
C GLY X 223 -6.42 44.33 98.87
N ASP X 224 -5.63 45.24 98.29
CA ASP X 224 -4.28 44.86 97.89
C ASP X 224 -3.37 44.76 99.10
N LEU X 225 -3.77 45.33 100.23
CA LEU X 225 -3.12 44.95 101.48
C LEU X 225 -3.52 43.56 101.92
N ASN X 226 -4.79 43.21 101.73
CA ASN X 226 -5.26 41.87 102.07
C ASN X 226 -4.61 40.83 101.18
N HIS X 227 -4.33 41.20 99.93
CA HIS X 227 -3.52 40.35 99.07
C HIS X 227 -2.12 40.21 99.62
N LEU X 228 -1.60 41.27 100.24
CA LEU X 228 -0.23 41.25 100.73
C LEU X 228 -0.11 40.38 101.98
N VAL X 229 -1.06 40.49 102.90
CA VAL X 229 -0.99 39.67 104.10
C VAL X 229 -1.17 38.21 103.76
N SER X 230 -2.13 37.91 102.89
CA SER X 230 -2.46 36.53 102.59
C SER X 230 -1.36 35.83 101.81
N ALA X 231 -0.47 36.58 101.16
CA ALA X 231 0.60 35.96 100.41
C ALA X 231 1.59 35.29 101.34
N ALA X 232 2.07 36.02 102.34
CA ALA X 232 2.98 35.40 103.31
C ALA X 232 2.24 34.43 104.20
N MET X 233 0.96 34.68 104.39
CA MET X 233 0.16 33.91 105.33
C MET X 233 -0.12 32.53 104.78
N SER X 234 -0.16 32.42 103.45
CA SER X 234 -0.16 31.11 102.80
C SER X 234 1.22 30.52 102.75
N GLY X 235 2.26 31.36 102.79
CA GLY X 235 3.62 30.85 102.74
C GLY X 235 4.03 30.11 103.99
N VAL X 236 3.34 30.34 105.10
CA VAL X 236 3.63 29.59 106.32
C VAL X 236 3.23 28.15 106.14
N THR X 237 2.16 27.89 105.39
CA THR X 237 1.61 26.55 105.25
C THR X 237 1.74 25.99 103.85
N CYS X 238 2.74 26.41 103.07
CA CYS X 238 2.89 25.84 101.73
C CYS X 238 3.36 24.40 101.83
N CYS X 239 4.19 24.12 102.82
CA CYS X 239 4.83 22.82 102.89
C CYS X 239 3.86 21.73 103.30
N LEU X 240 2.80 22.08 104.04
CA LEU X 240 1.77 21.11 104.35
C LEU X 240 0.98 20.72 103.13
N ARG X 241 1.04 21.52 102.06
CA ARG X 241 0.23 21.32 100.89
C ARG X 241 1.00 20.73 99.72
N PHE X 242 2.31 20.96 99.66
CA PHE X 242 3.15 20.60 98.53
C PHE X 242 4.38 19.90 99.06
N PRO X 243 5.04 19.08 98.25
CA PRO X 243 6.28 18.43 98.70
C PRO X 243 7.43 19.41 98.89
N GLY X 244 8.58 18.90 99.29
CA GLY X 244 9.73 19.75 99.43
C GLY X 244 10.95 18.96 99.83
N GLN X 245 12.11 19.59 99.66
CA GLN X 245 13.36 18.95 100.02
C GLN X 245 13.59 18.93 101.51
N LEU X 246 13.07 19.92 102.24
CA LEU X 246 13.17 19.93 103.70
C LEU X 246 11.78 20.28 104.21
N ASN X 247 11.03 19.27 104.60
CA ASN X 247 9.61 19.45 104.88
C ASN X 247 9.37 19.91 106.31
N SER X 248 8.38 20.77 106.47
CA SER X 248 8.05 21.36 107.77
C SER X 248 6.55 21.55 107.89
N ASP X 249 6.01 21.25 109.07
CA ASP X 249 4.62 21.56 109.38
C ASP X 249 4.57 22.69 110.39
N LEU X 250 3.40 22.93 110.95
CA LEU X 250 3.26 24.04 111.88
C LEU X 250 3.86 23.72 113.23
N ARG X 251 3.85 22.46 113.65
CA ARG X 251 4.53 22.11 114.89
C ARG X 251 6.04 22.05 114.70
N LYS X 252 6.49 21.85 113.45
CA LYS X 252 7.91 22.04 113.14
C LYS X 252 8.32 23.46 113.49
N LEU X 253 7.51 24.42 113.07
CA LEU X 253 7.74 25.82 113.40
C LEU X 253 7.59 26.05 114.89
N ALA X 254 6.58 25.45 115.49
CA ALA X 254 6.27 25.72 116.90
C ALA X 254 7.36 25.19 117.82
N VAL X 255 7.98 24.07 117.47
CA VAL X 255 9.09 23.57 118.28
C VAL X 255 10.31 24.46 118.11
N ASN X 256 10.61 24.86 116.89
CA ASN X 256 11.83 25.62 116.64
C ASN X 256 11.71 27.07 117.10
N LEU X 257 10.53 27.66 117.03
CA LEU X 257 10.45 29.10 117.18
C LEU X 257 10.23 29.56 118.60
N ILE X 258 9.65 28.73 119.46
CA ILE X 258 9.16 29.19 120.76
C ILE X 258 10.11 28.67 121.83
N PRO X 259 10.94 29.51 122.42
CA PRO X 259 11.84 29.03 123.47
C PRO X 259 11.12 28.76 124.77
N PHE X 260 10.23 29.65 125.16
CA PHE X 260 9.49 29.54 126.40
C PHE X 260 8.03 29.79 126.14
N PRO X 261 7.13 29.10 126.85
CA PRO X 261 5.73 29.04 126.40
C PRO X 261 5.00 30.35 126.40
N ARG X 262 5.47 31.33 127.16
CA ARG X 262 4.76 32.60 127.23
C ARG X 262 4.94 33.42 125.96
N LEU X 263 6.15 33.48 125.43
CA LEU X 263 6.45 34.39 124.33
C LEU X 263 6.35 33.63 123.02
N HIS X 264 5.29 33.90 122.27
CA HIS X 264 5.11 33.25 120.98
C HIS X 264 4.59 34.23 119.95
N PHE X 265 4.96 35.50 120.07
CA PHE X 265 4.51 36.55 119.18
C PHE X 265 5.60 36.82 118.15
N PHE X 266 5.27 36.63 116.88
CA PHE X 266 6.26 36.61 115.82
C PHE X 266 5.99 37.71 114.81
N LEU X 267 7.05 38.26 114.25
CA LEU X 267 6.95 39.19 113.14
C LEU X 267 7.02 38.43 111.82
N ILE X 268 6.33 38.93 110.81
CA ILE X 268 6.20 38.22 109.55
C ILE X 268 6.79 39.07 108.45
N GLY X 269 7.52 38.44 107.54
CA GLY X 269 8.07 39.14 106.39
C GLY X 269 7.87 38.32 105.14
N PHE X 270 7.94 39.01 104.01
CA PHE X 270 7.79 38.38 102.71
C PHE X 270 8.79 38.97 101.74
N ALA X 271 9.30 38.12 100.85
CA ALA X 271 10.19 38.55 99.78
C ALA X 271 10.00 37.59 98.63
N PRO X 272 10.12 38.05 97.38
CA PRO X 272 10.43 39.38 96.89
C PRO X 272 9.24 40.33 96.88
N LEU X 273 9.53 41.64 96.87
CA LEU X 273 8.51 42.67 96.80
C LEU X 273 9.12 43.80 95.98
N THR X 274 8.84 43.85 94.69
CA THR X 274 9.39 44.86 93.82
C THR X 274 8.32 45.42 92.90
N SER X 275 8.52 46.66 92.49
CA SER X 275 7.54 47.38 91.70
C SER X 275 7.43 46.78 90.30
N ARG X 276 6.37 47.18 89.61
CA ARG X 276 6.18 46.80 88.21
C ARG X 276 7.33 47.29 87.35
N GLY X 277 7.92 48.43 87.69
CA GLY X 277 9.04 48.93 86.93
C GLY X 277 10.31 48.12 87.11
N SER X 278 10.60 47.70 88.33
CA SER X 278 11.84 47.01 88.64
C SER X 278 11.73 45.50 88.55
N GLN X 279 10.72 44.97 87.87
CA GLN X 279 10.61 43.52 87.72
C GLN X 279 11.76 42.98 86.88
N GLN X 280 12.09 43.66 85.80
CA GLN X 280 13.14 43.19 84.91
C GLN X 280 14.52 43.42 85.47
N TYR X 281 14.73 44.53 86.16
CA TYR X 281 16.08 45.01 86.44
C TYR X 281 16.66 44.41 87.70
N ARG X 282 15.97 43.49 88.36
CA ARG X 282 16.43 42.98 89.64
C ARG X 282 16.99 41.59 89.48
N ALA X 283 17.86 41.21 90.40
CA ALA X 283 18.30 39.83 90.48
C ALA X 283 17.32 39.04 91.33
N LEU X 284 17.41 37.72 91.22
CA LEU X 284 16.60 36.84 92.06
C LEU X 284 17.44 35.61 92.33
N SER X 285 18.19 35.65 93.43
CA SER X 285 18.97 34.53 93.89
C SER X 285 18.92 34.54 95.41
N VAL X 286 19.28 33.42 96.01
CA VAL X 286 19.23 33.31 97.47
C VAL X 286 20.22 34.25 98.13
N PRO X 287 21.43 34.51 97.59
CA PRO X 287 22.25 35.58 98.14
C PRO X 287 21.60 36.94 98.20
N GLU X 288 20.81 37.33 97.20
CA GLU X 288 20.33 38.71 97.24
C GLU X 288 19.06 38.83 98.04
N LEU X 289 18.25 37.78 98.06
CA LEU X 289 17.00 37.80 98.78
C LEU X 289 17.17 37.65 100.28
N THR X 290 18.24 37.02 100.75
CA THR X 290 18.47 37.02 102.19
C THR X 290 18.89 38.39 102.72
N GLN X 291 19.21 39.34 101.84
CA GLN X 291 19.46 40.69 102.31
C GLN X 291 18.16 41.42 102.62
N GLN X 292 17.11 41.15 101.84
CA GLN X 292 15.85 41.88 102.02
C GLN X 292 15.20 41.56 103.36
N MET X 293 15.25 40.31 103.77
CA MET X 293 14.48 39.89 104.93
C MET X 293 15.10 40.31 106.25
N PHE X 294 16.12 41.15 106.26
CA PHE X 294 16.68 41.70 107.50
C PHE X 294 16.83 43.20 107.36
N ASP X 295 15.75 43.91 107.64
CA ASP X 295 15.72 45.35 107.79
C ASP X 295 14.43 45.72 108.46
N ALA X 296 14.30 46.99 108.82
CA ALA X 296 13.01 47.45 109.29
C ALA X 296 12.01 47.64 108.18
N LYS X 297 12.45 47.55 106.92
CA LYS X 297 11.72 48.12 105.81
C LYS X 297 10.88 47.07 105.09
N ASN X 298 10.91 45.83 105.57
CA ASN X 298 10.17 44.74 104.94
C ASN X 298 9.18 44.05 105.87
N MET X 299 9.36 44.18 107.18
CA MET X 299 8.48 43.51 108.12
C MET X 299 7.05 44.04 108.03
N MET X 300 6.11 43.17 108.33
CA MET X 300 4.70 43.53 108.35
C MET X 300 4.32 44.24 109.65
N CYS X 301 5.25 44.36 110.59
CA CYS X 301 4.98 44.87 111.92
C CYS X 301 5.80 46.12 112.17
N ALA X 302 5.16 47.15 112.72
CA ALA X 302 5.81 48.44 112.85
C ALA X 302 6.52 48.59 114.19
N SER X 303 7.33 47.60 114.52
CA SER X 303 8.23 47.66 115.68
C SER X 303 9.63 47.45 115.16
N ASP X 304 10.51 48.42 115.43
CA ASP X 304 11.82 48.47 114.80
C ASP X 304 12.71 47.30 115.18
N PRO X 305 13.06 46.41 114.24
CA PRO X 305 13.90 45.26 114.59
C PRO X 305 15.36 45.60 114.78
N ARG X 306 15.80 46.82 114.48
CA ARG X 306 17.17 47.15 114.81
C ARG X 306 17.35 47.38 116.30
N HIS X 307 16.29 47.79 116.99
CA HIS X 307 16.31 47.96 118.44
C HIS X 307 15.90 46.70 119.18
N GLY X 308 16.20 45.53 118.63
CA GLY X 308 15.88 44.30 119.32
C GLY X 308 16.49 43.08 118.66
N ARG X 309 17.08 42.20 119.46
CA ARG X 309 17.68 41.00 118.90
C ARG X 309 16.60 40.02 118.47
N TYR X 310 16.97 39.12 117.58
CA TYR X 310 16.08 38.06 117.15
C TYR X 310 16.32 36.87 118.06
N LEU X 311 15.34 36.53 118.87
CA LEU X 311 15.52 35.41 119.77
C LEU X 311 15.61 34.11 119.00
N THR X 312 14.66 33.87 118.10
CA THR X 312 14.77 32.84 117.07
C THR X 312 14.20 33.41 115.79
N ALA X 313 14.52 32.77 114.68
CA ALA X 313 13.97 33.18 113.40
C ALA X 313 13.85 31.98 112.49
N SER X 314 12.97 32.08 111.52
CA SER X 314 12.81 31.04 110.52
C SER X 314 12.53 31.67 109.18
N ALA X 315 12.94 30.97 108.12
CA ALA X 315 12.67 31.38 106.77
C ALA X 315 12.18 30.17 106.00
N MET X 316 11.08 30.31 105.28
CA MET X 316 10.54 29.21 104.49
C MET X 316 10.63 29.58 103.03
N PHE X 317 11.69 29.15 102.37
CA PHE X 317 11.86 29.43 100.95
C PHE X 317 10.92 28.56 100.15
N ARG X 318 10.56 29.05 98.96
CA ARG X 318 9.74 28.29 98.02
C ARG X 318 10.40 28.32 96.66
N GLY X 319 10.28 27.22 95.92
CA GLY X 319 10.88 27.14 94.60
C GLY X 319 12.00 26.13 94.52
N ARG X 320 12.90 26.30 93.57
CA ARG X 320 14.02 25.39 93.38
C ARG X 320 15.31 26.14 93.66
N MET X 321 16.02 25.70 94.70
CA MET X 321 17.32 26.29 95.02
C MET X 321 18.13 25.25 95.77
N SER X 322 19.45 25.44 95.75
CA SER X 322 20.34 24.48 96.37
C SER X 322 20.36 24.70 97.87
N THR X 323 20.36 23.61 98.61
CA THR X 323 20.29 23.72 100.06
C THR X 323 21.58 24.27 100.65
N LYS X 324 22.71 24.03 99.99
CA LYS X 324 23.97 24.63 100.43
C LYS X 324 23.92 26.15 100.36
N GLU X 325 23.45 26.69 99.24
CA GLU X 325 23.44 28.14 99.11
C GLU X 325 22.38 28.77 99.99
N VAL X 326 21.41 28.00 100.46
CA VAL X 326 20.53 28.49 101.49
C VAL X 326 21.29 28.58 102.81
N ASP X 327 21.89 27.46 103.22
CA ASP X 327 22.51 27.39 104.54
C ASP X 327 23.79 28.21 104.61
N GLU X 328 24.47 28.42 103.48
CA GLU X 328 25.62 29.31 103.46
C GLU X 328 25.19 30.73 103.77
N GLN X 329 24.13 31.20 103.11
CA GLN X 329 23.60 32.52 103.41
C GLN X 329 23.02 32.57 104.82
N MET X 330 22.52 31.43 105.32
CA MET X 330 21.94 31.40 106.66
C MET X 330 22.99 31.69 107.72
N LEU X 331 24.18 31.11 107.55
CA LEU X 331 25.25 31.32 108.53
C LEU X 331 25.97 32.63 108.28
N ASN X 332 25.99 33.10 107.03
CA ASN X 332 26.58 34.39 106.73
C ASN X 332 25.84 35.51 107.43
N VAL X 333 24.50 35.43 107.46
CA VAL X 333 23.75 36.53 108.02
C VAL X 333 23.89 36.55 109.54
N GLN X 334 24.26 35.42 110.13
CA GLN X 334 24.47 35.41 111.58
C GLN X 334 25.79 36.06 111.96
N ASN X 335 26.72 36.15 111.03
CA ASN X 335 28.05 36.64 111.36
C ASN X 335 28.19 38.13 111.03
N LYS X 336 27.75 38.54 109.85
CA LYS X 336 27.75 39.96 109.54
C LYS X 336 26.70 40.73 110.33
N ASN X 337 25.65 40.07 110.80
CA ASN X 337 24.78 40.64 111.82
C ASN X 337 25.06 39.88 113.11
N SER X 338 26.10 40.30 113.82
CA SER X 338 26.58 39.53 114.97
C SER X 338 25.71 39.78 116.19
N SER X 339 25.69 41.02 116.68
CA SER X 339 24.94 41.33 117.89
C SER X 339 23.44 41.35 117.66
N TYR X 340 22.99 41.41 116.41
CA TYR X 340 21.57 41.48 116.11
C TYR X 340 20.85 40.18 116.37
N PHE X 341 21.60 39.10 116.56
CA PHE X 341 21.04 37.80 116.91
C PHE X 341 21.51 37.43 118.31
N VAL X 342 20.67 36.70 119.02
CA VAL X 342 20.97 36.38 120.41
C VAL X 342 22.04 35.28 120.43
N GLU X 343 22.87 35.27 121.47
CA GLU X 343 24.08 34.46 121.48
C GLU X 343 23.90 33.10 122.14
N TRP X 344 23.08 32.99 123.19
CA TRP X 344 23.02 31.74 123.92
C TRP X 344 22.17 30.70 123.23
N ILE X 345 21.60 31.00 122.07
CA ILE X 345 20.99 29.99 121.23
C ILE X 345 21.87 29.83 119.99
N PRO X 346 22.65 28.78 119.87
CA PRO X 346 23.46 28.62 118.66
C PRO X 346 22.60 28.20 117.49
N ASN X 347 22.95 28.73 116.32
CA ASN X 347 22.16 28.63 115.10
C ASN X 347 20.72 29.05 115.34
N ASN X 348 20.57 30.35 115.60
CA ASN X 348 19.29 31.00 115.79
C ASN X 348 18.29 30.76 114.66
N MET X 349 18.74 30.38 113.48
CA MET X 349 17.89 30.43 112.30
C MET X 349 17.69 29.05 111.71
N LYS X 350 16.46 28.78 111.30
CA LYS X 350 16.08 27.53 110.68
C LYS X 350 15.48 27.82 109.31
N SER X 351 15.77 26.98 108.34
CA SER X 351 15.33 27.22 106.99
C SER X 351 14.61 25.99 106.47
N SER X 352 13.68 26.22 105.54
CA SER X 352 12.96 25.14 104.89
C SER X 352 12.77 25.48 103.43
N VAL X 353 12.80 24.45 102.59
CA VAL X 353 12.66 24.62 101.15
C VAL X 353 11.38 23.94 100.71
N CYS X 354 10.53 24.70 100.06
CA CYS X 354 9.21 24.26 99.63
C CYS X 354 9.27 24.15 98.12
N ASP X 355 8.87 23.00 97.57
CA ASP X 355 9.28 22.64 96.22
C ASP X 355 8.67 23.55 95.17
N ILE X 356 7.40 23.89 95.32
CA ILE X 356 6.68 24.66 94.31
C ILE X 356 6.60 26.11 94.75
N PRO X 357 7.02 27.06 93.92
CA PRO X 357 6.96 28.46 94.29
C PRO X 357 5.54 28.98 94.13
N PRO X 358 5.26 30.20 94.59
CA PRO X 358 3.97 30.82 94.26
C PRO X 358 3.89 31.13 92.78
N LYS X 359 2.65 31.30 92.31
CA LYS X 359 2.44 31.53 90.89
C LYS X 359 2.96 32.89 90.47
N GLY X 360 3.74 32.91 89.40
CA GLY X 360 4.30 34.12 88.85
C GLY X 360 5.72 34.44 89.27
N LEU X 361 6.22 33.78 90.31
CA LEU X 361 7.57 33.98 90.78
C LEU X 361 8.29 32.65 90.74
N LYS X 362 9.54 32.65 90.28
CA LYS X 362 10.26 31.40 90.25
C LYS X 362 10.72 30.98 91.63
N MET X 363 10.93 31.93 92.54
CA MET X 363 11.32 31.61 93.89
C MET X 363 10.90 32.72 94.84
N SER X 364 10.46 32.35 96.04
CA SER X 364 10.00 33.31 97.03
C SER X 364 10.34 32.79 98.42
N VAL X 365 9.86 33.49 99.44
CA VAL X 365 10.15 33.10 100.82
C VAL X 365 9.10 33.76 101.70
N THR X 366 9.00 33.29 102.94
CA THR X 366 8.40 34.05 104.02
C THR X 366 9.36 34.06 105.20
N PHE X 367 9.17 35.01 106.10
CA PHE X 367 10.05 35.20 107.23
C PHE X 367 9.22 35.25 108.49
N VAL X 368 9.43 34.30 109.40
CA VAL X 368 8.71 34.26 110.67
C VAL X 368 9.74 34.39 111.77
N GLY X 369 9.86 35.58 112.33
CA GLY X 369 10.90 35.82 113.31
C GLY X 369 10.38 36.13 114.69
N ASN X 370 10.91 35.42 115.68
CA ASN X 370 10.62 35.70 117.08
C ASN X 370 11.65 36.70 117.57
N SER X 371 11.38 37.98 117.35
CA SER X 371 12.28 39.04 117.74
C SER X 371 11.84 39.64 119.05
N THR X 372 12.79 40.09 119.83
CA THR X 372 12.48 40.74 121.09
C THR X 372 12.27 42.23 120.92
N ALA X 373 12.31 42.72 119.69
CA ALA X 373 12.00 44.10 119.40
C ALA X 373 10.51 44.40 119.46
N ILE X 374 9.68 43.40 119.77
CA ILE X 374 8.27 43.65 119.99
C ILE X 374 8.02 44.15 121.41
N GLN X 375 9.07 44.42 122.16
CA GLN X 375 8.94 45.11 123.43
C GLN X 375 8.34 46.50 123.25
N GLU X 376 8.81 47.24 122.25
CA GLU X 376 8.34 48.61 122.07
C GLU X 376 6.90 48.65 121.58
N MET X 377 6.49 47.65 120.79
CA MET X 377 5.10 47.62 120.34
C MET X 377 4.14 47.24 121.46
N PHE X 378 4.64 46.68 122.55
CA PHE X 378 3.78 46.31 123.66
C PHE X 378 3.80 47.35 124.77
N LYS X 379 4.94 48.01 124.99
CA LYS X 379 4.96 49.08 125.98
C LYS X 379 4.29 50.33 125.46
N ARG X 380 4.01 50.39 124.16
CA ARG X 380 3.07 51.37 123.64
C ARG X 380 1.69 51.17 124.24
N VAL X 381 1.10 50.00 124.00
CA VAL X 381 -0.27 49.74 124.41
C VAL X 381 -0.39 49.70 125.91
N SER X 382 0.66 49.26 126.61
CA SER X 382 0.66 49.29 128.06
C SER X 382 0.60 50.72 128.58
N ASP X 383 1.30 51.64 127.93
CA ASP X 383 1.22 53.04 128.31
C ASP X 383 -0.15 53.60 127.92
N GLN X 384 -0.64 53.27 126.73
CA GLN X 384 -1.94 53.76 126.28
C GLN X 384 -3.07 53.21 127.13
N PHE X 385 -2.93 51.99 127.61
CA PHE X 385 -3.95 51.41 128.48
C PHE X 385 -3.93 52.05 129.85
N THR X 386 -2.75 52.24 130.41
CA THR X 386 -2.69 52.80 131.75
C THR X 386 -2.96 54.29 131.78
N ALA X 387 -2.97 54.97 130.63
CA ALA X 387 -3.35 56.36 130.62
C ALA X 387 -4.84 56.52 130.87
N MET X 388 -5.66 55.76 130.15
CA MET X 388 -7.11 55.91 130.27
C MET X 388 -7.64 55.28 131.55
N PHE X 389 -7.01 54.20 132.01
CA PHE X 389 -7.52 53.49 133.18
C PHE X 389 -7.38 54.30 134.45
N ARG X 390 -6.31 55.09 134.57
CA ARG X 390 -6.16 55.92 135.76
C ARG X 390 -7.24 57.00 135.84
N ARG X 391 -7.70 57.48 134.70
CA ARG X 391 -8.80 58.43 134.69
C ARG X 391 -10.14 57.76 134.57
N LYS X 392 -10.19 56.42 134.60
CA LYS X 392 -11.39 55.59 134.73
C LYS X 392 -12.31 55.70 133.52
N ALA X 393 -11.94 56.48 132.50
CA ALA X 393 -12.83 56.84 131.42
C ALA X 393 -13.11 55.66 130.51
N PHE X 394 -14.18 55.80 129.73
CA PHE X 394 -14.63 54.85 128.71
C PHE X 394 -14.91 53.47 129.23
N LEU X 395 -14.95 53.28 130.55
CA LEU X 395 -14.91 51.94 131.10
C LEU X 395 -16.26 51.48 131.60
N HIS X 396 -17.24 52.38 131.72
CA HIS X 396 -18.53 52.01 132.25
C HIS X 396 -19.40 51.27 131.23
N TRP X 397 -19.03 51.28 129.96
CA TRP X 397 -19.72 50.40 129.02
C TRP X 397 -19.29 48.96 129.19
N TYR X 398 -18.05 48.73 129.63
CA TYR X 398 -17.62 47.40 130.02
C TYR X 398 -18.19 47.00 131.38
N THR X 399 -18.13 47.92 132.34
CA THR X 399 -18.59 47.62 133.69
C THR X 399 -20.09 47.33 133.72
N GLY X 400 -20.85 48.08 132.94
CA GLY X 400 -22.29 47.87 132.90
C GLY X 400 -22.69 46.59 132.22
N GLU X 401 -21.75 45.88 131.61
CA GLU X 401 -22.07 44.66 130.90
C GLU X 401 -21.30 43.45 131.42
N GLY X 402 -20.63 43.56 132.55
CA GLY X 402 -20.10 42.37 133.21
C GLY X 402 -18.64 42.38 133.57
N MET X 403 -17.88 43.43 133.26
CA MET X 403 -16.50 43.49 133.71
C MET X 403 -16.42 43.77 135.20
N ASP X 404 -15.24 43.49 135.75
CA ASP X 404 -14.84 44.01 137.05
C ASP X 404 -13.65 44.93 136.87
N GLU X 405 -13.41 45.73 137.90
CA GLU X 405 -12.14 46.45 137.98
C GLU X 405 -10.98 45.49 138.13
N MET X 406 -11.20 44.41 138.88
CA MET X 406 -10.14 43.43 139.13
C MET X 406 -9.75 42.69 137.86
N GLU X 407 -10.72 42.46 136.96
CA GLU X 407 -10.40 41.81 135.69
C GLU X 407 -9.49 42.68 134.84
N PHE X 408 -9.67 43.99 134.91
CA PHE X 408 -8.84 44.89 134.12
C PHE X 408 -7.44 44.98 134.70
N THR X 409 -7.32 45.01 136.02
CA THR X 409 -6.00 45.05 136.63
C THR X 409 -5.25 43.74 136.44
N GLU X 410 -5.98 42.63 136.26
CA GLU X 410 -5.32 41.37 135.98
C GLU X 410 -4.70 41.40 134.59
N ALA X 411 -5.40 41.96 133.61
CA ALA X 411 -4.88 42.05 132.25
C ALA X 411 -3.67 42.97 132.18
N GLU X 412 -3.74 44.11 132.87
CA GLU X 412 -2.62 45.06 132.86
C GLU X 412 -1.40 44.47 133.54
N SER X 413 -1.61 43.72 134.62
CA SER X 413 -0.50 43.05 135.27
C SER X 413 0.04 41.93 134.41
N ASN X 414 -0.78 41.39 133.52
CA ASN X 414 -0.31 40.33 132.63
C ASN X 414 0.63 40.88 131.57
N MET X 415 0.27 41.99 130.94
CA MET X 415 1.14 42.54 129.89
C MET X 415 2.42 43.13 130.47
N ASN X 416 2.35 43.69 131.67
CA ASN X 416 3.59 44.06 132.35
C ASN X 416 4.41 42.83 132.69
N ASP X 417 3.76 41.73 133.01
CA ASP X 417 4.49 40.49 133.20
C ASP X 417 5.09 40.00 131.90
N LEU X 418 4.38 40.20 130.78
CA LEU X 418 4.87 39.72 129.49
C LEU X 418 6.09 40.51 129.06
N VAL X 419 6.01 41.83 129.14
CA VAL X 419 7.11 42.66 128.64
C VAL X 419 8.31 42.50 129.55
N SER X 420 8.11 42.20 130.83
CA SER X 420 9.23 42.07 131.76
C SER X 420 10.07 40.85 131.45
N GLU X 421 9.51 39.86 130.75
CA GLU X 421 10.33 38.71 130.36
C GLU X 421 11.28 39.06 129.22
N TYR X 422 10.91 39.99 128.36
CA TYR X 422 11.75 40.30 127.19
C TYR X 422 13.09 40.93 127.57
N GLN X 423 13.07 42.14 128.15
CA GLN X 423 14.37 42.74 128.43
C GLN X 423 15.11 42.04 129.55
N GLN X 424 14.44 41.18 130.32
CA GLN X 424 15.16 40.32 131.25
C GLN X 424 15.87 39.20 130.51
N TYR X 425 15.47 38.93 129.27
CA TYR X 425 16.18 37.95 128.47
C TYR X 425 17.07 38.59 127.41
N GLN X 426 16.87 39.85 127.11
CA GLN X 426 17.66 40.56 126.12
C GLN X 426 18.92 41.15 126.75
N MET Y 1 -36.67 43.54 109.43
CA MET Y 1 -35.26 43.17 109.39
C MET Y 1 -34.44 44.19 110.16
N ARG Y 2 -33.27 44.55 109.62
CA ARG Y 2 -32.54 45.69 110.14
C ARG Y 2 -33.37 46.95 110.00
N GLU Y 3 -33.31 47.81 111.02
CA GLU Y 3 -34.25 48.91 111.08
C GLU Y 3 -33.77 49.95 112.09
N VAL Y 4 -34.34 51.14 111.98
CA VAL Y 4 -34.23 52.19 112.98
C VAL Y 4 -35.45 53.09 112.82
N ILE Y 5 -36.04 53.50 113.94
CA ILE Y 5 -37.32 54.21 113.95
C ILE Y 5 -37.06 55.70 114.03
N SER Y 6 -37.68 56.46 113.14
CA SER Y 6 -37.53 57.90 113.09
C SER Y 6 -38.73 58.57 113.75
N ILE Y 7 -38.48 59.44 114.72
CA ILE Y 7 -39.53 60.19 115.40
C ILE Y 7 -39.22 61.68 115.27
N HIS Y 8 -40.20 62.44 114.79
CA HIS Y 8 -40.05 63.87 114.60
C HIS Y 8 -41.10 64.59 115.44
N VAL Y 9 -40.64 65.52 116.27
CA VAL Y 9 -41.52 66.24 117.18
C VAL Y 9 -41.37 67.74 116.93
N GLY Y 10 -42.48 68.41 116.66
CA GLY Y 10 -42.46 69.82 116.41
C GLY Y 10 -42.16 70.16 114.97
N GLN Y 11 -42.50 71.39 114.57
CA GLN Y 11 -42.34 71.79 113.18
C GLN Y 11 -40.87 71.95 112.79
N ALA Y 12 -39.96 72.01 113.76
CA ALA Y 12 -38.54 71.90 113.43
C ALA Y 12 -38.24 70.51 112.90
N GLY Y 13 -38.56 69.49 113.69
CA GLY Y 13 -38.23 68.13 113.29
C GLY Y 13 -39.04 67.65 112.11
N ILE Y 14 -40.26 68.18 111.96
CA ILE Y 14 -41.08 67.78 110.83
C ILE Y 14 -40.50 68.34 109.54
N GLN Y 15 -40.10 69.61 109.53
CA GLN Y 15 -39.59 70.19 108.31
C GLN Y 15 -38.17 69.70 108.00
N ILE Y 16 -37.35 69.45 109.02
CA ILE Y 16 -36.08 68.78 108.79
C ILE Y 16 -36.33 67.39 108.24
N GLY Y 17 -37.27 66.67 108.85
CA GLY Y 17 -37.61 65.35 108.36
C GLY Y 17 -38.28 65.37 107.01
N ASN Y 18 -38.95 66.49 106.68
CA ASN Y 18 -39.50 66.62 105.33
C ASN Y 18 -38.38 66.71 104.31
N ALA Y 19 -37.26 67.34 104.68
CA ALA Y 19 -36.10 67.32 103.81
C ALA Y 19 -35.35 66.01 103.91
N CYS Y 20 -35.54 65.27 105.00
CA CYS Y 20 -34.83 64.00 105.17
C CYS Y 20 -35.28 62.96 104.16
N TRP Y 21 -36.58 62.72 104.08
CA TRP Y 21 -37.05 61.61 103.25
C TRP Y 21 -37.11 61.98 101.78
N GLU Y 22 -36.90 63.26 101.44
CA GLU Y 22 -36.70 63.61 100.05
C GLU Y 22 -35.41 63.01 99.51
N LEU Y 23 -34.34 63.06 100.29
CA LEU Y 23 -33.08 62.44 99.90
C LEU Y 23 -33.20 60.93 99.82
N PHE Y 24 -33.82 60.32 100.83
CA PHE Y 24 -33.82 58.88 100.96
C PHE Y 24 -34.62 58.24 99.84
N CYS Y 25 -35.67 58.93 99.38
CA CYS Y 25 -36.39 58.45 98.21
C CYS Y 25 -35.56 58.61 96.95
N LEU Y 26 -34.73 59.66 96.89
CA LEU Y 26 -33.87 59.84 95.72
C LEU Y 26 -32.69 58.87 95.76
N GLU Y 27 -32.18 58.57 96.95
CA GLU Y 27 -31.08 57.61 97.06
C GLU Y 27 -31.49 56.23 96.57
N HIS Y 28 -32.71 55.82 96.90
CA HIS Y 28 -33.21 54.51 96.49
C HIS Y 28 -33.95 54.55 95.17
N GLY Y 29 -34.13 55.72 94.58
CA GLY Y 29 -34.69 55.84 93.25
C GLY Y 29 -36.19 55.71 93.14
N ILE Y 30 -36.91 55.68 94.25
CA ILE Y 30 -38.36 55.52 94.21
C ILE Y 30 -39.03 56.85 93.87
N GLN Y 31 -40.01 56.79 92.97
CA GLN Y 31 -40.76 57.98 92.60
C GLN Y 31 -41.66 58.36 93.78
N PRO Y 32 -41.97 59.67 93.95
CA PRO Y 32 -42.74 60.10 95.13
C PRO Y 32 -44.14 59.55 95.33
N ASP Y 33 -44.63 58.62 94.49
CA ASP Y 33 -45.89 57.96 94.81
C ASP Y 33 -45.71 56.74 95.72
N GLY Y 34 -44.48 56.29 95.93
CA GLY Y 34 -44.21 55.08 96.67
C GLY Y 34 -43.87 53.88 95.84
N GLN Y 35 -43.75 54.03 94.52
CA GLN Y 35 -43.46 52.93 93.61
C GLN Y 35 -42.10 53.14 92.95
N MET Y 36 -41.37 52.04 92.75
CA MET Y 36 -40.06 52.07 92.11
C MET Y 36 -40.18 51.79 90.62
N PRO Y 37 -39.30 52.38 89.79
CA PRO Y 37 -39.35 52.11 88.35
C PRO Y 37 -38.61 50.83 87.97
N ASP Y 47 -33.99 45.08 99.76
CA ASP Y 47 -33.40 44.51 100.97
C ASP Y 47 -32.46 45.51 101.64
N ALA Y 48 -31.67 46.22 100.82
CA ALA Y 48 -30.76 47.22 101.36
C ALA Y 48 -31.50 48.45 101.87
N PHE Y 49 -32.68 48.73 101.32
CA PHE Y 49 -33.48 49.88 101.75
C PHE Y 49 -34.40 49.55 102.91
N ASN Y 50 -34.36 48.33 103.44
CA ASN Y 50 -35.29 47.92 104.48
C ASN Y 50 -35.03 48.61 105.81
N THR Y 51 -33.85 49.18 106.01
CA THR Y 51 -33.53 49.87 107.26
C THR Y 51 -34.18 51.24 107.36
N PHE Y 52 -34.77 51.74 106.27
CA PHE Y 52 -35.49 53.00 106.33
C PHE Y 52 -36.80 52.99 105.56
N PHE Y 53 -37.14 51.90 104.87
CA PHE Y 53 -38.37 51.83 104.10
C PHE Y 53 -38.91 50.41 104.16
N SER Y 54 -40.17 50.26 104.52
CA SER Y 54 -40.80 48.96 104.58
C SER Y 54 -41.56 48.68 103.28
N GLU Y 55 -41.93 47.41 103.11
CA GLU Y 55 -42.60 46.94 101.90
C GLU Y 55 -44.02 46.53 102.22
N THR Y 56 -44.97 46.95 101.37
CA THR Y 56 -46.38 46.62 101.53
C THR Y 56 -46.86 46.03 100.20
N GLY Y 57 -46.70 44.72 100.06
CA GLY Y 57 -47.10 44.04 98.83
C GLY Y 57 -45.91 43.87 97.89
N ALA Y 58 -46.00 44.47 96.70
CA ALA Y 58 -44.93 44.39 95.71
C ALA Y 58 -44.77 45.76 95.07
N GLY Y 59 -43.60 46.38 95.28
CA GLY Y 59 -43.30 47.66 94.69
C GLY Y 59 -43.66 48.87 95.52
N LYS Y 60 -44.45 48.69 96.59
CA LYS Y 60 -44.85 49.80 97.45
C LYS Y 60 -43.84 49.96 98.57
N HIS Y 61 -43.27 51.16 98.69
CA HIS Y 61 -42.29 51.48 99.71
C HIS Y 61 -42.91 52.47 100.67
N VAL Y 62 -42.92 52.13 101.96
CA VAL Y 62 -43.46 52.99 103.00
C VAL Y 62 -42.35 53.30 103.99
N PRO Y 63 -42.19 54.56 104.41
CA PRO Y 63 -41.11 54.89 105.33
C PRO Y 63 -41.41 54.42 106.74
N ARG Y 64 -40.33 54.25 107.51
CA ARG Y 64 -40.42 53.95 108.93
C ARG Y 64 -40.17 55.23 109.72
N CYS Y 65 -41.20 56.07 109.78
CA CYS Y 65 -41.12 57.31 110.53
C CYS Y 65 -42.49 57.66 111.10
N VAL Y 66 -42.48 58.36 112.22
CA VAL Y 66 -43.69 58.90 112.83
C VAL Y 66 -43.51 60.38 113.07
N PHE Y 67 -44.61 61.12 113.10
CA PHE Y 67 -44.58 62.56 113.29
C PHE Y 67 -45.50 62.94 114.43
N LEU Y 68 -45.01 63.77 115.35
CA LEU Y 68 -45.78 64.21 116.49
C LEU Y 68 -45.79 65.72 116.52
N ASP Y 69 -46.98 66.32 116.47
CA ASP Y 69 -47.11 67.75 116.69
C ASP Y 69 -48.52 68.04 117.18
N LEU Y 70 -48.61 68.94 118.14
CA LEU Y 70 -49.88 69.26 118.74
C LEU Y 70 -50.69 70.23 117.90
N GLU Y 71 -50.12 70.79 116.84
CA GLU Y 71 -50.86 71.69 115.99
C GLU Y 71 -51.04 71.07 114.60
N PRO Y 72 -52.12 71.39 113.90
CA PRO Y 72 -52.33 70.85 112.56
C PRO Y 72 -51.75 71.68 111.44
N THR Y 73 -51.31 72.91 111.70
CA THR Y 73 -50.98 73.83 110.62
C THR Y 73 -49.68 73.49 109.90
N VAL Y 74 -48.86 72.59 110.44
CA VAL Y 74 -47.63 72.19 109.78
C VAL Y 74 -47.64 70.73 109.35
N VAL Y 75 -48.47 69.88 109.95
CA VAL Y 75 -48.61 68.53 109.44
C VAL Y 75 -49.57 68.47 108.26
N ASP Y 76 -50.41 69.50 108.09
CA ASP Y 76 -51.33 69.53 106.96
C ASP Y 76 -50.59 69.73 105.65
N GLU Y 77 -49.53 70.55 105.66
CA GLU Y 77 -48.82 70.81 104.42
C GLU Y 77 -48.00 69.60 103.97
N VAL Y 78 -47.59 68.76 104.92
CA VAL Y 78 -46.96 67.49 104.55
C VAL Y 78 -47.98 66.57 103.90
N ARG Y 79 -49.22 66.59 104.39
CA ARG Y 79 -50.27 65.74 103.82
C ARG Y 79 -50.70 66.23 102.45
N THR Y 80 -50.84 67.54 102.26
CA THR Y 80 -51.30 68.09 101.00
C THR Y 80 -50.17 68.41 100.04
N GLY Y 81 -48.93 68.14 100.43
CA GLY Y 81 -47.78 68.42 99.59
C GLY Y 81 -47.59 67.40 98.47
N THR Y 82 -46.34 67.21 98.07
CA THR Y 82 -46.04 66.29 96.98
C THR Y 82 -46.12 64.84 97.43
N TYR Y 83 -45.70 64.55 98.67
CA TYR Y 83 -45.58 63.17 99.14
C TYR Y 83 -46.85 62.74 99.87
N ARG Y 84 -47.91 62.58 99.08
CA ARG Y 84 -49.19 62.12 99.62
C ARG Y 84 -49.23 60.60 99.73
N HIS Y 85 -49.14 59.91 98.59
CA HIS Y 85 -49.34 58.48 98.55
C HIS Y 85 -48.16 57.68 99.07
N LEU Y 86 -46.94 58.21 98.99
CA LEU Y 86 -45.78 57.49 99.49
C LEU Y 86 -45.82 57.40 101.00
N PHE Y 87 -46.06 58.52 101.67
CA PHE Y 87 -46.20 58.50 103.12
C PHE Y 87 -47.52 57.86 103.49
N HIS Y 88 -47.50 56.97 104.47
CA HIS Y 88 -48.72 56.38 104.96
C HIS Y 88 -49.49 57.41 105.77
N PRO Y 89 -50.77 57.63 105.48
CA PRO Y 89 -51.49 58.76 106.09
C PRO Y 89 -51.73 58.60 107.58
N GLU Y 90 -51.57 57.40 108.13
CA GLU Y 90 -51.86 57.17 109.52
C GLU Y 90 -50.64 57.42 110.40
N GLN Y 91 -49.45 57.51 109.81
CA GLN Y 91 -48.24 57.82 110.55
C GLN Y 91 -48.22 59.24 111.08
N LEU Y 92 -48.94 60.17 110.46
CA LEU Y 92 -48.95 61.57 110.85
C LEU Y 92 -49.99 61.76 111.94
N ILE Y 93 -49.56 62.25 113.09
CA ILE Y 93 -50.44 62.44 114.25
C ILE Y 93 -50.56 63.93 114.48
N SER Y 94 -51.80 64.42 114.54
CA SER Y 94 -52.08 65.83 114.66
C SER Y 94 -52.95 66.09 115.88
N GLY Y 95 -52.64 67.18 116.59
CA GLY Y 95 -53.41 67.62 117.72
C GLY Y 95 -54.35 68.76 117.38
N LYS Y 96 -54.75 69.50 118.41
CA LYS Y 96 -55.64 70.64 118.24
C LYS Y 96 -54.90 71.96 118.30
N GLU Y 97 -54.23 72.25 119.41
CA GLU Y 97 -53.54 73.52 119.63
C GLU Y 97 -52.06 73.27 119.90
N ASP Y 98 -51.22 74.17 119.39
CA ASP Y 98 -49.79 74.09 119.64
C ASP Y 98 -49.49 74.28 121.12
N ALA Y 99 -48.33 73.78 121.54
CA ALA Y 99 -47.91 73.90 122.93
C ALA Y 99 -47.60 75.35 123.31
N ALA Y 100 -47.27 76.18 122.32
CA ALA Y 100 -47.14 77.63 122.48
C ALA Y 100 -46.08 77.99 123.51
N ASN Y 101 -44.85 77.53 123.26
CA ASN Y 101 -43.65 77.93 123.99
C ASN Y 101 -43.77 77.71 125.49
N ASN Y 102 -44.45 76.64 125.87
CA ASN Y 102 -44.51 76.25 127.27
C ASN Y 102 -43.99 74.83 127.39
N PHE Y 103 -42.90 74.66 128.12
CA PHE Y 103 -42.51 73.34 128.58
C PHE Y 103 -43.61 72.74 129.44
N ALA Y 104 -44.35 73.57 130.16
CA ALA Y 104 -45.47 73.08 130.95
C ALA Y 104 -46.57 72.51 130.07
N ARG Y 105 -46.87 73.16 128.94
CA ARG Y 105 -48.00 72.73 128.14
C ARG Y 105 -47.70 71.47 127.36
N GLY Y 106 -46.47 71.33 126.87
CA GLY Y 106 -46.10 70.12 126.16
C GLY Y 106 -46.01 68.91 127.05
N HIS Y 107 -45.45 69.07 128.25
CA HIS Y 107 -45.08 67.95 129.09
C HIS Y 107 -46.16 67.56 130.09
N TYR Y 108 -47.11 68.45 130.37
CA TYR Y 108 -48.12 68.15 131.39
C TYR Y 108 -49.56 68.18 130.87
N THR Y 109 -49.99 69.25 130.21
CA THR Y 109 -51.42 69.44 129.99
C THR Y 109 -51.90 68.81 128.69
N ILE Y 110 -51.40 69.26 127.56
CA ILE Y 110 -51.98 68.87 126.28
C ILE Y 110 -51.24 67.70 125.65
N GLY Y 111 -50.08 67.32 126.18
CA GLY Y 111 -49.31 66.28 125.54
C GLY Y 111 -49.84 64.88 125.77
N LYS Y 112 -50.55 64.66 126.87
CA LYS Y 112 -50.94 63.31 127.24
C LYS Y 112 -51.99 62.71 126.32
N GLU Y 113 -52.73 63.52 125.59
CA GLU Y 113 -53.69 62.98 124.64
C GLU Y 113 -53.02 62.46 123.37
N ILE Y 114 -51.75 62.76 123.18
CA ILE Y 114 -51.02 62.28 122.02
C ILE Y 114 -49.99 61.21 122.38
N VAL Y 115 -49.49 61.21 123.62
CA VAL Y 115 -48.48 60.22 124.03
C VAL Y 115 -49.06 58.82 124.00
N ASP Y 116 -50.30 58.67 124.46
CA ASP Y 116 -50.97 57.37 124.37
C ASP Y 116 -51.16 56.94 122.93
N LEU Y 117 -51.45 57.89 122.04
CA LEU Y 117 -51.57 57.56 120.63
C LEU Y 117 -50.21 57.29 120.01
N SER Y 118 -49.18 58.03 120.44
CA SER Y 118 -47.86 57.88 119.83
C SER Y 118 -47.20 56.59 120.26
N LEU Y 119 -47.28 56.25 121.55
CA LEU Y 119 -46.64 55.05 122.06
C LEU Y 119 -47.28 53.80 121.48
N ASP Y 120 -48.56 53.87 121.14
CA ASP Y 120 -49.22 52.73 120.52
C ASP Y 120 -48.65 52.46 119.14
N ARG Y 121 -48.28 53.51 118.42
CA ARG Y 121 -47.74 53.31 117.08
C ARG Y 121 -46.31 52.83 117.11
N ILE Y 122 -45.50 53.32 118.05
CA ILE Y 122 -44.14 52.82 118.16
C ILE Y 122 -44.14 51.37 118.60
N ARG Y 123 -45.03 51.01 119.53
CA ARG Y 123 -45.06 49.64 120.05
C ARG Y 123 -45.49 48.64 119.00
N LYS Y 124 -46.45 49.00 118.16
CA LYS Y 124 -46.85 48.06 117.12
C LYS Y 124 -46.06 48.23 115.83
N LEU Y 125 -45.08 49.12 115.82
CA LEU Y 125 -44.11 49.12 114.73
C LEU Y 125 -42.80 48.47 115.15
N ALA Y 126 -42.46 48.53 116.43
CA ALA Y 126 -41.27 47.86 116.93
C ALA Y 126 -41.47 46.36 117.04
N ASP Y 127 -42.71 45.91 117.27
CA ASP Y 127 -42.97 44.50 117.55
C ASP Y 127 -42.95 43.63 116.30
N ASN Y 128 -42.95 44.22 115.11
CA ASN Y 128 -43.05 43.43 113.88
C ASN Y 128 -41.79 42.59 113.67
N CYS Y 129 -40.62 43.19 113.85
CA CYS Y 129 -39.36 42.53 113.60
C CYS Y 129 -38.42 42.77 114.77
N THR Y 130 -37.61 41.77 115.07
CA THR Y 130 -36.53 41.97 116.03
C THR Y 130 -35.35 42.63 115.32
N GLY Y 131 -34.25 42.79 116.06
CA GLY Y 131 -33.16 43.55 115.48
C GLY Y 131 -33.42 45.03 115.42
N LEU Y 132 -34.36 45.53 116.22
CA LEU Y 132 -34.55 46.97 116.35
C LEU Y 132 -33.32 47.57 116.98
N GLN Y 133 -32.81 48.63 116.38
CA GLN Y 133 -31.45 49.04 116.66
C GLN Y 133 -31.37 50.43 117.29
N GLY Y 134 -32.35 51.29 117.07
CA GLY Y 134 -32.33 52.58 117.72
C GLY Y 134 -33.52 53.43 117.34
N PHE Y 135 -33.50 54.66 117.84
CA PHE Y 135 -34.47 55.68 117.51
C PHE Y 135 -33.73 56.94 117.10
N LEU Y 136 -34.39 57.76 116.29
CA LEU Y 136 -33.81 59.01 115.80
C LEU Y 136 -34.77 60.14 116.19
N MET Y 137 -34.47 60.81 117.29
CA MET Y 137 -35.28 61.93 117.76
C MET Y 137 -34.90 63.19 116.97
N PHE Y 138 -35.89 63.83 116.38
CA PHE Y 138 -35.70 65.12 115.73
C PHE Y 138 -36.60 66.13 116.41
N ASN Y 139 -35.99 67.10 117.11
CA ASN Y 139 -36.78 68.09 117.82
C ASN Y 139 -35.91 69.32 118.07
N ALA Y 140 -36.59 70.45 118.30
CA ALA Y 140 -35.93 71.69 118.68
C ALA Y 140 -36.03 71.86 120.18
N VAL Y 141 -34.88 72.04 120.82
CA VAL Y 141 -34.84 72.25 122.25
C VAL Y 141 -35.42 73.60 122.63
N GLY Y 142 -35.39 74.57 121.73
CA GLY Y 142 -35.90 75.90 122.03
C GLY Y 142 -37.41 76.04 122.00
N GLY Y 143 -38.04 75.52 120.96
CA GLY Y 143 -39.47 75.67 120.79
C GLY Y 143 -40.26 74.85 121.80
N GLY Y 144 -41.57 75.10 121.82
CA GLY Y 144 -42.43 74.56 122.84
C GLY Y 144 -42.65 73.06 122.80
N THR Y 145 -43.30 72.57 121.74
CA THR Y 145 -43.63 71.15 121.71
C THR Y 145 -42.41 70.30 121.42
N GLY Y 146 -41.41 70.85 120.73
CA GLY Y 146 -40.19 70.11 120.49
C GLY Y 146 -39.41 69.79 121.74
N SER Y 147 -39.45 70.67 122.73
CA SER Y 147 -38.81 70.42 124.01
C SER Y 147 -39.76 69.71 124.98
N GLY Y 148 -41.00 70.14 125.01
CA GLY Y 148 -41.99 69.57 125.89
C GLY Y 148 -42.35 68.14 125.57
N LEU Y 149 -42.97 67.93 124.41
CA LEU Y 149 -43.43 66.59 124.06
C LEU Y 149 -42.27 65.65 123.84
N GLY Y 150 -41.09 66.17 123.50
CA GLY Y 150 -39.92 65.32 123.37
C GLY Y 150 -39.53 64.67 124.68
N CYS Y 151 -39.47 65.47 125.75
CA CYS Y 151 -39.11 64.93 127.07
C CYS Y 151 -40.12 63.91 127.54
N LEU Y 152 -41.41 64.19 127.35
CA LEU Y 152 -42.44 63.26 127.78
C LEU Y 152 -42.41 61.99 126.94
N LEU Y 153 -41.86 62.05 125.74
CA LEU Y 153 -41.72 60.85 124.94
C LEU Y 153 -40.45 60.08 125.28
N LEU Y 154 -39.33 60.76 125.51
CA LEU Y 154 -38.09 60.06 125.81
C LEU Y 154 -38.14 59.37 127.15
N GLU Y 155 -38.85 59.92 128.12
CA GLU Y 155 -38.96 59.24 129.40
C GLU Y 155 -39.84 58.00 129.29
N ARG Y 156 -40.80 58.02 128.37
CA ARG Y 156 -41.64 56.86 128.17
C ARG Y 156 -40.86 55.72 127.52
N LEU Y 157 -40.05 56.04 126.52
CA LEU Y 157 -39.26 54.99 125.87
C LEU Y 157 -38.17 54.49 126.80
N SER Y 158 -37.64 55.35 127.67
CA SER Y 158 -36.58 54.92 128.58
C SER Y 158 -37.09 53.92 129.61
N VAL Y 159 -38.31 54.13 130.10
CA VAL Y 159 -38.88 53.19 131.06
C VAL Y 159 -39.25 51.89 130.35
N ASP Y 160 -39.84 51.97 129.17
CA ASP Y 160 -40.30 50.77 128.47
C ASP Y 160 -39.13 50.03 127.83
N TYR Y 161 -38.46 50.66 126.87
CA TYR Y 161 -37.34 50.02 126.16
C TYR Y 161 -36.04 50.54 126.74
N GLY Y 162 -35.68 50.02 127.92
CA GLY Y 162 -34.55 50.56 128.64
C GLY Y 162 -33.21 50.21 128.07
N LYS Y 163 -33.12 49.12 127.32
CA LYS Y 163 -31.84 48.60 126.85
C LYS Y 163 -31.59 48.94 125.39
N LYS Y 164 -32.21 49.99 124.88
CA LYS Y 164 -32.20 50.28 123.47
C LYS Y 164 -31.54 51.62 123.23
N SER Y 165 -30.88 51.74 122.08
CA SER Y 165 -30.21 52.98 121.71
C SER Y 165 -31.27 54.00 121.30
N LYS Y 166 -30.99 55.28 121.54
CA LYS Y 166 -31.97 56.33 121.25
C LYS Y 166 -31.24 57.65 121.03
N LEU Y 167 -31.04 57.97 119.75
CA LEU Y 167 -30.23 59.09 119.31
C LEU Y 167 -31.08 60.33 119.17
N ASN Y 168 -30.55 61.47 119.62
CA ASN Y 168 -31.28 62.72 119.64
C ASN Y 168 -30.58 63.76 118.77
N PHE Y 169 -31.37 64.58 118.09
CA PHE Y 169 -30.89 65.68 117.28
C PHE Y 169 -31.57 66.95 117.73
N CYS Y 170 -30.80 67.86 118.33
CA CYS Y 170 -31.36 69.06 118.94
C CYS Y 170 -30.77 70.29 118.29
N SER Y 171 -31.62 71.28 118.02
CA SER Y 171 -31.20 72.56 117.46
C SER Y 171 -31.08 73.55 118.61
N TRP Y 172 -29.87 73.68 119.14
CA TRP Y 172 -29.63 74.57 120.26
C TRP Y 172 -29.90 76.03 119.90
N PRO Y 173 -30.35 76.82 120.87
CA PRO Y 173 -30.46 78.26 120.63
C PRO Y 173 -29.11 78.92 120.53
N SER Y 174 -28.98 79.76 119.52
CA SER Y 174 -27.80 80.55 119.26
C SER Y 174 -27.57 81.61 120.35
N PRO Y 175 -26.34 82.11 120.47
CA PRO Y 175 -26.13 83.27 121.35
C PRO Y 175 -26.87 84.52 120.92
N GLN Y 176 -26.78 84.89 119.65
CA GLN Y 176 -27.42 86.12 119.18
C GLN Y 176 -28.85 85.88 118.68
N VAL Y 177 -28.98 85.04 117.66
CA VAL Y 177 -30.29 84.76 117.09
C VAL Y 177 -31.07 83.86 118.03
N SER Y 178 -32.28 84.25 118.37
CA SER Y 178 -33.07 83.25 119.09
C SER Y 178 -34.47 83.11 118.55
N THR Y 179 -35.04 84.17 117.98
CA THR Y 179 -36.42 84.27 117.46
C THR Y 179 -37.48 83.64 118.38
N ALA Y 180 -37.25 83.76 119.69
CA ALA Y 180 -38.26 83.59 120.73
C ALA Y 180 -37.73 84.24 121.98
N VAL Y 181 -38.61 84.45 122.94
CA VAL Y 181 -38.24 85.22 124.13
C VAL Y 181 -37.99 84.28 125.29
N VAL Y 182 -38.67 83.14 125.30
CA VAL Y 182 -38.68 82.27 126.46
C VAL Y 182 -37.80 81.04 126.26
N GLU Y 183 -37.05 80.98 125.15
CA GLU Y 183 -36.12 79.88 124.95
C GLU Y 183 -35.02 79.73 126.01
N PRO Y 184 -34.52 80.78 126.67
CA PRO Y 184 -33.69 80.52 127.86
C PRO Y 184 -34.38 79.69 128.92
N TYR Y 185 -35.69 79.85 129.08
CA TYR Y 185 -36.40 79.01 130.03
C TYR Y 185 -36.57 77.60 129.47
N ASN Y 186 -36.79 77.49 128.16
CA ASN Y 186 -37.20 76.22 127.59
C ASN Y 186 -36.06 75.20 127.58
N SER Y 187 -34.86 75.63 127.22
CA SER Y 187 -33.78 74.67 127.04
C SER Y 187 -33.25 74.17 128.38
N VAL Y 188 -33.07 75.07 129.35
CA VAL Y 188 -32.54 74.67 130.65
C VAL Y 188 -33.52 73.73 131.34
N LEU Y 189 -34.82 73.99 131.18
CA LEU Y 189 -35.82 73.07 131.68
C LEU Y 189 -35.77 71.74 130.94
N SER Y 190 -35.43 71.77 129.66
CA SER Y 190 -35.44 70.54 128.88
C SER Y 190 -34.29 69.63 129.28
N THR Y 191 -33.07 70.17 129.28
CA THR Y 191 -31.90 69.33 129.39
C THR Y 191 -31.66 68.82 130.80
N HIS Y 192 -32.41 69.30 131.80
CA HIS Y 192 -32.42 68.56 133.06
C HIS Y 192 -33.05 67.20 132.86
N SER Y 193 -34.16 67.15 132.17
CA SER Y 193 -34.86 65.91 131.92
C SER Y 193 -34.64 65.40 130.50
N LEU Y 194 -33.70 65.99 129.77
CA LEU Y 194 -33.19 65.35 128.57
C LEU Y 194 -31.86 64.67 128.81
N LEU Y 195 -31.12 65.09 129.85
CA LEU Y 195 -29.86 64.44 130.18
C LEU Y 195 -30.06 63.00 130.59
N GLU Y 196 -31.02 62.75 131.47
CA GLU Y 196 -31.22 61.39 131.95
C GLU Y 196 -31.85 60.50 130.89
N HIS Y 197 -32.72 61.06 130.05
CA HIS Y 197 -33.53 60.28 129.13
C HIS Y 197 -32.93 60.17 127.73
N THR Y 198 -31.63 60.32 127.59
CA THR Y 198 -30.99 60.14 126.29
C THR Y 198 -29.65 59.45 126.48
N ASP Y 199 -29.05 59.03 125.37
CA ASP Y 199 -27.70 58.49 125.40
C ASP Y 199 -26.71 59.37 124.64
N VAL Y 200 -27.06 59.78 123.43
CA VAL Y 200 -26.22 60.63 122.59
C VAL Y 200 -27.09 61.72 122.01
N ALA Y 201 -26.67 62.97 122.16
CA ALA Y 201 -27.41 64.11 121.62
C ALA Y 201 -26.49 64.94 120.75
N VAL Y 202 -26.88 65.14 119.50
CA VAL Y 202 -26.06 65.88 118.55
C VAL Y 202 -26.47 67.35 118.62
N MET Y 203 -25.50 68.21 118.90
CA MET Y 203 -25.75 69.63 119.08
C MET Y 203 -25.70 70.35 117.74
N LEU Y 204 -26.76 71.07 117.43
CA LEU Y 204 -26.84 71.88 116.22
C LEU Y 204 -27.23 73.30 116.59
N ASP Y 205 -26.72 74.27 115.84
CA ASP Y 205 -27.01 75.65 116.09
C ASP Y 205 -27.35 76.33 114.77
N ASN Y 206 -28.14 77.40 114.85
CA ASN Y 206 -28.68 78.00 113.64
C ASN Y 206 -27.81 79.09 113.03
N GLU Y 207 -27.21 79.99 113.82
CA GLU Y 207 -26.41 80.99 113.13
C GLU Y 207 -25.09 80.42 112.65
N ALA Y 208 -24.68 79.28 113.19
CA ALA Y 208 -23.50 78.60 112.67
C ALA Y 208 -23.71 78.20 111.23
N ILE Y 209 -24.87 77.62 110.92
CA ILE Y 209 -25.16 77.24 109.56
C ILE Y 209 -25.48 78.46 108.71
N TYR Y 210 -25.94 79.54 109.32
CA TYR Y 210 -26.02 80.81 108.61
C TYR Y 210 -24.65 81.29 108.17
N ASP Y 211 -23.66 81.17 109.04
CA ASP Y 211 -22.32 81.60 108.67
C ASP Y 211 -21.67 80.59 107.74
N ILE Y 212 -22.06 79.31 107.85
CA ILE Y 212 -21.66 78.31 106.87
C ILE Y 212 -22.18 78.67 105.48
N CYS Y 213 -23.44 79.06 105.38
CA CYS Y 213 -24.00 79.38 104.08
C CYS Y 213 -23.38 80.64 103.48
N ARG Y 214 -22.88 81.55 104.30
CA ARG Y 214 -22.39 82.82 103.76
C ARG Y 214 -20.91 82.81 103.42
N ARG Y 215 -20.17 81.78 103.82
CA ARG Y 215 -18.73 81.75 103.57
C ARG Y 215 -18.32 80.66 102.58
N ASN Y 216 -18.80 79.43 102.76
CA ASN Y 216 -18.44 78.36 101.86
C ASN Y 216 -19.48 78.16 100.76
N LEU Y 217 -20.75 78.27 101.09
CA LEU Y 217 -21.83 78.01 100.16
C LEU Y 217 -22.25 79.30 99.45
N ASP Y 218 -21.52 80.39 99.70
CA ASP Y 218 -21.62 81.75 99.18
C ASP Y 218 -23.03 82.23 98.84
N ILE Y 219 -23.97 82.04 99.75
CA ILE Y 219 -25.29 82.66 99.66
C ILE Y 219 -25.44 83.63 100.83
N GLU Y 220 -25.97 84.80 100.55
CA GLU Y 220 -25.97 85.88 101.54
C GLU Y 220 -27.29 86.02 102.29
N ARG Y 221 -28.30 85.20 101.98
CA ARG Y 221 -29.57 85.23 102.72
C ARG Y 221 -30.28 83.87 102.61
N PRO Y 222 -29.79 82.87 103.34
CA PRO Y 222 -30.44 81.56 103.31
C PRO Y 222 -31.76 81.58 104.05
N THR Y 223 -32.59 80.58 103.73
CA THR Y 223 -33.90 80.42 104.35
C THR Y 223 -34.03 78.99 104.87
N TYR Y 224 -35.20 78.68 105.41
CA TYR Y 224 -35.39 77.42 106.14
C TYR Y 224 -35.30 76.22 105.21
N THR Y 225 -35.75 76.35 103.97
CA THR Y 225 -35.65 75.21 103.07
C THR Y 225 -34.24 74.97 102.58
N ASN Y 226 -33.30 75.88 102.81
CA ASN Y 226 -31.89 75.60 102.59
C ASN Y 226 -31.18 75.13 103.83
N LEU Y 227 -31.66 75.53 105.01
CA LEU Y 227 -31.10 75.03 106.26
C LEU Y 227 -31.37 73.55 106.42
N ASN Y 228 -32.52 73.09 105.96
CA ASN Y 228 -32.91 71.70 106.16
C ASN Y 228 -32.14 70.77 105.23
N ARG Y 229 -31.69 71.26 104.08
CA ARG Y 229 -30.92 70.43 103.17
C ARG Y 229 -29.56 70.06 103.76
N LEU Y 230 -28.92 71.01 104.43
CA LEU Y 230 -27.61 70.76 105.00
C LEU Y 230 -27.69 69.76 106.15
N ILE Y 231 -28.77 69.79 106.92
CA ILE Y 231 -28.91 68.84 108.00
C ILE Y 231 -29.23 67.47 107.45
N ALA Y 232 -29.98 67.43 106.34
CA ALA Y 232 -30.33 66.16 105.72
C ALA Y 232 -29.10 65.47 105.14
N GLN Y 233 -28.14 66.24 104.64
CA GLN Y 233 -26.88 65.65 104.18
C GLN Y 233 -26.11 65.02 105.32
N VAL Y 234 -26.07 65.67 106.47
CA VAL Y 234 -25.24 65.19 107.58
C VAL Y 234 -25.78 63.87 108.11
N ILE Y 235 -27.10 63.79 108.32
CA ILE Y 235 -27.66 62.57 108.84
C ILE Y 235 -27.80 61.49 107.78
N SER Y 236 -27.73 61.85 106.49
CA SER Y 236 -27.60 60.82 105.47
C SER Y 236 -26.20 60.24 105.47
N SER Y 237 -25.20 61.10 105.71
CA SER Y 237 -23.83 60.62 105.87
C SER Y 237 -23.67 59.85 107.18
N LEU Y 238 -24.52 60.13 108.16
CA LEU Y 238 -24.45 59.42 109.43
C LEU Y 238 -24.85 57.96 109.27
N THR Y 239 -25.97 57.71 108.60
CA THR Y 239 -26.61 56.41 108.60
C THR Y 239 -26.47 55.66 107.30
N ALA Y 240 -25.53 56.06 106.43
CA ALA Y 240 -25.36 55.36 105.16
C ALA Y 240 -24.85 53.94 105.36
N SER Y 241 -24.00 53.73 106.36
CA SER Y 241 -23.48 52.39 106.61
C SER Y 241 -24.53 51.47 107.20
N LEU Y 242 -25.48 52.03 107.95
CA LEU Y 242 -26.69 51.29 108.28
C LEU Y 242 -27.46 50.95 107.01
N ARG Y 243 -27.46 51.86 106.05
CA ARG Y 243 -28.22 51.67 104.83
C ARG Y 243 -27.51 50.72 103.88
N PHE Y 244 -26.36 51.12 103.39
CA PHE Y 244 -25.65 50.39 102.35
C PHE Y 244 -24.33 49.84 102.91
N ASP Y 245 -23.54 49.23 102.03
CA ASP Y 245 -22.33 48.54 102.45
C ASP Y 245 -21.11 49.43 102.29
N GLY Y 246 -19.94 48.89 102.64
CA GLY Y 246 -18.71 49.65 102.52
C GLY Y 246 -17.54 48.82 103.03
N ALA Y 247 -16.36 49.45 103.00
CA ALA Y 247 -15.16 48.78 103.51
C ALA Y 247 -15.20 48.68 105.03
N LEU Y 248 -15.56 49.77 105.71
CA LEU Y 248 -15.61 49.79 107.17
C LEU Y 248 -16.89 50.53 107.57
N ASN Y 249 -17.91 49.78 107.94
CA ASN Y 249 -19.23 50.33 108.22
C ASN Y 249 -19.41 50.56 109.72
N VAL Y 250 -20.31 51.49 110.04
CA VAL Y 250 -20.57 51.90 111.41
C VAL Y 250 -22.07 51.82 111.68
N ASP Y 251 -22.43 51.28 112.84
CA ASP Y 251 -23.80 51.06 113.25
C ASP Y 251 -24.18 52.05 114.35
N VAL Y 252 -25.39 51.88 114.88
CA VAL Y 252 -25.90 52.81 115.89
C VAL Y 252 -25.18 52.61 117.22
N THR Y 253 -24.92 51.37 117.59
CA THR Y 253 -24.54 51.04 118.97
C THR Y 253 -23.08 51.29 119.30
N GLU Y 254 -22.29 51.84 118.38
CA GLU Y 254 -20.92 52.19 118.70
C GLU Y 254 -20.65 53.68 118.68
N PHE Y 255 -21.62 54.50 118.31
CA PHE Y 255 -21.46 55.93 118.54
C PHE Y 255 -21.44 56.21 120.03
N GLN Y 256 -22.25 55.50 120.79
CA GLN Y 256 -22.20 55.64 122.23
C GLN Y 256 -20.97 54.95 122.82
N THR Y 257 -20.36 54.02 122.10
CA THR Y 257 -19.23 53.29 122.66
C THR Y 257 -17.92 53.99 122.41
N ASN Y 258 -17.80 54.70 121.29
CA ASN Y 258 -16.55 55.38 121.00
C ASN Y 258 -16.53 56.80 121.53
N LEU Y 259 -17.65 57.50 121.57
CA LEU Y 259 -17.64 58.93 121.77
C LEU Y 259 -18.18 59.39 123.12
N VAL Y 260 -18.54 58.50 124.03
CA VAL Y 260 -19.13 58.87 125.30
C VAL Y 260 -18.23 58.36 126.41
N PRO Y 261 -17.30 59.17 126.90
CA PRO Y 261 -16.33 58.67 127.88
C PRO Y 261 -16.92 58.40 129.24
N TYR Y 262 -17.73 59.33 129.73
CA TYR Y 262 -18.44 59.22 130.98
C TYR Y 262 -19.93 59.34 130.68
N PRO Y 263 -20.81 58.81 131.54
CA PRO Y 263 -22.24 58.82 131.20
C PRO Y 263 -22.86 60.20 131.13
N ARG Y 264 -22.21 61.22 131.70
CA ARG Y 264 -22.69 62.59 131.63
C ARG Y 264 -22.29 63.26 130.33
N ILE Y 265 -21.03 63.16 129.95
CA ILE Y 265 -20.51 63.90 128.81
C ILE Y 265 -20.88 63.17 127.53
N HIS Y 266 -22.01 63.52 126.95
CA HIS Y 266 -22.44 62.88 125.72
C HIS Y 266 -23.10 63.88 124.78
N PHE Y 267 -22.62 65.12 124.77
CA PHE Y 267 -23.20 66.16 123.96
C PHE Y 267 -22.18 66.52 122.88
N MET Y 268 -22.41 66.03 121.66
CA MET Y 268 -21.44 66.10 120.59
C MET Y 268 -21.86 67.05 119.47
N LEU Y 269 -20.84 67.62 118.84
CA LEU Y 269 -20.96 68.56 117.73
C LEU Y 269 -21.11 67.80 116.44
N SER Y 270 -20.98 68.49 115.31
CA SER Y 270 -20.97 67.84 114.01
C SER Y 270 -20.31 68.76 113.01
N SER Y 271 -19.89 68.19 111.89
CA SER Y 271 -19.40 68.96 110.76
C SER Y 271 -19.52 68.11 109.50
N TYR Y 272 -19.42 68.77 108.36
CA TYR Y 272 -19.53 68.09 107.08
C TYR Y 272 -18.69 68.82 106.06
N ALA Y 273 -17.84 68.07 105.35
CA ALA Y 273 -17.01 68.62 104.31
C ALA Y 273 -17.06 67.64 103.14
N PRO Y 274 -17.07 68.14 101.90
CA PRO Y 274 -17.08 69.54 101.51
C PRO Y 274 -18.47 70.12 101.45
N ILE Y 275 -18.52 71.44 101.56
CA ILE Y 275 -19.74 72.21 101.38
C ILE Y 275 -19.43 73.31 100.35
N ILE Y 276 -19.59 72.97 99.08
CA ILE Y 276 -19.07 73.77 97.99
C ILE Y 276 -20.08 73.86 96.86
N SER Y 277 -20.14 75.02 96.23
CA SER Y 277 -21.12 75.33 95.22
C SER Y 277 -20.61 74.90 93.86
N ALA Y 278 -21.32 75.30 92.81
CA ALA Y 278 -20.91 74.96 91.46
C ALA Y 278 -19.63 75.68 91.06
N GLU Y 279 -19.48 76.95 91.46
CA GLU Y 279 -18.27 77.70 91.14
C GLU Y 279 -17.07 77.13 91.84
N LYS Y 280 -17.18 76.89 93.14
CA LYS Y 280 -16.06 76.41 93.92
C LYS Y 280 -16.03 74.91 94.04
N ALA Y 281 -16.49 74.20 93.02
CA ALA Y 281 -16.21 72.79 92.85
C ALA Y 281 -15.51 72.50 91.54
N TYR Y 282 -15.67 73.40 90.56
CA TYR Y 282 -14.92 73.33 89.33
C TYR Y 282 -13.42 73.42 89.59
N HIS Y 283 -13.02 74.19 90.60
CA HIS Y 283 -11.68 74.75 90.63
C HIS Y 283 -10.78 74.17 91.71
N GLU Y 284 -11.06 72.96 92.25
CA GLU Y 284 -10.02 72.37 93.09
C GLU Y 284 -10.14 70.85 93.11
N GLN Y 285 -8.99 70.19 93.33
CA GLN Y 285 -8.99 68.91 94.00
C GLN Y 285 -9.72 68.98 95.31
N LEU Y 286 -10.63 68.04 95.52
CA LEU Y 286 -11.13 67.76 96.85
C LEU Y 286 -10.36 66.59 97.42
N SER Y 287 -9.07 66.80 97.62
CA SER Y 287 -8.22 65.72 98.06
C SER Y 287 -8.52 65.36 99.51
N VAL Y 288 -8.24 64.12 99.86
CA VAL Y 288 -8.47 63.64 101.22
C VAL Y 288 -7.59 64.40 102.20
N ALA Y 289 -6.42 64.83 101.76
CA ALA Y 289 -5.50 65.54 102.65
C ALA Y 289 -5.97 66.93 102.99
N GLU Y 290 -6.98 67.47 102.31
CA GLU Y 290 -7.44 68.81 102.63
C GLU Y 290 -8.89 68.88 103.05
N ILE Y 291 -9.74 67.92 102.66
CA ILE Y 291 -11.12 67.95 103.14
C ILE Y 291 -11.16 67.70 104.63
N THR Y 292 -10.23 66.90 105.16
CA THR Y 292 -10.15 66.75 106.60
C THR Y 292 -9.50 67.95 107.26
N ASN Y 293 -8.66 68.69 106.55
CA ASN Y 293 -8.32 70.03 107.02
C ASN Y 293 -9.52 70.93 106.93
N SER Y 294 -10.31 70.78 105.87
CA SER Y 294 -11.51 71.59 105.69
C SER Y 294 -12.63 71.21 106.63
N ALA Y 295 -12.46 70.15 107.41
CA ALA Y 295 -13.44 69.76 108.41
C ALA Y 295 -12.97 70.03 109.82
N PHE Y 296 -12.03 70.95 110.00
CA PHE Y 296 -11.52 71.24 111.33
C PHE Y 296 -11.46 72.72 111.68
N GLU Y 297 -11.67 73.64 110.75
CA GLU Y 297 -11.64 75.05 111.09
C GLU Y 297 -12.90 75.41 111.86
N PRO Y 298 -12.90 76.55 112.54
CA PRO Y 298 -14.17 77.05 113.12
C PRO Y 298 -15.23 77.31 112.07
N ALA Y 299 -14.85 77.55 110.81
CA ALA Y 299 -15.79 77.79 109.73
C ALA Y 299 -16.25 76.51 109.06
N SER Y 300 -16.24 75.38 109.76
CA SER Y 300 -16.73 74.14 109.20
C SER Y 300 -17.75 73.49 110.15
N MET Y 301 -17.60 73.79 111.43
CA MET Y 301 -18.45 73.21 112.46
C MET Y 301 -19.83 73.87 112.46
N MET Y 302 -20.80 73.13 113.00
CA MET Y 302 -22.19 73.58 112.97
C MET Y 302 -22.78 73.73 114.37
N ALA Y 303 -22.04 74.35 115.28
CA ALA Y 303 -22.59 74.63 116.60
C ALA Y 303 -22.30 76.04 117.12
N LYS Y 304 -21.50 76.84 116.41
CA LYS Y 304 -21.11 78.19 116.82
C LYS Y 304 -20.54 78.19 118.23
N CYS Y 305 -19.40 77.51 118.33
CA CYS Y 305 -18.74 77.31 119.60
C CYS Y 305 -17.26 77.11 119.27
N ASP Y 306 -16.47 78.16 119.46
CA ASP Y 306 -15.10 78.14 118.96
C ASP Y 306 -14.26 77.13 119.72
N PRO Y 307 -13.71 76.12 119.05
CA PRO Y 307 -12.98 75.07 119.76
C PRO Y 307 -11.52 75.37 120.00
N ARG Y 308 -11.03 76.54 119.58
CA ARG Y 308 -9.63 76.86 119.80
C ARG Y 308 -9.32 77.05 121.27
N HIS Y 309 -10.28 77.53 122.05
CA HIS Y 309 -10.18 77.57 123.51
C HIS Y 309 -10.95 76.43 124.16
N GLY Y 310 -10.97 75.26 123.52
CA GLY Y 310 -11.48 74.07 124.13
C GLY Y 310 -10.58 72.89 123.80
N LYS Y 311 -10.81 71.78 124.48
CA LYS Y 311 -10.02 70.58 124.33
C LYS Y 311 -10.88 69.48 123.73
N TYR Y 312 -10.40 68.88 122.64
CA TYR Y 312 -11.06 67.71 122.09
C TYR Y 312 -10.86 66.51 123.01
N MET Y 313 -11.80 65.59 122.97
CA MET Y 313 -11.64 64.32 123.68
C MET Y 313 -12.01 63.10 122.87
N ALA Y 314 -12.83 63.23 121.83
CA ALA Y 314 -13.10 62.12 120.93
C ALA Y 314 -13.55 62.69 119.60
N CYS Y 315 -13.20 61.99 118.53
CA CYS Y 315 -13.60 62.38 117.19
C CYS Y 315 -14.07 61.15 116.44
N CYS Y 316 -14.95 61.36 115.48
CA CYS Y 316 -15.50 60.28 114.68
C CYS Y 316 -15.63 60.78 113.26
N LEU Y 317 -14.98 60.10 112.33
CA LEU Y 317 -14.83 60.59 110.97
C LEU Y 317 -15.43 59.55 110.03
N MET Y 318 -16.54 59.88 109.39
CA MET Y 318 -17.22 58.98 108.47
C MET Y 318 -16.99 59.44 107.04
N TYR Y 319 -15.90 58.99 106.44
CA TYR Y 319 -15.65 59.25 105.03
C TYR Y 319 -16.62 58.46 104.18
N ARG Y 320 -17.07 59.06 103.09
CA ARG Y 320 -17.96 58.36 102.18
C ARG Y 320 -17.77 58.90 100.76
N GLY Y 321 -17.35 58.01 99.88
CA GLY Y 321 -16.99 58.29 98.51
C GLY Y 321 -15.77 57.50 98.12
N ASP Y 322 -15.14 57.90 97.02
CA ASP Y 322 -13.90 57.26 96.57
C ASP Y 322 -12.77 57.75 97.46
N VAL Y 323 -12.68 57.18 98.64
CA VAL Y 323 -11.64 57.52 99.60
C VAL Y 323 -10.84 56.26 99.87
N VAL Y 324 -9.59 56.26 99.43
CA VAL Y 324 -8.69 55.13 99.61
C VAL Y 324 -8.24 55.12 101.07
N PRO Y 325 -8.11 53.96 101.71
CA PRO Y 325 -7.74 53.95 103.13
C PRO Y 325 -6.29 54.32 103.43
N LYS Y 326 -5.47 54.57 102.42
CA LYS Y 326 -4.10 54.96 102.74
C LYS Y 326 -3.99 56.44 103.04
N ASP Y 327 -4.52 57.31 102.19
CA ASP Y 327 -4.29 58.74 102.37
C ASP Y 327 -5.12 59.30 103.51
N VAL Y 328 -6.06 58.52 104.05
CA VAL Y 328 -6.68 58.87 105.32
C VAL Y 328 -5.63 58.94 106.41
N ASN Y 329 -4.74 57.96 106.46
CA ASN Y 329 -3.81 57.81 107.57
C ASN Y 329 -2.81 58.96 107.60
N ALA Y 330 -2.29 59.34 106.44
CA ALA Y 330 -1.42 60.51 106.37
C ALA Y 330 -2.18 61.76 106.71
N ALA Y 331 -3.47 61.80 106.38
CA ALA Y 331 -4.28 62.96 106.69
C ALA Y 331 -4.51 63.06 108.19
N VAL Y 332 -4.80 61.93 108.84
CA VAL Y 332 -5.05 61.94 110.28
C VAL Y 332 -3.79 62.29 111.05
N ALA Y 333 -2.65 61.73 110.65
CA ALA Y 333 -1.40 62.01 111.35
C ALA Y 333 -0.98 63.46 111.16
N THR Y 334 -1.35 64.04 110.02
CA THR Y 334 -1.09 65.46 109.79
C THR Y 334 -1.80 66.31 110.83
N ILE Y 335 -3.03 65.94 111.16
CA ILE Y 335 -3.82 66.69 112.14
C ILE Y 335 -3.17 66.62 113.50
N LYS Y 336 -2.62 65.45 113.85
CA LYS Y 336 -2.03 65.29 115.17
C LYS Y 336 -0.76 66.12 115.33
N THR Y 337 0.01 66.26 114.24
CA THR Y 337 1.19 67.11 114.26
C THR Y 337 0.87 68.58 114.41
N LYS Y 338 -0.34 69.00 114.04
CA LYS Y 338 -0.72 70.39 114.19
C LYS Y 338 -0.81 70.74 115.67
N ARG Y 339 -0.34 71.93 116.01
CA ARG Y 339 -0.16 72.29 117.41
C ARG Y 339 -1.42 72.88 118.03
N THR Y 340 -2.22 73.60 117.25
CA THR Y 340 -3.34 74.33 117.82
C THR Y 340 -4.53 73.44 118.14
N ILE Y 341 -4.55 72.20 117.67
CA ILE Y 341 -5.64 71.28 117.97
C ILE Y 341 -5.14 70.39 119.11
N GLN Y 342 -5.40 70.81 120.34
CA GLN Y 342 -4.89 70.08 121.50
C GLN Y 342 -5.91 69.02 121.88
N PHE Y 343 -5.56 67.76 121.66
CA PHE Y 343 -6.36 66.70 122.24
C PHE Y 343 -6.09 66.62 123.73
N VAL Y 344 -6.99 65.98 124.43
CA VAL Y 344 -6.83 65.86 125.88
C VAL Y 344 -5.83 64.75 126.16
N ASP Y 345 -5.05 64.91 127.24
CA ASP Y 345 -3.90 64.05 127.48
C ASP Y 345 -4.29 62.62 127.80
N TRP Y 346 -5.37 62.41 128.54
CA TRP Y 346 -5.66 61.07 129.02
C TRP Y 346 -6.25 60.15 127.96
N CYS Y 347 -6.56 60.65 126.77
CA CYS Y 347 -7.15 59.85 125.69
C CYS Y 347 -6.21 59.94 124.49
N PRO Y 348 -5.15 59.12 124.46
CA PRO Y 348 -4.09 59.29 123.45
C PRO Y 348 -4.57 59.11 122.04
N THR Y 349 -5.20 57.98 121.76
CA THR Y 349 -5.99 57.87 120.56
C THR Y 349 -7.25 58.71 120.68
N GLY Y 350 -7.66 59.30 119.57
CA GLY Y 350 -8.86 60.10 119.60
C GLY Y 350 -9.67 60.04 118.33
N PHE Y 351 -9.31 59.18 117.41
CA PHE Y 351 -9.95 59.17 116.11
C PHE Y 351 -10.70 57.87 115.90
N LYS Y 352 -11.81 57.96 115.17
CA LYS Y 352 -12.54 56.81 114.67
C LYS Y 352 -12.73 56.99 113.17
N CYS Y 353 -12.07 56.14 112.39
CA CYS Y 353 -12.09 56.27 110.94
C CYS Y 353 -13.05 55.24 110.37
N GLY Y 354 -13.91 55.68 109.48
CA GLY Y 354 -14.83 54.79 108.83
C GLY Y 354 -15.01 55.20 107.40
N ILE Y 355 -14.87 54.25 106.48
CA ILE Y 355 -14.89 54.53 105.06
C ILE Y 355 -16.06 53.80 104.45
N ASN Y 356 -16.78 54.48 103.57
CA ASN Y 356 -17.84 53.88 102.79
C ASN Y 356 -17.43 53.84 101.34
N TYR Y 357 -18.23 53.14 100.53
CA TYR Y 357 -18.06 53.13 99.10
C TYR Y 357 -19.19 53.78 98.33
N GLN Y 358 -20.26 54.10 98.96
CA GLN Y 358 -21.30 54.77 98.22
C GLN Y 358 -20.96 56.26 98.09
N PRO Y 359 -21.16 56.83 96.92
CA PRO Y 359 -20.75 58.22 96.68
C PRO Y 359 -21.61 59.18 97.48
N PRO Y 360 -21.16 60.41 97.65
CA PRO Y 360 -22.02 61.41 98.30
C PRO Y 360 -23.26 61.69 97.48
N THR Y 361 -24.37 61.89 98.18
CA THR Y 361 -25.65 62.13 97.53
C THR Y 361 -26.00 63.61 97.57
N VAL Y 362 -26.88 64.01 96.66
CA VAL Y 362 -27.32 65.39 96.56
C VAL Y 362 -28.83 65.41 96.45
N VAL Y 363 -29.42 66.55 96.81
CA VAL Y 363 -30.82 66.81 96.54
C VAL Y 363 -30.91 67.31 95.10
N PRO Y 364 -32.03 67.17 94.42
CA PRO Y 364 -32.16 67.78 93.09
C PRO Y 364 -32.55 69.24 93.21
N GLY Y 365 -31.87 70.08 92.43
CA GLY Y 365 -32.16 71.49 92.44
C GLY Y 365 -31.55 72.25 93.60
N GLY Y 366 -30.81 71.58 94.48
CA GLY Y 366 -30.18 72.25 95.59
C GLY Y 366 -28.89 72.94 95.19
N ASP Y 367 -28.28 73.58 96.17
CA ASP Y 367 -27.10 74.40 95.91
C ASP Y 367 -25.80 73.64 96.16
N LEU Y 368 -25.86 72.42 96.67
CA LEU Y 368 -24.65 71.66 96.96
C LEU Y 368 -24.19 70.97 95.70
N ALA Y 369 -22.95 71.22 95.30
CA ALA Y 369 -22.39 70.58 94.12
C ALA Y 369 -22.13 69.12 94.40
N LYS Y 370 -22.29 68.29 93.36
CA LYS Y 370 -21.96 66.89 93.46
C LYS Y 370 -20.46 66.73 93.63
N VAL Y 371 -20.06 66.21 94.77
CA VAL Y 371 -18.65 65.95 95.04
C VAL Y 371 -18.43 64.44 95.07
N MET Y 372 -17.21 64.05 94.76
CA MET Y 372 -16.90 62.64 94.69
C MET Y 372 -16.62 62.03 96.06
N ARG Y 373 -16.30 62.84 97.05
CA ARG Y 373 -15.98 62.29 98.36
C ARG Y 373 -16.38 63.29 99.43
N ALA Y 374 -16.79 62.77 100.58
CA ALA Y 374 -17.34 63.60 101.64
C ALA Y 374 -16.83 63.14 102.99
N VAL Y 375 -16.82 64.07 103.94
CA VAL Y 375 -16.43 63.82 105.32
C VAL Y 375 -17.59 64.24 106.20
N CYS Y 376 -17.87 63.45 107.23
CA CYS Y 376 -18.85 63.83 108.25
C CYS Y 376 -18.24 63.58 109.61
N MET Y 377 -17.81 64.63 110.28
CA MET Y 377 -17.10 64.51 111.54
C MET Y 377 -18.03 64.82 112.69
N ILE Y 378 -18.12 63.89 113.65
CA ILE Y 378 -18.84 64.11 114.88
C ILE Y 378 -17.83 64.12 116.02
N SER Y 379 -17.81 65.20 116.77
CA SER Y 379 -16.76 65.46 117.73
C SER Y 379 -17.32 65.60 119.13
N ASN Y 380 -16.63 65.03 120.09
CA ASN Y 380 -16.85 65.31 121.50
C ASN Y 380 -15.73 66.25 121.94
N SER Y 381 -16.10 67.44 122.39
CA SER Y 381 -15.10 68.43 122.79
C SER Y 381 -15.56 69.11 124.07
N THR Y 382 -14.61 69.70 124.77
CA THR Y 382 -14.92 70.45 125.98
C THR Y 382 -15.26 71.89 125.67
N ALA Y 383 -15.48 72.24 124.40
CA ALA Y 383 -15.98 73.56 124.05
C ALA Y 383 -17.42 73.75 124.50
N ILE Y 384 -18.17 72.65 124.67
CA ILE Y 384 -19.56 72.68 125.07
C ILE Y 384 -19.77 73.31 126.45
N ALA Y 385 -18.68 73.51 127.21
CA ALA Y 385 -18.79 74.19 128.50
C ALA Y 385 -19.31 75.61 128.34
N GLU Y 386 -18.85 76.33 127.32
CA GLU Y 386 -19.32 77.71 127.16
C GLU Y 386 -20.72 77.79 126.57
N VAL Y 387 -21.12 76.84 125.70
CA VAL Y 387 -22.44 76.93 125.12
C VAL Y 387 -23.48 76.47 126.13
N PHE Y 388 -23.06 75.76 127.17
CA PHE Y 388 -23.95 75.49 128.29
C PHE Y 388 -23.89 76.60 129.33
N SER Y 389 -22.74 77.28 129.44
CA SER Y 389 -22.67 78.39 130.37
C SER Y 389 -23.41 79.61 129.87
N ARG Y 390 -23.44 79.80 128.54
CA ARG Y 390 -24.12 80.97 128.00
C ARG Y 390 -25.63 80.87 128.18
N MET Y 391 -26.20 79.68 128.06
CA MET Y 391 -27.63 79.53 128.29
C MET Y 391 -27.94 79.64 129.78
N ASP Y 392 -27.02 79.18 130.63
CA ASP Y 392 -27.24 79.30 132.07
C ASP Y 392 -27.15 80.75 132.50
N HIS Y 393 -26.30 81.55 131.87
CA HIS Y 393 -26.20 82.95 132.24
C HIS Y 393 -27.43 83.74 131.80
N LYS Y 394 -27.91 83.51 130.58
CA LYS Y 394 -29.12 84.21 130.15
C LYS Y 394 -30.38 83.62 130.77
N PHE Y 395 -30.26 82.47 131.44
CA PHE Y 395 -31.33 82.01 132.31
C PHE Y 395 -31.34 82.80 133.60
N ASP Y 396 -30.15 83.15 134.12
CA ASP Y 396 -30.05 83.73 135.46
C ASP Y 396 -30.62 85.15 135.49
N LEU Y 397 -30.34 85.95 134.48
CA LEU Y 397 -30.86 87.32 134.46
C LEU Y 397 -32.37 87.32 134.32
N MET Y 398 -32.91 86.44 133.48
CA MET Y 398 -34.35 86.43 133.26
C MET Y 398 -35.10 85.78 134.41
N TYR Y 399 -34.48 84.83 135.11
CA TYR Y 399 -35.11 84.23 136.29
C TYR Y 399 -34.89 85.05 137.55
N ALA Y 400 -34.00 86.05 137.50
CA ALA Y 400 -33.65 86.79 138.72
C ALA Y 400 -34.85 87.49 139.33
N LYS Y 401 -35.78 87.94 138.50
CA LYS Y 401 -37.03 88.51 139.00
C LYS Y 401 -38.22 88.02 138.17
N ARG Y 402 -38.25 86.71 137.95
CA ARG Y 402 -39.47 85.92 137.80
C ARG Y 402 -40.20 86.24 136.50
N ALA Y 403 -39.47 86.64 135.47
CA ALA Y 403 -40.08 86.91 134.18
C ALA Y 403 -40.68 85.65 133.59
N PHE Y 404 -41.89 85.76 133.07
CA PHE Y 404 -42.61 84.71 132.35
C PHE Y 404 -42.86 83.45 133.16
N VAL Y 405 -42.65 83.50 134.48
CA VAL Y 405 -42.78 82.30 135.29
C VAL Y 405 -44.24 81.90 135.46
N HIS Y 406 -45.14 82.89 135.52
CA HIS Y 406 -46.53 82.63 135.85
C HIS Y 406 -47.26 81.84 134.78
N TRP Y 407 -46.75 81.82 133.55
CA TRP Y 407 -47.31 80.94 132.53
C TRP Y 407 -47.01 79.48 132.85
N TYR Y 408 -45.76 79.19 133.21
CA TYR Y 408 -45.38 77.82 133.56
C TYR Y 408 -46.05 77.36 134.85
N VAL Y 409 -46.13 78.24 135.84
CA VAL Y 409 -46.80 77.91 137.09
C VAL Y 409 -48.27 77.62 136.84
N GLY Y 410 -48.89 78.43 135.98
CA GLY Y 410 -50.32 78.34 135.77
C GLY Y 410 -50.76 77.08 135.06
N GLU Y 411 -49.85 76.43 134.33
CA GLU Y 411 -50.23 75.22 133.62
C GLU Y 411 -49.95 73.96 134.42
N GLY Y 412 -49.26 74.04 135.55
CA GLY Y 412 -49.07 72.87 136.38
C GLY Y 412 -47.65 72.68 136.86
N MET Y 413 -46.68 73.16 136.09
CA MET Y 413 -45.28 73.09 136.48
C MET Y 413 -45.05 74.02 137.66
N GLU Y 414 -44.92 73.47 138.85
CA GLU Y 414 -44.68 74.30 140.00
C GLU Y 414 -43.28 74.89 139.96
N GLU Y 415 -43.10 76.01 140.65
CA GLU Y 415 -41.76 76.51 140.86
C GLU Y 415 -40.99 75.55 141.75
N GLY Y 416 -39.70 75.44 141.48
CA GLY Y 416 -38.85 74.56 142.25
C GLY Y 416 -38.10 73.60 141.36
N GLU Y 417 -38.79 73.03 140.36
CA GLU Y 417 -38.04 72.33 139.32
C GLU Y 417 -37.56 73.27 138.23
N PHE Y 418 -37.92 74.55 138.28
CA PHE Y 418 -37.05 75.54 137.69
C PHE Y 418 -35.72 75.58 138.44
N SER Y 419 -35.77 75.56 139.77
CA SER Y 419 -34.56 75.68 140.55
C SER Y 419 -33.70 74.43 140.43
N GLU Y 420 -34.32 73.25 140.47
CA GLU Y 420 -33.58 72.00 140.40
C GLU Y 420 -32.81 71.87 139.11
N ALA Y 421 -33.33 72.44 138.03
CA ALA Y 421 -32.62 72.39 136.75
C ALA Y 421 -31.40 73.29 136.74
N ARG Y 422 -31.34 74.27 137.66
CA ARG Y 422 -30.22 75.19 137.68
C ARG Y 422 -28.94 74.49 138.13
N GLU Y 423 -28.99 73.76 139.25
CA GLU Y 423 -27.77 73.04 139.63
C GLU Y 423 -27.56 71.80 138.80
N ASP Y 424 -28.58 71.32 138.08
CA ASP Y 424 -28.36 70.20 137.19
C ASP Y 424 -27.54 70.63 135.98
N LEU Y 425 -27.88 71.77 135.38
CA LEU Y 425 -27.03 72.29 134.32
C LEU Y 425 -25.74 72.88 134.86
N ALA Y 426 -25.73 73.31 136.11
CA ALA Y 426 -24.46 73.71 136.72
C ALA Y 426 -23.56 72.51 136.90
N ALA Y 427 -24.13 71.38 137.34
CA ALA Y 427 -23.34 70.16 137.46
C ALA Y 427 -22.90 69.67 136.09
N LEU Y 428 -23.75 69.85 135.07
CA LEU Y 428 -23.36 69.52 133.72
C LEU Y 428 -22.22 70.43 133.24
N GLU Y 429 -22.25 71.69 133.65
CA GLU Y 429 -21.14 72.57 133.30
C GLU Y 429 -19.92 72.27 134.16
N LYS Y 430 -20.13 71.97 135.44
CA LYS Y 430 -19.02 71.82 136.38
C LYS Y 430 -18.18 70.59 136.08
N ASP Y 431 -18.79 69.54 135.55
CA ASP Y 431 -18.06 68.32 135.25
C ASP Y 431 -17.06 68.52 134.11
N TYR Y 432 -17.33 69.46 133.21
CA TYR Y 432 -16.49 69.62 132.04
C TYR Y 432 -15.11 70.17 132.41
N GLU Y 433 -15.04 71.13 133.31
CA GLU Y 433 -13.72 71.48 133.81
C GLU Y 433 -13.21 70.49 134.85
N GLU Y 434 -14.08 69.67 135.41
CA GLU Y 434 -13.60 68.57 136.24
C GLU Y 434 -12.88 67.52 135.39
N VAL Y 435 -13.34 67.33 134.15
CA VAL Y 435 -12.78 66.33 133.27
C VAL Y 435 -11.58 66.86 132.51
N GLY Y 436 -11.66 68.09 132.02
CA GLY Y 436 -10.64 68.62 131.12
C GLY Y 436 -9.29 68.89 131.76
N ILE Y 437 -9.19 68.88 133.08
CA ILE Y 437 -7.92 69.10 133.74
C ILE Y 437 -7.05 67.85 133.70
N MET Z 1 -61.73 72.52 115.37
CA MET Z 1 -60.29 72.68 115.19
C MET Z 1 -59.81 73.91 115.95
N ARG Z 2 -59.38 74.94 115.23
CA ARG Z 2 -59.05 76.23 115.83
C ARG Z 2 -59.96 77.29 115.24
N GLU Z 3 -60.73 77.97 116.09
CA GLU Z 3 -61.65 79.00 115.67
C GLU Z 3 -61.57 80.18 116.63
N ILE Z 4 -61.99 81.34 116.15
CA ILE Z 4 -62.04 82.57 116.94
C ILE Z 4 -63.41 83.20 116.73
N VAL Z 5 -64.16 83.38 117.81
CA VAL Z 5 -65.47 84.00 117.78
C VAL Z 5 -65.30 85.49 118.07
N HIS Z 6 -65.83 86.33 117.19
CA HIS Z 6 -65.50 87.75 117.23
C HIS Z 6 -66.74 88.55 117.59
N VAL Z 7 -66.58 89.59 118.39
CA VAL Z 7 -67.71 90.34 118.93
C VAL Z 7 -67.55 91.82 118.60
N GLN Z 8 -68.58 92.39 117.98
CA GLN Z 8 -68.66 93.82 117.72
C GLN Z 8 -69.16 94.51 118.99
N GLY Z 9 -68.49 95.59 119.39
CA GLY Z 9 -68.93 96.28 120.59
C GLY Z 9 -68.99 97.78 120.46
N GLY Z 10 -70.16 98.35 120.65
CA GLY Z 10 -70.33 99.80 120.56
C GLY Z 10 -70.33 100.28 119.13
N GLN Z 11 -70.48 101.60 118.99
CA GLN Z 11 -70.50 102.19 117.65
C GLN Z 11 -69.12 102.14 117.02
N CYS Z 12 -68.07 102.42 117.79
CA CYS Z 12 -66.71 102.36 117.28
C CYS Z 12 -66.34 100.96 116.84
N GLY Z 13 -66.68 99.96 117.66
CA GLY Z 13 -66.39 98.60 117.29
C GLY Z 13 -67.18 98.15 116.09
N ASN Z 14 -68.39 98.68 115.94
CA ASN Z 14 -69.20 98.33 114.78
C ASN Z 14 -68.57 98.86 113.50
N GLN Z 15 -68.04 100.08 113.53
CA GLN Z 15 -67.46 100.64 112.33
C GLN Z 15 -66.11 100.00 112.02
N ILE Z 16 -65.26 99.86 113.04
CA ILE Z 16 -63.94 99.28 112.81
C ILE Z 16 -64.06 97.82 112.44
N GLY Z 17 -64.97 97.10 113.11
CA GLY Z 17 -65.14 95.69 112.82
C GLY Z 17 -65.78 95.42 111.48
N ALA Z 18 -66.55 96.38 110.96
CA ALA Z 18 -67.13 96.20 109.63
C ALA Z 18 -66.04 96.20 108.57
N LYS Z 19 -65.03 97.05 108.74
CA LYS Z 19 -63.93 97.05 107.79
C LYS Z 19 -63.04 95.82 107.97
N PHE Z 20 -63.01 95.26 109.17
CA PHE Z 20 -62.27 94.02 109.40
C PHE Z 20 -62.84 92.88 108.57
N TRP Z 21 -64.15 92.75 108.52
CA TRP Z 21 -64.73 91.68 107.72
C TRP Z 21 -64.63 91.99 106.24
N GLU Z 22 -64.39 93.25 105.89
CA GLU Z 22 -64.08 93.58 104.51
C GLU Z 22 -62.67 93.16 104.14
N VAL Z 23 -61.70 93.42 105.04
CA VAL Z 23 -60.31 93.10 104.71
C VAL Z 23 -60.01 91.62 104.95
N ILE Z 24 -60.80 90.95 105.79
CA ILE Z 24 -60.62 89.52 105.94
C ILE Z 24 -61.18 88.77 104.74
N SER Z 25 -62.36 89.17 104.27
CA SER Z 25 -63.06 88.41 103.23
C SER Z 25 -62.32 88.45 101.91
N ASP Z 26 -61.83 89.61 101.50
CA ASP Z 26 -61.11 89.67 100.25
C ASP Z 26 -59.72 89.08 100.34
N GLU Z 27 -59.19 88.91 101.55
CA GLU Z 27 -57.99 88.13 101.72
C GLU Z 27 -58.26 86.64 101.51
N HIS Z 28 -59.49 86.20 101.76
CA HIS Z 28 -59.84 84.80 101.61
C HIS Z 28 -60.74 84.54 100.41
N GLY Z 29 -60.99 85.55 99.59
CA GLY Z 29 -61.78 85.37 98.38
C GLY Z 29 -63.23 85.02 98.58
N ILE Z 30 -63.91 85.72 99.50
CA ILE Z 30 -65.32 85.46 99.78
C ILE Z 30 -66.14 86.62 99.23
N ASP Z 31 -67.05 86.31 98.32
CA ASP Z 31 -67.98 87.29 97.78
C ASP Z 31 -68.97 87.72 98.85
N PRO Z 32 -69.60 88.89 98.69
CA PRO Z 32 -70.61 89.31 99.68
C PRO Z 32 -71.81 88.39 99.73
N THR Z 33 -72.07 87.63 98.66
CA THR Z 33 -73.11 86.61 98.70
C THR Z 33 -72.77 85.52 99.71
N GLY Z 34 -71.50 85.17 99.80
CA GLY Z 34 -71.04 84.05 100.60
C GLY Z 34 -70.40 82.94 99.78
N THR Z 35 -70.53 83.00 98.46
CA THR Z 35 -69.86 82.03 97.60
C THR Z 35 -68.38 82.35 97.50
N TYR Z 36 -67.65 81.47 96.82
CA TYR Z 36 -66.21 81.62 96.70
C TYR Z 36 -65.82 81.70 95.23
N CYS Z 37 -64.95 82.66 94.93
CA CYS Z 37 -64.20 82.70 93.69
C CYS Z 37 -62.78 83.09 94.03
N GLY Z 38 -61.81 82.52 93.31
CA GLY Z 38 -60.42 82.82 93.60
C GLY Z 38 -59.45 81.70 93.32
N ASP Z 39 -59.99 80.51 93.01
CA ASP Z 39 -59.31 79.33 92.46
C ASP Z 39 -57.93 79.04 93.02
N SER Z 40 -57.74 79.30 94.31
CA SER Z 40 -56.48 79.02 95.00
C SER Z 40 -56.83 78.37 96.32
N ASP Z 41 -56.62 77.06 96.43
CA ASP Z 41 -57.10 76.29 97.57
C ASP Z 41 -56.38 76.62 98.86
N LEU Z 42 -55.29 77.39 98.80
CA LEU Z 42 -54.60 77.81 100.02
C LEU Z 42 -55.46 78.76 100.84
N GLN Z 43 -56.33 79.52 100.19
CA GLN Z 43 -57.25 80.39 100.89
C GLN Z 43 -58.30 79.60 101.65
N LEU Z 44 -58.89 78.61 100.99
CA LEU Z 44 -60.11 77.98 101.48
C LEU Z 44 -59.88 76.76 102.36
N GLU Z 45 -58.69 76.18 102.36
CA GLU Z 45 -58.54 74.92 103.07
C GLU Z 45 -58.52 75.13 104.57
N ARG Z 46 -58.20 76.33 105.02
CA ARG Z 46 -58.42 76.72 106.42
C ARG Z 46 -59.18 78.04 106.40
N ILE Z 47 -60.50 77.92 106.29
CA ILE Z 47 -61.40 79.06 106.35
C ILE Z 47 -62.10 79.14 107.70
N ASN Z 48 -62.27 78.02 108.39
CA ASN Z 48 -63.08 77.93 109.58
C ASN Z 48 -62.46 78.58 110.76
N VAL Z 49 -61.34 79.29 110.65
CA VAL Z 49 -60.84 80.07 111.78
C VAL Z 49 -61.83 81.18 112.11
N PHE Z 50 -62.36 81.84 111.09
CA PHE Z 50 -63.28 82.94 111.28
C PHE Z 50 -64.69 82.68 110.78
N TYR Z 51 -64.87 81.74 109.87
CA TYR Z 51 -66.12 81.57 109.16
C TYR Z 51 -66.79 80.26 109.55
N ASN Z 52 -68.03 80.10 109.09
CA ASN Z 52 -68.79 78.88 109.29
C ASN Z 52 -69.48 78.52 107.98
N GLU Z 53 -69.62 77.23 107.72
CA GLU Z 53 -70.39 76.77 106.58
C GLU Z 53 -71.87 76.81 106.94
N ALA Z 54 -72.70 77.31 106.04
CA ALA Z 54 -74.09 77.59 106.33
C ALA Z 54 -75.04 76.61 105.65
N THR Z 55 -74.62 75.36 105.50
CA THR Z 55 -75.42 74.23 105.03
C THR Z 55 -76.02 74.44 103.64
N GLY Z 56 -75.44 75.33 102.84
CA GLY Z 56 -75.82 75.44 101.45
C GLY Z 56 -74.64 75.80 100.59
N GLY Z 57 -73.45 75.81 101.20
CA GLY Z 57 -72.26 76.31 100.56
C GLY Z 57 -71.91 77.74 100.92
N ARG Z 58 -72.86 78.51 101.41
CA ARG Z 58 -72.60 79.89 101.82
C ARG Z 58 -71.72 79.90 103.06
N PHE Z 59 -70.82 80.88 103.10
CA PHE Z 59 -70.00 81.10 104.28
C PHE Z 59 -70.57 82.27 105.07
N VAL Z 60 -70.58 82.12 106.39
CA VAL Z 60 -71.05 83.18 107.27
C VAL Z 60 -70.00 83.45 108.33
N PRO Z 61 -69.82 84.68 108.77
CA PRO Z 61 -68.84 84.96 109.82
C PRO Z 61 -69.35 84.56 111.19
N ARG Z 62 -68.42 84.35 112.09
CA ARG Z 62 -68.74 84.10 113.50
C ARG Z 62 -68.67 85.42 114.27
N ALA Z 63 -69.47 86.38 113.83
CA ALA Z 63 -69.48 87.72 114.38
C ALA Z 63 -70.78 87.98 115.13
N ILE Z 64 -70.67 88.71 116.23
CA ILE Z 64 -71.81 89.03 117.07
C ILE Z 64 -71.96 90.54 117.09
N LEU Z 65 -72.78 91.08 116.19
CA LEU Z 65 -73.01 92.52 116.09
C LEU Z 65 -73.82 92.94 117.30
N MET Z 66 -73.26 93.83 118.12
CA MET Z 66 -73.90 94.18 119.38
C MET Z 66 -73.80 95.68 119.62
N ASP Z 67 -74.92 96.28 120.01
CA ASP Z 67 -74.99 97.69 120.43
C ASP Z 67 -76.35 97.92 121.06
N LEU Z 68 -76.47 99.06 121.75
CA LEU Z 68 -77.69 99.44 122.44
C LEU Z 68 -78.54 100.43 121.65
N GLU Z 69 -78.15 100.79 120.43
CA GLU Z 69 -78.88 101.78 119.66
C GLU Z 69 -79.00 101.26 118.24
N PRO Z 70 -80.20 101.16 117.70
CA PRO Z 70 -80.40 100.40 116.46
C PRO Z 70 -79.89 101.09 115.22
N GLY Z 71 -79.48 102.35 115.30
CA GLY Z 71 -79.10 103.08 114.10
C GLY Z 71 -77.84 102.56 113.44
N THR Z 72 -76.82 102.23 114.25
CA THR Z 72 -75.53 101.92 113.66
C THR Z 72 -75.50 100.54 113.03
N MET Z 73 -76.29 99.59 113.55
CA MET Z 73 -76.43 98.32 112.83
C MET Z 73 -77.18 98.48 111.52
N ASP Z 74 -78.10 99.45 111.46
CA ASP Z 74 -78.76 99.73 110.19
C ASP Z 74 -77.76 100.22 109.16
N SER Z 75 -76.78 101.02 109.59
CA SER Z 75 -75.72 101.43 108.69
C SER Z 75 -74.85 100.25 108.29
N VAL Z 76 -74.57 99.34 109.23
CA VAL Z 76 -73.75 98.18 108.93
C VAL Z 76 -74.48 97.24 107.99
N ARG Z 77 -75.76 97.00 108.25
CA ARG Z 77 -76.54 96.08 107.42
C ARG Z 77 -76.75 96.64 106.02
N ALA Z 78 -77.13 97.91 105.91
CA ALA Z 78 -77.38 98.48 104.60
C ALA Z 78 -76.12 98.72 103.81
N GLY Z 79 -74.96 98.73 104.47
CA GLY Z 79 -73.71 98.96 103.78
C GLY Z 79 -73.32 97.76 102.95
N PRO Z 80 -72.26 97.92 102.16
CA PRO Z 80 -71.75 96.78 101.39
C PRO Z 80 -71.13 95.75 102.31
N PHE Z 81 -71.18 94.50 101.86
CA PHE Z 81 -70.70 93.33 102.60
C PHE Z 81 -71.40 93.21 103.95
N GLY Z 82 -72.69 93.50 103.98
CA GLY Z 82 -73.43 93.42 105.22
C GLY Z 82 -74.31 92.19 105.29
N GLN Z 83 -74.56 91.57 104.15
CA GLN Z 83 -75.40 90.39 104.10
C GLN Z 83 -74.69 89.13 104.55
N LEU Z 84 -73.38 89.20 104.80
CA LEU Z 84 -72.63 88.02 105.20
C LEU Z 84 -73.11 87.49 106.54
N PHE Z 85 -73.36 88.37 107.50
CA PHE Z 85 -73.81 87.94 108.81
C PHE Z 85 -75.21 87.36 108.72
N ARG Z 86 -75.43 86.26 109.42
CA ARG Z 86 -76.79 85.76 109.43
C ARG Z 86 -77.64 86.64 110.34
N PRO Z 87 -78.90 86.91 109.95
CA PRO Z 87 -79.66 87.97 110.63
C PRO Z 87 -79.95 87.72 112.09
N ASP Z 88 -79.86 86.49 112.57
CA ASP Z 88 -80.08 86.25 113.99
C ASP Z 88 -78.90 86.71 114.85
N ASN Z 89 -77.75 87.01 114.25
CA ASN Z 89 -76.59 87.38 115.04
C ASN Z 89 -76.71 88.78 115.60
N PHE Z 90 -77.47 89.66 114.94
CA PHE Z 90 -77.66 91.01 115.44
C PHE Z 90 -78.40 90.99 116.76
N VAL Z 91 -77.94 91.81 117.69
CA VAL Z 91 -78.68 92.09 118.92
C VAL Z 91 -78.82 93.59 119.07
N PHE Z 92 -80.06 94.05 119.24
CA PHE Z 92 -80.38 95.46 119.29
C PHE Z 92 -80.64 95.89 120.72
N GLY Z 93 -80.44 97.16 120.97
CA GLY Z 93 -81.04 97.80 122.12
C GLY Z 93 -81.89 98.94 121.61
N GLN Z 94 -82.80 99.46 122.41
CA GLN Z 94 -83.60 100.59 121.97
C GLN Z 94 -83.43 101.83 122.81
N THR Z 95 -83.09 101.69 124.10
CA THR Z 95 -82.96 102.87 124.95
C THR Z 95 -81.74 103.68 124.60
N GLY Z 96 -80.63 103.01 124.32
CA GLY Z 96 -79.42 103.71 123.97
C GLY Z 96 -78.67 104.11 125.22
N ALA Z 97 -77.41 103.70 125.32
CA ALA Z 97 -76.59 104.13 126.44
C ALA Z 97 -76.27 105.60 126.27
N GLY Z 98 -76.49 106.38 127.32
CA GLY Z 98 -76.29 107.80 127.22
C GLY Z 98 -74.86 108.23 127.46
N ASN Z 99 -73.92 107.51 126.83
CA ASN Z 99 -72.49 107.74 126.97
C ASN Z 99 -72.06 107.69 128.42
N ASN Z 100 -72.75 106.89 129.21
CA ASN Z 100 -72.55 106.81 130.65
C ASN Z 100 -72.18 105.38 130.98
N TRP Z 101 -71.06 105.20 131.71
CA TRP Z 101 -70.55 103.86 131.97
C TRP Z 101 -71.50 103.05 132.81
N ALA Z 102 -72.05 103.65 133.86
CA ALA Z 102 -72.99 102.95 134.70
C ALA Z 102 -74.29 102.67 133.96
N LYS Z 103 -74.63 103.53 133.01
CA LYS Z 103 -75.89 103.36 132.28
C LYS Z 103 -75.83 102.12 131.41
N GLY Z 104 -74.66 101.83 130.86
CA GLY Z 104 -74.48 100.63 130.09
C GLY Z 104 -74.23 99.40 130.94
N HIS Z 105 -73.27 99.49 131.87
CA HIS Z 105 -72.78 98.31 132.56
C HIS Z 105 -73.82 97.70 133.50
N TYR Z 106 -74.71 98.51 134.07
CA TYR Z 106 -75.70 97.95 134.99
C TYR Z 106 -77.10 97.97 134.43
N THR Z 107 -77.61 99.13 134.04
CA THR Z 107 -79.05 99.28 133.89
C THR Z 107 -79.58 98.58 132.63
N GLU Z 108 -79.19 99.05 131.46
CA GLU Z 108 -79.64 98.40 130.23
C GLU Z 108 -78.67 97.36 129.71
N GLY Z 109 -77.57 97.13 130.40
CA GLY Z 109 -76.80 95.92 130.14
C GLY Z 109 -77.55 94.68 130.57
N ALA Z 110 -78.20 94.75 131.74
CA ALA Z 110 -78.83 93.57 132.32
C ALA Z 110 -80.00 93.09 131.49
N GLU Z 111 -80.67 93.96 130.77
CA GLU Z 111 -81.74 93.53 129.88
C GLU Z 111 -81.23 93.06 128.53
N LEU Z 112 -79.93 93.13 128.29
CA LEU Z 112 -79.39 92.68 127.02
C LEU Z 112 -78.27 91.66 127.13
N ILE Z 113 -77.55 91.60 128.24
CA ILE Z 113 -76.44 90.66 128.38
C ILE Z 113 -76.96 89.23 128.38
N ASP Z 114 -78.14 89.01 128.94
CA ASP Z 114 -78.75 87.69 128.88
C ASP Z 114 -79.08 87.26 127.45
N SER Z 115 -79.27 88.22 126.54
CA SER Z 115 -79.52 87.90 125.15
C SER Z 115 -78.25 87.76 124.32
N VAL Z 116 -77.20 88.51 124.65
CA VAL Z 116 -75.98 88.39 123.87
C VAL Z 116 -75.17 87.19 124.32
N LEU Z 117 -75.34 86.74 125.56
CA LEU Z 117 -74.62 85.54 125.99
C LEU Z 117 -75.24 84.28 125.41
N ASP Z 118 -76.53 84.30 125.09
CA ASP Z 118 -77.14 83.15 124.44
C ASP Z 118 -76.57 82.97 123.05
N VAL Z 119 -76.30 84.07 122.35
CA VAL Z 119 -75.78 83.97 121.00
C VAL Z 119 -74.33 83.55 121.02
N VAL Z 120 -73.54 84.08 121.96
CA VAL Z 120 -72.12 83.72 121.98
C VAL Z 120 -71.94 82.32 122.56
N ARG Z 121 -72.89 81.85 123.36
CA ARG Z 121 -72.82 80.45 123.79
C ARG Z 121 -73.18 79.51 122.65
N LYS Z 122 -74.05 79.93 121.75
CA LYS Z 122 -74.39 79.09 120.61
C LYS Z 122 -73.24 78.98 119.64
N GLU Z 123 -72.54 80.09 119.40
CA GLU Z 123 -71.45 80.08 118.43
C GLU Z 123 -70.21 79.39 118.97
N ALA Z 124 -69.94 79.57 120.27
CA ALA Z 124 -68.76 78.95 120.86
C ALA Z 124 -68.91 77.43 120.95
N GLU Z 125 -70.07 76.96 121.41
CA GLU Z 125 -70.28 75.54 121.62
C GLU Z 125 -70.48 74.76 120.33
N GLY Z 126 -70.61 75.45 119.20
CA GLY Z 126 -70.83 74.75 117.95
C GLY Z 126 -69.61 74.03 117.43
N CYS Z 127 -68.44 74.28 117.99
CA CYS Z 127 -67.21 73.62 117.59
C CYS Z 127 -66.76 72.67 118.68
N ASP Z 128 -65.66 71.96 118.40
CA ASP Z 128 -65.12 71.01 119.37
C ASP Z 128 -64.37 71.75 120.47
N CYS Z 129 -63.31 72.47 120.08
CA CYS Z 129 -62.59 73.34 121.00
C CYS Z 129 -62.15 74.56 120.20
N LEU Z 130 -62.04 75.69 120.89
CA LEU Z 130 -61.82 76.98 120.25
C LEU Z 130 -60.64 77.70 120.88
N GLN Z 131 -59.98 78.53 120.08
CA GLN Z 131 -58.84 79.29 120.59
C GLN Z 131 -59.28 80.36 121.57
N GLY Z 132 -60.28 81.15 121.19
CA GLY Z 132 -60.75 82.20 122.08
C GLY Z 132 -61.56 83.23 121.33
N PHE Z 133 -61.58 84.44 121.87
CA PHE Z 133 -62.42 85.51 121.40
C PHE Z 133 -61.59 86.75 121.06
N GLN Z 134 -62.07 87.50 120.09
CA GLN Z 134 -61.57 88.83 119.83
C GLN Z 134 -62.73 89.81 119.85
N ILE Z 135 -62.50 90.99 120.41
CA ILE Z 135 -63.51 92.03 120.37
C ILE Z 135 -62.86 93.30 119.85
N THR Z 136 -63.70 94.20 119.36
CA THR Z 136 -63.28 95.54 119.02
C THR Z 136 -64.29 96.51 119.61
N HIS Z 137 -63.78 97.54 120.26
CA HIS Z 137 -64.63 98.43 121.03
C HIS Z 137 -63.87 99.71 121.30
N SER Z 138 -64.47 100.60 122.08
CA SER Z 138 -63.89 101.88 122.44
C SER Z 138 -63.91 102.03 123.94
N LEU Z 139 -63.07 102.91 124.45
CA LEU Z 139 -63.16 103.34 125.84
C LEU Z 139 -63.63 104.78 125.96
N GLY Z 140 -64.30 105.29 124.94
CA GLY Z 140 -64.81 106.64 124.99
C GLY Z 140 -66.26 106.77 125.43
N GLY Z 141 -67.14 106.06 124.74
CA GLY Z 141 -68.55 106.19 124.99
C GLY Z 141 -68.99 105.36 126.17
N GLY Z 142 -70.27 105.01 126.16
CA GLY Z 142 -70.84 104.15 127.18
C GLY Z 142 -71.02 102.72 126.74
N THR Z 143 -71.60 102.52 125.56
CA THR Z 143 -72.03 101.19 125.17
C THR Z 143 -70.94 100.37 124.50
N GLY Z 144 -69.81 100.98 124.17
CA GLY Z 144 -68.68 100.21 123.70
C GLY Z 144 -67.65 100.03 124.80
N SER Z 145 -67.84 100.75 125.88
CA SER Z 145 -66.89 100.76 126.98
C SER Z 145 -67.46 100.12 128.23
N GLY Z 146 -68.66 100.49 128.63
CA GLY Z 146 -69.21 99.97 129.84
C GLY Z 146 -69.71 98.56 129.70
N MET Z 147 -70.74 98.39 128.89
CA MET Z 147 -71.36 97.08 128.83
C MET Z 147 -70.66 96.15 127.86
N GLY Z 148 -69.76 96.67 127.03
CA GLY Z 148 -68.84 95.80 126.32
C GLY Z 148 -67.86 95.14 127.26
N THR Z 149 -67.38 95.88 128.25
CA THR Z 149 -66.50 95.31 129.27
C THR Z 149 -67.23 94.30 130.14
N LEU Z 150 -68.52 94.53 130.40
CA LEU Z 150 -69.31 93.55 131.12
C LEU Z 150 -69.41 92.25 130.35
N LEU Z 151 -69.54 92.34 129.02
CA LEU Z 151 -69.60 91.14 128.19
C LEU Z 151 -68.29 90.38 128.26
N ILE Z 152 -67.17 91.09 128.43
CA ILE Z 152 -65.90 90.44 128.67
C ILE Z 152 -65.88 89.82 130.07
N SER Z 153 -66.47 90.51 131.04
CA SER Z 153 -66.53 90.00 132.40
C SER Z 153 -67.36 88.72 132.47
N LYS Z 154 -68.45 88.66 131.71
CA LYS Z 154 -69.23 87.43 131.68
C LYS Z 154 -68.51 86.34 130.90
N VAL Z 155 -67.89 86.68 129.78
CA VAL Z 155 -67.27 85.66 128.94
C VAL Z 155 -66.06 85.04 129.64
N ARG Z 156 -65.29 85.86 130.36
CA ARG Z 156 -64.11 85.36 131.05
C ARG Z 156 -64.48 84.33 132.12
N GLU Z 157 -65.51 84.60 132.90
CA GLU Z 157 -65.89 83.63 133.91
C GLU Z 157 -66.63 82.43 133.36
N GLU Z 158 -67.08 82.47 132.10
CA GLU Z 158 -67.66 81.28 131.50
C GLU Z 158 -66.61 80.38 130.87
N TYR Z 159 -65.69 80.96 130.10
CA TYR Z 159 -64.58 80.20 129.53
C TYR Z 159 -63.30 80.74 130.10
N PRO Z 160 -62.77 80.14 131.17
CA PRO Z 160 -61.70 80.80 131.92
C PRO Z 160 -60.31 80.56 131.38
N ASP Z 161 -60.14 79.69 130.39
CA ASP Z 161 -58.81 79.32 129.93
C ASP Z 161 -58.60 79.59 128.44
N ARG Z 162 -59.17 80.67 127.93
CA ARG Z 162 -59.07 80.98 126.52
C ARG Z 162 -58.49 82.38 126.32
N ILE Z 163 -57.92 82.57 125.14
CA ILE Z 163 -57.30 83.83 124.75
C ILE Z 163 -58.39 84.89 124.62
N MET Z 164 -58.01 86.16 124.75
CA MET Z 164 -58.96 87.27 124.67
C MET Z 164 -58.29 88.47 124.01
N GLU Z 165 -58.58 88.71 122.74
CA GLU Z 165 -58.13 89.90 122.04
C GLU Z 165 -59.15 91.01 122.22
N THR Z 166 -58.68 92.19 122.62
CA THR Z 166 -59.51 93.38 122.62
C THR Z 166 -58.81 94.47 121.84
N PHE Z 167 -59.44 94.92 120.79
CA PHE Z 167 -58.88 95.90 119.87
C PHE Z 167 -59.55 97.23 120.17
N SER Z 168 -58.98 97.97 121.11
CA SER Z 168 -59.66 99.09 121.74
C SER Z 168 -58.98 100.40 121.40
N VAL Z 169 -59.78 101.44 121.20
CA VAL Z 169 -59.26 102.79 121.00
C VAL Z 169 -59.34 103.52 122.33
N PHE Z 170 -58.46 104.49 122.53
CA PHE Z 170 -58.32 105.18 123.80
C PHE Z 170 -58.58 106.67 123.66
N PRO Z 171 -58.80 107.38 124.77
CA PRO Z 171 -58.87 108.84 124.71
C PRO Z 171 -57.59 109.47 124.21
N SER Z 172 -57.75 110.55 123.46
CA SER Z 172 -56.68 111.34 122.88
C SER Z 172 -56.14 112.33 123.90
N PRO Z 173 -54.89 112.76 123.77
CA PRO Z 173 -54.36 113.76 124.70
C PRO Z 173 -54.67 115.20 124.34
N LYS Z 174 -55.00 115.48 123.09
CA LYS Z 174 -55.20 116.87 122.71
C LYS Z 174 -56.66 117.27 122.56
N VAL Z 175 -57.54 116.39 122.09
CA VAL Z 175 -58.93 116.72 121.91
C VAL Z 175 -59.74 115.56 122.49
N SER Z 176 -61.01 115.82 122.79
CA SER Z 176 -61.82 114.80 123.44
C SER Z 176 -63.27 115.00 123.06
N ASP Z 177 -63.76 114.20 122.13
CA ASP Z 177 -65.20 114.05 121.99
C ASP Z 177 -65.70 113.14 123.12
N THR Z 178 -66.99 113.24 123.43
CA THR Z 178 -67.62 112.57 124.59
C THR Z 178 -66.93 112.97 125.89
N VAL Z 179 -67.20 114.22 126.29
CA VAL Z 179 -66.55 115.01 127.33
C VAL Z 179 -66.19 114.25 128.60
N VAL Z 180 -67.00 113.26 129.00
CA VAL Z 180 -66.60 112.36 130.09
C VAL Z 180 -65.81 111.24 129.44
N GLU Z 181 -64.56 111.55 129.12
CA GLU Z 181 -63.55 110.57 128.74
C GLU Z 181 -62.86 109.91 129.91
N PRO Z 182 -62.34 110.62 130.92
CA PRO Z 182 -61.66 109.89 132.00
C PRO Z 182 -62.59 109.06 132.84
N TYR Z 183 -63.87 109.39 132.90
CA TYR Z 183 -64.79 108.58 133.68
C TYR Z 183 -65.13 107.29 132.93
N ASN Z 184 -65.25 107.37 131.62
CA ASN Z 184 -65.53 106.16 130.86
C ASN Z 184 -64.30 105.28 130.73
N ALA Z 185 -63.12 105.88 130.64
CA ALA Z 185 -61.90 105.10 130.47
C ALA Z 185 -61.53 104.39 131.76
N THR Z 186 -61.30 105.14 132.84
CA THR Z 186 -60.78 104.57 134.08
C THR Z 186 -61.75 103.58 134.69
N LEU Z 187 -63.05 103.80 134.54
CA LEU Z 187 -64.01 102.82 135.00
C LEU Z 187 -64.02 101.57 134.14
N SER Z 188 -63.48 101.62 132.93
CA SER Z 188 -63.47 100.43 132.09
C SER Z 188 -62.13 99.73 132.10
N VAL Z 189 -61.06 100.43 132.49
CA VAL Z 189 -59.75 99.80 132.52
C VAL Z 189 -59.66 98.81 133.68
N HIS Z 190 -60.24 99.13 134.83
CA HIS Z 190 -59.95 98.30 136.00
C HIS Z 190 -60.72 97.00 136.01
N GLN Z 191 -61.61 96.77 135.03
CA GLN Z 191 -61.96 95.40 134.70
C GLN Z 191 -61.16 94.85 133.54
N LEU Z 192 -60.60 95.72 132.71
CA LEU Z 192 -59.90 95.25 131.53
C LEU Z 192 -58.50 94.73 131.89
N VAL Z 193 -57.93 95.20 132.99
CA VAL Z 193 -56.62 94.71 133.41
C VAL Z 193 -56.69 93.37 134.11
N GLU Z 194 -57.88 92.90 134.46
CA GLU Z 194 -58.02 91.66 135.19
C GLU Z 194 -58.86 90.62 134.47
N ASN Z 195 -59.55 90.98 133.39
CA ASN Z 195 -60.40 90.04 132.67
C ASN Z 195 -59.98 89.79 131.23
N ALA Z 196 -59.34 90.75 130.57
CA ALA Z 196 -58.93 90.59 129.19
C ALA Z 196 -57.47 90.17 129.15
N ASP Z 197 -57.15 89.19 128.30
CA ASP Z 197 -55.85 88.57 128.45
C ASP Z 197 -54.76 89.40 127.80
N GLU Z 198 -55.04 89.99 126.64
CA GLU Z 198 -54.16 91.05 126.16
C GLU Z 198 -54.97 92.11 125.41
N VAL Z 199 -54.62 93.36 125.67
CA VAL Z 199 -55.31 94.53 125.15
C VAL Z 199 -54.30 95.33 124.38
N GLN Z 200 -54.61 95.65 123.14
CA GLN Z 200 -53.73 96.51 122.37
C GLN Z 200 -54.46 97.76 121.95
N VAL Z 201 -53.78 98.89 122.09
CA VAL Z 201 -54.43 100.18 122.14
C VAL Z 201 -54.22 100.93 120.85
N ILE Z 202 -55.19 101.77 120.54
CA ILE Z 202 -55.19 102.64 119.36
C ILE Z 202 -55.55 104.03 119.85
N ASP Z 203 -54.90 105.05 119.31
CA ASP Z 203 -55.31 106.42 119.54
C ASP Z 203 -55.83 107.00 118.24
N ASN Z 204 -56.99 107.66 118.29
CA ASN Z 204 -57.53 108.27 117.08
C ASN Z 204 -56.61 109.35 116.56
N GLU Z 205 -56.05 110.17 117.44
CA GLU Z 205 -55.23 111.29 116.99
C GLU Z 205 -53.90 110.84 116.42
N ALA Z 206 -53.40 109.67 116.83
CA ALA Z 206 -52.18 109.16 116.22
C ALA Z 206 -52.43 108.73 114.79
N LEU Z 207 -53.63 108.22 114.51
CA LEU Z 207 -53.96 107.82 113.15
C LEU Z 207 -54.12 109.01 112.22
N TYR Z 208 -54.56 110.16 112.75
CA TYR Z 208 -54.58 111.36 111.92
C TYR Z 208 -53.18 111.80 111.56
N ASP Z 209 -52.25 111.76 112.52
CA ASP Z 209 -50.88 112.19 112.26
C ASP Z 209 -50.16 111.23 111.32
N ILE Z 210 -50.47 109.94 111.41
CA ILE Z 210 -49.99 108.97 110.43
C ILE Z 210 -50.52 109.34 109.06
N CYS Z 211 -51.80 109.69 108.99
CA CYS Z 211 -52.44 109.99 107.72
C CYS Z 211 -52.03 111.34 107.16
N PHE Z 212 -51.51 112.24 107.99
CA PHE Z 212 -51.14 113.57 107.53
C PHE Z 212 -49.65 113.71 107.22
N ARG Z 213 -48.80 112.81 107.73
CA ARG Z 213 -47.37 113.01 107.60
C ARG Z 213 -46.61 111.82 107.03
N THR Z 214 -47.23 110.66 106.90
CA THR Z 214 -46.57 109.52 106.26
C THR Z 214 -47.33 109.03 105.04
N LEU Z 215 -48.64 108.84 105.16
CA LEU Z 215 -49.42 108.49 103.99
C LEU Z 215 -49.66 109.66 103.06
N LYS Z 216 -49.39 110.89 103.51
CA LYS Z 216 -49.55 112.11 102.71
C LYS Z 216 -50.98 112.25 102.18
N LEU Z 217 -51.96 111.89 102.98
CA LEU Z 217 -53.34 112.08 102.58
C LEU Z 217 -53.85 113.41 103.10
N THR Z 218 -54.74 114.03 102.33
CA THR Z 218 -55.28 115.35 102.63
C THR Z 218 -56.63 115.31 103.32
N THR Z 219 -57.53 114.43 102.88
CA THR Z 219 -58.88 114.33 103.43
C THR Z 219 -59.15 112.90 103.90
N PRO Z 220 -58.79 112.58 105.13
CA PRO Z 220 -59.05 111.24 105.66
C PRO Z 220 -60.50 111.12 106.13
N THR Z 221 -61.31 110.45 105.31
CA THR Z 221 -62.61 110.00 105.80
C THR Z 221 -62.37 108.91 106.84
N TYR Z 222 -63.38 108.66 107.67
CA TYR Z 222 -63.13 107.73 108.75
C TYR Z 222 -63.07 106.29 108.26
N GLY Z 223 -63.57 106.04 107.05
CA GLY Z 223 -63.33 104.76 106.41
C GLY Z 223 -61.85 104.53 106.10
N ASP Z 224 -61.08 105.60 105.93
CA ASP Z 224 -59.66 105.44 105.69
C ASP Z 224 -58.94 104.98 106.93
N LEU Z 225 -59.28 105.54 108.09
CA LEU Z 225 -58.67 105.07 109.33
C LEU Z 225 -59.16 103.68 109.70
N ASN Z 226 -60.39 103.33 109.31
CA ASN Z 226 -60.88 101.98 109.49
C ASN Z 226 -60.05 100.99 108.71
N HIS Z 227 -59.69 101.36 107.48
CA HIS Z 227 -58.89 100.47 106.65
C HIS Z 227 -57.51 100.26 107.24
N LEU Z 228 -56.95 101.31 107.83
CA LEU Z 228 -55.58 101.22 108.31
C LEU Z 228 -55.49 100.47 109.63
N VAL Z 229 -56.48 100.65 110.52
CA VAL Z 229 -56.48 99.92 111.77
C VAL Z 229 -56.78 98.46 111.53
N SER Z 230 -57.75 98.17 110.68
CA SER Z 230 -58.10 96.79 110.40
C SER Z 230 -57.02 96.06 109.62
N ALA Z 231 -56.14 96.78 108.92
CA ALA Z 231 -55.03 96.13 108.23
C ALA Z 231 -54.08 95.52 109.23
N ALA Z 232 -53.76 96.23 110.29
CA ALA Z 232 -52.92 95.66 111.33
C ALA Z 232 -53.69 94.66 112.18
N MET Z 233 -54.96 94.94 112.41
CA MET Z 233 -55.84 94.03 113.14
C MET Z 233 -56.01 92.70 112.42
N SER Z 234 -56.02 92.71 111.10
CA SER Z 234 -56.00 91.46 110.36
C SER Z 234 -54.62 90.83 110.33
N GLY Z 235 -53.58 91.64 110.46
CA GLY Z 235 -52.23 91.12 110.39
C GLY Z 235 -51.81 90.33 111.60
N VAL Z 236 -52.44 90.58 112.75
CA VAL Z 236 -52.04 89.87 113.96
C VAL Z 236 -52.61 88.46 113.96
N THR Z 237 -53.60 88.20 113.12
CA THR Z 237 -54.22 86.89 113.04
C THR Z 237 -53.92 86.26 111.68
N CYS Z 238 -52.96 86.83 110.94
CA CYS Z 238 -52.67 86.36 109.59
C CYS Z 238 -52.12 84.95 109.59
N CYS Z 239 -51.33 84.61 110.61
CA CYS Z 239 -50.66 83.33 110.59
C CYS Z 239 -51.62 82.18 110.88
N LEU Z 240 -52.70 82.45 111.61
CA LEU Z 240 -53.65 81.39 111.91
C LEU Z 240 -54.40 80.91 110.68
N ARG Z 241 -54.41 81.70 109.61
CA ARG Z 241 -55.20 81.40 108.43
C ARG Z 241 -54.37 80.96 107.24
N PHE Z 242 -53.08 81.25 107.23
CA PHE Z 242 -52.19 80.93 106.13
C PHE Z 242 -50.94 80.24 106.67
N PRO Z 243 -50.35 79.33 105.91
CA PRO Z 243 -49.15 78.65 106.42
C PRO Z 243 -47.95 79.58 106.41
N GLY Z 244 -46.95 79.21 107.20
CA GLY Z 244 -45.76 80.03 107.29
C GLY Z 244 -44.53 79.22 107.62
N GLN Z 245 -43.38 79.83 107.37
CA GLN Z 245 -42.11 79.19 107.70
C GLN Z 245 -41.93 79.10 109.21
N LEU Z 246 -42.36 80.12 109.95
CA LEU Z 246 -42.31 80.12 111.41
C LEU Z 246 -43.70 80.47 111.89
N ASN Z 247 -44.48 79.47 112.23
CA ASN Z 247 -45.90 79.68 112.51
C ASN Z 247 -46.11 80.30 113.87
N SER Z 248 -47.14 81.15 113.96
CA SER Z 248 -47.47 81.84 115.20
C SER Z 248 -48.97 81.78 115.43
N ASP Z 249 -49.34 81.87 116.71
CA ASP Z 249 -50.72 81.75 117.18
C ASP Z 249 -50.97 82.85 118.19
N LEU Z 250 -52.16 82.84 118.79
CA LEU Z 250 -52.50 83.87 119.75
C LEU Z 250 -51.84 83.61 121.10
N ARG Z 251 -51.80 82.35 121.54
CA ARG Z 251 -51.09 82.06 122.78
C ARG Z 251 -49.59 82.08 122.57
N LYS Z 252 -49.13 81.86 121.34
CA LYS Z 252 -47.75 82.11 120.94
C LYS Z 252 -47.36 83.55 121.29
N LEU Z 253 -48.17 84.50 120.84
CA LEU Z 253 -47.92 85.91 121.14
C LEU Z 253 -48.14 86.19 122.62
N ALA Z 254 -49.08 85.48 123.23
CA ALA Z 254 -49.39 85.74 124.63
C ALA Z 254 -48.23 85.40 125.54
N VAL Z 255 -47.55 84.27 125.27
CA VAL Z 255 -46.45 83.89 126.15
C VAL Z 255 -45.18 84.64 125.79
N ASN Z 256 -44.97 84.96 124.52
CA ASN Z 256 -43.74 85.63 124.12
C ASN Z 256 -43.73 87.10 124.51
N LEU Z 257 -44.90 87.71 124.68
CA LEU Z 257 -44.96 89.14 124.97
C LEU Z 257 -45.11 89.44 126.45
N ILE Z 258 -46.14 88.90 127.09
CA ILE Z 258 -46.52 89.36 128.42
C ILE Z 258 -45.58 88.79 129.47
N PRO Z 259 -44.77 89.61 130.14
CA PRO Z 259 -43.93 89.08 131.21
C PRO Z 259 -44.72 88.70 132.44
N PHE Z 260 -45.47 89.66 132.96
CA PHE Z 260 -46.24 89.61 134.20
C PHE Z 260 -47.70 89.92 133.91
N PRO Z 261 -48.63 89.28 134.63
CA PRO Z 261 -50.03 89.28 134.18
C PRO Z 261 -50.69 90.64 134.20
N ARG Z 262 -50.18 91.59 134.99
CA ARG Z 262 -50.84 92.88 135.09
C ARG Z 262 -50.67 93.69 133.82
N LEU Z 263 -49.45 93.78 133.31
CA LEU Z 263 -49.15 94.65 132.19
C LEU Z 263 -49.24 93.84 130.91
N HIS Z 264 -50.29 94.08 130.14
CA HIS Z 264 -50.41 93.44 128.85
C HIS Z 264 -50.96 94.41 127.83
N PHE Z 265 -50.74 95.69 128.04
CA PHE Z 265 -51.24 96.73 127.15
C PHE Z 265 -50.20 96.97 126.07
N PHE Z 266 -50.56 96.63 124.84
CA PHE Z 266 -49.62 96.66 123.74
C PHE Z 266 -49.94 97.81 122.80
N LEU Z 267 -48.95 98.12 121.98
CA LEU Z 267 -49.02 99.12 120.93
C LEU Z 267 -48.73 98.48 119.57
N ILE Z 268 -49.37 99.01 118.53
CA ILE Z 268 -49.46 98.35 117.24
C ILE Z 268 -48.80 99.22 116.18
N GLY Z 269 -48.04 98.58 115.29
CA GLY Z 269 -47.49 99.27 114.14
C GLY Z 269 -47.83 98.55 112.86
N PHE Z 270 -47.53 99.20 111.74
CA PHE Z 270 -47.74 98.61 110.43
C PHE Z 270 -46.72 99.18 109.44
N ALA Z 271 -46.28 98.34 108.51
CA ALA Z 271 -45.36 98.75 107.47
C ALA Z 271 -45.54 97.82 106.29
N PRO Z 272 -45.38 98.31 105.06
CA PRO Z 272 -45.05 99.66 104.62
C PRO Z 272 -46.27 100.57 104.51
N LEU Z 273 -46.03 101.87 104.57
CA LEU Z 273 -47.06 102.87 104.40
C LEU Z 273 -46.43 104.01 103.61
N THR Z 274 -46.67 104.05 102.31
CA THR Z 274 -46.13 105.09 101.46
C THR Z 274 -47.24 105.69 100.60
N SER Z 275 -47.03 106.94 100.21
CA SER Z 275 -48.03 107.63 99.41
C SER Z 275 -48.05 107.08 98.00
N ARG Z 276 -49.08 107.49 97.24
CA ARG Z 276 -49.23 107.05 95.85
C ARG Z 276 -48.08 107.55 94.99
N GLY Z 277 -47.59 108.75 95.27
CA GLY Z 277 -46.47 109.27 94.50
C GLY Z 277 -45.17 108.55 94.76
N SER Z 278 -44.92 108.18 96.01
CA SER Z 278 -43.68 107.52 96.39
C SER Z 278 -43.79 106.00 96.34
N GLN Z 279 -44.85 105.47 95.75
CA GLN Z 279 -45.01 104.01 95.69
C GLN Z 279 -43.93 103.38 94.82
N GLN Z 280 -43.61 104.00 93.69
CA GLN Z 280 -42.67 103.42 92.75
C GLN Z 280 -41.22 103.64 93.15
N TYR Z 281 -40.94 104.54 94.07
CA TYR Z 281 -39.57 105.01 94.29
C TYR Z 281 -38.96 104.39 95.53
N ARG Z 282 -39.72 103.61 96.29
CA ARG Z 282 -39.26 103.07 97.54
C ARG Z 282 -38.54 101.76 97.31
N ALA Z 283 -37.78 101.35 98.30
CA ALA Z 283 -37.28 99.98 98.36
C ALA Z 283 -38.30 99.13 99.09
N LEU Z 284 -38.26 97.83 98.83
CA LEU Z 284 -39.15 96.88 99.49
C LEU Z 284 -38.29 95.69 99.87
N SER Z 285 -37.74 95.73 101.07
CA SER Z 285 -36.84 94.70 101.54
C SER Z 285 -36.85 94.71 103.06
N VAL Z 286 -36.40 93.60 103.63
CA VAL Z 286 -36.27 93.52 105.09
C VAL Z 286 -35.36 94.59 105.69
N PRO Z 287 -34.19 94.94 105.13
CA PRO Z 287 -33.44 96.06 105.74
C PRO Z 287 -34.15 97.40 105.70
N GLU Z 288 -34.85 97.74 104.62
CA GLU Z 288 -35.45 99.07 104.58
C GLU Z 288 -36.67 99.14 105.47
N LEU Z 289 -37.38 98.02 105.61
CA LEU Z 289 -38.65 98.08 106.33
C LEU Z 289 -38.45 97.99 107.83
N THR Z 290 -37.46 97.23 108.29
CA THR Z 290 -37.23 97.14 109.73
C THR Z 290 -36.71 98.45 110.32
N GLN Z 291 -36.21 99.35 109.49
CA GLN Z 291 -35.87 100.68 109.96
C GLN Z 291 -37.13 101.52 110.11
N GLN Z 292 -38.09 101.35 109.20
CA GLN Z 292 -39.28 102.19 109.19
C GLN Z 292 -40.17 101.91 110.38
N MET Z 293 -40.28 100.64 110.77
CA MET Z 293 -41.20 100.22 111.81
C MET Z 293 -40.66 100.43 113.22
N PHE Z 294 -39.42 100.86 113.38
CA PHE Z 294 -38.97 101.45 114.65
C PHE Z 294 -38.86 102.97 114.56
N ASP Z 295 -39.97 103.60 114.21
CA ASP Z 295 -40.06 105.06 114.16
C ASP Z 295 -41.30 105.48 114.93
N ALA Z 296 -41.19 106.55 115.71
CA ALA Z 296 -42.35 107.01 116.47
C ALA Z 296 -43.43 107.56 115.55
N LYS Z 297 -43.09 107.95 114.34
CA LYS Z 297 -44.05 108.53 113.41
C LYS Z 297 -44.92 107.48 112.74
N ASN Z 298 -44.54 106.22 112.80
CA ASN Z 298 -45.23 105.14 112.11
C ASN Z 298 -46.30 104.49 112.98
N MET Z 299 -46.27 104.78 114.28
CA MET Z 299 -46.92 103.99 115.30
C MET Z 299 -48.32 104.50 115.57
N MET Z 300 -49.22 103.58 115.88
CA MET Z 300 -50.62 103.93 116.07
C MET Z 300 -50.93 104.41 117.47
N CYS Z 301 -49.98 104.38 118.38
CA CYS Z 301 -50.19 104.78 119.77
C CYS Z 301 -49.22 105.92 120.08
N ALA Z 302 -49.75 107.10 120.31
CA ALA Z 302 -48.88 108.27 120.44
C ALA Z 302 -48.51 108.55 121.90
N SER Z 303 -48.01 107.53 122.57
CA SER Z 303 -47.16 107.70 123.73
C SER Z 303 -45.74 107.50 123.23
N ASP Z 304 -44.90 108.50 123.42
CA ASP Z 304 -43.62 108.60 122.71
C ASP Z 304 -42.68 107.46 123.10
N PRO Z 305 -42.28 106.60 122.14
CA PRO Z 305 -41.43 105.45 122.49
C PRO Z 305 -40.00 105.81 122.77
N ARG Z 306 -39.51 106.96 122.30
CA ARG Z 306 -38.18 107.39 122.70
C ARG Z 306 -38.12 107.78 124.16
N HIS Z 307 -39.26 108.06 124.78
CA HIS Z 307 -39.35 108.27 126.21
C HIS Z 307 -39.75 107.00 126.95
N GLY Z 308 -39.31 105.85 126.44
CA GLY Z 308 -39.60 104.58 127.09
C GLY Z 308 -38.73 103.49 126.52
N ARG Z 309 -38.92 102.29 127.08
CA ARG Z 309 -38.17 101.11 126.73
C ARG Z 309 -39.13 100.07 126.20
N TYR Z 310 -38.69 99.31 125.20
CA TYR Z 310 -39.46 98.19 124.68
C TYR Z 310 -39.20 97.00 125.57
N LEU Z 311 -40.14 96.69 126.47
CA LEU Z 311 -39.93 95.61 127.40
C LEU Z 311 -39.92 94.27 126.66
N THR Z 312 -40.91 94.04 125.82
CA THR Z 312 -40.88 92.99 124.83
C THR Z 312 -41.48 93.53 123.54
N ALA Z 313 -41.14 92.91 122.42
CA ALA Z 313 -41.67 93.33 121.15
C ALA Z 313 -41.84 92.12 120.26
N SER Z 314 -42.60 92.31 119.18
CA SER Z 314 -42.85 91.22 118.25
C SER Z 314 -43.10 91.81 116.88
N ALA Z 315 -42.65 91.10 115.84
CA ALA Z 315 -42.84 91.54 114.47
C ALA Z 315 -43.31 90.36 113.65
N MET Z 316 -44.58 90.37 113.25
CA MET Z 316 -45.12 89.32 112.39
C MET Z 316 -44.96 89.75 110.95
N PHE Z 317 -43.94 89.21 110.30
CA PHE Z 317 -43.70 89.51 108.90
C PHE Z 317 -44.65 88.70 108.04
N ARG Z 318 -45.06 89.27 106.91
CA ARG Z 318 -45.82 88.56 105.91
C ARG Z 318 -45.12 88.70 104.58
N GLY Z 319 -45.15 87.66 103.77
CA GLY Z 319 -44.52 87.70 102.47
C GLY Z 319 -43.48 86.61 102.30
N ARG Z 320 -43.08 86.35 101.06
CA ARG Z 320 -42.15 85.27 100.78
C ARG Z 320 -40.76 85.87 100.88
N MET Z 321 -40.18 85.78 102.07
CA MET Z 321 -38.88 86.36 102.34
C MET Z 321 -38.02 85.32 103.02
N SER Z 322 -36.72 85.42 102.83
CA SER Z 322 -35.83 84.47 103.47
C SER Z 322 -35.60 84.88 104.91
N THR Z 323 -35.24 83.90 105.73
CA THR Z 323 -35.37 84.04 107.17
C THR Z 323 -34.08 84.40 107.88
N LYS Z 324 -32.93 84.41 107.21
CA LYS Z 324 -31.71 84.77 107.91
C LYS Z 324 -31.67 86.25 108.21
N GLU Z 325 -31.98 87.08 107.21
CA GLU Z 325 -31.86 88.52 107.41
C GLU Z 325 -32.98 89.04 108.29
N VAL Z 326 -34.04 88.27 108.44
CA VAL Z 326 -35.03 88.59 109.46
C VAL Z 326 -34.38 88.55 110.83
N ASP Z 327 -33.84 87.39 111.19
CA ASP Z 327 -33.24 87.22 112.51
C ASP Z 327 -31.94 88.01 112.65
N GLU Z 328 -31.18 88.17 111.55
CA GLU Z 328 -29.94 88.94 111.62
C GLU Z 328 -30.24 90.40 111.91
N GLN Z 329 -31.36 90.91 111.43
CA GLN Z 329 -31.68 92.29 111.70
C GLN Z 329 -32.50 92.45 112.97
N MET Z 330 -33.00 91.36 113.54
CA MET Z 330 -33.65 91.47 114.83
C MET Z 330 -32.63 91.86 115.89
N LEU Z 331 -31.43 91.27 115.79
CA LEU Z 331 -30.34 91.61 116.70
C LEU Z 331 -29.65 92.90 116.28
N ASN Z 332 -29.73 93.25 114.99
CA ASN Z 332 -29.16 94.51 114.54
C ASN Z 332 -29.92 95.67 115.14
N VAL Z 333 -31.25 95.64 115.07
CA VAL Z 333 -32.04 96.70 115.65
C VAL Z 333 -31.94 96.65 117.17
N GLN Z 334 -31.57 95.50 117.72
CA GLN Z 334 -31.31 95.39 119.16
C GLN Z 334 -30.05 96.16 119.54
N ASN Z 335 -29.03 96.13 118.69
CA ASN Z 335 -27.73 96.66 119.06
C ASN Z 335 -27.62 98.17 118.82
N LYS Z 336 -28.04 98.64 117.65
CA LYS Z 336 -28.01 100.08 117.41
C LYS Z 336 -29.02 100.84 118.26
N ASN Z 337 -30.14 100.23 118.61
CA ASN Z 337 -31.01 100.80 119.63
C ASN Z 337 -30.76 100.07 120.96
N SER Z 338 -29.56 100.29 121.49
CA SER Z 338 -29.10 99.50 122.63
C SER Z 338 -29.85 99.85 123.90
N SER Z 339 -29.95 101.13 124.21
CA SER Z 339 -30.64 101.54 125.43
C SER Z 339 -32.15 101.58 125.27
N TYR Z 340 -32.64 101.58 124.03
CA TYR Z 340 -34.07 101.71 123.78
C TYR Z 340 -34.84 100.46 124.14
N PHE Z 341 -34.16 99.33 124.30
CA PHE Z 341 -34.79 98.12 124.79
C PHE Z 341 -34.50 97.95 126.27
N VAL Z 342 -35.00 96.87 126.82
CA VAL Z 342 -34.72 96.54 128.21
C VAL Z 342 -33.59 95.52 128.24
N GLU Z 343 -32.81 95.51 129.32
CA GLU Z 343 -31.54 94.79 129.36
C GLU Z 343 -31.62 93.41 129.99
N TRP Z 344 -32.54 93.17 130.91
CA TRP Z 344 -32.60 91.90 131.59
C TRP Z 344 -33.43 90.86 130.84
N ILE Z 345 -33.93 91.18 129.66
CA ILE Z 345 -34.53 90.16 128.80
C ILE Z 345 -33.66 90.04 127.55
N PRO Z 346 -32.83 89.02 127.43
CA PRO Z 346 -31.96 88.90 126.26
C PRO Z 346 -32.74 88.52 125.02
N ASN Z 347 -32.35 89.12 123.90
CA ASN Z 347 -33.06 89.06 122.62
C ASN Z 347 -34.54 89.36 122.83
N ASN Z 348 -34.79 90.64 123.12
CA ASN Z 348 -36.09 91.10 123.55
C ASN Z 348 -37.20 90.72 122.59
N MET Z 349 -36.96 90.75 121.28
CA MET Z 349 -38.08 90.85 120.36
C MET Z 349 -38.22 89.64 119.46
N LYS Z 350 -39.42 89.09 119.42
CA LYS Z 350 -39.83 87.94 118.64
C LYS Z 350 -40.03 88.32 117.17
N SER Z 351 -39.81 87.36 116.28
CA SER Z 351 -40.12 87.53 114.87
C SER Z 351 -40.89 86.33 114.37
N SER Z 352 -41.79 86.56 113.42
CA SER Z 352 -42.52 85.49 112.77
C SER Z 352 -42.70 85.82 111.30
N VAL Z 353 -42.72 84.79 110.47
CA VAL Z 353 -42.81 84.96 109.02
C VAL Z 353 -43.95 84.08 108.53
N CYS Z 354 -44.84 84.67 107.73
CA CYS Z 354 -45.91 83.93 107.08
C CYS Z 354 -45.72 83.99 105.58
N ASP Z 355 -46.25 82.98 104.89
CA ASP Z 355 -45.98 82.84 103.47
C ASP Z 355 -46.80 83.84 102.66
N ILE Z 356 -48.09 83.96 102.96
CA ILE Z 356 -49.00 84.73 102.13
C ILE Z 356 -48.96 86.20 102.54
N PRO Z 357 -48.62 87.10 101.63
CA PRO Z 357 -48.59 88.52 101.95
C PRO Z 357 -49.99 89.11 101.88
N PRO Z 358 -50.20 90.33 102.34
CA PRO Z 358 -51.49 90.99 102.11
C PRO Z 358 -51.69 91.28 100.64
N LYS Z 359 -52.96 91.39 100.26
CA LYS Z 359 -53.30 91.62 98.87
C LYS Z 359 -52.84 93.01 98.43
N GLY Z 360 -52.24 93.07 97.24
CA GLY Z 360 -51.79 94.32 96.67
C GLY Z 360 -50.37 94.71 97.02
N LEU Z 361 -49.69 93.96 97.89
CA LEU Z 361 -48.32 94.27 98.28
C LEU Z 361 -47.50 93.00 98.23
N LYS Z 362 -46.19 93.17 98.25
CA LYS Z 362 -45.29 92.03 98.19
C LYS Z 362 -44.96 91.50 99.57
N MET Z 363 -44.80 92.39 100.56
CA MET Z 363 -44.40 91.99 101.89
C MET Z 363 -44.75 93.10 102.87
N SER Z 364 -45.12 92.71 104.08
CA SER Z 364 -45.59 93.67 105.08
C SER Z 364 -45.42 93.07 106.47
N VAL Z 365 -45.57 93.91 107.50
CA VAL Z 365 -45.46 93.48 108.89
C VAL Z 365 -46.60 94.09 109.69
N THR Z 366 -46.69 93.62 110.94
CA THR Z 366 -47.38 94.33 112.01
C THR Z 366 -46.50 94.26 113.25
N PHE Z 367 -46.42 95.37 113.97
CA PHE Z 367 -45.48 95.52 115.08
C PHE Z 367 -46.26 95.59 116.39
N VAL Z 368 -46.29 94.50 117.12
CA VAL Z 368 -46.92 94.46 118.44
C VAL Z 368 -45.80 94.58 119.46
N GLY Z 369 -45.81 95.67 120.20
CA GLY Z 369 -44.76 95.87 121.18
C GLY Z 369 -45.30 96.15 122.56
N ASN Z 370 -44.66 95.57 123.57
CA ASN Z 370 -45.00 95.87 124.96
C ASN Z 370 -43.97 96.88 125.45
N SER Z 371 -44.23 98.15 125.23
CA SER Z 371 -43.32 99.20 125.63
C SER Z 371 -43.77 99.84 126.92
N THR Z 372 -42.81 100.19 127.75
CA THR Z 372 -43.10 100.81 129.03
C THR Z 372 -43.30 102.31 128.89
N ALA Z 373 -43.22 102.84 127.68
CA ALA Z 373 -43.53 104.23 127.43
C ALA Z 373 -45.01 104.54 127.59
N ILE Z 374 -45.86 103.53 127.67
CA ILE Z 374 -47.31 103.73 127.72
C ILE Z 374 -47.74 104.34 129.04
N GLN Z 375 -46.82 104.43 130.00
CA GLN Z 375 -47.13 105.10 131.26
C GLN Z 375 -47.37 106.59 131.08
N GLU Z 376 -46.94 107.17 129.97
CA GLU Z 376 -47.23 108.58 129.71
C GLU Z 376 -48.70 108.81 129.46
N MET Z 377 -49.34 107.92 128.71
CA MET Z 377 -50.76 108.07 128.43
C MET Z 377 -51.60 107.80 129.66
N PHE Z 378 -51.25 106.76 130.43
CA PHE Z 378 -51.99 106.47 131.64
C PHE Z 378 -51.80 107.55 132.69
N LYS Z 379 -50.67 108.25 132.66
CA LYS Z 379 -50.52 109.41 133.54
C LYS Z 379 -51.42 110.55 133.08
N ARG Z 380 -51.63 110.67 131.77
CA ARG Z 380 -52.51 111.70 131.24
C ARG Z 380 -53.96 111.44 131.60
N VAL Z 381 -54.38 110.18 131.60
CA VAL Z 381 -55.76 109.88 131.96
C VAL Z 381 -55.94 109.94 133.47
N SER Z 382 -54.90 109.60 134.23
CA SER Z 382 -55.03 109.56 135.69
C SER Z 382 -55.19 110.96 136.28
N ASP Z 383 -54.37 111.92 135.84
CA ASP Z 383 -54.54 113.26 136.37
C ASP Z 383 -55.74 113.98 135.75
N GLN Z 384 -56.20 113.53 134.58
CA GLN Z 384 -57.49 114.00 134.08
C GLN Z 384 -58.63 113.43 134.89
N PHE Z 385 -58.49 112.21 135.39
CA PHE Z 385 -59.54 111.60 136.18
C PHE Z 385 -59.61 112.23 137.56
N THR Z 386 -58.47 112.41 138.20
CA THR Z 386 -58.50 112.94 139.56
C THR Z 386 -58.75 114.44 139.59
N ALA Z 387 -58.66 115.12 138.44
CA ALA Z 387 -59.03 116.53 138.41
C ALA Z 387 -60.53 116.70 138.58
N MET Z 388 -61.33 115.94 137.83
CA MET Z 388 -62.77 116.08 137.91
C MET Z 388 -63.33 115.41 139.16
N PHE Z 389 -62.72 114.31 139.61
CA PHE Z 389 -63.19 113.63 140.80
C PHE Z 389 -62.97 114.45 142.06
N ARG Z 390 -61.92 115.27 142.06
CA ARG Z 390 -61.66 116.13 143.22
C ARG Z 390 -62.77 117.15 143.41
N ARG Z 391 -63.27 117.71 142.33
CA ARG Z 391 -64.34 118.69 142.37
C ARG Z 391 -65.72 118.07 142.27
N LYS Z 392 -65.83 116.74 142.31
CA LYS Z 392 -67.08 115.98 142.41
C LYS Z 392 -67.97 116.14 141.19
N ALA Z 393 -67.52 116.80 140.15
CA ALA Z 393 -68.38 117.15 139.03
C ALA Z 393 -68.66 115.93 138.15
N PHE Z 394 -69.72 116.06 137.35
CA PHE Z 394 -70.10 115.08 136.33
C PHE Z 394 -70.29 113.68 136.91
N LEU Z 395 -70.71 113.60 138.16
CA LEU Z 395 -70.74 112.34 138.85
C LEU Z 395 -72.10 112.00 139.43
N HIS Z 396 -73.00 112.98 139.59
CA HIS Z 396 -74.36 112.66 140.01
C HIS Z 396 -75.16 111.97 138.92
N TRP Z 397 -74.71 112.03 137.66
CA TRP Z 397 -75.30 111.23 136.61
C TRP Z 397 -74.89 109.76 136.72
N TYR Z 398 -73.87 109.47 137.51
CA TYR Z 398 -73.35 108.12 137.73
C TYR Z 398 -73.90 107.48 139.01
N THR Z 399 -74.00 108.27 140.08
CA THR Z 399 -74.44 107.75 141.37
C THR Z 399 -75.87 107.27 141.32
N GLY Z 400 -76.68 107.87 140.44
CA GLY Z 400 -78.09 107.53 140.36
C GLY Z 400 -78.38 106.17 139.78
N GLU Z 401 -77.38 105.46 139.27
CA GLU Z 401 -77.62 104.14 138.68
C GLU Z 401 -76.68 103.06 139.20
N GLY Z 402 -75.99 103.28 140.31
CA GLY Z 402 -75.28 102.18 140.94
C GLY Z 402 -73.85 102.44 141.33
N MET Z 403 -73.26 103.49 140.79
CA MET Z 403 -71.90 103.88 141.18
C MET Z 403 -71.83 104.25 142.64
N ASP Z 404 -70.64 104.09 143.21
CA ASP Z 404 -70.39 104.43 144.60
C ASP Z 404 -69.12 105.26 144.68
N GLU Z 405 -68.98 105.96 145.80
CA GLU Z 405 -67.76 106.73 146.04
C GLU Z 405 -66.55 105.82 146.18
N MET Z 406 -66.73 104.67 146.83
CA MET Z 406 -65.61 103.78 147.11
C MET Z 406 -65.02 103.18 145.84
N GLU Z 407 -65.88 102.76 144.92
CA GLU Z 407 -65.41 102.05 143.73
C GLU Z 407 -64.76 102.97 142.72
N PHE Z 408 -65.08 104.27 142.72
CA PHE Z 408 -64.22 105.22 142.01
C PHE Z 408 -62.84 105.27 142.63
N THR Z 409 -62.76 105.28 143.95
CA THR Z 409 -61.45 105.32 144.59
C THR Z 409 -60.71 104.00 144.41
N GLU Z 410 -61.43 102.91 144.19
CA GLU Z 410 -60.77 101.66 143.84
C GLU Z 410 -60.17 101.75 142.44
N ALA Z 411 -60.88 102.37 141.50
CA ALA Z 411 -60.40 102.46 140.13
C ALA Z 411 -59.18 103.36 140.01
N GLU Z 412 -59.21 104.51 140.70
CA GLU Z 412 -58.05 105.40 140.71
C GLU Z 412 -56.86 104.74 141.36
N SER Z 413 -57.10 103.91 142.37
CA SER Z 413 -56.02 103.16 143.00
C SER Z 413 -55.38 102.19 142.02
N ASN Z 414 -56.20 101.56 141.17
CA ASN Z 414 -55.66 100.55 140.26
C ASN Z 414 -54.75 101.19 139.21
N MET Z 415 -55.18 102.30 138.61
CA MET Z 415 -54.35 102.96 137.60
C MET Z 415 -53.09 103.54 138.21
N ASN Z 416 -53.17 104.00 139.46
CA ASN Z 416 -51.95 104.42 140.15
C ASN Z 416 -51.06 103.23 140.46
N ASP Z 417 -51.66 102.06 140.70
CA ASP Z 417 -50.86 100.85 140.86
C ASP Z 417 -50.23 100.43 139.53
N LEU Z 418 -50.96 100.62 138.43
CA LEU Z 418 -50.47 100.12 137.14
C LEU Z 418 -49.32 100.99 136.63
N VAL Z 419 -49.40 102.30 136.84
CA VAL Z 419 -48.32 103.17 136.43
C VAL Z 419 -47.09 102.92 137.30
N SER Z 420 -47.31 102.67 138.58
CA SER Z 420 -46.20 102.46 139.50
C SER Z 420 -45.41 101.21 139.17
N GLU Z 421 -46.09 100.15 138.69
CA GLU Z 421 -45.38 98.97 138.25
C GLU Z 421 -44.57 99.24 136.98
N TYR Z 422 -45.13 100.03 136.06
CA TYR Z 422 -44.41 100.38 134.84
C TYR Z 422 -43.21 101.26 135.15
N GLN Z 423 -43.37 102.23 136.04
CA GLN Z 423 -42.28 103.12 136.40
C GLN Z 423 -41.17 102.36 137.12
N GLN Z 424 -41.54 101.32 137.87
CA GLN Z 424 -40.55 100.58 138.63
C GLN Z 424 -39.63 99.79 137.71
N TYR Z 425 -40.07 99.50 136.50
CA TYR Z 425 -39.37 98.60 135.60
C TYR Z 425 -38.63 99.34 134.51
N GLN Z 426 -38.04 100.48 134.87
CA GLN Z 426 -37.24 101.25 133.94
C GLN Z 426 -35.86 101.46 134.52
N MET AA 1 61.67 8.11 87.11
CA MET AA 1 62.08 9.10 86.13
C MET AA 1 62.85 10.22 86.81
N ARG AA 2 63.79 10.82 86.09
CA ARG AA 2 64.49 12.01 86.55
C ARG AA 2 64.08 13.16 85.65
N GLU AA 3 63.48 14.20 86.25
CA GLU AA 3 62.71 15.18 85.49
C GLU AA 3 62.88 16.56 86.09
N VAL AA 4 62.05 17.49 85.63
CA VAL AA 4 62.21 18.93 85.88
C VAL AA 4 60.84 19.61 85.85
N ILE AA 5 60.62 20.50 86.81
CA ILE AA 5 59.33 21.15 87.01
C ILE AA 5 59.50 22.64 86.78
N SER AA 6 58.64 23.23 85.96
CA SER AA 6 58.75 24.63 85.59
C SER AA 6 57.67 25.44 86.29
N ILE AA 7 58.10 26.47 87.02
CA ILE AA 7 57.21 27.38 87.75
C ILE AA 7 57.25 28.72 87.05
N HIS AA 8 56.10 29.18 86.58
CA HIS AA 8 56.01 30.42 85.80
C HIS AA 8 55.26 31.44 86.62
N VAL AA 9 56.00 32.38 87.20
CA VAL AA 9 55.45 33.33 88.14
C VAL AA 9 55.42 34.68 87.47
N GLY AA 10 54.27 35.32 87.47
CA GLY AA 10 54.12 36.63 86.90
C GLY AA 10 53.81 36.56 85.42
N GLN AA 11 53.42 37.70 84.86
CA GLN AA 11 53.01 37.75 83.46
C GLN AA 11 54.16 37.43 82.54
N ALA AA 12 55.34 37.97 82.82
CA ALA AA 12 56.50 37.67 81.99
C ALA AA 12 56.85 36.20 82.06
N GLY AA 13 56.58 35.57 83.20
CA GLY AA 13 56.74 34.12 83.27
C GLY AA 13 55.70 33.37 82.45
N ILE AA 14 54.45 33.84 82.48
CA ILE AA 14 53.38 33.12 81.79
C ILE AA 14 53.57 33.20 80.28
N GLN AA 15 53.84 34.41 79.77
CA GLN AA 15 53.99 34.58 78.32
C GLN AA 15 55.17 33.78 77.78
N ILE AA 16 56.28 33.79 78.52
CA ILE AA 16 57.49 33.11 78.04
C ILE AA 16 57.27 31.61 78.04
N GLY AA 17 56.68 31.09 79.12
CA GLY AA 17 56.34 29.68 79.14
C GLY AA 17 55.26 29.31 78.16
N ASN AA 18 54.42 30.27 77.80
CA ASN AA 18 53.38 30.04 76.80
C ASN AA 18 54.00 29.73 75.45
N ALA AA 19 55.16 30.33 75.17
CA ALA AA 19 55.91 29.99 73.97
C ALA AA 19 56.81 28.79 74.20
N CYS AA 20 57.23 28.57 75.44
CA CYS AA 20 58.04 27.39 75.74
C CYS AA 20 57.24 26.11 75.54
N TRP AA 21 55.98 26.09 75.96
CA TRP AA 21 55.17 24.88 75.83
C TRP AA 21 54.36 24.82 74.56
N GLU AA 22 54.71 25.60 73.54
CA GLU AA 22 54.32 25.18 72.21
C GLU AA 22 55.50 24.61 71.46
N LEU AA 23 56.72 25.04 71.80
CA LEU AA 23 57.89 24.51 71.13
C LEU AA 23 58.23 23.13 71.65
N PHE AA 24 58.06 22.90 72.95
CA PHE AA 24 58.27 21.57 73.48
C PHE AA 24 57.24 20.59 72.95
N CYS AA 25 55.98 21.03 72.85
CA CYS AA 25 54.94 20.17 72.34
C CYS AA 25 55.14 19.90 70.85
N LEU AA 26 55.62 20.89 70.11
CA LEU AA 26 55.90 20.69 68.71
C LEU AA 26 57.11 19.79 68.52
N GLU AA 27 58.05 19.85 69.44
CA GLU AA 27 59.27 19.06 69.30
C GLU AA 27 59.01 17.59 69.52
N HIS AA 28 57.92 17.26 70.21
CA HIS AA 28 57.62 15.88 70.57
C HIS AA 28 56.44 15.31 69.83
N GLY AA 29 55.69 16.12 69.11
CA GLY AA 29 54.58 15.60 68.35
C GLY AA 29 53.28 15.49 69.09
N ILE AA 30 53.18 15.99 70.31
CA ILE AA 30 51.91 15.91 70.99
C ILE AA 30 51.02 17.08 70.56
N GLN AA 31 49.74 16.80 70.46
CA GLN AA 31 48.74 17.75 69.99
C GLN AA 31 48.45 18.74 71.11
N PRO AA 32 47.60 19.73 70.87
CA PRO AA 32 47.11 20.55 72.00
C PRO AA 32 46.35 19.78 73.06
N ASP AA 33 45.61 18.73 72.70
CA ASP AA 33 44.89 17.97 73.70
C ASP AA 33 45.75 16.90 74.37
N GLY AA 34 46.99 16.75 73.95
CA GLY AA 34 47.95 15.95 74.65
C GLY AA 34 48.20 14.58 74.07
N GLN AA 35 47.31 14.07 73.23
CA GLN AA 35 47.47 12.71 72.76
C GLN AA 35 48.46 12.66 71.61
N MET AA 36 49.36 11.70 71.66
CA MET AA 36 50.32 11.66 70.57
C MET AA 36 50.06 10.47 69.66
N PRO AA 37 50.16 10.65 68.35
CA PRO AA 37 49.97 9.55 67.40
C PRO AA 37 51.21 8.69 67.24
N ASP AA 47 60.69 6.73 75.48
CA ASP AA 47 60.29 7.64 76.54
C ASP AA 47 61.28 8.78 76.68
N ALA AA 48 61.41 9.58 75.65
CA ALA AA 48 62.22 10.79 75.72
C ALA AA 48 61.41 11.98 76.21
N PHE AA 49 60.12 12.00 75.91
CA PHE AA 49 59.21 13.02 76.38
C PHE AA 49 59.05 13.06 77.88
N ASN AA 50 59.35 11.96 78.58
CA ASN AA 50 58.90 11.77 79.95
C ASN AA 50 59.54 12.74 80.94
N THR AA 51 60.61 13.43 80.57
CA THR AA 51 61.25 14.33 81.51
C THR AA 51 60.60 15.70 81.57
N PHE AA 52 59.61 15.97 80.73
CA PHE AA 52 58.92 17.25 80.78
C PHE AA 52 57.41 17.06 80.84
N PHE AA 53 56.92 15.92 80.37
CA PHE AA 53 55.51 15.61 80.36
C PHE AA 53 55.24 14.43 81.29
N SER AA 54 54.25 14.57 82.14
CA SER AA 54 53.80 13.46 82.95
C SER AA 54 52.86 12.60 82.13
N GLU AA 55 53.07 11.29 82.18
CA GLU AA 55 52.24 10.39 81.40
C GLU AA 55 50.86 10.34 81.99
N THR AA 56 50.00 11.25 81.56
CA THR AA 56 48.64 11.28 82.04
C THR AA 56 47.82 10.21 81.33
N GLY AA 57 46.70 9.85 81.95
CA GLY AA 57 45.66 9.00 81.41
C GLY AA 57 46.08 7.75 80.67
N ALA AA 58 45.67 7.65 79.41
CA ALA AA 58 46.04 6.51 78.57
C ALA AA 58 46.24 7.04 77.16
N GLY AA 59 47.50 7.20 76.76
CA GLY AA 59 47.79 7.78 75.48
C GLY AA 59 47.68 9.28 75.43
N LYS AA 60 48.00 9.96 76.53
CA LYS AA 60 47.93 11.41 76.59
C LYS AA 60 49.02 11.92 77.51
N HIS AA 61 49.28 13.21 77.45
CA HIS AA 61 50.36 13.80 78.22
C HIS AA 61 49.96 15.16 78.76
N VAL AA 62 50.51 15.51 79.92
CA VAL AA 62 50.23 16.79 80.57
C VAL AA 62 51.57 17.40 80.96
N PRO AA 63 51.76 18.72 80.79
CA PRO AA 63 53.05 19.31 81.08
C PRO AA 63 53.37 19.29 82.56
N ARG AA 64 54.67 19.38 82.85
CA ARG AA 64 55.14 19.56 84.22
C ARG AA 64 55.40 21.04 84.49
N CYS AA 65 54.34 21.82 84.42
CA CYS AA 65 54.39 23.24 84.64
C CYS AA 65 53.28 23.66 85.58
N VAL AA 66 53.55 24.69 86.38
CA VAL AA 66 52.54 25.35 87.18
C VAL AA 66 52.54 26.83 86.82
N PHE AA 67 51.39 27.34 86.42
CA PHE AA 67 51.24 28.70 85.96
C PHE AA 67 50.63 29.51 87.10
N LEU AA 68 51.35 30.49 87.59
CA LEU AA 68 50.93 31.18 88.80
C LEU AA 68 51.09 32.67 88.65
N ASP AA 69 50.07 33.40 89.09
CA ASP AA 69 50.03 34.85 89.00
C ASP AA 69 49.06 35.37 90.05
N LEU AA 70 48.70 36.64 89.93
CA LEU AA 70 47.69 37.17 90.83
C LEU AA 70 46.55 37.87 90.11
N GLU AA 71 46.71 38.27 88.87
CA GLU AA 71 45.60 38.91 88.18
C GLU AA 71 45.00 37.93 87.19
N PRO AA 72 43.70 37.74 87.18
CA PRO AA 72 43.13 36.63 86.45
C PRO AA 72 42.95 36.84 84.97
N THR AA 73 43.67 37.76 84.35
CA THR AA 73 43.42 38.01 82.94
C THR AA 73 44.55 37.55 82.02
N VAL AA 74 45.69 37.13 82.56
CA VAL AA 74 46.74 36.61 81.70
C VAL AA 74 46.78 35.08 81.72
N VAL AA 75 46.19 34.44 82.73
CA VAL AA 75 46.02 33.00 82.70
C VAL AA 75 44.64 32.57 82.23
N ASP AA 76 43.64 33.45 82.28
CA ASP AA 76 42.35 33.10 81.69
C ASP AA 76 42.43 33.06 80.19
N GLU AA 77 43.42 33.72 79.61
CA GLU AA 77 43.69 33.53 78.19
C GLU AA 77 44.09 32.10 77.90
N VAL AA 78 44.91 31.52 78.77
CA VAL AA 78 45.41 30.18 78.55
C VAL AA 78 44.32 29.16 78.75
N ARG AA 79 43.49 29.34 79.76
CA ARG AA 79 42.46 28.36 80.09
C ARG AA 79 41.20 28.52 79.25
N THR AA 80 41.19 29.44 78.29
CA THR AA 80 40.20 29.44 77.22
C THR AA 80 40.83 29.39 75.84
N GLY AA 81 42.15 29.42 75.74
CA GLY AA 81 42.83 29.40 74.47
C GLY AA 81 42.88 28.00 73.90
N THR AA 82 43.75 27.79 72.92
CA THR AA 82 43.78 26.51 72.25
C THR AA 82 44.31 25.39 73.13
N TYR AA 83 45.07 25.71 74.17
CA TYR AA 83 45.55 24.72 75.12
C TYR AA 83 44.73 24.72 76.41
N ARG AA 84 43.41 24.50 76.31
CA ARG AA 84 42.68 24.29 77.56
C ARG AA 84 43.02 22.95 78.16
N HIS AA 85 43.07 21.93 77.33
CA HIS AA 85 43.19 20.58 77.82
C HIS AA 85 44.63 20.09 77.87
N LEU AA 86 45.58 20.91 77.46
CA LEU AA 86 46.97 20.52 77.65
C LEU AA 86 47.31 20.51 79.13
N PHE AA 87 47.01 21.60 79.81
CA PHE AA 87 47.35 21.71 81.22
C PHE AA 87 46.22 21.19 82.06
N HIS AA 88 46.55 20.70 83.23
CA HIS AA 88 45.55 20.25 84.15
C HIS AA 88 44.84 21.48 84.70
N PRO AA 89 43.52 21.49 84.74
CA PRO AA 89 42.82 22.71 85.15
C PRO AA 89 43.12 23.31 86.52
N GLU AA 90 43.88 22.66 87.40
CA GLU AA 90 44.35 23.38 88.56
C GLU AA 90 45.86 23.54 88.56
N GLN AA 91 46.52 23.28 87.44
CA GLN AA 91 47.87 23.77 87.29
C GLN AA 91 47.87 25.27 87.06
N LEU AA 92 46.84 25.77 86.39
CA LEU AA 92 46.69 27.19 86.13
C LEU AA 92 45.98 27.80 87.33
N ILE AA 93 46.70 28.58 88.12
CA ILE AA 93 46.13 29.18 89.32
C ILE AA 93 46.23 30.69 89.22
N SER AA 94 45.15 31.35 89.60
CA SER AA 94 45.03 32.79 89.48
C SER AA 94 44.63 33.37 90.83
N GLY AA 95 45.11 34.57 91.09
CA GLY AA 95 44.75 35.27 92.30
C GLY AA 95 43.45 36.02 92.10
N LYS AA 96 43.25 37.03 92.93
CA LYS AA 96 42.09 37.89 92.83
C LYS AA 96 42.44 39.29 92.33
N GLU AA 97 43.46 39.92 92.89
CA GLU AA 97 43.79 41.27 92.50
C GLU AA 97 45.30 41.37 92.32
N ASP AA 98 45.71 42.18 91.35
CA ASP AA 98 47.10 42.19 90.89
C ASP AA 98 48.01 42.82 91.93
N ALA AA 99 49.29 42.43 91.86
CA ALA AA 99 50.25 42.93 92.84
C ALA AA 99 50.49 44.42 92.67
N ALA AA 100 50.29 44.93 91.46
CA ALA AA 100 50.41 46.33 91.12
C ALA AA 100 51.79 46.89 91.46
N ASN AA 101 52.79 46.23 90.88
CA ASN AA 101 54.18 46.68 90.86
C ASN AA 101 54.73 46.92 92.25
N ASN AA 102 54.18 46.23 93.24
CA ASN AA 102 54.67 46.32 94.60
C ASN AA 102 55.30 45.00 94.97
N PHE AA 103 56.60 45.05 95.31
CA PHE AA 103 57.23 43.91 95.96
C PHE AA 103 56.59 43.66 97.30
N ALA AA 104 56.13 44.72 97.95
CA ALA AA 104 55.45 44.58 99.22
C ALA AA 104 54.18 43.77 99.09
N ARG AA 105 53.43 44.01 98.03
CA ARG AA 105 52.17 43.32 97.89
C ARG AA 105 52.39 41.87 97.48
N GLY AA 106 53.37 41.63 96.60
CA GLY AA 106 53.67 40.27 96.22
C GLY AA 106 54.25 39.44 97.34
N HIS AA 107 55.09 40.04 98.18
CA HIS AA 107 55.80 39.28 99.20
C HIS AA 107 55.07 39.22 100.53
N TYR AA 108 54.34 40.27 100.90
CA TYR AA 108 53.83 40.36 102.25
C TYR AA 108 52.31 40.28 102.32
N THR AA 109 51.59 41.17 101.66
CA THR AA 109 50.16 41.30 101.97
C THR AA 109 49.32 40.28 101.21
N ILE AA 110 49.27 40.37 99.89
CA ILE AA 110 48.33 39.53 99.14
C ILE AA 110 49.00 38.23 98.72
N GLY AA 111 50.23 38.00 99.16
CA GLY AA 111 50.98 36.86 98.66
C GLY AA 111 50.51 35.52 99.19
N LYS AA 112 50.22 35.44 100.50
CA LYS AA 112 50.01 34.14 101.12
C LYS AA 112 48.60 33.61 100.96
N GLU AA 113 47.82 34.17 100.05
CA GLU AA 113 46.55 33.55 99.70
C GLU AA 113 46.70 32.56 98.56
N ILE AA 114 47.87 32.50 97.94
CA ILE AA 114 48.08 31.63 96.78
C ILE AA 114 49.37 30.85 96.84
N VAL AA 115 50.33 31.19 97.71
CA VAL AA 115 51.57 30.43 97.76
C VAL AA 115 51.35 29.13 98.51
N ASP AA 116 50.34 29.08 99.37
CA ASP AA 116 50.00 27.81 100.00
C ASP AA 116 49.42 26.85 98.98
N LEU AA 117 48.72 27.37 97.98
CA LEU AA 117 48.06 26.51 97.03
C LEU AA 117 49.05 25.97 96.00
N SER AA 118 50.04 26.77 95.62
CA SER AA 118 50.99 26.32 94.60
C SER AA 118 51.98 25.31 95.16
N LEU AA 119 52.45 25.54 96.38
CA LEU AA 119 53.32 24.58 97.06
C LEU AA 119 52.63 23.23 97.22
N ASP AA 120 51.31 23.24 97.37
CA ASP AA 120 50.57 21.99 97.39
C ASP AA 120 50.63 21.32 96.02
N ARG AA 121 50.50 22.10 94.95
CA ARG AA 121 50.38 21.49 93.64
C ARG AA 121 51.72 20.97 93.14
N ILE AA 122 52.81 21.68 93.44
CA ILE AA 122 54.12 21.22 93.01
C ILE AA 122 54.53 19.94 93.73
N ARG AA 123 54.01 19.71 94.93
CA ARG AA 123 54.28 18.46 95.60
C ARG AA 123 53.60 17.29 94.89
N LYS AA 124 52.45 17.56 94.26
CA LYS AA 124 51.76 16.52 93.52
C LYS AA 124 52.53 16.11 92.27
N LEU AA 125 53.25 17.06 91.67
CA LEU AA 125 54.06 16.72 90.51
C LEU AA 125 55.42 16.17 90.92
N ALA AA 126 55.97 16.65 92.04
CA ALA AA 126 57.33 16.29 92.40
C ALA AA 126 57.43 14.85 92.88
N ASP AA 127 56.41 14.35 93.56
CA ASP AA 127 56.46 13.02 94.13
C ASP AA 127 56.06 11.94 93.14
N ASN AA 128 55.87 12.30 91.86
CA ASN AA 128 55.56 11.28 90.85
C ASN AA 128 56.77 10.37 90.61
N CYS AA 129 57.96 10.95 90.50
CA CYS AA 129 59.19 10.17 90.31
C CYS AA 129 60.32 10.93 91.00
N THR AA 130 60.69 10.47 92.19
CA THR AA 130 61.80 11.07 92.92
C THR AA 130 63.11 10.81 92.19
N GLY AA 131 63.92 11.84 92.06
CA GLY AA 131 65.04 11.84 91.14
C GLY AA 131 65.03 13.17 90.41
N LEU AA 132 64.23 14.08 90.94
CA LEU AA 132 64.07 15.42 90.40
C LEU AA 132 65.36 16.21 90.49
N GLN AA 133 65.71 16.91 89.41
CA GLN AA 133 66.94 17.68 89.40
C GLN AA 133 66.77 19.11 88.93
N GLY AA 134 65.58 19.53 88.52
CA GLY AA 134 65.43 20.87 88.01
C GLY AA 134 64.13 21.55 88.37
N PHE AA 135 64.22 22.76 88.90
CA PHE AA 135 63.08 23.67 89.03
C PHE AA 135 63.34 24.89 88.18
N LEU AA 136 62.84 24.87 86.95
CA LEU AA 136 62.89 26.03 86.09
C LEU AA 136 61.94 27.08 86.64
N MET AA 137 62.44 28.30 86.82
CA MET AA 137 61.66 29.39 87.35
C MET AA 137 61.69 30.52 86.35
N PHE AA 138 60.54 31.09 86.05
CA PHE AA 138 60.43 32.13 85.02
C PHE AA 138 59.78 33.36 85.63
N ASN AA 139 60.53 34.45 85.73
CA ASN AA 139 60.02 35.67 86.32
C ASN AA 139 60.88 36.83 85.85
N ALA AA 140 60.33 38.03 85.96
CA ALA AA 140 61.04 39.26 85.66
C ALA AA 140 61.17 40.06 86.94
N VAL AA 141 62.32 40.66 87.14
CA VAL AA 141 62.67 41.24 88.41
C VAL AA 141 62.47 42.75 88.43
N GLY AA 142 61.60 43.27 87.56
CA GLY AA 142 61.21 44.66 87.65
C GLY AA 142 59.83 44.84 88.24
N GLY AA 143 58.92 43.93 87.92
CA GLY AA 143 57.55 44.06 88.34
C GLY AA 143 57.33 43.57 89.76
N GLY AA 144 56.05 43.53 90.14
CA GLY AA 144 55.67 43.14 91.48
C GLY AA 144 55.61 41.66 91.75
N THR AA 145 54.67 40.95 91.11
CA THR AA 145 54.43 39.56 91.50
C THR AA 145 55.52 38.64 90.99
N GLY AA 146 56.20 39.02 89.91
CA GLY AA 146 57.35 38.25 89.48
C GLY AA 146 58.53 38.38 90.40
N SER AA 147 58.62 39.49 91.13
CA SER AA 147 59.69 39.69 92.09
C SER AA 147 59.24 39.35 93.51
N GLY AA 148 58.04 39.79 93.88
CA GLY AA 148 57.51 39.54 95.20
C GLY AA 148 57.24 38.08 95.46
N LEU AA 149 56.32 37.52 94.70
CA LEU AA 149 55.94 36.15 94.91
C LEU AA 149 57.07 35.19 94.54
N GLY AA 150 58.05 35.65 93.77
CA GLY AA 150 59.16 34.79 93.38
C GLY AA 150 60.03 34.40 94.56
N CYS AA 151 60.38 35.37 95.41
CA CYS AA 151 61.12 35.03 96.63
C CYS AA 151 60.30 34.18 97.59
N LEU AA 152 59.03 34.53 97.77
CA LEU AA 152 58.18 33.82 98.72
C LEU AA 152 58.01 32.37 98.33
N LEU AA 153 57.86 32.11 97.03
CA LEU AA 153 57.83 30.73 96.58
C LEU AA 153 59.18 30.05 96.76
N LEU AA 154 60.26 30.75 96.42
CA LEU AA 154 61.56 30.10 96.41
C LEU AA 154 62.05 29.76 97.81
N GLU AA 155 61.72 30.58 98.80
CA GLU AA 155 62.14 30.26 100.16
C GLU AA 155 61.36 29.08 100.71
N ARG AA 156 60.12 28.91 100.26
CA ARG AA 156 59.39 27.69 100.59
C ARG AA 156 60.03 26.48 99.91
N LEU AA 157 60.47 26.65 98.66
CA LEU AA 157 61.11 25.55 97.96
C LEU AA 157 62.48 25.25 98.55
N SER AA 158 63.17 26.27 99.04
CA SER AA 158 64.49 26.05 99.64
C SER AA 158 64.38 25.22 100.91
N VAL AA 159 63.42 25.55 101.78
CA VAL AA 159 63.31 24.84 103.04
C VAL AA 159 62.69 23.47 102.86
N ASP AA 160 62.04 23.22 101.73
CA ASP AA 160 61.48 21.90 101.51
C ASP AA 160 62.45 20.99 100.78
N TYR AA 161 63.23 21.53 99.84
CA TYR AA 161 64.15 20.74 99.02
C TYR AA 161 65.51 21.43 99.08
N GLY AA 162 66.36 20.99 100.00
CA GLY AA 162 67.64 21.66 100.19
C GLY AA 162 68.63 21.34 99.09
N LYS AA 163 68.87 20.04 98.86
CA LYS AA 163 69.90 19.58 97.94
C LYS AA 163 69.47 19.68 96.49
N LYS AA 164 68.26 20.13 96.25
CA LYS AA 164 67.69 20.26 94.93
C LYS AA 164 68.26 21.48 94.18
N SER AA 165 68.44 21.32 92.88
CA SER AA 165 69.04 22.34 92.02
C SER AA 165 67.97 23.16 91.34
N LYS AA 166 68.13 24.48 91.37
CA LYS AA 166 67.07 25.41 90.96
C LYS AA 166 67.64 26.36 89.92
N LEU AA 167 67.00 26.41 88.76
CA LEU AA 167 67.40 27.30 87.67
C LEU AA 167 66.43 28.48 87.63
N ASN AA 168 66.96 29.68 87.51
CA ASN AA 168 66.16 30.90 87.46
C ASN AA 168 66.40 31.58 86.14
N PHE AA 169 65.34 32.13 85.54
CA PHE AA 169 65.43 32.83 84.27
C PHE AA 169 64.84 34.21 84.46
N CYS AA 170 65.70 35.19 84.66
CA CYS AA 170 65.31 36.50 85.15
C CYS AA 170 65.32 37.48 83.97
N SER AA 171 64.14 37.95 83.59
CA SER AA 171 64.03 38.94 82.52
C SER AA 171 64.36 40.31 83.10
N TRP AA 172 65.65 40.58 83.17
CA TRP AA 172 66.16 41.73 83.90
C TRP AA 172 65.84 43.03 83.16
N PRO AA 173 65.56 44.12 83.89
CA PRO AA 173 65.20 45.37 83.22
C PRO AA 173 66.35 45.97 82.45
N SER AA 174 66.03 46.47 81.25
CA SER AA 174 67.01 46.98 80.33
C SER AA 174 67.62 48.28 80.88
N PRO AA 175 68.85 48.65 80.45
CA PRO AA 175 69.50 49.84 81.01
C PRO AA 175 68.77 51.16 80.83
N GLN AA 176 68.46 51.56 79.60
CA GLN AA 176 67.74 52.81 79.37
C GLN AA 176 66.24 52.59 79.42
N VAL AA 177 65.73 51.69 78.58
CA VAL AA 177 64.32 51.38 78.54
C VAL AA 177 63.93 50.53 79.73
N SER AA 178 62.78 50.81 80.35
CA SER AA 178 62.31 49.89 81.38
C SER AA 178 60.81 49.60 81.39
N THR AA 179 59.97 50.48 80.84
CA THR AA 179 58.49 50.43 80.81
C THR AA 179 57.83 50.23 82.20
N ALA AA 180 58.46 50.75 83.25
CA ALA AA 180 57.79 51.16 84.48
C ALA AA 180 58.72 52.10 85.21
N VAL AA 181 58.24 52.65 86.33
CA VAL AA 181 58.97 53.64 87.10
C VAL AA 181 59.59 53.04 88.34
N VAL AA 182 58.91 52.12 89.00
CA VAL AA 182 59.35 51.66 90.31
C VAL AA 182 60.33 50.50 90.22
N GLU AA 183 60.72 50.09 89.01
CA GLU AA 183 61.62 48.95 88.89
C GLU AA 183 63.01 49.06 89.49
N PRO AA 184 63.70 50.22 89.55
CA PRO AA 184 64.97 50.18 90.28
C PRO AA 184 64.79 49.92 91.76
N TYR AA 185 63.61 50.13 92.31
CA TYR AA 185 63.36 49.69 93.68
C TYR AA 185 63.25 48.18 93.76
N ASN AA 186 62.51 47.58 92.83
CA ASN AA 186 62.19 46.16 92.94
C ASN AA 186 63.39 45.29 92.66
N SER AA 187 64.20 45.65 91.65
CA SER AA 187 65.33 44.83 91.27
C SER AA 187 66.45 44.86 92.32
N VAL AA 188 66.66 46.00 92.96
CA VAL AA 188 67.61 46.07 94.07
C VAL AA 188 67.07 45.29 95.26
N LEU AA 189 65.76 45.35 95.48
CA LEU AA 189 65.13 44.66 96.59
C LEU AA 189 64.99 43.16 96.35
N SER AA 190 64.69 42.75 95.11
CA SER AA 190 64.44 41.34 94.87
C SER AA 190 65.72 40.53 94.88
N THR AA 191 66.80 41.07 94.30
CA THR AA 191 68.02 40.28 94.16
C THR AA 191 68.73 40.10 95.48
N HIS AA 192 68.45 40.95 96.47
CA HIS AA 192 68.99 40.69 97.80
C HIS AA 192 68.39 39.42 98.36
N SER AA 193 67.13 39.20 98.12
CA SER AA 193 66.49 38.03 98.69
C SER AA 193 66.57 36.81 97.77
N LEU AA 194 66.99 36.97 96.52
CA LEU AA 194 67.25 35.83 95.66
C LEU AA 194 68.73 35.63 95.37
N LEU AA 195 69.61 36.32 96.08
CA LEU AA 195 71.00 35.88 96.15
C LEU AA 195 71.11 34.56 96.91
N GLU AA 196 70.34 34.40 97.98
CA GLU AA 196 70.50 33.28 98.87
C GLU AA 196 69.43 32.21 98.70
N HIS AA 197 68.71 32.19 97.58
CA HIS AA 197 67.76 31.12 97.33
C HIS AA 197 68.07 30.33 96.09
N THR AA 198 68.28 30.99 94.96
CA THR AA 198 68.46 30.28 93.71
C THR AA 198 69.86 29.73 93.59
N ASP AA 199 70.07 28.91 92.56
CA ASP AA 199 71.37 28.34 92.28
C ASP AA 199 72.00 28.88 91.02
N VAL AA 200 71.24 29.00 89.94
CA VAL AA 200 71.72 29.60 88.71
C VAL AA 200 70.63 30.52 88.18
N ALA AA 201 70.97 31.78 87.97
CA ALA AA 201 70.01 32.76 87.47
C ALA AA 201 70.62 33.46 86.28
N VAL AA 202 70.04 33.26 85.11
CA VAL AA 202 70.57 33.78 83.86
C VAL AA 202 69.80 35.02 83.48
N MET AA 203 70.52 36.07 83.10
CA MET AA 203 69.95 37.39 82.92
C MET AA 203 69.69 37.67 81.44
N LEU AA 204 68.44 37.91 81.11
CA LEU AA 204 68.05 38.35 79.78
C LEU AA 204 67.44 39.73 79.89
N ASP AA 205 67.91 40.65 79.07
CA ASP AA 205 67.38 42.00 79.02
C ASP AA 205 66.53 42.16 77.76
N ASN AA 206 65.52 43.01 77.85
CA ASN AA 206 64.59 43.11 76.74
C ASN AA 206 65.19 43.85 75.56
N GLU AA 207 65.93 44.93 75.80
CA GLU AA 207 66.38 45.71 74.65
C GLU AA 207 67.56 45.06 73.94
N ALA AA 208 68.19 44.07 74.56
CA ALA AA 208 69.18 43.28 73.84
C ALA AA 208 68.52 42.39 72.81
N ILE AA 209 67.45 41.69 73.19
CA ILE AA 209 66.76 40.83 72.25
C ILE AA 209 66.09 41.67 71.17
N TYR AA 210 65.73 42.90 71.51
CA TYR AA 210 65.26 43.87 70.54
C TYR AA 210 66.29 44.20 69.48
N ASP AA 211 67.55 44.34 69.89
CA ASP AA 211 68.58 44.66 68.90
C ASP AA 211 68.95 43.47 68.04
N ILE AA 212 68.94 42.26 68.61
CA ILE AA 212 69.20 41.06 67.82
C ILE AA 212 68.08 40.84 66.81
N CYS AA 213 66.87 41.25 67.15
CA CYS AA 213 65.80 41.22 66.18
C CYS AA 213 66.01 42.25 65.07
N ARG AA 214 66.86 43.23 65.31
CA ARG AA 214 67.08 44.28 64.32
C ARG AA 214 68.31 44.00 63.47
N ARG AA 215 69.39 43.51 64.07
CA ARG AA 215 70.62 43.29 63.33
C ARG AA 215 70.61 41.97 62.56
N ASN AA 216 69.99 40.93 63.10
CA ASN AA 216 70.02 39.63 62.49
C ASN AA 216 68.77 39.31 61.68
N LEU AA 217 67.59 39.64 62.19
CA LEU AA 217 66.34 39.25 61.55
C LEU AA 217 65.77 40.34 60.66
N ASP AA 218 66.31 41.56 60.74
CA ASP AA 218 65.80 42.75 60.07
C ASP AA 218 64.32 42.93 60.40
N ILE AA 219 64.03 42.94 61.69
CA ILE AA 219 62.71 43.31 62.20
C ILE AA 219 62.88 44.60 62.98
N GLU AA 220 62.17 45.64 62.55
CA GLU AA 220 62.27 46.92 63.22
C GLU AA 220 61.16 47.18 64.22
N ARG AA 221 60.08 46.40 64.19
CA ARG AA 221 58.98 46.50 65.15
C ARG AA 221 58.61 45.13 65.73
N PRO AA 222 59.44 44.56 66.61
CA PRO AA 222 59.06 43.31 67.25
C PRO AA 222 58.10 43.52 68.41
N THR AA 223 57.24 42.53 68.60
CA THR AA 223 56.37 42.48 69.76
C THR AA 223 56.87 41.43 70.76
N TYR AA 224 56.17 41.29 71.88
CA TYR AA 224 56.60 40.35 72.91
C TYR AA 224 56.51 38.91 72.48
N THR AA 225 55.69 38.58 71.50
CA THR AA 225 55.67 37.18 71.08
C THR AA 225 56.97 36.83 70.39
N ASN AA 226 57.55 37.76 69.64
CA ASN AA 226 58.76 37.46 68.90
C ASN AA 226 59.98 37.35 69.80
N LEU AA 227 60.00 38.03 70.94
CA LEU AA 227 61.08 37.79 71.88
C LEU AA 227 60.92 36.46 72.60
N ASN AA 228 59.69 36.11 72.95
CA ASN AA 228 59.46 34.89 73.71
C ASN AA 228 59.67 33.64 72.87
N ARG AA 229 59.52 33.75 71.54
CA ARG AA 229 59.92 32.66 70.68
C ARG AA 229 61.41 32.41 70.77
N LEU AA 230 62.19 33.48 70.97
CA LEU AA 230 63.64 33.32 70.99
C LEU AA 230 64.16 32.96 72.36
N ILE AA 231 63.43 33.27 73.42
CA ILE AA 231 63.84 32.79 74.73
C ILE AA 231 63.59 31.30 74.85
N ALA AA 232 62.50 30.82 74.26
CA ALA AA 232 62.15 29.41 74.34
C ALA AA 232 63.14 28.54 73.57
N GLN AA 233 63.78 29.08 72.55
CA GLN AA 233 64.81 28.32 71.83
C GLN AA 233 66.04 28.13 72.70
N VAL AA 234 66.38 29.13 73.51
CA VAL AA 234 67.45 28.96 74.50
C VAL AA 234 67.03 27.93 75.56
N ILE AA 235 65.75 27.92 75.91
CA ILE AA 235 65.23 26.95 76.87
C ILE AA 235 65.32 25.54 76.32
N SER AA 236 64.90 25.34 75.07
CA SER AA 236 64.94 24.01 74.48
C SER AA 236 66.36 23.54 74.27
N SER AA 237 67.25 24.46 73.95
CA SER AA 237 68.64 24.09 73.78
C SER AA 237 69.28 23.72 75.10
N LEU AA 238 68.87 24.37 76.19
CA LEU AA 238 69.52 24.14 77.47
C LEU AA 238 69.11 22.83 78.09
N THR AA 239 67.97 22.28 77.69
CA THR AA 239 67.51 20.99 78.15
C THR AA 239 67.51 19.97 77.03
N ALA AA 240 68.24 20.23 75.94
CA ALA AA 240 68.23 19.31 74.82
C ALA AA 240 68.93 18.01 75.15
N SER AA 241 70.02 18.10 75.91
CA SER AA 241 70.75 16.90 76.31
C SER AA 241 69.93 16.05 77.25
N LEU AA 242 69.09 16.69 78.07
CA LEU AA 242 68.23 15.97 78.98
C LEU AA 242 67.16 15.18 78.23
N ARG AA 243 66.84 15.62 77.03
CA ARG AA 243 65.64 15.17 76.36
C ARG AA 243 65.92 14.15 75.27
N PHE AA 244 67.06 14.28 74.60
CA PHE AA 244 67.48 13.37 73.55
C PHE AA 244 68.87 12.83 73.87
N ASP AA 245 69.35 11.92 73.03
CA ASP AA 245 70.69 11.40 73.20
C ASP AA 245 71.69 12.36 72.57
N GLY AA 246 72.95 12.22 72.98
CA GLY AA 246 73.98 13.11 72.49
C GLY AA 246 75.34 12.44 72.53
N ALA AA 247 76.24 12.93 71.68
CA ALA AA 247 77.61 12.43 71.70
C ALA AA 247 78.37 12.94 72.91
N LEU AA 248 77.98 14.09 73.43
CA LEU AA 248 78.59 14.62 74.64
C LEU AA 248 77.52 15.46 75.33
N ASN AA 249 76.81 14.86 76.29
CA ASN AA 249 75.63 15.47 76.88
C ASN AA 249 75.91 15.91 78.30
N VAL AA 250 75.41 17.09 78.67
CA VAL AA 250 75.53 17.63 80.01
C VAL AA 250 74.15 17.93 80.57
N ASP AA 251 73.95 17.63 81.84
CA ASP AA 251 72.66 17.75 82.49
C ASP AA 251 72.65 18.97 83.40
N VAL AA 252 71.52 19.18 84.08
CA VAL AA 252 71.36 20.37 84.91
C VAL AA 252 72.16 20.24 86.21
N THR AA 253 72.45 19.02 86.64
CA THR AA 253 73.26 18.84 87.84
C THR AA 253 74.68 19.36 87.65
N GLU AA 254 75.34 19.01 86.54
CA GLU AA 254 76.70 19.46 86.29
C GLU AA 254 76.73 20.56 85.24
N PHE AA 255 75.75 21.47 85.28
CA PHE AA 255 75.94 22.86 84.89
C PHE AA 255 76.61 23.66 85.98
N GLN AA 256 76.01 23.65 87.16
CA GLN AA 256 76.40 24.56 88.22
C GLN AA 256 77.74 24.21 88.83
N THR AA 257 78.21 22.99 88.64
CA THR AA 257 79.56 22.65 89.05
C THR AA 257 80.58 23.38 88.19
N ASN AA 258 80.24 23.64 86.93
CA ASN AA 258 81.22 24.17 85.99
C ASN AA 258 81.23 25.68 85.90
N LEU AA 259 80.10 26.34 86.12
CA LEU AA 259 79.96 27.75 85.80
C LEU AA 259 80.09 28.69 86.98
N VAL AA 260 79.94 28.19 88.20
CA VAL AA 260 79.79 29.04 89.38
C VAL AA 260 81.01 28.85 90.28
N PRO AA 261 81.97 29.74 90.26
CA PRO AA 261 83.17 29.54 91.07
C PRO AA 261 82.94 29.71 92.56
N TYR AA 262 82.28 30.79 92.94
CA TYR AA 262 81.95 31.06 94.33
C TYR AA 262 80.43 31.18 94.43
N PRO AA 263 79.84 30.82 95.57
CA PRO AA 263 78.38 30.65 95.62
C PRO AA 263 77.59 31.91 95.31
N ARG AA 264 78.13 33.08 95.59
CA ARG AA 264 77.39 34.31 95.37
C ARG AA 264 77.35 34.70 93.89
N ILE AA 265 78.35 34.30 93.11
CA ILE AA 265 78.48 34.72 91.72
C ILE AA 265 77.78 33.67 90.88
N HIS AA 266 76.47 33.79 90.77
CA HIS AA 266 75.72 32.83 89.98
C HIS AA 266 74.81 33.54 89.00
N PHE AA 267 75.26 34.67 88.49
CA PHE AA 267 74.56 35.41 87.46
C PHE AA 267 75.29 35.20 86.15
N MET AA 268 74.60 34.60 85.20
CA MET AA 268 75.20 34.23 83.93
C MET AA 268 74.43 34.82 82.77
N LEU AA 269 75.10 34.82 81.64
CA LEU AA 269 74.73 35.61 80.46
C LEU AA 269 74.60 34.68 79.26
N SER AA 270 73.59 34.92 78.43
CA SER AA 270 73.25 33.98 77.37
C SER AA 270 73.55 34.55 76.01
N SER AA 271 73.50 33.68 75.00
CA SER AA 271 73.56 34.07 73.60
C SER AA 271 73.05 32.91 72.76
N TYR AA 272 72.96 33.13 71.46
CA TYR AA 272 72.46 32.10 70.56
C TYR AA 272 73.01 32.37 69.18
N ALA AA 273 73.20 31.31 68.42
CA ALA AA 273 73.70 31.39 67.07
C ALA AA 273 73.39 30.08 66.35
N PRO AA 274 72.89 30.12 65.12
CA PRO AA 274 72.51 31.30 64.38
C PRO AA 274 71.13 31.74 64.72
N ILE AA 275 70.85 33.02 64.48
CA ILE AA 275 69.48 33.54 64.54
C ILE AA 275 69.28 34.21 63.19
N ILE AA 276 68.85 33.43 62.20
CA ILE AA 276 68.79 33.91 60.83
C ILE AA 276 67.40 33.64 60.26
N SER AA 277 67.07 34.39 59.24
CA SER AA 277 65.80 34.23 58.55
C SER AA 277 66.01 33.54 57.22
N ALA AA 278 64.92 33.27 56.52
CA ALA AA 278 65.00 32.66 55.21
C ALA AA 278 65.57 33.61 54.16
N GLU AA 279 65.69 34.90 54.48
CA GLU AA 279 66.42 35.82 53.64
C GLU AA 279 67.88 35.41 53.50
N LYS AA 280 68.44 34.84 54.55
CA LYS AA 280 69.88 34.72 54.68
C LYS AA 280 70.37 33.29 54.87
N ALA AA 281 69.49 32.34 55.20
CA ALA AA 281 69.87 30.94 55.15
C ALA AA 281 70.16 30.51 53.73
N TYR AA 282 69.52 31.17 52.77
CA TYR AA 282 69.81 30.97 51.35
C TYR AA 282 71.25 31.33 50.99
N HIS AA 283 71.90 32.18 51.77
CA HIS AA 283 73.16 32.75 51.34
C HIS AA 283 74.34 32.46 52.25
N GLU AA 284 74.17 31.77 53.37
CA GLU AA 284 75.29 31.52 54.25
C GLU AA 284 75.36 30.04 54.58
N GLN AA 285 76.58 29.51 54.64
CA GLN AA 285 76.85 28.17 55.16
C GLN AA 285 77.22 28.29 56.62
N LEU AA 286 76.52 27.57 57.47
CA LEU AA 286 76.58 27.83 58.89
C LEU AA 286 77.53 26.85 59.55
N SER AA 287 78.81 27.00 59.24
CA SER AA 287 79.81 26.06 59.74
C SER AA 287 80.01 26.25 61.24
N VAL AA 288 80.58 25.22 61.87
CA VAL AA 288 80.71 25.20 63.32
C VAL AA 288 81.63 26.31 63.79
N ALA AA 289 82.72 26.54 63.07
CA ALA AA 289 83.61 27.65 63.41
C ALA AA 289 82.97 29.00 63.11
N GLU AA 290 82.03 29.05 62.17
CA GLU AA 290 81.38 30.31 61.86
C GLU AA 290 80.38 30.69 62.94
N ILE AA 291 79.62 29.71 63.44
CA ILE AA 291 78.57 29.99 64.39
C ILE AA 291 79.08 30.15 65.80
N THR AA 292 80.34 29.83 66.06
CA THR AA 292 80.86 30.08 67.40
C THR AA 292 81.48 31.47 67.51
N ASN AA 293 81.98 32.02 66.41
CA ASN AA 293 82.45 33.40 66.41
C ASN AA 293 81.29 34.35 66.61
N SER AA 294 80.16 34.06 65.97
CA SER AA 294 78.96 34.87 66.16
C SER AA 294 78.34 34.65 67.53
N ALA AA 295 78.78 33.63 68.26
CA ALA AA 295 78.32 33.45 69.63
C ALA AA 295 78.98 34.44 70.58
N PHE AA 296 80.27 34.67 70.43
CA PHE AA 296 80.98 35.54 71.37
C PHE AA 296 81.13 36.98 70.89
N GLU AA 297 80.48 37.36 69.80
CA GLU AA 297 80.50 38.76 69.45
C GLU AA 297 79.62 39.54 70.43
N PRO AA 298 80.03 40.76 70.82
CA PRO AA 298 79.20 41.54 71.74
C PRO AA 298 77.86 41.94 71.17
N ALA AA 299 77.71 41.94 69.85
CA ALA AA 299 76.44 42.35 69.26
C ALA AA 299 75.35 41.31 69.43
N SER AA 300 75.71 40.02 69.51
CA SER AA 300 74.76 38.93 69.61
C SER AA 300 74.53 38.50 71.03
N MET AA 301 75.10 39.23 71.98
CA MET AA 301 74.79 39.12 73.38
C MET AA 301 73.32 39.42 73.65
N MET AA 302 72.74 38.70 74.62
CA MET AA 302 71.36 38.93 75.04
C MET AA 302 71.25 39.64 76.38
N ALA AA 303 72.11 40.58 76.75
CA ALA AA 303 71.86 41.32 77.99
C ALA AA 303 72.22 42.81 77.97
N LYS AA 304 72.73 43.37 76.88
CA LYS AA 304 73.36 44.69 76.87
C LYS AA 304 74.38 44.83 78.00
N CYS AA 305 75.44 44.06 77.86
CA CYS AA 305 76.56 44.13 78.78
C CYS AA 305 77.81 43.87 77.96
N ASP AA 306 78.44 44.94 77.51
CA ASP AA 306 79.56 44.87 76.57
C ASP AA 306 80.73 44.19 77.24
N PRO AA 307 81.08 42.96 76.87
CA PRO AA 307 82.11 42.22 77.59
C PRO AA 307 83.53 42.70 77.32
N ARG AA 308 83.71 43.72 76.49
CA ARG AA 308 85.04 44.28 76.32
C ARG AA 308 85.55 44.95 77.58
N HIS AA 309 84.66 45.40 78.46
CA HIS AA 309 85.06 45.83 79.80
C HIS AA 309 84.72 44.78 80.84
N GLY AA 310 84.96 43.52 80.50
CA GLY AA 310 84.95 42.45 81.46
C GLY AA 310 85.94 41.37 81.07
N LYS AA 311 86.21 40.47 82.02
CA LYS AA 311 87.11 39.35 81.81
C LYS AA 311 86.34 38.07 82.04
N TYR AA 312 86.48 37.11 81.13
CA TYR AA 312 85.66 35.91 81.15
C TYR AA 312 86.09 34.94 82.24
N MET AA 313 85.12 34.24 82.82
CA MET AA 313 85.37 33.34 83.92
C MET AA 313 85.08 31.89 83.56
N ALA AA 314 84.00 31.64 82.84
CA ALA AA 314 83.68 30.32 82.31
C ALA AA 314 82.68 30.46 81.19
N CYS AA 315 82.67 29.51 80.29
CA CYS AA 315 81.68 29.45 79.24
C CYS AA 315 81.16 28.03 79.12
N CYS AA 316 79.88 27.91 78.78
CA CYS AA 316 79.26 26.61 78.62
C CYS AA 316 78.60 26.59 77.26
N LEU AA 317 79.34 26.14 76.26
CA LEU AA 317 78.88 26.14 74.88
C LEU AA 317 78.12 24.85 74.61
N MET AA 318 76.84 24.98 74.31
CA MET AA 318 76.01 23.86 73.89
C MET AA 318 75.87 23.90 72.38
N TYR AA 319 76.04 22.75 71.74
CA TYR AA 319 75.88 22.64 70.29
C TYR AA 319 74.75 21.66 70.01
N ARG AA 320 73.89 22.01 69.07
CA ARG AA 320 72.80 21.14 68.64
C ARG AA 320 72.99 20.82 67.17
N GLY AA 321 72.37 19.73 66.73
CA GLY AA 321 72.30 19.46 65.30
C GLY AA 321 73.31 18.48 64.76
N ASP AA 322 73.92 18.82 63.61
CA ASP AA 322 74.90 17.98 62.94
C ASP AA 322 76.30 18.54 63.16
N VAL AA 323 76.87 18.22 64.32
CA VAL AA 323 78.21 18.66 64.69
C VAL AA 323 79.04 17.44 65.06
N VAL AA 324 80.24 17.36 64.52
CA VAL AA 324 81.18 16.31 64.92
C VAL AA 324 82.13 16.91 65.95
N PRO AA 325 82.66 16.13 66.89
CA PRO AA 325 83.47 16.71 67.97
C PRO AA 325 84.81 17.23 67.52
N LYS AA 326 85.27 16.86 66.33
CA LYS AA 326 86.54 17.38 65.84
C LYS AA 326 86.46 18.89 65.63
N ASP AA 327 85.34 19.37 65.08
CA ASP AA 327 85.22 20.79 64.79
C ASP AA 327 85.14 21.64 66.03
N VAL AA 328 84.49 21.13 67.09
CA VAL AA 328 84.34 21.90 68.32
C VAL AA 328 85.70 22.14 68.96
N ASN AA 329 86.56 21.13 68.96
CA ASN AA 329 87.89 21.30 69.51
C ASN AA 329 88.72 22.29 68.70
N ALA AA 330 88.54 22.29 67.38
CA ALA AA 330 89.21 23.29 66.56
C ALA AA 330 88.58 24.67 66.74
N ALA AA 331 87.25 24.72 66.87
CA ALA AA 331 86.57 26.02 66.94
C ALA AA 331 86.83 26.72 68.26
N VAL AA 332 86.86 25.98 69.36
CA VAL AA 332 87.19 26.58 70.63
C VAL AA 332 88.66 27.00 70.65
N ALA AA 333 89.51 26.26 69.95
CA ALA AA 333 90.93 26.60 69.92
C ALA AA 333 91.17 27.89 69.17
N THR AA 334 90.39 28.17 68.13
CA THR AA 334 90.66 29.35 67.34
C THR AA 334 90.15 30.60 68.03
N ILE AA 335 89.34 30.45 69.07
CA ILE AA 335 88.79 31.63 69.72
C ILE AA 335 89.46 31.87 71.07
N LYS AA 336 90.19 30.88 71.58
CA LYS AA 336 91.05 31.12 72.71
C LYS AA 336 92.22 32.02 72.32
N THR AA 337 92.74 31.84 71.11
CA THR AA 337 93.90 32.58 70.63
C THR AA 337 93.59 34.02 70.25
N LYS AA 338 92.32 34.40 70.17
CA LYS AA 338 91.98 35.77 69.86
C LYS AA 338 92.28 36.67 71.05
N ARG AA 339 92.57 37.92 70.75
CA ARG AA 339 93.04 38.83 71.80
C ARG AA 339 91.91 39.55 72.52
N THR AA 340 90.82 39.87 71.82
CA THR AA 340 89.78 40.71 72.42
C THR AA 340 88.97 39.98 73.49
N ILE AA 341 89.11 38.67 73.63
CA ILE AA 341 88.35 37.93 74.63
C ILE AA 341 89.28 37.47 75.73
N GLN AA 342 89.42 38.28 76.78
CA GLN AA 342 90.32 37.95 77.87
C GLN AA 342 89.63 37.05 78.87
N PHE AA 343 90.24 35.92 79.16
CA PHE AA 343 89.82 35.11 80.28
C PHE AA 343 90.56 35.54 81.52
N VAL AA 344 90.09 35.06 82.66
CA VAL AA 344 90.72 35.45 83.91
C VAL AA 344 91.96 34.57 84.12
N ASP AA 345 92.89 35.08 84.94
CA ASP AA 345 94.18 34.43 85.14
C ASP AA 345 94.05 33.04 85.74
N TRP AA 346 93.17 32.88 86.72
CA TRP AA 346 93.10 31.62 87.46
C TRP AA 346 92.22 30.58 86.80
N CYS AA 347 91.83 30.77 85.54
CA CYS AA 347 91.01 29.79 84.82
C CYS AA 347 91.67 29.43 83.50
N PRO AA 348 92.60 28.48 83.50
CA PRO AA 348 93.11 27.96 82.24
C PRO AA 348 92.07 27.18 81.47
N THR AA 349 91.45 26.19 82.12
CA THR AA 349 90.41 25.39 81.49
C THR AA 349 89.15 26.23 81.44
N GLY AA 350 89.04 27.03 80.39
CA GLY AA 350 88.01 28.03 80.35
C GLY AA 350 86.72 27.66 79.67
N PHE AA 351 86.53 26.42 79.25
CA PHE AA 351 85.38 26.09 78.44
C PHE AA 351 84.69 24.82 78.92
N LYS AA 352 83.39 24.78 78.69
CA LYS AA 352 82.58 23.59 78.84
C LYS AA 352 81.84 23.38 77.52
N CYS AA 353 82.00 22.21 76.92
CA CYS AA 353 81.46 21.93 75.61
C CYS AA 353 80.28 20.98 75.70
N GLY AA 354 79.55 20.86 74.62
CA GLY AA 354 78.44 19.93 74.55
C GLY AA 354 77.96 19.79 73.13
N ILE AA 355 77.49 18.60 72.79
CA ILE AA 355 77.03 18.28 71.45
C ILE AA 355 75.76 17.46 71.58
N ASN AA 356 74.75 17.78 70.77
CA ASN AA 356 73.51 17.02 70.73
C ASN AA 356 73.10 16.78 69.29
N TYR AA 357 72.38 15.68 69.05
CA TYR AA 357 72.09 15.30 67.68
C TYR AA 357 70.85 15.95 67.11
N GLN AA 358 69.83 16.19 67.93
CA GLN AA 358 68.58 16.70 67.39
C GLN AA 358 68.72 18.14 66.95
N PRO AA 359 68.47 18.47 65.69
CA PRO AA 359 68.57 19.84 65.23
C PRO AA 359 67.43 20.66 65.76
N PRO AA 360 67.53 22.00 65.75
CA PRO AA 360 66.45 22.82 66.27
C PRO AA 360 65.19 22.66 65.44
N THR AA 361 64.05 22.71 66.11
CA THR AA 361 62.76 22.49 65.48
C THR AA 361 62.11 23.83 65.20
N VAL AA 362 61.82 24.09 63.94
CA VAL AA 362 61.21 25.35 63.54
C VAL AA 362 59.75 25.35 63.97
N VAL AA 363 59.28 26.49 64.45
CA VAL AA 363 57.85 26.66 64.70
C VAL AA 363 57.26 27.34 63.47
N PRO AA 364 56.16 26.82 62.93
CA PRO AA 364 55.52 27.49 61.79
C PRO AA 364 55.00 28.86 62.17
N GLY AA 365 55.11 29.78 61.22
CA GLY AA 365 54.71 31.14 61.49
C GLY AA 365 55.68 31.93 62.32
N GLY AA 366 56.83 31.35 62.65
CA GLY AA 366 57.82 32.04 63.42
C GLY AA 366 58.70 32.89 62.53
N ASP AA 367 59.77 33.40 63.13
CA ASP AA 367 60.70 34.29 62.45
C ASP AA 367 62.07 33.66 62.27
N LEU AA 368 62.20 32.36 62.44
CA LEU AA 368 63.46 31.66 62.27
C LEU AA 368 63.36 30.66 61.14
N ALA AA 369 64.44 30.52 60.40
CA ALA AA 369 64.55 29.53 59.35
C ALA AA 369 65.31 28.34 59.88
N LYS AA 370 65.05 27.16 59.31
CA LYS AA 370 65.65 25.95 59.83
C LYS AA 370 67.13 25.93 59.54
N VAL AA 371 67.90 25.60 60.56
CA VAL AA 371 69.35 25.56 60.45
C VAL AA 371 69.81 24.18 60.86
N MET AA 372 70.82 23.67 60.17
CA MET AA 372 71.30 22.33 60.43
C MET AA 372 71.98 22.23 61.79
N ARG AA 373 72.46 23.34 62.34
CA ARG AA 373 73.11 23.30 63.63
C ARG AA 373 72.96 24.66 64.30
N ALA AA 374 73.09 24.66 65.63
CA ALA AA 374 72.90 25.87 66.41
C ALA AA 374 73.84 25.83 67.60
N VAL AA 375 74.07 27.00 68.19
CA VAL AA 375 74.91 27.14 69.37
C VAL AA 375 74.14 27.94 70.40
N CYS AA 376 73.98 27.40 71.58
CA CYS AA 376 73.49 28.15 72.73
C CYS AA 376 74.60 28.27 73.72
N MET AA 377 74.83 29.48 74.20
CA MET AA 377 75.99 29.75 75.03
C MET AA 377 75.54 30.37 76.33
N ILE AA 378 76.15 29.94 77.41
CA ILE AA 378 75.98 30.58 78.71
C ILE AA 378 77.36 30.87 79.27
N SER AA 379 77.64 32.14 79.54
CA SER AA 379 78.93 32.55 80.04
C SER AA 379 78.79 33.16 81.41
N ASN AA 380 79.93 33.25 82.09
CA ASN AA 380 80.05 33.98 83.34
C ASN AA 380 81.20 34.95 83.16
N SER AA 381 80.91 36.24 83.25
CA SER AA 381 81.93 37.25 83.01
C SER AA 381 81.93 38.25 84.14
N THR AA 382 83.06 38.90 84.33
CA THR AA 382 83.15 39.99 85.29
C THR AA 382 82.56 41.28 84.77
N ALA AA 383 82.05 41.27 83.54
CA ALA AA 383 81.49 42.48 82.94
C ALA AA 383 80.16 42.87 83.55
N ILE AA 384 79.53 42.01 84.36
CA ILE AA 384 78.21 42.32 84.86
C ILE AA 384 78.30 43.07 86.18
N ALA AA 385 79.47 43.60 86.48
CA ALA AA 385 79.53 44.62 87.51
C ALA AA 385 78.77 45.85 87.10
N GLU AA 386 78.63 46.09 85.79
CA GLU AA 386 77.94 47.29 85.36
C GLU AA 386 76.43 47.17 85.51
N VAL AA 387 75.88 45.98 85.31
CA VAL AA 387 74.44 45.82 85.43
C VAL AA 387 74.02 46.02 86.87
N PHE AA 388 74.86 45.62 87.81
CA PHE AA 388 74.59 45.88 89.22
C PHE AA 388 74.89 47.33 89.58
N SER AA 389 75.95 47.92 89.01
CA SER AA 389 76.26 49.30 89.33
C SER AA 389 75.29 50.26 88.69
N ARG AA 390 74.67 49.88 87.57
CA ARG AA 390 73.70 50.76 86.94
C ARG AA 390 72.38 50.75 87.70
N MET AA 391 71.95 49.60 88.18
CA MET AA 391 70.77 49.57 89.00
C MET AA 391 71.04 50.18 90.37
N ASP AA 392 72.29 50.31 90.76
CA ASP AA 392 72.61 50.82 92.08
C ASP AA 392 72.45 52.34 92.12
N HIS AA 393 72.85 53.04 91.07
CA HIS AA 393 72.69 54.48 91.05
C HIS AA 393 71.23 54.90 90.89
N LYS AA 394 70.49 54.21 90.02
CA LYS AA 394 69.07 54.55 89.81
C LYS AA 394 68.24 54.34 91.06
N PHE AA 395 68.69 53.45 91.94
CA PHE AA 395 68.09 53.34 93.26
C PHE AA 395 68.45 54.53 94.13
N ASP AA 396 69.73 54.94 94.12
CA ASP AA 396 70.21 55.89 95.10
C ASP AA 396 69.71 57.31 94.84
N LEU AA 397 69.51 57.68 93.57
CA LEU AA 397 68.91 58.98 93.30
C LEU AA 397 67.48 59.04 93.80
N MET AA 398 66.74 57.96 93.60
CA MET AA 398 65.35 57.93 94.05
C MET AA 398 65.26 57.87 95.56
N TYR AA 399 66.01 56.96 96.18
CA TYR AA 399 65.88 56.69 97.59
C TYR AA 399 66.49 57.75 98.48
N ALA AA 400 67.31 58.65 97.91
CA ALA AA 400 67.90 59.71 98.72
C ALA AA 400 66.85 60.64 99.27
N LYS AA 401 65.77 60.84 98.51
CA LYS AA 401 64.64 61.63 99.00
C LYS AA 401 63.32 60.90 98.90
N ARG AA 402 63.35 59.57 99.04
CA ARG AA 402 62.26 58.78 99.60
C ARG AA 402 61.03 58.76 98.69
N ALA AA 403 61.27 58.58 97.40
CA ALA AA 403 60.18 58.45 96.46
C ALA AA 403 59.61 57.04 96.48
N PHE AA 404 58.29 56.94 96.36
CA PHE AA 404 57.54 55.70 96.21
C PHE AA 404 57.67 54.76 97.40
N VAL AA 405 58.15 55.23 98.54
CA VAL AA 405 58.41 54.32 99.65
C VAL AA 405 57.17 54.12 100.50
N HIS AA 406 56.16 54.99 100.38
CA HIS AA 406 54.97 54.86 101.19
C HIS AA 406 54.11 53.69 100.75
N TRP AA 407 54.36 53.15 99.57
CA TRP AA 407 53.65 51.99 99.03
C TRP AA 407 54.41 50.70 99.19
N TYR AA 408 55.52 50.72 99.89
CA TYR AA 408 56.09 49.52 100.46
C TYR AA 408 56.08 49.55 101.97
N VAL AA 409 56.20 50.73 102.57
CA VAL AA 409 56.04 50.87 104.01
C VAL AA 409 54.59 50.61 104.40
N GLY AA 410 53.66 51.14 103.61
CA GLY AA 410 52.26 51.05 103.91
C GLY AA 410 51.62 49.70 103.66
N GLU AA 411 52.31 48.79 102.97
CA GLU AA 411 51.78 47.48 102.69
C GLU AA 411 52.75 46.37 103.07
N GLY AA 412 53.41 46.51 104.22
CA GLY AA 412 54.07 45.36 104.81
C GLY AA 412 55.50 45.43 105.31
N MET AA 413 56.44 46.07 104.64
CA MET AA 413 57.79 46.05 105.18
C MET AA 413 58.06 47.30 106.00
N GLU AA 414 59.29 47.39 106.47
CA GLU AA 414 59.74 48.51 107.27
C GLU AA 414 60.82 49.27 106.51
N GLU AA 415 60.86 50.57 106.73
CA GLU AA 415 61.88 51.41 106.11
C GLU AA 415 63.22 51.02 106.70
N GLY AA 416 63.99 50.25 105.95
CA GLY AA 416 65.21 49.67 106.47
C GLY AA 416 65.46 48.31 105.88
N GLU AA 417 64.42 47.68 105.34
CA GLU AA 417 64.66 46.54 104.49
C GLU AA 417 65.18 46.98 103.13
N PHE AA 418 64.89 48.23 102.74
CA PHE AA 418 65.52 48.77 101.55
C PHE AA 418 67.02 48.93 101.73
N SER AA 419 67.44 49.45 102.88
CA SER AA 419 68.84 49.79 103.04
C SER AA 419 69.71 48.54 103.15
N GLU AA 420 69.22 47.51 103.83
CA GLU AA 420 69.99 46.27 103.92
C GLU AA 420 69.98 45.51 102.61
N ALA AA 421 69.00 45.79 101.74
CA ALA AA 421 69.08 45.27 100.38
C ALA AA 421 70.06 46.06 99.54
N ARG AA 422 70.12 47.38 99.76
CA ARG AA 422 71.12 48.20 99.11
C ARG AA 422 72.53 47.84 99.58
N GLU AA 423 72.68 47.48 100.84
CA GLU AA 423 73.98 47.04 101.32
C GLU AA 423 74.38 45.71 100.71
N ASP AA 424 73.42 44.87 100.35
CA ASP AA 424 73.77 43.58 99.78
C ASP AA 424 74.27 43.72 98.35
N LEU AA 425 73.74 44.68 97.60
CA LEU AA 425 74.28 44.93 96.27
C LEU AA 425 75.66 45.59 96.35
N ALA AA 426 75.90 46.38 97.39
CA ALA AA 426 77.22 46.99 97.55
C ALA AA 426 78.27 45.94 97.84
N ALA AA 427 77.90 44.90 98.58
CA ALA AA 427 78.82 43.80 98.82
C ALA AA 427 79.06 43.01 97.54
N LEU AA 428 78.04 42.89 96.70
CA LEU AA 428 78.19 42.15 95.45
C LEU AA 428 79.05 42.90 94.46
N GLU AA 429 79.04 44.23 94.52
CA GLU AA 429 79.96 45.00 93.70
C GLU AA 429 81.40 44.78 94.12
N LYS AA 430 81.65 44.69 95.43
CA LYS AA 430 82.99 44.41 95.90
C LYS AA 430 83.41 42.98 95.57
N ASP AA 431 82.45 42.04 95.60
CA ASP AA 431 82.77 40.65 95.33
C ASP AA 431 83.16 40.43 93.88
N TYR AA 432 82.53 41.14 92.95
CA TYR AA 432 82.90 40.99 91.55
C TYR AA 432 84.25 41.63 91.26
N GLU AA 433 84.53 42.78 91.86
CA GLU AA 433 85.78 43.47 91.53
C GLU AA 433 86.97 42.82 92.20
N GLU AA 434 86.80 42.22 93.38
CA GLU AA 434 87.95 41.58 93.99
C GLU AA 434 88.29 40.28 93.29
N VAL AA 435 87.33 39.67 92.61
CA VAL AA 435 87.61 38.48 91.82
C VAL AA 435 88.42 38.86 90.59
N GLY AA 436 88.05 39.95 89.95
CA GLY AA 436 88.62 40.32 88.68
C GLY AA 436 89.99 40.97 88.72
N ILE AA 437 90.65 41.01 89.87
CA ILE AA 437 91.98 41.60 89.94
C ILE AA 437 92.99 40.72 89.24
N MET BA 1 34.28 38.48 91.37
CA MET BA 1 35.67 38.88 91.20
C MET BA 1 35.80 40.36 91.41
N ARG BA 2 36.35 41.07 90.40
CA ARG BA 2 36.51 42.51 90.47
C ARG BA 2 35.19 43.25 90.32
N GLU BA 3 35.19 44.51 90.74
CA GLU BA 3 34.09 45.45 90.57
C GLU BA 3 34.62 46.86 90.68
N ILE BA 4 34.10 47.75 89.84
CA ILE BA 4 34.19 49.19 90.03
C ILE BA 4 32.77 49.71 90.09
N VAL BA 5 32.46 50.49 91.11
CA VAL BA 5 31.11 50.97 91.33
C VAL BA 5 31.09 52.46 91.09
N HIS BA 6 30.28 52.90 90.12
CA HIS BA 6 30.25 54.29 89.69
C HIS BA 6 29.19 55.05 90.44
N VAL BA 7 29.53 56.20 91.01
CA VAL BA 7 28.56 57.09 91.60
C VAL BA 7 28.71 58.47 90.99
N GLN BA 8 27.64 58.96 90.39
CA GLN BA 8 27.65 60.25 89.71
C GLN BA 8 27.17 61.32 90.69
N GLY BA 9 27.98 62.36 90.85
CA GLY BA 9 27.61 63.42 91.77
C GLY BA 9 27.38 64.75 91.09
N GLY BA 10 26.22 65.35 91.31
CA GLY BA 10 25.92 66.64 90.75
C GLY BA 10 25.33 66.55 89.35
N GLN BA 11 24.92 67.72 88.85
CA GLN BA 11 24.39 67.83 87.50
C GLN BA 11 25.47 67.59 86.46
N CYS BA 12 26.67 68.12 86.71
CA CYS BA 12 27.78 67.90 85.80
C CYS BA 12 28.15 66.44 85.71
N GLY BA 13 28.26 65.77 86.85
CA GLY BA 13 28.64 64.38 86.86
C GLY BA 13 27.60 63.48 86.25
N ASN BA 14 26.33 63.80 86.45
CA ASN BA 14 25.27 62.92 85.97
C ASN BA 14 25.19 62.93 84.45
N GLN BA 15 25.44 64.07 83.83
CA GLN BA 15 25.44 64.09 82.37
C GLN BA 15 26.71 63.48 81.80
N ILE BA 16 27.87 63.74 82.40
CA ILE BA 16 29.07 63.20 81.78
C ILE BA 16 29.22 61.74 82.16
N GLY BA 17 28.59 61.32 83.24
CA GLY BA 17 28.50 59.90 83.52
C GLY BA 17 27.51 59.19 82.62
N ALA BA 18 26.48 59.90 82.16
CA ALA BA 18 25.51 59.30 81.25
C ALA BA 18 26.13 59.03 79.90
N LYS BA 19 27.02 59.91 79.45
CA LYS BA 19 27.73 59.65 78.20
C LYS BA 19 28.79 58.57 78.40
N PHE BA 20 29.27 58.40 79.62
CA PHE BA 20 30.21 57.33 79.90
C PHE BA 20 29.56 55.96 79.77
N TRP BA 21 28.29 55.85 80.14
CA TRP BA 21 27.59 54.59 80.04
C TRP BA 21 27.00 54.36 78.66
N GLU BA 22 27.23 55.27 77.73
CA GLU BA 22 26.95 55.05 76.33
C GLU BA 22 28.20 54.78 75.52
N VAL BA 23 29.36 55.15 76.03
CA VAL BA 23 30.61 54.80 75.36
C VAL BA 23 31.18 53.50 75.92
N ILE BA 24 30.74 53.09 77.12
CA ILE BA 24 31.14 51.78 77.62
C ILE BA 24 30.22 50.70 77.08
N SER BA 25 28.92 50.97 77.04
CA SER BA 25 27.93 49.94 76.71
C SER BA 25 28.06 49.49 75.26
N ASP BA 26 28.20 50.42 74.32
CA ASP BA 26 28.37 50.00 72.94
C ASP BA 26 29.75 49.42 72.69
N GLU BA 27 30.72 49.73 73.55
CA GLU BA 27 32.02 49.09 73.45
C GLU BA 27 31.93 47.61 73.82
N HIS BA 28 31.13 47.29 74.82
CA HIS BA 28 30.95 45.91 75.24
C HIS BA 28 29.86 45.19 74.47
N GLY BA 29 29.06 45.91 73.68
CA GLY BA 29 28.04 45.28 72.88
C GLY BA 29 26.68 45.15 73.52
N ILE BA 30 26.34 46.01 74.46
CA ILE BA 30 25.06 45.95 75.13
C ILE BA 30 24.13 46.99 74.53
N ASP BA 31 22.97 46.56 74.08
CA ASP BA 31 21.95 47.42 73.52
C ASP BA 31 21.32 48.26 74.63
N PRO BA 32 20.63 49.35 74.28
CA PRO BA 32 19.96 50.15 75.32
C PRO BA 32 18.92 49.39 76.12
N THR BA 33 18.31 48.37 75.54
CA THR BA 33 17.41 47.53 76.29
C THR BA 33 18.13 46.66 77.32
N GLY BA 34 19.45 46.57 77.25
CA GLY BA 34 20.20 45.75 78.17
C GLY BA 34 20.52 44.37 77.66
N THR BA 35 19.95 43.97 76.53
CA THR BA 35 20.33 42.71 75.92
C THR BA 35 21.71 42.85 75.27
N TYR BA 36 22.17 41.76 74.68
CA TYR BA 36 23.46 41.73 74.01
C TYR BA 36 23.26 41.42 72.54
N CYS BA 37 24.06 42.06 71.70
CA CYS BA 37 24.11 41.75 70.28
C CYS BA 37 25.53 41.95 69.80
N GLY BA 38 26.12 40.95 69.17
CA GLY BA 38 27.43 41.17 68.61
C GLY BA 38 28.43 40.03 68.62
N ASP BA 39 28.07 38.92 69.26
CA ASP BA 39 28.74 37.60 69.20
C ASP BA 39 30.27 37.64 69.10
N SER BA 40 30.88 38.29 70.09
CA SER BA 40 32.31 38.21 70.31
C SER BA 40 32.57 37.92 71.78
N ASP BA 41 33.47 36.98 72.05
CA ASP BA 41 33.64 36.48 73.40
C ASP BA 41 34.33 37.51 74.27
N LEU BA 42 35.31 38.24 73.69
CA LEU BA 42 36.11 39.17 74.46
C LEU BA 42 35.31 40.35 74.97
N GLN BA 43 34.19 40.67 74.33
CA GLN BA 43 33.31 41.73 74.83
C GLN BA 43 32.71 41.34 76.17
N LEU BA 44 32.48 40.05 76.36
CA LEU BA 44 31.62 39.56 77.40
C LEU BA 44 32.35 38.69 78.41
N GLU BA 45 33.61 38.32 78.13
CA GLU BA 45 34.35 37.47 79.05
C GLU BA 45 34.69 38.19 80.35
N ARG BA 46 34.85 39.51 80.30
CA ARG BA 46 35.10 40.31 81.50
C ARG BA 46 34.18 41.52 81.42
N ILE BA 47 32.96 41.35 81.90
CA ILE BA 47 31.95 42.40 81.88
C ILE BA 47 31.46 42.77 83.26
N ASN BA 48 31.67 41.91 84.26
CA ASN BA 48 31.15 42.17 85.60
C ASN BA 48 31.90 43.27 86.33
N VAL BA 49 32.91 43.88 85.71
CA VAL BA 49 33.59 45.01 86.32
C VAL BA 49 32.64 46.18 86.43
N PHE BA 50 31.71 46.30 85.50
CA PHE BA 50 30.79 47.42 85.48
C PHE BA 50 29.32 47.04 85.42
N TYR BA 51 28.98 45.76 85.34
CA TYR BA 51 27.59 45.35 85.16
C TYR BA 51 27.21 44.27 86.16
N ASN BA 52 25.91 44.01 86.22
CA ASN BA 52 25.36 42.91 86.98
C ASN BA 52 24.24 42.28 86.16
N GLU BA 53 24.16 40.96 86.17
CA GLU BA 53 23.04 40.30 85.51
C GLU BA 53 21.81 40.40 86.39
N ALA BA 54 20.65 40.48 85.75
CA ALA BA 54 19.41 40.72 86.47
C ALA BA 54 18.41 39.58 86.28
N THR BA 55 18.89 38.34 86.40
CA THR BA 55 18.18 37.06 86.47
C THR BA 55 17.15 36.86 85.36
N GLY BA 56 17.19 37.71 84.34
CA GLY BA 56 16.35 37.55 83.18
C GLY BA 56 17.30 37.61 82.02
N GLY BA 57 18.58 37.69 82.36
CA GLY BA 57 19.65 37.74 81.39
C GLY BA 57 20.09 39.12 80.97
N ARG BA 58 19.48 40.17 81.52
CA ARG BA 58 19.83 41.50 81.08
C ARG BA 58 20.95 42.06 81.95
N PHE BA 59 21.66 43.03 81.39
CA PHE BA 59 22.82 43.64 82.03
C PHE BA 59 22.44 45.03 82.51
N VAL BA 60 22.59 45.28 83.79
CA VAL BA 60 22.32 46.60 84.35
C VAL BA 60 23.64 47.17 84.87
N PRO BA 61 23.84 48.47 84.79
CA PRO BA 61 25.09 49.06 85.24
C PRO BA 61 25.22 49.00 86.75
N ARG BA 62 26.45 49.10 87.21
CA ARG BA 62 26.72 49.28 88.64
C ARG BA 62 26.87 50.77 88.94
N ALA BA 63 25.83 51.51 88.66
CA ALA BA 63 25.86 52.97 88.72
C ALA BA 63 24.85 53.48 89.73
N ILE BA 64 25.22 54.52 90.45
CA ILE BA 64 24.36 55.16 91.42
C ILE BA 64 24.18 56.60 90.98
N LEU BA 65 23.10 56.90 90.26
CA LEU BA 65 22.82 58.26 89.85
C LEU BA 65 22.34 59.05 91.06
N MET BA 66 22.76 60.32 91.12
CA MET BA 66 22.65 61.04 92.38
C MET BA 66 22.85 62.53 92.16
N ASP BA 67 21.89 63.34 92.62
CA ASP BA 67 22.11 64.72 93.08
C ASP BA 67 20.87 65.17 93.83
N LEU BA 68 20.81 66.46 94.15
CA LEU BA 68 19.79 66.98 95.04
C LEU BA 68 18.54 67.50 94.34
N GLU BA 69 18.55 67.65 93.02
CA GLU BA 69 17.33 68.13 92.41
C GLU BA 69 16.90 67.18 91.30
N PRO BA 70 15.61 67.01 91.08
CA PRO BA 70 15.17 66.04 90.08
C PRO BA 70 15.14 66.61 88.68
N GLY BA 71 15.67 67.83 88.53
CA GLY BA 71 15.66 68.48 87.24
C GLY BA 71 16.60 67.87 86.22
N THR BA 72 17.60 67.10 86.67
CA THR BA 72 18.55 66.53 85.74
C THR BA 72 18.52 65.03 85.61
N MET BA 73 18.02 64.29 86.62
CA MET BA 73 17.94 62.85 86.43
C MET BA 73 16.63 62.41 85.81
N ASP BA 74 15.66 63.30 85.70
CA ASP BA 74 14.53 63.01 84.82
C ASP BA 74 14.94 63.09 83.36
N SER BA 75 15.85 63.98 83.02
CA SER BA 75 16.31 64.12 81.64
C SER BA 75 17.23 62.97 81.25
N VAL BA 76 17.88 62.34 82.23
CA VAL BA 76 18.76 61.22 81.91
C VAL BA 76 17.95 60.01 81.48
N ARG BA 77 16.86 59.71 82.19
CA ARG BA 77 16.00 58.61 81.79
C ARG BA 77 15.33 58.87 80.45
N ALA BA 78 14.99 60.14 80.18
CA ALA BA 78 14.29 60.45 78.94
C ALA BA 78 15.19 60.24 77.73
N GLY BA 79 16.49 60.37 77.90
CA GLY BA 79 17.41 60.20 76.81
C GLY BA 79 17.57 58.74 76.46
N PRO BA 80 18.24 58.45 75.34
CA PRO BA 80 18.54 57.07 75.02
C PRO BA 80 19.55 56.52 75.99
N PHE BA 81 19.49 55.20 76.20
CA PHE BA 81 20.25 54.44 77.19
C PHE BA 81 19.95 54.86 78.62
N GLY BA 82 18.92 55.67 78.84
CA GLY BA 82 18.58 56.04 80.20
C GLY BA 82 17.80 54.98 80.93
N GLN BA 83 17.19 54.06 80.21
CA GLN BA 83 16.46 52.98 80.84
C GLN BA 83 17.38 51.85 81.26
N LEU BA 84 18.69 51.98 81.02
CA LEU BA 84 19.63 50.94 81.40
C LEU BA 84 19.71 50.81 82.91
N PHE BA 85 19.71 51.93 83.63
CA PHE BA 85 19.91 51.92 85.06
C PHE BA 85 18.69 51.35 85.78
N ARG BA 86 18.96 50.76 86.93
CA ARG BA 86 17.88 50.36 87.82
C ARG BA 86 17.29 51.61 88.44
N PRO BA 87 15.96 51.76 88.47
CA PRO BA 87 15.38 52.99 89.00
C PRO BA 87 15.53 53.12 90.50
N ASP BA 88 15.77 52.03 91.22
CA ASP BA 88 15.99 52.15 92.65
C ASP BA 88 17.32 52.82 92.96
N ASN BA 89 18.26 52.78 92.02
CA ASN BA 89 19.55 53.41 92.22
C ASN BA 89 19.47 54.93 92.24
N PHE BA 90 18.41 55.50 91.69
CA PHE BA 90 18.31 56.94 91.53
C PHE BA 90 17.98 57.54 92.89
N VAL BA 91 18.92 58.26 93.48
CA VAL BA 91 18.64 58.89 94.77
C VAL BA 91 18.45 60.38 94.65
N PHE BA 92 17.20 60.79 94.43
CA PHE BA 92 16.87 62.21 94.31
C PHE BA 92 17.08 62.89 95.65
N GLY BA 93 17.35 64.18 95.60
CA GLY BA 93 17.03 65.07 96.68
C GLY BA 93 15.66 65.66 96.46
N GLN BA 94 15.36 66.69 97.22
CA GLN BA 94 14.19 67.47 96.84
C GLN BA 94 14.38 68.98 96.87
N THR BA 95 15.26 69.50 97.71
CA THR BA 95 15.38 70.94 97.86
C THR BA 95 16.30 71.52 96.79
N GLY BA 96 17.55 71.10 96.79
CA GLY BA 96 18.52 71.61 95.85
C GLY BA 96 19.52 72.53 96.49
N ALA BA 97 20.79 72.16 96.46
CA ALA BA 97 21.83 73.04 96.94
C ALA BA 97 21.94 74.25 96.02
N GLY BA 98 22.03 75.42 96.62
CA GLY BA 98 22.04 76.63 95.82
C GLY BA 98 23.42 77.08 95.43
N ASN BA 99 24.17 76.20 94.77
CA ASN BA 99 25.60 76.36 94.53
C ASN BA 99 26.29 76.80 95.80
N ASN BA 100 26.09 75.99 96.82
CA ASN BA 100 26.26 76.38 98.20
C ASN BA 100 26.88 75.18 98.89
N TRP BA 101 28.21 75.20 99.01
CA TRP BA 101 28.94 74.05 99.54
C TRP BA 101 28.54 73.76 100.96
N ALA BA 102 28.16 74.79 101.71
CA ALA BA 102 27.74 74.58 103.08
C ALA BA 102 26.50 73.72 103.13
N LYS BA 103 25.56 73.96 102.23
CA LYS BA 103 24.34 73.17 102.30
C LYS BA 103 24.43 71.90 101.48
N GLY BA 104 25.48 71.72 100.69
CA GLY BA 104 25.71 70.43 100.08
C GLY BA 104 26.45 69.47 100.98
N HIS BA 105 27.30 69.99 101.85
CA HIS BA 105 28.04 69.17 102.81
C HIS BA 105 27.28 69.07 104.13
N TYR BA 106 27.07 70.19 104.79
CA TYR BA 106 26.59 70.14 106.17
C TYR BA 106 25.09 69.94 106.25
N THR BA 107 24.32 70.94 105.82
CA THR BA 107 22.95 71.01 106.32
C THR BA 107 21.97 70.16 105.53
N GLU BA 108 21.70 70.51 104.29
CA GLU BA 108 20.59 69.85 103.61
C GLU BA 108 21.05 68.72 102.70
N GLY BA 109 22.35 68.46 102.67
CA GLY BA 109 22.80 67.23 102.07
C GLY BA 109 22.80 66.06 103.01
N ALA BA 110 22.93 66.33 104.31
CA ALA BA 110 23.16 65.27 105.28
C ALA BA 110 21.97 64.37 105.49
N GLU BA 111 20.76 64.82 105.18
CA GLU BA 111 19.64 63.91 105.30
C GLU BA 111 19.47 63.00 104.10
N LEU BA 112 20.36 63.11 103.12
CA LEU BA 112 20.36 62.21 101.97
C LEU BA 112 21.50 61.21 101.99
N ILE BA 113 22.52 61.44 102.82
CA ILE BA 113 23.70 60.58 102.77
C ILE BA 113 23.39 59.20 103.32
N ASP BA 114 22.45 59.10 104.24
CA ASP BA 114 22.04 57.79 104.72
C ASP BA 114 21.40 56.97 103.60
N SER BA 115 20.63 57.62 102.73
CA SER BA 115 20.03 56.89 101.63
C SER BA 115 21.05 56.48 100.60
N VAL BA 116 22.00 57.36 100.30
CA VAL BA 116 22.98 57.07 99.25
C VAL BA 116 23.92 55.97 99.71
N LEU BA 117 24.34 56.04 100.97
CA LEU BA 117 25.21 54.99 101.50
C LEU BA 117 24.47 53.68 101.68
N ASP BA 118 23.14 53.70 101.72
CA ASP BA 118 22.39 52.46 101.74
C ASP BA 118 22.50 51.76 100.40
N VAL BA 119 22.44 52.51 99.30
CA VAL BA 119 22.49 51.88 97.98
C VAL BA 119 23.89 51.42 97.65
N VAL BA 120 24.91 52.23 97.98
CA VAL BA 120 26.25 51.90 97.52
C VAL BA 120 26.82 50.74 98.35
N ARG BA 121 26.33 50.53 99.57
CA ARG BA 121 26.81 49.38 100.31
C ARG BA 121 26.17 48.11 99.77
N LYS BA 122 24.97 48.21 99.22
CA LYS BA 122 24.35 47.04 98.62
C LYS BA 122 25.03 46.69 97.31
N GLU BA 123 25.42 47.69 96.54
CA GLU BA 123 26.01 47.45 95.24
C GLU BA 123 27.46 47.01 95.35
N ALA BA 124 28.16 47.42 96.40
CA ALA BA 124 29.56 47.05 96.56
C ALA BA 124 29.74 45.73 97.29
N GLU BA 125 28.85 45.39 98.22
CA GLU BA 125 28.94 44.10 98.90
C GLU BA 125 28.36 42.98 98.04
N GLY BA 126 27.71 43.31 96.93
CA GLY BA 126 27.04 42.33 96.08
C GLY BA 126 27.95 41.29 95.47
N CYS BA 127 29.25 41.53 95.42
CA CYS BA 127 30.22 40.54 95.01
C CYS BA 127 31.18 40.24 96.15
N ASP BA 128 32.21 39.46 95.86
CA ASP BA 128 33.12 39.01 96.91
C ASP BA 128 34.04 40.14 97.39
N CYS BA 129 34.87 40.69 96.50
CA CYS BA 129 35.86 41.68 96.89
C CYS BA 129 36.04 42.64 95.73
N LEU BA 130 35.70 43.90 95.96
CA LEU BA 130 35.68 44.89 94.90
C LEU BA 130 37.05 45.54 94.74
N GLN BA 131 37.23 46.18 93.59
CA GLN BA 131 38.47 46.83 93.23
C GLN BA 131 38.46 48.29 93.63
N GLY BA 132 37.32 48.95 93.48
CA GLY BA 132 37.19 50.32 93.94
C GLY BA 132 35.91 50.96 93.45
N PHE BA 133 35.89 52.29 93.55
CA PHE BA 133 34.77 53.11 93.11
C PHE BA 133 35.27 54.14 92.12
N GLN BA 134 34.38 54.61 91.25
CA GLN BA 134 34.68 55.79 90.47
C GLN BA 134 33.58 56.82 90.71
N ILE BA 135 33.98 58.05 90.99
CA ILE BA 135 33.07 59.12 91.34
C ILE BA 135 33.29 60.24 90.36
N THR BA 136 32.22 60.71 89.74
CA THR BA 136 32.32 61.65 88.63
C THR BA 136 31.52 62.90 89.00
N HIS BA 137 32.19 64.04 89.10
CA HIS BA 137 31.52 65.23 89.60
C HIS BA 137 32.22 66.48 89.09
N SER BA 138 31.76 67.62 89.58
CA SER BA 138 32.35 68.93 89.34
C SER BA 138 32.83 69.51 90.67
N LEU BA 139 33.70 70.50 90.57
CA LEU BA 139 34.27 71.08 91.78
C LEU BA 139 34.10 72.58 91.79
N GLY BA 140 32.93 73.06 91.41
CA GLY BA 140 32.60 74.46 91.61
C GLY BA 140 31.20 74.68 92.11
N GLY BA 141 30.40 73.63 92.11
CA GLY BA 141 28.98 73.74 92.38
C GLY BA 141 28.62 73.43 93.82
N GLY BA 142 27.34 73.17 94.03
CA GLY BA 142 26.86 72.89 95.38
C GLY BA 142 26.82 71.42 95.72
N THR BA 143 26.15 70.61 94.89
CA THR BA 143 25.98 69.22 95.23
C THR BA 143 27.10 68.34 94.70
N GLY BA 144 27.69 68.69 93.56
CA GLY BA 144 28.83 67.94 93.07
C GLY BA 144 30.10 68.21 93.82
N SER BA 145 30.18 69.34 94.50
CA SER BA 145 31.34 69.70 95.29
C SER BA 145 31.10 69.58 96.78
N GLY BA 146 29.86 69.67 97.24
CA GLY BA 146 29.58 69.48 98.65
C GLY BA 146 29.17 68.07 99.01
N MET BA 147 28.13 67.56 98.36
CA MET BA 147 27.69 66.21 98.65
C MET BA 147 28.64 65.17 98.08
N GLY BA 148 29.19 65.46 96.89
CA GLY BA 148 30.12 64.53 96.30
C GLY BA 148 31.39 64.37 97.13
N THR BA 149 31.86 65.45 97.74
CA THR BA 149 33.04 65.35 98.58
C THR BA 149 32.73 64.64 99.89
N LEU BA 150 31.56 64.90 100.46
CA LEU BA 150 31.18 64.18 101.68
C LEU BA 150 30.89 62.72 101.37
N LEU BA 151 30.43 62.44 100.16
CA LEU BA 151 30.25 61.05 99.76
C LEU BA 151 31.56 60.31 99.73
N ILE BA 152 32.62 60.98 99.29
CA ILE BA 152 33.95 60.38 99.30
C ILE BA 152 34.40 60.09 100.72
N SER BA 153 34.12 61.02 101.64
CA SER BA 153 34.70 60.94 102.98
C SER BA 153 34.16 59.75 103.76
N LYS BA 154 32.86 59.48 103.65
CA LYS BA 154 32.32 58.34 104.38
C LYS BA 154 32.64 57.03 103.68
N VAL BA 155 32.74 57.02 102.35
CA VAL BA 155 33.02 55.73 101.71
C VAL BA 155 34.50 55.39 101.86
N ARG BA 156 35.35 56.39 102.05
CA ARG BA 156 36.77 56.12 102.27
C ARG BA 156 37.02 55.58 103.66
N GLU BA 157 36.42 56.18 104.68
CA GLU BA 157 36.62 55.66 106.03
C GLU BA 157 35.93 54.32 106.21
N GLU BA 158 34.87 54.07 105.47
CA GLU BA 158 34.19 52.78 105.59
C GLU BA 158 34.99 51.69 104.91
N TYR BA 159 35.52 51.96 103.72
CA TYR BA 159 36.35 51.02 102.97
C TYR BA 159 37.72 51.64 102.82
N PRO BA 160 38.68 51.32 103.69
CA PRO BA 160 39.89 52.13 103.80
C PRO BA 160 41.04 51.78 102.86
N ASP BA 161 40.99 50.65 102.16
CA ASP BA 161 42.09 50.26 101.29
C ASP BA 161 41.70 50.04 99.83
N ARG BA 162 40.42 49.96 99.51
CA ARG BA 162 40.02 49.85 98.12
C ARG BA 162 40.29 51.16 97.40
N ILE BA 163 40.45 51.08 96.07
CA ILE BA 163 40.87 52.23 95.30
C ILE BA 163 39.70 53.20 95.16
N MET BA 164 40.01 54.47 94.89
CA MET BA 164 39.01 55.52 94.87
C MET BA 164 39.45 56.49 93.78
N GLU BA 165 38.65 56.64 92.74
CA GLU BA 165 39.07 57.38 91.56
C GLU BA 165 38.04 58.42 91.21
N THR BA 166 38.42 59.69 91.28
CA THR BA 166 37.46 60.77 91.10
C THR BA 166 37.84 61.57 89.86
N PHE BA 167 36.88 61.74 88.95
CA PHE BA 167 37.05 62.71 87.88
C PHE BA 167 36.30 63.97 88.25
N SER BA 168 36.99 65.09 88.19
CA SER BA 168 36.42 66.34 88.65
C SER BA 168 36.83 67.44 87.69
N VAL BA 169 35.87 68.24 87.26
CA VAL BA 169 36.15 69.40 86.43
C VAL BA 169 36.38 70.60 87.34
N PHE BA 170 37.55 71.21 87.23
CA PHE BA 170 37.88 72.35 88.04
C PHE BA 170 37.16 73.59 87.53
N PRO BA 171 37.07 74.63 88.34
CA PRO BA 171 36.61 75.92 87.83
C PRO BA 171 37.49 76.39 86.68
N SER BA 172 36.84 76.96 85.68
CA SER BA 172 37.55 77.45 84.52
C SER BA 172 38.39 78.67 84.89
N PRO BA 173 39.51 78.88 84.21
CA PRO BA 173 40.35 80.03 84.53
C PRO BA 173 39.73 81.39 84.29
N LYS BA 174 39.31 81.67 83.06
CA LYS BA 174 39.00 83.03 82.67
C LYS BA 174 37.52 83.34 82.62
N VAL BA 175 36.67 82.34 82.42
CA VAL BA 175 35.23 82.54 82.37
C VAL BA 175 34.62 81.70 83.48
N SER BA 176 33.91 82.35 84.39
CA SER BA 176 33.56 81.75 85.66
C SER BA 176 32.05 81.64 85.78
N ASP BA 177 31.53 80.44 85.58
CA ASP BA 177 30.18 80.15 86.02
C ASP BA 177 30.21 79.97 87.52
N THR BA 178 29.06 80.19 88.17
CA THR BA 178 28.93 80.03 89.63
C THR BA 178 29.90 80.95 90.35
N VAL BA 179 29.55 82.24 90.43
CA VAL BA 179 30.34 83.33 90.99
C VAL BA 179 31.07 82.96 92.28
N VAL BA 180 30.51 82.07 93.09
CA VAL BA 180 31.27 81.48 94.19
C VAL BA 180 31.97 80.25 93.63
N GLU BA 181 33.02 80.50 92.84
CA GLU BA 181 33.91 79.44 92.40
C GLU BA 181 34.96 79.06 93.43
N PRO BA 182 35.81 79.98 93.91
CA PRO BA 182 36.95 79.51 94.69
C PRO BA 182 36.57 79.07 96.09
N TYR BA 183 35.46 79.60 96.61
CA TYR BA 183 34.96 79.11 97.89
C TYR BA 183 34.55 77.66 97.76
N ASN BA 184 33.95 77.29 96.63
CA ASN BA 184 33.53 75.92 96.45
C ASN BA 184 34.71 75.00 96.18
N ALA BA 185 35.73 75.50 95.49
CA ALA BA 185 36.86 74.65 95.13
C ALA BA 185 37.80 74.43 96.30
N THR BA 186 38.20 75.53 96.97
CA THR BA 186 39.19 75.43 98.04
C THR BA 186 38.67 74.65 99.24
N LEU BA 187 37.36 74.76 99.51
CA LEU BA 187 36.74 73.86 100.48
C LEU BA 187 36.77 72.42 99.99
N SER BA 188 36.51 72.19 98.71
CA SER BA 188 36.40 70.82 98.23
C SER BA 188 37.75 70.15 98.12
N VAL BA 189 38.78 70.89 97.71
CA VAL BA 189 40.09 70.28 97.47
C VAL BA 189 40.68 69.76 98.77
N HIS BA 190 40.56 70.53 99.86
CA HIS BA 190 41.28 70.13 101.07
C HIS BA 190 40.67 68.90 101.71
N GLN BA 191 39.46 68.52 101.31
CA GLN BA 191 38.89 67.25 101.72
C GLN BA 191 38.97 66.21 100.62
N LEU BA 192 39.14 66.63 99.37
CA LEU BA 192 39.44 65.72 98.28
C LEU BA 192 40.93 65.45 98.14
N VAL BA 193 41.79 66.18 98.87
CA VAL BA 193 43.20 65.83 98.93
C VAL BA 193 43.47 64.88 100.08
N GLU BA 194 42.54 64.71 101.00
CA GLU BA 194 42.70 63.81 102.11
C GLU BA 194 41.97 62.49 101.94
N ASN BA 195 40.86 62.46 101.21
CA ASN BA 195 40.01 61.29 101.18
C ASN BA 195 39.98 60.57 99.83
N ALA BA 196 40.62 61.09 98.80
CA ALA BA 196 40.58 60.50 97.48
C ALA BA 196 41.94 59.96 97.12
N ASP BA 197 41.96 58.84 96.39
CA ASP BA 197 43.23 58.17 96.15
C ASP BA 197 43.90 58.64 94.87
N GLU BA 198 43.15 58.80 93.78
CA GLU BA 198 43.70 59.47 92.62
C GLU BA 198 42.62 60.34 91.99
N VAL BA 199 42.99 61.56 91.62
CA VAL BA 199 42.05 62.57 91.15
C VAL BA 199 42.47 63.00 89.76
N GLN BA 200 41.59 62.80 88.79
CA GLN BA 200 41.83 63.28 87.43
C GLN BA 200 41.25 64.67 87.32
N VAL BA 201 42.09 65.64 86.97
CA VAL BA 201 41.67 67.03 86.88
C VAL BA 201 41.46 67.42 85.42
N ILE BA 202 40.26 67.93 85.13
CA ILE BA 202 39.82 68.32 83.80
C ILE BA 202 39.33 69.76 83.91
N ASP BA 203 39.50 70.53 82.83
CA ASP BA 203 38.96 71.88 82.78
C ASP BA 203 37.82 71.95 81.77
N ASN BA 204 37.34 73.16 81.56
CA ASN BA 204 36.39 73.45 80.50
C ASN BA 204 36.97 74.33 79.41
N GLU BA 205 37.77 75.33 79.76
CA GLU BA 205 38.46 76.12 78.75
C GLU BA 205 39.46 75.28 77.96
N ALA BA 206 40.09 74.31 78.61
CA ALA BA 206 40.94 73.40 77.88
C ALA BA 206 40.12 72.51 76.95
N LEU BA 207 38.95 72.10 77.41
CA LEU BA 207 38.08 71.27 76.57
C LEU BA 207 37.56 72.06 75.38
N TYR BA 208 37.32 73.35 75.56
CA TYR BA 208 36.94 74.19 74.43
C TYR BA 208 38.08 74.36 73.45
N ASP BA 209 39.31 74.43 73.96
CA ASP BA 209 40.46 74.64 73.08
C ASP BA 209 40.70 73.42 72.21
N ILE BA 210 40.62 72.22 72.80
CA ILE BA 210 40.77 71.00 72.02
C ILE BA 210 39.67 70.88 70.98
N CYS BA 211 38.44 71.19 71.35
CA CYS BA 211 37.37 71.05 70.38
C CYS BA 211 37.32 72.23 69.42
N PHE BA 212 38.19 73.23 69.56
CA PHE BA 212 38.25 74.29 68.58
C PHE BA 212 39.50 74.24 67.71
N ARG BA 213 40.68 74.22 68.32
CA ARG BA 213 41.91 74.28 67.55
C ARG BA 213 42.25 72.93 66.92
N THR BA 214 41.99 71.83 67.62
CA THR BA 214 42.34 70.52 67.08
C THR BA 214 41.18 69.86 66.35
N LEU BA 215 40.06 69.66 67.03
CA LEU BA 215 38.95 68.95 66.41
C LEU BA 215 38.23 69.77 65.35
N LYS BA 216 38.31 71.10 65.41
CA LYS BA 216 37.74 72.03 64.45
C LYS BA 216 36.21 71.89 64.33
N LEU BA 217 35.54 71.38 65.34
CA LEU BA 217 34.09 71.39 65.33
C LEU BA 217 33.58 72.78 65.67
N THR BA 218 32.57 73.23 64.92
CA THR BA 218 32.15 74.62 64.99
C THR BA 218 31.33 74.90 66.25
N THR BA 219 30.16 74.29 66.36
CA THR BA 219 29.29 74.49 67.52
C THR BA 219 28.63 73.19 67.96
N PRO BA 220 29.37 72.30 68.62
CA PRO BA 220 28.70 71.24 69.39
C PRO BA 220 28.52 71.57 70.86
N THR BA 221 27.46 71.04 71.43
CA THR BA 221 27.02 71.34 72.79
C THR BA 221 27.86 70.58 73.80
N TYR BA 222 27.42 70.58 75.05
CA TYR BA 222 28.04 69.79 76.10
C TYR BA 222 28.10 68.31 75.79
N GLY BA 223 27.21 67.80 74.95
CA GLY BA 223 27.25 66.38 74.62
C GLY BA 223 28.57 65.95 73.99
N ASP BA 224 29.16 66.82 73.19
CA ASP BA 224 30.41 66.45 72.55
C ASP BA 224 31.61 66.65 73.46
N LEU BA 225 31.57 67.61 74.37
CA LEU BA 225 32.63 67.71 75.37
C LEU BA 225 32.61 66.51 76.30
N ASN BA 226 31.42 66.07 76.70
CA ASN BA 226 31.33 64.88 77.54
C ASN BA 226 31.77 63.64 76.80
N HIS BA 227 31.61 63.62 75.47
CA HIS BA 227 32.10 62.49 74.70
C HIS BA 227 33.62 62.44 74.72
N LEU BA 228 34.27 63.59 74.83
CA LEU BA 228 35.72 63.58 74.98
C LEU BA 228 36.13 63.08 76.34
N VAL BA 229 35.45 63.53 77.39
CA VAL BA 229 35.88 63.11 78.72
C VAL BA 229 35.43 61.70 78.99
N SER BA 230 34.44 61.20 78.26
CA SER BA 230 34.07 59.80 78.41
C SER BA 230 35.09 58.88 77.76
N ALA BA 231 35.70 59.33 76.66
CA ALA BA 231 36.73 58.53 76.02
C ALA BA 231 37.97 58.47 76.89
N ALA BA 232 38.24 59.53 77.64
CA ALA BA 232 39.36 59.52 78.56
C ALA BA 232 39.11 58.60 79.74
N MET BA 233 37.87 58.56 80.24
CA MET BA 233 37.56 57.68 81.37
C MET BA 233 37.66 56.22 80.98
N SER BA 234 37.29 55.88 79.75
CA SER BA 234 37.34 54.49 79.35
C SER BA 234 38.76 54.02 79.16
N GLY BA 235 39.66 54.91 78.76
CA GLY BA 235 41.03 54.49 78.48
C GLY BA 235 41.83 54.17 79.73
N VAL BA 236 41.48 54.77 80.86
CA VAL BA 236 42.19 54.48 82.10
C VAL BA 236 41.86 53.08 82.58
N THR BA 237 40.60 52.67 82.43
CA THR BA 237 40.16 51.33 82.78
C THR BA 237 40.11 50.40 81.57
N CYS BA 238 41.03 50.57 80.62
CA CYS BA 238 41.05 49.70 79.45
C CYS BA 238 41.44 48.29 79.82
N CYS BA 239 42.62 48.12 80.39
CA CYS BA 239 43.15 46.78 80.61
C CYS BA 239 42.47 46.08 81.77
N LEU BA 240 41.68 46.79 82.55
CA LEU BA 240 40.84 46.14 83.55
C LEU BA 240 39.75 45.31 82.91
N ARG BA 241 39.37 45.61 81.67
CA ARG BA 241 38.27 44.92 81.02
C ARG BA 241 38.70 44.06 79.84
N PHE BA 242 39.91 44.25 79.32
CA PHE BA 242 40.37 43.62 78.10
C PHE BA 242 41.80 43.13 78.27
N PRO BA 243 42.22 42.13 77.50
CA PRO BA 243 43.58 41.62 77.62
C PRO BA 243 44.59 42.52 76.94
N GLY BA 244 45.86 42.28 77.21
CA GLY BA 244 46.90 43.00 76.49
C GLY BA 244 48.25 42.33 76.68
N GLN BA 245 49.21 42.78 75.86
CA GLN BA 245 50.59 42.36 76.07
C GLN BA 245 51.09 42.84 77.42
N LEU BA 246 50.96 44.13 77.69
CA LEU BA 246 51.35 44.69 78.97
C LEU BA 246 50.10 45.17 79.70
N ASN BA 247 49.99 44.76 80.95
CA ASN BA 247 48.75 44.84 81.69
C ASN BA 247 48.84 46.00 82.67
N SER BA 248 47.74 46.72 82.84
CA SER BA 248 47.76 47.88 83.72
C SER BA 248 46.39 48.15 84.31
N ASP BA 249 46.29 48.07 85.62
CA ASP BA 249 45.06 48.24 86.37
C ASP BA 249 45.01 49.66 86.94
N LEU BA 250 44.03 49.90 87.80
CA LEU BA 250 43.95 51.20 88.47
C LEU BA 250 45.07 51.38 89.46
N ARG BA 251 45.41 50.32 90.19
CA ARG BA 251 46.44 50.48 91.22
C ARG BA 251 47.83 50.56 90.61
N LYS BA 252 48.03 49.98 89.43
CA LYS BA 252 49.29 50.14 88.72
C LYS BA 252 49.51 51.60 88.33
N LEU BA 253 48.44 52.29 87.91
CA LEU BA 253 48.52 53.72 87.68
C LEU BA 253 48.81 54.46 88.97
N ALA BA 254 48.22 54.01 90.07
CA ALA BA 254 48.41 54.69 91.34
C ALA BA 254 49.85 54.60 91.80
N VAL BA 255 50.42 53.41 91.78
CA VAL BA 255 51.70 53.19 92.42
C VAL BA 255 52.85 53.79 91.63
N ASN BA 256 52.68 53.94 90.31
CA ASN BA 256 53.77 54.46 89.50
C ASN BA 256 53.73 55.96 89.32
N LEU BA 257 52.57 56.59 89.43
CA LEU BA 257 52.46 58.02 89.16
C LEU BA 257 52.81 58.85 90.39
N ILE BA 258 52.25 58.51 91.55
CA ILE BA 258 52.33 59.37 92.73
C ILE BA 258 53.62 59.13 93.50
N PRO BA 259 54.51 60.09 93.58
CA PRO BA 259 55.71 59.88 94.39
C PRO BA 259 55.48 60.02 95.89
N PHE BA 260 54.82 61.10 96.31
CA PHE BA 260 54.63 61.49 97.70
C PHE BA 260 53.14 61.66 97.96
N PRO BA 261 52.65 61.26 99.14
CA PRO BA 261 51.23 60.88 99.26
C PRO BA 261 50.24 62.00 99.08
N ARG BA 262 50.64 63.26 99.22
CA ARG BA 262 49.66 64.34 99.13
C ARG BA 262 49.25 64.63 97.71
N LEU BA 263 50.16 64.54 96.75
CA LEU BA 263 49.93 65.08 95.41
C LEU BA 263 49.47 63.96 94.49
N HIS BA 264 48.19 64.02 94.10
CA HIS BA 264 47.66 63.04 93.16
C HIS BA 264 46.71 63.69 92.17
N PHE BA 265 47.06 64.84 91.62
CA PHE BA 265 46.23 65.52 90.65
C PHE BA 265 46.83 65.38 89.27
N PHE BA 266 46.09 64.78 88.36
CA PHE BA 266 46.63 64.16 87.16
C PHE BA 266 46.08 64.83 85.92
N LEU BA 267 46.96 65.21 85.00
CA LEU BA 267 46.52 65.69 83.70
C LEU BA 267 46.09 64.51 82.83
N ILE BA 268 45.11 64.74 81.97
CA ILE BA 268 44.53 63.70 81.14
C ILE BA 268 44.46 64.20 79.71
N GLY BA 269 44.78 63.34 78.75
CA GLY BA 269 44.62 63.67 77.36
C GLY BA 269 44.12 62.48 76.59
N PHE BA 270 43.95 62.67 75.29
CA PHE BA 270 43.54 61.60 74.40
C PHE BA 270 44.17 61.80 73.04
N ALA BA 271 44.44 60.70 72.35
CA ALA BA 271 44.97 60.73 71.00
C ALA BA 271 44.63 59.41 70.34
N PRO BA 272 44.36 59.39 69.04
CA PRO BA 272 44.35 60.50 68.10
C PRO BA 272 43.07 61.31 68.12
N LEU BA 273 43.22 62.59 67.85
CA LEU BA 273 42.10 63.49 67.63
C LEU BA 273 42.35 64.19 66.31
N THR BA 274 41.39 64.11 65.40
CA THR BA 274 41.53 64.70 64.09
C THR BA 274 40.28 65.49 63.75
N SER BA 275 40.47 66.56 62.99
CA SER BA 275 39.32 67.16 62.33
C SER BA 275 38.79 66.21 61.27
N ARG BA 276 37.52 66.38 60.92
CA ARG BA 276 36.88 65.45 60.00
C ARG BA 276 37.54 65.47 58.63
N GLY BA 277 38.08 66.62 58.23
CA GLY BA 277 38.77 66.69 56.96
C GLY BA 277 40.07 65.92 56.93
N SER BA 278 40.84 65.99 58.00
CA SER BA 278 42.20 65.48 57.99
C SER BA 278 42.29 63.99 58.27
N GLN BA 279 41.17 63.27 58.33
CA GLN BA 279 41.22 61.86 58.67
C GLN BA 279 41.89 61.05 57.58
N GLN BA 280 41.65 61.39 56.31
CA GLN BA 280 42.29 60.67 55.22
C GLN BA 280 43.79 60.92 55.19
N TYR BA 281 44.20 62.16 55.42
CA TYR BA 281 45.58 62.53 55.28
C TYR BA 281 46.44 62.14 56.47
N ARG BA 282 45.85 61.80 57.59
CA ARG BA 282 46.60 61.64 58.83
C ARG BA 282 47.22 60.25 58.86
N ALA BA 283 48.54 60.21 58.99
CA ALA BA 283 49.19 58.95 59.28
C ALA BA 283 48.86 58.54 60.70
N LEU BA 284 48.67 57.25 60.92
CA LEU BA 284 48.28 56.73 62.22
C LEU BA 284 49.28 55.68 62.63
N SER BA 285 50.18 56.04 63.53
CA SER BA 285 51.24 55.14 63.96
C SER BA 285 51.67 55.55 65.35
N VAL BA 286 52.57 54.77 65.92
CA VAL BA 286 53.12 55.11 67.23
C VAL BA 286 53.83 56.45 67.25
N PRO BA 287 54.69 56.82 66.27
CA PRO BA 287 55.32 58.15 66.34
C PRO BA 287 54.37 59.33 66.36
N GLU BA 288 53.34 59.33 65.52
CA GLU BA 288 52.45 60.48 65.52
C GLU BA 288 51.56 60.50 66.75
N LEU BA 289 51.30 59.34 67.35
CA LEU BA 289 50.51 59.32 68.57
C LEU BA 289 51.29 59.88 69.74
N THR BA 290 52.60 59.64 69.77
CA THR BA 290 53.41 60.19 70.85
C THR BA 290 53.59 61.70 70.69
N GLN BA 291 53.63 62.18 69.44
CA GLN BA 291 53.70 63.62 69.23
C GLN BA 291 52.45 64.33 69.71
N GLN BA 292 51.28 63.74 69.45
CA GLN BA 292 50.04 64.35 69.91
C GLN BA 292 49.79 64.11 71.38
N MET BA 293 50.41 63.07 71.95
CA MET BA 293 50.41 62.85 73.39
C MET BA 293 50.99 64.04 74.13
N PHE BA 294 52.26 64.35 73.88
CA PHE BA 294 52.93 65.48 74.52
C PHE BA 294 52.71 66.75 73.71
N ASP BA 295 51.46 67.14 73.63
CA ASP BA 295 51.09 68.39 73.01
C ASP BA 295 50.33 69.21 74.03
N ALA BA 296 50.79 70.42 74.29
CA ALA BA 296 50.16 71.24 75.31
C ALA BA 296 48.75 71.63 74.93
N LYS BA 297 48.45 71.69 73.63
CA LYS BA 297 47.09 71.96 73.20
C LYS BA 297 46.18 70.75 73.35
N ASN BA 298 46.73 69.58 73.67
CA ASN BA 298 45.95 68.36 73.80
C ASN BA 298 45.58 68.04 75.23
N MET BA 299 46.24 68.64 76.21
CA MET BA 299 45.88 68.40 77.59
C MET BA 299 44.52 68.98 77.90
N MET BA 300 43.73 68.23 78.66
CA MET BA 300 42.37 68.59 79.00
C MET BA 300 42.32 69.42 80.26
N CYS BA 301 43.40 70.13 80.56
CA CYS BA 301 43.61 70.68 81.89
C CYS BA 301 44.54 71.87 81.72
N ALA BA 302 43.96 73.08 81.65
CA ALA BA 302 44.65 74.18 80.98
C ALA BA 302 45.73 74.82 81.84
N SER BA 303 46.64 74.00 82.34
CA SER BA 303 47.83 74.45 83.03
C SER BA 303 49.01 74.00 82.17
N ASP BA 304 49.62 74.95 81.48
CA ASP BA 304 50.66 74.79 80.48
C ASP BA 304 51.79 73.88 80.93
N PRO BA 305 51.93 72.69 80.32
CA PRO BA 305 52.89 71.70 80.84
C PRO BA 305 54.33 72.16 80.82
N ARG BA 306 54.70 73.08 79.93
CA ARG BA 306 56.09 73.46 79.82
C ARG BA 306 56.45 74.66 80.67
N HIS BA 307 55.51 75.17 81.46
CA HIS BA 307 55.89 76.13 82.49
C HIS BA 307 56.56 75.44 83.66
N GLY BA 308 56.32 74.15 83.83
CA GLY BA 308 56.94 73.38 84.89
C GLY BA 308 57.56 72.12 84.34
N ARG BA 309 57.72 71.12 85.19
CA ARG BA 309 58.31 69.85 84.80
C ARG BA 309 57.26 68.76 84.87
N TYR BA 310 57.63 67.58 84.39
CA TYR BA 310 56.79 66.40 84.41
C TYR BA 310 57.35 65.47 85.48
N LEU BA 311 56.56 65.21 86.51
CA LEU BA 311 57.09 64.45 87.63
C LEU BA 311 57.11 62.97 87.31
N THR BA 312 55.98 62.45 86.84
CA THR BA 312 55.88 61.15 86.20
C THR BA 312 54.86 61.28 85.08
N ALA BA 313 54.83 60.31 84.18
CA ALA BA 313 53.87 60.32 83.09
C ALA BA 313 53.56 58.90 82.70
N SER BA 314 52.46 58.73 81.97
CA SER BA 314 51.95 57.38 81.75
C SER BA 314 51.18 57.33 80.44
N ALA BA 315 51.09 56.14 79.88
CA ALA BA 315 50.54 55.96 78.55
C ALA BA 315 49.71 54.69 78.50
N MET BA 316 48.41 54.83 78.24
CA MET BA 316 47.55 53.67 78.08
C MET BA 316 47.25 53.51 76.61
N PHE BA 317 48.19 52.89 75.90
CA PHE BA 317 47.98 52.60 74.49
C PHE BA 317 46.91 51.54 74.30
N ARG BA 318 46.19 51.65 73.19
CA ARG BA 318 45.15 50.69 72.84
C ARG BA 318 45.31 50.28 71.39
N GLY BA 319 45.10 49.01 71.10
CA GLY BA 319 45.17 48.48 69.76
C GLY BA 319 46.35 47.55 69.57
N ARG BA 320 46.36 46.89 68.41
CA ARG BA 320 47.47 46.03 68.04
C ARG BA 320 48.66 46.85 67.60
N MET BA 321 49.78 46.71 68.31
CA MET BA 321 50.90 47.62 68.19
C MET BA 321 52.11 47.01 68.89
N SER BA 322 53.30 47.39 68.44
CA SER BA 322 54.54 46.69 68.76
C SER BA 322 55.26 47.33 69.93
N THR BA 323 56.01 46.52 70.68
CA THR BA 323 56.56 47.00 71.94
C THR BA 323 57.95 47.61 71.81
N LYS BA 324 58.65 47.40 70.70
CA LYS BA 324 59.68 48.37 70.34
C LYS BA 324 59.13 49.75 70.15
N GLU BA 325 58.07 49.89 69.36
CA GLU BA 325 57.61 51.23 69.03
C GLU BA 325 57.07 51.93 70.26
N VAL BA 326 56.49 51.17 71.19
CA VAL BA 326 56.10 51.77 72.46
C VAL BA 326 57.33 52.19 73.24
N ASP BA 327 58.19 51.23 73.55
CA ASP BA 327 59.23 51.45 74.55
C ASP BA 327 60.37 52.31 74.04
N GLU BA 328 60.67 52.24 72.75
CA GLU BA 328 61.71 53.11 72.21
C GLU BA 328 61.26 54.56 72.23
N GLN BA 329 60.01 54.81 71.91
CA GLN BA 329 59.56 56.19 71.85
C GLN BA 329 59.30 56.76 73.23
N MET BA 330 59.20 55.91 74.25
CA MET BA 330 59.19 56.43 75.61
C MET BA 330 60.56 56.97 75.95
N LEU BA 331 61.60 56.43 75.31
CA LEU BA 331 62.96 56.88 75.54
C LEU BA 331 63.28 58.11 74.69
N ASN BA 332 62.73 58.18 73.48
CA ASN BA 332 63.00 59.31 72.60
C ASN BA 332 62.48 60.60 73.18
N VAL BA 333 61.29 60.57 73.78
CA VAL BA 333 60.73 61.80 74.33
C VAL BA 333 61.51 62.23 75.56
N GLN BA 334 62.03 61.28 76.33
CA GLN BA 334 62.78 61.63 77.53
C GLN BA 334 64.14 62.19 77.19
N ASN BA 335 64.77 61.68 76.14
CA ASN BA 335 66.09 62.16 75.77
C ASN BA 335 66.03 63.51 75.06
N LYS BA 336 64.97 63.75 74.29
CA LYS BA 336 64.88 65.01 73.56
C LYS BA 336 64.43 66.14 74.49
N ASN BA 337 63.24 66.03 75.03
CA ASN BA 337 62.80 66.98 76.05
C ASN BA 337 63.54 66.64 77.34
N SER BA 338 64.53 67.45 77.68
CA SER BA 338 65.32 67.18 78.88
C SER BA 338 65.05 68.17 80.00
N SER BA 339 64.59 69.37 79.69
CA SER BA 339 64.24 70.34 80.71
C SER BA 339 62.79 70.25 81.12
N TYR BA 340 62.00 69.39 80.50
CA TYR BA 340 60.58 69.28 80.79
C TYR BA 340 60.26 68.10 81.68
N PHE BA 341 61.26 67.33 82.08
CA PHE BA 341 61.10 66.15 82.91
C PHE BA 341 61.92 66.30 84.17
N VAL BA 342 61.45 65.69 85.25
CA VAL BA 342 62.19 65.72 86.48
C VAL BA 342 63.39 64.79 86.36
N GLU BA 343 64.49 65.15 87.01
CA GLU BA 343 65.76 64.49 86.77
C GLU BA 343 66.10 63.40 87.77
N TRP BA 344 65.59 63.48 88.99
CA TRP BA 344 65.96 62.49 89.98
C TRP BA 344 65.08 61.26 89.94
N ILE BA 345 64.17 61.15 88.98
CA ILE BA 345 63.52 59.88 88.64
C ILE BA 345 64.04 59.47 87.27
N PRO BA 346 64.79 58.37 87.15
CA PRO BA 346 65.17 57.89 85.82
C PRO BA 346 64.02 57.10 85.21
N ASN BA 347 63.89 57.25 83.90
CA ASN BA 347 62.78 56.70 83.13
C ASN BA 347 61.44 57.15 83.72
N ASN BA 348 61.17 58.45 83.55
CA ASN BA 348 60.01 59.09 84.13
C ASN BA 348 58.68 58.53 83.64
N MET BA 349 58.66 57.70 82.61
CA MET BA 349 57.37 57.37 82.04
C MET BA 349 57.13 55.87 82.09
N LYS BA 350 55.90 55.49 82.41
CA LYS BA 350 55.45 54.12 82.41
C LYS BA 350 54.50 53.92 81.24
N SER BA 351 54.55 52.75 80.62
CA SER BA 351 53.75 52.50 79.43
C SER BA 351 52.99 51.19 79.57
N SER BA 352 51.92 51.05 78.78
CA SER BA 352 51.08 49.86 78.81
C SER BA 352 50.32 49.77 77.50
N VAL BA 353 49.91 48.56 77.14
CA VAL BA 353 49.30 48.29 75.84
C VAL BA 353 48.14 47.33 76.01
N CYS BA 354 46.93 47.77 75.66
CA CYS BA 354 45.79 46.88 75.49
C CYS BA 354 45.76 46.40 74.05
N ASP BA 355 44.97 45.35 73.81
CA ASP BA 355 44.85 44.85 72.44
C ASP BA 355 43.57 45.30 71.77
N ILE BA 356 42.54 45.63 72.54
CA ILE BA 356 41.23 45.96 72.00
C ILE BA 356 41.13 47.48 71.91
N PRO BA 357 41.06 48.06 70.73
CA PRO BA 357 41.09 49.51 70.61
C PRO BA 357 39.71 50.10 70.82
N PRO BA 358 39.60 51.43 70.88
CA PRO BA 358 38.27 52.04 70.76
C PRO BA 358 37.69 51.76 69.38
N LYS BA 359 36.37 51.70 69.33
CA LYS BA 359 35.70 51.17 68.16
C LYS BA 359 35.86 52.08 66.95
N GLY BA 360 36.14 51.47 65.81
CA GLY BA 360 36.32 52.19 64.57
C GLY BA 360 37.67 52.84 64.39
N LEU BA 361 38.58 52.66 65.33
CA LEU BA 361 39.86 53.34 65.31
C LEU BA 361 40.94 52.32 65.65
N LYS BA 362 42.01 52.30 64.86
CA LYS BA 362 42.98 51.21 64.98
C LYS BA 362 43.88 51.36 66.18
N MET BA 363 44.21 52.58 66.56
CA MET BA 363 45.10 52.81 67.69
C MET BA 363 44.58 53.98 68.50
N SER BA 364 44.91 53.99 69.79
CA SER BA 364 44.67 55.18 70.59
C SER BA 364 45.64 55.21 71.75
N VAL BA 365 45.73 56.39 72.36
CA VAL BA 365 46.58 56.64 73.52
C VAL BA 365 45.72 57.35 74.54
N THR BA 366 45.78 56.92 75.78
CA THR BA 366 45.22 57.71 76.88
C THR BA 366 46.35 58.08 77.82
N PHE BA 367 46.65 59.36 77.89
CA PHE BA 367 47.84 59.83 78.58
C PHE BA 367 47.45 60.39 79.95
N VAL BA 368 47.99 59.80 81.01
CA VAL BA 368 47.76 60.26 82.37
C VAL BA 368 49.07 60.78 82.89
N GLY BA 369 49.23 62.09 82.92
CA GLY BA 369 50.47 62.67 83.36
C GLY BA 369 50.36 63.35 84.70
N ASN BA 370 51.49 63.50 85.39
CA ASN BA 370 51.53 64.16 86.69
C ASN BA 370 52.57 65.27 86.57
N SER BA 371 52.12 66.47 86.26
CA SER BA 371 53.01 67.59 86.00
C SER BA 371 53.03 68.53 87.18
N THR BA 372 54.20 69.06 87.48
CA THR BA 372 54.31 70.06 88.51
C THR BA 372 54.07 71.46 88.00
N ALA BA 373 53.54 71.59 86.79
CA ALA BA 373 53.02 72.85 86.31
C ALA BA 373 51.57 73.04 86.71
N ILE BA 374 51.01 72.09 87.47
CA ILE BA 374 49.62 72.18 87.89
C ILE BA 374 49.43 73.23 88.96
N GLN BA 375 50.51 73.77 89.50
CA GLN BA 375 50.43 74.74 90.58
C GLN BA 375 49.80 76.05 90.15
N GLU BA 376 49.73 76.34 88.85
CA GLU BA 376 49.18 77.62 88.44
C GLU BA 376 47.67 77.66 88.64
N MET BA 377 46.99 76.53 88.53
CA MET BA 377 45.58 76.49 88.89
C MET BA 377 45.38 76.64 90.39
N PHE BA 378 46.24 76.01 91.17
CA PHE BA 378 46.14 76.16 92.61
C PHE BA 378 46.53 77.56 93.05
N LYS BA 379 47.40 78.23 92.29
CA LYS BA 379 47.63 79.64 92.58
C LYS BA 379 46.49 80.51 92.09
N ARG BA 380 45.86 80.12 90.98
CA ARG BA 380 44.75 80.92 90.45
C ARG BA 380 43.55 80.84 91.37
N VAL BA 381 43.25 79.65 91.89
CA VAL BA 381 42.13 79.50 92.80
C VAL BA 381 42.43 80.21 94.11
N SER BA 382 43.64 80.06 94.62
CA SER BA 382 43.96 80.59 95.94
C SER BA 382 44.02 82.11 95.95
N ASP BA 383 44.46 82.71 94.85
CA ASP BA 383 44.49 84.17 94.79
C ASP BA 383 43.06 84.70 94.65
N GLN BA 384 42.22 84.01 93.89
CA GLN BA 384 40.80 84.38 93.81
C GLN BA 384 40.10 84.12 95.13
N PHE BA 385 40.48 83.05 95.83
CA PHE BA 385 39.89 82.76 97.12
C PHE BA 385 40.27 83.81 98.15
N THR BA 386 41.54 84.20 98.19
CA THR BA 386 41.99 85.13 99.21
C THR BA 386 41.42 86.52 98.96
N ALA BA 387 41.24 86.89 97.69
CA ALA BA 387 40.75 88.22 97.38
C ALA BA 387 39.32 88.42 97.86
N MET BA 388 38.47 87.43 97.69
CA MET BA 388 37.10 87.55 98.18
C MET BA 388 37.05 87.35 99.68
N PHE BA 389 37.88 86.46 100.22
CA PHE BA 389 37.85 86.20 101.65
C PHE BA 389 38.47 87.32 102.47
N ARG BA 390 39.25 88.20 101.85
CA ARG BA 390 39.87 89.27 102.61
C ARG BA 390 38.83 90.26 103.11
N ARG BA 391 37.70 90.39 102.43
CA ARG BA 391 36.64 91.24 102.93
C ARG BA 391 35.30 90.55 102.86
N LYS BA 392 35.25 89.29 103.30
CA LYS BA 392 34.06 88.64 103.83
C LYS BA 392 32.99 88.47 102.76
N ALA BA 393 33.39 88.38 101.50
CA ALA BA 393 32.42 88.34 100.41
C ALA BA 393 31.71 87.00 100.36
N PHE BA 394 30.38 87.08 100.23
CA PHE BA 394 29.48 85.95 100.00
C PHE BA 394 29.50 84.92 101.11
N LEU BA 395 29.99 85.27 102.29
CA LEU BA 395 30.31 84.24 103.26
C LEU BA 395 29.15 83.91 104.18
N HIS BA 396 28.20 84.84 104.36
CA HIS BA 396 27.12 84.59 105.29
C HIS BA 396 26.15 83.52 104.80
N TRP BA 397 26.23 83.13 103.52
CA TRP BA 397 25.48 81.97 103.09
C TRP BA 397 26.20 80.68 103.43
N TYR BA 398 27.44 80.75 103.88
CA TYR BA 398 28.12 79.62 104.46
C TYR BA 398 28.19 79.72 105.98
N THR BA 399 28.78 80.81 106.50
CA THR BA 399 29.01 80.90 107.94
C THR BA 399 27.71 81.10 108.69
N GLY BA 400 26.71 81.67 108.05
CA GLY BA 400 25.38 81.72 108.59
C GLY BA 400 24.54 80.50 108.25
N GLU BA 401 25.16 79.45 107.74
CA GLU BA 401 24.42 78.27 107.34
C GLU BA 401 25.20 77.02 107.70
N GLY BA 402 25.97 77.08 108.79
CA GLY BA 402 26.48 75.86 109.35
C GLY BA 402 27.91 75.82 109.88
N MET BA 403 28.82 76.59 109.30
CA MET BA 403 30.23 76.41 109.59
C MET BA 403 30.87 77.68 110.13
N ASP BA 404 32.01 77.51 110.79
CA ASP BA 404 32.70 78.62 111.40
C ASP BA 404 33.70 79.24 110.43
N GLU BA 405 34.37 80.30 110.89
CA GLU BA 405 35.29 81.03 110.03
C GLU BA 405 36.60 80.29 109.85
N MET BA 406 37.08 79.61 110.89
CA MET BA 406 38.40 78.99 110.82
C MET BA 406 38.43 77.77 109.93
N GLU BA 407 37.26 77.25 109.53
CA GLU BA 407 37.24 76.16 108.58
C GLU BA 407 37.77 76.58 107.23
N PHE BA 408 37.49 77.83 106.83
CA PHE BA 408 38.02 78.33 105.57
C PHE BA 408 39.53 78.58 105.67
N THR BA 409 40.00 79.16 106.77
CA THR BA 409 41.41 79.43 106.87
C THR BA 409 42.21 78.17 107.11
N GLU BA 410 41.55 77.10 107.56
CA GLU BA 410 42.18 75.78 107.53
C GLU BA 410 42.17 75.23 106.11
N ALA BA 411 41.12 75.54 105.34
CA ALA BA 411 41.03 75.02 103.99
C ALA BA 411 42.05 75.68 103.07
N GLU BA 412 42.23 76.99 103.19
CA GLU BA 412 43.11 77.69 102.26
C GLU BA 412 44.57 77.42 102.57
N SER BA 413 44.90 77.18 103.83
CA SER BA 413 46.27 76.84 104.19
C SER BA 413 46.65 75.49 103.63
N ASN BA 414 45.70 74.56 103.58
CA ASN BA 414 45.96 73.26 102.97
C ASN BA 414 46.24 73.42 101.49
N MET BA 415 45.50 74.30 100.82
CA MET BA 415 45.73 74.52 99.40
C MET BA 415 47.08 75.19 99.15
N ASN BA 416 47.43 76.20 99.96
CA ASN BA 416 48.71 76.88 99.77
C ASN BA 416 49.87 75.98 100.14
N ASP BA 417 49.66 75.05 101.06
CA ASP BA 417 50.69 74.04 101.33
C ASP BA 417 50.91 73.17 100.12
N LEU BA 418 49.84 72.84 99.40
CA LEU BA 418 49.96 72.04 98.19
C LEU BA 418 50.68 72.81 97.10
N VAL BA 419 50.53 74.14 97.08
CA VAL BA 419 51.24 74.95 96.09
C VAL BA 419 52.74 74.89 96.36
N SER BA 420 53.14 75.05 97.62
CA SER BA 420 54.56 75.08 97.95
C SER BA 420 55.21 73.72 97.78
N GLU BA 421 54.45 72.65 98.01
CA GLU BA 421 54.99 71.31 97.83
C GLU BA 421 55.27 71.02 96.38
N TYR BA 422 54.51 71.62 95.47
CA TYR BA 422 54.85 71.51 94.06
C TYR BA 422 56.03 72.39 93.70
N GLN BA 423 56.05 73.62 94.21
CA GLN BA 423 57.10 74.58 93.85
C GLN BA 423 58.40 74.31 94.59
N GLN BA 424 58.37 73.45 95.60
CA GLN BA 424 59.66 73.11 96.20
C GLN BA 424 60.41 72.08 95.39
N TYR BA 425 59.84 71.60 94.29
CA TYR BA 425 60.41 70.50 93.52
C TYR BA 425 60.82 70.93 92.12
N GLN BA 426 61.45 72.10 92.03
CA GLN BA 426 62.27 72.45 90.87
C GLN BA 426 63.64 72.89 91.37
N MET CA 1 5.66 70.00 94.32
CA MET CA 1 7.08 69.80 94.60
C MET CA 1 7.86 71.10 94.42
N ARG CA 2 8.51 71.22 93.27
CA ARG CA 2 9.04 72.50 92.82
C ARG CA 2 7.88 73.46 92.59
N GLU CA 3 7.67 74.44 93.47
CA GLU CA 3 6.59 75.39 93.23
C GLU CA 3 6.84 76.70 93.96
N VAL CA 4 6.43 77.79 93.33
CA VAL CA 4 6.61 79.14 93.83
C VAL CA 4 5.29 79.91 93.68
N ILE CA 5 4.93 80.64 94.74
CA ILE CA 5 3.63 81.28 94.85
C ILE CA 5 3.79 82.77 94.64
N SER CA 6 3.25 83.28 93.55
CA SER CA 6 3.44 84.67 93.16
C SER CA 6 2.25 85.49 93.64
N ILE CA 7 2.46 86.34 94.63
CA ILE CA 7 1.37 87.10 95.23
C ILE CA 7 1.53 88.57 94.85
N HIS CA 8 0.42 89.19 94.44
CA HIS CA 8 0.45 90.50 93.82
C HIS CA 8 -0.29 91.50 94.70
N VAL CA 9 0.39 92.57 95.08
CA VAL CA 9 -0.15 93.55 95.99
C VAL CA 9 -0.14 94.90 95.29
N GLY CA 10 -1.28 95.55 95.27
CA GLY CA 10 -1.38 96.86 94.65
C GLY CA 10 -1.77 96.77 93.19
N GLN CA 11 -2.17 97.92 92.64
CA GLN CA 11 -2.61 97.97 91.25
C GLN CA 11 -1.48 97.63 90.30
N ALA CA 12 -0.29 98.17 90.55
CA ALA CA 12 0.86 97.87 89.70
C ALA CA 12 1.20 96.39 89.75
N GLY CA 13 0.95 95.74 90.88
CA GLY CA 13 1.10 94.31 90.94
C GLY CA 13 0.07 93.57 90.11
N ILE CA 14 -1.15 94.11 90.05
CA ILE CA 14 -2.23 93.37 89.40
C ILE CA 14 -2.07 93.36 87.89
N GLN CA 15 -1.83 94.53 87.27
CA GLN CA 15 -1.68 94.52 85.82
C GLN CA 15 -0.37 93.86 85.38
N ILE CA 16 0.68 93.95 86.20
CA ILE CA 16 1.91 93.24 85.84
C ILE CA 16 1.69 91.74 85.91
N GLY CA 17 1.04 91.28 86.99
CA GLY CA 17 0.70 89.86 87.07
C GLY CA 17 -0.35 89.45 86.08
N ASN CA 18 -1.13 90.42 85.60
CA ASN CA 18 -2.09 90.15 84.54
C ASN CA 18 -1.37 89.77 83.25
N ALA CA 19 -0.29 90.49 82.94
CA ALA CA 19 0.50 90.15 81.76
C ALA CA 19 1.34 88.92 82.01
N CYS CA 20 1.77 88.71 83.25
CA CYS CA 20 2.56 87.53 83.57
C CYS CA 20 1.74 86.26 83.43
N TRP CA 21 0.47 86.29 83.83
CA TRP CA 21 -0.36 85.10 83.82
C TRP CA 21 -1.16 84.92 82.54
N GLU CA 22 -0.91 85.73 81.52
CA GLU CA 22 -1.31 85.32 80.18
C GLU CA 22 -0.12 84.84 79.38
N LEU CA 23 1.10 85.23 79.79
CA LEU CA 23 2.28 84.70 79.12
C LEU CA 23 2.55 83.27 79.57
N PHE CA 24 2.36 82.98 80.85
CA PHE CA 24 2.59 81.63 81.32
C PHE CA 24 1.53 80.70 80.79
N CYS CA 25 0.28 81.17 80.72
CA CYS CA 25 -0.80 80.36 80.18
C CYS CA 25 -0.58 80.06 78.71
N LEU CA 26 -0.12 81.05 77.96
CA LEU CA 26 0.10 80.86 76.53
C LEU CA 26 1.32 80.00 76.29
N GLU CA 27 2.31 80.06 77.17
CA GLU CA 27 3.52 79.28 76.97
C GLU CA 27 3.29 77.80 77.23
N HIS CA 28 2.28 77.48 78.00
CA HIS CA 28 1.98 76.08 78.32
C HIS CA 28 0.82 75.51 77.54
N GLY CA 29 0.08 76.33 76.80
CA GLY CA 29 -0.99 75.82 75.99
C GLY CA 29 -2.33 75.70 76.66
N ILE CA 30 -2.48 76.23 77.86
CA ILE CA 30 -3.73 76.09 78.59
C ILE CA 30 -4.67 77.24 78.26
N GLN CA 31 -5.92 76.88 78.00
CA GLN CA 31 -6.97 77.86 77.75
C GLN CA 31 -7.31 78.60 79.04
N PRO CA 32 -8.01 79.73 78.94
CA PRO CA 32 -8.48 80.40 80.15
C PRO CA 32 -9.47 79.62 81.02
N ASP CA 33 -9.96 78.46 80.59
CA ASP CA 33 -10.57 77.55 81.56
C ASP CA 33 -9.50 76.89 82.42
N GLY CA 34 -8.30 76.76 81.89
CA GLY CA 34 -7.26 75.99 82.53
C GLY CA 34 -7.14 74.59 82.01
N GLN CA 35 -8.02 74.16 81.11
CA GLN CA 35 -7.94 72.81 80.57
C GLN CA 35 -7.04 72.82 79.33
N MET CA 36 -6.14 71.86 79.27
CA MET CA 36 -5.23 71.88 78.13
C MET CA 36 -5.60 70.78 77.15
N PRO CA 37 -5.69 71.06 75.85
CA PRO CA 37 -6.03 70.05 74.86
C PRO CA 37 -4.86 69.13 74.53
N ASP CA 47 5.02 66.81 83.21
CA ASP CA 47 4.58 67.73 84.25
C ASP CA 47 5.56 68.88 84.39
N ALA CA 48 5.65 69.71 83.36
CA ALA CA 48 6.47 70.91 83.45
C ALA CA 48 5.68 72.11 83.91
N PHE CA 49 4.37 72.13 83.65
CA PHE CA 49 3.54 73.24 84.09
C PHE CA 49 3.33 73.26 85.59
N ASN CA 50 3.63 72.17 86.29
CA ASN CA 50 3.28 72.03 87.69
C ASN CA 50 4.04 72.98 88.61
N THR CA 51 5.10 73.63 88.12
CA THR CA 51 5.84 74.53 88.99
C THR CA 51 5.13 75.85 89.22
N PHE CA 52 4.21 76.23 88.35
CA PHE CA 52 3.47 77.46 88.52
C PHE CA 52 1.97 77.27 88.59
N PHE CA 53 1.42 76.29 87.90
CA PHE CA 53 0.01 75.95 88.04
C PHE CA 53 -0.11 74.72 88.93
N SER CA 54 -1.28 74.56 89.54
CA SER CA 54 -1.59 73.38 90.32
C SER CA 54 -2.71 72.63 89.64
N GLU CA 55 -2.52 71.32 89.48
CA GLU CA 55 -3.56 70.48 88.90
C GLU CA 55 -4.72 70.44 89.88
N THR CA 56 -5.85 71.01 89.48
CA THR CA 56 -7.00 71.18 90.35
C THR CA 56 -8.23 70.69 89.60
N GLY CA 57 -8.48 69.38 89.68
CA GLY CA 57 -9.64 68.78 89.07
C GLY CA 57 -9.25 67.64 88.13
N ALA CA 58 -9.96 67.56 87.01
CA ALA CA 58 -9.70 66.56 85.99
C ALA CA 58 -9.26 67.27 84.72
N GLY CA 59 -7.97 67.19 84.41
CA GLY CA 59 -7.45 67.75 83.18
C GLY CA 59 -7.56 69.26 83.08
N LYS CA 60 -7.19 69.97 84.15
CA LYS CA 60 -7.53 71.38 84.27
C LYS CA 60 -6.70 71.99 85.39
N HIS CA 61 -6.26 73.22 85.19
CA HIS CA 61 -5.28 73.83 86.09
C HIS CA 61 -5.71 75.23 86.49
N VAL CA 62 -5.20 75.66 87.64
CA VAL CA 62 -5.46 76.98 88.21
C VAL CA 62 -4.09 77.56 88.57
N PRO CA 63 -3.86 78.86 88.41
CA PRO CA 63 -2.56 79.42 88.77
C PRO CA 63 -2.31 79.39 90.26
N ARG CA 64 -1.03 79.44 90.60
CA ARG CA 64 -0.60 79.62 91.99
C ARG CA 64 -0.31 81.09 92.19
N CYS CA 65 -1.37 81.88 92.32
CA CYS CA 65 -1.24 83.31 92.52
C CYS CA 65 -2.45 83.80 93.28
N VAL CA 66 -2.26 84.86 94.07
CA VAL CA 66 -3.37 85.53 94.74
C VAL CA 66 -3.28 87.02 94.47
N PHE CA 67 -4.40 87.62 94.10
CA PHE CA 67 -4.46 89.04 93.79
C PHE CA 67 -5.00 89.77 95.01
N LEU CA 68 -4.34 90.86 95.39
CA LEU CA 68 -4.62 91.51 96.66
C LEU CA 68 -4.47 93.02 96.53
N ASP CA 69 -5.59 93.73 96.58
CA ASP CA 69 -5.61 95.18 96.61
C ASP CA 69 -6.81 95.60 97.44
N LEU CA 70 -6.74 96.81 97.98
CA LEU CA 70 -7.79 97.27 98.86
C LEU CA 70 -8.94 97.94 98.14
N GLU CA 71 -8.80 98.17 96.83
CA GLU CA 71 -9.83 98.82 96.05
C GLU CA 71 -10.46 97.85 95.06
N PRO CA 72 -11.76 97.87 94.91
CA PRO CA 72 -12.42 96.79 94.19
C PRO CA 72 -12.33 96.88 92.68
N THR CA 73 -12.11 98.08 92.14
CA THR CA 73 -12.29 98.22 90.70
C THR CA 73 -11.10 97.75 89.89
N VAL CA 74 -10.02 97.30 90.51
CA VAL CA 74 -8.92 96.72 89.75
C VAL CA 74 -8.98 95.19 89.74
N VAL CA 75 -9.60 94.58 90.75
CA VAL CA 75 -9.76 93.13 90.74
C VAL CA 75 -11.07 92.74 90.07
N ASP CA 76 -12.09 93.60 90.11
CA ASP CA 76 -13.35 93.31 89.45
C ASP CA 76 -13.20 93.27 87.94
N GLU CA 77 -12.11 93.82 87.41
CA GLU CA 77 -11.80 93.60 86.01
C GLU CA 77 -11.55 92.13 85.74
N VAL CA 78 -10.80 91.47 86.62
CA VAL CA 78 -10.44 90.08 86.39
C VAL CA 78 -11.62 89.16 86.65
N ARG CA 79 -12.44 89.47 87.65
CA ARG CA 79 -13.60 88.63 87.95
C ARG CA 79 -14.62 88.66 86.82
N THR CA 80 -14.66 89.73 86.04
CA THR CA 80 -15.57 89.83 84.93
C THR CA 80 -14.89 89.65 83.59
N GLY CA 81 -13.58 89.59 83.54
CA GLY CA 81 -12.85 89.46 82.30
C GLY CA 81 -12.88 88.05 81.79
N THR CA 82 -12.06 87.79 80.76
CA THR CA 82 -12.07 86.47 80.16
C THR CA 82 -11.38 85.43 81.02
N TYR CA 83 -10.51 85.83 81.93
CA TYR CA 83 -9.89 84.90 82.86
C TYR CA 83 -10.64 84.84 84.18
N ARG CA 84 -11.96 84.65 84.15
CA ARG CA 84 -12.65 84.55 85.44
C ARG CA 84 -12.56 83.14 85.98
N HIS CA 85 -12.58 82.15 85.11
CA HIS CA 85 -12.47 80.78 85.54
C HIS CA 85 -11.05 80.28 85.58
N LEU CA 86 -10.09 81.08 85.09
CA LEU CA 86 -8.70 80.67 85.22
C LEU CA 86 -8.30 80.60 86.67
N PHE CA 87 -8.55 81.68 87.40
CA PHE CA 87 -8.22 81.73 88.80
C PHE CA 87 -9.38 81.20 89.63
N HIS CA 88 -9.03 80.60 90.76
CA HIS CA 88 -10.04 80.26 91.74
C HIS CA 88 -10.65 81.55 92.27
N PRO CA 89 -11.97 81.61 92.45
CA PRO CA 89 -12.59 82.85 92.91
C PRO CA 89 -12.16 83.29 94.30
N GLU CA 90 -11.66 82.38 95.12
CA GLU CA 90 -11.17 82.77 96.43
C GLU CA 90 -9.83 83.50 96.36
N GLN CA 91 -9.08 83.35 95.27
CA GLN CA 91 -7.78 84.01 95.21
C GLN CA 91 -7.91 85.50 94.96
N LEU CA 92 -9.02 85.95 94.42
CA LEU CA 92 -9.18 87.33 93.98
C LEU CA 92 -9.93 88.06 95.08
N ILE CA 93 -9.18 88.73 95.96
CA ILE CA 93 -9.73 89.33 97.15
C ILE CA 93 -9.45 90.84 97.14
N SER CA 94 -10.49 91.62 97.35
CA SER CA 94 -10.41 93.07 97.29
C SER CA 94 -11.10 93.69 98.49
N GLY CA 95 -10.54 94.79 98.97
CA GLY CA 95 -11.04 95.45 100.15
C GLY CA 95 -12.23 96.34 99.86
N LYS CA 96 -12.58 97.15 100.85
CA LYS CA 96 -13.71 98.06 100.71
C LYS CA 96 -13.30 99.39 100.10
N GLU CA 97 -12.24 100.00 100.60
CA GLU CA 97 -11.85 101.32 100.13
C GLU CA 97 -10.34 101.42 100.10
N ASP CA 98 -9.86 102.26 99.19
CA ASP CA 98 -8.45 102.28 98.82
C ASP CA 98 -7.60 102.95 99.89
N ALA CA 99 -6.32 102.56 99.93
CA ALA CA 99 -5.38 103.15 100.88
C ALA CA 99 -5.09 104.60 100.56
N ALA CA 100 -5.39 105.04 99.33
CA ALA CA 100 -5.31 106.44 98.92
C ALA CA 100 -3.91 107.02 99.09
N ASN CA 101 -2.93 106.29 98.56
CA ASN CA 101 -1.53 106.69 98.52
C ASN CA 101 -1.01 107.03 99.91
N ASN CA 102 -1.44 106.24 100.89
CA ASN CA 102 -0.94 106.35 102.24
C ASN CA 102 -0.27 105.04 102.62
N PHE CA 103 1.00 105.12 103.01
CA PHE CA 103 1.60 103.99 103.71
C PHE CA 103 0.85 103.73 105.00
N ALA CA 104 0.47 104.81 105.68
CA ALA CA 104 -0.15 104.71 106.99
C ALA CA 104 -1.48 103.99 106.91
N ARG CA 105 -2.22 104.21 105.84
CA ARG CA 105 -3.49 103.51 105.71
C ARG CA 105 -3.26 102.05 105.37
N GLY CA 106 -2.34 101.76 104.46
CA GLY CA 106 -2.13 100.40 104.03
C GLY CA 106 -1.44 99.53 105.06
N HIS CA 107 -0.72 100.14 106.00
CA HIS CA 107 0.04 99.36 106.97
C HIS CA 107 -0.57 99.35 108.36
N TYR CA 108 -1.38 100.33 108.71
CA TYR CA 108 -1.81 100.41 110.10
C TYR CA 108 -3.30 100.23 110.27
N THR CA 109 -4.12 100.99 109.55
CA THR CA 109 -5.56 101.00 109.83
C THR CA 109 -6.35 100.04 108.96
N ILE CA 110 -6.35 100.24 107.64
CA ILE CA 110 -7.22 99.45 106.78
C ILE CA 110 -6.58 98.12 106.41
N GLY CA 111 -5.32 97.92 106.82
CA GLY CA 111 -4.61 96.71 106.41
C GLY CA 111 -5.16 95.44 107.01
N LYS CA 112 -5.51 95.47 108.29
CA LYS CA 112 -5.86 94.23 108.97
C LYS CA 112 -7.30 93.82 108.76
N GLU CA 113 -7.97 94.34 107.76
CA GLU CA 113 -9.29 93.83 107.39
C GLU CA 113 -9.23 92.84 106.24
N ILE CA 114 -8.08 92.72 105.58
CA ILE CA 114 -7.94 91.80 104.45
C ILE CA 114 -6.70 90.93 104.55
N VAL CA 115 -5.75 91.24 105.42
CA VAL CA 115 -4.51 90.47 105.42
C VAL CA 115 -4.69 89.20 106.24
N ASP CA 116 -5.67 89.17 107.14
CA ASP CA 116 -5.89 87.97 107.94
C ASP CA 116 -6.39 86.82 107.08
N LEU CA 117 -7.06 87.13 105.97
CA LEU CA 117 -7.51 86.05 105.10
C LEU CA 117 -6.63 85.90 103.88
N SER CA 118 -5.73 86.85 103.61
CA SER CA 118 -4.74 86.63 102.58
C SER CA 118 -3.72 85.59 103.00
N LEU CA 119 -3.27 85.65 104.27
CA LEU CA 119 -2.38 84.62 104.79
C LEU CA 119 -3.08 83.26 104.83
N ASP CA 120 -4.40 83.27 105.04
CA ASP CA 120 -5.15 82.03 105.07
C ASP CA 120 -5.11 81.35 103.71
N ARG CA 121 -5.18 82.14 102.63
CA ARG CA 121 -5.24 81.53 101.32
C ARG CA 121 -3.87 81.05 100.87
N ILE CA 122 -2.81 81.82 101.16
CA ILE CA 122 -1.48 81.42 100.72
C ILE CA 122 -0.98 80.26 101.55
N ARG CA 123 -1.53 80.08 102.75
CA ARG CA 123 -1.27 78.85 103.48
C ARG CA 123 -1.87 77.66 102.74
N LYS CA 124 -3.05 77.86 102.14
CA LYS CA 124 -3.72 76.77 101.45
C LYS CA 124 -2.98 76.36 100.19
N LEU CA 125 -2.37 77.32 99.51
CA LEU CA 125 -1.59 76.98 98.32
C LEU CA 125 -0.27 76.34 98.70
N ALA CA 126 0.39 76.85 99.74
CA ALA CA 126 1.70 76.34 100.11
C ALA CA 126 1.63 74.97 100.77
N ASP CA 127 0.48 74.60 101.31
CA ASP CA 127 0.37 73.29 101.94
C ASP CA 127 0.15 72.17 100.94
N ASN CA 128 0.02 72.50 99.65
CA ASN CA 128 -0.09 71.47 98.63
C ASN CA 128 1.20 70.66 98.53
N CYS CA 129 2.35 71.33 98.57
CA CYS CA 129 3.65 70.66 98.59
C CYS CA 129 4.57 71.37 99.57
N THR CA 130 5.27 70.59 100.38
CA THR CA 130 6.34 71.12 101.20
C THR CA 130 7.63 71.05 100.40
N GLY CA 131 8.38 72.14 100.39
CA GLY CA 131 9.50 72.26 99.48
C GLY CA 131 9.25 73.33 98.45
N LEU CA 132 8.60 74.41 98.87
CA LEU CA 132 8.39 75.54 97.99
C LEU CA 132 9.69 76.28 97.75
N GLN CA 133 9.90 76.70 96.50
CA GLN CA 133 11.05 77.52 96.19
C GLN CA 133 10.95 78.88 96.86
N GLY CA 134 9.76 79.43 96.91
CA GLY CA 134 9.55 80.64 97.64
C GLY CA 134 8.33 81.38 97.12
N PHE CA 135 8.49 82.69 96.99
CA PHE CA 135 7.40 83.57 96.63
C PHE CA 135 7.89 84.62 95.64
N LEU CA 136 6.97 85.16 94.87
CA LEU CA 136 7.26 86.29 93.98
C LEU CA 136 6.32 87.43 94.34
N MET CA 137 6.83 88.36 95.15
CA MET CA 137 6.14 89.61 95.43
C MET CA 137 6.01 90.43 94.16
N PHE CA 138 4.93 91.19 94.03
CA PHE CA 138 4.83 92.21 92.99
C PHE CA 138 4.20 93.46 93.60
N ASN CA 139 4.97 94.54 93.69
CA ASN CA 139 4.41 95.82 94.12
C ASN CA 139 5.29 96.94 93.62
N ALA CA 140 4.69 98.12 93.57
CA ALA CA 140 5.40 99.37 93.30
C ALA CA 140 5.52 100.12 94.60
N VAL CA 141 6.75 100.47 94.97
CA VAL CA 141 6.97 101.04 96.29
C VAL CA 141 6.55 102.49 96.41
N GLY CA 142 6.17 103.14 95.31
CA GLY CA 142 5.73 104.51 95.39
C GLY CA 142 4.33 104.69 95.95
N GLY CA 143 3.45 103.74 95.68
CA GLY CA 143 2.06 103.90 96.06
C GLY CA 143 1.80 103.57 97.52
N GLY CA 144 0.51 103.59 97.86
CA GLY CA 144 0.09 103.30 99.22
C GLY CA 144 0.02 101.83 99.57
N THR CA 145 -0.88 101.09 98.91
CA THR CA 145 -1.12 99.70 99.33
C THR CA 145 0.00 98.78 98.87
N GLY CA 146 0.66 99.11 97.77
CA GLY CA 146 1.81 98.32 97.36
C GLY CA 146 2.99 98.47 98.28
N SER CA 147 3.13 99.63 98.91
CA SER CA 147 4.18 99.81 99.89
C SER CA 147 3.69 99.44 101.29
N GLY CA 148 2.49 99.84 101.63
CA GLY CA 148 1.95 99.60 102.94
C GLY CA 148 1.64 98.15 103.23
N LEU CA 149 0.66 97.61 102.52
CA LEU CA 149 0.26 96.23 102.74
C LEU CA 149 1.36 95.27 102.32
N GLY CA 150 2.25 95.71 101.43
CA GLY CA 150 3.35 94.85 101.03
C GLY CA 150 4.32 94.59 102.16
N CYS CA 151 4.63 95.62 102.94
CA CYS CA 151 5.48 95.43 104.11
C CYS CA 151 4.82 94.54 105.16
N LEU CA 152 3.53 94.74 105.41
CA LEU CA 152 2.86 93.98 106.45
C LEU CA 152 2.71 92.52 106.03
N LEU CA 153 2.46 92.28 104.75
CA LEU CA 153 2.34 90.90 104.27
C LEU CA 153 3.68 90.19 104.37
N LEU CA 154 4.78 90.89 104.12
CA LEU CA 154 6.07 90.25 104.19
C LEU CA 154 6.53 90.07 105.63
N GLU CA 155 6.09 90.94 106.54
CA GLU CA 155 6.32 90.72 107.97
C GLU CA 155 5.70 89.41 108.42
N ARG CA 156 4.46 89.17 108.01
CA ARG CA 156 3.80 87.93 108.41
C ARG CA 156 4.39 86.74 107.68
N LEU CA 157 4.84 86.94 106.43
CA LEU CA 157 5.42 85.85 105.68
C LEU CA 157 6.80 85.47 106.22
N SER CA 158 7.55 86.46 106.72
CA SER CA 158 8.87 86.16 107.28
C SER CA 158 8.76 85.33 108.55
N VAL CA 159 7.90 85.74 109.48
CA VAL CA 159 7.80 85.06 110.75
C VAL CA 159 7.10 83.72 110.66
N ASP CA 160 6.44 83.44 109.53
CA ASP CA 160 5.83 82.13 109.36
C ASP CA 160 6.77 81.18 108.62
N TYR CA 161 7.17 81.56 107.41
CA TYR CA 161 8.11 80.78 106.62
C TYR CA 161 9.46 81.49 106.70
N GLY CA 162 10.36 80.93 107.49
CA GLY CA 162 11.59 81.65 107.79
C GLY CA 162 12.58 81.65 106.65
N LYS CA 163 12.77 80.49 106.01
CA LYS CA 163 13.92 80.29 105.14
C LYS CA 163 13.55 80.02 103.69
N LYS CA 164 12.42 80.53 103.21
CA LYS CA 164 12.15 80.41 101.80
C LYS CA 164 12.61 81.66 101.07
N SER CA 165 12.77 81.54 99.76
CA SER CA 165 13.17 82.67 98.94
C SER CA 165 12.03 83.67 98.83
N LYS CA 166 12.36 84.95 98.80
CA LYS CA 166 11.36 85.99 98.62
C LYS CA 166 11.91 86.99 97.61
N LEU CA 167 11.36 86.96 96.41
CA LEU CA 167 11.83 87.79 95.31
C LEU CA 167 10.85 88.94 95.13
N ASN CA 168 11.24 90.13 95.58
CA ASN CA 168 10.38 91.28 95.43
C ASN CA 168 10.63 91.90 94.07
N PHE CA 169 9.56 92.37 93.43
CA PHE CA 169 9.63 92.86 92.06
C PHE CA 169 9.18 94.32 92.13
N CYS CA 170 10.11 95.20 92.46
CA CYS CA 170 9.76 96.55 92.86
C CYS CA 170 9.70 97.46 91.64
N SER CA 171 8.52 98.00 91.35
CA SER CA 171 8.36 99.00 90.30
C SER CA 171 8.66 100.36 90.91
N TRP CA 172 9.95 100.67 90.98
CA TRP CA 172 10.45 101.82 91.71
C TRP CA 172 10.07 103.12 90.99
N PRO CA 173 9.88 104.22 91.71
CA PRO CA 173 9.53 105.49 91.04
C PRO CA 173 10.71 106.10 90.33
N SER CA 174 10.47 106.56 89.10
CA SER CA 174 11.51 107.11 88.25
C SER CA 174 12.02 108.43 88.82
N PRO CA 175 13.24 108.86 88.43
CA PRO CA 175 13.81 110.10 88.96
C PRO CA 175 12.99 111.36 88.75
N GLN CA 176 12.72 111.70 87.50
CA GLN CA 176 12.00 112.94 87.20
C GLN CA 176 10.50 112.71 87.14
N VAL CA 177 10.06 111.83 86.24
CA VAL CA 177 8.66 111.47 86.14
C VAL CA 177 8.28 110.59 87.33
N SER CA 178 7.18 110.95 88.01
CA SER CA 178 6.77 110.11 89.13
C SER CA 178 5.27 109.84 89.25
N THR CA 179 4.41 110.59 88.54
CA THR CA 179 2.93 110.55 88.56
C THR CA 179 2.28 110.36 89.92
N ALA CA 180 2.88 110.96 90.96
CA ALA CA 180 2.25 111.21 92.25
C ALA CA 180 3.08 112.27 92.94
N VAL CA 181 2.65 112.66 94.14
CA VAL CA 181 3.30 113.72 94.89
C VAL CA 181 3.96 113.20 96.15
N VAL CA 182 3.32 112.24 96.83
CA VAL CA 182 3.81 111.79 98.12
C VAL CA 182 4.77 110.62 98.00
N GLU CA 183 5.12 110.24 96.77
CA GLU CA 183 6.08 109.15 96.61
C GLU CA 183 7.47 109.37 97.17
N PRO CA 184 8.02 110.57 97.31
CA PRO CA 184 9.22 110.69 98.14
C PRO CA 184 9.02 110.22 99.57
N TYR CA 185 7.84 110.38 100.14
CA TYR CA 185 7.65 109.92 101.51
C TYR CA 185 7.52 108.41 101.58
N ASN CA 186 6.79 107.83 100.63
CA ASN CA 186 6.40 106.43 100.75
C ASN CA 186 7.58 105.50 100.53
N SER CA 187 8.38 105.75 99.50
CA SER CA 187 9.42 104.80 99.14
C SER CA 187 10.66 104.93 100.02
N VAL CA 188 10.87 106.08 100.67
CA VAL CA 188 11.96 106.20 101.63
C VAL CA 188 11.71 105.31 102.84
N LEU CA 189 10.51 105.33 103.36
CA LEU CA 189 10.17 104.52 104.52
C LEU CA 189 9.55 103.17 104.16
N SER CA 190 9.29 102.89 102.89
CA SER CA 190 8.96 101.52 102.54
C SER CA 190 10.19 100.64 102.56
N THR CA 191 11.31 101.17 102.08
CA THR CA 191 12.53 100.38 102.02
C THR CA 191 13.19 100.25 103.39
N HIS CA 192 12.78 101.05 104.37
CA HIS CA 192 13.24 100.84 105.72
C HIS CA 192 12.85 99.47 106.23
N SER CA 193 11.58 99.14 106.12
CA SER CA 193 11.10 97.87 106.60
C SER CA 193 10.98 96.85 105.48
N LEU CA 194 11.61 97.12 104.34
CA LEU CA 194 11.78 96.11 103.30
C LEU CA 194 13.20 95.53 103.28
N LEU CA 195 14.16 96.22 103.93
CA LEU CA 195 15.50 95.68 104.05
C LEU CA 195 15.51 94.38 104.84
N GLU CA 196 14.72 94.31 105.91
CA GLU CA 196 14.73 93.12 106.75
C GLU CA 196 13.64 92.11 106.39
N HIS CA 197 13.12 92.13 105.18
CA HIS CA 197 12.14 91.10 104.87
C HIS CA 197 12.42 90.35 103.58
N THR CA 198 12.86 91.04 102.54
CA THR CA 198 13.00 90.43 101.23
C THR CA 198 14.41 89.92 101.02
N ASP CA 199 14.59 89.16 99.94
CA ASP CA 199 15.87 88.53 99.67
C ASP CA 199 16.48 88.99 98.36
N VAL CA 200 15.68 89.09 97.31
CA VAL CA 200 16.09 89.62 96.03
C VAL CA 200 15.05 90.65 95.65
N ALA CA 201 15.44 91.90 95.55
CA ALA CA 201 14.52 92.98 95.21
C ALA CA 201 15.06 93.65 93.97
N VAL CA 202 14.54 93.27 92.81
CA VAL CA 202 15.01 93.83 91.55
C VAL CA 202 14.20 95.09 91.26
N MET CA 203 14.90 96.15 90.88
CA MET CA 203 14.31 97.48 90.75
C MET CA 203 14.06 97.80 89.29
N LEU CA 204 12.86 98.25 88.98
CA LEU CA 204 12.48 98.69 87.66
C LEU CA 204 11.85 100.07 87.75
N ASP CA 205 12.35 101.01 86.96
CA ASP CA 205 11.77 102.35 86.87
C ASP CA 205 10.96 102.47 85.60
N ASN CA 206 9.86 103.22 85.67
CA ASN CA 206 8.92 103.28 84.57
C ASN CA 206 9.51 104.03 83.37
N GLU CA 207 10.29 105.08 83.61
CA GLU CA 207 10.76 105.82 82.44
C GLU CA 207 11.93 105.15 81.74
N ALA CA 208 12.62 104.23 82.42
CA ALA CA 208 13.60 103.41 81.73
C ALA CA 208 12.92 102.46 80.77
N ILE CA 209 11.74 101.98 81.14
CA ILE CA 209 11.02 101.10 80.22
C ILE CA 209 10.39 101.97 79.14
N TYR CA 210 10.13 103.23 79.45
CA TYR CA 210 9.58 104.15 78.46
C TYR CA 210 10.55 104.40 77.33
N ASP CA 211 11.79 104.74 77.65
CA ASP CA 211 12.72 105.11 76.59
C ASP CA 211 13.45 103.91 76.00
N ILE CA 212 13.33 102.73 76.59
CA ILE CA 212 13.84 101.56 75.90
C ILE CA 212 12.83 101.12 74.84
N CYS CA 213 11.56 101.45 75.04
CA CYS CA 213 10.57 101.21 74.00
C CYS CA 213 10.73 102.20 72.87
N ARG CA 214 11.25 103.38 73.16
CA ARG CA 214 11.44 104.37 72.11
C ARG CA 214 12.66 104.05 71.26
N ARG CA 215 13.75 103.64 71.90
CA ARG CA 215 15.01 103.47 71.18
C ARG CA 215 15.06 102.15 70.42
N ASN CA 216 14.37 101.12 70.91
CA ASN CA 216 14.35 99.81 70.25
C ASN CA 216 13.07 99.54 69.49
N LEU CA 217 11.92 99.60 70.16
CA LEU CA 217 10.66 99.25 69.53
C LEU CA 217 10.08 100.38 68.69
N ASP CA 218 10.68 101.57 68.73
CA ASP CA 218 10.22 102.75 68.01
C ASP CA 218 8.77 103.09 68.32
N ILE CA 219 8.42 103.01 69.60
CA ILE CA 219 7.10 103.39 70.09
C ILE CA 219 7.29 104.66 70.92
N GLU CA 220 6.66 105.75 70.50
CA GLU CA 220 6.75 106.99 71.24
C GLU CA 220 5.51 107.28 72.08
N ARG CA 221 4.51 106.40 72.06
CA ARG CA 221 3.34 106.51 72.93
C ARG CA 221 2.97 105.17 73.55
N PRO CA 222 3.81 104.62 74.44
CA PRO CA 222 3.46 103.34 75.04
C PRO CA 222 2.52 103.51 76.23
N THR CA 223 1.55 102.62 76.30
CA THR CA 223 0.65 102.58 77.45
C THR CA 223 1.22 101.65 78.51
N TYR CA 224 0.47 101.49 79.61
CA TYR CA 224 0.92 100.65 80.70
C TYR CA 224 0.95 99.18 80.34
N THR CA 225 0.07 98.73 79.44
CA THR CA 225 0.08 97.32 79.09
C THR CA 225 1.33 96.96 78.32
N ASN CA 226 1.82 97.86 77.48
CA ASN CA 226 3.05 97.58 76.75
C ASN CA 226 4.27 97.53 77.66
N LEU CA 227 4.21 98.23 78.79
CA LEU CA 227 5.27 98.09 79.79
C LEU CA 227 5.19 96.73 80.47
N ASN CA 228 3.99 96.22 80.68
CA ASN CA 228 3.83 94.99 81.42
C ASN CA 228 4.22 93.77 80.60
N ARG CA 229 4.10 93.85 79.27
CA ARG CA 229 4.57 92.74 78.45
C ARG CA 229 6.08 92.58 78.58
N LEU CA 230 6.78 93.70 78.74
CA LEU CA 230 8.23 93.63 78.87
C LEU CA 230 8.65 93.12 80.24
N ILE CA 231 7.84 93.36 81.26
CA ILE CA 231 8.14 92.80 82.56
C ILE CA 231 7.93 91.30 82.56
N ALA CA 232 6.86 90.83 81.94
CA ALA CA 232 6.52 89.41 81.97
C ALA CA 232 7.54 88.59 81.21
N GLN CA 233 8.18 89.16 80.19
CA GLN CA 233 9.23 88.45 79.49
C GLN CA 233 10.48 88.34 80.34
N VAL CA 234 10.75 89.34 81.17
CA VAL CA 234 11.83 89.22 82.15
C VAL CA 234 11.49 88.18 83.20
N ILE CA 235 10.22 88.14 83.63
CA ILE CA 235 9.78 87.13 84.58
C ILE CA 235 9.86 85.75 83.97
N SER CA 236 9.42 85.62 82.71
CA SER CA 236 9.43 84.31 82.06
C SER CA 236 10.84 83.82 81.84
N SER CA 237 11.75 84.73 81.48
CA SER CA 237 13.14 84.33 81.34
C SER CA 237 13.81 84.10 82.68
N LEU CA 238 13.26 84.66 83.75
CA LEU CA 238 13.88 84.50 85.05
C LEU CA 238 13.62 83.12 85.63
N THR CA 239 12.48 82.53 85.30
CA THR CA 239 12.06 81.24 85.82
C THR CA 239 11.99 80.18 84.74
N ALA CA 240 12.69 80.35 83.64
CA ALA CA 240 12.61 79.38 82.55
C ALA CA 240 13.28 78.07 82.93
N SER CA 241 14.41 78.15 83.62
CA SER CA 241 15.14 76.94 84.00
C SER CA 241 14.39 76.13 85.03
N LEU CA 242 13.64 76.81 85.90
CA LEU CA 242 12.79 76.12 86.86
C LEU CA 242 11.68 75.36 86.14
N ARG CA 243 11.28 75.85 84.97
CA ARG CA 243 10.05 75.39 84.36
C ARG CA 243 10.32 74.45 83.20
N PHE CA 244 11.46 74.61 82.53
CA PHE CA 244 11.85 73.77 81.41
C PHE CA 244 13.30 73.35 81.58
N ASP CA 245 13.61 72.15 81.08
CA ASP CA 245 14.97 71.63 81.21
C ASP CA 245 15.88 72.25 80.16
N GLY CA 246 17.15 72.36 80.50
CA GLY CA 246 18.11 72.99 79.62
C GLY CA 246 19.51 72.48 79.84
N ALA CA 247 20.45 73.05 79.08
CA ALA CA 247 21.85 72.63 79.17
C ALA CA 247 22.45 73.00 80.52
N LEU CA 248 22.10 74.15 81.06
CA LEU CA 248 22.66 74.59 82.34
C LEU CA 248 21.61 75.42 83.03
N ASN CA 249 21.03 74.89 84.11
CA ASN CA 249 19.85 75.47 84.73
C ASN CA 249 20.20 76.21 86.02
N VAL CA 250 19.35 77.18 86.34
CA VAL CA 250 19.54 78.10 87.46
C VAL CA 250 18.23 78.17 88.24
N ASP CA 251 18.26 77.82 89.51
CA ASP CA 251 17.05 77.76 90.33
C ASP CA 251 16.77 79.12 90.97
N VAL CA 252 15.86 79.15 91.93
CA VAL CA 252 15.53 80.38 92.63
C VAL CA 252 16.39 80.54 93.89
N THR CA 253 16.70 79.43 94.57
CA THR CA 253 17.72 79.44 95.60
C THR CA 253 19.08 79.83 95.01
N GLU CA 254 19.27 79.57 93.72
CA GLU CA 254 20.53 79.80 93.02
C GLU CA 254 20.89 81.28 93.01
N PHE CA 255 19.88 82.16 92.99
CA PHE CA 255 20.12 83.60 92.88
C PHE CA 255 20.72 84.18 94.14
N GLN CA 256 20.18 83.83 95.30
CA GLN CA 256 20.57 84.49 96.55
C GLN CA 256 22.04 84.31 96.85
N THR CA 257 22.55 83.09 96.65
CA THR CA 257 23.96 82.83 96.87
C THR CA 257 24.82 83.58 95.88
N ASN CA 258 24.30 83.84 94.69
CA ASN CA 258 25.13 84.26 93.59
C ASN CA 258 25.12 85.75 93.30
N LEU CA 259 24.33 86.54 94.02
CA LEU CA 259 24.25 87.95 93.70
C LEU CA 259 24.22 88.87 94.91
N VAL CA 260 24.23 88.34 96.13
CA VAL CA 260 24.10 89.16 97.32
C VAL CA 260 25.36 88.98 98.16
N PRO CA 261 26.34 89.86 98.02
CA PRO CA 261 27.60 89.67 98.75
C PRO CA 261 27.47 89.81 100.25
N TYR CA 262 26.91 90.91 100.69
CA TYR CA 262 26.60 91.10 102.09
C TYR CA 262 25.09 91.19 102.25
N PRO CA 263 24.54 90.85 103.43
CA PRO CA 263 23.08 90.71 103.53
C PRO CA 263 22.27 91.96 103.23
N ARG CA 264 22.85 93.14 103.43
CA ARG CA 264 22.11 94.37 103.19
C ARG CA 264 21.95 94.64 101.71
N ILE CA 265 23.00 94.46 100.93
CA ILE CA 265 23.03 94.86 99.53
C ILE CA 265 22.33 93.79 98.69
N HIS CA 266 21.03 93.92 98.50
CA HIS CA 266 20.29 92.94 97.73
C HIS CA 266 19.32 93.62 96.78
N PHE CA 267 19.75 94.72 96.19
CA PHE CA 267 18.96 95.46 95.22
C PHE CA 267 19.65 95.31 93.86
N MET CA 268 18.93 94.77 92.89
CA MET CA 268 19.53 94.47 91.60
C MET CA 268 18.76 95.12 90.47
N LEU CA 269 19.45 95.33 89.36
CA LEU CA 269 18.89 95.94 88.17
C LEU CA 269 18.45 94.84 87.22
N SER CA 270 18.12 95.22 86.01
CA SER CA 270 17.72 94.22 85.02
C SER CA 270 17.97 94.76 83.63
N SER CA 271 17.97 93.85 82.67
CA SER CA 271 18.02 94.20 81.26
C SER CA 271 17.51 93.01 80.47
N TYR CA 272 17.21 93.26 79.21
CA TYR CA 272 16.74 92.21 78.34
C TYR CA 272 17.24 92.50 76.94
N ALA CA 273 17.54 91.44 76.22
CA ALA CA 273 18.07 91.57 74.87
C ALA CA 273 17.80 90.30 74.10
N PRO CA 274 17.23 90.38 72.90
CA PRO CA 274 16.83 91.63 72.30
C PRO CA 274 15.39 91.96 72.60
N ILE CA 275 15.02 93.21 72.37
CA ILE CA 275 13.63 93.60 72.25
C ILE CA 275 13.48 94.31 70.90
N ILE CA 276 13.04 93.58 69.90
CA ILE CA 276 13.04 94.05 68.52
C ILE CA 276 11.68 93.79 67.92
N SER CA 277 11.37 94.56 66.89
CA SER CA 277 10.12 94.46 66.17
C SER CA 277 10.33 93.71 64.86
N ALA CA 278 9.28 93.64 64.05
CA ALA CA 278 9.41 93.04 62.74
C ALA CA 278 10.23 93.88 61.79
N GLU CA 279 10.41 95.17 62.10
CA GLU CA 279 11.32 96.00 61.31
C GLU CA 279 12.76 95.58 61.52
N LYS CA 280 13.09 95.04 62.69
CA LYS CA 280 14.47 94.77 63.06
C LYS CA 280 14.86 93.32 62.87
N ALA CA 281 13.96 92.39 63.19
CA ALA CA 281 14.26 90.98 62.96
C ALA CA 281 14.40 90.68 61.48
N TYR CA 282 13.77 91.49 60.63
CA TYR CA 282 13.90 91.35 59.20
C TYR CA 282 15.33 91.59 58.73
N HIS CA 283 16.16 92.25 59.54
CA HIS CA 283 17.40 92.78 59.02
C HIS CA 283 18.62 92.51 59.88
N GLU CA 284 18.52 91.82 61.00
CA GLU CA 284 19.68 91.72 61.87
C GLU CA 284 19.88 90.28 62.28
N GLN CA 285 21.14 89.86 62.38
CA GLN CA 285 21.52 88.58 62.99
C GLN CA 285 21.63 88.77 64.49
N LEU CA 286 20.96 87.91 65.23
CA LEU CA 286 20.87 88.08 66.68
C LEU CA 286 21.78 87.14 67.44
N SER CA 287 23.01 86.99 66.95
CA SER CA 287 23.95 86.01 67.49
C SER CA 287 24.31 86.33 68.92
N VAL CA 288 24.81 85.31 69.62
CA VAL CA 288 24.99 85.36 71.06
C VAL CA 288 26.06 86.37 71.44
N ALA CA 289 27.12 86.46 70.65
CA ALA CA 289 28.27 87.30 70.98
C ALA CA 289 27.96 88.78 71.01
N GLU CA 290 26.82 89.21 70.47
CA GLU CA 290 26.49 90.63 70.43
C GLU CA 290 25.17 90.96 71.08
N ILE CA 291 24.31 89.99 71.36
CA ILE CA 291 23.13 90.27 72.18
C ILE CA 291 23.51 90.33 73.64
N THR CA 292 24.72 89.93 73.99
CA THR CA 292 25.21 90.19 75.34
C THR CA 292 25.85 91.57 75.44
N ASN CA 293 26.33 92.12 74.32
CA ASN CA 293 26.81 93.50 74.34
C ASN CA 293 25.65 94.46 74.55
N SER CA 294 24.56 94.27 73.82
CA SER CA 294 23.36 95.07 74.01
C SER CA 294 22.70 94.80 75.35
N ALA CA 295 23.11 93.74 76.05
CA ALA CA 295 22.64 93.53 77.40
C ALA CA 295 23.30 94.51 78.37
N PHE CA 296 24.58 94.79 78.19
CA PHE CA 296 25.30 95.66 79.12
C PHE CA 296 25.37 97.11 78.72
N GLU CA 297 24.76 97.51 77.61
CA GLU CA 297 24.80 98.92 77.28
C GLU CA 297 23.94 99.70 78.27
N PRO CA 298 24.37 100.91 78.66
CA PRO CA 298 23.59 101.69 79.62
C PRO CA 298 22.22 102.08 79.11
N ALA CA 299 21.97 102.04 77.81
CA ALA CA 299 20.66 102.37 77.29
C ALA CA 299 19.63 101.29 77.60
N SER CA 300 20.06 100.04 77.79
CA SER CA 300 19.15 98.93 77.99
C SER CA 300 18.97 98.57 79.46
N MET CA 301 19.58 99.29 80.38
CA MET CA 301 19.26 99.10 81.78
C MET CA 301 17.82 99.50 82.00
N MET CA 302 17.11 98.74 82.82
CA MET CA 302 15.71 99.02 83.07
C MET CA 302 15.52 99.80 84.35
N ALA CA 303 16.41 100.73 84.69
CA ALA CA 303 16.23 101.55 85.89
C ALA CA 303 16.67 103.00 85.81
N LYS CA 304 17.16 103.52 84.67
CA LYS CA 304 17.82 104.84 84.60
C LYS CA 304 18.87 105.04 85.66
N CYS CA 305 19.56 103.99 86.01
CA CYS CA 305 20.69 104.06 86.91
C CYS CA 305 21.90 103.86 86.01
N ASP CA 306 22.50 104.96 85.60
CA ASP CA 306 23.63 104.94 84.68
C ASP CA 306 24.81 104.19 85.27
N PRO CA 307 25.11 103.00 84.77
CA PRO CA 307 26.13 102.16 85.42
C PRO CA 307 27.54 102.63 85.14
N ARG CA 308 27.72 103.67 84.33
CA ARG CA 308 29.04 104.18 84.05
C ARG CA 308 29.68 104.79 85.28
N HIS CA 309 28.89 105.23 86.25
CA HIS CA 309 29.42 105.73 87.51
C HIS CA 309 29.16 104.75 88.65
N GLY CA 310 29.32 103.48 88.34
CA GLY CA 310 29.31 102.46 89.38
C GLY CA 310 30.14 101.27 88.95
N LYS CA 311 30.71 100.58 89.93
CA LYS CA 311 31.54 99.41 89.68
C LYS CA 311 30.72 98.16 89.90
N TYR CA 312 30.82 97.21 88.96
CA TYR CA 312 29.97 96.03 88.99
C TYR CA 312 30.37 95.09 90.11
N MET CA 313 29.38 94.67 90.89
CA MET CA 313 29.65 93.77 92.00
C MET CA 313 29.58 92.33 91.55
N ALA CA 314 28.57 92.01 90.76
CA ALA CA 314 28.37 90.67 90.23
C ALA CA 314 27.38 90.81 89.08
N CYS CA 315 27.22 89.73 88.33
CA CYS CA 315 26.25 89.75 87.24
C CYS CA 315 25.75 88.34 86.99
N CYS CA 316 24.50 88.24 86.58
CA CYS CA 316 23.85 86.97 86.30
C CYS CA 316 23.16 87.06 84.95
N LEU CA 317 23.37 86.05 84.11
CA LEU CA 317 22.81 86.05 82.78
C LEU CA 317 22.00 84.79 82.58
N MET CA 318 20.77 84.94 82.10
CA MET CA 318 19.92 83.79 81.79
C MET CA 318 19.68 83.78 80.30
N TYR CA 319 20.46 82.98 79.58
CA TYR CA 319 20.32 82.84 78.15
C TYR CA 319 19.16 81.91 77.86
N ARG CA 320 18.46 82.17 76.77
CA ARG CA 320 17.36 81.31 76.35
C ARG CA 320 17.50 81.03 74.87
N GLY CA 321 16.90 79.92 74.43
CA GLY CA 321 16.73 79.64 73.02
C GLY CA 321 17.78 78.67 72.50
N ASP CA 322 18.13 78.86 71.23
CA ASP CA 322 19.15 78.05 70.55
C ASP CA 322 20.51 78.68 70.77
N VAL CA 323 21.16 78.30 71.86
CA VAL CA 323 22.46 78.83 72.22
C VAL CA 323 23.37 77.69 72.68
N VAL CA 324 24.57 77.62 72.11
CA VAL CA 324 25.54 76.61 72.50
C VAL CA 324 26.56 77.28 73.42
N PRO CA 325 27.15 76.56 74.38
CA PRO CA 325 27.79 77.24 75.50
C PRO CA 325 29.17 77.81 75.25
N LYS CA 326 29.91 77.38 74.24
CA LYS CA 326 31.15 78.09 74.00
C LYS CA 326 30.92 79.43 73.33
N ASP CA 327 29.77 79.64 72.70
CA ASP CA 327 29.40 80.99 72.30
C ASP CA 327 29.19 81.86 73.53
N VAL CA 328 28.63 81.30 74.59
CA VAL CA 328 28.50 82.05 75.83
C VAL CA 328 29.88 82.32 76.43
N ASN CA 329 30.74 81.32 76.45
CA ASN CA 329 32.04 81.44 77.09
C ASN CA 329 32.93 82.44 76.35
N ALA CA 330 32.88 82.44 75.02
CA ALA CA 330 33.64 83.42 74.27
C ALA CA 330 33.07 84.81 74.41
N ALA CA 331 31.74 84.93 74.43
CA ALA CA 331 31.11 86.25 74.46
C ALA CA 331 31.35 86.96 75.76
N VAL CA 332 31.27 86.25 76.88
CA VAL CA 332 31.50 86.90 78.16
C VAL CA 332 32.98 87.21 78.35
N ALA CA 333 33.85 86.54 77.59
CA ALA CA 333 35.26 86.90 77.63
C ALA CA 333 35.51 88.22 76.93
N THR CA 334 34.66 88.57 75.95
CA THR CA 334 34.80 89.86 75.30
C THR CA 334 34.44 91.00 76.24
N ILE CA 335 33.51 90.75 77.15
CA ILE CA 335 33.06 91.80 78.06
C ILE CA 335 34.15 92.13 79.08
N LYS CA 336 34.82 91.12 79.61
CA LYS CA 336 35.84 91.35 80.62
C LYS CA 336 37.00 92.16 80.05
N THR CA 337 37.38 91.88 78.81
CA THR CA 337 38.45 92.64 78.19
C THR CA 337 38.06 94.07 77.84
N LYS CA 338 36.78 94.37 77.79
CA LYS CA 338 36.33 95.73 77.54
C LYS CA 338 36.64 96.60 78.75
N ARG CA 339 36.98 97.86 78.49
CA ARG CA 339 37.50 98.75 79.52
C ARG CA 339 36.42 99.43 80.32
N THR CA 340 35.34 99.87 79.68
CA THR CA 340 34.36 100.74 80.32
C THR CA 340 33.50 100.03 81.36
N ILE CA 341 33.53 98.71 81.43
CA ILE CA 341 32.68 97.95 82.34
C ILE CA 341 33.57 97.56 83.51
N GLN CA 342 33.54 98.38 84.57
CA GLN CA 342 34.45 98.21 85.69
C GLN CA 342 33.86 97.20 86.68
N PHE CA 343 34.51 96.05 86.80
CA PHE CA 343 34.16 95.16 87.89
C PHE CA 343 34.88 95.58 89.14
N VAL CA 344 34.44 95.07 90.27
CA VAL CA 344 35.00 95.54 91.52
C VAL CA 344 36.32 94.82 91.78
N ASP CA 345 37.10 95.35 92.72
CA ASP CA 345 38.42 94.83 93.03
C ASP CA 345 38.34 93.39 93.53
N TRP CA 346 37.37 93.09 94.37
CA TRP CA 346 37.34 91.84 95.12
C TRP CA 346 36.41 90.80 94.53
N CYS CA 347 36.02 90.93 93.27
CA CYS CA 347 35.22 89.90 92.61
C CYS CA 347 35.89 89.52 91.30
N PRO CA 348 36.97 88.73 91.35
CA PRO CA 348 37.61 88.29 90.10
C PRO CA 348 36.73 87.38 89.28
N THR CA 349 35.90 86.57 89.92
CA THR CA 349 34.96 85.71 89.20
C THR CA 349 33.66 86.49 89.12
N GLY CA 350 33.50 87.27 88.06
CA GLY CA 350 32.41 88.22 88.06
C GLY CA 350 31.11 87.80 87.43
N PHE CA 351 30.91 86.53 87.08
CA PHE CA 351 29.77 86.19 86.26
C PHE CA 351 29.08 84.92 86.74
N LYS CA 352 27.93 84.67 86.13
CA LYS CA 352 27.03 83.57 86.48
C LYS CA 352 26.07 83.41 85.32
N CYS CA 353 26.18 82.36 84.52
CA CYS CA 353 25.32 82.27 83.36
C CYS CA 353 24.61 80.93 83.29
N GLY CA 354 23.48 80.93 82.60
CA GLY CA 354 22.71 79.72 82.40
C GLY CA 354 22.15 79.68 80.99
N ILE CA 355 21.75 78.48 80.58
CA ILE CA 355 21.25 78.24 79.25
C ILE CA 355 19.95 77.44 79.36
N ASN CA 356 18.91 77.88 78.66
CA ASN CA 356 17.67 77.13 78.58
C ASN CA 356 17.32 76.91 77.12
N TYR CA 357 16.66 75.80 76.84
CA TYR CA 357 16.51 75.37 75.46
C TYR CA 357 15.32 76.00 74.77
N GLN CA 358 14.23 76.25 75.48
CA GLN CA 358 13.04 76.76 74.80
C GLN CA 358 13.25 78.19 74.34
N PRO CA 359 12.71 78.54 73.18
CA PRO CA 359 12.81 79.92 72.71
C PRO CA 359 11.82 80.78 73.46
N PRO CA 360 11.93 82.11 73.36
CA PRO CA 360 10.88 82.95 73.94
C PRO CA 360 9.59 82.77 73.17
N THR CA 361 8.48 82.83 73.89
CA THR CA 361 7.16 82.65 73.31
C THR CA 361 6.55 84.02 73.09
N VAL CA 362 6.41 84.41 71.83
CA VAL CA 362 5.85 85.71 71.50
C VAL CA 362 4.36 85.71 71.80
N VAL CA 363 3.87 86.83 72.32
CA VAL CA 363 2.44 86.99 72.53
C VAL CA 363 1.83 87.56 71.25
N PRO CA 364 0.70 87.05 70.80
CA PRO CA 364 0.05 87.64 69.63
C PRO CA 364 -0.52 89.00 69.97
N GLY CA 365 -0.39 89.93 69.03
CA GLY CA 365 -0.82 91.28 69.25
C GLY CA 365 0.12 92.11 70.09
N GLY CA 366 1.26 91.56 70.48
CA GLY CA 366 2.24 92.31 71.22
C GLY CA 366 3.13 93.11 70.29
N ASP CA 367 4.14 93.73 70.88
CA ASP CA 367 5.08 94.57 70.14
C ASP CA 367 6.46 93.96 70.08
N LEU CA 368 6.58 92.65 70.25
CA LEU CA 368 7.84 91.95 70.12
C LEU CA 368 7.75 90.96 68.97
N ALA CA 369 8.90 90.65 68.39
CA ALA CA 369 8.96 89.74 67.25
C ALA CA 369 9.47 88.39 67.71
N LYS CA 370 9.26 87.38 66.86
CA LYS CA 370 9.70 86.04 67.18
C LYS CA 370 11.22 85.99 67.07
N VAL CA 371 11.89 85.74 68.18
CA VAL CA 371 13.34 85.82 68.26
C VAL CA 371 13.85 84.46 68.71
N MET CA 372 14.87 83.97 68.02
CA MET CA 372 15.39 82.64 68.32
C MET CA 372 16.05 82.58 69.70
N ARG CA 373 16.79 83.62 70.09
CA ARG CA 373 17.49 83.57 71.36
C ARG CA 373 17.43 84.91 72.07
N ALA CA 374 17.25 84.88 73.38
CA ALA CA 374 17.15 86.10 74.16
C ALA CA 374 17.97 85.97 75.43
N VAL CA 375 18.34 87.12 76.00
CA VAL CA 375 19.14 87.18 77.21
C VAL CA 375 18.47 88.07 78.23
N CYS CA 376 18.30 87.56 79.45
CA CYS CA 376 17.86 88.35 80.57
C CYS CA 376 19.00 88.45 81.56
N MET CA 377 19.32 89.67 81.97
CA MET CA 377 20.52 89.89 82.78
C MET CA 377 20.10 90.57 84.07
N ILE CA 378 20.75 90.19 85.15
CA ILE CA 378 20.53 90.79 86.46
C ILE CA 378 21.89 91.08 87.09
N SER CA 379 22.13 92.33 87.43
CA SER CA 379 23.42 92.77 87.94
C SER CA 379 23.26 93.52 89.25
N ASN CA 380 24.08 93.15 90.22
CA ASN CA 380 24.27 93.96 91.41
C ASN CA 380 25.41 94.93 91.10
N SER CA 381 25.15 96.22 91.19
CA SER CA 381 26.16 97.22 90.86
C SER CA 381 26.23 98.26 91.95
N THR CA 382 27.42 98.86 92.08
CA THR CA 382 27.61 99.93 93.05
C THR CA 382 26.90 101.20 92.60
N ALA CA 383 26.44 101.23 91.36
CA ALA CA 383 25.87 102.42 90.75
C ALA CA 383 24.56 102.84 91.38
N ILE CA 384 23.92 102.01 92.20
CA ILE CA 384 22.60 102.35 92.71
C ILE CA 384 22.70 103.14 94.00
N ALA CA 385 23.85 103.75 94.26
CA ALA CA 385 23.86 104.84 95.20
C ALA CA 385 23.03 106.02 94.70
N GLU CA 386 22.90 106.17 93.38
CA GLU CA 386 22.18 107.33 92.86
C GLU CA 386 20.68 107.20 93.07
N VAL CA 387 20.12 105.99 92.92
CA VAL CA 387 18.69 105.83 93.12
C VAL CA 387 18.30 105.91 94.58
N PHE CA 388 19.27 105.94 95.48
CA PHE CA 388 19.04 106.23 96.88
C PHE CA 388 19.43 107.65 97.26
N SER CA 389 20.39 108.25 96.54
CA SER CA 389 20.77 109.62 96.85
C SER CA 389 19.73 110.61 96.37
N ARG CA 390 19.18 110.42 95.16
CA ARG CA 390 18.12 111.33 94.72
C ARG CA 390 16.82 111.05 95.45
N MET CA 391 16.65 109.83 95.94
CA MET CA 391 15.47 109.50 96.71
C MET CA 391 15.51 110.18 98.07
N ASP CA 392 16.70 110.27 98.65
CA ASP CA 392 16.84 110.87 99.97
C ASP CA 392 16.67 112.38 99.91
N HIS CA 393 17.21 113.00 98.86
CA HIS CA 393 17.20 114.46 98.78
C HIS CA 393 15.81 115.00 98.50
N LYS CA 394 14.99 114.26 97.74
CA LYS CA 394 13.61 114.67 97.54
C LYS CA 394 12.79 114.53 98.82
N PHE CA 395 13.17 113.59 99.68
CA PHE CA 395 12.53 113.46 100.98
C PHE CA 395 12.90 114.61 101.89
N ASP CA 396 14.19 114.94 101.96
CA ASP CA 396 14.66 115.91 102.95
C ASP CA 396 14.19 117.31 102.61
N LEU CA 397 13.94 117.59 101.33
CA LEU CA 397 13.38 118.88 100.96
C LEU CA 397 11.95 119.02 101.46
N MET CA 398 11.15 117.97 101.31
CA MET CA 398 9.76 118.02 101.75
C MET CA 398 9.66 117.98 103.26
N TYR CA 399 10.40 117.08 103.89
CA TYR CA 399 10.35 116.91 105.33
C TYR CA 399 11.08 118.01 106.09
N ALA CA 400 11.69 118.96 105.38
CA ALA CA 400 12.32 120.09 106.04
C ALA CA 400 11.31 120.92 106.81
N LYS CA 401 10.08 121.01 106.32
CA LYS CA 401 9.04 121.68 107.08
C LYS CA 401 7.70 120.97 106.93
N ARG CA 402 7.74 119.64 106.99
CA ARG CA 402 6.62 118.80 107.44
C ARG CA 402 5.45 118.83 106.48
N ALA CA 403 5.72 118.79 105.18
CA ALA CA 403 4.65 118.64 104.20
C ALA CA 403 4.08 117.24 104.26
N PHE CA 404 2.75 117.14 104.18
CA PHE CA 404 1.98 115.91 104.07
C PHE CA 404 2.11 114.98 105.26
N VAL CA 405 2.74 115.43 106.35
CA VAL CA 405 2.99 114.54 107.49
C VAL CA 405 1.71 114.24 108.24
N HIS CA 406 0.79 115.21 108.30
CA HIS CA 406 -0.44 115.03 109.04
C HIS CA 406 -1.33 113.95 108.44
N TRP CA 407 -1.15 113.64 107.16
CA TRP CA 407 -1.91 112.56 106.55
C TRP CA 407 -1.36 111.19 106.90
N TYR CA 408 -0.20 111.12 107.54
CA TYR CA 408 0.32 109.85 108.02
C TYR CA 408 0.30 109.74 109.52
N VAL CA 409 0.51 110.86 110.22
CA VAL CA 409 0.36 110.89 111.67
C VAL CA 409 -1.08 110.63 112.06
N GLY CA 410 -2.02 111.09 111.24
CA GLY CA 410 -3.43 111.00 111.54
C GLY CA 410 -4.00 109.60 111.58
N GLU CA 411 -3.27 108.59 111.09
CA GLU CA 411 -3.76 107.23 111.22
C GLU CA 411 -2.66 106.24 111.60
N GLY CA 412 -1.80 106.62 112.53
CA GLY CA 412 -1.06 105.59 113.25
C GLY CA 412 0.43 105.69 113.52
N MET CA 413 1.26 106.18 112.61
CA MET CA 413 2.67 106.29 112.97
C MET CA 413 2.96 107.63 113.61
N GLU CA 414 4.01 107.65 114.42
CA GLU CA 414 4.40 108.83 115.15
C GLU CA 414 5.45 109.60 114.37
N GLU CA 415 5.44 110.91 114.52
CA GLU CA 415 6.47 111.75 113.94
C GLU CA 415 7.79 111.39 114.60
N GLY CA 416 8.62 110.67 113.88
CA GLY CA 416 9.81 110.09 114.46
C GLY CA 416 10.06 108.72 113.88
N GLU CA 417 9.00 108.06 113.43
CA GLU CA 417 9.18 106.87 112.59
C GLU CA 417 9.70 107.25 111.23
N PHE CA 418 9.45 108.49 110.78
CA PHE CA 418 10.00 108.96 109.53
C PHE CA 418 11.51 109.10 109.62
N SER CA 419 11.99 109.80 110.65
CA SER CA 419 13.42 110.04 110.77
C SER CA 419 14.15 108.77 111.16
N GLU CA 420 13.47 107.84 111.80
CA GLU CA 420 14.05 106.53 112.04
C GLU CA 420 14.20 105.78 110.72
N ALA CA 421 13.28 105.98 109.78
CA ALA CA 421 13.43 105.39 108.46
C ALA CA 421 14.50 106.11 107.66
N ARG CA 422 14.68 107.41 107.92
CA ARG CA 422 15.79 108.15 107.33
C ARG CA 422 17.14 107.62 107.78
N GLU CA 423 17.24 107.24 109.05
CA GLU CA 423 18.53 106.79 109.56
C GLU CA 423 18.93 105.48 108.91
N ASP CA 424 17.95 104.65 108.56
CA ASP CA 424 18.25 103.39 107.90
C ASP CA 424 18.65 103.61 106.45
N LEU CA 425 18.05 104.60 105.79
CA LEU CA 425 18.42 104.86 104.41
C LEU CA 425 19.78 105.54 104.32
N ALA CA 426 20.10 106.40 105.28
CA ALA CA 426 21.42 107.00 105.31
C ALA CA 426 22.49 105.98 105.67
N ALA CA 427 22.12 104.95 106.42
CA ALA CA 427 23.05 103.85 106.66
C ALA CA 427 23.31 103.07 105.39
N LEU CA 428 22.29 102.91 104.55
CA LEU CA 428 22.45 102.14 103.33
C LEU CA 428 23.31 102.88 102.31
N GLU CA 429 23.23 104.21 102.32
CA GLU CA 429 24.09 104.99 101.43
C GLU CA 429 25.55 104.84 101.82
N LYS CA 430 25.84 104.87 103.11
CA LYS CA 430 27.22 104.69 103.55
C LYS CA 430 27.67 103.24 103.34
N ASP CA 431 26.73 102.30 103.37
CA ASP CA 431 27.06 100.90 103.17
C ASP CA 431 27.48 100.62 101.74
N TYR CA 432 26.80 101.23 100.76
CA TYR CA 432 27.22 101.06 99.37
C TYR CA 432 28.54 101.77 99.11
N GLU CA 433 28.72 102.94 99.71
CA GLU CA 433 29.95 103.69 99.50
C GLU CA 433 31.15 103.01 100.14
N GLU CA 434 30.97 102.41 101.31
CA GLU CA 434 32.11 101.77 101.96
C GLU CA 434 32.48 100.47 101.26
N VAL CA 435 31.54 99.84 100.57
CA VAL CA 435 31.88 98.63 99.84
C VAL CA 435 32.72 98.96 98.62
N GLY CA 436 32.31 99.97 97.86
CA GLY CA 436 32.99 100.30 96.62
C GLY CA 436 34.24 101.14 96.78
N ILE CA 437 35.05 100.85 97.78
CA ILE CA 437 36.28 101.59 97.98
C ILE CA 437 37.36 101.03 97.08
N MET DA 1 -19.77 98.55 97.69
CA MET DA 1 -18.67 99.44 97.38
C MET DA 1 -18.81 100.76 98.11
N ARG DA 2 -18.50 101.86 97.41
CA ARG DA 2 -18.42 103.19 97.98
C ARG DA 2 -19.62 104.03 97.56
N GLU DA 3 -20.25 104.69 98.53
CA GLU DA 3 -21.38 105.57 98.29
C GLU DA 3 -20.96 107.00 98.55
N ILE DA 4 -21.42 107.92 97.71
CA ILE DA 4 -21.38 109.35 97.99
C ILE DA 4 -22.80 109.85 98.02
N VAL DA 5 -23.15 110.60 99.05
CA VAL DA 5 -24.49 111.09 99.26
C VAL DA 5 -24.53 112.57 98.93
N HIS DA 6 -25.41 112.94 98.01
CA HIS DA 6 -25.47 114.31 97.51
C HIS DA 6 -26.43 115.16 98.33
N VAL DA 7 -26.02 116.40 98.61
CA VAL DA 7 -26.86 117.38 99.31
C VAL DA 7 -26.78 118.68 98.54
N GLN DA 8 -27.94 119.19 98.13
CA GLN DA 8 -28.00 120.44 97.38
C GLN DA 8 -28.57 121.53 98.28
N GLY DA 9 -27.72 122.45 98.72
CA GLY DA 9 -28.11 123.51 99.63
C GLY DA 9 -28.25 124.82 98.90
N GLY DA 10 -29.43 125.43 99.02
CA GLY DA 10 -29.69 126.73 98.46
C GLY DA 10 -30.25 126.66 97.05
N GLN DA 11 -30.67 127.83 96.57
CA GLN DA 11 -31.17 127.95 95.21
C GLN DA 11 -30.06 127.74 94.19
N CYS DA 12 -28.86 128.27 94.47
CA CYS DA 12 -27.71 128.02 93.61
C CYS DA 12 -27.34 126.54 93.62
N GLY DA 13 -27.41 125.90 94.78
CA GLY DA 13 -27.08 124.50 94.85
C GLY DA 13 -28.07 123.61 94.12
N ASN DA 14 -29.35 123.97 94.17
CA ASN DA 14 -30.37 123.12 93.59
C ASN DA 14 -30.32 123.12 92.07
N GLN DA 15 -30.13 124.28 91.46
CA GLN DA 15 -30.05 124.31 90.00
C GLN DA 15 -28.73 123.77 89.50
N ILE DA 16 -27.66 123.91 90.29
CA ILE DA 16 -26.38 123.37 89.88
C ILE DA 16 -26.36 121.87 90.02
N GLY DA 17 -27.22 121.32 90.87
CA GLY DA 17 -27.30 119.87 91.00
C GLY DA 17 -28.31 119.24 90.09
N ALA DA 18 -29.26 120.01 89.58
CA ALA DA 18 -30.13 119.52 88.52
C ALA DA 18 -29.32 119.22 87.26
N LYS DA 19 -28.38 120.11 86.93
CA LYS DA 19 -27.52 119.86 85.79
C LYS DA 19 -26.58 118.70 86.06
N PHE DA 20 -26.16 118.56 87.32
CA PHE DA 20 -25.28 117.45 87.67
C PHE DA 20 -26.00 116.12 87.61
N TRP DA 21 -27.27 116.09 88.03
CA TRP DA 21 -27.97 114.82 88.09
C TRP DA 21 -28.61 114.44 86.78
N GLU DA 22 -28.38 115.19 85.71
CA GLU DA 22 -28.74 114.73 84.39
C GLU DA 22 -27.53 114.58 83.49
N VAL DA 23 -26.38 115.15 83.84
CA VAL DA 23 -25.17 114.84 83.11
C VAL DA 23 -24.59 113.52 83.61
N ILE DA 24 -24.96 113.09 84.81
CA ILE DA 24 -24.54 111.79 85.30
C ILE DA 24 -25.46 110.70 84.74
N SER DA 25 -26.76 111.00 84.65
CA SER DA 25 -27.73 110.00 84.22
C SER DA 25 -27.55 109.62 82.77
N ASP DA 26 -27.27 110.58 81.89
CA ASP DA 26 -27.02 110.20 80.50
C ASP DA 26 -25.66 109.55 80.35
N GLU DA 27 -24.71 109.90 81.21
CA GLU DA 27 -23.39 109.28 81.15
C GLU DA 27 -23.46 107.82 81.56
N HIS DA 28 -24.41 107.49 82.43
CA HIS DA 28 -24.62 106.12 82.85
C HIS DA 28 -25.71 105.43 82.05
N GLY DA 29 -26.58 106.18 81.40
CA GLY DA 29 -27.61 105.60 80.57
C GLY DA 29 -28.98 105.50 81.20
N ILE DA 30 -29.22 106.16 82.32
CA ILE DA 30 -30.53 106.11 82.95
C ILE DA 30 -31.47 107.09 82.26
N ASP DA 31 -32.64 106.60 81.87
CA ASP DA 31 -33.66 107.40 81.23
C ASP DA 31 -34.28 108.35 82.26
N PRO DA 32 -34.97 109.41 81.81
CA PRO DA 32 -35.64 110.31 82.77
C PRO DA 32 -36.71 109.64 83.59
N THR DA 33 -37.35 108.58 83.07
CA THR DA 33 -38.28 107.82 83.89
C THR DA 33 -37.55 107.14 85.05
N GLY DA 34 -36.36 106.62 84.80
CA GLY DA 34 -35.59 105.96 85.82
C GLY DA 34 -35.07 104.62 85.37
N THR DA 35 -35.62 104.11 84.27
CA THR DA 35 -35.19 102.83 83.74
C THR DA 35 -33.85 102.96 83.02
N TYR DA 36 -33.42 101.88 82.40
CA TYR DA 36 -32.11 101.80 81.78
C TYR DA 36 -32.26 101.51 80.29
N CYS DA 37 -31.45 102.17 79.48
CA CYS DA 37 -31.32 101.87 78.07
C CYS DA 37 -29.86 102.09 77.67
N GLY DA 38 -29.29 101.15 76.92
CA GLY DA 38 -27.95 101.36 76.44
C GLY DA 38 -27.05 100.14 76.32
N ASP DA 39 -27.45 99.04 76.96
CA ASP DA 39 -26.83 97.70 76.89
C ASP DA 39 -25.30 97.68 76.89
N SER DA 40 -24.67 98.49 77.72
CA SER DA 40 -23.23 98.42 77.94
C SER DA 40 -22.96 98.17 79.41
N ASP DA 41 -22.11 97.18 79.68
CA ASP DA 41 -21.95 96.71 81.05
C ASP DA 41 -21.16 97.69 81.92
N LEU DA 42 -20.19 98.41 81.33
CA LEU DA 42 -19.35 99.30 82.12
C LEU DA 42 -20.13 100.47 82.69
N GLN DA 43 -21.25 100.84 82.08
CA GLN DA 43 -22.12 101.83 82.67
C GLN DA 43 -22.72 101.34 83.98
N LEU DA 44 -23.25 100.13 83.97
CA LEU DA 44 -24.02 99.61 85.07
C LEU DA 44 -23.21 98.76 86.02
N GLU DA 45 -21.91 98.57 85.77
CA GLU DA 45 -21.13 97.69 86.64
C GLU DA 45 -20.84 98.35 87.99
N ARG DA 46 -20.72 99.67 88.02
CA ARG DA 46 -20.56 100.40 89.27
C ARG DA 46 -21.45 101.64 89.17
N ILE DA 47 -22.71 101.47 89.56
CA ILE DA 47 -23.66 102.58 89.59
C ILE DA 47 -24.11 102.92 91.00
N ASN DA 48 -23.86 102.05 91.97
CA ASN DA 48 -24.30 102.34 93.33
C ASN DA 48 -23.45 103.39 94.03
N VAL DA 49 -22.51 104.05 93.33
CA VAL DA 49 -21.84 105.18 93.93
C VAL DA 49 -22.80 106.33 94.10
N PHE DA 50 -23.75 106.48 93.19
CA PHE DA 50 -24.65 107.61 93.21
C PHE DA 50 -26.13 107.26 93.17
N TYR DA 51 -26.50 106.00 93.01
CA TYR DA 51 -27.89 105.62 92.81
C TYR DA 51 -28.34 104.62 93.86
N ASN DA 52 -29.57 104.16 93.71
CA ASN DA 52 -30.16 103.22 94.65
C ASN DA 52 -31.26 102.44 93.95
N GLU DA 53 -31.27 101.14 94.18
CA GLU DA 53 -32.32 100.28 93.67
C GLU DA 53 -33.64 100.62 94.35
N ALA DA 54 -34.74 100.56 93.60
CA ALA DA 54 -36.04 100.98 94.09
C ALA DA 54 -37.08 99.89 93.86
N THR DA 55 -36.67 98.63 94.07
CA THR DA 55 -37.46 97.40 94.18
C THR DA 55 -38.40 97.15 93.00
N GLY DA 56 -38.29 97.95 91.96
CA GLY DA 56 -39.11 97.77 90.78
C GLY DA 56 -38.20 97.91 89.58
N GLY DA 57 -36.90 97.92 89.86
CA GLY DA 57 -35.91 98.00 88.82
C GLY DA 57 -35.44 99.40 88.48
N ARG DA 58 -36.06 100.43 89.03
CA ARG DA 58 -35.66 101.78 88.67
C ARG DA 58 -34.60 102.31 89.61
N PHE DA 59 -33.90 103.33 89.16
CA PHE DA 59 -32.75 103.88 89.85
C PHE DA 59 -33.11 105.27 90.33
N VAL DA 60 -32.97 105.50 91.63
CA VAL DA 60 -33.21 106.83 92.18
C VAL DA 60 -31.88 107.41 92.65
N PRO DA 61 -31.67 108.70 92.52
CA PRO DA 61 -30.42 109.29 92.98
C PRO DA 61 -30.34 109.32 94.48
N ARG DA 62 -29.11 109.37 94.98
CA ARG DA 62 -28.88 109.54 96.40
C ARG DA 62 -28.64 111.01 96.71
N ALA DA 63 -29.65 111.82 96.39
CA ALA DA 63 -29.56 113.26 96.51
C ALA DA 63 -30.64 113.78 97.44
N ILE DA 64 -30.31 114.83 98.17
CA ILE DA 64 -31.24 115.50 99.06
C ILE DA 64 -31.39 116.94 98.59
N LEU DA 65 -32.57 117.28 98.09
CA LEU DA 65 -32.85 118.63 97.64
C LEU DA 65 -33.38 119.45 98.80
N MET DA 66 -32.83 120.65 99.01
CA MET DA 66 -33.19 121.36 100.23
C MET DA 66 -32.95 122.86 100.07
N ASP DA 67 -33.87 123.65 100.61
CA ASP DA 67 -33.59 125.06 100.94
C ASP DA 67 -34.61 125.48 101.99
N LEU DA 68 -34.80 126.79 102.12
CA LEU DA 68 -35.80 127.34 103.03
C LEU DA 68 -37.00 127.94 102.31
N GLU DA 69 -37.11 127.77 101.00
CA GLU DA 69 -38.22 128.43 100.30
C GLU DA 69 -38.70 127.57 99.15
N PRO DA 70 -40.00 127.26 99.08
CA PRO DA 70 -40.47 126.23 98.14
C PRO DA 70 -40.50 126.66 96.70
N GLY DA 71 -40.26 127.93 96.42
CA GLY DA 71 -40.29 128.40 95.05
C GLY DA 71 -39.07 128.06 94.23
N THR DA 72 -38.12 127.32 94.80
CA THR DA 72 -36.93 126.95 94.04
C THR DA 72 -36.99 125.52 93.51
N MET DA 73 -37.31 124.54 94.35
CA MET DA 73 -37.40 123.18 93.83
C MET DA 73 -38.80 122.79 93.40
N ASP DA 74 -39.75 123.71 93.46
CA ASP DA 74 -41.00 123.47 92.73
C ASP DA 74 -40.74 123.48 91.23
N SER DA 75 -39.73 124.22 90.80
CA SER DA 75 -39.35 124.23 89.40
C SER DA 75 -38.56 123.00 89.00
N VAL DA 76 -37.68 122.49 89.87
CA VAL DA 76 -36.80 121.42 89.42
C VAL DA 76 -37.56 120.12 89.31
N ARG DA 77 -38.63 119.94 90.08
CA ARG DA 77 -39.45 118.77 89.88
C ARG DA 77 -40.27 118.87 88.61
N ALA DA 78 -40.63 120.08 88.21
CA ALA DA 78 -41.41 120.26 87.00
C ALA DA 78 -40.56 120.06 85.75
N GLY DA 79 -39.28 120.40 85.81
CA GLY DA 79 -38.42 120.28 84.67
C GLY DA 79 -38.09 118.84 84.36
N PRO DA 80 -37.39 118.64 83.27
CA PRO DA 80 -36.98 117.29 82.90
C PRO DA 80 -35.83 116.75 83.75
N PHE DA 81 -35.81 115.41 83.85
CA PHE DA 81 -34.94 114.67 84.77
C PHE DA 81 -35.15 115.14 86.21
N GLY DA 82 -36.38 115.55 86.52
CA GLY DA 82 -36.68 116.08 87.83
C GLY DA 82 -37.63 115.18 88.57
N GLN DA 83 -38.32 114.35 87.80
CA GLN DA 83 -39.15 113.30 88.35
C GLN DA 83 -38.32 112.17 88.94
N LEU DA 84 -37.01 112.21 88.70
CA LEU DA 84 -36.12 111.14 89.12
C LEU DA 84 -36.04 111.02 90.63
N PHE DA 85 -35.97 112.15 91.33
CA PHE DA 85 -35.67 112.17 92.75
C PHE DA 85 -36.80 111.56 93.57
N ARG DA 86 -36.45 111.06 94.73
CA ARG DA 86 -37.44 110.67 95.72
C ARG DA 86 -38.22 111.90 96.14
N PRO DA 87 -39.55 111.85 96.16
CA PRO DA 87 -40.32 113.03 96.56
C PRO DA 87 -40.24 113.31 98.04
N ASP DA 88 -39.97 112.29 98.85
CA ASP DA 88 -39.76 112.52 100.27
C ASP DA 88 -38.39 113.10 100.56
N ASN DA 89 -37.46 113.01 99.62
CA ASN DA 89 -36.14 113.57 99.84
C ASN DA 89 -36.13 115.09 99.78
N PHE DA 90 -37.14 115.69 99.15
CA PHE DA 90 -37.33 117.12 99.26
C PHE DA 90 -37.60 117.49 100.71
N VAL DA 91 -36.89 118.49 101.22
CA VAL DA 91 -37.14 119.03 102.55
C VAL DA 91 -37.23 120.54 102.47
N PHE DA 92 -38.45 121.05 102.36
CA PHE DA 92 -38.69 122.47 102.13
C PHE DA 92 -38.48 123.23 103.43
N GLY DA 93 -38.35 124.54 103.30
CA GLY DA 93 -38.68 125.45 104.38
C GLY DA 93 -40.04 126.06 104.13
N GLN DA 94 -40.34 127.08 104.88
CA GLN DA 94 -41.49 127.87 104.47
C GLN DA 94 -41.18 129.36 104.44
N THR DA 95 -40.37 129.84 105.37
CA THR DA 95 -40.13 131.27 105.46
C THR DA 95 -39.15 131.73 104.40
N GLY DA 96 -37.94 131.20 104.43
CA GLY DA 96 -36.90 131.64 103.53
C GLY DA 96 -35.98 132.65 104.20
N ALA DA 97 -34.69 132.34 104.21
CA ALA DA 97 -33.73 133.28 104.77
C ALA DA 97 -33.62 134.49 103.86
N GLY DA 98 -33.68 135.67 104.44
CA GLY DA 98 -33.69 136.87 103.63
C GLY DA 98 -32.30 137.27 103.17
N ASN DA 99 -31.63 136.35 102.48
CA ASN DA 99 -30.22 136.46 102.11
C ASN DA 99 -29.40 136.82 103.34
N ASN DA 100 -29.73 136.17 104.44
CA ASN DA 100 -29.24 136.53 105.76
C ASN DA 100 -28.51 135.30 106.30
N TRP DA 101 -27.23 135.45 106.62
CA TRP DA 101 -26.47 134.32 107.16
C TRP DA 101 -26.99 133.93 108.53
N ALA DA 102 -27.33 134.91 109.36
CA ALA DA 102 -27.81 134.64 110.70
C ALA DA 102 -29.13 133.91 110.66
N LYS DA 103 -30.01 134.30 109.74
CA LYS DA 103 -31.29 133.62 109.64
C LYS DA 103 -31.14 132.18 109.20
N GLY DA 104 -30.15 131.87 108.39
CA GLY DA 104 -29.95 130.50 107.99
C GLY DA 104 -29.39 129.67 109.12
N HIS DA 105 -28.22 130.06 109.61
CA HIS DA 105 -27.50 129.26 110.60
C HIS DA 105 -28.31 129.11 111.88
N TYR DA 106 -28.80 130.22 112.42
CA TYR DA 106 -29.35 130.22 113.77
C TYR DA 106 -30.87 130.04 113.79
N THR DA 107 -31.61 130.94 113.14
CA THR DA 107 -33.01 131.12 113.49
C THR DA 107 -33.93 130.10 112.84
N GLU DA 108 -34.12 130.17 111.52
CA GLU DA 108 -35.10 129.26 110.92
C GLU DA 108 -34.47 128.08 110.20
N GLY DA 109 -33.15 127.93 110.24
CA GLY DA 109 -32.59 126.65 109.88
C GLY DA 109 -32.57 125.66 111.01
N ALA DA 110 -32.77 126.14 112.24
CA ALA DA 110 -32.68 125.28 113.40
C ALA DA 110 -33.82 124.28 113.45
N GLU DA 111 -35.03 124.71 113.11
CA GLU DA 111 -36.14 123.77 113.17
C GLU DA 111 -36.22 122.91 111.92
N LEU DA 112 -35.34 123.12 110.95
CA LEU DA 112 -35.29 122.28 109.77
C LEU DA 112 -34.13 121.31 109.77
N ILE DA 113 -33.05 121.60 110.49
CA ILE DA 113 -31.86 120.78 110.38
C ILE DA 113 -32.06 119.46 111.08
N ASP DA 114 -33.02 119.38 111.99
CA ASP DA 114 -33.41 118.08 112.53
C ASP DA 114 -34.03 117.21 111.45
N SER DA 115 -34.85 117.81 110.58
CA SER DA 115 -35.48 117.04 109.52
C SER DA 115 -34.48 116.67 108.44
N VAL DA 116 -33.54 117.57 108.15
CA VAL DA 116 -32.58 117.29 107.10
C VAL DA 116 -31.62 116.20 107.52
N LEU DA 117 -31.20 116.22 108.80
CA LEU DA 117 -30.33 115.15 109.29
C LEU DA 117 -31.06 113.82 109.37
N ASP DA 118 -32.40 113.85 109.43
CA ASP DA 118 -33.15 112.61 109.46
C ASP DA 118 -33.06 111.90 108.11
N VAL DA 119 -33.15 112.66 107.02
CA VAL DA 119 -33.16 112.02 105.71
C VAL DA 119 -31.74 111.77 105.22
N VAL DA 120 -30.76 112.55 105.70
CA VAL DA 120 -29.41 112.31 105.21
C VAL DA 120 -28.79 111.15 105.95
N ARG DA 121 -29.25 110.86 107.17
CA ARG DA 121 -28.71 109.71 107.87
C ARG DA 121 -29.37 108.43 107.41
N LYS DA 122 -30.57 108.50 106.86
CA LYS DA 122 -31.18 107.28 106.35
C LYS DA 122 -30.56 106.88 105.02
N GLU DA 123 -30.14 107.86 104.21
CA GLU DA 123 -29.44 107.54 102.98
C GLU DA 123 -28.00 107.15 103.22
N ALA DA 124 -27.43 107.53 104.37
CA ALA DA 124 -26.03 107.24 104.62
C ALA DA 124 -25.83 105.85 105.17
N GLU DA 125 -26.59 105.46 106.19
CA GLU DA 125 -26.42 104.13 106.74
C GLU DA 125 -27.24 103.08 106.01
N GLY DA 126 -27.94 103.47 104.96
CA GLY DA 126 -28.70 102.51 104.18
C GLY DA 126 -27.88 101.65 103.24
N CYS DA 127 -26.55 101.77 103.29
CA CYS DA 127 -25.71 101.00 102.38
C CYS DA 127 -24.60 100.28 103.11
N ASP DA 128 -23.66 99.71 102.35
CA ASP DA 128 -22.60 98.89 102.92
C ASP DA 128 -21.62 99.71 103.75
N CYS DA 129 -20.92 100.63 103.10
CA CYS DA 129 -19.86 101.40 103.73
C CYS DA 129 -19.71 102.70 102.96
N LEU DA 130 -19.85 103.82 103.65
CA LEU DA 130 -19.95 105.12 103.01
C LEU DA 130 -18.57 105.70 102.78
N GLN DA 131 -18.40 106.38 101.65
CA GLN DA 131 -17.19 107.13 101.36
C GLN DA 131 -17.30 108.58 101.77
N GLY DA 132 -18.42 109.23 101.51
CA GLY DA 132 -18.56 110.61 101.94
C GLY DA 132 -19.77 111.28 101.31
N PHE DA 133 -19.67 112.60 101.21
CA PHE DA 133 -20.77 113.44 100.78
C PHE DA 133 -20.25 114.47 99.79
N GLN DA 134 -21.13 114.97 98.94
CA GLN DA 134 -20.83 116.14 98.12
C GLN DA 134 -21.94 117.16 98.30
N ILE DA 135 -21.56 118.41 98.59
CA ILE DA 135 -22.50 119.46 98.96
C ILE DA 135 -22.26 120.64 98.04
N THR DA 136 -23.29 121.02 97.30
CA THR DA 136 -23.20 122.12 96.34
C THR DA 136 -24.00 123.30 96.86
N HIS DA 137 -23.38 124.48 96.90
CA HIS DA 137 -24.05 125.66 97.42
C HIS DA 137 -23.32 126.90 96.95
N SER DA 138 -23.86 128.05 97.33
CA SER DA 138 -23.25 129.35 97.10
C SER DA 138 -22.85 129.97 98.42
N LEU DA 139 -21.85 130.85 98.38
CA LEU DA 139 -21.35 131.45 99.60
C LEU DA 139 -21.55 132.96 99.60
N GLY DA 140 -22.69 133.39 99.09
CA GLY DA 140 -23.09 134.78 99.24
C GLY DA 140 -24.48 134.94 99.81
N GLY DA 141 -25.30 133.90 99.66
CA GLY DA 141 -26.70 133.97 100.02
C GLY DA 141 -26.96 133.60 101.46
N GLY DA 142 -28.23 133.41 101.78
CA GLY DA 142 -28.62 133.08 103.12
C GLY DA 142 -28.64 131.61 103.43
N THR DA 143 -29.43 130.83 102.70
CA THR DA 143 -29.59 129.43 103.06
C THR DA 143 -28.47 128.55 102.53
N GLY DA 144 -27.83 128.94 101.44
CA GLY DA 144 -26.70 128.16 100.95
C GLY DA 144 -25.41 128.45 101.64
N SER DA 145 -25.32 129.57 102.34
CA SER DA 145 -24.10 129.95 103.03
C SER DA 145 -24.25 129.99 104.53
N GLY DA 146 -25.46 130.21 105.04
CA GLY DA 146 -25.68 130.15 106.46
C GLY DA 146 -26.00 128.77 106.96
N MET DA 147 -27.08 128.19 106.47
CA MET DA 147 -27.45 126.87 106.96
C MET DA 147 -27.03 125.78 106.00
N GLY DA 148 -26.37 126.14 104.91
CA GLY DA 148 -25.58 125.17 104.19
C GLY DA 148 -24.39 124.70 105.00
N THR DA 149 -23.69 125.64 105.64
CA THR DA 149 -22.49 125.29 106.39
C THR DA 149 -22.81 124.76 107.78
N LEU DA 150 -24.02 124.98 108.29
CA LEU DA 150 -24.42 124.29 109.51
C LEU DA 150 -24.71 122.83 109.22
N LEU DA 151 -25.22 122.54 108.03
CA LEU DA 151 -25.34 121.15 107.61
C LEU DA 151 -23.98 120.51 107.44
N ILE DA 152 -22.99 121.29 106.99
CA ILE DA 152 -21.63 120.79 106.91
C ILE DA 152 -21.09 120.50 108.31
N SER DA 153 -21.32 121.44 109.24
CA SER DA 153 -20.72 121.33 110.55
C SER DA 153 -21.33 120.20 111.35
N LYS DA 154 -22.61 119.94 111.15
CA LYS DA 154 -23.24 118.85 111.87
C LYS DA 154 -22.79 117.50 111.33
N VAL DA 155 -22.79 117.31 110.01
CA VAL DA 155 -22.56 115.98 109.45
C VAL DA 155 -21.10 115.55 109.67
N ARG DA 156 -20.20 116.52 109.85
CA ARG DA 156 -18.83 116.19 110.19
C ARG DA 156 -18.75 115.57 111.57
N GLU DA 157 -19.66 115.96 112.47
CA GLU DA 157 -19.61 115.45 113.82
C GLU DA 157 -20.00 113.97 113.89
N GLU DA 158 -21.11 113.58 113.26
CA GLU DA 158 -21.44 112.16 113.31
C GLU DA 158 -20.54 111.31 112.44
N TYR DA 159 -19.98 111.88 111.38
CA TYR DA 159 -19.15 111.15 110.43
C TYR DA 159 -17.82 111.87 110.31
N PRO DA 160 -16.91 111.68 111.26
CA PRO DA 160 -15.64 112.42 111.25
C PRO DA 160 -14.52 111.75 110.47
N ASP DA 161 -14.74 110.56 109.92
CA ASP DA 161 -13.70 109.85 109.20
C ASP DA 161 -14.04 109.67 107.72
N ARG DA 162 -15.15 110.23 107.27
CA ARG DA 162 -15.54 110.12 105.87
C ARG DA 162 -15.20 111.43 105.16
N ILE DA 163 -15.20 111.37 103.83
CA ILE DA 163 -14.79 112.52 103.05
C ILE DA 163 -15.94 113.52 102.98
N MET DA 164 -15.59 114.79 102.83
CA MET DA 164 -16.57 115.87 102.70
C MET DA 164 -16.03 116.74 101.56
N GLU DA 165 -16.82 116.92 100.51
CA GLU DA 165 -16.28 117.55 99.32
C GLU DA 165 -17.31 118.52 98.77
N THR DA 166 -17.12 119.80 99.06
CA THR DA 166 -18.13 120.81 98.83
C THR DA 166 -17.73 121.74 97.70
N PHE DA 167 -18.66 121.97 96.77
CA PHE DA 167 -18.48 122.97 95.71
C PHE DA 167 -19.18 124.24 96.14
N SER DA 168 -18.40 125.30 96.35
CA SER DA 168 -18.93 126.58 96.76
C SER DA 168 -18.54 127.62 95.73
N VAL DA 169 -19.52 128.37 95.25
CA VAL DA 169 -19.29 129.46 94.31
C VAL DA 169 -19.19 130.76 95.10
N PHE DA 170 -18.24 131.59 94.73
CA PHE DA 170 -17.97 132.77 95.53
C PHE DA 170 -18.58 134.02 94.94
N PRO DA 171 -18.64 135.11 95.71
CA PRO DA 171 -18.93 136.41 95.13
C PRO DA 171 -17.91 136.81 94.08
N SER DA 172 -18.37 137.44 93.06
CA SER DA 172 -17.57 138.04 92.02
C SER DA 172 -17.21 139.47 92.40
N PRO DA 173 -16.05 139.96 91.99
CA PRO DA 173 -15.66 141.33 92.37
C PRO DA 173 -16.47 142.43 91.68
N LYS DA 174 -16.60 142.37 90.35
CA LYS DA 174 -17.11 143.52 89.63
C LYS DA 174 -18.61 143.73 89.80
N VAL DA 175 -19.39 142.65 89.90
CA VAL DA 175 -20.83 142.75 90.04
C VAL DA 175 -21.23 141.95 91.27
N SER DA 176 -21.78 142.63 92.25
CA SER DA 176 -22.08 142.03 93.55
C SER DA 176 -23.59 142.03 93.76
N ASP DA 177 -24.25 140.99 93.22
CA ASP DA 177 -25.63 140.75 93.61
C ASP DA 177 -25.64 140.20 95.03
N THR DA 178 -26.80 140.32 95.68
CA THR DA 178 -26.99 140.00 97.11
C THR DA 178 -26.04 140.86 97.96
N VAL DA 179 -26.43 142.13 98.07
CA VAL DA 179 -25.64 143.27 98.58
C VAL DA 179 -24.78 142.95 99.80
N VAL DA 180 -25.28 142.12 100.71
CA VAL DA 180 -24.44 141.65 101.82
C VAL DA 180 -23.72 140.38 101.33
N GLU DA 181 -22.71 140.61 100.50
CA GLU DA 181 -21.84 139.53 100.08
C GLU DA 181 -20.77 139.21 101.12
N PRO DA 182 -19.94 140.16 101.59
CA PRO DA 182 -18.79 139.74 102.40
C PRO DA 182 -19.16 139.31 103.80
N TYR DA 183 -20.29 139.76 104.34
CA TYR DA 183 -20.71 139.29 105.65
C TYR DA 183 -21.11 137.84 105.57
N ASN DA 184 -21.68 137.42 104.45
CA ASN DA 184 -22.07 136.03 104.29
C ASN DA 184 -20.85 135.15 104.00
N ALA DA 185 -19.88 135.65 103.25
CA ALA DA 185 -18.75 134.81 102.86
C ALA DA 185 -17.78 134.60 104.02
N THR DA 186 -17.39 135.68 104.69
CA THR DA 186 -16.43 135.57 105.79
C THR DA 186 -16.99 134.79 106.95
N LEU DA 187 -18.29 134.92 107.21
CA LEU DA 187 -18.94 134.05 108.18
C LEU DA 187 -18.97 132.61 107.72
N SER DA 188 -19.11 132.37 106.43
CA SER DA 188 -19.17 131.00 105.96
C SER DA 188 -17.79 130.35 106.01
N VAL DA 189 -16.77 131.07 105.59
CA VAL DA 189 -15.46 130.46 105.33
C VAL DA 189 -14.82 129.96 106.62
N HIS DA 190 -14.89 130.74 107.72
CA HIS DA 190 -14.15 130.29 108.89
C HIS DA 190 -14.81 129.10 109.54
N GLN DA 191 -16.07 128.87 109.21
CA GLN DA 191 -16.81 127.76 109.74
C GLN DA 191 -16.91 126.65 108.72
N LEU DA 192 -16.35 126.87 107.52
CA LEU DA 192 -16.26 125.88 106.45
C LEU DA 192 -14.82 125.49 106.14
N VAL DA 193 -13.84 126.28 106.58
CA VAL DA 193 -12.46 125.83 106.50
C VAL DA 193 -12.19 124.77 107.55
N GLU DA 194 -12.98 124.74 108.62
CA GLU DA 194 -12.77 123.83 109.73
C GLU DA 194 -13.73 122.67 109.73
N ASN DA 195 -14.51 122.48 108.66
CA ASN DA 195 -15.44 121.35 108.62
C ASN DA 195 -15.54 120.67 107.27
N ALA DA 196 -14.68 120.95 106.30
CA ALA DA 196 -14.74 120.32 105.00
C ALA DA 196 -13.36 119.87 104.58
N ASP DA 197 -13.28 118.67 103.99
CA ASP DA 197 -11.98 118.10 103.66
C ASP DA 197 -11.38 118.78 102.43
N GLU DA 198 -12.16 118.94 101.37
CA GLU DA 198 -11.69 119.75 100.25
C GLU DA 198 -12.84 120.63 99.77
N VAL DA 199 -12.51 121.87 99.42
CA VAL DA 199 -13.50 122.86 99.00
C VAL DA 199 -13.09 123.37 97.64
N GLN DA 200 -14.00 123.31 96.68
CA GLN DA 200 -13.73 123.78 95.33
C GLN DA 200 -14.34 125.16 95.16
N VAL DA 201 -13.57 126.08 94.60
CA VAL DA 201 -13.99 127.48 94.48
C VAL DA 201 -14.35 127.77 93.04
N ILE DA 202 -15.49 128.41 92.84
CA ILE DA 202 -16.02 128.79 91.54
C ILE DA 202 -16.38 130.27 91.61
N ASP DA 203 -16.19 130.99 90.52
CA ASP DA 203 -16.56 132.40 90.44
C ASP DA 203 -17.51 132.61 89.27
N ASN DA 204 -18.58 133.36 89.50
CA ASN DA 204 -19.52 133.64 88.42
C ASN DA 204 -18.90 134.56 87.37
N GLU DA 205 -18.00 135.46 87.77
CA GLU DA 205 -17.34 136.29 86.77
C GLU DA 205 -16.41 135.46 85.90
N ALA DA 206 -15.64 134.55 86.51
CA ALA DA 206 -14.71 133.74 85.74
C ALA DA 206 -15.45 132.76 84.84
N LEU DA 207 -16.65 132.35 85.22
CA LEU DA 207 -17.45 131.52 84.34
C LEU DA 207 -17.91 132.28 83.12
N TYR DA 208 -18.25 133.56 83.28
CA TYR DA 208 -18.69 134.35 82.14
C TYR DA 208 -17.53 134.62 81.19
N ASP DA 209 -16.32 134.81 81.73
CA ASP DA 209 -15.18 135.10 80.89
C ASP DA 209 -14.77 133.88 80.06
N ILE DA 210 -14.93 132.69 80.63
CA ILE DA 210 -14.76 131.46 79.84
C ILE DA 210 -15.79 131.42 78.72
N CYS DA 211 -17.03 131.77 79.05
CA CYS DA 211 -18.10 131.76 78.05
C CYS DA 211 -17.94 132.86 77.03
N PHE DA 212 -17.18 133.91 77.31
CA PHE DA 212 -17.07 135.02 76.39
C PHE DA 212 -15.74 135.11 75.66
N ARG DA 213 -14.74 134.34 76.06
CA ARG DA 213 -13.44 134.37 75.41
C ARG DA 213 -13.07 133.06 74.75
N THR DA 214 -13.57 131.93 75.23
CA THR DA 214 -13.26 130.63 74.67
C THR DA 214 -14.44 129.98 73.98
N LEU DA 215 -15.57 129.83 74.67
CA LEU DA 215 -16.71 129.16 74.05
C LEU DA 215 -17.46 130.04 73.07
N LYS DA 216 -17.26 131.36 73.10
CA LYS DA 216 -17.91 132.31 72.20
C LYS DA 216 -19.42 132.20 72.24
N LEU DA 217 -19.99 131.88 73.40
CA LEU DA 217 -21.42 131.69 73.51
C LEU DA 217 -22.12 133.05 73.46
N THR DA 218 -23.14 133.15 72.60
CA THR DA 218 -23.81 134.43 72.42
C THR DA 218 -24.73 134.74 73.59
N THR DA 219 -25.48 133.76 74.06
CA THR DA 219 -26.49 133.96 75.10
C THR DA 219 -26.27 132.99 76.26
N PRO DA 220 -25.34 133.31 77.15
CA PRO DA 220 -25.03 132.40 78.27
C PRO DA 220 -26.06 132.53 79.39
N THR DA 221 -26.96 131.56 79.47
CA THR DA 221 -27.94 131.48 80.55
C THR DA 221 -27.45 130.54 81.64
N TYR DA 222 -28.15 130.56 82.78
CA TYR DA 222 -27.72 129.74 83.91
C TYR DA 222 -27.79 128.25 83.64
N GLY DA 223 -28.55 127.84 82.63
CA GLY DA 223 -28.45 126.46 82.19
C GLY DA 223 -27.06 126.15 81.65
N ASP DA 224 -26.52 127.07 80.87
CA ASP DA 224 -25.23 126.83 80.23
C ASP DA 224 -24.09 126.96 81.22
N LEU DA 225 -24.19 127.91 82.14
CA LEU DA 225 -23.07 128.15 83.04
C LEU DA 225 -22.91 127.02 84.05
N ASN DA 226 -24.04 126.51 84.56
CA ASN DA 226 -23.98 125.36 85.45
C ASN DA 226 -23.50 124.11 84.73
N HIS DA 227 -23.77 124.01 83.43
CA HIS DA 227 -23.32 122.86 82.64
C HIS DA 227 -21.81 122.81 82.59
N LEU DA 228 -21.15 123.97 82.61
CA LEU DA 228 -19.70 123.99 82.68
C LEU DA 228 -19.22 123.53 84.05
N VAL DA 229 -19.89 123.99 85.11
CA VAL DA 229 -19.51 123.56 86.44
C VAL DA 229 -19.84 122.10 86.64
N SER DA 230 -20.95 121.66 86.06
CA SER DA 230 -21.38 120.29 86.21
C SER DA 230 -20.44 119.30 85.55
N ALA DA 231 -19.75 119.71 84.49
CA ALA DA 231 -18.74 118.85 83.89
C ALA DA 231 -17.56 118.69 84.83
N ALA DA 232 -17.23 119.73 85.58
CA ALA DA 232 -16.16 119.65 86.57
C ALA DA 232 -16.54 118.74 87.73
N MET DA 233 -17.84 118.68 88.07
CA MET DA 233 -18.30 117.77 89.10
C MET DA 233 -18.04 116.32 88.71
N SER DA 234 -18.38 115.96 87.47
CA SER DA 234 -18.30 114.57 87.06
C SER DA 234 -16.86 114.12 86.87
N GLY DA 235 -15.97 115.05 86.55
CA GLY DA 235 -14.58 114.70 86.38
C GLY DA 235 -13.89 114.28 87.66
N VAL DA 236 -14.24 114.90 88.78
CA VAL DA 236 -13.58 114.59 90.05
C VAL DA 236 -13.97 113.20 90.53
N THR DA 237 -15.23 112.84 90.35
CA THR DA 237 -15.71 111.50 90.67
C THR DA 237 -15.66 110.56 89.47
N CYS DA 238 -14.70 110.76 88.56
CA CYS DA 238 -14.63 109.94 87.36
C CYS DA 238 -14.26 108.50 87.68
N CYS DA 239 -13.09 108.32 88.28
CA CYS DA 239 -12.51 106.99 88.39
C CYS DA 239 -13.25 106.13 89.39
N LEU DA 240 -14.07 106.73 90.24
CA LEU DA 240 -14.92 105.94 91.12
C LEU DA 240 -15.94 105.14 90.32
N ARG DA 241 -16.51 105.72 89.28
CA ARG DA 241 -17.58 105.04 88.58
C ARG DA 241 -17.07 104.20 87.41
N PHE DA 242 -15.89 104.49 86.89
CA PHE DA 242 -15.42 103.81 85.70
C PHE DA 242 -14.00 103.31 85.91
N PRO DA 243 -13.63 102.20 85.28
CA PRO DA 243 -12.28 101.67 85.47
C PRO DA 243 -11.23 102.53 84.81
N GLY DA 244 -10.02 102.51 85.37
CA GLY DA 244 -8.95 103.33 84.86
C GLY DA 244 -7.63 102.58 84.87
N GLN DA 245 -6.73 103.04 84.00
CA GLN DA 245 -5.36 102.52 84.02
C GLN DA 245 -4.62 103.03 85.24
N LEU DA 246 -4.85 104.29 85.62
CA LEU DA 246 -4.33 104.84 86.85
C LEU DA 246 -5.51 105.33 87.68
N ASN DA 247 -5.61 104.84 88.90
CA ASN DA 247 -6.79 105.06 89.71
C ASN DA 247 -6.69 106.36 90.50
N SER DA 248 -7.83 106.98 90.74
CA SER DA 248 -7.86 108.24 91.48
C SER DA 248 -9.23 108.39 92.14
N ASP DA 249 -9.30 108.04 93.42
CA ASP DA 249 -10.51 108.21 94.20
C ASP DA 249 -10.54 109.62 94.79
N LEU DA 250 -11.54 109.89 95.62
CA LEU DA 250 -11.61 111.21 96.25
C LEU DA 250 -10.51 111.38 97.30
N ARG DA 251 -10.22 110.34 98.07
CA ARG DA 251 -9.19 110.49 99.09
C ARG DA 251 -7.81 110.45 98.47
N LYS DA 252 -7.70 109.96 97.24
CA LYS DA 252 -6.48 110.12 96.47
C LYS DA 252 -6.19 111.60 96.22
N LEU DA 253 -7.22 112.37 95.89
CA LEU DA 253 -7.03 113.80 95.70
C LEU DA 253 -6.72 114.51 97.01
N ALA DA 254 -7.38 114.09 98.10
CA ALA DA 254 -7.21 114.77 99.38
C ALA DA 254 -5.79 114.64 99.90
N VAL DA 255 -5.19 113.47 99.74
CA VAL DA 255 -3.86 113.24 100.30
C VAL DA 255 -2.83 114.04 99.51
N ASN DA 256 -2.84 113.91 98.18
CA ASN DA 256 -1.76 114.46 97.39
C ASN DA 256 -1.85 115.96 97.20
N LEU DA 257 -3.02 116.56 97.38
CA LEU DA 257 -3.16 117.97 97.11
C LEU DA 257 -2.79 118.81 98.32
N ILE DA 258 -3.45 118.57 99.45
CA ILE DA 258 -3.39 119.40 100.65
C ILE DA 258 -2.09 119.21 101.39
N PRO DA 259 -1.17 120.15 101.38
CA PRO DA 259 0.07 119.96 102.12
C PRO DA 259 -0.11 120.11 103.63
N PHE DA 260 -0.75 121.20 104.05
CA PHE DA 260 -0.94 121.61 105.43
C PHE DA 260 -2.43 121.74 105.71
N PRO DA 261 -2.91 121.36 106.90
CA PRO DA 261 -4.32 120.97 107.04
C PRO DA 261 -5.33 122.10 106.86
N ARG DA 262 -4.92 123.36 107.00
CA ARG DA 262 -5.88 124.45 106.88
C ARG DA 262 -6.33 124.66 105.45
N LEU DA 263 -5.38 124.68 104.52
CA LEU DA 263 -5.63 125.21 103.19
C LEU DA 263 -6.09 124.09 102.27
N HIS DA 264 -7.37 124.09 101.93
CA HIS DA 264 -7.91 123.12 100.98
C HIS DA 264 -8.91 123.77 100.06
N PHE DA 265 -8.59 124.95 99.53
CA PHE DA 265 -9.45 125.63 98.58
C PHE DA 265 -8.87 125.45 97.19
N PHE DA 266 -9.63 124.81 96.31
CA PHE DA 266 -9.10 124.27 95.08
C PHE DA 266 -9.70 124.96 93.87
N LEU DA 267 -8.85 125.45 92.98
CA LEU DA 267 -9.29 125.95 91.69
C LEU DA 267 -9.53 124.81 90.73
N ILE DA 268 -10.49 124.98 89.82
CA ILE DA 268 -10.84 123.94 88.85
C ILE DA 268 -10.77 124.55 87.46
N GLY DA 269 -10.41 123.73 86.47
CA GLY DA 269 -10.67 124.06 85.09
C GLY DA 269 -11.29 122.86 84.40
N PHE DA 270 -11.40 122.95 83.08
CA PHE DA 270 -11.85 121.83 82.27
C PHE DA 270 -11.34 122.02 80.85
N ALA DA 271 -10.97 120.92 80.20
CA ALA DA 271 -10.52 120.97 78.82
C ALA DA 271 -10.85 119.63 78.19
N PRO DA 272 -11.19 119.59 76.89
CA PRO DA 272 -11.26 120.65 75.89
C PRO DA 272 -12.52 121.49 75.99
N LEU DA 273 -12.37 122.75 75.58
CA LEU DA 273 -13.49 123.66 75.41
C LEU DA 273 -13.26 124.36 74.08
N THR DA 274 -14.13 124.11 73.13
CA THR DA 274 -14.00 124.64 71.79
C THR DA 274 -15.20 125.49 71.45
N SER DA 275 -14.95 126.65 70.85
CA SER DA 275 -16.03 127.38 70.21
C SER DA 275 -16.56 126.55 69.05
N ARG DA 276 -17.84 126.75 68.74
CA ARG DA 276 -18.54 125.83 67.85
C ARG DA 276 -17.94 125.83 66.45
N GLY DA 277 -17.40 126.97 66.02
CA GLY DA 277 -16.72 127.00 64.73
C GLY DA 277 -15.43 126.22 64.72
N SER DA 278 -14.66 126.30 65.79
CA SER DA 278 -13.30 125.76 65.79
C SER DA 278 -13.23 124.26 66.02
N GLN DA 279 -14.36 123.60 66.25
CA GLN DA 279 -14.31 122.20 66.66
C GLN DA 279 -13.88 121.30 65.49
N GLN DA 280 -14.13 121.72 64.26
CA GLN DA 280 -13.60 121.00 63.11
C GLN DA 280 -12.13 121.26 62.89
N TYR DA 281 -11.65 122.42 63.28
CA TYR DA 281 -10.27 122.83 63.03
C TYR DA 281 -9.31 122.44 64.12
N ARG DA 282 -9.79 121.95 65.25
CA ARG DA 282 -8.93 121.79 66.42
C ARG DA 282 -8.36 120.40 66.48
N ALA DA 283 -7.04 120.32 66.60
CA ALA DA 283 -6.38 119.05 66.89
C ALA DA 283 -6.63 118.72 68.35
N LEU DA 284 -7.05 117.49 68.60
CA LEU DA 284 -7.39 117.05 69.94
C LEU DA 284 -6.35 116.02 70.34
N SER DA 285 -5.33 116.47 71.07
CA SER DA 285 -4.25 115.59 71.48
C SER DA 285 -3.86 115.97 72.90
N VAL DA 286 -3.10 115.07 73.52
CA VAL DA 286 -2.62 115.32 74.88
C VAL DA 286 -1.71 116.53 74.99
N PRO DA 287 -0.75 116.78 74.09
CA PRO DA 287 0.03 118.02 74.21
C PRO DA 287 -0.76 119.30 74.18
N GLU DA 288 -1.77 119.42 73.32
CA GLU DA 288 -2.51 120.68 73.31
C GLU DA 288 -3.45 120.75 74.50
N LEU DA 289 -3.88 119.60 75.01
CA LEU DA 289 -4.87 119.58 76.08
C LEU DA 289 -4.26 120.00 77.41
N THR DA 290 -2.95 119.80 77.57
CA THR DA 290 -2.28 120.34 78.74
C THR DA 290 -2.01 121.82 78.59
N GLN DA 291 -1.92 122.32 77.36
CA GLN DA 291 -1.75 123.75 77.16
C GLN DA 291 -3.03 124.51 77.54
N GLN DA 292 -4.18 123.97 77.20
CA GLN DA 292 -5.43 124.63 77.55
C GLN DA 292 -5.73 124.46 79.03
N MET DA 293 -5.13 123.46 79.66
CA MET DA 293 -5.24 123.29 81.11
C MET DA 293 -4.63 124.49 81.83
N PHE DA 294 -3.33 124.71 81.64
CA PHE DA 294 -2.60 125.77 82.32
C PHE DA 294 -2.81 127.08 81.58
N ASP DA 295 -4.05 127.52 81.57
CA ASP DA 295 -4.42 128.78 80.94
C ASP DA 295 -5.22 129.56 81.96
N ALA DA 296 -4.85 130.82 82.16
CA ALA DA 296 -5.58 131.64 83.12
C ALA DA 296 -7.00 131.90 82.66
N LYS DA 297 -7.25 131.89 81.35
CA LYS DA 297 -8.59 132.11 80.84
C LYS DA 297 -9.47 130.89 80.98
N ASN DA 298 -8.93 129.75 81.41
CA ASN DA 298 -9.70 128.55 81.62
C ASN DA 298 -10.03 128.29 83.08
N MET DA 299 -9.31 128.92 84.00
CA MET DA 299 -9.46 128.60 85.40
C MET DA 299 -10.75 129.22 85.91
N MET DA 300 -11.54 128.43 86.63
CA MET DA 300 -12.93 128.74 86.87
C MET DA 300 -13.16 129.64 88.06
N CYS DA 301 -12.14 130.35 88.53
CA CYS DA 301 -12.31 131.16 89.73
C CYS DA 301 -11.22 132.22 89.72
N ALA DA 302 -11.63 133.49 89.55
CA ALA DA 302 -10.80 134.50 88.90
C ALA DA 302 -9.68 135.02 89.80
N SER DA 303 -8.81 134.11 90.22
CA SER DA 303 -7.52 134.45 90.79
C SER DA 303 -6.49 134.07 89.76
N ASP DA 304 -5.65 135.02 89.38
CA ASP DA 304 -4.68 134.82 88.33
C ASP DA 304 -3.65 133.79 88.76
N PRO DA 305 -3.56 132.64 88.08
CA PRO DA 305 -2.62 131.59 88.53
C PRO DA 305 -1.17 132.02 88.49
N ARG DA 306 -0.81 132.92 87.59
CA ARG DA 306 0.57 133.37 87.47
C ARG DA 306 0.88 134.56 88.35
N HIS DA 307 -0.07 135.01 89.16
CA HIS DA 307 0.26 135.99 90.18
C HIS DA 307 0.95 135.34 91.37
N GLY DA 308 0.63 134.10 91.67
CA GLY DA 308 1.25 133.42 92.79
C GLY DA 308 2.06 132.23 92.34
N ARG DA 309 1.96 131.12 93.06
CA ARG DA 309 2.62 129.89 92.69
C ARG DA 309 1.64 128.74 92.78
N TYR DA 310 1.95 127.66 92.09
CA TYR DA 310 1.17 126.43 92.19
C TYR DA 310 1.78 125.55 93.27
N LEU DA 311 1.06 125.40 94.37
CA LEU DA 311 1.59 124.65 95.47
C LEU DA 311 1.55 123.15 95.18
N THR DA 312 0.40 122.65 94.74
CA THR DA 312 0.26 121.35 94.11
C THR DA 312 -0.73 121.48 92.97
N ALA DA 313 -0.68 120.52 92.06
CA ALA DA 313 -1.58 120.52 90.91
C ALA DA 313 -1.99 119.09 90.59
N SER DA 314 -3.11 118.94 89.91
CA SER DA 314 -3.63 117.62 89.61
C SER DA 314 -4.51 117.66 88.38
N ALA DA 315 -4.29 116.72 87.48
CA ALA DA 315 -5.06 116.64 86.24
C ALA DA 315 -5.58 115.23 86.10
N MET DA 316 -6.88 115.08 85.95
CA MET DA 316 -7.50 113.76 85.87
C MET DA 316 -8.05 113.59 84.47
N PHE DA 317 -7.31 112.86 83.66
CA PHE DA 317 -7.63 112.64 82.27
C PHE DA 317 -8.72 111.61 82.11
N ARG DA 318 -9.50 111.75 81.04
CA ARG DA 318 -10.50 110.77 80.66
C ARG DA 318 -10.31 110.43 79.19
N GLY DA 319 -10.43 109.15 78.86
CA GLY DA 319 -10.34 108.70 77.49
C GLY DA 319 -9.19 107.73 77.29
N ARG DA 320 -9.21 107.08 76.13
CA ARG DA 320 -8.16 106.14 75.74
C ARG DA 320 -6.94 106.94 75.31
N MET DA 321 -5.86 106.84 76.07
CA MET DA 321 -4.72 107.70 75.87
C MET DA 321 -3.51 107.10 76.57
N SER DA 322 -2.34 107.37 76.03
CA SER DA 322 -1.14 106.64 76.41
C SER DA 322 -0.45 107.32 77.58
N THR DA 323 0.11 106.53 78.48
CA THR DA 323 0.58 107.03 79.76
C THR DA 323 1.95 107.68 79.71
N LYS DA 324 2.72 107.50 78.64
CA LYS DA 324 3.97 108.27 78.54
C LYS DA 324 3.67 109.74 78.34
N GLU DA 325 2.75 110.06 77.44
CA GLU DA 325 2.40 111.44 77.20
C GLU DA 325 1.48 112.00 78.28
N VAL DA 326 0.95 111.16 79.16
CA VAL DA 326 0.41 111.69 80.41
C VAL DA 326 1.53 112.15 81.29
N ASP DA 327 2.60 111.35 81.38
CA ASP DA 327 3.66 111.56 82.35
C ASP DA 327 4.71 112.53 81.85
N GLU DA 328 5.04 112.45 80.56
CA GLU DA 328 6.07 113.33 80.03
C GLU DA 328 5.62 114.77 79.94
N GLN DA 329 4.34 115.02 79.71
CA GLN DA 329 3.91 116.40 79.63
C GLN DA 329 3.67 117.01 81.01
N MET DA 330 3.66 116.20 82.07
CA MET DA 330 3.75 116.80 83.39
C MET DA 330 5.18 117.22 83.69
N LEU DA 331 6.15 116.56 83.08
CA LEU DA 331 7.53 116.91 83.33
C LEU DA 331 7.91 118.21 82.66
N ASN DA 332 7.49 118.41 81.40
CA ASN DA 332 7.93 119.60 80.68
C ASN DA 332 7.22 120.85 81.18
N VAL DA 333 5.97 120.73 81.61
CA VAL DA 333 5.27 121.90 82.14
C VAL DA 333 5.91 122.35 83.45
N GLN DA 334 6.58 121.45 84.16
CA GLN DA 334 7.27 121.84 85.38
C GLN DA 334 8.64 122.43 85.07
N ASN DA 335 9.32 121.89 84.07
CA ASN DA 335 10.63 122.41 83.71
C ASN DA 335 10.53 123.74 82.97
N LYS DA 336 9.49 123.92 82.16
CA LYS DA 336 9.38 125.16 81.40
C LYS DA 336 8.88 126.30 82.30
N ASN DA 337 7.69 126.16 82.85
CA ASN DA 337 7.20 127.15 83.80
C ASN DA 337 7.86 126.85 85.14
N SER DA 338 9.02 127.43 85.37
CA SER DA 338 9.74 127.18 86.60
C SER DA 338 9.38 128.16 87.70
N SER DA 339 9.06 129.40 87.35
CA SER DA 339 8.74 130.39 88.37
C SER DA 339 7.31 130.29 88.87
N TYR DA 340 6.47 129.49 88.23
CA TYR DA 340 5.07 129.37 88.60
C TYR DA 340 4.81 128.23 89.57
N PHE DA 341 5.83 127.47 89.93
CA PHE DA 341 5.66 126.30 90.77
C PHE DA 341 6.53 126.42 92.01
N VAL DA 342 6.09 125.79 93.08
CA VAL DA 342 6.80 125.88 94.35
C VAL DA 342 8.02 124.98 94.29
N GLU DA 343 9.12 125.44 94.87
CA GLU DA 343 10.41 124.79 94.66
C GLU DA 343 10.69 123.66 95.64
N TRP DA 344 10.09 123.68 96.83
CA TRP DA 344 10.35 122.63 97.81
C TRP DA 344 9.37 121.47 97.68
N ILE DA 345 8.74 121.31 96.54
CA ILE DA 345 7.98 120.12 96.20
C ILE DA 345 8.50 119.60 94.87
N PRO DA 346 9.34 118.58 94.88
CA PRO DA 346 9.71 117.93 93.62
C PRO DA 346 8.52 117.20 93.04
N ASN DA 347 8.34 117.35 91.73
CA ASN DA 347 7.18 116.84 91.00
C ASN DA 347 5.87 117.29 91.64
N ASN DA 348 5.62 118.59 91.51
CA ASN DA 348 4.47 119.25 92.10
C ASN DA 348 3.12 118.72 91.65
N MET DA 349 3.09 117.84 90.66
CA MET DA 349 1.84 117.58 89.96
C MET DA 349 1.54 116.09 89.94
N LYS DA 350 0.27 115.77 90.15
CA LYS DA 350 -0.25 114.41 90.18
C LYS DA 350 -1.14 114.18 88.96
N SER DA 351 -1.09 112.98 88.39
CA SER DA 351 -1.85 112.68 87.20
C SER DA 351 -2.54 111.33 87.32
N SER DA 352 -3.63 111.16 86.58
CA SER DA 352 -4.35 109.89 86.53
C SER DA 352 -5.17 109.84 85.25
N VAL DA 353 -5.61 108.63 84.90
CA VAL DA 353 -6.29 108.38 83.64
C VAL DA 353 -7.51 107.49 83.90
N CYS DA 354 -8.68 107.97 83.51
CA CYS DA 354 -9.86 107.14 83.36
C CYS DA 354 -9.95 106.62 81.93
N ASP DA 355 -10.49 105.43 81.76
CA ASP DA 355 -10.63 104.91 80.41
C ASP DA 355 -11.85 105.50 79.71
N ILE DA 356 -12.93 105.70 80.46
CA ILE DA 356 -14.20 106.12 79.87
C ILE DA 356 -14.23 107.63 79.72
N PRO DA 357 -14.39 108.15 78.51
CA PRO DA 357 -14.39 109.58 78.30
C PRO DA 357 -15.79 110.14 78.48
N PRO DA 358 -15.95 111.46 78.57
CA PRO DA 358 -17.29 112.04 78.49
C PRO DA 358 -17.86 111.85 77.10
N LYS DA 359 -19.18 111.83 77.03
CA LYS DA 359 -19.86 111.37 75.83
C LYS DA 359 -19.64 112.37 74.69
N GLY DA 360 -19.09 111.88 73.59
CA GLY DA 360 -18.86 112.67 72.40
C GLY DA 360 -17.44 113.18 72.23
N LEU DA 361 -16.66 113.23 73.30
CA LEU DA 361 -15.28 113.68 73.25
C LEU DA 361 -14.37 112.50 73.47
N LYS DA 362 -13.28 112.43 72.70
CA LYS DA 362 -12.37 111.30 72.85
C LYS DA 362 -11.49 111.44 74.08
N MET DA 363 -11.06 112.66 74.39
CA MET DA 363 -10.23 112.91 75.55
C MET DA 363 -10.73 114.14 76.27
N SER DA 364 -10.53 114.18 77.58
CA SER DA 364 -10.91 115.34 78.36
C SER DA 364 -10.09 115.38 79.63
N VAL DA 365 -10.00 116.56 80.22
CA VAL DA 365 -9.25 116.77 81.45
C VAL DA 365 -10.12 117.56 82.41
N THR DA 366 -10.20 117.11 83.65
CA THR DA 366 -10.51 117.99 84.75
C THR DA 366 -9.23 118.29 85.51
N PHE DA 367 -9.06 119.54 85.90
CA PHE DA 367 -7.83 120.00 86.51
C PHE DA 367 -8.15 120.61 87.87
N VAL DA 368 -7.60 120.06 88.94
CA VAL DA 368 -7.82 120.55 90.28
C VAL DA 368 -6.47 121.00 90.82
N GLY DA 369 -6.25 122.31 90.85
CA GLY DA 369 -4.98 122.83 91.27
C GLY DA 369 -5.06 123.69 92.51
N ASN DA 370 -4.11 123.52 93.41
CA ASN DA 370 -4.06 124.29 94.65
C ASN DA 370 -3.03 125.39 94.47
N SER DA 371 -3.50 126.59 94.20
CA SER DA 371 -2.64 127.73 93.92
C SER DA 371 -2.62 128.69 95.10
N THR DA 372 -1.45 129.21 95.42
CA THR DA 372 -1.35 130.20 96.47
C THR DA 372 -1.59 131.59 95.96
N ALA DA 373 -2.19 131.72 94.78
CA ALA DA 373 -2.66 133.00 94.30
C ALA DA 373 -4.12 133.25 94.65
N ILE DA 374 -4.74 132.37 95.42
CA ILE DA 374 -6.13 132.53 95.81
C ILE DA 374 -6.19 133.40 97.05
N GLN DA 375 -5.04 133.93 97.47
CA GLN DA 375 -5.04 134.92 98.52
C GLN DA 375 -5.63 136.24 98.06
N GLU DA 376 -5.72 136.47 96.75
CA GLU DA 376 -6.25 137.75 96.28
C GLU DA 376 -7.75 137.80 96.44
N MET DA 377 -8.43 136.65 96.44
CA MET DA 377 -9.85 136.65 96.75
C MET DA 377 -10.09 136.84 98.23
N PHE DA 378 -9.28 136.19 99.07
CA PHE DA 378 -9.48 136.31 100.50
C PHE DA 378 -9.08 137.69 101.01
N LYS DA 379 -8.18 138.39 100.32
CA LYS DA 379 -7.96 139.80 100.64
C LYS DA 379 -9.06 140.68 100.07
N ARG DA 380 -9.62 140.28 98.92
CA ARG DA 380 -10.76 140.99 98.36
C ARG DA 380 -11.96 140.93 99.29
N VAL DA 381 -12.27 139.75 99.81
CA VAL DA 381 -13.38 139.65 100.73
C VAL DA 381 -13.06 140.34 102.04
N SER DA 382 -11.80 140.30 102.48
CA SER DA 382 -11.45 140.86 103.78
C SER DA 382 -11.59 142.37 103.81
N ASP DA 383 -11.08 143.07 102.78
CA ASP DA 383 -11.18 144.52 102.82
C ASP DA 383 -12.59 145.01 102.54
N GLN DA 384 -13.39 144.23 101.82
CA GLN DA 384 -14.81 144.53 101.71
C GLN DA 384 -15.53 144.26 103.02
N PHE DA 385 -15.14 143.20 103.72
CA PHE DA 385 -15.70 142.93 105.04
C PHE DA 385 -15.30 144.00 106.05
N THR DA 386 -14.04 144.40 106.05
CA THR DA 386 -13.55 145.34 107.06
C THR DA 386 -14.11 146.74 106.82
N ALA DA 387 -14.30 147.12 105.57
CA ALA DA 387 -14.85 148.45 105.28
C ALA DA 387 -16.28 148.59 105.79
N MET DA 388 -17.10 147.56 105.60
CA MET DA 388 -18.48 147.63 106.06
C MET DA 388 -18.58 147.42 107.56
N PHE DA 389 -17.64 146.69 108.15
CA PHE DA 389 -17.71 146.41 109.58
C PHE DA 389 -17.25 147.59 110.43
N ARG DA 390 -16.45 148.49 109.89
CA ARG DA 390 -15.99 149.63 110.67
C ARG DA 390 -17.16 150.56 111.01
N ARG DA 391 -18.02 150.82 110.03
CA ARG DA 391 -19.24 151.58 110.22
C ARG DA 391 -20.35 150.76 110.82
N LYS DA 392 -20.18 149.44 110.91
CA LYS DA 392 -21.18 148.50 111.40
C LYS DA 392 -22.47 148.57 110.59
N ALA DA 393 -22.32 148.67 109.27
CA ALA DA 393 -23.48 148.68 108.39
C ALA DA 393 -24.05 147.27 108.27
N PHE DA 394 -25.38 147.20 108.16
CA PHE DA 394 -26.17 145.99 107.95
C PHE DA 394 -26.06 144.99 109.09
N LEU DA 395 -25.51 145.38 110.24
CA LEU DA 395 -25.34 144.46 111.34
C LEU DA 395 -26.62 144.20 112.10
N HIS DA 396 -27.59 145.12 112.03
CA HIS DA 396 -28.81 144.96 112.79
C HIS DA 396 -29.65 143.81 112.25
N TRP DA 397 -29.55 143.53 110.95
CA TRP DA 397 -30.18 142.33 110.39
C TRP DA 397 -29.52 141.07 110.91
N TYR DA 398 -28.27 141.15 111.36
CA TYR DA 398 -27.49 140.05 111.91
C TYR DA 398 -27.46 140.05 113.43
N THR DA 399 -26.98 141.13 114.04
CA THR DA 399 -26.80 141.17 115.49
C THR DA 399 -28.11 141.20 116.26
N GLY DA 400 -29.22 141.44 115.58
CA GLY DA 400 -30.53 141.30 116.17
C GLY DA 400 -31.07 139.91 116.14
N GLU DA 401 -30.22 138.92 115.87
CA GLU DA 401 -30.63 137.53 115.78
C GLU DA 401 -29.66 136.60 116.47
N GLY DA 402 -29.11 137.02 117.60
CA GLY DA 402 -28.39 136.14 118.49
C GLY DA 402 -26.88 136.16 118.34
N MET DA 403 -26.36 136.73 117.27
CA MET DA 403 -24.92 136.72 117.05
C MET DA 403 -24.27 137.85 117.82
N ASP DA 404 -23.23 137.52 118.58
CA ASP DA 404 -22.44 138.53 119.27
C ASP DA 404 -21.61 139.29 118.25
N GLU DA 405 -21.20 140.50 118.63
CA GLU DA 405 -20.27 141.27 117.82
C GLU DA 405 -18.93 140.57 117.68
N MET DA 406 -18.55 139.73 118.66
CA MET DA 406 -17.26 139.06 118.63
C MET DA 406 -17.17 138.01 117.54
N GLU DA 407 -18.29 137.40 117.15
CA GLU DA 407 -18.25 136.34 116.14
C GLU DA 407 -17.80 136.86 114.79
N PHE DA 408 -18.15 138.10 114.46
CA PHE DA 408 -17.63 138.68 113.23
C PHE DA 408 -16.14 138.99 113.34
N THR DA 409 -15.69 139.41 114.53
CA THR DA 409 -14.27 139.63 114.74
C THR DA 409 -13.49 138.33 114.65
N GLU DA 410 -14.06 137.26 115.22
CA GLU DA 410 -13.45 135.94 115.08
C GLU DA 410 -13.48 135.47 113.63
N ALA DA 411 -14.51 135.87 112.90
CA ALA DA 411 -14.55 135.56 111.47
C ALA DA 411 -13.47 136.30 110.71
N GLU DA 412 -13.21 137.55 111.08
CA GLU DA 412 -12.23 138.34 110.34
C GLU DA 412 -10.81 137.85 110.59
N SER DA 413 -10.52 137.46 111.83
CA SER DA 413 -9.17 137.00 112.16
C SER DA 413 -8.85 135.70 111.47
N ASN DA 414 -9.80 134.76 111.46
CA ASN DA 414 -9.53 133.44 110.90
C ASN DA 414 -9.36 133.52 109.39
N MET DA 415 -10.13 134.40 108.74
CA MET DA 415 -9.92 134.63 107.32
C MET DA 415 -8.56 135.29 107.05
N ASN DA 416 -8.18 136.27 107.87
CA ASN DA 416 -6.92 136.96 107.64
C ASN DA 416 -5.72 136.08 107.97
N ASP DA 417 -5.87 135.17 108.93
CA ASP DA 417 -4.80 134.22 109.20
C ASP DA 417 -4.61 133.27 108.04
N LEU DA 418 -5.68 132.97 107.31
CA LEU DA 418 -5.56 132.09 106.16
C LEU DA 418 -4.85 132.80 105.01
N VAL DA 419 -4.97 134.13 104.96
CA VAL DA 419 -4.26 134.88 103.92
C VAL DA 419 -2.76 134.82 104.15
N SER DA 420 -2.33 135.09 105.37
CA SER DA 420 -0.90 135.15 105.64
C SER DA 420 -0.27 133.78 105.67
N GLU DA 421 -1.08 132.73 105.85
CA GLU DA 421 -0.59 131.38 105.66
C GLU DA 421 -0.20 131.15 104.22
N TYR DA 422 -0.97 131.70 103.29
CA TYR DA 422 -0.63 131.61 101.88
C TYR DA 422 0.57 132.48 101.54
N GLN DA 423 0.63 133.69 102.08
CA GLN DA 423 1.70 134.62 101.71
C GLN DA 423 3.02 134.22 102.35
N GLN DA 424 3.01 133.40 103.38
CA GLN DA 424 4.28 132.88 103.89
C GLN DA 424 4.82 131.75 103.03
N TYR DA 425 4.07 131.29 102.04
CA TYR DA 425 4.47 130.18 101.19
C TYR DA 425 4.42 130.58 99.73
N GLN DA 426 4.99 131.73 99.40
CA GLN DA 426 5.13 132.11 98.00
C GLN DA 426 6.39 131.47 97.41
N MET EA 1 89.96 28.21 50.67
CA MET EA 1 91.33 27.99 50.24
C MET EA 1 91.96 29.31 49.89
N ARG EA 2 92.69 29.36 48.78
CA ARG EA 2 93.25 30.61 48.31
C ARG EA 2 92.17 31.44 47.62
N GLU EA 3 92.27 32.76 47.78
CA GLU EA 3 91.14 33.62 47.50
C GLU EA 3 91.63 35.05 47.36
N VAL EA 4 90.77 35.88 46.78
CA VAL EA 4 91.02 37.31 46.66
C VAL EA 4 89.70 38.07 46.73
N ILE EA 5 89.58 38.91 47.72
CA ILE EA 5 88.36 39.67 48.00
C ILE EA 5 88.32 40.87 47.08
N SER EA 6 87.13 41.25 46.65
CA SER EA 6 86.96 42.46 45.85
C SER EA 6 86.27 43.50 46.71
N ILE EA 7 86.78 44.72 46.67
CA ILE EA 7 86.20 45.83 47.42
C ILE EA 7 85.91 46.94 46.44
N HIS EA 8 84.63 47.24 46.26
CA HIS EA 8 84.22 48.30 45.36
C HIS EA 8 83.69 49.46 46.18
N VAL EA 9 84.26 50.64 45.98
CA VAL EA 9 83.86 51.81 46.74
C VAL EA 9 83.54 52.91 45.74
N GLY EA 10 82.50 53.66 46.02
CA GLY EA 10 82.05 54.68 45.10
C GLY EA 10 81.14 54.13 44.03
N GLN EA 11 80.48 55.05 43.34
CA GLN EA 11 79.57 54.65 42.28
C GLN EA 11 80.30 53.98 41.14
N ALA EA 12 81.43 54.53 40.75
CA ALA EA 12 82.22 53.89 39.71
C ALA EA 12 82.80 52.57 40.19
N GLY EA 13 82.94 52.41 41.50
CA GLY EA 13 83.27 51.11 42.03
C GLY EA 13 82.15 50.11 41.82
N ILE EA 14 80.91 50.54 42.05
CA ILE EA 14 79.77 49.64 41.92
C ILE EA 14 79.57 49.24 40.46
N GLN EA 15 79.60 50.23 39.57
CA GLN EA 15 79.25 49.97 38.18
C GLN EA 15 80.35 49.21 37.46
N ILE EA 16 81.61 49.43 37.84
CA ILE EA 16 82.68 48.56 37.34
C ILE EA 16 82.49 47.16 37.90
N GLY EA 17 82.10 47.08 39.17
CA GLY EA 17 81.92 45.78 39.80
C GLY EA 17 80.79 44.99 39.19
N ASN EA 18 79.76 45.66 38.67
CA ASN EA 18 78.69 44.96 38.00
C ASN EA 18 79.17 44.30 36.72
N ALA EA 19 80.09 44.96 36.02
CA ALA EA 19 80.63 44.37 34.80
C ALA EA 19 81.57 43.22 35.12
N CYS EA 20 82.39 43.39 36.16
CA CYS EA 20 83.33 42.34 36.52
C CYS EA 20 82.61 41.10 37.02
N TRP EA 21 81.45 41.28 37.65
CA TRP EA 21 80.82 40.12 38.29
C TRP EA 21 79.85 39.40 37.37
N GLU EA 22 79.28 40.05 36.36
CA GLU EA 22 78.53 39.24 35.41
C GLU EA 22 79.48 38.50 34.48
N LEU EA 23 80.72 39.00 34.35
CA LEU EA 23 81.68 38.28 33.53
C LEU EA 23 82.20 37.06 34.28
N PHE EA 24 82.44 37.20 35.57
CA PHE EA 24 82.96 36.08 36.34
C PHE EA 24 81.90 35.01 36.51
N CYS EA 25 80.64 35.42 36.67
CA CYS EA 25 79.55 34.45 36.74
C CYS EA 25 79.40 33.70 35.43
N LEU EA 26 79.52 34.42 34.32
CA LEU EA 26 79.35 33.79 33.02
C LEU EA 26 80.55 32.94 32.64
N GLU EA 27 81.73 33.30 33.13
CA GLU EA 27 82.93 32.56 32.80
C GLU EA 27 83.01 31.24 33.54
N HIS EA 28 82.45 31.15 34.74
CA HIS EA 28 82.43 29.89 35.45
C HIS EA 28 81.14 29.13 35.26
N GLY EA 29 80.08 29.81 34.86
CA GLY EA 29 78.83 29.14 34.62
C GLY EA 29 77.95 29.05 35.84
N ILE EA 30 77.66 30.18 36.48
CA ILE EA 30 76.71 30.20 37.57
C ILE EA 30 75.60 31.19 37.25
N GLN EA 31 74.39 30.80 37.59
CA GLN EA 31 73.18 31.53 37.22
C GLN EA 31 73.04 32.75 38.13
N PRO EA 32 72.14 33.68 37.79
CA PRO EA 32 71.97 34.86 38.66
C PRO EA 32 71.54 34.54 40.08
N ASP EA 33 70.82 33.46 40.32
CA ASP EA 33 70.48 33.10 41.68
C ASP EA 33 71.62 32.43 42.40
N GLY EA 34 72.71 32.15 41.71
CA GLY EA 34 73.94 31.73 42.35
C GLY EA 34 74.20 30.24 42.33
N GLN EA 35 73.26 29.44 41.82
CA GLN EA 35 73.44 28.00 41.80
C GLN EA 35 73.80 27.57 40.38
N MET EA 36 74.75 26.67 40.29
CA MET EA 36 75.39 26.23 39.05
C MET EA 36 74.78 24.92 38.58
N PRO EA 37 74.59 24.77 37.25
CA PRO EA 37 73.97 23.56 36.71
C PRO EA 37 74.98 22.55 36.19
N ASP EA 47 86.52 23.35 41.83
CA ASP EA 47 87.30 24.16 42.74
C ASP EA 47 88.17 25.15 41.97
N ALA EA 48 87.83 25.33 40.70
CA ALA EA 48 88.47 26.37 39.91
C ALA EA 48 87.87 27.74 40.19
N PHE EA 49 86.69 27.79 40.81
CA PHE EA 49 85.98 29.02 41.08
C PHE EA 49 86.23 29.55 42.48
N ASN EA 50 86.99 28.85 43.30
CA ASN EA 50 87.03 29.16 44.72
C ASN EA 50 87.84 30.40 45.04
N THR EA 51 88.56 30.95 44.07
CA THR EA 51 89.30 32.17 44.34
C THR EA 51 88.44 33.42 44.26
N PHE EA 52 87.16 33.27 43.92
CA PHE EA 52 86.24 34.39 43.96
C PHE EA 52 84.87 34.05 44.51
N PHE EA 53 84.50 32.78 44.63
CA PHE EA 53 83.15 32.38 45.02
C PHE EA 53 83.22 31.47 46.22
N SER EA 54 82.32 31.70 47.19
CA SER EA 54 82.30 30.89 48.39
C SER EA 54 81.45 29.65 48.16
N GLU EA 55 81.36 28.82 49.19
CA GLU EA 55 80.48 27.66 49.18
C GLU EA 55 79.45 27.84 50.28
N THR EA 56 78.18 27.80 49.91
CA THR EA 56 77.09 28.01 50.87
C THR EA 56 76.05 26.93 50.61
N GLY EA 57 76.19 25.80 51.29
CA GLY EA 57 75.18 24.78 51.21
C GLY EA 57 75.21 23.98 49.93
N ALA EA 58 74.03 23.67 49.41
CA ALA EA 58 73.89 22.68 48.34
C ALA EA 58 74.00 23.38 46.99
N GLY EA 59 75.14 23.20 46.33
CA GLY EA 59 75.34 23.64 44.96
C GLY EA 59 75.18 25.13 44.77
N LYS EA 60 75.88 25.94 45.54
CA LYS EA 60 75.57 27.36 45.60
C LYS EA 60 76.83 28.17 45.89
N HIS EA 61 76.94 29.33 45.25
CA HIS EA 61 78.12 30.18 45.42
C HIS EA 61 77.71 31.63 45.62
N VAL EA 62 78.37 32.30 46.56
CA VAL EA 62 78.14 33.72 46.82
C VAL EA 62 79.49 34.41 46.70
N PRO EA 63 79.56 35.64 46.19
CA PRO EA 63 80.85 36.22 45.83
C PRO EA 63 81.57 36.81 47.03
N ARG EA 64 82.85 37.08 46.81
CA ARG EA 64 83.68 37.70 47.83
C ARG EA 64 83.84 39.19 47.56
N CYS EA 65 82.72 39.90 47.63
CA CYS EA 65 82.71 41.31 47.28
C CYS EA 65 81.99 42.11 48.36
N VAL EA 66 82.39 43.36 48.53
CA VAL EA 66 81.64 44.33 49.30
C VAL EA 66 81.38 45.55 48.43
N PHE EA 67 80.14 46.01 48.44
CA PHE EA 67 79.67 47.07 47.55
C PHE EA 67 79.39 48.31 48.38
N LEU EA 68 80.42 49.10 48.63
CA LEU EA 68 80.28 50.26 49.50
C LEU EA 68 79.85 51.49 48.72
N ASP EA 69 78.95 52.26 49.34
CA ASP EA 69 78.63 53.60 48.87
C ASP EA 69 77.98 54.34 50.02
N LEU EA 70 78.00 55.66 49.94
CA LEU EA 70 77.25 56.50 50.87
C LEU EA 70 75.93 56.97 50.28
N GLU EA 71 75.61 56.56 49.07
CA GLU EA 71 74.38 56.94 48.40
C GLU EA 71 73.54 55.70 48.18
N PRO EA 72 72.27 55.72 48.57
CA PRO EA 72 71.44 54.52 48.39
C PRO EA 72 71.08 54.23 46.94
N THR EA 73 71.13 55.21 46.06
CA THR EA 73 70.45 55.04 44.78
C THR EA 73 71.22 54.25 43.75
N VAL EA 74 72.51 53.97 43.95
CA VAL EA 74 73.23 53.15 42.98
C VAL EA 74 73.31 51.72 43.45
N VAL EA 75 73.18 51.46 44.75
CA VAL EA 75 73.28 50.12 45.28
C VAL EA 75 71.93 49.50 45.56
N ASP EA 76 70.90 50.29 45.89
CA ASP EA 76 69.56 49.73 46.03
C ASP EA 76 68.99 49.34 44.68
N GLU EA 77 69.55 49.89 43.61
CA GLU EA 77 69.20 49.47 42.27
C GLU EA 77 69.90 48.19 41.87
N VAL EA 78 70.87 47.73 42.66
CA VAL EA 78 71.40 46.37 42.54
C VAL EA 78 70.60 45.39 43.39
N ARG EA 79 70.12 45.85 44.54
CA ARG EA 79 69.30 45.01 45.42
C ARG EA 79 67.98 44.64 44.78
N THR EA 80 67.47 45.47 43.88
CA THR EA 80 66.19 45.22 43.24
C THR EA 80 66.37 44.65 41.83
N GLY EA 81 67.60 44.51 41.39
CA GLY EA 81 67.89 44.08 40.04
C GLY EA 81 67.70 42.61 39.73
N THR EA 82 68.46 42.08 38.79
CA THR EA 82 68.39 40.65 38.48
C THR EA 82 69.27 39.84 39.40
N TYR EA 83 70.39 40.41 39.83
CA TYR EA 83 71.24 39.76 40.83
C TYR EA 83 70.86 40.24 42.22
N ARG EA 84 69.60 39.99 42.61
CA ARG EA 84 69.27 40.16 44.01
C ARG EA 84 69.96 39.09 44.83
N HIS EA 85 69.79 37.85 44.40
CA HIS EA 85 70.19 36.71 45.20
C HIS EA 85 71.58 36.23 44.87
N LEU EA 86 72.28 36.93 43.98
CA LEU EA 86 73.69 36.63 43.81
C LEU EA 86 74.46 36.98 45.07
N PHE EA 87 74.19 38.15 45.62
CA PHE EA 87 74.96 38.67 46.74
C PHE EA 87 74.22 38.46 48.05
N HIS EA 88 74.98 38.02 49.06
CA HIS EA 88 74.51 38.03 50.42
C HIS EA 88 74.17 39.45 50.83
N PRO EA 89 73.06 39.66 51.54
CA PRO EA 89 72.56 41.04 51.76
C PRO EA 89 73.52 41.97 52.46
N GLU EA 90 74.32 41.52 53.41
CA GLU EA 90 75.26 42.45 54.03
C GLU EA 90 76.46 42.79 53.15
N GLN EA 91 76.59 42.20 51.97
CA GLN EA 91 77.69 42.59 51.12
C GLN EA 91 77.43 43.89 50.38
N LEU EA 92 76.17 44.31 50.28
CA LEU EA 92 75.82 45.60 49.67
C LEU EA 92 75.50 46.58 50.79
N ILE EA 93 76.43 47.47 51.08
CA ILE EA 93 76.35 48.36 52.23
C ILE EA 93 76.20 49.79 51.76
N SER EA 94 75.27 50.53 52.35
CA SER EA 94 74.94 51.88 51.92
C SER EA 94 74.76 52.81 53.10
N GLY EA 95 75.09 54.07 52.90
CA GLY EA 95 74.88 55.09 53.89
C GLY EA 95 73.59 55.83 53.66
N LYS EA 96 73.58 57.13 53.93
CA LYS EA 96 72.36 57.91 53.81
C LYS EA 96 72.53 59.15 52.93
N GLU EA 97 73.70 59.78 52.95
CA GLU EA 97 73.92 60.99 52.17
C GLU EA 97 75.30 60.91 51.55
N ASP EA 98 75.48 61.65 50.45
CA ASP EA 98 76.70 61.57 49.66
C ASP EA 98 77.90 62.13 50.40
N ALA EA 99 79.06 62.02 49.76
CA ALA EA 99 80.19 62.85 50.13
C ALA EA 99 80.19 64.17 49.37
N ALA EA 100 79.39 64.28 48.31
CA ALA EA 100 79.21 65.49 47.53
C ALA EA 100 80.52 66.04 46.97
N ASN EA 101 81.37 65.13 46.47
CA ASN EA 101 82.71 65.46 45.99
C ASN EA 101 83.50 66.24 47.01
N ASN EA 102 83.44 65.86 48.27
CA ASN EA 102 84.39 66.35 49.24
C ASN EA 102 85.22 65.19 49.71
N PHE EA 103 86.53 65.29 49.53
CA PHE EA 103 87.43 64.37 50.20
C PHE EA 103 87.36 64.54 51.70
N ALA EA 104 87.14 65.78 52.16
CA ALA EA 104 87.03 66.04 53.59
C ALA EA 104 85.79 65.36 54.16
N ARG EA 105 84.72 65.26 53.37
CA ARG EA 105 83.53 64.59 53.85
C ARG EA 105 83.76 63.09 53.90
N GLY EA 106 84.67 62.58 53.07
CA GLY EA 106 84.94 61.17 52.99
C GLY EA 106 85.57 60.56 54.22
N HIS EA 107 86.75 61.02 54.63
CA HIS EA 107 87.26 60.61 55.94
C HIS EA 107 86.39 61.02 57.10
N TYR EA 108 86.27 62.33 57.31
CA TYR EA 108 86.03 62.80 58.67
C TYR EA 108 84.56 62.73 59.04
N THR EA 109 83.70 63.42 58.30
CA THR EA 109 82.35 63.65 58.80
C THR EA 109 81.43 62.46 58.57
N ILE EA 110 81.17 62.12 57.30
CA ILE EA 110 80.05 61.23 57.01
C ILE EA 110 80.49 59.78 56.79
N GLY EA 111 81.75 59.55 56.44
CA GLY EA 111 82.17 58.20 56.14
C GLY EA 111 82.58 57.35 57.33
N LYS EA 112 82.61 57.93 58.53
CA LYS EA 112 83.13 57.20 59.68
C LYS EA 112 82.11 56.28 60.31
N GLU EA 113 80.84 56.36 59.92
CA GLU EA 113 79.81 55.50 60.45
C GLU EA 113 79.59 54.24 59.61
N ILE EA 114 80.30 54.11 58.50
CA ILE EA 114 80.13 52.98 57.60
C ILE EA 114 81.38 52.11 57.52
N VAL EA 115 82.53 52.60 57.98
CA VAL EA 115 83.75 51.81 57.91
C VAL EA 115 83.75 50.73 58.99
N ASP EA 116 83.03 50.95 60.09
CA ASP EA 116 82.90 49.90 61.09
C ASP EA 116 82.08 48.73 60.55
N LEU EA 117 81.01 49.03 59.82
CA LEU EA 117 80.24 47.97 59.18
C LEU EA 117 81.00 47.37 58.01
N SER EA 118 81.88 48.16 57.39
CA SER EA 118 82.61 47.68 56.23
C SER EA 118 83.62 46.61 56.63
N LEU EA 119 84.40 46.86 57.68
CA LEU EA 119 85.42 45.90 58.09
C LEU EA 119 84.79 44.65 58.68
N ASP EA 120 83.57 44.75 59.20
CA ASP EA 120 82.93 43.58 59.79
C ASP EA 120 82.68 42.52 58.74
N ARG EA 121 82.28 42.93 57.53
CA ARG EA 121 82.12 41.97 56.45
C ARG EA 121 83.47 41.52 55.90
N ILE EA 122 84.50 42.37 56.00
CA ILE EA 122 85.83 41.96 55.55
C ILE EA 122 86.41 40.91 56.47
N ARG EA 123 86.23 41.08 57.79
CA ARG EA 123 86.67 40.06 58.74
C ARG EA 123 85.96 38.74 58.49
N LYS EA 124 84.65 38.80 58.25
CA LYS EA 124 83.85 37.59 58.11
C LYS EA 124 84.24 36.81 56.86
N LEU EA 125 84.65 37.51 55.82
CA LEU EA 125 84.93 36.90 54.55
C LEU EA 125 86.42 36.60 54.36
N ALA EA 126 87.24 36.88 55.37
CA ALA EA 126 88.65 36.59 55.33
C ALA EA 126 89.09 35.49 56.27
N ASP EA 127 88.37 35.25 57.35
CA ASP EA 127 88.71 34.17 58.25
C ASP EA 127 88.08 32.85 57.83
N ASN EA 128 87.53 32.79 56.61
CA ASN EA 128 87.05 31.53 56.06
C ASN EA 128 88.19 30.54 55.89
N CYS EA 129 89.27 30.97 55.22
CA CYS EA 129 90.50 30.19 55.08
C CYS EA 129 91.64 31.17 54.89
N THR EA 130 92.80 30.82 55.42
CA THR EA 130 93.98 31.61 55.13
C THR EA 130 94.52 31.25 53.76
N GLY EA 131 95.59 31.91 53.35
CA GLY EA 131 96.02 31.83 51.97
C GLY EA 131 95.44 32.89 51.08
N LEU EA 132 94.89 33.96 51.66
CA LEU EA 132 94.35 35.06 50.89
C LEU EA 132 95.47 35.82 50.19
N GLN EA 133 95.39 35.92 48.86
CA GLN EA 133 96.40 36.68 48.13
C GLN EA 133 96.31 38.16 48.45
N GLY EA 134 95.13 38.75 48.36
CA GLY EA 134 94.99 40.16 48.63
C GLY EA 134 93.56 40.63 48.41
N PHE EA 135 93.40 41.93 48.31
CA PHE EA 135 92.12 42.55 48.03
C PHE EA 135 92.24 43.40 46.79
N LEU EA 136 91.42 43.11 45.80
CA LEU EA 136 91.27 44.02 44.68
C LEU EA 136 90.39 45.18 45.11
N MET EA 137 90.75 46.39 44.70
CA MET EA 137 89.98 47.56 45.11
C MET EA 137 89.70 48.44 43.91
N PHE EA 138 88.47 48.93 43.82
CA PHE EA 138 88.04 49.79 42.74
C PHE EA 138 87.49 51.11 43.27
N ASN EA 139 87.89 52.20 42.64
CA ASN EA 139 87.38 53.52 43.00
C ASN EA 139 87.59 54.47 41.84
N ALA EA 140 86.84 55.56 41.87
CA ALA EA 140 87.09 56.71 41.02
C ALA EA 140 87.69 57.80 41.88
N VAL EA 141 88.89 58.26 41.52
CA VAL EA 141 89.65 59.11 42.42
C VAL EA 141 89.05 60.50 42.50
N GLY EA 142 88.52 61.02 41.39
CA GLY EA 142 87.99 62.37 41.38
C GLY EA 142 86.75 62.57 42.24
N GLY EA 143 86.03 61.50 42.56
CA GLY EA 143 84.80 61.60 43.31
C GLY EA 143 85.03 61.70 44.80
N GLY EA 144 83.92 61.87 45.53
CA GLY EA 144 84.00 62.01 46.97
C GLY EA 144 84.13 60.72 47.75
N THR EA 145 83.11 59.87 47.72
CA THR EA 145 83.12 58.69 48.57
C THR EA 145 83.99 57.58 48.00
N GLY EA 146 84.22 57.59 46.69
CA GLY EA 146 85.17 56.66 46.13
C GLY EA 146 86.58 56.89 46.58
N SER EA 147 86.96 58.15 46.80
CA SER EA 147 88.29 58.48 47.25
C SER EA 147 88.33 58.69 48.75
N GLY EA 148 87.30 59.34 49.30
CA GLY EA 148 87.31 59.68 50.71
C GLY EA 148 87.23 58.46 51.61
N LEU EA 149 86.36 57.51 51.28
CA LEU EA 149 86.39 56.24 51.99
C LEU EA 149 87.59 55.41 51.57
N GLY EA 150 88.17 55.72 50.42
CA GLY EA 150 89.20 54.86 49.84
C GLY EA 150 90.44 54.78 50.70
N CYS EA 151 90.92 55.92 51.19
CA CYS EA 151 92.06 55.88 52.09
C CYS EA 151 91.68 55.30 53.44
N LEU EA 152 90.57 55.77 54.01
CA LEU EA 152 90.21 55.37 55.35
C LEU EA 152 89.79 53.93 55.43
N LEU EA 153 89.34 53.34 54.32
CA LEU EA 153 89.12 51.90 54.35
C LEU EA 153 90.44 51.17 54.28
N LEU EA 154 91.38 51.68 53.49
CA LEU EA 154 92.65 50.98 53.33
C LEU EA 154 93.56 51.18 54.53
N GLU EA 155 93.47 52.31 55.22
CA GLU EA 155 94.27 52.52 56.42
C GLU EA 155 93.90 51.54 57.50
N ARG EA 156 92.60 51.30 57.70
CA ARG EA 156 92.17 50.25 58.61
C ARG EA 156 92.46 48.87 58.06
N LEU EA 157 92.60 48.74 56.74
CA LEU EA 157 92.99 47.45 56.19
C LEU EA 157 94.47 47.20 56.35
N SER EA 158 95.27 48.26 56.33
CA SER EA 158 96.71 48.10 56.47
C SER EA 158 97.11 47.81 57.91
N VAL EA 159 96.32 48.24 58.89
CA VAL EA 159 96.77 48.14 60.28
C VAL EA 159 96.63 46.72 60.82
N ASP EA 160 95.74 45.92 60.27
CA ASP EA 160 95.58 44.55 60.74
C ASP EA 160 96.04 43.51 59.73
N TYR EA 161 95.65 43.65 58.48
CA TYR EA 161 96.12 42.76 57.43
C TYR EA 161 97.32 43.40 56.75
N GLY EA 162 98.42 43.42 57.50
CA GLY EA 162 99.54 44.29 57.14
C GLY EA 162 100.25 43.90 55.86
N LYS EA 163 100.51 42.61 55.68
CA LYS EA 163 101.35 42.14 54.58
C LYS EA 163 100.54 41.46 53.49
N LYS EA 164 99.31 41.90 53.27
CA LYS EA 164 98.53 41.35 52.18
C LYS EA 164 98.75 42.19 50.93
N SER EA 165 98.47 41.60 49.78
CA SER EA 165 98.78 42.23 48.50
C SER EA 165 97.60 43.06 48.04
N LYS EA 166 97.61 44.35 48.36
CA LYS EA 166 96.49 45.23 48.08
C LYS EA 166 96.65 45.80 46.67
N LEU EA 167 95.68 45.51 45.81
CA LEU EA 167 95.66 46.02 44.45
C LEU EA 167 94.60 47.08 44.29
N ASN EA 168 94.94 48.14 43.58
CA ASN EA 168 94.04 49.26 43.36
C ASN EA 168 93.88 49.47 41.87
N PHE EA 169 92.66 49.72 41.43
CA PHE EA 169 92.36 50.04 40.04
C PHE EA 169 91.67 51.39 40.03
N CYS EA 170 92.47 52.43 40.03
CA CYS EA 170 91.96 53.78 40.16
C CYS EA 170 91.55 54.33 38.81
N SER EA 171 90.37 54.92 38.75
CA SER EA 171 89.93 55.65 37.56
C SER EA 171 90.38 57.09 37.73
N TRP EA 172 91.60 57.37 37.26
CA TRP EA 172 92.18 58.68 37.38
C TRP EA 172 91.39 59.69 36.56
N PRO EA 173 91.37 60.96 36.98
CA PRO EA 173 90.73 61.99 36.16
C PRO EA 173 91.43 62.15 34.83
N SER EA 174 90.63 62.36 33.80
CA SER EA 174 91.16 62.55 32.47
C SER EA 174 91.81 63.92 32.34
N PRO EA 175 92.68 64.11 31.34
CA PRO EA 175 93.33 65.43 31.20
C PRO EA 175 92.37 66.55 30.83
N GLN EA 176 91.53 66.36 29.81
CA GLN EA 176 90.57 67.37 29.38
C GLN EA 176 89.18 67.14 29.94
N VAL EA 177 88.59 65.98 29.64
CA VAL EA 177 87.27 65.63 30.15
C VAL EA 177 87.33 65.47 31.67
N SER EA 178 86.38 66.08 32.37
CA SER EA 178 86.40 65.96 33.81
C SER EA 178 85.14 65.30 34.36
N THR EA 179 83.95 65.86 34.07
CA THR EA 179 82.66 65.62 34.69
C THR EA 179 82.58 66.09 36.13
N ALA EA 180 83.57 66.82 36.62
CA ALA EA 180 83.51 67.44 37.94
C ALA EA 180 84.56 68.53 38.01
N VAL EA 181 84.30 69.53 38.84
CA VAL EA 181 85.14 70.71 38.90
C VAL EA 181 86.18 70.63 40.01
N VAL EA 182 85.86 70.01 41.13
CA VAL EA 182 86.75 70.05 42.28
C VAL EA 182 87.71 68.86 42.25
N GLU EA 183 87.84 68.20 41.10
CA GLU EA 183 88.71 67.03 41.02
C GLU EA 183 90.18 67.26 41.33
N PRO EA 184 90.84 68.35 40.91
CA PRO EA 184 92.25 68.48 41.27
C PRO EA 184 92.47 68.60 42.77
N TYR EA 185 91.44 68.98 43.52
CA TYR EA 185 91.56 68.95 44.97
C TYR EA 185 91.49 67.52 45.48
N ASN EA 186 90.60 66.72 44.91
CA ASN EA 186 90.41 65.37 45.39
C ASN EA 186 91.53 64.45 44.96
N SER EA 187 92.01 64.61 43.73
CA SER EA 187 92.99 63.68 43.20
C SER EA 187 94.34 63.86 43.85
N VAL EA 188 94.74 65.11 44.14
CA VAL EA 188 96.02 65.35 44.79
C VAL EA 188 95.96 64.88 46.25
N LEU EA 189 94.86 65.18 46.94
CA LEU EA 189 94.74 64.81 48.34
C LEU EA 189 94.65 63.30 48.52
N SER EA 190 94.04 62.61 47.57
CA SER EA 190 94.01 61.16 47.64
C SER EA 190 95.37 60.57 47.34
N THR EA 191 96.11 61.19 46.42
CA THR EA 191 97.38 60.65 45.97
C THR EA 191 98.40 60.63 47.09
N HIS EA 192 98.44 61.70 47.89
CA HIS EA 192 99.22 61.67 49.13
C HIS EA 192 98.81 60.53 50.03
N SER EA 193 97.51 60.25 50.08
CA SER EA 193 97.07 59.35 51.11
C SER EA 193 96.94 57.91 50.62
N LEU EA 194 97.23 57.64 49.35
CA LEU EA 194 97.33 56.26 48.88
C LEU EA 194 98.75 55.89 48.49
N LEU EA 195 99.73 56.78 48.70
CA LEU EA 195 101.11 56.38 48.52
C LEU EA 195 101.56 55.39 49.58
N GLU EA 196 101.07 55.55 50.81
CA GLU EA 196 101.52 54.73 51.90
C GLU EA 196 100.64 53.51 52.15
N HIS EA 197 99.60 53.30 51.35
CA HIS EA 197 98.67 52.22 51.58
C HIS EA 197 98.71 51.16 50.49
N THR EA 198 98.52 51.54 49.23
CA THR EA 198 98.40 50.57 48.15
C THR EA 198 99.74 49.97 47.81
N ASP EA 199 99.70 48.75 47.29
CA ASP EA 199 100.88 48.06 46.81
C ASP EA 199 101.02 48.14 45.30
N VAL EA 200 99.92 47.97 44.57
CA VAL EA 200 99.86 48.17 43.13
C VAL EA 200 98.68 49.07 42.81
N ALA EA 201 98.91 50.11 42.02
CA ALA EA 201 97.88 51.02 41.58
C ALA EA 201 97.95 51.15 40.06
N VAL EA 202 96.79 51.08 39.41
CA VAL EA 202 96.71 51.07 37.96
C VAL EA 202 95.80 52.20 37.52
N MET EA 203 96.26 53.04 36.60
CA MET EA 203 95.46 54.17 36.14
C MET EA 203 94.54 53.78 35.01
N LEU EA 204 93.30 54.21 35.11
CA LEU EA 204 92.27 53.93 34.10
C LEU EA 204 91.58 55.24 33.77
N ASP EA 205 92.12 56.04 32.87
CA ASP EA 205 91.43 57.25 32.43
C ASP EA 205 90.26 56.91 31.53
N ASN EA 206 89.15 57.60 31.76
CA ASN EA 206 87.97 57.36 30.96
C ASN EA 206 88.15 57.90 29.56
N GLU EA 207 88.95 58.95 29.40
CA GLU EA 207 89.12 59.55 28.08
C GLU EA 207 89.89 58.61 27.15
N ALA EA 208 90.86 57.88 27.68
CA ALA EA 208 91.54 56.88 26.86
C ALA EA 208 90.62 55.72 26.51
N ILE EA 209 89.74 55.34 27.42
CA ILE EA 209 88.85 54.23 27.09
C ILE EA 209 87.76 54.73 26.16
N TYR EA 210 87.53 56.04 26.12
CA TYR EA 210 86.58 56.61 25.18
C TYR EA 210 87.08 56.45 23.75
N ASP EA 211 88.35 56.75 23.51
CA ASP EA 211 88.80 56.72 22.13
C ASP EA 211 89.46 55.40 21.74
N ILE EA 212 89.73 54.50 22.69
CA ILE EA 212 90.12 53.17 22.27
C ILE EA 212 88.87 52.42 21.81
N CYS EA 213 87.70 52.89 22.24
CA CYS EA 213 86.45 52.32 21.77
C CYS EA 213 86.09 52.83 20.40
N ARG EA 214 86.42 54.10 20.12
CA ARG EA 214 86.01 54.70 18.86
C ARG EA 214 86.82 54.16 17.68
N ARG EA 215 88.12 54.01 17.85
CA ARG EA 215 88.97 53.54 16.77
C ARG EA 215 88.86 52.06 16.53
N ASN EA 216 88.61 51.27 17.57
CA ASN EA 216 88.65 49.82 17.47
C ASN EA 216 87.28 49.21 17.28
N LEU EA 217 86.33 49.53 18.15
CA LEU EA 217 85.00 48.97 18.07
C LEU EA 217 84.09 49.74 17.14
N ASP EA 218 84.52 50.92 16.68
CA ASP EA 218 83.73 51.83 15.86
C ASP EA 218 82.40 52.17 16.53
N ILE EA 219 82.49 52.50 17.81
CA ILE EA 219 81.36 52.96 18.60
C ILE EA 219 81.61 54.43 18.88
N GLU EA 220 80.82 55.31 18.26
CA GLU EA 220 81.02 56.73 18.41
C GLU EA 220 80.12 57.35 19.47
N ARG EA 221 79.28 56.57 20.13
CA ARG EA 221 78.47 57.04 21.25
C ARG EA 221 78.48 56.03 22.38
N PRO EA 222 79.61 55.85 23.06
CA PRO EA 222 79.63 54.89 24.15
C PRO EA 222 79.13 55.48 25.45
N THR EA 223 78.45 54.66 26.22
CA THR EA 223 78.05 55.01 27.56
C THR EA 223 79.08 54.44 28.53
N TYR EA 224 78.89 54.66 29.83
CA TYR EA 224 79.81 54.07 30.79
C TYR EA 224 79.75 52.56 30.79
N THR EA 225 78.65 51.96 30.37
CA THR EA 225 78.60 50.53 30.53
C THR EA 225 79.33 49.80 29.42
N ASN EA 226 79.58 50.44 28.28
CA ASN EA 226 80.49 49.85 27.31
C ASN EA 226 81.92 49.99 27.76
N LEU EA 227 82.24 51.04 28.51
CA LEU EA 227 83.57 51.17 29.08
C LEU EA 227 83.83 50.13 30.15
N ASN EA 228 82.80 49.77 30.91
CA ASN EA 228 82.99 48.84 32.02
C ASN EA 228 83.24 47.42 31.53
N ARG EA 229 82.76 47.07 30.34
CA ARG EA 229 83.08 45.76 29.78
C ARG EA 229 84.56 45.64 29.51
N LEU EA 230 85.19 46.74 29.10
CA LEU EA 230 86.63 46.70 28.85
C LEU EA 230 87.41 46.56 30.13
N ILE EA 231 86.89 47.14 31.22
CA ILE EA 231 87.55 46.97 32.51
C ILE EA 231 87.43 45.55 32.97
N ALA EA 232 86.31 44.90 32.67
CA ALA EA 232 86.08 43.54 33.12
C ALA EA 232 87.03 42.58 32.43
N GLN EA 233 87.43 42.88 31.21
CA GLN EA 233 88.34 41.99 30.51
C GLN EA 233 89.76 42.14 31.04
N VAL EA 234 90.09 43.31 31.57
CA VAL EA 234 91.43 43.52 32.13
C VAL EA 234 91.57 42.80 33.45
N ILE EA 235 90.57 42.90 34.32
CA ILE EA 235 90.62 42.13 35.56
C ILE EA 235 90.52 40.63 35.30
N SER EA 236 89.71 40.21 34.33
CA SER EA 236 89.56 38.78 34.09
C SER EA 236 90.85 38.19 33.52
N SER EA 237 91.65 39.02 32.86
CA SER EA 237 92.94 38.53 32.38
C SER EA 237 93.96 38.43 33.51
N LEU EA 238 93.96 39.39 34.43
CA LEU EA 238 94.95 39.38 35.50
C LEU EA 238 94.70 38.25 36.48
N THR EA 239 93.44 37.99 36.82
CA THR EA 239 93.07 36.93 37.73
C THR EA 239 92.77 35.64 37.01
N ALA EA 240 93.13 35.54 35.73
CA ALA EA 240 92.89 34.31 34.98
C ALA EA 240 93.74 33.16 35.49
N SER EA 241 95.00 33.43 35.81
CA SER EA 241 95.89 32.37 36.25
C SER EA 241 95.51 31.84 37.63
N LEU EA 242 94.84 32.66 38.42
CA LEU EA 242 94.36 32.18 39.72
C LEU EA 242 93.23 31.18 39.53
N ARG EA 243 92.47 31.32 38.46
CA ARG EA 243 91.22 30.58 38.34
C ARG EA 243 91.31 29.38 37.41
N PHE EA 244 92.21 29.39 36.44
CA PHE EA 244 92.27 28.29 35.50
C PHE EA 244 93.65 27.67 35.43
N ASP EA 245 93.87 26.79 34.45
CA ASP EA 245 95.13 26.09 34.33
C ASP EA 245 96.16 27.05 33.73
N GLY EA 246 97.39 26.60 33.52
CA GLY EA 246 98.37 27.49 32.94
C GLY EA 246 99.70 26.86 32.58
N ALA EA 247 100.18 27.16 31.38
CA ALA EA 247 101.52 26.74 30.99
C ALA EA 247 102.57 27.51 31.77
N LEU EA 248 102.33 28.79 32.01
CA LEU EA 248 103.26 29.63 32.75
C LEU EA 248 102.43 30.66 33.48
N ASN EA 249 102.07 30.37 34.72
CA ASN EA 249 101.10 31.18 35.46
C ASN EA 249 101.80 32.13 36.41
N VAL EA 250 101.18 33.29 36.60
CA VAL EA 250 101.60 34.27 37.58
C VAL EA 250 100.39 34.74 38.38
N ASP EA 251 100.54 34.77 39.70
CA ASP EA 251 99.44 35.14 40.58
C ASP EA 251 99.46 36.64 40.83
N VAL EA 252 98.59 37.09 41.74
CA VAL EA 252 98.54 38.49 42.12
C VAL EA 252 99.80 38.91 42.88
N THR EA 253 100.34 37.99 43.67
CA THR EA 253 101.50 38.31 44.50
C THR EA 253 102.74 38.59 43.67
N GLU EA 254 102.96 37.86 42.58
CA GLU EA 254 104.22 38.01 41.87
C GLU EA 254 104.18 39.10 40.81
N PHE EA 255 103.15 39.96 40.81
CA PHE EA 255 103.20 41.21 40.06
C PHE EA 255 104.10 42.21 40.75
N GLN EA 256 103.79 42.53 41.99
CA GLN EA 256 104.45 43.58 42.72
C GLN EA 256 105.93 43.29 42.95
N THR EA 257 106.34 42.04 42.94
CA THR EA 257 107.76 41.74 43.02
C THR EA 257 108.44 42.07 41.71
N ASN EA 258 107.71 41.96 40.60
CA ASN EA 258 108.33 42.11 39.31
C ASN EA 258 108.21 43.49 38.70
N LEU EA 259 107.33 44.35 39.21
CA LEU EA 259 107.01 45.59 38.51
C LEU EA 259 107.24 46.85 39.33
N VAL EA 260 107.54 46.73 40.61
CA VAL EA 260 107.64 47.89 41.49
C VAL EA 260 109.08 48.03 41.96
N PRO EA 261 109.91 48.81 41.27
CA PRO EA 261 111.34 48.83 41.62
C PRO EA 261 111.63 49.55 42.91
N TYR EA 262 110.88 50.59 43.25
CA TYR EA 262 111.02 51.29 44.52
C TYR EA 262 109.62 51.49 45.08
N PRO EA 263 109.49 51.60 46.41
CA PRO EA 263 108.14 51.57 47.00
C PRO EA 263 107.27 52.77 46.66
N ARG EA 264 107.82 53.85 46.15
CA ARG EA 264 107.03 55.02 45.81
C ARG EA 264 106.64 55.10 44.35
N ILE EA 265 107.00 54.10 43.54
CA ILE EA 265 106.68 54.11 42.13
C ILE EA 265 105.85 52.85 41.86
N HIS EA 266 104.54 52.96 42.01
CA HIS EA 266 103.64 51.84 41.78
C HIS EA 266 102.40 52.30 41.04
N PHE EA 267 102.60 53.09 39.99
CA PHE EA 267 101.52 53.59 39.15
C PHE EA 267 101.74 53.05 37.75
N MET EA 268 100.85 52.17 37.30
CA MET EA 268 101.03 51.45 36.05
C MET EA 268 99.89 51.69 35.07
N LEU EA 269 100.22 51.55 33.79
CA LEU EA 269 99.31 51.79 32.68
C LEU EA 269 98.90 50.47 32.05
N SER EA 270 97.62 50.31 31.79
CA SER EA 270 97.09 49.10 31.22
C SER EA 270 96.98 49.24 29.71
N SER EA 271 97.00 48.10 29.02
CA SER EA 271 96.75 48.06 27.59
C SER EA 271 96.23 46.68 27.27
N TYR EA 272 95.22 46.61 26.43
CA TYR EA 272 94.56 45.35 26.15
C TYR EA 272 94.40 45.20 24.66
N ALA EA 273 94.68 44.00 24.16
CA ALA EA 273 94.58 43.77 22.74
C ALA EA 273 94.30 42.29 22.55
N PRO EA 274 93.40 41.94 21.65
CA PRO EA 274 92.60 42.82 20.83
C PRO EA 274 91.25 43.20 21.42
N ILE EA 275 90.78 44.39 21.10
CA ILE EA 275 89.36 44.72 21.18
C ILE EA 275 88.89 45.02 19.77
N ILE EA 276 88.12 44.08 19.24
CA ILE EA 276 87.73 44.05 17.83
C ILE EA 276 86.31 43.56 17.73
N SER EA 277 85.57 44.07 16.76
CA SER EA 277 84.17 43.73 16.58
C SER EA 277 84.02 42.67 15.49
N ALA EA 278 82.77 42.34 15.17
CA ALA EA 278 82.47 41.32 14.18
C ALA EA 278 82.79 41.74 12.76
N GLU EA 279 82.86 43.04 12.47
CA GLU EA 279 83.48 43.47 11.21
C GLU EA 279 84.94 43.07 11.13
N LYS EA 280 85.71 43.32 12.18
CA LYS EA 280 87.15 43.22 12.04
C LYS EA 280 87.74 41.95 12.62
N ALA EA 281 87.03 41.25 13.49
CA ALA EA 281 87.44 39.88 13.81
C ALA EA 281 87.28 38.97 12.62
N TYR EA 282 86.37 39.32 11.73
CA TYR EA 282 86.07 38.49 10.57
C TYR EA 282 87.23 38.48 9.60
N HIS EA 283 88.07 39.52 9.60
CA HIS EA 283 89.16 39.64 8.65
C HIS EA 283 90.55 39.60 9.26
N GLU EA 284 90.73 40.02 10.51
CA GLU EA 284 92.04 39.86 11.15
C GLU EA 284 92.34 38.42 11.45
N GLN EA 285 93.57 38.02 11.14
CA GLN EA 285 94.22 36.93 11.84
C GLN EA 285 94.75 37.49 13.13
N LEU EA 286 94.68 36.71 14.20
CA LEU EA 286 95.00 37.31 15.49
C LEU EA 286 96.20 36.63 16.10
N SER EA 287 97.27 36.48 15.32
CA SER EA 287 98.45 35.76 15.79
C SER EA 287 99.12 36.49 16.94
N VAL EA 288 99.93 35.75 17.68
CA VAL EA 288 100.50 36.23 18.93
C VAL EA 288 101.44 37.39 18.68
N ALA EA 289 102.17 37.35 17.56
CA ALA EA 289 103.03 38.47 17.22
C ALA EA 289 102.23 39.73 16.93
N GLU EA 290 101.02 39.56 16.40
CA GLU EA 290 100.26 40.75 16.05
C GLU EA 290 99.64 41.41 17.27
N ILE EA 291 99.11 40.62 18.21
CA ILE EA 291 98.39 41.24 19.32
C ILE EA 291 99.33 41.83 20.35
N THR EA 292 100.63 41.54 20.25
CA THR EA 292 101.56 42.24 21.13
C THR EA 292 102.15 43.48 20.47
N ASN EA 293 102.04 43.61 19.15
CA ASN EA 293 102.35 44.89 18.54
C ASN EA 293 101.23 45.88 18.80
N SER EA 294 100.00 45.44 18.68
CA SER EA 294 98.86 46.30 18.96
C SER EA 294 98.68 46.56 20.44
N ALA EA 295 99.32 45.79 21.30
CA ALA EA 295 99.30 46.10 22.73
C ALA EA 295 100.25 47.23 23.07
N PHE EA 296 101.34 47.39 22.33
CA PHE EA 296 102.36 48.38 22.64
C PHE EA 296 102.18 49.68 21.88
N GLU EA 297 101.16 49.79 21.07
CA GLU EA 297 100.91 51.05 20.38
C GLU EA 297 100.50 52.11 21.39
N PRO EA 298 101.00 53.34 21.28
CA PRO EA 298 100.54 54.41 22.19
C PRO EA 298 99.08 54.74 22.04
N ALA EA 299 98.47 54.41 20.91
CA ALA EA 299 97.04 54.62 20.76
C ALA EA 299 96.23 53.62 21.59
N SER EA 300 96.75 52.43 21.82
CA SER EA 300 96.04 51.42 22.62
C SER EA 300 96.39 51.50 24.10
N MET EA 301 97.19 52.48 24.49
CA MET EA 301 97.35 52.77 25.91
C MET EA 301 96.00 53.15 26.49
N MET EA 302 95.73 52.67 27.68
CA MET EA 302 94.40 52.81 28.26
C MET EA 302 94.40 53.81 29.40
N ALA EA 303 95.30 54.78 29.34
CA ALA EA 303 95.31 55.88 30.30
C ALA EA 303 95.68 57.23 29.71
N LYS EA 304 95.72 57.36 28.37
CA LYS EA 304 95.89 58.62 27.64
C LYS EA 304 97.18 59.31 28.11
N CYS EA 305 98.26 58.57 27.94
CA CYS EA 305 99.55 58.92 28.51
C CYS EA 305 100.58 58.35 27.55
N ASP EA 306 101.02 59.16 26.61
CA ASP EA 306 101.79 58.67 25.48
C ASP EA 306 103.15 58.22 25.98
N PRO EA 307 103.49 56.94 25.86
CA PRO EA 307 104.79 56.46 26.33
C PRO EA 307 105.92 56.75 25.36
N ARG EA 308 105.61 57.38 24.23
CA ARG EA 308 106.65 57.74 23.28
C ARG EA 308 107.54 58.85 23.82
N HIS EA 309 107.13 59.54 24.88
CA HIS EA 309 108.05 60.43 25.57
C HIS EA 309 108.30 59.95 26.99
N GLY EA 310 108.55 58.66 27.15
CA GLY EA 310 108.98 58.14 28.43
C GLY EA 310 110.03 57.05 28.27
N LYS EA 311 110.30 56.33 29.34
CA LYS EA 311 111.19 55.19 29.32
C LYS EA 311 110.59 54.07 30.15
N TYR EA 312 110.54 52.86 29.58
CA TYR EA 312 109.89 51.73 30.23
C TYR EA 312 110.79 51.16 31.32
N MET EA 313 110.24 50.98 32.51
CA MET EA 313 110.98 50.41 33.63
C MET EA 313 110.71 48.94 33.80
N ALA EA 314 109.48 48.51 33.56
CA ALA EA 314 109.10 47.12 33.63
C ALA EA 314 107.84 46.95 32.79
N CYS EA 315 107.53 45.71 32.47
CA CYS EA 315 106.36 45.44 31.66
C CYS EA 315 105.89 44.03 31.92
N CYS EA 316 104.62 43.87 32.24
CA CYS EA 316 104.03 42.57 32.49
C CYS EA 316 103.09 42.20 31.35
N LEU EA 317 103.21 40.98 30.86
CA LEU EA 317 102.40 40.49 29.77
C LEU EA 317 101.58 39.32 30.26
N MET EA 318 100.29 39.34 29.97
CA MET EA 318 99.40 38.22 30.25
C MET EA 318 98.76 37.78 28.95
N TYR EA 319 98.79 36.48 28.68
CA TYR EA 319 98.30 35.93 27.43
C TYR EA 319 97.22 34.93 27.73
N ARG EA 320 96.19 34.89 26.91
CA ARG EA 320 95.12 33.91 27.03
C ARG EA 320 94.88 33.27 25.67
N GLY EA 321 94.28 32.09 25.67
CA GLY EA 321 93.89 31.43 24.45
C GLY EA 321 94.83 30.28 24.10
N ASP EA 322 94.99 30.04 22.79
CA ASP EA 322 95.96 29.08 22.30
C ASP EA 322 97.25 29.82 21.93
N VAL EA 323 98.06 30.07 22.94
CA VAL EA 323 99.35 30.73 22.78
C VAL EA 323 100.43 29.73 23.12
N VAL EA 324 101.38 29.55 22.22
CA VAL EA 324 102.51 28.66 22.46
C VAL EA 324 103.67 29.50 22.96
N PRO EA 325 104.54 28.95 23.81
CA PRO EA 325 105.63 29.75 24.36
C PRO EA 325 106.66 30.21 23.34
N LYS EA 326 106.83 29.49 22.23
CA LYS EA 326 107.79 29.92 21.23
C LYS EA 326 107.37 31.24 20.59
N ASP EA 327 106.07 31.41 20.34
CA ASP EA 327 105.60 32.67 19.76
C ASP EA 327 105.67 33.82 20.74
N VAL EA 328 105.64 33.55 22.04
CA VAL EA 328 105.85 34.61 23.02
C VAL EA 328 107.28 35.12 22.97
N ASN EA 329 108.25 34.20 22.89
CA ASN EA 329 109.64 34.61 22.85
C ASN EA 329 109.97 35.29 21.53
N ALA EA 330 109.34 34.86 20.45
CA ALA EA 330 109.56 35.51 19.17
C ALA EA 330 109.01 36.93 19.18
N ALA EA 331 107.84 37.12 19.77
CA ALA EA 331 107.17 38.41 19.73
C ALA EA 331 107.85 39.41 20.65
N VAL EA 332 108.24 38.98 21.85
CA VAL EA 332 108.91 39.86 22.80
C VAL EA 332 110.28 40.27 22.26
N ALA EA 333 110.94 39.38 21.52
CA ALA EA 333 112.22 39.72 20.93
C ALA EA 333 112.09 40.85 19.91
N THR EA 334 111.02 40.82 19.10
CA THR EA 334 110.82 41.86 18.11
C THR EA 334 110.50 43.19 18.78
N ILE EA 335 109.77 43.16 19.88
CA ILE EA 335 109.49 44.37 20.66
C ILE EA 335 110.77 44.96 21.21
N LYS EA 336 111.71 44.12 21.64
CA LYS EA 336 113.01 44.59 22.08
C LYS EA 336 113.77 45.26 20.93
N THR EA 337 113.76 44.64 19.75
CA THR EA 337 114.58 45.14 18.65
C THR EA 337 114.07 46.44 18.08
N LYS EA 338 112.81 46.77 18.31
CA LYS EA 338 112.31 48.08 17.90
C LYS EA 338 112.99 49.17 18.72
N ARG EA 339 113.33 50.27 18.05
CA ARG EA 339 114.14 51.30 18.67
C ARG EA 339 113.36 52.60 18.86
N THR EA 340 112.07 52.49 19.14
CA THR EA 340 111.28 53.63 19.57
C THR EA 340 110.73 53.48 20.97
N ILE EA 341 110.70 52.27 21.51
CA ILE EA 341 110.25 52.02 22.87
C ILE EA 341 111.47 51.75 23.74
N GLN EA 342 111.81 52.73 24.57
CA GLN EA 342 113.08 52.77 25.26
C GLN EA 342 112.93 52.08 26.60
N PHE EA 343 113.52 50.91 26.75
CA PHE EA 343 113.67 50.35 28.07
C PHE EA 343 114.81 51.07 28.76
N VAL EA 344 114.65 51.28 30.07
CA VAL EA 344 115.63 52.09 30.80
C VAL EA 344 116.95 51.33 30.89
N ASP EA 345 118.03 52.08 31.07
CA ASP EA 345 119.38 51.52 30.96
C ASP EA 345 119.67 50.49 32.04
N TRP EA 346 119.25 50.76 33.28
CA TRP EA 346 119.60 49.86 34.37
C TRP EA 346 118.65 48.69 34.50
N CYS EA 347 117.89 48.38 33.47
CA CYS EA 347 116.96 47.25 33.49
C CYS EA 347 117.22 46.42 32.24
N PRO EA 348 118.12 45.44 32.32
CA PRO EA 348 118.43 44.61 31.15
C PRO EA 348 117.22 43.80 30.69
N THR EA 349 116.67 42.99 31.59
CA THR EA 349 115.43 42.30 31.30
C THR EA 349 114.28 42.97 32.02
N GLY EA 350 113.21 43.25 31.29
CA GLY EA 350 112.13 44.02 31.86
C GLY EA 350 110.77 43.41 31.59
N PHE EA 351 110.77 42.18 31.12
CA PHE EA 351 109.55 41.52 30.71
C PHE EA 351 109.17 40.44 31.72
N LYS EA 352 107.90 40.42 32.10
CA LYS EA 352 107.32 39.32 32.85
C LYS EA 352 106.22 38.71 32.00
N CYS EA 353 106.32 37.42 31.73
CA CYS EA 353 105.45 36.76 30.77
C CYS EA 353 104.51 35.81 31.49
N GLY EA 354 103.34 35.61 30.92
CA GLY EA 354 102.38 34.66 31.45
C GLY EA 354 101.47 34.12 30.37
N ILE EA 355 101.30 32.81 30.32
CA ILE EA 355 100.47 32.16 29.31
C ILE EA 355 99.41 31.36 30.03
N ASN EA 356 98.16 31.55 29.63
CA ASN EA 356 97.03 30.83 30.18
C ASN EA 356 96.20 30.28 29.02
N TYR EA 357 95.57 29.15 29.27
CA TYR EA 357 94.90 28.41 28.21
C TYR EA 357 93.48 28.88 27.98
N GLN EA 358 92.77 29.24 29.03
CA GLN EA 358 91.35 29.55 28.94
C GLN EA 358 91.14 30.83 28.15
N PRO EA 359 90.42 30.80 27.03
CA PRO EA 359 90.23 32.01 26.23
C PRO EA 359 89.27 32.95 26.91
N PRO EA 360 89.25 34.23 26.53
CA PRO EA 360 88.30 35.17 27.13
C PRO EA 360 86.86 34.78 26.82
N THR EA 361 85.98 34.99 27.79
CA THR EA 361 84.57 34.68 27.63
C THR EA 361 83.83 35.92 27.19
N VAL EA 362 83.11 35.84 26.10
CA VAL EA 362 82.42 36.99 25.54
C VAL EA 362 81.02 37.05 26.14
N VAL EA 363 80.65 38.23 26.61
CA VAL EA 363 79.31 38.42 27.16
C VAL EA 363 78.34 38.64 26.01
N PRO EA 364 77.21 37.94 25.98
CA PRO EA 364 76.29 38.10 24.86
C PRO EA 364 75.64 39.48 24.86
N GLY EA 365 75.34 39.97 23.67
CA GLY EA 365 74.79 41.29 23.52
C GLY EA 365 75.76 42.42 23.80
N GLY EA 366 77.03 42.13 24.01
CA GLY EA 366 78.00 43.16 24.30
C GLY EA 366 78.50 43.84 23.05
N ASP EA 367 79.79 44.10 22.99
CA ASP EA 367 80.39 44.77 21.84
C ASP EA 367 81.66 44.11 21.33
N LEU EA 368 82.35 43.32 22.13
CA LEU EA 368 83.51 42.60 21.64
C LEU EA 368 83.07 41.32 20.94
N ALA EA 369 84.00 40.71 20.22
CA ALA EA 369 83.72 39.48 19.50
C ALA EA 369 84.56 38.34 20.06
N LYS EA 370 84.16 37.12 19.75
CA LYS EA 370 84.86 35.95 20.23
C LYS EA 370 86.19 35.81 19.53
N VAL EA 371 87.26 35.66 20.29
CA VAL EA 371 88.60 35.67 19.75
C VAL EA 371 89.37 34.47 20.28
N MET EA 372 90.27 33.95 19.46
CA MET EA 372 91.01 32.76 19.86
C MET EA 372 92.08 33.07 20.89
N ARG EA 373 92.59 34.29 20.92
CA ARG EA 373 93.63 34.64 21.89
C ARG EA 373 93.61 36.13 22.16
N ALA EA 374 94.21 36.53 23.27
CA ALA EA 374 94.19 37.93 23.68
C ALA EA 374 95.38 38.20 24.58
N VAL EA 375 95.67 39.49 24.77
CA VAL EA 375 96.82 39.94 25.55
C VAL EA 375 96.40 41.08 26.45
N CYS EA 376 96.74 41.00 27.74
CA CYS EA 376 96.66 42.15 28.63
C CYS EA 376 98.05 42.52 29.11
N MET EA 377 98.28 43.82 29.27
CA MET EA 377 99.60 44.34 29.54
C MET EA 377 99.54 45.37 30.64
N ILE EA 378 100.48 45.29 31.57
CA ILE EA 378 100.62 46.25 32.66
C ILE EA 378 102.06 46.73 32.64
N SER EA 379 102.26 48.02 32.43
CA SER EA 379 103.59 48.58 32.21
C SER EA 379 103.88 49.65 33.25
N ASN EA 380 105.09 49.65 33.76
CA ASN EA 380 105.56 50.70 34.64
C ASN EA 380 106.55 51.55 33.87
N SER EA 381 106.23 52.83 33.70
CA SER EA 381 107.04 53.71 32.87
C SER EA 381 107.30 55.01 33.61
N THR EA 382 108.30 55.74 33.14
CA THR EA 382 108.50 57.09 33.63
C THR EA 382 107.84 58.13 32.76
N ALA EA 383 106.90 57.70 31.92
CA ALA EA 383 105.98 58.61 31.25
C ALA EA 383 104.86 59.06 32.16
N ILE EA 384 104.83 58.57 33.40
CA ILE EA 384 103.82 58.96 34.38
C ILE EA 384 104.06 60.37 34.90
N ALA EA 385 105.21 60.95 34.63
CA ALA EA 385 105.50 62.28 35.13
C ALA EA 385 104.59 63.32 34.49
N GLU EA 386 104.00 63.01 33.34
CA GLU EA 386 103.11 63.96 32.71
C GLU EA 386 101.72 63.94 33.35
N VAL EA 387 101.30 62.81 33.90
CA VAL EA 387 99.94 62.77 34.41
C VAL EA 387 99.90 63.45 35.77
N PHE EA 388 101.05 63.52 36.43
CA PHE EA 388 101.09 64.25 37.68
C PHE EA 388 101.40 65.72 37.45
N SER EA 389 102.12 66.04 36.38
CA SER EA 389 102.42 67.45 36.09
C SER EA 389 101.16 68.21 35.69
N ARG EA 390 100.20 67.54 35.04
CA ARG EA 390 98.93 68.21 34.78
C ARG EA 390 98.17 68.47 36.06
N MET EA 391 98.09 67.47 36.94
CA MET EA 391 97.32 67.65 38.15
C MET EA 391 98.06 68.50 39.15
N ASP EA 392 99.38 68.62 39.00
CA ASP EA 392 100.15 69.56 39.81
C ASP EA 392 99.81 71.00 39.42
N HIS EA 393 99.73 71.26 38.13
CA HIS EA 393 99.51 72.63 37.67
C HIS EA 393 98.08 73.06 37.91
N LYS EA 394 97.12 72.16 37.71
CA LYS EA 394 95.72 72.51 37.93
C LYS EA 394 95.43 72.77 39.40
N PHE EA 395 96.01 71.97 40.30
CA PHE EA 395 95.76 72.13 41.73
C PHE EA 395 96.35 73.44 42.25
N ASP EA 396 97.56 73.78 41.82
CA ASP EA 396 98.18 75.02 42.26
C ASP EA 396 97.47 76.23 41.67
N LEU EA 397 96.87 76.05 40.50
CA LEU EA 397 96.22 77.16 39.82
C LEU EA 397 94.92 77.56 40.51
N MET EA 398 94.27 76.63 41.22
CA MET EA 398 93.11 77.05 41.99
C MET EA 398 93.46 77.46 43.40
N TYR EA 399 94.37 76.72 44.05
CA TYR EA 399 94.73 77.02 45.42
C TYR EA 399 95.47 78.34 45.57
N ALA EA 400 96.00 78.90 44.47
CA ALA EA 400 96.74 80.15 44.53
C ALA EA 400 95.89 81.28 45.03
N LYS EA 401 94.60 81.28 44.72
CA LYS EA 401 93.68 82.21 45.34
C LYS EA 401 92.44 81.51 45.86
N ARG EA 402 92.65 80.32 46.41
CA ARG EA 402 91.89 79.78 47.53
C ARG EA 402 90.41 79.57 47.14
N ALA EA 403 90.21 78.69 46.17
CA ALA EA 403 88.86 78.34 45.73
C ALA EA 403 88.46 76.99 46.30
N PHE EA 404 87.19 76.89 46.70
CA PHE EA 404 86.55 75.68 47.20
C PHE EA 404 87.13 75.15 48.50
N VAL EA 405 88.15 75.82 49.04
CA VAL EA 405 88.78 75.34 50.26
C VAL EA 405 87.85 75.48 51.45
N HIS EA 406 86.95 76.46 51.40
CA HIS EA 406 86.02 76.66 52.49
C HIS EA 406 85.04 75.51 52.63
N TRP EA 407 84.84 74.72 51.58
CA TRP EA 407 84.04 73.52 51.71
C TRP EA 407 84.78 72.39 52.39
N TYR EA 408 86.10 72.46 52.43
CA TYR EA 408 86.89 71.40 53.05
C TYR EA 408 87.33 71.74 54.46
N VAL EA 409 87.61 73.01 54.75
CA VAL EA 409 88.06 73.40 56.08
C VAL EA 409 86.98 73.14 57.11
N GLY EA 410 85.75 73.52 56.80
CA GLY EA 410 84.67 73.37 57.74
C GLY EA 410 84.20 71.95 57.94
N GLU EA 411 84.65 71.02 57.11
CA GLU EA 411 84.26 69.63 57.25
C GLU EA 411 85.30 68.81 57.98
N GLY EA 412 86.23 69.45 58.67
CA GLY EA 412 87.03 68.78 59.67
C GLY EA 412 88.50 68.60 59.38
N MET EA 413 89.04 69.23 58.35
CA MET EA 413 90.46 69.11 58.07
C MET EA 413 91.10 70.49 58.15
N GLU EA 414 92.32 70.52 58.67
CA GLU EA 414 93.05 71.76 58.79
C GLU EA 414 93.54 72.21 57.43
N GLU EA 415 93.68 73.51 57.26
CA GLU EA 415 94.47 74.01 56.15
C GLU EA 415 95.91 73.59 56.35
N GLY EA 416 96.62 73.43 55.25
CA GLY EA 416 97.97 72.93 55.27
C GLY EA 416 98.09 71.47 54.99
N GLU EA 417 97.01 70.71 55.17
CA GLU EA 417 96.98 69.37 54.60
C GLU EA 417 96.96 69.44 53.09
N PHE EA 418 96.40 70.50 52.52
CA PHE EA 418 96.52 70.72 51.09
C PHE EA 418 97.95 71.00 50.71
N SER EA 419 98.64 71.81 51.51
CA SER EA 419 100.05 72.10 51.26
C SER EA 419 100.93 70.88 51.53
N GLU EA 420 100.51 70.02 52.46
CA GLU EA 420 101.23 68.79 52.68
C GLU EA 420 101.09 67.85 51.50
N ALA EA 421 99.87 67.72 50.96
CA ALA EA 421 99.66 66.83 49.84
C ALA EA 421 100.26 67.41 48.56
N ARG EA 422 100.24 68.73 48.43
CA ARG EA 422 100.92 69.37 47.30
C ARG EA 422 102.42 69.15 47.34
N GLU EA 423 103.03 69.23 48.51
CA GLU EA 423 104.48 69.09 48.60
C GLU EA 423 104.91 67.65 48.42
N ASP EA 424 104.13 66.70 48.93
CA ASP EA 424 104.48 65.30 48.78
C ASP EA 424 104.37 64.86 47.32
N LEU EA 425 103.31 65.29 46.63
CA LEU EA 425 103.21 65.02 45.20
C LEU EA 425 104.29 65.78 44.42
N ALA EA 426 104.78 66.89 44.96
CA ALA EA 426 105.90 67.55 44.34
C ALA EA 426 107.17 66.73 44.50
N ALA EA 427 107.28 65.99 45.61
CA ALA EA 427 108.43 65.11 45.79
C ALA EA 427 108.37 63.93 44.83
N LEU EA 428 107.17 63.50 44.47
CA LEU EA 428 107.04 62.36 43.57
C LEU EA 428 107.42 62.76 42.14
N GLU EA 429 107.30 64.04 41.80
CA GLU EA 429 107.76 64.49 40.49
C GLU EA 429 109.28 64.36 40.38
N LYS EA 430 110.02 64.86 41.37
CA LYS EA 430 111.47 64.73 41.36
C LYS EA 430 111.88 63.28 41.50
N ASP EA 431 111.05 62.46 42.14
CA ASP EA 431 111.35 61.04 42.28
C ASP EA 431 111.36 60.34 40.93
N TYR EA 432 110.42 60.69 40.05
CA TYR EA 432 110.37 60.04 38.75
C TYR EA 432 111.46 60.57 37.82
N GLU EA 433 111.89 61.82 38.01
CA GLU EA 433 112.98 62.33 37.21
C GLU EA 433 114.29 61.62 37.54
N GLU EA 434 114.57 61.42 38.82
CA GLU EA 434 115.85 60.86 39.21
C GLU EA 434 115.95 59.36 38.95
N VAL EA 435 114.83 58.68 38.78
CA VAL EA 435 114.87 57.28 38.37
C VAL EA 435 115.34 57.15 36.93
N GLY EA 436 114.90 58.06 36.07
CA GLY EA 436 115.19 57.92 34.66
C GLY EA 436 116.47 58.56 34.17
N ILE EA 437 117.40 58.89 35.07
CA ILE EA 437 118.63 59.54 34.67
C ILE EA 437 119.55 58.56 33.95
N MET FA 1 65.08 58.17 54.52
CA MET FA 1 66.25 58.35 53.67
C MET FA 1 66.57 59.83 53.52
N ARG FA 2 66.63 60.30 52.29
CA ARG FA 2 66.79 61.73 52.00
C ARG FA 2 65.43 62.33 51.70
N GLU FA 3 65.11 63.44 52.36
CA GLU FA 3 63.82 64.08 52.19
C GLU FA 3 64.01 65.55 51.91
N ILE FA 4 62.98 66.17 51.33
CA ILE FA 4 62.95 67.60 51.05
C ILE FA 4 61.64 68.13 51.58
N VAL FA 5 61.69 69.25 52.28
CA VAL FA 5 60.51 69.90 52.84
C VAL FA 5 60.28 71.20 52.07
N HIS FA 6 59.11 71.34 51.48
CA HIS FA 6 58.80 72.52 50.69
C HIS FA 6 58.18 73.60 51.57
N VAL FA 7 58.56 74.84 51.32
CA VAL FA 7 57.90 76.00 51.92
C VAL FA 7 57.57 76.96 50.80
N GLN FA 8 56.30 77.29 50.63
CA GLN FA 8 55.86 78.23 49.62
C GLN FA 8 55.43 79.51 50.30
N GLY FA 9 56.14 80.60 50.03
CA GLY FA 9 55.85 81.85 50.69
C GLY FA 9 55.34 82.92 49.74
N GLY FA 10 54.22 83.54 50.08
CA GLY FA 10 53.66 84.60 49.27
C GLY FA 10 52.63 84.08 48.28
N GLN FA 11 51.95 85.03 47.63
CA GLN FA 11 50.97 84.63 46.64
C GLN FA 11 51.66 84.20 45.35
N CYS FA 12 52.81 84.79 45.04
CA CYS FA 12 53.61 84.25 43.95
C CYS FA 12 54.11 82.86 44.30
N GLY FA 13 54.55 82.67 45.54
CA GLY FA 13 55.12 81.40 45.94
C GLY FA 13 54.12 80.26 45.90
N ASN FA 14 52.86 80.54 46.20
CA ASN FA 14 51.85 79.50 46.12
C ASN FA 14 51.49 79.19 44.68
N GLN FA 15 51.41 80.21 43.82
CA GLN FA 15 51.11 79.99 42.42
C GLN FA 15 52.24 79.24 41.73
N ILE FA 16 53.49 79.65 41.96
CA ILE FA 16 54.59 78.89 41.38
C ILE FA 16 54.97 77.71 42.25
N GLY FA 17 54.19 77.44 43.29
CA GLY FA 17 54.39 76.25 44.08
C GLY FA 17 53.31 75.23 43.84
N ALA FA 18 52.10 75.70 43.49
CA ALA FA 18 51.03 74.77 43.16
C ALA FA 18 51.32 74.04 41.86
N LYS FA 19 52.00 74.71 40.93
CA LYS FA 19 52.36 74.03 39.70
C LYS FA 19 53.53 73.08 39.92
N PHE FA 20 54.31 73.29 40.97
CA PHE FA 20 55.40 72.36 41.24
C PHE FA 20 54.89 71.01 41.67
N TRP FA 21 53.79 70.98 42.44
CA TRP FA 21 53.19 69.70 42.75
C TRP FA 21 52.25 69.22 41.67
N GLU FA 22 52.05 69.99 40.61
CA GLU FA 22 51.42 69.43 39.43
C GLU FA 22 52.42 68.61 38.64
N VAL FA 23 53.69 69.03 38.64
CA VAL FA 23 54.64 68.34 37.77
C VAL FA 23 55.27 67.15 38.47
N ILE FA 24 55.43 67.17 39.80
CA ILE FA 24 56.00 66.02 40.47
C ILE FA 24 54.96 64.93 40.63
N SER FA 25 53.71 65.32 40.88
CA SER FA 25 52.63 64.34 40.95
C SER FA 25 52.41 63.69 39.60
N ASP FA 26 52.53 64.46 38.52
CA ASP FA 26 52.45 63.86 37.20
C ASP FA 26 53.65 62.96 36.94
N GLU FA 27 54.83 63.35 37.39
CA GLU FA 27 56.04 62.60 37.06
C GLU FA 27 56.12 61.31 37.86
N HIS FA 28 55.52 61.26 39.03
CA HIS FA 28 55.47 60.03 39.80
C HIS FA 28 54.15 59.28 39.64
N GLY FA 29 53.22 59.80 38.87
CA GLY FA 29 51.99 59.09 38.57
C GLY FA 29 50.88 59.23 39.59
N ILE FA 30 51.02 60.12 40.55
CA ILE FA 30 50.04 60.24 41.62
C ILE FA 30 48.83 61.03 41.12
N ASP FA 31 47.65 60.45 41.28
CA ASP FA 31 46.39 61.08 40.90
C ASP FA 31 46.07 62.23 41.85
N PRO FA 32 45.15 63.12 41.48
CA PRO FA 32 44.80 64.24 42.39
C PRO FA 32 44.19 63.80 43.70
N THR FA 33 43.67 62.58 43.80
CA THR FA 33 43.18 62.06 45.05
C THR FA 33 44.24 61.27 45.80
N GLY FA 34 45.46 61.18 45.28
CA GLY FA 34 46.56 60.58 45.99
C GLY FA 34 46.89 59.16 45.60
N THR FA 35 46.00 58.48 44.91
CA THR FA 35 46.23 57.09 44.55
C THR FA 35 47.17 56.99 43.36
N TYR FA 36 48.13 56.08 43.46
CA TYR FA 36 48.97 55.76 42.31
C TYR FA 36 48.13 55.07 41.24
N CYS FA 37 48.42 55.37 39.99
CA CYS FA 37 47.83 54.67 38.86
C CYS FA 37 48.82 54.69 37.72
N GLY FA 38 49.26 53.51 37.27
CA GLY FA 38 50.23 53.48 36.20
C GLY FA 38 51.31 52.43 36.29
N ASP FA 39 51.27 51.64 37.37
CA ASP FA 39 51.99 50.36 37.59
C ASP FA 39 53.41 50.33 37.04
N SER FA 40 54.20 51.33 37.37
CA SER FA 40 55.64 51.29 37.16
C SER FA 40 56.36 51.21 38.50
N ASP FA 41 57.63 50.82 38.44
CA ASP FA 41 58.39 50.52 39.66
C ASP FA 41 59.21 51.72 40.09
N LEU FA 42 59.98 52.28 39.18
CA LEU FA 42 60.89 53.38 39.50
C LEU FA 42 60.13 54.64 39.89
N GLN FA 43 58.85 54.72 39.54
CA GLN FA 43 58.04 55.88 39.91
C GLN FA 43 57.85 55.98 41.41
N LEU FA 44 57.62 54.86 42.07
CA LEU FA 44 57.25 54.88 43.47
C LEU FA 44 58.41 54.50 44.37
N GLU FA 45 59.49 53.96 43.81
CA GLU FA 45 60.56 53.37 44.61
C GLU FA 45 61.25 54.38 45.50
N ARG FA 46 61.48 55.59 45.00
CA ARG FA 46 62.03 56.68 45.78
C ARG FA 46 61.04 57.82 45.73
N ILE FA 47 60.02 57.74 46.58
CA ILE FA 47 58.92 58.70 46.58
C ILE FA 47 58.78 59.40 47.91
N ASN FA 48 59.49 58.96 48.93
CA ASN FA 48 59.53 59.68 50.20
C ASN FA 48 60.42 60.92 50.13
N VAL FA 49 60.99 61.24 48.97
CA VAL FA 49 61.69 62.50 48.80
C VAL FA 49 60.72 63.65 48.94
N PHE FA 50 59.48 63.48 48.50
CA PHE FA 50 58.51 64.54 48.58
C PHE FA 50 57.17 64.16 49.17
N TYR FA 51 56.88 62.89 49.43
CA TYR FA 51 55.55 62.49 49.83
C TYR FA 51 55.61 61.65 51.10
N ASN FA 52 54.48 61.64 51.81
CA ASN FA 52 54.33 60.85 53.02
C ASN FA 52 53.10 59.96 52.89
N GLU FA 53 53.20 58.72 53.34
CA GLU FA 53 52.06 57.83 53.37
C GLU FA 53 51.05 58.30 54.43
N ALA FA 54 49.82 57.82 54.32
CA ALA FA 54 48.78 58.31 55.21
C ALA FA 54 47.88 57.20 55.69
N THR FA 55 48.48 56.04 55.99
CA THR FA 55 47.87 54.84 56.60
C THR FA 55 46.60 54.35 55.88
N GLY FA 56 46.33 54.87 54.70
CA GLY FA 56 45.20 54.45 53.90
C GLY FA 56 45.72 54.27 52.50
N GLY FA 57 47.00 54.54 52.33
CA GLY FA 57 47.65 54.33 51.06
C GLY FA 57 47.71 55.53 50.15
N ARG FA 58 47.44 56.74 50.65
CA ARG FA 58 47.50 57.92 49.83
C ARG FA 58 48.66 58.80 50.27
N PHE FA 59 49.26 59.48 49.30
CA PHE FA 59 50.47 60.26 49.50
C PHE FA 59 50.13 61.74 49.65
N VAL FA 60 50.71 62.40 50.63
CA VAL FA 60 50.49 63.81 50.87
C VAL FA 60 51.82 64.55 50.72
N PRO FA 61 51.84 65.74 50.12
CA PRO FA 61 53.09 66.45 49.92
C PRO FA 61 53.67 66.94 51.23
N ARG FA 62 54.98 67.09 51.25
CA ARG FA 62 55.67 67.65 52.41
C ARG FA 62 55.83 69.16 52.24
N ALA FA 63 54.69 69.82 52.02
CA ALA FA 63 54.66 71.24 51.73
C ALA FA 63 54.01 72.00 52.86
N ILE FA 64 54.59 73.13 53.23
CA ILE FA 64 53.97 74.09 54.12
C ILE FA 64 53.65 75.31 53.28
N LEU FA 65 52.36 75.59 53.09
CA LEU FA 65 51.94 76.77 52.38
C LEU FA 65 51.73 77.89 53.37
N MET FA 66 52.33 79.04 53.10
CA MET FA 66 52.38 80.09 54.09
C MET FA 66 52.02 81.39 53.40
N ASP FA 67 51.14 82.16 54.02
CA ASP FA 67 50.65 83.38 53.39
C ASP FA 67 50.04 84.25 54.49
N LEU FA 68 49.92 85.54 54.20
CA LEU FA 68 49.27 86.49 55.10
C LEU FA 68 47.88 86.89 54.65
N GLU FA 69 47.39 86.39 53.50
CA GLU FA 69 46.03 86.72 53.09
C GLU FA 69 45.38 85.48 52.48
N PRO FA 70 44.10 85.25 52.76
CA PRO FA 70 43.46 83.99 52.37
C PRO FA 70 42.96 83.94 50.95
N GLY FA 71 43.27 84.91 50.10
CA GLY FA 71 42.73 84.88 48.75
C GLY FA 71 43.44 83.87 47.86
N THR FA 72 44.75 84.04 47.69
CA THR FA 72 45.51 83.15 46.81
C THR FA 72 45.74 81.80 47.46
N MET FA 73 45.53 81.74 48.76
CA MET FA 73 45.21 80.50 49.43
C MET FA 73 44.05 79.74 48.79
N ASP FA 74 42.88 80.37 48.73
CA ASP FA 74 41.68 79.60 48.40
C ASP FA 74 41.66 79.21 46.94
N SER FA 75 42.38 79.95 46.10
CA SER FA 75 42.54 79.55 44.71
C SER FA 75 43.38 78.28 44.60
N VAL FA 76 44.36 78.13 45.49
CA VAL FA 76 45.22 76.95 45.45
C VAL FA 76 44.43 75.71 45.82
N ARG FA 77 43.66 75.78 46.90
CA ARG FA 77 42.91 74.62 47.37
C ARG FA 77 41.82 74.22 46.38
N ALA FA 78 41.09 75.19 45.86
CA ALA FA 78 39.95 74.89 44.99
C ALA FA 78 40.37 74.46 43.60
N GLY FA 79 41.63 74.70 43.22
CA GLY FA 79 42.07 74.33 41.89
C GLY FA 79 42.25 72.84 41.76
N PRO FA 80 42.57 72.37 40.56
CA PRO FA 80 42.89 70.96 40.41
C PRO FA 80 44.21 70.67 41.10
N PHE FA 81 44.34 69.44 41.58
CA PHE FA 81 45.47 69.01 42.40
C PHE FA 81 45.59 69.88 43.64
N GLY FA 82 44.45 70.27 44.19
CA GLY FA 82 44.43 71.18 45.31
C GLY FA 82 44.03 70.48 46.59
N GLN FA 83 43.29 69.39 46.46
CA GLN FA 83 42.96 68.59 47.63
C GLN FA 83 44.05 67.60 47.96
N LEU FA 84 45.16 67.65 47.24
CA LEU FA 84 46.31 66.82 47.57
C LEU FA 84 46.94 67.24 48.88
N PHE FA 85 46.93 68.52 49.18
CA PHE FA 85 47.61 69.03 50.36
C PHE FA 85 46.86 68.67 51.64
N ARG FA 86 47.57 68.70 52.74
CA ARG FA 86 46.94 68.55 54.05
C ARG FA 86 46.38 69.90 54.49
N PRO FA 87 45.14 69.95 54.98
CA PRO FA 87 44.57 71.24 55.40
C PRO FA 87 45.25 71.84 56.60
N ASP FA 88 45.90 71.03 57.43
CA ASP FA 88 46.64 71.57 58.57
C ASP FA 88 47.84 72.35 58.09
N ASN FA 89 48.47 71.91 56.99
CA ASN FA 89 49.73 72.50 56.54
C ASN FA 89 49.60 73.92 56.05
N PHE FA 90 48.39 74.37 55.71
CA PHE FA 90 48.26 75.76 55.31
C PHE FA 90 48.36 76.64 56.54
N VAL FA 91 48.93 77.82 56.39
CA VAL FA 91 48.90 78.83 57.45
C VAL FA 91 48.35 80.11 56.86
N PHE FA 92 47.10 80.43 57.19
CA PHE FA 92 46.48 81.67 56.75
C PHE FA 92 47.16 82.87 57.40
N GLY FA 93 46.75 84.03 56.96
CA GLY FA 93 46.85 85.23 57.76
C GLY FA 93 45.61 86.08 57.52
N GLN FA 94 45.24 86.85 58.52
CA GLN FA 94 44.07 87.70 58.34
C GLN FA 94 44.42 89.14 58.03
N THR FA 95 45.50 89.66 58.61
CA THR FA 95 45.83 91.07 58.41
C THR FA 95 46.39 91.31 57.02
N GLY FA 96 47.52 90.70 56.70
CA GLY FA 96 48.10 90.85 55.39
C GLY FA 96 49.09 91.99 55.31
N ALA FA 97 50.25 91.72 54.72
CA ALA FA 97 51.28 92.74 54.58
C ALA FA 97 51.04 93.52 53.30
N GLY FA 98 50.97 94.84 53.42
CA GLY FA 98 50.62 95.65 52.27
C GLY FA 98 51.79 96.00 51.38
N ASN FA 99 52.49 94.98 50.90
CA ASN FA 99 53.76 95.12 50.20
C ASN FA 99 54.76 95.95 50.99
N ASN FA 100 54.81 95.79 52.29
CA ASN FA 100 55.91 96.33 53.08
C ASN FA 100 56.79 95.17 53.51
N TRP FA 101 58.10 95.33 53.34
CA TRP FA 101 59.02 94.37 53.93
C TRP FA 101 59.04 94.49 55.44
N ALA FA 102 58.76 95.68 55.98
CA ALA FA 102 58.83 95.87 57.41
C ALA FA 102 57.77 95.08 58.13
N LYS FA 103 56.52 95.20 57.68
CA LYS FA 103 55.45 94.54 58.41
C LYS FA 103 55.37 93.07 58.09
N GLY FA 104 56.04 92.60 57.04
CA GLY FA 104 56.17 91.18 56.85
C GLY FA 104 57.25 90.56 57.70
N HIS FA 105 58.28 91.32 58.04
CA HIS FA 105 59.41 90.80 58.79
C HIS FA 105 59.30 91.06 60.28
N TYR FA 106 58.64 92.12 60.70
CA TYR FA 106 58.66 92.50 62.10
C TYR FA 106 57.28 92.46 62.76
N THR FA 107 56.26 93.10 62.19
CA THR FA 107 55.07 93.33 62.99
C THR FA 107 54.12 92.13 63.01
N GLU FA 108 53.52 91.77 61.88
CA GLU FA 108 52.60 90.65 61.92
C GLU FA 108 53.17 89.39 61.30
N GLY FA 109 54.35 89.45 60.72
CA GLY FA 109 55.06 88.23 60.39
C GLY FA 109 55.50 87.50 61.64
N ALA FA 110 55.95 88.25 62.66
CA ALA FA 110 56.39 87.63 63.90
C ALA FA 110 55.22 87.05 64.67
N GLU FA 111 54.04 87.65 64.55
CA GLU FA 111 52.84 87.11 65.18
C GLU FA 111 52.47 85.76 64.61
N LEU FA 112 52.89 85.47 63.38
CA LEU FA 112 52.45 84.29 62.67
C LEU FA 112 53.55 83.26 62.45
N ILE FA 113 54.82 83.64 62.60
CA ILE FA 113 55.90 82.72 62.28
C ILE FA 113 56.09 81.68 63.37
N ASP FA 114 55.59 81.91 64.58
CA ASP FA 114 55.64 80.88 65.59
C ASP FA 114 54.69 79.74 65.27
N SER FA 115 53.64 80.01 64.50
CA SER FA 115 52.69 78.98 64.11
C SER FA 115 53.01 78.35 62.77
N VAL FA 116 54.10 78.77 62.13
CA VAL FA 116 54.57 78.07 60.95
C VAL FA 116 55.83 77.28 61.27
N LEU FA 117 56.63 77.79 62.19
CA LEU FA 117 57.85 77.12 62.56
C LEU FA 117 57.56 75.79 63.26
N ASP FA 118 56.37 75.64 63.83
CA ASP FA 118 56.03 74.37 64.47
C ASP FA 118 55.64 73.30 63.45
N VAL FA 119 54.96 73.69 62.38
CA VAL FA 119 54.63 72.68 61.38
C VAL FA 119 55.85 72.39 60.53
N VAL FA 120 56.81 73.30 60.49
CA VAL FA 120 58.08 73.02 59.81
C VAL FA 120 58.85 71.98 60.58
N ARG FA 121 58.98 72.16 61.89
CA ARG FA 121 59.75 71.20 62.67
C ARG FA 121 59.00 69.90 62.86
N LYS FA 122 57.67 69.91 62.69
CA LYS FA 122 56.93 68.67 62.76
C LYS FA 122 57.14 67.83 61.51
N GLU FA 123 57.18 68.47 60.35
CA GLU FA 123 57.46 67.75 59.11
C GLU FA 123 58.93 67.40 58.98
N ALA FA 124 59.81 68.16 59.62
CA ALA FA 124 61.23 67.87 59.50
C ALA FA 124 61.63 66.69 60.36
N GLU FA 125 61.05 66.56 61.55
CA GLU FA 125 61.48 65.56 62.50
C GLU FA 125 60.76 64.23 62.35
N GLY FA 126 59.71 64.16 61.54
CA GLY FA 126 58.96 62.93 61.43
C GLY FA 126 59.77 61.80 60.79
N CYS FA 127 60.52 62.12 59.76
CA CYS FA 127 61.31 61.13 59.05
C CYS FA 127 62.65 60.94 59.78
N ASP FA 128 63.59 60.28 59.12
CA ASP FA 128 64.85 59.97 59.78
C ASP FA 128 65.81 61.17 59.76
N CYS FA 129 66.25 61.57 58.56
CA CYS FA 129 67.31 62.55 58.42
C CYS FA 129 67.04 63.33 57.14
N LEU FA 130 66.54 64.54 57.29
CA LEU FA 130 66.18 65.38 56.16
C LEU FA 130 67.42 65.76 55.37
N GLN FA 131 67.25 65.90 54.06
CA GLN FA 131 68.35 66.48 53.28
C GLN FA 131 68.35 67.98 53.41
N GLY FA 132 67.21 68.59 53.12
CA GLY FA 132 67.11 70.03 53.30
C GLY FA 132 65.72 70.49 52.95
N PHE FA 133 65.57 71.80 52.93
CA PHE FA 133 64.33 72.44 52.58
C PHE FA 133 64.48 73.09 51.23
N GLN FA 134 63.36 73.42 50.61
CA GLN FA 134 63.39 74.38 49.51
C GLN FA 134 62.30 75.41 49.75
N ILE FA 135 62.64 76.66 49.47
CA ILE FA 135 61.74 77.79 49.67
C ILE FA 135 61.42 78.34 48.30
N THR FA 136 60.22 78.86 48.14
CA THR FA 136 59.75 79.28 46.84
C THR FA 136 58.96 80.58 47.04
N HIS FA 137 59.56 81.70 46.66
CA HIS FA 137 58.97 83.00 46.98
C HIS FA 137 59.48 84.04 46.02
N SER FA 138 58.84 85.22 46.04
CA SER FA 138 59.17 86.33 45.17
C SER FA 138 59.62 87.51 46.02
N LEU FA 139 60.53 88.31 45.49
CA LEU FA 139 61.22 89.30 46.30
C LEU FA 139 60.66 90.71 46.14
N GLY FA 140 59.56 90.88 45.42
CA GLY FA 140 58.99 92.22 45.30
C GLY FA 140 57.83 92.47 46.23
N GLY FA 141 57.22 91.39 46.73
CA GLY FA 141 56.01 91.50 47.52
C GLY FA 141 56.31 91.74 48.98
N GLY FA 142 55.31 91.46 49.81
CA GLY FA 142 55.41 91.74 51.22
C GLY FA 142 55.44 90.52 52.12
N THR FA 143 54.72 89.47 51.75
CA THR FA 143 54.66 88.29 52.59
C THR FA 143 55.54 87.16 52.11
N GLY FA 144 56.04 87.23 50.89
CA GLY FA 144 57.05 86.29 50.45
C GLY FA 144 58.43 86.86 50.72
N SER FA 145 58.62 88.11 50.33
CA SER FA 145 59.88 88.77 50.56
C SER FA 145 60.08 89.10 52.03
N GLY FA 146 59.00 89.34 52.76
CA GLY FA 146 59.11 89.82 54.13
C GLY FA 146 58.96 88.77 55.21
N MET FA 147 57.94 87.93 55.10
CA MET FA 147 57.74 86.88 56.09
C MET FA 147 58.34 85.56 55.66
N GLY FA 148 58.53 85.37 54.35
CA GLY FA 148 59.22 84.18 53.89
C GLY FA 148 60.68 84.17 54.29
N THR FA 149 61.32 85.34 54.28
CA THR FA 149 62.73 85.37 54.61
C THR FA 149 62.96 85.30 56.11
N LEU FA 150 61.91 85.53 56.91
CA LEU FA 150 62.04 85.30 58.35
C LEU FA 150 62.01 83.82 58.66
N LEU FA 151 61.23 83.05 57.89
CA LEU FA 151 61.32 81.60 58.03
C LEU FA 151 62.70 81.12 57.64
N ILE FA 152 63.25 81.66 56.55
CA ILE FA 152 64.57 81.25 56.08
C ILE FA 152 65.64 81.58 57.11
N SER FA 153 65.47 82.70 57.81
CA SER FA 153 66.41 83.07 58.86
C SER FA 153 66.36 82.10 60.03
N LYS FA 154 65.17 81.75 60.50
CA LYS FA 154 65.07 80.93 61.70
C LYS FA 154 65.38 79.47 61.42
N VAL FA 155 64.95 78.95 60.28
CA VAL FA 155 65.16 77.52 60.05
C VAL FA 155 66.60 77.26 59.66
N ARG FA 156 67.34 78.28 59.24
CA ARG FA 156 68.80 78.20 59.26
C ARG FA 156 69.34 78.03 60.67
N GLU FA 157 68.76 78.75 61.64
CA GLU FA 157 69.30 78.69 62.98
C GLU FA 157 68.99 77.36 63.65
N GLU FA 158 67.84 76.78 63.36
CA GLU FA 158 67.45 75.55 64.02
C GLU FA 158 68.12 74.34 63.37
N TYR FA 159 68.16 74.31 62.05
CA TYR FA 159 68.80 73.23 61.29
C TYR FA 159 69.92 73.84 60.46
N PRO FA 160 71.13 73.92 60.97
CA PRO FA 160 72.19 74.63 60.25
C PRO FA 160 72.70 73.94 59.00
N ASP FA 161 73.05 72.66 59.09
CA ASP FA 161 73.79 72.01 58.02
C ASP FA 161 72.94 71.51 56.87
N ARG FA 162 71.63 71.41 57.04
CA ARG FA 162 70.78 70.94 55.96
C ARG FA 162 70.76 71.95 54.83
N ILE FA 163 70.61 71.46 53.61
CA ILE FA 163 70.73 72.34 52.45
C ILE FA 163 69.49 73.22 52.35
N MET FA 164 69.68 74.43 51.84
CA MET FA 164 68.63 75.45 51.83
C MET FA 164 68.59 76.04 50.43
N GLU FA 165 67.58 75.68 49.67
CA GLU FA 165 67.47 76.10 48.29
C GLU FA 165 66.32 77.09 48.18
N THR FA 166 66.54 78.16 47.44
CA THR FA 166 65.45 79.11 47.28
C THR FA 166 65.41 79.63 45.85
N PHE FA 167 64.19 79.83 45.37
CA PHE FA 167 63.92 80.24 44.00
C PHE FA 167 63.28 81.62 44.07
N SER FA 168 64.07 82.64 43.86
CA SER FA 168 63.63 84.01 44.09
C SER FA 168 63.25 84.63 42.76
N VAL FA 169 62.01 85.09 42.66
CA VAL FA 169 61.58 85.85 41.50
C VAL FA 169 61.96 87.30 41.78
N PHE FA 170 63.07 87.73 41.20
CA PHE FA 170 63.59 89.07 41.38
C PHE FA 170 62.70 90.07 40.66
N PRO FA 171 62.80 91.35 41.02
CA PRO FA 171 62.12 92.38 40.25
C PRO FA 171 62.60 92.44 38.81
N SER FA 172 61.66 92.57 37.90
CA SER FA 172 62.00 92.69 36.49
C SER FA 172 62.68 94.03 36.22
N PRO FA 173 63.67 94.06 35.33
CA PRO FA 173 64.40 95.31 35.09
C PRO FA 173 63.60 96.45 34.48
N LYS FA 174 62.99 96.22 33.32
CA LYS FA 174 62.37 97.32 32.59
C LYS FA 174 61.09 97.77 33.26
N VAL FA 175 60.10 96.90 33.28
CA VAL FA 175 58.80 97.22 33.85
C VAL FA 175 58.78 96.80 35.31
N SER FA 176 58.48 97.74 36.18
CA SER FA 176 58.51 97.54 37.61
C SER FA 176 57.09 97.50 38.12
N ASP FA 177 56.70 96.36 38.65
CA ASP FA 177 55.42 96.23 39.33
C ASP FA 177 55.69 96.29 40.82
N THR FA 178 54.70 96.77 41.59
CA THR FA 178 54.85 97.02 43.03
C THR FA 178 56.00 98.01 43.29
N VAL FA 179 55.69 99.28 43.00
CA VAL FA 179 56.60 100.43 42.93
C VAL FA 179 57.66 100.46 44.02
N VAL FA 180 57.35 99.98 45.22
CA VAL FA 180 58.40 99.78 46.22
C VAL FA 180 58.94 98.37 46.00
N GLU FA 181 59.72 98.23 44.94
CA GLU FA 181 60.58 97.08 44.70
C GLU FA 181 61.93 97.15 45.41
N PRO FA 182 62.75 98.19 45.20
CA PRO FA 182 64.14 98.08 45.63
C PRO FA 182 64.30 98.03 47.14
N TYR FA 183 63.42 98.65 47.90
CA TYR FA 183 63.43 98.46 49.34
C TYR FA 183 63.14 97.01 49.68
N ASN FA 184 62.19 96.40 48.99
CA ASN FA 184 61.90 95.00 49.24
C ASN FA 184 62.98 94.10 48.69
N ALA FA 185 63.55 94.45 47.54
CA ALA FA 185 64.54 93.57 46.92
C ALA FA 185 65.88 93.64 47.63
N THR FA 186 66.32 94.84 48.01
CA THR FA 186 67.62 94.95 48.68
C THR FA 186 67.58 94.40 50.09
N LEU FA 187 66.54 94.74 50.84
CA LEU FA 187 66.47 94.25 52.21
C LEU FA 187 66.22 92.76 52.28
N SER FA 188 65.80 92.14 51.19
CA SER FA 188 65.79 90.69 51.21
C SER FA 188 67.17 90.13 50.93
N VAL FA 189 67.89 90.69 49.96
CA VAL FA 189 69.12 90.03 49.54
C VAL FA 189 70.25 90.24 50.52
N HIS FA 190 70.26 91.31 51.33
CA HIS FA 190 71.42 91.36 52.22
C HIS FA 190 71.15 90.51 53.44
N GLN FA 191 69.95 90.00 53.58
CA GLN FA 191 69.62 89.08 54.64
C GLN FA 191 69.57 87.66 54.13
N LEU FA 192 69.50 87.49 52.82
CA LEU FA 192 69.54 86.20 52.16
C LEU FA 192 70.94 85.79 51.71
N VAL FA 193 71.93 86.68 51.80
CA VAL FA 193 73.29 86.24 51.55
C VAL FA 193 73.87 85.55 52.78
N GLU FA 194 73.41 85.92 53.97
CA GLU FA 194 73.87 85.23 55.17
C GLU FA 194 73.29 83.83 55.25
N ASN FA 195 72.01 83.67 54.89
CA ASN FA 195 71.28 82.49 55.30
C ASN FA 195 70.70 81.67 54.16
N ALA FA 196 71.49 81.40 53.12
CA ALA FA 196 71.01 80.52 52.06
C ALA FA 196 72.19 79.80 51.43
N ASP FA 197 71.96 78.55 51.05
CA ASP FA 197 73.00 77.76 50.42
C ASP FA 197 72.96 77.87 48.90
N GLU FA 198 71.79 77.72 48.29
CA GLU FA 198 71.62 77.95 46.86
C GLU FA 198 70.45 78.89 46.65
N VAL FA 199 70.68 79.93 45.85
CA VAL FA 199 69.63 80.85 45.43
C VAL FA 199 69.58 80.84 43.92
N GLN FA 200 68.41 80.58 43.37
CA GLN FA 200 68.25 80.52 41.94
C GLN FA 200 67.41 81.72 41.49
N VAL FA 201 67.98 82.53 40.61
CA VAL FA 201 67.41 83.83 40.27
C VAL FA 201 66.54 83.68 39.03
N ILE FA 202 65.29 84.11 39.15
CA ILE FA 202 64.31 84.07 38.07
C ILE FA 202 63.74 85.47 37.92
N ASP FA 203 63.67 85.95 36.69
CA ASP FA 203 63.13 87.26 36.39
C ASP FA 203 61.87 87.06 35.57
N ASN FA 204 60.87 87.90 35.80
CA ASN FA 204 59.62 87.72 35.06
C ASN FA 204 59.77 88.06 33.59
N GLU FA 205 60.45 89.15 33.25
CA GLU FA 205 60.42 89.50 31.84
C GLU FA 205 61.41 88.68 31.04
N ALA FA 206 62.33 88.00 31.71
CA ALA FA 206 63.07 86.95 31.04
C ALA FA 206 62.13 85.82 30.64
N LEU FA 207 61.17 85.50 31.50
CA LEU FA 207 60.17 84.50 31.14
C LEU FA 207 59.22 85.02 30.09
N TYR FA 208 58.96 86.32 30.09
CA TYR FA 208 58.16 86.92 29.02
C TYR FA 208 58.87 86.80 27.69
N ASP FA 209 60.19 87.02 27.70
CA ASP FA 209 60.98 86.94 26.47
C ASP FA 209 61.02 85.54 25.91
N ILE FA 210 61.07 84.53 26.79
CA ILE FA 210 61.10 83.16 26.33
C ILE FA 210 59.80 82.78 25.65
N CYS FA 211 58.66 83.24 26.20
CA CYS FA 211 57.38 82.88 25.61
C CYS FA 211 57.13 83.58 24.29
N PHE FA 212 57.64 84.80 24.11
CA PHE FA 212 57.41 85.49 22.86
C PHE FA 212 58.31 84.94 21.76
N ARG FA 213 59.56 84.59 22.09
CA ARG FA 213 60.53 84.22 21.07
C ARG FA 213 60.63 82.71 20.88
N THR FA 214 60.96 81.98 21.94
CA THR FA 214 61.24 80.55 21.78
C THR FA 214 59.96 79.75 21.66
N LEU FA 215 59.10 79.80 22.68
CA LEU FA 215 57.88 79.00 22.65
C LEU FA 215 56.82 79.53 21.69
N LYS FA 216 56.83 80.84 21.42
CA LYS FA 216 55.87 81.49 20.52
C LYS FA 216 54.42 81.24 20.95
N LEU FA 217 54.09 81.75 22.13
CA LEU FA 217 52.75 81.58 22.67
C LEU FA 217 51.98 82.88 22.56
N THR FA 218 50.70 82.77 22.20
CA THR FA 218 49.91 83.94 21.85
C THR FA 218 49.03 84.45 22.99
N THR FA 219 48.58 83.61 23.90
CA THR FA 219 47.80 84.07 25.06
C THR FA 219 48.35 83.43 26.32
N PRO FA 220 49.56 83.78 26.71
CA PRO FA 220 50.22 83.00 27.77
C PRO FA 220 49.96 83.56 29.15
N THR FA 221 49.28 82.83 30.00
CA THR FA 221 48.94 83.34 31.32
C THR FA 221 50.09 83.08 32.28
N TYR FA 222 49.85 83.32 33.57
CA TYR FA 222 50.85 82.94 34.56
C TYR FA 222 50.97 81.45 34.75
N GLY FA 223 49.99 80.67 34.29
CA GLY FA 223 50.11 79.23 34.36
C GLY FA 223 51.24 78.71 33.49
N ASP FA 224 51.41 79.30 32.31
CA ASP FA 224 52.47 78.84 31.43
C ASP FA 224 53.83 79.31 31.91
N LEU FA 225 53.90 80.47 32.55
CA LEU FA 225 55.16 80.95 33.08
C LEU FA 225 55.62 80.10 34.26
N ASN FA 226 54.69 79.74 35.13
CA ASN FA 226 55.02 78.86 36.24
C ASN FA 226 55.42 77.49 35.74
N HIS FA 227 54.83 77.06 34.62
CA HIS FA 227 55.12 75.73 34.11
C HIS FA 227 56.54 75.63 33.58
N LEU FA 228 57.11 76.76 33.15
CA LEU FA 228 58.51 76.75 32.75
C LEU FA 228 59.42 76.73 33.96
N VAL FA 229 59.07 77.50 35.00
CA VAL FA 229 59.87 77.50 36.22
C VAL FA 229 59.78 76.15 36.90
N SER FA 230 58.58 75.58 36.92
CA SER FA 230 58.37 74.29 37.57
C SER FA 230 59.10 73.17 36.87
N ALA FA 231 59.20 73.23 35.55
CA ALA FA 231 60.00 72.24 34.83
C ALA FA 231 61.47 72.43 35.12
N ALA FA 232 61.88 73.66 35.42
CA ALA FA 232 63.24 73.91 35.87
C ALA FA 232 63.42 73.49 37.31
N MET FA 233 62.36 73.57 38.11
CA MET FA 233 62.43 73.14 39.51
C MET FA 233 62.68 71.64 39.60
N SER FA 234 62.02 70.86 38.74
CA SER FA 234 62.13 69.41 38.80
C SER FA 234 63.47 68.93 38.28
N GLY FA 235 64.14 69.72 37.45
CA GLY FA 235 65.39 69.29 36.89
C GLY FA 235 66.53 69.28 37.89
N VAL FA 236 66.46 70.18 38.88
CA VAL FA 236 67.51 70.25 39.89
C VAL FA 236 67.43 69.08 40.85
N THR FA 237 66.30 68.38 40.88
CA THR FA 237 66.10 67.24 41.78
C THR FA 237 65.73 65.96 41.05
N CYS FA 238 66.21 65.76 39.81
CA CYS FA 238 65.95 64.50 39.12
C CYS FA 238 66.66 63.35 39.79
N CYS FA 239 67.92 63.55 40.13
CA CYS FA 239 68.75 62.47 40.63
C CYS FA 239 68.26 61.90 41.94
N LEU FA 240 67.71 62.74 42.81
CA LEU FA 240 67.25 62.28 44.10
C LEU FA 240 66.09 61.30 43.99
N ARG FA 241 65.38 61.30 42.87
CA ARG FA 241 64.18 60.50 42.74
C ARG FA 241 64.26 59.41 41.68
N PHE FA 242 65.27 59.43 40.83
CA PHE FA 242 65.42 58.44 39.78
C PHE FA 242 66.88 58.03 39.70
N PRO FA 243 67.15 56.81 39.26
CA PRO FA 243 68.54 56.39 39.13
C PRO FA 243 69.22 57.05 37.95
N GLY FA 244 70.54 57.08 38.00
CA GLY FA 244 71.31 57.67 36.92
C GLY FA 244 72.63 56.99 36.74
N GLN FA 245 73.20 57.16 35.54
CA GLN FA 245 74.55 56.67 35.28
C GLN FA 245 75.57 57.48 36.06
N LEU FA 246 75.35 58.78 36.18
CA LEU FA 246 76.20 59.67 36.96
C LEU FA 246 75.30 60.56 37.80
N ASN FA 247 75.42 60.45 39.12
CA ASN FA 247 74.45 60.98 40.05
C ASN FA 247 74.79 62.38 40.52
N SER FA 248 73.76 63.14 40.89
CA SER FA 248 73.98 64.50 41.37
C SER FA 248 72.85 64.99 42.26
N ASP FA 249 73.09 65.02 43.56
CA ASP FA 249 72.14 65.61 44.49
C ASP FA 249 72.35 67.12 44.58
N LEU FA 250 71.66 67.74 45.53
CA LEU FA 250 71.76 69.19 45.68
C LEU FA 250 73.10 69.59 46.26
N ARG FA 251 73.57 68.86 47.27
CA ARG FA 251 74.83 69.22 47.92
C ARG FA 251 76.00 68.88 47.02
N LYS FA 252 75.80 67.86 46.17
CA LYS FA 252 76.70 67.55 45.07
C LYS FA 252 76.91 68.77 44.20
N LEU FA 253 75.84 69.53 43.98
CA LEU FA 253 75.84 70.69 43.10
C LEU FA 253 76.43 71.92 43.78
N ALA FA 254 76.25 72.03 45.09
CA ALA FA 254 76.71 73.23 45.80
C ALA FA 254 78.22 73.33 45.82
N VAL FA 255 78.90 72.20 45.98
CA VAL FA 255 80.36 72.21 46.06
C VAL FA 255 80.94 72.63 44.71
N ASN FA 256 80.22 72.37 43.63
CA ASN FA 256 80.63 72.81 42.31
C ASN FA 256 80.69 74.32 42.21
N LEU FA 257 79.58 74.97 42.49
CA LEU FA 257 79.32 76.31 42.03
C LEU FA 257 79.70 77.38 43.03
N ILE FA 258 80.15 77.00 44.22
CA ILE FA 258 80.38 77.98 45.28
C ILE FA 258 81.85 77.96 45.65
N PRO FA 259 82.67 78.80 45.06
CA PRO FA 259 84.06 78.87 45.49
C PRO FA 259 84.23 79.70 46.75
N PHE FA 260 83.39 80.71 46.88
CA PHE FA 260 83.43 81.60 48.03
C PHE FA 260 82.02 81.77 48.56
N PRO FA 261 81.85 81.87 49.88
CA PRO FA 261 80.51 81.67 50.45
C PRO FA 261 79.51 82.77 50.14
N ARG FA 262 79.96 83.93 49.69
CA ARG FA 262 79.02 85.03 49.43
C ARG FA 262 78.23 84.77 48.16
N LEU FA 263 78.90 84.38 47.09
CA LEU FA 263 78.27 84.28 45.78
C LEU FA 263 77.61 82.92 45.66
N HIS FA 264 76.28 82.89 45.81
CA HIS FA 264 75.47 81.72 45.55
C HIS FA 264 74.19 82.12 44.83
N PHE FA 265 74.32 82.95 43.82
CA PHE FA 265 73.21 83.35 42.99
C PHE FA 265 73.43 82.83 41.59
N PHE FA 266 72.42 82.16 41.05
CA PHE FA 266 72.57 81.34 39.86
C PHE FA 266 71.62 81.77 38.76
N LEU FA 267 71.80 81.18 37.60
CA LEU FA 267 70.95 81.38 36.45
C LEU FA 267 70.41 80.03 35.99
N ILE FA 268 69.12 79.96 35.69
CA ILE FA 268 68.52 78.72 35.24
C ILE FA 268 68.13 78.86 33.78
N GLY FA 269 68.26 77.78 33.04
CA GLY FA 269 67.64 77.67 31.73
C GLY FA 269 67.23 76.23 31.49
N PHE FA 270 66.19 76.05 30.70
CA PHE FA 270 65.69 74.73 30.40
C PHE FA 270 65.76 74.47 28.90
N ALA FA 271 66.18 73.29 28.54
CA ALA FA 271 66.22 72.83 27.16
C ALA FA 271 65.66 71.42 27.12
N PRO FA 272 64.96 71.05 26.05
CA PRO FA 272 64.61 71.83 24.88
C PRO FA 272 63.34 72.62 25.05
N LEU FA 273 63.20 73.68 24.25
CA LEU FA 273 62.01 74.51 24.26
C LEU FA 273 61.75 74.88 22.80
N THR FA 274 60.79 74.20 22.18
CA THR FA 274 60.34 74.56 20.85
C THR FA 274 58.83 74.73 20.84
N SER FA 275 58.37 75.48 19.85
CA SER FA 275 56.94 75.70 19.67
C SER FA 275 56.27 74.43 19.18
N ARG FA 276 54.94 74.49 19.07
CA ARG FA 276 54.19 73.34 18.60
C ARG FA 276 54.53 73.00 17.16
N GLY FA 277 54.70 74.02 16.33
CA GLY FA 277 55.06 73.77 14.95
C GLY FA 277 56.47 73.24 14.80
N SER FA 278 57.40 73.74 15.60
CA SER FA 278 58.81 73.41 15.46
C SER FA 278 59.21 72.16 16.22
N GLN FA 279 58.30 71.55 16.96
CA GLN FA 279 58.62 70.27 17.60
C GLN FA 279 58.76 69.17 16.57
N GLN FA 280 58.02 69.26 15.48
CA GLN FA 280 58.02 68.22 14.48
C GLN FA 280 59.26 68.27 13.60
N TYR FA 281 59.96 69.40 13.55
CA TYR FA 281 61.09 69.58 12.65
C TYR FA 281 62.44 69.53 13.34
N ARG FA 282 62.50 69.62 14.66
CA ARG FA 282 63.78 69.78 15.32
C ARG FA 282 64.29 68.42 15.76
N ALA FA 283 65.61 68.23 15.66
CA ALA FA 283 66.23 66.97 16.02
C ALA FA 283 66.69 67.01 17.47
N LEU FA 284 66.25 66.03 18.26
CA LEU FA 284 66.56 66.03 19.68
C LEU FA 284 67.84 65.24 19.90
N SER FA 285 68.93 65.93 20.22
CA SER FA 285 70.21 65.29 20.43
C SER FA 285 71.06 66.21 21.30
N VAL FA 286 72.14 65.65 21.84
CA VAL FA 286 72.96 66.40 22.79
C VAL FA 286 73.59 67.65 22.21
N PRO FA 287 74.14 67.66 20.97
CA PRO FA 287 74.62 68.94 20.43
C PRO FA 287 73.54 69.97 20.26
N GLU FA 288 72.31 69.57 20.01
CA GLU FA 288 71.21 70.51 19.91
C GLU FA 288 70.39 70.60 21.19
N LEU FA 289 70.97 70.18 22.32
CA LEU FA 289 70.58 70.70 23.62
C LEU FA 289 71.59 71.71 24.14
N THR FA 290 72.88 71.44 23.96
CA THR FA 290 73.88 72.31 24.54
C THR FA 290 74.01 73.63 23.79
N GLN FA 291 73.57 73.67 22.54
CA GLN FA 291 73.50 74.95 21.84
C GLN FA 291 72.30 75.75 22.30
N GLN FA 292 71.21 75.06 22.63
CA GLN FA 292 70.00 75.74 23.06
C GLN FA 292 70.13 76.19 24.50
N MET FA 293 71.13 75.67 25.21
CA MET FA 293 71.29 75.91 26.62
C MET FA 293 72.21 77.09 26.91
N PHE FA 294 73.41 77.13 26.31
CA PHE FA 294 74.30 78.29 26.40
C PHE FA 294 73.81 79.34 25.41
N ASP FA 295 72.69 79.96 25.74
CA ASP FA 295 72.12 80.94 24.86
C ASP FA 295 71.44 81.98 25.73
N ALA FA 296 71.65 83.25 25.42
CA ALA FA 296 71.01 84.31 26.18
C ALA FA 296 69.50 84.29 26.04
N LYS FA 297 68.98 83.72 24.96
CA LYS FA 297 67.55 83.61 24.76
C LYS FA 297 66.89 82.67 25.74
N ASN FA 298 67.63 81.72 26.32
CA ASN FA 298 67.05 80.63 27.09
C ASN FA 298 67.37 80.72 28.57
N MET FA 299 67.99 81.80 29.01
CA MET FA 299 68.12 82.04 30.43
C MET FA 299 66.78 82.47 31.02
N MET FA 300 66.58 82.15 32.29
CA MET FA 300 65.44 82.65 33.03
C MET FA 300 65.77 83.91 33.79
N CYS FA 301 66.82 84.61 33.39
CA CYS FA 301 67.23 85.85 34.02
C CYS FA 301 67.46 86.92 32.98
N ALA FA 302 67.13 88.15 33.31
CA ALA FA 302 67.32 89.26 32.37
C ALA FA 302 68.67 89.94 32.59
N SER FA 303 69.71 89.13 32.65
CA SER FA 303 71.08 89.62 32.75
C SER FA 303 71.91 88.82 31.76
N ASP FA 304 72.35 89.47 30.69
CA ASP FA 304 72.97 88.79 29.57
C ASP FA 304 74.29 88.19 29.98
N PRO FA 305 74.51 86.89 29.75
CA PRO FA 305 75.73 86.24 30.27
C PRO FA 305 76.98 86.62 29.53
N ARG FA 306 76.89 87.26 28.37
CA ARG FA 306 78.07 87.57 27.59
C ARG FA 306 78.77 88.84 28.04
N HIS FA 307 78.20 89.57 28.98
CA HIS FA 307 78.87 90.74 29.54
C HIS FA 307 79.78 90.37 30.70
N GLY FA 308 79.85 89.09 31.04
CA GLY FA 308 80.68 88.66 32.15
C GLY FA 308 81.34 87.33 31.87
N ARG FA 309 81.51 86.53 32.92
CA ARG FA 309 82.25 85.28 32.86
C ARG FA 309 81.46 84.20 33.59
N TYR FA 310 81.15 83.10 32.90
CA TYR FA 310 80.76 81.88 33.62
C TYR FA 310 81.89 81.47 34.54
N LEU FA 311 81.67 81.68 35.82
CA LEU FA 311 82.67 81.31 36.80
C LEU FA 311 82.68 79.80 36.95
N THR FA 312 81.56 79.22 37.37
CA THR FA 312 81.35 77.79 37.32
C THR FA 312 79.93 77.55 36.84
N ALA FA 313 79.70 76.41 36.22
CA ALA FA 313 78.34 76.11 35.76
C ALA FA 313 78.14 74.60 35.81
N SER FA 314 76.91 74.18 35.52
CA SER FA 314 76.53 72.78 35.67
C SER FA 314 75.40 72.43 34.71
N ALA FA 315 75.34 71.17 34.32
CA ALA FA 315 74.34 70.71 33.37
C ALA FA 315 73.81 69.36 33.81
N MET FA 316 72.54 69.32 34.22
CA MET FA 316 71.91 68.08 34.65
C MET FA 316 71.09 67.52 33.49
N PHE FA 317 71.68 66.59 32.76
CA PHE FA 317 71.01 65.99 31.63
C PHE FA 317 70.04 64.92 32.11
N ARG FA 318 68.97 64.73 31.37
CA ARG FA 318 67.97 63.71 31.69
C ARG FA 318 67.66 62.89 30.44
N GLY FA 319 67.74 61.58 30.57
CA GLY FA 319 67.36 60.71 29.47
C GLY FA 319 68.34 59.59 29.19
N ARG FA 320 67.94 58.65 28.33
CA ARG FA 320 68.84 57.61 27.87
C ARG FA 320 69.77 58.23 26.84
N MET FA 321 71.05 58.33 27.17
CA MET FA 321 71.92 59.19 26.39
C MET FA 321 73.36 58.84 26.70
N SER FA 322 74.24 59.16 25.76
CA SER FA 322 75.60 58.65 25.76
C SER FA 322 76.50 59.55 26.57
N THR FA 323 77.28 58.96 27.48
CA THR FA 323 78.08 59.77 28.37
C THR FA 323 79.28 60.37 27.68
N LYS FA 324 79.72 59.81 26.56
CA LYS FA 324 80.83 60.46 25.88
C LYS FA 324 80.33 61.69 25.15
N GLU FA 325 79.11 61.64 24.64
CA GLU FA 325 78.57 62.77 23.90
C GLU FA 325 78.26 63.93 24.82
N VAL FA 326 77.94 63.65 26.09
CA VAL FA 326 77.88 64.72 27.08
C VAL FA 326 79.24 65.37 27.22
N ASP FA 327 80.27 64.56 27.43
CA ASP FA 327 81.56 65.07 27.85
C ASP FA 327 82.28 65.72 26.68
N GLU FA 328 82.07 65.20 25.48
CA GLU FA 328 82.64 65.82 24.30
C GLU FA 328 82.06 67.21 24.10
N GLN FA 329 80.76 67.38 24.33
CA GLN FA 329 80.14 68.70 24.19
C GLN FA 329 80.63 69.64 25.27
N MET FA 330 81.02 69.11 26.43
CA MET FA 330 81.43 69.96 27.53
C MET FA 330 82.80 70.57 27.28
N LEU FA 331 83.72 69.79 26.73
CA LEU FA 331 85.00 70.37 26.33
C LEU FA 331 84.83 71.24 25.09
N ASN FA 332 83.91 70.85 24.20
CA ASN FA 332 83.75 71.56 22.93
C ASN FA 332 83.25 72.98 23.14
N VAL FA 333 82.36 73.19 24.11
CA VAL FA 333 81.85 74.54 24.34
C VAL FA 333 82.94 75.42 24.94
N GLN FA 334 83.77 74.86 25.81
CA GLN FA 334 84.76 75.69 26.50
C GLN FA 334 85.90 76.08 25.59
N ASN FA 335 86.37 75.17 24.76
CA ASN FA 335 87.48 75.49 23.88
C ASN FA 335 87.08 76.46 22.80
N LYS FA 336 85.83 76.40 22.34
CA LYS FA 336 85.39 77.31 21.29
C LYS FA 336 85.14 78.70 21.85
N ASN FA 337 84.21 78.80 22.78
CA ASN FA 337 83.79 80.09 23.32
C ASN FA 337 84.55 80.41 24.60
N SER FA 338 85.87 80.52 24.47
CA SER FA 338 86.74 80.58 25.64
C SER FA 338 86.82 81.96 26.27
N SER FA 339 86.22 82.98 25.67
CA SER FA 339 86.25 84.31 26.27
C SER FA 339 85.29 84.43 27.43
N TYR FA 340 84.18 83.69 27.40
CA TYR FA 340 83.14 83.79 28.42
C TYR FA 340 83.41 82.94 29.65
N PHE FA 341 84.47 82.15 29.66
CA PHE FA 341 84.73 81.21 30.74
C PHE FA 341 85.96 81.66 31.50
N VAL FA 342 85.88 81.62 32.83
CA VAL FA 342 86.97 82.12 33.64
C VAL FA 342 88.13 81.13 33.56
N GLU FA 343 89.35 81.64 33.60
CA GLU FA 343 90.52 80.84 33.27
C GLU FA 343 91.22 80.25 34.47
N TRP FA 344 91.01 80.75 35.68
CA TRP FA 344 91.72 80.23 36.83
C TRP FA 344 91.00 79.08 37.50
N ILE FA 345 89.90 78.59 36.94
CA ILE FA 345 89.35 77.28 37.27
C ILE FA 345 89.29 76.49 35.97
N PRO FA 346 90.00 75.37 35.86
CA PRO FA 346 90.02 74.64 34.60
C PRO FA 346 88.86 73.68 34.47
N ASN FA 347 88.28 73.66 33.27
CA ASN FA 347 87.10 72.89 32.91
C ASN FA 347 85.96 73.20 33.88
N ASN FA 348 85.47 74.42 33.73
CA ASN FA 348 84.58 75.08 34.68
C ASN FA 348 83.25 74.40 34.94
N MET FA 349 82.89 73.36 34.20
CA MET FA 349 81.57 72.80 34.36
C MET FA 349 81.62 71.32 34.68
N LYS FA 350 80.67 70.85 35.48
CA LYS FA 350 80.39 69.42 35.45
C LYS FA 350 79.07 69.10 34.79
N SER FA 351 78.81 67.81 34.77
CA SER FA 351 77.70 67.21 34.08
C SER FA 351 77.06 66.18 34.99
N SER FA 352 75.84 65.80 34.65
CA SER FA 352 75.13 64.74 35.34
C SER FA 352 74.12 64.16 34.39
N VAL FA 353 73.82 62.88 34.54
CA VAL FA 353 72.84 62.21 33.70
C VAL FA 353 71.83 61.49 34.58
N CYS FA 354 70.56 61.62 34.22
CA CYS FA 354 69.44 61.05 34.97
C CYS FA 354 68.61 60.26 33.99
N ASP FA 355 68.53 58.95 34.20
CA ASP FA 355 68.06 58.06 33.15
C ASP FA 355 66.58 58.21 32.81
N ILE FA 356 65.80 58.86 33.66
CA ILE FA 356 64.35 58.96 33.47
C ILE FA 356 64.05 60.36 32.96
N PRO FA 357 63.58 60.52 31.74
CA PRO FA 357 63.35 61.84 31.20
C PRO FA 357 62.09 62.46 31.76
N PRO FA 358 61.88 63.76 31.59
CA PRO FA 358 60.56 64.32 31.90
C PRO FA 358 59.54 63.76 30.95
N LYS FA 359 58.31 63.64 31.46
CA LYS FA 359 57.31 62.81 30.80
C LYS FA 359 56.90 63.40 29.45
N GLY FA 360 56.91 62.55 28.43
CA GLY FA 360 56.57 62.95 27.09
C GLY FA 360 57.75 63.35 26.23
N LEU FA 361 58.94 63.53 26.82
CA LEU FA 361 60.11 63.96 26.08
C LEU FA 361 61.19 62.89 26.19
N LYS FA 362 62.00 62.79 25.15
CA LYS FA 362 63.05 61.78 25.08
C LYS FA 362 64.35 62.23 25.71
N MET FA 363 64.64 63.52 25.72
CA MET FA 363 65.91 64.01 26.23
C MET FA 363 65.74 65.47 26.63
N SER FA 364 66.39 65.88 27.71
CA SER FA 364 66.25 67.25 28.19
C SER FA 364 67.45 67.59 29.06
N VAL FA 365 67.64 68.88 29.32
CA VAL FA 365 68.70 69.32 30.21
C VAL FA 365 68.25 70.58 30.94
N THR FA 366 68.66 70.70 32.20
CA THR FA 366 68.56 71.94 32.95
C THR FA 366 69.96 72.44 33.28
N PHE FA 367 70.08 73.74 33.51
CA PHE FA 367 71.36 74.41 33.57
C PHE FA 367 71.37 75.37 34.74
N VAL FA 368 72.40 75.28 35.58
CA VAL FA 368 72.57 76.17 36.71
C VAL FA 368 73.96 76.77 36.60
N GLY FA 369 74.05 78.05 36.25
CA GLY FA 369 75.33 78.64 35.99
C GLY FA 369 75.66 79.85 36.84
N ASN FA 370 76.74 79.76 37.61
CA ASN FA 370 77.16 80.83 38.47
C ASN FA 370 77.99 81.77 37.64
N SER FA 371 77.47 82.96 37.37
CA SER FA 371 78.12 83.89 36.48
C SER FA 371 78.33 85.23 37.17
N THR FA 372 79.38 85.93 36.75
CA THR FA 372 79.58 87.29 37.18
C THR FA 372 78.91 88.29 36.25
N ALA FA 373 78.08 87.80 35.34
CA ALA FA 373 77.23 88.71 34.60
C ALA FA 373 75.95 89.03 35.36
N ILE FA 374 75.71 88.41 36.50
CA ILE FA 374 74.54 88.75 37.32
C ILE FA 374 74.76 90.01 38.11
N GLN FA 375 75.94 90.61 38.00
CA GLN FA 375 76.23 91.87 38.64
C GLN FA 375 75.29 92.96 38.17
N GLU FA 376 74.84 92.92 36.91
CA GLU FA 376 74.04 94.02 36.41
C GLU FA 376 72.62 94.01 36.97
N MET FA 377 72.19 92.89 37.56
CA MET FA 377 70.93 92.97 38.30
C MET FA 377 71.10 93.75 39.58
N PHE FA 378 72.15 93.46 40.35
CA PHE FA 378 72.32 94.11 41.64
C PHE FA 378 72.71 95.57 41.49
N LYS FA 379 73.41 95.92 40.41
CA LYS FA 379 73.65 97.34 40.16
C LYS FA 379 72.37 98.05 39.79
N ARG FA 380 71.50 97.39 39.03
CA ARG FA 380 70.25 98.02 38.65
C ARG FA 380 69.31 98.12 39.83
N VAL FA 381 69.47 97.28 40.85
CA VAL FA 381 68.70 97.49 42.06
C VAL FA 381 69.34 98.59 42.89
N SER FA 382 70.67 98.68 42.88
CA SER FA 382 71.36 99.62 43.76
C SER FA 382 71.13 101.06 43.33
N ASP FA 383 71.19 101.33 42.03
CA ASP FA 383 70.91 102.68 41.56
C ASP FA 383 69.45 103.06 41.73
N GLN FA 384 68.55 102.08 41.65
CA GLN FA 384 67.15 102.35 41.93
C GLN FA 384 66.88 102.46 43.43
N PHE FA 385 67.65 101.75 44.25
CA PHE FA 385 67.52 101.89 45.69
C PHE FA 385 68.07 103.23 46.16
N THR FA 386 69.25 103.61 45.68
CA THR FA 386 69.89 104.80 46.20
C THR FA 386 69.28 106.06 45.63
N ALA FA 387 68.43 105.96 44.62
CA ALA FA 387 67.69 107.12 44.17
C ALA FA 387 66.57 107.46 45.14
N MET FA 388 65.83 106.46 45.61
CA MET FA 388 64.69 106.75 46.45
C MET FA 388 65.10 106.91 47.91
N PHE FA 389 66.18 106.28 48.32
CA PHE FA 389 66.66 106.46 49.67
C PHE FA 389 67.48 107.73 49.85
N ARG FA 390 67.91 108.37 48.76
CA ARG FA 390 68.71 109.58 48.91
C ARG FA 390 67.88 110.73 49.47
N ARG FA 391 66.69 110.95 48.91
CA ARG FA 391 65.79 111.95 49.46
C ARG FA 391 64.65 111.32 50.24
N LYS FA 392 64.86 110.11 50.76
CA LYS FA 392 64.15 109.60 51.92
C LYS FA 392 62.68 109.35 51.56
N ALA FA 393 62.49 108.57 50.49
CA ALA FA 393 61.17 108.32 49.94
C ALA FA 393 60.61 106.99 50.40
N PHE FA 394 59.34 106.99 50.80
CA PHE FA 394 58.58 105.83 51.27
C PHE FA 394 59.15 105.23 52.55
N LEU FA 395 59.97 105.95 53.29
CA LEU FA 395 60.56 105.36 54.49
C LEU FA 395 59.56 105.28 55.64
N HIS FA 396 58.60 106.20 55.69
CA HIS FA 396 57.76 106.28 56.87
C HIS FA 396 56.84 105.08 57.00
N TRP FA 397 56.66 104.33 55.93
CA TRP FA 397 56.00 103.03 56.01
C TRP FA 397 56.94 101.94 56.42
N TYR FA 398 58.19 102.25 56.69
CA TYR FA 398 59.15 101.29 57.22
C TYR FA 398 59.69 101.69 58.59
N THR FA 399 60.01 102.97 58.78
CA THR FA 399 60.48 103.42 60.09
C THR FA 399 59.38 103.32 61.13
N GLY FA 400 58.13 103.50 60.73
CA GLY FA 400 57.04 103.48 61.68
C GLY FA 400 56.69 102.12 62.22
N GLU FA 401 57.25 101.06 61.64
CA GLU FA 401 57.03 99.70 62.11
C GLU FA 401 58.25 99.10 62.77
N GLY FA 402 59.24 99.91 63.13
CA GLY FA 402 60.31 99.42 63.96
C GLY FA 402 61.63 99.25 63.23
N MET FA 403 61.89 100.10 62.25
CA MET FA 403 63.17 100.09 61.56
C MET FA 403 63.98 101.32 61.91
N ASP FA 404 65.24 101.29 61.50
CA ASP FA 404 66.17 102.37 61.70
C ASP FA 404 66.84 102.67 60.37
N GLU FA 405 67.33 103.90 60.24
CA GLU FA 405 68.07 104.26 59.04
C GLU FA 405 69.39 103.52 58.93
N MET FA 406 69.96 103.08 60.04
CA MET FA 406 71.19 102.31 59.98
C MET FA 406 70.97 100.92 59.41
N GLU FA 407 69.77 100.38 59.56
CA GLU FA 407 69.46 99.12 58.90
C GLU FA 407 69.37 99.30 57.40
N PHE FA 408 68.94 100.48 56.96
CA PHE FA 408 68.85 100.75 55.54
C PHE FA 408 70.21 101.04 54.94
N THR FA 409 71.11 101.64 55.71
CA THR FA 409 72.45 101.93 55.19
C THR FA 409 73.26 100.65 55.05
N GLU FA 410 73.06 99.69 55.94
CA GLU FA 410 73.76 98.42 55.82
C GLU FA 410 73.21 97.60 54.65
N ALA FA 411 71.97 97.87 54.23
CA ALA FA 411 71.45 97.21 53.04
C ALA FA 411 72.16 97.70 51.79
N GLU FA 412 72.52 98.97 51.74
CA GLU FA 412 73.38 99.48 50.68
C GLU FA 412 74.70 98.72 50.61
N SER FA 413 75.38 98.62 51.74
CA SER FA 413 76.76 98.14 51.72
C SER FA 413 76.84 96.66 51.45
N ASN FA 414 75.92 95.88 52.00
CA ASN FA 414 75.94 94.45 51.77
C ASN FA 414 75.40 94.08 50.40
N MET FA 415 74.93 95.04 49.62
CA MET FA 415 74.76 94.83 48.19
C MET FA 415 75.89 95.45 47.40
N ASN FA 416 76.48 96.54 47.89
CA ASN FA 416 77.58 97.17 47.16
C ASN FA 416 78.84 96.30 47.20
N ASP FA 417 79.06 95.60 48.31
CA ASP FA 417 80.20 94.70 48.35
C ASP FA 417 79.98 93.47 47.49
N LEU FA 418 78.74 93.01 47.40
CA LEU FA 418 78.43 91.87 46.54
C LEU FA 418 78.62 92.22 45.08
N VAL FA 419 78.37 93.48 44.71
CA VAL FA 419 78.70 93.93 43.37
C VAL FA 419 80.22 93.97 43.19
N SER FA 420 80.93 94.53 44.16
CA SER FA 420 82.38 94.68 44.01
C SER FA 420 83.10 93.34 44.10
N GLU FA 421 82.51 92.37 44.79
CA GLU FA 421 83.08 91.03 44.83
C GLU FA 421 83.01 90.37 43.47
N TYR FA 422 81.99 90.71 42.68
CA TYR FA 422 81.88 90.17 41.34
C TYR FA 422 82.87 90.82 40.39
N GLN FA 423 83.32 92.04 40.69
CA GLN FA 423 84.42 92.64 39.93
C GLN FA 423 85.71 91.87 40.10
N GLN FA 424 86.05 91.50 41.34
CA GLN FA 424 87.38 90.97 41.60
C GLN FA 424 87.59 89.58 41.04
N TYR FA 425 86.55 88.91 40.54
CA TYR FA 425 86.68 87.63 39.89
C TYR FA 425 86.28 87.70 38.43
N GLN FA 426 86.36 88.88 37.85
CA GLN FA 426 86.12 89.05 36.43
C GLN FA 426 87.28 89.76 35.77
N MET GA 1 34.32 88.18 58.34
CA MET GA 1 35.74 88.06 58.05
C MET GA 1 36.33 89.41 57.71
N ARG GA 2 37.07 89.48 56.60
CA ARG GA 2 37.64 90.74 56.15
C ARG GA 2 36.57 91.59 55.48
N GLU GA 3 36.67 92.90 55.65
CA GLU GA 3 35.55 93.79 55.39
C GLU GA 3 36.04 95.22 55.34
N VAL GA 4 35.28 96.06 54.65
CA VAL GA 4 35.53 97.49 54.67
C VAL GA 4 34.18 98.20 54.74
N ILE GA 5 34.12 99.22 55.59
CA ILE GA 5 32.87 99.89 55.93
C ILE GA 5 32.78 101.16 55.11
N SER GA 6 31.60 101.47 54.62
CA SER GA 6 31.42 102.67 53.82
C SER GA 6 30.75 103.75 54.66
N ILE GA 7 31.18 104.99 54.48
CA ILE GA 7 30.54 106.13 55.13
C ILE GA 7 30.19 107.14 54.05
N HIS GA 8 28.94 107.57 54.03
CA HIS GA 8 28.47 108.56 53.08
C HIS GA 8 27.95 109.73 53.88
N VAL GA 9 28.69 110.84 53.87
CA VAL GA 9 28.30 112.02 54.61
C VAL GA 9 28.01 113.14 53.62
N GLY GA 10 26.88 113.79 53.79
CA GLY GA 10 26.45 114.84 52.89
C GLY GA 10 25.55 114.32 51.79
N GLN GA 11 24.90 115.27 51.11
CA GLN GA 11 24.00 114.91 50.02
C GLN GA 11 24.75 114.24 48.88
N ALA GA 12 25.93 114.75 48.55
CA ALA GA 12 26.73 114.11 47.52
C ALA GA 12 27.25 112.77 48.01
N GLY GA 13 27.39 112.62 49.32
CA GLY GA 13 27.71 111.32 49.87
C GLY GA 13 26.59 110.33 49.65
N ILE GA 14 25.35 110.76 49.90
CA ILE GA 14 24.21 109.84 49.81
C ILE GA 14 23.99 109.42 48.36
N GLN GA 15 24.05 110.37 47.44
CA GLN GA 15 23.70 110.09 46.06
C GLN GA 15 24.80 109.31 45.35
N ILE GA 16 26.06 109.56 45.71
CA ILE GA 16 27.11 108.69 45.20
C ILE GA 16 26.96 107.30 45.79
N GLY GA 17 26.64 107.23 47.07
CA GLY GA 17 26.44 105.95 47.72
C GLY GA 17 25.27 105.17 47.16
N ASN GA 18 24.26 105.87 46.64
CA ASN GA 18 23.18 105.19 45.96
C ASN GA 18 23.66 104.52 44.69
N ALA GA 19 24.57 105.17 43.97
CA ALA GA 19 25.09 104.58 42.74
C ALA GA 19 25.99 103.40 43.04
N CYS GA 20 26.83 103.52 44.07
CA CYS GA 20 27.75 102.46 44.41
C CYS GA 20 26.99 101.21 44.88
N TRP GA 21 25.99 101.40 45.73
CA TRP GA 21 25.31 100.24 46.29
C TRP GA 21 24.32 99.63 45.33
N GLU GA 22 23.80 100.39 44.38
CA GLU GA 22 23.03 99.78 43.31
C GLU GA 22 23.92 98.89 42.47
N LEU GA 23 25.12 99.37 42.16
CA LEU GA 23 26.04 98.60 41.34
C LEU GA 23 26.49 97.34 42.05
N PHE GA 24 26.77 97.45 43.36
CA PHE GA 24 27.27 96.30 44.10
C PHE GA 24 26.24 95.20 44.20
N CYS GA 25 24.98 95.55 44.41
CA CYS GA 25 23.94 94.53 44.45
C CYS GA 25 23.71 93.89 43.10
N LEU GA 26 23.80 94.68 42.03
CA LEU GA 26 23.66 94.13 40.70
C LEU GA 26 24.87 93.31 40.30
N GLU GA 27 26.01 93.52 40.94
CA GLU GA 27 27.26 92.85 40.59
C GLU GA 27 27.45 91.55 41.35
N HIS GA 28 26.76 91.37 42.46
CA HIS GA 28 26.77 90.11 43.18
C HIS GA 28 25.49 89.33 43.03
N GLY GA 29 24.43 89.96 42.53
CA GLY GA 29 23.18 89.26 42.34
C GLY GA 29 22.33 89.17 43.59
N ILE GA 30 21.93 90.30 44.14
CA ILE GA 30 20.98 90.34 45.24
C ILE GA 30 19.91 91.37 44.95
N GLN GA 31 18.64 91.00 45.15
CA GLN GA 31 17.49 91.85 44.83
C GLN GA 31 17.47 93.10 45.69
N PRO GA 32 16.61 94.07 45.37
CA PRO GA 32 16.37 95.17 46.31
C PRO GA 32 15.85 94.73 47.66
N ASP GA 33 15.20 93.57 47.74
CA ASP GA 33 14.80 93.04 49.04
C ASP GA 33 16.01 92.75 49.89
N GLY GA 34 17.05 92.17 49.29
CA GLY GA 34 18.24 91.80 50.02
C GLY GA 34 18.56 90.32 49.97
N GLN GA 35 17.76 89.51 49.29
CA GLN GA 35 18.00 88.09 49.28
C GLN GA 35 18.82 87.71 48.06
N MET GA 36 19.17 86.44 47.96
CA MET GA 36 19.75 85.93 46.74
C MET GA 36 18.71 85.09 45.99
N PRO GA 37 18.75 85.07 44.66
CA PRO GA 37 17.83 84.19 43.94
C PRO GA 37 18.31 82.74 43.94
N ASP GA 47 30.79 83.50 49.57
CA ASP GA 47 31.66 84.29 50.43
C ASP GA 47 32.51 85.23 49.59
N ALA GA 48 32.07 85.47 48.35
CA ALA GA 48 32.71 86.45 47.50
C ALA GA 48 32.19 87.86 47.75
N PHE GA 49 31.22 88.01 48.65
CA PHE GA 49 30.55 89.26 48.91
C PHE GA 49 30.78 89.80 50.30
N ASN GA 50 31.53 89.10 51.13
CA ASN GA 50 31.51 89.37 52.56
C ASN GA 50 32.27 90.62 52.94
N THR GA 51 33.01 91.22 52.00
CA THR GA 51 33.70 92.46 52.32
C THR GA 51 32.75 93.66 52.34
N PHE GA 52 31.56 93.51 51.81
CA PHE GA 52 30.56 94.58 51.76
C PHE GA 52 29.24 94.24 52.41
N PHE GA 53 28.86 92.97 52.46
CA PHE GA 53 27.53 92.58 52.90
C PHE GA 53 27.61 91.64 54.07
N SER GA 54 26.81 91.90 55.09
CA SER GA 54 26.76 91.05 56.27
C SER GA 54 25.91 89.83 55.97
N GLU GA 55 25.89 88.88 56.89
CA GLU GA 55 25.08 87.68 56.76
C GLU GA 55 24.07 87.70 57.89
N THR GA 56 22.94 88.34 57.65
CA THR GA 56 21.90 88.48 58.65
C THR GA 56 20.81 87.46 58.38
N GLY GA 57 20.58 86.58 59.34
CA GLY GA 57 19.50 85.63 59.21
C GLY GA 57 19.76 84.60 58.14
N ALA GA 58 18.68 84.04 57.63
CA ALA GA 58 18.74 83.02 56.60
C ALA GA 58 18.33 83.65 55.28
N GLY GA 59 19.29 83.87 54.40
CA GLY GA 59 18.99 84.32 53.07
C GLY GA 59 18.93 85.82 52.86
N LYS GA 60 19.56 86.62 53.72
CA LYS GA 60 19.72 88.04 53.44
C LYS GA 60 21.16 88.50 53.54
N HIS GA 61 21.35 89.74 53.08
CA HIS GA 61 22.58 90.50 53.27
C HIS GA 61 22.23 91.96 53.50
N VAL GA 62 22.92 92.59 54.43
CA VAL GA 62 22.72 94.01 54.69
C VAL GA 62 24.08 94.71 54.54
N PRO GA 63 24.12 95.93 54.01
CA PRO GA 63 25.41 96.53 53.67
C PRO GA 63 26.11 97.10 54.88
N ARG GA 64 27.40 97.33 54.69
CA ARG GA 64 28.25 97.93 55.71
C ARG GA 64 28.40 99.42 55.46
N CYS GA 65 27.28 100.13 55.45
CA CYS GA 65 27.28 101.54 55.11
C CYS GA 65 26.50 102.33 56.16
N VAL GA 66 26.89 103.59 56.34
CA VAL GA 66 26.12 104.54 57.12
C VAL GA 66 25.86 105.76 56.25
N PHE GA 67 24.65 106.27 56.33
CA PHE GA 67 24.18 107.33 55.45
C PHE GA 67 23.95 108.57 56.31
N LEU GA 68 25.01 109.32 56.58
CA LEU GA 68 24.92 110.47 57.46
C LEU GA 68 24.50 111.70 56.69
N ASP GA 69 23.45 112.37 57.18
CA ASP GA 69 23.17 113.72 56.73
C ASP GA 69 22.37 114.43 57.81
N LEU GA 70 22.52 115.75 57.86
CA LEU GA 70 21.72 116.60 58.73
C LEU GA 70 20.42 117.04 58.08
N GLU GA 71 20.20 116.69 56.81
CA GLU GA 71 19.00 117.07 56.10
C GLU GA 71 18.08 115.87 56.02
N PRO GA 72 16.83 115.96 56.47
CA PRO GA 72 15.94 114.80 56.37
C PRO GA 72 15.49 114.49 54.97
N THR GA 73 15.52 115.45 54.04
CA THR GA 73 14.78 115.26 52.81
C THR GA 73 15.54 114.48 51.75
N VAL GA 74 16.83 114.21 51.93
CA VAL GA 74 17.53 113.41 50.93
C VAL GA 74 17.63 111.95 51.36
N VAL GA 75 17.56 111.67 52.65
CA VAL GA 75 17.68 110.32 53.15
C VAL GA 75 16.33 109.71 53.48
N ASP GA 76 15.31 110.51 53.74
CA ASP GA 76 13.96 109.95 53.89
C ASP GA 76 13.41 109.54 52.55
N GLU GA 77 13.93 110.11 51.47
CA GLU GA 77 13.50 109.68 50.15
C GLU GA 77 14.22 108.42 49.73
N VAL GA 78 15.37 108.12 50.36
CA VAL GA 78 16.03 106.83 50.17
C VAL GA 78 15.23 105.73 50.87
N ARG GA 79 14.78 106.00 52.09
CA ARG GA 79 14.10 104.99 52.88
C ARG GA 79 12.62 104.87 52.56
N THR GA 80 12.11 105.61 51.58
CA THR GA 80 10.79 105.33 51.03
C THR GA 80 10.85 104.89 49.57
N GLY GA 81 12.04 104.65 49.05
CA GLY GA 81 12.18 104.19 47.68
C GLY GA 81 12.31 102.68 47.59
N THR GA 82 12.81 102.22 46.45
CA THR GA 82 12.81 100.80 46.11
C THR GA 82 13.72 99.99 47.02
N TYR GA 83 14.81 100.59 47.46
CA TYR GA 83 15.75 99.91 48.34
C TYR GA 83 15.46 100.17 49.82
N ARG GA 84 14.18 100.33 50.19
CA ARG GA 84 13.90 100.67 51.59
C ARG GA 84 14.19 99.52 52.53
N HIS GA 85 14.19 98.30 52.03
CA HIS GA 85 14.44 97.14 52.87
C HIS GA 85 15.82 96.58 52.69
N LEU GA 86 16.59 97.12 51.76
CA LEU GA 86 17.93 96.60 51.57
C LEU GA 86 18.83 97.08 52.70
N PHE GA 87 18.56 98.26 53.23
CA PHE GA 87 19.31 98.81 54.34
C PHE GA 87 18.61 98.56 55.66
N HIS GA 88 19.40 98.23 56.67
CA HIS GA 88 18.91 98.24 58.03
C HIS GA 88 18.49 99.67 58.40
N PRO GA 89 17.40 99.85 59.12
CA PRO GA 89 16.87 101.21 59.31
C PRO GA 89 17.75 102.15 60.11
N GLU GA 90 18.72 101.65 60.87
CA GLU GA 90 19.69 102.54 61.50
C GLU GA 90 20.98 102.69 60.72
N GLN GA 91 21.03 102.21 59.48
CA GLN GA 91 22.13 102.64 58.62
C GLN GA 91 21.91 104.07 58.15
N LEU GA 92 20.67 104.52 58.10
CA LEU GA 92 20.30 105.82 57.57
C LEU GA 92 20.07 106.78 58.74
N ILE GA 93 20.99 107.72 58.93
CA ILE GA 93 20.97 108.63 60.06
C ILE GA 93 20.66 110.03 59.55
N SER GA 94 19.71 110.70 60.20
CA SER GA 94 19.20 111.98 59.74
C SER GA 94 19.07 112.96 60.89
N GLY GA 95 19.39 114.21 60.63
CA GLY GA 95 19.24 115.29 61.58
C GLY GA 95 17.93 116.01 61.43
N LYS GA 96 17.95 117.30 61.74
CA LYS GA 96 16.76 118.14 61.66
C LYS GA 96 16.95 119.38 60.80
N GLU GA 97 18.09 120.06 60.92
CA GLU GA 97 18.40 121.20 60.07
C GLU GA 97 19.81 121.02 59.52
N ASP GA 98 20.12 121.77 58.47
CA ASP GA 98 21.36 121.52 57.74
C ASP GA 98 22.49 122.36 58.29
N ALA GA 99 23.68 122.12 57.77
CA ALA GA 99 24.78 123.02 58.06
C ALA GA 99 24.64 124.31 57.26
N ALA GA 100 23.99 124.23 56.11
CA ALA GA 100 23.79 125.35 55.19
C ALA GA 100 25.12 126.02 54.83
N ASN GA 101 25.96 125.24 54.13
CA ASN GA 101 27.29 125.66 53.67
C ASN GA 101 28.13 126.29 54.76
N ASN GA 102 27.93 125.88 56.00
CA ASN GA 102 28.78 126.33 57.08
C ASN GA 102 29.62 125.15 57.51
N PHE GA 103 30.93 125.29 57.37
CA PHE GA 103 31.83 124.43 58.12
C PHE GA 103 31.64 124.63 59.62
N ALA GA 104 31.29 125.84 60.03
CA ALA GA 104 31.10 126.12 61.44
C ALA GA 104 29.90 125.39 62.01
N ARG GA 105 28.79 125.35 61.26
CA ARG GA 105 27.60 124.69 61.80
C ARG GA 105 27.79 123.19 61.86
N GLY GA 106 28.42 122.61 60.84
CA GLY GA 106 28.54 121.18 60.78
C GLY GA 106 29.60 120.61 61.70
N HIS GA 107 30.50 121.44 62.20
CA HIS GA 107 31.59 120.92 62.99
C HIS GA 107 31.43 121.25 64.47
N TYR GA 108 30.67 122.28 64.80
CA TYR GA 108 30.55 122.72 66.19
C TYR GA 108 29.14 122.63 66.74
N THR GA 109 28.16 123.25 66.10
CA THR GA 109 26.87 123.43 66.76
C THR GA 109 25.88 122.30 66.48
N ILE GA 110 25.50 122.11 65.23
CA ILE GA 110 24.41 121.18 64.94
C ILE GA 110 24.93 119.79 64.60
N GLY GA 111 26.18 119.66 64.20
CA GLY GA 111 26.72 118.35 63.92
C GLY GA 111 27.07 117.51 65.12
N LYS GA 112 27.18 118.11 66.30
CA LYS GA 112 27.70 117.38 67.45
C LYS GA 112 26.67 116.46 68.09
N GLU GA 113 25.40 116.59 67.73
CA GLU GA 113 24.36 115.75 68.30
C GLU GA 113 24.10 114.49 67.51
N ILE GA 114 24.83 114.28 66.42
CA ILE GA 114 24.58 113.13 65.55
C ILE GA 114 25.78 112.20 65.44
N VAL GA 115 26.98 112.64 65.83
CA VAL GA 115 28.16 111.79 65.75
C VAL GA 115 28.16 110.77 66.87
N ASP GA 116 27.55 111.09 68.00
CA ASP GA 116 27.37 110.10 69.05
C ASP GA 116 26.52 108.93 68.58
N LEU GA 117 25.51 109.22 67.76
CA LEU GA 117 24.76 108.14 67.14
C LEU GA 117 25.53 107.48 66.02
N SER GA 118 26.41 108.22 65.36
CA SER GA 118 27.11 107.69 64.21
C SER GA 118 28.14 106.65 64.62
N LEU GA 119 28.93 106.94 65.65
CA LEU GA 119 29.91 105.97 66.12
C LEU GA 119 29.25 104.78 66.77
N ASP GA 120 27.99 104.91 67.20
CA ASP GA 120 27.29 103.78 67.77
C ASP GA 120 27.09 102.69 66.73
N ARG GA 121 26.74 103.09 65.51
CA ARG GA 121 26.49 102.11 64.47
C ARG GA 121 27.78 101.60 63.86
N ILE GA 122 28.81 102.45 63.78
CA ILE GA 122 30.11 101.98 63.28
C ILE GA 122 30.71 100.95 64.21
N ARG GA 123 30.68 101.22 65.51
CA ARG GA 123 31.20 100.26 66.48
C ARG GA 123 30.38 98.97 66.48
N LYS GA 124 29.06 99.09 66.33
CA LYS GA 124 28.20 97.92 66.32
C LYS GA 124 28.44 97.06 65.09
N LEU GA 125 29.00 97.64 64.04
CA LEU GA 125 29.20 96.96 62.78
C LEU GA 125 30.66 96.68 62.47
N ALA GA 126 31.56 97.16 63.32
CA ALA GA 126 32.98 96.85 63.17
C ALA GA 126 33.46 95.72 64.06
N ASP GA 127 32.73 95.41 65.12
CA ASP GA 127 33.10 94.30 66.00
C ASP GA 127 32.52 92.98 65.54
N ASN GA 128 31.99 92.92 64.32
CA ASN GA 128 31.53 91.65 63.77
C ASN GA 128 32.69 90.69 63.56
N CYS GA 129 33.74 91.14 62.88
CA CYS GA 129 34.93 90.33 62.63
C CYS GA 129 36.12 91.27 62.47
N THR GA 130 37.17 91.05 63.27
CA THR GA 130 38.40 91.76 63.05
C THR GA 130 39.07 91.24 61.77
N GLY GA 131 39.68 92.15 61.02
CA GLY GA 131 40.14 91.84 59.68
C GLY GA 131 39.74 92.97 58.76
N LEU GA 132 39.28 94.04 59.38
CA LEU GA 132 38.79 95.21 58.67
C LEU GA 132 39.95 95.95 58.00
N GLN GA 133 39.91 96.09 56.66
CA GLN GA 133 40.94 96.87 56.00
C GLN GA 133 40.82 98.34 56.33
N GLY GA 134 39.60 98.88 56.33
CA GLY GA 134 39.46 100.28 56.67
C GLY GA 134 38.05 100.80 56.48
N PHE GA 135 37.97 102.07 56.13
CA PHE GA 135 36.71 102.74 55.88
C PHE GA 135 36.82 103.52 54.58
N LEU GA 136 35.69 103.75 53.95
CA LEU GA 136 35.62 104.54 52.73
C LEU GA 136 34.67 105.70 52.97
N MET GA 137 35.21 106.90 53.11
CA MET GA 137 34.41 108.07 53.46
C MET GA 137 34.17 108.90 52.22
N PHE GA 138 32.91 109.21 51.95
CA PHE GA 138 32.49 109.94 50.76
C PHE GA 138 31.91 111.28 51.17
N ASN GA 139 32.41 112.36 50.60
CA ASN GA 139 31.90 113.67 50.95
C ASN GA 139 32.18 114.66 49.83
N ALA GA 140 31.36 115.71 49.79
CA ALA GA 140 31.62 116.86 48.95
C ALA GA 140 32.23 117.96 49.80
N VAL GA 141 33.39 118.45 49.40
CA VAL GA 141 34.15 119.35 50.24
C VAL GA 141 33.47 120.71 50.34
N GLY GA 142 32.91 121.22 49.24
CA GLY GA 142 32.36 122.56 49.24
C GLY GA 142 31.14 122.76 50.11
N GLY GA 143 30.41 121.69 50.41
CA GLY GA 143 29.20 121.79 51.19
C GLY GA 143 29.47 121.88 52.68
N GLY GA 144 28.39 122.08 53.42
CA GLY GA 144 28.51 122.24 54.86
C GLY GA 144 28.65 120.95 55.63
N THR GA 145 27.62 120.11 55.60
CA THR GA 145 27.64 118.91 56.44
C THR GA 145 28.51 117.83 55.84
N GLY GA 146 28.80 117.88 54.55
CA GLY GA 146 29.73 116.93 53.97
C GLY GA 146 31.14 117.14 54.48
N SER GA 147 31.53 118.39 54.67
CA SER GA 147 32.85 118.72 55.15
C SER GA 147 32.87 118.93 56.66
N GLY GA 148 31.80 119.52 57.20
CA GLY GA 148 31.77 119.81 58.63
C GLY GA 148 31.71 118.57 59.48
N LEU GA 149 30.80 117.65 59.14
CA LEU GA 149 30.73 116.39 59.88
C LEU GA 149 31.94 115.52 59.57
N GLY GA 150 32.42 115.58 58.33
CA GLY GA 150 33.50 114.69 57.92
C GLY GA 150 34.79 114.93 58.66
N CYS GA 151 35.05 116.18 59.04
CA CYS GA 151 36.19 116.46 59.89
C CYS GA 151 36.02 115.81 61.27
N LEU GA 152 34.86 115.99 61.88
CA LEU GA 152 34.69 115.55 63.25
C LEU GA 152 34.50 114.05 63.31
N LEU GA 153 33.83 113.49 62.29
CA LEU GA 153 33.64 112.05 62.25
C LEU GA 153 34.97 111.33 62.08
N LEU GA 154 35.84 111.89 61.24
CA LEU GA 154 37.10 111.22 60.98
C LEU GA 154 38.08 111.42 62.12
N GLU GA 155 37.94 112.51 62.87
CA GLU GA 155 38.77 112.71 64.05
C GLU GA 155 38.43 111.71 65.14
N ARG GA 156 37.14 111.46 65.36
CA ARG GA 156 36.74 110.46 66.32
C ARG GA 156 37.07 109.06 65.84
N LEU GA 157 37.10 108.85 64.53
CA LEU GA 157 37.53 107.56 64.00
C LEU GA 157 39.03 107.38 64.10
N SER GA 158 39.80 108.46 64.03
CA SER GA 158 41.24 108.36 64.18
C SER GA 158 41.62 108.00 65.61
N VAL GA 159 40.93 108.59 66.59
CA VAL GA 159 41.29 108.37 67.99
C VAL GA 159 40.75 107.08 68.55
N ASP GA 160 40.08 106.26 67.74
CA ASP GA 160 39.58 104.97 68.18
C ASP GA 160 40.19 103.83 67.38
N TYR GA 161 40.29 103.97 66.07
CA TYR GA 161 40.92 102.98 65.21
C TYR GA 161 42.12 103.65 64.55
N GLY GA 162 43.27 103.58 65.23
CA GLY GA 162 44.42 104.34 64.77
C GLY GA 162 45.04 103.83 63.48
N LYS GA 163 45.20 102.51 63.37
CA LYS GA 163 45.96 101.93 62.28
C LYS GA 163 45.09 101.48 61.12
N LYS GA 164 43.79 101.75 61.16
CA LYS GA 164 42.94 101.34 60.06
C LYS GA 164 43.10 102.28 58.88
N SER GA 165 43.03 101.72 57.68
CA SER GA 165 43.29 102.47 56.46
C SER GA 165 42.05 103.23 56.03
N LYS GA 166 41.99 104.51 56.36
CA LYS GA 166 40.82 105.34 56.12
C LYS GA 166 40.95 106.03 54.78
N LEU GA 167 40.05 105.73 53.85
CA LEU GA 167 40.07 106.32 52.52
C LEU GA 167 39.03 107.41 52.39
N ASN GA 168 39.34 108.41 51.58
CA ASN GA 168 38.46 109.54 51.37
C ASN GA 168 38.28 109.72 49.88
N PHE GA 169 37.06 110.04 49.47
CA PHE GA 169 36.75 110.39 48.09
C PHE GA 169 36.15 111.78 48.09
N CYS GA 170 36.96 112.77 47.77
CA CYS GA 170 36.58 114.16 47.92
C CYS GA 170 36.03 114.66 46.60
N SER GA 171 34.74 115.00 46.58
CA SER GA 171 34.16 115.72 45.45
C SER GA 171 34.58 117.18 45.59
N TRP GA 172 35.79 117.44 45.14
CA TRP GA 172 36.43 118.72 45.32
C TRP GA 172 35.70 119.79 44.50
N PRO GA 173 35.72 121.04 44.95
CA PRO GA 173 35.17 122.12 44.14
C PRO GA 173 35.93 122.27 42.84
N SER GA 174 35.18 122.46 41.77
CA SER GA 174 35.75 122.57 40.45
C SER GA 174 36.28 123.99 40.22
N PRO GA 175 37.23 124.18 39.26
CA PRO GA 175 37.93 125.47 39.15
C PRO GA 175 37.06 126.68 38.86
N GLN GA 176 36.37 126.68 37.73
CA GLN GA 176 35.62 127.85 37.29
C GLN GA 176 34.11 127.64 37.33
N VAL GA 177 33.66 126.54 37.93
CA VAL GA 177 32.25 126.17 38.01
C VAL GA 177 31.99 125.74 39.44
N SER GA 178 31.03 126.39 40.10
CA SER GA 178 31.05 126.07 41.52
C SER GA 178 29.71 125.70 42.12
N THR GA 179 28.61 126.25 41.61
CA THR GA 179 27.24 126.20 42.14
C THR GA 179 27.15 126.37 43.66
N ALA GA 180 28.05 127.18 44.22
CA ALA GA 180 28.04 127.65 45.60
C ALA GA 180 29.09 128.74 45.70
N VAL GA 181 28.87 129.68 46.60
CA VAL GA 181 29.68 130.89 46.67
C VAL GA 181 30.71 130.81 47.79
N VAL GA 182 30.38 130.17 48.91
CA VAL GA 182 31.27 130.21 50.06
C VAL GA 182 32.22 129.03 50.05
N GLU GA 183 32.36 128.39 48.90
CA GLU GA 183 33.29 127.27 48.78
C GLU GA 183 34.75 127.57 49.12
N PRO GA 184 35.34 128.72 48.78
CA PRO GA 184 36.73 128.92 49.20
C PRO GA 184 36.95 128.91 50.70
N TYR GA 185 35.93 129.23 51.49
CA TYR GA 185 36.10 129.12 52.93
C TYR GA 185 36.06 127.67 53.38
N ASN GA 186 35.13 126.88 52.82
CA ASN GA 186 34.96 125.52 53.27
C ASN GA 186 36.08 124.61 52.78
N SER GA 187 36.62 124.90 51.61
CA SER GA 187 37.59 124.00 51.01
C SER GA 187 38.95 124.13 51.68
N VAL GA 188 39.34 125.36 52.05
CA VAL GA 188 40.59 125.53 52.79
C VAL GA 188 40.48 124.90 54.17
N LEU GA 189 39.34 125.10 54.83
CA LEU GA 189 39.20 124.65 56.21
C LEU GA 189 39.10 123.13 56.30
N SER GA 190 38.49 122.49 55.31
CA SER GA 190 38.52 121.04 55.28
C SER GA 190 39.91 120.53 55.00
N THR GA 191 40.68 121.26 54.20
CA THR GA 191 42.01 120.80 53.81
C THR GA 191 42.94 120.76 55.02
N HIS GA 192 42.86 121.78 55.88
CA HIS GA 192 43.64 121.76 57.11
C HIS GA 192 43.19 120.63 58.02
N SER GA 193 41.92 120.25 57.94
CA SER GA 193 41.44 119.17 58.79
C SER GA 193 41.90 117.81 58.26
N LEU GA 194 41.59 117.51 57.00
CA LEU GA 194 41.83 116.16 56.53
C LEU GA 194 43.30 115.91 56.20
N LEU GA 195 44.17 116.91 56.32
CA LEU GA 195 45.60 116.66 56.18
C LEU GA 195 46.14 115.76 57.27
N GLU GA 196 45.55 115.81 58.46
CA GLU GA 196 46.05 115.05 59.58
C GLU GA 196 45.22 113.81 59.89
N HIS GA 197 44.18 113.53 59.12
CA HIS GA 197 43.29 112.42 59.48
C HIS GA 197 43.18 111.40 58.36
N THR GA 198 43.17 111.87 57.11
CA THR GA 198 42.91 111.03 55.96
C THR GA 198 44.19 110.34 55.51
N ASP GA 199 44.12 109.03 55.30
CA ASP GA 199 45.27 108.30 54.79
C ASP GA 199 45.43 108.51 53.28
N VAL GA 200 44.36 108.30 52.53
CA VAL GA 200 44.36 108.45 51.08
C VAL GA 200 43.16 109.27 50.67
N ALA GA 201 43.38 110.32 49.89
CA ALA GA 201 42.32 111.18 49.38
C ALA GA 201 42.33 111.12 47.86
N VAL GA 202 41.17 110.91 47.27
CA VAL GA 202 41.01 110.80 45.82
C VAL GA 202 40.30 112.05 45.34
N MET GA 203 40.71 112.54 44.18
CA MET GA 203 40.38 113.89 43.72
C MET GA 203 39.28 113.77 42.66
N LEU GA 204 38.11 114.30 42.96
CA LEU GA 204 36.98 114.25 42.02
C LEU GA 204 36.42 115.64 41.87
N ASP GA 205 36.26 116.09 40.63
CA ASP GA 205 35.58 117.35 40.33
C ASP GA 205 34.45 117.11 39.35
N ASN GA 206 33.33 117.78 39.59
CA ASN GA 206 32.18 117.60 38.74
C ASN GA 206 32.41 118.15 37.35
N GLU GA 207 33.28 119.17 37.23
CA GLU GA 207 33.53 119.77 35.93
C GLU GA 207 34.26 118.80 35.02
N ALA GA 208 35.22 118.05 35.56
CA ALA GA 208 35.91 117.05 34.75
C ALA GA 208 35.00 115.92 34.36
N ILE GA 209 34.07 115.54 35.23
CA ILE GA 209 33.18 114.45 34.87
C ILE GA 209 32.05 114.95 33.98
N TYR GA 210 31.78 116.25 33.97
CA TYR GA 210 30.91 116.80 32.93
C TYR GA 210 31.50 116.61 31.54
N ASP GA 211 32.76 116.98 31.35
CA ASP GA 211 33.29 116.93 30.00
C ASP GA 211 34.05 115.67 29.69
N ILE GA 212 34.08 114.71 30.61
CA ILE GA 212 34.46 113.37 30.21
C ILE GA 212 33.22 112.63 29.76
N CYS GA 213 32.03 113.14 30.10
CA CYS GA 213 30.80 112.57 29.60
C CYS GA 213 30.40 113.17 28.27
N ARG GA 214 30.81 114.41 28.04
CA ARG GA 214 30.43 115.09 26.80
C ARG GA 214 31.22 114.55 25.61
N ARG GA 215 32.52 114.35 25.77
CA ARG GA 215 33.34 113.96 24.64
C ARG GA 215 33.51 112.46 24.50
N ASN GA 216 33.13 111.67 25.50
CA ASN GA 216 33.27 110.23 25.40
C ASN GA 216 31.95 109.50 25.27
N LEU GA 217 30.91 109.93 25.99
CA LEU GA 217 29.60 109.31 25.92
C LEU GA 217 28.61 110.11 25.09
N ASP GA 218 29.06 111.20 24.47
CA ASP GA 218 28.26 112.18 23.72
C ASP GA 218 26.93 112.53 24.40
N ILE GA 219 27.00 112.74 25.70
CA ILE GA 219 25.90 113.29 26.48
C ILE GA 219 26.24 114.74 26.75
N GLU GA 220 25.50 115.66 26.14
CA GLU GA 220 25.82 117.07 26.31
C GLU GA 220 24.90 117.78 27.30
N ARG GA 221 24.05 117.05 28.01
CA ARG GA 221 23.36 117.59 29.18
C ARG GA 221 23.10 116.49 30.19
N PRO GA 222 24.12 116.09 30.95
CA PRO GA 222 23.93 115.09 31.99
C PRO GA 222 23.53 115.70 33.32
N THR GA 223 22.84 114.89 34.11
CA THR GA 223 22.49 115.30 35.46
C THR GA 223 23.57 114.80 36.41
N TYR GA 224 23.37 114.93 37.72
CA TYR GA 224 24.26 114.29 38.67
C TYR GA 224 24.19 112.78 38.63
N THR GA 225 23.12 112.22 38.11
CA THR GA 225 23.01 110.78 38.23
C THR GA 225 23.75 110.03 37.14
N ASN GA 226 24.26 110.74 36.15
CA ASN GA 226 25.18 110.11 35.21
C ASN GA 226 26.61 110.26 35.67
N LEU GA 227 26.91 111.31 36.42
CA LEU GA 227 28.22 111.42 37.05
C LEU GA 227 28.41 110.36 38.11
N ASN GA 228 27.35 109.95 38.78
CA ASN GA 228 27.49 109.00 39.88
C ASN GA 228 27.74 107.60 39.37
N ARG GA 229 27.29 107.27 38.16
CA ARG GA 229 27.64 105.97 37.58
C ARG GA 229 29.14 105.87 37.34
N LEU GA 230 29.75 106.93 36.84
CA LEU GA 230 31.19 106.91 36.60
C LEU GA 230 31.97 106.83 37.90
N ILE GA 231 31.52 107.52 38.94
CA ILE GA 231 32.18 107.36 40.23
C ILE GA 231 31.92 105.97 40.79
N ALA GA 232 30.80 105.36 40.45
CA ALA GA 232 30.52 104.01 40.92
C ALA GA 232 31.42 102.99 40.26
N GLN GA 233 31.93 103.29 39.07
CA GLN GA 233 32.83 102.33 38.44
C GLN GA 233 34.25 102.49 38.97
N VAL GA 234 34.59 103.66 39.51
CA VAL GA 234 35.91 103.84 40.10
C VAL GA 234 36.02 103.05 41.41
N ILE GA 235 35.00 103.13 42.26
CA ILE GA 235 34.97 102.32 43.47
C ILE GA 235 34.88 100.83 43.14
N SER GA 236 34.17 100.46 42.09
CA SER GA 236 34.02 99.05 41.76
C SER GA 236 35.33 98.45 41.32
N SER GA 237 36.17 99.24 40.66
CA SER GA 237 37.46 98.74 40.22
C SER GA 237 38.51 98.81 41.32
N LEU GA 238 38.39 99.76 42.25
CA LEU GA 238 39.35 99.84 43.34
C LEU GA 238 39.23 98.62 44.25
N THR GA 239 38.00 98.22 44.56
CA THR GA 239 37.74 97.13 45.48
C THR GA 239 37.31 95.86 44.77
N ALA GA 240 37.66 95.71 43.50
CA ALA GA 240 37.34 94.47 42.79
C ALA GA 240 38.21 93.33 43.26
N SER GA 241 39.46 93.62 43.63
CA SER GA 241 40.37 92.57 44.05
C SER GA 241 40.06 92.05 45.43
N LEU GA 242 39.25 92.77 46.20
CA LEU GA 242 38.85 92.29 47.51
C LEU GA 242 37.81 91.19 47.40
N ARG GA 243 37.02 91.19 46.34
CA ARG GA 243 35.82 90.38 46.29
C ARG GA 243 35.88 89.23 45.30
N PHE GA 244 36.71 89.31 44.28
CA PHE GA 244 36.79 88.27 43.26
C PHE GA 244 38.21 87.80 43.09
N ASP GA 245 38.36 86.68 42.40
CA ASP GA 245 39.67 86.11 42.17
C ASP GA 245 40.45 86.97 41.20
N GLY GA 246 41.76 86.97 41.35
CA GLY GA 246 42.61 87.74 40.47
C GLY GA 246 43.94 87.05 40.24
N ALA GA 247 44.49 87.25 39.04
CA ALA GA 247 45.83 86.75 38.76
C ALA GA 247 46.88 87.53 39.52
N LEU GA 248 46.58 88.79 39.84
CA LEU GA 248 47.49 89.62 40.62
C LEU GA 248 46.62 90.69 41.28
N ASN GA 249 46.35 90.53 42.56
CA ASN GA 249 45.34 91.35 43.22
C ASN GA 249 45.99 92.43 44.07
N VAL GA 250 45.28 93.54 44.19
CA VAL GA 250 45.75 94.72 44.91
C VAL GA 250 44.69 95.06 45.93
N ASP GA 251 45.01 94.92 47.21
CA ASP GA 251 44.05 95.15 48.27
C ASP GA 251 43.95 96.65 48.56
N VAL GA 252 43.29 96.99 49.66
CA VAL GA 252 43.08 98.39 50.00
C VAL GA 252 44.28 98.94 50.77
N THR GA 253 44.90 98.12 51.61
CA THR GA 253 46.13 98.51 52.29
C THR GA 253 47.27 98.70 51.31
N GLU GA 254 47.21 98.03 50.16
CA GLU GA 254 48.26 98.10 49.15
C GLU GA 254 48.45 99.48 48.55
N PHE GA 255 47.38 100.28 48.47
CA PHE GA 255 47.49 101.60 47.86
C PHE GA 255 48.39 102.51 48.67
N GLN GA 256 48.12 102.60 49.97
CA GLN GA 256 48.70 103.66 50.78
C GLN GA 256 50.20 103.50 50.95
N THR GA 257 50.71 102.28 50.81
CA THR GA 257 52.15 102.12 50.72
C THR GA 257 52.67 102.65 49.40
N ASN GA 258 51.99 102.32 48.33
CA ASN GA 258 52.55 102.42 47.00
C ASN GA 258 52.32 103.77 46.34
N LEU GA 259 51.68 104.72 47.00
CA LEU GA 259 51.40 106.00 46.38
C LEU GA 259 51.68 107.20 47.25
N VAL GA 260 51.96 107.01 48.53
CA VAL GA 260 52.09 108.14 49.45
C VAL GA 260 53.53 108.19 49.91
N PRO GA 261 54.39 108.98 49.28
CA PRO GA 261 55.81 108.93 49.62
C PRO GA 261 56.14 109.64 50.92
N TYR GA 262 55.45 110.74 51.19
CA TYR GA 262 55.58 111.48 52.42
C TYR GA 262 54.18 111.68 52.99
N PRO GA 263 54.03 111.82 54.31
CA PRO GA 263 52.70 111.70 54.92
C PRO GA 263 51.72 112.80 54.55
N ARG GA 264 52.18 113.93 54.03
CA ARG GA 264 51.25 114.99 53.67
C ARG GA 264 50.75 114.89 52.24
N ILE GA 265 51.49 114.23 51.36
CA ILE GA 265 51.18 114.21 49.93
C ILE GA 265 50.34 112.96 49.69
N HIS GA 266 49.02 113.11 49.83
CA HIS GA 266 48.09 112.01 49.59
C HIS GA 266 46.87 112.51 48.84
N PHE GA 267 47.08 113.28 47.79
CA PHE GA 267 46.00 113.80 46.96
C PHE GA 267 46.18 113.25 45.54
N MET GA 268 45.43 112.23 45.20
CA MET GA 268 45.60 111.48 43.97
C MET GA 268 44.43 111.65 43.02
N LEU GA 269 44.74 111.76 41.74
CA LEU GA 269 43.78 111.94 40.67
C LEU GA 269 43.36 110.59 40.11
N SER GA 270 42.17 110.54 39.54
CA SER GA 270 41.62 109.33 38.97
C SER GA 270 41.54 109.45 37.46
N SER GA 271 41.46 108.30 36.80
CA SER GA 271 41.19 108.25 35.38
C SER GA 271 40.68 106.86 35.05
N TYR GA 272 39.63 106.80 34.26
CA TYR GA 272 38.99 105.53 33.97
C TYR GA 272 38.80 105.39 32.48
N ALA GA 273 39.00 104.18 31.98
CA ALA GA 273 38.92 103.93 30.56
C ALA GA 273 38.65 102.46 30.35
N PRO GA 274 37.77 102.08 29.42
CA PRO GA 274 37.02 102.99 28.56
C PRO GA 274 35.64 103.35 29.11
N ILE GA 275 35.22 104.57 28.86
CA ILE GA 275 33.81 104.96 28.99
C ILE GA 275 33.30 105.27 27.60
N ILE GA 276 32.64 104.29 27.00
CA ILE GA 276 32.17 104.37 25.64
C ILE GA 276 30.77 103.75 25.59
N SER GA 277 29.93 104.29 24.71
CA SER GA 277 28.55 103.83 24.60
C SER GA 277 28.45 102.77 23.51
N ALA GA 278 27.24 102.23 23.32
CA ALA GA 278 27.01 101.26 22.26
C ALA GA 278 27.02 101.89 20.88
N GLU GA 279 27.02 103.22 20.81
CA GLU GA 279 27.33 103.91 19.56
C GLU GA 279 28.71 103.53 19.05
N LYS GA 280 29.70 103.50 19.94
CA LYS GA 280 31.05 103.23 19.46
C LYS GA 280 31.84 102.25 20.33
N ALA GA 281 31.18 101.38 21.07
CA ALA GA 281 31.83 100.14 21.46
C ALA GA 281 31.78 99.13 20.34
N TYR GA 282 30.96 99.41 19.35
CA TYR GA 282 30.67 98.61 18.19
C TYR GA 282 31.74 98.74 17.12
N HIS GA 283 32.70 99.64 17.30
CA HIS GA 283 33.78 99.81 16.34
C HIS GA 283 35.19 99.77 16.93
N GLU GA 284 35.37 100.01 18.22
CA GLU GA 284 36.68 99.83 18.84
C GLU GA 284 36.94 98.40 19.23
N GLN GA 285 38.17 97.95 19.01
CA GLN GA 285 38.74 96.89 19.83
C GLN GA 285 39.39 97.56 21.03
N LEU GA 286 39.07 97.08 22.21
CA LEU GA 286 39.58 97.67 23.44
C LEU GA 286 40.72 96.82 23.98
N SER GA 287 41.82 96.82 23.25
CA SER GA 287 42.98 96.07 23.68
C SER GA 287 43.62 96.75 24.89
N VAL GA 288 44.49 96.00 25.57
CA VAL GA 288 45.09 96.48 26.80
C VAL GA 288 45.97 97.69 26.53
N ALA GA 289 46.72 97.66 25.43
CA ALA GA 289 47.55 98.80 25.07
C ALA GA 289 46.69 100.00 24.72
N GLU GA 290 45.48 99.76 24.20
CA GLU GA 290 44.63 100.86 23.81
C GLU GA 290 44.06 101.58 25.03
N ILE GA 291 43.50 100.82 25.98
CA ILE GA 291 42.79 101.45 27.09
C ILE GA 291 43.73 101.90 28.19
N THR GA 292 45.03 101.73 28.05
CA THR GA 292 45.97 102.36 28.94
C THR GA 292 46.65 103.56 28.30
N ASN GA 293 46.54 103.73 26.99
CA ASN GA 293 46.85 105.02 26.40
C ASN GA 293 45.76 106.02 26.73
N SER GA 294 44.50 105.60 26.59
CA SER GA 294 43.39 106.50 26.85
C SER GA 294 43.23 106.81 28.33
N ALA GA 295 43.80 106.00 29.21
CA ALA GA 295 43.74 106.31 30.62
C ALA GA 295 44.70 107.43 31.00
N PHE GA 296 45.75 107.64 30.22
CA PHE GA 296 46.77 108.63 30.53
C PHE GA 296 46.57 109.94 29.82
N GLU GA 297 45.56 110.06 28.98
CA GLU GA 297 45.33 111.32 28.31
C GLU GA 297 44.81 112.35 29.30
N PRO GA 298 45.22 113.61 29.19
CA PRO GA 298 44.67 114.65 30.06
C PRO GA 298 43.18 114.89 29.87
N ALA GA 299 42.59 114.49 28.75
CA ALA GA 299 41.15 114.63 28.60
C ALA GA 299 40.39 113.61 29.44
N SER GA 300 41.00 112.49 29.79
CA SER GA 300 40.34 111.46 30.58
C SER GA 300 40.69 111.55 32.05
N MET GA 301 41.48 112.53 32.46
CA MET GA 301 41.69 112.75 33.88
C MET GA 301 40.38 113.20 34.50
N MET GA 302 40.15 112.78 35.74
CA MET GA 302 38.84 112.94 36.36
C MET GA 302 38.84 114.11 37.32
N ALA GA 303 39.82 115.02 37.22
CA ALA GA 303 39.88 116.11 38.17
C ALA GA 303 40.37 117.42 37.56
N LYS GA 304 40.20 117.63 36.26
CA LYS GA 304 40.41 118.89 35.54
C LYS GA 304 41.71 119.56 35.95
N CYS GA 305 42.79 118.83 35.71
CA CYS GA 305 44.10 119.18 36.24
C CYS GA 305 45.09 118.59 35.25
N ASP GA 306 45.56 119.39 34.32
CA ASP GA 306 46.29 118.89 33.17
C ASP GA 306 47.66 118.46 33.67
N PRO GA 307 48.05 117.20 33.51
CA PRO GA 307 49.34 116.74 34.02
C PRO GA 307 50.52 117.08 33.13
N ARG GA 308 50.33 117.79 32.02
CA ARG GA 308 51.47 118.24 31.24
C ARG GA 308 52.30 119.29 31.95
N HIS GA 309 51.75 119.96 32.95
CA HIS GA 309 52.54 120.81 33.83
C HIS GA 309 52.66 120.19 35.21
N GLY GA 310 52.91 118.89 35.24
CA GLY GA 310 53.21 118.21 36.49
C GLY GA 310 54.11 117.01 36.26
N LYS GA 311 54.77 116.59 37.32
CA LYS GA 311 55.65 115.43 37.30
C LYS GA 311 55.09 114.35 38.21
N TYR GA 312 55.08 113.10 37.73
CA TYR GA 312 54.44 111.98 38.41
C TYR GA 312 55.32 111.47 39.54
N MET GA 313 54.70 111.14 40.68
CA MET GA 313 55.45 110.41 41.68
C MET GA 313 55.19 108.91 41.62
N ALA GA 314 53.94 108.52 41.44
CA ALA GA 314 53.58 107.12 41.37
C ALA GA 314 52.26 107.00 40.64
N CYS GA 315 51.94 105.78 40.23
CA CYS GA 315 50.73 105.59 39.47
C CYS GA 315 50.28 104.16 39.65
N CYS GA 316 49.04 103.97 40.09
CA CYS GA 316 48.52 102.66 40.43
C CYS GA 316 47.44 102.27 39.43
N LEU GA 317 47.65 101.16 38.73
CA LEU GA 317 46.79 100.73 37.65
C LEU GA 317 46.05 99.46 38.07
N MET GA 318 44.76 99.40 37.78
CA MET GA 318 43.94 98.22 38.02
C MET GA 318 43.23 97.83 36.73
N TYR GA 319 43.26 96.56 36.41
CA TYR GA 319 42.72 96.05 35.17
C TYR GA 319 41.64 95.03 35.46
N ARG GA 320 40.54 95.12 34.75
CA ARG GA 320 39.46 94.16 34.88
C ARG GA 320 39.20 93.55 33.51
N GLY GA 321 38.66 92.34 33.49
CA GLY GA 321 38.33 91.72 32.23
C GLY GA 321 39.30 90.63 31.83
N ASP GA 322 39.33 90.26 30.54
CA ASP GA 322 40.29 89.28 30.05
C ASP GA 322 41.61 89.99 29.73
N VAL GA 323 42.36 90.27 30.78
CA VAL GA 323 43.64 90.95 30.67
C VAL GA 323 44.74 89.94 30.95
N VAL GA 324 45.67 89.83 30.01
CA VAL GA 324 46.77 88.88 30.09
C VAL GA 324 48.01 89.64 30.55
N PRO GA 325 48.77 89.12 31.51
CA PRO GA 325 49.84 89.93 32.12
C PRO GA 325 50.97 90.33 31.19
N LYS GA 326 51.14 89.65 30.07
CA LYS GA 326 52.07 90.13 29.05
C LYS GA 326 51.63 91.48 28.49
N ASP GA 327 50.34 91.64 28.27
CA ASP GA 327 49.83 92.87 27.68
C ASP GA 327 49.88 94.03 28.67
N VAL GA 328 49.78 93.74 29.96
CA VAL GA 328 50.02 94.75 30.98
C VAL GA 328 51.47 95.22 30.92
N ASN GA 329 52.40 94.27 30.89
CA ASN GA 329 53.81 94.60 30.91
C ASN GA 329 54.26 95.26 29.62
N ALA GA 330 53.68 94.84 28.49
CA ALA GA 330 54.06 95.45 27.22
C ALA GA 330 53.54 96.87 27.11
N ALA GA 331 52.29 97.10 27.53
CA ALA GA 331 51.66 98.40 27.36
C ALA GA 331 52.27 99.45 28.27
N VAL GA 332 52.54 99.09 29.52
CA VAL GA 332 53.09 100.07 30.45
C VAL GA 332 54.55 100.34 30.13
N ALA GA 333 55.20 99.48 29.36
CA ALA GA 333 56.51 99.81 28.84
C ALA GA 333 56.45 100.94 27.84
N THR GA 334 55.43 100.93 26.98
CA THR GA 334 55.29 101.98 25.97
C THR GA 334 54.99 103.33 26.63
N ILE GA 335 54.17 103.33 27.68
CA ILE GA 335 53.84 104.55 28.39
C ILE GA 335 55.09 105.17 29.00
N LYS GA 336 56.00 104.33 29.51
CA LYS GA 336 57.22 104.84 30.10
C LYS GA 336 58.16 105.43 29.04
N THR GA 337 58.12 104.88 27.82
CA THR GA 337 58.99 105.39 26.77
C THR GA 337 58.52 106.72 26.21
N LYS GA 338 57.27 107.09 26.46
CA LYS GA 338 56.74 108.34 25.94
C LYS GA 338 57.39 109.52 26.64
N ARG GA 339 57.57 110.61 25.90
CA ARG GA 339 58.25 111.79 26.41
C ARG GA 339 57.30 112.78 27.06
N THR GA 340 56.03 112.76 26.68
CA THR GA 340 55.07 113.74 27.16
C THR GA 340 54.90 113.66 28.67
N ILE GA 341 54.61 112.48 29.20
CA ILE GA 341 54.46 112.30 30.62
C ILE GA 341 55.79 111.86 31.19
N GLN GA 342 56.24 112.53 32.24
CA GLN GA 342 57.54 112.27 32.80
C GLN GA 342 57.41 111.96 34.28
N PHE GA 343 58.10 110.92 34.70
CA PHE GA 343 58.17 110.60 36.11
C PHE GA 343 59.31 111.39 36.72
N VAL GA 344 59.20 111.65 38.02
CA VAL GA 344 60.22 112.41 38.70
C VAL GA 344 61.50 111.58 38.76
N ASP GA 345 62.65 112.26 38.83
CA ASP GA 345 63.93 111.57 38.70
C ASP GA 345 64.19 110.64 39.86
N TRP GA 346 63.78 111.01 41.06
CA TRP GA 346 64.18 110.21 42.22
C TRP GA 346 63.30 109.01 42.45
N CYS GA 347 62.36 108.70 41.57
CA CYS GA 347 61.45 107.57 41.75
C CYS GA 347 61.45 106.75 40.48
N PRO GA 348 62.47 105.91 40.28
CA PRO GA 348 62.66 105.24 38.99
C PRO GA 348 61.61 104.19 38.70
N THR GA 349 61.36 103.29 39.65
CA THR GA 349 60.20 102.42 39.56
C THR GA 349 58.96 103.24 39.82
N GLY GA 350 57.95 103.11 38.97
CA GLY GA 350 56.82 103.99 39.13
C GLY GA 350 55.44 103.44 38.88
N PHE GA 351 55.24 102.15 39.06
CA PHE GA 351 53.94 101.57 38.74
C PHE GA 351 53.53 100.55 39.79
N LYS GA 352 52.22 100.38 39.90
CA LYS GA 352 51.59 99.38 40.77
C LYS GA 352 50.43 98.81 39.98
N CYS GA 353 50.58 97.62 39.42
CA CYS GA 353 49.55 97.10 38.55
C CYS GA 353 48.72 96.05 39.29
N GLY GA 354 47.59 95.71 38.69
CA GLY GA 354 46.73 94.68 39.23
C GLY GA 354 45.78 94.19 38.17
N ILE GA 355 45.47 92.91 38.22
CA ILE GA 355 44.60 92.27 37.25
C ILE GA 355 43.50 91.55 38.00
N ASN GA 356 42.25 91.80 37.62
CA ASN GA 356 41.12 91.05 38.14
C ASN GA 356 40.38 90.44 36.98
N TYR GA 357 39.87 89.23 37.18
CA TYR GA 357 39.30 88.48 36.06
C TYR GA 357 37.96 89.04 35.65
N GLN GA 358 37.11 89.37 36.59
CA GLN GA 358 35.71 89.54 36.25
C GLN GA 358 35.45 90.93 35.69
N PRO GA 359 34.83 91.03 34.52
CA PRO GA 359 34.66 92.32 33.85
C PRO GA 359 33.66 93.19 34.60
N PRO GA 360 33.62 94.50 34.31
CA PRO GA 360 32.65 95.35 34.99
C PRO GA 360 31.22 94.98 34.65
N THR GA 361 30.33 95.12 35.63
CA THR GA 361 28.94 94.76 35.45
C THR GA 361 28.17 95.98 34.96
N VAL GA 362 27.59 95.87 33.80
CA VAL GA 362 26.87 96.99 33.21
C VAL GA 362 25.49 97.06 33.85
N VAL GA 363 25.02 98.28 34.08
CA VAL GA 363 23.69 98.48 34.63
C VAL GA 363 22.72 98.68 33.47
N PRO GA 364 21.55 98.04 33.49
CA PRO GA 364 20.53 98.35 32.48
C PRO GA 364 20.09 99.79 32.60
N GLY GA 365 19.86 100.42 31.45
CA GLY GA 365 19.45 101.80 31.41
C GLY GA 365 20.56 102.81 31.54
N GLY GA 366 21.77 102.38 31.90
CA GLY GA 366 22.89 103.30 32.01
C GLY GA 366 23.44 103.68 30.65
N ASP GA 367 24.45 104.53 30.68
CA ASP GA 367 25.04 105.04 29.46
C ASP GA 367 26.28 104.28 29.02
N LEU GA 368 26.94 103.56 29.92
CA LEU GA 368 28.09 102.78 29.52
C LEU GA 368 27.65 101.50 28.81
N ALA GA 369 28.57 100.93 28.05
CA ALA GA 369 28.31 99.73 27.28
C ALA GA 369 29.02 98.54 27.91
N LYS GA 370 28.63 97.34 27.47
CA LYS GA 370 29.19 96.11 28.01
C LYS GA 370 30.58 95.91 27.41
N VAL GA 371 31.58 96.07 28.23
CA VAL GA 371 32.96 96.13 27.78
C VAL GA 371 33.64 94.83 28.14
N MET GA 372 34.62 94.43 27.33
CA MET GA 372 35.35 93.21 27.65
C MET GA 372 36.42 93.44 28.71
N ARG GA 373 37.04 94.61 28.74
CA ARG GA 373 38.09 94.87 29.70
C ARG GA 373 38.20 96.37 29.94
N ALA GA 374 38.65 96.74 31.13
CA ALA GA 374 38.67 98.15 31.50
C ALA GA 374 39.80 98.41 32.48
N VAL GA 375 40.18 99.69 32.58
CA VAL GA 375 41.27 100.12 33.45
C VAL GA 375 40.79 101.29 34.31
N CYS GA 376 41.08 101.23 35.60
CA CYS GA 376 41.00 102.39 36.47
C CYS GA 376 42.38 102.72 37.00
N MET GA 377 42.64 104.01 37.18
CA MET GA 377 43.98 104.48 37.45
C MET GA 377 43.98 105.56 38.51
N ILE GA 378 44.92 105.45 39.44
CA ILE GA 378 45.13 106.42 40.51
C ILE GA 378 46.60 106.84 40.45
N SER GA 379 46.84 108.15 40.34
CA SER GA 379 48.19 108.68 40.23
C SER GA 379 48.40 109.82 41.18
N ASN GA 380 49.63 109.97 41.63
CA ASN GA 380 50.04 111.08 42.47
C ASN GA 380 51.03 111.91 41.67
N SER GA 381 50.74 113.20 41.53
CA SER GA 381 51.54 114.04 40.65
C SER GA 381 51.84 115.35 41.35
N THR GA 382 52.79 116.10 40.81
CA THR GA 382 52.96 117.47 41.25
C THR GA 382 52.07 118.42 40.50
N ALA GA 383 51.10 117.90 39.74
CA ALA GA 383 50.08 118.74 39.15
C ALA GA 383 49.09 119.26 40.16
N ILE GA 384 49.08 118.70 41.37
CA ILE GA 384 48.18 119.14 42.43
C ILE GA 384 48.49 120.54 42.93
N ALA GA 385 49.61 121.11 42.51
CA ALA GA 385 49.93 122.46 42.92
C ALA GA 385 48.95 123.47 42.34
N GLU GA 386 48.40 123.18 41.16
CA GLU GA 386 47.46 124.12 40.57
C GLU GA 386 46.09 124.04 41.24
N VAL GA 387 45.71 122.87 41.77
CA VAL GA 387 44.36 122.75 42.32
C VAL GA 387 44.31 123.35 43.70
N PHE GA 388 45.47 123.65 44.29
CA PHE GA 388 45.56 124.37 45.55
C PHE GA 388 45.94 125.83 45.37
N SER GA 389 46.65 126.16 44.30
CA SER GA 389 47.01 127.55 44.06
C SER GA 389 45.79 128.40 43.75
N ARG GA 390 44.86 127.84 42.96
CA ARG GA 390 43.72 128.65 42.56
C ARG GA 390 42.71 128.80 43.69
N MET GA 391 42.63 127.82 44.58
CA MET GA 391 41.79 127.98 45.75
C MET GA 391 42.54 128.55 46.93
N ASP GA 392 43.80 128.93 46.74
CA ASP GA 392 44.47 129.82 47.68
C ASP GA 392 44.26 131.26 47.28
N HIS GA 393 44.33 131.54 45.99
CA HIS GA 393 44.10 132.90 45.52
C HIS GA 393 42.66 133.32 45.73
N LYS GA 394 41.71 132.41 45.52
CA LYS GA 394 40.30 132.73 45.74
C LYS GA 394 40.01 132.96 47.23
N PHE GA 395 40.67 132.20 48.10
CA PHE GA 395 40.44 132.35 49.53
C PHE GA 395 41.02 133.64 50.07
N ASP GA 396 42.23 134.00 49.63
CA ASP GA 396 42.84 135.26 50.06
C ASP GA 396 42.05 136.45 49.55
N LEU GA 397 41.51 136.33 48.35
CA LEU GA 397 40.77 137.42 47.74
C LEU GA 397 39.48 137.71 48.49
N MET GA 398 38.78 136.66 48.93
CA MET GA 398 37.57 136.86 49.71
C MET GA 398 37.89 137.37 51.11
N TYR GA 399 38.84 136.74 51.78
CA TYR GA 399 39.17 137.01 53.17
C TYR GA 399 39.90 138.32 53.37
N ALA GA 400 40.33 138.99 52.30
CA ALA GA 400 41.08 140.23 52.43
C ALA GA 400 40.25 141.32 53.08
N LYS GA 401 38.93 141.29 52.90
CA LYS GA 401 38.06 142.22 53.61
C LYS GA 401 36.82 141.51 54.15
N ARG GA 402 37.04 140.31 54.68
CA ARG GA 402 36.16 139.68 55.68
C ARG GA 402 34.76 139.44 55.15
N ALA GA 403 34.65 139.14 53.87
CA ALA GA 403 33.36 138.74 53.33
C ALA GA 403 32.96 137.38 53.87
N PHE GA 404 31.69 137.24 54.23
CA PHE GA 404 31.05 136.02 54.69
C PHE GA 404 31.66 135.46 55.98
N VAL GA 405 32.51 136.21 56.65
CA VAL GA 405 33.19 135.68 57.82
C VAL GA 405 32.24 135.63 59.01
N HIS GA 406 31.30 136.57 59.08
CA HIS GA 406 30.50 136.73 60.29
C HIS GA 406 29.56 135.56 60.52
N TRP GA 407 29.27 134.78 59.49
CA TRP GA 407 28.48 133.57 59.70
C TRP GA 407 29.30 132.50 60.40
N TYR GA 408 30.62 132.54 60.22
CA TYR GA 408 31.48 131.53 60.82
C TYR GA 408 31.94 131.93 62.22
N VAL GA 409 32.16 133.22 62.46
CA VAL GA 409 32.67 133.65 63.75
C VAL GA 409 31.64 133.44 64.84
N GLY GA 410 30.41 133.89 64.59
CA GLY GA 410 29.38 133.79 65.60
C GLY GA 410 28.83 132.40 65.80
N GLU GA 411 29.29 131.42 65.03
CA GLU GA 411 28.77 130.08 65.13
C GLU GA 411 29.66 129.15 65.94
N GLY GA 412 30.84 129.60 66.35
CA GLY GA 412 31.61 128.78 67.28
C GLY GA 412 33.11 128.79 67.11
N MET GA 413 33.62 129.38 66.04
CA MET GA 413 35.05 129.47 65.83
C MET GA 413 35.50 130.92 65.91
N GLU GA 414 36.80 131.10 66.08
CA GLU GA 414 37.35 132.44 66.15
C GLU GA 414 38.08 132.77 64.86
N GLU GA 415 38.23 134.08 64.63
CA GLU GA 415 39.17 134.53 63.62
C GLU GA 415 40.56 134.10 64.02
N GLY GA 416 41.27 133.47 63.09
CA GLY GA 416 42.57 132.93 63.41
C GLY GA 416 42.64 131.49 62.97
N GLU GA 417 41.53 130.77 63.11
CA GLU GA 417 41.44 129.47 62.47
C GLU GA 417 41.44 129.61 60.96
N PHE GA 418 40.93 130.74 60.45
CA PHE GA 418 41.04 131.01 59.03
C PHE GA 418 42.49 131.27 58.65
N SER GA 419 43.21 132.00 59.50
CA SER GA 419 44.63 132.24 59.25
C SER GA 419 45.43 130.97 59.44
N GLU GA 420 45.03 130.12 60.39
CA GLU GA 420 45.75 128.86 60.60
C GLU GA 420 45.51 127.90 59.45
N ALA GA 421 44.29 127.84 58.93
CA ALA GA 421 44.01 126.97 57.79
C ALA GA 421 44.68 127.49 56.53
N ARG GA 422 44.89 128.81 56.45
CA ARG GA 422 45.68 129.35 55.35
C ARG GA 422 47.12 128.88 55.39
N GLU GA 423 47.77 128.98 56.55
CA GLU GA 423 49.20 128.69 56.64
C GLU GA 423 49.50 127.21 56.44
N ASP GA 424 48.63 126.33 56.95
CA ASP GA 424 48.84 124.92 56.71
C ASP GA 424 48.62 124.57 55.24
N LEU GA 425 47.70 125.26 54.58
CA LEU GA 425 47.60 125.11 53.14
C LEU GA 425 48.70 125.89 52.43
N ALA GA 426 49.25 126.91 53.09
CA ALA GA 426 50.42 127.57 52.53
C ALA GA 426 51.65 126.69 52.62
N ALA GA 427 51.69 125.82 53.64
CA ALA GA 427 52.80 124.89 53.74
C ALA GA 427 52.72 123.83 52.66
N LEU GA 428 51.51 123.42 52.30
CA LEU GA 428 51.34 122.36 51.32
C LEU GA 428 51.73 122.83 49.93
N GLU GA 429 51.64 124.13 49.68
CA GLU GA 429 52.08 124.67 48.40
C GLU GA 429 53.58 124.51 48.23
N LYS GA 430 54.35 124.93 49.24
CA LYS GA 430 55.79 124.78 49.22
C LYS GA 430 56.20 123.31 49.30
N ASP GA 431 55.42 122.50 50.00
CA ASP GA 431 55.72 121.09 50.16
C ASP GA 431 55.67 120.35 48.83
N TYR GA 432 54.68 120.66 48.00
CA TYR GA 432 54.62 120.05 46.67
C TYR GA 432 55.71 120.58 45.77
N GLU GA 433 56.12 121.83 45.96
CA GLU GA 433 57.19 122.39 45.15
C GLU GA 433 58.52 121.73 45.46
N GLU GA 434 58.80 121.47 46.73
CA GLU GA 434 60.10 120.97 47.11
C GLU GA 434 60.25 119.47 46.86
N VAL GA 435 59.16 118.75 46.62
CA VAL GA 435 59.27 117.35 46.23
C VAL GA 435 59.84 117.23 44.83
N GLY GA 436 59.43 118.11 43.92
CA GLY GA 436 59.78 117.94 42.54
C GLY GA 436 61.07 118.57 42.06
N ILE GA 437 61.92 119.08 42.93
CA ILE GA 437 63.12 119.77 42.50
C ILE GA 437 64.18 118.81 41.95
N MET HA 1 9.65 118.13 62.20
CA MET HA 1 10.68 118.45 61.21
C MET HA 1 10.99 119.93 61.27
N ARG HA 2 11.16 120.56 60.11
CA ARG HA 2 11.27 122.01 60.02
C ARG HA 2 9.92 122.59 59.67
N GLU HA 3 9.52 123.64 60.37
CA GLU HA 3 8.22 124.24 60.19
C GLU HA 3 8.38 125.73 59.96
N ILE HA 4 7.42 126.33 59.28
CA ILE HA 4 7.39 127.76 59.02
C ILE HA 4 6.04 128.28 59.49
N VAL HA 5 6.05 129.38 60.24
CA VAL HA 5 4.83 130.02 60.71
C VAL HA 5 4.67 131.32 59.94
N HIS HA 6 3.53 131.45 59.27
CA HIS HA 6 3.27 132.61 58.43
C HIS HA 6 2.59 133.70 59.25
N VAL HA 7 2.99 134.94 59.00
CA VAL HA 7 2.34 136.10 59.61
C VAL HA 7 2.00 137.08 58.50
N GLN HA 8 0.72 137.35 58.31
CA GLN HA 8 0.26 138.32 57.34
C GLN HA 8 -0.20 139.56 58.07
N GLY HA 9 0.53 140.66 57.91
CA GLY HA 9 0.21 141.86 58.63
C GLY HA 9 -0.19 143.03 57.74
N GLY HA 10 -1.44 143.45 57.85
CA GLY HA 10 -1.92 144.62 57.13
C GLY HA 10 -2.94 144.25 56.08
N GLN HA 11 -3.47 145.30 55.43
CA GLN HA 11 -4.37 145.11 54.31
C GLN HA 11 -3.66 144.46 53.14
N CYS HA 12 -2.50 145.00 52.78
CA CYS HA 12 -1.71 144.40 51.72
C CYS HA 12 -1.21 143.03 52.13
N GLY HA 13 -0.80 142.87 53.38
CA GLY HA 13 -0.28 141.59 53.82
C GLY HA 13 -1.31 140.49 53.80
N ASN HA 14 -2.57 140.82 54.10
CA ASN HA 14 -3.61 139.81 54.09
C ASN HA 14 -4.00 139.42 52.68
N GLN HA 15 -4.06 140.39 51.76
CA GLN HA 15 -4.44 140.07 50.40
C GLN HA 15 -3.33 139.32 49.68
N ILE HA 16 -2.08 139.74 49.85
CA ILE HA 16 -0.98 138.99 49.25
C ILE HA 16 -0.58 137.80 50.10
N GLY HA 17 -1.22 137.61 51.24
CA GLY HA 17 -1.04 136.41 52.02
C GLY HA 17 -2.14 135.41 51.73
N ALA HA 18 -3.33 135.91 51.38
CA ALA HA 18 -4.43 135.00 51.04
C ALA HA 18 -4.17 134.32 49.71
N LYS HA 19 -3.49 135.00 48.80
CA LYS HA 19 -3.17 134.36 47.53
C LYS HA 19 -2.06 133.35 47.70
N PHE HA 20 -1.19 133.56 48.70
CA PHE HA 20 -0.13 132.60 48.97
C PHE HA 20 -0.68 131.26 49.44
N TRP HA 21 -1.77 131.26 50.19
CA TRP HA 21 -2.36 129.99 50.56
C TRP HA 21 -3.30 129.45 49.49
N GLU HA 22 -3.47 130.17 48.39
CA GLU HA 22 -4.12 129.59 47.23
C GLU HA 22 -3.10 128.90 46.34
N VAL HA 23 -1.85 129.36 46.37
CA VAL HA 23 -0.87 128.80 45.46
C VAL HA 23 -0.16 127.61 46.09
N ILE HA 24 -0.03 127.59 47.42
CA ILE HA 24 0.54 126.41 48.07
C ILE HA 24 -0.49 125.29 48.12
N SER HA 25 -1.73 125.62 48.49
CA SER HA 25 -2.77 124.61 48.64
C SER HA 25 -3.08 123.93 47.32
N ASP HA 26 -3.03 124.68 46.22
CA ASP HA 26 -3.14 124.06 44.91
C ASP HA 26 -1.95 123.15 44.66
N GLU HA 27 -0.75 123.61 45.02
CA GLU HA 27 0.46 122.87 44.71
C GLU HA 27 0.59 121.61 45.54
N HIS HA 28 0.12 121.62 46.78
CA HIS HA 28 0.10 120.42 47.58
C HIS HA 28 -1.19 119.63 47.44
N GLY HA 29 -2.16 120.13 46.69
CA GLY HA 29 -3.36 119.35 46.41
C GLY HA 29 -4.42 119.37 47.48
N ILE HA 30 -4.47 120.43 48.30
CA ILE HA 30 -5.43 120.52 49.39
C ILE HA 30 -6.65 121.30 48.94
N ASP HA 31 -7.82 120.71 49.11
CA ASP HA 31 -9.08 121.33 48.71
C ASP HA 31 -9.41 122.49 49.65
N PRO HA 32 -10.32 123.38 49.24
CA PRO HA 32 -10.74 124.46 50.15
C PRO HA 32 -11.38 123.97 51.44
N THR HA 33 -12.00 122.79 51.42
CA THR HA 33 -12.43 122.17 52.67
C THR HA 33 -11.23 121.82 53.53
N GLY HA 34 -10.22 121.20 52.94
CA GLY HA 34 -9.01 120.84 53.66
C GLY HA 34 -8.66 119.38 53.51
N THR HA 35 -9.37 118.70 52.62
CA THR HA 35 -9.19 117.28 52.39
C THR HA 35 -8.36 117.08 51.13
N TYR HA 36 -7.28 116.32 51.24
CA TYR HA 36 -6.42 116.12 50.09
C TYR HA 36 -7.10 115.23 49.06
N CYS HA 37 -6.97 115.60 47.79
CA CYS HA 37 -7.49 114.81 46.68
C CYS HA 37 -6.51 114.88 45.54
N GLY HA 38 -6.07 113.73 45.04
CA GLY HA 38 -5.10 113.72 43.97
C GLY HA 38 -4.01 112.68 44.10
N ASP HA 39 -4.10 111.84 45.14
CA ASP HA 39 -3.40 110.58 45.41
C ASP HA 39 -1.97 110.48 44.89
N SER HA 40 -1.11 111.42 45.26
CA SER HA 40 0.32 111.33 45.04
C SER HA 40 1.04 111.38 46.37
N ASP HA 41 2.20 110.73 46.43
CA ASP HA 41 2.90 110.58 47.70
C ASP HA 41 3.77 111.78 48.03
N LEU HA 42 4.40 112.40 47.04
CA LEU HA 42 5.32 113.49 47.31
C LEU HA 42 4.60 114.76 47.77
N GLN HA 43 3.29 114.84 47.57
CA GLN HA 43 2.54 116.00 48.03
C GLN HA 43 2.35 116.03 49.53
N LEU HA 44 2.50 114.90 50.22
CA LEU HA 44 2.22 114.85 51.64
C LEU HA 44 3.45 114.56 52.50
N GLU HA 45 4.59 114.27 51.90
CA GLU HA 45 5.75 113.86 52.70
C GLU HA 45 6.32 115.04 53.48
N ARG HA 46 6.28 116.25 52.94
CA ARG HA 46 6.63 117.45 53.68
C ARG HA 46 5.42 118.36 53.58
N ILE HA 47 4.45 118.09 54.43
CA ILE HA 47 3.25 118.91 54.51
C ILE HA 47 3.18 119.66 55.83
N ASN HA 48 3.95 119.26 56.83
CA ASN HA 48 3.98 119.96 58.10
C ASN HA 48 4.79 121.24 58.06
N VAL HA 49 5.46 121.53 56.94
CA VAL HA 49 6.13 122.80 56.78
C VAL HA 49 5.16 123.97 56.78
N PHE HA 50 3.90 123.74 56.42
CA PHE HA 50 2.93 124.81 56.43
C PHE HA 50 1.57 124.42 56.97
N TYR HA 51 1.32 123.16 57.28
CA TYR HA 51 -0.01 122.70 57.65
C TYR HA 51 0.06 121.88 58.93
N ASN HA 52 -1.07 121.84 59.64
CA ASN HA 52 -1.20 121.07 60.86
C ASN HA 52 -2.38 120.12 60.75
N GLU HA 53 -2.16 118.87 61.11
CA GLU HA 53 -3.24 117.89 61.14
C GLU HA 53 -4.22 118.24 62.24
N ALA HA 54 -5.51 118.02 61.99
CA ALA HA 54 -6.56 118.50 62.87
C ALA HA 54 -7.51 117.40 63.31
N THR HA 55 -6.95 116.22 63.61
CA THR HA 55 -7.55 115.02 64.22
C THR HA 55 -8.86 114.58 63.58
N GLY HA 56 -9.18 115.10 62.41
CA GLY HA 56 -10.37 114.73 61.70
C GLY HA 56 -10.00 114.46 60.27
N GLY HA 57 -8.72 114.63 59.98
CA GLY HA 57 -8.19 114.39 58.66
C GLY HA 57 -7.93 115.62 57.83
N ARG HA 58 -8.12 116.81 58.38
CA ARG HA 58 -7.98 118.03 57.60
C ARG HA 58 -6.77 118.82 58.04
N PHE HA 59 -6.29 119.66 57.14
CA PHE HA 59 -5.07 120.44 57.33
C PHE HA 59 -5.43 121.92 57.46
N VAL HA 60 -4.83 122.58 58.43
CA VAL HA 60 -5.07 124.00 58.66
C VAL HA 60 -3.73 124.72 58.53
N PRO HA 61 -3.70 125.91 57.96
CA PRO HA 61 -2.44 126.62 57.77
C PRO HA 61 -1.87 127.09 59.08
N ARG HA 62 -0.57 127.31 59.09
CA ARG HA 62 0.10 127.93 60.23
C ARG HA 62 0.27 129.42 60.00
N ALA HA 63 -0.86 130.10 59.85
CA ALA HA 63 -0.88 131.51 59.52
C ALA HA 63 -1.49 132.32 60.66
N ILE HA 64 -0.93 133.50 60.87
CA ILE HA 64 -1.46 134.48 61.82
C ILE HA 64 -1.83 135.72 61.05
N LEU HA 65 -3.12 136.02 60.97
CA LEU HA 65 -3.62 137.12 60.15
C LEU HA 65 -3.82 138.33 61.04
N MET HA 66 -2.95 139.32 60.89
CA MET HA 66 -2.89 140.47 61.77
C MET HA 66 -3.31 141.72 61.02
N ASP HA 67 -4.30 142.43 61.54
CA ASP HA 67 -4.71 143.70 60.97
C ASP HA 67 -5.47 144.47 62.03
N LEU HA 68 -5.46 145.79 61.93
CA LEU HA 68 -6.10 146.67 62.90
C LEU HA 68 -7.53 147.04 62.54
N GLU HA 69 -8.07 146.58 61.41
CA GLU HA 69 -9.45 146.93 61.14
C GLU HA 69 -10.18 145.72 60.56
N PRO HA 70 -11.45 145.53 60.90
CA PRO HA 70 -12.12 144.28 60.56
C PRO HA 70 -12.56 144.14 59.11
N GLY HA 71 -12.19 145.05 58.22
CA GLY HA 71 -12.66 144.96 56.86
C GLY HA 71 -11.92 143.97 56.02
N THR HA 72 -10.59 143.91 56.18
CA THR HA 72 -9.78 143.08 55.30
C THR HA 72 -9.88 141.61 55.65
N MET HA 73 -10.05 141.27 56.92
CA MET HA 73 -10.20 139.86 57.26
C MET HA 73 -11.55 139.31 56.86
N ASP HA 74 -12.59 140.14 56.83
CA ASP HA 74 -13.88 139.65 56.36
C ASP HA 74 -13.83 139.37 54.86
N SER HA 75 -13.04 140.14 54.12
CA SER HA 75 -12.86 139.86 52.70
C SER HA 75 -12.09 138.57 52.51
N VAL HA 76 -11.10 138.30 53.36
CA VAL HA 76 -10.31 137.09 53.24
C VAL HA 76 -11.15 135.88 53.58
N ARG HA 77 -11.93 135.96 54.66
CA ARG HA 77 -12.68 134.80 55.14
C ARG HA 77 -13.82 134.45 54.19
N ALA HA 78 -14.51 135.45 53.65
CA ALA HA 78 -15.68 135.16 52.82
C ALA HA 78 -15.29 134.63 51.46
N GLY HA 79 -14.07 134.88 51.02
CA GLY HA 79 -13.65 134.49 49.70
C GLY HA 79 -13.37 133.01 49.60
N PRO HA 80 -12.93 132.57 48.42
CA PRO HA 80 -12.53 131.16 48.28
C PRO HA 80 -11.23 130.93 49.02
N PHE HA 81 -11.05 129.69 49.47
CA PHE HA 81 -9.93 129.29 50.32
C PHE HA 81 -9.85 130.16 51.56
N GLY HA 82 -11.02 130.52 52.10
CA GLY HA 82 -11.08 131.43 53.22
C GLY HA 82 -11.47 130.72 54.49
N GLN HA 83 -12.24 129.65 54.36
CA GLN HA 83 -12.58 128.84 55.51
C GLN HA 83 -11.48 127.86 55.86
N LEU HA 84 -10.39 127.85 55.11
CA LEU HA 84 -9.25 127.00 55.41
C LEU HA 84 -8.56 127.46 56.68
N PHE HA 85 -8.52 128.75 56.92
CA PHE HA 85 -7.84 129.29 58.10
C PHE HA 85 -8.59 128.95 59.38
N ARG HA 86 -7.85 128.85 60.46
CA ARG HA 86 -8.47 128.67 61.77
C ARG HA 86 -9.07 129.99 62.22
N PRO HA 87 -10.30 130.00 62.72
CA PRO HA 87 -10.93 131.28 63.09
C PRO HA 87 -10.31 131.93 64.30
N ASP HA 88 -9.60 131.18 65.13
CA ASP HA 88 -8.91 131.76 66.28
C ASP HA 88 -7.74 132.61 65.82
N ASN HA 89 -7.08 132.24 64.72
CA ASN HA 89 -5.83 132.88 64.32
C ASN HA 89 -6.00 134.30 63.85
N PHE HA 90 -7.21 134.71 63.46
CA PHE HA 90 -7.45 136.11 63.18
C PHE HA 90 -7.30 136.92 64.46
N VAL HA 91 -6.70 138.09 64.34
CA VAL HA 91 -6.56 139.03 65.47
C VAL HA 91 -7.06 140.39 65.01
N PHE HA 92 -8.36 140.63 65.21
CA PHE HA 92 -8.99 141.87 64.80
C PHE HA 92 -8.43 143.05 65.59
N GLY HA 93 -8.41 144.20 64.94
CA GLY HA 93 -8.34 145.45 65.66
C GLY HA 93 -9.65 146.15 65.43
N GLN HA 94 -9.96 147.15 66.23
CA GLN HA 94 -11.18 147.91 66.00
C GLN HA 94 -10.91 149.38 65.73
N THR HA 95 -9.89 149.97 66.35
CA THR HA 95 -9.61 151.38 66.15
C THR HA 95 -9.03 151.63 64.77
N GLY HA 96 -7.87 151.05 64.50
CA GLY HA 96 -7.27 151.20 63.19
C GLY HA 96 -6.34 152.37 63.11
N ALA HA 97 -5.17 152.19 62.51
CA ALA HA 97 -4.19 153.24 62.34
C ALA HA 97 -4.36 153.82 60.95
N GLY HA 98 -4.75 155.08 60.88
CA GLY HA 98 -5.04 155.69 59.61
C GLY HA 98 -3.80 156.11 58.85
N ASN HA 99 -3.06 155.12 58.34
CA ASN HA 99 -1.79 155.31 57.65
C ASN HA 99 -0.81 156.07 58.52
N ASN HA 100 -0.86 155.81 59.81
CA ASN HA 100 -0.05 156.48 60.80
C ASN HA 100 0.86 155.43 61.44
N TRP HA 101 2.16 155.57 61.21
CA TRP HA 101 3.12 154.59 61.72
C TRP HA 101 3.29 154.70 63.22
N ALA HA 102 3.17 155.91 63.78
CA ALA HA 102 3.37 156.09 65.21
C ALA HA 102 2.33 155.33 66.00
N LYS HA 103 1.09 155.43 65.59
CA LYS HA 103 0.01 154.84 66.35
C LYS HA 103 -0.26 153.40 65.95
N GLY HA 104 0.56 152.84 65.07
CA GLY HA 104 0.54 151.42 64.83
C GLY HA 104 1.71 150.74 65.51
N HIS HA 105 2.71 151.53 65.90
CA HIS HA 105 3.89 151.01 66.57
C HIS HA 105 3.90 151.29 68.07
N TYR HA 106 3.31 152.39 68.51
CA TYR HA 106 3.34 152.78 69.91
C TYR HA 106 1.98 152.67 70.59
N THR HA 107 0.95 153.32 70.07
CA THR HA 107 -0.25 153.53 70.87
C THR HA 107 -1.30 152.44 70.67
N GLU HA 108 -1.87 152.32 69.48
CA GLU HA 108 -2.80 151.23 69.24
C GLU HA 108 -2.13 149.97 68.75
N GLY HA 109 -0.81 149.97 68.64
CA GLY HA 109 -0.11 148.73 68.37
C GLY HA 109 0.14 147.96 69.65
N ALA HA 110 0.18 148.66 70.78
CA ALA HA 110 0.54 148.03 72.03
C ALA HA 110 -0.60 147.20 72.60
N GLU HA 111 -1.84 147.65 72.44
CA GLU HA 111 -2.97 146.91 73.01
C GLU HA 111 -3.38 145.72 72.18
N LEU HA 112 -2.63 145.39 71.14
CA LEU HA 112 -2.89 144.22 70.34
C LEU HA 112 -1.67 143.34 70.14
N ILE HA 113 -0.46 143.86 70.40
CA ILE HA 113 0.76 143.07 70.26
C ILE HA 113 0.82 142.00 71.33
N ASP HA 114 0.08 142.17 72.43
CA ASP HA 114 0.05 141.15 73.47
C ASP HA 114 -0.71 139.92 73.01
N SER HA 115 -1.80 140.12 72.26
CA SER HA 115 -2.61 138.98 71.84
C SER HA 115 -1.93 138.19 70.73
N VAL HA 116 -1.20 138.87 69.83
CA VAL HA 116 -0.63 138.16 68.71
C VAL HA 116 0.55 137.31 69.13
N LEU HA 117 1.32 137.76 70.13
CA LEU HA 117 2.41 136.94 70.62
C LEU HA 117 1.91 135.68 71.30
N ASP HA 118 0.67 135.71 71.79
CA ASP HA 118 0.07 134.50 72.34
C ASP HA 118 -0.20 133.48 71.24
N VAL HA 119 -0.76 133.93 70.13
CA VAL HA 119 -1.11 132.97 69.08
C VAL HA 119 0.13 132.60 68.26
N VAL HA 120 1.14 133.46 68.24
CA VAL HA 120 2.42 133.07 67.64
C VAL HA 120 3.08 131.98 68.47
N ARG HA 121 3.08 132.13 69.79
CA ARG HA 121 3.75 131.19 70.65
C ARG HA 121 3.10 129.81 70.63
N LYS HA 122 1.77 129.77 70.54
CA LYS HA 122 1.09 128.47 70.50
C LYS HA 122 1.37 127.77 69.19
N GLU HA 123 1.53 128.52 68.11
CA GLU HA 123 1.89 127.91 66.83
C GLU HA 123 3.35 127.50 66.82
N ALA HA 124 4.22 128.30 67.45
CA ALA HA 124 5.64 128.03 67.41
C ALA HA 124 6.01 126.85 68.30
N GLU HA 125 5.46 126.79 69.50
CA GLU HA 125 5.91 125.79 70.46
C GLU HA 125 5.25 124.44 70.28
N GLY HA 126 4.20 124.36 69.47
CA GLY HA 126 3.49 123.10 69.34
C GLY HA 126 4.31 122.02 68.65
N CYS HA 127 5.04 122.40 67.61
CA CYS HA 127 5.79 121.43 66.82
C CYS HA 127 7.12 121.14 67.53
N ASP HA 128 8.01 120.45 66.83
CA ASP HA 128 9.28 120.08 67.45
C ASP HA 128 10.30 121.22 67.39
N CYS HA 129 10.73 121.60 66.19
CA CYS HA 129 11.82 122.54 65.99
C CYS HA 129 11.50 123.35 64.75
N LEU HA 130 10.89 124.51 64.94
CA LEU HA 130 10.53 125.40 63.84
C LEU HA 130 11.77 125.91 63.14
N GLN HA 131 11.63 126.25 61.87
CA GLN HA 131 12.76 126.81 61.13
C GLN HA 131 12.75 128.32 61.18
N GLY HA 132 11.67 128.93 60.71
CA GLY HA 132 11.60 130.37 60.70
C GLY HA 132 10.17 130.85 60.53
N PHE HA 133 10.04 132.16 60.50
CA PHE HA 133 8.77 132.80 60.26
C PHE HA 133 8.87 133.56 58.95
N GLN HA 134 7.75 133.76 58.27
CA GLN HA 134 7.72 134.72 57.18
C GLN HA 134 6.70 135.80 57.48
N ILE HA 135 7.19 137.02 57.62
CA ILE HA 135 6.35 138.20 57.77
C ILE HA 135 6.03 138.66 56.36
N THR HA 136 4.80 139.11 56.13
CA THR HA 136 4.38 139.51 54.80
C THR HA 136 3.56 140.78 54.96
N HIS HA 137 4.10 141.92 54.53
CA HIS HA 137 3.50 143.20 54.90
C HIS HA 137 3.88 144.27 53.90
N SER HA 138 3.36 145.47 54.12
CA SER HA 138 3.57 146.63 53.28
C SER HA 138 4.25 147.72 54.08
N LEU HA 139 5.12 148.50 53.43
CA LEU HA 139 5.84 149.54 54.13
C LEU HA 139 5.30 150.94 53.85
N GLY HA 140 4.08 151.05 53.34
CA GLY HA 140 3.49 152.36 53.14
C GLY HA 140 2.39 152.66 54.13
N GLY HA 141 1.65 151.63 54.52
CA GLY HA 141 0.46 151.79 55.32
C GLY HA 141 0.75 151.93 56.80
N GLY HA 142 -0.31 151.78 57.59
CA GLY HA 142 -0.22 151.97 59.01
C GLY HA 142 -0.02 150.72 59.83
N THR HA 143 -0.84 149.69 59.62
CA THR HA 143 -0.76 148.50 60.46
C THR HA 143 0.16 147.44 59.90
N GLY HA 144 0.42 147.43 58.60
CA GLY HA 144 1.44 146.53 58.07
C GLY HA 144 2.83 147.00 58.37
N SER HA 145 3.02 148.30 58.56
CA SER HA 145 4.32 148.86 58.88
C SER HA 145 4.45 149.24 60.34
N GLY HA 146 3.34 149.53 61.02
CA GLY HA 146 3.42 149.92 62.43
C GLY HA 146 3.59 148.76 63.38
N MET HA 147 2.58 147.90 63.49
CA MET HA 147 2.77 146.69 64.28
C MET HA 147 3.29 145.53 63.47
N GLY HA 148 3.36 145.68 62.15
CA GLY HA 148 4.03 144.67 61.35
C GLY HA 148 5.49 144.54 61.72
N THR HA 149 6.14 145.66 61.98
CA THR HA 149 7.53 145.62 62.36
C THR HA 149 7.72 145.55 63.87
N LEU HA 150 6.67 145.86 64.64
CA LEU HA 150 6.74 145.65 66.07
C LEU HA 150 6.70 144.18 66.40
N LEU HA 151 5.91 143.41 65.65
CA LEU HA 151 5.89 141.97 65.85
C LEU HA 151 7.23 141.37 65.47
N ILE HA 152 7.88 141.93 64.46
CA ILE HA 152 9.20 141.47 64.06
C ILE HA 152 10.21 141.72 65.17
N SER HA 153 10.08 142.87 65.84
CA SER HA 153 11.01 143.23 66.92
C SER HA 153 10.91 142.25 68.08
N LYS HA 154 9.69 141.87 68.45
CA LYS HA 154 9.54 141.04 69.64
C LYS HA 154 9.76 139.56 69.34
N VAL HA 155 9.39 139.09 68.16
CA VAL HA 155 9.56 137.67 67.90
C VAL HA 155 11.01 137.36 67.61
N ARG HA 156 11.80 138.35 67.21
CA ARG HA 156 13.23 138.15 67.12
C ARG HA 156 13.85 138.04 68.51
N GLU HA 157 13.32 138.80 69.47
CA GLU HA 157 13.85 138.74 70.82
C GLU HA 157 13.53 137.40 71.48
N GLU HA 158 12.33 136.89 71.27
CA GLU HA 158 11.95 135.63 71.88
C GLU HA 158 12.64 134.46 71.20
N TYR HA 159 12.74 134.50 69.88
CA TYR HA 159 13.43 133.46 69.12
C TYR HA 159 14.61 134.09 68.38
N PRO HA 160 15.80 134.00 68.91
CA PRO HA 160 16.89 134.81 68.36
C PRO HA 160 17.60 134.19 67.17
N ASP HA 161 17.56 132.87 67.04
CA ASP HA 161 18.31 132.20 65.98
C ASP HA 161 17.49 131.78 64.78
N ARG HA 162 16.17 131.70 64.90
CA ARG HA 162 15.34 131.24 63.80
C ARG HA 162 15.35 132.27 62.69
N ILE HA 163 15.23 131.79 61.46
CA ILE HA 163 15.42 132.67 60.32
C ILE HA 163 14.19 133.56 60.14
N MET HA 164 14.41 134.81 59.77
CA MET HA 164 13.36 135.82 59.77
C MET HA 164 13.27 136.40 58.37
N GLU HA 165 12.20 136.08 57.67
CA GLU HA 165 12.05 136.40 56.27
C GLU HA 165 10.87 137.34 56.07
N THR HA 166 11.08 138.44 55.38
CA THR HA 166 10.01 139.41 55.18
C THR HA 166 9.83 139.72 53.70
N PHE HA 167 8.59 139.79 53.27
CA PHE HA 167 8.20 140.33 51.98
C PHE HA 167 7.59 141.71 52.20
N SER HA 168 8.34 142.74 51.84
CA SER HA 168 7.90 144.11 52.03
C SER HA 168 7.71 144.76 50.68
N VAL HA 169 6.53 145.30 50.44
CA VAL HA 169 6.32 146.11 49.25
C VAL HA 169 6.64 147.57 49.59
N PHE HA 170 7.67 148.08 48.96
CA PHE HA 170 8.12 149.44 49.16
C PHE HA 170 7.18 150.39 48.44
N PRO HA 171 7.24 151.67 48.76
CA PRO HA 171 6.57 152.67 47.92
C PRO HA 171 7.15 152.65 46.51
N SER HA 172 6.30 152.90 45.55
CA SER HA 172 6.78 153.08 44.20
C SER HA 172 7.35 154.50 44.04
N PRO HA 173 8.36 154.67 43.19
CA PRO HA 173 8.94 156.01 43.05
C PRO HA 173 8.09 156.99 42.27
N LYS HA 174 7.40 156.56 41.22
CA LYS HA 174 6.68 157.53 40.39
C LYS HA 174 5.40 158.00 41.06
N VAL HA 175 4.45 157.09 41.23
CA VAL HA 175 3.17 157.43 41.85
C VAL HA 175 3.21 157.01 43.30
N SER HA 176 2.52 157.75 44.14
CA SER HA 176 2.65 157.57 45.58
C SER HA 176 1.28 157.70 46.25
N ASP HA 177 0.59 156.58 46.39
CA ASP HA 177 -0.57 156.59 47.25
C ASP HA 177 -0.12 156.51 48.70
N THR HA 178 -1.05 156.80 49.62
CA THR HA 178 -0.77 156.96 51.05
C THR HA 178 0.30 158.02 51.29
N VAL HA 179 -0.12 159.28 51.06
CA VAL HA 179 0.69 160.49 50.90
C VAL HA 179 1.86 160.58 51.88
N VAL HA 180 1.65 160.17 53.12
CA VAL HA 180 2.78 160.07 54.07
C VAL HA 180 3.38 158.68 53.88
N GLU HA 181 4.13 158.54 52.80
CA GLU HA 181 5.01 157.40 52.57
C GLU HA 181 6.37 157.49 53.24
N PRO HA 182 7.19 158.53 53.02
CA PRO HA 182 8.59 158.42 53.42
C PRO HA 182 8.79 158.35 54.91
N TYR HA 183 7.90 158.94 55.69
CA TYR HA 183 7.94 158.77 57.14
C TYR HA 183 7.66 157.33 57.52
N ASN HA 184 6.71 156.69 56.83
CA ASN HA 184 6.42 155.30 57.11
C ASN HA 184 7.56 154.39 56.67
N ALA HA 185 8.13 154.66 55.50
CA ALA HA 185 9.14 153.75 54.96
C ALA HA 185 10.46 153.87 55.72
N THR HA 186 10.92 155.10 55.99
CA THR HA 186 12.20 155.29 56.65
C THR HA 186 12.19 154.75 58.07
N LEU HA 187 11.16 155.07 58.84
CA LEU HA 187 11.10 154.59 60.21
C LEU HA 187 10.84 153.11 60.29
N SER HA 188 10.38 152.49 59.22
CA SER HA 188 10.24 151.04 59.27
C SER HA 188 11.53 150.34 58.89
N VAL HA 189 12.25 150.87 57.90
CA VAL HA 189 13.44 150.21 57.40
C VAL HA 189 14.55 150.20 58.44
N HIS HA 190 14.76 151.33 59.13
CA HIS HA 190 15.89 151.39 60.05
C HIS HA 190 15.69 150.51 61.25
N GLN HA 191 14.45 150.17 61.56
CA GLN HA 191 14.17 149.25 62.63
C GLN HA 191 14.12 147.82 62.11
N LEU HA 192 13.79 147.65 60.84
CA LEU HA 192 13.83 146.34 60.20
C LEU HA 192 15.24 145.92 59.82
N VAL HA 193 16.17 146.89 59.74
CA VAL HA 193 17.55 146.54 59.43
C VAL HA 193 18.16 145.77 60.59
N GLU HA 194 17.99 146.29 61.81
CA GLU HA 194 18.60 145.65 62.95
C GLU HA 194 17.89 144.38 63.37
N ASN HA 195 16.63 144.20 62.99
CA ASN HA 195 15.81 143.16 63.57
C ASN HA 195 15.24 142.18 62.55
N ALA HA 196 15.82 142.07 61.36
CA ALA HA 196 15.36 141.08 60.40
C ALA HA 196 16.55 140.38 59.76
N ASP HA 197 16.31 139.16 59.29
CA ASP HA 197 17.35 138.30 58.78
C ASP HA 197 17.44 138.28 57.27
N GLU HA 198 16.32 138.40 56.57
CA GLU HA 198 16.30 138.27 55.12
C GLU HA 198 15.08 139.02 54.60
N VAL HA 199 15.31 140.13 53.91
CA VAL HA 199 14.23 141.02 53.47
C VAL HA 199 14.22 141.02 51.95
N GLN HA 200 13.06 140.74 51.37
CA GLN HA 200 12.95 140.64 49.93
C GLN HA 200 12.01 141.73 49.45
N VAL HA 201 12.47 142.52 48.49
CA VAL HA 201 11.88 143.80 48.15
C VAL HA 201 11.01 143.67 46.92
N ILE HA 202 9.78 144.17 47.00
CA ILE HA 202 8.82 144.16 45.92
C ILE HA 202 8.35 145.59 45.71
N ASP HA 203 8.20 146.00 44.46
CA ASP HA 203 7.61 147.29 44.13
C ASP HA 203 6.23 147.04 43.59
N ASN HA 204 5.38 148.06 43.65
CA ASN HA 204 4.08 147.90 43.02
C ASN HA 204 4.15 148.26 41.54
N GLU HA 205 4.86 149.33 41.18
CA GLU HA 205 4.82 149.68 39.78
C GLU HA 205 5.79 148.86 38.95
N ALA HA 206 6.74 148.18 39.59
CA ALA HA 206 7.50 147.18 38.86
C ALA HA 206 6.60 146.00 38.50
N LEU HA 207 5.64 145.68 39.36
CA LEU HA 207 4.67 144.64 39.05
C LEU HA 207 3.75 145.09 37.92
N TYR HA 208 3.36 146.36 37.91
CA TYR HA 208 2.63 146.91 36.77
C TYR HA 208 3.44 146.85 35.50
N ASP HA 209 4.74 147.13 35.60
CA ASP HA 209 5.62 147.09 34.44
C ASP HA 209 5.70 145.67 33.87
N ILE HA 210 5.82 144.68 34.76
CA ILE HA 210 5.85 143.29 34.31
C ILE HA 210 4.52 142.90 33.69
N CYS HA 211 3.42 143.29 34.32
CA CYS HA 211 2.12 142.82 33.88
C CYS HA 211 1.63 143.57 32.65
N PHE HA 212 2.22 144.72 32.33
CA PHE HA 212 1.85 145.42 31.12
C PHE HA 212 2.70 145.01 29.93
N ARG HA 213 3.99 144.73 30.14
CA ARG HA 213 4.88 144.51 29.00
C ARG HA 213 5.23 143.05 28.77
N THR HA 214 5.38 142.24 29.82
CA THR HA 214 5.69 140.83 29.60
C THR HA 214 4.42 140.01 29.48
N LEU HA 215 3.59 140.02 30.52
CA LEU HA 215 2.38 139.22 30.50
C LEU HA 215 1.33 139.78 29.54
N LYS HA 216 1.37 141.09 29.29
CA LYS HA 216 0.45 141.79 28.38
C LYS HA 216 -1.00 141.57 28.78
N LEU HA 217 -1.36 142.06 29.95
CA LEU HA 217 -2.70 141.92 30.48
C LEU HA 217 -3.43 143.26 30.39
N THR HA 218 -4.64 143.22 29.83
CA THR HA 218 -5.40 144.45 29.63
C THR HA 218 -6.05 144.93 30.92
N THR HA 219 -6.46 144.03 31.80
CA THR HA 219 -7.17 144.37 33.03
C THR HA 219 -6.42 143.77 34.21
N PRO HA 220 -5.33 144.38 34.65
CA PRO HA 220 -4.59 143.86 35.81
C PRO HA 220 -5.22 144.29 37.11
N THR HA 221 -5.86 143.35 37.80
CA THR HA 221 -6.35 143.59 39.14
C THR HA 221 -5.27 143.24 40.15
N TYR HA 222 -5.55 143.53 41.42
CA TYR HA 222 -4.62 143.12 42.45
C TYR HA 222 -4.58 141.62 42.67
N GLY HA 223 -5.60 140.90 42.20
CA GLY HA 223 -5.50 139.45 42.23
C GLY HA 223 -4.41 138.93 41.32
N ASP HA 224 -4.21 139.57 40.17
CA ASP HA 224 -3.21 139.10 39.23
C ASP HA 224 -1.82 139.48 39.68
N LEU HA 225 -1.66 140.64 40.32
CA LEU HA 225 -0.34 141.04 40.79
C LEU HA 225 0.11 140.20 41.97
N ASN HA 226 -0.82 139.88 42.86
CA ASN HA 226 -0.49 139.06 44.01
C ASN HA 226 -0.14 137.65 43.59
N HIS HA 227 -0.74 137.19 42.50
CA HIS HA 227 -0.52 135.84 42.01
C HIS HA 227 0.88 135.73 41.42
N LEU HA 228 1.47 136.85 41.01
CA LEU HA 228 2.87 136.85 40.63
C LEU HA 228 3.78 136.73 41.83
N VAL HA 229 3.50 137.48 42.90
CA VAL HA 229 4.37 137.48 44.06
C VAL HA 229 4.22 136.18 44.83
N SER HA 230 3.00 135.63 44.87
CA SER HA 230 2.77 134.36 45.51
C SER HA 230 3.50 133.24 44.79
N ALA HA 231 3.54 133.29 43.46
CA ALA HA 231 4.36 132.35 42.72
C ALA HA 231 5.83 132.66 42.87
N ALA HA 232 6.17 133.90 43.21
CA ALA HA 232 7.56 134.23 43.47
C ALA HA 232 7.97 133.81 44.88
N MET HA 233 7.07 133.93 45.84
CA MET HA 233 7.44 133.58 47.21
C MET HA 233 7.40 132.10 47.48
N SER HA 234 6.76 131.31 46.61
CA SER HA 234 6.78 129.87 46.80
C SER HA 234 8.18 129.32 46.54
N GLY HA 235 8.84 129.79 45.49
CA GLY HA 235 10.10 129.22 45.04
C GLY HA 235 11.23 129.37 46.01
N VAL HA 236 11.14 130.30 46.95
CA VAL HA 236 12.12 130.37 48.02
C VAL HA 236 11.99 129.17 48.94
N THR HA 237 10.76 128.72 49.18
CA THR HA 237 10.51 127.59 50.06
C THR HA 237 10.12 126.33 49.30
N CYS HA 238 10.19 126.33 47.98
CA CYS HA 238 9.78 125.14 47.24
C CYS HA 238 10.79 124.03 47.34
N CYS HA 239 12.05 124.35 47.60
CA CYS HA 239 13.03 123.30 47.76
C CYS HA 239 12.94 122.63 49.13
N LEU HA 240 12.26 123.26 50.10
CA LEU HA 240 11.99 122.59 51.37
C LEU HA 240 10.96 121.49 51.20
N ARG HA 241 9.95 121.74 50.39
CA ARG HA 241 8.75 120.92 50.43
C ARG HA 241 8.79 119.73 49.50
N PHE HA 242 9.76 119.68 48.59
CA PHE HA 242 9.85 118.62 47.61
C PHE HA 242 11.30 118.21 47.48
N PRO HA 243 11.55 116.97 47.08
CA PRO HA 243 12.94 116.53 46.93
C PRO HA 243 13.62 117.18 45.74
N GLY HA 244 14.95 117.22 45.81
CA GLY HA 244 15.72 117.83 44.74
C GLY HA 244 17.06 117.17 44.56
N GLN HA 245 17.66 117.43 43.39
CA GLN HA 245 19.01 116.93 43.13
C GLN HA 245 20.05 117.73 43.91
N LEU HA 246 19.88 119.04 43.98
CA LEU HA 246 20.75 119.91 44.76
C LEU HA 246 19.87 120.75 45.67
N ASN HA 247 19.83 120.40 46.94
CA ASN HA 247 18.81 120.90 47.84
C ASN HA 247 19.10 122.33 48.27
N SER HA 248 18.06 123.00 48.77
CA SER HA 248 18.20 124.35 49.29
C SER HA 248 17.10 124.61 50.31
N ASP HA 249 17.43 125.42 51.29
CA ASP HA 249 16.50 125.94 52.27
C ASP HA 249 16.68 127.46 52.34
N LEU HA 250 16.01 128.07 53.32
CA LEU HA 250 16.21 129.49 53.55
C LEU HA 250 17.58 129.77 54.13
N ARG HA 251 18.01 128.95 55.08
CA ARG HA 251 19.32 129.13 55.70
C ARG HA 251 20.43 128.83 54.71
N LYS HA 252 20.18 127.89 53.80
CA LYS HA 252 21.05 127.62 52.66
C LYS HA 252 21.32 128.92 51.92
N LEU HA 253 20.27 129.72 51.74
CA LEU HA 253 20.29 130.90 50.91
C LEU HA 253 20.86 132.10 51.65
N ALA HA 254 20.40 132.31 52.89
CA ALA HA 254 20.73 133.52 53.62
C ALA HA 254 22.21 133.57 53.98
N VAL HA 255 22.81 132.42 54.25
CA VAL HA 255 24.22 132.39 54.59
C VAL HA 255 25.06 132.70 53.36
N ASN HA 256 24.48 132.58 52.19
CA ASN HA 256 25.26 132.48 50.98
C ASN HA 256 25.10 133.70 50.09
N LEU HA 257 24.21 134.62 50.45
CA LEU HA 257 24.00 135.86 49.72
C LEU HA 257 24.36 137.11 50.51
N ILE HA 258 24.57 136.99 51.81
CA ILE HA 258 24.75 138.14 52.69
C ILE HA 258 26.24 138.19 53.08
N PRO HA 259 27.02 139.07 52.49
CA PRO HA 259 28.43 139.16 52.86
C PRO HA 259 28.64 139.87 54.18
N PHE HA 260 27.88 140.92 54.43
CA PHE HA 260 28.01 141.69 55.65
C PHE HA 260 26.61 141.86 56.24
N PRO HA 261 26.46 141.88 57.57
CA PRO HA 261 25.15 141.60 58.16
C PRO HA 261 24.10 142.67 57.93
N ARG HA 262 24.49 143.90 57.60
CA ARG HA 262 23.51 144.96 57.40
C ARG HA 262 22.73 144.76 56.11
N LEU HA 263 23.45 144.54 55.02
CA LEU HA 263 22.84 144.50 53.69
C LEU HA 263 22.25 143.12 53.45
N HIS HA 264 20.93 143.04 53.49
CA HIS HA 264 20.21 141.82 53.13
C HIS HA 264 18.92 142.14 52.38
N PHE HA 265 18.94 143.21 51.60
CA PHE HA 265 17.78 143.60 50.81
C PHE HA 265 17.95 143.04 49.41
N PHE HA 266 16.97 142.26 48.97
CA PHE HA 266 17.10 141.37 47.84
C PHE HA 266 16.09 141.72 46.76
N LEU HA 267 16.42 141.36 45.53
CA LEU HA 267 15.57 141.60 44.38
C LEU HA 267 15.02 140.27 43.87
N ILE HA 268 13.73 140.24 43.58
CA ILE HA 268 13.05 139.01 43.18
C ILE HA 268 12.65 139.12 41.72
N GLY HA 269 12.93 138.07 40.95
CA GLY HA 269 12.36 137.91 39.64
C GLY HA 269 11.77 136.52 39.51
N PHE HA 270 10.94 136.36 38.49
CA PHE HA 270 10.35 135.06 38.22
C PHE HA 270 10.45 134.77 36.73
N ALA HA 271 10.55 133.48 36.41
CA ALA HA 271 10.68 133.03 35.04
C ALA HA 271 10.11 131.63 34.96
N PRO HA 272 9.43 131.28 33.86
CA PRO HA 272 9.13 132.10 32.70
C PRO HA 272 7.83 132.86 32.84
N LEU HA 273 7.75 133.98 32.14
CA LEU HA 273 6.54 134.78 32.08
C LEU HA 273 6.25 135.07 30.63
N THR HA 274 5.26 134.39 30.06
CA THR HA 274 4.85 134.62 28.69
C THR HA 274 3.35 134.87 28.65
N SER HA 275 2.94 135.69 27.68
CA SER HA 275 1.53 135.94 27.46
C SER HA 275 0.85 134.70 26.90
N ARG HA 276 -0.47 134.78 26.78
CA ARG HA 276 -1.24 133.63 26.32
C ARG HA 276 -0.95 133.31 24.86
N GLY HA 277 -0.75 134.34 24.04
CA GLY HA 277 -0.39 134.10 22.66
C GLY HA 277 1.02 133.54 22.52
N SER HA 278 1.95 134.02 23.33
CA SER HA 278 3.35 133.68 23.21
C SER HA 278 3.73 132.42 23.99
N GLN HA 279 2.79 131.81 24.69
CA GLN HA 279 3.10 130.54 25.34
C GLN HA 279 3.23 129.42 24.32
N GLN HA 280 2.50 129.52 23.22
CA GLN HA 280 2.56 128.50 22.20
C GLN HA 280 3.90 128.47 21.49
N TYR HA 281 4.57 129.61 21.40
CA TYR HA 281 5.75 129.75 20.57
C TYR HA 281 7.03 129.80 21.39
N ARG HA 282 6.94 129.95 22.69
CA ARG HA 282 8.11 130.02 23.54
C ARG HA 282 8.80 128.67 23.53
N ALA HA 283 10.13 128.69 23.60
CA ALA HA 283 10.94 127.48 23.66
C ALA HA 283 11.48 127.37 25.07
N LEU HA 284 10.93 126.46 25.86
CA LEU HA 284 11.19 126.43 27.29
C LEU HA 284 12.41 125.56 27.57
N SER HA 285 13.50 126.19 27.96
CA SER HA 285 14.75 125.50 28.24
C SER HA 285 15.57 126.37 29.17
N VAL HA 286 16.64 125.79 29.71
CA VAL HA 286 17.48 126.52 30.66
C VAL HA 286 18.14 127.76 30.06
N PRO HA 287 18.71 127.73 28.85
CA PRO HA 287 19.25 129.00 28.32
C PRO HA 287 18.21 130.07 28.08
N GLU HA 288 16.99 129.68 27.73
CA GLU HA 288 15.93 130.68 27.57
C GLU HA 288 15.50 131.21 28.93
N LEU HA 289 15.57 130.37 29.96
CA LEU HA 289 15.11 130.77 31.28
C LEU HA 289 16.11 131.70 31.96
N THR HA 290 17.40 131.47 31.74
CA THR HA 290 18.38 132.36 32.37
C THR HA 290 18.47 133.69 31.67
N GLN HA 291 17.97 133.79 30.45
CA GLN HA 291 17.89 135.09 29.81
C GLN HA 291 16.74 135.90 30.39
N GLN HA 292 15.60 135.27 30.60
CA GLN HA 292 14.44 135.96 31.15
C GLN HA 292 14.57 136.13 32.65
N MET HA 293 15.45 135.38 33.28
CA MET HA 293 15.84 135.51 34.68
C MET HA 293 16.45 136.88 34.89
N PHE HA 294 17.59 137.05 34.22
CA PHE HA 294 18.55 138.13 34.45
C PHE HA 294 18.21 139.24 33.46
N ASP HA 295 17.10 139.89 33.72
CA ASP HA 295 16.59 140.94 32.85
C ASP HA 295 16.07 142.05 33.72
N ALA HA 296 16.39 143.30 33.35
CA ALA HA 296 15.96 144.43 34.16
C ALA HA 296 14.45 144.62 34.10
N LYS HA 297 13.83 144.20 33.00
CA LYS HA 297 12.38 144.24 32.91
C LYS HA 297 11.74 143.24 33.86
N ASN HA 298 12.38 142.09 34.05
CA ASN HA 298 11.76 140.99 34.78
C ASN HA 298 11.91 141.09 36.29
N MET HA 299 12.66 142.06 36.80
CA MET HA 299 12.78 142.22 38.23
C MET HA 299 11.48 142.77 38.81
N MET HA 300 11.17 142.37 40.04
CA MET HA 300 10.04 142.92 40.77
C MET HA 300 10.41 144.16 41.55
N CYS HA 301 11.52 144.79 41.22
CA CYS HA 301 11.93 146.05 41.83
C CYS HA 301 12.07 147.11 40.74
N ALA HA 302 11.67 148.33 41.07
CA ALA HA 302 11.83 149.45 40.13
C ALA HA 302 13.16 150.15 40.31
N SER HA 303 14.23 149.35 40.30
CA SER HA 303 15.60 149.85 40.33
C SER HA 303 16.40 149.03 39.34
N ASP HA 304 16.96 149.70 38.36
CA ASP HA 304 17.67 149.02 37.27
C ASP HA 304 18.92 148.37 37.81
N PRO HA 305 19.08 147.06 37.71
CA PRO HA 305 20.31 146.42 38.18
C PRO HA 305 21.52 146.77 37.35
N ARG HA 306 21.34 147.31 36.15
CA ARG HA 306 22.47 147.65 35.31
C ARG HA 306 23.20 148.90 35.79
N HIS HA 307 22.59 149.68 36.67
CA HIS HA 307 23.27 150.84 37.21
C HIS HA 307 24.16 150.51 38.39
N GLY HA 308 24.19 149.25 38.81
CA GLY HA 308 25.04 148.83 39.91
C GLY HA 308 25.65 147.47 39.67
N ARG HA 309 26.21 146.88 40.72
CA ARG HA 309 26.92 145.62 40.62
C ARG HA 309 26.21 144.54 41.41
N TYR HA 310 25.98 143.40 40.78
CA TYR HA 310 25.42 142.24 41.46
C TYR HA 310 26.44 141.73 42.45
N LEU HA 311 26.20 141.93 43.74
CA LEU HA 311 27.15 141.46 44.74
C LEU HA 311 27.15 139.94 44.82
N THR HA 312 26.01 139.37 45.17
CA THR HA 312 25.78 137.94 45.07
C THR HA 312 24.40 137.72 44.47
N ALA HA 313 24.19 136.53 43.92
CA ALA HA 313 22.90 136.23 43.33
C ALA HA 313 22.60 134.76 43.58
N SER HA 314 21.36 134.37 43.31
CA SER HA 314 20.97 132.98 43.48
C SER HA 314 19.81 132.66 42.56
N ALA HA 315 19.77 131.41 42.11
CA ALA HA 315 18.73 130.96 41.20
C ALA HA 315 18.20 129.62 41.68
N MET HA 316 16.94 129.59 42.09
CA MET HA 316 16.30 128.37 42.55
C MET HA 316 15.51 127.77 41.39
N PHE HA 317 16.09 126.79 40.75
CA PHE HA 317 15.45 126.14 39.61
C PHE HA 317 14.42 125.14 40.09
N ARG HA 318 13.36 125.00 39.32
CA ARG HA 318 12.35 124.00 39.57
C ARG HA 318 12.06 123.25 38.29
N GLY HA 319 11.96 121.93 38.39
CA GLY HA 319 11.63 121.08 37.26
C GLY HA 319 12.72 120.07 36.97
N ARG HA 320 12.36 119.10 36.15
CA ARG HA 320 13.30 118.09 35.69
C ARG HA 320 14.23 118.71 34.66
N MET HA 321 15.52 118.69 34.94
CA MET HA 321 16.49 119.41 34.13
C MET HA 321 17.85 118.77 34.35
N SER HA 322 18.85 119.30 33.67
CA SER HA 322 20.18 118.71 33.67
C SER HA 322 21.13 119.65 34.38
N THR HA 323 21.93 119.11 35.28
CA THR HA 323 22.72 119.97 36.17
C THR HA 323 23.90 120.60 35.46
N LYS HA 324 24.32 120.05 34.32
CA LYS HA 324 25.36 120.74 33.57
C LYS HA 324 24.79 122.00 32.94
N GLU HA 325 23.61 121.90 32.33
CA GLU HA 325 23.04 123.04 31.62
C GLU HA 325 22.66 124.15 32.57
N VAL HA 326 22.31 123.80 33.80
CA VAL HA 326 22.07 124.82 34.82
C VAL HA 326 23.36 125.55 35.13
N ASP HA 327 24.43 124.80 35.32
CA ASP HA 327 25.62 125.36 35.93
C ASP HA 327 26.59 125.85 34.85
N GLU HA 328 26.45 125.36 33.62
CA GLU HA 328 27.15 125.98 32.50
C GLU HA 328 26.61 127.39 32.25
N GLN HA 329 25.28 127.57 32.38
CA GLN HA 329 24.69 128.88 32.15
C GLN HA 329 25.12 129.87 33.21
N MET HA 330 25.51 129.39 34.39
CA MET HA 330 25.92 130.29 35.46
C MET HA 330 27.28 130.90 35.17
N LEU HA 331 28.23 130.09 34.70
CA LEU HA 331 29.50 130.63 34.26
C LEU HA 331 29.33 131.47 33.00
N ASN HA 332 28.41 131.05 32.13
CA ASN HA 332 28.18 131.78 30.88
C ASN HA 332 27.65 133.19 31.15
N VAL HA 333 26.72 133.32 32.09
CA VAL HA 333 26.14 134.64 32.35
C VAL HA 333 27.14 135.53 33.10
N GLN HA 334 28.11 134.92 33.77
CA GLN HA 334 29.08 135.73 34.51
C GLN HA 334 30.21 136.18 33.62
N ASN HA 335 30.54 135.42 32.59
CA ASN HA 335 31.69 135.72 31.78
C ASN HA 335 31.40 136.77 30.72
N LYS HA 336 30.21 136.76 30.14
CA LYS HA 336 29.86 137.77 29.16
C LYS HA 336 29.63 139.12 29.83
N ASN HA 337 28.65 139.18 30.72
CA ASN HA 337 28.25 140.42 31.35
C ASN HA 337 29.07 140.65 32.61
N SER HA 338 30.38 140.82 32.41
CA SER HA 338 31.31 140.87 33.53
C SER HA 338 31.38 142.22 34.20
N SER HA 339 30.81 143.27 33.60
CA SER HA 339 30.82 144.57 34.24
C SER HA 339 29.78 144.68 35.35
N TYR HA 340 28.73 143.88 35.30
CA TYR HA 340 27.65 143.95 36.28
C TYR HA 340 27.90 143.12 37.51
N PHE HA 341 28.99 142.38 37.57
CA PHE HA 341 29.25 141.48 38.69
C PHE HA 341 30.48 141.93 39.42
N VAL HA 342 30.44 141.84 40.75
CA VAL HA 342 31.53 142.34 41.56
C VAL HA 342 32.74 141.42 41.41
N GLU HA 343 33.92 142.01 41.48
CA GLU HA 343 35.13 141.29 41.13
C GLU HA 343 35.71 140.50 42.30
N TRP HA 344 35.60 141.02 43.53
CA TRP HA 344 36.29 140.39 44.65
C TRP HA 344 35.52 139.24 45.24
N ILE HA 345 34.55 138.67 44.53
CA ILE HA 345 33.95 137.39 44.89
C ILE HA 345 33.95 136.55 43.62
N PRO HA 346 34.62 135.42 43.59
CA PRO HA 346 34.60 134.59 42.38
C PRO HA 346 33.37 133.72 42.33
N ASN HA 347 32.78 133.63 41.13
CA ASN HA 347 31.52 132.93 40.87
C ASN HA 347 30.44 133.42 41.82
N ASN HA 348 30.03 134.66 41.57
CA ASN HA 348 29.15 135.41 42.45
C ASN HA 348 27.81 134.75 42.72
N MET HA 349 27.36 133.84 41.87
CA MET HA 349 26.01 133.35 42.06
C MET HA 349 25.99 131.86 42.27
N LYS HA 350 25.10 131.42 43.16
CA LYS HA 350 24.86 130.03 43.48
C LYS HA 350 23.63 129.54 42.72
N SER HA 351 23.41 128.23 42.77
CA SER HA 351 22.27 127.64 42.10
C SER HA 351 21.73 126.49 42.92
N SER HA 352 20.46 126.16 42.68
CA SER HA 352 19.81 125.03 43.32
C SER HA 352 18.80 124.44 42.34
N VAL HA 353 18.46 123.17 42.55
CA VAL HA 353 17.57 122.44 41.65
C VAL HA 353 16.53 121.71 42.50
N CYS HA 354 15.26 121.98 42.22
CA CYS HA 354 14.16 121.24 42.82
C CYS HA 354 13.43 120.47 41.73
N ASP HA 355 13.07 119.22 42.03
CA ASP HA 355 12.58 118.33 40.99
C ASP HA 355 11.16 118.66 40.57
N ILE HA 356 10.28 118.95 41.52
CA ILE HA 356 8.88 119.20 41.22
C ILE HA 356 8.68 120.62 40.70
N PRO HA 357 8.09 120.79 39.53
CA PRO HA 357 7.85 122.12 39.00
C PRO HA 357 6.55 122.68 39.54
N PRO HA 358 6.30 123.97 39.36
CA PRO HA 358 4.95 124.49 39.64
C PRO HA 358 3.95 123.88 38.68
N LYS HA 359 2.72 123.73 39.14
CA LYS HA 359 1.72 122.96 38.41
C LYS HA 359 1.36 123.63 37.10
N GLY HA 360 1.40 122.84 36.02
CA GLY HA 360 1.10 123.30 34.70
C GLY HA 360 2.31 123.66 33.87
N LEU HA 361 3.45 123.90 34.50
CA LEU HA 361 4.69 124.24 33.81
C LEU HA 361 5.71 123.17 34.09
N LYS HA 362 6.70 123.04 33.19
CA LYS HA 362 7.70 122.00 33.33
C LYS HA 362 9.07 122.51 33.71
N MET HA 363 9.27 123.82 33.84
CA MET HA 363 10.55 124.37 34.22
C MET HA 363 10.37 125.83 34.62
N SER HA 364 10.99 126.24 35.72
CA SER HA 364 10.78 127.58 36.24
C SER HA 364 11.94 127.98 37.15
N VAL HA 365 12.05 129.29 37.42
CA VAL HA 365 13.10 129.84 38.26
C VAL HA 365 12.51 130.92 39.18
N THR HA 366 12.90 130.89 40.45
CA THR HA 366 12.79 132.04 41.34
C THR HA 366 14.20 132.58 41.61
N PHE HA 367 14.40 133.87 41.36
CA PHE HA 367 15.71 134.50 41.40
C PHE HA 367 15.77 135.50 42.54
N VAL HA 368 16.79 135.39 43.38
CA VAL HA 368 16.99 136.31 44.49
C VAL HA 368 18.39 136.88 44.37
N GLY HA 369 18.48 138.18 44.16
CA GLY HA 369 19.75 138.83 43.89
C GLY HA 369 20.02 139.99 44.82
N ASN HA 370 21.22 140.02 45.35
CA ASN HA 370 21.65 141.09 46.24
C ASN HA 370 22.51 142.03 45.44
N SER HA 371 21.99 143.23 45.20
CA SER HA 371 22.67 144.16 44.30
C SER HA 371 22.88 145.49 44.99
N THR HA 372 23.96 146.16 44.63
CA THR HA 372 24.19 147.53 45.06
C THR HA 372 23.57 148.52 44.11
N ALA HA 373 22.72 148.07 43.20
CA ALA HA 373 21.86 148.99 42.48
C ALA HA 373 20.58 149.26 43.24
N ILE HA 374 20.38 148.63 44.39
CA ILE HA 374 19.20 148.92 45.21
C ILE HA 374 19.35 150.22 45.97
N GLN HA 375 20.53 150.84 45.92
CA GLN HA 375 20.71 152.07 46.67
C GLN HA 375 19.93 153.23 46.08
N GLU HA 376 19.49 153.13 44.82
CA GLU HA 376 18.66 154.22 44.29
C GLU HA 376 17.24 154.15 44.83
N MET HA 377 16.83 153.04 45.41
CA MET HA 377 15.60 153.03 46.20
C MET HA 377 15.73 153.87 47.46
N PHE HA 378 16.71 153.55 48.29
CA PHE HA 378 16.86 154.27 49.54
C PHE HA 378 17.33 155.70 49.32
N LYS HA 379 17.93 155.99 48.17
CA LYS HA 379 18.36 157.35 47.89
C LYS HA 379 17.17 158.24 47.60
N ARG HA 380 16.20 157.75 46.83
CA ARG HA 380 15.03 158.59 46.53
C ARG HA 380 14.11 158.70 47.73
N VAL HA 381 14.08 157.68 48.59
CA VAL HA 381 13.30 157.79 49.82
C VAL HA 381 13.92 158.82 50.73
N SER HA 382 15.25 158.90 50.75
CA SER HA 382 15.94 159.81 51.65
C SER HA 382 15.72 161.27 51.26
N ASP HA 383 15.73 161.57 49.96
CA ASP HA 383 15.47 162.96 49.57
C ASP HA 383 14.00 163.31 49.68
N GLN HA 384 13.11 162.33 49.53
CA GLN HA 384 11.70 162.58 49.79
C GLN HA 384 11.42 162.68 51.28
N PHE HA 385 12.19 162.01 52.11
CA PHE HA 385 12.07 162.16 53.56
C PHE HA 385 12.63 163.50 54.01
N THR HA 386 13.81 163.88 53.51
CA THR HA 386 14.46 165.08 54.02
C THR HA 386 13.80 166.34 53.48
N ALA HA 387 12.96 166.21 52.46
CA ALA HA 387 12.22 167.37 51.99
C ALA HA 387 11.08 167.69 52.96
N MET HA 388 10.38 166.67 53.44
CA MET HA 388 9.22 166.89 54.28
C MET HA 388 9.55 166.84 55.76
N PHE HA 389 10.82 166.67 56.12
CA PHE HA 389 11.22 166.80 57.52
C PHE HA 389 11.95 168.09 57.81
N ARG HA 390 12.56 168.71 56.80
CA ARG HA 390 13.13 170.05 56.99
C ARG HA 390 12.04 171.05 57.30
N ARG HA 391 10.91 170.98 56.60
CA ARG HA 391 9.79 171.86 56.84
C ARG HA 391 8.90 171.39 57.98
N LYS HA 392 9.26 170.27 58.62
CA LYS HA 392 8.50 169.67 59.72
C LYS HA 392 7.06 169.37 59.32
N ALA HA 393 6.89 168.88 58.10
CA ALA HA 393 5.56 168.57 57.60
C ALA HA 393 5.06 167.25 58.16
N PHE HA 394 3.76 167.21 58.46
CA PHE HA 394 3.03 166.02 58.92
C PHE HA 394 3.57 165.46 60.23
N LEU HA 395 4.34 166.24 60.98
CA LEU HA 395 5.06 165.68 62.10
C LEU HA 395 4.24 165.63 63.38
N HIS HA 396 3.25 166.49 63.52
CA HIS HA 396 2.47 166.51 64.74
C HIS HA 396 1.61 165.26 64.89
N TRP HA 397 1.28 164.61 63.77
CA TRP HA 397 0.57 163.34 63.84
C TRP HA 397 1.47 162.20 64.28
N TYR HA 398 2.76 162.44 64.43
CA TYR HA 398 3.68 161.46 64.97
C TYR HA 398 4.25 161.86 66.32
N THR HA 399 4.53 163.15 66.52
CA THR HA 399 5.07 163.61 67.79
C THR HA 399 4.04 163.53 68.90
N GLY HA 400 2.77 163.71 68.58
CA GLY HA 400 1.73 163.71 69.59
C GLY HA 400 1.32 162.36 70.11
N GLU HA 401 1.98 161.29 69.67
CA GLU HA 401 1.69 159.94 70.14
C GLU HA 401 2.86 159.29 70.86
N GLY HA 402 3.96 159.99 71.07
CA GLY HA 402 5.00 159.47 71.91
C GLY HA 402 6.40 159.60 71.38
N MET HA 403 6.54 160.08 70.15
CA MET HA 403 7.87 160.32 69.61
C MET HA 403 8.33 161.73 69.92
N ASP HA 404 9.64 161.94 69.81
CA ASP HA 404 10.17 163.28 69.69
C ASP HA 404 11.03 163.33 68.42
N GLU HA 405 11.74 164.44 68.23
CA GLU HA 405 12.50 164.66 67.02
C GLU HA 405 13.67 163.71 66.86
N MET HA 406 14.07 163.00 67.92
CA MET HA 406 15.28 162.19 67.86
C MET HA 406 15.10 160.90 67.09
N GLU HA 407 13.91 160.28 67.15
CA GLU HA 407 13.72 159.05 66.39
C GLU HA 407 13.66 159.32 64.89
N PHE HA 408 13.43 160.56 64.50
CA PHE HA 408 13.45 160.87 63.08
C PHE HA 408 14.85 161.13 62.57
N THR HA 409 15.71 161.76 63.37
CA THR HA 409 17.06 162.03 62.92
C THR HA 409 17.91 160.76 62.89
N GLU HA 410 17.67 159.83 63.82
CA GLU HA 410 18.41 158.58 63.79
C GLU HA 410 17.90 157.67 62.69
N ALA HA 411 16.66 157.85 62.25
CA ALA HA 411 16.14 157.04 61.16
C ALA HA 411 16.73 157.46 59.83
N GLU HA 412 16.87 158.77 59.61
CA GLU HA 412 17.49 159.26 58.39
C GLU HA 412 18.97 158.89 58.33
N SER HA 413 19.67 158.97 59.46
CA SER HA 413 21.08 158.60 59.46
C SER HA 413 21.24 157.10 59.23
N ASN HA 414 20.26 156.30 59.64
CA ASN HA 414 20.34 154.87 59.41
C ASN HA 414 19.93 154.46 58.02
N MET HA 415 19.47 155.39 57.19
CA MET HA 415 19.48 155.13 55.75
C MET HA 415 20.64 155.79 55.05
N ASN HA 416 21.17 156.88 55.60
CA ASN HA 416 22.32 157.52 54.97
C ASN HA 416 23.56 156.66 55.08
N ASP HA 417 23.74 155.98 56.21
CA ASP HA 417 24.89 155.09 56.33
C ASP HA 417 24.70 153.80 55.55
N LEU HA 418 23.45 153.34 55.43
CA LEU HA 418 23.18 152.16 54.62
C LEU HA 418 23.35 152.44 53.15
N VAL HA 419 22.97 153.64 52.71
CA VAL HA 419 23.28 154.04 51.34
C VAL HA 419 24.78 154.13 51.14
N SER HA 420 25.49 154.68 52.12
CA SER HA 420 26.94 154.79 52.02
C SER HA 420 27.61 153.42 52.06
N GLU HA 421 26.99 152.45 52.73
CA GLU HA 421 27.57 151.12 52.79
C GLU HA 421 27.45 150.40 51.44
N TYR HA 422 26.39 150.69 50.70
CA TYR HA 422 26.27 150.16 49.35
C TYR HA 422 27.27 150.84 48.41
N GLN HA 423 27.66 152.06 48.72
CA GLN HA 423 28.59 152.78 47.87
C GLN HA 423 30.00 152.23 47.95
N GLN HA 424 30.42 151.74 49.11
CA GLN HA 424 31.79 151.28 49.22
C GLN HA 424 32.04 149.95 48.54
N TYR HA 425 30.98 149.24 48.12
CA TYR HA 425 31.14 148.03 47.31
C TYR HA 425 30.66 148.25 45.89
N GLN HA 426 30.51 149.50 45.47
CA GLN HA 426 30.13 149.81 44.11
C GLN HA 426 31.34 149.62 43.21
N MET IA 1 105.04 34.60 3.05
CA MET IA 1 106.41 34.40 2.62
C MET IA 1 106.88 35.57 1.77
N ARG IA 2 106.80 35.42 0.46
CA ARG IA 2 107.05 36.52 -0.47
C ARG IA 2 105.72 37.16 -0.84
N GLU IA 3 105.66 38.48 -0.72
CA GLU IA 3 104.42 39.21 -0.86
C GLU IA 3 104.73 40.56 -1.49
N VAL IA 4 103.74 41.14 -2.13
CA VAL IA 4 103.86 42.47 -2.72
C VAL IA 4 102.57 43.22 -2.45
N ILE IA 5 102.71 44.46 -2.01
CA ILE IA 5 101.60 45.22 -1.44
C ILE IA 5 101.17 46.27 -2.44
N SER IA 6 99.89 46.30 -2.75
CA SER IA 6 99.36 47.23 -3.74
C SER IA 6 98.88 48.49 -3.03
N ILE IA 7 99.32 49.64 -3.51
CA ILE IA 7 98.94 50.92 -2.94
C ILE IA 7 98.23 51.72 -4.02
N HIS IA 8 96.93 51.91 -3.88
CA HIS IA 8 96.10 52.54 -4.90
C HIS IA 8 95.63 53.89 -4.37
N VAL IA 9 96.02 54.97 -5.02
CA VAL IA 9 95.51 56.29 -4.64
C VAL IA 9 94.75 56.87 -5.82
N GLY IA 10 93.87 57.79 -5.50
CA GLY IA 10 93.11 58.50 -6.52
C GLY IA 10 91.92 57.69 -7.01
N GLN IA 11 91.03 58.40 -7.71
CA GLN IA 11 89.85 57.74 -8.28
C GLN IA 11 90.26 56.74 -9.34
N ALA IA 12 91.22 57.11 -10.18
CA ALA IA 12 91.69 56.19 -11.21
C ALA IA 12 92.34 54.97 -10.60
N GLY IA 13 93.12 55.17 -9.54
CA GLY IA 13 93.79 54.05 -8.90
C GLY IA 13 92.81 53.09 -8.25
N ILE IA 14 91.72 53.63 -7.69
CA ILE IA 14 90.73 52.76 -7.07
C ILE IA 14 89.97 51.98 -8.13
N GLN IA 15 89.59 52.63 -9.23
CA GLN IA 15 88.84 51.93 -10.26
C GLN IA 15 89.74 50.99 -11.05
N ILE IA 16 91.02 51.33 -11.21
CA ILE IA 16 91.96 50.38 -11.80
C ILE IA 16 92.07 49.16 -10.91
N GLY IA 17 92.31 49.39 -9.62
CA GLY IA 17 92.47 48.28 -8.69
C GLY IA 17 91.18 47.55 -8.44
N ASN IA 18 90.06 48.19 -8.73
CA ASN IA 18 88.78 47.51 -8.65
C ASN IA 18 88.69 46.40 -9.67
N ALA IA 19 89.22 46.63 -10.86
CA ALA IA 19 89.23 45.58 -11.88
C ALA IA 19 90.45 44.70 -11.75
N CYS IA 20 91.54 45.22 -11.18
CA CYS IA 20 92.68 44.37 -10.90
C CYS IA 20 92.34 43.32 -9.85
N TRP IA 21 91.61 43.72 -8.81
CA TRP IA 21 91.32 42.77 -7.76
C TRP IA 21 90.12 41.90 -8.09
N GLU IA 22 89.34 42.24 -9.12
CA GLU IA 22 88.38 41.27 -9.66
C GLU IA 22 89.10 40.14 -10.36
N LEU IA 23 90.13 40.48 -11.14
CA LEU IA 23 90.89 39.45 -11.83
C LEU IA 23 91.68 38.61 -10.85
N PHE IA 24 92.14 39.20 -9.76
CA PHE IA 24 92.93 38.45 -8.80
C PHE IA 24 92.07 37.45 -8.04
N CYS IA 25 90.87 37.85 -7.64
CA CYS IA 25 89.99 36.92 -6.92
C CYS IA 25 89.47 35.82 -7.82
N LEU IA 26 89.14 36.15 -9.06
CA LEU IA 26 88.56 35.17 -9.96
C LEU IA 26 89.61 34.18 -10.43
N GLU IA 27 90.88 34.58 -10.43
CA GLU IA 27 91.94 33.72 -10.94
C GLU IA 27 92.37 32.69 -9.92
N HIS IA 28 92.39 33.06 -8.65
CA HIS IA 28 92.70 32.14 -7.57
C HIS IA 28 91.47 31.45 -7.02
N GLY IA 29 90.31 31.72 -7.59
CA GLY IA 29 89.12 30.96 -7.27
C GLY IA 29 88.36 31.44 -6.06
N ILE IA 30 88.80 32.50 -5.40
CA ILE IA 30 88.10 32.91 -4.20
C ILE IA 30 86.85 33.69 -4.57
N GLN IA 31 85.90 33.71 -3.65
CA GLN IA 31 84.59 34.29 -3.85
C GLN IA 31 84.58 35.73 -3.39
N PRO IA 32 83.50 36.47 -3.67
CA PRO IA 32 83.34 37.78 -3.04
C PRO IA 32 83.34 37.77 -1.53
N ASP IA 33 82.90 36.69 -0.89
CA ASP IA 33 83.02 36.59 0.56
C ASP IA 33 84.47 36.46 0.98
N GLY IA 34 85.24 35.66 0.26
CA GLY IA 34 86.66 35.62 0.48
C GLY IA 34 87.22 34.25 0.76
N GLN IA 35 86.43 33.20 0.59
CA GLN IA 35 86.89 31.85 0.88
C GLN IA 35 86.71 30.94 -0.31
N MET IA 36 87.70 30.07 -0.53
CA MET IA 36 87.68 29.20 -1.69
C MET IA 36 86.62 28.12 -1.50
N PRO IA 37 86.08 27.59 -2.59
CA PRO IA 37 85.15 26.49 -2.43
C PRO IA 37 85.88 25.18 -2.11
N ASP IA 47 99.24 27.27 -2.61
CA ASP IA 47 99.84 28.06 -1.54
C ASP IA 47 100.68 29.18 -2.11
N ALA IA 48 100.73 29.25 -3.43
CA ALA IA 48 101.50 30.27 -4.14
C ALA IA 48 100.69 31.54 -4.35
N PHE IA 49 99.45 31.58 -3.89
CA PHE IA 49 98.61 32.76 -3.96
C PHE IA 49 98.78 33.69 -2.78
N ASN IA 50 99.82 33.50 -1.98
CA ASN IA 50 100.03 34.37 -0.83
C ASN IA 50 100.65 35.70 -1.20
N THR IA 51 101.01 35.91 -2.46
CA THR IA 51 101.59 37.19 -2.83
C THR IA 51 100.56 38.30 -2.83
N PHE IA 52 99.29 37.97 -3.02
CA PHE IA 52 98.26 38.98 -2.96
C PHE IA 52 97.25 38.79 -1.83
N PHE IA 53 97.02 37.56 -1.37
CA PHE IA 53 95.97 37.28 -0.41
C PHE IA 53 96.58 36.79 0.89
N SER IA 54 96.16 37.39 2.00
CA SER IA 54 96.63 36.97 3.31
C SER IA 54 95.89 35.72 3.73
N GLU IA 55 96.09 35.30 4.97
CA GLU IA 55 95.49 34.08 5.47
C GLU IA 55 94.92 34.37 6.84
N THR IA 56 93.60 34.35 6.97
CA THR IA 56 92.97 34.72 8.24
C THR IA 56 91.84 33.74 8.52
N GLY IA 57 92.17 32.63 9.16
CA GLY IA 57 91.14 31.72 9.59
C GLY IA 57 90.82 30.66 8.57
N ALA IA 58 89.65 30.06 8.75
CA ALA IA 58 89.27 28.84 8.04
C ALA IA 58 88.73 29.21 6.66
N GLY IA 59 89.65 29.44 5.74
CA GLY IA 59 89.32 29.64 4.35
C GLY IA 59 89.46 31.07 3.85
N LYS IA 60 89.47 32.05 4.74
CA LYS IA 60 89.44 33.44 4.32
C LYS IA 60 90.74 33.88 3.70
N HIS IA 61 90.62 34.85 2.81
CA HIS IA 61 91.78 35.56 2.29
C HIS IA 61 91.40 37.03 2.15
N VAL IA 62 92.21 37.89 2.76
CA VAL IA 62 92.00 39.33 2.72
C VAL IA 62 93.13 39.94 1.89
N PRO IA 63 92.84 40.84 0.97
CA PRO IA 63 93.87 41.30 0.04
C PRO IA 63 94.91 42.18 0.69
N ARG IA 64 96.09 42.22 0.07
CA ARG IA 64 97.19 43.05 0.53
C ARG IA 64 97.19 44.41 -0.16
N CYS IA 65 96.06 45.10 -0.17
CA CYS IA 65 95.93 46.37 -0.84
C CYS IA 65 95.75 47.48 0.18
N VAL IA 66 95.81 48.72 -0.29
CA VAL IA 66 95.22 49.87 0.39
C VAL IA 66 94.57 50.75 -0.67
N PHE IA 67 93.40 51.28 -0.36
CA PHE IA 67 92.66 52.18 -1.24
C PHE IA 67 92.63 53.55 -0.57
N LEU IA 68 93.23 54.54 -1.20
CA LEU IA 68 93.25 55.90 -0.67
C LEU IA 68 92.52 56.84 -1.62
N ASP IA 69 91.63 57.66 -1.08
CA ASP IA 69 91.15 58.82 -1.81
C ASP IA 69 90.78 59.84 -0.77
N LEU IA 70 91.04 61.10 -1.08
CA LEU IA 70 90.67 62.20 -0.20
C LEU IA 70 89.19 62.51 -0.25
N GLU IA 71 88.47 62.00 -1.22
CA GLU IA 71 87.04 62.17 -1.20
C GLU IA 71 86.38 60.84 -0.89
N PRO IA 72 85.20 60.84 -0.27
CA PRO IA 72 84.57 59.57 0.08
C PRO IA 72 83.73 58.94 -1.02
N THR IA 73 83.43 59.65 -2.09
CA THR IA 73 82.35 59.23 -2.97
C THR IA 73 82.71 58.06 -3.87
N VAL IA 74 83.94 57.54 -3.83
CA VAL IA 74 84.31 56.35 -4.58
C VAL IA 74 84.70 55.20 -3.66
N VAL IA 75 85.38 55.49 -2.55
CA VAL IA 75 85.74 54.43 -1.62
C VAL IA 75 84.48 53.92 -0.91
N ASP IA 76 83.56 54.83 -0.59
CA ASP IA 76 82.33 54.43 0.09
C ASP IA 76 81.48 53.56 -0.83
N GLU IA 77 81.50 53.85 -2.12
CA GLU IA 77 80.64 53.11 -3.02
C GLU IA 77 81.23 51.74 -3.32
N VAL IA 78 82.53 51.55 -3.04
CA VAL IA 78 83.11 50.20 -2.98
C VAL IA 78 82.61 49.46 -1.75
N ARG IA 79 82.59 50.12 -0.61
CA ARG IA 79 82.27 49.45 0.64
C ARG IA 79 80.77 49.31 0.88
N THR IA 80 79.94 49.59 -0.12
CA THR IA 80 78.52 49.28 -0.06
C THR IA 80 78.06 48.44 -1.24
N GLY IA 81 78.96 47.83 -1.98
CA GLY IA 81 78.63 47.05 -3.14
C GLY IA 81 78.74 45.56 -2.91
N THR IA 82 79.03 44.83 -3.99
CA THR IA 82 79.06 43.38 -3.92
C THR IA 82 80.30 42.87 -3.21
N TYR IA 83 81.44 43.50 -3.44
CA TYR IA 83 82.69 43.06 -2.82
C TYR IA 83 82.90 43.77 -1.47
N ARG IA 84 81.91 43.59 -0.60
CA ARG IA 84 81.97 44.22 0.72
C ARG IA 84 82.95 43.51 1.63
N HIS IA 85 82.71 42.23 1.89
CA HIS IA 85 83.42 41.53 2.95
C HIS IA 85 84.70 40.89 2.48
N LEU IA 86 85.15 41.21 1.28
CA LEU IA 86 86.47 40.83 0.83
C LEU IA 86 87.55 41.71 1.44
N PHE IA 87 87.35 43.01 1.39
CA PHE IA 87 88.33 43.95 1.89
C PHE IA 87 88.10 44.22 3.36
N HIS IA 88 89.20 44.28 4.10
CA HIS IA 88 89.15 44.68 5.50
C HIS IA 88 88.65 46.12 5.60
N PRO IA 89 87.91 46.45 6.67
CA PRO IA 89 87.34 47.80 6.77
C PRO IA 89 88.36 48.93 6.87
N GLU IA 90 89.44 48.74 7.62
CA GLU IA 90 90.43 49.80 7.74
C GLU IA 90 91.23 49.95 6.46
N GLN IA 91 91.25 48.92 5.64
CA GLN IA 91 92.03 48.89 4.41
C GLN IA 91 91.57 49.92 3.40
N LEU IA 92 90.31 50.33 3.44
CA LEU IA 92 89.75 51.33 2.54
C LEU IA 92 89.66 52.65 3.30
N ILE IA 93 90.47 53.61 2.90
CA ILE IA 93 90.67 54.85 3.64
C ILE IA 93 90.10 56.00 2.82
N SER IA 94 89.25 56.80 3.45
CA SER IA 94 88.62 57.94 2.80
C SER IA 94 88.55 59.13 3.74
N GLY IA 95 88.94 60.30 3.24
CA GLY IA 95 88.82 61.53 3.99
C GLY IA 95 87.49 62.21 3.74
N LYS IA 96 87.51 63.54 3.78
CA LYS IA 96 86.28 64.32 3.63
C LYS IA 96 86.20 65.10 2.33
N GLU IA 97 87.16 65.98 2.06
CA GLU IA 97 87.08 66.92 0.96
C GLU IA 97 88.15 66.61 -0.06
N ASP IA 98 87.79 66.73 -1.34
CA ASP IA 98 88.70 66.40 -2.42
C ASP IA 98 89.80 67.46 -2.52
N ALA IA 99 90.90 67.07 -3.16
CA ALA IA 99 91.95 68.03 -3.44
C ALA IA 99 91.59 68.93 -4.61
N ALA IA 100 90.66 68.49 -5.45
CA ALA IA 100 90.03 69.28 -6.52
C ALA IA 100 91.06 69.79 -7.52
N ASN IA 101 91.70 68.82 -8.18
CA ASN IA 101 92.61 69.06 -9.30
C ASN IA 101 93.70 70.04 -8.92
N ASN IA 102 94.46 69.68 -7.90
CA ASN IA 102 95.42 70.62 -7.34
C ASN IA 102 96.45 69.79 -6.60
N PHE IA 103 97.65 69.70 -7.16
CA PHE IA 103 98.75 69.02 -6.51
C PHE IA 103 99.14 69.67 -5.19
N ALA IA 104 98.88 70.97 -5.06
CA ALA IA 104 99.28 71.66 -3.84
C ALA IA 104 98.43 71.24 -2.64
N ARG IA 105 97.13 71.07 -2.85
CA ARG IA 105 96.27 70.62 -1.77
C ARG IA 105 96.64 69.21 -1.33
N GLY IA 106 96.90 68.33 -2.29
CA GLY IA 106 97.19 66.95 -1.95
C GLY IA 106 98.53 66.77 -1.30
N HIS IA 107 99.47 67.68 -1.53
CA HIS IA 107 100.81 67.46 -1.01
C HIS IA 107 101.08 68.25 0.26
N TYR IA 108 100.43 69.39 0.47
CA TYR IA 108 100.79 70.26 1.57
C TYR IA 108 99.67 70.57 2.55
N THR IA 109 98.40 70.53 2.15
CA THR IA 109 97.34 71.01 3.02
C THR IA 109 96.39 69.91 3.47
N ILE IA 110 95.71 69.23 2.55
CA ILE IA 110 94.57 68.39 2.92
C ILE IA 110 94.97 66.93 3.01
N GLY IA 111 96.11 66.53 2.47
CA GLY IA 111 96.49 65.14 2.53
C GLY IA 111 97.32 64.73 3.71
N LYS IA 112 97.68 65.66 4.59
CA LYS IA 112 98.54 65.30 5.72
C LYS IA 112 97.80 64.45 6.74
N GLU IA 113 96.52 64.73 6.96
CA GLU IA 113 95.80 63.96 7.96
C GLU IA 113 95.40 62.58 7.48
N ILE IA 114 95.75 62.20 6.26
CA ILE IA 114 95.44 60.88 5.74
C ILE IA 114 96.67 60.03 5.52
N VAL IA 115 97.87 60.61 5.51
CA VAL IA 115 99.05 59.79 5.28
C VAL IA 115 99.43 59.03 6.54
N ASP IA 116 99.00 59.52 7.70
CA ASP IA 116 99.33 58.81 8.93
C ASP IA 116 98.56 57.49 9.04
N LEU IA 117 97.30 57.46 8.59
CA LEU IA 117 96.54 56.22 8.67
C LEU IA 117 96.98 55.23 7.63
N SER IA 118 97.33 55.71 6.43
CA SER IA 118 97.76 54.81 5.36
C SER IA 118 99.06 54.14 5.72
N LEU IA 119 99.98 54.88 6.34
CA LEU IA 119 101.25 54.30 6.74
C LEU IA 119 101.10 53.39 7.95
N ASP IA 120 100.09 53.64 8.78
CA ASP IA 120 99.78 52.71 9.84
C ASP IA 120 99.31 51.38 9.27
N ARG IA 121 98.46 51.43 8.25
CA ARG IA 121 97.93 50.20 7.67
C ARG IA 121 99.00 49.49 6.84
N ILE IA 122 99.85 50.24 6.16
CA ILE IA 122 100.85 49.61 5.31
C ILE IA 122 101.87 48.85 6.15
N ARG IA 123 102.40 49.50 7.18
CA ARG IA 123 103.46 48.87 7.96
C ARG IA 123 102.94 47.66 8.71
N LYS IA 124 101.69 47.71 9.16
CA LYS IA 124 101.08 46.57 9.82
C LYS IA 124 100.87 45.41 8.86
N LEU IA 125 100.62 45.71 7.61
CA LEU IA 125 100.34 44.70 6.60
C LEU IA 125 101.59 44.25 5.87
N ALA IA 126 102.72 44.88 6.14
CA ALA IA 126 103.98 44.56 5.48
C ALA IA 126 104.95 43.81 6.38
N ASP IA 127 104.81 43.92 7.70
CA ASP IA 127 105.73 43.28 8.62
C ASP IA 127 105.28 41.89 9.04
N ASN IA 128 104.21 41.36 8.45
CA ASN IA 128 103.84 39.98 8.76
C ASN IA 128 104.78 38.99 8.09
N CYS IA 129 105.14 39.22 6.83
CA CYS IA 129 106.11 38.39 6.12
C CYS IA 129 107.26 39.27 5.67
N THR IA 130 108.40 39.17 6.35
CA THR IA 130 109.58 39.81 5.84
C THR IA 130 110.06 39.12 4.57
N GLY IA 131 111.07 39.70 3.93
CA GLY IA 131 111.31 39.32 2.56
C GLY IA 131 110.17 39.78 1.68
N LEU IA 132 109.67 40.98 1.93
CA LEU IA 132 108.65 41.58 1.08
C LEU IA 132 109.26 41.95 -0.27
N GLN IA 133 108.48 41.73 -1.32
CA GLN IA 133 109.03 41.84 -2.65
C GLN IA 133 109.04 43.28 -3.14
N GLY IA 134 107.94 44.00 -2.94
CA GLY IA 134 107.91 45.39 -3.35
C GLY IA 134 106.56 46.00 -3.12
N PHE IA 135 106.35 47.15 -3.76
CA PHE IA 135 105.10 47.88 -3.69
C PHE IA 135 104.68 48.25 -5.10
N LEU IA 136 103.51 47.80 -5.53
CA LEU IA 136 102.88 48.39 -6.70
C LEU IA 136 102.14 49.64 -6.30
N MET IA 137 102.30 50.69 -7.10
CA MET IA 137 101.67 51.98 -6.83
C MET IA 137 100.90 52.40 -8.07
N PHE IA 138 99.58 52.32 -8.01
CA PHE IA 138 98.70 52.78 -9.08
C PHE IA 138 98.20 54.16 -8.73
N ASN IA 139 98.31 55.09 -9.66
CA ASN IA 139 97.89 56.45 -9.38
C ASN IA 139 97.58 57.16 -10.69
N ALA IA 140 96.92 58.31 -10.55
CA ALA IA 140 96.68 59.21 -11.66
C ALA IA 140 97.53 60.45 -11.44
N VAL IA 141 98.11 60.94 -12.52
CA VAL IA 141 99.02 62.07 -12.39
C VAL IA 141 98.26 63.38 -12.55
N GLY IA 142 97.22 63.38 -13.38
CA GLY IA 142 96.49 64.61 -13.63
C GLY IA 142 95.71 65.14 -12.44
N GLY IA 143 95.11 64.24 -11.68
CA GLY IA 143 94.27 64.65 -10.59
C GLY IA 143 95.07 65.14 -9.40
N GLY IA 144 94.34 65.54 -8.37
CA GLY IA 144 94.97 66.12 -7.20
C GLY IA 144 95.45 65.11 -6.20
N THR IA 145 94.57 64.23 -5.74
CA THR IA 145 94.96 63.28 -4.71
C THR IA 145 95.80 62.15 -5.29
N GLY IA 146 95.75 61.94 -6.59
CA GLY IA 146 96.69 61.04 -7.21
C GLY IA 146 98.09 61.61 -7.24
N SER IA 147 98.21 62.83 -7.75
CA SER IA 147 99.53 63.44 -7.87
C SER IA 147 100.05 63.89 -6.51
N GLY IA 148 99.19 64.50 -5.70
CA GLY IA 148 99.61 65.07 -4.45
C GLY IA 148 99.98 64.07 -3.40
N LEU IA 149 99.02 63.24 -3.00
CA LEU IA 149 99.30 62.15 -2.07
C LEU IA 149 100.27 61.15 -2.65
N GLY IA 150 100.24 60.97 -3.97
CA GLY IA 150 101.09 59.97 -4.59
C GLY IA 150 102.56 60.25 -4.41
N CYS IA 151 102.95 61.52 -4.50
CA CYS IA 151 104.30 61.86 -4.10
C CYS IA 151 104.48 61.67 -2.61
N LEU IA 152 103.45 62.01 -1.82
CA LEU IA 152 103.59 62.17 -0.38
C LEU IA 152 103.93 60.86 0.31
N LEU IA 153 103.22 59.79 -0.05
CA LEU IA 153 103.57 58.49 0.52
C LEU IA 153 104.93 58.04 0.03
N LEU IA 154 105.33 58.48 -1.15
CA LEU IA 154 106.52 57.92 -1.78
C LEU IA 154 107.81 58.57 -1.28
N GLU IA 155 107.78 59.67 -0.50
CA GLU IA 155 109.02 59.93 0.21
C GLU IA 155 109.01 59.25 1.57
N ARG IA 156 107.83 59.02 2.14
CA ARG IA 156 107.80 58.40 3.46
C ARG IA 156 107.92 56.89 3.35
N LEU IA 157 107.57 56.32 2.20
CA LEU IA 157 107.95 54.94 1.93
C LEU IA 157 109.45 54.83 1.68
N SER IA 158 110.06 55.83 1.04
CA SER IA 158 111.47 55.74 0.75
C SER IA 158 112.32 55.90 2.00
N VAL IA 159 111.89 56.75 2.93
CA VAL IA 159 112.68 56.93 4.14
C VAL IA 159 112.52 55.76 5.10
N ASP IA 160 111.44 55.00 4.98
CA ASP IA 160 111.21 53.88 5.89
C ASP IA 160 111.73 52.58 5.29
N TYR IA 161 111.18 52.19 4.15
CA TYR IA 161 111.56 50.96 3.47
C TYR IA 161 112.41 51.37 2.28
N GLY IA 162 113.71 51.55 2.51
CA GLY IA 162 114.54 52.19 1.52
C GLY IA 162 114.86 51.32 0.32
N LYS IA 163 115.14 50.04 0.56
CA LYS IA 163 115.73 49.19 -0.46
C LYS IA 163 114.70 48.47 -1.32
N LYS IA 164 113.42 48.59 -1.02
CA LYS IA 164 112.43 47.73 -1.65
C LYS IA 164 112.09 48.23 -3.04
N SER IA 165 111.51 47.34 -3.84
CA SER IA 165 111.13 47.71 -5.19
C SER IA 165 109.82 48.50 -5.17
N LYS IA 166 109.67 49.36 -6.16
CA LYS IA 166 108.48 50.20 -6.28
C LYS IA 166 108.13 50.35 -7.75
N LEU IA 167 106.95 49.91 -8.14
CA LEU IA 167 106.49 50.00 -9.52
C LEU IA 167 105.30 50.94 -9.57
N ASN IA 168 105.48 52.07 -10.25
CA ASN IA 168 104.48 53.13 -10.31
C ASN IA 168 103.81 53.09 -11.67
N PHE IA 169 102.56 52.67 -11.70
CA PHE IA 169 101.86 52.48 -12.99
C PHE IA 169 100.95 53.68 -13.19
N CYS IA 170 101.57 54.78 -13.61
CA CYS IA 170 100.88 56.06 -13.70
C CYS IA 170 99.97 56.12 -14.91
N SER IA 171 98.81 56.74 -14.74
CA SER IA 171 97.91 57.05 -15.85
C SER IA 171 98.28 58.44 -16.35
N TRP IA 172 99.22 58.49 -17.28
CA TRP IA 172 99.73 59.74 -17.81
C TRP IA 172 98.65 60.43 -18.65
N PRO IA 173 98.72 61.76 -18.77
CA PRO IA 173 97.81 62.47 -19.68
C PRO IA 173 97.98 62.01 -21.12
N SER IA 174 96.87 61.83 -21.77
CA SER IA 174 96.94 61.59 -23.19
C SER IA 174 97.21 62.90 -23.92
N PRO IA 175 97.87 62.85 -25.07
CA PRO IA 175 98.31 64.10 -25.73
C PRO IA 175 97.20 65.04 -26.14
N GLN IA 176 96.13 64.53 -26.74
CA GLN IA 176 95.07 65.41 -27.21
C GLN IA 176 93.94 65.55 -26.20
N VAL IA 177 93.24 64.47 -25.91
CA VAL IA 177 92.09 64.53 -25.00
C VAL IA 177 92.61 64.44 -23.58
N SER IA 178 92.12 65.29 -22.70
CA SER IA 178 92.72 65.25 -21.37
C SER IA 178 91.75 65.41 -20.21
N THR IA 179 90.47 65.75 -20.43
CA THR IA 179 89.39 65.88 -19.43
C THR IA 179 89.82 66.61 -18.16
N ALA IA 180 90.74 67.56 -18.29
CA ALA IA 180 91.13 68.49 -17.23
C ALA IA 180 91.92 69.60 -17.87
N VAL IA 181 91.93 70.76 -17.23
CA VAL IA 181 92.59 71.92 -17.79
C VAL IA 181 93.80 72.36 -16.97
N VAL IA 182 93.79 72.13 -15.66
CA VAL IA 182 94.89 72.56 -14.83
C VAL IA 182 95.95 71.48 -14.87
N GLU IA 183 95.63 70.42 -15.58
CA GLU IA 183 96.35 69.16 -15.64
C GLU IA 183 97.81 69.32 -16.12
N PRO IA 184 98.15 70.22 -17.06
CA PRO IA 184 99.58 70.41 -17.35
C PRO IA 184 100.42 70.82 -16.17
N TYR IA 185 99.85 71.51 -15.19
CA TYR IA 185 100.62 71.83 -14.00
C TYR IA 185 100.84 70.59 -13.14
N ASN IA 186 99.81 69.77 -12.97
CA ASN IA 186 99.92 68.63 -12.07
C ASN IA 186 100.88 67.59 -12.61
N SER IA 187 100.94 67.43 -13.93
CA SER IA 187 101.83 66.43 -14.51
C SER IA 187 103.28 66.81 -14.32
N VAL IA 188 103.62 68.07 -14.52
CA VAL IA 188 105.01 68.50 -14.43
C VAL IA 188 105.49 68.49 -12.98
N LEU IA 189 104.67 68.98 -12.06
CA LEU IA 189 105.07 68.96 -10.66
C LEU IA 189 105.05 67.58 -10.05
N SER IA 190 104.46 66.59 -10.72
CA SER IA 190 104.55 65.24 -10.21
C SER IA 190 105.71 64.47 -10.80
N THR IA 191 105.99 64.64 -12.09
CA THR IA 191 107.11 63.94 -12.70
C THR IA 191 108.46 64.44 -12.24
N HIS IA 192 108.51 65.59 -11.54
CA HIS IA 192 109.75 65.95 -10.88
C HIS IA 192 109.89 65.20 -9.56
N SER IA 193 108.77 64.94 -8.91
CA SER IA 193 108.80 64.37 -7.57
C SER IA 193 108.78 62.85 -7.59
N LEU IA 194 108.08 62.24 -8.55
CA LEU IA 194 108.19 60.79 -8.66
C LEU IA 194 109.44 60.35 -9.39
N LEU IA 195 110.20 61.30 -9.95
CA LEU IA 195 111.45 60.96 -10.61
C LEU IA 195 112.45 60.39 -9.62
N GLU IA 196 112.53 60.96 -8.43
CA GLU IA 196 113.48 60.51 -7.43
C GLU IA 196 112.90 59.52 -6.44
N HIS IA 197 111.63 59.18 -6.55
CA HIS IA 197 111.02 58.30 -5.56
C HIS IA 197 110.62 56.93 -6.10
N THR IA 198 110.42 56.77 -7.40
CA THR IA 198 110.01 55.49 -7.94
C THR IA 198 111.16 54.83 -8.68
N ASP IA 199 111.01 53.53 -8.90
CA ASP IA 199 112.06 52.72 -9.50
C ASP IA 199 111.71 52.26 -10.91
N VAL IA 200 110.48 51.83 -11.14
CA VAL IA 200 109.98 51.48 -12.46
C VAL IA 200 108.68 52.21 -12.67
N ALA IA 201 108.59 52.96 -13.76
CA ALA IA 201 107.41 53.76 -14.07
C ALA IA 201 106.85 53.32 -15.40
N VAL IA 202 105.60 52.90 -15.40
CA VAL IA 202 104.93 52.38 -16.59
C VAL IA 202 103.77 53.31 -16.93
N MET IA 203 103.76 53.81 -18.16
CA MET IA 203 102.85 54.87 -18.55
C MET IA 203 101.65 54.30 -19.31
N LEU IA 204 100.47 54.76 -18.96
CA LEU IA 204 99.24 54.37 -19.64
C LEU IA 204 98.43 55.62 -19.95
N ASP IA 205 98.32 55.95 -21.22
CA ASP IA 205 97.47 57.05 -21.66
C ASP IA 205 96.09 56.51 -22.00
N ASN IA 206 95.07 57.31 -21.69
CA ASN IA 206 93.70 56.82 -21.80
C ASN IA 206 93.28 56.69 -23.24
N GLU IA 207 93.77 57.54 -24.14
CA GLU IA 207 93.38 57.32 -25.52
C GLU IA 207 94.22 56.24 -26.17
N ALA IA 208 95.34 55.89 -25.57
CA ALA IA 208 96.11 54.76 -26.06
C ALA IA 208 95.39 53.45 -25.80
N ILE IA 209 94.45 53.43 -24.87
CA ILE IA 209 93.64 52.23 -24.68
C ILE IA 209 92.28 52.40 -25.34
N TYR IA 210 91.86 53.64 -25.56
CA TYR IA 210 90.67 53.90 -26.37
C TYR IA 210 90.83 53.38 -27.78
N ASP IA 211 91.97 53.69 -28.40
CA ASP IA 211 92.12 53.38 -29.82
C ASP IA 211 92.34 51.90 -30.07
N ILE IA 212 93.00 51.21 -29.13
CA ILE IA 212 93.17 49.77 -29.27
C ILE IA 212 91.84 49.06 -29.15
N CYS IA 213 91.00 49.47 -28.20
CA CYS IA 213 89.70 48.84 -28.03
C CYS IA 213 88.79 49.09 -29.21
N ARG IA 214 89.03 50.17 -29.96
CA ARG IA 214 88.19 50.44 -31.11
C ARG IA 214 88.61 49.60 -32.30
N ARG IA 215 89.90 49.39 -32.50
CA ARG IA 215 90.35 48.71 -33.71
C ARG IA 215 90.70 47.25 -33.50
N ASN IA 216 90.63 46.73 -32.29
CA ASN IA 216 90.84 45.31 -32.06
C ASN IA 216 89.58 44.60 -31.57
N LEU IA 217 88.96 45.11 -30.51
CA LEU IA 217 87.75 44.51 -29.97
C LEU IA 217 86.48 44.99 -30.66
N ASP IA 218 86.59 46.03 -31.49
CA ASP IA 218 85.48 46.65 -32.22
C ASP IA 218 84.43 47.14 -31.22
N ILE IA 219 84.85 48.04 -30.36
CA ILE IA 219 83.97 48.75 -29.44
C ILE IA 219 84.14 50.23 -29.75
N GLU IA 220 83.05 50.86 -30.17
CA GLU IA 220 83.13 52.26 -30.51
C GLU IA 220 82.72 53.17 -29.35
N ARG IA 221 82.09 52.63 -28.31
CA ARG IA 221 81.67 53.41 -27.17
C ARG IA 221 82.08 52.76 -25.86
N PRO IA 222 83.37 52.66 -25.58
CA PRO IA 222 83.79 52.05 -24.32
C PRO IA 222 83.62 53.05 -23.18
N THR IA 223 83.76 52.52 -21.97
CA THR IA 223 83.83 53.35 -20.78
C THR IA 223 85.04 52.90 -20.00
N TYR IA 224 85.24 53.50 -18.83
CA TYR IA 224 86.46 53.24 -18.06
C TYR IA 224 86.53 51.80 -17.58
N THR IA 225 85.40 51.19 -17.29
CA THR IA 225 85.43 49.80 -16.85
C THR IA 225 85.71 48.85 -18.00
N ASN IA 226 85.76 49.33 -19.24
CA ASN IA 226 86.32 48.55 -20.33
C ASN IA 226 87.82 48.76 -20.48
N LEU IA 227 88.32 49.92 -20.09
CA LEU IA 227 89.76 50.16 -20.07
C LEU IA 227 90.41 49.51 -18.86
N ASN IA 228 89.67 49.42 -17.77
CA ASN IA 228 90.25 48.88 -16.54
C ASN IA 228 90.48 47.39 -16.65
N ARG IA 229 89.68 46.71 -17.45
CA ARG IA 229 89.89 45.28 -17.65
C ARG IA 229 91.19 45.03 -18.40
N LEU IA 230 91.47 45.83 -19.42
CA LEU IA 230 92.68 45.61 -20.21
C LEU IA 230 93.92 45.98 -19.44
N ILE IA 231 93.84 46.98 -18.57
CA ILE IA 231 94.94 47.25 -17.67
C ILE IA 231 95.12 46.11 -16.69
N ALA IA 232 94.02 45.51 -16.26
CA ALA IA 232 94.10 44.41 -15.30
C ALA IA 232 94.73 43.17 -15.90
N GLN IA 233 94.62 42.99 -17.21
CA GLN IA 233 95.31 41.86 -17.83
C GLN IA 233 96.80 42.09 -17.87
N VAL IA 234 97.22 43.35 -17.93
CA VAL IA 234 98.65 43.65 -17.91
C VAL IA 234 99.24 43.37 -16.54
N ILE IA 235 98.48 43.65 -15.48
CA ILE IA 235 98.98 43.44 -14.13
C ILE IA 235 99.11 41.96 -13.85
N SER IA 236 98.15 41.17 -14.31
CA SER IA 236 98.19 39.74 -14.04
C SER IA 236 99.31 39.08 -14.81
N SER IA 237 99.62 39.59 -16.00
CA SER IA 237 100.71 38.98 -16.75
C SER IA 237 102.08 39.39 -16.24
N LEU IA 238 102.19 40.53 -15.55
CA LEU IA 238 103.48 40.91 -14.97
C LEU IA 238 103.80 40.07 -13.75
N THR IA 239 102.87 40.01 -12.80
CA THR IA 239 103.03 39.21 -11.60
C THR IA 239 102.53 37.79 -11.77
N ALA IA 240 102.57 37.27 -13.00
CA ALA IA 240 102.17 35.90 -13.25
C ALA IA 240 103.15 34.91 -12.65
N SER IA 241 104.43 35.26 -12.64
CA SER IA 241 105.45 34.31 -12.20
C SER IA 241 105.47 34.17 -10.69
N LEU IA 242 105.08 35.21 -9.96
CA LEU IA 242 105.10 35.14 -8.52
C LEU IA 242 104.06 34.18 -7.98
N ARG IA 243 103.03 33.86 -8.75
CA ARG IA 243 101.92 33.06 -8.26
C ARG IA 243 101.77 31.70 -8.93
N PHE IA 244 102.41 31.48 -10.07
CA PHE IA 244 102.27 30.21 -10.77
C PHE IA 244 103.63 29.77 -11.29
N ASP IA 245 103.76 28.47 -11.50
CA ASP IA 245 105.03 27.89 -11.89
C ASP IA 245 105.19 27.99 -13.39
N GLY IA 246 106.41 28.30 -13.83
CA GLY IA 246 106.69 28.43 -15.23
C GLY IA 246 108.07 27.90 -15.58
N ALA IA 247 108.30 27.79 -16.89
CA ALA IA 247 109.57 27.26 -17.37
C ALA IA 247 110.70 28.24 -17.14
N LEU IA 248 110.43 29.54 -17.23
CA LEU IA 248 111.48 30.53 -17.01
C LEU IA 248 110.79 31.75 -16.40
N ASN IA 249 110.81 31.81 -15.08
CA ASN IA 249 110.05 32.83 -14.36
C ASN IA 249 110.89 34.08 -14.13
N VAL IA 250 110.20 35.21 -14.04
CA VAL IA 250 110.84 36.49 -13.74
C VAL IA 250 110.05 37.21 -12.65
N ASP IA 251 110.76 37.66 -11.63
CA ASP IA 251 110.16 38.37 -10.51
C ASP IA 251 110.09 39.85 -10.85
N VAL IA 252 109.62 40.66 -9.91
CA VAL IA 252 109.58 42.09 -10.16
C VAL IA 252 110.85 42.79 -9.71
N THR IA 253 111.75 42.07 -9.05
CA THR IA 253 113.06 42.65 -8.81
C THR IA 253 113.90 42.62 -10.08
N GLU IA 254 113.65 41.66 -10.96
CA GLU IA 254 114.39 41.59 -12.20
C GLU IA 254 113.82 42.48 -13.29
N PHE IA 255 112.78 43.26 -12.99
CA PHE IA 255 112.30 44.25 -13.95
C PHE IA 255 113.24 45.44 -14.03
N GLN IA 256 113.75 45.88 -12.89
CA GLN IA 256 114.60 47.06 -12.93
C GLN IA 256 116.06 46.72 -13.18
N THR IA 257 116.40 45.46 -13.38
CA THR IA 257 117.77 45.14 -13.72
C THR IA 257 117.96 44.97 -15.21
N ASN IA 258 116.91 44.58 -15.92
CA ASN IA 258 117.00 44.35 -17.35
C ASN IA 258 116.29 45.41 -18.16
N LEU IA 259 115.88 46.51 -17.53
CA LEU IA 259 115.14 47.54 -18.23
C LEU IA 259 115.44 48.96 -17.77
N VAL IA 260 116.37 49.16 -16.85
CA VAL IA 260 116.70 50.49 -16.35
C VAL IA 260 118.19 50.72 -16.47
N PRO IA 261 118.64 51.44 -17.47
CA PRO IA 261 120.09 51.60 -17.66
C PRO IA 261 120.74 52.59 -16.70
N TYR IA 262 120.05 53.68 -16.39
CA TYR IA 262 120.55 54.72 -15.50
C TYR IA 262 119.41 55.12 -14.58
N PRO IA 263 119.71 55.67 -13.39
CA PRO IA 263 118.65 55.84 -12.39
C PRO IA 263 117.53 56.78 -12.76
N ARG IA 264 117.78 57.82 -13.57
CA ARG IA 264 116.68 58.70 -13.97
C ARG IA 264 115.81 58.03 -15.02
N ILE IA 265 116.40 57.29 -15.95
CA ILE IA 265 115.67 56.72 -17.07
C ILE IA 265 114.95 55.49 -16.56
N HIS IA 266 113.68 55.62 -16.21
CA HIS IA 266 112.88 54.44 -15.91
C HIS IA 266 111.45 54.59 -16.39
N PHE IA 267 111.24 55.16 -17.57
CA PHE IA 267 109.90 55.38 -18.08
C PHE IA 267 109.65 54.48 -19.27
N MET IA 268 108.63 53.63 -19.17
CA MET IA 268 108.50 52.46 -20.02
C MET IA 268 107.11 52.44 -20.65
N LEU IA 269 106.94 51.64 -21.67
CA LEU IA 269 105.75 51.70 -22.50
C LEU IA 269 105.20 50.30 -22.63
N SER IA 270 103.95 50.11 -22.25
CA SER IA 270 103.38 48.77 -22.23
C SER IA 270 102.67 48.46 -23.53
N SER IA 271 102.60 47.18 -23.86
CA SER IA 271 101.81 46.70 -24.97
C SER IA 271 101.46 45.25 -24.71
N TYR IA 272 100.37 44.80 -25.31
CA TYR IA 272 99.81 43.50 -24.95
C TYR IA 272 99.12 42.92 -26.18
N ALA IA 273 99.26 41.61 -26.35
CA ALA IA 273 98.68 40.93 -27.49
C ALA IA 273 98.58 39.46 -27.12
N PRO IA 274 97.49 38.78 -27.49
CA PRO IA 274 96.35 39.29 -28.21
C PRO IA 274 95.24 39.81 -27.31
N ILE IA 275 94.60 40.87 -27.76
CA ILE IA 275 93.28 41.24 -27.27
C ILE IA 275 92.35 41.25 -28.49
N ILE IA 276 91.68 40.12 -28.67
CA ILE IA 276 90.76 39.89 -29.78
C ILE IA 276 89.44 39.42 -29.20
N SER IA 277 88.37 39.65 -29.94
CA SER IA 277 87.05 39.31 -29.47
C SER IA 277 86.71 37.86 -29.78
N ALA IA 278 85.48 37.47 -29.41
CA ALA IA 278 85.09 36.08 -29.58
C ALA IA 278 84.79 35.76 -31.03
N GLU IA 279 84.32 36.75 -31.79
CA GLU IA 279 84.06 36.55 -33.21
C GLU IA 279 85.32 36.71 -34.05
N LYS IA 280 86.46 36.97 -33.43
CA LYS IA 280 87.73 37.01 -34.14
C LYS IA 280 88.72 35.96 -33.65
N ALA IA 281 88.52 35.37 -32.48
CA ALA IA 281 89.34 34.26 -32.05
C ALA IA 281 88.98 32.98 -32.77
N TYR IA 282 87.77 32.92 -33.29
CA TYR IA 282 87.30 31.76 -34.04
C TYR IA 282 87.98 31.64 -35.38
N HIS IA 283 88.64 32.71 -35.84
CA HIS IA 283 89.23 32.75 -37.16
C HIS IA 283 90.75 32.89 -37.16
N GLU IA 284 91.36 33.36 -36.09
CA GLU IA 284 92.80 33.48 -35.97
C GLU IA 284 93.39 32.29 -35.23
N GLN IA 285 94.45 31.71 -35.78
CA GLN IA 285 95.40 30.97 -34.96
C GLN IA 285 96.27 31.99 -34.25
N LEU IA 286 96.64 31.69 -33.01
CA LEU IA 286 97.42 32.64 -32.25
C LEU IA 286 98.77 31.98 -31.99
N SER IA 287 99.66 32.08 -32.97
CA SER IA 287 100.98 31.52 -32.80
C SER IA 287 101.82 32.43 -31.93
N VAL IA 288 102.94 31.90 -31.45
CA VAL IA 288 103.88 32.71 -30.68
C VAL IA 288 104.45 33.82 -31.55
N ALA IA 289 104.72 33.51 -32.82
CA ALA IA 289 105.20 34.53 -33.73
C ALA IA 289 104.12 35.56 -34.03
N GLU IA 290 102.87 35.15 -34.08
CA GLU IA 290 101.79 36.08 -34.36
C GLU IA 290 101.53 37.01 -33.20
N ILE IA 291 101.60 36.48 -31.97
CA ILE IA 291 101.35 37.35 -30.81
C ILE IA 291 102.58 38.18 -30.49
N THR IA 292 103.75 37.82 -31.00
CA THR IA 292 104.92 38.66 -30.73
C THR IA 292 105.12 39.72 -31.79
N ASN IA 293 104.47 39.59 -32.94
CA ASN IA 293 104.48 40.67 -33.90
C ASN IA 293 103.52 41.77 -33.47
N SER IA 294 102.36 41.38 -32.93
CA SER IA 294 101.38 42.37 -32.55
C SER IA 294 101.79 43.15 -31.31
N ALA IA 295 102.63 42.56 -30.45
CA ALA IA 295 103.09 43.27 -29.26
C ALA IA 295 104.03 44.41 -29.61
N PHE IA 296 104.86 44.21 -30.62
CA PHE IA 296 105.81 45.22 -31.05
C PHE IA 296 105.21 46.26 -31.97
N GLU IA 297 103.99 46.04 -32.44
CA GLU IA 297 103.41 46.93 -33.44
C GLU IA 297 103.11 48.29 -32.83
N PRO IA 298 103.40 49.39 -33.52
CA PRO IA 298 103.12 50.72 -32.96
C PRO IA 298 101.66 51.00 -32.73
N ALA IA 299 100.78 50.28 -33.40
CA ALA IA 299 99.35 50.48 -33.19
C ALA IA 299 98.87 49.93 -31.87
N SER IA 300 99.52 48.90 -31.33
CA SER IA 300 99.04 48.20 -30.16
C SER IA 300 99.76 48.60 -28.90
N MET IA 301 100.60 49.61 -28.97
CA MET IA 301 101.32 50.07 -27.80
C MET IA 301 100.41 50.96 -26.95
N MET IA 302 100.46 50.77 -25.63
CA MET IA 302 99.51 51.38 -24.71
C MET IA 302 100.05 52.64 -24.06
N ALA IA 303 100.80 53.46 -24.76
CA ALA IA 303 101.29 54.70 -24.16
C ALA IA 303 101.18 55.90 -25.08
N LYS IA 304 100.61 55.75 -26.28
CA LYS IA 304 100.40 56.82 -27.25
C LYS IA 304 101.71 57.54 -27.59
N CYS IA 305 102.62 56.79 -28.20
CA CYS IA 305 103.91 57.29 -28.63
C CYS IA 305 104.47 56.32 -29.65
N ASP IA 306 104.78 56.82 -30.82
CA ASP IA 306 105.18 55.95 -31.91
C ASP IA 306 106.63 55.60 -31.70
N PRO IA 307 106.99 54.32 -31.54
CA PRO IA 307 108.40 53.98 -31.31
C PRO IA 307 109.28 54.13 -32.53
N ARG IA 308 108.70 54.39 -33.71
CA ARG IA 308 109.51 54.58 -34.90
C ARG IA 308 110.29 55.88 -34.85
N HIS IA 309 109.86 56.85 -34.03
CA HIS IA 309 110.67 58.05 -33.85
C HIS IA 309 111.45 58.02 -32.54
N GLY IA 310 111.88 56.83 -32.14
CA GLY IA 310 112.77 56.65 -31.01
C GLY IA 310 113.59 55.39 -31.20
N LYS IA 311 114.41 55.09 -30.21
CA LYS IA 311 115.29 53.93 -30.21
C LYS IA 311 115.03 53.12 -28.95
N TYR IA 312 114.85 51.82 -29.13
CA TYR IA 312 114.69 50.93 -27.99
C TYR IA 312 115.98 50.82 -27.21
N MET IA 313 115.86 50.57 -25.91
CA MET IA 313 117.01 50.30 -25.07
C MET IA 313 116.93 48.98 -24.34
N ALA IA 314 115.75 48.56 -23.93
CA ALA IA 314 115.58 47.25 -23.33
C ALA IA 314 114.13 46.85 -23.48
N CYS IA 315 113.90 45.55 -23.64
CA CYS IA 315 112.56 45.02 -23.80
C CYS IA 315 112.38 43.81 -22.90
N CYS IA 316 111.25 43.74 -22.21
CA CYS IA 316 110.94 42.59 -21.39
C CYS IA 316 109.67 41.94 -21.91
N LEU IA 317 109.75 40.67 -22.26
CA LEU IA 317 108.63 39.94 -22.84
C LEU IA 317 108.16 38.90 -21.85
N MET IA 318 106.87 38.90 -21.53
CA MET IA 318 106.27 38.01 -20.54
C MET IA 318 105.28 37.10 -21.23
N TYR IA 319 105.77 36.00 -21.77
CA TYR IA 319 104.90 35.04 -22.45
C TYR IA 319 104.13 34.25 -21.42
N ARG IA 320 102.85 34.01 -21.69
CA ARG IA 320 101.97 33.41 -20.69
C ARG IA 320 100.95 32.52 -21.40
N GLY IA 321 101.08 31.22 -21.22
CA GLY IA 321 100.15 30.27 -21.80
C GLY IA 321 100.79 28.99 -22.28
N ASP IA 322 100.23 28.40 -23.35
CA ASP IA 322 100.85 27.28 -24.04
C ASP IA 322 101.97 27.80 -24.92
N VAL IA 323 103.10 28.08 -24.30
CA VAL IA 323 104.25 28.66 -24.97
C VAL IA 323 105.46 27.76 -24.72
N VAL IA 324 106.08 27.32 -25.80
CA VAL IA 324 107.24 26.44 -25.75
C VAL IA 324 108.47 27.33 -25.90
N PRO IA 325 109.56 27.04 -25.20
CA PRO IA 325 110.74 27.92 -25.30
C PRO IA 325 111.38 27.96 -26.66
N LYS IA 326 111.07 27.02 -27.56
CA LYS IA 326 111.77 27.05 -28.82
C LYS IA 326 111.18 28.13 -29.71
N ASP IA 327 109.88 28.37 -29.61
CA ASP IA 327 109.19 29.29 -30.50
C ASP IA 327 109.42 30.74 -30.12
N VAL IA 328 109.66 31.01 -28.84
CA VAL IA 328 110.04 32.36 -28.44
C VAL IA 328 111.37 32.72 -29.05
N ASN IA 329 112.32 31.79 -29.05
CA ASN IA 329 113.63 32.06 -29.63
C ASN IA 329 113.53 32.19 -31.14
N ALA IA 330 112.68 31.40 -31.78
CA ALA IA 330 112.55 31.48 -33.23
C ALA IA 330 111.78 32.71 -33.67
N ALA IA 331 110.99 33.32 -32.79
CA ALA IA 331 110.22 34.51 -33.16
C ALA IA 331 110.85 35.80 -32.67
N VAL IA 332 111.76 35.74 -31.70
CA VAL IA 332 112.47 36.94 -31.31
C VAL IA 332 113.62 37.23 -32.26
N ALA IA 333 114.06 36.22 -33.01
CA ALA IA 333 115.03 36.47 -34.07
C ALA IA 333 114.40 37.28 -35.19
N THR IA 334 113.14 37.00 -35.53
CA THR IA 334 112.45 37.72 -36.61
C THR IA 334 112.23 39.18 -36.24
N ILE IA 335 111.86 39.46 -34.99
CA ILE IA 335 111.77 40.85 -34.52
C ILE IA 335 113.14 41.51 -34.59
N LYS IA 336 114.20 40.76 -34.29
CA LYS IA 336 115.52 41.34 -34.25
C LYS IA 336 116.01 41.71 -35.63
N THR IA 337 115.64 40.94 -36.65
CA THR IA 337 116.13 41.24 -38.00
C THR IA 337 115.39 42.40 -38.63
N LYS IA 338 114.13 42.60 -38.27
CA LYS IA 338 113.29 43.60 -38.91
C LYS IA 338 113.76 45.01 -38.57
N ARG IA 339 114.13 45.78 -39.58
CA ARG IA 339 114.91 46.99 -39.38
C ARG IA 339 114.05 48.22 -39.12
N THR IA 340 112.72 48.12 -39.23
CA THR IA 340 111.90 49.22 -38.77
C THR IA 340 111.87 49.32 -37.25
N ILE IA 341 112.35 48.29 -36.56
CA ILE IA 341 112.56 48.31 -35.13
C ILE IA 341 114.06 48.35 -34.89
N GLN IA 342 114.55 49.44 -34.32
CA GLN IA 342 115.98 49.63 -34.14
C GLN IA 342 116.33 49.65 -32.67
N PHE IA 343 117.50 49.13 -32.36
CA PHE IA 343 118.03 49.11 -31.01
C PHE IA 343 119.21 50.05 -30.94
N VAL IA 344 119.45 50.58 -29.76
CA VAL IA 344 120.56 51.48 -29.57
C VAL IA 344 121.87 50.69 -29.67
N ASP IA 345 122.95 51.39 -30.00
CA ASP IA 345 124.22 50.73 -30.26
C ASP IA 345 124.75 50.06 -29.00
N TRP IA 346 124.65 50.72 -27.85
CA TRP IA 346 125.39 50.25 -26.70
C TRP IA 346 124.70 49.13 -25.93
N CYS IA 347 123.50 48.73 -26.31
CA CYS IA 347 122.83 47.61 -25.64
C CYS IA 347 122.63 46.50 -26.65
N PRO IA 348 123.59 45.60 -26.81
CA PRO IA 348 123.47 44.59 -27.85
C PRO IA 348 122.43 43.53 -27.53
N THR IA 349 122.37 43.05 -26.30
CA THR IA 349 121.36 42.07 -25.91
C THR IA 349 120.23 42.84 -25.23
N GLY IA 350 119.13 43.03 -25.96
CA GLY IA 350 118.08 43.90 -25.47
C GLY IA 350 116.77 43.19 -25.24
N PHE IA 351 116.82 42.04 -24.61
CA PHE IA 351 115.61 41.28 -24.34
C PHE IA 351 115.73 40.59 -22.99
N LYS IA 352 114.59 40.39 -22.33
CA LYS IA 352 114.52 39.47 -21.20
C LYS IA 352 113.25 38.68 -21.43
N CYS IA 353 113.39 37.40 -21.72
CA CYS IA 353 112.25 36.53 -21.94
C CYS IA 353 111.64 36.12 -20.61
N GLY IA 354 110.36 35.74 -20.66
CA GLY IA 354 109.68 35.23 -19.49
C GLY IA 354 108.53 34.35 -19.89
N ILE IA 355 108.47 33.14 -19.35
CA ILE IA 355 107.47 32.16 -19.74
C ILE IA 355 106.77 31.64 -18.48
N ASN IA 356 105.45 31.67 -18.48
CA ASN IA 356 104.67 31.11 -17.39
C ASN IA 356 103.61 30.19 -17.97
N TYR IA 357 103.28 29.14 -17.20
CA TYR IA 357 102.43 28.07 -17.70
C TYR IA 357 100.96 28.43 -17.69
N GLN IA 358 100.51 29.21 -16.73
CA GLN IA 358 99.08 29.36 -16.49
C GLN IA 358 98.45 30.25 -17.56
N PRO IA 359 97.47 29.75 -18.31
CA PRO IA 359 96.87 30.57 -19.35
C PRO IA 359 95.99 31.65 -18.77
N PRO IA 360 95.74 32.73 -19.52
CA PRO IA 360 94.97 33.85 -18.97
C PRO IA 360 93.54 33.50 -18.63
N THR IA 361 93.05 34.15 -17.58
CA THR IA 361 91.70 33.94 -17.08
C THR IA 361 90.77 35.01 -17.63
N VAL IA 362 89.65 34.57 -18.21
CA VAL IA 362 88.70 35.47 -18.84
C VAL IA 362 87.60 35.79 -17.84
N VAL IA 363 87.28 37.07 -17.70
CA VAL IA 363 86.15 37.47 -16.88
C VAL IA 363 84.86 37.27 -17.67
N PRO IA 364 83.84 36.62 -17.11
CA PRO IA 364 82.55 36.55 -17.80
C PRO IA 364 81.94 37.93 -17.91
N GLY IA 365 81.28 38.19 -19.02
CA GLY IA 365 80.74 39.51 -19.26
C GLY IA 365 81.73 40.53 -19.79
N GLY IA 366 83.02 40.21 -19.80
CA GLY IA 366 84.00 41.09 -20.38
C GLY IA 366 83.99 41.03 -21.88
N ASP IA 367 84.82 41.85 -22.50
CA ASP IA 367 84.85 41.99 -23.94
C ASP IA 367 85.89 41.12 -24.61
N LEU IA 368 86.61 40.29 -23.87
CA LEU IA 368 87.70 39.52 -24.42
C LEU IA 368 87.28 38.06 -24.61
N ALA IA 369 88.15 37.31 -25.27
CA ALA IA 369 87.89 35.92 -25.56
C ALA IA 369 88.91 35.04 -24.86
N LYS IA 370 88.49 33.83 -24.53
CA LYS IA 370 89.39 32.87 -23.91
C LYS IA 370 90.48 32.48 -24.90
N VAL IA 371 91.73 32.65 -24.49
CA VAL IA 371 92.86 32.52 -25.39
C VAL IA 371 93.80 31.49 -24.80
N MET IA 372 94.61 30.87 -25.65
CA MET IA 372 95.56 29.88 -25.21
C MET IA 372 96.93 30.45 -24.86
N ARG IA 373 97.29 31.63 -25.35
CA ARG IA 373 98.58 32.23 -25.05
C ARG IA 373 98.54 33.73 -25.24
N ALA IA 374 99.45 34.42 -24.58
CA ALA IA 374 99.46 35.88 -24.55
C ALA IA 374 100.86 36.39 -24.29
N VAL IA 375 101.10 37.66 -24.63
CA VAL IA 375 102.36 38.34 -24.38
C VAL IA 375 102.09 39.68 -23.74
N CYS IA 376 102.76 39.96 -22.63
CA CYS IA 376 102.87 41.31 -22.12
C CYS IA 376 104.26 41.83 -22.40
N MET IA 377 104.38 43.14 -22.49
CA MET IA 377 105.60 43.76 -22.99
C MET IA 377 105.86 45.05 -22.25
N ILE IA 378 107.09 45.21 -21.77
CA ILE IA 378 107.54 46.46 -21.17
C ILE IA 378 108.85 46.82 -21.83
N SER IA 379 108.85 47.91 -22.58
CA SER IA 379 110.02 48.32 -23.33
C SER IA 379 110.43 49.71 -22.91
N ASN IA 380 111.71 49.99 -23.06
CA ASN IA 380 112.26 51.29 -22.74
C ASN IA 380 112.76 51.90 -24.03
N SER IA 381 112.24 53.07 -24.37
CA SER IA 381 112.66 53.73 -25.59
C SER IA 381 113.05 55.16 -25.27
N THR IA 382 113.88 55.74 -26.14
CA THR IA 382 114.11 57.16 -26.08
C THR IA 382 113.08 57.94 -26.88
N ALA IA 383 111.90 57.35 -27.08
CA ALA IA 383 110.75 58.02 -27.64
C ALA IA 383 109.96 58.78 -26.59
N ILE IA 384 110.27 58.58 -25.31
CA ILE IA 384 109.67 59.35 -24.22
C ILE IA 384 110.10 60.81 -24.20
N ALA IA 385 111.07 61.18 -25.03
CA ALA IA 385 111.35 62.60 -25.24
C ALA IA 385 110.17 63.33 -25.87
N GLU IA 386 109.26 62.62 -26.53
CA GLU IA 386 108.07 63.27 -27.04
C GLU IA 386 107.08 63.59 -25.93
N VAL IA 387 106.85 62.64 -25.02
CA VAL IA 387 105.81 62.84 -24.02
C VAL IA 387 106.25 63.75 -22.89
N PHE IA 388 107.48 64.23 -22.90
CA PHE IA 388 107.89 65.24 -21.94
C PHE IA 388 108.05 66.61 -22.59
N SER IA 389 108.40 66.66 -23.87
CA SER IA 389 108.42 67.93 -24.58
C SER IA 389 107.02 68.45 -24.80
N ARG IA 390 106.05 67.56 -25.03
CA ARG IA 390 104.67 68.00 -25.17
C ARG IA 390 104.13 68.56 -23.85
N MET IA 391 104.51 67.95 -22.73
CA MET IA 391 104.14 68.49 -21.44
C MET IA 391 104.93 69.75 -21.12
N ASP IA 392 106.13 69.88 -21.68
CA ASP IA 392 106.88 71.12 -21.53
C ASP IA 392 106.17 72.25 -22.25
N HIS IA 393 105.64 71.96 -23.43
CA HIS IA 393 105.00 72.97 -24.24
C HIS IA 393 103.78 73.54 -23.55
N LYS IA 394 102.97 72.68 -22.94
CA LYS IA 394 101.71 73.13 -22.40
C LYS IA 394 101.90 73.83 -21.06
N PHE IA 395 102.93 73.42 -20.31
CA PHE IA 395 103.25 74.08 -19.06
C PHE IA 395 103.71 75.51 -19.28
N ASP IA 396 104.54 75.74 -20.30
CA ASP IA 396 105.04 77.09 -20.55
C ASP IA 396 104.06 77.96 -21.30
N LEU IA 397 103.02 77.38 -21.90
CA LEU IA 397 101.95 78.22 -22.42
C LEU IA 397 101.17 78.88 -21.29
N MET IA 398 100.79 78.11 -20.27
CA MET IA 398 99.98 78.67 -19.22
C MET IA 398 100.78 79.13 -18.01
N TYR IA 399 102.11 79.02 -18.02
CA TYR IA 399 102.89 79.67 -16.98
C TYR IA 399 103.47 80.99 -17.41
N ALA IA 400 103.62 81.21 -18.72
CA ALA IA 400 104.10 82.49 -19.20
C ALA IA 400 103.09 83.58 -18.89
N LYS IA 401 101.81 83.27 -19.04
CA LYS IA 401 100.73 84.18 -18.68
C LYS IA 401 100.37 84.07 -17.21
N ARG IA 402 101.06 83.19 -16.48
CA ARG IA 402 100.97 83.04 -15.04
C ARG IA 402 99.54 82.68 -14.66
N ALA IA 403 98.98 81.74 -15.42
CA ALA IA 403 97.60 81.33 -15.28
C ALA IA 403 97.47 80.16 -14.32
N PHE IA 404 96.34 80.13 -13.61
CA PHE IA 404 96.00 79.09 -12.64
C PHE IA 404 97.07 78.94 -11.57
N VAL IA 405 97.70 80.02 -11.16
CA VAL IA 405 98.82 79.93 -10.23
C VAL IA 405 98.42 80.34 -8.83
N HIS IA 406 97.38 81.15 -8.68
CA HIS IA 406 96.96 81.54 -7.34
C HIS IA 406 96.35 80.38 -6.59
N TRP IA 407 95.86 79.37 -7.32
CA TRP IA 407 95.39 78.16 -6.68
C TRP IA 407 96.54 77.38 -6.08
N TYR IA 408 97.73 77.52 -6.64
CA TYR IA 408 98.84 76.72 -6.16
C TYR IA 408 99.69 77.45 -5.13
N VAL IA 409 99.87 78.76 -5.27
CA VAL IA 409 100.69 79.47 -4.30
C VAL IA 409 100.00 79.61 -2.96
N GLY IA 410 98.69 79.81 -2.95
CA GLY IA 410 98.01 80.09 -1.70
C GLY IA 410 97.69 78.91 -0.83
N GLU IA 411 98.03 77.71 -1.27
CA GLU IA 411 97.71 76.51 -0.53
C GLU IA 411 98.91 75.91 0.20
N GLY IA 412 100.08 76.53 0.11
CA GLY IA 412 101.18 76.05 0.90
C GLY IA 412 102.54 76.04 0.23
N MET IA 413 102.59 75.88 -1.08
CA MET IA 413 103.87 75.80 -1.78
C MET IA 413 104.23 77.15 -2.36
N GLU IA 414 105.43 77.61 -2.06
CA GLU IA 414 105.87 78.93 -2.47
C GLU IA 414 106.16 78.94 -3.96
N GLU IA 415 106.33 80.12 -4.49
CA GLU IA 415 106.75 80.24 -5.88
C GLU IA 415 108.21 79.82 -5.97
N GLY IA 416 108.51 78.95 -6.91
CA GLY IA 416 109.85 78.41 -7.01
C GLY IA 416 109.88 76.94 -7.32
N GLU IA 417 108.94 76.15 -6.81
CA GLU IA 417 108.81 74.79 -7.32
C GLU IA 417 108.21 74.75 -8.71
N PHE IA 418 107.69 75.86 -9.21
CA PHE IA 418 107.39 75.95 -10.63
C PHE IA 418 108.66 76.03 -11.45
N SER IA 419 109.64 76.81 -10.99
CA SER IA 419 110.89 76.91 -11.72
C SER IA 419 111.73 75.65 -11.53
N GLU IA 420 111.64 75.01 -10.36
CA GLU IA 420 112.40 73.79 -10.13
C GLU IA 420 111.86 72.64 -10.96
N ALA IA 421 110.53 72.52 -11.07
CA ALA IA 421 109.97 71.43 -11.84
C ALA IA 421 110.18 71.63 -13.33
N ARG IA 422 110.36 72.87 -13.76
CA ARG IA 422 110.73 73.11 -15.16
C ARG IA 422 112.15 72.68 -15.43
N GLU IA 423 113.09 73.08 -14.58
CA GLU IA 423 114.49 72.78 -14.84
C GLU IA 423 114.78 71.30 -14.67
N ASP IA 424 114.06 70.62 -13.79
CA ASP IA 424 114.25 69.18 -13.65
C ASP IA 424 113.64 68.43 -14.83
N LEU IA 425 112.49 68.86 -15.30
CA LEU IA 425 111.92 68.25 -16.50
C LEU IA 425 112.76 68.56 -17.72
N ALA IA 426 113.31 69.77 -17.80
CA ALA IA 426 114.22 70.09 -18.90
C ALA IA 426 115.55 69.36 -18.76
N ALA IA 427 115.95 69.03 -17.54
CA ALA IA 427 117.15 68.23 -17.37
C ALA IA 427 116.93 66.81 -17.84
N LEU IA 428 115.77 66.22 -17.51
CA LEU IA 428 115.47 64.88 -17.96
C LEU IA 428 115.32 64.83 -19.47
N GLU IA 429 114.83 65.90 -20.06
CA GLU IA 429 114.75 65.97 -21.51
C GLU IA 429 116.13 65.93 -22.16
N LYS IA 430 117.03 66.81 -21.73
CA LYS IA 430 118.39 66.83 -22.25
C LYS IA 430 119.14 65.55 -21.88
N ASP IA 431 118.68 64.85 -20.84
CA ASP IA 431 119.32 63.60 -20.47
C ASP IA 431 119.04 62.50 -21.49
N TYR IA 432 117.88 62.53 -22.13
CA TYR IA 432 117.59 61.51 -23.14
C TYR IA 432 118.44 61.65 -24.39
N GLU IA 433 118.69 62.87 -24.87
CA GLU IA 433 119.43 62.95 -26.13
C GLU IA 433 120.88 62.54 -25.95
N GLU IA 434 121.44 62.67 -24.76
CA GLU IA 434 122.79 62.19 -24.57
C GLU IA 434 122.81 60.66 -24.52
N VAL IA 435 121.74 60.04 -24.05
CA VAL IA 435 121.68 58.59 -24.00
C VAL IA 435 121.53 58.01 -25.39
N GLY IA 436 120.63 58.57 -26.19
CA GLY IA 436 120.34 57.98 -27.49
C GLY IA 436 121.40 58.19 -28.55
N ILE IA 437 122.25 59.20 -28.39
CA ILE IA 437 123.26 59.50 -29.40
C ILE IA 437 124.39 58.47 -29.35
N MET JA 1 79.59 64.31 6.74
CA MET JA 1 80.38 64.55 5.54
C MET JA 1 80.22 66.00 5.13
N ARG JA 2 80.23 66.26 3.83
CA ARG JA 2 80.03 67.61 3.33
C ARG JA 2 78.54 67.99 3.29
N GLU JA 3 78.25 69.26 3.58
CA GLU JA 3 76.90 69.80 3.42
C GLU JA 3 76.99 71.18 2.77
N ILE JA 4 76.01 71.49 1.94
CA ILE JA 4 75.84 72.81 1.37
C ILE JA 4 74.71 73.50 2.10
N VAL JA 5 74.96 74.71 2.58
CA VAL JA 5 73.94 75.54 3.20
C VAL JA 5 73.37 76.47 2.14
N HIS JA 6 72.06 76.41 1.97
CA HIS JA 6 71.36 77.23 1.00
C HIS JA 6 70.91 78.54 1.65
N VAL JA 7 71.09 79.64 0.93
CA VAL JA 7 70.63 80.95 1.38
C VAL JA 7 69.87 81.61 0.24
N GLN JA 8 68.60 81.91 0.48
CA GLN JA 8 67.78 82.66 -0.47
C GLN JA 8 67.52 84.04 0.07
N GLY JA 9 67.59 85.04 -0.79
CA GLY JA 9 67.27 86.39 -0.39
C GLY JA 9 66.49 87.16 -1.43
N GLY JA 10 65.53 87.96 -1.01
CA GLY JA 10 64.75 88.77 -1.91
C GLY JA 10 63.43 88.13 -2.26
N GLN JA 11 62.68 88.80 -3.13
CA GLN JA 11 61.47 88.19 -3.63
C GLN JA 11 61.78 87.09 -4.62
N CYS JA 12 62.72 87.32 -5.53
CA CYS JA 12 63.07 86.30 -6.51
C CYS JA 12 63.83 85.16 -5.87
N GLY JA 13 64.67 85.44 -4.88
CA GLY JA 13 65.42 84.38 -4.23
C GLY JA 13 64.52 83.36 -3.57
N ASN JA 14 63.38 83.82 -3.03
CA ASN JA 14 62.43 82.90 -2.44
C ASN JA 14 61.72 82.09 -3.50
N GLN JA 15 61.40 82.68 -4.63
CA GLN JA 15 60.68 81.96 -5.67
C GLN JA 15 61.60 81.19 -6.60
N ILE JA 16 62.91 81.40 -6.53
CA ILE JA 16 63.85 80.64 -7.34
C ILE JA 16 64.30 79.50 -6.45
N GLY JA 17 64.08 79.65 -5.14
CA GLY JA 17 64.44 78.61 -4.21
C GLY JA 17 63.30 77.67 -3.92
N ALA JA 18 62.07 78.11 -4.16
CA ALA JA 18 60.94 77.20 -4.07
C ALA JA 18 61.05 76.10 -5.12
N LYS JA 19 61.54 76.44 -6.30
CA LYS JA 19 61.64 75.47 -7.37
C LYS JA 19 62.88 74.61 -7.23
N PHE JA 20 63.97 75.16 -6.71
CA PHE JA 20 65.17 74.35 -6.52
C PHE JA 20 64.94 73.26 -5.49
N TRP JA 21 64.20 73.58 -4.44
CA TRP JA 21 63.94 72.57 -3.43
C TRP JA 21 62.84 71.63 -3.89
N GLU JA 22 62.10 71.99 -4.93
CA GLU JA 22 61.12 71.06 -5.47
C GLU JA 22 61.81 70.01 -6.33
N VAL JA 23 62.88 70.37 -7.03
CA VAL JA 23 63.47 69.39 -7.92
C VAL JA 23 64.46 68.51 -7.17
N ILE JA 24 65.08 69.04 -6.11
CA ILE JA 24 65.98 68.23 -5.30
C ILE JA 24 65.18 67.22 -4.48
N SER JA 25 64.02 67.63 -3.98
CA SER JA 25 63.15 66.71 -3.27
C SER JA 25 62.64 65.60 -4.18
N ASP JA 26 62.31 65.95 -5.42
CA ASP JA 26 61.84 64.93 -6.36
C ASP JA 26 62.98 64.03 -6.80
N GLU JA 27 64.18 64.57 -6.92
CA GLU JA 27 65.33 63.77 -7.32
C GLU JA 27 65.70 62.77 -6.23
N HIS JA 28 65.61 63.19 -4.97
CA HIS JA 28 65.92 62.34 -3.85
C HIS JA 28 64.71 61.61 -3.29
N GLY JA 29 63.54 61.82 -3.88
CA GLY JA 29 62.36 61.08 -3.49
C GLY JA 29 61.82 61.43 -2.11
N ILE JA 30 61.68 62.71 -1.82
CA ILE JA 30 61.15 63.18 -0.56
C ILE JA 30 59.79 63.81 -0.79
N ASP JA 31 58.80 63.39 0.00
CA ASP JA 31 57.44 63.87 -0.08
C ASP JA 31 57.36 65.30 0.42
N PRO JA 32 56.20 65.96 0.27
CA PRO JA 32 56.02 67.26 0.91
C PRO JA 32 56.13 67.24 2.42
N THR JA 33 55.93 66.10 3.07
CA THR JA 33 56.02 66.01 4.50
C THR JA 33 57.35 65.45 4.97
N GLY JA 34 58.35 65.36 4.10
CA GLY JA 34 59.67 64.97 4.47
C GLY JA 34 59.93 63.48 4.45
N THR JA 35 58.89 62.66 4.43
CA THR JA 35 59.07 61.22 4.41
C THR JA 35 59.55 60.77 3.04
N TYR JA 36 60.52 59.86 3.02
CA TYR JA 36 61.05 59.33 1.78
C TYR JA 36 60.11 58.26 1.22
N CYS JA 37 59.93 58.27 -0.10
CA CYS JA 37 59.28 57.19 -0.83
C CYS JA 37 60.11 56.80 -2.04
N GLY JA 38 60.20 55.51 -2.31
CA GLY JA 38 60.88 55.04 -3.50
C GLY JA 38 61.73 53.80 -3.33
N ASP JA 39 62.31 53.60 -2.15
CA ASP JA 39 63.04 52.38 -1.76
C ASP JA 39 64.20 52.07 -2.70
N SER JA 40 65.19 52.98 -2.70
CA SER JA 40 66.46 52.74 -3.35
C SER JA 40 67.55 53.43 -2.55
N ASP JA 41 68.73 52.83 -2.53
CA ASP JA 41 69.79 53.30 -1.64
C ASP JA 41 70.37 54.60 -2.18
N LEU JA 42 70.54 54.69 -3.50
CA LEU JA 42 71.41 55.68 -4.11
C LEU JA 42 70.94 57.11 -3.88
N GLN JA 43 69.65 57.33 -3.62
CA GLN JA 43 69.25 58.64 -3.13
C GLN JA 43 69.87 58.94 -1.79
N LEU JA 44 69.86 57.96 -0.91
CA LEU JA 44 69.79 58.29 0.50
C LEU JA 44 71.13 58.14 1.23
N GLU JA 45 72.20 57.66 0.57
CA GLU JA 45 73.47 57.68 1.29
C GLU JA 45 74.06 59.05 1.33
N ARG JA 46 73.72 59.89 0.37
CA ARG JA 46 74.20 61.26 0.32
C ARG JA 46 72.95 62.12 0.31
N ILE JA 47 72.38 62.30 1.48
CA ILE JA 47 71.25 63.20 1.67
C ILE JA 47 71.63 64.34 2.55
N ASN JA 48 72.76 64.23 3.24
CA ASN JA 48 73.17 65.24 4.20
C ASN JA 48 73.77 66.46 3.55
N VAL JA 49 73.99 66.43 2.23
CA VAL JA 49 74.46 67.63 1.57
C VAL JA 49 73.40 68.71 1.55
N PHE JA 50 72.12 68.32 1.58
CA PHE JA 50 71.02 69.25 1.44
C PHE JA 50 69.94 69.10 2.50
N TYR JA 51 69.92 68.01 3.25
CA TYR JA 51 68.86 67.75 4.22
C TYR JA 51 69.45 67.36 5.57
N ASN JA 52 68.66 67.55 6.62
CA ASN JA 52 69.02 67.17 7.98
C ASN JA 52 67.99 66.22 8.55
N GLU JA 53 68.46 65.18 9.22
CA GLU JA 53 67.58 64.28 9.94
C GLU JA 53 66.94 65.02 11.10
N ALA JA 54 65.65 64.77 11.33
CA ALA JA 54 64.89 65.56 12.29
C ALA JA 54 64.23 64.69 13.35
N THR JA 55 64.97 63.72 13.88
CA THR JA 55 64.68 62.82 15.00
C THR JA 55 63.32 62.13 14.94
N GLY JA 56 62.68 62.19 13.79
CA GLY JA 56 61.34 61.66 13.66
C GLY JA 56 61.24 61.05 12.29
N GLY JA 57 62.39 60.89 11.65
CA GLY JA 57 62.47 60.28 10.35
C GLY JA 57 62.36 61.23 9.19
N ARG JA 58 62.09 62.51 9.42
CA ARG JA 58 61.88 63.41 8.32
C ARG JA 58 63.10 64.28 8.07
N PHE JA 59 63.17 64.83 6.88
CA PHE JA 59 64.31 65.60 6.41
C PHE JA 59 63.90 67.05 6.23
N VAL JA 60 64.69 67.96 6.77
CA VAL JA 60 64.44 69.39 6.67
C VAL JA 60 65.55 70.03 5.84
N PRO JA 61 65.23 70.87 4.88
CA PRO JA 61 66.27 71.47 4.05
C PRO JA 61 67.12 72.43 4.85
N ARG JA 62 68.41 72.46 4.52
CA ARG JA 62 69.34 73.37 5.16
C ARG JA 62 69.32 74.71 4.45
N ALA JA 63 68.16 75.34 4.51
CA ALA JA 63 67.91 76.59 3.82
C ALA JA 63 67.70 77.72 4.80
N ILE JA 64 68.24 78.87 4.48
CA ILE JA 64 67.94 80.12 5.17
C ILE JA 64 67.12 80.99 4.24
N LEU JA 65 65.89 81.26 4.61
CA LEU JA 65 64.94 82.00 3.79
C LEU JA 65 64.86 83.40 4.34
N MET JA 66 65.17 84.40 3.52
CA MET JA 66 65.42 85.75 3.97
C MET JA 66 64.69 86.77 3.11
N ASP JA 67 64.17 87.82 3.75
CA ASP JA 67 63.48 88.93 3.10
C ASP JA 67 63.31 90.07 4.09
N LEU JA 68 63.05 91.26 3.56
CA LEU JA 68 62.69 92.41 4.39
C LEU JA 68 61.19 92.69 4.39
N GLU JA 69 60.41 91.90 3.68
CA GLU JA 69 58.99 92.11 3.48
C GLU JA 69 58.24 90.83 3.80
N PRO JA 70 57.12 90.91 4.46
CA PRO JA 70 56.38 89.68 4.78
C PRO JA 70 55.53 89.16 3.64
N GLY JA 71 55.77 89.65 2.43
CA GLY JA 71 54.93 89.27 1.31
C GLY JA 71 55.19 87.88 0.77
N THR JA 72 56.37 87.65 0.23
CA THR JA 72 56.61 86.42 -0.52
C THR JA 72 56.97 85.25 0.37
N MET JA 73 57.25 85.47 1.65
CA MET JA 73 57.54 84.33 2.50
C MET JA 73 56.27 83.66 2.97
N ASP JA 74 55.16 84.40 3.01
CA ASP JA 74 53.87 83.78 3.24
C ASP JA 74 53.46 82.92 2.04
N SER JA 75 53.79 83.37 0.83
CA SER JA 75 53.42 82.62 -0.36
C SER JA 75 54.19 81.31 -0.48
N VAL JA 76 55.51 81.35 -0.28
CA VAL JA 76 56.31 80.15 -0.44
C VAL JA 76 56.02 79.14 0.67
N ARG JA 77 55.55 79.61 1.82
CA ARG JA 77 55.13 78.68 2.87
C ARG JA 77 53.84 77.97 2.49
N ALA JA 78 52.91 78.69 1.87
CA ALA JA 78 51.61 78.13 1.57
C ALA JA 78 51.56 77.32 0.29
N GLY JA 79 52.60 77.39 -0.53
CA GLY JA 79 52.63 76.64 -1.76
C GLY JA 79 52.89 75.18 -1.49
N PRO JA 80 52.85 74.38 -2.55
CA PRO JA 80 53.27 72.98 -2.41
C PRO JA 80 54.75 72.93 -2.14
N PHE JA 81 55.15 71.93 -1.34
CA PHE JA 81 56.49 71.86 -0.77
C PHE JA 81 56.82 73.12 0.01
N GLY JA 82 55.85 73.60 0.77
CA GLY JA 82 56.09 74.76 1.62
C GLY JA 82 56.22 74.37 3.06
N GLN JA 83 55.62 73.24 3.43
CA GLN JA 83 55.72 72.73 4.79
C GLN JA 83 57.02 72.00 5.03
N LEU JA 84 57.86 71.88 4.00
CA LEU JA 84 59.15 71.24 4.14
C LEU JA 84 60.15 72.10 4.89
N PHE JA 85 60.09 73.42 4.72
CA PHE JA 85 61.05 74.30 5.34
C PHE JA 85 60.73 74.49 6.81
N ARG JA 86 61.76 74.56 7.62
CA ARG JA 86 61.56 74.74 9.05
C ARG JA 86 61.12 76.17 9.32
N PRO JA 87 60.08 76.38 10.14
CA PRO JA 87 59.55 77.73 10.31
C PRO JA 87 60.49 78.70 10.98
N ASP JA 88 61.48 78.23 11.73
CA ASP JA 88 62.45 79.14 12.33
C ASP JA 88 63.51 79.58 11.36
N ASN JA 89 63.57 79.00 10.17
CA ASN JA 89 64.55 79.38 9.18
C ASN JA 89 64.15 80.62 8.40
N PHE JA 90 62.88 81.01 8.43
CA PHE JA 90 62.44 82.25 7.83
C PHE JA 90 62.91 83.41 8.69
N VAL JA 91 63.33 84.49 8.06
CA VAL JA 91 63.60 85.75 8.75
C VAL JA 91 62.86 86.90 8.07
N PHE JA 92 61.66 87.19 8.57
CA PHE JA 92 60.88 88.32 8.10
C PHE JA 92 61.57 89.63 8.41
N GLY JA 93 61.34 90.62 7.56
CA GLY JA 93 61.37 92.01 7.96
C GLY JA 93 59.97 92.46 8.32
N GLN JA 94 59.78 93.77 8.36
CA GLN JA 94 58.41 94.26 8.45
C GLN JA 94 58.15 95.39 7.49
N THR JA 95 59.20 96.14 7.13
CA THR JA 95 58.99 97.34 6.32
C THR JA 95 59.21 97.07 4.84
N GLY JA 96 60.40 96.61 4.46
CA GLY JA 96 60.66 96.28 3.08
C GLY JA 96 61.47 97.32 2.35
N ALA JA 97 62.60 96.92 1.78
CA ALA JA 97 63.44 97.84 1.05
C ALA JA 97 62.77 98.20 -0.26
N GLY JA 98 62.69 99.49 -0.53
CA GLY JA 98 61.94 99.93 -1.68
C GLY JA 98 62.79 100.03 -2.92
N ASN JA 99 63.32 98.89 -3.37
CA ASN JA 99 64.25 98.81 -4.50
C ASN JA 99 65.39 99.80 -4.35
N ASN JA 100 65.92 99.87 -3.14
CA ASN JA 100 66.97 100.81 -2.78
C ASN JA 100 68.11 99.99 -2.22
N TRP JA 101 69.19 99.89 -2.98
CA TRP JA 101 70.35 99.14 -2.53
C TRP JA 101 70.98 99.78 -1.31
N ALA JA 102 70.89 101.11 -1.19
CA ALA JA 102 71.55 101.79 -0.10
C ALA JA 102 70.93 101.43 1.24
N LYS JA 103 69.61 101.53 1.35
CA LYS JA 103 69.01 101.22 2.63
C LYS JA 103 68.88 99.73 2.84
N GLY JA 104 68.93 98.94 1.76
CA GLY JA 104 69.02 97.51 1.95
C GLY JA 104 70.34 97.08 2.57
N HIS JA 105 71.44 97.66 2.11
CA HIS JA 105 72.76 97.23 2.52
C HIS JA 105 73.24 97.93 3.77
N TYR JA 106 72.85 99.17 3.99
CA TYR JA 106 73.46 99.99 5.03
C TYR JA 106 72.57 100.21 6.23
N THR JA 107 71.36 100.72 6.06
CA THR JA 107 70.65 101.26 7.21
C THR JA 107 69.36 100.55 7.57
N GLU JA 108 68.70 99.87 6.64
CA GLU JA 108 67.47 99.21 7.02
C GLU JA 108 67.64 97.70 7.13
N GLY JA 109 68.45 97.10 6.26
CA GLY JA 109 68.72 95.69 6.35
C GLY JA 109 69.82 95.31 7.31
N ALA JA 110 70.59 96.26 7.82
CA ALA JA 110 71.63 95.93 8.78
C ALA JA 110 71.08 95.58 10.15
N GLU JA 111 69.83 95.89 10.42
CA GLU JA 111 69.20 95.48 11.66
C GLU JA 111 68.65 94.06 11.60
N LEU JA 112 68.59 93.45 10.41
CA LEU JA 112 68.24 92.05 10.30
C LEU JA 112 69.41 91.13 10.01
N ILE JA 113 70.60 91.68 9.75
CA ILE JA 113 71.72 90.83 9.42
C ILE JA 113 72.24 90.12 10.66
N ASP JA 114 71.91 90.60 11.84
CA ASP JA 114 72.26 89.87 13.06
C ASP JA 114 71.43 88.60 13.18
N SER JA 115 70.16 88.66 12.79
CA SER JA 115 69.30 87.49 12.95
C SER JA 115 69.60 86.43 11.91
N VAL JA 116 69.99 86.83 10.70
CA VAL JA 116 70.34 85.85 9.69
C VAL JA 116 71.67 85.18 10.04
N LEU JA 117 72.62 85.94 10.58
CA LEU JA 117 73.87 85.34 11.01
C LEU JA 117 73.67 84.41 12.20
N ASP JA 118 72.61 84.62 12.96
CA ASP JA 118 72.31 83.71 14.05
C ASP JA 118 71.89 82.35 13.50
N VAL JA 119 71.14 82.35 12.40
CA VAL JA 119 70.58 81.10 11.92
C VAL JA 119 71.51 80.45 10.91
N VAL JA 120 72.45 81.20 10.34
CA VAL JA 120 73.36 80.54 9.41
C VAL JA 120 74.54 79.94 10.16
N ARG JA 121 74.94 80.51 11.29
CA ARG JA 121 75.96 79.87 12.11
C ARG JA 121 75.42 78.63 12.77
N LYS JA 122 74.12 78.63 13.08
CA LYS JA 122 73.50 77.51 13.77
C LYS JA 122 73.52 76.25 12.90
N GLU JA 123 73.26 76.39 11.61
CA GLU JA 123 73.15 75.22 10.75
C GLU JA 123 74.41 74.99 9.92
N ALA JA 124 75.44 75.81 10.08
CA ALA JA 124 76.73 75.45 9.52
C ALA JA 124 77.61 74.77 10.56
N GLU JA 125 77.64 75.29 11.78
CA GLU JA 125 78.40 74.65 12.85
C GLU JA 125 77.73 73.40 13.37
N GLY JA 126 76.43 73.25 13.12
CA GLY JA 126 75.71 72.09 13.63
C GLY JA 126 76.22 70.80 13.03
N CYS JA 127 76.66 70.84 11.79
CA CYS JA 127 77.24 69.68 11.15
C CYS JA 127 78.72 69.61 11.51
N ASP JA 128 79.40 68.58 10.99
CA ASP JA 128 80.82 68.40 11.29
C ASP JA 128 81.67 69.54 10.73
N CYS JA 129 81.80 69.64 9.41
CA CYS JA 129 82.30 70.84 8.77
C CYS JA 129 81.84 70.82 7.32
N LEU JA 130 81.35 71.95 6.85
CA LEU JA 130 80.61 72.06 5.60
C LEU JA 130 81.54 72.31 4.43
N GLN JA 131 80.98 72.14 3.23
CA GLN JA 131 81.76 72.42 2.03
C GLN JA 131 81.68 73.89 1.65
N GLY JA 132 80.48 74.45 1.66
CA GLY JA 132 80.32 75.84 1.31
C GLY JA 132 78.85 76.19 1.19
N PHE JA 133 78.62 77.42 0.77
CA PHE JA 133 77.28 77.98 0.66
C PHE JA 133 76.95 78.20 -0.81
N GLN JA 134 75.67 78.19 -1.13
CA GLN JA 134 75.20 78.76 -2.38
C GLN JA 134 74.13 79.79 -2.06
N ILE JA 135 74.15 80.89 -2.80
CA ILE JA 135 73.33 82.06 -2.50
C ILE JA 135 72.61 82.50 -3.76
N THR JA 136 71.28 82.43 -3.75
CA THR JA 136 70.50 82.83 -4.90
C THR JA 136 69.75 84.12 -4.58
N HIS JA 137 69.88 85.11 -5.45
CA HIS JA 137 69.28 86.41 -5.22
C HIS JA 137 69.19 87.19 -6.53
N SER JA 138 68.68 88.40 -6.44
CA SER JA 138 68.56 89.31 -7.55
C SER JA 138 69.50 90.47 -7.38
N LEU JA 139 69.82 91.11 -8.49
CA LEU JA 139 70.63 92.31 -8.46
C LEU JA 139 69.83 93.56 -8.76
N GLY JA 140 68.69 93.44 -9.42
CA GLY JA 140 67.86 94.60 -9.68
C GLY JA 140 67.05 95.04 -8.47
N GLY JA 141 66.70 94.10 -7.61
CA GLY JA 141 65.92 94.40 -6.44
C GLY JA 141 66.74 95.05 -5.35
N GLY JA 142 66.09 95.34 -4.24
CA GLY JA 142 66.75 96.01 -3.15
C GLY JA 142 67.18 95.07 -2.05
N THR JA 143 66.28 94.21 -1.61
CA THR JA 143 66.55 93.32 -0.49
C THR JA 143 67.28 92.06 -0.91
N GLY JA 144 67.53 91.88 -2.20
CA GLY JA 144 68.39 90.82 -2.64
C GLY JA 144 69.76 91.34 -2.97
N SER JA 145 69.81 92.47 -3.67
CA SER JA 145 71.10 93.04 -4.05
C SER JA 145 71.77 93.75 -2.90
N GLY JA 146 70.99 94.36 -2.01
CA GLY JA 146 71.59 95.13 -0.95
C GLY JA 146 71.83 94.35 0.32
N MET JA 147 70.79 93.71 0.83
CA MET JA 147 70.91 93.04 2.11
C MET JA 147 71.36 91.60 1.94
N GLY JA 148 71.16 91.04 0.75
CA GLY JA 148 71.73 89.75 0.46
C GLY JA 148 73.23 89.79 0.27
N THR JA 149 73.76 90.96 -0.04
CA THR JA 149 75.20 91.08 -0.25
C THR JA 149 75.91 91.52 1.02
N LEU JA 150 75.18 92.10 1.97
CA LEU JA 150 75.76 92.27 3.31
C LEU JA 150 76.04 90.93 3.95
N LEU JA 151 75.16 89.95 3.69
CA LEU JA 151 75.36 88.62 4.22
C LEU JA 151 76.62 87.99 3.66
N ILE JA 152 76.83 88.15 2.35
CA ILE JA 152 78.05 87.67 1.70
C ILE JA 152 79.28 88.27 2.34
N SER JA 153 79.24 89.57 2.65
CA SER JA 153 80.40 90.22 3.27
C SER JA 153 80.68 89.65 4.65
N LYS JA 154 79.64 89.33 5.40
CA LYS JA 154 79.85 88.84 6.76
C LYS JA 154 80.13 87.35 6.79
N VAL JA 155 79.62 86.59 5.84
CA VAL JA 155 79.87 85.15 5.91
C VAL JA 155 81.26 84.83 5.40
N ARG JA 156 81.80 85.64 4.48
CA ARG JA 156 83.19 85.42 4.06
C ARG JA 156 84.16 85.89 5.12
N GLU JA 157 83.76 86.79 6.00
CA GLU JA 157 84.64 87.17 7.10
C GLU JA 157 84.80 86.04 8.10
N GLU JA 158 83.73 85.30 8.37
CA GLU JA 158 83.74 84.24 9.37
C GLU JA 158 84.25 82.93 8.80
N TYR JA 159 83.89 82.62 7.56
CA TYR JA 159 84.20 81.34 6.94
C TYR JA 159 84.96 81.58 5.65
N PRO JA 160 86.25 81.85 5.72
CA PRO JA 160 86.97 82.28 4.51
C PRO JA 160 87.27 81.18 3.51
N ASP JA 161 87.78 80.04 3.97
CA ASP JA 161 88.31 79.04 3.05
C ASP JA 161 87.22 78.21 2.35
N ARG JA 162 85.99 78.32 2.79
CA ARG JA 162 84.89 77.66 2.10
C ARG JA 162 84.50 78.46 0.87
N ILE JA 163 83.68 77.87 0.02
CA ILE JA 163 83.35 78.47 -1.26
C ILE JA 163 81.91 78.95 -1.26
N MET JA 164 81.67 80.02 -2.01
CA MET JA 164 80.33 80.52 -2.22
C MET JA 164 80.01 80.60 -3.70
N GLU JA 165 78.93 79.95 -4.10
CA GLU JA 165 78.49 79.89 -5.48
C GLU JA 165 77.18 80.65 -5.56
N THR JA 166 77.20 81.83 -6.14
CA THR JA 166 75.98 82.61 -6.23
C THR JA 166 75.35 82.47 -7.60
N PHE JA 167 74.05 82.22 -7.61
CA PHE JA 167 73.22 82.38 -8.78
C PHE JA 167 72.52 83.72 -8.67
N SER JA 168 72.71 84.57 -9.65
CA SER JA 168 72.21 85.92 -9.61
C SER JA 168 71.46 86.22 -10.90
N VAL JA 169 70.30 86.86 -10.79
CA VAL JA 169 69.61 87.35 -11.98
C VAL JA 169 69.98 88.82 -12.18
N PHE JA 170 70.42 89.13 -13.37
CA PHE JA 170 71.01 90.40 -13.73
C PHE JA 170 69.99 91.33 -14.36
N PRO JA 171 70.34 92.58 -14.56
CA PRO JA 171 69.65 93.42 -15.54
C PRO JA 171 69.56 92.78 -16.91
N SER JA 172 68.45 93.05 -17.58
CA SER JA 172 68.26 92.68 -18.97
C SER JA 172 68.44 93.88 -19.88
N PRO JA 173 68.89 93.68 -21.11
CA PRO JA 173 69.12 94.83 -22.01
C PRO JA 173 67.88 95.55 -22.48
N LYS JA 174 66.93 94.83 -23.08
CA LYS JA 174 65.83 95.50 -23.76
C LYS JA 174 64.75 95.91 -22.77
N VAL JA 175 64.08 94.94 -22.18
CA VAL JA 175 63.02 95.19 -21.21
C VAL JA 175 63.68 95.37 -19.87
N SER JA 176 63.43 96.50 -19.22
CA SER JA 176 64.20 96.89 -18.07
C SER JA 176 63.29 97.27 -16.91
N ASP JA 177 62.94 96.28 -16.08
CA ASP JA 177 62.12 96.52 -14.91
C ASP JA 177 62.99 97.13 -13.81
N THR JA 178 62.33 97.75 -12.82
CA THR JA 178 63.00 98.33 -11.66
C THR JA 178 64.03 99.39 -12.07
N VAL JA 179 63.51 100.53 -12.54
CA VAL JA 179 64.22 101.66 -13.15
C VAL JA 179 65.55 102.02 -12.49
N VAL JA 180 65.68 101.85 -11.19
CA VAL JA 180 67.03 101.95 -10.66
C VAL JA 180 67.68 100.58 -10.76
N GLU JA 181 68.01 100.20 -11.99
CA GLU JA 181 68.81 99.06 -12.41
C GLU JA 181 70.30 99.33 -12.32
N PRO JA 182 70.86 100.38 -12.93
CA PRO JA 182 72.31 100.46 -12.96
C PRO JA 182 72.90 100.76 -11.60
N TYR JA 183 72.14 101.38 -10.70
CA TYR JA 183 72.68 101.72 -9.39
C TYR JA 183 72.76 100.48 -8.51
N ASN JA 184 71.73 99.65 -8.50
CA ASN JA 184 71.76 98.43 -7.72
C ASN JA 184 72.76 97.44 -8.29
N ALA JA 185 72.84 97.35 -9.60
CA ALA JA 185 73.67 96.33 -10.22
C ALA JA 185 75.14 96.64 -10.08
N THR JA 186 75.54 97.87 -10.36
CA THR JA 186 76.98 98.14 -10.36
C THR JA 186 77.53 98.30 -8.97
N LEU JA 187 76.69 98.42 -7.96
CA LEU JA 187 77.17 98.44 -6.59
C LEU JA 187 77.19 97.04 -6.00
N SER JA 188 76.27 96.18 -6.42
CA SER JA 188 76.29 94.81 -5.96
C SER JA 188 77.42 94.03 -6.59
N VAL JA 189 77.72 94.31 -7.86
CA VAL JA 189 78.82 93.64 -8.55
C VAL JA 189 80.15 94.02 -7.92
N HIS JA 190 80.28 95.27 -7.49
CA HIS JA 190 81.52 95.71 -6.85
C HIS JA 190 81.76 94.96 -5.54
N GLN JA 191 80.72 94.65 -4.78
CA GLN JA 191 80.88 93.82 -3.60
C GLN JA 191 81.01 92.35 -3.96
N LEU JA 192 80.56 91.96 -5.13
CA LEU JA 192 80.53 90.55 -5.52
C LEU JA 192 81.83 90.11 -6.17
N VAL JA 193 82.67 91.05 -6.62
CA VAL JA 193 83.91 90.65 -7.25
C VAL JA 193 84.92 90.18 -6.21
N GLU JA 194 84.87 90.72 -5.00
CA GLU JA 194 85.88 90.45 -4.00
C GLU JA 194 85.34 89.68 -2.82
N ASN JA 195 84.17 89.07 -2.96
CA ASN JA 195 83.61 88.29 -1.86
C ASN JA 195 82.90 87.02 -2.32
N ALA JA 196 83.09 86.58 -3.55
CA ALA JA 196 82.45 85.35 -4.02
C ALA JA 196 83.43 84.57 -4.87
N ASP JA 197 83.19 83.25 -4.96
CA ASP JA 197 84.09 82.37 -5.68
C ASP JA 197 83.57 81.95 -7.04
N GLU JA 198 82.26 81.75 -7.18
CA GLU JA 198 81.66 81.43 -8.46
C GLU JA 198 80.40 82.26 -8.58
N VAL JA 199 80.29 83.08 -9.62
CA VAL JA 199 79.13 83.92 -9.79
C VAL JA 199 78.53 83.58 -11.14
N GLN JA 200 77.47 82.77 -11.13
CA GLN JA 200 76.73 82.49 -12.34
C GLN JA 200 75.75 83.62 -12.62
N VAL JA 201 75.55 83.88 -13.91
CA VAL JA 201 74.75 85.01 -14.36
C VAL JA 201 73.52 84.47 -15.08
N ILE JA 202 72.34 84.92 -14.67
CA ILE JA 202 71.08 84.56 -15.29
C ILE JA 202 70.42 85.84 -15.74
N ASP JA 203 69.87 85.84 -16.95
CA ASP JA 203 69.15 86.98 -17.48
C ASP JA 203 67.73 86.55 -17.76
N ASN JA 204 66.77 87.35 -17.34
CA ASN JA 204 65.38 86.98 -17.53
C ASN JA 204 65.02 86.99 -19.01
N GLU JA 205 65.60 87.90 -19.78
CA GLU JA 205 65.36 87.92 -21.21
C GLU JA 205 65.99 86.73 -21.89
N ALA JA 206 67.05 86.18 -21.30
CA ALA JA 206 67.65 84.99 -21.87
C ALA JA 206 66.76 83.79 -21.69
N LEU JA 207 66.01 83.73 -20.58
CA LEU JA 207 65.15 82.58 -20.36
C LEU JA 207 63.90 82.65 -21.23
N TYR JA 208 63.45 83.85 -21.55
CA TYR JA 208 62.31 84.01 -22.44
C TYR JA 208 62.62 83.51 -23.83
N ASP JA 209 63.82 83.81 -24.32
CA ASP JA 209 64.23 83.32 -25.62
C ASP JA 209 64.40 81.82 -25.60
N ILE JA 210 64.84 81.25 -24.49
CA ILE JA 210 65.00 79.81 -24.40
C ILE JA 210 63.64 79.13 -24.42
N CYS JA 211 62.68 79.70 -23.70
CA CYS JA 211 61.38 79.05 -23.56
C CYS JA 211 60.55 79.10 -24.83
N PHE JA 212 60.72 80.13 -25.65
CA PHE JA 212 60.10 80.15 -26.97
C PHE JA 212 60.88 79.43 -28.06
N ARG JA 213 62.12 79.84 -28.31
CA ARG JA 213 62.85 79.32 -29.46
C ARG JA 213 63.15 77.83 -29.38
N THR JA 214 63.12 77.25 -28.19
CA THR JA 214 63.37 75.82 -28.05
C THR JA 214 62.17 75.08 -27.49
N LEU JA 215 61.64 75.50 -26.34
CA LEU JA 215 60.60 74.71 -25.69
C LEU JA 215 59.23 74.87 -26.32
N LYS JA 216 59.03 75.94 -27.10
CA LYS JA 216 57.75 76.24 -27.75
C LYS JA 216 56.60 76.30 -26.75
N LEU JA 217 56.85 76.88 -25.60
CA LEU JA 217 55.80 77.15 -24.62
C LEU JA 217 55.22 78.53 -24.89
N THR JA 218 53.92 78.57 -25.16
CA THR JA 218 53.28 79.82 -25.55
C THR JA 218 53.22 80.80 -24.38
N THR JA 219 52.77 80.33 -23.22
CA THR JA 219 52.57 81.18 -22.06
C THR JA 219 53.45 80.66 -20.92
N PRO JA 220 54.66 81.16 -20.80
CA PRO JA 220 55.48 80.81 -19.64
C PRO JA 220 55.28 81.75 -18.47
N THR JA 221 55.03 81.17 -17.32
CA THR JA 221 55.00 81.94 -16.09
C THR JA 221 56.41 82.01 -15.55
N TYR JA 222 56.54 82.64 -14.39
CA TYR JA 222 57.80 82.48 -13.66
C TYR JA 222 57.96 81.08 -13.12
N GLY JA 223 56.89 80.31 -13.00
CA GLY JA 223 57.02 78.92 -12.62
C GLY JA 223 57.80 78.13 -13.65
N ASP JA 224 57.63 78.47 -14.92
CA ASP JA 224 58.38 77.79 -15.97
C ASP JA 224 59.83 78.28 -16.03
N LEU JA 225 60.05 79.58 -15.87
CA LEU JA 225 61.41 80.09 -15.96
C LEU JA 225 62.25 79.66 -14.78
N ASN JA 226 61.66 79.66 -13.59
CA ASN JA 226 62.40 79.24 -12.41
C ASN JA 226 62.82 77.80 -12.51
N HIS JA 227 62.01 76.97 -13.14
CA HIS JA 227 62.25 75.54 -13.12
C HIS JA 227 63.41 75.18 -14.06
N LEU JA 228 63.64 76.00 -15.09
CA LEU JA 228 64.83 75.82 -15.91
C LEU JA 228 66.09 76.19 -15.14
N VAL JA 229 66.07 77.30 -14.43
CA VAL JA 229 67.20 77.67 -13.59
C VAL JA 229 67.36 76.65 -12.48
N SER JA 230 66.24 76.17 -11.96
CA SER JA 230 66.25 75.11 -10.96
C SER JA 230 66.87 73.83 -11.52
N ALA JA 231 66.70 73.58 -12.81
CA ALA JA 231 67.31 72.39 -13.41
C ALA JA 231 68.81 72.57 -13.57
N ALA JA 232 69.26 73.77 -13.90
CA ALA JA 232 70.69 74.00 -14.07
C ALA JA 232 71.39 74.08 -12.72
N MET JA 233 70.70 74.55 -11.69
CA MET JA 233 71.28 74.62 -10.36
C MET JA 233 71.54 73.23 -9.79
N SER JA 234 70.71 72.26 -10.14
CA SER JA 234 70.95 70.90 -9.71
C SER JA 234 72.05 70.23 -10.51
N GLY JA 235 72.25 70.68 -11.76
CA GLY JA 235 73.25 70.06 -12.60
C GLY JA 235 74.68 70.35 -12.15
N VAL JA 236 74.89 71.50 -11.51
CA VAL JA 236 76.23 71.84 -11.03
C VAL JA 236 76.58 71.10 -9.76
N THR JA 237 75.62 70.34 -9.20
CA THR JA 237 75.87 69.63 -7.96
C THR JA 237 75.44 68.15 -7.99
N CYS JA 238 75.51 67.49 -9.14
CA CYS JA 238 75.17 66.07 -9.19
C CYS JA 238 76.22 65.23 -8.48
N CYS JA 239 77.49 65.56 -8.68
CA CYS JA 239 78.59 64.78 -8.13
C CYS JA 239 78.58 64.73 -6.62
N LEU JA 240 78.26 65.86 -5.97
CA LEU JA 240 78.23 65.90 -4.52
C LEU JA 240 77.17 64.96 -3.94
N ARG JA 241 76.22 64.52 -4.75
CA ARG JA 241 75.08 63.73 -4.30
C ARG JA 241 75.04 62.31 -4.83
N PHE JA 242 75.66 62.05 -5.98
CA PHE JA 242 75.59 60.74 -6.61
C PHE JA 242 76.97 60.29 -7.06
N PRO JA 243 77.19 58.99 -7.21
CA PRO JA 243 78.47 58.50 -7.73
C PRO JA 243 78.55 58.73 -9.24
N GLY JA 244 79.71 58.37 -9.80
CA GLY JA 244 79.89 58.51 -11.23
C GLY JA 244 81.26 58.05 -11.64
N GLN JA 245 81.46 57.97 -12.96
CA GLN JA 245 82.74 57.53 -13.49
C GLN JA 245 83.82 58.58 -13.32
N LEU JA 246 83.47 59.86 -13.51
CA LEU JA 246 84.39 60.95 -13.23
C LEU JA 246 83.66 61.96 -12.36
N ASN JA 247 84.08 62.07 -11.11
CA ASN JA 247 83.46 62.89 -10.10
C ASN JA 247 83.99 64.31 -10.16
N SER JA 248 83.17 65.27 -9.71
CA SER JA 248 83.56 66.67 -9.85
C SER JA 248 82.81 67.55 -8.86
N ASP JA 249 83.51 68.00 -7.82
CA ASP JA 249 82.89 68.81 -6.79
C ASP JA 249 82.72 70.25 -7.28
N LEU JA 250 82.12 71.09 -6.43
CA LEU JA 250 82.06 72.51 -6.76
C LEU JA 250 83.42 73.16 -6.67
N ARG JA 251 84.32 72.60 -5.86
CA ARG JA 251 85.66 73.13 -5.80
C ARG JA 251 86.41 72.86 -7.09
N LYS JA 252 86.16 71.72 -7.72
CA LYS JA 252 86.93 71.36 -8.91
C LYS JA 252 86.51 72.19 -10.10
N LEU JA 253 85.24 72.62 -10.14
CA LEU JA 253 84.82 73.57 -11.16
C LEU JA 253 85.48 74.93 -10.95
N ALA JA 254 85.71 75.30 -9.70
CA ALA JA 254 86.29 76.60 -9.39
C ALA JA 254 87.76 76.64 -9.75
N VAL JA 255 88.48 75.55 -9.50
CA VAL JA 255 89.91 75.55 -9.76
C VAL JA 255 90.18 75.55 -11.24
N ASN JA 256 89.26 75.02 -12.02
CA ASN JA 256 89.54 74.78 -13.41
C ASN JA 256 89.13 75.91 -14.34
N LEU JA 257 88.08 76.66 -14.00
CA LEU JA 257 87.60 77.71 -14.89
C LEU JA 257 88.00 79.11 -14.45
N ILE JA 258 88.77 79.26 -13.38
CA ILE JA 258 89.19 80.57 -12.89
C ILE JA 258 90.69 80.69 -13.09
N PRO JA 259 91.15 81.28 -14.16
CA PRO JA 259 92.59 81.42 -14.33
C PRO JA 259 93.15 82.54 -13.49
N PHE JA 260 92.40 83.64 -13.37
CA PHE JA 260 92.83 84.79 -12.62
C PHE JA 260 91.70 85.17 -11.67
N PRO JA 261 92.01 85.62 -10.46
CA PRO JA 261 91.00 85.62 -9.40
C PRO JA 261 89.97 86.72 -9.53
N ARG JA 262 90.27 87.79 -10.25
CA ARG JA 262 89.35 88.91 -10.35
C ARG JA 262 88.14 88.59 -11.22
N LEU JA 263 88.21 87.53 -12.01
CA LEU JA 263 87.17 87.23 -12.99
C LEU JA 263 86.61 85.85 -12.71
N HIS JA 264 85.40 85.81 -12.14
CA HIS JA 264 84.72 84.56 -11.83
C HIS JA 264 83.26 84.67 -12.20
N PHE JA 265 82.98 85.17 -13.39
CA PHE JA 265 81.61 85.34 -13.84
C PHE JA 265 81.35 84.39 -14.99
N PHE JA 266 80.33 83.57 -14.85
CA PHE JA 266 80.13 82.39 -15.67
C PHE JA 266 78.92 82.55 -16.58
N LEU JA 267 78.66 81.50 -17.33
CA LEU JA 267 77.47 81.38 -18.17
C LEU JA 267 76.95 79.97 -18.00
N ILE JA 268 75.63 79.81 -17.94
CA ILE JA 268 75.03 78.50 -17.75
C ILE JA 268 74.24 78.11 -18.99
N GLY JA 269 74.27 76.83 -19.31
CA GLY JA 269 73.37 76.29 -20.30
C GLY JA 269 72.88 74.93 -19.81
N PHE JA 270 71.84 74.43 -20.47
CA PHE JA 270 71.29 73.14 -20.07
C PHE JA 270 70.75 72.44 -21.30
N ALA JA 271 71.27 71.25 -21.57
CA ALA JA 271 70.80 70.41 -22.64
C ALA JA 271 70.51 69.03 -22.07
N PRO JA 272 69.49 68.33 -22.55
CA PRO JA 272 68.65 68.65 -23.69
C PRO JA 272 67.40 69.43 -23.36
N LEU JA 273 66.99 70.23 -24.33
CA LEU JA 273 65.68 70.88 -24.31
C LEU JA 273 65.01 70.58 -25.64
N THR JA 274 63.88 69.91 -25.59
CA THR JA 274 63.12 69.65 -26.79
C THR JA 274 61.67 69.96 -26.49
N SER JA 275 60.97 70.49 -27.48
CA SER JA 275 59.58 70.85 -27.30
C SER JA 275 58.75 69.60 -27.01
N ARG JA 276 57.60 69.81 -26.37
CA ARG JA 276 56.79 68.67 -25.94
C ARG JA 276 56.26 67.87 -27.12
N GLY JA 277 56.16 68.49 -28.29
CA GLY JA 277 55.75 67.78 -29.48
C GLY JA 277 56.90 67.22 -30.27
N SER JA 278 58.07 67.83 -30.15
CA SER JA 278 59.26 67.39 -30.86
C SER JA 278 60.04 66.32 -30.12
N GLN JA 279 59.51 65.81 -29.02
CA GLN JA 279 60.23 64.83 -28.22
C GLN JA 279 60.36 63.50 -28.93
N GLN JA 280 59.35 63.13 -29.71
CA GLN JA 280 59.37 61.84 -30.39
C GLN JA 280 60.45 61.80 -31.45
N TYR JA 281 60.62 62.87 -32.19
CA TYR JA 281 61.40 62.85 -33.42
C TYR JA 281 62.88 63.04 -33.19
N ARG JA 282 63.33 63.23 -31.96
CA ARG JA 282 64.71 63.62 -31.70
C ARG JA 282 65.49 62.48 -31.06
N ALA JA 283 66.62 62.14 -31.67
CA ALA JA 283 67.56 61.21 -31.08
C ALA JA 283 68.28 61.86 -29.91
N LEU JA 284 68.68 61.04 -28.93
CA LEU JA 284 69.25 61.54 -27.69
C LEU JA 284 70.59 60.85 -27.47
N SER JA 285 71.64 61.45 -27.99
CA SER JA 285 72.99 60.94 -27.83
C SER JA 285 73.90 62.06 -27.41
N VAL JA 286 75.14 61.70 -27.10
CA VAL JA 286 76.12 62.69 -26.65
C VAL JA 286 76.44 63.75 -27.71
N PRO JA 287 76.62 63.44 -29.00
CA PRO JA 287 76.83 64.52 -29.96
C PRO JA 287 75.66 65.49 -30.08
N GLU JA 288 74.43 65.04 -29.86
CA GLU JA 288 73.31 65.97 -29.88
C GLU JA 288 73.29 66.86 -28.66
N LEU JA 289 73.87 66.42 -27.55
CA LEU JA 289 73.92 67.29 -26.38
C LEU JA 289 74.93 68.40 -26.56
N THR JA 290 76.11 68.08 -27.10
CA THR JA 290 77.17 69.07 -27.17
C THR JA 290 76.96 70.06 -28.29
N GLN JA 291 76.09 69.75 -29.25
CA GLN JA 291 75.72 70.73 -30.26
C GLN JA 291 74.56 71.60 -29.82
N GLN JA 292 73.90 71.27 -28.71
CA GLN JA 292 72.99 72.21 -28.07
C GLN JA 292 73.63 72.93 -26.91
N MET JA 293 74.64 72.31 -26.31
CA MET JA 293 75.39 72.92 -25.21
C MET JA 293 76.04 74.21 -25.65
N PHE JA 294 76.76 74.17 -26.77
CA PHE JA 294 77.54 75.26 -27.33
C PHE JA 294 76.75 76.09 -28.32
N ASP JA 295 75.54 76.47 -27.97
CA ASP JA 295 74.72 77.26 -28.87
C ASP JA 295 74.28 78.49 -28.10
N ALA JA 296 74.46 79.67 -28.71
CA ALA JA 296 74.14 80.91 -28.02
C ALA JA 296 72.66 81.04 -27.73
N LYS JA 297 71.82 80.35 -28.47
CA LYS JA 297 70.39 80.31 -28.19
C LYS JA 297 70.11 79.61 -26.86
N ASN JA 298 70.98 78.68 -26.47
CA ASN JA 298 70.73 77.89 -25.26
C ASN JA 298 71.25 78.54 -24.00
N MET JA 299 72.16 79.49 -24.08
CA MET JA 299 72.76 80.01 -22.86
C MET JA 299 71.79 80.90 -22.11
N MET JA 300 71.86 80.83 -20.79
CA MET JA 300 70.98 81.58 -19.91
C MET JA 300 71.48 82.98 -19.63
N CYS JA 301 72.29 83.53 -20.51
CA CYS JA 301 72.78 84.90 -20.41
C CYS JA 301 72.53 85.62 -21.72
N ALA JA 302 72.16 86.89 -21.63
CA ALA JA 302 71.88 87.68 -22.82
C ALA JA 302 73.17 88.29 -23.37
N SER JA 303 74.09 87.41 -23.72
CA SER JA 303 75.41 87.80 -24.18
C SER JA 303 75.97 86.64 -24.97
N ASP JA 304 76.18 86.84 -26.24
CA ASP JA 304 76.50 85.89 -27.31
C ASP JA 304 77.97 85.50 -27.24
N PRO JA 305 78.27 84.20 -27.09
CA PRO JA 305 79.66 83.76 -27.01
C PRO JA 305 80.50 84.10 -28.22
N ARG JA 306 79.89 84.16 -29.41
CA ARG JA 306 80.65 84.31 -30.65
C ARG JA 306 81.38 85.64 -30.74
N HIS JA 307 80.94 86.65 -30.00
CA HIS JA 307 81.63 87.92 -30.01
C HIS JA 307 82.85 87.93 -29.10
N GLY JA 308 83.06 86.85 -28.34
CA GLY JA 308 84.19 86.76 -27.46
C GLY JA 308 84.84 85.40 -27.53
N ARG JA 309 85.75 85.11 -26.61
CA ARG JA 309 86.50 83.86 -26.61
C ARG JA 309 86.32 83.16 -25.28
N TYR JA 310 86.00 81.87 -25.34
CA TYR JA 310 85.85 81.06 -24.14
C TYR JA 310 87.19 80.92 -23.47
N LEU JA 311 87.37 81.57 -22.32
CA LEU JA 311 88.63 81.51 -21.62
C LEU JA 311 88.88 80.11 -21.08
N THR JA 312 87.90 79.56 -20.38
CA THR JA 312 87.92 78.17 -19.95
C THR JA 312 86.50 77.78 -19.61
N ALA JA 313 86.05 76.64 -20.10
CA ALA JA 313 84.67 76.24 -19.87
C ALA JA 313 84.61 74.82 -19.35
N SER JA 314 83.44 74.42 -18.85
CA SER JA 314 83.24 73.12 -18.22
C SER JA 314 81.99 72.45 -18.76
N ALA JA 315 81.89 71.14 -18.51
CA ALA JA 315 80.76 70.34 -18.93
C ALA JA 315 80.47 69.28 -17.88
N MET JA 316 79.27 69.29 -17.34
CA MET JA 316 78.87 68.37 -16.28
C MET JA 316 77.81 67.43 -16.85
N PHE JA 317 78.24 66.28 -17.35
CA PHE JA 317 77.31 65.33 -17.93
C PHE JA 317 76.62 64.53 -16.84
N ARG JA 318 75.47 63.97 -17.19
CA ARG JA 318 74.72 63.12 -16.29
C ARG JA 318 74.11 61.99 -17.11
N GLY JA 319 74.33 60.77 -16.66
CA GLY JA 319 73.72 59.61 -17.27
C GLY JA 319 74.73 58.52 -17.56
N ARG JA 320 74.21 57.37 -17.95
CA ARG JA 320 75.05 56.26 -18.36
C ARG JA 320 75.49 56.52 -19.79
N MET JA 321 76.78 56.77 -19.97
CA MET JA 321 77.26 57.19 -21.28
C MET JA 321 78.69 56.73 -21.44
N SER JA 322 79.22 56.95 -22.63
CA SER JA 322 80.54 56.45 -23.00
C SER JA 322 81.56 57.54 -22.75
N THR JA 323 82.60 57.20 -21.99
CA THR JA 323 83.64 58.18 -21.69
C THR JA 323 84.47 58.49 -22.91
N LYS JA 324 84.41 57.66 -23.94
CA LYS JA 324 85.08 58.01 -25.17
C LYS JA 324 84.38 59.16 -25.87
N GLU JA 325 83.05 59.08 -26.01
CA GLU JA 325 82.34 60.14 -26.73
C GLU JA 325 82.31 61.44 -25.95
N VAL JA 326 82.35 61.37 -24.63
CA VAL JA 326 82.52 62.60 -23.85
C VAL JA 326 83.90 63.19 -24.14
N ASP JA 327 84.91 62.35 -24.17
CA ASP JA 327 86.25 62.83 -24.50
C ASP JA 327 86.44 63.06 -25.99
N GLU JA 328 85.66 62.40 -26.85
CA GLU JA 328 85.82 62.62 -28.28
C GLU JA 328 85.17 63.91 -28.72
N GLN JA 329 83.89 64.10 -28.40
CA GLN JA 329 83.17 65.29 -28.83
C GLN JA 329 83.74 66.54 -28.21
N MET JA 330 84.40 66.43 -27.05
CA MET JA 330 84.74 67.66 -26.38
C MET JA 330 86.04 68.21 -26.95
N LEU JA 331 86.91 67.32 -27.42
CA LEU JA 331 88.02 67.72 -28.28
C LEU JA 331 87.53 68.14 -29.65
N ASN JA 332 86.49 67.48 -30.14
CA ASN JA 332 85.98 67.75 -31.47
C ASN JA 332 85.43 69.16 -31.59
N VAL JA 333 84.80 69.67 -30.53
CA VAL JA 333 84.20 70.99 -30.60
C VAL JA 333 85.27 72.06 -30.53
N GLN JA 334 86.43 71.74 -29.96
CA GLN JA 334 87.49 72.72 -29.88
C GLN JA 334 88.19 72.88 -31.22
N ASN JA 335 88.30 71.79 -31.98
CA ASN JA 335 89.12 71.84 -33.18
C ASN JA 335 88.36 72.30 -34.41
N LYS JA 336 87.03 72.14 -34.44
CA LYS JA 336 86.25 72.70 -35.53
C LYS JA 336 85.97 74.18 -35.28
N ASN JA 337 85.32 74.51 -34.18
CA ASN JA 337 85.07 75.90 -33.79
C ASN JA 337 86.34 76.45 -33.14
N SER JA 338 87.38 76.60 -33.97
CA SER JA 338 88.72 76.79 -33.44
C SER JA 338 88.95 78.18 -32.89
N SER JA 339 88.32 79.20 -33.48
CA SER JA 339 88.64 80.57 -33.12
C SER JA 339 87.83 81.08 -31.94
N TYR JA 340 86.92 80.30 -31.39
CA TYR JA 340 86.11 80.73 -30.26
C TYR JA 340 86.77 80.46 -28.93
N PHE JA 341 87.93 79.82 -28.92
CA PHE JA 341 88.62 79.44 -27.70
C PHE JA 341 89.96 80.14 -27.62
N VAL JA 342 90.41 80.40 -26.40
CA VAL JA 342 91.64 81.15 -26.19
C VAL JA 342 92.81 80.26 -26.54
N GLU JA 343 93.94 80.88 -26.88
CA GLU JA 343 95.05 80.12 -27.44
C GLU JA 343 96.02 79.62 -26.39
N TRP JA 344 96.28 80.39 -25.35
CA TRP JA 344 97.33 80.06 -24.40
C TRP JA 344 96.88 79.11 -23.29
N ILE JA 345 95.70 78.52 -23.42
CA ILE JA 345 95.28 77.42 -22.57
C ILE JA 345 94.94 76.25 -23.47
N PRO JA 346 95.81 75.26 -23.57
CA PRO JA 346 95.41 73.98 -24.18
C PRO JA 346 94.38 73.27 -23.33
N ASN JA 347 93.50 72.54 -24.01
CA ASN JA 347 92.39 71.79 -23.38
C ASN JA 347 91.52 72.69 -22.51
N ASN JA 348 90.81 73.59 -23.17
CA ASN JA 348 90.00 74.56 -22.45
C ASN JA 348 88.79 73.96 -21.75
N MET JA 349 88.52 72.67 -21.91
CA MET JA 349 87.27 72.09 -21.44
C MET JA 349 87.49 71.07 -20.33
N LYS JA 350 86.68 71.14 -19.29
CA LYS JA 350 86.61 70.13 -18.24
C LYS JA 350 85.38 69.27 -18.45
N SER JA 351 85.52 67.97 -18.27
CA SER JA 351 84.41 67.05 -18.43
C SER JA 351 84.21 66.23 -17.17
N SER JA 352 82.96 65.92 -16.86
CA SER JA 352 82.60 65.10 -15.73
C SER JA 352 81.42 64.21 -16.09
N VAL JA 353 81.29 63.08 -15.39
CA VAL JA 353 80.18 62.15 -15.60
C VAL JA 353 79.60 61.75 -14.24
N CYS JA 354 78.30 62.01 -14.05
CA CYS JA 354 77.56 61.65 -12.85
C CYS JA 354 76.43 60.72 -13.24
N ASP JA 355 76.52 59.45 -12.86
CA ASP JA 355 75.85 58.38 -13.58
C ASP JA 355 74.35 58.26 -13.32
N ILE JA 356 73.75 59.10 -12.49
CA ILE JA 356 72.33 59.01 -12.21
C ILE JA 356 71.63 60.17 -12.91
N PRO JA 357 70.88 59.92 -13.97
CA PRO JA 357 70.31 61.01 -14.75
C PRO JA 357 69.13 61.65 -14.05
N PRO JA 358 68.78 62.89 -14.39
CA PRO JA 358 67.58 63.49 -13.83
C PRO JA 358 66.34 62.79 -14.35
N LYS JA 359 65.28 62.85 -13.56
CA LYS JA 359 64.16 61.93 -13.72
C LYS JA 359 63.38 62.22 -14.99
N GLY JA 360 63.17 61.17 -15.78
CA GLY JA 360 62.50 61.27 -17.05
C GLY JA 360 63.42 61.34 -18.25
N LEU JA 361 64.72 61.50 -18.05
CA LEU JA 361 65.66 61.59 -19.15
C LEU JA 361 66.74 60.52 -19.00
N LYS JA 362 67.20 60.02 -20.14
CA LYS JA 362 68.28 59.05 -20.12
C LYS JA 362 69.63 59.74 -19.88
N MET JA 363 69.84 60.92 -20.45
CA MET JA 363 71.08 61.65 -20.19
C MET JA 363 70.85 63.15 -20.36
N SER JA 364 71.72 63.93 -19.73
CA SER JA 364 71.63 65.38 -19.75
C SER JA 364 73.01 65.97 -19.49
N VAL JA 365 73.13 67.29 -19.63
CA VAL JA 365 74.40 67.95 -19.39
C VAL JA 365 74.14 69.39 -18.98
N THR JA 366 75.09 69.97 -18.23
CA THR JA 366 75.04 71.36 -17.79
C THR JA 366 76.35 72.06 -18.09
N PHE JA 367 76.28 73.21 -18.74
CA PHE JA 367 77.43 74.02 -19.12
C PHE JA 367 77.67 75.10 -18.10
N VAL JA 368 78.93 75.27 -17.72
CA VAL JA 368 79.39 76.43 -16.96
C VAL JA 368 80.67 76.88 -17.61
N GLY JA 369 80.67 78.07 -18.18
CA GLY JA 369 81.81 78.49 -18.97
C GLY JA 369 82.20 79.93 -18.81
N ASN JA 370 83.47 80.16 -18.47
CA ASN JA 370 83.98 81.51 -18.36
C ASN JA 370 84.05 82.10 -19.76
N SER JA 371 83.76 83.39 -19.87
CA SER JA 371 83.79 83.97 -21.19
C SER JA 371 84.36 85.37 -21.13
N THR JA 372 84.94 85.78 -22.24
CA THR JA 372 85.22 87.16 -22.50
C THR JA 372 83.97 87.88 -22.99
N ALA JA 373 82.96 87.14 -23.42
CA ALA JA 373 81.73 87.73 -23.93
C ALA JA 373 80.73 88.07 -22.83
N ILE JA 374 81.14 88.06 -21.56
CA ILE JA 374 80.28 88.62 -20.51
C ILE JA 374 80.70 90.06 -20.24
N GLN JA 375 81.76 90.52 -20.89
CA GLN JA 375 82.14 91.92 -20.88
C GLN JA 375 81.03 92.82 -21.41
N GLU JA 376 80.25 92.34 -22.36
CA GLU JA 376 79.21 93.19 -22.94
C GLU JA 376 78.04 93.40 -21.98
N MET JA 377 77.84 92.51 -21.01
CA MET JA 377 76.89 92.85 -19.95
C MET JA 377 77.42 93.93 -19.04
N PHE JA 378 78.71 93.88 -18.71
CA PHE JA 378 79.23 94.83 -17.75
C PHE JA 378 79.42 96.21 -18.36
N LYS JA 379 79.75 96.26 -19.64
CA LYS JA 379 79.86 97.55 -20.32
C LYS JA 379 78.48 98.18 -20.51
N ARG JA 380 77.47 97.36 -20.77
CA ARG JA 380 76.11 97.88 -20.92
C ARG JA 380 75.56 98.41 -19.61
N VAL JA 381 75.93 97.78 -18.49
CA VAL JA 381 75.47 98.31 -17.22
C VAL JA 381 76.27 99.55 -16.85
N SER JA 382 77.53 99.62 -17.26
CA SER JA 382 78.35 100.76 -16.91
C SER JA 382 77.94 102.01 -17.67
N ASP JA 383 77.64 101.90 -18.96
CA ASP JA 383 77.28 103.11 -19.70
C ASP JA 383 75.89 103.60 -19.33
N GLN JA 384 75.03 102.72 -18.83
CA GLN JA 384 73.78 103.17 -18.25
C GLN JA 384 74.00 103.84 -16.90
N PHE JA 385 74.94 103.32 -16.12
CA PHE JA 385 75.20 103.87 -14.79
C PHE JA 385 75.88 105.22 -14.87
N THR JA 386 76.80 105.39 -15.82
CA THR JA 386 77.44 106.69 -15.98
C THR JA 386 76.55 107.65 -16.75
N ALA JA 387 75.50 107.16 -17.39
CA ALA JA 387 74.49 108.07 -17.90
C ALA JA 387 73.70 108.66 -16.74
N MET JA 388 73.36 107.83 -15.77
CA MET JA 388 72.51 108.26 -14.68
C MET JA 388 73.30 108.88 -13.54
N PHE JA 389 74.62 108.93 -13.64
CA PHE JA 389 75.43 109.51 -12.58
C PHE JA 389 76.05 110.85 -12.97
N ARG JA 390 76.21 111.14 -14.26
CA ARG JA 390 76.65 112.47 -14.64
C ARG JA 390 75.58 113.51 -14.33
N ARG JA 391 74.32 113.19 -14.59
CA ARG JA 391 73.24 114.11 -14.31
C ARG JA 391 72.77 114.05 -12.86
N LYS JA 392 73.40 113.22 -12.04
CA LYS JA 392 73.15 113.09 -10.60
C LYS JA 392 71.72 112.68 -10.30
N ALA JA 393 71.06 112.07 -11.26
CA ALA JA 393 69.68 111.64 -11.08
C ALA JA 393 69.59 110.47 -10.12
N PHE JA 394 68.49 110.44 -9.36
CA PHE JA 394 68.14 109.37 -8.44
C PHE JA 394 69.18 109.16 -7.35
N LEU JA 395 70.08 110.11 -7.15
CA LEU JA 395 71.16 109.92 -6.20
C LEU JA 395 70.74 110.23 -4.77
N HIS JA 396 69.71 111.05 -4.59
CA HIS JA 396 69.36 111.47 -3.25
C HIS JA 396 68.69 110.36 -2.46
N TRP JA 397 68.13 109.36 -3.16
CA TRP JA 397 67.57 108.22 -2.46
C TRP JA 397 68.66 107.32 -1.91
N TYR JA 398 69.87 107.43 -2.44
CA TYR JA 398 70.99 106.63 -1.97
C TYR JA 398 71.88 107.38 -1.01
N THR JA 399 72.13 108.67 -1.25
CA THR JA 399 72.99 109.42 -0.35
C THR JA 399 72.29 109.93 0.89
N GLY JA 400 70.96 109.88 0.92
CA GLY JA 400 70.23 110.26 2.09
C GLY JA 400 69.99 109.14 3.05
N GLU JA 401 70.51 107.96 2.75
CA GLU JA 401 70.34 106.80 3.59
C GLU JA 401 71.62 106.36 4.27
N GLY JA 402 72.77 106.88 3.88
CA GLY JA 402 74.00 106.55 4.55
C GLY JA 402 75.18 106.39 3.63
N MET JA 403 74.96 106.51 2.33
CA MET JA 403 76.02 106.31 1.35
C MET JA 403 76.72 107.63 1.08
N ASP JA 404 77.75 107.55 0.24
CA ASP JA 404 78.54 108.71 -0.14
C ASP JA 404 78.76 108.66 -1.64
N GLU JA 405 79.02 109.82 -2.23
CA GLU JA 405 79.23 109.88 -3.67
C GLU JA 405 80.54 109.23 -4.11
N MET JA 406 81.51 109.08 -3.20
CA MET JA 406 82.76 108.43 -3.58
C MET JA 406 82.62 106.93 -3.72
N GLU JA 407 81.68 106.33 -2.99
CA GLU JA 407 81.40 104.91 -3.19
C GLU JA 407 80.81 104.65 -4.56
N PHE JA 408 80.20 105.66 -5.16
CA PHE JA 408 79.75 105.52 -6.53
C PHE JA 408 80.91 105.60 -7.51
N THR JA 409 81.84 106.52 -7.28
CA THR JA 409 83.02 106.62 -8.13
C THR JA 409 83.92 105.40 -7.96
N GLU JA 410 83.92 104.81 -6.76
CA GLU JA 410 84.66 103.58 -6.56
C GLU JA 410 84.03 102.41 -7.32
N ALA JA 411 82.71 102.33 -7.32
CA ALA JA 411 82.04 101.26 -8.05
C ALA JA 411 82.09 101.51 -9.55
N GLU JA 412 82.27 102.77 -9.96
CA GLU JA 412 82.61 103.04 -11.35
C GLU JA 412 83.87 102.31 -11.76
N SER JA 413 84.94 102.52 -11.00
CA SER JA 413 86.26 102.10 -11.45
C SER JA 413 86.44 100.60 -11.30
N ASN JA 414 85.91 100.01 -10.23
CA ASN JA 414 86.13 98.60 -9.98
C ASN JA 414 85.17 97.75 -10.83
N MET JA 415 84.23 98.39 -11.51
CA MET JA 415 83.53 97.74 -12.60
C MET JA 415 84.18 98.02 -13.94
N ASN JA 416 84.66 99.25 -14.14
CA ASN JA 416 85.26 99.59 -15.42
C ASN JA 416 86.63 98.95 -15.58
N ASP JA 417 87.36 98.72 -14.48
CA ASP JA 417 88.62 97.98 -14.58
C ASP JA 417 88.38 96.50 -14.85
N LEU JA 418 87.28 95.96 -14.36
CA LEU JA 418 86.98 94.56 -14.63
C LEU JA 418 86.58 94.35 -16.09
N VAL JA 419 86.02 95.39 -16.72
CA VAL JA 419 85.77 95.32 -18.16
C VAL JA 419 87.09 95.31 -18.92
N SER JA 420 88.04 96.14 -18.52
CA SER JA 420 89.33 96.19 -19.19
C SER JA 420 90.12 94.91 -18.99
N GLU JA 421 89.89 94.20 -17.89
CA GLU JA 421 90.62 92.97 -17.65
C GLU JA 421 90.14 91.86 -18.57
N TYR JA 422 88.84 91.74 -18.75
CA TYR JA 422 88.31 90.85 -19.78
C TYR JA 422 88.72 91.29 -21.17
N GLN JA 423 88.90 92.60 -21.36
CA GLN JA 423 89.18 93.17 -22.68
C GLN JA 423 90.53 92.73 -23.23
N GLN JA 424 91.47 92.34 -22.40
CA GLN JA 424 92.79 92.04 -22.93
C GLN JA 424 92.94 90.60 -23.39
N TYR JA 425 91.93 89.75 -23.25
CA TYR JA 425 92.08 88.35 -23.60
C TYR JA 425 91.28 87.93 -24.82
N GLN JA 426 90.74 88.86 -25.59
CA GLN JA 426 90.14 88.41 -26.85
C GLN JA 426 90.94 88.92 -28.03
N MET KA 1 51.24 95.21 12.14
CA MET KA 1 51.07 94.81 10.75
C MET KA 1 51.48 95.93 9.81
N ARG KA 2 51.40 95.68 8.51
CA ARG KA 2 51.60 96.71 7.51
C ARG KA 2 50.26 97.27 7.08
N GLU KA 3 50.20 98.59 6.98
CA GLU KA 3 48.94 99.31 6.84
C GLU KA 3 49.23 100.64 6.20
N VAL KA 4 48.19 101.30 5.72
CA VAL KA 4 48.35 102.63 5.16
C VAL KA 4 47.07 103.41 5.38
N ILE KA 5 47.22 104.60 5.94
CA ILE KA 5 46.11 105.37 6.47
C ILE KA 5 45.69 106.40 5.44
N SER KA 6 44.39 106.46 5.18
CA SER KA 6 43.86 107.37 4.17
C SER KA 6 43.39 108.63 4.84
N ILE KA 7 43.77 109.78 4.30
CA ILE KA 7 43.38 111.08 4.85
C ILE KA 7 42.67 111.86 3.75
N HIS KA 8 41.41 112.17 3.97
CA HIS KA 8 40.59 112.85 2.97
C HIS KA 8 40.15 114.20 3.52
N VAL KA 9 40.56 115.28 2.86
CA VAL KA 9 40.10 116.61 3.23
C VAL KA 9 39.33 117.19 2.06
N GLY KA 10 38.50 118.18 2.35
CA GLY KA 10 37.72 118.82 1.32
C GLY KA 10 36.50 118.01 0.92
N GLN KA 11 35.59 118.68 0.22
CA GLN KA 11 34.42 117.99 -0.31
C GLN KA 11 34.83 117.00 -1.38
N ALA KA 12 35.79 117.36 -2.22
CA ALA KA 12 36.22 116.48 -3.28
C ALA KA 12 36.92 115.26 -2.72
N GLY KA 13 37.67 115.43 -1.63
CA GLY KA 13 38.30 114.29 -1.01
C GLY KA 13 37.30 113.32 -0.41
N ILE KA 14 36.23 113.86 0.17
CA ILE KA 14 35.22 113.01 0.79
C ILE KA 14 34.45 112.24 -0.27
N GLN KA 15 34.07 112.90 -1.36
CA GLN KA 15 33.32 112.23 -2.40
C GLN KA 15 34.20 111.28 -3.19
N ILE KA 16 35.50 111.55 -3.27
CA ILE KA 16 36.41 110.54 -3.79
C ILE KA 16 36.43 109.34 -2.86
N GLY KA 17 36.51 109.60 -1.55
CA GLY KA 17 36.60 108.52 -0.60
C GLY KA 17 35.32 107.73 -0.46
N ASN KA 18 34.17 108.32 -0.80
CA ASN KA 18 32.93 107.58 -0.78
C ASN KA 18 32.94 106.50 -1.85
N ALA KA 19 33.44 106.83 -3.04
CA ALA KA 19 33.57 105.83 -4.08
C ALA KA 19 34.77 104.93 -3.85
N CYS KA 20 35.84 105.48 -3.27
CA CYS KA 20 37.04 104.69 -3.04
C CYS KA 20 36.79 103.61 -2.00
N TRP KA 21 36.10 103.95 -0.93
CA TRP KA 21 35.81 102.96 0.08
C TRP KA 21 34.63 102.09 -0.29
N GLU KA 22 33.84 102.48 -1.28
CA GLU KA 22 32.85 101.54 -1.83
C GLU KA 22 33.52 100.37 -2.51
N LEU KA 23 34.56 100.65 -3.31
CA LEU KA 23 35.27 99.58 -3.98
C LEU KA 23 36.04 98.74 -2.99
N PHE KA 24 36.59 99.36 -1.96
CA PHE KA 24 37.37 98.63 -0.97
C PHE KA 24 36.50 97.67 -0.19
N CYS KA 25 35.31 98.09 0.22
CA CYS KA 25 34.42 97.19 0.94
C CYS KA 25 33.86 96.10 0.05
N LEU KA 26 33.60 96.42 -1.22
CA LEU KA 26 33.08 95.41 -2.13
C LEU KA 26 34.14 94.39 -2.50
N GLU KA 27 35.40 94.82 -2.58
CA GLU KA 27 36.46 93.94 -3.06
C GLU KA 27 36.83 92.89 -2.03
N HIS KA 28 36.87 93.28 -0.77
CA HIS KA 28 37.23 92.36 0.30
C HIS KA 28 36.01 91.63 0.84
N GLY KA 29 34.83 91.92 0.33
CA GLY KA 29 33.65 91.18 0.67
C GLY KA 29 32.86 91.72 1.83
N ILE KA 30 33.29 92.78 2.48
CA ILE KA 30 32.62 93.22 3.69
C ILE KA 30 31.37 94.01 3.33
N GLN KA 31 30.36 93.86 4.15
CA GLN KA 31 29.03 94.40 3.93
C GLN KA 31 28.99 95.86 4.34
N PRO KA 32 27.90 96.57 4.04
CA PRO KA 32 27.77 97.93 4.57
C PRO KA 32 27.72 98.02 6.07
N ASP KA 33 27.35 96.96 6.78
CA ASP KA 33 27.44 97.00 8.23
C ASP KA 33 28.89 96.95 8.67
N GLY KA 34 29.66 96.05 8.10
CA GLY KA 34 31.08 96.02 8.36
C GLY KA 34 31.64 94.62 8.59
N GLN KA 35 30.81 93.60 8.47
CA GLN KA 35 31.24 92.24 8.76
C GLN KA 35 31.11 91.38 7.52
N MET KA 36 32.16 90.68 7.19
CA MET KA 36 32.15 89.80 6.04
C MET KA 36 31.41 88.52 6.39
N PRO KA 37 30.76 87.89 5.42
CA PRO KA 37 30.07 86.64 5.72
C PRO KA 37 31.01 85.47 5.91
N ASP KA 47 43.63 87.32 5.14
CA ASP KA 47 44.14 88.10 6.25
C ASP KA 47 45.04 89.23 5.74
N ALA KA 48 45.05 89.40 4.43
CA ALA KA 48 45.82 90.47 3.79
C ALA KA 48 45.00 91.72 3.58
N PHE KA 49 43.74 91.73 4.02
CA PHE KA 49 42.92 92.92 3.97
C PHE KA 49 43.24 93.91 5.07
N ASN KA 50 44.16 93.58 5.98
CA ASN KA 50 44.43 94.44 7.12
C ASN KA 50 45.12 95.74 6.74
N THR KA 51 45.60 95.89 5.52
CA THR KA 51 46.26 97.12 5.15
C THR KA 51 45.30 98.28 4.97
N PHE KA 52 44.00 98.02 4.89
CA PHE KA 52 42.99 99.06 4.83
C PHE KA 52 41.96 99.00 5.93
N PHE KA 53 41.69 97.82 6.49
CA PHE KA 53 40.59 97.65 7.45
C PHE KA 53 41.15 97.22 8.79
N SER KA 54 40.64 97.82 9.86
CA SER KA 54 41.12 97.55 11.20
C SER KA 54 40.21 96.54 11.88
N GLU KA 55 40.81 95.50 12.42
CA GLU KA 55 40.05 94.46 13.09
C GLU KA 55 39.51 94.96 14.41
N THR KA 56 38.26 94.61 14.72
CA THR KA 56 37.65 95.01 15.98
C THR KA 56 36.47 94.10 16.25
N GLY KA 57 36.57 93.30 17.30
CA GLY KA 57 35.42 92.46 17.58
C GLY KA 57 35.35 91.26 16.65
N ALA KA 58 34.18 90.64 16.67
CA ALA KA 58 33.98 89.34 16.04
C ALA KA 58 33.60 89.55 14.59
N GLY KA 59 34.56 89.36 13.70
CA GLY KA 59 34.29 89.41 12.28
C GLY KA 59 34.09 90.80 11.73
N LYS KA 60 34.45 91.84 12.47
CA LYS KA 60 34.08 93.18 12.11
C LYS KA 60 35.28 94.08 11.83
N HIS KA 61 35.15 94.93 10.84
CA HIS KA 61 36.26 95.76 10.38
C HIS KA 61 35.82 97.20 10.25
N VAL KA 62 36.73 98.11 10.55
CA VAL KA 62 36.51 99.53 10.38
C VAL KA 62 37.69 100.14 9.64
N PRO KA 63 37.45 101.06 8.72
CA PRO KA 63 38.52 101.52 7.83
C PRO KA 63 39.52 102.42 8.52
N ARG KA 64 40.69 102.49 7.91
CA ARG KA 64 41.77 103.33 8.42
C ARG KA 64 41.77 104.68 7.75
N CYS KA 65 40.66 105.40 7.86
CA CYS KA 65 40.49 106.63 7.11
C CYS KA 65 39.96 107.74 8.01
N VAL KA 66 40.31 108.97 7.68
CA VAL KA 66 39.74 110.14 8.31
C VAL KA 66 39.09 111.00 7.24
N PHE KA 67 37.93 111.55 7.56
CA PHE KA 67 37.24 112.50 6.71
C PHE KA 67 37.30 113.85 7.39
N LEU KA 68 37.75 114.86 6.67
CA LEU KA 68 37.87 116.20 7.21
C LEU KA 68 37.13 117.18 6.31
N ASP KA 69 36.18 117.91 6.88
CA ASP KA 69 35.65 119.08 6.19
C ASP KA 69 35.28 120.11 7.23
N LEU KA 70 35.51 121.36 6.88
CA LEU KA 70 35.14 122.48 7.75
C LEU KA 70 33.67 122.79 7.69
N GLU KA 71 32.93 122.25 6.77
CA GLU KA 71 31.50 122.38 6.79
C GLU KA 71 30.86 121.03 7.03
N PRO KA 72 29.69 120.97 7.67
CA PRO KA 72 29.11 119.66 7.99
C PRO KA 72 28.21 119.08 6.93
N THR KA 73 27.94 119.81 5.85
CA THR KA 73 26.87 119.41 4.95
C THR KA 73 27.25 118.28 4.00
N VAL KA 74 28.52 117.86 3.96
CA VAL KA 74 28.89 116.71 3.17
C VAL KA 74 29.27 115.51 4.04
N VAL KA 75 29.69 115.74 5.27
CA VAL KA 75 29.94 114.63 6.17
C VAL KA 75 28.64 114.12 6.77
N ASP KA 76 27.69 115.01 7.04
CA ASP KA 76 26.45 114.59 7.67
C ASP KA 76 25.58 113.76 6.74
N GLU KA 77 25.76 113.91 5.44
CA GLU KA 77 25.11 113.03 4.49
C GLU KA 77 25.83 111.71 4.32
N VAL KA 78 27.01 111.53 4.93
CA VAL KA 78 27.58 110.19 5.09
C VAL KA 78 27.03 109.54 6.35
N ARG KA 79 26.86 110.32 7.41
CA ARG KA 79 26.38 109.79 8.68
C ARG KA 79 24.94 109.32 8.60
N THR KA 80 24.15 109.89 7.71
CA THR KA 80 22.75 109.49 7.54
C THR KA 80 22.54 108.62 6.32
N GLY KA 81 23.59 108.10 5.73
CA GLY KA 81 23.50 107.30 4.53
C GLY KA 81 23.45 105.81 4.81
N THR KA 82 23.67 105.04 3.75
CA THR KA 82 23.66 103.59 3.88
C THR KA 82 24.91 103.08 4.59
N TYR KA 83 26.05 103.68 4.29
CA TYR KA 83 27.30 103.28 4.92
C TYR KA 83 27.49 104.06 6.22
N ARG KA 84 26.49 104.02 7.09
CA ARG KA 84 26.54 104.79 8.32
C ARG KA 84 27.34 104.06 9.39
N HIS KA 85 27.13 102.76 9.53
CA HIS KA 85 27.72 101.99 10.61
C HIS KA 85 29.03 101.33 10.24
N LEU KA 86 29.56 101.63 9.06
CA LEU KA 86 30.84 101.07 8.68
C LEU KA 86 31.99 101.97 9.03
N PHE KA 87 31.76 103.27 9.16
CA PHE KA 87 32.77 104.20 9.62
C PHE KA 87 32.56 104.48 11.10
N HIS KA 88 33.65 104.57 11.83
CA HIS KA 88 33.56 104.87 13.24
C HIS KA 88 33.16 106.33 13.43
N PRO KA 89 32.36 106.63 14.46
CA PRO KA 89 31.78 107.98 14.58
C PRO KA 89 32.78 109.09 14.85
N GLU KA 90 34.05 108.81 15.08
CA GLU KA 90 35.01 109.87 15.26
C GLU KA 90 35.88 110.08 14.04
N GLN KA 91 35.89 109.13 13.11
CA GLN KA 91 36.70 109.30 11.90
C GLN KA 91 36.17 110.44 11.04
N LEU KA 92 34.87 110.67 11.09
CA LEU KA 92 34.22 111.70 10.29
C LEU KA 92 34.14 112.97 11.11
N ILE KA 93 35.00 113.93 10.79
CA ILE KA 93 35.20 115.13 11.58
C ILE KA 93 34.65 116.31 10.79
N SER KA 94 33.71 117.04 11.37
CA SER KA 94 33.04 118.14 10.70
C SER KA 94 32.99 119.35 11.62
N GLY KA 95 33.42 120.49 11.10
CA GLY KA 95 33.33 121.73 11.85
C GLY KA 95 32.02 122.45 11.62
N LYS KA 96 32.05 123.79 11.61
CA LYS KA 96 30.85 124.59 11.46
C LYS KA 96 30.81 125.39 10.17
N GLU KA 97 31.82 126.23 9.92
CA GLU KA 97 31.79 127.19 8.83
C GLU KA 97 32.76 126.77 7.75
N ASP KA 98 32.34 126.91 6.51
CA ASP KA 98 33.21 126.60 5.38
C ASP KA 98 34.31 127.64 5.26
N ALA KA 99 35.44 127.24 4.68
CA ALA KA 99 36.48 128.21 4.41
C ALA KA 99 36.14 129.08 3.21
N ALA KA 100 35.26 128.60 2.33
CA ALA KA 100 34.67 129.34 1.24
C ALA KA 100 35.72 129.89 0.28
N ASN KA 101 36.37 128.96 -0.43
CA ASN KA 101 37.33 129.25 -1.49
C ASN KA 101 38.39 130.25 -1.07
N ASN KA 102 38.99 130.00 0.08
CA ASN KA 102 39.94 130.96 0.62
C ASN KA 102 40.99 130.13 1.35
N PHE KA 103 42.17 130.02 0.76
CA PHE KA 103 43.28 129.30 1.36
C PHE KA 103 43.70 129.93 2.68
N ALA KA 104 43.50 131.25 2.82
CA ALA KA 104 43.91 131.93 4.04
C ALA KA 104 43.07 131.48 5.23
N ARG KA 105 41.76 131.36 5.04
CA ARG KA 105 40.90 130.93 6.13
C ARG KA 105 41.15 129.49 6.50
N GLY KA 106 41.52 128.66 5.53
CA GLY KA 106 41.78 127.27 5.83
C GLY KA 106 43.10 127.05 6.54
N HIS KA 107 44.06 127.92 6.32
CA HIS KA 107 45.41 127.69 6.82
C HIS KA 107 45.76 128.54 8.03
N TYR KA 108 44.98 129.57 8.35
CA TYR KA 108 45.36 130.49 9.41
C TYR KA 108 44.29 130.77 10.44
N THR KA 109 43.01 130.74 10.07
CA THR KA 109 41.96 131.19 10.98
C THR KA 109 41.02 130.07 11.41
N ILE KA 110 40.35 129.41 10.47
CA ILE KA 110 39.27 128.50 10.81
C ILE KA 110 39.79 127.09 11.04
N GLY KA 111 40.79 126.67 10.29
CA GLY KA 111 41.21 125.28 10.32
C GLY KA 111 41.96 124.86 11.55
N LYS KA 112 42.35 125.80 12.42
CA LYS KA 112 43.09 125.42 13.61
C LYS KA 112 42.22 124.68 14.60
N GLU KA 113 40.94 125.03 14.67
CA GLU KA 113 40.03 124.39 15.62
C GLU KA 113 39.75 122.93 15.28
N ILE KA 114 40.03 122.50 14.06
CA ILE KA 114 39.73 121.14 13.64
C ILE KA 114 40.99 120.32 13.38
N VAL KA 115 42.15 120.96 13.27
CA VAL KA 115 43.36 120.20 12.98
C VAL KA 115 43.80 119.41 14.20
N ASP KA 116 43.48 119.89 15.40
CA ASP KA 116 43.95 119.20 16.60
C ASP KA 116 43.13 117.93 16.86
N LEU KA 117 41.85 117.92 16.52
CA LEU KA 117 41.11 116.66 16.63
C LEU KA 117 41.59 115.64 15.60
N SER KA 118 41.95 116.12 14.41
CA SER KA 118 42.31 115.19 13.34
C SER KA 118 43.65 114.53 13.62
N LEU KA 119 44.63 115.30 14.10
CA LEU KA 119 45.92 114.73 14.45
C LEU KA 119 45.80 113.79 15.64
N ASP KA 120 44.82 114.00 16.50
CA ASP KA 120 44.58 113.06 17.58
C ASP KA 120 44.08 111.73 17.03
N ARG KA 121 43.21 111.77 16.02
CA ARG KA 121 42.67 110.54 15.46
C ARG KA 121 43.71 109.82 14.61
N ILE KA 122 44.61 110.56 13.97
CA ILE KA 122 45.66 109.92 13.18
C ILE KA 122 46.61 109.14 14.06
N ARG KA 123 47.06 109.75 15.15
CA ARG KA 123 48.05 109.06 15.98
C ARG KA 123 47.42 107.90 16.74
N LYS KA 124 46.13 107.97 17.03
CA LYS KA 124 45.47 106.86 17.71
C LYS KA 124 45.28 105.68 16.78
N LEU KA 125 45.33 105.92 15.48
CA LEU KA 125 45.02 104.91 14.49
C LEU KA 125 46.25 104.43 13.74
N ALA KA 126 47.37 105.11 13.90
CA ALA KA 126 48.61 104.74 13.25
C ALA KA 126 49.65 104.17 14.21
N ASP KA 127 49.47 104.35 15.52
CA ASP KA 127 50.40 103.79 16.49
C ASP KA 127 50.00 102.42 16.98
N ASN KA 128 48.91 101.86 16.48
CA ASN KA 128 48.56 100.50 16.89
C ASN KA 128 49.45 99.47 16.20
N CYS KA 129 49.78 99.68 14.92
CA CYS KA 129 50.66 98.80 14.17
C CYS KA 129 51.85 99.59 13.67
N THR KA 130 53.01 99.35 14.27
CA THR KA 130 54.23 99.94 13.74
C THR KA 130 54.56 99.33 12.38
N GLY KA 131 55.54 99.92 11.72
CA GLY KA 131 55.73 99.58 10.32
C GLY KA 131 54.59 100.08 9.47
N LEU KA 132 54.05 101.24 9.80
CA LEU KA 132 53.08 101.91 8.95
C LEU KA 132 53.73 102.27 7.62
N GLN KA 133 53.03 101.99 6.53
CA GLN KA 133 53.64 102.20 5.23
C GLN KA 133 53.62 103.66 4.82
N GLY KA 134 52.47 104.31 4.91
CA GLY KA 134 52.42 105.72 4.54
C GLY KA 134 51.03 106.29 4.73
N PHE KA 135 50.80 107.40 4.03
CA PHE KA 135 49.52 108.10 4.06
C PHE KA 135 49.11 108.42 2.64
N LEU KA 136 47.98 107.88 2.20
CA LEU KA 136 47.33 108.36 0.98
C LEU KA 136 46.48 109.56 1.36
N MET KA 137 46.84 110.73 0.85
CA MET KA 137 46.10 111.95 1.09
C MET KA 137 45.42 112.40 -0.18
N PHE KA 138 44.09 112.51 -0.15
CA PHE KA 138 43.31 112.96 -1.29
C PHE KA 138 42.74 114.32 -0.96
N ASN KA 139 42.90 115.27 -1.88
CA ASN KA 139 42.49 116.64 -1.60
C ASN KA 139 42.24 117.37 -2.91
N ALA KA 140 41.56 118.49 -2.79
CA ALA KA 140 41.36 119.40 -3.90
C ALA KA 140 42.10 120.69 -3.61
N VAL KA 141 42.84 121.20 -4.58
CA VAL KA 141 43.63 122.39 -4.35
C VAL KA 141 42.87 123.66 -4.72
N GLY KA 142 41.82 123.57 -5.53
CA GLY KA 142 41.03 124.75 -5.85
C GLY KA 142 40.23 125.26 -4.67
N GLY KA 143 39.65 124.33 -3.90
CA GLY KA 143 38.80 124.74 -2.80
C GLY KA 143 39.60 125.27 -1.63
N GLY KA 144 38.86 125.81 -0.66
CA GLY KA 144 39.52 126.46 0.48
C GLY KA 144 40.03 125.46 1.49
N THR KA 145 39.18 124.57 1.96
CA THR KA 145 39.58 123.66 3.02
C THR KA 145 40.45 122.53 2.50
N GLY KA 146 40.44 122.30 1.19
CA GLY KA 146 41.39 121.36 0.64
C GLY KA 146 42.79 121.94 0.66
N SER KA 147 42.91 123.20 0.26
CA SER KA 147 44.22 123.83 0.20
C SER KA 147 44.74 124.14 1.59
N GLY KA 148 43.94 124.83 2.39
CA GLY KA 148 44.44 125.33 3.67
C GLY KA 148 44.59 124.25 4.70
N LEU KA 149 43.49 123.58 5.04
CA LEU KA 149 43.54 122.52 6.01
C LEU KA 149 44.37 121.36 5.50
N GLY KA 150 44.39 121.16 4.20
CA GLY KA 150 45.20 120.10 3.63
C GLY KA 150 46.68 120.33 3.81
N CYS KA 151 47.13 121.57 3.63
CA CYS KA 151 48.52 121.89 3.85
C CYS KA 151 48.86 121.80 5.33
N LEU KA 152 47.93 122.24 6.19
CA LEU KA 152 48.19 122.35 7.62
C LEU KA 152 48.43 120.99 8.25
N LEU KA 153 47.73 119.97 7.79
CA LEU KA 153 48.01 118.63 8.24
C LEU KA 153 49.40 118.19 7.83
N LEU KA 154 49.85 118.61 6.64
CA LEU KA 154 51.10 118.09 6.12
C LEU KA 154 52.32 118.79 6.72
N GLU KA 155 52.14 119.94 7.36
CA GLU KA 155 53.22 120.40 8.23
C GLU KA 155 53.31 119.50 9.45
N ARG KA 156 52.18 119.25 10.10
CA ARG KA 156 52.20 118.55 11.36
C ARG KA 156 52.35 117.05 11.22
N LEU KA 157 52.02 116.48 10.06
CA LEU KA 157 52.38 115.10 9.81
C LEU KA 157 53.86 114.95 9.51
N SER KA 158 54.46 115.94 8.84
CA SER KA 158 55.88 115.85 8.53
C SER KA 158 56.74 116.07 9.77
N VAL KA 159 56.29 116.89 10.71
CA VAL KA 159 57.11 117.15 11.88
C VAL KA 159 57.02 115.99 12.87
N ASP KA 160 56.01 115.14 12.77
CA ASP KA 160 55.82 114.05 13.71
C ASP KA 160 56.35 112.73 13.17
N TYR KA 161 55.83 112.29 12.03
CA TYR KA 161 56.30 111.09 11.35
C TYR KA 161 57.10 111.57 10.14
N GLY KA 162 58.37 111.88 10.38
CA GLY KA 162 59.17 112.54 9.36
C GLY KA 162 59.49 111.66 8.17
N LYS KA 163 59.77 110.39 8.40
CA LYS KA 163 60.37 109.54 7.39
C LYS KA 163 59.34 108.73 6.60
N LYS KA 164 58.05 108.88 6.88
CA LYS KA 164 57.07 107.99 6.26
C LYS KA 164 56.68 108.51 4.89
N SER KA 165 56.09 107.62 4.11
CA SER KA 165 55.64 107.97 2.77
C SER KA 165 54.38 108.81 2.85
N LYS KA 166 54.17 109.66 1.85
CA LYS KA 166 52.99 110.51 1.75
C LYS KA 166 52.62 110.66 0.29
N LEU KA 167 51.66 109.87 -0.16
CA LEU KA 167 51.16 109.99 -1.52
C LEU KA 167 50.00 110.98 -1.55
N ASN KA 168 49.96 111.80 -2.60
CA ASN KA 168 48.97 112.84 -2.73
C ASN KA 168 48.23 112.69 -4.05
N PHE KA 169 46.92 112.88 -4.03
CA PHE KA 169 46.11 112.85 -5.24
C PHE KA 169 45.33 114.15 -5.31
N CYS KA 170 45.99 115.19 -5.80
CA CYS KA 170 45.38 116.51 -5.88
C CYS KA 170 44.48 116.59 -7.10
N SER KA 171 43.27 117.11 -6.91
CA SER KA 171 42.38 117.42 -8.02
C SER KA 171 42.72 118.83 -8.51
N TRP KA 172 43.70 118.90 -9.40
CA TRP KA 172 44.18 120.17 -9.93
C TRP KA 172 43.10 120.84 -10.77
N PRO KA 173 43.09 122.16 -10.83
CA PRO KA 173 42.13 122.85 -11.71
C PRO KA 173 42.44 122.56 -13.17
N SER KA 174 41.40 122.22 -13.92
CA SER KA 174 41.56 122.01 -15.34
C SER KA 174 41.79 123.36 -16.02
N PRO KA 175 42.44 123.37 -17.20
CA PRO KA 175 42.84 124.67 -17.79
C PRO KA 175 41.71 125.60 -18.15
N GLN KA 176 40.69 125.10 -18.85
CA GLN KA 176 39.58 125.95 -19.26
C GLN KA 176 38.44 125.91 -18.24
N VAL KA 177 37.90 124.73 -18.00
CA VAL KA 177 36.76 124.57 -17.12
C VAL KA 177 37.23 124.64 -15.67
N SER KA 178 36.54 125.41 -14.84
CA SER KA 178 37.02 125.64 -13.49
C SER KA 178 36.04 125.24 -12.39
N THR KA 179 34.80 125.75 -12.41
CA THR KA 179 33.89 125.86 -11.26
C THR KA 179 34.49 126.67 -10.11
N ALA KA 180 35.30 127.66 -10.45
CA ALA KA 180 35.85 128.54 -9.44
C ALA KA 180 36.38 129.78 -10.13
N VAL KA 181 36.43 130.89 -9.39
CA VAL KA 181 36.98 132.12 -9.89
C VAL KA 181 38.32 132.42 -9.25
N VAL KA 182 38.48 132.07 -7.98
CA VAL KA 182 39.65 132.44 -7.23
C VAL KA 182 40.65 131.28 -7.15
N GLU KA 183 40.44 130.23 -7.95
CA GLU KA 183 41.43 129.16 -7.97
C GLU KA 183 42.81 129.56 -8.52
N PRO KA 184 43.00 130.65 -9.29
CA PRO KA 184 44.38 131.07 -9.52
C PRO KA 184 45.14 131.39 -8.26
N TYR KA 185 44.49 131.92 -7.24
CA TYR KA 185 45.18 132.24 -6.00
C TYR KA 185 45.41 130.99 -5.16
N ASN KA 186 44.40 130.13 -5.08
CA ASN KA 186 44.46 129.01 -4.13
C ASN KA 186 45.48 127.97 -4.58
N SER KA 187 45.53 127.66 -5.87
CA SER KA 187 46.37 126.57 -6.31
C SER KA 187 47.83 126.99 -6.35
N VAL KA 188 48.12 128.25 -6.66
CA VAL KA 188 49.50 128.69 -6.63
C VAL KA 188 50.02 128.77 -5.21
N LEU KA 189 49.15 129.06 -4.25
CA LEU KA 189 49.59 129.10 -2.87
C LEU KA 189 49.74 127.71 -2.30
N SER KA 190 48.93 126.78 -2.76
CA SER KA 190 49.02 125.41 -2.27
C SER KA 190 50.24 124.70 -2.85
N THR KA 191 50.52 124.90 -4.14
CA THR KA 191 51.62 124.19 -4.76
C THR KA 191 52.97 124.68 -4.25
N HIS KA 192 53.03 125.83 -3.59
CA HIS KA 192 54.28 126.19 -2.95
C HIS KA 192 54.46 125.41 -1.66
N SER KA 193 53.39 125.20 -0.92
CA SER KA 193 53.48 124.59 0.39
C SER KA 193 53.21 123.09 0.37
N LEU KA 194 52.80 122.51 -0.74
CA LEU KA 194 52.83 121.07 -0.82
C LEU KA 194 54.09 120.54 -1.48
N LEU KA 195 54.97 121.42 -1.95
CA LEU KA 195 56.26 120.97 -2.45
C LEU KA 195 57.09 120.33 -1.34
N GLU KA 196 57.21 121.01 -0.22
CA GLU KA 196 58.07 120.53 0.85
C GLU KA 196 57.38 119.52 1.75
N HIS KA 197 56.14 119.16 1.47
CA HIS KA 197 55.38 118.34 2.40
C HIS KA 197 54.72 117.12 1.77
N THR KA 198 54.92 116.85 0.49
CA THR KA 198 54.44 115.62 -0.09
C THR KA 198 55.58 114.93 -0.81
N ASP KA 199 55.42 113.62 -1.02
CA ASP KA 199 56.47 112.79 -1.58
C ASP KA 199 56.21 112.43 -3.03
N VAL KA 200 55.00 111.98 -3.35
CA VAL KA 200 54.59 111.78 -4.73
C VAL KA 200 53.22 112.42 -4.90
N ALA KA 201 53.13 113.35 -5.84
CA ALA KA 201 51.89 114.04 -6.13
C ALA KA 201 51.36 113.58 -7.47
N VAL KA 202 50.09 113.20 -7.50
CA VAL KA 202 49.46 112.68 -8.70
C VAL KA 202 48.29 113.57 -9.04
N MET KA 203 48.33 114.17 -10.22
CA MET KA 203 47.41 115.24 -10.57
C MET KA 203 46.26 114.71 -11.39
N LEU KA 204 45.05 115.12 -11.04
CA LEU KA 204 43.85 114.74 -11.74
C LEU KA 204 43.07 116.00 -12.09
N ASP KA 205 42.86 116.24 -13.38
CA ASP KA 205 42.00 117.32 -13.84
C ASP KA 205 40.64 116.76 -14.20
N ASN KA 206 39.60 117.53 -13.89
CA ASN KA 206 38.25 117.03 -14.05
C ASN KA 206 37.88 116.88 -15.51
N GLU KA 207 38.37 117.76 -16.38
CA GLU KA 207 38.00 117.57 -17.78
C GLU KA 207 38.82 116.47 -18.41
N ALA KA 208 39.96 116.12 -17.81
CA ALA KA 208 40.71 114.97 -18.28
C ALA KA 208 39.99 113.68 -17.98
N ILE KA 209 39.03 113.67 -17.05
CA ILE KA 209 38.20 112.50 -16.85
C ILE KA 209 36.84 112.69 -17.52
N TYR KA 210 36.45 113.93 -17.79
CA TYR KA 210 35.29 114.18 -18.63
C TYR KA 210 35.49 113.66 -20.04
N ASP KA 211 36.67 113.86 -20.60
CA ASP KA 211 36.90 113.45 -21.98
C ASP KA 211 37.02 111.94 -22.11
N ILE KA 212 37.46 111.25 -21.05
CA ILE KA 212 37.53 109.80 -21.09
C ILE KA 212 36.13 109.20 -21.16
N CYS KA 213 35.23 109.70 -20.32
CA CYS KA 213 33.86 109.17 -20.32
C CYS KA 213 33.15 109.45 -21.62
N ARG KA 214 33.37 110.62 -22.22
CA ARG KA 214 32.68 110.94 -23.45
C ARG KA 214 33.25 110.14 -24.61
N ARG KA 215 34.55 109.93 -24.63
CA ARG KA 215 35.17 109.23 -25.76
C ARG KA 215 35.05 107.73 -25.63
N ASN KA 216 35.39 107.17 -24.47
CA ASN KA 216 35.47 105.73 -24.33
C ASN KA 216 34.15 105.11 -23.87
N LEU KA 217 33.62 105.55 -22.74
CA LEU KA 217 32.40 104.97 -22.18
C LEU KA 217 31.14 105.39 -22.92
N ASP KA 218 31.23 106.43 -23.75
CA ASP KA 218 30.09 107.01 -24.47
C ASP KA 218 29.01 107.43 -23.48
N ILE KA 219 29.39 108.34 -22.59
CA ILE KA 219 28.47 109.02 -21.69
C ILE KA 219 28.57 110.49 -22.02
N GLU KA 220 27.47 111.09 -22.40
CA GLU KA 220 27.49 112.49 -22.73
C GLU KA 220 27.25 113.39 -21.54
N ARG KA 221 26.58 112.89 -20.51
CA ARG KA 221 26.20 113.68 -19.34
C ARG KA 221 26.59 112.97 -18.06
N PRO KA 222 27.86 112.86 -17.74
CA PRO KA 222 28.25 112.26 -16.48
C PRO KA 222 28.08 113.26 -15.35
N THR KA 223 28.30 112.78 -14.14
CA THR KA 223 28.34 113.61 -12.97
C THR KA 223 29.58 113.20 -12.18
N TYR KA 224 29.74 113.77 -10.98
CA TYR KA 224 30.95 113.49 -10.21
C TYR KA 224 31.00 112.05 -9.76
N THR KA 225 29.86 111.43 -9.49
CA THR KA 225 29.88 110.05 -9.04
C THR KA 225 30.19 109.08 -10.18
N ASN KA 226 30.22 109.54 -11.43
CA ASN KA 226 30.82 108.77 -12.51
C ASN KA 226 32.31 109.01 -12.63
N LEU KA 227 32.76 110.20 -12.22
CA LEU KA 227 34.18 110.49 -12.20
C LEU KA 227 34.88 109.85 -11.03
N ASN KA 228 34.19 109.74 -9.90
CA ASN KA 228 34.80 109.22 -8.70
C ASN KA 228 35.04 107.73 -8.79
N ARG KA 229 34.26 107.03 -9.60
CA ARG KA 229 34.47 105.61 -9.78
C ARG KA 229 35.77 105.33 -10.52
N LEU KA 230 36.08 106.14 -11.54
CA LEU KA 230 37.28 105.92 -12.32
C LEU KA 230 38.52 106.24 -11.51
N ILE KA 231 38.43 107.22 -10.62
CA ILE KA 231 39.52 107.47 -9.69
C ILE KA 231 39.66 106.32 -8.72
N ALA KA 232 38.54 105.70 -8.34
CA ALA KA 232 38.57 104.58 -7.42
C ALA KA 232 39.23 103.36 -8.05
N GLN KA 233 39.12 103.21 -9.36
CA GLN KA 233 39.84 102.13 -10.02
C GLN KA 233 41.32 102.42 -10.08
N VAL KA 234 41.69 103.70 -10.17
CA VAL KA 234 43.10 104.06 -10.18
C VAL KA 234 43.72 103.83 -8.83
N ILE KA 235 43.00 104.16 -7.76
CA ILE KA 235 43.55 103.98 -6.42
C ILE KA 235 43.68 102.51 -6.09
N SER KA 236 42.71 101.70 -6.52
CA SER KA 236 42.74 100.29 -6.19
C SER KA 236 43.86 99.57 -6.92
N SER KA 237 44.17 99.99 -8.13
CA SER KA 237 45.22 99.31 -8.88
C SER KA 237 46.60 99.67 -8.36
N LEU KA 238 46.75 100.83 -7.72
CA LEU KA 238 48.03 101.18 -7.13
C LEU KA 238 48.35 100.32 -5.91
N THR KA 239 47.37 100.13 -5.04
CA THR KA 239 47.54 99.39 -3.80
C THR KA 239 47.01 97.98 -3.88
N ALA KA 240 46.95 97.40 -5.08
CA ALA KA 240 46.50 96.03 -5.21
C ALA KA 240 47.57 95.04 -4.81
N SER KA 241 48.83 95.46 -4.73
CA SER KA 241 49.88 94.54 -4.36
C SER KA 241 49.97 94.37 -2.85
N LEU KA 242 49.63 95.40 -2.09
CA LEU KA 242 49.62 95.26 -0.64
C LEU KA 242 48.50 94.35 -0.16
N ARG KA 243 47.49 94.12 -0.99
CA ARG KA 243 46.31 93.37 -0.59
C ARG KA 243 46.24 91.96 -1.16
N PHE KA 244 46.81 91.71 -2.34
CA PHE KA 244 46.69 90.41 -2.97
C PHE KA 244 48.05 89.97 -3.48
N ASP KA 245 48.23 88.66 -3.55
CA ASP KA 245 49.51 88.10 -3.97
C ASP KA 245 49.67 88.22 -5.48
N GLY KA 246 50.88 88.54 -5.93
CA GLY KA 246 51.12 88.77 -7.33
C GLY KA 246 52.45 88.17 -7.78
N ALA KA 247 52.62 88.14 -9.09
CA ALA KA 247 53.83 87.57 -9.67
C ALA KA 247 55.05 88.42 -9.38
N LEU KA 248 54.92 89.74 -9.46
CA LEU KA 248 56.03 90.63 -9.13
C LEU KA 248 55.40 91.81 -8.41
N ASN KA 249 55.35 91.74 -7.09
CA ASN KA 249 54.61 92.71 -6.32
C ASN KA 249 55.37 94.03 -6.21
N VAL KA 250 54.65 95.08 -5.87
CA VAL KA 250 55.19 96.43 -5.87
C VAL KA 250 54.51 97.32 -4.83
N ASP KA 251 55.30 97.85 -3.92
CA ASP KA 251 54.78 98.53 -2.74
C ASP KA 251 54.47 99.98 -3.07
N VAL KA 252 54.27 100.80 -2.04
CA VAL KA 252 54.13 102.23 -2.25
C VAL KA 252 55.34 103.01 -1.76
N THR KA 253 56.29 102.36 -1.10
CA THR KA 253 57.62 102.93 -0.96
C THR KA 253 58.38 102.76 -2.27
N GLU KA 254 57.90 101.83 -3.09
CA GLU KA 254 58.40 101.63 -4.45
C GLU KA 254 58.28 102.87 -5.33
N PHE KA 255 57.15 103.57 -5.23
CA PHE KA 255 56.84 104.61 -6.20
C PHE KA 255 57.81 105.76 -6.11
N GLN KA 256 58.19 106.12 -4.89
CA GLN KA 256 59.03 107.29 -4.73
C GLN KA 256 60.47 107.01 -5.08
N THR KA 257 60.92 105.77 -4.95
CA THR KA 257 62.30 105.45 -5.32
C THR KA 257 62.46 105.25 -6.81
N ASN KA 258 61.36 105.21 -7.55
CA ASN KA 258 61.40 104.88 -8.96
C ASN KA 258 60.88 105.97 -9.87
N LEU KA 259 60.24 107.01 -9.33
CA LEU KA 259 59.62 108.02 -10.16
C LEU KA 259 59.96 109.44 -9.71
N VAL KA 260 60.72 109.61 -8.65
CA VAL KA 260 61.09 110.93 -8.18
C VAL KA 260 62.59 111.06 -8.33
N PRO KA 261 63.06 111.68 -9.37
CA PRO KA 261 64.50 111.74 -9.60
C PRO KA 261 65.21 112.76 -8.73
N TYR KA 262 64.54 113.86 -8.44
CA TYR KA 262 65.08 114.95 -7.62
C TYR KA 262 63.99 115.38 -6.66
N PRO KA 263 64.36 115.95 -5.50
CA PRO KA 263 63.37 116.16 -4.43
C PRO KA 263 62.23 117.10 -4.77
N ARG KA 264 62.40 118.03 -5.71
CA ARG KA 264 61.29 118.89 -6.08
C ARG KA 264 60.41 118.26 -7.15
N ILE KA 265 61.00 117.58 -8.12
CA ILE KA 265 60.24 116.97 -9.20
C ILE KA 265 59.58 115.72 -8.64
N HIS KA 266 58.30 115.83 -8.28
CA HIS KA 266 57.52 114.64 -7.98
C HIS KA 266 56.08 114.78 -8.45
N PHE KA 267 55.84 115.58 -9.47
CA PHE KA 267 54.51 115.76 -10.00
C PHE KA 267 54.36 114.88 -11.23
N MET KA 268 53.33 114.04 -11.22
CA MET KA 268 53.27 112.96 -12.20
C MET KA 268 51.83 112.60 -12.46
N LEU KA 269 51.61 111.95 -13.59
CA LEU KA 269 50.32 111.83 -14.24
C LEU KA 269 49.77 110.43 -14.08
N SER KA 270 48.65 110.18 -14.75
CA SER KA 270 47.99 108.89 -14.63
C SER KA 270 47.24 108.57 -15.91
N SER KA 271 47.03 107.28 -16.14
CA SER KA 271 46.22 106.79 -17.24
C SER KA 271 45.85 105.36 -16.93
N TYR KA 272 44.69 104.95 -17.40
CA TYR KA 272 44.14 103.64 -17.06
C TYR KA 272 43.49 103.05 -18.30
N ALA KA 273 43.69 101.75 -18.49
CA ALA KA 273 43.16 101.08 -19.64
C ALA KA 273 42.89 99.64 -19.26
N PRO KA 274 41.76 99.06 -19.67
CA PRO KA 274 40.72 99.65 -20.48
C PRO KA 274 39.59 100.32 -19.70
N ILE KA 275 39.06 101.39 -20.27
CA ILE KA 275 37.80 101.96 -19.82
C ILE KA 275 36.81 101.69 -20.93
N ILE KA 276 36.12 100.56 -20.86
CA ILE KA 276 35.23 100.12 -21.93
C ILE KA 276 33.92 99.67 -21.32
N SER KA 277 32.82 99.95 -22.02
CA SER KA 277 31.51 99.56 -21.56
C SER KA 277 31.19 98.14 -22.01
N ALA KA 278 30.01 97.67 -21.65
CA ALA KA 278 29.66 96.28 -21.89
C ALA KA 278 29.34 96.03 -23.35
N GLU KA 279 28.95 97.05 -24.09
CA GLU KA 279 28.71 96.90 -25.51
C GLU KA 279 29.97 97.06 -26.33
N LYS KA 280 31.11 97.30 -25.69
CA LYS KA 280 32.40 97.33 -26.38
C LYS KA 280 33.42 96.36 -25.81
N ALA KA 281 33.21 95.82 -24.61
CA ALA KA 281 33.93 94.62 -24.21
C ALA KA 281 33.44 93.42 -24.98
N TYR KA 282 32.24 93.53 -25.52
CA TYR KA 282 31.59 92.47 -26.27
C TYR KA 282 32.37 92.17 -27.54
N HIS KA 283 33.15 93.14 -28.04
CA HIS KA 283 33.83 93.01 -29.32
C HIS KA 283 35.35 93.06 -29.25
N GLU KA 284 35.94 93.60 -28.20
CA GLU KA 284 37.39 93.60 -28.02
C GLU KA 284 37.88 92.33 -27.34
N GLN KA 285 38.97 91.79 -27.85
CA GLN KA 285 39.90 91.05 -27.01
C GLN KA 285 40.83 92.07 -26.37
N LEU KA 286 41.07 91.91 -25.08
CA LEU KA 286 41.87 92.89 -24.37
C LEU KA 286 43.26 92.30 -24.16
N SER KA 287 44.05 92.32 -25.22
CA SER KA 287 45.40 91.79 -25.11
C SER KA 287 46.25 92.69 -24.23
N VAL KA 288 47.30 92.10 -23.65
CA VAL KA 288 48.19 92.87 -22.80
C VAL KA 288 48.91 93.93 -23.61
N ALA KA 289 49.22 93.63 -24.87
CA ALA KA 289 49.75 94.64 -25.76
C ALA KA 289 48.72 95.69 -26.09
N GLU KA 290 47.46 95.28 -26.23
CA GLU KA 290 46.41 96.23 -26.58
C GLU KA 290 46.13 97.19 -25.44
N ILE KA 291 46.13 96.71 -24.20
CA ILE KA 291 45.85 97.59 -23.08
C ILE KA 291 47.04 98.48 -22.76
N THR KA 292 48.26 98.06 -23.10
CA THR KA 292 49.40 98.90 -22.78
C THR KA 292 49.67 99.94 -23.84
N ASN KA 293 49.10 99.78 -25.03
CA ASN KA 293 49.20 100.84 -26.01
C ASN KA 293 48.23 101.95 -25.71
N SER KA 294 47.04 101.60 -25.24
CA SER KA 294 46.04 102.60 -24.93
C SER KA 294 46.34 103.35 -23.65
N ALA KA 295 47.19 102.80 -22.78
CA ALA KA 295 47.55 103.52 -21.56
C ALA KA 295 48.51 104.67 -21.88
N PHE KA 296 49.43 104.44 -22.79
CA PHE KA 296 50.38 105.45 -23.21
C PHE KA 296 49.79 106.48 -24.15
N GLU KA 297 48.58 106.23 -24.65
CA GLU KA 297 47.97 107.11 -25.64
C GLU KA 297 47.65 108.46 -25.02
N PRO KA 298 47.94 109.56 -25.71
CA PRO KA 298 47.71 110.89 -25.13
C PRO KA 298 46.25 111.21 -24.88
N ALA KA 299 45.33 110.56 -25.59
CA ALA KA 299 43.92 110.79 -25.34
C ALA KA 299 43.49 110.24 -23.99
N SER KA 300 44.10 109.14 -23.56
CA SER KA 300 43.68 108.46 -22.35
C SER KA 300 44.41 108.94 -21.11
N MET KA 301 45.37 109.84 -21.25
CA MET KA 301 46.06 110.38 -20.09
C MET KA 301 45.08 111.21 -19.28
N MET KA 302 45.17 111.08 -17.96
CA MET KA 302 44.12 111.52 -17.06
C MET KA 302 44.53 112.75 -16.25
N ALA KA 303 45.26 113.66 -16.88
CA ALA KA 303 45.58 114.93 -16.22
C ALA KA 303 45.64 116.12 -17.17
N LYS KA 304 45.19 115.97 -18.42
CA LYS KA 304 45.02 117.04 -19.39
C LYS KA 304 46.35 117.76 -19.67
N CYS KA 305 47.26 117.01 -20.27
CA CYS KA 305 48.42 117.57 -20.95
C CYS KA 305 48.91 116.56 -21.96
N ASP KA 306 49.18 117.03 -23.16
CA ASP KA 306 49.69 116.15 -24.19
C ASP KA 306 51.12 115.81 -23.86
N PRO KA 307 51.49 114.54 -23.70
CA PRO KA 307 52.88 114.21 -23.40
C PRO KA 307 53.78 114.32 -24.61
N ARG KA 308 53.23 114.57 -25.79
CA ARG KA 308 54.05 114.76 -26.97
C ARG KA 308 54.83 116.06 -26.93
N HIS KA 309 54.41 117.04 -26.14
CA HIS KA 309 55.19 118.26 -25.99
C HIS KA 309 56.00 118.28 -24.70
N GLY KA 310 56.47 117.11 -24.28
CA GLY KA 310 57.43 116.97 -23.21
C GLY KA 310 58.13 115.63 -23.35
N LYS KA 311 59.13 115.43 -22.49
CA LYS KA 311 59.93 114.22 -22.47
C LYS KA 311 59.60 113.40 -21.23
N TYR KA 312 59.37 112.10 -21.42
CA TYR KA 312 59.12 111.22 -20.30
C TYR KA 312 60.37 111.07 -19.45
N MET KA 313 60.18 110.82 -18.20
CA MET KA 313 61.33 110.87 -17.31
C MET KA 313 61.46 109.62 -16.47
N ALA KA 314 60.35 109.03 -16.06
CA ALA KA 314 60.29 107.73 -15.43
C ALA KA 314 58.86 107.25 -15.61
N CYS KA 315 58.66 105.95 -15.44
CA CYS KA 315 57.39 105.37 -15.85
C CYS KA 315 57.11 104.10 -15.08
N CYS KA 316 55.94 104.02 -14.47
CA CYS KA 316 55.56 102.86 -13.68
C CYS KA 316 54.27 102.25 -14.21
N LEU KA 317 54.27 100.94 -14.45
CA LEU KA 317 53.10 100.25 -14.94
C LEU KA 317 52.64 99.22 -13.92
N MET KA 318 51.33 99.15 -13.74
CA MET KA 318 50.69 98.35 -12.70
C MET KA 318 49.74 97.38 -13.37
N TYR KA 319 50.25 96.25 -13.84
CA TYR KA 319 49.41 95.27 -14.51
C TYR KA 319 48.60 94.50 -13.49
N ARG KA 320 47.35 94.21 -13.83
CA ARG KA 320 46.41 93.67 -12.86
C ARG KA 320 45.45 92.74 -13.57
N GLY KA 321 45.59 91.45 -13.37
CA GLY KA 321 44.68 90.51 -14.00
C GLY KA 321 45.38 89.21 -14.32
N ASP KA 322 44.90 88.57 -15.39
CA ASP KA 322 45.54 87.37 -15.92
C ASP KA 322 46.63 87.71 -16.92
N VAL KA 323 47.61 88.48 -16.44
CA VAL KA 323 48.72 88.96 -17.25
C VAL KA 323 49.93 88.09 -16.98
N VAL KA 324 50.51 87.55 -18.05
CA VAL KA 324 51.65 86.64 -17.96
C VAL KA 324 52.90 87.51 -18.06
N PRO KA 325 54.01 87.14 -17.44
CA PRO KA 325 55.19 88.01 -17.48
C PRO KA 325 55.85 88.12 -18.83
N LYS KA 326 55.53 87.28 -19.82
CA LYS KA 326 56.06 87.61 -21.13
C LYS KA 326 55.41 88.81 -21.78
N ASP KA 327 54.09 88.89 -21.80
CA ASP KA 327 53.46 89.95 -22.59
C ASP KA 327 53.61 91.33 -21.97
N VAL KA 328 54.07 91.46 -20.73
CA VAL KA 328 54.54 92.76 -20.29
C VAL KA 328 55.83 93.11 -21.01
N ASN KA 329 56.71 92.14 -21.17
CA ASN KA 329 58.00 92.39 -21.78
C ASN KA 329 57.88 92.56 -23.29
N ALA KA 330 57.08 91.72 -23.93
CA ALA KA 330 56.96 91.78 -25.38
C ALA KA 330 56.25 93.04 -25.85
N ALA KA 331 55.46 93.67 -24.98
CA ALA KA 331 54.72 94.85 -25.35
C ALA KA 331 55.37 96.14 -24.90
N VAL KA 332 56.25 96.10 -23.89
CA VAL KA 332 56.99 97.29 -23.54
C VAL KA 332 58.14 97.51 -24.51
N ALA KA 333 58.54 96.48 -25.24
CA ALA KA 333 59.51 96.67 -26.30
C ALA KA 333 58.91 97.49 -27.44
N THR KA 334 57.62 97.29 -27.73
CA THR KA 334 56.96 98.06 -28.77
C THR KA 334 56.76 99.52 -28.36
N ILE KA 335 56.49 99.76 -27.07
CA ILE KA 335 56.41 101.13 -26.58
C ILE KA 335 57.76 101.81 -26.69
N LYS KA 336 58.83 101.08 -26.35
CA LYS KA 336 60.16 101.68 -26.40
C LYS KA 336 60.60 101.99 -27.82
N THR KA 337 60.19 101.17 -28.78
CA THR KA 337 60.68 101.37 -30.14
C THR KA 337 59.92 102.45 -30.88
N LYS KA 338 58.79 102.90 -30.36
CA LYS KA 338 57.97 103.88 -31.06
C LYS KA 338 58.42 105.29 -30.70
N ARG KA 339 58.78 106.07 -31.71
CA ARG KA 339 59.51 107.31 -31.48
C ARG KA 339 58.59 108.50 -31.25
N THR KA 340 57.28 108.34 -31.40
CA THR KA 340 56.37 109.40 -30.97
C THR KA 340 56.35 109.54 -29.46
N ILE KA 341 56.72 108.50 -28.72
CA ILE KA 341 56.95 108.57 -27.29
C ILE KA 341 58.45 108.56 -27.07
N GLN KA 342 58.99 109.64 -26.53
CA GLN KA 342 60.42 109.75 -26.35
C GLN KA 342 60.76 109.84 -24.87
N PHE KA 343 61.91 109.28 -24.52
CA PHE KA 343 62.45 109.28 -23.18
C PHE KA 343 63.60 110.26 -23.10
N VAL KA 344 63.85 110.75 -21.89
CA VAL KA 344 64.94 111.67 -21.70
C VAL KA 344 66.26 110.93 -21.87
N ASP KA 345 67.31 111.68 -22.18
CA ASP KA 345 68.60 111.08 -22.51
C ASP KA 345 69.18 110.33 -21.32
N TRP KA 346 69.06 110.89 -20.12
CA TRP KA 346 69.79 110.40 -18.97
C TRP KA 346 69.04 109.36 -18.17
N CYS KA 347 67.97 108.79 -18.70
CA CYS KA 347 67.24 107.74 -17.99
C CYS KA 347 67.13 106.56 -18.94
N PRO KA 348 68.20 105.80 -19.12
CA PRO KA 348 68.19 104.75 -20.13
C PRO KA 348 67.31 103.58 -19.76
N THR KA 349 67.37 103.15 -18.52
CA THR KA 349 66.39 102.24 -17.96
C THR KA 349 65.21 103.10 -17.52
N GLY KA 350 64.05 102.89 -18.12
CA GLY KA 350 62.97 103.82 -17.87
C GLY KA 350 61.63 103.22 -17.52
N PHE KA 351 61.60 102.14 -16.76
CA PHE KA 351 60.33 101.48 -16.49
C PHE KA 351 60.38 100.78 -15.14
N LYS KA 352 59.24 100.75 -14.47
CA LYS KA 352 59.00 99.83 -13.37
C LYS KA 352 57.72 99.09 -13.68
N CYS KA 353 57.75 97.77 -13.59
CA CYS KA 353 56.59 96.95 -13.90
C CYS KA 353 56.13 96.22 -12.66
N GLY KA 354 54.81 96.12 -12.51
CA GLY KA 354 54.23 95.40 -11.40
C GLY KA 354 53.05 94.57 -11.85
N ILE KA 355 53.00 93.31 -11.45
CA ILE KA 355 51.95 92.39 -11.88
C ILE KA 355 51.24 91.87 -10.65
N ASN KA 356 49.91 91.91 -10.66
CA ASN KA 356 49.13 91.34 -9.58
C ASN KA 356 48.12 90.37 -10.17
N TYR KA 357 47.79 89.35 -9.39
CA TYR KA 357 46.96 88.26 -9.88
C TYR KA 357 45.49 88.58 -9.83
N GLN KA 358 45.08 89.48 -8.94
CA GLN KA 358 43.68 89.66 -8.67
C GLN KA 358 43.01 90.43 -9.81
N PRO KA 359 41.97 89.87 -10.44
CA PRO KA 359 41.30 90.61 -11.50
C PRO KA 359 40.49 91.76 -10.93
N PRO KA 360 40.26 92.81 -11.70
CA PRO KA 360 39.57 93.99 -11.19
C PRO KA 360 38.12 93.72 -10.85
N THR KA 361 37.62 94.47 -9.88
CA THR KA 361 36.27 94.32 -9.36
C THR KA 361 35.33 95.32 -10.02
N VAL KA 362 34.19 94.84 -10.52
CA VAL KA 362 33.18 95.69 -11.12
C VAL KA 362 32.13 96.01 -10.07
N VAL KA 363 31.76 97.28 -9.95
CA VAL KA 363 30.68 97.67 -9.06
C VAL KA 363 29.37 97.58 -9.82
N PRO KA 364 28.36 96.92 -9.27
CA PRO KA 364 27.05 96.88 -9.94
C PRO KA 364 26.40 98.24 -9.93
N GLY KA 365 25.99 98.70 -11.09
CA GLY KA 365 25.47 100.03 -11.26
C GLY KA 365 26.47 101.02 -11.84
N GLY KA 366 27.76 100.72 -11.75
CA GLY KA 366 28.75 101.52 -12.43
C GLY KA 366 28.71 101.28 -13.92
N ASP KA 367 29.36 102.16 -14.66
CA ASP KA 367 29.29 102.12 -16.11
C ASP KA 367 30.34 101.24 -16.76
N LEU KA 368 31.30 100.73 -16.02
CA LEU KA 368 32.35 99.94 -16.63
C LEU KA 368 31.91 98.49 -16.81
N ALA KA 369 32.77 97.71 -17.45
CA ALA KA 369 32.47 96.32 -17.73
C ALA KA 369 33.50 95.42 -17.07
N LYS KA 370 33.09 94.17 -16.85
CA LYS KA 370 33.98 93.18 -16.26
C LYS KA 370 35.09 92.85 -17.23
N VAL KA 371 36.32 92.99 -16.76
CA VAL KA 371 37.49 92.79 -17.61
C VAL KA 371 38.40 91.76 -16.98
N MET KA 372 39.14 91.06 -17.82
CA MET KA 372 40.07 90.06 -17.34
C MET KA 372 41.44 90.63 -16.99
N ARG KA 373 41.77 91.83 -17.46
CA ARG KA 373 43.05 92.45 -17.18
C ARG KA 373 42.98 93.95 -17.40
N ALA KA 374 43.87 94.66 -16.73
CA ALA KA 374 43.88 96.12 -16.77
C ALA KA 374 45.29 96.62 -16.46
N VAL KA 375 45.57 97.85 -16.86
CA VAL KA 375 46.84 98.52 -16.57
C VAL KA 375 46.56 99.85 -15.93
N CYS KA 376 47.26 100.15 -14.85
CA CYS KA 376 47.32 101.50 -14.33
C CYS KA 376 48.73 102.04 -14.54
N MET KA 377 48.82 103.36 -14.60
CA MET KA 377 50.01 104.06 -15.03
C MET KA 377 50.25 105.26 -14.15
N ILE KA 378 51.50 105.45 -13.74
CA ILE KA 378 51.94 106.71 -13.17
C ILE KA 378 53.23 107.06 -13.89
N SER KA 379 53.25 108.22 -14.52
CA SER KA 379 54.38 108.61 -15.36
C SER KA 379 54.80 110.02 -15.04
N ASN KA 380 56.09 110.26 -15.02
CA ASN KA 380 56.66 111.56 -14.78
C ASN KA 380 57.20 112.10 -16.08
N SER KA 381 56.84 113.35 -16.39
CA SER KA 381 57.32 113.96 -17.62
C SER KA 381 57.70 115.40 -17.35
N THR KA 382 58.51 115.95 -18.24
CA THR KA 382 58.74 117.39 -18.24
C THR KA 382 57.69 118.12 -19.08
N ALA KA 383 56.56 117.47 -19.31
CA ALA KA 383 55.37 118.09 -19.89
C ALA KA 383 54.50 118.74 -18.83
N ILE KA 384 54.90 118.69 -17.57
CA ILE KA 384 54.20 119.40 -16.50
C ILE KA 384 54.68 120.83 -16.35
N ALA KA 385 55.69 121.22 -17.12
CA ALA KA 385 56.07 122.63 -17.14
C ALA KA 385 54.98 123.50 -17.75
N GLU KA 386 54.01 122.92 -18.46
CA GLU KA 386 52.98 123.77 -19.04
C GLU KA 386 51.78 123.87 -18.12
N VAL KA 387 51.57 122.89 -17.24
CA VAL KA 387 50.44 122.99 -16.33
C VAL KA 387 50.76 123.94 -15.18
N PHE KA 388 52.02 124.29 -15.00
CA PHE KA 388 52.39 125.29 -14.02
C PHE KA 388 52.60 126.66 -14.65
N SER KA 389 53.11 126.72 -15.88
CA SER KA 389 53.30 128.00 -16.54
C SER KA 389 51.98 128.61 -16.98
N ARG KA 390 51.01 127.78 -17.37
CA ARG KA 390 49.65 128.26 -17.55
C ARG KA 390 49.09 128.76 -16.23
N MET KA 391 49.41 128.06 -15.16
CA MET KA 391 48.95 128.48 -13.83
C MET KA 391 49.59 129.80 -13.42
N ASP KA 392 50.79 130.08 -13.92
CA ASP KA 392 51.41 131.37 -13.63
C ASP KA 392 50.71 132.50 -14.36
N HIS KA 393 50.19 132.22 -15.54
CA HIS KA 393 49.55 133.25 -16.34
C HIS KA 393 48.31 133.80 -15.66
N LYS KA 394 47.50 132.92 -15.09
CA LYS KA 394 46.23 133.36 -14.54
C LYS KA 394 46.44 134.03 -13.19
N PHE KA 395 47.46 133.63 -12.46
CA PHE KA 395 47.72 134.27 -11.17
C PHE KA 395 48.32 135.66 -11.36
N ASP KA 396 49.09 135.87 -12.44
CA ASP KA 396 49.62 137.20 -12.69
C ASP KA 396 48.63 138.12 -13.37
N LEU KA 397 47.61 137.58 -14.03
CA LEU KA 397 46.57 138.45 -14.56
C LEU KA 397 45.77 139.10 -13.45
N MET KA 398 45.37 138.33 -12.43
CA MET KA 398 44.61 138.93 -11.35
C MET KA 398 45.48 139.75 -10.42
N TYR KA 399 46.67 139.27 -10.09
CA TYR KA 399 47.48 139.95 -9.08
C TYR KA 399 48.06 141.25 -9.59
N ALA KA 400 48.16 141.44 -10.91
CA ALA KA 400 48.67 142.70 -11.43
C ALA KA 400 47.70 143.83 -11.11
N LYS KA 401 46.41 143.58 -11.24
CA LYS KA 401 45.37 144.54 -10.86
C LYS KA 401 45.00 144.42 -9.40
N ARG KA 402 45.67 143.52 -8.68
CA ARG KA 402 45.54 143.35 -7.23
C ARG KA 402 44.10 142.99 -6.88
N ALA KA 403 43.60 141.97 -7.55
CA ALA KA 403 42.21 141.55 -7.41
C ALA KA 403 42.10 140.44 -6.37
N PHE KA 404 40.95 140.43 -5.67
CA PHE KA 404 40.61 139.44 -4.67
C PHE KA 404 41.63 139.33 -3.55
N VAL KA 405 42.43 140.36 -3.29
CA VAL KA 405 43.51 140.20 -2.32
C VAL KA 405 43.07 140.56 -0.90
N HIS KA 406 42.03 141.38 -0.75
CA HIS KA 406 41.58 141.76 0.58
C HIS KA 406 40.94 140.58 1.29
N TRP KA 407 40.43 139.62 0.55
CA TRP KA 407 39.92 138.39 1.15
C TRP KA 407 41.04 137.55 1.72
N TYR KA 408 42.26 137.77 1.28
CA TYR KA 408 43.40 136.99 1.74
C TYR KA 408 44.26 137.74 2.75
N VAL KA 409 44.42 139.05 2.60
CA VAL KA 409 45.28 139.78 3.54
C VAL KA 409 44.58 139.99 4.87
N GLY KA 410 43.25 140.00 4.89
CA GLY KA 410 42.54 140.29 6.11
C GLY KA 410 42.25 139.11 6.99
N GLU KA 411 42.63 137.91 6.57
CA GLU KA 411 42.32 136.71 7.30
C GLU KA 411 43.50 136.15 8.07
N GLY KA 412 44.68 136.77 7.96
CA GLY KA 412 45.81 136.32 8.73
C GLY KA 412 47.14 136.33 8.01
N MET KA 413 47.15 136.10 6.71
CA MET KA 413 48.41 136.06 5.97
C MET KA 413 48.74 137.43 5.42
N GLU KA 414 50.01 137.78 5.51
CA GLU KA 414 50.45 139.11 5.15
C GLU KA 414 50.85 139.16 3.70
N GLU KA 415 51.11 140.37 3.23
CA GLU KA 415 51.63 140.54 1.88
C GLU KA 415 53.07 140.05 1.86
N GLY KA 416 53.35 139.12 0.95
CA GLY KA 416 54.66 138.51 0.92
C GLY KA 416 54.59 137.04 0.62
N GLU KA 417 53.53 136.36 1.07
CA GLU KA 417 53.30 135.01 0.59
C GLU KA 417 52.78 134.99 -0.82
N PHE KA 418 52.27 136.12 -1.31
CA PHE KA 418 51.94 136.20 -2.73
C PHE KA 418 53.20 136.29 -3.57
N SER KA 419 54.16 137.12 -3.15
CA SER KA 419 55.41 137.20 -3.89
C SER KA 419 56.25 135.96 -3.69
N GLU KA 420 56.13 135.31 -2.54
CA GLU KA 420 56.89 134.08 -2.30
C GLU KA 420 56.36 132.93 -3.15
N ALA KA 421 55.04 132.85 -3.31
CA ALA KA 421 54.46 131.75 -4.08
C ALA KA 421 54.77 131.89 -5.55
N ARG KA 422 54.84 133.11 -6.06
CA ARG KA 422 55.33 133.32 -7.42
C ARG KA 422 56.77 132.92 -7.59
N GLU KA 423 57.65 133.40 -6.71
CA GLU KA 423 59.07 133.17 -6.89
C GLU KA 423 59.42 131.70 -6.67
N ASP KA 424 58.63 131.00 -5.86
CA ASP KA 424 58.82 129.57 -5.72
C ASP KA 424 58.25 128.79 -6.90
N LEU KA 425 57.09 129.19 -7.40
CA LEU KA 425 56.55 128.52 -8.58
C LEU KA 425 57.39 128.82 -9.80
N ALA KA 426 57.84 130.06 -9.96
CA ALA KA 426 58.72 130.38 -11.08
C ALA KA 426 60.10 129.74 -10.92
N ALA KA 427 60.46 129.35 -9.70
CA ALA KA 427 61.66 128.55 -9.52
C ALA KA 427 61.46 127.15 -10.05
N LEU KA 428 60.26 126.59 -9.87
CA LEU KA 428 59.99 125.24 -10.34
C LEU KA 428 59.95 125.18 -11.86
N GLU KA 429 59.57 126.28 -12.51
CA GLU KA 429 59.62 126.34 -13.96
C GLU KA 429 61.05 126.23 -14.48
N LYS KA 430 61.94 127.03 -13.92
CA LYS KA 430 63.35 126.96 -14.30
C LYS KA 430 63.98 125.66 -13.81
N ASP KA 431 63.37 125.04 -12.80
CA ASP KA 431 63.85 123.74 -12.34
C ASP KA 431 63.53 122.65 -13.34
N TYR KA 432 62.31 122.65 -13.88
CA TYR KA 432 61.96 121.65 -14.88
C TYR KA 432 62.71 121.87 -16.17
N GLU KA 433 62.96 123.13 -16.53
CA GLU KA 433 63.55 123.40 -17.83
C GLU KA 433 65.02 123.07 -17.90
N GLU KA 434 65.70 122.93 -16.75
CA GLU KA 434 67.08 122.49 -16.77
C GLU KA 434 67.20 120.98 -16.69
N VAL KA 435 66.20 120.32 -16.13
CA VAL KA 435 66.24 118.86 -16.05
C VAL KA 435 66.05 118.23 -17.43
N GLY KA 436 65.14 118.77 -18.22
CA GLY KA 436 64.78 118.12 -19.47
C GLY KA 436 65.75 118.32 -20.61
N ILE KA 437 66.81 119.10 -20.41
CA ILE KA 437 67.79 119.32 -21.47
C ILE KA 437 68.66 118.09 -21.66
N MET LA 1 24.21 124.58 14.37
CA MET LA 1 24.89 124.81 13.10
C MET LA 1 24.68 126.24 12.66
N ARG LA 2 24.66 126.49 11.36
CA ARG LA 2 24.44 127.83 10.84
C ARG LA 2 22.97 128.21 10.93
N GLU LA 3 22.72 129.46 11.30
CA GLU LA 3 21.39 130.05 11.19
C GLU LA 3 21.53 131.35 10.43
N ILE LA 4 20.44 131.81 9.83
CA ILE LA 4 20.36 133.14 9.25
C ILE LA 4 19.25 133.88 9.97
N VAL LA 5 19.57 135.01 10.58
CA VAL LA 5 18.59 135.87 11.19
C VAL LA 5 18.04 136.79 10.12
N HIS LA 6 16.74 136.73 9.90
CA HIS LA 6 16.09 137.52 8.88
C HIS LA 6 15.53 138.79 9.51
N VAL LA 7 15.86 139.93 8.94
CA VAL LA 7 15.35 141.22 9.38
C VAL LA 7 14.65 141.86 8.20
N GLN LA 8 13.39 142.21 8.37
CA GLN LA 8 12.62 142.79 7.28
C GLN LA 8 11.97 144.08 7.76
N GLY LA 9 12.15 145.14 6.98
CA GLY LA 9 11.83 146.48 7.44
C GLY LA 9 11.00 147.26 6.45
N GLY LA 10 10.08 148.06 6.97
CA GLY LA 10 9.22 148.89 6.15
C GLY LA 10 7.94 148.19 5.74
N GLN LA 11 7.11 148.92 5.00
CA GLN LA 11 5.95 148.29 4.37
C GLN LA 11 6.39 147.28 3.34
N CYS LA 12 7.49 147.56 2.67
CA CYS LA 12 8.01 146.68 1.63
C CYS LA 12 8.54 145.40 2.23
N GLY LA 13 9.38 145.52 3.25
CA GLY LA 13 10.01 144.37 3.85
C GLY LA 13 9.01 143.41 4.47
N ASN LA 14 7.89 143.95 4.93
CA ASN LA 14 6.86 143.08 5.48
C ASN LA 14 6.13 142.34 4.39
N GLN LA 15 5.93 142.97 3.24
CA GLN LA 15 5.21 142.31 2.16
C GLN LA 15 6.12 141.52 1.24
N ILE LA 16 7.42 141.83 1.21
CA ILE LA 16 8.35 141.06 0.41
C ILE LA 16 8.83 139.86 1.22
N GLY LA 17 8.68 139.90 2.53
CA GLY LA 17 9.10 138.81 3.37
C GLY LA 17 7.94 137.95 3.77
N ALA LA 18 6.72 138.43 3.56
CA ALA LA 18 5.56 137.57 3.71
C ALA LA 18 5.60 136.44 2.69
N LYS LA 19 6.06 136.73 1.48
CA LYS LA 19 6.16 135.71 0.45
C LYS LA 19 7.43 134.90 0.59
N PHE LA 20 8.49 135.48 1.12
CA PHE LA 20 9.72 134.72 1.33
C PHE LA 20 9.51 133.61 2.33
N TRP LA 21 8.78 133.89 3.40
CA TRP LA 21 8.53 132.85 4.39
C TRP LA 21 7.45 131.89 3.93
N GLU LA 22 6.68 132.28 2.91
CA GLU LA 22 5.67 131.36 2.40
C GLU LA 22 6.32 130.30 1.52
N VAL LA 23 7.39 130.64 0.81
CA VAL LA 23 7.97 129.64 -0.07
C VAL LA 23 8.97 128.79 0.68
N ILE LA 24 9.62 129.33 1.72
CA ILE LA 24 10.52 128.53 2.54
C ILE LA 24 9.73 127.50 3.34
N SER LA 25 8.58 127.90 3.86
CA SER LA 25 7.74 126.97 4.58
C SER LA 25 7.17 125.89 3.67
N ASP LA 26 6.86 126.25 2.43
CA ASP LA 26 6.37 125.25 1.48
C ASP LA 26 7.47 124.33 1.03
N GLU LA 27 8.69 124.86 0.94
CA GLU LA 27 9.83 124.04 0.52
C GLU LA 27 10.23 123.05 1.60
N HIS LA 28 10.16 123.47 2.86
CA HIS LA 28 10.49 122.62 3.99
C HIS LA 28 9.29 121.89 4.54
N GLY LA 29 8.11 122.09 3.97
CA GLY LA 29 6.92 121.39 4.39
C GLY LA 29 6.38 121.77 5.75
N ILE LA 30 6.32 123.07 6.03
CA ILE LA 30 5.73 123.58 7.27
C ILE LA 30 4.32 124.03 6.97
N ASP LA 31 3.36 123.50 7.73
CA ASP LA 31 1.98 123.94 7.64
C ASP LA 31 1.86 125.35 8.18
N PRO LA 32 0.78 126.07 7.83
CA PRO LA 32 0.59 127.41 8.40
C PRO LA 32 0.44 127.41 9.91
N THR LA 33 0.03 126.30 10.50
CA THR LA 33 -0.08 126.23 11.96
C THR LA 33 1.24 125.94 12.64
N GLY LA 34 2.29 125.61 11.88
CA GLY LA 34 3.63 125.49 12.42
C GLY LA 34 4.21 124.09 12.34
N THR LA 35 3.36 123.06 12.33
CA THR LA 35 3.84 121.70 12.32
C THR LA 35 4.39 121.33 10.96
N TYR LA 36 4.79 120.08 10.81
CA TYR LA 36 5.46 119.58 9.61
C TYR LA 36 4.59 118.52 8.96
N CYS LA 37 4.54 118.53 7.63
CA CYS LA 37 3.94 117.45 6.87
C CYS LA 37 4.79 117.17 5.65
N GLY LA 38 5.07 115.89 5.39
CA GLY LA 38 5.81 115.55 4.19
C GLY LA 38 6.83 114.43 4.30
N ASP LA 39 6.96 113.85 5.50
CA ASP LA 39 7.71 112.64 5.88
C ASP LA 39 8.99 112.35 5.09
N SER LA 40 9.88 113.34 4.96
CA SER LA 40 11.19 113.14 4.35
C SER LA 40 12.27 113.76 5.23
N ASP LA 41 13.43 113.11 5.26
CA ASP LA 41 14.48 113.49 6.18
C ASP LA 41 15.17 114.78 5.75
N LEU LA 42 15.43 114.92 4.44
CA LEU LA 42 16.17 116.07 3.94
C LEU LA 42 15.38 117.35 4.10
N GLN LA 43 14.06 117.25 4.17
CA GLN LA 43 13.23 118.42 4.44
C GLN LA 43 13.56 119.05 5.78
N LEU LA 44 13.98 118.23 6.74
CA LEU LA 44 14.00 118.64 8.13
C LEU LA 44 15.38 118.60 8.76
N GLU LA 45 16.37 118.01 8.11
CA GLU LA 45 17.68 117.85 8.72
C GLU LA 45 18.50 119.12 8.75
N ARG LA 46 18.19 120.09 7.91
CA ARG LA 46 18.72 121.45 8.04
C ARG LA 46 17.50 122.34 8.04
N ILE LA 47 16.87 122.44 9.20
CA ILE LA 47 15.74 123.32 9.39
C ILE LA 47 16.15 124.50 10.23
N ASN LA 48 17.29 124.40 10.90
CA ASN LA 48 17.73 125.39 11.87
C ASN LA 48 18.42 126.58 11.23
N VAL LA 49 18.56 126.60 9.90
CA VAL LA 49 19.08 127.79 9.27
C VAL LA 49 18.05 128.90 9.27
N PHE LA 50 16.77 128.55 9.39
CA PHE LA 50 15.68 129.50 9.24
C PHE LA 50 14.58 129.38 10.27
N TYR LA 51 14.57 128.32 11.07
CA TYR LA 51 13.52 128.08 12.05
C TYR LA 51 14.10 127.79 13.43
N ASN LA 52 13.23 127.82 14.43
CA ASN LA 52 13.59 127.48 15.80
C ASN LA 52 12.54 126.54 16.37
N GLU LA 53 12.98 125.50 17.04
CA GLU LA 53 12.08 124.61 17.75
C GLU LA 53 11.46 125.34 18.94
N ALA LA 54 10.19 125.07 19.20
CA ALA LA 54 9.45 125.85 20.17
C ALA LA 54 8.80 124.96 21.22
N THR LA 55 9.54 123.96 21.71
CA THR LA 55 9.25 123.04 22.82
C THR LA 55 7.88 122.39 22.78
N GLY LA 56 7.21 122.48 21.65
CA GLY LA 56 5.88 121.91 21.50
C GLY LA 56 5.81 121.27 20.15
N GLY LA 57 6.97 121.15 19.51
CA GLY LA 57 7.08 120.53 18.21
C GLY LA 57 6.96 121.47 17.04
N ARG LA 58 6.65 122.75 17.25
CA ARG LA 58 6.44 123.66 16.16
C ARG LA 58 7.67 124.52 15.91
N PHE LA 59 7.74 125.07 14.71
CA PHE LA 59 8.87 125.86 14.28
C PHE LA 59 8.43 127.31 14.07
N VAL LA 60 9.22 128.24 14.60
CA VAL LA 60 8.94 129.66 14.50
C VAL LA 60 10.07 130.31 13.71
N PRO LA 61 9.76 131.15 12.73
CA PRO LA 61 10.82 131.72 11.90
C PRO LA 61 11.68 132.68 12.70
N ARG LA 62 12.96 132.74 12.33
CA ARG LA 62 13.89 133.65 12.96
C ARG LA 62 13.83 135.01 12.27
N ALA LA 63 12.63 135.57 12.24
CA ALA LA 63 12.36 136.81 11.55
C ALA LA 63 12.17 137.94 12.54
N ILE LA 64 12.66 139.11 12.18
CA ILE LA 64 12.51 140.31 12.98
C ILE LA 64 11.73 141.31 12.15
N LEU LA 65 10.43 141.42 12.42
CA LEU LA 65 9.59 142.42 11.80
C LEU LA 65 9.88 143.79 12.39
N MET LA 66 9.73 144.82 11.57
CA MET LA 66 10.24 146.15 11.85
C MET LA 66 9.55 147.19 10.96
N ASP LA 67 8.79 148.10 11.59
CA ASP LA 67 8.14 149.21 10.89
C ASP LA 67 7.84 150.30 11.90
N LEU LA 68 7.70 151.52 11.40
CA LEU LA 68 7.41 152.68 12.24
C LEU LA 68 5.94 153.04 12.30
N GLU LA 69 5.06 152.30 11.64
CA GLU LA 69 3.64 152.59 11.68
C GLU LA 69 2.86 151.30 11.64
N PRO LA 70 1.75 151.21 12.34
CA PRO LA 70 1.12 149.92 12.59
C PRO LA 70 0.26 149.38 11.47
N GLY LA 71 0.40 149.90 10.26
CA GLY LA 71 -0.45 149.47 9.18
C GLY LA 71 -0.20 148.08 8.65
N THR LA 72 1.01 147.82 8.17
CA THR LA 72 1.25 146.61 7.40
C THR LA 72 1.49 145.38 8.26
N MET LA 73 1.73 145.54 9.56
CA MET LA 73 1.81 144.37 10.42
C MET LA 73 0.45 143.78 10.76
N ASP LA 74 -0.61 144.57 10.71
CA ASP LA 74 -1.94 143.97 10.83
C ASP LA 74 -2.28 143.15 9.59
N SER LA 75 -1.78 143.57 8.43
CA SER LA 75 -2.06 142.83 7.21
C SER LA 75 -1.25 141.54 7.14
N VAL LA 76 0.02 141.58 7.49
CA VAL LA 76 0.86 140.39 7.38
C VAL LA 76 0.53 139.38 8.48
N ARG LA 77 -0.03 139.83 9.60
CA ARG LA 77 -0.49 138.90 10.61
C ARG LA 77 -1.77 138.21 10.21
N ALA LA 78 -2.71 138.95 9.64
CA ALA LA 78 -4.02 138.40 9.33
C ALA LA 78 -4.02 137.60 8.04
N GLY LA 79 -2.99 137.70 7.22
CA GLY LA 79 -2.94 136.97 5.98
C GLY LA 79 -2.64 135.52 6.23
N PRO LA 80 -2.66 134.70 5.19
CA PRO LA 80 -2.24 133.31 5.35
C PRO LA 80 -0.76 133.26 5.64
N PHE LA 81 -0.37 132.25 6.41
CA PHE LA 81 0.99 132.12 6.96
C PHE LA 81 1.36 133.36 7.77
N GLY LA 82 0.40 133.85 8.54
CA GLY LA 82 0.66 134.99 9.41
C GLY LA 82 0.81 134.59 10.85
N GLN LA 83 0.18 133.48 11.22
CA GLN LA 83 0.28 132.98 12.57
C GLN LA 83 1.60 132.27 12.83
N LEU LA 84 2.44 132.14 11.80
CA LEU LA 84 3.75 131.53 11.96
C LEU LA 84 4.69 132.40 12.76
N PHE LA 85 4.60 133.71 12.62
CA PHE LA 85 5.54 134.60 13.26
C PHE LA 85 5.21 134.78 14.72
N ARG LA 86 6.24 134.85 15.55
CA ARG LA 86 6.05 135.05 16.97
C ARG LA 86 5.64 136.50 17.22
N PRO LA 87 4.63 136.76 18.05
CA PRO LA 87 4.13 138.13 18.20
C PRO LA 87 5.09 139.04 18.90
N ASP LA 88 6.07 138.52 19.62
CA ASP LA 88 7.06 139.36 20.25
C ASP LA 88 8.16 139.78 19.30
N ASN LA 89 8.12 139.31 18.06
CA ASN LA 89 9.11 139.69 17.06
C ASN LA 89 8.71 140.89 16.22
N PHE LA 90 7.44 141.27 16.21
CA PHE LA 90 7.05 142.53 15.61
C PHE LA 90 7.52 143.65 16.51
N VAL LA 91 8.00 144.72 15.91
CA VAL LA 91 8.21 145.98 16.63
C VAL LA 91 7.44 147.07 15.91
N PHE LA 92 6.57 147.75 16.66
CA PHE LA 92 5.68 148.76 16.13
C PHE LA 92 6.27 150.13 16.38
N GLY LA 93 5.91 151.08 15.52
CA GLY LA 93 5.89 152.47 15.89
C GLY LA 93 4.46 152.93 16.11
N GLN LA 94 4.28 154.24 16.18
CA GLN LA 94 2.96 154.81 16.12
C GLN LA 94 2.84 156.00 15.20
N THR LA 95 3.94 156.67 14.88
CA THR LA 95 3.88 157.85 14.03
C THR LA 95 4.02 157.50 12.55
N GLY LA 96 5.15 156.93 12.17
CA GLY LA 96 5.38 156.59 10.78
C GLY LA 96 6.17 157.65 10.05
N ALA LA 97 7.24 157.24 9.38
CA ALA LA 97 8.05 158.18 8.64
C ALA LA 97 7.36 158.55 7.35
N GLY LA 98 7.27 159.84 7.08
CA GLY LA 98 6.52 160.31 5.94
C GLY LA 98 7.35 160.40 4.68
N ASN LA 99 7.92 159.26 4.27
CA ASN LA 99 8.90 159.18 3.19
C ASN LA 99 10.04 160.15 3.44
N ASN LA 100 10.46 160.24 4.69
CA ASN LA 100 11.50 161.15 5.13
C ASN LA 100 12.63 160.30 5.68
N TRP LA 101 13.72 160.19 4.93
CA TRP LA 101 14.87 159.44 5.40
C TRP LA 101 15.52 160.08 6.60
N ALA LA 102 15.36 161.39 6.76
CA ALA LA 102 15.95 162.09 7.90
C ALA LA 102 15.35 161.61 9.21
N LYS LA 103 14.03 161.63 9.32
CA LYS LA 103 13.44 161.25 10.58
C LYS LA 103 13.29 159.75 10.72
N GLY LA 104 13.41 159.01 9.63
CA GLY LA 104 13.60 157.57 9.78
C GLY LA 104 14.92 157.25 10.45
N HIS LA 105 15.99 157.91 10.01
CA HIS LA 105 17.31 157.62 10.55
C HIS LA 105 17.50 158.28 11.91
N TYR LA 106 17.35 159.60 11.98
CA TYR LA 106 17.88 160.32 13.13
C TYR LA 106 16.88 160.43 14.29
N THR LA 107 15.72 161.02 14.05
CA THR LA 107 14.96 161.54 15.17
C THR LA 107 13.67 160.80 15.50
N GLU LA 108 13.11 160.04 14.57
CA GLU LA 108 11.90 159.30 14.92
C GLU LA 108 12.12 157.81 15.00
N GLY LA 109 12.97 157.25 14.14
CA GLY LA 109 13.27 155.84 14.21
C GLY LA 109 14.32 155.45 15.23
N ALA LA 110 15.08 156.40 15.76
CA ALA LA 110 16.08 156.06 16.77
C ALA LA 110 15.45 155.75 18.11
N GLU LA 111 14.19 156.12 18.32
CA GLU LA 111 13.51 155.66 19.51
C GLU LA 111 13.14 154.19 19.41
N LEU LA 112 12.88 153.69 18.21
CA LEU LA 112 12.53 152.30 18.01
C LEU LA 112 13.73 151.39 17.83
N ILE LA 113 14.94 151.95 17.66
CA ILE LA 113 16.07 151.08 17.34
C ILE LA 113 16.54 150.33 18.57
N ASP LA 114 16.27 150.86 19.76
CA ASP LA 114 16.66 150.14 20.97
C ASP LA 114 15.76 148.94 21.20
N SER LA 115 14.49 149.06 20.82
CA SER LA 115 13.57 147.95 21.02
C SER LA 115 13.79 146.84 19.99
N VAL LA 116 14.31 147.19 18.82
CA VAL LA 116 14.52 146.16 17.80
C VAL LA 116 15.93 145.58 17.86
N LEU LA 117 16.90 146.33 18.37
CA LEU LA 117 18.21 145.75 18.60
C LEU LA 117 18.19 144.76 19.75
N ASP LA 118 17.19 144.87 20.63
CA ASP LA 118 17.04 143.90 21.70
C ASP LA 118 16.62 142.55 21.14
N VAL LA 119 15.74 142.55 20.15
CA VAL LA 119 15.21 141.27 19.68
C VAL LA 119 16.13 140.65 18.64
N VAL LA 120 16.93 141.46 17.95
CA VAL LA 120 17.93 140.89 17.05
C VAL LA 120 19.04 140.23 17.86
N ARG LA 121 19.48 140.90 18.92
CA ARG LA 121 20.56 140.37 19.74
C ARG LA 121 20.14 139.10 20.46
N LYS LA 122 18.85 138.97 20.77
CA LYS LA 122 18.37 137.76 21.43
C LYS LA 122 18.29 136.60 20.44
N GLU LA 123 17.98 136.89 19.17
CA GLU LA 123 17.89 135.82 18.18
C GLU LA 123 19.28 135.33 17.77
N ALA LA 124 20.22 136.24 17.63
CA ALA LA 124 21.56 135.85 17.21
C ALA LA 124 22.29 135.11 18.32
N GLU LA 125 22.26 135.64 19.54
CA GLU LA 125 22.96 135.00 20.64
C GLU LA 125 22.24 133.77 21.15
N GLY LA 126 20.95 133.63 20.87
CA GLY LA 126 20.20 132.49 21.36
C GLY LA 126 20.69 131.18 20.79
N CYS LA 127 21.15 131.20 19.54
CA CYS LA 127 21.72 130.01 18.93
C CYS LA 127 23.18 129.88 19.33
N ASP LA 128 23.84 128.88 18.75
CA ASP LA 128 25.22 128.60 19.11
C ASP LA 128 26.17 129.68 18.60
N CYS LA 129 26.31 129.82 17.29
CA CYS LA 129 26.92 131.01 16.71
C CYS LA 129 26.43 131.14 15.28
N LEU LA 130 26.06 132.36 14.92
CA LEU LA 130 25.27 132.66 13.73
C LEU LA 130 26.16 132.64 12.50
N GLN LA 131 25.54 132.45 11.33
CA GLN LA 131 26.28 132.68 10.09
C GLN LA 131 26.21 134.13 9.67
N GLY LA 132 25.01 134.69 9.64
CA GLY LA 132 24.87 136.09 9.29
C GLY LA 132 23.42 136.47 9.13
N PHE LA 133 23.22 137.69 8.66
CA PHE LA 133 21.91 138.30 8.55
C PHE LA 133 21.57 138.52 7.09
N GLN LA 134 20.28 138.57 6.79
CA GLN LA 134 19.79 139.09 5.52
C GLN LA 134 18.67 140.09 5.78
N ILE LA 135 18.68 141.18 5.02
CA ILE LA 135 17.81 142.33 5.26
C ILE LA 135 17.08 142.68 3.96
N THR LA 136 15.76 142.78 4.04
CA THR LA 136 14.94 143.18 2.90
C THR LA 136 14.26 144.50 3.22
N HIS LA 137 14.38 145.48 2.31
CA HIS LA 137 13.79 146.79 2.52
C HIS LA 137 13.72 147.54 1.20
N SER LA 138 13.02 148.67 1.22
CA SER LA 138 13.04 149.65 0.14
C SER LA 138 14.06 150.74 0.43
N LEU LA 139 14.42 151.44 -0.63
CA LEU LA 139 15.22 152.62 -0.46
C LEU LA 139 14.48 153.90 -0.81
N GLY LA 140 13.34 153.81 -1.48
CA GLY LA 140 12.54 154.98 -1.76
C GLY LA 140 11.81 155.50 -0.54
N GLY LA 141 11.20 154.59 0.22
CA GLY LA 141 10.43 154.97 1.38
C GLY LA 141 11.30 155.41 2.53
N GLY LA 142 10.65 155.74 3.64
CA GLY LA 142 11.36 156.31 4.75
C GLY LA 142 11.69 155.34 5.86
N THR LA 143 10.72 154.54 6.26
CA THR LA 143 10.92 153.63 7.38
C THR LA 143 11.71 152.38 7.00
N GLY LA 144 12.00 152.18 5.73
CA GLY LA 144 12.91 151.13 5.35
C GLY LA 144 14.29 151.68 5.07
N SER LA 145 14.36 152.78 4.32
CA SER LA 145 15.66 153.36 4.00
C SER LA 145 16.26 154.10 5.17
N GLY LA 146 15.44 154.61 6.08
CA GLY LA 146 15.96 155.41 7.16
C GLY LA 146 16.34 154.61 8.39
N MET LA 147 15.37 153.89 8.93
CA MET LA 147 15.59 153.17 10.18
C MET LA 147 15.93 151.71 9.95
N GLY LA 148 15.65 151.18 8.76
CA GLY LA 148 16.23 149.92 8.38
C GLY LA 148 17.73 149.99 8.17
N THR LA 149 18.22 151.12 7.68
CA THR LA 149 19.65 151.23 7.40
C THR LA 149 20.45 151.48 8.67
N LEU LA 150 19.88 152.21 9.62
CA LEU LA 150 20.58 152.43 10.88
C LEU LA 150 20.67 151.15 11.68
N LEU LA 151 19.73 150.23 11.49
CA LEU LA 151 19.86 148.90 12.08
C LEU LA 151 21.06 148.17 11.53
N ILE LA 152 21.32 148.31 10.22
CA ILE LA 152 22.52 147.72 9.64
C ILE LA 152 23.77 148.30 10.29
N SER LA 153 23.78 149.62 10.51
CA SER LA 153 24.97 150.27 11.05
C SER LA 153 25.29 149.79 12.45
N LYS LA 154 24.26 149.61 13.29
CA LYS LA 154 24.51 149.13 14.64
C LYS LA 154 24.79 147.64 14.67
N VAL LA 155 24.20 146.87 13.76
CA VAL LA 155 24.47 145.44 13.74
C VAL LA 155 25.89 145.17 13.29
N ARG LA 156 26.38 145.92 12.30
CA ARG LA 156 27.76 145.77 11.86
C ARG LA 156 28.76 146.17 12.91
N GLU LA 157 28.38 147.03 13.85
CA GLU LA 157 29.29 147.33 14.94
C GLU LA 157 29.35 146.19 15.96
N GLU LA 158 28.22 145.58 16.25
CA GLU LA 158 28.19 144.51 17.26
C GLU LA 158 28.70 143.20 16.69
N TYR LA 159 28.39 142.90 15.44
CA TYR LA 159 28.78 141.64 14.82
C TYR LA 159 29.51 141.93 13.52
N PRO LA 160 30.82 142.15 13.58
CA PRO LA 160 31.52 142.61 12.38
C PRO LA 160 31.73 141.55 11.31
N ASP LA 161 32.17 140.36 11.68
CA ASP LA 161 32.62 139.38 10.70
C ASP LA 161 31.51 138.48 10.17
N ARG LA 162 30.28 138.63 10.64
CA ARG LA 162 29.19 137.87 10.07
C ARG LA 162 28.83 138.45 8.71
N ILE LA 163 28.06 137.72 7.96
CA ILE LA 163 27.77 138.14 6.60
C ILE LA 163 26.60 139.11 6.65
N MET LA 164 26.62 140.09 5.76
CA MET LA 164 25.68 141.21 5.78
C MET LA 164 25.02 141.28 4.40
N GLU LA 165 23.97 140.48 4.21
CA GLU LA 165 23.33 140.36 2.93
C GLU LA 165 22.10 141.26 2.91
N THR LA 166 21.80 141.84 1.76
CA THR LA 166 20.57 142.63 1.66
C THR LA 166 19.95 142.57 0.28
N PHE LA 167 18.64 142.51 0.26
CA PHE LA 167 17.82 142.75 -0.91
C PHE LA 167 17.18 144.13 -0.77
N SER LA 168 17.41 144.99 -1.74
CA SER LA 168 16.90 146.35 -1.71
C SER LA 168 16.22 146.65 -3.03
N VAL LA 169 15.01 147.19 -2.99
CA VAL LA 169 14.35 147.64 -4.21
C VAL LA 169 14.66 149.12 -4.41
N PHE LA 170 15.24 149.44 -5.55
CA PHE LA 170 15.76 150.77 -5.81
C PHE LA 170 14.67 151.65 -6.41
N PRO LA 171 14.95 152.94 -6.58
CA PRO LA 171 14.12 153.74 -7.46
C PRO LA 171 14.08 153.19 -8.87
N SER LA 172 12.92 153.28 -9.48
CA SER LA 172 12.73 152.90 -10.86
C SER LA 172 12.96 154.11 -11.77
N PRO LA 173 13.46 153.91 -12.98
CA PRO LA 173 13.77 155.06 -13.85
C PRO LA 173 12.56 155.82 -14.38
N LYS LA 174 11.58 155.12 -14.97
CA LYS LA 174 10.53 155.81 -15.70
C LYS LA 174 9.52 156.47 -14.78
N VAL LA 175 8.77 155.68 -14.05
CA VAL LA 175 7.79 156.22 -13.13
C VAL LA 175 8.49 156.48 -11.81
N SER LA 176 7.96 157.42 -11.04
CA SER LA 176 8.58 157.86 -9.80
C SER LA 176 7.53 157.89 -8.72
N ASP LA 177 7.32 156.76 -8.07
CA ASP LA 177 6.56 156.77 -6.82
C ASP LA 177 7.49 157.18 -5.69
N THR LA 178 6.89 157.72 -4.63
CA THR LA 178 7.60 158.30 -3.49
C THR LA 178 8.52 159.43 -3.97
N VAL LA 179 7.87 160.51 -4.40
CA VAL LA 179 8.47 161.54 -5.26
C VAL LA 179 9.72 162.21 -4.74
N VAL LA 180 10.07 162.05 -3.46
CA VAL LA 180 11.45 162.30 -3.04
C VAL LA 180 12.16 160.95 -3.04
N GLU LA 181 12.50 160.49 -4.25
CA GLU LA 181 13.32 159.29 -4.35
C GLU LA 181 14.80 159.61 -4.19
N PRO LA 182 15.41 160.53 -4.98
CA PRO LA 182 16.87 160.59 -5.00
C PRO LA 182 17.49 161.06 -3.71
N TYR LA 183 16.75 161.70 -2.82
CA TYR LA 183 17.29 162.01 -1.50
C TYR LA 183 17.38 160.77 -0.63
N ASN LA 184 16.35 159.92 -0.67
CA ASN LA 184 16.36 158.72 0.15
C ASN LA 184 17.33 157.68 -0.40
N ALA LA 185 17.41 157.56 -1.72
CA ALA LA 185 18.30 156.57 -2.33
C ALA LA 185 19.76 156.93 -2.11
N THR LA 186 20.11 158.20 -2.29
CA THR LA 186 21.51 158.60 -2.21
C THR LA 186 22.03 158.51 -0.79
N LEU LA 187 21.25 158.99 0.17
CA LEU LA 187 21.70 158.96 1.55
C LEU LA 187 21.74 157.56 2.13
N SER LA 188 20.99 156.63 1.54
CA SER LA 188 21.00 155.28 2.06
C SER LA 188 22.07 154.41 1.42
N VAL LA 189 22.40 154.67 0.16
CA VAL LA 189 23.50 153.96 -0.49
C VAL LA 189 24.83 154.33 0.16
N HIS LA 190 24.99 155.59 0.55
CA HIS LA 190 26.22 156.02 1.21
C HIS LA 190 26.46 155.28 2.52
N GLN LA 191 25.40 154.92 3.24
CA GLN LA 191 25.56 154.01 4.37
C GLN LA 191 25.76 152.58 3.91
N LEU LA 192 25.13 152.21 2.79
CA LEU LA 192 25.12 150.83 2.38
C LEU LA 192 26.42 150.41 1.69
N VAL LA 193 27.23 151.39 1.27
CA VAL LA 193 28.47 151.06 0.59
C VAL LA 193 29.54 150.66 1.59
N GLU LA 194 29.40 151.09 2.85
CA GLU LA 194 30.41 150.82 3.85
C GLU LA 194 29.87 150.03 5.03
N ASN LA 195 28.71 149.39 4.90
CA ASN LA 195 28.18 148.59 5.99
C ASN LA 195 27.48 147.33 5.50
N ALA LA 196 27.73 146.90 4.27
CA ALA LA 196 27.04 145.73 3.75
C ALA LA 196 28.01 144.83 3.01
N ASP LA 197 27.76 143.53 3.06
CA ASP LA 197 28.67 142.59 2.40
C ASP LA 197 28.26 142.33 0.96
N GLU LA 198 26.98 142.13 0.71
CA GLU LA 198 26.51 142.04 -0.68
C GLU LA 198 25.10 142.62 -0.78
N VAL LA 199 24.89 143.42 -1.82
CA VAL LA 199 23.64 144.15 -2.01
C VAL LA 199 23.06 143.71 -3.34
N GLN LA 200 21.85 143.19 -3.31
CA GLN LA 200 21.23 142.62 -4.49
C GLN LA 200 20.06 143.50 -4.90
N VAL LA 201 20.19 144.13 -6.06
CA VAL LA 201 19.33 145.22 -6.48
C VAL LA 201 18.13 144.66 -7.21
N ILE LA 202 16.94 145.10 -6.82
CA ILE LA 202 15.70 144.79 -7.50
C ILE LA 202 15.08 146.11 -7.93
N ASP LA 203 14.48 146.13 -9.10
CA ASP LA 203 13.73 147.29 -9.58
C ASP LA 203 12.32 146.85 -9.87
N ASN LA 204 11.35 147.68 -9.51
CA ASN LA 204 9.97 147.30 -9.74
C ASN LA 204 9.65 147.26 -11.23
N GLU LA 205 10.21 148.17 -12.01
CA GLU LA 205 9.95 148.15 -13.45
C GLU LA 205 10.61 146.97 -14.13
N ALA LA 206 11.69 146.46 -13.55
CA ALA LA 206 12.29 145.26 -14.11
C ALA LA 206 11.40 144.05 -13.86
N LEU LA 207 10.67 144.05 -12.74
CA LEU LA 207 9.79 142.92 -12.46
C LEU LA 207 8.52 142.99 -13.31
N TYR LA 208 8.06 144.19 -13.62
CA TYR LA 208 6.89 144.34 -14.49
C TYR LA 208 7.21 143.84 -15.89
N ASP LA 209 8.41 144.11 -16.37
CA ASP LA 209 8.80 143.63 -17.69
C ASP LA 209 8.89 142.11 -17.71
N ILE LA 210 9.37 141.51 -16.63
CA ILE LA 210 9.48 140.05 -16.57
C ILE LA 210 8.09 139.43 -16.55
N CYS LA 211 7.19 140.00 -15.77
CA CYS LA 211 5.87 139.40 -15.61
C CYS LA 211 5.00 139.66 -16.82
N PHE LA 212 5.30 140.69 -17.60
CA PHE LA 212 4.61 140.89 -18.87
C PHE LA 212 5.20 140.03 -19.98
N ARG LA 213 6.49 140.22 -20.28
CA ARG LA 213 7.05 139.65 -21.51
C ARG LA 213 7.25 138.14 -21.40
N THR LA 214 7.72 137.66 -20.25
CA THR LA 214 8.01 136.24 -20.13
C THR LA 214 6.86 135.46 -19.52
N LEU LA 215 6.28 135.93 -18.43
CA LEU LA 215 5.25 135.15 -17.76
C LEU LA 215 3.89 135.25 -18.44
N LYS LA 216 3.69 136.26 -19.29
CA LYS LA 216 2.43 136.52 -19.97
C LYS LA 216 1.27 136.60 -18.99
N LEU LA 217 1.50 137.28 -17.87
CA LEU LA 217 0.46 137.53 -16.89
C LEU LA 217 -0.09 138.93 -17.11
N THR LA 218 -1.39 139.02 -17.38
CA THR LA 218 -2.00 140.30 -17.70
C THR LA 218 -2.19 141.19 -16.49
N THR LA 219 -2.33 140.62 -15.29
CA THR LA 219 -2.64 141.38 -14.09
C THR LA 219 -1.59 141.07 -13.02
N PRO LA 220 -0.45 141.72 -13.09
CA PRO LA 220 0.57 141.53 -12.06
C PRO LA 220 0.27 142.35 -10.82
N THR LA 221 -0.12 141.68 -9.75
CA THR LA 221 -0.23 142.34 -8.46
C THR LA 221 1.09 142.23 -7.73
N TYR LA 222 1.24 143.01 -6.66
CA TYR LA 222 2.42 142.87 -5.81
C TYR LA 222 2.54 141.49 -5.21
N GLY LA 223 1.43 140.77 -5.06
CA GLY LA 223 1.51 139.38 -4.65
C GLY LA 223 2.27 138.52 -5.63
N ASP LA 224 2.23 138.88 -6.91
CA ASP LA 224 2.96 138.09 -7.90
C ASP LA 224 4.39 138.58 -8.06
N LEU LA 225 4.62 139.89 -8.00
CA LEU LA 225 5.98 140.40 -8.11
C LEU LA 225 6.82 139.99 -6.90
N ASN LA 226 6.22 139.95 -5.72
CA ASN LA 226 6.96 139.52 -4.56
C ASN LA 226 7.35 138.06 -4.66
N HIS LA 227 6.51 137.26 -5.30
CA HIS LA 227 6.73 135.82 -5.34
C HIS LA 227 7.93 135.48 -6.21
N LEU LA 228 8.19 136.28 -7.25
CA LEU LA 228 9.38 136.08 -8.05
C LEU LA 228 10.64 136.44 -7.30
N VAL LA 229 10.63 137.58 -6.60
CA VAL LA 229 11.77 137.95 -5.77
C VAL LA 229 11.93 136.94 -4.65
N SER LA 230 10.80 136.43 -4.15
CA SER LA 230 10.81 135.37 -3.15
C SER LA 230 11.47 134.11 -3.69
N ALA LA 231 11.27 133.80 -4.97
CA ALA LA 231 11.91 132.63 -5.55
C ALA LA 231 13.39 132.88 -5.79
N ALA LA 232 13.78 134.14 -5.99
CA ALA LA 232 15.18 134.44 -6.21
C ALA LA 232 15.99 134.32 -4.93
N MET LA 233 15.44 134.78 -3.81
CA MET LA 233 16.15 134.69 -2.54
C MET LA 233 16.17 133.29 -1.97
N SER LA 234 15.33 132.39 -2.48
CA SER LA 234 15.47 130.99 -2.11
C SER LA 234 16.67 130.37 -2.80
N GLY LA 235 16.95 130.80 -4.03
CA GLY LA 235 18.03 130.20 -4.78
C GLY LA 235 19.40 130.60 -4.29
N VAL LA 236 19.51 131.77 -3.66
CA VAL LA 236 20.81 132.23 -3.18
C VAL LA 236 21.23 131.50 -1.91
N THR LA 237 20.30 130.76 -1.30
CA THR LA 237 20.59 130.00 -0.10
C THR LA 237 19.99 128.60 -0.14
N CYS LA 238 20.11 127.91 -1.27
CA CYS LA 238 19.66 126.52 -1.32
C CYS LA 238 20.56 125.61 -0.50
N CYS LA 239 21.87 125.77 -0.67
CA CYS LA 239 22.76 124.71 -0.22
C CYS LA 239 23.07 124.80 1.27
N LEU LA 240 22.76 125.93 1.91
CA LEU LA 240 22.79 125.96 3.35
C LEU LA 240 21.72 125.06 3.95
N ARG LA 241 20.69 124.70 3.18
CA ARG LA 241 19.61 123.87 3.66
C ARG LA 241 19.54 122.50 3.02
N PHE LA 242 20.27 122.27 1.93
CA PHE LA 242 20.17 121.01 1.21
C PHE LA 242 21.55 120.57 0.76
N PRO LA 243 21.75 119.27 0.54
CA PRO LA 243 23.04 118.80 0.02
C PRO LA 243 23.22 119.08 -1.45
N GLY LA 244 24.31 118.59 -2.04
CA GLY LA 244 24.51 118.77 -3.45
C GLY LA 244 25.89 118.33 -3.87
N GLN LA 245 26.08 118.24 -5.18
CA GLN LA 245 27.36 117.81 -5.72
C GLN LA 245 28.42 118.89 -5.64
N LEU LA 246 28.03 120.16 -5.67
CA LEU LA 246 28.98 121.25 -5.47
C LEU LA 246 28.30 122.30 -4.61
N ASN LA 247 28.82 122.50 -3.41
CA ASN LA 247 28.16 123.28 -2.39
C ASN LA 247 28.61 124.74 -2.41
N SER LA 248 27.76 125.59 -1.86
CA SER LA 248 28.04 127.03 -1.86
C SER LA 248 27.20 127.71 -0.80
N ASP LA 249 27.86 128.54 -0.01
CA ASP LA 249 27.22 129.33 1.04
C ASP LA 249 27.21 130.80 0.63
N LEU LA 250 26.74 131.65 1.54
CA LEU LA 250 26.75 133.09 1.26
C LEU LA 250 28.17 133.64 1.29
N ARG LA 251 29.02 133.07 2.13
CA ARG LA 251 30.42 133.47 2.11
C ARG LA 251 31.10 133.00 0.83
N LYS LA 252 30.66 131.87 0.30
CA LYS LA 252 31.22 131.34 -0.93
C LYS LA 252 30.94 132.28 -2.10
N LEU LA 253 29.73 132.82 -2.15
CA LEU LA 253 29.36 133.75 -3.21
C LEU LA 253 30.11 135.08 -3.07
N ALA LA 254 30.36 135.51 -1.83
CA ALA LA 254 30.91 136.84 -1.60
C ALA LA 254 32.35 136.93 -2.06
N VAL LA 255 33.11 135.86 -1.89
CA VAL LA 255 34.54 135.94 -2.15
C VAL LA 255 34.81 135.84 -3.64
N ASN LA 256 34.04 135.03 -4.36
CA ASN LA 256 34.27 134.92 -5.79
C ASN LA 256 33.73 136.09 -6.59
N LEU LA 257 32.83 136.88 -6.04
CA LEU LA 257 32.10 137.88 -6.81
C LEU LA 257 32.53 139.31 -6.55
N ILE LA 258 33.20 139.58 -5.44
CA ILE LA 258 33.54 140.94 -5.04
C ILE LA 258 35.05 141.10 -5.13
N PRO LA 259 35.57 141.58 -6.24
CA PRO LA 259 37.02 141.68 -6.38
C PRO LA 259 37.60 142.81 -5.56
N PHE LA 260 36.88 143.92 -5.49
CA PHE LA 260 37.31 145.06 -4.72
C PHE LA 260 36.19 145.44 -3.77
N PRO LA 261 36.50 145.89 -2.56
CA PRO LA 261 35.50 145.88 -1.49
C PRO LA 261 34.43 146.94 -1.62
N ARG LA 262 34.71 148.05 -2.32
CA ARG LA 262 33.73 149.11 -2.44
C ARG LA 262 32.55 148.70 -3.32
N LEU LA 263 32.78 147.82 -4.28
CA LEU LA 263 31.78 147.46 -5.27
C LEU LA 263 31.23 146.08 -4.95
N HIS LA 264 30.02 146.05 -4.40
CA HIS LA 264 29.34 144.80 -4.09
C HIS LA 264 27.86 144.89 -4.44
N PHE LA 265 27.52 145.54 -5.54
CA PHE LA 265 26.14 145.68 -5.97
C PHE LA 265 25.91 144.76 -7.16
N PHE LA 266 24.91 143.90 -7.05
CA PHE LA 266 24.77 142.74 -7.92
C PHE LA 266 23.52 142.84 -8.77
N LEU LA 267 23.31 141.79 -9.56
CA LEU LA 267 22.15 141.66 -10.42
C LEU LA 267 21.57 140.28 -10.21
N ILE LA 268 20.25 140.17 -10.17
CA ILE LA 268 19.57 138.92 -9.85
C ILE LA 268 18.72 138.50 -11.03
N GLY LA 269 18.79 137.23 -11.39
CA GLY LA 269 17.88 136.66 -12.37
C GLY LA 269 17.46 135.28 -11.91
N PHE LA 270 16.36 134.80 -12.49
CA PHE LA 270 15.82 133.50 -12.14
C PHE LA 270 15.35 132.80 -13.39
N ALA LA 271 15.72 131.53 -13.53
CA ALA LA 271 15.29 130.71 -14.65
C ALA LA 271 14.96 129.34 -14.09
N PRO LA 272 14.01 128.62 -14.67
CA PRO LA 272 13.21 128.92 -15.84
C PRO LA 272 11.98 129.74 -15.54
N LEU LA 273 11.52 130.44 -16.56
CA LEU LA 273 10.25 131.15 -16.54
C LEU LA 273 9.55 130.88 -17.87
N THR LA 274 8.56 130.01 -17.85
CA THR LA 274 7.70 129.80 -18.99
C THR LA 274 6.33 130.36 -18.66
N SER LA 275 5.61 130.76 -19.68
CA SER LA 275 4.23 131.18 -19.47
C SER LA 275 3.38 130.00 -19.06
N ARG LA 276 2.20 130.29 -18.53
CA ARG LA 276 1.31 129.22 -18.09
C ARG LA 276 0.85 128.35 -19.24
N GLY LA 277 0.82 128.90 -20.45
CA GLY LA 277 0.46 128.13 -21.63
C GLY LA 277 1.65 127.50 -22.31
N SER LA 278 2.77 128.22 -22.34
CA SER LA 278 3.98 127.73 -23.00
C SER LA 278 4.75 126.71 -22.18
N GLN LA 279 4.20 126.24 -21.06
CA GLN LA 279 4.89 125.25 -20.25
C GLN LA 279 4.97 123.91 -20.94
N GLN LA 280 3.96 123.58 -21.73
CA GLN LA 280 3.89 122.27 -22.36
C GLN LA 280 4.88 122.15 -23.51
N TYR LA 281 5.14 123.24 -24.20
CA TYR LA 281 5.85 123.19 -25.47
C TYR LA 281 7.36 123.29 -25.33
N ARG LA 282 7.88 123.58 -24.14
CA ARG LA 282 9.28 123.93 -24.00
C ARG LA 282 10.04 122.81 -23.32
N ALA LA 283 11.27 122.56 -23.77
CA ALA LA 283 12.15 121.61 -23.12
C ALA LA 283 12.64 122.19 -21.80
N LEU LA 284 13.33 121.36 -21.02
CA LEU LA 284 13.88 121.83 -19.75
C LEU LA 284 15.23 121.14 -19.57
N SER LA 285 16.28 121.79 -20.06
CA SER LA 285 17.63 121.25 -19.98
C SER LA 285 18.58 122.38 -19.67
N VAL LA 286 19.80 122.00 -19.25
CA VAL LA 286 20.78 122.99 -18.82
C VAL LA 286 21.12 124.04 -19.88
N PRO LA 287 21.25 123.72 -21.17
CA PRO LA 287 21.42 124.81 -22.15
C PRO LA 287 20.25 125.77 -22.23
N GLU LA 288 19.02 125.33 -21.97
CA GLU LA 288 17.91 126.27 -22.04
C GLU LA 288 17.84 127.14 -20.80
N LEU LA 289 18.30 126.63 -19.66
CA LEU LA 289 18.41 127.48 -18.48
C LEU LA 289 19.44 128.58 -18.68
N THR LA 290 20.58 128.25 -19.27
CA THR LA 290 21.68 129.21 -19.30
C THR LA 290 21.50 130.26 -20.39
N GLN LA 291 20.60 130.04 -21.33
CA GLN LA 291 20.30 131.10 -22.27
C GLN LA 291 19.18 131.99 -21.77
N GLN LA 292 18.30 131.46 -20.91
CA GLN LA 292 17.36 132.32 -20.22
C GLN LA 292 18.04 133.04 -19.07
N MET LA 293 19.18 132.52 -18.64
CA MET LA 293 20.01 133.17 -17.63
C MET LA 293 20.52 134.51 -18.14
N PHE LA 294 21.32 134.47 -19.21
CA PHE LA 294 22.06 135.62 -19.72
C PHE LA 294 21.19 136.41 -20.68
N ASP LA 295 20.11 136.95 -20.16
CA ASP LA 295 19.21 137.72 -20.99
C ASP LA 295 18.85 138.98 -20.23
N ALA LA 296 18.91 140.11 -20.92
CA ALA LA 296 18.53 141.39 -20.31
C ALA LA 296 17.07 141.42 -19.93
N LYS LA 297 16.23 140.65 -20.62
CA LYS LA 297 14.83 140.57 -20.27
C LYS LA 297 14.65 139.90 -18.91
N ASN LA 298 15.52 138.98 -18.58
CA ASN LA 298 15.34 138.15 -17.38
C ASN LA 298 15.86 138.79 -16.11
N MET LA 299 16.77 139.75 -16.21
CA MET LA 299 17.34 140.34 -15.00
C MET LA 299 16.32 141.17 -14.25
N MET LA 300 16.43 141.15 -12.93
CA MET LA 300 15.56 141.90 -12.06
C MET LA 300 16.07 143.29 -11.77
N CYS LA 301 16.89 143.84 -12.65
CA CYS LA 301 17.38 145.20 -12.54
C CYS LA 301 17.09 145.95 -13.83
N ALA LA 302 16.78 147.24 -13.70
CA ALA LA 302 16.46 148.07 -14.86
C ALA LA 302 17.75 148.65 -15.44
N SER LA 303 18.66 147.75 -15.78
CA SER LA 303 19.97 148.10 -16.30
C SER LA 303 20.40 146.97 -17.23
N ASP LA 304 20.82 147.32 -18.42
CA ASP LA 304 21.19 146.40 -19.50
C ASP LA 304 22.58 145.84 -19.29
N PRO LA 305 22.75 144.51 -19.20
CA PRO LA 305 24.09 143.95 -19.11
C PRO LA 305 25.00 144.32 -20.28
N ARG LA 306 24.43 144.42 -21.48
CA ARG LA 306 25.21 144.54 -22.69
C ARG LA 306 25.94 145.86 -22.80
N HIS LA 307 25.48 146.91 -22.12
CA HIS LA 307 26.18 148.18 -22.14
C HIS LA 307 27.42 148.17 -21.25
N GLY LA 308 27.59 147.13 -20.44
CA GLY LA 308 28.75 147.04 -19.59
C GLY LA 308 29.39 145.68 -19.65
N ARG LA 309 30.35 145.42 -18.78
CA ARG LA 309 31.08 144.17 -18.78
C ARG LA 309 30.90 143.47 -17.44
N TYR LA 310 30.54 142.20 -17.50
CA TYR LA 310 30.38 141.38 -16.30
C TYR LA 310 31.73 141.20 -15.65
N LEU LA 311 31.93 141.86 -14.51
CA LEU LA 311 33.22 141.77 -13.82
C LEU LA 311 33.43 140.38 -13.27
N THR LA 312 32.44 139.84 -12.57
CA THR LA 312 32.41 138.44 -12.17
C THR LA 312 30.95 138.07 -11.96
N ALA LA 313 30.59 136.84 -12.28
CA ALA LA 313 29.22 136.43 -12.08
C ALA LA 313 29.15 135.01 -11.57
N SER LA 314 28.01 134.64 -11.01
CA SER LA 314 27.80 133.34 -10.39
C SER LA 314 26.58 132.66 -10.98
N ALA LA 315 26.39 131.40 -10.59
CA ALA LA 315 25.27 130.60 -11.10
C ALA LA 315 24.99 129.48 -10.12
N MET LA 316 23.90 129.58 -9.37
CA MET LA 316 23.51 128.57 -8.40
C MET LA 316 22.44 127.69 -9.03
N PHE LA 317 22.83 126.52 -9.50
CA PHE LA 317 21.89 125.60 -10.10
C PHE LA 317 21.19 124.80 -9.01
N ARG LA 318 20.05 124.24 -9.36
CA ARG LA 318 19.30 123.39 -8.46
C ARG LA 318 18.66 122.28 -9.27
N GLY LA 319 18.70 121.07 -8.73
CA GLY LA 319 18.10 119.95 -9.41
C GLY LA 319 19.13 118.90 -9.78
N ARG LA 320 18.66 117.71 -10.10
CA ARG LA 320 19.55 116.63 -10.52
C ARG LA 320 20.01 116.91 -11.93
N MET LA 321 21.31 117.03 -12.13
CA MET LA 321 21.81 117.45 -13.44
C MET LA 321 23.25 117.00 -13.60
N SER LA 322 23.70 117.03 -14.84
CA SER LA 322 25.05 116.63 -15.18
C SER LA 322 26.01 117.76 -14.88
N THR LA 323 27.11 117.42 -14.23
CA THR LA 323 28.08 118.44 -13.85
C THR LA 323 28.78 119.00 -15.07
N LYS LA 324 29.03 118.18 -16.08
CA LYS LA 324 29.77 118.75 -17.19
C LYS LA 324 28.91 119.58 -18.11
N GLU LA 325 27.59 119.35 -18.16
CA GLU LA 325 26.73 120.27 -18.88
C GLU LA 325 26.70 121.62 -18.20
N VAL LA 326 26.75 121.64 -16.87
CA VAL LA 326 27.04 122.87 -16.18
C VAL LA 326 28.44 123.34 -16.55
N ASP LA 327 29.39 122.43 -16.58
CA ASP LA 327 30.77 122.82 -16.84
C ASP LA 327 30.99 123.25 -18.28
N GLU LA 328 30.26 122.66 -19.21
CA GLU LA 328 30.44 123.01 -20.62
C GLU LA 328 29.77 124.33 -20.97
N GLN LA 329 28.51 124.51 -20.56
CA GLN LA 329 27.77 125.70 -20.96
C GLN LA 329 28.33 126.96 -20.32
N MET LA 330 28.87 126.83 -19.13
CA MET LA 330 29.36 128.00 -18.40
C MET LA 330 30.66 128.49 -19.01
N LEU LA 331 31.45 127.59 -19.58
CA LEU LA 331 32.57 127.98 -20.42
C LEU LA 331 32.11 128.44 -21.79
N ASN LA 332 31.04 127.84 -22.30
CA ASN LA 332 30.57 128.15 -23.64
C ASN LA 332 30.06 129.60 -23.71
N VAL LA 333 29.36 130.05 -22.67
CA VAL LA 333 28.85 131.41 -22.69
C VAL LA 333 29.96 132.44 -22.52
N GLN LA 334 31.11 132.04 -22.02
CA GLN LA 334 32.21 132.98 -21.92
C GLN LA 334 32.87 133.21 -23.27
N ASN LA 335 32.94 132.18 -24.11
CA ASN LA 335 33.76 132.26 -25.29
C ASN LA 335 33.00 132.74 -26.53
N LYS LA 336 31.70 132.46 -26.61
CA LYS LA 336 30.91 133.02 -27.70
C LYS LA 336 30.64 134.51 -27.46
N ASN LA 337 29.97 134.84 -26.36
CA ASN LA 337 29.75 136.23 -25.98
C ASN LA 337 31.03 136.75 -25.32
N SER LA 338 32.06 136.92 -26.15
CA SER LA 338 33.40 137.13 -25.62
C SER LA 338 33.59 138.52 -25.03
N SER LA 339 32.94 139.53 -25.59
CA SER LA 339 33.21 140.91 -25.19
C SER LA 339 32.40 141.37 -24.01
N TYR LA 340 31.49 140.55 -23.49
CA TYR LA 340 30.65 140.95 -22.36
C TYR LA 340 31.33 140.72 -21.03
N PHE LA 341 32.50 140.09 -21.01
CA PHE LA 341 33.20 139.73 -19.79
C PHE LA 341 34.55 140.44 -19.75
N VAL LA 342 35.00 140.71 -18.56
CA VAL LA 342 36.22 141.48 -18.37
C VAL LA 342 37.42 140.58 -18.68
N GLU LA 343 38.54 141.19 -19.05
CA GLU LA 343 39.67 140.45 -19.57
C GLU LA 343 40.60 139.95 -18.48
N TRP LA 344 40.92 140.78 -17.50
CA TRP LA 344 41.96 140.48 -16.52
C TRP LA 344 41.51 139.52 -15.42
N ILE LA 345 40.36 138.88 -15.56
CA ILE LA 345 40.01 137.74 -14.74
C ILE LA 345 39.77 136.55 -15.67
N PRO LA 346 40.69 135.61 -15.75
CA PRO LA 346 40.33 134.32 -16.34
C PRO LA 346 39.26 133.66 -15.49
N ASN LA 347 38.32 133.00 -16.16
CA ASN LA 347 37.10 132.51 -15.54
C ASN LA 347 36.25 133.52 -14.81
N ASN LA 348 35.56 134.36 -15.51
CA ASN LA 348 34.64 135.18 -14.77
C ASN LA 348 33.43 134.44 -14.27
N MET LA 349 33.25 133.12 -14.20
CA MET LA 349 32.00 132.55 -13.72
C MET LA 349 32.24 131.56 -12.60
N LYS LA 350 31.24 131.43 -11.73
CA LYS LA 350 31.21 130.46 -10.65
C LYS LA 350 29.93 129.63 -10.74
N SER LA 351 30.04 128.33 -10.49
CA SER LA 351 28.90 127.42 -10.57
C SER LA 351 28.74 126.63 -9.28
N SER LA 352 27.51 126.27 -8.98
CA SER LA 352 27.18 125.43 -7.84
C SER LA 352 25.97 124.57 -8.19
N VAL LA 353 25.85 123.42 -7.50
CA VAL LA 353 24.75 122.48 -7.73
C VAL LA 353 24.15 122.08 -6.39
N CYS LA 354 22.85 122.32 -6.22
CA CYS LA 354 22.09 122.00 -5.02
C CYS LA 354 20.99 121.02 -5.40
N ASP LA 355 21.16 119.75 -5.05
CA ASP LA 355 20.50 118.66 -5.78
C ASP LA 355 19.00 118.56 -5.58
N ILE LA 356 18.40 119.32 -4.65
CA ILE LA 356 16.97 119.25 -4.40
C ILE LA 356 16.31 120.42 -5.11
N PRO LA 357 15.48 120.19 -6.12
CA PRO LA 357 14.92 121.27 -6.90
C PRO LA 357 13.75 121.91 -6.19
N PRO LA 358 13.39 123.14 -6.55
CA PRO LA 358 12.18 123.74 -6.00
C PRO LA 358 10.94 123.03 -6.51
N LYS LA 359 9.84 123.22 -5.78
CA LYS LA 359 8.65 122.39 -5.95
C LYS LA 359 8.02 122.59 -7.33
N GLY LA 360 7.77 121.48 -8.02
CA GLY LA 360 7.15 121.52 -9.33
C GLY LA 360 8.08 121.69 -10.49
N LEU LA 361 9.38 121.81 -10.26
CA LEU LA 361 10.34 121.96 -11.34
C LEU LA 361 11.42 120.90 -11.21
N LYS LA 362 11.85 120.37 -12.35
CA LYS LA 362 12.95 119.40 -12.32
C LYS LA 362 14.28 120.09 -12.07
N MET LA 363 14.48 121.27 -12.63
CA MET LA 363 15.71 122.02 -12.38
C MET LA 363 15.46 123.51 -12.52
N SER LA 364 16.33 124.29 -11.90
CA SER LA 364 16.22 125.74 -11.92
C SER LA 364 17.60 126.33 -11.66
N VAL LA 365 17.71 127.64 -11.79
CA VAL LA 365 18.99 128.31 -11.56
C VAL LA 365 18.73 129.75 -11.15
N THR LA 366 19.71 130.34 -10.44
CA THR LA 366 19.63 131.72 -10.00
C THR LA 366 20.96 132.43 -10.28
N PHE LA 367 20.88 133.57 -10.94
CA PHE LA 367 22.03 134.35 -11.34
C PHE LA 367 22.29 135.47 -10.35
N VAL LA 368 23.52 135.57 -9.88
CA VAL LA 368 23.97 136.70 -9.07
C VAL LA 368 25.27 137.16 -9.69
N GLY LA 369 25.24 138.31 -10.35
CA GLY LA 369 26.40 138.74 -11.10
C GLY LA 369 26.79 140.18 -10.92
N ASN LA 370 28.04 140.40 -10.54
CA ASN LA 370 28.56 141.76 -10.48
C ASN LA 370 28.65 142.33 -11.87
N SER LA 371 28.43 143.63 -11.98
CA SER LA 371 28.49 144.23 -13.30
C SER LA 371 28.91 145.68 -13.20
N THR LA 372 29.61 146.13 -14.23
CA THR LA 372 29.84 147.55 -14.44
C THR LA 372 28.70 148.17 -15.21
N ALA LA 373 27.64 147.43 -15.46
CA ALA LA 373 26.41 147.97 -16.02
C ALA LA 373 25.41 148.37 -14.95
N ILE LA 374 25.77 148.23 -13.67
CA ILE LA 374 25.02 148.90 -12.61
C ILE LA 374 25.47 150.33 -12.43
N GLN LA 375 26.51 150.72 -13.17
CA GLN LA 375 26.99 152.09 -13.16
C GLN LA 375 25.97 153.07 -13.72
N GLU LA 376 25.03 152.61 -14.54
CA GLU LA 376 24.04 153.52 -15.08
C GLU LA 376 22.89 153.78 -14.12
N MET LA 377 22.62 152.89 -13.18
CA MET LA 377 21.62 153.19 -12.17
C MET LA 377 22.12 154.23 -11.19
N PHE LA 378 23.39 154.15 -10.79
CA PHE LA 378 23.89 155.08 -9.80
C PHE LA 378 24.11 156.45 -10.39
N LYS LA 379 24.43 156.52 -11.68
CA LYS LA 379 24.52 157.81 -12.34
C LYS LA 379 23.15 158.46 -12.46
N ARG LA 380 22.12 157.66 -12.73
CA ARG LA 380 20.79 158.20 -12.96
C ARG LA 380 20.17 158.71 -11.67
N VAL LA 381 20.45 158.06 -10.55
CA VAL LA 381 19.96 158.58 -9.27
C VAL LA 381 20.76 159.81 -8.87
N SER LA 382 22.06 159.84 -9.21
CA SER LA 382 22.89 160.95 -8.78
C SER LA 382 22.59 162.23 -9.55
N ASP LA 383 22.30 162.12 -10.85
CA ASP LA 383 21.99 163.36 -11.57
C ASP LA 383 20.61 163.89 -11.24
N GLN LA 384 19.69 163.02 -10.86
CA GLN LA 384 18.42 163.47 -10.30
C GLN LA 384 18.63 164.12 -8.94
N PHE LA 385 19.53 163.56 -8.14
CA PHE LA 385 19.84 164.13 -6.83
C PHE LA 385 20.49 165.49 -6.96
N THR LA 386 21.40 165.67 -7.92
CA THR LA 386 22.08 166.94 -8.05
C THR LA 386 21.25 167.96 -8.81
N ALA LA 387 20.16 167.53 -9.44
CA ALA LA 387 19.20 168.50 -9.94
C ALA LA 387 18.42 169.11 -8.79
N MET LA 388 18.00 168.28 -7.85
CA MET LA 388 17.14 168.75 -6.78
C MET LA 388 17.93 169.38 -5.64
N PHE LA 389 19.16 168.96 -5.44
CA PHE LA 389 19.99 169.60 -4.41
C PHE LA 389 20.53 170.95 -4.84
N ARG LA 390 20.62 171.20 -6.14
CA ARG LA 390 21.12 172.49 -6.60
C ARG LA 390 20.08 173.58 -6.37
N ARG LA 391 18.81 173.27 -6.62
CA ARG LA 391 17.72 174.19 -6.34
C ARG LA 391 17.30 174.18 -4.88
N LYS LA 392 17.85 173.26 -4.08
CA LYS LA 392 17.55 173.09 -2.67
C LYS LA 392 16.07 172.79 -2.43
N ALA LA 393 15.43 172.14 -3.38
CA ALA LA 393 14.05 171.74 -3.23
C ALA LA 393 13.93 170.54 -2.30
N PHE LA 394 12.86 170.53 -1.52
CA PHE LA 394 12.55 169.48 -0.54
C PHE LA 394 13.68 169.28 0.46
N LEU LA 395 14.43 170.32 0.76
CA LEU LA 395 15.56 170.20 1.65
C LEU LA 395 15.24 170.59 3.08
N HIS LA 396 14.22 171.42 3.29
CA HIS LA 396 13.91 171.87 4.64
C HIS LA 396 13.33 170.76 5.48
N TRP LA 397 12.74 169.75 4.86
CA TRP LA 397 12.25 168.61 5.60
C TRP LA 397 13.40 167.82 6.20
N TYR LA 398 14.52 167.72 5.48
CA TYR LA 398 15.64 166.93 5.96
C TYR LA 398 16.51 167.73 6.93
N THR LA 399 16.71 169.02 6.67
CA THR LA 399 17.63 169.78 7.51
C THR LA 399 16.99 170.27 8.80
N GLY LA 400 15.68 170.17 8.93
CA GLY LA 400 15.02 170.55 10.16
C GLY LA 400 14.80 169.42 11.12
N GLU LA 401 15.06 168.20 10.69
CA GLU LA 401 14.88 167.05 11.54
C GLU LA 401 16.19 166.55 12.13
N GLY LA 402 17.31 167.19 11.78
CA GLY LA 402 18.58 166.83 12.39
C GLY LA 402 19.78 166.86 11.45
N MET LA 403 19.58 166.68 10.15
CA MET LA 403 20.72 166.60 9.27
C MET LA 403 21.27 167.98 8.93
N ASP LA 404 22.51 168.00 8.48
CA ASP LA 404 23.16 169.20 8.00
C ASP LA 404 23.17 169.17 6.48
N GLU LA 405 23.81 170.16 5.87
CA GLU LA 405 23.96 170.18 4.42
C GLU LA 405 25.26 169.56 3.95
N MET LA 406 26.27 169.47 4.82
CA MET LA 406 27.50 168.78 4.43
C MET LA 406 27.31 167.28 4.36
N GLU LA 407 26.31 166.75 5.08
CA GLU LA 407 25.98 165.34 4.95
C GLU LA 407 25.42 165.04 3.57
N PHE LA 408 24.82 166.04 2.93
CA PHE LA 408 24.36 165.86 1.57
C PHE LA 408 25.52 165.87 0.58
N THR LA 409 26.50 166.74 0.81
CA THR LA 409 27.64 166.82 -0.10
C THR LA 409 28.51 165.57 0.00
N GLU LA 410 28.68 165.05 1.21
CA GLU LA 410 29.54 163.87 1.36
C GLU LA 410 28.85 162.62 0.86
N ALA LA 411 27.52 162.58 0.89
CA ALA LA 411 26.82 161.43 0.34
C ALA LA 411 26.73 161.50 -1.17
N GLU LA 412 26.93 162.67 -1.74
CA GLU LA 412 26.97 162.78 -3.18
C GLU LA 412 28.33 162.36 -3.72
N SER LA 413 29.40 162.76 -3.04
CA SER LA 413 30.74 162.41 -3.50
C SER LA 413 31.03 160.93 -3.28
N ASN LA 414 30.46 160.32 -2.25
CA ASN LA 414 30.65 158.91 -2.00
C ASN LA 414 29.57 158.09 -2.73
N MET LA 415 29.02 158.63 -3.76
CA MET LA 415 28.28 157.91 -4.77
C MET LA 415 28.80 158.24 -6.15
N ASN LA 416 29.27 159.47 -6.35
CA ASN LA 416 29.91 159.80 -7.61
C ASN LA 416 31.28 159.14 -7.73
N ASP LA 417 31.97 158.92 -6.62
CA ASP LA 417 33.21 158.14 -6.67
C ASP LA 417 32.93 156.68 -6.95
N LEU LA 418 31.80 156.16 -6.49
CA LEU LA 418 31.45 154.78 -6.80
C LEU LA 418 31.11 154.61 -8.26
N VAL LA 419 30.56 155.64 -8.89
CA VAL LA 419 30.34 155.62 -10.32
C VAL LA 419 31.68 155.60 -11.07
N SER LA 420 32.62 156.43 -10.61
CA SER LA 420 33.92 156.48 -11.25
C SER LA 420 34.71 155.20 -11.05
N GLU LA 421 34.47 154.49 -9.95
CA GLU LA 421 35.19 153.24 -9.71
C GLU LA 421 34.71 152.15 -10.65
N TYR LA 422 33.40 152.01 -10.80
CA TYR LA 422 32.86 151.10 -11.80
C TYR LA 422 33.22 151.50 -13.21
N GLN LA 423 33.60 152.76 -13.42
CA GLN LA 423 33.77 153.27 -14.78
C GLN LA 423 35.01 152.72 -15.46
N GLN LA 424 36.11 152.56 -14.73
CA GLN LA 424 37.35 152.22 -15.40
C GLN LA 424 37.45 150.75 -15.78
N TYR LA 425 36.52 149.91 -15.35
CA TYR LA 425 36.58 148.48 -15.66
C TYR LA 425 35.79 148.11 -16.90
N GLN LA 426 35.54 149.06 -17.79
CA GLN LA 426 35.08 148.71 -19.12
C GLN LA 426 35.74 149.59 -20.17
N MET MA 1 103.82 26.89 -45.76
CA MET MA 1 104.18 25.98 -46.84
C MET MA 1 104.12 26.74 -48.16
N ARG MA 2 103.72 26.06 -49.23
CA ARG MA 2 103.54 26.70 -50.53
C ARG MA 2 102.12 27.21 -50.62
N GLU MA 3 101.98 28.52 -50.87
CA GLU MA 3 100.69 29.18 -50.74
C GLU MA 3 100.58 30.28 -51.78
N VAL MA 4 99.36 30.58 -52.16
CA VAL MA 4 99.08 31.70 -53.06
C VAL MA 4 98.00 32.55 -52.44
N ILE MA 5 98.15 33.86 -52.58
CA ILE MA 5 97.31 34.83 -51.92
C ILE MA 5 96.48 35.54 -52.97
N SER MA 6 95.17 35.41 -52.89
CA SER MA 6 94.29 36.02 -53.87
C SER MA 6 93.96 37.44 -53.46
N ILE MA 7 94.04 38.36 -54.41
CA ILE MA 7 93.82 39.78 -54.15
C ILE MA 7 92.69 40.22 -55.06
N HIS MA 8 91.46 40.18 -54.57
CA HIS MA 8 90.28 40.57 -55.35
C HIS MA 8 90.02 42.05 -55.10
N VAL MA 9 89.94 42.83 -56.18
CA VAL MA 9 89.76 44.28 -56.11
C VAL MA 9 88.53 44.64 -56.94
N GLY MA 10 87.73 45.56 -56.43
CA GLY MA 10 86.59 46.06 -57.16
C GLY MA 10 85.37 45.19 -56.96
N GLN MA 11 84.24 45.64 -57.50
CA GLN MA 11 83.05 44.84 -57.31
C GLN MA 11 82.86 43.84 -58.44
N ALA MA 12 83.79 43.77 -59.37
CA ALA MA 12 83.84 42.64 -60.27
C ALA MA 12 84.76 41.57 -59.75
N GLY MA 13 85.87 41.97 -59.12
CA GLY MA 13 86.77 41.01 -58.51
C GLY MA 13 86.12 40.28 -57.36
N ILE MA 14 85.24 40.96 -56.62
CA ILE MA 14 84.54 40.32 -55.52
C ILE MA 14 83.55 39.30 -56.04
N GLN MA 15 82.78 39.66 -57.07
CA GLN MA 15 81.80 38.72 -57.58
C GLN MA 15 82.45 37.55 -58.29
N ILE MA 16 83.64 37.74 -58.85
CA ILE MA 16 84.41 36.58 -59.28
C ILE MA 16 84.85 35.78 -58.08
N GLY MA 17 85.22 36.46 -57.00
CA GLY MA 17 85.70 35.78 -55.81
C GLY MA 17 84.63 34.97 -55.10
N ASN MA 18 83.38 35.42 -55.16
CA ASN MA 18 82.30 34.66 -54.52
C ASN MA 18 82.07 33.33 -55.22
N ALA MA 19 82.14 33.33 -56.55
CA ALA MA 19 81.99 32.07 -57.27
C ALA MA 19 83.26 31.23 -57.19
N CYS MA 20 84.43 31.89 -57.14
CA CYS MA 20 85.69 31.16 -57.08
C CYS MA 20 85.88 30.49 -55.74
N TRP MA 21 85.50 31.16 -54.66
CA TRP MA 21 85.66 30.55 -53.35
C TRP MA 21 84.53 29.61 -53.02
N GLU MA 22 83.41 29.70 -53.74
CA GLU MA 22 82.39 28.66 -53.67
C GLU MA 22 82.92 27.34 -54.17
N LEU MA 23 83.68 27.38 -55.26
CA LEU MA 23 84.20 26.14 -55.83
C LEU MA 23 85.30 25.54 -54.98
N PHE MA 24 86.16 26.38 -54.41
CA PHE MA 24 87.26 25.88 -53.60
C PHE MA 24 86.78 25.21 -52.34
N CYS MA 25 85.71 25.74 -51.74
CA CYS MA 25 85.13 25.10 -50.57
C CYS MA 25 84.49 23.77 -50.93
N LEU MA 26 83.82 23.71 -52.07
CA LEU MA 26 83.13 22.50 -52.46
C LEU MA 26 84.09 21.43 -52.94
N GLU MA 27 85.26 21.83 -53.43
CA GLU MA 27 86.22 20.86 -53.95
C GLU MA 27 86.98 20.19 -52.83
N HIS MA 28 87.53 20.97 -51.91
CA HIS MA 28 88.16 20.42 -50.73
C HIS MA 28 87.15 19.95 -49.70
N GLY MA 29 85.87 20.23 -49.91
CA GLY MA 29 84.83 19.77 -49.00
C GLY MA 29 84.79 20.46 -47.66
N ILE MA 30 84.90 21.79 -47.64
CA ILE MA 30 84.77 22.53 -46.40
C ILE MA 30 83.46 23.28 -46.40
N GLN MA 31 82.81 23.31 -45.25
CA GLN MA 31 81.47 23.82 -45.10
C GLN MA 31 81.48 25.33 -45.18
N PRO MA 32 80.31 25.95 -45.35
CA PRO MA 32 80.25 27.41 -45.21
C PRO MA 32 80.64 27.89 -43.83
N ASP MA 33 80.49 27.05 -42.81
CA ASP MA 33 81.00 27.38 -41.48
C ASP MA 33 82.51 27.51 -41.48
N GLY MA 34 83.20 26.58 -42.13
CA GLY MA 34 84.62 26.71 -42.33
C GLY MA 34 85.44 25.54 -41.85
N GLN MA 35 84.81 24.42 -41.50
CA GLN MA 35 85.56 23.25 -41.09
C GLN MA 35 85.05 22.00 -41.78
N MET MA 36 85.99 21.11 -42.10
CA MET MA 36 85.52 19.91 -42.75
C MET MA 36 85.18 18.84 -41.73
N PRO MA 37 84.20 17.99 -42.02
CA PRO MA 37 83.84 16.89 -41.13
C PRO MA 37 84.61 15.60 -41.43
N ASP MA 47 96.63 17.58 -45.93
CA ASP MA 47 97.27 18.89 -45.85
C ASP MA 47 97.62 19.39 -47.24
N ALA MA 48 97.04 18.77 -48.25
CA ALA MA 48 97.28 19.17 -49.63
C ALA MA 48 96.55 20.45 -50.00
N PHE MA 49 95.48 20.77 -49.28
CA PHE MA 49 94.68 21.96 -49.53
C PHE MA 49 95.23 23.20 -48.85
N ASN MA 50 96.47 23.17 -48.39
CA ASN MA 50 96.95 24.24 -47.54
C ASN MA 50 97.30 25.48 -48.37
N THR MA 51 97.31 25.39 -49.69
CA THR MA 51 97.72 26.54 -50.48
C THR MA 51 96.62 27.58 -50.64
N PHE MA 52 95.38 27.24 -50.32
CA PHE MA 52 94.27 28.18 -50.43
C PHE MA 52 93.50 28.38 -49.14
N PHE MA 53 93.62 27.49 -48.18
CA PHE MA 53 92.91 27.62 -46.94
C PHE MA 53 93.88 27.50 -45.78
N SER MA 54 93.81 28.43 -44.84
CA SER MA 54 94.72 28.43 -43.71
C SER MA 54 94.28 27.40 -42.68
N GLU MA 55 94.89 27.42 -41.52
CA GLU MA 55 94.52 26.52 -40.43
C GLU MA 55 94.41 27.37 -39.19
N THR MA 56 93.22 27.45 -38.61
CA THR MA 56 93.02 28.14 -37.35
C THR MA 56 92.52 27.14 -36.33
N GLY MA 57 93.43 26.34 -35.81
CA GLY MA 57 93.07 25.42 -34.76
C GLY MA 57 92.24 24.25 -35.22
N ALA MA 58 91.18 23.95 -34.48
CA ALA MA 58 90.41 22.72 -34.68
C ALA MA 58 89.50 22.88 -35.88
N GLY MA 59 89.90 22.30 -37.00
CA GLY MA 59 89.02 22.15 -38.15
C GLY MA 59 88.91 23.36 -39.05
N LYS MA 60 89.07 24.55 -38.46
CA LYS MA 60 88.84 25.82 -39.14
C LYS MA 60 89.81 26.00 -40.30
N HIS MA 61 89.30 26.52 -41.40
CA HIS MA 61 90.15 26.99 -42.49
C HIS MA 61 89.64 28.33 -42.97
N VAL MA 62 90.42 29.38 -42.77
CA VAL MA 62 90.07 30.68 -43.30
C VAL MA 62 90.79 30.84 -44.63
N PRO MA 63 90.14 31.40 -45.65
CA PRO MA 63 90.81 31.55 -46.94
C PRO MA 63 91.93 32.56 -46.90
N ARG MA 64 92.90 32.37 -47.79
CA ARG MA 64 94.02 33.27 -47.96
C ARG MA 64 93.73 34.36 -48.99
N CYS MA 65 92.63 35.10 -48.83
CA CYS MA 65 92.23 36.09 -49.81
C CYS MA 65 91.88 37.40 -49.13
N VAL MA 66 91.99 38.49 -49.87
CA VAL MA 66 91.55 39.79 -49.39
C VAL MA 66 90.57 40.37 -50.40
N PHE MA 67 89.49 40.94 -49.88
CA PHE MA 67 88.46 41.58 -50.69
C PHE MA 67 88.52 43.08 -50.46
N LEU MA 68 88.71 43.84 -51.53
CA LEU MA 68 88.78 45.29 -51.42
C LEU MA 68 87.72 45.89 -52.31
N ASP MA 69 86.98 46.88 -51.78
CA ASP MA 69 86.11 47.67 -52.64
C ASP MA 69 85.79 48.96 -51.93
N LEU MA 70 85.78 50.05 -52.70
CA LEU MA 70 85.53 51.34 -52.08
C LEU MA 70 84.07 51.58 -51.73
N GLU MA 71 83.18 50.77 -52.26
CA GLU MA 71 81.76 50.86 -52.05
C GLU MA 71 81.31 49.86 -51.01
N PRO MA 72 80.52 50.25 -50.02
CA PRO MA 72 80.14 49.29 -48.98
C PRO MA 72 79.09 48.27 -49.38
N THR MA 73 78.36 48.44 -50.49
CA THR MA 73 77.23 47.54 -50.74
C THR MA 73 77.69 46.13 -51.11
N VAL MA 74 78.68 45.99 -51.99
CA VAL MA 74 78.99 44.67 -52.51
C VAL MA 74 79.73 43.82 -51.47
N VAL MA 75 80.41 44.45 -50.52
CA VAL MA 75 81.13 43.70 -49.51
C VAL MA 75 80.23 43.36 -48.34
N ASP MA 76 79.34 44.28 -47.96
CA ASP MA 76 78.40 44.01 -46.89
C ASP MA 76 77.44 42.90 -47.26
N GLU MA 77 77.26 42.68 -48.56
CA GLU MA 77 76.47 41.55 -49.02
C GLU MA 77 77.14 40.24 -48.64
N VAL MA 78 78.46 40.17 -48.75
CA VAL MA 78 79.18 38.96 -48.36
C VAL MA 78 79.15 38.78 -46.86
N ARG MA 79 79.23 39.89 -46.11
CA ARG MA 79 79.17 39.82 -44.66
C ARG MA 79 77.80 39.42 -44.13
N THR MA 80 76.77 39.52 -44.95
CA THR MA 80 75.41 39.25 -44.53
C THR MA 80 74.89 37.91 -45.06
N GLY MA 81 75.48 37.40 -46.12
CA GLY MA 81 75.01 36.17 -46.73
C GLY MA 81 75.50 34.94 -45.99
N THR MA 82 75.51 33.84 -46.74
CA THR MA 82 75.76 32.53 -46.14
C THR MA 82 77.19 32.40 -45.64
N TYR MA 83 78.14 32.94 -46.37
CA TYR MA 83 79.54 32.79 -46.02
C TYR MA 83 80.00 33.92 -45.12
N ARG MA 84 79.28 34.15 -44.03
CA ARG MA 84 79.68 35.24 -43.13
C ARG MA 84 80.74 34.82 -42.14
N HIS MA 85 81.03 33.53 -42.03
CA HIS MA 85 82.01 33.05 -41.07
C HIS MA 85 83.11 32.21 -41.67
N LEU MA 86 83.00 31.82 -42.94
CA LEU MA 86 84.17 31.33 -43.65
C LEU MA 86 85.23 32.40 -43.74
N PHE MA 87 84.84 33.61 -44.08
CA PHE MA 87 85.79 34.67 -44.34
C PHE MA 87 86.13 35.41 -43.07
N HIS MA 88 87.40 35.73 -42.91
CA HIS MA 88 87.85 36.42 -41.72
C HIS MA 88 87.28 37.83 -41.72
N PRO MA 89 86.86 38.34 -40.57
CA PRO MA 89 86.07 39.59 -40.56
C PRO MA 89 86.84 40.84 -40.94
N GLU MA 90 88.16 40.79 -41.12
CA GLU MA 90 88.80 41.92 -41.78
C GLU MA 90 89.71 41.47 -42.92
N GLN MA 91 89.39 40.36 -43.57
CA GLN MA 91 89.86 40.19 -44.93
C GLN MA 91 88.98 40.92 -45.94
N LEU MA 92 87.76 41.24 -45.56
CA LEU MA 92 86.85 42.00 -46.41
C LEU MA 92 86.91 43.45 -45.96
N ILE MA 93 87.65 44.26 -46.70
CA ILE MA 93 87.89 45.67 -46.37
C ILE MA 93 86.99 46.51 -47.26
N SER MA 94 86.29 47.47 -46.66
CA SER MA 94 85.36 48.32 -47.38
C SER MA 94 85.49 49.77 -46.97
N GLY MA 95 85.31 50.67 -47.93
CA GLY MA 95 85.36 52.10 -47.69
C GLY MA 95 83.99 52.71 -47.61
N LYS MA 96 83.92 54.03 -47.80
CA LYS MA 96 82.66 54.75 -47.70
C LYS MA 96 82.11 55.15 -49.06
N GLU MA 97 82.89 55.86 -49.87
CA GLU MA 97 82.42 56.34 -51.16
C GLU MA 97 83.05 55.54 -52.27
N ASP MA 98 82.30 55.33 -53.34
CA ASP MA 98 82.83 54.61 -54.48
C ASP MA 98 83.80 55.49 -55.26
N ALA MA 99 84.61 54.87 -56.10
CA ALA MA 99 85.55 55.62 -56.91
C ALA MA 99 84.87 56.37 -58.02
N ALA MA 100 83.64 55.98 -58.36
CA ALA MA 100 82.79 56.66 -59.33
C ALA MA 100 83.44 56.73 -60.71
N ASN MA 101 83.75 55.54 -61.23
CA ASN MA 101 84.22 55.31 -62.61
C ASN MA 101 85.32 56.27 -63.03
N ASN MA 102 86.28 56.46 -62.13
CA ASN MA 102 87.30 57.47 -62.30
C ASN MA 102 88.62 56.85 -61.86
N PHE MA 103 89.56 56.75 -62.79
CA PHE MA 103 90.87 56.22 -62.43
C PHE MA 103 91.59 57.14 -61.46
N ALA MA 104 91.44 58.45 -61.66
CA ALA MA 104 92.17 59.40 -60.82
C ALA MA 104 91.64 59.40 -59.40
N ARG MA 105 90.36 59.11 -59.23
CA ARG MA 105 89.78 59.13 -57.89
C ARG MA 105 90.27 57.96 -57.07
N GLY MA 106 90.36 56.78 -57.68
CA GLY MA 106 90.81 55.61 -56.94
C GLY MA 106 92.30 55.52 -56.77
N HIS MA 107 93.05 56.41 -57.43
CA HIS MA 107 94.50 56.32 -57.40
C HIS MA 107 95.16 57.40 -56.57
N TYR MA 108 94.56 58.57 -56.46
CA TYR MA 108 95.23 59.69 -55.81
C TYR MA 108 94.50 60.25 -54.61
N THR MA 109 93.17 60.22 -54.58
CA THR MA 109 92.42 60.87 -53.51
C THR MA 109 91.91 59.91 -52.46
N ILE MA 110 91.06 58.96 -52.83
CA ILE MA 110 90.39 58.11 -51.87
C ILE MA 110 90.91 56.69 -51.87
N GLY MA 111 91.70 56.29 -52.86
CA GLY MA 111 92.26 54.96 -52.83
C GLY MA 111 93.38 54.81 -51.83
N LYS MA 112 94.04 55.90 -51.46
CA LYS MA 112 95.15 55.82 -50.54
C LYS MA 112 94.70 55.60 -49.10
N GLU MA 113 93.41 55.73 -48.82
CA GLU MA 113 92.94 55.54 -47.47
C GLU MA 113 92.90 54.07 -47.07
N ILE MA 114 92.55 53.18 -47.99
CA ILE MA 114 92.42 51.76 -47.65
C ILE MA 114 93.56 50.91 -48.19
N VAL MA 115 94.53 51.50 -48.90
CA VAL MA 115 95.69 50.71 -49.28
C VAL MA 115 96.56 50.43 -48.05
N ASP MA 116 96.55 51.31 -47.06
CA ASP MA 116 97.37 51.08 -45.86
C ASP MA 116 96.82 49.93 -45.03
N LEU MA 117 95.50 49.82 -44.91
CA LEU MA 117 94.90 48.67 -44.26
C LEU MA 117 95.07 47.42 -45.09
N SER MA 118 95.12 47.56 -46.42
CA SER MA 118 95.23 46.41 -47.30
C SER MA 118 96.59 45.75 -47.19
N LEU MA 119 97.65 46.56 -47.14
CA LEU MA 119 99.00 46.00 -47.04
C LEU MA 119 99.23 45.33 -45.69
N ASP MA 120 98.63 45.87 -44.63
CA ASP MA 120 98.80 45.29 -43.32
C ASP MA 120 98.18 43.91 -43.25
N ARG MA 121 97.06 43.71 -43.94
CA ARG MA 121 96.45 42.40 -43.94
C ARG MA 121 97.25 41.41 -44.77
N ILE MA 122 97.81 41.86 -45.88
CA ILE MA 122 98.59 40.97 -46.73
C ILE MA 122 99.88 40.56 -46.02
N ARG MA 123 100.52 41.52 -45.37
CA ARG MA 123 101.78 41.25 -44.66
C ARG MA 123 101.58 40.25 -43.54
N LYS MA 124 100.47 40.35 -42.81
CA LYS MA 124 100.19 39.40 -41.75
C LYS MA 124 99.93 38.02 -42.31
N LEU MA 125 99.31 37.95 -43.48
CA LEU MA 125 98.86 36.71 -44.08
C LEU MA 125 99.86 36.14 -45.07
N ALA MA 126 101.00 36.80 -45.27
CA ALA MA 126 102.04 36.30 -46.13
C ALA MA 126 103.37 36.10 -45.43
N ASP MA 127 103.55 36.60 -44.22
CA ASP MA 127 104.80 36.43 -43.50
C ASP MA 127 104.80 35.22 -42.59
N ASN MA 128 103.72 34.42 -42.59
CA ASN MA 128 103.73 33.19 -41.81
C ASN MA 128 104.63 32.13 -42.43
N CYS MA 129 104.76 32.13 -43.77
CA CYS MA 129 105.55 31.13 -44.46
C CYS MA 129 106.41 31.77 -45.53
N THR MA 130 107.58 31.19 -45.76
CA THR MA 130 108.23 31.33 -47.03
C THR MA 130 107.60 30.33 -48.00
N GLY MA 131 108.09 30.31 -49.23
CA GLY MA 131 107.38 29.55 -50.23
C GLY MA 131 106.06 30.18 -50.62
N LEU MA 132 105.91 31.48 -50.39
CA LEU MA 132 104.85 32.25 -51.00
C LEU MA 132 104.95 32.08 -52.50
N GLN MA 133 104.04 31.32 -53.09
CA GLN MA 133 104.27 30.99 -54.48
C GLN MA 133 103.88 32.15 -55.38
N GLY MA 134 102.94 32.98 -54.96
CA GLY MA 134 102.73 34.24 -55.64
C GLY MA 134 101.40 34.86 -55.30
N PHE MA 135 101.10 35.96 -55.98
CA PHE MA 135 99.87 36.71 -55.83
C PHE MA 135 98.99 36.53 -57.05
N LEU MA 136 97.70 36.33 -56.83
CA LEU MA 136 96.71 36.40 -57.88
C LEU MA 136 95.86 37.64 -57.69
N MET MA 137 95.55 38.32 -58.78
CA MET MA 137 94.74 39.52 -58.75
C MET MA 137 93.55 39.36 -59.68
N PHE MA 138 92.37 39.69 -59.17
CA PHE MA 138 91.15 39.66 -59.96
C PHE MA 138 90.55 41.06 -59.90
N ASN MA 139 90.45 41.72 -61.05
CA ASN MA 139 89.98 43.10 -61.05
C ASN MA 139 89.35 43.43 -62.38
N ALA MA 140 88.69 44.58 -62.42
CA ALA MA 140 88.10 45.11 -63.64
C ALA MA 140 88.80 46.39 -64.01
N VAL MA 141 89.24 46.50 -65.27
CA VAL MA 141 89.91 47.69 -65.73
C VAL MA 141 88.94 48.66 -66.36
N GLY MA 142 87.65 48.38 -66.32
CA GLY MA 142 86.63 49.29 -66.81
C GLY MA 142 86.00 50.15 -65.75
N GLY MA 143 86.56 50.19 -64.56
CA GLY MA 143 85.96 50.95 -63.48
C GLY MA 143 86.95 51.79 -62.72
N GLY MA 144 86.54 52.28 -61.55
CA GLY MA 144 87.39 53.18 -60.79
C GLY MA 144 88.25 52.53 -59.74
N THR MA 145 87.63 51.74 -58.85
CA THR MA 145 88.39 51.13 -57.77
C THR MA 145 89.15 49.90 -58.25
N GLY MA 146 88.66 49.24 -59.29
CA GLY MA 146 89.37 48.11 -59.81
C GLY MA 146 90.64 48.53 -60.50
N SER MA 147 90.50 49.43 -61.47
CA SER MA 147 91.66 49.83 -62.25
C SER MA 147 92.54 50.79 -61.49
N GLY MA 148 91.96 51.62 -60.65
CA GLY MA 148 92.73 52.63 -59.97
C GLY MA 148 93.48 52.08 -58.79
N LEU MA 149 92.75 51.52 -57.83
CA LEU MA 149 93.40 50.96 -56.65
C LEU MA 149 94.13 49.68 -56.99
N GLY MA 150 93.85 49.10 -58.15
CA GLY MA 150 94.67 47.99 -58.63
C GLY MA 150 96.11 48.38 -58.82
N CYS MA 151 96.36 49.56 -59.39
CA CYS MA 151 97.73 49.97 -59.62
C CYS MA 151 98.41 50.40 -58.33
N LEU MA 152 97.70 51.10 -57.46
CA LEU MA 152 98.29 51.60 -56.23
C LEU MA 152 98.69 50.47 -55.32
N LEU MA 153 97.89 49.42 -55.29
CA LEU MA 153 98.23 48.25 -54.48
C LEU MA 153 99.34 47.46 -55.14
N LEU MA 154 99.43 47.51 -56.46
CA LEU MA 154 100.47 46.76 -57.16
C LEU MA 154 101.82 47.47 -57.11
N GLU MA 155 101.84 48.80 -57.13
CA GLU MA 155 103.11 49.51 -57.01
C GLU MA 155 103.69 49.31 -55.62
N ARG MA 156 102.82 49.20 -54.63
CA ARG MA 156 103.30 48.98 -53.27
C ARG MA 156 103.74 47.54 -53.08
N LEU MA 157 103.07 46.60 -53.74
CA LEU MA 157 103.49 45.20 -53.61
C LEU MA 157 104.81 44.96 -54.31
N SER MA 158 105.05 45.65 -55.43
CA SER MA 158 106.28 45.44 -56.17
C SER MA 158 107.50 45.96 -55.42
N VAL MA 159 107.33 47.02 -54.63
CA VAL MA 159 108.46 47.55 -53.87
C VAL MA 159 108.83 46.61 -52.73
N ASP MA 160 107.84 46.13 -51.99
CA ASP MA 160 108.12 45.39 -50.78
C ASP MA 160 108.38 43.92 -51.09
N TYR MA 161 107.41 43.24 -51.70
CA TYR MA 161 107.57 41.84 -52.09
C TYR MA 161 108.02 41.76 -53.54
N GLY MA 162 109.32 41.82 -53.75
CA GLY MA 162 109.87 42.09 -55.06
C GLY MA 162 109.68 41.04 -56.13
N LYS MA 163 110.34 39.90 -55.98
CA LYS MA 163 110.45 38.94 -57.08
C LYS MA 163 109.25 38.04 -57.21
N LYS MA 164 108.24 38.19 -56.36
CA LYS MA 164 107.15 37.23 -56.28
C LYS MA 164 106.26 37.33 -57.51
N SER MA 165 105.77 36.18 -57.96
CA SER MA 165 105.02 36.14 -59.20
C SER MA 165 103.67 36.80 -59.03
N LYS MA 166 103.28 37.61 -60.02
CA LYS MA 166 102.02 38.34 -59.97
C LYS MA 166 101.23 38.07 -61.24
N LEU MA 167 100.19 37.26 -61.13
CA LEU MA 167 99.27 37.03 -62.23
C LEU MA 167 98.07 37.96 -62.09
N ASN MA 168 97.52 38.37 -63.22
CA ASN MA 168 96.44 39.33 -63.25
C ASN MA 168 95.30 38.75 -64.07
N PHE MA 169 94.08 38.92 -63.59
CA PHE MA 169 92.90 38.43 -64.28
C PHE MA 169 91.99 39.62 -64.52
N CYS MA 170 92.20 40.31 -65.63
CA CYS MA 170 91.53 41.57 -65.91
C CYS MA 170 90.28 41.31 -66.74
N SER MA 171 89.12 41.68 -66.22
CA SER MA 171 87.89 41.62 -66.98
C SER MA 171 87.83 42.84 -67.87
N TRP MA 172 88.44 42.72 -69.03
CA TRP MA 172 88.65 43.80 -69.99
C TRP MA 172 87.33 44.24 -70.59
N PRO MA 173 87.27 45.48 -71.10
CA PRO MA 173 86.09 45.90 -71.84
C PRO MA 173 85.90 45.12 -73.12
N SER MA 174 84.67 44.95 -73.49
CA SER MA 174 84.29 44.22 -74.67
C SER MA 174 84.39 45.11 -75.90
N PRO MA 175 84.39 44.52 -77.11
CA PRO MA 175 84.37 45.37 -78.31
C PRO MA 175 83.02 46.02 -78.56
N GLN MA 176 81.91 45.35 -78.27
CA GLN MA 176 80.58 45.93 -78.48
C GLN MA 176 79.94 46.43 -77.19
N VAL MA 177 79.72 45.55 -76.24
CA VAL MA 177 78.93 45.90 -75.06
C VAL MA 177 79.82 46.62 -74.05
N SER MA 178 79.24 47.59 -73.35
CA SER MA 178 80.07 48.52 -72.58
C SER MA 178 79.79 48.51 -71.10
N THR MA 179 78.54 48.79 -70.70
CA THR MA 179 78.16 49.14 -69.32
C THR MA 179 79.01 50.26 -68.73
N ALA MA 180 79.58 51.11 -69.59
CA ALA MA 180 80.31 52.30 -69.17
C ALA MA 180 80.51 53.18 -70.39
N VAL MA 181 80.87 54.44 -70.14
CA VAL MA 181 81.18 55.38 -71.18
C VAL MA 181 82.62 55.84 -71.12
N VAL MA 182 83.09 56.18 -69.92
CA VAL MA 182 84.43 56.71 -69.73
C VAL MA 182 85.45 55.59 -69.61
N GLU MA 183 85.04 54.35 -69.82
CA GLU MA 183 85.94 53.21 -69.70
C GLU MA 183 87.13 53.15 -70.68
N PRO MA 184 87.12 53.79 -71.86
CA PRO MA 184 88.40 53.86 -72.58
C PRO MA 184 89.44 54.70 -71.89
N TYR MA 185 89.03 55.70 -71.10
CA TYR MA 185 90.01 56.46 -70.34
C TYR MA 185 90.62 55.63 -69.22
N ASN MA 186 89.79 54.88 -68.50
CA ASN MA 186 90.28 54.02 -67.42
C ASN MA 186 91.13 52.88 -67.96
N SER MA 187 90.73 52.30 -69.10
CA SER MA 187 91.45 51.16 -69.63
C SER MA 187 92.82 51.55 -70.16
N VAL MA 188 92.91 52.72 -70.78
CA VAL MA 188 94.20 53.18 -71.28
C VAL MA 188 95.16 53.46 -70.12
N LEU MA 189 94.66 54.09 -69.07
CA LEU MA 189 95.52 54.41 -67.94
C LEU MA 189 95.88 53.16 -67.14
N SER MA 190 95.00 52.18 -67.09
CA SER MA 190 95.32 50.97 -66.33
C SER MA 190 96.33 50.11 -67.07
N THR MA 191 96.16 49.96 -68.38
CA THR MA 191 97.08 49.10 -69.14
C THR MA 191 98.46 49.72 -69.26
N HIS MA 192 98.57 51.04 -69.07
CA HIS MA 192 99.90 51.63 -69.05
C HIS MA 192 100.63 51.25 -67.78
N SER MA 193 99.92 51.19 -66.66
CA SER MA 193 100.57 51.08 -65.36
C SER MA 193 100.45 49.69 -64.76
N LEU MA 194 99.73 48.77 -65.39
CA LEU MA 194 99.92 47.38 -65.05
C LEU MA 194 101.00 46.75 -65.90
N LEU MA 195 101.51 47.48 -66.88
CA LEU MA 195 102.49 46.92 -67.81
C LEU MA 195 103.83 46.71 -67.12
N GLU MA 196 104.23 47.63 -66.26
CA GLU MA 196 105.50 47.48 -65.55
C GLU MA 196 105.32 46.97 -64.13
N HIS MA 197 104.13 46.53 -63.77
CA HIS MA 197 103.88 46.11 -62.40
C HIS MA 197 103.28 44.71 -62.28
N THR MA 198 102.99 44.03 -63.38
CA THR MA 198 102.51 42.66 -63.33
C THR MA 198 103.54 41.73 -63.92
N ASP MA 199 103.22 40.44 -63.92
CA ASP MA 199 104.07 39.45 -64.57
C ASP MA 199 103.37 38.71 -65.69
N VAL MA 200 102.18 38.19 -65.43
CA VAL MA 200 101.37 37.53 -66.45
C VAL MA 200 99.96 38.08 -66.37
N ALA MA 201 99.44 38.57 -67.47
CA ALA MA 201 98.10 39.13 -67.53
C ALA MA 201 97.21 38.25 -68.38
N VAL MA 202 96.07 37.86 -67.83
CA VAL MA 202 95.10 37.02 -68.53
C VAL MA 202 93.81 37.80 -68.64
N MET MA 203 93.37 38.05 -69.87
CA MET MA 203 92.29 38.99 -70.12
C MET MA 203 90.98 38.24 -70.36
N LEU MA 204 90.03 38.46 -69.47
CA LEU MA 204 88.69 37.95 -69.61
C LEU MA 204 87.81 39.03 -70.22
N ASP MA 205 86.93 38.64 -71.12
CA ASP MA 205 86.03 39.59 -71.75
C ASP MA 205 84.63 39.10 -71.47
N ASN MA 206 83.73 40.01 -71.15
CA ASN MA 206 82.39 39.62 -70.72
C ASN MA 206 81.54 39.18 -71.89
N GLU MA 207 81.74 39.77 -73.06
CA GLU MA 207 80.91 39.37 -74.18
C GLU MA 207 81.36 38.05 -74.76
N ALA MA 208 82.62 37.68 -74.55
CA ALA MA 208 83.09 36.38 -74.99
C ALA MA 208 82.42 35.25 -74.21
N ILE MA 209 82.16 35.47 -72.92
CA ILE MA 209 81.59 34.39 -72.13
C ILE MA 209 80.08 34.34 -72.29
N TYR MA 210 79.46 35.46 -72.64
CA TYR MA 210 78.05 35.44 -72.99
C TYR MA 210 77.83 34.61 -74.24
N ASP MA 211 78.75 34.70 -75.19
CA ASP MA 211 78.62 33.97 -76.44
C ASP MA 211 78.80 32.48 -76.22
N ILE MA 212 79.72 32.10 -75.33
CA ILE MA 212 79.99 30.68 -75.11
C ILE MA 212 78.77 29.99 -74.53
N CYS MA 213 78.18 30.59 -73.50
CA CYS MA 213 77.05 29.96 -72.83
C CYS MA 213 75.80 29.96 -73.66
N ARG MA 214 75.69 30.84 -74.64
CA ARG MA 214 74.60 30.72 -75.61
C ARG MA 214 74.83 29.53 -76.52
N ARG MA 215 76.05 29.41 -77.02
CA ARG MA 215 76.35 28.38 -78.00
C ARG MA 215 76.49 27.01 -77.37
N ASN MA 216 77.13 26.93 -76.22
CA ASN MA 216 77.51 25.64 -75.65
C ASN MA 216 76.53 25.12 -74.62
N LEU MA 217 76.03 25.98 -73.74
CA LEU MA 217 75.17 25.50 -72.67
C LEU MA 217 73.71 25.68 -72.98
N ASP MA 218 73.39 26.38 -74.07
CA ASP MA 218 72.04 26.80 -74.44
C ASP MA 218 71.37 27.61 -73.34
N ILE MA 219 72.15 28.37 -72.57
CA ILE MA 219 71.59 29.33 -71.63
C ILE MA 219 71.39 30.62 -72.41
N GLU MA 220 70.14 30.90 -72.76
CA GLU MA 220 69.87 32.00 -73.69
C GLU MA 220 70.05 33.35 -73.03
N ARG MA 221 69.70 33.46 -71.75
CA ARG MA 221 69.69 34.75 -71.06
C ARG MA 221 70.44 34.65 -69.74
N PRO MA 222 71.77 34.64 -69.78
CA PRO MA 222 72.54 34.46 -68.55
C PRO MA 222 72.67 35.74 -67.75
N THR MA 223 73.20 35.59 -66.54
CA THR MA 223 73.50 36.69 -65.63
C THR MA 223 74.98 36.62 -65.28
N TYR MA 224 75.40 37.50 -64.38
CA TYR MA 224 76.79 37.52 -63.96
C TYR MA 224 77.14 36.27 -63.17
N THR MA 225 76.19 35.77 -62.38
CA THR MA 225 76.47 34.58 -61.58
C THR MA 225 76.55 33.32 -62.41
N ASN MA 226 76.19 33.37 -63.69
CA ASN MA 226 76.46 32.27 -64.59
C ASN MA 226 77.83 32.42 -65.25
N LEU MA 227 78.30 33.65 -65.43
CA LEU MA 227 79.60 33.87 -66.00
C LEU MA 227 80.71 33.58 -65.01
N ASN MA 228 80.51 33.96 -63.76
CA ASN MA 228 81.59 33.87 -62.79
C ASN MA 228 81.88 32.44 -62.38
N ARG MA 229 80.95 31.52 -62.61
CA ARG MA 229 81.24 30.10 -62.40
C ARG MA 229 82.26 29.61 -63.43
N LEU MA 230 82.15 30.07 -64.67
CA LEU MA 230 83.05 29.61 -65.73
C LEU MA 230 84.45 30.17 -65.53
N ILE MA 231 84.56 31.39 -65.03
CA ILE MA 231 85.87 31.91 -64.64
C ILE MA 231 86.42 31.11 -63.47
N ALA MA 232 85.53 30.68 -62.57
CA ALA MA 232 85.97 29.93 -61.40
C ALA MA 232 86.55 28.59 -61.79
N GLN MA 233 86.00 27.97 -62.84
CA GLN MA 233 86.55 26.69 -63.29
C GLN MA 233 87.92 26.87 -63.93
N VAL MA 234 88.17 28.05 -64.51
CA VAL MA 234 89.47 28.29 -65.11
C VAL MA 234 90.54 28.42 -64.04
N ILE MA 235 90.21 29.09 -62.93
CA ILE MA 235 91.15 29.16 -61.82
C ILE MA 235 91.33 27.80 -61.20
N SER MA 236 90.29 26.97 -61.26
CA SER MA 236 90.38 25.64 -60.68
C SER MA 236 91.35 24.77 -61.47
N SER MA 237 91.31 24.86 -62.80
CA SER MA 237 92.23 24.09 -63.60
C SER MA 237 93.61 24.74 -63.66
N LEU MA 238 93.71 26.00 -63.26
CA LEU MA 238 94.99 26.68 -63.26
C LEU MA 238 95.81 26.31 -62.04
N THR MA 239 95.17 26.29 -60.88
CA THR MA 239 95.81 25.97 -59.63
C THR MA 239 95.55 24.54 -59.21
N ALA MA 240 95.32 23.65 -60.17
CA ALA MA 240 95.03 22.27 -59.83
C ALA MA 240 96.27 21.56 -59.31
N SER MA 241 97.42 21.82 -59.93
CA SER MA 241 98.62 21.07 -59.59
C SER MA 241 99.15 21.44 -58.22
N LEU MA 242 98.87 22.66 -57.76
CA LEU MA 242 99.30 23.05 -56.43
C LEU MA 242 98.52 22.34 -55.35
N ARG MA 243 97.37 21.76 -55.67
CA ARG MA 243 96.50 21.20 -54.64
C ARG MA 243 96.36 19.69 -54.71
N PHE MA 244 96.54 19.08 -55.88
CA PHE MA 244 96.34 17.66 -56.04
C PHE MA 244 97.57 17.05 -56.70
N ASP MA 245 97.59 15.72 -56.79
CA ASP MA 245 98.75 15.01 -57.29
C ASP MA 245 98.52 14.61 -58.73
N GLY MA 246 99.51 14.83 -59.59
CA GLY MA 246 99.34 14.60 -61.01
C GLY MA 246 100.57 13.95 -61.61
N ALA MA 247 100.40 13.50 -62.85
CA ALA MA 247 101.47 12.80 -63.55
C ALA MA 247 102.61 13.73 -63.90
N LEU MA 248 102.30 14.89 -64.49
CA LEU MA 248 103.29 15.88 -64.88
C LEU MA 248 102.76 17.22 -64.41
N ASN MA 249 103.03 17.53 -63.15
CA ASN MA 249 102.47 18.74 -62.56
C ASN MA 249 103.34 19.95 -62.86
N VAL MA 250 102.69 21.10 -62.99
CA VAL MA 250 103.36 22.36 -63.23
C VAL MA 250 102.72 23.45 -62.39
N ASP MA 251 103.57 24.28 -61.79
CA ASP MA 251 103.14 25.18 -60.73
C ASP MA 251 102.72 26.53 -61.32
N VAL MA 252 102.43 27.49 -60.45
CA VAL MA 252 102.01 28.81 -60.88
C VAL MA 252 103.20 29.78 -60.88
N THR MA 253 104.41 29.24 -60.92
CA THR MA 253 105.61 30.01 -61.20
C THR MA 253 106.20 29.71 -62.55
N GLU MA 254 105.76 28.64 -63.22
CA GLU MA 254 106.40 28.27 -64.47
C GLU MA 254 105.51 28.63 -65.66
N PHE MA 255 104.39 29.33 -65.40
CA PHE MA 255 103.73 30.07 -66.47
C PHE MA 255 104.65 31.13 -67.04
N GLN MA 256 105.20 31.96 -66.17
CA GLN MA 256 105.96 33.12 -66.62
C GLN MA 256 107.28 32.73 -67.25
N THR MA 257 107.79 31.53 -66.97
CA THR MA 257 108.97 31.07 -67.67
C THR MA 257 108.63 30.61 -69.08
N ASN MA 258 107.44 30.05 -69.26
CA ASN MA 258 107.08 29.41 -70.50
C ASN MA 258 106.01 30.15 -71.30
N LEU MA 259 105.60 31.33 -70.88
CA LEU MA 259 104.59 32.07 -71.63
C LEU MA 259 104.93 33.52 -71.89
N VAL MA 260 106.04 34.02 -71.35
CA VAL MA 260 106.39 35.43 -71.49
C VAL MA 260 107.72 35.48 -72.22
N PRO MA 261 107.73 35.63 -73.51
CA PRO MA 261 108.99 35.55 -74.26
C PRO MA 261 109.79 36.83 -74.22
N TYR MA 262 109.14 37.94 -73.88
CA TYR MA 262 109.79 39.22 -73.70
C TYR MA 262 109.04 39.96 -72.61
N PRO MA 263 109.72 40.82 -71.83
CA PRO MA 263 109.11 41.32 -70.59
C PRO MA 263 107.84 42.12 -70.76
N ARG MA 264 107.72 42.93 -71.81
CA ARG MA 264 106.50 43.69 -71.99
C ARG MA 264 105.39 42.87 -72.62
N ILE MA 265 105.73 41.78 -73.28
CA ILE MA 265 104.78 41.00 -74.06
C ILE MA 265 104.33 39.86 -73.16
N HIS MA 266 103.26 40.08 -72.41
CA HIS MA 266 102.72 39.06 -71.54
C HIS MA 266 101.21 39.05 -71.50
N PHE MA 267 100.56 39.56 -72.53
CA PHE MA 267 99.10 39.63 -72.59
C PHE MA 267 98.61 38.44 -73.38
N MET MA 268 97.68 37.69 -72.82
CA MET MA 268 97.39 36.36 -73.30
C MET MA 268 95.95 35.96 -73.04
N LEU MA 269 95.52 34.90 -73.70
CA LEU MA 269 94.11 34.53 -73.85
C LEU MA 269 93.75 33.38 -72.93
N SER MA 270 92.55 32.86 -73.08
CA SER MA 270 92.15 31.68 -72.33
C SER MA 270 91.12 30.89 -73.12
N SER MA 271 91.03 29.60 -72.80
CA SER MA 271 90.04 28.73 -73.38
C SER MA 271 89.83 27.57 -72.43
N TYR MA 272 88.59 27.16 -72.27
CA TYR MA 272 88.24 26.02 -71.44
C TYR MA 272 87.31 25.13 -72.23
N ALA MA 273 87.54 23.83 -72.15
CA ALA MA 273 86.76 22.89 -72.90
C ALA MA 273 86.91 21.57 -72.17
N PRO MA 274 85.86 20.75 -72.11
CA PRO MA 274 84.54 20.95 -72.68
C PRO MA 274 83.63 21.72 -71.74
N ILE MA 275 82.73 22.49 -72.32
CA ILE MA 275 81.74 23.21 -71.55
C ILE MA 275 80.41 22.79 -72.14
N ILE MA 276 79.82 21.71 -71.63
CA ILE MA 276 78.59 21.17 -72.16
C ILE MA 276 77.59 20.94 -71.05
N SER MA 277 76.32 21.07 -71.37
CA SER MA 277 75.26 20.95 -70.39
C SER MA 277 74.95 19.49 -70.12
N ALA MA 278 74.06 19.26 -69.15
CA ALA MA 278 73.74 17.90 -68.73
C ALA MA 278 73.01 17.14 -69.82
N GLU MA 279 72.16 17.82 -70.58
CA GLU MA 279 71.56 17.20 -71.74
C GLU MA 279 72.61 16.92 -72.79
N LYS MA 280 73.58 17.83 -72.94
CA LYS MA 280 74.58 17.69 -73.98
C LYS MA 280 75.56 16.57 -73.68
N ALA MA 281 75.83 16.30 -72.41
CA ALA MA 281 76.76 15.23 -72.07
C ALA MA 281 76.21 13.86 -72.34
N TYR MA 282 74.92 13.75 -72.64
CA TYR MA 282 74.32 12.46 -72.90
C TYR MA 282 74.89 11.83 -74.15
N HIS MA 283 75.13 12.64 -75.17
CA HIS MA 283 75.38 12.13 -76.51
C HIS MA 283 76.81 12.34 -76.97
N GLU MA 284 77.72 12.66 -76.06
CA GLU MA 284 79.10 12.92 -76.45
C GLU MA 284 80.05 11.97 -75.74
N GLN MA 285 80.98 11.42 -76.49
CA GLN MA 285 82.16 10.81 -75.92
C GLN MA 285 83.21 11.90 -75.76
N LEU MA 286 83.60 12.17 -74.54
CA LEU MA 286 84.45 13.32 -74.31
C LEU MA 286 85.91 12.86 -74.38
N SER MA 287 86.31 12.47 -75.58
CA SER MA 287 87.65 11.97 -75.78
C SER MA 287 88.67 13.07 -75.60
N VAL MA 288 89.92 12.66 -75.39
CA VAL MA 288 91.00 13.62 -75.22
C VAL MA 288 91.24 14.37 -76.52
N ALA MA 289 90.95 13.74 -77.64
CA ALA MA 289 91.04 14.44 -78.91
C ALA MA 289 89.98 15.52 -79.02
N GLU MA 290 88.78 15.25 -78.54
CA GLU MA 290 87.68 16.19 -78.75
C GLU MA 290 87.80 17.38 -77.81
N ILE MA 291 88.28 17.16 -76.59
CA ILE MA 291 88.39 18.28 -75.67
C ILE MA 291 89.54 19.21 -76.02
N THR MA 292 90.51 18.73 -76.80
CA THR MA 292 91.58 19.63 -77.22
C THR MA 292 91.36 20.20 -78.59
N ASN MA 293 90.52 19.59 -79.41
CA ASN MA 293 90.18 20.22 -80.67
C ASN MA 293 89.24 21.39 -80.45
N SER MA 294 88.37 21.28 -79.44
CA SER MA 294 87.47 22.38 -79.15
C SER MA 294 88.14 23.51 -78.40
N ALA MA 295 89.23 23.25 -77.69
CA ALA MA 295 89.91 24.33 -76.99
C ALA MA 295 90.59 25.27 -77.97
N PHE MA 296 91.07 24.73 -79.07
CA PHE MA 296 91.70 25.53 -80.10
C PHE MA 296 90.72 26.06 -81.12
N GLU MA 297 89.46 25.71 -80.99
CA GLU MA 297 88.42 26.26 -81.85
C GLU MA 297 88.31 27.75 -81.56
N PRO MA 298 88.41 28.61 -82.58
CA PRO MA 298 88.48 30.05 -82.31
C PRO MA 298 87.19 30.64 -81.81
N ALA MA 299 86.09 29.91 -81.93
CA ALA MA 299 84.84 30.39 -81.35
C ALA MA 299 84.73 30.08 -79.86
N SER MA 300 85.75 29.47 -79.26
CA SER MA 300 85.71 29.11 -77.85
C SER MA 300 86.76 29.83 -77.03
N MET MA 301 87.31 30.93 -77.53
CA MET MA 301 88.17 31.75 -76.69
C MET MA 301 87.34 32.45 -75.63
N MET MA 302 88.02 33.00 -74.64
CA MET MA 302 87.36 33.79 -73.61
C MET MA 302 87.90 35.21 -73.59
N ALA MA 303 88.19 35.76 -74.75
CA ALA MA 303 88.61 37.15 -74.80
C ALA MA 303 88.02 37.93 -75.96
N LYS MA 304 87.26 37.27 -76.83
CA LYS MA 304 86.64 37.85 -78.02
C LYS MA 304 87.69 38.56 -78.87
N CYS MA 305 88.55 37.75 -79.45
CA CYS MA 305 89.58 38.21 -80.38
C CYS MA 305 89.97 37.00 -81.21
N ASP MA 306 89.59 37.00 -82.47
CA ASP MA 306 89.70 35.81 -83.30
C ASP MA 306 91.16 35.55 -83.54
N PRO MA 307 91.69 34.38 -83.19
CA PRO MA 307 93.12 34.11 -83.38
C PRO MA 307 93.50 33.64 -84.76
N ARG MA 308 92.60 33.69 -85.74
CA ARG MA 308 92.99 33.42 -87.12
C ARG MA 308 93.87 34.52 -87.69
N HIS MA 309 93.92 35.68 -87.06
CA HIS MA 309 94.81 36.72 -87.54
C HIS MA 309 95.82 37.13 -86.47
N GLY MA 310 96.42 36.12 -85.85
CA GLY MA 310 97.61 36.30 -85.05
C GLY MA 310 98.47 35.06 -85.15
N LYS MA 311 99.69 35.17 -84.66
CA LYS MA 311 100.64 34.06 -84.62
C LYS MA 311 100.88 33.68 -83.17
N TYR MA 312 100.61 32.42 -82.84
CA TYR MA 312 100.80 31.91 -81.49
C TYR MA 312 102.27 31.87 -81.13
N MET MA 313 102.60 32.26 -79.91
CA MET MA 313 103.98 32.23 -79.43
C MET MA 313 104.23 31.23 -78.32
N ALA MA 314 103.30 31.03 -77.40
CA ALA MA 314 103.47 30.01 -76.37
C ALA MA 314 102.12 29.59 -75.85
N CYS MA 315 101.79 28.32 -76.02
CA CYS MA 315 100.57 27.74 -75.49
C CYS MA 315 100.89 26.90 -74.28
N CYS MA 316 100.05 26.99 -73.26
CA CYS MA 316 100.18 26.16 -72.07
C CYS MA 316 98.89 25.41 -71.89
N LEU MA 317 98.97 24.09 -71.86
CA LEU MA 317 97.79 23.24 -71.80
C LEU MA 317 97.73 22.56 -70.45
N MET MA 318 96.62 22.72 -69.75
CA MET MA 318 96.37 22.06 -68.48
C MET MA 318 95.28 21.01 -68.64
N TYR MA 319 95.67 19.75 -68.67
CA TYR MA 319 94.72 18.66 -68.68
C TYR MA 319 94.36 18.31 -67.25
N ARG MA 320 93.18 17.72 -67.07
CA ARG MA 320 92.64 17.51 -65.74
C ARG MA 320 91.64 16.37 -65.78
N GLY MA 321 92.03 15.20 -65.29
CA GLY MA 321 91.09 14.10 -65.22
C GLY MA 321 91.67 12.75 -65.60
N ASP MA 322 90.86 11.91 -66.22
CA ASP MA 322 91.34 10.62 -66.73
C ASP MA 322 92.10 10.79 -68.05
N VAL MA 323 93.18 11.52 -67.98
CA VAL MA 323 93.96 11.88 -69.15
C VAL MA 323 95.23 11.07 -69.12
N VAL MA 324 95.27 10.01 -69.91
CA VAL MA 324 96.47 9.23 -70.14
C VAL MA 324 97.42 10.13 -70.93
N PRO MA 325 98.72 10.10 -70.65
CA PRO MA 325 99.59 11.05 -71.33
C PRO MA 325 99.89 10.71 -72.77
N LYS MA 326 99.66 9.46 -73.19
CA LYS MA 326 99.90 9.13 -74.59
C LYS MA 326 98.74 9.53 -75.48
N ASP MA 327 97.65 10.06 -74.91
CA ASP MA 327 96.66 10.72 -75.75
C ASP MA 327 96.83 12.23 -75.75
N VAL MA 328 97.58 12.78 -74.80
CA VAL MA 328 98.01 14.17 -74.92
C VAL MA 328 98.95 14.32 -76.10
N ASN MA 329 99.98 13.48 -76.16
CA ASN MA 329 100.94 13.55 -77.25
C ASN MA 329 100.36 13.02 -78.55
N ALA MA 330 99.26 12.29 -78.49
CA ALA MA 330 98.60 11.89 -79.72
C ALA MA 330 97.75 13.00 -80.29
N ALA MA 331 97.36 13.96 -79.44
CA ALA MA 331 96.48 15.03 -79.87
C ALA MA 331 97.17 16.36 -80.01
N VAL MA 332 98.21 16.62 -79.23
CA VAL MA 332 98.94 17.86 -79.40
C VAL MA 332 99.71 17.84 -80.70
N ALA MA 333 100.05 16.65 -81.20
CA ALA MA 333 100.70 16.54 -82.49
C ALA MA 333 99.71 16.81 -83.62
N THR MA 334 98.42 16.55 -83.38
CA THR MA 334 97.42 16.82 -84.40
C THR MA 334 97.14 18.31 -84.53
N ILE MA 335 97.05 19.02 -83.42
CA ILE MA 335 96.92 20.48 -83.46
C ILE MA 335 98.14 21.11 -84.09
N LYS MA 336 99.32 20.62 -83.70
CA LYS MA 336 100.58 21.10 -84.27
C LYS MA 336 100.61 20.98 -85.78
N THR MA 337 100.01 19.93 -86.31
CA THR MA 337 100.22 19.62 -87.71
C THR MA 337 99.13 20.12 -88.64
N LYS MA 338 98.00 20.59 -88.13
CA LYS MA 338 96.99 21.11 -89.05
C LYS MA 338 97.31 22.56 -89.38
N ARG MA 339 97.05 22.92 -90.63
CA ARG MA 339 97.61 24.15 -91.19
C ARG MA 339 96.90 25.40 -90.66
N THR MA 340 95.69 25.26 -90.13
CA THR MA 340 94.90 26.43 -89.76
C THR MA 340 95.49 27.15 -88.55
N ILE MA 341 96.16 26.42 -87.66
CA ILE MA 341 96.85 27.05 -86.53
C ILE MA 341 98.22 27.52 -86.99
N GLN MA 342 98.55 28.76 -86.68
CA GLN MA 342 99.84 29.32 -87.03
C GLN MA 342 100.75 29.34 -85.82
N PHE MA 343 102.05 29.37 -86.08
CA PHE MA 343 103.05 29.63 -85.04
C PHE MA 343 104.13 30.55 -85.56
N VAL MA 344 104.72 31.30 -84.64
CA VAL MA 344 105.82 32.16 -84.98
C VAL MA 344 107.03 31.29 -85.30
N ASP MA 345 107.92 31.81 -86.13
CA ASP MA 345 109.08 31.03 -86.57
C ASP MA 345 110.05 30.76 -85.42
N TRP MA 346 110.25 31.71 -84.53
CA TRP MA 346 111.32 31.57 -83.55
C TRP MA 346 110.95 30.76 -82.33
N CYS MA 347 109.75 30.19 -82.27
CA CYS MA 347 109.38 29.27 -81.19
C CYS MA 347 108.91 27.97 -81.81
N PRO MA 348 109.83 27.05 -82.11
CA PRO MA 348 109.41 25.80 -82.74
C PRO MA 348 108.67 24.87 -81.80
N THR MA 349 109.00 24.86 -80.51
CA THR MA 349 108.31 24.03 -79.53
C THR MA 349 107.50 24.97 -78.65
N GLY MA 350 106.19 24.94 -78.81
CA GLY MA 350 105.39 25.94 -78.14
C GLY MA 350 104.25 25.41 -77.31
N PHE MA 351 104.38 24.20 -76.78
CA PHE MA 351 103.38 23.65 -75.87
C PHE MA 351 104.07 23.20 -74.61
N LYS MA 352 103.51 23.59 -73.46
CA LYS MA 352 104.01 23.16 -72.17
C LYS MA 352 102.86 22.49 -71.43
N CYS MA 353 102.91 21.18 -71.36
CA CYS MA 353 101.78 20.35 -70.96
C CYS MA 353 101.78 20.13 -69.45
N GLY MA 354 100.59 19.97 -68.89
CA GLY MA 354 100.46 19.68 -67.48
C GLY MA 354 99.24 18.83 -67.20
N ILE MA 355 99.41 17.70 -66.52
CA ILE MA 355 98.36 16.71 -66.34
C ILE MA 355 98.11 16.50 -64.86
N ASN MA 356 96.84 16.50 -64.48
CA ASN MA 356 96.41 16.33 -63.11
C ASN MA 356 95.43 15.16 -63.03
N TYR MA 357 95.20 14.67 -61.81
CA TYR MA 357 94.38 13.48 -61.66
C TYR MA 357 92.95 13.78 -61.28
N GLN MA 358 92.72 14.81 -60.49
CA GLN MA 358 91.39 15.06 -59.96
C GLN MA 358 90.45 15.63 -61.01
N PRO MA 359 89.35 14.97 -61.34
CA PRO MA 359 88.42 15.51 -62.31
C PRO MA 359 87.69 16.71 -61.74
N PRO MA 360 87.15 17.59 -62.58
CA PRO MA 360 86.57 18.84 -62.09
C PRO MA 360 85.34 18.62 -61.23
N THR MA 361 85.15 19.51 -60.28
CA THR MA 361 84.03 19.43 -59.35
C THR MA 361 82.88 20.30 -59.86
N VAL MA 362 81.67 19.76 -59.80
CA VAL MA 362 80.48 20.45 -60.29
C VAL MA 362 79.68 20.98 -59.13
N VAL MA 363 79.26 22.24 -59.25
CA VAL MA 363 78.44 22.87 -58.22
C VAL MA 363 77.01 22.35 -58.34
N PRO MA 364 76.37 21.97 -57.24
CA PRO MA 364 74.98 21.53 -57.31
C PRO MA 364 74.08 22.68 -57.74
N GLY MA 365 73.09 22.36 -58.55
CA GLY MA 365 72.16 23.38 -59.01
C GLY MA 365 72.74 24.38 -59.98
N GLY MA 366 74.01 24.22 -60.37
CA GLY MA 366 74.60 25.09 -61.36
C GLY MA 366 74.20 24.66 -62.75
N ASP MA 367 75.07 25.00 -63.71
CA ASP MA 367 74.76 24.78 -65.10
C ASP MA 367 75.70 23.83 -65.83
N LEU MA 368 76.97 23.71 -65.43
CA LEU MA 368 77.82 22.74 -66.08
C LEU MA 368 77.42 21.32 -65.68
N ALA MA 369 77.85 20.36 -66.50
CA ALA MA 369 77.57 18.96 -66.26
C ALA MA 369 78.77 18.32 -65.54
N LYS MA 370 78.65 17.04 -65.26
CA LYS MA 370 79.69 16.30 -64.55
C LYS MA 370 80.54 15.55 -65.56
N VAL MA 371 81.77 16.01 -65.75
CA VAL MA 371 82.63 15.50 -66.79
C VAL MA 371 83.76 14.70 -66.16
N MET MA 372 84.50 13.99 -67.01
CA MET MA 372 85.63 13.18 -66.57
C MET MA 372 86.99 13.76 -66.94
N ARG MA 373 87.06 14.69 -67.89
CA ARG MA 373 88.33 15.26 -68.26
C ARG MA 373 88.13 16.66 -68.84
N ALA MA 374 89.06 17.56 -68.54
CA ALA MA 374 88.91 18.95 -68.92
C ALA MA 374 90.26 19.56 -69.26
N VAL MA 375 90.22 20.67 -69.99
CA VAL MA 375 91.40 21.35 -70.50
C VAL MA 375 91.25 22.85 -70.30
N CYS MA 376 92.25 23.48 -69.70
CA CYS MA 376 92.37 24.93 -69.70
C CYS MA 376 93.60 25.31 -70.48
N MET MA 377 93.45 26.24 -71.42
CA MET MA 377 94.55 26.66 -72.26
C MET MA 377 94.78 28.15 -72.09
N ILE MA 378 96.01 28.53 -71.77
CA ILE MA 378 96.45 29.92 -71.82
C ILE MA 378 97.48 30.04 -72.92
N SER MA 379 97.31 31.03 -73.79
CA SER MA 379 98.16 31.18 -74.95
C SER MA 379 98.48 32.63 -75.20
N ASN MA 380 99.75 32.88 -75.53
CA ASN MA 380 100.24 34.22 -75.84
C ASN MA 380 100.26 34.36 -77.35
N SER MA 381 99.36 35.15 -77.89
CA SER MA 381 99.30 35.34 -79.32
C SER MA 381 99.41 36.82 -79.67
N THR MA 382 99.81 37.07 -80.89
CA THR MA 382 99.96 38.41 -81.43
C THR MA 382 98.61 39.02 -81.83
N ALA MA 383 97.52 38.28 -81.59
CA ALA MA 383 96.19 38.80 -81.79
C ALA MA 383 95.70 39.60 -80.59
N ILE MA 384 96.61 40.12 -79.77
CA ILE MA 384 96.32 41.15 -78.79
C ILE MA 384 96.48 42.54 -79.38
N ALA MA 385 97.04 42.63 -80.58
CA ALA MA 385 97.09 43.92 -81.25
C ALA MA 385 95.69 44.43 -81.59
N GLU MA 386 94.76 43.53 -81.91
CA GLU MA 386 93.41 43.99 -82.22
C GLU MA 386 92.69 44.50 -80.99
N VAL MA 387 92.94 43.92 -79.82
CA VAL MA 387 92.25 44.41 -78.63
C VAL MA 387 92.93 45.60 -78.02
N PHE MA 388 94.06 46.03 -78.57
CA PHE MA 388 94.66 47.28 -78.17
C PHE MA 388 94.56 48.34 -79.24
N SER MA 389 94.40 47.94 -80.50
CA SER MA 389 94.09 48.90 -81.55
C SER MA 389 92.65 49.36 -81.51
N ARG MA 390 91.81 48.73 -80.70
CA ARG MA 390 90.45 49.22 -80.59
C ARG MA 390 90.34 50.26 -79.49
N MET MA 391 91.14 50.13 -78.43
CA MET MA 391 91.29 51.25 -77.49
C MET MA 391 92.02 52.41 -78.14
N ASP MA 392 92.90 52.11 -79.09
CA ASP MA 392 93.52 53.12 -79.93
C ASP MA 392 92.48 54.00 -80.59
N HIS MA 393 91.46 53.37 -81.18
CA HIS MA 393 90.46 54.11 -81.93
C HIS MA 393 89.60 54.94 -80.99
N LYS MA 394 89.31 54.41 -79.81
CA LYS MA 394 88.31 55.02 -78.96
C LYS MA 394 88.91 56.12 -78.10
N PHE MA 395 90.13 55.93 -77.62
CA PHE MA 395 90.78 56.95 -76.80
C PHE MA 395 91.13 58.18 -77.61
N ASP MA 396 91.44 58.01 -78.89
CA ASP MA 396 91.66 59.16 -79.76
C ASP MA 396 90.36 59.89 -80.04
N LEU MA 397 89.26 59.15 -80.16
CA LEU MA 397 88.00 59.77 -80.51
C LEU MA 397 87.46 60.64 -79.38
N MET MA 398 87.99 60.49 -78.17
CA MET MA 398 87.53 61.28 -77.05
C MET MA 398 88.53 62.35 -76.62
N TYR MA 399 89.79 61.98 -76.52
CA TYR MA 399 90.77 62.92 -75.99
C TYR MA 399 91.16 63.98 -77.00
N ALA MA 400 90.91 63.75 -78.29
CA ALA MA 400 91.26 64.76 -79.29
C ALA MA 400 90.49 66.04 -79.08
N LYS MA 401 89.32 65.96 -78.45
CA LYS MA 401 88.57 67.15 -78.08
C LYS MA 401 88.02 67.04 -76.66
N ARG MA 402 88.79 66.41 -75.79
CA ARG MA 402 88.83 66.70 -74.37
C ARG MA 402 87.51 66.44 -73.66
N ALA MA 403 86.73 65.48 -74.15
CA ALA MA 403 85.55 65.07 -73.41
C ALA MA 403 85.98 64.35 -72.14
N PHE MA 404 85.24 64.56 -71.08
CA PHE MA 404 85.38 63.90 -69.78
C PHE MA 404 86.71 64.13 -69.11
N VAL MA 405 87.53 65.06 -69.61
CA VAL MA 405 88.87 65.21 -69.05
C VAL MA 405 88.83 65.90 -67.69
N HIS MA 406 87.94 66.89 -67.54
CA HIS MA 406 87.94 67.75 -66.36
C HIS MA 406 87.59 66.98 -65.08
N TRP MA 407 86.91 65.85 -65.21
CA TRP MA 407 86.70 64.98 -64.06
C TRP MA 407 88.03 64.49 -63.53
N TYR MA 408 88.94 64.14 -64.44
CA TYR MA 408 90.20 63.55 -64.03
C TYR MA 408 91.18 64.58 -63.51
N VAL MA 409 91.36 65.67 -64.26
CA VAL MA 409 92.41 66.62 -63.91
C VAL MA 409 92.07 67.40 -62.65
N GLY MA 410 90.79 67.61 -62.37
CA GLY MA 410 90.41 68.32 -61.18
C GLY MA 410 90.44 67.40 -59.98
N GLU MA 411 90.42 66.10 -60.24
CA GLU MA 411 90.41 65.14 -59.15
C GLU MA 411 91.77 65.05 -58.51
N GLY MA 412 92.84 65.27 -59.26
CA GLY MA 412 94.14 65.18 -58.66
C GLY MA 412 95.29 64.70 -59.52
N MET MA 413 95.07 64.28 -60.75
CA MET MA 413 96.24 63.96 -61.55
C MET MA 413 96.48 65.03 -62.59
N GLU MA 414 97.64 64.97 -63.21
CA GLU MA 414 98.09 66.01 -64.12
C GLU MA 414 97.70 65.68 -65.54
N GLU MA 415 97.26 66.70 -66.27
CA GLU MA 415 97.12 66.58 -67.71
C GLU MA 415 98.46 66.28 -68.34
N GLY MA 416 98.49 65.26 -69.21
CA GLY MA 416 99.73 64.73 -69.77
C GLY MA 416 99.97 63.29 -69.41
N GLU MA 417 99.40 62.83 -68.29
CA GLU MA 417 99.34 61.40 -68.05
C GLU MA 417 98.42 60.71 -69.03
N PHE MA 418 97.48 61.45 -69.62
CA PHE MA 418 96.72 60.91 -70.73
C PHE MA 418 97.62 60.68 -71.92
N SER MA 419 98.51 61.63 -72.20
CA SER MA 419 99.43 61.46 -73.31
C SER MA 419 100.52 60.43 -73.00
N GLU MA 420 100.97 60.37 -71.74
CA GLU MA 420 102.01 59.42 -71.37
C GLU MA 420 101.49 57.99 -71.46
N ALA MA 421 100.28 57.75 -70.94
CA ALA MA 421 99.72 56.41 -71.00
C ALA MA 421 99.38 56.00 -72.42
N ARG MA 422 99.08 56.98 -73.27
CA ARG MA 422 98.76 56.69 -74.66
C ARG MA 422 100.00 56.34 -75.46
N GLU MA 423 101.09 57.09 -75.29
CA GLU MA 423 102.30 56.80 -76.05
C GLU MA 423 102.92 55.50 -75.59
N ASP MA 424 102.73 55.13 -74.32
CA ASP MA 424 103.17 53.82 -73.86
C ASP MA 424 102.37 52.73 -74.56
N LEU MA 425 101.06 52.89 -74.66
CA LEU MA 425 100.25 51.89 -75.35
C LEU MA 425 100.55 51.88 -76.83
N ALA MA 426 100.88 53.03 -77.39
CA ALA MA 426 101.30 53.09 -78.78
C ALA MA 426 102.61 52.34 -78.98
N ALA MA 427 103.52 52.45 -78.02
CA ALA MA 427 104.77 51.70 -78.11
C ALA MA 427 104.54 50.21 -77.92
N LEU MA 428 103.48 49.83 -77.22
CA LEU MA 428 103.20 48.41 -77.04
C LEU MA 428 102.69 47.77 -78.31
N GLU MA 429 101.86 48.49 -79.07
CA GLU MA 429 101.37 47.96 -80.34
C GLU MA 429 102.50 47.77 -81.33
N LYS MA 430 103.44 48.71 -81.35
CA LYS MA 430 104.59 48.57 -82.22
C LYS MA 430 105.50 47.44 -81.75
N ASP MA 431 105.50 47.16 -80.45
CA ASP MA 431 106.28 46.03 -79.95
C ASP MA 431 105.66 44.70 -80.36
N TYR MA 432 104.33 44.61 -80.36
CA TYR MA 432 103.69 43.36 -80.76
C TYR MA 432 103.83 43.14 -82.26
N GLU MA 433 103.88 44.22 -83.03
CA GLU MA 433 104.04 44.09 -84.47
C GLU MA 433 105.45 43.63 -84.83
N GLU MA 434 106.44 44.10 -84.08
CA GLU MA 434 107.83 43.80 -84.42
C GLU MA 434 108.17 42.34 -84.15
N VAL MA 435 107.50 41.72 -83.18
CA VAL MA 435 107.80 40.32 -82.87
C VAL MA 435 107.31 39.39 -83.99
N GLY MA 436 106.13 39.66 -84.52
CA GLY MA 436 105.54 38.75 -85.47
C GLY MA 436 106.03 38.81 -86.90
N ILE MA 437 107.16 39.44 -87.17
CA ILE MA 437 107.63 39.56 -88.56
C ILE MA 437 108.59 38.43 -88.94
N MET NA 1 77.66 55.30 -43.71
CA MET NA 1 77.38 55.10 -45.13
C MET NA 1 77.41 56.41 -45.87
N ARG NA 2 76.52 56.55 -46.84
CA ARG NA 2 76.34 57.79 -47.58
C ARG NA 2 74.90 58.23 -47.46
N GLU NA 3 74.69 59.53 -47.42
CA GLU NA 3 73.40 60.09 -47.05
C GLU NA 3 72.97 61.15 -48.04
N ILE NA 4 71.66 61.29 -48.19
CA ILE NA 4 71.07 62.30 -49.04
C ILE NA 4 70.37 63.29 -48.12
N VAL NA 5 70.72 64.56 -48.22
CA VAL NA 5 70.04 65.61 -47.49
C VAL NA 5 69.08 66.28 -48.45
N HIS NA 6 67.81 66.18 -48.17
CA HIS NA 6 66.77 66.56 -49.10
C HIS NA 6 66.28 67.98 -48.80
N VAL NA 7 66.31 68.84 -49.80
CA VAL NA 7 65.89 70.22 -49.66
C VAL NA 7 64.62 70.42 -50.47
N GLN NA 8 63.61 71.02 -49.85
CA GLN NA 8 62.25 71.03 -50.35
C GLN NA 8 61.75 72.47 -50.33
N GLY NA 9 61.85 73.18 -51.45
CA GLY NA 9 61.51 74.58 -51.52
C GLY NA 9 60.38 74.87 -52.50
N GLY NA 10 59.56 75.86 -52.15
CA GLY NA 10 58.43 76.24 -52.97
C GLY NA 10 57.21 75.38 -52.70
N GLN NA 11 56.05 75.86 -53.15
CA GLN NA 11 54.88 75.01 -52.99
C GLN NA 11 54.85 73.88 -54.02
N CYS NA 12 55.49 74.07 -55.16
CA CYS NA 12 55.68 72.95 -56.06
C CYS NA 12 56.66 71.95 -55.49
N GLY NA 13 57.76 72.44 -54.91
CA GLY NA 13 58.75 71.54 -54.38
C GLY NA 13 58.25 70.79 -53.17
N ASN NA 14 57.34 71.41 -52.42
CA ASN NA 14 56.87 70.80 -51.19
C ASN NA 14 55.97 69.61 -51.48
N GLN NA 15 55.08 69.72 -52.46
CA GLN NA 15 54.16 68.63 -52.71
C GLN NA 15 54.57 67.76 -53.89
N ILE NA 16 55.77 67.96 -54.43
CA ILE NA 16 56.46 66.87 -55.09
C ILE NA 16 57.27 66.10 -54.07
N GLY NA 17 57.90 66.83 -53.15
CA GLY NA 17 58.64 66.18 -52.09
C GLY NA 17 57.77 65.42 -51.12
N ALA NA 18 56.56 65.89 -50.88
CA ALA NA 18 55.69 65.21 -49.93
C ALA NA 18 55.26 63.85 -50.45
N LYS NA 19 55.14 63.72 -51.77
CA LYS NA 19 54.77 62.43 -52.33
C LYS NA 19 56.00 61.64 -52.77
N PHE NA 20 57.16 62.30 -52.90
CA PHE NA 20 58.41 61.55 -53.00
C PHE NA 20 58.68 60.77 -51.72
N TRP NA 21 58.43 61.39 -50.57
CA TRP NA 21 58.66 60.70 -49.32
C TRP NA 21 57.59 59.66 -49.07
N GLU NA 22 56.43 59.78 -49.73
CA GLU NA 22 55.43 58.74 -49.64
C GLU NA 22 55.87 57.47 -50.35
N VAL NA 23 56.60 57.61 -51.47
CA VAL NA 23 57.04 56.43 -52.20
C VAL NA 23 58.20 55.75 -51.49
N ILE NA 24 59.17 56.54 -51.01
CA ILE NA 24 60.34 55.96 -50.33
C ILE NA 24 59.93 55.29 -49.03
N SER NA 25 59.02 55.89 -48.29
CA SER NA 25 58.52 55.25 -47.08
C SER NA 25 57.71 54.01 -47.39
N ASP NA 26 57.10 53.94 -48.57
CA ASP NA 26 56.35 52.75 -48.94
C ASP NA 26 57.30 51.58 -49.22
N GLU NA 27 58.42 51.86 -49.85
CA GLU NA 27 59.32 50.78 -50.26
C GLU NA 27 60.41 50.49 -49.26
N HIS NA 28 60.49 51.24 -48.17
CA HIS NA 28 61.28 50.84 -47.03
C HIS NA 28 60.42 50.36 -45.88
N GLY NA 29 59.11 50.25 -46.11
CA GLY NA 29 58.20 49.70 -45.13
C GLY NA 29 58.00 50.55 -43.90
N ILE NA 30 57.91 51.86 -44.06
CA ILE NA 30 57.71 52.77 -42.94
C ILE NA 30 56.23 53.09 -42.83
N ASP NA 31 55.65 52.73 -41.69
CA ASP NA 31 54.31 53.14 -41.30
C ASP NA 31 54.29 54.67 -41.19
N PRO NA 32 53.20 55.32 -41.57
CA PRO NA 32 53.11 56.78 -41.39
C PRO NA 32 53.33 57.26 -39.97
N THR NA 33 53.08 56.44 -38.97
CA THR NA 33 53.44 56.80 -37.61
C THR NA 33 54.93 56.74 -37.35
N GLY NA 34 55.71 56.21 -38.28
CA GLY NA 34 57.16 56.22 -38.17
C GLY NA 34 57.79 54.89 -37.85
N THR NA 35 57.01 53.88 -37.50
CA THR NA 35 57.55 52.55 -37.23
C THR NA 35 57.81 51.81 -38.53
N TYR NA 36 58.29 50.58 -38.42
CA TYR NA 36 58.60 49.76 -39.57
C TYR NA 36 57.72 48.52 -39.58
N CYS NA 37 57.26 48.13 -40.77
CA CYS NA 37 56.57 46.86 -40.94
C CYS NA 37 57.07 46.17 -42.20
N GLY NA 38 57.20 44.86 -42.15
CA GLY NA 38 57.61 44.11 -43.32
C GLY NA 38 58.55 42.93 -43.13
N ASP NA 39 59.44 43.02 -42.14
CA ASP NA 39 60.28 41.91 -41.66
C ASP NA 39 61.21 41.37 -42.74
N SER NA 40 62.12 42.23 -43.20
CA SER NA 40 63.16 41.86 -44.15
C SER NA 40 64.30 42.85 -44.05
N ASP NA 41 65.52 42.38 -44.30
CA ASP NA 41 66.70 43.23 -44.09
C ASP NA 41 67.04 44.10 -45.28
N LEU NA 42 66.66 43.71 -46.49
CA LEU NA 42 67.03 44.53 -47.62
C LEU NA 42 66.34 45.89 -47.58
N GLN NA 43 65.18 45.97 -46.95
CA GLN NA 43 64.55 47.26 -46.78
C GLN NA 43 65.25 48.11 -45.73
N LEU NA 44 65.86 47.48 -44.75
CA LEU NA 44 66.22 48.18 -43.54
C LEU NA 44 67.71 48.45 -43.39
N GLU NA 45 68.56 47.79 -44.19
CA GLU NA 45 69.99 47.88 -43.92
C GLU NA 45 70.58 49.19 -44.37
N ARG NA 46 70.07 49.80 -45.44
CA ARG NA 46 70.56 51.08 -45.93
C ARG NA 46 69.39 52.03 -45.91
N ILE NA 47 69.15 52.60 -44.75
CA ILE NA 47 67.97 53.40 -44.50
C ILE NA 47 68.48 54.71 -43.95
N ASN NA 48 69.75 54.72 -43.57
CA ASN NA 48 70.35 55.95 -43.09
C ASN NA 48 70.61 56.94 -44.20
N VAL NA 49 70.56 56.48 -45.45
CA VAL NA 49 70.68 57.38 -46.58
C VAL NA 49 69.51 58.35 -46.64
N PHE NA 50 68.34 57.94 -46.19
CA PHE NA 50 67.17 58.79 -46.23
C PHE NA 50 66.50 59.00 -44.88
N TYR NA 51 66.84 58.23 -43.86
CA TYR NA 51 66.16 58.34 -42.58
C TYR NA 51 67.16 58.45 -41.43
N ASN NA 52 66.70 58.97 -40.31
CA ASN NA 52 67.51 59.05 -39.10
C ASN NA 52 66.79 58.35 -37.96
N GLU NA 53 67.52 57.58 -37.18
CA GLU NA 53 66.97 56.92 -36.02
C GLU NA 53 66.67 57.94 -34.94
N ALA NA 54 65.62 57.72 -34.17
CA ALA NA 54 65.14 58.74 -33.26
C ALA NA 54 64.87 58.17 -31.88
N THR NA 55 65.75 57.30 -31.40
CA THR NA 55 65.88 56.77 -30.03
C THR NA 55 64.58 56.24 -29.42
N GLY NA 56 63.57 56.06 -30.25
CA GLY NA 56 62.37 55.36 -29.87
C GLY NA 56 62.11 54.37 -30.97
N GLY NA 57 63.04 54.34 -31.92
CA GLY NA 57 62.96 53.44 -33.04
C GLY NA 57 62.27 54.01 -34.26
N ARG NA 58 61.74 55.21 -34.19
CA ARG NA 58 61.06 55.76 -35.35
C ARG NA 58 62.07 56.40 -36.29
N PHE NA 59 61.72 56.44 -37.57
CA PHE NA 59 62.62 56.95 -38.60
C PHE NA 59 62.10 58.29 -39.11
N VAL NA 60 62.85 59.34 -38.85
CA VAL NA 60 62.48 60.67 -39.32
C VAL NA 60 63.27 60.96 -40.59
N PRO NA 61 62.65 61.58 -41.58
CA PRO NA 61 63.38 61.95 -42.78
C PRO NA 61 64.40 63.04 -42.54
N ARG NA 62 65.46 63.01 -43.34
CA ARG NA 62 66.47 64.07 -43.35
C ARG NA 62 66.08 65.14 -44.37
N ALA NA 63 64.87 65.64 -44.23
CA ALA NA 63 64.30 66.55 -45.21
C ALA NA 63 64.12 67.92 -44.60
N ILE NA 64 64.47 68.95 -45.35
CA ILE NA 64 64.29 70.33 -44.94
C ILE NA 64 63.20 70.93 -45.79
N LEU NA 65 62.08 71.26 -45.16
CA LEU NA 65 60.94 71.84 -45.85
C LEU NA 65 60.97 73.35 -45.68
N MET NA 66 61.02 74.07 -46.79
CA MET NA 66 61.21 75.52 -46.74
C MET NA 66 60.23 76.20 -47.68
N ASP NA 67 59.64 77.29 -47.20
CA ASP NA 67 58.70 78.09 -47.95
C ASP NA 67 58.57 79.44 -47.27
N LEU NA 68 58.21 80.45 -48.04
CA LEU NA 68 57.94 81.75 -47.47
C LEU NA 68 56.49 81.93 -47.08
N GLU NA 69 55.63 81.00 -47.47
CA GLU NA 69 54.20 81.17 -47.32
C GLU NA 69 53.67 79.98 -46.53
N PRO NA 70 53.05 80.19 -45.38
CA PRO NA 70 52.70 79.06 -44.53
C PRO NA 70 51.46 78.30 -44.96
N GLY NA 71 51.03 78.47 -46.19
CA GLY NA 71 49.87 77.75 -46.68
C GLY NA 71 50.15 76.32 -47.04
N THR NA 72 51.14 76.08 -47.89
CA THR NA 72 51.39 74.71 -48.32
C THR NA 72 52.13 73.89 -47.28
N MET NA 73 52.76 74.54 -46.30
CA MET NA 73 53.45 73.78 -45.26
C MET NA 73 52.46 73.20 -44.27
N ASP NA 74 51.32 73.85 -44.08
CA ASP NA 74 50.28 73.27 -43.25
C ASP NA 74 49.53 72.17 -43.98
N SER NA 75 49.47 72.23 -45.30
CA SER NA 75 48.80 71.18 -46.05
C SER NA 75 49.62 69.89 -46.06
N VAL NA 76 50.94 70.02 -46.12
CA VAL NA 76 51.81 68.84 -46.06
C VAL NA 76 51.70 68.18 -44.70
N ARG NA 77 51.67 68.99 -43.64
CA ARG NA 77 51.53 68.46 -42.29
C ARG NA 77 50.19 67.79 -42.09
N ALA NA 78 49.16 68.25 -42.80
CA ALA NA 78 47.82 67.73 -42.57
C ALA NA 78 47.61 66.35 -43.18
N GLY NA 79 48.20 66.10 -44.33
CA GLY NA 79 47.83 64.94 -45.10
C GLY NA 79 48.44 63.66 -44.54
N PRO NA 80 48.28 62.57 -45.29
CA PRO NA 80 48.94 61.33 -44.91
C PRO NA 80 50.43 61.47 -45.09
N PHE NA 81 51.17 60.71 -44.29
CA PHE NA 81 52.62 60.80 -44.21
C PHE NA 81 53.06 62.22 -43.89
N GLY NA 82 52.38 62.83 -42.93
CA GLY NA 82 52.67 64.19 -42.56
C GLY NA 82 53.16 64.30 -41.14
N GLN NA 83 52.85 63.30 -40.32
CA GLN NA 83 53.40 63.24 -38.98
C GLN NA 83 54.76 62.58 -38.96
N LEU NA 84 55.41 62.50 -40.11
CA LEU NA 84 56.69 61.84 -40.23
C LEU NA 84 57.83 62.83 -40.19
N PHE NA 85 57.62 64.05 -40.67
CA PHE NA 85 58.67 65.06 -40.70
C PHE NA 85 58.87 65.68 -39.33
N ARG NA 86 60.12 65.99 -39.01
CA ARG NA 86 60.41 66.66 -37.75
C ARG NA 86 59.88 68.09 -37.79
N PRO NA 87 59.24 68.56 -36.71
CA PRO NA 87 58.65 69.90 -36.72
C PRO NA 87 59.65 71.02 -36.88
N ASP NA 88 60.88 70.85 -36.41
CA ASP NA 88 61.87 71.90 -36.56
C ASP NA 88 62.33 72.06 -37.99
N ASN NA 89 62.22 71.01 -38.81
CA ASN NA 89 62.70 71.06 -40.17
C ASN NA 89 61.85 71.96 -41.06
N PHE NA 90 60.64 72.25 -40.63
CA PHE NA 90 59.81 73.25 -41.29
C PHE NA 90 60.35 74.63 -40.96
N VAL NA 91 60.61 75.43 -42.00
CA VAL NA 91 61.07 76.80 -41.83
C VAL NA 91 60.03 77.72 -42.47
N PHE NA 92 59.16 78.28 -41.63
CA PHE NA 92 58.11 79.16 -42.11
C PHE NA 92 58.69 80.46 -42.63
N GLY NA 93 57.92 81.10 -43.52
CA GLY NA 93 58.01 82.52 -43.73
C GLY NA 93 56.67 83.12 -43.37
N GLN NA 94 56.55 84.43 -43.55
CA GLN NA 94 55.25 85.03 -43.30
C GLN NA 94 54.77 85.90 -44.45
N THR NA 95 55.66 86.59 -45.15
CA THR NA 95 55.18 87.53 -46.15
C THR NA 95 54.85 86.80 -47.46
N GLY NA 96 55.83 86.18 -48.07
CA GLY NA 96 55.59 85.51 -49.32
C GLY NA 96 56.21 86.28 -50.47
N ALA NA 97 56.88 85.56 -51.36
CA ALA NA 97 57.46 86.14 -52.55
C ALA NA 97 56.42 86.04 -53.66
N GLY NA 98 55.82 87.17 -54.01
CA GLY NA 98 54.70 87.14 -54.92
C GLY NA 98 55.13 86.96 -56.35
N ASN NA 99 55.69 85.79 -56.67
CA ASN NA 99 56.19 85.46 -57.99
C ASN NA 99 57.17 86.50 -58.52
N ASN NA 100 57.98 87.03 -57.62
CA ASN NA 100 59.02 87.98 -57.98
C ASN NA 100 60.32 87.32 -57.56
N TRP NA 101 61.26 87.21 -58.49
CA TRP NA 101 62.52 86.56 -58.17
C TRP NA 101 63.39 87.39 -57.24
N ALA NA 102 63.23 88.71 -57.24
CA ALA NA 102 64.03 89.54 -56.36
C ALA NA 102 63.71 89.27 -54.89
N LYS NA 103 62.43 89.19 -54.56
CA LYS NA 103 62.06 88.93 -53.18
C LYS NA 103 62.43 87.53 -52.75
N GLY NA 104 62.41 86.57 -53.67
CA GLY NA 104 62.89 85.25 -53.34
C GLY NA 104 64.37 85.22 -53.06
N HIS NA 105 65.14 85.94 -53.86
CA HIS NA 105 66.60 85.90 -53.72
C HIS NA 105 67.08 86.94 -52.72
N TYR NA 106 66.91 88.23 -53.04
CA TYR NA 106 67.65 89.24 -52.30
C TYR NA 106 66.98 89.72 -51.02
N THR NA 107 65.78 90.29 -51.13
CA THR NA 107 65.32 91.13 -50.03
C THR NA 107 64.55 90.38 -48.95
N GLU NA 108 63.78 89.37 -49.31
CA GLU NA 108 63.00 88.63 -48.32
C GLU NA 108 63.47 87.19 -48.16
N GLY NA 109 64.34 86.73 -49.04
CA GLY NA 109 64.97 85.45 -48.88
C GLY NA 109 66.24 85.48 -48.08
N ALA NA 110 66.75 86.67 -47.81
CA ALA NA 110 67.95 86.78 -46.99
C ALA NA 110 67.65 86.75 -45.51
N GLU NA 111 66.50 87.25 -45.07
CA GLU NA 111 66.20 87.18 -43.65
C GLU NA 111 65.81 85.80 -43.19
N LEU NA 112 65.49 84.90 -44.11
CA LEU NA 112 65.10 83.55 -43.74
C LEU NA 112 66.21 82.55 -43.94
N ILE NA 113 67.22 82.89 -44.75
CA ILE NA 113 68.17 81.88 -45.19
C ILE NA 113 69.10 81.48 -44.06
N ASP NA 114 69.35 82.36 -43.09
CA ASP NA 114 70.14 81.97 -41.93
C ASP NA 114 69.37 81.00 -41.05
N SER NA 115 68.05 81.06 -41.10
CA SER NA 115 67.24 80.13 -40.33
C SER NA 115 67.27 78.73 -40.92
N VAL NA 116 67.40 78.62 -42.24
CA VAL NA 116 67.41 77.31 -42.88
C VAL NA 116 68.83 76.80 -43.10
N LEU NA 117 69.82 77.69 -43.21
CA LEU NA 117 71.19 77.23 -43.36
C LEU NA 117 71.70 76.63 -42.06
N ASP NA 118 71.12 77.05 -40.93
CA ASP NA 118 71.40 76.38 -39.67
C ASP NA 118 70.87 74.95 -39.67
N VAL NA 119 69.69 74.73 -40.26
CA VAL NA 119 69.09 73.41 -40.21
C VAL NA 119 69.82 72.45 -41.13
N VAL NA 120 70.34 72.96 -42.26
CA VAL NA 120 71.12 72.11 -43.14
C VAL NA 120 72.42 71.70 -42.45
N ARG NA 121 73.10 72.65 -41.83
CA ARG NA 121 74.34 72.34 -41.11
C ARG NA 121 74.08 71.42 -39.93
N LYS NA 122 72.93 71.57 -39.28
CA LYS NA 122 72.56 70.70 -38.17
C LYS NA 122 72.36 69.28 -38.64
N GLU NA 123 71.92 69.09 -39.88
CA GLU NA 123 71.74 67.78 -40.45
C GLU NA 123 72.94 67.29 -41.25
N ALA NA 124 73.61 68.17 -41.99
CA ALA NA 124 74.70 67.73 -42.84
C ALA NA 124 75.90 67.27 -42.04
N GLU NA 125 76.18 67.94 -40.93
CA GLU NA 125 77.30 67.55 -40.09
C GLU NA 125 76.97 66.38 -39.19
N GLY NA 126 75.72 65.90 -39.19
CA GLY NA 126 75.33 64.88 -38.25
C GLY NA 126 75.81 63.49 -38.59
N CYS NA 127 76.36 63.30 -39.78
CA CYS NA 127 76.75 61.98 -40.22
C CYS NA 127 78.26 61.89 -40.32
N ASP NA 128 78.73 60.69 -40.68
CA ASP NA 128 80.16 60.46 -40.88
C ASP NA 128 80.71 61.31 -42.03
N CYS NA 129 80.21 61.06 -43.24
CA CYS NA 129 80.43 61.93 -44.38
C CYS NA 129 79.23 61.74 -45.27
N LEU NA 130 78.64 62.83 -45.72
CA LEU NA 130 77.41 62.77 -46.50
C LEU NA 130 77.74 62.79 -47.98
N GLN NA 131 76.86 62.17 -48.77
CA GLN NA 131 77.12 62.15 -50.20
C GLN NA 131 76.73 63.45 -50.86
N GLY NA 132 75.51 63.92 -50.63
CA GLY NA 132 75.12 65.13 -51.31
C GLY NA 132 73.69 65.51 -51.04
N PHE NA 133 73.26 66.54 -51.73
CA PHE NA 133 71.98 67.18 -51.53
C PHE NA 133 71.16 67.06 -52.82
N GLN NA 134 69.90 66.68 -52.70
CA GLN NA 134 69.00 66.85 -53.84
C GLN NA 134 67.95 67.87 -53.50
N ILE NA 135 67.49 68.58 -54.52
CA ILE NA 135 66.58 69.70 -54.34
C ILE NA 135 65.43 69.54 -55.30
N THR NA 136 64.21 69.59 -54.77
CA THR NA 136 63.01 69.63 -55.56
C THR NA 136 62.38 71.00 -55.41
N HIS NA 137 62.28 71.74 -56.51
CA HIS NA 137 61.79 73.11 -56.45
C HIS NA 137 61.28 73.52 -57.82
N SER NA 138 60.65 74.68 -57.86
CA SER NA 138 60.06 75.22 -59.08
C SER NA 138 60.80 76.45 -59.52
N LEU NA 139 60.89 76.66 -60.82
CA LEU NA 139 61.53 77.85 -61.34
C LEU NA 139 60.56 78.87 -61.88
N GLY NA 140 59.30 78.50 -62.08
CA GLY NA 140 58.30 79.47 -62.50
C GLY NA 140 57.74 80.30 -61.39
N GLY NA 141 58.22 80.11 -60.16
CA GLY NA 141 57.72 80.82 -59.01
C GLY NA 141 58.77 81.69 -58.36
N GLY NA 142 58.38 82.27 -57.24
CA GLY NA 142 59.24 83.20 -56.55
C GLY NA 142 60.07 82.57 -55.47
N THR NA 143 59.45 81.80 -54.58
CA THR NA 143 60.19 81.24 -53.47
C THR NA 143 60.91 79.95 -53.84
N GLY NA 144 60.59 79.34 -54.96
CA GLY NA 144 61.33 78.19 -55.42
C GLY NA 144 62.54 78.60 -56.22
N SER NA 145 62.32 79.47 -57.20
CA SER NA 145 63.44 79.95 -58.01
C SER NA 145 64.30 80.94 -57.24
N GLY NA 146 63.70 81.75 -56.40
CA GLY NA 146 64.45 82.79 -55.73
C GLY NA 146 65.27 82.27 -54.58
N MET NA 147 64.59 81.78 -53.54
CA MET NA 147 65.31 81.33 -52.37
C MET NA 147 65.96 79.98 -52.58
N GLY NA 148 65.34 79.12 -53.39
CA GLY NA 148 65.93 77.81 -53.64
C GLY NA 148 67.26 77.90 -54.35
N THR NA 149 67.40 78.84 -55.27
CA THR NA 149 68.68 79.01 -55.94
C THR NA 149 69.59 79.95 -55.18
N LEU NA 150 69.13 80.55 -54.09
CA LEU NA 150 70.10 81.17 -53.20
C LEU NA 150 70.66 80.15 -52.22
N LEU NA 151 69.88 79.14 -51.87
CA LEU NA 151 70.39 78.12 -50.96
C LEU NA 151 71.50 77.31 -51.62
N ILE NA 152 71.38 77.04 -52.92
CA ILE NA 152 72.45 76.36 -53.65
C ILE NA 152 73.70 77.20 -53.65
N SER NA 153 73.53 78.52 -53.72
CA SER NA 153 74.68 79.43 -53.69
C SER NA 153 75.41 79.35 -52.36
N LYS NA 154 74.67 79.25 -51.26
CA LYS NA 154 75.33 79.19 -49.96
C LYS NA 154 75.97 77.84 -49.73
N VAL NA 155 75.29 76.75 -50.07
CA VAL NA 155 75.80 75.45 -49.68
C VAL NA 155 76.88 74.96 -50.62
N ARG NA 156 76.95 75.46 -51.84
CA ARG NA 156 78.11 75.18 -52.68
C ARG NA 156 79.28 76.10 -52.37
N GLU NA 157 79.09 77.08 -51.50
CA GLU NA 157 80.22 77.83 -50.97
C GLU NA 157 80.79 77.15 -49.73
N GLU NA 158 79.99 76.34 -49.05
CA GLU NA 158 80.40 75.68 -47.81
C GLU NA 158 80.89 74.26 -48.07
N TYR NA 159 80.04 73.44 -48.66
CA TYR NA 159 80.39 72.08 -49.04
C TYR NA 159 80.65 72.08 -50.53
N PRO NA 160 81.87 72.30 -50.99
CA PRO NA 160 82.08 72.55 -52.41
C PRO NA 160 82.10 71.30 -53.28
N ASP NA 161 82.60 70.18 -52.76
CA ASP NA 161 82.86 69.00 -53.57
C ASP NA 161 81.83 67.89 -53.39
N ARG NA 162 80.67 68.19 -52.83
CA ARG NA 162 79.61 67.21 -52.69
C ARG NA 162 78.57 67.36 -53.80
N ILE NA 163 77.88 66.26 -54.09
CA ILE NA 163 77.01 66.22 -55.26
C ILE NA 163 75.77 67.04 -55.00
N MET NA 164 75.42 67.89 -55.97
CA MET NA 164 74.22 68.73 -55.91
C MET NA 164 73.32 68.35 -57.07
N GLU NA 165 72.33 67.52 -56.80
CA GLU NA 165 71.35 67.10 -57.78
C GLU NA 165 70.12 67.99 -57.66
N THR NA 166 69.47 68.26 -58.77
CA THR NA 166 68.38 69.23 -58.80
C THR NA 166 67.22 68.69 -59.63
N PHE NA 167 66.14 68.33 -58.97
CA PHE NA 167 64.89 68.00 -59.64
C PHE NA 167 64.07 69.28 -59.73
N SER NA 168 64.15 69.97 -60.86
CA SER NA 168 63.51 71.26 -61.02
C SER NA 168 62.47 71.22 -62.13
N VAL NA 169 61.35 71.90 -61.93
CA VAL NA 169 60.32 72.00 -62.95
C VAL NA 169 60.44 73.34 -63.66
N PHE NA 170 60.31 73.32 -64.97
CA PHE NA 170 60.51 74.48 -65.81
C PHE NA 170 59.16 75.04 -66.22
N PRO NA 171 59.13 76.20 -66.86
CA PRO NA 171 57.90 76.63 -67.54
C PRO NA 171 57.49 75.67 -68.64
N SER NA 172 56.18 75.51 -68.79
CA SER NA 172 55.64 74.73 -69.88
C SER NA 172 55.70 75.54 -71.17
N PRO NA 173 55.83 74.88 -72.32
CA PRO NA 173 55.98 75.64 -73.57
C PRO NA 173 54.70 76.25 -74.11
N LYS NA 174 53.60 75.50 -74.10
CA LYS NA 174 52.45 75.87 -74.90
C LYS NA 174 51.64 76.98 -74.24
N VAL NA 175 51.06 76.71 -73.08
CA VAL NA 175 50.35 77.73 -72.32
C VAL NA 175 50.77 77.59 -70.88
N SER NA 176 50.97 78.73 -70.21
CA SER NA 176 51.72 78.67 -68.98
C SER NA 176 51.29 79.79 -68.05
N ASP NA 177 51.56 79.59 -66.78
CA ASP NA 177 51.04 80.41 -65.71
C ASP NA 177 52.08 81.44 -65.29
N THR NA 178 51.70 82.34 -64.38
CA THR NA 178 52.61 83.25 -63.71
C THR NA 178 53.43 84.10 -64.69
N VAL NA 179 52.82 85.15 -65.26
CA VAL NA 179 53.23 85.74 -66.55
C VAL NA 179 54.70 86.09 -66.60
N VAL NA 180 55.32 86.37 -65.46
CA VAL NA 180 56.77 86.46 -65.48
C VAL NA 180 57.34 85.09 -65.14
N GLU NA 181 57.23 84.18 -66.11
CA GLU NA 181 58.07 83.00 -66.19
C GLU NA 181 59.41 83.28 -66.85
N PRO NA 182 59.49 84.00 -67.98
CA PRO NA 182 60.82 84.22 -68.56
C PRO NA 182 61.76 84.99 -67.67
N TYR NA 183 61.26 85.84 -66.78
CA TYR NA 183 62.17 86.54 -65.90
C TYR NA 183 62.68 85.61 -64.80
N ASN NA 184 61.78 84.84 -64.19
CA ASN NA 184 62.18 84.01 -63.06
C ASN NA 184 63.01 82.82 -63.50
N ALA NA 185 62.67 82.24 -64.65
CA ALA NA 185 63.39 81.07 -65.12
C ALA NA 185 64.79 81.44 -65.60
N THR NA 186 64.92 82.56 -66.31
CA THR NA 186 66.20 82.91 -66.88
C THR NA 186 67.18 83.37 -65.83
N LEU NA 187 66.70 84.13 -64.84
CA LEU NA 187 67.57 84.55 -63.76
C LEU NA 187 67.98 83.38 -62.88
N SER NA 188 67.32 82.24 -63.02
CA SER NA 188 67.65 81.08 -62.21
C SER NA 188 68.43 80.03 -62.96
N VAL NA 189 68.56 80.13 -64.29
CA VAL NA 189 69.44 79.22 -64.99
C VAL NA 189 70.90 79.57 -64.71
N HIS NA 190 71.27 80.86 -64.76
CA HIS NA 190 72.69 81.15 -64.59
C HIS NA 190 73.12 81.07 -63.14
N GLN NA 191 72.16 81.04 -62.22
CA GLN NA 191 72.46 80.77 -60.83
C GLN NA 191 72.51 79.29 -60.56
N LEU NA 192 72.35 78.49 -61.62
CA LEU NA 192 72.25 77.05 -61.51
C LEU NA 192 73.13 76.32 -62.51
N VAL NA 193 73.60 77.01 -63.55
CA VAL NA 193 74.64 76.41 -64.38
C VAL NA 193 75.97 76.40 -63.63
N GLU NA 194 76.18 77.38 -62.75
CA GLU NA 194 77.46 77.48 -62.06
C GLU NA 194 77.46 76.78 -60.72
N ASN NA 195 76.33 76.29 -60.25
CA ASN NA 195 76.24 75.86 -58.87
C ASN NA 195 75.62 74.48 -58.66
N ALA NA 196 75.18 73.80 -59.70
CA ALA NA 196 74.56 72.49 -59.54
C ALA NA 196 75.34 71.45 -60.31
N ASP NA 197 75.51 70.28 -59.71
CA ASP NA 197 76.28 69.23 -60.36
C ASP NA 197 75.51 68.59 -61.50
N GLU NA 198 74.23 68.32 -61.30
CA GLU NA 198 73.38 67.76 -62.35
C GLU NA 198 71.94 68.20 -62.12
N VAL NA 199 71.28 68.62 -63.20
CA VAL NA 199 69.95 69.22 -63.13
C VAL NA 199 69.02 68.41 -64.02
N GLN NA 200 67.87 68.04 -63.48
CA GLN NA 200 66.99 67.06 -64.11
C GLN NA 200 65.63 67.69 -64.31
N VAL NA 201 65.28 67.99 -65.56
CA VAL NA 201 64.22 68.94 -65.87
C VAL NA 201 62.90 68.22 -66.05
N ILE NA 202 61.83 68.92 -65.71
CA ILE NA 202 60.46 68.40 -65.74
C ILE NA 202 59.56 69.51 -66.25
N ASP NA 203 58.61 69.18 -67.11
CA ASP NA 203 57.54 70.07 -67.51
C ASP NA 203 56.24 69.55 -66.94
N ASN NA 204 55.34 70.44 -66.58
CA ASN NA 204 54.01 69.99 -66.21
C ASN NA 204 53.22 69.58 -67.44
N GLU NA 205 53.47 70.24 -68.57
CA GLU NA 205 52.70 69.95 -69.77
C GLU NA 205 53.09 68.61 -70.34
N ALA NA 206 54.36 68.24 -70.20
CA ALA NA 206 54.80 66.92 -70.65
C ALA NA 206 54.15 65.82 -69.83
N LEU NA 207 53.90 66.08 -68.55
CA LEU NA 207 53.31 65.05 -67.71
C LEU NA 207 51.82 64.88 -67.98
N TYR NA 208 51.12 65.95 -68.36
CA TYR NA 208 49.72 65.81 -68.77
C TYR NA 208 49.62 64.97 -70.03
N ASP NA 209 50.59 65.12 -70.92
CA ASP NA 209 50.70 64.30 -72.11
C ASP NA 209 50.87 62.84 -71.72
N ILE NA 210 51.67 62.56 -70.69
CA ILE NA 210 51.90 61.18 -70.27
C ILE NA 210 50.61 60.56 -69.75
N CYS NA 211 49.94 61.26 -68.83
CA CYS NA 211 48.79 60.68 -68.15
C CYS NA 211 47.62 60.47 -69.09
N PHE NA 212 47.59 61.16 -70.21
CA PHE NA 212 46.46 61.01 -71.10
C PHE NA 212 46.69 59.91 -72.11
N ARG NA 213 47.75 60.01 -72.90
CA ARG NA 213 47.94 59.11 -74.01
C ARG NA 213 48.68 57.83 -73.64
N THR NA 214 49.23 57.73 -72.44
CA THR NA 214 49.84 56.47 -72.01
C THR NA 214 49.09 55.82 -70.86
N LEU NA 215 48.89 56.52 -69.76
CA LEU NA 215 48.24 55.90 -68.62
C LEU NA 215 46.73 55.89 -68.74
N LYS NA 216 46.17 56.67 -69.66
CA LYS NA 216 44.74 56.78 -69.92
C LYS NA 216 43.94 57.21 -68.69
N LEU NA 217 44.58 57.85 -67.71
CA LEU NA 217 43.84 58.42 -66.60
C LEU NA 217 43.11 59.66 -67.10
N THR NA 218 41.79 59.65 -66.98
CA THR NA 218 41.00 60.73 -67.57
C THR NA 218 41.10 62.03 -66.79
N THR NA 219 41.37 61.96 -65.49
CA THR NA 219 41.37 63.13 -64.62
C THR NA 219 42.67 63.23 -63.85
N PRO NA 220 43.75 63.66 -64.49
CA PRO NA 220 45.03 63.74 -63.76
C PRO NA 220 45.07 64.88 -62.77
N THR NA 221 44.95 64.57 -61.49
CA THR NA 221 45.20 65.59 -60.47
C THR NA 221 46.69 65.74 -60.27
N TYR NA 222 47.07 66.77 -59.50
CA TYR NA 222 48.51 66.95 -59.26
C TYR NA 222 49.09 65.87 -58.37
N GLY NA 223 48.26 65.15 -57.63
CA GLY NA 223 48.74 63.97 -56.95
C GLY NA 223 49.23 62.91 -57.93
N ASP NA 224 48.57 62.81 -59.08
CA ASP NA 224 48.97 61.83 -60.07
C ASP NA 224 50.22 62.25 -60.82
N LEU NA 225 50.37 63.55 -61.09
CA LEU NA 225 51.60 64.02 -61.70
C LEU NA 225 52.78 63.93 -60.75
N ASN NA 226 52.56 64.21 -59.47
CA ASN NA 226 53.66 64.16 -58.52
C ASN NA 226 54.10 62.73 -58.25
N HIS NA 227 53.22 61.76 -58.47
CA HIS NA 227 53.61 60.37 -58.28
C HIS NA 227 54.48 59.87 -59.43
N LEU NA 228 54.25 60.40 -60.64
CA LEU NA 228 55.08 60.05 -61.77
C LEU NA 228 56.48 60.62 -61.63
N VAL NA 229 56.58 61.85 -61.10
CA VAL NA 229 57.88 62.45 -60.83
C VAL NA 229 58.60 61.66 -59.75
N SER NA 230 57.86 61.27 -58.71
CA SER NA 230 58.48 60.60 -57.58
C SER NA 230 58.94 59.20 -57.93
N ALA NA 231 58.33 58.57 -58.93
CA ALA NA 231 58.81 57.27 -59.37
C ALA NA 231 60.19 57.38 -59.99
N ALA NA 232 60.44 58.47 -60.70
CA ALA NA 232 61.75 58.65 -61.30
C ALA NA 232 62.78 59.09 -60.28
N MET NA 233 62.35 59.80 -59.23
CA MET NA 233 63.30 60.24 -58.20
C MET NA 233 63.88 59.05 -57.46
N SER NA 234 63.07 58.05 -57.18
CA SER NA 234 63.59 56.84 -56.54
C SER NA 234 64.37 56.00 -57.52
N GLY NA 235 64.07 56.09 -58.81
CA GLY NA 235 64.77 55.29 -59.79
C GLY NA 235 66.21 55.70 -59.98
N VAL NA 236 66.55 56.94 -59.67
CA VAL NA 236 67.93 57.39 -59.80
C VAL NA 236 68.79 56.86 -58.67
N THR NA 237 68.20 56.75 -57.47
CA THR NA 237 68.94 56.44 -56.26
C THR NA 237 68.63 55.03 -55.72
N CYS NA 238 68.38 54.06 -56.61
CA CYS NA 238 68.16 52.70 -56.16
C CYS NA 238 69.42 52.08 -55.59
N CYS NA 239 70.54 52.24 -56.29
CA CYS NA 239 71.75 51.50 -55.95
C CYS NA 239 72.35 51.95 -54.63
N LEU NA 240 72.01 53.14 -54.17
CA LEU NA 240 72.41 53.55 -52.83
C LEU NA 240 71.70 52.73 -51.77
N ARG NA 241 70.43 52.42 -51.98
CA ARG NA 241 69.59 51.90 -50.92
C ARG NA 241 69.47 50.40 -50.93
N PHE NA 242 69.60 49.78 -52.10
CA PHE NA 242 69.37 48.37 -52.28
C PHE NA 242 70.59 47.75 -52.96
N PRO NA 243 70.83 46.46 -52.75
CA PRO NA 243 71.95 45.82 -53.43
C PRO NA 243 71.64 45.57 -54.90
N GLY NA 244 72.67 45.20 -55.63
CA GLY NA 244 72.46 44.92 -57.05
C GLY NA 244 73.71 44.32 -57.66
N GLN NA 245 73.57 43.96 -58.94
CA GLN NA 245 74.69 43.37 -59.65
C GLN NA 245 75.73 44.40 -60.01
N LEU NA 246 75.29 45.56 -60.49
CA LEU NA 246 76.19 46.59 -60.97
C LEU NA 246 75.70 47.91 -60.40
N ASN NA 247 76.30 48.32 -59.28
CA ASN NA 247 75.84 49.51 -58.57
C ASN NA 247 76.23 50.79 -59.27
N SER NA 248 75.47 51.84 -59.02
CA SER NA 248 75.74 53.14 -59.57
C SER NA 248 75.08 54.20 -58.70
N ASP NA 249 75.89 54.99 -58.01
CA ASP NA 249 75.37 56.06 -57.18
C ASP NA 249 75.25 57.35 -57.98
N LEU NA 250 75.03 58.46 -57.28
CA LEU NA 250 74.81 59.73 -57.96
C LEU NA 250 76.08 60.23 -58.64
N ARG NA 251 77.21 60.12 -57.96
CA ARG NA 251 78.46 60.59 -58.54
C ARG NA 251 78.89 59.71 -59.70
N LYS NA 252 78.45 58.45 -59.70
CA LYS NA 252 78.65 57.59 -60.85
C LYS NA 252 77.93 58.12 -62.07
N LEU NA 253 76.73 58.66 -61.87
CA LEU NA 253 75.96 59.20 -62.97
C LEU NA 253 76.59 60.48 -63.52
N ALA NA 254 77.09 61.34 -62.63
CA ALA NA 254 77.64 62.61 -63.05
C ALA NA 254 78.91 62.43 -63.89
N VAL NA 255 79.78 61.50 -63.47
CA VAL NA 255 81.06 61.33 -64.14
C VAL NA 255 80.87 60.68 -65.50
N ASN NA 256 79.70 60.14 -65.74
CA ASN NA 256 79.46 59.26 -66.86
C ASN NA 256 78.44 59.84 -67.82
N LEU NA 257 77.88 61.01 -67.54
CA LEU NA 257 76.96 61.66 -68.46
C LEU NA 257 77.44 62.99 -68.99
N ILE NA 258 78.04 63.86 -68.17
CA ILE NA 258 78.42 65.19 -68.58
C ILE NA 258 79.88 65.17 -69.02
N PRO NA 259 80.19 65.58 -70.22
CA PRO NA 259 81.59 65.69 -70.62
C PRO NA 259 82.21 67.02 -70.26
N PHE NA 260 81.39 68.06 -70.17
CA PHE NA 260 81.86 69.40 -69.87
C PHE NA 260 81.00 70.01 -68.78
N PRO NA 261 81.57 70.82 -67.89
CA PRO NA 261 80.84 71.17 -66.67
C PRO NA 261 79.75 72.20 -66.87
N ARG NA 262 79.76 72.93 -67.99
CA ARG NA 262 78.72 73.90 -68.28
C ARG NA 262 77.47 73.25 -68.84
N LEU NA 263 77.50 71.97 -69.13
CA LEU NA 263 76.36 71.28 -69.71
C LEU NA 263 76.00 70.11 -68.79
N HIS NA 264 74.93 70.27 -68.03
CA HIS NA 264 74.49 69.21 -67.12
C HIS NA 264 72.98 69.11 -67.03
N PHE NA 265 72.27 69.37 -68.11
CA PHE NA 265 70.81 69.40 -68.07
C PHE NA 265 70.27 68.14 -68.72
N PHE NA 266 69.46 67.40 -67.96
CA PHE NA 266 69.12 66.03 -68.29
C PHE NA 266 67.63 65.87 -68.55
N LEU NA 267 67.31 64.91 -69.40
CA LEU NA 267 65.95 64.50 -69.67
C LEU NA 267 65.68 63.22 -68.90
N ILE NA 268 64.55 63.16 -68.23
CA ILE NA 268 64.23 62.06 -67.32
C ILE NA 268 63.05 61.30 -67.91
N GLY NA 269 63.05 59.98 -67.77
CA GLY NA 269 61.95 59.18 -68.25
C GLY NA 269 61.77 57.95 -67.39
N PHE NA 270 60.61 57.32 -67.52
CA PHE NA 270 60.29 56.13 -66.76
C PHE NA 270 59.61 55.12 -67.67
N ALA NA 271 59.79 53.85 -67.33
CA ALA NA 271 59.12 52.76 -68.02
C ALA NA 271 59.12 51.56 -67.10
N PRO NA 272 58.05 50.75 -67.10
CA PRO NA 272 56.82 50.79 -67.87
C PRO NA 272 55.80 51.76 -67.33
N LEU NA 273 54.92 52.24 -68.21
CA LEU NA 273 53.80 53.09 -67.83
C LEU NA 273 52.61 52.64 -68.67
N THR NA 274 51.77 51.78 -68.11
CA THR NA 274 50.62 51.30 -68.84
C THR NA 274 49.37 51.41 -67.98
N SER NA 275 48.23 51.52 -68.66
CA SER NA 275 46.94 51.74 -68.04
C SER NA 275 46.46 50.48 -67.34
N ARG NA 276 45.30 50.61 -66.68
CA ARG NA 276 44.73 49.46 -66.00
C ARG NA 276 44.17 48.45 -67.00
N GLY NA 277 43.51 48.93 -68.05
CA GLY NA 277 42.91 48.04 -69.01
C GLY NA 277 43.88 47.39 -69.96
N SER NA 278 45.11 47.87 -70.01
CA SER NA 278 46.15 47.29 -70.83
C SER NA 278 47.26 46.66 -69.99
N GLN NA 279 47.06 46.53 -68.68
CA GLN NA 279 48.10 45.94 -67.85
C GLN NA 279 48.16 44.43 -68.03
N GLN NA 280 47.00 43.80 -68.17
CA GLN NA 280 46.94 42.35 -68.23
C GLN NA 280 47.28 41.80 -69.59
N TYR NA 281 47.78 42.63 -70.51
CA TYR NA 281 47.99 42.21 -71.88
C TYR NA 281 49.42 42.27 -72.35
N ARG NA 282 50.35 42.78 -71.56
CA ARG NA 282 51.68 43.02 -72.09
C ARG NA 282 52.71 42.05 -71.55
N ALA NA 283 53.80 41.93 -72.29
CA ALA NA 283 54.91 41.05 -71.96
C ALA NA 283 56.01 41.92 -71.38
N LEU NA 284 56.02 42.05 -70.06
CA LEU NA 284 56.90 43.00 -69.38
C LEU NA 284 58.28 42.38 -69.27
N SER NA 285 58.97 42.32 -70.39
CA SER NA 285 60.33 41.82 -70.45
C SER NA 285 61.24 42.97 -70.81
N VAL NA 286 62.55 42.69 -70.85
CA VAL NA 286 63.53 43.76 -71.04
C VAL NA 286 63.42 44.44 -72.40
N PRO NA 287 63.21 43.74 -73.53
CA PRO NA 287 63.04 44.49 -74.79
C PRO NA 287 61.84 45.43 -74.82
N GLU NA 288 60.78 45.13 -74.07
CA GLU NA 288 59.68 46.08 -74.03
C GLU NA 288 60.00 47.28 -73.16
N LEU NA 289 60.89 47.10 -72.18
CA LEU NA 289 61.35 48.24 -71.41
C LEU NA 289 62.18 49.18 -72.26
N THR NA 290 63.12 48.65 -73.02
CA THR NA 290 64.00 49.50 -73.79
C THR NA 290 63.32 50.14 -74.99
N GLN NA 291 62.17 49.65 -75.41
CA GLN NA 291 61.46 50.33 -76.47
C GLN NA 291 60.59 51.45 -75.96
N GLN NA 292 60.03 51.29 -74.76
CA GLN NA 292 59.18 52.33 -74.22
C GLN NA 292 59.99 53.53 -73.77
N MET NA 293 61.18 53.29 -73.21
CA MET NA 293 61.98 54.36 -72.66
C MET NA 293 62.60 55.24 -73.74
N PHE NA 294 62.74 54.73 -74.97
CA PHE NA 294 63.13 55.53 -76.10
C PHE NA 294 61.91 55.89 -76.94
N ASP NA 295 61.06 56.75 -76.38
CA ASP NA 295 60.04 57.45 -77.15
C ASP NA 295 60.11 58.91 -76.80
N ALA NA 296 59.80 59.75 -77.77
CA ALA NA 296 59.43 61.12 -77.45
C ALA NA 296 58.17 61.14 -76.62
N LYS NA 297 57.33 60.13 -76.79
CA LYS NA 297 56.01 59.98 -76.20
C LYS NA 297 56.08 59.67 -74.71
N ASN NA 298 57.27 59.45 -74.17
CA ASN NA 298 57.44 59.01 -72.80
C ASN NA 298 58.34 59.90 -71.96
N MET NA 299 59.07 60.82 -72.57
CA MET NA 299 60.02 61.57 -71.78
C MET NA 299 59.29 62.61 -70.93
N MET NA 300 59.87 62.92 -69.77
CA MET NA 300 59.26 63.87 -68.84
C MET NA 300 59.80 65.27 -69.01
N CYS NA 301 60.29 65.60 -70.19
CA CYS NA 301 60.58 66.98 -70.56
C CYS NA 301 59.94 67.26 -71.90
N ALA NA 302 59.50 68.49 -72.08
CA ALA NA 302 58.83 68.88 -73.31
C ALA NA 302 59.82 69.27 -74.40
N SER NA 303 60.80 68.40 -74.63
CA SER NA 303 61.75 68.58 -75.71
C SER NA 303 61.81 67.26 -76.45
N ASP NA 304 61.25 67.24 -77.65
CA ASP NA 304 61.22 66.11 -78.55
C ASP NA 304 62.67 65.68 -78.84
N PRO NA 305 63.11 64.54 -78.30
CA PRO NA 305 64.52 64.21 -78.34
C PRO NA 305 65.04 63.82 -79.70
N ARG NA 306 64.18 63.45 -80.65
CA ARG NA 306 64.72 63.08 -81.95
C ARG NA 306 65.10 64.28 -82.80
N HIS NA 307 64.77 65.50 -82.38
CA HIS NA 307 65.24 66.67 -83.09
C HIS NA 307 66.72 66.93 -82.88
N GLY NA 308 67.31 66.29 -81.88
CA GLY NA 308 68.70 66.53 -81.52
C GLY NA 308 69.47 65.24 -81.50
N ARG NA 309 70.54 65.25 -80.72
CA ARG NA 309 71.42 64.11 -80.60
C ARG NA 309 71.64 63.81 -79.14
N TYR NA 310 71.48 62.56 -78.75
CA TYR NA 310 71.85 62.14 -77.42
C TYR NA 310 73.36 62.20 -77.29
N LEU NA 311 73.85 63.14 -76.50
CA LEU NA 311 75.27 63.20 -76.21
C LEU NA 311 75.71 62.00 -75.40
N THR NA 312 75.01 61.71 -74.30
CA THR NA 312 75.30 60.57 -73.46
C THR NA 312 74.03 60.30 -72.66
N ALA NA 313 73.77 59.03 -72.36
CA ALA NA 313 72.59 58.72 -71.58
C ALA NA 313 72.85 57.50 -70.71
N SER NA 314 71.97 57.27 -69.74
CA SER NA 314 72.15 56.20 -68.78
C SER NA 314 70.82 55.57 -68.45
N ALA NA 315 70.86 54.33 -67.98
CA ALA NA 315 69.66 53.56 -67.71
C ALA NA 315 69.82 52.76 -66.44
N MET NA 316 69.07 53.10 -65.42
CA MET NA 316 69.16 52.46 -64.11
C MET NA 316 68.03 51.43 -64.02
N PHE NA 317 68.38 50.16 -64.11
CA PHE NA 317 67.38 49.12 -64.11
C PHE NA 317 67.07 48.68 -62.70
N ARG NA 318 65.96 47.97 -62.54
CA ARG NA 318 65.58 47.39 -61.28
C ARG NA 318 64.97 46.02 -61.53
N GLY NA 319 65.41 45.03 -60.77
CA GLY NA 319 64.75 43.74 -60.75
C GLY NA 319 65.70 42.61 -61.08
N ARG NA 320 65.19 41.41 -60.91
CA ARG NA 320 65.92 40.21 -61.27
C ARG NA 320 65.80 40.03 -62.76
N MET NA 321 66.79 40.50 -63.51
CA MET NA 321 66.78 40.41 -64.95
C MET NA 321 68.14 39.96 -65.45
N SER NA 322 68.14 39.35 -66.62
CA SER NA 322 69.37 38.85 -67.20
C SER NA 322 70.16 39.98 -67.81
N THR NA 323 71.43 40.04 -67.47
CA THR NA 323 72.22 41.22 -67.80
C THR NA 323 72.64 41.28 -69.24
N LYS NA 324 72.58 40.19 -70.01
CA LYS NA 324 73.04 40.38 -71.38
C LYS NA 324 72.01 41.08 -72.24
N GLU NA 325 70.72 40.91 -71.99
CA GLU NA 325 69.80 41.76 -72.71
C GLU NA 325 69.61 43.10 -72.02
N VAL NA 326 70.26 43.30 -70.88
CA VAL NA 326 70.59 44.67 -70.51
C VAL NA 326 71.71 45.19 -71.41
N ASP NA 327 72.58 44.30 -71.87
CA ASP NA 327 73.69 44.78 -72.70
C ASP NA 327 73.32 44.85 -74.16
N GLU NA 328 72.77 43.77 -74.72
CA GLU NA 328 72.56 43.75 -76.15
C GLU NA 328 71.42 44.66 -76.59
N GLN NA 329 70.41 44.85 -75.74
CA GLN NA 329 69.36 45.82 -76.08
C GLN NA 329 69.92 47.23 -76.10
N MET NA 330 70.74 47.59 -75.09
CA MET NA 330 71.39 48.89 -75.14
C MET NA 330 72.36 48.97 -76.31
N LEU NA 331 72.92 47.83 -76.72
CA LEU NA 331 73.67 47.81 -77.96
C LEU NA 331 72.74 47.96 -79.15
N ASN NA 332 71.57 47.32 -79.10
CA ASN NA 332 70.67 47.36 -80.25
C ASN NA 332 70.01 48.73 -80.39
N VAL NA 333 69.81 49.44 -79.28
CA VAL NA 333 69.21 50.76 -79.40
C VAL NA 333 70.21 51.77 -79.96
N GLN NA 334 71.51 51.53 -79.84
CA GLN NA 334 72.47 52.44 -80.46
C GLN NA 334 72.64 52.14 -81.93
N ASN NA 335 72.43 50.90 -82.36
CA ASN NA 335 72.81 50.56 -83.71
C ASN NA 335 71.68 50.74 -84.71
N LYS NA 336 70.45 50.37 -84.36
CA LYS NA 336 69.34 50.52 -85.30
C LYS NA 336 69.00 51.98 -85.52
N ASN NA 337 68.82 52.74 -84.45
CA ASN NA 337 68.59 54.17 -84.56
C ASN NA 337 69.90 54.91 -84.25
N SER NA 338 70.83 54.82 -85.19
CA SER NA 338 72.17 55.33 -84.99
C SER NA 338 72.32 56.79 -85.37
N SER NA 339 71.30 57.41 -85.92
CA SER NA 339 71.41 58.83 -86.24
C SER NA 339 71.25 59.71 -85.02
N TYR NA 340 70.71 59.18 -83.93
CA TYR NA 340 70.34 60.00 -82.78
C TYR NA 340 71.41 60.04 -81.71
N PHE NA 341 72.56 59.45 -81.96
CA PHE NA 341 73.68 59.46 -81.03
C PHE NA 341 74.89 60.05 -81.73
N VAL NA 342 75.76 60.64 -80.95
CA VAL NA 342 76.83 61.44 -81.51
C VAL NA 342 78.04 60.56 -81.75
N GLU NA 343 78.86 60.94 -82.72
CA GLU NA 343 79.85 60.02 -83.26
C GLU NA 343 81.16 59.98 -82.48
N TRP NA 344 81.50 61.03 -81.75
CA TRP NA 344 82.80 61.09 -81.11
C TRP NA 344 82.81 60.53 -79.70
N ILE NA 345 81.69 60.05 -79.19
CA ILE NA 345 81.64 59.22 -78.00
C ILE NA 345 81.30 57.81 -78.45
N PRO NA 346 82.19 56.84 -78.27
CA PRO NA 346 81.78 55.45 -78.47
C PRO NA 346 80.92 55.02 -77.30
N ASN NA 347 80.06 54.02 -77.56
CA ASN NA 347 79.24 53.25 -76.60
C ASN NA 347 78.62 54.13 -75.50
N ASN NA 348 77.71 55.00 -75.96
CA ASN NA 348 77.17 56.13 -75.23
C ASN NA 348 76.44 55.78 -73.94
N MET NA 349 76.02 54.55 -73.74
CA MET NA 349 74.94 54.32 -72.80
C MET NA 349 75.43 53.51 -71.61
N LYS NA 350 75.12 54.01 -70.43
CA LYS NA 350 75.50 53.38 -69.17
C LYS NA 350 74.34 52.59 -68.60
N SER NA 351 74.63 51.39 -68.13
CA SER NA 351 73.63 50.54 -67.51
C SER NA 351 74.02 50.23 -66.07
N SER NA 352 73.03 50.07 -65.21
CA SER NA 352 73.23 49.63 -63.84
C SER NA 352 72.02 48.84 -63.41
N VAL NA 353 72.24 47.68 -62.80
CA VAL NA 353 71.17 46.76 -62.48
C VAL NA 353 71.05 46.65 -60.96
N CYS NA 354 69.89 47.01 -60.44
CA CYS NA 354 69.54 46.75 -59.05
C CYS NA 354 68.54 45.60 -59.00
N ASP NA 355 68.54 44.89 -57.88
CA ASP NA 355 67.79 43.65 -57.78
C ASP NA 355 66.43 43.81 -57.14
N ILE NA 356 66.03 45.02 -56.79
CA ILE NA 356 64.75 45.24 -56.13
C ILE NA 356 63.85 46.12 -56.99
N PRO NA 357 62.78 45.58 -57.57
CA PRO NA 357 61.87 46.41 -58.34
C PRO NA 357 60.99 47.24 -57.42
N PRO NA 358 60.36 48.29 -57.92
CA PRO NA 358 59.37 49.01 -57.13
C PRO NA 358 58.17 48.13 -56.86
N LYS NA 359 57.50 48.41 -55.74
CA LYS NA 359 56.51 47.48 -55.20
C LYS NA 359 55.32 47.36 -56.13
N GLY NA 360 54.94 46.11 -56.41
CA GLY NA 360 53.87 45.84 -57.34
C GLY NA 360 54.31 45.63 -58.76
N LEU NA 361 55.59 45.77 -59.05
CA LEU NA 361 56.13 45.54 -60.38
C LEU NA 361 57.12 44.38 -60.32
N LYS NA 362 57.71 44.07 -61.47
CA LYS NA 362 58.68 42.99 -61.51
C LYS NA 362 59.98 43.45 -62.12
N MET NA 363 59.93 44.43 -63.02
CA MET NA 363 61.15 45.06 -63.52
C MET NA 363 60.81 46.46 -64.04
N SER NA 364 61.72 47.40 -63.79
CA SER NA 364 61.52 48.79 -64.17
C SER NA 364 62.85 49.40 -64.59
N VAL NA 365 62.79 50.64 -65.05
CA VAL NA 365 63.95 51.32 -65.60
C VAL NA 365 63.73 52.82 -65.49
N THR NA 366 64.80 53.56 -65.27
CA THR NA 366 64.76 55.02 -65.27
C THR NA 366 65.83 55.55 -66.19
N PHE NA 367 65.44 56.35 -67.16
CA PHE NA 367 66.33 56.88 -68.18
C PHE NA 367 66.71 58.30 -67.82
N VAL NA 368 68.01 58.56 -67.70
CA VAL NA 368 68.52 59.91 -67.50
C VAL NA 368 69.41 60.23 -68.67
N GLY NA 369 69.10 61.29 -69.39
CA GLY NA 369 69.75 61.49 -70.67
C GLY NA 369 70.15 62.91 -70.98
N ASN NA 370 71.38 63.07 -71.45
CA ASN NA 370 71.95 64.37 -71.75
C ASN NA 370 71.74 64.61 -73.24
N SER NA 371 70.62 65.21 -73.59
CA SER NA 371 70.26 65.41 -74.99
C SER NA 371 70.50 66.85 -75.36
N THR NA 372 70.95 67.07 -76.59
CA THR NA 372 71.14 68.41 -77.09
C THR NA 372 69.82 69.00 -77.56
N ALA NA 373 68.75 68.19 -77.64
CA ALA NA 373 67.42 68.71 -77.93
C ALA NA 373 66.86 69.57 -76.81
N ILE NA 374 67.52 69.60 -75.65
CA ILE NA 374 67.23 70.57 -74.60
C ILE NA 374 67.71 71.97 -74.94
N GLN NA 375 68.39 72.13 -76.10
CA GLN NA 375 68.52 73.43 -76.72
C GLN NA 375 67.18 74.08 -77.01
N GLU NA 376 66.18 73.27 -77.39
CA GLU NA 376 64.90 73.82 -77.82
C GLU NA 376 64.18 74.50 -76.66
N MET NA 377 64.44 74.05 -75.45
CA MET NA 377 63.80 74.64 -74.29
C MET NA 377 64.35 76.01 -73.98
N PHE NA 378 65.68 76.13 -73.95
CA PHE NA 378 66.28 77.38 -73.51
C PHE NA 378 66.14 78.45 -74.57
N LYS NA 379 65.97 78.06 -75.82
CA LYS NA 379 65.72 79.06 -76.85
C LYS NA 379 64.33 79.66 -76.70
N ARG NA 380 63.37 78.85 -76.25
CA ARG NA 380 62.01 79.33 -76.07
C ARG NA 380 61.87 80.17 -74.81
N VAL NA 381 62.64 79.87 -73.77
CA VAL NA 381 62.62 80.73 -72.60
C VAL NA 381 63.33 82.05 -72.88
N SER NA 382 64.43 81.99 -73.63
CA SER NA 382 65.21 83.21 -73.87
C SER NA 382 64.54 84.12 -74.90
N ASP NA 383 63.88 83.57 -75.91
CA ASP NA 383 63.28 84.47 -76.87
C ASP NA 383 62.00 85.10 -76.32
N GLN NA 384 61.39 84.48 -75.32
CA GLN NA 384 60.36 85.18 -74.55
C GLN NA 384 60.99 86.21 -73.63
N PHE NA 385 62.16 85.91 -73.08
CA PHE NA 385 62.85 86.86 -72.21
C PHE NA 385 63.30 88.09 -72.99
N THR NA 386 63.80 87.90 -74.21
CA THR NA 386 64.17 89.05 -75.04
C THR NA 386 62.98 89.67 -75.73
N ALA NA 387 61.82 89.02 -75.75
CA ALA NA 387 60.61 89.69 -76.17
C ALA NA 387 60.09 90.62 -75.10
N MET NA 388 60.47 90.38 -73.85
CA MET NA 388 60.04 91.22 -72.74
C MET NA 388 61.05 92.28 -72.40
N PHE NA 389 62.34 91.97 -72.52
CA PHE NA 389 63.34 92.86 -71.96
C PHE NA 389 63.55 94.11 -72.82
N ARG NA 390 63.26 94.03 -74.11
CA ARG NA 390 63.45 95.19 -74.98
C ARG NA 390 62.43 96.28 -74.70
N ARG NA 391 61.40 96.01 -73.92
CA ARG NA 391 60.39 96.99 -73.56
C ARG NA 391 60.43 97.34 -72.08
N LYS NA 392 61.39 96.81 -71.34
CA LYS NA 392 61.52 97.00 -69.89
C LYS NA 392 60.23 96.61 -69.17
N ALA NA 393 59.55 95.60 -69.71
CA ALA NA 393 58.29 95.18 -69.14
C ALA NA 393 58.51 94.44 -67.84
N PHE NA 394 57.66 94.71 -66.87
CA PHE NA 394 57.67 94.08 -65.55
C PHE NA 394 59.01 94.24 -64.86
N LEU NA 395 59.72 95.31 -65.14
CA LEU NA 395 61.08 95.43 -64.65
C LEU NA 395 61.17 96.12 -63.31
N HIS NA 396 60.27 97.06 -63.02
CA HIS NA 396 60.37 97.83 -61.79
C HIS NA 396 60.07 96.98 -60.56
N TRP NA 397 59.36 95.87 -60.73
CA TRP NA 397 59.22 94.92 -59.65
C TRP NA 397 60.53 94.24 -59.33
N TYR NA 398 61.46 94.24 -60.28
CA TYR NA 398 62.76 93.61 -60.08
C TYR NA 398 63.85 94.63 -59.79
N THR NA 399 63.99 95.65 -60.64
CA THR NA 399 65.09 96.58 -60.45
C THR NA 399 64.83 97.53 -59.30
N GLY NA 400 63.58 97.67 -58.92
CA GLY NA 400 63.28 98.52 -57.80
C GLY NA 400 63.27 97.82 -56.47
N GLU NA 401 63.63 96.55 -56.45
CA GLU NA 401 63.52 95.80 -55.21
C GLU NA 401 64.90 95.39 -54.71
N GLY NA 402 65.95 95.65 -55.48
CA GLY NA 402 67.30 95.48 -54.99
C GLY NA 402 68.34 94.93 -55.96
N MET NA 403 67.98 94.72 -57.22
CA MET NA 403 68.96 94.29 -58.21
C MET NA 403 69.20 95.41 -59.21
N ASP NA 404 70.02 95.12 -60.21
CA ASP NA 404 70.45 96.13 -61.15
C ASP NA 404 70.02 95.71 -62.56
N GLU NA 405 70.25 96.60 -63.51
CA GLU NA 405 69.97 96.33 -64.91
C GLU NA 405 70.93 95.31 -65.48
N MET NA 406 72.19 95.32 -65.03
CA MET NA 406 73.22 94.48 -65.62
C MET NA 406 73.12 93.02 -65.20
N GLU NA 407 72.43 92.72 -64.10
CA GLU NA 407 72.20 91.32 -63.74
C GLU NA 407 71.32 90.63 -64.76
N PHE NA 408 70.40 91.37 -65.37
CA PHE NA 408 69.58 90.81 -66.43
C PHE NA 408 70.41 90.57 -67.67
N THR NA 409 71.29 91.49 -68.02
CA THR NA 409 72.05 91.36 -69.27
C THR NA 409 73.05 90.21 -69.17
N GLU NA 410 73.58 89.96 -67.98
CA GLU NA 410 74.43 88.80 -67.80
C GLU NA 410 73.62 87.51 -67.87
N ALA NA 411 72.38 87.54 -67.38
CA ALA NA 411 71.59 86.33 -67.29
C ALA NA 411 71.19 85.84 -68.68
N GLU NA 412 70.97 86.75 -69.61
CA GLU NA 412 70.70 86.31 -70.96
C GLU NA 412 71.99 86.01 -71.71
N SER NA 413 73.11 86.61 -71.29
CA SER NA 413 74.38 86.29 -71.92
C SER NA 413 74.86 84.91 -71.50
N ASN NA 414 74.64 84.56 -70.23
CA ASN NA 414 75.03 83.23 -69.76
C ASN NA 414 74.14 82.16 -70.40
N MET NA 415 72.84 82.44 -70.53
CA MET NA 415 71.97 81.49 -71.20
C MET NA 415 72.30 81.35 -72.66
N ASN NA 416 72.60 82.46 -73.32
CA ASN NA 416 72.94 82.41 -74.74
C ASN NA 416 74.27 81.70 -74.98
N ASP NA 417 75.17 81.72 -74.00
CA ASP NA 417 76.40 80.96 -74.14
C ASP NA 417 76.14 79.46 -73.99
N LEU NA 418 75.22 79.08 -73.11
CA LEU NA 418 74.82 77.68 -72.99
C LEU NA 418 74.07 77.20 -74.23
N VAL NA 419 73.34 78.11 -74.88
CA VAL NA 419 72.83 77.85 -76.22
C VAL NA 419 73.96 77.52 -77.18
N SER NA 420 75.03 78.30 -77.14
CA SER NA 420 76.05 78.15 -78.16
C SER NA 420 76.89 76.89 -77.96
N GLU NA 421 77.06 76.43 -76.72
CA GLU NA 421 77.89 75.26 -76.51
C GLU NA 421 77.17 73.97 -76.88
N TYR NA 422 75.86 73.91 -76.70
CA TYR NA 422 75.11 72.78 -77.19
C TYR NA 422 75.12 72.72 -78.71
N GLN NA 423 75.00 73.87 -79.36
CA GLN NA 423 74.82 73.90 -80.80
C GLN NA 423 76.06 73.43 -81.55
N GLN NA 424 77.22 73.47 -80.92
CA GLN NA 424 78.45 73.07 -81.60
C GLN NA 424 78.71 71.58 -81.53
N TYR NA 425 77.82 70.80 -80.92
CA TYR NA 425 77.95 69.35 -80.89
C TYR NA 425 76.93 68.63 -81.74
N GLN NA 426 75.75 69.19 -81.92
CA GLN NA 426 74.75 68.62 -82.80
C GLN NA 426 75.20 68.73 -84.23
N MET OA 1 48.06 87.40 -38.23
CA MET OA 1 48.72 86.45 -39.11
C MET OA 1 48.89 87.05 -40.50
N ARG OA 2 48.23 86.46 -41.50
CA ARG OA 2 48.16 87.03 -42.84
C ARG OA 2 46.73 87.50 -43.04
N GLU OA 3 46.48 88.80 -42.89
CA GLU OA 3 45.14 89.34 -42.95
C GLU OA 3 45.10 90.52 -43.91
N VAL OA 4 43.92 90.78 -44.44
CA VAL OA 4 43.67 91.95 -45.27
C VAL OA 4 42.73 92.87 -44.52
N ILE OA 5 42.87 94.17 -44.77
CA ILE OA 5 42.07 95.17 -44.07
C ILE OA 5 41.22 95.86 -45.11
N SER OA 6 39.91 95.85 -44.91
CA SER OA 6 39.00 96.41 -45.89
C SER OA 6 38.62 97.83 -45.52
N ILE OA 7 38.76 98.75 -46.46
CA ILE OA 7 38.31 100.12 -46.31
C ILE OA 7 37.12 100.31 -47.24
N HIS OA 8 36.00 100.78 -46.69
CA HIS OA 8 34.82 101.10 -47.50
C HIS OA 8 34.51 102.56 -47.28
N VAL OA 9 34.50 103.33 -48.36
CA VAL OA 9 34.29 104.77 -48.32
C VAL OA 9 33.04 105.09 -49.11
N GLY OA 10 32.22 105.97 -48.57
CA GLY OA 10 31.09 106.47 -49.31
C GLY OA 10 29.90 105.58 -49.21
N GLN OA 11 28.79 106.06 -49.79
CA GLN OA 11 27.57 105.28 -49.75
C GLN OA 11 27.67 104.03 -50.59
N ALA OA 12 28.29 104.14 -51.77
CA ALA OA 12 28.47 102.96 -52.60
C ALA OA 12 29.42 101.98 -51.96
N GLY OA 13 30.44 102.46 -51.27
CA GLY OA 13 31.36 101.57 -50.59
C GLY OA 13 30.70 100.82 -49.45
N ILE OA 14 29.79 101.47 -48.74
CA ILE OA 14 29.10 100.82 -47.65
C ILE OA 14 28.13 99.77 -48.17
N GLN OA 15 27.38 100.10 -49.21
CA GLN OA 15 26.39 99.16 -49.71
C GLN OA 15 27.02 97.97 -50.38
N ILE OA 16 28.22 98.13 -50.96
CA ILE OA 16 28.96 96.97 -51.43
C ILE OA 16 29.41 96.13 -50.24
N GLY OA 17 29.84 96.79 -49.18
CA GLY OA 17 30.32 96.06 -48.01
C GLY OA 17 29.23 95.35 -47.26
N ASN OA 18 27.99 95.79 -47.38
CA ASN OA 18 26.90 95.08 -46.76
C ASN OA 18 26.66 93.74 -47.45
N ALA OA 19 26.76 93.71 -48.77
CA ALA OA 19 26.63 92.44 -49.48
C ALA OA 19 27.90 91.61 -49.38
N CYS OA 20 29.06 92.27 -49.30
CA CYS OA 20 30.31 91.55 -49.22
C CYS OA 20 30.46 90.85 -47.89
N TRP OA 21 30.09 91.51 -46.81
CA TRP OA 21 30.26 90.90 -45.49
C TRP OA 21 29.10 89.97 -45.15
N GLU OA 22 27.99 90.05 -45.89
CA GLU OA 22 26.98 89.00 -45.81
C GLU OA 22 27.53 87.68 -46.29
N LEU OA 23 28.26 87.70 -47.40
CA LEU OA 23 28.74 86.48 -47.99
C LEU OA 23 29.86 85.86 -47.16
N PHE OA 24 30.74 86.69 -46.61
CA PHE OA 24 31.85 86.18 -45.83
C PHE OA 24 31.37 85.52 -44.55
N CYS OA 25 30.32 86.06 -43.96
CA CYS OA 25 29.76 85.45 -42.76
C CYS OA 25 29.05 84.15 -43.10
N LEU OA 26 28.42 84.09 -44.27
CA LEU OA 26 27.67 82.90 -44.63
C LEU OA 26 28.58 81.75 -45.02
N GLU OA 27 29.74 82.05 -45.60
CA GLU OA 27 30.59 80.97 -46.08
C GLU OA 27 31.57 80.47 -45.05
N HIS OA 28 31.92 81.27 -44.06
CA HIS OA 28 32.61 80.76 -42.89
C HIS OA 28 31.65 80.28 -41.84
N GLY OA 29 30.36 80.49 -42.05
CA GLY OA 29 29.33 80.04 -41.14
C GLY OA 29 29.31 80.76 -39.82
N ILE OA 30 29.49 82.06 -39.80
CA ILE OA 30 29.31 82.84 -38.59
C ILE OA 30 27.99 83.60 -38.70
N GLN OA 31 27.20 83.54 -37.66
CA GLN OA 31 25.85 84.05 -37.64
C GLN OA 31 25.90 85.54 -37.34
N PRO OA 32 24.79 86.27 -37.53
CA PRO OA 32 24.85 87.72 -37.32
C PRO OA 32 25.19 88.14 -35.91
N ASP OA 33 25.08 87.26 -34.92
CA ASP OA 33 25.53 87.59 -33.58
C ASP OA 33 27.03 87.81 -33.57
N GLY OA 34 27.77 86.99 -34.29
CA GLY OA 34 29.18 87.20 -34.42
C GLY OA 34 30.00 86.01 -33.99
N GLN OA 35 29.34 84.92 -33.60
CA GLN OA 35 30.03 83.76 -33.09
C GLN OA 35 29.54 82.50 -33.78
N MET OA 36 30.45 81.56 -33.97
CA MET OA 36 30.12 80.38 -34.74
C MET OA 36 29.80 79.20 -33.84
N PRO OA 37 28.84 78.36 -34.22
CA PRO OA 37 28.46 77.20 -33.42
C PRO OA 37 29.27 75.96 -33.76
N ASP OA 47 40.70 78.24 -38.07
CA ASP OA 47 41.78 79.20 -37.99
C ASP OA 47 42.20 79.65 -39.37
N ALA OA 48 41.62 79.03 -40.39
CA ALA OA 48 41.92 79.39 -41.76
C ALA OA 48 41.24 80.67 -42.18
N PHE OA 49 40.15 81.05 -41.52
CA PHE OA 49 39.41 82.26 -41.83
C PHE OA 49 39.87 83.46 -41.02
N ASN OA 50 41.09 83.43 -40.51
CA ASN OA 50 41.56 84.53 -39.70
C ASN OA 50 41.91 85.77 -40.52
N THR OA 51 41.87 85.68 -41.84
CA THR OA 51 42.25 86.82 -42.66
C THR OA 51 41.15 87.84 -42.81
N PHE OA 52 39.92 87.52 -42.45
CA PHE OA 52 38.81 88.46 -42.60
C PHE OA 52 38.05 88.69 -41.31
N PHE OA 53 38.32 87.92 -40.27
CA PHE OA 53 37.57 88.06 -39.03
C PHE OA 53 38.54 88.00 -37.86
N SER OA 54 38.44 88.96 -36.96
CA SER OA 54 39.30 88.97 -35.79
C SER OA 54 38.79 87.97 -34.77
N GLU OA 55 39.36 87.99 -33.58
CA GLU OA 55 38.96 87.09 -32.52
C GLU OA 55 38.74 87.88 -31.25
N THR OA 56 37.59 87.65 -30.62
CA THR OA 56 37.30 88.28 -29.34
C THR OA 56 36.85 87.20 -28.38
N GLY OA 57 37.81 86.48 -27.82
CA GLY OA 57 37.54 85.56 -26.74
C GLY OA 57 36.69 84.37 -27.08
N ALA OA 58 35.43 84.40 -26.65
CA ALA OA 58 34.57 83.23 -26.61
C ALA OA 58 34.04 82.89 -28.00
N GLY OA 59 34.96 82.42 -28.84
CA GLY OA 59 34.57 81.88 -30.13
C GLY OA 59 33.99 82.88 -31.10
N LYS OA 60 34.25 84.17 -30.88
CA LYS OA 60 33.47 85.22 -31.49
C LYS OA 60 34.35 86.15 -32.33
N HIS OA 61 33.85 86.52 -33.49
CA HIS OA 61 34.66 87.15 -34.52
C HIS OA 61 34.11 88.54 -34.83
N VAL OA 62 35.00 89.51 -35.01
CA VAL OA 62 34.61 90.82 -35.51
C VAL OA 62 35.38 91.11 -36.79
N PRO OA 63 34.78 91.74 -37.78
CA PRO OA 63 35.43 91.88 -39.08
C PRO OA 63 36.56 92.90 -39.05
N ARG OA 64 37.54 92.67 -39.91
CA ARG OA 64 38.68 93.56 -40.08
C ARG OA 64 38.36 94.64 -41.11
N CYS OA 65 37.32 95.41 -40.82
CA CYS OA 65 36.77 96.35 -41.80
C CYS OA 65 36.50 97.70 -41.16
N VAL OA 66 36.50 98.74 -41.98
CA VAL OA 66 36.04 100.06 -41.55
C VAL OA 66 35.05 100.59 -42.56
N PHE OA 67 33.99 101.20 -42.06
CA PHE OA 67 32.97 101.84 -42.87
C PHE OA 67 33.03 103.33 -42.62
N LEU OA 68 33.19 104.11 -43.68
CA LEU OA 68 33.24 105.56 -43.56
C LEU OA 68 32.14 106.19 -44.39
N ASP OA 69 31.50 107.20 -43.84
CA ASP OA 69 30.63 108.08 -44.62
C ASP OA 69 30.59 109.44 -43.98
N LEU OA 70 30.13 110.42 -44.75
CA LEU OA 70 29.91 111.74 -44.20
C LEU OA 70 28.46 112.00 -43.85
N GLU OA 71 27.54 111.41 -44.54
CA GLU OA 71 26.22 111.56 -43.98
C GLU OA 71 25.97 110.45 -42.96
N PRO OA 72 25.08 110.67 -41.99
CA PRO OA 72 24.79 109.60 -41.04
C PRO OA 72 23.68 108.66 -41.47
N THR OA 73 23.18 108.74 -42.70
CA THR OA 73 21.99 107.98 -43.06
C THR OA 73 22.30 106.50 -43.24
N VAL OA 74 23.22 106.17 -44.15
CA VAL OA 74 23.42 104.77 -44.50
C VAL OA 74 24.15 104.02 -43.39
N VAL OA 75 25.03 104.70 -42.66
CA VAL OA 75 25.76 104.03 -41.59
C VAL OA 75 24.83 103.72 -40.43
N ASP OA 76 23.99 104.68 -40.04
CA ASP OA 76 23.05 104.43 -38.94
C ASP OA 76 22.07 103.35 -39.29
N GLU OA 77 21.81 103.15 -40.58
CA GLU OA 77 20.80 102.20 -40.96
C GLU OA 77 21.42 100.81 -41.05
N VAL OA 78 22.75 100.73 -40.98
CA VAL OA 78 23.45 99.48 -40.68
C VAL OA 78 23.48 99.24 -39.17
N ARG OA 79 23.66 100.30 -38.40
CA ARG OA 79 23.71 100.19 -36.95
C ARG OA 79 22.39 99.76 -36.34
N THR OA 80 21.29 99.88 -37.07
CA THR OA 80 19.99 99.48 -36.58
C THR OA 80 19.39 98.33 -37.38
N GLY OA 81 20.22 97.57 -38.08
CA GLY OA 81 19.76 96.45 -38.87
C GLY OA 81 19.97 95.13 -38.18
N THR OA 82 20.08 94.07 -38.97
CA THR OA 82 20.29 92.75 -38.39
C THR OA 82 21.70 92.62 -37.85
N TYR OA 83 22.67 93.23 -38.50
CA TYR OA 83 24.05 93.15 -38.07
C TYR OA 83 24.42 94.33 -37.18
N ARG OA 84 23.70 94.45 -36.07
CA ARG OA 84 24.12 95.44 -35.07
C ARG OA 84 25.41 95.02 -34.41
N HIS OA 85 25.54 93.74 -34.09
CA HIS OA 85 26.55 93.26 -33.17
C HIS OA 85 27.62 92.45 -33.86
N LEU OA 86 27.48 92.20 -35.16
CA LEU OA 86 28.60 91.70 -35.94
C LEU OA 86 29.71 92.73 -36.01
N PHE OA 87 29.35 93.97 -36.30
CA PHE OA 87 30.34 95.01 -36.54
C PHE OA 87 30.64 95.74 -35.26
N HIS OA 88 31.92 96.05 -35.06
CA HIS OA 88 32.35 96.83 -33.93
C HIS OA 88 31.79 98.24 -34.04
N PRO OA 89 31.33 98.84 -32.94
CA PRO OA 89 30.62 100.11 -33.05
C PRO OA 89 31.48 101.28 -33.45
N GLU OA 90 32.79 101.20 -33.32
CA GLU OA 90 33.67 102.24 -33.83
C GLU OA 90 34.43 101.82 -35.08
N GLN OA 91 33.98 100.79 -35.77
CA GLN OA 91 34.41 100.59 -37.13
C GLN OA 91 33.51 101.30 -38.13
N LEU OA 92 32.27 101.57 -37.76
CA LEU OA 92 31.34 102.30 -38.61
C LEU OA 92 31.38 103.74 -38.16
N ILE OA 93 32.03 104.59 -38.95
CA ILE OA 93 32.23 105.99 -38.61
C ILE OA 93 31.39 106.85 -39.55
N SER OA 94 30.66 107.80 -38.99
CA SER OA 94 29.86 108.74 -39.78
C SER OA 94 29.93 110.12 -39.17
N GLY OA 95 29.97 111.13 -40.02
CA GLY OA 95 29.96 112.51 -39.61
C GLY OA 95 28.58 113.13 -39.73
N LYS OA 96 28.55 114.46 -39.80
CA LYS OA 96 27.28 115.18 -39.80
C LYS OA 96 26.75 115.45 -41.20
N GLU OA 97 27.49 116.21 -42.00
CA GLU OA 97 26.99 116.68 -43.28
C GLU OA 97 27.61 115.90 -44.43
N ASP OA 98 26.85 115.76 -45.50
CA ASP OA 98 27.33 115.10 -46.69
C ASP OA 98 28.37 115.94 -47.40
N ALA OA 99 29.18 115.29 -48.22
CA ALA OA 99 30.15 116.01 -49.04
C ALA OA 99 29.48 116.70 -50.21
N ALA OA 100 28.27 116.29 -50.56
CA ALA OA 100 27.42 116.94 -51.56
C ALA OA 100 28.11 117.04 -52.92
N ASN OA 101 28.43 115.86 -53.47
CA ASN OA 101 28.89 115.68 -54.86
C ASN OA 101 30.03 116.62 -55.23
N ASN OA 102 30.94 116.82 -54.29
CA ASN OA 102 31.96 117.85 -54.42
C ASN OA 102 33.28 117.21 -54.03
N PHE OA 103 34.24 117.21 -54.95
CA PHE OA 103 35.56 116.71 -54.62
C PHE OA 103 36.24 117.59 -53.58
N ALA OA 104 36.12 118.90 -53.73
CA ALA OA 104 36.84 119.82 -52.86
C ALA OA 104 36.34 119.76 -51.44
N ARG OA 105 35.07 119.40 -51.26
CA ARG OA 105 34.52 119.26 -49.92
C ARG OA 105 35.09 118.03 -49.24
N GLY OA 106 35.58 117.06 -50.02
CA GLY OA 106 36.10 115.83 -49.45
C GLY OA 106 37.52 115.94 -48.93
N HIS OA 107 38.32 116.86 -49.48
CA HIS OA 107 39.63 117.12 -48.91
C HIS OA 107 39.64 118.27 -47.91
N TYR OA 108 39.31 119.47 -48.37
CA TYR OA 108 39.76 120.65 -47.66
C TYR OA 108 38.73 121.24 -46.71
N THR OA 109 37.46 120.84 -46.79
CA THR OA 109 36.47 121.42 -45.91
C THR OA 109 36.06 120.50 -44.76
N ILE OA 110 35.48 119.34 -45.08
CA ILE OA 110 34.93 118.45 -44.07
C ILE OA 110 35.54 117.06 -44.12
N GLY OA 111 36.55 116.83 -44.94
CA GLY OA 111 37.20 115.54 -44.94
C GLY OA 111 38.24 115.37 -43.85
N LYS OA 112 38.87 116.47 -43.42
CA LYS OA 112 39.91 116.35 -42.42
C LYS OA 112 39.37 116.06 -41.04
N GLU OA 113 38.06 116.12 -40.84
CA GLU OA 113 37.51 115.89 -39.53
C GLU OA 113 37.51 114.41 -39.14
N ILE OA 114 37.29 113.51 -40.09
CA ILE OA 114 37.22 112.09 -39.76
C ILE OA 114 38.34 111.29 -40.39
N VAL OA 115 39.30 111.92 -41.06
CA VAL OA 115 40.45 111.15 -41.52
C VAL OA 115 41.33 110.75 -40.34
N ASP OA 116 41.51 111.65 -39.37
CA ASP OA 116 42.37 111.32 -38.24
C ASP OA 116 41.70 110.33 -37.30
N LEU OA 117 40.38 110.39 -37.20
CA LEU OA 117 39.65 109.41 -36.41
C LEU OA 117 39.65 108.04 -37.06
N SER OA 118 39.68 107.99 -38.39
CA SER OA 118 39.66 106.71 -39.09
C SER OA 118 41.04 106.07 -39.17
N LEU OA 119 42.10 106.88 -39.30
CA LEU OA 119 43.45 106.32 -39.28
C LEU OA 119 43.79 105.74 -37.91
N ASP OA 120 43.16 106.22 -36.86
CA ASP OA 120 43.35 105.60 -35.55
C ASP OA 120 42.79 104.19 -35.53
N ARG OA 121 41.66 103.98 -36.22
CA ARG OA 121 41.07 102.66 -36.22
C ARG OA 121 41.85 101.70 -37.09
N ILE OA 122 42.53 102.22 -38.12
CA ILE OA 122 43.36 101.36 -38.95
C ILE OA 122 44.59 100.90 -38.18
N ARG OA 123 45.22 101.82 -37.46
CA ARG OA 123 46.42 101.51 -36.71
C ARG OA 123 46.14 100.51 -35.59
N LYS OA 124 44.99 100.64 -34.94
CA LYS OA 124 44.65 99.72 -33.86
C LYS OA 124 44.37 98.33 -34.41
N LEU OA 125 43.94 98.25 -35.66
CA LEU OA 125 43.48 97.01 -36.25
C LEU OA 125 44.44 96.45 -37.28
N ALA OA 126 45.58 97.13 -37.50
CA ALA OA 126 46.65 96.60 -38.33
C ALA OA 126 47.94 96.37 -37.58
N ASP OA 127 48.08 96.89 -36.38
CA ASP OA 127 49.26 96.64 -35.55
C ASP OA 127 49.09 95.42 -34.66
N ASN OA 128 47.97 94.71 -34.80
CA ASN OA 128 47.81 93.43 -34.12
C ASN OA 128 48.82 92.41 -34.64
N CYS OA 129 49.08 92.41 -35.94
CA CYS OA 129 50.02 91.47 -36.55
C CYS OA 129 50.88 92.16 -37.58
N THR OA 130 52.09 91.66 -37.72
CA THR OA 130 52.83 91.85 -38.95
C THR OA 130 52.33 90.85 -39.98
N GLY OA 131 52.92 90.88 -41.16
CA GLY OA 131 52.36 90.09 -42.25
C GLY OA 131 50.99 90.57 -42.66
N LEU OA 132 50.75 91.87 -42.58
CA LEU OA 132 49.52 92.44 -43.13
C LEU OA 132 49.57 92.29 -44.63
N GLN OA 133 48.58 91.61 -45.18
CA GLN OA 133 48.67 91.27 -46.59
C GLN OA 133 48.40 92.49 -47.47
N GLY OA 134 47.51 93.36 -47.03
CA GLY OA 134 47.29 94.61 -47.74
C GLY OA 134 45.95 95.22 -47.39
N PHE OA 135 45.57 96.20 -48.20
CA PHE OA 135 44.35 96.98 -48.02
C PHE OA 135 43.43 96.80 -49.22
N LEU OA 136 42.14 96.70 -48.97
CA LEU OA 136 41.14 96.73 -50.02
C LEU OA 136 40.29 97.99 -49.86
N MET OA 137 40.09 98.70 -50.94
CA MET OA 137 39.31 99.93 -50.95
C MET OA 137 38.09 99.76 -51.84
N PHE OA 138 36.93 100.16 -51.33
CA PHE OA 138 35.69 100.14 -52.11
C PHE OA 138 35.12 101.55 -52.08
N ASN OA 139 35.02 102.20 -53.23
CA ASN OA 139 34.54 103.58 -53.23
C ASN OA 139 33.91 103.88 -54.58
N ALA OA 140 33.20 105.00 -54.62
CA ALA OA 140 32.63 105.54 -55.85
C ALA OA 140 33.35 106.82 -56.21
N VAL OA 141 33.84 106.91 -57.44
CA VAL OA 141 34.50 108.11 -57.90
C VAL OA 141 33.51 109.11 -58.46
N GLY OA 142 32.22 108.82 -58.44
CA GLY OA 142 31.23 109.76 -58.87
C GLY OA 142 30.68 110.64 -57.79
N GLY OA 143 31.14 110.48 -56.55
CA GLY OA 143 30.59 111.24 -55.45
C GLY OA 143 31.61 112.11 -54.76
N GLY OA 144 31.25 112.65 -53.60
CA GLY OA 144 32.15 113.54 -52.89
C GLY OA 144 32.94 112.88 -51.78
N THR OA 145 32.25 112.13 -50.92
CA THR OA 145 32.94 111.46 -49.82
C THR OA 145 33.72 110.25 -50.30
N GLY OA 146 33.23 109.58 -51.32
CA GLY OA 146 33.93 108.43 -51.84
C GLY OA 146 35.20 108.85 -52.56
N SER OA 147 35.04 109.77 -53.51
CA SER OA 147 36.16 110.18 -54.34
C SER OA 147 37.13 111.06 -53.57
N GLY OA 148 36.59 111.99 -52.78
CA GLY OA 148 37.45 112.96 -52.12
C GLY OA 148 38.17 112.37 -50.93
N LEU OA 149 37.41 111.88 -49.94
CA LEU OA 149 38.02 111.32 -48.75
C LEU OA 149 38.72 110.01 -49.06
N GLY OA 150 38.39 109.39 -50.18
CA GLY OA 150 39.15 108.23 -50.63
C GLY OA 150 40.60 108.58 -50.91
N CYS OA 151 40.86 109.73 -51.52
CA CYS OA 151 42.24 110.11 -51.79
C CYS OA 151 42.95 110.55 -50.51
N LEU OA 152 42.23 111.20 -49.60
CA LEU OA 152 42.87 111.72 -48.40
C LEU OA 152 43.33 110.61 -47.48
N LEU OA 153 42.58 109.51 -47.42
CA LEU OA 153 43.06 108.32 -46.73
C LEU OA 153 44.27 107.74 -47.43
N LEU OA 154 44.20 107.63 -48.76
CA LEU OA 154 45.26 106.96 -49.50
C LEU OA 154 46.54 107.76 -49.49
N GLU OA 155 46.44 109.08 -49.46
CA GLU OA 155 47.63 109.90 -49.25
C GLU OA 155 48.18 109.68 -47.85
N ARG OA 156 47.30 109.50 -46.87
CA ARG OA 156 47.76 109.28 -45.51
C ARG OA 156 48.28 107.87 -45.32
N LEU OA 157 47.63 106.89 -45.94
CA LEU OA 157 48.06 105.51 -45.79
C LEU OA 157 49.40 105.27 -46.48
N SER OA 158 49.64 105.94 -47.59
CA SER OA 158 50.87 105.72 -48.34
C SER OA 158 52.08 106.31 -47.64
N VAL OA 159 51.89 107.15 -46.64
CA VAL OA 159 53.01 107.66 -45.86
C VAL OA 159 53.36 106.71 -44.73
N ASP OA 160 52.36 106.26 -43.97
CA ASP OA 160 52.63 105.40 -42.83
C ASP OA 160 52.96 103.98 -43.28
N TYR OA 161 52.02 103.31 -43.93
CA TYR OA 161 52.19 101.93 -44.36
C TYR OA 161 52.66 101.94 -45.80
N GLY OA 162 53.97 101.95 -45.98
CA GLY OA 162 54.56 102.26 -47.27
C GLY OA 162 54.37 101.22 -48.36
N LYS OA 163 55.01 100.08 -48.20
CA LYS OA 163 55.09 99.11 -49.28
C LYS OA 163 53.86 98.22 -49.38
N LYS OA 164 52.88 98.41 -48.50
CA LYS OA 164 51.74 97.52 -48.43
C LYS OA 164 50.88 97.63 -49.68
N SER OA 165 50.40 96.50 -50.15
CA SER OA 165 49.64 96.46 -51.39
C SER OA 165 48.27 97.07 -51.19
N LYS OA 166 47.87 97.94 -52.13
CA LYS OA 166 46.57 98.60 -52.07
C LYS OA 166 45.82 98.35 -53.37
N LEU OA 167 44.74 97.60 -53.28
CA LEU OA 167 43.86 97.34 -54.42
C LEU OA 167 42.64 98.22 -54.29
N ASN OA 168 42.19 98.77 -55.42
CA ASN OA 168 41.06 99.68 -55.44
C ASN OA 168 39.92 99.05 -56.24
N PHE OA 169 38.70 99.29 -55.80
CA PHE OA 169 37.50 98.82 -56.49
C PHE OA 169 36.59 100.01 -56.72
N CYS OA 170 36.78 100.70 -57.83
CA CYS OA 170 36.08 101.95 -58.11
C CYS OA 170 34.80 101.66 -58.88
N SER OA 171 33.66 102.05 -58.33
CA SER OA 171 32.39 101.91 -59.02
C SER OA 171 32.24 103.09 -59.96
N TRP OA 172 32.77 102.94 -61.13
CA TRP OA 172 33.12 104.00 -62.06
C TRP OA 172 31.84 104.51 -62.72
N PRO OA 173 31.82 105.74 -63.21
CA PRO OA 173 30.67 106.20 -63.97
C PRO OA 173 30.53 105.48 -65.31
N SER OA 174 29.31 105.40 -65.77
CA SER OA 174 28.97 104.66 -66.97
C SER OA 174 29.05 105.56 -68.19
N PRO OA 175 29.13 104.98 -69.39
CA PRO OA 175 29.09 105.82 -70.60
C PRO OA 175 27.73 106.41 -70.93
N GLN OA 176 26.64 105.77 -70.49
CA GLN OA 176 25.30 106.28 -70.76
C GLN OA 176 24.62 106.81 -69.50
N VAL OA 177 24.49 105.99 -68.48
CA VAL OA 177 23.64 106.30 -67.34
C VAL OA 177 24.47 106.98 -66.25
N SER OA 178 23.88 107.97 -65.59
CA SER OA 178 24.68 108.94 -64.84
C SER OA 178 24.40 108.97 -63.35
N THR OA 179 23.17 109.26 -62.95
CA THR OA 179 22.78 109.59 -61.56
C THR OA 179 23.58 110.72 -60.94
N ALA OA 180 24.23 111.55 -61.75
CA ALA OA 180 24.87 112.80 -61.33
C ALA OA 180 25.24 113.56 -62.59
N VAL OA 181 25.36 114.89 -62.48
CA VAL OA 181 25.79 115.68 -63.62
C VAL OA 181 27.17 116.24 -63.42
N VAL OA 182 27.66 116.28 -62.19
CA VAL OA 182 28.96 116.83 -61.88
C VAL OA 182 29.99 115.71 -61.76
N GLU OA 183 29.58 114.47 -62.00
CA GLU OA 183 30.51 113.37 -61.95
C GLU OA 183 31.65 113.39 -62.98
N PRO OA 184 31.58 114.07 -64.13
CA PRO OA 184 32.83 114.22 -64.89
C PRO OA 184 33.88 115.03 -64.16
N TYR OA 185 33.48 115.96 -63.32
CA TYR OA 185 34.45 116.75 -62.58
C TYR OA 185 35.09 115.92 -61.46
N ASN OA 186 34.29 115.18 -60.70
CA ASN OA 186 34.83 114.40 -59.60
C ASN OA 186 35.67 113.23 -60.08
N SER OA 187 35.36 112.70 -61.27
CA SER OA 187 36.09 111.53 -61.76
C SER OA 187 37.51 111.90 -62.18
N VAL OA 188 37.66 113.03 -62.87
CA VAL OA 188 38.97 113.35 -63.43
C VAL OA 188 39.90 113.87 -62.36
N LEU OA 189 39.36 114.33 -61.24
CA LEU OA 189 40.23 114.69 -60.13
C LEU OA 189 40.50 113.51 -59.22
N SER OA 190 39.64 112.50 -59.22
CA SER OA 190 39.96 111.29 -58.49
C SER OA 190 41.01 110.48 -59.24
N THR OA 191 40.90 110.42 -60.56
CA THR OA 191 41.81 109.62 -61.36
C THR OA 191 43.22 110.20 -61.31
N HIS OA 192 43.34 111.51 -61.17
CA HIS OA 192 44.66 112.11 -61.07
C HIS OA 192 45.34 111.72 -59.76
N SER OA 193 44.58 111.54 -58.69
CA SER OA 193 45.17 111.35 -57.39
C SER OA 193 44.95 109.95 -56.82
N LEU OA 194 44.29 109.05 -57.53
CA LEU OA 194 44.44 107.65 -57.19
C LEU OA 194 45.52 107.01 -58.03
N LEU OA 195 46.01 107.73 -59.04
CA LEU OA 195 47.04 107.21 -59.90
C LEU OA 195 48.37 107.11 -59.19
N GLU OA 196 48.63 108.03 -58.27
CA GLU OA 196 49.88 108.05 -57.52
C GLU OA 196 49.74 107.48 -56.12
N HIS OA 197 48.64 106.79 -55.85
CA HIS OA 197 48.40 106.28 -54.51
C HIS OA 197 47.89 104.85 -54.48
N THR OA 198 47.54 104.25 -55.61
CA THR OA 198 47.08 102.88 -55.61
C THR OA 198 48.09 101.97 -56.29
N ASP OA 199 47.96 100.68 -56.03
CA ASP OA 199 48.78 99.69 -56.72
C ASP OA 199 48.01 99.00 -57.84
N VAL OA 200 46.78 98.60 -57.59
CA VAL OA 200 45.92 97.99 -58.59
C VAL OA 200 44.55 98.61 -58.47
N ALA OA 201 43.98 99.04 -59.59
CA ALA OA 201 42.62 99.56 -59.64
C ALA OA 201 41.76 98.61 -60.45
N VAL OA 202 40.62 98.21 -59.89
CA VAL OA 202 39.71 97.32 -60.57
C VAL OA 202 38.44 98.09 -60.90
N MET OA 203 38.10 98.12 -62.17
CA MET OA 203 37.12 99.03 -62.73
C MET OA 203 35.77 98.35 -62.68
N LEU OA 204 34.83 98.93 -61.94
CA LEU OA 204 33.47 98.41 -61.88
C LEU OA 204 32.52 99.47 -62.40
N ASP OA 205 31.64 99.08 -63.30
CA ASP OA 205 30.69 99.99 -63.89
C ASP OA 205 29.29 99.45 -63.63
N ASN OA 206 28.37 100.36 -63.33
CA ASN OA 206 27.05 99.93 -62.89
C ASN OA 206 26.19 99.43 -64.04
N GLU OA 207 26.30 100.04 -65.22
CA GLU OA 207 25.43 99.57 -66.28
C GLU OA 207 25.99 98.33 -66.96
N ALA OA 208 27.25 98.00 -66.72
CA ALA OA 208 27.75 96.71 -67.16
C ALA OA 208 27.08 95.59 -66.40
N ILE OA 209 26.80 95.80 -65.12
CA ILE OA 209 26.20 94.74 -64.32
C ILE OA 209 24.68 94.74 -64.48
N TYR OA 210 24.09 95.89 -64.83
CA TYR OA 210 22.69 95.90 -65.21
C TYR OA 210 22.47 95.06 -66.46
N ASP OA 211 23.39 95.15 -67.41
CA ASP OA 211 23.26 94.42 -68.65
C ASP OA 211 23.39 92.93 -68.43
N ILE OA 212 24.32 92.52 -67.54
CA ILE OA 212 24.55 91.11 -67.32
C ILE OA 212 23.32 90.44 -66.74
N CYS OA 213 22.76 91.04 -65.68
CA CYS OA 213 21.64 90.42 -65.00
C CYS OA 213 20.38 90.43 -65.84
N ARG OA 214 20.33 91.22 -66.90
CA ARG OA 214 19.17 91.19 -67.78
C ARG OA 214 19.15 89.92 -68.62
N ARG OA 215 20.29 89.53 -69.15
CA ARG OA 215 20.33 88.41 -70.07
C ARG OA 215 20.93 87.15 -69.49
N ASN OA 216 21.61 87.22 -68.34
CA ASN OA 216 22.14 86.02 -67.72
C ASN OA 216 21.19 85.49 -66.65
N LEU OA 217 20.83 86.32 -65.68
CA LEU OA 217 19.90 85.89 -64.65
C LEU OA 217 18.46 86.12 -65.03
N ASP OA 218 18.19 86.79 -66.15
CA ASP OA 218 16.85 87.14 -66.62
C ASP OA 218 16.08 87.95 -65.58
N ILE OA 219 16.76 88.81 -64.84
CA ILE OA 219 16.12 89.77 -63.96
C ILE OA 219 15.89 91.02 -64.78
N GLU OA 220 14.63 91.34 -65.04
CA GLU OA 220 14.33 92.47 -65.92
C GLU OA 220 14.51 93.80 -65.22
N ARG OA 221 14.22 93.87 -63.93
CA ARG OA 221 14.09 95.14 -63.22
C ARG OA 221 14.92 95.13 -61.95
N PRO OA 222 16.24 95.14 -62.06
CA PRO OA 222 17.10 94.91 -60.90
C PRO OA 222 17.20 96.13 -60.00
N THR OA 223 17.92 95.95 -58.89
CA THR OA 223 18.17 97.00 -57.92
C THR OA 223 19.63 96.96 -57.54
N TYR OA 224 20.02 97.87 -56.64
CA TYR OA 224 21.40 97.88 -56.16
C TYR OA 224 21.71 96.66 -55.32
N THR OA 225 20.73 96.15 -54.58
CA THR OA 225 20.98 94.98 -53.76
C THR OA 225 21.10 93.71 -54.57
N ASN OA 226 20.80 93.75 -55.87
CA ASN OA 226 21.11 92.65 -56.77
C ASN OA 226 22.47 92.82 -57.42
N LEU OA 227 22.89 94.05 -57.66
CA LEU OA 227 24.19 94.30 -58.23
C LEU OA 227 25.29 93.99 -57.22
N ASN OA 228 25.05 94.32 -55.96
CA ASN OA 228 26.11 94.21 -54.97
C ASN OA 228 26.40 92.77 -54.59
N ARG OA 229 25.48 91.85 -54.86
CA ARG OA 229 25.77 90.43 -54.70
C ARG OA 229 26.84 89.99 -55.69
N LEU OA 230 26.75 90.46 -56.93
CA LEU OA 230 27.68 90.05 -57.97
C LEU OA 230 29.05 90.68 -57.77
N ILE OA 231 29.10 91.86 -57.16
CA ILE OA 231 30.38 92.41 -56.74
C ILE OA 231 30.98 91.55 -55.64
N ALA OA 232 30.14 91.06 -54.73
CA ALA OA 232 30.62 90.27 -53.61
C ALA OA 232 31.20 88.95 -54.05
N GLN OA 233 30.65 88.37 -55.11
CA GLN OA 233 31.17 87.10 -55.60
C GLN OA 233 32.52 87.28 -56.28
N VAL OA 234 32.78 88.45 -56.85
CA VAL OA 234 34.07 88.72 -57.42
C VAL OA 234 35.12 88.85 -56.33
N ILE OA 235 34.77 89.50 -55.22
CA ILE OA 235 35.69 89.60 -54.09
C ILE OA 235 35.89 88.22 -53.48
N SER OA 236 34.86 87.39 -53.50
CA SER OA 236 34.96 86.06 -52.90
C SER OA 236 35.93 85.19 -53.68
N SER OA 237 35.86 85.23 -55.00
CA SER OA 237 36.79 84.45 -55.81
C SER OA 237 38.14 85.12 -55.96
N LEU OA 238 38.30 86.33 -55.45
CA LEU OA 238 39.59 86.98 -55.43
C LEU OA 238 40.38 86.61 -54.19
N THR OA 239 39.77 86.78 -53.04
CA THR OA 239 40.38 86.43 -51.77
C THR OA 239 40.06 85.01 -51.35
N ALA OA 240 39.84 84.12 -52.31
CA ALA OA 240 39.48 82.75 -51.98
C ALA OA 240 40.67 81.98 -51.44
N SER OA 241 41.84 82.16 -52.05
CA SER OA 241 42.99 81.35 -51.68
C SER OA 241 43.62 81.80 -50.38
N LEU OA 242 43.32 83.01 -49.92
CA LEU OA 242 43.76 83.42 -48.60
C LEU OA 242 42.98 82.72 -47.51
N ARG OA 243 41.88 82.07 -47.84
CA ARG OA 243 41.00 81.49 -46.84
C ARG OA 243 40.90 79.98 -46.91
N PHE OA 244 41.11 79.37 -48.07
CA PHE OA 244 40.94 77.95 -48.25
C PHE OA 244 42.19 77.36 -48.88
N ASP OA 245 42.22 76.04 -48.99
CA ASP OA 245 43.39 75.32 -49.46
C ASP OA 245 43.16 74.92 -50.91
N GLY OA 246 44.11 75.30 -51.78
CA GLY OA 246 43.96 75.07 -53.20
C GLY OA 246 45.16 74.37 -53.79
N ALA OA 247 44.97 73.89 -55.01
CA ALA OA 247 46.06 73.20 -55.70
C ALA OA 247 47.13 74.16 -56.19
N LEU OA 248 46.76 75.41 -56.44
CA LEU OA 248 47.70 76.43 -56.90
C LEU OA 248 47.19 77.76 -56.37
N ASN OA 249 47.68 78.15 -55.20
CA ASN OA 249 47.15 79.30 -54.50
C ASN OA 249 47.68 80.61 -55.09
N VAL OA 250 47.16 81.72 -54.59
CA VAL OA 250 47.39 83.04 -55.16
C VAL OA 250 47.09 84.09 -54.09
N ASP OA 251 47.95 85.09 -53.99
CA ASP OA 251 47.87 86.05 -52.89
C ASP OA 251 47.34 87.39 -53.36
N VAL OA 252 47.16 88.31 -52.39
CA VAL OA 252 46.83 89.68 -52.74
C VAL OA 252 48.03 90.39 -53.36
N THR OA 253 49.21 90.15 -52.82
CA THR OA 253 50.42 90.72 -53.39
C THR OA 253 50.85 90.02 -54.66
N GLU OA 254 50.18 88.94 -55.04
CA GLU OA 254 50.46 88.28 -56.30
C GLU OA 254 50.16 89.18 -57.49
N PHE OA 255 49.03 89.89 -57.46
CA PHE OA 255 48.51 90.57 -58.65
C PHE OA 255 49.46 91.63 -59.16
N GLN OA 256 50.02 92.44 -58.27
CA GLN OA 256 50.78 93.59 -58.71
C GLN OA 256 52.07 93.16 -59.43
N THR OA 257 52.71 92.09 -58.97
CA THR OA 257 53.88 91.61 -59.69
C THR OA 257 53.50 91.02 -61.05
N ASN OA 258 52.28 90.53 -61.15
CA ASN OA 258 51.89 89.60 -62.19
C ASN OA 258 50.85 90.21 -63.09
N LEU OA 259 50.41 91.44 -62.82
CA LEU OA 259 49.41 92.06 -63.71
C LEU OA 259 49.68 93.49 -64.13
N VAL OA 260 50.47 94.28 -63.42
CA VAL OA 260 50.74 95.66 -63.85
C VAL OA 260 52.14 95.70 -64.45
N PRO OA 261 52.28 96.04 -65.71
CA PRO OA 261 53.58 95.94 -66.36
C PRO OA 261 54.39 97.22 -66.31
N TYR OA 262 53.75 98.32 -65.96
CA TYR OA 262 54.40 99.61 -65.81
C TYR OA 262 53.71 100.34 -64.68
N PRO OA 263 54.40 101.24 -63.97
CA PRO OA 263 53.83 101.77 -62.71
C PRO OA 263 52.54 102.54 -62.86
N ARG OA 264 52.40 103.33 -63.93
CA ARG OA 264 51.15 104.07 -64.12
C ARG OA 264 50.04 103.17 -64.63
N ILE OA 265 50.38 102.19 -65.45
CA ILE OA 265 49.41 101.27 -66.01
C ILE OA 265 48.99 100.31 -64.90
N HIS OA 266 47.86 100.58 -64.27
CA HIS OA 266 47.31 99.61 -63.32
C HIS OA 266 45.81 99.48 -63.41
N PHE OA 267 45.21 99.91 -64.51
CA PHE OA 267 43.76 99.95 -64.65
C PHE OA 267 43.28 98.72 -65.40
N MET OA 268 42.27 98.06 -64.86
CA MET OA 268 41.95 96.70 -65.24
C MET OA 268 40.50 96.53 -65.65
N LEU OA 269 40.04 95.29 -65.75
CA LEU OA 269 38.76 94.99 -66.36
C LEU OA 269 38.38 93.59 -65.93
N SER OA 270 37.34 93.48 -65.12
CA SER OA 270 37.03 92.23 -64.44
C SER OA 270 35.91 91.46 -65.15
N SER OA 271 35.79 90.19 -64.78
CA SER OA 271 34.75 89.32 -65.30
C SER OA 271 34.47 88.21 -64.31
N TYR OA 272 33.31 87.58 -64.47
CA TYR OA 272 32.94 86.45 -63.64
C TYR OA 272 31.97 85.59 -64.44
N ALA OA 273 32.18 84.29 -64.39
CA ALA OA 273 31.33 83.38 -65.12
C ALA OA 273 31.43 82.05 -64.40
N PRO OA 274 30.37 81.25 -64.35
CA PRO OA 274 29.04 81.49 -64.89
C PRO OA 274 28.16 82.32 -63.98
N ILE OA 275 27.26 83.09 -64.58
CA ILE OA 275 26.21 83.78 -63.86
C ILE OA 275 24.92 83.20 -64.40
N ILE OA 276 24.42 82.18 -63.73
CA ILE OA 276 23.36 81.33 -64.24
C ILE OA 276 22.25 81.25 -63.21
N SER OA 277 21.02 81.51 -63.63
CA SER OA 277 19.90 81.48 -62.72
C SER OA 277 19.53 80.05 -62.35
N ALA OA 278 18.63 79.93 -61.38
CA ALA OA 278 18.27 78.61 -60.86
C ALA OA 278 17.54 77.77 -61.89
N GLU OA 279 16.61 78.38 -62.63
CA GLU OA 279 15.99 77.68 -63.75
C GLU OA 279 17.00 77.48 -64.86
N LYS OA 280 17.93 78.40 -64.99
CA LYS OA 280 18.85 78.42 -66.12
C LYS OA 280 19.86 77.28 -66.02
N ALA OA 281 20.24 76.89 -64.81
CA ALA OA 281 21.23 75.85 -64.58
C ALA OA 281 20.66 74.45 -64.77
N TYR OA 282 19.36 74.35 -65.02
CA TYR OA 282 18.73 73.05 -65.14
C TYR OA 282 19.24 72.28 -66.34
N HIS OA 283 19.41 72.97 -67.46
CA HIS OA 283 19.70 72.32 -68.72
C HIS OA 283 21.14 72.56 -69.18
N GLU OA 284 22.05 72.80 -68.26
CA GLU OA 284 23.39 73.21 -68.63
C GLU OA 284 24.42 72.36 -67.92
N GLN OA 285 25.42 71.89 -68.66
CA GLN OA 285 26.59 71.29 -68.05
C GLN OA 285 27.64 72.37 -67.88
N LEU OA 286 28.06 72.60 -66.66
CA LEU OA 286 28.93 73.72 -66.38
C LEU OA 286 30.38 73.26 -66.47
N SER OA 287 30.76 72.83 -67.65
CA SER OA 287 32.10 72.30 -67.87
C SER OA 287 33.14 73.41 -67.74
N VAL OA 288 34.38 73.00 -67.46
CA VAL OA 288 35.47 73.96 -67.33
C VAL OA 288 35.77 74.58 -68.68
N ALA OA 289 35.39 73.91 -69.77
CA ALA OA 289 35.59 74.46 -71.09
C ALA OA 289 34.74 75.70 -71.31
N GLU OA 290 33.50 75.69 -70.84
CA GLU OA 290 32.62 76.78 -71.22
C GLU OA 290 32.54 77.86 -70.16
N ILE OA 291 32.87 77.54 -68.91
CA ILE OA 291 32.92 78.59 -67.91
C ILE OA 291 34.08 79.54 -68.14
N THR OA 292 35.06 79.15 -68.94
CA THR OA 292 36.12 80.07 -69.32
C THR OA 292 35.90 80.69 -70.69
N ASN OA 293 35.09 80.07 -71.54
CA ASN OA 293 34.72 80.73 -72.78
C ASN OA 293 33.77 81.88 -72.50
N SER OA 294 32.89 81.72 -71.53
CA SER OA 294 31.96 82.78 -71.19
C SER OA 294 32.64 83.90 -70.39
N ALA OA 295 33.77 83.64 -69.77
CA ALA OA 295 34.47 84.73 -69.08
C ALA OA 295 35.15 85.63 -70.09
N PHE OA 296 35.75 85.04 -71.11
CA PHE OA 296 36.41 85.79 -72.16
C PHE OA 296 35.44 86.28 -73.20
N GLU OA 297 34.18 85.90 -73.12
CA GLU OA 297 33.08 86.38 -73.94
C GLU OA 297 33.02 87.89 -73.78
N PRO OA 298 33.43 88.66 -74.80
CA PRO OA 298 33.60 90.11 -74.62
C PRO OA 298 32.33 90.88 -74.38
N ALA OA 299 31.17 90.24 -74.40
CA ALA OA 299 29.97 90.91 -73.98
C ALA OA 299 29.72 90.77 -72.49
N SER OA 300 30.38 89.84 -71.83
CA SER OA 300 30.13 89.53 -70.42
C SER OA 300 31.13 90.21 -69.49
N MET OA 301 31.64 91.37 -69.88
CA MET OA 301 32.56 92.07 -69.01
C MET OA 301 31.80 92.72 -67.86
N MET OA 302 32.56 93.26 -66.91
CA MET OA 302 31.99 93.90 -65.74
C MET OA 302 32.37 95.37 -65.69
N ALA OA 303 32.78 95.95 -66.82
CA ALA OA 303 33.13 97.36 -66.83
C ALA OA 303 32.67 98.12 -68.05
N LYS OA 304 31.96 97.49 -68.98
CA LYS OA 304 31.34 98.11 -70.16
C LYS OA 304 32.39 98.84 -71.00
N CYS OA 305 33.28 98.04 -71.56
CA CYS OA 305 34.15 98.48 -72.65
C CYS OA 305 34.52 97.25 -73.46
N ASP OA 306 34.11 97.21 -74.70
CA ASP OA 306 34.23 96.02 -75.51
C ASP OA 306 35.68 95.76 -75.87
N PRO OA 307 36.29 94.69 -75.40
CA PRO OA 307 37.74 94.52 -75.59
C PRO OA 307 38.17 94.13 -77.00
N ARG OA 308 37.28 94.12 -78.00
CA ARG OA 308 37.77 93.98 -79.36
C ARG OA 308 38.47 95.23 -79.87
N HIS OA 309 38.30 96.38 -79.22
CA HIS OA 309 39.14 97.53 -79.53
C HIS OA 309 40.28 97.68 -78.54
N GLY OA 310 40.87 96.58 -78.10
CA GLY OA 310 42.07 96.66 -77.29
C GLY OA 310 42.91 95.42 -77.45
N LYS OA 311 44.12 95.50 -76.93
CA LYS OA 311 45.04 94.37 -76.87
C LYS OA 311 45.23 93.98 -75.41
N TYR OA 312 45.00 92.72 -75.09
CA TYR OA 312 45.21 92.24 -73.74
C TYR OA 312 46.68 92.27 -73.39
N MET OA 313 46.96 92.51 -72.12
CA MET OA 313 48.34 92.79 -71.72
C MET OA 313 48.81 91.89 -70.59
N ALA OA 314 47.91 91.56 -69.67
CA ALA OA 314 48.19 90.59 -68.62
C ALA OA 314 46.87 90.12 -68.06
N CYS OA 315 46.62 88.82 -68.12
CA CYS OA 315 45.35 88.24 -67.71
C CYS OA 315 45.58 87.29 -66.55
N CYS OA 316 44.63 87.23 -65.62
CA CYS OA 316 44.79 86.43 -64.41
C CYS OA 316 43.48 85.72 -64.11
N LEU OA 317 43.51 84.41 -64.05
CA LEU OA 317 42.30 83.60 -63.94
C LEU OA 317 42.25 82.92 -62.58
N MET OA 318 41.11 83.00 -61.93
CA MET OA 318 40.86 82.37 -60.64
C MET OA 318 39.80 81.30 -60.77
N TYR OA 319 40.21 80.06 -60.93
CA TYR OA 319 39.25 78.97 -60.94
C TYR OA 319 38.93 78.60 -59.51
N ARG OA 320 37.74 78.05 -59.31
CA ARG OA 320 37.25 77.85 -57.96
C ARG OA 320 36.21 76.73 -57.97
N GLY OA 321 36.61 75.54 -57.56
CA GLY OA 321 35.63 74.48 -57.42
C GLY OA 321 36.11 73.12 -57.86
N ASP OA 322 35.21 72.31 -58.42
CA ASP OA 322 35.54 70.98 -58.93
C ASP OA 322 36.26 71.24 -60.24
N VAL OA 323 37.53 71.62 -60.13
CA VAL OA 323 38.32 72.05 -61.27
C VAL OA 323 39.57 71.22 -61.31
N VAL OA 324 39.65 70.32 -62.28
CA VAL OA 324 40.86 69.54 -62.50
C VAL OA 324 41.84 70.43 -63.23
N PRO OA 325 43.14 70.25 -63.07
CA PRO OA 325 44.08 71.20 -63.65
C PRO OA 325 44.35 70.97 -65.11
N LYS OA 326 44.14 69.76 -65.62
CA LYS OA 326 44.35 69.54 -67.03
C LYS OA 326 43.31 70.26 -67.86
N ASP OA 327 42.07 70.32 -67.37
CA ASP OA 327 41.04 71.04 -68.09
C ASP OA 327 41.21 72.54 -67.97
N VAL OA 328 41.93 73.03 -66.96
CA VAL OA 328 42.37 74.42 -66.98
C VAL OA 328 43.34 74.65 -68.12
N ASN OA 329 44.35 73.79 -68.23
CA ASN OA 329 45.37 73.92 -69.26
C ASN OA 329 44.75 73.72 -70.64
N ALA OA 330 43.86 72.74 -70.76
CA ALA OA 330 43.26 72.46 -72.05
C ALA OA 330 42.37 73.59 -72.51
N ALA OA 331 41.66 74.23 -71.58
CA ALA OA 331 40.75 75.28 -71.98
C ALA OA 331 41.47 76.61 -72.19
N VAL OA 332 42.50 76.90 -71.40
CA VAL OA 332 43.15 78.19 -71.54
C VAL OA 332 44.03 78.18 -72.79
N ALA OA 333 44.39 77.00 -73.28
CA ALA OA 333 45.14 76.92 -74.52
C ALA OA 333 44.22 77.17 -75.71
N THR OA 334 42.93 76.88 -75.57
CA THR OA 334 41.99 77.15 -76.64
C THR OA 334 41.78 78.65 -76.82
N ILE OA 335 41.72 79.40 -75.71
CA ILE OA 335 41.62 80.85 -75.79
C ILE OA 335 42.87 81.44 -76.45
N LYS OA 336 44.04 80.92 -76.10
CA LYS OA 336 45.27 81.38 -76.70
C LYS OA 336 45.29 81.18 -78.20
N THR OA 337 44.78 80.04 -78.68
CA THR OA 337 44.72 79.81 -80.11
C THR OA 337 43.45 80.32 -80.74
N LYS OA 338 42.51 80.84 -79.96
CA LYS OA 338 41.38 81.55 -80.53
C LYS OA 338 41.88 82.88 -81.08
N ARG OA 339 41.85 83.03 -82.40
CA ARG OA 339 42.52 84.15 -83.05
C ARG OA 339 41.84 85.49 -82.81
N THR OA 340 40.58 85.49 -82.43
CA THR OA 340 39.85 86.74 -82.24
C THR OA 340 40.10 87.38 -80.89
N ILE OA 341 40.89 86.74 -80.03
CA ILE OA 341 41.37 87.35 -78.80
C ILE OA 341 42.81 87.77 -79.03
N GLN OA 342 43.08 89.06 -78.88
CA GLN OA 342 44.38 89.59 -79.25
C GLN OA 342 45.25 89.76 -78.02
N PHE OA 343 46.56 89.61 -78.21
CA PHE OA 343 47.54 89.91 -77.18
C PHE OA 343 48.63 90.82 -77.72
N VAL OA 344 49.27 91.52 -76.79
CA VAL OA 344 50.36 92.42 -77.15
C VAL OA 344 51.59 91.59 -77.50
N ASP OA 345 52.46 92.17 -78.33
CA ASP OA 345 53.62 91.43 -78.80
C ASP OA 345 54.62 91.13 -77.70
N TRP OA 346 54.75 92.00 -76.71
CA TRP OA 346 55.83 91.86 -75.75
C TRP OA 346 55.47 91.04 -74.53
N CYS OA 347 54.29 90.45 -74.47
CA CYS OA 347 53.92 89.57 -73.37
C CYS OA 347 53.48 88.24 -73.98
N PRO OA 348 54.42 87.36 -74.30
CA PRO OA 348 54.04 86.09 -74.92
C PRO OA 348 53.33 85.15 -73.98
N THR OA 349 53.68 85.16 -72.69
CA THR OA 349 52.98 84.38 -71.68
C THR OA 349 52.13 85.33 -70.87
N GLY OA 350 50.82 85.25 -71.05
CA GLY OA 350 49.98 86.28 -70.46
C GLY OA 350 48.87 85.76 -69.60
N PHE OA 351 49.09 84.66 -68.89
CA PHE OA 351 48.09 84.13 -67.98
C PHE OA 351 48.72 83.77 -66.65
N LYS OA 352 47.94 83.92 -65.58
CA LYS OA 352 48.20 83.26 -64.32
C LYS OA 352 46.96 82.50 -63.90
N CYS OA 353 47.13 81.24 -63.56
CA CYS OA 353 46.03 80.39 -63.12
C CYS OA 353 46.14 80.16 -61.62
N GLY OA 354 45.02 80.31 -60.93
CA GLY OA 354 44.95 79.98 -59.53
C GLY OA 354 43.74 79.12 -59.25
N ILE OA 355 43.94 77.94 -58.67
CA ILE OA 355 42.88 76.96 -58.50
C ILE OA 355 42.64 76.74 -57.03
N ASN OA 356 41.38 76.77 -56.63
CA ASN OA 356 40.96 76.59 -55.26
C ASN OA 356 39.91 75.49 -55.20
N TYR OA 357 39.73 74.90 -54.02
CA TYR OA 357 38.86 73.75 -53.90
C TYR OA 357 37.45 74.10 -53.45
N GLN OA 358 37.27 75.15 -52.69
CA GLN OA 358 35.95 75.41 -52.11
C GLN OA 358 35.00 75.97 -53.16
N PRO OA 359 33.88 75.32 -53.44
CA PRO OA 359 32.96 75.84 -54.44
C PRO OA 359 32.25 77.08 -53.93
N PRO OA 360 31.69 77.90 -54.81
CA PRO OA 360 31.07 79.15 -54.35
C PRO OA 360 29.85 78.92 -53.50
N THR OA 361 29.63 79.84 -52.57
CA THR OA 361 28.52 79.76 -51.64
C THR OA 361 27.37 80.63 -52.14
N VAL OA 362 26.17 80.08 -52.14
CA VAL OA 362 24.99 80.79 -52.60
C VAL OA 362 24.27 81.38 -51.41
N VAL OA 363 23.87 82.64 -51.53
CA VAL OA 363 23.07 83.26 -50.47
C VAL OA 363 21.63 82.79 -50.59
N PRO OA 364 20.99 82.38 -49.50
CA PRO OA 364 19.60 81.94 -49.58
C PRO OA 364 18.69 83.11 -49.91
N GLY OA 365 17.74 82.87 -50.81
CA GLY OA 365 16.86 83.92 -51.24
C GLY OA 365 17.48 84.89 -52.22
N GLY OA 366 18.71 84.66 -52.63
CA GLY OA 366 19.31 85.43 -53.69
C GLY OA 366 18.89 84.91 -55.05
N ASP OA 367 19.55 85.42 -56.08
CA ASP OA 367 19.20 85.08 -57.45
C ASP OA 367 20.12 84.06 -58.11
N LEU OA 368 21.39 83.98 -57.69
CA LEU OA 368 22.28 83.00 -58.28
C LEU OA 368 21.90 81.58 -57.86
N ALA OA 369 22.34 80.62 -58.64
CA ALA OA 369 22.14 79.20 -58.36
C ALA OA 369 23.39 78.61 -57.73
N LYS OA 370 23.27 77.38 -57.25
CA LYS OA 370 24.38 76.69 -56.62
C LYS OA 370 25.17 75.96 -57.69
N VAL OA 371 26.39 76.39 -57.92
CA VAL OA 371 27.23 75.84 -58.97
C VAL OA 371 28.43 75.14 -58.35
N MET OA 372 29.10 74.33 -59.16
CA MET OA 372 30.21 73.53 -58.70
C MET OA 372 31.56 74.11 -59.04
N ARG OA 373 31.64 75.05 -59.98
CA ARG OA 373 32.92 75.60 -60.38
C ARG OA 373 32.73 76.99 -60.96
N ALA OA 374 33.67 77.89 -60.70
CA ALA OA 374 33.54 79.28 -61.11
C ALA OA 374 34.89 79.88 -61.44
N VAL OA 375 34.87 80.91 -62.29
CA VAL OA 375 36.04 81.62 -62.75
C VAL OA 375 35.85 83.09 -62.46
N CYS OA 376 36.89 83.76 -62.01
CA CYS OA 376 36.87 85.21 -61.90
C CYS OA 376 38.13 85.74 -62.56
N MET OA 377 37.96 86.51 -63.62
CA MET OA 377 39.04 86.86 -64.53
C MET OA 377 39.27 88.37 -64.47
N ILE OA 378 40.42 88.77 -63.94
CA ILE OA 378 40.81 90.17 -63.84
C ILE OA 378 41.98 90.38 -64.79
N SER OA 379 41.81 91.29 -65.73
CA SER OA 379 42.76 91.41 -66.82
C SER OA 379 43.09 92.87 -67.06
N ASN OA 380 44.27 93.10 -67.61
CA ASN OA 380 44.73 94.43 -67.97
C ASN OA 380 44.70 94.52 -69.49
N SER OA 381 44.01 95.52 -70.02
CA SER OA 381 43.95 95.69 -71.46
C SER OA 381 44.03 97.16 -71.80
N THR OA 382 44.47 97.41 -73.02
CA THR OA 382 44.59 98.75 -73.56
C THR OA 382 43.23 99.37 -73.86
N ALA OA 383 42.17 98.57 -73.85
CA ALA OA 383 40.82 99.08 -74.07
C ALA OA 383 40.35 100.02 -72.98
N ILE OA 384 41.03 100.09 -71.83
CA ILE OA 384 40.75 101.11 -70.83
C ILE OA 384 41.13 102.50 -71.30
N ALA OA 385 41.75 102.62 -72.47
CA ALA OA 385 42.03 103.94 -73.01
C ALA OA 385 40.76 104.69 -73.38
N GLU OA 386 39.73 103.99 -73.88
CA GLU OA 386 38.57 104.77 -74.31
C GLU OA 386 37.70 105.18 -73.14
N VAL OA 387 37.79 104.48 -72.01
CA VAL OA 387 36.99 104.89 -70.87
C VAL OA 387 37.64 106.04 -70.14
N PHE OA 388 38.83 106.46 -70.55
CA PHE OA 388 39.45 107.68 -70.06
C PHE OA 388 39.37 108.81 -71.07
N SER OA 389 39.27 108.50 -72.36
CA SER OA 389 38.97 109.54 -73.32
C SER OA 389 37.52 110.00 -73.22
N ARG OA 390 36.64 109.11 -72.75
CA ARG OA 390 35.23 109.44 -72.78
C ARG OA 390 34.85 110.42 -71.67
N MET OA 391 35.50 110.35 -70.51
CA MET OA 391 35.34 111.46 -69.58
C MET OA 391 35.95 112.72 -70.15
N ASP OA 392 37.07 112.56 -70.83
CA ASP OA 392 37.82 113.71 -71.30
C ASP OA 392 37.06 114.45 -72.37
N HIS OA 393 36.30 113.72 -73.17
CA HIS OA 393 35.35 114.39 -74.05
C HIS OA 393 34.34 115.17 -73.24
N LYS OA 394 33.87 114.60 -72.14
CA LYS OA 394 32.87 115.24 -71.32
C LYS OA 394 33.47 116.34 -70.46
N PHE OA 395 34.72 116.18 -70.04
CA PHE OA 395 35.31 117.17 -69.13
C PHE OA 395 35.67 118.46 -69.84
N ASP OA 396 36.24 118.39 -71.05
CA ASP OA 396 36.47 119.60 -71.83
C ASP OA 396 35.16 120.26 -72.19
N LEU OA 397 34.15 119.48 -72.54
CA LEU OA 397 32.89 120.02 -73.02
C LEU OA 397 32.11 120.75 -71.93
N MET OA 398 32.55 120.63 -70.69
CA MET OA 398 31.84 121.21 -69.56
C MET OA 398 32.72 122.16 -68.75
N TYR OA 399 34.04 122.04 -68.84
CA TYR OA 399 34.95 122.96 -68.18
C TYR OA 399 35.33 124.14 -69.05
N ALA OA 400 35.19 124.03 -70.37
CA ALA OA 400 35.70 125.06 -71.26
C ALA OA 400 35.00 126.39 -71.06
N LYS OA 401 33.78 126.37 -70.56
CA LYS OA 401 33.13 127.60 -70.14
C LYS OA 401 32.65 127.50 -68.72
N ARG OA 402 33.44 126.82 -67.89
CA ARG OA 402 33.50 127.05 -66.45
C ARG OA 402 32.19 126.78 -65.74
N ALA OA 403 31.39 125.86 -66.27
CA ALA OA 403 30.21 125.42 -65.54
C ALA OA 403 30.63 124.68 -64.29
N PHE OA 404 29.91 124.94 -63.20
CA PHE OA 404 30.06 124.26 -61.92
C PHE OA 404 31.41 124.49 -61.27
N VAL OA 405 32.24 125.40 -61.78
CA VAL OA 405 33.56 125.58 -61.21
C VAL OA 405 33.49 126.25 -59.86
N HIS OA 406 32.59 127.22 -59.70
CA HIS OA 406 32.55 128.04 -58.50
C HIS OA 406 32.16 127.26 -57.25
N TRP OA 407 31.53 126.09 -57.40
CA TRP OA 407 31.29 125.25 -56.24
C TRP OA 407 32.58 124.72 -55.67
N TYR OA 408 33.61 124.61 -56.51
CA TYR OA 408 34.89 124.01 -56.13
C TYR OA 408 35.89 125.05 -55.64
N VAL OA 409 36.06 126.14 -56.40
CA VAL OA 409 37.12 127.08 -56.11
C VAL OA 409 36.84 127.84 -54.81
N GLY OA 410 35.58 128.06 -54.47
CA GLY OA 410 35.27 128.68 -53.21
C GLY OA 410 35.18 127.71 -52.06
N GLU OA 411 35.22 126.42 -52.35
CA GLU OA 411 35.06 125.43 -51.31
C GLU OA 411 36.37 125.21 -50.56
N GLY OA 412 37.49 125.55 -51.19
CA GLY OA 412 38.77 125.34 -50.54
C GLY OA 412 39.91 124.92 -51.44
N MET OA 413 39.68 124.77 -52.74
CA MET OA 413 40.79 124.47 -53.62
C MET OA 413 40.90 125.55 -54.69
N GLU OA 414 41.93 125.44 -55.52
CA GLU OA 414 42.34 126.52 -56.38
C GLU OA 414 42.11 126.18 -57.85
N GLU OA 415 41.78 127.20 -58.63
CA GLU OA 415 41.55 127.06 -60.05
C GLU OA 415 42.88 126.80 -60.75
N GLY OA 416 43.03 125.59 -61.30
CA GLY OA 416 44.31 125.18 -61.84
C GLY OA 416 44.57 123.72 -61.54
N GLU OA 417 43.95 123.21 -60.48
CA GLU OA 417 43.92 121.77 -60.29
C GLU OA 417 42.97 121.10 -61.26
N PHE OA 418 42.05 121.86 -61.86
CA PHE OA 418 41.30 121.33 -62.98
C PHE OA 418 42.22 121.11 -64.19
N SER OA 419 43.13 122.06 -64.41
CA SER OA 419 44.07 121.91 -65.52
C SER OA 419 45.15 120.89 -65.20
N GLU OA 420 45.56 120.79 -63.94
CA GLU OA 420 46.59 119.83 -63.56
C GLU OA 420 46.08 118.40 -63.67
N ALA OA 421 44.86 118.15 -63.22
CA ALA OA 421 44.30 116.80 -63.30
C ALA OA 421 43.97 116.45 -64.74
N ARG OA 422 43.70 117.45 -65.57
CA ARG OA 422 43.48 117.21 -66.99
C ARG OA 422 44.75 116.85 -67.74
N GLU OA 423 45.85 117.57 -67.47
CA GLU OA 423 47.10 117.24 -68.15
C GLU OA 423 47.66 115.92 -67.68
N ASP OA 424 47.38 115.54 -66.43
CA ASP OA 424 47.80 114.23 -65.94
C ASP OA 424 47.04 113.13 -66.66
N LEU OA 425 45.72 113.25 -66.77
CA LEU OA 425 44.94 112.25 -67.47
C LEU OA 425 45.20 112.32 -68.96
N ALA OA 426 45.66 113.46 -69.46
CA ALA OA 426 46.17 113.51 -70.83
C ALA OA 426 47.42 112.66 -70.97
N ALA OA 427 48.29 112.71 -69.97
CA ALA OA 427 49.53 111.95 -70.03
C ALA OA 427 49.26 110.46 -69.92
N LEU OA 428 48.19 110.07 -69.23
CA LEU OA 428 47.91 108.65 -69.06
C LEU OA 428 47.39 108.06 -70.36
N GLU OA 429 46.51 108.78 -71.06
CA GLU OA 429 45.96 108.26 -72.30
C GLU OA 429 47.03 108.17 -73.37
N LYS OA 430 48.00 109.07 -73.35
CA LYS OA 430 49.12 108.93 -74.26
C LYS OA 430 50.05 107.80 -73.84
N ASP OA 431 49.98 107.39 -72.57
CA ASP OA 431 50.79 106.25 -72.14
C ASP OA 431 50.19 104.93 -72.62
N TYR OA 432 48.86 104.82 -72.63
CA TYR OA 432 48.24 103.63 -73.21
C TYR OA 432 48.44 103.54 -74.71
N GLU OA 433 48.62 104.67 -75.39
CA GLU OA 433 48.88 104.61 -76.81
C GLU OA 433 50.28 104.07 -77.07
N GLU OA 434 51.24 104.40 -76.21
CA GLU OA 434 52.61 103.99 -76.44
C GLU OA 434 52.83 102.51 -76.13
N VAL OA 435 52.10 101.96 -75.17
CA VAL OA 435 52.33 100.58 -74.77
C VAL OA 435 51.75 99.61 -75.80
N GLY OA 436 50.87 100.07 -76.66
CA GLY OA 436 50.26 99.18 -77.63
C GLY OA 436 50.86 99.18 -79.01
N ILE OA 437 51.91 99.95 -79.27
CA ILE OA 437 52.47 100.02 -80.63
C ILE OA 437 53.71 99.16 -80.80
N MET PA 1 22.21 115.95 -35.97
CA MET PA 1 21.95 115.59 -37.36
C MET PA 1 21.86 116.82 -38.25
N ARG PA 2 21.07 116.72 -39.31
CA ARG PA 2 20.84 117.84 -40.22
C ARG PA 2 19.43 118.35 -39.98
N GLU PA 3 19.31 119.67 -39.83
CA GLU PA 3 18.10 120.26 -39.27
C GLU PA 3 17.67 121.45 -40.11
N ILE PA 4 16.37 121.56 -40.36
CA ILE PA 4 15.80 122.62 -41.18
C ILE PA 4 15.04 123.58 -40.29
N VAL PA 5 15.38 124.85 -40.35
CA VAL PA 5 14.68 125.89 -39.60
C VAL PA 5 13.72 126.56 -40.55
N HIS PA 6 12.44 126.31 -40.35
CA HIS PA 6 11.40 126.80 -41.25
C HIS PA 6 11.04 128.24 -40.91
N VAL PA 7 10.82 129.04 -41.95
CA VAL PA 7 10.41 130.42 -41.81
C VAL PA 7 9.15 130.64 -42.63
N GLN PA 8 8.11 131.17 -42.00
CA GLN PA 8 6.84 131.46 -42.65
C GLN PA 8 6.58 132.94 -42.55
N GLY PA 9 6.34 133.58 -43.69
CA GLY PA 9 6.04 135.01 -43.70
C GLY PA 9 4.95 135.39 -44.68
N GLY PA 10 4.10 136.35 -44.31
CA GLY PA 10 2.96 136.72 -45.12
C GLY PA 10 1.77 135.84 -44.85
N GLN PA 11 0.59 136.31 -45.26
CA GLN PA 11 -0.58 135.46 -45.06
C GLN PA 11 -0.58 134.31 -46.04
N CYS PA 12 0.01 134.50 -47.21
CA CYS PA 12 0.20 133.38 -48.13
C CYS PA 12 1.22 132.42 -47.59
N GLY PA 13 2.33 132.94 -47.08
CA GLY PA 13 3.37 132.06 -46.56
C GLY PA 13 2.94 131.34 -45.31
N ASN PA 14 2.00 131.91 -44.57
CA ASN PA 14 1.54 131.26 -43.36
C ASN PA 14 0.69 130.05 -43.68
N GLN PA 15 -0.26 130.19 -44.60
CA GLN PA 15 -1.18 129.09 -44.83
C GLN PA 15 -0.78 128.20 -45.99
N ILE PA 16 0.37 128.45 -46.61
CA ILE PA 16 1.05 127.37 -47.31
C ILE PA 16 1.89 126.57 -46.33
N GLY PA 17 2.55 127.28 -45.42
CA GLY PA 17 3.30 126.63 -44.36
C GLY PA 17 2.43 125.90 -43.38
N ALA PA 18 1.23 126.40 -43.10
CA ALA PA 18 0.37 125.73 -42.14
C ALA PA 18 -0.18 124.43 -42.66
N LYS PA 19 -0.11 124.18 -43.97
CA LYS PA 19 -0.48 122.89 -44.51
C LYS PA 19 0.73 122.09 -44.95
N PHE PA 20 1.91 122.71 -44.96
CA PHE PA 20 3.15 121.94 -44.96
C PHE PA 20 3.24 121.09 -43.71
N TRP PA 21 2.91 121.68 -42.57
CA TRP PA 21 3.03 120.94 -41.33
C TRP PA 21 1.91 119.95 -41.17
N GLU PA 22 0.85 120.06 -41.98
CA GLU PA 22 -0.12 118.98 -42.09
C GLU PA 22 0.51 117.72 -42.65
N VAL PA 23 1.32 117.84 -43.71
CA VAL PA 23 1.73 116.61 -44.38
C VAL PA 23 2.92 115.99 -43.68
N ILE PA 24 3.79 116.79 -43.06
CA ILE PA 24 4.95 116.22 -42.38
C ILE PA 24 4.52 115.53 -41.11
N SER PA 25 3.59 116.13 -40.36
CA SER PA 25 3.08 115.49 -39.16
C SER PA 25 2.29 114.24 -39.49
N ASP PA 26 1.62 114.21 -40.63
CA ASP PA 26 0.92 113.00 -41.04
C ASP PA 26 1.92 111.96 -41.50
N GLU PA 27 3.02 112.38 -42.12
CA GLU PA 27 4.00 111.44 -42.62
C GLU PA 27 4.85 110.87 -41.49
N HIS PA 28 5.17 111.68 -40.50
CA HIS PA 28 5.91 111.20 -39.33
C HIS PA 28 4.99 110.72 -38.22
N GLY PA 29 3.69 110.68 -38.45
CA GLY PA 29 2.77 110.13 -37.48
C GLY PA 29 2.60 110.94 -36.21
N ILE PA 30 2.58 112.26 -36.33
CA ILE PA 30 2.37 113.12 -35.18
C ILE PA 30 0.88 113.41 -35.04
N ASP PA 31 0.34 113.10 -33.88
CA ASP PA 31 -1.03 113.47 -33.54
C ASP PA 31 -1.12 114.99 -33.51
N PRO PA 32 -2.30 115.56 -33.83
CA PRO PA 32 -2.45 117.02 -33.68
C PRO PA 32 -2.14 117.55 -32.30
N THR PA 33 -2.35 116.76 -31.26
CA THR PA 33 -2.00 117.20 -29.91
C THR PA 33 -0.51 117.16 -29.63
N GLY PA 34 0.29 116.59 -30.54
CA GLY PA 34 1.72 116.62 -30.43
C GLY PA 34 2.39 115.30 -30.10
N THR PA 35 1.62 114.28 -29.76
CA THR PA 35 2.19 112.97 -29.46
C THR PA 35 2.47 112.23 -30.75
N TYR PA 36 2.81 110.94 -30.65
CA TYR PA 36 3.12 110.12 -31.80
C TYR PA 36 2.24 108.89 -31.79
N CYS PA 37 1.77 108.49 -32.96
CA CYS PA 37 1.07 107.22 -33.13
C CYS PA 37 1.59 106.52 -34.38
N GLY PA 38 1.58 105.20 -34.35
CA GLY PA 38 2.00 104.44 -35.51
C GLY PA 38 2.87 103.23 -35.25
N ASP PA 39 3.72 103.31 -34.22
CA ASP PA 39 4.55 102.19 -33.75
C ASP PA 39 5.48 101.65 -34.83
N SER PA 40 6.22 102.55 -35.46
CA SER PA 40 7.24 102.20 -36.44
C SER PA 40 8.48 103.03 -36.16
N ASP PA 41 9.63 102.52 -36.58
CA ASP PA 41 10.90 103.05 -36.15
C ASP PA 41 11.52 104.02 -37.13
N LEU PA 42 11.54 103.70 -38.41
CA LEU PA 42 12.15 104.58 -39.40
C LEU PA 42 11.34 105.85 -39.62
N GLN PA 43 10.10 105.86 -39.14
CA GLN PA 43 9.27 107.04 -39.21
C GLN PA 43 9.64 108.04 -38.13
N LEU PA 44 10.41 107.62 -37.14
CA LEU PA 44 10.69 108.43 -35.97
C LEU PA 44 12.17 108.73 -35.78
N GLU PA 45 13.06 108.06 -36.51
CA GLU PA 45 14.48 108.18 -36.23
C GLU PA 45 15.03 109.55 -36.61
N ARG PA 46 14.73 110.03 -37.81
CA ARG PA 46 15.23 111.31 -38.26
C ARG PA 46 14.10 112.32 -38.16
N ILE PA 47 13.78 112.67 -36.93
CA ILE PA 47 12.68 113.58 -36.66
C ILE PA 47 13.16 114.92 -36.14
N ASN PA 48 14.43 115.03 -35.77
CA ASN PA 48 14.92 116.30 -35.27
C ASN PA 48 15.10 117.32 -36.38
N VAL PA 49 15.02 116.89 -37.64
CA VAL PA 49 15.16 117.81 -38.76
C VAL PA 49 14.03 118.83 -38.79
N PHE PA 50 12.82 118.40 -38.42
CA PHE PA 50 11.67 119.29 -38.42
C PHE PA 50 11.00 119.44 -37.07
N TYR PA 51 11.40 118.69 -36.07
CA TYR PA 51 10.74 118.72 -34.77
C TYR PA 51 11.77 118.82 -33.65
N ASN PA 52 11.28 119.19 -32.47
CA ASN PA 52 12.10 119.27 -31.27
C ASN PA 52 11.43 118.53 -30.13
N GLU PA 53 12.23 117.93 -29.26
CA GLU PA 53 11.72 117.33 -28.04
C GLU PA 53 11.21 118.43 -27.12
N ALA PA 54 10.25 118.10 -26.28
CA ALA PA 54 9.64 119.09 -25.42
C ALA PA 54 9.37 118.55 -24.03
N THR PA 55 10.23 117.63 -23.59
CA THR PA 55 10.35 117.07 -22.22
C THR PA 55 9.06 116.56 -21.61
N GLY PA 56 8.03 116.42 -22.43
CA GLY PA 56 6.83 115.70 -22.06
C GLY PA 56 6.62 114.66 -23.13
N GLY PA 57 7.52 114.67 -24.10
CA GLY PA 57 7.47 113.74 -25.21
C GLY PA 57 6.81 114.28 -26.45
N ARG PA 58 6.26 115.48 -26.42
CA ARG PA 58 5.60 116.01 -27.60
C ARG PA 58 6.62 116.68 -28.51
N PHE PA 59 6.29 116.74 -29.78
CA PHE PA 59 7.18 117.30 -30.79
C PHE PA 59 6.65 118.64 -31.27
N VAL PA 60 7.45 119.68 -31.11
CA VAL PA 60 7.07 121.01 -31.57
C VAL PA 60 7.89 121.35 -32.80
N PRO PA 61 7.29 121.94 -33.82
CA PRO PA 61 8.06 122.28 -35.02
C PRO PA 61 9.06 123.40 -34.77
N ARG PA 62 10.11 123.39 -35.58
CA ARG PA 62 11.11 124.46 -35.57
C ARG PA 62 10.70 125.54 -36.56
N ALA PA 63 9.53 126.11 -36.35
CA ALA PA 63 8.90 126.99 -37.31
C ALA PA 63 8.73 128.38 -36.75
N ILE PA 64 9.11 129.38 -37.51
CA ILE PA 64 8.89 130.78 -37.16
C ILE PA 64 7.76 131.30 -38.00
N LEU PA 65 6.76 131.89 -37.35
CA LEU PA 65 5.55 132.37 -38.00
C LEU PA 65 5.54 133.89 -37.96
N MET PA 66 5.67 134.53 -39.12
CA MET PA 66 5.85 135.96 -39.25
C MET PA 66 4.68 136.57 -40.00
N ASP PA 67 4.20 137.70 -39.50
CA ASP PA 67 3.27 138.56 -40.23
C ASP PA 67 3.21 139.89 -39.50
N LEU PA 68 2.92 140.95 -40.25
CA LEU PA 68 2.79 142.27 -39.67
C LEU PA 68 1.40 142.58 -39.19
N GLU PA 69 0.43 141.69 -39.41
CA GLU PA 69 -0.92 141.96 -38.96
C GLU PA 69 -1.50 140.69 -38.36
N PRO PA 70 -2.31 140.81 -37.32
CA PRO PA 70 -2.73 139.63 -36.57
C PRO PA 70 -3.88 138.84 -37.18
N GLY PA 71 -4.17 139.06 -38.46
CA GLY PA 71 -5.36 138.44 -39.03
C GLY PA 71 -5.18 136.96 -39.30
N THR PA 72 -4.06 136.57 -39.88
CA THR PA 72 -3.92 135.19 -40.33
C THR PA 72 -3.22 134.29 -39.31
N MET PA 73 -2.56 134.84 -38.30
CA MET PA 73 -2.02 133.98 -37.26
C MET PA 73 -3.11 133.39 -36.39
N ASP PA 74 -4.21 134.12 -36.19
CA ASP PA 74 -5.32 133.56 -35.45
C ASP PA 74 -6.02 132.47 -36.25
N SER PA 75 -5.94 132.54 -37.57
CA SER PA 75 -6.56 131.50 -38.39
C SER PA 75 -5.75 130.22 -38.37
N VAL PA 76 -4.43 130.34 -38.35
CA VAL PA 76 -3.58 129.15 -38.27
C VAL PA 76 -3.74 128.47 -36.92
N ARG PA 77 -3.80 129.27 -35.86
CA ARG PA 77 -3.94 128.71 -34.52
C ARG PA 77 -5.29 128.03 -34.33
N ALA PA 78 -6.33 128.57 -34.95
CA ALA PA 78 -7.67 128.04 -34.72
C ALA PA 78 -7.87 126.70 -35.42
N GLY PA 79 -7.18 126.46 -36.52
CA GLY PA 79 -7.47 125.32 -37.35
C GLY PA 79 -6.90 124.04 -36.76
N PRO PA 80 -7.11 122.95 -37.48
CA PRO PA 80 -6.45 121.69 -37.08
C PRO PA 80 -4.96 121.82 -37.25
N PHE PA 81 -4.23 121.08 -36.41
CA PHE PA 81 -2.77 121.16 -36.31
C PHE PA 81 -2.31 122.58 -36.03
N GLY PA 82 -3.08 123.30 -35.22
CA GLY PA 82 -2.74 124.67 -34.86
C GLY PA 82 -2.18 124.73 -33.46
N GLN PA 83 -2.49 123.72 -32.65
CA GLN PA 83 -1.90 123.62 -31.34
C GLN PA 83 -0.53 122.99 -31.38
N LEU PA 84 -0.03 122.67 -32.57
CA LEU PA 84 1.27 122.05 -32.68
C LEU PA 84 2.39 123.07 -32.52
N PHE PA 85 2.15 124.31 -32.94
CA PHE PA 85 3.19 125.32 -32.96
C PHE PA 85 3.41 125.91 -31.58
N ARG PA 86 4.63 126.33 -31.32
CA ARG PA 86 4.95 126.97 -30.05
C ARG PA 86 4.39 128.38 -30.02
N PRO PA 87 3.82 128.82 -28.90
CA PRO PA 87 3.22 130.16 -28.86
C PRO PA 87 4.22 131.29 -28.99
N ASP PA 88 5.46 131.08 -28.59
CA ASP PA 88 6.44 132.15 -28.70
C ASP PA 88 6.89 132.35 -30.14
N ASN PA 89 6.71 131.36 -31.00
CA ASN PA 89 7.23 131.43 -32.35
C ASN PA 89 6.43 132.37 -33.25
N PHE PA 90 5.22 132.74 -32.86
CA PHE PA 90 4.47 133.76 -33.56
C PHE PA 90 5.04 135.13 -33.20
N VAL PA 91 5.35 135.93 -34.21
CA VAL PA 91 5.81 137.30 -33.98
C VAL PA 91 4.79 138.23 -34.62
N PHE PA 92 3.82 138.65 -33.83
CA PHE PA 92 2.73 139.49 -34.31
C PHE PA 92 3.24 140.88 -34.68
N GLY PA 93 2.52 141.52 -35.59
CA GLY PA 93 2.58 142.95 -35.76
C GLY PA 93 1.21 143.54 -35.47
N GLN PA 94 1.11 144.83 -35.70
CA GLN PA 94 -0.21 145.42 -35.48
C GLN PA 94 -0.70 146.22 -36.67
N THR PA 95 0.19 146.91 -37.38
CA THR PA 95 -0.28 147.83 -38.42
C THR PA 95 -0.58 147.09 -39.72
N GLY PA 96 0.44 146.49 -40.30
CA GLY PA 96 0.23 145.79 -41.56
C GLY PA 96 0.87 146.57 -42.70
N ALA PA 97 1.44 145.83 -43.65
CA ALA PA 97 2.01 146.42 -44.86
C ALA PA 97 0.94 146.36 -45.93
N GLY PA 98 0.38 147.52 -46.27
CA GLY PA 98 -0.73 147.56 -47.19
C GLY PA 98 -0.32 147.39 -48.63
N ASN PA 99 0.23 146.21 -48.95
CA ASN PA 99 0.76 145.88 -50.27
C ASN PA 99 1.80 146.90 -50.73
N ASN PA 100 2.59 147.40 -49.79
CA ASN PA 100 3.62 148.37 -50.11
C ASN PA 100 4.92 147.73 -49.63
N TRP PA 101 5.85 147.57 -50.57
CA TRP PA 101 7.11 146.91 -50.27
C TRP PA 101 8.00 147.77 -49.40
N ALA PA 102 7.83 149.09 -49.44
CA ALA PA 102 8.73 149.97 -48.70
C ALA PA 102 8.53 149.80 -47.19
N LYS PA 103 7.29 149.85 -46.71
CA LYS PA 103 7.09 149.65 -45.29
C LYS PA 103 7.26 148.20 -44.88
N GLY PA 104 7.19 147.25 -45.80
CA GLY PA 104 7.59 145.91 -45.48
C GLY PA 104 9.08 145.82 -45.21
N HIS PA 105 9.88 146.48 -46.03
CA HIS PA 105 11.32 146.32 -46.00
C HIS PA 105 12.06 147.45 -45.31
N TYR PA 106 11.47 148.63 -45.11
CA TYR PA 106 12.22 149.73 -44.53
C TYR PA 106 11.66 150.28 -43.22
N THR PA 107 10.37 150.59 -43.13
CA THR PA 107 9.93 151.45 -42.04
C THR PA 107 8.92 150.84 -41.09
N GLU PA 108 8.33 149.71 -41.43
CA GLU PA 108 7.44 149.07 -40.48
C GLU PA 108 7.89 147.67 -40.10
N GLY PA 109 8.40 146.91 -41.05
CA GLY PA 109 8.97 145.62 -40.75
C GLY PA 109 10.37 145.67 -40.21
N ALA PA 110 11.01 146.85 -40.19
CA ALA PA 110 12.33 146.96 -39.63
C ALA PA 110 12.31 146.95 -38.10
N GLU PA 111 11.32 147.59 -37.49
CA GLU PA 111 11.23 147.60 -36.05
C GLU PA 111 10.51 146.39 -35.50
N LEU PA 112 10.25 145.40 -36.35
CA LEU PA 112 9.76 144.11 -35.92
C LEU PA 112 10.81 143.02 -36.11
N ILE PA 113 11.79 143.24 -36.98
CA ILE PA 113 12.71 142.17 -37.34
C ILE PA 113 13.71 141.85 -36.24
N ASP PA 114 13.91 142.77 -35.28
CA ASP PA 114 14.73 142.41 -34.13
C ASP PA 114 14.02 141.41 -33.25
N SER PA 115 12.69 141.41 -33.28
CA SER PA 115 11.93 140.42 -32.54
C SER PA 115 12.02 139.05 -33.23
N VAL PA 116 11.96 139.03 -34.55
CA VAL PA 116 12.04 137.76 -35.28
C VAL PA 116 13.44 137.18 -35.22
N LEU PA 117 14.45 138.03 -35.43
CA LEU PA 117 15.82 137.56 -35.51
C LEU PA 117 16.31 136.98 -34.19
N ASP PA 118 15.73 137.41 -33.08
CA ASP PA 118 16.01 136.77 -31.80
C ASP PA 118 15.46 135.35 -31.78
N VAL PA 119 14.28 135.14 -32.37
CA VAL PA 119 13.67 133.82 -32.30
C VAL PA 119 14.38 132.85 -33.24
N VAL PA 120 14.92 133.35 -34.34
CA VAL PA 120 15.70 132.49 -35.22
C VAL PA 120 16.98 132.04 -34.52
N ARG PA 121 17.69 132.97 -33.91
CA ARG PA 121 18.97 132.66 -33.26
C ARG PA 121 18.78 131.72 -32.08
N LYS PA 122 17.70 131.89 -31.33
CA LYS PA 122 17.40 130.97 -30.25
C LYS PA 122 17.06 129.59 -30.79
N GLU PA 123 16.43 129.51 -31.95
CA GLU PA 123 16.14 128.24 -32.56
C GLU PA 123 17.34 127.69 -33.34
N ALA PA 124 18.14 128.57 -33.93
CA ALA PA 124 19.24 128.11 -34.77
C ALA PA 124 20.41 127.60 -33.95
N GLU PA 125 20.82 128.36 -32.94
CA GLU PA 125 21.97 127.98 -32.14
C GLU PA 125 21.68 126.81 -31.23
N GLY PA 126 20.42 126.40 -31.09
CA GLY PA 126 20.09 125.29 -30.22
C GLY PA 126 20.46 123.94 -30.76
N CYS PA 127 20.90 123.88 -32.01
CA CYS PA 127 21.24 122.63 -32.67
C CYS PA 127 22.73 122.36 -32.55
N ASP PA 128 23.10 121.13 -32.85
CA ASP PA 128 24.52 120.79 -32.95
C ASP PA 128 25.18 121.51 -34.12
N CYS PA 129 24.72 121.23 -35.33
CA CYS PA 129 25.08 121.96 -36.54
C CYS PA 129 23.89 121.84 -37.47
N LEU PA 130 23.32 122.96 -37.88
CA LEU PA 130 22.10 122.93 -38.67
C LEU PA 130 22.42 122.90 -40.16
N GLN PA 131 21.45 122.47 -40.95
CA GLN PA 131 21.66 122.43 -42.39
C GLN PA 131 21.36 123.77 -43.03
N GLY PA 132 20.17 124.30 -42.81
CA GLY PA 132 19.79 125.54 -43.46
C GLY PA 132 18.34 125.88 -43.20
N PHE PA 133 17.92 126.94 -43.87
CA PHE PA 133 16.60 127.52 -43.67
C PHE PA 133 15.78 127.37 -44.94
N GLN PA 134 14.47 127.31 -44.79
CA GLN PA 134 13.59 127.42 -45.94
C GLN PA 134 12.48 128.41 -45.64
N ILE PA 135 12.08 129.16 -46.66
CA ILE PA 135 11.09 130.23 -46.51
C ILE PA 135 9.96 129.97 -47.47
N THR PA 136 8.74 129.96 -46.96
CA THR PA 136 7.55 130.03 -47.77
C THR PA 136 6.95 131.41 -47.59
N HIS PA 137 6.83 132.16 -48.67
CA HIS PA 137 6.34 133.53 -48.59
C HIS PA 137 5.76 133.94 -49.93
N SER PA 138 5.25 135.16 -50.00
CA SER PA 138 4.59 135.67 -51.18
C SER PA 138 5.33 136.90 -51.68
N LEU PA 139 5.60 136.93 -52.99
CA LEU PA 139 6.31 138.04 -53.57
C LEU PA 139 5.38 139.15 -54.03
N GLY PA 140 4.08 138.89 -54.09
CA GLY PA 140 3.12 139.88 -54.54
C GLY PA 140 2.53 140.73 -53.45
N GLY PA 141 2.97 140.57 -52.21
CA GLY PA 141 2.42 141.30 -51.10
C GLY PA 141 3.43 142.18 -50.41
N GLY PA 142 3.03 142.70 -49.26
CA GLY PA 142 3.86 143.61 -48.52
C GLY PA 142 4.72 142.93 -47.48
N THR PA 143 4.11 142.13 -46.62
CA THR PA 143 4.87 141.50 -45.54
C THR PA 143 5.52 140.20 -45.95
N GLY PA 144 5.24 139.68 -47.14
CA GLY PA 144 5.96 138.53 -47.63
C GLY PA 144 7.15 138.95 -48.46
N SER PA 145 6.93 139.81 -49.44
CA SER PA 145 8.02 140.27 -50.27
C SER PA 145 8.89 141.29 -49.58
N GLY PA 146 8.30 142.17 -48.78
CA GLY PA 146 9.08 143.23 -48.20
C GLY PA 146 9.79 142.79 -46.94
N MET PA 147 9.01 142.32 -45.98
CA MET PA 147 9.58 141.98 -44.70
C MET PA 147 10.24 140.61 -44.71
N GLY PA 148 9.73 139.69 -45.53
CA GLY PA 148 10.32 138.37 -45.60
C GLY PA 148 11.70 138.39 -46.24
N THR PA 149 11.90 139.27 -47.22
CA THR PA 149 13.17 139.29 -47.92
C THR PA 149 14.21 140.02 -47.08
N LEU PA 150 13.77 140.81 -46.11
CA LEU PA 150 14.73 141.44 -45.21
C LEU PA 150 15.32 140.40 -44.26
N LEU PA 151 14.51 139.44 -43.82
CA LEU PA 151 15.01 138.39 -42.95
C LEU PA 151 16.09 137.58 -43.65
N ILE PA 152 15.87 137.29 -44.93
CA ILE PA 152 16.89 136.62 -45.75
C ILE PA 152 18.15 137.46 -45.82
N SER PA 153 17.99 138.79 -45.89
CA SER PA 153 19.15 139.67 -45.94
C SER PA 153 19.95 139.62 -44.63
N LYS PA 154 19.26 139.56 -43.49
CA LYS PA 154 19.97 139.53 -42.22
C LYS PA 154 20.64 138.18 -41.99
N VAL PA 155 19.93 137.09 -42.24
CA VAL PA 155 20.46 135.79 -41.84
C VAL PA 155 21.51 135.27 -42.81
N ARG PA 156 21.60 135.81 -44.02
CA ARG PA 156 22.74 135.51 -44.86
C ARG PA 156 23.94 136.38 -44.53
N GLU PA 157 23.77 137.36 -43.65
CA GLU PA 157 24.92 138.06 -43.11
C GLU PA 157 25.42 137.40 -41.83
N GLU PA 158 24.54 136.68 -41.13
CA GLU PA 158 24.92 136.01 -39.90
C GLU PA 158 25.45 134.61 -40.16
N TYR PA 159 24.65 133.77 -40.82
CA TYR PA 159 25.06 132.44 -41.20
C TYR PA 159 25.32 132.43 -42.69
N PRO PA 160 26.54 132.65 -43.14
CA PRO PA 160 26.75 132.92 -44.56
C PRO PA 160 26.83 131.67 -45.42
N ASP PA 161 27.29 130.56 -44.87
CA ASP PA 161 27.58 129.37 -45.66
C ASP PA 161 26.55 128.26 -45.51
N ARG PA 162 25.47 128.49 -44.77
CA ARG PA 162 24.39 127.50 -44.69
C ARG PA 162 23.40 127.73 -45.81
N ILE PA 163 22.71 126.66 -46.19
CA ILE PA 163 21.92 126.67 -47.41
C ILE PA 163 20.65 127.47 -47.19
N MET PA 164 20.24 128.19 -48.22
CA MET PA 164 19.08 129.08 -48.18
C MET PA 164 18.12 128.68 -49.29
N GLU PA 165 17.10 127.91 -48.93
CA GLU PA 165 16.08 127.51 -49.88
C GLU PA 165 14.88 128.42 -49.71
N THR PA 166 14.20 128.75 -50.80
CA THR PA 166 13.03 129.60 -50.74
C THR PA 166 11.93 129.06 -51.63
N PHE PA 167 10.77 128.78 -51.04
CA PHE PA 167 9.57 128.46 -51.80
C PHE PA 167 8.78 129.74 -51.97
N SER PA 168 8.71 130.25 -53.18
CA SER PA 168 8.14 131.55 -53.47
C SER PA 168 6.94 131.41 -54.37
N VAL PA 169 5.93 132.25 -54.16
CA VAL PA 169 4.84 132.39 -55.12
C VAL PA 169 4.99 133.74 -55.82
N PHE PA 170 5.00 133.69 -57.14
CA PHE PA 170 5.21 134.82 -58.01
C PHE PA 170 3.88 135.36 -58.47
N PRO PA 171 3.85 136.55 -59.07
CA PRO PA 171 2.62 137.02 -59.71
C PRO PA 171 2.15 136.10 -60.82
N SER PA 172 0.84 135.93 -60.91
CA SER PA 172 0.23 135.19 -61.99
C SER PA 172 0.41 135.95 -63.31
N PRO PA 173 0.47 135.25 -64.44
CA PRO PA 173 0.66 135.97 -65.71
C PRO PA 173 -0.58 136.69 -66.19
N LYS PA 174 -1.75 136.07 -66.09
CA LYS PA 174 -2.94 136.61 -66.76
C LYS PA 174 -3.76 137.52 -65.85
N VAL PA 175 -4.28 136.98 -64.77
CA VAL PA 175 -5.12 137.75 -63.86
C VAL PA 175 -4.21 138.32 -62.77
N SER PA 176 -4.47 139.57 -62.41
CA SER PA 176 -3.55 140.32 -61.55
C SER PA 176 -4.29 140.76 -60.28
N ASP PA 177 -4.17 139.97 -59.22
CA ASP PA 177 -4.54 140.49 -57.92
C ASP PA 177 -3.46 141.47 -57.46
N THR PA 178 -3.81 142.31 -56.50
CA THR PA 178 -2.85 143.22 -55.84
C THR PA 178 -2.16 144.14 -56.83
N VAL PA 179 -2.87 145.18 -57.29
CA VAL PA 179 -2.57 146.03 -58.45
C VAL PA 179 -1.11 146.42 -58.60
N VAL PA 180 -0.38 146.63 -57.51
CA VAL PA 180 1.07 146.79 -57.59
C VAL PA 180 1.68 145.40 -57.36
N GLU PA 181 1.62 144.58 -58.40
CA GLU PA 181 2.48 143.40 -58.50
C GLU PA 181 3.88 143.74 -58.96
N PRO PA 182 4.10 144.42 -60.10
CA PRO PA 182 5.46 144.50 -60.61
C PRO PA 182 6.40 145.32 -59.75
N TYR PA 183 5.89 146.20 -58.90
CA TYR PA 183 6.79 146.92 -58.01
C TYR PA 183 7.30 146.00 -56.89
N ASN PA 184 6.40 145.24 -56.28
CA ASN PA 184 6.82 144.39 -55.16
C ASN PA 184 7.60 143.19 -55.65
N ALA PA 185 7.28 142.67 -56.83
CA ALA PA 185 7.97 141.49 -57.34
C ALA PA 185 9.39 141.84 -57.78
N THR PA 186 9.56 142.96 -58.47
CA THR PA 186 10.87 143.28 -59.02
C THR PA 186 11.85 143.69 -57.93
N LEU PA 187 11.36 144.45 -56.95
CA LEU PA 187 12.22 144.84 -55.85
C LEU PA 187 12.60 143.65 -54.98
N SER PA 188 11.85 142.56 -55.09
CA SER PA 188 12.16 141.37 -54.32
C SER PA 188 13.17 140.47 -55.01
N VAL PA 189 13.15 140.40 -56.34
CA VAL PA 189 14.06 139.50 -57.06
C VAL PA 189 15.51 139.94 -56.90
N HIS PA 190 15.80 141.24 -57.02
CA HIS PA 190 17.21 141.62 -56.98
C HIS PA 190 17.78 141.53 -55.58
N GLN PA 191 16.90 141.52 -54.57
CA GLN PA 191 17.31 141.37 -53.19
C GLN PA 191 17.20 139.90 -52.81
N LEU PA 192 16.99 139.05 -53.81
CA LEU PA 192 16.92 137.61 -53.62
C LEU PA 192 17.81 136.83 -54.58
N VAL PA 193 18.28 137.44 -55.66
CA VAL PA 193 19.33 136.83 -56.45
C VAL PA 193 20.63 136.81 -55.67
N GLU PA 194 20.88 137.84 -54.87
CA GLU PA 194 22.15 137.91 -54.17
C GLU PA 194 22.13 137.21 -52.83
N ASN PA 195 20.97 136.77 -52.36
CA ASN PA 195 20.85 136.35 -50.98
C ASN PA 195 20.17 135.00 -50.78
N ALA PA 196 19.87 134.27 -51.85
CA ALA PA 196 19.26 132.96 -51.70
C ALA PA 196 20.02 131.94 -52.53
N ASP PA 197 20.17 130.74 -51.97
CA ASP PA 197 20.97 129.72 -52.64
C ASP PA 197 20.19 128.95 -53.70
N GLU PA 198 18.94 128.61 -53.44
CA GLU PA 198 18.08 128.10 -54.50
C GLU PA 198 16.67 128.64 -54.28
N VAL PA 199 16.09 129.16 -55.34
CA VAL PA 199 14.76 129.75 -55.32
C VAL PA 199 13.91 128.96 -56.28
N GLN PA 200 12.71 128.60 -55.85
CA GLN PA 200 11.93 127.66 -56.61
C GLN PA 200 10.46 128.06 -56.58
N VAL PA 201 9.88 128.20 -57.78
CA VAL PA 201 8.87 129.19 -58.10
C VAL PA 201 7.53 128.50 -58.26
N ILE PA 202 6.47 129.13 -57.73
CA ILE PA 202 5.12 128.60 -57.76
C ILE PA 202 4.20 129.71 -58.24
N ASP PA 203 3.25 129.37 -59.11
CA ASP PA 203 2.23 130.31 -59.55
C ASP PA 203 0.88 129.81 -59.09
N ASN PA 204 -0.02 130.74 -58.82
CA ASN PA 204 -1.37 130.32 -58.48
C ASN PA 204 -2.14 129.91 -59.72
N GLU PA 205 -1.89 130.58 -60.84
CA GLU PA 205 -2.62 130.26 -62.06
C GLU PA 205 -2.23 128.89 -62.59
N ALA PA 206 -0.97 128.53 -62.43
CA ALA PA 206 -0.53 127.20 -62.83
C ALA PA 206 -1.19 126.13 -61.98
N LEU PA 207 -1.42 126.42 -60.71
CA LEU PA 207 -2.06 125.44 -59.84
C LEU PA 207 -3.53 125.28 -60.16
N TYR PA 208 -4.22 126.35 -60.55
CA TYR PA 208 -5.62 126.22 -60.97
C TYR PA 208 -5.73 125.37 -62.22
N ASP PA 209 -4.80 125.55 -63.15
CA ASP PA 209 -4.76 124.72 -64.35
C ASP PA 209 -4.51 123.27 -64.00
N ILE PA 210 -3.60 123.00 -63.06
CA ILE PA 210 -3.29 121.63 -62.67
C ILE PA 210 -4.51 120.97 -62.04
N CYS PA 211 -5.15 121.68 -61.12
CA CYS PA 211 -6.29 121.10 -60.41
C CYS PA 211 -7.47 120.90 -61.32
N PHE PA 212 -7.56 121.65 -62.41
CA PHE PA 212 -8.72 121.56 -63.27
C PHE PA 212 -8.54 120.43 -64.28
N ARG PA 213 -7.48 120.48 -65.08
CA ARG PA 213 -7.34 119.57 -66.19
C ARG PA 213 -6.60 118.29 -65.83
N THR PA 214 -6.06 118.16 -64.63
CA THR PA 214 -5.45 116.90 -64.22
C THR PA 214 -6.18 116.24 -63.08
N LEU PA 215 -6.49 116.98 -62.01
CA LEU PA 215 -7.17 116.37 -60.89
C LEU PA 215 -8.69 116.36 -61.04
N LYS PA 216 -9.23 117.23 -61.89
CA LYS PA 216 -10.67 117.38 -62.12
C LYS PA 216 -11.43 117.62 -60.82
N LEU PA 217 -10.82 118.29 -59.86
CA LEU PA 217 -11.55 118.80 -58.72
C LEU PA 217 -12.28 120.05 -59.17
N THR PA 218 -13.61 120.00 -59.18
CA THR PA 218 -14.40 121.06 -59.79
C THR PA 218 -14.38 122.34 -58.99
N THR PA 219 -14.06 122.27 -57.70
CA THR PA 219 -14.08 123.46 -56.83
C THR PA 219 -12.75 123.56 -56.09
N PRO PA 220 -11.71 124.05 -56.76
CA PRO PA 220 -10.42 124.20 -56.08
C PRO PA 220 -10.42 125.30 -55.05
N THR PA 221 -10.45 124.95 -53.77
CA THR PA 221 -10.25 125.93 -52.73
C THR PA 221 -8.75 126.14 -52.52
N TYR PA 222 -8.41 127.15 -51.73
CA TYR PA 222 -7.01 127.45 -51.51
C TYR PA 222 -6.33 126.41 -50.65
N GLY PA 223 -7.10 125.63 -49.90
CA GLY PA 223 -6.52 124.49 -49.21
C GLY PA 223 -6.00 123.44 -50.16
N ASP PA 224 -6.69 123.25 -51.29
CA ASP PA 224 -6.26 122.24 -52.24
C ASP PA 224 -5.06 122.71 -53.05
N LEU PA 225 -4.98 123.99 -53.36
CA LEU PA 225 -3.76 124.52 -53.95
C LEU PA 225 -2.59 124.45 -52.99
N ASN PA 226 -2.83 124.75 -51.72
CA ASN PA 226 -1.74 124.70 -50.75
C ASN PA 226 -1.29 123.26 -50.49
N HIS PA 227 -2.16 122.29 -50.75
CA HIS PA 227 -1.80 120.90 -50.52
C HIS PA 227 -0.92 120.36 -51.65
N LEU PA 228 -1.12 120.85 -52.87
CA LEU PA 228 -0.26 120.44 -53.98
C LEU PA 228 1.13 121.03 -53.84
N VAL PA 229 1.22 122.28 -53.37
CA VAL PA 229 2.52 122.87 -53.08
C VAL PA 229 3.20 122.10 -51.96
N SER PA 230 2.43 121.74 -50.95
CA SER PA 230 2.97 121.06 -49.78
C SER PA 230 3.44 119.66 -50.12
N ALA PA 231 2.84 119.02 -51.12
CA ALA PA 231 3.29 117.69 -51.52
C ALA PA 231 4.69 117.73 -52.11
N ALA PA 232 5.00 118.76 -52.89
CA ALA PA 232 6.33 118.88 -53.46
C ALA PA 232 7.33 119.38 -52.45
N MET PA 233 6.85 120.13 -51.45
CA MET PA 233 7.74 120.64 -50.41
C MET PA 233 8.30 119.51 -49.57
N SER PA 234 7.51 118.45 -49.39
CA SER PA 234 8.03 117.27 -48.71
C SER PA 234 8.98 116.48 -49.59
N GLY PA 235 8.71 116.43 -50.89
CA GLY PA 235 9.49 115.59 -51.78
C GLY PA 235 10.92 116.06 -51.98
N VAL PA 236 11.15 117.37 -51.84
CA VAL PA 236 12.51 117.89 -52.01
C VAL PA 236 13.38 117.45 -50.85
N THR PA 237 12.82 117.38 -49.65
CA THR PA 237 13.57 117.03 -48.45
C THR PA 237 13.26 115.63 -47.97
N CYS PA 238 12.87 114.73 -48.86
CA CYS PA 238 12.50 113.37 -48.45
C CYS PA 238 13.73 112.58 -48.02
N CYS PA 239 14.87 112.80 -48.68
CA CYS PA 239 16.04 111.99 -48.40
C CYS PA 239 16.68 112.32 -47.06
N LEU PA 240 16.42 113.51 -46.50
CA LEU PA 240 16.95 113.80 -45.18
C LEU PA 240 16.27 112.96 -44.12
N ARG PA 241 14.96 112.81 -44.22
CA ARG PA 241 14.17 112.28 -43.12
C ARG PA 241 14.07 110.77 -43.13
N PHE PA 242 14.31 110.14 -44.27
CA PHE PA 242 14.12 108.72 -44.44
C PHE PA 242 15.30 108.10 -45.16
N PRO PA 243 15.56 106.82 -44.96
CA PRO PA 243 16.65 106.16 -45.67
C PRO PA 243 16.29 105.93 -47.13
N GLY PA 244 17.30 105.55 -47.90
CA GLY PA 244 17.05 105.25 -49.30
C GLY PA 244 18.30 104.70 -49.96
N GLN PA 245 18.12 104.29 -51.22
CA GLN PA 245 19.22 103.73 -52.00
C GLN PA 245 20.18 104.80 -52.50
N LEU PA 246 19.73 106.05 -52.62
CA LEU PA 246 20.61 107.12 -53.08
C LEU PA 246 20.13 108.40 -52.42
N ASN PA 247 20.77 108.79 -51.33
CA ASN PA 247 20.37 109.96 -50.60
C ASN PA 247 20.78 111.23 -51.32
N SER PA 248 20.01 112.29 -51.10
CA SER PA 248 20.32 113.59 -51.70
C SER PA 248 19.70 114.67 -50.82
N ASP PA 249 20.53 115.37 -50.08
CA ASP PA 249 20.06 116.46 -49.25
C ASP PA 249 19.88 117.72 -50.10
N LEU PA 250 19.63 118.85 -49.45
CA LEU PA 250 19.40 120.08 -50.20
C LEU PA 250 20.66 120.59 -50.85
N ARG PA 251 21.81 120.46 -50.16
CA ARG PA 251 23.06 120.91 -50.74
C ARG PA 251 23.45 120.04 -51.91
N LYS PA 252 23.08 118.77 -51.87
CA LYS PA 252 23.29 117.87 -52.99
C LYS PA 252 22.50 118.34 -54.21
N LEU PA 253 21.25 118.75 -54.00
CA LEU PA 253 20.42 119.23 -55.09
C LEU PA 253 20.96 120.54 -55.65
N ALA PA 254 21.42 121.43 -54.78
CA ALA PA 254 21.90 122.72 -55.23
C ALA PA 254 23.21 122.60 -55.99
N VAL PA 255 24.15 121.79 -55.48
CA VAL PA 255 25.48 121.72 -56.07
C VAL PA 255 25.44 121.06 -57.43
N ASN PA 256 24.34 120.39 -57.74
CA ASN PA 256 24.34 119.49 -58.86
C ASN PA 256 23.29 119.90 -59.88
N LEU PA 257 22.73 121.11 -59.73
CA LEU PA 257 21.86 121.71 -60.74
C LEU PA 257 22.41 123.03 -61.28
N ILE PA 258 22.71 124.00 -60.43
CA ILE PA 258 23.00 125.36 -60.91
C ILE PA 258 24.47 125.48 -61.27
N PRO PA 259 24.79 125.87 -62.47
CA PRO PA 259 26.20 125.99 -62.85
C PRO PA 259 26.84 127.31 -62.45
N PHE PA 260 26.07 128.39 -62.43
CA PHE PA 260 26.59 129.70 -62.07
C PHE PA 260 25.69 130.32 -61.02
N PRO PA 261 26.25 131.10 -60.09
CA PRO PA 261 25.48 131.46 -58.88
C PRO PA 261 24.42 132.51 -59.12
N ARG PA 262 24.46 133.21 -60.25
CA ARG PA 262 23.47 134.24 -60.54
C ARG PA 262 22.17 133.68 -61.08
N LEU PA 263 22.13 132.39 -61.41
CA LEU PA 263 20.89 131.76 -61.84
C LEU PA 263 20.62 130.56 -60.94
N HIS PA 264 19.56 130.66 -60.16
CA HIS PA 264 19.14 129.57 -59.29
C HIS PA 264 17.63 129.45 -59.20
N PHE PA 265 16.92 129.75 -60.28
CA PHE PA 265 15.47 129.72 -60.27
C PHE PA 265 14.95 128.46 -60.94
N PHE PA 266 14.03 127.78 -60.26
CA PHE PA 266 13.65 126.42 -60.60
C PHE PA 266 12.15 126.33 -60.86
N LEU PA 267 11.78 125.43 -61.76
CA LEU PA 267 10.42 124.95 -61.88
C LEU PA 267 10.26 123.72 -61.00
N ILE PA 268 9.09 123.57 -60.39
CA ILE PA 268 8.81 122.43 -59.52
C ILE PA 268 7.62 121.67 -60.09
N GLY PA 269 7.63 120.36 -59.95
CA GLY PA 269 6.52 119.55 -60.40
C GLY PA 269 6.40 118.28 -59.58
N PHE PA 270 5.20 117.73 -59.56
CA PHE PA 270 4.88 116.53 -58.80
C PHE PA 270 4.16 115.53 -59.69
N ALA PA 271 4.44 114.25 -59.45
CA ALA PA 271 3.76 113.17 -60.15
C ALA PA 271 3.77 111.97 -59.24
N PRO PA 272 2.72 111.14 -59.25
CA PRO PA 272 1.51 111.17 -60.07
C PRO PA 272 0.44 112.09 -59.55
N LEU PA 273 -0.40 112.57 -60.45
CA LEU PA 273 -1.61 113.30 -60.11
C LEU PA 273 -2.74 112.63 -60.84
N THR PA 274 -3.80 112.27 -60.11
CA THR PA 274 -4.89 111.55 -60.72
C THR PA 274 -6.19 111.92 -60.05
N SER PA 275 -7.24 112.09 -60.87
CA SER PA 275 -8.59 112.29 -60.36
C SER PA 275 -9.05 111.07 -59.57
N ARG PA 276 -10.13 111.27 -58.81
CA ARG PA 276 -10.73 110.17 -58.07
C ARG PA 276 -11.28 109.11 -59.01
N GLY PA 277 -11.88 109.54 -60.12
CA GLY PA 277 -12.51 108.62 -61.04
C GLY PA 277 -11.57 107.86 -61.96
N SER PA 278 -10.29 108.20 -61.96
CA SER PA 278 -9.33 107.52 -62.81
C SER PA 278 -8.16 106.93 -62.04
N GLN PA 279 -8.18 106.96 -60.71
CA GLN PA 279 -7.12 106.31 -59.96
C GLN PA 279 -7.26 104.80 -60.05
N GLN PA 280 -8.48 104.32 -60.31
CA GLN PA 280 -8.75 102.91 -60.42
C GLN PA 280 -8.12 102.32 -61.67
N TYR PA 281 -7.76 103.14 -62.65
CA TYR PA 281 -7.37 102.66 -63.96
C TYR PA 281 -5.90 102.80 -64.30
N ARG PA 282 -5.13 103.64 -63.63
CA ARG PA 282 -3.78 103.85 -64.10
C ARG PA 282 -2.84 102.75 -63.66
N ALA PA 283 -1.90 102.43 -64.55
CA ALA PA 283 -0.83 101.50 -64.27
C ALA PA 283 0.34 102.31 -63.75
N LEU PA 284 0.31 102.60 -62.46
CA LEU PA 284 1.31 103.46 -61.85
C LEU PA 284 2.62 102.70 -61.77
N SER PA 285 3.40 102.75 -62.82
CA SER PA 285 4.72 102.14 -62.90
C SER PA 285 5.73 103.24 -63.12
N VAL PA 286 7.00 102.88 -63.12
CA VAL PA 286 8.07 103.89 -63.23
C VAL PA 286 8.05 104.64 -64.55
N PRO PA 287 7.81 104.02 -65.72
CA PRO PA 287 7.67 104.86 -66.93
C PRO PA 287 6.48 105.80 -66.90
N GLU PA 288 5.40 105.46 -66.20
CA GLU PA 288 4.27 106.38 -66.18
C GLU PA 288 4.51 107.55 -65.26
N LEU PA 289 5.41 107.41 -64.29
CA LEU PA 289 5.84 108.57 -63.50
C LEU PA 289 6.57 109.57 -64.38
N THR PA 290 7.52 109.10 -65.18
CA THR PA 290 8.34 110.04 -65.93
C THR PA 290 7.62 110.58 -67.17
N GLN PA 291 6.59 109.91 -67.65
CA GLN PA 291 5.77 110.53 -68.70
C GLN PA 291 4.96 111.69 -68.15
N GLN PA 292 4.42 111.54 -66.95
CA GLN PA 292 3.66 112.63 -66.36
C GLN PA 292 4.57 113.74 -65.87
N MET PA 293 5.78 113.40 -65.43
CA MET PA 293 6.74 114.37 -64.89
C MET PA 293 7.14 115.38 -65.94
N PHE PA 294 7.60 114.91 -67.09
CA PHE PA 294 8.02 115.77 -68.19
C PHE PA 294 6.80 116.11 -69.00
N ASP PA 295 6.10 117.16 -68.58
CA ASP PA 295 4.95 117.63 -69.33
C ASP PA 295 4.74 119.09 -68.96
N ALA PA 296 4.37 119.89 -69.94
CA ALA PA 296 4.04 121.29 -69.66
C ALA PA 296 2.80 121.39 -68.78
N LYS PA 297 1.90 120.43 -68.89
CA LYS PA 297 0.64 120.44 -68.18
C LYS PA 297 0.79 120.21 -66.69
N ASN PA 298 1.96 119.79 -66.23
CA ASN PA 298 2.14 119.37 -64.85
C ASN PA 298 3.03 120.28 -64.05
N MET PA 299 3.70 121.23 -64.67
CA MET PA 299 4.72 121.98 -63.96
C MET PA 299 4.03 123.06 -63.14
N MET PA 300 4.54 123.33 -61.94
CA MET PA 300 3.84 124.23 -61.03
C MET PA 300 4.20 125.69 -61.26
N CYS PA 301 5.06 125.99 -62.20
CA CYS PA 301 5.22 127.34 -62.72
C CYS PA 301 4.58 127.43 -64.10
N ALA PA 302 3.85 128.51 -64.34
CA ALA PA 302 3.18 128.72 -65.62
C ALA PA 302 4.16 129.35 -66.62
N SER PA 303 5.27 128.66 -66.82
CA SER PA 303 6.21 128.96 -67.88
C SER PA 303 6.38 127.68 -68.66
N ASP PA 304 5.90 127.67 -69.91
CA ASP PA 304 5.93 126.54 -70.81
C ASP PA 304 7.37 126.07 -70.98
N PRO PA 305 7.73 124.90 -70.47
CA PRO PA 305 9.14 124.50 -70.45
C PRO PA 305 9.68 124.13 -71.81
N ARG PA 306 8.84 123.85 -72.80
CA ARG PA 306 9.36 123.47 -74.10
C ARG PA 306 9.82 124.67 -74.93
N HIS PA 307 9.59 125.90 -74.46
CA HIS PA 307 10.11 127.06 -75.16
C HIS PA 307 11.59 127.28 -74.93
N GLY PA 308 12.22 126.54 -74.04
CA GLY PA 308 13.61 126.76 -73.72
C GLY PA 308 14.30 125.51 -73.24
N ARG PA 309 15.61 125.57 -73.24
CA ARG PA 309 16.42 124.42 -72.88
C ARG PA 309 16.38 124.18 -71.38
N TYR PA 310 16.13 122.94 -70.98
CA TYR PA 310 16.47 122.53 -69.63
C TYR PA 310 17.97 122.58 -69.47
N LEU PA 311 18.48 123.50 -68.66
CA LEU PA 311 19.90 123.58 -68.41
C LEU PA 311 20.38 122.39 -67.60
N THR PA 312 19.69 122.09 -66.50
CA THR PA 312 19.97 120.94 -65.65
C THR PA 312 18.74 120.69 -64.82
N ALA PA 313 18.36 119.44 -64.64
CA ALA PA 313 17.16 119.14 -63.87
C ALA PA 313 17.38 117.88 -63.05
N SER PA 314 16.61 117.76 -61.97
CA SER PA 314 16.76 116.64 -61.05
C SER PA 314 15.41 116.06 -60.70
N ALA PA 315 15.42 114.79 -60.28
CA ALA PA 315 14.20 114.07 -59.95
C ALA PA 315 14.44 113.23 -58.71
N MET PA 316 13.81 113.62 -57.61
CA MET PA 316 13.95 112.90 -56.35
C MET PA 316 12.82 111.89 -56.27
N PHE PA 317 13.11 110.65 -56.66
CA PHE PA 317 12.09 109.62 -56.60
C PHE PA 317 11.83 109.23 -55.16
N ARG PA 318 10.81 108.40 -54.99
CA ARG PA 318 10.41 107.99 -53.65
C ARG PA 318 9.63 106.70 -53.75
N GLY PA 319 10.07 105.68 -53.02
CA GLY PA 319 9.37 104.41 -52.97
C GLY PA 319 10.27 103.23 -53.23
N ARG PA 320 9.84 102.05 -52.84
CA ARG PA 320 10.60 100.84 -53.16
C ARG PA 320 10.41 100.54 -54.64
N MET PA 321 11.43 100.84 -55.43
CA MET PA 321 11.32 100.79 -56.89
C MET PA 321 12.67 100.41 -57.47
N SER PA 322 12.65 99.97 -58.72
CA SER PA 322 13.82 99.40 -59.36
C SER PA 322 14.70 100.50 -59.91
N THR PA 323 15.96 100.51 -59.49
CA THR PA 323 16.84 101.60 -59.87
C THR PA 323 17.32 101.49 -61.30
N LYS PA 324 16.98 100.43 -62.02
CA LYS PA 324 17.37 100.37 -63.42
C LYS PA 324 16.57 101.37 -64.24
N GLU PA 325 15.24 101.32 -64.19
CA GLU PA 325 14.50 102.33 -64.93
C GLU PA 325 14.25 103.58 -64.12
N VAL PA 326 14.73 103.66 -62.89
CA VAL PA 326 14.94 104.98 -62.34
C VAL PA 326 15.99 105.69 -63.17
N ASP PA 327 16.99 104.95 -63.64
CA ASP PA 327 18.14 105.52 -64.30
C ASP PA 327 18.04 105.41 -65.81
N GLU PA 328 17.51 104.29 -66.33
CA GLU PA 328 17.40 104.15 -67.78
C GLU PA 328 16.32 105.03 -68.37
N GLN PA 329 15.20 105.24 -67.67
CA GLN PA 329 14.17 106.14 -68.18
C GLN PA 329 14.67 107.57 -68.24
N MET PA 330 15.44 108.00 -67.23
CA MET PA 330 16.07 109.31 -67.29
C MET PA 330 17.03 109.41 -68.46
N LEU PA 331 17.69 108.31 -68.81
CA LEU PA 331 18.43 108.29 -70.07
C LEU PA 331 17.47 108.36 -71.24
N ASN PA 332 16.33 107.69 -71.13
CA ASN PA 332 15.40 107.62 -72.25
C ASN PA 332 14.70 108.94 -72.48
N VAL PA 333 14.48 109.72 -71.42
CA VAL PA 333 13.81 111.00 -71.62
C VAL PA 333 14.75 112.03 -72.21
N GLN PA 334 16.06 111.88 -72.03
CA GLN PA 334 16.99 112.80 -72.67
C GLN PA 334 17.11 112.52 -74.16
N ASN PA 335 17.16 111.25 -74.54
CA ASN PA 335 17.53 110.92 -75.90
C ASN PA 335 16.38 111.13 -76.88
N LYS PA 336 15.15 110.83 -76.46
CA LYS PA 336 14.01 110.99 -77.35
C LYS PA 336 13.73 112.45 -77.62
N ASN PA 337 13.51 113.23 -76.56
CA ASN PA 337 13.27 114.66 -76.69
C ASN PA 337 14.56 115.43 -76.44
N SER PA 338 15.50 115.26 -77.37
CA SER PA 338 16.84 115.81 -77.18
C SER PA 338 16.95 117.27 -77.55
N SER PA 339 15.91 117.85 -78.14
CA SER PA 339 15.99 119.27 -78.46
C SER PA 339 15.87 120.14 -77.22
N TYR PA 340 15.35 119.60 -76.13
CA TYR PA 340 15.00 120.42 -74.97
C TYR PA 340 16.08 120.46 -73.91
N PHE PA 341 17.23 119.85 -74.16
CA PHE PA 341 18.33 119.86 -73.21
C PHE PA 341 19.56 120.48 -73.86
N VAL PA 342 20.35 121.15 -73.06
CA VAL PA 342 21.44 121.93 -73.60
C VAL PA 342 22.65 121.03 -73.84
N GLU PA 343 23.51 121.44 -74.77
CA GLU PA 343 24.50 120.54 -75.32
C GLU PA 343 25.75 120.42 -74.47
N TRP PA 344 26.17 121.48 -73.80
CA TRP PA 344 27.48 121.51 -73.17
C TRP PA 344 27.52 120.93 -71.77
N ILE PA 345 26.39 120.51 -71.22
CA ILE PA 345 26.37 119.69 -70.03
C ILE PA 345 25.86 118.32 -70.45
N PRO PA 346 26.68 117.29 -70.45
CA PRO PA 346 26.16 115.95 -70.72
C PRO PA 346 25.33 115.49 -69.55
N ASN PA 347 24.52 114.45 -69.80
CA ASN PA 347 23.70 113.68 -68.86
C ASN PA 347 23.05 114.51 -67.75
N ASN PA 348 22.18 115.44 -68.15
CA ASN PA 348 21.58 116.49 -67.31
C ASN PA 348 20.75 116.03 -66.13
N MET PA 349 20.29 114.79 -66.10
CA MET PA 349 19.43 114.34 -65.03
C MET PA 349 20.22 113.99 -63.78
N LYS PA 350 19.72 114.42 -62.64
CA LYS PA 350 20.08 113.90 -61.35
C LYS PA 350 18.93 113.05 -60.83
N SER PA 351 19.24 111.89 -60.28
CA SER PA 351 18.22 111.06 -59.69
C SER PA 351 18.64 110.62 -58.30
N SER PA 352 17.67 110.46 -57.42
CA SER PA 352 17.93 110.02 -56.06
C SER PA 352 16.71 109.28 -55.57
N VAL PA 353 16.92 108.07 -55.03
CA VAL PA 353 15.83 107.19 -54.67
C VAL PA 353 15.71 107.14 -53.16
N CYS PA 354 14.54 107.52 -52.66
CA CYS PA 354 14.17 107.24 -51.28
C CYS PA 354 13.27 106.02 -51.26
N ASP PA 355 13.07 105.47 -50.06
CA ASP PA 355 12.45 104.17 -49.93
C ASP PA 355 11.02 104.21 -49.40
N ILE PA 356 10.58 105.33 -48.84
CA ILE PA 356 9.34 105.41 -48.10
C ILE PA 356 8.40 106.36 -48.81
N PRO PA 357 7.46 105.85 -49.60
CA PRO PA 357 6.58 106.71 -50.39
C PRO PA 357 5.57 107.41 -49.51
N PRO PA 358 4.95 108.49 -49.98
CA PRO PA 358 3.92 109.16 -49.18
C PRO PA 358 2.69 108.30 -49.05
N LYS PA 359 1.95 108.55 -47.97
CA LYS PA 359 0.92 107.62 -47.53
C LYS PA 359 -0.24 107.57 -48.51
N GLY PA 360 -0.52 106.37 -49.01
CA GLY PA 360 -1.56 106.15 -49.98
C GLY PA 360 -1.06 106.01 -51.40
N LEU PA 361 0.20 106.33 -51.66
CA LEU PA 361 0.80 106.15 -52.97
C LEU PA 361 1.97 105.18 -52.84
N LYS PA 362 2.04 104.23 -53.77
CA LYS PA 362 3.10 103.24 -53.68
C LYS PA 362 4.44 103.79 -54.15
N MET PA 363 4.45 104.75 -55.08
CA MET PA 363 5.67 105.46 -55.43
C MET PA 363 5.32 106.78 -56.10
N SER PA 364 6.22 107.75 -55.94
CA SER PA 364 6.00 109.12 -56.41
C SER PA 364 7.33 109.76 -56.75
N VAL PA 365 7.28 111.04 -57.15
CA VAL PA 365 8.47 111.74 -57.62
C VAL PA 365 8.24 113.23 -57.46
N THR PA 366 9.33 113.99 -57.34
CA THR PA 366 9.28 115.43 -57.39
C THR PA 366 10.38 115.92 -58.31
N PHE PA 367 10.04 116.87 -59.17
CA PHE PA 367 10.91 117.32 -60.24
C PHE PA 367 11.34 118.74 -59.96
N VAL PA 368 12.64 118.96 -59.90
CA VAL PA 368 13.21 120.30 -59.73
C VAL PA 368 14.09 120.57 -60.92
N GLY PA 369 13.77 121.61 -61.68
CA GLY PA 369 14.43 121.83 -62.94
C GLY PA 369 14.86 123.25 -63.21
N ASN PA 370 16.11 123.42 -63.58
CA ASN PA 370 16.66 124.74 -63.88
C ASN PA 370 16.45 124.97 -65.36
N SER PA 371 15.27 125.46 -65.71
CA SER PA 371 14.92 125.70 -67.11
C SER PA 371 15.12 127.16 -67.43
N THR PA 372 15.61 127.42 -68.63
CA THR PA 372 15.81 128.80 -69.05
C THR PA 372 14.54 129.43 -69.60
N ALA PA 373 13.41 128.73 -69.52
CA ALA PA 373 12.11 129.30 -69.80
C ALA PA 373 11.61 130.19 -68.67
N ILE PA 374 12.37 130.31 -67.57
CA ILE PA 374 12.14 131.33 -66.55
C ILE PA 374 12.50 132.72 -67.05
N GLN PA 375 13.22 132.80 -68.18
CA GLN PA 375 13.35 134.06 -68.89
C GLN PA 375 12.00 134.62 -69.31
N GLU PA 376 11.00 133.75 -69.53
CA GLU PA 376 9.70 134.23 -69.96
C GLU PA 376 8.99 135.00 -68.86
N MET PA 377 9.12 134.55 -67.60
CA MET PA 377 8.54 135.31 -66.50
C MET PA 377 9.17 136.67 -66.31
N PHE PA 378 10.48 136.72 -66.20
CA PHE PA 378 11.11 137.97 -65.80
C PHE PA 378 11.04 138.99 -66.93
N LYS PA 379 10.72 138.57 -68.14
CA LYS PA 379 10.40 139.55 -69.17
C LYS PA 379 9.00 140.12 -68.95
N ARG PA 380 8.08 139.28 -68.47
CA ARG PA 380 6.71 139.73 -68.26
C ARG PA 380 6.57 140.60 -67.01
N VAL PA 381 7.34 140.31 -65.97
CA VAL PA 381 7.29 141.16 -64.80
C VAL PA 381 8.00 142.48 -65.06
N SER PA 382 9.11 142.44 -65.80
CA SER PA 382 9.86 143.67 -66.03
C SER PA 382 9.19 144.57 -67.05
N ASP PA 383 8.54 144.02 -68.07
CA ASP PA 383 7.92 144.92 -69.03
C ASP PA 383 6.61 145.49 -68.49
N GLN PA 384 6.04 144.89 -67.45
CA GLN PA 384 5.01 145.57 -66.69
C GLN PA 384 5.60 146.62 -65.77
N PHE PA 385 6.80 146.35 -65.23
CA PHE PA 385 7.48 147.31 -64.37
C PHE PA 385 7.88 148.56 -65.13
N THR PA 386 8.44 148.40 -66.33
CA THR PA 386 8.82 149.56 -67.12
C THR PA 386 7.64 150.21 -67.82
N ALA PA 387 6.50 149.52 -67.90
CA ALA PA 387 5.29 150.19 -68.34
C ALA PA 387 4.73 151.08 -67.24
N MET PA 388 5.06 150.79 -65.99
CA MET PA 388 4.57 151.55 -64.87
C MET PA 388 5.59 152.49 -64.26
N PHE PA 389 6.82 152.49 -64.76
CA PHE PA 389 7.84 153.37 -64.20
C PHE PA 389 8.17 154.55 -65.08
N ARG PA 390 7.87 154.47 -66.38
CA ARG PA 390 8.05 155.63 -67.24
C ARG PA 390 7.01 156.71 -66.95
N ARG PA 391 5.95 156.37 -66.23
CA ARG PA 391 4.92 157.32 -65.82
C ARG PA 391 5.01 157.70 -64.36
N LYS PA 392 6.00 157.17 -63.64
CA LYS PA 392 6.20 157.39 -62.20
C LYS PA 392 4.97 156.99 -61.39
N ALA PA 393 4.23 156.00 -61.88
CA ALA PA 393 2.98 155.62 -61.24
C ALA PA 393 3.24 154.92 -59.92
N PHE PA 394 2.38 155.20 -58.95
CA PHE PA 394 2.38 154.58 -57.63
C PHE PA 394 3.68 154.76 -56.88
N LEU PA 395 4.45 155.81 -57.20
CA LEU PA 395 5.79 155.89 -56.65
C LEU PA 395 5.85 156.55 -55.29
N HIS PA 396 4.91 157.45 -54.97
CA HIS PA 396 4.99 158.19 -53.73
C HIS PA 396 4.72 157.30 -52.52
N TRP PA 397 4.00 156.20 -52.71
CA TRP PA 397 3.89 155.23 -51.64
C TRP PA 397 5.20 154.52 -51.38
N TYR PA 398 6.10 154.51 -52.35
CA TYR PA 398 7.41 153.88 -52.21
C TYR PA 398 8.49 154.89 -51.89
N THR PA 399 8.53 156.03 -52.57
CA THR PA 399 9.56 157.00 -52.28
C THR PA 399 9.20 157.89 -51.09
N GLY PA 400 7.97 157.81 -50.60
CA GLY PA 400 7.61 158.50 -49.40
C GLY PA 400 7.90 157.77 -48.12
N GLU PA 401 8.34 156.52 -48.21
CA GLU PA 401 8.61 155.72 -47.03
C GLU PA 401 10.08 155.42 -46.85
N GLY PA 402 10.96 156.08 -47.59
CA GLY PA 402 12.37 156.07 -47.31
C GLY PA 402 13.27 155.42 -48.33
N MET PA 403 12.84 155.27 -49.57
CA MET PA 403 13.70 154.79 -50.64
C MET PA 403 13.71 155.80 -51.77
N ASP PA 404 14.72 155.71 -52.62
CA ASP PA 404 14.91 156.69 -53.66
C ASP PA 404 14.71 156.00 -55.00
N GLU PA 405 14.71 156.77 -56.08
CA GLU PA 405 14.36 156.23 -57.38
C GLU PA 405 15.47 155.38 -58.01
N MET PA 406 16.72 155.53 -57.61
CA MET PA 406 17.73 154.67 -58.20
C MET PA 406 17.82 153.31 -57.53
N GLU PA 407 17.14 153.09 -56.41
CA GLU PA 407 16.89 151.72 -55.97
C GLU PA 407 15.98 151.01 -56.94
N PHE PA 408 15.01 151.73 -57.51
CA PHE PA 408 14.21 151.17 -58.59
C PHE PA 408 15.04 150.95 -59.84
N THR PA 409 15.98 151.86 -60.12
CA THR PA 409 16.79 151.74 -61.32
C THR PA 409 17.70 150.52 -61.24
N GLU PA 410 18.24 150.24 -60.06
CA GLU PA 410 18.99 149.01 -59.84
C GLU PA 410 18.11 147.78 -59.98
N ALA PA 411 16.85 147.87 -59.56
CA ALA PA 411 15.95 146.73 -59.63
C ALA PA 411 15.69 146.31 -61.07
N GLU PA 412 15.54 147.29 -61.96
CA GLU PA 412 15.42 146.98 -63.37
C GLU PA 412 16.75 146.49 -63.93
N SER PA 413 17.86 147.07 -63.48
CA SER PA 413 19.16 146.72 -64.03
C SER PA 413 19.56 145.31 -63.65
N ASN PA 414 19.28 144.91 -62.41
CA ASN PA 414 19.65 143.57 -61.98
C ASN PA 414 18.76 142.53 -62.64
N MET PA 415 17.47 142.83 -62.78
CA MET PA 415 16.57 141.90 -63.46
C MET PA 415 16.90 141.78 -64.93
N ASN PA 416 17.24 142.90 -65.58
CA ASN PA 416 17.60 142.82 -66.98
C ASN PA 416 18.92 142.07 -67.19
N ASP PA 417 19.83 142.17 -66.22
CA ASP PA 417 21.06 141.39 -66.31
C ASP PA 417 20.79 139.92 -66.07
N LEU PA 418 19.84 139.59 -65.20
CA LEU PA 418 19.50 138.20 -64.96
C LEU PA 418 18.80 137.59 -66.16
N VAL PA 419 18.02 138.38 -66.89
CA VAL PA 419 17.39 137.87 -68.09
C VAL PA 419 18.43 137.64 -69.17
N SER PA 420 19.42 138.54 -69.25
CA SER PA 420 20.41 138.46 -70.30
C SER PA 420 21.32 137.25 -70.14
N GLU PA 421 21.62 136.88 -68.90
CA GLU PA 421 22.50 135.72 -68.69
C GLU PA 421 21.77 134.42 -68.94
N TYR PA 422 20.45 134.39 -68.79
CA TYR PA 422 19.69 133.21 -69.16
C TYR PA 422 19.67 133.05 -70.67
N GLN PA 423 19.77 134.17 -71.39
CA GLN PA 423 19.59 134.13 -72.84
C GLN PA 423 20.84 133.66 -73.56
N GLN PA 424 22.00 133.66 -72.89
CA GLN PA 424 23.21 133.18 -73.54
C GLN PA 424 23.15 131.68 -73.79
N TYR PA 425 22.57 130.93 -72.88
CA TYR PA 425 22.65 129.48 -72.92
C TYR PA 425 21.51 128.85 -73.71
N GLN PA 426 20.58 129.62 -74.23
CA GLN PA 426 19.53 129.07 -75.05
C GLN PA 426 19.87 129.29 -76.50
N MET QA 1 86.44 3.52 -86.08
CA MET QA 1 86.89 2.56 -87.08
C MET QA 1 86.40 2.98 -88.44
N ARG QA 2 86.04 2.01 -89.27
CA ARG QA 2 85.41 2.34 -90.54
C ARG QA 2 83.95 2.66 -90.30
N GLU QA 3 83.40 3.53 -91.15
CA GLU QA 3 82.15 4.20 -90.83
C GLU QA 3 81.60 4.85 -92.07
N VAL QA 4 80.34 5.27 -91.99
CA VAL QA 4 79.74 6.05 -93.06
C VAL QA 4 78.82 7.09 -92.43
N ILE QA 5 78.81 8.28 -93.02
CA ILE QA 5 78.12 9.44 -92.49
C ILE QA 5 76.97 9.79 -93.43
N SER QA 6 75.77 9.87 -92.90
CA SER QA 6 74.57 10.10 -93.71
C SER QA 6 74.08 11.51 -93.52
N ILE QA 7 73.80 12.19 -94.64
CA ILE QA 7 73.24 13.54 -94.63
C ILE QA 7 71.81 13.45 -95.14
N HIS QA 8 70.92 14.19 -94.51
CA HIS QA 8 69.53 14.26 -94.95
C HIS QA 8 69.16 15.72 -95.10
N VAL QA 9 68.95 16.16 -96.32
CA VAL QA 9 68.71 17.56 -96.63
C VAL QA 9 67.42 17.64 -97.42
N GLY QA 10 66.46 18.40 -96.92
CA GLY QA 10 65.14 18.48 -97.51
C GLY QA 10 64.11 17.68 -96.72
N GLN QA 11 62.84 17.95 -97.00
CA GLN QA 11 61.77 17.23 -96.34
C GLN QA 11 61.80 15.76 -96.69
N ALA QA 12 62.04 15.43 -97.97
CA ALA QA 12 62.08 14.05 -98.39
C ALA QA 12 63.23 13.31 -97.74
N GLY QA 13 64.33 14.02 -97.48
CA GLY QA 13 65.43 13.39 -96.79
C GLY QA 13 65.13 13.06 -95.34
N ILE QA 14 64.45 13.97 -94.65
CA ILE QA 14 64.24 13.80 -93.23
C ILE QA 14 63.25 12.67 -92.96
N GLN QA 15 62.18 12.61 -93.74
CA GLN QA 15 61.20 11.56 -93.53
C GLN QA 15 61.76 10.20 -93.91
N ILE QA 16 62.65 10.16 -94.89
CA ILE QA 16 63.41 8.94 -95.14
C ILE QA 16 64.33 8.64 -93.97
N GLY QA 17 64.95 9.69 -93.42
CA GLY QA 17 65.81 9.51 -92.27
C GLY QA 17 65.09 9.01 -91.04
N ASN QA 18 63.83 9.41 -90.87
CA ASN QA 18 63.03 8.81 -89.80
C ASN QA 18 62.78 7.34 -90.09
N ALA QA 19 62.53 7.01 -91.35
CA ALA QA 19 62.28 5.61 -91.69
C ALA QA 19 63.57 4.80 -91.72
N CYS QA 20 64.65 5.40 -92.19
CA CYS QA 20 65.91 4.66 -92.30
C CYS QA 20 66.47 4.35 -90.93
N TRP QA 21 66.39 5.29 -90.01
CA TRP QA 21 67.03 5.10 -88.73
C TRP QA 21 66.16 4.41 -87.71
N GLU QA 22 64.89 4.13 -88.01
CA GLU QA 22 64.17 3.23 -87.13
C GLU QA 22 64.53 1.79 -87.46
N LEU QA 23 64.85 1.53 -88.72
CA LEU QA 23 65.27 0.19 -89.11
C LEU QA 23 66.63 -0.15 -88.55
N PHE QA 24 67.57 0.80 -88.61
CA PHE QA 24 68.90 0.54 -88.10
C PHE QA 24 68.93 0.46 -86.59
N CYS QA 25 67.90 0.95 -85.92
CA CYS QA 25 67.79 0.73 -84.49
C CYS QA 25 67.26 -0.65 -84.20
N LEU QA 26 66.57 -1.27 -85.15
CA LEU QA 26 66.02 -2.58 -84.89
C LEU QA 26 66.90 -3.70 -85.43
N GLU QA 27 67.69 -3.42 -86.46
CA GLU QA 27 68.65 -4.40 -86.94
C GLU QA 27 69.68 -4.72 -85.87
N HIS QA 28 70.14 -3.70 -85.16
CA HIS QA 28 71.07 -3.87 -84.05
C HIS QA 28 70.39 -3.73 -82.69
N GLY QA 29 69.07 -3.63 -82.67
CA GLY QA 29 68.32 -3.75 -81.44
C GLY QA 29 68.59 -2.67 -80.41
N ILE QA 30 68.84 -1.44 -80.85
CA ILE QA 30 69.11 -0.35 -79.93
C ILE QA 30 67.79 0.32 -79.58
N GLN QA 31 67.46 0.36 -78.31
CA GLN QA 31 66.18 0.93 -77.89
C GLN QA 31 66.24 2.45 -78.04
N PRO QA 32 65.08 3.09 -78.31
CA PRO QA 32 65.09 4.50 -78.70
C PRO QA 32 65.52 5.50 -77.65
N ASP QA 33 65.96 5.06 -76.48
CA ASP QA 33 66.73 5.93 -75.62
C ASP QA 33 68.22 5.87 -75.93
N GLY QA 34 68.62 5.04 -76.88
CA GLY QA 34 69.98 5.05 -77.37
C GLY QA 34 70.89 3.97 -76.83
N GLN QA 35 70.39 3.02 -76.06
CA GLN QA 35 71.19 1.89 -75.64
C GLN QA 35 70.49 0.60 -76.00
N MET QA 36 71.17 -0.50 -75.76
CA MET QA 36 70.65 -1.85 -75.94
C MET QA 36 70.44 -2.50 -74.58
N PRO QA 37 69.44 -3.39 -74.45
CA PRO QA 37 69.19 -4.00 -73.15
C PRO QA 37 70.22 -5.07 -72.79
N ASP QA 47 81.09 -5.44 -81.99
CA ASP QA 47 81.48 -4.10 -82.44
C ASP QA 47 81.12 -3.90 -83.90
N ALA QA 48 80.06 -4.57 -84.34
CA ALA QA 48 79.62 -4.47 -85.73
C ALA QA 48 78.66 -3.33 -85.97
N PHE QA 49 78.24 -2.61 -84.93
CA PHE QA 49 77.38 -1.47 -85.11
C PHE QA 49 78.13 -0.15 -85.21
N ASN QA 50 79.47 -0.19 -85.18
CA ASN QA 50 80.23 1.04 -85.24
C ASN QA 50 80.24 1.70 -86.60
N THR QA 51 79.70 1.05 -87.62
CA THR QA 51 79.75 1.62 -88.96
C THR QA 51 78.53 2.46 -89.30
N PHE QA 52 77.51 2.47 -88.47
CA PHE QA 52 76.42 3.42 -88.65
C PHE QA 52 76.13 4.14 -87.35
N PHE QA 53 76.37 3.48 -86.23
CA PHE QA 53 76.14 4.06 -84.93
C PHE QA 53 77.47 4.39 -84.28
N SER QA 54 77.42 5.22 -83.26
CA SER QA 54 78.59 5.53 -82.46
C SER QA 54 78.42 4.94 -81.08
N GLU QA 55 79.43 5.13 -80.24
CA GLU QA 55 79.41 4.68 -78.86
C GLU QA 55 79.70 5.86 -77.97
N THR QA 56 78.94 6.00 -76.89
CA THR QA 56 79.15 7.08 -75.92
C THR QA 56 79.05 6.51 -74.52
N GLY QA 57 80.17 5.99 -74.02
CA GLY QA 57 80.24 5.61 -72.62
C GLY QA 57 79.37 4.41 -72.28
N ALA QA 58 78.56 4.58 -71.24
CA ALA QA 58 77.83 3.48 -70.62
C ALA QA 58 76.67 3.07 -71.51
N GLY QA 59 77.01 2.37 -72.59
CA GLY QA 59 76.02 1.70 -73.41
C GLY QA 59 75.25 2.59 -74.35
N LYS QA 60 75.37 3.90 -74.22
CA LYS QA 60 74.62 4.80 -75.08
C LYS QA 60 75.22 4.82 -76.48
N HIS QA 61 74.37 4.66 -77.49
CA HIS QA 61 74.79 4.72 -78.88
C HIS QA 61 74.08 5.88 -79.56
N VAL QA 62 74.80 6.64 -80.37
CA VAL QA 62 74.27 7.81 -81.05
C VAL QA 62 74.51 7.67 -82.55
N PRO QA 63 73.54 7.97 -83.40
CA PRO QA 63 73.73 7.78 -84.84
C PRO QA 63 74.74 8.75 -85.43
N ARG QA 64 75.35 8.31 -86.53
CA ARG QA 64 76.26 9.13 -87.31
C ARG QA 64 75.52 9.81 -88.46
N CYS QA 65 74.51 10.60 -88.10
CA CYS QA 65 73.69 11.28 -89.10
C CYS QA 65 73.65 12.77 -88.80
N VAL QA 66 73.32 13.53 -89.82
CA VAL QA 66 72.97 14.93 -89.67
C VAL QA 66 71.65 15.18 -90.37
N PHE QA 67 70.76 15.89 -89.70
CA PHE QA 67 69.47 16.27 -90.26
C PHE QA 67 69.48 17.77 -90.51
N LEU QA 68 69.17 18.16 -91.73
CA LEU QA 68 69.37 19.54 -92.17
C LEU QA 68 68.17 19.95 -93.00
N ASP QA 69 67.41 20.93 -92.52
CA ASP QA 69 66.24 21.39 -93.24
C ASP QA 69 65.94 22.82 -92.82
N LEU QA 70 65.29 23.57 -93.70
CA LEU QA 70 65.07 24.97 -93.42
C LEU QA 70 63.79 25.22 -92.66
N GLU QA 71 62.67 24.68 -93.13
CA GLU QA 71 61.42 24.89 -92.43
C GLU QA 71 61.45 24.10 -91.13
N PRO QA 72 61.21 24.74 -89.99
CA PRO QA 72 61.45 24.05 -88.72
C PRO QA 72 60.52 22.90 -88.45
N THR QA 73 59.36 22.86 -89.12
CA THR QA 73 58.27 21.98 -88.70
C THR QA 73 58.59 20.49 -88.82
N VAL QA 74 59.58 20.12 -89.63
CA VAL QA 74 59.92 18.70 -89.75
C VAL QA 74 61.03 18.33 -88.77
N VAL QA 75 61.78 19.29 -88.27
CA VAL QA 75 62.89 18.96 -87.39
C VAL QA 75 62.46 18.96 -85.94
N ASP QA 76 61.64 19.93 -85.52
CA ASP QA 76 61.20 19.97 -84.13
C ASP QA 76 60.26 18.82 -83.84
N GLU QA 77 59.52 18.39 -84.87
CA GLU QA 77 58.68 17.22 -84.74
C GLU QA 77 59.49 15.98 -84.39
N VAL QA 78 60.69 15.86 -84.97
CA VAL QA 78 61.58 14.78 -84.55
C VAL QA 78 62.14 15.07 -83.17
N ARG QA 79 62.36 16.33 -82.86
CA ARG QA 79 62.83 16.69 -81.52
C ARG QA 79 61.78 16.42 -80.46
N THR QA 80 60.50 16.35 -80.84
CA THR QA 80 59.43 16.12 -79.89
C THR QA 80 58.68 14.83 -80.16
N GLY QA 81 59.28 13.89 -80.88
CA GLY QA 81 58.59 12.66 -81.21
C GLY QA 81 58.81 11.54 -80.22
N THR QA 82 59.16 10.36 -80.72
CA THR QA 82 59.48 9.19 -79.90
C THR QA 82 60.98 8.97 -79.80
N TYR QA 83 61.69 9.00 -80.93
CA TYR QA 83 63.14 8.88 -80.92
C TYR QA 83 63.78 10.21 -80.59
N ARG QA 84 63.37 10.84 -79.50
CA ARG QA 84 63.89 12.15 -79.17
C ARG QA 84 65.32 12.10 -78.67
N HIS QA 85 65.66 11.10 -77.88
CA HIS QA 85 66.98 11.02 -77.28
C HIS QA 85 67.90 10.07 -78.01
N LEU QA 86 67.48 9.55 -79.15
CA LEU QA 86 68.39 8.79 -79.99
C LEU QA 86 69.47 9.68 -80.56
N PHE QA 87 69.06 10.79 -81.16
CA PHE QA 87 69.99 11.64 -81.88
C PHE QA 87 70.66 12.65 -80.95
N HIS QA 88 71.78 13.18 -81.43
CA HIS QA 88 72.43 14.28 -80.74
C HIS QA 88 71.53 15.51 -80.80
N PRO QA 89 71.57 16.34 -79.77
CA PRO QA 89 70.76 17.56 -79.80
C PRO QA 89 71.13 18.55 -80.89
N GLU QA 90 72.33 18.47 -81.46
CA GLU QA 90 72.62 19.39 -82.56
C GLU QA 90 73.09 18.67 -83.83
N GLN QA 91 72.70 17.42 -84.00
CA GLN QA 91 72.73 16.85 -85.34
C GLN QA 91 71.44 17.09 -86.09
N LEU QA 92 70.46 17.73 -85.48
CA LEU QA 92 69.27 18.19 -86.15
C LEU QA 92 69.35 19.70 -86.28
N ILE QA 93 69.90 20.17 -87.37
CA ILE QA 93 70.05 21.59 -87.64
C ILE QA 93 68.79 22.06 -88.35
N SER QA 94 68.14 23.07 -87.79
CA SER QA 94 66.90 23.58 -88.34
C SER QA 94 67.03 25.07 -88.61
N GLY QA 95 66.62 25.50 -89.79
CA GLY QA 95 66.72 26.89 -90.14
C GLY QA 95 65.63 27.72 -89.52
N LYS QA 96 65.19 28.74 -90.21
CA LYS QA 96 64.08 29.53 -89.69
C LYS QA 96 62.97 29.74 -90.71
N GLU QA 97 63.31 29.94 -91.97
CA GLU QA 97 62.31 30.12 -93.01
C GLU QA 97 62.60 29.17 -94.15
N ASP QA 98 61.55 28.74 -94.83
CA ASP QA 98 61.68 27.68 -95.82
C ASP QA 98 62.27 28.20 -97.12
N ALA QA 99 62.82 27.26 -97.89
CA ALA QA 99 63.26 27.59 -99.24
C ALA QA 99 62.08 27.82 -100.16
N ALA QA 100 61.11 26.90 -100.12
CA ALA QA 100 59.87 26.97 -100.87
C ALA QA 100 60.14 27.06 -102.37
N ASN QA 101 60.66 25.95 -102.91
CA ASN QA 101 60.68 25.69 -104.35
C ASN QA 101 61.43 26.73 -105.15
N ASN QA 102 62.36 27.42 -104.51
CA ASN QA 102 63.22 28.37 -105.20
C ASN QA 102 64.65 27.88 -105.02
N PHE QA 103 65.28 27.49 -106.12
CA PHE QA 103 66.63 26.98 -106.05
C PHE QA 103 67.61 28.05 -105.63
N ALA QA 104 67.38 29.30 -106.01
CA ALA QA 104 68.33 30.36 -105.70
C ALA QA 104 68.31 30.68 -104.22
N ARG QA 105 67.16 30.59 -103.58
CA ARG QA 105 67.11 30.70 -102.13
C ARG QA 105 67.79 29.52 -101.47
N GLY QA 106 67.86 28.38 -102.15
CA GLY QA 106 68.64 27.28 -101.64
C GLY QA 106 70.13 27.60 -101.59
N HIS QA 107 70.62 28.31 -102.60
CA HIS QA 107 72.03 28.67 -102.63
C HIS QA 107 72.34 29.92 -101.83
N TYR QA 108 71.81 31.06 -102.25
CA TYR QA 108 72.43 32.33 -101.91
C TYR QA 108 71.77 33.07 -100.77
N THR QA 109 70.45 33.11 -100.71
CA THR QA 109 69.77 33.98 -99.75
C THR QA 109 69.89 33.43 -98.33
N ILE QA 110 69.33 32.26 -98.09
CA ILE QA 110 69.25 31.73 -96.74
C ILE QA 110 70.20 30.57 -96.50
N GLY QA 111 70.58 29.82 -97.54
CA GLY QA 111 71.38 28.63 -97.34
C GLY QA 111 72.78 28.90 -96.83
N LYS QA 112 73.31 30.10 -97.08
CA LYS QA 112 74.68 30.40 -96.69
C LYS QA 112 74.84 30.42 -95.18
N GLU QA 113 73.76 30.73 -94.46
CA GLU QA 113 73.84 30.77 -93.01
C GLU QA 113 73.99 29.37 -92.42
N ILE QA 114 73.33 28.39 -93.03
CA ILE QA 114 73.18 27.09 -92.39
C ILE QA 114 74.18 26.05 -92.90
N VAL QA 115 74.81 26.30 -94.06
CA VAL QA 115 75.87 25.42 -94.52
C VAL QA 115 77.04 25.46 -93.55
N ASP QA 116 77.46 26.64 -93.11
CA ASP QA 116 78.64 26.75 -92.28
C ASP QA 116 78.40 26.15 -90.89
N LEU QA 117 77.17 26.19 -90.41
CA LEU QA 117 76.83 25.48 -89.20
C LEU QA 117 76.76 23.98 -89.42
N SER QA 118 76.47 23.56 -90.66
CA SER QA 118 76.35 22.13 -90.93
C SER QA 118 77.72 21.45 -90.98
N LEU QA 119 78.70 22.05 -91.65
CA LEU QA 119 79.99 21.41 -91.79
C LEU QA 119 80.75 21.30 -90.48
N ASP QA 120 80.43 22.14 -89.50
CA ASP QA 120 81.05 21.95 -88.20
C ASP QA 120 80.60 20.64 -87.58
N ARG QA 121 79.38 20.22 -87.90
CA ARG QA 121 78.93 18.93 -87.40
C ARG QA 121 79.59 17.79 -88.14
N ILE QA 122 79.74 17.92 -89.46
CA ILE QA 122 80.33 16.85 -90.26
C ILE QA 122 81.79 16.68 -89.91
N ARG QA 123 82.50 17.79 -89.72
CA ARG QA 123 83.93 17.73 -89.43
C ARG QA 123 84.19 17.06 -88.10
N LYS QA 124 83.34 17.31 -87.12
CA LYS QA 124 83.47 16.60 -85.86
C LYS QA 124 83.13 15.12 -86.02
N LEU QA 125 82.21 14.80 -86.91
CA LEU QA 125 81.85 13.40 -87.12
C LEU QA 125 82.91 12.69 -87.93
N ALA QA 126 83.75 13.42 -88.65
CA ALA QA 126 84.71 12.80 -89.54
C ALA QA 126 86.09 12.66 -88.94
N ASP QA 127 86.42 13.44 -87.92
CA ASP QA 127 87.75 13.40 -87.34
C ASP QA 127 87.89 12.36 -86.25
N ASN QA 128 86.85 11.59 -85.96
CA ASN QA 128 86.98 10.51 -84.99
C ASN QA 128 87.87 9.40 -85.52
N CYS QA 129 87.73 9.06 -86.80
CA CYS QA 129 88.55 8.03 -87.42
C CYS QA 129 88.83 8.41 -88.86
N THR QA 130 89.89 7.86 -89.40
CA THR QA 130 90.04 7.78 -90.83
C THR QA 130 89.32 6.52 -91.31
N GLY QA 131 89.47 6.16 -92.56
CA GLY QA 131 88.70 5.05 -93.06
C GLY QA 131 87.23 5.34 -93.21
N LEU QA 132 86.87 6.62 -93.29
CA LEU QA 132 85.51 7.03 -93.60
C LEU QA 132 85.15 6.51 -94.97
N GLN QA 133 84.25 5.53 -95.00
CA GLN QA 133 83.99 4.78 -96.23
C GLN QA 133 83.31 5.65 -97.27
N GLY QA 134 82.46 6.58 -96.83
CA GLY QA 134 81.78 7.44 -97.77
C GLY QA 134 80.74 8.30 -97.08
N PHE QA 135 79.95 8.98 -97.91
CA PHE QA 135 78.88 9.85 -97.46
C PHE QA 135 77.60 9.49 -98.19
N LEU QA 136 76.65 8.91 -97.48
CA LEU QA 136 75.30 8.85 -98.03
C LEU QA 136 74.60 10.18 -97.85
N MET QA 137 73.67 10.45 -98.77
CA MET QA 137 73.01 11.74 -98.79
C MET QA 137 71.68 11.59 -99.51
N PHE QA 138 70.59 11.83 -98.80
CA PHE QA 138 69.25 11.72 -99.35
C PHE QA 138 68.67 13.10 -99.52
N ASN QA 139 68.03 13.34 -100.65
CA ASN QA 139 67.43 14.65 -100.85
C ASN QA 139 66.28 14.52 -101.84
N ALA QA 140 65.60 15.63 -102.05
CA ALA QA 140 64.58 15.76 -103.08
C ALA QA 140 65.09 16.68 -104.18
N VAL QA 141 64.54 16.50 -105.36
CA VAL QA 141 64.91 17.29 -106.52
C VAL QA 141 63.84 18.30 -106.87
N GLY QA 142 62.57 17.87 -106.89
CA GLY QA 142 61.49 18.78 -107.22
C GLY QA 142 61.26 19.88 -106.22
N GLY QA 143 61.68 19.69 -104.97
CA GLY QA 143 61.51 20.69 -103.95
C GLY QA 143 62.65 21.70 -103.95
N GLY QA 144 62.54 22.66 -103.04
CA GLY QA 144 63.56 23.66 -102.90
C GLY QA 144 64.76 23.25 -102.08
N THR QA 145 64.56 23.02 -100.78
CA THR QA 145 65.70 22.87 -99.88
C THR QA 145 66.39 21.54 -100.04
N GLY QA 146 65.72 20.53 -100.60
CA GLY QA 146 66.41 19.30 -100.92
C GLY QA 146 67.41 19.49 -102.04
N SER QA 147 67.14 20.43 -102.94
CA SER QA 147 67.98 20.65 -104.10
C SER QA 147 69.00 21.76 -103.89
N GLY QA 148 68.54 22.95 -103.51
CA GLY QA 148 69.43 24.09 -103.42
C GLY QA 148 70.46 23.94 -102.32
N LEU QA 149 70.02 23.49 -101.15
CA LEU QA 149 70.94 23.42 -100.02
C LEU QA 149 71.90 22.27 -100.19
N GLY QA 150 71.47 21.21 -100.90
CA GLY QA 150 72.34 20.08 -101.13
C GLY QA 150 73.51 20.41 -102.02
N CYS QA 151 73.30 21.28 -103.01
CA CYS QA 151 74.35 21.61 -103.94
C CYS QA 151 75.51 22.32 -103.26
N LEU QA 152 75.19 23.30 -102.40
CA LEU QA 152 76.24 23.95 -101.64
C LEU QA 152 76.90 22.97 -100.69
N LEU QA 153 76.14 22.01 -100.20
CA LEU QA 153 76.71 21.04 -99.28
C LEU QA 153 77.57 20.05 -100.04
N LEU QA 154 77.16 19.64 -101.23
CA LEU QA 154 78.01 18.77 -102.04
C LEU QA 154 79.24 19.51 -102.54
N GLU QA 155 79.08 20.77 -102.93
CA GLU QA 155 80.22 21.53 -103.45
C GLU QA 155 81.30 21.67 -102.40
N ARG QA 156 80.91 22.00 -101.18
CA ARG QA 156 81.92 22.31 -100.17
C ARG QA 156 82.56 21.05 -99.61
N LEU QA 157 81.79 19.97 -99.47
CA LEU QA 157 82.39 18.72 -99.03
C LEU QA 157 83.26 18.09 -100.12
N SER QA 158 82.99 18.40 -101.38
CA SER QA 158 83.89 17.91 -102.43
C SER QA 158 85.21 18.66 -102.41
N VAL QA 159 85.25 19.83 -101.78
CA VAL QA 159 86.51 20.56 -101.69
C VAL QA 159 87.36 20.00 -100.55
N ASP QA 160 86.76 19.79 -99.39
CA ASP QA 160 87.54 19.37 -98.23
C ASP QA 160 87.83 17.87 -98.29
N TYR QA 161 86.79 17.05 -98.22
CA TYR QA 161 86.95 15.60 -98.23
C TYR QA 161 86.76 15.08 -99.66
N GLY QA 162 87.67 15.52 -100.52
CA GLY QA 162 87.47 15.30 -101.95
C GLY QA 162 87.57 13.86 -102.38
N LYS QA 163 88.52 13.11 -101.80
CA LYS QA 163 88.86 11.81 -102.36
C LYS QA 163 87.78 10.76 -102.11
N LYS QA 164 86.95 10.94 -101.09
CA LYS QA 164 85.98 9.92 -100.71
C LYS QA 164 84.87 9.81 -101.76
N SER QA 165 84.18 8.68 -101.72
CA SER QA 165 83.06 8.43 -102.61
C SER QA 165 81.76 8.87 -101.94
N LYS QA 166 80.89 9.53 -102.70
CA LYS QA 166 79.65 10.06 -102.18
C LYS QA 166 78.47 9.44 -102.91
N LEU QA 167 77.51 8.93 -102.15
CA LEU QA 167 76.32 8.33 -102.69
C LEU QA 167 75.16 9.29 -102.56
N ASN QA 168 74.42 9.47 -103.64
CA ASN QA 168 73.25 10.34 -103.66
C ASN QA 168 72.00 9.49 -103.83
N PHE QA 169 70.87 9.99 -103.34
CA PHE QA 169 69.59 9.31 -103.55
C PHE QA 169 68.54 10.38 -103.84
N CYS QA 170 68.41 10.74 -105.11
CA CYS QA 170 67.56 11.83 -105.54
C CYS QA 170 66.17 11.29 -105.80
N SER QA 171 65.18 11.84 -105.11
CA SER QA 171 63.78 11.50 -105.40
C SER QA 171 63.38 12.26 -106.65
N TRP QA 172 63.73 11.65 -107.78
CA TRP QA 172 63.43 12.23 -109.08
C TRP QA 172 61.92 12.29 -109.28
N PRO QA 173 61.39 13.35 -109.86
CA PRO QA 173 59.94 13.47 -110.00
C PRO QA 173 59.38 12.65 -111.16
N SER QA 174 58.15 12.23 -110.97
CA SER QA 174 57.52 11.27 -111.84
C SER QA 174 57.11 11.91 -113.15
N PRO QA 175 56.90 11.10 -114.19
CA PRO QA 175 56.35 11.64 -115.44
C PRO QA 175 54.94 12.20 -115.31
N GLN QA 176 54.15 11.74 -114.35
CA GLN QA 176 52.76 12.19 -114.27
C GLN QA 176 52.48 12.97 -113.00
N VAL QA 177 52.81 12.46 -111.82
CA VAL QA 177 52.56 13.19 -110.58
C VAL QA 177 53.63 14.26 -110.42
N SER QA 178 53.23 15.48 -110.05
CA SER QA 178 54.18 16.56 -109.85
C SER QA 178 54.22 17.12 -108.44
N THR QA 179 53.07 17.49 -107.88
CA THR QA 179 52.93 18.19 -106.60
C THR QA 179 53.68 19.52 -106.53
N ALA QA 180 54.09 20.08 -107.67
CA ALA QA 180 54.72 21.39 -107.82
C ALA QA 180 54.82 21.68 -109.31
N VAL QA 181 54.76 22.96 -109.68
CA VAL QA 181 54.87 23.30 -111.09
C VAL QA 181 56.23 23.83 -111.44
N VAL QA 182 56.99 24.33 -110.48
CA VAL QA 182 58.32 24.84 -110.76
C VAL QA 182 59.35 23.73 -110.59
N GLU QA 183 58.90 22.50 -110.41
CA GLU QA 183 59.81 21.37 -110.29
C GLU QA 183 60.71 21.08 -111.48
N PRO QA 184 60.39 21.42 -112.75
CA PRO QA 184 61.45 21.28 -113.76
C PRO QA 184 62.59 22.25 -113.57
N TYR QA 185 62.31 23.47 -113.13
CA TYR QA 185 63.37 24.43 -112.83
C TYR QA 185 64.25 23.93 -111.72
N ASN QA 186 63.66 23.37 -110.67
CA ASN QA 186 64.46 22.78 -109.62
C ASN QA 186 65.12 21.50 -110.08
N SER QA 187 64.64 20.90 -111.16
CA SER QA 187 65.22 19.64 -111.61
C SER QA 187 66.53 19.88 -112.33
N VAL QA 188 66.52 20.72 -113.35
CA VAL QA 188 67.73 20.92 -114.13
C VAL QA 188 68.79 21.64 -113.31
N LEU QA 189 68.38 22.58 -112.48
CA LEU QA 189 69.35 23.35 -111.71
C LEU QA 189 70.00 22.49 -110.65
N SER QA 190 69.32 21.44 -110.20
CA SER QA 190 69.99 20.37 -109.49
C SER QA 190 70.88 19.58 -110.43
N THR QA 191 70.40 19.30 -111.63
CA THR QA 191 71.06 18.32 -112.48
C THR QA 191 72.43 18.78 -112.94
N HIS QA 192 72.57 20.05 -113.32
CA HIS QA 192 73.87 20.54 -113.74
C HIS QA 192 74.86 20.53 -112.60
N SER QA 193 74.40 20.77 -111.39
CA SER QA 193 75.29 20.84 -110.25
C SER QA 193 75.27 19.59 -109.39
N LEU QA 194 74.69 18.50 -109.88
CA LEU QA 194 74.96 17.19 -109.30
C LEU QA 194 75.73 16.29 -110.24
N LEU QA 195 75.70 16.57 -111.54
CA LEU QA 195 76.49 15.79 -112.48
C LEU QA 195 77.97 15.96 -112.22
N GLU QA 196 78.40 17.17 -111.88
CA GLU QA 196 79.81 17.38 -111.59
C GLU QA 196 80.20 16.88 -110.22
N HIS QA 197 79.26 16.60 -109.33
CA HIS QA 197 79.62 16.40 -107.94
C HIS QA 197 79.04 15.17 -107.25
N THR QA 198 78.29 14.33 -107.93
CA THR QA 198 77.81 13.07 -107.36
C THR QA 198 78.57 11.92 -107.97
N ASP QA 199 79.08 11.03 -107.11
CA ASP QA 199 79.87 9.91 -107.62
C ASP QA 199 78.96 8.85 -108.19
N VAL QA 200 77.94 8.44 -107.44
CA VAL QA 200 76.89 7.54 -107.92
C VAL QA 200 75.58 8.08 -107.39
N ALA QA 201 74.63 8.30 -108.29
CA ALA QA 201 73.31 8.78 -107.90
C ALA QA 201 72.27 7.79 -108.34
N VAL QA 202 71.38 7.40 -107.43
CA VAL QA 202 70.29 6.48 -107.73
C VAL QA 202 69.00 7.25 -107.63
N MET QA 203 68.30 7.40 -108.75
CA MET QA 203 67.06 8.15 -108.77
C MET QA 203 65.90 7.22 -108.51
N LEU QA 204 65.30 7.35 -107.33
CA LEU QA 204 64.11 6.62 -106.94
C LEU QA 204 62.90 7.48 -107.22
N ASP QA 205 62.04 7.03 -108.12
CA ASP QA 205 60.87 7.78 -108.52
C ASP QA 205 59.67 7.34 -107.71
N ASN QA 206 58.71 8.25 -107.53
CA ASN QA 206 57.56 7.93 -106.69
C ASN QA 206 56.61 6.96 -107.36
N GLU QA 207 56.29 7.16 -108.63
CA GLU QA 207 55.25 6.34 -109.24
C GLU QA 207 55.61 4.88 -109.38
N ALA QA 208 56.89 4.54 -109.43
CA ALA QA 208 57.24 3.13 -109.35
C ALA QA 208 56.98 2.60 -107.96
N ILE QA 209 57.36 3.37 -106.94
CA ILE QA 209 57.06 2.97 -105.57
C ILE QA 209 55.56 3.07 -105.34
N TYR QA 210 54.89 3.95 -106.08
CA TYR QA 210 53.45 4.09 -105.97
C TYR QA 210 52.73 2.83 -106.44
N ASP QA 211 53.07 2.36 -107.62
CA ASP QA 211 52.28 1.27 -108.18
C ASP QA 211 52.80 -0.11 -107.78
N ILE QA 212 54.04 -0.20 -107.27
CA ILE QA 212 54.51 -1.50 -106.79
C ILE QA 212 53.74 -1.88 -105.53
N CYS QA 213 53.21 -0.90 -104.82
CA CYS QA 213 52.30 -1.22 -103.73
C CYS QA 213 50.95 -1.64 -104.27
N ARG QA 214 50.60 -1.21 -105.48
CA ARG QA 214 49.31 -1.57 -106.04
C ARG QA 214 49.30 -2.99 -106.56
N ARG QA 215 50.16 -3.29 -107.54
CA ARG QA 215 50.11 -4.56 -108.22
C ARG QA 215 50.69 -5.71 -107.41
N ASN QA 216 51.46 -5.42 -106.37
CA ASN QA 216 52.20 -6.49 -105.71
C ASN QA 216 51.83 -6.61 -104.24
N LEU QA 217 51.67 -5.50 -103.54
CA LEU QA 217 51.29 -5.54 -102.14
C LEU QA 217 49.79 -5.51 -101.91
N ASP QA 218 49.00 -5.22 -102.95
CA ASP QA 218 47.55 -5.05 -102.85
C ASP QA 218 47.17 -3.98 -101.83
N ILE QA 219 48.01 -2.96 -101.69
CA ILE QA 219 47.70 -1.77 -100.92
C ILE QA 219 47.27 -0.71 -101.92
N GLU QA 220 46.05 -0.20 -101.75
CA GLU QA 220 45.53 0.78 -102.69
C GLU QA 220 45.61 2.20 -102.15
N ARG QA 221 45.57 2.38 -100.83
CA ARG QA 221 45.64 3.70 -100.21
C ARG QA 221 46.80 3.78 -99.23
N PRO QA 222 48.03 3.94 -99.71
CA PRO QA 222 49.16 4.15 -98.81
C PRO QA 222 49.52 5.62 -98.65
N THR QA 223 50.38 5.87 -97.69
CA THR QA 223 50.87 7.21 -97.39
C THR QA 223 52.39 7.23 -97.50
N TYR QA 224 52.94 8.43 -97.32
CA TYR QA 224 54.36 8.64 -97.60
C TYR QA 224 55.26 7.88 -96.66
N THR QA 225 54.84 7.66 -95.42
CA THR QA 225 55.72 6.93 -94.51
C THR QA 225 55.74 5.44 -94.83
N ASN QA 226 54.68 4.89 -95.41
CA ASN QA 226 54.78 3.53 -95.89
C ASN QA 226 55.54 3.45 -97.20
N LEU QA 227 55.61 4.53 -97.95
CA LEU QA 227 56.49 4.59 -99.11
C LEU QA 227 57.95 4.51 -98.67
N ASN QA 228 58.24 5.13 -97.54
CA ASN QA 228 59.61 5.22 -97.08
C ASN QA 228 60.09 3.96 -96.40
N ARG QA 229 59.19 3.05 -96.07
CA ARG QA 229 59.63 1.77 -95.53
C ARG QA 229 60.34 0.95 -96.60
N LEU QA 230 59.86 0.99 -97.83
CA LEU QA 230 60.54 0.30 -98.92
C LEU QA 230 61.91 0.91 -99.18
N ILE QA 231 62.02 2.23 -99.10
CA ILE QA 231 63.32 2.88 -99.26
C ILE QA 231 64.25 2.49 -98.12
N ALA QA 232 63.70 2.29 -96.92
CA ALA QA 232 64.52 1.81 -95.82
C ALA QA 232 65.06 0.41 -96.11
N GLN QA 233 64.34 -0.37 -96.92
CA GLN QA 233 64.81 -1.70 -97.24
C GLN QA 233 66.00 -1.66 -98.18
N VAL QA 234 65.94 -0.81 -99.21
CA VAL QA 234 67.01 -0.80 -100.19
C VAL QA 234 68.29 -0.22 -99.60
N ILE QA 235 68.17 0.74 -98.68
CA ILE QA 235 69.36 1.35 -98.12
C ILE QA 235 70.01 0.40 -97.12
N SER QA 236 69.20 -0.29 -96.34
CA SER QA 236 69.74 -1.29 -95.41
C SER QA 236 70.39 -2.43 -96.16
N SER QA 237 69.75 -2.88 -97.25
CA SER QA 237 70.33 -3.96 -98.04
C SER QA 237 71.62 -3.55 -98.72
N LEU QA 238 71.74 -2.27 -99.06
CA LEU QA 238 72.94 -1.79 -99.73
C LEU QA 238 74.15 -1.85 -98.84
N THR QA 239 74.02 -1.43 -97.59
CA THR QA 239 75.13 -1.30 -96.68
C THR QA 239 75.20 -2.41 -95.65
N ALA QA 240 74.37 -3.44 -95.77
CA ALA QA 240 74.43 -4.52 -94.79
C ALA QA 240 75.71 -5.32 -94.93
N SER QA 241 76.27 -5.36 -96.13
CA SER QA 241 77.44 -6.19 -96.38
C SER QA 241 78.63 -5.69 -95.60
N LEU QA 242 78.78 -4.38 -95.50
CA LEU QA 242 79.80 -3.84 -94.61
C LEU QA 242 79.38 -3.91 -93.16
N ARG QA 243 78.08 -4.04 -92.91
CA ARG QA 243 77.63 -4.13 -91.53
C ARG QA 243 77.85 -5.51 -90.96
N PHE QA 244 77.56 -6.55 -91.74
CA PHE QA 244 77.48 -7.91 -91.26
C PHE QA 244 78.36 -8.81 -92.10
N ASP QA 245 78.88 -9.87 -91.47
CA ASP QA 245 79.72 -10.82 -92.18
C ASP QA 245 78.90 -11.66 -93.14
N GLY QA 246 79.54 -12.11 -94.22
CA GLY QA 246 78.82 -12.87 -95.23
C GLY QA 246 79.76 -13.67 -96.09
N ALA QA 247 79.17 -14.39 -97.04
CA ALA QA 247 79.95 -15.25 -97.92
C ALA QA 247 80.75 -14.44 -98.94
N LEU QA 248 80.12 -13.44 -99.56
CA LEU QA 248 80.81 -12.58 -100.51
C LEU QA 248 80.28 -11.17 -100.29
N ASN QA 249 81.10 -10.33 -99.69
CA ASN QA 249 80.67 -9.02 -99.22
C ASN QA 249 81.22 -7.91 -100.12
N VAL QA 250 80.72 -6.69 -99.88
CA VAL QA 250 81.07 -5.55 -100.71
C VAL QA 250 80.93 -4.29 -99.86
N ASP QA 251 81.75 -3.29 -100.16
CA ASP QA 251 81.62 -1.95 -99.60
C ASP QA 251 81.19 -0.99 -100.71
N VAL QA 252 81.15 0.30 -100.40
CA VAL QA 252 80.63 1.22 -101.39
C VAL QA 252 81.70 1.74 -102.33
N THR QA 253 82.98 1.51 -102.03
CA THR QA 253 84.01 1.88 -103.00
C THR QA 253 83.91 1.03 -104.25
N GLU QA 254 83.73 -0.28 -104.08
CA GLU QA 254 83.64 -1.13 -105.25
C GLU QA 254 82.26 -1.04 -105.91
N PHE QA 255 81.31 -0.30 -105.33
CA PHE QA 255 80.17 0.15 -106.10
C PHE QA 255 80.57 1.17 -107.15
N GLN QA 256 81.48 2.08 -106.80
CA GLN QA 256 81.90 3.10 -107.75
C GLN QA 256 82.66 2.47 -108.90
N THR QA 257 83.81 1.86 -108.60
CA THR QA 257 84.76 1.41 -109.63
C THR QA 257 84.21 0.29 -110.50
N ASN QA 258 83.08 -0.30 -110.14
CA ASN QA 258 82.48 -1.35 -110.93
C ASN QA 258 81.27 -0.87 -111.70
N LEU QA 259 80.57 0.15 -111.20
CA LEU QA 259 79.34 0.59 -111.84
C LEU QA 259 79.42 1.98 -112.47
N VAL QA 260 80.61 2.52 -112.67
CA VAL QA 260 80.69 3.72 -113.50
C VAL QA 260 81.62 3.47 -114.68
N PRO QA 261 81.09 3.32 -115.87
CA PRO QA 261 81.94 3.23 -117.05
C PRO QA 261 82.69 4.53 -117.35
N TYR QA 262 82.00 5.64 -117.33
CA TYR QA 262 82.61 6.92 -117.64
C TYR QA 262 82.16 7.96 -116.62
N PRO QA 263 82.95 9.01 -116.40
CA PRO QA 263 82.60 9.97 -115.34
C PRO QA 263 81.28 10.68 -115.52
N ARG QA 264 80.84 10.93 -116.76
CA ARG QA 264 79.56 11.60 -116.92
C ARG QA 264 78.40 10.67 -116.61
N ILE QA 265 78.47 9.42 -117.06
CA ILE QA 265 77.42 8.45 -116.81
C ILE QA 265 77.61 7.84 -115.41
N HIS QA 266 76.86 8.36 -114.45
CA HIS QA 266 76.81 7.74 -113.13
C HIS QA 266 75.40 7.78 -112.54
N PHE QA 267 74.41 7.39 -113.32
CA PHE QA 267 73.02 7.36 -112.88
C PHE QA 267 72.49 5.94 -112.88
N MET QA 268 71.47 5.70 -112.07
CA MET QA 268 71.08 4.35 -111.68
C MET QA 268 69.58 4.12 -111.84
N LEU QA 269 69.20 2.84 -111.76
CA LEU QA 269 67.82 2.39 -111.64
C LEU QA 269 67.83 1.16 -110.75
N SER QA 270 66.98 1.14 -109.72
CA SER QA 270 67.16 0.19 -108.64
C SER QA 270 65.93 -0.67 -108.45
N SER QA 271 66.08 -1.74 -107.67
CA SER QA 271 64.96 -2.62 -107.35
C SER QA 271 65.27 -3.39 -106.07
N TYR QA 272 64.23 -3.99 -105.52
CA TYR QA 272 64.30 -4.77 -104.30
C TYR QA 272 63.33 -5.92 -104.45
N ALA QA 273 63.71 -7.07 -103.96
CA ALA QA 273 62.88 -8.26 -104.09
C ALA QA 273 63.34 -9.27 -103.07
N PRO QA 274 62.44 -10.07 -102.49
CA PRO QA 274 60.99 -10.03 -102.70
C PRO QA 274 60.30 -8.99 -101.83
N ILE QA 275 59.42 -8.24 -102.48
CA ILE QA 275 58.58 -7.25 -101.83
C ILE QA 275 57.14 -7.76 -101.85
N ILE QA 276 56.75 -8.47 -100.80
CA ILE QA 276 55.52 -9.24 -100.82
C ILE QA 276 54.85 -9.19 -99.46
N SER QA 277 53.52 -9.12 -99.46
CA SER QA 277 52.74 -8.97 -98.25
C SER QA 277 52.79 -10.24 -97.42
N ALA QA 278 52.36 -10.12 -96.16
CA ALA QA 278 52.57 -11.18 -95.18
C ALA QA 278 51.68 -12.40 -95.41
N GLU QA 279 50.81 -12.36 -96.40
CA GLU QA 279 49.81 -13.40 -96.59
C GLU QA 279 49.86 -14.03 -97.96
N LYS QA 280 50.21 -13.28 -98.98
CA LYS QA 280 50.61 -13.87 -100.24
C LYS QA 280 51.94 -14.61 -100.12
N ALA QA 281 52.75 -14.28 -99.11
CA ALA QA 281 54.14 -14.73 -99.09
C ALA QA 281 54.26 -16.18 -98.65
N TYR QA 282 53.92 -16.48 -97.39
CA TYR QA 282 54.25 -17.78 -96.84
C TYR QA 282 53.47 -18.90 -97.53
N HIS QA 283 52.38 -18.58 -98.20
CA HIS QA 283 51.77 -19.53 -99.11
C HIS QA 283 52.65 -19.87 -100.29
N GLU QA 284 53.71 -19.11 -100.54
CA GLU QA 284 54.59 -19.34 -101.68
C GLU QA 284 56.00 -19.65 -101.20
N GLN QA 285 56.60 -20.69 -101.79
CA GLN QA 285 58.01 -20.97 -101.52
C GLN QA 285 58.85 -19.96 -102.27
N LEU QA 286 59.68 -19.22 -101.54
CA LEU QA 286 60.49 -18.16 -102.12
C LEU QA 286 61.84 -18.76 -102.47
N SER QA 287 62.07 -18.96 -103.76
CA SER QA 287 63.31 -19.59 -104.22
C SER QA 287 64.17 -18.55 -104.91
N VAL QA 288 65.48 -18.75 -104.80
CA VAL QA 288 66.44 -17.78 -105.30
C VAL QA 288 66.38 -17.67 -106.82
N ALA QA 289 65.91 -18.72 -107.50
CA ALA QA 289 65.75 -18.63 -108.95
C ALA QA 289 64.64 -17.66 -109.31
N GLU QA 290 63.50 -17.74 -108.63
CA GLU QA 290 62.36 -16.94 -109.05
C GLU QA 290 62.40 -15.52 -108.50
N ILE QA 291 63.13 -15.28 -107.40
CA ILE QA 291 63.29 -13.90 -106.97
C ILE QA 291 64.31 -13.20 -107.84
N THR QA 292 65.18 -13.94 -108.52
CA THR QA 292 66.08 -13.34 -109.47
C THR QA 292 65.35 -13.00 -110.77
N ASN QA 293 64.42 -13.84 -111.19
CA ASN QA 293 63.57 -13.48 -112.32
C ASN QA 293 62.66 -12.31 -111.96
N SER QA 294 62.30 -12.19 -110.69
CA SER QA 294 61.49 -11.07 -110.27
C SER QA 294 62.31 -9.79 -110.17
N ALA QA 295 63.62 -9.90 -110.08
CA ALA QA 295 64.45 -8.71 -109.89
C ALA QA 295 64.51 -7.87 -111.16
N PHE QA 296 64.77 -8.51 -112.30
CA PHE QA 296 64.91 -7.78 -113.55
C PHE QA 296 63.60 -7.51 -114.26
N GLU QA 297 62.48 -8.03 -113.76
CA GLU QA 297 61.24 -7.76 -114.46
C GLU QA 297 60.84 -6.31 -114.20
N PRO QA 298 60.42 -5.58 -115.23
CA PRO QA 298 60.29 -4.12 -115.12
C PRO QA 298 59.24 -3.66 -114.14
N ALA QA 299 58.25 -4.48 -113.83
CA ALA QA 299 57.25 -4.04 -112.87
C ALA QA 299 57.78 -4.04 -111.45
N SER QA 300 58.94 -4.65 -111.21
CA SER QA 300 59.64 -4.51 -109.94
C SER QA 300 60.70 -3.42 -110.00
N MET QA 301 60.73 -2.63 -111.06
CA MET QA 301 61.69 -1.55 -111.15
C MET QA 301 61.27 -0.48 -110.15
N MET QA 302 62.20 0.36 -109.73
CA MET QA 302 61.83 1.40 -108.79
C MET QA 302 62.14 2.80 -109.30
N ALA QA 303 61.94 3.04 -110.60
CA ALA QA 303 61.93 4.41 -111.08
C ALA QA 303 60.96 4.69 -112.22
N LYS QA 304 60.11 3.73 -112.61
CA LYS QA 304 59.12 3.87 -113.68
C LYS QA 304 59.80 4.21 -115.01
N CYS QA 305 60.76 3.38 -115.37
CA CYS QA 305 61.61 3.59 -116.53
C CYS QA 305 61.61 2.31 -117.33
N ASP QA 306 61.17 2.39 -118.58
CA ASP QA 306 61.05 1.19 -119.38
C ASP QA 306 62.43 0.68 -119.76
N PRO QA 307 62.78 -0.56 -119.42
CA PRO QA 307 64.09 -1.10 -119.80
C PRO QA 307 64.12 -1.73 -121.17
N ARG QA 308 62.99 -1.77 -121.88
CA ARG QA 308 62.98 -2.40 -123.20
C ARG QA 308 63.76 -1.58 -124.21
N HIS QA 309 63.58 -0.26 -124.20
CA HIS QA 309 64.22 0.58 -125.20
C HIS QA 309 65.56 1.15 -124.73
N GLY QA 310 66.23 0.46 -123.80
CA GLY QA 310 67.56 0.81 -123.38
C GLY QA 310 68.42 -0.42 -123.30
N LYS QA 311 69.69 -0.22 -122.95
CA LYS QA 311 70.62 -1.32 -122.76
C LYS QA 311 71.25 -1.24 -121.38
N TYR QA 312 71.31 -2.37 -120.69
CA TYR QA 312 71.90 -2.44 -119.35
C TYR QA 312 73.40 -2.35 -119.46
N MET QA 313 73.99 -1.22 -119.06
CA MET QA 313 75.44 -1.09 -119.12
C MET QA 313 76.12 -1.98 -118.09
N ALA QA 314 75.59 -2.02 -116.87
CA ALA QA 314 76.17 -2.80 -115.79
C ALA QA 314 75.06 -3.14 -114.80
N CYS QA 315 75.23 -4.25 -114.09
CA CYS QA 315 74.28 -4.66 -113.07
C CYS QA 315 75.03 -5.12 -111.82
N CYS QA 316 74.40 -4.93 -110.67
CA CYS QA 316 74.96 -5.31 -109.39
C CYS QA 316 73.83 -5.85 -108.52
N LEU QA 317 73.92 -7.10 -108.12
CA LEU QA 317 72.84 -7.80 -107.46
C LEU QA 317 73.29 -8.21 -106.07
N MET QA 318 72.76 -7.55 -105.06
CA MET QA 318 73.16 -7.80 -103.68
C MET QA 318 72.11 -8.70 -103.03
N TYR QA 319 72.52 -9.87 -102.59
CA TYR QA 319 71.65 -10.84 -101.97
C TYR QA 319 71.88 -10.84 -100.46
N ARG QA 320 70.81 -11.06 -99.71
CA ARG QA 320 70.93 -11.31 -98.28
C ARG QA 320 70.19 -12.60 -97.95
N GLY QA 321 70.55 -13.22 -96.83
CA GLY QA 321 69.82 -14.35 -96.32
C GLY QA 321 70.57 -15.66 -96.54
N ASP QA 322 69.80 -16.73 -96.64
CA ASP QA 322 70.34 -18.10 -96.64
C ASP QA 322 70.69 -18.63 -98.03
N VAL QA 323 71.39 -17.81 -98.81
CA VAL QA 323 71.71 -18.12 -100.18
C VAL QA 323 73.13 -18.67 -100.25
N VAL QA 324 73.26 -19.98 -100.44
CA VAL QA 324 74.58 -20.59 -100.67
C VAL QA 324 75.06 -20.20 -102.07
N PRO QA 325 76.30 -19.74 -102.23
CA PRO QA 325 76.64 -18.98 -103.44
C PRO QA 325 76.81 -19.76 -104.74
N LYS QA 326 76.38 -21.01 -104.79
CA LYS QA 326 76.34 -21.69 -106.09
C LYS QA 326 75.04 -21.48 -106.84
N ASP QA 327 73.91 -21.39 -106.15
CA ASP QA 327 72.66 -21.23 -106.86
C ASP QA 327 72.50 -19.84 -107.46
N VAL QA 328 73.18 -18.85 -106.89
CA VAL QA 328 73.16 -17.52 -107.48
C VAL QA 328 73.89 -17.54 -108.82
N ASN QA 329 74.91 -18.37 -108.96
CA ASN QA 329 75.65 -18.43 -110.20
C ASN QA 329 74.83 -19.13 -111.28
N ALA QA 330 74.08 -20.16 -110.91
CA ALA QA 330 73.22 -20.84 -111.87
C ALA QA 330 72.05 -19.95 -112.28
N ALA QA 331 71.49 -19.21 -111.33
CA ALA QA 331 70.34 -18.38 -111.63
C ALA QA 331 70.69 -17.24 -112.56
N VAL QA 332 71.83 -16.59 -112.33
CA VAL QA 332 72.22 -15.47 -113.18
C VAL QA 332 72.67 -15.98 -114.55
N ALA QA 333 73.06 -17.25 -114.64
CA ALA QA 333 73.43 -17.80 -115.93
C ALA QA 333 72.23 -17.88 -116.85
N THR QA 334 71.06 -18.28 -116.32
CA THR QA 334 69.85 -18.31 -117.11
C THR QA 334 69.45 -16.90 -117.53
N ILE QA 335 69.78 -15.92 -116.70
CA ILE QA 335 69.53 -14.52 -117.06
C ILE QA 335 70.38 -14.14 -118.25
N LYS QA 336 71.63 -14.59 -118.29
CA LYS QA 336 72.48 -14.35 -119.45
C LYS QA 336 71.92 -15.03 -120.70
N THR QA 337 71.30 -16.20 -120.53
CA THR QA 337 70.69 -16.87 -121.67
C THR QA 337 69.41 -16.18 -122.11
N LYS QA 338 68.75 -15.47 -121.20
CA LYS QA 338 67.48 -14.85 -121.52
C LYS QA 338 67.72 -13.66 -122.44
N ARG QA 339 66.92 -13.54 -123.48
CA ARG QA 339 67.15 -12.55 -124.54
C ARG QA 339 66.16 -11.38 -124.47
N THR QA 340 65.82 -10.94 -123.27
CA THR QA 340 65.08 -9.69 -123.10
C THR QA 340 65.77 -8.77 -122.12
N ILE QA 341 66.98 -9.09 -121.69
CA ILE QA 341 67.78 -8.22 -120.86
C ILE QA 341 69.09 -8.04 -121.61
N GLN QA 342 69.15 -7.03 -122.47
CA GLN QA 342 70.22 -6.90 -123.44
C GLN QA 342 71.34 -6.05 -122.85
N PHE QA 343 72.57 -6.53 -122.98
CA PHE QA 343 73.71 -5.83 -122.43
C PHE QA 343 74.32 -4.95 -123.51
N VAL QA 344 75.47 -4.36 -123.23
CA VAL QA 344 76.18 -3.59 -124.22
C VAL QA 344 77.37 -4.41 -124.68
N ASP QA 345 77.75 -4.21 -125.94
CA ASP QA 345 78.75 -5.06 -126.57
C ASP QA 345 80.12 -4.90 -125.93
N TRP QA 346 80.43 -3.73 -125.39
CA TRP QA 346 81.78 -3.51 -124.87
C TRP QA 346 81.91 -3.85 -123.38
N CYS QA 347 80.88 -4.44 -122.77
CA CYS QA 347 80.97 -4.91 -121.39
C CYS QA 347 80.37 -6.31 -121.30
N PRO QA 348 81.16 -7.35 -121.60
CA PRO QA 348 80.62 -8.71 -121.55
C PRO QA 348 80.31 -9.20 -120.16
N THR QA 349 81.18 -8.91 -119.20
CA THR QA 349 80.92 -9.31 -117.82
C THR QA 349 79.78 -8.47 -117.27
N GLY QA 350 78.64 -9.10 -117.03
CA GLY QA 350 77.44 -8.32 -116.87
C GLY QA 350 77.00 -8.00 -115.46
N PHE QA 351 77.55 -8.68 -114.46
CA PHE QA 351 76.97 -8.61 -113.14
C PHE QA 351 78.06 -8.55 -112.09
N LYS QA 352 77.68 -8.12 -110.89
CA LYS QA 352 78.47 -8.36 -109.70
C LYS QA 352 77.55 -8.93 -108.64
N CYS QA 353 77.96 -10.04 -108.04
CA CYS QA 353 77.13 -10.73 -107.08
C CYS QA 353 77.76 -10.64 -105.70
N GLY QA 354 76.92 -10.37 -104.71
CA GLY QA 354 77.36 -10.37 -103.34
C GLY QA 354 76.26 -10.93 -102.46
N ILE QA 355 76.67 -11.70 -101.46
CA ILE QA 355 75.75 -12.42 -100.60
C ILE QA 355 76.10 -12.16 -99.16
N ASN QA 356 75.10 -11.82 -98.35
CA ASN QA 356 75.29 -11.56 -96.93
C ASN QA 356 74.39 -12.52 -96.16
N TYR QA 357 74.72 -12.73 -94.88
CA TYR QA 357 74.09 -13.80 -94.11
C TYR QA 357 72.77 -13.37 -93.48
N GLN QA 358 72.77 -12.25 -92.78
CA GLN QA 358 71.68 -11.92 -91.85
C GLN QA 358 70.41 -11.55 -92.62
N PRO QA 359 69.31 -12.26 -92.39
CA PRO QA 359 68.10 -11.99 -93.16
C PRO QA 359 67.48 -10.68 -92.75
N PRO QA 360 66.76 -10.01 -93.65
CA PRO QA 360 66.32 -8.63 -93.38
C PRO QA 360 65.30 -8.55 -92.26
N THR QA 361 65.67 -7.88 -91.18
CA THR QA 361 64.80 -7.81 -90.01
C THR QA 361 63.65 -6.87 -90.33
N VAL QA 362 62.46 -7.42 -90.44
CA VAL QA 362 61.30 -6.67 -90.89
C VAL QA 362 60.85 -5.70 -89.80
N VAL QA 363 60.61 -4.46 -90.20
CA VAL QA 363 60.00 -3.53 -89.26
C VAL QA 363 58.59 -4.01 -88.95
N PRO QA 364 58.20 -4.06 -87.69
CA PRO QA 364 56.84 -4.49 -87.35
C PRO QA 364 55.80 -3.53 -87.90
N GLY QA 365 54.64 -4.08 -88.23
CA GLY QA 365 53.56 -3.26 -88.71
C GLY QA 365 53.71 -2.81 -90.14
N GLY QA 366 54.76 -3.23 -90.83
CA GLY QA 366 54.96 -2.86 -92.21
C GLY QA 366 54.13 -3.71 -93.13
N ASP QA 367 54.58 -3.85 -94.36
CA ASP QA 367 53.92 -4.68 -95.34
C ASP QA 367 54.79 -5.82 -95.88
N LEU QA 368 55.87 -6.19 -95.21
CA LEU QA 368 56.65 -7.32 -95.66
C LEU QA 368 56.35 -8.55 -94.80
N ALA QA 369 56.86 -9.70 -95.23
CA ALA QA 369 56.91 -10.90 -94.41
C ALA QA 369 58.35 -11.13 -93.94
N LYS QA 370 58.54 -12.05 -92.99
CA LYS QA 370 59.90 -12.50 -92.72
C LYS QA 370 60.35 -13.33 -93.90
N VAL QA 371 61.27 -12.79 -94.67
CA VAL QA 371 61.84 -13.49 -95.80
C VAL QA 371 63.23 -13.96 -95.39
N MET QA 372 63.55 -15.19 -95.75
CA MET QA 372 64.89 -15.69 -95.54
C MET QA 372 65.83 -15.34 -96.67
N ARG QA 373 65.39 -14.53 -97.63
CA ARG QA 373 66.24 -14.11 -98.74
C ARG QA 373 65.73 -12.79 -99.29
N ALA QA 374 66.64 -11.99 -99.84
CA ALA QA 374 66.29 -10.72 -100.41
C ALA QA 374 67.38 -10.29 -101.39
N VAL QA 375 66.96 -9.70 -102.50
CA VAL QA 375 67.87 -9.22 -103.53
C VAL QA 375 67.71 -7.72 -103.67
N CYS QA 376 68.83 -7.00 -103.72
CA CYS QA 376 68.84 -5.57 -104.00
C CYS QA 376 69.65 -5.35 -105.28
N MET QA 377 69.00 -4.85 -106.32
CA MET QA 377 69.61 -4.71 -107.63
C MET QA 377 69.77 -3.25 -108.00
N ILE QA 378 70.95 -2.88 -108.49
CA ILE QA 378 71.23 -1.54 -108.96
C ILE QA 378 71.87 -1.64 -110.34
N SER QA 379 71.36 -0.87 -111.29
CA SER QA 379 71.82 -0.96 -112.66
C SER QA 379 72.27 0.37 -113.22
N ASN QA 380 73.28 0.31 -114.09
CA ASN QA 380 73.49 1.32 -115.12
C ASN QA 380 72.67 0.90 -116.32
N SER QA 381 71.99 1.86 -116.93
CA SER QA 381 71.31 1.57 -118.18
C SER QA 381 71.18 2.84 -118.99
N THR QA 382 71.18 2.69 -120.30
CA THR QA 382 70.85 3.80 -121.17
C THR QA 382 69.38 3.98 -121.35
N ALA QA 383 68.57 3.30 -120.54
CA ALA QA 383 67.16 3.67 -120.43
C ALA QA 383 66.97 4.98 -119.71
N ILE QA 384 68.02 5.48 -119.04
CA ILE QA 384 68.01 6.79 -118.39
C ILE QA 384 67.78 7.90 -119.41
N ALA QA 385 68.04 7.63 -120.70
CA ALA QA 385 67.75 8.61 -121.73
C ALA QA 385 66.27 8.96 -121.80
N GLU QA 386 65.39 8.07 -121.32
CA GLU QA 386 63.97 8.40 -121.37
C GLU QA 386 63.56 9.28 -120.21
N VAL QA 387 64.26 9.22 -119.08
CA VAL QA 387 63.78 9.96 -117.93
C VAL QA 387 64.27 11.41 -117.99
N PHE QA 388 65.23 11.71 -118.84
CA PHE QA 388 65.65 13.09 -119.05
C PHE QA 388 65.15 13.70 -120.34
N SER QA 389 64.89 12.89 -121.38
CA SER QA 389 64.41 13.47 -122.63
C SER QA 389 62.98 13.96 -122.48
N ARG QA 390 62.19 13.31 -121.65
CA ARG QA 390 60.91 13.90 -121.27
C ARG QA 390 61.11 15.14 -120.42
N MET QA 391 62.14 15.16 -119.58
CA MET QA 391 62.28 16.24 -118.64
C MET QA 391 62.91 17.45 -119.30
N ASP QA 392 63.77 17.23 -120.28
CA ASP QA 392 64.35 18.33 -121.03
C ASP QA 392 63.28 19.00 -121.88
N HIS QA 393 62.29 18.23 -122.31
CA HIS QA 393 61.16 18.79 -123.04
C HIS QA 393 60.33 19.68 -122.11
N LYS QA 394 60.12 19.23 -120.89
CA LYS QA 394 59.27 19.95 -119.94
C LYS QA 394 59.90 21.27 -119.51
N PHE QA 395 61.22 21.36 -119.54
CA PHE QA 395 61.87 22.63 -119.28
C PHE QA 395 61.75 23.58 -120.46
N ASP QA 396 61.70 23.08 -121.68
CA ASP QA 396 61.70 23.97 -122.84
C ASP QA 396 60.45 24.82 -122.88
N LEU QA 397 59.29 24.22 -122.61
CA LEU QA 397 58.05 24.97 -122.60
C LEU QA 397 58.01 25.94 -121.44
N MET QA 398 58.83 25.71 -120.41
CA MET QA 398 58.92 26.64 -119.30
C MET QA 398 59.70 27.89 -119.68
N TYR QA 399 60.97 27.72 -120.01
CA TYR QA 399 61.94 28.80 -120.09
C TYR QA 399 61.79 29.67 -121.32
N ALA QA 400 61.31 29.13 -122.43
CA ALA QA 400 61.27 29.89 -123.67
C ALA QA 400 60.33 31.08 -123.58
N LYS QA 401 59.41 31.09 -122.64
CA LYS QA 401 58.52 32.21 -122.44
C LYS QA 401 58.76 32.85 -121.08
N ARG QA 402 59.99 32.73 -120.58
CA ARG QA 402 60.47 33.44 -119.38
C ARG QA 402 59.60 33.17 -118.17
N ALA QA 403 58.93 32.03 -118.16
CA ALA QA 403 57.93 31.76 -117.13
C ALA QA 403 58.59 31.53 -115.79
N PHE QA 404 58.04 32.16 -114.75
CA PHE QA 404 58.43 32.02 -113.35
C PHE QA 404 59.84 32.50 -113.07
N VAL QA 405 60.51 33.14 -114.03
CA VAL QA 405 61.92 33.44 -113.88
C VAL QA 405 62.17 34.57 -112.88
N HIS QA 406 61.21 35.49 -112.74
CA HIS QA 406 61.42 36.64 -111.86
C HIS QA 406 61.52 36.23 -110.40
N TRP QA 407 60.91 35.10 -110.02
CA TRP QA 407 61.11 34.58 -108.68
C TRP QA 407 62.49 33.99 -108.51
N TYR QA 408 63.20 33.73 -109.61
CA TYR QA 408 64.54 33.15 -109.53
C TYR QA 408 65.62 34.21 -109.61
N VAL QA 409 65.54 35.09 -110.61
CA VAL QA 409 66.57 36.09 -110.82
C VAL QA 409 66.53 37.19 -109.77
N GLY QA 410 65.49 37.25 -108.96
CA GLY QA 410 65.34 38.40 -108.08
C GLY QA 410 66.29 38.40 -106.90
N GLU QA 411 66.77 37.23 -106.50
CA GLU QA 411 67.38 37.07 -105.19
C GLU QA 411 68.83 36.61 -105.23
N GLY QA 412 69.53 36.81 -106.34
CA GLY QA 412 70.96 36.57 -106.29
C GLY QA 412 71.61 35.90 -107.49
N MET QA 413 70.91 35.02 -108.18
CA MET QA 413 71.47 34.47 -109.41
C MET QA 413 70.88 35.20 -110.60
N GLU QA 414 71.51 35.01 -111.74
CA GLU QA 414 71.08 35.65 -112.96
C GLU QA 414 70.68 34.62 -114.00
N GLU QA 415 70.13 35.11 -115.09
CA GLU QA 415 69.76 34.27 -116.20
C GLU QA 415 71.03 33.81 -116.90
N GLY QA 416 70.92 32.74 -117.67
CA GLY QA 416 72.09 32.19 -118.31
C GLY QA 416 72.55 30.96 -117.56
N GLU QA 417 72.46 31.02 -116.23
CA GLU QA 417 72.58 29.81 -115.45
C GLU QA 417 71.54 28.80 -115.86
N PHE QA 418 70.34 29.26 -116.20
CA PHE QA 418 69.37 28.39 -116.86
C PHE QA 418 69.90 27.91 -118.19
N SER QA 419 70.50 28.82 -118.96
CA SER QA 419 70.98 28.45 -120.29
C SER QA 419 72.20 27.55 -120.18
N GLU QA 420 73.05 27.77 -119.18
CA GLU QA 420 74.23 26.93 -119.02
C GLU QA 420 73.83 25.55 -118.50
N ALA QA 421 72.87 25.48 -117.60
CA ALA QA 421 72.46 24.18 -117.06
C ALA QA 421 71.74 23.35 -118.11
N ARG QA 422 70.94 23.99 -118.96
CA ARG QA 422 70.19 23.24 -119.97
C ARG QA 422 71.12 22.68 -121.05
N GLU QA 423 72.14 23.45 -121.46
CA GLU QA 423 73.06 22.92 -122.44
C GLU QA 423 73.96 21.85 -121.83
N ASP QA 424 74.30 21.98 -120.54
CA ASP QA 424 75.05 20.94 -119.87
C ASP QA 424 74.24 19.66 -119.81
N LEU QA 425 72.95 19.78 -119.49
CA LEU QA 425 72.09 18.62 -119.49
C LEU QA 425 71.89 18.06 -120.89
N ALA QA 426 71.77 18.94 -121.89
CA ALA QA 426 71.53 18.48 -123.25
C ALA QA 426 72.73 17.74 -123.80
N ALA QA 427 73.93 18.01 -123.30
CA ALA QA 427 75.08 17.22 -123.68
C ALA QA 427 74.95 15.79 -123.20
N LEU QA 428 74.29 15.58 -122.07
CA LEU QA 428 74.27 14.28 -121.44
C LEU QA 428 73.39 13.28 -122.20
N GLU QA 429 72.30 13.74 -122.86
CA GLU QA 429 71.58 12.78 -123.69
C GLU QA 429 72.36 12.42 -124.93
N LYS QA 430 73.19 13.33 -125.44
CA LYS QA 430 74.10 12.93 -126.51
C LYS QA 430 75.14 11.96 -125.98
N ASP QA 431 75.54 12.13 -124.71
CA ASP QA 431 76.53 11.27 -124.10
C ASP QA 431 76.02 9.85 -123.93
N TYR QA 432 74.74 9.70 -123.64
CA TYR QA 432 74.20 8.35 -123.50
C TYR QA 432 74.00 7.69 -124.85
N GLU QA 433 73.59 8.45 -125.86
CA GLU QA 433 73.32 7.80 -127.14
C GLU QA 433 74.60 7.43 -127.85
N GLU QA 434 75.68 8.19 -127.65
CA GLU QA 434 76.93 7.82 -128.26
C GLU QA 434 77.54 6.59 -127.59
N VAL QA 435 77.27 6.41 -126.31
CA VAL QA 435 77.67 5.20 -125.62
C VAL QA 435 76.83 4.01 -126.10
N GLY QA 436 75.55 4.26 -126.40
CA GLY QA 436 74.60 3.21 -126.72
C GLY QA 436 74.85 2.49 -128.03
N ILE QA 437 75.74 3.01 -128.88
CA ILE QA 437 76.12 2.31 -130.08
C ILE QA 437 77.62 2.45 -130.32
N MET RA 1 60.53 32.50 -84.18
CA MET RA 1 60.18 31.67 -85.33
C MET RA 1 59.44 32.50 -86.37
N ARG RA 2 58.34 31.96 -86.89
CA ARG RA 2 57.55 32.64 -87.91
C ARG RA 2 56.30 33.23 -87.31
N GLU RA 3 55.98 34.47 -87.69
CA GLU RA 3 54.75 35.11 -87.25
C GLU RA 3 54.08 35.77 -88.45
N ILE RA 4 52.75 35.83 -88.41
CA ILE RA 4 51.96 36.53 -89.41
C ILE RA 4 51.21 37.66 -88.72
N VAL RA 5 51.40 38.88 -89.20
CA VAL RA 5 50.75 40.05 -88.62
C VAL RA 5 49.46 40.30 -89.39
N HIS RA 6 48.36 40.41 -88.67
CA HIS RA 6 47.02 40.42 -89.23
C HIS RA 6 46.38 41.79 -89.06
N VAL RA 7 46.24 42.53 -90.16
CA VAL RA 7 45.88 43.94 -90.09
C VAL RA 7 44.51 44.12 -90.71
N GLN RA 8 43.62 44.76 -89.97
CA GLN RA 8 42.20 44.82 -90.29
C GLN RA 8 41.80 46.24 -90.66
N GLY RA 9 40.92 46.37 -91.65
CA GLY RA 9 40.49 47.68 -92.09
C GLY RA 9 39.06 47.72 -92.59
N GLY RA 10 38.30 48.73 -92.18
CA GLY RA 10 36.94 48.91 -92.65
C GLY RA 10 35.94 48.14 -91.81
N GLN RA 11 34.66 48.38 -92.10
CA GLN RA 11 33.59 47.63 -91.44
C GLN RA 11 33.56 46.19 -91.92
N CYS RA 12 33.63 46.00 -93.24
CA CYS RA 12 33.61 44.66 -93.81
C CYS RA 12 34.78 43.81 -93.38
N GLY RA 13 35.98 44.39 -93.38
CA GLY RA 13 37.12 43.65 -92.87
C GLY RA 13 36.92 43.26 -91.42
N ASN RA 14 36.46 44.21 -90.62
CA ASN RA 14 36.40 44.00 -89.18
C ASN RA 14 35.32 43.00 -88.80
N GLN RA 15 34.23 42.94 -89.57
CA GLN RA 15 33.25 41.89 -89.34
C GLN RA 15 33.77 40.54 -89.82
N ILE RA 16 34.51 40.52 -90.94
CA ILE RA 16 35.16 39.30 -91.37
C ILE RA 16 36.28 38.93 -90.41
N GLY RA 17 37.08 39.92 -90.02
CA GLY RA 17 38.22 39.68 -89.16
C GLY RA 17 37.85 39.24 -87.77
N ALA RA 18 36.62 39.50 -87.34
CA ALA RA 18 36.18 38.95 -86.06
C ALA RA 18 36.07 37.44 -86.14
N LYS RA 19 35.71 36.91 -87.30
CA LYS RA 19 35.53 35.47 -87.43
C LYS RA 19 36.86 34.74 -87.52
N PHE RA 20 37.90 35.36 -88.07
CA PHE RA 20 39.25 34.82 -87.95
C PHE RA 20 39.66 34.68 -86.50
N TRP RA 21 39.30 35.63 -85.68
CA TRP RA 21 39.63 35.43 -84.29
C TRP RA 21 38.54 34.65 -83.56
N GLU RA 22 37.65 34.01 -84.31
CA GLU RA 22 36.78 32.98 -83.78
C GLU RA 22 37.19 31.59 -84.28
N VAL RA 23 37.54 31.46 -85.56
CA VAL RA 23 37.83 30.12 -86.06
C VAL RA 23 39.26 29.71 -85.73
N ILE RA 24 40.18 30.66 -85.61
CA ILE RA 24 41.52 30.31 -85.17
C ILE RA 24 41.54 30.18 -83.67
N SER RA 25 40.54 30.76 -83.00
CA SER RA 25 40.49 30.65 -81.56
C SER RA 25 40.18 29.24 -81.12
N ASP RA 26 39.15 28.64 -81.70
CA ASP RA 26 38.76 27.32 -81.26
C ASP RA 26 39.57 26.22 -81.95
N GLU RA 27 40.20 26.51 -83.08
CA GLU RA 27 41.09 25.52 -83.65
C GLU RA 27 42.32 25.35 -82.78
N HIS RA 28 42.86 26.43 -82.26
CA HIS RA 28 43.95 26.37 -81.31
C HIS RA 28 43.46 26.27 -79.88
N GLY RA 29 42.16 26.35 -79.66
CA GLY RA 29 41.61 26.18 -78.34
C GLY RA 29 42.00 27.25 -77.35
N ILE RA 30 42.01 28.49 -77.76
CA ILE RA 30 42.30 29.56 -76.83
C ILE RA 30 40.95 29.99 -76.23
N ASP RA 31 40.97 30.35 -74.97
CA ASP RA 31 39.73 30.72 -74.30
C ASP RA 31 39.57 32.23 -74.39
N PRO RA 32 38.40 32.77 -74.78
CA PRO RA 32 38.26 34.23 -74.88
C PRO RA 32 38.46 34.99 -73.59
N THR RA 33 38.58 34.32 -72.46
CA THR RA 33 39.11 35.00 -71.29
C THR RA 33 40.63 35.11 -71.33
N GLY RA 34 41.30 34.43 -72.27
CA GLY RA 34 42.73 34.55 -72.45
C GLY RA 34 43.48 33.24 -72.40
N THR RA 35 43.00 32.28 -71.61
CA THR RA 35 43.77 31.09 -71.30
C THR RA 35 43.51 29.99 -72.32
N TYR RA 36 43.98 28.79 -72.00
CA TYR RA 36 43.99 27.64 -72.88
C TYR RA 36 43.23 26.47 -72.27
N CYS RA 37 42.37 25.83 -73.05
CA CYS RA 37 41.74 24.59 -72.64
C CYS RA 37 41.53 23.72 -73.87
N GLY RA 38 41.82 22.43 -73.72
CA GLY RA 38 41.86 21.53 -74.85
C GLY RA 38 43.01 20.54 -74.77
N ASP RA 39 43.86 20.71 -73.75
CA ASP RA 39 44.89 19.82 -73.22
C ASP RA 39 45.60 18.92 -74.24
N SER RA 40 46.08 19.51 -75.33
CA SER RA 40 46.91 18.81 -76.29
C SER RA 40 48.08 19.68 -76.69
N ASP RA 41 49.20 19.04 -77.02
CA ASP RA 41 50.41 19.78 -77.29
C ASP RA 41 50.33 20.45 -78.65
N LEU RA 42 49.81 19.74 -79.65
CA LEU RA 42 50.03 20.09 -81.05
C LEU RA 42 49.36 21.42 -81.43
N GLN RA 43 48.35 21.86 -80.70
CA GLN RA 43 47.89 23.24 -80.87
C GLN RA 43 48.86 24.23 -80.24
N LEU RA 44 49.37 23.93 -79.05
CA LEU RA 44 50.23 24.88 -78.36
C LEU RA 44 51.64 24.94 -78.92
N GLU RA 45 52.03 24.00 -79.79
CA GLU RA 45 53.40 23.96 -80.27
C GLU RA 45 53.71 25.16 -81.15
N ARG RA 46 52.87 25.43 -82.14
CA ARG RA 46 53.10 26.51 -83.08
C ARG RA 46 51.95 27.49 -82.89
N ILE RA 47 52.10 28.37 -81.91
CA ILE RA 47 51.07 29.35 -81.60
C ILE RA 47 51.59 30.77 -81.64
N ASN RA 48 52.90 30.99 -81.66
CA ASN RA 48 53.43 32.32 -81.88
C ASN RA 48 53.18 32.83 -83.29
N VAL RA 49 52.75 31.97 -84.21
CA VAL RA 49 52.41 32.38 -85.55
C VAL RA 49 51.22 33.31 -85.59
N PHE RA 50 50.37 33.28 -84.56
CA PHE RA 50 49.22 34.16 -84.54
C PHE RA 50 48.96 34.80 -83.19
N TYR RA 51 49.66 34.41 -82.13
CA TYR RA 51 49.35 34.92 -80.80
C TYR RA 51 50.63 35.38 -80.14
N ASN RA 52 50.49 36.05 -79.00
CA ASN RA 52 51.63 36.54 -78.23
C ASN RA 52 51.41 36.25 -76.76
N GLU RA 53 52.48 35.82 -76.10
CA GLU RA 53 52.48 35.59 -74.67
C GLU RA 53 52.38 36.93 -73.94
N ALA RA 54 51.79 36.92 -72.74
CA ALA RA 54 51.53 38.17 -72.06
C ALA RA 54 51.91 38.16 -70.59
N THR RA 55 52.84 37.27 -70.19
CA THR RA 55 53.36 37.16 -68.82
C THR RA 55 52.27 36.99 -67.79
N GLY RA 56 51.15 36.44 -68.20
CA GLY RA 56 50.11 36.05 -67.30
C GLY RA 56 49.52 34.81 -67.92
N GLY RA 57 50.16 34.37 -68.98
CA GLY RA 57 49.76 33.20 -69.69
C GLY RA 57 48.69 33.41 -70.72
N ARG RA 58 48.14 34.60 -70.83
CA ARG RA 58 47.08 34.82 -71.79
C ARG RA 58 47.67 35.18 -73.14
N PHE RA 59 46.87 35.01 -74.17
CA PHE RA 59 47.36 35.06 -75.55
C PHE RA 59 46.68 36.21 -76.28
N VAL RA 60 47.38 37.32 -76.42
CA VAL RA 60 46.85 38.47 -77.15
C VAL RA 60 47.15 38.29 -78.62
N PRO RA 61 46.17 38.45 -79.50
CA PRO RA 61 46.43 38.31 -80.93
C PRO RA 61 47.29 39.44 -81.47
N ARG RA 62 48.10 39.10 -82.46
CA ARG RA 62 48.90 40.10 -83.15
C ARG RA 62 48.08 40.68 -84.28
N ALA RA 63 47.09 41.48 -83.90
CA ALA RA 63 46.12 42.00 -84.84
C ALA RA 63 46.07 43.51 -84.76
N ILE RA 64 45.96 44.16 -85.92
CA ILE RA 64 45.97 45.61 -86.02
C ILE RA 64 44.62 46.03 -86.59
N LEU RA 65 43.90 46.87 -85.87
CA LEU RA 65 42.47 47.05 -86.09
C LEU RA 65 42.25 48.52 -86.42
N MET RA 66 42.13 48.88 -87.69
CA MET RA 66 41.94 50.27 -88.04
C MET RA 66 40.61 50.47 -88.77
N ASP RA 67 39.95 51.58 -88.44
CA ASP RA 67 38.76 52.04 -89.14
C ASP RA 67 38.57 53.50 -88.81
N LEU RA 68 37.82 54.18 -89.66
CA LEU RA 68 37.62 55.61 -89.50
C LEU RA 68 36.33 55.96 -88.75
N GLU RA 69 35.58 54.98 -88.29
CA GLU RA 69 34.38 55.22 -87.50
C GLU RA 69 34.38 54.25 -86.33
N PRO RA 70 33.81 54.63 -85.19
CA PRO RA 70 33.83 53.76 -84.02
C PRO RA 70 32.69 52.76 -83.92
N GLY RA 71 31.72 52.82 -84.84
CA GLY RA 71 30.55 51.97 -84.73
C GLY RA 71 30.87 50.49 -84.89
N THR RA 72 31.73 50.16 -85.85
CA THR RA 72 32.15 48.77 -86.00
C THR RA 72 33.12 48.39 -84.90
N MET RA 73 33.86 49.36 -84.37
CA MET RA 73 34.77 49.10 -83.25
C MET RA 73 34.00 48.73 -81.99
N ASP RA 74 32.83 49.32 -81.80
CA ASP RA 74 31.98 48.90 -80.69
C ASP RA 74 31.53 47.47 -80.87
N SER RA 75 31.26 47.06 -82.11
CA SER RA 75 30.74 45.72 -82.34
C SER RA 75 31.81 44.66 -82.14
N VAL RA 76 33.08 45.02 -82.24
CA VAL RA 76 34.13 44.02 -82.08
C VAL RA 76 34.32 43.65 -80.62
N ARG RA 77 34.55 44.64 -79.76
CA ARG RA 77 34.89 44.32 -78.38
C ARG RA 77 33.67 43.99 -77.53
N ALA RA 78 32.47 44.07 -78.07
CA ALA RA 78 31.30 43.75 -77.27
C ALA RA 78 30.86 42.31 -77.46
N GLY RA 79 31.10 41.73 -78.62
CA GLY RA 79 30.58 40.42 -78.92
C GLY RA 79 31.39 39.32 -78.30
N PRO RA 80 31.14 38.08 -78.71
CA PRO RA 80 32.00 36.98 -78.29
C PRO RA 80 33.37 37.12 -78.91
N PHE RA 81 34.37 36.59 -78.20
CA PHE RA 81 35.79 36.74 -78.57
C PHE RA 81 36.15 38.21 -78.71
N GLY RA 82 35.69 39.02 -77.77
CA GLY RA 82 35.87 40.45 -77.87
C GLY RA 82 36.87 41.01 -76.91
N GLN RA 83 37.13 40.30 -75.82
CA GLN RA 83 38.10 40.75 -74.84
C GLN RA 83 39.51 40.31 -75.19
N LEU RA 84 39.68 39.65 -76.32
CA LEU RA 84 40.97 39.06 -76.67
C LEU RA 84 41.97 40.13 -77.09
N PHE RA 85 41.52 41.13 -77.84
CA PHE RA 85 42.42 42.07 -78.47
C PHE RA 85 42.94 43.10 -77.47
N ARG RA 86 44.15 43.58 -77.71
CA ARG RA 86 44.71 44.64 -76.89
C ARG RA 86 44.08 45.97 -77.28
N PRO RA 87 43.65 46.79 -76.31
CA PRO RA 87 43.05 48.08 -76.67
C PRO RA 87 44.00 49.03 -77.35
N ASP RA 88 45.30 48.91 -77.10
CA ASP RA 88 46.23 49.81 -77.76
C ASP RA 88 46.30 49.54 -79.25
N ASN RA 89 46.02 48.30 -79.66
CA ASN RA 89 45.94 48.00 -81.08
C ASN RA 89 44.62 48.42 -81.70
N PHE RA 90 43.67 48.89 -80.90
CA PHE RA 90 42.49 49.54 -81.45
C PHE RA 90 42.83 51.00 -81.75
N VAL RA 91 42.87 51.35 -83.03
CA VAL RA 91 43.10 52.73 -83.44
C VAL RA 91 41.86 53.21 -84.16
N PHE RA 92 41.38 54.38 -83.77
CA PHE RA 92 40.06 54.86 -84.12
C PHE RA 92 40.16 55.94 -85.19
N GLY RA 93 39.04 56.18 -85.84
CA GLY RA 93 38.83 57.41 -86.58
C GLY RA 93 37.53 58.03 -86.10
N GLN RA 94 37.52 59.36 -86.04
CA GLN RA 94 36.30 60.01 -85.59
C GLN RA 94 35.38 60.40 -86.73
N THR RA 95 35.94 60.92 -87.82
CA THR RA 95 35.11 61.56 -88.83
C THR RA 95 34.45 60.52 -89.73
N GLY RA 96 35.21 59.59 -90.26
CA GLY RA 96 34.65 58.61 -91.16
C GLY RA 96 34.71 59.06 -92.59
N ALA RA 97 35.36 58.25 -93.43
CA ALA RA 97 35.40 58.51 -94.86
C ALA RA 97 34.09 58.04 -95.46
N GLY RA 98 33.27 58.97 -95.92
CA GLY RA 98 31.93 58.63 -96.34
C GLY RA 98 31.87 57.92 -97.67
N ASN RA 99 32.54 56.77 -97.75
CA ASN RA 99 32.74 56.04 -99.00
C ASN RA 99 33.29 56.95 -100.08
N ASN RA 100 34.32 57.68 -99.72
CA ASN RA 100 35.11 58.50 -100.63
C ASN RA 100 36.53 57.96 -100.55
N TRP RA 101 37.07 57.51 -101.67
CA TRP RA 101 38.43 57.01 -101.64
C TRP RA 101 39.44 58.14 -101.47
N ALA RA 102 39.08 59.36 -101.84
CA ALA RA 102 40.05 60.45 -101.76
C ALA RA 102 40.42 60.74 -100.32
N LYS RA 103 39.41 60.92 -99.47
CA LYS RA 103 39.69 61.13 -98.06
C LYS RA 103 40.11 59.86 -97.36
N GLY RA 104 39.86 58.71 -97.99
CA GLY RA 104 40.39 57.47 -97.44
C GLY RA 104 41.88 57.37 -97.61
N HIS RA 105 42.42 57.98 -98.66
CA HIS RA 105 43.83 57.87 -98.98
C HIS RA 105 44.55 59.21 -98.95
N TYR RA 106 43.85 60.31 -98.94
CA TYR RA 106 44.62 61.54 -98.93
C TYR RA 106 44.23 62.50 -97.80
N THR RA 107 42.94 62.61 -97.47
CA THR RA 107 42.52 63.65 -96.53
C THR RA 107 42.43 63.16 -95.09
N GLU RA 108 41.57 62.19 -94.80
CA GLU RA 108 41.45 61.73 -93.42
C GLU RA 108 42.50 60.70 -93.05
N GLY RA 109 42.86 59.82 -93.99
CA GLY RA 109 43.87 58.83 -93.70
C GLY RA 109 45.26 59.40 -93.51
N ALA RA 110 45.47 60.67 -93.86
CA ALA RA 110 46.80 61.23 -93.77
C ALA RA 110 47.25 61.41 -92.33
N GLU RA 111 46.34 61.79 -91.42
CA GLU RA 111 46.71 62.04 -90.04
C GLU RA 111 46.44 60.84 -89.14
N LEU RA 112 46.13 59.69 -89.72
CA LEU RA 112 45.99 58.48 -88.94
C LEU RA 112 46.98 57.39 -89.32
N ILE RA 113 47.46 57.38 -90.56
CA ILE RA 113 48.43 56.38 -90.99
C ILE RA 113 49.72 56.50 -90.19
N ASP RA 114 50.11 57.72 -89.83
CA ASP RA 114 51.27 57.90 -88.96
C ASP RA 114 51.06 57.26 -87.60
N SER RA 115 49.82 57.04 -87.18
CA SER RA 115 49.56 56.37 -85.91
C SER RA 115 49.37 54.88 -86.05
N VAL RA 116 48.65 54.42 -87.08
CA VAL RA 116 48.44 52.99 -87.23
C VAL RA 116 49.73 52.31 -87.68
N LEU RA 117 50.58 53.00 -88.41
CA LEU RA 117 51.83 52.38 -88.82
C LEU RA 117 52.83 52.33 -87.68
N ASP RA 118 52.65 53.18 -86.68
CA ASP RA 118 53.49 53.07 -85.49
C ASP RA 118 53.17 51.81 -84.73
N VAL RA 119 51.90 51.38 -84.76
CA VAL RA 119 51.50 50.21 -84.00
C VAL RA 119 51.98 48.95 -84.69
N VAL RA 120 52.04 48.97 -86.03
CA VAL RA 120 52.54 47.83 -86.79
C VAL RA 120 54.02 47.59 -86.51
N ARG RA 121 54.80 48.66 -86.39
CA ARG RA 121 56.23 48.53 -86.13
C ARG RA 121 56.49 47.85 -84.79
N LYS RA 122 55.70 48.16 -83.78
CA LYS RA 122 55.89 47.53 -82.47
C LYS RA 122 55.60 46.04 -82.55
N GLU RA 123 54.60 45.64 -83.31
CA GLU RA 123 54.35 44.21 -83.48
C GLU RA 123 55.33 43.57 -84.43
N ALA RA 124 55.67 44.25 -85.53
CA ALA RA 124 56.52 43.64 -86.53
C ALA RA 124 57.95 43.51 -86.04
N GLU RA 125 58.59 44.63 -85.73
CA GLU RA 125 59.96 44.58 -85.27
C GLU RA 125 60.10 44.03 -83.86
N GLY RA 126 59.01 43.87 -83.14
CA GLY RA 126 59.10 43.38 -81.78
C GLY RA 126 59.43 41.91 -81.67
N CYS RA 127 59.36 41.17 -82.76
CA CYS RA 127 59.63 39.75 -82.73
C CYS RA 127 61.07 39.48 -83.13
N ASP RA 128 61.41 38.20 -83.30
CA ASP RA 128 62.74 37.85 -83.78
C ASP RA 128 62.87 38.13 -85.27
N CYS RA 129 61.99 37.54 -86.05
CA CYS RA 129 62.11 37.48 -87.50
C CYS RA 129 60.73 37.17 -88.04
N LEU RA 130 60.25 37.99 -88.95
CA LEU RA 130 58.86 37.93 -89.37
C LEU RA 130 58.74 37.25 -90.73
N GLN RA 131 57.60 36.60 -90.97
CA GLN RA 131 57.38 36.05 -92.30
C GLN RA 131 56.58 37.01 -93.17
N GLY RA 132 55.34 37.29 -92.80
CA GLY RA 132 54.54 38.07 -93.71
C GLY RA 132 53.44 38.83 -93.03
N PHE RA 133 52.75 39.63 -93.84
CA PHE RA 133 51.61 40.42 -93.44
C PHE RA 133 50.39 39.96 -94.19
N GLN RA 134 49.25 40.03 -93.55
CA GLN RA 134 48.00 39.71 -94.22
C GLN RA 134 46.94 40.74 -93.87
N ILE RA 135 46.10 41.06 -94.86
CA ILE RA 135 45.23 42.22 -94.85
C ILE RA 135 43.83 41.73 -95.19
N THR RA 136 42.82 42.28 -94.53
CA THR RA 136 41.43 42.04 -94.93
C THR RA 136 40.71 43.37 -95.07
N HIS RA 137 40.11 43.60 -96.23
CA HIS RA 137 39.41 44.87 -96.46
C HIS RA 137 38.41 44.69 -97.59
N SER RA 138 37.83 45.81 -98.01
CA SER RA 138 36.95 45.88 -99.16
C SER RA 138 37.58 46.70 -100.27
N LEU RA 139 36.83 46.79 -101.37
CA LEU RA 139 37.18 47.72 -102.42
C LEU RA 139 36.10 48.73 -102.72
N GLY RA 140 34.83 48.40 -102.46
CA GLY RA 140 33.79 49.39 -102.60
C GLY RA 140 33.86 50.49 -101.56
N GLY RA 141 34.25 50.14 -100.35
CA GLY RA 141 34.19 51.07 -99.24
C GLY RA 141 35.23 52.17 -99.34
N GLY RA 142 35.12 53.10 -98.41
CA GLY RA 142 36.06 54.20 -98.34
C GLY RA 142 37.08 54.02 -97.25
N THR RA 143 36.64 53.66 -96.05
CA THR RA 143 37.56 53.50 -94.95
C THR RA 143 38.36 52.22 -95.04
N GLY RA 144 37.87 51.24 -95.80
CA GLY RA 144 38.60 50.01 -95.98
C GLY RA 144 39.50 50.06 -97.19
N SER RA 145 38.94 50.47 -98.32
CA SER RA 145 39.74 50.55 -99.53
C SER RA 145 40.62 51.77 -99.59
N GLY RA 146 40.40 52.76 -98.73
CA GLY RA 146 41.29 53.90 -98.72
C GLY RA 146 42.47 53.70 -97.80
N MET RA 147 42.21 53.54 -96.50
CA MET RA 147 43.30 53.42 -95.57
C MET RA 147 43.97 52.06 -95.68
N GLY RA 148 43.22 51.06 -96.12
CA GLY RA 148 43.84 49.77 -96.34
C GLY RA 148 44.88 49.82 -97.43
N THR RA 149 44.50 50.38 -98.58
CA THR RA 149 45.41 50.38 -99.72
C THR RA 149 46.53 51.39 -99.51
N LEU RA 150 46.26 52.44 -98.73
CA LEU RA 150 47.34 53.32 -98.31
C LEU RA 150 48.32 52.60 -97.40
N LEU RA 151 47.83 51.68 -96.57
CA LEU RA 151 48.73 51.01 -95.65
C LEU RA 151 49.62 50.02 -96.37
N ILE RA 152 49.10 49.32 -97.39
CA ILE RA 152 49.92 48.39 -98.15
C ILE RA 152 51.08 49.10 -98.81
N SER RA 153 50.82 50.29 -99.36
CA SER RA 153 51.89 51.04 -99.99
C SER RA 153 52.92 51.49 -98.97
N LYS RA 154 52.49 51.93 -97.81
CA LYS RA 154 53.46 52.46 -96.87
C LYS RA 154 54.13 51.37 -96.05
N VAL RA 155 53.66 50.14 -96.12
CA VAL RA 155 54.34 49.09 -95.39
C VAL RA 155 55.27 48.30 -96.29
N ARG RA 156 55.02 48.29 -97.60
CA ARG RA 156 56.00 47.75 -98.53
C ARG RA 156 57.26 48.59 -98.56
N GLU RA 157 57.15 49.88 -98.28
CA GLU RA 157 58.33 50.75 -98.28
C GLU RA 157 59.26 50.49 -97.11
N GLU RA 158 58.86 49.68 -96.15
CA GLU RA 158 59.74 49.29 -95.04
C GLU RA 158 60.15 47.83 -95.10
N TYR RA 159 59.28 46.95 -95.57
CA TYR RA 159 59.53 45.52 -95.63
C TYR RA 159 59.27 45.04 -97.05
N PRO RA 160 60.22 45.22 -97.96
CA PRO RA 160 59.96 44.88 -99.36
C PRO RA 160 60.06 43.41 -99.68
N ASP RA 161 60.76 42.63 -98.88
CA ASP RA 161 60.96 41.22 -99.19
C ASP RA 161 60.00 40.27 -98.50
N ARG RA 162 59.03 40.79 -97.74
CA ARG RA 162 58.08 39.91 -97.07
C ARG RA 162 56.80 39.81 -97.89
N ILE RA 163 55.97 38.84 -97.55
CA ILE RA 163 54.83 38.51 -98.39
C ILE RA 163 53.57 39.21 -97.94
N MET RA 164 52.70 39.49 -98.90
CA MET RA 164 51.41 40.13 -98.70
C MET RA 164 50.31 39.19 -99.19
N GLU RA 165 49.33 38.92 -98.34
CA GLU RA 165 48.23 38.03 -98.68
C GLU RA 165 46.95 38.68 -98.19
N THR RA 166 46.13 39.15 -99.12
CA THR RA 166 45.05 40.06 -98.79
C THR RA 166 43.73 39.57 -99.35
N PHE RA 167 42.70 39.50 -98.52
CA PHE RA 167 41.35 39.42 -99.07
C PHE RA 167 40.80 40.81 -99.32
N SER RA 168 40.13 40.95 -100.46
CA SER RA 168 39.41 42.16 -100.81
C SER RA 168 38.11 41.74 -101.46
N VAL RA 169 36.99 42.08 -100.84
CA VAL RA 169 35.71 41.81 -101.45
C VAL RA 169 35.47 42.83 -102.56
N PHE RA 170 35.23 42.33 -103.76
CA PHE RA 170 35.06 43.19 -104.91
C PHE RA 170 33.66 43.76 -104.93
N PRO RA 171 33.40 44.71 -105.83
CA PRO RA 171 32.01 45.04 -106.15
C PRO RA 171 31.25 43.82 -106.64
N SER RA 172 29.98 43.77 -106.28
CA SER RA 172 29.10 42.72 -106.73
C SER RA 172 28.98 42.75 -108.25
N PRO RA 173 28.82 41.61 -108.89
CA PRO RA 173 28.62 41.61 -110.35
C PRO RA 173 27.27 42.17 -110.77
N LYS RA 174 26.19 41.66 -110.19
CA LYS RA 174 24.86 42.02 -110.69
C LYS RA 174 24.38 43.34 -110.11
N VAL RA 175 24.10 43.36 -108.81
CA VAL RA 175 23.53 44.53 -108.15
C VAL RA 175 24.35 44.85 -106.92
N SER RA 176 24.80 46.10 -106.81
CA SER RA 176 25.74 46.48 -105.77
C SER RA 176 25.31 47.78 -105.14
N ASP RA 177 25.55 47.90 -103.84
CA ASP RA 177 25.36 49.15 -103.13
C ASP RA 177 26.50 50.12 -103.41
N THR RA 178 26.46 51.28 -102.74
CA THR RA 178 27.58 52.22 -102.63
C THR RA 178 28.09 52.67 -104.01
N VAL RA 179 27.27 53.51 -104.65
CA VAL RA 179 27.28 53.77 -106.10
C VAL RA 179 28.68 54.16 -106.59
N VAL RA 180 29.54 54.67 -105.70
CA VAL RA 180 30.92 54.81 -106.13
C VAL RA 180 31.63 53.50 -105.83
N GLU RA 181 31.33 52.49 -106.63
CA GLU RA 181 32.10 51.28 -106.71
C GLU RA 181 33.30 51.48 -107.64
N PRO RA 182 33.13 51.88 -108.91
CA PRO RA 182 34.30 51.87 -109.79
C PRO RA 182 35.31 52.93 -109.43
N TYR RA 183 34.88 54.05 -108.86
CA TYR RA 183 35.84 55.04 -108.40
C TYR RA 183 36.54 54.59 -107.12
N ASN RA 184 36.04 53.56 -106.46
CA ASN RA 184 36.71 53.01 -105.30
C ASN RA 184 37.41 51.69 -105.60
N ALA RA 185 37.03 51.03 -106.69
CA ALA RA 185 37.67 49.78 -107.09
C ALA RA 185 38.83 50.01 -108.04
N THR RA 186 38.60 50.77 -109.12
CA THR RA 186 39.66 51.01 -110.09
C THR RA 186 40.79 51.83 -109.47
N LEU RA 187 40.46 52.79 -108.64
CA LEU RA 187 41.52 53.58 -108.03
C LEU RA 187 42.26 52.82 -106.95
N SER RA 188 41.77 51.67 -106.53
CA SER RA 188 42.49 50.88 -105.55
C SER RA 188 43.18 49.67 -106.14
N VAL RA 189 42.75 49.21 -107.32
CA VAL RA 189 43.39 48.06 -107.94
C VAL RA 189 44.77 48.43 -108.44
N HIS RA 190 44.90 49.59 -109.11
CA HIS RA 190 46.17 49.90 -109.75
C HIS RA 190 47.28 50.21 -108.76
N GLN RA 191 46.95 50.40 -107.48
CA GLN RA 191 47.96 50.43 -106.45
C GLN RA 191 48.02 49.11 -105.70
N LEU RA 192 46.98 48.28 -105.84
CA LEU RA 192 47.03 46.93 -105.30
C LEU RA 192 47.96 46.04 -106.13
N VAL RA 193 47.91 46.17 -107.45
CA VAL RA 193 48.71 45.29 -108.30
C VAL RA 193 50.17 45.65 -108.31
N GLU RA 194 50.56 46.77 -107.71
CA GLU RA 194 51.96 47.12 -107.61
C GLU RA 194 52.51 46.98 -106.20
N ASN RA 195 51.67 46.71 -105.23
CA ASN RA 195 52.13 46.60 -103.85
C ASN RA 195 51.75 45.32 -103.14
N ALA RA 196 50.86 44.50 -103.69
CA ALA RA 196 50.40 43.30 -102.99
C ALA RA 196 51.01 42.06 -103.63
N ASP RA 197 51.55 41.18 -102.79
CA ASP RA 197 52.20 40.00 -103.32
C ASP RA 197 51.16 39.02 -103.82
N GLU RA 198 50.07 38.86 -103.07
CA GLU RA 198 49.01 37.94 -103.45
C GLU RA 198 47.69 38.46 -102.93
N VAL RA 199 46.70 38.60 -103.81
CA VAL RA 199 45.35 38.95 -103.40
C VAL RA 199 44.40 37.93 -104.00
N GLN RA 200 43.48 37.47 -103.19
CA GLN RA 200 42.50 36.50 -103.63
C GLN RA 200 41.09 36.94 -103.26
N VAL RA 201 40.21 36.91 -104.25
CA VAL RA 201 39.04 37.76 -104.32
C VAL RA 201 37.80 37.00 -103.86
N ILE RA 202 36.91 37.74 -103.20
CA ILE RA 202 35.71 37.24 -102.56
C ILE RA 202 34.58 38.11 -103.04
N ASP RA 203 33.45 37.51 -103.37
CA ASP RA 203 32.30 38.29 -103.83
C ASP RA 203 31.11 37.99 -102.94
N ASN RA 204 30.42 39.02 -102.50
CA ASN RA 204 29.23 38.78 -101.70
C ASN RA 204 28.13 38.14 -102.52
N GLU RA 205 28.12 38.36 -103.83
CA GLU RA 205 27.16 37.61 -104.61
C GLU RA 205 27.64 36.19 -104.87
N ALA RA 206 28.93 35.93 -104.70
CA ALA RA 206 29.38 34.54 -104.80
C ALA RA 206 29.00 33.75 -103.56
N LEU RA 207 29.11 34.37 -102.39
CA LEU RA 207 28.74 33.66 -101.17
C LEU RA 207 27.23 33.54 -101.03
N TYR RA 208 26.47 34.38 -101.73
CA TYR RA 208 25.03 34.23 -101.76
C TYR RA 208 24.64 32.93 -102.45
N ASP RA 209 25.34 32.61 -103.54
CA ASP RA 209 25.05 31.38 -104.26
C ASP RA 209 25.42 30.17 -103.43
N ILE RA 210 26.57 30.22 -102.76
CA ILE RA 210 27.09 29.05 -102.04
C ILE RA 210 26.21 28.72 -100.86
N CYS RA 211 25.85 29.72 -100.07
CA CYS RA 211 25.09 29.44 -98.85
C CYS RA 211 23.65 29.07 -99.15
N PHE RA 212 23.16 29.41 -100.33
CA PHE RA 212 21.79 29.09 -100.70
C PHE RA 212 21.68 27.77 -101.43
N ARG RA 213 22.56 27.52 -102.38
CA ARG RA 213 22.49 26.29 -103.17
C ARG RA 213 23.13 25.12 -102.45
N THR RA 214 24.33 25.32 -101.90
CA THR RA 214 25.05 24.22 -101.28
C THR RA 214 24.73 24.08 -99.80
N LEU RA 215 24.89 25.14 -99.03
CA LEU RA 215 24.58 25.07 -97.60
C LEU RA 215 23.08 24.98 -97.35
N LYS RA 216 22.25 25.37 -98.32
CA LYS RA 216 20.79 25.26 -98.26
C LYS RA 216 20.22 26.01 -97.08
N LEU RA 217 20.86 27.10 -96.69
CA LEU RA 217 20.39 27.92 -95.59
C LEU RA 217 19.41 28.95 -96.13
N THR RA 218 18.17 28.91 -95.64
CA THR RA 218 17.15 29.83 -96.13
C THR RA 218 17.36 31.26 -95.65
N THR RA 219 18.01 31.45 -94.51
CA THR RA 219 18.21 32.77 -93.92
C THR RA 219 19.69 32.98 -93.67
N PRO RA 220 20.45 33.34 -94.71
CA PRO RA 220 21.89 33.55 -94.52
C PRO RA 220 22.17 34.92 -93.92
N THR RA 221 22.88 34.93 -92.81
CA THR RA 221 23.32 36.15 -92.15
C THR RA 221 24.76 36.41 -92.56
N TYR RA 222 25.17 37.69 -92.54
CA TYR RA 222 26.60 38.00 -92.65
C TYR RA 222 27.43 37.29 -91.59
N GLY RA 223 26.85 37.03 -90.42
CA GLY RA 223 27.53 36.20 -89.44
C GLY RA 223 27.82 34.81 -89.99
N ASP RA 224 26.92 34.28 -90.81
CA ASP RA 224 27.20 33.01 -91.47
C ASP RA 224 28.14 33.22 -92.65
N LEU RA 225 27.96 34.31 -93.40
CA LEU RA 225 28.75 34.50 -94.61
C LEU RA 225 30.21 34.80 -94.28
N ASN RA 226 30.47 35.59 -93.25
CA ASN RA 226 31.83 35.83 -92.85
C ASN RA 226 32.47 34.58 -92.29
N HIS RA 227 31.68 33.70 -91.68
CA HIS RA 227 32.22 32.46 -91.15
C HIS RA 227 32.71 31.56 -92.26
N LEU RA 228 32.02 31.58 -93.40
CA LEU RA 228 32.42 30.73 -94.52
C LEU RA 228 33.72 31.22 -95.14
N VAL RA 229 33.87 32.53 -95.33
CA VAL RA 229 35.10 33.04 -95.89
C VAL RA 229 36.21 32.99 -94.86
N SER RA 230 35.88 33.00 -93.58
CA SER RA 230 36.91 32.84 -92.58
C SER RA 230 37.35 31.39 -92.48
N ALA RA 231 36.49 30.46 -92.90
CA ALA RA 231 36.86 29.06 -92.90
C ALA RA 231 37.95 28.78 -93.91
N ALA RA 232 37.85 29.38 -95.09
CA ALA RA 232 38.91 29.24 -96.08
C ALA RA 232 40.16 29.99 -95.65
N MET RA 233 40.00 31.12 -94.98
CA MET RA 233 41.13 31.98 -94.65
C MET RA 233 41.97 31.40 -93.52
N SER RA 234 41.43 30.42 -92.80
CA SER RA 234 42.29 29.55 -92.00
C SER RA 234 43.05 28.58 -92.87
N GLY RA 235 42.42 28.09 -93.93
CA GLY RA 235 42.97 26.95 -94.65
C GLY RA 235 44.16 27.28 -95.53
N VAL RA 236 44.34 28.56 -95.87
CA VAL RA 236 45.47 28.93 -96.72
C VAL RA 236 46.72 29.11 -95.88
N THR RA 237 46.57 29.35 -94.59
CA THR RA 237 47.71 29.51 -93.70
C THR RA 237 47.77 28.41 -92.66
N CYS RA 238 47.01 27.33 -92.85
CA CYS RA 238 46.94 26.30 -91.83
C CYS RA 238 48.23 25.49 -91.78
N CYS RA 239 48.81 25.19 -92.94
CA CYS RA 239 49.94 24.28 -92.97
C CYS RA 239 51.19 24.90 -92.40
N LEU RA 240 51.20 26.21 -92.18
CA LEU RA 240 52.20 26.79 -91.30
C LEU RA 240 52.05 26.25 -89.89
N ARG RA 241 50.82 26.10 -89.44
CA ARG RA 241 50.53 25.95 -88.03
C ARG RA 241 50.67 24.50 -87.58
N PHE RA 242 50.25 23.57 -88.39
CA PHE RA 242 50.23 22.18 -87.99
C PHE RA 242 51.21 21.36 -88.82
N PRO RA 243 51.86 20.36 -88.23
CA PRO RA 243 52.78 19.53 -89.00
C PRO RA 243 52.04 18.65 -89.97
N GLY RA 244 52.73 18.27 -91.05
CA GLY RA 244 52.05 17.51 -92.07
C GLY RA 244 53.00 16.65 -92.89
N GLN RA 245 52.46 16.09 -93.95
CA GLN RA 245 53.20 15.19 -94.82
C GLN RA 245 53.84 15.88 -95.99
N LEU RA 246 53.21 16.92 -96.53
CA LEU RA 246 53.79 17.70 -97.62
C LEU RA 246 53.57 19.17 -97.24
N ASN RA 247 54.51 19.72 -96.50
CA ASN RA 247 54.27 21.01 -95.85
C ASN RA 247 54.30 22.14 -96.86
N SER RA 248 53.43 23.11 -96.66
CA SER RA 248 53.40 24.28 -97.52
C SER RA 248 53.17 25.52 -96.68
N ASP RA 249 53.69 26.63 -97.16
CA ASP RA 249 53.48 27.93 -96.58
C ASP RA 249 52.86 28.86 -97.62
N LEU RA 250 52.74 30.13 -97.26
CA LEU RA 250 52.26 31.09 -98.24
C LEU RA 250 53.32 31.38 -99.29
N ARG RA 251 54.58 31.45 -98.88
CA ARG RA 251 55.65 31.66 -99.82
C ARG RA 251 55.81 30.46 -100.74
N LYS RA 252 55.53 29.27 -100.22
CA LYS RA 252 55.39 28.08 -101.02
C LYS RA 252 54.35 28.31 -102.11
N LEU RA 253 53.23 28.90 -101.72
CA LEU RA 253 52.13 29.16 -102.64
C LEU RA 253 52.48 30.32 -103.56
N ALA RA 254 53.25 31.28 -103.05
CA ALA RA 254 53.52 32.50 -103.80
C ALA RA 254 54.52 32.28 -104.91
N VAL RA 255 55.52 31.42 -104.70
CA VAL RA 255 56.55 31.22 -105.72
C VAL RA 255 56.00 30.34 -106.84
N ASN RA 256 54.91 29.64 -106.60
CA ASN RA 256 54.49 28.56 -107.44
C ASN RA 256 53.26 28.91 -108.25
N LEU RA 257 52.40 29.79 -107.74
CA LEU RA 257 51.11 30.05 -108.35
C LEU RA 257 51.04 31.36 -109.12
N ILE RA 258 52.11 32.14 -109.14
CA ILE RA 258 52.15 33.41 -109.84
C ILE RA 258 53.28 33.35 -110.85
N PRO RA 259 52.96 33.11 -112.12
CA PRO RA 259 54.02 33.02 -113.13
C PRO RA 259 54.74 34.33 -113.40
N PHE RA 260 54.00 35.35 -113.72
CA PHE RA 260 54.51 36.68 -113.98
C PHE RA 260 54.00 37.64 -112.91
N PRO RA 261 54.79 38.65 -112.52
CA PRO RA 261 54.41 39.46 -111.35
C PRO RA 261 53.18 40.33 -111.56
N ARG RA 262 52.64 40.40 -112.79
CA ARG RA 262 51.39 41.11 -112.97
C ARG RA 262 50.22 40.34 -112.39
N LEU RA 263 50.05 39.11 -112.82
CA LEU RA 263 48.78 38.41 -112.63
C LEU RA 263 48.87 37.57 -111.37
N HIS RA 264 48.28 38.08 -110.29
CA HIS RA 264 48.27 37.35 -109.04
C HIS RA 264 46.95 37.50 -108.33
N PHE RA 265 45.86 37.58 -109.06
CA PHE RA 265 44.53 37.62 -108.46
C PHE RA 265 43.96 36.22 -108.51
N PHE RA 266 43.74 35.63 -107.34
CA PHE RA 266 43.37 34.24 -107.27
C PHE RA 266 41.88 34.06 -107.04
N LEU RA 267 41.48 32.79 -107.01
CA LEU RA 267 40.12 32.35 -106.75
C LEU RA 267 40.15 31.45 -105.52
N ILE RA 268 39.07 31.43 -104.76
CA ILE RA 268 38.99 30.64 -103.54
C ILE RA 268 37.77 29.73 -103.60
N GLY RA 269 37.95 28.49 -103.15
CA GLY RA 269 36.84 27.59 -102.93
C GLY RA 269 36.99 26.87 -101.60
N PHE RA 270 36.00 26.04 -101.29
CA PHE RA 270 36.10 25.22 -100.08
C PHE RA 270 35.19 24.02 -100.20
N ALA RA 271 35.69 22.88 -99.73
CA ALA RA 271 34.93 21.65 -99.61
C ALA RA 271 35.43 20.94 -98.36
N PRO RA 272 34.57 20.17 -97.67
CA PRO RA 272 33.18 19.84 -97.93
C PRO RA 272 32.21 20.94 -97.56
N LEU RA 273 31.10 20.99 -98.27
CA LEU RA 273 30.04 21.94 -97.98
C LEU RA 273 28.71 21.23 -98.22
N THR RA 274 28.18 20.62 -97.18
CA THR RA 274 26.84 20.04 -97.24
C THR RA 274 26.03 20.55 -96.05
N SER RA 275 24.71 20.52 -96.23
CA SER RA 275 23.80 21.14 -95.28
C SER RA 275 23.80 20.37 -93.96
N ARG RA 276 22.98 20.84 -93.03
CA ARG RA 276 22.95 20.27 -91.68
C ARG RA 276 22.50 18.81 -91.71
N GLY RA 277 21.55 18.50 -92.56
CA GLY RA 277 21.04 17.15 -92.61
C GLY RA 277 21.83 16.20 -93.48
N SER RA 278 22.95 16.63 -94.04
CA SER RA 278 23.72 15.79 -94.91
C SER RA 278 25.10 15.43 -94.37
N GLN RA 279 25.48 15.94 -93.20
CA GLN RA 279 26.68 15.44 -92.55
C GLN RA 279 26.54 14.00 -92.11
N GLN RA 280 25.32 13.52 -91.92
CA GLN RA 280 25.12 12.12 -91.56
C GLN RA 280 25.19 11.18 -92.74
N TYR RA 281 25.12 11.69 -93.95
CA TYR RA 281 24.83 10.84 -95.09
C TYR RA 281 25.96 10.72 -96.09
N ARG RA 282 26.72 11.78 -96.33
CA ARG RA 282 27.69 11.74 -97.40
C ARG RA 282 28.93 10.95 -96.99
N ALA RA 283 29.49 10.23 -97.95
CA ALA RA 283 30.69 9.45 -97.73
C ALA RA 283 31.88 10.36 -97.94
N LEU RA 284 32.52 10.78 -96.85
CA LEU RA 284 33.62 11.73 -96.90
C LEU RA 284 34.84 11.04 -97.50
N SER RA 285 35.05 11.23 -98.79
CA SER RA 285 36.20 10.66 -99.47
C SER RA 285 36.90 11.73 -100.26
N VAL RA 286 38.20 11.51 -100.49
CA VAL RA 286 38.94 12.37 -101.42
C VAL RA 286 38.38 12.37 -102.84
N PRO RA 287 37.97 11.25 -103.44
CA PRO RA 287 37.35 11.36 -104.79
C PRO RA 287 36.09 12.21 -104.85
N GLU RA 288 35.26 12.24 -103.82
CA GLU RA 288 34.14 13.17 -103.88
C GLU RA 288 34.56 14.58 -103.51
N LEU RA 289 35.64 14.71 -102.76
CA LEU RA 289 36.15 16.03 -102.40
C LEU RA 289 36.62 16.77 -103.65
N THR RA 290 37.35 16.08 -104.51
CA THR RA 290 37.89 16.76 -105.67
C THR RA 290 36.83 17.04 -106.70
N GLN RA 291 35.71 16.33 -106.67
CA GLN RA 291 34.62 16.67 -107.56
C GLN RA 291 33.92 17.92 -107.09
N GLN RA 292 33.77 18.07 -105.78
CA GLN RA 292 33.15 19.28 -105.24
C GLN RA 292 34.04 20.48 -105.46
N MET RA 293 35.35 20.26 -105.51
CA MET RA 293 36.31 21.35 -105.54
C MET RA 293 36.44 21.99 -106.91
N PHE RA 294 36.36 21.20 -107.99
CA PHE RA 294 36.38 21.75 -109.34
C PHE RA 294 34.96 22.01 -109.86
N ASP RA 295 34.21 22.78 -109.09
CA ASP RA 295 32.91 23.25 -109.52
C ASP RA 295 32.85 24.75 -109.37
N ALA RA 296 32.20 25.40 -110.33
CA ALA RA 296 31.98 26.84 -110.22
C ALA RA 296 31.09 27.18 -109.03
N LYS RA 297 30.19 26.27 -108.65
CA LYS RA 297 29.31 26.52 -107.52
C LYS RA 297 30.06 26.48 -106.20
N ASN RA 298 31.22 25.84 -106.15
CA ASN RA 298 32.03 25.87 -104.95
C ASN RA 298 32.72 27.21 -104.80
N MET RA 299 32.98 27.89 -105.91
CA MET RA 299 33.92 29.01 -105.92
C MET RA 299 33.36 30.22 -105.18
N MET RA 300 34.22 30.85 -104.37
CA MET RA 300 33.90 32.08 -103.68
C MET RA 300 34.18 33.30 -104.54
N CYS RA 301 34.42 33.09 -105.82
CA CYS RA 301 34.60 34.13 -106.81
C CYS RA 301 33.45 34.08 -107.80
N ALA RA 302 32.73 35.20 -107.95
CA ALA RA 302 31.54 35.21 -108.77
C ALA RA 302 31.98 35.24 -110.23
N SER RA 303 32.43 34.09 -110.71
CA SER RA 303 32.87 33.97 -112.08
C SER RA 303 32.68 32.53 -112.52
N ASP RA 304 32.78 32.35 -113.83
CA ASP RA 304 32.70 31.02 -114.41
C ASP RA 304 34.08 30.63 -114.89
N PRO RA 305 34.79 29.77 -114.18
CA PRO RA 305 36.15 29.40 -114.61
C PRO RA 305 36.17 28.56 -115.86
N ARG RA 306 35.04 27.97 -116.26
CA ARG RA 306 35.02 27.19 -117.48
C ARG RA 306 34.99 28.06 -118.72
N HIS RA 307 34.79 29.36 -118.58
CA HIS RA 307 34.92 30.26 -119.71
C HIS RA 307 36.37 30.57 -120.04
N GLY RA 308 37.30 30.30 -119.12
CA GLY RA 308 38.71 30.50 -119.37
C GLY RA 308 39.51 29.27 -119.00
N ARG RA 309 40.81 29.44 -118.81
CA ARG RA 309 41.68 28.34 -118.40
C ARG RA 309 42.30 28.64 -117.05
N TYR RA 310 42.43 27.61 -116.23
CA TYR RA 310 43.18 27.72 -114.98
C TYR RA 310 44.65 27.76 -115.34
N LEU RA 311 45.30 28.91 -115.16
CA LEU RA 311 46.72 28.97 -115.51
C LEU RA 311 47.56 28.19 -114.52
N THR RA 312 47.44 28.50 -113.23
CA THR RA 312 48.01 27.68 -112.19
C THR RA 312 46.96 27.50 -111.10
N ALA RA 313 46.98 26.34 -110.45
CA ALA RA 313 45.98 26.03 -109.45
C ALA RA 313 46.65 25.25 -108.33
N SER RA 314 46.05 25.29 -107.14
CA SER RA 314 46.62 24.60 -106.00
C SER RA 314 45.55 24.28 -104.99
N ALA RA 315 45.63 23.09 -104.39
CA ALA RA 315 44.67 22.63 -103.40
C ALA RA 315 45.41 22.24 -102.15
N MET RA 316 45.04 22.82 -101.03
CA MET RA 316 45.64 22.50 -99.75
C MET RA 316 44.66 21.63 -98.99
N PHE RA 317 44.97 20.34 -98.87
CA PHE RA 317 44.15 19.40 -98.14
C PHE RA 317 44.57 19.38 -96.68
N ARG RA 318 43.65 18.98 -95.81
CA ARG RA 318 43.93 18.84 -94.39
C ARG RA 318 43.37 17.51 -93.90
N GLY RA 319 44.16 16.77 -93.12
CA GLY RA 319 43.63 15.58 -92.46
C GLY RA 319 44.41 14.30 -92.65
N ARG RA 320 44.19 13.33 -91.76
CA ARG RA 320 44.81 12.02 -91.89
C ARG RA 320 44.26 11.31 -93.11
N MET RA 321 45.12 11.05 -94.08
CA MET RA 321 44.61 10.82 -95.43
C MET RA 321 45.72 10.24 -96.30
N SER RA 322 45.34 9.31 -97.18
CA SER RA 322 46.30 8.68 -98.05
C SER RA 322 46.69 9.60 -99.18
N THR RA 323 47.93 9.49 -99.61
CA THR RA 323 48.50 10.44 -100.55
C THR RA 323 48.42 10.00 -102.01
N LYS RA 324 48.03 8.77 -102.27
CA LYS RA 324 47.69 8.39 -103.65
C LYS RA 324 46.53 9.18 -104.18
N GLU RA 325 45.38 9.07 -103.52
CA GLU RA 325 44.17 9.71 -103.98
C GLU RA 325 44.31 11.23 -103.97
N VAL RA 326 45.24 11.75 -103.20
CA VAL RA 326 45.64 13.14 -103.40
C VAL RA 326 46.29 13.31 -104.75
N ASP RA 327 47.33 12.52 -105.00
CA ASP RA 327 48.11 12.71 -106.21
C ASP RA 327 47.37 12.22 -107.45
N GLU RA 328 46.77 11.04 -107.39
CA GLU RA 328 46.22 10.47 -108.61
C GLU RA 328 44.94 11.16 -109.03
N GLN RA 329 44.20 11.77 -108.11
CA GLN RA 329 43.02 12.49 -108.58
C GLN RA 329 43.36 13.84 -109.14
N MET RA 330 44.46 14.45 -108.69
CA MET RA 330 44.91 15.66 -109.34
C MET RA 330 45.41 15.35 -110.75
N LEU RA 331 45.95 14.15 -110.94
CA LEU RA 331 46.25 13.67 -112.28
C LEU RA 331 44.98 13.51 -113.09
N ASN RA 332 43.94 12.94 -112.47
CA ASN RA 332 42.76 12.53 -113.20
C ASN RA 332 42.02 13.77 -113.71
N VAL RA 333 41.92 14.81 -112.88
CA VAL RA 333 41.22 16.01 -113.29
C VAL RA 333 41.97 16.74 -114.39
N GLN RA 334 43.31 16.72 -114.33
CA GLN RA 334 44.09 17.40 -115.34
C GLN RA 334 44.06 16.69 -116.68
N ASN RA 335 43.74 15.40 -116.69
CA ASN RA 335 43.68 14.67 -117.94
C ASN RA 335 42.27 14.55 -118.49
N LYS RA 336 41.24 14.73 -117.67
CA LYS RA 336 39.89 14.72 -118.23
C LYS RA 336 39.54 16.08 -118.82
N ASN RA 337 39.66 17.14 -118.05
CA ASN RA 337 39.29 18.48 -118.48
C ASN RA 337 40.50 19.09 -119.16
N SER RA 338 40.60 18.87 -120.47
CA SER RA 338 41.77 19.29 -121.21
C SER RA 338 41.78 20.80 -121.39
N SER RA 339 40.75 21.33 -122.03
CA SER RA 339 40.70 22.75 -122.37
C SER RA 339 40.55 23.65 -121.16
N TYR RA 340 40.26 23.09 -119.99
CA TYR RA 340 40.15 23.91 -118.79
C TYR RA 340 41.49 24.19 -118.15
N PHE RA 341 42.60 23.82 -118.80
CA PHE RA 341 43.91 24.10 -118.26
C PHE RA 341 44.84 24.55 -119.37
N VAL RA 342 45.79 25.42 -119.01
CA VAL RA 342 46.70 26.00 -119.99
C VAL RA 342 47.70 24.93 -120.43
N GLU RA 343 48.17 25.04 -121.67
CA GLU RA 343 48.98 23.99 -122.24
C GLU RA 343 50.45 24.07 -121.83
N TRP RA 344 51.06 25.24 -121.93
CA TRP RA 344 52.50 25.32 -121.81
C TRP RA 344 53.01 25.34 -120.37
N ILE RA 345 52.19 25.02 -119.39
CA ILE RA 345 52.68 24.65 -118.07
C ILE RA 345 52.06 23.29 -117.77
N PRO RA 346 52.63 22.19 -118.22
CA PRO RA 346 51.99 20.89 -117.97
C PRO RA 346 52.10 20.47 -116.52
N ASN RA 347 51.07 19.74 -116.09
CA ASN RA 347 50.83 19.36 -114.69
C ASN RA 347 50.78 20.61 -113.79
N ASN RA 348 49.71 21.38 -114.02
CA ASN RA 348 49.47 22.68 -113.41
C ASN RA 348 49.20 22.62 -111.91
N MET RA 349 49.24 21.46 -111.27
CA MET RA 349 48.55 21.29 -110.01
C MET RA 349 49.56 21.20 -108.87
N LYS RA 350 49.35 21.99 -107.83
CA LYS RA 350 50.13 21.89 -106.60
C LYS RA 350 49.26 21.33 -105.50
N SER RA 351 49.73 20.27 -104.85
CA SER RA 351 48.97 19.62 -103.79
C SER RA 351 49.79 19.66 -102.52
N SER RA 352 49.13 19.94 -101.41
CA SER RA 352 49.80 19.97 -100.12
C SER RA 352 48.91 19.32 -99.09
N VAL RA 353 49.50 18.47 -98.27
CA VAL RA 353 48.76 17.69 -97.30
C VAL RA 353 49.25 18.06 -95.91
N CYS RA 354 48.34 18.55 -95.08
CA CYS RA 354 48.61 18.78 -93.68
C CYS RA 354 47.81 17.78 -92.85
N ASP RA 355 48.40 17.33 -91.75
CA ASP RA 355 47.89 16.15 -91.06
C ASP RA 355 46.65 16.44 -90.23
N ILE RA 356 46.51 17.64 -89.69
CA ILE RA 356 45.49 17.93 -88.68
C ILE RA 356 44.35 18.67 -89.33
N PRO RA 357 43.14 18.10 -89.38
CA PRO RA 357 42.05 18.75 -90.05
C PRO RA 357 41.37 19.73 -89.13
N PRO RA 358 40.55 20.65 -89.66
CA PRO RA 358 39.78 21.55 -88.80
C PRO RA 358 38.73 20.78 -88.02
N LYS RA 359 38.33 21.35 -86.88
CA LYS RA 359 37.42 20.66 -85.99
C LYS RA 359 36.04 20.55 -86.60
N GLY RA 360 35.37 19.43 -86.29
CA GLY RA 360 34.06 19.15 -86.82
C GLY RA 360 34.13 18.15 -87.95
N LEU RA 361 35.10 18.32 -88.82
CA LEU RA 361 35.25 17.43 -89.96
C LEU RA 361 36.40 16.49 -89.70
N LYS RA 362 36.70 15.66 -90.67
CA LYS RA 362 37.87 14.80 -90.63
C LYS RA 362 38.80 15.01 -91.81
N MET RA 363 38.26 15.37 -92.97
CA MET RA 363 39.05 15.72 -94.13
C MET RA 363 38.50 17.02 -94.70
N SER RA 364 39.38 17.91 -95.12
CA SER RA 364 38.95 19.17 -95.70
C SER RA 364 39.96 19.60 -96.75
N VAL RA 365 39.54 20.51 -97.61
CA VAL RA 365 40.41 21.03 -98.66
C VAL RA 365 40.13 22.52 -98.81
N THR RA 366 41.18 23.28 -99.09
CA THR RA 366 41.06 24.68 -99.46
C THR RA 366 41.75 24.87 -100.80
N PHE RA 367 41.05 25.50 -101.74
CA PHE RA 367 41.47 25.52 -103.13
C PHE RA 367 41.75 26.94 -103.58
N VAL RA 368 42.88 27.14 -104.24
CA VAL RA 368 43.21 28.43 -104.81
C VAL RA 368 43.42 28.24 -106.30
N GLY RA 369 43.26 29.32 -107.05
CA GLY RA 369 43.51 29.22 -108.47
C GLY RA 369 43.73 30.56 -109.15
N ASN RA 370 44.81 30.68 -109.90
CA ASN RA 370 45.06 31.85 -110.72
C ASN RA 370 44.46 31.57 -112.09
N SER RA 371 43.34 32.20 -112.39
CA SER RA 371 42.60 31.87 -113.59
C SER RA 371 42.53 33.06 -114.54
N THR RA 372 42.49 32.76 -115.83
CA THR RA 372 42.27 33.78 -116.84
C THR RA 372 40.80 33.95 -117.16
N ALA RA 373 39.93 33.36 -116.37
CA ALA RA 373 38.52 33.73 -116.36
C ALA RA 373 38.24 34.84 -115.35
N ILE RA 374 39.28 35.44 -114.78
CA ILE RA 374 39.13 36.61 -113.92
C ILE RA 374 39.06 37.89 -114.76
N GLN RA 375 39.06 37.73 -116.09
CA GLN RA 375 38.80 38.85 -116.99
C GLN RA 375 37.44 39.46 -116.73
N GLU RA 376 36.47 38.64 -116.30
CA GLU RA 376 35.09 39.10 -116.25
C GLU RA 376 34.89 40.15 -115.17
N MET RA 377 35.72 40.16 -114.13
CA MET RA 377 35.67 41.26 -113.17
C MET RA 377 36.32 42.50 -113.73
N PHE RA 378 37.55 42.36 -114.22
CA PHE RA 378 38.30 43.54 -114.63
C PHE RA 378 37.66 44.20 -115.84
N LYS RA 379 36.98 43.43 -116.69
CA LYS RA 379 36.20 44.04 -117.76
C LYS RA 379 34.94 44.69 -117.22
N ARG RA 380 34.23 44.03 -116.30
CA ARG RA 380 32.99 44.56 -115.75
C ARG RA 380 33.25 45.82 -114.95
N VAL RA 381 34.36 45.85 -114.23
CA VAL RA 381 34.63 47.04 -113.44
C VAL RA 381 35.18 48.14 -114.33
N SER RA 382 35.87 47.78 -115.43
CA SER RA 382 36.42 48.82 -116.30
C SER RA 382 35.35 49.52 -117.11
N ASP RA 383 34.47 48.75 -117.77
CA ASP RA 383 33.48 49.41 -118.60
C ASP RA 383 32.42 50.13 -117.78
N GLN RA 384 32.17 49.68 -116.55
CA GLN RA 384 31.41 50.48 -115.61
C GLN RA 384 32.19 51.73 -115.23
N PHE RA 385 33.50 51.62 -115.07
CA PHE RA 385 34.30 52.80 -114.84
C PHE RA 385 34.45 53.62 -116.10
N THR RA 386 34.44 52.98 -117.26
CA THR RA 386 34.56 53.73 -118.52
C THR RA 386 33.31 54.53 -118.80
N ALA RA 387 32.14 53.91 -118.64
CA ALA RA 387 30.89 54.61 -118.92
C ALA RA 387 30.64 55.73 -117.92
N MET RA 388 31.02 55.52 -116.66
CA MET RA 388 30.76 56.48 -115.61
C MET RA 388 31.85 57.54 -115.54
N PHE RA 389 32.87 57.46 -116.40
CA PHE RA 389 33.87 58.53 -116.45
C PHE RA 389 33.79 59.35 -117.73
N ARG RA 390 33.12 58.87 -118.77
CA ARG RA 390 33.10 59.59 -120.04
C ARG RA 390 32.43 60.93 -119.93
N ARG RA 391 31.54 61.10 -118.96
CA ARG RA 391 30.91 62.40 -118.75
C ARG RA 391 31.00 62.82 -117.30
N LYS RA 392 32.10 62.44 -116.63
CA LYS RA 392 32.58 63.09 -115.41
C LYS RA 392 31.57 62.95 -114.26
N ALA RA 393 31.10 61.74 -114.04
CA ALA RA 393 30.13 61.50 -112.98
C ALA RA 393 30.84 61.41 -111.64
N PHE RA 394 30.41 62.24 -110.70
CA PHE RA 394 30.85 62.23 -109.30
C PHE RA 394 32.33 62.51 -109.13
N LEU RA 395 32.98 63.16 -110.08
CA LEU RA 395 34.40 63.43 -109.87
C LEU RA 395 34.67 64.51 -108.83
N HIS RA 396 33.72 65.41 -108.57
CA HIS RA 396 34.11 66.63 -107.89
C HIS RA 396 34.33 66.45 -106.39
N TRP RA 397 34.24 65.22 -105.87
CA TRP RA 397 34.70 64.99 -104.51
C TRP RA 397 36.14 64.50 -104.50
N TYR RA 398 36.48 63.61 -105.43
CA TYR RA 398 37.86 63.18 -105.55
C TYR RA 398 38.75 64.34 -105.95
N THR RA 399 38.31 65.14 -106.92
CA THR RA 399 39.03 66.36 -107.24
C THR RA 399 38.93 67.36 -106.12
N GLY RA 400 37.88 67.25 -105.29
CA GLY RA 400 37.73 68.18 -104.18
C GLY RA 400 38.73 67.96 -103.07
N GLU RA 401 39.22 66.74 -102.92
CA GLU RA 401 40.16 66.47 -101.83
C GLU RA 401 41.61 66.53 -102.26
N GLY RA 402 41.91 66.68 -103.55
CA GLY RA 402 43.29 66.86 -103.95
C GLY RA 402 43.81 65.88 -104.98
N MET RA 403 42.93 65.29 -105.79
CA MET RA 403 43.35 64.42 -106.87
C MET RA 403 43.46 65.23 -108.17
N ASP RA 404 43.58 64.53 -109.29
CA ASP RA 404 43.37 65.15 -110.58
C ASP RA 404 42.76 64.12 -111.52
N GLU RA 405 42.29 64.62 -112.66
CA GLU RA 405 41.76 63.74 -113.69
C GLU RA 405 42.84 62.83 -114.29
N MET RA 406 44.11 63.23 -114.16
CA MET RA 406 45.19 62.43 -114.74
C MET RA 406 45.43 61.14 -113.98
N GLU RA 407 45.20 61.12 -112.66
CA GLU RA 407 45.30 59.85 -111.94
C GLU RA 407 44.18 58.91 -112.31
N PHE RA 408 43.09 59.42 -112.86
CA PHE RA 408 41.98 58.56 -113.23
C PHE RA 408 42.21 57.93 -114.59
N THR RA 409 42.95 58.62 -115.47
CA THR RA 409 43.32 58.01 -116.74
C THR RA 409 44.28 56.86 -116.53
N GLU RA 410 45.29 57.06 -115.69
CA GLU RA 410 46.26 56.01 -115.45
C GLU RA 410 45.65 54.82 -114.72
N ALA RA 411 44.72 55.07 -113.81
CA ALA RA 411 44.06 53.98 -113.10
C ALA RA 411 43.23 53.13 -114.05
N GLU RA 412 42.70 53.74 -115.10
CA GLU RA 412 42.07 52.94 -116.14
C GLU RA 412 43.12 52.22 -116.96
N SER RA 413 44.20 52.90 -117.32
CA SER RA 413 45.19 52.31 -118.21
C SER RA 413 45.99 51.21 -117.51
N ASN RA 414 46.30 51.41 -116.23
CA ASN RA 414 47.02 50.38 -115.48
C ASN RA 414 46.19 49.12 -115.30
N MET RA 415 44.88 49.24 -115.36
CA MET RA 415 44.01 48.08 -115.26
C MET RA 415 43.44 47.68 -116.62
N ASN RA 416 43.56 48.53 -117.63
CA ASN RA 416 43.15 48.12 -118.98
C ASN RA 416 44.11 47.10 -119.56
N ASP RA 417 45.41 47.31 -119.38
CA ASP RA 417 46.39 46.35 -119.88
C ASP RA 417 46.31 45.03 -119.12
N LEU RA 418 45.84 45.09 -117.88
CA LEU RA 418 45.65 43.86 -117.11
C LEU RA 418 44.57 42.99 -117.72
N VAL RA 419 43.60 43.60 -118.40
CA VAL RA 419 42.60 42.81 -119.10
C VAL RA 419 43.22 42.12 -120.31
N SER RA 420 44.10 42.83 -121.02
CA SER RA 420 44.69 42.26 -122.23
C SER RA 420 45.72 41.18 -121.91
N GLU RA 421 46.50 41.37 -120.85
CA GLU RA 421 47.57 40.42 -120.54
C GLU RA 421 47.07 39.17 -119.84
N TYR RA 422 45.79 39.12 -119.49
CA TYR RA 422 45.17 37.83 -119.26
C TYR RA 422 44.68 37.23 -120.57
N GLN RA 423 44.17 38.08 -121.46
CA GLN RA 423 43.71 37.62 -122.77
C GLN RA 423 44.87 37.13 -123.62
N GLN RA 424 46.08 37.63 -123.35
CA GLN RA 424 47.24 37.20 -124.11
C GLN RA 424 47.55 35.73 -123.87
N TYR RA 425 47.20 35.21 -122.69
CA TYR RA 425 47.53 33.84 -122.32
C TYR RA 425 46.26 33.02 -122.19
N GLN RA 426 45.37 33.16 -123.16
CA GLN RA 426 44.17 32.35 -123.21
C GLN RA 426 44.01 31.75 -124.58
N MET SA 1 30.55 64.25 -79.34
CA MET SA 1 31.28 63.21 -80.03
C MET SA 1 30.89 63.16 -81.50
N ARG SA 2 30.01 62.22 -81.81
CA ARG SA 2 29.42 62.09 -83.14
C ARG SA 2 27.97 62.57 -83.01
N GLU SA 3 27.78 63.87 -83.24
CA GLU SA 3 26.49 64.49 -83.01
C GLU SA 3 26.08 65.29 -84.23
N VAL SA 4 24.81 65.64 -84.29
CA VAL SA 4 24.31 66.46 -85.38
C VAL SA 4 23.34 67.48 -84.80
N ILE SA 5 23.38 68.70 -85.33
CA ILE SA 5 22.67 69.84 -84.77
C ILE SA 5 21.52 70.19 -85.69
N SER SA 6 20.32 70.31 -85.12
CA SER SA 6 19.12 70.56 -85.90
C SER SA 6 18.68 72.01 -85.72
N ILE SA 7 18.43 72.69 -86.83
CA ILE SA 7 17.89 74.04 -86.85
C ILE SA 7 16.46 73.97 -87.37
N HIS SA 8 15.55 74.66 -86.70
CA HIS SA 8 14.16 74.70 -87.14
C HIS SA 8 13.76 76.15 -87.28
N VAL SA 9 13.65 76.61 -88.52
CA VAL SA 9 13.36 78.01 -88.81
C VAL SA 9 12.09 78.06 -89.62
N GLY SA 10 11.06 78.70 -89.09
CA GLY SA 10 9.79 78.81 -89.77
C GLY SA 10 8.67 78.12 -89.00
N GLN SA 11 7.44 78.51 -89.35
CA GLN SA 11 6.28 77.94 -88.69
C GLN SA 11 6.15 76.45 -88.98
N ALA SA 12 6.41 76.06 -90.23
CA ALA SA 12 6.37 74.65 -90.58
C ALA SA 12 7.44 73.87 -89.83
N GLY SA 13 8.60 74.47 -89.66
CA GLY SA 13 9.68 73.77 -89.00
C GLY SA 13 9.43 73.51 -87.52
N ILE SA 14 8.73 74.43 -86.85
CA ILE SA 14 8.61 74.31 -85.40
C ILE SA 14 7.69 73.14 -85.05
N GLN SA 15 6.58 72.99 -85.77
CA GLN SA 15 5.76 71.82 -85.52
C GLN SA 15 6.41 70.55 -86.00
N ILE SA 16 7.25 70.60 -87.03
CA ILE SA 16 7.99 69.41 -87.41
C ILE SA 16 8.98 69.05 -86.33
N GLY SA 17 9.67 70.05 -85.79
CA GLY SA 17 10.51 69.82 -84.64
C GLY SA 17 9.73 69.44 -83.41
N ASN SA 18 8.47 69.85 -83.33
CA ASN SA 18 7.62 69.37 -82.25
C ASN SA 18 7.36 67.88 -82.40
N ALA SA 19 7.13 67.43 -83.64
CA ALA SA 19 6.93 66.01 -83.87
C ALA SA 19 8.25 65.25 -83.80
N CYS SA 20 9.31 65.79 -84.42
CA CYS SA 20 10.55 65.05 -84.53
C CYS SA 20 11.20 64.83 -83.18
N TRP SA 21 11.14 65.81 -82.31
CA TRP SA 21 11.68 65.66 -80.97
C TRP SA 21 10.68 65.03 -80.02
N GLU SA 22 9.47 64.75 -80.49
CA GLU SA 22 8.60 63.87 -79.74
C GLU SA 22 9.02 62.43 -79.92
N LEU SA 23 9.45 62.09 -81.13
CA LEU SA 23 9.79 60.69 -81.42
C LEU SA 23 11.13 60.31 -80.82
N PHE SA 24 12.10 61.21 -80.86
CA PHE SA 24 13.43 60.91 -80.35
C PHE SA 24 13.45 60.81 -78.84
N CYS SA 25 12.44 61.33 -78.17
CA CYS SA 25 12.33 61.08 -76.75
C CYS SA 25 11.83 59.68 -76.46
N LEU SA 26 10.93 59.17 -77.31
CA LEU SA 26 10.41 57.83 -77.10
C LEU SA 26 11.33 56.74 -77.60
N GLU SA 27 12.15 57.02 -78.61
CA GLU SA 27 13.11 56.03 -79.09
C GLU SA 27 14.13 55.70 -78.01
N HIS SA 28 14.56 56.70 -77.25
CA HIS SA 28 15.50 56.49 -76.16
C HIS SA 28 14.85 56.62 -74.80
N GLY SA 29 13.53 56.75 -74.75
CA GLY SA 29 12.85 56.67 -73.48
C GLY SA 29 13.05 57.85 -72.56
N ILE SA 30 13.60 58.95 -73.05
CA ILE SA 30 13.81 60.12 -72.19
C ILE SA 30 12.47 60.79 -71.95
N GLN SA 31 12.05 60.84 -70.70
CA GLN SA 31 10.72 61.35 -70.41
C GLN SA 31 10.72 62.88 -70.52
N PRO SA 32 9.55 63.48 -70.82
CA PRO SA 32 9.50 64.92 -71.11
C PRO SA 32 10.03 65.85 -70.03
N ASP SA 33 10.33 65.37 -68.83
CA ASP SA 33 11.12 66.19 -67.93
C ASP SA 33 12.53 66.35 -68.47
N GLY SA 34 13.13 65.28 -68.97
CA GLY SA 34 14.47 65.38 -69.51
C GLY SA 34 15.44 64.35 -68.98
N GLN SA 35 14.95 63.41 -68.19
CA GLN SA 35 15.74 62.26 -67.79
C GLN SA 35 15.03 61.00 -68.21
N MET SA 36 15.62 59.87 -67.85
CA MET SA 36 15.06 58.55 -68.08
C MET SA 36 14.94 57.82 -66.75
N PRO SA 37 13.95 56.92 -66.61
CA PRO SA 37 13.79 56.23 -65.34
C PRO SA 37 14.86 55.18 -65.09
N ASP SA 47 26.10 55.28 -74.32
CA ASP SA 47 26.38 56.53 -75.00
C ASP SA 47 25.80 56.52 -76.40
N ALA SA 48 24.67 55.83 -76.57
CA ALA SA 48 24.05 55.74 -77.88
C ALA SA 48 23.19 56.95 -78.21
N PHE SA 49 22.85 57.79 -77.24
CA PHE SA 49 22.02 58.95 -77.49
C PHE SA 49 22.79 60.26 -77.48
N ASN SA 50 24.10 60.21 -77.65
CA ASN SA 50 24.87 61.44 -77.82
C ASN SA 50 24.71 62.04 -79.18
N THR SA 51 24.10 61.32 -80.12
CA THR SA 51 23.97 61.81 -81.49
C THR SA 51 22.88 62.86 -81.63
N PHE SA 52 21.92 62.89 -80.72
CA PHE SA 52 20.91 63.94 -80.73
C PHE SA 52 20.66 64.55 -79.36
N PHE SA 53 21.23 64.03 -78.30
CA PHE SA 53 20.97 64.56 -76.97
C PHE SA 53 22.28 64.85 -76.28
N SER SA 54 22.24 65.76 -75.33
CA SER SA 54 23.35 66.06 -74.44
C SER SA 54 23.04 65.45 -73.08
N GLU SA 55 23.91 65.71 -72.10
CA GLU SA 55 23.69 65.23 -70.75
C GLU SA 55 24.06 66.32 -69.76
N THR SA 56 23.06 66.86 -69.08
CA THR SA 56 23.32 67.89 -68.08
C THR SA 56 23.50 67.30 -66.69
N GLY SA 57 24.37 66.33 -66.58
CA GLY SA 57 24.79 65.83 -65.28
C GLY SA 57 23.90 64.71 -64.78
N ALA SA 58 23.23 64.94 -63.65
CA ALA SA 58 22.52 63.89 -62.93
C ALA SA 58 21.25 63.54 -63.69
N GLY SA 59 21.40 62.66 -64.69
CA GLY SA 59 20.29 62.10 -65.41
C GLY SA 59 19.68 62.99 -66.47
N LYS SA 60 19.89 64.29 -66.38
CA LYS SA 60 19.26 65.22 -67.31
C LYS SA 60 19.82 65.09 -68.72
N HIS SA 61 18.92 65.14 -69.70
CA HIS SA 61 19.32 65.19 -71.10
C HIS SA 61 18.61 66.36 -71.77
N VAL SA 62 19.35 67.10 -72.60
CA VAL SA 62 18.81 68.28 -73.28
C VAL SA 62 19.07 68.16 -74.77
N PRO SA 63 18.09 68.43 -75.62
CA PRO SA 63 18.29 68.23 -77.06
C PRO SA 63 19.29 69.18 -77.68
N ARG SA 64 19.87 68.74 -78.78
CA ARG SA 64 20.75 69.56 -79.60
C ARG SA 64 19.94 70.18 -80.72
N CYS SA 65 19.13 71.17 -80.36
CA CYS SA 65 18.28 71.83 -81.34
C CYS SA 65 18.24 73.32 -81.05
N VAL SA 66 17.88 74.08 -82.07
CA VAL SA 66 17.54 75.49 -81.94
C VAL SA 66 16.23 75.73 -82.69
N PHE SA 67 15.33 76.50 -82.08
CA PHE SA 67 14.06 76.84 -82.68
C PHE SA 67 14.04 78.33 -82.97
N LEU SA 68 13.78 78.68 -84.22
CA LEU SA 68 13.76 80.08 -84.65
C LEU SA 68 12.43 80.39 -85.29
N ASP SA 69 11.74 81.39 -84.78
CA ASP SA 69 10.54 81.89 -85.42
C ASP SA 69 10.33 83.34 -85.03
N LEU SA 70 10.06 84.18 -86.02
CA LEU SA 70 9.75 85.56 -85.73
C LEU SA 70 8.38 85.71 -85.13
N GLU SA 71 7.45 84.85 -85.52
CA GLU SA 71 6.13 84.83 -84.91
C GLU SA 71 6.26 84.35 -83.47
N PRO SA 72 5.89 85.15 -82.48
CA PRO SA 72 6.05 84.69 -81.10
C PRO SA 72 5.12 83.56 -80.74
N THR SA 73 4.01 83.43 -81.45
CA THR SA 73 2.91 82.59 -80.99
C THR SA 73 3.17 81.10 -81.12
N VAL SA 74 4.25 80.67 -81.76
CA VAL SA 74 4.49 79.24 -81.86
C VAL SA 74 5.62 78.85 -80.92
N VAL SA 75 6.45 79.82 -80.54
CA VAL SA 75 7.57 79.49 -79.67
C VAL SA 75 7.15 79.54 -78.21
N ASP SA 76 6.29 80.49 -77.84
CA ASP SA 76 5.82 80.52 -76.48
C ASP SA 76 4.84 79.40 -76.21
N GLU SA 77 4.08 79.03 -77.23
CA GLU SA 77 3.02 78.06 -77.05
C GLU SA 77 3.61 76.67 -76.82
N VAL SA 78 4.85 76.45 -77.24
CA VAL SA 78 5.59 75.27 -76.82
C VAL SA 78 6.43 75.54 -75.58
N ARG SA 79 6.69 76.81 -75.26
CA ARG SA 79 7.33 77.12 -73.99
C ARG SA 79 6.42 76.78 -72.83
N THR SA 80 5.12 76.91 -73.02
CA THR SA 80 4.14 76.63 -71.98
C THR SA 80 3.42 75.30 -72.19
N GLY SA 81 3.87 74.50 -73.15
CA GLY SA 81 3.19 73.24 -73.42
C GLY SA 81 3.55 72.12 -72.47
N THR SA 82 3.64 70.89 -72.99
CA THR SA 82 4.03 69.75 -72.18
C THR SA 82 5.54 69.72 -71.99
N TYR SA 83 6.29 69.76 -73.08
CA TYR SA 83 7.75 69.73 -73.04
C TYR SA 83 8.30 71.11 -72.69
N ARG SA 84 7.96 71.59 -71.51
CA ARG SA 84 8.55 72.84 -71.06
C ARG SA 84 10.03 72.66 -70.77
N HIS SA 85 10.38 71.63 -70.01
CA HIS SA 85 11.71 71.51 -69.45
C HIS SA 85 12.58 70.56 -70.24
N LEU SA 86 12.13 70.13 -71.41
CA LEU SA 86 13.01 69.37 -72.28
C LEU SA 86 14.12 70.25 -72.82
N PHE SA 87 13.77 71.41 -73.35
CA PHE SA 87 14.73 72.26 -74.06
C PHE SA 87 15.39 73.27 -73.11
N HIS SA 88 16.56 73.74 -73.52
CA HIS SA 88 17.17 74.87 -72.84
C HIS SA 88 16.30 76.09 -73.09
N PRO SA 89 16.19 76.99 -72.12
CA PRO SA 89 15.29 78.13 -72.30
C PRO SA 89 15.74 79.14 -73.35
N GLU SA 90 16.97 79.04 -73.87
CA GLU SA 90 17.31 79.87 -75.02
C GLU SA 90 17.77 79.03 -76.21
N GLN SA 91 17.34 77.79 -76.32
CA GLN SA 91 17.33 77.17 -77.63
C GLN SA 91 16.01 77.38 -78.33
N LEU SA 92 15.12 78.16 -77.74
CA LEU SA 92 13.84 78.52 -78.35
C LEU SA 92 13.85 80.03 -78.52
N ILE SA 93 14.45 80.50 -79.60
CA ILE SA 93 14.55 81.93 -79.87
C ILE SA 93 13.26 82.39 -80.52
N SER SA 94 12.69 83.46 -79.99
CA SER SA 94 11.42 83.99 -80.47
C SER SA 94 11.61 85.44 -80.87
N GLY SA 95 11.14 85.79 -82.06
CA GLY SA 95 11.19 87.16 -82.52
C GLY SA 95 10.17 88.03 -81.84
N LYS SA 96 9.76 89.07 -82.51
CA LYS SA 96 8.71 89.92 -81.97
C LYS SA 96 7.58 90.16 -82.95
N GLU SA 97 7.88 90.29 -84.24
CA GLU SA 97 6.87 90.50 -85.26
C GLU SA 97 7.11 89.55 -86.42
N ASP SA 98 6.04 89.19 -87.11
CA ASP SA 98 6.11 88.18 -88.15
C ASP SA 98 6.83 88.70 -89.38
N ALA SA 99 7.40 87.77 -90.15
CA ALA SA 99 7.88 88.10 -91.48
C ALA SA 99 6.71 88.32 -92.43
N ALA SA 100 5.71 87.44 -92.35
CA ALA SA 100 4.45 87.57 -93.08
C ALA SA 100 4.68 87.61 -94.58
N ASN SA 101 5.15 86.46 -95.10
CA ASN SA 101 5.14 86.15 -96.52
C ASN SA 101 5.94 87.12 -97.36
N ASN SA 102 6.91 87.79 -96.74
CA ASN SA 102 7.74 88.77 -97.40
C ASN SA 102 9.18 88.33 -97.20
N PHE SA 103 9.84 87.94 -98.29
CA PHE SA 103 11.22 87.52 -98.21
C PHE SA 103 12.12 88.66 -97.77
N ALA SA 104 11.77 89.88 -98.16
CA ALA SA 104 12.61 91.03 -97.84
C ALA SA 104 12.62 91.31 -96.35
N ARG SA 105 11.48 91.14 -95.68
CA ARG SA 105 11.45 91.27 -94.24
C ARG SA 105 12.26 90.17 -93.59
N GLY SA 106 12.18 88.96 -94.13
CA GLY SA 106 12.91 87.85 -93.53
C GLY SA 106 14.41 87.89 -93.76
N HIS SA 107 14.86 88.73 -94.68
CA HIS SA 107 16.28 88.78 -95.02
C HIS SA 107 16.97 90.04 -94.57
N TYR SA 108 16.30 91.18 -94.61
CA TYR SA 108 17.00 92.45 -94.49
C TYR SA 108 16.60 93.24 -93.24
N THR SA 109 15.32 93.53 -93.05
CA THR SA 109 14.93 94.46 -92.02
C THR SA 109 14.87 93.83 -90.64
N ILE SA 110 13.96 92.88 -90.44
CA ILE SA 110 13.76 92.38 -89.07
C ILE SA 110 14.56 91.12 -88.78
N GLY SA 111 15.06 90.44 -89.80
CA GLY SA 111 15.77 89.20 -89.54
C GLY SA 111 17.14 89.41 -88.93
N LYS SA 112 17.71 90.60 -89.10
CA LYS SA 112 19.10 90.79 -88.73
C LYS SA 112 19.29 90.78 -87.23
N GLU SA 113 18.27 91.17 -86.47
CA GLU SA 113 18.43 91.22 -85.03
C GLU SA 113 18.39 89.84 -84.41
N ILE SA 114 17.89 88.85 -85.12
CA ILE SA 114 17.67 87.54 -84.51
C ILE SA 114 18.70 86.50 -84.93
N VAL SA 115 19.42 86.72 -86.03
CA VAL SA 115 20.40 85.72 -86.46
C VAL SA 115 21.60 85.75 -85.54
N ASP SA 116 22.07 86.95 -85.17
CA ASP SA 116 23.25 87.07 -84.32
C ASP SA 116 22.99 86.48 -82.94
N LEU SA 117 21.75 86.55 -82.47
CA LEU SA 117 21.38 85.82 -81.28
C LEU SA 117 21.30 84.33 -81.54
N SER SA 118 20.89 83.94 -82.75
CA SER SA 118 20.77 82.52 -83.06
C SER SA 118 22.12 81.87 -83.23
N LEU SA 119 23.01 82.48 -84.01
CA LEU SA 119 24.29 81.87 -84.30
C LEU SA 119 25.22 81.87 -83.10
N ASP SA 120 24.91 82.65 -82.07
CA ASP SA 120 25.63 82.50 -80.83
C ASP SA 120 25.30 81.17 -80.17
N ARG SA 121 24.06 80.71 -80.33
CA ARG SA 121 23.66 79.46 -79.71
C ARG SA 121 24.20 78.27 -80.47
N ILE SA 122 24.30 78.38 -81.79
CA ILE SA 122 24.87 77.29 -82.57
C ILE SA 122 26.33 77.09 -82.19
N ARG SA 123 27.05 78.18 -82.00
CA ARG SA 123 28.47 78.10 -81.69
C ARG SA 123 28.71 77.46 -80.34
N LYS SA 124 27.85 77.76 -79.35
CA LYS SA 124 27.97 77.10 -78.06
C LYS SA 124 27.73 75.60 -78.19
N LEU SA 125 26.84 75.21 -79.08
CA LEU SA 125 26.60 73.79 -79.30
C LEU SA 125 27.73 73.16 -80.08
N ALA SA 126 28.37 73.93 -80.96
CA ALA SA 126 29.38 73.36 -81.85
C ALA SA 126 30.76 73.31 -81.23
N ASP SA 127 30.99 74.03 -80.14
CA ASP SA 127 32.28 73.97 -79.46
C ASP SA 127 32.34 72.86 -78.44
N ASN SA 128 31.32 72.00 -78.38
CA ASN SA 128 31.35 70.87 -77.47
C ASN SA 128 32.35 69.82 -77.93
N CYS SA 129 32.16 69.27 -79.11
CA CYS SA 129 33.05 68.25 -79.63
C CYS SA 129 33.17 68.37 -81.13
N THR SA 130 34.41 68.28 -81.63
CA THR SA 130 34.62 68.15 -83.05
C THR SA 130 34.14 66.77 -83.52
N GLY SA 131 34.21 66.55 -84.82
CA GLY SA 131 33.50 65.42 -85.36
C GLY SA 131 32.01 65.65 -85.45
N LEU SA 132 31.58 66.91 -85.37
CA LEU SA 132 30.19 67.28 -85.62
C LEU SA 132 29.81 66.83 -87.02
N GLN SA 133 28.87 65.91 -87.09
CA GLN SA 133 28.56 65.23 -88.34
C GLN SA 133 28.01 66.19 -89.37
N GLY SA 134 27.17 67.13 -88.96
CA GLY SA 134 26.57 68.05 -89.90
C GLY SA 134 25.44 68.85 -89.25
N PHE SA 135 24.58 69.41 -90.09
CA PHE SA 135 23.48 70.24 -89.66
C PHE SA 135 22.24 69.81 -90.42
N LEU SA 136 21.22 69.37 -89.70
CA LEU SA 136 19.89 69.34 -90.29
C LEU SA 136 19.20 70.68 -90.12
N MET SA 137 18.25 70.94 -91.00
CA MET SA 137 17.59 72.23 -91.05
C MET SA 137 16.24 72.02 -91.71
N PHE SA 138 15.17 72.33 -91.01
CA PHE SA 138 13.81 72.17 -91.51
C PHE SA 138 13.19 73.54 -91.68
N ASN SA 139 12.56 73.78 -92.82
CA ASN SA 139 11.93 75.07 -93.02
C ASN SA 139 10.80 74.93 -94.00
N ALA SA 140 9.90 75.90 -93.94
CA ALA SA 140 8.98 76.09 -95.04
C ALA SA 140 9.67 76.87 -96.14
N VAL SA 141 9.02 76.93 -97.29
CA VAL SA 141 9.53 77.74 -98.39
C VAL SA 141 8.50 78.68 -98.96
N GLY SA 142 7.21 78.45 -98.74
CA GLY SA 142 6.19 79.32 -99.30
C GLY SA 142 5.91 80.52 -98.43
N GLY SA 143 6.29 80.43 -97.16
CA GLY SA 143 6.12 81.52 -96.23
C GLY SA 143 7.33 82.43 -96.17
N GLY SA 144 7.25 83.38 -95.25
CA GLY SA 144 8.34 84.33 -95.11
C GLY SA 144 9.51 83.81 -94.31
N THR SA 145 9.30 83.57 -93.02
CA THR SA 145 10.44 83.29 -92.16
C THR SA 145 11.00 81.91 -92.36
N GLY SA 146 10.26 81.02 -93.02
CA GLY SA 146 10.86 79.76 -93.44
C GLY SA 146 11.87 79.92 -94.55
N SER SA 147 11.76 80.99 -95.32
CA SER SA 147 12.66 81.20 -96.44
C SER SA 147 13.65 82.32 -96.19
N GLY SA 148 13.16 83.50 -95.79
CA GLY SA 148 14.04 84.64 -95.65
C GLY SA 148 15.05 84.47 -94.53
N LEU SA 149 14.58 84.01 -93.38
CA LEU SA 149 15.50 83.83 -92.26
C LEU SA 149 16.44 82.66 -92.51
N GLY SA 150 16.00 81.70 -93.31
CA GLY SA 150 16.87 80.58 -93.61
C GLY SA 150 18.08 80.99 -94.43
N CYS SA 151 17.87 81.84 -95.42
CA CYS SA 151 18.96 82.27 -96.27
C CYS SA 151 20.03 82.99 -95.47
N LEU SA 152 19.63 83.95 -94.65
CA LEU SA 152 20.58 84.66 -93.82
C LEU SA 152 21.25 83.75 -92.81
N LEU SA 153 20.60 82.64 -92.47
CA LEU SA 153 21.24 81.70 -91.56
C LEU SA 153 22.28 80.86 -92.28
N LEU SA 154 21.91 80.24 -93.38
CA LEU SA 154 22.84 79.31 -94.04
C LEU SA 154 23.95 80.03 -94.77
N GLU SA 155 23.75 81.28 -95.19
CA GLU SA 155 24.87 82.03 -95.76
C GLU SA 155 25.96 82.23 -94.73
N ARG SA 156 25.62 82.72 -93.54
CA ARG SA 156 26.65 82.97 -92.54
C ARG SA 156 27.09 81.68 -91.86
N LEU SA 157 26.22 80.67 -91.81
CA LEU SA 157 26.67 79.37 -91.30
C LEU SA 157 27.69 78.74 -92.23
N SER SA 158 27.53 78.94 -93.54
CA SER SA 158 28.50 78.37 -94.48
C SER SA 158 29.82 79.10 -94.44
N VAL SA 159 29.86 80.33 -93.92
CA VAL SA 159 31.12 81.03 -93.83
C VAL SA 159 31.96 80.48 -92.68
N ASP SA 160 31.33 80.26 -91.53
CA ASP SA 160 32.09 79.83 -90.36
C ASP SA 160 32.38 78.32 -90.40
N TYR SA 161 31.33 77.50 -90.37
CA TYR SA 161 31.49 76.06 -90.37
C TYR SA 161 31.28 75.53 -91.78
N GLY SA 162 32.22 75.91 -92.65
CA GLY SA 162 32.04 75.69 -94.07
C GLY SA 162 32.11 74.24 -94.49
N LYS SA 163 33.09 73.49 -93.96
CA LYS SA 163 33.41 72.20 -94.53
C LYS SA 163 32.36 71.14 -94.23
N LYS SA 164 31.52 71.35 -93.21
CA LYS SA 164 30.55 70.35 -92.83
C LYS SA 164 29.44 70.25 -93.88
N SER SA 165 28.77 69.10 -93.89
CA SER SA 165 27.65 68.88 -94.79
C SER SA 165 26.36 69.35 -94.12
N LYS SA 166 25.52 70.03 -94.88
CA LYS SA 166 24.27 70.59 -94.38
C LYS SA 166 23.10 69.96 -95.12
N LEU SA 167 22.09 69.55 -94.38
CA LEU SA 167 20.89 68.93 -94.91
C LEU SA 167 19.72 69.87 -94.75
N ASN SA 168 18.80 69.83 -95.70
CA ASN SA 168 17.66 70.73 -95.72
C ASN SA 168 16.43 69.87 -95.96
N PHE SA 169 15.28 70.34 -95.52
CA PHE SA 169 14.00 69.68 -95.77
C PHE SA 169 12.97 70.76 -96.07
N CYS SA 170 12.82 71.10 -97.35
CA CYS SA 170 11.95 72.18 -97.78
C CYS SA 170 10.55 71.64 -98.01
N SER SA 171 9.56 72.28 -97.40
CA SER SA 171 8.17 71.95 -97.66
C SER SA 171 7.74 72.73 -98.90
N TRP SA 172 8.15 72.21 -100.04
CA TRP SA 172 7.88 72.84 -101.32
C TRP SA 172 6.37 72.80 -101.58
N PRO SA 173 5.83 73.77 -102.29
CA PRO SA 173 4.37 73.82 -102.43
C PRO SA 173 3.84 72.75 -103.35
N SER SA 174 2.60 72.43 -103.16
CA SER SA 174 1.95 71.55 -104.11
C SER SA 174 1.48 72.34 -105.32
N PRO SA 175 1.36 71.71 -106.47
CA PRO SA 175 0.86 72.42 -107.66
C PRO SA 175 -0.61 72.79 -107.58
N GLN SA 176 -1.35 72.32 -106.58
CA GLN SA 176 -2.75 72.68 -106.44
C GLN SA 176 -3.03 73.52 -105.20
N VAL SA 177 -2.50 73.13 -104.05
CA VAL SA 177 -2.74 73.84 -102.80
C VAL SA 177 -1.55 74.74 -102.53
N SER SA 178 -1.83 76.03 -102.25
CA SER SA 178 -0.74 76.97 -102.05
C SER SA 178 -0.86 77.71 -100.72
N THR SA 179 -2.09 78.03 -100.31
CA THR SA 179 -2.39 78.82 -99.11
C THR SA 179 -1.69 80.19 -99.09
N ALA SA 180 -1.32 80.70 -100.27
CA ALA SA 180 -0.78 82.05 -100.45
C ALA SA 180 -0.80 82.33 -101.93
N VAL SA 181 -0.77 83.61 -102.29
CA VAL SA 181 -0.58 83.98 -103.70
C VAL SA 181 0.74 84.67 -103.93
N VAL SA 182 1.43 85.11 -102.87
CA VAL SA 182 2.79 85.57 -103.00
C VAL SA 182 3.75 84.41 -102.79
N GLU SA 183 3.23 83.19 -102.84
CA GLU SA 183 4.06 82.01 -102.60
C GLU SA 183 5.17 81.81 -103.64
N PRO SA 184 4.95 81.94 -104.96
CA PRO SA 184 6.09 81.74 -105.88
C PRO SA 184 7.24 82.71 -105.69
N TYR SA 185 6.97 83.98 -105.35
CA TYR SA 185 8.06 84.90 -105.01
C TYR SA 185 8.87 84.42 -103.83
N ASN SA 186 8.21 83.94 -102.79
CA ASN SA 186 8.95 83.47 -101.62
C ASN SA 186 9.74 82.23 -101.94
N SER SA 187 9.34 81.49 -102.98
CA SER SA 187 9.92 80.17 -103.14
C SER SA 187 10.97 80.15 -104.25
N VAL SA 188 10.93 81.09 -105.19
CA VAL SA 188 12.04 81.18 -106.13
C VAL SA 188 13.19 81.97 -105.51
N LEU SA 189 12.88 82.97 -104.70
CA LEU SA 189 13.92 83.75 -104.05
C LEU SA 189 14.70 82.91 -103.06
N SER SA 190 14.05 81.90 -102.49
CA SER SA 190 14.77 80.87 -101.75
C SER SA 190 15.64 80.05 -102.68
N THR SA 191 15.16 79.80 -103.90
CA THR SA 191 15.80 78.82 -104.74
C THR SA 191 17.17 79.29 -105.21
N HIS SA 192 17.33 80.58 -105.48
CA HIS SA 192 18.67 81.07 -105.76
C HIS SA 192 19.56 80.99 -104.53
N SER SA 193 18.97 81.07 -103.34
CA SER SA 193 19.75 81.02 -102.11
C SER SA 193 19.89 79.63 -101.53
N LEU SA 194 19.23 78.62 -102.08
CA LEU SA 194 19.49 77.27 -101.61
C LEU SA 194 20.29 76.44 -102.59
N LEU SA 195 20.36 76.88 -103.86
CA LEU SA 195 21.20 76.18 -104.82
C LEU SA 195 22.67 76.36 -104.51
N GLU SA 196 23.05 77.51 -103.97
CA GLU SA 196 24.44 77.74 -103.64
C GLU SA 196 24.79 77.37 -102.20
N HIS SA 197 23.85 76.86 -101.42
CA HIS SA 197 24.21 76.57 -100.04
C HIS SA 197 23.78 75.22 -99.47
N THR SA 198 22.70 74.63 -99.98
CA THR SA 198 22.21 73.38 -99.43
C THR SA 198 22.89 72.22 -100.13
N ASP SA 199 23.51 71.33 -99.35
CA ASP SA 199 24.24 70.23 -99.95
C ASP SA 199 23.29 69.17 -100.47
N VAL SA 200 22.25 68.85 -99.72
CA VAL SA 200 21.18 67.95 -100.17
C VAL SA 200 19.88 68.52 -99.64
N ALA SA 201 18.92 68.77 -100.53
CA ALA SA 201 17.61 69.26 -100.14
C ALA SA 201 16.57 68.25 -100.58
N VAL SA 202 15.63 67.96 -99.70
CA VAL SA 202 14.61 66.94 -99.95
C VAL SA 202 13.27 67.63 -100.08
N MET SA 203 12.56 67.33 -101.15
CA MET SA 203 11.31 68.01 -101.49
C MET SA 203 10.15 67.22 -100.93
N LEU SA 204 9.67 67.64 -99.76
CA LEU SA 204 8.48 67.07 -99.15
C LEU SA 204 7.30 67.97 -99.47
N ASP SA 205 6.28 67.41 -100.11
CA ASP SA 205 5.17 68.20 -100.59
C ASP SA 205 3.89 67.78 -99.91
N ASN SA 206 2.99 68.74 -99.71
CA ASN SA 206 1.86 68.51 -98.84
C ASN SA 206 0.81 67.62 -99.49
N GLU SA 207 0.55 67.79 -100.79
CA GLU SA 207 -0.53 66.98 -101.35
C GLU SA 207 -0.10 65.54 -101.51
N ALA SA 208 1.19 65.28 -101.63
CA ALA SA 208 1.68 63.91 -101.61
C ALA SA 208 1.48 63.29 -100.24
N ILE SA 209 1.72 64.07 -99.19
CA ILE SA 209 1.49 63.50 -97.87
C ILE SA 209 0.00 63.53 -97.57
N TYR SA 210 -0.74 64.38 -98.28
CA TYR SA 210 -2.19 64.39 -98.15
C TYR SA 210 -2.81 63.13 -98.71
N ASP SA 211 -2.32 62.66 -99.85
CA ASP SA 211 -3.00 61.49 -100.40
C ASP SA 211 -2.33 60.18 -100.02
N ILE SA 212 -1.10 60.20 -99.49
CA ILE SA 212 -0.49 58.96 -99.01
C ILE SA 212 -1.29 58.43 -97.83
N CYS SA 213 -1.88 59.33 -97.05
CA CYS SA 213 -2.79 58.88 -96.01
C CYS SA 213 -4.20 58.71 -96.52
N ARG SA 214 -4.43 58.95 -97.82
CA ARG SA 214 -5.78 58.77 -98.33
C ARG SA 214 -5.94 57.41 -98.99
N ARG SA 215 -4.90 56.90 -99.65
CA ARG SA 215 -4.97 55.59 -100.28
C ARG SA 215 -4.46 54.47 -99.38
N ASN SA 216 -3.49 54.75 -98.50
CA ASN SA 216 -3.02 53.77 -97.52
C ASN SA 216 -3.81 53.82 -96.22
N LEU SA 217 -3.67 54.93 -95.49
CA LEU SA 217 -4.24 55.02 -94.16
C LEU SA 217 -5.76 55.07 -94.17
N ASP SA 218 -6.36 55.47 -95.31
CA ASP SA 218 -7.81 55.56 -95.47
C ASP SA 218 -8.44 56.47 -94.43
N ILE SA 219 -7.73 57.52 -94.05
CA ILE SA 219 -8.23 58.52 -93.11
C ILE SA 219 -8.55 59.77 -93.91
N GLU SA 220 -9.76 60.29 -93.75
CA GLU SA 220 -10.21 61.39 -94.58
C GLU SA 220 -9.88 62.75 -93.99
N ARG SA 221 -10.04 62.95 -92.68
CA ARG SA 221 -9.82 64.25 -92.06
C ARG SA 221 -8.87 64.20 -90.85
N PRO SA 222 -7.56 63.86 -91.05
CA PRO SA 222 -6.56 64.32 -90.07
C PRO SA 222 -5.84 65.59 -90.51
N THR SA 223 -5.39 66.38 -89.54
CA THR SA 223 -4.85 67.71 -89.79
C THR SA 223 -3.34 67.65 -89.96
N TYR SA 224 -2.69 68.83 -89.93
CA TYR SA 224 -1.25 68.97 -90.17
C TYR SA 224 -0.42 68.15 -89.20
N THR SA 225 -0.89 67.94 -87.97
CA THR SA 225 -0.07 67.27 -86.98
C THR SA 225 0.13 65.80 -87.30
N ASN SA 226 -0.73 65.21 -88.11
CA ASN SA 226 -0.48 63.84 -88.50
C ASN SA 226 0.49 63.76 -89.67
N LEU SA 227 0.59 64.82 -90.47
CA LEU SA 227 1.60 64.86 -91.51
C LEU SA 227 2.99 64.94 -90.91
N ASN SA 228 3.09 65.59 -89.76
CA ASN SA 228 4.40 65.74 -89.14
C ASN SA 228 4.84 64.44 -88.46
N ARG SA 229 3.90 63.55 -88.15
CA ARG SA 229 4.29 62.23 -87.69
C ARG SA 229 4.90 61.43 -88.82
N LEU SA 230 4.40 61.62 -90.04
CA LEU SA 230 5.02 61.04 -91.22
C LEU SA 230 6.44 61.53 -91.41
N ILE SA 231 6.65 62.85 -91.30
CA ILE SA 231 7.98 63.41 -91.50
C ILE SA 231 8.91 62.96 -90.40
N ALA SA 232 8.40 62.84 -89.18
CA ALA SA 232 9.21 62.35 -88.08
C ALA SA 232 9.64 60.90 -88.31
N GLN SA 233 8.86 60.15 -89.09
CA GLN SA 233 9.25 58.78 -89.38
C GLN SA 233 10.46 58.73 -90.30
N VAL SA 234 10.53 59.66 -91.26
CA VAL SA 234 11.66 59.65 -92.18
C VAL SA 234 12.92 60.13 -91.49
N ILE SA 235 12.82 61.23 -90.74
CA ILE SA 235 14.01 61.82 -90.13
C ILE SA 235 14.58 60.88 -89.08
N SER SA 236 13.72 60.16 -88.37
CA SER SA 236 14.20 59.10 -87.50
C SER SA 236 14.87 58.00 -88.31
N SER SA 237 14.26 57.61 -89.42
CA SER SA 237 14.81 56.53 -90.22
C SER SA 237 16.10 56.91 -90.89
N LEU SA 238 16.26 58.17 -91.26
CA LEU SA 238 17.47 58.61 -91.96
C LEU SA 238 18.68 58.57 -91.04
N THR SA 239 18.53 59.06 -89.81
CA THR SA 239 19.65 59.18 -88.89
C THR SA 239 19.71 58.08 -87.86
N ALA SA 240 18.90 57.03 -87.99
CA ALA SA 240 18.94 55.96 -87.00
C ALA SA 240 20.21 55.14 -87.08
N SER SA 241 20.88 55.13 -88.22
CA SER SA 241 22.09 54.32 -88.36
C SER SA 241 23.21 54.90 -87.52
N LEU SA 242 23.22 56.22 -87.34
CA LEU SA 242 24.09 56.80 -86.33
C LEU SA 242 23.68 56.36 -84.94
N ARG SA 243 22.38 56.24 -84.72
CA ARG SA 243 21.89 55.99 -83.37
C ARG SA 243 22.15 54.55 -82.94
N PHE SA 244 21.91 53.60 -83.84
CA PHE SA 244 21.93 52.19 -83.48
C PHE SA 244 22.84 51.42 -84.43
N ASP SA 245 23.52 50.43 -83.88
CA ASP SA 245 24.39 49.58 -84.68
C ASP SA 245 23.56 48.64 -85.54
N GLY SA 246 24.15 48.19 -86.64
CA GLY SA 246 23.41 47.37 -87.57
C GLY SA 246 24.31 46.61 -88.51
N ALA SA 247 23.68 45.99 -89.50
CA ALA SA 247 24.41 45.14 -90.44
C ALA SA 247 25.30 45.96 -91.37
N LEU SA 248 24.74 47.00 -91.98
CA LEU SA 248 25.52 47.87 -92.87
C LEU SA 248 25.11 49.30 -92.55
N ASN SA 249 25.95 49.99 -91.78
CA ASN SA 249 25.62 51.31 -91.31
C ASN SA 249 25.74 52.32 -92.44
N VAL SA 250 25.09 53.46 -92.26
CA VAL SA 250 25.18 54.57 -93.21
C VAL SA 250 25.28 55.87 -92.41
N ASP SA 251 26.10 56.79 -92.87
CA ASP SA 251 26.30 58.04 -92.18
C ASP SA 251 25.61 59.16 -92.94
N VAL SA 252 25.72 60.38 -92.41
CA VAL SA 252 25.08 61.52 -93.03
C VAL SA 252 25.95 62.10 -94.13
N THR SA 253 27.27 62.02 -93.98
CA THR SA 253 28.16 62.41 -95.06
C THR SA 253 28.08 61.49 -96.25
N GLU SA 254 27.43 60.34 -96.09
CA GLU SA 254 27.29 59.41 -97.19
C GLU SA 254 26.49 60.00 -98.32
N PHE SA 255 25.29 60.51 -98.03
CA PHE SA 255 24.38 60.94 -99.08
C PHE SA 255 24.96 62.11 -99.84
N GLN SA 256 25.81 62.89 -99.20
CA GLN SA 256 26.49 63.98 -99.88
C GLN SA 256 27.39 63.42 -100.96
N THR SA 257 28.25 62.47 -100.62
CA THR SA 257 29.19 61.92 -101.59
C THR SA 257 28.53 60.92 -102.54
N ASN SA 258 27.59 60.13 -102.05
CA ASN SA 258 27.00 59.02 -102.78
C ASN SA 258 25.86 59.47 -103.69
N LEU SA 259 24.94 60.29 -103.21
CA LEU SA 259 23.70 60.46 -103.95
C LEU SA 259 23.81 61.46 -105.10
N VAL SA 260 24.32 62.65 -104.84
CA VAL SA 260 24.26 63.75 -105.80
C VAL SA 260 25.46 63.70 -106.74
N PRO SA 261 25.25 63.73 -108.05
CA PRO SA 261 26.38 63.66 -108.99
C PRO SA 261 27.18 64.94 -109.21
N TYR SA 262 26.53 66.07 -109.36
CA TYR SA 262 27.15 67.33 -109.75
C TYR SA 262 26.78 68.40 -108.73
N PRO SA 263 27.60 69.44 -108.57
CA PRO SA 263 27.37 70.39 -107.47
C PRO SA 263 26.07 71.16 -107.57
N ARG SA 264 25.53 71.34 -108.75
CA ARG SA 264 24.27 72.07 -108.89
C ARG SA 264 23.08 71.14 -109.00
N ILE SA 265 23.25 69.85 -108.82
CA ILE SA 265 22.16 68.91 -109.01
C ILE SA 265 22.05 68.19 -107.68
N HIS SA 266 21.29 68.73 -106.74
CA HIS SA 266 21.21 68.08 -105.43
C HIS SA 266 19.81 68.14 -104.83
N PHE SA 267 18.81 67.78 -105.62
CA PHE SA 267 17.46 67.68 -105.10
C PHE SA 267 17.03 66.22 -104.99
N MET SA 268 16.04 65.98 -104.14
CA MET SA 268 15.68 64.63 -103.76
C MET SA 268 14.21 64.38 -104.09
N LEU SA 269 13.80 63.14 -103.88
CA LEU SA 269 12.39 62.75 -103.85
C LEU SA 269 12.26 61.56 -102.92
N SER SA 270 11.67 61.76 -101.75
CA SER SA 270 11.78 60.80 -100.65
C SER SA 270 10.59 59.85 -100.61
N SER SA 271 10.76 58.78 -99.84
CA SER SA 271 9.67 57.83 -99.63
C SER SA 271 9.89 57.08 -98.33
N TYR SA 272 8.82 56.46 -97.85
CA TYR SA 272 8.84 55.66 -96.65
C TYR SA 272 7.88 54.50 -96.84
N ALA SA 273 8.24 53.36 -96.28
CA ALA SA 273 7.43 52.16 -96.44
C ALA SA 273 7.82 51.19 -95.34
N PRO SA 274 6.87 50.43 -94.80
CA PRO SA 274 5.45 50.51 -95.12
C PRO SA 274 4.73 51.52 -94.24
N ILE SA 275 4.17 52.53 -94.91
CA ILE SA 275 3.17 53.40 -94.28
C ILE SA 275 1.82 52.71 -94.46
N ILE SA 276 1.55 51.79 -93.57
CA ILE SA 276 0.39 50.92 -93.67
C ILE SA 276 -0.40 51.01 -92.38
N SER SA 277 -1.72 50.99 -92.50
CA SER SA 277 -2.63 51.40 -91.43
C SER SA 277 -2.58 50.42 -90.27
N ALA SA 278 -3.34 50.75 -89.23
CA ALA SA 278 -3.26 49.98 -88.01
C ALA SA 278 -3.91 48.62 -88.15
N GLU SA 279 -4.86 48.47 -89.07
CA GLU SA 279 -5.68 47.27 -89.11
C GLU SA 279 -5.52 46.44 -90.35
N LYS SA 280 -5.14 47.04 -91.47
CA LYS SA 280 -4.80 46.24 -92.63
C LYS SA 280 -3.45 45.55 -92.44
N ALA SA 281 -2.56 46.15 -91.66
CA ALA SA 281 -1.18 45.67 -91.58
C ALA SA 281 -1.07 44.38 -90.80
N TYR SA 282 -1.73 44.31 -89.65
CA TYR SA 282 -1.66 43.12 -88.81
C TYR SA 282 -2.27 41.91 -89.48
N HIS SA 283 -3.08 42.12 -90.52
CA HIS SA 283 -3.58 41.07 -91.37
C HIS SA 283 -2.63 40.72 -92.48
N GLU SA 284 -1.47 41.36 -92.56
CA GLU SA 284 -0.69 41.29 -93.79
C GLU SA 284 0.73 40.80 -93.54
N GLN SA 285 1.20 39.93 -94.42
CA GLN SA 285 2.60 39.55 -94.45
C GLN SA 285 3.43 40.71 -95.00
N LEU SA 286 4.33 41.23 -94.18
CA LEU SA 286 5.17 42.36 -94.58
C LEU SA 286 6.52 41.83 -95.04
N SER SA 287 6.51 41.16 -96.19
CA SER SA 287 7.76 40.60 -96.69
C SER SA 287 8.61 41.71 -97.28
N VAL SA 288 9.92 41.51 -97.20
CA VAL SA 288 10.87 42.54 -97.63
C VAL SA 288 10.78 42.76 -99.13
N ALA SA 289 10.39 41.74 -99.89
CA ALA SA 289 10.23 41.89 -101.32
C ALA SA 289 9.09 42.86 -101.66
N GLU SA 290 7.98 42.79 -100.93
CA GLU SA 290 6.85 43.63 -101.30
C GLU SA 290 6.97 45.03 -100.71
N ILE SA 291 7.72 45.22 -99.62
CA ILE SA 291 7.91 46.57 -99.14
C ILE SA 291 8.88 47.32 -100.02
N THR SA 292 9.82 46.62 -100.65
CA THR SA 292 10.71 47.28 -101.59
C THR SA 292 10.00 47.53 -102.92
N ASN SA 293 9.13 46.62 -103.32
CA ASN SA 293 8.29 46.87 -104.48
C ASN SA 293 7.36 48.04 -104.23
N SER SA 294 6.90 48.21 -102.99
CA SER SA 294 6.05 49.33 -102.66
C SER SA 294 6.82 50.62 -102.51
N ALA SA 295 8.14 50.55 -102.35
CA ALA SA 295 8.92 51.77 -102.14
C ALA SA 295 9.00 52.60 -103.41
N PHE SA 296 9.31 51.98 -104.53
CA PHE SA 296 9.49 52.72 -105.77
C PHE SA 296 8.19 53.04 -106.47
N GLU SA 297 7.09 52.47 -106.05
CA GLU SA 297 5.89 52.77 -106.81
C GLU SA 297 5.39 54.18 -106.43
N PRO SA 298 4.92 54.95 -107.42
CA PRO SA 298 4.74 56.39 -107.21
C PRO SA 298 3.60 56.75 -106.29
N ALA SA 299 2.68 55.84 -105.98
CA ALA SA 299 1.68 56.22 -105.01
C ALA SA 299 2.24 56.27 -103.59
N SER SA 300 3.43 55.71 -103.38
CA SER SA 300 4.17 55.88 -102.14
C SER SA 300 5.23 56.94 -102.25
N MET SA 301 5.14 57.80 -103.26
CA MET SA 301 6.10 58.88 -103.44
C MET SA 301 5.80 59.91 -102.36
N MET SA 302 6.70 60.87 -102.18
CA MET SA 302 6.39 61.94 -101.25
C MET SA 302 6.69 63.32 -101.83
N ALA SA 303 6.43 63.52 -103.11
CA ALA SA 303 6.39 64.88 -103.64
C ALA SA 303 5.33 65.13 -104.72
N LYS SA 304 4.50 64.14 -105.05
CA LYS SA 304 3.54 64.20 -106.17
C LYS SA 304 4.25 64.60 -107.45
N CYS SA 305 5.36 63.92 -107.71
CA CYS SA 305 6.19 64.16 -108.88
C CYS SA 305 6.25 62.86 -109.66
N ASP SA 306 5.60 62.83 -110.80
CA ASP SA 306 5.37 61.57 -111.50
C ASP SA 306 6.68 61.12 -112.14
N PRO SA 307 7.22 59.96 -111.78
CA PRO SA 307 8.56 59.60 -112.26
C PRO SA 307 8.60 58.83 -113.57
N ARG SA 308 7.51 58.80 -114.33
CA ARG SA 308 7.58 58.16 -115.65
C ARG SA 308 8.47 58.98 -116.57
N HIS SA 309 8.27 60.28 -116.61
CA HIS SA 309 9.01 61.18 -117.48
C HIS SA 309 10.24 61.77 -116.82
N GLY SA 310 10.84 61.04 -115.87
CA GLY SA 310 12.16 61.35 -115.40
C GLY SA 310 13.00 60.08 -115.33
N LYS SA 311 14.29 60.25 -115.10
CA LYS SA 311 15.20 59.13 -114.99
C LYS SA 311 15.86 59.15 -113.62
N TYR SA 312 15.82 58.01 -112.92
CA TYR SA 312 16.36 57.90 -111.57
C TYR SA 312 17.87 58.03 -111.60
N MET SA 313 18.37 59.16 -111.09
CA MET SA 313 19.80 59.43 -111.08
C MET SA 313 20.54 58.48 -110.14
N ALA SA 314 20.06 58.35 -108.91
CA ALA SA 314 20.65 57.49 -107.90
C ALA SA 314 19.58 57.20 -106.85
N CYS SA 315 19.68 56.04 -106.20
CA CYS SA 315 18.74 55.66 -105.16
C CYS SA 315 19.51 55.18 -103.94
N CYS SA 316 18.98 55.43 -102.75
CA CYS SA 316 19.61 55.03 -101.51
C CYS SA 316 18.54 54.53 -100.57
N LEU SA 317 18.49 53.22 -100.39
CA LEU SA 317 17.36 52.56 -99.74
C LEU SA 317 17.77 52.10 -98.36
N MET SA 318 17.33 52.82 -97.34
CA MET SA 318 17.66 52.48 -95.96
C MET SA 318 16.59 51.57 -95.40
N TYR SA 319 17.00 50.37 -94.97
CA TYR SA 319 16.14 49.39 -94.34
C TYR SA 319 16.39 49.42 -92.84
N ARG SA 320 15.33 49.20 -92.07
CA ARG SA 320 15.48 49.06 -90.63
C ARG SA 320 14.69 47.85 -90.16
N GLY SA 321 15.06 47.32 -89.01
CA GLY SA 321 14.36 46.19 -88.45
C GLY SA 321 15.01 44.87 -88.81
N ASP SA 322 14.22 43.80 -88.64
CA ASP SA 322 14.72 42.44 -88.81
C ASP SA 322 14.76 42.03 -90.27
N VAL SA 323 15.65 42.68 -91.01
CA VAL SA 323 15.93 42.32 -92.40
C VAL SA 323 17.38 41.86 -92.47
N VAL SA 324 17.57 40.58 -92.77
CA VAL SA 324 18.89 39.98 -92.82
C VAL SA 324 19.43 40.23 -94.24
N PRO SA 325 20.70 40.64 -94.40
CA PRO SA 325 21.12 41.28 -95.66
C PRO SA 325 21.10 40.42 -96.90
N LYS SA 326 20.68 39.17 -96.84
CA LYS SA 326 20.47 38.42 -98.06
C LYS SA 326 19.29 38.97 -98.85
N ASP SA 327 18.19 39.29 -98.15
CA ASP SA 327 16.94 39.56 -98.83
C ASP SA 327 16.93 40.91 -99.52
N VAL SA 328 17.80 41.82 -99.10
CA VAL SA 328 17.93 43.09 -99.80
C VAL SA 328 18.44 42.86 -101.21
N ASN SA 329 19.53 42.12 -101.35
CA ASN SA 329 20.17 41.98 -102.64
C ASN SA 329 19.34 41.12 -103.58
N ALA SA 330 18.60 40.16 -103.03
CA ALA SA 330 17.71 39.37 -103.85
C ALA SA 330 16.54 40.22 -104.35
N ALA SA 331 15.98 41.05 -103.48
CA ALA SA 331 14.80 41.82 -103.87
C ALA SA 331 15.15 42.94 -104.82
N VAL SA 332 16.25 43.64 -104.55
CA VAL SA 332 16.58 44.82 -105.35
C VAL SA 332 17.05 44.43 -106.75
N ALA SA 333 17.44 43.17 -106.94
CA ALA SA 333 17.80 42.71 -108.27
C ALA SA 333 16.59 42.68 -109.19
N THR SA 334 15.48 42.11 -108.70
CA THR SA 334 14.25 42.10 -109.48
C THR SA 334 13.76 43.52 -109.70
N ILE SA 335 14.04 44.41 -108.75
CA ILE SA 335 13.77 45.82 -108.95
C ILE SA 335 14.62 46.37 -110.09
N LYS SA 336 15.88 45.97 -110.15
CA LYS SA 336 16.74 46.45 -111.23
C LYS SA 336 16.34 45.86 -112.57
N THR SA 337 15.82 44.63 -112.57
CA THR SA 337 15.36 44.05 -113.83
C THR SA 337 14.03 44.61 -114.29
N LYS SA 338 13.27 45.22 -113.38
CA LYS SA 338 11.97 45.78 -113.76
C LYS SA 338 12.18 46.99 -114.66
N ARG SA 339 11.46 47.03 -115.77
CA ARG SA 339 11.75 47.95 -116.85
C ARG SA 339 10.85 49.19 -116.82
N THR SA 340 10.31 49.54 -115.66
CA THR SA 340 9.62 50.80 -115.48
C THR SA 340 10.28 51.67 -114.43
N ILE SA 341 11.45 51.29 -113.93
CA ILE SA 341 12.26 52.14 -113.09
C ILE SA 341 13.57 52.33 -113.82
N GLN SA 342 13.65 53.37 -114.63
CA GLN SA 342 14.73 53.52 -115.60
C GLN SA 342 15.82 54.42 -115.04
N PHE SA 343 17.06 53.97 -115.16
CA PHE SA 343 18.20 54.74 -114.67
C PHE SA 343 18.75 55.62 -115.78
N VAL SA 344 19.88 56.20 -115.54
CA VAL SA 344 20.63 56.87 -116.58
C VAL SA 344 21.69 55.90 -117.08
N ASP SA 345 22.03 56.02 -118.35
CA ASP SA 345 22.95 55.05 -118.93
C ASP SA 345 24.38 55.25 -118.48
N TRP SA 346 24.68 56.33 -117.76
CA TRP SA 346 26.05 56.59 -117.36
C TRP SA 346 26.26 56.46 -115.85
N CYS SA 347 25.35 55.81 -115.15
CA CYS SA 347 25.61 55.31 -113.80
C CYS SA 347 25.02 53.90 -113.72
N PRO SA 348 25.82 52.87 -114.06
CA PRO SA 348 25.29 51.50 -114.11
C PRO SA 348 24.70 51.01 -112.80
N THR SA 349 25.49 51.02 -111.74
CA THR SA 349 24.90 50.78 -110.44
C THR SA 349 24.15 52.03 -110.00
N GLY SA 350 23.09 51.81 -109.23
CA GLY SA 350 22.22 52.93 -108.93
C GLY SA 350 21.64 52.91 -107.53
N PHE SA 351 22.24 52.10 -106.67
CA PHE SA 351 21.64 51.78 -105.39
C PHE SA 351 22.68 51.92 -104.29
N LYS SA 352 22.22 52.22 -103.09
CA LYS SA 352 22.99 51.95 -101.88
C LYS SA 352 22.04 51.38 -100.84
N CYS SA 353 22.37 50.21 -100.32
CA CYS SA 353 21.55 49.57 -99.31
C CYS SA 353 22.20 49.78 -97.94
N GLY SA 354 21.39 50.13 -96.97
CA GLY SA 354 21.84 50.23 -95.60
C GLY SA 354 20.81 49.65 -94.67
N ILE SA 355 21.21 48.70 -93.85
CA ILE SA 355 20.30 47.95 -93.00
C ILE SA 355 20.62 48.23 -91.55
N ASN SA 356 19.59 48.40 -90.73
CA ASN SA 356 19.76 48.69 -89.32
C ASN SA 356 18.88 47.77 -88.49
N TYR SA 357 19.24 47.63 -87.21
CA TYR SA 357 18.64 46.60 -86.37
C TYR SA 357 17.33 47.04 -85.73
N GLN SA 358 17.29 48.26 -85.21
CA GLN SA 358 16.18 48.71 -84.38
C GLN SA 358 14.88 48.85 -85.19
N PRO SA 359 13.82 48.17 -84.82
CA PRO SA 359 12.53 48.41 -85.46
C PRO SA 359 12.01 49.78 -85.08
N PRO SA 360 11.15 50.38 -85.90
CA PRO SA 360 10.71 51.77 -85.65
C PRO SA 360 9.78 51.82 -84.46
N THR SA 361 10.14 52.61 -83.46
CA THR SA 361 9.31 52.71 -82.27
C THR SA 361 8.11 53.58 -82.63
N VAL SA 362 6.94 52.97 -82.72
CA VAL SA 362 5.74 53.67 -83.12
C VAL SA 362 5.30 54.58 -82.00
N VAL SA 363 4.98 55.82 -82.35
CA VAL SA 363 4.42 56.73 -81.36
C VAL SA 363 3.05 56.23 -80.95
N PRO SA 364 2.70 56.27 -79.67
CA PRO SA 364 1.39 55.80 -79.25
C PRO SA 364 0.29 56.66 -79.84
N GLY SA 365 -0.74 55.99 -80.34
CA GLY SA 365 -1.92 56.66 -80.85
C GLY SA 365 -1.80 57.21 -82.24
N GLY SA 366 -0.66 57.05 -82.89
CA GLY SA 366 -0.49 57.54 -84.23
C GLY SA 366 -1.21 56.67 -85.24
N ASP SA 367 -1.07 57.06 -86.50
CA ASP SA 367 -1.66 56.29 -87.59
C ASP SA 367 -0.80 55.10 -88.02
N LEU SA 368 0.43 55.01 -87.53
CA LEU SA 368 1.32 53.92 -87.92
C LEU SA 368 0.89 52.61 -87.28
N ALA SA 369 1.48 51.54 -87.78
CA ALA SA 369 1.38 50.22 -87.17
C ALA SA 369 2.74 49.81 -86.64
N LYS SA 370 2.74 49.04 -85.55
CA LYS SA 370 3.99 48.59 -84.92
C LYS SA 370 4.63 47.47 -85.75
N VAL SA 371 5.14 47.87 -86.91
CA VAL SA 371 5.73 46.91 -87.82
C VAL SA 371 7.12 46.56 -87.35
N MET SA 372 7.65 45.45 -87.86
CA MET SA 372 8.95 44.96 -87.46
C MET SA 372 10.05 45.29 -88.46
N ARG SA 373 9.72 45.97 -89.55
CA ARG SA 373 10.71 46.32 -90.55
C ARG SA 373 10.22 47.51 -91.34
N ALA SA 374 11.15 48.35 -91.81
CA ALA SA 374 10.75 49.57 -92.49
C ALA SA 374 11.82 50.00 -93.47
N VAL SA 375 11.38 50.79 -94.45
CA VAL SA 375 12.23 51.29 -95.53
C VAL SA 375 12.05 52.79 -95.58
N CYS SA 376 13.14 53.52 -95.81
CA CYS SA 376 13.03 54.89 -96.26
C CYS SA 376 13.93 55.07 -97.47
N MET SA 377 13.38 55.61 -98.55
CA MET SA 377 14.04 55.66 -99.84
C MET SA 377 14.18 57.11 -100.26
N ILE SA 378 15.39 57.52 -100.59
CA ILE SA 378 15.68 58.88 -101.03
C ILE SA 378 16.37 58.80 -102.37
N SER SA 379 15.80 59.47 -103.38
CA SER SA 379 16.31 59.35 -104.74
C SER SA 379 16.45 60.72 -105.39
N ASN SA 380 17.61 60.95 -106.02
CA ASN SA 380 17.68 61.90 -107.11
C ASN SA 380 16.97 61.34 -108.32
N SER SA 381 16.34 62.22 -109.09
CA SER SA 381 15.86 61.86 -110.40
C SER SA 381 15.84 63.10 -111.26
N THR SA 382 15.81 62.89 -112.56
CA THR SA 382 15.63 64.00 -113.48
C THR SA 382 14.21 64.51 -113.49
N ALA SA 383 13.29 63.85 -112.77
CA ALA SA 383 11.89 64.25 -112.72
C ALA SA 383 11.69 65.56 -111.96
N ILE SA 384 12.73 66.08 -111.31
CA ILE SA 384 12.66 67.38 -110.67
C ILE SA 384 12.42 68.51 -111.67
N ALA SA 385 12.52 68.23 -112.97
CA ALA SA 385 12.14 69.21 -113.97
C ALA SA 385 10.68 69.62 -113.86
N GLU SA 386 9.79 68.67 -113.59
CA GLU SA 386 8.38 69.04 -113.51
C GLU SA 386 8.00 69.77 -112.24
N VAL SA 387 8.79 69.68 -111.18
CA VAL SA 387 8.41 70.47 -110.00
C VAL SA 387 8.93 71.89 -110.14
N PHE SA 388 9.82 72.14 -111.10
CA PHE SA 388 10.32 73.48 -111.35
C PHE SA 388 9.79 74.11 -112.62
N SER SA 389 9.41 73.30 -113.62
CA SER SA 389 8.92 73.87 -114.86
C SER SA 389 7.53 74.46 -114.68
N ARG SA 390 6.68 73.82 -113.86
CA ARG SA 390 5.42 74.43 -113.50
C ARG SA 390 5.64 75.67 -112.65
N MET SA 391 6.72 75.67 -111.87
CA MET SA 391 7.01 76.79 -110.99
C MET SA 391 7.48 78.00 -111.77
N ASP SA 392 8.38 77.81 -112.71
CA ASP SA 392 8.89 78.94 -113.47
C ASP SA 392 7.82 79.51 -114.38
N HIS SA 393 6.79 78.71 -114.66
CA HIS SA 393 5.61 79.23 -115.32
C HIS SA 393 4.90 80.24 -114.42
N LYS SA 394 4.73 79.91 -113.15
CA LYS SA 394 3.88 80.72 -112.27
C LYS SA 394 4.54 82.05 -111.94
N PHE SA 395 5.85 82.08 -111.81
CA PHE SA 395 6.53 83.34 -111.57
C PHE SA 395 6.51 84.23 -112.81
N ASP SA 396 6.31 83.65 -113.99
CA ASP SA 396 6.25 84.49 -115.20
C ASP SA 396 5.03 85.40 -115.18
N LEU SA 397 3.84 84.85 -114.96
CA LEU SA 397 2.63 85.67 -114.94
C LEU SA 397 2.62 86.59 -113.73
N MET SA 398 3.37 86.24 -112.70
CA MET SA 398 3.68 87.14 -111.60
C MET SA 398 4.45 88.39 -112.00
N TYR SA 399 5.73 88.19 -112.31
CA TYR SA 399 6.70 89.27 -112.32
C TYR SA 399 6.58 90.17 -113.53
N ALA SA 400 6.14 89.64 -114.66
CA ALA SA 400 6.08 90.45 -115.87
C ALA SA 400 5.09 91.60 -115.75
N LYS SA 401 4.13 91.48 -114.85
CA LYS SA 401 3.15 92.53 -114.63
C LYS SA 401 3.38 93.23 -113.31
N ARG SA 402 4.62 93.18 -112.82
CA ARG SA 402 5.10 93.92 -111.65
C ARG SA 402 4.27 93.65 -110.39
N ALA SA 403 3.58 92.52 -110.36
CA ALA SA 403 2.58 92.29 -109.32
C ALA SA 403 3.26 92.04 -108.00
N PHE SA 404 2.74 92.67 -106.95
CA PHE SA 404 3.15 92.54 -105.55
C PHE SA 404 4.58 93.01 -105.29
N VAL SA 405 5.25 93.58 -106.27
CA VAL SA 405 6.65 93.94 -106.13
C VAL SA 405 6.82 95.11 -105.16
N HIS SA 406 5.82 95.98 -105.06
CA HIS SA 406 5.95 97.19 -104.27
C HIS SA 406 6.11 96.89 -102.80
N TRP SA 407 5.56 95.77 -102.35
CA TRP SA 407 5.87 95.30 -101.01
C TRP SA 407 7.32 94.90 -100.92
N TYR SA 408 7.80 94.15 -101.91
CA TYR SA 408 9.13 93.55 -101.84
C TYR SA 408 10.24 94.59 -101.91
N VAL SA 409 10.13 95.53 -102.84
CA VAL SA 409 11.13 96.59 -102.94
C VAL SA 409 11.01 97.60 -101.82
N GLY SA 410 10.00 97.48 -100.97
CA GLY SA 410 9.88 98.39 -99.85
C GLY SA 410 10.99 98.23 -98.82
N GLU SA 411 11.31 96.99 -98.46
CA GLU SA 411 12.17 96.80 -97.30
C GLU SA 411 13.65 96.96 -97.60
N GLY SA 412 14.07 96.95 -98.85
CA GLY SA 412 15.48 97.17 -99.10
C GLY SA 412 16.15 96.44 -100.25
N MET SA 413 15.50 95.50 -100.91
CA MET SA 413 16.07 94.95 -102.12
C MET SA 413 15.47 95.64 -103.32
N GLU SA 414 16.03 95.37 -104.49
CA GLU SA 414 15.62 96.08 -105.69
C GLU SA 414 15.11 95.11 -106.74
N GLU SA 415 14.39 95.68 -107.70
CA GLU SA 415 14.03 94.97 -108.91
C GLU SA 415 15.30 94.49 -109.60
N GLY SA 416 15.43 93.17 -109.73
CA GLY SA 416 16.59 92.59 -110.38
C GLY SA 416 17.11 91.38 -109.65
N GLU SA 417 17.00 91.38 -108.32
CA GLU SA 417 17.17 90.13 -107.59
C GLU SA 417 16.09 89.13 -107.96
N PHE SA 418 14.91 89.61 -108.37
CA PHE SA 418 14.00 88.72 -109.06
C PHE SA 418 14.58 88.26 -110.38
N SER SA 419 15.24 89.17 -111.10
CA SER SA 419 15.72 88.83 -112.43
C SER SA 419 16.88 87.85 -112.38
N GLU SA 420 17.77 87.99 -111.41
CA GLU SA 420 18.89 87.06 -111.35
C GLU SA 420 18.46 85.71 -110.82
N ALA SA 421 17.46 85.68 -109.93
CA ALA SA 421 17.01 84.41 -109.39
C ALA SA 421 16.25 83.61 -110.43
N ARG SA 422 15.52 84.27 -111.31
CA ARG SA 422 14.78 83.56 -112.36
C ARG SA 422 15.73 83.00 -113.41
N GLU SA 423 16.76 83.75 -113.78
CA GLU SA 423 17.74 83.19 -114.71
C GLU SA 423 18.59 82.13 -114.03
N ASP SA 424 18.70 82.17 -112.70
CA ASP SA 424 19.32 81.06 -112.00
C ASP SA 424 18.46 79.81 -112.17
N LEU SA 425 17.15 79.95 -112.05
CA LEU SA 425 16.27 78.81 -112.28
C LEU SA 425 16.39 78.31 -113.71
N ALA SA 426 16.47 79.24 -114.67
CA ALA SA 426 16.68 78.83 -116.06
C ALA SA 426 17.98 78.06 -116.20
N ALA SA 427 19.02 78.47 -115.47
CA ALA SA 427 20.23 77.67 -115.43
C ALA SA 427 19.99 76.34 -114.76
N LEU SA 428 19.05 76.27 -113.82
CA LEU SA 428 18.83 75.04 -113.10
C LEU SA 428 18.01 74.04 -113.92
N GLU SA 429 16.94 74.49 -114.59
CA GLU SA 429 16.14 73.50 -115.29
C GLU SA 429 16.82 73.02 -116.55
N LYS SA 430 17.52 73.89 -117.28
CA LYS SA 430 18.26 73.44 -118.46
C LYS SA 430 19.36 72.46 -118.10
N ASP SA 431 19.90 72.57 -116.87
CA ASP SA 431 20.97 71.68 -116.43
C ASP SA 431 20.49 70.24 -116.29
N TYR SA 432 19.19 70.02 -116.22
CA TYR SA 432 18.73 68.66 -116.02
C TYR SA 432 18.72 67.87 -117.32
N GLU SA 433 18.18 68.44 -118.40
CA GLU SA 433 18.10 67.62 -119.61
C GLU SA 433 19.45 67.45 -120.27
N GLU SA 434 20.37 68.39 -120.07
CA GLU SA 434 21.72 68.14 -120.57
C GLU SA 434 22.38 67.00 -119.81
N VAL SA 435 22.04 66.87 -118.52
CA VAL SA 435 22.35 65.64 -117.80
C VAL SA 435 21.47 64.51 -118.28
N GLY SA 436 20.19 64.81 -118.58
CA GLY SA 436 19.22 63.76 -118.82
C GLY SA 436 19.38 63.04 -120.15
N ILE SA 437 20.08 63.64 -121.10
CA ILE SA 437 20.33 62.97 -122.37
C ILE SA 437 21.82 62.73 -122.57
N MET TA 1 4.78 92.65 -76.45
CA MET TA 1 4.75 92.17 -77.83
C MET TA 1 3.81 93.01 -78.67
N ARG TA 2 3.14 92.37 -79.62
CA ARG TA 2 2.26 93.07 -80.55
C ARG TA 2 1.04 93.64 -79.84
N GLU TA 3 0.62 94.83 -80.25
CA GLU TA 3 -0.58 95.48 -79.73
C GLU TA 3 -1.31 96.14 -80.88
N ILE TA 4 -2.63 96.30 -80.70
CA ILE TA 4 -3.48 96.98 -81.67
C ILE TA 4 -4.17 98.13 -80.98
N VAL TA 5 -4.05 99.31 -81.54
CA VAL TA 5 -4.69 100.52 -81.03
C VAL TA 5 -5.99 100.72 -81.77
N HIS TA 6 -7.07 100.95 -81.03
CA HIS TA 6 -8.40 100.98 -81.62
C HIS TA 6 -8.98 102.38 -81.41
N VAL TA 7 -9.32 103.07 -82.49
CA VAL TA 7 -9.80 104.45 -82.42
C VAL TA 7 -11.18 104.51 -83.03
N GLN TA 8 -12.14 105.10 -82.32
CA GLN TA 8 -13.52 105.19 -82.76
C GLN TA 8 -13.89 106.64 -83.03
N GLY TA 9 -14.62 106.86 -84.10
CA GLY TA 9 -15.02 108.21 -84.48
C GLY TA 9 -16.46 108.26 -84.97
N GLY TA 10 -17.18 109.26 -84.52
CA GLY TA 10 -18.56 109.46 -84.94
C GLY TA 10 -19.53 108.60 -84.15
N GLN TA 11 -20.81 108.88 -84.35
CA GLN TA 11 -21.85 108.12 -83.67
C GLN TA 11 -21.87 106.68 -84.16
N CYS TA 12 -21.68 106.46 -85.46
CA CYS TA 12 -21.57 105.11 -85.98
C CYS TA 12 -20.38 104.37 -85.38
N GLY TA 13 -19.20 104.98 -85.43
CA GLY TA 13 -18.01 104.30 -84.98
C GLY TA 13 -18.06 103.99 -83.50
N ASN TA 14 -18.70 104.85 -82.73
CA ASN TA 14 -18.77 104.63 -81.30
C ASN TA 14 -19.78 103.54 -80.95
N GLN TA 15 -20.86 103.43 -81.72
CA GLN TA 15 -21.84 102.37 -81.44
C GLN TA 15 -21.31 101.00 -81.89
N ILE TA 16 -20.69 100.94 -83.07
CA ILE TA 16 -20.06 99.70 -83.48
C ILE TA 16 -18.85 99.40 -82.61
N GLY TA 17 -18.13 100.43 -82.17
CA GLY TA 17 -16.95 100.20 -81.37
C GLY TA 17 -17.28 99.80 -79.96
N ALA TA 18 -18.45 100.21 -79.47
CA ALA TA 18 -18.89 99.77 -78.15
C ALA TA 18 -19.23 98.30 -78.15
N LYS TA 19 -19.45 97.72 -79.33
CA LYS TA 19 -19.81 96.32 -79.41
C LYS TA 19 -18.66 95.44 -79.89
N PHE TA 20 -17.58 96.05 -80.40
CA PHE TA 20 -16.28 95.37 -80.38
C PHE TA 20 -15.87 95.07 -78.96
N TRP TA 21 -16.10 95.98 -78.06
CA TRP TA 21 -15.78 95.71 -76.68
C TRP TA 21 -16.87 94.93 -75.98
N GLU TA 22 -17.84 94.45 -76.75
CA GLU TA 22 -18.77 93.42 -76.31
C GLU TA 22 -18.29 92.04 -76.74
N VAL TA 23 -17.89 91.89 -78.00
CA VAL TA 23 -17.64 90.56 -78.53
C VAL TA 23 -16.23 90.11 -78.17
N ILE TA 24 -15.34 91.05 -77.86
CA ILE TA 24 -13.99 90.66 -77.45
C ILE TA 24 -13.96 90.42 -75.96
N SER TA 25 -14.74 91.19 -75.20
CA SER TA 25 -14.71 91.10 -73.75
C SER TA 25 -15.20 89.75 -73.28
N ASP TA 26 -16.30 89.27 -73.83
CA ASP TA 26 -16.76 87.95 -73.45
C ASP TA 26 -15.95 86.84 -74.09
N GLU TA 27 -15.34 87.08 -75.25
CA GLU TA 27 -14.49 86.07 -75.85
C GLU TA 27 -13.20 85.92 -75.07
N HIS TA 28 -12.74 86.98 -74.43
CA HIS TA 28 -11.61 86.90 -73.51
C HIS TA 28 -12.03 86.84 -72.06
N GLY TA 29 -13.33 86.87 -71.77
CA GLY TA 29 -13.76 86.68 -70.40
C GLY TA 29 -13.49 87.83 -69.47
N ILE TA 30 -13.40 89.05 -70.00
CA ILE TA 30 -13.21 90.23 -69.14
C ILE TA 30 -14.55 90.56 -68.51
N ASP TA 31 -14.62 90.47 -67.19
CA ASP TA 31 -15.81 90.88 -66.46
C ASP TA 31 -15.93 92.39 -66.57
N PRO TA 32 -17.10 92.92 -66.94
CA PRO TA 32 -17.22 94.36 -67.20
C PRO TA 32 -16.95 95.25 -66.01
N THR TA 33 -16.81 94.70 -64.81
CA THR TA 33 -16.27 95.48 -63.72
C THR TA 33 -14.75 95.60 -63.78
N GLY TA 34 -14.10 94.91 -64.71
CA GLY TA 34 -12.68 95.00 -64.91
C GLY TA 34 -11.93 93.70 -64.76
N THR TA 35 -12.41 92.78 -63.93
CA THR TA 35 -11.65 91.58 -63.64
C THR TA 35 -11.91 90.48 -64.67
N TYR TA 36 -11.47 89.29 -64.31
CA TYR TA 36 -11.44 88.12 -65.15
C TYR TA 36 -12.13 86.95 -64.47
N CYS TA 37 -13.08 86.33 -65.16
CA CYS TA 37 -13.60 85.03 -64.76
C CYS TA 37 -13.74 84.16 -65.99
N GLY TA 38 -13.41 82.88 -65.86
CA GLY TA 38 -13.39 81.99 -67.00
C GLY TA 38 -12.25 80.99 -67.01
N ASP TA 39 -11.35 81.10 -66.03
CA ASP TA 39 -10.30 80.17 -65.60
C ASP TA 39 -9.66 79.31 -66.70
N SER TA 40 -9.10 79.96 -67.72
CA SER TA 40 -8.34 79.27 -68.73
C SER TA 40 -7.15 80.12 -69.15
N ASP TA 41 -6.02 79.46 -69.35
CA ASP TA 41 -4.77 80.18 -69.63
C ASP TA 41 -4.84 80.80 -71.02
N LEU TA 42 -5.36 80.05 -71.99
CA LEU TA 42 -5.30 80.47 -73.38
C LEU TA 42 -6.08 81.75 -73.65
N GLN TA 43 -7.11 82.04 -72.85
CA GLN TA 43 -7.73 83.37 -72.86
C GLN TA 43 -6.75 84.45 -72.46
N LEU TA 44 -5.92 84.18 -71.47
CA LEU TA 44 -5.12 85.20 -70.82
C LEU TA 44 -3.73 85.37 -71.42
N GLU TA 45 -3.27 84.45 -72.27
CA GLU TA 45 -1.89 84.51 -72.71
C GLU TA 45 -1.65 85.66 -73.68
N ARG TA 46 -2.63 85.99 -74.50
CA ARG TA 46 -2.54 87.14 -75.39
C ARG TA 46 -3.69 88.06 -75.04
N ILE TA 47 -3.46 88.89 -74.04
CA ILE TA 47 -4.44 89.87 -73.62
C ILE TA 47 -3.90 91.29 -73.71
N ASN TA 48 -2.58 91.47 -73.74
CA ASN TA 48 -2.01 92.77 -74.00
C ASN TA 48 -2.26 93.27 -75.42
N VAL TA 49 -2.70 92.41 -76.33
CA VAL TA 49 -2.99 92.82 -77.70
C VAL TA 49 -4.16 93.81 -77.77
N PHE TA 50 -5.07 93.77 -76.81
CA PHE TA 50 -6.20 94.68 -76.80
C PHE TA 50 -6.44 95.35 -75.46
N TYR TA 51 -5.80 94.91 -74.39
CA TYR TA 51 -6.06 95.47 -73.08
C TYR TA 51 -4.75 95.87 -72.42
N ASN TA 52 -4.88 96.47 -71.24
CA ASN TA 52 -3.74 96.93 -70.46
C ASN TA 52 -4.02 96.66 -68.98
N GLU TA 53 -3.01 96.17 -68.28
CA GLU TA 53 -3.14 95.94 -66.85
C GLU TA 53 -3.06 97.27 -66.11
N ALA TA 54 -3.79 97.38 -65.01
CA ALA TA 54 -3.99 98.65 -64.33
C ALA TA 54 -3.48 98.69 -62.89
N THR TA 55 -2.56 97.79 -62.53
CA THR TA 55 -2.00 97.66 -61.17
C THR TA 55 -3.08 97.53 -60.12
N GLY TA 56 -4.20 96.95 -60.50
CA GLY TA 56 -5.21 96.50 -59.56
C GLY TA 56 -5.76 95.25 -60.17
N GLY TA 57 -5.14 94.82 -61.26
CA GLY TA 57 -5.54 93.64 -61.97
C GLY TA 57 -6.61 93.85 -63.01
N ARG TA 58 -7.29 94.99 -62.99
CA ARG TA 58 -8.34 95.20 -63.96
C ARG TA 58 -7.76 95.57 -65.31
N PHE TA 59 -8.52 95.29 -66.35
CA PHE TA 59 -8.06 95.45 -67.72
C PHE TA 59 -8.77 96.62 -68.36
N VAL TA 60 -8.00 97.61 -68.79
CA VAL TA 60 -8.56 98.76 -69.51
C VAL TA 60 -8.28 98.59 -70.98
N PRO TA 61 -9.24 98.87 -71.85
CA PRO TA 61 -8.99 98.74 -73.28
C PRO TA 61 -8.08 99.85 -73.78
N ARG TA 62 -7.23 99.50 -74.74
CA ARG TA 62 -6.39 100.50 -75.41
C ARG TA 62 -7.20 101.09 -76.55
N ALA TA 63 -8.18 101.89 -76.18
CA ALA TA 63 -9.13 102.43 -77.14
C ALA TA 63 -9.24 103.94 -76.97
N ILE TA 64 -9.36 104.64 -78.08
CA ILE TA 64 -9.56 106.09 -78.10
C ILE TA 64 -10.95 106.36 -78.67
N LEU TA 65 -11.83 106.87 -77.82
CA LEU TA 65 -13.22 107.12 -78.18
C LEU TA 65 -13.34 108.62 -78.41
N MET TA 66 -13.54 109.01 -79.67
CA MET TA 66 -13.51 110.41 -80.02
C MET TA 66 -14.69 110.75 -80.92
N ASP TA 67 -15.30 111.90 -80.67
CA ASP TA 67 -16.47 112.38 -81.39
C ASP TA 67 -16.66 113.85 -81.03
N LEU TA 68 -17.64 114.48 -81.65
CA LEU TA 68 -17.87 115.91 -81.50
C LEU TA 68 -19.20 116.24 -80.83
N GLU TA 69 -20.03 115.25 -80.53
CA GLU TA 69 -21.28 115.45 -79.82
C GLU TA 69 -21.31 114.56 -78.59
N PRO TA 70 -21.59 115.09 -77.41
CA PRO TA 70 -21.51 114.27 -76.19
C PRO TA 70 -22.65 113.31 -76.02
N GLY TA 71 -23.68 113.36 -76.87
CA GLY TA 71 -24.86 112.53 -76.65
C GLY TA 71 -24.57 111.04 -76.80
N THR TA 72 -23.79 110.68 -77.81
CA THR TA 72 -23.42 109.28 -77.96
C THR TA 72 -22.31 108.87 -77.01
N MET TA 73 -21.58 109.85 -76.47
CA MET TA 73 -20.68 109.58 -75.35
C MET TA 73 -21.46 109.18 -74.10
N ASP TA 74 -22.61 109.80 -73.90
CA ASP TA 74 -23.46 109.42 -72.77
C ASP TA 74 -23.97 107.99 -72.94
N SER TA 75 -24.26 107.59 -74.17
CA SER TA 75 -24.83 106.28 -74.40
C SER TA 75 -23.80 105.18 -74.20
N VAL TA 76 -22.52 105.48 -74.39
CA VAL TA 76 -21.50 104.46 -74.31
C VAL TA 76 -21.25 104.06 -72.86
N ARG TA 77 -20.98 105.03 -71.99
CA ARG TA 77 -20.67 104.67 -70.61
C ARG TA 77 -21.88 104.27 -69.80
N ALA TA 78 -23.08 104.69 -70.19
CA ALA TA 78 -24.25 104.31 -69.42
C ALA TA 78 -24.66 102.87 -69.68
N GLY TA 79 -24.29 102.31 -70.83
CA GLY TA 79 -24.77 101.02 -71.21
C GLY TA 79 -24.01 99.91 -70.52
N PRO TA 80 -24.30 98.68 -70.92
CA PRO TA 80 -23.51 97.55 -70.43
C PRO TA 80 -22.09 97.64 -70.95
N PHE TA 81 -21.15 97.17 -70.13
CA PHE TA 81 -19.72 97.21 -70.43
C PHE TA 81 -19.26 98.64 -70.69
N GLY TA 82 -19.80 99.58 -69.92
CA GLY TA 82 -19.51 100.98 -70.14
C GLY TA 82 -18.51 101.53 -69.15
N GLN TA 83 -18.27 100.81 -68.08
CA GLN TA 83 -17.28 101.21 -67.09
C GLN TA 83 -15.89 100.72 -67.44
N LEU TA 84 -15.74 100.02 -68.56
CA LEU TA 84 -14.47 99.41 -68.89
C LEU TA 84 -13.44 100.44 -69.34
N PHE TA 85 -13.88 101.45 -70.08
CA PHE TA 85 -12.98 102.40 -70.71
C PHE TA 85 -12.44 103.40 -69.69
N ARG TA 86 -11.25 103.89 -69.96
CA ARG TA 86 -10.66 104.97 -69.18
C ARG TA 86 -11.31 106.30 -69.56
N PRO TA 87 -11.67 107.13 -68.58
CA PRO TA 87 -12.28 108.42 -68.93
C PRO TA 87 -11.33 109.39 -69.59
N ASP TA 88 -10.02 109.26 -69.36
CA ASP TA 88 -9.09 110.14 -70.05
C ASP TA 88 -9.06 109.87 -71.54
N ASN TA 89 -9.45 108.67 -71.97
CA ASN TA 89 -9.54 108.36 -73.37
C ASN TA 89 -10.84 108.85 -74.00
N PHE TA 90 -11.71 109.46 -73.22
CA PHE TA 90 -12.90 110.09 -73.75
C PHE TA 90 -12.58 111.54 -74.08
N VAL TA 91 -12.62 111.89 -75.36
CA VAL TA 91 -12.34 113.24 -75.80
C VAL TA 91 -13.61 113.82 -76.38
N PHE TA 92 -14.08 114.91 -75.79
CA PHE TA 92 -15.39 115.47 -76.07
C PHE TA 92 -15.27 116.58 -77.10
N GLY TA 93 -16.20 116.61 -78.02
CA GLY TA 93 -16.47 117.81 -78.77
C GLY TA 93 -17.77 118.43 -78.27
N GLN TA 94 -17.82 119.75 -78.25
CA GLN TA 94 -19.02 120.42 -77.80
C GLN TA 94 -19.91 120.88 -78.94
N THR TA 95 -19.32 121.35 -80.03
CA THR TA 95 -20.11 121.99 -81.08
C THR TA 95 -20.83 120.95 -81.94
N GLY TA 96 -20.09 120.00 -82.49
CA GLY TA 96 -20.69 119.01 -83.35
C GLY TA 96 -20.65 119.44 -84.79
N ALA TA 97 -19.90 118.72 -85.61
CA ALA TA 97 -19.84 119.01 -87.04
C ALA TA 97 -21.16 118.57 -87.66
N GLY TA 98 -22.00 119.52 -87.98
CA GLY TA 98 -23.34 119.19 -88.41
C GLY TA 98 -23.37 118.62 -89.82
N ASN TA 99 -22.83 117.41 -89.96
CA ASN TA 99 -22.73 116.72 -91.24
C ASN TA 99 -21.98 117.56 -92.27
N ASN TA 100 -21.01 118.31 -91.79
CA ASN TA 100 -20.19 119.20 -92.61
C ASN TA 100 -18.79 118.63 -92.58
N TRP TA 101 -18.31 118.14 -93.72
CA TRP TA 101 -16.95 117.62 -93.75
C TRP TA 101 -15.94 118.73 -93.59
N ALA TA 102 -16.22 119.92 -94.14
CA ALA TA 102 -15.24 120.99 -94.11
C ALA TA 102 -14.98 121.47 -92.70
N LYS TA 103 -16.03 121.78 -91.94
CA LYS TA 103 -15.83 122.08 -90.54
C LYS TA 103 -15.49 120.85 -89.74
N GLY TA 104 -15.78 119.66 -90.28
CA GLY TA 104 -15.38 118.44 -89.62
C GLY TA 104 -13.93 118.09 -89.81
N HIS TA 105 -13.26 118.74 -90.75
CA HIS TA 105 -11.86 118.44 -91.02
C HIS TA 105 -10.96 119.66 -90.91
N TYR TA 106 -11.46 120.84 -91.22
CA TYR TA 106 -10.60 122.00 -91.32
C TYR TA 106 -10.77 122.97 -90.17
N THR TA 107 -12.00 123.30 -89.78
CA THR TA 107 -12.17 124.35 -88.78
C THR TA 107 -12.31 123.81 -87.35
N GLU TA 108 -13.39 123.06 -87.09
CA GLU TA 108 -13.63 122.63 -85.73
C GLU TA 108 -12.75 121.46 -85.33
N GLY TA 109 -12.48 120.55 -86.26
CA GLY TA 109 -11.60 119.44 -85.97
C GLY TA 109 -10.16 119.86 -85.76
N ALA TA 110 -9.79 121.07 -86.18
CA ALA TA 110 -8.41 121.51 -86.01
C ALA TA 110 -8.07 121.78 -84.56
N GLU TA 111 -9.07 122.01 -83.71
CA GLU TA 111 -8.78 122.28 -82.31
C GLU TA 111 -8.54 121.00 -81.52
N LEU TA 112 -9.42 120.02 -81.68
CA LEU TA 112 -9.33 118.80 -80.89
C LEU TA 112 -8.30 117.82 -81.41
N ILE TA 113 -7.81 118.00 -82.64
CA ILE TA 113 -6.95 116.99 -83.23
C ILE TA 113 -5.59 117.00 -82.54
N ASP TA 114 -5.21 118.11 -81.92
CA ASP TA 114 -4.03 118.08 -81.07
C ASP TA 114 -4.31 117.31 -79.80
N SER TA 115 -5.53 117.40 -79.29
CA SER TA 115 -5.87 116.69 -78.06
C SER TA 115 -6.01 115.21 -78.30
N VAL TA 116 -6.69 114.82 -79.38
CA VAL TA 116 -6.94 113.40 -79.61
C VAL TA 116 -5.69 112.71 -80.12
N LEU TA 117 -4.74 113.45 -80.68
CA LEU TA 117 -3.48 112.82 -81.01
C LEU TA 117 -2.60 112.68 -79.77
N ASP TA 118 -2.80 113.54 -78.77
CA ASP TA 118 -2.03 113.42 -77.55
C ASP TA 118 -2.39 112.14 -76.82
N VAL TA 119 -3.66 111.75 -76.82
CA VAL TA 119 -4.06 110.56 -76.12
C VAL TA 119 -3.70 109.31 -76.91
N VAL TA 120 -3.48 109.42 -78.22
CA VAL TA 120 -2.95 108.29 -78.97
C VAL TA 120 -1.50 108.04 -78.61
N ARG TA 121 -0.69 109.10 -78.56
CA ARG TA 121 0.75 108.92 -78.38
C ARG TA 121 1.10 108.46 -76.96
N LYS TA 122 0.24 108.72 -75.98
CA LYS TA 122 0.56 108.27 -74.63
C LYS TA 122 0.50 106.77 -74.52
N GLU TA 123 -0.38 106.13 -75.28
CA GLU TA 123 -0.53 104.69 -75.20
C GLU TA 123 0.05 103.95 -76.41
N ALA TA 124 0.21 104.60 -77.55
CA ALA TA 124 0.97 103.99 -78.62
C ALA TA 124 2.44 103.85 -78.23
N GLU TA 125 3.05 104.94 -77.80
CA GLU TA 125 4.45 104.90 -77.40
C GLU TA 125 4.64 104.31 -76.02
N GLY TA 126 3.57 104.16 -75.25
CA GLY TA 126 3.73 103.66 -73.90
C GLY TA 126 3.99 102.18 -73.79
N CYS TA 127 3.91 101.47 -74.90
CA CYS TA 127 4.10 100.03 -74.89
C CYS TA 127 5.52 99.70 -75.34
N ASP TA 128 5.81 98.40 -75.37
CA ASP TA 128 7.10 97.96 -75.89
C ASP TA 128 7.22 98.22 -77.39
N CYS TA 129 6.22 97.80 -78.15
CA CYS TA 129 6.30 97.76 -79.60
C CYS TA 129 4.89 97.63 -80.14
N LEU TA 130 4.58 98.43 -81.14
CA LEU TA 130 3.23 98.49 -81.68
C LEU TA 130 3.16 97.75 -83.01
N GLN TA 131 2.07 97.03 -83.23
CA GLN TA 131 1.84 96.47 -84.55
C GLN TA 131 1.10 97.44 -85.44
N GLY TA 132 -0.09 97.85 -85.03
CA GLY TA 132 -0.85 98.68 -85.93
C GLY TA 132 -1.96 99.45 -85.26
N PHE TA 133 -2.73 100.15 -86.08
CA PHE TA 133 -3.88 100.90 -85.67
C PHE TA 133 -5.12 100.33 -86.33
N GLN TA 134 -6.21 100.35 -85.60
CA GLN TA 134 -7.50 99.91 -86.12
C GLN TA 134 -8.48 101.05 -85.95
N ILE TA 135 -9.03 101.52 -87.06
CA ILE TA 135 -9.88 102.71 -87.10
C ILE TA 135 -11.28 102.26 -87.47
N THR TA 136 -12.30 102.87 -86.90
CA THR TA 136 -13.65 102.57 -87.35
C THR TA 136 -14.47 103.85 -87.36
N HIS TA 137 -15.17 104.11 -88.47
CA HIS TA 137 -15.93 105.34 -88.59
C HIS TA 137 -17.02 105.15 -89.63
N SER TA 138 -17.72 106.25 -89.92
CA SER TA 138 -18.74 106.32 -90.95
C SER TA 138 -18.33 107.36 -91.99
N LEU TA 139 -18.89 107.22 -93.19
CA LEU TA 139 -18.55 108.15 -94.25
C LEU TA 139 -19.70 109.03 -94.71
N GLY TA 140 -20.94 108.68 -94.41
CA GLY TA 140 -22.04 109.59 -94.71
C GLY TA 140 -21.97 110.85 -93.86
N GLY TA 141 -21.61 110.69 -92.59
CA GLY TA 141 -21.67 111.79 -91.66
C GLY TA 141 -20.52 112.75 -91.79
N GLY TA 142 -20.39 113.61 -90.80
CA GLY TA 142 -19.32 114.59 -90.80
C GLY TA 142 -18.36 114.45 -89.64
N THR TA 143 -18.85 114.03 -88.48
CA THR TA 143 -17.99 113.98 -87.31
C THR TA 143 -17.03 112.81 -87.35
N GLY TA 144 -17.33 111.80 -88.15
CA GLY TA 144 -16.45 110.66 -88.29
C GLY TA 144 -15.77 110.63 -89.63
N SER TA 145 -16.46 111.06 -90.68
CA SER TA 145 -15.88 111.05 -92.01
C SER TA 145 -14.83 112.14 -92.16
N GLY TA 146 -15.07 113.29 -91.56
CA GLY TA 146 -14.11 114.36 -91.68
C GLY TA 146 -12.98 114.17 -90.71
N MET TA 147 -13.29 114.18 -89.43
CA MET TA 147 -12.24 114.29 -88.43
C MET TA 147 -11.52 112.97 -88.28
N GLY TA 148 -12.21 111.87 -88.57
CA GLY TA 148 -11.56 110.57 -88.53
C GLY TA 148 -10.44 110.45 -89.54
N THR TA 149 -10.69 110.89 -90.77
CA THR TA 149 -9.65 110.81 -91.78
C THR TA 149 -8.62 111.90 -91.60
N LEU TA 150 -8.96 112.95 -90.85
CA LEU TA 150 -7.93 113.86 -90.40
C LEU TA 150 -6.97 113.14 -89.46
N LEU TA 151 -7.51 112.32 -88.56
CA LEU TA 151 -6.66 111.56 -87.66
C LEU TA 151 -5.91 110.48 -88.40
N ILE TA 152 -6.50 109.94 -89.47
CA ILE TA 152 -5.84 108.89 -90.24
C ILE TA 152 -4.54 109.40 -90.85
N SER TA 153 -4.61 110.56 -91.50
CA SER TA 153 -3.43 111.10 -92.16
C SER TA 153 -2.44 111.64 -91.15
N LYS TA 154 -2.93 112.21 -90.05
CA LYS TA 154 -2.05 112.91 -89.14
C LYS TA 154 -1.23 111.96 -88.26
N VAL TA 155 -1.63 110.68 -88.17
CA VAL TA 155 -0.81 109.70 -87.49
C VAL TA 155 0.05 108.87 -88.44
N ARG TA 156 -0.20 108.94 -89.74
CA ARG TA 156 0.76 108.38 -90.68
C ARG TA 156 2.05 109.20 -90.71
N GLU TA 157 1.98 110.47 -90.32
CA GLU TA 157 3.16 111.31 -90.30
C GLU TA 157 4.15 110.89 -89.22
N GLU TA 158 3.71 110.17 -88.20
CA GLU TA 158 4.61 109.60 -87.21
C GLU TA 158 4.91 108.13 -87.45
N TYR TA 159 3.93 107.37 -87.91
CA TYR TA 159 4.02 105.91 -87.97
C TYR TA 159 3.75 105.48 -89.41
N PRO TA 160 4.72 105.60 -90.28
CA PRO TA 160 4.46 105.31 -91.69
C PRO TA 160 4.57 103.84 -92.04
N ASP TA 161 5.23 103.06 -91.19
CA ASP TA 161 5.50 101.66 -91.48
C ASP TA 161 4.64 100.69 -90.69
N ARG TA 162 3.61 101.17 -90.01
CA ARG TA 162 2.73 100.32 -89.23
C ARG TA 162 1.40 100.16 -89.95
N ILE TA 163 0.83 98.97 -89.88
CA ILE TA 163 -0.38 98.68 -90.63
C ILE TA 163 -1.56 99.44 -90.03
N MET TA 164 -2.48 99.85 -90.88
CA MET TA 164 -3.67 100.55 -90.43
C MET TA 164 -4.88 99.97 -91.13
N GLU TA 165 -5.72 99.29 -90.37
CA GLU TA 165 -6.96 98.71 -90.86
C GLU TA 165 -8.09 99.63 -90.45
N THR TA 166 -9.03 99.87 -91.34
CA THR TA 166 -10.12 100.79 -91.07
C THR TA 166 -11.43 100.20 -91.57
N PHE TA 167 -12.47 100.26 -90.75
CA PHE TA 167 -13.82 99.98 -91.22
C PHE TA 167 -14.54 101.29 -91.40
N SER TA 168 -15.06 101.51 -92.61
CA SER TA 168 -15.90 102.65 -92.88
C SER TA 168 -17.18 102.14 -93.49
N VAL TA 169 -18.31 102.59 -92.96
CA VAL TA 169 -19.58 102.26 -93.57
C VAL TA 169 -19.84 103.29 -94.66
N PHE TA 170 -19.96 102.81 -95.89
CA PHE TA 170 -20.09 103.70 -97.01
C PHE TA 170 -21.54 104.16 -97.09
N PRO TA 171 -21.85 105.12 -97.94
CA PRO TA 171 -23.25 105.41 -98.23
C PRO TA 171 -24.00 104.22 -98.80
N SER TA 172 -25.29 104.18 -98.47
CA SER TA 172 -26.19 103.15 -98.94
C SER TA 172 -26.39 103.24 -100.46
N PRO TA 173 -26.73 102.14 -101.11
CA PRO TA 173 -27.04 102.19 -102.55
C PRO TA 173 -28.30 102.94 -102.94
N LYS TA 174 -29.44 102.60 -102.34
CA LYS TA 174 -30.71 103.15 -102.83
C LYS TA 174 -31.41 104.07 -101.85
N VAL TA 175 -31.40 103.80 -100.56
CA VAL TA 175 -31.87 104.78 -99.60
C VAL TA 175 -30.70 105.71 -99.30
N SER TA 176 -30.97 106.88 -98.78
CA SER TA 176 -29.89 107.85 -98.58
C SER TA 176 -30.16 108.63 -97.31
N ASP TA 177 -29.55 108.19 -96.22
CA ASP TA 177 -29.48 109.03 -95.04
C ASP TA 177 -28.40 110.09 -95.23
N THR TA 178 -28.60 111.25 -94.60
CA THR TA 178 -27.63 112.34 -94.52
C THR TA 178 -27.23 112.82 -95.92
N VAL TA 179 -28.20 113.49 -96.56
CA VAL TA 179 -28.26 113.87 -97.97
C VAL TA 179 -26.96 114.46 -98.53
N VAL TA 180 -26.10 114.99 -97.65
CA VAL TA 180 -24.82 115.52 -98.07
C VAL TA 180 -23.82 114.38 -98.26
N GLU TA 181 -24.32 113.13 -98.20
CA GLU TA 181 -23.48 111.94 -98.36
C GLU TA 181 -22.61 111.84 -99.61
N PRO TA 182 -23.01 112.24 -100.83
CA PRO TA 182 -22.07 112.06 -101.93
C PRO TA 182 -20.85 112.95 -101.79
N TYR TA 183 -21.01 114.07 -101.09
CA TYR TA 183 -19.90 114.99 -100.91
C TYR TA 183 -18.91 114.43 -99.89
N ASN TA 184 -19.43 113.87 -98.80
CA ASN TA 184 -18.56 113.39 -97.74
C ASN TA 184 -17.86 112.10 -98.14
N ALA TA 185 -18.48 111.30 -98.99
CA ALA TA 185 -17.87 110.05 -99.41
C ALA TA 185 -16.67 110.31 -100.30
N THR TA 186 -16.82 111.16 -101.31
CA THR TA 186 -15.70 111.42 -102.22
C THR TA 186 -14.60 112.19 -101.53
N LEU TA 187 -14.96 113.17 -100.71
CA LEU TA 187 -13.94 113.97 -100.06
C LEU TA 187 -13.16 113.19 -99.02
N SER TA 188 -13.62 112.00 -98.65
CA SER TA 188 -12.89 111.17 -97.73
C SER TA 188 -12.09 110.08 -98.40
N VAL TA 189 -12.55 109.59 -99.56
CA VAL TA 189 -11.88 108.48 -100.22
C VAL TA 189 -10.53 108.92 -100.76
N HIS TA 190 -10.44 110.11 -101.35
CA HIS TA 190 -9.20 110.45 -102.04
C HIS TA 190 -8.09 110.78 -101.06
N GLN TA 191 -8.41 110.89 -99.78
CA GLN TA 191 -7.42 110.95 -98.71
C GLN TA 191 -7.29 109.60 -98.02
N LEU TA 192 -8.27 108.72 -98.18
CA LEU TA 192 -8.19 107.39 -97.61
C LEU TA 192 -7.26 106.48 -98.39
N VAL TA 193 -7.17 106.67 -99.71
CA VAL TA 193 -6.44 105.72 -100.53
C VAL TA 193 -4.94 105.81 -100.30
N GLU TA 194 -4.43 106.98 -99.93
CA GLU TA 194 -3.00 107.12 -99.72
C GLU TA 194 -2.59 107.02 -98.27
N ASN TA 195 -3.55 106.95 -97.35
CA ASN TA 195 -3.22 106.98 -95.94
C ASN TA 195 -3.65 105.76 -95.15
N ALA TA 196 -4.27 104.77 -95.78
CA ALA TA 196 -4.76 103.60 -95.06
C ALA TA 196 -4.34 102.33 -95.77
N ASP TA 197 -3.78 101.37 -95.02
CA ASP TA 197 -3.24 100.18 -95.65
C ASP TA 197 -4.32 99.22 -96.09
N GLU TA 198 -5.36 99.04 -95.28
CA GLU TA 198 -6.51 98.27 -95.72
C GLU TA 198 -7.77 98.87 -95.17
N VAL TA 199 -8.74 99.07 -96.02
CA VAL TA 199 -10.06 99.53 -95.63
C VAL TA 199 -11.07 98.60 -96.27
N GLN TA 200 -11.85 97.92 -95.44
CA GLN TA 200 -12.87 97.02 -95.94
C GLN TA 200 -14.26 97.41 -95.49
N VAL TA 201 -15.18 97.40 -96.46
CA VAL TA 201 -16.35 98.25 -96.48
C VAL TA 201 -17.57 97.51 -95.97
N ILE TA 202 -18.44 98.24 -95.30
CA ILE TA 202 -19.64 97.72 -94.65
C ILE TA 202 -20.80 98.57 -95.12
N ASP TA 203 -21.89 97.94 -95.54
CA ASP TA 203 -23.01 98.66 -96.12
C ASP TA 203 -24.27 98.35 -95.36
N ASN TA 204 -25.02 99.38 -94.98
CA ASN TA 204 -26.19 99.15 -94.15
C ASN TA 204 -27.29 98.42 -94.92
N GLU TA 205 -27.42 98.67 -96.21
CA GLU TA 205 -28.35 97.84 -96.94
C GLU TA 205 -27.79 96.50 -97.32
N ALA TA 206 -26.48 96.30 -97.18
CA ALA TA 206 -25.98 94.92 -97.25
C ALA TA 206 -26.39 94.16 -96.01
N LEU TA 207 -26.19 94.76 -94.83
CA LEU TA 207 -26.53 94.06 -93.61
C LEU TA 207 -28.02 94.02 -93.35
N TYR TA 208 -28.79 94.90 -93.99
CA TYR TA 208 -30.24 94.75 -93.94
C TYR TA 208 -30.67 93.50 -94.69
N ASP TA 209 -29.99 93.20 -95.80
CA ASP TA 209 -30.27 91.99 -96.53
C ASP TA 209 -29.89 90.76 -95.71
N ILE TA 210 -28.76 90.84 -95.00
CA ILE TA 210 -28.24 89.67 -94.27
C ILE TA 210 -29.18 89.30 -93.14
N CYS TA 211 -29.58 90.30 -92.35
CA CYS TA 211 -30.41 90.05 -91.19
C CYS TA 211 -31.82 89.62 -91.58
N PHE TA 212 -32.26 89.95 -92.79
CA PHE TA 212 -33.63 89.63 -93.19
C PHE TA 212 -33.75 88.18 -93.66
N ARG TA 213 -33.09 87.85 -94.76
CA ARG TA 213 -33.32 86.56 -95.39
C ARG TA 213 -32.34 85.49 -94.98
N THR TA 214 -31.39 85.79 -94.10
CA THR TA 214 -30.53 84.76 -93.55
C THR TA 214 -30.70 84.61 -92.04
N LEU TA 215 -30.64 85.70 -91.29
CA LEU TA 215 -30.89 85.62 -89.86
C LEU TA 215 -32.35 85.46 -89.52
N LYS TA 216 -33.26 85.68 -90.47
CA LYS TA 216 -34.71 85.52 -90.28
C LYS TA 216 -35.24 86.39 -89.16
N LEU TA 217 -34.62 87.56 -88.96
CA LEU TA 217 -35.03 88.45 -87.90
C LEU TA 217 -36.06 89.44 -88.46
N THR TA 218 -37.28 89.36 -87.96
CA THR TA 218 -38.34 90.24 -88.44
C THR TA 218 -38.18 91.67 -87.95
N THR TA 219 -37.51 91.89 -86.83
CA THR TA 219 -37.29 93.22 -86.27
C THR TA 219 -35.80 93.43 -86.06
N PRO TA 220 -35.06 93.76 -87.12
CA PRO TA 220 -33.64 94.06 -86.96
C PRO TA 220 -33.45 95.43 -86.33
N THR TA 221 -32.64 95.48 -85.27
CA THR TA 221 -32.25 96.72 -84.64
C THR TA 221 -30.74 96.89 -84.74
N TYR TA 222 -30.28 98.14 -84.64
CA TYR TA 222 -28.84 98.42 -84.73
C TYR TA 222 -28.05 97.74 -83.64
N GLY TA 223 -28.68 97.32 -82.54
CA GLY TA 223 -28.01 96.42 -81.63
C GLY TA 223 -27.62 95.11 -82.30
N ASP TA 224 -28.48 94.62 -83.18
CA ASP TA 224 -28.17 93.38 -83.86
C ASP TA 224 -27.40 93.62 -85.16
N LEU TA 225 -27.64 94.75 -85.82
CA LEU TA 225 -26.88 95.07 -87.03
C LEU TA 225 -25.41 95.28 -86.70
N ASN TA 226 -25.13 95.91 -85.57
CA ASN TA 226 -23.74 96.11 -85.19
C ASN TA 226 -23.10 94.83 -84.69
N HIS TA 227 -23.86 93.96 -84.05
CA HIS TA 227 -23.29 92.76 -83.47
C HIS TA 227 -22.79 91.82 -84.54
N LEU TA 228 -23.43 91.83 -85.71
CA LEU TA 228 -22.99 91.00 -86.82
C LEU TA 228 -21.66 91.48 -87.36
N VAL TA 229 -21.55 92.78 -87.63
CA VAL TA 229 -20.31 93.32 -88.19
C VAL TA 229 -19.22 93.36 -87.12
N SER TA 230 -19.61 93.46 -85.86
CA SER TA 230 -18.62 93.33 -84.80
C SER TA 230 -18.13 91.90 -84.69
N ALA TA 231 -18.96 90.93 -85.10
CA ALA TA 231 -18.54 89.53 -85.02
C ALA TA 231 -17.46 89.22 -86.03
N ALA TA 232 -17.57 89.75 -87.24
CA ALA TA 232 -16.51 89.57 -88.22
C ALA TA 232 -15.26 90.35 -87.83
N MET TA 233 -15.45 91.51 -87.21
CA MET TA 233 -14.35 92.37 -86.81
C MET TA 233 -13.53 91.77 -85.68
N SER TA 234 -14.07 90.76 -84.99
CA SER TA 234 -13.21 89.92 -84.16
C SER TA 234 -12.43 88.93 -85.01
N GLY TA 235 -13.01 88.45 -86.10
CA GLY TA 235 -12.44 87.34 -86.84
C GLY TA 235 -11.24 87.66 -87.69
N VAL TA 236 -10.90 88.94 -87.87
CA VAL TA 236 -9.74 89.27 -88.68
C VAL TA 236 -8.50 89.51 -87.82
N THR TA 237 -8.67 89.83 -86.55
CA THR TA 237 -7.56 89.91 -85.62
C THR TA 237 -7.59 88.78 -84.60
N CYS TA 238 -8.39 87.75 -84.86
CA CYS TA 238 -8.47 86.63 -83.94
C CYS TA 238 -7.18 85.83 -83.93
N CYS TA 239 -6.58 85.64 -85.10
CA CYS TA 239 -5.44 84.74 -85.18
C CYS TA 239 -4.19 85.36 -84.59
N LEU TA 240 -4.19 86.68 -84.36
CA LEU TA 240 -3.18 87.27 -83.50
C LEU TA 240 -3.35 86.76 -82.08
N ARG TA 241 -4.59 86.58 -81.65
CA ARG TA 241 -4.90 86.38 -80.25
C ARG TA 241 -4.81 84.93 -79.82
N PHE TA 242 -5.13 83.99 -80.70
CA PHE TA 242 -5.16 82.60 -80.31
C PHE TA 242 -4.22 81.78 -81.19
N PRO TA 243 -3.55 80.77 -80.63
CA PRO TA 243 -2.65 79.95 -81.43
C PRO TA 243 -3.41 79.08 -82.40
N GLY TA 244 -2.72 78.69 -83.47
CA GLY TA 244 -3.39 77.95 -84.53
C GLY TA 244 -2.42 77.06 -85.28
N GLN TA 245 -2.97 76.34 -86.25
CA GLN TA 245 -2.17 75.44 -87.07
C GLN TA 245 -1.56 76.13 -88.27
N LEU TA 246 -2.13 77.25 -88.72
CA LEU TA 246 -1.56 78.04 -89.81
C LEU TA 246 -1.82 79.50 -89.45
N ASN TA 247 -0.85 80.11 -88.80
CA ASN TA 247 -1.09 81.40 -88.18
C ASN TA 247 -1.11 82.52 -89.20
N SER TA 248 -1.85 83.57 -88.88
CA SER TA 248 -1.94 84.73 -89.76
C SER TA 248 -2.14 85.98 -88.93
N ASP TA 249 -1.59 87.08 -89.41
CA ASP TA 249 -1.74 88.36 -88.75
C ASP TA 249 -2.31 89.35 -89.75
N LEU TA 250 -2.30 90.62 -89.39
CA LEU TA 250 -2.75 91.64 -90.33
C LEU TA 250 -1.72 91.83 -91.43
N ARG TA 251 -0.44 91.84 -91.08
CA ARG TA 251 0.63 91.94 -92.08
C ARG TA 251 0.60 90.76 -93.02
N LYS TA 252 0.19 89.59 -92.52
CA LYS TA 252 -0.09 88.46 -93.39
C LYS TA 252 -1.09 88.83 -94.46
N LEU TA 253 -2.17 89.48 -94.05
CA LEU TA 253 -3.27 89.75 -94.96
C LEU TA 253 -2.92 90.87 -95.92
N ALA TA 254 -2.19 91.87 -95.45
CA ALA TA 254 -1.97 93.07 -96.24
C ALA TA 254 -0.97 92.84 -97.35
N VAL TA 255 0.09 92.09 -97.09
CA VAL TA 255 1.12 91.86 -98.10
C VAL TA 255 0.63 90.92 -99.19
N ASN TA 256 -0.48 90.24 -98.96
CA ASN TA 256 -0.81 89.10 -99.77
C ASN TA 256 -2.16 89.30 -100.46
N LEU TA 257 -2.91 90.33 -100.11
CA LEU TA 257 -4.21 90.57 -100.72
C LEU TA 257 -4.24 91.85 -101.55
N ILE TA 258 -3.13 92.55 -101.67
CA ILE TA 258 -3.07 93.87 -102.29
C ILE TA 258 -1.95 93.87 -103.32
N PRO TA 259 -2.22 93.68 -104.58
CA PRO TA 259 -1.14 93.66 -105.57
C PRO TA 259 -0.57 95.02 -105.90
N PHE TA 260 -1.41 95.97 -106.08
CA PHE TA 260 -0.91 97.31 -106.29
C PHE TA 260 -1.33 98.19 -105.13
N PRO TA 261 -0.53 99.21 -104.77
CA PRO TA 261 -0.87 100.03 -103.59
C PRO TA 261 -2.11 100.90 -103.76
N ARG TA 262 -2.81 100.83 -104.88
CA ARG TA 262 -4.08 101.52 -105.05
C ARG TA 262 -5.25 100.68 -104.56
N LEU TA 263 -5.42 99.50 -105.13
CA LEU TA 263 -6.63 98.72 -104.94
C LEU TA 263 -6.51 97.98 -103.62
N HIS TA 264 -7.15 98.52 -102.58
CA HIS TA 264 -7.11 97.86 -101.28
C HIS TA 264 -8.44 97.98 -100.54
N PHE TA 265 -9.54 98.00 -101.26
CA PHE TA 265 -10.86 98.02 -100.65
C PHE TA 265 -11.44 96.62 -100.71
N PHE TA 266 -11.66 96.01 -99.56
CA PHE TA 266 -11.97 94.60 -99.49
C PHE TA 266 -13.46 94.42 -99.26
N LEU TA 267 -13.90 93.16 -99.25
CA LEU TA 267 -15.31 92.81 -99.08
C LEU TA 267 -15.41 91.72 -98.01
N ILE TA 268 -16.30 91.90 -97.04
CA ILE TA 268 -16.37 91.02 -95.88
C ILE TA 268 -17.63 90.17 -95.93
N GLY TA 269 -17.52 88.93 -95.47
CA GLY TA 269 -18.67 88.08 -95.26
C GLY TA 269 -18.43 87.22 -94.03
N PHE TA 270 -19.49 86.55 -93.58
CA PHE TA 270 -19.36 85.70 -92.40
C PHE TA 270 -20.24 84.47 -92.54
N ALA TA 271 -19.71 83.35 -92.05
CA ALA TA 271 -20.43 82.10 -91.94
C ALA TA 271 -20.01 81.45 -90.64
N PRO TA 272 -20.87 80.67 -90.00
CA PRO TA 272 -22.25 80.31 -90.34
C PRO TA 272 -23.25 81.36 -89.93
N LEU TA 273 -24.38 81.38 -90.63
CA LEU TA 273 -25.46 82.32 -90.33
C LEU TA 273 -26.79 81.58 -90.50
N THR TA 274 -27.29 81.03 -89.40
CA THR TA 274 -28.62 80.43 -89.38
C THR TA 274 -29.38 80.97 -88.18
N SER TA 275 -30.71 80.97 -88.29
CA SER TA 275 -31.54 81.62 -87.29
C SER TA 275 -31.58 80.81 -86.01
N ARG TA 276 -32.26 81.35 -85.00
CA ARG TA 276 -32.37 80.69 -83.71
C ARG TA 276 -33.13 79.38 -83.81
N GLY TA 277 -33.98 79.24 -84.82
CA GLY TA 277 -34.73 78.02 -85.02
C GLY TA 277 -34.07 77.14 -86.05
N SER TA 278 -32.77 77.30 -86.26
CA SER TA 278 -32.04 76.33 -87.05
C SER TA 278 -30.64 76.03 -86.54
N GLN TA 279 -30.16 76.74 -85.51
CA GLN TA 279 -28.75 76.67 -85.13
C GLN TA 279 -28.34 75.27 -84.70
N GLN TA 280 -29.10 74.66 -83.81
CA GLN TA 280 -28.89 73.28 -83.41
C GLN TA 280 -29.80 72.31 -84.16
N TYR TA 281 -30.16 72.68 -85.38
CA TYR TA 281 -30.93 71.87 -86.31
C TYR TA 281 -30.20 71.61 -87.62
N ARG TA 282 -28.92 71.95 -87.70
CA ARG TA 282 -28.13 71.87 -88.92
C ARG TA 282 -26.71 71.38 -88.68
N ALA TA 283 -26.17 70.66 -89.65
CA ALA TA 283 -24.86 70.03 -89.56
C ALA TA 283 -23.78 71.04 -89.92
N LEU TA 284 -22.93 71.38 -88.97
CA LEU TA 284 -21.73 72.17 -89.25
C LEU TA 284 -20.70 71.31 -89.94
N SER TA 285 -20.49 71.57 -91.22
CA SER TA 285 -19.45 70.90 -92.00
C SER TA 285 -18.66 71.94 -92.76
N VAL TA 286 -17.35 71.69 -92.84
CA VAL TA 286 -16.47 72.56 -93.62
C VAL TA 286 -16.91 72.77 -95.07
N PRO TA 287 -17.36 71.75 -95.82
CA PRO TA 287 -17.87 72.06 -97.18
C PRO TA 287 -19.08 72.97 -97.19
N GLU TA 288 -19.90 72.95 -96.15
CA GLU TA 288 -21.04 73.86 -96.14
C GLU TA 288 -20.61 75.28 -95.82
N LEU TA 289 -19.52 75.45 -95.07
CA LEU TA 289 -19.00 76.79 -94.82
C LEU TA 289 -18.57 77.45 -96.12
N THR TA 290 -17.96 76.69 -97.01
CA THR TA 290 -17.49 77.26 -98.27
C THR TA 290 -18.67 77.63 -99.16
N GLN TA 291 -19.75 76.89 -99.06
CA GLN TA 291 -20.95 77.26 -99.80
C GLN TA 291 -21.54 78.55 -99.25
N GLN TA 292 -21.48 78.73 -97.93
CA GLN TA 292 -21.97 79.97 -97.36
C GLN TA 292 -20.98 81.11 -97.57
N MET TA 293 -19.71 80.79 -97.81
CA MET TA 293 -18.70 81.77 -98.16
C MET TA 293 -19.03 82.45 -99.47
N PHE TA 294 -18.99 81.67 -100.54
CA PHE TA 294 -18.93 82.20 -101.89
C PHE TA 294 -20.31 82.31 -102.50
N ASP TA 295 -21.20 82.96 -101.77
CA ASP TA 295 -22.52 83.25 -102.30
C ASP TA 295 -22.86 84.67 -101.87
N ALA TA 296 -23.41 85.45 -102.81
CA ALA TA 296 -23.47 86.89 -102.66
C ALA TA 296 -24.36 87.33 -101.50
N LYS TA 297 -25.39 86.55 -101.17
CA LYS TA 297 -26.30 86.95 -100.11
C LYS TA 297 -25.73 86.72 -98.72
N ASN TA 298 -24.44 86.46 -98.60
CA ASN TA 298 -23.75 86.47 -97.33
C ASN TA 298 -22.84 87.67 -97.17
N MET TA 299 -22.29 88.18 -98.26
CA MET TA 299 -21.21 89.12 -98.17
C MET TA 299 -21.73 90.51 -97.86
N MET TA 300 -20.97 91.26 -97.07
CA MET TA 300 -21.45 92.46 -96.39
C MET TA 300 -21.13 93.74 -97.14
N CYS TA 301 -21.19 93.72 -98.47
CA CYS TA 301 -21.04 94.92 -99.28
C CYS TA 301 -22.21 95.03 -100.25
N ALA TA 302 -22.70 96.25 -100.44
CA ALA TA 302 -23.84 96.46 -101.33
C ALA TA 302 -23.35 96.36 -102.77
N SER TA 303 -23.08 95.12 -103.17
CA SER TA 303 -22.69 94.81 -104.53
C SER TA 303 -22.98 93.35 -104.74
N ASP TA 304 -23.31 93.00 -105.98
CA ASP TA 304 -23.33 91.61 -106.37
C ASP TA 304 -21.94 91.31 -106.90
N PRO TA 305 -21.16 90.47 -106.21
CA PRO TA 305 -19.81 90.16 -106.68
C PRO TA 305 -19.78 89.40 -107.99
N ARG TA 306 -20.91 88.82 -108.39
CA ARG TA 306 -20.94 87.98 -109.57
C ARG TA 306 -20.77 88.76 -110.86
N HIS TA 307 -20.87 90.08 -110.83
CA HIS TA 307 -20.62 90.87 -112.02
C HIS TA 307 -19.14 91.12 -112.27
N GLY TA 308 -18.29 90.78 -111.29
CA GLY TA 308 -16.86 91.00 -111.46
C GLY TA 308 -16.01 89.79 -111.14
N ARG TA 309 -14.71 90.01 -110.94
CA ARG TA 309 -13.76 88.97 -110.58
C ARG TA 309 -13.20 89.24 -109.19
N TYR TA 310 -13.01 88.19 -108.41
CA TYR TA 310 -12.23 88.30 -107.18
C TYR TA 310 -10.76 88.35 -107.55
N LEU TA 311 -10.15 89.52 -107.40
CA LEU TA 311 -8.77 89.68 -107.79
C LEU TA 311 -7.84 88.91 -106.86
N THR TA 312 -7.99 89.10 -105.56
CA THR TA 312 -7.38 88.26 -104.54
C THR TA 312 -8.39 88.08 -103.41
N ALA TA 313 -8.36 86.92 -102.77
CA ALA TA 313 -9.32 86.65 -101.72
C ALA TA 313 -8.70 85.74 -100.67
N SER TA 314 -9.27 85.77 -99.47
CA SER TA 314 -8.70 85.03 -98.35
C SER TA 314 -9.81 84.62 -97.38
N ALA TA 315 -9.59 83.52 -96.67
CA ALA TA 315 -10.56 83.02 -95.72
C ALA TA 315 -9.85 82.61 -94.44
N MET TA 316 -10.21 83.23 -93.33
CA MET TA 316 -9.63 82.91 -92.04
C MET TA 316 -10.61 82.07 -91.24
N PHE TA 317 -10.35 80.78 -91.18
CA PHE TA 317 -11.19 79.85 -90.43
C PHE TA 317 -10.80 79.87 -88.96
N ARG TA 318 -11.73 79.43 -88.12
CA ARG TA 318 -11.47 79.26 -86.69
C ARG TA 318 -12.05 77.94 -86.25
N GLY TA 319 -11.36 77.25 -85.35
CA GLY TA 319 -11.91 76.07 -84.71
C GLY TA 319 -11.03 74.84 -84.86
N ARG TA 320 -11.34 73.82 -84.07
CA ARG TA 320 -10.63 72.54 -84.11
C ARG TA 320 -11.20 71.73 -85.26
N MET TA 321 -10.44 71.64 -86.35
CA MET TA 321 -10.95 71.09 -87.60
C MET TA 321 -9.79 70.79 -88.52
N SER TA 322 -9.91 69.70 -89.27
CA SER TA 322 -8.81 69.21 -90.08
C SER TA 322 -8.59 70.12 -91.28
N THR TA 323 -7.43 69.95 -91.92
CA THR TA 323 -6.92 70.92 -92.88
C THR TA 323 -6.85 70.43 -94.31
N LYS TA 324 -6.91 69.13 -94.57
CA LYS TA 324 -7.08 68.70 -95.94
C LYS TA 324 -8.42 69.17 -96.49
N GLU TA 325 -9.48 69.04 -95.69
CA GLU TA 325 -10.78 69.53 -96.10
C GLU TA 325 -10.77 71.05 -96.22
N VAL TA 326 -9.90 71.72 -95.48
CA VAL TA 326 -9.69 73.13 -95.72
C VAL TA 326 -9.08 73.34 -97.09
N ASP TA 327 -8.01 72.61 -97.38
CA ASP TA 327 -7.27 72.82 -98.62
C ASP TA 327 -8.05 72.32 -99.83
N GLU TA 328 -8.65 71.12 -99.72
CA GLU TA 328 -9.25 70.53 -100.91
C GLU TA 328 -10.51 71.27 -101.30
N GLN TA 329 -11.28 71.73 -100.31
CA GLN TA 329 -12.50 72.43 -100.68
C GLN TA 329 -12.19 73.83 -101.17
N MET TA 330 -11.10 74.41 -100.68
CA MET TA 330 -10.80 75.77 -101.04
C MET TA 330 -10.25 75.83 -102.46
N LEU TA 331 -9.52 74.79 -102.86
CA LEU TA 331 -9.13 74.62 -104.25
C LEU TA 331 -10.35 74.35 -105.12
N ASN TA 332 -11.27 73.52 -104.63
CA ASN TA 332 -12.34 72.99 -105.46
C ASN TA 332 -13.30 74.11 -105.85
N VAL TA 333 -13.54 75.06 -104.95
CA VAL TA 333 -14.43 76.17 -105.28
C VAL TA 333 -13.80 77.06 -106.33
N GLN TA 334 -12.47 77.16 -106.35
CA GLN TA 334 -11.81 77.89 -107.41
C GLN TA 334 -11.93 77.15 -108.74
N ASN TA 335 -12.13 75.83 -108.71
CA ASN TA 335 -12.27 75.08 -109.96
C ASN TA 335 -13.64 75.30 -110.59
N LYS TA 336 -14.70 75.37 -109.80
CA LYS TA 336 -16.01 75.61 -110.41
C LYS TA 336 -16.11 77.03 -110.92
N ASN TA 337 -15.83 78.00 -110.06
CA ASN TA 337 -15.99 79.41 -110.39
C ASN TA 337 -14.77 79.89 -111.18
N SER TA 338 -14.62 79.33 -112.37
CA SER TA 338 -13.41 79.55 -113.16
C SER TA 338 -13.33 80.97 -113.66
N SER TA 339 -14.41 81.46 -114.26
CA SER TA 339 -14.44 82.83 -114.75
C SER TA 339 -14.46 83.85 -113.62
N TYR TA 340 -14.62 83.37 -112.38
CA TYR TA 340 -14.89 84.23 -111.26
C TYR TA 340 -13.62 84.61 -110.53
N PHE TA 341 -12.47 84.44 -111.18
CA PHE TA 341 -11.19 84.74 -110.58
C PHE TA 341 -10.26 85.19 -111.69
N VAL TA 342 -9.32 86.07 -111.36
CA VAL TA 342 -8.39 86.56 -112.37
C VAL TA 342 -7.39 85.45 -112.69
N GLU TA 343 -6.73 85.57 -113.83
CA GLU TA 343 -5.91 84.49 -114.35
C GLU TA 343 -4.43 84.71 -114.14
N TRP TA 344 -3.96 85.94 -114.11
CA TRP TA 344 -2.54 86.20 -113.89
C TRP TA 344 -2.15 86.13 -112.43
N ILE TA 345 -2.96 85.53 -111.57
CA ILE TA 345 -2.60 85.15 -110.22
C ILE TA 345 -2.95 83.68 -110.10
N PRO TA 346 -2.02 82.80 -109.78
CA PRO TA 346 -2.39 81.39 -109.60
C PRO TA 346 -2.75 81.01 -108.18
N ASN TA 347 -3.82 80.23 -108.04
CA ASN TA 347 -4.38 79.79 -106.76
C ASN TA 347 -4.68 80.98 -105.85
N ASN TA 348 -5.69 81.72 -106.28
CA ASN TA 348 -6.05 83.05 -105.81
C ASN TA 348 -6.33 83.17 -104.32
N MET TA 349 -6.36 82.07 -103.60
CA MET TA 349 -7.11 81.99 -102.36
C MET TA 349 -6.19 81.69 -101.20
N LYS TA 350 -6.31 82.44 -100.11
CA LYS TA 350 -5.49 82.24 -98.92
C LYS TA 350 -6.34 81.65 -97.80
N SER TA 351 -5.79 80.65 -97.12
CA SER TA 351 -6.45 80.08 -95.96
C SER TA 351 -5.63 80.32 -94.72
N SER TA 352 -6.32 80.41 -93.60
CA SER TA 352 -5.69 80.51 -92.30
C SER TA 352 -6.55 79.75 -91.31
N VAL TA 353 -5.93 78.94 -90.47
CA VAL TA 353 -6.65 78.10 -89.54
C VAL TA 353 -6.19 78.47 -88.14
N CYS TA 354 -7.11 78.97 -87.34
CA CYS TA 354 -6.89 79.18 -85.93
C CYS TA 354 -7.70 78.16 -85.14
N ASP TA 355 -7.17 77.74 -84.00
CA ASP TA 355 -7.73 76.57 -83.34
C ASP TA 355 -8.92 76.90 -82.46
N ILE TA 356 -9.07 78.14 -82.01
CA ILE TA 356 -10.04 78.45 -80.98
C ILE TA 356 -11.19 79.23 -81.60
N PRO TA 357 -12.36 78.62 -81.78
CA PRO TA 357 -13.46 79.32 -82.40
C PRO TA 357 -14.12 80.25 -81.41
N PRO TA 358 -14.94 81.19 -81.87
CA PRO TA 358 -15.70 82.03 -80.93
C PRO TA 358 -16.75 81.20 -80.21
N LYS TA 359 -17.18 81.72 -79.05
CA LYS TA 359 -18.09 80.95 -78.23
C LYS TA 359 -19.47 80.87 -78.86
N GLY TA 360 -20.22 79.87 -78.43
CA GLY TA 360 -21.48 79.54 -79.05
C GLY TA 360 -21.29 78.45 -80.09
N LEU TA 361 -20.55 78.77 -81.13
CA LEU TA 361 -20.34 77.81 -82.20
C LEU TA 361 -19.23 76.85 -81.83
N LYS TA 362 -18.93 75.93 -82.72
CA LYS TA 362 -17.75 75.11 -82.62
C LYS TA 362 -16.81 75.29 -83.79
N MET TA 363 -17.20 76.02 -84.82
CA MET TA 363 -16.37 76.25 -85.99
C MET TA 363 -16.94 77.40 -86.81
N SER TA 364 -16.12 78.40 -87.13
CA SER TA 364 -16.60 79.55 -87.89
C SER TA 364 -15.53 80.02 -88.85
N VAL TA 365 -15.84 81.05 -89.62
CA VAL TA 365 -14.90 81.60 -90.57
C VAL TA 365 -15.27 83.05 -90.84
N THR TA 366 -14.27 83.87 -91.10
CA THR TA 366 -14.47 85.24 -91.55
C THR TA 366 -13.78 85.40 -92.90
N PHE TA 367 -14.48 86.01 -93.86
CA PHE TA 367 -14.01 86.02 -95.24
C PHE TA 367 -13.70 87.44 -95.67
N VAL TA 368 -12.63 87.61 -96.44
CA VAL TA 368 -12.29 88.90 -97.02
C VAL TA 368 -12.19 88.70 -98.52
N GLY TA 369 -12.30 89.80 -99.26
CA GLY TA 369 -12.05 89.71 -100.69
C GLY TA 369 -11.81 91.04 -101.35
N ASN TA 370 -10.71 91.16 -102.07
CA ASN TA 370 -10.39 92.36 -102.81
C ASN TA 370 -10.92 92.12 -104.22
N SER TA 371 -12.10 92.64 -104.51
CA SER TA 371 -12.77 92.35 -105.77
C SER TA 371 -12.86 93.58 -106.64
N THR TA 372 -13.06 93.34 -107.93
CA THR TA 372 -13.30 94.41 -108.89
C THR TA 372 -14.77 94.62 -109.16
N ALA TA 373 -15.64 93.92 -108.44
CA ALA TA 373 -17.05 94.28 -108.38
C ALA TA 373 -17.30 95.49 -107.51
N ILE TA 374 -16.28 95.95 -106.77
CA ILE TA 374 -16.35 97.21 -106.03
C ILE TA 374 -16.31 98.41 -106.96
N GLN TA 375 -16.05 98.19 -108.24
CA GLN TA 375 -16.15 99.26 -109.23
C GLN TA 375 -17.58 99.78 -109.32
N GLU TA 376 -18.56 98.90 -109.12
CA GLU TA 376 -19.96 99.30 -109.14
C GLU TA 376 -20.26 100.29 -108.03
N MET TA 377 -19.54 100.19 -106.92
CA MET TA 377 -19.88 100.97 -105.75
C MET TA 377 -19.18 102.32 -105.77
N PHE TA 378 -17.93 102.36 -106.22
CA PHE TA 378 -17.26 103.66 -106.37
C PHE TA 378 -17.83 104.46 -107.52
N LYS TA 379 -18.29 103.80 -108.58
CA LYS TA 379 -18.97 104.51 -109.66
C LYS TA 379 -20.27 105.12 -109.18
N ARG TA 380 -21.00 104.40 -108.33
CA ARG TA 380 -22.28 104.88 -107.82
C ARG TA 380 -22.10 106.16 -107.01
N VAL TA 381 -21.03 106.23 -106.22
CA VAL TA 381 -20.75 107.46 -105.51
C VAL TA 381 -20.26 108.53 -106.48
N SER TA 382 -19.49 108.13 -107.48
CA SER TA 382 -18.86 109.12 -108.37
C SER TA 382 -19.88 109.84 -109.23
N ASP TA 383 -20.77 109.11 -109.88
CA ASP TA 383 -21.72 109.78 -110.77
C ASP TA 383 -22.77 110.54 -110.00
N GLN TA 384 -23.07 110.14 -108.77
CA GLN TA 384 -23.89 110.97 -107.90
C GLN TA 384 -23.19 112.26 -107.54
N PHE TA 385 -21.87 112.20 -107.34
CA PHE TA 385 -21.10 113.43 -107.23
C PHE TA 385 -21.04 114.14 -108.56
N THR TA 386 -20.89 113.40 -109.65
CA THR TA 386 -20.80 114.03 -110.97
C THR TA 386 -22.08 114.75 -111.34
N ALA TA 387 -23.23 114.17 -110.96
CA ALA TA 387 -24.50 114.80 -111.25
C ALA TA 387 -24.70 116.07 -110.42
N MET TA 388 -24.43 116.00 -109.12
CA MET TA 388 -24.79 117.12 -108.26
C MET TA 388 -23.73 118.21 -108.23
N PHE TA 389 -22.48 117.90 -108.57
CA PHE TA 389 -21.48 118.97 -108.60
C PHE TA 389 -21.62 119.86 -109.82
N ARG TA 390 -22.23 119.34 -110.89
CA ARG TA 390 -22.40 120.13 -112.11
C ARG TA 390 -23.27 121.36 -111.85
N ARG TA 391 -24.36 121.17 -111.12
CA ARG TA 391 -25.22 122.26 -110.70
C ARG TA 391 -24.56 123.13 -109.66
N LYS TA 392 -23.47 122.66 -109.05
CA LYS TA 392 -22.77 123.32 -107.94
C LYS TA 392 -23.75 123.53 -106.78
N ALA TA 393 -24.19 122.41 -106.23
CA ALA TA 393 -25.17 122.41 -105.15
C ALA TA 393 -24.48 122.13 -103.82
N PHE TA 394 -24.93 122.84 -102.78
CA PHE TA 394 -24.41 122.73 -101.42
C PHE TA 394 -22.93 123.04 -101.32
N LEU TA 395 -22.35 123.79 -102.26
CA LEU TA 395 -20.96 124.15 -102.09
C LEU TA 395 -20.75 125.21 -101.02
N HIS TA 396 -21.72 126.12 -100.84
CA HIS TA 396 -21.47 127.30 -100.03
C HIS TA 396 -21.33 126.96 -98.56
N TRP TA 397 -21.87 125.84 -98.11
CA TRP TA 397 -21.60 125.40 -96.76
C TRP TA 397 -20.16 124.93 -96.64
N TYR TA 398 -19.69 124.19 -97.63
CA TYR TA 398 -18.31 123.72 -97.60
C TYR TA 398 -17.33 124.84 -97.89
N THR TA 399 -17.63 125.66 -98.90
CA THR TA 399 -16.72 126.70 -99.34
C THR TA 399 -16.51 127.73 -98.25
N GLY TA 400 -17.52 127.98 -97.43
CA GLY TA 400 -17.43 128.97 -96.37
C GLY TA 400 -16.53 128.58 -95.22
N GLU TA 401 -16.00 127.35 -95.22
CA GLU TA 401 -15.09 126.93 -94.17
C GLU TA 401 -13.63 126.90 -94.60
N GLY TA 402 -13.35 126.96 -95.91
CA GLY TA 402 -11.97 126.97 -96.35
C GLY TA 402 -11.65 126.05 -97.51
N MET TA 403 -12.67 125.52 -98.17
CA MET TA 403 -12.47 124.63 -99.32
C MET TA 403 -12.12 125.45 -100.55
N ASP TA 404 -12.01 124.76 -101.68
CA ASP TA 404 -12.14 125.39 -102.99
C ASP TA 404 -12.67 124.38 -103.98
N GLU TA 405 -13.13 124.87 -105.12
CA GLU TA 405 -13.58 123.98 -106.18
C GLU TA 405 -12.43 123.22 -106.81
N MET TA 406 -11.19 123.67 -106.59
CA MET TA 406 -10.04 122.91 -107.07
C MET TA 406 -9.82 121.64 -106.26
N GLU TA 407 -10.08 121.67 -104.95
CA GLU TA 407 -9.96 120.45 -104.17
C GLU TA 407 -11.06 119.46 -104.54
N PHE TA 408 -12.21 119.96 -104.97
CA PHE TA 408 -13.31 119.07 -105.28
C PHE TA 408 -13.09 118.37 -106.61
N THR TA 409 -12.38 119.01 -107.54
CA THR TA 409 -12.04 118.32 -108.77
C THR TA 409 -10.98 117.26 -108.54
N GLU TA 410 -9.99 117.56 -107.69
CA GLU TA 410 -8.98 116.58 -107.35
C GLU TA 410 -9.58 115.39 -106.62
N ALA TA 411 -10.59 115.65 -105.80
CA ALA TA 411 -11.33 114.56 -105.18
C ALA TA 411 -12.03 113.71 -106.22
N GLU TA 412 -12.59 114.34 -107.24
CA GLU TA 412 -13.25 113.58 -108.28
C GLU TA 412 -12.24 112.90 -109.19
N SER TA 413 -11.11 113.57 -109.45
CA SER TA 413 -10.22 113.13 -110.52
C SER TA 413 -9.55 111.80 -110.18
N ASN TA 414 -8.94 111.71 -109.00
CA ASN TA 414 -8.18 110.51 -108.69
C ASN TA 414 -9.08 109.33 -108.37
N MET TA 415 -10.22 109.58 -107.74
CA MET TA 415 -11.17 108.51 -107.52
C MET TA 415 -11.83 108.09 -108.82
N ASN TA 416 -11.84 108.97 -109.83
CA ASN TA 416 -12.28 108.53 -111.15
C ASN TA 416 -11.30 107.54 -111.76
N ASP TA 417 -10.00 107.79 -111.59
CA ASP TA 417 -9.01 106.87 -112.13
C ASP TA 417 -9.01 105.55 -111.37
N LEU TA 418 -9.41 105.58 -110.10
CA LEU TA 418 -9.50 104.36 -109.32
C LEU TA 418 -10.58 103.45 -109.87
N VAL TA 419 -11.63 104.02 -110.45
CA VAL TA 419 -12.66 103.21 -111.09
C VAL TA 419 -12.11 102.55 -112.34
N SER TA 420 -11.25 103.25 -113.08
CA SER TA 420 -10.72 102.69 -114.32
C SER TA 420 -9.71 101.57 -114.05
N GLU TA 421 -8.90 101.69 -112.99
CA GLU TA 421 -7.88 100.69 -112.72
C GLU TA 421 -8.43 99.46 -112.01
N TYR TA 422 -9.63 99.55 -111.43
CA TYR TA 422 -10.42 98.35 -111.21
C TYR TA 422 -10.82 97.73 -112.54
N GLN TA 423 -11.31 98.54 -113.46
CA GLN TA 423 -11.73 98.07 -114.77
C GLN TA 423 -10.54 97.64 -115.62
N GLN TA 424 -9.34 98.12 -115.30
CA GLN TA 424 -8.16 97.75 -116.07
C GLN TA 424 -7.87 96.26 -115.94
N TYR TA 425 -8.10 95.69 -114.76
CA TYR TA 425 -7.87 94.27 -114.52
C TYR TA 425 -9.16 93.48 -114.47
N GLN TA 426 -10.11 93.78 -115.33
CA GLN TA 426 -11.33 93.00 -115.42
C GLN TA 426 -11.50 92.45 -116.83
N MET UA 1 58.90 -32.92 -110.80
CA MET UA 1 59.18 -33.22 -112.20
C MET UA 1 57.92 -33.67 -112.93
N ARG UA 2 57.52 -34.92 -112.69
CA ARG UA 2 56.37 -35.53 -113.35
C ARG UA 2 55.17 -35.42 -112.40
N GLU UA 3 54.36 -34.37 -112.59
CA GLU UA 3 53.21 -34.09 -111.74
C GLU UA 3 52.07 -33.58 -112.61
N VAL UA 4 50.94 -33.23 -111.99
CA VAL UA 4 49.72 -32.93 -112.74
C VAL UA 4 49.12 -31.61 -112.24
N ILE UA 5 48.42 -30.91 -113.13
CA ILE UA 5 47.89 -29.58 -112.90
C ILE UA 5 46.39 -29.62 -113.13
N SER UA 6 45.63 -29.03 -112.21
CA SER UA 6 44.18 -29.11 -112.23
C SER UA 6 43.53 -27.74 -112.40
N ILE UA 7 42.60 -27.64 -113.35
CA ILE UA 7 41.92 -26.39 -113.65
C ILE UA 7 40.44 -26.55 -113.38
N HIS UA 8 39.89 -25.68 -112.54
CA HIS UA 8 38.46 -25.64 -112.25
C HIS UA 8 37.89 -24.35 -112.78
N VAL UA 9 36.91 -24.44 -113.67
CA VAL UA 9 36.29 -23.27 -114.28
C VAL UA 9 34.78 -23.45 -114.29
N GLY UA 10 34.07 -22.41 -113.87
CA GLY UA 10 32.62 -22.48 -113.75
C GLY UA 10 32.22 -23.03 -112.41
N GLN UA 11 31.04 -22.64 -111.89
CA GLN UA 11 30.77 -22.96 -110.49
C GLN UA 11 30.47 -24.43 -110.28
N ALA UA 12 30.09 -25.16 -111.32
CA ALA UA 12 30.06 -26.60 -111.18
C ALA UA 12 31.46 -27.14 -110.97
N GLY UA 13 32.40 -26.66 -111.77
CA GLY UA 13 33.78 -27.11 -111.63
C GLY UA 13 34.39 -26.69 -110.31
N ILE UA 14 33.95 -25.56 -109.76
CA ILE UA 14 34.47 -25.15 -108.47
C ILE UA 14 33.99 -26.10 -107.39
N GLN UA 15 32.69 -26.38 -107.38
CA GLN UA 15 32.13 -27.23 -106.33
C GLN UA 15 32.52 -28.69 -106.50
N ILE UA 16 32.60 -29.16 -107.74
CA ILE UA 16 33.20 -30.47 -107.99
C ILE UA 16 34.64 -30.47 -107.52
N GLY UA 17 35.36 -29.41 -107.84
CA GLY UA 17 36.69 -29.24 -107.31
C GLY UA 17 36.71 -29.07 -105.81
N ASN UA 18 35.67 -28.44 -105.26
CA ASN UA 18 35.62 -28.25 -103.81
C ASN UA 18 35.56 -29.59 -103.11
N ALA UA 19 34.75 -30.51 -103.61
CA ALA UA 19 34.70 -31.86 -103.05
C ALA UA 19 35.93 -32.66 -103.44
N CYS UA 20 36.52 -32.36 -104.60
CA CYS UA 20 37.72 -33.07 -105.01
C CYS UA 20 38.88 -32.78 -104.09
N TRP UA 21 39.02 -31.53 -103.67
CA TRP UA 21 40.03 -31.19 -102.69
C TRP UA 21 39.54 -31.37 -101.27
N GLU UA 22 38.41 -32.04 -101.06
CA GLU UA 22 38.13 -32.58 -99.74
C GLU UA 22 38.81 -33.92 -99.57
N LEU UA 23 38.57 -34.81 -100.52
CA LEU UA 23 39.04 -36.18 -100.46
C LEU UA 23 40.57 -36.22 -100.57
N PHE UA 24 41.13 -35.31 -101.36
CA PHE UA 24 42.58 -35.24 -101.50
C PHE UA 24 43.23 -34.82 -100.20
N CYS UA 25 42.62 -33.88 -99.47
CA CYS UA 25 43.13 -33.50 -98.16
C CYS UA 25 43.04 -34.66 -97.19
N LEU UA 26 41.93 -35.40 -97.21
CA LEU UA 26 41.72 -36.44 -96.22
C LEU UA 26 42.54 -37.69 -96.54
N GLU UA 27 42.83 -37.93 -97.82
CA GLU UA 27 43.63 -39.10 -98.17
C GLU UA 27 45.06 -38.97 -97.70
N HIS UA 28 45.70 -37.85 -97.99
CA HIS UA 28 47.07 -37.64 -97.56
C HIS UA 28 47.16 -37.11 -96.15
N GLY UA 29 46.01 -36.88 -95.51
CA GLY UA 29 45.96 -36.45 -94.14
C GLY UA 29 46.55 -35.08 -93.92
N ILE UA 30 46.35 -34.16 -94.85
CA ILE UA 30 46.84 -32.81 -94.62
C ILE UA 30 45.80 -32.06 -93.81
N GLN UA 31 46.24 -31.28 -92.93
CA GLN UA 31 45.40 -30.50 -92.06
C GLN UA 31 44.99 -29.23 -92.79
N PRO UA 32 43.73 -28.76 -92.65
CA PRO UA 32 43.26 -27.68 -93.52
C PRO UA 32 43.91 -26.32 -93.31
N ASP UA 33 44.88 -26.21 -92.41
CA ASP UA 33 45.74 -25.05 -92.47
C ASP UA 33 46.71 -25.14 -93.64
N GLY UA 34 47.21 -26.34 -93.93
CA GLY UA 34 48.07 -26.53 -95.07
C GLY UA 34 49.29 -27.40 -94.81
N GLN UA 35 49.46 -27.86 -93.57
CA GLN UA 35 50.61 -28.65 -93.18
C GLN UA 35 50.16 -29.92 -92.46
N MET UA 36 50.76 -31.05 -92.84
CA MET UA 36 50.44 -32.30 -92.19
C MET UA 36 51.00 -32.31 -90.77
N PRO UA 37 50.38 -33.07 -89.85
CA PRO UA 37 50.91 -33.10 -88.48
C PRO UA 37 52.17 -33.94 -88.35
N ASP UA 47 56.71 -39.09 -100.59
CA ASP UA 47 56.60 -38.07 -101.62
C ASP UA 47 55.36 -38.29 -102.48
N ALA UA 48 54.38 -39.01 -101.92
CA ALA UA 48 53.10 -39.17 -102.61
C ALA UA 48 52.35 -37.85 -102.67
N PHE UA 49 52.49 -37.02 -101.63
CA PHE UA 49 51.90 -35.68 -101.62
C PHE UA 49 52.48 -34.79 -102.71
N ASN UA 50 53.69 -35.09 -103.19
CA ASN UA 50 54.34 -34.20 -104.15
C ASN UA 50 53.65 -34.21 -105.50
N THR UA 51 52.83 -35.21 -105.80
CA THR UA 51 52.24 -35.29 -107.14
C THR UA 51 51.08 -34.35 -107.33
N PHE UA 52 50.64 -33.65 -106.27
CA PHE UA 52 49.54 -32.71 -106.39
C PHE UA 52 49.77 -31.38 -105.70
N PHE UA 53 50.79 -31.25 -104.86
CA PHE UA 53 50.99 -30.12 -103.95
C PHE UA 53 52.31 -29.43 -104.25
N SER UA 54 52.60 -28.41 -103.47
CA SER UA 54 53.89 -27.73 -103.53
C SER UA 54 54.34 -27.38 -102.12
N GLU UA 55 55.58 -27.71 -101.80
CA GLU UA 55 56.18 -27.36 -100.51
C GLU UA 55 56.45 -25.87 -100.47
N THR UA 56 55.56 -25.14 -99.80
CA THR UA 56 55.76 -23.72 -99.52
C THR UA 56 56.50 -23.57 -98.20
N GLY UA 57 57.75 -24.00 -98.21
CA GLY UA 57 58.60 -23.85 -97.05
C GLY UA 57 58.33 -24.85 -95.95
N ALA UA 58 58.16 -24.34 -94.73
CA ALA UA 58 58.16 -25.19 -93.54
C ALA UA 58 56.89 -26.02 -93.43
N GLY UA 59 56.76 -27.03 -94.26
CA GLY UA 59 55.69 -27.99 -94.14
C GLY UA 59 54.38 -27.58 -94.77
N LYS UA 60 54.23 -26.32 -95.18
CA LYS UA 60 53.00 -25.89 -95.79
C LYS UA 60 52.86 -26.49 -97.19
N HIS UA 61 51.70 -27.04 -97.49
CA HIS UA 61 51.37 -27.53 -98.82
C HIS UA 61 50.34 -26.61 -99.43
N VAL UA 62 50.57 -26.18 -100.67
CA VAL UA 62 49.59 -25.42 -101.44
C VAL UA 62 49.25 -26.21 -102.69
N PRO UA 63 47.98 -26.44 -102.98
CA PRO UA 63 47.62 -27.34 -104.08
C PRO UA 63 47.85 -26.71 -105.43
N ARG UA 64 48.00 -27.58 -106.42
CA ARG UA 64 48.20 -27.14 -107.78
C ARG UA 64 46.86 -27.11 -108.51
N CYS UA 65 46.03 -26.17 -108.10
CA CYS UA 65 44.72 -25.95 -108.71
C CYS UA 65 44.47 -24.47 -108.90
N VAL UA 66 43.80 -24.13 -110.00
CA VAL UA 66 43.39 -22.76 -110.28
C VAL UA 66 41.87 -22.73 -110.47
N PHE UA 67 41.23 -21.80 -109.79
CA PHE UA 67 39.80 -21.61 -109.88
C PHE UA 67 39.53 -20.37 -110.70
N LEU UA 68 38.64 -20.47 -111.67
CA LEU UA 68 38.41 -19.42 -112.64
C LEU UA 68 36.92 -19.25 -112.84
N ASP UA 69 36.36 -18.15 -112.34
CA ASP UA 69 34.96 -17.86 -112.63
C ASP UA 69 34.74 -16.36 -112.63
N LEU UA 70 34.03 -15.90 -113.66
CA LEU UA 70 33.60 -14.51 -113.73
C LEU UA 70 32.43 -14.23 -112.82
N GLU UA 71 31.75 -15.28 -112.35
CA GLU UA 71 30.71 -15.16 -111.34
C GLU UA 71 31.38 -15.11 -109.99
N PRO UA 72 31.45 -13.96 -109.33
CA PRO UA 72 32.25 -13.86 -108.10
C PRO UA 72 31.59 -14.51 -106.91
N THR UA 73 30.36 -15.01 -107.04
CA THR UA 73 29.62 -15.48 -105.88
C THR UA 73 29.91 -16.93 -105.51
N VAL UA 74 30.71 -17.65 -106.28
CA VAL UA 74 31.11 -18.99 -105.90
C VAL UA 74 32.56 -19.02 -105.43
N VAL UA 75 33.40 -18.14 -105.96
CA VAL UA 75 34.79 -18.11 -105.49
C VAL UA 75 34.87 -17.45 -104.13
N ASP UA 76 34.03 -16.44 -103.88
CA ASP UA 76 34.10 -15.74 -102.61
C ASP UA 76 33.67 -16.65 -101.46
N GLU UA 77 32.69 -17.51 -101.71
CA GLU UA 77 32.26 -18.44 -100.68
C GLU UA 77 33.29 -19.55 -100.49
N VAL UA 78 34.16 -19.77 -101.47
CA VAL UA 78 35.37 -20.55 -101.19
C VAL UA 78 36.33 -19.73 -100.34
N ARG UA 79 36.50 -18.45 -100.69
CA ARG UA 79 37.41 -17.57 -99.97
C ARG UA 79 37.01 -17.41 -98.52
N THR UA 80 35.71 -17.32 -98.27
CA THR UA 80 35.25 -17.11 -96.90
C THR UA 80 35.12 -18.43 -96.17
N GLY UA 81 35.08 -19.54 -96.89
CA GLY UA 81 34.91 -20.85 -96.29
C GLY UA 81 36.15 -21.29 -95.51
N THR UA 82 36.03 -22.45 -94.88
CA THR UA 82 37.06 -22.92 -93.97
C THR UA 82 38.33 -23.35 -94.68
N TYR UA 83 38.29 -23.52 -96.00
CA TYR UA 83 39.49 -23.77 -96.78
C TYR UA 83 40.06 -22.47 -97.33
N ARG UA 84 40.23 -21.47 -96.48
CA ARG UA 84 40.75 -20.20 -97.00
C ARG UA 84 42.26 -20.18 -97.07
N HIS UA 85 42.94 -20.86 -96.15
CA HIS UA 85 44.39 -20.83 -96.13
C HIS UA 85 44.99 -22.04 -96.81
N LEU UA 86 44.15 -22.94 -97.32
CA LEU UA 86 44.68 -24.06 -98.10
C LEU UA 86 45.28 -23.54 -99.39
N PHE UA 87 44.62 -22.60 -100.03
CA PHE UA 87 45.04 -22.17 -101.34
C PHE UA 87 45.90 -20.91 -101.20
N HIS UA 88 46.91 -20.81 -102.06
CA HIS UA 88 47.68 -19.58 -102.13
C HIS UA 88 46.76 -18.46 -102.62
N PRO UA 89 46.70 -17.32 -101.94
CA PRO UA 89 45.55 -16.44 -102.08
C PRO UA 89 45.27 -15.88 -103.46
N GLU UA 90 46.01 -16.28 -104.49
CA GLU UA 90 45.67 -15.68 -105.78
C GLU UA 90 45.63 -16.68 -106.92
N GLN UA 91 45.48 -17.99 -106.65
CA GLN UA 91 44.96 -18.80 -107.73
C GLN UA 91 43.45 -18.68 -107.86
N LEU UA 92 42.77 -18.14 -106.86
CA LEU UA 92 41.33 -17.96 -106.91
C LEU UA 92 41.06 -16.60 -107.53
N ILE UA 93 41.06 -16.56 -108.85
CA ILE UA 93 40.84 -15.32 -109.57
C ILE UA 93 39.39 -15.26 -110.03
N SER UA 94 38.74 -14.14 -109.72
CA SER UA 94 37.30 -14.00 -109.88
C SER UA 94 37.00 -12.64 -110.50
N GLY UA 95 36.21 -12.63 -111.56
CA GLY UA 95 35.95 -11.42 -112.32
C GLY UA 95 34.96 -10.49 -111.65
N LYS UA 96 34.17 -9.82 -112.48
CA LYS UA 96 33.19 -8.87 -111.99
C LYS UA 96 31.75 -9.32 -112.14
N GLU UA 97 31.41 -10.04 -113.21
CA GLU UA 97 30.02 -10.42 -113.43
C GLU UA 97 29.94 -11.68 -114.28
N ASP UA 98 28.92 -12.48 -114.01
CA ASP UA 98 28.79 -13.82 -114.56
C ASP UA 98 28.51 -13.82 -116.05
N ALA UA 99 29.08 -14.80 -116.75
CA ALA UA 99 28.93 -14.92 -118.18
C ALA UA 99 27.51 -15.27 -118.60
N ALA UA 100 26.68 -15.70 -117.65
CA ALA UA 100 25.23 -15.76 -117.82
C ALA UA 100 24.84 -16.73 -118.95
N ASN UA 101 25.18 -18.00 -118.75
CA ASN UA 101 24.72 -19.12 -119.56
C ASN UA 101 24.92 -18.95 -121.06
N ASN UA 102 25.80 -18.05 -121.49
CA ASN UA 102 26.00 -17.84 -122.92
C ASN UA 102 27.40 -18.26 -123.32
N PHE UA 103 27.49 -19.05 -124.39
CA PHE UA 103 28.79 -19.36 -124.96
C PHE UA 103 29.46 -18.11 -125.48
N ALA UA 104 28.68 -17.23 -126.12
CA ALA UA 104 29.24 -16.04 -126.73
C ALA UA 104 29.79 -15.07 -125.68
N ARG UA 105 29.18 -15.02 -124.50
CA ARG UA 105 29.58 -14.01 -123.54
C ARG UA 105 30.90 -14.35 -122.90
N GLY UA 106 31.12 -15.61 -122.55
CA GLY UA 106 32.35 -15.98 -121.90
C GLY UA 106 33.52 -16.14 -122.85
N HIS UA 107 33.23 -16.49 -124.10
CA HIS UA 107 34.29 -16.72 -125.08
C HIS UA 107 34.83 -15.43 -125.67
N TYR UA 108 34.02 -14.38 -125.75
CA TYR UA 108 34.40 -13.15 -126.42
C TYR UA 108 34.50 -11.94 -125.50
N THR UA 109 33.39 -11.55 -124.87
CA THR UA 109 33.32 -10.22 -124.28
C THR UA 109 33.96 -10.17 -122.90
N ILE UA 110 33.38 -10.90 -121.96
CA ILE UA 110 33.82 -10.85 -120.57
C ILE UA 110 34.86 -11.92 -120.29
N GLY UA 111 35.41 -12.55 -121.32
CA GLY UA 111 36.43 -13.56 -121.08
C GLY UA 111 37.83 -12.99 -120.97
N LYS UA 112 38.19 -12.09 -121.87
CA LYS UA 112 39.59 -11.82 -122.15
C LYS UA 112 40.33 -11.11 -121.02
N GLU UA 113 39.64 -10.39 -120.16
CA GLU UA 113 40.35 -9.62 -119.14
C GLU UA 113 40.89 -10.48 -118.02
N ILE UA 114 40.50 -11.75 -117.96
CA ILE UA 114 40.99 -12.65 -116.92
C ILE UA 114 41.71 -13.87 -117.49
N VAL UA 115 41.54 -14.17 -118.79
CA VAL UA 115 42.27 -15.26 -119.41
C VAL UA 115 43.76 -15.00 -119.33
N ASP UA 116 44.17 -13.76 -119.62
CA ASP UA 116 45.57 -13.38 -119.51
C ASP UA 116 46.09 -13.51 -118.09
N LEU UA 117 45.22 -13.25 -117.10
CA LEU UA 117 45.63 -13.47 -115.72
C LEU UA 117 45.70 -14.96 -115.40
N SER UA 118 44.80 -15.74 -115.99
CA SER UA 118 44.81 -17.19 -115.73
C SER UA 118 45.95 -17.87 -116.45
N LEU UA 119 46.24 -17.43 -117.68
CA LEU UA 119 47.41 -17.94 -118.40
C LEU UA 119 48.69 -17.63 -117.64
N ASP UA 120 48.79 -16.41 -117.14
CA ASP UA 120 49.96 -16.05 -116.35
C ASP UA 120 49.92 -16.72 -114.99
N ARG UA 121 48.74 -17.14 -114.53
CA ARG UA 121 48.68 -17.93 -113.32
C ARG UA 121 49.26 -19.32 -113.52
N ILE UA 122 48.87 -19.99 -114.60
CA ILE UA 122 49.23 -21.38 -114.78
C ILE UA 122 50.69 -21.53 -115.15
N ARG UA 123 51.33 -20.46 -115.62
CA ARG UA 123 52.68 -20.56 -116.14
C ARG UA 123 53.69 -20.88 -115.04
N LYS UA 124 53.66 -20.14 -113.92
CA LYS UA 124 54.70 -20.36 -112.93
C LYS UA 124 54.44 -21.65 -112.16
N LEU UA 125 53.18 -22.08 -112.10
CA LEU UA 125 52.88 -23.40 -111.58
C LEU UA 125 53.45 -24.47 -112.49
N ALA UA 126 53.36 -24.27 -113.80
CA ALA UA 126 53.79 -25.30 -114.74
C ALA UA 126 55.30 -25.46 -114.76
N ASP UA 127 56.03 -24.36 -114.59
CA ASP UA 127 57.48 -24.41 -114.58
C ASP UA 127 58.04 -24.37 -113.17
N ASN UA 128 57.26 -24.75 -112.17
CA ASN UA 128 57.83 -25.08 -110.87
C ASN UA 128 58.77 -26.27 -110.99
N CYS UA 129 58.37 -27.26 -111.80
CA CYS UA 129 59.25 -28.37 -112.17
C CYS UA 129 59.30 -28.49 -113.68
N THR UA 130 59.86 -29.58 -114.18
CA THR UA 130 59.96 -29.80 -115.62
C THR UA 130 59.58 -31.23 -115.93
N GLY UA 131 58.86 -31.42 -117.03
CA GLY UA 131 58.34 -32.73 -117.36
C GLY UA 131 56.99 -33.03 -116.75
N LEU UA 132 56.14 -32.02 -116.60
CA LEU UA 132 54.84 -32.19 -115.97
C LEU UA 132 53.94 -33.06 -116.84
N GLN UA 133 53.05 -33.81 -116.18
CA GLN UA 133 52.36 -34.89 -116.87
C GLN UA 133 51.10 -34.44 -117.60
N GLY UA 134 50.13 -33.90 -116.88
CA GLY UA 134 48.83 -33.69 -117.50
C GLY UA 134 48.08 -32.49 -116.97
N PHE UA 135 46.93 -32.26 -117.59
CA PHE UA 135 46.04 -31.16 -117.23
C PHE UA 135 44.68 -31.70 -116.84
N LEU UA 136 44.08 -31.12 -115.80
CA LEU UA 136 42.80 -31.59 -115.27
C LEU UA 136 41.77 -30.45 -115.36
N MET UA 137 40.95 -30.48 -116.40
CA MET UA 137 39.83 -29.55 -116.51
C MET UA 137 38.68 -29.96 -115.58
N PHE UA 138 37.83 -29.01 -115.24
CA PHE UA 138 36.63 -29.26 -114.47
C PHE UA 138 35.61 -28.19 -114.80
N ASN UA 139 34.55 -28.54 -115.53
CA ASN UA 139 33.63 -27.51 -115.96
C ASN UA 139 32.26 -28.11 -116.23
N ALA UA 140 31.26 -27.25 -116.18
CA ALA UA 140 29.94 -27.57 -116.69
C ALA UA 140 29.87 -27.07 -118.12
N VAL UA 141 29.66 -27.99 -119.05
CA VAL UA 141 29.63 -27.64 -120.44
C VAL UA 141 28.25 -27.12 -120.81
N GLY UA 142 27.29 -27.18 -119.90
CA GLY UA 142 25.96 -26.67 -120.17
C GLY UA 142 25.76 -25.18 -119.94
N GLY UA 143 26.60 -24.56 -119.11
CA GLY UA 143 26.44 -23.16 -118.77
C GLY UA 143 27.36 -22.27 -119.58
N GLY UA 144 27.50 -21.04 -119.11
CA GLY UA 144 28.24 -20.03 -119.85
C GLY UA 144 29.72 -19.95 -119.59
N THR UA 145 30.09 -19.71 -118.34
CA THR UA 145 31.49 -19.43 -118.03
C THR UA 145 32.32 -20.68 -117.85
N GLY UA 146 31.71 -21.85 -117.93
CA GLY UA 146 32.51 -23.06 -117.89
C GLY UA 146 32.81 -23.49 -119.30
N SER UA 147 31.80 -23.41 -120.16
CA SER UA 147 31.94 -23.88 -121.52
C SER UA 147 32.77 -22.94 -122.36
N GLY UA 148 32.31 -21.70 -122.50
CA GLY UA 148 33.02 -20.74 -123.33
C GLY UA 148 34.39 -20.36 -122.79
N LEU UA 149 34.45 -20.09 -121.49
CA LEU UA 149 35.73 -19.70 -120.90
C LEU UA 149 36.69 -20.87 -120.84
N GLY UA 150 36.17 -22.05 -120.50
CA GLY UA 150 37.03 -23.22 -120.44
C GLY UA 150 37.60 -23.60 -121.79
N CYS UA 151 36.87 -23.28 -122.86
CA CYS UA 151 37.43 -23.38 -124.20
C CYS UA 151 38.64 -22.51 -124.37
N LEU UA 152 38.56 -21.27 -123.90
CA LEU UA 152 39.65 -20.34 -124.09
C LEU UA 152 40.88 -20.81 -123.33
N LEU UA 153 40.67 -21.31 -122.12
CA LEU UA 153 41.78 -21.87 -121.38
C LEU UA 153 42.25 -23.18 -122.00
N LEU UA 154 41.41 -23.81 -122.81
CA LEU UA 154 41.84 -25.01 -123.52
C LEU UA 154 42.64 -24.65 -124.77
N GLU UA 155 42.20 -23.66 -125.53
CA GLU UA 155 42.86 -23.34 -126.78
C GLU UA 155 44.15 -22.56 -126.54
N ARG UA 156 44.17 -21.68 -125.54
CA ARG UA 156 45.38 -20.94 -125.24
C ARG UA 156 46.45 -21.85 -124.62
N LEU UA 157 46.06 -22.81 -123.79
CA LEU UA 157 47.03 -23.80 -123.34
C LEU UA 157 47.45 -24.72 -124.47
N SER UA 158 46.60 -24.93 -125.46
CA SER UA 158 46.93 -25.85 -126.55
C SER UA 158 48.13 -25.35 -127.35
N VAL UA 159 48.19 -24.04 -127.60
CA VAL UA 159 49.28 -23.53 -128.40
C VAL UA 159 50.55 -23.36 -127.57
N ASP UA 160 50.42 -23.08 -126.28
CA ASP UA 160 51.61 -22.89 -125.45
C ASP UA 160 52.27 -24.23 -125.12
N TYR UA 161 51.50 -25.14 -124.52
CA TYR UA 161 52.02 -26.37 -123.97
C TYR UA 161 51.40 -27.52 -124.78
N GLY UA 162 52.00 -27.82 -125.92
CA GLY UA 162 51.39 -28.75 -126.85
C GLY UA 162 51.78 -30.19 -126.70
N LYS UA 163 52.80 -30.47 -125.89
CA LYS UA 163 53.26 -31.84 -125.67
C LYS UA 163 52.66 -32.43 -124.41
N LYS UA 164 51.66 -31.79 -123.84
CA LYS UA 164 51.08 -32.17 -122.56
C LYS UA 164 49.66 -32.69 -122.76
N SER UA 165 49.33 -33.75 -122.03
CA SER UA 165 47.98 -34.29 -122.05
C SER UA 165 47.05 -33.37 -121.27
N LYS UA 166 45.80 -33.28 -121.72
CA LYS UA 166 44.79 -32.45 -121.07
C LYS UA 166 43.56 -33.30 -120.80
N LEU UA 167 43.25 -33.53 -119.53
CA LEU UA 167 42.09 -34.31 -119.14
C LEU UA 167 40.96 -33.39 -118.71
N ASN UA 168 39.78 -33.66 -119.25
CA ASN UA 168 38.58 -32.87 -118.98
C ASN UA 168 37.58 -33.75 -118.24
N PHE UA 169 36.83 -33.15 -117.33
CA PHE UA 169 35.77 -33.83 -116.60
C PHE UA 169 34.51 -33.00 -116.76
N CYS UA 170 33.81 -33.19 -117.87
CA CYS UA 170 32.74 -32.31 -118.27
C CYS UA 170 31.39 -32.89 -117.91
N SER UA 171 30.62 -32.17 -117.11
CA SER UA 171 29.31 -32.60 -116.67
C SER UA 171 28.33 -32.35 -117.80
N TRP UA 172 28.23 -33.33 -118.69
CA TRP UA 172 27.36 -33.24 -119.85
C TRP UA 172 25.92 -33.00 -119.42
N PRO UA 173 25.19 -32.17 -120.13
CA PRO UA 173 23.80 -31.91 -119.74
C PRO UA 173 22.92 -33.13 -119.90
N SER UA 174 21.98 -33.26 -118.98
CA SER UA 174 21.07 -34.39 -118.87
C SER UA 174 20.13 -34.49 -120.07
N PRO UA 175 19.61 -35.70 -120.34
CA PRO UA 175 18.52 -35.80 -121.31
C PRO UA 175 17.23 -35.15 -120.83
N GLN UA 176 16.76 -35.48 -119.63
CA GLN UA 176 15.48 -34.92 -119.18
C GLN UA 176 15.65 -33.68 -118.33
N VAL UA 177 16.69 -33.62 -117.52
CA VAL UA 177 16.89 -32.51 -116.59
C VAL UA 177 17.66 -31.40 -117.30
N SER UA 178 17.20 -30.16 -117.13
CA SER UA 178 17.94 -29.04 -117.72
C SER UA 178 18.52 -28.11 -116.68
N THR UA 179 17.68 -27.47 -115.88
CA THR UA 179 18.01 -26.34 -114.99
C THR UA 179 18.68 -25.18 -115.73
N ALA UA 180 18.60 -25.16 -117.08
CA ALA UA 180 19.04 -24.07 -117.93
C ALA UA 180 18.54 -24.34 -119.34
N VAL UA 181 17.77 -23.42 -119.93
CA VAL UA 181 17.11 -23.77 -121.18
C VAL UA 181 17.98 -23.50 -122.39
N VAL UA 182 19.16 -22.90 -122.18
CA VAL UA 182 20.04 -22.61 -123.29
C VAL UA 182 21.10 -23.69 -123.47
N GLU UA 183 21.05 -24.76 -122.68
CA GLU UA 183 22.00 -25.86 -122.76
C GLU UA 183 22.10 -26.55 -124.12
N PRO UA 184 21.03 -26.74 -124.89
CA PRO UA 184 21.23 -27.23 -126.26
C PRO UA 184 22.11 -26.31 -127.08
N TYR UA 185 22.01 -25.00 -126.88
CA TYR UA 185 22.88 -24.10 -127.59
C TYR UA 185 24.28 -24.10 -126.99
N ASN UA 186 24.36 -24.22 -125.69
CA ASN UA 186 25.67 -24.18 -125.06
C ASN UA 186 26.45 -25.49 -125.20
N SER UA 187 25.88 -26.52 -125.82
CA SER UA 187 26.61 -27.76 -126.03
C SER UA 187 27.31 -27.79 -127.39
N VAL UA 188 26.54 -27.59 -128.46
CA VAL UA 188 27.08 -27.71 -129.81
C VAL UA 188 28.11 -26.64 -130.08
N LEU UA 189 27.93 -25.44 -129.49
CA LEU UA 189 28.94 -24.41 -129.58
C LEU UA 189 30.14 -24.68 -128.69
N SER UA 190 30.07 -25.69 -127.85
CA SER UA 190 31.22 -26.17 -127.12
C SER UA 190 31.86 -27.39 -127.73
N THR UA 191 31.08 -28.27 -128.33
CA THR UA 191 31.60 -29.57 -128.75
C THR UA 191 32.62 -29.45 -129.86
N HIS UA 192 32.35 -28.61 -130.87
CA HIS UA 192 33.36 -28.32 -131.88
C HIS UA 192 34.61 -27.71 -131.26
N SER UA 193 34.43 -26.77 -130.36
CA SER UA 193 35.56 -26.03 -129.87
C SER UA 193 36.18 -26.69 -128.64
N LEU UA 194 35.78 -27.92 -128.34
CA LEU UA 194 36.44 -28.72 -127.33
C LEU UA 194 36.93 -30.06 -127.86
N LEU UA 195 36.36 -30.55 -128.97
CA LEU UA 195 36.77 -31.84 -129.52
C LEU UA 195 38.24 -31.83 -129.93
N GLU UA 196 38.57 -31.07 -130.94
CA GLU UA 196 39.92 -31.10 -131.47
C GLU UA 196 40.92 -30.33 -130.61
N HIS UA 197 40.55 -29.92 -129.40
CA HIS UA 197 41.50 -29.21 -128.55
C HIS UA 197 41.86 -29.91 -127.25
N THR UA 198 41.05 -30.84 -126.76
CA THR UA 198 41.44 -31.59 -125.58
C THR UA 198 41.73 -33.04 -125.95
N ASP UA 199 42.52 -33.69 -125.10
CA ASP UA 199 42.98 -35.03 -125.43
C ASP UA 199 42.04 -36.09 -124.89
N VAL UA 200 41.43 -35.85 -123.74
CA VAL UA 200 40.72 -36.88 -123.00
C VAL UA 200 39.68 -36.23 -122.09
N ALA UA 201 38.44 -36.69 -122.21
CA ALA UA 201 37.30 -36.09 -121.52
C ALA UA 201 36.33 -37.18 -121.12
N VAL UA 202 35.70 -37.01 -119.97
CA VAL UA 202 34.84 -38.04 -119.39
C VAL UA 202 33.43 -37.50 -119.27
N MET UA 203 32.48 -38.22 -119.84
CA MET UA 203 31.08 -37.87 -119.68
C MET UA 203 30.63 -38.13 -118.25
N LEU UA 204 29.89 -37.19 -117.69
CA LEU UA 204 29.17 -37.39 -116.44
C LEU UA 204 27.82 -36.71 -116.57
N ASP UA 205 26.76 -37.38 -116.11
CA ASP UA 205 25.40 -36.86 -116.24
C ASP UA 205 24.74 -36.79 -114.87
N ASN UA 206 23.96 -35.75 -114.64
CA ASN UA 206 23.44 -35.50 -113.30
C ASN UA 206 22.27 -36.42 -112.95
N GLU UA 207 21.42 -36.75 -113.90
CA GLU UA 207 20.32 -37.62 -113.49
C GLU UA 207 20.76 -39.07 -113.48
N ALA UA 208 21.84 -39.40 -114.17
CA ALA UA 208 22.35 -40.76 -114.09
C ALA UA 208 22.91 -41.02 -112.70
N ILE UA 209 23.67 -40.07 -112.16
CA ILE UA 209 24.16 -40.21 -110.81
C ILE UA 209 23.04 -40.01 -109.80
N TYR UA 210 21.96 -39.35 -110.20
CA TYR UA 210 20.72 -39.40 -109.41
C TYR UA 210 20.17 -40.82 -109.33
N ASP UA 211 20.13 -41.52 -110.45
CA ASP UA 211 19.60 -42.89 -110.42
C ASP UA 211 20.55 -43.84 -109.73
N ILE UA 212 21.84 -43.50 -109.70
CA ILE UA 212 22.79 -44.17 -108.83
C ILE UA 212 22.36 -44.04 -107.37
N CYS UA 213 22.08 -42.83 -106.92
CA CYS UA 213 21.90 -42.67 -105.49
C CYS UA 213 20.50 -43.01 -105.01
N ARG UA 214 19.53 -43.17 -105.92
CA ARG UA 214 18.26 -43.71 -105.44
C ARG UA 214 18.29 -45.21 -105.30
N ARG UA 215 19.08 -45.90 -106.11
CA ARG UA 215 19.04 -47.36 -106.13
C ARG UA 215 20.08 -47.97 -105.22
N ASN UA 216 21.35 -47.61 -105.40
CA ASN UA 216 22.43 -48.23 -104.63
C ASN UA 216 22.49 -47.69 -103.21
N LEU UA 217 22.77 -46.40 -103.07
CA LEU UA 217 22.99 -45.84 -101.76
C LEU UA 217 21.67 -45.54 -101.05
N ASP UA 218 20.56 -45.56 -101.79
CA ASP UA 218 19.19 -45.49 -101.27
C ASP UA 218 18.95 -44.17 -100.52
N ILE UA 219 19.03 -43.09 -101.30
CA ILE UA 219 18.51 -41.80 -100.89
C ILE UA 219 17.58 -41.29 -101.98
N GLU UA 220 16.42 -40.79 -101.59
CA GLU UA 220 15.45 -40.39 -102.58
C GLU UA 220 15.72 -38.98 -103.09
N ARG UA 221 16.08 -38.06 -102.20
CA ARG UA 221 16.18 -36.64 -102.53
C ARG UA 221 17.55 -36.08 -102.16
N PRO UA 222 18.54 -36.25 -103.03
CA PRO UA 222 19.90 -35.78 -102.72
C PRO UA 222 20.15 -34.32 -103.04
N THR UA 223 21.41 -33.92 -102.90
CA THR UA 223 21.85 -32.55 -103.10
C THR UA 223 23.03 -32.62 -104.06
N TYR UA 224 23.37 -31.48 -104.70
CA TYR UA 224 24.60 -31.43 -105.48
C TYR UA 224 25.84 -31.80 -104.68
N THR UA 225 25.84 -31.56 -103.38
CA THR UA 225 27.01 -31.96 -102.60
C THR UA 225 27.13 -33.47 -102.49
N ASN UA 226 26.00 -34.19 -102.57
CA ASN UA 226 26.10 -35.65 -102.63
C ASN UA 226 26.43 -36.11 -104.03
N LEU UA 227 26.23 -35.28 -105.04
CA LEU UA 227 26.64 -35.67 -106.37
C LEU UA 227 28.14 -35.54 -106.52
N ASN UA 228 28.69 -34.41 -106.09
CA ASN UA 228 30.07 -34.13 -106.36
C ASN UA 228 30.99 -34.98 -105.50
N ARG UA 229 30.55 -35.30 -104.29
CA ARG UA 229 31.35 -36.18 -103.43
C ARG UA 229 31.50 -37.54 -104.05
N LEU UA 230 30.47 -38.03 -104.71
CA LEU UA 230 30.56 -39.32 -105.35
C LEU UA 230 31.21 -39.23 -106.73
N ILE UA 231 31.22 -38.05 -107.34
CA ILE UA 231 32.07 -37.83 -108.51
C ILE UA 231 33.53 -37.77 -108.09
N ALA UA 232 33.80 -37.20 -106.92
CA ALA UA 232 35.18 -37.07 -106.45
C ALA UA 232 35.84 -38.42 -106.17
N GLN UA 233 35.04 -39.44 -105.86
CA GLN UA 233 35.59 -40.77 -105.66
C GLN UA 233 36.16 -41.33 -106.96
N VAL UA 234 35.51 -41.04 -108.08
CA VAL UA 234 36.03 -41.47 -109.37
C VAL UA 234 37.32 -40.72 -109.68
N ILE UA 235 37.38 -39.44 -109.30
CA ILE UA 235 38.52 -38.60 -109.65
C ILE UA 235 39.77 -39.09 -108.94
N SER UA 236 39.65 -39.35 -107.63
CA SER UA 236 40.81 -39.77 -106.85
C SER UA 236 41.26 -41.17 -107.23
N SER UA 237 40.30 -42.04 -107.54
CA SER UA 237 40.65 -43.40 -107.95
C SER UA 237 41.30 -43.43 -109.32
N LEU UA 238 41.00 -42.45 -110.17
CA LEU UA 238 41.68 -42.37 -111.45
C LEU UA 238 43.14 -41.98 -111.29
N THR UA 239 43.41 -40.99 -110.46
CA THR UA 239 44.77 -40.50 -110.26
C THR UA 239 45.49 -41.22 -109.13
N ALA UA 240 44.99 -42.37 -108.70
CA ALA UA 240 45.57 -43.03 -107.53
C ALA UA 240 46.94 -43.63 -107.84
N SER UA 241 47.16 -44.05 -109.09
CA SER UA 241 48.46 -44.62 -109.45
C SER UA 241 49.54 -43.56 -109.50
N LEU UA 242 49.19 -42.32 -109.82
CA LEU UA 242 50.13 -41.21 -109.70
C LEU UA 242 50.54 -41.03 -108.25
N ARG UA 243 49.59 -41.19 -107.34
CA ARG UA 243 49.85 -40.91 -105.94
C ARG UA 243 50.54 -42.08 -105.27
N PHE UA 244 49.91 -43.25 -105.28
CA PHE UA 244 50.21 -44.31 -104.33
C PHE UA 244 50.78 -45.53 -105.05
N ASP UA 245 51.66 -46.25 -104.36
CA ASP UA 245 52.32 -47.40 -104.94
C ASP UA 245 51.36 -48.58 -104.99
N GLY UA 246 51.44 -49.35 -106.08
CA GLY UA 246 50.55 -50.48 -106.27
C GLY UA 246 51.25 -51.59 -107.02
N ALA UA 247 50.55 -52.72 -107.11
CA ALA UA 247 51.10 -53.88 -107.81
C ALA UA 247 51.23 -53.62 -109.30
N LEU UA 248 50.23 -53.00 -109.91
CA LEU UA 248 50.23 -52.72 -111.34
C LEU UA 248 49.54 -51.37 -111.53
N ASN UA 249 50.31 -50.36 -111.88
CA ASN UA 249 49.85 -48.98 -111.87
C ASN UA 249 49.86 -48.37 -113.27
N VAL UA 250 48.87 -47.52 -113.53
CA VAL UA 250 48.65 -46.94 -114.85
C VAL UA 250 48.44 -45.43 -114.69
N ASP UA 251 49.23 -44.65 -115.42
CA ASP UA 251 49.31 -43.21 -115.19
C ASP UA 251 48.44 -42.45 -116.18
N VAL UA 252 48.51 -41.12 -116.10
CA VAL UA 252 47.68 -40.27 -116.94
C VAL UA 252 48.18 -40.30 -118.39
N THR UA 253 49.49 -40.41 -118.58
CA THR UA 253 50.10 -40.23 -119.89
C THR UA 253 49.71 -41.32 -120.89
N GLU UA 254 49.13 -42.43 -120.43
CA GLU UA 254 48.83 -43.55 -121.30
C GLU UA 254 47.35 -43.71 -121.57
N PHE UA 255 46.63 -42.61 -121.73
CA PHE UA 255 45.23 -42.74 -122.11
C PHE UA 255 45.03 -42.50 -123.60
N GLN UA 256 45.87 -41.69 -124.24
CA GLN UA 256 45.93 -41.74 -125.70
C GLN UA 256 46.52 -43.07 -126.14
N THR UA 257 47.44 -43.63 -125.34
CA THR UA 257 48.10 -44.88 -125.70
C THR UA 257 47.12 -46.05 -125.69
N ASN UA 258 46.25 -46.10 -124.69
CA ASN UA 258 45.44 -47.30 -124.50
C ASN UA 258 43.95 -47.10 -124.72
N LEU UA 259 43.45 -45.86 -124.69
CA LEU UA 259 42.02 -45.64 -124.76
C LEU UA 259 41.54 -44.97 -126.03
N VAL UA 260 42.42 -44.39 -126.84
CA VAL UA 260 41.95 -43.58 -127.96
C VAL UA 260 42.22 -44.36 -129.25
N PRO UA 261 41.21 -44.94 -129.89
CA PRO UA 261 41.46 -45.66 -131.15
C PRO UA 261 41.83 -44.76 -132.31
N TYR UA 262 41.01 -43.75 -132.57
CA TYR UA 262 41.16 -42.79 -133.64
C TYR UA 262 41.19 -41.40 -133.03
N PRO UA 263 41.93 -40.45 -133.63
CA PRO UA 263 42.32 -39.24 -132.88
C PRO UA 263 41.16 -38.38 -132.40
N ARG UA 264 40.07 -38.31 -133.14
CA ARG UA 264 38.93 -37.50 -132.71
C ARG UA 264 38.23 -38.14 -131.52
N ILE UA 265 38.03 -39.46 -131.58
CA ILE UA 265 37.16 -40.17 -130.64
C ILE UA 265 37.92 -40.29 -129.32
N HIS UA 266 37.60 -39.41 -128.37
CA HIS UA 266 38.14 -39.54 -127.04
C HIS UA 266 37.13 -39.18 -125.96
N PHE UA 267 35.85 -39.45 -126.23
CA PHE UA 267 34.78 -39.29 -125.25
C PHE UA 267 34.56 -40.61 -124.55
N MET UA 268 34.67 -40.60 -123.22
CA MET UA 268 34.51 -41.79 -122.41
C MET UA 268 33.47 -41.63 -121.34
N LEU UA 269 32.79 -42.74 -121.04
CA LEU UA 269 31.89 -42.85 -119.91
C LEU UA 269 32.67 -43.09 -118.63
N SER UA 270 31.96 -43.39 -117.57
CA SER UA 270 32.56 -43.68 -116.29
C SER UA 270 31.66 -44.63 -115.53
N SER UA 271 32.25 -45.28 -114.53
CA SER UA 271 31.50 -46.21 -113.69
C SER UA 271 32.23 -46.35 -112.37
N TYR UA 272 31.53 -46.88 -111.37
CA TYR UA 272 32.13 -47.04 -110.06
C TYR UA 272 31.38 -48.13 -109.33
N ALA UA 273 32.11 -48.92 -108.56
CA ALA UA 273 31.56 -49.97 -107.73
C ALA UA 273 32.62 -50.35 -106.71
N PRO UA 274 32.25 -50.64 -105.47
CA PRO UA 274 30.91 -50.59 -104.93
C PRO UA 274 30.56 -49.23 -104.37
N ILE UA 275 29.26 -48.95 -104.44
CA ILE UA 275 28.68 -47.70 -103.96
C ILE UA 275 27.52 -48.07 -103.05
N ILE UA 276 27.85 -48.34 -101.78
CA ILE UA 276 26.88 -48.89 -100.84
C ILE UA 276 27.05 -48.19 -99.51
N SER UA 277 25.96 -48.18 -98.76
CA SER UA 277 25.90 -47.51 -97.48
C SER UA 277 26.40 -48.46 -96.40
N ALA UA 278 26.32 -48.01 -95.14
CA ALA UA 278 26.43 -48.94 -94.03
C ALA UA 278 25.21 -49.84 -93.93
N GLU UA 279 24.17 -49.52 -94.69
CA GLU UA 279 22.93 -50.27 -94.82
C GLU UA 279 23.21 -51.72 -95.20
N LYS UA 280 23.76 -51.90 -96.38
CA LYS UA 280 23.92 -53.22 -96.95
C LYS UA 280 25.37 -53.64 -97.09
N ALA UA 281 26.30 -52.86 -96.55
CA ALA UA 281 27.67 -53.34 -96.44
C ALA UA 281 27.74 -54.54 -95.52
N TYR UA 282 27.02 -54.47 -94.41
CA TYR UA 282 26.91 -55.61 -93.50
C TYR UA 282 26.23 -56.79 -94.17
N HIS UA 283 25.21 -56.54 -94.97
CA HIS UA 283 24.43 -57.63 -95.54
C HIS UA 283 25.01 -58.21 -96.81
N GLU UA 284 26.12 -57.66 -97.31
CA GLU UA 284 26.70 -58.18 -98.52
C GLU UA 284 28.22 -58.17 -98.44
N GLN UA 285 28.83 -59.29 -98.81
CA GLN UA 285 30.27 -59.35 -98.99
C GLN UA 285 30.59 -58.91 -100.41
N LEU UA 286 31.73 -58.25 -100.58
CA LEU UA 286 32.07 -57.60 -101.83
C LEU UA 286 33.24 -58.37 -102.45
N SER UA 287 32.93 -59.43 -103.17
CA SER UA 287 33.98 -60.19 -103.82
C SER UA 287 34.23 -59.62 -105.20
N VAL UA 288 35.39 -59.99 -105.76
CA VAL UA 288 35.79 -59.44 -107.04
C VAL UA 288 34.95 -59.97 -108.18
N ALA UA 289 34.16 -61.01 -107.92
CA ALA UA 289 33.28 -61.53 -108.97
C ALA UA 289 32.17 -60.55 -109.28
N GLU UA 290 31.59 -59.91 -108.26
CA GLU UA 290 30.43 -59.08 -108.52
C GLU UA 290 30.77 -57.61 -108.65
N ILE UA 291 31.88 -57.16 -108.06
CA ILE UA 291 32.24 -55.76 -108.24
C ILE UA 291 32.68 -55.50 -109.66
N THR UA 292 33.17 -56.52 -110.35
CA THR UA 292 33.35 -56.38 -111.78
C THR UA 292 32.06 -56.70 -112.53
N ASN UA 293 31.08 -57.30 -111.87
CA ASN UA 293 29.79 -57.49 -112.51
C ASN UA 293 28.88 -56.30 -112.27
N SER UA 294 28.98 -55.67 -111.10
CA SER UA 294 28.22 -54.45 -110.87
C SER UA 294 28.81 -53.28 -111.62
N ALA UA 295 30.11 -53.32 -111.91
CA ALA UA 295 30.74 -52.24 -112.65
C ALA UA 295 30.19 -52.15 -114.07
N PHE UA 296 30.00 -53.30 -114.72
CA PHE UA 296 29.51 -53.30 -116.08
C PHE UA 296 28.00 -53.30 -116.16
N GLU UA 297 27.33 -53.34 -115.02
CA GLU UA 297 25.88 -53.42 -115.00
C GLU UA 297 25.31 -52.10 -115.54
N PRO UA 298 24.37 -52.16 -116.49
CA PRO UA 298 23.99 -50.94 -117.22
C PRO UA 298 23.33 -49.88 -116.38
N ALA UA 299 22.74 -50.23 -115.26
CA ALA UA 299 22.18 -49.22 -114.37
C ALA UA 299 23.20 -48.71 -113.38
N SER UA 300 24.49 -48.82 -113.70
CA SER UA 300 25.52 -48.36 -112.79
C SER UA 300 26.58 -47.50 -113.45
N MET UA 301 26.36 -47.03 -114.68
CA MET UA 301 27.27 -46.04 -115.23
C MET UA 301 26.94 -44.66 -114.67
N MET UA 302 27.48 -43.63 -115.30
CA MET UA 302 27.31 -42.28 -114.83
C MET UA 302 26.74 -41.36 -115.91
N ALA UA 303 26.25 -41.91 -117.02
CA ALA UA 303 25.87 -41.03 -118.12
C ALA UA 303 24.64 -41.50 -118.88
N LYS UA 304 23.70 -42.19 -118.23
CA LYS UA 304 22.39 -42.55 -118.81
C LYS UA 304 22.49 -43.52 -119.99
N CYS UA 305 23.69 -43.78 -120.44
CA CYS UA 305 23.92 -44.34 -121.75
C CYS UA 305 23.69 -45.83 -121.68
N ASP UA 306 22.57 -46.29 -122.24
CA ASP UA 306 22.26 -47.70 -122.20
C ASP UA 306 23.10 -48.40 -123.24
N PRO UA 307 24.05 -49.24 -122.84
CA PRO UA 307 24.99 -49.85 -123.80
C PRO UA 307 24.47 -51.09 -124.50
N ARG UA 308 23.21 -51.46 -124.29
CA ARG UA 308 22.65 -52.60 -125.01
C ARG UA 308 22.56 -52.30 -126.50
N HIS UA 309 22.20 -51.06 -126.86
CA HIS UA 309 22.26 -50.62 -128.24
C HIS UA 309 23.60 -49.97 -128.57
N GLY UA 310 24.66 -50.38 -127.89
CA GLY UA 310 26.02 -50.02 -128.25
C GLY UA 310 26.94 -51.21 -128.23
N LYS UA 311 28.16 -50.97 -128.68
CA LYS UA 311 29.22 -51.98 -128.70
C LYS UA 311 30.41 -51.39 -127.97
N TYR UA 312 31.00 -52.16 -127.07
CA TYR UA 312 32.18 -51.68 -126.37
C TYR UA 312 33.39 -51.65 -127.29
N MET UA 313 34.35 -50.83 -126.94
CA MET UA 313 35.62 -50.84 -127.67
C MET UA 313 36.83 -50.94 -126.77
N ALA UA 314 36.80 -50.31 -125.60
CA ALA UA 314 37.93 -50.34 -124.70
C ALA UA 314 37.42 -50.16 -123.27
N CYS UA 315 38.26 -50.56 -122.32
CA CYS UA 315 37.91 -50.50 -120.92
C CYS UA 315 39.17 -50.44 -120.09
N CYS UA 316 39.16 -49.62 -119.04
CA CYS UA 316 40.32 -49.48 -118.17
C CYS UA 316 39.84 -49.62 -116.74
N LEU UA 317 40.30 -50.66 -116.06
CA LEU UA 317 39.86 -50.96 -114.71
C LEU UA 317 41.01 -50.70 -113.74
N MET UA 318 40.80 -49.81 -112.80
CA MET UA 318 41.79 -49.57 -111.75
C MET UA 318 41.21 -50.14 -110.47
N TYR UA 319 41.44 -51.43 -110.25
CA TYR UA 319 41.09 -52.03 -108.97
C TYR UA 319 41.95 -51.40 -107.91
N ARG UA 320 41.36 -51.14 -106.76
CA ARG UA 320 42.15 -50.58 -105.68
C ARG UA 320 41.75 -51.26 -104.38
N GLY UA 321 42.69 -51.33 -103.46
CA GLY UA 321 42.51 -52.04 -102.21
C GLY UA 321 43.13 -53.42 -102.26
N ASP UA 322 42.67 -54.28 -101.35
CA ASP UA 322 43.18 -55.63 -101.23
C ASP UA 322 42.61 -56.48 -102.36
N VAL UA 323 43.22 -56.34 -103.53
CA VAL UA 323 42.90 -57.16 -104.69
C VAL UA 323 44.15 -57.94 -105.07
N VAL UA 324 44.00 -59.26 -105.20
CA VAL UA 324 45.10 -60.07 -105.71
C VAL UA 324 44.94 -60.14 -107.21
N PRO UA 325 46.03 -60.21 -107.99
CA PRO UA 325 45.89 -60.17 -109.44
C PRO UA 325 45.39 -61.46 -110.04
N LYS UA 326 45.52 -62.58 -109.34
CA LYS UA 326 45.18 -63.85 -109.98
C LYS UA 326 43.67 -64.06 -110.09
N ASP UA 327 42.87 -63.34 -109.31
CA ASP UA 327 41.44 -63.39 -109.55
C ASP UA 327 40.95 -62.26 -110.43
N VAL UA 328 41.79 -61.26 -110.66
CA VAL UA 328 41.50 -60.25 -111.67
C VAL UA 328 41.40 -60.89 -113.04
N ASN UA 329 42.35 -61.78 -113.35
CA ASN UA 329 42.36 -62.43 -114.66
C ASN UA 329 41.15 -63.34 -114.83
N ALA UA 330 40.76 -64.04 -113.77
CA ALA UA 330 39.57 -64.88 -113.85
C ALA UA 330 38.31 -64.04 -113.97
N ALA UA 331 38.24 -62.92 -113.25
CA ALA UA 331 37.03 -62.12 -113.24
C ALA UA 331 36.77 -61.49 -114.60
N VAL UA 332 37.83 -61.03 -115.27
CA VAL UA 332 37.60 -60.43 -116.59
C VAL UA 332 37.31 -61.50 -117.62
N ALA UA 333 37.76 -62.74 -117.38
CA ALA UA 333 37.45 -63.81 -118.30
C ALA UA 333 35.97 -64.17 -118.23
N THR UA 334 35.36 -63.96 -117.07
CA THR UA 334 33.93 -64.19 -116.93
C THR UA 334 33.14 -63.26 -117.85
N ILE UA 335 33.57 -62.01 -117.95
CA ILE UA 335 32.82 -61.01 -118.71
C ILE UA 335 32.86 -61.33 -120.21
N LYS UA 336 34.03 -61.73 -120.71
CA LYS UA 336 34.15 -62.00 -122.13
C LYS UA 336 33.31 -63.19 -122.55
N THR UA 337 33.21 -64.20 -121.67
CA THR UA 337 32.33 -65.34 -121.90
C THR UA 337 30.87 -64.95 -121.85
N LYS UA 338 30.52 -63.94 -121.07
CA LYS UA 338 29.13 -63.47 -121.01
C LYS UA 338 28.73 -62.87 -122.35
N ARG UA 339 27.49 -63.13 -122.76
CA ARG UA 339 27.08 -62.85 -124.12
C ARG UA 339 26.31 -61.55 -124.27
N THR UA 340 25.84 -60.94 -123.18
CA THR UA 340 25.06 -59.71 -123.31
C THR UA 340 25.91 -58.50 -123.63
N ILE UA 341 27.23 -58.59 -123.49
CA ILE UA 341 28.15 -57.48 -123.78
C ILE UA 341 28.94 -57.86 -125.02
N GLN UA 342 28.90 -57.00 -126.04
CA GLN UA 342 29.51 -57.33 -127.32
C GLN UA 342 30.58 -56.30 -127.65
N PHE UA 343 31.83 -56.74 -127.61
CA PHE UA 343 32.95 -55.91 -128.03
C PHE UA 343 32.95 -55.81 -129.54
N VAL UA 344 33.72 -54.86 -130.06
CA VAL UA 344 33.74 -54.66 -131.49
C VAL UA 344 34.68 -55.69 -132.11
N ASP UA 345 34.41 -56.07 -133.36
CA ASP UA 345 35.11 -57.19 -133.98
C ASP UA 345 36.58 -56.90 -134.23
N TRP UA 346 36.93 -55.65 -134.52
CA TRP UA 346 38.33 -55.37 -134.81
C TRP UA 346 39.18 -55.25 -133.56
N CYS UA 347 38.59 -55.21 -132.37
CA CYS UA 347 39.39 -55.08 -131.16
C CYS UA 347 39.31 -56.38 -130.37
N PRO UA 348 40.33 -57.23 -130.43
CA PRO UA 348 40.22 -58.54 -129.77
C PRO UA 348 40.33 -58.46 -128.26
N THR UA 349 41.27 -57.70 -127.73
CA THR UA 349 41.40 -57.52 -126.31
C THR UA 349 41.14 -56.06 -125.98
N GLY UA 350 40.33 -55.82 -124.96
CA GLY UA 350 39.91 -54.46 -124.67
C GLY UA 350 39.88 -54.17 -123.19
N PHE UA 351 40.58 -54.96 -122.41
CA PHE UA 351 40.64 -54.77 -120.97
C PHE UA 351 42.04 -54.37 -120.56
N LYS UA 352 42.14 -53.25 -119.87
CA LYS UA 352 43.37 -52.84 -119.22
C LYS UA 352 43.16 -52.89 -117.72
N CYS UA 353 44.06 -53.58 -117.02
CA CYS UA 353 43.91 -53.83 -115.60
C CYS UA 353 44.90 -52.99 -114.82
N GLY UA 354 44.45 -52.46 -113.70
CA GLY UA 354 45.34 -51.77 -112.80
C GLY UA 354 45.00 -52.15 -111.38
N ILE UA 355 46.03 -52.24 -110.54
CA ILE UA 355 45.87 -52.59 -109.15
C ILE UA 355 46.68 -51.63 -108.31
N ASN UA 356 46.01 -50.97 -107.37
CA ASN UA 356 46.67 -50.13 -106.38
C ASN UA 356 46.51 -50.76 -105.01
N TYR UA 357 47.44 -50.45 -104.12
CA TYR UA 357 47.45 -51.07 -102.80
C TYR UA 357 46.62 -50.30 -101.78
N GLN UA 358 46.01 -49.18 -102.15
CA GLN UA 358 45.36 -48.34 -101.16
C GLN UA 358 43.86 -48.57 -101.19
N PRO UA 359 43.23 -48.89 -100.07
CA PRO UA 359 41.77 -48.93 -100.04
C PRO UA 359 41.21 -47.53 -100.26
N PRO UA 360 40.02 -47.43 -100.86
CA PRO UA 360 39.39 -46.12 -101.00
C PRO UA 360 39.03 -45.56 -99.64
N THR UA 361 39.07 -44.23 -99.54
CA THR UA 361 38.79 -43.57 -98.28
C THR UA 361 37.41 -42.96 -98.30
N VAL UA 362 36.77 -42.98 -97.14
CA VAL UA 362 35.42 -42.45 -96.97
C VAL UA 362 35.50 -41.22 -96.06
N VAL UA 363 34.87 -40.15 -96.49
CA VAL UA 363 34.92 -38.88 -95.77
C VAL UA 363 34.08 -38.98 -94.51
N PRO UA 364 34.48 -38.33 -93.41
CA PRO UA 364 33.69 -38.40 -92.18
C PRO UA 364 32.35 -37.70 -92.35
N GLY UA 365 31.31 -38.31 -91.80
CA GLY UA 365 29.98 -37.76 -91.97
C GLY UA 365 29.47 -37.81 -93.39
N GLY UA 366 29.98 -38.72 -94.19
CA GLY UA 366 29.59 -38.83 -95.58
C GLY UA 366 28.40 -39.75 -95.75
N ASP UA 367 28.34 -40.38 -96.92
CA ASP UA 367 27.28 -41.33 -97.20
C ASP UA 367 27.72 -42.57 -97.97
N LEU UA 368 29.01 -42.76 -98.20
CA LEU UA 368 29.55 -44.01 -98.70
C LEU UA 368 30.18 -44.79 -97.57
N ALA UA 369 30.13 -46.11 -97.67
CA ALA UA 369 30.68 -46.98 -96.63
C ALA UA 369 32.12 -47.34 -96.92
N LYS UA 370 32.85 -47.68 -95.86
CA LYS UA 370 34.25 -48.06 -95.99
C LYS UA 370 34.30 -49.44 -96.62
N VAL UA 371 34.44 -49.47 -97.93
CA VAL UA 371 34.53 -50.73 -98.64
C VAL UA 371 35.97 -51.21 -98.58
N MET UA 372 36.17 -52.49 -98.85
CA MET UA 372 37.53 -53.00 -98.78
C MET UA 372 38.26 -52.83 -100.10
N ARG UA 373 37.58 -53.08 -101.20
CA ARG UA 373 38.18 -52.96 -102.51
C ARG UA 373 37.17 -52.43 -103.51
N ALA UA 374 37.63 -51.62 -104.45
CA ALA UA 374 36.74 -50.92 -105.37
C ALA UA 374 37.32 -50.90 -106.77
N VAL UA 375 36.46 -50.59 -107.73
CA VAL UA 375 36.83 -50.52 -109.13
C VAL UA 375 36.30 -49.23 -109.72
N CYS UA 376 37.16 -48.50 -110.43
CA CYS UA 376 36.77 -47.35 -111.20
C CYS UA 376 36.97 -47.66 -112.67
N MET UA 377 35.94 -47.47 -113.46
CA MET UA 377 35.90 -47.94 -114.84
C MET UA 377 35.74 -46.76 -115.76
N ILE UA 378 36.57 -46.68 -116.79
CA ILE UA 378 36.44 -45.70 -117.87
C ILE UA 378 36.38 -46.45 -119.18
N SER UA 379 35.31 -46.23 -119.94
CA SER UA 379 35.04 -47.04 -121.12
C SER UA 379 34.77 -46.19 -122.36
N ASN UA 380 35.14 -46.75 -123.50
CA ASN UA 380 34.70 -46.31 -124.83
C ASN UA 380 33.66 -47.30 -125.33
N SER UA 381 32.49 -46.80 -125.68
CA SER UA 381 31.50 -47.62 -126.33
C SER UA 381 31.03 -46.92 -127.59
N THR UA 382 30.47 -47.70 -128.50
CA THR UA 382 29.74 -47.14 -129.62
C THR UA 382 28.32 -46.78 -129.24
N ALA UA 383 28.02 -46.71 -127.95
CA ALA UA 383 26.73 -46.31 -127.47
C ALA UA 383 26.62 -44.81 -127.23
N ILE UA 384 27.71 -44.05 -127.38
CA ILE UA 384 27.64 -42.59 -127.29
C ILE UA 384 26.88 -41.98 -128.45
N ALA UA 385 26.48 -42.79 -129.43
CA ALA UA 385 25.61 -42.31 -130.50
C ALA UA 385 24.32 -41.73 -129.94
N GLU UA 386 23.75 -42.37 -128.92
CA GLU UA 386 22.53 -41.82 -128.34
C GLU UA 386 22.82 -40.55 -127.57
N VAL UA 387 24.04 -40.41 -127.05
CA VAL UA 387 24.40 -39.25 -126.26
C VAL UA 387 24.46 -38.01 -127.13
N PHE UA 388 25.06 -38.14 -128.31
CA PHE UA 388 25.19 -36.98 -129.18
C PHE UA 388 23.98 -36.82 -130.07
N SER UA 389 23.12 -37.83 -130.15
CA SER UA 389 21.97 -37.70 -131.03
C SER UA 389 20.93 -36.78 -130.45
N ARG UA 390 20.66 -36.85 -129.14
CA ARG UA 390 19.54 -36.01 -128.70
C ARG UA 390 19.97 -34.57 -128.56
N MET UA 391 21.24 -34.33 -128.27
CA MET UA 391 21.68 -32.95 -128.15
C MET UA 391 21.94 -32.36 -129.53
N ASP UA 392 22.08 -33.22 -130.53
CA ASP UA 392 21.81 -32.79 -131.89
C ASP UA 392 20.32 -32.57 -132.09
N HIS UA 393 19.49 -33.46 -131.54
CA HIS UA 393 18.04 -33.34 -131.72
C HIS UA 393 17.44 -32.20 -130.93
N LYS UA 394 18.10 -31.75 -129.85
CA LYS UA 394 17.62 -30.56 -129.18
C LYS UA 394 18.00 -29.30 -129.92
N PHE UA 395 19.14 -29.33 -130.60
CA PHE UA 395 19.63 -28.13 -131.27
C PHE UA 395 18.81 -27.83 -132.53
N ASP UA 396 18.54 -28.86 -133.34
CA ASP UA 396 18.00 -28.57 -134.66
C ASP UA 396 16.54 -28.17 -134.60
N LEU UA 397 15.86 -28.50 -133.51
CA LEU UA 397 14.49 -28.02 -133.33
C LEU UA 397 14.48 -26.59 -132.80
N MET UA 398 15.41 -26.26 -131.91
CA MET UA 398 15.46 -24.93 -131.33
C MET UA 398 15.83 -23.89 -132.38
N TYR UA 399 16.73 -24.25 -133.29
CA TYR UA 399 17.18 -23.39 -134.38
C TYR UA 399 16.33 -23.53 -135.63
N ALA UA 400 15.40 -24.50 -135.67
CA ALA UA 400 14.59 -24.78 -136.86
C ALA UA 400 13.86 -23.53 -137.35
N LYS UA 401 13.45 -22.67 -136.45
CA LYS UA 401 13.04 -21.32 -136.81
C LYS UA 401 13.55 -20.34 -135.77
N ARG UA 402 14.80 -20.55 -135.38
CA ARG UA 402 15.71 -19.53 -134.84
C ARG UA 402 15.28 -18.89 -133.52
N ALA UA 403 15.19 -19.68 -132.47
CA ALA UA 403 14.97 -19.11 -131.15
C ALA UA 403 16.30 -18.73 -130.51
N PHE UA 404 16.26 -17.71 -129.66
CA PHE UA 404 17.35 -17.27 -128.78
C PHE UA 404 18.59 -16.80 -129.52
N VAL UA 405 18.54 -16.72 -130.85
CA VAL UA 405 19.71 -16.40 -131.65
C VAL UA 405 20.19 -14.98 -131.36
N HIS UA 406 19.28 -14.09 -130.99
CA HIS UA 406 19.58 -12.66 -131.02
C HIS UA 406 20.52 -12.22 -129.91
N TRP UA 407 20.72 -13.05 -128.88
CA TRP UA 407 21.77 -12.70 -127.92
C TRP UA 407 23.09 -13.31 -128.34
N TYR UA 408 23.05 -14.41 -129.09
CA TYR UA 408 24.26 -14.96 -129.67
C TYR UA 408 24.81 -14.05 -130.75
N VAL UA 409 23.95 -13.59 -131.67
CA VAL UA 409 24.39 -12.75 -132.76
C VAL UA 409 24.82 -11.38 -132.23
N GLY UA 410 24.06 -10.83 -131.30
CA GLY UA 410 24.39 -9.53 -130.75
C GLY UA 410 25.65 -9.50 -129.93
N GLU UA 411 26.17 -10.67 -129.54
CA GLU UA 411 27.34 -10.68 -128.66
C GLU UA 411 28.63 -10.91 -129.41
N GLY UA 412 28.61 -11.54 -130.57
CA GLY UA 412 29.82 -11.71 -131.36
C GLY UA 412 29.89 -12.97 -132.20
N MET UA 413 29.33 -14.07 -131.71
CA MET UA 413 29.16 -15.27 -132.52
C MET UA 413 28.22 -14.97 -133.67
N GLU UA 414 28.72 -14.98 -134.89
CA GLU UA 414 27.88 -14.70 -136.03
C GLU UA 414 27.16 -15.96 -136.49
N GLU UA 415 26.27 -15.78 -137.46
CA GLU UA 415 25.54 -16.91 -138.01
C GLU UA 415 26.47 -17.74 -138.89
N GLY UA 416 26.44 -19.05 -138.69
CA GLY UA 416 27.34 -19.92 -139.41
C GLY UA 416 28.08 -20.86 -138.48
N GLU UA 417 28.47 -20.36 -137.30
CA GLU UA 417 28.99 -21.26 -136.28
C GLU UA 417 27.90 -22.14 -135.72
N PHE UA 418 26.66 -21.67 -135.75
CA PHE UA 418 25.54 -22.57 -135.53
C PHE UA 418 25.50 -23.64 -136.60
N SER UA 419 25.74 -23.25 -137.85
CA SER UA 419 25.72 -24.20 -138.94
C SER UA 419 26.92 -25.12 -138.87
N GLU UA 420 28.14 -24.56 -138.91
CA GLU UA 420 29.35 -25.36 -139.09
C GLU UA 420 29.58 -26.32 -137.93
N ALA UA 421 29.17 -25.96 -136.72
CA ALA UA 421 29.27 -26.90 -135.62
C ALA UA 421 28.25 -28.02 -135.77
N ARG UA 422 27.12 -27.75 -136.43
CA ARG UA 422 26.10 -28.79 -136.53
C ARG UA 422 26.54 -29.91 -137.47
N GLU UA 423 27.19 -29.57 -138.59
CA GLU UA 423 27.79 -30.66 -139.35
C GLU UA 423 29.10 -31.12 -138.75
N ASP UA 424 29.70 -30.33 -137.86
CA ASP UA 424 30.83 -30.85 -137.10
C ASP UA 424 30.35 -31.96 -136.18
N LEU UA 425 29.23 -31.76 -135.49
CA LEU UA 425 28.64 -32.83 -134.72
C LEU UA 425 28.14 -33.95 -135.61
N ALA UA 426 27.57 -33.61 -136.77
CA ALA UA 426 27.09 -34.62 -137.68
C ALA UA 426 28.25 -35.45 -138.21
N ALA UA 427 29.43 -34.84 -138.32
CA ALA UA 427 30.62 -35.63 -138.62
C ALA UA 427 30.94 -36.59 -137.49
N LEU UA 428 30.79 -36.12 -136.25
CA LEU UA 428 31.13 -36.94 -135.09
C LEU UA 428 30.16 -38.10 -134.93
N GLU UA 429 28.90 -37.88 -135.27
CA GLU UA 429 27.92 -38.95 -135.18
C GLU UA 429 28.17 -40.00 -136.25
N LYS UA 430 28.46 -39.58 -137.48
CA LYS UA 430 28.65 -40.56 -138.54
C LYS UA 430 29.98 -41.26 -138.45
N ASP UA 431 30.95 -40.69 -137.73
CA ASP UA 431 32.20 -41.40 -137.49
C ASP UA 431 32.00 -42.58 -136.54
N TYR UA 432 31.17 -42.41 -135.52
CA TYR UA 432 30.91 -43.50 -134.58
C TYR UA 432 30.23 -44.66 -135.27
N GLU UA 433 29.30 -44.36 -136.18
CA GLU UA 433 28.62 -45.42 -136.91
C GLU UA 433 29.55 -46.06 -137.94
N GLU UA 434 30.52 -45.30 -138.44
CA GLU UA 434 31.53 -45.85 -139.34
C GLU UA 434 32.42 -46.85 -138.61
N VAL UA 435 32.64 -46.64 -137.32
CA VAL UA 435 33.52 -47.52 -136.55
C VAL UA 435 32.89 -48.89 -136.36
N GLY UA 436 31.61 -48.93 -135.99
CA GLY UA 436 31.02 -50.14 -135.47
C GLY UA 436 30.68 -51.22 -136.49
N ILE UA 437 30.85 -50.94 -137.77
CA ILE UA 437 30.48 -51.90 -138.80
C ILE UA 437 31.67 -52.73 -139.25
N MET VA 1 32.08 -4.60 -107.18
CA MET VA 1 30.94 -5.50 -107.25
C MET VA 1 29.89 -4.95 -108.20
N ARG VA 2 28.73 -5.62 -108.23
CA ARG VA 2 27.60 -5.21 -109.06
C ARG VA 2 26.51 -4.64 -108.16
N GLU VA 3 26.02 -3.46 -108.51
CA GLU VA 3 25.02 -2.80 -107.71
C GLU VA 3 23.86 -2.38 -108.59
N ILE VA 4 22.64 -2.58 -108.10
CA ILE VA 4 21.44 -2.20 -108.83
C ILE VA 4 21.01 -0.84 -108.32
N VAL VA 5 20.76 0.08 -109.24
CA VAL VA 5 20.33 1.42 -108.89
C VAL VA 5 18.82 1.51 -109.06
N HIS VA 6 18.13 1.97 -108.02
CA HIS VA 6 16.67 1.96 -107.96
C HIS VA 6 16.08 3.32 -108.30
N VAL VA 7 14.98 3.30 -109.04
CA VAL VA 7 14.25 4.52 -109.41
C VAL VA 7 12.80 4.34 -108.98
N GLN VA 8 12.31 5.27 -108.17
CA GLN VA 8 10.91 5.23 -107.72
C GLN VA 8 10.19 6.44 -108.29
N GLY VA 9 9.25 6.18 -109.18
CA GLY VA 9 8.54 7.25 -109.86
C GLY VA 9 7.04 7.03 -109.87
N GLY VA 10 6.31 8.13 -109.93
CA GLY VA 10 4.87 8.08 -109.97
C GLY VA 10 4.26 7.97 -108.58
N GLN VA 11 2.94 8.17 -108.53
CA GLN VA 11 2.23 7.99 -107.27
C GLN VA 11 2.27 6.53 -106.84
N CYS VA 12 2.07 5.61 -107.79
CA CYS VA 12 2.07 4.18 -107.46
C CYS VA 12 3.46 3.69 -107.12
N GLY VA 13 4.45 4.05 -107.92
CA GLY VA 13 5.77 3.48 -107.75
C GLY VA 13 6.41 3.90 -106.45
N ASN VA 14 6.10 5.10 -105.97
CA ASN VA 14 6.70 5.56 -104.72
C ASN VA 14 6.11 4.82 -103.54
N GLN VA 15 4.85 4.38 -103.65
CA GLN VA 15 4.26 3.59 -102.58
C GLN VA 15 4.78 2.16 -102.59
N ILE VA 16 4.93 1.58 -103.79
CA ILE VA 16 5.44 0.22 -103.89
C ILE VA 16 6.89 0.16 -103.45
N GLY VA 17 7.68 1.13 -103.91
CA GLY VA 17 9.08 1.18 -103.52
C GLY VA 17 9.28 1.48 -102.05
N ALA VA 18 8.33 2.18 -101.43
CA ALA VA 18 8.43 2.41 -99.99
C ALA VA 18 8.33 1.10 -99.24
N LYS VA 19 7.46 0.21 -99.71
CA LYS VA 19 7.38 -1.11 -99.11
C LYS VA 19 8.53 -2.00 -99.55
N PHE VA 20 9.19 -1.66 -100.65
CA PHE VA 20 10.33 -2.46 -101.07
C PHE VA 20 11.49 -2.33 -100.11
N TRP VA 21 11.86 -1.10 -99.76
CA TRP VA 21 13.01 -0.95 -98.87
C TRP VA 21 12.60 -1.27 -97.45
N GLU VA 22 11.30 -1.27 -97.18
CA GLU VA 22 10.77 -1.79 -95.93
C GLU VA 22 11.12 -3.26 -95.77
N VAL VA 23 10.91 -4.06 -96.81
CA VAL VA 23 11.05 -5.50 -96.67
C VAL VA 23 12.49 -5.95 -96.93
N ILE VA 24 13.28 -5.17 -97.67
CA ILE VA 24 14.66 -5.56 -97.88
C ILE VA 24 15.50 -5.28 -96.65
N SER VA 25 15.27 -4.15 -95.99
CA SER VA 25 16.13 -3.75 -94.90
C SER VA 25 16.01 -4.66 -93.68
N ASP VA 26 14.82 -5.18 -93.40
CA ASP VA 26 14.67 -6.02 -92.22
C ASP VA 26 14.98 -7.49 -92.47
N GLU VA 27 15.02 -7.94 -93.73
CA GLU VA 27 15.60 -9.24 -93.98
C GLU VA 27 17.10 -9.17 -94.11
N HIS VA 28 17.63 -8.02 -94.50
CA HIS VA 28 19.06 -7.78 -94.42
C HIS VA 28 19.48 -7.27 -93.06
N GLY VA 29 18.54 -6.94 -92.18
CA GLY VA 29 18.89 -6.60 -90.81
C GLY VA 29 19.41 -5.20 -90.59
N ILE VA 30 18.88 -4.22 -91.30
CA ILE VA 30 19.26 -2.82 -91.10
C ILE VA 30 18.08 -2.06 -90.54
N ASP VA 31 18.31 -1.39 -89.42
CA ASP VA 31 17.33 -0.57 -88.74
C ASP VA 31 16.94 0.62 -89.62
N PRO VA 32 15.76 1.22 -89.38
CA PRO VA 32 15.44 2.48 -90.04
C PRO VA 32 16.43 3.60 -89.78
N THR VA 33 17.15 3.57 -88.66
CA THR VA 33 18.23 4.54 -88.45
C THR VA 33 19.44 4.26 -89.32
N GLY VA 34 19.50 3.12 -90.00
CA GLY VA 34 20.57 2.80 -90.91
C GLY VA 34 21.61 1.86 -90.35
N THR VA 35 21.66 1.68 -89.05
CA THR VA 35 22.63 0.78 -88.45
C THR VA 35 22.25 -0.67 -88.69
N TYR VA 36 23.25 -1.53 -88.65
CA TYR VA 36 23.04 -2.96 -88.83
C TYR VA 36 22.74 -3.63 -87.50
N CYS VA 37 21.96 -4.69 -87.55
CA CYS VA 37 21.80 -5.58 -86.41
C CYS VA 37 21.51 -6.98 -86.92
N GLY VA 38 21.99 -7.99 -86.19
CA GLY VA 38 21.67 -9.36 -86.55
C GLY VA 38 22.78 -10.38 -86.40
N ASP VA 39 24.03 -9.95 -86.61
CA ASP VA 39 25.23 -10.77 -86.43
C ASP VA 39 25.15 -12.05 -87.25
N SER VA 40 24.99 -11.87 -88.55
CA SER VA 40 25.00 -12.98 -89.50
C SER VA 40 25.78 -12.53 -90.70
N ASP VA 41 26.94 -13.16 -90.94
CA ASP VA 41 27.86 -12.68 -91.95
C ASP VA 41 27.30 -12.77 -93.35
N LEU VA 42 26.37 -13.69 -93.58
CA LEU VA 42 25.83 -13.83 -94.92
C LEU VA 42 24.92 -12.67 -95.28
N GLN VA 43 24.28 -12.07 -94.28
CA GLN VA 43 23.43 -10.91 -94.53
C GLN VA 43 24.22 -9.67 -94.86
N LEU VA 44 25.53 -9.71 -94.71
CA LEU VA 44 26.39 -8.54 -94.77
C LEU VA 44 27.35 -8.53 -95.94
N GLU VA 45 27.85 -9.71 -96.33
CA GLU VA 45 28.94 -9.77 -97.30
C GLU VA 45 28.51 -9.30 -98.68
N ARG VA 46 27.23 -9.39 -98.98
CA ARG VA 46 26.71 -8.69 -100.14
C ARG VA 46 25.55 -7.82 -99.66
N ILE VA 47 25.92 -6.64 -99.18
CA ILE VA 47 24.97 -5.59 -98.89
C ILE VA 47 25.09 -4.46 -99.89
N ASN VA 48 26.21 -4.36 -100.60
CA ASN VA 48 26.42 -3.27 -101.54
C ASN VA 48 25.68 -3.47 -102.84
N VAL VA 49 24.87 -4.50 -102.95
CA VAL VA 49 24.02 -4.62 -104.13
C VAL VA 49 22.98 -3.53 -104.12
N PHE VA 50 22.54 -3.11 -102.93
CA PHE VA 50 21.52 -2.08 -102.80
C PHE VA 50 21.90 -0.93 -101.89
N TYR VA 51 23.01 -0.99 -101.17
CA TYR VA 51 23.35 0.05 -100.21
C TYR VA 51 24.68 0.70 -100.56
N ASN VA 52 24.89 1.92 -100.06
CA ASN VA 52 26.18 2.60 -100.10
C ASN VA 52 26.57 3.00 -98.69
N GLU VA 53 27.80 2.70 -98.31
CA GLU VA 53 28.27 3.03 -96.98
C GLU VA 53 28.49 4.54 -96.86
N ALA VA 54 28.26 5.09 -95.67
CA ALA VA 54 28.10 6.53 -95.52
C ALA VA 54 29.13 7.20 -94.62
N THR VA 55 30.27 6.55 -94.35
CA THR VA 55 31.36 7.09 -93.50
C THR VA 55 30.86 7.56 -92.15
N GLY VA 56 29.89 6.85 -91.61
CA GLY VA 56 29.54 6.98 -90.22
C GLY VA 56 29.29 5.58 -89.74
N GLY VA 57 29.49 4.63 -90.65
CA GLY VA 57 29.12 3.27 -90.42
C GLY VA 57 27.68 2.95 -90.77
N ARG VA 58 26.88 3.95 -91.08
CA ARG VA 58 25.49 3.72 -91.44
C ARG VA 58 25.37 3.57 -92.94
N PHE VA 59 24.23 3.06 -93.37
CA PHE VA 59 23.99 2.84 -94.78
C PHE VA 59 23.04 3.88 -95.33
N VAL VA 60 22.96 3.92 -96.65
CA VAL VA 60 21.96 4.72 -97.34
C VAL VA 60 21.54 3.95 -98.58
N PRO VA 61 20.24 3.81 -98.81
CA PRO VA 61 19.77 3.13 -100.01
C PRO VA 61 20.13 3.89 -101.27
N ARG VA 62 20.36 3.12 -102.32
CA ARG VA 62 20.61 3.68 -103.64
C ARG VA 62 19.31 3.70 -104.44
N ALA VA 63 18.39 4.54 -103.98
CA ALA VA 63 17.11 4.72 -104.63
C ALA VA 63 16.89 6.20 -104.88
N ILE VA 64 16.47 6.55 -106.09
CA ILE VA 64 16.19 7.92 -106.47
C ILE VA 64 14.68 8.09 -106.52
N LEU VA 65 14.16 9.00 -105.70
CA LEU VA 65 12.72 9.22 -105.60
C LEU VA 65 12.35 10.44 -106.43
N MET VA 66 11.46 10.24 -107.41
CA MET VA 66 11.23 11.25 -108.42
C MET VA 66 9.76 11.33 -108.77
N ASP VA 67 9.20 12.53 -108.67
CA ASP VA 67 7.79 12.77 -108.97
C ASP VA 67 7.59 14.27 -109.14
N LEU VA 68 6.41 14.63 -109.65
CA LEU VA 68 6.08 16.02 -109.95
C LEU VA 68 5.04 16.60 -109.02
N GLU VA 69 4.62 15.86 -107.99
CA GLU VA 69 3.65 16.36 -107.02
C GLU VA 69 4.26 16.14 -105.65
N PRO VA 70 4.42 17.18 -104.82
CA PRO VA 70 5.28 17.06 -103.65
C PRO VA 70 4.68 16.30 -102.50
N GLY VA 71 3.43 15.88 -102.60
CA GLY VA 71 2.78 15.23 -101.48
C GLY VA 71 3.35 13.84 -101.17
N THR VA 72 3.63 13.07 -102.21
CA THR VA 72 3.94 11.66 -101.98
C THR VA 72 5.34 11.47 -101.42
N MET VA 73 6.28 12.36 -101.75
CA MET VA 73 7.61 12.27 -101.13
C MET VA 73 7.56 12.58 -99.64
N ASP VA 74 6.74 13.56 -99.26
CA ASP VA 74 6.55 13.81 -97.83
C ASP VA 74 5.81 12.65 -97.18
N SER VA 75 4.99 11.93 -97.94
CA SER VA 75 4.35 10.74 -97.41
C SER VA 75 5.37 9.64 -97.17
N VAL VA 76 6.36 9.51 -98.04
CA VAL VA 76 7.36 8.47 -97.88
C VAL VA 76 8.25 8.77 -96.68
N ARG VA 77 8.63 10.04 -96.51
CA ARG VA 77 9.44 10.43 -95.35
C ARG VA 77 8.69 10.20 -94.06
N ALA VA 78 7.40 10.53 -94.03
CA ALA VA 78 6.61 10.38 -92.83
C ALA VA 78 6.37 8.93 -92.47
N GLY VA 79 6.46 8.03 -93.43
CA GLY VA 79 6.27 6.63 -93.17
C GLY VA 79 7.45 6.05 -92.44
N PRO VA 80 7.30 4.83 -91.93
CA PRO VA 80 8.44 4.15 -91.34
C PRO VA 80 9.41 3.66 -92.40
N PHE VA 81 10.66 3.48 -91.97
CA PHE VA 81 11.79 3.20 -92.85
C PHE VA 81 11.91 4.29 -93.92
N GLY VA 82 11.63 5.52 -93.52
CA GLY VA 82 11.59 6.61 -94.48
C GLY VA 82 12.76 7.57 -94.33
N GLN VA 83 13.48 7.45 -93.21
CA GLN VA 83 14.66 8.26 -93.00
C GLN VA 83 15.89 7.68 -93.68
N LEU VA 84 15.76 6.51 -94.30
CA LEU VA 84 16.90 5.86 -94.94
C LEU VA 84 17.38 6.65 -96.14
N PHE VA 85 16.46 7.18 -96.93
CA PHE VA 85 16.83 7.83 -98.18
C PHE VA 85 17.52 9.17 -97.94
N ARG VA 86 18.38 9.55 -98.89
CA ARG VA 86 19.12 10.80 -98.81
C ARG VA 86 18.26 11.95 -99.31
N PRO VA 87 18.18 13.07 -98.57
CA PRO VA 87 17.33 14.19 -99.02
C PRO VA 87 17.79 14.80 -100.32
N ASP VA 88 19.06 14.68 -100.67
CA ASP VA 88 19.51 15.13 -101.97
C ASP VA 88 18.99 14.24 -103.09
N ASN VA 89 18.65 12.99 -102.77
CA ASN VA 89 18.11 12.11 -103.79
C ASN VA 89 16.66 12.40 -104.10
N PHE VA 90 15.96 13.11 -103.22
CA PHE VA 90 14.58 13.48 -103.49
C PHE VA 90 14.54 14.59 -104.53
N VAL VA 91 13.91 14.35 -105.65
CA VAL VA 91 13.72 15.37 -106.66
C VAL VA 91 12.22 15.59 -106.82
N PHE VA 92 11.69 16.59 -106.13
CA PHE VA 92 10.26 16.87 -106.13
C PHE VA 92 9.83 17.49 -107.45
N GLY VA 93 8.53 17.71 -107.56
CA GLY VA 93 8.00 18.67 -108.50
C GLY VA 93 6.83 19.39 -107.84
N GLN VA 94 6.39 20.48 -108.49
CA GLN VA 94 5.34 21.28 -107.91
C GLN VA 94 4.12 21.47 -108.79
N THR VA 95 4.24 21.28 -110.10
CA THR VA 95 3.07 21.43 -110.95
C THR VA 95 2.10 20.28 -110.78
N GLY VA 96 2.61 19.07 -110.79
CA GLY VA 96 1.74 17.91 -110.73
C GLY VA 96 1.40 17.50 -112.14
N ALA VA 97 1.90 16.35 -112.58
CA ALA VA 97 1.58 15.87 -113.92
C ALA VA 97 0.17 15.35 -113.86
N GLY VA 98 -0.77 16.16 -114.31
CA GLY VA 98 -2.16 15.88 -114.04
C GLY VA 98 -2.72 14.75 -114.87
N ASN VA 99 -2.13 13.56 -114.73
CA ASN VA 99 -2.56 12.33 -115.37
C ASN VA 99 -2.64 12.45 -116.88
N ASN VA 100 -1.89 13.39 -117.43
CA ASN VA 100 -1.81 13.62 -118.86
C ASN VA 100 -0.43 13.15 -119.28
N TRP VA 101 -0.39 12.08 -120.08
CA TRP VA 101 0.89 11.41 -120.35
C TRP VA 101 1.86 12.34 -121.06
N ALA VA 102 1.34 13.25 -121.88
CA ALA VA 102 2.21 14.20 -122.55
C ALA VA 102 2.88 15.11 -121.55
N LYS VA 103 2.14 15.60 -120.56
CA LYS VA 103 2.74 16.62 -119.72
C LYS VA 103 3.62 16.03 -118.64
N GLY VA 104 3.48 14.74 -118.35
CA GLY VA 104 4.47 14.11 -117.51
C GLY VA 104 5.75 13.79 -118.24
N HIS VA 105 5.73 13.84 -119.56
CA HIS VA 105 6.82 13.39 -120.41
C HIS VA 105 7.51 14.55 -121.12
N TYR VA 106 6.79 15.61 -121.45
CA TYR VA 106 7.35 16.82 -122.05
C TYR VA 106 7.18 18.07 -121.22
N THR VA 107 5.95 18.42 -120.86
CA THR VA 107 5.61 19.80 -120.50
C THR VA 107 6.28 20.23 -119.21
N GLU VA 108 6.01 19.54 -118.12
CA GLU VA 108 6.86 19.70 -116.96
C GLU VA 108 7.66 18.44 -116.73
N GLY VA 109 7.52 17.47 -117.63
CA GLY VA 109 8.40 16.31 -117.59
C GLY VA 109 9.85 16.67 -117.88
N ALA VA 110 10.06 17.60 -118.80
CA ALA VA 110 11.42 17.92 -119.22
C ALA VA 110 12.21 18.68 -118.17
N GLU VA 111 11.55 19.46 -117.32
CA GLU VA 111 12.26 20.35 -116.42
C GLU VA 111 12.78 19.67 -115.17
N LEU VA 112 12.56 18.39 -114.99
CA LEU VA 112 13.20 17.69 -113.89
C LEU VA 112 14.17 16.61 -114.38
N ILE VA 113 14.16 16.30 -115.68
CA ILE VA 113 15.14 15.39 -116.29
C ILE VA 113 16.56 15.82 -115.99
N ASP VA 114 16.82 17.12 -116.02
CA ASP VA 114 18.17 17.60 -115.73
C ASP VA 114 18.57 17.26 -114.30
N SER VA 115 17.65 17.41 -113.35
CA SER VA 115 18.02 17.16 -111.96
C SER VA 115 18.02 15.67 -111.65
N VAL VA 116 17.11 14.91 -112.28
CA VAL VA 116 17.02 13.50 -111.92
C VAL VA 116 18.11 12.70 -112.64
N LEU VA 117 18.54 13.12 -113.83
CA LEU VA 117 19.66 12.44 -114.45
C LEU VA 117 20.97 12.82 -113.78
N ASP VA 118 21.04 14.02 -113.22
CA ASP VA 118 22.27 14.44 -112.57
C ASP VA 118 22.48 13.67 -111.27
N VAL VA 119 21.41 13.32 -110.58
CA VAL VA 119 21.60 12.63 -109.31
C VAL VA 119 21.79 11.14 -109.55
N VAL VA 120 21.27 10.60 -110.64
CA VAL VA 120 21.52 9.18 -110.88
C VAL VA 120 22.90 8.99 -111.45
N ARG VA 121 23.42 10.00 -112.18
CA ARG VA 121 24.79 9.94 -112.67
C ARG VA 121 25.77 9.94 -111.53
N LYS VA 122 25.52 10.76 -110.51
CA LYS VA 122 26.38 10.82 -109.35
C LYS VA 122 26.40 9.48 -108.62
N GLU VA 123 25.24 8.83 -108.55
CA GLU VA 123 25.17 7.51 -107.95
C GLU VA 123 25.85 6.47 -108.81
N ALA VA 124 25.74 6.58 -110.14
CA ALA VA 124 26.18 5.53 -111.05
C ALA VA 124 27.69 5.48 -111.22
N GLU VA 125 28.35 6.63 -111.29
CA GLU VA 125 29.78 6.66 -111.59
C GLU VA 125 30.66 6.52 -110.36
N GLY VA 126 30.12 6.72 -109.15
CA GLY VA 126 30.96 6.64 -107.97
C GLY VA 126 31.30 5.24 -107.55
N CYS VA 127 30.61 4.25 -108.09
CA CYS VA 127 30.72 2.88 -107.64
C CYS VA 127 31.84 2.13 -108.33
N ASP VA 128 31.81 0.80 -108.25
CA ASP VA 128 32.78 -0.02 -108.93
C ASP VA 128 32.51 0.02 -110.43
N CYS VA 129 31.46 -0.68 -110.84
CA CYS VA 129 30.86 -0.73 -112.16
C CYS VA 129 29.52 -1.44 -112.01
N LEU VA 130 28.43 -0.79 -112.39
CA LEU VA 130 27.10 -1.25 -112.03
C LEU VA 130 26.63 -2.38 -112.94
N GLN VA 131 25.46 -2.91 -112.63
CA GLN VA 131 24.87 -4.02 -113.35
C GLN VA 131 23.53 -3.65 -113.98
N GLY VA 132 22.60 -3.10 -113.21
CA GLY VA 132 21.27 -2.92 -113.74
C GLY VA 132 20.49 -1.86 -113.00
N PHE VA 133 19.28 -1.60 -113.51
CA PHE VA 133 18.48 -0.45 -113.12
C PHE VA 133 17.05 -0.94 -112.92
N GLN VA 134 16.66 -1.24 -111.69
CA GLN VA 134 15.27 -1.58 -111.44
C GLN VA 134 14.49 -0.32 -111.11
N ILE VA 135 13.33 -0.16 -111.74
CA ILE VA 135 12.48 0.99 -111.51
C ILE VA 135 11.08 0.49 -111.16
N THR VA 136 10.36 1.28 -110.38
CA THR VA 136 9.01 0.95 -109.95
C THR VA 136 8.07 2.05 -110.38
N HIS VA 137 7.08 1.72 -111.18
CA HIS VA 137 6.23 2.75 -111.76
C HIS VA 137 4.91 2.11 -112.17
N SER VA 138 4.05 2.91 -112.80
CA SER VA 138 2.69 2.53 -113.14
C SER VA 138 2.40 2.91 -114.57
N LEU VA 139 1.72 2.05 -115.30
CA LEU VA 139 1.40 2.38 -116.68
C LEU VA 139 0.01 2.95 -116.84
N GLY VA 140 -0.71 3.21 -115.75
CA GLY VA 140 -2.01 3.84 -115.86
C GLY VA 140 -1.98 5.33 -115.69
N GLY VA 141 -1.25 5.80 -114.70
CA GLY VA 141 -1.22 7.21 -114.37
C GLY VA 141 -0.35 8.01 -115.31
N GLY VA 142 -0.19 9.29 -114.96
CA GLY VA 142 0.50 10.20 -115.83
C GLY VA 142 1.98 10.36 -115.52
N THR VA 143 2.29 10.74 -114.28
CA THR VA 143 3.69 10.94 -113.93
C THR VA 143 4.44 9.63 -113.74
N GLY VA 144 3.74 8.53 -113.50
CA GLY VA 144 4.41 7.24 -113.49
C GLY VA 144 4.81 6.80 -114.88
N SER VA 145 3.95 7.07 -115.85
CA SER VA 145 4.15 6.58 -117.20
C SER VA 145 4.76 7.61 -118.13
N GLY VA 146 4.80 8.87 -117.74
CA GLY VA 146 5.53 9.85 -118.52
C GLY VA 146 6.91 10.15 -117.98
N MET VA 147 6.95 10.47 -116.69
CA MET VA 147 8.14 11.06 -116.11
C MET VA 147 9.20 10.00 -115.89
N GLY VA 148 8.77 8.80 -115.50
CA GLY VA 148 9.72 7.71 -115.32
C GLY VA 148 10.09 7.03 -116.63
N THR VA 149 9.16 7.02 -117.58
CA THR VA 149 9.44 6.34 -118.85
C THR VA 149 10.35 7.18 -119.73
N LEU VA 150 10.32 8.51 -119.56
CA LEU VA 150 11.37 9.30 -120.17
C LEU VA 150 12.70 9.07 -119.47
N LEU VA 151 12.67 8.82 -118.17
CA LEU VA 151 13.88 8.43 -117.47
C LEU VA 151 14.39 7.09 -117.97
N ILE VA 152 13.51 6.26 -118.51
CA ILE VA 152 13.95 5.03 -119.15
C ILE VA 152 14.78 5.37 -120.39
N SER VA 153 14.25 6.22 -121.25
CA SER VA 153 14.86 6.41 -122.57
C SER VA 153 16.13 7.23 -122.47
N LYS VA 154 16.18 8.17 -121.53
CA LYS VA 154 17.38 8.98 -121.37
C LYS VA 154 18.50 8.17 -120.72
N VAL VA 155 18.15 7.24 -119.84
CA VAL VA 155 19.18 6.39 -119.26
C VAL VA 155 19.68 5.34 -120.24
N ARG VA 156 18.78 4.71 -121.01
CA ARG VA 156 19.22 3.62 -121.89
C ARG VA 156 20.08 4.11 -123.04
N GLU VA 157 19.84 5.31 -123.57
CA GLU VA 157 20.80 5.86 -124.51
C GLU VA 157 22.10 6.22 -123.82
N GLU VA 158 22.06 6.50 -122.52
CA GLU VA 158 23.28 6.83 -121.81
C GLU VA 158 24.10 5.60 -121.51
N TYR VA 159 23.46 4.54 -121.02
CA TYR VA 159 24.12 3.25 -120.85
C TYR VA 159 23.46 2.23 -121.75
N PRO VA 160 24.03 1.89 -122.88
CA PRO VA 160 23.30 1.07 -123.85
C PRO VA 160 23.40 -0.41 -123.56
N ASP VA 161 24.49 -0.84 -122.92
CA ASP VA 161 24.75 -2.26 -122.75
C ASP VA 161 24.27 -2.84 -121.43
N ARG VA 162 24.05 -2.01 -120.42
CA ARG VA 162 23.63 -2.54 -119.13
C ARG VA 162 22.14 -2.89 -119.14
N ILE VA 163 21.77 -3.79 -118.23
CA ILE VA 163 20.43 -4.35 -118.16
C ILE VA 163 19.58 -3.34 -117.38
N MET VA 164 18.26 -3.38 -117.53
CA MET VA 164 17.38 -2.63 -116.64
C MET VA 164 16.01 -3.28 -116.62
N GLU VA 165 15.36 -3.26 -115.46
CA GLU VA 165 14.07 -3.92 -115.30
C GLU VA 165 13.04 -2.96 -114.74
N THR VA 166 11.78 -3.26 -115.02
CA THR VA 166 10.64 -2.45 -114.62
C THR VA 166 9.65 -3.37 -113.92
N PHE VA 167 9.12 -2.93 -112.78
CA PHE VA 167 8.03 -3.64 -112.11
C PHE VA 167 6.81 -2.73 -112.21
N SER VA 168 6.10 -2.84 -113.32
CA SER VA 168 5.05 -1.90 -113.67
C SER VA 168 3.68 -2.51 -113.47
N VAL VA 169 2.78 -1.76 -112.85
CA VAL VA 169 1.40 -2.19 -112.76
C VAL VA 169 0.70 -1.79 -114.04
N PHE VA 170 -0.42 -2.41 -114.31
CA PHE VA 170 -1.12 -2.26 -115.57
C PHE VA 170 -2.55 -1.80 -115.34
N PRO VA 171 -3.24 -1.35 -116.38
CA PRO VA 171 -4.69 -1.17 -116.27
C PRO VA 171 -5.39 -2.47 -115.94
N SER VA 172 -6.34 -2.39 -115.02
CA SER VA 172 -7.12 -3.56 -114.66
C SER VA 172 -8.13 -3.87 -115.74
N PRO VA 173 -8.45 -5.15 -115.93
CA PRO VA 173 -9.50 -5.50 -116.90
C PRO VA 173 -10.89 -5.05 -116.50
N LYS VA 174 -11.30 -5.30 -115.26
CA LYS VA 174 -12.69 -5.10 -114.89
C LYS VA 174 -13.01 -3.63 -114.69
N VAL VA 175 -12.36 -3.00 -113.72
CA VAL VA 175 -12.63 -1.61 -113.36
C VAL VA 175 -11.31 -0.86 -113.35
N SER VA 176 -11.28 0.26 -114.07
CA SER VA 176 -10.07 1.07 -114.16
C SER VA 176 -10.19 2.29 -113.28
N ASP VA 177 -9.06 2.76 -112.79
CA ASP VA 177 -8.96 4.10 -112.25
C ASP VA 177 -8.43 5.00 -113.38
N THR VA 178 -8.25 6.31 -113.12
CA THR VA 178 -7.65 7.27 -114.05
C THR VA 178 -8.09 7.16 -115.51
N VAL VA 179 -9.34 7.54 -115.82
CA VAL VA 179 -10.09 7.04 -116.97
C VAL VA 179 -9.36 7.15 -118.31
N VAL VA 180 -8.32 7.99 -118.40
CA VAL VA 180 -7.46 7.85 -119.56
C VAL VA 180 -6.33 6.88 -119.24
N GLU VA 181 -6.66 5.61 -119.08
CA GLU VA 181 -5.66 4.56 -119.14
C GLU VA 181 -5.38 4.03 -120.53
N PRO VA 182 -6.38 3.80 -121.42
CA PRO VA 182 -6.03 3.25 -122.74
C PRO VA 182 -5.08 4.12 -123.53
N TYR VA 183 -5.15 5.43 -123.36
CA TYR VA 183 -4.15 6.28 -123.97
C TYR VA 183 -2.82 6.15 -123.26
N ASN VA 184 -2.83 6.00 -121.94
CA ASN VA 184 -1.58 5.95 -121.19
C ASN VA 184 -0.81 4.66 -121.46
N ALA VA 185 -1.49 3.51 -121.40
CA ALA VA 185 -0.79 2.24 -121.51
C ALA VA 185 -0.27 2.00 -122.92
N THR VA 186 -1.04 2.40 -123.93
CA THR VA 186 -0.60 2.20 -125.30
C THR VA 186 0.52 3.15 -125.68
N LEU VA 187 0.51 4.36 -125.12
CA LEU VA 187 1.63 5.26 -125.35
C LEU VA 187 2.83 4.90 -124.51
N SER VA 188 2.67 4.07 -123.50
CA SER VA 188 3.82 3.64 -122.71
C SER VA 188 4.30 2.25 -123.07
N VAL VA 189 3.53 1.49 -123.85
CA VAL VA 189 4.02 0.18 -124.26
C VAL VA 189 5.02 0.32 -125.40
N HIS VA 190 4.88 1.36 -126.23
CA HIS VA 190 5.79 1.50 -127.36
C HIS VA 190 7.00 2.36 -127.03
N GLN VA 191 7.15 2.77 -125.77
CA GLN VA 191 8.47 3.08 -125.25
C GLN VA 191 9.10 1.91 -124.51
N LEU VA 192 8.30 1.01 -123.97
CA LEU VA 192 8.87 -0.12 -123.24
C LEU VA 192 9.41 -1.17 -124.18
N VAL VA 193 8.76 -1.40 -125.33
CA VAL VA 193 9.27 -2.40 -126.24
C VAL VA 193 10.57 -1.95 -126.89
N GLU VA 194 10.83 -0.65 -126.93
CA GLU VA 194 12.05 -0.17 -127.53
C GLU VA 194 13.18 -0.02 -126.53
N ASN VA 195 12.87 0.21 -125.26
CA ASN VA 195 13.89 0.65 -124.32
C ASN VA 195 13.80 -0.06 -122.98
N ALA VA 196 13.21 -1.26 -122.95
CA ALA VA 196 13.14 -1.99 -121.69
C ALA VA 196 13.49 -3.45 -121.92
N ASP VA 197 14.15 -4.04 -120.93
CA ASP VA 197 14.69 -5.38 -121.03
C ASP VA 197 13.75 -6.43 -120.48
N GLU VA 198 13.18 -6.21 -119.30
CA GLU VA 198 12.12 -7.08 -118.84
C GLU VA 198 11.10 -6.25 -118.09
N VAL VA 199 9.84 -6.48 -118.40
CA VAL VA 199 8.72 -5.74 -117.83
C VAL VA 199 7.88 -6.74 -117.08
N GLN VA 200 8.00 -6.75 -115.76
CA GLN VA 200 7.26 -7.67 -114.92
C GLN VA 200 5.91 -7.06 -114.59
N VAL VA 201 4.84 -7.62 -115.14
CA VAL VA 201 3.53 -7.01 -115.02
C VAL VA 201 2.92 -7.40 -113.69
N ILE VA 202 2.30 -6.42 -113.05
CA ILE VA 202 1.42 -6.60 -111.90
C ILE VA 202 0.05 -6.09 -112.32
N ASP VA 203 -1.00 -6.77 -111.93
CA ASP VA 203 -2.33 -6.28 -112.26
C ASP VA 203 -3.19 -6.26 -111.01
N ASN VA 204 -3.89 -5.15 -110.81
CA ASN VA 204 -4.45 -4.87 -109.50
C ASN VA 204 -5.65 -5.75 -109.17
N GLU VA 205 -6.45 -6.11 -110.17
CA GLU VA 205 -7.64 -6.87 -109.84
C GLU VA 205 -7.29 -8.31 -109.52
N ALA VA 206 -6.17 -8.79 -110.06
CA ALA VA 206 -5.74 -10.14 -109.72
C ALA VA 206 -5.15 -10.18 -108.33
N LEU VA 207 -4.56 -9.08 -107.91
CA LEU VA 207 -3.98 -9.01 -106.58
C LEU VA 207 -5.06 -9.10 -105.51
N TYR VA 208 -6.22 -8.52 -105.80
CA TYR VA 208 -7.35 -8.68 -104.90
C TYR VA 208 -7.87 -10.11 -104.92
N ASP VA 209 -7.79 -10.77 -106.07
CA ASP VA 209 -8.21 -12.17 -106.15
C ASP VA 209 -7.29 -13.07 -105.35
N ILE VA 210 -6.02 -12.68 -105.20
CA ILE VA 210 -5.14 -13.36 -104.26
C ILE VA 210 -5.63 -13.16 -102.84
N CYS VA 211 -6.07 -11.94 -102.52
CA CYS VA 211 -6.64 -11.70 -101.22
C CYS VA 211 -8.06 -12.24 -101.09
N PHE VA 212 -8.74 -12.52 -102.21
CA PHE VA 212 -10.00 -13.25 -102.14
C PHE VA 212 -9.77 -14.65 -101.60
N ARG VA 213 -9.06 -15.48 -102.36
CA ARG VA 213 -9.03 -16.91 -102.08
C ARG VA 213 -7.81 -17.34 -101.29
N THR VA 214 -6.61 -17.18 -101.86
CA THR VA 214 -5.44 -17.85 -101.31
C THR VA 214 -4.97 -17.27 -100.00
N LEU VA 215 -5.43 -16.07 -99.64
CA LEU VA 215 -5.13 -15.52 -98.33
C LEU VA 215 -6.34 -15.48 -97.42
N LYS VA 216 -7.54 -15.40 -98.00
CA LYS VA 216 -8.79 -15.19 -97.26
C LYS VA 216 -8.68 -14.00 -96.33
N LEU VA 217 -8.13 -12.92 -96.84
CA LEU VA 217 -8.11 -11.68 -96.06
C LEU VA 217 -9.45 -10.98 -96.19
N THR VA 218 -9.73 -10.09 -95.24
CA THR VA 218 -11.00 -9.37 -95.21
C THR VA 218 -10.89 -7.94 -95.75
N THR VA 219 -10.04 -7.12 -95.13
CA THR VA 219 -9.93 -5.69 -95.45
C THR VA 219 -8.48 -5.37 -95.77
N PRO VA 220 -8.04 -5.64 -97.00
CA PRO VA 220 -6.67 -5.32 -97.37
C PRO VA 220 -6.48 -3.90 -97.86
N THR VA 221 -5.68 -3.12 -97.14
CA THR VA 221 -5.38 -1.75 -97.52
C THR VA 221 -4.26 -1.76 -98.56
N TYR VA 222 -3.73 -0.59 -98.90
CA TYR VA 222 -2.56 -0.55 -99.76
C TYR VA 222 -1.26 -0.87 -99.03
N GLY VA 223 -1.34 -1.30 -97.79
CA GLY VA 223 -0.17 -1.84 -97.12
C GLY VA 223 0.14 -3.24 -97.59
N ASP VA 224 -0.81 -4.16 -97.42
CA ASP VA 224 -0.53 -5.55 -97.71
C ASP VA 224 -0.67 -5.91 -99.19
N LEU VA 225 -1.31 -5.07 -100.00
CA LEU VA 225 -1.22 -5.27 -101.44
C LEU VA 225 0.19 -5.00 -101.93
N ASN VA 226 0.79 -3.92 -101.46
CA ASN VA 226 2.14 -3.59 -101.89
C ASN VA 226 3.15 -4.52 -101.22
N HIS VA 227 2.80 -5.07 -100.07
CA HIS VA 227 3.72 -5.94 -99.34
C HIS VA 227 3.88 -7.28 -100.05
N LEU VA 228 2.83 -7.75 -100.71
CA LEU VA 228 2.95 -8.98 -101.47
C LEU VA 228 3.60 -8.77 -102.83
N VAL VA 229 3.52 -7.58 -103.42
CA VAL VA 229 4.28 -7.32 -104.65
C VAL VA 229 5.76 -7.22 -104.31
N SER VA 230 6.09 -6.63 -103.17
CA SER VA 230 7.47 -6.55 -102.75
C SER VA 230 8.08 -7.93 -102.47
N ALA VA 231 7.25 -8.92 -102.15
CA ALA VA 231 7.77 -10.27 -101.99
C ALA VA 231 8.28 -10.80 -103.32
N ALA VA 232 7.56 -10.53 -104.39
CA ALA VA 232 8.03 -10.96 -105.70
C ALA VA 232 9.23 -10.14 -106.13
N MET VA 233 9.30 -8.88 -105.69
CA MET VA 233 10.43 -8.04 -106.03
C MET VA 233 11.71 -8.56 -105.41
N SER VA 234 11.65 -8.96 -104.14
CA SER VA 234 12.80 -9.47 -103.43
C SER VA 234 13.21 -10.85 -103.93
N GLY VA 235 12.27 -11.59 -104.51
CA GLY VA 235 12.59 -12.91 -104.99
C GLY VA 235 13.42 -12.93 -106.25
N VAL VA 236 13.29 -11.91 -107.09
CA VAL VA 236 13.98 -11.95 -108.37
C VAL VA 236 15.42 -11.51 -108.19
N THR VA 237 15.73 -10.82 -107.11
CA THR VA 237 17.10 -10.39 -106.85
C THR VA 237 17.59 -11.05 -105.56
N CYS VA 238 16.89 -12.10 -105.13
CA CYS VA 238 17.36 -12.87 -103.99
C CYS VA 238 18.66 -13.56 -104.29
N CYS VA 239 18.78 -14.10 -105.49
CA CYS VA 239 19.90 -14.97 -105.80
C CYS VA 239 21.19 -14.20 -106.05
N LEU VA 240 21.09 -12.90 -106.36
CA LEU VA 240 22.30 -12.08 -106.43
C LEU VA 240 22.86 -11.83 -105.06
N ARG VA 241 21.99 -11.54 -104.09
CA ARG VA 241 22.43 -11.06 -102.80
C ARG VA 241 23.04 -12.16 -101.95
N PHE VA 242 22.66 -13.40 -102.18
CA PHE VA 242 23.06 -14.47 -101.29
C PHE VA 242 23.63 -15.64 -102.08
N PRO VA 243 24.47 -16.46 -101.45
CA PRO VA 243 24.97 -17.65 -102.14
C PRO VA 243 23.93 -18.73 -102.29
N GLY VA 244 24.30 -19.84 -102.91
CA GLY VA 244 23.37 -20.94 -103.04
C GLY VA 244 24.00 -22.11 -103.75
N GLN VA 245 23.20 -23.15 -103.93
CA GLN VA 245 23.68 -24.33 -104.62
C GLN VA 245 23.74 -24.12 -106.12
N LEU VA 246 22.90 -23.23 -106.66
CA LEU VA 246 22.94 -22.90 -108.08
C LEU VA 246 22.62 -21.43 -108.21
N ASN VA 247 23.65 -20.60 -108.34
CA ASN VA 247 23.46 -19.17 -108.28
C ASN VA 247 23.07 -18.60 -109.64
N SER VA 248 22.15 -17.63 -109.63
CA SER VA 248 21.67 -17.02 -110.85
C SER VA 248 21.53 -15.52 -110.67
N ASP VA 249 21.82 -14.80 -111.75
CA ASP VA 249 21.88 -13.35 -111.74
C ASP VA 249 20.69 -12.81 -112.52
N LEU VA 250 20.52 -11.48 -112.44
CA LEU VA 250 19.45 -10.84 -113.19
C LEU VA 250 19.69 -10.95 -114.67
N ARG VA 251 20.94 -10.82 -115.10
CA ARG VA 251 21.23 -10.92 -116.52
C ARG VA 251 21.13 -12.35 -117.01
N LYS VA 252 21.43 -13.32 -116.14
CA LYS VA 252 21.35 -14.72 -116.55
C LYS VA 252 19.90 -15.17 -116.65
N LEU VA 253 19.02 -14.57 -115.86
CA LEU VA 253 17.59 -14.79 -116.06
C LEU VA 253 17.13 -14.19 -117.36
N ALA VA 254 17.75 -13.11 -117.80
CA ALA VA 254 17.34 -12.50 -119.06
C ALA VA 254 17.88 -13.26 -120.26
N VAL VA 255 19.00 -13.96 -120.09
CA VAL VA 255 19.61 -14.71 -121.20
C VAL VA 255 18.68 -15.81 -121.66
N ASN VA 256 18.08 -16.52 -120.72
CA ASN VA 256 17.33 -17.71 -121.03
C ASN VA 256 15.82 -17.53 -120.97
N LEU VA 257 15.32 -16.32 -120.79
CA LEU VA 257 13.88 -16.16 -120.74
C LEU VA 257 13.30 -15.44 -121.95
N ILE VA 258 14.05 -14.53 -122.56
CA ILE VA 258 13.54 -13.69 -123.63
C ILE VA 258 13.98 -14.33 -124.95
N PRO VA 259 13.11 -15.00 -125.66
CA PRO VA 259 13.55 -15.83 -126.80
C PRO VA 259 13.81 -15.01 -128.06
N PHE VA 260 13.14 -13.88 -128.16
CA PHE VA 260 13.19 -12.96 -129.29
C PHE VA 260 13.14 -11.56 -128.71
N PRO VA 261 13.79 -10.58 -129.33
CA PRO VA 261 14.07 -9.31 -128.64
C PRO VA 261 12.85 -8.54 -128.20
N ARG VA 262 11.68 -8.80 -128.77
CA ARG VA 262 10.54 -7.96 -128.49
C ARG VA 262 9.75 -8.45 -127.28
N LEU VA 263 9.26 -9.67 -127.32
CA LEU VA 263 8.32 -10.15 -126.31
C LEU VA 263 9.10 -10.41 -125.03
N HIS VA 264 9.09 -9.43 -124.13
CA HIS VA 264 9.76 -9.57 -122.84
C HIS VA 264 8.89 -9.04 -121.72
N PHE VA 265 7.64 -9.45 -121.67
CA PHE VA 265 6.75 -9.15 -120.56
C PHE VA 265 6.51 -10.39 -119.74
N PHE VA 266 6.50 -10.25 -118.43
CA PHE VA 266 6.60 -11.40 -117.54
C PHE VA 266 5.45 -11.45 -116.54
N LEU VA 267 4.83 -12.62 -116.43
CA LEU VA 267 3.86 -12.91 -115.39
C LEU VA 267 4.58 -13.41 -114.14
N ILE VA 268 4.16 -12.92 -112.99
CA ILE VA 268 4.89 -13.20 -111.76
C ILE VA 268 3.99 -14.01 -110.85
N GLY VA 269 4.60 -14.83 -110.01
CA GLY VA 269 3.85 -15.61 -109.03
C GLY VA 269 4.70 -15.86 -107.82
N PHE VA 270 4.04 -15.95 -106.66
CA PHE VA 270 4.73 -16.15 -105.41
C PHE VA 270 4.05 -17.28 -104.65
N ALA VA 271 4.85 -18.18 -104.10
CA ALA VA 271 4.38 -19.26 -103.27
C ALA VA 271 5.33 -19.40 -102.08
N PRO VA 272 4.82 -19.74 -100.89
CA PRO VA 272 3.45 -20.05 -100.53
C PRO VA 272 2.57 -18.83 -100.28
N LEU VA 273 1.29 -18.95 -100.59
CA LEU VA 273 0.28 -17.98 -100.20
C LEU VA 273 -0.81 -18.75 -99.49
N THR VA 274 -0.78 -18.69 -98.16
CA THR VA 274 -1.64 -19.50 -97.30
C THR VA 274 -2.57 -18.59 -96.51
N SER VA 275 -3.82 -19.01 -96.37
CA SER VA 275 -4.67 -18.36 -95.38
C SER VA 275 -4.17 -18.69 -93.99
N ARG VA 276 -4.49 -17.82 -93.04
CA ARG VA 276 -3.98 -18.01 -91.68
C ARG VA 276 -4.64 -19.18 -90.99
N GLY VA 277 -5.88 -19.51 -91.36
CA GLY VA 277 -6.49 -20.71 -90.82
C GLY VA 277 -5.81 -21.98 -91.29
N SER VA 278 -5.53 -22.06 -92.57
CA SER VA 278 -4.96 -23.27 -93.15
C SER VA 278 -3.44 -23.34 -93.00
N GLN VA 279 -2.84 -22.40 -92.27
CA GLN VA 279 -1.39 -22.38 -92.16
C GLN VA 279 -0.89 -23.55 -91.34
N GLN VA 280 -1.69 -24.04 -90.41
CA GLN VA 280 -1.28 -25.18 -89.61
C GLN VA 280 -1.39 -26.50 -90.36
N TYR VA 281 -2.35 -26.62 -91.28
CA TYR VA 281 -2.72 -27.91 -91.83
C TYR VA 281 -2.09 -28.16 -93.18
N ARG VA 282 -0.89 -27.65 -93.42
CA ARG VA 282 -0.36 -27.61 -94.78
C ARG VA 282 1.07 -28.10 -94.80
N ALA VA 283 1.38 -28.98 -95.74
CA ALA VA 283 2.74 -29.48 -95.90
C ALA VA 283 3.49 -28.62 -96.89
N LEU VA 284 4.60 -28.04 -96.45
CA LEU VA 284 5.40 -27.14 -97.27
C LEU VA 284 6.53 -27.96 -97.85
N SER VA 285 6.29 -28.51 -99.03
CA SER VA 285 7.24 -29.41 -99.65
C SER VA 285 7.46 -28.98 -101.09
N VAL VA 286 8.63 -29.34 -101.60
CA VAL VA 286 8.96 -29.02 -102.99
C VAL VA 286 7.96 -29.56 -104.00
N PRO VA 287 7.43 -30.79 -103.88
CA PRO VA 287 6.34 -31.16 -104.79
C PRO VA 287 5.03 -30.48 -104.48
N GLU VA 288 4.92 -29.78 -103.35
CA GLU VA 288 3.69 -29.05 -103.08
C GLU VA 288 3.77 -27.59 -103.52
N LEU VA 289 4.94 -26.96 -103.33
CA LEU VA 289 5.14 -25.60 -103.82
C LEU VA 289 5.00 -25.54 -105.33
N THR VA 290 5.45 -26.57 -106.03
CA THR VA 290 5.40 -26.58 -107.48
C THR VA 290 4.00 -26.75 -108.02
N GLN VA 291 3.01 -27.00 -107.17
CA GLN VA 291 1.63 -27.04 -107.64
C GLN VA 291 0.97 -25.68 -107.55
N GLN VA 292 1.30 -24.89 -106.53
CA GLN VA 292 0.96 -23.48 -106.55
C GLN VA 292 1.78 -22.70 -107.56
N MET VA 293 2.85 -23.30 -108.09
CA MET VA 293 3.52 -22.73 -109.25
C MET VA 293 2.54 -22.54 -110.38
N PHE VA 294 1.94 -23.63 -110.85
CA PHE VA 294 1.07 -23.57 -112.00
C PHE VA 294 -0.39 -23.51 -111.57
N ASP VA 295 -0.68 -22.59 -110.67
CA ASP VA 295 -2.05 -22.34 -110.27
C ASP VA 295 -2.50 -21.05 -110.93
N ALA VA 296 -3.52 -21.14 -111.78
CA ALA VA 296 -3.98 -19.97 -112.50
C ALA VA 296 -4.52 -18.90 -111.57
N LYS VA 297 -5.01 -19.31 -110.41
CA LYS VA 297 -5.51 -18.40 -109.41
C LYS VA 297 -4.40 -17.90 -108.50
N ASN VA 298 -3.14 -18.15 -108.82
CA ASN VA 298 -2.04 -17.71 -108.00
C ASN VA 298 -1.20 -16.62 -108.64
N MET VA 299 -1.31 -16.42 -109.95
CA MET VA 299 -0.44 -15.47 -110.62
C MET VA 299 -0.80 -14.04 -110.29
N MET VA 300 0.24 -13.20 -110.21
CA MET VA 300 0.09 -11.79 -109.92
C MET VA 300 -0.60 -11.10 -111.08
N CYS VA 301 -0.34 -11.59 -112.28
CA CYS VA 301 -0.98 -11.18 -113.52
C CYS VA 301 -2.47 -11.46 -113.51
N ALA VA 302 -3.20 -10.70 -114.32
CA ALA VA 302 -4.64 -10.87 -114.41
C ALA VA 302 -5.09 -11.88 -115.45
N SER VA 303 -4.24 -12.20 -116.41
CA SER VA 303 -4.67 -13.06 -117.49
C SER VA 303 -4.86 -14.48 -117.00
N ASP VA 304 -5.60 -15.25 -117.79
CA ASP VA 304 -5.77 -16.67 -117.50
C ASP VA 304 -4.69 -17.45 -118.22
N PRO VA 305 -3.70 -18.01 -117.53
CA PRO VA 305 -2.63 -18.74 -118.22
C PRO VA 305 -3.09 -20.03 -118.85
N ARG VA 306 -4.28 -20.53 -118.53
CA ARG VA 306 -4.74 -21.77 -119.11
C ARG VA 306 -5.21 -21.63 -120.54
N HIS VA 307 -5.38 -20.41 -121.04
CA HIS VA 307 -5.76 -20.20 -122.43
C HIS VA 307 -4.57 -20.09 -123.35
N GLY VA 308 -3.36 -20.30 -122.85
CA GLY VA 308 -2.19 -20.27 -123.68
C GLY VA 308 -1.10 -21.17 -123.14
N ARG VA 309 -0.02 -21.27 -123.89
CA ARG VA 309 1.13 -22.08 -123.54
C ARG VA 309 2.26 -21.17 -123.12
N TYR VA 310 2.89 -21.48 -121.99
CA TYR VA 310 4.06 -20.71 -121.58
C TYR VA 310 5.18 -20.95 -122.57
N LEU VA 311 5.85 -19.88 -122.97
CA LEU VA 311 6.98 -20.07 -123.86
C LEU VA 311 8.22 -20.45 -123.07
N THR VA 312 8.48 -19.73 -121.98
CA THR VA 312 9.64 -20.00 -121.15
C THR VA 312 9.35 -19.46 -119.75
N ALA VA 313 9.55 -20.29 -118.73
CA ALA VA 313 9.29 -19.88 -117.37
C ALA VA 313 10.48 -20.25 -116.49
N SER VA 314 10.68 -19.46 -115.45
CA SER VA 314 11.79 -19.66 -114.55
C SER VA 314 11.28 -19.66 -113.12
N ALA VA 315 12.04 -20.30 -112.23
CA ALA VA 315 11.61 -20.48 -110.85
C ALA VA 315 12.80 -20.30 -109.95
N MET VA 316 12.81 -19.24 -109.15
CA MET VA 316 13.88 -19.00 -108.21
C MET VA 316 13.48 -19.60 -106.87
N PHE VA 317 13.88 -20.83 -106.63
CA PHE VA 317 13.62 -21.45 -105.34
C PHE VA 317 14.53 -20.83 -104.30
N ARG VA 318 14.03 -20.74 -103.07
CA ARG VA 318 14.81 -20.24 -101.97
C ARG VA 318 14.64 -21.20 -100.80
N GLY VA 319 15.74 -21.55 -100.16
CA GLY VA 319 15.71 -22.45 -99.03
C GLY VA 319 16.66 -23.62 -99.23
N ARG VA 320 16.65 -24.51 -98.25
CA ARG VA 320 17.55 -25.65 -98.24
C ARG VA 320 16.76 -26.85 -98.72
N MET VA 321 16.53 -26.91 -100.02
CA MET VA 321 15.80 -28.02 -100.57
C MET VA 321 16.71 -28.91 -101.40
N SER VA 322 16.27 -30.14 -101.59
CA SER VA 322 17.03 -31.13 -102.30
C SER VA 322 16.96 -30.85 -103.79
N THR VA 323 18.10 -31.00 -104.47
CA THR VA 323 18.18 -30.63 -105.87
C THR VA 323 17.39 -31.58 -106.75
N LYS VA 324 17.41 -32.88 -106.43
CA LYS VA 324 16.63 -33.87 -107.18
C LYS VA 324 15.14 -33.60 -107.14
N GLU VA 325 14.63 -33.23 -105.97
CA GLU VA 325 13.19 -33.05 -105.88
C GLU VA 325 12.79 -31.80 -106.65
N VAL VA 326 13.74 -30.89 -106.87
CA VAL VA 326 13.46 -29.72 -107.69
C VAL VA 326 13.29 -30.13 -109.15
N ASP VA 327 14.34 -30.68 -109.75
CA ASP VA 327 14.34 -30.76 -111.21
C ASP VA 327 13.44 -31.88 -111.70
N GLU VA 328 13.16 -32.86 -110.84
CA GLU VA 328 12.17 -33.87 -111.20
C GLU VA 328 10.78 -33.27 -111.19
N GLN VA 329 10.49 -32.40 -110.22
CA GLN VA 329 9.18 -31.78 -110.18
C GLN VA 329 8.98 -30.82 -111.34
N MET VA 330 10.03 -30.17 -111.81
CA MET VA 330 9.94 -29.39 -113.03
C MET VA 330 9.63 -30.28 -114.22
N LEU VA 331 10.21 -31.48 -114.24
CA LEU VA 331 9.85 -32.43 -115.30
C LEU VA 331 8.49 -33.05 -115.03
N ASN VA 332 8.13 -33.19 -113.75
CA ASN VA 332 6.79 -33.65 -113.39
C ASN VA 332 5.74 -32.67 -113.89
N VAL VA 333 5.98 -31.38 -113.72
CA VAL VA 333 4.98 -30.41 -114.12
C VAL VA 333 5.01 -30.21 -115.63
N GLN VA 334 6.09 -30.63 -116.28
CA GLN VA 334 6.17 -30.43 -117.72
C GLN VA 334 5.48 -31.57 -118.48
N ASN VA 335 5.62 -32.81 -117.98
CA ASN VA 335 5.13 -33.96 -118.72
C ASN VA 335 3.61 -34.05 -118.66
N LYS VA 336 3.02 -33.92 -117.48
CA LYS VA 336 1.57 -34.00 -117.39
C LYS VA 336 0.88 -32.73 -117.85
N ASN VA 337 1.49 -31.57 -117.66
CA ASN VA 337 0.94 -30.38 -118.33
C ASN VA 337 1.61 -30.18 -119.68
N SER VA 338 1.66 -31.25 -120.49
CA SER VA 338 2.33 -31.16 -121.78
C SER VA 338 1.58 -30.27 -122.73
N SER VA 339 0.25 -30.29 -122.65
CA SER VA 339 -0.55 -29.45 -123.53
C SER VA 339 -0.49 -27.98 -123.13
N TYR VA 340 0.00 -27.68 -121.92
CA TYR VA 340 0.08 -26.30 -121.47
C TYR VA 340 1.44 -25.67 -121.69
N PHE VA 341 2.40 -26.41 -122.25
CA PHE VA 341 3.62 -25.82 -122.78
C PHE VA 341 3.65 -25.84 -124.28
N VAL VA 342 4.60 -25.09 -124.78
CA VAL VA 342 4.88 -24.98 -126.20
C VAL VA 342 5.84 -26.10 -126.56
N GLU VA 343 5.70 -26.64 -127.77
CA GLU VA 343 6.39 -27.88 -128.10
C GLU VA 343 7.74 -27.66 -128.76
N TRP VA 344 7.90 -26.57 -129.52
CA TRP VA 344 9.14 -26.40 -130.28
C TRP VA 344 10.29 -25.90 -129.43
N ILE VA 345 10.17 -25.88 -128.11
CA ILE VA 345 11.30 -25.73 -127.20
C ILE VA 345 11.32 -26.94 -126.28
N PRO VA 346 12.40 -27.71 -126.24
CA PRO VA 346 12.53 -28.75 -125.21
C PRO VA 346 12.87 -28.12 -123.88
N ASN VA 347 12.40 -28.75 -122.80
CA ASN VA 347 12.76 -28.55 -121.39
C ASN VA 347 12.70 -27.05 -121.02
N ASN VA 348 11.46 -26.55 -121.10
CA ASN VA 348 11.16 -25.12 -120.99
C ASN VA 348 11.52 -24.54 -119.63
N MET VA 349 11.39 -25.31 -118.57
CA MET VA 349 11.57 -24.79 -117.23
C MET VA 349 13.02 -24.38 -116.97
N LYS VA 350 13.17 -23.32 -116.21
CA LYS VA 350 14.44 -22.91 -115.61
C LYS VA 350 14.28 -22.92 -114.10
N SER VA 351 15.26 -23.45 -113.40
CA SER VA 351 15.21 -23.46 -111.95
C SER VA 351 16.53 -22.95 -111.41
N SER VA 352 16.48 -22.31 -110.25
CA SER VA 352 17.67 -21.77 -109.64
C SER VA 352 17.49 -21.83 -108.13
N VAL VA 353 18.45 -22.42 -107.44
CA VAL VA 353 18.35 -22.65 -106.01
C VAL VA 353 19.32 -21.72 -105.29
N CYS VA 354 18.78 -20.88 -104.41
CA CYS VA 354 19.57 -20.14 -103.44
C CYS VA 354 19.53 -20.88 -102.12
N ASP VA 355 20.28 -20.38 -101.15
CA ASP VA 355 20.32 -21.03 -99.85
C ASP VA 355 19.81 -20.13 -98.74
N ILE VA 356 19.02 -19.12 -99.04
CA ILE VA 356 18.49 -18.25 -98.00
C ILE VA 356 16.99 -18.06 -98.18
N PRO VA 357 16.16 -18.63 -97.33
CA PRO VA 357 14.72 -18.35 -97.36
C PRO VA 357 14.43 -16.97 -96.82
N PRO VA 358 13.29 -16.38 -97.17
CA PRO VA 358 12.94 -15.07 -96.63
C PRO VA 358 12.56 -15.17 -95.16
N LYS VA 359 12.42 -14.00 -94.54
CA LYS VA 359 12.22 -13.94 -93.10
C LYS VA 359 10.87 -14.52 -92.73
N GLY VA 360 10.85 -15.34 -91.68
CA GLY VA 360 9.63 -15.90 -91.15
C GLY VA 360 9.11 -17.12 -91.87
N LEU VA 361 9.80 -17.60 -92.89
CA LEU VA 361 9.33 -18.76 -93.62
C LEU VA 361 10.49 -19.70 -93.87
N LYS VA 362 10.16 -20.96 -94.17
CA LYS VA 362 11.15 -22.00 -94.34
C LYS VA 362 11.53 -22.21 -95.80
N MET VA 363 10.56 -22.11 -96.70
CA MET VA 363 10.86 -22.32 -98.11
C MET VA 363 9.94 -21.42 -98.92
N SER VA 364 10.46 -20.92 -100.04
CA SER VA 364 9.69 -20.05 -100.90
C SER VA 364 10.15 -20.25 -102.33
N VAL VA 365 9.38 -19.72 -103.26
CA VAL VA 365 9.73 -19.75 -104.66
C VAL VA 365 9.05 -18.57 -105.34
N THR VA 366 9.76 -17.94 -106.25
CA THR VA 366 9.22 -16.83 -107.02
C THR VA 366 9.17 -17.24 -108.48
N PHE VA 367 8.03 -17.07 -109.10
CA PHE VA 367 7.79 -17.54 -110.44
C PHE VA 367 7.88 -16.34 -111.38
N VAL VA 368 8.71 -16.44 -112.41
CA VAL VA 368 8.80 -15.43 -113.45
C VAL VA 368 8.71 -16.16 -114.78
N GLY VA 369 7.59 -16.04 -115.45
CA GLY VA 369 7.40 -16.78 -116.68
C GLY VA 369 6.87 -15.96 -117.83
N ASN VA 370 6.98 -16.48 -119.04
CA ASN VA 370 6.61 -15.78 -120.25
C ASN VA 370 5.48 -16.58 -120.91
N SER VA 371 4.27 -16.05 -120.85
CA SER VA 371 3.11 -16.75 -121.39
C SER VA 371 2.65 -16.09 -122.68
N THR VA 372 2.06 -16.90 -123.54
CA THR VA 372 1.38 -16.32 -124.68
C THR VA 372 -0.03 -15.87 -124.34
N ALA VA 373 -0.48 -16.13 -123.11
CA ALA VA 373 -1.77 -15.62 -122.67
C ALA VA 373 -1.69 -14.21 -122.14
N ILE VA 374 -0.50 -13.60 -122.11
CA ILE VA 374 -0.39 -12.19 -121.72
C ILE VA 374 -0.92 -11.30 -122.84
N GLN VA 375 -1.26 -11.88 -123.98
CA GLN VA 375 -1.86 -11.15 -125.09
C GLN VA 375 -3.21 -10.55 -124.74
N GLU VA 376 -3.85 -10.99 -123.65
CA GLU VA 376 -5.18 -10.51 -123.32
C GLU VA 376 -5.17 -9.04 -122.95
N MET VA 377 -4.29 -8.63 -122.02
CA MET VA 377 -4.19 -7.21 -121.73
C MET VA 377 -3.65 -6.44 -122.91
N PHE VA 378 -2.81 -7.06 -123.72
CA PHE VA 378 -2.44 -6.37 -124.94
C PHE VA 378 -3.53 -6.41 -125.98
N LYS VA 379 -4.60 -7.17 -125.77
CA LYS VA 379 -5.77 -7.11 -126.64
C LYS VA 379 -6.91 -6.33 -126.01
N ARG VA 380 -7.08 -6.40 -124.69
CA ARG VA 380 -8.19 -5.71 -124.05
C ARG VA 380 -7.92 -4.22 -123.93
N VAL VA 381 -6.68 -3.83 -123.66
CA VAL VA 381 -6.34 -2.41 -123.72
C VAL VA 381 -6.35 -1.93 -125.16
N SER VA 382 -6.01 -2.82 -126.09
CA SER VA 382 -5.94 -2.44 -127.50
C SER VA 382 -7.29 -2.03 -128.04
N ASP VA 383 -8.31 -2.87 -127.85
CA ASP VA 383 -9.61 -2.47 -128.37
C ASP VA 383 -10.27 -1.41 -127.51
N GLN VA 384 -9.75 -1.17 -126.31
CA GLN VA 384 -10.11 0.06 -125.59
C GLN VA 384 -9.58 1.29 -126.31
N PHE VA 385 -8.31 1.25 -126.72
CA PHE VA 385 -7.71 2.41 -127.37
C PHE VA 385 -8.31 2.62 -128.75
N THR VA 386 -8.54 1.53 -129.49
CA THR VA 386 -9.07 1.73 -130.83
C THR VA 386 -10.52 2.17 -130.80
N ALA VA 387 -11.24 1.86 -129.72
CA ALA VA 387 -12.62 2.32 -129.63
C ALA VA 387 -12.69 3.82 -129.43
N MET VA 388 -11.95 4.35 -128.45
CA MET VA 388 -12.02 5.77 -128.14
C MET VA 388 -11.50 6.61 -129.30
N PHE VA 389 -10.42 6.18 -129.92
CA PHE VA 389 -9.77 6.95 -130.97
C PHE VA 389 -10.61 6.99 -132.24
N ARG VA 390 -11.49 6.01 -132.42
CA ARG VA 390 -12.32 5.98 -133.61
C ARG VA 390 -13.32 7.14 -133.63
N ARG VA 391 -13.75 7.60 -132.45
CA ARG VA 391 -14.52 8.83 -132.32
C ARG VA 391 -13.71 9.95 -131.69
N LYS VA 392 -12.38 9.83 -131.70
CA LYS VA 392 -11.43 10.93 -131.45
C LYS VA 392 -11.56 11.54 -130.07
N ALA VA 393 -12.03 10.78 -129.09
CA ALA VA 393 -12.30 11.34 -127.78
C ALA VA 393 -11.02 11.63 -127.01
N PHE VA 394 -11.08 12.64 -126.15
CA PHE VA 394 -10.06 13.00 -125.17
C PHE VA 394 -8.71 13.41 -125.73
N LEU VA 395 -8.55 13.41 -127.04
CA LEU VA 395 -7.20 13.61 -127.57
C LEU VA 395 -6.78 15.06 -127.58
N HIS VA 396 -7.66 16.00 -127.23
CA HIS VA 396 -7.31 17.40 -127.40
C HIS VA 396 -6.37 17.90 -126.31
N TRP VA 397 -6.14 17.11 -125.29
CA TRP VA 397 -5.18 17.46 -124.26
C TRP VA 397 -3.86 16.72 -124.43
N TYR VA 398 -3.81 15.86 -125.45
CA TYR VA 398 -2.59 15.35 -126.08
C TYR VA 398 -2.23 16.18 -127.31
N THR VA 399 -3.17 16.31 -128.24
CA THR VA 399 -2.96 17.12 -129.44
C THR VA 399 -2.75 18.58 -129.07
N GLY VA 400 -3.37 19.00 -127.97
CA GLY VA 400 -3.04 20.31 -127.46
C GLY VA 400 -1.75 20.38 -126.70
N GLU VA 401 -1.01 19.27 -126.61
CA GLU VA 401 0.20 19.26 -125.79
C GLU VA 401 1.46 18.98 -126.57
N GLY VA 402 1.37 18.43 -127.77
CA GLY VA 402 2.57 18.21 -128.57
C GLY VA 402 2.58 16.92 -129.35
N MET VA 403 1.92 15.89 -128.84
CA MET VA 403 1.79 14.65 -129.59
C MET VA 403 0.65 14.79 -130.58
N ASP VA 404 0.97 14.78 -131.87
CA ASP VA 404 -0.10 14.77 -132.85
C ASP VA 404 -0.45 13.32 -133.21
N GLU VA 405 -1.24 13.12 -134.25
CA GLU VA 405 -1.87 11.84 -134.48
C GLU VA 405 -0.98 10.85 -135.23
N MET VA 406 0.25 11.21 -135.57
CA MET VA 406 1.12 10.25 -136.24
C MET VA 406 1.58 9.16 -135.27
N GLU VA 407 2.00 9.55 -134.07
CA GLU VA 407 2.50 8.57 -133.11
C GLU VA 407 1.40 7.75 -132.48
N PHE VA 408 0.19 8.29 -132.35
CA PHE VA 408 -0.92 7.50 -131.83
C PHE VA 408 -1.27 6.36 -132.79
N THR VA 409 -1.28 6.64 -134.09
CA THR VA 409 -1.44 5.58 -135.06
C THR VA 409 -0.21 4.68 -135.06
N GLU VA 410 0.96 5.25 -134.79
CA GLU VA 410 2.17 4.45 -134.63
C GLU VA 410 2.10 3.58 -133.38
N ALA VA 411 1.61 4.14 -132.27
CA ALA VA 411 1.60 3.42 -131.00
C ALA VA 411 0.70 2.20 -131.04
N GLU VA 412 -0.47 2.31 -131.68
CA GLU VA 412 -1.31 1.13 -131.82
C GLU VA 412 -0.70 0.12 -132.78
N SER VA 413 0.00 0.60 -133.81
CA SER VA 413 0.66 -0.31 -134.74
C SER VA 413 1.79 -1.07 -134.07
N ASN VA 414 2.44 -0.46 -133.08
CA ASN VA 414 3.39 -1.20 -132.27
C ASN VA 414 2.70 -2.31 -131.50
N MET VA 415 1.69 -1.97 -130.72
CA MET VA 415 1.19 -2.92 -129.74
C MET VA 415 0.34 -4.01 -130.38
N ASN VA 416 -0.42 -3.68 -131.43
CA ASN VA 416 -1.21 -4.74 -132.05
C ASN VA 416 -0.34 -5.71 -132.83
N ASP VA 417 0.81 -5.25 -133.32
CA ASP VA 417 1.77 -6.17 -133.90
C ASP VA 417 2.38 -7.06 -132.84
N LEU VA 418 2.51 -6.55 -131.62
CA LEU VA 418 2.95 -7.38 -130.50
C LEU VA 418 1.95 -8.47 -130.20
N VAL VA 419 0.66 -8.19 -130.40
CA VAL VA 419 -0.34 -9.24 -130.33
C VAL VA 419 -0.13 -10.24 -131.47
N SER VA 420 0.27 -9.74 -132.63
CA SER VA 420 0.45 -10.62 -133.78
C SER VA 420 1.61 -11.60 -133.58
N GLU VA 421 2.73 -11.13 -133.01
CA GLU VA 421 3.87 -12.02 -132.82
C GLU VA 421 3.60 -13.06 -131.73
N TYR VA 422 2.85 -12.69 -130.70
CA TYR VA 422 2.47 -13.67 -129.69
C TYR VA 422 1.56 -14.75 -130.28
N GLN VA 423 0.63 -14.36 -131.15
CA GLN VA 423 -0.20 -15.33 -131.84
C GLN VA 423 0.59 -16.08 -132.90
N GLN VA 424 1.62 -15.45 -133.46
CA GLN VA 424 2.46 -16.10 -134.45
C GLN VA 424 3.20 -17.30 -133.85
N TYR VA 425 3.50 -17.23 -132.56
CA TYR VA 425 4.30 -18.25 -131.88
C TYR VA 425 3.45 -19.21 -131.08
N GLN VA 426 2.28 -19.59 -131.57
CA GLN VA 426 1.40 -20.47 -130.82
C GLN VA 426 0.50 -21.29 -131.74
N MET WA 1 3.20 27.87 -102.38
CA MET WA 1 3.63 27.53 -103.73
C MET WA 1 2.61 26.63 -104.41
N ARG WA 2 1.65 26.16 -103.62
CA ARG WA 2 0.54 25.35 -104.11
C ARG WA 2 -0.71 25.81 -103.39
N GLU WA 3 -1.62 26.45 -104.12
CA GLU WA 3 -2.82 27.03 -103.52
C GLU WA 3 -3.84 27.29 -104.63
N VAL WA 4 -5.04 27.65 -104.23
CA VAL WA 4 -6.11 27.95 -105.18
C VAL WA 4 -6.86 29.19 -104.71
N ILE WA 5 -7.19 30.06 -105.66
CA ILE WA 5 -7.89 31.31 -105.36
C ILE WA 5 -9.37 31.05 -105.43
N SER WA 6 -10.09 31.47 -104.39
CA SER WA 6 -11.54 31.39 -104.34
C SER WA 6 -12.12 32.77 -104.56
N ILE WA 7 -12.94 32.91 -105.59
CA ILE WA 7 -13.57 34.17 -105.94
C ILE WA 7 -15.06 34.06 -105.71
N HIS WA 8 -15.58 34.88 -104.82
CA HIS WA 8 -16.99 34.90 -104.50
C HIS WA 8 -17.57 36.20 -105.03
N VAL WA 9 -18.47 36.09 -106.00
CA VAL WA 9 -19.11 37.23 -106.62
C VAL WA 9 -20.61 37.01 -106.65
N GLY WA 10 -21.36 38.02 -106.26
CA GLY WA 10 -22.80 37.93 -106.28
C GLY WA 10 -23.37 37.64 -104.92
N GLN WA 11 -24.69 37.82 -104.82
CA GLN WA 11 -25.38 37.63 -103.54
C GLN WA 11 -25.29 36.18 -103.10
N ALA WA 12 -25.48 35.24 -104.02
CA ALA WA 12 -25.40 33.84 -103.66
C ALA WA 12 -23.97 33.42 -103.35
N GLY WA 13 -23.01 34.03 -104.03
CA GLY WA 13 -21.63 33.61 -103.86
C GLY WA 13 -21.10 33.90 -102.47
N ILE WA 14 -21.50 35.02 -101.88
CA ILE WA 14 -21.00 35.34 -100.56
C ILE WA 14 -21.60 34.40 -99.54
N GLN WA 15 -22.91 34.14 -99.63
CA GLN WA 15 -23.57 33.32 -98.63
C GLN WA 15 -23.19 31.85 -98.79
N ILE WA 16 -22.95 31.40 -100.02
CA ILE WA 16 -22.29 30.11 -100.19
C ILE WA 16 -20.88 30.18 -99.60
N GLY WA 17 -20.20 31.29 -99.85
CA GLY WA 17 -18.83 31.40 -99.42
C GLY WA 17 -18.67 31.43 -97.91
N ASN WA 18 -19.51 32.20 -97.22
CA ASN WA 18 -19.33 32.28 -95.78
C ASN WA 18 -19.79 31.00 -95.10
N ALA WA 19 -20.62 30.21 -95.77
CA ALA WA 19 -20.86 28.85 -95.29
C ALA WA 19 -19.70 27.94 -95.65
N CYS WA 20 -19.03 28.22 -96.77
CA CYS WA 20 -17.87 27.41 -97.16
C CYS WA 20 -16.70 27.65 -96.21
N TRP WA 21 -16.37 28.90 -95.94
CA TRP WA 21 -15.33 29.19 -94.98
C TRP WA 21 -15.77 28.98 -93.54
N GLU WA 22 -17.07 28.78 -93.32
CA GLU WA 22 -17.50 28.22 -92.04
C GLU WA 22 -16.97 26.82 -91.86
N LEU WA 23 -17.06 26.00 -92.92
CA LEU WA 23 -16.63 24.62 -92.84
C LEU WA 23 -15.11 24.53 -92.80
N PHE WA 24 -14.44 25.37 -93.59
CA PHE WA 24 -12.98 25.30 -93.69
C PHE WA 24 -12.30 25.73 -92.41
N CYS WA 25 -12.92 26.64 -91.67
CA CYS WA 25 -12.34 27.06 -90.40
C CYS WA 25 -12.33 25.93 -89.40
N LEU WA 26 -13.48 25.27 -89.22
CA LEU WA 26 -13.55 24.18 -88.25
C LEU WA 26 -12.95 22.88 -88.78
N GLU WA 27 -12.70 22.79 -90.08
CA GLU WA 27 -12.05 21.60 -90.61
C GLU WA 27 -10.58 21.56 -90.22
N HIS WA 28 -9.88 22.68 -90.38
CA HIS WA 28 -8.50 22.79 -89.96
C HIS WA 28 -8.35 23.18 -88.50
N GLY WA 29 -9.46 23.39 -87.80
CA GLY WA 29 -9.38 23.83 -86.43
C GLY WA 29 -9.02 25.28 -86.26
N ILE WA 30 -8.99 26.05 -87.33
CA ILE WA 30 -8.65 27.46 -87.18
C ILE WA 30 -9.89 28.26 -86.84
N GLN WA 31 -9.80 29.03 -85.77
CA GLN WA 31 -10.44 29.93 -84.85
C GLN WA 31 -10.74 31.25 -85.53
N PRO WA 32 -11.88 31.90 -85.21
CA PRO WA 32 -12.30 33.07 -85.98
C PRO WA 32 -11.45 34.32 -85.76
N ASP WA 33 -10.42 34.26 -84.92
CA ASP WA 33 -9.37 35.28 -85.03
C ASP WA 33 -8.59 35.11 -86.32
N GLY WA 34 -8.32 33.87 -86.71
CA GLY WA 34 -7.41 33.56 -87.80
C GLY WA 34 -6.21 32.74 -87.40
N GLN WA 35 -6.06 32.35 -86.13
CA GLN WA 35 -4.91 31.58 -85.68
C GLN WA 35 -5.38 30.31 -84.98
N MET WA 36 -4.66 29.23 -85.22
CA MET WA 36 -4.98 27.97 -84.57
C MET WA 36 -4.67 28.05 -83.08
N PRO WA 37 -5.39 27.30 -82.24
CA PRO WA 37 -5.17 27.41 -80.80
C PRO WA 37 -3.87 26.76 -80.34
N ASP WA 47 1.15 21.44 -93.29
CA ASP WA 47 1.16 22.24 -94.51
C ASP WA 47 -0.18 22.14 -95.24
N ALA WA 48 -1.16 21.50 -94.60
CA ALA WA 48 -2.49 21.43 -95.17
C ALA WA 48 -3.16 22.79 -95.21
N PHE WA 49 -2.93 23.61 -94.18
CA PHE WA 49 -3.46 24.97 -94.15
C PHE WA 49 -2.92 25.83 -95.29
N ASN WA 50 -1.73 25.49 -95.79
CA ASN WA 50 -1.06 26.34 -96.77
C ASN WA 50 -1.80 26.41 -98.10
N THR WA 51 -2.65 25.44 -98.41
CA THR WA 51 -3.29 25.47 -99.72
C THR WA 51 -4.53 26.34 -99.75
N PHE WA 52 -5.03 26.80 -98.60
CA PHE WA 52 -6.20 27.67 -98.59
C PHE WA 52 -6.06 28.90 -97.71
N PHE WA 53 -4.93 29.08 -97.04
CA PHE WA 53 -4.73 30.23 -96.17
C PHE WA 53 -3.29 30.70 -96.30
N SER WA 54 -2.98 31.80 -95.64
CA SER WA 54 -1.62 32.32 -95.59
C SER WA 54 -1.13 32.34 -94.16
N GLU WA 55 0.05 32.93 -93.97
CA GLU WA 55 0.62 33.16 -92.64
C GLU WA 55 0.90 34.65 -92.51
N THR WA 56 -0.07 35.37 -91.96
CA THR WA 56 0.06 36.80 -91.70
C THR WA 56 0.83 36.98 -90.39
N GLY WA 57 2.12 36.68 -90.43
CA GLY WA 57 2.96 36.87 -89.27
C GLY WA 57 2.77 35.82 -88.20
N ALA WA 58 2.58 36.26 -86.96
CA ALA WA 58 2.64 35.40 -85.80
C ALA WA 58 1.39 34.53 -85.72
N GLY WA 59 1.31 33.56 -86.62
CA GLY WA 59 0.36 32.48 -86.51
C GLY WA 59 -1.02 32.76 -87.06
N LYS WA 60 -1.31 33.98 -87.50
CA LYS WA 60 -2.61 34.20 -88.11
C LYS WA 60 -2.66 33.59 -89.49
N HIS WA 61 -3.88 33.25 -89.91
CA HIS WA 61 -4.15 32.84 -91.27
C HIS WA 61 -5.16 33.78 -91.87
N VAL WA 62 -4.94 34.19 -93.11
CA VAL WA 62 -5.89 34.97 -93.88
C VAL WA 62 -6.28 34.14 -95.09
N PRO WA 63 -7.56 33.98 -95.38
CA PRO WA 63 -7.97 33.09 -96.46
C PRO WA 63 -7.69 33.69 -97.82
N ARG WA 64 -7.48 32.79 -98.78
CA ARG WA 64 -7.26 33.17 -100.17
C ARG WA 64 -8.61 33.33 -100.88
N CYS WA 65 -9.39 34.29 -100.40
CA CYS WA 65 -10.72 34.53 -100.91
C CYS WA 65 -10.94 36.02 -101.16
N VAL WA 66 -11.69 36.31 -102.21
CA VAL WA 66 -12.13 37.67 -102.52
C VAL WA 66 -13.65 37.69 -102.63
N PHE WA 67 -14.25 38.71 -102.05
CA PHE WA 67 -15.69 38.89 -102.06
C PHE WA 67 -16.01 40.15 -102.85
N LEU WA 68 -16.87 40.02 -103.85
CA LEU WA 68 -17.12 41.08 -104.81
C LEU WA 68 -18.61 41.25 -104.98
N ASP WA 69 -19.17 42.34 -104.46
CA ASP WA 69 -20.56 42.64 -104.76
C ASP WA 69 -20.77 44.13 -104.87
N LEU WA 70 -21.52 44.54 -105.90
CA LEU WA 70 -21.75 45.97 -106.11
C LEU WA 70 -22.70 46.52 -105.07
N GLU WA 71 -23.75 45.79 -104.73
CA GLU WA 71 -24.57 46.19 -103.58
C GLU WA 71 -23.79 45.92 -102.30
N PRO WA 72 -23.84 46.85 -101.34
CA PRO WA 72 -23.09 46.64 -100.10
C PRO WA 72 -23.83 45.78 -99.11
N THR WA 73 -25.10 45.49 -99.34
CA THR WA 73 -25.95 44.89 -98.31
C THR WA 73 -25.66 43.42 -98.06
N VAL WA 74 -24.84 42.77 -98.87
CA VAL WA 74 -24.48 41.40 -98.62
C VAL WA 74 -23.04 41.29 -98.13
N VAL WA 75 -22.24 42.34 -98.27
CA VAL WA 75 -20.85 42.32 -97.83
C VAL WA 75 -20.78 42.99 -96.47
N ASP WA 76 -21.65 43.96 -96.23
CA ASP WA 76 -21.63 44.63 -94.94
C ASP WA 76 -22.02 43.69 -93.81
N GLU WA 77 -22.88 42.71 -94.10
CA GLU WA 77 -23.23 41.72 -93.11
C GLU WA 77 -22.06 40.79 -92.83
N VAL WA 78 -21.16 40.59 -93.79
CA VAL WA 78 -19.90 39.93 -93.49
C VAL WA 78 -19.01 40.83 -92.65
N ARG WA 79 -18.98 42.11 -93.00
CA ARG WA 79 -18.09 43.06 -92.32
C ARG WA 79 -18.48 43.27 -90.87
N THR WA 80 -19.72 42.94 -90.51
CA THR WA 80 -20.19 43.13 -89.16
C THR WA 80 -20.36 41.82 -88.41
N GLY WA 81 -20.34 40.69 -89.12
CA GLY WA 81 -20.57 39.40 -88.52
C GLY WA 81 -19.43 38.94 -87.62
N THR WA 82 -19.49 37.66 -87.26
CA THR WA 82 -18.50 37.10 -86.35
C THR WA 82 -17.13 36.97 -86.98
N TYR WA 83 -17.04 37.07 -88.29
CA TYR WA 83 -15.77 37.04 -88.99
C TYR WA 83 -15.33 38.44 -89.39
N ARG WA 84 -15.11 39.28 -88.39
CA ARG WA 84 -14.51 40.59 -88.65
C ARG WA 84 -13.09 40.43 -89.12
N HIS WA 85 -12.25 39.84 -88.28
CA HIS WA 85 -10.82 39.80 -88.52
C HIS WA 85 -10.40 38.49 -89.16
N LEU WA 86 -11.35 37.67 -89.59
CA LEU WA 86 -10.99 36.47 -90.33
C LEU WA 86 -10.37 36.84 -91.66
N PHE WA 87 -10.92 37.83 -92.33
CA PHE WA 87 -10.42 38.24 -93.63
C PHE WA 87 -9.59 39.51 -93.50
N HIS WA 88 -8.56 39.60 -94.34
CA HIS WA 88 -7.87 40.86 -94.56
C HIS WA 88 -8.88 41.85 -95.11
N PRO WA 89 -9.00 43.04 -94.54
CA PRO WA 89 -10.15 43.90 -94.86
C PRO WA 89 -10.14 44.47 -96.24
N GLU WA 90 -9.07 44.32 -97.00
CA GLU WA 90 -8.96 45.05 -98.25
C GLU WA 90 -9.42 44.20 -99.43
N GLN WA 91 -9.86 42.97 -99.20
CA GLN WA 91 -10.53 42.19 -100.23
C GLN WA 91 -12.01 41.98 -99.97
N LEU WA 92 -12.60 42.71 -99.04
CA LEU WA 92 -14.05 42.78 -98.91
C LEU WA 92 -14.49 43.91 -99.83
N ILE WA 93 -14.48 43.66 -101.12
CA ILE WA 93 -14.68 44.69 -102.11
C ILE WA 93 -16.18 44.87 -102.28
N SER WA 94 -16.72 45.88 -101.62
CA SER WA 94 -18.14 46.22 -101.69
C SER WA 94 -18.31 47.45 -102.55
N GLY WA 95 -19.18 47.36 -103.55
CA GLY WA 95 -19.29 48.44 -104.51
C GLY WA 95 -20.07 49.64 -104.02
N LYS WA 96 -20.93 50.20 -104.88
CA LYS WA 96 -21.70 51.37 -104.52
C LYS WA 96 -23.19 51.09 -104.49
N GLU WA 97 -23.73 50.40 -105.50
CA GLU WA 97 -25.14 50.07 -105.54
C GLU WA 97 -25.34 48.88 -106.46
N ASP WA 98 -26.50 48.24 -106.33
CA ASP WA 98 -26.73 46.90 -106.88
C ASP WA 98 -26.70 46.87 -108.40
N ALA WA 99 -26.39 45.70 -108.94
CA ALA WA 99 -26.46 45.52 -110.37
C ALA WA 99 -27.88 45.33 -110.85
N ALA WA 100 -28.79 44.99 -109.93
CA ALA WA 100 -30.22 44.99 -110.17
C ALA WA 100 -30.62 44.05 -111.31
N ASN WA 101 -30.31 42.78 -111.11
CA ASN WA 101 -30.85 41.65 -111.86
C ASN WA 101 -30.64 41.75 -113.36
N ASN WA 102 -29.74 42.60 -113.83
CA ASN WA 102 -29.55 42.80 -115.26
C ASN WA 102 -28.11 42.45 -115.61
N PHE WA 103 -27.94 41.57 -116.59
CA PHE WA 103 -26.60 41.24 -117.06
C PHE WA 103 -25.94 42.45 -117.69
N ALA WA 104 -26.74 43.28 -118.38
CA ALA WA 104 -26.21 44.47 -119.01
C ALA WA 104 -25.63 45.43 -117.98
N ARG WA 105 -26.20 45.47 -116.80
CA ARG WA 105 -25.78 46.47 -115.83
C ARG WA 105 -24.45 46.09 -115.21
N GLY WA 106 -24.28 44.83 -114.83
CA GLY WA 106 -23.05 44.44 -114.16
C GLY WA 106 -21.89 44.20 -115.10
N HIS WA 107 -22.16 44.10 -116.39
CA HIS WA 107 -21.10 43.85 -117.36
C HIS WA 107 -20.61 45.13 -118.01
N TYR WA 108 -21.46 46.14 -118.12
CA TYR WA 108 -21.06 47.38 -118.75
C TYR WA 108 -21.04 48.58 -117.81
N THR WA 109 -22.17 48.95 -117.21
CA THR WA 109 -22.27 50.30 -116.66
C THR WA 109 -21.56 50.43 -115.33
N ILE WA 110 -22.04 49.73 -114.31
CA ILE WA 110 -21.45 49.85 -113.00
C ILE WA 110 -20.35 48.82 -112.81
N GLY WA 111 -20.22 47.88 -113.75
CA GLY WA 111 -19.24 46.82 -113.57
C GLY WA 111 -17.81 47.30 -113.69
N LYS WA 112 -17.50 48.06 -114.75
CA LYS WA 112 -16.10 48.28 -115.08
C LYS WA 112 -15.36 49.17 -114.10
N GLU WA 113 -16.07 49.86 -113.21
CA GLU WA 113 -15.38 50.74 -112.29
C GLU WA 113 -14.68 49.99 -111.18
N ILE WA 114 -15.08 48.75 -110.91
CA ILE WA 114 -14.59 48.04 -109.74
C ILE WA 114 -13.79 46.79 -110.11
N VAL WA 115 -13.92 46.29 -111.34
CA VAL WA 115 -13.17 45.13 -111.79
C VAL WA 115 -11.68 45.40 -111.73
N ASP WA 116 -11.27 46.63 -112.02
CA ASP WA 116 -9.87 47.01 -111.92
C ASP WA 116 -9.35 46.88 -110.50
N LEU WA 117 -10.15 47.27 -109.50
CA LEU WA 117 -9.75 47.07 -108.12
C LEU WA 117 -9.73 45.59 -107.78
N SER WA 118 -10.61 44.81 -108.40
CA SER WA 118 -10.63 43.37 -108.18
C SER WA 118 -9.42 42.70 -108.82
N LEU WA 119 -9.02 43.16 -110.00
CA LEU WA 119 -7.85 42.60 -110.67
C LEU WA 119 -6.59 42.87 -109.87
N ASP WA 120 -6.46 44.08 -109.32
CA ASP WA 120 -5.33 44.36 -108.45
C ASP WA 120 -5.45 43.60 -107.14
N ARG WA 121 -6.66 43.24 -106.76
CA ARG WA 121 -6.83 42.38 -105.59
C ARG WA 121 -6.30 40.98 -105.87
N ILE WA 122 -6.67 40.40 -107.01
CA ILE WA 122 -6.29 39.03 -107.26
C ILE WA 122 -4.80 38.92 -107.58
N ARG WA 123 -4.22 39.96 -108.16
CA ARG WA 123 -2.83 39.88 -108.60
C ARG WA 123 -1.86 39.85 -107.42
N LYS WA 124 -2.10 40.70 -106.41
CA LYS WA 124 -1.20 40.71 -105.26
C LYS WA 124 -1.36 39.43 -104.47
N LEU WA 125 -2.56 38.89 -104.42
CA LEU WA 125 -2.75 37.58 -103.79
C LEU WA 125 -2.09 36.47 -104.59
N ALA WA 126 -2.11 36.57 -105.92
CA ALA WA 126 -1.67 35.44 -106.74
C ALA WA 126 -0.17 35.22 -106.65
N ASP WA 127 0.62 36.28 -106.79
CA ASP WA 127 2.06 36.12 -106.77
C ASP WA 127 2.65 36.22 -105.38
N ASN WA 128 1.88 35.93 -104.33
CA ASN WA 128 2.50 35.68 -103.04
C ASN WA 128 3.38 34.42 -103.12
N CYS WA 129 2.92 33.42 -103.87
CA CYS WA 129 3.70 32.23 -104.15
C CYS WA 129 3.49 31.85 -105.61
N THR WA 130 4.46 31.14 -106.18
CA THR WA 130 4.45 30.79 -107.59
C THR WA 130 4.16 29.30 -107.73
N GLY WA 131 3.44 28.93 -108.79
CA GLY WA 131 3.08 27.54 -109.00
C GLY WA 131 1.63 27.28 -108.67
N LEU WA 132 0.75 28.17 -109.13
CA LEU WA 132 -0.66 28.15 -108.77
C LEU WA 132 -1.35 26.90 -109.28
N GLN WA 133 -2.61 26.74 -108.88
CA GLN WA 133 -3.38 25.59 -109.31
C GLN WA 133 -4.63 25.98 -110.09
N GLY WA 134 -5.48 26.83 -109.55
CA GLY WA 134 -6.74 27.06 -110.22
C GLY WA 134 -7.47 28.27 -109.68
N PHE WA 135 -8.69 28.43 -110.18
CA PHE WA 135 -9.57 29.50 -109.76
C PHE WA 135 -10.89 28.91 -109.32
N LEU WA 136 -11.46 29.50 -108.27
CA LEU WA 136 -12.73 29.05 -107.70
C LEU WA 136 -13.73 30.20 -107.76
N MET WA 137 -14.49 30.27 -108.85
CA MET WA 137 -15.63 31.19 -108.89
C MET WA 137 -16.75 30.69 -108.00
N PHE WA 138 -17.58 31.61 -107.54
CA PHE WA 138 -18.79 31.27 -106.80
C PHE WA 138 -19.84 32.31 -107.17
N ASN WA 139 -20.85 31.92 -107.92
CA ASN WA 139 -21.79 32.89 -108.43
C ASN WA 139 -23.12 32.23 -108.70
N ALA WA 140 -24.15 33.05 -108.76
CA ALA WA 140 -25.47 32.62 -109.24
C ALA WA 140 -25.63 33.13 -110.66
N VAL WA 141 -25.65 32.20 -111.62
CA VAL WA 141 -25.64 32.59 -113.02
C VAL WA 141 -27.00 33.17 -113.43
N GLY WA 142 -28.02 33.05 -112.59
CA GLY WA 142 -29.30 33.67 -112.92
C GLY WA 142 -29.47 35.09 -112.42
N GLY WA 143 -28.65 35.53 -111.48
CA GLY WA 143 -28.83 36.83 -110.86
C GLY WA 143 -28.16 37.96 -111.62
N GLY WA 144 -28.04 39.09 -110.93
CA GLY WA 144 -27.52 40.27 -111.58
C GLY WA 144 -26.02 40.48 -111.54
N THR WA 145 -25.44 40.62 -110.36
CA THR WA 145 -24.02 40.95 -110.30
C THR WA 145 -23.15 39.73 -110.38
N GLY WA 146 -23.65 38.58 -109.93
CA GLY WA 146 -22.87 37.37 -110.06
C GLY WA 146 -22.72 36.94 -111.50
N SER WA 147 -23.80 37.01 -112.25
CA SER WA 147 -23.77 36.58 -113.64
C SER WA 147 -23.02 37.57 -114.52
N GLY WA 148 -23.28 38.86 -114.33
CA GLY WA 148 -22.65 39.86 -115.17
C GLY WA 148 -21.19 40.07 -114.82
N LEU WA 149 -20.92 40.52 -113.60
CA LEU WA 149 -19.56 40.86 -113.20
C LEU WA 149 -18.69 39.63 -113.12
N GLY WA 150 -19.27 38.45 -112.94
CA GLY WA 150 -18.48 37.24 -112.93
C GLY WA 150 -17.82 36.99 -114.27
N CYS WA 151 -18.54 37.24 -115.36
CA CYS WA 151 -17.95 37.16 -116.68
C CYS WA 151 -16.84 38.17 -116.86
N LEU WA 152 -17.05 39.40 -116.39
CA LEU WA 152 -16.03 40.43 -116.53
C LEU WA 152 -14.76 40.03 -115.81
N LEU WA 153 -14.89 39.46 -114.62
CA LEU WA 153 -13.71 38.94 -113.96
C LEU WA 153 -13.19 37.69 -114.65
N LEU WA 154 -14.04 37.01 -115.41
CA LEU WA 154 -13.62 35.75 -116.02
C LEU WA 154 -12.79 36.01 -117.28
N GLU WA 155 -13.21 36.98 -118.09
CA GLU WA 155 -12.42 37.30 -119.28
C GLU WA 155 -11.18 38.12 -118.91
N ARG WA 156 -11.23 38.89 -117.84
CA ARG WA 156 -10.04 39.60 -117.39
C ARG WA 156 -8.98 38.65 -116.88
N LEU WA 157 -9.39 37.62 -116.14
CA LEU WA 157 -8.41 36.63 -115.72
C LEU WA 157 -8.01 35.70 -116.87
N SER WA 158 -8.85 35.59 -117.90
CA SER WA 158 -8.51 34.73 -119.03
C SER WA 158 -7.27 35.22 -119.76
N VAL WA 159 -7.18 36.53 -119.99
CA VAL WA 159 -6.05 37.04 -120.74
C VAL WA 159 -4.87 37.29 -119.84
N ASP WA 160 -5.09 37.51 -118.55
CA ASP WA 160 -3.99 37.81 -117.65
C ASP WA 160 -3.25 36.54 -117.27
N TYR WA 161 -3.95 35.58 -116.67
CA TYR WA 161 -3.37 34.33 -116.19
C TYR WA 161 -4.00 33.22 -116.99
N GLY WA 162 -3.48 32.97 -118.19
CA GLY WA 162 -4.16 32.14 -119.14
C GLY WA 162 -3.84 30.67 -119.11
N LYS WA 163 -3.04 30.23 -118.14
CA LYS WA 163 -2.60 28.83 -118.10
C LYS WA 163 -3.12 28.10 -116.88
N LYS WA 164 -4.09 28.67 -116.18
CA LYS WA 164 -4.60 28.08 -114.95
C LYS WA 164 -6.05 27.67 -115.15
N SER WA 165 -6.45 26.60 -114.46
CA SER WA 165 -7.83 26.15 -114.50
C SER WA 165 -8.72 27.15 -113.76
N LYS WA 166 -9.98 27.19 -114.14
CA LYS WA 166 -10.95 28.05 -113.47
C LYS WA 166 -12.19 27.23 -113.15
N LEU WA 167 -12.49 27.05 -111.87
CA LEU WA 167 -13.57 26.18 -111.45
C LEU WA 167 -14.76 26.99 -110.98
N ASN WA 168 -15.88 26.82 -111.67
CA ASN WA 168 -17.13 27.46 -111.30
C ASN WA 168 -17.87 26.63 -110.26
N PHE WA 169 -18.78 27.28 -109.56
CA PHE WA 169 -19.87 26.60 -108.88
C PHE WA 169 -21.13 27.44 -109.10
N CYS WA 170 -21.81 27.18 -110.21
CA CYS WA 170 -22.85 28.07 -110.68
C CYS WA 170 -24.20 27.60 -110.17
N SER WA 171 -24.82 28.39 -109.30
CA SER WA 171 -26.12 28.07 -108.74
C SER WA 171 -27.17 28.38 -109.80
N TRP WA 172 -27.31 27.44 -110.73
CA TRP WA 172 -28.13 27.64 -111.90
C TRP WA 172 -29.60 27.82 -111.54
N PRO WA 173 -30.32 28.64 -112.29
CA PRO WA 173 -31.76 28.76 -112.08
C PRO WA 173 -32.47 27.43 -112.33
N SER WA 174 -33.42 27.13 -111.45
CA SER WA 174 -34.12 25.88 -111.44
C SER WA 174 -35.30 25.93 -112.40
N PRO WA 175 -35.86 24.78 -112.80
CA PRO WA 175 -37.11 24.83 -113.57
C PRO WA 175 -38.27 25.43 -112.83
N GLN WA 176 -38.37 25.22 -111.53
CA GLN WA 176 -39.60 25.57 -110.83
C GLN WA 176 -39.37 26.66 -109.79
N VAL WA 177 -38.51 26.42 -108.82
CA VAL WA 177 -38.19 27.37 -107.76
C VAL WA 177 -37.13 28.35 -108.29
N SER WA 178 -37.55 29.56 -108.63
CA SER WA 178 -36.71 30.46 -109.42
C SER WA 178 -36.45 31.80 -108.77
N THR WA 179 -37.47 32.42 -108.18
CA THR WA 179 -37.50 33.75 -107.56
C THR WA 179 -36.76 34.86 -108.30
N ALA WA 180 -36.91 34.89 -109.62
CA ALA WA 180 -36.65 36.07 -110.44
C ALA WA 180 -37.37 35.88 -111.77
N VAL WA 181 -37.69 37.00 -112.43
CA VAL WA 181 -38.39 36.91 -113.71
C VAL WA 181 -37.43 37.15 -114.87
N VAL WA 182 -36.26 37.69 -114.60
CA VAL WA 182 -35.29 37.93 -115.66
C VAL WA 182 -34.37 36.73 -115.79
N GLU WA 183 -34.77 35.60 -115.21
CA GLU WA 183 -33.95 34.39 -115.26
C GLU WA 183 -33.64 33.89 -116.68
N PRO WA 184 -34.60 33.74 -117.60
CA PRO WA 184 -34.21 33.23 -118.92
C PRO WA 184 -33.33 34.18 -119.69
N TYR WA 185 -33.42 35.49 -119.45
CA TYR WA 185 -32.52 36.40 -120.11
C TYR WA 185 -31.13 36.36 -119.49
N ASN WA 186 -31.08 36.24 -118.16
CA ASN WA 186 -29.78 36.20 -117.52
C ASN WA 186 -29.12 34.84 -117.59
N SER WA 187 -29.80 33.82 -118.11
CA SER WA 187 -29.12 32.56 -118.36
C SER WA 187 -28.40 32.59 -119.70
N VAL WA 188 -29.17 32.75 -120.78
CA VAL WA 188 -28.64 32.63 -122.13
C VAL WA 188 -27.61 33.71 -122.42
N LEU WA 189 -27.81 34.91 -121.88
CA LEU WA 189 -26.83 35.98 -122.06
C LEU WA 189 -25.57 35.77 -121.23
N SER WA 190 -25.59 34.82 -120.30
CA SER WA 190 -24.41 34.56 -119.50
C SER WA 190 -23.59 33.37 -120.00
N THR WA 191 -24.25 32.35 -120.55
CA THR WA 191 -23.54 31.10 -120.83
C THR WA 191 -22.57 31.22 -121.99
N HIS WA 192 -22.92 31.98 -123.04
CA HIS WA 192 -21.97 32.21 -124.12
C HIS WA 192 -20.70 32.84 -123.60
N SER WA 193 -20.83 33.85 -122.77
CA SER WA 193 -19.68 34.49 -122.16
C SER WA 193 -19.27 33.78 -120.88
N LEU WA 194 -19.66 32.53 -120.73
CA LEU WA 194 -19.20 31.64 -119.68
C LEU WA 194 -18.56 30.38 -120.24
N LEU WA 195 -19.01 29.94 -121.43
CA LEU WA 195 -18.63 28.63 -121.96
C LEU WA 195 -17.16 28.60 -122.35
N GLU WA 196 -16.76 29.46 -123.27
CA GLU WA 196 -15.38 29.46 -123.72
C GLU WA 196 -14.43 30.19 -122.78
N HIS WA 197 -14.84 30.40 -121.53
CA HIS WA 197 -13.98 31.03 -120.54
C HIS WA 197 -13.67 30.12 -119.37
N THR WA 198 -14.68 29.46 -118.82
CA THR WA 198 -14.52 28.59 -117.66
C THR WA 198 -14.07 27.21 -118.11
N ASP WA 199 -13.01 26.72 -117.49
CA ASP WA 199 -12.52 25.40 -117.84
C ASP WA 199 -13.42 24.31 -117.28
N VAL WA 200 -13.98 24.55 -116.10
CA VAL WA 200 -14.61 23.47 -115.33
C VAL WA 200 -15.71 24.05 -114.43
N ALA WA 201 -16.94 23.57 -114.62
CA ALA WA 201 -18.11 24.16 -114.00
C ALA WA 201 -19.04 23.10 -113.46
N VAL WA 202 -19.73 23.38 -112.37
CA VAL WA 202 -20.59 22.41 -111.72
C VAL WA 202 -22.03 22.93 -111.73
N MET WA 203 -22.91 22.11 -112.28
CA MET WA 203 -24.34 22.40 -112.39
C MET WA 203 -25.04 22.10 -111.07
N LEU WA 204 -25.65 23.10 -110.47
CA LEU WA 204 -26.49 22.94 -109.29
C LEU WA 204 -27.79 23.71 -109.48
N ASP WA 205 -28.89 23.14 -109.02
CA ASP WA 205 -30.19 23.83 -109.00
C ASP WA 205 -30.77 23.80 -107.60
N ASN WA 206 -31.43 24.88 -107.21
CA ASN WA 206 -31.81 25.06 -105.80
C ASN WA 206 -32.87 24.07 -105.37
N GLU WA 207 -33.89 23.84 -106.20
CA GLU WA 207 -34.96 22.96 -105.76
C GLU WA 207 -34.53 21.50 -105.79
N ALA WA 208 -33.39 21.19 -106.41
CA ALA WA 208 -32.82 19.87 -106.25
C ALA WA 208 -32.33 19.67 -104.83
N ILE WA 209 -31.59 20.63 -104.28
CA ILE WA 209 -31.17 20.50 -102.90
C ILE WA 209 -32.37 20.61 -101.97
N TYR WA 210 -33.42 21.32 -102.39
CA TYR WA 210 -34.65 21.35 -101.61
C TYR WA 210 -35.26 19.95 -101.50
N ASP WA 211 -35.32 19.23 -102.61
CA ASP WA 211 -35.96 17.92 -102.59
C ASP WA 211 -35.11 16.88 -101.87
N ILE WA 212 -33.79 17.06 -101.85
CA ILE WA 212 -32.94 16.17 -101.08
C ILE WA 212 -33.18 16.40 -99.59
N CYS WA 213 -33.36 17.66 -99.19
CA CYS WA 213 -33.62 17.96 -97.79
C CYS WA 213 -34.98 17.44 -97.35
N ARG WA 214 -35.93 17.33 -98.27
CA ARG WA 214 -37.22 16.78 -97.89
C ARG WA 214 -37.14 15.28 -97.66
N ARG WA 215 -36.48 14.55 -98.56
CA ARG WA 215 -36.49 13.10 -98.46
C ARG WA 215 -35.40 12.56 -97.56
N ASN WA 216 -34.15 12.90 -97.83
CA ASN WA 216 -33.04 12.26 -97.15
C ASN WA 216 -32.83 12.84 -95.75
N LEU WA 217 -33.00 14.13 -95.60
CA LEU WA 217 -32.70 14.82 -94.37
C LEU WA 217 -33.97 15.13 -93.57
N ASP WA 218 -35.12 14.66 -94.06
CA ASP WA 218 -36.48 14.75 -93.53
C ASP WA 218 -36.83 16.07 -92.83
N ILE WA 219 -36.33 17.17 -93.37
CA ILE WA 219 -36.80 18.49 -93.01
C ILE WA 219 -37.72 18.98 -94.12
N GLU WA 220 -38.82 19.62 -93.73
CA GLU WA 220 -39.83 19.94 -94.73
C GLU WA 220 -39.60 21.31 -95.35
N ARG WA 221 -39.25 22.30 -94.53
CA ARG WA 221 -39.23 23.71 -94.92
C ARG WA 221 -37.86 24.33 -94.63
N PRO WA 222 -36.88 24.10 -95.49
CA PRO WA 222 -35.54 24.61 -95.23
C PRO WA 222 -35.42 26.07 -95.61
N THR WA 223 -34.25 26.62 -95.31
CA THR WA 223 -33.85 27.96 -95.70
C THR WA 223 -32.58 27.89 -96.54
N TYR WA 224 -32.09 29.06 -96.97
CA TYR WA 224 -30.89 29.08 -97.78
C TYR WA 224 -29.66 28.61 -97.03
N THR WA 225 -29.63 28.74 -95.71
CA THR WA 225 -28.44 28.30 -94.99
C THR WA 225 -28.31 26.78 -95.02
N ASN WA 226 -29.43 26.05 -95.01
CA ASN WA 226 -29.35 24.61 -95.23
C ASN WA 226 -29.26 24.29 -96.70
N LEU WA 227 -29.69 25.20 -97.56
CA LEU WA 227 -29.44 25.04 -98.99
C LEU WA 227 -27.96 25.14 -99.29
N ASN WA 228 -27.22 25.90 -98.49
CA ASN WA 228 -25.83 26.22 -98.78
C ASN WA 228 -24.85 25.41 -97.96
N ARG WA 229 -25.20 25.05 -96.73
CA ARG WA 229 -24.31 24.22 -95.93
C ARG WA 229 -24.12 22.86 -96.57
N LEU WA 230 -25.12 22.38 -97.29
CA LEU WA 230 -24.96 21.13 -98.01
C LEU WA 230 -24.17 21.33 -99.29
N ILE WA 231 -24.11 22.55 -99.84
CA ILE WA 231 -23.19 22.82 -100.93
C ILE WA 231 -21.76 22.78 -100.41
N ALA WA 232 -21.54 23.31 -99.22
CA ALA WA 232 -20.19 23.44 -98.70
C ALA WA 232 -19.53 22.10 -98.44
N GLN WA 233 -20.33 21.09 -98.08
CA GLN WA 233 -19.76 19.75 -97.89
C GLN WA 233 -19.34 19.15 -99.21
N VAL WA 234 -19.98 19.55 -100.29
CA VAL WA 234 -19.51 19.12 -101.61
C VAL WA 234 -18.20 19.79 -101.94
N ILE WA 235 -18.06 21.08 -101.62
CA ILE WA 235 -16.87 21.84 -101.98
C ILE WA 235 -15.66 21.29 -101.24
N SER WA 236 -15.81 21.03 -99.95
CA SER WA 236 -14.69 20.52 -99.16
C SER WA 236 -14.32 19.10 -99.56
N SER WA 237 -15.22 18.40 -100.25
CA SER WA 237 -14.87 17.08 -100.70
C SER WA 237 -14.09 17.11 -102.00
N LEU WA 238 -14.28 18.14 -102.82
CA LEU WA 238 -13.42 18.33 -103.97
C LEU WA 238 -11.99 18.65 -103.55
N THR WA 239 -11.83 19.65 -102.70
CA THR WA 239 -10.49 20.16 -102.38
C THR WA 239 -9.80 19.37 -101.30
N ALA WA 240 -10.34 18.22 -100.91
CA ALA WA 240 -9.74 17.44 -99.83
C ALA WA 240 -8.42 16.80 -100.24
N SER WA 241 -8.23 16.53 -101.53
CA SER WA 241 -6.96 15.97 -101.99
C SER WA 241 -5.84 16.99 -101.91
N LEU WA 242 -6.15 18.25 -102.21
CA LEU WA 242 -5.17 19.32 -102.02
C LEU WA 242 -4.81 19.47 -100.55
N ARG WA 243 -5.80 19.35 -99.68
CA ARG WA 243 -5.57 19.60 -98.27
C ARG WA 243 -4.92 18.40 -97.59
N PHE WA 244 -5.58 17.25 -97.64
CA PHE WA 244 -5.32 16.17 -96.71
C PHE WA 244 -4.71 14.97 -97.40
N ASP WA 245 -3.76 14.34 -96.73
CA ASP WA 245 -3.03 13.21 -97.31
C ASP WA 245 -3.89 11.96 -97.29
N GLY WA 246 -3.96 11.29 -98.44
CA GLY WA 246 -4.83 10.14 -98.61
C GLY WA 246 -4.15 9.04 -99.38
N ALA WA 247 -4.88 7.92 -99.50
CA ALA WA 247 -4.32 6.76 -100.18
C ALA WA 247 -4.23 6.97 -101.69
N LEU WA 248 -5.21 7.67 -102.27
CA LEU WA 248 -5.24 7.87 -103.72
C LEU WA 248 -6.00 9.18 -103.95
N ASN WA 249 -5.27 10.22 -104.33
CA ASN WA 249 -5.79 11.58 -104.27
C ASN WA 249 -5.76 12.26 -105.64
N VAL WA 250 -6.77 13.11 -105.87
CA VAL WA 250 -7.04 13.71 -107.17
C VAL WA 250 -7.05 15.22 -106.98
N ASP WA 251 -5.94 15.87 -107.35
CA ASP WA 251 -5.87 17.33 -107.26
C ASP WA 251 -6.71 17.98 -108.35
N VAL WA 252 -6.95 19.28 -108.18
CA VAL WA 252 -7.81 19.98 -109.12
C VAL WA 252 -7.16 20.21 -110.48
N THR WA 253 -5.85 20.01 -110.59
CA THR WA 253 -5.25 20.13 -111.90
C THR WA 253 -5.44 18.89 -112.75
N GLU WA 254 -5.76 17.74 -112.15
CA GLU WA 254 -6.10 16.57 -112.93
C GLU WA 254 -7.58 16.27 -112.96
N PHE WA 255 -8.33 16.78 -112.00
CA PHE WA 255 -9.79 16.85 -112.12
C PHE WA 255 -10.16 17.49 -113.45
N GLN WA 256 -9.44 18.56 -113.79
CA GLN WA 256 -9.56 19.25 -115.06
C GLN WA 256 -9.31 18.29 -116.22
N THR WA 257 -8.19 17.56 -116.16
CA THR WA 257 -7.72 16.70 -117.25
C THR WA 257 -8.51 15.41 -117.37
N ASN WA 258 -9.01 14.88 -116.27
CA ASN WA 258 -9.63 13.56 -116.25
C ASN WA 258 -11.03 13.57 -116.85
N LEU WA 259 -11.78 14.67 -116.74
CA LEU WA 259 -13.21 14.64 -117.04
C LEU WA 259 -13.57 15.10 -118.45
N VAL WA 260 -13.11 16.26 -118.86
CA VAL WA 260 -13.66 16.94 -120.04
C VAL WA 260 -13.29 16.21 -121.33
N PRO WA 261 -14.26 15.71 -122.08
CA PRO WA 261 -13.92 14.95 -123.30
C PRO WA 261 -13.63 15.79 -124.53
N TYR WA 262 -14.37 16.86 -124.71
CA TYR WA 262 -14.32 17.74 -125.87
C TYR WA 262 -14.27 19.16 -125.33
N PRO WA 263 -13.69 20.12 -126.06
CA PRO WA 263 -13.21 21.35 -125.41
C PRO WA 263 -14.28 22.19 -124.71
N ARG WA 264 -15.50 22.23 -125.22
CA ARG WA 264 -16.54 23.02 -124.60
C ARG WA 264 -17.36 22.24 -123.59
N ILE WA 265 -17.32 20.91 -123.65
CA ILE WA 265 -18.28 20.08 -122.91
C ILE WA 265 -17.72 19.89 -121.51
N HIS WA 266 -17.95 20.89 -120.66
CA HIS WA 266 -17.46 20.82 -119.29
C HIS WA 266 -18.54 21.28 -118.32
N PHE WA 267 -19.76 20.82 -118.51
CA PHE WA 267 -20.85 21.05 -117.58
C PHE WA 267 -21.11 19.76 -116.82
N MET WA 268 -20.93 19.81 -115.50
CA MET WA 268 -21.00 18.62 -114.66
C MET WA 268 -22.08 18.72 -113.60
N LEU WA 269 -22.89 17.67 -113.50
CA LEU WA 269 -23.77 17.45 -112.37
C LEU WA 269 -22.97 16.96 -111.18
N SER WA 270 -23.40 17.33 -109.99
CA SER WA 270 -22.78 16.83 -108.79
C SER WA 270 -23.71 15.88 -108.08
N SER WA 271 -23.19 15.21 -107.06
CA SER WA 271 -23.97 14.29 -106.25
C SER WA 271 -23.28 14.13 -104.91
N TYR WA 272 -23.99 13.57 -103.96
CA TYR WA 272 -23.40 13.35 -102.64
C TYR WA 272 -24.19 12.27 -101.94
N ALA WA 273 -23.48 11.46 -101.14
CA ALA WA 273 -24.10 10.45 -100.31
C ALA WA 273 -23.07 10.05 -99.27
N PRO WA 274 -23.45 9.86 -98.01
CA PRO WA 274 -24.80 9.96 -97.48
C PRO WA 274 -25.18 11.34 -97.03
N ILE WA 275 -26.45 11.67 -97.19
CA ILE WA 275 -27.04 12.85 -96.59
C ILE WA 275 -28.12 12.32 -95.67
N ILE WA 276 -27.77 12.06 -94.41
CA ILE WA 276 -28.70 11.48 -93.46
C ILE WA 276 -28.63 12.23 -92.15
N SER WA 277 -29.76 12.32 -91.48
CA SER WA 277 -29.85 13.00 -90.21
C SER WA 277 -29.39 12.09 -89.09
N ALA WA 278 -29.45 12.59 -87.86
CA ALA WA 278 -29.30 11.73 -86.70
C ALA WA 278 -30.52 10.86 -86.49
N GLU WA 279 -31.61 11.14 -87.21
CA GLU WA 279 -32.82 10.32 -87.24
C GLU WA 279 -32.50 8.90 -87.61
N LYS WA 280 -32.04 8.73 -88.84
CA LYS WA 280 -31.94 7.43 -89.47
C LYS WA 280 -30.50 6.98 -89.64
N ALA WA 281 -29.55 7.68 -89.02
CA ALA WA 281 -28.18 7.17 -89.02
C ALA WA 281 -28.09 5.93 -88.14
N TYR WA 282 -28.78 5.95 -87.02
CA TYR WA 282 -28.75 4.85 -86.07
C TYR WA 282 -29.33 3.59 -86.70
N HIS WA 283 -30.30 3.72 -87.58
CA HIS WA 283 -30.98 2.57 -88.16
C HIS WA 283 -30.35 2.11 -89.46
N GLU WA 284 -29.24 2.70 -89.87
CA GLU WA 284 -28.67 2.38 -91.17
C GLU WA 284 -27.17 2.18 -91.06
N GLN WA 285 -26.68 1.07 -91.61
CA GLN WA 285 -25.25 0.96 -91.85
C GLN WA 285 -24.93 1.63 -93.16
N LEU WA 286 -23.76 2.25 -93.22
CA LEU WA 286 -23.38 3.01 -94.38
C LEU WA 286 -22.11 2.36 -94.88
N SER WA 287 -22.25 1.34 -95.69
CA SER WA 287 -21.09 0.66 -96.26
C SER WA 287 -20.98 1.02 -97.72
N VAL WA 288 -19.78 0.78 -98.25
CA VAL WA 288 -19.40 1.23 -99.58
C VAL WA 288 -20.28 0.62 -100.66
N ALA WA 289 -20.90 -0.52 -100.37
CA ALA WA 289 -21.82 -1.11 -101.33
C ALA WA 289 -23.06 -0.26 -101.53
N GLU WA 290 -23.53 0.42 -100.49
CA GLU WA 290 -24.78 1.15 -100.62
C GLU WA 290 -24.63 2.65 -100.71
N ILE WA 291 -23.53 3.22 -100.20
CA ILE WA 291 -23.33 4.64 -100.44
C ILE WA 291 -23.07 4.88 -101.92
N THR WA 292 -22.42 3.95 -102.61
CA THR WA 292 -22.23 4.10 -104.04
C THR WA 292 -23.52 3.82 -104.80
N ASN WA 293 -24.50 3.18 -104.16
CA ASN WA 293 -25.79 3.02 -104.84
C ASN WA 293 -26.66 4.24 -104.62
N SER WA 294 -26.59 4.84 -103.44
CA SER WA 294 -27.32 6.08 -103.21
C SER WA 294 -26.68 7.24 -103.92
N ALA WA 295 -25.37 7.14 -104.21
CA ALA WA 295 -24.68 8.20 -104.92
C ALA WA 295 -25.22 8.35 -106.34
N PHE WA 296 -25.50 7.25 -106.99
CA PHE WA 296 -25.94 7.30 -108.38
C PHE WA 296 -27.44 7.30 -108.51
N GLU WA 297 -28.17 7.30 -107.40
CA GLU WA 297 -29.60 7.12 -107.44
C GLU WA 297 -30.25 8.33 -108.10
N PRO WA 298 -31.14 8.15 -109.08
CA PRO WA 298 -31.54 9.25 -109.97
C PRO WA 298 -32.35 10.34 -109.30
N ALA WA 299 -32.67 10.21 -108.03
CA ALA WA 299 -33.25 11.30 -107.25
C ALA WA 299 -32.34 11.65 -106.08
N SER WA 300 -31.04 11.59 -106.31
CA SER WA 300 -30.10 11.98 -105.27
C SER WA 300 -29.02 12.92 -105.80
N MET WA 301 -29.08 13.32 -107.06
CA MET WA 301 -28.14 14.33 -107.50
C MET WA 301 -28.64 15.72 -107.12
N MET WA 302 -27.82 16.70 -107.41
CA MET WA 302 -28.02 18.07 -106.96
C MET WA 302 -28.39 18.98 -108.12
N ALA WA 303 -29.14 18.44 -109.07
CA ALA WA 303 -29.47 19.18 -110.28
C ALA WA 303 -30.92 19.11 -110.69
N LYS WA 304 -31.69 18.14 -110.19
CA LYS WA 304 -33.02 17.80 -110.70
C LYS WA 304 -32.93 17.62 -112.21
N CYS WA 305 -32.25 16.54 -112.56
CA CYS WA 305 -31.96 16.23 -113.95
C CYS WA 305 -32.00 14.71 -114.02
N ASP WA 306 -33.14 14.18 -114.41
CA ASP WA 306 -33.43 12.76 -114.35
C ASP WA 306 -32.54 12.11 -115.39
N PRO WA 307 -31.50 11.37 -114.99
CA PRO WA 307 -30.52 10.90 -115.96
C PRO WA 307 -30.92 9.64 -116.70
N ARG WA 308 -32.13 9.13 -116.48
CA ARG WA 308 -32.56 7.92 -117.19
C ARG WA 308 -32.70 8.19 -118.68
N HIS WA 309 -33.09 9.41 -119.05
CA HIS WA 309 -33.03 9.84 -120.44
C HIS WA 309 -31.70 10.52 -120.76
N GLY WA 310 -30.64 10.12 -120.08
CA GLY WA 310 -29.31 10.54 -120.44
C GLY WA 310 -28.36 9.36 -120.44
N LYS WA 311 -27.21 9.57 -121.07
CA LYS WA 311 -26.14 8.59 -121.11
C LYS WA 311 -24.98 9.16 -120.33
N TYR WA 312 -24.43 8.39 -119.41
CA TYR WA 312 -23.27 8.87 -118.69
C TYR WA 312 -22.04 8.85 -119.60
N MET WA 313 -21.07 9.66 -119.25
CA MET WA 313 -19.82 9.66 -119.99
C MET WA 313 -18.60 9.56 -119.10
N ALA WA 314 -18.61 10.19 -117.93
CA ALA WA 314 -17.46 10.18 -117.04
C ALA WA 314 -17.93 10.44 -115.63
N CYS WA 315 -17.33 9.75 -114.67
CA CYS WA 315 -17.65 9.91 -113.26
C CYS WA 315 -16.37 9.96 -112.46
N CYS WA 316 -16.30 10.91 -111.52
CA CYS WA 316 -15.13 11.05 -110.67
C CYS WA 316 -15.59 10.97 -109.23
N LEU WA 317 -15.03 10.03 -108.48
CA LEU WA 317 -15.51 9.71 -107.15
C LEU WA 317 -14.41 9.98 -106.16
N MET WA 318 -14.70 10.74 -105.12
CA MET WA 318 -13.76 10.95 -104.03
C MET WA 318 -14.37 10.33 -102.79
N TYR WA 319 -14.16 9.04 -102.61
CA TYR WA 319 -14.48 8.41 -101.34
C TYR WA 319 -13.65 9.06 -100.26
N ARG WA 320 -14.25 9.26 -99.11
CA ARG WA 320 -13.55 9.94 -98.03
C ARG WA 320 -13.84 9.23 -96.73
N GLY WA 321 -12.82 9.11 -95.90
CA GLY WA 321 -12.92 8.44 -94.63
C GLY WA 321 -12.37 7.03 -94.68
N ASP WA 322 -12.81 6.22 -93.72
CA ASP WA 322 -12.29 4.86 -93.53
C ASP WA 322 -12.86 3.99 -94.64
N VAL WA 323 -12.25 4.10 -95.81
CA VAL WA 323 -12.65 3.32 -96.97
C VAL WA 323 -11.45 2.47 -97.40
N VAL WA 324 -11.69 1.22 -97.74
CA VAL WA 324 -10.62 0.35 -98.22
C VAL WA 324 -10.71 0.26 -99.74
N PRO WA 325 -9.60 0.10 -100.45
CA PRO WA 325 -9.66 0.09 -101.91
C PRO WA 325 -10.19 -1.20 -102.50
N LYS WA 326 -10.39 -2.24 -101.69
CA LYS WA 326 -11.05 -3.44 -102.18
C LYS WA 326 -12.47 -3.13 -102.63
N ASP WA 327 -13.32 -2.73 -101.70
CA ASP WA 327 -14.71 -2.49 -102.04
C ASP WA 327 -14.90 -1.18 -102.77
N VAL WA 328 -13.87 -0.33 -102.83
CA VAL WA 328 -13.88 0.72 -103.84
C VAL WA 328 -13.91 0.10 -105.22
N ASN WA 329 -13.06 -0.89 -105.44
CA ASN WA 329 -13.02 -1.59 -106.72
C ASN WA 329 -14.28 -2.43 -106.91
N ALA WA 330 -14.72 -3.10 -105.85
CA ALA WA 330 -15.80 -4.06 -106.01
C ALA WA 330 -17.14 -3.38 -106.23
N ALA WA 331 -17.42 -2.32 -105.47
CA ALA WA 331 -18.75 -1.73 -105.51
C ALA WA 331 -19.02 -1.04 -106.83
N VAL WA 332 -17.99 -0.50 -107.47
CA VAL WA 332 -18.23 0.15 -108.74
C VAL WA 332 -18.35 -0.85 -109.87
N ALA WA 333 -17.86 -2.08 -109.67
CA ALA WA 333 -18.09 -3.12 -110.65
C ALA WA 333 -19.55 -3.52 -110.67
N THR WA 334 -20.23 -3.38 -109.53
CA THR WA 334 -21.65 -3.66 -109.48
C THR WA 334 -22.43 -2.70 -110.35
N ILE WA 335 -21.99 -1.43 -110.37
CA ILE WA 335 -22.72 -0.40 -111.11
C ILE WA 335 -22.62 -0.64 -112.61
N LYS WA 336 -21.46 -1.11 -113.08
CA LYS WA 336 -21.31 -1.40 -114.50
C LYS WA 336 -22.23 -2.54 -114.92
N THR WA 337 -22.43 -3.52 -114.05
CA THR WA 337 -23.20 -4.70 -114.38
C THR WA 337 -24.68 -4.39 -114.53
N LYS WA 338 -25.23 -3.56 -113.65
CA LYS WA 338 -26.67 -3.30 -113.69
C LYS WA 338 -27.02 -2.46 -114.91
N ARG WA 339 -28.28 -2.59 -115.32
CA ARG WA 339 -28.68 -2.20 -116.65
C ARG WA 339 -29.46 -0.90 -116.72
N THR WA 340 -29.68 -0.24 -115.59
CA THR WA 340 -30.42 1.02 -115.62
C THR WA 340 -29.52 2.18 -116.02
N ILE WA 341 -28.20 1.99 -115.97
CA ILE WA 341 -27.23 3.02 -116.28
C ILE WA 341 -26.47 2.59 -117.52
N GLN WA 342 -26.40 3.46 -118.52
CA GLN WA 342 -25.74 3.12 -119.78
C GLN WA 342 -24.67 4.17 -120.07
N PHE WA 343 -23.41 3.76 -119.93
CA PHE WA 343 -22.30 4.58 -120.38
C PHE WA 343 -22.27 4.58 -121.90
N VAL WA 344 -21.64 5.60 -122.46
CA VAL WA 344 -21.71 5.78 -123.91
C VAL WA 344 -20.76 4.79 -124.56
N ASP WA 345 -21.10 4.38 -125.79
CA ASP WA 345 -20.40 3.30 -126.48
C ASP WA 345 -18.96 3.64 -126.82
N TRP WA 346 -18.61 4.92 -126.87
CA TRP WA 346 -17.23 5.25 -127.17
C TRP WA 346 -16.36 5.39 -125.92
N CYS WA 347 -16.93 5.30 -124.74
CA CYS WA 347 -16.14 5.43 -123.51
C CYS WA 347 -16.23 4.13 -122.73
N PRO WA 348 -15.28 3.21 -122.90
CA PRO WA 348 -15.43 1.91 -122.24
C PRO WA 348 -15.17 1.95 -120.76
N THR WA 349 -14.22 2.74 -120.30
CA THR WA 349 -14.05 2.93 -118.87
C THR WA 349 -14.33 4.38 -118.53
N GLY WA 350 -15.09 4.59 -117.46
CA GLY WA 350 -15.53 5.93 -117.14
C GLY WA 350 -15.60 6.25 -115.68
N PHE WA 351 -14.79 5.59 -114.86
CA PHE WA 351 -14.80 5.80 -113.43
C PHE WA 351 -13.42 6.18 -112.95
N LYS WA 352 -13.34 7.19 -112.13
CA LYS WA 352 -12.11 7.56 -111.45
C LYS WA 352 -12.36 7.45 -109.95
N CYS WA 353 -11.45 6.80 -109.23
CA CYS WA 353 -11.60 6.59 -107.80
C CYS WA 353 -10.59 7.42 -107.04
N GLY WA 354 -11.06 8.17 -106.07
CA GLY WA 354 -10.19 8.83 -105.13
C GLY WA 354 -10.54 8.42 -103.72
N ILE WA 355 -9.51 8.37 -102.88
CA ILE WA 355 -9.68 8.03 -101.47
C ILE WA 355 -8.88 9.03 -100.65
N ASN WA 356 -9.53 9.67 -99.68
CA ASN WA 356 -8.86 10.48 -98.69
C ASN WA 356 -9.05 9.85 -97.32
N TYR WA 357 -8.08 10.05 -96.45
CA TYR WA 357 -8.12 9.42 -95.14
C TYR WA 357 -9.01 10.14 -94.15
N GLN WA 358 -9.33 11.40 -94.39
CA GLN WA 358 -10.01 12.18 -93.38
C GLN WA 358 -11.50 11.88 -93.42
N PRO WA 359 -12.14 11.57 -92.30
CA PRO WA 359 -13.58 11.48 -92.28
C PRO WA 359 -14.22 12.84 -92.53
N PRO WA 360 -15.39 12.87 -93.14
CA PRO WA 360 -16.08 14.14 -93.35
C PRO WA 360 -16.47 14.79 -92.04
N THR WA 361 -16.37 16.12 -92.02
CA THR WA 361 -16.61 16.86 -90.80
C THR WA 361 -18.02 17.40 -90.78
N VAL WA 362 -18.56 17.57 -89.58
CA VAL WA 362 -19.92 18.03 -89.38
C VAL WA 362 -19.89 19.30 -88.52
N VAL WA 363 -20.66 20.30 -88.92
CA VAL WA 363 -20.69 21.57 -88.21
C VAL WA 363 -21.51 21.42 -86.94
N PRO WA 364 -21.18 22.14 -85.87
CA PRO WA 364 -22.03 22.10 -84.67
C PRO WA 364 -23.37 22.76 -84.95
N GLY WA 365 -24.44 22.10 -84.52
CA GLY WA 365 -25.77 22.59 -84.76
C GLY WA 365 -26.31 22.31 -86.15
N GLY WA 366 -25.49 21.78 -87.04
CA GLY WA 366 -25.98 21.42 -88.35
C GLY WA 366 -26.79 20.15 -88.32
N ASP WA 367 -27.58 19.97 -89.36
CA ASP WA 367 -28.49 18.84 -89.41
C ASP WA 367 -27.91 17.61 -90.09
N LEU WA 368 -26.70 17.70 -90.64
CA LEU WA 368 -26.05 16.50 -91.13
C LEU WA 368 -25.52 15.68 -89.95
N ALA WA 369 -25.36 14.38 -90.19
CA ALA WA 369 -24.83 13.49 -89.18
C ALA WA 369 -23.39 13.11 -89.53
N LYS WA 370 -22.60 12.80 -88.50
CA LYS WA 370 -21.22 12.39 -88.74
C LYS WA 370 -21.25 10.97 -89.30
N VAL WA 371 -20.67 10.80 -90.47
CA VAL WA 371 -20.64 9.51 -91.15
C VAL WA 371 -19.19 9.14 -91.40
N MET WA 372 -18.89 7.86 -91.23
CA MET WA 372 -17.50 7.43 -91.35
C MET WA 372 -17.02 7.45 -92.77
N ARG WA 373 -17.90 7.33 -93.74
CA ARG WA 373 -17.47 7.30 -95.12
C ARG WA 373 -18.48 8.04 -95.98
N ALA WA 374 -17.99 8.83 -96.93
CA ALA WA 374 -18.87 9.62 -97.77
C ALA WA 374 -18.28 9.75 -99.16
N VAL WA 375 -19.15 9.92 -100.13
CA VAL WA 375 -18.79 9.95 -101.54
C VAL WA 375 -19.16 11.31 -102.08
N CYS WA 376 -18.31 11.88 -102.91
CA CYS WA 376 -18.69 13.04 -103.70
C CYS WA 376 -18.51 12.69 -105.17
N MET WA 377 -19.58 12.82 -105.93
CA MET WA 377 -19.61 12.40 -107.32
C MET WA 377 -19.77 13.62 -108.20
N ILE WA 378 -18.96 13.67 -109.26
CA ILE WA 378 -19.08 14.72 -110.27
C ILE WA 378 -19.17 14.04 -111.63
N SER WA 379 -20.25 14.27 -112.34
CA SER WA 379 -20.57 13.47 -113.51
C SER WA 379 -20.76 14.34 -114.74
N ASN WA 380 -20.17 13.92 -115.85
CA ASN WA 380 -20.69 14.30 -117.14
C ASN WA 380 -21.90 13.44 -117.46
N SER WA 381 -22.76 13.96 -118.33
CA SER WA 381 -23.87 13.17 -118.83
C SER WA 381 -24.36 13.78 -120.12
N THR WA 382 -25.17 13.02 -120.84
CA THR WA 382 -25.95 13.55 -121.93
C THR WA 382 -27.32 14.00 -121.47
N ALA WA 383 -27.59 13.92 -120.18
CA ALA WA 383 -28.86 14.41 -119.65
C ALA WA 383 -28.87 15.90 -119.41
N ILE WA 384 -27.69 16.55 -119.45
CA ILE WA 384 -27.60 18.00 -119.25
C ILE WA 384 -28.38 18.75 -120.31
N ALA WA 385 -28.51 18.18 -121.51
CA ALA WA 385 -29.19 18.86 -122.59
C ALA WA 385 -30.66 19.13 -122.30
N GLU WA 386 -31.25 18.43 -121.34
CA GLU WA 386 -32.64 18.72 -121.00
C GLU WA 386 -32.77 20.06 -120.27
N VAL WA 387 -31.74 20.45 -119.51
CA VAL WA 387 -31.76 21.76 -118.89
C VAL WA 387 -31.57 22.85 -119.93
N PHE WA 388 -30.59 22.66 -120.82
CA PHE WA 388 -30.26 23.69 -121.79
C PHE WA 388 -31.34 23.85 -122.83
N SER WA 389 -32.05 22.77 -123.15
CA SER WA 389 -33.15 22.89 -124.08
C SER WA 389 -34.31 23.65 -123.46
N ARG WA 390 -34.51 23.47 -122.16
CA ARG WA 390 -35.67 24.10 -121.53
C ARG WA 390 -35.42 25.58 -121.27
N MET WA 391 -34.19 25.96 -120.95
CA MET WA 391 -33.88 27.39 -120.83
C MET WA 391 -33.87 28.06 -122.19
N ASP WA 392 -33.50 27.31 -123.23
CA ASP WA 392 -33.72 27.80 -124.58
C ASP WA 392 -35.20 27.96 -124.85
N HIS WA 393 -36.03 27.10 -124.27
CA HIS WA 393 -37.47 27.24 -124.43
C HIS WA 393 -38.02 28.38 -123.59
N LYS WA 394 -37.36 28.72 -122.48
CA LYS WA 394 -37.81 29.85 -121.71
C LYS WA 394 -37.40 31.17 -122.34
N PHE WA 395 -36.43 31.14 -123.25
CA PHE WA 395 -35.94 32.37 -123.85
C PHE WA 395 -36.79 32.73 -125.05
N ASP WA 396 -37.05 31.76 -125.92
CA ASP WA 396 -37.71 32.07 -127.18
C ASP WA 396 -39.20 32.36 -127.04
N LEU WA 397 -39.82 32.08 -125.89
CA LEU WA 397 -41.19 32.54 -125.69
C LEU WA 397 -41.23 33.99 -125.25
N MET WA 398 -40.30 34.42 -124.39
CA MET WA 398 -40.23 35.83 -124.01
C MET WA 398 -39.87 36.70 -125.21
N TYR WA 399 -38.84 36.30 -125.94
CA TYR WA 399 -38.31 37.07 -127.07
C TYR WA 399 -39.21 37.01 -128.29
N ALA WA 400 -40.23 36.14 -128.28
CA ALA WA 400 -41.11 35.97 -129.44
C ALA WA 400 -41.81 37.27 -129.81
N LYS WA 401 -42.16 38.08 -128.82
CA LYS WA 401 -42.55 39.46 -129.09
C LYS WA 401 -41.84 40.40 -128.12
N ARG WA 402 -40.64 40.00 -127.70
CA ARG WA 402 -39.60 40.90 -127.19
C ARG WA 402 -40.04 41.65 -125.94
N ALA WA 403 -40.30 40.87 -124.89
CA ALA WA 403 -40.60 41.46 -123.59
C ALA WA 403 -39.31 41.71 -122.83
N PHE WA 404 -39.32 42.74 -122.00
CA PHE WA 404 -38.25 43.14 -121.09
C PHE WA 404 -36.98 43.57 -121.81
N VAL WA 405 -36.99 43.58 -123.14
CA VAL WA 405 -35.78 43.84 -123.91
C VAL WA 405 -35.30 45.25 -123.72
N HIS WA 406 -36.21 46.18 -123.45
CA HIS WA 406 -35.91 47.61 -123.57
C HIS WA 406 -34.97 48.13 -122.48
N TRP WA 407 -34.73 47.37 -121.42
CA TRP WA 407 -33.65 47.78 -120.52
C TRP WA 407 -32.37 47.03 -120.78
N TYR WA 408 -32.45 45.91 -121.51
CA TYR WA 408 -31.23 45.33 -122.04
C TYR WA 408 -30.67 46.18 -123.16
N VAL WA 409 -31.52 46.59 -124.10
CA VAL WA 409 -31.09 47.41 -125.22
C VAL WA 409 -30.72 48.80 -124.73
N GLY WA 410 -31.53 49.38 -123.86
CA GLY WA 410 -31.29 50.73 -123.43
C GLY WA 410 -30.09 50.91 -122.53
N GLU WA 411 -29.53 49.83 -122.00
CA GLU WA 411 -28.45 50.01 -121.05
C GLU WA 411 -27.08 49.91 -121.69
N GLY WA 412 -26.98 49.27 -122.85
CA GLY WA 412 -25.72 49.23 -123.56
C GLY WA 412 -25.43 47.95 -124.32
N MET WA 413 -26.30 46.96 -124.23
CA MET WA 413 -26.15 45.78 -125.04
C MET WA 413 -26.57 46.07 -126.47
N GLU WA 414 -26.53 45.06 -127.31
CA GLU WA 414 -26.94 45.17 -128.69
C GLU WA 414 -28.22 44.38 -128.90
N GLU WA 415 -28.69 44.38 -130.13
CA GLU WA 415 -29.83 43.59 -130.55
C GLU WA 415 -29.38 42.70 -131.69
N GLY WA 416 -29.81 41.45 -131.67
CA GLY WA 416 -29.17 40.41 -132.42
C GLY WA 416 -28.01 39.77 -131.70
N GLU WA 417 -27.48 40.46 -130.69
CA GLU WA 417 -26.59 39.83 -129.73
C GLU WA 417 -27.30 38.73 -128.97
N PHE WA 418 -28.58 38.94 -128.66
CA PHE WA 418 -29.38 37.86 -128.12
C PHE WA 418 -29.56 36.76 -129.14
N SER WA 419 -29.69 37.13 -130.42
CA SER WA 419 -29.92 36.14 -131.46
C SER WA 419 -28.71 35.23 -131.63
N GLU WA 420 -27.51 35.81 -131.67
CA GLU WA 420 -26.31 34.99 -131.82
C GLU WA 420 -26.05 34.14 -130.58
N ALA WA 421 -26.33 34.67 -129.39
CA ALA WA 421 -26.08 33.91 -128.18
C ALA WA 421 -27.05 32.74 -128.07
N ARG WA 422 -28.27 32.90 -128.53
CA ARG WA 422 -29.18 31.76 -128.59
C ARG WA 422 -28.70 30.78 -129.65
N GLU WA 423 -28.06 31.27 -130.70
CA GLU WA 423 -27.42 30.37 -131.64
C GLU WA 423 -26.17 29.72 -131.05
N ASP WA 424 -25.57 30.31 -130.02
CA ASP WA 424 -24.55 29.58 -129.29
C ASP WA 424 -25.17 28.44 -128.50
N LEU WA 425 -26.29 28.68 -127.83
CA LEU WA 425 -26.96 27.61 -127.11
C LEU WA 425 -27.51 26.57 -128.08
N ALA WA 426 -27.95 27.02 -129.24
CA ALA WA 426 -28.37 26.08 -130.28
C ALA WA 426 -27.20 25.21 -130.71
N ALA WA 427 -26.00 25.77 -130.74
CA ALA WA 427 -24.82 24.97 -131.03
C ALA WA 427 -24.52 24.01 -129.89
N LEU WA 428 -24.71 24.47 -128.65
CA LEU WA 428 -24.36 23.64 -127.50
C LEU WA 428 -25.31 22.47 -127.34
N GLU WA 429 -26.59 22.66 -127.67
CA GLU WA 429 -27.53 21.56 -127.49
C GLU WA 429 -27.39 20.53 -128.60
N LYS WA 430 -27.05 20.97 -129.82
CA LYS WA 430 -26.85 19.99 -130.89
C LYS WA 430 -25.53 19.26 -130.72
N ASP WA 431 -24.59 19.86 -130.00
CA ASP WA 431 -23.33 19.19 -129.71
C ASP WA 431 -23.54 17.97 -128.84
N TYR WA 432 -24.35 18.09 -127.80
CA TYR WA 432 -24.59 16.96 -126.91
C TYR WA 432 -25.35 15.85 -127.62
N GLU WA 433 -26.10 16.18 -128.66
CA GLU WA 433 -26.88 15.16 -129.34
C GLU WA 433 -25.99 14.31 -130.26
N GLU WA 434 -25.01 14.93 -130.91
CA GLU WA 434 -24.13 14.17 -131.79
C GLU WA 434 -23.07 13.40 -131.04
N VAL WA 435 -22.91 13.64 -129.73
CA VAL WA 435 -22.02 12.82 -128.92
C VAL WA 435 -22.60 11.43 -128.75
N GLY WA 436 -23.88 11.34 -128.42
CA GLY WA 436 -24.46 10.10 -127.94
C GLY WA 436 -24.85 9.09 -128.97
N ILE WA 437 -24.51 9.29 -130.24
CA ILE WA 437 -24.93 8.37 -131.29
C ILE WA 437 -23.72 7.68 -131.91
N MET XA 1 -23.82 57.13 -99.74
CA MET XA 1 -24.27 55.74 -99.67
C MET XA 1 -25.40 55.50 -100.66
N ARG XA 2 -26.60 55.25 -100.13
CA ARG XA 2 -27.79 55.04 -100.97
C ARG XA 2 -28.99 55.69 -100.27
N GLU XA 3 -29.31 56.91 -100.66
CA GLU XA 3 -30.31 57.70 -99.96
C GLU XA 3 -31.48 57.99 -100.90
N ILE XA 4 -32.69 57.98 -100.34
CA ILE XA 4 -33.89 58.34 -101.08
C ILE XA 4 -34.35 59.69 -100.59
N VAL XA 5 -34.61 60.61 -101.52
CA VAL XA 5 -35.07 61.96 -101.18
C VAL XA 5 -36.58 62.00 -101.36
N HIS XA 6 -37.27 62.54 -100.36
CA HIS XA 6 -38.73 62.49 -100.26
C HIS XA 6 -39.33 63.85 -100.60
N VAL XA 7 -40.34 63.85 -101.45
CA VAL XA 7 -41.03 65.07 -101.86
C VAL XA 7 -42.52 64.88 -101.63
N GLN XA 8 -43.10 65.67 -100.73
CA GLN XA 8 -44.53 65.58 -100.45
C GLN XA 8 -45.21 66.85 -100.90
N GLY XA 9 -46.08 66.73 -101.90
CA GLY XA 9 -46.83 67.86 -102.39
C GLY XA 9 -48.31 67.59 -102.39
N GLY XA 10 -49.09 68.66 -102.29
CA GLY XA 10 -50.53 68.56 -102.30
C GLY XA 10 -51.11 68.41 -100.90
N GLN XA 11 -52.40 68.71 -100.78
CA GLN XA 11 -53.10 68.55 -99.51
C GLN XA 11 -53.12 67.09 -99.08
N CYS XA 12 -53.37 66.18 -100.04
CA CYS XA 12 -53.30 64.76 -99.75
C CYS XA 12 -51.88 64.33 -99.39
N GLY XA 13 -50.89 64.82 -100.14
CA GLY XA 13 -49.55 64.30 -100.00
C GLY XA 13 -48.92 64.61 -98.66
N ASN XA 14 -49.18 65.78 -98.11
CA ASN XA 14 -48.49 66.18 -96.89
C ASN XA 14 -49.03 65.42 -95.69
N GLN XA 15 -50.26 64.93 -95.76
CA GLN XA 15 -50.76 64.15 -94.64
C GLN XA 15 -50.52 62.65 -94.83
N ILE XA 16 -50.54 62.16 -96.07
CA ILE XA 16 -50.21 60.75 -96.28
C ILE XA 16 -48.73 60.54 -96.09
N GLY XA 17 -47.94 61.60 -96.23
CA GLY XA 17 -46.53 61.52 -95.89
C GLY XA 17 -46.25 61.85 -94.44
N ALA XA 18 -47.17 62.55 -93.78
CA ALA XA 18 -47.01 62.78 -92.35
C ALA XA 18 -47.08 61.47 -91.60
N LYS XA 19 -47.89 60.55 -92.10
CA LYS XA 19 -47.97 59.22 -91.51
C LYS XA 19 -46.77 58.38 -91.88
N PHE XA 20 -46.04 58.74 -92.94
CA PHE XA 20 -44.90 57.94 -93.33
C PHE XA 20 -43.78 58.05 -92.31
N TRP XA 21 -43.29 59.27 -92.08
CA TRP XA 21 -42.28 59.44 -91.05
C TRP XA 21 -42.83 59.23 -89.66
N GLU XA 22 -44.16 59.17 -89.51
CA GLU XA 22 -44.74 58.68 -88.27
C GLU XA 22 -44.39 57.21 -88.06
N VAL XA 23 -44.52 56.39 -89.10
CA VAL XA 23 -44.34 54.95 -88.91
C VAL XA 23 -42.90 54.55 -89.14
N ILE XA 24 -42.16 55.26 -89.99
CA ILE XA 24 -40.76 54.90 -90.22
C ILE XA 24 -39.92 55.23 -88.99
N SER XA 25 -40.21 56.34 -88.33
CA SER XA 25 -39.36 56.78 -87.22
C SER XA 25 -39.41 55.83 -86.04
N ASP XA 26 -40.59 55.31 -85.70
CA ASP XA 26 -40.67 54.37 -84.61
C ASP XA 26 -40.55 52.92 -85.05
N GLU XA 27 -40.44 52.69 -86.35
CA GLU XA 27 -39.98 51.38 -86.80
C GLU XA 27 -38.46 51.31 -86.75
N HIS XA 28 -37.79 52.41 -87.03
CA HIS XA 28 -36.37 52.55 -86.80
C HIS XA 28 -36.03 52.90 -85.36
N GLY XA 29 -36.95 53.53 -84.64
CA GLY XA 29 -36.69 53.90 -83.26
C GLY XA 29 -36.09 55.28 -83.07
N ILE XA 30 -36.77 56.31 -83.57
CA ILE XA 30 -36.39 57.69 -83.35
C ILE XA 30 -37.58 58.47 -82.81
N ASP XA 31 -37.34 59.18 -81.70
CA ASP XA 31 -38.35 59.96 -81.02
C ASP XA 31 -38.74 61.17 -81.86
N PRO XA 32 -39.81 61.89 -81.48
CA PRO XA 32 -40.10 63.16 -82.17
C PRO XA 32 -39.02 64.20 -82.00
N THR XA 33 -38.21 64.13 -80.95
CA THR XA 33 -37.11 65.06 -80.79
C THR XA 33 -35.94 64.79 -81.72
N GLY XA 34 -35.95 63.65 -82.42
CA GLY XA 34 -34.91 63.31 -83.35
C GLY XA 34 -33.86 62.37 -82.79
N THR XA 35 -33.79 62.22 -81.48
CA THR XA 35 -32.81 61.32 -80.90
C THR XA 35 -33.23 59.87 -81.09
N TYR XA 36 -32.24 58.98 -81.05
CA TYR XA 36 -32.48 57.56 -81.17
C TYR XA 36 -32.73 56.95 -79.80
N CYS XA 37 -33.59 55.93 -79.78
CA CYS XA 37 -33.66 55.00 -78.66
C CYS XA 37 -34.09 53.66 -79.21
N GLY XA 38 -33.48 52.60 -78.71
CA GLY XA 38 -33.86 51.27 -79.18
C GLY XA 38 -32.73 50.27 -79.30
N ASP XA 39 -31.50 50.70 -79.00
CA ASP XA 39 -30.27 49.95 -78.71
C ASP XA 39 -30.11 48.64 -79.48
N SER XA 40 -30.45 48.65 -80.76
CA SER XA 40 -30.30 47.49 -81.62
C SER XA 40 -29.53 47.93 -82.85
N ASP XA 41 -28.45 47.22 -83.15
CA ASP XA 41 -27.50 47.69 -84.16
C ASP XA 41 -28.10 47.67 -85.55
N LEU XA 42 -29.05 46.78 -85.80
CA LEU XA 42 -29.60 46.65 -87.14
C LEU XA 42 -30.45 47.87 -87.51
N GLN XA 43 -31.07 48.49 -86.53
CA GLN XA 43 -31.91 49.65 -86.81
C GLN XA 43 -31.11 50.87 -87.19
N LEU XA 44 -29.84 50.93 -86.80
CA LEU XA 44 -29.02 52.11 -86.97
C LEU XA 44 -28.12 52.08 -88.19
N GLU XA 45 -27.53 50.92 -88.49
CA GLU XA 45 -26.48 50.85 -89.49
C GLU XA 45 -26.99 51.09 -90.90
N ARG XA 46 -28.29 51.07 -91.11
CA ARG XA 46 -28.85 51.58 -92.35
C ARG XA 46 -29.96 52.54 -91.95
N ILE XA 47 -29.55 53.77 -91.63
CA ILE XA 47 -30.47 54.86 -91.37
C ILE XA 47 -30.29 55.99 -92.36
N ASN XA 48 -29.15 56.09 -93.02
CA ASN XA 48 -28.89 57.16 -93.95
C ASN XA 48 -29.60 57.00 -95.27
N VAL XA 49 -30.45 55.98 -95.41
CA VAL XA 49 -31.32 55.97 -96.57
C VAL XA 49 -32.32 57.11 -96.47
N PHE XA 50 -32.77 57.43 -95.26
CA PHE XA 50 -33.82 58.42 -95.08
C PHE XA 50 -33.49 59.55 -94.12
N TYR XA 51 -32.43 59.45 -93.34
CA TYR XA 51 -32.12 60.47 -92.35
C TYR XA 51 -30.74 61.08 -92.61
N ASN XA 52 -30.58 62.35 -92.25
CA ASN XA 52 -29.31 63.04 -92.34
C ASN XA 52 -28.94 63.60 -90.97
N GLU XA 53 -27.68 63.46 -90.60
CA GLU XA 53 -27.19 63.95 -89.31
C GLU XA 53 -27.09 65.47 -89.31
N ALA XA 54 -27.29 66.08 -88.14
CA ALA XA 54 -27.21 67.52 -87.97
C ALA XA 54 -26.29 67.92 -86.82
N THR XA 55 -25.27 67.11 -86.55
CA THR XA 55 -24.13 67.40 -85.65
C THR XA 55 -24.49 67.70 -84.21
N GLY XA 56 -25.75 67.65 -83.86
CA GLY XA 56 -26.12 67.44 -82.48
C GLY XA 56 -26.25 65.98 -82.18
N GLY XA 57 -25.96 65.12 -83.15
CA GLY XA 57 -26.24 63.71 -83.07
C GLY XA 57 -27.68 63.34 -83.35
N ARG XA 58 -28.55 64.31 -83.58
CA ARG XA 58 -29.94 64.04 -83.84
C ARG XA 58 -30.22 64.18 -85.33
N PHE XA 59 -31.22 63.44 -85.79
CA PHE XA 59 -31.46 63.28 -87.21
C PHE XA 59 -32.43 64.33 -87.72
N VAL XA 60 -32.44 64.46 -89.04
CA VAL XA 60 -33.43 65.25 -89.77
C VAL XA 60 -33.89 64.42 -90.95
N PRO XA 61 -35.18 64.19 -91.11
CA PRO XA 61 -35.67 63.53 -92.31
C PRO XA 61 -35.37 64.32 -93.57
N ARG XA 62 -35.00 63.59 -94.62
CA ARG XA 62 -34.75 64.18 -95.92
C ARG XA 62 -36.06 64.23 -96.70
N ALA XA 63 -36.92 65.13 -96.26
CA ALA XA 63 -38.21 65.34 -96.90
C ALA XA 63 -38.40 66.82 -97.18
N ILE XA 64 -38.99 67.13 -98.34
CA ILE XA 64 -39.28 68.50 -98.74
C ILE XA 64 -40.79 68.64 -98.79
N LEU XA 65 -41.32 69.53 -97.96
CA LEU XA 65 -42.76 69.67 -97.84
C LEU XA 65 -43.17 70.94 -98.57
N MET XA 66 -44.10 70.81 -99.51
CA MET XA 66 -44.25 71.86 -100.51
C MET XA 66 -45.69 71.88 -101.02
N ASP XA 67 -46.37 72.99 -100.77
CA ASP XA 67 -47.77 73.18 -101.15
C ASP XA 67 -48.07 74.65 -101.09
N LEU XA 68 -49.10 75.07 -101.82
CA LEU XA 68 -49.39 76.47 -102.05
C LEU XA 68 -50.44 77.06 -101.12
N GLU XA 69 -50.82 76.35 -100.06
CA GLU XA 69 -51.75 76.89 -99.11
C GLU XA 69 -51.12 76.66 -97.74
N PRO XA 70 -50.92 77.70 -96.94
CA PRO XA 70 -50.05 77.57 -95.76
C PRO XA 70 -50.68 76.80 -94.62
N GLY XA 71 -51.97 76.51 -94.68
CA GLY XA 71 -52.62 75.82 -93.57
C GLY XA 71 -52.16 74.39 -93.43
N THR XA 72 -51.94 73.70 -94.54
CA THR XA 72 -51.64 72.27 -94.46
C THR XA 72 -50.24 72.04 -93.90
N MET XA 73 -49.31 72.97 -94.09
CA MET XA 73 -48.00 72.82 -93.47
C MET XA 73 -48.07 73.04 -91.97
N ASP XA 74 -48.83 74.05 -91.53
CA ASP XA 74 -49.01 74.29 -90.10
C ASP XA 74 -49.74 73.13 -89.44
N SER XA 75 -50.55 72.41 -90.21
CA SER XA 75 -51.12 71.16 -89.71
C SER XA 75 -50.04 70.13 -89.45
N VAL XA 76 -49.01 70.10 -90.28
CA VAL XA 76 -47.94 69.14 -90.11
C VAL XA 76 -47.09 69.47 -88.89
N ARG XA 77 -46.86 70.76 -88.61
CA ARG XA 77 -46.25 71.16 -87.34
C ARG XA 77 -47.09 70.67 -86.17
N ALA XA 78 -48.38 70.97 -86.20
CA ALA XA 78 -49.24 70.75 -85.04
C ALA XA 78 -49.46 69.29 -84.75
N GLY XA 79 -49.33 68.43 -85.76
CA GLY XA 79 -49.42 67.02 -85.52
C GLY XA 79 -48.18 66.53 -84.82
N PRO XA 80 -48.23 65.33 -84.26
CA PRO XA 80 -47.02 64.75 -83.68
C PRO XA 80 -46.06 64.24 -84.75
N PHE XA 81 -44.82 64.01 -84.28
CA PHE XA 81 -43.68 63.73 -85.17
C PHE XA 81 -43.53 64.86 -86.19
N GLY XA 82 -43.70 66.09 -85.72
CA GLY XA 82 -43.74 67.22 -86.61
C GLY XA 82 -42.52 68.10 -86.55
N GLN XA 83 -41.76 68.01 -85.48
CA GLN XA 83 -40.55 68.81 -85.36
C GLN XA 83 -39.37 68.16 -86.05
N LEU XA 84 -39.57 66.98 -86.65
CA LEU XA 84 -38.48 66.30 -87.32
C LEU XA 84 -38.00 67.07 -88.54
N PHE XA 85 -38.92 67.67 -89.28
CA PHE XA 85 -38.57 68.37 -90.50
C PHE XA 85 -37.93 69.72 -90.17
N ARG XA 86 -37.58 70.47 -91.22
CA ARG XA 86 -36.86 71.71 -90.97
C ARG XA 86 -37.58 72.90 -91.59
N PRO XA 87 -37.49 74.07 -90.95
CA PRO XA 87 -38.11 75.27 -91.53
C PRO XA 87 -37.57 75.65 -92.88
N ASP XA 88 -36.30 75.36 -93.16
CA ASP XA 88 -35.78 75.59 -94.49
C ASP XA 88 -36.41 74.65 -95.50
N ASN XA 89 -36.71 73.42 -95.09
CA ASN XA 89 -37.37 72.49 -96.00
C ASN XA 89 -38.83 72.86 -96.20
N PHE XA 90 -39.45 73.48 -95.21
CA PHE XA 90 -40.82 73.96 -95.35
C PHE XA 90 -40.87 75.08 -96.37
N VAL XA 91 -41.48 74.82 -97.51
CA VAL XA 91 -41.75 75.85 -98.49
C VAL XA 91 -43.25 75.94 -98.72
N PHE XA 92 -43.82 77.13 -98.57
CA PHE XA 92 -45.25 77.34 -98.56
C PHE XA 92 -45.71 77.94 -99.87
N GLY XA 93 -46.97 78.33 -99.86
CA GLY XA 93 -47.48 79.30 -100.81
C GLY XA 93 -48.66 80.00 -100.19
N GLN XA 94 -48.89 81.24 -100.61
CA GLN XA 94 -49.89 82.07 -99.96
C GLN XA 94 -51.02 82.48 -100.90
N THR XA 95 -51.26 81.72 -101.96
CA THR XA 95 -52.43 81.93 -102.80
C THR XA 95 -53.34 80.72 -102.80
N GLY XA 96 -52.82 79.54 -103.07
CA GLY XA 96 -53.64 78.36 -103.11
C GLY XA 96 -54.13 78.08 -104.51
N ALA XA 97 -53.67 76.99 -105.10
CA ALA XA 97 -54.10 76.63 -106.45
C ALA XA 97 -55.44 75.92 -106.28
N GLY XA 98 -56.51 76.64 -106.53
CA GLY XA 98 -57.83 76.17 -106.18
C GLY XA 98 -58.32 75.06 -107.06
N ASN XA 99 -57.68 73.89 -106.93
CA ASN XA 99 -58.03 72.68 -107.66
C ASN XA 99 -58.00 72.90 -109.17
N ASN XA 100 -57.14 73.80 -109.60
CA ASN XA 100 -57.01 74.18 -111.00
C ASN XA 100 -55.67 73.66 -111.47
N TRP XA 101 -55.71 72.63 -112.32
CA TRP XA 101 -54.46 72.01 -112.77
C TRP XA 101 -53.61 72.97 -113.56
N ALA XA 102 -54.25 73.82 -114.36
CA ALA XA 102 -53.51 74.75 -115.20
C ALA XA 102 -52.73 75.74 -114.37
N LYS XA 103 -53.37 76.41 -113.43
CA LYS XA 103 -52.61 77.33 -112.60
C LYS XA 103 -51.89 76.61 -111.48
N GLY XA 104 -52.20 75.34 -111.26
CA GLY XA 104 -51.30 74.52 -110.46
C GLY XA 104 -49.98 74.31 -111.17
N HIS XA 105 -50.03 73.99 -112.46
CA HIS XA 105 -48.81 73.68 -113.20
C HIS XA 105 -48.08 74.94 -113.63
N TYR XA 106 -48.70 75.74 -114.49
CA TYR XA 106 -47.93 76.78 -115.17
C TYR XA 106 -47.74 78.02 -114.31
N THR XA 107 -48.82 78.75 -114.05
CA THR XA 107 -48.65 80.14 -113.67
C THR XA 107 -48.36 80.28 -112.18
N GLU XA 108 -49.31 79.88 -111.34
CA GLU XA 108 -49.05 80.03 -109.92
C GLU XA 108 -48.05 79.00 -109.43
N GLY XA 109 -47.91 77.88 -110.16
CA GLY XA 109 -46.92 76.91 -109.78
C GLY XA 109 -45.50 77.36 -110.00
N ALA XA 110 -45.28 78.28 -110.95
CA ALA XA 110 -43.92 78.66 -111.33
C ALA XA 110 -43.18 79.41 -110.23
N GLU XA 111 -43.89 80.20 -109.43
CA GLU XA 111 -43.21 81.06 -108.47
C GLU XA 111 -42.60 80.31 -107.31
N LEU XA 112 -42.87 79.02 -107.16
CA LEU XA 112 -42.21 78.25 -106.12
C LEU XA 112 -41.33 77.14 -106.65
N ILE XA 113 -41.29 76.92 -107.98
CA ILE XA 113 -40.38 75.91 -108.53
C ILE XA 113 -38.94 76.26 -108.24
N ASP XA 114 -38.61 77.55 -108.27
CA ASP XA 114 -37.26 77.97 -107.98
C ASP XA 114 -36.85 77.61 -106.55
N SER XA 115 -37.78 77.75 -105.60
CA SER XA 115 -37.43 77.44 -104.22
C SER XA 115 -37.42 75.94 -103.97
N VAL XA 116 -38.36 75.20 -104.55
CA VAL XA 116 -38.41 73.76 -104.27
C VAL XA 116 -37.29 73.04 -104.99
N LEU XA 117 -36.87 73.54 -106.16
CA LEU XA 117 -35.75 72.92 -106.83
C LEU XA 117 -34.45 73.25 -106.15
N ASP XA 118 -34.37 74.42 -105.51
CA ASP XA 118 -33.16 74.80 -104.82
C ASP XA 118 -32.94 73.95 -103.57
N VAL XA 119 -34.01 73.64 -102.85
CA VAL XA 119 -33.88 72.82 -101.66
C VAL XA 119 -33.57 71.38 -102.02
N VAL XA 120 -34.22 70.85 -103.06
CA VAL XA 120 -33.97 69.45 -103.41
C VAL XA 120 -32.57 69.30 -104.00
N ARG XA 121 -32.03 70.34 -104.64
CA ARG XA 121 -30.65 70.28 -105.09
C ARG XA 121 -29.70 70.30 -103.91
N LYS XA 122 -30.05 71.02 -102.85
CA LYS XA 122 -29.21 71.09 -101.67
C LYS XA 122 -29.10 69.73 -101.00
N GLU XA 123 -30.20 69.00 -100.93
CA GLU XA 123 -30.17 67.69 -100.31
C GLU XA 123 -29.56 66.64 -101.23
N ALA XA 124 -29.77 66.76 -102.55
CA ALA XA 124 -29.32 65.73 -103.49
C ALA XA 124 -27.80 65.72 -103.64
N GLU XA 125 -27.16 66.88 -103.58
CA GLU XA 125 -25.72 66.96 -103.73
C GLU XA 125 -24.98 66.94 -102.41
N GLY XA 126 -25.69 66.94 -101.27
CA GLY XA 126 -25.02 66.94 -99.99
C GLY XA 126 -24.31 65.64 -99.70
N CYS XA 127 -24.93 64.52 -100.05
CA CYS XA 127 -24.41 63.20 -99.70
C CYS XA 127 -23.47 62.73 -100.80
N ASP XA 128 -23.17 61.43 -100.80
CA ASP XA 128 -22.22 60.87 -101.74
C ASP XA 128 -22.78 60.81 -103.16
N CYS XA 129 -23.76 59.93 -103.34
CA CYS XA 129 -24.48 59.70 -104.59
C CYS XA 129 -25.72 58.91 -104.19
N LEU XA 130 -26.87 59.30 -104.73
CA LEU XA 130 -28.15 58.79 -104.25
C LEU XA 130 -28.73 57.77 -105.24
N GLN XA 131 -29.85 57.18 -104.82
CA GLN XA 131 -30.58 56.20 -105.61
C GLN XA 131 -31.79 56.79 -106.32
N GLY XA 132 -32.70 57.38 -105.57
CA GLY XA 132 -33.95 57.76 -106.18
C GLY XA 132 -34.78 58.67 -105.32
N PHE XA 133 -36.02 58.86 -105.77
CA PHE XA 133 -36.93 59.86 -105.22
C PHE XA 133 -38.27 59.19 -104.97
N GLN XA 134 -39.00 59.65 -103.97
CA GLN XA 134 -40.36 59.18 -103.80
C GLN XA 134 -41.28 60.37 -103.59
N ILE XA 135 -42.39 60.38 -104.32
CA ILE XA 135 -43.24 61.55 -104.45
C ILE XA 135 -44.65 61.16 -104.05
N THR XA 136 -45.16 61.76 -102.97
CA THR XA 136 -46.49 61.45 -102.47
C THR XA 136 -47.43 62.58 -102.81
N HIS XA 137 -48.49 62.27 -103.54
CA HIS XA 137 -49.38 63.32 -104.03
C HIS XA 137 -50.72 62.68 -104.40
N SER XA 138 -51.56 63.49 -105.04
CA SER XA 138 -52.90 63.10 -105.43
C SER XA 138 -53.14 63.47 -106.88
N LEU XA 139 -53.77 62.57 -107.63
CA LEU XA 139 -54.10 62.87 -109.01
C LEU XA 139 -55.48 63.48 -109.17
N GLY XA 140 -56.04 64.03 -108.10
CA GLY XA 140 -57.33 64.68 -108.20
C GLY XA 140 -57.29 66.17 -107.97
N GLY XA 141 -56.40 66.61 -107.08
CA GLY XA 141 -56.36 68.00 -106.68
C GLY XA 141 -55.69 68.88 -107.71
N GLY XA 142 -55.39 70.10 -107.28
CA GLY XA 142 -54.68 71.03 -108.13
C GLY XA 142 -53.21 71.11 -107.81
N THR XA 143 -52.89 71.27 -106.53
CA THR XA 143 -51.51 71.45 -106.13
C THR XA 143 -50.74 70.13 -106.21
N GLY XA 144 -51.38 69.04 -105.82
CA GLY XA 144 -50.69 67.76 -105.86
C GLY XA 144 -50.56 67.19 -107.25
N SER XA 145 -51.37 67.66 -108.20
CA SER XA 145 -51.46 67.00 -109.48
C SER XA 145 -50.87 67.79 -110.63
N GLY XA 146 -50.89 69.11 -110.56
CA GLY XA 146 -50.19 69.91 -111.55
C GLY XA 146 -48.89 70.47 -111.02
N MET XA 147 -48.97 71.05 -109.83
CA MET XA 147 -47.80 71.69 -109.22
C MET XA 147 -46.80 70.65 -108.75
N GLY XA 148 -47.28 69.59 -108.11
CA GLY XA 148 -46.39 68.54 -107.69
C GLY XA 148 -45.80 67.78 -108.86
N THR XA 149 -46.58 67.61 -109.92
CA THR XA 149 -46.10 66.89 -111.09
C THR XA 149 -45.18 67.75 -111.93
N LEU XA 150 -45.20 69.06 -111.72
CA LEU XA 150 -44.18 69.89 -112.37
C LEU XA 150 -42.82 69.65 -111.74
N LEU XA 151 -42.79 69.38 -110.43
CA LEU XA 151 -41.54 68.98 -109.80
C LEU XA 151 -41.06 67.65 -110.35
N ILE XA 152 -41.97 66.80 -110.80
CA ILE XA 152 -41.56 65.55 -111.41
C ILE XA 152 -40.78 65.83 -112.68
N SER XA 153 -41.25 66.76 -113.50
CA SER XA 153 -40.64 66.97 -114.79
C SER XA 153 -39.30 67.68 -114.68
N LYS XA 154 -39.19 68.64 -113.76
CA LYS XA 154 -37.95 69.41 -113.68
C LYS XA 154 -36.85 68.61 -112.98
N VAL XA 155 -37.20 67.78 -112.00
CA VAL XA 155 -36.19 66.93 -111.41
C VAL XA 155 -35.77 65.81 -112.37
N ARG XA 156 -36.73 65.24 -113.10
CA ARG XA 156 -36.40 64.18 -114.06
C ARG XA 156 -35.55 64.71 -115.20
N GLU XA 157 -35.83 65.93 -115.67
CA GLU XA 157 -34.94 66.57 -116.62
C GLU XA 157 -33.57 66.84 -116.01
N GLU XA 158 -33.54 67.15 -114.73
CA GLU XA 158 -32.27 67.39 -114.07
C GLU XA 158 -31.45 66.12 -113.92
N TYR XA 159 -32.05 65.05 -113.42
CA TYR XA 159 -31.34 63.80 -113.14
C TYR XA 159 -31.93 62.70 -114.01
N PRO XA 160 -31.37 62.41 -115.16
CA PRO XA 160 -32.06 61.54 -116.12
C PRO XA 160 -31.95 60.07 -115.78
N ASP XA 161 -30.85 59.66 -115.16
CA ASP XA 161 -30.58 58.26 -114.92
C ASP XA 161 -31.14 57.72 -113.61
N ARG XA 162 -31.34 58.58 -112.62
CA ARG XA 162 -31.82 58.12 -111.32
C ARG XA 162 -33.29 57.72 -111.40
N ILE XA 163 -33.66 56.81 -110.52
CA ILE XA 163 -34.99 56.24 -110.47
C ILE XA 163 -35.85 57.21 -109.68
N MET XA 164 -37.18 57.12 -109.79
CA MET XA 164 -38.05 57.81 -108.85
C MET XA 164 -39.38 57.10 -108.78
N GLU XA 165 -40.04 57.22 -107.64
CA GLU XA 165 -41.23 56.46 -107.32
C GLU XA 165 -42.33 57.42 -106.88
N THR XA 166 -43.59 57.07 -107.13
CA THR XA 166 -44.70 57.87 -106.68
C THR XA 166 -45.75 57.00 -106.01
N PHE XA 167 -46.32 57.49 -104.92
CA PHE XA 167 -47.46 56.86 -104.27
C PHE XA 167 -48.64 57.80 -104.48
N SER XA 168 -49.32 57.64 -105.60
CA SER XA 168 -50.33 58.59 -106.04
C SER XA 168 -51.72 58.02 -105.87
N VAL XA 169 -52.61 58.77 -105.24
CA VAL XA 169 -53.99 58.35 -105.13
C VAL XA 169 -54.70 58.72 -106.43
N PHE XA 170 -55.85 58.11 -106.65
CA PHE XA 170 -56.59 58.23 -107.90
C PHE XA 170 -58.02 58.62 -107.62
N PRO XA 171 -58.74 59.10 -108.63
CA PRO XA 171 -60.19 59.25 -108.48
C PRO XA 171 -60.87 57.91 -108.23
N SER XA 172 -61.83 57.92 -107.38
CA SER XA 172 -62.66 56.77 -107.09
C SER XA 172 -63.74 56.62 -108.15
N PRO XA 173 -64.21 55.40 -108.39
CA PRO XA 173 -65.29 55.20 -109.36
C PRO XA 173 -66.60 55.85 -108.96
N LYS XA 174 -67.09 55.55 -107.76
CA LYS XA 174 -68.45 55.91 -107.40
C LYS XA 174 -68.57 57.37 -106.98
N VAL XA 175 -67.90 57.73 -105.89
CA VAL XA 175 -68.00 59.06 -105.33
C VAL XA 175 -66.70 59.79 -105.63
N SER XA 176 -66.78 61.11 -105.73
CA SER XA 176 -65.61 61.90 -106.12
C SER XA 176 -65.65 63.23 -105.42
N ASP XA 177 -64.61 63.52 -104.65
CA ASP XA 177 -64.42 64.90 -104.20
C ASP XA 177 -63.79 65.71 -105.32
N THR XA 178 -63.76 67.03 -105.15
CA THR XA 178 -63.04 67.95 -106.03
C THR XA 178 -63.53 67.82 -107.48
N VAL XA 179 -64.72 68.39 -107.71
CA VAL XA 179 -65.62 68.19 -108.83
C VAL XA 179 -64.94 68.05 -110.20
N VAL XA 180 -63.82 68.72 -110.41
CA VAL XA 180 -63.06 68.46 -111.63
C VAL XA 180 -62.01 67.38 -111.41
N GLU XA 181 -62.45 66.12 -111.39
CA GLU XA 181 -61.56 64.97 -111.43
C GLU XA 181 -61.04 64.58 -112.81
N PRO XA 182 -61.88 64.34 -113.83
CA PRO XA 182 -61.34 63.75 -115.07
C PRO XA 182 -60.42 64.70 -115.81
N TYR XA 183 -60.60 66.00 -115.63
CA TYR XA 183 -59.66 66.96 -116.21
C TYR XA 183 -58.33 66.92 -115.49
N ASN XA 184 -58.36 66.75 -114.17
CA ASN XA 184 -57.11 66.72 -113.41
C ASN XA 184 -56.32 65.43 -113.66
N ALA XA 185 -57.01 64.28 -113.66
CA ALA XA 185 -56.30 63.01 -113.72
C ALA XA 185 -55.69 62.77 -115.09
N THR XA 186 -56.44 63.04 -116.15
CA THR XA 186 -55.94 62.78 -117.50
C THR XA 186 -54.83 63.76 -117.87
N LEU XA 187 -54.94 65.01 -117.43
CA LEU XA 187 -53.87 65.96 -117.67
C LEU XA 187 -52.65 65.68 -116.82
N SER XA 188 -52.76 64.84 -115.81
CA SER XA 188 -51.60 64.52 -115.00
C SER XA 188 -50.94 63.23 -115.42
N VAL XA 189 -51.72 62.25 -115.86
CA VAL XA 189 -51.15 60.98 -116.29
C VAL XA 189 -50.39 61.13 -117.59
N HIS XA 190 -50.72 62.13 -118.42
CA HIS XA 190 -50.06 62.21 -119.72
C HIS XA 190 -48.64 62.70 -119.62
N GLN XA 191 -48.21 63.22 -118.47
CA GLN XA 191 -46.80 63.34 -118.21
C GLN XA 191 -46.33 62.44 -117.09
N LEU XA 192 -47.25 61.80 -116.36
CA LEU XA 192 -46.84 60.77 -115.42
C LEU XA 192 -46.41 59.50 -116.14
N VAL XA 193 -46.99 59.22 -117.30
CA VAL XA 193 -46.48 58.10 -118.08
C VAL XA 193 -45.16 58.48 -118.76
N GLU XA 194 -44.92 59.77 -118.93
CA GLU XA 194 -43.78 60.20 -119.72
C GLU XA 194 -42.48 60.09 -118.94
N ASN XA 195 -42.39 60.78 -117.81
CA ASN XA 195 -41.13 60.92 -117.10
C ASN XA 195 -41.24 60.42 -115.66
N ALA XA 196 -41.90 59.28 -115.46
CA ALA XA 196 -41.95 58.67 -114.14
C ALA XA 196 -41.80 57.17 -114.27
N ASP XA 197 -41.19 56.56 -113.25
CA ASP XA 197 -40.69 55.20 -113.37
C ASP XA 197 -41.67 54.16 -112.83
N GLU XA 198 -42.13 54.31 -111.60
CA GLU XA 198 -43.13 53.41 -111.06
C GLU XA 198 -44.16 54.23 -110.32
N VAL XA 199 -45.41 54.13 -110.77
CA VAL XA 199 -46.50 54.93 -110.23
C VAL XA 199 -47.51 53.94 -109.69
N GLN XA 200 -47.41 53.63 -108.40
CA GLN XA 200 -48.32 52.68 -107.79
C GLN XA 200 -49.47 53.42 -107.16
N VAL XA 201 -50.68 52.95 -107.46
CA VAL XA 201 -51.89 53.69 -107.24
C VAL XA 201 -52.52 53.31 -105.91
N ILE XA 202 -53.23 54.26 -105.33
CA ILE XA 202 -54.14 54.05 -104.21
C ILE XA 202 -55.50 54.49 -104.71
N ASP XA 203 -56.55 53.77 -104.35
CA ASP XA 203 -57.89 54.21 -104.66
C ASP XA 203 -58.74 54.19 -103.40
N ASN XA 204 -59.42 55.30 -103.14
CA ASN XA 204 -60.13 55.46 -101.87
C ASN XA 204 -61.33 54.54 -101.77
N GLU XA 205 -61.93 54.17 -102.89
CA GLU XA 205 -63.10 53.31 -102.84
C GLU XA 205 -62.72 51.92 -102.33
N ALA XA 206 -61.64 51.36 -102.86
CA ALA XA 206 -61.19 50.07 -102.37
C ALA XA 206 -60.58 50.20 -100.99
N LEU XA 207 -60.02 51.37 -100.68
CA LEU XA 207 -59.35 51.55 -99.40
C LEU XA 207 -60.35 51.56 -98.27
N TYR XA 208 -61.55 52.05 -98.53
CA TYR XA 208 -62.65 51.92 -97.59
C TYR XA 208 -63.17 50.50 -97.51
N ASP XA 209 -63.36 49.85 -98.68
CA ASP XA 209 -63.98 48.54 -98.73
C ASP XA 209 -63.15 47.51 -97.96
N ILE XA 210 -61.83 47.68 -97.96
CA ILE XA 210 -60.97 46.87 -97.09
C ILE XA 210 -61.25 47.18 -95.63
N CYS XA 211 -61.53 48.44 -95.31
CA CYS XA 211 -61.68 48.79 -93.91
C CYS XA 211 -63.05 48.42 -93.35
N PHE XA 212 -64.05 48.18 -94.21
CA PHE XA 212 -65.32 47.69 -93.68
C PHE XA 212 -65.31 46.18 -93.50
N ARG XA 213 -64.85 45.42 -94.50
CA ARG XA 213 -65.08 43.98 -94.41
C ARG XA 213 -63.87 43.20 -93.92
N THR XA 214 -62.65 43.68 -94.18
CA THR XA 214 -61.50 42.89 -93.79
C THR XA 214 -61.05 43.20 -92.38
N LEU XA 215 -60.82 44.47 -92.07
CA LEU XA 215 -60.49 44.83 -90.70
C LEU XA 215 -61.70 44.98 -89.82
N LYS XA 216 -62.91 45.03 -90.41
CA LYS XA 216 -64.16 45.18 -89.69
C LYS XA 216 -64.16 46.40 -88.77
N LEU XA 217 -63.57 47.49 -89.24
CA LEU XA 217 -63.69 48.73 -88.50
C LEU XA 217 -65.02 49.40 -88.79
N THR XA 218 -65.38 50.35 -87.94
CA THR XA 218 -66.64 51.07 -88.08
C THR XA 218 -66.45 52.50 -88.57
N THR XA 219 -65.64 53.29 -87.88
CA THR XA 219 -65.44 54.71 -88.20
C THR XA 219 -63.97 54.94 -88.52
N PRO XA 220 -63.57 54.83 -89.78
CA PRO XA 220 -62.19 55.13 -90.14
C PRO XA 220 -61.95 56.61 -90.39
N THR XA 221 -61.17 57.26 -89.54
CA THR XA 221 -60.73 58.61 -89.83
C THR XA 221 -59.58 58.59 -90.83
N TYR XA 222 -59.20 59.77 -91.32
CA TYR XA 222 -58.07 59.86 -92.23
C TYR XA 222 -56.76 59.45 -91.58
N GLY XA 223 -56.66 59.53 -90.25
CA GLY XA 223 -55.46 59.07 -89.58
C GLY XA 223 -55.26 57.57 -89.74
N ASP XA 224 -56.31 56.80 -89.51
CA ASP XA 224 -56.21 55.36 -89.69
C ASP XA 224 -56.32 54.97 -91.15
N LEU XA 225 -56.92 55.83 -91.97
CA LEU XA 225 -57.09 55.50 -93.37
C LEU XA 225 -55.76 55.49 -94.10
N ASN XA 226 -54.92 56.47 -93.84
CA ASN XA 226 -53.62 56.58 -94.49
C ASN XA 226 -52.55 55.76 -93.79
N HIS XA 227 -52.82 55.31 -92.57
CA HIS XA 227 -51.84 54.54 -91.82
C HIS XA 227 -51.53 53.22 -92.50
N LEU XA 228 -52.53 52.59 -93.07
CA LEU XA 228 -52.27 51.34 -93.76
C LEU XA 228 -51.78 51.58 -95.18
N VAL XA 229 -51.92 52.81 -95.69
CA VAL XA 229 -51.24 53.15 -96.94
C VAL XA 229 -49.76 53.38 -96.70
N SER XA 230 -49.42 54.04 -95.60
CA SER XA 230 -48.02 54.24 -95.27
C SER XA 230 -47.34 52.94 -94.91
N ALA XA 231 -48.10 51.93 -94.46
CA ALA XA 231 -47.53 50.62 -94.23
C ALA XA 231 -47.10 49.99 -95.54
N ALA XA 232 -47.90 50.18 -96.58
CA ALA XA 232 -47.53 49.67 -97.89
C ALA XA 232 -46.36 50.43 -98.46
N MET XA 233 -46.25 51.72 -98.15
CA MET XA 233 -45.08 52.48 -98.55
C MET XA 233 -43.83 51.95 -97.89
N SER XA 234 -43.93 51.58 -96.61
CA SER XA 234 -42.76 51.11 -95.90
C SER XA 234 -42.35 49.73 -96.36
N GLY XA 235 -43.27 48.99 -96.97
CA GLY XA 235 -42.96 47.65 -97.41
C GLY XA 235 -42.11 47.60 -98.66
N VAL XA 236 -42.14 48.64 -99.49
CA VAL XA 236 -41.38 48.57 -100.73
C VAL XA 236 -39.95 49.01 -100.52
N THR XA 237 -39.68 49.84 -99.51
CA THR XA 237 -38.33 50.19 -99.14
C THR XA 237 -37.91 49.49 -97.85
N CYS XA 238 -38.55 48.37 -97.52
CA CYS XA 238 -38.16 47.63 -96.35
C CYS XA 238 -36.80 46.97 -96.54
N CYS XA 239 -36.57 46.44 -97.73
CA CYS XA 239 -35.40 45.62 -97.95
C CYS XA 239 -34.13 46.43 -98.17
N LEU XA 240 -34.25 47.73 -98.44
CA LEU XA 240 -33.07 48.57 -98.53
C LEU XA 240 -32.48 48.79 -97.15
N ARG XA 241 -33.32 49.06 -96.17
CA ARG XA 241 -32.86 49.50 -94.88
C ARG XA 241 -32.44 48.36 -93.97
N PHE XA 242 -32.60 47.12 -94.40
CA PHE XA 242 -32.32 45.97 -93.56
C PHE XA 242 -31.69 44.87 -94.39
N PRO XA 243 -30.96 43.96 -93.75
CA PRO XA 243 -30.45 42.80 -94.49
C PRO XA 243 -31.52 41.75 -94.68
N GLY XA 244 -31.15 40.60 -95.21
CA GLY XA 244 -32.13 39.53 -95.36
C GLY XA 244 -31.51 38.34 -96.05
N GLN XA 245 -32.35 37.32 -96.23
CA GLN XA 245 -31.91 36.14 -96.95
C GLN XA 245 -31.99 36.33 -98.45
N LEU XA 246 -32.66 37.36 -98.93
CA LEU XA 246 -32.67 37.66 -100.37
C LEU XA 246 -32.94 39.16 -100.52
N ASN XA 247 -31.90 39.91 -100.83
CA ASN XA 247 -31.97 41.36 -100.81
C ASN XA 247 -32.44 41.93 -102.13
N SER XA 248 -33.26 42.97 -102.06
CA SER XA 248 -33.85 43.59 -103.23
C SER XA 248 -34.08 45.07 -102.96
N ASP XA 249 -33.92 45.88 -104.01
CA ASP XA 249 -33.96 47.33 -103.91
C ASP XA 249 -35.07 47.89 -104.79
N LEU XA 250 -35.13 49.22 -104.87
CA LEU XA 250 -36.09 49.85 -105.75
C LEU XA 250 -35.78 49.58 -107.20
N ARG XA 251 -34.50 49.58 -107.56
CA ARG XA 251 -34.17 49.50 -108.98
C ARG XA 251 -34.39 48.10 -109.54
N LYS XA 252 -34.09 47.07 -108.77
CA LYS XA 252 -34.36 45.72 -109.25
C LYS XA 252 -35.81 45.32 -109.06
N LEU XA 253 -36.62 46.15 -108.45
CA LEU XA 253 -38.05 46.00 -108.57
C LEU XA 253 -38.54 46.60 -109.88
N ALA XA 254 -37.75 47.49 -110.46
CA ALA XA 254 -38.15 48.14 -111.69
C ALA XA 254 -37.61 47.43 -112.92
N VAL XA 255 -36.43 46.80 -112.82
CA VAL XA 255 -35.91 46.00 -113.93
C VAL XA 255 -36.73 44.74 -114.14
N ASN XA 256 -37.62 44.44 -113.22
CA ASN XA 256 -38.22 43.15 -113.08
C ASN XA 256 -39.72 43.17 -113.34
N LEU XA 257 -40.39 44.26 -112.99
CA LEU XA 257 -41.84 44.31 -113.11
C LEU XA 257 -42.34 45.00 -114.35
N ILE XA 258 -41.52 45.79 -115.03
CA ILE XA 258 -41.97 46.59 -116.17
C ILE XA 258 -41.49 45.88 -117.44
N PRO XA 259 -42.37 45.26 -118.19
CA PRO XA 259 -41.94 44.53 -119.39
C PRO XA 259 -41.72 45.43 -120.59
N PHE XA 260 -42.44 46.55 -120.64
CA PHE XA 260 -42.39 47.51 -121.73
C PHE XA 260 -42.58 48.87 -121.07
N PRO XA 261 -41.89 49.91 -121.54
CA PRO XA 261 -41.69 51.09 -120.69
C PRO XA 261 -42.96 51.86 -120.36
N ARG XA 262 -43.98 51.82 -121.21
CA ARG XA 262 -45.12 52.70 -120.98
C ARG XA 262 -45.98 52.23 -119.82
N LEU XA 263 -46.20 50.93 -119.70
CA LEU XA 263 -47.11 50.42 -118.67
C LEU XA 263 -46.29 50.19 -117.40
N HIS XA 264 -46.37 51.14 -116.48
CA HIS XA 264 -45.68 51.02 -115.22
C HIS XA 264 -46.54 51.52 -114.08
N PHE XA 265 -47.81 51.16 -114.07
CA PHE XA 265 -48.69 51.46 -112.95
C PHE XA 265 -48.95 50.18 -112.18
N PHE XA 266 -48.90 50.27 -110.85
CA PHE XA 266 -48.85 49.10 -110.01
C PHE XA 266 -49.97 49.07 -108.99
N LEU XA 267 -50.55 47.90 -108.77
CA LEU XA 267 -51.38 47.66 -107.61
C LEU XA 267 -50.51 47.50 -106.38
N ILE XA 268 -51.12 47.62 -105.23
CA ILE XA 268 -50.42 47.48 -103.97
C ILE XA 268 -51.34 46.74 -103.00
N GLY XA 269 -50.76 45.88 -102.19
CA GLY XA 269 -51.54 45.11 -101.25
C GLY XA 269 -50.71 44.71 -100.05
N PHE XA 270 -51.34 44.66 -98.89
CA PHE XA 270 -50.66 44.40 -97.65
C PHE XA 270 -51.33 43.27 -96.91
N ALA XA 271 -50.53 42.35 -96.37
CA ALA XA 271 -50.98 41.24 -95.56
C ALA XA 271 -50.04 41.10 -94.37
N PRO XA 272 -50.55 40.71 -93.20
CA PRO XA 272 -51.90 40.31 -92.83
C PRO XA 272 -52.86 41.49 -92.66
N LEU XA 273 -54.14 41.22 -92.82
CA LEU XA 273 -55.18 42.19 -92.51
C LEU XA 273 -56.28 41.46 -91.76
N THR XA 274 -56.31 41.66 -90.45
CA THR XA 274 -57.19 40.93 -89.55
C THR XA 274 -58.09 41.91 -88.82
N SER XA 275 -59.35 41.52 -88.64
CA SER XA 275 -60.19 42.22 -87.68
C SER XA 275 -59.67 41.95 -86.28
N ARG XA 276 -59.96 42.86 -85.36
CA ARG XA 276 -59.39 42.73 -84.01
C ARG XA 276 -60.04 41.57 -83.26
N GLY XA 277 -61.26 41.20 -83.62
CA GLY XA 277 -61.85 40.02 -83.02
C GLY XA 277 -61.19 38.75 -83.48
N SER XA 278 -61.02 38.60 -84.79
CA SER XA 278 -60.52 37.37 -85.38
C SER XA 278 -59.01 37.25 -85.33
N GLN XA 279 -58.33 38.13 -84.60
CA GLN XA 279 -56.88 38.09 -84.57
C GLN XA 279 -56.39 36.92 -83.74
N GLN XA 280 -57.21 36.44 -82.81
CA GLN XA 280 -56.80 35.31 -81.99
C GLN XA 280 -56.89 33.99 -82.73
N TYR XA 281 -57.67 33.93 -83.81
CA TYR XA 281 -58.11 32.65 -84.34
C TYR XA 281 -57.41 32.32 -85.64
N ARG XA 282 -56.31 32.99 -85.94
CA ARG XA 282 -55.74 32.97 -87.27
C ARG XA 282 -54.33 32.43 -87.24
N ALA XA 283 -54.03 31.54 -88.17
CA ALA XA 283 -52.79 30.78 -88.16
C ALA XA 283 -51.80 31.45 -89.10
N LEU XA 284 -51.11 32.47 -88.59
CA LEU XA 284 -50.24 33.30 -89.41
C LEU XA 284 -49.06 32.49 -89.91
N SER XA 285 -49.11 32.12 -91.17
CA SER XA 285 -48.10 31.26 -91.77
C SER XA 285 -48.11 31.52 -93.26
N VAL XA 286 -47.06 31.05 -93.92
CA VAL XA 286 -46.91 31.27 -95.36
C VAL XA 286 -48.10 30.78 -96.18
N PRO XA 287 -48.72 29.62 -95.92
CA PRO XA 287 -49.89 29.26 -96.73
C PRO XA 287 -51.11 30.17 -96.62
N GLU XA 288 -51.25 31.03 -95.60
CA GLU XA 288 -52.39 31.94 -95.71
C GLU XA 288 -51.98 33.36 -96.07
N LEU XA 289 -50.73 33.75 -95.83
CA LEU XA 289 -50.28 35.04 -96.32
C LEU XA 289 -50.32 35.06 -97.83
N THR XA 290 -50.07 33.92 -98.46
CA THR XA 290 -50.17 33.82 -99.90
C THR XA 290 -51.61 33.83 -100.38
N GLN XA 291 -52.59 33.68 -99.50
CA GLN XA 291 -53.99 33.78 -99.89
C GLN XA 291 -54.50 35.20 -99.84
N GLN XA 292 -54.12 35.97 -98.82
CA GLN XA 292 -54.57 37.35 -98.74
C GLN XA 292 -53.91 38.21 -99.81
N MET XA 293 -52.71 37.85 -100.25
CA MET XA 293 -52.08 38.65 -101.29
C MET XA 293 -52.75 38.41 -102.65
N PHE XA 294 -53.22 37.21 -102.92
CA PHE XA 294 -54.20 37.04 -104.00
C PHE XA 294 -55.62 36.97 -103.46
N ASP XA 295 -56.02 37.97 -102.70
CA ASP XA 295 -57.42 38.15 -102.37
C ASP XA 295 -57.95 39.30 -103.20
N ALA XA 296 -59.14 39.12 -103.76
CA ALA XA 296 -59.71 40.18 -104.60
C ALA XA 296 -59.97 41.43 -103.79
N LYS XA 297 -60.49 41.27 -102.57
CA LYS XA 297 -60.81 42.40 -101.71
C LYS XA 297 -59.66 42.79 -100.81
N ASN XA 298 -58.43 42.52 -101.21
CA ASN XA 298 -57.27 42.97 -100.45
C ASN XA 298 -56.34 43.85 -101.26
N MET XA 299 -56.78 44.35 -102.41
CA MET XA 299 -56.00 45.28 -103.18
C MET XA 299 -56.47 46.70 -102.91
N MET XA 300 -55.53 47.63 -102.89
CA MET XA 300 -55.85 49.01 -102.60
C MET XA 300 -56.30 49.80 -103.81
N CYS XA 301 -56.47 49.14 -104.96
CA CYS XA 301 -56.95 49.78 -106.18
C CYS XA 301 -58.35 49.29 -106.51
N ALA XA 302 -59.24 50.22 -106.86
CA ALA XA 302 -60.65 49.88 -106.97
C ALA XA 302 -60.98 49.23 -108.31
N SER XA 303 -60.22 48.21 -108.67
CA SER XA 303 -60.50 47.44 -109.86
C SER XA 303 -60.46 45.98 -109.47
N ASP XA 304 -61.32 45.18 -110.09
CA ASP XA 304 -61.44 43.78 -109.71
C ASP XA 304 -60.39 42.99 -110.48
N PRO XA 305 -59.37 42.44 -109.82
CA PRO XA 305 -58.28 41.80 -110.54
C PRO XA 305 -58.66 40.50 -111.22
N ARG XA 306 -59.83 39.94 -110.93
CA ARG XA 306 -60.25 38.71 -111.58
C ARG XA 306 -60.55 38.93 -113.07
N HIS XA 307 -60.94 40.15 -113.45
CA HIS XA 307 -61.29 40.41 -114.83
C HIS XA 307 -60.08 40.47 -115.75
N GLY XA 308 -58.87 40.46 -115.20
CA GLY XA 308 -57.68 40.47 -116.03
C GLY XA 308 -56.65 39.46 -115.57
N ARG XA 309 -55.47 39.49 -116.18
CA ARG XA 309 -54.37 38.60 -115.82
C ARG XA 309 -53.22 39.43 -115.30
N TYR XA 310 -52.67 39.02 -114.16
CA TYR XA 310 -51.52 39.69 -113.57
C TYR XA 310 -50.34 39.49 -114.50
N LEU XA 311 -49.88 40.56 -115.15
CA LEU XA 311 -48.84 40.41 -116.14
C LEU XA 311 -47.52 40.04 -115.49
N THR XA 312 -47.12 40.79 -114.46
CA THR XA 312 -46.06 40.41 -113.55
C THR XA 312 -46.51 40.81 -112.15
N ALA XA 313 -45.87 40.21 -111.15
CA ALA XA 313 -46.16 40.58 -109.78
C ALA XA 313 -44.94 40.30 -108.94
N SER XA 314 -44.86 40.95 -107.79
CA SER XA 314 -43.70 40.82 -106.93
C SER XA 314 -44.13 40.80 -105.48
N ALA XA 315 -43.49 39.97 -104.69
CA ALA XA 315 -43.86 39.78 -103.29
C ALA XA 315 -42.66 40.08 -102.41
N MET XA 316 -42.82 41.05 -101.53
CA MET XA 316 -41.76 41.40 -100.58
C MET XA 316 -42.11 40.79 -99.23
N PHE XA 317 -41.44 39.70 -98.88
CA PHE XA 317 -41.68 39.05 -97.61
C PHE XA 317 -40.80 39.63 -96.54
N ARG XA 318 -41.38 39.86 -95.37
CA ARG XA 318 -40.64 40.38 -94.24
C ARG XA 318 -40.81 39.42 -93.07
N GLY XA 319 -39.72 39.08 -92.43
CA GLY XA 319 -39.74 38.14 -91.33
C GLY XA 319 -38.74 37.04 -91.55
N ARG XA 320 -38.83 36.01 -90.71
CA ARG XA 320 -37.92 34.87 -90.74
C ARG XA 320 -38.72 33.67 -91.20
N MET XA 321 -38.80 33.49 -92.51
CA MET XA 321 -39.63 32.44 -93.06
C MET XA 321 -38.80 31.49 -93.90
N SER XA 322 -39.25 30.24 -93.95
CA SER XA 322 -38.57 29.24 -94.74
C SER XA 322 -38.68 29.55 -96.21
N THR XA 323 -37.62 29.26 -96.95
CA THR XA 323 -37.52 29.75 -98.30
C THR XA 323 -38.22 28.89 -99.33
N LYS XA 324 -38.37 27.59 -99.09
CA LYS XA 324 -38.98 26.79 -100.15
C LYS XA 324 -40.48 27.00 -100.21
N GLU XA 325 -41.16 27.09 -99.06
CA GLU XA 325 -42.56 27.41 -99.11
C GLU XA 325 -42.82 28.87 -99.38
N VAL XA 326 -41.80 29.71 -99.34
CA VAL XA 326 -41.91 30.98 -100.03
C VAL XA 326 -42.05 30.74 -101.52
N ASP XA 327 -41.17 29.92 -102.09
CA ASP XA 327 -41.11 29.93 -103.54
C ASP XA 327 -41.88 28.79 -104.20
N GLU XA 328 -42.19 27.71 -103.48
CA GLU XA 328 -43.11 26.76 -104.11
C GLU XA 328 -44.55 27.21 -103.97
N GLN XA 329 -44.83 28.15 -103.08
CA GLN XA 329 -46.20 28.64 -103.01
C GLN XA 329 -46.49 29.67 -104.09
N MET XA 330 -45.46 30.37 -104.55
CA MET XA 330 -45.62 31.14 -105.77
C MET XA 330 -45.84 30.22 -106.96
N LEU XA 331 -45.24 29.03 -106.90
CA LEU XA 331 -45.58 28.01 -107.89
C LEU XA 331 -47.00 27.50 -107.66
N ASN XA 332 -47.40 27.40 -106.39
CA ASN XA 332 -48.73 26.93 -106.04
C ASN XA 332 -49.80 27.86 -106.62
N VAL XA 333 -49.51 29.15 -106.66
CA VAL XA 333 -50.52 30.09 -107.13
C VAL XA 333 -50.43 30.26 -108.64
N GLN XA 334 -49.29 29.93 -109.22
CA GLN XA 334 -49.18 30.02 -110.68
C GLN XA 334 -49.92 28.91 -111.39
N ASN XA 335 -49.91 27.70 -110.83
CA ASN XA 335 -50.53 26.57 -111.52
C ASN XA 335 -52.04 26.60 -111.39
N LYS XA 336 -52.56 26.62 -110.17
CA LYS XA 336 -54.01 26.57 -110.02
C LYS XA 336 -54.69 27.88 -110.39
N ASN XA 337 -54.03 29.02 -110.22
CA ASN XA 337 -54.58 30.22 -110.83
C ASN XA 337 -53.95 30.49 -112.19
N SER XA 338 -53.92 29.47 -113.05
CA SER XA 338 -53.31 29.63 -114.36
C SER XA 338 -54.14 30.56 -115.24
N SER XA 339 -55.46 30.48 -115.14
CA SER XA 339 -56.32 31.37 -115.91
C SER XA 339 -56.24 32.80 -115.42
N TYR XA 340 -55.75 33.02 -114.20
CA TYR XA 340 -55.58 34.37 -113.69
C TYR XA 340 -54.20 34.92 -113.96
N PHE XA 341 -53.32 34.14 -114.56
CA PHE XA 341 -51.98 34.62 -114.87
C PHE XA 341 -51.80 34.66 -116.38
N VAL XA 342 -50.73 35.30 -116.80
CA VAL XA 342 -50.42 35.44 -118.22
C VAL XA 342 -49.47 34.32 -118.61
N GLU XA 343 -49.64 33.80 -119.83
CA GLU XA 343 -48.95 32.55 -120.18
C GLU XA 343 -47.63 32.77 -120.90
N TRP XA 344 -47.54 33.78 -121.77
CA TRP XA 344 -46.32 33.95 -122.55
C TRP XA 344 -45.17 34.48 -121.73
N ILE XA 345 -45.41 34.90 -120.50
CA ILE XA 345 -44.31 35.08 -119.56
C ILE XA 345 -44.35 33.89 -118.62
N PRO XA 346 -43.46 32.93 -118.74
CA PRO XA 346 -43.24 32.00 -117.64
C PRO XA 346 -42.58 32.75 -116.50
N ASN XA 347 -42.77 32.23 -115.29
CA ASN XA 347 -42.25 32.83 -114.06
C ASN XA 347 -42.78 34.25 -113.84
N ASN XA 348 -44.08 34.32 -113.58
CA ASN XA 348 -44.67 35.63 -113.35
C ASN XA 348 -44.39 36.19 -111.97
N MET XA 349 -43.70 35.47 -111.09
CA MET XA 349 -43.57 35.86 -109.71
C MET XA 349 -42.14 36.26 -109.37
N LYS XA 350 -42.02 37.28 -108.53
CA LYS XA 350 -40.80 37.61 -107.83
C LYS XA 350 -41.02 37.51 -106.33
N SER XA 351 -40.12 36.81 -105.66
CA SER XA 351 -40.11 36.75 -104.22
C SER XA 351 -38.88 37.48 -103.71
N SER XA 352 -39.07 38.37 -102.76
CA SER XA 352 -37.96 39.05 -102.13
C SER XA 352 -38.15 38.95 -100.64
N VAL XA 353 -37.11 38.56 -99.93
CA VAL XA 353 -37.21 38.19 -98.53
C VAL XA 353 -36.27 39.07 -97.73
N CYS XA 354 -36.82 40.04 -97.02
CA CYS XA 354 -36.06 40.69 -95.97
C CYS XA 354 -35.99 39.80 -94.76
N ASP XA 355 -35.37 40.27 -93.69
CA ASP XA 355 -35.37 39.47 -92.48
C ASP XA 355 -35.60 40.38 -91.29
N ILE XA 356 -36.47 41.38 -91.47
CA ILE XA 356 -36.90 42.23 -90.35
C ILE XA 356 -38.40 42.43 -90.48
N PRO XA 357 -39.21 41.84 -89.59
CA PRO XA 357 -40.65 42.11 -89.61
C PRO XA 357 -40.94 43.51 -89.12
N PRO XA 358 -42.10 44.06 -89.45
CA PRO XA 358 -42.49 45.35 -88.89
C PRO XA 358 -42.84 45.24 -87.42
N LYS XA 359 -43.10 46.38 -86.81
CA LYS XA 359 -43.31 46.45 -85.38
C LYS XA 359 -44.64 45.79 -85.01
N GLY XA 360 -44.57 44.70 -84.25
CA GLY XA 360 -45.74 44.05 -83.72
C GLY XA 360 -46.32 42.93 -84.54
N LEU XA 361 -45.77 42.65 -85.71
CA LEU XA 361 -46.27 41.56 -86.54
C LEU XA 361 -45.16 40.55 -86.78
N LYS XA 362 -45.55 39.29 -86.92
CA LYS XA 362 -44.55 38.23 -86.99
C LYS XA 362 -44.08 38.01 -88.42
N MET XA 363 -44.97 38.11 -89.40
CA MET XA 363 -44.55 38.24 -90.78
C MET XA 363 -45.35 39.33 -91.46
N SER XA 364 -44.84 39.80 -92.60
CA SER XA 364 -45.54 40.76 -93.44
C SER XA 364 -45.32 40.40 -94.89
N VAL XA 365 -46.26 40.81 -95.73
CA VAL XA 365 -46.18 40.68 -97.17
C VAL XA 365 -46.62 42.00 -97.77
N THR XA 366 -45.76 42.61 -98.57
CA THR XA 366 -46.11 43.80 -99.31
C THR XA 366 -46.08 43.44 -100.78
N PHE XA 367 -47.17 43.68 -101.47
CA PHE XA 367 -47.40 43.07 -102.78
C PHE XA 367 -47.49 44.17 -103.83
N VAL XA 368 -46.58 44.16 -104.78
CA VAL XA 368 -46.58 45.11 -105.88
C VAL XA 368 -46.79 44.32 -107.16
N GLY XA 369 -47.92 44.54 -107.82
CA GLY XA 369 -48.24 43.76 -108.99
C GLY XA 369 -48.69 44.56 -110.18
N ASN XA 370 -48.30 44.13 -111.37
CA ASN XA 370 -48.63 44.81 -112.62
C ASN XA 370 -49.76 44.03 -113.27
N SER XA 371 -50.99 44.40 -112.94
CA SER XA 371 -52.15 43.71 -113.47
C SER XA 371 -52.67 44.44 -114.70
N THR XA 372 -53.25 43.68 -115.61
CA THR XA 372 -53.89 44.29 -116.75
C THR XA 372 -55.34 44.64 -116.47
N ALA XA 373 -55.78 44.45 -115.22
CA ALA XA 373 -57.14 44.83 -114.87
C ALA XA 373 -57.28 46.34 -114.69
N ILE XA 374 -56.17 47.07 -114.58
CA ILE XA 374 -56.27 48.52 -114.38
C ILE XA 374 -56.62 49.26 -115.65
N GLN XA 375 -56.83 48.57 -116.76
CA GLN XA 375 -57.38 49.25 -117.91
C GLN XA 375 -58.79 49.74 -117.61
N GLU XA 376 -59.50 49.03 -116.73
CA GLU XA 376 -60.85 49.43 -116.34
C GLU XA 376 -60.84 50.76 -115.62
N MET XA 377 -59.89 50.94 -114.72
CA MET XA 377 -59.78 52.21 -114.00
C MET XA 377 -59.45 53.35 -114.93
N PHE XA 378 -58.54 53.12 -115.87
CA PHE XA 378 -58.27 54.14 -116.86
C PHE XA 378 -59.44 54.32 -117.81
N LYS XA 379 -60.17 53.24 -118.11
CA LYS XA 379 -61.35 53.38 -118.96
C LYS XA 379 -62.44 54.16 -118.24
N ARG XA 380 -62.53 54.00 -116.92
CA ARG XA 380 -63.55 54.71 -116.14
C ARG XA 380 -63.27 56.20 -116.11
N VAL XA 381 -62.00 56.59 -116.04
CA VAL XA 381 -61.67 58.00 -116.01
C VAL XA 381 -61.69 58.59 -117.41
N SER XA 382 -61.28 57.80 -118.40
CA SER XA 382 -61.18 58.31 -119.76
C SER XA 382 -62.55 58.66 -120.33
N ASP XA 383 -63.53 57.76 -120.19
CA ASP XA 383 -64.84 58.09 -120.71
C ASP XA 383 -65.56 59.13 -119.88
N GLN XA 384 -65.14 59.33 -118.63
CA GLN XA 384 -65.53 60.53 -117.90
C GLN XA 384 -64.96 61.77 -118.57
N PHE XA 385 -63.69 61.70 -118.97
CA PHE XA 385 -63.03 62.85 -119.56
C PHE XA 385 -63.56 63.14 -120.95
N THR XA 386 -63.83 62.10 -121.73
CA THR XA 386 -64.30 62.35 -123.09
C THR XA 386 -65.74 62.83 -123.10
N ALA XA 387 -66.53 62.43 -122.09
CA ALA XA 387 -67.94 62.83 -122.09
C ALA XA 387 -68.10 64.31 -121.81
N MET XA 388 -67.39 64.82 -120.80
CA MET XA 388 -67.52 66.23 -120.45
C MET XA 388 -66.92 67.11 -121.53
N PHE XA 389 -65.89 66.62 -122.21
CA PHE XA 389 -65.18 67.42 -123.20
C PHE XA 389 -66.00 67.64 -124.46
N ARG XA 390 -66.94 66.75 -124.77
CA ARG XA 390 -67.76 66.92 -125.96
C ARG XA 390 -68.65 68.15 -125.82
N ARG XA 391 -69.14 68.41 -124.61
CA ARG XA 391 -69.94 69.59 -124.32
C ARG XA 391 -69.10 70.74 -123.80
N LYS XA 392 -67.77 70.57 -123.78
CA LYS XA 392 -66.79 71.63 -123.59
C LYS XA 392 -66.89 72.30 -122.23
N ALA XA 393 -67.46 71.62 -121.24
CA ALA XA 393 -67.72 72.26 -119.97
C ALA XA 393 -66.46 72.38 -119.13
N PHE XA 394 -66.46 73.35 -118.22
CA PHE XA 394 -65.39 73.66 -117.28
C PHE XA 394 -64.06 73.98 -117.94
N LEU XA 395 -64.02 74.27 -119.22
CA LEU XA 395 -62.75 74.53 -119.86
C LEU XA 395 -62.24 75.94 -119.59
N HIS XA 396 -63.11 76.88 -119.22
CA HIS XA 396 -62.70 78.28 -119.25
C HIS XA 396 -61.79 78.64 -118.10
N TRP XA 397 -61.79 77.87 -117.02
CA TRP XA 397 -60.79 78.10 -115.99
C TRP XA 397 -59.44 77.51 -116.37
N TYR XA 398 -59.40 76.64 -117.38
CA TYR XA 398 -58.17 76.18 -118.01
C TYR XA 398 -57.80 77.03 -119.22
N THR XA 399 -58.71 77.13 -120.19
CA THR XA 399 -58.45 77.86 -121.42
C THR XA 399 -58.20 79.32 -121.15
N GLY XA 400 -58.79 79.84 -120.07
CA GLY XA 400 -58.42 81.17 -119.63
C GLY XA 400 -57.08 81.26 -118.95
N GLU XA 401 -56.44 80.12 -118.70
CA GLU XA 401 -55.20 80.13 -117.96
C GLU XA 401 -53.99 79.86 -118.84
N GLY XA 402 -54.16 79.11 -119.93
CA GLY XA 402 -53.01 78.80 -120.75
C GLY XA 402 -53.02 77.40 -121.32
N MET XA 403 -54.11 76.69 -121.11
CA MET XA 403 -54.31 75.38 -121.71
C MET XA 403 -54.96 75.57 -123.07
N ASP XA 404 -54.23 75.27 -124.13
CA ASP XA 404 -54.84 75.22 -125.44
C ASP XA 404 -55.64 73.92 -125.55
N GLU XA 405 -56.53 73.87 -126.53
CA GLU XA 405 -57.37 72.69 -126.70
C GLU XA 405 -56.61 71.53 -127.30
N MET XA 406 -55.42 71.78 -127.87
CA MET XA 406 -54.67 70.70 -128.51
C MET XA 406 -54.16 69.68 -127.52
N GLU XA 407 -53.63 70.12 -126.37
CA GLU XA 407 -53.04 69.19 -125.43
C GLU XA 407 -54.08 68.33 -124.73
N PHE XA 408 -55.32 68.83 -124.60
CA PHE XA 408 -56.38 67.98 -124.09
C PHE XA 408 -56.67 66.82 -125.04
N THR XA 409 -56.72 67.09 -126.34
CA THR XA 409 -56.86 66.01 -127.30
C THR XA 409 -55.59 65.19 -127.37
N GLU XA 410 -54.45 65.81 -127.06
CA GLU XA 410 -53.22 65.04 -126.90
C GLU XA 410 -53.27 64.17 -125.66
N ALA XA 411 -53.76 64.71 -124.53
CA ALA XA 411 -53.78 63.97 -123.29
C ALA XA 411 -54.68 62.75 -123.37
N GLU XA 412 -55.84 62.87 -124.02
CA GLU XA 412 -56.68 61.69 -124.19
C GLU XA 412 -56.05 60.72 -125.16
N SER XA 413 -55.31 61.21 -126.16
CA SER XA 413 -54.59 60.33 -127.06
C SER XA 413 -53.49 59.58 -126.33
N ASN XA 414 -52.86 60.22 -125.35
CA ASN XA 414 -51.92 59.51 -124.49
C ASN XA 414 -52.62 58.37 -123.77
N MET XA 415 -53.76 58.65 -123.18
CA MET XA 415 -54.32 57.71 -122.23
C MET XA 415 -55.12 56.61 -122.94
N ASN XA 416 -55.81 56.93 -124.03
CA ASN XA 416 -56.54 55.85 -124.71
C ASN XA 416 -55.60 54.96 -125.49
N ASP XA 417 -54.40 55.43 -125.80
CA ASP XA 417 -53.37 54.53 -126.30
C ASP XA 417 -52.95 53.57 -125.20
N LEU XA 418 -52.96 54.03 -123.95
CA LEU XA 418 -52.54 53.17 -122.85
C LEU XA 418 -53.52 52.04 -122.61
N VAL XA 419 -54.81 52.28 -122.84
CA VAL XA 419 -55.74 51.18 -122.69
C VAL XA 419 -55.72 50.30 -123.92
N SER XA 420 -55.08 50.76 -125.00
CA SER XA 420 -54.92 49.89 -126.16
C SER XA 420 -53.82 48.86 -125.92
N GLU XA 421 -52.73 49.25 -125.25
CA GLU XA 421 -51.62 48.32 -125.06
C GLU XA 421 -51.95 47.28 -124.00
N TYR XA 422 -52.74 47.64 -122.99
CA TYR XA 422 -53.23 46.64 -122.05
C TYR XA 422 -54.12 45.63 -122.75
N GLN XA 423 -54.98 46.09 -123.65
CA GLN XA 423 -55.78 45.18 -124.46
C GLN XA 423 -54.91 44.45 -125.47
N GLN XA 424 -53.81 45.06 -125.90
CA GLN XA 424 -52.94 44.43 -126.90
C GLN XA 424 -52.27 43.20 -126.33
N TYR XA 425 -51.82 43.27 -125.07
CA TYR XA 425 -51.08 42.17 -124.50
C TYR XA 425 -52.00 41.10 -123.91
N GLN XA 426 -53.11 41.51 -123.32
CA GLN XA 426 -54.04 40.55 -122.72
C GLN XA 426 -54.84 39.81 -123.78
N MET YA 1 29.40 -72.89 -103.27
CA MET YA 1 29.51 -74.21 -103.86
C MET YA 1 28.16 -74.68 -104.40
N ARG YA 2 27.79 -75.93 -104.12
CA ARG YA 2 26.46 -76.40 -104.49
C ARG YA 2 25.41 -75.72 -103.63
N GLU YA 3 24.31 -75.34 -104.26
CA GLU YA 3 23.34 -74.48 -103.62
C GLU YA 3 22.00 -74.59 -104.33
N VAL YA 4 20.93 -74.33 -103.59
CA VAL YA 4 19.58 -74.36 -104.11
C VAL YA 4 18.86 -73.08 -103.71
N ILE YA 5 18.09 -72.52 -104.64
CA ILE YA 5 17.49 -71.20 -104.50
C ILE YA 5 16.01 -71.36 -104.21
N SER YA 6 15.51 -70.62 -103.22
CA SER YA 6 14.10 -70.67 -102.84
C SER YA 6 13.43 -69.34 -103.16
N ILE YA 7 12.26 -69.42 -103.78
CA ILE YA 7 11.46 -68.25 -104.13
C ILE YA 7 10.09 -68.42 -103.50
N HIS YA 8 9.56 -67.37 -102.89
CA HIS YA 8 8.25 -67.40 -102.26
C HIS YA 8 7.39 -66.30 -102.86
N VAL YA 9 6.52 -66.66 -103.78
CA VAL YA 9 5.72 -65.71 -104.53
C VAL YA 9 4.26 -65.85 -104.09
N GLY YA 10 3.71 -64.77 -103.56
CA GLY YA 10 2.39 -64.83 -102.97
C GLY YA 10 2.45 -65.00 -101.47
N GLN YA 11 1.31 -64.71 -100.82
CA GLN YA 11 1.28 -64.73 -99.36
C GLN YA 11 1.44 -66.15 -98.82
N ALA YA 12 0.80 -67.12 -99.45
CA ALA YA 12 0.85 -68.49 -98.96
C ALA YA 12 2.25 -69.04 -99.00
N GLY YA 13 2.98 -68.75 -100.07
CA GLY YA 13 4.36 -69.16 -100.13
C GLY YA 13 5.22 -68.42 -99.12
N ILE YA 14 4.88 -67.16 -98.86
CA ILE YA 14 5.68 -66.37 -97.94
C ILE YA 14 5.50 -66.84 -96.51
N GLN YA 15 4.24 -67.02 -96.08
CA GLN YA 15 3.98 -67.48 -94.73
C GLN YA 15 4.50 -68.90 -94.50
N ILE YA 16 4.38 -69.76 -95.52
CA ILE YA 16 5.01 -71.08 -95.44
C ILE YA 16 6.52 -70.93 -95.37
N GLY YA 17 7.06 -70.09 -96.25
CA GLY YA 17 8.50 -69.88 -96.25
C GLY YA 17 8.98 -69.16 -95.01
N ASN YA 18 8.12 -68.33 -94.41
CA ASN YA 18 8.50 -67.67 -93.18
C ASN YA 18 8.60 -68.66 -92.04
N ALA YA 19 7.82 -69.74 -92.13
CA ALA YA 19 7.97 -70.85 -91.18
C ALA YA 19 9.10 -71.78 -91.57
N CYS YA 20 9.60 -71.68 -92.80
CA CYS YA 20 10.78 -72.46 -93.15
C CYS YA 20 12.02 -71.85 -92.54
N TRP YA 21 12.06 -70.53 -92.39
CA TRP YA 21 13.30 -69.86 -92.03
C TRP YA 21 13.44 -69.57 -90.54
N GLU YA 22 12.66 -70.22 -89.67
CA GLU YA 22 13.24 -70.45 -88.35
C GLU YA 22 13.85 -71.83 -88.32
N LEU YA 23 13.25 -72.75 -89.06
CA LEU YA 23 13.67 -74.15 -89.00
C LEU YA 23 15.05 -74.32 -89.59
N PHE YA 24 15.33 -73.66 -90.70
CA PHE YA 24 16.65 -73.74 -91.28
C PHE YA 24 17.66 -72.96 -90.44
N CYS YA 25 17.20 -71.89 -89.78
CA CYS YA 25 18.11 -71.12 -88.95
C CYS YA 25 18.47 -71.88 -87.68
N LEU YA 26 17.50 -72.58 -87.10
CA LEU YA 26 17.76 -73.30 -85.86
C LEU YA 26 18.61 -74.54 -86.08
N GLU YA 27 18.47 -75.17 -87.25
CA GLU YA 27 19.21 -76.41 -87.49
C GLU YA 27 20.68 -76.15 -87.64
N HIS YA 28 21.06 -75.02 -88.23
CA HIS YA 28 22.45 -74.68 -88.43
C HIS YA 28 23.04 -73.84 -87.32
N GLY YA 29 22.22 -73.37 -86.40
CA GLY YA 29 22.74 -72.58 -85.32
C GLY YA 29 22.95 -71.12 -85.62
N ILE YA 30 22.45 -70.60 -86.74
CA ILE YA 30 22.59 -69.18 -86.96
C ILE YA 30 21.47 -68.51 -86.18
N GLN YA 31 21.57 -67.20 -86.04
CA GLN YA 31 20.73 -66.40 -85.17
C GLN YA 31 19.84 -65.49 -86.00
N PRO YA 32 18.92 -64.76 -85.36
CA PRO YA 32 18.15 -63.76 -86.13
C PRO YA 32 18.99 -62.69 -86.81
N ASP YA 33 20.16 -62.33 -86.29
CA ASP YA 33 21.07 -61.49 -87.06
C ASP YA 33 21.51 -62.22 -88.32
N GLY YA 34 22.24 -63.31 -88.14
CA GLY YA 34 22.74 -64.06 -89.26
C GLY YA 34 24.17 -64.51 -89.07
N GLN YA 35 24.69 -64.37 -87.85
CA GLN YA 35 26.02 -64.84 -87.54
C GLN YA 35 25.98 -65.90 -86.45
N MET YA 36 26.70 -66.99 -86.67
CA MET YA 36 26.90 -67.99 -85.63
C MET YA 36 27.83 -67.43 -84.56
N PRO YA 37 27.72 -67.92 -83.33
CA PRO YA 37 28.70 -67.49 -82.32
C PRO YA 37 29.89 -68.45 -82.26
N ASP YA 47 30.59 -75.93 -93.54
CA ASP YA 47 30.47 -75.90 -94.99
C ASP YA 47 29.24 -76.66 -95.44
N ALA YA 48 28.53 -77.23 -94.47
CA ALA YA 48 27.29 -77.94 -94.76
C ALA YA 48 26.15 -76.97 -95.05
N PHE YA 49 26.11 -75.86 -94.32
CA PHE YA 49 25.05 -74.87 -94.47
C PHE YA 49 25.22 -74.00 -95.71
N ASN YA 50 26.29 -74.19 -96.48
CA ASN YA 50 26.56 -73.39 -97.65
C ASN YA 50 25.51 -73.62 -98.74
N THR YA 51 24.83 -74.78 -98.73
CA THR YA 51 23.80 -75.05 -99.73
C THR YA 51 22.58 -74.16 -99.56
N PHE YA 52 22.39 -73.55 -98.40
CA PHE YA 52 21.30 -72.61 -98.20
C PHE YA 52 21.72 -71.23 -97.74
N PHE YA 53 22.92 -71.08 -97.18
CA PHE YA 53 23.37 -69.82 -96.64
C PHE YA 53 24.65 -69.38 -97.34
N SER YA 54 24.65 -68.15 -97.85
CA SER YA 54 25.83 -67.57 -98.47
C SER YA 54 26.65 -66.86 -97.41
N GLU YA 55 27.96 -67.07 -97.44
CA GLU YA 55 28.85 -66.33 -96.55
C GLU YA 55 28.82 -64.86 -96.88
N THR YA 56 28.74 -64.02 -95.85
CA THR YA 56 28.77 -62.56 -96.02
C THR YA 56 29.73 -61.99 -95.00
N GLY YA 57 31.02 -62.00 -95.31
CA GLY YA 57 31.99 -61.36 -94.45
C GLY YA 57 32.37 -62.15 -93.21
N ALA YA 58 32.49 -61.44 -92.09
CA ALA YA 58 33.02 -62.02 -90.86
C ALA YA 58 31.90 -62.71 -90.09
N GLY YA 59 31.55 -63.91 -90.54
CA GLY YA 59 30.65 -64.78 -89.82
C GLY YA 59 29.18 -64.58 -90.12
N LYS YA 60 28.80 -63.48 -90.71
CA LYS YA 60 27.42 -63.27 -91.12
C LYS YA 60 27.04 -64.22 -92.24
N HIS YA 61 25.81 -64.73 -92.20
CA HIS YA 61 25.27 -65.51 -93.29
C HIS YA 61 23.92 -64.95 -93.70
N VAL YA 62 23.61 -65.09 -94.99
CA VAL YA 62 22.33 -64.66 -95.54
C VAL YA 62 21.68 -65.83 -96.26
N PRO YA 63 20.38 -65.98 -96.19
CA PRO YA 63 19.72 -67.06 -96.91
C PRO YA 63 19.62 -66.78 -98.39
N ARG YA 64 19.47 -67.85 -99.14
CA ARG YA 64 19.30 -67.75 -100.59
C ARG YA 64 17.81 -67.77 -100.94
N CYS YA 65 17.06 -66.84 -100.36
CA CYS YA 65 15.61 -66.78 -100.59
C CYS YA 65 15.21 -65.38 -101.02
N VAL YA 66 14.45 -65.30 -102.11
CA VAL YA 66 13.92 -64.03 -102.60
C VAL YA 66 12.41 -64.00 -102.37
N PHE YA 67 11.95 -62.97 -101.68
CA PHE YA 67 10.55 -62.79 -101.37
C PHE YA 67 9.96 -61.87 -102.41
N LEU YA 68 8.84 -62.25 -103.02
CA LEU YA 68 8.27 -61.48 -104.10
C LEU YA 68 6.76 -61.45 -103.92
N ASP YA 69 6.23 -60.26 -103.67
CA ASP YA 69 4.80 -60.09 -103.45
C ASP YA 69 4.37 -58.70 -103.87
N LEU YA 70 3.27 -58.64 -104.60
CA LEU YA 70 2.76 -57.35 -105.02
C LEU YA 70 2.17 -56.58 -103.85
N GLU YA 71 1.50 -57.26 -102.93
CA GLU YA 71 1.13 -56.66 -101.66
C GLU YA 71 2.37 -56.25 -100.89
N PRO YA 72 2.41 -55.05 -100.32
CA PRO YA 72 3.46 -54.77 -99.35
C PRO YA 72 3.14 -55.32 -97.98
N THR YA 73 1.87 -55.58 -97.69
CA THR YA 73 1.42 -55.81 -96.32
C THR YA 73 1.90 -57.14 -95.74
N VAL YA 74 2.44 -58.03 -96.55
CA VAL YA 74 2.98 -59.28 -96.05
C VAL YA 74 4.50 -59.27 -96.01
N VAL YA 75 5.15 -58.39 -96.78
CA VAL YA 75 6.59 -58.35 -96.83
C VAL YA 75 7.19 -57.21 -96.02
N ASP YA 76 6.48 -56.10 -95.87
CA ASP YA 76 7.02 -55.04 -95.03
C ASP YA 76 6.97 -55.41 -93.56
N GLU YA 77 6.10 -56.36 -93.23
CA GLU YA 77 5.97 -56.78 -91.85
C GLU YA 77 7.06 -57.79 -91.51
N VAL YA 78 7.78 -58.27 -92.53
CA VAL YA 78 9.02 -59.00 -92.30
C VAL YA 78 10.19 -58.03 -92.13
N ARG YA 79 10.17 -56.91 -92.85
CA ARG YA 79 11.20 -55.90 -92.72
C ARG YA 79 11.24 -55.30 -91.33
N THR YA 80 10.08 -55.12 -90.72
CA THR YA 80 10.00 -54.60 -89.36
C THR YA 80 9.98 -55.72 -88.33
N GLY YA 81 9.94 -56.97 -88.75
CA GLY YA 81 9.90 -58.07 -87.83
C GLY YA 81 11.27 -58.35 -87.24
N THR YA 82 11.34 -59.42 -86.47
CA THR YA 82 12.58 -59.75 -85.79
C THR YA 82 13.61 -60.37 -86.70
N TYR YA 83 13.22 -60.89 -87.85
CA TYR YA 83 14.21 -61.34 -88.82
C TYR YA 83 14.51 -60.24 -89.81
N ARG YA 84 14.78 -59.06 -89.28
CA ARG YA 84 14.98 -57.90 -90.14
C ARG YA 84 16.32 -57.98 -90.82
N HIS YA 85 17.32 -58.51 -90.14
CA HIS YA 85 18.67 -58.52 -90.65
C HIS YA 85 19.12 -59.87 -91.15
N LEU YA 86 18.24 -60.87 -91.16
CA LEU YA 86 18.62 -62.13 -91.77
C LEU YA 86 18.76 -61.97 -93.26
N PHE YA 87 17.77 -61.36 -93.90
CA PHE YA 87 17.78 -61.20 -95.35
C PHE YA 87 18.52 -59.94 -95.74
N HIS YA 88 19.01 -59.95 -96.97
CA HIS YA 88 19.50 -58.74 -97.58
C HIS YA 88 18.35 -57.76 -97.75
N PRO YA 89 18.56 -56.48 -97.48
CA PRO YA 89 17.45 -55.53 -97.57
C PRO YA 89 16.88 -55.37 -98.95
N GLU YA 90 17.65 -55.60 -99.99
CA GLU YA 90 17.10 -55.50 -101.34
C GLU YA 90 16.45 -56.81 -101.75
N GLN YA 91 16.63 -57.86 -100.97
CA GLN YA 91 16.18 -59.19 -101.36
C GLN YA 91 14.70 -59.41 -101.08
N LEU YA 92 14.07 -58.54 -100.29
CA LEU YA 92 12.62 -58.57 -100.09
C LEU YA 92 12.02 -57.49 -100.98
N ILE YA 93 11.28 -57.92 -102.00
CA ILE YA 93 10.78 -57.04 -103.05
C ILE YA 93 9.27 -56.91 -102.90
N SER YA 94 8.78 -55.68 -102.92
CA SER YA 94 7.36 -55.38 -102.74
C SER YA 94 6.84 -54.58 -103.93
N GLY YA 95 5.58 -54.77 -104.24
CA GLY YA 95 4.90 -54.01 -105.27
C GLY YA 95 4.05 -52.92 -104.70
N LYS YA 96 2.99 -52.57 -105.41
CA LYS YA 96 2.09 -51.50 -104.99
C LYS YA 96 0.66 -51.98 -104.80
N GLU YA 97 0.11 -52.71 -105.77
CA GLU YA 97 -1.29 -53.04 -105.81
C GLU YA 97 -1.45 -54.55 -105.91
N ASP YA 98 -2.47 -55.09 -105.27
CA ASP YA 98 -2.66 -56.53 -105.21
C ASP YA 98 -3.04 -57.06 -106.58
N ALA YA 99 -2.77 -58.35 -106.78
CA ALA YA 99 -3.31 -59.01 -107.96
C ALA YA 99 -4.80 -59.23 -107.81
N ALA YA 100 -5.28 -59.35 -106.58
CA ALA YA 100 -6.71 -59.46 -106.25
C ALA YA 100 -7.36 -60.67 -106.92
N ASN YA 101 -6.80 -61.84 -106.63
CA ASN YA 101 -7.35 -63.14 -107.05
C ASN YA 101 -7.54 -63.23 -108.54
N ASN YA 102 -6.74 -62.49 -109.29
CA ASN YA 102 -6.93 -62.35 -110.73
C ASN YA 102 -5.67 -62.85 -111.40
N PHE YA 103 -5.77 -64.01 -112.07
CA PHE YA 103 -4.64 -64.54 -112.81
C PHE YA 103 -4.22 -63.60 -113.92
N ALA YA 104 -5.16 -62.87 -114.48
CA ALA YA 104 -4.82 -61.91 -115.51
C ALA YA 104 -4.01 -60.76 -114.93
N ARG YA 105 -4.30 -60.36 -113.69
CA ARG YA 105 -3.59 -59.23 -113.11
C ARG YA 105 -2.15 -59.60 -112.76
N GLY YA 106 -1.95 -60.76 -112.15
CA GLY YA 106 -0.62 -61.12 -111.70
C GLY YA 106 0.27 -61.65 -112.80
N HIS YA 107 -0.24 -61.76 -114.02
CA HIS YA 107 0.52 -62.29 -115.13
C HIS YA 107 0.60 -61.35 -116.31
N TYR YA 108 -0.23 -60.34 -116.38
CA TYR YA 108 -0.21 -59.56 -117.59
C TYR YA 108 -0.03 -58.07 -117.39
N THR YA 109 -0.58 -57.49 -116.32
CA THR YA 109 -0.53 -56.05 -116.19
C THR YA 109 0.45 -55.59 -115.11
N ILE YA 110 0.27 -56.04 -113.88
CA ILE YA 110 1.13 -55.57 -112.80
C ILE YA 110 2.22 -56.61 -112.64
N GLY YA 111 2.30 -57.53 -113.57
CA GLY YA 111 3.35 -58.52 -113.58
C GLY YA 111 4.70 -57.97 -113.95
N LYS YA 112 4.83 -57.41 -115.15
CA LYS YA 112 6.15 -57.05 -115.67
C LYS YA 112 6.79 -55.88 -114.93
N GLU YA 113 6.07 -55.15 -114.12
CA GLU YA 113 6.72 -54.06 -113.40
C GLU YA 113 7.63 -54.55 -112.29
N ILE YA 114 7.55 -55.83 -111.93
CA ILE YA 114 8.31 -56.35 -110.80
C ILE YA 114 9.06 -57.64 -111.12
N VAL YA 115 8.77 -58.32 -112.22
CA VAL YA 115 9.45 -59.58 -112.51
C VAL YA 115 10.90 -59.31 -112.87
N ASP YA 116 11.15 -58.24 -113.62
CA ASP YA 116 12.50 -57.93 -114.06
C ASP YA 116 13.40 -57.59 -112.88
N LEU YA 117 12.83 -57.02 -111.81
CA LEU YA 117 13.64 -56.79 -110.62
C LEU YA 117 13.97 -58.11 -109.93
N SER YA 118 13.05 -59.07 -109.96
CA SER YA 118 13.29 -60.34 -109.30
C SER YA 118 14.27 -61.21 -110.08
N LEU YA 119 14.15 -61.21 -111.42
CA LEU YA 119 15.10 -61.95 -112.24
C LEU YA 119 16.50 -61.38 -112.11
N ASP YA 120 16.63 -60.07 -111.96
CA ASP YA 120 17.95 -59.49 -111.73
C ASP YA 120 18.50 -59.93 -110.38
N ARG YA 121 17.64 -60.04 -109.37
CA ARG YA 121 18.09 -60.45 -108.06
C ARG YA 121 18.48 -61.92 -108.03
N ILE YA 122 17.69 -62.78 -108.68
CA ILE YA 122 18.00 -64.20 -108.65
C ILE YA 122 19.26 -64.49 -109.45
N ARG YA 123 19.56 -63.66 -110.46
CA ARG YA 123 20.75 -63.88 -111.25
C ARG YA 123 22.00 -63.51 -110.46
N LYS YA 124 21.92 -62.44 -109.67
CA LYS YA 124 23.06 -62.08 -108.84
C LYS YA 124 23.21 -62.99 -107.63
N LEU YA 125 22.24 -63.87 -107.40
CA LEU YA 125 22.34 -64.85 -106.34
C LEU YA 125 22.82 -66.20 -106.85
N ALA YA 126 22.54 -66.51 -108.12
CA ALA YA 126 22.88 -67.82 -108.66
C ALA YA 126 24.30 -67.87 -109.21
N ASP YA 127 24.82 -66.75 -109.69
CA ASP YA 127 26.07 -66.76 -110.44
C ASP YA 127 27.30 -66.66 -109.55
N ASN YA 128 27.15 -66.64 -108.24
CA ASN YA 128 28.33 -66.61 -107.37
C ASN YA 128 29.06 -67.95 -107.38
N CYS YA 129 28.32 -69.06 -107.40
CA CYS YA 129 28.91 -70.39 -107.41
C CYS YA 129 28.26 -71.24 -108.48
N THR YA 130 29.03 -72.19 -109.00
CA THR YA 130 28.50 -73.18 -109.92
C THR YA 130 27.98 -74.38 -109.14
N GLY YA 131 27.57 -75.41 -109.87
CA GLY YA 131 26.95 -76.55 -109.23
C GLY YA 131 25.59 -76.25 -108.63
N LEU YA 132 24.78 -75.46 -109.32
CA LEU YA 132 23.42 -75.18 -108.87
C LEU YA 132 22.58 -76.45 -108.95
N GLN YA 133 21.82 -76.70 -107.89
CA GLN YA 133 20.99 -77.90 -107.81
C GLN YA 133 19.61 -77.68 -108.43
N GLY YA 134 18.88 -76.67 -107.96
CA GLY YA 134 17.54 -76.47 -108.46
C GLY YA 134 16.89 -75.26 -107.82
N PHE YA 135 15.57 -75.22 -107.92
CA PHE YA 135 14.76 -74.12 -107.40
C PHE YA 135 13.67 -74.66 -106.49
N LEU YA 136 13.43 -73.97 -105.39
CA LEU YA 136 12.34 -74.31 -104.49
C LEU YA 136 11.34 -73.16 -104.52
N MET YA 137 10.44 -73.16 -105.48
CA MET YA 137 9.42 -72.13 -105.52
C MET YA 137 8.26 -72.53 -104.61
N PHE YA 138 7.67 -71.54 -103.96
CA PHE YA 138 6.57 -71.76 -103.02
C PHE YA 138 5.43 -70.86 -103.44
N ASN YA 139 4.27 -71.44 -103.72
CA ASN YA 139 3.14 -70.62 -104.13
C ASN YA 139 1.85 -71.36 -103.84
N ALA YA 140 0.74 -70.65 -104.04
CA ALA YA 140 -0.59 -71.22 -103.93
C ALA YA 140 -1.23 -71.21 -105.30
N VAL YA 141 -2.00 -72.26 -105.58
CA VAL YA 141 -2.66 -72.35 -106.86
C VAL YA 141 -3.84 -71.41 -106.94
N GLY YA 142 -4.58 -71.24 -105.84
CA GLY YA 142 -5.84 -70.55 -105.90
C GLY YA 142 -5.74 -69.04 -106.01
N GLY YA 143 -4.60 -68.47 -105.69
CA GLY YA 143 -4.48 -67.04 -105.64
C GLY YA 143 -4.23 -66.41 -106.99
N GLY YA 144 -3.98 -65.10 -106.96
CA GLY YA 144 -3.67 -64.35 -108.14
C GLY YA 144 -2.18 -64.19 -108.36
N THR YA 145 -1.45 -63.81 -107.32
CA THR YA 145 0.01 -63.72 -107.43
C THR YA 145 0.62 -65.11 -107.61
N GLY YA 146 0.27 -66.04 -106.75
CA GLY YA 146 0.89 -67.34 -106.78
C GLY YA 146 0.59 -68.14 -108.02
N SER YA 147 -0.52 -67.84 -108.68
CA SER YA 147 -0.82 -68.47 -109.96
C SER YA 147 -0.23 -67.67 -111.11
N GLY YA 148 -0.48 -66.36 -111.13
CA GLY YA 148 -0.03 -65.55 -112.24
C GLY YA 148 1.47 -65.28 -112.20
N LEU YA 149 1.95 -64.71 -111.10
CA LEU YA 149 3.34 -64.31 -111.04
C LEU YA 149 4.27 -65.52 -111.01
N GLY YA 150 3.76 -66.66 -110.54
CA GLY YA 150 4.55 -67.88 -110.62
C GLY YA 150 4.78 -68.34 -112.04
N CYS YA 151 3.72 -68.32 -112.86
CA CYS YA 151 3.86 -68.59 -114.28
C CYS YA 151 4.78 -67.61 -114.97
N LEU YA 152 4.64 -66.32 -114.66
CA LEU YA 152 5.50 -65.33 -115.27
C LEU YA 152 6.93 -65.47 -114.79
N LEU YA 153 7.13 -65.96 -113.57
CA LEU YA 153 8.48 -66.21 -113.10
C LEU YA 153 9.08 -67.42 -113.80
N LEU YA 154 8.31 -68.51 -113.91
CA LEU YA 154 8.88 -69.72 -114.49
C LEU YA 154 9.06 -69.65 -115.99
N GLU YA 155 8.36 -68.74 -116.68
CA GLU YA 155 8.62 -68.58 -118.10
C GLU YA 155 10.02 -68.05 -118.33
N ARG YA 156 10.45 -67.08 -117.53
CA ARG YA 156 11.79 -66.53 -117.68
C ARG YA 156 12.85 -67.52 -117.22
N LEU YA 157 12.61 -68.23 -116.12
CA LEU YA 157 13.62 -69.16 -115.61
C LEU YA 157 13.79 -70.37 -116.51
N SER YA 158 12.74 -70.79 -117.21
CA SER YA 158 12.88 -71.92 -118.10
C SER YA 158 13.63 -71.53 -119.37
N VAL YA 159 13.55 -70.25 -119.76
CA VAL YA 159 14.23 -69.81 -120.98
C VAL YA 159 15.74 -69.84 -120.78
N ASP YA 160 16.22 -69.27 -119.68
CA ASP YA 160 17.66 -69.13 -119.52
C ASP YA 160 18.28 -70.31 -118.78
N TYR YA 161 17.65 -70.79 -117.71
CA TYR YA 161 18.12 -71.98 -117.00
C TYR YA 161 17.34 -73.21 -117.50
N GLY YA 162 17.52 -73.52 -118.78
CA GLY YA 162 16.71 -74.55 -119.39
C GLY YA 162 17.05 -75.95 -118.95
N LYS YA 163 18.31 -76.20 -118.60
CA LYS YA 163 18.76 -77.54 -118.28
C LYS YA 163 18.79 -77.82 -116.79
N LYS YA 164 18.31 -76.88 -115.98
CA LYS YA 164 18.38 -77.00 -114.53
C LYS YA 164 17.03 -77.39 -113.99
N SER YA 165 17.01 -78.35 -113.08
CA SER YA 165 15.76 -78.79 -112.47
C SER YA 165 15.17 -77.70 -111.60
N LYS YA 166 13.87 -77.78 -111.39
CA LYS YA 166 13.16 -76.85 -110.53
C LYS YA 166 11.91 -77.53 -110.02
N LEU YA 167 11.60 -77.29 -108.75
CA LEU YA 167 10.50 -78.00 -108.11
C LEU YA 167 9.67 -77.02 -107.32
N ASN YA 168 8.37 -77.24 -107.34
CA ASN YA 168 7.40 -76.29 -106.82
C ASN YA 168 6.59 -76.93 -105.71
N PHE YA 169 6.16 -76.12 -104.75
CA PHE YA 169 5.25 -76.56 -103.70
C PHE YA 169 3.97 -75.74 -103.80
N CYS YA 170 2.87 -76.42 -104.12
CA CYS YA 170 1.62 -75.76 -104.45
C CYS YA 170 0.55 -76.17 -103.46
N SER YA 171 -0.09 -75.19 -102.82
CA SER YA 171 -1.17 -75.45 -101.87
C SER YA 171 -2.48 -75.52 -102.64
N TRP YA 172 -2.72 -76.69 -103.24
CA TRP YA 172 -3.85 -76.89 -104.13
C TRP YA 172 -5.17 -76.78 -103.36
N PRO YA 173 -6.22 -76.26 -104.00
CA PRO YA 173 -7.49 -76.09 -103.27
C PRO YA 173 -8.19 -77.40 -102.98
N SER YA 174 -8.84 -77.42 -101.81
CA SER YA 174 -9.53 -78.61 -101.31
C SER YA 174 -10.94 -78.68 -101.88
N PRO YA 175 -11.62 -79.81 -101.71
CA PRO YA 175 -13.04 -79.84 -102.14
C PRO YA 175 -13.95 -78.94 -101.34
N GLN YA 176 -13.83 -78.91 -100.02
CA GLN YA 176 -14.74 -78.15 -99.18
C GLN YA 176 -14.17 -76.81 -98.74
N VAL YA 177 -13.05 -76.83 -98.04
CA VAL YA 177 -12.43 -75.61 -97.55
C VAL YA 177 -11.68 -74.93 -98.70
N SER YA 178 -12.15 -73.75 -99.12
CA SER YA 178 -11.34 -73.04 -100.10
C SER YA 178 -11.20 -71.54 -99.92
N THR YA 179 -11.97 -70.89 -99.03
CA THR YA 179 -11.83 -69.48 -98.57
C THR YA 179 -11.63 -68.45 -99.70
N ALA YA 180 -12.06 -68.75 -100.92
CA ALA YA 180 -12.18 -67.78 -102.00
C ALA YA 180 -13.10 -68.39 -103.04
N VAL YA 181 -13.67 -67.55 -103.90
CA VAL YA 181 -14.72 -68.01 -104.79
C VAL YA 181 -14.21 -68.25 -106.22
N VAL YA 182 -13.16 -67.58 -106.65
CA VAL YA 182 -12.68 -67.73 -108.01
C VAL YA 182 -11.47 -68.66 -108.10
N GLU YA 183 -11.23 -69.46 -107.06
CA GLU YA 183 -10.15 -70.43 -107.11
C GLU YA 183 -10.27 -71.51 -108.18
N PRO YA 184 -11.44 -72.09 -108.50
CA PRO YA 184 -11.46 -73.00 -109.64
C PRO YA 184 -11.08 -72.36 -110.96
N TYR YA 185 -11.33 -71.07 -111.15
CA TYR YA 185 -10.75 -70.37 -112.30
C TYR YA 185 -9.25 -70.31 -112.21
N ASN YA 186 -8.72 -70.00 -111.03
CA ASN YA 186 -7.30 -69.78 -110.91
C ASN YA 186 -6.52 -71.09 -110.93
N SER YA 187 -7.21 -72.22 -110.79
CA SER YA 187 -6.53 -73.50 -110.74
C SER YA 187 -6.22 -74.00 -112.15
N VAL YA 188 -7.24 -74.08 -113.00
CA VAL YA 188 -7.04 -74.61 -114.35
C VAL YA 188 -6.12 -73.70 -115.14
N LEU YA 189 -6.21 -72.40 -114.91
CA LEU YA 189 -5.36 -71.44 -115.58
C LEU YA 189 -3.91 -71.60 -115.16
N SER YA 190 -3.67 -71.84 -113.87
CA SER YA 190 -2.30 -72.02 -113.41
C SER YA 190 -1.76 -73.37 -113.86
N THR YA 191 -2.55 -74.43 -113.71
CA THR YA 191 -2.05 -75.76 -114.00
C THR YA 191 -1.84 -76.00 -115.49
N HIS YA 192 -2.31 -75.10 -116.35
CA HIS YA 192 -1.97 -75.19 -117.75
C HIS YA 192 -0.49 -74.97 -117.96
N SER YA 193 0.07 -74.01 -117.25
CA SER YA 193 1.47 -73.66 -117.43
C SER YA 193 2.38 -74.23 -116.35
N LEU YA 194 1.83 -74.83 -115.31
CA LEU YA 194 2.60 -75.61 -114.36
C LEU YA 194 2.71 -77.07 -114.77
N LEU YA 195 2.52 -77.37 -116.06
CA LEU YA 195 2.92 -78.63 -116.66
C LEU YA 195 4.27 -78.55 -117.33
N GLU YA 196 4.54 -77.50 -118.09
CA GLU YA 196 5.73 -77.41 -118.92
C GLU YA 196 6.79 -76.50 -118.34
N HIS YA 197 6.68 -76.13 -117.06
CA HIS YA 197 7.70 -75.29 -116.45
C HIS YA 197 8.17 -75.81 -115.10
N THR YA 198 7.85 -77.05 -114.74
CA THR YA 198 8.18 -77.57 -113.43
C THR YA 198 8.44 -79.07 -113.55
N ASP YA 199 9.40 -79.56 -112.79
CA ASP YA 199 9.75 -80.97 -112.84
C ASP YA 199 9.17 -81.78 -111.70
N VAL YA 200 9.00 -81.18 -110.53
CA VAL YA 200 8.38 -81.83 -109.38
C VAL YA 200 7.36 -80.86 -108.79
N ALA YA 201 6.11 -81.27 -108.75
CA ALA YA 201 5.03 -80.41 -108.27
C ALA YA 201 4.35 -81.11 -107.11
N VAL YA 202 4.76 -80.79 -105.89
CA VAL YA 202 4.21 -81.41 -104.70
C VAL YA 202 2.90 -80.70 -104.37
N MET YA 203 1.81 -81.45 -104.32
CA MET YA 203 0.50 -80.89 -104.06
C MET YA 203 0.19 -81.00 -102.59
N LEU YA 204 -0.09 -79.87 -101.95
CA LEU YA 204 -0.48 -79.84 -100.56
C LEU YA 204 -1.89 -79.28 -100.46
N ASP YA 205 -2.63 -79.70 -99.45
CA ASP YA 205 -4.01 -79.30 -99.28
C ASP YA 205 -4.27 -78.87 -97.85
N ASN YA 206 -5.07 -77.83 -97.68
CA ASN YA 206 -5.25 -77.26 -96.36
C ASN YA 206 -6.12 -78.13 -95.48
N GLU YA 207 -7.21 -78.68 -96.01
CA GLU YA 207 -8.09 -79.45 -95.14
C GLU YA 207 -7.51 -80.81 -94.79
N ALA YA 208 -6.51 -81.28 -95.52
CA ALA YA 208 -5.82 -82.49 -95.11
C ALA YA 208 -4.98 -82.23 -93.87
N ILE YA 209 -4.21 -81.14 -93.87
CA ILE YA 209 -3.40 -80.80 -92.70
C ILE YA 209 -4.29 -80.38 -91.55
N TYR YA 210 -5.47 -79.84 -91.83
CA TYR YA 210 -6.45 -79.58 -90.78
C TYR YA 210 -6.86 -80.88 -90.10
N ASP YA 211 -7.06 -81.95 -90.87
CA ASP YA 211 -7.48 -83.21 -90.28
C ASP YA 211 -6.33 -83.90 -89.56
N ILE YA 212 -5.10 -83.73 -90.05
CA ILE YA 212 -3.93 -84.22 -89.32
C ILE YA 212 -3.81 -83.51 -87.98
N CYS YA 213 -4.09 -82.22 -87.96
CA CYS YA 213 -4.00 -81.46 -86.72
C CYS YA 213 -5.09 -81.86 -85.73
N ARG YA 214 -6.16 -82.49 -86.20
CA ARG YA 214 -7.23 -82.87 -85.31
C ARG YA 214 -7.02 -84.25 -84.69
N ARG YA 215 -6.48 -85.20 -85.46
CA ARG YA 215 -6.40 -86.57 -84.98
C ARG YA 215 -5.04 -86.92 -84.40
N ASN YA 216 -3.98 -86.20 -84.74
CA ASN YA 216 -2.66 -86.47 -84.19
C ASN YA 216 -2.31 -85.49 -83.07
N LEU YA 217 -2.35 -84.19 -83.38
CA LEU YA 217 -2.01 -83.19 -82.38
C LEU YA 217 -3.13 -82.91 -81.41
N ASP YA 218 -4.36 -83.28 -81.78
CA ASP YA 218 -5.57 -82.90 -81.05
C ASP YA 218 -5.70 -81.39 -80.90
N ILE YA 219 -5.32 -80.66 -81.95
CA ILE YA 219 -5.62 -79.24 -82.04
C ILE YA 219 -6.94 -79.08 -82.77
N GLU YA 220 -7.95 -78.60 -82.07
CA GLU YA 220 -9.26 -78.45 -82.69
C GLU YA 220 -9.38 -77.17 -83.48
N ARG YA 221 -8.57 -76.16 -83.17
CA ARG YA 221 -8.62 -74.86 -83.84
C ARG YA 221 -7.23 -74.41 -84.28
N PRO YA 222 -6.67 -75.01 -85.33
CA PRO YA 222 -5.34 -74.61 -85.77
C PRO YA 222 -5.38 -73.44 -86.74
N THR YA 223 -4.41 -72.56 -86.58
CA THR YA 223 -4.30 -71.35 -87.40
C THR YA 223 -3.45 -71.65 -88.64
N TYR YA 224 -3.09 -70.60 -89.36
CA TYR YA 224 -2.20 -70.80 -90.50
C TYR YA 224 -0.79 -71.14 -90.08
N THR YA 225 -0.33 -70.62 -88.95
CA THR YA 225 1.07 -70.84 -88.57
C THR YA 225 1.33 -72.25 -88.09
N ASN YA 226 0.32 -72.96 -87.57
CA ASN YA 226 0.55 -74.33 -87.19
C ASN YA 226 0.63 -75.23 -88.40
N LEU YA 227 -0.12 -74.89 -89.45
CA LEU YA 227 0.00 -75.63 -90.69
C LEU YA 227 1.35 -75.39 -91.35
N ASN YA 228 1.84 -74.16 -91.31
CA ASN YA 228 3.08 -73.83 -91.99
C ASN YA 228 4.29 -74.41 -91.26
N ARG YA 229 4.21 -74.56 -89.94
CA ARG YA 229 5.30 -75.22 -89.21
C ARG YA 229 5.40 -76.68 -89.58
N LEU YA 230 4.26 -77.32 -89.78
CA LEU YA 230 4.25 -78.72 -90.15
C LEU YA 230 4.61 -78.91 -91.62
N ILE YA 231 4.33 -77.91 -92.45
CA ILE YA 231 4.82 -77.95 -93.83
C ILE YA 231 6.34 -77.85 -93.85
N ALA YA 232 6.89 -76.97 -93.02
CA ALA YA 232 8.33 -76.71 -93.04
C ALA YA 232 9.12 -77.93 -92.59
N GLN YA 233 8.54 -78.80 -91.78
CA GLN YA 233 9.23 -80.02 -91.40
C GLN YA 233 9.31 -80.98 -92.58
N VAL YA 234 8.31 -80.94 -93.47
CA VAL YA 234 8.37 -81.76 -94.67
C VAL YA 234 9.46 -81.25 -95.60
N ILE YA 235 9.60 -79.93 -95.69
CA ILE YA 235 10.66 -79.33 -96.52
C ILE YA 235 12.02 -79.69 -95.96
N SER YA 236 12.20 -79.55 -94.65
CA SER YA 236 13.50 -79.72 -94.04
C SER YA 236 13.97 -81.17 -94.11
N SER YA 237 13.05 -82.11 -93.93
CA SER YA 237 13.40 -83.51 -94.08
C SER YA 237 13.66 -83.86 -95.52
N LEU YA 238 13.06 -83.13 -96.45
CA LEU YA 238 13.15 -83.48 -97.86
C LEU YA 238 14.53 -83.16 -98.40
N THR YA 239 15.15 -82.11 -97.90
CA THR YA 239 16.33 -81.51 -98.49
C THR YA 239 17.59 -81.83 -97.68
N ALA YA 240 17.44 -82.45 -96.51
CA ALA YA 240 18.56 -82.65 -95.59
C ALA YA 240 19.62 -83.60 -96.12
N SER YA 241 19.36 -84.32 -97.22
CA SER YA 241 20.38 -85.22 -97.75
C SER YA 241 21.50 -84.44 -98.43
N LEU YA 242 21.18 -83.30 -99.04
CA LEU YA 242 22.22 -82.49 -99.67
C LEU YA 242 22.89 -81.54 -98.70
N ARG YA 243 22.52 -81.59 -97.43
CA ARG YA 243 22.92 -80.62 -96.44
C ARG YA 243 23.55 -81.25 -95.20
N PHE YA 244 23.18 -82.48 -94.87
CA PHE YA 244 23.62 -83.17 -93.69
C PHE YA 244 24.29 -84.47 -94.12
N ASP YA 245 25.14 -85.01 -93.26
CA ASP YA 245 25.83 -86.25 -93.59
C ASP YA 245 24.90 -87.44 -93.40
N GLY YA 246 24.85 -88.31 -94.41
CA GLY YA 246 23.88 -89.39 -94.41
C GLY YA 246 24.51 -90.75 -94.62
N ALA YA 247 23.73 -91.78 -94.29
CA ALA YA 247 24.13 -93.17 -94.52
C ALA YA 247 23.74 -93.67 -95.89
N LEU YA 248 22.65 -93.14 -96.45
CA LEU YA 248 22.25 -93.46 -97.81
C LEU YA 248 21.44 -92.27 -98.29
N ASN YA 249 22.06 -91.40 -99.07
CA ASN YA 249 21.49 -90.12 -99.41
C ASN YA 249 21.08 -90.01 -100.87
N VAL YA 250 20.03 -89.25 -101.12
CA VAL YA 250 19.52 -88.98 -102.47
C VAL YA 250 19.23 -87.49 -102.60
N ASP YA 251 19.69 -86.89 -103.69
CA ASP YA 251 19.63 -85.45 -103.86
C ASP YA 251 18.61 -85.08 -104.93
N VAL YA 252 18.47 -83.77 -105.14
CA VAL YA 252 17.36 -83.22 -105.92
C VAL YA 252 17.41 -83.69 -107.38
N THR YA 253 18.61 -83.76 -107.96
CA THR YA 253 18.71 -84.17 -109.35
C THR YA 253 18.41 -85.65 -109.55
N GLU YA 254 18.39 -86.47 -108.50
CA GLU YA 254 18.03 -87.87 -108.62
C GLU YA 254 16.64 -88.17 -108.06
N PHE YA 255 15.89 -87.15 -107.62
CA PHE YA 255 14.47 -87.35 -107.36
C PHE YA 255 13.69 -87.56 -108.65
N GLN YA 256 13.94 -86.70 -109.64
CA GLN YA 256 13.13 -86.75 -110.84
C GLN YA 256 13.44 -87.96 -111.70
N THR YA 257 14.57 -88.62 -111.47
CA THR YA 257 14.80 -89.91 -112.10
C THR YA 257 13.93 -90.99 -111.45
N ASN YA 258 13.84 -90.98 -110.13
CA ASN YA 258 13.08 -92.02 -109.44
C ASN YA 258 11.58 -91.83 -109.60
N LEU YA 259 11.10 -90.61 -109.38
CA LEU YA 259 9.68 -90.40 -109.10
C LEU YA 259 8.84 -90.07 -110.31
N VAL YA 260 9.44 -89.54 -111.38
CA VAL YA 260 8.68 -89.08 -112.54
C VAL YA 260 8.82 -90.11 -113.65
N PRO YA 261 7.81 -90.93 -113.91
CA PRO YA 261 7.96 -91.98 -114.92
C PRO YA 261 7.79 -91.49 -116.34
N TYR YA 262 6.91 -90.53 -116.54
CA TYR YA 262 6.55 -90.01 -117.84
C TYR YA 262 6.67 -88.48 -117.79
N PRO YA 263 6.90 -87.83 -118.93
CA PRO YA 263 7.26 -86.39 -118.90
C PRO YA 263 6.19 -85.48 -118.33
N ARG YA 264 4.93 -85.88 -118.31
CA ARG YA 264 3.88 -85.02 -117.78
C ARG YA 264 3.39 -85.44 -116.40
N ILE YA 265 3.44 -86.73 -116.08
CA ILE YA 265 2.95 -87.23 -114.80
C ILE YA 265 3.99 -86.95 -113.75
N HIS YA 266 3.89 -85.78 -113.11
CA HIS YA 266 4.88 -85.40 -112.12
C HIS YA 266 4.26 -84.67 -110.93
N PHE YA 267 3.01 -84.97 -110.60
CA PHE YA 267 2.39 -84.41 -109.40
C PHE YA 267 2.43 -85.46 -108.31
N MET YA 268 3.12 -85.16 -107.21
CA MET YA 268 3.26 -86.08 -106.11
C MET YA 268 2.63 -85.55 -104.84
N LEU YA 269 2.07 -86.48 -104.06
CA LEU YA 269 1.51 -86.20 -102.74
C LEU YA 269 2.64 -86.21 -101.71
N SER YA 270 2.27 -86.05 -100.44
CA SER YA 270 3.29 -86.05 -99.40
C SER YA 270 2.68 -86.54 -98.10
N SER YA 271 3.52 -87.09 -97.24
CA SER YA 271 3.10 -87.49 -95.90
C SER YA 271 4.31 -87.54 -94.99
N TYR YA 272 4.08 -87.28 -93.71
CA TYR YA 272 5.15 -87.21 -92.73
C TYR YA 272 4.75 -88.02 -91.51
N ALA YA 273 5.73 -88.68 -90.90
CA ALA YA 273 5.44 -89.52 -89.75
C ALA YA 273 6.71 -89.68 -88.93
N PRO YA 274 6.64 -89.60 -87.61
CA PRO YA 274 5.46 -89.31 -86.82
C PRO YA 274 5.20 -87.84 -86.69
N ILE YA 275 3.95 -87.47 -86.43
CA ILE YA 275 3.58 -86.09 -86.11
C ILE YA 275 2.90 -86.19 -84.76
N ILE YA 276 3.68 -86.11 -83.68
CA ILE YA 276 3.24 -86.55 -82.37
C ILE YA 276 3.52 -85.45 -81.36
N SER YA 277 2.52 -85.13 -80.54
CA SER YA 277 2.68 -84.09 -79.55
C SER YA 277 3.30 -84.65 -78.27
N ALA YA 278 3.40 -83.82 -77.24
CA ALA YA 278 4.06 -84.22 -76.01
C ALA YA 278 3.20 -85.12 -75.14
N GLU YA 279 1.89 -85.24 -75.41
CA GLU YA 279 1.08 -86.20 -74.68
C GLU YA 279 1.49 -87.62 -75.04
N LYS YA 280 1.78 -87.86 -76.31
CA LYS YA 280 1.75 -89.20 -76.86
C LYS YA 280 3.12 -89.84 -77.02
N ALA YA 281 4.18 -89.06 -77.24
CA ALA YA 281 5.52 -89.66 -77.26
C ALA YA 281 5.90 -90.18 -75.88
N TYR YA 282 5.18 -89.76 -74.85
CA TYR YA 282 5.17 -90.42 -73.56
C TYR YA 282 4.91 -91.91 -73.68
N HIS YA 283 3.99 -92.31 -74.56
CA HIS YA 283 3.43 -93.65 -74.55
C HIS YA 283 3.85 -94.56 -75.69
N GLU YA 284 4.05 -94.05 -76.90
CA GLU YA 284 4.59 -94.90 -77.96
C GLU YA 284 6.12 -94.84 -77.98
N GLN YA 285 6.73 -96.00 -78.18
CA GLN YA 285 7.99 -96.01 -78.89
C GLN YA 285 7.71 -95.80 -80.36
N LEU YA 286 8.70 -95.27 -81.08
CA LEU YA 286 8.42 -94.85 -82.44
C LEU YA 286 9.35 -95.57 -83.39
N SER YA 287 9.38 -96.90 -83.28
CA SER YA 287 10.28 -97.74 -84.06
C SER YA 287 10.04 -97.59 -85.55
N VAL YA 288 11.00 -98.07 -86.34
CA VAL YA 288 11.01 -97.86 -87.78
C VAL YA 288 9.81 -98.53 -88.44
N ALA YA 289 9.41 -99.69 -87.91
CA ALA YA 289 8.30 -100.43 -88.51
C ALA YA 289 6.97 -99.71 -88.32
N GLU YA 290 6.78 -99.04 -87.20
CA GLU YA 290 5.48 -98.44 -86.94
C GLU YA 290 5.36 -97.03 -87.51
N ILE YA 291 6.48 -96.30 -87.62
CA ILE YA 291 6.39 -94.96 -88.19
C ILE YA 291 6.29 -95.04 -89.70
N THR YA 292 6.74 -96.14 -90.30
CA THR YA 292 6.53 -96.31 -91.73
C THR YA 292 5.18 -96.92 -92.05
N ASN YA 293 4.49 -97.49 -91.06
CA ASN YA 293 3.11 -97.91 -91.28
C ASN YA 293 2.17 -96.71 -91.23
N SER YA 294 2.41 -95.78 -90.31
CA SER YA 294 1.59 -94.59 -90.22
C SER YA 294 1.82 -93.66 -91.40
N ALA YA 295 2.98 -93.76 -92.05
CA ALA YA 295 3.23 -92.95 -93.24
C ALA YA 295 2.31 -93.36 -94.39
N PHE YA 296 2.07 -94.65 -94.54
CA PHE YA 296 1.23 -95.12 -95.62
C PHE YA 296 -0.25 -95.16 -95.26
N GLU YA 297 -0.59 -94.83 -94.03
CA GLU YA 297 -1.99 -94.84 -93.59
C GLU YA 297 -2.74 -93.74 -94.33
N PRO YA 298 -3.91 -94.03 -94.90
CA PRO YA 298 -4.55 -93.08 -95.83
C PRO YA 298 -4.98 -91.76 -95.21
N ALA YA 299 -5.16 -91.70 -93.90
CA ALA YA 299 -5.51 -90.41 -93.30
C ALA YA 299 -4.29 -89.56 -93.01
N SER YA 300 -3.08 -90.07 -93.21
CA SER YA 300 -1.88 -89.28 -93.01
C SER YA 300 -1.41 -88.57 -94.27
N MET YA 301 -2.04 -88.81 -95.41
CA MET YA 301 -1.70 -88.10 -96.62
C MET YA 301 -2.07 -86.64 -96.47
N MET YA 302 -1.30 -85.77 -97.13
CA MET YA 302 -1.46 -84.33 -96.97
C MET YA 302 -2.07 -83.69 -98.20
N ALA YA 303 -3.02 -84.37 -98.82
CA ALA YA 303 -3.70 -83.83 -99.99
C ALA YA 303 -5.21 -84.01 -99.97
N LYS YA 304 -5.76 -84.79 -99.03
CA LYS YA 304 -7.13 -85.28 -99.04
C LYS YA 304 -7.42 -85.88 -100.41
N CYS YA 305 -6.71 -86.96 -100.66
CA CYS YA 305 -6.78 -87.67 -101.93
C CYS YA 305 -6.57 -89.14 -101.57
N ASP YA 306 -7.67 -89.84 -101.36
CA ASP YA 306 -7.60 -91.12 -100.68
C ASP YA 306 -6.98 -92.14 -101.60
N PRO YA 307 -5.82 -92.72 -101.26
CA PRO YA 307 -5.14 -93.62 -102.20
C PRO YA 307 -5.80 -94.98 -102.35
N ARG YA 308 -6.98 -95.19 -101.77
CA ARG YA 308 -7.70 -96.44 -101.98
C ARG YA 308 -8.13 -96.57 -103.43
N HIS YA 309 -8.56 -95.48 -104.06
CA HIS YA 309 -9.07 -95.51 -105.43
C HIS YA 309 -7.98 -95.19 -106.45
N GLY YA 310 -6.75 -95.56 -106.16
CA GLY YA 310 -5.67 -95.40 -107.11
C GLY YA 310 -4.55 -96.37 -106.80
N LYS YA 311 -3.79 -96.71 -107.84
CA LYS YA 311 -2.66 -97.61 -107.71
C LYS YA 311 -1.37 -96.81 -107.74
N TYR YA 312 -0.48 -97.09 -106.79
CA TYR YA 312 0.77 -96.37 -106.66
C TYR YA 312 1.69 -96.67 -107.85
N MET YA 313 2.63 -95.77 -108.10
CA MET YA 313 3.71 -96.07 -109.06
C MET YA 313 5.09 -95.77 -108.53
N ALA YA 314 5.26 -94.88 -107.57
CA ALA YA 314 6.58 -94.61 -107.02
C ALA YA 314 6.42 -94.03 -105.61
N CYS YA 315 7.35 -94.38 -104.74
CA CYS YA 315 7.39 -93.81 -103.40
C CYS YA 315 8.82 -93.48 -103.07
N CYS YA 316 9.03 -92.36 -102.40
CA CYS YA 316 10.36 -91.95 -101.96
C CYS YA 316 10.31 -91.75 -100.45
N LEU YA 317 10.89 -92.69 -99.72
CA LEU YA 317 10.90 -92.66 -98.26
C LEU YA 317 12.19 -92.02 -97.80
N MET YA 318 12.07 -91.00 -96.95
CA MET YA 318 13.22 -90.29 -96.41
C MET YA 318 13.25 -90.51 -94.90
N TYR YA 319 14.04 -91.48 -94.45
CA TYR YA 319 14.21 -91.73 -93.04
C TYR YA 319 15.27 -90.77 -92.49
N ARG YA 320 14.97 -90.18 -91.35
CA ARG YA 320 15.81 -89.13 -90.79
C ARG YA 320 15.90 -89.33 -89.29
N GLY YA 321 17.05 -89.74 -88.81
CA GLY YA 321 17.25 -89.92 -87.40
C GLY YA 321 18.04 -91.19 -87.15
N ASP YA 322 17.87 -91.73 -85.94
CA ASP YA 322 18.54 -92.97 -85.56
C ASP YA 322 17.82 -94.12 -86.25
N VAL YA 323 18.26 -94.44 -87.45
CA VAL YA 323 17.67 -95.53 -88.22
C VAL YA 323 18.77 -96.27 -88.94
N VAL YA 324 18.73 -97.60 -88.86
CA VAL YA 324 19.74 -98.43 -89.50
C VAL YA 324 19.13 -99.01 -90.76
N PRO YA 325 19.94 -99.33 -91.78
CA PRO YA 325 19.35 -99.70 -93.08
C PRO YA 325 18.69 -101.07 -93.10
N LYS YA 326 19.12 -101.99 -92.25
CA LYS YA 326 18.52 -103.31 -92.31
C LYS YA 326 17.19 -103.39 -91.56
N ASP YA 327 16.76 -102.32 -90.90
CA ASP YA 327 15.38 -102.25 -90.43
C ASP YA 327 14.46 -101.60 -91.44
N VAL YA 328 14.99 -100.74 -92.30
CA VAL YA 328 14.17 -100.15 -93.36
C VAL YA 328 13.76 -101.20 -94.36
N ASN YA 329 14.68 -102.10 -94.71
CA ASN YA 329 14.39 -103.13 -95.71
C ASN YA 329 13.31 -104.09 -95.22
N ALA YA 330 13.35 -104.43 -93.93
CA ALA YA 330 12.27 -105.25 -93.37
C ALA YA 330 10.96 -104.46 -93.31
N ALA YA 331 11.06 -103.16 -93.00
CA ALA YA 331 9.87 -102.33 -92.91
C ALA YA 331 9.21 -102.15 -94.26
N VAL YA 332 10.02 -101.97 -95.31
CA VAL YA 332 9.47 -101.84 -96.66
C VAL YA 332 8.87 -103.16 -97.11
N ALA YA 333 9.47 -104.28 -96.70
CA ALA YA 333 8.98 -105.59 -97.11
C ALA YA 333 7.58 -105.87 -96.59
N THR YA 334 7.29 -105.45 -95.35
CA THR YA 334 5.96 -105.66 -94.79
C THR YA 334 4.92 -104.83 -95.53
N ILE YA 335 5.35 -103.71 -96.10
CA ILE YA 335 4.43 -102.87 -96.87
C ILE YA 335 4.05 -103.56 -98.18
N LYS YA 336 5.01 -104.24 -98.80
CA LYS YA 336 4.72 -104.96 -100.04
C LYS YA 336 3.76 -106.12 -99.79
N THR YA 337 3.92 -106.81 -98.66
CA THR YA 337 3.08 -107.97 -98.37
C THR YA 337 1.65 -107.57 -98.02
N LYS YA 338 1.47 -106.37 -97.48
CA LYS YA 338 0.12 -105.88 -97.18
C LYS YA 338 -0.63 -105.67 -98.48
N ARG YA 339 -1.86 -106.19 -98.55
CA ARG YA 339 -2.58 -106.27 -99.81
C ARG YA 339 -3.45 -105.05 -100.10
N THR YA 340 -3.61 -104.15 -99.16
CA THR YA 340 -4.39 -102.94 -99.42
C THR YA 340 -3.64 -101.98 -100.33
N ILE YA 341 -2.33 -101.86 -100.13
CA ILE YA 341 -1.50 -100.97 -100.92
C ILE YA 341 -1.24 -101.64 -102.28
N GLN YA 342 -1.86 -101.11 -103.32
CA GLN YA 342 -1.78 -101.69 -104.66
C GLN YA 342 -0.80 -100.89 -105.51
N PHE YA 343 0.18 -101.58 -106.07
CA PHE YA 343 1.16 -100.98 -106.96
C PHE YA 343 0.81 -101.27 -108.41
N VAL YA 344 1.32 -100.42 -109.30
CA VAL YA 344 1.03 -100.59 -110.70
C VAL YA 344 1.85 -101.78 -111.24
N ASP YA 345 1.42 -102.29 -112.38
CA ASP YA 345 1.95 -103.55 -112.90
C ASP YA 345 3.38 -103.44 -113.40
N TRP YA 346 3.77 -102.30 -113.95
CA TRP YA 346 5.05 -102.19 -114.64
C TRP YA 346 6.17 -101.65 -113.77
N CYS YA 347 5.94 -101.42 -112.47
CA CYS YA 347 6.97 -100.90 -111.57
C CYS YA 347 7.19 -101.86 -110.41
N PRO YA 348 8.05 -102.85 -110.57
CA PRO YA 348 8.31 -103.77 -109.47
C PRO YA 348 9.21 -103.16 -108.41
N THR YA 349 10.13 -102.30 -108.83
CA THR YA 349 11.02 -101.61 -107.91
C THR YA 349 10.32 -100.36 -107.40
N GLY YA 350 9.29 -100.60 -106.58
CA GLY YA 350 8.39 -99.52 -106.22
C GLY YA 350 8.91 -98.55 -105.19
N PHE YA 351 9.96 -98.92 -104.46
CA PHE YA 351 10.43 -98.12 -103.35
C PHE YA 351 11.85 -97.65 -103.60
N LYS YA 352 12.11 -96.38 -103.32
CA LYS YA 352 13.46 -95.82 -103.37
C LYS YA 352 13.68 -95.04 -102.09
N CYS YA 353 14.53 -95.58 -101.21
CA CYS YA 353 14.60 -95.15 -99.83
C CYS YA 353 15.80 -94.26 -99.60
N GLY YA 354 15.80 -93.62 -98.44
CA GLY YA 354 16.90 -92.74 -98.07
C GLY YA 354 16.99 -92.61 -96.56
N ILE YA 355 18.21 -92.52 -96.06
CA ILE YA 355 18.49 -92.53 -94.64
C ILE YA 355 19.44 -91.37 -94.33
N ASN YA 356 19.10 -90.57 -93.33
CA ASN YA 356 19.96 -89.48 -92.88
C ASN YA 356 20.18 -89.62 -91.39
N TYR YA 357 21.18 -88.90 -90.87
CA TYR YA 357 21.63 -89.22 -89.53
C TYR YA 357 20.94 -88.40 -88.46
N GLN YA 358 21.00 -87.06 -88.54
CA GLN YA 358 20.64 -86.51 -87.24
C GLN YA 358 19.22 -85.96 -87.22
N PRO YA 359 18.50 -86.14 -86.11
CA PRO YA 359 17.03 -86.13 -86.14
C PRO YA 359 16.48 -84.73 -86.34
N PRO YA 360 15.19 -84.59 -86.62
CA PRO YA 360 14.61 -83.25 -86.79
C PRO YA 360 14.64 -82.45 -85.50
N THR YA 361 14.82 -81.14 -85.65
CA THR YA 361 14.88 -80.24 -84.53
C THR YA 361 13.49 -79.69 -84.22
N VAL YA 362 13.17 -79.62 -82.96
CA VAL YA 362 11.91 -79.08 -82.51
C VAL YA 362 12.04 -77.57 -82.41
N VAL YA 363 11.06 -76.85 -82.95
CA VAL YA 363 11.00 -75.41 -82.74
C VAL YA 363 10.44 -75.18 -81.35
N PRO YA 364 11.16 -74.47 -80.48
CA PRO YA 364 10.66 -74.26 -79.12
C PRO YA 364 9.39 -73.43 -79.12
N GLY YA 365 8.49 -73.76 -78.20
CA GLY YA 365 7.19 -73.14 -78.20
C GLY YA 365 6.27 -73.62 -79.29
N GLY YA 366 6.65 -74.67 -80.00
CA GLY YA 366 5.85 -75.21 -81.08
C GLY YA 366 4.87 -76.25 -80.60
N ASP YA 367 4.40 -77.07 -81.54
CA ASP YA 367 3.41 -78.09 -81.25
C ASP YA 367 3.99 -79.50 -81.24
N LEU YA 368 4.96 -79.78 -82.10
CA LEU YA 368 5.51 -81.12 -82.20
C LEU YA 368 6.44 -81.41 -81.03
N ALA YA 369 6.59 -82.69 -80.72
CA ALA YA 369 7.52 -83.16 -79.72
C ALA YA 369 8.74 -83.75 -80.40
N LYS YA 370 9.85 -83.75 -79.68
CA LYS YA 370 11.09 -84.28 -80.24
C LYS YA 370 11.00 -85.79 -80.38
N VAL YA 371 11.47 -86.29 -81.51
CA VAL YA 371 11.47 -87.72 -81.79
C VAL YA 371 12.85 -88.09 -82.30
N MET YA 372 13.27 -89.31 -81.99
CA MET YA 372 14.59 -89.75 -82.41
C MET YA 372 14.65 -90.09 -83.88
N ARG YA 373 13.51 -90.26 -84.54
CA ARG YA 373 13.49 -90.56 -85.95
C ARG YA 373 12.19 -90.08 -86.57
N ALA YA 374 12.19 -89.94 -87.88
CA ALA YA 374 11.02 -89.47 -88.60
C ALA YA 374 11.11 -89.95 -90.05
N VAL YA 375 9.97 -89.90 -90.73
CA VAL YA 375 9.86 -90.35 -92.12
C VAL YA 375 9.15 -89.27 -92.91
N CYS YA 376 9.74 -88.88 -94.04
CA CYS YA 376 9.04 -88.08 -95.03
C CYS YA 376 8.79 -88.96 -96.24
N MET YA 377 7.56 -88.96 -96.72
CA MET YA 377 7.17 -89.84 -97.81
C MET YA 377 6.59 -89.00 -98.95
N ILE YA 378 7.18 -89.10 -100.12
CA ILE YA 378 6.69 -88.45 -101.32
C ILE YA 378 6.23 -89.54 -102.28
N SER YA 379 4.93 -89.58 -102.56
CA SER YA 379 4.34 -90.66 -103.31
C SER YA 379 3.80 -90.17 -104.63
N ASN YA 380 3.97 -90.98 -105.67
CA ASN YA 380 3.38 -90.73 -106.97
C ASN YA 380 2.36 -91.84 -107.22
N SER YA 381 1.13 -91.46 -107.53
CA SER YA 381 0.06 -92.45 -107.63
C SER YA 381 -1.01 -91.97 -108.59
N THR YA 382 -1.85 -92.89 -109.04
CA THR YA 382 -2.98 -92.55 -109.88
C THR YA 382 -4.16 -92.06 -109.07
N ALA YA 383 -3.99 -91.90 -107.76
CA ALA YA 383 -5.08 -91.45 -106.92
C ALA YA 383 -5.47 -90.01 -107.24
N ILE YA 384 -4.53 -89.20 -107.73
CA ILE YA 384 -4.78 -87.79 -107.95
C ILE YA 384 -5.52 -87.51 -109.25
N ALA YA 385 -5.99 -88.55 -109.93
CA ALA YA 385 -6.89 -88.33 -111.05
C ALA YA 385 -8.19 -87.69 -110.57
N GLU YA 386 -8.66 -88.05 -109.36
CA GLU YA 386 -9.91 -87.48 -108.90
C GLU YA 386 -9.74 -86.03 -108.47
N VAL YA 387 -8.52 -85.62 -108.13
CA VAL YA 387 -8.29 -84.22 -107.76
C VAL YA 387 -8.44 -83.33 -108.98
N PHE YA 388 -7.86 -83.75 -110.10
CA PHE YA 388 -7.97 -82.97 -111.33
C PHE YA 388 -9.37 -83.06 -111.90
N SER YA 389 -10.03 -84.20 -111.72
CA SER YA 389 -11.41 -84.34 -112.19
C SER YA 389 -12.36 -83.48 -111.35
N ARG YA 390 -12.03 -83.28 -110.08
CA ARG YA 390 -12.87 -82.49 -109.21
C ARG YA 390 -12.82 -81.01 -109.57
N MET YA 391 -11.61 -80.48 -109.75
CA MET YA 391 -11.47 -79.08 -110.14
C MET YA 391 -12.01 -78.84 -111.53
N ASP YA 392 -11.93 -79.84 -112.41
CA ASP YA 392 -12.50 -79.70 -113.73
C ASP YA 392 -14.02 -79.62 -113.67
N HIS YA 393 -14.62 -80.16 -112.61
CA HIS YA 393 -16.07 -80.09 -112.47
C HIS YA 393 -16.50 -78.72 -111.95
N LYS YA 394 -15.80 -78.20 -110.94
CA LYS YA 394 -16.16 -76.87 -110.43
C LYS YA 394 -15.84 -75.78 -111.43
N PHE YA 395 -14.92 -76.04 -112.34
CA PHE YA 395 -14.66 -75.07 -113.39
C PHE YA 395 -15.79 -75.05 -114.39
N ASP YA 396 -16.40 -76.21 -114.64
CA ASP YA 396 -17.33 -76.32 -115.75
C ASP YA 396 -18.69 -75.71 -115.41
N LEU YA 397 -19.04 -75.63 -114.13
CA LEU YA 397 -20.31 -75.00 -113.76
C LEU YA 397 -20.23 -73.49 -113.87
N MET YA 398 -19.13 -72.88 -113.43
CA MET YA 398 -19.05 -71.43 -113.53
C MET YA 398 -18.74 -70.96 -114.94
N TYR YA 399 -17.93 -71.70 -115.70
CA TYR YA 399 -17.68 -71.26 -117.06
C TYR YA 399 -18.88 -71.51 -117.97
N ALA YA 400 -19.84 -72.34 -117.54
CA ALA YA 400 -20.97 -72.69 -118.40
C ALA YA 400 -21.79 -71.47 -118.80
N LYS YA 401 -21.81 -70.44 -117.96
CA LYS YA 401 -22.40 -69.18 -118.36
C LYS YA 401 -21.62 -68.01 -117.80
N ARG YA 402 -20.30 -68.11 -117.88
CA ARG YA 402 -19.38 -66.97 -117.93
C ARG YA 402 -19.44 -66.11 -116.69
N ALA YA 403 -19.52 -66.73 -115.53
CA ALA YA 403 -19.38 -65.99 -114.29
C ALA YA 403 -17.93 -65.59 -114.11
N PHE YA 404 -17.70 -64.41 -113.59
CA PHE YA 404 -16.39 -63.84 -113.26
C PHE YA 404 -15.45 -63.72 -114.47
N VAL YA 405 -15.94 -63.99 -115.67
CA VAL YA 405 -15.07 -64.08 -116.84
C VAL YA 405 -14.61 -62.70 -117.27
N HIS YA 406 -15.48 -61.70 -117.14
CA HIS YA 406 -15.16 -60.36 -117.63
C HIS YA 406 -14.10 -59.69 -116.78
N TRP YA 407 -13.84 -60.18 -115.57
CA TRP YA 407 -12.73 -59.61 -114.80
C TRP YA 407 -11.40 -60.08 -115.35
N TYR YA 408 -11.34 -61.31 -115.85
CA TYR YA 408 -10.14 -61.80 -116.51
C TYR YA 408 -10.03 -61.31 -117.94
N VAL YA 409 -11.15 -61.31 -118.67
CA VAL YA 409 -11.14 -60.94 -120.08
C VAL YA 409 -10.87 -59.47 -120.25
N GLY YA 410 -11.56 -58.63 -119.49
CA GLY YA 410 -11.45 -57.20 -119.67
C GLY YA 410 -10.19 -56.62 -119.06
N GLU YA 411 -9.16 -57.44 -118.92
CA GLU YA 411 -7.96 -57.01 -118.24
C GLU YA 411 -6.71 -57.40 -119.00
N GLY YA 412 -6.80 -58.28 -119.99
CA GLY YA 412 -5.62 -58.69 -120.74
C GLY YA 412 -5.57 -60.09 -121.29
N MET YA 413 -6.43 -61.00 -120.85
CA MET YA 413 -6.50 -62.30 -121.52
C MET YA 413 -7.64 -62.28 -122.53
N GLU YA 414 -7.76 -63.37 -123.27
CA GLU YA 414 -8.79 -63.48 -124.30
C GLU YA 414 -9.61 -64.72 -124.03
N GLU YA 415 -10.93 -64.59 -124.10
CA GLU YA 415 -11.84 -65.69 -123.87
C GLU YA 415 -11.61 -66.76 -124.92
N GLY YA 416 -10.97 -67.85 -124.52
CA GLY YA 416 -10.36 -68.78 -125.44
C GLY YA 416 -9.07 -69.23 -124.79
N GLU YA 417 -8.55 -68.41 -123.89
CA GLU YA 417 -7.53 -68.90 -122.96
C GLU YA 417 -8.14 -69.88 -121.98
N PHE YA 418 -9.40 -69.68 -121.60
CA PHE YA 418 -10.07 -70.57 -120.67
C PHE YA 418 -10.26 -71.95 -121.25
N SER YA 419 -10.78 -72.04 -122.47
CA SER YA 419 -11.05 -73.34 -123.06
C SER YA 419 -9.77 -74.02 -123.52
N GLU YA 420 -8.73 -73.24 -123.82
CA GLU YA 420 -7.43 -73.83 -124.10
C GLU YA 420 -6.84 -74.50 -122.88
N ALA YA 421 -7.01 -73.89 -121.71
CA ALA YA 421 -6.51 -74.49 -120.48
C ALA YA 421 -7.31 -75.72 -120.09
N ARG YA 422 -8.62 -75.72 -120.34
CA ARG YA 422 -9.45 -76.82 -119.86
C ARG YA 422 -9.23 -78.07 -120.69
N GLU YA 423 -8.97 -77.92 -121.97
CA GLU YA 423 -8.60 -79.08 -122.77
C GLU YA 423 -7.25 -79.62 -122.36
N ASP YA 424 -6.39 -78.78 -121.81
CA ASP YA 424 -5.11 -79.25 -121.28
C ASP YA 424 -5.32 -80.08 -120.02
N LEU YA 425 -6.20 -79.63 -119.14
CA LEU YA 425 -6.45 -80.38 -117.90
C LEU YA 425 -7.24 -81.65 -118.18
N ALA YA 426 -8.13 -81.61 -119.18
CA ALA YA 426 -8.81 -82.83 -119.60
C ALA YA 426 -7.83 -83.80 -120.25
N ALA YA 427 -6.83 -83.27 -120.96
CA ALA YA 427 -5.79 -84.13 -121.52
C ALA YA 427 -4.93 -84.73 -120.41
N LEU YA 428 -4.73 -83.99 -119.32
CA LEU YA 428 -3.98 -84.52 -118.19
C LEU YA 428 -4.75 -85.62 -117.49
N GLU YA 429 -6.07 -85.48 -117.43
CA GLU YA 429 -6.91 -86.51 -116.81
C GLU YA 429 -6.85 -87.81 -117.58
N LYS YA 430 -6.88 -87.73 -118.92
CA LYS YA 430 -6.82 -88.93 -119.74
C LYS YA 430 -5.46 -89.59 -119.66
N ASP YA 431 -4.41 -88.83 -119.31
CA ASP YA 431 -3.09 -89.42 -119.17
C ASP YA 431 -3.02 -90.33 -117.94
N TYR YA 432 -3.70 -89.95 -116.86
CA TYR YA 432 -3.63 -90.76 -115.65
C TYR YA 432 -4.43 -92.04 -115.78
N GLU YA 433 -5.57 -91.98 -116.48
CA GLU YA 433 -6.32 -93.20 -116.75
C GLU YA 433 -5.53 -94.13 -117.67
N GLU YA 434 -4.74 -93.54 -118.58
CA GLU YA 434 -3.93 -94.35 -119.48
C GLU YA 434 -2.80 -95.05 -118.74
N VAL YA 435 -2.13 -94.35 -117.83
CA VAL YA 435 -0.98 -94.94 -117.17
C VAL YA 435 -1.41 -95.88 -116.06
N GLY YA 436 -2.65 -95.76 -115.57
CA GLY YA 436 -3.10 -96.62 -114.50
C GLY YA 436 -3.27 -98.07 -114.91
N ILE YA 437 -3.78 -98.31 -116.10
CA ILE YA 437 -4.04 -99.66 -116.55
C ILE YA 437 -2.74 -100.36 -116.94
N MET ZA 1 1.68 -46.13 -101.26
CA MET ZA 1 0.89 -47.34 -101.07
C MET ZA 1 -0.49 -47.15 -101.66
N ARG ZA 2 -1.47 -47.87 -101.10
CA ARG ZA 2 -2.85 -47.78 -101.58
C ARG ZA 2 -3.60 -46.75 -100.77
N GLU ZA 3 -4.27 -45.83 -101.46
CA GLU ZA 3 -4.87 -44.68 -100.80
C GLU ZA 3 -6.33 -44.53 -101.21
N ILE ZA 4 -7.15 -44.08 -100.26
CA ILE ZA 4 -8.58 -43.88 -100.47
C ILE ZA 4 -8.89 -42.41 -100.25
N VAL ZA 5 -9.60 -41.81 -101.20
CA VAL ZA 5 -10.03 -40.43 -101.10
C VAL ZA 5 -11.50 -40.43 -100.74
N HIS ZA 6 -11.85 -39.74 -99.66
CA HIS ZA 6 -13.22 -39.71 -99.17
C HIS ZA 6 -13.93 -38.46 -99.66
N VAL ZA 7 -15.14 -38.65 -100.16
CA VAL ZA 7 -16.02 -37.54 -100.53
C VAL ZA 7 -17.33 -37.72 -99.79
N GLN ZA 8 -17.80 -36.66 -99.14
CA GLN ZA 8 -19.04 -36.70 -98.38
C GLN ZA 8 -20.03 -35.74 -99.03
N GLY ZA 9 -21.00 -36.29 -99.74
CA GLY ZA 9 -21.98 -35.49 -100.46
C GLY ZA 9 -23.29 -35.44 -99.73
N GLY ZA 10 -23.84 -34.25 -99.59
CA GLY ZA 10 -25.15 -34.07 -99.03
C GLY ZA 10 -25.13 -34.04 -97.52
N GLN ZA 11 -26.32 -33.81 -96.97
CA GLN ZA 11 -26.46 -33.74 -95.51
C GLN ZA 11 -26.34 -35.11 -94.87
N CYS ZA 12 -26.92 -36.13 -95.48
CA CYS ZA 12 -26.80 -37.48 -94.94
C CYS ZA 12 -25.38 -37.98 -95.01
N GLY ZA 13 -24.65 -37.59 -96.06
CA GLY ZA 13 -23.27 -38.00 -96.17
C GLY ZA 13 -22.37 -37.37 -95.13
N ASN ZA 14 -22.62 -36.10 -94.79
CA ASN ZA 14 -21.74 -35.44 -93.85
C ASN ZA 14 -21.94 -35.95 -92.43
N GLN ZA 15 -23.18 -36.18 -92.02
CA GLN ZA 15 -23.41 -36.71 -90.69
C GLN ZA 15 -22.91 -38.13 -90.57
N ILE ZA 16 -23.07 -38.93 -91.63
CA ILE ZA 16 -22.54 -40.28 -91.64
C ILE ZA 16 -21.04 -40.25 -91.85
N GLY ZA 17 -20.51 -39.15 -92.37
CA GLY ZA 17 -19.07 -39.05 -92.59
C GLY ZA 17 -18.34 -38.43 -91.44
N ALA ZA 18 -18.91 -37.39 -90.84
CA ALA ZA 18 -18.29 -36.80 -89.66
C ALA ZA 18 -18.46 -37.66 -88.43
N LYS ZA 19 -19.19 -38.77 -88.53
CA LYS ZA 19 -19.18 -39.80 -87.52
C LYS ZA 19 -18.23 -40.93 -87.88
N PHE ZA 20 -17.94 -41.09 -89.17
CA PHE ZA 20 -17.01 -42.11 -89.62
C PHE ZA 20 -15.58 -41.78 -89.22
N TRP ZA 21 -15.26 -40.51 -89.06
CA TRP ZA 21 -13.87 -40.17 -88.81
C TRP ZA 21 -13.48 -40.33 -87.36
N GLU ZA 22 -14.44 -40.43 -86.44
CA GLU ZA 22 -14.08 -40.78 -85.07
C GLU ZA 22 -13.74 -42.26 -84.96
N VAL ZA 23 -14.51 -43.12 -85.62
CA VAL ZA 23 -14.27 -44.55 -85.47
C VAL ZA 23 -13.02 -44.95 -86.24
N ILE ZA 24 -12.57 -44.12 -87.19
CA ILE ZA 24 -11.30 -44.41 -87.85
C ILE ZA 24 -10.14 -43.84 -87.06
N SER ZA 25 -10.24 -42.59 -86.63
CA SER ZA 25 -9.10 -41.95 -86.01
C SER ZA 25 -8.82 -42.51 -84.62
N ASP ZA 26 -9.87 -42.85 -83.88
CA ASP ZA 26 -9.63 -43.45 -82.58
C ASP ZA 26 -9.04 -44.83 -82.72
N GLU ZA 27 -9.31 -45.50 -83.84
CA GLU ZA 27 -8.71 -46.78 -84.10
C GLU ZA 27 -7.22 -46.65 -84.37
N HIS ZA 28 -6.82 -45.57 -85.02
CA HIS ZA 28 -5.41 -45.33 -85.29
C HIS ZA 28 -4.73 -44.55 -84.17
N GLY ZA 29 -5.49 -43.92 -83.29
CA GLY ZA 29 -4.90 -43.22 -82.18
C GLY ZA 29 -4.56 -41.78 -82.48
N ILE ZA 30 -5.44 -41.08 -83.18
CA ILE ZA 30 -5.25 -39.69 -83.54
C ILE ZA 30 -6.21 -38.85 -82.71
N ASP ZA 31 -5.66 -37.86 -82.01
CA ASP ZA 31 -6.45 -36.94 -81.23
C ASP ZA 31 -7.21 -36.01 -82.17
N PRO ZA 32 -8.22 -35.29 -81.67
CA PRO ZA 32 -8.88 -34.28 -82.51
C PRO ZA 32 -7.96 -33.15 -82.94
N THR ZA 33 -6.83 -32.96 -82.28
CA THR ZA 33 -5.85 -31.98 -82.71
C THR ZA 33 -4.87 -32.53 -83.73
N GLY ZA 34 -5.07 -33.77 -84.17
CA GLY ZA 34 -4.21 -34.35 -85.17
C GLY ZA 34 -2.90 -34.90 -84.65
N THR ZA 35 -2.68 -34.85 -83.35
CA THR ZA 35 -1.45 -35.38 -82.77
C THR ZA 35 -1.66 -36.83 -82.40
N TYR ZA 36 -0.71 -37.68 -82.76
CA TYR ZA 36 -0.76 -39.08 -82.38
C TYR ZA 36 -0.55 -39.23 -80.88
N CYS ZA 37 -1.22 -40.21 -80.30
CA CYS ZA 37 -1.01 -40.61 -78.91
C CYS ZA 37 -1.51 -42.05 -78.78
N GLY ZA 38 -0.65 -42.95 -78.32
CA GLY ZA 38 -1.03 -44.34 -78.30
C GLY ZA 38 0.08 -45.35 -78.52
N ASP ZA 39 1.28 -44.86 -78.79
CA ASP ZA 39 2.60 -45.52 -78.81
C ASP ZA 39 2.61 -46.99 -79.25
N SER ZA 40 1.95 -47.29 -80.36
CA SER ZA 40 2.06 -48.58 -81.01
C SER ZA 40 2.51 -48.39 -82.45
N ASP ZA 41 3.56 -49.10 -82.83
CA ASP ZA 41 4.11 -48.97 -84.18
C ASP ZA 41 3.14 -49.47 -85.24
N LEU ZA 42 2.25 -50.38 -84.86
CA LEU ZA 42 1.37 -51.01 -85.82
C LEU ZA 42 0.21 -50.11 -86.21
N GLN ZA 43 -0.08 -49.09 -85.40
CA GLN ZA 43 -1.14 -48.15 -85.75
C GLN ZA 43 -0.72 -47.22 -86.88
N LEU ZA 44 0.48 -46.66 -86.80
CA LEU ZA 44 0.90 -45.62 -87.71
C LEU ZA 44 1.54 -46.14 -88.99
N GLU ZA 45 1.83 -47.43 -89.06
CA GLU ZA 45 2.65 -47.94 -90.15
C GLU ZA 45 1.89 -48.01 -91.46
N ARG ZA 46 0.56 -48.01 -91.42
CA ARG ZA 46 -0.25 -47.69 -92.58
C ARG ZA 46 -1.27 -46.65 -92.13
N ILE ZA 47 -0.87 -45.39 -92.17
CA ILE ZA 47 -1.79 -44.29 -91.91
C ILE ZA 47 -1.92 -43.38 -93.10
N ASN ZA 48 -1.08 -43.52 -94.10
CA ASN ZA 48 -1.21 -42.81 -95.36
C ASN ZA 48 -2.40 -43.25 -96.19
N VAL ZA 49 -3.07 -44.33 -95.78
CA VAL ZA 49 -4.25 -44.80 -96.48
C VAL ZA 49 -5.36 -43.77 -96.39
N PHE ZA 50 -5.54 -43.19 -95.21
CA PHE ZA 50 -6.62 -42.24 -95.01
C PHE ZA 50 -6.17 -40.87 -94.51
N TYR ZA 51 -4.87 -40.62 -94.41
CA TYR ZA 51 -4.39 -39.39 -93.81
C TYR ZA 51 -3.17 -38.84 -94.55
N ASN ZA 52 -2.92 -37.56 -94.30
CA ASN ZA 52 -1.79 -36.83 -94.85
C ASN ZA 52 -1.03 -36.16 -93.73
N GLU ZA 53 0.28 -36.07 -93.88
CA GLU ZA 53 1.10 -35.34 -92.91
C GLU ZA 53 1.21 -33.88 -93.32
N ALA ZA 54 1.05 -32.97 -92.37
CA ALA ZA 54 0.96 -31.55 -92.64
C ALA ZA 54 2.13 -30.78 -92.05
N THR ZA 55 3.29 -31.43 -92.00
CA THR ZA 55 4.65 -30.91 -91.75
C THR ZA 55 4.80 -30.22 -90.40
N GLY ZA 56 3.74 -30.12 -89.61
CA GLY ZA 56 3.86 -29.84 -88.21
C GLY ZA 56 3.72 -31.11 -87.40
N GLY ZA 57 3.68 -32.26 -88.06
CA GLY ZA 57 3.45 -33.52 -87.39
C GLY ZA 57 1.99 -33.89 -87.25
N ARG ZA 58 1.08 -32.96 -87.50
CA ARG ZA 58 -0.33 -33.30 -87.33
C ARG ZA 58 -0.83 -34.02 -88.56
N PHE ZA 59 -1.97 -34.67 -88.43
CA PHE ZA 59 -2.54 -35.49 -89.48
C PHE ZA 59 -3.88 -34.92 -89.90
N VAL ZA 60 -4.10 -34.83 -91.20
CA VAL ZA 60 -5.38 -34.36 -91.72
C VAL ZA 60 -6.01 -35.47 -92.56
N PRO ZA 61 -7.32 -35.57 -92.60
CA PRO ZA 61 -7.96 -36.57 -93.45
C PRO ZA 61 -7.84 -36.22 -94.92
N ARG ZA 62 -7.86 -37.25 -95.75
CA ARG ZA 62 -7.97 -37.08 -97.20
C ARG ZA 62 -9.45 -37.09 -97.59
N ALA ZA 63 -10.19 -36.14 -97.04
CA ALA ZA 63 -11.63 -36.05 -97.22
C ALA ZA 63 -12.00 -34.72 -97.86
N ILE ZA 64 -13.07 -34.75 -98.65
CA ILE ZA 64 -13.62 -33.58 -99.30
C ILE ZA 64 -15.11 -33.54 -99.00
N LEU ZA 65 -15.59 -32.43 -98.48
CA LEU ZA 65 -16.98 -32.30 -98.06
C LEU ZA 65 -17.71 -31.40 -99.05
N MET ZA 66 -18.78 -31.89 -99.66
CA MET ZA 66 -19.57 -31.04 -100.54
C MET ZA 66 -21.02 -31.02 -100.10
N ASP ZA 67 -21.58 -29.82 -100.07
CA ASP ZA 67 -22.99 -29.56 -99.89
C ASP ZA 67 -23.38 -28.45 -100.84
N LEU ZA 68 -24.61 -28.01 -100.71
CA LEU ZA 68 -25.04 -26.79 -101.35
C LEU ZA 68 -25.69 -25.87 -100.35
N GLU ZA 69 -25.68 -26.22 -99.07
CA GLU ZA 69 -26.09 -25.34 -97.98
C GLU ZA 69 -24.95 -25.28 -96.99
N PRO ZA 70 -24.72 -24.15 -96.35
CA PRO ZA 70 -23.65 -24.07 -95.36
C PRO ZA 70 -24.07 -24.50 -93.96
N GLY ZA 71 -25.31 -24.97 -93.80
CA GLY ZA 71 -25.78 -25.32 -92.47
C GLY ZA 71 -25.11 -26.56 -91.91
N THR ZA 72 -24.90 -27.58 -92.74
CA THR ZA 72 -24.43 -28.86 -92.23
C THR ZA 72 -22.94 -28.83 -91.92
N MET ZA 73 -22.16 -28.09 -92.72
CA MET ZA 73 -20.73 -28.00 -92.44
C MET ZA 73 -20.44 -27.04 -91.30
N ASP ZA 74 -21.39 -26.18 -90.98
CA ASP ZA 74 -21.34 -25.48 -89.71
C ASP ZA 74 -21.41 -26.49 -88.57
N SER ZA 75 -22.26 -27.51 -88.73
CA SER ZA 75 -22.43 -28.49 -87.66
C SER ZA 75 -21.19 -29.36 -87.53
N VAL ZA 76 -20.55 -29.69 -88.64
CA VAL ZA 76 -19.39 -30.58 -88.59
C VAL ZA 76 -18.20 -29.86 -87.98
N ARG ZA 77 -18.00 -28.60 -88.35
CA ARG ZA 77 -16.85 -27.86 -87.84
C ARG ZA 77 -17.00 -27.53 -86.36
N ALA ZA 78 -18.19 -27.15 -85.93
CA ALA ZA 78 -18.38 -26.72 -84.55
C ALA ZA 78 -18.27 -27.89 -83.59
N GLY ZA 79 -18.64 -29.08 -84.01
CA GLY ZA 79 -18.65 -30.22 -83.15
C GLY ZA 79 -17.25 -30.75 -82.91
N PRO ZA 80 -17.15 -31.81 -82.13
CA PRO ZA 80 -15.86 -32.45 -81.92
C PRO ZA 80 -15.38 -33.11 -83.19
N PHE ZA 81 -14.05 -33.23 -83.28
CA PHE ZA 81 -13.34 -33.92 -84.35
C PHE ZA 81 -13.57 -33.26 -85.71
N GLY ZA 82 -13.87 -31.97 -85.69
CA GLY ZA 82 -14.09 -31.24 -86.92
C GLY ZA 82 -12.94 -30.29 -87.19
N GLN ZA 83 -11.99 -30.26 -86.27
CA GLN ZA 83 -10.77 -29.51 -86.43
C GLN ZA 83 -9.70 -30.32 -87.14
N LEU ZA 84 -9.99 -31.55 -87.52
CA LEU ZA 84 -9.05 -32.32 -88.31
C LEU ZA 84 -9.04 -31.87 -89.76
N PHE ZA 85 -10.19 -31.46 -90.27
CA PHE ZA 85 -10.34 -31.22 -91.70
C PHE ZA 85 -9.63 -29.95 -92.13
N ARG ZA 86 -9.11 -29.97 -93.33
CA ARG ZA 86 -8.61 -28.76 -93.95
C ARG ZA 86 -9.76 -27.79 -94.18
N PRO ZA 87 -9.66 -26.54 -93.75
CA PRO ZA 87 -10.68 -25.56 -94.13
C PRO ZA 87 -10.70 -25.28 -95.61
N ASP ZA 88 -9.59 -25.53 -96.31
CA ASP ZA 88 -9.62 -25.44 -97.76
C ASP ZA 88 -10.52 -26.53 -98.33
N ASN ZA 89 -10.50 -27.72 -97.71
CA ASN ZA 89 -11.18 -28.87 -98.28
C ASN ZA 89 -12.70 -28.75 -98.26
N PHE ZA 90 -13.25 -27.81 -97.50
CA PHE ZA 90 -14.68 -27.55 -97.60
C PHE ZA 90 -15.01 -26.88 -98.93
N VAL ZA 91 -16.23 -27.12 -99.41
CA VAL ZA 91 -16.78 -26.37 -100.53
C VAL ZA 91 -18.25 -26.07 -100.23
N PHE ZA 92 -18.66 -24.83 -100.46
CA PHE ZA 92 -19.97 -24.34 -100.07
C PHE ZA 92 -20.82 -24.09 -101.30
N GLY ZA 93 -22.12 -24.32 -101.15
CA GLY ZA 93 -23.14 -23.61 -101.90
C GLY ZA 93 -23.93 -22.79 -100.91
N GLN ZA 94 -24.41 -21.64 -101.35
CA GLN ZA 94 -25.24 -20.80 -100.50
C GLN ZA 94 -26.72 -20.90 -100.84
N THR ZA 95 -27.04 -21.34 -102.06
CA THR ZA 95 -28.41 -21.35 -102.53
C THR ZA 95 -29.19 -22.50 -101.92
N GLY ZA 96 -28.79 -23.72 -102.27
CA GLY ZA 96 -29.42 -24.88 -101.68
C GLY ZA 96 -30.33 -25.60 -102.63
N ALA ZA 97 -29.84 -26.69 -103.20
CA ALA ZA 97 -30.68 -27.53 -104.05
C ALA ZA 97 -31.67 -28.24 -103.16
N GLY ZA 98 -32.90 -27.76 -103.13
CA GLY ZA 98 -33.83 -28.30 -102.20
C GLY ZA 98 -34.58 -29.50 -102.73
N ASN ZA 99 -34.10 -30.70 -102.37
CA ASN ZA 99 -34.75 -31.97 -102.65
C ASN ZA 99 -35.06 -32.14 -104.12
N ASN ZA 100 -34.15 -31.67 -104.97
CA ASN ZA 100 -34.35 -31.68 -106.41
C ASN ZA 100 -33.10 -32.27 -107.03
N TRP ZA 101 -33.25 -33.39 -107.75
CA TRP ZA 101 -32.12 -34.00 -108.43
C TRP ZA 101 -31.70 -33.19 -109.63
N ALA ZA 102 -32.66 -32.52 -110.26
CA ALA ZA 102 -32.36 -31.73 -111.44
C ALA ZA 102 -31.46 -30.55 -111.08
N LYS ZA 103 -31.74 -29.87 -109.99
CA LYS ZA 103 -30.91 -28.73 -109.63
C LYS ZA 103 -29.79 -29.11 -108.68
N GLY ZA 104 -29.54 -30.40 -108.51
CA GLY ZA 104 -28.32 -30.84 -107.87
C GLY ZA 104 -27.34 -31.36 -108.89
N HIS ZA 105 -27.86 -31.73 -110.06
CA HIS ZA 105 -27.08 -32.38 -111.08
C HIS ZA 105 -26.96 -31.58 -112.36
N TYR ZA 106 -27.79 -30.58 -112.56
CA TYR ZA 106 -27.73 -29.83 -113.81
C TYR ZA 106 -27.38 -28.36 -113.60
N THR ZA 107 -28.08 -27.64 -112.74
CA THR ZA 107 -27.96 -26.19 -112.77
C THR ZA 107 -27.23 -25.60 -111.57
N GLU ZA 108 -27.22 -26.27 -110.43
CA GLU ZA 108 -26.55 -25.68 -109.27
C GLU ZA 108 -25.35 -26.50 -108.82
N GLY ZA 109 -25.32 -27.80 -109.13
CA GLY ZA 109 -24.12 -28.55 -108.91
C GLY ZA 109 -23.04 -28.24 -109.92
N ALA ZA 110 -23.43 -27.87 -111.15
CA ALA ZA 110 -22.45 -27.54 -112.16
C ALA ZA 110 -21.72 -26.25 -111.84
N GLU ZA 111 -22.33 -25.36 -111.06
CA GLU ZA 111 -21.64 -24.15 -110.66
C GLU ZA 111 -20.57 -24.43 -109.62
N LEU ZA 112 -20.64 -25.58 -108.96
CA LEU ZA 112 -19.65 -25.94 -107.96
C LEU ZA 112 -18.72 -27.06 -108.39
N ILE ZA 113 -19.07 -27.79 -109.45
CA ILE ZA 113 -18.34 -29.04 -109.72
C ILE ZA 113 -16.92 -28.75 -110.18
N ASP ZA 114 -16.71 -27.67 -110.94
CA ASP ZA 114 -15.36 -27.31 -111.31
C ASP ZA 114 -14.55 -26.84 -110.12
N SER ZA 115 -15.24 -26.32 -109.10
CA SER ZA 115 -14.54 -25.94 -107.88
C SER ZA 115 -14.15 -27.17 -107.08
N VAL ZA 116 -15.00 -28.18 -107.04
CA VAL ZA 116 -14.71 -29.28 -106.12
C VAL ZA 116 -13.85 -30.33 -106.79
N LEU ZA 117 -13.87 -30.42 -108.12
CA LEU ZA 117 -13.03 -31.39 -108.78
C LEU ZA 117 -11.57 -31.01 -108.69
N ASP ZA 118 -11.28 -29.75 -108.44
CA ASP ZA 118 -9.90 -29.34 -108.21
C ASP ZA 118 -9.41 -29.83 -106.87
N VAL ZA 119 -10.30 -29.88 -105.87
CA VAL ZA 119 -9.88 -30.33 -104.55
C VAL ZA 119 -9.70 -31.84 -104.55
N VAL ZA 120 -10.57 -32.57 -105.24
CA VAL ZA 120 -10.41 -34.02 -105.27
C VAL ZA 120 -9.26 -34.40 -106.19
N ARG ZA 121 -8.91 -33.55 -107.14
CA ARG ZA 121 -7.72 -33.81 -107.93
C ARG ZA 121 -6.46 -33.57 -107.10
N LYS ZA 122 -6.48 -32.54 -106.26
CA LYS ZA 122 -5.28 -32.17 -105.53
C LYS ZA 122 -4.91 -33.21 -104.50
N GLU ZA 123 -5.89 -33.83 -103.85
CA GLU ZA 123 -5.57 -34.90 -102.92
C GLU ZA 123 -5.18 -36.19 -103.64
N ALA ZA 124 -5.74 -36.41 -104.83
CA ALA ZA 124 -5.53 -37.67 -105.52
C ALA ZA 124 -4.14 -37.76 -106.12
N GLU ZA 125 -3.67 -36.69 -106.75
CA GLU ZA 125 -2.40 -36.79 -107.46
C GLU ZA 125 -1.21 -36.49 -106.57
N GLY ZA 126 -1.43 -36.22 -105.30
CA GLY ZA 126 -0.35 -35.80 -104.44
C GLY ZA 126 0.52 -36.93 -103.92
N CYS ZA 127 0.32 -38.15 -104.42
CA CYS ZA 127 1.07 -39.29 -103.94
C CYS ZA 127 1.32 -40.24 -105.10
N ASP ZA 128 1.76 -41.45 -104.75
CA ASP ZA 128 2.26 -42.41 -105.72
C ASP ZA 128 1.17 -42.86 -106.71
N CYS ZA 129 0.15 -43.56 -106.22
CA CYS ZA 129 -0.95 -44.10 -107.01
C CYS ZA 129 -2.02 -44.54 -106.04
N LEU ZA 130 -3.27 -44.45 -106.47
CA LEU ZA 130 -4.39 -44.53 -105.56
C LEU ZA 130 -5.18 -45.80 -105.76
N GLN ZA 131 -5.55 -46.43 -104.65
CA GLN ZA 131 -6.47 -47.56 -104.68
C GLN ZA 131 -7.81 -47.16 -105.25
N GLY ZA 132 -8.38 -46.08 -104.74
CA GLY ZA 132 -9.67 -45.66 -105.23
C GLY ZA 132 -10.35 -44.65 -104.34
N PHE ZA 133 -11.68 -44.65 -104.40
CA PHE ZA 133 -12.49 -43.62 -103.79
C PHE ZA 133 -13.50 -44.23 -102.84
N GLN ZA 134 -13.97 -43.43 -101.89
CA GLN ZA 134 -15.20 -43.77 -101.22
C GLN ZA 134 -16.08 -42.53 -101.10
N ILE ZA 135 -17.38 -42.72 -101.29
CA ILE ZA 135 -18.34 -41.62 -101.32
C ILE ZA 135 -19.53 -42.00 -100.46
N THR ZA 136 -19.90 -41.13 -99.53
CA THR ZA 136 -21.04 -41.37 -98.65
C THR ZA 136 -22.12 -40.36 -98.99
N HIS ZA 137 -23.29 -40.85 -99.38
CA HIS ZA 137 -24.34 -39.98 -99.85
C HIS ZA 137 -25.67 -40.70 -99.75
N SER ZA 138 -26.74 -39.93 -99.78
CA SER ZA 138 -28.10 -40.47 -99.76
C SER ZA 138 -28.66 -40.54 -101.17
N LEU ZA 139 -29.67 -41.37 -101.35
CA LEU ZA 139 -30.38 -41.48 -102.61
C LEU ZA 139 -31.84 -41.06 -102.49
N GLY ZA 140 -32.10 -40.03 -101.71
CA GLY ZA 140 -33.43 -39.47 -101.65
C GLY ZA 140 -33.49 -37.99 -101.88
N GLY ZA 141 -32.40 -37.32 -101.62
CA GLY ZA 141 -32.37 -35.87 -101.61
C GLY ZA 141 -31.97 -35.29 -102.95
N GLY ZA 142 -31.61 -34.01 -102.91
CA GLY ZA 142 -31.14 -33.34 -104.09
C GLY ZA 142 -29.63 -33.32 -104.21
N THR ZA 143 -28.96 -32.82 -103.17
CA THR ZA 143 -27.52 -32.67 -103.29
C THR ZA 143 -26.77 -33.95 -102.99
N GLY ZA 144 -27.32 -34.81 -102.15
CA GLY ZA 144 -26.70 -36.10 -101.94
C GLY ZA 144 -26.95 -37.09 -103.05
N SER ZA 145 -27.98 -36.86 -103.84
CA SER ZA 145 -28.36 -37.79 -104.89
C SER ZA 145 -28.13 -37.24 -106.28
N GLY ZA 146 -28.12 -35.93 -106.44
CA GLY ZA 146 -27.83 -35.34 -107.73
C GLY ZA 146 -26.41 -34.89 -107.89
N MET ZA 147 -25.87 -34.15 -106.91
CA MET ZA 147 -24.50 -33.70 -107.03
C MET ZA 147 -23.52 -34.82 -106.77
N GLY ZA 148 -23.83 -35.68 -105.78
CA GLY ZA 148 -22.96 -36.78 -105.46
C GLY ZA 148 -22.82 -37.78 -106.60
N THR ZA 149 -23.90 -37.99 -107.35
CA THR ZA 149 -23.80 -38.86 -108.52
C THR ZA 149 -23.13 -38.16 -109.70
N LEU ZA 150 -22.98 -36.84 -109.66
CA LEU ZA 150 -22.27 -36.16 -110.72
C LEU ZA 150 -20.77 -36.36 -110.56
N LEU ZA 151 -20.28 -36.30 -109.31
CA LEU ZA 151 -18.89 -36.60 -109.05
C LEU ZA 151 -18.54 -38.01 -109.45
N ILE ZA 152 -19.46 -38.94 -109.24
CA ILE ZA 152 -19.23 -40.32 -109.63
C ILE ZA 152 -19.05 -40.42 -111.14
N SER ZA 153 -19.83 -39.65 -111.89
CA SER ZA 153 -19.67 -39.63 -113.33
C SER ZA 153 -18.40 -38.88 -113.74
N LYS ZA 154 -18.06 -37.82 -113.04
CA LYS ZA 154 -16.91 -37.01 -113.44
C LYS ZA 154 -15.60 -37.71 -113.10
N VAL ZA 155 -15.51 -38.32 -111.92
CA VAL ZA 155 -14.29 -38.99 -111.51
C VAL ZA 155 -14.03 -40.23 -112.35
N ARG ZA 156 -15.08 -40.97 -112.69
CA ARG ZA 156 -14.93 -42.18 -113.51
C ARG ZA 156 -14.39 -41.86 -114.89
N GLU ZA 157 -14.70 -40.68 -115.43
CA GLU ZA 157 -14.08 -40.28 -116.68
C GLU ZA 157 -12.59 -40.03 -116.50
N GLU ZA 158 -12.21 -39.44 -115.37
CA GLU ZA 158 -10.82 -39.03 -115.19
C GLU ZA 158 -9.94 -40.18 -114.76
N TYR ZA 159 -10.46 -41.09 -113.92
CA TYR ZA 159 -9.67 -42.13 -113.28
C TYR ZA 159 -10.35 -43.45 -113.60
N PRO ZA 160 -10.10 -44.04 -114.78
CA PRO ZA 160 -10.98 -45.13 -115.22
C PRO ZA 160 -10.75 -46.46 -114.55
N ASP ZA 161 -9.53 -46.72 -114.08
CA ASP ZA 161 -9.14 -48.08 -113.70
C ASP ZA 161 -8.89 -48.19 -112.20
N ARG ZA 162 -9.52 -47.32 -111.43
CA ARG ZA 162 -9.38 -47.34 -109.98
C ARG ZA 162 -10.74 -47.63 -109.38
N ILE ZA 163 -10.74 -48.36 -108.26
CA ILE ZA 163 -11.98 -48.82 -107.65
C ILE ZA 163 -12.71 -47.62 -107.09
N MET ZA 164 -14.02 -47.75 -106.88
CA MET ZA 164 -14.75 -46.72 -106.18
C MET ZA 164 -15.94 -47.36 -105.49
N GLU ZA 165 -16.15 -47.00 -104.23
CA GLU ZA 165 -17.22 -47.56 -103.45
C GLU ZA 165 -18.09 -46.44 -102.94
N THR ZA 166 -19.40 -46.64 -102.97
CA THR ZA 166 -20.34 -45.68 -102.45
C THR ZA 166 -21.14 -46.31 -101.33
N PHE ZA 167 -21.16 -45.67 -100.18
CA PHE ZA 167 -21.94 -46.15 -99.04
C PHE ZA 167 -23.26 -45.36 -99.03
N SER ZA 168 -24.24 -45.89 -99.74
CA SER ZA 168 -25.43 -45.14 -100.10
C SER ZA 168 -26.63 -45.61 -99.30
N VAL ZA 169 -27.36 -44.68 -98.73
CA VAL ZA 169 -28.59 -45.04 -98.04
C VAL ZA 169 -29.73 -44.93 -99.04
N PHE ZA 170 -30.80 -45.66 -98.80
CA PHE ZA 170 -31.90 -45.78 -99.75
C PHE ZA 170 -33.22 -45.38 -99.13
N PRO ZA 171 -34.21 -45.04 -99.97
CA PRO ZA 171 -35.54 -44.75 -99.44
C PRO ZA 171 -36.17 -45.96 -98.78
N SER ZA 172 -36.96 -45.69 -97.84
CA SER ZA 172 -37.63 -46.63 -96.97
C SER ZA 172 -39.03 -46.93 -97.46
N PRO ZA 173 -39.47 -48.17 -97.35
CA PRO ZA 173 -40.84 -48.50 -97.74
C PRO ZA 173 -41.95 -47.85 -96.94
N LYS ZA 174 -42.00 -48.11 -95.65
CA LYS ZA 174 -43.24 -47.90 -94.92
C LYS ZA 174 -43.45 -46.42 -94.60
N VAL ZA 175 -42.40 -45.70 -94.24
CA VAL ZA 175 -42.49 -44.27 -93.96
C VAL ZA 175 -41.41 -43.59 -94.78
N SER ZA 176 -41.81 -42.59 -95.56
CA SER ZA 176 -40.90 -41.97 -96.51
C SER ZA 176 -41.01 -40.47 -96.37
N ASP ZA 177 -40.08 -39.89 -95.63
CA ASP ZA 177 -39.83 -38.46 -95.72
C ASP ZA 177 -39.26 -38.10 -97.08
N THR ZA 178 -39.26 -36.81 -97.41
CA THR ZA 178 -38.85 -36.30 -98.72
C THR ZA 178 -39.69 -36.93 -99.83
N VAL ZA 179 -40.94 -36.48 -99.90
CA VAL ZA 179 -42.06 -36.99 -100.70
C VAL ZA 179 -41.67 -37.42 -102.11
N VAL ZA 180 -40.67 -36.77 -102.71
CA VAL ZA 180 -40.06 -37.28 -103.95
C VAL ZA 180 -38.92 -38.18 -103.52
N GLU ZA 181 -39.26 -39.39 -103.09
CA GLU ZA 181 -38.27 -40.44 -102.94
C GLU ZA 181 -37.92 -41.15 -104.23
N PRO ZA 182 -38.88 -41.68 -105.01
CA PRO ZA 182 -38.47 -42.50 -106.16
C PRO ZA 182 -37.90 -41.70 -107.30
N TYR ZA 183 -38.28 -40.44 -107.43
CA TYR ZA 183 -37.76 -39.63 -108.53
C TYR ZA 183 -36.28 -39.35 -108.32
N ASN ZA 184 -35.87 -39.10 -107.09
CA ASN ZA 184 -34.45 -39.00 -106.82
C ASN ZA 184 -33.77 -40.36 -106.88
N ALA ZA 185 -34.43 -41.41 -106.40
CA ALA ZA 185 -33.78 -42.71 -106.29
C ALA ZA 185 -33.56 -43.36 -107.65
N THR ZA 186 -34.59 -43.36 -108.50
CA THR ZA 186 -34.46 -44.00 -109.80
C THR ZA 186 -33.54 -43.23 -110.73
N LEU ZA 187 -33.57 -41.89 -110.64
CA LEU ZA 187 -32.67 -41.08 -111.45
C LEU ZA 187 -31.23 -41.22 -110.99
N SER ZA 188 -31.00 -41.47 -109.71
CA SER ZA 188 -29.63 -41.59 -109.25
C SER ZA 188 -29.05 -42.96 -109.55
N VAL ZA 189 -29.90 -43.98 -109.65
CA VAL ZA 189 -29.38 -45.33 -109.73
C VAL ZA 189 -28.90 -45.71 -111.12
N HIS ZA 190 -29.39 -45.06 -112.18
CA HIS ZA 190 -28.90 -45.48 -113.49
C HIS ZA 190 -27.52 -44.90 -113.74
N GLN ZA 191 -27.22 -43.78 -113.10
CA GLN ZA 191 -25.83 -43.33 -113.08
C GLN ZA 191 -25.01 -44.18 -112.13
N LEU ZA 192 -25.66 -44.79 -111.15
CA LEU ZA 192 -24.95 -45.55 -110.14
C LEU ZA 192 -24.75 -47.00 -110.56
N VAL ZA 193 -25.58 -47.52 -111.45
CA VAL ZA 193 -25.34 -48.83 -112.04
C VAL ZA 193 -24.35 -48.73 -113.19
N GLU ZA 194 -24.12 -47.53 -113.69
CA GLU ZA 194 -23.23 -47.32 -114.82
C GLU ZA 194 -21.83 -46.88 -114.40
N ASN ZA 195 -21.69 -46.15 -113.30
CA ASN ZA 195 -20.43 -45.50 -112.97
C ASN ZA 195 -19.84 -45.91 -111.62
N ALA ZA 196 -20.24 -47.04 -111.05
CA ALA ZA 196 -19.71 -47.41 -109.75
C ALA ZA 196 -19.37 -48.89 -109.73
N ASP ZA 197 -18.63 -49.31 -108.71
CA ASP ZA 197 -18.20 -50.68 -108.62
C ASP ZA 197 -18.57 -51.39 -107.33
N GLU ZA 198 -18.95 -50.66 -106.29
CA GLU ZA 198 -19.37 -51.31 -105.05
C GLU ZA 198 -20.29 -50.34 -104.30
N VAL ZA 199 -21.60 -50.53 -104.45
CA VAL ZA 199 -22.58 -49.65 -103.82
C VAL ZA 199 -23.20 -50.40 -102.66
N GLN ZA 200 -22.84 -50.03 -101.45
CA GLN ZA 200 -23.41 -50.65 -100.26
C GLN ZA 200 -24.78 -50.04 -100.00
N VAL ZA 201 -25.78 -50.90 -99.83
CA VAL ZA 201 -27.18 -50.48 -99.72
C VAL ZA 201 -27.56 -50.40 -98.25
N ILE ZA 202 -28.17 -49.28 -97.85
CA ILE ZA 202 -28.53 -49.03 -96.46
C ILE ZA 202 -29.99 -48.56 -96.42
N ASP ZA 203 -30.78 -49.16 -95.54
CA ASP ZA 203 -32.15 -48.74 -95.30
C ASP ZA 203 -32.17 -48.06 -93.95
N ASN ZA 204 -32.96 -47.01 -93.78
CA ASN ZA 204 -33.12 -46.47 -92.43
C ASN ZA 204 -33.87 -47.44 -91.52
N GLU ZA 205 -34.93 -48.10 -92.01
CA GLU ZA 205 -35.69 -48.93 -91.09
C GLU ZA 205 -35.00 -50.24 -90.76
N ALA ZA 206 -34.04 -50.65 -91.56
CA ALA ZA 206 -33.17 -51.72 -91.11
C ALA ZA 206 -32.38 -51.28 -89.89
N LEU ZA 207 -31.83 -50.05 -89.93
CA LEU ZA 207 -31.10 -49.51 -88.79
C LEU ZA 207 -31.98 -49.29 -87.58
N TYR ZA 208 -33.16 -48.75 -87.78
CA TYR ZA 208 -34.04 -48.67 -86.63
C TYR ZA 208 -34.42 -50.03 -86.05
N ASP ZA 209 -34.69 -51.06 -86.88
CA ASP ZA 209 -35.04 -52.37 -86.34
C ASP ZA 209 -33.89 -53.05 -85.60
N ILE ZA 210 -32.66 -52.85 -86.03
CA ILE ZA 210 -31.51 -53.36 -85.28
C ILE ZA 210 -31.43 -52.70 -83.90
N CYS ZA 211 -31.76 -51.41 -83.84
CA CYS ZA 211 -31.70 -50.68 -82.58
C CYS ZA 211 -32.86 -51.01 -81.65
N PHE ZA 212 -33.89 -51.66 -82.15
CA PHE ZA 212 -34.94 -52.19 -81.28
C PHE ZA 212 -34.74 -53.64 -80.88
N ARG ZA 213 -34.35 -54.52 -81.80
CA ARG ZA 213 -34.45 -55.95 -81.54
C ARG ZA 213 -33.11 -56.61 -81.23
N THR ZA 214 -32.01 -55.91 -81.38
CA THR ZA 214 -30.73 -56.42 -80.92
C THR ZA 214 -30.14 -55.57 -79.81
N LEU ZA 215 -29.92 -54.28 -80.07
CA LEU ZA 215 -29.28 -53.44 -79.06
C LEU ZA 215 -30.20 -53.02 -77.95
N LYS ZA 216 -31.52 -53.07 -78.17
CA LYS ZA 216 -32.53 -52.70 -77.17
C LYS ZA 216 -32.35 -51.27 -76.69
N LEU ZA 217 -31.98 -50.38 -77.61
CA LEU ZA 217 -31.84 -48.98 -77.26
C LEU ZA 217 -33.19 -48.34 -77.02
N THR ZA 218 -33.27 -47.41 -76.08
CA THR ZA 218 -34.54 -46.77 -75.77
C THR ZA 218 -34.80 -45.54 -76.65
N THR ZA 219 -33.83 -44.62 -76.70
CA THR ZA 219 -33.93 -43.41 -77.51
C THR ZA 219 -32.73 -43.33 -78.45
N PRO ZA 220 -32.75 -44.03 -79.59
CA PRO ZA 220 -31.63 -43.96 -80.54
C PRO ZA 220 -31.79 -42.84 -81.54
N THR ZA 221 -30.95 -41.82 -81.42
CA THR ZA 221 -30.89 -40.66 -82.29
C THR ZA 221 -30.11 -41.04 -83.54
N TYR ZA 222 -29.99 -40.05 -84.43
CA TYR ZA 222 -29.22 -40.25 -85.64
C TYR ZA 222 -27.74 -40.44 -85.32
N GLY ZA 223 -27.28 -39.85 -84.23
CA GLY ZA 223 -25.91 -40.02 -83.80
C GLY ZA 223 -25.54 -41.42 -83.39
N ASP ZA 224 -26.51 -42.29 -83.13
CA ASP ZA 224 -26.24 -43.69 -82.83
C ASP ZA 224 -26.51 -44.60 -84.02
N LEU ZA 225 -27.35 -44.19 -84.96
CA LEU ZA 225 -27.50 -44.95 -86.19
C LEU ZA 225 -26.24 -44.85 -87.05
N ASN ZA 226 -25.67 -43.65 -87.14
CA ASN ZA 226 -24.46 -43.46 -87.92
C ASN ZA 226 -23.27 -44.19 -87.32
N HIS ZA 227 -23.32 -44.50 -86.03
CA HIS ZA 227 -22.21 -45.20 -85.41
C HIS ZA 227 -22.19 -46.66 -85.85
N LEU ZA 228 -23.35 -47.22 -86.18
CA LEU ZA 228 -23.38 -48.60 -86.65
C LEU ZA 228 -22.78 -48.71 -88.04
N VAL ZA 229 -23.20 -47.85 -88.95
CA VAL ZA 229 -22.71 -47.90 -90.32
C VAL ZA 229 -21.29 -47.38 -90.42
N SER ZA 230 -20.81 -46.66 -89.42
CA SER ZA 230 -19.40 -46.31 -89.40
C SER ZA 230 -18.54 -47.53 -89.08
N ALA ZA 231 -19.05 -48.43 -88.24
CA ALA ZA 231 -18.34 -49.67 -87.96
C ALA ZA 231 -18.33 -50.57 -89.18
N ALA ZA 232 -19.41 -50.54 -89.97
CA ALA ZA 232 -19.45 -51.32 -91.20
C ALA ZA 232 -18.47 -50.78 -92.23
N MET ZA 233 -18.36 -49.46 -92.34
CA MET ZA 233 -17.35 -48.89 -93.22
C MET ZA 233 -15.94 -49.16 -92.72
N SER ZA 234 -15.75 -49.17 -91.40
CA SER ZA 234 -14.43 -49.36 -90.84
C SER ZA 234 -13.91 -50.76 -91.10
N GLY ZA 235 -14.80 -51.73 -91.25
CA GLY ZA 235 -14.37 -53.10 -91.42
C GLY ZA 235 -14.03 -53.47 -92.84
N VAL ZA 236 -14.64 -52.79 -93.82
CA VAL ZA 236 -14.43 -53.17 -95.20
C VAL ZA 236 -13.09 -52.66 -95.72
N THR ZA 237 -12.53 -51.65 -95.07
CA THR ZA 237 -11.20 -51.15 -95.41
C THR ZA 237 -10.19 -51.43 -94.30
N CYS ZA 238 -10.53 -52.31 -93.37
CA CYS ZA 238 -9.59 -52.66 -92.31
C CYS ZA 238 -8.40 -53.42 -92.84
N CYS ZA 239 -8.62 -54.24 -93.84
CA CYS ZA 239 -7.55 -55.08 -94.35
C CYS ZA 239 -6.48 -54.27 -95.07
N LEU ZA 240 -6.84 -53.11 -95.61
CA LEU ZA 240 -5.84 -52.20 -96.14
C LEU ZA 240 -4.92 -51.69 -95.04
N ARG ZA 241 -5.50 -51.30 -93.92
CA ARG ZA 241 -4.75 -50.57 -92.91
C ARG ZA 241 -4.03 -51.46 -91.94
N PHE ZA 242 -4.29 -52.77 -91.95
CA PHE ZA 242 -3.80 -53.64 -90.90
C PHE ZA 242 -3.38 -54.98 -91.48
N PRO ZA 243 -2.40 -55.64 -90.88
CA PRO ZA 243 -2.00 -56.96 -91.36
C PRO ZA 243 -2.98 -58.03 -90.93
N GLY ZA 244 -2.70 -59.26 -91.29
CA GLY ZA 244 -3.56 -60.35 -90.85
C GLY ZA 244 -3.06 -61.67 -91.37
N GLN ZA 245 -3.77 -62.73 -90.97
CA GLN ZA 245 -3.58 -64.02 -91.60
C GLN ZA 245 -3.86 -63.95 -93.09
N LEU ZA 246 -5.12 -63.66 -93.44
CA LEU ZA 246 -5.55 -63.64 -94.82
C LEU ZA 246 -5.91 -62.21 -95.20
N ASN ZA 247 -5.37 -61.75 -96.32
CA ASN ZA 247 -5.50 -60.37 -96.76
C ASN ZA 247 -6.48 -60.26 -97.91
N SER ZA 248 -7.29 -59.21 -97.89
CA SER ZA 248 -8.26 -58.98 -98.97
C SER ZA 248 -8.55 -57.49 -99.05
N ASP ZA 249 -8.02 -56.83 -100.07
CA ASP ZA 249 -8.23 -55.41 -100.24
C ASP ZA 249 -9.54 -55.16 -100.97
N LEU ZA 250 -9.75 -53.93 -101.45
CA LEU ZA 250 -11.04 -53.60 -102.04
C LEU ZA 250 -11.18 -54.12 -103.46
N ARG ZA 251 -10.07 -54.38 -104.15
CA ARG ZA 251 -10.19 -55.03 -105.45
C ARG ZA 251 -10.52 -56.51 -105.30
N LYS ZA 252 -10.14 -57.10 -104.17
CA LYS ZA 252 -10.49 -58.49 -103.88
C LYS ZA 252 -12.00 -58.66 -103.82
N LEU ZA 253 -12.67 -57.77 -103.09
CA LEU ZA 253 -14.12 -57.85 -102.97
C LEU ZA 253 -14.78 -57.51 -104.29
N ALA ZA 254 -14.12 -56.70 -105.11
CA ALA ZA 254 -14.67 -56.40 -106.43
C ALA ZA 254 -14.64 -57.64 -107.33
N VAL ZA 255 -13.54 -58.38 -107.29
CA VAL ZA 255 -13.42 -59.56 -108.16
C VAL ZA 255 -14.34 -60.66 -107.70
N ASN ZA 256 -14.36 -60.93 -106.41
CA ASN ZA 256 -15.03 -62.10 -105.88
C ASN ZA 256 -16.55 -61.95 -105.83
N LEU ZA 257 -17.05 -60.77 -105.50
CA LEU ZA 257 -18.46 -60.62 -105.20
C LEU ZA 257 -19.30 -60.27 -106.42
N ILE ZA 258 -18.68 -59.93 -107.54
CA ILE ZA 258 -19.44 -59.48 -108.71
C ILE ZA 258 -19.33 -60.53 -109.81
N PRO ZA 259 -20.36 -61.34 -110.03
CA PRO ZA 259 -20.32 -62.31 -111.12
C PRO ZA 259 -20.50 -61.66 -112.48
N PHE ZA 260 -21.43 -60.74 -112.60
CA PHE ZA 260 -21.69 -60.03 -113.84
C PHE ZA 260 -21.71 -58.54 -113.55
N PRO ZA 261 -21.21 -57.70 -114.46
CA PRO ZA 261 -20.81 -56.34 -114.07
C PRO ZA 261 -21.96 -55.44 -113.65
N ARG ZA 262 -23.18 -55.73 -114.08
CA ARG ZA 262 -24.28 -54.82 -113.81
C ARG ZA 262 -24.65 -54.80 -112.33
N LEU ZA 263 -24.59 -55.94 -111.68
CA LEU ZA 263 -25.19 -56.13 -110.36
C LEU ZA 263 -24.12 -56.14 -109.29
N HIS ZA 264 -24.01 -55.03 -108.57
CA HIS ZA 264 -22.98 -54.86 -107.57
C HIS ZA 264 -23.47 -54.11 -106.34
N PHE ZA 265 -24.76 -54.20 -106.04
CA PHE ZA 265 -25.33 -53.62 -104.83
C PHE ZA 265 -25.30 -54.67 -103.73
N PHE ZA 266 -24.67 -54.35 -102.62
CA PHE ZA 266 -24.36 -55.33 -101.60
C PHE ZA 266 -25.01 -54.99 -100.28
N LEU ZA 267 -25.56 -55.99 -99.61
CA LEU ZA 267 -25.96 -55.85 -98.22
C LEU ZA 267 -24.73 -55.73 -97.34
N ILE ZA 268 -24.90 -55.18 -96.15
CA ILE ZA 268 -23.81 -55.05 -95.21
C ILE ZA 268 -24.30 -55.46 -93.83
N GLY ZA 269 -23.42 -56.09 -93.07
CA GLY ZA 269 -23.75 -56.52 -91.72
C GLY ZA 269 -22.60 -56.24 -90.79
N PHE ZA 270 -22.90 -56.20 -89.51
CA PHE ZA 270 -21.87 -56.10 -88.49
C PHE ZA 270 -22.20 -57.07 -87.38
N ALA ZA 271 -21.17 -57.62 -86.75
CA ALA ZA 271 -21.42 -58.54 -85.67
C ALA ZA 271 -20.16 -58.55 -84.83
N PRO ZA 272 -20.26 -58.58 -83.49
CA PRO ZA 272 -21.45 -58.64 -82.65
C PRO ZA 272 -22.20 -57.33 -82.51
N LEU ZA 273 -23.50 -57.43 -82.22
CA LEU ZA 273 -24.36 -56.29 -81.92
C LEU ZA 273 -25.23 -56.72 -80.75
N THR ZA 274 -24.77 -56.44 -79.54
CA THR ZA 274 -25.40 -56.96 -78.34
C THR ZA 274 -26.02 -55.82 -77.54
N SER ZA 275 -27.02 -56.16 -76.76
CA SER ZA 275 -27.61 -55.17 -75.85
C SER ZA 275 -26.70 -54.96 -74.66
N ARG ZA 276 -26.92 -53.85 -73.95
CA ARG ZA 276 -26.01 -53.45 -72.89
C ARG ZA 276 -26.06 -54.40 -71.71
N GLY ZA 277 -27.25 -54.89 -71.38
CA GLY ZA 277 -27.37 -55.84 -70.28
C GLY ZA 277 -26.82 -57.21 -70.65
N SER ZA 278 -27.10 -57.68 -71.85
CA SER ZA 278 -26.79 -59.04 -72.23
C SER ZA 278 -25.36 -59.22 -72.73
N GLN ZA 279 -24.55 -58.17 -72.72
CA GLN ZA 279 -23.17 -58.30 -73.18
C GLN ZA 279 -22.37 -59.18 -72.24
N GLN ZA 280 -22.64 -59.08 -70.95
CA GLN ZA 280 -21.87 -59.81 -69.95
C GLN ZA 280 -22.31 -61.28 -69.87
N TYR ZA 281 -23.47 -61.60 -70.45
CA TYR ZA 281 -24.04 -62.93 -70.47
C TYR ZA 281 -23.67 -63.71 -71.72
N ARG ZA 282 -22.96 -63.11 -72.65
CA ARG ZA 282 -22.84 -63.63 -74.00
C ARG ZA 282 -21.49 -64.26 -74.22
N ALA ZA 283 -21.48 -65.36 -74.96
CA ALA ZA 283 -20.26 -66.03 -75.40
C ALA ZA 283 -19.94 -65.57 -76.81
N LEU ZA 284 -18.73 -65.08 -77.00
CA LEU ZA 284 -18.30 -64.53 -78.28
C LEU ZA 284 -17.23 -65.44 -78.85
N SER ZA 285 -17.56 -66.15 -79.92
CA SER ZA 285 -16.61 -67.03 -80.57
C SER ZA 285 -16.97 -67.11 -82.03
N VAL ZA 286 -16.05 -67.67 -82.82
CA VAL ZA 286 -16.29 -67.83 -84.25
C VAL ZA 286 -17.57 -68.58 -84.60
N PRO ZA 287 -17.89 -69.75 -84.02
CA PRO ZA 287 -19.17 -70.36 -84.40
C PRO ZA 287 -20.38 -69.64 -83.85
N GLU ZA 288 -20.24 -68.94 -82.73
CA GLU ZA 288 -21.37 -68.20 -82.19
C GLU ZA 288 -21.66 -66.94 -82.99
N LEU ZA 289 -20.71 -66.51 -83.81
CA LEU ZA 289 -20.81 -65.20 -84.43
C LEU ZA 289 -21.24 -65.29 -85.87
N THR ZA 290 -21.06 -66.45 -86.49
CA THR ZA 290 -21.60 -66.63 -87.84
C THR ZA 290 -23.10 -66.85 -87.85
N GLN ZA 291 -23.71 -67.18 -86.71
CA GLN ZA 291 -25.17 -67.22 -86.65
C GLN ZA 291 -25.75 -65.82 -86.69
N GLN ZA 292 -25.17 -64.89 -85.93
CA GLN ZA 292 -25.59 -63.50 -85.98
C GLN ZA 292 -25.29 -62.89 -87.33
N MET ZA 293 -24.31 -63.43 -88.04
CA MET ZA 293 -23.98 -62.96 -89.38
C MET ZA 293 -25.12 -63.26 -90.35
N PHE ZA 294 -25.56 -64.50 -90.37
CA PHE ZA 294 -26.58 -64.94 -91.33
C PHE ZA 294 -27.94 -64.88 -90.66
N ASP ZA 295 -28.51 -63.68 -90.57
CA ASP ZA 295 -29.82 -63.52 -89.97
C ASP ZA 295 -30.39 -62.22 -90.51
N ALA ZA 296 -31.68 -62.24 -90.84
CA ALA ZA 296 -32.32 -61.05 -91.36
C ALA ZA 296 -32.42 -59.95 -90.31
N LYS ZA 297 -32.35 -60.32 -89.04
CA LYS ZA 297 -32.36 -59.34 -87.97
C LYS ZA 297 -31.15 -58.44 -88.01
N ASN ZA 298 -29.98 -58.98 -88.35
CA ASN ZA 298 -28.73 -58.22 -88.25
C ASN ZA 298 -28.23 -57.86 -89.65
N MET ZA 299 -29.11 -57.37 -90.50
CA MET ZA 299 -28.73 -56.83 -91.80
C MET ZA 299 -29.11 -55.36 -91.85
N MET ZA 300 -28.19 -54.51 -92.31
CA MET ZA 300 -28.52 -53.10 -92.45
C MET ZA 300 -29.16 -52.78 -93.78
N CYS ZA 301 -29.83 -53.75 -94.40
CA CYS ZA 301 -30.70 -53.49 -95.55
C CYS ZA 301 -32.02 -54.17 -95.31
N ALA ZA 302 -33.10 -53.43 -95.45
CA ALA ZA 302 -34.42 -53.93 -95.05
C ALA ZA 302 -35.08 -54.74 -96.16
N SER ZA 303 -34.35 -55.69 -96.69
CA SER ZA 303 -34.88 -56.69 -97.60
C SER ZA 303 -34.46 -58.04 -97.05
N ASP ZA 304 -35.43 -58.89 -96.80
CA ASP ZA 304 -35.19 -60.16 -96.13
C ASP ZA 304 -34.39 -61.08 -97.05
N PRO ZA 305 -33.20 -61.54 -96.65
CA PRO ZA 305 -32.43 -62.44 -97.51
C PRO ZA 305 -33.07 -63.80 -97.71
N ARG ZA 306 -34.05 -64.17 -96.90
CA ARG ZA 306 -34.67 -65.47 -97.06
C ARG ZA 306 -35.62 -65.53 -98.25
N HIS ZA 307 -35.87 -64.40 -98.91
CA HIS ZA 307 -36.70 -64.36 -100.11
C HIS ZA 307 -35.87 -64.32 -101.38
N GLY ZA 308 -34.74 -65.01 -101.37
CA GLY ZA 308 -33.88 -65.06 -102.52
C GLY ZA 308 -32.79 -66.09 -102.33
N ARG ZA 309 -31.68 -65.88 -103.01
CA ARG ZA 309 -30.52 -66.74 -102.90
C ARG ZA 309 -29.27 -65.86 -102.91
N TYR ZA 310 -28.38 -66.09 -101.95
CA TYR ZA 310 -27.13 -65.34 -101.86
C TYR ZA 310 -26.23 -65.67 -103.03
N LEU ZA 311 -26.01 -64.71 -103.92
CA LEU ZA 311 -25.26 -64.99 -105.12
C LEU ZA 311 -23.78 -65.18 -104.81
N THR ZA 312 -23.25 -64.36 -103.92
CA THR ZA 312 -21.92 -64.52 -103.35
C THR ZA 312 -21.87 -63.68 -102.08
N ALA ZA 313 -21.47 -64.29 -100.98
CA ALA ZA 313 -21.41 -63.60 -99.71
C ALA ZA 313 -20.00 -63.69 -99.16
N SER ZA 314 -19.53 -62.59 -98.58
CA SER ZA 314 -18.19 -62.52 -98.06
C SER ZA 314 -18.22 -61.97 -96.65
N ALA ZA 315 -17.30 -62.45 -95.81
CA ALA ZA 315 -17.27 -62.07 -94.42
C ALA ZA 315 -15.87 -61.63 -94.07
N MET ZA 316 -15.74 -60.40 -93.61
CA MET ZA 316 -14.46 -59.80 -93.25
C MET ZA 316 -14.30 -59.92 -91.74
N PHE ZA 317 -13.45 -60.83 -91.31
CA PHE ZA 317 -13.27 -61.12 -89.90
C PHE ZA 317 -12.13 -60.30 -89.33
N ARG ZA 318 -12.24 -59.94 -88.05
CA ARG ZA 318 -11.23 -59.13 -87.37
C ARG ZA 318 -11.00 -59.69 -85.97
N GLY ZA 319 -9.76 -60.01 -85.66
CA GLY ZA 319 -9.39 -60.42 -84.32
C GLY ZA 319 -8.46 -61.61 -84.34
N ARG ZA 320 -8.42 -62.35 -83.22
CA ARG ZA 320 -7.64 -63.57 -83.10
C ARG ZA 320 -8.56 -64.77 -83.25
N MET ZA 321 -8.35 -65.56 -84.28
CA MET ZA 321 -9.19 -66.70 -84.60
C MET ZA 321 -8.32 -67.86 -85.00
N SER ZA 322 -8.92 -68.87 -85.58
CA SER ZA 322 -8.16 -69.92 -86.21
C SER ZA 322 -8.75 -70.15 -87.58
N THR ZA 323 -7.87 -70.34 -88.56
CA THR ZA 323 -8.33 -70.35 -89.93
C THR ZA 323 -9.08 -71.60 -90.30
N LYS ZA 324 -8.95 -72.68 -89.53
CA LYS ZA 324 -9.90 -73.78 -89.68
C LYS ZA 324 -11.27 -73.35 -89.24
N GLU ZA 325 -11.36 -72.73 -88.06
CA GLU ZA 325 -12.66 -72.48 -87.46
C GLU ZA 325 -13.37 -71.36 -88.18
N VAL ZA 326 -12.62 -70.40 -88.71
CA VAL ZA 326 -13.25 -69.31 -89.44
C VAL ZA 326 -13.75 -69.79 -90.79
N ASP ZA 327 -13.28 -70.93 -91.27
CA ASP ZA 327 -13.71 -71.39 -92.58
C ASP ZA 327 -14.53 -72.67 -92.53
N GLU ZA 328 -14.34 -73.50 -91.51
CA GLU ZA 328 -15.27 -74.61 -91.30
C GLU ZA 328 -16.66 -74.10 -90.97
N GLN ZA 329 -16.73 -73.01 -90.21
CA GLN ZA 329 -18.03 -72.41 -89.91
C GLN ZA 329 -18.66 -71.85 -91.17
N MET ZA 330 -17.86 -71.34 -92.09
CA MET ZA 330 -18.47 -70.85 -93.31
C MET ZA 330 -18.68 -71.95 -94.33
N LEU ZA 331 -18.24 -73.18 -94.04
CA LEU ZA 331 -18.68 -74.35 -94.78
C LEU ZA 331 -20.01 -74.88 -94.24
N ASN ZA 332 -20.19 -74.79 -92.92
CA ASN ZA 332 -21.44 -75.22 -92.31
C ASN ZA 332 -22.59 -74.33 -92.74
N VAL ZA 333 -22.32 -73.06 -93.00
CA VAL ZA 333 -23.38 -72.15 -93.41
C VAL ZA 333 -23.88 -72.52 -94.80
N GLN ZA 334 -22.97 -72.95 -95.67
CA GLN ZA 334 -23.35 -73.34 -97.02
C GLN ZA 334 -24.10 -74.66 -97.05
N ASN ZA 335 -23.64 -75.63 -96.28
CA ASN ZA 335 -24.25 -76.95 -96.32
C ASN ZA 335 -25.62 -76.97 -95.65
N LYS ZA 336 -25.72 -76.33 -94.49
CA LYS ZA 336 -26.97 -76.40 -93.75
C LYS ZA 336 -28.04 -75.54 -94.40
N ASN ZA 337 -27.70 -74.33 -94.79
CA ASN ZA 337 -28.64 -73.44 -95.46
C ASN ZA 337 -28.40 -73.51 -96.97
N SER ZA 338 -28.64 -74.71 -97.51
CA SER ZA 338 -28.30 -74.95 -98.90
C SER ZA 338 -29.21 -74.23 -99.86
N SER ZA 339 -30.48 -74.07 -99.49
CA SER ZA 339 -31.43 -73.45 -100.40
C SER ZA 339 -31.29 -71.95 -100.49
N TYR ZA 340 -30.51 -71.33 -99.61
CA TYR ZA 340 -30.33 -69.89 -99.61
C TYR ZA 340 -29.12 -69.44 -100.42
N PHE ZA 341 -28.41 -70.36 -101.08
CA PHE ZA 341 -27.24 -70.05 -101.88
C PHE ZA 341 -27.47 -70.51 -103.31
N VAL ZA 342 -26.89 -69.78 -104.25
CA VAL ZA 342 -27.08 -70.09 -105.65
C VAL ZA 342 -26.36 -71.40 -105.98
N GLU ZA 343 -26.86 -72.11 -106.99
CA GLU ZA 343 -26.48 -73.49 -107.24
C GLU ZA 343 -25.35 -73.64 -108.24
N TRP ZA 344 -25.29 -72.80 -109.27
CA TRP ZA 344 -24.28 -73.00 -110.30
C TRP ZA 344 -22.92 -72.47 -109.91
N ILE ZA 345 -22.81 -71.80 -108.77
CA ILE ZA 345 -21.51 -71.38 -108.25
C ILE ZA 345 -21.17 -72.28 -107.06
N PRO ZA 346 -20.24 -73.20 -107.20
CA PRO ZA 346 -19.74 -73.89 -106.01
C PRO ZA 346 -19.00 -72.91 -105.13
N ASN ZA 347 -19.19 -73.06 -103.82
CA ASN ZA 347 -18.43 -72.34 -102.82
C ASN ZA 347 -18.65 -70.82 -102.93
N ASN ZA 348 -19.89 -70.41 -102.66
CA ASN ZA 348 -20.28 -69.01 -102.58
C ASN ZA 348 -19.65 -68.26 -101.41
N MET ZA 349 -19.16 -69.00 -100.41
CA MET ZA 349 -18.32 -68.52 -99.34
C MET ZA 349 -17.21 -67.59 -99.81
N LYS ZA 350 -16.89 -66.61 -98.98
CA LYS ZA 350 -15.57 -65.98 -98.98
C LYS ZA 350 -15.24 -65.55 -97.56
N SER ZA 351 -14.04 -65.87 -97.10
CA SER ZA 351 -13.63 -65.52 -95.75
C SER ZA 351 -12.29 -64.81 -95.78
N SER ZA 352 -12.20 -63.69 -95.10
CA SER ZA 352 -10.96 -62.97 -94.91
C SER ZA 352 -10.80 -62.64 -93.44
N VAL ZA 353 -9.63 -62.94 -92.90
CA VAL ZA 353 -9.39 -62.80 -91.47
C VAL ZA 353 -8.25 -61.82 -91.24
N CYS ZA 354 -8.58 -60.73 -90.56
CA CYS ZA 354 -7.60 -59.74 -90.13
C CYS ZA 354 -7.21 -60.05 -88.70
N ASP ZA 355 -6.41 -59.17 -88.13
CA ASP ZA 355 -5.66 -59.51 -86.94
C ASP ZA 355 -5.75 -58.44 -85.87
N ILE ZA 356 -6.31 -57.28 -86.16
CA ILE ZA 356 -6.46 -56.24 -85.16
C ILE ZA 356 -7.94 -55.91 -85.00
N PRO ZA 357 -8.56 -56.30 -83.89
CA PRO ZA 357 -10.00 -56.18 -83.76
C PRO ZA 357 -10.39 -54.74 -83.51
N PRO ZA 358 -11.68 -54.40 -83.62
CA PRO ZA 358 -12.12 -53.07 -83.22
C PRO ZA 358 -11.99 -52.89 -81.72
N LYS ZA 359 -11.90 -51.63 -81.32
CA LYS ZA 359 -11.42 -51.29 -79.99
C LYS ZA 359 -12.46 -51.64 -78.95
N GLY ZA 360 -12.09 -52.51 -78.01
CA GLY ZA 360 -12.99 -52.97 -76.98
C GLY ZA 360 -13.51 -54.37 -77.22
N LEU ZA 361 -13.84 -54.68 -78.46
CA LEU ZA 361 -14.37 -55.97 -78.84
C LEU ZA 361 -13.22 -56.89 -79.23
N LYS ZA 362 -13.23 -58.09 -78.68
CA LYS ZA 362 -12.19 -59.06 -78.99
C LYS ZA 362 -12.31 -59.57 -80.42
N MET ZA 363 -13.48 -59.40 -81.03
CA MET ZA 363 -13.76 -60.03 -82.30
C MET ZA 363 -14.79 -59.18 -83.04
N SER ZA 364 -14.74 -59.19 -84.38
CA SER ZA 364 -15.84 -58.63 -85.14
C SER ZA 364 -15.85 -59.22 -86.54
N VAL ZA 365 -17.01 -59.12 -87.19
CA VAL ZA 365 -17.18 -59.45 -88.59
C VAL ZA 365 -17.94 -58.31 -89.25
N THR ZA 366 -17.55 -57.96 -90.47
CA THR ZA 366 -18.41 -57.19 -91.35
C THR ZA 366 -18.78 -58.06 -92.53
N PHE ZA 367 -20.07 -58.21 -92.77
CA PHE ZA 367 -20.59 -59.20 -93.71
C PHE ZA 367 -21.09 -58.51 -94.96
N VAL ZA 368 -20.48 -58.82 -96.10
CA VAL ZA 368 -20.84 -58.22 -97.38
C VAL ZA 368 -21.53 -59.29 -98.21
N GLY ZA 369 -22.81 -59.12 -98.47
CA GLY ZA 369 -23.53 -60.16 -99.16
C GLY ZA 369 -24.23 -59.71 -100.41
N ASN ZA 370 -23.88 -60.32 -101.54
CA ASN ZA 370 -24.52 -60.01 -102.82
C ASN ZA 370 -25.69 -60.98 -102.98
N SER ZA 371 -26.88 -60.52 -102.62
CA SER ZA 371 -28.07 -61.35 -102.65
C SER ZA 371 -28.97 -60.89 -103.79
N THR ZA 372 -29.81 -61.80 -104.24
CA THR ZA 372 -30.82 -61.46 -105.22
C THR ZA 372 -32.10 -61.03 -104.55
N ALA ZA 373 -32.09 -60.90 -103.23
CA ALA ZA 373 -33.24 -60.40 -102.51
C ALA ZA 373 -33.45 -58.91 -102.73
N ILE ZA 374 -32.43 -58.19 -103.20
CA ILE ZA 374 -32.58 -56.74 -103.39
C ILE ZA 374 -33.37 -56.39 -104.62
N GLN ZA 375 -33.89 -57.39 -105.33
CA GLN ZA 375 -34.98 -57.19 -106.25
C GLN ZA 375 -36.14 -56.47 -105.59
N GLU ZA 376 -36.47 -56.90 -104.37
CA GLU ZA 376 -37.69 -56.44 -103.73
C GLU ZA 376 -37.60 -54.97 -103.36
N MET ZA 377 -36.39 -54.49 -103.11
CA MET ZA 377 -36.22 -53.04 -102.98
C MET ZA 377 -36.42 -52.36 -104.32
N PHE ZA 378 -35.78 -52.87 -105.37
CA PHE ZA 378 -35.82 -52.19 -106.65
C PHE ZA 378 -37.21 -52.29 -107.27
N LYS ZA 379 -37.92 -53.37 -106.99
CA LYS ZA 379 -39.29 -53.50 -107.47
C LYS ZA 379 -40.18 -52.46 -106.80
N ARG ZA 380 -39.91 -52.16 -105.54
CA ARG ZA 380 -40.78 -51.25 -104.82
C ARG ZA 380 -40.61 -49.81 -105.28
N VAL ZA 381 -39.36 -49.38 -105.45
CA VAL ZA 381 -39.12 -48.02 -105.91
C VAL ZA 381 -39.60 -47.86 -107.35
N SER ZA 382 -39.43 -48.90 -108.16
CA SER ZA 382 -39.95 -48.87 -109.53
C SER ZA 382 -41.47 -48.79 -109.53
N ASP ZA 383 -42.12 -49.39 -108.54
CA ASP ZA 383 -43.58 -49.30 -108.47
C ASP ZA 383 -44.02 -47.93 -107.99
N GLN ZA 384 -43.32 -47.36 -107.00
CA GLN ZA 384 -43.67 -46.03 -106.52
C GLN ZA 384 -43.39 -44.97 -107.57
N PHE ZA 385 -42.37 -45.20 -108.40
CA PHE ZA 385 -42.11 -44.30 -109.51
C PHE ZA 385 -43.22 -44.37 -110.54
N THR ZA 386 -43.65 -45.57 -110.89
CA THR ZA 386 -44.60 -45.73 -111.98
C THR ZA 386 -45.98 -45.20 -111.58
N ALA ZA 387 -46.29 -45.22 -110.29
CA ALA ZA 387 -47.53 -44.61 -109.83
C ALA ZA 387 -47.52 -43.10 -110.03
N MET ZA 388 -46.40 -42.46 -109.74
CA MET ZA 388 -46.32 -41.01 -109.91
C MET ZA 388 -46.06 -40.60 -111.35
N PHE ZA 389 -45.30 -41.37 -112.09
CA PHE ZA 389 -44.93 -40.97 -113.44
C PHE ZA 389 -46.09 -41.10 -114.42
N ARG ZA 390 -47.00 -42.04 -114.16
CA ARG ZA 390 -48.17 -42.22 -114.99
C ARG ZA 390 -49.11 -41.01 -114.93
N ARG ZA 391 -49.01 -40.20 -113.88
CA ARG ZA 391 -49.80 -38.99 -113.71
C ARG ZA 391 -48.95 -37.73 -113.67
N LYS ZA 392 -47.63 -37.85 -113.85
CA LYS ZA 392 -46.69 -36.74 -113.95
C LYS ZA 392 -46.69 -35.85 -112.71
N ALA ZA 393 -46.90 -36.45 -111.56
CA ALA ZA 393 -46.91 -35.71 -110.31
C ALA ZA 393 -45.51 -35.26 -109.94
N PHE ZA 394 -45.41 -34.03 -109.43
CA PHE ZA 394 -44.17 -33.40 -108.96
C PHE ZA 394 -43.10 -33.36 -110.04
N LEU ZA 395 -43.49 -33.43 -111.31
CA LEU ZA 395 -42.51 -33.61 -112.37
C LEU ZA 395 -42.15 -32.31 -113.06
N HIS ZA 396 -42.93 -31.25 -112.87
CA HIS ZA 396 -42.63 -30.03 -113.58
C HIS ZA 396 -41.54 -29.20 -112.91
N TRP ZA 397 -41.10 -29.57 -111.71
CA TRP ZA 397 -39.88 -28.93 -111.17
C TRP ZA 397 -38.64 -29.52 -111.81
N TYR ZA 398 -38.66 -30.82 -112.10
CA TYR ZA 398 -37.53 -31.42 -112.78
C TYR ZA 398 -37.45 -30.99 -114.23
N THR ZA 399 -38.59 -31.02 -114.93
CA THR ZA 399 -38.63 -30.68 -116.35
C THR ZA 399 -38.28 -29.21 -116.58
N GLY ZA 400 -38.85 -28.33 -115.76
CA GLY ZA 400 -38.59 -26.92 -115.90
C GLY ZA 400 -37.17 -26.52 -115.59
N GLU ZA 401 -36.41 -27.40 -114.97
CA GLU ZA 401 -35.07 -27.07 -114.52
C GLU ZA 401 -34.02 -27.44 -115.55
N GLY ZA 402 -34.42 -27.96 -116.70
CA GLY ZA 402 -33.44 -28.35 -117.68
C GLY ZA 402 -33.43 -29.82 -118.03
N MET ZA 403 -34.59 -30.45 -118.03
CA MET ZA 403 -34.69 -31.88 -118.29
C MET ZA 403 -35.62 -32.18 -119.43
N ASP ZA 404 -35.54 -33.41 -119.91
CA ASP ZA 404 -36.46 -33.94 -120.90
C ASP ZA 404 -37.32 -35.02 -120.29
N GLU ZA 405 -38.49 -35.21 -120.87
CA GLU ZA 405 -39.39 -36.25 -120.39
C GLU ZA 405 -38.81 -37.63 -120.64
N MET ZA 406 -38.03 -37.80 -121.71
CA MET ZA 406 -37.64 -39.13 -122.12
C MET ZA 406 -36.56 -39.73 -121.24
N GLU ZA 407 -35.84 -38.93 -120.47
CA GLU ZA 407 -34.74 -39.53 -119.72
C GLU ZA 407 -35.27 -40.25 -118.50
N PHE ZA 408 -36.47 -39.90 -118.04
CA PHE ZA 408 -37.11 -40.64 -116.97
C PHE ZA 408 -37.49 -42.04 -117.44
N THR ZA 409 -37.91 -42.16 -118.69
CA THR ZA 409 -38.15 -43.50 -119.22
C THR ZA 409 -36.86 -44.26 -119.40
N GLU ZA 410 -35.75 -43.55 -119.63
CA GLU ZA 410 -34.44 -44.20 -119.67
C GLU ZA 410 -34.03 -44.68 -118.29
N ALA ZA 411 -34.43 -43.97 -117.25
CA ALA ZA 411 -34.11 -44.39 -115.89
C ALA ZA 411 -34.97 -45.57 -115.46
N GLU ZA 412 -36.27 -45.56 -115.79
CA GLU ZA 412 -37.11 -46.65 -115.34
C GLU ZA 412 -36.95 -47.88 -116.21
N SER ZA 413 -36.46 -47.71 -117.44
CA SER ZA 413 -36.14 -48.89 -118.25
C SER ZA 413 -35.02 -49.67 -117.61
N ASN ZA 414 -33.90 -49.02 -117.33
CA ASN ZA 414 -32.76 -49.72 -116.75
C ASN ZA 414 -32.83 -49.83 -115.24
N MET ZA 415 -33.93 -49.38 -114.63
CA MET ZA 415 -34.29 -49.85 -113.31
C MET ZA 415 -35.06 -51.16 -113.41
N ASN ZA 416 -36.06 -51.20 -114.29
CA ASN ZA 416 -36.79 -52.42 -114.55
C ASN ZA 416 -35.94 -53.46 -115.27
N ASP ZA 417 -34.87 -53.04 -115.95
CA ASP ZA 417 -33.90 -54.03 -116.43
C ASP ZA 417 -33.25 -54.76 -115.29
N LEU ZA 418 -32.87 -54.03 -114.23
CA LEU ZA 418 -32.04 -54.59 -113.18
C LEU ZA 418 -32.73 -55.73 -112.44
N VAL ZA 419 -34.05 -55.66 -112.29
CA VAL ZA 419 -34.75 -56.74 -111.63
C VAL ZA 419 -34.89 -57.94 -112.57
N SER ZA 420 -34.71 -57.75 -113.87
CA SER ZA 420 -34.87 -58.86 -114.79
C SER ZA 420 -33.67 -59.81 -114.72
N GLU ZA 421 -32.46 -59.29 -114.50
CA GLU ZA 421 -31.34 -60.23 -114.34
C GLU ZA 421 -31.36 -60.92 -113.00
N TYR ZA 422 -31.96 -60.30 -111.98
CA TYR ZA 422 -32.02 -60.97 -110.68
C TYR ZA 422 -32.95 -62.18 -110.72
N GLN ZA 423 -34.09 -62.08 -111.40
CA GLN ZA 423 -34.87 -63.27 -111.70
C GLN ZA 423 -34.17 -64.19 -112.68
N GLN ZA 424 -33.26 -63.67 -113.50
CA GLN ZA 424 -32.55 -64.55 -114.42
C GLN ZA 424 -31.64 -65.50 -113.66
N TYR ZA 425 -31.16 -65.08 -112.50
CA TYR ZA 425 -30.27 -65.90 -111.69
C TYR ZA 425 -30.93 -66.44 -110.43
N GLN ZA 426 -32.25 -66.37 -110.33
CA GLN ZA 426 -32.97 -66.91 -109.19
C GLN ZA 426 -33.46 -68.33 -109.47
N MET AB 1 -26.00 -12.28 -95.78
CA MET AB 1 -25.99 -13.69 -96.13
C MET AB 1 -27.29 -14.07 -96.82
N ARG AB 2 -27.82 -15.24 -96.50
CA ARG AB 2 -29.14 -15.63 -96.97
C ARG AB 2 -30.22 -15.02 -96.09
N GLU AB 3 -31.39 -14.77 -96.68
CA GLU AB 3 -32.47 -14.12 -95.95
C GLU AB 3 -33.78 -14.39 -96.68
N VAL AB 4 -34.88 -14.13 -95.98
CA VAL AB 4 -36.20 -14.09 -96.59
C VAL AB 4 -36.88 -12.81 -96.12
N ILE AB 5 -37.53 -12.13 -97.05
CA ILE AB 5 -38.03 -10.77 -96.86
C ILE AB 5 -39.52 -10.82 -96.63
N SER AB 6 -40.01 -10.10 -95.62
CA SER AB 6 -41.42 -10.10 -95.27
C SER AB 6 -42.05 -8.77 -95.64
N ILE AB 7 -43.21 -8.82 -96.28
CA ILE AB 7 -44.03 -7.66 -96.59
C ILE AB 7 -45.36 -7.86 -95.90
N HIS AB 8 -45.97 -6.77 -95.43
CA HIS AB 8 -47.24 -6.84 -94.73
C HIS AB 8 -48.16 -5.76 -95.27
N VAL AB 9 -49.06 -6.14 -96.18
CA VAL AB 9 -49.88 -5.19 -96.91
C VAL AB 9 -51.31 -5.33 -96.43
N GLY AB 10 -51.91 -4.20 -96.05
CA GLY AB 10 -53.23 -4.20 -95.47
C GLY AB 10 -53.17 -4.36 -93.96
N GLN AB 11 -54.33 -4.19 -93.33
CA GLN AB 11 -54.36 -4.23 -91.86
C GLN AB 11 -54.13 -5.62 -91.33
N ALA AB 12 -54.81 -6.63 -91.89
CA ALA AB 12 -54.71 -7.99 -91.37
C ALA AB 12 -53.30 -8.54 -91.51
N GLY AB 13 -52.64 -8.22 -92.62
CA GLY AB 13 -51.25 -8.64 -92.76
C GLY AB 13 -50.34 -7.94 -91.78
N ILE AB 14 -50.63 -6.67 -91.49
CA ILE AB 14 -49.81 -5.91 -90.56
C ILE AB 14 -49.98 -6.45 -89.15
N GLN AB 15 -51.22 -6.66 -88.73
CA GLN AB 15 -51.49 -7.09 -87.36
C GLN AB 15 -50.97 -8.50 -87.12
N ILE AB 16 -51.04 -9.37 -88.12
CA ILE AB 16 -50.44 -10.70 -87.99
C ILE AB 16 -48.94 -10.57 -87.84
N GLY AB 17 -48.31 -9.80 -88.72
CA GLY AB 17 -46.88 -9.61 -88.64
C GLY AB 17 -46.46 -8.77 -87.47
N ASN AB 18 -47.38 -8.00 -86.92
CA ASN AB 18 -47.12 -7.29 -85.68
C ASN AB 18 -46.88 -8.27 -84.55
N ALA AB 19 -47.60 -9.39 -84.55
CA ALA AB 19 -47.32 -10.46 -83.60
C ALA AB 19 -46.08 -11.24 -83.99
N CYS AB 20 -45.80 -11.33 -85.29
CA CYS AB 20 -44.67 -12.14 -85.74
C CYS AB 20 -43.36 -11.50 -85.35
N TRP AB 21 -43.30 -10.16 -85.31
CA TRP AB 21 -42.04 -9.52 -85.05
C TRP AB 21 -41.74 -9.36 -83.57
N GLU AB 22 -42.74 -9.42 -82.70
CA GLU AB 22 -42.41 -9.53 -81.29
C GLU AB 22 -42.02 -10.95 -80.94
N LEU AB 23 -42.45 -11.93 -81.74
CA LEU AB 23 -42.04 -13.30 -81.51
C LEU AB 23 -40.60 -13.53 -81.93
N PHE AB 24 -40.22 -13.01 -83.10
CA PHE AB 24 -38.89 -13.26 -83.62
C PHE AB 24 -37.83 -12.53 -82.82
N CYS AB 25 -38.22 -11.43 -82.18
CA CYS AB 25 -37.27 -10.70 -81.34
C CYS AB 25 -36.95 -11.49 -80.09
N LEU AB 26 -37.95 -12.14 -79.51
CA LEU AB 26 -37.73 -12.90 -78.30
C LEU AB 26 -36.98 -14.19 -78.59
N GLU AB 27 -37.16 -14.76 -79.77
CA GLU AB 27 -36.46 -15.98 -80.13
C GLU AB 27 -34.97 -15.76 -80.18
N HIS AB 28 -34.55 -14.67 -80.78
CA HIS AB 28 -33.13 -14.37 -80.93
C HIS AB 28 -32.61 -13.45 -79.85
N GLY AB 29 -33.46 -13.01 -78.93
CA GLY AB 29 -33.01 -12.19 -77.84
C GLY AB 29 -32.53 -10.81 -78.21
N ILE AB 30 -33.26 -10.10 -79.06
CA ILE AB 30 -32.97 -8.71 -79.33
C ILE AB 30 -34.06 -7.86 -78.68
N GLN AB 31 -33.67 -6.68 -78.23
CA GLN AB 31 -34.55 -5.78 -77.51
C GLN AB 31 -35.51 -5.11 -78.49
N PRO AB 32 -36.45 -4.33 -78.00
CA PRO AB 32 -37.16 -3.40 -78.91
C PRO AB 32 -36.26 -2.39 -79.60
N ASP AB 33 -35.19 -1.91 -78.95
CA ASP AB 33 -34.30 -0.97 -79.62
C ASP AB 33 -33.47 -1.61 -80.71
N GLY AB 34 -33.41 -2.94 -80.74
CA GLY AB 34 -32.72 -3.62 -81.79
C GLY AB 34 -31.32 -4.05 -81.47
N GLN AB 35 -30.81 -3.75 -80.29
CA GLN AB 35 -29.48 -4.20 -79.90
C GLN AB 35 -29.61 -5.26 -78.82
N MET AB 36 -28.87 -6.34 -78.98
CA MET AB 36 -28.88 -7.48 -78.08
C MET AB 36 -27.78 -7.34 -77.04
N PRO AB 37 -28.00 -7.77 -75.80
CA PRO AB 37 -26.92 -7.74 -74.83
C PRO AB 37 -25.79 -8.70 -75.17
N ASP AB 47 -24.85 -15.47 -85.58
CA ASP AB 47 -24.90 -15.33 -87.03
C ASP AB 47 -26.04 -16.17 -87.59
N ALA AB 48 -26.98 -16.51 -86.71
CA ALA AB 48 -28.17 -17.27 -87.09
C ALA AB 48 -29.37 -16.38 -87.35
N PHE AB 49 -29.51 -15.28 -86.61
CA PHE AB 49 -30.61 -14.37 -86.82
C PHE AB 49 -30.46 -13.50 -88.05
N ASN AB 50 -29.40 -13.70 -88.84
CA ASN AB 50 -29.14 -12.87 -89.99
C ASN AB 50 -30.14 -13.12 -91.12
N THR AB 51 -30.86 -14.23 -91.09
CA THR AB 51 -31.86 -14.51 -92.11
C THR AB 51 -33.17 -13.74 -91.92
N PHE AB 52 -33.38 -13.10 -90.78
CA PHE AB 52 -34.47 -12.14 -90.59
C PHE AB 52 -34.06 -10.79 -90.07
N PHE AB 53 -32.88 -10.65 -89.48
CA PHE AB 53 -32.42 -9.36 -88.97
C PHE AB 53 -31.17 -8.97 -89.72
N SER AB 54 -31.11 -7.73 -90.16
CA SER AB 54 -29.90 -7.20 -90.76
C SER AB 54 -28.94 -6.81 -89.65
N GLU AB 55 -27.88 -6.09 -90.00
CA GLU AB 55 -26.88 -5.69 -89.02
C GLU AB 55 -26.64 -4.20 -89.21
N THR AB 56 -26.74 -3.44 -88.13
CA THR AB 56 -26.64 -1.98 -88.20
C THR AB 56 -25.66 -1.49 -87.15
N GLY AB 57 -24.38 -1.51 -87.49
CA GLY AB 57 -23.37 -0.88 -86.66
C GLY AB 57 -23.07 -1.60 -85.37
N ALA AB 58 -23.03 -0.85 -84.27
CA ALA AB 58 -22.60 -1.39 -82.98
C ALA AB 58 -23.74 -2.17 -82.34
N GLY AB 59 -24.04 -3.32 -82.93
CA GLY AB 59 -24.92 -4.29 -82.33
C GLY AB 59 -26.40 -4.06 -82.54
N LYS AB 60 -26.80 -2.91 -83.06
CA LYS AB 60 -28.21 -2.68 -83.34
C LYS AB 60 -28.63 -3.54 -84.52
N HIS AB 61 -29.85 -4.06 -84.48
CA HIS AB 61 -30.36 -4.86 -85.57
C HIS AB 61 -31.65 -4.24 -86.11
N VAL AB 62 -31.97 -4.56 -87.35
CA VAL AB 62 -33.18 -4.04 -87.99
C VAL AB 62 -33.86 -5.17 -88.75
N PRO AB 63 -35.16 -5.34 -88.58
CA PRO AB 63 -35.84 -6.44 -89.27
C PRO AB 63 -35.94 -6.18 -90.76
N ARG AB 64 -36.04 -7.28 -91.50
CA ARG AB 64 -36.17 -7.21 -92.95
C ARG AB 64 -37.65 -7.23 -93.35
N CYS AB 65 -38.37 -6.21 -92.88
CA CYS AB 65 -39.81 -6.15 -93.10
C CYS AB 65 -40.20 -4.81 -93.68
N VAL AB 66 -41.25 -4.82 -94.50
CA VAL AB 66 -41.79 -3.63 -95.13
C VAL AB 66 -43.27 -3.56 -94.78
N PHE AB 67 -43.66 -2.55 -94.02
CA PHE AB 67 -45.04 -2.37 -93.60
C PHE AB 67 -45.67 -1.37 -94.56
N LEU AB 68 -46.52 -1.84 -95.45
CA LEU AB 68 -47.14 -1.03 -96.48
C LEU AB 68 -48.63 -0.98 -96.24
N ASP AB 69 -49.17 0.22 -96.13
CA ASP AB 69 -50.62 0.38 -95.97
C ASP AB 69 -51.00 1.78 -96.42
N LEU AB 70 -52.24 1.94 -96.84
CA LEU AB 70 -52.70 3.21 -97.37
C LEU AB 70 -53.27 4.11 -96.30
N GLU AB 71 -54.16 3.59 -95.45
CA GLU AB 71 -54.64 4.40 -94.35
C GLU AB 71 -53.54 4.53 -93.30
N PRO AB 72 -53.39 5.68 -92.71
CA PRO AB 72 -52.29 5.88 -91.78
C PRO AB 72 -52.53 5.20 -90.44
N THR AB 73 -53.79 4.98 -90.10
CA THR AB 73 -54.19 4.76 -88.71
C THR AB 73 -53.69 3.45 -88.11
N VAL AB 74 -53.17 2.53 -88.91
CA VAL AB 74 -52.61 1.31 -88.35
C VAL AB 74 -51.08 1.31 -88.40
N VAL AB 75 -50.47 2.06 -89.29
CA VAL AB 75 -49.03 2.13 -89.34
C VAL AB 75 -48.49 3.23 -88.42
N ASP AB 76 -49.19 4.36 -88.32
CA ASP AB 76 -48.69 5.45 -87.49
C ASP AB 76 -48.76 5.12 -86.02
N GLU AB 77 -49.57 4.14 -85.66
CA GLU AB 77 -49.66 3.76 -84.27
C GLU AB 77 -48.53 2.81 -83.92
N VAL AB 78 -47.89 2.21 -84.93
CA VAL AB 78 -46.66 1.48 -84.72
C VAL AB 78 -45.50 2.43 -84.48
N ARG AB 79 -45.42 3.52 -85.25
CA ARG AB 79 -44.24 4.39 -85.19
C ARG AB 79 -44.23 5.18 -83.88
N THR AB 80 -45.38 5.31 -83.23
CA THR AB 80 -45.46 5.88 -81.90
C THR AB 80 -45.56 4.82 -80.81
N GLY AB 81 -45.51 3.55 -81.18
CA GLY AB 81 -45.64 2.48 -80.21
C GLY AB 81 -44.31 2.13 -79.57
N THR AB 82 -44.29 1.00 -78.90
CA THR AB 82 -43.07 0.59 -78.22
C THR AB 82 -42.01 0.06 -79.17
N TYR AB 83 -42.39 -0.46 -80.33
CA TYR AB 83 -41.39 -0.83 -81.31
C TYR AB 83 -41.15 0.32 -82.28
N ARG AB 84 -40.94 1.50 -81.70
CA ARG AB 84 -40.71 2.69 -82.51
C ARG AB 84 -39.36 2.61 -83.19
N HIS AB 85 -38.36 2.12 -82.48
CA HIS AB 85 -36.99 2.16 -82.96
C HIS AB 85 -36.50 0.81 -83.45
N LEU AB 86 -37.36 -0.19 -83.50
CA LEU AB 86 -36.96 -1.45 -84.10
C LEU AB 86 -36.81 -1.30 -85.60
N PHE AB 87 -37.79 -0.69 -86.24
CA PHE AB 87 -37.81 -0.58 -87.68
C PHE AB 87 -37.07 0.66 -88.13
N HIS AB 88 -36.46 0.57 -89.28
CA HIS AB 88 -35.95 1.75 -89.93
C HIS AB 88 -37.13 2.64 -90.32
N PRO AB 89 -37.05 3.95 -90.06
CA PRO AB 89 -38.21 4.81 -90.29
C PRO AB 89 -38.68 4.88 -91.72
N GLU AB 90 -37.84 4.58 -92.70
CA GLU AB 90 -38.32 4.55 -94.07
C GLU AB 90 -39.15 3.29 -94.32
N GLN AB 91 -38.88 2.20 -93.60
CA GLN AB 91 -39.57 0.94 -93.84
C GLN AB 91 -41.04 0.97 -93.46
N LEU AB 92 -41.49 1.97 -92.72
CA LEU AB 92 -42.90 2.12 -92.40
C LEU AB 92 -43.50 3.07 -93.43
N ILE AB 93 -44.00 2.51 -94.53
CA ILE AB 93 -44.56 3.26 -95.63
C ILE AB 93 -46.05 3.40 -95.42
N SER AB 94 -46.55 4.63 -95.42
CA SER AB 94 -47.96 4.90 -95.24
C SER AB 94 -48.45 5.79 -96.37
N GLY AB 95 -49.75 5.71 -96.66
CA GLY AB 95 -50.33 6.47 -97.75
C GLY AB 95 -51.18 7.62 -97.29
N LYS AB 96 -52.28 7.87 -98.01
CA LYS AB 96 -53.13 9.01 -97.71
C LYS AB 96 -54.52 8.61 -97.27
N GLU AB 97 -55.19 7.74 -98.01
CA GLU AB 97 -56.55 7.37 -97.65
C GLU AB 97 -56.83 5.95 -98.08
N ASP AB 98 -57.95 5.42 -97.59
CA ASP AB 98 -58.19 3.99 -97.58
C ASP AB 98 -58.47 3.46 -98.97
N ALA AB 99 -58.22 2.16 -99.15
CA ALA AB 99 -58.73 1.49 -100.32
C ALA AB 99 -60.22 1.27 -100.21
N ALA AB 100 -60.73 1.19 -98.97
CA ALA AB 100 -62.15 1.13 -98.65
C ALA AB 100 -62.82 -0.08 -99.32
N ASN AB 101 -62.26 -1.25 -99.05
CA ASN AB 101 -62.82 -2.54 -99.43
C ASN AB 101 -63.07 -2.62 -100.94
N ASN AB 102 -62.34 -1.84 -101.71
CA ASN AB 102 -62.55 -1.70 -103.13
C ASN AB 102 -61.29 -2.19 -103.83
N PHE AB 103 -61.39 -3.31 -104.54
CA PHE AB 103 -60.25 -3.84 -105.25
C PHE AB 103 -59.80 -2.90 -106.36
N ALA AB 104 -60.73 -2.15 -106.94
CA ALA AB 104 -60.34 -1.18 -107.95
C ALA AB 104 -59.52 -0.06 -107.37
N ARG AB 105 -59.74 0.25 -106.10
CA ARG AB 105 -59.04 1.34 -105.48
C ARG AB 105 -57.59 0.98 -105.19
N GLY AB 106 -57.36 -0.19 -104.62
CA GLY AB 106 -56.00 -0.56 -104.24
C GLY AB 106 -55.15 -1.08 -105.37
N HIS AB 107 -55.75 -1.32 -106.53
CA HIS AB 107 -55.03 -1.88 -107.66
C HIS AB 107 -54.90 -0.90 -108.82
N TYR AB 108 -55.71 0.11 -108.87
CA TYR AB 108 -55.63 1.01 -110.01
C TYR AB 108 -55.55 2.47 -109.62
N THR AB 109 -56.28 2.91 -108.60
CA THR AB 109 -56.40 4.34 -108.38
C THR AB 109 -55.34 4.87 -107.42
N ILE AB 110 -55.34 4.39 -106.18
CA ILE AB 110 -54.49 4.98 -105.17
C ILE AB 110 -53.22 4.16 -104.94
N GLY AB 111 -53.24 2.86 -105.21
CA GLY AB 111 -52.07 2.07 -104.97
C GLY AB 111 -50.96 2.27 -105.97
N LYS AB 112 -51.23 2.94 -107.08
CA LYS AB 112 -50.21 3.09 -108.12
C LYS AB 112 -49.09 4.01 -107.67
N GLU AB 113 -49.38 5.00 -106.84
CA GLU AB 113 -48.34 5.92 -106.42
C GLU AB 113 -47.42 5.30 -105.38
N ILE AB 114 -47.94 4.43 -104.52
CA ILE AB 114 -47.19 3.99 -103.36
C ILE AB 114 -46.42 2.70 -103.59
N VAL AB 115 -46.71 1.97 -104.68
CA VAL AB 115 -45.95 0.78 -104.98
C VAL AB 115 -44.50 1.12 -105.29
N ASP AB 116 -44.29 2.24 -105.99
CA ASP AB 116 -42.94 2.64 -106.38
C ASP AB 116 -42.07 2.93 -105.16
N LEU AB 117 -42.66 3.53 -104.13
CA LEU AB 117 -41.92 3.75 -102.90
C LEU AB 117 -41.63 2.44 -102.20
N SER AB 118 -42.52 1.46 -102.34
CA SER AB 118 -42.30 0.17 -101.70
C SER AB 118 -41.26 -0.66 -102.45
N LEU AB 119 -41.33 -0.67 -103.78
CA LEU AB 119 -40.34 -1.41 -104.56
C LEU AB 119 -38.95 -0.83 -104.41
N ASP AB 120 -38.84 0.50 -104.32
CA ASP AB 120 -37.52 1.09 -104.10
C ASP AB 120 -36.99 0.71 -102.73
N ARG AB 121 -37.87 0.60 -101.74
CA ARG AB 121 -37.42 0.17 -100.42
C ARG AB 121 -37.02 -1.30 -100.43
N ILE AB 122 -37.82 -2.15 -101.08
CA ILE AB 122 -37.52 -3.57 -101.02
C ILE AB 122 -36.30 -3.91 -101.85
N ARG AB 123 -36.00 -3.11 -102.88
CA ARG AB 123 -34.79 -3.34 -103.66
C ARG AB 123 -33.57 -2.96 -102.87
N LYS AB 124 -33.70 -1.97 -101.99
CA LYS AB 124 -32.60 -1.61 -101.11
C LYS AB 124 -32.36 -2.68 -100.08
N LEU AB 125 -33.37 -3.49 -99.78
CA LEU AB 125 -33.22 -4.48 -98.72
C LEU AB 125 -32.66 -5.78 -99.26
N ALA AB 126 -32.96 -6.12 -100.51
CA ALA AB 126 -32.58 -7.41 -101.06
C ALA AB 126 -31.16 -7.42 -101.61
N ASP AB 127 -30.67 -6.31 -102.11
CA ASP AB 127 -29.42 -6.29 -102.85
C ASP AB 127 -28.20 -6.11 -101.97
N ASN AB 128 -28.34 -6.22 -100.65
CA ASN AB 128 -27.14 -6.17 -99.82
C ASN AB 128 -26.35 -7.48 -99.90
N CYS AB 129 -27.06 -8.62 -99.93
CA CYS AB 129 -26.42 -9.92 -100.03
C CYS AB 129 -27.22 -10.81 -100.97
N THR AB 130 -26.51 -11.75 -101.58
CA THR AB 130 -27.17 -12.72 -102.43
C THR AB 130 -27.55 -13.95 -101.62
N GLY AB 131 -28.33 -14.83 -102.25
CA GLY AB 131 -28.85 -15.97 -101.54
C GLY AB 131 -30.23 -15.70 -100.99
N LEU AB 132 -31.05 -14.97 -101.74
CA LEU AB 132 -32.41 -14.68 -101.34
C LEU AB 132 -33.25 -15.95 -101.43
N GLN AB 133 -33.80 -16.38 -100.30
CA GLN AB 133 -34.63 -17.57 -100.31
C GLN AB 133 -35.99 -17.31 -100.93
N GLY AB 134 -36.60 -16.17 -100.59
CA GLY AB 134 -37.92 -15.89 -101.12
C GLY AB 134 -38.55 -14.69 -100.44
N PHE AB 135 -39.88 -14.64 -100.52
CA PHE AB 135 -40.66 -13.55 -99.94
C PHE AB 135 -41.72 -14.12 -99.00
N LEU AB 136 -42.14 -13.31 -98.04
CA LEU AB 136 -43.17 -13.68 -97.08
C LEU AB 136 -44.17 -12.54 -97.01
N MET AB 137 -45.14 -12.51 -97.92
CA MET AB 137 -46.08 -11.41 -97.98
C MET AB 137 -47.35 -11.82 -97.25
N PHE AB 138 -47.72 -11.04 -96.25
CA PHE AB 138 -48.92 -11.31 -95.46
C PHE AB 138 -50.04 -10.41 -95.94
N ASN AB 139 -51.16 -11.02 -96.31
CA ASN AB 139 -52.28 -10.26 -96.82
C ASN AB 139 -53.58 -10.90 -96.42
N ALA AB 140 -54.64 -10.12 -96.48
CA ALA AB 140 -55.99 -10.64 -96.38
C ALA AB 140 -56.47 -11.00 -97.77
N VAL AB 141 -57.75 -11.32 -97.89
CA VAL AB 141 -58.34 -11.67 -99.17
C VAL AB 141 -59.45 -10.70 -99.54
N GLY AB 142 -60.28 -10.33 -98.58
CA GLY AB 142 -61.40 -9.46 -98.86
C GLY AB 142 -61.18 -7.99 -98.67
N GLY AB 143 -60.07 -7.60 -98.08
CA GLY AB 143 -59.78 -6.18 -97.99
C GLY AB 143 -59.45 -5.60 -99.35
N GLY AB 144 -59.77 -4.31 -99.51
CA GLY AB 144 -59.37 -3.62 -100.72
C GLY AB 144 -57.87 -3.45 -100.82
N THR AB 145 -57.23 -3.10 -99.70
CA THR AB 145 -55.77 -2.93 -99.71
C THR AB 145 -55.07 -4.26 -99.88
N GLY AB 146 -55.45 -5.25 -99.08
CA GLY AB 146 -54.75 -6.52 -99.07
C GLY AB 146 -54.89 -7.31 -100.34
N SER AB 147 -55.97 -7.08 -101.08
CA SER AB 147 -56.11 -7.71 -102.38
C SER AB 147 -55.65 -6.80 -103.51
N GLY AB 148 -56.02 -5.52 -103.46
CA GLY AB 148 -55.65 -4.62 -104.53
C GLY AB 148 -54.15 -4.37 -104.60
N LEU AB 149 -53.53 -4.02 -103.48
CA LEU AB 149 -52.10 -3.85 -103.50
C LEU AB 149 -51.38 -5.19 -103.57
N GLY AB 150 -52.04 -6.26 -103.17
CA GLY AB 150 -51.41 -7.57 -103.22
C GLY AB 150 -51.12 -8.04 -104.63
N CYS AB 151 -52.10 -7.88 -105.52
CA CYS AB 151 -51.86 -8.18 -106.93
C CYS AB 151 -50.83 -7.24 -107.52
N LEU AB 152 -50.97 -5.94 -107.23
CA LEU AB 152 -50.08 -4.95 -107.81
C LEU AB 152 -48.65 -5.09 -107.32
N LEU AB 153 -48.47 -5.53 -106.07
CA LEU AB 153 -47.12 -5.74 -105.58
C LEU AB 153 -46.48 -6.95 -106.24
N LEU AB 154 -47.24 -8.03 -106.40
CA LEU AB 154 -46.63 -9.22 -107.00
C LEU AB 154 -46.51 -9.14 -108.51
N GLU AB 155 -47.21 -8.24 -109.19
CA GLU AB 155 -46.93 -8.05 -110.61
C GLU AB 155 -45.54 -7.50 -110.80
N ARG AB 156 -45.12 -6.60 -109.93
CA ARG AB 156 -43.80 -6.01 -110.05
C ARG AB 156 -42.71 -6.97 -109.58
N LEU AB 157 -42.97 -7.72 -108.51
CA LEU AB 157 -41.92 -8.60 -107.99
C LEU AB 157 -41.70 -9.82 -108.88
N SER AB 158 -42.72 -10.23 -109.62
CA SER AB 158 -42.54 -11.37 -110.51
C SER AB 158 -41.70 -10.99 -111.73
N VAL AB 159 -41.83 -9.76 -112.22
CA VAL AB 159 -41.22 -9.42 -113.49
C VAL AB 159 -39.73 -9.18 -113.35
N ASP AB 160 -39.22 -8.89 -112.15
CA ASP AB 160 -37.79 -8.75 -112.01
C ASP AB 160 -37.16 -9.88 -111.19
N TYR AB 161 -37.80 -10.29 -110.09
CA TYR AB 161 -37.33 -11.42 -109.29
C TYR AB 161 -38.10 -12.65 -109.75
N GLY AB 162 -37.83 -13.09 -110.97
CA GLY AB 162 -38.63 -14.16 -111.53
C GLY AB 162 -38.27 -15.54 -111.05
N LYS AB 163 -37.10 -15.71 -110.46
CA LYS AB 163 -36.61 -17.05 -110.14
C LYS AB 163 -36.65 -17.34 -108.66
N LYS AB 164 -37.43 -16.59 -107.89
CA LYS AB 164 -37.47 -16.74 -106.44
C LYS AB 164 -38.88 -17.06 -106.00
N SER AB 165 -38.96 -17.93 -105.00
CA SER AB 165 -40.25 -18.36 -104.46
C SER AB 165 -40.91 -17.24 -103.69
N LYS AB 166 -42.23 -17.33 -103.58
CA LYS AB 166 -43.02 -16.34 -102.86
C LYS AB 166 -44.02 -17.07 -101.99
N LEU AB 167 -44.09 -16.71 -100.72
CA LEU AB 167 -44.95 -17.34 -99.75
C LEU AB 167 -46.02 -16.32 -99.37
N ASN AB 168 -47.18 -16.38 -99.99
CA ASN AB 168 -48.26 -15.45 -99.69
C ASN AB 168 -49.17 -16.10 -98.66
N PHE AB 169 -49.41 -15.42 -97.55
CA PHE AB 169 -50.16 -16.03 -96.44
C PHE AB 169 -51.48 -15.28 -96.26
N CYS AB 170 -52.57 -15.89 -96.68
CA CYS AB 170 -53.84 -15.20 -96.90
C CYS AB 170 -54.84 -15.61 -95.84
N SER AB 171 -55.67 -14.66 -95.42
CA SER AB 171 -56.71 -14.89 -94.42
C SER AB 171 -58.05 -14.99 -95.13
N TRP AB 172 -58.37 -16.18 -95.60
CA TRP AB 172 -59.52 -16.38 -96.47
C TRP AB 172 -60.83 -16.21 -95.70
N PRO AB 173 -61.89 -15.73 -96.35
CA PRO AB 173 -63.17 -15.57 -95.66
C PRO AB 173 -63.88 -16.88 -95.39
N SER AB 174 -64.42 -16.98 -94.18
CA SER AB 174 -65.09 -18.16 -93.68
C SER AB 174 -66.47 -18.30 -94.30
N PRO AB 175 -67.07 -19.49 -94.21
CA PRO AB 175 -68.43 -19.66 -94.74
C PRO AB 175 -69.49 -18.84 -94.02
N GLN AB 176 -69.50 -18.88 -92.69
CA GLN AB 176 -70.61 -18.30 -91.96
C GLN AB 176 -70.44 -16.81 -91.73
N VAL AB 177 -69.27 -16.38 -91.28
CA VAL AB 177 -69.03 -15.04 -90.78
C VAL AB 177 -67.94 -14.39 -91.61
N SER AB 178 -68.10 -13.12 -91.95
CA SER AB 178 -67.03 -12.49 -92.69
C SER AB 178 -66.78 -11.01 -92.43
N THR AB 179 -67.55 -10.35 -91.55
CA THR AB 179 -67.37 -8.95 -91.10
C THR AB 179 -67.13 -7.93 -92.23
N ALA AB 180 -67.60 -8.23 -93.44
CA ALA AB 180 -67.71 -7.26 -94.53
C ALA AB 180 -68.73 -7.79 -95.51
N VAL AB 181 -69.18 -6.93 -96.42
CA VAL AB 181 -70.27 -7.28 -97.32
C VAL AB 181 -69.76 -7.63 -98.70
N VAL AB 182 -68.76 -6.91 -99.18
CA VAL AB 182 -68.30 -7.04 -100.56
C VAL AB 182 -67.19 -8.06 -100.69
N GLU AB 183 -66.99 -8.89 -99.70
CA GLU AB 183 -65.91 -9.86 -99.72
C GLU AB 183 -66.05 -11.03 -100.69
N PRO AB 184 -67.25 -11.52 -101.02
CA PRO AB 184 -67.32 -12.42 -102.17
C PRO AB 184 -66.80 -11.81 -103.45
N TYR AB 185 -66.99 -10.50 -103.66
CA TYR AB 185 -66.38 -9.84 -104.80
C TYR AB 185 -64.88 -9.76 -104.64
N ASN AB 186 -64.41 -9.31 -103.47
CA ASN AB 186 -62.99 -9.07 -103.29
C ASN AB 186 -62.18 -10.35 -103.26
N SER AB 187 -62.83 -11.50 -103.07
CA SER AB 187 -62.10 -12.75 -103.01
C SER AB 187 -61.78 -13.28 -104.39
N VAL AB 188 -62.78 -13.39 -105.26
CA VAL AB 188 -62.61 -14.00 -106.57
C VAL AB 188 -61.67 -13.16 -107.43
N LEU AB 189 -61.76 -11.84 -107.30
CA LEU AB 189 -60.83 -10.97 -108.00
C LEU AB 189 -59.42 -11.12 -107.48
N SER AB 190 -59.26 -11.41 -106.19
CA SER AB 190 -57.92 -11.59 -105.66
C SER AB 190 -57.33 -12.92 -106.11
N THR AB 191 -58.12 -13.99 -106.06
CA THR AB 191 -57.57 -15.31 -106.35
C THR AB 191 -57.28 -15.52 -107.83
N HIS AB 192 -57.78 -14.66 -108.71
CA HIS AB 192 -57.41 -14.79 -110.11
C HIS AB 192 -55.97 -14.37 -110.32
N SER AB 193 -55.60 -13.25 -109.74
CA SER AB 193 -54.25 -12.75 -109.86
C SER AB 193 -53.27 -13.44 -108.92
N LEU AB 194 -53.76 -14.25 -108.00
CA LEU AB 194 -52.92 -15.00 -107.08
C LEU AB 194 -52.84 -16.47 -107.44
N LEU AB 195 -53.14 -16.83 -108.69
CA LEU AB 195 -52.67 -18.09 -109.24
C LEU AB 195 -51.29 -17.94 -109.84
N GLU AB 196 -51.10 -16.93 -110.67
CA GLU AB 196 -49.93 -16.86 -111.53
C GLU AB 196 -48.83 -15.98 -110.95
N HIS AB 197 -48.97 -15.50 -109.73
CA HIS AB 197 -47.95 -14.67 -109.14
C HIS AB 197 -47.29 -15.29 -107.91
N THR AB 198 -47.89 -16.30 -107.32
CA THR AB 198 -47.38 -16.88 -106.10
C THR AB 198 -47.10 -18.36 -106.30
N ASP AB 199 -46.29 -18.91 -105.42
CA ASP AB 199 -45.84 -20.29 -105.51
C ASP AB 199 -46.45 -21.17 -104.44
N VAL AB 200 -46.52 -20.69 -103.21
CA VAL AB 200 -47.12 -21.37 -102.08
C VAL AB 200 -48.02 -20.40 -101.35
N ALA AB 201 -49.30 -20.73 -101.25
CA ALA AB 201 -50.26 -19.87 -100.56
C ALA AB 201 -51.00 -20.69 -99.52
N VAL AB 202 -50.85 -20.32 -98.26
CA VAL AB 202 -51.56 -21.02 -97.21
C VAL AB 202 -52.91 -20.32 -97.03
N MET AB 203 -53.87 -21.06 -96.53
CA MET AB 203 -55.19 -20.54 -96.23
C MET AB 203 -55.40 -20.56 -94.73
N LEU AB 204 -55.66 -19.40 -94.16
CA LEU AB 204 -55.98 -19.28 -92.75
C LEU AB 204 -57.37 -18.67 -92.63
N ASP AB 205 -58.17 -19.22 -91.73
CA ASP AB 205 -59.58 -18.86 -91.61
C ASP AB 205 -59.84 -18.34 -90.21
N ASN AB 206 -60.64 -17.29 -90.12
CA ASN AB 206 -60.86 -16.66 -88.83
C ASN AB 206 -61.74 -17.50 -87.93
N GLU AB 207 -62.81 -18.08 -88.47
CA GLU AB 207 -63.65 -18.87 -87.59
C GLU AB 207 -63.07 -20.24 -87.30
N ALA AB 208 -62.09 -20.69 -88.08
CA ALA AB 208 -61.38 -21.92 -87.74
C ALA AB 208 -60.50 -21.71 -86.52
N ILE AB 209 -59.78 -20.59 -86.47
CA ILE AB 209 -58.99 -20.28 -85.30
C ILE AB 209 -59.89 -19.91 -84.14
N TYR AB 210 -61.09 -19.39 -84.43
CA TYR AB 210 -62.06 -19.11 -83.37
C TYR AB 210 -62.47 -20.38 -82.66
N ASP AB 211 -62.73 -21.45 -83.41
CA ASP AB 211 -63.17 -22.70 -82.79
C ASP AB 211 -62.00 -23.43 -82.15
N ILE AB 212 -60.82 -23.30 -82.73
CA ILE AB 212 -59.61 -23.84 -82.11
C ILE AB 212 -59.36 -23.17 -80.78
N CYS AB 213 -59.57 -21.87 -80.72
CA CYS AB 213 -59.25 -21.12 -79.52
C CYS AB 213 -60.33 -21.31 -78.47
N ARG AB 214 -61.43 -21.97 -78.80
CA ARG AB 214 -62.49 -22.22 -77.83
C ARG AB 214 -62.42 -23.61 -77.22
N ARG AB 215 -61.98 -24.62 -77.97
CA ARG AB 215 -61.99 -25.98 -77.46
C ARG AB 215 -60.63 -26.43 -76.96
N ASN AB 216 -59.58 -25.65 -77.18
CA ASN AB 216 -58.24 -25.97 -76.69
C ASN AB 216 -57.76 -24.97 -75.65
N LEU AB 217 -57.80 -23.67 -75.98
CA LEU AB 217 -57.41 -22.62 -75.06
C LEU AB 217 -58.58 -22.09 -74.25
N ASP AB 218 -59.74 -22.75 -74.34
CA ASP AB 218 -61.01 -22.52 -73.62
C ASP AB 218 -61.25 -21.06 -73.20
N ILE AB 219 -61.13 -20.16 -74.16
CA ILE AB 219 -61.59 -18.79 -74.01
C ILE AB 219 -62.70 -18.52 -75.01
N GLU AB 220 -63.84 -18.05 -74.50
CA GLU AB 220 -65.03 -17.87 -75.32
C GLU AB 220 -65.11 -16.52 -75.98
N ARG AB 221 -64.23 -15.58 -75.66
CA ARG AB 221 -64.22 -14.26 -76.29
C ARG AB 221 -62.82 -13.87 -76.76
N PRO AB 222 -62.27 -14.53 -77.78
CA PRO AB 222 -60.96 -14.14 -78.27
C PRO AB 222 -61.05 -13.15 -79.41
N THR AB 223 -60.18 -12.15 -79.36
CA THR AB 223 -60.15 -11.08 -80.33
C THR AB 223 -58.97 -11.25 -81.28
N TYR AB 224 -58.71 -10.23 -82.09
CA TYR AB 224 -57.68 -10.33 -83.11
C TYR AB 224 -56.28 -10.53 -82.54
N THR AB 225 -56.02 -10.05 -81.34
CA THR AB 225 -54.65 -10.17 -80.86
C THR AB 225 -54.32 -11.59 -80.42
N ASN AB 226 -55.30 -12.38 -80.01
CA ASN AB 226 -55.01 -13.75 -79.64
C ASN AB 226 -54.91 -14.64 -80.85
N LEU AB 227 -55.59 -14.27 -81.93
CA LEU AB 227 -55.49 -15.06 -83.16
C LEU AB 227 -54.14 -14.88 -83.82
N ASN AB 228 -53.58 -13.68 -83.75
CA ASN AB 228 -52.32 -13.42 -84.42
C ASN AB 228 -51.14 -14.06 -83.70
N ARG AB 229 -51.25 -14.30 -82.39
CA ARG AB 229 -50.21 -15.05 -81.69
C ARG AB 229 -50.14 -16.48 -82.18
N LEU AB 230 -51.30 -17.09 -82.44
CA LEU AB 230 -51.32 -18.46 -82.96
C LEU AB 230 -50.75 -18.52 -84.36
N ILE AB 231 -51.06 -17.52 -85.18
CA ILE AB 231 -50.52 -17.50 -86.53
C ILE AB 231 -49.03 -17.27 -86.50
N ALA AB 232 -48.56 -16.44 -85.57
CA ALA AB 232 -47.13 -16.16 -85.48
C ALA AB 232 -46.35 -17.40 -85.08
N GLN AB 233 -46.97 -18.31 -84.33
CA GLN AB 233 -46.28 -19.53 -83.95
C GLN AB 233 -46.15 -20.47 -85.14
N VAL AB 234 -47.13 -20.46 -86.03
CA VAL AB 234 -47.04 -21.28 -87.24
C VAL AB 234 -45.96 -20.71 -88.16
N ILE AB 235 -45.79 -19.39 -88.17
CA ILE AB 235 -44.69 -18.79 -88.92
C ILE AB 235 -43.35 -19.24 -88.35
N SER AB 236 -43.19 -19.13 -87.04
CA SER AB 236 -41.89 -19.38 -86.43
C SER AB 236 -41.50 -20.83 -86.52
N SER AB 237 -42.46 -21.74 -86.43
CA SER AB 237 -42.14 -23.14 -86.62
C SER AB 237 -41.85 -23.44 -88.08
N LEU AB 238 -42.39 -22.64 -88.99
CA LEU AB 238 -42.23 -22.92 -90.40
C LEU AB 238 -40.85 -22.52 -90.87
N THR AB 239 -40.33 -21.41 -90.35
CA THR AB 239 -39.02 -20.90 -90.69
C THR AB 239 -37.98 -21.19 -89.63
N ALA AB 240 -38.16 -22.26 -88.86
CA ALA AB 240 -37.17 -22.61 -87.86
C ALA AB 240 -35.91 -23.16 -88.48
N SER AB 241 -35.98 -23.73 -89.67
CA SER AB 241 -34.81 -24.35 -90.28
C SER AB 241 -33.95 -23.35 -91.03
N LEU AB 242 -34.40 -22.12 -91.19
CA LEU AB 242 -33.53 -21.06 -91.64
C LEU AB 242 -32.76 -20.39 -90.51
N ARG AB 243 -33.16 -20.59 -89.26
CA ARG AB 243 -32.52 -19.94 -88.11
C ARG AB 243 -31.72 -20.91 -87.25
N PHE AB 244 -32.35 -21.97 -86.77
CA PHE AB 244 -31.73 -22.87 -85.82
C PHE AB 244 -31.25 -24.13 -86.51
N ASP AB 245 -30.21 -24.74 -85.95
CA ASP AB 245 -29.70 -25.99 -86.47
C ASP AB 245 -30.68 -27.12 -86.17
N GLY AB 246 -30.68 -28.13 -87.04
CA GLY AB 246 -31.66 -29.19 -86.91
C GLY AB 246 -31.04 -30.56 -87.13
N ALA AB 247 -31.75 -31.57 -86.63
CA ALA AB 247 -31.43 -32.95 -86.96
C ALA AB 247 -31.83 -33.28 -88.38
N LEU AB 248 -32.86 -32.63 -88.90
CA LEU AB 248 -33.29 -32.83 -90.28
C LEU AB 248 -34.04 -31.57 -90.70
N ASN AB 249 -33.39 -30.72 -91.47
CA ASN AB 249 -33.88 -29.37 -91.74
C ASN AB 249 -34.43 -29.26 -93.16
N VAL AB 250 -35.51 -28.48 -93.29
CA VAL AB 250 -36.21 -28.27 -94.56
C VAL AB 250 -36.43 -26.78 -94.78
N ASP AB 251 -35.98 -26.25 -95.92
CA ASP AB 251 -36.00 -24.81 -96.11
C ASP AB 251 -37.09 -24.40 -97.09
N VAL AB 252 -37.15 -23.09 -97.35
CA VAL AB 252 -38.26 -22.50 -98.07
C VAL AB 252 -38.30 -22.97 -99.52
N THR AB 253 -37.14 -23.18 -100.12
CA THR AB 253 -37.11 -23.58 -101.53
C THR AB 253 -37.60 -25.02 -101.72
N GLU AB 254 -37.55 -25.85 -100.68
CA GLU AB 254 -37.98 -27.23 -100.87
C GLU AB 254 -39.33 -27.55 -100.24
N PHE AB 255 -39.97 -26.59 -99.58
CA PHE AB 255 -41.41 -26.66 -99.41
C PHE AB 255 -42.07 -26.55 -100.77
N GLN AB 256 -41.45 -25.80 -101.66
CA GLN AB 256 -42.04 -25.41 -102.92
C GLN AB 256 -41.90 -26.50 -103.96
N THR AB 257 -41.07 -27.51 -103.70
CA THR AB 257 -40.89 -28.64 -104.58
C THR AB 257 -41.48 -29.93 -104.04
N ASN AB 258 -41.93 -29.93 -102.80
CA ASN AB 258 -42.46 -31.13 -102.19
C ASN AB 258 -43.97 -31.13 -102.09
N LEU AB 259 -44.57 -29.96 -101.95
CA LEU AB 259 -45.99 -29.88 -101.69
C LEU AB 259 -46.80 -29.38 -102.87
N VAL AB 260 -46.17 -29.02 -103.98
CA VAL AB 260 -46.91 -28.49 -105.10
C VAL AB 260 -46.77 -29.47 -106.26
N PRO AB 261 -47.69 -30.40 -106.44
CA PRO AB 261 -47.49 -31.44 -107.45
C PRO AB 261 -47.70 -30.96 -108.86
N TYR AB 262 -48.67 -30.08 -109.04
CA TYR AB 262 -49.08 -29.57 -110.34
C TYR AB 262 -48.93 -28.06 -110.31
N PRO AB 263 -48.74 -27.40 -111.47
CA PRO AB 263 -48.32 -26.00 -111.45
C PRO AB 263 -49.30 -25.02 -110.83
N ARG AB 264 -50.57 -25.37 -110.68
CA ARG AB 264 -51.52 -24.46 -110.08
C ARG AB 264 -52.17 -24.98 -108.82
N ILE AB 265 -51.93 -26.24 -108.44
CA ILE AB 265 -52.54 -26.81 -107.24
C ILE AB 265 -51.57 -26.53 -106.10
N HIS AB 266 -51.66 -25.31 -105.57
CA HIS AB 266 -50.66 -24.87 -104.61
C HIS AB 266 -51.26 -24.13 -103.45
N PHE AB 267 -52.52 -24.39 -103.14
CA PHE AB 267 -53.17 -23.84 -101.96
C PHE AB 267 -53.13 -24.92 -100.89
N MET AB 268 -52.67 -24.57 -99.69
CA MET AB 268 -52.55 -25.56 -98.64
C MET AB 268 -53.08 -25.04 -97.30
N LEU AB 269 -53.52 -25.97 -96.47
CA LEU AB 269 -54.01 -25.66 -95.14
C LEU AB 269 -52.85 -25.61 -94.17
N SER AB 270 -53.15 -25.50 -92.88
CA SER AB 270 -52.13 -25.55 -91.86
C SER AB 270 -52.75 -25.97 -90.54
N SER AB 271 -51.95 -26.60 -89.69
CA SER AB 271 -52.41 -26.92 -88.35
C SER AB 271 -51.22 -26.97 -87.42
N TYR AB 272 -51.50 -26.79 -86.12
CA TYR AB 272 -50.47 -26.75 -85.11
C TYR AB 272 -50.90 -27.62 -83.95
N ALA AB 273 -49.94 -28.22 -83.30
CA ALA AB 273 -50.21 -29.06 -82.14
C ALA AB 273 -48.98 -29.13 -81.26
N PRO AB 274 -49.09 -28.91 -79.96
CA PRO AB 274 -50.30 -28.60 -79.22
C PRO AB 274 -50.53 -27.11 -79.06
N ILE AB 275 -51.79 -26.74 -78.90
CA ILE AB 275 -52.18 -25.39 -78.52
C ILE AB 275 -52.88 -25.56 -77.19
N ILE AB 276 -52.13 -25.53 -76.10
CA ILE AB 276 -52.66 -25.88 -74.80
C ILE AB 276 -52.32 -24.81 -73.79
N SER AB 277 -53.19 -24.67 -72.79
CA SER AB 277 -53.07 -23.63 -71.79
C SER AB 277 -52.25 -24.14 -70.60
N ALA AB 278 -52.09 -23.28 -69.59
CA ALA AB 278 -51.22 -23.61 -68.47
C ALA AB 278 -51.80 -24.72 -67.60
N GLU AB 279 -53.11 -24.89 -67.59
CA GLU AB 279 -53.72 -25.93 -66.76
C GLU AB 279 -53.75 -27.28 -67.44
N LYS AB 280 -54.09 -27.33 -68.72
CA LYS AB 280 -54.13 -28.60 -69.40
C LYS AB 280 -52.74 -29.16 -69.67
N ALA AB 281 -51.71 -28.31 -69.66
CA ALA AB 281 -50.36 -28.80 -69.84
C ALA AB 281 -49.91 -29.61 -68.64
N TYR AB 282 -50.49 -29.33 -67.48
CA TYR AB 282 -50.18 -30.08 -66.28
C TYR AB 282 -50.60 -31.54 -66.42
N HIS AB 283 -51.75 -31.80 -67.01
CA HIS AB 283 -52.38 -33.11 -66.95
C HIS AB 283 -52.15 -33.96 -68.20
N GLU AB 284 -51.23 -33.59 -69.07
CA GLU AB 284 -50.88 -34.49 -70.16
C GLU AB 284 -49.40 -34.38 -70.46
N GLN AB 285 -48.77 -35.53 -70.70
CA GLN AB 285 -47.44 -35.56 -71.26
C GLN AB 285 -47.58 -35.58 -72.78
N LEU AB 286 -46.96 -34.61 -73.43
CA LEU AB 286 -47.27 -34.31 -74.81
C LEU AB 286 -46.33 -35.15 -75.68
N SER AB 287 -46.60 -36.44 -75.73
CA SER AB 287 -45.75 -37.34 -76.48
C SER AB 287 -45.85 -37.06 -77.96
N VAL AB 288 -44.82 -37.49 -78.69
CA VAL AB 288 -44.77 -37.18 -80.12
C VAL AB 288 -45.87 -37.91 -80.87
N ALA AB 289 -46.24 -39.10 -80.42
CA ALA AB 289 -47.37 -39.79 -81.02
C ALA AB 289 -48.69 -39.08 -80.70
N GLU AB 290 -48.78 -38.46 -79.52
CA GLU AB 290 -50.00 -37.75 -79.17
C GLU AB 290 -50.12 -36.44 -79.93
N ILE AB 291 -49.03 -35.69 -80.03
CA ILE AB 291 -49.09 -34.38 -80.68
C ILE AB 291 -49.07 -34.49 -82.19
N THR AB 292 -48.83 -35.67 -82.75
CA THR AB 292 -49.03 -35.85 -84.18
C THR AB 292 -50.40 -36.40 -84.52
N ASN AB 293 -51.11 -36.97 -83.55
CA ASN AB 293 -52.49 -37.36 -83.78
C ASN AB 293 -53.42 -36.17 -83.74
N SER AB 294 -53.14 -35.21 -82.84
CA SER AB 294 -53.93 -34.00 -82.78
C SER AB 294 -53.69 -33.09 -83.98
N ALA AB 295 -52.57 -33.28 -84.68
CA ALA AB 295 -52.31 -32.52 -85.88
C ALA AB 295 -53.29 -32.88 -86.98
N PHE AB 296 -53.66 -34.15 -87.07
CA PHE AB 296 -54.51 -34.63 -88.14
C PHE AB 296 -55.99 -34.63 -87.78
N GLU AB 297 -56.33 -34.23 -86.57
CA GLU AB 297 -57.74 -34.14 -86.16
C GLU AB 297 -58.43 -33.09 -87.03
N PRO AB 298 -59.57 -33.41 -87.64
CA PRO AB 298 -60.22 -32.45 -88.53
C PRO AB 298 -60.75 -31.22 -87.82
N ALA AB 299 -60.90 -31.24 -86.50
CA ALA AB 299 -61.30 -30.06 -85.77
C ALA AB 299 -60.13 -29.15 -85.45
N SER AB 300 -58.90 -29.57 -85.76
CA SER AB 300 -57.73 -28.78 -85.43
C SER AB 300 -57.12 -28.08 -86.64
N MET AB 301 -57.69 -28.26 -87.82
CA MET AB 301 -57.15 -27.59 -89.01
C MET AB 301 -57.53 -26.12 -88.94
N MET AB 302 -56.71 -25.29 -89.57
CA MET AB 302 -56.89 -23.84 -89.47
C MET AB 302 -57.52 -23.25 -90.72
N ALA AB 303 -58.46 -23.96 -91.33
CA ALA AB 303 -59.09 -23.43 -92.53
C ALA AB 303 -60.60 -23.55 -92.56
N LYS AB 304 -61.22 -24.29 -91.64
CA LYS AB 304 -62.66 -24.60 -91.63
C LYS AB 304 -63.05 -25.22 -92.96
N CYS AB 305 -62.36 -26.31 -93.28
CA CYS AB 305 -62.52 -27.01 -94.54
C CYS AB 305 -62.29 -28.48 -94.21
N ASP AB 306 -63.38 -29.23 -94.07
CA ASP AB 306 -63.31 -30.52 -93.41
C ASP AB 306 -62.56 -31.51 -94.30
N PRO AB 307 -61.43 -32.06 -93.85
CA PRO AB 307 -60.64 -32.93 -94.73
C PRO AB 307 -61.21 -34.33 -94.89
N ARG AB 308 -62.37 -34.61 -94.30
CA ARG AB 308 -62.92 -35.95 -94.37
C ARG AB 308 -63.40 -36.27 -95.78
N HIS AB 309 -63.96 -35.29 -96.48
CA HIS AB 309 -64.43 -35.48 -97.84
C HIS AB 309 -63.44 -34.92 -98.87
N GLY AB 310 -62.16 -35.07 -98.56
CA GLY AB 310 -61.12 -34.87 -99.55
C GLY AB 310 -60.00 -35.86 -99.28
N LYS AB 311 -59.19 -36.07 -100.31
CA LYS AB 311 -58.09 -37.02 -100.25
C LYS AB 311 -56.78 -36.26 -100.22
N TYR AB 312 -55.91 -36.62 -99.27
CA TYR AB 312 -54.66 -35.89 -99.07
C TYR AB 312 -53.71 -36.10 -100.23
N MET AB 313 -53.05 -35.02 -100.66
CA MET AB 313 -52.06 -35.14 -101.72
C MET AB 313 -50.67 -35.29 -101.13
N ALA AB 314 -50.21 -34.29 -100.39
CA ALA AB 314 -48.92 -34.35 -99.74
C ALA AB 314 -49.01 -33.59 -98.42
N CYS AB 315 -48.22 -34.01 -97.45
CA CYS AB 315 -48.27 -33.43 -96.14
C CYS AB 315 -46.85 -33.20 -95.63
N CYS AB 316 -46.65 -32.08 -94.95
CA CYS AB 316 -45.34 -31.67 -94.47
C CYS AB 316 -45.44 -31.42 -92.98
N LEU AB 317 -44.59 -32.07 -92.21
CA LEU AB 317 -44.67 -32.03 -90.76
C LEU AB 317 -43.37 -31.48 -90.19
N MET AB 318 -43.44 -30.32 -89.57
CA MET AB 318 -42.28 -29.68 -88.97
C MET AB 318 -42.30 -29.95 -87.47
N TYR AB 319 -41.47 -30.88 -87.04
CA TYR AB 319 -41.36 -31.17 -85.63
C TYR AB 319 -40.31 -30.25 -85.02
N ARG AB 320 -40.61 -29.73 -83.84
CA ARG AB 320 -39.79 -28.70 -83.23
C ARG AB 320 -39.60 -29.05 -81.77
N GLY AB 321 -38.36 -29.13 -81.31
CA GLY AB 321 -38.08 -29.37 -79.92
C GLY AB 321 -37.39 -30.69 -79.69
N ASP AB 322 -37.59 -31.24 -78.49
CA ASP AB 322 -36.95 -32.50 -78.10
C ASP AB 322 -37.67 -33.65 -78.80
N VAL AB 323 -37.33 -33.86 -80.07
CA VAL AB 323 -37.96 -34.88 -80.89
C VAL AB 323 -36.89 -35.83 -81.40
N VAL AB 324 -37.12 -37.13 -81.26
CA VAL AB 324 -36.18 -38.16 -81.72
C VAL AB 324 -36.77 -38.87 -82.92
N PRO AB 325 -35.96 -39.19 -83.92
CA PRO AB 325 -36.51 -39.80 -85.14
C PRO AB 325 -37.03 -41.22 -85.01
N LYS AB 326 -37.08 -41.84 -83.83
CA LYS AB 326 -37.97 -43.00 -83.71
C LYS AB 326 -39.38 -42.65 -83.35
N ASP AB 327 -39.61 -41.50 -82.74
CA ASP AB 327 -40.96 -41.13 -82.37
C ASP AB 327 -41.68 -40.44 -83.50
N VAL AB 328 -41.03 -40.31 -84.66
CA VAL AB 328 -41.66 -39.76 -85.83
C VAL AB 328 -41.85 -40.81 -86.90
N ASN AB 329 -40.85 -41.68 -87.06
CA ASN AB 329 -40.97 -42.80 -87.98
C ASN AB 329 -42.12 -43.73 -87.58
N ALA AB 330 -42.26 -43.98 -86.28
CA ALA AB 330 -43.39 -44.77 -85.81
C ALA AB 330 -44.69 -43.97 -85.86
N ALA AB 331 -44.60 -42.66 -85.70
CA ALA AB 331 -45.80 -41.83 -85.63
C ALA AB 331 -46.43 -41.68 -87.01
N VAL AB 332 -45.63 -41.43 -88.04
CA VAL AB 332 -46.15 -41.32 -89.39
C VAL AB 332 -46.73 -42.65 -89.86
N ALA AB 333 -46.16 -43.75 -89.39
CA ALA AB 333 -46.68 -45.07 -89.74
C ALA AB 333 -48.10 -45.27 -89.23
N THR AB 334 -48.35 -44.88 -87.97
CA THR AB 334 -49.68 -45.07 -87.38
C THR AB 334 -50.72 -44.23 -88.08
N ILE AB 335 -50.30 -43.10 -88.67
CA ILE AB 335 -51.22 -42.28 -89.43
C ILE AB 335 -51.62 -42.98 -90.71
N LYS AB 336 -50.69 -43.72 -91.32
CA LYS AB 336 -51.02 -44.48 -92.52
C LYS AB 336 -52.01 -45.59 -92.23
N THR AB 337 -51.89 -46.24 -91.07
CA THR AB 337 -52.76 -47.37 -90.76
C THR AB 337 -54.19 -46.95 -90.50
N LYS AB 338 -54.41 -45.72 -90.02
CA LYS AB 338 -55.77 -45.25 -89.83
C LYS AB 338 -56.44 -45.07 -91.19
N ARG AB 339 -57.67 -45.58 -91.29
CA ARG AB 339 -58.36 -45.60 -92.57
C ARG AB 339 -59.20 -44.36 -92.83
N THR AB 340 -59.34 -43.48 -91.83
CA THR AB 340 -60.05 -42.23 -92.07
C THR AB 340 -59.22 -41.26 -92.89
N ILE AB 341 -57.93 -41.17 -92.59
CA ILE AB 341 -56.99 -40.36 -93.37
C ILE AB 341 -56.78 -41.07 -94.70
N GLN AB 342 -57.40 -40.54 -95.75
CA GLN AB 342 -57.41 -41.19 -97.05
C GLN AB 342 -56.53 -40.38 -97.99
N PHE AB 343 -55.48 -41.01 -98.50
CA PHE AB 343 -54.60 -40.35 -99.44
C PHE AB 343 -55.06 -40.57 -100.87
N VAL AB 344 -54.41 -39.91 -101.79
CA VAL AB 344 -54.70 -40.08 -103.19
C VAL AB 344 -53.90 -41.28 -103.69
N ASP AB 345 -54.34 -41.88 -104.80
CA ASP AB 345 -53.80 -43.15 -105.26
C ASP AB 345 -52.39 -43.01 -105.81
N TRP AB 346 -52.08 -41.89 -106.45
CA TRP AB 346 -50.83 -41.78 -107.18
C TRP AB 346 -49.70 -41.21 -106.35
N CYS AB 347 -49.82 -41.13 -105.03
CA CYS AB 347 -48.78 -40.53 -104.20
C CYS AB 347 -48.42 -41.49 -103.09
N PRO AB 348 -47.57 -42.49 -103.37
CA PRO AB 348 -47.29 -43.51 -102.35
C PRO AB 348 -46.38 -43.00 -101.25
N THR AB 349 -45.36 -42.25 -101.60
CA THR AB 349 -44.58 -41.53 -100.61
C THR AB 349 -45.43 -40.35 -100.21
N GLY AB 350 -46.11 -40.44 -99.08
CA GLY AB 350 -47.09 -39.43 -98.79
C GLY AB 350 -46.65 -38.30 -97.90
N PHE AB 351 -45.54 -38.47 -97.19
CA PHE AB 351 -45.24 -37.58 -96.08
C PHE AB 351 -43.89 -36.89 -96.25
N LYS AB 352 -43.69 -35.87 -95.43
CA LYS AB 352 -42.48 -35.07 -95.43
C LYS AB 352 -42.21 -34.65 -93.99
N CYS AB 353 -40.98 -34.80 -93.54
CA CYS AB 353 -40.68 -34.67 -92.13
C CYS AB 353 -39.56 -33.67 -91.93
N GLY AB 354 -39.62 -32.95 -90.82
CA GLY AB 354 -38.56 -32.03 -90.47
C GLY AB 354 -38.46 -31.85 -88.97
N ILE AB 355 -37.28 -32.08 -88.43
CA ILE AB 355 -37.06 -32.06 -86.99
C ILE AB 355 -36.04 -30.98 -86.68
N ASN AB 356 -36.34 -30.14 -85.71
CA ASN AB 356 -35.46 -29.07 -85.27
C ASN AB 356 -35.31 -29.17 -83.75
N TYR AB 357 -34.24 -28.55 -83.24
CA TYR AB 357 -33.94 -28.72 -81.83
C TYR AB 357 -34.49 -27.61 -80.95
N GLN AB 358 -34.63 -26.41 -81.48
CA GLN AB 358 -35.00 -25.29 -80.63
C GLN AB 358 -36.48 -25.35 -80.29
N PRO AB 359 -36.86 -25.47 -79.02
CA PRO AB 359 -38.26 -25.65 -78.67
C PRO AB 359 -39.05 -24.38 -78.88
N PRO AB 360 -40.38 -24.44 -78.88
CA PRO AB 360 -41.17 -23.22 -79.05
C PRO AB 360 -40.97 -22.27 -77.89
N THR AB 361 -40.90 -20.98 -78.20
CA THR AB 361 -40.76 -19.96 -77.17
C THR AB 361 -42.12 -19.39 -76.82
N VAL AB 362 -42.21 -18.86 -75.60
CA VAL AB 362 -43.46 -18.40 -75.04
C VAL AB 362 -43.39 -16.89 -74.94
N VAL AB 363 -44.46 -16.23 -75.39
CA VAL AB 363 -44.63 -14.80 -75.17
C VAL AB 363 -45.22 -14.59 -73.79
N PRO AB 364 -44.52 -13.93 -72.87
CA PRO AB 364 -45.05 -13.78 -71.52
C PRO AB 364 -46.30 -12.93 -71.51
N GLY AB 365 -47.20 -13.27 -70.59
CA GLY AB 365 -48.49 -12.62 -70.57
C GLY AB 365 -49.42 -13.06 -71.67
N GLY AB 366 -49.08 -14.12 -72.40
CA GLY AB 366 -49.92 -14.58 -73.47
C GLY AB 366 -50.93 -15.60 -73.01
N ASP AB 367 -51.12 -16.66 -73.78
CA ASP AB 367 -52.04 -17.73 -73.41
C ASP AB 367 -51.49 -19.12 -73.59
N LEU AB 368 -50.45 -19.32 -74.40
CA LEU AB 368 -49.91 -20.66 -74.59
C LEU AB 368 -49.06 -21.07 -73.41
N ALA AB 369 -48.99 -22.37 -73.17
CA ALA AB 369 -48.12 -22.94 -72.17
C ALA AB 369 -46.83 -23.42 -72.84
N LYS AB 370 -45.73 -23.31 -72.11
CA LYS AB 370 -44.45 -23.73 -72.65
C LYS AB 370 -44.38 -25.25 -72.72
N VAL AB 371 -44.10 -25.75 -73.91
CA VAL AB 371 -44.06 -27.18 -74.17
C VAL AB 371 -42.68 -27.55 -74.66
N MET AB 372 -42.32 -28.81 -74.44
CA MET AB 372 -41.03 -29.30 -74.89
C MET AB 372 -40.98 -29.50 -76.39
N ARG AB 373 -42.12 -29.75 -77.02
CA ARG AB 373 -42.11 -30.20 -78.39
C ARG AB 373 -43.43 -29.83 -79.06
N ALA AB 374 -43.37 -29.59 -80.37
CA ALA AB 374 -44.56 -29.15 -81.10
C ALA AB 374 -44.45 -29.57 -82.55
N VAL AB 375 -45.59 -29.61 -83.22
CA VAL AB 375 -45.69 -29.99 -84.62
C VAL AB 375 -46.42 -28.91 -85.37
N CYS AB 376 -45.85 -28.45 -86.47
CA CYS AB 376 -46.55 -27.59 -87.41
C CYS AB 376 -46.81 -28.37 -88.67
N MET AB 377 -48.02 -28.32 -89.15
CA MET AB 377 -48.44 -29.05 -90.33
C MET AB 377 -48.78 -28.09 -91.44
N ILE AB 378 -48.37 -28.43 -92.66
CA ILE AB 378 -48.92 -27.84 -93.87
C ILE AB 378 -49.31 -28.98 -94.77
N SER AB 379 -50.58 -29.06 -95.13
CA SER AB 379 -51.09 -30.19 -95.88
C SER AB 379 -51.75 -29.73 -97.16
N ASN AB 380 -51.54 -30.49 -98.21
CA ASN AB 380 -52.19 -30.26 -99.50
C ASN AB 380 -53.22 -31.36 -99.70
N SER AB 381 -54.47 -30.97 -99.90
CA SER AB 381 -55.56 -31.92 -99.97
C SER AB 381 -56.55 -31.47 -101.01
N THR AB 382 -57.37 -32.40 -101.48
CA THR AB 382 -58.45 -32.05 -102.39
C THR AB 382 -59.66 -31.53 -101.67
N ALA AB 383 -59.57 -31.36 -100.36
CA ALA AB 383 -60.71 -30.85 -99.61
C ALA AB 383 -60.98 -29.39 -99.90
N ILE AB 384 -59.97 -28.66 -100.37
CA ILE AB 384 -60.05 -27.23 -100.58
C ILE AB 384 -61.05 -26.86 -101.65
N ALA AB 385 -61.51 -27.84 -102.43
CA ALA AB 385 -62.48 -27.59 -103.49
C ALA AB 385 -63.79 -27.02 -102.94
N GLU AB 386 -64.12 -27.31 -101.68
CA GLU AB 386 -65.35 -26.71 -101.15
C GLU AB 386 -65.16 -25.24 -100.82
N VAL AB 387 -63.94 -24.82 -100.49
CA VAL AB 387 -63.71 -23.42 -100.14
C VAL AB 387 -63.88 -22.55 -101.38
N PHE AB 388 -63.36 -23.03 -102.50
CA PHE AB 388 -63.52 -22.31 -103.75
C PHE AB 388 -64.91 -22.48 -104.33
N SER AB 389 -65.59 -23.57 -103.98
CA SER AB 389 -66.96 -23.75 -104.48
C SER AB 389 -67.93 -22.84 -103.75
N ARG AB 390 -67.80 -22.72 -102.43
CA ARG AB 390 -68.79 -21.95 -101.69
C ARG AB 390 -68.57 -20.46 -101.87
N MET AB 391 -67.33 -20.02 -102.11
CA MET AB 391 -67.14 -18.62 -102.41
C MET AB 391 -67.56 -18.30 -103.83
N ASP AB 392 -67.57 -19.31 -104.70
CA ASP AB 392 -68.11 -19.13 -106.03
C ASP AB 392 -69.63 -18.95 -105.99
N HIS AB 393 -70.30 -19.62 -105.06
CA HIS AB 393 -71.75 -19.49 -104.98
C HIS AB 393 -72.16 -18.16 -104.38
N LYS AB 394 -71.40 -17.66 -103.41
CA LYS AB 394 -71.68 -16.33 -102.86
C LYS AB 394 -71.45 -15.25 -103.90
N PHE AB 395 -70.56 -15.50 -104.84
CA PHE AB 395 -70.32 -14.53 -105.91
C PHE AB 395 -71.46 -14.52 -106.91
N ASP AB 396 -72.08 -15.68 -107.15
CA ASP AB 396 -73.03 -15.80 -108.24
C ASP AB 396 -74.33 -15.06 -107.93
N LEU AB 397 -74.78 -15.12 -106.67
CA LEU AB 397 -76.02 -14.44 -106.30
C LEU AB 397 -75.88 -12.93 -106.36
N MET AB 398 -74.74 -12.40 -105.93
CA MET AB 398 -74.56 -10.95 -105.91
C MET AB 398 -74.40 -10.39 -107.32
N TYR AB 399 -73.62 -11.06 -108.15
CA TYR AB 399 -73.41 -10.61 -109.51
C TYR AB 399 -74.59 -10.91 -110.43
N ALA AB 400 -75.54 -11.73 -110.00
CA ALA AB 400 -76.70 -12.04 -110.83
C ALA AB 400 -77.50 -10.80 -111.19
N LYS AB 401 -77.51 -9.80 -110.32
CA LYS AB 401 -78.07 -8.51 -110.68
C LYS AB 401 -77.22 -7.36 -110.14
N ARG AB 402 -75.90 -7.52 -110.23
CA ARG AB 402 -74.92 -6.43 -110.22
C ARG AB 402 -74.96 -5.60 -108.94
N ALA AB 403 -74.93 -6.27 -107.81
CA ALA AB 403 -74.77 -5.55 -106.56
C ALA AB 403 -73.34 -5.04 -106.47
N PHE AB 404 -73.19 -3.76 -106.11
CA PHE AB 404 -71.92 -3.11 -105.82
C PHE AB 404 -70.96 -3.08 -107.01
N VAL AB 405 -71.43 -3.39 -108.21
CA VAL AB 405 -70.54 -3.46 -109.36
C VAL AB 405 -70.06 -2.07 -109.74
N HIS AB 406 -70.94 -1.08 -109.62
CA HIS AB 406 -70.61 0.26 -110.09
C HIS AB 406 -69.56 0.94 -109.22
N TRP AB 407 -69.33 0.45 -108.01
CA TRP AB 407 -68.23 1.00 -107.22
C TRP AB 407 -66.89 0.53 -107.77
N TYR AB 408 -66.82 -0.71 -108.24
CA TYR AB 408 -65.60 -1.19 -108.88
C TYR AB 408 -65.45 -0.63 -110.28
N VAL AB 409 -66.55 -0.59 -111.03
CA VAL AB 409 -66.51 -0.20 -112.44
C VAL AB 409 -66.12 1.26 -112.57
N GLY AB 410 -66.75 2.13 -111.80
CA GLY AB 410 -66.47 3.54 -111.94
C GLY AB 410 -65.15 3.98 -111.37
N GLU AB 411 -64.45 3.09 -110.67
CA GLU AB 411 -63.21 3.46 -110.01
C GLU AB 411 -61.99 3.06 -110.84
N GLY AB 412 -62.20 2.37 -111.96
CA GLY AB 412 -61.08 2.07 -112.83
C GLY AB 412 -61.06 0.75 -113.57
N MET AB 413 -61.64 -0.33 -113.05
CA MET AB 413 -61.67 -1.53 -113.86
C MET AB 413 -62.92 -1.53 -114.73
N GLU AB 414 -63.03 -2.55 -115.57
CA GLU AB 414 -64.10 -2.64 -116.54
C GLU AB 414 -64.87 -3.93 -116.27
N GLU AB 415 -66.20 -3.83 -116.28
CA GLU AB 415 -67.07 -4.97 -116.03
C GLU AB 415 -66.84 -6.03 -117.09
N GLY AB 416 -66.24 -7.13 -116.70
CA GLY AB 416 -65.67 -8.06 -117.65
C GLY AB 416 -64.42 -8.67 -117.06
N GLU AB 417 -63.79 -7.96 -116.11
CA GLU AB 417 -62.82 -8.64 -115.26
C GLU AB 417 -63.50 -9.51 -114.23
N PHE AB 418 -64.78 -9.26 -113.97
CA PHE AB 418 -65.54 -10.12 -113.07
C PHE AB 418 -65.69 -11.52 -113.65
N SER AB 419 -66.05 -11.61 -114.92
CA SER AB 419 -66.31 -12.92 -115.52
C SER AB 419 -65.00 -13.65 -115.81
N GLU AB 420 -63.92 -12.91 -116.10
CA GLU AB 420 -62.63 -13.54 -116.31
C GLU AB 420 -62.09 -14.14 -115.02
N ALA AB 421 -62.33 -13.48 -113.90
CA ALA AB 421 -61.98 -14.09 -112.62
C ALA AB 421 -62.90 -15.27 -112.30
N ARG AB 422 -64.19 -15.15 -112.63
CA ARG AB 422 -65.14 -16.22 -112.39
C ARG AB 422 -64.80 -17.46 -113.20
N GLU AB 423 -64.50 -17.31 -114.48
CA GLU AB 423 -64.14 -18.46 -115.28
C GLU AB 423 -62.79 -19.01 -114.86
N ASP AB 424 -61.93 -18.19 -114.27
CA ASP AB 424 -60.66 -18.69 -113.77
C ASP AB 424 -60.87 -19.52 -112.51
N LEU AB 425 -61.81 -19.12 -111.65
CA LEU AB 425 -62.06 -19.89 -110.45
C LEU AB 425 -62.87 -21.14 -110.74
N ALA AB 426 -63.76 -21.10 -111.73
CA ALA AB 426 -64.44 -22.32 -112.15
C ALA AB 426 -63.48 -23.26 -112.85
N ALA AB 427 -62.44 -22.71 -113.50
CA ALA AB 427 -61.40 -23.56 -114.06
C ALA AB 427 -60.59 -24.23 -112.97
N LEU AB 428 -60.36 -23.53 -111.85
CA LEU AB 428 -59.59 -24.11 -110.76
C LEU AB 428 -60.37 -25.23 -110.08
N GLU AB 429 -61.67 -25.02 -109.90
CA GLU AB 429 -62.50 -26.02 -109.23
C GLU AB 429 -62.52 -27.31 -110.03
N LYS AB 430 -62.52 -27.20 -111.35
CA LYS AB 430 -62.45 -28.38 -112.19
C LYS AB 430 -61.10 -29.05 -112.11
N ASP AB 431 -60.05 -28.29 -111.78
CA ASP AB 431 -58.72 -28.88 -111.68
C ASP AB 431 -58.59 -29.75 -110.43
N TYR AB 432 -59.27 -29.37 -109.36
CA TYR AB 432 -59.20 -30.16 -108.13
C TYR AB 432 -60.01 -31.44 -108.25
N GLU AB 433 -61.09 -31.42 -109.03
CA GLU AB 433 -61.85 -32.64 -109.22
C GLU AB 433 -61.08 -33.63 -110.08
N GLU AB 434 -60.32 -33.14 -111.05
CA GLU AB 434 -59.62 -34.06 -111.94
C GLU AB 434 -58.30 -34.55 -111.38
N VAL AB 435 -57.86 -34.03 -110.25
CA VAL AB 435 -56.64 -34.52 -109.64
C VAL AB 435 -56.94 -35.59 -108.61
N GLY AB 436 -58.19 -35.69 -108.15
CA GLY AB 436 -58.54 -36.75 -107.21
C GLY AB 436 -58.90 -38.04 -107.91
N ILE AB 437 -59.60 -37.95 -109.03
CA ILE AB 437 -60.01 -39.13 -109.77
C ILE AB 437 -58.85 -39.67 -110.57
N MET BB 1 -53.75 14.73 -93.65
CA MET BB 1 -54.39 13.42 -93.50
C MET BB 1 -55.76 13.43 -94.12
N ARG BB 2 -56.76 12.90 -93.41
CA ARG BB 2 -58.13 12.86 -93.86
C ARG BB 2 -58.91 13.96 -93.15
N GLU BB 3 -59.54 14.84 -93.91
CA GLU BB 3 -60.18 16.02 -93.37
C GLU BB 3 -61.66 16.05 -93.73
N ILE BB 4 -62.49 16.44 -92.77
CA ILE BB 4 -63.93 16.57 -92.97
C ILE BB 4 -64.33 17.98 -92.56
N VAL BB 5 -65.10 18.64 -93.42
CA VAL BB 5 -65.49 20.03 -93.25
C VAL BB 5 -66.98 20.08 -92.97
N HIS BB 6 -67.37 20.73 -91.88
CA HIS BB 6 -68.76 20.81 -91.49
C HIS BB 6 -69.42 22.06 -92.06
N VAL BB 7 -70.68 21.91 -92.45
CA VAL BB 7 -71.53 23.02 -92.85
C VAL BB 7 -72.85 22.88 -92.10
N GLN BB 8 -73.26 23.92 -91.39
CA GLN BB 8 -74.52 23.92 -90.67
C GLN BB 8 -75.44 24.94 -91.32
N GLY BB 9 -76.54 24.47 -91.90
CA GLY BB 9 -77.47 25.33 -92.60
C GLY BB 9 -78.82 25.34 -91.91
N GLY BB 10 -79.34 26.55 -91.71
CA GLY BB 10 -80.67 26.71 -91.18
C GLY BB 10 -80.72 26.66 -89.68
N GLN BB 11 -81.92 26.89 -89.16
CA GLN BB 11 -82.12 26.88 -87.71
C GLN BB 11 -81.97 25.48 -87.14
N CYS BB 12 -82.49 24.47 -87.83
CA CYS BB 12 -82.40 23.12 -87.32
C CYS BB 12 -80.98 22.60 -87.36
N GLY BB 13 -80.25 22.87 -88.44
CA GLY BB 13 -78.89 22.38 -88.56
C GLY BB 13 -77.95 23.04 -87.58
N ASN BB 14 -78.15 24.31 -87.30
CA ASN BB 14 -77.25 25.00 -86.39
C ASN BB 14 -77.46 24.56 -84.96
N GLN BB 15 -78.70 24.38 -84.54
CA GLN BB 15 -78.93 23.96 -83.18
C GLN BB 15 -78.71 22.47 -82.99
N ILE BB 16 -78.58 21.70 -84.07
CA ILE BB 16 -78.17 20.31 -83.95
C ILE BB 16 -76.66 20.19 -84.15
N GLY BB 17 -76.04 21.18 -84.78
CA GLY BB 17 -74.62 21.15 -85.02
C GLY BB 17 -73.84 21.86 -83.94
N ALA BB 18 -74.45 22.85 -83.29
CA ALA BB 18 -73.77 23.49 -82.17
C ALA BB 18 -73.68 22.54 -81.00
N LYS BB 19 -74.67 21.67 -80.85
CA LYS BB 19 -74.60 20.69 -79.78
C LYS BB 19 -73.67 19.55 -80.18
N PHE BB 20 -73.42 19.43 -81.48
CA PHE BB 20 -72.46 18.47 -82.00
C PHE BB 20 -71.03 18.86 -81.66
N TRP BB 21 -70.70 20.13 -81.75
CA TRP BB 21 -69.33 20.53 -81.47
C TRP BB 21 -69.04 20.52 -79.99
N GLU BB 22 -70.06 20.37 -79.15
CA GLU BB 22 -69.83 20.13 -77.74
C GLU BB 22 -69.42 18.68 -77.50
N VAL BB 23 -69.98 17.75 -78.27
CA VAL BB 23 -69.74 16.34 -77.96
C VAL BB 23 -68.47 15.84 -78.63
N ILE BB 24 -68.05 16.49 -79.73
CA ILE BB 24 -66.75 16.16 -80.30
C ILE BB 24 -65.62 16.76 -79.48
N SER BB 25 -65.77 18.02 -79.09
CA SER BB 25 -64.69 18.72 -78.39
C SER BB 25 -64.47 18.16 -77.01
N ASP BB 26 -65.54 17.78 -76.32
CA ASP BB 26 -65.36 17.15 -75.03
C ASP BB 26 -64.74 15.78 -75.16
N GLU BB 27 -64.95 15.12 -76.30
CA GLU BB 27 -64.34 13.83 -76.54
C GLU BB 27 -62.85 13.96 -76.72
N HIS BB 28 -62.40 15.00 -77.40
CA HIS BB 28 -60.99 15.19 -77.67
C HIS BB 28 -60.28 15.96 -76.57
N GLY BB 29 -61.01 16.62 -75.69
CA GLY BB 29 -60.41 17.36 -74.61
C GLY BB 29 -60.23 18.84 -74.83
N ILE BB 30 -60.93 19.42 -75.79
CA ILE BB 30 -60.81 20.84 -76.07
C ILE BB 30 -61.77 21.60 -75.16
N ASP BB 31 -61.25 22.61 -74.48
CA ASP BB 31 -62.04 23.51 -73.67
C ASP BB 31 -62.85 24.44 -74.58
N PRO BB 32 -63.83 25.16 -74.05
CA PRO BB 32 -64.48 26.19 -74.87
C PRO BB 32 -63.57 27.31 -75.32
N THR BB 33 -62.46 27.54 -74.65
CA THR BB 33 -61.48 28.52 -75.07
C THR BB 33 -60.44 27.97 -76.02
N GLY BB 34 -60.65 26.76 -76.53
CA GLY BB 34 -59.77 26.18 -77.52
C GLY BB 34 -58.47 25.65 -76.99
N THR BB 35 -58.26 25.66 -75.69
CA THR BB 35 -57.03 25.19 -75.09
C THR BB 35 -57.21 23.75 -74.64
N TYR BB 36 -56.27 22.88 -75.02
CA TYR BB 36 -56.35 21.49 -74.59
C TYR BB 36 -56.04 21.36 -73.11
N CYS BB 37 -56.71 20.40 -72.48
CA CYS BB 37 -56.28 19.86 -71.20
C CYS BB 37 -56.76 18.42 -71.14
N GLY BB 38 -55.95 17.54 -70.59
CA GLY BB 38 -56.35 16.14 -70.54
C GLY BB 38 -55.27 15.11 -70.78
N ASP BB 39 -54.04 15.58 -71.02
CA ASP BB 39 -52.75 14.87 -71.04
C ASP BB 39 -52.79 13.42 -71.53
N SER BB 40 -53.47 13.18 -72.64
CA SER BB 40 -53.42 11.90 -73.32
C SER BB 40 -53.03 12.09 -74.77
N ASP BB 41 -52.08 11.27 -75.24
CA ASP BB 41 -51.56 11.39 -76.59
C ASP BB 41 -52.66 11.08 -77.60
N LEU BB 42 -53.44 10.05 -77.33
CA LEU BB 42 -54.36 9.48 -78.30
C LEU BB 42 -55.50 10.43 -78.66
N GLN BB 43 -55.77 11.42 -77.82
CA GLN BB 43 -56.78 12.43 -78.15
C GLN BB 43 -56.27 13.36 -79.25
N LEU BB 44 -55.07 13.89 -79.08
CA LEU BB 44 -54.51 14.88 -79.97
C LEU BB 44 -53.85 14.29 -81.20
N GLU BB 45 -53.60 12.99 -81.22
CA GLU BB 45 -52.79 12.40 -82.28
C GLU BB 45 -53.51 12.48 -83.61
N ARG BB 46 -54.82 12.47 -83.59
CA ARG BB 46 -55.60 12.68 -84.80
C ARG BB 46 -56.69 13.69 -84.45
N ILE BB 47 -56.35 14.97 -84.48
CA ILE BB 47 -57.31 16.02 -84.26
C ILE BB 47 -57.51 16.89 -85.48
N ASN BB 48 -56.67 16.79 -86.49
CA ASN BB 48 -56.81 17.60 -87.68
C ASN BB 48 -57.99 17.21 -88.56
N VAL BB 49 -58.81 16.24 -88.15
CA VAL BB 49 -59.97 15.86 -88.94
C VAL BB 49 -61.02 16.95 -88.90
N PHE BB 50 -61.30 17.49 -87.72
CA PHE BB 50 -62.31 18.52 -87.55
C PHE BB 50 -61.76 19.84 -87.05
N TYR BB 51 -60.46 19.95 -86.82
CA TYR BB 51 -59.91 21.09 -86.11
C TYR BB 51 -58.68 21.64 -86.82
N ASN BB 52 -58.41 22.91 -86.57
CA ASN BB 52 -57.30 23.64 -87.15
C ASN BB 52 -56.51 24.31 -86.05
N GLU BB 53 -55.19 24.24 -86.12
CA GLU BB 53 -54.36 24.98 -85.19
C GLU BB 53 -54.20 26.42 -85.67
N ALA BB 54 -54.38 27.37 -84.75
CA ALA BB 54 -54.39 28.78 -85.09
C ALA BB 54 -53.15 29.52 -84.60
N THR BB 55 -52.10 28.79 -84.20
CA THR BB 55 -50.78 29.34 -83.83
C THR BB 55 -50.79 30.30 -82.65
N GLY BB 56 -51.94 30.52 -82.03
CA GLY BB 56 -51.92 30.88 -80.64
C GLY BB 56 -51.92 29.66 -79.77
N GLY BB 57 -51.91 28.49 -80.40
CA GLY BB 57 -52.04 27.22 -79.72
C GLY BB 57 -53.45 26.71 -79.63
N ARG BB 58 -54.45 27.55 -79.83
CA ARG BB 58 -55.81 27.11 -79.69
C ARG BB 58 -56.29 26.41 -80.94
N PHE BB 59 -57.41 25.71 -80.82
CA PHE BB 59 -57.97 24.91 -81.89
C PHE BB 59 -59.30 25.50 -82.31
N VAL BB 60 -59.49 25.64 -83.61
CA VAL BB 60 -60.77 26.13 -84.13
C VAL BB 60 -61.42 25.04 -84.96
N PRO BB 61 -62.73 24.93 -84.96
CA PRO BB 61 -63.39 23.95 -85.81
C PRO BB 61 -63.31 24.33 -87.28
N ARG BB 62 -63.39 23.32 -88.13
CA ARG BB 62 -63.53 23.53 -89.56
C ARG BB 62 -65.01 23.47 -89.95
N ALA BB 63 -65.77 24.44 -89.46
CA ALA BB 63 -67.21 24.50 -89.68
C ALA BB 63 -67.58 25.86 -90.27
N ILE BB 64 -68.55 25.84 -91.18
CA ILE BB 64 -69.09 27.05 -91.76
C ILE BB 64 -70.58 27.09 -91.46
N LEU BB 65 -71.03 28.15 -90.82
CA LEU BB 65 -72.40 28.27 -90.38
C LEU BB 65 -73.15 29.17 -91.35
N MET BB 66 -74.25 28.67 -91.89
CA MET BB 66 -75.05 29.49 -92.78
C MET BB 66 -76.48 29.51 -92.29
N ASP BB 67 -77.07 30.70 -92.30
CA ASP BB 67 -78.48 30.96 -92.07
C ASP BB 67 -78.89 32.02 -93.06
N LEU BB 68 -80.11 32.50 -92.92
CA LEU BB 68 -80.52 33.71 -93.60
C LEU BB 68 -81.12 34.71 -92.64
N GLU BB 69 -81.12 34.41 -91.35
CA GLU BB 69 -81.51 35.32 -90.28
C GLU BB 69 -80.40 35.34 -89.24
N PRO BB 70 -80.18 36.48 -88.60
CA PRO BB 70 -79.13 36.54 -87.58
C PRO BB 70 -79.58 36.04 -86.22
N GLY BB 71 -80.81 35.54 -86.10
CA GLY BB 71 -81.31 35.14 -84.80
C GLY BB 71 -80.61 33.93 -84.23
N THR BB 72 -80.40 32.90 -85.06
CA THR BB 72 -79.85 31.66 -84.54
C THR BB 72 -78.34 31.74 -84.34
N MET BB 73 -77.65 32.53 -85.15
CA MET BB 73 -76.22 32.73 -84.94
C MET BB 73 -75.96 33.53 -83.68
N ASP BB 74 -76.89 34.41 -83.33
CA ASP BB 74 -76.82 35.08 -82.04
C ASP BB 74 -76.93 34.06 -80.92
N SER BB 75 -77.82 33.08 -81.08
CA SER BB 75 -78.01 32.06 -80.05
C SER BB 75 -76.79 31.18 -79.91
N VAL BB 76 -76.15 30.83 -81.03
CA VAL BB 76 -74.98 29.95 -80.97
C VAL BB 76 -73.80 30.69 -80.36
N ARG BB 77 -73.61 31.95 -80.72
CA ARG BB 77 -72.47 32.71 -80.21
C ARG BB 77 -72.58 33.01 -78.74
N ALA BB 78 -73.78 33.38 -78.28
CA ALA BB 78 -73.92 33.83 -76.89
C ALA BB 78 -73.85 32.66 -75.92
N GLY BB 79 -74.11 31.46 -76.39
CA GLY BB 79 -74.16 30.32 -75.50
C GLY BB 79 -72.77 29.83 -75.15
N PRO BB 80 -72.72 28.72 -74.43
CA PRO BB 80 -71.44 28.07 -74.19
C PRO BB 80 -70.93 27.48 -75.48
N PHE BB 81 -69.60 27.37 -75.56
CA PHE BB 81 -68.88 26.72 -76.65
C PHE BB 81 -69.11 27.42 -77.98
N GLY BB 82 -69.48 28.68 -77.94
CA GLY BB 82 -69.76 29.43 -79.15
C GLY BB 82 -68.60 30.31 -79.53
N GLN BB 83 -67.78 30.67 -78.55
CA GLN BB 83 -66.57 31.43 -78.82
C GLN BB 83 -65.47 30.54 -79.40
N LEU BB 84 -65.72 29.25 -79.57
CA LEU BB 84 -64.79 28.38 -80.26
C LEU BB 84 -64.74 28.68 -81.75
N PHE BB 85 -65.82 29.22 -82.31
CA PHE BB 85 -65.98 29.35 -83.74
C PHE BB 85 -65.24 30.57 -84.29
N ARG BB 86 -64.80 30.46 -85.52
CA ARG BB 86 -64.16 31.57 -86.20
C ARG BB 86 -65.21 32.58 -86.64
N PRO BB 87 -65.10 33.86 -86.25
CA PRO BB 87 -66.20 34.79 -86.47
C PRO BB 87 -66.37 35.24 -87.91
N ASP BB 88 -65.39 35.06 -88.78
CA ASP BB 88 -65.63 35.29 -90.18
C ASP BB 88 -65.93 33.99 -90.91
N ASN BB 89 -66.06 32.89 -90.18
CA ASN BB 89 -66.61 31.69 -90.76
C ASN BB 89 -68.13 31.67 -90.69
N PHE BB 90 -68.73 32.67 -90.06
CA PHE BB 90 -70.16 32.87 -90.17
C PHE BB 90 -70.52 33.48 -91.52
N VAL BB 91 -71.80 33.41 -91.84
CA VAL BB 91 -72.36 34.15 -92.97
C VAL BB 91 -73.82 34.45 -92.64
N PHE BB 92 -74.28 35.59 -93.09
CA PHE BB 92 -75.54 36.17 -92.62
C PHE BB 92 -76.45 36.52 -93.76
N GLY BB 93 -77.74 36.39 -93.53
CA GLY BB 93 -78.74 37.12 -94.27
C GLY BB 93 -79.50 37.99 -93.30
N GLN BB 94 -80.04 39.10 -93.80
CA GLN BB 94 -80.92 39.94 -93.01
C GLN BB 94 -82.38 39.79 -93.42
N THR BB 95 -82.64 39.24 -94.60
CA THR BB 95 -84.01 39.13 -95.09
C THR BB 95 -84.72 37.94 -94.47
N GLY BB 96 -84.10 36.78 -94.51
CA GLY BB 96 -84.72 35.59 -93.99
C GLY BB 96 -85.60 34.92 -95.01
N ALA BB 97 -85.35 33.65 -95.26
CA ALA BB 97 -86.22 32.89 -96.15
C ALA BB 97 -87.56 32.69 -95.47
N GLY BB 98 -88.62 33.11 -96.13
CA GLY BB 98 -89.94 33.04 -95.53
C GLY BB 98 -90.51 31.64 -95.51
N ASN BB 99 -89.74 30.70 -94.93
CA ASN BB 99 -90.08 29.29 -94.88
C ASN BB 99 -90.39 28.76 -96.27
N ASN BB 100 -89.56 29.16 -97.22
CA ASN BB 100 -89.84 29.02 -98.63
C ASN BB 100 -88.63 28.39 -99.30
N TRP BB 101 -88.83 27.24 -99.96
CA TRP BB 101 -87.74 26.60 -100.67
C TRP BB 101 -87.34 27.36 -101.91
N ALA BB 102 -88.30 27.99 -102.58
CA ALA BB 102 -87.97 28.73 -103.79
C ALA BB 102 -87.11 29.94 -103.47
N LYS BB 103 -87.47 30.70 -102.45
CA LYS BB 103 -86.67 31.90 -102.20
C LYS BB 103 -85.39 31.60 -101.42
N GLY BB 104 -85.21 30.38 -100.96
CA GLY BB 104 -83.93 29.98 -100.42
C GLY BB 104 -82.99 29.52 -101.50
N HIS BB 105 -83.50 28.68 -102.39
CA HIS BB 105 -82.68 28.08 -103.42
C HIS BB 105 -82.46 28.99 -104.61
N TYR BB 106 -83.33 29.97 -104.84
CA TYR BB 106 -83.26 30.74 -106.07
C TYR BB 106 -82.94 32.21 -105.84
N THR BB 107 -83.72 32.94 -105.03
CA THR BB 107 -83.62 34.39 -105.10
C THR BB 107 -82.63 34.97 -104.10
N GLU BB 108 -82.88 34.82 -102.81
CA GLU BB 108 -82.06 35.48 -101.82
C GLU BB 108 -81.11 34.51 -101.10
N GLY BB 109 -80.94 33.32 -101.65
CA GLY BB 109 -79.84 32.49 -101.23
C GLY BB 109 -78.70 32.63 -102.21
N ALA BB 110 -79.04 32.84 -103.48
CA ALA BB 110 -78.02 33.05 -104.49
C ALA BB 110 -77.32 34.39 -104.33
N GLU BB 111 -77.90 35.32 -103.58
CA GLU BB 111 -77.22 36.54 -103.23
C GLU BB 111 -76.27 36.34 -102.07
N LEU BB 112 -76.19 35.13 -101.54
CA LEU BB 112 -75.30 34.82 -100.44
C LEU BB 112 -74.44 33.60 -100.70
N ILE BB 113 -74.80 32.74 -101.66
CA ILE BB 113 -74.09 31.49 -101.83
C ILE BB 113 -72.66 31.73 -102.32
N ASP BB 114 -72.44 32.77 -103.13
CA ASP BB 114 -71.08 33.08 -103.57
C ASP BB 114 -70.20 33.53 -102.42
N SER BB 115 -70.79 34.14 -101.39
CA SER BB 115 -70.03 34.45 -100.20
C SER BB 115 -69.72 33.20 -99.41
N VAL BB 116 -70.62 32.23 -99.42
CA VAL BB 116 -70.40 31.00 -98.67
C VAL BB 116 -69.31 30.16 -99.32
N LEU BB 117 -69.33 30.06 -100.65
CA LEU BB 117 -68.34 29.23 -101.34
C LEU BB 117 -66.93 29.75 -101.14
N ASP BB 118 -66.77 31.02 -100.82
CA ASP BB 118 -65.44 31.52 -100.55
C ASP BB 118 -64.90 30.97 -99.24
N VAL BB 119 -65.76 30.82 -98.23
CA VAL BB 119 -65.22 30.43 -96.94
C VAL BB 119 -65.20 28.91 -96.82
N VAL BB 120 -66.03 28.19 -97.56
CA VAL BB 120 -65.91 26.74 -97.53
C VAL BB 120 -64.71 26.31 -98.37
N ARG BB 121 -64.36 27.10 -99.39
CA ARG BB 121 -63.16 26.78 -100.15
C ARG BB 121 -61.91 27.15 -99.38
N LYS BB 122 -62.01 28.16 -98.50
CA LYS BB 122 -60.84 28.56 -97.72
C LYS BB 122 -60.44 27.45 -96.76
N GLU BB 123 -61.41 26.79 -96.15
CA GLU BB 123 -61.10 25.70 -95.25
C GLU BB 123 -60.70 24.45 -96.02
N ALA BB 124 -61.36 24.19 -97.15
CA ALA BB 124 -61.13 22.96 -97.88
C ALA BB 124 -59.79 22.96 -98.60
N GLU BB 125 -59.45 24.06 -99.25
CA GLU BB 125 -58.25 24.08 -100.08
C GLU BB 125 -57.00 24.13 -99.23
N GLY BB 126 -57.09 24.67 -98.03
CA GLY BB 126 -55.89 24.92 -97.25
C GLY BB 126 -55.29 23.71 -96.56
N CYS BB 127 -55.41 22.53 -97.16
CA CYS BB 127 -54.88 21.31 -96.57
C CYS BB 127 -54.32 20.43 -97.66
N ASP BB 128 -53.88 19.24 -97.26
CA ASP BB 128 -53.27 18.29 -98.19
C ASP BB 128 -54.28 17.78 -99.23
N CYS BB 129 -55.32 17.09 -98.77
CA CYS BB 129 -56.40 16.54 -99.57
C CYS BB 129 -57.45 16.03 -98.59
N LEU BB 130 -58.72 16.26 -98.92
CA LEU BB 130 -59.79 16.08 -97.97
C LEU BB 130 -60.57 14.80 -98.25
N GLN BB 131 -61.04 14.17 -97.17
CA GLN BB 131 -61.91 13.02 -97.32
C GLN BB 131 -63.27 13.43 -97.87
N GLY BB 132 -63.87 14.46 -97.28
CA GLY BB 132 -65.16 14.88 -97.75
C GLY BB 132 -65.79 15.92 -96.84
N PHE BB 133 -67.12 16.00 -96.93
CA PHE BB 133 -67.89 17.05 -96.31
C PHE BB 133 -68.96 16.44 -95.43
N GLN BB 134 -69.45 17.23 -94.47
CA GLN BB 134 -70.65 16.85 -93.76
C GLN BB 134 -71.52 18.07 -93.53
N ILE BB 135 -72.83 17.87 -93.68
CA ILE BB 135 -73.81 18.95 -93.67
C ILE BB 135 -74.97 18.56 -92.77
N THR BB 136 -75.29 19.41 -91.80
CA THR BB 136 -76.44 19.19 -90.94
C THR BB 136 -77.51 20.19 -91.33
N HIS BB 137 -78.67 19.69 -91.73
CA HIS BB 137 -79.72 20.55 -92.22
C HIS BB 137 -81.06 19.86 -92.00
N SER BB 138 -82.13 20.60 -92.28
CA SER BB 138 -83.48 20.10 -92.18
C SER BB 138 -84.10 20.04 -93.57
N LEU BB 139 -84.97 19.07 -93.78
CA LEU BB 139 -85.67 18.98 -95.06
C LEU BB 139 -87.13 19.39 -94.94
N GLY BB 140 -87.41 20.42 -94.14
CA GLY BB 140 -88.76 20.92 -94.02
C GLY BB 140 -88.98 22.39 -94.28
N GLY BB 141 -87.95 23.20 -94.09
CA GLY BB 141 -88.08 24.63 -94.13
C GLY BB 141 -87.57 25.23 -95.42
N GLY BB 142 -87.18 26.50 -95.34
CA GLY BB 142 -86.65 27.18 -96.50
C GLY BB 142 -85.14 27.21 -96.57
N THR BB 143 -84.50 27.72 -95.53
CA THR BB 143 -83.06 27.93 -95.60
C THR BB 143 -82.26 26.69 -95.26
N GLY BB 144 -82.82 25.76 -94.50
CA GLY BB 144 -82.14 24.50 -94.31
C GLY BB 144 -82.40 23.49 -95.39
N SER BB 145 -83.40 23.72 -96.20
CA SER BB 145 -83.80 22.78 -97.22
C SER BB 145 -83.60 23.28 -98.63
N GLY BB 146 -83.68 24.58 -98.86
CA GLY BB 146 -83.37 25.09 -100.17
C GLY BB 146 -81.92 25.46 -100.35
N MET BB 147 -81.42 26.38 -99.55
CA MET BB 147 -80.07 26.87 -99.73
C MET BB 147 -79.04 26.09 -98.93
N GLY BB 148 -79.47 25.12 -98.14
CA GLY BB 148 -78.56 24.05 -97.75
C GLY BB 148 -78.35 23.06 -98.87
N THR BB 149 -79.37 22.87 -99.70
CA THR BB 149 -79.26 21.98 -100.85
C THR BB 149 -78.49 22.64 -102.00
N LEU BB 150 -78.51 23.96 -102.06
CA LEU BB 150 -77.72 24.67 -103.06
C LEU BB 150 -76.23 24.44 -102.85
N LEU BB 151 -75.80 24.36 -101.59
CA LEU BB 151 -74.41 24.03 -101.32
C LEU BB 151 -74.06 22.65 -101.82
N ILE BB 152 -74.99 21.70 -101.70
CA ILE BB 152 -74.70 20.34 -102.11
C ILE BB 152 -74.49 20.28 -103.61
N SER BB 153 -75.23 21.10 -104.36
CA SER BB 153 -75.05 21.13 -105.80
C SER BB 153 -73.75 21.80 -106.20
N LYS BB 154 -73.38 22.88 -105.52
CA LYS BB 154 -72.17 23.60 -105.89
C LYS BB 154 -70.91 22.84 -105.48
N VAL BB 155 -70.92 22.26 -104.28
CA VAL BB 155 -69.74 21.54 -103.81
C VAL BB 155 -69.52 20.28 -104.64
N ARG BB 156 -70.60 19.60 -105.02
CA ARG BB 156 -70.48 18.41 -105.87
C ARG BB 156 -69.90 18.76 -107.24
N GLU BB 157 -70.21 19.94 -107.74
CA GLU BB 157 -69.65 20.37 -109.02
C GLU BB 157 -68.16 20.65 -108.91
N GLU BB 158 -67.70 21.06 -107.74
CA GLU BB 158 -66.29 21.44 -107.56
C GLU BB 158 -65.43 20.34 -106.98
N TYR BB 159 -66.00 19.39 -106.26
CA TYR BB 159 -65.24 18.31 -105.64
C TYR BB 159 -65.94 17.00 -105.97
N PRO BB 160 -65.73 16.46 -107.15
CA PRO BB 160 -66.56 15.33 -107.59
C PRO BB 160 -66.20 14.01 -106.94
N ASP BB 161 -64.92 13.77 -106.67
CA ASP BB 161 -64.45 12.46 -106.26
C ASP BB 161 -64.39 12.28 -104.75
N ARG BB 162 -64.84 13.27 -103.99
CA ARG BB 162 -64.77 13.22 -102.54
C ARG BB 162 -66.15 12.91 -101.97
N ILE BB 163 -66.15 12.28 -100.80
CA ILE BB 163 -67.38 11.83 -100.17
C ILE BB 163 -68.15 13.03 -99.65
N MET BB 164 -69.44 12.84 -99.37
CA MET BB 164 -70.18 13.83 -98.59
C MET BB 164 -71.36 13.18 -97.92
N GLU BB 165 -71.59 13.54 -96.66
CA GLU BB 165 -72.71 13.02 -95.91
C GLU BB 165 -73.55 14.16 -95.40
N THR BB 166 -74.86 13.99 -95.42
CA THR BB 166 -75.78 15.00 -94.96
C THR BB 166 -76.67 14.41 -93.90
N PHE BB 167 -76.66 15.00 -92.71
CA PHE BB 167 -77.51 14.55 -91.62
C PHE BB 167 -78.79 15.37 -91.63
N SER BB 168 -79.84 14.82 -92.24
CA SER BB 168 -81.04 15.59 -92.54
C SER BB 168 -82.22 15.03 -91.76
N VAL BB 169 -82.99 15.91 -91.15
CA VAL BB 169 -84.21 15.49 -90.50
C VAL BB 169 -85.30 15.45 -91.57
N PHE BB 170 -86.43 14.86 -91.24
CA PHE BB 170 -87.54 14.73 -92.16
C PHE BB 170 -88.85 15.10 -91.48
N PRO BB 171 -89.88 15.43 -92.26
CA PRO BB 171 -91.19 15.68 -91.66
C PRO BB 171 -91.79 14.42 -91.05
N SER BB 172 -92.69 14.65 -90.12
CA SER BB 172 -93.42 13.59 -89.45
C SER BB 172 -94.90 13.67 -89.78
N PRO BB 173 -95.59 12.55 -89.87
CA PRO BB 173 -97.00 12.57 -90.22
C PRO BB 173 -97.94 13.12 -89.16
N LYS BB 174 -97.83 12.60 -87.93
CA LYS BB 174 -98.85 12.88 -86.92
C LYS BB 174 -98.83 14.31 -86.43
N VAL BB 175 -97.71 15.01 -86.55
CA VAL BB 175 -97.62 16.43 -86.27
C VAL BB 175 -96.71 17.06 -87.31
N SER BB 176 -97.09 18.24 -87.79
CA SER BB 176 -96.34 18.86 -88.88
C SER BB 176 -96.43 20.38 -88.71
N ASP BB 177 -95.42 20.94 -88.06
CA ASP BB 177 -95.17 22.36 -88.19
C ASP BB 177 -94.66 22.68 -89.61
N THR BB 178 -94.67 23.96 -89.97
CA THR BB 178 -94.27 24.45 -91.28
C THR BB 178 -95.10 23.80 -92.38
N VAL BB 179 -96.38 24.21 -92.43
CA VAL BB 179 -97.48 23.64 -93.23
C VAL BB 179 -97.07 23.26 -94.65
N VAL BB 180 -96.14 23.99 -95.27
CA VAL BB 180 -95.55 23.48 -96.50
C VAL BB 180 -94.34 22.59 -96.19
N GLU BB 181 -94.64 21.40 -95.69
CA GLU BB 181 -93.69 20.34 -95.44
C GLU BB 181 -93.42 19.50 -96.69
N PRO BB 182 -94.43 18.99 -97.42
CA PRO BB 182 -94.10 18.17 -98.59
C PRO BB 182 -93.59 18.97 -99.76
N TYR BB 183 -93.96 20.24 -99.88
CA TYR BB 183 -93.40 21.06 -100.93
C TYR BB 183 -91.91 21.26 -100.73
N ASN BB 184 -91.49 21.40 -99.48
CA ASN BB 184 -90.08 21.56 -99.20
C ASN BB 184 -89.34 20.23 -99.33
N ALA BB 185 -89.95 19.14 -98.87
CA ALA BB 185 -89.24 17.87 -98.80
C ALA BB 185 -89.08 17.24 -100.16
N THR BB 186 -90.15 17.24 -100.97
CA THR BB 186 -90.08 16.61 -102.28
C THR BB 186 -89.15 17.36 -103.22
N LEU BB 187 -89.13 18.68 -103.14
CA LEU BB 187 -88.22 19.46 -103.96
C LEU BB 187 -86.78 19.31 -103.50
N SER BB 188 -86.55 19.16 -102.20
CA SER BB 188 -85.18 19.04 -101.72
C SER BB 188 -84.60 17.67 -101.99
N VAL BB 189 -85.43 16.63 -101.95
CA VAL BB 189 -84.91 15.28 -102.12
C VAL BB 189 -84.54 15.01 -103.57
N HIS BB 190 -85.08 15.79 -104.50
CA HIS BB 190 -84.72 15.58 -105.90
C HIS BB 190 -83.28 15.96 -106.15
N GLN BB 191 -82.83 17.05 -105.58
CA GLN BB 191 -81.43 17.42 -105.72
C GLN BB 191 -80.55 16.60 -104.81
N LEU BB 192 -81.12 15.94 -103.82
CA LEU BB 192 -80.35 15.19 -102.85
C LEU BB 192 -80.34 13.69 -103.12
N VAL BB 193 -81.09 13.23 -104.12
CA VAL BB 193 -80.88 11.88 -104.65
C VAL BB 193 -79.80 11.88 -105.71
N GLU BB 194 -79.40 13.06 -106.19
CA GLU BB 194 -78.39 13.16 -107.23
C GLU BB 194 -77.07 13.76 -106.79
N ASN BB 195 -77.05 14.57 -105.73
CA ASN BB 195 -75.83 15.29 -105.38
C ASN BB 195 -75.22 14.88 -104.05
N ALA BB 196 -75.93 14.14 -103.22
CA ALA BB 196 -75.39 13.69 -101.94
C ALA BB 196 -75.00 12.24 -102.06
N ASP BB 197 -74.33 11.72 -101.05
CA ASP BB 197 -73.88 10.34 -101.15
C ASP BB 197 -74.26 9.46 -99.97
N GLU BB 198 -74.35 10.00 -98.75
CA GLU BB 198 -74.88 9.26 -97.61
C GLU BB 198 -75.77 10.21 -96.81
N VAL BB 199 -77.07 10.06 -96.94
CA VAL BB 199 -78.02 10.88 -96.22
C VAL BB 199 -78.65 10.04 -95.13
N GLN BB 200 -78.65 10.54 -93.91
CA GLN BB 200 -79.20 9.80 -92.79
C GLN BB 200 -80.47 10.48 -92.31
N VAL BB 201 -81.55 9.72 -92.26
CA VAL BB 201 -82.87 10.27 -92.02
C VAL BB 201 -83.15 10.31 -90.52
N ILE BB 202 -83.77 11.40 -90.08
CA ILE BB 202 -84.09 11.66 -88.69
C ILE BB 202 -85.54 12.08 -88.61
N ASP BB 203 -86.30 11.48 -87.72
CA ASP BB 203 -87.66 11.91 -87.45
C ASP BB 203 -87.71 12.56 -86.08
N ASN BB 204 -88.36 13.71 -85.97
CA ASN BB 204 -88.52 14.30 -84.65
C ASN BB 204 -89.44 13.46 -83.78
N GLU BB 205 -90.43 12.79 -84.37
CA GLU BB 205 -91.32 12.01 -83.54
C GLU BB 205 -90.65 10.74 -83.03
N ALA BB 206 -89.74 10.15 -83.81
CA ALA BB 206 -89.04 8.97 -83.35
C ALA BB 206 -88.08 9.31 -82.23
N LEU BB 207 -87.51 10.51 -82.27
CA LEU BB 207 -86.69 10.98 -81.16
C LEU BB 207 -87.53 11.14 -79.91
N TYR BB 208 -88.79 11.52 -80.08
CA TYR BB 208 -89.69 11.64 -78.94
C TYR BB 208 -90.01 10.27 -78.36
N ASP BB 209 -90.32 9.29 -79.22
CA ASP BB 209 -90.67 7.96 -78.73
C ASP BB 209 -89.48 7.25 -78.11
N ILE BB 210 -88.26 7.53 -78.59
CA ILE BB 210 -87.07 7.08 -77.90
C ILE BB 210 -87.00 7.72 -76.52
N CYS BB 211 -87.37 9.00 -76.45
CA CYS BB 211 -87.33 9.71 -75.17
C CYS BB 211 -88.51 9.37 -74.28
N PHE BB 212 -89.52 8.68 -74.79
CA PHE BB 212 -90.68 8.34 -73.98
C PHE BB 212 -90.80 6.86 -73.66
N ARG BB 213 -90.15 5.98 -74.41
CA ARG BB 213 -90.21 4.55 -74.16
C ARG BB 213 -88.94 3.97 -73.58
N THR BB 214 -87.78 4.58 -73.84
CA THR BB 214 -86.52 4.10 -73.32
C THR BB 214 -85.88 5.05 -72.33
N LEU BB 215 -85.76 6.32 -72.69
CA LEU BB 215 -85.06 7.26 -71.82
C LEU BB 215 -85.89 7.64 -70.61
N LYS BB 216 -87.21 7.48 -70.67
CA LYS BB 216 -88.14 7.80 -69.59
C LYS BB 216 -88.03 9.25 -69.15
N LEU BB 217 -87.71 10.14 -70.08
CA LEU BB 217 -87.57 11.54 -69.76
C LEU BB 217 -88.94 12.18 -69.62
N THR BB 218 -89.06 13.10 -68.67
CA THR BB 218 -90.33 13.78 -68.45
C THR BB 218 -90.56 14.86 -69.50
N THR BB 219 -89.61 15.79 -69.64
CA THR BB 219 -89.74 16.93 -70.54
C THR BB 219 -88.55 16.95 -71.49
N PRO BB 220 -88.63 16.25 -72.62
CA PRO BB 220 -87.53 16.33 -73.59
C PRO BB 220 -87.51 17.66 -74.33
N THR BB 221 -86.58 18.53 -73.94
CA THR BB 221 -86.39 19.79 -74.66
C THR BB 221 -85.62 19.52 -75.93
N TYR BB 222 -85.42 20.58 -76.72
CA TYR BB 222 -84.68 20.42 -77.95
C TYR BB 222 -83.20 20.20 -77.68
N GLY BB 223 -82.73 20.57 -76.48
CA GLY BB 223 -81.34 20.33 -76.14
C GLY BB 223 -81.03 18.85 -76.01
N ASP BB 224 -81.95 18.09 -75.44
CA ASP BB 224 -81.68 16.67 -75.19
C ASP BB 224 -81.90 15.84 -76.44
N LEU BB 225 -82.78 16.26 -77.35
CA LEU BB 225 -82.90 15.57 -78.63
C LEU BB 225 -81.67 15.76 -79.49
N ASN BB 226 -81.20 17.00 -79.59
CA ASN BB 226 -80.04 17.27 -80.44
C ASN BB 226 -78.79 16.59 -79.90
N HIS BB 227 -78.73 16.39 -78.59
CA HIS BB 227 -77.66 15.58 -78.01
C HIS BB 227 -77.73 14.16 -78.51
N LEU BB 228 -78.93 13.64 -78.69
CA LEU BB 228 -79.09 12.26 -79.12
C LEU BB 228 -78.64 12.07 -80.56
N VAL BB 229 -78.99 13.01 -81.43
CA VAL BB 229 -78.61 12.88 -82.83
C VAL BB 229 -77.12 13.13 -82.99
N SER BB 230 -76.55 13.94 -82.12
CA SER BB 230 -75.12 14.21 -82.18
C SER BB 230 -74.30 12.99 -81.79
N ALA BB 231 -74.79 12.18 -80.85
CA ALA BB 231 -74.04 11.01 -80.43
C ALA BB 231 -73.92 10.00 -81.56
N ALA BB 232 -74.99 9.81 -82.31
CA ALA BB 232 -74.91 8.95 -83.49
C ALA BB 232 -74.12 9.62 -84.60
N MET BB 233 -74.14 10.95 -84.64
CA MET BB 233 -73.29 11.68 -85.58
C MET BB 233 -71.82 11.51 -85.23
N SER BB 234 -71.52 11.35 -83.94
CA SER BB 234 -70.14 11.18 -83.50
C SER BB 234 -69.63 9.78 -83.77
N GLY BB 235 -70.53 8.79 -83.81
CA GLY BB 235 -70.08 7.42 -83.97
C GLY BB 235 -69.67 7.07 -85.38
N VAL BB 236 -70.28 7.72 -86.37
CA VAL BB 236 -69.99 7.38 -87.76
C VAL BB 236 -68.61 7.88 -88.17
N THR BB 237 -68.07 8.87 -87.47
CA THR BB 237 -66.73 9.39 -87.73
C THR BB 237 -65.76 9.04 -86.61
N CYS BB 238 -66.15 8.12 -85.73
CA CYS BB 238 -65.26 7.72 -84.64
C CYS BB 238 -64.05 6.98 -85.16
N CYS BB 239 -64.22 6.19 -86.21
CA CYS BB 239 -63.13 5.39 -86.73
C CYS BB 239 -62.05 6.23 -87.37
N LEU BB 240 -62.42 7.38 -87.93
CA LEU BB 240 -61.42 8.27 -88.49
C LEU BB 240 -60.52 8.82 -87.40
N ARG BB 241 -61.11 9.31 -86.32
CA ARG BB 241 -60.37 10.07 -85.32
C ARG BB 241 -59.62 9.18 -84.34
N PHE BB 242 -59.88 7.89 -84.33
CA PHE BB 242 -59.35 7.03 -83.27
C PHE BB 242 -58.93 5.69 -83.84
N PRO BB 243 -57.92 5.06 -83.25
CA PRO BB 243 -57.51 3.73 -83.69
C PRO BB 243 -58.50 2.66 -83.27
N GLY BB 244 -58.46 1.55 -83.97
CA GLY BB 244 -59.30 0.43 -83.60
C GLY BB 244 -58.75 -0.87 -84.15
N GLN BB 245 -59.35 -1.97 -83.69
CA GLN BB 245 -58.96 -3.28 -84.19
C GLN BB 245 -59.33 -3.43 -85.65
N LEU BB 246 -60.58 -3.14 -86.00
CA LEU BB 246 -61.04 -3.20 -87.39
C LEU BB 246 -61.49 -1.81 -87.79
N ASN BB 247 -60.86 -1.25 -88.80
CA ASN BB 247 -61.04 0.14 -89.16
C ASN BB 247 -62.03 0.30 -90.29
N SER BB 248 -62.86 1.34 -90.23
CA SER BB 248 -63.81 1.59 -91.31
C SER BB 248 -64.13 3.09 -91.33
N ASP BB 249 -63.55 3.81 -92.26
CA ASP BB 249 -63.84 5.21 -92.42
C ASP BB 249 -65.09 5.39 -93.29
N LEU BB 250 -65.37 6.62 -93.70
CA LEU BB 250 -66.64 6.91 -94.34
C LEU BB 250 -66.75 6.35 -95.75
N ARG BB 251 -65.62 6.05 -96.39
CA ARG BB 251 -65.69 5.42 -97.70
C ARG BB 251 -66.01 3.93 -97.59
N LYS BB 252 -65.72 3.32 -96.44
CA LYS BB 252 -66.12 1.94 -96.21
C LYS BB 252 -67.64 1.81 -96.17
N LEU BB 253 -68.31 2.74 -95.52
CA LEU BB 253 -69.76 2.73 -95.51
C LEU BB 253 -70.32 3.04 -96.88
N ALA BB 254 -69.53 3.74 -97.71
CA ALA BB 254 -69.97 4.02 -99.06
C ALA BB 254 -70.03 2.76 -99.90
N VAL BB 255 -68.97 1.97 -99.86
CA VAL BB 255 -68.91 0.77 -100.69
C VAL BB 255 -69.87 -0.30 -100.16
N ASN BB 256 -69.88 -0.53 -98.86
CA ASN BB 256 -70.60 -1.67 -98.32
C ASN BB 256 -72.11 -1.47 -98.25
N LEU BB 257 -72.58 -0.25 -98.04
CA LEU BB 257 -73.99 -0.04 -97.74
C LEU BB 257 -74.81 0.40 -98.93
N ILE BB 258 -74.19 0.79 -100.03
CA ILE BB 258 -74.96 1.23 -101.20
C ILE BB 258 -74.89 0.15 -102.27
N PRO BB 259 -75.93 -0.63 -102.46
CA PRO BB 259 -75.90 -1.64 -103.52
C PRO BB 259 -76.06 -1.05 -104.90
N PHE BB 260 -76.99 -0.12 -105.03
CA PHE BB 260 -77.27 0.56 -106.29
C PHE BB 260 -77.29 2.06 -106.05
N PRO BB 261 -76.78 2.86 -107.00
CA PRO BB 261 -76.37 4.23 -106.66
C PRO BB 261 -77.50 5.16 -106.26
N ARG BB 262 -78.72 4.91 -106.71
CA ARG BB 262 -79.80 5.84 -106.44
C ARG BB 262 -80.17 5.88 -104.96
N LEU BB 263 -80.01 4.77 -104.27
CA LEU BB 263 -80.61 4.57 -102.96
C LEU BB 263 -79.51 4.61 -101.90
N HIS BB 264 -79.48 5.70 -101.16
CA HIS BB 264 -78.45 5.91 -100.16
C HIS BB 264 -78.97 6.59 -98.91
N PHE BB 265 -80.27 6.49 -98.66
CA PHE BB 265 -80.90 7.05 -97.48
C PHE BB 265 -80.90 5.99 -96.40
N PHE BB 266 -80.30 6.28 -95.26
CA PHE BB 266 -80.05 5.28 -94.26
C PHE BB 266 -80.76 5.60 -92.97
N LEU BB 267 -81.23 4.56 -92.30
CA LEU BB 267 -81.68 4.68 -90.92
C LEU BB 267 -80.48 4.69 -89.99
N ILE BB 268 -80.68 5.21 -88.79
CA ILE BB 268 -79.61 5.37 -87.83
C ILE BB 268 -80.13 5.05 -86.43
N GLY BB 269 -79.23 4.59 -85.56
CA GLY BB 269 -79.60 4.27 -84.20
C GLY BB 269 -78.38 4.31 -83.31
N PHE BB 270 -78.62 4.21 -82.01
CA PHE BB 270 -77.54 4.28 -81.04
C PHE BB 270 -77.90 3.46 -79.82
N ALA BB 271 -76.92 2.74 -79.29
CA ALA BB 271 -77.08 1.94 -78.08
C ALA BB 271 -75.81 2.04 -77.27
N PRO BB 272 -75.91 1.97 -75.94
CA PRO BB 272 -77.06 1.86 -75.06
C PRO BB 272 -77.75 3.18 -74.76
N LEU BB 273 -79.08 3.14 -74.58
CA LEU BB 273 -79.90 4.28 -74.20
C LEU BB 273 -80.82 3.81 -73.08
N THR BB 274 -80.42 4.04 -71.84
CA THR BB 274 -81.14 3.52 -70.69
C THR BB 274 -81.50 4.65 -69.74
N SER BB 275 -82.61 4.46 -69.03
CA SER BB 275 -83.09 5.46 -68.10
C SER BB 275 -82.17 5.57 -66.90
N ARG BB 276 -82.30 6.67 -66.17
CA ARG BB 276 -81.37 6.96 -65.08
C ARG BB 276 -81.55 5.99 -63.93
N GLY BB 277 -82.79 5.58 -63.66
CA GLY BB 277 -83.02 4.61 -62.62
C GLY BB 277 -82.49 3.23 -62.98
N SER BB 278 -82.66 2.83 -64.23
CA SER BB 278 -82.32 1.47 -64.65
C SER BB 278 -80.90 1.36 -65.17
N GLN BB 279 -80.09 2.39 -65.02
CA GLN BB 279 -78.72 2.33 -65.52
C GLN BB 279 -77.88 1.35 -64.73
N GLN BB 280 -78.13 1.25 -63.43
CA GLN BB 280 -77.34 0.38 -62.57
C GLN BB 280 -77.87 -1.04 -62.51
N TYR BB 281 -79.00 -1.34 -63.13
CA TYR BB 281 -79.51 -2.70 -63.18
C TYR BB 281 -79.27 -3.36 -64.52
N ARG BB 282 -78.70 -2.65 -65.47
CA ARG BB 282 -78.52 -3.18 -66.82
C ARG BB 282 -77.19 -3.93 -66.92
N ALA BB 283 -77.24 -5.10 -67.52
CA ALA BB 283 -76.02 -5.77 -67.93
C ALA BB 283 -75.58 -5.18 -69.26
N LEU BB 284 -74.35 -4.70 -69.32
CA LEU BB 284 -73.82 -4.07 -70.51
C LEU BB 284 -72.83 -5.03 -71.14
N SER BB 285 -73.23 -5.64 -72.25
CA SER BB 285 -72.40 -6.61 -72.92
C SER BB 285 -72.66 -6.52 -74.42
N VAL BB 286 -71.75 -7.11 -75.19
CA VAL BB 286 -71.93 -7.15 -76.64
C VAL BB 286 -73.19 -7.89 -77.07
N PRO BB 287 -73.55 -9.07 -76.54
CA PRO BB 287 -74.76 -9.72 -77.05
C PRO BB 287 -76.04 -8.97 -76.75
N GLU BB 288 -76.15 -8.29 -75.63
CA GLU BB 288 -77.38 -7.55 -75.36
C GLU BB 288 -77.41 -6.28 -76.17
N LEU BB 289 -76.25 -5.76 -76.53
CA LEU BB 289 -76.17 -4.56 -77.34
C LEU BB 289 -76.74 -4.80 -78.72
N THR BB 290 -76.58 -6.01 -79.25
CA THR BB 290 -77.13 -6.33 -80.56
C THR BB 290 -78.65 -6.40 -80.51
N GLN BB 291 -79.21 -6.86 -79.40
CA GLN BB 291 -80.66 -6.94 -79.27
C GLN BB 291 -81.28 -5.55 -79.26
N GLN BB 292 -80.72 -4.62 -78.49
CA GLN BB 292 -81.26 -3.27 -78.43
C GLN BB 292 -81.10 -2.55 -79.74
N MET BB 293 -80.04 -2.86 -80.47
CA MET BB 293 -79.73 -2.12 -81.69
C MET BB 293 -80.58 -2.55 -82.87
N PHE BB 294 -80.96 -3.83 -82.96
CA PHE BB 294 -81.98 -4.26 -83.92
C PHE BB 294 -83.40 -4.21 -83.34
N ASP BB 295 -83.81 -3.03 -82.93
CA ASP BB 295 -85.18 -2.81 -82.48
C ASP BB 295 -85.74 -1.57 -83.14
N ALA BB 296 -87.05 -1.60 -83.40
CA ALA BB 296 -87.71 -0.41 -83.91
C ALA BB 296 -87.77 0.70 -82.87
N LYS BB 297 -87.70 0.34 -81.59
CA LYS BB 297 -87.73 1.32 -80.52
C LYS BB 297 -86.47 2.15 -80.45
N ASN BB 298 -85.37 1.67 -81.01
CA ASN BB 298 -84.10 2.38 -80.94
C ASN BB 298 -83.80 3.19 -82.19
N MET BB 299 -84.45 2.91 -83.30
CA MET BB 299 -84.06 3.53 -84.55
C MET BB 299 -84.61 4.94 -84.61
N MET BB 300 -83.82 5.86 -85.13
CA MET BB 300 -84.11 7.28 -85.01
C MET BB 300 -85.05 7.79 -86.10
N CYS BB 301 -85.44 6.94 -87.03
CA CYS BB 301 -86.45 7.27 -88.03
C CYS BB 301 -87.74 6.53 -87.70
N ALA BB 302 -88.86 7.25 -87.73
CA ALA BB 302 -90.12 6.65 -87.34
C ALA BB 302 -90.74 5.85 -88.47
N SER BB 303 -89.95 4.95 -89.05
CA SER BB 303 -90.44 3.97 -90.00
C SER BB 303 -89.99 2.62 -89.48
N ASP BB 304 -90.96 1.77 -89.15
CA ASP BB 304 -90.68 0.48 -88.55
C ASP BB 304 -89.93 -0.40 -89.53
N PRO BB 305 -88.75 -0.89 -89.19
CA PRO BB 305 -88.01 -1.77 -90.10
C PRO BB 305 -88.68 -3.09 -90.38
N ARG BB 306 -89.65 -3.51 -89.56
CA ARG BB 306 -90.29 -4.78 -89.79
C ARG BB 306 -91.33 -4.75 -90.89
N HIS BB 307 -91.45 -3.65 -91.63
CA HIS BB 307 -92.28 -3.59 -92.82
C HIS BB 307 -91.46 -3.63 -94.10
N GLY BB 308 -90.35 -4.35 -94.07
CA GLY BB 308 -89.45 -4.49 -95.20
C GLY BB 308 -88.26 -5.30 -94.75
N ARG BB 309 -87.35 -5.52 -95.67
CA ARG BB 309 -86.16 -6.32 -95.41
C ARG BB 309 -84.92 -5.45 -95.51
N TYR BB 310 -84.00 -5.60 -94.56
CA TYR BB 310 -82.78 -4.80 -94.57
C TYR BB 310 -81.94 -5.15 -95.79
N LEU BB 311 -81.50 -4.13 -96.50
CA LEU BB 311 -80.72 -4.37 -97.70
C LEU BB 311 -79.26 -4.55 -97.34
N THR BB 312 -78.75 -3.73 -96.45
CA THR BB 312 -77.44 -3.91 -95.82
C THR BB 312 -77.46 -3.11 -94.52
N ALA BB 313 -76.96 -3.71 -93.45
CA ALA BB 313 -76.87 -3.04 -92.17
C ALA BB 313 -75.44 -3.05 -91.70
N SER BB 314 -75.04 -2.02 -90.98
CA SER BB 314 -73.68 -1.91 -90.49
C SER BB 314 -73.71 -1.38 -89.06
N ALA BB 315 -72.85 -1.93 -88.22
CA ALA BB 315 -72.81 -1.58 -86.82
C ALA BB 315 -71.39 -1.19 -86.46
N MET BB 316 -71.15 0.09 -86.22
CA MET BB 316 -69.84 0.59 -85.84
C MET BB 316 -69.74 0.52 -84.32
N PHE BB 317 -69.01 -0.46 -83.82
CA PHE BB 317 -68.88 -0.66 -82.40
C PHE BB 317 -67.76 0.21 -81.85
N ARG BB 318 -67.88 0.58 -80.58
CA ARG BB 318 -66.85 1.34 -79.89
C ARG BB 318 -66.58 0.71 -78.55
N GLY BB 319 -65.31 0.62 -78.18
CA GLY BB 319 -64.95 0.16 -76.86
C GLY BB 319 -63.98 -0.99 -76.90
N ARG BB 320 -63.75 -1.57 -75.73
CA ARG BB 320 -62.83 -2.69 -75.57
C ARG BB 320 -63.66 -3.96 -75.49
N MET BB 321 -63.96 -4.54 -76.65
CA MET BB 321 -64.72 -5.77 -76.71
C MET BB 321 -63.88 -6.84 -77.37
N SER BB 322 -64.47 -8.01 -77.58
CA SER BB 322 -63.81 -9.11 -78.27
C SER BB 322 -64.46 -9.25 -79.63
N THR BB 323 -63.64 -9.49 -80.65
CA THR BB 323 -64.16 -9.42 -82.01
C THR BB 323 -65.01 -10.63 -82.35
N LYS BB 324 -64.72 -11.80 -81.79
CA LYS BB 324 -65.59 -12.95 -81.94
C LYS BB 324 -67.00 -12.65 -81.45
N GLU BB 325 -67.13 -11.92 -80.36
CA GLU BB 325 -68.45 -11.55 -79.87
C GLU BB 325 -69.17 -10.68 -80.88
N VAL BB 326 -68.46 -9.74 -81.49
CA VAL BB 326 -69.06 -8.93 -82.55
C VAL BB 326 -69.33 -9.78 -83.78
N ASP BB 327 -68.38 -10.64 -84.12
CA ASP BB 327 -68.47 -11.43 -85.34
C ASP BB 327 -69.53 -12.52 -85.26
N GLU BB 328 -69.83 -13.00 -84.06
CA GLU BB 328 -70.82 -14.05 -83.90
C GLU BB 328 -72.21 -13.49 -83.62
N GLN BB 329 -72.29 -12.38 -82.88
CA GLN BB 329 -73.61 -11.79 -82.62
C GLN BB 329 -74.22 -11.25 -83.90
N MET BB 330 -73.41 -10.73 -84.82
CA MET BB 330 -74.00 -10.22 -86.04
C MET BB 330 -74.36 -11.36 -86.97
N LEU BB 331 -73.81 -12.55 -86.74
CA LEU BB 331 -74.29 -13.74 -87.42
C LEU BB 331 -75.61 -14.21 -86.84
N ASN BB 332 -75.75 -14.16 -85.50
CA ASN BB 332 -76.95 -14.65 -84.84
C ASN BB 332 -78.16 -13.83 -85.22
N VAL BB 333 -77.97 -12.53 -85.50
CA VAL BB 333 -79.13 -11.73 -85.87
C VAL BB 333 -79.55 -12.04 -87.30
N GLN BB 334 -78.63 -12.49 -88.13
CA GLN BB 334 -79.02 -12.89 -89.49
C GLN BB 334 -79.72 -14.23 -89.51
N ASN BB 335 -79.27 -15.17 -88.68
CA ASN BB 335 -79.87 -16.49 -88.67
C ASN BB 335 -81.22 -16.50 -87.98
N LYS BB 336 -81.35 -15.77 -86.87
CA LYS BB 336 -82.62 -15.77 -86.15
C LYS BB 336 -83.67 -14.94 -86.87
N ASN BB 337 -83.30 -13.75 -87.34
CA ASN BB 337 -84.22 -12.89 -88.07
C ASN BB 337 -83.95 -13.08 -89.56
N SER BB 338 -84.44 -14.20 -90.08
CA SER BB 338 -84.14 -14.55 -91.46
C SER BB 338 -84.88 -13.68 -92.45
N SER BB 339 -86.18 -13.46 -92.23
CA SER BB 339 -87.00 -12.77 -93.20
C SER BB 339 -86.77 -11.27 -93.22
N TYR BB 340 -86.06 -10.72 -92.24
CA TYR BB 340 -85.83 -9.29 -92.16
C TYR BB 340 -84.59 -8.84 -92.93
N PHE BB 341 -83.83 -9.78 -93.49
CA PHE BB 341 -82.68 -9.47 -94.32
C PHE BB 341 -82.91 -10.06 -95.70
N VAL BB 342 -82.52 -9.31 -96.74
CA VAL BB 342 -82.78 -9.75 -98.09
C VAL BB 342 -81.87 -10.93 -98.43
N GLU BB 343 -82.31 -11.77 -99.35
CA GLU BB 343 -81.74 -13.09 -99.53
C GLU BB 343 -80.79 -13.22 -100.71
N TRP BB 344 -80.72 -12.23 -101.60
CA TRP BB 344 -79.78 -12.33 -102.70
C TRP BB 344 -78.45 -11.64 -102.40
N ILE BB 345 -78.30 -10.99 -101.25
CA ILE BB 345 -77.00 -10.65 -100.71
C ILE BB 345 -76.72 -11.60 -99.56
N PRO BB 346 -75.81 -12.55 -99.72
CA PRO BB 346 -75.34 -13.31 -98.56
C PRO BB 346 -74.50 -12.42 -97.68
N ASN BB 347 -74.62 -12.64 -96.37
CA ASN BB 347 -73.84 -11.92 -95.36
C ASN BB 347 -74.12 -10.42 -95.41
N ASN BB 348 -75.32 -10.06 -94.97
CA ASN BB 348 -75.75 -8.67 -94.92
C ASN BB 348 -75.12 -7.86 -93.81
N MET BB 349 -74.47 -8.48 -92.82
CA MET BB 349 -73.95 -7.70 -91.71
C MET BB 349 -72.69 -6.98 -92.15
N LYS BB 350 -72.29 -5.99 -91.37
CA LYS BB 350 -71.02 -5.31 -91.57
C LYS BB 350 -70.62 -4.72 -90.22
N SER BB 351 -69.40 -4.99 -89.80
CA SER BB 351 -69.03 -4.67 -88.44
C SER BB 351 -67.65 -4.05 -88.38
N SER BB 352 -67.48 -3.09 -87.47
CA SER BB 352 -66.18 -2.51 -87.18
C SER BB 352 -66.07 -2.20 -85.70
N VAL BB 353 -64.87 -2.39 -85.16
CA VAL BB 353 -64.63 -2.21 -83.74
C VAL BB 353 -63.57 -1.13 -83.57
N CYS BB 354 -63.93 -0.06 -82.90
CA CYS BB 354 -63.01 0.97 -82.45
C CYS BB 354 -62.86 0.86 -80.94
N ASP BB 355 -61.76 1.37 -80.42
CA ASP BB 355 -61.39 1.02 -79.06
C ASP BB 355 -61.30 2.30 -78.21
N ILE BB 356 -61.97 3.36 -78.64
CA ILE BB 356 -62.15 4.55 -77.82
C ILE BB 356 -63.64 4.79 -77.66
N PRO BB 357 -64.21 4.42 -76.52
CA PRO BB 357 -65.65 4.50 -76.35
C PRO BB 357 -66.08 5.92 -76.09
N PRO BB 358 -67.39 6.21 -76.12
CA PRO BB 358 -67.86 7.52 -75.69
C PRO BB 358 -67.63 7.70 -74.20
N LYS BB 359 -67.62 8.95 -73.79
CA LYS BB 359 -67.13 9.31 -72.47
C LYS BB 359 -68.14 8.89 -71.42
N GLY BB 360 -67.76 7.93 -70.58
CA GLY BB 360 -68.60 7.47 -69.51
C GLY BB 360 -69.22 6.11 -69.71
N LEU BB 361 -69.22 5.59 -70.93
CA LEU BB 361 -69.80 4.30 -71.24
C LEU BB 361 -68.68 3.39 -71.72
N LYS BB 362 -68.62 2.18 -71.18
CA LYS BB 362 -67.55 1.28 -71.57
C LYS BB 362 -67.69 0.79 -72.98
N MET BB 363 -68.89 0.85 -73.55
CA MET BB 363 -69.15 0.37 -74.91
C MET BB 363 -70.28 1.19 -75.50
N SER BB 364 -70.26 1.32 -76.82
CA SER BB 364 -71.42 1.79 -77.54
C SER BB 364 -71.35 1.27 -78.96
N VAL BB 365 -72.48 1.33 -79.65
CA VAL BB 365 -72.55 0.97 -81.06
C VAL BB 365 -73.46 1.97 -81.75
N THR BB 366 -73.12 2.33 -82.97
CA THR BB 366 -73.96 3.16 -83.81
C THR BB 366 -74.33 2.35 -85.04
N PHE BB 367 -75.62 2.33 -85.34
CA PHE BB 367 -76.18 1.41 -86.32
C PHE BB 367 -76.63 2.18 -87.55
N VAL BB 368 -75.98 1.94 -88.67
CA VAL BB 368 -76.40 2.52 -89.95
C VAL BB 368 -77.04 1.40 -90.74
N GLY BB 369 -78.33 1.50 -90.97
CA GLY BB 369 -79.01 0.43 -91.64
C GLY BB 369 -79.72 0.86 -92.90
N ASN BB 370 -79.36 0.27 -94.03
CA ASN BB 370 -80.02 0.55 -95.30
C ASN BB 370 -81.19 -0.39 -95.43
N SER BB 371 -82.36 0.03 -94.98
CA SER BB 371 -83.55 -0.78 -95.07
C SER BB 371 -84.32 -0.43 -96.32
N THR BB 372 -85.36 -1.20 -96.59
CA THR BB 372 -86.32 -0.83 -97.61
C THR BB 372 -87.63 -0.38 -97.01
N ALA BB 373 -87.67 -0.21 -95.69
CA ALA BB 373 -88.86 0.28 -95.01
C ALA BB 373 -89.05 1.77 -95.18
N ILE BB 374 -88.04 2.50 -95.64
CA ILE BB 374 -88.19 3.93 -95.90
C ILE BB 374 -88.99 4.20 -97.17
N GLN BB 375 -89.51 3.16 -97.81
CA GLN BB 375 -90.61 3.30 -98.74
C GLN BB 375 -91.74 4.09 -98.12
N GLU BB 376 -92.12 3.72 -96.90
CA GLU BB 376 -93.35 4.22 -96.31
C GLU BB 376 -93.23 5.66 -95.91
N MET BB 377 -92.02 6.13 -95.63
CA MET BB 377 -91.83 7.55 -95.43
C MET BB 377 -91.93 8.29 -96.75
N PHE BB 378 -91.29 7.77 -97.80
CA PHE BB 378 -91.34 8.44 -99.09
C PHE BB 378 -92.72 8.35 -99.70
N LYS BB 379 -93.44 7.26 -99.42
CA LYS BB 379 -94.81 7.15 -99.91
C LYS BB 379 -95.70 8.16 -99.21
N ARG BB 380 -95.47 8.39 -97.92
CA ARG BB 380 -96.33 9.29 -97.17
C ARG BB 380 -96.11 10.74 -97.56
N VAL BB 381 -94.86 11.14 -97.78
CA VAL BB 381 -94.61 12.50 -98.22
C VAL BB 381 -95.13 12.69 -99.64
N SER BB 382 -95.02 11.67 -100.48
CA SER BB 382 -95.49 11.78 -101.86
C SER BB 382 -97.01 11.89 -101.91
N ASP BB 383 -97.71 11.21 -101.01
CA ASP BB 383 -99.16 11.36 -100.95
C ASP BB 383 -99.55 12.73 -100.41
N GLN BB 384 -98.82 13.23 -99.41
CA GLN BB 384 -99.08 14.58 -98.91
C GLN BB 384 -98.70 15.63 -99.92
N PHE BB 385 -97.73 15.34 -100.78
CA PHE BB 385 -97.43 16.25 -101.87
C PHE BB 385 -98.53 16.24 -102.92
N THR BB 386 -98.97 15.05 -103.32
CA THR BB 386 -99.99 14.95 -104.36
C THR BB 386 -101.36 15.38 -103.86
N ALA BB 387 -101.56 15.41 -102.54
CA ALA BB 387 -102.82 15.89 -102.00
C ALA BB 387 -103.03 17.37 -102.29
N MET BB 388 -101.98 18.18 -102.14
CA MET BB 388 -102.13 19.61 -102.38
C MET BB 388 -101.72 20.04 -103.77
N PHE BB 389 -100.99 19.21 -104.50
CA PHE BB 389 -100.56 19.63 -105.83
C PHE BB 389 -101.67 19.58 -106.86
N ARG BB 390 -102.67 18.72 -106.68
CA ARG BB 390 -103.79 18.68 -107.62
C ARG BB 390 -104.61 19.95 -107.55
N ARG BB 391 -104.75 20.53 -106.37
CA ARG BB 391 -105.46 21.79 -106.20
C ARG BB 391 -104.56 23.00 -106.31
N LYS BB 392 -103.25 22.79 -106.49
CA LYS BB 392 -102.25 23.85 -106.62
C LYS BB 392 -102.26 24.79 -105.42
N ALA BB 393 -102.56 24.25 -104.25
CA ALA BB 393 -102.59 25.07 -103.05
C ALA BB 393 -101.16 25.43 -102.63
N PHE BB 394 -101.00 26.65 -102.13
CA PHE BB 394 -99.73 27.16 -101.60
C PHE BB 394 -98.63 27.12 -102.64
N LEU BB 395 -98.98 27.30 -103.91
CA LEU BB 395 -98.01 27.21 -104.99
C LEU BB 395 -97.60 28.57 -105.54
N HIS BB 396 -98.44 29.59 -105.36
CA HIS BB 396 -98.09 30.91 -105.90
C HIS BB 396 -96.95 31.56 -105.13
N TRP BB 397 -96.68 31.10 -103.90
CA TRP BB 397 -95.51 31.56 -103.18
C TRP BB 397 -94.23 31.10 -103.86
N TYR BB 398 -94.26 29.94 -104.50
CA TYR BB 398 -93.11 29.35 -105.17
C TYR BB 398 -93.04 29.73 -106.64
N THR BB 399 -94.18 29.72 -107.33
CA THR BB 399 -94.21 30.06 -108.75
C THR BB 399 -93.84 31.51 -108.96
N GLY BB 400 -94.31 32.40 -108.09
CA GLY BB 400 -93.97 33.80 -108.21
C GLY BB 400 -92.54 34.13 -107.85
N GLU BB 401 -91.81 33.18 -107.30
CA GLU BB 401 -90.42 33.40 -106.91
C GLU BB 401 -89.44 32.98 -108.00
N GLY BB 402 -89.92 32.50 -109.14
CA GLY BB 402 -89.00 32.16 -110.20
C GLY BB 402 -88.95 30.68 -110.52
N MET BB 403 -90.07 29.98 -110.40
CA MET BB 403 -90.13 28.58 -110.74
C MET BB 403 -91.20 28.34 -111.79
N ASP BB 404 -91.06 27.20 -112.47
CA ASP BB 404 -92.05 26.72 -113.41
C ASP BB 404 -92.83 25.58 -112.79
N GLU BB 405 -93.96 25.26 -113.40
CA GLU BB 405 -94.76 24.14 -112.92
C GLU BB 405 -94.05 22.82 -113.15
N MET BB 406 -93.12 22.76 -114.11
CA MET BB 406 -92.48 21.50 -114.46
C MET BB 406 -91.56 20.98 -113.37
N GLU BB 407 -91.04 21.86 -112.51
CA GLU BB 407 -90.10 21.40 -111.50
C GLU BB 407 -90.76 20.50 -110.47
N PHE BB 408 -92.05 20.70 -110.22
CA PHE BB 408 -92.73 19.88 -109.24
C PHE BB 408 -93.08 18.51 -109.81
N THR BB 409 -93.40 18.44 -111.09
CA THR BB 409 -93.72 17.15 -111.68
C THR BB 409 -92.48 16.30 -111.84
N GLU BB 410 -91.33 16.91 -112.14
CA GLU BB 410 -90.10 16.12 -112.22
C GLU BB 410 -89.58 15.77 -110.84
N ALA BB 411 -89.95 16.54 -109.82
CA ALA BB 411 -89.57 16.17 -108.45
C ALA BB 411 -90.43 15.01 -107.94
N GLU BB 412 -91.74 15.03 -108.23
CA GLU BB 412 -92.58 13.93 -107.77
C GLU BB 412 -92.32 12.67 -108.57
N SER BB 413 -91.86 12.81 -109.82
CA SER BB 413 -91.44 11.64 -110.56
C SER BB 413 -90.23 10.99 -109.89
N ASN BB 414 -89.28 11.79 -109.46
CA ASN BB 414 -88.07 11.22 -108.86
C ASN BB 414 -88.33 10.72 -107.45
N MET BB 415 -89.32 11.27 -106.75
CA MET BB 415 -89.76 10.63 -105.52
C MET BB 415 -90.44 9.30 -105.82
N ASN BB 416 -91.34 9.28 -106.81
CA ASN BB 416 -92.08 8.06 -107.10
C ASN BB 416 -91.22 7.03 -107.80
N ASP BB 417 -90.19 7.47 -108.53
CA ASP BB 417 -89.20 6.51 -109.02
C ASP BB 417 -88.43 5.87 -107.88
N LEU BB 418 -88.20 6.63 -106.81
CA LEU BB 418 -87.43 6.09 -105.69
C LEU BB 418 -88.20 4.99 -104.96
N VAL BB 419 -89.52 5.13 -104.86
CA VAL BB 419 -90.31 4.13 -104.15
C VAL BB 419 -90.36 2.84 -104.93
N SER BB 420 -90.44 2.93 -106.26
CA SER BB 420 -90.58 1.74 -107.08
C SER BB 420 -89.31 0.90 -107.07
N GLU BB 421 -88.16 1.51 -106.79
CA GLU BB 421 -86.93 0.73 -106.68
C GLU BB 421 -86.87 -0.06 -105.39
N TYR BB 422 -87.38 0.51 -104.30
CA TYR BB 422 -87.47 -0.24 -103.05
C TYR BB 422 -88.41 -1.44 -103.14
N GLN BB 423 -89.55 -1.28 -103.81
CA GLN BB 423 -90.40 -2.44 -104.08
C GLN BB 423 -89.80 -3.40 -105.08
N GLN BB 424 -88.87 -2.95 -105.91
CA GLN BB 424 -88.27 -3.88 -106.86
C GLN BB 424 -87.38 -4.87 -106.13
N TYR BB 425 -86.81 -4.47 -105.01
CA TYR BB 425 -85.91 -5.33 -104.25
C TYR BB 425 -86.53 -5.85 -102.96
N GLN BB 426 -87.84 -5.71 -102.78
CA GLN BB 426 -88.50 -6.13 -101.55
C GLN BB 426 -88.51 -7.64 -101.39
N MET CB 1 7.12 -110.73 -78.02
CA MET CB 1 7.09 -112.09 -78.54
C MET CB 1 5.66 -112.61 -78.57
N ARG CB 2 5.29 -113.33 -77.52
CA ARG CB 2 3.92 -113.79 -77.32
C ARG CB 2 3.23 -112.86 -76.35
N GLU CB 3 2.04 -112.39 -76.72
CA GLU CB 3 1.28 -111.49 -75.86
C GLU CB 3 -0.19 -111.82 -75.98
N VAL CB 4 -1.01 -111.07 -75.26
CA VAL CB 4 -2.44 -111.25 -75.28
C VAL CB 4 -3.12 -109.90 -75.11
N ILE CB 5 -4.15 -109.65 -75.92
CA ILE CB 5 -4.80 -108.36 -75.99
C ILE CB 5 -6.10 -108.42 -75.21
N SER CB 6 -6.27 -107.51 -74.27
CA SER CB 6 -7.47 -107.43 -73.45
C SER CB 6 -8.41 -106.40 -74.07
N ILE CB 7 -9.69 -106.76 -74.16
CA ILE CB 7 -10.72 -105.85 -74.64
C ILE CB 7 -11.80 -105.77 -73.57
N HIS CB 8 -12.19 -104.55 -73.21
CA HIS CB 8 -13.22 -104.33 -72.21
C HIS CB 8 -14.34 -103.52 -72.84
N VAL CB 9 -15.50 -104.14 -72.99
CA VAL CB 9 -16.65 -103.51 -73.61
C VAL CB 9 -17.71 -103.31 -72.55
N GLY CB 10 -18.25 -102.11 -72.49
CA GLY CB 10 -19.32 -101.80 -71.55
C GLY CB 10 -18.80 -101.26 -70.24
N GLN CB 11 -19.75 -100.87 -69.39
CA GLN CB 11 -19.40 -100.38 -68.07
C GLN CB 11 -18.80 -101.49 -67.22
N ALA CB 12 -19.46 -102.65 -67.18
CA ALA CB 12 -18.96 -103.75 -66.39
C ALA CB 12 -17.63 -104.25 -66.92
N GLY CB 13 -17.43 -104.16 -68.23
CA GLY CB 13 -16.13 -104.50 -68.79
C GLY CB 13 -15.05 -103.55 -68.33
N ILE CB 14 -15.35 -102.25 -68.26
CA ILE CB 14 -14.34 -101.27 -67.89
C ILE CB 14 -13.98 -101.39 -66.41
N GLN CB 15 -14.98 -101.52 -65.55
CA GLN CB 15 -14.71 -101.58 -64.12
C GLN CB 15 -14.01 -102.87 -63.72
N ILE CB 16 -14.41 -104.00 -64.32
CA ILE CB 16 -13.72 -105.25 -64.03
C ILE CB 16 -12.28 -105.18 -64.52
N GLY CB 17 -12.08 -104.56 -65.69
CA GLY CB 17 -10.73 -104.38 -66.19
C GLY CB 17 -9.92 -103.41 -65.37
N ASN CB 18 -10.57 -102.51 -64.64
CA ASN CB 18 -9.86 -101.60 -63.76
C ASN CB 18 -9.24 -102.36 -62.60
N ALA CB 19 -9.99 -103.29 -62.00
CA ALA CB 19 -9.44 -104.10 -60.94
C ALA CB 19 -8.43 -105.09 -61.47
N CYS CB 20 -8.62 -105.54 -62.72
CA CYS CB 20 -7.66 -106.45 -63.33
C CYS CB 20 -6.31 -105.79 -63.56
N TRP CB 21 -6.32 -104.58 -64.13
CA TRP CB 21 -5.06 -103.92 -64.43
C TRP CB 21 -4.40 -103.33 -63.21
N GLU CB 22 -5.18 -103.03 -62.17
CA GLU CB 22 -4.58 -102.62 -60.91
C GLU CB 22 -3.87 -103.80 -60.28
N LEU CB 23 -4.44 -105.00 -60.41
CA LEU CB 23 -3.81 -106.19 -59.88
C LEU CB 23 -2.58 -106.57 -60.70
N PHE CB 24 -2.66 -106.39 -62.01
CA PHE CB 24 -1.55 -106.77 -62.88
C PHE CB 24 -0.36 -105.87 -62.68
N CYS CB 25 -0.58 -104.57 -62.45
CA CYS CB 25 0.52 -103.65 -62.26
C CYS CB 25 1.26 -103.92 -60.95
N LEU CB 26 0.52 -104.25 -59.90
CA LEU CB 26 1.15 -104.57 -58.62
C LEU CB 26 1.95 -105.85 -58.70
N GLU CB 27 1.49 -106.81 -59.50
CA GLU CB 27 2.08 -108.12 -59.49
C GLU CB 27 3.42 -108.13 -60.24
N HIS CB 28 3.53 -107.32 -61.28
CA HIS CB 28 4.81 -107.08 -61.93
C HIS CB 28 5.54 -105.88 -61.33
N GLY CB 29 4.94 -105.20 -60.37
CA GLY CB 29 5.61 -104.13 -59.66
C GLY CB 29 5.94 -102.89 -60.46
N ILE CB 30 5.00 -102.38 -61.26
CA ILE CB 30 5.20 -101.12 -61.95
C ILE CB 30 4.34 -100.06 -61.30
N GLN CB 31 4.85 -98.83 -61.30
CA GLN CB 31 4.14 -97.71 -60.73
C GLN CB 31 2.95 -97.34 -61.60
N PRO CB 32 1.96 -96.62 -61.06
CA PRO CB 32 0.82 -96.20 -61.88
C PRO CB 32 1.18 -95.31 -63.05
N ASP CB 33 2.32 -94.62 -63.04
CA ASP CB 33 2.74 -93.88 -64.23
C ASP CB 33 3.13 -94.83 -65.36
N GLY CB 34 3.82 -95.90 -65.03
CA GLY CB 34 4.13 -96.91 -66.03
C GLY CB 34 5.57 -97.36 -66.04
N GLN CB 35 6.37 -96.87 -65.10
CA GLN CB 35 7.80 -97.16 -65.06
C GLN CB 35 8.11 -98.03 -63.86
N MET CB 36 8.71 -99.21 -64.11
CA MET CB 36 9.14 -99.92 -62.91
C MET CB 36 10.48 -99.37 -62.42
N PRO CB 37 10.71 -99.33 -61.10
CA PRO CB 37 11.99 -98.92 -60.57
C PRO CB 37 12.93 -100.10 -60.37
N ASP CB 47 11.34 -109.98 -69.29
CA ASP CB 47 10.40 -110.18 -70.38
C ASP CB 47 9.26 -111.09 -69.95
N ALA CB 48 9.22 -111.39 -68.65
CA ALA CB 48 8.13 -112.17 -68.09
C ALA CB 48 6.82 -111.41 -68.13
N PHE CB 49 6.88 -110.10 -67.93
CA PHE CB 49 5.70 -109.24 -67.96
C PHE CB 49 5.28 -108.87 -69.38
N ASN CB 50 6.04 -109.26 -70.39
CA ASN CB 50 5.81 -108.79 -71.75
C ASN CB 50 4.54 -109.34 -72.37
N THR CB 51 3.91 -110.35 -71.76
CA THR CB 51 2.69 -110.91 -72.33
C THR CB 51 1.49 -109.98 -72.17
N PHE CB 52 1.59 -108.97 -71.32
CA PHE CB 52 0.51 -108.03 -71.12
C PHE CB 52 0.89 -106.58 -71.33
N PHE CB 53 2.17 -106.22 -71.14
CA PHE CB 53 2.63 -104.85 -71.28
C PHE CB 53 3.59 -104.75 -72.46
N SER CB 54 3.63 -103.58 -73.08
CA SER CB 54 4.52 -103.32 -74.20
C SER CB 54 5.60 -102.33 -73.77
N GLU CB 55 6.85 -102.66 -74.08
CA GLU CB 55 7.95 -101.76 -73.80
C GLU CB 55 7.86 -100.52 -74.68
N THR CB 56 8.13 -99.36 -74.09
CA THR CB 56 8.10 -98.12 -74.84
C THR CB 56 9.10 -97.16 -74.21
N GLY CB 57 10.33 -97.20 -74.69
CA GLY CB 57 11.33 -96.26 -74.23
C GLY CB 57 12.03 -96.61 -72.94
N ALA CB 58 12.18 -95.62 -72.05
CA ALA CB 58 13.07 -95.70 -70.91
C ALA CB 58 12.42 -96.48 -69.77
N GLY CB 59 12.40 -97.80 -69.92
CA GLY CB 59 11.88 -98.66 -68.88
C GLY CB 59 10.37 -98.65 -68.74
N LYS CB 60 9.67 -98.07 -69.71
CA LYS CB 60 8.27 -97.73 -69.59
C LYS CB 60 7.38 -98.77 -70.24
N HIS CB 61 6.23 -99.02 -69.64
CA HIS CB 61 5.37 -100.13 -70.03
C HIS CB 61 3.94 -99.64 -70.15
N VAL CB 62 3.31 -99.94 -71.28
CA VAL CB 62 1.94 -99.55 -71.58
C VAL CB 62 1.11 -100.82 -71.68
N PRO CB 63 -0.03 -100.90 -71.01
CA PRO CB 63 -0.84 -102.12 -71.07
C PRO CB 63 -1.43 -102.37 -72.44
N ARG CB 64 -1.68 -103.64 -72.73
CA ARG CB 64 -2.26 -104.05 -74.00
C ARG CB 64 -3.77 -104.22 -73.84
N CYS CB 65 -4.46 -103.08 -73.79
CA CYS CB 65 -5.90 -103.10 -73.57
C CYS CB 65 -6.57 -101.94 -74.28
N VAL CB 66 -7.83 -102.11 -74.59
CA VAL CB 66 -8.68 -101.04 -75.10
C VAL CB 66 -9.97 -101.02 -74.29
N PHE CB 67 -10.43 -99.82 -73.97
CA PHE CB 67 -11.64 -99.63 -73.17
C PHE CB 67 -12.70 -99.06 -74.10
N LEU CB 68 -13.71 -99.85 -74.41
CA LEU CB 68 -14.75 -99.45 -75.34
C LEU CB 68 -16.05 -99.30 -74.59
N ASP CB 69 -16.59 -98.09 -74.55
CA ASP CB 69 -17.93 -97.91 -74.07
C ASP CB 69 -18.44 -96.64 -74.73
N LEU CB 70 -19.75 -96.56 -74.88
CA LEU CB 70 -20.38 -95.40 -75.48
C LEU CB 70 -20.78 -94.36 -74.46
N GLU CB 71 -20.63 -94.66 -73.17
CA GLU CB 71 -20.86 -93.72 -72.10
C GLU CB 71 -19.56 -93.01 -71.80
N PRO CB 72 -19.50 -91.68 -71.83
CA PRO CB 72 -18.31 -91.00 -71.34
C PRO CB 72 -18.14 -91.05 -69.84
N THR CB 73 -19.22 -91.24 -69.09
CA THR CB 73 -19.19 -91.06 -67.65
C THR CB 73 -18.57 -92.22 -66.90
N VAL CB 74 -18.00 -93.20 -67.59
CA VAL CB 74 -17.30 -94.28 -66.92
C VAL CB 74 -15.83 -94.35 -67.32
N VAL CB 75 -15.47 -93.87 -68.50
CA VAL CB 75 -14.08 -93.91 -68.93
C VAL CB 75 -13.36 -92.61 -68.61
N ASP CB 76 -14.08 -91.52 -68.34
CA ASP CB 76 -13.43 -90.26 -68.04
C ASP CB 76 -12.82 -90.23 -66.64
N GLU CB 77 -13.32 -91.03 -65.71
CA GLU CB 77 -12.61 -91.10 -64.44
C GLU CB 77 -11.34 -91.94 -64.55
N VAL CB 78 -11.21 -92.77 -65.57
CA VAL CB 78 -9.92 -93.35 -65.85
C VAL CB 78 -8.98 -92.29 -66.41
N ARG CB 79 -9.52 -91.38 -67.22
CA ARG CB 79 -8.72 -90.31 -67.80
C ARG CB 79 -8.33 -89.24 -66.79
N THR CB 80 -8.93 -89.25 -65.60
CA THR CB 80 -8.62 -88.24 -64.59
C THR CB 80 -8.32 -88.84 -63.23
N GLY CB 81 -8.25 -90.16 -63.12
CA GLY CB 81 -7.95 -90.81 -61.86
C GLY CB 81 -6.47 -90.93 -61.64
N THR CB 82 -6.08 -91.90 -60.80
CA THR CB 82 -4.66 -92.11 -60.56
C THR CB 82 -3.99 -92.71 -61.79
N TYR CB 83 -4.70 -93.53 -62.54
CA TYR CB 83 -4.13 -94.19 -63.70
C TYR CB 83 -4.42 -93.41 -64.98
N ARG CB 84 -4.00 -92.14 -65.01
CA ARG CB 84 -4.10 -91.37 -66.23
C ARG CB 84 -3.08 -91.84 -67.25
N HIS CB 85 -1.81 -91.76 -66.89
CA HIS CB 85 -0.74 -92.05 -67.80
C HIS CB 85 -0.30 -93.50 -67.85
N LEU CB 86 -0.99 -94.39 -67.15
CA LEU CB 86 -0.74 -95.80 -67.39
C LEU CB 86 -1.13 -96.18 -68.82
N PHE CB 87 -2.32 -95.76 -69.24
CA PHE CB 87 -2.85 -96.11 -70.54
C PHE CB 87 -2.58 -95.01 -71.55
N HIS CB 88 -2.24 -95.43 -72.76
CA HIS CB 88 -2.13 -94.53 -73.88
C HIS CB 88 -3.50 -93.95 -74.21
N PRO CB 89 -3.58 -92.67 -74.63
CA PRO CB 89 -4.89 -92.00 -74.71
C PRO CB 89 -5.90 -92.63 -75.64
N GLU CB 90 -5.51 -93.11 -76.82
CA GLU CB 90 -6.49 -93.76 -77.68
C GLU CB 90 -6.76 -95.21 -77.33
N GLN CB 91 -6.14 -95.75 -76.29
CA GLN CB 91 -6.63 -97.02 -75.77
C GLN CB 91 -8.03 -96.86 -75.19
N LEU CB 92 -8.32 -95.71 -74.60
CA LEU CB 92 -9.62 -95.43 -74.00
C LEU CB 92 -10.48 -94.69 -75.02
N ILE CB 93 -11.46 -95.39 -75.57
CA ILE CB 93 -12.32 -94.87 -76.62
C ILE CB 93 -13.74 -94.75 -76.08
N SER CB 94 -14.37 -93.60 -76.30
CA SER CB 94 -15.71 -93.35 -75.80
C SER CB 94 -16.57 -92.72 -76.88
N GLY CB 95 -17.86 -92.97 -76.79
CA GLY CB 95 -18.84 -92.33 -77.64
C GLY CB 95 -19.41 -91.10 -76.99
N LYS CB 96 -20.59 -90.70 -77.45
CA LYS CB 96 -21.33 -89.59 -76.88
C LYS CB 96 -22.60 -90.01 -76.16
N GLU CB 97 -23.35 -90.96 -76.71
CA GLU CB 97 -24.62 -91.38 -76.14
C GLU CB 97 -24.60 -92.86 -75.80
N ASP CB 98 -25.25 -93.21 -74.69
CA ASP CB 98 -25.31 -94.55 -74.17
C ASP CB 98 -26.15 -95.45 -75.07
N ALA CB 99 -25.91 -96.76 -74.97
CA ALA CB 99 -26.74 -97.72 -75.70
C ALA CB 99 -28.14 -97.82 -75.11
N ALA CB 100 -28.33 -97.34 -73.88
CA ALA CB 100 -29.64 -97.25 -73.23
C ALA CB 100 -30.32 -98.61 -73.13
N ASN CB 101 -29.56 -99.59 -72.62
CA ASN CB 101 -30.05 -100.94 -72.33
C ASN CB 101 -30.65 -101.62 -73.54
N ASN CB 102 -30.25 -101.22 -74.73
CA ASN CB 102 -30.90 -101.66 -75.95
C ASN CB 102 -29.83 -102.35 -76.77
N PHE CB 103 -30.04 -103.63 -77.06
CA PHE CB 103 -29.12 -104.37 -77.91
C PHE CB 103 -29.12 -103.82 -79.32
N ALA CB 104 -30.28 -103.39 -79.81
CA ALA CB 104 -30.37 -102.88 -81.16
C ALA CB 104 -29.68 -101.52 -81.30
N ARG CB 105 -29.55 -100.78 -80.21
CA ARG CB 105 -28.77 -99.55 -80.30
C ARG CB 105 -27.29 -99.87 -80.50
N GLY CB 106 -26.74 -100.75 -79.67
CA GLY CB 106 -25.31 -101.00 -79.69
C GLY CB 106 -24.84 -101.86 -80.83
N HIS CB 107 -25.75 -102.40 -81.62
CA HIS CB 107 -25.39 -103.24 -82.75
C HIS CB 107 -25.67 -102.58 -84.09
N TYR CB 108 -26.64 -101.67 -84.16
CA TYR CB 108 -27.09 -101.12 -85.42
C TYR CB 108 -26.91 -99.62 -85.53
N THR CB 109 -27.43 -98.84 -84.58
CA THR CB 109 -27.45 -97.40 -84.79
C THR CB 109 -26.14 -96.75 -84.38
N ILE CB 110 -25.78 -96.83 -83.11
CA ILE CB 110 -24.59 -96.16 -82.62
C ILE CB 110 -23.39 -97.09 -82.63
N GLY CB 111 -23.43 -98.15 -83.42
CA GLY CB 111 -22.37 -99.13 -83.41
C GLY CB 111 -21.21 -98.82 -84.33
N LYS CB 112 -21.50 -98.47 -85.58
CA LYS CB 112 -20.45 -98.32 -86.58
C LYS CB 112 -19.59 -97.08 -86.36
N GLU CB 113 -19.99 -96.17 -85.48
CA GLU CB 113 -19.18 -94.97 -85.28
C GLU CB 113 -17.93 -95.24 -84.47
N ILE CB 114 -17.94 -96.26 -83.62
CA ILE CB 114 -16.85 -96.47 -82.68
C ILE CB 114 -15.99 -97.65 -83.12
N VAL CB 115 -16.61 -98.67 -83.71
CA VAL CB 115 -15.90 -99.92 -83.97
C VAL CB 115 -14.88 -99.77 -85.07
N ASP CB 116 -15.03 -98.76 -85.94
CA ASP CB 116 -13.98 -98.48 -86.90
C ASP CB 116 -12.73 -97.99 -86.19
N LEU CB 117 -12.91 -97.13 -85.18
CA LEU CB 117 -11.76 -96.62 -84.43
C LEU CB 117 -11.21 -97.68 -83.49
N SER CB 118 -12.06 -98.60 -83.03
CA SER CB 118 -11.62 -99.64 -82.13
C SER CB 118 -10.71 -100.64 -82.82
N LEU CB 119 -11.01 -100.97 -84.08
CA LEU CB 119 -10.21 -101.94 -84.80
C LEU CB 119 -8.85 -101.38 -85.17
N ASP CB 120 -8.74 -100.07 -85.34
CA ASP CB 120 -7.45 -99.46 -85.65
C ASP CB 120 -6.50 -99.59 -84.47
N ARG CB 121 -7.00 -99.39 -83.25
CA ARG CB 121 -6.15 -99.55 -82.08
C ARG CB 121 -5.84 -101.01 -81.82
N ILE CB 122 -6.78 -101.91 -82.14
CA ILE CB 122 -6.54 -103.33 -82.00
C ILE CB 122 -5.47 -103.78 -82.98
N ARG CB 123 -5.56 -103.31 -84.22
CA ARG CB 123 -4.57 -103.69 -85.23
C ARG CB 123 -3.19 -103.14 -84.90
N LYS CB 124 -3.14 -101.90 -84.39
CA LYS CB 124 -1.86 -101.30 -84.06
C LYS CB 124 -1.21 -102.00 -82.86
N LEU CB 125 -2.03 -102.61 -82.01
CA LEU CB 125 -1.49 -103.26 -80.83
C LEU CB 125 -1.12 -104.71 -81.10
N ALA CB 126 -1.76 -105.33 -82.10
CA ALA CB 126 -1.52 -106.73 -82.41
C ALA CB 126 -0.49 -106.94 -83.51
N ASP CB 127 -0.01 -105.88 -84.14
CA ASP CB 127 0.99 -106.00 -85.19
C ASP CB 127 2.40 -105.69 -84.67
N ASN CB 128 2.63 -105.87 -83.37
CA ASN CB 128 3.94 -105.63 -82.79
C ASN CB 128 4.81 -106.88 -82.83
N CYS CB 129 4.36 -107.96 -82.19
CA CYS CB 129 5.07 -109.23 -82.17
C CYS CB 129 4.07 -110.32 -82.53
N THR CB 130 4.03 -110.68 -83.81
CA THR CB 130 3.06 -111.66 -84.30
C THR CB 130 3.36 -113.04 -83.71
N GLY CB 131 2.29 -113.77 -83.37
CA GLY CB 131 2.41 -115.00 -82.64
C GLY CB 131 1.75 -114.86 -81.29
N LEU CB 132 0.89 -113.85 -81.17
CA LEU CB 132 0.24 -113.55 -79.90
C LEU CB 132 -0.82 -114.60 -79.59
N GLN CB 133 -1.03 -114.81 -78.29
CA GLN CB 133 -1.78 -115.96 -77.82
C GLN CB 133 -3.25 -115.85 -78.20
N GLY CB 134 -3.87 -114.70 -77.91
CA GLY CB 134 -5.28 -114.56 -78.22
C GLY CB 134 -5.84 -113.25 -77.69
N PHE CB 135 -7.16 -113.22 -77.56
CA PHE CB 135 -7.88 -112.06 -77.10
C PHE CB 135 -8.68 -112.41 -75.85
N LEU CB 136 -8.85 -111.42 -74.98
CA LEU CB 136 -9.74 -111.52 -73.83
C LEU CB 136 -10.76 -110.39 -73.89
N MET CB 137 -12.04 -110.75 -73.90
CA MET CB 137 -13.13 -109.80 -73.99
C MET CB 137 -13.94 -109.81 -72.70
N PHE CB 138 -14.22 -108.62 -72.17
CA PHE CB 138 -14.96 -108.46 -70.92
C PHE CB 138 -16.25 -107.76 -71.25
N ASN CB 139 -17.38 -108.30 -70.78
CA ASN CB 139 -18.65 -107.64 -70.99
C ASN CB 139 -19.68 -108.13 -69.99
N ALA CB 140 -20.75 -107.36 -69.87
CA ALA CB 140 -21.96 -107.79 -69.18
C ALA CB 140 -22.99 -108.17 -70.22
N VAL CB 141 -23.57 -109.35 -70.07
CA VAL CB 141 -24.48 -109.88 -71.07
C VAL CB 141 -25.79 -109.09 -71.07
N GLY CB 142 -26.27 -108.70 -69.89
CA GLY CB 142 -27.56 -108.03 -69.79
C GLY CB 142 -27.55 -106.58 -70.25
N GLY CB 143 -26.40 -105.98 -70.45
CA GLY CB 143 -26.34 -104.58 -70.81
C GLY CB 143 -26.62 -104.32 -72.28
N GLY CB 144 -26.60 -103.05 -72.64
CA GLY CB 144 -26.80 -102.66 -74.02
C GLY CB 144 -25.54 -102.73 -74.87
N THR CB 145 -24.52 -101.95 -74.53
CA THR CB 145 -23.32 -101.92 -75.35
C THR CB 145 -22.40 -103.10 -75.06
N GLY CB 146 -22.52 -103.73 -73.89
CA GLY CB 146 -21.79 -104.95 -73.66
C GLY CB 146 -22.31 -106.12 -74.44
N SER CB 147 -23.59 -106.09 -74.82
CA SER CB 147 -24.19 -107.08 -75.70
C SER CB 147 -24.16 -106.63 -77.14
N GLY CB 148 -24.36 -105.33 -77.38
CA GLY CB 148 -24.42 -104.83 -78.76
C GLY CB 148 -23.07 -104.81 -79.42
N LEU CB 149 -22.09 -104.12 -78.81
CA LEU CB 149 -20.76 -104.10 -79.39
C LEU CB 149 -20.06 -105.45 -79.23
N GLY CB 150 -20.49 -106.26 -78.28
CA GLY CB 150 -19.92 -107.59 -78.13
C GLY CB 150 -20.19 -108.47 -79.32
N CYS CB 151 -21.37 -108.32 -79.92
CA CYS CB 151 -21.63 -108.94 -81.22
C CYS CB 151 -20.71 -108.40 -82.30
N LEU CB 152 -20.68 -107.08 -82.43
CA LEU CB 152 -20.10 -106.49 -83.64
C LEU CB 152 -18.58 -106.56 -83.61
N LEU CB 153 -17.98 -106.39 -82.43
CA LEU CB 153 -16.53 -106.44 -82.35
C LEU CB 153 -16.02 -107.86 -82.57
N LEU CB 154 -16.76 -108.85 -82.08
CA LEU CB 154 -16.32 -110.23 -82.27
C LEU CB 154 -16.50 -110.68 -83.71
N GLU CB 155 -17.47 -110.10 -84.44
CA GLU CB 155 -17.59 -110.38 -85.86
C GLU CB 155 -16.39 -109.86 -86.63
N ARG CB 156 -15.92 -108.66 -86.28
CA ARG CB 156 -14.79 -108.08 -86.97
C ARG CB 156 -13.50 -108.81 -86.64
N LEU CB 157 -13.37 -109.29 -85.41
CA LEU CB 157 -12.16 -110.02 -85.04
C LEU CB 157 -12.19 -111.44 -85.61
N SER CB 158 -13.37 -111.99 -85.88
CA SER CB 158 -13.42 -113.32 -86.45
C SER CB 158 -13.04 -113.31 -87.93
N VAL CB 159 -13.50 -112.31 -88.67
CA VAL CB 159 -13.18 -112.24 -90.09
C VAL CB 159 -11.74 -111.82 -90.32
N ASP CB 160 -11.13 -111.12 -89.38
CA ASP CB 160 -9.77 -110.62 -89.56
C ASP CB 160 -8.74 -111.63 -89.06
N TYR CB 161 -8.81 -111.99 -87.78
CA TYR CB 161 -7.91 -112.98 -87.19
C TYR CB 161 -8.68 -114.28 -87.04
N GLY CB 162 -8.69 -115.08 -88.12
CA GLY CB 162 -9.56 -116.25 -88.15
C GLY CB 162 -9.04 -117.39 -87.30
N LYS CB 163 -7.72 -117.53 -87.20
CA LYS CB 163 -7.10 -118.66 -86.51
C LYS CB 163 -6.76 -118.34 -85.07
N LYS CB 164 -7.60 -117.53 -84.43
CA LYS CB 164 -7.24 -116.89 -83.17
C LYS CB 164 -8.09 -117.45 -82.05
N SER CB 165 -7.56 -117.41 -80.84
CA SER CB 165 -8.26 -117.88 -79.64
C SER CB 165 -8.89 -116.69 -78.96
N LYS CB 166 -10.21 -116.73 -78.79
CA LYS CB 166 -10.96 -115.59 -78.27
C LYS CB 166 -11.68 -116.00 -76.99
N LEU CB 167 -11.11 -115.64 -75.85
CA LEU CB 167 -11.74 -115.88 -74.56
C LEU CB 167 -12.70 -114.74 -74.25
N ASN CB 168 -13.86 -115.09 -73.72
CA ASN CB 168 -14.91 -114.12 -73.44
C ASN CB 168 -15.34 -114.35 -72.00
N PHE CB 169 -15.19 -113.33 -71.16
CA PHE CB 169 -15.61 -113.39 -69.77
C PHE CB 169 -16.95 -112.67 -69.66
N CYS CB 170 -18.00 -113.41 -69.32
CA CYS CB 170 -19.35 -112.89 -69.35
C CYS CB 170 -19.85 -112.72 -67.93
N SER CB 171 -20.36 -111.53 -67.62
CA SER CB 171 -21.07 -111.30 -66.36
C SER CB 171 -22.55 -111.57 -66.63
N TRP CB 172 -22.89 -112.86 -66.61
CA TRP CB 172 -24.24 -113.31 -66.92
C TRP CB 172 -25.22 -112.82 -65.84
N PRO CB 173 -26.44 -112.49 -66.24
CA PRO CB 173 -27.45 -112.07 -65.26
C PRO CB 173 -27.83 -113.20 -64.32
N SER CB 174 -28.24 -112.81 -63.12
CA SER CB 174 -28.55 -113.75 -62.06
C SER CB 174 -29.96 -114.33 -62.25
N PRO CB 175 -30.26 -115.45 -61.59
CA PRO CB 175 -31.64 -115.97 -61.64
C PRO CB 175 -32.68 -115.05 -61.06
N GLN CB 176 -32.41 -114.46 -59.90
CA GLN CB 176 -33.43 -113.74 -59.16
C GLN CB 176 -33.15 -112.25 -59.03
N VAL CB 177 -31.95 -111.79 -59.32
CA VAL CB 177 -31.59 -110.38 -59.20
C VAL CB 177 -31.07 -109.91 -60.54
N SER CB 178 -31.63 -108.82 -61.07
CA SER CB 178 -31.22 -108.48 -62.41
C SER CB 178 -30.79 -107.02 -62.60
N THR CB 179 -31.46 -106.08 -61.95
CA THR CB 179 -31.23 -104.63 -62.08
C THR CB 179 -31.46 -104.09 -63.49
N ALA CB 180 -32.33 -104.75 -64.25
CA ALA CB 180 -32.96 -104.19 -65.44
C ALA CB 180 -34.12 -105.12 -65.77
N VAL CB 181 -34.91 -104.73 -66.77
CA VAL CB 181 -36.04 -105.54 -67.16
C VAL CB 181 -35.90 -106.10 -68.57
N VAL CB 182 -34.98 -105.59 -69.38
CA VAL CB 182 -34.90 -106.01 -70.76
C VAL CB 182 -33.87 -107.12 -70.94
N GLU CB 183 -33.28 -107.56 -69.84
CA GLU CB 183 -32.25 -108.60 -69.92
C GLU CB 183 -32.67 -109.99 -70.40
N PRO CB 184 -33.91 -110.44 -70.24
CA PRO CB 184 -34.30 -111.62 -71.02
C PRO CB 184 -34.19 -111.40 -72.52
N TYR CB 185 -34.41 -110.18 -73.00
CA TYR CB 185 -34.18 -109.92 -74.42
C TYR CB 185 -32.70 -109.84 -74.73
N ASN CB 186 -31.93 -109.15 -73.87
CA ASN CB 186 -30.54 -108.89 -74.21
C ASN CB 186 -29.69 -110.15 -74.14
N SER CB 187 -29.99 -111.05 -73.20
CA SER CB 187 -29.16 -112.23 -73.02
C SER CB 187 -29.43 -113.29 -74.08
N VAL CB 188 -30.68 -113.44 -74.51
CA VAL CB 188 -30.98 -114.39 -75.56
C VAL CB 188 -30.42 -113.93 -76.89
N LEU CB 189 -30.51 -112.63 -77.18
CA LEU CB 189 -29.93 -112.10 -78.41
C LEU CB 189 -28.41 -112.07 -78.37
N SER CB 190 -27.82 -112.03 -77.17
CA SER CB 190 -26.37 -112.06 -77.09
C SER CB 190 -25.82 -113.44 -77.43
N THR CB 191 -26.44 -114.49 -76.88
CA THR CB 191 -25.89 -115.82 -77.02
C THR CB 191 -26.05 -116.38 -78.43
N HIS CB 192 -26.90 -115.78 -79.26
CA HIS CB 192 -26.80 -116.06 -80.68
C HIS CB 192 -25.47 -115.62 -81.25
N SER CB 193 -25.06 -114.40 -80.94
CA SER CB 193 -23.82 -113.90 -81.50
C SER CB 193 -22.63 -114.54 -80.81
N LEU CB 194 -22.79 -114.90 -79.55
CA LEU CB 194 -21.68 -115.48 -78.81
C LEU CB 194 -21.37 -116.88 -79.30
N LEU CB 195 -22.39 -117.62 -79.74
CA LEU CB 195 -22.18 -119.00 -80.17
C LEU CB 195 -21.28 -119.10 -81.38
N GLU CB 196 -21.49 -118.23 -82.37
CA GLU CB 196 -20.76 -118.36 -83.62
C GLU CB 196 -19.42 -117.64 -83.59
N HIS CB 197 -19.19 -116.75 -82.62
CA HIS CB 197 -18.07 -115.83 -82.74
C HIS CB 197 -17.04 -115.94 -81.63
N THR CB 198 -17.34 -116.55 -80.49
CA THR CB 198 -16.34 -116.67 -79.44
C THR CB 198 -15.82 -118.09 -79.40
N ASP CB 199 -14.74 -118.27 -78.65
CA ASP CB 199 -13.99 -119.51 -78.65
C ASP CB 199 -14.04 -120.23 -77.32
N VAL CB 200 -13.83 -119.52 -76.21
CA VAL CB 200 -14.11 -120.04 -74.87
C VAL CB 200 -14.86 -118.97 -74.11
N ALA CB 201 -16.04 -119.31 -73.60
CA ALA CB 201 -16.87 -118.38 -72.85
C ALA CB 201 -17.01 -118.86 -71.42
N VAL CB 202 -16.80 -117.95 -70.47
CA VAL CB 202 -16.84 -118.26 -69.05
C VAL CB 202 -17.93 -117.41 -68.43
N MET CB 203 -18.88 -118.05 -67.77
CA MET CB 203 -20.02 -117.34 -67.21
C MET CB 203 -19.81 -117.01 -65.75
N LEU CB 204 -20.07 -115.76 -65.40
CA LEU CB 204 -19.93 -115.25 -64.05
C LEU CB 204 -21.26 -114.62 -63.65
N ASP CB 205 -21.83 -115.08 -62.55
CA ASP CB 205 -23.05 -114.47 -62.03
C ASP CB 205 -22.71 -113.56 -60.87
N ASN CB 206 -23.47 -112.48 -60.75
CA ASN CB 206 -23.19 -111.51 -59.70
C ASN CB 206 -23.59 -112.02 -58.34
N GLU CB 207 -24.75 -112.68 -58.22
CA GLU CB 207 -25.17 -113.09 -56.88
C GLU CB 207 -24.43 -114.33 -56.42
N ALA CB 208 -23.70 -115.00 -57.29
CA ALA CB 208 -22.76 -116.01 -56.85
C ALA CB 208 -21.63 -115.36 -56.07
N ILE CB 209 -21.04 -114.31 -56.63
CA ILE CB 209 -19.94 -113.62 -55.94
C ILE CB 209 -20.48 -112.83 -54.77
N TYR CB 210 -21.78 -112.52 -54.77
CA TYR CB 210 -22.38 -111.87 -53.62
C TYR CB 210 -22.45 -112.81 -52.42
N ASP CB 211 -22.84 -114.07 -52.64
CA ASP CB 211 -22.98 -114.98 -51.51
C ASP CB 211 -21.71 -115.75 -51.20
N ILE CB 212 -20.73 -115.80 -52.10
CA ILE CB 212 -19.38 -116.20 -51.70
C ILE CB 212 -18.80 -115.16 -50.76
N CYS CB 213 -19.02 -113.89 -51.06
CA CYS CB 213 -18.53 -112.83 -50.19
C CYS CB 213 -19.20 -112.84 -48.83
N ARG CB 214 -20.44 -113.32 -48.75
CA ARG CB 214 -21.14 -113.32 -47.47
C ARG CB 214 -20.63 -114.42 -46.55
N ARG CB 215 -20.41 -115.62 -47.09
CA ARG CB 215 -20.01 -116.72 -46.24
C ARG CB 215 -18.50 -116.78 -46.02
N ASN CB 216 -17.72 -116.55 -47.08
CA ASN CB 216 -16.29 -116.73 -46.98
C ASN CB 216 -15.54 -115.50 -46.49
N LEU CB 217 -16.13 -114.31 -46.61
CA LEU CB 217 -15.48 -113.11 -46.12
C LEU CB 217 -16.23 -112.44 -44.99
N ASP CB 218 -17.48 -112.82 -44.77
CA ASP CB 218 -18.39 -112.16 -43.80
C ASP CB 218 -18.54 -110.68 -44.10
N ILE CB 219 -18.65 -110.33 -45.38
CA ILE CB 219 -19.09 -109.01 -45.78
C ILE CB 219 -20.52 -109.12 -46.28
N GLU CB 220 -21.43 -108.45 -45.59
CA GLU CB 220 -22.84 -108.46 -45.96
C GLU CB 220 -23.26 -107.22 -46.74
N ARG CB 221 -22.33 -106.30 -46.99
CA ARG CB 221 -22.60 -105.14 -47.85
C ARG CB 221 -21.49 -104.95 -48.88
N PRO CB 222 -21.30 -105.91 -49.80
CA PRO CB 222 -20.26 -105.70 -50.81
C PRO CB 222 -20.71 -104.75 -51.90
N THR CB 223 -19.83 -103.84 -52.27
CA THR CB 223 -20.05 -102.98 -53.42
C THR CB 223 -19.51 -103.70 -54.66
N TYR CB 224 -19.53 -103.03 -55.81
CA TYR CB 224 -18.98 -103.63 -57.01
C TYR CB 224 -17.46 -103.73 -56.98
N THR CB 225 -16.80 -103.05 -56.05
CA THR CB 225 -15.37 -103.20 -55.94
C THR CB 225 -14.99 -104.60 -55.52
N ASN CB 226 -15.63 -105.12 -54.46
CA ASN CB 226 -15.23 -106.40 -53.90
C ASN CB 226 -15.53 -107.55 -54.85
N LEU CB 227 -16.57 -107.41 -55.67
CA LEU CB 227 -16.81 -108.40 -56.70
C LEU CB 227 -15.74 -108.35 -57.77
N ASN CB 228 -15.29 -107.15 -58.13
CA ASN CB 228 -14.34 -107.01 -59.21
C ASN CB 228 -12.94 -107.45 -58.80
N ARG CB 229 -12.61 -107.30 -57.52
CA ARG CB 229 -11.34 -107.82 -57.03
C ARG CB 229 -11.31 -109.34 -57.12
N LEU CB 230 -12.45 -109.99 -56.89
CA LEU CB 230 -12.49 -111.44 -56.93
C LEU CB 230 -12.39 -111.97 -58.35
N ILE CB 231 -12.98 -111.26 -59.31
CA ILE CB 231 -12.86 -111.67 -60.70
C ILE CB 231 -11.43 -111.48 -61.20
N ALA CB 232 -10.77 -110.42 -60.73
CA ALA CB 232 -9.40 -110.16 -61.13
C ALA CB 232 -8.46 -111.24 -60.62
N GLN CB 233 -8.67 -111.72 -59.40
CA GLN CB 233 -7.83 -112.80 -58.86
C GLN CB 233 -8.05 -114.10 -59.61
N VAL CB 234 -9.28 -114.31 -60.12
CA VAL CB 234 -9.54 -115.49 -60.94
C VAL CB 234 -8.74 -115.43 -62.22
N ILE CB 235 -8.73 -114.26 -62.87
CA ILE CB 235 -8.11 -114.17 -64.18
C ILE CB 235 -6.61 -113.90 -64.05
N SER CB 236 -6.15 -113.43 -62.89
CA SER CB 236 -4.72 -113.39 -62.64
C SER CB 236 -4.15 -114.78 -62.55
N SER CB 237 -4.87 -115.70 -61.90
CA SER CB 237 -4.41 -117.07 -61.79
C SER CB 237 -4.64 -117.86 -63.07
N LEU CB 238 -5.54 -117.42 -63.93
CA LEU CB 238 -5.73 -118.10 -65.21
C LEU CB 238 -4.54 -117.86 -66.14
N THR CB 239 -3.98 -116.67 -66.11
CA THR CB 239 -2.85 -116.32 -66.95
C THR CB 239 -1.52 -116.32 -66.19
N ALA CB 240 -1.49 -116.94 -65.02
CA ALA CB 240 -0.24 -116.96 -64.24
C ALA CB 240 0.81 -117.84 -64.89
N SER CB 241 0.40 -118.90 -65.57
CA SER CB 241 1.34 -119.78 -66.24
C SER CB 241 2.03 -119.08 -67.41
N LEU CB 242 1.30 -118.19 -68.08
CA LEU CB 242 1.86 -117.51 -69.23
C LEU CB 242 2.89 -116.48 -68.82
N ARG CB 243 2.78 -115.96 -67.60
CA ARG CB 243 3.63 -114.86 -67.17
C ARG CB 243 4.82 -115.30 -66.33
N PHE CB 244 4.70 -116.37 -65.57
CA PHE CB 244 5.78 -116.82 -64.69
C PHE CB 244 6.09 -118.29 -64.96
N ASP CB 245 7.19 -118.77 -64.38
CA ASP CB 245 7.62 -120.14 -64.56
C ASP CB 245 6.87 -121.07 -63.63
N GLY CB 246 6.83 -122.35 -63.99
CA GLY CB 246 6.08 -123.32 -63.22
C GLY CB 246 6.47 -124.73 -63.54
N ALA CB 247 6.08 -125.65 -62.65
CA ALA CB 247 6.39 -127.06 -62.84
C ALA CB 247 5.61 -127.65 -64.00
N LEU CB 248 4.32 -127.33 -64.10
CA LEU CB 248 3.46 -127.87 -65.14
C LEU CB 248 2.53 -126.74 -65.57
N ASN CB 249 2.89 -126.07 -66.65
CA ASN CB 249 2.20 -124.86 -67.08
C ASN CB 249 1.38 -125.12 -68.34
N VAL CB 250 0.40 -124.25 -68.58
CA VAL CB 250 -0.44 -124.33 -69.76
C VAL CB 250 -0.82 -122.93 -70.23
N ASP CB 251 -0.72 -122.71 -71.53
CA ASP CB 251 -1.10 -121.44 -72.14
C ASP CB 251 -2.59 -121.49 -72.51
N VAL CB 252 -3.07 -120.42 -73.16
CA VAL CB 252 -4.50 -120.32 -73.43
C VAL CB 252 -4.94 -121.15 -74.63
N THR CB 253 -4.01 -121.65 -75.43
CA THR CB 253 -4.41 -122.45 -76.57
C THR CB 253 -4.84 -123.85 -76.17
N GLU CB 254 -4.23 -124.43 -75.14
CA GLU CB 254 -4.55 -125.79 -74.75
C GLU CB 254 -5.77 -125.87 -73.83
N PHE CB 255 -6.43 -124.75 -73.52
CA PHE CB 255 -7.75 -124.83 -72.89
C PHE CB 255 -8.80 -125.39 -73.84
N GLN CB 256 -8.70 -125.06 -75.12
CA GLN CB 256 -9.63 -125.60 -76.11
C GLN CB 256 -9.53 -127.10 -76.21
N THR CB 257 -8.31 -127.62 -76.19
CA THR CB 257 -8.11 -129.05 -76.37
C THR CB 257 -8.60 -129.83 -75.16
N ASN CB 258 -8.64 -129.17 -74.00
CA ASN CB 258 -8.84 -129.88 -72.74
C ASN CB 258 -10.09 -129.45 -71.99
N LEU CB 259 -10.94 -128.61 -72.58
CA LEU CB 259 -12.20 -128.24 -71.94
C LEU CB 259 -13.39 -128.22 -72.87
N VAL CB 260 -13.20 -128.23 -74.18
CA VAL CB 260 -14.28 -128.02 -75.14
C VAL CB 260 -14.41 -129.28 -76.00
N PRO CB 261 -15.25 -130.22 -75.61
CA PRO CB 261 -15.33 -131.48 -76.36
C PRO CB 261 -16.22 -131.40 -77.59
N TYR CB 262 -17.06 -130.39 -77.70
CA TYR CB 262 -17.87 -130.19 -78.89
C TYR CB 262 -17.88 -128.70 -79.21
N PRO CB 263 -18.00 -128.33 -80.49
CA PRO CB 263 -17.81 -126.93 -80.87
C PRO CB 263 -18.81 -125.97 -80.26
N ARG CB 264 -20.00 -126.42 -79.90
CA ARG CB 264 -20.99 -125.52 -79.30
C ARG CB 264 -20.86 -125.46 -77.79
N ILE CB 265 -20.40 -126.53 -77.16
CA ILE CB 265 -20.32 -126.62 -75.70
C ILE CB 265 -19.00 -125.98 -75.29
N HIS CB 266 -19.01 -124.67 -75.09
CA HIS CB 266 -17.83 -123.98 -74.58
C HIS CB 266 -18.24 -122.97 -73.52
N PHE CB 267 -19.13 -123.37 -72.62
CA PHE CB 267 -19.59 -122.51 -71.54
C PHE CB 267 -19.04 -123.06 -70.23
N MET CB 268 -18.28 -122.23 -69.51
CA MET CB 268 -17.47 -122.70 -68.41
C MET CB 268 -17.91 -122.04 -67.12
N LEU CB 269 -17.61 -122.70 -66.01
CA LEU CB 269 -17.86 -122.18 -64.67
C LEU CB 269 -16.53 -121.89 -64.01
N SER CB 270 -16.58 -121.25 -62.85
CA SER CB 270 -15.35 -120.89 -62.16
C SER CB 270 -15.51 -121.05 -60.66
N SER CB 271 -14.40 -121.36 -60.01
CA SER CB 271 -14.38 -121.45 -58.55
C SER CB 271 -12.97 -121.21 -58.07
N TYR CB 272 -12.80 -120.27 -57.16
CA TYR CB 272 -11.49 -119.91 -56.63
C TYR CB 272 -11.46 -120.24 -55.15
N ALA CB 273 -10.36 -120.85 -54.71
CA ALA CB 273 -10.24 -121.25 -53.32
C ALA CB 273 -8.76 -121.23 -52.97
N PRO CB 274 -8.38 -120.69 -51.81
CA PRO CB 274 -9.26 -120.13 -50.81
C PRO CB 274 -9.52 -118.64 -50.98
N ILE CB 275 -10.78 -118.26 -50.77
CA ILE CB 275 -11.12 -116.85 -50.67
C ILE CB 275 -11.40 -116.60 -49.21
N ILE CB 276 -10.38 -116.28 -48.44
CA ILE CB 276 -10.49 -116.23 -46.98
C ILE CB 276 -9.86 -114.95 -46.48
N SER CB 277 -10.32 -114.52 -45.32
CA SER CB 277 -9.93 -113.24 -44.75
C SER CB 277 -8.88 -113.45 -43.66
N ALA CB 278 -8.54 -112.37 -42.96
CA ALA CB 278 -7.54 -112.45 -41.92
C ALA CB 278 -8.03 -113.17 -40.69
N GLU CB 279 -9.35 -113.23 -40.47
CA GLU CB 279 -9.86 -114.00 -39.35
C GLU CB 279 -9.71 -115.49 -39.60
N LYS CB 280 -9.80 -115.91 -40.86
CA LYS CB 280 -9.80 -117.32 -41.21
C LYS CB 280 -8.42 -117.87 -41.50
N ALA CB 281 -7.60 -117.13 -42.25
CA ALA CB 281 -6.27 -117.61 -42.60
C ALA CB 281 -5.38 -117.78 -41.39
N TYR CB 282 -5.70 -117.09 -40.30
CA TYR CB 282 -5.00 -117.27 -39.04
C TYR CB 282 -5.19 -118.67 -38.49
N HIS CB 283 -6.28 -119.35 -38.82
CA HIS CB 283 -6.59 -120.64 -38.21
C HIS CB 283 -6.64 -121.82 -39.16
N GLU CB 284 -6.89 -121.63 -40.44
CA GLU CB 284 -6.76 -122.72 -41.40
C GLU CB 284 -5.32 -123.00 -41.76
N GLN CB 285 -5.00 -124.29 -41.85
CA GLN CB 285 -3.99 -124.72 -42.80
C GLN CB 285 -4.63 -124.76 -44.17
N LEU CB 286 -3.82 -124.60 -45.20
CA LEU CB 286 -4.37 -124.46 -46.53
C LEU CB 286 -3.75 -125.46 -47.47
N SER CB 287 -3.74 -126.73 -47.09
CA SER CB 287 -3.08 -127.76 -47.85
C SER CB 287 -3.71 -127.93 -49.23
N VAL CB 288 -2.96 -128.59 -50.12
CA VAL CB 288 -3.41 -128.76 -51.50
C VAL CB 288 -4.68 -129.58 -51.55
N ALA CB 289 -4.80 -130.59 -50.68
CA ALA CB 289 -6.03 -131.38 -50.63
C ALA CB 289 -7.18 -130.57 -50.06
N GLU CB 290 -6.88 -129.63 -49.16
CA GLU CB 290 -7.96 -128.90 -48.50
C GLU CB 290 -8.58 -127.87 -49.43
N ILE CB 291 -7.78 -127.15 -50.20
CA ILE CB 291 -8.34 -126.09 -51.03
C ILE CB 291 -8.97 -126.67 -52.28
N THR CB 292 -8.56 -127.87 -52.69
CA THR CB 292 -9.21 -128.47 -53.85
C THR CB 292 -10.54 -129.10 -53.47
N ASN CB 293 -10.78 -129.35 -52.19
CA ASN CB 293 -12.09 -129.79 -51.76
C ASN CB 293 -13.07 -128.63 -51.78
N SER CB 294 -12.63 -127.46 -51.31
CA SER CB 294 -13.50 -126.30 -51.30
C SER CB 294 -13.71 -125.75 -52.70
N ALA CB 295 -12.83 -126.07 -53.63
CA ALA CB 295 -13.04 -125.66 -55.02
C ALA CB 295 -14.21 -126.41 -55.64
N PHE CB 296 -14.34 -127.69 -55.33
CA PHE CB 296 -15.41 -128.51 -55.90
C PHE CB 296 -16.70 -128.41 -55.09
N GLU CB 297 -16.72 -127.63 -54.03
CA GLU CB 297 -17.93 -127.45 -53.25
C GLU CB 297 -18.96 -126.71 -54.08
N PRO CB 298 -20.21 -127.19 -54.15
CA PRO CB 298 -21.18 -126.59 -55.07
C PRO CB 298 -21.53 -125.15 -54.74
N ALA CB 299 -21.52 -124.78 -53.47
CA ALA CB 299 -21.88 -123.42 -53.12
C ALA CB 299 -20.73 -122.44 -53.32
N SER CB 300 -19.50 -122.93 -53.40
CA SER CB 300 -18.35 -122.10 -53.70
C SER CB 300 -18.15 -121.89 -55.19
N MET CB 301 -19.02 -122.47 -56.01
CA MET CB 301 -19.01 -122.19 -57.43
C MET CB 301 -19.42 -120.75 -57.65
N MET CB 302 -18.93 -120.16 -58.74
CA MET CB 302 -19.06 -118.71 -58.87
C MET CB 302 -19.92 -118.46 -60.12
N ALA CB 303 -21.04 -119.20 -60.22
CA ALA CB 303 -22.01 -118.95 -61.27
C ALA CB 303 -23.47 -119.12 -60.87
N LYS CB 304 -23.77 -119.45 -59.61
CA LYS CB 304 -25.11 -119.81 -59.14
C LYS CB 304 -25.77 -120.84 -60.05
N CYS CB 305 -25.11 -121.99 -60.15
CA CYS CB 305 -25.64 -123.10 -60.92
C CYS CB 305 -25.09 -124.35 -60.24
N ASP CB 306 -25.92 -124.96 -59.42
CA ASP CB 306 -25.44 -125.95 -58.48
C ASP CB 306 -25.14 -127.20 -59.29
N PRO CB 307 -23.91 -127.73 -59.25
CA PRO CB 307 -23.56 -128.87 -60.09
C PRO CB 307 -23.98 -130.22 -59.54
N ARG CB 308 -24.84 -130.29 -58.53
CA ARG CB 308 -25.32 -131.59 -58.07
C ARG CB 308 -26.14 -132.27 -59.15
N HIS CB 309 -26.91 -131.50 -59.91
CA HIS CB 309 -27.74 -132.05 -60.98
C HIS CB 309 -27.07 -131.91 -62.33
N GLY CB 310 -25.75 -132.05 -62.37
CA GLY CB 310 -25.03 -132.04 -63.62
C GLY CB 310 -23.95 -133.09 -63.61
N LYS CB 311 -23.30 -133.26 -64.77
CA LYS CB 311 -22.20 -134.19 -64.90
C LYS CB 311 -21.01 -133.45 -65.49
N TYR CB 312 -19.87 -133.54 -64.83
CA TYR CB 312 -18.69 -132.78 -65.21
C TYR CB 312 -18.10 -133.33 -66.50
N MET CB 313 -18.20 -132.55 -67.58
CA MET CB 313 -17.71 -133.00 -68.87
C MET CB 313 -16.20 -133.02 -68.92
N ALA CB 314 -15.58 -131.96 -68.43
CA ALA CB 314 -14.14 -131.86 -68.26
C ALA CB 314 -13.89 -130.80 -67.21
N CYS CB 315 -12.69 -130.80 -66.64
CA CYS CB 315 -12.44 -129.93 -65.52
C CYS CB 315 -10.98 -129.54 -65.52
N CYS CB 316 -10.71 -128.24 -65.35
CA CYS CB 316 -9.36 -127.69 -65.46
C CYS CB 316 -9.01 -126.99 -64.17
N LEU CB 317 -7.85 -127.31 -63.61
CA LEU CB 317 -7.45 -126.81 -62.29
C LEU CB 317 -6.15 -126.04 -62.42
N MET CB 318 -6.07 -124.90 -61.75
CA MET CB 318 -4.91 -124.03 -61.79
C MET CB 318 -4.39 -123.83 -60.38
N TYR CB 319 -3.40 -124.61 -59.98
CA TYR CB 319 -2.77 -124.44 -58.69
C TYR CB 319 -1.73 -123.35 -58.79
N ARG CB 320 -1.64 -122.52 -57.76
CA ARG CB 320 -0.81 -121.33 -57.77
C ARG CB 320 -0.20 -121.16 -56.39
N GLY CB 321 1.07 -121.45 -56.23
CA GLY CB 321 1.72 -121.27 -54.95
C GLY CB 321 2.69 -122.37 -54.61
N ASP CB 322 2.91 -122.60 -53.31
CA ASP CB 322 3.82 -123.64 -52.83
C ASP CB 322 3.12 -124.99 -52.96
N VAL CB 323 3.04 -125.48 -54.19
CA VAL CB 323 2.35 -126.71 -54.51
C VAL CB 323 3.34 -127.66 -55.17
N VAL CB 324 3.44 -128.88 -54.64
CA VAL CB 324 4.30 -129.90 -55.21
C VAL CB 324 3.42 -130.84 -56.02
N PRO CB 325 3.93 -131.50 -57.07
CA PRO CB 325 3.05 -132.27 -57.95
C PRO CB 325 2.44 -133.50 -57.32
N LYS CB 326 3.08 -134.09 -56.30
CA LYS CB 326 2.54 -135.31 -55.74
C LYS CB 326 1.31 -135.06 -54.87
N ASP CB 327 1.22 -133.87 -54.26
CA ASP CB 327 0.02 -133.57 -53.49
C ASP CB 327 -1.17 -133.28 -54.39
N VAL CB 328 -0.91 -132.86 -55.63
CA VAL CB 328 -2.00 -132.64 -56.58
C VAL CB 328 -2.61 -133.96 -57.00
N ASN CB 329 -1.77 -134.96 -57.29
CA ASN CB 329 -2.27 -136.23 -57.78
C ASN CB 329 -3.09 -136.95 -56.73
N ALA CB 330 -2.70 -136.85 -55.47
CA ALA CB 330 -3.50 -137.44 -54.40
C ALA CB 330 -4.80 -136.67 -54.21
N ALA CB 331 -4.74 -135.35 -54.35
CA ALA CB 331 -5.93 -134.52 -54.15
C ALA CB 331 -6.97 -134.76 -55.24
N VAL CB 332 -6.53 -134.93 -56.48
CA VAL CB 332 -7.45 -135.22 -57.57
C VAL CB 332 -8.01 -136.63 -57.41
N ALA CB 333 -7.19 -137.58 -56.97
CA ALA CB 333 -7.65 -138.94 -56.77
C ALA CB 333 -8.68 -139.03 -55.65
N THR CB 334 -8.59 -138.14 -54.66
CA THR CB 334 -9.62 -138.07 -53.65
C THR CB 334 -10.96 -137.62 -54.24
N ILE CB 335 -10.91 -136.72 -55.22
CA ILE CB 335 -12.13 -136.18 -55.81
C ILE CB 335 -12.82 -137.24 -56.65
N LYS CB 336 -12.05 -138.04 -57.40
CA LYS CB 336 -12.66 -139.08 -58.21
C LYS CB 336 -13.25 -140.19 -57.35
N THR CB 337 -12.64 -140.47 -56.20
CA THR CB 337 -13.17 -141.50 -55.32
C THR CB 337 -14.50 -141.08 -54.70
N LYS CB 338 -14.65 -139.80 -54.39
CA LYS CB 338 -15.89 -139.29 -53.82
C LYS CB 338 -17.02 -139.42 -54.83
N ARG CB 339 -18.21 -139.72 -54.31
CA ARG CB 339 -19.33 -140.12 -55.16
C ARG CB 339 -20.41 -139.06 -55.30
N THR CB 340 -20.32 -137.95 -54.56
CA THR CB 340 -21.32 -136.91 -54.70
C THR CB 340 -21.18 -136.14 -56.00
N ILE CB 341 -19.97 -136.07 -56.55
CA ILE CB 341 -19.76 -135.49 -57.87
C ILE CB 341 -20.17 -136.55 -58.88
N GLN CB 342 -20.29 -136.16 -60.14
CA GLN CB 342 -20.59 -137.12 -61.18
C GLN CB 342 -19.83 -136.73 -62.43
N PHE CB 343 -19.01 -137.63 -62.94
CA PHE CB 343 -18.29 -137.42 -64.17
C PHE CB 343 -19.01 -138.13 -65.30
N VAL CB 344 -18.89 -137.60 -66.50
CA VAL CB 344 -19.59 -138.19 -67.63
C VAL CB 344 -18.86 -139.48 -68.04
N ASP CB 345 -19.61 -140.39 -68.67
CA ASP CB 345 -19.13 -141.74 -68.93
C ASP CB 345 -17.98 -141.76 -69.92
N TRP CB 346 -17.97 -140.87 -70.91
CA TRP CB 346 -16.99 -140.94 -71.98
C TRP CB 346 -15.81 -140.01 -71.78
N CYS CB 347 -15.61 -139.49 -70.57
CA CYS CB 347 -14.42 -138.72 -70.24
C CYS CB 347 -13.82 -139.26 -68.95
N PRO CB 348 -13.05 -140.35 -69.03
CA PRO CB 348 -12.40 -140.84 -67.81
C PRO CB 348 -11.30 -139.92 -67.31
N THR CB 349 -10.49 -139.38 -68.22
CA THR CB 349 -9.44 -138.44 -67.83
C THR CB 349 -10.08 -137.07 -67.69
N GLY CB 350 -10.77 -136.88 -66.58
CA GLY CB 350 -11.59 -135.70 -66.42
C GLY CB 350 -10.91 -134.46 -65.93
N PHE CB 351 -9.60 -134.47 -65.81
CA PHE CB 351 -8.88 -133.38 -65.17
C PHE CB 351 -7.75 -132.88 -66.04
N LYS CB 352 -7.34 -131.65 -65.78
CA LYS CB 352 -6.08 -131.11 -66.26
C LYS CB 352 -5.41 -130.34 -65.14
N CYS CB 353 -4.32 -130.88 -64.61
CA CYS CB 353 -3.60 -130.22 -63.54
C CYS CB 353 -2.79 -129.05 -64.09
N GLY CB 354 -2.43 -128.13 -63.21
CA GLY CB 354 -1.55 -127.03 -63.56
C GLY CB 354 -0.90 -126.42 -62.35
N ILE CB 355 0.41 -126.20 -62.39
CA ILE CB 355 1.16 -125.71 -61.26
C ILE CB 355 1.90 -124.45 -61.66
N ASN CB 356 1.87 -123.43 -60.81
CA ASN CB 356 2.72 -122.26 -60.97
C ASN CB 356 3.28 -121.87 -59.62
N TYR CB 357 4.47 -121.29 -59.63
CA TYR CB 357 5.23 -121.15 -58.40
C TYR CB 357 4.92 -119.88 -57.64
N GLN CB 358 4.70 -118.78 -58.33
CA GLN CB 358 4.58 -117.50 -57.63
C GLN CB 358 3.21 -117.40 -56.97
N PRO CB 359 3.15 -117.10 -55.68
CA PRO CB 359 1.88 -117.14 -54.94
C PRO CB 359 0.96 -116.01 -55.37
N PRO CB 360 -0.33 -116.10 -55.09
CA PRO CB 360 -1.25 -115.03 -55.49
C PRO CB 360 -0.96 -113.75 -54.72
N THR CB 361 -0.80 -112.67 -55.47
CA THR CB 361 -0.51 -111.37 -54.87
C THR CB 361 -1.76 -110.78 -54.25
N VAL CB 362 -1.56 -109.81 -53.37
CA VAL CB 362 -2.63 -109.21 -52.60
C VAL CB 362 -2.63 -107.71 -52.86
N VAL CB 363 -3.83 -107.13 -52.92
CA VAL CB 363 -3.97 -105.68 -53.04
C VAL CB 363 -3.96 -105.08 -51.64
N PRO CB 364 -3.04 -104.18 -51.34
CA PRO CB 364 -3.04 -103.54 -50.01
C PRO CB 364 -4.31 -102.73 -49.80
N GLY CB 365 -4.86 -102.81 -48.61
CA GLY CB 365 -6.18 -102.26 -48.37
C GLY CB 365 -7.31 -103.08 -48.92
N GLY CB 366 -7.02 -104.27 -49.44
CA GLY CB 366 -8.05 -105.13 -49.99
C GLY CB 366 -8.72 -105.96 -48.92
N ASP CB 367 -9.61 -106.84 -49.37
CA ASP CB 367 -10.40 -107.68 -48.47
C ASP CB 367 -9.88 -109.10 -48.31
N LEU CB 368 -9.03 -109.57 -49.20
CA LEU CB 368 -8.44 -110.90 -49.06
C LEU CB 368 -7.19 -110.84 -48.20
N ALA CB 369 -6.73 -112.01 -47.77
CA ALA CB 369 -5.52 -112.14 -46.97
C ALA CB 369 -4.43 -112.81 -47.80
N LYS CB 370 -3.21 -112.79 -47.26
CA LYS CB 370 -2.11 -113.47 -47.93
C LYS CB 370 -2.35 -114.97 -47.83
N VAL CB 371 -2.10 -115.67 -48.93
CA VAL CB 371 -2.38 -117.10 -49.00
C VAL CB 371 -1.21 -117.77 -49.70
N MET CB 372 -0.69 -118.85 -49.10
CA MET CB 372 0.47 -119.51 -49.68
C MET CB 372 0.12 -120.24 -50.96
N ARG CB 373 -1.11 -120.73 -51.12
CA ARG CB 373 -1.47 -121.49 -52.31
C ARG CB 373 -2.97 -121.39 -52.58
N ALA CB 374 -3.31 -121.12 -53.83
CA ALA CB 374 -4.70 -121.01 -54.24
C ALA CB 374 -4.96 -121.81 -55.49
N VAL CB 375 -6.24 -122.12 -55.72
CA VAL CB 375 -6.68 -122.91 -56.87
C VAL CB 375 -7.75 -122.13 -57.61
N CYS CB 376 -7.66 -122.11 -58.93
CA CYS CB 376 -8.76 -121.63 -59.77
C CYS CB 376 -9.19 -122.78 -60.67
N MET CB 377 -10.48 -123.09 -60.64
CA MET CB 377 -11.02 -124.24 -61.35
C MET CB 377 -11.99 -123.77 -62.42
N ILE CB 378 -11.74 -124.16 -63.67
CA ILE CB 378 -12.61 -123.85 -64.79
C ILE CB 378 -13.22 -125.15 -65.27
N SER CB 379 -14.54 -125.26 -65.17
CA SER CB 379 -15.22 -126.53 -65.34
C SER CB 379 -16.25 -126.45 -66.45
N ASN CB 380 -16.39 -127.55 -67.17
CA ASN CB 380 -17.47 -127.74 -68.12
C ASN CB 380 -18.37 -128.84 -67.59
N SER CB 381 -19.64 -128.52 -67.37
CA SER CB 381 -20.57 -129.49 -66.81
C SER CB 381 -21.89 -129.39 -67.54
N THR CB 382 -22.72 -130.40 -67.37
CA THR CB 382 -24.05 -130.40 -67.93
C THR CB 382 -25.05 -129.70 -67.03
N ALA CB 383 -24.58 -129.11 -65.94
CA ALA CB 383 -25.48 -128.34 -65.08
C ALA CB 383 -25.93 -127.05 -65.73
N ILE CB 384 -25.22 -126.60 -66.76
CA ILE CB 384 -25.52 -125.38 -67.49
C ILE CB 384 -26.86 -125.42 -68.21
N ALA CB 385 -27.51 -126.58 -68.28
CA ALA CB 385 -28.83 -126.65 -68.86
C ALA CB 385 -29.85 -125.83 -68.08
N GLU CB 386 -29.63 -125.64 -66.78
CA GLU CB 386 -30.59 -124.86 -66.00
C GLU CB 386 -30.40 -123.36 -66.20
N VAL CB 387 -29.15 -122.90 -66.39
CA VAL CB 387 -28.93 -121.47 -66.45
C VAL CB 387 -29.35 -120.91 -67.80
N PHE CB 388 -29.48 -121.75 -68.81
CA PHE CB 388 -29.99 -121.29 -70.10
C PHE CB 388 -31.48 -121.52 -70.23
N SER CB 389 -32.00 -122.61 -69.66
CA SER CB 389 -33.45 -122.86 -69.71
C SER CB 389 -34.22 -121.86 -68.88
N ARG CB 390 -33.61 -121.34 -67.82
CA ARG CB 390 -34.27 -120.35 -66.99
C ARG CB 390 -34.54 -119.08 -67.77
N MET CB 391 -33.54 -118.62 -68.52
CA MET CB 391 -33.74 -117.43 -69.32
C MET CB 391 -34.49 -117.75 -70.59
N ASP CB 392 -34.56 -119.03 -70.95
CA ASP CB 392 -35.47 -119.46 -72.01
C ASP CB 392 -36.91 -119.23 -71.59
N HIS CB 393 -37.23 -119.46 -70.32
CA HIS CB 393 -38.59 -119.23 -69.87
C HIS CB 393 -38.88 -117.74 -69.70
N LYS CB 394 -37.93 -116.99 -69.10
CA LYS CB 394 -38.16 -115.57 -68.82
C LYS CB 394 -38.39 -114.78 -70.10
N PHE CB 395 -37.66 -115.13 -71.15
CA PHE CB 395 -37.88 -114.52 -72.45
C PHE CB 395 -39.25 -114.86 -73.00
N ASP CB 396 -39.79 -116.02 -72.63
CA ASP CB 396 -41.10 -116.42 -73.16
C ASP CB 396 -42.24 -115.68 -72.49
N LEU CB 397 -42.08 -115.31 -71.22
CA LEU CB 397 -43.09 -114.46 -70.58
C LEU CB 397 -43.09 -113.07 -71.19
N MET CB 398 -41.91 -112.51 -71.44
CA MET CB 398 -41.81 -111.17 -72.00
C MET CB 398 -42.37 -111.11 -73.40
N TYR CB 399 -41.94 -112.04 -74.25
CA TYR CB 399 -42.32 -112.09 -75.66
C TYR CB 399 -43.70 -112.70 -75.86
N ALA CB 400 -44.42 -112.98 -74.79
CA ALA CB 400 -45.75 -113.58 -74.92
C ALA CB 400 -46.71 -112.63 -75.62
N LYS CB 401 -46.72 -111.37 -75.20
CA LYS CB 401 -47.50 -110.38 -75.89
C LYS CB 401 -46.69 -109.12 -76.12
N ARG CB 402 -45.41 -109.33 -76.45
CA ARG CB 402 -44.56 -108.35 -77.12
C ARG CB 402 -44.32 -107.10 -76.26
N ALA CB 403 -43.70 -107.30 -75.11
CA ALA CB 403 -43.32 -106.20 -74.24
C ALA CB 403 -41.87 -105.81 -74.51
N PHE CB 404 -41.62 -104.50 -74.50
CA PHE CB 404 -40.31 -103.92 -74.76
C PHE CB 404 -39.74 -104.35 -76.11
N VAL CB 405 -40.59 -104.60 -77.09
CA VAL CB 405 -40.11 -105.10 -78.37
C VAL CB 405 -40.05 -103.92 -79.33
N HIS CB 406 -40.87 -102.91 -79.08
CA HIS CB 406 -40.91 -101.78 -80.01
C HIS CB 406 -39.66 -100.90 -79.89
N TRP CB 407 -38.96 -100.98 -78.76
CA TRP CB 407 -37.72 -100.23 -78.61
C TRP CB 407 -36.58 -100.88 -79.38
N TYR CB 408 -36.76 -102.09 -79.89
CA TYR CB 408 -35.78 -102.74 -80.75
C TYR CB 408 -36.22 -102.70 -82.21
N VAL CB 409 -37.46 -103.11 -82.48
CA VAL CB 409 -37.91 -103.31 -83.85
C VAL CB 409 -37.91 -102.00 -84.62
N GLY CB 410 -38.53 -100.97 -84.07
CA GLY CB 410 -38.55 -99.70 -84.74
C GLY CB 410 -37.26 -98.93 -84.64
N GLU CB 411 -36.24 -99.50 -84.02
CA GLU CB 411 -35.01 -98.77 -83.76
C GLU CB 411 -33.85 -99.44 -84.47
N GLY CB 412 -34.14 -100.43 -85.31
CA GLY CB 412 -33.10 -100.86 -86.23
C GLY CB 412 -33.05 -102.32 -86.63
N MET CB 413 -33.69 -103.20 -85.88
CA MET CB 413 -33.62 -104.62 -86.15
C MET CB 413 -35.00 -105.16 -86.49
N GLU CB 414 -35.05 -106.28 -87.18
CA GLU CB 414 -36.30 -106.75 -87.74
C GLU CB 414 -36.95 -107.81 -86.86
N GLU CB 415 -38.28 -107.83 -86.86
CA GLU CB 415 -39.05 -108.79 -86.10
C GLU CB 415 -38.84 -110.18 -86.66
N GLY CB 416 -38.16 -111.03 -85.89
CA GLY CB 416 -37.83 -112.35 -86.38
C GLY CB 416 -36.46 -112.75 -85.93
N GLU CB 417 -35.60 -111.78 -85.67
CA GLU CB 417 -34.32 -112.08 -85.04
C GLU CB 417 -34.51 -112.46 -83.57
N PHE CB 418 -35.59 -112.00 -82.94
CA PHE CB 418 -35.96 -112.52 -81.63
C PHE CB 418 -36.32 -113.99 -81.72
N SER CB 419 -37.12 -114.36 -82.72
CA SER CB 419 -37.54 -115.74 -82.86
C SER CB 419 -36.40 -116.61 -83.37
N GLU CB 420 -35.55 -116.07 -84.23
CA GLU CB 420 -34.41 -116.83 -84.73
C GLU CB 420 -33.40 -117.09 -83.62
N ALA CB 421 -33.17 -116.11 -82.75
CA ALA CB 421 -32.28 -116.33 -81.62
C ALA CB 421 -32.91 -117.24 -80.58
N ARG CB 422 -34.25 -117.28 -80.53
CA ARG CB 422 -34.94 -118.19 -79.64
C ARG CB 422 -34.68 -119.65 -80.01
N GLU CB 423 -34.67 -119.96 -81.30
CA GLU CB 423 -34.47 -121.34 -81.72
C GLU CB 423 -33.02 -121.78 -81.53
N ASP CB 424 -32.08 -120.85 -81.61
CA ASP CB 424 -30.69 -121.20 -81.33
C ASP CB 424 -30.47 -121.45 -79.85
N LEU CB 425 -31.22 -120.75 -78.99
CA LEU CB 425 -31.18 -121.09 -77.57
C LEU CB 425 -31.92 -122.39 -77.29
N ALA CB 426 -32.96 -122.69 -78.07
CA ALA CB 426 -33.65 -123.96 -77.91
C ALA CB 426 -32.82 -125.11 -78.45
N ALA CB 427 -32.06 -124.87 -79.52
CA ALA CB 427 -31.19 -125.91 -80.06
C ALA CB 427 -30.07 -126.26 -79.10
N LEU CB 428 -29.62 -125.26 -78.32
CA LEU CB 428 -28.56 -125.52 -77.34
C LEU CB 428 -29.07 -126.39 -76.20
N GLU CB 429 -30.35 -126.25 -75.85
CA GLU CB 429 -30.92 -127.10 -74.82
C GLU CB 429 -31.01 -128.56 -75.25
N LYS CB 430 -31.37 -128.79 -76.51
CA LYS CB 430 -31.36 -130.17 -76.99
C LYS CB 430 -29.94 -130.70 -77.07
N ASP CB 431 -28.96 -129.82 -77.26
CA ASP CB 431 -27.57 -130.25 -77.37
C ASP CB 431 -27.00 -130.68 -76.01
N TYR CB 432 -27.23 -129.89 -74.96
CA TYR CB 432 -26.78 -130.29 -73.63
C TYR CB 432 -27.55 -131.49 -73.10
N GLU CB 433 -28.81 -131.65 -73.52
CA GLU CB 433 -29.57 -132.80 -73.06
C GLU CB 433 -29.07 -134.08 -73.72
N GLU CB 434 -28.73 -134.03 -75.00
CA GLU CB 434 -28.35 -135.24 -75.70
C GLU CB 434 -26.92 -135.68 -75.39
N VAL CB 435 -26.07 -134.76 -74.93
CA VAL CB 435 -24.69 -135.13 -74.64
C VAL CB 435 -24.60 -135.98 -73.40
N GLY CB 436 -25.32 -135.63 -72.36
CA GLY CB 436 -25.20 -136.32 -71.10
C GLY CB 436 -25.92 -137.65 -70.99
N ILE CB 437 -26.58 -138.09 -72.05
CA ILE CB 437 -27.33 -139.34 -72.00
C ILE CB 437 -26.38 -140.52 -71.94
N MET DB 1 -20.81 -82.78 -75.10
CA MET DB 1 -21.24 -84.09 -74.59
C MET DB 1 -22.73 -84.28 -74.83
N ARG DB 2 -23.45 -84.61 -73.76
CA ARG DB 2 -24.89 -84.76 -73.79
C ARG DB 2 -25.55 -83.59 -73.07
N GLU DB 3 -26.60 -83.05 -73.67
CA GLU DB 3 -27.17 -81.78 -73.22
C GLU DB 3 -28.68 -81.86 -73.11
N ILE DB 4 -29.22 -81.06 -72.21
CA ILE DB 4 -30.65 -80.89 -72.02
C ILE DB 4 -30.96 -79.41 -72.09
N VAL DB 5 -31.95 -79.03 -72.89
CA VAL DB 5 -32.43 -77.66 -72.96
C VAL DB 5 -33.72 -77.58 -72.18
N HIS DB 6 -33.80 -76.65 -71.24
CA HIS DB 6 -34.95 -76.55 -70.35
C HIS DB 6 -35.91 -75.47 -70.83
N VAL DB 7 -37.19 -75.79 -70.81
CA VAL DB 7 -38.27 -74.88 -71.19
C VAL DB 7 -39.29 -74.85 -70.06
N GLN DB 8 -39.62 -73.66 -69.60
CA GLN DB 8 -40.59 -73.49 -68.52
C GLN DB 8 -41.80 -72.74 -69.07
N GLY DB 9 -42.94 -73.40 -69.08
CA GLY DB 9 -44.17 -72.84 -69.62
C GLY DB 9 -45.19 -72.58 -68.52
N GLY DB 10 -45.70 -71.36 -68.50
CA GLY DB 10 -46.76 -70.99 -67.59
C GLY DB 10 -46.27 -70.43 -66.28
N GLN DB 11 -47.23 -69.96 -65.48
CA GLN DB 11 -46.92 -69.46 -64.15
C GLN DB 11 -46.47 -70.59 -63.24
N CYS DB 12 -47.14 -71.73 -63.30
CA CYS DB 12 -46.70 -72.87 -62.52
C CYS DB 12 -45.34 -73.36 -63.00
N GLY DB 13 -45.15 -73.39 -64.32
CA GLY DB 13 -43.88 -73.86 -64.86
C GLY DB 13 -42.71 -72.95 -64.52
N ASN DB 14 -42.92 -71.63 -64.59
CA ASN DB 14 -41.85 -70.71 -64.28
C ASN DB 14 -41.46 -70.76 -62.82
N GLN DB 15 -42.44 -70.84 -61.93
CA GLN DB 15 -42.16 -70.88 -60.50
C GLN DB 15 -41.76 -72.26 -60.02
N ILE DB 16 -41.96 -73.30 -60.82
CA ILE DB 16 -41.42 -74.62 -60.50
C ILE DB 16 -40.10 -74.85 -61.22
N GLY DB 17 -39.77 -74.00 -62.18
CA GLY DB 17 -38.47 -74.06 -62.81
C GLY DB 17 -37.50 -73.10 -62.17
N ALA DB 18 -38.01 -72.05 -61.53
CA ALA DB 18 -37.15 -71.11 -60.83
C ALA DB 18 -36.46 -71.77 -59.66
N LYS DB 19 -37.17 -72.59 -58.91
CA LYS DB 19 -36.55 -73.29 -57.80
C LYS DB 19 -35.67 -74.42 -58.29
N PHE DB 20 -35.94 -74.95 -59.48
CA PHE DB 20 -35.11 -76.01 -60.05
C PHE DB 20 -33.71 -75.52 -60.32
N TRP DB 21 -33.58 -74.29 -60.81
CA TRP DB 21 -32.25 -73.75 -61.05
C TRP DB 21 -31.61 -73.30 -59.75
N GLU DB 22 -32.37 -73.23 -58.66
CA GLU DB 22 -31.78 -72.93 -57.37
C GLU DB 22 -31.28 -74.21 -56.71
N VAL DB 23 -31.99 -75.32 -56.91
CA VAL DB 23 -31.54 -76.56 -56.30
C VAL DB 23 -30.44 -77.18 -57.13
N ILE DB 24 -30.36 -76.86 -58.41
CA ILE DB 24 -29.34 -77.48 -59.23
C ILE DB 24 -28.05 -76.66 -59.23
N SER DB 25 -28.15 -75.34 -59.01
CA SER DB 25 -26.93 -74.53 -59.01
C SER DB 25 -26.19 -74.67 -57.70
N ASP DB 26 -26.92 -74.80 -56.60
CA ASP DB 26 -26.29 -75.07 -55.32
C ASP DB 26 -25.65 -76.45 -55.35
N GLU DB 27 -26.28 -77.39 -56.05
CA GLU DB 27 -25.74 -78.74 -56.16
C GLU DB 27 -24.40 -78.75 -56.89
N HIS DB 28 -24.29 -77.95 -57.95
CA HIS DB 28 -23.05 -77.85 -58.69
C HIS DB 28 -22.11 -76.78 -58.13
N GLY DB 29 -22.60 -75.90 -57.27
CA GLY DB 29 -21.75 -74.91 -56.66
C GLY DB 29 -21.61 -73.62 -57.45
N ILE DB 30 -22.72 -73.02 -57.84
CA ILE DB 30 -22.71 -71.77 -58.59
C ILE DB 30 -23.36 -70.68 -57.76
N ASP DB 31 -22.65 -69.57 -57.59
CA ASP DB 31 -23.19 -68.38 -56.95
C ASP DB 31 -24.29 -67.80 -57.84
N PRO DB 32 -25.21 -67.02 -57.28
CA PRO DB 32 -26.20 -66.33 -58.12
C PRO DB 32 -25.59 -65.35 -59.09
N THR DB 33 -24.36 -64.89 -58.83
CA THR DB 33 -23.62 -64.14 -59.85
C THR DB 33 -23.36 -65.01 -61.07
N GLY DB 34 -22.97 -66.26 -60.85
CA GLY DB 34 -22.65 -67.15 -61.95
C GLY DB 34 -21.24 -67.69 -61.83
N THR DB 35 -20.64 -67.45 -60.67
CA THR DB 35 -19.26 -67.81 -60.41
C THR DB 35 -19.20 -69.13 -59.65
N TYR DB 36 -18.25 -69.98 -60.02
CA TYR DB 36 -18.06 -71.23 -59.34
C TYR DB 36 -17.43 -70.99 -57.97
N CYS DB 37 -17.83 -71.80 -57.00
CA CYS DB 37 -17.22 -71.79 -55.68
C CYS DB 37 -17.26 -73.19 -55.11
N GLY DB 38 -16.12 -73.70 -54.65
CA GLY DB 38 -16.17 -74.94 -53.89
C GLY DB 38 -15.19 -76.04 -54.25
N ASP DB 39 -14.16 -75.71 -55.03
CA ASP DB 39 -12.93 -76.46 -55.34
C ASP DB 39 -13.05 -77.99 -55.36
N SER DB 40 -14.05 -78.52 -56.05
CA SER DB 40 -14.16 -79.95 -56.27
C SER DB 40 -14.41 -80.20 -57.75
N ASP DB 41 -13.62 -81.10 -58.33
CA ASP DB 41 -13.60 -81.28 -59.78
C ASP DB 41 -14.88 -81.90 -60.27
N LEU DB 42 -15.45 -82.83 -59.50
CA LEU DB 42 -16.65 -83.53 -59.93
C LEU DB 42 -17.86 -82.64 -60.04
N GLN DB 43 -17.83 -81.48 -59.39
CA GLN DB 43 -18.94 -80.53 -59.50
C GLN DB 43 -19.05 -79.96 -60.90
N LEU DB 44 -17.92 -79.73 -61.55
CA LEU DB 44 -17.92 -78.96 -62.79
C LEU DB 44 -17.58 -79.80 -63.99
N GLU DB 45 -17.22 -81.07 -63.80
CA GLU DB 45 -16.86 -81.95 -64.91
C GLU DB 45 -18.03 -82.17 -65.85
N ARG DB 46 -19.22 -82.42 -65.31
CA ARG DB 46 -20.43 -82.54 -66.12
C ARG DB 46 -21.32 -81.37 -65.75
N ILE DB 47 -21.02 -80.21 -66.33
CA ILE DB 47 -21.84 -79.02 -66.19
C ILE DB 47 -22.34 -78.54 -67.53
N ASN DB 48 -21.85 -79.11 -68.63
CA ASN DB 48 -22.37 -78.85 -69.96
C ASN DB 48 -23.79 -79.33 -70.14
N VAL DB 49 -24.26 -80.23 -69.27
CA VAL DB 49 -25.60 -80.79 -69.37
C VAL DB 49 -26.66 -79.72 -69.15
N PHE DB 50 -26.34 -78.66 -68.44
CA PHE DB 50 -27.33 -77.64 -68.15
C PHE DB 50 -26.84 -76.22 -68.29
N TYR DB 51 -25.55 -75.99 -68.49
CA TYR DB 51 -25.00 -74.64 -68.52
C TYR DB 51 -24.18 -74.43 -69.77
N ASN DB 52 -24.05 -73.17 -70.17
CA ASN DB 52 -23.21 -72.77 -71.28
C ASN DB 52 -22.23 -71.71 -70.81
N GLU DB 53 -20.98 -71.85 -71.24
CA GLU DB 53 -19.94 -70.89 -70.93
C GLU DB 53 -20.22 -69.56 -71.64
N ALA DB 54 -19.76 -68.46 -71.06
CA ALA DB 54 -20.15 -67.15 -71.56
C ALA DB 54 -18.95 -66.22 -71.70
N THR DB 55 -17.78 -66.77 -72.04
CA THR DB 55 -16.50 -66.14 -72.38
C THR DB 55 -16.03 -65.07 -71.39
N GLY DB 56 -16.65 -65.01 -70.23
CA GLY DB 56 -16.19 -64.13 -69.19
C GLY DB 56 -15.99 -64.97 -67.97
N GLY DB 57 -16.22 -66.27 -68.13
CA GLY DB 57 -16.06 -67.24 -67.08
C GLY DB 57 -17.35 -67.69 -66.43
N ARG DB 58 -18.47 -67.06 -66.74
CA ARG DB 58 -19.70 -67.35 -66.02
C ARG DB 58 -20.51 -68.40 -66.75
N PHE DB 59 -21.36 -69.07 -65.99
CA PHE DB 59 -22.24 -70.12 -66.49
C PHE DB 59 -23.65 -69.58 -66.55
N VAL DB 60 -24.33 -69.80 -67.67
CA VAL DB 60 -25.73 -69.42 -67.78
C VAL DB 60 -26.54 -70.68 -68.07
N PRO DB 61 -27.74 -70.83 -67.53
CA PRO DB 61 -28.52 -72.04 -67.77
C PRO DB 61 -29.02 -72.11 -69.18
N ARG DB 62 -29.37 -73.31 -69.60
CA ARG DB 62 -30.01 -73.48 -70.90
C ARG DB 62 -31.53 -73.46 -70.74
N ALA DB 63 -32.03 -72.42 -70.08
CA ALA DB 63 -33.44 -72.29 -69.78
C ALA DB 63 -34.09 -71.29 -70.72
N ILE DB 64 -35.26 -71.65 -71.22
CA ILE DB 64 -36.10 -70.75 -72.00
C ILE DB 64 -37.40 -70.58 -71.23
N LEU DB 65 -37.68 -69.36 -70.81
CA LEU DB 65 -38.87 -69.06 -70.02
C LEU DB 65 -39.94 -68.51 -70.95
N MET DB 66 -41.09 -69.16 -70.99
CA MET DB 66 -42.18 -68.79 -71.90
C MET DB 66 -43.46 -68.56 -71.12
N ASP DB 67 -44.14 -67.47 -71.43
CA ASP DB 67 -45.40 -67.13 -70.80
C ASP DB 67 -46.13 -66.13 -71.69
N LEU DB 68 -47.43 -66.04 -71.51
CA LEU DB 68 -48.22 -65.05 -72.20
C LEU DB 68 -48.50 -63.81 -71.36
N GLU DB 69 -48.04 -63.77 -70.12
CA GLU DB 69 -48.34 -62.66 -69.23
C GLU DB 69 -47.04 -62.08 -68.69
N PRO DB 70 -46.89 -60.75 -68.69
CA PRO DB 70 -45.62 -60.17 -68.24
C PRO DB 70 -45.37 -60.27 -66.76
N GLY DB 71 -46.37 -60.62 -65.96
CA GLY DB 71 -46.25 -60.45 -64.52
C GLY DB 71 -45.29 -61.42 -63.88
N THR DB 72 -45.58 -62.72 -63.98
CA THR DB 72 -44.88 -63.68 -63.13
C THR DB 72 -43.48 -63.96 -63.62
N MET DB 73 -43.17 -63.57 -64.86
CA MET DB 73 -41.81 -63.82 -65.33
C MET DB 73 -40.87 -62.74 -64.85
N ASP DB 74 -41.39 -61.54 -64.59
CA ASP DB 74 -40.59 -60.50 -63.94
C ASP DB 74 -40.27 -60.89 -62.51
N SER DB 75 -41.18 -61.60 -61.84
CA SER DB 75 -40.94 -62.01 -60.46
C SER DB 75 -39.86 -63.08 -60.38
N VAL DB 76 -39.70 -63.86 -61.45
CA VAL DB 76 -38.58 -64.80 -61.51
C VAL DB 76 -37.26 -64.05 -61.60
N ARG DB 77 -37.24 -62.98 -62.39
CA ARG DB 77 -36.03 -62.19 -62.55
C ARG DB 77 -35.62 -61.48 -61.26
N ALA DB 78 -36.60 -60.90 -60.56
CA ALA DB 78 -36.29 -60.04 -59.43
C ALA DB 78 -36.00 -60.81 -58.15
N GLY DB 79 -36.24 -62.10 -58.12
CA GLY DB 79 -36.00 -62.87 -56.92
C GLY DB 79 -34.55 -63.22 -56.76
N PRO DB 80 -34.26 -64.02 -55.74
CA PRO DB 80 -32.92 -64.59 -55.62
C PRO DB 80 -32.69 -65.57 -56.73
N PHE DB 81 -31.43 -65.66 -57.15
CA PHE DB 81 -30.99 -66.51 -58.28
C PHE DB 81 -31.74 -66.17 -59.56
N GLY DB 82 -32.18 -64.93 -59.69
CA GLY DB 82 -32.97 -64.56 -60.85
C GLY DB 82 -32.12 -63.93 -61.91
N GLN DB 83 -30.93 -63.52 -61.53
CA GLN DB 83 -30.00 -62.90 -62.45
C GLN DB 83 -29.22 -63.93 -63.24
N LEU DB 84 -29.47 -65.21 -62.99
CA LEU DB 84 -28.66 -66.24 -63.61
C LEU DB 84 -29.04 -66.46 -65.06
N PHE DB 85 -30.33 -66.32 -65.39
CA PHE DB 85 -30.78 -66.55 -66.75
C PHE DB 85 -30.40 -65.38 -67.65
N ARG DB 86 -30.10 -65.70 -68.89
CA ARG DB 86 -29.86 -64.66 -69.88
C ARG DB 86 -31.17 -63.97 -70.23
N PRO DB 87 -31.18 -62.64 -70.32
CA PRO DB 87 -32.45 -61.93 -70.56
C PRO DB 87 -33.05 -62.17 -71.93
N ASP DB 88 -32.28 -62.58 -72.93
CA ASP DB 88 -32.87 -62.79 -74.24
C ASP DB 88 -33.72 -64.04 -74.28
N ASN DB 89 -33.43 -65.02 -73.42
CA ASN DB 89 -34.22 -66.24 -73.35
C ASN DB 89 -35.60 -65.99 -72.75
N PHE DB 90 -35.77 -64.90 -72.00
CA PHE DB 90 -37.08 -64.50 -71.52
C PHE DB 90 -37.96 -64.13 -72.70
N VAL DB 91 -38.93 -64.96 -73.07
CA VAL DB 91 -39.89 -64.57 -74.09
C VAL DB 91 -41.21 -64.26 -73.39
N PHE DB 92 -41.60 -63.00 -73.45
CA PHE DB 92 -42.82 -62.55 -72.84
C PHE DB 92 -44.00 -62.88 -73.74
N GLY DB 93 -45.18 -62.59 -73.24
CA GLY DB 93 -46.36 -62.42 -74.06
C GLY DB 93 -47.02 -61.16 -73.54
N GLN DB 94 -47.85 -60.50 -74.35
CA GLN DB 94 -48.41 -59.23 -73.92
C GLN DB 94 -49.81 -59.39 -73.34
N THR DB 95 -50.74 -59.94 -74.11
CA THR DB 95 -52.15 -59.85 -73.73
C THR DB 95 -52.59 -60.99 -72.83
N GLY DB 96 -52.09 -62.20 -73.05
CA GLY DB 96 -52.34 -63.28 -72.11
C GLY DB 96 -53.59 -64.08 -72.38
N ALA DB 97 -53.43 -65.38 -72.53
CA ALA DB 97 -54.58 -66.27 -72.70
C ALA DB 97 -55.22 -66.47 -71.34
N GLY DB 98 -56.48 -66.07 -71.22
CA GLY DB 98 -57.13 -66.11 -69.94
C GLY DB 98 -57.65 -67.48 -69.61
N ASN DB 99 -56.76 -68.38 -69.22
CA ASN DB 99 -57.08 -69.77 -68.84
C ASN DB 99 -57.87 -70.46 -69.93
N ASN DB 100 -57.50 -70.17 -71.16
CA ASN DB 100 -58.18 -70.73 -72.32
C ASN DB 100 -57.18 -71.57 -73.08
N TRP DB 101 -57.49 -72.85 -73.25
CA TRP DB 101 -56.60 -73.72 -74.00
C TRP DB 101 -56.62 -73.39 -75.48
N ALA DB 102 -57.80 -73.07 -76.00
CA ALA DB 102 -57.93 -72.72 -77.40
C ALA DB 102 -57.22 -71.41 -77.70
N LYS DB 103 -57.26 -70.46 -76.77
CA LYS DB 103 -56.47 -69.25 -76.96
C LYS DB 103 -54.99 -69.56 -76.86
N GLY DB 104 -54.61 -70.37 -75.87
CA GLY DB 104 -53.22 -70.73 -75.71
C GLY DB 104 -52.65 -71.53 -76.85
N HIS DB 105 -53.47 -72.29 -77.55
CA HIS DB 105 -52.99 -73.12 -78.64
C HIS DB 105 -53.22 -72.45 -79.99
N TYR DB 106 -54.46 -72.13 -80.30
CA TYR DB 106 -54.76 -71.79 -81.68
C TYR DB 106 -54.52 -70.33 -81.98
N THR DB 107 -55.09 -69.42 -81.20
CA THR DB 107 -55.06 -68.01 -81.56
C THR DB 107 -53.93 -67.25 -80.88
N GLU DB 108 -53.93 -67.17 -79.56
CA GLU DB 108 -53.02 -66.24 -78.89
C GLU DB 108 -51.57 -66.72 -78.91
N GLY DB 109 -51.34 -68.01 -78.70
CA GLY DB 109 -49.97 -68.49 -78.68
C GLY DB 109 -49.33 -68.66 -80.03
N ALA DB 110 -50.11 -68.59 -81.11
CA ALA DB 110 -49.56 -68.83 -82.44
C ALA DB 110 -48.67 -67.67 -82.89
N GLU DB 111 -49.01 -66.43 -82.53
CA GLU DB 111 -48.14 -65.33 -82.91
C GLU DB 111 -46.87 -65.28 -82.08
N LEU DB 112 -46.76 -66.08 -81.03
CA LEU DB 112 -45.60 -66.05 -80.17
C LEU DB 112 -44.69 -67.25 -80.35
N ILE DB 113 -45.20 -68.40 -80.79
CA ILE DB 113 -44.38 -69.60 -80.81
C ILE DB 113 -43.34 -69.57 -81.92
N ASP DB 114 -43.45 -68.63 -82.85
CA ASP DB 114 -42.36 -68.42 -83.78
C ASP DB 114 -41.12 -67.92 -83.05
N SER DB 115 -41.32 -67.03 -82.07
CA SER DB 115 -40.20 -66.47 -81.35
C SER DB 115 -39.59 -67.48 -80.39
N VAL DB 116 -40.43 -68.33 -79.80
CA VAL DB 116 -39.92 -69.37 -78.91
C VAL DB 116 -39.12 -70.38 -79.71
N LEU DB 117 -39.56 -70.69 -80.93
CA LEU DB 117 -38.84 -71.64 -81.75
C LEU DB 117 -37.53 -71.05 -82.25
N ASP DB 118 -37.40 -69.73 -82.30
CA ASP DB 118 -36.12 -69.13 -82.65
C ASP DB 118 -35.10 -69.31 -81.54
N VAL DB 119 -35.53 -69.10 -80.29
CA VAL DB 119 -34.58 -69.15 -79.18
C VAL DB 119 -34.31 -70.59 -78.76
N VAL DB 120 -35.30 -71.48 -78.93
CA VAL DB 120 -35.04 -72.86 -78.55
C VAL DB 120 -34.21 -73.56 -79.62
N ARG DB 121 -34.26 -73.08 -80.86
CA ARG DB 121 -33.42 -73.69 -81.88
C ARG DB 121 -31.99 -73.20 -81.77
N LYS DB 122 -31.80 -71.98 -81.31
CA LYS DB 122 -30.45 -71.43 -81.19
C LYS DB 122 -29.67 -72.15 -80.10
N GLU DB 123 -30.33 -72.51 -79.01
CA GLU DB 123 -29.64 -73.21 -77.92
C GLU DB 123 -29.37 -74.66 -78.27
N ALA DB 124 -30.35 -75.33 -78.89
CA ALA DB 124 -30.22 -76.76 -79.13
C ALA DB 124 -29.19 -77.05 -80.21
N GLU DB 125 -29.22 -76.28 -81.30
CA GLU DB 125 -28.32 -76.53 -82.41
C GLU DB 125 -26.89 -76.14 -82.09
N GLY DB 126 -26.70 -75.26 -81.11
CA GLY DB 126 -25.40 -74.62 -80.93
C GLY DB 126 -24.31 -75.59 -80.51
N CYS DB 127 -24.62 -76.50 -79.59
CA CYS DB 127 -23.59 -77.37 -79.05
C CYS DB 127 -23.35 -78.54 -80.00
N ASP DB 128 -22.66 -79.56 -79.53
CA ASP DB 128 -22.25 -80.66 -80.40
C ASP DB 128 -23.45 -81.44 -80.95
N CYS DB 129 -24.19 -82.09 -80.05
CA CYS DB 129 -25.29 -82.97 -80.43
C CYS DB 129 -26.12 -83.20 -79.18
N LEU DB 130 -27.42 -82.98 -79.31
CA LEU DB 130 -28.31 -82.86 -78.17
C LEU DB 130 -28.73 -84.22 -77.65
N GLN DB 131 -29.16 -84.25 -76.39
CA GLN DB 131 -29.61 -85.49 -75.76
C GLN DB 131 -31.08 -85.48 -75.39
N GLY DB 132 -31.65 -84.30 -75.11
CA GLY DB 132 -33.07 -84.22 -74.85
C GLY DB 132 -33.47 -82.82 -74.44
N PHE DB 133 -34.75 -82.69 -74.09
CA PHE DB 133 -35.33 -81.48 -73.53
C PHE DB 133 -36.03 -81.83 -72.24
N GLN DB 134 -36.30 -80.83 -71.43
CA GLN DB 134 -37.21 -81.03 -70.32
C GLN DB 134 -38.11 -79.81 -70.16
N ILE DB 135 -39.39 -80.07 -69.93
CA ILE DB 135 -40.43 -79.06 -69.94
C ILE DB 135 -41.24 -79.19 -68.66
N THR DB 136 -41.40 -78.10 -67.94
CA THR DB 136 -42.20 -78.04 -66.73
C THR DB 136 -43.39 -77.13 -66.95
N HIS DB 137 -44.59 -77.63 -66.72
CA HIS DB 137 -45.79 -76.88 -67.03
C HIS DB 137 -46.96 -77.44 -66.25
N SER DB 138 -48.11 -76.80 -66.39
CA SER DB 138 -49.32 -77.15 -65.67
C SER DB 138 -50.42 -77.48 -66.65
N LEU DB 139 -51.21 -78.51 -66.34
CA LEU DB 139 -52.26 -78.97 -67.22
C LEU DB 139 -53.63 -78.53 -66.78
N GLY DB 140 -53.72 -77.37 -66.13
CA GLY DB 140 -55.02 -76.82 -65.78
C GLY DB 140 -55.17 -75.41 -66.30
N GLY DB 141 -54.05 -74.74 -66.52
CA GLY DB 141 -54.05 -73.36 -66.92
C GLY DB 141 -54.16 -73.19 -68.43
N GLY DB 142 -53.96 -71.96 -68.87
CA GLY DB 142 -54.12 -71.63 -70.27
C GLY DB 142 -52.83 -71.67 -71.05
N THR DB 143 -51.79 -71.01 -70.57
CA THR DB 143 -50.53 -70.97 -71.31
C THR DB 143 -49.60 -72.11 -70.96
N GLY DB 144 -49.68 -72.66 -69.76
CA GLY DB 144 -48.92 -73.85 -69.46
C GLY DB 144 -49.44 -75.09 -70.12
N SER DB 145 -50.73 -75.12 -70.43
CA SER DB 145 -51.34 -76.26 -71.07
C SER DB 145 -51.72 -76.02 -72.51
N GLY DB 146 -51.89 -74.76 -72.91
CA GLY DB 146 -52.14 -74.46 -74.31
C GLY DB 146 -50.90 -74.39 -75.18
N MET DB 147 -50.03 -73.41 -74.94
CA MET DB 147 -48.86 -73.30 -75.78
C MET DB 147 -47.68 -74.04 -75.21
N GLY DB 148 -47.80 -74.57 -74.00
CA GLY DB 148 -46.79 -75.48 -73.50
C GLY DB 148 -46.76 -76.77 -74.29
N THR DB 149 -47.93 -77.25 -74.70
CA THR DB 149 -48.00 -78.46 -75.49
C THR DB 149 -47.94 -78.20 -77.00
N LEU DB 150 -48.18 -76.97 -77.44
CA LEU DB 150 -47.93 -76.67 -78.84
C LEU DB 150 -46.44 -76.67 -79.10
N LEU DB 151 -45.66 -76.23 -78.11
CA LEU DB 151 -44.21 -76.30 -78.24
C LEU DB 151 -43.76 -77.74 -78.34
N ILE DB 152 -44.37 -78.63 -77.55
CA ILE DB 152 -44.06 -80.05 -77.58
C ILE DB 152 -44.32 -80.62 -78.97
N SER DB 153 -45.42 -80.22 -79.58
CA SER DB 153 -45.73 -80.69 -80.93
C SER DB 153 -44.71 -80.21 -81.95
N LYS DB 154 -44.26 -78.96 -81.81
CA LYS DB 154 -43.34 -78.42 -82.80
C LYS DB 154 -41.92 -78.91 -82.58
N VAL DB 155 -41.47 -79.00 -81.33
CA VAL DB 155 -40.06 -79.33 -81.14
C VAL DB 155 -39.85 -80.83 -81.35
N ARG DB 156 -40.90 -81.64 -81.25
CA ARG DB 156 -40.77 -83.04 -81.62
C ARG DB 156 -40.62 -83.18 -83.14
N GLU DB 157 -41.35 -82.37 -83.89
CA GLU DB 157 -41.25 -82.43 -85.35
C GLU DB 157 -39.86 -82.02 -85.81
N GLU DB 158 -39.23 -81.07 -85.10
CA GLU DB 158 -37.90 -80.63 -85.50
C GLU DB 158 -36.84 -81.64 -85.11
N TYR DB 159 -36.99 -82.29 -83.96
CA TYR DB 159 -36.01 -83.25 -83.45
C TYR DB 159 -36.74 -84.53 -83.08
N PRO DB 160 -36.94 -85.43 -84.03
CA PRO DB 160 -37.85 -86.55 -83.75
C PRO DB 160 -37.25 -87.62 -82.85
N ASP DB 161 -35.96 -87.88 -82.94
CA ASP DB 161 -35.37 -89.02 -82.25
C ASP DB 161 -34.85 -88.70 -80.86
N ARG DB 162 -34.98 -87.47 -80.40
CA ARG DB 162 -34.45 -87.09 -79.09
C ARG DB 162 -35.56 -87.15 -78.05
N ILE DB 163 -35.18 -87.49 -76.82
CA ILE DB 163 -36.17 -87.64 -75.76
C ILE DB 163 -36.73 -86.28 -75.37
N MET DB 164 -37.86 -86.31 -74.67
CA MET DB 164 -38.58 -85.07 -74.37
C MET DB 164 -39.37 -85.32 -73.10
N GLU DB 165 -38.81 -84.93 -71.96
CA GLU DB 165 -39.34 -85.29 -70.66
C GLU DB 165 -40.16 -84.12 -70.11
N THR DB 166 -41.43 -84.37 -69.86
CA THR DB 166 -42.33 -83.33 -69.40
C THR DB 166 -42.72 -83.61 -67.96
N PHE DB 167 -42.72 -82.56 -67.15
CA PHE DB 167 -43.21 -82.63 -65.78
C PHE DB 167 -44.46 -81.79 -65.70
N SER DB 168 -45.62 -82.45 -65.73
CA SER DB 168 -46.89 -81.79 -65.72
C SER DB 168 -47.58 -82.02 -64.40
N VAL DB 169 -48.20 -80.98 -63.85
CA VAL DB 169 -49.03 -81.11 -62.68
C VAL DB 169 -50.48 -81.25 -63.13
N PHE DB 170 -51.12 -82.31 -62.72
CA PHE DB 170 -52.47 -82.57 -63.17
C PHE DB 170 -53.47 -81.77 -62.35
N PRO DB 171 -54.69 -81.62 -62.84
CA PRO DB 171 -55.75 -81.06 -62.00
C PRO DB 171 -55.97 -81.87 -60.74
N SER DB 172 -56.25 -81.17 -59.65
CA SER DB 172 -56.45 -81.80 -58.37
C SER DB 172 -57.76 -82.58 -58.36
N PRO DB 173 -57.82 -83.72 -57.68
CA PRO DB 173 -59.05 -84.50 -57.64
C PRO DB 173 -60.20 -83.84 -56.91
N LYS DB 174 -59.98 -83.45 -55.66
CA LYS DB 174 -61.09 -83.02 -54.81
C LYS DB 174 -61.53 -81.61 -55.14
N VAL DB 175 -60.73 -80.63 -54.76
CA VAL DB 175 -61.09 -79.23 -54.95
C VAL DB 175 -60.14 -78.62 -55.96
N SER DB 176 -60.66 -77.65 -56.70
CA SER DB 176 -60.08 -77.30 -57.97
C SER DB 176 -59.90 -75.80 -58.11
N ASP DB 177 -58.69 -75.39 -58.47
CA ASP DB 177 -58.51 -74.09 -59.07
C ASP DB 177 -59.09 -74.14 -60.48
N THR DB 178 -59.50 -72.98 -60.99
CA THR DB 178 -59.68 -72.75 -62.43
C THR DB 178 -60.68 -73.73 -63.05
N VAL DB 179 -61.98 -73.48 -62.80
CA VAL DB 179 -63.11 -74.38 -63.04
C VAL DB 179 -63.06 -75.15 -64.35
N VAL DB 180 -62.52 -74.56 -65.41
CA VAL DB 180 -62.25 -75.37 -66.59
C VAL DB 180 -60.85 -75.97 -66.45
N GLU DB 181 -60.73 -76.94 -65.58
CA GLU DB 181 -59.62 -77.89 -65.53
C GLU DB 181 -59.82 -79.08 -66.45
N PRO DB 182 -60.98 -79.77 -66.47
CA PRO DB 182 -61.06 -80.97 -67.31
C PRO DB 182 -61.04 -80.68 -68.79
N TYR DB 183 -61.54 -79.51 -69.21
CA TYR DB 183 -61.42 -79.14 -70.60
C TYR DB 183 -59.96 -78.92 -70.96
N ASN DB 184 -59.20 -78.31 -70.05
CA ASN DB 184 -57.79 -78.08 -70.34
C ASN DB 184 -57.01 -79.38 -70.29
N ALA DB 185 -57.31 -80.24 -69.32
CA ALA DB 185 -56.52 -81.45 -69.13
C ALA DB 185 -56.77 -82.46 -70.24
N THR DB 186 -58.02 -82.65 -70.64
CA THR DB 186 -58.32 -83.66 -71.65
C THR DB 186 -57.83 -83.25 -73.03
N LEU DB 187 -57.94 -81.97 -73.37
CA LEU DB 187 -57.38 -81.50 -74.64
C LEU DB 187 -55.87 -81.52 -74.63
N SER DB 188 -55.24 -81.32 -73.48
CA SER DB 188 -53.78 -81.29 -73.44
C SER DB 188 -53.21 -82.70 -73.61
N VAL DB 189 -53.81 -83.68 -72.95
CA VAL DB 189 -53.26 -85.01 -72.93
C VAL DB 189 -53.36 -85.69 -74.29
N HIS DB 190 -54.46 -85.46 -75.03
CA HIS DB 190 -54.76 -86.31 -76.19
C HIS DB 190 -53.73 -86.16 -77.30
N GLN DB 191 -52.96 -85.09 -77.29
CA GLN DB 191 -51.79 -84.97 -78.13
C GLN DB 191 -50.51 -84.85 -77.32
N LEU DB 192 -50.59 -85.03 -76.00
CA LEU DB 192 -49.39 -85.29 -75.22
C LEU DB 192 -49.13 -86.79 -75.12
N VAL DB 193 -50.14 -87.62 -75.37
CA VAL DB 193 -49.89 -89.06 -75.47
C VAL DB 193 -49.10 -89.38 -76.72
N GLU DB 194 -49.26 -88.59 -77.77
CA GLU DB 194 -48.62 -88.85 -79.03
C GLU DB 194 -47.47 -87.92 -79.34
N ASN DB 195 -47.04 -87.10 -78.39
CA ASN DB 195 -45.94 -86.19 -78.66
C ASN DB 195 -44.91 -86.05 -77.55
N ALA DB 196 -45.09 -86.69 -76.40
CA ALA DB 196 -44.12 -86.59 -75.31
C ALA DB 196 -43.55 -87.96 -75.01
N ASP DB 197 -42.23 -88.04 -74.92
CA ASP DB 197 -41.57 -89.34 -74.83
C ASP DB 197 -41.72 -89.94 -73.44
N GLU DB 198 -41.65 -89.13 -72.40
CA GLU DB 198 -41.92 -89.60 -71.04
C GLU DB 198 -42.57 -88.47 -70.25
N VAL DB 199 -43.67 -88.80 -69.58
CA VAL DB 199 -44.48 -87.82 -68.86
C VAL DB 199 -44.54 -88.22 -67.40
N GLN DB 200 -44.30 -87.26 -66.51
CA GLN DB 200 -44.25 -87.54 -65.09
C GLN DB 200 -45.32 -86.73 -64.37
N VAL DB 201 -46.11 -87.40 -63.55
CA VAL DB 201 -47.35 -86.86 -63.02
C VAL DB 201 -47.13 -86.38 -61.60
N ILE DB 202 -47.51 -85.13 -61.35
CA ILE DB 202 -47.50 -84.53 -60.03
C ILE DB 202 -48.90 -84.00 -59.75
N ASP DB 203 -49.34 -84.10 -58.50
CA ASP DB 203 -50.61 -83.54 -58.06
C ASP DB 203 -50.34 -82.63 -56.88
N ASN DB 204 -51.07 -81.53 -56.79
CA ASN DB 204 -50.87 -80.66 -55.64
C ASN DB 204 -51.42 -81.28 -54.38
N GLU DB 205 -52.46 -82.10 -54.49
CA GLU DB 205 -53.08 -82.67 -53.29
C GLU DB 205 -52.17 -83.65 -52.60
N ALA DB 206 -51.40 -84.42 -53.35
CA ALA DB 206 -50.42 -85.30 -52.72
C ALA DB 206 -49.28 -84.50 -52.12
N LEU DB 207 -48.93 -83.38 -52.74
CA LEU DB 207 -47.87 -82.54 -52.20
C LEU DB 207 -48.27 -81.92 -50.87
N TYR DB 208 -49.53 -81.48 -50.76
CA TYR DB 208 -50.04 -81.03 -49.47
C TYR DB 208 -50.09 -82.18 -48.48
N ASP DB 209 -50.43 -83.37 -48.96
CA ASP DB 209 -50.50 -84.54 -48.10
C ASP DB 209 -49.12 -84.88 -47.54
N ILE DB 210 -48.09 -84.81 -48.37
CA ILE DB 210 -46.74 -85.04 -47.89
C ILE DB 210 -46.32 -83.93 -46.93
N CYS DB 211 -46.63 -82.69 -47.28
CA CYS DB 211 -46.23 -81.55 -46.46
C CYS DB 211 -46.98 -81.48 -45.14
N PHE DB 212 -48.05 -82.25 -44.99
CA PHE DB 212 -48.76 -82.32 -43.72
C PHE DB 212 -48.47 -83.62 -42.98
N ARG DB 213 -48.52 -84.76 -43.67
CA ARG DB 213 -48.53 -86.03 -42.97
C ARG DB 213 -47.12 -86.56 -42.69
N THR DB 214 -46.14 -86.26 -43.54
CA THR DB 214 -44.77 -86.71 -43.32
C THR DB 214 -43.82 -85.60 -42.91
N LEU DB 215 -43.72 -84.54 -43.72
CA LEU DB 215 -42.86 -83.41 -43.34
C LEU DB 215 -43.38 -82.67 -42.14
N LYS DB 216 -44.68 -82.73 -41.89
CA LYS DB 216 -45.34 -82.09 -40.76
C LYS DB 216 -45.10 -80.58 -40.74
N LEU DB 217 -44.97 -79.98 -41.91
CA LEU DB 217 -44.89 -78.53 -41.99
C LEU DB 217 -46.23 -77.94 -41.60
N THR DB 218 -46.19 -76.93 -40.73
CA THR DB 218 -47.43 -76.29 -40.32
C THR DB 218 -48.09 -75.57 -41.48
N THR DB 219 -47.34 -74.73 -42.18
CA THR DB 219 -47.86 -73.89 -43.27
C THR DB 219 -47.03 -74.04 -44.53
N PRO DB 220 -47.32 -75.02 -45.37
CA PRO DB 220 -46.66 -75.10 -46.67
C PRO DB 220 -47.19 -74.04 -47.63
N THR DB 221 -46.27 -73.29 -48.23
CA THR DB 221 -46.55 -72.41 -49.34
C THR DB 221 -46.15 -73.10 -50.63
N TYR DB 222 -46.33 -72.42 -51.76
CA TYR DB 222 -45.80 -72.98 -53.00
C TYR DB 222 -44.28 -72.96 -53.05
N GLY DB 223 -43.63 -72.20 -52.17
CA GLY DB 223 -42.19 -72.28 -52.10
C GLY DB 223 -41.70 -73.63 -51.60
N ASP DB 224 -42.35 -74.17 -50.58
CA ASP DB 224 -41.97 -75.46 -50.05
C ASP DB 224 -42.40 -76.59 -50.96
N LEU DB 225 -43.57 -76.47 -51.59
CA LEU DB 225 -44.04 -77.50 -52.51
C LEU DB 225 -43.15 -77.61 -53.73
N ASN DB 226 -42.74 -76.48 -54.30
CA ASN DB 226 -41.91 -76.52 -55.51
C ASN DB 226 -40.53 -77.08 -55.21
N HIS DB 227 -40.07 -76.95 -53.97
CA HIS DB 227 -38.79 -77.52 -53.59
C HIS DB 227 -38.85 -79.04 -53.61
N LEU DB 228 -40.03 -79.60 -53.38
CA LEU DB 228 -40.17 -81.05 -53.39
C LEU DB 228 -40.15 -81.59 -54.80
N VAL DB 229 -40.79 -80.88 -55.73
CA VAL DB 229 -40.73 -81.29 -57.12
C VAL DB 229 -39.33 -81.10 -57.67
N SER DB 230 -38.65 -80.03 -57.21
CA SER DB 230 -37.31 -79.75 -57.71
C SER DB 230 -36.31 -80.80 -57.25
N ALA DB 231 -36.47 -81.31 -56.03
CA ALA DB 231 -35.55 -82.32 -55.53
C ALA DB 231 -35.71 -83.64 -56.29
N ALA DB 232 -36.95 -84.00 -56.62
CA ALA DB 232 -37.17 -85.25 -57.35
C ALA DB 232 -36.79 -85.11 -58.81
N MET DB 233 -36.95 -83.92 -59.37
CA MET DB 233 -36.57 -83.67 -60.75
C MET DB 233 -35.08 -83.48 -60.94
N SER DB 234 -34.35 -83.14 -59.88
CA SER DB 234 -32.90 -83.25 -59.95
C SER DB 234 -32.44 -84.69 -59.82
N GLY DB 235 -33.26 -85.52 -59.16
CA GLY DB 235 -32.86 -86.90 -58.94
C GLY DB 235 -32.83 -87.72 -60.22
N VAL DB 236 -33.75 -87.46 -61.14
CA VAL DB 236 -33.86 -88.26 -62.37
C VAL DB 236 -32.64 -88.04 -63.25
N THR DB 237 -31.94 -86.93 -63.07
CA THR DB 237 -30.72 -86.63 -63.80
C THR DB 237 -29.48 -86.58 -62.90
N CYS DB 238 -29.41 -87.42 -61.86
CA CYS DB 238 -28.16 -87.55 -61.11
C CYS DB 238 -27.09 -88.19 -61.96
N CYS DB 239 -27.47 -89.16 -62.78
CA CYS DB 239 -26.52 -89.95 -63.54
C CYS DB 239 -25.81 -89.13 -64.60
N LEU DB 240 -26.52 -88.22 -65.25
CA LEU DB 240 -25.90 -87.42 -66.29
C LEU DB 240 -24.81 -86.51 -65.73
N ARG DB 241 -24.98 -86.01 -64.51
CA ARG DB 241 -24.15 -84.96 -63.99
C ARG DB 241 -23.09 -85.43 -63.00
N PHE DB 242 -23.11 -86.69 -62.61
CA PHE DB 242 -22.20 -87.19 -61.59
C PHE DB 242 -21.90 -88.66 -61.87
N PRO DB 243 -20.72 -89.14 -61.49
CA PRO DB 243 -20.37 -90.53 -61.79
C PRO DB 243 -21.09 -91.49 -60.88
N GLY DB 244 -21.09 -92.76 -61.26
CA GLY DB 244 -21.85 -93.73 -60.48
C GLY DB 244 -21.37 -95.14 -60.68
N GLN DB 245 -21.69 -95.99 -59.70
CA GLN DB 245 -21.32 -97.40 -59.79
C GLN DB 245 -22.17 -98.12 -60.82
N LEU DB 246 -23.45 -97.78 -60.92
CA LEU DB 246 -24.35 -98.39 -61.91
C LEU DB 246 -25.16 -97.27 -62.54
N ASN DB 247 -24.66 -96.73 -63.65
CA ASN DB 247 -25.16 -95.51 -64.25
C ASN DB 247 -26.41 -95.77 -65.07
N SER DB 248 -27.26 -94.75 -65.18
CA SER DB 248 -28.52 -94.89 -65.90
C SER DB 248 -29.01 -93.53 -66.39
N ASP DB 249 -28.95 -93.30 -67.70
CA ASP DB 249 -29.36 -92.05 -68.29
C ASP DB 249 -30.89 -91.94 -68.32
N LEU DB 250 -31.40 -90.92 -68.99
CA LEU DB 250 -32.84 -90.79 -69.11
C LEU DB 250 -33.43 -91.75 -70.12
N ARG DB 251 -32.69 -92.08 -71.18
CA ARG DB 251 -33.20 -93.04 -72.15
C ARG DB 251 -33.03 -94.48 -71.69
N LYS DB 252 -32.04 -94.75 -70.84
CA LYS DB 252 -31.98 -96.06 -70.19
C LYS DB 252 -33.15 -96.23 -69.23
N LEU DB 253 -33.60 -95.11 -68.64
CA LEU DB 253 -34.81 -95.11 -67.83
C LEU DB 253 -36.03 -95.43 -68.68
N ALA DB 254 -36.12 -94.82 -69.86
CA ALA DB 254 -37.33 -94.94 -70.67
C ALA DB 254 -37.50 -96.35 -71.21
N VAL DB 255 -36.40 -96.97 -71.65
CA VAL DB 255 -36.49 -98.32 -72.20
C VAL DB 255 -36.93 -99.29 -71.12
N ASN DB 256 -36.39 -99.14 -69.91
CA ASN DB 256 -36.69 -100.08 -68.84
C ASN DB 256 -38.05 -99.86 -68.20
N LEU DB 257 -38.75 -98.78 -68.56
CA LEU DB 257 -40.01 -98.47 -67.90
C LEU DB 257 -41.24 -98.73 -68.76
N ILE DB 258 -41.30 -98.16 -69.97
CA ILE DB 258 -42.53 -98.25 -70.75
C ILE DB 258 -42.55 -99.50 -71.60
N PRO DB 259 -43.50 -100.40 -71.39
CA PRO DB 259 -43.50 -101.64 -72.16
C PRO DB 259 -44.20 -101.49 -73.50
N PHE DB 260 -45.15 -100.57 -73.57
CA PHE DB 260 -45.93 -100.31 -74.77
C PHE DB 260 -46.00 -98.81 -74.97
N PRO DB 261 -45.90 -98.33 -76.21
CA PRO DB 261 -45.58 -96.92 -76.43
C PRO DB 261 -46.68 -95.96 -76.04
N ARG DB 262 -47.92 -96.42 -75.90
CA ARG DB 262 -49.00 -95.50 -75.58
C ARG DB 262 -48.91 -94.97 -74.17
N LEU DB 263 -48.39 -95.76 -73.25
CA LEU DB 263 -48.46 -95.46 -71.83
C LEU DB 263 -47.08 -95.09 -71.34
N HIS DB 264 -46.90 -93.80 -71.05
CA HIS DB 264 -45.64 -93.27 -70.54
C HIS DB 264 -45.93 -92.26 -69.44
N PHE DB 265 -46.84 -92.59 -68.55
CA PHE DB 265 -47.24 -91.70 -67.47
C PHE DB 265 -46.74 -92.25 -66.16
N PHE DB 266 -45.91 -91.48 -65.47
CA PHE DB 266 -45.13 -91.96 -64.37
C PHE DB 266 -45.55 -91.28 -63.08
N LEU DB 267 -45.27 -91.95 -61.97
CA LEU DB 267 -45.55 -91.44 -60.64
C LEU DB 267 -44.22 -91.24 -59.93
N ILE DB 268 -43.92 -90.00 -59.53
CA ILE DB 268 -42.62 -89.68 -58.94
C ILE DB 268 -42.75 -89.73 -57.43
N GLY DB 269 -41.65 -90.07 -56.76
CA GLY DB 269 -41.59 -90.01 -55.32
C GLY DB 269 -40.20 -89.70 -54.85
N PHE DB 270 -40.09 -89.23 -53.62
CA PHE DB 270 -38.80 -88.89 -53.05
C PHE DB 270 -38.68 -89.47 -51.65
N ALA DB 271 -37.45 -89.82 -51.29
CA ALA DB 271 -37.14 -90.30 -49.95
C ALA DB 271 -35.66 -90.09 -49.71
N PRO DB 272 -35.24 -89.77 -48.48
CA PRO DB 272 -35.95 -89.61 -47.23
C PRO DB 272 -36.62 -88.27 -47.07
N LEU DB 273 -37.69 -88.26 -46.29
CA LEU DB 273 -38.42 -87.04 -45.97
C LEU DB 273 -38.81 -87.12 -44.51
N THR DB 274 -38.11 -86.40 -43.66
CA THR DB 274 -38.37 -86.42 -42.24
C THR DB 274 -38.64 -85.01 -41.75
N SER DB 275 -39.42 -84.91 -40.67
CA SER DB 275 -39.65 -83.62 -40.07
C SER DB 275 -38.39 -83.14 -39.36
N ARG DB 276 -38.42 -81.89 -38.92
CA ARG DB 276 -37.27 -81.34 -38.21
C ARG DB 276 -37.09 -82.03 -36.86
N GLY DB 277 -38.19 -82.39 -36.21
CA GLY DB 277 -38.09 -83.10 -34.95
C GLY DB 277 -37.58 -84.52 -35.11
N SER DB 278 -38.04 -85.22 -36.14
CA SER DB 278 -37.76 -86.63 -36.30
C SER DB 278 -36.49 -86.88 -37.10
N GLN DB 279 -35.72 -85.85 -37.41
CA GLN DB 279 -34.55 -86.00 -38.26
C GLN DB 279 -33.49 -86.87 -37.60
N GLN DB 280 -33.24 -86.64 -36.31
CA GLN DB 280 -32.12 -87.25 -35.62
C GLN DB 280 -32.43 -88.58 -35.00
N TYR DB 281 -33.66 -89.08 -35.14
CA TYR DB 281 -34.04 -90.35 -34.57
C TYR DB 281 -34.04 -91.48 -35.59
N ARG DB 282 -34.15 -91.16 -36.87
CA ARG DB 282 -34.43 -92.15 -37.89
C ARG DB 282 -33.13 -92.67 -38.49
N ALA DB 283 -33.00 -93.99 -38.53
CA ALA DB 283 -31.87 -94.61 -39.20
C ALA DB 283 -31.95 -94.36 -40.70
N LEU DB 284 -30.81 -94.13 -41.30
CA LEU DB 284 -30.71 -93.91 -42.73
C LEU DB 284 -29.90 -95.05 -43.32
N SER DB 285 -30.55 -95.89 -44.11
CA SER DB 285 -29.93 -97.05 -44.73
C SER DB 285 -30.80 -97.46 -45.89
N VAL DB 286 -30.29 -98.38 -46.71
CA VAL DB 286 -31.06 -98.87 -47.86
C VAL DB 286 -32.38 -99.52 -47.46
N PRO DB 287 -32.46 -100.44 -46.48
CA PRO DB 287 -33.74 -101.11 -46.26
C PRO DB 287 -34.82 -100.22 -45.69
N GLU DB 288 -34.48 -99.19 -44.93
CA GLU DB 288 -35.53 -98.30 -44.46
C GLU DB 288 -35.99 -97.39 -45.57
N LEU DB 289 -35.10 -97.08 -46.51
CA LEU DB 289 -35.34 -96.04 -47.47
C LEU DB 289 -36.13 -96.57 -48.66
N THR DB 290 -36.06 -97.88 -48.90
CA THR DB 290 -36.94 -98.48 -49.88
C THR DB 290 -38.34 -98.67 -49.31
N GLN DB 291 -38.49 -98.69 -47.99
CA GLN DB 291 -39.81 -98.81 -47.41
C GLN DB 291 -40.60 -97.52 -47.59
N GLN DB 292 -39.96 -96.37 -47.37
CA GLN DB 292 -40.61 -95.10 -47.58
C GLN DB 292 -40.88 -94.87 -49.06
N MET DB 293 -40.02 -95.42 -49.91
CA MET DB 293 -40.18 -95.29 -51.35
C MET DB 293 -41.48 -95.90 -51.85
N PHE DB 294 -41.83 -97.09 -51.37
CA PHE DB 294 -43.06 -97.75 -51.80
C PHE DB 294 -44.17 -97.55 -50.78
N ASP DB 295 -44.45 -96.30 -50.47
CA ASP DB 295 -45.64 -95.96 -49.72
C ASP DB 295 -46.53 -95.13 -50.61
N ALA DB 296 -47.83 -95.37 -50.53
CA ALA DB 296 -48.77 -94.43 -51.11
C ALA DB 296 -48.76 -93.11 -50.36
N LYS DB 297 -48.23 -93.11 -49.15
CA LYS DB 297 -48.11 -91.89 -48.37
C LYS DB 297 -47.10 -90.95 -48.99
N ASN DB 298 -46.17 -91.49 -49.77
CA ASN DB 298 -45.02 -90.75 -50.27
C ASN DB 298 -45.15 -90.40 -51.75
N MET DB 299 -46.14 -90.93 -52.43
CA MET DB 299 -46.15 -90.79 -53.87
C MET DB 299 -46.67 -89.40 -54.20
N MET DB 300 -46.06 -88.74 -55.17
CA MET DB 300 -46.47 -87.37 -55.45
C MET DB 300 -47.71 -87.29 -56.31
N CYS DB 301 -48.22 -88.41 -56.80
CA CYS DB 301 -49.54 -88.46 -57.41
C CYS DB 301 -50.52 -88.98 -56.37
N ALA DB 302 -51.66 -88.31 -56.24
CA ALA DB 302 -52.62 -88.69 -55.21
C ALA DB 302 -53.53 -89.81 -55.67
N SER DB 303 -52.93 -90.87 -56.21
CA SER DB 303 -53.67 -92.03 -56.67
C SER DB 303 -53.01 -93.24 -56.04
N ASP DB 304 -53.80 -94.06 -55.41
CA ASP DB 304 -53.30 -95.17 -54.62
C ASP DB 304 -52.73 -96.24 -55.53
N PRO DB 305 -51.43 -96.53 -55.46
CA PRO DB 305 -50.87 -97.58 -56.33
C PRO DB 305 -51.29 -98.97 -55.93
N ARG DB 306 -51.78 -99.14 -54.70
CA ARG DB 306 -52.26 -100.44 -54.26
C ARG DB 306 -53.58 -100.81 -54.91
N HIS DB 307 -54.28 -99.86 -55.51
CA HIS DB 307 -55.50 -100.21 -56.22
C HIS DB 307 -55.23 -100.81 -57.59
N GLY DB 308 -53.97 -100.86 -58.01
CA GLY DB 308 -53.62 -101.48 -59.27
C GLY DB 308 -52.38 -102.34 -59.16
N ARG DB 309 -51.52 -102.26 -60.16
CA ARG DB 309 -50.33 -103.08 -60.24
C ARG DB 309 -49.22 -102.28 -60.90
N TYR DB 310 -48.05 -102.22 -60.26
CA TYR DB 310 -46.88 -101.71 -60.95
C TYR DB 310 -46.53 -102.55 -62.16
N LEU DB 311 -46.51 -101.94 -63.34
CA LEU DB 311 -46.03 -102.66 -64.50
C LEU DB 311 -44.53 -102.86 -64.40
N THR DB 312 -43.78 -101.77 -64.43
CA THR DB 312 -42.34 -101.75 -64.19
C THR DB 312 -42.03 -100.46 -63.45
N ALA DB 313 -41.12 -100.51 -62.50
CA ALA DB 313 -40.80 -99.33 -61.72
C ALA DB 313 -39.30 -99.21 -61.56
N SER DB 314 -38.83 -98.00 -61.28
CA SER DB 314 -37.41 -97.70 -61.28
C SER DB 314 -37.03 -96.88 -60.06
N ALA DB 315 -35.88 -97.20 -59.47
CA ALA DB 315 -35.42 -96.56 -58.25
C ALA DB 315 -34.01 -96.06 -58.48
N MET DB 316 -33.82 -94.74 -58.40
CA MET DB 316 -32.54 -94.11 -58.69
C MET DB 316 -31.90 -93.68 -57.38
N PHE DB 317 -30.97 -94.48 -56.90
CA PHE DB 317 -30.36 -94.26 -55.60
C PHE DB 317 -29.23 -93.25 -55.72
N ARG DB 318 -29.10 -92.42 -54.68
CA ARG DB 318 -28.03 -91.42 -54.64
C ARG DB 318 -27.29 -91.53 -53.32
N GLY DB 319 -25.99 -91.72 -53.38
CA GLY DB 319 -25.19 -91.80 -52.19
C GLY DB 319 -24.20 -92.95 -52.22
N ARG DB 320 -23.29 -92.97 -51.24
CA ARG DB 320 -22.33 -94.07 -51.13
C ARG DB 320 -23.04 -95.24 -50.47
N MET DB 321 -23.20 -96.34 -51.22
CA MET DB 321 -24.02 -97.43 -50.73
C MET DB 321 -23.58 -98.71 -51.39
N SER DB 322 -23.97 -99.82 -50.80
CA SER DB 322 -23.53 -101.14 -51.24
C SER DB 322 -24.55 -101.71 -52.19
N THR DB 323 -24.08 -102.18 -53.34
CA THR DB 323 -24.99 -102.65 -54.36
C THR DB 323 -25.69 -103.95 -53.97
N LYS DB 324 -25.20 -104.66 -52.97
CA LYS DB 324 -25.92 -105.83 -52.47
C LYS DB 324 -27.28 -105.44 -51.91
N GLU DB 325 -27.30 -104.43 -51.05
CA GLU DB 325 -28.59 -103.98 -50.54
C GLU DB 325 -29.39 -103.25 -51.59
N VAL DB 326 -28.76 -102.64 -52.58
CA VAL DB 326 -29.52 -102.09 -53.69
C VAL DB 326 -30.09 -103.23 -54.52
N ASP DB 327 -29.50 -104.42 -54.44
CA ASP DB 327 -30.06 -105.55 -55.16
C ASP DB 327 -31.10 -106.31 -54.34
N GLU DB 328 -30.76 -106.71 -53.12
CA GLU DB 328 -31.61 -107.65 -52.40
C GLU DB 328 -32.88 -106.99 -51.88
N GLN DB 329 -32.88 -105.67 -51.74
CA GLN DB 329 -34.10 -105.00 -51.29
C GLN DB 329 -35.14 -105.00 -52.38
N MET DB 330 -34.72 -104.91 -53.64
CA MET DB 330 -35.66 -104.93 -54.76
C MET DB 330 -36.14 -106.34 -55.07
N LEU DB 331 -35.36 -107.34 -54.67
CA LEU DB 331 -35.92 -108.68 -54.56
C LEU DB 331 -36.98 -108.75 -53.48
N ASN DB 332 -36.75 -108.05 -52.37
CA ASN DB 332 -37.60 -108.20 -51.21
C ASN DB 332 -38.99 -107.62 -51.45
N VAL DB 333 -39.11 -106.56 -52.25
CA VAL DB 333 -40.43 -106.01 -52.47
C VAL DB 333 -41.28 -106.92 -53.36
N GLN DB 334 -40.67 -107.47 -54.41
CA GLN DB 334 -41.45 -108.31 -55.31
C GLN DB 334 -41.85 -109.61 -54.67
N ASN DB 335 -41.09 -110.06 -53.67
CA ASN DB 335 -41.43 -111.28 -52.98
C ASN DB 335 -42.37 -111.04 -51.82
N LYS DB 336 -42.36 -109.85 -51.23
CA LYS DB 336 -43.27 -109.56 -50.13
C LYS DB 336 -44.59 -109.00 -50.65
N ASN DB 337 -44.54 -107.87 -51.35
CA ASN DB 337 -45.74 -107.33 -52.00
C ASN DB 337 -45.92 -108.03 -53.34
N SER DB 338 -46.37 -109.28 -53.27
CA SER DB 338 -46.42 -110.10 -54.47
C SER DB 338 -47.57 -109.72 -55.40
N SER DB 339 -48.64 -109.14 -54.88
CA SER DB 339 -49.81 -108.88 -55.70
C SER DB 339 -49.83 -107.51 -56.32
N TYR DB 340 -49.02 -106.58 -55.84
CA TYR DB 340 -48.99 -105.24 -56.43
C TYR DB 340 -48.10 -105.17 -57.66
N PHE DB 341 -47.53 -106.28 -58.10
CA PHE DB 341 -46.62 -106.31 -59.22
C PHE DB 341 -47.16 -107.24 -60.30
N VAL DB 342 -46.99 -106.84 -61.55
CA VAL DB 342 -47.50 -107.64 -62.67
C VAL DB 342 -46.62 -108.87 -62.83
N GLU DB 343 -47.21 -109.96 -63.31
CA GLU DB 343 -46.58 -111.26 -63.21
C GLU DB 343 -46.01 -111.77 -64.51
N TRP DB 344 -46.31 -111.13 -65.64
CA TRP DB 344 -45.70 -111.53 -66.90
C TRP DB 344 -44.50 -110.68 -67.26
N ILE DB 345 -43.97 -109.91 -66.31
CA ILE DB 345 -42.70 -109.25 -66.42
C ILE DB 345 -41.85 -109.65 -65.22
N PRO DB 346 -40.99 -110.65 -65.37
CA PRO DB 346 -40.13 -111.05 -64.24
C PRO DB 346 -39.09 -109.99 -63.93
N ASN DB 347 -38.89 -109.74 -62.64
CA ASN DB 347 -38.06 -108.66 -62.10
C ASN DB 347 -38.49 -107.31 -62.66
N ASN DB 348 -39.65 -106.88 -62.21
CA ASN DB 348 -40.25 -105.62 -62.60
C ASN DB 348 -39.43 -104.40 -62.21
N MET DB 349 -38.53 -104.50 -61.23
CA MET DB 349 -37.96 -103.31 -60.63
C MET DB 349 -36.64 -103.00 -61.33
N LYS DB 350 -36.30 -101.72 -61.43
CA LYS DB 350 -35.01 -101.31 -61.97
C LYS DB 350 -34.26 -100.50 -60.92
N SER DB 351 -32.97 -100.78 -60.77
CA SER DB 351 -32.14 -100.09 -59.80
C SER DB 351 -31.04 -99.33 -60.50
N SER DB 352 -30.59 -98.25 -59.87
CA SER DB 352 -29.44 -97.49 -60.33
C SER DB 352 -28.80 -96.80 -59.14
N VAL DB 353 -27.49 -96.64 -59.18
CA VAL DB 353 -26.74 -96.08 -58.06
C VAL DB 353 -25.93 -94.91 -58.57
N CYS DB 354 -26.16 -93.74 -57.98
CA CYS DB 354 -25.42 -92.52 -58.29
C CYS DB 354 -24.62 -92.15 -57.06
N ASP DB 355 -23.36 -91.78 -57.27
CA ASP DB 355 -22.41 -91.79 -56.17
C ASP DB 355 -22.34 -90.48 -55.39
N ILE DB 356 -23.07 -89.45 -55.81
CA ILE DB 356 -22.96 -88.14 -55.22
C ILE DB 356 -24.31 -87.78 -54.61
N PRO DB 357 -24.45 -87.76 -53.30
CA PRO DB 357 -25.75 -87.54 -52.69
C PRO DB 357 -26.14 -86.08 -52.75
N PRO DB 358 -27.41 -85.77 -52.52
CA PRO DB 358 -27.79 -84.36 -52.34
C PRO DB 358 -27.19 -83.81 -51.06
N LYS DB 359 -27.08 -82.50 -51.01
CA LYS DB 359 -26.30 -81.85 -49.97
C LYS DB 359 -26.95 -82.02 -48.61
N GLY DB 360 -26.18 -82.50 -47.64
CA GLY DB 360 -26.64 -82.64 -46.29
C GLY DB 360 -27.26 -83.98 -45.95
N LEU DB 361 -27.46 -84.85 -46.94
CA LEU DB 361 -28.04 -86.16 -46.72
C LEU DB 361 -27.05 -87.21 -47.17
N LYS DB 362 -26.90 -88.26 -46.37
CA LYS DB 362 -25.98 -89.31 -46.74
C LYS DB 362 -26.53 -90.14 -47.90
N MET DB 363 -27.84 -90.29 -47.97
CA MET DB 363 -28.45 -91.18 -48.95
C MET DB 363 -29.82 -90.66 -49.33
N SER DB 364 -30.20 -90.91 -50.57
CA SER DB 364 -31.47 -90.41 -51.08
C SER DB 364 -31.88 -91.21 -52.30
N VAL DB 365 -33.18 -91.37 -52.47
CA VAL DB 365 -33.73 -92.14 -53.57
C VAL DB 365 -34.83 -91.33 -54.22
N THR DB 366 -34.85 -91.27 -55.54
CA THR DB 366 -36.04 -90.88 -56.26
C THR DB 366 -36.63 -92.09 -56.96
N PHE DB 367 -37.94 -92.09 -57.09
CA PHE DB 367 -38.67 -93.26 -57.56
C PHE DB 367 -39.55 -92.87 -58.74
N VAL DB 368 -39.43 -93.60 -59.83
CA VAL DB 368 -40.27 -93.41 -61.01
C VAL DB 368 -40.93 -94.74 -61.31
N GLY DB 369 -42.24 -94.83 -61.05
CA GLY DB 369 -42.98 -96.06 -61.22
C GLY DB 369 -44.05 -95.91 -62.29
N ASN DB 370 -44.22 -96.95 -63.08
CA ASN DB 370 -45.24 -96.99 -64.13
C ASN DB 370 -46.32 -97.95 -63.67
N SER DB 371 -47.47 -97.41 -63.29
CA SER DB 371 -48.48 -98.18 -62.60
C SER DB 371 -49.80 -98.03 -63.32
N THR DB 372 -50.64 -99.04 -63.16
CA THR DB 372 -51.99 -98.98 -63.69
C THR DB 372 -52.97 -98.47 -62.65
N ALA DB 373 -52.46 -97.69 -61.70
CA ALA DB 373 -53.28 -96.88 -60.84
C ALA DB 373 -53.37 -95.45 -61.34
N ILE DB 374 -52.69 -95.13 -62.43
CA ILE DB 374 -52.80 -93.82 -63.03
C ILE DB 374 -54.11 -93.69 -63.79
N GLN DB 375 -54.78 -94.81 -64.05
CA GLN DB 375 -56.09 -94.75 -64.66
C GLN DB 375 -57.16 -94.28 -63.70
N GLU DB 376 -56.83 -94.12 -62.42
CA GLU DB 376 -57.77 -93.53 -61.49
C GLU DB 376 -58.05 -92.08 -61.85
N MET DB 377 -57.00 -91.31 -62.15
CA MET DB 377 -57.21 -89.92 -62.54
C MET DB 377 -57.69 -89.80 -63.97
N PHE DB 378 -57.23 -90.69 -64.85
CA PHE DB 378 -57.67 -90.61 -66.23
C PHE DB 378 -59.15 -90.91 -66.34
N LYS DB 379 -59.67 -91.80 -65.49
CA LYS DB 379 -61.11 -92.01 -65.43
C LYS DB 379 -61.79 -90.87 -64.67
N ARG DB 380 -61.12 -90.29 -63.68
CA ARG DB 380 -61.77 -89.26 -62.88
C ARG DB 380 -61.99 -87.99 -63.68
N VAL DB 381 -60.95 -87.50 -64.37
CA VAL DB 381 -61.11 -86.26 -65.09
C VAL DB 381 -61.84 -86.50 -66.41
N SER DB 382 -61.97 -87.75 -66.84
CA SER DB 382 -62.87 -88.04 -67.94
C SER DB 382 -64.31 -87.86 -67.51
N ASP DB 383 -64.64 -88.22 -66.27
CA ASP DB 383 -66.00 -88.05 -65.78
C ASP DB 383 -66.33 -86.59 -65.58
N GLN DB 384 -65.39 -85.81 -65.05
CA GLN DB 384 -65.59 -84.38 -64.93
C GLN DB 384 -65.71 -83.72 -66.30
N PHE DB 385 -64.97 -84.22 -67.28
CA PHE DB 385 -65.06 -83.66 -68.62
C PHE DB 385 -66.35 -84.08 -69.31
N THR DB 386 -66.75 -85.34 -69.18
CA THR DB 386 -67.98 -85.77 -69.83
C THR DB 386 -69.21 -85.31 -69.10
N ALA DB 387 -69.10 -84.83 -67.88
CA ALA DB 387 -70.23 -84.19 -67.24
C ALA DB 387 -70.51 -82.83 -67.85
N MET DB 388 -69.46 -82.05 -68.08
CA MET DB 388 -69.63 -80.72 -68.65
C MET DB 388 -69.96 -80.78 -70.13
N PHE DB 389 -69.28 -81.62 -70.88
CA PHE DB 389 -69.36 -81.56 -72.34
C PHE DB 389 -70.71 -82.03 -72.89
N ARG DB 390 -71.44 -82.85 -72.13
CA ARG DB 390 -72.78 -83.23 -72.57
C ARG DB 390 -73.70 -82.03 -72.64
N ARG DB 391 -73.65 -81.15 -71.65
CA ARG DB 391 -74.49 -79.97 -71.61
C ARG DB 391 -73.80 -78.73 -72.14
N LYS DB 392 -72.59 -78.89 -72.68
CA LYS DB 392 -71.88 -77.84 -73.40
C LYS DB 392 -71.65 -76.61 -72.53
N ALA DB 393 -71.01 -76.82 -71.40
CA ALA DB 393 -70.71 -75.74 -70.48
C ALA DB 393 -69.33 -75.18 -70.78
N PHE DB 394 -69.25 -73.84 -70.82
CA PHE DB 394 -68.01 -73.11 -71.13
C PHE DB 394 -67.43 -73.51 -72.48
N LEU DB 395 -68.26 -73.99 -73.39
CA LEU DB 395 -67.72 -74.54 -74.62
C LEU DB 395 -67.32 -73.44 -75.59
N HIS DB 396 -68.06 -72.34 -75.62
CA HIS DB 396 -67.83 -71.37 -76.67
C HIS DB 396 -66.70 -70.41 -76.38
N TRP DB 397 -66.05 -70.53 -75.22
CA TRP DB 397 -64.72 -69.96 -75.06
C TRP DB 397 -63.65 -70.90 -75.52
N TYR DB 398 -64.02 -71.87 -76.34
CA TYR DB 398 -63.10 -72.61 -77.17
C TYR DB 398 -63.59 -72.72 -78.59
N THR DB 399 -64.90 -72.76 -78.81
CA THR DB 399 -65.46 -72.85 -80.15
C THR DB 399 -65.38 -71.52 -80.87
N GLY DB 400 -65.44 -70.42 -80.12
CA GLY DB 400 -65.38 -69.11 -80.75
C GLY DB 400 -64.05 -68.85 -81.43
N GLU DB 401 -62.95 -69.22 -80.78
CA GLU DB 401 -61.64 -69.02 -81.39
C GLU DB 401 -61.10 -70.28 -82.07
N GLY DB 402 -61.95 -70.89 -82.90
CA GLY DB 402 -61.47 -71.77 -83.94
C GLY DB 402 -61.32 -73.23 -83.62
N MET DB 403 -61.69 -73.68 -82.43
CA MET DB 403 -61.63 -75.09 -82.07
C MET DB 403 -63.02 -75.68 -82.21
N ASP DB 404 -63.23 -76.51 -83.23
CA ASP DB 404 -64.59 -76.95 -83.54
C ASP DB 404 -64.99 -78.12 -82.66
N GLU DB 405 -66.20 -78.65 -82.92
CA GLU DB 405 -66.82 -79.59 -82.00
C GLU DB 405 -66.12 -80.94 -81.99
N MET DB 406 -65.50 -81.33 -83.11
CA MET DB 406 -65.03 -82.69 -83.24
C MET DB 406 -63.80 -82.98 -82.38
N GLU DB 407 -62.93 -82.00 -82.17
CA GLU DB 407 -61.71 -82.30 -81.43
C GLU DB 407 -61.94 -82.42 -79.94
N PHE DB 408 -63.10 -82.04 -79.43
CA PHE DB 408 -63.43 -82.37 -78.05
C PHE DB 408 -63.78 -83.84 -77.90
N THR DB 409 -64.60 -84.38 -78.80
CA THR DB 409 -64.90 -85.80 -78.75
C THR DB 409 -63.70 -86.64 -79.14
N GLU DB 410 -62.87 -86.12 -80.04
CA GLU DB 410 -61.65 -86.82 -80.40
C GLU DB 410 -60.70 -86.90 -79.22
N ALA DB 411 -60.69 -85.87 -78.38
CA ALA DB 411 -59.86 -85.92 -77.18
C ALA DB 411 -60.41 -86.91 -76.17
N GLU DB 412 -61.74 -86.99 -76.06
CA GLU DB 412 -62.35 -87.92 -75.11
C GLU DB 412 -62.13 -89.36 -75.53
N SER DB 413 -62.28 -89.65 -76.82
CA SER DB 413 -62.08 -91.01 -77.30
C SER DB 413 -60.61 -91.39 -77.26
N ASN DB 414 -59.72 -90.46 -77.52
CA ASN DB 414 -58.30 -90.73 -77.48
C ASN DB 414 -57.74 -90.72 -76.07
N MET DB 415 -58.59 -90.62 -75.07
CA MET DB 415 -58.19 -90.72 -73.69
C MET DB 415 -58.95 -91.79 -72.93
N ASN DB 416 -60.21 -92.03 -73.28
CA ASN DB 416 -60.94 -93.14 -72.68
C ASN DB 416 -60.42 -94.47 -73.16
N ASP DB 417 -59.77 -94.51 -74.32
CA ASP DB 417 -59.07 -95.73 -74.71
C ASP DB 417 -57.80 -95.93 -73.91
N LEU DB 418 -57.26 -94.85 -73.34
CA LEU DB 418 -56.08 -95.00 -72.49
C LEU DB 418 -56.45 -95.57 -71.15
N VAL DB 419 -57.65 -95.29 -70.66
CA VAL DB 419 -58.12 -95.94 -69.44
C VAL DB 419 -58.32 -97.43 -69.69
N SER DB 420 -58.89 -97.78 -70.84
CA SER DB 420 -59.13 -99.19 -71.14
C SER DB 420 -57.86 -99.93 -71.46
N GLU DB 421 -56.86 -99.24 -71.99
CA GLU DB 421 -55.57 -99.90 -72.24
C GLU DB 421 -54.89 -100.27 -70.93
N TYR DB 422 -55.06 -99.42 -69.90
CA TYR DB 422 -54.49 -99.75 -68.61
C TYR DB 422 -55.25 -100.88 -67.93
N GLN DB 423 -56.55 -101.00 -68.20
CA GLN DB 423 -57.30 -102.12 -67.66
C GLN DB 423 -56.92 -103.42 -68.34
N GLN DB 424 -56.40 -103.34 -69.56
CA GLN DB 424 -56.02 -104.53 -70.30
C GLN DB 424 -54.89 -105.27 -69.61
N TYR DB 425 -53.98 -104.53 -68.99
CA TYR DB 425 -52.87 -105.11 -68.26
C TYR DB 425 -53.05 -105.00 -66.76
N GLN DB 426 -54.28 -104.96 -66.29
CA GLN DB 426 -54.57 -104.90 -64.87
C GLN DB 426 -54.40 -106.26 -64.22
N MET EB 1 -49.19 -49.80 -70.75
CA MET EB 1 -49.08 -51.24 -70.91
C MET EB 1 -50.46 -51.90 -70.86
N ARG EB 2 -50.61 -52.85 -69.94
CA ARG EB 2 -51.89 -53.50 -69.71
C ARG EB 2 -52.68 -52.68 -68.71
N GLU EB 3 -53.78 -52.10 -69.15
CA GLU EB 3 -54.53 -51.18 -68.31
C GLU EB 3 -56.02 -51.41 -68.51
N VAL EB 4 -56.81 -50.77 -67.66
CA VAL EB 4 -58.26 -50.90 -67.72
C VAL EB 4 -58.89 -49.52 -67.53
N ILE EB 5 -59.86 -49.20 -68.38
CA ILE EB 5 -60.43 -47.87 -68.48
C ILE EB 5 -61.74 -47.83 -67.73
N SER EB 6 -61.83 -46.94 -66.76
CA SER EB 6 -63.02 -46.81 -65.93
C SER EB 6 -63.98 -45.83 -66.58
N ILE EB 7 -65.24 -46.21 -66.66
CA ILE EB 7 -66.28 -45.32 -67.15
C ILE EB 7 -67.36 -45.22 -66.10
N HIS EB 8 -67.71 -44.00 -65.71
CA HIS EB 8 -68.70 -43.78 -64.66
C HIS EB 8 -69.84 -42.99 -65.28
N VAL EB 9 -70.97 -43.63 -65.49
CA VAL EB 9 -72.11 -43.02 -66.16
C VAL EB 9 -73.20 -42.78 -65.13
N GLY EB 10 -73.68 -41.56 -65.07
CA GLY EB 10 -74.77 -41.24 -64.18
C GLY EB 10 -74.28 -40.74 -62.84
N GLN EB 11 -75.25 -40.40 -61.99
CA GLN EB 11 -74.92 -40.00 -60.63
C GLN EB 11 -74.34 -41.15 -59.82
N ALA EB 12 -75.01 -42.30 -59.82
CA ALA EB 12 -74.54 -43.41 -59.01
C ALA EB 12 -73.18 -43.90 -59.47
N GLY EB 13 -72.90 -43.78 -60.77
CA GLY EB 13 -71.57 -44.11 -61.25
C GLY EB 13 -70.52 -43.14 -60.75
N ILE EB 14 -70.86 -41.85 -60.71
CA ILE EB 14 -69.87 -40.86 -60.34
C ILE EB 14 -69.55 -40.93 -58.86
N GLN EB 15 -70.57 -41.07 -58.01
CA GLN EB 15 -70.32 -41.09 -56.57
C GLN EB 15 -69.69 -42.41 -56.14
N ILE EB 16 -70.04 -43.52 -56.79
CA ILE EB 16 -69.31 -44.76 -56.54
C ILE EB 16 -67.87 -44.60 -57.03
N GLY EB 17 -67.69 -43.93 -58.17
CA GLY EB 17 -66.36 -43.74 -58.70
C GLY EB 17 -65.52 -42.82 -57.85
N ASN EB 18 -66.15 -41.93 -57.10
CA ASN EB 18 -65.41 -41.07 -56.19
C ASN EB 18 -64.83 -41.87 -55.03
N ALA EB 19 -65.60 -42.83 -54.54
CA ALA EB 19 -65.09 -43.71 -53.50
C ALA EB 19 -64.05 -44.66 -54.04
N CYS EB 20 -64.20 -45.07 -55.30
CA CYS EB 20 -63.23 -45.97 -55.91
C CYS EB 20 -61.89 -45.29 -56.11
N TRP EB 21 -61.88 -44.09 -56.70
CA TRP EB 21 -60.62 -43.44 -57.02
C TRP EB 21 -59.96 -42.82 -55.81
N GLU EB 22 -60.72 -42.49 -54.76
CA GLU EB 22 -60.10 -42.17 -53.50
C GLU EB 22 -59.42 -43.40 -52.92
N LEU EB 23 -60.06 -44.56 -53.03
CA LEU EB 23 -59.48 -45.79 -52.50
C LEU EB 23 -58.23 -46.20 -53.27
N PHE EB 24 -58.25 -46.03 -54.59
CA PHE EB 24 -57.12 -46.45 -55.39
C PHE EB 24 -55.94 -45.52 -55.23
N CYS EB 25 -56.19 -44.24 -54.91
CA CYS EB 25 -55.09 -43.31 -54.70
C CYS EB 25 -54.31 -43.61 -53.43
N LEU EB 26 -55.00 -43.90 -52.34
CA LEU EB 26 -54.32 -44.27 -51.11
C LEU EB 26 -53.64 -45.61 -51.21
N GLU EB 27 -54.11 -46.48 -52.11
CA GLU EB 27 -53.50 -47.79 -52.21
C GLU EB 27 -52.17 -47.73 -52.95
N HIS EB 28 -51.94 -46.69 -53.72
CA HIS EB 28 -50.66 -46.44 -54.34
C HIS EB 28 -49.97 -45.21 -53.79
N GLY EB 29 -50.60 -44.51 -52.84
CA GLY EB 29 -49.95 -43.42 -52.14
C GLY EB 29 -49.64 -42.18 -52.95
N ILE EB 30 -50.58 -41.70 -53.76
CA ILE EB 30 -50.42 -40.46 -54.49
C ILE EB 30 -51.35 -39.42 -53.90
N GLN EB 31 -50.84 -38.20 -53.74
CA GLN EB 31 -51.63 -37.09 -53.24
C GLN EB 31 -52.70 -36.71 -54.25
N PRO EB 32 -53.73 -35.96 -53.82
CA PRO EB 32 -54.77 -35.52 -54.76
C PRO EB 32 -54.28 -34.62 -55.89
N ASP EB 33 -53.10 -34.02 -55.81
CA ASP EB 33 -52.53 -33.42 -57.01
C ASP EB 33 -52.19 -34.48 -58.04
N GLY EB 34 -51.70 -35.63 -57.60
CA GLY EB 34 -51.35 -36.71 -58.48
C GLY EB 34 -49.90 -37.12 -58.43
N GLN EB 35 -49.09 -36.49 -57.59
CA GLN EB 35 -47.67 -36.77 -57.56
C GLN EB 35 -47.35 -37.63 -56.35
N MET EB 36 -46.75 -38.81 -56.58
CA MET EB 36 -46.31 -39.51 -55.38
C MET EB 36 -45.03 -38.89 -54.84
N PRO EB 37 -44.87 -38.84 -53.52
CA PRO EB 37 -43.63 -38.35 -52.93
C PRO EB 37 -42.59 -39.46 -52.79
N ASP EB 47 -44.01 -49.41 -61.24
CA ASP EB 47 -44.77 -49.38 -62.48
C ASP EB 47 -45.91 -50.38 -62.42
N ALA EB 48 -46.22 -50.83 -61.20
CA ALA EB 48 -47.32 -51.75 -60.99
C ALA EB 48 -48.66 -51.03 -60.88
N PHE EB 49 -48.65 -49.70 -60.73
CA PHE EB 49 -49.87 -48.92 -60.65
C PHE EB 49 -50.37 -48.46 -62.00
N ASN EB 50 -49.69 -48.80 -63.09
CA ASN EB 50 -50.04 -48.28 -64.39
C ASN EB 50 -51.32 -48.87 -64.95
N THR EB 51 -51.89 -49.88 -64.29
CA THR EB 51 -53.14 -50.44 -64.78
C THR EB 51 -54.29 -49.46 -64.59
N PHE EB 52 -54.18 -48.54 -63.64
CA PHE EB 52 -55.22 -47.56 -63.42
C PHE EB 52 -54.77 -46.12 -63.57
N PHE EB 53 -53.50 -45.86 -63.82
CA PHE EB 53 -53.00 -44.49 -63.89
C PHE EB 53 -52.09 -44.32 -65.09
N SER EB 54 -52.04 -43.11 -65.60
CA SER EB 54 -51.20 -42.76 -66.74
C SER EB 54 -50.05 -41.89 -66.27
N GLU EB 55 -48.85 -42.23 -66.72
CA GLU EB 55 -47.65 -41.52 -66.31
C GLU EB 55 -47.51 -40.27 -67.16
N THR EB 56 -47.43 -39.11 -66.50
CA THR EB 56 -47.24 -37.85 -67.18
C THR EB 56 -46.26 -37.00 -66.39
N GLY EB 57 -45.51 -36.17 -67.09
CA GLY EB 57 -44.73 -35.09 -66.51
C GLY EB 57 -43.70 -35.54 -65.48
N ALA EB 58 -43.48 -34.66 -64.50
CA ALA EB 58 -42.46 -34.88 -63.48
C ALA EB 58 -43.05 -35.71 -62.34
N GLY EB 59 -43.36 -36.95 -62.65
CA GLY EB 59 -43.77 -37.90 -61.66
C GLY EB 59 -45.24 -37.90 -61.30
N LYS EB 60 -46.04 -37.04 -61.91
CA LYS EB 60 -47.46 -37.09 -61.59
C LYS EB 60 -48.14 -38.21 -62.36
N HIS EB 61 -49.36 -38.53 -61.93
CA HIS EB 61 -50.13 -39.61 -62.51
C HIS EB 61 -51.57 -39.18 -62.62
N VAL EB 62 -52.19 -39.46 -63.76
CA VAL EB 62 -53.54 -39.04 -64.08
C VAL EB 62 -54.40 -40.28 -64.18
N PRO EB 63 -55.57 -40.33 -63.54
CA PRO EB 63 -56.39 -41.53 -63.57
C PRO EB 63 -56.97 -41.80 -64.94
N ARG EB 64 -57.28 -43.07 -65.18
CA ARG EB 64 -57.90 -43.48 -66.43
C ARG EB 64 -59.38 -43.69 -66.16
N CYS EB 65 -60.10 -42.58 -66.06
CA CYS EB 65 -61.53 -42.63 -65.83
C CYS EB 65 -62.19 -41.41 -66.44
N VAL EB 66 -63.38 -41.61 -67.01
CA VAL EB 66 -64.18 -40.52 -67.52
C VAL EB 66 -65.50 -40.51 -66.76
N PHE EB 67 -65.98 -39.32 -66.44
CA PHE EB 67 -67.22 -39.13 -65.72
C PHE EB 67 -68.24 -38.61 -66.72
N LEU EB 68 -69.39 -39.26 -66.80
CA LEU EB 68 -70.45 -38.81 -67.69
C LEU EB 68 -71.72 -38.64 -66.88
N ASP EB 69 -72.31 -37.45 -66.93
CA ASP EB 69 -73.68 -37.28 -66.52
C ASP EB 69 -74.23 -36.09 -67.28
N LEU EB 70 -75.53 -36.09 -67.49
CA LEU EB 70 -76.16 -35.01 -68.19
C LEU EB 70 -76.55 -33.85 -67.27
N GLU EB 71 -76.47 -34.02 -65.96
CA GLU EB 71 -76.70 -32.86 -65.14
C GLU EB 71 -75.38 -32.38 -64.58
N PRO EB 72 -75.13 -31.07 -64.53
CA PRO EB 72 -73.82 -30.59 -64.09
C PRO EB 72 -73.61 -30.63 -62.60
N THR EB 73 -74.67 -30.80 -61.81
CA THR EB 73 -74.56 -30.60 -60.37
C THR EB 73 -73.78 -31.69 -59.66
N VAL EB 74 -73.67 -32.88 -60.24
CA VAL EB 74 -72.96 -33.96 -59.58
C VAL EB 74 -71.52 -34.03 -60.06
N VAL EB 75 -71.19 -33.44 -61.20
CA VAL EB 75 -69.83 -33.46 -61.70
C VAL EB 75 -69.08 -32.20 -61.28
N ASP EB 76 -69.78 -31.16 -60.86
CA ASP EB 76 -69.12 -29.93 -60.42
C ASP EB 76 -68.69 -29.98 -58.96
N GLU EB 77 -68.99 -31.04 -58.22
CA GLU EB 77 -68.31 -31.17 -56.94
C GLU EB 77 -66.85 -31.56 -57.16
N VAL EB 78 -66.59 -32.40 -58.15
CA VAL EB 78 -65.23 -32.86 -58.36
C VAL EB 78 -64.39 -31.74 -58.95
N ARG EB 79 -65.01 -30.86 -59.75
CA ARG EB 79 -64.29 -29.74 -60.33
C ARG EB 79 -63.85 -28.74 -59.28
N THR EB 80 -64.62 -28.59 -58.20
CA THR EB 80 -64.31 -27.60 -57.18
C THR EB 80 -63.92 -28.21 -55.84
N GLY EB 81 -63.87 -29.52 -55.74
CA GLY EB 81 -63.52 -30.19 -54.51
C GLY EB 81 -62.03 -30.37 -54.39
N THR EB 82 -61.63 -31.27 -53.50
CA THR EB 82 -60.20 -31.47 -53.27
C THR EB 82 -59.55 -32.34 -54.34
N TYR EB 83 -60.31 -33.18 -55.02
CA TYR EB 83 -59.78 -34.01 -56.11
C TYR EB 83 -59.97 -33.32 -57.45
N ARG EB 84 -59.55 -32.06 -57.56
CA ARG EB 84 -59.86 -31.29 -58.76
C ARG EB 84 -58.71 -31.21 -59.74
N HIS EB 85 -57.50 -31.49 -59.30
CA HIS EB 85 -56.36 -31.51 -60.19
C HIS EB 85 -55.88 -32.92 -60.46
N LEU EB 86 -56.52 -33.91 -59.86
CA LEU EB 86 -56.14 -35.28 -60.15
C LEU EB 86 -56.57 -35.66 -61.55
N PHE EB 87 -57.81 -35.38 -61.90
CA PHE EB 87 -58.35 -35.72 -63.21
C PHE EB 87 -58.06 -34.61 -64.19
N HIS EB 88 -57.80 -35.00 -65.43
CA HIS EB 88 -57.70 -34.05 -66.52
C HIS EB 88 -59.05 -33.34 -66.65
N PRO EB 89 -59.05 -32.04 -66.96
CA PRO EB 89 -60.32 -31.30 -67.01
C PRO EB 89 -61.30 -31.84 -68.01
N GLU EB 90 -60.82 -32.44 -69.10
CA GLU EB 90 -61.68 -33.01 -70.10
C GLU EB 90 -62.13 -34.42 -69.77
N GLN EB 91 -61.70 -34.97 -68.63
CA GLN EB 91 -62.19 -36.29 -68.25
C GLN EB 91 -63.65 -36.21 -67.85
N LEU EB 92 -64.09 -35.05 -67.39
CA LEU EB 92 -65.37 -34.83 -66.72
C LEU EB 92 -66.30 -34.13 -67.71
N ILE EB 93 -67.24 -34.88 -68.26
CA ILE EB 93 -68.06 -34.41 -69.37
C ILE EB 93 -69.50 -34.30 -68.87
N SER EB 94 -70.09 -33.13 -69.04
CA SER EB 94 -71.41 -32.85 -68.50
C SER EB 94 -72.30 -32.22 -69.55
N GLY EB 95 -73.60 -32.44 -69.42
CA GLY EB 95 -74.57 -31.82 -70.28
C GLY EB 95 -75.19 -30.60 -69.64
N LYS EB 96 -76.32 -30.19 -70.20
CA LYS EB 96 -77.06 -29.02 -69.74
C LYS EB 96 -78.31 -29.37 -68.95
N GLU EB 97 -79.05 -30.38 -69.38
CA GLU EB 97 -80.28 -30.80 -68.72
C GLU EB 97 -80.18 -32.26 -68.33
N ASP EB 98 -80.88 -32.64 -67.27
CA ASP EB 98 -80.91 -34.02 -66.83
C ASP EB 98 -81.90 -34.84 -67.64
N ALA EB 99 -81.65 -36.14 -67.72
CA ALA EB 99 -82.53 -37.04 -68.47
C ALA EB 99 -83.88 -37.19 -67.80
N ALA EB 100 -83.94 -36.97 -66.48
CA ALA EB 100 -85.18 -36.93 -65.71
C ALA EB 100 -85.94 -38.25 -65.81
N ASN EB 101 -85.27 -39.32 -65.36
CA ASN EB 101 -85.88 -40.63 -65.14
C ASN EB 101 -86.49 -41.20 -66.41
N ASN EB 102 -85.89 -40.93 -67.56
CA ASN EB 102 -86.37 -41.49 -68.80
C ASN EB 102 -85.23 -42.22 -69.49
N PHE EB 103 -85.45 -43.48 -69.82
CA PHE EB 103 -84.55 -44.17 -70.73
C PHE EB 103 -84.61 -43.51 -72.10
N ALA EB 104 -85.79 -43.04 -72.49
CA ALA EB 104 -85.97 -42.49 -73.83
C ALA EB 104 -85.22 -41.20 -74.00
N ARG EB 105 -85.11 -40.41 -72.94
CA ARG EB 105 -84.33 -39.18 -73.04
C ARG EB 105 -82.84 -39.46 -73.22
N GLY EB 106 -82.29 -40.35 -72.40
CA GLY EB 106 -80.86 -40.56 -72.44
C GLY EB 106 -80.38 -41.36 -73.62
N HIS EB 107 -81.27 -42.05 -74.30
CA HIS EB 107 -80.92 -42.86 -75.45
C HIS EB 107 -81.15 -42.15 -76.77
N TYR EB 108 -82.24 -41.41 -76.90
CA TYR EB 108 -82.66 -40.87 -78.18
C TYR EB 108 -82.42 -39.37 -78.29
N THR EB 109 -82.95 -38.58 -77.36
CA THR EB 109 -83.01 -37.14 -77.56
C THR EB 109 -81.81 -36.41 -76.98
N ILE EB 110 -81.62 -36.49 -75.66
CA ILE EB 110 -80.63 -35.62 -75.03
C ILE EB 110 -79.28 -36.29 -74.89
N GLY EB 111 -79.22 -37.61 -75.02
CA GLY EB 111 -77.94 -38.28 -74.92
C GLY EB 111 -77.12 -38.29 -76.18
N LYS EB 112 -77.62 -37.72 -77.27
CA LYS EB 112 -76.92 -37.81 -78.53
C LYS EB 112 -75.74 -36.86 -78.61
N GLU EB 113 -75.83 -35.67 -78.01
CA GLU EB 113 -74.81 -34.65 -78.22
C GLU EB 113 -73.66 -34.74 -77.21
N ILE EB 114 -73.73 -35.66 -76.26
CA ILE EB 114 -72.63 -35.89 -75.34
C ILE EB 114 -71.86 -37.14 -75.69
N VAL EB 115 -72.49 -38.12 -76.33
CA VAL EB 115 -71.86 -39.41 -76.57
C VAL EB 115 -70.71 -39.29 -77.56
N ASP EB 116 -70.78 -38.33 -78.48
CA ASP EB 116 -69.67 -38.11 -79.40
C ASP EB 116 -68.44 -37.59 -78.67
N LEU EB 117 -68.65 -36.70 -77.70
CA LEU EB 117 -67.52 -36.16 -76.95
C LEU EB 117 -66.96 -37.18 -75.97
N SER EB 118 -67.81 -38.12 -75.54
CA SER EB 118 -67.36 -39.15 -74.62
C SER EB 118 -66.43 -40.12 -75.31
N LEU EB 119 -66.72 -40.47 -76.55
CA LEU EB 119 -65.87 -41.40 -77.29
C LEU EB 119 -64.53 -40.78 -77.62
N ASP EB 120 -64.48 -39.47 -77.78
CA ASP EB 120 -63.22 -38.80 -78.10
C ASP EB 120 -62.23 -38.91 -76.94
N ARG EB 121 -62.74 -38.94 -75.72
CA ARG EB 121 -61.84 -39.10 -74.58
C ARG EB 121 -61.40 -40.55 -74.44
N ILE EB 122 -62.32 -41.50 -74.65
CA ILE EB 122 -62.00 -42.92 -74.57
C ILE EB 122 -61.00 -43.30 -75.63
N ARG EB 123 -61.08 -42.68 -76.81
CA ARG EB 123 -60.25 -43.09 -77.93
C ARG EB 123 -58.77 -42.85 -77.65
N LYS EB 124 -58.43 -41.64 -77.19
CA LYS EB 124 -57.00 -41.41 -77.04
C LYS EB 124 -56.50 -41.95 -75.72
N LEU EB 125 -57.42 -42.22 -74.79
CA LEU EB 125 -57.03 -42.87 -73.56
C LEU EB 125 -56.83 -44.37 -73.75
N ALA EB 126 -57.33 -44.93 -74.84
CA ALA EB 126 -57.12 -46.34 -75.15
C ALA EB 126 -56.03 -46.59 -76.18
N ASP EB 127 -55.66 -45.58 -76.97
CA ASP EB 127 -54.58 -45.72 -77.93
C ASP EB 127 -53.23 -45.26 -77.38
N ASN EB 128 -53.15 -44.96 -76.09
CA ASN EB 128 -51.86 -44.61 -75.50
C ASN EB 128 -50.91 -45.80 -75.50
N CYS EB 129 -51.37 -46.93 -74.95
CA CYS EB 129 -50.57 -48.15 -74.90
C CYS EB 129 -51.50 -49.33 -74.99
N THR EB 130 -51.40 -50.10 -76.09
CA THR EB 130 -52.34 -51.17 -76.35
C THR EB 130 -52.08 -52.34 -75.42
N GLY EB 131 -52.81 -53.43 -75.64
CA GLY EB 131 -52.83 -54.54 -74.71
C GLY EB 131 -53.75 -54.34 -73.54
N LEU EB 132 -54.68 -53.39 -73.62
CA LEU EB 132 -55.55 -53.10 -72.51
C LEU EB 132 -56.58 -54.20 -72.32
N GLN EB 133 -56.86 -54.50 -71.05
CA GLN EB 133 -57.78 -55.60 -70.72
C GLN EB 133 -59.21 -55.25 -71.10
N GLY EB 134 -59.68 -54.08 -70.69
CA GLY EB 134 -61.04 -53.71 -71.01
C GLY EB 134 -61.56 -52.52 -70.26
N PHE EB 135 -62.86 -52.54 -69.97
CA PHE EB 135 -63.56 -51.40 -69.40
C PHE EB 135 -64.30 -51.82 -68.15
N LEU EB 136 -64.48 -50.87 -67.23
CA LEU EB 136 -65.37 -51.02 -66.10
C LEU EB 136 -66.40 -49.90 -66.16
N MET EB 137 -67.65 -50.23 -66.40
CA MET EB 137 -68.73 -49.25 -66.48
C MET EB 137 -69.60 -49.34 -65.24
N PHE EB 138 -69.86 -48.20 -64.61
CA PHE EB 138 -70.56 -48.16 -63.33
C PHE EB 138 -71.84 -47.37 -63.54
N ASN EB 139 -72.98 -47.96 -63.23
CA ASN EB 139 -74.23 -47.28 -63.54
C ASN EB 139 -75.34 -47.77 -62.62
N ALA EB 140 -76.38 -46.96 -62.54
CA ALA EB 140 -77.61 -47.33 -61.86
C ALA EB 140 -78.63 -47.72 -62.91
N VAL EB 141 -79.11 -48.96 -62.82
CA VAL EB 141 -80.04 -49.48 -63.82
C VAL EB 141 -81.38 -48.75 -63.73
N GLY EB 142 -81.79 -48.37 -62.52
CA GLY EB 142 -83.08 -47.75 -62.34
C GLY EB 142 -83.18 -46.31 -62.80
N GLY EB 143 -82.05 -45.63 -62.99
CA GLY EB 143 -82.07 -44.23 -63.33
C GLY EB 143 -82.34 -43.99 -64.81
N GLY EB 144 -82.27 -42.72 -65.19
CA GLY EB 144 -82.48 -42.33 -66.57
C GLY EB 144 -81.25 -42.39 -67.45
N THR EB 145 -80.22 -41.60 -67.12
CA THR EB 145 -79.03 -41.57 -67.96
C THR EB 145 -78.06 -42.70 -67.63
N GLY EB 146 -78.18 -43.30 -66.46
CA GLY EB 146 -77.45 -44.53 -66.21
C GLY EB 146 -78.00 -45.72 -66.96
N SER EB 147 -79.24 -45.63 -67.41
CA SER EB 147 -79.86 -46.70 -68.19
C SER EB 147 -79.87 -46.34 -69.68
N GLY EB 148 -80.20 -45.09 -70.00
CA GLY EB 148 -80.25 -44.70 -71.39
C GLY EB 148 -78.88 -44.54 -72.01
N LEU EB 149 -78.03 -43.71 -71.41
CA LEU EB 149 -76.73 -43.43 -71.98
C LEU EB 149 -75.78 -44.60 -71.81
N GLY EB 150 -76.04 -45.47 -70.83
CA GLY EB 150 -75.24 -46.66 -70.67
C GLY EB 150 -75.38 -47.63 -71.83
N CYS EB 151 -76.60 -47.79 -72.33
CA CYS EB 151 -76.80 -48.51 -73.60
C CYS EB 151 -76.04 -47.88 -74.75
N LEU EB 152 -76.22 -46.58 -74.95
CA LEU EB 152 -75.67 -45.92 -76.12
C LEU EB 152 -74.16 -45.92 -76.08
N LEU EB 153 -73.58 -45.85 -74.88
CA LEU EB 153 -72.13 -45.88 -74.79
C LEU EB 153 -71.60 -47.28 -75.00
N LEU EB 154 -72.34 -48.29 -74.54
CA LEU EB 154 -71.86 -49.66 -74.73
C LEU EB 154 -72.03 -50.14 -76.16
N GLU EB 155 -73.07 -49.65 -76.87
CA GLU EB 155 -73.21 -49.98 -78.28
C GLU EB 155 -72.06 -49.40 -79.09
N ARG EB 156 -71.71 -48.15 -78.81
CA ARG EB 156 -70.63 -47.50 -79.54
C ARG EB 156 -69.31 -48.13 -79.21
N LEU EB 157 -69.14 -48.61 -77.98
CA LEU EB 157 -67.90 -49.29 -77.62
C LEU EB 157 -67.86 -50.70 -78.20
N SER EB 158 -69.01 -51.32 -78.43
CA SER EB 158 -69.01 -52.68 -78.98
C SER EB 158 -68.67 -52.68 -80.46
N VAL EB 159 -69.24 -51.74 -81.22
CA VAL EB 159 -69.00 -51.71 -82.66
C VAL EB 159 -67.59 -51.23 -82.98
N ASP EB 160 -66.95 -50.51 -82.06
CA ASP EB 160 -65.60 -50.02 -82.29
C ASP EB 160 -64.56 -50.95 -81.70
N TYR EB 161 -64.64 -51.22 -80.40
CA TYR EB 161 -63.65 -52.01 -79.69
C TYR EB 161 -64.27 -53.38 -79.44
N GLY EB 162 -64.20 -54.23 -80.46
CA GLY EB 162 -65.07 -55.40 -80.50
C GLY EB 162 -64.62 -56.53 -79.60
N LYS EB 163 -63.33 -56.82 -79.58
CA LYS EB 163 -62.81 -58.01 -78.93
C LYS EB 163 -62.53 -57.81 -77.45
N LYS EB 164 -63.02 -56.73 -76.87
CA LYS EB 164 -62.64 -56.32 -75.54
C LYS EB 164 -63.39 -57.08 -74.47
N SER EB 165 -63.00 -56.87 -73.23
CA SER EB 165 -63.67 -57.43 -72.07
C SER EB 165 -64.37 -56.30 -71.34
N LYS EB 166 -65.68 -56.23 -71.46
CA LYS EB 166 -66.45 -55.11 -70.96
C LYS EB 166 -67.20 -55.51 -69.70
N LEU EB 167 -66.77 -54.98 -68.57
CA LEU EB 167 -67.39 -55.25 -67.29
C LEU EB 167 -68.54 -54.28 -67.07
N ASN EB 168 -69.46 -54.67 -66.21
CA ASN EB 168 -70.52 -53.76 -65.76
C ASN EB 168 -70.79 -54.00 -64.29
N PHE EB 169 -70.91 -52.92 -63.54
CA PHE EB 169 -71.27 -52.97 -62.13
C PHE EB 169 -72.55 -52.20 -61.96
N CYS EB 170 -73.64 -52.93 -61.72
CA CYS EB 170 -74.98 -52.40 -61.87
C CYS EB 170 -75.61 -52.24 -60.50
N SER EB 171 -76.07 -51.04 -60.20
CA SER EB 171 -76.82 -50.79 -58.97
C SER EB 171 -78.29 -51.07 -59.26
N TRP EB 172 -78.63 -52.36 -59.27
CA TRP EB 172 -79.95 -52.83 -59.62
C TRP EB 172 -80.96 -52.40 -58.56
N PRO EB 173 -82.19 -52.10 -58.96
CA PRO EB 173 -83.20 -51.69 -57.99
C PRO EB 173 -83.55 -52.81 -57.01
N SER EB 174 -83.83 -52.42 -55.78
CA SER EB 174 -84.12 -53.33 -54.70
C SER EB 174 -85.53 -53.91 -54.85
N PRO EB 175 -85.84 -55.00 -54.14
CA PRO EB 175 -87.19 -55.56 -54.19
C PRO EB 175 -88.30 -54.62 -53.73
N GLN EB 176 -88.14 -54.05 -52.55
CA GLN EB 176 -89.21 -53.30 -51.92
C GLN EB 176 -88.93 -51.81 -51.77
N VAL EB 177 -87.68 -51.38 -51.93
CA VAL EB 177 -87.31 -49.97 -51.78
C VAL EB 177 -86.73 -49.47 -53.09
N SER EB 178 -87.31 -48.43 -53.64
CA SER EB 178 -86.77 -48.04 -54.94
C SER EB 178 -86.42 -46.57 -55.06
N THR EB 179 -87.23 -45.67 -54.50
CA THR EB 179 -87.09 -44.20 -54.62
C THR EB 179 -87.18 -43.69 -56.04
N ALA EB 180 -88.00 -44.35 -56.86
CA ALA EB 180 -88.61 -43.76 -58.03
C ALA EB 180 -89.77 -44.66 -58.41
N VAL EB 181 -90.61 -44.18 -59.31
CA VAL EB 181 -91.77 -44.93 -59.72
C VAL EB 181 -91.71 -45.34 -61.18
N VAL EB 182 -90.70 -44.92 -61.94
CA VAL EB 182 -90.53 -45.39 -63.30
C VAL EB 182 -89.45 -46.45 -63.42
N GLU EB 183 -88.86 -46.88 -62.31
CA GLU EB 183 -87.85 -47.93 -62.36
C GLU EB 183 -88.31 -49.26 -62.92
N PRO EB 184 -89.52 -49.77 -62.68
CA PRO EB 184 -89.91 -51.00 -63.38
C PRO EB 184 -89.92 -50.86 -64.89
N TYR EB 185 -90.04 -49.65 -65.42
CA TYR EB 185 -89.90 -49.47 -66.85
C TYR EB 185 -88.44 -49.42 -67.25
N ASN EB 186 -87.64 -48.61 -66.57
CA ASN EB 186 -86.27 -48.37 -67.00
C ASN EB 186 -85.39 -49.60 -66.84
N SER EB 187 -85.65 -50.40 -65.81
CA SER EB 187 -84.80 -51.56 -65.54
C SER EB 187 -85.06 -52.69 -66.53
N VAL EB 188 -86.30 -52.84 -66.98
CA VAL EB 188 -86.60 -53.84 -68.00
C VAL EB 188 -86.01 -53.41 -69.34
N LEU EB 189 -86.08 -52.12 -69.66
CA LEU EB 189 -85.50 -51.63 -70.91
C LEU EB 189 -83.98 -51.67 -70.87
N SER EB 190 -83.38 -51.50 -69.69
CA SER EB 190 -81.93 -51.59 -69.59
C SER EB 190 -81.45 -53.02 -69.81
N THR EB 191 -82.07 -53.98 -69.11
CA THR EB 191 -81.61 -55.36 -69.22
C THR EB 191 -81.92 -55.98 -70.55
N HIS EB 192 -82.81 -55.38 -71.35
CA HIS EB 192 -82.91 -55.78 -72.74
C HIS EB 192 -81.66 -55.38 -73.50
N SER EB 193 -81.01 -54.31 -73.07
CA SER EB 193 -79.95 -53.74 -73.88
C SER EB 193 -78.58 -54.27 -73.48
N LEU EB 194 -78.30 -54.34 -72.19
CA LEU EB 194 -77.00 -54.82 -71.77
C LEU EB 194 -76.85 -56.33 -71.93
N LEU EB 195 -77.91 -57.02 -72.35
CA LEU EB 195 -77.84 -58.44 -72.63
C LEU EB 195 -76.98 -58.76 -73.83
N GLU EB 196 -76.73 -57.79 -74.71
CA GLU EB 196 -75.91 -58.03 -75.89
C GLU EB 196 -74.78 -57.02 -76.04
N HIS EB 197 -74.45 -56.29 -74.99
CA HIS EB 197 -73.37 -55.30 -75.06
C HIS EB 197 -72.44 -55.37 -73.86
N THR EB 198 -72.44 -56.46 -73.10
CA THR EB 198 -71.67 -56.52 -71.88
C THR EB 198 -71.21 -57.95 -71.65
N ASP EB 199 -69.94 -58.11 -71.27
CA ASP EB 199 -69.38 -59.44 -71.06
C ASP EB 199 -69.74 -59.97 -69.67
N VAL EB 200 -69.54 -59.16 -68.63
CA VAL EB 200 -69.85 -59.56 -67.26
C VAL EB 200 -70.61 -58.42 -66.60
N ALA EB 201 -71.78 -58.73 -66.07
CA ALA EB 201 -72.60 -57.75 -65.34
C ALA EB 201 -72.78 -58.23 -63.91
N VAL EB 202 -72.44 -57.37 -62.96
CA VAL EB 202 -72.50 -57.70 -61.54
C VAL EB 202 -73.61 -56.86 -60.92
N MET EB 203 -74.50 -57.51 -60.19
CA MET EB 203 -75.66 -56.83 -59.62
C MET EB 203 -75.41 -56.51 -58.16
N LEU EB 204 -75.68 -55.27 -57.79
CA LEU EB 204 -75.50 -54.80 -56.42
C LEU EB 204 -76.71 -53.96 -56.05
N ASP EB 205 -77.69 -54.56 -55.38
CA ASP EB 205 -78.79 -53.77 -54.85
C ASP EB 205 -78.32 -52.96 -53.66
N ASN EB 206 -79.03 -51.86 -53.40
CA ASN EB 206 -78.71 -51.05 -52.25
C ASN EB 206 -79.22 -51.65 -50.96
N GLU EB 207 -80.36 -52.35 -51.01
CA GLU EB 207 -80.98 -52.87 -49.79
C GLU EB 207 -80.13 -53.94 -49.13
N ALA EB 208 -79.36 -54.71 -49.91
CA ALA EB 208 -78.46 -55.68 -49.33
C ALA EB 208 -77.32 -55.01 -48.59
N ILE EB 209 -76.74 -53.96 -49.16
CA ILE EB 209 -75.64 -53.25 -48.50
C ILE EB 209 -76.15 -52.50 -47.29
N TYR EB 210 -77.42 -52.10 -47.31
CA TYR EB 210 -78.04 -51.53 -46.12
C TYR EB 210 -78.12 -52.54 -44.98
N ASP EB 211 -78.44 -53.80 -45.30
CA ASP EB 211 -78.55 -54.82 -44.27
C ASP EB 211 -77.18 -55.28 -43.79
N ILE EB 212 -76.19 -55.28 -44.67
CA ILE EB 212 -74.83 -55.60 -44.26
C ILE EB 212 -74.33 -54.55 -43.28
N CYS EB 213 -74.62 -53.28 -43.54
CA CYS EB 213 -74.22 -52.23 -42.63
C CYS EB 213 -74.96 -52.32 -41.30
N ARG EB 214 -76.20 -52.82 -41.32
CA ARG EB 214 -76.99 -52.82 -40.10
C ARG EB 214 -76.60 -53.94 -39.15
N ARG EB 215 -76.09 -55.06 -39.67
CA ARG EB 215 -75.70 -56.18 -38.81
C ARG EB 215 -74.20 -56.28 -38.61
N ASN EB 216 -73.42 -56.18 -39.68
CA ASN EB 216 -71.99 -56.39 -39.58
C ASN EB 216 -71.27 -55.18 -39.02
N LEU EB 217 -71.74 -53.97 -39.30
CA LEU EB 217 -71.11 -52.76 -38.78
C LEU EB 217 -71.94 -52.06 -37.73
N ASP EB 218 -73.13 -52.57 -37.43
CA ASP EB 218 -74.19 -51.97 -36.60
C ASP EB 218 -74.37 -50.47 -36.81
N ILE EB 219 -74.30 -50.01 -38.05
CA ILE EB 219 -74.61 -48.63 -38.41
C ILE EB 219 -76.09 -48.61 -38.76
N GLU EB 220 -76.92 -48.20 -37.80
CA GLU EB 220 -78.36 -48.23 -38.00
C GLU EB 220 -78.85 -47.17 -38.95
N ARG EB 221 -78.03 -46.17 -39.27
CA ARG EB 221 -78.50 -44.97 -39.95
C ARG EB 221 -77.53 -44.60 -41.07
N PRO EB 222 -77.32 -45.47 -42.06
CA PRO EB 222 -76.21 -45.27 -42.99
C PRO EB 222 -76.56 -44.30 -44.10
N THR EB 223 -75.52 -43.82 -44.77
CA THR EB 223 -75.66 -42.86 -45.85
C THR EB 223 -75.04 -43.43 -47.11
N TYR EB 224 -75.20 -42.69 -48.19
CA TYR EB 224 -74.74 -43.12 -49.51
C TYR EB 224 -73.23 -43.24 -49.59
N THR EB 225 -72.49 -42.49 -48.78
CA THR EB 225 -71.05 -42.64 -48.80
C THR EB 225 -70.63 -43.98 -48.22
N ASN EB 226 -71.29 -44.42 -47.15
CA ASN EB 226 -70.89 -45.65 -46.48
C ASN EB 226 -71.16 -46.88 -47.34
N LEU EB 227 -72.16 -46.81 -48.22
CA LEU EB 227 -72.37 -47.89 -49.17
C LEU EB 227 -71.33 -47.86 -50.27
N ASN EB 228 -70.90 -46.66 -50.67
CA ASN EB 228 -69.93 -46.54 -51.76
C ASN EB 228 -68.56 -47.04 -51.36
N ARG EB 229 -68.21 -46.93 -50.08
CA ARG EB 229 -66.94 -47.47 -49.63
C ARG EB 229 -66.94 -48.99 -49.72
N LEU EB 230 -68.07 -49.62 -49.44
CA LEU EB 230 -68.13 -51.07 -49.49
C LEU EB 230 -68.05 -51.58 -50.91
N ILE EB 231 -68.66 -50.86 -51.85
CA ILE EB 231 -68.56 -51.25 -53.25
C ILE EB 231 -67.15 -51.03 -53.76
N ALA EB 232 -66.45 -50.03 -53.23
CA ALA EB 232 -65.10 -49.74 -53.67
C ALA EB 232 -64.12 -50.83 -53.27
N GLN EB 233 -64.34 -51.45 -52.10
CA GLN EB 233 -63.45 -52.50 -51.65
C GLN EB 233 -63.66 -53.79 -52.43
N VAL EB 234 -64.87 -54.03 -52.91
CA VAL EB 234 -65.12 -55.17 -53.80
C VAL EB 234 -64.37 -54.98 -55.10
N ILE EB 235 -64.44 -53.78 -55.66
CA ILE EB 235 -63.79 -53.47 -56.92
C ILE EB 235 -62.28 -53.45 -56.77
N SER EB 236 -61.79 -53.01 -55.62
CA SER EB 236 -60.35 -53.07 -55.36
C SER EB 236 -59.88 -54.51 -55.26
N SER EB 237 -60.73 -55.39 -54.71
CA SER EB 237 -60.32 -56.78 -54.54
C SER EB 237 -60.34 -57.54 -55.86
N LEU EB 238 -61.17 -57.11 -56.81
CA LEU EB 238 -61.21 -57.78 -58.10
C LEU EB 238 -59.98 -57.44 -58.92
N THR EB 239 -59.47 -56.22 -58.79
CA THR EB 239 -58.32 -55.78 -59.56
C THR EB 239 -57.05 -55.76 -58.75
N ALA EB 240 -57.01 -56.49 -57.64
CA ALA EB 240 -55.81 -56.54 -56.82
C ALA EB 240 -54.71 -57.35 -57.50
N SER EB 241 -55.08 -58.33 -58.31
CA SER EB 241 -54.08 -59.19 -58.94
C SER EB 241 -53.34 -58.47 -60.05
N LEU EB 242 -53.98 -57.50 -60.69
CA LEU EB 242 -53.31 -56.76 -61.75
C LEU EB 242 -52.23 -55.85 -61.19
N ARG EB 243 -52.49 -55.21 -60.06
CA ARG EB 243 -51.59 -54.20 -59.53
C ARG EB 243 -50.60 -54.72 -58.50
N PHE EB 244 -50.76 -55.94 -58.01
CA PHE EB 244 -49.84 -56.46 -57.02
C PHE EB 244 -49.51 -57.92 -57.32
N ASP EB 245 -48.33 -58.34 -56.90
CA ASP EB 245 -47.91 -59.71 -57.12
C ASP EB 245 -48.66 -60.65 -56.18
N GLY EB 246 -48.71 -61.93 -56.55
CA GLY EB 246 -49.49 -62.85 -55.76
C GLY EB 246 -49.14 -64.29 -56.06
N ALA EB 247 -49.61 -65.17 -55.17
CA ALA EB 247 -49.34 -66.59 -55.32
C ALA EB 247 -50.08 -67.17 -56.51
N LEU EB 248 -51.33 -66.77 -56.71
CA LEU EB 248 -52.14 -67.34 -57.78
C LEU EB 248 -53.00 -66.22 -58.32
N ASN EB 249 -52.53 -65.57 -59.38
CA ASN EB 249 -53.16 -64.36 -59.86
C ASN EB 249 -54.32 -64.66 -60.81
N VAL EB 250 -55.27 -63.72 -60.85
CA VAL EB 250 -56.49 -63.85 -61.65
C VAL EB 250 -56.72 -62.52 -62.34
N ASP EB 251 -56.63 -62.49 -63.67
CA ASP EB 251 -56.83 -61.26 -64.41
C ASP EB 251 -58.30 -61.10 -64.83
N VAL EB 252 -58.57 -60.07 -65.63
CA VAL EB 252 -59.94 -59.76 -66.01
C VAL EB 252 -60.49 -60.78 -66.99
N THR EB 253 -59.68 -61.18 -67.96
CA THR EB 253 -60.09 -62.18 -68.94
C THR EB 253 -60.30 -63.55 -68.31
N GLU EB 254 -59.73 -63.78 -67.12
CA GLU EB 254 -59.99 -65.00 -66.37
C GLU EB 254 -61.46 -65.10 -65.97
N PHE EB 255 -62.07 -63.97 -65.61
CA PHE EB 255 -63.46 -63.98 -65.15
C PHE EB 255 -64.41 -64.45 -66.24
N GLN EB 256 -64.27 -63.90 -67.43
CA GLN EB 256 -65.25 -64.17 -68.45
C GLN EB 256 -65.12 -65.54 -69.05
N THR EB 257 -64.30 -66.43 -68.50
CA THR EB 257 -64.25 -67.81 -68.95
C THR EB 257 -64.36 -68.79 -67.81
N ASN EB 258 -64.39 -68.32 -66.57
CA ASN EB 258 -64.53 -69.21 -65.43
C ASN EB 258 -65.79 -68.98 -64.63
N LEU EB 259 -66.62 -68.01 -65.01
CA LEU EB 259 -67.87 -67.74 -64.32
C LEU EB 259 -69.09 -67.87 -65.19
N VAL EB 260 -68.99 -67.47 -66.45
CA VAL EB 260 -70.11 -67.46 -67.38
C VAL EB 260 -70.08 -68.77 -68.18
N PRO EB 261 -71.09 -69.60 -68.08
CA PRO EB 261 -71.09 -70.85 -68.82
C PRO EB 261 -71.76 -70.77 -70.17
N TYR EB 262 -72.63 -69.79 -70.32
CA TYR EB 262 -73.43 -69.60 -71.53
C TYR EB 262 -73.47 -68.10 -71.80
N PRO EB 263 -73.68 -67.68 -73.05
CA PRO EB 263 -73.55 -66.24 -73.36
C PRO EB 263 -74.58 -65.36 -72.67
N ARG EB 264 -75.81 -65.86 -72.47
CA ARG EB 264 -76.83 -65.04 -71.84
C ARG EB 264 -76.64 -64.95 -70.33
N ILE EB 265 -76.01 -65.95 -69.73
CA ILE EB 265 -75.92 -66.05 -68.28
C ILE EB 265 -74.64 -65.32 -67.85
N HIS EB 266 -74.73 -64.01 -67.65
CA HIS EB 266 -73.61 -63.25 -67.12
C HIS EB 266 -74.06 -62.26 -66.05
N PHE EB 267 -74.90 -62.71 -65.14
CA PHE EB 267 -75.40 -61.88 -64.05
C PHE EB 267 -74.89 -62.49 -62.75
N MET EB 268 -73.86 -61.88 -62.18
CA MET EB 268 -73.15 -62.42 -61.04
C MET EB 268 -73.39 -61.59 -59.79
N LEU EB 269 -73.54 -62.30 -58.67
CA LEU EB 269 -73.74 -61.69 -57.37
C LEU EB 269 -72.39 -61.39 -56.75
N SER EB 270 -72.36 -60.93 -55.51
CA SER EB 270 -71.09 -60.56 -54.90
C SER EB 270 -71.21 -60.64 -53.39
N SER EB 271 -70.11 -60.98 -52.74
CA SER EB 271 -70.07 -61.00 -51.29
C SER EB 271 -68.66 -60.75 -50.83
N TYR EB 272 -68.52 -59.89 -49.83
CA TYR EB 272 -67.22 -59.53 -49.29
C TYR EB 272 -67.22 -59.80 -47.80
N ALA EB 273 -66.20 -60.49 -47.32
CA ALA EB 273 -66.10 -60.82 -45.93
C ALA EB 273 -64.63 -60.81 -45.60
N PRO EB 274 -64.22 -60.22 -44.49
CA PRO EB 274 -65.06 -59.55 -43.50
C PRO EB 274 -65.35 -58.11 -43.83
N ILE EB 275 -66.51 -57.65 -43.37
CA ILE EB 275 -66.77 -56.24 -43.25
C ILE EB 275 -67.06 -56.03 -41.78
N ILE EB 276 -66.01 -55.83 -40.98
CA ILE EB 276 -66.17 -55.73 -39.55
C ILE EB 276 -65.49 -54.48 -39.03
N SER EB 277 -66.01 -53.98 -37.92
CA SER EB 277 -65.61 -52.72 -37.35
C SER EB 277 -64.59 -52.95 -36.24
N ALA EB 278 -64.20 -51.87 -35.57
CA ALA EB 278 -63.22 -51.98 -34.52
C ALA EB 278 -63.78 -52.57 -33.24
N GLU EB 279 -65.10 -52.65 -33.10
CA GLU EB 279 -65.65 -53.30 -31.92
C GLU EB 279 -65.47 -54.80 -31.97
N LYS EB 280 -65.32 -55.36 -33.15
CA LYS EB 280 -65.40 -56.80 -33.34
C LYS EB 280 -64.16 -57.41 -33.98
N ALA EB 281 -63.32 -56.63 -34.63
CA ALA EB 281 -62.05 -57.16 -35.11
C ALA EB 281 -61.11 -57.48 -33.97
N TYR EB 282 -61.29 -56.79 -32.85
CA TYR EB 282 -60.48 -57.04 -31.66
C TYR EB 282 -60.70 -58.43 -31.12
N HIS EB 283 -61.90 -58.98 -31.33
CA HIS EB 283 -62.33 -60.19 -30.65
C HIS EB 283 -62.47 -61.41 -31.56
N GLU EB 284 -62.27 -61.27 -32.87
CA GLU EB 284 -62.39 -62.39 -33.78
C GLU EB 284 -61.05 -62.75 -34.42
N GLN EB 285 -60.83 -64.04 -34.59
CA GLN EB 285 -59.70 -64.50 -35.39
C GLN EB 285 -60.18 -64.64 -36.82
N LEU EB 286 -59.58 -63.89 -37.72
CA LEU EB 286 -60.13 -63.79 -39.07
C LEU EB 286 -59.41 -64.74 -40.00
N SER EB 287 -59.56 -66.03 -39.70
CA SER EB 287 -58.85 -67.07 -40.43
C SER EB 287 -59.44 -67.23 -41.81
N VAL EB 288 -58.67 -67.91 -42.67
CA VAL EB 288 -59.10 -68.16 -44.05
C VAL EB 288 -60.36 -69.02 -44.06
N ALA EB 289 -60.45 -69.96 -43.11
CA ALA EB 289 -61.63 -70.81 -43.03
C ALA EB 289 -62.87 -70.01 -42.62
N GLU EB 290 -62.71 -69.06 -41.71
CA GLU EB 290 -63.90 -68.37 -41.22
C GLU EB 290 -64.34 -67.24 -42.14
N ILE EB 291 -63.41 -66.67 -42.91
CA ILE EB 291 -63.85 -65.60 -43.81
C ILE EB 291 -64.50 -66.17 -45.05
N THR EB 292 -64.26 -67.44 -45.36
CA THR EB 292 -64.94 -68.03 -46.50
C THR EB 292 -66.28 -68.66 -46.13
N ASN EB 293 -66.52 -68.90 -44.85
CA ASN EB 293 -67.85 -69.32 -44.44
C ASN EB 293 -68.80 -68.13 -44.46
N SER EB 294 -68.32 -66.97 -44.01
CA SER EB 294 -69.15 -65.78 -44.03
C SER EB 294 -69.29 -65.21 -45.43
N ALA EB 295 -68.45 -65.61 -46.36
CA ALA EB 295 -68.67 -65.20 -47.75
C ALA EB 295 -69.87 -65.92 -48.35
N PHE EB 296 -70.08 -67.17 -47.96
CA PHE EB 296 -71.16 -67.97 -48.53
C PHE EB 296 -72.45 -67.91 -47.76
N GLU EB 297 -72.50 -67.23 -46.62
CA GLU EB 297 -73.75 -67.17 -45.90
C GLU EB 297 -74.71 -66.22 -46.62
N PRO EB 298 -76.00 -66.55 -46.65
CA PRO EB 298 -76.89 -65.88 -47.61
C PRO EB 298 -77.15 -64.42 -47.33
N ALA EB 299 -77.05 -63.99 -46.09
CA ALA EB 299 -77.36 -62.60 -45.80
C ALA EB 299 -76.16 -61.67 -45.95
N SER EB 300 -74.97 -62.21 -46.20
CA SER EB 300 -73.81 -61.39 -46.50
C SER EB 300 -73.66 -61.10 -47.98
N MET EB 301 -74.62 -61.53 -48.79
CA MET EB 301 -74.60 -61.22 -50.20
C MET EB 301 -74.89 -59.74 -50.40
N MET EB 302 -74.43 -59.21 -51.52
CA MET EB 302 -74.66 -57.81 -51.86
C MET EB 302 -75.67 -57.67 -52.98
N ALA EB 303 -76.68 -58.55 -53.00
CA ALA EB 303 -77.67 -58.50 -54.05
C ALA EB 303 -79.09 -58.72 -53.58
N LYS EB 304 -79.32 -58.97 -52.28
CA LYS EB 304 -80.62 -59.18 -51.67
C LYS EB 304 -81.41 -60.25 -52.42
N CYS EB 305 -80.87 -61.45 -52.37
CA CYS EB 305 -81.39 -62.57 -53.14
C CYS EB 305 -80.85 -63.82 -52.45
N ASP EB 306 -81.71 -64.56 -51.80
CA ASP EB 306 -81.30 -65.72 -51.04
C ASP EB 306 -80.84 -66.81 -52.00
N PRO EB 307 -79.59 -67.26 -51.95
CA PRO EB 307 -79.15 -68.33 -52.83
C PRO EB 307 -79.57 -69.72 -52.39
N ARG EB 308 -80.34 -69.81 -51.30
CA ARG EB 308 -80.82 -71.10 -50.84
C ARG EB 308 -81.80 -71.71 -51.82
N HIS EB 309 -82.56 -70.88 -52.53
CA HIS EB 309 -83.45 -71.34 -53.58
C HIS EB 309 -82.82 -71.17 -54.95
N GLY EB 310 -81.51 -71.40 -55.03
CA GLY EB 310 -80.83 -71.47 -56.31
C GLY EB 310 -79.75 -72.52 -56.25
N LYS EB 311 -79.14 -72.76 -57.40
CA LYS EB 311 -78.06 -73.72 -57.52
C LYS EB 311 -76.84 -73.00 -58.08
N TYR EB 312 -75.73 -73.05 -57.35
CA TYR EB 312 -74.53 -72.36 -57.76
C TYR EB 312 -73.96 -72.97 -59.04
N MET EB 313 -73.29 -72.13 -59.82
CA MET EB 313 -72.79 -72.56 -61.12
C MET EB 313 -71.28 -72.43 -61.21
N ALA EB 314 -70.74 -71.29 -60.79
CA ALA EB 314 -69.30 -71.10 -60.65
C ALA EB 314 -69.08 -69.93 -59.70
N CYS EB 315 -68.21 -70.12 -58.73
CA CYS EB 315 -67.92 -69.08 -57.76
C CYS EB 315 -66.45 -68.72 -57.87
N CYS EB 316 -66.17 -67.44 -58.14
CA CYS EB 316 -64.82 -66.94 -58.24
C CYS EB 316 -64.45 -66.28 -56.93
N LEU EB 317 -63.42 -66.81 -56.27
CA LEU EB 317 -63.04 -66.37 -54.93
C LEU EB 317 -61.69 -65.69 -55.00
N MET EB 318 -61.63 -64.44 -54.55
CA MET EB 318 -60.40 -63.67 -54.56
C MET EB 318 -59.95 -63.41 -53.14
N TYR EB 319 -58.94 -64.14 -52.70
CA TYR EB 319 -58.40 -63.99 -51.35
C TYR EB 319 -57.32 -62.94 -51.39
N ARG EB 320 -57.23 -62.15 -50.32
CA ARG EB 320 -56.39 -60.96 -50.31
C ARG EB 320 -55.77 -60.82 -48.93
N GLY EB 321 -54.46 -60.98 -48.85
CA GLY EB 321 -53.81 -60.80 -47.58
C GLY EB 321 -52.93 -61.97 -47.23
N ASP EB 322 -52.70 -62.17 -45.94
CA ASP EB 322 -51.88 -63.28 -45.46
C ASP EB 322 -52.72 -64.53 -45.60
N VAL EB 323 -52.76 -65.10 -46.80
CA VAL EB 323 -53.52 -66.30 -47.07
C VAL EB 323 -52.60 -67.32 -47.71
N VAL EB 324 -52.48 -68.49 -47.08
CA VAL EB 324 -51.60 -69.53 -47.58
C VAL EB 324 -52.43 -70.48 -48.44
N PRO EB 325 -51.83 -71.13 -49.43
CA PRO EB 325 -52.65 -71.95 -50.35
C PRO EB 325 -53.22 -73.23 -49.76
N LYS EB 326 -52.69 -73.76 -48.67
CA LYS EB 326 -53.33 -74.94 -48.09
C LYS EB 326 -54.67 -74.59 -47.49
N ASP EB 327 -54.80 -73.35 -46.99
CA ASP EB 327 -55.98 -72.99 -46.23
C ASP EB 327 -57.16 -72.72 -47.13
N VAL EB 328 -56.90 -72.19 -48.32
CA VAL EB 328 -57.96 -72.07 -49.32
C VAL EB 328 -58.38 -73.44 -49.81
N ASN EB 329 -57.41 -74.34 -49.98
CA ASN EB 329 -57.70 -75.68 -50.46
C ASN EB 329 -58.58 -76.44 -49.49
N ALA EB 330 -58.31 -76.26 -48.19
CA ALA EB 330 -59.15 -76.90 -47.20
C ALA EB 330 -60.48 -76.19 -47.01
N ALA EB 331 -60.50 -74.87 -47.21
CA ALA EB 331 -61.71 -74.11 -46.97
C ALA EB 331 -62.77 -74.40 -48.01
N VAL EB 332 -62.37 -74.50 -49.27
CA VAL EB 332 -63.30 -74.87 -50.33
C VAL EB 332 -63.76 -76.31 -50.14
N ALA EB 333 -62.91 -77.16 -49.56
CA ALA EB 333 -63.31 -78.53 -49.26
C ALA EB 333 -64.41 -78.56 -48.20
N THR EB 334 -64.37 -77.62 -47.26
CA THR EB 334 -65.45 -77.52 -46.29
C THR EB 334 -66.75 -77.15 -46.96
N ILE EB 335 -66.70 -76.25 -47.95
CA ILE EB 335 -67.91 -75.79 -48.61
C ILE EB 335 -68.52 -76.90 -49.46
N LYS EB 336 -67.69 -77.70 -50.13
CA LYS EB 336 -68.19 -78.82 -50.89
C LYS EB 336 -68.91 -79.83 -50.00
N THR EB 337 -68.38 -80.09 -48.81
CA THR EB 337 -68.97 -81.09 -47.95
C THR EB 337 -70.30 -80.65 -47.36
N LYS EB 338 -70.47 -79.36 -47.12
CA LYS EB 338 -71.69 -78.84 -46.52
C LYS EB 338 -72.86 -79.02 -47.48
N ARG EB 339 -74.07 -79.11 -46.91
CA ARG EB 339 -75.24 -79.51 -47.68
C ARG EB 339 -76.24 -78.40 -47.92
N THR EB 340 -76.16 -77.29 -47.20
CA THR EB 340 -77.12 -76.20 -47.42
C THR EB 340 -76.95 -75.58 -48.79
N ILE EB 341 -75.73 -75.53 -49.32
CA ILE EB 341 -75.52 -74.95 -50.63
C ILE EB 341 -75.96 -75.99 -51.65
N GLN EB 342 -76.03 -75.60 -52.91
CA GLN EB 342 -76.36 -76.53 -53.98
C GLN EB 342 -75.51 -76.18 -55.18
N PHE EB 343 -74.60 -77.05 -55.55
CA PHE EB 343 -73.84 -76.89 -56.77
C PHE EB 343 -74.51 -77.67 -57.88
N VAL EB 344 -74.42 -77.14 -59.10
CA VAL EB 344 -75.18 -77.71 -60.19
C VAL EB 344 -74.51 -79.00 -60.64
N ASP EB 345 -75.30 -79.89 -61.23
CA ASP EB 345 -74.87 -81.26 -61.50
C ASP EB 345 -73.74 -81.33 -62.52
N TRP EB 346 -73.65 -80.35 -63.43
CA TRP EB 346 -72.66 -80.40 -64.49
C TRP EB 346 -71.51 -79.44 -64.28
N CYS EB 347 -71.27 -79.02 -63.04
CA CYS EB 347 -70.02 -78.36 -62.66
C CYS EB 347 -69.41 -79.12 -61.50
N PRO EB 348 -68.72 -80.22 -61.78
CA PRO EB 348 -68.03 -80.93 -60.70
C PRO EB 348 -66.97 -80.08 -60.04
N THR EB 349 -66.30 -79.25 -60.82
CA THR EB 349 -65.44 -78.21 -60.29
C THR EB 349 -66.29 -76.95 -60.26
N GLY EB 350 -66.17 -76.17 -59.21
CA GLY EB 350 -67.05 -75.03 -59.13
C GLY EB 350 -66.37 -73.77 -58.67
N PHE EB 351 -65.05 -73.78 -58.65
CA PHE EB 351 -64.33 -72.68 -58.06
C PHE EB 351 -63.19 -72.21 -58.94
N LYS EB 352 -63.02 -70.90 -59.02
CA LYS EB 352 -61.82 -70.25 -59.50
C LYS EB 352 -61.32 -69.41 -58.33
N CYS EB 353 -60.37 -69.92 -57.58
CA CYS EB 353 -59.91 -69.24 -56.38
C CYS EB 353 -58.48 -68.79 -56.57
N GLY EB 354 -58.22 -67.54 -56.18
CA GLY EB 354 -56.91 -66.95 -56.34
C GLY EB 354 -56.48 -66.24 -55.07
N ILE EB 355 -55.17 -66.05 -54.96
CA ILE EB 355 -54.54 -65.52 -53.76
C ILE EB 355 -53.78 -64.26 -54.16
N ASN EB 356 -53.74 -63.29 -53.26
CA ASN EB 356 -52.89 -62.13 -53.45
C ASN EB 356 -52.31 -61.72 -52.10
N TYR EB 357 -51.22 -60.97 -52.13
CA TYR EB 357 -50.45 -60.73 -50.93
C TYR EB 357 -50.75 -59.40 -50.26
N GLN EB 358 -51.07 -58.38 -51.03
CA GLN EB 358 -51.24 -57.05 -50.47
C GLN EB 358 -52.52 -56.99 -49.67
N PRO EB 359 -52.49 -56.56 -48.42
CA PRO EB 359 -53.68 -56.59 -47.59
C PRO EB 359 -54.67 -55.53 -48.03
N PRO EB 360 -55.94 -55.67 -47.68
CA PRO EB 360 -56.93 -54.66 -48.06
C PRO EB 360 -56.68 -53.34 -47.34
N THR EB 361 -56.54 -52.28 -48.12
CA THR EB 361 -56.25 -50.98 -47.56
C THR EB 361 -57.50 -50.38 -46.93
N VAL EB 362 -57.28 -49.35 -46.13
CA VAL EB 362 -58.35 -48.67 -45.43
C VAL EB 362 -58.27 -47.19 -45.75
N VAL EB 363 -59.42 -46.52 -45.70
CA VAL EB 363 -59.47 -45.06 -45.78
C VAL EB 363 -59.61 -44.51 -44.37
N PRO EB 364 -58.70 -43.67 -43.91
CA PRO EB 364 -58.84 -43.08 -42.57
C PRO EB 364 -60.11 -42.26 -42.46
N GLY EB 365 -60.76 -42.37 -41.31
CA GLY EB 365 -62.11 -41.88 -41.16
C GLY EB 365 -63.17 -42.80 -41.71
N GLY EB 366 -62.79 -43.97 -42.21
CA GLY EB 366 -63.75 -44.94 -42.70
C GLY EB 366 -64.34 -45.74 -41.56
N ASP EB 367 -65.30 -46.59 -41.92
CA ASP EB 367 -66.03 -47.38 -40.95
C ASP EB 367 -65.60 -48.84 -40.89
N LEU EB 368 -64.49 -49.19 -41.52
CA LEU EB 368 -63.96 -50.53 -41.49
C LEU EB 368 -62.72 -50.58 -40.62
N ALA EB 369 -62.23 -51.78 -40.38
CA ALA EB 369 -61.08 -51.98 -39.51
C ALA EB 369 -59.89 -52.49 -40.31
N LYS EB 370 -58.72 -52.41 -39.70
CA LYS EB 370 -57.53 -53.08 -40.24
C LYS EB 370 -57.76 -54.58 -40.22
N VAL EB 371 -57.68 -55.19 -41.39
CA VAL EB 371 -57.98 -56.60 -41.55
C VAL EB 371 -56.79 -57.26 -42.22
N MET EB 372 -56.30 -58.37 -41.65
CA MET EB 372 -55.15 -59.03 -42.22
C MET EB 372 -55.48 -59.77 -43.49
N ARG EB 373 -56.71 -60.26 -43.64
CA ARG EB 373 -57.05 -61.01 -44.84
C ARG EB 373 -58.54 -60.89 -45.14
N ALA EB 374 -58.88 -60.73 -46.42
CA ALA EB 374 -60.27 -60.57 -46.81
C ALA EB 374 -60.57 -61.41 -48.05
N VAL EB 375 -61.85 -61.60 -48.32
CA VAL EB 375 -62.34 -62.41 -49.43
C VAL EB 375 -63.41 -61.65 -50.18
N CYS EB 376 -63.33 -61.64 -51.51
CA CYS EB 376 -64.39 -61.15 -52.37
C CYS EB 376 -64.82 -62.26 -53.31
N MET EB 377 -66.09 -62.61 -53.29
CA MET EB 377 -66.60 -63.71 -54.09
C MET EB 377 -67.53 -63.15 -55.16
N ILE EB 378 -67.32 -63.58 -56.41
CA ILE EB 378 -68.20 -63.26 -57.52
C ILE EB 378 -68.79 -64.57 -57.99
N SER EB 379 -70.07 -64.79 -57.71
CA SER EB 379 -70.69 -66.10 -57.87
C SER EB 379 -71.79 -66.06 -58.89
N ASN EB 380 -72.00 -67.18 -59.55
CA ASN EB 380 -73.09 -67.34 -60.51
C ASN EB 380 -74.04 -68.40 -59.96
N SER EB 381 -75.30 -68.04 -59.79
CA SER EB 381 -76.27 -68.97 -59.26
C SER EB 381 -77.59 -68.80 -59.98
N THR EB 382 -78.43 -69.80 -59.87
CA THR EB 382 -79.76 -69.75 -60.43
C THR EB 382 -80.75 -69.08 -59.51
N ALA EB 383 -80.28 -68.47 -58.43
CA ALA EB 383 -81.14 -67.69 -57.57
C ALA EB 383 -81.58 -66.38 -58.22
N ILE EB 384 -80.89 -65.97 -59.29
CA ILE EB 384 -81.20 -64.76 -60.02
C ILE EB 384 -82.51 -64.86 -60.79
N ALA EB 385 -83.12 -66.04 -60.81
CA ALA EB 385 -84.44 -66.17 -61.41
C ALA EB 385 -85.49 -65.35 -60.68
N GLU EB 386 -85.25 -65.00 -59.41
CA GLU EB 386 -86.28 -64.23 -58.73
C GLU EB 386 -86.12 -62.73 -58.96
N VAL EB 387 -84.88 -62.26 -59.14
CA VAL EB 387 -84.69 -60.81 -59.27
C VAL EB 387 -85.15 -60.34 -60.63
N PHE EB 388 -85.29 -61.25 -61.60
CA PHE EB 388 -85.84 -60.89 -62.90
C PHE EB 388 -87.34 -61.15 -62.93
N SER EB 389 -87.81 -62.18 -62.25
CA SER EB 389 -89.25 -62.39 -62.12
C SER EB 389 -89.91 -61.31 -61.30
N ARG EB 390 -89.15 -60.71 -60.37
CA ARG EB 390 -89.71 -59.67 -59.52
C ARG EB 390 -90.00 -58.41 -60.30
N MET EB 391 -89.08 -58.02 -61.18
CA MET EB 391 -89.33 -56.86 -62.02
C MET EB 391 -90.37 -57.17 -63.06
N ASP EB 392 -90.50 -58.44 -63.43
CA ASP EB 392 -91.38 -58.83 -64.51
C ASP EB 392 -92.83 -58.59 -64.12
N HIS EB 393 -93.16 -58.84 -62.86
CA HIS EB 393 -94.53 -58.63 -62.42
C HIS EB 393 -94.80 -57.15 -62.18
N LYS EB 394 -93.81 -56.41 -61.68
CA LYS EB 394 -93.98 -54.98 -61.47
C LYS EB 394 -94.17 -54.26 -62.79
N PHE EB 395 -93.41 -54.65 -63.81
CA PHE EB 395 -93.58 -54.08 -65.13
C PHE EB 395 -94.94 -54.45 -65.71
N ASP EB 396 -95.42 -55.66 -65.42
CA ASP EB 396 -96.70 -56.07 -65.95
C ASP EB 396 -97.86 -55.38 -65.24
N LEU EB 397 -97.67 -55.00 -63.97
CA LEU EB 397 -98.70 -54.24 -63.28
C LEU EB 397 -98.85 -52.84 -63.86
N MET EB 398 -97.72 -52.15 -64.06
CA MET EB 398 -97.79 -50.77 -64.49
C MET EB 398 -98.19 -50.65 -65.96
N TYR EB 399 -97.63 -51.51 -66.80
CA TYR EB 399 -97.94 -51.50 -68.22
C TYR EB 399 -99.30 -52.10 -68.54
N ALA EB 400 -100.08 -52.49 -67.53
CA ALA EB 400 -101.37 -53.11 -67.79
C ALA EB 400 -102.32 -52.14 -68.46
N LYS EB 401 -102.36 -50.91 -67.99
CA LYS EB 401 -103.15 -49.88 -68.66
C LYS EB 401 -102.33 -48.61 -68.86
N ARG EB 402 -101.07 -48.79 -69.24
CA ARG EB 402 -100.26 -47.78 -69.94
C ARG EB 402 -100.06 -46.52 -69.11
N ALA EB 403 -99.44 -46.71 -67.95
CA ALA EB 403 -99.10 -45.59 -67.09
C ALA EB 403 -97.64 -45.21 -67.34
N PHE EB 404 -97.37 -43.91 -67.30
CA PHE EB 404 -96.05 -43.32 -67.53
C PHE EB 404 -95.48 -43.64 -68.90
N VAL EB 405 -96.30 -44.04 -69.86
CA VAL EB 405 -95.78 -44.41 -71.17
C VAL EB 405 -95.61 -43.20 -72.07
N HIS EB 406 -96.36 -42.12 -71.82
CA HIS EB 406 -96.34 -41.03 -72.78
C HIS EB 406 -95.09 -40.16 -72.69
N TRP EB 407 -94.31 -40.26 -71.61
CA TRP EB 407 -93.01 -39.61 -71.64
C TRP EB 407 -91.95 -40.40 -72.37
N TYR EB 408 -92.20 -41.65 -72.65
CA TYR EB 408 -91.25 -42.40 -73.44
C TYR EB 408 -91.65 -42.40 -74.90
N VAL EB 409 -92.95 -42.53 -75.16
CA VAL EB 409 -93.45 -42.52 -76.53
C VAL EB 409 -93.24 -41.15 -77.16
N GLY EB 410 -93.57 -40.10 -76.44
CA GLY EB 410 -93.45 -38.78 -77.00
C GLY EB 410 -92.03 -38.26 -77.10
N GLU EB 411 -91.07 -38.95 -76.51
CA GLU EB 411 -89.68 -38.52 -76.56
C GLU EB 411 -88.79 -39.46 -77.36
N GLY EB 412 -89.35 -40.09 -78.39
CA GLY EB 412 -88.50 -40.71 -79.38
C GLY EB 412 -88.76 -42.17 -79.68
N MET EB 413 -89.08 -42.96 -78.68
CA MET EB 413 -89.16 -44.40 -78.88
C MET EB 413 -90.60 -44.82 -79.16
N GLU EB 414 -90.74 -45.88 -79.95
CA GLU EB 414 -92.03 -46.35 -80.39
C GLU EB 414 -92.54 -47.40 -79.42
N GLU EB 415 -93.82 -47.31 -79.09
CA GLU EB 415 -94.42 -48.24 -78.14
C GLU EB 415 -94.50 -49.63 -78.77
N GLY EB 416 -93.74 -50.56 -78.22
CA GLY EB 416 -93.49 -51.82 -78.88
C GLY EB 416 -92.07 -52.22 -78.58
N GLU EB 417 -91.24 -51.21 -78.28
CA GLU EB 417 -89.95 -51.48 -77.70
C GLU EB 417 -90.08 -51.89 -76.24
N PHE EB 418 -91.18 -51.51 -75.59
CA PHE EB 418 -91.50 -52.11 -74.30
C PHE EB 418 -91.85 -53.58 -74.45
N SER EB 419 -92.65 -53.92 -75.47
CA SER EB 419 -93.05 -55.31 -75.66
C SER EB 419 -91.90 -56.15 -76.17
N GLU EB 420 -91.00 -55.55 -76.95
CA GLU EB 420 -89.78 -56.25 -77.33
C GLU EB 420 -88.89 -56.51 -76.13
N ALA EB 421 -88.80 -55.55 -75.20
CA ALA EB 421 -87.98 -55.73 -74.02
C ALA EB 421 -88.56 -56.77 -73.08
N ARG EB 422 -89.87 -56.80 -72.94
CA ARG EB 422 -90.51 -57.77 -72.05
C ARG EB 422 -90.38 -59.19 -72.57
N GLU EB 423 -90.57 -59.41 -73.87
CA GLU EB 423 -90.40 -60.76 -74.41
C GLU EB 423 -88.94 -61.18 -74.39
N ASP EB 424 -88.04 -60.20 -74.35
CA ASP EB 424 -86.62 -60.52 -74.21
C ASP EB 424 -86.25 -60.84 -72.78
N LEU EB 425 -86.91 -60.20 -71.81
CA LEU EB 425 -86.68 -60.54 -70.40
C LEU EB 425 -87.39 -61.82 -70.02
N ALA EB 426 -88.53 -62.11 -70.64
CA ALA EB 426 -89.18 -63.40 -70.40
C ALA EB 426 -88.42 -64.53 -71.07
N ALA EB 427 -87.67 -64.24 -72.12
CA ALA EB 427 -86.79 -65.26 -72.71
C ALA EB 427 -85.66 -65.62 -71.77
N LEU EB 428 -85.16 -64.65 -71.01
CA LEU EB 428 -84.12 -64.92 -70.04
C LEU EB 428 -84.63 -65.76 -68.89
N GLU EB 429 -85.91 -65.59 -68.55
CA GLU EB 429 -86.49 -66.33 -67.44
C GLU EB 429 -86.59 -67.82 -67.75
N LYS EB 430 -86.96 -68.16 -68.97
CA LYS EB 430 -86.96 -69.56 -69.37
C LYS EB 430 -85.55 -70.09 -69.49
N ASP EB 431 -84.58 -69.22 -69.80
CA ASP EB 431 -83.19 -69.65 -69.90
C ASP EB 431 -82.64 -70.07 -68.55
N TYR EB 432 -82.86 -69.24 -67.51
CA TYR EB 432 -82.42 -69.61 -66.17
C TYR EB 432 -83.21 -70.78 -65.61
N GLU EB 433 -84.42 -71.03 -66.12
CA GLU EB 433 -85.17 -72.20 -65.68
C GLU EB 433 -84.60 -73.48 -66.29
N GLU EB 434 -84.25 -73.45 -67.57
CA GLU EB 434 -83.87 -74.68 -68.24
C GLU EB 434 -82.43 -75.09 -67.95
N VAL EB 435 -81.59 -74.16 -67.52
CA VAL EB 435 -80.20 -74.52 -67.25
C VAL EB 435 -80.09 -75.37 -66.00
N GLY EB 436 -80.83 -75.03 -64.96
CA GLY EB 436 -80.64 -75.72 -63.70
C GLY EB 436 -81.23 -77.10 -63.58
N ILE EB 437 -82.05 -77.52 -64.53
CA ILE EB 437 -82.79 -78.76 -64.36
C ILE EB 437 -81.92 -79.98 -64.57
N MET FB 1 -76.71 -22.27 -68.22
CA MET FB 1 -77.03 -23.56 -67.62
C MET FB 1 -78.54 -23.80 -67.61
N ARG FB 2 -79.11 -24.02 -66.43
CA ARG FB 2 -80.54 -24.19 -66.24
C ARG FB 2 -81.12 -22.92 -65.63
N GLU FB 3 -82.16 -22.38 -66.26
CA GLU FB 3 -82.71 -21.09 -65.85
C GLU FB 3 -84.23 -21.17 -65.71
N ILE FB 4 -84.74 -20.56 -64.64
CA ILE FB 4 -86.17 -20.48 -64.40
C ILE FB 4 -86.55 -19.02 -64.42
N VAL FB 5 -87.53 -18.66 -65.25
CA VAL FB 5 -87.99 -17.30 -65.41
C VAL FB 5 -89.31 -17.15 -64.66
N HIS FB 6 -89.33 -16.33 -63.64
CA HIS FB 6 -90.51 -16.08 -62.84
C HIS FB 6 -91.38 -15.04 -63.51
N VAL FB 7 -92.66 -15.33 -63.64
CA VAL FB 7 -93.65 -14.35 -64.09
C VAL FB 7 -94.84 -14.45 -63.17
N GLN FB 8 -95.17 -13.35 -62.50
CA GLN FB 8 -96.20 -13.37 -61.47
C GLN FB 8 -97.33 -12.42 -61.85
N GLY FB 9 -98.56 -12.92 -61.77
CA GLY FB 9 -99.72 -12.18 -62.21
C GLY FB 9 -100.72 -11.97 -61.09
N GLY FB 10 -101.38 -10.82 -61.10
CA GLY FB 10 -102.44 -10.54 -60.16
C GLY FB 10 -101.95 -9.91 -58.88
N GLN FB 11 -102.90 -9.40 -58.11
CA GLN FB 11 -102.59 -8.91 -56.78
C GLN FB 11 -102.13 -10.04 -55.88
N CYS FB 12 -102.79 -11.20 -55.98
CA CYS FB 12 -102.40 -12.34 -55.17
C CYS FB 12 -101.01 -12.84 -55.55
N GLY FB 13 -100.71 -12.85 -56.85
CA GLY FB 13 -99.40 -13.30 -57.29
C GLY FB 13 -98.30 -12.37 -56.86
N ASN FB 14 -98.55 -11.06 -56.87
CA ASN FB 14 -97.52 -10.11 -56.49
C ASN FB 14 -97.26 -10.13 -55.00
N GLN FB 15 -98.29 -10.44 -54.20
CA GLN FB 15 -98.05 -10.60 -52.78
C GLN FB 15 -97.39 -11.93 -52.48
N ILE FB 16 -97.74 -12.99 -53.20
CA ILE FB 16 -97.15 -14.30 -52.99
C ILE FB 16 -95.84 -14.44 -53.73
N GLY FB 17 -95.49 -13.49 -54.58
CA GLY FB 17 -94.22 -13.52 -55.27
C GLY FB 17 -93.19 -12.61 -54.66
N ALA FB 18 -93.62 -11.50 -54.08
CA ALA FB 18 -92.69 -10.61 -53.40
C ALA FB 18 -92.08 -11.29 -52.19
N LYS FB 19 -92.87 -12.07 -51.47
CA LYS FB 19 -92.34 -12.79 -50.33
C LYS FB 19 -91.47 -13.96 -50.77
N PHE FB 20 -91.74 -14.52 -51.95
CA PHE FB 20 -90.90 -15.60 -52.47
C PHE FB 20 -89.50 -15.10 -52.78
N TRP FB 21 -89.38 -13.88 -53.30
CA TRP FB 21 -88.07 -13.35 -53.59
C TRP FB 21 -87.36 -12.91 -52.32
N GLU FB 22 -88.10 -12.71 -51.24
CA GLU FB 22 -87.44 -12.45 -49.97
C GLU FB 22 -86.91 -13.74 -49.37
N VAL FB 23 -87.60 -14.86 -49.58
CA VAL FB 23 -87.15 -16.08 -48.93
C VAL FB 23 -86.06 -16.75 -49.74
N ILE FB 24 -85.97 -16.46 -51.03
CA ILE FB 24 -84.90 -17.09 -51.80
C ILE FB 24 -83.65 -16.22 -51.79
N SER FB 25 -83.78 -14.91 -51.63
CA SER FB 25 -82.60 -14.06 -51.60
C SER FB 25 -81.87 -14.20 -50.27
N ASP FB 26 -82.63 -14.33 -49.19
CA ASP FB 26 -82.02 -14.55 -47.89
C ASP FB 26 -81.36 -15.92 -47.86
N GLU FB 27 -81.96 -16.89 -48.54
CA GLU FB 27 -81.40 -18.23 -48.62
C GLU FB 27 -80.06 -18.21 -49.35
N HIS FB 28 -79.96 -17.43 -50.41
CA HIS FB 28 -78.72 -17.30 -51.15
C HIS FB 28 -77.77 -16.27 -50.58
N GLY FB 29 -78.28 -15.35 -49.75
CA GLY FB 29 -77.42 -14.36 -49.13
C GLY FB 29 -77.34 -13.03 -49.85
N ILE FB 30 -78.39 -12.63 -50.57
CA ILE FB 30 -78.39 -11.39 -51.33
C ILE FB 30 -79.11 -10.32 -50.53
N ASP FB 31 -78.40 -9.24 -50.24
CA ASP FB 31 -78.97 -8.08 -49.56
C ASP FB 31 -79.96 -7.39 -50.48
N PRO FB 32 -80.96 -6.69 -49.93
CA PRO FB 32 -81.91 -5.96 -50.79
C PRO FB 32 -81.29 -4.90 -51.67
N THR FB 33 -80.10 -4.40 -51.33
CA THR FB 33 -79.34 -3.61 -52.27
C THR FB 33 -79.03 -4.41 -53.53
N GLY FB 34 -78.66 -5.68 -53.35
CA GLY FB 34 -78.37 -6.55 -54.47
C GLY FB 34 -76.96 -7.10 -54.40
N THR FB 35 -76.36 -6.96 -53.23
CA THR FB 35 -74.96 -7.28 -53.01
C THR FB 35 -74.86 -8.54 -52.17
N TYR FB 36 -74.02 -9.48 -52.59
CA TYR FB 36 -73.83 -10.68 -51.80
C TYR FB 36 -73.06 -10.34 -50.53
N CYS FB 37 -73.43 -11.04 -49.46
CA CYS FB 37 -72.64 -11.08 -48.24
C CYS FB 37 -72.84 -12.44 -47.61
N GLY FB 38 -71.75 -13.10 -47.21
CA GLY FB 38 -71.91 -14.36 -46.53
C GLY FB 38 -70.96 -15.48 -46.88
N ASP FB 39 -69.90 -15.16 -47.64
CA ASP FB 39 -68.66 -15.93 -47.88
C ASP FB 39 -68.78 -17.45 -47.87
N SER FB 40 -69.76 -17.98 -48.59
CA SER FB 40 -69.88 -19.42 -48.81
C SER FB 40 -70.04 -19.66 -50.31
N ASP FB 41 -69.29 -20.62 -50.83
CA ASP FB 41 -69.24 -20.81 -52.28
C ASP FB 41 -70.54 -21.42 -52.78
N LEU FB 42 -71.14 -22.31 -52.00
CA LEU FB 42 -72.34 -23.04 -52.43
C LEU FB 42 -73.53 -22.14 -52.68
N GLN FB 43 -73.53 -20.92 -52.15
CA GLN FB 43 -74.61 -20.00 -52.41
C GLN FB 43 -74.56 -19.47 -53.84
N LEU FB 44 -73.37 -19.12 -54.32
CA LEU FB 44 -73.26 -18.51 -55.64
C LEU FB 44 -73.08 -19.50 -56.76
N GLU FB 45 -72.91 -20.79 -56.46
CA GLU FB 45 -72.60 -21.75 -57.50
C GLU FB 45 -73.77 -21.93 -58.44
N ARG FB 46 -74.99 -21.96 -57.91
CA ARG FB 46 -76.20 -22.02 -58.71
C ARG FB 46 -77.03 -20.80 -58.34
N ILE FB 47 -76.72 -19.68 -58.97
CA ILE FB 47 -77.48 -18.46 -58.75
C ILE FB 47 -77.92 -17.97 -60.12
N ASN FB 48 -77.40 -18.62 -61.15
CA ASN FB 48 -77.88 -18.40 -62.50
C ASN FB 48 -79.30 -18.89 -62.70
N VAL FB 49 -79.79 -19.78 -61.83
CA VAL FB 49 -81.13 -20.32 -61.93
C VAL FB 49 -82.17 -19.23 -61.70
N PHE FB 50 -81.82 -18.19 -60.97
CA PHE FB 50 -82.80 -17.18 -60.62
C PHE FB 50 -82.31 -15.75 -60.71
N TYR FB 51 -81.07 -15.50 -61.10
CA TYR FB 51 -80.54 -14.14 -61.08
C TYR FB 51 -79.72 -13.87 -62.34
N ASN FB 52 -79.60 -12.59 -62.68
CA ASN FB 52 -78.76 -12.14 -63.76
C ASN FB 52 -77.79 -11.08 -63.26
N GLU FB 53 -76.57 -11.11 -63.79
CA GLU FB 53 -75.60 -10.06 -63.48
C GLU FB 53 -76.03 -8.74 -64.10
N ALA FB 54 -75.48 -7.64 -63.58
CA ALA FB 54 -75.88 -6.33 -64.05
C ALA FB 54 -74.68 -5.42 -64.26
N THR FB 55 -73.53 -6.01 -64.62
CA THR FB 55 -72.25 -5.41 -64.99
C THR FB 55 -71.69 -4.41 -63.98
N GLY FB 56 -72.33 -4.30 -62.83
CA GLY FB 56 -71.78 -3.59 -61.71
C GLY FB 56 -71.56 -4.62 -60.64
N GLY FB 57 -71.90 -5.86 -60.97
CA GLY FB 57 -71.73 -6.97 -60.06
C GLY FB 57 -72.90 -7.27 -59.16
N ARG FB 58 -74.08 -6.73 -59.45
CA ARG FB 58 -75.23 -6.95 -58.61
C ARG FB 58 -76.19 -7.92 -59.28
N PHE FB 59 -77.05 -8.52 -58.46
CA PHE FB 59 -77.94 -9.58 -58.90
C PHE FB 59 -79.36 -9.06 -58.97
N VAL FB 60 -80.02 -9.31 -60.09
CA VAL FB 60 -81.42 -8.94 -60.25
C VAL FB 60 -82.21 -10.21 -60.52
N PRO FB 61 -83.43 -10.34 -59.99
CA PRO FB 61 -84.22 -11.54 -60.25
C PRO FB 61 -84.64 -11.61 -61.69
N ARG FB 62 -84.82 -12.83 -62.18
CA ARG FB 62 -85.39 -13.02 -63.51
C ARG FB 62 -86.91 -13.07 -63.41
N ALA FB 63 -87.47 -11.99 -62.88
CA ALA FB 63 -88.87 -11.93 -62.51
C ALA FB 63 -89.57 -10.83 -63.28
N ILE FB 64 -90.77 -11.15 -63.77
CA ILE FB 64 -91.62 -10.21 -64.47
C ILE FB 64 -92.88 -10.01 -63.65
N LEU FB 65 -93.24 -8.76 -63.40
CA LEU FB 65 -94.41 -8.42 -62.60
C LEU FB 65 -95.52 -7.98 -63.52
N MET FB 66 -96.69 -8.57 -63.36
CA MET FB 66 -97.81 -8.40 -64.28
C MET FB 66 -99.07 -8.11 -63.50
N ASP FB 67 -99.68 -6.95 -63.73
CA ASP FB 67 -100.95 -6.64 -63.12
C ASP FB 67 -101.64 -5.56 -63.94
N LEU FB 68 -102.96 -5.51 -63.86
CA LEU FB 68 -103.74 -4.53 -64.60
C LEU FB 68 -104.07 -3.28 -63.79
N GLU FB 69 -103.60 -3.16 -62.55
CA GLU FB 69 -103.82 -1.98 -61.74
C GLU FB 69 -102.47 -1.45 -61.29
N PRO FB 70 -102.31 -0.13 -61.17
CA PRO FB 70 -101.03 0.40 -60.70
C PRO FB 70 -100.79 0.26 -59.22
N GLY FB 71 -101.80 -0.07 -58.43
CA GLY FB 71 -101.66 0.03 -56.99
C GLY FB 71 -100.75 -1.03 -56.39
N THR FB 72 -100.89 -2.28 -56.82
CA THR FB 72 -100.21 -3.38 -56.14
C THR FB 72 -98.72 -3.33 -56.34
N MET FB 73 -98.28 -2.99 -57.55
CA MET FB 73 -96.85 -2.97 -57.81
C MET FB 73 -96.17 -1.74 -57.25
N ASP FB 74 -96.92 -0.68 -56.94
CA ASP FB 74 -96.34 0.41 -56.17
C ASP FB 74 -96.03 -0.04 -54.75
N SER FB 75 -96.88 -0.87 -54.17
CA SER FB 75 -96.62 -1.35 -52.81
C SER FB 75 -95.55 -2.41 -52.79
N VAL FB 76 -95.41 -3.17 -53.87
CA VAL FB 76 -94.32 -4.14 -53.97
C VAL FB 76 -92.99 -3.43 -54.07
N ARG FB 77 -92.94 -2.38 -54.88
CA ARG FB 77 -91.70 -1.63 -55.07
C ARG FB 77 -91.30 -0.88 -53.81
N ALA FB 78 -92.27 -0.29 -53.10
CA ALA FB 78 -91.95 0.56 -51.96
C ALA FB 78 -91.61 -0.23 -50.70
N GLY FB 79 -91.88 -1.52 -50.68
CA GLY FB 79 -91.61 -2.30 -49.50
C GLY FB 79 -90.17 -2.74 -49.44
N PRO FB 80 -89.87 -3.59 -48.46
CA PRO FB 80 -88.53 -4.19 -48.40
C PRO FB 80 -88.28 -5.29 -49.42
N PHE FB 81 -87.01 -5.41 -49.78
CA PHE FB 81 -86.58 -6.20 -50.93
C PHE FB 81 -87.35 -5.79 -52.19
N GLY FB 82 -87.60 -4.50 -52.31
CA GLY FB 82 -88.45 -4.01 -53.36
C GLY FB 82 -87.64 -3.31 -54.42
N GLN FB 83 -86.44 -2.90 -54.06
CA GLN FB 83 -85.54 -2.33 -55.03
C GLN FB 83 -84.78 -3.41 -55.78
N LEU FB 84 -85.04 -4.67 -55.48
CA LEU FB 84 -84.29 -5.74 -56.11
C LEU FB 84 -84.72 -5.93 -57.56
N PHE FB 85 -86.00 -5.71 -57.86
CA PHE FB 85 -86.50 -5.89 -59.22
C PHE FB 85 -86.10 -4.72 -60.10
N ARG FB 86 -85.77 -5.03 -61.35
CA ARG FB 86 -85.53 -4.00 -62.34
C ARG FB 86 -86.86 -3.35 -62.75
N PRO FB 87 -86.92 -2.02 -62.86
CA PRO FB 87 -88.20 -1.38 -63.09
C PRO FB 87 -88.75 -1.56 -64.48
N ASP FB 88 -87.92 -1.95 -65.45
CA ASP FB 88 -88.46 -2.24 -66.77
C ASP FB 88 -89.28 -3.52 -66.78
N ASN FB 89 -89.02 -4.44 -65.86
CA ASN FB 89 -89.75 -5.69 -65.81
C ASN FB 89 -91.13 -5.55 -65.20
N PHE FB 90 -91.41 -4.45 -64.53
CA PHE FB 90 -92.78 -4.12 -64.15
C PHE FB 90 -93.58 -3.87 -65.43
N VAL FB 91 -94.77 -4.47 -65.51
CA VAL FB 91 -95.69 -4.19 -66.60
C VAL FB 91 -97.01 -3.72 -65.98
N PHE FB 92 -97.16 -2.41 -65.86
CA PHE FB 92 -98.38 -1.82 -65.33
C PHE FB 92 -99.55 -2.03 -66.27
N GLY FB 93 -100.74 -1.90 -65.72
CA GLY FB 93 -101.92 -1.62 -66.51
C GLY FB 93 -102.63 -0.45 -65.84
N GLN FB 94 -103.46 0.24 -66.63
CA GLN FB 94 -104.12 1.43 -66.11
C GLN FB 94 -105.57 1.18 -65.73
N THR FB 95 -106.39 0.71 -66.66
CA THR FB 95 -107.82 0.74 -66.43
C THR FB 95 -108.31 -0.44 -65.60
N GLY FB 96 -107.66 -1.59 -65.70
CA GLY FB 96 -107.98 -2.64 -64.73
C GLY FB 96 -109.17 -3.48 -65.14
N ALA FB 97 -109.13 -4.74 -64.72
CA ALA FB 97 -110.20 -5.70 -64.99
C ALA FB 97 -111.00 -5.92 -63.73
N GLY FB 98 -112.31 -5.76 -63.83
CA GLY FB 98 -113.13 -5.76 -62.64
C GLY FB 98 -113.57 -7.13 -62.18
N ASN FB 99 -112.61 -7.93 -61.72
CA ASN FB 99 -112.86 -9.30 -61.24
C ASN FB 99 -113.60 -10.11 -62.30
N ASN FB 100 -113.23 -9.91 -63.54
CA ASN FB 100 -113.96 -10.46 -64.67
C ASN FB 100 -112.93 -11.17 -65.52
N TRP FB 101 -113.13 -12.47 -65.75
CA TRP FB 101 -112.20 -13.24 -66.54
C TRP FB 101 -112.26 -12.84 -68.00
N ALA FB 102 -113.47 -12.63 -68.53
CA ALA FB 102 -113.64 -12.42 -69.97
C ALA FB 102 -112.97 -11.14 -70.40
N LYS FB 103 -113.11 -10.07 -69.62
CA LYS FB 103 -112.40 -8.85 -69.99
C LYS FB 103 -110.95 -8.90 -69.58
N GLY FB 104 -110.57 -9.77 -68.65
CA GLY FB 104 -109.17 -9.98 -68.37
C GLY FB 104 -108.49 -10.92 -69.34
N HIS FB 105 -109.26 -11.66 -70.12
CA HIS FB 105 -108.72 -12.53 -71.16
C HIS FB 105 -108.87 -11.89 -72.53
N TYR FB 106 -110.10 -11.61 -72.91
CA TYR FB 106 -110.35 -11.22 -74.30
C TYR FB 106 -110.05 -9.76 -74.53
N THR FB 107 -110.49 -8.88 -73.64
CA THR FB 107 -110.43 -7.48 -73.98
C THR FB 107 -109.21 -6.78 -73.43
N GLU FB 108 -109.09 -6.67 -72.11
CA GLU FB 108 -108.10 -5.77 -71.55
C GLU FB 108 -106.69 -6.32 -71.61
N GLY FB 109 -106.53 -7.63 -71.47
CA GLY FB 109 -105.21 -8.22 -71.64
C GLY FB 109 -104.72 -8.18 -73.06
N ALA FB 110 -105.63 -8.07 -74.03
CA ALA FB 110 -105.23 -8.06 -75.43
C ALA FB 110 -104.48 -6.79 -75.81
N GLU FB 111 -104.68 -5.69 -75.09
CA GLU FB 111 -103.90 -4.50 -75.35
C GLU FB 111 -102.66 -4.42 -74.48
N LEU FB 112 -102.35 -5.46 -73.72
CA LEU FB 112 -101.21 -5.43 -72.84
C LEU FB 112 -100.34 -6.68 -72.90
N ILE FB 113 -100.88 -7.82 -73.35
CA ILE FB 113 -100.12 -9.06 -73.30
C ILE FB 113 -98.95 -9.01 -74.28
N ASP FB 114 -99.03 -8.15 -75.28
CA ASP FB 114 -97.90 -8.00 -76.19
C ASP FB 114 -96.71 -7.37 -75.49
N SER FB 115 -96.96 -6.48 -74.53
CA SER FB 115 -95.86 -5.82 -73.84
C SER FB 115 -95.16 -6.76 -72.89
N VAL FB 116 -95.92 -7.53 -72.12
CA VAL FB 116 -95.29 -8.41 -71.15
C VAL FB 116 -94.68 -9.61 -71.84
N LEU FB 117 -95.18 -9.98 -73.03
CA LEU FB 117 -94.52 -11.03 -73.78
C LEU FB 117 -93.23 -10.54 -74.39
N ASP FB 118 -93.13 -9.24 -74.64
CA ASP FB 118 -91.87 -8.66 -75.11
C ASP FB 118 -90.79 -8.75 -74.04
N VAL FB 119 -91.15 -8.59 -72.77
CA VAL FB 119 -90.18 -8.70 -71.71
C VAL FB 119 -89.84 -10.17 -71.44
N VAL FB 120 -90.79 -11.06 -71.69
CA VAL FB 120 -90.51 -12.48 -71.55
C VAL FB 120 -89.54 -12.95 -72.63
N ARG FB 121 -89.57 -12.31 -73.80
CA ARG FB 121 -88.57 -12.56 -74.84
C ARG FB 121 -87.17 -12.35 -74.31
N LYS FB 122 -86.93 -11.19 -73.70
CA LYS FB 122 -85.57 -10.78 -73.36
C LYS FB 122 -84.99 -11.65 -72.24
N GLU FB 123 -85.81 -12.03 -71.29
CA GLU FB 123 -85.31 -12.83 -70.17
C GLU FB 123 -85.06 -14.26 -70.60
N ALA FB 124 -85.95 -14.81 -71.42
CA ALA FB 124 -85.84 -16.20 -71.82
C ALA FB 124 -84.70 -16.42 -72.80
N GLU FB 125 -84.59 -15.58 -73.81
CA GLU FB 125 -83.70 -15.86 -74.93
C GLU FB 125 -82.24 -15.62 -74.57
N GLY FB 126 -81.98 -14.89 -73.50
CA GLY FB 126 -80.64 -14.44 -73.17
C GLY FB 126 -79.58 -15.50 -72.97
N CYS FB 127 -79.85 -16.49 -72.12
CA CYS FB 127 -78.82 -17.47 -71.79
C CYS FB 127 -78.80 -18.57 -72.84
N ASP FB 128 -78.10 -19.65 -72.53
CA ASP FB 128 -77.89 -20.74 -73.47
C ASP FB 128 -79.22 -21.40 -73.82
N CYS FB 129 -79.96 -21.83 -72.80
CA CYS FB 129 -81.08 -22.74 -72.95
C CYS FB 129 -81.88 -22.68 -71.68
N LEU FB 130 -83.18 -22.45 -71.82
CA LEU FB 130 -84.06 -22.30 -70.67
C LEU FB 130 -84.49 -23.65 -70.13
N GLN FB 131 -84.76 -23.69 -68.83
CA GLN FB 131 -85.24 -24.87 -68.15
C GLN FB 131 -86.75 -24.83 -67.96
N GLY FB 132 -87.26 -23.81 -67.30
CA GLY FB 132 -88.69 -23.70 -67.10
C GLY FB 132 -89.12 -22.28 -66.82
N PHE FB 133 -90.44 -22.12 -66.77
CA PHE FB 133 -91.08 -20.90 -66.31
C PHE FB 133 -91.76 -21.20 -64.99
N GLN FB 134 -92.10 -20.15 -64.25
CA GLN FB 134 -92.71 -20.30 -62.94
C GLN FB 134 -93.73 -19.19 -62.73
N ILE FB 135 -95.00 -19.57 -62.57
CA ILE FB 135 -96.10 -18.61 -62.49
C ILE FB 135 -96.75 -18.72 -61.12
N THR FB 136 -97.13 -17.56 -60.56
CA THR FB 136 -97.89 -17.50 -59.32
C THR FB 136 -99.10 -16.60 -59.56
N HIS FB 137 -100.29 -17.10 -59.28
CA HIS FB 137 -101.51 -16.36 -59.58
C HIS FB 137 -102.66 -16.95 -58.79
N SER FB 138 -103.80 -16.27 -58.86
CA SER FB 138 -105.03 -16.68 -58.21
C SER FB 138 -106.06 -17.03 -59.26
N LEU FB 139 -106.85 -18.08 -59.01
CA LEU FB 139 -107.88 -18.48 -59.94
C LEU FB 139 -109.27 -18.12 -59.42
N GLY FB 140 -109.38 -16.97 -58.76
CA GLY FB 140 -110.66 -16.47 -58.32
C GLY FB 140 -110.83 -15.01 -58.68
N GLY FB 141 -109.80 -14.42 -59.26
CA GLY FB 141 -109.80 -13.02 -59.63
C GLY FB 141 -109.98 -12.82 -61.12
N GLY FB 142 -109.66 -11.61 -61.57
CA GLY FB 142 -109.79 -11.26 -62.96
C GLY FB 142 -108.49 -11.28 -63.74
N THR FB 143 -107.44 -10.70 -63.17
CA THR FB 143 -106.15 -10.63 -63.86
C THR FB 143 -105.39 -11.93 -63.73
N GLY FB 144 -105.23 -12.42 -62.50
CA GLY FB 144 -104.52 -13.67 -62.28
C GLY FB 144 -105.19 -14.87 -62.92
N SER FB 145 -106.51 -14.83 -63.08
CA SER FB 145 -107.19 -15.93 -63.72
C SER FB 145 -107.36 -15.69 -65.21
N GLY FB 146 -107.61 -14.45 -65.60
CA GLY FB 146 -107.80 -14.14 -67.01
C GLY FB 146 -106.53 -14.02 -67.81
N MET FB 147 -105.70 -13.02 -67.51
CA MET FB 147 -104.53 -12.82 -68.34
C MET FB 147 -103.35 -13.63 -67.86
N GLY FB 148 -103.43 -14.19 -66.66
CA GLY FB 148 -102.44 -15.17 -66.25
C GLY FB 148 -102.54 -16.45 -67.08
N THR FB 149 -103.76 -16.85 -67.43
CA THR FB 149 -103.92 -18.01 -68.29
C THR FB 149 -103.62 -17.70 -69.75
N LEU FB 150 -103.94 -16.47 -70.19
CA LEU FB 150 -103.63 -16.11 -71.57
C LEU FB 150 -102.15 -15.93 -71.77
N LEU FB 151 -101.43 -15.56 -70.71
CA LEU FB 151 -99.98 -15.59 -70.79
C LEU FB 151 -99.49 -17.02 -70.93
N ILE FB 152 -100.12 -17.94 -70.21
CA ILE FB 152 -99.72 -19.34 -70.24
C ILE FB 152 -99.93 -19.93 -71.62
N SER FB 153 -101.04 -19.58 -72.27
CA SER FB 153 -101.34 -20.11 -73.60
C SER FB 153 -100.32 -19.65 -74.63
N LYS FB 154 -99.89 -18.40 -74.54
CA LYS FB 154 -98.88 -17.92 -75.47
C LYS FB 154 -97.49 -18.43 -75.12
N VAL FB 155 -97.14 -18.50 -73.84
CA VAL FB 155 -95.77 -18.86 -73.50
C VAL FB 155 -95.54 -20.36 -73.70
N ARG FB 156 -96.61 -21.15 -73.76
CA ARG FB 156 -96.45 -22.52 -74.23
C ARG FB 156 -96.30 -22.60 -75.74
N GLU FB 157 -97.06 -21.78 -76.48
CA GLU FB 157 -97.03 -21.87 -77.93
C GLU FB 157 -95.67 -21.48 -78.49
N GLU FB 158 -94.92 -20.66 -77.75
CA GLU FB 158 -93.59 -20.25 -78.20
C GLU FB 158 -92.50 -21.16 -77.67
N TYR FB 159 -92.69 -21.74 -76.49
CA TYR FB 159 -91.70 -22.60 -75.85
C TYR FB 159 -92.37 -23.91 -75.47
N PRO FB 160 -92.56 -24.81 -76.43
CA PRO FB 160 -93.44 -25.96 -76.19
C PRO FB 160 -92.82 -27.08 -75.38
N ASP FB 161 -91.52 -27.31 -75.50
CA ASP FB 161 -90.87 -28.40 -74.81
C ASP FB 161 -90.33 -28.03 -73.43
N ARG FB 162 -90.54 -26.80 -72.99
CA ARG FB 162 -90.05 -26.34 -71.70
C ARG FB 162 -91.14 -26.47 -70.66
N ILE FB 163 -90.76 -26.91 -69.46
CA ILE FB 163 -91.72 -27.09 -68.39
C ILE FB 163 -92.25 -25.75 -67.93
N MET FB 164 -93.44 -25.77 -67.34
CA MET FB 164 -94.13 -24.53 -67.04
C MET FB 164 -95.05 -24.80 -65.87
N GLU FB 165 -94.58 -24.54 -64.67
CA GLU FB 165 -95.30 -24.95 -63.47
C GLU FB 165 -95.90 -23.74 -62.77
N THR FB 166 -97.15 -23.86 -62.38
CA THR FB 166 -97.93 -22.74 -61.88
C THR FB 166 -98.32 -23.01 -60.43
N PHE FB 167 -98.02 -22.07 -59.56
CA PHE FB 167 -98.52 -22.08 -58.20
C PHE FB 167 -99.81 -21.29 -58.17
N SER FB 168 -100.94 -21.97 -58.04
CA SER FB 168 -102.24 -21.34 -58.16
C SER FB 168 -103.04 -21.57 -56.90
N VAL FB 169 -103.74 -20.53 -56.45
CA VAL FB 169 -104.66 -20.66 -55.33
C VAL FB 169 -106.07 -20.75 -55.87
N PHE FB 170 -106.90 -21.56 -55.24
CA PHE FB 170 -108.25 -21.82 -55.68
C PHE FB 170 -109.23 -21.02 -54.87
N PRO FB 171 -110.47 -20.91 -55.34
CA PRO FB 171 -111.55 -20.45 -54.46
C PRO FB 171 -111.71 -21.34 -53.25
N SER FB 172 -112.00 -20.73 -52.14
CA SER FB 172 -112.21 -21.44 -50.90
C SER FB 172 -113.58 -22.10 -50.88
N PRO FB 173 -113.71 -23.23 -50.21
CA PRO FB 173 -115.02 -23.89 -50.12
C PRO FB 173 -116.08 -23.12 -49.37
N LYS FB 174 -115.82 -22.78 -48.11
CA LYS FB 174 -116.93 -22.36 -47.26
C LYS FB 174 -117.23 -20.86 -47.38
N VAL FB 175 -116.21 -20.02 -47.51
CA VAL FB 175 -116.43 -18.60 -47.68
C VAL FB 175 -115.77 -18.18 -48.98
N SER FB 176 -116.21 -17.05 -49.50
CA SER FB 176 -115.75 -16.65 -50.82
C SER FB 176 -115.87 -15.14 -50.93
N ASP FB 177 -114.74 -14.45 -50.77
CA ASP FB 177 -114.69 -13.10 -51.28
C ASP FB 177 -114.56 -13.17 -52.79
N THR FB 178 -114.93 -12.07 -53.47
CA THR FB 178 -115.10 -12.00 -54.93
C THR FB 178 -116.16 -13.01 -55.39
N VAL FB 179 -117.43 -12.62 -55.14
CA VAL FB 179 -118.65 -13.38 -55.38
C VAL FB 179 -118.67 -14.20 -56.67
N VAL FB 180 -118.20 -13.64 -57.78
CA VAL FB 180 -118.12 -14.48 -58.97
C VAL FB 180 -116.75 -15.15 -59.00
N GLU FB 181 -116.56 -16.11 -58.10
CA GLU FB 181 -115.42 -17.02 -58.08
C GLU FB 181 -115.60 -18.26 -58.95
N PRO FB 182 -116.71 -19.01 -58.90
CA PRO FB 182 -116.74 -20.26 -59.68
C PRO FB 182 -116.76 -20.06 -61.18
N TYR FB 183 -117.15 -18.89 -61.68
CA TYR FB 183 -117.03 -18.64 -63.10
C TYR FB 183 -115.57 -18.53 -63.50
N ASN FB 184 -114.79 -17.79 -62.72
CA ASN FB 184 -113.39 -17.60 -63.05
C ASN FB 184 -112.61 -18.90 -62.92
N ALA FB 185 -112.89 -19.69 -61.89
CA ALA FB 185 -112.13 -20.90 -61.65
C ALA FB 185 -112.44 -21.97 -62.70
N THR FB 186 -113.71 -22.09 -63.09
CA THR FB 186 -114.08 -23.11 -64.08
C THR FB 186 -113.48 -22.80 -65.44
N LEU FB 187 -113.45 -21.52 -65.83
CA LEU FB 187 -112.89 -21.16 -67.11
C LEU FB 187 -111.37 -21.23 -67.09
N SER FB 188 -110.75 -20.96 -65.94
CA SER FB 188 -109.31 -20.92 -65.89
C SER FB 188 -108.69 -22.30 -65.93
N VAL FB 189 -109.27 -23.25 -65.21
CA VAL FB 189 -108.72 -24.60 -65.18
C VAL FB 189 -108.80 -25.25 -66.55
N HIS FB 190 -109.86 -24.97 -67.32
CA HIS FB 190 -109.94 -25.47 -68.68
C HIS FB 190 -108.80 -24.94 -69.54
N GLN FB 191 -108.44 -23.68 -69.35
CA GLN FB 191 -107.28 -23.13 -70.05
C GLN FB 191 -105.96 -23.58 -69.43
N LEU FB 192 -106.01 -24.20 -68.26
CA LEU FB 192 -104.82 -24.61 -67.54
C LEU FB 192 -104.68 -26.13 -67.45
N VAL FB 193 -105.71 -26.88 -67.85
CA VAL FB 193 -105.56 -28.32 -67.95
C VAL FB 193 -104.95 -28.71 -69.30
N GLU FB 194 -105.03 -27.83 -70.29
CA GLU FB 194 -104.44 -28.09 -71.60
C GLU FB 194 -103.06 -27.47 -71.77
N ASN FB 195 -102.80 -26.35 -71.12
CA ASN FB 195 -101.63 -25.54 -71.40
C ASN FB 195 -100.56 -25.58 -70.32
N ALA FB 196 -100.92 -25.68 -69.05
CA ALA FB 196 -99.91 -25.76 -68.00
C ALA FB 196 -99.29 -27.15 -67.97
N ASP FB 197 -98.20 -27.28 -67.21
CA ASP FB 197 -97.51 -28.56 -67.11
C ASP FB 197 -97.63 -29.18 -65.72
N GLU FB 198 -97.28 -28.44 -64.68
CA GLU FB 198 -97.56 -28.87 -63.31
C GLU FB 198 -98.33 -27.77 -62.61
N VAL FB 199 -99.48 -28.11 -62.03
CA VAL FB 199 -100.29 -27.14 -61.31
C VAL FB 199 -100.34 -27.59 -59.86
N GLN FB 200 -99.94 -26.70 -58.96
CA GLN FB 200 -99.80 -27.03 -57.56
C GLN FB 200 -100.84 -26.24 -56.80
N VAL FB 201 -101.81 -26.94 -56.23
CA VAL FB 201 -103.08 -26.36 -55.82
C VAL FB 201 -102.99 -25.91 -54.38
N ILE FB 202 -103.41 -24.67 -54.12
CA ILE FB 202 -103.39 -24.07 -52.80
C ILE FB 202 -104.79 -23.59 -52.49
N ASP FB 203 -105.24 -23.81 -51.26
CA ASP FB 203 -106.49 -23.26 -50.76
C ASP FB 203 -106.18 -22.36 -49.58
N ASN FB 204 -106.88 -21.24 -49.49
CA ASN FB 204 -106.67 -20.34 -48.38
C ASN FB 204 -107.15 -20.93 -47.08
N GLU FB 205 -108.22 -21.73 -47.12
CA GLU FB 205 -108.79 -22.27 -45.89
C GLU FB 205 -107.86 -23.27 -45.23
N ALA FB 206 -107.12 -24.04 -46.02
CA ALA FB 206 -106.11 -24.90 -45.45
C ALA FB 206 -104.97 -24.09 -44.86
N LEU FB 207 -104.65 -22.95 -45.48
CA LEU FB 207 -103.59 -22.11 -44.95
C LEU FB 207 -103.96 -21.51 -43.61
N TYR FB 208 -105.21 -21.09 -43.46
CA TYR FB 208 -105.68 -20.61 -42.18
C TYR FB 208 -105.71 -21.72 -41.15
N ASP FB 209 -106.08 -22.92 -41.57
CA ASP FB 209 -106.15 -24.07 -40.66
C ASP FB 209 -104.76 -24.41 -40.15
N ILE FB 210 -103.76 -24.36 -41.04
CA ILE FB 210 -102.38 -24.62 -40.62
C ILE FB 210 -101.90 -23.52 -39.68
N CYS FB 211 -102.24 -22.28 -39.99
CA CYS FB 211 -101.85 -21.16 -39.13
C CYS FB 211 -102.66 -21.06 -37.86
N PHE FB 212 -103.60 -21.98 -37.63
CA PHE FB 212 -104.40 -21.97 -36.41
C PHE FB 212 -104.20 -23.22 -35.56
N ARG FB 213 -104.20 -24.41 -36.16
CA ARG FB 213 -104.12 -25.63 -35.38
C ARG FB 213 -102.73 -26.21 -35.26
N THR FB 214 -101.77 -25.77 -36.08
CA THR FB 214 -100.39 -26.19 -35.92
C THR FB 214 -99.47 -25.05 -35.53
N LEU FB 215 -99.43 -23.97 -36.31
CA LEU FB 215 -98.54 -22.87 -35.98
C LEU FB 215 -99.04 -22.04 -34.81
N LYS FB 216 -100.33 -22.12 -34.49
CA LYS FB 216 -100.94 -21.46 -33.35
C LYS FB 216 -100.76 -19.94 -33.37
N LEU FB 217 -100.71 -19.35 -34.55
CA LEU FB 217 -100.74 -17.90 -34.64
C LEU FB 217 -102.15 -17.40 -34.36
N THR FB 218 -102.25 -16.43 -33.44
CA THR FB 218 -103.56 -15.89 -33.09
C THR FB 218 -104.14 -15.07 -34.23
N THR FB 219 -103.32 -14.21 -34.83
CA THR FB 219 -103.77 -13.32 -35.89
C THR FB 219 -102.82 -13.44 -37.08
N PRO FB 220 -103.06 -14.39 -37.98
CA PRO FB 220 -102.21 -14.50 -39.16
C PRO FB 220 -102.66 -13.52 -40.24
N THR FB 221 -101.73 -12.71 -40.73
CA THR FB 221 -101.99 -11.82 -41.83
C THR FB 221 -101.57 -12.50 -43.12
N TYR FB 222 -101.79 -11.83 -44.25
CA TYR FB 222 -101.30 -12.39 -45.50
C TYR FB 222 -99.80 -12.37 -45.62
N GLY FB 223 -99.10 -11.63 -44.77
CA GLY FB 223 -97.66 -11.78 -44.71
C GLY FB 223 -97.26 -13.15 -44.22
N ASP FB 224 -98.01 -13.68 -43.25
CA ASP FB 224 -97.65 -14.96 -42.66
C ASP FB 224 -98.11 -16.12 -43.54
N LEU FB 225 -99.28 -16.01 -44.15
CA LEU FB 225 -99.75 -17.07 -45.05
C LEU FB 225 -98.89 -17.16 -46.29
N ASN FB 226 -98.49 -16.02 -46.87
CA ASN FB 226 -97.66 -16.07 -48.05
C ASN FB 226 -96.26 -16.56 -47.74
N HIS FB 227 -95.80 -16.33 -46.51
CA HIS FB 227 -94.51 -16.87 -46.10
C HIS FB 227 -94.56 -18.38 -46.00
N LEU FB 228 -95.75 -18.93 -45.76
CA LEU FB 228 -95.90 -20.37 -45.74
C LEU FB 228 -95.82 -20.95 -47.13
N VAL FB 229 -96.41 -20.26 -48.11
CA VAL FB 229 -96.37 -20.76 -49.48
C VAL FB 229 -94.99 -20.54 -50.08
N SER FB 230 -94.31 -19.49 -49.66
CA SER FB 230 -92.98 -19.21 -50.17
C SER FB 230 -91.97 -20.25 -49.73
N ALA FB 231 -92.15 -20.82 -48.54
CA ALA FB 231 -91.26 -21.89 -48.10
C ALA FB 231 -91.47 -23.14 -48.92
N ALA FB 232 -92.71 -23.42 -49.31
CA ALA FB 232 -92.98 -24.58 -50.14
C ALA FB 232 -92.56 -24.35 -51.58
N MET FB 233 -92.57 -23.10 -52.03
CA MET FB 233 -92.06 -22.77 -53.36
C MET FB 233 -90.57 -23.06 -53.46
N SER FB 234 -89.79 -22.66 -52.46
CA SER FB 234 -88.35 -22.85 -52.53
C SER FB 234 -87.98 -24.30 -52.35
N GLY FB 235 -88.83 -25.08 -51.68
CA GLY FB 235 -88.52 -26.48 -51.46
C GLY FB 235 -88.52 -27.30 -52.73
N VAL FB 236 -89.39 -26.95 -53.68
CA VAL FB 236 -89.48 -27.73 -54.91
C VAL FB 236 -88.25 -27.53 -55.76
N THR FB 237 -87.56 -26.40 -55.61
CA THR FB 237 -86.33 -26.12 -56.35
C THR FB 237 -85.11 -26.05 -55.43
N CYS FB 238 -85.01 -26.95 -54.45
CA CYS FB 238 -83.76 -27.06 -53.69
C CYS FB 238 -82.69 -27.69 -54.55
N CYS FB 239 -83.06 -28.70 -55.33
CA CYS FB 239 -82.13 -29.41 -56.18
C CYS FB 239 -81.49 -28.53 -57.23
N LEU FB 240 -82.28 -27.67 -57.86
CA LEU FB 240 -81.75 -26.83 -58.92
C LEU FB 240 -80.74 -25.81 -58.42
N ARG FB 241 -80.69 -25.56 -57.10
CA ARG FB 241 -79.88 -24.50 -56.55
C ARG FB 241 -78.80 -24.96 -55.60
N PHE FB 242 -78.83 -26.21 -55.16
CA PHE FB 242 -77.89 -26.68 -54.17
C PHE FB 242 -77.61 -28.15 -54.41
N PRO FB 243 -76.39 -28.61 -54.13
CA PRO FB 243 -76.05 -30.00 -54.39
C PRO FB 243 -76.79 -30.96 -53.47
N GLY FB 244 -76.93 -32.19 -53.93
CA GLY FB 244 -77.63 -33.20 -53.15
C GLY FB 244 -77.14 -34.60 -53.43
N GLN FB 245 -77.49 -35.51 -52.51
CA GLN FB 245 -77.10 -36.90 -52.67
C GLN FB 245 -77.96 -37.62 -53.70
N LEU FB 246 -79.27 -37.34 -53.72
CA LEU FB 246 -80.19 -37.93 -54.68
C LEU FB 246 -80.96 -36.79 -55.32
N ASN FB 247 -80.39 -36.19 -56.37
CA ASN FB 247 -80.90 -34.96 -56.92
C ASN FB 247 -82.19 -35.17 -57.70
N SER FB 248 -82.99 -34.10 -57.76
CA SER FB 248 -84.30 -34.19 -58.41
C SER FB 248 -84.73 -32.83 -58.94
N ASP FB 249 -84.61 -32.64 -60.25
CA ASP FB 249 -85.08 -31.44 -60.92
C ASP FB 249 -86.61 -31.40 -60.94
N LEU FB 250 -87.15 -30.39 -61.60
CA LEU FB 250 -88.59 -30.31 -61.75
C LEU FB 250 -89.11 -31.27 -62.81
N ARG FB 251 -88.34 -31.50 -63.87
CA ARG FB 251 -88.73 -32.49 -64.86
C ARG FB 251 -88.57 -33.90 -64.31
N LYS FB 252 -87.57 -34.09 -63.44
CA LYS FB 252 -87.44 -35.30 -62.65
C LYS FB 252 -88.71 -35.59 -61.88
N LEU FB 253 -89.32 -34.53 -61.34
CA LEU FB 253 -90.56 -34.67 -60.59
C LEU FB 253 -91.74 -34.97 -61.50
N ALA FB 254 -91.75 -34.40 -62.70
CA ALA FB 254 -92.91 -34.49 -63.57
C ALA FB 254 -93.11 -35.90 -64.09
N VAL FB 255 -92.03 -36.57 -64.46
CA VAL FB 255 -92.13 -37.93 -64.99
C VAL FB 255 -92.68 -38.86 -63.93
N ASN FB 256 -92.23 -38.70 -62.69
CA ASN FB 256 -92.62 -39.64 -61.66
C ASN FB 256 -94.02 -39.37 -61.11
N LEU FB 257 -94.42 -38.11 -60.97
CA LEU FB 257 -95.70 -37.88 -60.32
C LEU FB 257 -96.87 -38.12 -61.25
N ILE FB 258 -96.84 -37.59 -62.47
CA ILE FB 258 -98.01 -37.58 -63.33
C ILE FB 258 -98.19 -38.91 -64.04
N PRO FB 259 -99.28 -39.61 -63.82
CA PRO FB 259 -99.50 -40.87 -64.54
C PRO FB 259 -99.98 -40.67 -65.97
N PHE FB 260 -100.95 -39.78 -66.17
CA PHE FB 260 -101.55 -39.53 -67.46
C PHE FB 260 -101.64 -38.01 -67.63
N PRO FB 261 -101.48 -37.50 -68.86
CA PRO FB 261 -101.20 -36.07 -69.03
C PRO FB 261 -102.30 -35.13 -68.58
N ARG FB 262 -103.53 -35.62 -68.46
CA ARG FB 262 -104.62 -34.74 -68.05
C ARG FB 262 -104.48 -34.29 -66.60
N LEU FB 263 -104.07 -35.21 -65.74
CA LEU FB 263 -104.16 -34.99 -64.30
C LEU FB 263 -102.77 -34.65 -63.75
N HIS FB 264 -102.55 -33.36 -63.52
CA HIS FB 264 -101.30 -32.86 -62.97
C HIS FB 264 -101.58 -31.83 -61.89
N PHE FB 265 -102.61 -32.06 -61.09
CA PHE FB 265 -102.98 -31.15 -60.02
C PHE FB 265 -102.51 -31.73 -58.70
N PHE FB 266 -101.72 -30.97 -57.97
CA PHE FB 266 -100.90 -31.49 -56.89
C PHE FB 266 -101.28 -30.86 -55.56
N LEU FB 267 -101.01 -31.58 -54.50
CA LEU FB 267 -101.14 -31.07 -53.14
C LEU FB 267 -99.75 -30.79 -52.59
N ILE FB 268 -99.64 -29.77 -51.75
CA ILE FB 268 -98.34 -29.38 -51.22
C ILE FB 268 -98.41 -29.47 -49.70
N GLY FB 269 -97.28 -29.85 -49.10
CA GLY FB 269 -97.12 -29.72 -47.67
C GLY FB 269 -95.71 -29.29 -47.34
N PHE FB 270 -95.53 -28.79 -46.12
CA PHE FB 270 -94.24 -28.42 -45.61
C PHE FB 270 -94.08 -28.98 -44.20
N ALA FB 271 -92.86 -29.34 -43.85
CA ALA FB 271 -92.57 -29.88 -42.53
C ALA FB 271 -91.11 -29.64 -42.24
N PRO FB 272 -90.75 -29.32 -40.98
CA PRO FB 272 -91.62 -29.17 -39.83
C PRO FB 272 -92.27 -27.81 -39.72
N LEU FB 273 -93.40 -27.76 -39.03
CA LEU FB 273 -94.13 -26.52 -38.77
C LEU FB 273 -94.59 -26.61 -37.32
N THR FB 274 -93.76 -26.09 -36.41
CA THR FB 274 -94.02 -26.17 -34.99
C THR FB 274 -94.38 -24.79 -34.47
N SER FB 275 -95.17 -24.75 -33.41
CA SER FB 275 -95.49 -23.49 -32.79
C SER FB 275 -94.26 -22.90 -32.12
N ARG FB 276 -94.36 -21.63 -31.74
CA ARG FB 276 -93.24 -20.96 -31.09
C ARG FB 276 -92.95 -21.59 -29.73
N GLY FB 277 -93.98 -22.04 -29.03
CA GLY FB 277 -93.76 -22.73 -27.77
C GLY FB 277 -93.14 -24.10 -27.93
N SER FB 278 -93.60 -24.87 -28.90
CA SER FB 278 -93.23 -26.26 -29.03
C SER FB 278 -91.98 -26.48 -29.86
N GLN FB 279 -91.15 -25.46 -30.04
CA GLN FB 279 -89.88 -25.64 -30.74
C GLN FB 279 -88.93 -26.54 -29.96
N GLN FB 280 -88.83 -26.31 -28.65
CA GLN FB 280 -87.83 -27.01 -27.86
C GLN FB 280 -88.23 -28.45 -27.63
N TYR FB 281 -89.49 -28.71 -27.40
CA TYR FB 281 -89.92 -30.01 -26.94
C TYR FB 281 -89.90 -31.07 -28.02
N ARG FB 282 -89.91 -30.69 -29.29
CA ARG FB 282 -90.13 -31.64 -30.37
C ARG FB 282 -88.81 -32.13 -30.95
N ALA FB 283 -88.65 -33.44 -30.99
CA ALA FB 283 -87.48 -34.03 -31.63
C ALA FB 283 -87.59 -33.89 -33.13
N LEU FB 284 -86.46 -33.65 -33.77
CA LEU FB 284 -86.40 -33.47 -35.21
C LEU FB 284 -85.61 -34.62 -35.81
N SER FB 285 -86.27 -35.41 -36.65
CA SER FB 285 -85.61 -36.52 -37.32
C SER FB 285 -86.43 -36.88 -38.55
N VAL FB 286 -85.87 -37.74 -39.38
CA VAL FB 286 -86.61 -38.24 -40.55
C VAL FB 286 -87.91 -38.94 -40.18
N PRO FB 287 -87.97 -39.83 -39.17
CA PRO FB 287 -89.26 -40.49 -38.88
C PRO FB 287 -90.39 -39.57 -38.47
N GLU FB 288 -90.12 -38.45 -37.80
CA GLU FB 288 -91.24 -37.60 -37.43
C GLU FB 288 -91.63 -36.67 -38.55
N LEU FB 289 -90.70 -36.38 -39.46
CA LEU FB 289 -91.01 -35.53 -40.59
C LEU FB 289 -91.92 -36.25 -41.57
N THR FB 290 -91.76 -37.56 -41.70
CA THR FB 290 -92.63 -38.31 -42.59
C THR FB 290 -94.04 -38.38 -42.04
N GLN FB 291 -94.18 -38.40 -40.71
CA GLN FB 291 -95.52 -38.40 -40.12
C GLN FB 291 -96.24 -37.10 -40.40
N GLN FB 292 -95.53 -35.98 -40.34
CA GLN FB 292 -96.19 -34.70 -40.52
C GLN FB 292 -96.49 -34.39 -41.97
N MET FB 293 -95.76 -34.99 -42.91
CA MET FB 293 -96.15 -34.90 -44.31
C MET FB 293 -97.50 -35.55 -44.53
N PHE FB 294 -97.57 -36.86 -44.33
CA PHE FB 294 -98.75 -37.65 -44.65
C PHE FB 294 -99.82 -37.43 -43.58
N ASP FB 295 -100.28 -36.19 -43.50
CA ASP FB 295 -101.14 -35.79 -42.40
C ASP FB 295 -102.06 -34.70 -42.92
N ALA FB 296 -103.36 -34.94 -42.80
CA ALA FB 296 -104.33 -34.15 -43.54
C ALA FB 296 -104.39 -32.70 -43.06
N LYS FB 297 -103.99 -32.43 -41.83
CA LYS FB 297 -104.01 -31.05 -41.38
C LYS FB 297 -102.73 -30.31 -41.72
N ASN FB 298 -101.77 -30.97 -42.37
CA ASN FB 298 -100.56 -30.28 -42.80
C ASN FB 298 -100.53 -30.30 -44.32
N MET FB 299 -101.66 -30.01 -44.93
CA MET FB 299 -101.76 -29.88 -46.37
C MET FB 299 -102.24 -28.48 -46.70
N MET FB 300 -101.76 -27.95 -47.81
CA MET FB 300 -102.17 -26.63 -48.26
C MET FB 300 -103.40 -26.70 -49.12
N CYS FB 301 -104.11 -27.82 -49.10
CA CYS FB 301 -105.37 -28.01 -49.80
C CYS FB 301 -106.44 -28.40 -48.80
N ALA FB 302 -107.63 -27.82 -48.95
CA ALA FB 302 -108.75 -28.22 -48.10
C ALA FB 302 -109.56 -29.34 -48.73
N SER FB 303 -108.87 -30.38 -49.20
CA SER FB 303 -109.49 -31.58 -49.71
C SER FB 303 -108.79 -32.75 -49.05
N ASP FB 304 -109.54 -33.54 -48.32
CA ASP FB 304 -108.95 -34.50 -47.41
C ASP FB 304 -108.32 -35.64 -48.19
N PRO FB 305 -107.00 -35.84 -48.09
CA PRO FB 305 -106.35 -36.85 -48.93
C PRO FB 305 -106.69 -38.28 -48.57
N ARG FB 306 -107.25 -38.52 -47.39
CA ARG FB 306 -107.63 -39.87 -47.02
C ARG FB 306 -108.98 -40.27 -47.59
N HIS FB 307 -109.69 -39.36 -48.24
CA HIS FB 307 -110.93 -39.73 -48.90
C HIS FB 307 -110.70 -40.46 -50.21
N GLY FB 308 -109.47 -40.54 -50.67
CA GLY FB 308 -109.16 -41.23 -51.91
C GLY FB 308 -107.87 -42.01 -51.89
N ARG FB 309 -107.13 -41.94 -52.98
CA ARG FB 309 -105.92 -42.72 -53.18
C ARG FB 309 -104.81 -41.79 -53.68
N TYR FB 310 -103.69 -41.76 -52.97
CA TYR FB 310 -102.47 -41.21 -53.54
C TYR FB 310 -102.05 -42.06 -54.73
N LEU FB 311 -102.15 -41.49 -55.93
CA LEU FB 311 -101.65 -42.18 -57.11
C LEU FB 311 -100.15 -42.35 -57.02
N THR FB 312 -99.43 -41.23 -57.04
CA THR FB 312 -98.01 -41.19 -56.77
C THR FB 312 -97.75 -39.94 -55.93
N ALA FB 313 -96.71 -39.99 -55.10
CA ALA FB 313 -96.38 -38.85 -54.30
C ALA FB 313 -94.88 -38.76 -54.15
N SER FB 314 -94.39 -37.54 -53.95
CA SER FB 314 -92.96 -37.28 -53.85
C SER FB 314 -92.66 -36.50 -52.59
N ALA FB 315 -91.45 -36.64 -52.08
CA ALA FB 315 -91.04 -35.98 -50.86
C ALA FB 315 -89.62 -35.48 -51.05
N MET FB 316 -89.46 -34.17 -51.21
CA MET FB 316 -88.16 -33.54 -51.36
C MET FB 316 -87.67 -33.07 -50.00
N PHE FB 317 -86.69 -33.77 -49.47
CA PHE FB 317 -86.13 -33.48 -48.17
C PHE FB 317 -84.98 -32.49 -48.29
N ARG FB 318 -84.62 -31.87 -47.16
CA ARG FB 318 -83.54 -30.91 -47.12
C ARG FB 318 -82.79 -31.05 -45.81
N GLY FB 319 -81.51 -31.32 -45.87
CA GLY FB 319 -80.67 -31.29 -44.70
C GLY FB 319 -79.66 -32.40 -44.74
N ARG FB 320 -78.86 -32.48 -43.68
CA ARG FB 320 -77.90 -33.55 -43.51
C ARG FB 320 -78.60 -34.70 -42.79
N MET FB 321 -78.72 -35.83 -43.47
CA MET FB 321 -79.47 -36.94 -42.90
C MET FB 321 -79.03 -38.22 -43.59
N SER FB 322 -79.70 -39.31 -43.24
CA SER FB 322 -79.35 -40.62 -43.72
C SER FB 322 -80.40 -41.11 -44.69
N THR FB 323 -79.95 -41.84 -45.70
CA THR FB 323 -80.83 -42.24 -46.77
C THR FB 323 -81.62 -43.49 -46.44
N LYS FB 324 -81.12 -44.38 -45.60
CA LYS FB 324 -81.94 -45.51 -45.22
C LYS FB 324 -83.12 -45.06 -44.37
N GLU FB 325 -82.91 -44.08 -43.50
CA GLU FB 325 -84.05 -43.46 -42.83
C GLU FB 325 -84.99 -42.84 -43.83
N VAL FB 326 -84.45 -42.24 -44.89
CA VAL FB 326 -85.31 -41.82 -45.98
C VAL FB 326 -85.92 -43.02 -46.67
N ASP FB 327 -85.12 -44.08 -46.84
CA ASP FB 327 -85.58 -45.24 -47.60
C ASP FB 327 -86.65 -46.01 -46.84
N GLU FB 328 -86.40 -46.25 -45.55
CA GLU FB 328 -87.25 -47.11 -44.76
C GLU FB 328 -88.56 -46.43 -44.39
N GLN FB 329 -88.56 -45.10 -44.27
CA GLN FB 329 -89.78 -44.42 -43.88
C GLN FB 329 -90.84 -44.47 -44.99
N MET FB 330 -90.45 -44.22 -46.24
CA MET FB 330 -91.45 -44.32 -47.31
C MET FB 330 -91.76 -45.75 -47.71
N LEU FB 331 -90.97 -46.72 -47.28
CA LEU FB 331 -91.47 -48.09 -47.31
C LEU FB 331 -92.54 -48.29 -46.26
N ASN FB 332 -92.36 -47.68 -45.08
CA ASN FB 332 -93.29 -47.88 -43.98
C ASN FB 332 -94.63 -47.24 -44.25
N VAL FB 333 -94.65 -46.09 -44.90
CA VAL FB 333 -95.90 -45.37 -45.12
C VAL FB 333 -96.81 -46.15 -46.05
N GLN FB 334 -96.23 -46.74 -47.08
CA GLN FB 334 -97.03 -47.58 -47.98
C GLN FB 334 -97.52 -48.83 -47.28
N ASN FB 335 -96.69 -49.41 -46.41
CA ASN FB 335 -97.08 -50.64 -45.76
C ASN FB 335 -98.08 -50.40 -44.65
N LYS FB 336 -97.94 -49.30 -43.92
CA LYS FB 336 -98.84 -49.05 -42.79
C LYS FB 336 -100.19 -48.51 -43.28
N ASN FB 337 -100.19 -47.38 -43.98
CA ASN FB 337 -101.40 -46.84 -44.57
C ASN FB 337 -101.58 -47.46 -45.95
N SER FB 338 -102.05 -48.70 -45.96
CA SER FB 338 -102.09 -49.46 -47.20
C SER FB 338 -103.30 -49.12 -48.07
N SER FB 339 -104.35 -48.55 -47.53
CA SER FB 339 -105.56 -48.33 -48.30
C SER FB 339 -105.63 -46.96 -48.95
N TYR FB 340 -104.68 -46.09 -48.68
CA TYR FB 340 -104.65 -44.77 -49.31
C TYR FB 340 -103.76 -44.74 -50.53
N PHE FB 341 -103.23 -45.87 -50.96
CA PHE FB 341 -102.30 -45.94 -52.07
C PHE FB 341 -102.81 -46.86 -53.15
N VAL FB 342 -102.70 -46.41 -54.40
CA VAL FB 342 -103.21 -47.18 -55.53
C VAL FB 342 -102.34 -48.41 -55.72
N GLU FB 343 -102.92 -49.49 -56.23
CA GLU FB 343 -102.29 -50.79 -56.18
C GLU FB 343 -101.67 -51.24 -57.49
N TRP FB 344 -101.95 -50.58 -58.60
CA TRP FB 344 -101.27 -50.97 -59.83
C TRP FB 344 -100.00 -50.17 -60.05
N ILE FB 345 -99.58 -49.39 -59.07
CA ILE FB 345 -98.29 -48.72 -59.08
C ILE FB 345 -97.53 -49.21 -57.84
N PRO FB 346 -96.61 -50.14 -58.00
CA PRO FB 346 -95.80 -50.54 -56.86
C PRO FB 346 -94.79 -49.46 -56.50
N ASN FB 347 -94.66 -49.24 -55.20
CA ASN FB 347 -93.82 -48.18 -54.63
C ASN FB 347 -94.21 -46.82 -55.20
N ASN FB 348 -95.39 -46.37 -54.79
CA ASN FB 348 -95.98 -45.11 -55.21
C ASN FB 348 -95.22 -43.87 -54.78
N MET FB 349 -94.11 -44.01 -54.05
CA MET FB 349 -93.47 -42.85 -53.43
C MET FB 349 -92.12 -42.60 -54.07
N LYS FB 350 -91.79 -41.34 -54.29
CA LYS FB 350 -90.48 -40.90 -54.74
C LYS FB 350 -89.80 -40.09 -53.64
N SER FB 351 -88.50 -40.27 -53.45
CA SER FB 351 -87.76 -39.49 -52.49
C SER FB 351 -86.66 -38.71 -53.18
N SER FB 352 -86.25 -37.61 -52.53
CA SER FB 352 -85.14 -36.80 -53.00
C SER FB 352 -84.41 -36.24 -51.78
N VAL FB 353 -83.12 -36.01 -51.94
CA VAL FB 353 -82.26 -35.54 -50.85
C VAL FB 353 -81.55 -34.28 -51.31
N CYS FB 354 -81.64 -33.22 -50.50
CA CYS FB 354 -80.96 -31.96 -50.76
C CYS FB 354 -80.14 -31.62 -49.53
N ASP FB 355 -78.88 -31.28 -49.72
CA ASP FB 355 -77.96 -31.21 -48.60
C ASP FB 355 -78.06 -29.90 -47.82
N ILE FB 356 -78.69 -28.88 -48.39
CA ILE FB 356 -78.71 -27.55 -47.79
C ILE FB 356 -80.12 -27.28 -47.28
N PRO FB 357 -80.33 -27.12 -45.98
CA PRO FB 357 -81.66 -26.97 -45.46
C PRO FB 357 -82.12 -25.54 -45.56
N PRO FB 358 -83.37 -25.24 -45.26
CA PRO FB 358 -83.75 -23.84 -45.01
C PRO FB 358 -83.07 -23.35 -43.75
N LYS FB 359 -82.90 -22.04 -43.70
CA LYS FB 359 -82.04 -21.42 -42.70
C LYS FB 359 -82.64 -21.59 -41.31
N GLY FB 360 -81.81 -22.06 -40.37
CA GLY FB 360 -82.19 -22.21 -38.99
C GLY FB 360 -82.79 -23.56 -38.64
N LEU FB 361 -83.24 -24.34 -39.63
CA LEU FB 361 -83.82 -25.64 -39.38
C LEU FB 361 -82.82 -26.70 -39.82
N LYS FB 362 -82.59 -27.68 -38.95
CA LYS FB 362 -81.58 -28.68 -39.23
C LYS FB 362 -82.05 -29.65 -40.30
N MET FB 363 -83.36 -29.82 -40.44
CA MET FB 363 -83.91 -30.83 -41.33
C MET FB 363 -85.31 -30.39 -41.72
N SER FB 364 -85.62 -30.41 -43.02
CA SER FB 364 -86.95 -30.01 -43.45
C SER FB 364 -87.33 -30.74 -44.72
N VAL FB 365 -88.64 -30.87 -44.95
CA VAL FB 365 -89.17 -31.63 -46.07
C VAL FB 365 -90.22 -30.79 -46.76
N THR FB 366 -90.31 -30.89 -48.07
CA THR FB 366 -91.52 -30.49 -48.79
C THR FB 366 -92.11 -31.71 -49.47
N PHE FB 367 -93.43 -31.71 -49.62
CA PHE FB 367 -94.16 -32.87 -50.09
C PHE FB 367 -95.07 -32.45 -51.22
N VAL FB 368 -95.00 -33.17 -52.34
CA VAL FB 368 -95.90 -32.96 -53.45
C VAL FB 368 -96.57 -34.29 -53.78
N GLY FB 369 -97.88 -34.36 -53.61
CA GLY FB 369 -98.58 -35.61 -53.82
C GLY FB 369 -99.71 -35.52 -54.81
N ASN FB 370 -99.79 -36.49 -55.72
CA ASN FB 370 -100.85 -36.56 -56.71
C ASN FB 370 -101.91 -37.51 -56.20
N SER FB 371 -103.08 -36.96 -55.87
CA SER FB 371 -104.13 -37.71 -55.23
C SER FB 371 -105.39 -37.67 -56.07
N THR FB 372 -106.26 -38.64 -55.86
CA THR FB 372 -107.59 -38.60 -56.42
C THR FB 372 -108.61 -38.11 -55.43
N ALA FB 373 -108.16 -37.55 -54.32
CA ALA FB 373 -109.02 -36.80 -53.43
C ALA FB 373 -109.12 -35.35 -53.83
N ILE FB 374 -108.45 -34.95 -54.91
CA ILE FB 374 -108.56 -33.58 -55.41
C ILE FB 374 -109.80 -33.42 -56.28
N GLN FB 375 -110.55 -34.49 -56.50
CA GLN FB 375 -111.86 -34.36 -57.09
C GLN FB 375 -112.86 -33.68 -56.18
N GLU FB 376 -112.53 -33.52 -54.89
CA GLU FB 376 -113.44 -32.86 -53.97
C GLU FB 376 -113.64 -31.40 -54.35
N MET FB 377 -112.56 -30.70 -54.69
CA MET FB 377 -112.72 -29.31 -55.02
C MET FB 377 -113.32 -29.14 -56.40
N PHE FB 378 -113.02 -30.06 -57.30
CA PHE FB 378 -113.54 -29.94 -58.66
C PHE FB 378 -115.02 -30.19 -58.69
N LYS FB 379 -115.56 -30.92 -57.71
CA LYS FB 379 -117.01 -31.06 -57.64
C LYS FB 379 -117.66 -29.86 -57.00
N ARG FB 380 -117.07 -29.30 -55.93
CA ARG FB 380 -117.74 -28.18 -55.26
C ARG FB 380 -117.67 -26.92 -56.11
N VAL FB 381 -116.62 -26.76 -56.91
CA VAL FB 381 -116.59 -25.63 -57.84
C VAL FB 381 -117.54 -25.89 -58.99
N SER FB 382 -117.61 -27.13 -59.48
CA SER FB 382 -118.54 -27.42 -60.56
C SER FB 382 -119.98 -27.30 -60.09
N ASP FB 383 -120.26 -27.67 -58.85
CA ASP FB 383 -121.61 -27.53 -58.34
C ASP FB 383 -121.99 -26.07 -58.12
N GLN FB 384 -121.07 -25.26 -57.59
CA GLN FB 384 -121.33 -23.84 -57.46
C GLN FB 384 -121.48 -23.17 -58.82
N PHE FB 385 -120.67 -23.58 -59.79
CA PHE FB 385 -120.75 -22.98 -61.11
C PHE FB 385 -121.99 -23.44 -61.86
N THR FB 386 -122.35 -24.72 -61.77
CA THR FB 386 -123.54 -25.17 -62.48
C THR FB 386 -124.83 -24.75 -61.78
N ALA FB 387 -124.75 -24.28 -60.54
CA ALA FB 387 -125.92 -23.67 -59.92
C ALA FB 387 -126.17 -22.29 -60.49
N MET FB 388 -125.12 -21.49 -60.65
CA MET FB 388 -125.30 -20.14 -61.16
C MET FB 388 -125.60 -20.13 -62.64
N PHE FB 389 -124.96 -21.00 -63.40
CA PHE FB 389 -125.05 -20.95 -64.85
C PHE FB 389 -126.38 -21.45 -65.39
N ARG FB 390 -127.13 -22.22 -64.61
CA ARG FB 390 -128.45 -22.66 -65.05
C ARG FB 390 -129.39 -21.47 -65.23
N ARG FB 391 -129.40 -20.56 -64.27
CA ARG FB 391 -130.25 -19.39 -64.31
C ARG FB 391 -129.54 -18.18 -64.89
N LYS FB 392 -128.32 -18.36 -65.39
CA LYS FB 392 -127.56 -17.32 -66.08
C LYS FB 392 -127.34 -16.10 -65.20
N ALA FB 393 -126.86 -16.35 -63.99
CA ALA FB 393 -126.51 -15.27 -63.09
C ALA FB 393 -125.16 -14.71 -63.48
N PHE FB 394 -125.07 -13.38 -63.51
CA PHE FB 394 -123.85 -12.63 -63.76
C PHE FB 394 -123.23 -12.93 -65.11
N LEU FB 395 -124.02 -13.41 -66.07
CA LEU FB 395 -123.44 -13.82 -67.33
C LEU FB 395 -123.28 -12.67 -68.29
N HIS FB 396 -124.11 -11.63 -68.16
CA HIS FB 396 -123.99 -10.47 -69.03
C HIS FB 396 -122.72 -9.71 -68.77
N TRP FB 397 -122.15 -9.82 -67.57
CA TRP FB 397 -120.88 -9.20 -67.25
C TRP FB 397 -119.73 -9.83 -68.02
N TYR FB 398 -119.92 -10.98 -68.66
CA TYR FB 398 -118.90 -11.64 -69.47
C TYR FB 398 -119.27 -11.72 -70.93
N THR FB 399 -120.52 -12.06 -71.25
CA THR FB 399 -120.96 -12.16 -72.62
C THR FB 399 -120.92 -10.80 -73.32
N GLY FB 400 -121.06 -9.72 -72.55
CA GLY FB 400 -121.06 -8.39 -73.13
C GLY FB 400 -119.74 -8.03 -73.77
N GLU FB 401 -118.63 -8.50 -73.22
CA GLU FB 401 -117.34 -8.19 -73.81
C GLU FB 401 -116.74 -9.33 -74.61
N GLY FB 402 -117.53 -10.33 -74.98
CA GLY FB 402 -117.11 -11.16 -76.09
C GLY FB 402 -116.87 -12.63 -75.85
N MET FB 403 -117.60 -13.24 -74.93
CA MET FB 403 -117.55 -14.68 -74.79
C MET FB 403 -118.82 -15.31 -75.34
N ASP FB 404 -118.65 -16.36 -76.13
CA ASP FB 404 -119.77 -17.09 -76.67
C ASP FB 404 -120.46 -17.86 -75.54
N GLU FB 405 -121.72 -18.22 -75.77
CA GLU FB 405 -122.45 -19.01 -74.80
C GLU FB 405 -121.85 -20.39 -74.64
N MET FB 406 -121.29 -20.96 -75.72
CA MET FB 406 -120.75 -22.31 -75.67
C MET FB 406 -119.41 -22.40 -74.97
N GLU FB 407 -118.74 -21.27 -74.72
CA GLU FB 407 -117.45 -21.33 -74.07
C GLU FB 407 -117.58 -21.70 -72.60
N PHE FB 408 -118.71 -21.36 -71.98
CA PHE FB 408 -118.93 -21.82 -70.62
C PHE FB 408 -119.29 -23.29 -70.56
N THR FB 409 -120.02 -23.80 -71.55
CA THR FB 409 -120.37 -25.21 -71.58
C THR FB 409 -119.16 -26.07 -71.91
N GLU FB 410 -118.23 -25.53 -72.71
CA GLU FB 410 -116.98 -26.24 -72.97
C GLU FB 410 -116.14 -26.32 -71.70
N ALA FB 411 -116.18 -25.27 -70.88
CA ALA FB 411 -115.43 -25.30 -69.64
C ALA FB 411 -116.06 -26.24 -68.65
N GLU FB 412 -117.39 -26.31 -68.63
CA GLU FB 412 -118.06 -27.20 -67.69
C GLU FB 412 -117.82 -28.66 -68.05
N SER FB 413 -117.81 -28.99 -69.34
CA SER FB 413 -117.58 -30.36 -69.76
C SER FB 413 -116.16 -30.80 -69.47
N ASN FB 414 -115.18 -29.93 -69.75
CA ASN FB 414 -113.79 -30.28 -69.52
C ASN FB 414 -113.50 -30.35 -68.02
N MET FB 415 -114.22 -29.55 -67.23
CA MET FB 415 -114.03 -29.66 -65.79
C MET FB 415 -114.80 -30.83 -65.20
N ASN FB 416 -115.87 -31.28 -65.84
CA ASN FB 416 -116.63 -32.39 -65.29
C ASN FB 416 -116.07 -33.75 -65.68
N ASP FB 417 -115.58 -33.90 -66.92
CA ASP FB 417 -115.02 -35.19 -67.26
C ASP FB 417 -113.64 -35.41 -66.64
N LEU FB 418 -113.02 -34.36 -66.12
CA LEU FB 418 -111.80 -34.53 -65.36
C LEU FB 418 -112.10 -35.20 -64.03
N VAL FB 419 -113.24 -34.88 -63.42
CA VAL FB 419 -113.63 -35.56 -62.19
C VAL FB 419 -113.94 -37.02 -62.46
N SER FB 420 -114.63 -37.31 -63.56
CA SER FB 420 -114.91 -38.69 -63.91
C SER FB 420 -113.65 -39.43 -64.29
N GLU FB 421 -112.64 -38.70 -64.77
CA GLU FB 421 -111.34 -39.31 -65.02
C GLU FB 421 -110.65 -39.68 -63.70
N TYR FB 422 -110.94 -38.96 -62.63
CA TYR FB 422 -110.33 -39.31 -61.36
C TYR FB 422 -111.04 -40.49 -60.71
N GLN FB 423 -112.34 -40.65 -60.96
CA GLN FB 423 -113.06 -41.79 -60.40
C GLN FB 423 -112.60 -43.10 -61.01
N GLN FB 424 -112.16 -43.09 -62.26
CA GLN FB 424 -111.80 -44.36 -62.88
C GLN FB 424 -110.42 -44.84 -62.45
N TYR FB 425 -109.71 -44.05 -61.64
CA TYR FB 425 -108.50 -44.49 -60.98
C TYR FB 425 -108.66 -44.49 -59.47
N GLN FB 426 -109.87 -44.33 -58.96
CA GLN FB 426 -110.15 -44.26 -57.53
C GLN FB 426 -110.23 -45.65 -56.92
N MET GB 1 -3.46 -137.79 -37.77
CA MET GB 1 -3.26 -139.23 -37.86
C MET GB 1 -4.14 -139.95 -36.86
N ARG GB 2 -3.92 -139.67 -35.58
CA ARG GB 2 -4.74 -140.18 -34.50
C ARG GB 2 -5.38 -138.99 -33.80
N GLU GB 3 -6.71 -138.91 -33.84
CA GLU GB 3 -7.38 -137.73 -33.30
C GLU GB 3 -8.81 -138.08 -32.95
N VAL GB 4 -9.39 -137.26 -32.07
CA VAL GB 4 -10.81 -137.35 -31.75
C VAL GB 4 -11.44 -136.00 -32.02
N ILE GB 5 -12.76 -136.01 -32.19
CA ILE GB 5 -13.54 -134.82 -32.48
C ILE GB 5 -14.50 -134.61 -31.33
N SER GB 6 -14.48 -133.43 -30.76
CA SER GB 6 -15.36 -133.10 -29.64
C SER GB 6 -16.57 -132.35 -30.15
N ILE GB 7 -17.76 -132.78 -29.75
CA ILE GB 7 -19.00 -132.11 -30.09
C ILE GB 7 -19.65 -131.64 -28.82
N HIS GB 8 -19.97 -130.37 -28.76
CA HIS GB 8 -20.64 -129.78 -27.60
C HIS GB 8 -21.97 -129.19 -28.05
N VAL GB 9 -23.06 -129.75 -27.53
CA VAL GB 9 -24.40 -129.38 -27.92
C VAL GB 9 -25.11 -128.82 -26.72
N GLY GB 10 -25.73 -127.66 -26.87
CA GLY GB 10 -26.48 -127.05 -25.81
C GLY GB 10 -25.61 -126.19 -24.91
N GLN GB 11 -26.27 -125.53 -23.95
CA GLN GB 11 -25.56 -124.64 -23.06
C GLN GB 11 -24.67 -125.41 -22.10
N ALA GB 12 -25.17 -126.53 -21.56
CA ALA GB 12 -24.37 -127.31 -20.64
C ALA GB 12 -23.16 -127.91 -21.32
N GLY GB 13 -23.34 -128.36 -22.56
CA GLY GB 13 -22.22 -128.91 -23.31
C GLY GB 13 -21.16 -127.86 -23.62
N ILE GB 14 -21.59 -126.63 -23.87
CA ILE GB 14 -20.65 -125.56 -24.17
C ILE GB 14 -19.87 -125.17 -22.91
N GLN GB 15 -20.55 -125.05 -21.78
CA GLN GB 15 -19.88 -124.63 -20.56
C GLN GB 15 -18.96 -125.71 -20.01
N ILE GB 16 -19.37 -126.98 -20.09
CA ILE GB 16 -18.44 -128.02 -19.65
C ILE GB 16 -17.37 -128.23 -20.71
N GLY GB 17 -17.66 -127.86 -21.96
CA GLY GB 17 -16.62 -127.88 -22.97
C GLY GB 17 -15.58 -126.78 -22.76
N ASN GB 18 -15.98 -125.69 -22.12
CA ASN GB 18 -15.05 -124.59 -21.86
C ASN GB 18 -14.01 -125.00 -20.84
N ALA GB 19 -14.43 -125.67 -19.77
CA ALA GB 19 -13.48 -126.11 -18.75
C ALA GB 19 -12.62 -127.24 -19.27
N CYS GB 20 -13.16 -128.03 -20.20
CA CYS GB 20 -12.34 -129.07 -20.83
C CYS GB 20 -11.21 -128.46 -21.65
N TRP GB 21 -11.54 -127.49 -22.49
CA TRP GB 21 -10.52 -126.93 -23.37
C TRP GB 21 -9.63 -125.93 -22.66
N GLU GB 22 -10.06 -125.41 -21.50
CA GLU GB 22 -9.13 -124.68 -20.65
C GLU GB 22 -8.03 -125.60 -20.15
N LEU GB 23 -8.41 -126.79 -19.69
CA LEU GB 23 -7.44 -127.71 -19.11
C LEU GB 23 -6.61 -128.36 -20.19
N PHE GB 24 -7.21 -128.69 -21.34
CA PHE GB 24 -6.45 -129.32 -22.41
C PHE GB 24 -5.40 -128.37 -22.97
N CYS GB 25 -5.72 -127.09 -23.08
CA CYS GB 25 -4.72 -126.13 -23.53
C CYS GB 25 -3.64 -125.93 -22.49
N LEU GB 26 -4.00 -125.96 -21.21
CA LEU GB 26 -3.03 -125.69 -20.16
C LEU GB 26 -2.04 -126.83 -20.02
N GLU GB 27 -2.51 -128.06 -20.05
CA GLU GB 27 -1.62 -129.19 -19.81
C GLU GB 27 -0.77 -129.51 -21.04
N HIS GB 28 -1.23 -129.11 -22.22
CA HIS GB 28 -0.42 -129.25 -23.41
C HIS GB 28 0.42 -128.03 -23.68
N GLY GB 29 0.34 -127.02 -22.82
CA GLY GB 29 1.20 -125.86 -22.92
C GLY GB 29 0.99 -124.99 -24.13
N ILE GB 30 -0.25 -124.71 -24.50
CA ILE GB 30 -0.52 -123.74 -25.54
C ILE GB 30 -1.30 -122.59 -24.93
N GLN GB 31 -1.09 -121.41 -25.51
CA GLN GB 31 -1.60 -120.17 -24.97
C GLN GB 31 -3.01 -119.94 -25.50
N PRO GB 32 -3.70 -118.91 -25.02
CA PRO GB 32 -4.99 -118.56 -25.63
C PRO GB 32 -4.91 -118.17 -27.09
N ASP GB 33 -3.75 -117.73 -27.59
CA ASP GB 33 -3.58 -117.61 -29.03
C ASP GB 33 -3.63 -118.97 -29.69
N GLY GB 34 -2.96 -119.95 -29.11
CA GLY GB 34 -2.79 -121.25 -29.73
C GLY GB 34 -1.38 -121.55 -30.17
N GLN GB 35 -0.44 -120.65 -29.91
CA GLN GB 35 0.96 -120.86 -30.24
C GLN GB 35 1.68 -121.41 -29.01
N MET GB 36 2.34 -122.54 -29.17
CA MET GB 36 2.95 -122.96 -27.92
C MET GB 36 4.34 -122.35 -27.78
N PRO GB 37 4.72 -121.90 -26.58
CA PRO GB 37 6.07 -121.37 -26.38
C PRO GB 37 7.08 -122.47 -26.09
N ASP GB 47 4.33 -134.81 -31.02
CA ASP GB 47 3.00 -135.00 -31.58
C ASP GB 47 2.04 -135.50 -30.53
N ALA GB 48 2.28 -135.12 -29.27
CA ALA GB 48 1.37 -135.50 -28.20
C ALA GB 48 0.06 -134.74 -28.29
N PHE GB 49 0.09 -133.53 -28.82
CA PHE GB 49 -1.10 -132.70 -28.92
C PHE GB 49 -1.99 -133.05 -30.09
N ASN GB 50 -1.55 -133.97 -30.95
CA ASN GB 50 -2.19 -134.15 -32.25
C ASN GB 50 -3.57 -134.77 -32.10
N THR GB 51 -3.81 -135.49 -31.00
CA THR GB 51 -5.12 -136.10 -30.81
C THR GB 51 -6.21 -135.09 -30.53
N PHE GB 52 -5.84 -133.88 -30.12
CA PHE GB 52 -6.81 -132.85 -29.75
C PHE GB 52 -6.72 -131.63 -30.64
N PHE GB 53 -5.53 -131.12 -30.89
CA PHE GB 53 -5.31 -129.90 -31.64
C PHE GB 53 -4.81 -130.20 -33.05
N SER GB 54 -4.90 -129.20 -33.91
CA SER GB 54 -4.44 -129.29 -35.28
C SER GB 54 -3.14 -128.51 -35.43
N GLU GB 55 -2.67 -128.37 -36.66
CA GLU GB 55 -1.52 -127.55 -36.99
C GLU GB 55 -1.92 -126.55 -38.07
N THR GB 56 -1.58 -125.29 -37.87
CA THR GB 56 -1.97 -124.25 -38.82
C THR GB 56 -0.83 -123.24 -38.91
N GLY GB 57 0.05 -123.45 -39.87
CA GLY GB 57 1.06 -122.44 -40.16
C GLY GB 57 2.12 -122.38 -39.08
N ALA GB 58 2.45 -121.16 -38.67
CA ALA GB 58 3.62 -120.92 -37.82
C ALA GB 58 3.31 -121.29 -36.37
N GLY GB 59 3.29 -122.59 -36.14
CA GLY GB 59 3.18 -123.13 -34.79
C GLY GB 59 1.90 -122.80 -34.08
N LYS GB 60 0.79 -122.72 -34.79
CA LYS GB 60 -0.49 -122.38 -34.20
C LYS GB 60 -1.39 -123.60 -34.22
N HIS GB 61 -2.00 -123.91 -33.08
CA HIS GB 61 -2.85 -125.08 -32.93
C HIS GB 61 -4.29 -124.66 -32.69
N VAL GB 62 -5.22 -125.27 -33.44
CA VAL GB 62 -6.64 -125.01 -33.25
C VAL GB 62 -7.33 -126.29 -32.82
N PRO GB 63 -8.30 -126.21 -31.91
CA PRO GB 63 -8.94 -127.42 -31.39
C PRO GB 63 -9.82 -128.09 -32.42
N ARG GB 64 -9.97 -129.40 -32.27
CA ARG GB 64 -10.83 -130.19 -33.15
C ARG GB 64 -12.21 -130.35 -32.53
N CYS GB 65 -12.86 -129.23 -32.26
CA CYS GB 65 -14.13 -129.22 -31.56
C CYS GB 65 -15.12 -128.32 -32.27
N VAL GB 66 -16.40 -128.61 -32.08
CA VAL GB 66 -17.49 -127.77 -32.57
C VAL GB 66 -18.37 -127.40 -31.40
N PHE GB 67 -18.83 -126.16 -31.39
CA PHE GB 67 -19.75 -125.66 -30.36
C PHE GB 67 -21.09 -125.40 -31.02
N LEU GB 68 -22.13 -126.03 -30.50
CA LEU GB 68 -23.47 -125.91 -31.09
C LEU GB 68 -24.44 -125.43 -30.03
N ASP GB 69 -25.18 -124.37 -30.34
CA ASP GB 69 -26.34 -124.04 -29.55
C ASP GB 69 -27.28 -123.27 -30.48
N LEU GB 70 -28.57 -123.39 -30.22
CA LEU GB 70 -29.58 -122.66 -30.97
C LEU GB 70 -29.81 -121.25 -30.46
N GLU GB 71 -29.32 -120.92 -29.29
CA GLU GB 71 -29.45 -119.55 -28.83
C GLU GB 71 -28.08 -118.90 -28.72
N PRO GB 72 -27.95 -117.62 -29.08
CA PRO GB 72 -26.63 -117.05 -29.29
C PRO GB 72 -25.93 -116.49 -28.06
N THR GB 73 -26.53 -116.51 -26.87
CA THR GB 73 -25.93 -115.79 -25.75
C THR GB 73 -24.67 -116.48 -25.24
N VAL GB 74 -24.72 -117.80 -25.07
CA VAL GB 74 -23.61 -118.49 -24.43
C VAL GB 74 -22.43 -118.62 -25.39
N VAL GB 75 -22.70 -118.63 -26.69
CA VAL GB 75 -21.61 -118.81 -27.64
C VAL GB 75 -21.04 -117.46 -28.07
N ASP GB 76 -21.80 -116.38 -27.91
CA ASP GB 76 -21.24 -115.06 -28.17
C ASP GB 76 -20.21 -114.71 -27.10
N GLU GB 77 -20.50 -115.08 -25.85
CA GLU GB 77 -19.60 -114.75 -24.76
C GLU GB 77 -18.37 -115.65 -24.68
N VAL GB 78 -18.29 -116.71 -25.49
CA VAL GB 78 -17.02 -117.42 -25.61
C VAL GB 78 -16.25 -116.92 -26.83
N ARG GB 79 -16.94 -116.34 -27.81
CA ARG GB 79 -16.25 -115.81 -28.97
C ARG GB 79 -15.85 -114.35 -28.79
N THR GB 80 -16.15 -113.75 -27.64
CA THR GB 80 -15.65 -112.42 -27.32
C THR GB 80 -14.83 -112.39 -26.03
N GLY GB 81 -14.56 -113.55 -25.43
CA GLY GB 81 -13.84 -113.58 -24.18
C GLY GB 81 -12.34 -113.70 -24.33
N THR GB 82 -11.70 -114.46 -23.45
CA THR GB 82 -10.26 -114.62 -23.52
C THR GB 82 -9.85 -115.53 -24.66
N TYR GB 83 -10.59 -116.61 -24.87
CA TYR GB 83 -10.23 -117.62 -25.86
C TYR GB 83 -10.95 -117.35 -27.19
N ARG GB 84 -10.75 -116.15 -27.72
CA ARG GB 84 -11.29 -115.83 -29.03
C ARG GB 84 -10.52 -116.54 -30.12
N HIS GB 85 -9.24 -116.25 -30.22
CA HIS GB 85 -8.46 -116.72 -31.36
C HIS GB 85 -7.96 -118.14 -31.19
N LEU GB 86 -8.23 -118.77 -30.06
CA LEU GB 86 -7.96 -120.20 -29.97
C LEU GB 86 -8.89 -120.98 -30.88
N PHE GB 87 -10.18 -120.70 -30.80
CA PHE GB 87 -11.16 -121.41 -31.59
C PHE GB 87 -11.29 -120.80 -32.97
N HIS GB 88 -11.45 -121.66 -33.97
CA HIS GB 88 -11.77 -121.21 -35.31
C HIS GB 88 -13.14 -120.54 -35.29
N PRO GB 89 -13.33 -119.45 -36.04
CA PRO GB 89 -14.61 -118.74 -35.99
C PRO GB 89 -15.80 -119.57 -36.42
N GLU GB 90 -15.66 -120.44 -37.40
CA GLU GB 90 -16.78 -121.25 -37.84
C GLU GB 90 -16.95 -122.52 -37.03
N GLN GB 91 -16.13 -122.72 -36.01
CA GLN GB 91 -16.30 -123.86 -35.13
C GLN GB 91 -17.17 -123.55 -33.93
N LEU GB 92 -17.72 -122.35 -33.85
CA LEU GB 92 -18.67 -121.96 -32.82
C LEU GB 92 -19.97 -121.60 -33.54
N ILE GB 93 -20.79 -122.59 -33.80
CA ILE GB 93 -22.00 -122.42 -34.59
C ILE GB 93 -23.12 -121.96 -33.66
N SER GB 94 -23.86 -120.95 -34.10
CA SER GB 94 -24.87 -120.31 -33.28
C SER GB 94 -26.20 -120.26 -34.02
N GLY GB 95 -27.28 -120.39 -33.28
CA GLY GB 95 -28.61 -120.18 -33.81
C GLY GB 95 -29.04 -118.75 -33.62
N LYS GB 96 -30.35 -118.56 -33.59
CA LYS GB 96 -30.88 -117.22 -33.42
C LYS GB 96 -31.96 -117.21 -32.34
N GLU GB 97 -32.68 -118.32 -32.20
CA GLU GB 97 -33.74 -118.45 -31.22
C GLU GB 97 -33.58 -119.78 -30.51
N ASP GB 98 -33.83 -119.78 -29.20
CA ASP GB 98 -33.57 -120.95 -28.38
C ASP GB 98 -34.61 -122.04 -28.68
N ALA GB 99 -34.24 -123.29 -28.39
CA ALA GB 99 -35.18 -124.40 -28.49
C ALA GB 99 -36.20 -124.38 -27.37
N ALA GB 100 -35.92 -123.67 -26.28
CA ALA GB 100 -36.89 -123.34 -25.22
C ALA GB 100 -37.46 -124.59 -24.55
N ASN GB 101 -36.54 -125.41 -24.00
CA ASN GB 101 -36.86 -126.60 -23.19
C ASN GB 101 -37.79 -127.57 -23.92
N ASN GB 102 -37.69 -127.64 -25.23
CA ASN GB 102 -38.57 -128.48 -26.03
C ASN GB 102 -37.72 -129.45 -26.84
N PHE GB 103 -38.01 -130.74 -26.70
CA PHE GB 103 -37.44 -131.71 -27.61
C PHE GB 103 -37.95 -131.51 -29.02
N ALA GB 104 -39.23 -131.14 -29.16
CA ALA GB 104 -39.83 -130.99 -30.47
C ALA GB 104 -39.20 -129.84 -31.25
N ARG GB 105 -38.92 -128.73 -30.58
CA ARG GB 105 -38.27 -127.60 -31.24
C ARG GB 105 -36.85 -127.96 -31.65
N GLY GB 106 -36.14 -128.68 -30.79
CA GLY GB 106 -34.76 -129.02 -31.10
C GLY GB 106 -34.62 -130.07 -32.18
N HIS GB 107 -35.64 -130.87 -32.40
CA HIS GB 107 -35.55 -131.98 -33.35
C HIS GB 107 -36.22 -131.70 -34.68
N TYR GB 108 -37.36 -131.02 -34.68
CA TYR GB 108 -38.15 -130.88 -35.89
C TYR GB 108 -38.30 -129.44 -36.37
N THR GB 109 -38.60 -128.50 -35.48
CA THR GB 109 -38.99 -127.18 -35.93
C THR GB 109 -37.78 -126.32 -36.32
N ILE GB 110 -36.92 -126.03 -35.35
CA ILE GB 110 -35.80 -125.12 -35.59
C ILE GB 110 -34.46 -125.83 -35.62
N GLY GB 111 -34.43 -127.13 -35.34
CA GLY GB 111 -33.17 -127.84 -35.30
C GLY GB 111 -32.52 -127.99 -36.66
N LYS GB 112 -33.31 -128.26 -37.69
CA LYS GB 112 -32.77 -128.71 -38.96
C LYS GB 112 -32.12 -127.60 -39.77
N GLU GB 113 -32.29 -126.35 -39.39
CA GLU GB 113 -31.63 -125.26 -40.09
C GLU GB 113 -30.20 -125.04 -39.62
N ILE GB 114 -29.79 -125.72 -38.55
CA ILE GB 114 -28.45 -125.57 -38.01
C ILE GB 114 -27.63 -126.85 -38.11
N VAL GB 115 -28.27 -127.98 -38.40
CA VAL GB 115 -27.53 -129.24 -38.53
C VAL GB 115 -26.73 -129.25 -39.82
N ASP GB 116 -27.16 -128.49 -40.82
CA ASP GB 116 -26.43 -128.45 -42.08
C ASP GB 116 -25.06 -127.78 -41.92
N LEU GB 117 -25.00 -126.69 -41.16
CA LEU GB 117 -23.71 -126.06 -40.88
C LEU GB 117 -22.87 -126.95 -39.98
N SER GB 118 -23.52 -127.75 -39.14
CA SER GB 118 -22.80 -128.64 -38.24
C SER GB 118 -22.04 -129.71 -39.01
N LEU GB 119 -22.68 -130.29 -40.01
CA LEU GB 119 -22.08 -131.41 -40.73
C LEU GB 119 -20.99 -130.95 -41.67
N ASP GB 120 -21.10 -129.73 -42.20
CA ASP GB 120 -20.03 -129.23 -43.06
C ASP GB 120 -18.75 -129.01 -42.27
N ARG GB 121 -18.86 -128.49 -41.05
CA ARG GB 121 -17.66 -128.23 -40.27
C ARG GB 121 -17.06 -129.53 -39.74
N ILE GB 122 -17.89 -130.50 -39.37
CA ILE GB 122 -17.34 -131.73 -38.82
C ILE GB 122 -16.77 -132.59 -39.94
N ARG GB 123 -17.26 -132.42 -41.17
CA ARG GB 123 -16.70 -133.18 -42.28
C ARG GB 123 -15.32 -132.66 -42.65
N LYS GB 124 -15.16 -131.33 -42.67
CA LYS GB 124 -13.86 -130.74 -42.95
C LYS GB 124 -12.87 -130.98 -41.83
N LEU GB 125 -13.36 -131.36 -40.65
CA LEU GB 125 -12.50 -131.58 -39.50
C LEU GB 125 -12.16 -133.05 -39.32
N ALA GB 126 -12.99 -133.95 -39.85
CA ALA GB 126 -12.74 -135.38 -39.78
C ALA GB 126 -12.16 -135.96 -41.06
N ASP GB 127 -11.96 -135.14 -42.09
CA ASP GB 127 -11.28 -135.59 -43.28
C ASP GB 127 -9.80 -135.22 -43.30
N ASN GB 128 -9.28 -134.68 -42.19
CA ASN GB 128 -7.87 -134.33 -42.11
C ASN GB 128 -7.00 -135.57 -42.20
N CYS GB 129 -7.36 -136.62 -41.46
CA CYS GB 129 -6.64 -137.89 -41.52
C CYS GB 129 -7.64 -139.01 -41.29
N THR GB 130 -7.41 -140.12 -41.97
CA THR GB 130 -8.13 -141.35 -41.64
C THR GB 130 -7.62 -141.90 -40.33
N GLY GB 131 -8.25 -142.98 -39.86
CA GLY GB 131 -7.95 -143.42 -38.52
C GLY GB 131 -8.48 -142.48 -37.48
N LEU GB 132 -9.59 -141.81 -37.76
CA LEU GB 132 -10.28 -141.01 -36.76
C LEU GB 132 -10.73 -141.91 -35.63
N GLN GB 133 -10.45 -141.50 -34.41
CA GLN GB 133 -10.58 -142.44 -33.30
C GLN GB 133 -12.00 -142.51 -32.80
N GLY GB 134 -12.64 -141.36 -32.61
CA GLY GB 134 -14.04 -141.35 -32.23
C GLY GB 134 -14.52 -139.93 -32.01
N PHE GB 135 -15.82 -139.79 -31.92
CA PHE GB 135 -16.44 -138.52 -31.57
C PHE GB 135 -16.80 -138.53 -30.09
N LEU GB 136 -16.42 -137.49 -29.39
CA LEU GB 136 -16.82 -137.29 -28.00
C LEU GB 136 -17.94 -136.26 -27.99
N MET GB 137 -19.09 -136.64 -27.47
CA MET GB 137 -20.26 -135.79 -27.48
C MET GB 137 -20.65 -135.41 -26.06
N PHE GB 138 -20.93 -134.12 -25.85
CA PHE GB 138 -21.36 -133.60 -24.56
C PHE GB 138 -22.70 -132.92 -24.75
N ASN GB 139 -23.67 -133.25 -23.89
CA ASN GB 139 -24.99 -132.68 -24.04
C ASN GB 139 -25.73 -132.74 -22.72
N ALA GB 140 -26.78 -131.94 -22.61
CA ALA GB 140 -27.69 -131.98 -21.48
C ALA GB 140 -28.96 -132.69 -21.91
N VAL GB 141 -29.30 -133.76 -21.19
CA VAL GB 141 -30.47 -134.55 -21.54
C VAL GB 141 -31.75 -133.77 -21.24
N GLY GB 142 -31.78 -133.03 -20.14
CA GLY GB 142 -32.98 -132.30 -19.77
C GLY GB 142 -33.26 -131.05 -20.55
N GLY GB 143 -32.34 -130.59 -21.39
CA GLY GB 143 -32.51 -129.35 -22.10
C GLY GB 143 -33.28 -129.51 -23.40
N GLY GB 144 -33.46 -128.38 -24.09
CA GLY GB 144 -34.11 -128.39 -25.38
C GLY GB 144 -33.20 -128.75 -26.53
N THR GB 145 -32.20 -127.91 -26.80
CA THR GB 145 -31.30 -128.17 -27.93
C THR GB 145 -30.27 -129.23 -27.59
N GLY GB 146 -29.98 -129.43 -26.30
CA GLY GB 146 -29.07 -130.48 -25.91
C GLY GB 146 -29.65 -131.87 -26.06
N SER GB 147 -30.98 -131.97 -26.11
CA SER GB 147 -31.64 -133.25 -26.27
C SER GB 147 -32.19 -133.42 -27.67
N GLY GB 148 -32.89 -132.40 -28.17
CA GLY GB 148 -33.52 -132.51 -29.48
C GLY GB 148 -32.53 -132.47 -30.61
N LEU GB 149 -31.74 -131.39 -30.68
CA LEU GB 149 -30.70 -131.31 -31.70
C LEU GB 149 -29.61 -132.33 -31.45
N GLY GB 150 -29.37 -132.67 -30.19
CA GLY GB 150 -28.37 -133.67 -29.88
C GLY GB 150 -28.73 -135.03 -30.43
N CYS GB 151 -30.01 -135.41 -30.36
CA CYS GB 151 -30.46 -136.60 -31.05
C CYS GB 151 -30.31 -136.45 -32.56
N LEU GB 152 -30.80 -135.33 -33.11
CA LEU GB 152 -30.87 -135.13 -34.55
C LEU GB 152 -29.50 -135.17 -35.19
N LEU GB 153 -28.48 -134.68 -34.47
CA LEU GB 153 -27.13 -134.73 -34.98
C LEU GB 153 -26.62 -136.16 -35.08
N LEU GB 154 -27.19 -137.06 -34.30
CA LEU GB 154 -26.62 -138.40 -34.20
C LEU GB 154 -27.15 -139.35 -35.26
N GLU GB 155 -28.34 -139.11 -35.84
CA GLU GB 155 -28.69 -139.90 -37.02
C GLU GB 155 -27.80 -139.56 -38.18
N ARG GB 156 -27.48 -138.28 -38.38
CA ARG GB 156 -26.65 -137.89 -39.50
C ARG GB 156 -25.22 -138.37 -39.32
N LEU GB 157 -24.77 -138.48 -38.07
CA LEU GB 157 -23.46 -139.06 -37.82
C LEU GB 157 -23.48 -140.57 -38.03
N SER GB 158 -24.61 -141.22 -37.74
CA SER GB 158 -24.67 -142.66 -37.87
C SER GB 158 -24.69 -143.08 -39.33
N VAL GB 159 -25.37 -142.32 -40.18
CA VAL GB 159 -25.43 -142.67 -41.59
C VAL GB 159 -24.12 -142.33 -42.30
N ASP GB 160 -23.36 -141.38 -41.77
CA ASP GB 160 -22.14 -140.93 -42.44
C ASP GB 160 -20.92 -141.72 -41.97
N TYR GB 161 -20.60 -141.67 -40.69
CA TYR GB 161 -19.43 -142.31 -40.14
C TYR GB 161 -19.90 -143.48 -39.28
N GLY GB 162 -19.99 -144.65 -39.89
CA GLY GB 162 -20.65 -145.79 -39.26
C GLY GB 162 -19.89 -146.44 -38.13
N LYS GB 163 -18.74 -147.02 -38.44
CA LYS GB 163 -18.01 -147.81 -37.46
C LYS GB 163 -17.31 -146.94 -36.42
N LYS GB 164 -17.23 -145.63 -36.64
CA LYS GB 164 -16.55 -144.74 -35.73
C LYS GB 164 -17.23 -144.72 -34.37
N SER GB 165 -16.43 -144.73 -33.32
CA SER GB 165 -16.98 -144.76 -31.98
C SER GB 165 -17.60 -143.41 -31.63
N LYS GB 166 -18.71 -143.44 -30.90
CA LYS GB 166 -19.44 -142.23 -30.54
C LYS GB 166 -19.74 -142.23 -29.05
N LEU GB 167 -18.78 -141.75 -28.26
CA LEU GB 167 -19.01 -141.65 -26.83
C LEU GB 167 -19.88 -140.44 -26.51
N ASN GB 168 -20.64 -140.56 -25.43
CA ASN GB 168 -21.56 -139.52 -25.01
C ASN GB 168 -21.42 -139.28 -23.52
N PHE GB 169 -21.29 -138.03 -23.13
CA PHE GB 169 -21.27 -137.63 -21.73
C PHE GB 169 -22.54 -136.85 -21.48
N CYS GB 170 -23.51 -137.47 -20.83
CA CYS GB 170 -24.83 -136.89 -20.69
C CYS GB 170 -25.00 -136.32 -19.29
N SER GB 171 -25.37 -135.03 -19.22
CA SER GB 171 -25.66 -134.36 -17.96
C SER GB 171 -27.08 -134.75 -17.58
N TRP GB 172 -27.20 -135.76 -16.75
CA TRP GB 172 -28.46 -136.43 -16.57
C TRP GB 172 -29.28 -135.66 -15.53
N PRO GB 173 -30.61 -135.65 -15.63
CA PRO GB 173 -31.41 -134.95 -14.61
C PRO GB 173 -31.32 -135.65 -13.26
N SER GB 174 -31.37 -134.84 -12.22
CA SER GB 174 -31.13 -135.29 -10.86
C SER GB 174 -32.38 -135.89 -10.25
N PRO GB 175 -32.24 -136.71 -9.20
CA PRO GB 175 -33.42 -137.24 -8.51
C PRO GB 175 -34.30 -136.19 -7.88
N GLN GB 176 -33.73 -135.14 -7.29
CA GLN GB 176 -34.50 -134.11 -6.61
C GLN GB 176 -34.39 -132.75 -7.29
N VAL GB 177 -33.16 -132.28 -7.53
CA VAL GB 177 -32.96 -131.04 -8.27
C VAL GB 177 -33.44 -131.20 -9.71
N SER GB 178 -34.22 -130.26 -10.18
CA SER GB 178 -34.56 -130.32 -11.58
C SER GB 178 -34.16 -129.07 -12.35
N THR GB 179 -34.44 -127.89 -11.82
CA THR GB 179 -34.35 -126.59 -12.48
C THR GB 179 -35.10 -126.57 -13.81
N ALA GB 180 -36.12 -127.42 -13.93
CA ALA GB 180 -36.89 -127.62 -15.14
C ALA GB 180 -38.11 -128.47 -14.83
N VAL GB 181 -39.27 -128.07 -15.32
CA VAL GB 181 -40.49 -128.81 -15.07
C VAL GB 181 -40.71 -129.84 -16.15
N VAL GB 182 -40.47 -129.47 -17.40
CA VAL GB 182 -40.81 -130.32 -18.53
C VAL GB 182 -39.77 -131.39 -18.82
N GLU GB 183 -38.63 -131.38 -18.11
CA GLU GB 183 -37.55 -132.30 -18.45
C GLU GB 183 -37.81 -133.80 -18.28
N PRO GB 184 -38.79 -134.28 -17.49
CA PRO GB 184 -39.15 -135.70 -17.65
C PRO GB 184 -39.63 -136.06 -19.03
N TYR GB 185 -40.25 -135.14 -19.75
CA TYR GB 185 -40.61 -135.41 -21.15
C TYR GB 185 -39.36 -135.48 -22.02
N ASN GB 186 -38.42 -134.56 -21.80
CA ASN GB 186 -37.22 -134.53 -22.63
C ASN GB 186 -36.33 -135.72 -22.34
N SER GB 187 -36.28 -136.16 -21.08
CA SER GB 187 -35.33 -137.21 -20.70
C SER GB 187 -35.75 -138.56 -21.24
N VAL GB 188 -37.06 -138.85 -21.22
CA VAL GB 188 -37.54 -140.11 -21.77
C VAL GB 188 -37.41 -140.12 -23.29
N LEU GB 189 -37.76 -139.01 -23.93
CA LEU GB 189 -37.72 -138.93 -25.40
C LEU GB 189 -36.29 -138.96 -25.94
N SER GB 190 -35.30 -138.62 -25.12
CA SER GB 190 -33.93 -138.70 -25.58
C SER GB 190 -33.32 -140.06 -25.31
N THR GB 191 -33.66 -140.67 -24.18
CA THR GB 191 -33.09 -141.96 -23.81
C THR GB 191 -33.53 -143.04 -24.79
N HIS GB 192 -34.71 -142.88 -25.37
CA HIS GB 192 -35.12 -143.74 -26.47
C HIS GB 192 -34.19 -143.62 -27.66
N SER GB 193 -33.81 -142.40 -28.00
CA SER GB 193 -33.10 -142.16 -29.24
C SER GB 193 -31.60 -142.04 -29.06
N LEU GB 194 -31.08 -142.25 -27.86
CA LEU GB 194 -29.65 -142.47 -27.71
C LEU GB 194 -29.31 -143.93 -27.43
N LEU GB 195 -30.30 -144.82 -27.49
CA LEU GB 195 -30.00 -146.25 -27.45
C LEU GB 195 -29.43 -146.72 -28.78
N GLU GB 196 -29.99 -146.25 -29.87
CA GLU GB 196 -29.58 -146.69 -31.20
C GLU GB 196 -28.59 -145.73 -31.86
N HIS GB 197 -28.15 -144.69 -31.15
CA HIS GB 197 -27.27 -143.71 -31.77
C HIS GB 197 -26.03 -143.43 -30.91
N THR GB 198 -25.66 -144.34 -30.02
CA THR GB 198 -24.55 -144.06 -29.11
C THR GB 198 -23.92 -145.37 -28.69
N ASP GB 199 -22.59 -145.45 -28.81
CA ASP GB 199 -21.87 -146.66 -28.42
C ASP GB 199 -21.64 -146.72 -26.93
N VAL GB 200 -21.24 -145.62 -26.32
CA VAL GB 200 -20.96 -145.54 -24.89
C VAL GB 200 -21.58 -144.28 -24.33
N ALA GB 201 -22.40 -144.42 -23.28
CA ALA GB 201 -23.00 -143.30 -22.60
C ALA GB 201 -22.56 -143.28 -21.16
N VAL GB 202 -22.19 -142.10 -20.67
CA VAL GB 202 -21.68 -141.92 -19.32
C VAL GB 202 -22.52 -140.85 -18.65
N MET GB 203 -23.16 -141.19 -17.53
CA MET GB 203 -24.14 -140.32 -16.89
C MET GB 203 -23.48 -139.51 -15.81
N LEU GB 204 -23.49 -138.18 -15.98
CA LEU GB 204 -23.02 -137.24 -14.98
C LEU GB 204 -24.24 -136.58 -14.37
N ASP GB 205 -24.41 -136.74 -13.07
CA ASP GB 205 -25.56 -136.22 -12.36
C ASP GB 205 -25.13 -134.97 -11.61
N ASN GB 206 -26.01 -133.97 -11.59
CA ASN GB 206 -25.63 -132.69 -11.01
C ASN GB 206 -25.52 -132.77 -9.50
N GLU GB 207 -26.47 -133.44 -8.84
CA GLU GB 207 -26.41 -133.59 -7.39
C GLU GB 207 -25.24 -134.45 -6.96
N ALA GB 208 -24.80 -135.36 -7.81
CA ALA GB 208 -23.64 -136.17 -7.47
C ALA GB 208 -22.39 -135.34 -7.39
N ILE GB 209 -22.29 -134.30 -8.22
CA ILE GB 209 -21.11 -133.45 -8.17
C ILE GB 209 -21.25 -132.45 -7.03
N TYR GB 210 -22.47 -132.06 -6.69
CA TYR GB 210 -22.68 -131.16 -5.56
C TYR GB 210 -22.20 -131.76 -4.26
N ASP GB 211 -22.65 -132.97 -3.93
CA ASP GB 211 -22.26 -133.54 -2.65
C ASP GB 211 -20.89 -134.18 -2.67
N ILE GB 212 -20.31 -134.42 -3.84
CA ILE GB 212 -18.91 -134.85 -3.86
C ILE GB 212 -18.00 -133.65 -3.68
N CYS GB 213 -18.51 -132.45 -3.94
CA CYS GB 213 -17.75 -131.24 -3.67
C CYS GB 213 -17.99 -130.75 -2.25
N ARG GB 214 -19.18 -130.96 -1.72
CA ARG GB 214 -19.49 -130.55 -0.36
C ARG GB 214 -18.72 -131.41 0.65
N ARG GB 215 -18.50 -132.68 0.31
CA ARG GB 215 -17.88 -133.60 1.25
C ARG GB 215 -16.36 -133.62 1.10
N ASN GB 216 -15.87 -133.86 -0.11
CA ASN GB 216 -14.43 -134.05 -0.31
C ASN GB 216 -13.69 -132.73 -0.30
N LEU GB 217 -14.02 -131.83 -1.22
CA LEU GB 217 -13.31 -130.56 -1.32
C LEU GB 217 -13.68 -129.59 -0.21
N ASP GB 218 -14.78 -129.84 0.50
CA ASP GB 218 -15.27 -129.01 1.61
C ASP GB 218 -15.48 -127.59 1.09
N ILE GB 219 -16.48 -127.45 0.23
CA ILE GB 219 -16.91 -126.16 -0.28
C ILE GB 219 -18.41 -126.08 -0.08
N GLU GB 220 -18.85 -125.13 0.74
CA GLU GB 220 -20.27 -125.05 1.05
C GLU GB 220 -21.07 -124.59 -0.14
N ARG GB 221 -20.54 -123.63 -0.90
CA ARG GB 221 -21.24 -123.06 -2.04
C ARG GB 221 -20.41 -123.07 -3.32
N PRO GB 222 -20.27 -124.22 -3.98
CA PRO GB 222 -19.80 -124.20 -5.36
C PRO GB 222 -20.89 -123.87 -6.36
N THR GB 223 -20.46 -123.53 -7.57
CA THR GB 223 -21.37 -123.24 -8.66
C THR GB 223 -21.00 -124.08 -9.87
N TYR GB 224 -21.65 -123.85 -11.02
CA TYR GB 224 -21.43 -124.71 -12.20
C TYR GB 224 -19.98 -124.72 -12.67
N THR GB 225 -19.22 -123.66 -12.45
CA THR GB 225 -17.84 -123.72 -12.93
C THR GB 225 -17.03 -124.70 -12.10
N ASN GB 226 -17.36 -124.88 -10.82
CA ASN GB 226 -16.68 -125.89 -10.02
C ASN GB 226 -17.10 -127.29 -10.39
N LEU GB 227 -18.31 -127.49 -10.91
CA LEU GB 227 -18.67 -128.78 -11.48
C LEU GB 227 -17.85 -129.07 -12.73
N ASN GB 228 -17.61 -128.06 -13.55
CA ASN GB 228 -17.05 -128.29 -14.88
C ASN GB 228 -15.57 -128.62 -14.86
N ARG GB 229 -14.80 -128.13 -13.87
CA ARG GB 229 -13.44 -128.63 -13.72
C ARG GB 229 -13.43 -130.11 -13.36
N LEU GB 230 -14.37 -130.55 -12.52
CA LEU GB 230 -14.42 -131.95 -12.14
C LEU GB 230 -14.77 -132.83 -13.33
N ILE GB 231 -15.67 -132.37 -14.18
CA ILE GB 231 -15.96 -133.09 -15.43
C ILE GB 231 -14.75 -133.04 -16.35
N ALA GB 232 -14.03 -131.92 -16.35
CA ALA GB 232 -12.86 -131.80 -17.23
C ALA GB 232 -11.73 -132.72 -16.79
N GLN GB 233 -11.64 -133.01 -15.50
CA GLN GB 233 -10.61 -133.94 -15.04
C GLN GB 233 -10.95 -135.38 -15.40
N VAL GB 234 -12.23 -135.69 -15.56
CA VAL GB 234 -12.62 -137.05 -15.90
C VAL GB 234 -12.26 -137.36 -17.35
N ILE GB 235 -12.59 -136.46 -18.27
CA ILE GB 235 -12.22 -136.66 -19.66
C ILE GB 235 -10.72 -136.60 -19.85
N SER GB 236 -10.03 -135.75 -19.08
CA SER GB 236 -8.57 -135.68 -19.18
C SER GB 236 -7.93 -137.00 -18.76
N SER GB 237 -8.43 -137.61 -17.69
CA SER GB 237 -7.93 -138.92 -17.30
C SER GB 237 -8.43 -140.02 -18.22
N LEU GB 238 -9.53 -139.78 -18.92
CA LEU GB 238 -10.05 -140.76 -19.86
C LEU GB 238 -9.18 -140.85 -21.11
N THR GB 239 -8.74 -139.71 -21.63
CA THR GB 239 -7.97 -139.65 -22.86
C THR GB 239 -6.49 -139.41 -22.62
N ALA GB 240 -6.01 -139.63 -21.39
CA ALA GB 240 -4.60 -139.42 -21.11
C ALA GB 240 -3.73 -140.45 -21.81
N SER GB 241 -4.28 -141.61 -22.12
CA SER GB 241 -3.50 -142.66 -22.75
C SER GB 241 -3.26 -142.39 -24.22
N LEU GB 242 -4.16 -141.67 -24.88
CA LEU GB 242 -3.93 -141.30 -26.27
C LEU GB 242 -2.86 -140.23 -26.38
N ARG GB 243 -2.90 -139.24 -25.50
CA ARG GB 243 -2.01 -138.09 -25.58
C ARG GB 243 -0.60 -138.40 -25.08
N PHE GB 244 -0.47 -139.20 -24.02
CA PHE GB 244 0.81 -139.39 -23.38
C PHE GB 244 1.24 -140.85 -23.46
N ASP GB 245 2.45 -141.12 -22.98
CA ASP GB 245 2.97 -142.47 -22.96
C ASP GB 245 2.60 -143.14 -21.65
N GLY GB 246 2.39 -144.46 -21.70
CA GLY GB 246 1.97 -145.18 -20.53
C GLY GB 246 2.54 -146.57 -20.49
N ALA GB 247 2.60 -147.13 -19.27
CA ALA GB 247 3.09 -148.49 -19.10
C ALA GB 247 2.10 -149.50 -19.65
N LEU GB 248 0.81 -149.26 -19.45
CA LEU GB 248 -0.25 -150.12 -20.00
C LEU GB 248 -1.37 -149.17 -20.44
N ASN GB 249 -1.31 -148.74 -21.70
CA ASN GB 249 -2.24 -147.74 -22.17
C ASN GB 249 -3.56 -148.39 -22.57
N VAL GB 250 -4.58 -147.56 -22.72
CA VAL GB 250 -5.89 -148.01 -23.17
C VAL GB 250 -6.32 -147.11 -24.32
N ASP GB 251 -7.11 -147.67 -25.22
CA ASP GB 251 -7.65 -146.94 -26.34
C ASP GB 251 -9.13 -146.67 -26.08
N VAL GB 252 -9.71 -145.73 -26.82
CA VAL GB 252 -11.10 -145.43 -26.57
C VAL GB 252 -11.98 -146.48 -27.23
N THR GB 253 -11.47 -147.18 -28.23
CA THR GB 253 -12.20 -148.30 -28.80
C THR GB 253 -12.09 -149.56 -27.95
N GLU GB 254 -11.22 -149.57 -26.95
CA GLU GB 254 -11.15 -150.69 -26.03
C GLU GB 254 -11.99 -150.50 -24.79
N PHE GB 255 -12.58 -149.31 -24.57
CA PHE GB 255 -13.62 -149.17 -23.57
C PHE GB 255 -14.86 -149.95 -23.95
N GLN GB 256 -15.32 -149.76 -25.18
CA GLN GB 256 -16.59 -150.34 -25.57
C GLN GB 256 -16.50 -151.85 -25.73
N THR GB 257 -15.29 -152.37 -25.96
CA THR GB 257 -15.14 -153.82 -26.03
C THR GB 257 -15.14 -154.43 -24.64
N ASN GB 258 -14.64 -153.71 -23.65
CA ASN GB 258 -14.45 -154.25 -22.31
C ASN GB 258 -15.54 -153.85 -21.33
N LEU GB 259 -16.51 -153.02 -21.73
CA LEU GB 259 -17.54 -152.57 -20.82
C LEU GB 259 -18.96 -152.77 -21.31
N VAL GB 260 -19.16 -153.17 -22.56
CA VAL GB 260 -20.51 -153.32 -23.10
C VAL GB 260 -20.79 -154.80 -23.32
N PRO GB 261 -21.52 -155.46 -22.43
CA PRO GB 261 -21.74 -156.89 -22.56
C PRO GB 261 -22.75 -157.24 -23.64
N TYR GB 262 -23.80 -156.45 -23.76
CA TYR GB 262 -24.82 -156.62 -24.78
C TYR GB 262 -25.13 -155.23 -25.32
N PRO GB 263 -25.63 -155.12 -26.57
CA PRO GB 263 -25.65 -153.81 -27.23
C PRO GB 263 -26.48 -152.74 -26.55
N ARG GB 264 -27.56 -153.10 -25.87
CA ARG GB 264 -28.40 -152.08 -25.25
C ARG GB 264 -27.86 -151.59 -23.92
N ILE GB 265 -26.89 -152.28 -23.33
CA ILE GB 265 -26.38 -151.91 -22.01
C ILE GB 265 -25.09 -151.16 -22.25
N HIS GB 266 -25.19 -149.83 -22.29
CA HIS GB 266 -23.99 -149.00 -22.34
C HIS GB 266 -24.15 -147.74 -21.50
N PHE GB 267 -24.69 -147.88 -20.29
CA PHE GB 267 -24.87 -146.77 -19.38
C PHE GB 267 -23.98 -146.99 -18.17
N MET GB 268 -22.93 -146.19 -18.06
CA MET GB 268 -21.90 -146.39 -17.05
C MET GB 268 -21.81 -145.21 -16.11
N LEU GB 269 -21.45 -145.50 -14.87
CA LEU GB 269 -21.31 -144.49 -13.84
C LEU GB 269 -19.92 -143.89 -13.93
N SER GB 270 -19.57 -143.05 -12.96
CA SER GB 270 -18.23 -142.49 -12.91
C SER GB 270 -17.84 -142.25 -11.46
N SER GB 271 -16.54 -142.25 -11.21
CA SER GB 271 -15.99 -141.85 -9.93
C SER GB 271 -14.54 -141.49 -10.14
N TYR GB 272 -14.10 -140.43 -9.46
CA TYR GB 272 -12.75 -139.94 -9.57
C TYR GB 272 -12.16 -139.86 -8.18
N ALA GB 273 -10.89 -140.22 -8.06
CA ALA GB 273 -10.23 -140.17 -6.77
C ALA GB 273 -8.75 -140.00 -7.01
N PRO GB 274 -8.07 -139.14 -6.23
CA PRO GB 274 -8.66 -138.32 -5.18
C PRO GB 274 -9.04 -136.93 -5.67
N ILE GB 275 -10.04 -136.36 -5.04
CA ILE GB 275 -10.37 -134.95 -5.22
C ILE GB 275 -10.36 -134.31 -3.82
N ILE GB 276 -9.19 -133.81 -3.45
CA ILE GB 276 -8.99 -133.25 -2.13
C ILE GB 276 -8.35 -131.88 -2.29
N SER GB 277 -8.71 -130.97 -1.38
CA SER GB 277 -8.25 -129.60 -1.49
C SER GB 277 -6.82 -129.49 -0.95
N ALA GB 278 -6.31 -128.26 -0.91
CA ALA GB 278 -4.93 -128.05 -0.51
C ALA GB 278 -4.73 -128.27 0.97
N GLU GB 279 -5.76 -128.07 1.78
CA GLU GB 279 -5.63 -128.22 3.23
C GLU GB 279 -5.92 -129.64 3.71
N LYS GB 280 -6.22 -130.56 2.80
CA LYS GB 280 -6.36 -131.96 3.15
C LYS GB 280 -5.37 -132.87 2.45
N ALA GB 281 -4.77 -132.43 1.35
CA ALA GB 281 -3.85 -133.29 0.62
C ALA GB 281 -2.52 -133.43 1.34
N TYR GB 282 -2.17 -132.48 2.18
CA TYR GB 282 -0.88 -132.52 2.87
C TYR GB 282 -0.91 -133.47 4.06
N HIS GB 283 -2.07 -134.02 4.39
CA HIS GB 283 -2.21 -135.01 5.44
C HIS GB 283 -2.48 -136.42 4.91
N GLU GB 284 -2.89 -136.55 3.66
CA GLU GB 284 -3.23 -137.85 3.08
C GLU GB 284 -2.00 -138.50 2.47
N GLN GB 285 -1.80 -139.77 2.78
CA GLN GB 285 -0.86 -140.60 2.03
C GLN GB 285 -1.64 -141.12 0.85
N LEU GB 286 -1.39 -140.57 -0.33
CA LEU GB 286 -2.17 -140.91 -1.51
C LEU GB 286 -1.62 -142.19 -2.14
N SER GB 287 -1.78 -143.28 -1.41
CA SER GB 287 -1.34 -144.57 -1.93
C SER GB 287 -2.27 -145.04 -3.03
N VAL GB 288 -1.77 -145.96 -3.86
CA VAL GB 288 -2.57 -146.54 -4.91
C VAL GB 288 -3.70 -147.36 -4.29
N ALA GB 289 -3.42 -148.00 -3.16
CA ALA GB 289 -4.40 -148.85 -2.51
C ALA GB 289 -5.60 -148.05 -2.01
N GLU GB 290 -5.36 -146.87 -1.44
CA GLU GB 290 -6.47 -146.20 -0.78
C GLU GB 290 -7.24 -145.31 -1.76
N ILE GB 291 -6.63 -144.90 -2.86
CA ILE GB 291 -7.39 -144.10 -3.82
C ILE GB 291 -8.34 -144.97 -4.62
N THR GB 292 -8.01 -146.25 -4.81
CA THR GB 292 -8.98 -147.12 -5.47
C THR GB 292 -10.02 -147.64 -4.51
N ASN GB 293 -9.77 -147.53 -3.20
CA ASN GB 293 -10.82 -147.79 -2.24
C ASN GB 293 -11.83 -146.66 -2.20
N SER GB 294 -11.35 -145.43 -2.32
CA SER GB 294 -12.25 -144.29 -2.36
C SER GB 294 -12.97 -144.19 -3.70
N ALA GB 295 -12.38 -144.74 -4.76
CA ALA GB 295 -13.03 -144.70 -6.06
C ALA GB 295 -14.25 -145.62 -6.10
N PHE GB 296 -14.18 -146.76 -5.41
CA PHE GB 296 -15.30 -147.68 -5.39
C PHE GB 296 -16.32 -147.35 -4.32
N GLU GB 297 -16.05 -146.33 -3.51
CA GLU GB 297 -16.97 -145.95 -2.44
C GLU GB 297 -18.25 -145.38 -3.05
N PRO GB 298 -19.43 -145.80 -2.58
CA PRO GB 298 -20.67 -145.32 -3.18
C PRO GB 298 -20.95 -143.85 -2.93
N ALA GB 299 -20.39 -143.26 -1.88
CA ALA GB 299 -20.61 -141.85 -1.62
C ALA GB 299 -19.76 -140.95 -2.51
N SER GB 300 -18.78 -141.51 -3.20
CA SER GB 300 -17.89 -140.76 -4.08
C SER GB 300 -18.18 -141.02 -5.55
N MET GB 301 -19.43 -141.32 -5.89
CA MET GB 301 -19.79 -141.69 -7.25
C MET GB 301 -20.50 -140.54 -7.95
N MET GB 302 -20.29 -140.43 -9.26
CA MET GB 302 -20.70 -139.29 -10.05
C MET GB 302 -22.04 -139.50 -10.75
N ALA GB 303 -22.95 -140.26 -10.16
CA ALA GB 303 -24.27 -140.43 -10.75
C ALA GB 303 -25.42 -140.35 -9.76
N LYS GB 304 -25.16 -140.31 -8.46
CA LYS GB 304 -26.16 -140.40 -7.39
C LYS GB 304 -27.04 -141.64 -7.62
N CYS GB 305 -26.38 -142.78 -7.52
CA CYS GB 305 -27.02 -144.08 -7.78
C CYS GB 305 -26.22 -145.13 -7.03
N ASP GB 306 -26.77 -145.59 -5.91
CA ASP GB 306 -26.02 -146.45 -5.02
C ASP GB 306 -25.86 -147.83 -5.62
N PRO GB 307 -24.64 -148.34 -5.79
CA PRO GB 307 -24.45 -149.66 -6.39
C PRO GB 307 -24.62 -150.80 -5.41
N ARG GB 308 -24.93 -150.54 -4.14
CA ARG GB 308 -25.17 -151.62 -3.19
C ARG GB 308 -26.42 -152.40 -3.53
N HIS GB 309 -27.37 -151.80 -4.25
CA HIS GB 309 -28.50 -152.55 -4.79
C HIS GB 309 -28.34 -152.79 -6.28
N GLY GB 310 -27.11 -153.11 -6.70
CA GLY GB 310 -26.84 -153.51 -8.06
C GLY GB 310 -25.65 -154.45 -8.08
N LYS GB 311 -25.33 -154.93 -9.29
CA LYS GB 311 -24.21 -155.83 -9.47
C LYS GB 311 -23.30 -155.28 -10.57
N TYR GB 312 -22.01 -155.19 -10.28
CA TYR GB 312 -21.03 -154.67 -11.22
C TYR GB 312 -20.83 -155.67 -12.35
N MET GB 313 -21.33 -155.34 -13.54
CA MET GB 313 -21.15 -156.22 -14.68
C MET GB 313 -19.74 -156.16 -15.25
N ALA GB 314 -19.15 -154.96 -15.27
CA ALA GB 314 -17.78 -154.79 -15.72
C ALA GB 314 -17.25 -153.51 -15.09
N CYS GB 315 -15.94 -153.35 -15.12
CA CYS GB 315 -15.35 -152.17 -14.52
C CYS GB 315 -14.12 -151.75 -15.31
N CYS GB 316 -13.94 -150.44 -15.44
CA CYS GB 316 -12.75 -149.89 -16.08
C CYS GB 316 -12.05 -148.99 -15.08
N LEU GB 317 -10.77 -149.27 -14.83
CA LEU GB 317 -9.95 -148.46 -13.95
C LEU GB 317 -8.85 -147.82 -14.77
N MET GB 318 -8.70 -146.52 -14.64
CA MET GB 318 -7.71 -145.75 -15.38
C MET GB 318 -6.81 -145.02 -14.38
N TYR GB 319 -5.65 -145.61 -14.11
CA TYR GB 319 -4.70 -145.05 -13.16
C TYR GB 319 -3.82 -144.04 -13.87
N ARG GB 320 -3.50 -142.95 -13.18
CA ARG GB 320 -2.77 -141.84 -13.77
C ARG GB 320 -1.76 -141.32 -12.77
N GLY GB 321 -0.49 -141.32 -13.13
CA GLY GB 321 0.53 -140.76 -12.26
C GLY GB 321 1.73 -141.66 -12.05
N ASP GB 322 2.30 -141.64 -10.85
CA ASP GB 322 3.40 -142.53 -10.49
C ASP GB 322 2.86 -143.81 -9.82
N VAL GB 323 2.19 -144.60 -10.66
CA VAL GB 323 1.52 -145.82 -10.23
C VAL GB 323 2.25 -147.00 -10.85
N VAL GB 324 2.69 -147.93 -10.03
CA VAL GB 324 3.39 -149.12 -10.50
C VAL GB 324 2.38 -150.23 -10.74
N PRO GB 325 2.61 -151.12 -11.71
CA PRO GB 325 1.64 -152.19 -11.96
C PRO GB 325 1.54 -153.21 -10.84
N LYS GB 326 2.55 -153.30 -9.96
CA LYS GB 326 2.44 -154.18 -8.82
C LYS GB 326 1.34 -153.71 -7.87
N ASP GB 327 1.28 -152.41 -7.63
CA ASP GB 327 0.31 -151.89 -6.66
C ASP GB 327 -1.11 -151.91 -7.19
N VAL GB 328 -1.28 -151.91 -8.51
CA VAL GB 328 -2.62 -152.05 -9.08
C VAL GB 328 -3.17 -153.44 -8.79
N ASN GB 329 -2.35 -154.47 -9.01
CA ASN GB 329 -2.79 -155.84 -8.75
C ASN GB 329 -3.01 -156.07 -7.26
N ALA GB 330 -2.20 -155.46 -6.41
CA ALA GB 330 -2.38 -155.63 -4.98
C ALA GB 330 -3.61 -154.90 -4.47
N ALA GB 331 -4.08 -153.89 -5.18
CA ALA GB 331 -5.23 -153.11 -4.73
C ALA GB 331 -6.53 -153.58 -5.35
N VAL GB 332 -6.50 -154.07 -6.58
CA VAL GB 332 -7.71 -154.58 -7.20
C VAL GB 332 -8.07 -155.94 -6.60
N ALA GB 333 -7.09 -156.62 -6.00
CA ALA GB 333 -7.39 -157.87 -5.31
C ALA GB 333 -8.19 -157.63 -4.04
N THR GB 334 -7.88 -156.55 -3.33
CA THR GB 334 -8.61 -156.21 -2.10
C THR GB 334 -10.06 -155.88 -2.42
N ILE GB 335 -10.30 -155.18 -3.53
CA ILE GB 335 -11.66 -154.84 -3.93
C ILE GB 335 -12.44 -156.10 -4.26
N LYS GB 336 -11.79 -157.07 -4.91
CA LYS GB 336 -12.47 -158.29 -5.28
C LYS GB 336 -12.86 -159.12 -4.05
N THR GB 337 -12.00 -159.17 -3.04
CA THR GB 337 -12.29 -159.95 -1.86
C THR GB 337 -13.32 -159.30 -0.94
N LYS GB 338 -13.52 -158.00 -1.04
CA LYS GB 338 -14.50 -157.32 -0.20
C LYS GB 338 -15.91 -157.75 -0.59
N ARG GB 339 -16.77 -157.91 0.40
CA ARG GB 339 -18.06 -158.55 0.17
C ARG GB 339 -19.22 -157.57 0.03
N THR GB 340 -19.11 -156.36 0.55
CA THR GB 340 -20.14 -155.36 0.31
C THR GB 340 -20.18 -154.91 -1.14
N ILE GB 341 -19.09 -155.11 -1.87
CA ILE GB 341 -19.04 -154.91 -3.31
C ILE GB 341 -19.09 -156.28 -3.98
N GLN GB 342 -19.94 -156.41 -5.00
CA GLN GB 342 -20.16 -157.72 -5.58
C GLN GB 342 -20.21 -157.60 -7.10
N PHE GB 343 -19.96 -158.73 -7.75
CA PHE GB 343 -19.89 -158.80 -9.19
C PHE GB 343 -20.90 -159.80 -9.72
N VAL GB 344 -21.28 -159.64 -10.98
CA VAL GB 344 -22.22 -160.56 -11.59
C VAL GB 344 -21.51 -161.89 -11.84
N ASP GB 345 -22.31 -162.97 -11.91
CA ASP GB 345 -21.72 -164.30 -11.94
C ASP GB 345 -21.09 -164.64 -13.29
N TRP GB 346 -21.66 -164.15 -14.38
CA TRP GB 346 -21.16 -164.54 -15.70
C TRP GB 346 -19.99 -163.69 -16.16
N CYS GB 347 -19.48 -162.79 -15.33
CA CYS GB 347 -18.28 -162.02 -15.65
C CYS GB 347 -17.28 -162.21 -14.52
N PRO GB 348 -16.51 -163.31 -14.57
CA PRO GB 348 -15.55 -163.54 -13.48
C PRO GB 348 -14.39 -162.56 -13.48
N THR GB 349 -13.93 -162.12 -14.65
CA THR GB 349 -12.82 -161.19 -14.75
C THR GB 349 -13.42 -159.84 -15.15
N GLY GB 350 -13.83 -159.08 -14.15
CA GLY GB 350 -14.55 -157.85 -14.41
C GLY GB 350 -13.72 -156.60 -14.21
N PHE GB 351 -12.50 -156.59 -14.73
CA PHE GB 351 -11.63 -155.45 -14.54
C PHE GB 351 -10.80 -155.18 -15.79
N LYS GB 352 -10.72 -153.92 -16.19
CA LYS GB 352 -9.80 -153.47 -17.20
C LYS GB 352 -8.88 -152.42 -16.58
N CYS GB 353 -7.58 -152.68 -16.62
CA CYS GB 353 -6.60 -151.87 -15.91
C CYS GB 353 -5.79 -151.04 -16.89
N GLY GB 354 -5.62 -149.77 -16.59
CA GLY GB 354 -4.83 -148.90 -17.44
C GLY GB 354 -3.97 -147.95 -16.63
N ILE GB 355 -2.71 -147.80 -17.01
CA ILE GB 355 -1.74 -147.02 -16.25
C ILE GB 355 -1.11 -146.00 -17.19
N ASN GB 356 -1.08 -144.75 -16.77
CA ASN GB 356 -0.51 -143.68 -17.55
C ASN GB 356 0.51 -142.92 -16.71
N TYR GB 357 1.47 -142.29 -17.39
CA TYR GB 357 2.61 -141.70 -16.69
C TYR GB 357 2.38 -140.26 -16.28
N GLN GB 358 1.73 -139.46 -17.11
CA GLN GB 358 1.67 -138.03 -16.89
C GLN GB 358 0.73 -137.72 -15.73
N PRO GB 359 1.19 -137.08 -14.66
CA PRO GB 359 0.34 -136.82 -13.51
C PRO GB 359 -0.70 -135.76 -13.84
N PRO GB 360 -1.78 -135.66 -13.06
CA PRO GB 360 -2.82 -134.69 -13.37
C PRO GB 360 -2.32 -133.26 -13.26
N THR GB 361 -2.83 -132.41 -14.14
CA THR GB 361 -2.48 -131.00 -14.18
C THR GB 361 -3.52 -130.19 -13.42
N VAL GB 362 -3.07 -129.35 -12.49
CA VAL GB 362 -3.95 -128.51 -11.71
C VAL GB 362 -4.02 -127.13 -12.35
N VAL GB 363 -5.23 -126.60 -12.48
CA VAL GB 363 -5.42 -125.26 -13.00
C VAL GB 363 -5.13 -124.27 -11.87
N PRO GB 364 -4.47 -123.14 -12.14
CA PRO GB 364 -4.32 -122.14 -11.09
C PRO GB 364 -5.65 -121.49 -10.77
N GLY GB 365 -5.88 -121.30 -9.48
CA GLY GB 365 -7.15 -120.77 -9.01
C GLY GB 365 -8.23 -121.80 -8.85
N GLY GB 366 -8.03 -123.03 -9.33
CA GLY GB 366 -8.98 -124.08 -9.09
C GLY GB 366 -8.91 -124.57 -7.67
N ASP GB 367 -9.88 -125.39 -7.31
CA ASP GB 367 -10.00 -125.88 -5.95
C ASP GB 367 -9.34 -127.23 -5.71
N LEU GB 368 -9.01 -127.97 -6.77
CA LEU GB 368 -8.27 -129.20 -6.59
C LEU GB 368 -6.81 -128.88 -6.26
N ALA GB 369 -6.11 -129.87 -5.71
CA ALA GB 369 -4.72 -129.72 -5.33
C ALA GB 369 -3.82 -130.56 -6.21
N LYS GB 370 -2.55 -130.19 -6.26
CA LYS GB 370 -1.56 -130.92 -7.04
C LYS GB 370 -1.26 -132.24 -6.36
N VAL GB 371 -1.59 -133.34 -7.04
CA VAL GB 371 -1.43 -134.67 -6.47
C VAL GB 371 -0.51 -135.47 -7.37
N MET GB 372 0.08 -136.51 -6.80
CA MET GB 372 1.02 -137.33 -7.55
C MET GB 372 0.35 -138.46 -8.31
N ARG GB 373 -0.86 -138.86 -7.94
CA ARG GB 373 -1.53 -139.93 -8.66
C ARG GB 373 -3.04 -139.80 -8.47
N ALA GB 374 -3.77 -140.38 -9.42
CA ALA GB 374 -5.23 -140.30 -9.40
C ALA GB 374 -5.81 -141.48 -10.14
N VAL GB 375 -7.10 -141.73 -9.91
CA VAL GB 375 -7.84 -142.83 -10.54
C VAL GB 375 -9.12 -142.27 -11.13
N CYS GB 376 -9.42 -142.63 -12.37
CA CYS GB 376 -10.73 -142.41 -12.96
C CYS GB 376 -11.35 -143.76 -13.24
N MET GB 377 -12.55 -143.97 -12.73
CA MET GB 377 -13.22 -145.26 -12.76
C MET GB 377 -14.52 -145.14 -13.53
N ILE GB 378 -14.74 -146.05 -14.49
CA ILE GB 378 -15.98 -146.12 -15.24
C ILE GB 378 -16.49 -147.54 -15.15
N SER GB 379 -17.65 -147.72 -14.54
CA SER GB 379 -18.19 -149.05 -14.27
C SER GB 379 -19.60 -149.17 -14.80
N ASN GB 380 -19.93 -150.36 -15.29
CA ASN GB 380 -21.27 -150.68 -15.76
C ASN GB 380 -21.92 -151.58 -14.73
N SER GB 381 -23.12 -151.21 -14.28
CA SER GB 381 -23.79 -151.99 -13.26
C SER GB 381 -25.27 -152.07 -13.57
N THR GB 382 -25.93 -153.01 -12.91
CA THR GB 382 -27.37 -153.14 -13.01
C THR GB 382 -28.08 -152.23 -12.03
N ALA GB 383 -27.37 -151.28 -11.43
CA ALA GB 383 -28.00 -150.26 -10.60
C ALA GB 383 -28.67 -149.17 -11.44
N ILE GB 384 -28.43 -149.14 -12.75
CA ILE GB 384 -29.14 -148.25 -13.66
C ILE GB 384 -30.64 -148.53 -13.73
N ALA GB 385 -31.08 -149.68 -13.23
CA ALA GB 385 -32.51 -149.96 -13.20
C ALA GB 385 -33.26 -148.98 -12.32
N GLU GB 386 -32.63 -148.42 -11.28
CA GLU GB 386 -33.36 -147.47 -10.45
C GLU GB 386 -33.45 -146.10 -11.13
N VAL GB 387 -32.44 -145.71 -11.91
CA VAL GB 387 -32.41 -144.35 -12.40
C VAL GB 387 -33.37 -144.15 -13.55
N PHE GB 388 -33.66 -145.21 -14.31
CA PHE GB 388 -34.73 -145.13 -15.28
C PHE GB 388 -36.08 -145.37 -14.63
N SER GB 389 -36.09 -145.97 -13.44
CA SER GB 389 -37.36 -146.18 -12.75
C SER GB 389 -37.88 -144.90 -12.16
N ARG GB 390 -36.99 -143.94 -11.87
CA ARG GB 390 -37.47 -142.69 -11.30
C ARG GB 390 -38.23 -141.86 -12.33
N MET GB 391 -37.74 -141.78 -13.57
CA MET GB 391 -38.54 -141.08 -14.57
C MET GB 391 -39.77 -141.87 -14.95
N ASP GB 392 -39.66 -143.20 -14.90
CA ASP GB 392 -40.81 -144.05 -15.16
C ASP GB 392 -41.96 -143.71 -14.22
N HIS GB 393 -41.62 -143.42 -12.96
CA HIS GB 393 -42.62 -142.89 -12.03
C HIS GB 393 -43.02 -141.48 -12.43
N LYS GB 394 -42.05 -140.62 -12.76
CA LYS GB 394 -42.33 -139.21 -12.94
C LYS GB 394 -42.97 -138.91 -14.28
N PHE GB 395 -42.58 -139.64 -15.33
CA PHE GB 395 -43.20 -139.42 -16.64
C PHE GB 395 -44.64 -139.91 -16.66
N ASP GB 396 -44.95 -140.94 -15.86
CA ASP GB 396 -46.31 -141.45 -15.84
C ASP GB 396 -47.24 -140.56 -15.03
N LEU GB 397 -46.71 -139.90 -13.99
CA LEU GB 397 -47.48 -138.85 -13.32
C LEU GB 397 -47.76 -137.69 -14.26
N MET GB 398 -46.76 -137.32 -15.06
CA MET GB 398 -46.91 -136.21 -15.99
C MET GB 398 -47.96 -136.51 -17.03
N TYR GB 399 -47.85 -137.66 -17.69
CA TYR GB 399 -48.59 -137.98 -18.90
C TYR GB 399 -49.96 -138.58 -18.63
N ALA GB 400 -50.28 -138.88 -17.37
CA ALA GB 400 -51.56 -139.53 -17.07
C ALA GB 400 -52.73 -138.62 -17.41
N LYS GB 401 -52.68 -137.37 -16.97
CA LYS GB 401 -53.70 -136.41 -17.33
C LYS GB 401 -53.20 -135.43 -18.38
N ARG GB 402 -52.18 -135.84 -19.12
CA ARG GB 402 -51.89 -135.36 -20.47
C ARG GB 402 -51.51 -133.88 -20.42
N ALA GB 403 -50.48 -133.60 -19.63
CA ALA GB 403 -50.03 -132.25 -19.36
C ALA GB 403 -48.78 -131.94 -20.16
N PHE GB 404 -48.63 -130.66 -20.51
CA PHE GB 404 -47.52 -130.10 -21.27
C PHE GB 404 -47.37 -130.70 -22.66
N VAL GB 405 -48.39 -131.38 -23.18
CA VAL GB 405 -48.24 -132.06 -24.46
C VAL GB 405 -48.68 -131.20 -25.64
N HIS GB 406 -49.47 -130.15 -25.40
CA HIS GB 406 -49.85 -129.26 -26.48
C HIS GB 406 -48.66 -128.51 -27.01
N TRP GB 407 -47.66 -128.27 -26.16
CA TRP GB 407 -46.43 -127.64 -26.62
C TRP GB 407 -45.64 -128.56 -27.52
N TYR GB 408 -45.82 -129.87 -27.42
CA TYR GB 408 -45.07 -130.78 -28.26
C TYR GB 408 -45.84 -131.17 -29.51
N VAL GB 409 -47.12 -131.50 -29.36
CA VAL GB 409 -47.91 -131.99 -30.50
C VAL GB 409 -48.11 -130.89 -31.52
N GLY GB 410 -48.41 -129.69 -31.07
CA GLY GB 410 -48.62 -128.59 -31.98
C GLY GB 410 -47.37 -127.97 -32.54
N GLU GB 411 -46.19 -128.43 -32.11
CA GLU GB 411 -44.95 -127.85 -32.57
C GLU GB 411 -44.31 -128.69 -33.68
N GLY GB 412 -44.86 -129.86 -33.96
CA GLY GB 412 -44.45 -130.58 -35.13
C GLY GB 412 -44.38 -132.09 -34.98
N MET GB 413 -44.08 -132.58 -33.79
CA MET GB 413 -44.07 -134.02 -33.57
C MET GB 413 -45.48 -134.49 -33.27
N GLU GB 414 -45.79 -135.69 -33.69
CA GLU GB 414 -47.14 -136.20 -33.50
C GLU GB 414 -47.25 -136.91 -32.16
N GLU GB 415 -48.49 -137.05 -31.70
CA GLU GB 415 -48.75 -137.81 -30.49
C GLU GB 415 -48.51 -139.29 -30.75
N GLY GB 416 -47.75 -139.93 -29.89
CA GLY GB 416 -47.43 -141.32 -30.12
C GLY GB 416 -45.96 -141.62 -29.88
N GLU GB 417 -45.10 -140.63 -30.10
CA GLU GB 417 -43.70 -140.81 -29.74
C GLU GB 417 -43.52 -140.83 -28.23
N PHE GB 418 -44.45 -140.26 -27.47
CA PHE GB 418 -44.44 -140.46 -26.03
C PHE GB 418 -44.70 -141.91 -25.68
N SER GB 419 -45.65 -142.53 -26.38
CA SER GB 419 -45.94 -143.94 -26.12
C SER GB 419 -44.81 -144.82 -26.63
N GLU GB 420 -44.17 -144.42 -27.72
CA GLU GB 420 -43.05 -145.20 -28.24
C GLU GB 420 -41.85 -145.09 -27.31
N ALA GB 421 -41.61 -143.92 -26.73
CA ALA GB 421 -40.49 -143.77 -25.82
C ALA GB 421 -40.77 -144.44 -24.49
N ARG GB 422 -42.03 -144.43 -24.04
CA ARG GB 422 -42.41 -145.08 -22.79
C ARG GB 422 -42.23 -146.59 -22.86
N GLU GB 423 -42.65 -147.20 -23.97
CA GLU GB 423 -42.53 -148.65 -24.10
C GLU GB 423 -41.07 -149.09 -24.21
N ASP GB 424 -40.26 -148.33 -24.96
CA ASP GB 424 -38.87 -148.71 -25.14
C ASP GB 424 -38.06 -148.46 -23.88
N LEU GB 425 -38.42 -147.44 -23.10
CA LEU GB 425 -37.82 -147.29 -21.78
C LEU GB 425 -38.24 -148.42 -20.85
N ALA GB 426 -39.47 -148.90 -21.00
CA ALA GB 426 -39.93 -150.02 -20.19
C ALA GB 426 -39.22 -151.30 -20.58
N ALA GB 427 -38.89 -151.46 -21.86
CA ALA GB 427 -38.14 -152.63 -22.30
C ALA GB 427 -36.72 -152.59 -21.77
N LEU GB 428 -36.17 -151.39 -21.56
CA LEU GB 428 -34.81 -151.28 -21.05
C LEU GB 428 -34.75 -151.71 -19.59
N GLU GB 429 -35.81 -151.46 -18.83
CA GLU GB 429 -35.86 -151.99 -17.47
C GLU GB 429 -35.94 -153.51 -17.46
N LYS GB 430 -36.76 -154.08 -18.34
CA LYS GB 430 -36.87 -155.53 -18.43
C LYS GB 430 -35.55 -156.13 -18.90
N ASP GB 431 -34.82 -155.40 -19.76
CA ASP GB 431 -33.54 -155.89 -20.23
C ASP GB 431 -32.47 -155.82 -19.15
N TYR GB 432 -32.50 -154.78 -18.31
CA TYR GB 432 -31.54 -154.69 -17.22
C TYR GB 432 -31.86 -155.66 -16.10
N GLU GB 433 -33.14 -155.94 -15.88
CA GLU GB 433 -33.51 -156.90 -14.83
C GLU GB 433 -33.22 -158.33 -15.26
N GLU GB 434 -33.32 -158.62 -16.56
CA GLU GB 434 -33.07 -159.97 -17.04
C GLU GB 434 -31.59 -160.32 -16.97
N VAL GB 435 -30.71 -159.33 -17.11
CA VAL GB 435 -29.27 -159.58 -17.10
C VAL GB 435 -28.80 -160.02 -15.73
N GLY GB 436 -29.19 -159.30 -14.70
CA GLY GB 436 -28.70 -159.54 -13.36
C GLY GB 436 -29.36 -160.65 -12.58
N ILE GB 437 -29.98 -161.62 -13.26
CA ILE GB 437 -30.71 -162.67 -12.56
C ILE GB 437 -29.77 -163.77 -12.07
N MET HB 1 -30.49 -110.03 -33.76
CA MET HB 1 -30.81 -111.13 -32.85
C MET HB 1 -32.29 -111.09 -32.50
N ARG HB 2 -32.60 -111.26 -31.21
CA ARG HB 2 -33.97 -111.15 -30.75
C ARG HB 2 -34.32 -109.70 -30.44
N GLU HB 3 -35.55 -109.29 -30.75
CA GLU HB 3 -36.04 -107.98 -30.34
C GLU HB 3 -37.45 -108.10 -29.81
N ILE HB 4 -37.71 -107.48 -28.67
CA ILE HB 4 -39.05 -107.30 -28.14
C ILE HB 4 -39.53 -105.93 -28.55
N VAL HB 5 -40.76 -105.86 -29.06
CA VAL HB 5 -41.40 -104.61 -29.42
C VAL HB 5 -42.36 -104.25 -28.30
N HIS HB 6 -42.11 -103.12 -27.63
CA HIS HB 6 -42.91 -102.71 -26.49
C HIS HB 6 -44.11 -101.91 -26.96
N VAL HB 7 -45.28 -102.22 -26.40
CA VAL HB 7 -46.53 -101.55 -26.76
C VAL HB 7 -47.22 -101.07 -25.49
N GLN HB 8 -47.66 -99.82 -25.49
CA GLN HB 8 -48.34 -99.17 -24.37
C GLN HB 8 -49.68 -98.68 -24.83
N GLY HB 9 -50.73 -99.05 -24.14
CA GLY HB 9 -52.06 -98.56 -24.45
C GLY HB 9 -52.72 -97.98 -23.22
N GLY HB 10 -53.20 -96.75 -23.35
CA GLY HB 10 -53.96 -96.12 -22.30
C GLY HB 10 -53.12 -95.26 -21.37
N GLN HB 11 -53.82 -94.56 -20.46
CA GLN HB 11 -53.13 -93.70 -19.52
C GLN HB 11 -52.35 -94.51 -18.50
N CYS HB 12 -52.90 -95.63 -18.07
CA CYS HB 12 -52.14 -96.55 -17.25
C CYS HB 12 -51.01 -97.17 -18.05
N GLY HB 13 -51.27 -97.48 -19.31
CA GLY HB 13 -50.24 -98.07 -20.15
C GLY HB 13 -49.10 -97.12 -20.44
N ASN HB 14 -49.42 -95.84 -20.66
CA ASN HB 14 -48.36 -94.89 -20.96
C ASN HB 14 -47.55 -94.55 -19.72
N GLN HB 15 -48.20 -94.44 -18.57
CA GLN HB 15 -47.49 -94.07 -17.36
C GLN HB 15 -46.71 -95.23 -16.75
N ILE HB 16 -47.20 -96.46 -16.85
CA ILE HB 16 -46.40 -97.58 -16.38
C ILE HB 16 -45.20 -97.80 -17.27
N GLY HB 17 -45.41 -97.77 -18.59
CA GLY HB 17 -44.31 -98.03 -19.50
C GLY HB 17 -43.31 -96.89 -19.58
N ALA HB 18 -43.70 -95.68 -19.19
CA ALA HB 18 -42.73 -94.60 -19.07
C ALA HB 18 -41.70 -94.92 -18.00
N LYS HB 19 -42.13 -95.48 -16.88
CA LYS HB 19 -41.18 -95.89 -15.86
C LYS HB 19 -40.43 -97.16 -16.24
N PHE HB 20 -40.99 -97.97 -17.12
CA PHE HB 20 -40.25 -99.12 -17.60
C PHE HB 20 -39.04 -98.69 -18.40
N TRP HB 21 -39.19 -97.65 -19.20
CA TRP HB 21 -38.06 -97.22 -20.01
C TRP HB 21 -37.04 -96.45 -19.19
N GLU HB 22 -37.46 -95.86 -18.08
CA GLU HB 22 -36.50 -95.16 -17.22
C GLU HB 22 -35.58 -96.14 -16.52
N VAL HB 23 -36.07 -97.34 -16.22
CA VAL HB 23 -35.22 -98.29 -15.51
C VAL HB 23 -34.40 -99.13 -16.47
N ILE HB 24 -34.89 -99.36 -17.69
CA ILE HB 24 -34.09 -100.08 -18.68
C ILE HB 24 -32.95 -99.21 -19.17
N SER HB 25 -33.22 -97.93 -19.44
CA SER HB 25 -32.19 -97.02 -19.91
C SER HB 25 -31.13 -96.79 -18.84
N ASP HB 26 -31.53 -96.78 -17.58
CA ASP HB 26 -30.58 -96.67 -16.50
C ASP HB 26 -29.72 -97.91 -16.45
N GLU HB 27 -30.31 -99.07 -16.75
CA GLU HB 27 -29.59 -100.33 -16.66
C GLU HB 27 -28.58 -100.48 -17.79
N HIS HB 28 -28.93 -100.03 -18.98
CA HIS HB 28 -28.05 -100.14 -20.12
C HIS HB 28 -27.21 -98.88 -20.35
N GLY HB 29 -27.35 -97.87 -19.51
CA GLY HB 29 -26.48 -96.72 -19.55
C GLY HB 29 -26.85 -95.63 -20.52
N ILE HB 30 -28.11 -95.54 -20.92
CA ILE HB 30 -28.54 -94.56 -21.90
C ILE HB 30 -28.99 -93.30 -21.18
N ASP HB 31 -28.50 -92.15 -21.63
CA ASP HB 31 -28.92 -90.87 -21.12
C ASP HB 31 -30.33 -90.53 -21.59
N PRO HB 32 -31.00 -89.58 -20.96
CA PRO HB 32 -32.26 -89.07 -21.52
C PRO HB 32 -32.11 -88.48 -22.89
N THR HB 33 -30.96 -87.87 -23.18
CA THR HB 33 -30.73 -87.36 -24.53
C THR HB 33 -30.45 -88.48 -25.52
N GLY HB 34 -30.14 -89.68 -25.04
CA GLY HB 34 -30.06 -90.83 -25.89
C GLY HB 34 -28.68 -91.35 -26.23
N THR HB 35 -27.65 -90.90 -25.56
CA THR HB 35 -26.30 -91.38 -25.84
C THR HB 35 -25.83 -92.29 -24.74
N TYR HB 36 -24.90 -93.17 -25.07
CA TYR HB 36 -24.43 -94.13 -24.10
C TYR HB 36 -23.36 -93.51 -23.20
N CYS HB 37 -23.34 -93.98 -21.96
CA CYS HB 37 -22.26 -93.66 -21.04
C CYS HB 37 -21.90 -94.91 -20.27
N GLY HB 38 -20.72 -94.90 -19.67
CA GLY HB 38 -20.37 -95.93 -18.72
C GLY HB 38 -19.48 -97.04 -19.21
N ASP HB 39 -18.97 -96.95 -20.44
CA ASP HB 39 -17.90 -97.73 -21.08
C ASP HB 39 -17.77 -99.19 -20.65
N SER HB 40 -18.88 -99.94 -20.64
CA SER HB 40 -18.86 -101.35 -20.32
C SER HB 40 -19.45 -102.14 -21.46
N ASP HB 41 -18.79 -103.24 -21.82
CA ASP HB 41 -19.15 -103.98 -23.03
C ASP HB 41 -20.42 -104.79 -22.85
N LEU HB 42 -20.69 -105.27 -21.64
CA LEU HB 42 -21.91 -106.04 -21.40
C LEU HB 42 -23.15 -105.18 -21.58
N GLN HB 43 -23.03 -103.88 -21.33
CA GLN HB 43 -24.16 -102.99 -21.43
C GLN HB 43 -24.65 -102.80 -22.85
N LEU HB 44 -23.80 -103.02 -23.85
CA LEU HB 44 -24.18 -102.80 -25.23
C LEU HB 44 -24.13 -104.04 -26.10
N GLU HB 45 -23.73 -105.19 -25.55
CA GLU HB 45 -23.61 -106.38 -26.39
C GLU HB 45 -24.97 -106.88 -26.84
N ARG HB 46 -26.00 -106.73 -25.99
CA ARG HB 46 -27.36 -107.07 -26.36
C ARG HB 46 -28.20 -105.85 -26.00
N ILE HB 47 -28.20 -104.88 -26.89
CA ILE HB 47 -28.95 -103.64 -26.72
C ILE HB 47 -30.10 -103.58 -27.70
N ASN HB 48 -30.09 -104.41 -28.74
CA ASN HB 48 -31.10 -104.41 -29.77
C ASN HB 48 -32.31 -105.26 -29.42
N VAL HB 49 -32.36 -105.83 -28.21
CA VAL HB 49 -33.61 -106.43 -27.79
C VAL HB 49 -34.65 -105.35 -27.56
N PHE HB 50 -34.23 -104.16 -27.19
CA PHE HB 50 -35.14 -103.07 -26.89
C PHE HB 50 -34.87 -101.81 -27.70
N TYR HB 51 -33.62 -101.50 -27.96
CA TYR HB 51 -33.26 -100.24 -28.58
C TYR HB 51 -33.01 -100.39 -30.07
N ASN HB 52 -32.71 -99.27 -30.70
CA ASN HB 52 -32.57 -99.21 -32.14
C ASN HB 52 -31.64 -98.06 -32.47
N GLU HB 53 -30.56 -98.34 -33.20
CA GLU HB 53 -29.62 -97.31 -33.62
C GLU HB 53 -30.29 -96.35 -34.60
N ALA HB 54 -29.78 -95.13 -34.65
CA ALA HB 54 -30.42 -94.07 -35.42
C ALA HB 54 -29.58 -93.58 -36.57
N THR HB 55 -28.45 -94.23 -36.86
CA THR HB 55 -27.41 -93.76 -37.78
C THR HB 55 -26.99 -92.33 -37.47
N GLY HB 56 -27.01 -91.98 -36.19
CA GLY HB 56 -26.50 -90.73 -35.72
C GLY HB 56 -25.82 -91.00 -34.40
N GLY HB 57 -25.84 -92.26 -34.00
CA GLY HB 57 -25.21 -92.72 -32.80
C GLY HB 57 -26.15 -92.94 -31.63
N ARG HB 58 -27.35 -92.39 -31.68
CA ARG HB 58 -28.23 -92.46 -30.53
C ARG HB 58 -29.18 -93.64 -30.63
N PHE HB 59 -29.77 -93.98 -29.49
CA PHE HB 59 -30.60 -95.15 -29.34
C PHE HB 59 -32.04 -94.71 -29.12
N VAL HB 60 -32.97 -95.31 -29.85
CA VAL HB 60 -34.38 -95.03 -29.66
C VAL HB 60 -35.07 -96.31 -29.17
N PRO HB 61 -36.04 -96.21 -28.28
CA PRO HB 61 -36.74 -97.42 -27.84
C PRO HB 61 -37.62 -97.95 -28.95
N ARG HB 62 -37.86 -99.25 -28.91
CA ARG HB 62 -38.77 -99.90 -29.84
C ARG HB 62 -40.19 -99.87 -29.32
N ALA HB 63 -40.66 -98.69 -28.93
CA ALA HB 63 -41.91 -98.57 -28.20
C ALA HB 63 -42.95 -97.88 -29.07
N ILE HB 64 -44.19 -98.32 -28.93
CA ILE HB 64 -45.31 -97.76 -29.65
C ILE HB 64 -46.28 -97.21 -28.62
N LEU HB 65 -46.22 -95.91 -28.38
CA LEU HB 65 -47.19 -95.25 -27.51
C LEU HB 65 -48.55 -95.28 -28.17
N MET HB 66 -49.61 -95.32 -27.36
CA MET HB 66 -50.95 -95.42 -27.91
C MET HB 66 -51.98 -94.98 -26.89
N ASP HB 67 -52.75 -93.95 -27.20
CA ASP HB 67 -53.81 -93.51 -26.32
C ASP HB 67 -54.87 -92.78 -27.15
N LEU HB 68 -56.11 -92.82 -26.69
CA LEU HB 68 -57.22 -92.20 -27.38
C LEU HB 68 -57.49 -90.76 -26.95
N GLU HB 69 -56.71 -90.23 -26.03
CA GLU HB 69 -56.71 -88.85 -25.64
C GLU HB 69 -55.35 -88.24 -25.95
N PRO HB 70 -55.27 -86.94 -26.21
CA PRO HB 70 -53.97 -86.32 -26.43
C PRO HB 70 -53.25 -85.92 -25.15
N GLY HB 71 -53.90 -86.03 -24.00
CA GLY HB 71 -53.36 -85.49 -22.78
C GLY HB 71 -52.20 -86.25 -22.18
N THR HB 72 -52.34 -87.56 -21.99
CA THR HB 72 -51.36 -88.31 -21.23
C THR HB 72 -50.06 -88.54 -22.00
N MET HB 73 -50.08 -88.39 -23.32
CA MET HB 73 -48.84 -88.48 -24.07
C MET HB 73 -48.06 -87.18 -24.05
N ASP HB 74 -48.72 -86.07 -23.71
CA ASP HB 74 -47.98 -84.84 -23.45
C ASP HB 74 -47.24 -84.92 -22.13
N SER HB 75 -47.78 -85.67 -21.17
CA SER HB 75 -47.12 -85.82 -19.88
C SER HB 75 -45.90 -86.71 -19.97
N VAL HB 76 -45.98 -87.75 -20.80
CA VAL HB 76 -44.83 -88.64 -20.99
C VAL HB 76 -43.72 -87.91 -21.73
N ARG HB 77 -44.08 -87.11 -22.72
CA ARG HB 77 -43.10 -86.38 -23.53
C ARG HB 77 -42.37 -85.34 -22.70
N ALA HB 78 -43.09 -84.57 -21.88
CA ALA HB 78 -42.49 -83.45 -21.19
C ALA HB 78 -41.64 -83.86 -19.98
N GLY HB 79 -41.77 -85.09 -19.52
CA GLY HB 79 -41.04 -85.49 -18.34
C GLY HB 79 -39.62 -85.88 -18.67
N PRO HB 80 -38.90 -86.36 -17.66
CA PRO HB 80 -37.59 -86.93 -17.93
C PRO HB 80 -37.63 -88.27 -18.65
N PHE HB 81 -36.61 -88.49 -19.47
CA PHE HB 81 -36.57 -89.59 -20.43
C PHE HB 81 -37.78 -89.57 -21.36
N GLY HB 82 -38.26 -88.38 -21.71
CA GLY HB 82 -39.42 -88.26 -22.55
C GLY HB 82 -39.03 -87.83 -23.95
N GLN HB 83 -37.81 -87.37 -24.08
CA GLN HB 83 -37.25 -87.08 -25.39
C GLN HB 83 -36.68 -88.32 -26.04
N LEU HB 84 -36.70 -89.45 -25.35
CA LEU HB 84 -36.07 -90.65 -25.85
C LEU HB 84 -36.91 -91.28 -26.95
N PHE HB 85 -38.23 -91.17 -26.89
CA PHE HB 85 -39.09 -91.87 -27.83
C PHE HB 85 -39.10 -91.18 -29.19
N ARG HB 86 -39.32 -91.97 -30.23
CA ARG HB 86 -39.49 -91.39 -31.55
C ARG HB 86 -40.84 -90.74 -31.64
N PRO HB 87 -40.94 -89.51 -32.14
CA PRO HB 87 -42.23 -88.82 -32.16
C PRO HB 87 -43.26 -89.45 -33.06
N ASP HB 88 -42.87 -90.18 -34.08
CA ASP HB 88 -43.85 -90.83 -34.94
C ASP HB 88 -44.42 -92.09 -34.33
N ASN HB 89 -43.83 -92.60 -33.25
CA ASN HB 89 -44.36 -93.79 -32.61
C ASN HB 89 -45.52 -93.47 -31.69
N PHE HB 90 -45.74 -92.21 -31.35
CA PHE HB 90 -46.95 -91.82 -30.66
C PHE HB 90 -48.11 -91.94 -31.64
N VAL HB 91 -49.27 -92.37 -31.14
CA VAL HB 91 -50.48 -92.31 -31.94
C VAL HB 91 -51.61 -91.72 -31.10
N PHE HB 92 -52.29 -90.74 -31.67
CA PHE HB 92 -53.16 -89.82 -30.94
C PHE HB 92 -54.62 -90.10 -31.26
N GLY HB 93 -55.48 -89.89 -30.28
CA GLY HB 93 -56.90 -89.78 -30.52
C GLY HB 93 -57.40 -88.49 -29.92
N GLN HB 94 -58.39 -87.88 -30.58
CA GLN HB 94 -58.96 -86.65 -30.08
C GLN HB 94 -60.23 -86.86 -29.27
N THR HB 95 -60.91 -87.98 -29.44
CA THR HB 95 -62.23 -88.18 -28.85
C THR HB 95 -62.14 -88.94 -27.53
N GLY HB 96 -61.62 -90.16 -27.56
CA GLY HB 96 -61.41 -90.94 -26.36
C GLY HB 96 -62.60 -91.82 -26.01
N ALA HB 97 -62.31 -92.84 -25.22
CA ALA HB 97 -63.32 -93.76 -24.73
C ALA HB 97 -63.64 -93.39 -23.29
N GLY HB 98 -64.91 -93.13 -23.01
CA GLY HB 98 -65.29 -92.71 -21.69
C GLY HB 98 -65.45 -93.85 -20.70
N ASN HB 99 -64.38 -94.65 -20.52
CA ASN HB 99 -64.44 -95.94 -19.84
C ASN HB 99 -65.57 -96.80 -20.39
N ASN HB 100 -65.72 -96.78 -21.70
CA ASN HB 100 -66.72 -97.59 -22.38
C ASN HB 100 -65.93 -98.49 -23.31
N TRP HB 101 -65.88 -99.77 -22.98
CA TRP HB 101 -65.13 -100.75 -23.75
C TRP HB 101 -65.66 -100.88 -25.16
N ALA HB 102 -66.96 -100.67 -25.36
CA ALA HB 102 -67.52 -100.85 -26.69
C ALA HB 102 -66.99 -99.81 -27.65
N LYS HB 103 -66.95 -98.54 -27.25
CA LYS HB 103 -66.44 -97.54 -28.17
C LYS HB 103 -64.94 -97.59 -28.30
N GLY HB 104 -64.24 -98.20 -27.36
CA GLY HB 104 -62.81 -98.40 -27.53
C GLY HB 104 -62.51 -99.55 -28.48
N HIS HB 105 -63.34 -100.59 -28.43
CA HIS HB 105 -63.11 -101.77 -29.23
C HIS HB 105 -63.91 -101.77 -30.52
N TYR HB 106 -64.93 -100.94 -30.67
CA TYR HB 106 -65.71 -101.01 -31.89
C TYR HB 106 -65.72 -99.69 -32.66
N THR HB 107 -66.04 -98.57 -32.03
CA THR HB 107 -66.27 -97.34 -32.79
C THR HB 107 -65.03 -96.46 -32.85
N GLU HB 108 -64.56 -95.94 -31.72
CA GLU HB 108 -63.49 -94.95 -31.75
C GLU HB 108 -62.14 -95.58 -32.06
N GLY HB 109 -61.90 -96.78 -31.55
CA GLY HB 109 -60.63 -97.42 -31.79
C GLY HB 109 -60.48 -98.04 -33.17
N ALA HB 110 -61.57 -98.15 -33.92
CA ALA HB 110 -61.47 -98.75 -35.25
C ALA HB 110 -60.77 -97.82 -36.24
N GLU HB 111 -61.01 -96.50 -36.14
CA GLU HB 111 -60.25 -95.62 -37.00
C GLU HB 111 -58.84 -95.41 -36.52
N LEU HB 112 -58.53 -95.77 -35.29
CA LEU HB 112 -57.19 -95.57 -34.77
C LEU HB 112 -56.31 -96.79 -34.90
N ILE HB 113 -56.89 -97.99 -34.96
CA ILE HB 113 -56.07 -99.18 -35.01
C ILE HB 113 -55.33 -99.28 -36.34
N ASP HB 114 -55.94 -98.81 -37.43
CA ASP HB 114 -55.27 -98.89 -38.72
C ASP HB 114 -54.03 -98.02 -38.77
N SER HB 115 -53.90 -97.03 -37.89
CA SER HB 115 -52.71 -96.22 -37.84
C SER HB 115 -51.66 -96.80 -36.91
N VAL HB 116 -52.06 -97.25 -35.72
CA VAL HB 116 -51.08 -97.80 -34.80
C VAL HB 116 -50.58 -99.15 -35.27
N LEU HB 117 -51.44 -99.92 -35.95
CA LEU HB 117 -50.97 -101.18 -36.49
C LEU HB 117 -50.18 -100.99 -37.78
N ASP HB 118 -50.27 -99.81 -38.39
CA ASP HB 118 -49.34 -99.48 -39.45
C ASP HB 118 -47.94 -99.30 -38.90
N VAL HB 119 -47.82 -98.67 -37.73
CA VAL HB 119 -46.51 -98.45 -37.14
C VAL HB 119 -45.92 -99.77 -36.67
N VAL HB 120 -46.73 -100.61 -36.02
CA VAL HB 120 -46.18 -101.80 -35.40
C VAL HB 120 -45.81 -102.83 -36.45
N ARG HB 121 -46.37 -102.74 -37.65
CA ARG HB 121 -45.86 -103.56 -38.73
C ARG HB 121 -44.55 -103.00 -39.25
N LYS HB 122 -44.44 -101.67 -39.30
CA LYS HB 122 -43.24 -101.04 -39.84
C LYS HB 122 -42.04 -101.29 -38.95
N GLU HB 123 -42.23 -101.24 -37.63
CA GLU HB 123 -41.11 -101.35 -36.74
C GLU HB 123 -40.70 -102.81 -36.57
N ALA HB 124 -41.67 -103.71 -36.52
CA ALA HB 124 -41.36 -105.11 -36.31
C ALA HB 124 -40.69 -105.74 -37.52
N GLU HB 125 -41.19 -105.46 -38.71
CA GLU HB 125 -40.64 -106.07 -39.91
C GLU HB 125 -39.24 -105.54 -40.20
N GLY HB 126 -38.96 -104.29 -39.84
CA GLY HB 126 -37.69 -103.67 -40.13
C GLY HB 126 -36.51 -104.28 -39.42
N CYS HB 127 -36.74 -105.11 -38.42
CA CYS HB 127 -35.66 -105.78 -37.73
C CYS HB 127 -35.30 -107.06 -38.50
N ASP HB 128 -34.45 -107.88 -37.90
CA ASP HB 128 -34.01 -109.09 -38.58
C ASP HB 128 -35.10 -110.18 -38.56
N CYS HB 129 -35.40 -110.73 -37.38
CA CYS HB 129 -36.54 -111.63 -37.17
C CYS HB 129 -36.92 -111.51 -35.71
N LEU HB 130 -38.19 -111.20 -35.47
CA LEU HB 130 -38.69 -110.79 -34.17
C LEU HB 130 -38.70 -111.94 -33.18
N GLN HB 131 -38.66 -111.59 -31.88
CA GLN HB 131 -38.82 -112.55 -30.80
C GLN HB 131 -40.21 -112.50 -30.19
N GLY HB 132 -40.64 -111.33 -29.73
CA GLY HB 132 -41.97 -111.21 -29.17
C GLY HB 132 -42.43 -109.77 -29.11
N PHE HB 133 -43.67 -109.60 -28.68
CA PHE HB 133 -44.23 -108.31 -28.34
C PHE HB 133 -44.50 -108.28 -26.85
N GLN HB 134 -44.71 -107.09 -26.30
CA GLN HB 134 -45.27 -107.01 -24.97
C GLN HB 134 -46.17 -105.79 -24.85
N ILE HB 135 -47.20 -105.92 -24.01
CA ILE HB 135 -48.28 -104.96 -23.91
C ILE HB 135 -48.44 -104.60 -22.43
N THR HB 136 -48.43 -103.32 -22.13
CA THR HB 136 -48.71 -102.82 -20.80
C THR HB 136 -49.99 -102.00 -20.85
N HIS HB 137 -50.99 -102.37 -20.05
CA HIS HB 137 -52.28 -101.71 -20.14
C HIS HB 137 -53.09 -102.02 -18.89
N SER HB 138 -54.26 -101.39 -18.80
CA SER HB 138 -55.21 -101.58 -17.71
C SER HB 138 -56.50 -102.14 -18.26
N LEU HB 139 -57.15 -102.99 -17.49
CA LEU HB 139 -58.41 -103.55 -17.94
C LEU HB 139 -59.63 -102.89 -17.32
N GLY HB 140 -59.46 -102.03 -16.33
CA GLY HB 140 -60.60 -101.29 -15.84
C GLY HB 140 -60.94 -100.04 -16.63
N GLY HB 141 -60.09 -99.66 -17.58
CA GLY HB 141 -60.26 -98.42 -18.30
C GLY HB 141 -60.96 -98.61 -19.62
N GLY HB 142 -60.95 -97.55 -20.42
CA GLY HB 142 -61.62 -97.58 -21.70
C GLY HB 142 -60.73 -97.96 -22.85
N THR HB 143 -59.60 -97.27 -22.99
CA THR HB 143 -58.73 -97.49 -24.14
C THR HB 143 -57.59 -98.46 -23.87
N GLY HB 144 -57.18 -98.63 -22.62
CA GLY HB 144 -56.28 -99.72 -22.32
C GLY HB 144 -56.94 -101.07 -22.42
N SER HB 145 -58.24 -101.15 -22.12
CA SER HB 145 -58.98 -102.39 -22.17
C SER HB 145 -59.75 -102.61 -23.45
N GLY HB 146 -60.20 -101.53 -24.10
CA GLY HB 146 -61.04 -101.69 -25.27
C GLY HB 146 -60.27 -101.70 -26.57
N MET HB 147 -59.46 -100.68 -26.81
CA MET HB 147 -58.71 -100.64 -28.05
C MET HB 147 -57.40 -101.40 -27.91
N GLY HB 148 -56.93 -101.58 -26.69
CA GLY HB 148 -55.71 -102.32 -26.47
C GLY HB 148 -55.85 -103.79 -26.82
N THR HB 149 -56.99 -104.38 -26.49
CA THR HB 149 -57.20 -105.79 -26.81
C THR HB 149 -57.46 -105.98 -28.29
N LEU HB 150 -57.92 -104.95 -28.99
CA LEU HB 150 -58.13 -105.09 -30.42
C LEU HB 150 -56.81 -105.14 -31.15
N LEU HB 151 -55.80 -104.44 -30.63
CA LEU HB 151 -54.46 -104.62 -31.16
C LEU HB 151 -53.97 -106.03 -30.91
N ILE HB 152 -54.22 -106.55 -29.71
CA ILE HB 152 -53.80 -107.90 -29.37
C ILE HB 152 -54.46 -108.91 -30.28
N SER HB 153 -55.72 -108.69 -30.62
CA SER HB 153 -56.42 -109.57 -31.55
C SER HB 153 -55.80 -109.51 -32.93
N LYS HB 154 -55.52 -108.30 -33.41
CA LYS HB 154 -55.18 -108.15 -34.82
C LYS HB 154 -53.72 -108.52 -35.11
N VAL HB 155 -52.79 -108.29 -34.17
CA VAL HB 155 -51.42 -108.66 -34.48
C VAL HB 155 -51.18 -110.14 -34.16
N ARG HB 156 -52.01 -110.73 -33.30
CA ARG HB 156 -51.94 -112.17 -33.10
C ARG HB 156 -52.32 -112.91 -34.36
N GLU HB 157 -53.30 -112.40 -35.10
CA GLU HB 157 -53.62 -112.98 -36.40
C GLU HB 157 -52.47 -112.76 -37.38
N GLU HB 158 -51.83 -111.60 -37.32
CA GLU HB 158 -50.80 -111.28 -38.29
C GLU HB 158 -49.52 -112.07 -38.01
N TYR HB 159 -49.11 -112.13 -36.75
CA TYR HB 159 -47.88 -112.79 -36.32
C TYR HB 159 -48.26 -113.91 -35.37
N PRO HB 160 -48.58 -115.08 -35.88
CA PRO HB 160 -49.24 -116.10 -35.06
C PRO HB 160 -48.34 -116.87 -34.12
N ASP HB 161 -47.07 -117.07 -34.47
CA ASP HB 161 -46.19 -117.90 -33.67
C ASP HB 161 -45.18 -117.12 -32.83
N ARG HB 162 -45.37 -115.82 -32.65
CA ARG HB 162 -44.46 -115.05 -31.83
C ARG HB 162 -45.01 -114.91 -30.42
N ILE HB 163 -44.11 -114.69 -29.47
CA ILE HB 163 -44.53 -114.63 -28.08
C ILE HB 163 -45.25 -113.32 -27.82
N MET HB 164 -46.35 -113.39 -27.08
CA MET HB 164 -47.13 -112.23 -26.74
C MET HB 164 -47.39 -112.25 -25.25
N GLU HB 165 -47.07 -111.17 -24.56
CA GLU HB 165 -46.99 -111.22 -23.11
C GLU HB 165 -47.44 -109.88 -22.56
N THR HB 166 -48.33 -109.90 -21.58
CA THR HB 166 -49.03 -108.71 -21.16
C THR HB 166 -48.87 -108.46 -19.68
N PHE HB 167 -48.52 -107.24 -19.32
CA PHE HB 167 -48.64 -106.76 -17.95
C PHE HB 167 -49.95 -105.98 -17.87
N SER HB 168 -51.02 -106.66 -17.49
CA SER HB 168 -52.32 -106.04 -17.37
C SER HB 168 -52.70 -105.92 -15.91
N VAL HB 169 -53.10 -104.73 -15.49
CA VAL HB 169 -53.59 -104.50 -14.14
C VAL HB 169 -55.10 -104.67 -14.15
N PHE HB 170 -55.59 -105.57 -13.31
CA PHE HB 170 -57.01 -105.89 -13.26
C PHE HB 170 -57.73 -104.82 -12.46
N PRO HB 171 -59.06 -104.86 -12.42
CA PRO HB 171 -59.80 -104.03 -11.47
C PRO HB 171 -59.36 -104.28 -10.04
N SER HB 172 -59.30 -103.20 -9.30
CA SER HB 172 -58.94 -103.25 -7.91
C SER HB 172 -60.02 -103.97 -7.12
N PRO HB 173 -59.66 -104.87 -6.23
CA PRO HB 173 -60.69 -105.65 -5.51
C PRO HB 173 -61.56 -104.85 -4.55
N LYS HB 174 -60.96 -104.19 -3.56
CA LYS HB 174 -61.76 -103.60 -2.50
C LYS HB 174 -62.29 -102.22 -2.87
N VAL HB 175 -61.38 -101.26 -3.02
CA VAL HB 175 -61.73 -99.92 -3.44
C VAL HB 175 -61.60 -99.90 -4.95
N SER HB 176 -62.71 -99.71 -5.63
CA SER HB 176 -62.78 -100.01 -7.04
C SER HB 176 -63.30 -98.76 -7.75
N ASP HB 177 -62.40 -98.08 -8.44
CA ASP HB 177 -62.70 -96.85 -9.15
C ASP HB 177 -63.09 -97.17 -10.59
N THR HB 178 -63.68 -96.18 -11.27
CA THR HB 178 -64.25 -96.34 -12.61
C THR HB 178 -65.34 -97.42 -12.62
N VAL HB 179 -66.49 -97.05 -12.05
CA VAL HB 179 -67.64 -97.88 -11.68
C VAL HB 179 -68.02 -98.95 -12.70
N VAL HB 180 -67.79 -98.73 -13.98
CA VAL HB 180 -67.90 -99.88 -14.87
C VAL HB 180 -66.55 -100.58 -14.94
N GLU HB 181 -66.19 -101.28 -13.86
CA GLU HB 181 -65.07 -102.21 -13.88
C GLU HB 181 -65.42 -103.59 -14.40
N PRO HB 182 -66.44 -104.29 -13.88
CA PRO HB 182 -66.57 -105.70 -14.26
C PRO HB 182 -67.02 -105.87 -15.68
N TYR HB 183 -67.75 -104.89 -16.22
CA TYR HB 183 -68.09 -104.88 -17.63
C TYR HB 183 -66.84 -104.81 -18.50
N ASN HB 184 -65.89 -103.97 -18.12
CA ASN HB 184 -64.66 -103.84 -18.90
C ASN HB 184 -63.75 -105.03 -18.68
N ALA HB 185 -63.66 -105.52 -17.45
CA ALA HB 185 -62.74 -106.60 -17.15
C ALA HB 185 -63.17 -107.90 -17.82
N THR HB 186 -64.44 -108.28 -17.64
CA THR HB 186 -64.92 -109.55 -18.17
C THR HB 186 -64.88 -109.54 -19.70
N LEU HB 187 -65.23 -108.42 -20.31
CA LEU HB 187 -65.18 -108.34 -21.76
C LEU HB 187 -63.76 -108.40 -22.28
N SER HB 188 -62.81 -107.87 -21.52
CA SER HB 188 -61.43 -107.91 -21.97
C SER HB 188 -60.81 -109.25 -21.71
N VAL HB 189 -61.22 -109.93 -20.64
CA VAL HB 189 -60.59 -111.19 -20.27
C VAL HB 189 -60.95 -112.28 -21.27
N HIS HB 190 -62.22 -112.38 -21.69
CA HIS HB 190 -62.53 -113.55 -22.51
C HIS HB 190 -62.02 -113.37 -23.92
N GLN HB 191 -61.55 -112.18 -24.24
CA GLN HB 191 -60.92 -111.88 -25.50
C GLN HB 191 -59.43 -112.08 -25.41
N LEU HB 192 -58.89 -112.03 -24.21
CA LEU HB 192 -57.47 -112.21 -23.94
C LEU HB 192 -57.11 -113.66 -23.61
N VAL HB 193 -58.08 -114.53 -23.38
CA VAL HB 193 -57.76 -115.93 -23.12
C VAL HB 193 -57.46 -116.68 -24.40
N GLU HB 194 -58.06 -116.26 -25.52
CA GLU HB 194 -57.71 -116.88 -26.79
C GLU HB 194 -56.65 -116.14 -27.57
N ASN HB 195 -56.08 -115.06 -27.02
CA ASN HB 195 -55.19 -114.25 -27.82
C ASN HB 195 -53.94 -113.78 -27.09
N ALA HB 196 -53.58 -114.38 -25.97
CA ALA HB 196 -52.38 -113.99 -25.25
C ALA HB 196 -51.63 -115.23 -24.81
N ASP HB 197 -50.31 -115.15 -24.80
CA ASP HB 197 -49.51 -116.30 -24.42
C ASP HB 197 -49.13 -116.27 -22.95
N GLU HB 198 -48.66 -115.13 -22.44
CA GLU HB 198 -48.43 -114.93 -21.03
C GLU HB 198 -49.24 -113.73 -20.59
N VAL HB 199 -49.98 -113.88 -19.49
CA VAL HB 199 -50.68 -112.76 -18.87
C VAL HB 199 -50.23 -112.67 -17.43
N GLN HB 200 -49.84 -111.48 -17.01
CA GLN HB 200 -49.36 -111.23 -15.67
C GLN HB 200 -50.33 -110.28 -14.99
N VAL HB 201 -50.80 -110.67 -13.81
CA VAL HB 201 -51.89 -109.96 -13.13
C VAL HB 201 -51.31 -109.12 -12.01
N ILE HB 202 -51.62 -107.83 -12.03
CA ILE HB 202 -51.21 -106.88 -11.00
C ILE HB 202 -52.47 -106.20 -10.50
N ASP HB 203 -52.56 -105.99 -9.20
CA ASP HB 203 -53.62 -105.19 -8.61
C ASP HB 203 -53.01 -104.01 -7.89
N ASN HB 204 -53.77 -102.95 -7.77
CA ASN HB 204 -53.25 -101.79 -7.07
C ASN HB 204 -53.30 -101.99 -5.56
N GLU HB 205 -54.35 -102.64 -5.06
CA GLU HB 205 -54.43 -102.96 -3.63
C GLU HB 205 -53.36 -103.94 -3.21
N ALA HB 206 -52.91 -104.78 -4.14
CA ALA HB 206 -51.72 -105.56 -3.85
C ALA HB 206 -50.50 -104.68 -3.76
N LEU HB 207 -50.39 -103.68 -4.63
CA LEU HB 207 -49.22 -102.81 -4.64
C LEU HB 207 -49.20 -101.90 -3.43
N TYR HB 208 -50.34 -101.37 -3.03
CA TYR HB 208 -50.42 -100.52 -1.86
C TYR HB 208 -50.04 -101.27 -0.60
N ASP HB 209 -50.48 -102.52 -0.49
CA ASP HB 209 -50.17 -103.32 0.70
C ASP HB 209 -48.69 -103.64 0.79
N ILE HB 210 -48.01 -103.69 -0.35
CA ILE HB 210 -46.55 -103.78 -0.35
C ILE HB 210 -45.95 -102.53 0.26
N CYS HB 211 -46.55 -101.37 -0.02
CA CYS HB 211 -45.95 -100.11 0.40
C CYS HB 211 -46.13 -99.83 1.89
N PHE HB 212 -47.09 -100.47 2.56
CA PHE HB 212 -47.09 -100.45 4.02
C PHE HB 212 -46.24 -101.55 4.62
N ARG HB 213 -46.58 -102.81 4.34
CA ARG HB 213 -46.05 -103.89 5.16
C ARG HB 213 -44.60 -104.19 4.83
N THR HB 214 -44.18 -104.03 3.58
CA THR HB 214 -42.78 -104.25 3.24
C THR HB 214 -42.00 -102.95 3.11
N LEU HB 215 -42.40 -102.08 2.19
CA LEU HB 215 -41.55 -100.95 1.82
C LEU HB 215 -41.62 -99.82 2.85
N LYS HB 216 -42.77 -99.64 3.49
CA LYS HB 216 -43.00 -98.63 4.53
C LYS HB 216 -42.71 -97.23 3.97
N LEU HB 217 -43.57 -96.85 3.03
CA LEU HB 217 -43.54 -95.52 2.44
C LEU HB 217 -44.72 -94.71 2.98
N THR HB 218 -44.48 -93.43 3.23
CA THR HB 218 -45.51 -92.59 3.82
C THR HB 218 -46.57 -92.23 2.80
N THR HB 219 -46.17 -91.50 1.75
CA THR HB 219 -47.09 -91.04 0.72
C THR HB 219 -46.58 -91.55 -0.62
N PRO HB 220 -46.92 -92.79 -0.99
CA PRO HB 220 -46.46 -93.34 -2.27
C PRO HB 220 -47.37 -92.89 -3.40
N THR HB 221 -46.79 -92.25 -4.39
CA THR HB 221 -47.55 -91.82 -5.55
C THR HB 221 -47.68 -92.98 -6.52
N TYR HB 222 -48.33 -92.74 -7.65
CA TYR HB 222 -48.27 -93.71 -8.73
C TYR HB 222 -46.86 -93.83 -9.29
N GLY HB 223 -46.06 -92.78 -9.18
CA GLY HB 223 -44.69 -92.87 -9.62
C GLY HB 223 -43.88 -93.86 -8.80
N ASP HB 224 -44.16 -93.93 -7.49
CA ASP HB 224 -43.43 -94.86 -6.64
C ASP HB 224 -43.82 -96.30 -6.94
N LEU HB 225 -45.10 -96.57 -7.12
CA LEU HB 225 -45.51 -97.96 -7.27
C LEU HB 225 -45.36 -98.44 -8.71
N ASN HB 226 -45.26 -97.53 -9.68
CA ASN HB 226 -44.93 -97.96 -11.03
C ASN HB 226 -43.49 -98.41 -11.12
N HIS HB 227 -42.65 -97.90 -10.23
CA HIS HB 227 -41.25 -98.30 -10.19
C HIS HB 227 -41.14 -99.75 -9.77
N LEU HB 228 -42.10 -100.22 -8.97
CA LEU HB 228 -42.14 -101.63 -8.56
C LEU HB 228 -42.55 -102.53 -9.71
N VAL HB 229 -43.58 -102.13 -10.46
CA VAL HB 229 -44.06 -102.94 -11.58
C VAL HB 229 -42.99 -103.05 -12.65
N SER HB 230 -42.32 -101.94 -12.94
CA SER HB 230 -41.29 -101.95 -13.98
C SER HB 230 -40.09 -102.79 -13.58
N ALA HB 231 -39.78 -102.84 -12.28
CA ALA HB 231 -38.69 -103.71 -11.84
C ALA HB 231 -39.05 -105.17 -12.04
N ALA HB 232 -40.33 -105.49 -11.94
CA ALA HB 232 -40.78 -106.83 -12.28
C ALA HB 232 -40.73 -107.07 -13.78
N MET HB 233 -40.95 -106.03 -14.57
CA MET HB 233 -40.84 -106.15 -16.02
C MET HB 233 -39.42 -106.46 -16.44
N SER HB 234 -38.45 -105.84 -15.79
CA SER HB 234 -37.06 -106.09 -16.16
C SER HB 234 -36.63 -107.47 -15.75
N GLY HB 235 -37.23 -108.02 -14.69
CA GLY HB 235 -36.80 -109.32 -14.20
C GLY HB 235 -37.13 -110.46 -15.14
N VAL HB 236 -38.31 -110.40 -15.76
CA VAL HB 236 -38.75 -111.50 -16.60
C VAL HB 236 -37.98 -111.53 -17.92
N THR HB 237 -37.31 -110.43 -18.27
CA THR HB 237 -36.55 -110.34 -19.52
C THR HB 237 -35.06 -110.08 -19.29
N CYS HB 238 -34.51 -110.51 -18.15
CA CYS HB 238 -33.10 -110.28 -17.88
C CYS HB 238 -32.21 -111.04 -18.85
N CYS HB 239 -32.50 -112.31 -19.06
CA CYS HB 239 -31.57 -113.14 -19.81
C CYS HB 239 -31.60 -112.85 -21.30
N LEU HB 240 -32.65 -112.19 -21.79
CA LEU HB 240 -32.61 -111.72 -23.16
C LEU HB 240 -31.56 -110.64 -23.37
N ARG HB 241 -31.12 -109.99 -22.29
CA ARG HB 241 -30.18 -108.89 -22.39
C ARG HB 241 -28.81 -109.17 -21.79
N PHE HB 242 -28.69 -110.15 -20.91
CA PHE HB 242 -27.43 -110.42 -20.23
C PHE HB 242 -27.14 -111.91 -20.22
N PRO HB 243 -25.88 -112.31 -20.16
CA PRO HB 243 -25.55 -113.74 -20.10
C PRO HB 243 -25.92 -114.33 -18.75
N GLY HB 244 -25.91 -115.65 -18.69
CA GLY HB 244 -26.32 -116.35 -17.48
C GLY HB 244 -25.61 -117.67 -17.30
N GLN HB 245 -25.52 -118.10 -16.04
CA GLN HB 245 -25.10 -119.46 -15.76
C GLN HB 245 -26.13 -120.47 -16.27
N LEU HB 246 -27.40 -120.19 -16.02
CA LEU HB 246 -28.51 -120.96 -16.57
C LEU HB 246 -29.45 -119.99 -17.27
N ASN HB 247 -29.56 -120.11 -18.57
CA ASN HB 247 -30.24 -119.09 -19.35
C ASN HB 247 -31.76 -119.22 -19.27
N SER HB 248 -32.44 -118.15 -19.66
CA SER HB 248 -33.89 -118.15 -19.75
C SER HB 248 -34.30 -117.25 -20.90
N ASP HB 249 -35.61 -117.11 -21.08
CA ASP HB 249 -36.23 -116.43 -22.20
C ASP HB 249 -37.71 -116.40 -21.87
N LEU HB 250 -38.46 -115.60 -22.62
CA LEU HB 250 -39.91 -115.59 -22.44
C LEU HB 250 -40.54 -116.90 -22.88
N ARG HB 251 -39.96 -117.56 -23.88
CA ARG HB 251 -40.54 -118.79 -24.36
C ARG HB 251 -40.28 -119.94 -23.39
N LYS HB 252 -39.18 -119.89 -22.66
CA LYS HB 252 -38.91 -120.95 -21.69
C LYS HB 252 -39.87 -120.89 -20.53
N LEU HB 253 -40.35 -119.69 -20.20
CA LEU HB 253 -41.34 -119.56 -19.13
C LEU HB 253 -42.68 -120.11 -19.57
N ALA HB 254 -43.01 -119.98 -20.85
CA ALA HB 254 -44.31 -120.44 -21.35
C ALA HB 254 -44.40 -121.96 -21.28
N VAL HB 255 -43.36 -122.64 -21.77
CA VAL HB 255 -43.39 -124.10 -21.81
C VAL HB 255 -43.20 -124.72 -20.44
N ASN HB 256 -42.85 -123.92 -19.42
CA ASN HB 256 -42.63 -124.45 -18.09
C ASN HB 256 -43.48 -123.75 -17.04
N LEU HB 257 -44.58 -123.12 -17.44
CA LEU HB 257 -45.59 -122.67 -16.51
C LEU HB 257 -47.01 -122.89 -17.00
N ILE HB 258 -47.20 -123.30 -18.25
CA ILE HB 258 -48.51 -123.39 -18.86
C ILE HB 258 -48.76 -124.85 -19.22
N PRO HB 259 -49.35 -125.62 -18.34
CA PRO HB 259 -49.56 -127.04 -18.64
C PRO HB 259 -50.69 -127.26 -19.61
N PHE HB 260 -51.68 -126.38 -19.58
CA PHE HB 260 -52.82 -126.43 -20.49
C PHE HB 260 -53.06 -125.05 -21.05
N PRO HB 261 -53.49 -124.95 -22.32
CA PRO HB 261 -53.30 -123.69 -23.05
C PRO HB 261 -54.10 -122.52 -22.55
N ARG HB 262 -55.10 -122.73 -21.72
CA ARG HB 262 -55.92 -121.64 -21.21
C ARG HB 262 -55.46 -121.11 -19.87
N LEU HB 263 -54.52 -121.79 -19.23
CA LEU HB 263 -54.13 -121.46 -17.87
C LEU HB 263 -52.86 -120.63 -17.89
N HIS HB 264 -52.96 -119.44 -18.46
CA HIS HB 264 -51.80 -118.58 -18.66
C HIS HB 264 -51.97 -117.25 -17.97
N PHE HB 265 -52.40 -117.27 -16.71
CA PHE HB 265 -52.44 -116.08 -15.87
C PHE HB 265 -51.53 -116.32 -14.69
N PHE HB 266 -50.66 -115.35 -14.41
CA PHE HB 266 -49.53 -115.58 -13.53
C PHE HB 266 -49.52 -114.55 -12.40
N LEU HB 267 -48.88 -114.92 -11.31
CA LEU HB 267 -48.64 -114.02 -10.21
C LEU HB 267 -47.22 -113.50 -10.29
N ILE HB 268 -47.03 -112.24 -9.94
CA ILE HB 268 -45.76 -111.55 -10.08
C ILE HB 268 -45.31 -111.05 -8.71
N GLY HB 269 -44.06 -111.30 -8.38
CA GLY HB 269 -43.49 -110.80 -7.15
C GLY HB 269 -42.05 -110.40 -7.36
N PHE HB 270 -41.55 -109.59 -6.44
CA PHE HB 270 -40.18 -109.10 -6.51
C PHE HB 270 -39.54 -109.19 -5.14
N ALA HB 271 -38.26 -109.52 -5.10
CA ALA HB 271 -37.54 -109.61 -3.84
C ALA HB 271 -36.08 -109.30 -4.11
N PRO HB 272 -35.39 -108.61 -3.20
CA PRO HB 272 -35.82 -108.09 -1.90
C PRO HB 272 -36.51 -106.74 -1.97
N LEU HB 273 -37.36 -106.46 -0.98
CA LEU HB 273 -38.06 -105.19 -0.88
C LEU HB 273 -37.97 -104.74 0.56
N THR HB 274 -37.21 -103.69 0.82
CA THR HB 274 -36.96 -103.22 2.17
C THR HB 274 -37.09 -101.71 2.24
N SER HB 275 -37.42 -101.23 3.43
CA SER HB 275 -37.43 -99.80 3.69
C SER HB 275 -36.00 -99.28 3.73
N ARG HB 276 -35.88 -97.95 3.72
CA ARG HB 276 -34.56 -97.36 3.89
C ARG HB 276 -34.02 -97.62 5.28
N GLY HB 277 -34.90 -97.67 6.27
CA GLY HB 277 -34.46 -97.96 7.63
C GLY HB 277 -33.94 -99.37 7.80
N SER HB 278 -34.62 -100.34 7.18
CA SER HB 278 -34.27 -101.74 7.35
C SER HB 278 -33.29 -102.23 6.30
N GLN HB 279 -32.86 -101.37 5.39
CA GLN HB 279 -31.91 -101.78 4.37
C GLN HB 279 -30.56 -102.11 4.98
N GLN HB 280 -30.14 -101.33 5.96
CA GLN HB 280 -28.77 -101.40 6.44
C GLN HB 280 -28.59 -102.55 7.42
N TYR HB 281 -29.70 -103.15 7.88
CA TYR HB 281 -29.69 -104.23 8.85
C TYR HB 281 -29.88 -105.61 8.25
N ARG HB 282 -30.21 -105.72 6.98
CA ARG HB 282 -30.68 -106.98 6.43
C ARG HB 282 -29.57 -107.70 5.69
N ALA HB 283 -29.46 -109.01 5.93
CA ALA HB 283 -28.53 -109.85 5.20
C ALA HB 283 -29.17 -110.31 3.90
N LEU HB 284 -28.52 -109.98 2.78
CA LEU HB 284 -29.06 -110.31 1.47
C LEU HB 284 -28.42 -111.61 1.01
N SER HB 285 -29.17 -112.71 1.10
CA SER HB 285 -28.70 -114.01 0.69
C SER HB 285 -29.82 -114.71 -0.05
N VAL HB 286 -29.45 -115.78 -0.76
CA VAL HB 286 -30.41 -116.50 -1.60
C VAL HB 286 -31.41 -117.27 -0.74
N PRO HB 287 -31.04 -117.94 0.37
CA PRO HB 287 -32.09 -118.49 1.24
C PRO HB 287 -33.02 -117.43 1.80
N GLU HB 288 -32.52 -116.24 2.07
CA GLU HB 288 -33.40 -115.22 2.61
C GLU HB 288 -34.21 -114.58 1.49
N LEU HB 289 -33.67 -114.58 0.27
CA LEU HB 289 -34.44 -114.14 -0.88
C LEU HB 289 -35.64 -115.03 -1.14
N THR HB 290 -35.42 -116.34 -1.07
CA THR HB 290 -36.47 -117.25 -1.54
C THR HB 290 -37.60 -117.37 -0.54
N GLN HB 291 -37.42 -116.90 0.69
CA GLN HB 291 -38.51 -116.93 1.65
C GLN HB 291 -39.21 -115.60 1.79
N GLN HB 292 -38.57 -114.50 1.38
CA GLN HB 292 -39.29 -113.25 1.19
C GLN HB 292 -40.01 -113.21 -0.14
N MET HB 293 -39.78 -114.19 -0.99
CA MET HB 293 -40.44 -114.26 -2.28
C MET HB 293 -41.70 -115.11 -2.22
N PHE HB 294 -41.69 -116.14 -1.38
CA PHE HB 294 -42.86 -116.98 -1.15
C PHE HB 294 -43.75 -116.43 -0.04
N ASP HB 295 -44.20 -115.20 -0.20
CA ASP HB 295 -45.13 -114.62 0.74
C ASP HB 295 -46.30 -114.00 0.01
N ALA HB 296 -47.47 -114.04 0.64
CA ALA HB 296 -48.59 -113.29 0.13
C ALA HB 296 -48.36 -111.80 0.28
N LYS HB 297 -47.49 -111.40 1.20
CA LYS HB 297 -47.12 -110.02 1.37
C LYS HB 297 -46.35 -109.47 0.18
N ASN HB 298 -45.74 -110.33 -0.63
CA ASN HB 298 -44.80 -109.90 -1.65
C ASN HB 298 -45.32 -110.00 -3.06
N MET HB 299 -46.45 -110.63 -3.29
CA MET HB 299 -46.98 -110.70 -4.65
C MET HB 299 -47.61 -109.38 -5.04
N MET HB 300 -47.52 -109.06 -6.32
CA MET HB 300 -48.18 -107.89 -6.86
C MET HB 300 -49.61 -108.17 -7.27
N CYS HB 301 -50.14 -109.34 -6.92
CA CYS HB 301 -51.50 -109.73 -7.23
C CYS HB 301 -52.26 -109.98 -5.94
N ALA HB 302 -53.42 -109.36 -5.80
CA ALA HB 302 -54.08 -109.33 -4.50
C ALA HB 302 -54.92 -110.56 -4.26
N SER HB 303 -54.32 -111.73 -4.41
CA SER HB 303 -54.97 -112.98 -4.10
C SER HB 303 -54.00 -113.80 -3.28
N ASP HB 304 -54.48 -114.36 -2.20
CA ASP HB 304 -53.63 -115.15 -1.32
C ASP HB 304 -53.31 -116.47 -1.99
N PRO HB 305 -52.04 -116.80 -2.22
CA PRO HB 305 -51.70 -118.10 -2.81
C PRO HB 305 -51.76 -119.25 -1.83
N ARG HB 306 -51.93 -118.99 -0.53
CA ARG HB 306 -52.11 -120.07 0.42
C ARG HB 306 -53.49 -120.70 0.32
N HIS HB 307 -54.43 -120.02 -0.32
CA HIS HB 307 -55.77 -120.57 -0.50
C HIS HB 307 -55.86 -121.47 -1.71
N GLY HB 308 -54.78 -121.65 -2.44
CA GLY HB 308 -54.80 -122.46 -3.63
C GLY HB 308 -53.59 -123.35 -3.74
N ARG HB 309 -53.18 -123.66 -4.96
CA ARG HB 309 -52.07 -124.56 -5.20
C ARG HB 309 -51.28 -124.04 -6.38
N TYR HB 310 -49.98 -123.88 -6.17
CA TYR HB 310 -49.09 -123.57 -7.29
C TYR HB 310 -49.02 -124.73 -8.25
N LEU HB 311 -49.71 -124.59 -9.37
CA LEU HB 311 -49.70 -125.64 -10.37
C LEU HB 311 -48.32 -125.77 -10.99
N THR HB 312 -47.66 -124.64 -11.23
CA THR HB 312 -46.25 -124.62 -11.59
C THR HB 312 -45.75 -123.21 -11.33
N ALA HB 313 -44.64 -123.09 -10.62
CA ALA HB 313 -44.12 -121.76 -10.30
C ALA HB 313 -42.69 -121.65 -10.81
N SER HB 314 -42.20 -120.42 -10.88
CA SER HB 314 -40.88 -120.15 -11.41
C SER HB 314 -40.26 -118.96 -10.70
N ALA HB 315 -38.93 -118.93 -10.67
CA ALA HB 315 -38.21 -117.84 -10.04
C ALA HB 315 -36.95 -117.56 -10.84
N MET HB 316 -36.86 -116.37 -11.41
CA MET HB 316 -35.70 -115.96 -12.21
C MET HB 316 -34.81 -115.09 -11.36
N PHE HB 317 -33.64 -115.61 -11.01
CA PHE HB 317 -32.69 -114.96 -10.14
C PHE HB 317 -31.74 -114.07 -10.92
N ARG HB 318 -31.30 -113.00 -10.27
CA ARG HB 318 -30.37 -112.07 -10.90
C ARG HB 318 -29.28 -111.76 -9.89
N GLY HB 319 -28.05 -112.13 -10.20
CA GLY HB 319 -26.93 -111.76 -9.36
C GLY HB 319 -25.83 -112.81 -9.42
N ARG HB 320 -24.68 -112.43 -8.86
CA ARG HB 320 -23.56 -113.35 -8.70
C ARG HB 320 -23.88 -114.29 -7.55
N MET HB 321 -24.11 -115.56 -7.83
CA MET HB 321 -24.58 -116.50 -6.82
C MET HB 321 -24.22 -117.92 -7.24
N SER HB 322 -24.34 -118.82 -6.28
CA SER HB 322 -24.01 -120.23 -6.45
C SER HB 322 -25.28 -121.00 -6.79
N THR HB 323 -25.12 -122.21 -7.33
CA THR HB 323 -26.25 -122.86 -7.95
C THR HB 323 -26.92 -123.95 -7.12
N LYS HB 324 -26.43 -124.28 -5.92
CA LYS HB 324 -27.32 -125.00 -5.01
C LYS HB 324 -28.45 -124.09 -4.56
N GLU HB 325 -28.09 -122.94 -4.00
CA GLU HB 325 -29.07 -122.09 -3.36
C GLU HB 325 -30.13 -121.59 -4.33
N VAL HB 326 -29.88 -121.63 -5.63
CA VAL HB 326 -30.98 -121.46 -6.57
C VAL HB 326 -31.84 -122.72 -6.59
N ASP HB 327 -31.25 -123.90 -6.37
CA ASP HB 327 -31.99 -125.13 -6.58
C ASP HB 327 -32.25 -125.94 -5.32
N GLU HB 328 -31.37 -125.88 -4.31
CA GLU HB 328 -31.66 -126.56 -3.06
C GLU HB 328 -32.71 -125.81 -2.27
N GLN HB 329 -32.81 -124.50 -2.49
CA GLN HB 329 -33.92 -123.74 -1.91
C GLN HB 329 -35.23 -124.10 -2.58
N MET HB 330 -35.18 -124.65 -3.79
CA MET HB 330 -36.40 -125.11 -4.44
C MET HB 330 -36.91 -126.37 -3.75
N LEU HB 331 -36.01 -127.30 -3.44
CA LEU HB 331 -36.40 -128.48 -2.68
C LEU HB 331 -36.69 -128.11 -1.24
N ASN HB 332 -36.08 -127.05 -0.75
CA ASN HB 332 -36.37 -126.56 0.59
C ASN HB 332 -37.81 -126.06 0.68
N VAL HB 333 -38.29 -125.38 -0.37
CA VAL HB 333 -39.63 -124.80 -0.31
C VAL HB 333 -40.69 -125.80 -0.78
N GLN HB 334 -40.33 -126.78 -1.58
CA GLN HB 334 -41.31 -127.76 -2.00
C GLN HB 334 -41.58 -128.80 -0.93
N ASN HB 335 -40.64 -129.01 -0.01
CA ASN HB 335 -40.79 -130.10 0.95
C ASN HB 335 -41.66 -129.70 2.13
N LYS HB 336 -41.32 -128.61 2.81
CA LYS HB 336 -42.10 -128.23 3.99
C LYS HB 336 -43.45 -127.63 3.62
N ASN HB 337 -43.51 -126.78 2.61
CA ASN HB 337 -44.79 -126.20 2.19
C ASN HB 337 -45.44 -127.06 1.12
N SER HB 338 -45.61 -128.35 1.44
CA SER HB 338 -46.04 -129.31 0.43
C SER HB 338 -47.54 -129.28 0.18
N SER HB 339 -48.32 -128.53 0.95
CA SER HB 339 -49.74 -128.39 0.69
C SER HB 339 -50.04 -127.32 -0.35
N TYR HB 340 -49.17 -126.33 -0.50
CA TYR HB 340 -49.35 -125.29 -1.50
C TYR HB 340 -48.73 -125.64 -2.83
N PHE HB 341 -48.30 -126.88 -3.03
CA PHE HB 341 -47.77 -127.31 -4.31
C PHE HB 341 -48.55 -128.53 -4.79
N VAL HB 342 -48.96 -128.52 -6.05
CA VAL HB 342 -49.75 -129.61 -6.60
C VAL HB 342 -48.87 -130.85 -6.76
N GLU HB 343 -49.51 -132.02 -6.81
CA GLU HB 343 -48.80 -133.27 -6.68
C GLU HB 343 -48.49 -133.94 -8.00
N TRP HB 344 -49.38 -133.89 -8.98
CA TRP HB 344 -49.19 -134.68 -10.20
C TRP HB 344 -48.22 -134.05 -11.18
N ILE HB 345 -47.64 -132.89 -10.86
CA ILE HB 345 -46.47 -132.37 -11.52
C ILE HB 345 -45.31 -132.44 -10.52
N PRO HB 346 -44.36 -133.35 -10.68
CA PRO HB 346 -43.24 -133.40 -9.75
C PRO HB 346 -42.27 -132.26 -9.96
N ASN HB 347 -41.77 -131.73 -8.84
CA ASN HB 347 -40.74 -130.69 -8.75
C ASN HB 347 -41.02 -129.53 -9.71
N ASN HB 348 -42.08 -128.79 -9.39
CA ASN HB 348 -42.72 -127.71 -10.14
C ASN HB 348 -41.85 -126.50 -10.36
N MET HB 349 -40.59 -126.30 -10.00
CA MET HB 349 -39.98 -124.99 -10.12
C MET HB 349 -38.99 -124.93 -11.27
N LYS HB 350 -39.21 -123.99 -12.19
CA LYS HB 350 -38.20 -123.58 -13.13
C LYS HB 350 -37.35 -122.48 -12.50
N SER HB 351 -36.03 -122.61 -12.63
CA SER HB 351 -35.11 -121.63 -12.10
C SER HB 351 -34.14 -121.18 -13.19
N SER HB 352 -33.66 -119.95 -13.06
CA SER HB 352 -32.72 -119.39 -14.00
C SER HB 352 -31.81 -118.40 -13.28
N VAL HB 353 -30.63 -118.16 -13.85
CA VAL HB 353 -29.64 -117.29 -13.26
C VAL HB 353 -29.20 -116.27 -14.30
N CYS HB 354 -29.26 -114.99 -13.93
CA CYS HB 354 -28.77 -113.87 -14.73
C CYS HB 354 -27.70 -113.18 -13.89
N ASP HB 355 -26.52 -112.97 -14.45
CA ASP HB 355 -25.40 -112.57 -13.59
C ASP HB 355 -25.49 -111.11 -13.16
N ILE HB 356 -25.89 -110.22 -14.06
CA ILE HB 356 -25.90 -108.80 -13.73
C ILE HB 356 -27.13 -108.47 -12.90
N PRO HB 357 -26.96 -107.96 -11.69
CA PRO HB 357 -28.09 -107.65 -10.85
C PRO HB 357 -28.68 -106.30 -11.23
N PRO HB 358 -29.84 -105.95 -10.69
CA PRO HB 358 -30.29 -104.56 -10.81
C PRO HB 358 -29.34 -103.65 -10.05
N LYS HB 359 -29.24 -102.40 -10.52
CA LYS HB 359 -28.16 -101.53 -10.09
C LYS HB 359 -28.37 -101.09 -8.64
N GLY HB 360 -27.31 -101.18 -7.86
CA GLY HB 360 -27.36 -100.89 -6.44
C GLY HB 360 -27.64 -102.09 -5.56
N LEU HB 361 -28.06 -103.20 -6.13
CA LEU HB 361 -28.26 -104.43 -5.40
C LEU HB 361 -27.24 -105.46 -5.87
N LYS HB 362 -27.00 -106.47 -5.05
CA LYS HB 362 -26.10 -107.52 -5.48
C LYS HB 362 -26.83 -108.79 -5.90
N MET HB 363 -28.00 -109.09 -5.34
CA MET HB 363 -28.82 -110.18 -5.79
C MET HB 363 -30.28 -109.76 -5.78
N SER HB 364 -31.08 -110.40 -6.63
CA SER HB 364 -32.50 -110.16 -6.68
C SER HB 364 -33.18 -111.37 -7.31
N VAL HB 365 -34.49 -111.46 -7.15
CA VAL HB 365 -35.23 -112.54 -7.76
C VAL HB 365 -36.62 -112.03 -8.11
N THR HB 366 -37.11 -112.45 -9.27
CA THR HB 366 -38.49 -112.22 -9.66
C THR HB 366 -39.22 -113.56 -9.74
N PHE HB 367 -40.49 -113.56 -9.35
CA PHE HB 367 -41.27 -114.77 -9.17
C PHE HB 367 -42.45 -114.74 -10.12
N VAL HB 368 -42.61 -115.80 -10.91
CA VAL HB 368 -43.74 -115.94 -11.81
C VAL HB 368 -44.37 -117.30 -11.49
N GLY HB 369 -45.60 -117.28 -10.99
CA GLY HB 369 -46.20 -118.51 -10.51
C GLY HB 369 -47.63 -118.74 -10.95
N ASN HB 370 -47.87 -119.88 -11.60
CA ASN HB 370 -49.18 -120.21 -12.12
C ASN HB 370 -49.97 -120.88 -11.01
N SER HB 371 -50.96 -120.18 -10.48
CA SER HB 371 -51.67 -120.65 -9.31
C SER HB 371 -53.13 -120.85 -9.64
N THR HB 372 -53.77 -121.75 -8.90
CA THR HB 372 -55.21 -121.84 -8.91
C THR HB 372 -55.81 -121.02 -7.79
N ALA HB 373 -55.03 -120.16 -7.17
CA ALA HB 373 -55.55 -119.16 -6.26
C ALA HB 373 -55.96 -117.89 -6.98
N ILE HB 374 -55.86 -117.87 -8.30
CA ILE HB 374 -56.42 -116.77 -9.09
C ILE HB 374 -57.86 -117.02 -9.47
N GLN HB 375 -58.45 -118.14 -9.06
CA GLN HB 375 -59.88 -118.29 -9.24
C GLN HB 375 -60.65 -117.37 -8.33
N GLU HB 376 -60.04 -116.94 -7.23
CA GLU HB 376 -60.74 -116.03 -6.33
C GLU HB 376 -60.66 -114.58 -6.79
N MET HB 377 -60.01 -114.33 -7.92
CA MET HB 377 -60.08 -113.03 -8.55
C MET HB 377 -61.10 -112.99 -9.66
N PHE HB 378 -61.09 -113.99 -10.53
CA PHE HB 378 -62.09 -114.06 -11.59
C PHE HB 378 -63.48 -114.24 -11.02
N LYS HB 379 -63.58 -114.96 -9.89
CA LYS HB 379 -64.87 -115.12 -9.26
C LYS HB 379 -65.41 -113.79 -8.74
N ARG HB 380 -64.54 -112.99 -8.13
CA ARG HB 380 -64.95 -111.70 -7.58
C ARG HB 380 -65.43 -110.75 -8.67
N VAL HB 381 -64.81 -110.79 -9.84
CA VAL HB 381 -65.33 -110.03 -10.96
C VAL HB 381 -66.61 -110.67 -11.48
N SER HB 382 -66.71 -112.00 -11.40
CA SER HB 382 -67.83 -112.69 -12.03
C SER HB 382 -69.15 -112.39 -11.35
N ASP HB 383 -69.16 -112.26 -10.02
CA ASP HB 383 -70.43 -111.93 -9.38
C ASP HB 383 -70.76 -110.47 -9.56
N GLN HB 384 -69.74 -109.60 -9.53
CA GLN HB 384 -69.99 -108.17 -9.75
C GLN HB 384 -70.46 -107.91 -11.16
N PHE HB 385 -70.06 -108.75 -12.11
CA PHE HB 385 -70.59 -108.63 -13.46
C PHE HB 385 -72.04 -109.08 -13.52
N THR HB 386 -72.34 -110.24 -12.92
CA THR HB 386 -73.71 -110.75 -13.01
C THR HB 386 -74.63 -110.05 -12.03
N ALA HB 387 -74.09 -109.34 -11.05
CA ALA HB 387 -74.93 -108.45 -10.26
C ALA HB 387 -75.45 -107.32 -11.12
N MET HB 388 -74.61 -106.80 -12.01
CA MET HB 388 -75.00 -105.67 -12.82
C MET HB 388 -75.78 -106.10 -14.04
N PHE HB 389 -75.34 -107.18 -14.69
CA PHE HB 389 -75.91 -107.57 -15.97
C PHE HB 389 -77.31 -108.17 -15.83
N ARG HB 390 -77.66 -108.68 -14.67
CA ARG HB 390 -79.00 -109.24 -14.49
C ARG HB 390 -80.05 -108.15 -14.57
N ARG HB 391 -79.73 -106.95 -14.07
CA ARG HB 391 -80.66 -105.83 -14.08
C ARG HB 391 -80.35 -104.82 -15.17
N LYS HB 392 -79.55 -105.22 -16.18
CA LYS HB 392 -79.29 -104.43 -17.37
C LYS HB 392 -78.66 -103.08 -17.06
N ALA HB 393 -77.90 -102.99 -15.96
CA ALA HB 393 -77.33 -101.71 -15.56
C ALA HB 393 -76.20 -101.31 -16.49
N PHE HB 394 -76.15 -100.03 -16.86
CA PHE HB 394 -75.11 -99.44 -17.69
C PHE HB 394 -74.94 -100.14 -19.02
N LEU HB 395 -75.99 -100.79 -19.51
CA LEU HB 395 -75.85 -101.58 -20.73
C LEU HB 395 -76.19 -100.79 -21.98
N HIS HB 396 -76.90 -99.68 -21.84
CA HIS HB 396 -77.25 -98.89 -23.01
C HIS HB 396 -76.03 -98.17 -23.59
N TRP HB 397 -75.06 -97.82 -22.73
CA TRP HB 397 -73.83 -97.24 -23.25
C TRP HB 397 -73.02 -98.28 -24.02
N TYR HB 398 -73.19 -99.54 -23.69
CA TYR HB 398 -72.47 -100.57 -24.41
C TYR HB 398 -73.22 -101.05 -25.64
N THR HB 399 -74.55 -101.12 -25.55
CA THR HB 399 -75.32 -101.65 -26.67
C THR HB 399 -75.63 -100.60 -27.73
N GLY HB 400 -75.33 -99.33 -27.49
CA GLY HB 400 -75.52 -98.32 -28.50
C GLY HB 400 -74.36 -98.10 -29.42
N GLU HB 401 -73.22 -98.72 -29.14
CA GLU HB 401 -72.02 -98.59 -29.95
C GLU HB 401 -71.82 -99.75 -30.90
N GLY HB 402 -72.81 -100.60 -31.07
CA GLY HB 402 -72.74 -101.68 -32.04
C GLY HB 402 -72.66 -103.06 -31.45
N MET HB 403 -72.56 -103.18 -30.14
CA MET HB 403 -72.55 -104.49 -29.52
C MET HB 403 -73.95 -105.10 -29.57
N ASP HB 404 -74.02 -106.40 -29.34
CA ASP HB 404 -75.26 -107.08 -29.08
C ASP HB 404 -75.30 -107.57 -27.64
N GLU HB 405 -76.43 -108.12 -27.24
CA GLU HB 405 -76.58 -108.57 -25.87
C GLU HB 405 -76.03 -109.96 -25.65
N MET HB 406 -75.90 -110.76 -26.71
CA MET HB 406 -75.41 -112.12 -26.55
C MET HB 406 -73.91 -112.16 -26.28
N GLU HB 407 -73.19 -111.09 -26.58
CA GLU HB 407 -71.76 -111.06 -26.32
C GLU HB 407 -71.46 -111.00 -24.84
N PHE HB 408 -72.33 -110.37 -24.05
CA PHE HB 408 -72.12 -110.30 -22.62
C PHE HB 408 -72.31 -111.67 -21.96
N THR HB 409 -73.25 -112.46 -22.46
CA THR HB 409 -73.43 -113.81 -21.94
C THR HB 409 -72.22 -114.68 -22.26
N GLU HB 410 -71.67 -114.52 -23.46
CA GLU HB 410 -70.48 -115.28 -23.83
C GLU HB 410 -69.27 -114.81 -23.03
N ALA HB 411 -69.26 -113.55 -22.62
CA ALA HB 411 -68.18 -113.06 -21.77
C ALA HB 411 -68.17 -113.76 -20.43
N GLU HB 412 -69.35 -113.97 -19.84
CA GLU HB 412 -69.41 -114.70 -18.58
C GLU HB 412 -69.03 -116.15 -18.75
N SER HB 413 -69.59 -116.80 -19.78
CA SER HB 413 -69.42 -118.24 -19.93
C SER HB 413 -67.96 -118.60 -20.20
N ASN HB 414 -67.27 -117.80 -20.99
CA ASN HB 414 -65.86 -118.05 -21.26
C ASN HB 414 -65.02 -117.52 -20.10
N MET HB 415 -65.61 -116.72 -19.21
CA MET HB 415 -64.98 -116.47 -17.92
C MET HB 415 -65.29 -117.55 -16.92
N ASN HB 416 -66.52 -118.06 -16.91
CA ASN HB 416 -66.89 -119.02 -15.89
C ASN HB 416 -66.31 -120.41 -16.14
N ASP HB 417 -66.00 -120.76 -17.39
CA ASP HB 417 -65.31 -122.03 -17.59
C ASP HB 417 -63.86 -121.93 -17.15
N LEU HB 418 -63.27 -120.74 -17.25
CA LEU HB 418 -61.92 -120.55 -16.74
C LEU HB 418 -61.90 -120.59 -15.23
N VAL HB 419 -62.97 -120.15 -14.59
CA VAL HB 419 -63.08 -120.32 -13.14
C VAL HB 419 -63.18 -121.80 -12.80
N SER HB 420 -64.01 -122.54 -13.53
CA SER HB 420 -64.18 -123.95 -13.24
C SER HB 420 -62.97 -124.77 -13.62
N GLU HB 421 -62.22 -124.34 -14.62
CA GLU HB 421 -61.06 -125.11 -15.06
C GLU HB 421 -59.94 -125.02 -14.03
N TYR HB 422 -59.84 -123.89 -13.34
CA TYR HB 422 -58.90 -123.78 -12.23
C TYR HB 422 -59.37 -124.59 -11.04
N GLN HB 423 -60.68 -124.80 -10.92
CA GLN HB 423 -61.21 -125.55 -9.80
C GLN HB 423 -60.84 -127.02 -9.89
N GLN HB 424 -60.82 -127.58 -11.11
CA GLN HB 424 -60.60 -129.01 -11.27
C GLN HB 424 -59.17 -129.44 -11.03
N TYR HB 425 -58.23 -128.51 -10.87
CA TYR HB 425 -56.86 -128.84 -10.51
C TYR HB 425 -56.54 -128.48 -9.06
N GLN HB 426 -57.55 -128.34 -8.22
CA GLN HB 426 -57.32 -127.94 -6.85
C GLN HB 426 -58.01 -128.88 -5.88
N MET IB 1 -58.93 -77.17 -30.76
CA MET IB 1 -58.68 -78.60 -30.82
C MET IB 1 -59.56 -79.32 -29.83
N ARG IB 2 -59.48 -78.90 -28.58
CA ARG IB 2 -60.29 -79.46 -27.51
C ARG IB 2 -61.11 -78.34 -26.86
N GLU IB 3 -62.43 -78.46 -26.92
CA GLU IB 3 -63.30 -77.35 -26.57
C GLU IB 3 -64.48 -77.85 -25.76
N VAL IB 4 -65.12 -76.92 -25.05
CA VAL IB 4 -66.43 -77.14 -24.47
C VAL IB 4 -67.14 -75.79 -24.37
N ILE IB 5 -68.34 -75.73 -24.93
CA ILE IB 5 -69.03 -74.47 -25.18
C ILE IB 5 -70.03 -74.24 -24.06
N SER IB 6 -70.03 -73.05 -23.48
CA SER IB 6 -70.93 -72.71 -22.39
C SER IB 6 -72.14 -71.99 -22.96
N ILE IB 7 -73.33 -72.38 -22.50
CA ILE IB 7 -74.58 -71.73 -22.89
C ILE IB 7 -75.29 -71.29 -21.63
N HIS IB 8 -75.51 -69.99 -21.50
CA HIS IB 8 -76.21 -69.43 -20.36
C HIS IB 8 -77.53 -68.83 -20.83
N VAL IB 9 -78.63 -69.27 -20.22
CA VAL IB 9 -79.93 -68.79 -20.59
C VAL IB 9 -80.69 -68.37 -19.34
N GLY IB 10 -81.28 -67.19 -19.39
CA GLY IB 10 -82.04 -66.68 -18.27
C GLY IB 10 -81.24 -65.72 -17.42
N GLN IB 11 -81.94 -65.09 -16.49
CA GLN IB 11 -81.29 -64.20 -15.55
C GLN IB 11 -80.37 -64.96 -14.61
N ALA IB 12 -80.80 -66.13 -14.17
CA ALA IB 12 -79.98 -66.94 -13.28
C ALA IB 12 -78.77 -67.50 -14.00
N GLY IB 13 -78.95 -67.97 -15.22
CA GLY IB 13 -77.83 -68.52 -15.96
C GLY IB 13 -76.80 -67.48 -16.31
N ILE IB 14 -77.24 -66.26 -16.58
CA ILE IB 14 -76.31 -65.17 -16.84
C ILE IB 14 -75.53 -64.82 -15.59
N GLN IB 15 -76.23 -64.70 -14.44
CA GLN IB 15 -75.52 -64.29 -13.24
C GLN IB 15 -74.67 -65.41 -12.64
N ILE IB 16 -75.05 -66.68 -12.81
CA ILE IB 16 -74.10 -67.70 -12.39
C ILE IB 16 -73.07 -67.91 -13.48
N GLY IB 17 -73.33 -67.43 -14.69
CA GLY IB 17 -72.30 -67.41 -15.70
C GLY IB 17 -71.28 -66.31 -15.45
N ASN IB 18 -71.69 -65.22 -14.82
CA ASN IB 18 -70.77 -64.12 -14.52
C ASN IB 18 -69.76 -64.56 -13.48
N ALA IB 19 -70.20 -65.29 -12.46
CA ALA IB 19 -69.28 -65.74 -11.43
C ALA IB 19 -68.43 -66.89 -11.91
N CYS IB 20 -68.93 -67.68 -12.85
CA CYS IB 20 -68.14 -68.75 -13.43
C CYS IB 20 -66.98 -68.18 -14.24
N TRP IB 21 -67.26 -67.15 -15.05
CA TRP IB 21 -66.22 -66.64 -15.93
C TRP IB 21 -65.28 -65.68 -15.22
N GLU IB 22 -65.68 -65.14 -14.08
CA GLU IB 22 -64.73 -64.40 -13.26
C GLU IB 22 -63.67 -65.32 -12.71
N LEU IB 23 -64.08 -66.51 -12.26
CA LEU IB 23 -63.14 -67.46 -11.67
C LEU IB 23 -62.27 -68.11 -12.73
N PHE IB 24 -62.86 -68.46 -13.87
CA PHE IB 24 -62.13 -69.11 -14.94
C PHE IB 24 -61.08 -68.17 -15.52
N CYS IB 25 -61.40 -66.88 -15.65
CA CYS IB 25 -60.43 -65.93 -16.15
C CYS IB 25 -59.31 -65.70 -15.14
N LEU IB 26 -59.67 -65.63 -13.86
CA LEU IB 26 -58.69 -65.27 -12.85
C LEU IB 26 -57.74 -66.42 -12.58
N GLU IB 27 -58.21 -67.65 -12.67
CA GLU IB 27 -57.32 -68.78 -12.45
C GLU IB 27 -56.54 -69.16 -13.71
N HIS IB 28 -56.95 -68.65 -14.86
CA HIS IB 28 -56.13 -68.74 -16.05
C HIS IB 28 -55.30 -67.50 -16.28
N GLY IB 29 -55.42 -66.51 -15.41
CA GLY IB 29 -54.54 -65.37 -15.48
C GLY IB 29 -54.76 -64.46 -16.66
N ILE IB 30 -55.98 -64.34 -17.14
CA ILE IB 30 -56.26 -63.36 -18.19
C ILE IB 30 -57.02 -62.20 -17.57
N GLN IB 31 -56.68 -61.00 -18.03
CA GLN IB 31 -57.19 -59.76 -17.48
C GLN IB 31 -58.65 -59.55 -17.88
N PRO IB 32 -59.31 -58.53 -17.35
CA PRO IB 32 -60.59 -58.12 -17.94
C PRO IB 32 -60.52 -57.78 -19.41
N ASP IB 33 -59.38 -57.30 -19.89
CA ASP IB 33 -59.24 -57.03 -21.32
C ASP IB 33 -59.22 -58.34 -22.11
N GLY IB 34 -58.47 -59.32 -21.63
CA GLY IB 34 -58.34 -60.59 -22.31
C GLY IB 34 -56.90 -60.99 -22.58
N GLN IB 35 -55.95 -60.10 -22.34
CA GLN IB 35 -54.56 -60.36 -22.70
C GLN IB 35 -53.80 -60.84 -21.48
N MET IB 36 -53.37 -62.09 -21.49
CA MET IB 36 -52.70 -62.61 -20.31
C MET IB 36 -51.26 -62.11 -20.27
N PRO IB 37 -50.79 -61.57 -19.16
CA PRO IB 37 -49.36 -61.28 -19.06
C PRO IB 37 -48.56 -62.50 -18.63
N ASP IB 47 -51.55 -73.65 -23.50
CA ASP IB 47 -52.55 -74.47 -24.16
C ASP IB 47 -53.49 -75.11 -23.15
N ALA IB 48 -53.31 -74.75 -21.87
CA ALA IB 48 -54.19 -75.22 -20.82
C ALA IB 48 -55.50 -74.44 -20.77
N PHE IB 49 -55.58 -73.33 -21.48
CA PHE IB 49 -56.73 -72.47 -21.54
C PHE IB 49 -57.66 -72.77 -22.70
N ASN IB 50 -57.26 -73.68 -23.60
CA ASN IB 50 -57.88 -73.75 -24.91
C ASN IB 50 -59.29 -74.31 -24.82
N THR IB 51 -59.62 -75.02 -23.75
CA THR IB 51 -60.94 -75.61 -23.63
C THR IB 51 -62.01 -74.56 -23.41
N PHE IB 52 -61.67 -73.42 -22.83
CA PHE IB 52 -62.64 -72.41 -22.47
C PHE IB 52 -62.50 -71.14 -23.29
N PHE IB 53 -61.30 -70.80 -23.75
CA PHE IB 53 -61.01 -69.54 -24.40
C PHE IB 53 -60.50 -69.77 -25.81
N SER IB 54 -60.67 -68.76 -26.67
CA SER IB 54 -60.19 -68.81 -28.03
C SER IB 54 -58.93 -67.98 -28.17
N GLU IB 55 -58.39 -67.94 -29.38
CA GLU IB 55 -57.22 -67.13 -29.70
C GLU IB 55 -57.62 -66.14 -30.78
N THR IB 56 -57.69 -64.86 -30.42
CA THR IB 56 -58.10 -63.83 -31.37
C THR IB 56 -56.98 -62.82 -31.47
N GLY IB 57 -56.00 -63.12 -32.30
CA GLY IB 57 -54.98 -62.15 -32.60
C GLY IB 57 -53.84 -62.10 -31.60
N ALA IB 58 -53.43 -60.89 -31.25
CA ALA IB 58 -52.18 -60.68 -30.50
C ALA IB 58 -52.41 -60.97 -29.02
N GLY IB 59 -52.37 -62.25 -28.68
CA GLY IB 59 -52.42 -62.66 -27.29
C GLY IB 59 -53.73 -62.32 -26.60
N LYS IB 60 -54.83 -62.40 -27.32
CA LYS IB 60 -56.14 -62.02 -26.80
C LYS IB 60 -57.03 -63.24 -26.76
N HIS IB 61 -57.69 -63.45 -25.62
CA HIS IB 61 -58.49 -64.64 -25.39
C HIS IB 61 -59.95 -64.25 -25.21
N VAL IB 62 -60.80 -64.82 -26.04
CA VAL IB 62 -62.24 -64.50 -26.07
C VAL IB 62 -63.01 -65.75 -25.67
N PRO IB 63 -63.89 -65.66 -24.67
CA PRO IB 63 -64.50 -66.88 -24.11
C PRO IB 63 -65.45 -67.55 -25.07
N ARG IB 64 -65.62 -68.85 -24.86
CA ARG IB 64 -66.46 -69.68 -25.71
C ARG IB 64 -67.84 -69.84 -25.07
N CYS IB 65 -68.56 -68.73 -24.99
CA CYS IB 65 -69.83 -68.76 -24.29
C CYS IB 65 -70.85 -67.90 -25.02
N VAL IB 66 -72.11 -68.19 -24.76
CA VAL IB 66 -73.22 -67.38 -25.24
C VAL IB 66 -74.07 -67.01 -24.04
N PHE IB 67 -74.47 -65.76 -23.97
CA PHE IB 67 -75.39 -65.30 -22.95
C PHE IB 67 -76.74 -65.05 -23.61
N LEU IB 68 -77.79 -65.68 -23.11
CA LEU IB 68 -79.13 -65.45 -23.63
C LEU IB 68 -80.04 -64.93 -22.54
N ASP IB 69 -80.76 -63.85 -22.83
CA ASP IB 69 -81.93 -63.53 -22.05
C ASP IB 69 -82.84 -62.76 -22.99
N LEU IB 70 -84.13 -62.83 -22.73
CA LEU IB 70 -85.10 -62.10 -23.53
C LEU IB 70 -85.31 -60.67 -23.04
N GLU IB 71 -84.94 -60.35 -21.82
CA GLU IB 71 -85.00 -58.95 -21.44
C GLU IB 71 -83.60 -58.37 -21.37
N PRO IB 72 -83.44 -57.08 -21.65
CA PRO IB 72 -82.08 -56.53 -21.79
C PRO IB 72 -81.40 -56.15 -20.50
N THR IB 73 -82.11 -56.10 -19.38
CA THR IB 73 -81.60 -55.40 -18.21
C THR IB 73 -80.54 -56.17 -17.43
N VAL IB 74 -80.30 -57.44 -17.73
CA VAL IB 74 -79.24 -58.18 -17.08
C VAL IB 74 -78.07 -58.44 -18.01
N VAL IB 75 -78.22 -58.16 -19.29
CA VAL IB 75 -77.13 -58.32 -20.23
C VAL IB 75 -76.61 -56.96 -20.69
N ASP IB 76 -77.38 -55.90 -20.54
CA ASP IB 76 -76.85 -54.55 -20.75
C ASP IB 76 -75.83 -54.25 -19.66
N GLU IB 77 -76.08 -54.70 -18.44
CA GLU IB 77 -75.15 -54.47 -17.35
C GLU IB 77 -73.88 -55.30 -17.49
N VAL IB 78 -73.91 -56.39 -18.25
CA VAL IB 78 -72.68 -57.08 -18.59
C VAL IB 78 -71.92 -56.32 -19.66
N ARG IB 79 -72.63 -55.78 -20.64
CA ARG IB 79 -72.02 -55.00 -21.72
C ARG IB 79 -71.43 -53.69 -21.25
N THR IB 80 -71.75 -53.24 -20.05
CA THR IB 80 -71.43 -51.89 -19.63
C THR IB 80 -70.44 -51.85 -18.48
N GLY IB 81 -70.33 -52.91 -17.71
CA GLY IB 81 -69.43 -52.96 -16.58
C GLY IB 81 -68.01 -53.31 -16.95
N THR IB 82 -67.34 -54.04 -16.05
CA THR IB 82 -65.91 -54.23 -16.19
C THR IB 82 -65.57 -55.18 -17.33
N TYR IB 83 -66.17 -56.36 -17.35
CA TYR IB 83 -65.89 -57.35 -18.39
C TYR IB 83 -66.76 -57.03 -19.61
N ARG IB 84 -66.42 -55.92 -20.28
CA ARG IB 84 -67.16 -55.53 -21.47
C ARG IB 84 -66.38 -55.75 -22.75
N HIS IB 85 -65.06 -55.78 -22.67
CA HIS IB 85 -64.24 -56.05 -23.84
C HIS IB 85 -63.67 -57.44 -23.79
N LEU IB 86 -64.15 -58.28 -22.88
CA LEU IB 86 -63.77 -59.67 -22.86
C LEU IB 86 -64.70 -60.51 -23.73
N PHE IB 87 -66.01 -60.35 -23.55
CA PHE IB 87 -66.97 -61.09 -24.34
C PHE IB 87 -67.12 -60.44 -25.69
N HIS IB 88 -67.08 -61.25 -26.74
CA HIS IB 88 -67.40 -60.77 -28.07
C HIS IB 88 -68.84 -60.25 -28.08
N PRO IB 89 -69.11 -59.13 -28.74
CA PRO IB 89 -70.44 -58.52 -28.66
C PRO IB 89 -71.59 -59.37 -29.15
N GLU IB 90 -71.35 -60.26 -30.11
CA GLU IB 90 -72.43 -61.14 -30.53
C GLU IB 90 -72.67 -62.27 -29.54
N GLN IB 91 -71.79 -62.46 -28.57
CA GLN IB 91 -71.94 -63.54 -27.62
C GLN IB 91 -72.86 -63.18 -26.47
N LEU IB 92 -73.42 -61.97 -26.48
CA LEU IB 92 -74.40 -61.54 -25.48
C LEU IB 92 -75.64 -61.10 -26.22
N ILE IB 93 -76.67 -61.94 -26.22
CA ILE IB 93 -77.86 -61.74 -27.04
C ILE IB 93 -79.01 -61.33 -26.15
N SER IB 94 -79.76 -60.33 -26.59
CA SER IB 94 -80.87 -59.77 -25.82
C SER IB 94 -82.08 -59.57 -26.72
N GLY IB 95 -83.26 -59.69 -26.13
CA GLY IB 95 -84.48 -59.29 -26.77
C GLY IB 95 -84.93 -57.94 -26.28
N LYS IB 96 -86.18 -57.60 -26.59
CA LYS IB 96 -86.73 -56.32 -26.20
C LYS IB 96 -87.78 -56.42 -25.11
N GLU IB 97 -88.42 -57.57 -24.93
CA GLU IB 97 -89.39 -57.76 -23.86
C GLU IB 97 -89.18 -59.10 -23.20
N ASP IB 98 -89.59 -59.20 -21.95
CA ASP IB 98 -89.33 -60.38 -21.14
C ASP IB 98 -90.35 -61.48 -21.42
N ALA IB 99 -90.16 -62.63 -20.79
CA ALA IB 99 -91.07 -63.75 -20.91
C ALA IB 99 -92.06 -63.86 -19.76
N ALA IB 100 -91.81 -63.16 -18.65
CA ALA IB 100 -92.78 -62.97 -17.56
C ALA IB 100 -93.19 -64.30 -16.90
N ASN IB 101 -92.22 -64.98 -16.29
CA ASN IB 101 -92.40 -66.26 -15.56
C ASN IB 101 -93.25 -67.28 -16.32
N ASN IB 102 -93.20 -67.26 -17.64
CA ASN IB 102 -94.17 -68.01 -18.43
C ASN IB 102 -93.42 -68.94 -19.38
N PHE IB 103 -93.62 -70.24 -19.22
CA PHE IB 103 -93.05 -71.21 -20.15
C PHE IB 103 -93.63 -71.03 -21.54
N ALA IB 104 -94.94 -70.80 -21.62
CA ALA IB 104 -95.62 -70.74 -22.91
C ALA IB 104 -95.13 -69.56 -23.73
N ARG IB 105 -94.90 -68.44 -23.08
CA ARG IB 105 -94.39 -67.28 -23.79
C ARG IB 105 -92.97 -67.53 -24.30
N GLY IB 106 -92.11 -68.10 -23.46
CA GLY IB 106 -90.72 -68.27 -23.82
C GLY IB 106 -90.47 -69.40 -24.79
N HIS IB 107 -91.46 -70.25 -25.03
CA HIS IB 107 -91.32 -71.35 -25.99
C HIS IB 107 -91.92 -70.99 -27.33
N TYR IB 108 -93.21 -70.61 -27.36
CA TYR IB 108 -93.91 -70.47 -28.62
C TYR IB 108 -94.02 -69.03 -29.09
N THR IB 109 -94.34 -68.10 -28.20
CA THR IB 109 -94.68 -66.76 -28.65
C THR IB 109 -93.43 -65.91 -28.90
N ILE IB 110 -92.66 -65.63 -27.84
CA ILE IB 110 -91.65 -64.59 -27.90
C ILE IB 110 -90.26 -65.18 -28.17
N GLY IB 111 -90.08 -66.48 -27.99
CA GLY IB 111 -88.75 -67.04 -28.02
C GLY IB 111 -88.20 -67.40 -29.38
N LYS IB 112 -89.02 -67.43 -30.41
CA LYS IB 112 -88.56 -68.00 -31.68
C LYS IB 112 -87.70 -67.05 -32.49
N GLU IB 113 -87.71 -65.76 -32.20
CA GLU IB 113 -86.89 -64.83 -32.97
C GLU IB 113 -85.57 -64.50 -32.27
N ILE IB 114 -85.25 -65.19 -31.18
CA ILE IB 114 -83.95 -65.05 -30.55
C ILE IB 114 -83.13 -66.33 -30.63
N VAL IB 115 -83.74 -67.46 -30.97
CA VAL IB 115 -82.98 -68.69 -31.07
C VAL IB 115 -82.23 -68.78 -32.40
N ASP IB 116 -82.69 -68.05 -33.41
CA ASP IB 116 -81.96 -68.03 -34.67
C ASP IB 116 -80.62 -67.34 -34.52
N LEU IB 117 -80.56 -66.28 -33.71
CA LEU IB 117 -79.28 -65.64 -33.45
C LEU IB 117 -78.44 -66.48 -32.53
N SER IB 118 -79.08 -67.27 -31.67
CA SER IB 118 -78.33 -68.12 -30.75
C SER IB 118 -77.58 -69.19 -31.51
N LEU IB 119 -78.25 -69.84 -32.44
CA LEU IB 119 -77.66 -70.98 -33.13
C LEU IB 119 -76.66 -70.56 -34.18
N ASP IB 120 -76.70 -69.30 -34.60
CA ASP IB 120 -75.67 -68.80 -35.50
C ASP IB 120 -74.35 -68.64 -34.76
N ARG IB 121 -74.39 -68.04 -33.58
CA ARG IB 121 -73.16 -67.86 -32.81
C ARG IB 121 -72.67 -69.17 -32.24
N ILE IB 122 -73.58 -70.09 -31.92
CA ILE IB 122 -73.16 -71.41 -31.45
C ILE IB 122 -72.45 -72.16 -32.56
N ARG IB 123 -72.98 -72.07 -33.79
CA ARG IB 123 -72.36 -72.76 -34.92
C ARG IB 123 -70.97 -72.22 -35.22
N LYS IB 124 -70.81 -70.90 -35.15
CA LYS IB 124 -69.51 -70.31 -35.45
C LYS IB 124 -68.51 -70.58 -34.33
N LEU IB 125 -69.00 -70.84 -33.13
CA LEU IB 125 -68.14 -71.10 -31.99
C LEU IB 125 -67.88 -72.58 -31.80
N ALA IB 126 -68.50 -73.44 -32.62
CA ALA IB 126 -68.34 -74.88 -32.52
C ALA IB 126 -67.81 -75.51 -33.79
N ASP IB 127 -67.56 -74.73 -34.84
CA ASP IB 127 -67.03 -75.29 -36.08
C ASP IB 127 -65.54 -75.07 -36.26
N ASN IB 128 -64.88 -74.39 -35.32
CA ASN IB 128 -63.45 -74.14 -35.49
C ASN IB 128 -62.63 -75.41 -35.37
N CYS IB 129 -63.01 -76.30 -34.44
CA CYS IB 129 -62.36 -77.59 -34.30
C CYS IB 129 -63.38 -78.64 -33.93
N THR IB 130 -63.19 -79.84 -34.46
CA THR IB 130 -63.96 -81.00 -34.03
C THR IB 130 -63.41 -81.48 -32.69
N GLY IB 131 -63.89 -82.64 -32.23
CA GLY IB 131 -63.49 -83.11 -30.93
C GLY IB 131 -64.06 -82.30 -29.80
N LEU IB 132 -65.18 -81.63 -30.03
CA LEU IB 132 -65.83 -80.82 -29.01
C LEU IB 132 -66.48 -81.75 -28.00
N GLN IB 133 -66.15 -81.57 -26.73
CA GLN IB 133 -66.68 -82.44 -25.69
C GLN IB 133 -68.18 -82.28 -25.51
N GLY IB 134 -68.65 -81.04 -25.45
CA GLY IB 134 -70.08 -80.85 -25.31
C GLY IB 134 -70.46 -79.42 -25.00
N PHE IB 135 -71.65 -79.26 -24.45
CA PHE IB 135 -72.20 -77.96 -24.12
C PHE IB 135 -72.59 -77.97 -22.65
N LEU IB 136 -72.03 -77.06 -21.87
CA LEU IB 136 -72.59 -76.78 -20.56
C LEU IB 136 -73.77 -75.83 -20.70
N MET IB 137 -74.85 -76.13 -19.98
CA MET IB 137 -76.03 -75.30 -20.00
C MET IB 137 -76.43 -74.92 -18.58
N PHE IB 138 -76.74 -73.65 -18.39
CA PHE IB 138 -77.13 -73.13 -17.08
C PHE IB 138 -78.46 -72.42 -17.25
N ASN IB 139 -79.51 -72.98 -16.65
CA ASN IB 139 -80.83 -72.40 -16.78
C ASN IB 139 -81.53 -72.43 -15.44
N ALA IB 140 -82.48 -71.51 -15.29
CA ALA IB 140 -83.38 -71.50 -14.17
C ALA IB 140 -84.67 -72.17 -14.60
N VAL IB 141 -84.97 -73.32 -14.01
CA VAL IB 141 -86.15 -74.09 -14.39
C VAL IB 141 -87.42 -73.35 -14.01
N GLY IB 142 -87.40 -72.64 -12.89
CA GLY IB 142 -88.60 -71.94 -12.47
C GLY IB 142 -88.91 -70.66 -13.18
N GLY IB 143 -88.07 -70.22 -14.12
CA GLY IB 143 -88.27 -68.96 -14.79
C GLY IB 143 -88.95 -69.10 -16.14
N GLY IB 144 -89.10 -67.96 -16.80
CA GLY IB 144 -89.73 -67.94 -18.11
C GLY IB 144 -88.82 -68.26 -19.27
N THR IB 145 -87.80 -67.43 -19.49
CA THR IB 145 -86.89 -67.70 -20.60
C THR IB 145 -85.89 -68.78 -20.23
N GLY IB 146 -85.68 -69.01 -18.94
CA GLY IB 146 -84.81 -70.10 -18.53
C GLY IB 146 -85.40 -71.46 -18.76
N SER IB 147 -86.73 -71.57 -18.76
CA SER IB 147 -87.39 -72.85 -18.95
C SER IB 147 -87.95 -72.97 -20.35
N GLY IB 148 -88.66 -71.95 -20.79
CA GLY IB 148 -89.31 -71.96 -22.10
C GLY IB 148 -88.32 -72.00 -23.24
N LEU IB 149 -87.44 -71.01 -23.30
CA LEU IB 149 -86.41 -71.00 -24.33
C LEU IB 149 -85.44 -72.13 -24.12
N GLY IB 150 -85.21 -72.52 -22.86
CA GLY IB 150 -84.20 -73.51 -22.55
C GLY IB 150 -84.50 -74.87 -23.13
N CYS IB 151 -85.77 -75.28 -23.14
CA CYS IB 151 -86.14 -76.48 -23.88
C CYS IB 151 -85.89 -76.31 -25.36
N LEU IB 152 -86.18 -75.12 -25.89
CA LEU IB 152 -86.23 -74.94 -27.34
C LEU IB 152 -84.84 -74.97 -27.95
N LEU IB 153 -83.84 -74.35 -27.30
CA LEU IB 153 -82.56 -74.42 -27.97
C LEU IB 153 -81.88 -75.74 -27.73
N LEU IB 154 -82.34 -76.50 -26.73
CA LEU IB 154 -81.87 -77.86 -26.59
C LEU IB 154 -82.51 -78.78 -27.62
N GLU IB 155 -83.76 -78.48 -28.00
CA GLU IB 155 -84.42 -79.27 -29.02
C GLU IB 155 -83.71 -79.15 -30.35
N ARG IB 156 -83.34 -77.94 -30.74
CA ARG IB 156 -82.69 -77.78 -32.02
C ARG IB 156 -81.21 -78.11 -31.95
N LEU IB 157 -80.62 -78.10 -30.76
CA LEU IB 157 -79.26 -78.61 -30.63
C LEU IB 157 -79.23 -80.12 -30.81
N SER IB 158 -80.27 -80.81 -30.37
CA SER IB 158 -80.31 -82.25 -30.51
C SER IB 158 -80.47 -82.66 -31.96
N VAL IB 159 -81.14 -81.84 -32.75
CA VAL IB 159 -81.23 -82.09 -34.19
C VAL IB 159 -79.88 -81.88 -34.85
N ASP IB 160 -79.17 -80.83 -34.45
CA ASP IB 160 -77.92 -80.48 -35.13
C ASP IB 160 -76.76 -81.33 -34.65
N TYR IB 161 -76.37 -81.20 -33.39
CA TYR IB 161 -75.22 -81.90 -32.86
C TYR IB 161 -75.72 -83.06 -32.01
N GLY IB 162 -75.80 -84.24 -32.61
CA GLY IB 162 -76.49 -85.36 -32.01
C GLY IB 162 -75.74 -86.09 -30.90
N LYS IB 163 -74.59 -86.66 -31.22
CA LYS IB 163 -73.90 -87.56 -30.31
C LYS IB 163 -72.95 -86.83 -29.37
N LYS IB 164 -73.24 -85.58 -29.06
CA LYS IB 164 -72.36 -84.74 -28.28
C LYS IB 164 -73.03 -84.44 -26.94
N SER IB 165 -72.21 -84.36 -25.90
CA SER IB 165 -72.74 -84.23 -24.55
C SER IB 165 -73.48 -82.92 -24.38
N LYS IB 166 -74.60 -82.95 -23.68
CA LYS IB 166 -75.38 -81.75 -23.39
C LYS IB 166 -75.67 -81.76 -21.91
N LEU IB 167 -74.75 -81.21 -21.13
CA LEU IB 167 -74.92 -81.17 -19.69
C LEU IB 167 -75.75 -79.96 -19.29
N ASN IB 168 -76.27 -80.01 -18.08
CA ASN IB 168 -77.16 -78.97 -17.59
C ASN IB 168 -77.01 -78.82 -16.09
N PHE IB 169 -77.14 -77.59 -15.62
CA PHE IB 169 -77.07 -77.25 -14.20
C PHE IB 169 -78.34 -76.52 -13.84
N CYS IB 170 -79.38 -77.26 -13.52
CA CYS IB 170 -80.70 -76.67 -13.35
C CYS IB 170 -80.84 -76.07 -11.96
N SER IB 171 -81.22 -74.81 -11.91
CA SER IB 171 -81.53 -74.15 -10.66
C SER IB 171 -82.98 -74.47 -10.34
N TRP IB 172 -83.17 -75.34 -9.49
CA TRP IB 172 -84.42 -76.01 -9.22
C TRP IB 172 -85.19 -75.29 -8.13
N PRO IB 173 -86.52 -75.31 -8.16
CA PRO IB 173 -87.30 -74.69 -7.09
C PRO IB 173 -87.07 -75.38 -5.75
N SER IB 174 -86.99 -74.58 -4.71
CA SER IB 174 -86.80 -75.12 -3.38
C SER IB 174 -88.10 -75.72 -2.88
N PRO IB 175 -88.03 -76.60 -1.88
CA PRO IB 175 -89.28 -77.15 -1.32
C PRO IB 175 -90.21 -76.12 -0.71
N GLN IB 176 -89.66 -75.07 -0.10
CA GLN IB 176 -90.48 -74.14 0.64
C GLN IB 176 -90.31 -72.67 0.26
N VAL IB 177 -89.26 -72.32 -0.48
CA VAL IB 177 -89.00 -70.94 -0.86
C VAL IB 177 -88.94 -70.87 -2.37
N SER IB 178 -89.80 -70.06 -2.98
CA SER IB 178 -89.91 -70.12 -4.42
C SER IB 178 -89.79 -68.79 -5.16
N THR IB 179 -90.22 -67.67 -4.58
CA THR IB 179 -90.25 -66.34 -5.20
C THR IB 179 -90.98 -66.31 -6.52
N ALA IB 180 -91.88 -67.24 -6.76
CA ALA IB 180 -92.69 -67.29 -7.96
C ALA IB 180 -93.86 -68.21 -7.69
N VAL IB 181 -95.04 -67.78 -8.07
CA VAL IB 181 -96.24 -68.52 -7.73
C VAL IB 181 -96.74 -69.36 -8.88
N VAL IB 182 -96.28 -69.11 -10.10
CA VAL IB 182 -96.73 -69.84 -11.27
C VAL IB 182 -95.65 -70.85 -11.60
N GLU IB 183 -94.71 -71.01 -10.68
CA GLU IB 183 -93.50 -71.80 -10.83
C GLU IB 183 -93.69 -73.31 -10.83
N PRO IB 184 -94.65 -73.89 -10.08
CA PRO IB 184 -94.92 -75.32 -10.30
C PRO IB 184 -95.37 -75.67 -11.70
N TYR IB 185 -96.00 -74.74 -12.42
CA TYR IB 185 -96.33 -75.01 -13.81
C TYR IB 185 -95.09 -75.01 -14.68
N ASN IB 186 -94.18 -74.06 -14.45
CA ASN IB 186 -92.97 -73.96 -15.25
C ASN IB 186 -92.06 -75.15 -15.03
N SER IB 187 -91.95 -75.60 -13.78
CA SER IB 187 -90.99 -76.65 -13.47
C SER IB 187 -91.42 -78.00 -13.99
N VAL IB 188 -92.71 -78.29 -13.95
CA VAL IB 188 -93.18 -79.58 -14.44
C VAL IB 188 -93.12 -79.62 -15.96
N LEU IB 189 -93.47 -78.53 -16.62
CA LEU IB 189 -93.42 -78.48 -18.09
C LEU IB 189 -92.01 -78.58 -18.62
N SER IB 190 -91.04 -78.04 -17.90
CA SER IB 190 -89.66 -78.15 -18.33
C SER IB 190 -89.10 -79.53 -18.12
N THR IB 191 -89.43 -80.14 -16.98
CA THR IB 191 -88.83 -81.40 -16.59
C THR IB 191 -89.24 -82.51 -17.52
N HIS IB 192 -90.42 -82.40 -18.12
CA HIS IB 192 -90.83 -83.35 -19.15
C HIS IB 192 -89.89 -83.29 -20.34
N SER IB 193 -89.51 -82.09 -20.77
CA SER IB 193 -88.70 -81.94 -21.95
C SER IB 193 -87.22 -81.81 -21.65
N LEU IB 194 -86.84 -81.51 -20.40
CA LEU IB 194 -85.46 -81.72 -19.97
C LEU IB 194 -85.16 -83.21 -19.84
N LEU IB 195 -86.19 -84.04 -19.75
CA LEU IB 195 -85.99 -85.48 -19.69
C LEU IB 195 -85.60 -86.04 -21.05
N GLU IB 196 -86.12 -85.44 -22.12
CA GLU IB 196 -85.98 -86.06 -23.43
C GLU IB 196 -84.67 -85.73 -24.11
N HIS IB 197 -84.17 -84.50 -23.96
CA HIS IB 197 -83.00 -84.05 -24.70
C HIS IB 197 -82.00 -83.33 -23.79
N THR IB 198 -81.63 -83.99 -22.69
CA THR IB 198 -80.50 -83.57 -21.87
C THR IB 198 -79.80 -84.81 -21.35
N ASP IB 199 -78.46 -84.80 -21.41
CA ASP IB 199 -77.70 -86.00 -21.08
C ASP IB 199 -77.46 -86.13 -19.58
N VAL IB 200 -77.11 -85.05 -18.91
CA VAL IB 200 -76.84 -85.06 -17.47
C VAL IB 200 -77.43 -83.79 -16.86
N ALA IB 201 -78.21 -83.94 -15.79
CA ALA IB 201 -78.84 -82.83 -15.11
C ALA IB 201 -78.40 -82.82 -13.66
N VAL IB 202 -77.89 -81.67 -13.20
CA VAL IB 202 -77.45 -81.48 -11.84
C VAL IB 202 -78.33 -80.41 -11.21
N MET IB 203 -78.91 -80.72 -10.05
CA MET IB 203 -79.87 -79.83 -9.42
C MET IB 203 -79.16 -78.98 -8.38
N LEU IB 204 -79.27 -77.67 -8.52
CA LEU IB 204 -78.71 -76.71 -7.58
C LEU IB 204 -79.89 -75.97 -6.97
N ASP IB 205 -80.41 -76.50 -5.87
CA ASP IB 205 -81.47 -75.84 -5.14
C ASP IB 205 -80.90 -74.60 -4.47
N ASN IB 206 -81.76 -73.59 -4.31
CA ASN IB 206 -81.29 -72.31 -3.83
C ASN IB 206 -81.09 -72.32 -2.33
N GLU IB 207 -82.09 -72.79 -1.59
CA GLU IB 207 -81.97 -72.76 -0.14
C GLU IB 207 -81.12 -73.89 0.40
N ALA IB 208 -80.74 -74.84 -0.44
CA ALA IB 208 -79.70 -75.77 -0.06
C ALA IB 208 -78.38 -75.06 0.10
N ILE IB 209 -78.08 -74.12 -0.79
CA ILE IB 209 -76.83 -73.38 -0.69
C ILE IB 209 -76.94 -72.26 0.34
N TYR IB 210 -78.16 -71.84 0.66
CA TYR IB 210 -78.35 -70.79 1.65
C TYR IB 210 -77.95 -71.27 3.04
N ASP IB 211 -78.39 -72.46 3.41
CA ASP IB 211 -78.03 -72.97 4.73
C ASP IB 211 -76.64 -73.58 4.77
N ILE IB 212 -76.07 -73.88 3.61
CA ILE IB 212 -74.66 -74.25 3.56
C ILE IB 212 -73.80 -73.04 3.91
N CYS IB 213 -74.17 -71.85 3.41
CA CYS IB 213 -73.49 -70.64 3.82
C CYS IB 213 -73.75 -70.31 5.28
N ARG IB 214 -74.97 -70.56 5.76
CA ARG IB 214 -75.32 -70.22 7.13
C ARG IB 214 -74.57 -71.08 8.14
N ARG IB 215 -74.17 -72.27 7.73
CA ARG IB 215 -73.54 -73.20 8.66
C ARG IB 215 -72.03 -73.21 8.50
N ASN IB 216 -71.55 -73.37 7.27
CA ASN IB 216 -70.12 -73.54 7.06
C ASN IB 216 -69.39 -72.20 7.07
N LEU IB 217 -69.88 -71.22 6.32
CA LEU IB 217 -69.19 -69.95 6.19
C LEU IB 217 -69.61 -68.93 7.23
N ASP IB 218 -70.67 -69.21 7.99
CA ASP IB 218 -71.19 -68.35 9.05
C ASP IB 218 -71.56 -66.96 8.53
N ILE IB 219 -72.38 -66.94 7.48
CA ILE IB 219 -72.92 -65.70 6.94
C ILE IB 219 -74.41 -65.72 7.19
N GLU IB 220 -74.90 -64.71 7.90
CA GLU IB 220 -76.31 -64.68 8.22
C GLU IB 220 -77.16 -64.23 7.05
N ARG IB 221 -76.66 -63.32 6.22
CA ARG IB 221 -77.43 -62.71 5.15
C ARG IB 221 -76.71 -62.81 3.81
N PRO IB 222 -76.63 -63.99 3.23
CA PRO IB 222 -75.99 -64.09 1.91
C PRO IB 222 -76.91 -63.52 0.85
N THR IB 223 -76.30 -63.16 -0.27
CA THR IB 223 -77.05 -62.71 -1.43
C THR IB 223 -76.81 -63.72 -2.54
N TYR IB 224 -77.31 -63.41 -3.73
CA TYR IB 224 -77.10 -64.30 -4.86
C TYR IB 224 -75.63 -64.39 -5.26
N THR IB 225 -74.86 -63.34 -4.99
CA THR IB 225 -73.45 -63.36 -5.38
C THR IB 225 -72.69 -64.43 -4.62
N ASN IB 226 -72.93 -64.55 -3.32
CA ASN IB 226 -72.28 -65.60 -2.56
C ASN IB 226 -72.73 -66.98 -3.00
N LEU IB 227 -73.97 -67.09 -3.46
CA LEU IB 227 -74.45 -68.34 -4.02
C LEU IB 227 -73.76 -68.66 -5.33
N ASN IB 228 -73.51 -67.65 -6.14
CA ASN IB 228 -72.93 -67.88 -7.46
C ASN IB 228 -71.45 -68.22 -7.39
N ARG IB 229 -70.74 -67.72 -6.37
CA ARG IB 229 -69.34 -68.08 -6.22
C ARG IB 229 -69.20 -69.55 -5.86
N LEU IB 230 -70.13 -70.08 -5.06
CA LEU IB 230 -70.08 -71.49 -4.67
C LEU IB 230 -70.41 -72.39 -5.85
N ILE IB 231 -71.34 -71.97 -6.70
CA ILE IB 231 -71.63 -72.72 -7.91
C ILE IB 231 -70.44 -72.68 -8.86
N ALA IB 232 -69.74 -71.55 -8.91
CA ALA IB 232 -68.59 -71.40 -9.79
C ALA IB 232 -67.45 -72.33 -9.37
N GLN IB 233 -67.28 -72.55 -8.08
CA GLN IB 233 -66.24 -73.46 -7.64
C GLN IB 233 -66.57 -74.90 -7.97
N VAL IB 234 -67.85 -75.23 -8.14
CA VAL IB 234 -68.21 -76.57 -8.55
C VAL IB 234 -67.82 -76.81 -10.01
N ILE IB 235 -68.10 -75.85 -10.89
CA ILE IB 235 -67.80 -76.01 -12.31
C ILE IB 235 -66.30 -76.06 -12.54
N SER IB 236 -65.55 -75.30 -11.74
CA SER IB 236 -64.09 -75.33 -11.86
C SER IB 236 -63.54 -76.68 -11.44
N SER IB 237 -64.02 -77.22 -10.33
CA SER IB 237 -63.59 -78.54 -9.92
C SER IB 237 -64.18 -79.62 -10.81
N LEU IB 238 -65.25 -79.29 -11.52
CA LEU IB 238 -65.83 -80.23 -12.47
C LEU IB 238 -64.89 -80.47 -13.63
N THR IB 239 -64.38 -79.40 -14.22
CA THR IB 239 -63.61 -79.42 -15.45
C THR IB 239 -62.13 -79.22 -15.22
N ALA IB 240 -61.65 -79.42 -14.00
CA ALA IB 240 -60.24 -79.21 -13.72
C ALA IB 240 -59.36 -80.21 -14.45
N SER IB 241 -59.84 -81.45 -14.59
CA SER IB 241 -59.07 -82.45 -15.31
C SER IB 241 -59.12 -82.22 -16.81
N LEU IB 242 -60.11 -81.47 -17.27
CA LEU IB 242 -60.21 -81.16 -18.69
C LEU IB 242 -59.15 -80.15 -19.08
N ARG IB 243 -58.84 -79.23 -18.19
CA ARG IB 243 -57.90 -78.14 -18.47
C ARG IB 243 -56.49 -78.45 -18.04
N PHE IB 244 -56.31 -79.04 -16.86
CA PHE IB 244 -55.04 -79.07 -16.15
C PHE IB 244 -54.50 -80.48 -16.06
N ASP IB 245 -53.28 -80.59 -15.59
CA ASP IB 245 -52.63 -81.89 -15.46
C ASP IB 245 -53.25 -82.67 -14.31
N GLY IB 246 -53.32 -83.99 -14.47
CA GLY IB 246 -53.99 -84.83 -13.50
C GLY IB 246 -53.28 -86.14 -13.29
N ALA IB 247 -53.42 -86.66 -12.07
CA ALA IB 247 -52.93 -88.00 -11.75
C ALA IB 247 -53.86 -89.06 -12.31
N LEU IB 248 -55.17 -88.83 -12.24
CA LEU IB 248 -56.16 -89.71 -12.84
C LEU IB 248 -57.29 -88.81 -13.30
N ASN IB 249 -57.23 -88.39 -14.56
CA ASN IB 249 -58.12 -87.37 -15.04
C ASN IB 249 -59.49 -87.93 -15.37
N VAL IB 250 -60.51 -87.10 -15.17
CA VAL IB 250 -61.88 -87.43 -15.55
C VAL IB 250 -62.41 -86.34 -16.48
N ASP IB 251 -62.86 -86.76 -17.65
CA ASP IB 251 -63.40 -85.87 -18.66
C ASP IB 251 -64.93 -85.83 -18.52
N VAL IB 252 -65.59 -85.25 -19.51
CA VAL IB 252 -67.04 -85.07 -19.40
C VAL IB 252 -67.81 -86.20 -20.09
N THR IB 253 -67.20 -86.91 -21.04
CA THR IB 253 -67.80 -88.13 -21.53
C THR IB 253 -67.66 -89.24 -20.49
N GLU IB 254 -66.69 -89.09 -19.59
CA GLU IB 254 -66.48 -90.04 -18.51
C GLU IB 254 -67.68 -90.10 -17.56
N PHE IB 255 -68.38 -88.97 -17.37
CA PHE IB 255 -69.46 -88.92 -16.39
C PHE IB 255 -70.65 -89.75 -16.82
N GLN IB 256 -71.13 -89.51 -18.03
CA GLN IB 256 -72.41 -90.05 -18.46
C GLN IB 256 -72.34 -91.57 -18.60
N THR IB 257 -71.15 -92.11 -18.81
CA THR IB 257 -70.99 -93.55 -18.79
C THR IB 257 -71.02 -94.09 -17.38
N ASN IB 258 -70.58 -93.29 -16.42
CA ASN IB 258 -70.40 -93.78 -15.07
C ASN IB 258 -71.55 -93.47 -14.12
N LEU IB 259 -72.39 -92.49 -14.43
CA LEU IB 259 -73.42 -92.08 -13.50
C LEU IB 259 -74.83 -92.15 -14.06
N VAL IB 260 -75.01 -92.63 -15.28
CA VAL IB 260 -76.33 -92.77 -15.89
C VAL IB 260 -76.55 -94.25 -16.20
N PRO IB 261 -77.24 -94.96 -15.34
CA PRO IB 261 -77.44 -96.40 -15.55
C PRO IB 261 -78.46 -96.73 -16.63
N TYR IB 262 -79.53 -95.95 -16.69
CA TYR IB 262 -80.56 -96.08 -17.72
C TYR IB 262 -80.90 -94.67 -18.21
N PRO IB 263 -81.39 -94.53 -19.45
CA PRO IB 263 -81.49 -93.20 -20.05
C PRO IB 263 -82.38 -92.20 -19.30
N ARG IB 264 -83.46 -92.66 -18.67
CA ARG IB 264 -84.34 -91.72 -17.98
C ARG IB 264 -83.71 -91.20 -16.69
N ILE IB 265 -82.81 -91.95 -16.08
CA ILE IB 265 -82.21 -91.57 -14.82
C ILE IB 265 -80.95 -90.78 -15.13
N HIS IB 266 -81.04 -89.46 -15.13
CA HIS IB 266 -79.85 -88.63 -15.25
C HIS IB 266 -79.94 -87.40 -14.36
N PHE IB 267 -80.50 -87.56 -13.18
CA PHE IB 267 -80.69 -86.46 -12.25
C PHE IB 267 -79.78 -86.69 -11.06
N MET IB 268 -78.78 -85.84 -10.91
CA MET IB 268 -77.75 -86.01 -9.91
C MET IB 268 -77.66 -84.83 -8.97
N LEU IB 269 -77.15 -85.10 -7.78
CA LEU IB 269 -76.96 -84.12 -6.74
C LEU IB 269 -75.52 -83.66 -6.72
N SER IB 270 -75.19 -82.80 -5.77
CA SER IB 270 -73.88 -82.23 -5.68
C SER IB 270 -73.53 -81.96 -4.22
N SER IB 271 -72.25 -81.97 -3.92
CA SER IB 271 -71.77 -81.58 -2.60
C SER IB 271 -70.30 -81.23 -2.74
N TYR IB 272 -69.93 -80.04 -2.32
CA TYR IB 272 -68.57 -79.58 -2.40
C TYR IB 272 -68.05 -79.34 -0.99
N ALA IB 273 -66.88 -79.86 -0.69
CA ALA IB 273 -66.28 -79.69 0.61
C ALA IB 273 -64.78 -79.73 0.42
N PRO IB 274 -64.02 -78.93 1.16
CA PRO IB 274 -64.44 -77.98 2.17
C PRO IB 274 -64.76 -76.62 1.61
N ILE IB 275 -65.72 -75.96 2.23
CA ILE IB 275 -65.93 -74.53 2.07
C ILE IB 275 -66.03 -73.90 3.46
N ILE IB 276 -64.92 -73.35 3.91
CA ILE IB 276 -64.79 -72.80 5.25
C ILE IB 276 -64.13 -71.44 5.15
N SER IB 277 -64.57 -70.51 5.98
CA SER IB 277 -64.05 -69.17 5.94
C SER IB 277 -62.64 -69.12 6.50
N ALA IB 278 -62.02 -67.95 6.44
CA ALA IB 278 -60.67 -67.80 6.96
C ALA IB 278 -60.62 -67.86 8.48
N GLU IB 279 -61.75 -67.67 9.15
CA GLU IB 279 -61.76 -67.72 10.60
C GLU IB 279 -61.81 -69.14 11.15
N LYS IB 280 -62.10 -70.14 10.32
CA LYS IB 280 -62.09 -71.52 10.78
C LYS IB 280 -61.44 -72.46 9.79
N ALA IB 281 -60.49 -71.97 8.99
CA ALA IB 281 -59.70 -72.86 8.15
C ALA IB 281 -58.34 -73.17 8.73
N TYR IB 282 -57.83 -72.33 9.61
CA TYR IB 282 -56.49 -72.53 10.14
C TYR IB 282 -56.51 -73.41 11.37
N HIS IB 283 -57.70 -73.80 11.81
CA HIS IB 283 -57.87 -74.77 12.86
C HIS IB 283 -58.19 -76.16 12.34
N GLU IB 284 -58.59 -76.27 11.07
CA GLU IB 284 -59.04 -77.53 10.48
C GLU IB 284 -57.91 -78.19 9.74
N GLN IB 285 -57.61 -79.44 10.11
CA GLN IB 285 -56.68 -80.27 9.34
C GLN IB 285 -57.48 -80.88 8.21
N LEU IB 286 -57.36 -80.31 7.02
CA LEU IB 286 -58.22 -80.70 5.90
C LEU IB 286 -57.66 -81.95 5.22
N SER IB 287 -57.67 -83.04 5.97
CA SER IB 287 -57.21 -84.31 5.41
C SER IB 287 -58.21 -84.82 4.38
N VAL IB 288 -57.75 -85.76 3.56
CA VAL IB 288 -58.60 -86.29 2.51
C VAL IB 288 -59.76 -87.07 3.11
N ALA IB 289 -59.52 -87.73 4.23
CA ALA IB 289 -60.61 -88.42 4.91
C ALA IB 289 -61.63 -87.45 5.47
N GLU IB 290 -61.17 -86.33 6.01
CA GLU IB 290 -62.09 -85.36 6.58
C GLU IB 290 -62.94 -84.70 5.51
N ILE IB 291 -62.35 -84.37 4.38
CA ILE IB 291 -63.12 -83.67 3.36
C ILE IB 291 -64.03 -84.62 2.61
N THR IB 292 -63.72 -85.91 2.59
CA THR IB 292 -64.63 -86.83 1.94
C THR IB 292 -65.74 -87.30 2.85
N ASN IB 293 -65.56 -87.19 4.17
CA ASN IB 293 -66.67 -87.48 5.07
C ASN IB 293 -67.69 -86.35 5.04
N SER IB 294 -67.22 -85.11 4.94
CA SER IB 294 -68.11 -83.97 4.84
C SER IB 294 -68.78 -83.86 3.49
N ALA IB 295 -68.24 -84.53 2.47
CA ALA IB 295 -68.92 -84.54 1.17
C ALA IB 295 -70.19 -85.36 1.23
N PHE IB 296 -70.18 -86.47 1.96
CA PHE IB 296 -71.32 -87.36 2.02
C PHE IB 296 -72.30 -86.99 3.12
N GLU IB 297 -72.00 -85.99 3.91
CA GLU IB 297 -72.89 -85.56 4.96
C GLU IB 297 -74.13 -84.92 4.35
N PRO IB 298 -75.34 -85.27 4.79
CA PRO IB 298 -76.55 -84.73 4.15
C PRO IB 298 -76.77 -83.26 4.38
N ALA IB 299 -76.08 -82.66 5.33
CA ALA IB 299 -76.17 -81.22 5.53
C ALA IB 299 -75.29 -80.44 4.58
N SER IB 300 -74.50 -81.11 3.75
CA SER IB 300 -73.68 -80.45 2.76
C SER IB 300 -74.15 -80.70 1.35
N MET IB 301 -75.24 -81.45 1.16
CA MET IB 301 -75.79 -81.66 -0.17
C MET IB 301 -76.38 -80.36 -0.70
N MET IB 302 -76.44 -80.26 -2.02
CA MET IB 302 -76.85 -79.03 -2.68
C MET IB 302 -78.22 -79.16 -3.34
N ALA IB 303 -79.14 -79.86 -2.70
CA ALA IB 303 -80.49 -79.93 -3.22
C ALA IB 303 -81.58 -79.86 -2.17
N LYS IB 304 -81.24 -79.83 -0.88
CA LYS IB 304 -82.19 -79.97 0.22
C LYS IB 304 -83.00 -81.24 0.02
N CYS IB 305 -82.30 -82.37 0.08
CA CYS IB 305 -82.88 -83.67 -0.22
C CYS IB 305 -82.02 -84.71 0.50
N ASP IB 306 -82.52 -85.21 1.60
CA ASP IB 306 -81.74 -86.08 2.46
C ASP IB 306 -81.55 -87.41 1.77
N PRO IB 307 -80.31 -87.83 1.49
CA PRO IB 307 -80.11 -89.12 0.82
C PRO IB 307 -80.27 -90.32 1.74
N ARG IB 308 -80.65 -90.10 3.00
CA ARG IB 308 -80.88 -91.20 3.90
C ARG IB 308 -82.17 -91.94 3.60
N HIS IB 309 -83.10 -91.32 2.87
CA HIS IB 309 -84.27 -92.05 2.39
C HIS IB 309 -84.13 -92.38 0.92
N GLY IB 310 -82.93 -92.74 0.50
CA GLY IB 310 -82.68 -93.22 -0.85
C GLY IB 310 -81.48 -94.12 -0.86
N LYS IB 311 -81.14 -94.60 -2.04
CA LYS IB 311 -79.98 -95.46 -2.24
C LYS IB 311 -79.08 -94.83 -3.29
N TYR IB 312 -77.79 -94.80 -3.03
CA TYR IB 312 -76.84 -94.24 -3.98
C TYR IB 312 -76.66 -95.22 -5.13
N MET IB 313 -77.18 -94.86 -6.30
CA MET IB 313 -77.09 -95.74 -7.45
C MET IB 313 -75.72 -95.72 -8.08
N ALA IB 314 -74.99 -94.62 -7.92
CA ALA IB 314 -73.62 -94.43 -8.39
C ALA IB 314 -73.14 -93.12 -7.78
N CYS IB 315 -71.83 -92.92 -7.81
CA CYS IB 315 -71.28 -91.72 -7.19
C CYS IB 315 -69.96 -91.38 -7.84
N CYS IB 316 -69.70 -90.08 -8.00
CA CYS IB 316 -68.47 -89.59 -8.60
C CYS IB 316 -67.78 -88.62 -7.66
N LEU IB 317 -66.47 -88.78 -7.49
CA LEU IB 317 -65.71 -87.88 -6.61
C LEU IB 317 -64.53 -87.29 -7.37
N MET IB 318 -64.42 -85.97 -7.37
CA MET IB 318 -63.29 -85.28 -8.00
C MET IB 318 -62.46 -84.61 -6.93
N TYR IB 319 -61.26 -85.12 -6.72
CA TYR IB 319 -60.33 -84.54 -5.77
C TYR IB 319 -59.46 -83.53 -6.48
N ARG IB 320 -58.99 -82.54 -5.74
CA ARG IB 320 -58.29 -81.40 -6.33
C ARG IB 320 -57.30 -80.85 -5.33
N GLY IB 321 -56.01 -80.97 -5.61
CA GLY IB 321 -55.02 -80.39 -4.72
C GLY IB 321 -53.81 -81.25 -4.47
N ASP IB 322 -53.29 -81.25 -3.25
CA ASP IB 322 -52.26 -82.21 -2.85
C ASP IB 322 -52.90 -83.49 -2.30
N VAL IB 323 -53.59 -84.18 -3.19
CA VAL IB 323 -54.29 -85.40 -2.85
C VAL IB 323 -53.56 -86.57 -3.50
N VAL IB 324 -53.10 -87.51 -2.70
CA VAL IB 324 -52.41 -88.68 -3.23
C VAL IB 324 -53.46 -89.72 -3.58
N PRO IB 325 -53.21 -90.61 -4.55
CA PRO IB 325 -54.19 -91.66 -4.83
C PRO IB 325 -54.37 -92.63 -3.69
N LYS IB 326 -53.40 -92.73 -2.81
CA LYS IB 326 -53.48 -93.70 -1.73
C LYS IB 326 -54.48 -93.27 -0.67
N ASP IB 327 -54.47 -91.98 -0.32
CA ASP IB 327 -55.42 -91.51 0.69
C ASP IB 327 -56.84 -91.44 0.16
N VAL IB 328 -57.03 -91.48 -1.15
CA VAL IB 328 -58.39 -91.61 -1.68
C VAL IB 328 -58.95 -92.98 -1.35
N ASN IB 329 -58.16 -94.02 -1.59
CA ASN IB 329 -58.62 -95.39 -1.34
C ASN IB 329 -58.82 -95.63 0.14
N ALA IB 330 -57.96 -95.05 0.97
CA ALA IB 330 -58.11 -95.21 2.41
C ALA IB 330 -59.27 -94.41 2.97
N ALA IB 331 -59.87 -93.52 2.19
CA ALA IB 331 -60.94 -92.68 2.68
C ALA IB 331 -62.28 -92.99 2.07
N VAL IB 332 -62.32 -93.66 0.92
CA VAL IB 332 -63.58 -94.11 0.38
C VAL IB 332 -63.94 -95.49 0.91
N ALA IB 333 -62.96 -96.22 1.43
CA ALA IB 333 -63.25 -97.51 2.05
C ALA IB 333 -64.02 -97.32 3.35
N THR IB 334 -63.75 -96.24 4.08
CA THR IB 334 -64.52 -95.90 5.26
C THR IB 334 -65.97 -95.63 4.91
N ILE IB 335 -66.22 -94.96 3.78
CA ILE IB 335 -67.58 -94.64 3.37
C ILE IB 335 -68.35 -95.90 3.02
N LYS IB 336 -67.68 -96.88 2.41
CA LYS IB 336 -68.36 -98.11 2.03
C LYS IB 336 -68.75 -98.92 3.27
N THR IB 337 -67.94 -98.89 4.32
CA THR IB 337 -68.27 -99.64 5.52
C THR IB 337 -69.25 -98.92 6.45
N LYS IB 338 -69.49 -97.63 6.22
CA LYS IB 338 -70.45 -96.92 7.06
C LYS IB 338 -71.86 -97.37 6.74
N ARG IB 339 -72.66 -97.58 7.79
CA ARG IB 339 -73.99 -98.17 7.61
C ARG IB 339 -75.11 -97.15 7.49
N THR IB 340 -74.87 -95.89 7.84
CA THR IB 340 -75.88 -94.87 7.60
C THR IB 340 -76.02 -94.55 6.12
N ILE IB 341 -74.99 -94.83 5.34
CA ILE IB 341 -74.97 -94.61 3.90
C ILE IB 341 -74.99 -95.97 3.22
N GLN IB 342 -75.88 -96.14 2.24
CA GLN IB 342 -76.07 -97.45 1.66
C GLN IB 342 -76.23 -97.35 0.15
N PHE IB 343 -75.97 -98.48 -0.50
CA PHE IB 343 -75.91 -98.54 -1.95
C PHE IB 343 -76.89 -99.57 -2.48
N VAL IB 344 -77.35 -99.34 -3.71
CA VAL IB 344 -78.29 -100.25 -4.32
C VAL IB 344 -77.58 -101.57 -4.64
N ASP IB 345 -78.34 -102.66 -4.63
CA ASP IB 345 -77.76 -104.00 -4.67
C ASP IB 345 -77.07 -104.30 -6.00
N TRP IB 346 -77.57 -103.75 -7.10
CA TRP IB 346 -76.99 -104.06 -8.40
C TRP IB 346 -75.82 -103.16 -8.75
N CYS IB 347 -75.28 -102.43 -7.79
CA CYS IB 347 -74.11 -101.58 -7.99
C CYS IB 347 -73.05 -101.99 -6.99
N PRO IB 348 -72.31 -103.08 -7.26
CA PRO IB 348 -71.32 -103.55 -6.29
C PRO IB 348 -70.18 -102.57 -6.12
N THR IB 349 -69.55 -102.20 -7.22
CA THR IB 349 -68.63 -101.07 -7.23
C THR IB 349 -69.40 -99.81 -7.58
N GLY IB 350 -69.17 -98.74 -6.83
CA GLY IB 350 -70.01 -97.58 -6.96
C GLY IB 350 -69.28 -96.26 -6.86
N PHE IB 351 -68.05 -96.20 -7.34
CA PHE IB 351 -67.26 -94.99 -7.21
C PHE IB 351 -66.41 -94.73 -8.44
N LYS IB 352 -66.35 -93.47 -8.83
CA LYS IB 352 -65.41 -92.97 -9.82
C LYS IB 352 -64.61 -91.86 -9.17
N CYS IB 353 -63.27 -91.96 -9.23
CA CYS IB 353 -62.41 -91.00 -8.55
C CYS IB 353 -61.70 -90.16 -9.60
N GLY IB 354 -61.41 -88.93 -9.25
CA GLY IB 354 -60.57 -88.10 -10.07
C GLY IB 354 -59.64 -87.28 -9.20
N ILE IB 355 -58.38 -87.20 -9.63
CA ILE IB 355 -57.35 -86.51 -8.88
C ILE IB 355 -56.69 -85.52 -9.82
N ASN IB 356 -56.78 -84.24 -9.49
CA ASN IB 356 -56.24 -83.17 -10.29
C ASN IB 356 -55.30 -82.33 -9.44
N TYR IB 357 -54.27 -81.77 -10.08
CA TYR IB 357 -53.15 -81.25 -9.32
C TYR IB 357 -53.39 -79.84 -8.81
N GLN IB 358 -54.00 -78.98 -9.61
CA GLN IB 358 -53.95 -77.56 -9.32
C GLN IB 358 -54.97 -77.19 -8.26
N PRO IB 359 -54.55 -76.65 -7.12
CA PRO IB 359 -55.48 -76.44 -6.00
C PRO IB 359 -56.50 -75.36 -6.31
N PRO IB 360 -57.63 -75.33 -5.60
CA PRO IB 360 -58.68 -74.37 -5.95
C PRO IB 360 -58.25 -72.93 -5.76
N THR IB 361 -58.70 -72.08 -6.67
CA THR IB 361 -58.30 -70.68 -6.71
C THR IB 361 -59.30 -69.83 -5.93
N VAL IB 362 -58.78 -68.99 -5.05
CA VAL IB 362 -59.61 -68.10 -4.24
C VAL IB 362 -59.72 -66.76 -4.93
N VAL IB 363 -60.93 -66.23 -5.00
CA VAL IB 363 -61.15 -64.90 -5.56
C VAL IB 363 -60.95 -63.88 -4.43
N PRO IB 364 -60.14 -62.85 -4.65
CA PRO IB 364 -59.96 -61.84 -3.60
C PRO IB 364 -61.25 -61.08 -3.36
N GLY IB 365 -61.49 -60.74 -2.10
CA GLY IB 365 -62.73 -60.11 -1.74
C GLY IB 365 -63.90 -61.07 -1.68
N GLY IB 366 -63.66 -62.36 -1.82
CA GLY IB 366 -64.70 -63.36 -1.70
C GLY IB 366 -64.89 -63.75 -0.25
N ASP IB 367 -65.27 -65.00 -0.05
CA ASP IB 367 -65.55 -65.46 1.29
C ASP IB 367 -65.08 -66.88 1.58
N LEU IB 368 -64.39 -67.52 0.65
CA LEU IB 368 -63.78 -68.81 0.91
C LEU IB 368 -62.36 -68.58 1.43
N ALA IB 369 -61.59 -69.64 1.57
CA ALA IB 369 -60.22 -69.53 2.04
C ALA IB 369 -59.29 -70.32 1.13
N LYS IB 370 -58.03 -69.93 1.13
CA LYS IB 370 -57.00 -70.64 0.39
C LYS IB 370 -56.80 -72.01 1.04
N VAL IB 371 -57.28 -73.05 0.37
CA VAL IB 371 -57.21 -74.40 0.92
C VAL IB 371 -56.44 -75.28 -0.03
N MET IB 372 -55.69 -76.22 0.54
CA MET IB 372 -54.73 -76.99 -0.24
C MET IB 372 -55.35 -78.21 -0.90
N ARG IB 373 -56.53 -78.63 -0.50
CA ARG IB 373 -57.19 -79.72 -1.20
C ARG IB 373 -58.70 -79.58 -1.05
N ALA IB 374 -59.43 -80.20 -1.98
CA ALA IB 374 -60.89 -80.06 -1.99
C ALA IB 374 -61.51 -81.24 -2.72
N VAL IB 375 -62.81 -81.42 -2.51
CA VAL IB 375 -63.59 -82.50 -3.12
C VAL IB 375 -64.86 -81.91 -3.71
N CYS IB 376 -65.18 -82.31 -4.95
CA CYS IB 376 -66.51 -82.12 -5.51
C CYS IB 376 -67.10 -83.50 -5.78
N MET IB 377 -68.28 -83.76 -5.25
CA MET IB 377 -68.92 -85.06 -5.33
C MET IB 377 -70.23 -84.92 -6.08
N ILE IB 378 -70.45 -85.79 -7.05
CA ILE IB 378 -71.69 -85.81 -7.83
C ILE IB 378 -72.24 -87.23 -7.77
N SER IB 379 -73.49 -87.37 -7.36
CA SER IB 379 -74.07 -88.67 -7.04
C SER IB 379 -75.45 -88.81 -7.66
N ASN IB 380 -75.74 -90.01 -8.13
CA ASN IB 380 -77.07 -90.34 -8.64
C ASN IB 380 -77.76 -91.18 -7.58
N SER IB 381 -78.96 -90.77 -7.20
CA SER IB 381 -79.61 -91.37 -6.05
C SER IB 381 -81.06 -91.70 -6.38
N THR IB 382 -81.66 -92.50 -5.51
CA THR IB 382 -83.07 -92.77 -5.53
C THR IB 382 -83.83 -91.78 -4.67
N ALA IB 383 -83.12 -91.01 -3.85
CA ALA IB 383 -83.72 -89.95 -3.05
C ALA IB 383 -84.28 -88.82 -3.89
N ILE IB 384 -83.94 -88.76 -5.18
CA ILE IB 384 -84.54 -87.81 -6.12
C ILE IB 384 -86.03 -88.02 -6.29
N ALA IB 385 -86.57 -89.15 -5.83
CA ALA IB 385 -87.99 -89.40 -5.94
C ALA IB 385 -88.80 -88.35 -5.20
N GLU IB 386 -88.25 -87.75 -4.13
CA GLU IB 386 -89.06 -86.80 -3.38
C GLU IB 386 -89.11 -85.43 -4.06
N VAL IB 387 -88.11 -85.07 -4.88
CA VAL IB 387 -88.11 -83.71 -5.40
C VAL IB 387 -89.08 -83.55 -6.56
N PHE IB 388 -89.50 -84.63 -7.19
CA PHE IB 388 -90.59 -84.54 -8.15
C PHE IB 388 -91.91 -84.95 -7.52
N SER IB 389 -91.88 -85.75 -6.46
CA SER IB 389 -93.10 -86.05 -5.72
C SER IB 389 -93.55 -84.84 -4.91
N ARG IB 390 -92.66 -83.90 -4.65
CA ARG IB 390 -93.10 -82.67 -4.02
C ARG IB 390 -93.74 -81.74 -5.03
N MET IB 391 -93.25 -81.73 -6.27
CA MET IB 391 -93.95 -80.98 -7.30
C MET IB 391 -95.24 -81.68 -7.72
N ASP IB 392 -95.28 -83.00 -7.56
CA ASP IB 392 -96.50 -83.77 -7.77
C ASP IB 392 -97.66 -83.17 -6.99
N HIS IB 393 -97.44 -82.92 -5.71
CA HIS IB 393 -98.47 -82.34 -4.86
C HIS IB 393 -98.77 -80.92 -5.28
N LYS IB 394 -97.73 -80.08 -5.43
CA LYS IB 394 -97.94 -78.66 -5.68
C LYS IB 394 -98.46 -78.37 -7.08
N PHE IB 395 -98.53 -79.35 -7.97
CA PHE IB 395 -99.09 -79.11 -9.28
C PHE IB 395 -100.56 -79.52 -9.36
N ASP IB 396 -100.95 -80.62 -8.73
CA ASP IB 396 -102.35 -81.01 -8.73
C ASP IB 396 -103.16 -80.19 -7.75
N LEU IB 397 -102.51 -79.50 -6.80
CA LEU IB 397 -103.20 -78.46 -6.05
C LEU IB 397 -103.63 -77.32 -6.95
N MET IB 398 -102.74 -76.86 -7.81
CA MET IB 398 -103.06 -75.70 -8.63
C MET IB 398 -103.97 -76.07 -9.79
N TYR IB 399 -103.59 -77.11 -10.53
CA TYR IB 399 -104.27 -77.44 -11.78
C TYR IB 399 -105.66 -78.03 -11.57
N ALA IB 400 -106.03 -78.40 -10.35
CA ALA IB 400 -107.33 -79.01 -10.12
C ALA IB 400 -108.45 -78.04 -10.44
N LYS IB 401 -108.30 -76.79 -10.05
CA LYS IB 401 -109.29 -75.76 -10.32
C LYS IB 401 -108.74 -74.68 -11.24
N ARG IB 402 -107.77 -75.07 -12.07
CA ARG IB 402 -107.33 -74.31 -13.23
C ARG IB 402 -106.82 -72.93 -12.87
N ALA IB 403 -105.87 -72.88 -11.94
CA ALA IB 403 -105.23 -71.63 -11.59
C ALA IB 403 -104.16 -71.30 -12.62
N PHE IB 404 -104.18 -70.08 -13.12
CA PHE IB 404 -103.22 -69.51 -14.06
C PHE IB 404 -103.16 -70.24 -15.39
N VAL IB 405 -104.09 -71.14 -15.68
CA VAL IB 405 -104.02 -71.88 -16.95
C VAL IB 405 -104.44 -71.01 -18.12
N HIS IB 406 -105.22 -69.95 -17.87
CA HIS IB 406 -105.67 -69.09 -18.96
C HIS IB 406 -104.53 -68.32 -19.58
N TRP IB 407 -103.48 -68.03 -18.82
CA TRP IB 407 -102.32 -67.35 -19.38
C TRP IB 407 -101.63 -68.23 -20.41
N TYR IB 408 -101.50 -69.52 -20.12
CA TYR IB 408 -100.70 -70.40 -20.94
C TYR IB 408 -101.44 -70.78 -22.23
N VAL IB 409 -102.75 -71.02 -22.13
CA VAL IB 409 -103.52 -71.44 -23.30
C VAL IB 409 -103.66 -70.29 -24.29
N GLY IB 410 -103.89 -69.10 -23.79
CA GLY IB 410 -104.17 -67.98 -24.67
C GLY IB 410 -102.98 -67.39 -25.38
N GLU IB 411 -101.77 -67.87 -25.10
CA GLU IB 411 -100.59 -67.35 -25.78
C GLU IB 411 -99.83 -68.42 -26.55
N GLY IB 412 -100.46 -69.54 -26.83
CA GLY IB 412 -99.87 -70.44 -27.79
C GLY IB 412 -99.96 -71.90 -27.46
N MET IB 413 -99.94 -72.24 -26.17
CA MET IB 413 -100.06 -73.63 -25.78
C MET IB 413 -101.47 -74.12 -26.03
N GLU IB 414 -101.66 -75.41 -25.90
CA GLU IB 414 -102.97 -76.01 -25.89
C GLU IB 414 -103.15 -76.74 -24.58
N GLU IB 415 -104.40 -76.83 -24.13
CA GLU IB 415 -104.72 -77.64 -22.97
C GLU IB 415 -104.38 -79.09 -23.27
N GLY IB 416 -103.75 -79.76 -22.30
CA GLY IB 416 -103.31 -81.11 -22.49
C GLY IB 416 -101.81 -81.26 -22.50
N GLU IB 417 -101.08 -80.17 -22.70
CA GLU IB 417 -99.64 -80.22 -22.47
C GLU IB 417 -99.33 -80.34 -20.99
N PHE IB 418 -100.22 -79.84 -20.13
CA PHE IB 418 -100.08 -80.11 -18.70
C PHE IB 418 -100.35 -81.57 -18.38
N SER IB 419 -101.34 -82.17 -19.04
CA SER IB 419 -101.65 -83.56 -18.80
C SER IB 419 -100.52 -84.47 -19.28
N GLU IB 420 -99.90 -84.12 -20.40
CA GLU IB 420 -98.77 -84.89 -20.88
C GLU IB 420 -97.56 -84.71 -19.98
N ALA IB 421 -97.38 -83.50 -19.43
CA ALA IB 421 -96.27 -83.28 -18.51
C ALA IB 421 -96.51 -84.01 -17.20
N ARG IB 422 -97.76 -84.11 -16.77
CA ARG IB 422 -98.09 -84.82 -15.55
C ARG IB 422 -97.82 -86.31 -15.68
N GLU IB 423 -98.17 -86.90 -16.81
CA GLU IB 423 -98.02 -88.34 -16.97
C GLU IB 423 -96.55 -88.73 -17.09
N ASP IB 424 -95.72 -87.89 -17.70
CA ASP IB 424 -94.31 -88.22 -17.81
C ASP IB 424 -93.59 -88.02 -16.49
N LEU IB 425 -94.01 -87.04 -15.70
CA LEU IB 425 -93.46 -86.91 -14.35
C LEU IB 425 -93.93 -88.03 -13.46
N ALA IB 426 -95.17 -88.49 -13.64
CA ALA IB 426 -95.65 -89.62 -12.85
C ALA IB 426 -94.95 -90.90 -13.26
N ALA IB 427 -94.66 -91.06 -14.55
CA ALA IB 427 -93.91 -92.22 -15.00
C ALA IB 427 -92.46 -92.15 -14.58
N LEU IB 428 -91.94 -90.96 -14.36
CA LEU IB 428 -90.57 -90.83 -13.87
C LEU IB 428 -90.47 -91.29 -12.42
N GLU IB 429 -91.46 -90.97 -11.60
CA GLU IB 429 -91.49 -91.48 -10.23
C GLU IB 429 -91.74 -92.98 -10.17
N LYS IB 430 -92.53 -93.51 -11.10
CA LYS IB 430 -92.68 -94.96 -11.16
C LYS IB 430 -91.36 -95.60 -11.59
N ASP IB 431 -90.55 -94.85 -12.33
CA ASP IB 431 -89.25 -95.37 -12.77
C ASP IB 431 -88.23 -95.42 -11.63
N TYR IB 432 -88.14 -94.36 -10.81
CA TYR IB 432 -87.18 -94.39 -9.71
C TYR IB 432 -87.59 -95.37 -8.64
N GLU IB 433 -88.89 -95.56 -8.42
CA GLU IB 433 -89.31 -96.55 -7.44
C GLU IB 433 -89.03 -97.97 -7.91
N GLU IB 434 -89.09 -98.22 -9.22
CA GLU IB 434 -88.82 -99.56 -9.73
C GLU IB 434 -87.33 -99.89 -9.64
N VAL IB 435 -86.47 -98.89 -9.81
CA VAL IB 435 -85.03 -99.10 -9.70
C VAL IB 435 -84.63 -99.43 -8.28
N GLY IB 436 -85.24 -98.77 -7.30
CA GLY IB 436 -84.82 -98.90 -5.92
C GLY IB 436 -85.24 -100.17 -5.22
N ILE IB 437 -85.91 -101.10 -5.90
CA ILE IB 437 -86.38 -102.32 -5.25
C ILE IB 437 -85.23 -103.28 -5.01
N MET JB 1 -86.20 -49.23 -26.53
CA MET JB 1 -86.73 -50.40 -25.84
C MET JB 1 -88.17 -50.18 -25.41
N ARG JB 2 -88.51 -50.66 -24.22
CA ARG JB 2 -89.86 -50.50 -23.69
C ARG JB 2 -90.13 -49.05 -23.30
N GLU JB 3 -91.36 -48.59 -23.58
CA GLU JB 3 -91.83 -47.31 -23.05
C GLU JB 3 -93.19 -47.53 -22.40
N ILE JB 4 -93.50 -46.74 -21.38
CA ILE JB 4 -94.82 -46.68 -20.80
C ILE JB 4 -95.43 -45.34 -21.19
N VAL JB 5 -96.55 -45.38 -21.89
CA VAL JB 5 -97.31 -44.17 -22.20
C VAL JB 5 -98.19 -43.86 -21.01
N HIS JB 6 -98.07 -42.65 -20.48
CA HIS JB 6 -98.81 -42.22 -19.31
C HIS JB 6 -100.00 -41.38 -19.74
N VAL JB 7 -101.18 -41.68 -19.21
CA VAL JB 7 -102.41 -41.01 -19.57
C VAL JB 7 -103.11 -40.57 -18.29
N GLN JB 8 -103.39 -39.29 -18.16
CA GLN JB 8 -103.92 -38.72 -16.93
C GLN JB 8 -105.33 -38.24 -17.24
N GLY JB 9 -106.30 -38.63 -16.43
CA GLY JB 9 -107.65 -38.19 -16.73
C GLY JB 9 -108.35 -37.54 -15.56
N GLY JB 10 -108.97 -36.39 -15.80
CA GLY JB 10 -109.77 -35.74 -14.78
C GLY JB 10 -108.96 -34.76 -13.95
N GLN JB 11 -109.66 -34.08 -13.04
CA GLN JB 11 -109.00 -33.18 -12.13
C GLN JB 11 -108.15 -33.96 -11.13
N CYS JB 12 -108.62 -35.15 -10.75
CA CYS JB 12 -107.83 -36.01 -9.90
C CYS JB 12 -106.56 -36.48 -10.60
N GLY JB 13 -106.72 -36.97 -11.83
CA GLY JB 13 -105.61 -37.58 -12.53
C GLY JB 13 -104.52 -36.60 -12.89
N ASN JB 14 -104.87 -35.33 -13.07
CA ASN JB 14 -103.83 -34.33 -13.31
C ASN JB 14 -103.09 -34.00 -12.03
N GLN JB 15 -103.81 -33.80 -10.93
CA GLN JB 15 -103.13 -33.47 -9.68
C GLN JB 15 -102.43 -34.65 -9.07
N ILE JB 16 -102.92 -35.87 -9.28
CA ILE JB 16 -102.16 -37.05 -8.88
C ILE JB 16 -101.02 -37.29 -9.84
N GLY JB 17 -101.27 -37.06 -11.13
CA GLY JB 17 -100.25 -37.36 -12.11
C GLY JB 17 -99.15 -36.31 -12.21
N ALA JB 18 -99.41 -35.10 -11.73
CA ALA JB 18 -98.35 -34.10 -11.69
C ALA JB 18 -97.28 -34.49 -10.68
N LYS JB 19 -97.69 -35.05 -9.54
CA LYS JB 19 -96.73 -35.44 -8.53
C LYS JB 19 -96.00 -36.72 -8.92
N PHE JB 20 -96.60 -37.56 -9.76
CA PHE JB 20 -95.89 -38.73 -10.26
C PHE JB 20 -94.74 -38.32 -11.14
N TRP JB 21 -94.91 -37.28 -11.94
CA TRP JB 21 -93.83 -36.80 -12.76
C TRP JB 21 -92.83 -35.98 -11.94
N GLU JB 22 -93.23 -35.53 -10.76
CA GLU JB 22 -92.29 -34.83 -9.90
C GLU JB 22 -91.36 -35.81 -9.21
N VAL JB 23 -91.83 -37.01 -8.90
CA VAL JB 23 -90.96 -37.94 -8.19
C VAL JB 23 -90.09 -38.74 -9.15
N ILE JB 24 -90.58 -39.02 -10.36
CA ILE JB 24 -89.75 -39.72 -11.34
C ILE JB 24 -88.64 -38.81 -11.84
N SER JB 25 -88.97 -37.54 -12.12
CA SER JB 25 -87.95 -36.59 -12.57
C SER JB 25 -86.89 -36.36 -11.51
N ASP JB 26 -87.30 -36.29 -10.25
CA ASP JB 26 -86.33 -36.20 -9.17
C ASP JB 26 -85.52 -37.47 -9.05
N GLU JB 27 -86.11 -38.61 -9.39
CA GLU JB 27 -85.39 -39.87 -9.29
C GLU JB 27 -84.40 -40.04 -10.42
N HIS JB 28 -84.70 -39.47 -11.58
CA HIS JB 28 -83.79 -39.49 -12.71
C HIS JB 28 -83.00 -38.20 -12.87
N GLY JB 29 -83.05 -37.31 -11.88
CA GLY JB 29 -82.24 -36.11 -11.89
C GLY JB 29 -82.60 -35.11 -12.95
N ILE JB 30 -83.87 -34.86 -13.17
CA ILE JB 30 -84.32 -33.98 -14.24
C ILE JB 30 -84.71 -32.65 -13.64
N ASP JB 31 -84.06 -31.60 -14.12
CA ASP JB 31 -84.34 -30.23 -13.75
C ASP JB 31 -85.76 -29.88 -14.18
N PRO JB 32 -86.48 -29.04 -13.44
CA PRO JB 32 -87.72 -28.47 -13.97
C PRO JB 32 -87.58 -27.81 -15.34
N THR JB 33 -86.40 -27.30 -15.68
CA THR JB 33 -86.16 -26.83 -17.03
C THR JB 33 -86.26 -27.97 -18.04
N GLY JB 34 -85.77 -29.14 -17.68
CA GLY JB 34 -85.86 -30.30 -18.54
C GLY JB 34 -84.52 -30.95 -18.80
N THR JB 35 -83.46 -30.36 -18.24
CA THR JB 35 -82.11 -30.84 -18.48
C THR JB 35 -81.82 -32.00 -17.54
N TYR JB 36 -80.57 -32.43 -17.48
CA TYR JB 36 -80.16 -33.46 -16.54
C TYR JB 36 -78.99 -32.97 -15.72
N CYS JB 37 -79.07 -33.18 -14.41
CA CYS JB 37 -77.95 -32.94 -13.52
C CYS JB 37 -77.73 -34.16 -12.67
N GLY JB 38 -76.47 -34.53 -12.46
CA GLY JB 38 -76.21 -35.55 -11.47
C GLY JB 38 -75.26 -36.68 -11.80
N ASP JB 39 -74.52 -36.56 -12.91
CA ASP JB 39 -73.34 -37.32 -13.32
C ASP JB 39 -73.29 -38.79 -12.90
N SER JB 40 -74.36 -39.54 -13.16
CA SER JB 40 -74.36 -40.98 -12.95
C SER JB 40 -75.06 -41.66 -14.11
N ASP JB 41 -74.56 -42.84 -14.49
CA ASP JB 41 -75.02 -43.51 -15.70
C ASP JB 41 -76.39 -44.13 -15.46
N LEU JB 42 -76.62 -44.62 -14.24
CA LEU JB 42 -77.78 -45.46 -13.96
C LEU JB 42 -79.11 -44.75 -14.08
N GLN JB 43 -79.13 -43.41 -14.07
CA GLN JB 43 -80.39 -42.75 -14.43
C GLN JB 43 -80.67 -42.89 -15.91
N LEU JB 44 -79.75 -42.43 -16.75
CA LEU JB 44 -80.03 -42.29 -18.16
C LEU JB 44 -79.87 -43.57 -18.96
N GLU JB 45 -79.39 -44.66 -18.35
CA GLU JB 45 -79.24 -45.90 -19.11
C GLU JB 45 -80.59 -46.46 -19.52
N ARG JB 46 -81.60 -46.29 -18.68
CA ARG JB 46 -82.96 -46.68 -19.02
C ARG JB 46 -83.85 -45.49 -18.70
N ILE JB 47 -83.93 -44.57 -19.65
CA ILE JB 47 -84.72 -43.35 -19.51
C ILE JB 47 -85.81 -43.31 -20.55
N ASN JB 48 -85.72 -44.15 -21.58
CA ASN JB 48 -86.72 -44.24 -22.65
C ASN JB 48 -88.03 -44.82 -22.17
N VAL JB 49 -88.07 -45.42 -20.98
CA VAL JB 49 -89.29 -46.01 -20.46
C VAL JB 49 -90.30 -44.92 -20.17
N PHE JB 50 -89.85 -43.75 -19.83
CA PHE JB 50 -90.78 -42.68 -19.58
C PHE JB 50 -90.54 -41.43 -20.39
N TYR JB 51 -89.28 -41.10 -20.67
CA TYR JB 51 -88.95 -39.80 -21.26
C TYR JB 51 -88.62 -39.93 -22.75
N ASN JB 52 -88.44 -38.77 -23.38
CA ASN JB 52 -88.27 -38.70 -24.81
C ASN JB 52 -87.31 -37.56 -25.14
N GLU JB 53 -86.23 -37.87 -25.85
CA GLU JB 53 -85.27 -36.86 -26.27
C GLU JB 53 -85.90 -35.92 -27.28
N ALA JB 54 -85.45 -34.67 -27.27
CA ALA JB 54 -86.11 -33.63 -28.02
C ALA JB 54 -85.24 -33.00 -29.09
N THR JB 55 -84.07 -33.58 -29.38
CA THR JB 55 -83.05 -33.00 -30.25
C THR JB 55 -82.72 -31.57 -29.84
N GLY JB 56 -82.70 -31.35 -28.54
CA GLY JB 56 -82.17 -30.14 -27.97
C GLY JB 56 -81.46 -30.55 -26.71
N GLY JB 57 -81.46 -31.85 -26.46
CA GLY JB 57 -80.87 -32.41 -25.27
C GLY JB 57 -81.81 -32.53 -24.10
N ARG JB 58 -83.02 -32.01 -24.21
CA ARG JB 58 -83.96 -32.04 -23.10
C ARG JB 58 -84.93 -33.20 -23.27
N PHE JB 59 -85.62 -33.51 -22.18
CA PHE JB 59 -86.50 -34.66 -22.10
C PHE JB 59 -87.93 -34.23 -21.91
N VAL JB 60 -88.84 -34.84 -22.66
CA VAL JB 60 -90.27 -34.63 -22.46
C VAL JB 60 -90.89 -35.93 -22.00
N PRO JB 61 -91.81 -35.89 -21.04
CA PRO JB 61 -92.47 -37.11 -20.60
C PRO JB 61 -93.38 -37.67 -21.67
N ARG JB 62 -93.61 -38.98 -21.58
CA ARG JB 62 -94.52 -39.66 -22.48
C ARG JB 62 -95.94 -39.53 -22.00
N ALA JB 63 -96.38 -38.31 -21.71
CA ALA JB 63 -97.58 -38.06 -20.94
C ALA JB 63 -98.66 -37.48 -21.83
N ILE JB 64 -99.89 -37.93 -21.61
CA ILE JB 64 -101.06 -37.42 -22.33
C ILE JB 64 -101.99 -36.85 -21.27
N LEU JB 65 -101.95 -35.54 -21.10
CA LEU JB 65 -102.89 -34.85 -20.21
C LEU JB 65 -104.27 -34.92 -20.84
N MET JB 66 -105.32 -34.97 -20.03
CA MET JB 66 -106.66 -35.14 -20.57
C MET JB 66 -107.70 -34.70 -19.55
N ASP JB 67 -108.54 -33.73 -19.93
CA ASP JB 67 -109.62 -33.27 -19.07
C ASP JB 67 -110.63 -32.50 -19.92
N LEU JB 68 -111.87 -32.40 -19.43
CA LEU JB 68 -112.95 -31.74 -20.16
C LEU JB 68 -113.19 -30.29 -19.76
N GLU JB 69 -112.42 -29.73 -18.83
CA GLU JB 69 -112.59 -28.33 -18.50
C GLU JB 69 -111.20 -27.70 -18.40
N PRO JB 70 -111.04 -26.44 -18.78
CA PRO JB 70 -109.70 -25.90 -18.99
C PRO JB 70 -108.98 -25.53 -17.73
N GLY JB 71 -109.63 -25.55 -16.57
CA GLY JB 71 -109.02 -25.01 -15.38
C GLY JB 71 -107.93 -25.88 -14.81
N THR JB 72 -108.14 -27.19 -14.78
CA THR JB 72 -107.29 -28.03 -13.94
C THR JB 72 -105.93 -28.30 -14.55
N MET JB 73 -105.78 -28.13 -15.86
CA MET JB 73 -104.44 -28.23 -16.42
C MET JB 73 -103.80 -26.88 -16.67
N ASP JB 74 -104.49 -25.79 -16.33
CA ASP JB 74 -103.80 -24.53 -16.16
C ASP JB 74 -102.98 -24.57 -14.88
N SER JB 75 -103.49 -25.25 -13.85
CA SER JB 75 -102.80 -25.33 -12.58
C SER JB 75 -101.54 -26.17 -12.66
N VAL JB 76 -101.59 -27.27 -13.42
CA VAL JB 76 -100.39 -28.11 -13.50
C VAL JB 76 -99.34 -27.50 -14.39
N ARG JB 77 -99.73 -26.55 -15.26
CA ARG JB 77 -98.73 -25.84 -16.06
C ARG JB 77 -98.06 -24.75 -15.26
N ALA JB 78 -98.80 -24.05 -14.41
CA ALA JB 78 -98.23 -22.95 -13.65
C ALA JB 78 -97.36 -23.43 -12.51
N GLY JB 79 -97.45 -24.69 -12.14
CA GLY JB 79 -96.72 -25.19 -11.01
C GLY JB 79 -95.30 -25.53 -11.36
N PRO JB 80 -94.55 -25.98 -10.35
CA PRO JB 80 -93.20 -26.49 -10.61
C PRO JB 80 -93.29 -27.83 -11.32
N PHE JB 81 -92.25 -28.11 -12.10
CA PHE JB 81 -92.21 -29.26 -13.00
C PHE JB 81 -93.40 -29.26 -13.95
N GLY JB 82 -93.82 -28.08 -14.37
CA GLY JB 82 -95.00 -27.95 -15.19
C GLY JB 82 -94.65 -27.50 -16.58
N GLN JB 83 -93.45 -26.99 -16.74
CA GLN JB 83 -92.92 -26.74 -18.06
C GLN JB 83 -92.33 -27.99 -18.68
N LEU JB 84 -92.31 -29.09 -17.95
CA LEU JB 84 -91.73 -30.31 -18.45
C LEU JB 84 -92.60 -30.94 -19.53
N PHE JB 85 -93.91 -30.73 -19.48
CA PHE JB 85 -94.83 -31.37 -20.39
C PHE JB 85 -94.86 -30.67 -21.74
N ARG JB 86 -94.96 -31.46 -22.79
CA ARG JB 86 -95.12 -30.91 -24.13
C ARG JB 86 -96.50 -30.27 -24.24
N PRO JB 87 -96.60 -29.03 -24.73
CA PRO JB 87 -97.89 -28.34 -24.66
C PRO JB 87 -98.93 -28.88 -25.61
N ASP JB 88 -98.55 -29.63 -26.64
CA ASP JB 88 -99.54 -30.25 -27.49
C ASP JB 88 -100.13 -31.51 -26.89
N ASN JB 89 -99.49 -32.05 -25.86
CA ASN JB 89 -100.01 -33.26 -25.23
C ASN JB 89 -101.16 -32.98 -24.28
N PHE JB 90 -101.37 -31.73 -23.91
CA PHE JB 90 -102.59 -31.33 -23.24
C PHE JB 90 -103.74 -31.44 -24.23
N VAL JB 91 -104.91 -31.88 -23.76
CA VAL JB 91 -106.11 -31.79 -24.58
C VAL JB 91 -107.24 -31.20 -23.76
N PHE JB 92 -107.85 -30.14 -24.28
CA PHE JB 92 -108.74 -29.25 -23.57
C PHE JB 92 -110.19 -29.59 -23.85
N GLY JB 93 -111.05 -29.22 -22.91
CA GLY JB 93 -112.47 -29.17 -23.14
C GLY JB 93 -113.01 -27.86 -22.60
N GLN JB 94 -114.10 -27.40 -23.18
CA GLN JB 94 -114.72 -26.17 -22.71
C GLN JB 94 -116.00 -26.42 -21.91
N THR JB 95 -116.72 -27.50 -22.21
CA THR JB 95 -118.01 -27.73 -21.58
C THR JB 95 -117.86 -28.35 -20.20
N GLY JB 96 -117.27 -29.54 -20.14
CA GLY JB 96 -117.08 -30.21 -18.88
C GLY JB 96 -118.24 -31.10 -18.51
N ALA JB 97 -117.95 -32.28 -17.99
CA ALA JB 97 -118.98 -33.21 -17.55
C ALA JB 97 -119.25 -32.96 -16.08
N GLY JB 98 -120.46 -32.54 -15.76
CA GLY JB 98 -120.79 -32.19 -14.40
C GLY JB 98 -121.09 -33.40 -13.54
N ASN JB 99 -120.06 -34.20 -13.28
CA ASN JB 99 -120.14 -35.43 -12.49
C ASN JB 99 -121.16 -36.40 -13.07
N ASN JB 100 -121.35 -36.38 -14.38
CA ASN JB 100 -122.39 -37.15 -15.04
C ASN JB 100 -121.61 -38.10 -15.95
N TRP JB 101 -121.56 -39.37 -15.56
CA TRP JB 101 -120.82 -40.37 -16.30
C TRP JB 101 -121.33 -40.56 -17.71
N ALA JB 102 -122.61 -40.32 -17.94
CA ALA JB 102 -123.15 -40.49 -19.28
C ALA JB 102 -122.60 -39.46 -20.23
N LYS JB 103 -122.75 -38.18 -19.88
CA LYS JB 103 -122.29 -37.13 -20.78
C LYS JB 103 -120.79 -36.99 -20.76
N GLY JB 104 -120.10 -37.59 -19.79
CA GLY JB 104 -118.67 -37.79 -19.94
C GLY JB 104 -118.35 -38.88 -20.96
N HIS JB 105 -119.11 -39.97 -20.94
CA HIS JB 105 -118.82 -41.09 -21.82
C HIS JB 105 -119.37 -40.87 -23.21
N TYR JB 106 -120.65 -40.51 -23.32
CA TYR JB 106 -121.34 -40.55 -24.60
C TYR JB 106 -121.31 -39.23 -25.35
N THR JB 107 -121.61 -38.11 -24.71
CA THR JB 107 -121.83 -36.87 -25.46
C THR JB 107 -120.60 -35.97 -25.57
N GLU JB 108 -120.11 -35.46 -24.45
CA GLU JB 108 -118.92 -34.60 -24.51
C GLU JB 108 -117.61 -35.35 -24.42
N GLY JB 109 -117.64 -36.67 -24.40
CA GLY JB 109 -116.40 -37.40 -24.50
C GLY JB 109 -116.15 -37.86 -25.91
N ALA JB 110 -117.22 -37.96 -26.70
CA ALA JB 110 -117.11 -38.49 -28.05
C ALA JB 110 -116.54 -37.48 -29.04
N GLU JB 111 -116.49 -36.20 -28.72
CA GLU JB 111 -115.84 -35.26 -29.62
C GLU JB 111 -114.41 -34.95 -29.21
N LEU JB 112 -114.05 -35.20 -27.95
CA LEU JB 112 -112.66 -35.03 -27.55
C LEU JB 112 -111.86 -36.32 -27.74
N ILE JB 113 -112.53 -37.45 -27.90
CA ILE JB 113 -111.80 -38.72 -27.97
C ILE JB 113 -111.01 -38.81 -29.27
N ASP JB 114 -111.54 -38.25 -30.36
CA ASP JB 114 -110.82 -38.30 -31.62
C ASP JB 114 -109.58 -37.43 -31.62
N SER JB 115 -109.46 -36.52 -30.65
CA SER JB 115 -108.27 -35.69 -30.52
C SER JB 115 -107.25 -36.31 -29.58
N VAL JB 116 -107.71 -36.78 -28.42
CA VAL JB 116 -106.77 -37.33 -27.45
C VAL JB 116 -106.22 -38.66 -27.93
N LEU JB 117 -107.03 -39.44 -28.65
CA LEU JB 117 -106.54 -40.72 -29.15
C LEU JB 117 -105.61 -40.52 -30.34
N ASP JB 118 -105.72 -39.39 -31.03
CA ASP JB 118 -104.73 -39.07 -32.06
C ASP JB 118 -103.38 -38.80 -31.43
N VAL JB 119 -103.37 -38.16 -30.26
CA VAL JB 119 -102.11 -37.91 -29.57
C VAL JB 119 -101.51 -39.21 -29.08
N VAL JB 120 -102.36 -40.15 -28.66
CA VAL JB 120 -101.88 -41.44 -28.18
C VAL JB 120 -101.30 -42.24 -29.34
N ARG JB 121 -101.96 -42.20 -30.50
CA ARG JB 121 -101.45 -42.89 -31.67
C ARG JB 121 -100.11 -42.34 -32.12
N LYS JB 122 -99.96 -41.02 -32.12
CA LYS JB 122 -98.69 -40.44 -32.55
C LYS JB 122 -97.58 -40.74 -31.58
N GLU JB 123 -97.88 -40.80 -30.29
CA GLU JB 123 -96.80 -40.87 -29.33
C GLU JB 123 -96.47 -42.31 -28.95
N ALA JB 124 -97.46 -43.20 -28.88
CA ALA JB 124 -97.17 -44.57 -28.52
C ALA JB 124 -96.49 -45.31 -29.67
N GLU JB 125 -96.94 -45.08 -30.90
CA GLU JB 125 -96.33 -45.72 -32.06
C GLU JB 125 -94.96 -45.14 -32.36
N GLY JB 126 -94.67 -43.94 -31.86
CA GLY JB 126 -93.43 -43.26 -32.19
C GLY JB 126 -92.17 -43.94 -31.72
N CYS JB 127 -92.28 -44.89 -30.81
CA CYS JB 127 -91.12 -45.64 -30.36
C CYS JB 127 -90.97 -46.92 -31.17
N ASP JB 128 -89.97 -47.72 -30.80
CA ASP JB 128 -89.76 -49.01 -31.43
C ASP JB 128 -90.86 -50.00 -31.07
N CYS JB 129 -91.06 -50.20 -29.78
CA CYS JB 129 -91.84 -51.32 -29.26
C CYS JB 129 -92.41 -50.91 -27.91
N LEU JB 130 -93.73 -50.95 -27.80
CA LEU JB 130 -94.41 -50.42 -26.62
C LEU JB 130 -94.51 -51.49 -25.55
N GLN JB 131 -94.38 -51.06 -24.30
CA GLN JB 131 -94.58 -51.97 -23.18
C GLN JB 131 -96.01 -51.97 -22.67
N GLY JB 132 -96.67 -50.81 -22.74
CA GLY JB 132 -98.06 -50.74 -22.32
C GLY JB 132 -98.46 -49.30 -22.07
N PHE JB 133 -99.48 -49.14 -21.26
CA PHE JB 133 -100.00 -47.85 -20.87
C PHE JB 133 -100.23 -47.86 -19.38
N GLN JB 134 -100.39 -46.68 -18.80
CA GLN JB 134 -100.95 -46.58 -17.47
C GLN JB 134 -101.86 -45.37 -17.39
N ILE JB 135 -102.96 -45.52 -16.65
CA ILE JB 135 -103.99 -44.49 -16.62
C ILE JB 135 -104.23 -44.14 -15.15
N THR JB 136 -104.38 -42.84 -14.88
CA THR JB 136 -104.67 -42.37 -13.53
C THR JB 136 -105.97 -41.57 -13.57
N HIS JB 137 -106.94 -41.94 -12.75
CA HIS JB 137 -108.26 -41.33 -12.82
C HIS JB 137 -109.03 -41.64 -11.55
N SER JB 138 -110.14 -40.93 -11.36
CA SER JB 138 -111.10 -41.22 -10.30
C SER JB 138 -112.35 -41.84 -10.92
N LEU JB 139 -112.93 -42.80 -10.21
CA LEU JB 139 -114.17 -43.39 -10.66
C LEU JB 139 -115.39 -42.78 -9.98
N GLY JB 140 -115.23 -41.64 -9.31
CA GLY JB 140 -116.37 -40.93 -8.77
C GLY JB 140 -116.70 -39.68 -9.54
N GLY JB 141 -115.78 -39.24 -10.40
CA GLY JB 141 -115.95 -38.02 -11.15
C GLY JB 141 -116.65 -38.22 -12.47
N GLY JB 142 -116.68 -37.16 -13.26
CA GLY JB 142 -117.29 -37.22 -14.57
C GLY JB 142 -116.33 -37.53 -15.69
N THR JB 143 -115.24 -36.76 -15.79
CA THR JB 143 -114.31 -36.93 -16.88
C THR JB 143 -113.15 -37.84 -16.57
N GLY JB 144 -112.98 -38.23 -15.32
CA GLY JB 144 -112.00 -39.27 -15.04
C GLY JB 144 -112.63 -40.63 -15.17
N SER JB 145 -113.95 -40.71 -15.02
CA SER JB 145 -114.66 -41.97 -14.98
C SER JB 145 -115.51 -42.22 -16.21
N GLY JB 146 -115.99 -41.19 -16.86
CA GLY JB 146 -116.83 -41.37 -18.03
C GLY JB 146 -116.04 -41.36 -19.32
N MET JB 147 -115.20 -40.35 -19.48
CA MET JB 147 -114.41 -40.21 -20.69
C MET JB 147 -113.04 -40.84 -20.56
N GLY JB 148 -112.55 -40.97 -19.32
CA GLY JB 148 -111.34 -41.74 -19.11
C GLY JB 148 -111.51 -43.20 -19.44
N THR JB 149 -112.65 -43.78 -19.08
CA THR JB 149 -112.87 -45.20 -19.36
C THR JB 149 -113.16 -45.44 -20.83
N LEU JB 150 -113.70 -44.45 -21.54
CA LEU JB 150 -113.92 -44.62 -22.96
C LEU JB 150 -112.61 -44.58 -23.73
N LEU JB 151 -111.63 -43.85 -23.21
CA LEU JB 151 -110.29 -43.94 -23.78
C LEU JB 151 -109.74 -45.35 -23.62
N ILE JB 152 -109.96 -45.94 -22.44
CA ILE JB 152 -109.45 -47.29 -22.17
C ILE JB 152 -110.11 -48.29 -23.10
N SER JB 153 -111.40 -48.10 -23.38
CA SER JB 153 -112.11 -49.02 -24.26
C SER JB 153 -111.56 -48.99 -25.67
N LYS JB 154 -111.21 -47.80 -26.17
CA LYS JB 154 -110.75 -47.68 -27.54
C LYS JB 154 -109.28 -48.03 -27.69
N VAL JB 155 -108.46 -47.74 -26.67
CA VAL JB 155 -107.04 -48.08 -26.79
C VAL JB 155 -106.84 -49.56 -26.59
N ARG JB 156 -107.77 -50.23 -25.91
CA ARG JB 156 -107.64 -51.67 -25.75
C ARG JB 156 -108.00 -52.41 -27.03
N GLU JB 157 -108.94 -51.88 -27.81
CA GLU JB 157 -109.30 -52.52 -29.06
C GLU JB 157 -108.18 -52.37 -30.09
N GLU JB 158 -107.50 -51.23 -30.11
CA GLU JB 158 -106.46 -51.01 -31.09
C GLU JB 158 -105.18 -51.74 -30.72
N TYR JB 159 -104.90 -51.85 -29.42
CA TYR JB 159 -103.68 -52.50 -28.92
C TYR JB 159 -104.08 -53.63 -27.99
N PRO JB 160 -104.37 -54.81 -28.53
CA PRO JB 160 -104.98 -55.86 -27.70
C PRO JB 160 -104.02 -56.56 -26.75
N ASP JB 161 -102.77 -56.77 -27.15
CA ASP JB 161 -101.84 -57.54 -26.34
C ASP JB 161 -100.99 -56.71 -25.40
N ARG JB 162 -101.04 -55.39 -25.50
CA ARG JB 162 -100.23 -54.55 -24.64
C ARG JB 162 -100.83 -54.51 -23.24
N ILE JB 163 -99.97 -54.36 -22.26
CA ILE JB 163 -100.44 -54.30 -20.88
C ILE JB 163 -101.10 -52.95 -20.67
N MET JB 164 -102.00 -52.90 -19.70
CA MET JB 164 -102.83 -51.72 -19.49
C MET JB 164 -103.21 -51.73 -18.03
N GLU JB 165 -102.48 -51.00 -17.20
CA GLU JB 165 -102.82 -50.99 -15.80
C GLU JB 165 -103.30 -49.60 -15.43
N THR JB 166 -104.01 -49.50 -14.32
CA THR JB 166 -104.62 -48.25 -13.93
C THR JB 166 -104.47 -48.04 -12.44
N PHE JB 167 -104.54 -46.79 -12.04
CA PHE JB 167 -104.51 -46.39 -10.65
C PHE JB 167 -105.81 -45.64 -10.41
N SER JB 168 -106.87 -46.39 -10.15
CA SER JB 168 -108.20 -45.81 -10.01
C SER JB 168 -108.52 -45.58 -8.55
N VAL JB 169 -108.94 -44.36 -8.21
CA VAL JB 169 -109.34 -44.03 -6.85
C VAL JB 169 -110.86 -44.11 -6.76
N PHE JB 170 -111.36 -45.02 -5.94
CA PHE JB 170 -112.78 -45.29 -5.82
C PHE JB 170 -113.48 -44.24 -4.98
N PRO JB 171 -114.81 -44.32 -4.89
CA PRO JB 171 -115.51 -43.60 -3.82
C PRO JB 171 -114.97 -43.92 -2.44
N SER JB 172 -115.05 -42.94 -1.61
CA SER JB 172 -114.76 -43.10 -0.21
C SER JB 172 -115.92 -43.81 0.49
N PRO JB 173 -115.64 -44.57 1.52
CA PRO JB 173 -116.74 -45.13 2.33
C PRO JB 173 -117.53 -44.11 3.14
N LYS JB 174 -116.87 -43.30 3.95
CA LYS JB 174 -117.59 -42.55 4.98
C LYS JB 174 -118.27 -41.32 4.40
N VAL JB 175 -117.48 -40.34 3.94
CA VAL JB 175 -118.03 -39.10 3.41
C VAL JB 175 -117.90 -39.16 1.89
N SER JB 176 -118.94 -38.71 1.22
CA SER JB 176 -119.10 -38.94 -0.21
C SER JB 176 -119.39 -37.62 -0.87
N ASP JB 177 -118.34 -36.92 -1.29
CA ASP JB 177 -118.52 -35.76 -2.14
C ASP JB 177 -119.03 -36.21 -3.51
N THR JB 178 -119.70 -35.30 -4.22
CA THR JB 178 -120.33 -35.56 -5.52
C THR JB 178 -121.37 -36.67 -5.47
N VAL JB 179 -122.53 -36.39 -4.86
CA VAL JB 179 -123.56 -37.36 -4.44
C VAL JB 179 -123.90 -38.42 -5.47
N VAL JB 180 -123.71 -38.17 -6.76
CA VAL JB 180 -123.85 -39.27 -7.69
C VAL JB 180 -122.50 -39.98 -7.79
N GLU JB 181 -122.14 -40.67 -6.72
CA GLU JB 181 -120.94 -41.51 -6.66
C GLU JB 181 -121.21 -42.92 -7.16
N PRO JB 182 -122.22 -43.66 -6.65
CA PRO JB 182 -122.32 -45.07 -7.06
C PRO JB 182 -122.75 -45.27 -8.50
N TYR JB 183 -123.47 -44.33 -9.11
CA TYR JB 183 -123.74 -44.44 -10.54
C TYR JB 183 -122.47 -44.33 -11.34
N ASN JB 184 -121.58 -43.42 -10.96
CA ASN JB 184 -120.31 -43.29 -11.67
C ASN JB 184 -119.41 -44.49 -11.41
N ALA JB 185 -119.38 -44.97 -10.18
CA ALA JB 185 -118.46 -46.03 -9.82
C ALA JB 185 -118.88 -47.36 -10.44
N THR JB 186 -120.16 -47.70 -10.34
CA THR JB 186 -120.62 -49.00 -10.82
C THR JB 186 -120.53 -49.10 -12.33
N LEU JB 187 -120.96 -48.05 -13.03
CA LEU JB 187 -120.88 -48.07 -14.49
C LEU JB 187 -119.45 -48.06 -14.98
N SER JB 188 -118.51 -47.60 -14.15
CA SER JB 188 -117.13 -47.61 -14.58
C SER JB 188 -116.48 -48.96 -14.37
N VAL JB 189 -116.88 -49.68 -13.32
CA VAL JB 189 -116.24 -50.95 -12.99
C VAL JB 189 -116.51 -51.99 -14.08
N HIS JB 190 -117.73 -52.07 -14.59
CA HIS JB 190 -117.99 -53.12 -15.57
C HIS JB 190 -117.35 -52.78 -16.91
N GLN JB 191 -117.04 -51.52 -17.16
CA GLN JB 191 -116.23 -51.14 -18.31
C GLN JB 191 -114.76 -51.37 -18.02
N LEU JB 192 -114.38 -51.31 -16.75
CA LEU JB 192 -113.01 -51.50 -16.33
C LEU JB 192 -112.71 -52.93 -15.87
N VAL JB 193 -113.72 -53.80 -15.84
CA VAL JB 193 -113.46 -55.21 -15.60
C VAL JB 193 -113.28 -55.96 -16.90
N GLU JB 194 -113.79 -55.45 -18.00
CA GLU JB 194 -113.65 -56.10 -19.29
C GLU JB 194 -112.47 -55.57 -20.08
N ASN JB 195 -112.25 -54.26 -20.06
CA ASN JB 195 -111.30 -53.61 -20.94
C ASN JB 195 -110.02 -53.19 -20.23
N ALA JB 196 -109.76 -53.68 -19.03
CA ALA JB 196 -108.56 -53.33 -18.31
C ALA JB 196 -107.88 -54.60 -17.82
N ASP JB 197 -106.61 -54.47 -17.48
CA ASP JB 197 -105.77 -55.63 -17.22
C ASP JB 197 -105.30 -55.71 -15.77
N GLU JB 198 -104.83 -54.60 -15.19
CA GLU JB 198 -104.48 -54.56 -13.78
C GLU JB 198 -105.10 -53.31 -13.21
N VAL JB 199 -105.76 -53.42 -12.08
CA VAL JB 199 -106.41 -52.29 -11.44
C VAL JB 199 -105.91 -52.21 -10.01
N GLN JB 200 -105.52 -51.02 -9.57
CA GLN JB 200 -105.09 -50.82 -8.20
C GLN JB 200 -106.02 -49.81 -7.56
N VAL JB 201 -106.80 -50.26 -6.58
CA VAL JB 201 -107.84 -49.43 -5.99
C VAL JB 201 -107.25 -48.65 -4.82
N ILE JB 202 -107.61 -47.37 -4.75
CA ILE JB 202 -107.16 -46.47 -3.70
C ILE JB 202 -108.38 -45.75 -3.14
N ASP JB 203 -108.49 -45.69 -1.82
CA ASP JB 203 -109.53 -44.91 -1.16
C ASP JB 203 -108.88 -43.70 -0.52
N ASN JB 204 -109.58 -42.56 -0.57
CA ASN JB 204 -109.03 -41.38 0.07
C ASN JB 204 -109.05 -41.50 1.58
N GLU JB 205 -110.04 -42.20 2.14
CA GLU JB 205 -110.08 -42.36 3.59
C GLU JB 205 -109.00 -43.29 4.07
N ALA JB 206 -108.54 -44.20 3.23
CA ALA JB 206 -107.38 -45.00 3.61
C ALA JB 206 -106.13 -44.16 3.62
N LEU JB 207 -106.03 -43.19 2.71
CA LEU JB 207 -104.88 -42.31 2.69
C LEU JB 207 -104.90 -41.36 3.88
N TYR JB 208 -106.08 -40.89 4.25
CA TYR JB 208 -106.21 -40.03 5.42
C TYR JB 208 -105.87 -40.80 6.68
N ASP JB 209 -106.18 -42.09 6.72
CA ASP JB 209 -105.87 -42.89 7.90
C ASP JB 209 -104.37 -43.11 8.04
N ILE JB 210 -103.67 -43.28 6.91
CA ILE JB 210 -102.22 -43.43 6.96
C ILE JB 210 -101.57 -42.16 7.49
N CYS JB 211 -102.05 -41.02 7.02
CA CYS JB 211 -101.45 -39.74 7.40
C CYS JB 211 -101.65 -39.44 8.88
N PHE JB 212 -102.84 -39.72 9.41
CA PHE JB 212 -103.13 -39.35 10.78
C PHE JB 212 -102.64 -40.37 11.80
N ARG JB 213 -102.53 -41.64 11.42
CA ARG JB 213 -102.20 -42.67 12.38
C ARG JB 213 -100.77 -43.19 12.27
N THR JB 214 -100.10 -43.00 11.14
CA THR JB 214 -98.69 -43.33 11.00
C THR JB 214 -97.82 -42.11 10.76
N LEU JB 215 -98.09 -41.34 9.72
CA LEU JB 215 -97.21 -40.26 9.35
C LEU JB 215 -97.37 -39.05 10.24
N LYS JB 216 -98.51 -38.93 10.93
CA LYS JB 216 -98.74 -37.93 11.97
C LYS JB 216 -98.60 -36.51 11.42
N LEU JB 217 -99.22 -36.28 10.28
CA LEU JB 217 -99.32 -34.94 9.73
C LEU JB 217 -100.53 -34.23 10.30
N THR JB 218 -100.35 -32.99 10.74
CA THR JB 218 -101.45 -32.23 11.30
C THR JB 218 -102.48 -31.88 10.24
N THR JB 219 -102.02 -31.33 9.11
CA THR JB 219 -102.90 -30.88 8.03
C THR JB 219 -102.46 -31.55 6.73
N PRO JB 220 -102.90 -32.79 6.49
CA PRO JB 220 -102.53 -33.44 5.23
C PRO JB 220 -103.36 -32.91 4.08
N THR JB 221 -102.73 -32.13 3.21
CA THR JB 221 -103.39 -31.61 2.04
C THR JB 221 -103.24 -32.58 0.89
N TYR JB 222 -103.92 -32.29 -0.22
CA TYR JB 222 -103.88 -33.18 -1.37
C TYR JB 222 -102.50 -33.26 -2.00
N GLY JB 223 -101.62 -32.31 -1.69
CA GLY JB 223 -100.23 -32.48 -2.10
C GLY JB 223 -99.58 -33.66 -1.42
N ASP JB 224 -99.90 -33.86 -0.14
CA ASP JB 224 -99.25 -34.92 0.62
C ASP JB 224 -99.87 -36.28 0.34
N LEU JB 225 -101.19 -36.32 0.13
CA LEU JB 225 -101.82 -37.58 -0.24
C LEU JB 225 -101.38 -38.06 -1.60
N ASN JB 226 -101.28 -37.14 -2.57
CA ASN JB 226 -100.83 -37.54 -3.89
C ASN JB 226 -99.37 -37.91 -3.90
N HIS JB 227 -98.61 -37.40 -2.93
CA HIS JB 227 -97.20 -37.75 -2.84
C HIS JB 227 -97.04 -39.22 -2.45
N LEU JB 228 -97.97 -39.73 -1.64
CA LEU JB 228 -97.91 -41.13 -1.24
C LEU JB 228 -98.31 -42.05 -2.39
N VAL JB 229 -99.32 -41.66 -3.16
CA VAL JB 229 -99.75 -42.47 -4.29
C VAL JB 229 -98.65 -42.53 -5.34
N SER JB 230 -97.94 -41.42 -5.54
CA SER JB 230 -96.85 -41.39 -6.51
C SER JB 230 -95.71 -42.32 -6.11
N ALA JB 231 -95.45 -42.42 -4.81
CA ALA JB 231 -94.39 -43.31 -4.34
C ALA JB 231 -94.76 -44.77 -4.54
N ALA JB 232 -96.05 -45.06 -4.60
CA ALA JB 232 -96.49 -46.39 -4.97
C ALA JB 232 -96.36 -46.64 -6.46
N MET JB 233 -96.58 -45.60 -7.26
CA MET JB 233 -96.46 -45.74 -8.71
C MET JB 233 -95.01 -46.00 -9.11
N SER JB 234 -94.07 -45.33 -8.46
CA SER JB 234 -92.68 -45.52 -8.78
C SER JB 234 -92.20 -46.90 -8.34
N GLY JB 235 -92.81 -47.44 -7.29
CA GLY JB 235 -92.39 -48.72 -6.79
C GLY JB 235 -92.71 -49.86 -7.74
N VAL JB 236 -93.87 -49.81 -8.38
CA VAL JB 236 -94.31 -50.92 -9.22
C VAL JB 236 -93.62 -50.89 -10.59
N THR JB 237 -92.75 -49.90 -10.83
CA THR JB 237 -92.01 -49.83 -12.08
C THR JB 237 -90.51 -49.61 -11.88
N CYS JB 238 -89.95 -50.06 -10.76
CA CYS JB 238 -88.51 -49.89 -10.55
C CYS JB 238 -87.69 -50.73 -11.50
N CYS JB 239 -88.11 -51.98 -11.71
CA CYS JB 239 -87.39 -52.89 -12.58
C CYS JB 239 -87.29 -52.38 -14.01
N LEU JB 240 -88.33 -51.71 -14.50
CA LEU JB 240 -88.30 -51.17 -15.84
C LEU JB 240 -87.23 -50.10 -16.00
N ARG JB 241 -86.74 -49.53 -14.90
CA ARG JB 241 -85.87 -48.37 -14.98
C ARG JB 241 -84.49 -48.58 -14.36
N PHE JB 242 -84.34 -49.49 -13.42
CA PHE JB 242 -83.08 -49.76 -12.77
C PHE JB 242 -82.84 -51.26 -12.76
N PRO JB 243 -81.60 -51.73 -12.66
CA PRO JB 243 -81.34 -53.16 -12.61
C PRO JB 243 -81.61 -53.70 -11.21
N GLY JB 244 -81.44 -55.01 -11.08
CA GLY JB 244 -81.68 -55.60 -9.77
C GLY JB 244 -81.14 -57.01 -9.71
N GLN JB 245 -81.26 -57.60 -8.52
CA GLN JB 245 -80.88 -59.00 -8.34
C GLN JB 245 -81.96 -59.95 -8.82
N LEU JB 246 -83.23 -59.53 -8.80
CA LEU JB 246 -84.32 -60.34 -9.31
C LEU JB 246 -85.32 -59.39 -9.97
N ASN JB 247 -85.27 -59.32 -11.29
CA ASN JB 247 -86.00 -58.36 -12.10
C ASN JB 247 -87.49 -58.68 -12.14
N SER JB 248 -88.31 -57.65 -12.36
CA SER JB 248 -89.76 -57.86 -12.40
C SER JB 248 -90.48 -56.76 -13.17
N ASP JB 249 -90.86 -57.04 -14.41
CA ASP JB 249 -91.58 -56.08 -15.23
C ASP JB 249 -93.04 -56.01 -14.77
N LEU JB 250 -93.87 -55.29 -15.54
CA LEU JB 250 -95.29 -55.22 -15.19
C LEU JB 250 -96.04 -56.48 -15.57
N ARG JB 251 -95.69 -57.08 -16.72
CA ARG JB 251 -96.36 -58.31 -17.13
C ARG JB 251 -96.04 -59.45 -16.21
N LYS JB 252 -94.83 -59.43 -15.64
CA LYS JB 252 -94.41 -60.48 -14.75
C LYS JB 252 -95.21 -60.46 -13.46
N LEU JB 253 -95.65 -59.27 -13.05
CA LEU JB 253 -96.50 -59.14 -11.88
C LEU JB 253 -97.88 -59.72 -12.14
N ALA JB 254 -98.40 -59.49 -13.35
CA ALA JB 254 -99.77 -59.91 -13.66
C ALA JB 254 -99.91 -61.41 -13.74
N VAL JB 255 -98.92 -62.08 -14.33
CA VAL JB 255 -99.02 -63.52 -14.53
C VAL JB 255 -98.99 -64.25 -13.20
N ASN JB 256 -98.51 -63.59 -12.15
CA ASN JB 256 -98.49 -64.17 -10.82
C ASN JB 256 -99.74 -63.80 -10.02
N LEU JB 257 -100.16 -62.55 -10.08
CA LEU JB 257 -101.21 -62.04 -9.21
C LEU JB 257 -102.61 -62.35 -9.71
N ILE JB 258 -102.78 -62.75 -10.97
CA ILE JB 258 -104.10 -62.94 -11.54
C ILE JB 258 -104.33 -64.41 -11.83
N PRO JB 259 -105.09 -65.11 -11.01
CA PRO JB 259 -105.34 -66.53 -11.26
C PRO JB 259 -106.44 -66.76 -12.28
N PHE JB 260 -107.42 -65.88 -12.33
CA PHE JB 260 -108.54 -66.01 -13.25
C PHE JB 260 -108.80 -64.62 -13.83
N PRO JB 261 -109.21 -64.53 -15.10
CA PRO JB 261 -109.10 -63.25 -15.81
C PRO JB 261 -110.07 -62.19 -15.34
N ARG JB 262 -111.13 -62.55 -14.62
CA ARG JB 262 -112.09 -61.54 -14.19
C ARG JB 262 -111.56 -60.72 -13.02
N LEU JB 263 -110.77 -61.31 -12.15
CA LEU JB 263 -110.43 -60.70 -10.88
C LEU JB 263 -109.00 -60.18 -10.94
N HIS JB 264 -108.87 -58.87 -11.10
CA HIS JB 264 -107.57 -58.22 -11.15
C HIS JB 264 -107.58 -56.90 -10.41
N PHE JB 265 -108.35 -56.79 -9.36
CA PHE JB 265 -108.40 -55.59 -8.54
C PHE JB 265 -107.50 -55.81 -7.34
N PHE JB 266 -106.50 -54.94 -7.20
CA PHE JB 266 -105.35 -55.15 -6.35
C PHE JB 266 -105.35 -54.15 -5.21
N LEU JB 267 -104.56 -54.43 -4.19
CA LEU JB 267 -104.34 -53.52 -3.07
C LEU JB 267 -102.90 -53.07 -3.06
N ILE JB 268 -102.64 -51.86 -2.56
CA ILE JB 268 -101.32 -51.26 -2.58
C ILE JB 268 -100.95 -50.75 -1.19
N GLY JB 269 -99.74 -51.10 -0.74
CA GLY JB 269 -99.17 -50.48 0.42
C GLY JB 269 -97.77 -50.00 0.10
N PHE JB 270 -97.22 -49.21 1.01
CA PHE JB 270 -95.86 -48.73 0.86
C PHE JB 270 -95.19 -48.69 2.23
N ALA JB 271 -93.98 -49.22 2.31
CA ALA JB 271 -93.21 -49.21 3.54
C ALA JB 271 -91.77 -48.91 3.18
N PRO JB 272 -91.04 -48.20 4.04
CA PRO JB 272 -91.33 -47.65 5.36
C PRO JB 272 -92.08 -46.34 5.35
N LEU JB 273 -92.80 -46.06 6.42
CA LEU JB 273 -93.56 -44.82 6.55
C LEU JB 273 -93.58 -44.45 8.03
N THR JB 274 -92.71 -43.52 8.42
CA THR JB 274 -92.72 -42.99 9.77
C THR JB 274 -92.61 -41.48 9.73
N SER JB 275 -93.02 -40.87 10.84
CA SER JB 275 -93.00 -39.43 10.98
C SER JB 275 -91.57 -38.94 11.18
N ARG JB 276 -91.43 -37.61 11.23
CA ARG JB 276 -90.13 -37.03 11.49
C ARG JB 276 -89.69 -37.30 12.92
N GLY JB 277 -90.64 -37.44 13.84
CA GLY JB 277 -90.29 -37.74 15.20
C GLY JB 277 -89.69 -39.13 15.36
N SER JB 278 -90.23 -40.11 14.65
CA SER JB 278 -89.78 -41.48 14.75
C SER JB 278 -88.89 -41.89 13.60
N GLN JB 279 -88.35 -40.93 12.85
CA GLN JB 279 -87.42 -41.26 11.78
C GLN JB 279 -86.12 -41.82 12.31
N GLN JB 280 -85.59 -41.20 13.37
CA GLN JB 280 -84.29 -41.58 13.88
C GLN JB 280 -84.36 -42.76 14.84
N TYR JB 281 -85.54 -43.04 15.40
CA TYR JB 281 -85.64 -44.13 16.36
C TYR JB 281 -85.91 -45.48 15.71
N ARG JB 282 -86.34 -45.51 14.46
CA ARG JB 282 -86.81 -46.74 13.85
C ARG JB 282 -85.68 -47.40 13.09
N ALA JB 283 -85.38 -48.64 13.43
CA ALA JB 283 -84.39 -49.42 12.71
C ALA JB 283 -84.98 -49.95 11.42
N LEU JB 284 -84.30 -49.70 10.31
CA LEU JB 284 -84.78 -50.06 8.98
C LEU JB 284 -84.12 -51.35 8.55
N SER JB 285 -84.93 -52.37 8.31
CA SER JB 285 -84.43 -53.68 7.91
C SER JB 285 -85.54 -54.40 7.17
N VAL JB 286 -85.16 -55.50 6.51
CA VAL JB 286 -86.13 -56.29 5.76
C VAL JB 286 -87.25 -56.84 6.63
N PRO JB 287 -86.99 -57.44 7.81
CA PRO JB 287 -88.13 -57.84 8.65
C PRO JB 287 -88.99 -56.69 9.12
N GLU JB 288 -88.40 -55.52 9.37
CA GLU JB 288 -89.20 -54.39 9.81
C GLU JB 288 -90.08 -53.87 8.68
N LEU JB 289 -89.59 -53.96 7.44
CA LEU JB 289 -90.41 -53.58 6.30
C LEU JB 289 -91.57 -54.54 6.11
N THR JB 290 -91.32 -55.84 6.21
CA THR JB 290 -92.33 -56.81 5.82
C THR JB 290 -93.43 -56.92 6.87
N GLN JB 291 -93.22 -56.38 8.05
CA GLN JB 291 -94.28 -56.35 9.05
C GLN JB 291 -94.99 -55.01 9.11
N GLN JB 292 -94.35 -53.95 8.63
CA GLN JB 292 -95.07 -52.71 8.36
C GLN JB 292 -95.97 -52.88 7.15
N MET JB 293 -95.54 -53.71 6.20
CA MET JB 293 -96.26 -53.89 4.95
C MET JB 293 -97.56 -54.66 5.14
N PHE JB 294 -97.52 -55.72 5.94
CA PHE JB 294 -98.67 -56.60 6.14
C PHE JB 294 -99.53 -56.03 7.26
N ASP JB 295 -100.19 -54.93 6.97
CA ASP JB 295 -100.96 -54.24 8.00
C ASP JB 295 -102.05 -53.44 7.33
N ALA JB 296 -103.28 -53.56 7.83
CA ALA JB 296 -104.38 -52.78 7.30
C ALA JB 296 -104.20 -51.29 7.55
N LYS JB 297 -103.45 -50.94 8.59
CA LYS JB 297 -103.12 -49.54 8.84
C LYS JB 297 -102.33 -48.97 7.67
N ASN JB 298 -101.44 -49.77 7.09
CA ASN JB 298 -100.57 -49.32 6.02
C ASN JB 298 -101.22 -49.37 4.66
N MET JB 299 -102.32 -50.10 4.52
CA MET JB 299 -102.86 -50.39 3.20
C MET JB 299 -103.53 -49.15 2.65
N MET JB 300 -103.53 -49.00 1.33
CA MET JB 300 -104.15 -47.84 0.71
C MET JB 300 -105.59 -48.10 0.28
N CYS JB 301 -106.26 -49.08 0.87
CA CYS JB 301 -107.68 -49.25 0.69
C CYS JB 301 -108.37 -49.42 2.04
N ALA JB 302 -109.60 -48.97 2.11
CA ALA JB 302 -110.38 -49.05 3.35
C ALA JB 302 -111.07 -50.39 3.48
N SER JB 303 -110.29 -51.46 3.31
CA SER JB 303 -110.81 -52.82 3.36
C SER JB 303 -109.80 -53.65 4.13
N ASP JB 304 -110.17 -54.04 5.33
CA ASP JB 304 -109.29 -54.80 6.20
C ASP JB 304 -109.03 -56.16 5.59
N PRO JB 305 -107.78 -56.51 5.29
CA PRO JB 305 -107.52 -57.80 4.65
C PRO JB 305 -107.64 -58.98 5.58
N ARG JB 306 -107.73 -58.76 6.89
CA ARG JB 306 -107.96 -59.85 7.81
C ARG JB 306 -109.39 -60.35 7.77
N HIS JB 307 -110.29 -59.62 7.12
CA HIS JB 307 -111.63 -60.11 6.87
C HIS JB 307 -111.70 -61.01 5.64
N GLY JB 308 -110.59 -61.20 4.95
CA GLY JB 308 -110.58 -62.01 3.75
C GLY JB 308 -109.34 -62.88 3.64
N ARG JB 309 -108.96 -63.18 2.40
CA ARG JB 309 -107.85 -64.08 2.13
C ARG JB 309 -107.02 -63.52 0.99
N TYR JB 310 -105.73 -63.35 1.21
CA TYR JB 310 -104.81 -63.02 0.13
C TYR JB 310 -104.72 -64.18 -0.83
N LEU JB 311 -105.34 -64.01 -1.99
CA LEU JB 311 -105.35 -65.06 -2.98
C LEU JB 311 -103.99 -65.19 -3.63
N THR JB 312 -103.29 -64.08 -3.82
CA THR JB 312 -101.90 -64.02 -4.25
C THR JB 312 -101.38 -62.64 -3.88
N ALA JB 313 -100.12 -62.55 -3.50
CA ALA JB 313 -99.53 -61.27 -3.17
C ALA JB 313 -98.19 -61.13 -3.87
N SER JB 314 -97.60 -59.95 -3.75
CA SER JB 314 -96.26 -59.70 -4.24
C SER JB 314 -95.66 -58.52 -3.48
N ALA JB 315 -94.33 -58.52 -3.37
CA ALA JB 315 -93.61 -57.41 -2.81
C ALA JB 315 -92.47 -57.05 -3.76
N MET JB 316 -92.43 -55.78 -4.17
CA MET JB 316 -91.33 -55.27 -4.98
C MET JB 316 -90.40 -54.50 -4.08
N PHE JB 317 -89.29 -55.12 -3.70
CA PHE JB 317 -88.32 -54.52 -2.80
C PHE JB 317 -87.34 -53.63 -3.55
N ARG JB 318 -86.90 -52.58 -2.89
CA ARG JB 318 -85.89 -51.70 -3.43
C ARG JB 318 -84.82 -51.44 -2.39
N GLY JB 319 -83.57 -51.55 -2.78
CA GLY JB 319 -82.44 -51.34 -1.89
C GLY JB 319 -81.45 -52.48 -1.97
N ARG JB 320 -80.27 -52.21 -1.40
CA ARG JB 320 -79.24 -53.23 -1.31
C ARG JB 320 -79.56 -54.15 -0.13
N MET JB 321 -79.92 -55.39 -0.43
CA MET JB 321 -80.46 -56.27 0.59
C MET JB 321 -80.13 -57.70 0.21
N SER JB 322 -80.25 -58.58 1.19
CA SER JB 322 -79.95 -60.00 0.99
C SER JB 322 -81.20 -60.71 0.51
N THR JB 323 -81.03 -61.60 -0.46
CA THR JB 323 -82.16 -62.35 -0.96
C THR JB 323 -82.66 -63.36 0.06
N LYS JB 324 -81.77 -63.90 0.90
CA LYS JB 324 -82.19 -64.89 1.88
C LYS JB 324 -83.09 -64.28 2.94
N GLU JB 325 -82.79 -63.06 3.39
CA GLU JB 325 -83.70 -62.39 4.30
C GLU JB 325 -85.02 -62.07 3.64
N VAL JB 326 -85.01 -61.75 2.35
CA VAL JB 326 -86.27 -61.60 1.62
C VAL JB 326 -86.98 -62.95 1.58
N ASP JB 327 -86.24 -64.02 1.33
CA ASP JB 327 -86.85 -65.32 1.17
C ASP JB 327 -87.37 -65.88 2.48
N GLU JB 328 -86.74 -65.57 3.60
CA GLU JB 328 -87.28 -66.04 4.88
C GLU JB 328 -88.54 -65.29 5.25
N GLN JB 329 -88.55 -63.97 5.06
CA GLN JB 329 -89.67 -63.17 5.53
C GLN JB 329 -90.94 -63.46 4.73
N MET JB 330 -90.81 -63.70 3.43
CA MET JB 330 -91.99 -64.06 2.66
C MET JB 330 -92.43 -65.48 2.96
N LEU JB 331 -91.56 -66.32 3.50
CA LEU JB 331 -92.00 -67.62 3.96
C LEU JB 331 -92.49 -67.56 5.40
N ASN JB 332 -91.88 -66.70 6.22
CA ASN JB 332 -92.31 -66.56 7.60
C ASN JB 332 -93.70 -65.95 7.68
N VAL JB 333 -94.07 -65.10 6.72
CA VAL JB 333 -95.39 -64.48 6.77
C VAL JB 333 -96.48 -65.50 6.45
N GLN JB 334 -96.17 -66.49 5.63
CA GLN JB 334 -97.19 -67.49 5.33
C GLN JB 334 -97.28 -68.54 6.42
N ASN JB 335 -96.22 -68.71 7.20
CA ASN JB 335 -96.25 -69.73 8.24
C ASN JB 335 -97.02 -69.28 9.47
N LYS JB 336 -97.03 -67.99 9.77
CA LYS JB 336 -97.66 -67.51 10.99
C LYS JB 336 -99.09 -67.00 10.77
N ASN JB 337 -99.40 -66.43 9.62
CA ASN JB 337 -100.79 -66.11 9.26
C ASN JB 337 -101.29 -67.13 8.25
N SER JB 338 -101.60 -68.33 8.72
CA SER JB 338 -102.07 -69.35 7.79
C SER JB 338 -103.54 -69.24 7.46
N SER JB 339 -104.30 -68.42 8.17
CA SER JB 339 -105.71 -68.24 7.89
C SER JB 339 -105.97 -67.08 6.94
N TYR JB 340 -104.96 -66.29 6.60
CA TYR JB 340 -105.12 -65.19 5.66
C TYR JB 340 -104.50 -65.51 4.31
N PHE JB 341 -104.15 -66.75 4.05
CA PHE JB 341 -103.65 -67.15 2.74
C PHE JB 341 -104.43 -68.35 2.25
N VAL JB 342 -104.86 -68.32 1.00
CA VAL JB 342 -105.65 -69.40 0.45
C VAL JB 342 -104.77 -70.63 0.30
N GLU JB 343 -105.39 -71.80 0.42
CA GLU JB 343 -104.64 -73.04 0.59
C GLU JB 343 -104.31 -73.72 -0.73
N TRP JB 344 -105.17 -73.63 -1.72
CA TRP JB 344 -104.97 -74.36 -2.96
C TRP JB 344 -103.97 -73.70 -3.90
N ILE JB 345 -103.22 -72.72 -3.41
CA ILE JB 345 -102.01 -72.21 -4.06
C ILE JB 345 -100.91 -72.15 -3.00
N PRO JB 346 -99.83 -72.90 -3.15
CA PRO JB 346 -98.70 -72.75 -2.22
C PRO JB 346 -97.78 -71.61 -2.62
N ASN JB 347 -97.19 -71.00 -1.59
CA ASN JB 347 -96.31 -69.84 -1.68
C ASN JB 347 -96.93 -68.75 -2.55
N ASN JB 348 -97.97 -68.15 -1.97
CA ASN JB 348 -98.81 -67.17 -2.61
C ASN JB 348 -98.10 -65.86 -2.96
N MET JB 349 -96.80 -65.74 -2.72
CA MET JB 349 -96.13 -64.45 -2.88
C MET JB 349 -94.96 -64.52 -3.84
N LYS JB 350 -94.76 -63.44 -4.60
CA LYS JB 350 -93.61 -63.29 -5.47
C LYS JB 350 -92.69 -62.21 -4.90
N SER JB 351 -91.39 -62.41 -5.03
CA SER JB 351 -90.41 -61.45 -4.56
C SER JB 351 -89.69 -60.82 -5.75
N SER JB 352 -89.38 -59.53 -5.62
CA SER JB 352 -88.61 -58.80 -6.60
C SER JB 352 -87.63 -57.89 -5.88
N VAL JB 353 -86.41 -57.80 -6.40
CA VAL JB 353 -85.38 -56.97 -5.79
C VAL JB 353 -84.83 -56.01 -6.83
N CYS JB 354 -85.06 -54.71 -6.62
CA CYS JB 354 -84.51 -53.64 -7.43
C CYS JB 354 -83.41 -52.95 -6.63
N ASP JB 355 -82.27 -52.71 -7.26
CA ASP JB 355 -81.09 -52.30 -6.49
C ASP JB 355 -81.20 -50.87 -5.99
N ILE JB 356 -81.61 -49.94 -6.85
CA ILE JB 356 -81.61 -48.52 -6.50
C ILE JB 356 -82.82 -48.20 -5.66
N PRO JB 357 -82.64 -47.67 -4.45
CA PRO JB 357 -83.77 -47.33 -3.62
C PRO JB 357 -84.37 -46.00 -4.03
N PRO JB 358 -85.51 -45.62 -3.48
CA PRO JB 358 -85.93 -44.22 -3.57
C PRO JB 358 -84.98 -43.35 -2.80
N LYS JB 359 -84.83 -42.11 -3.25
CA LYS JB 359 -83.77 -41.23 -2.75
C LYS JB 359 -84.07 -40.79 -1.32
N GLY JB 360 -83.12 -41.02 -0.43
CA GLY JB 360 -83.27 -40.70 0.96
C GLY JB 360 -83.57 -41.90 1.84
N LEU JB 361 -83.98 -43.02 1.25
CA LEU JB 361 -84.20 -44.25 1.98
C LEU JB 361 -83.17 -45.26 1.52
N LYS JB 362 -82.64 -46.05 2.43
CA LYS JB 362 -81.68 -47.07 2.04
C LYS JB 362 -82.34 -48.37 1.64
N MET JB 363 -83.63 -48.51 1.87
CA MET JB 363 -84.34 -49.77 1.71
C MET JB 363 -85.82 -49.47 1.80
N SER JB 364 -86.61 -50.04 0.89
CA SER JB 364 -88.04 -49.78 0.90
C SER JB 364 -88.75 -50.93 0.21
N VAL JB 365 -90.07 -50.92 0.30
CA VAL JB 365 -90.87 -51.95 -0.35
C VAL JB 365 -92.24 -51.39 -0.71
N THR JB 366 -92.70 -51.72 -1.91
CA THR JB 366 -94.10 -51.53 -2.29
C THR JB 366 -94.77 -52.89 -2.39
N PHE JB 367 -96.10 -52.88 -2.35
CA PHE JB 367 -96.85 -54.09 -2.05
C PHE JB 367 -98.06 -54.19 -2.94
N VAL JB 368 -98.30 -55.39 -3.45
CA VAL JB 368 -99.44 -55.67 -4.30
C VAL JB 368 -100.08 -56.97 -3.81
N GLY JB 369 -101.36 -56.90 -3.46
CA GLY JB 369 -102.07 -58.06 -2.97
C GLY JB 369 -103.40 -58.27 -3.66
N ASN JB 370 -103.64 -59.47 -4.14
CA ASN JB 370 -104.92 -59.81 -4.77
C ASN JB 370 -105.73 -60.53 -3.72
N SER JB 371 -106.75 -59.87 -3.22
CA SER JB 371 -107.46 -60.37 -2.06
C SER JB 371 -108.94 -60.52 -2.35
N THR JB 372 -109.58 -61.37 -1.58
CA THR JB 372 -111.03 -61.40 -1.52
C THR JB 372 -111.57 -60.55 -0.38
N ALA JB 373 -110.76 -59.67 0.17
CA ALA JB 373 -111.26 -58.66 1.08
C ALA JB 373 -111.75 -57.42 0.36
N ILE JB 374 -111.47 -57.30 -0.95
CA ILE JB 374 -112.04 -56.23 -1.76
C ILE JB 374 -113.45 -56.52 -2.20
N GLN JB 375 -114.00 -57.66 -1.82
CA GLN JB 375 -115.42 -57.89 -1.97
C GLN JB 375 -116.23 -56.89 -1.15
N GLU JB 376 -115.76 -56.57 0.05
CA GLU JB 376 -116.48 -55.63 0.91
C GLU JB 376 -116.39 -54.21 0.41
N MET JB 377 -115.58 -53.93 -0.61
CA MET JB 377 -115.61 -52.67 -1.32
C MET JB 377 -116.80 -52.59 -2.26
N PHE JB 378 -116.97 -53.61 -3.09
CA PHE JB 378 -118.00 -53.57 -4.13
C PHE JB 378 -119.40 -53.74 -3.54
N LYS JB 379 -119.54 -54.49 -2.46
CA LYS JB 379 -120.85 -54.63 -1.83
C LYS JB 379 -121.36 -53.30 -1.31
N ARG JB 380 -120.47 -52.50 -0.73
CA ARG JB 380 -120.80 -51.19 -0.21
C ARG JB 380 -121.07 -50.17 -1.30
N VAL JB 381 -120.68 -50.45 -2.53
CA VAL JB 381 -121.18 -49.66 -3.65
C VAL JB 381 -122.42 -50.30 -4.25
N SER JB 382 -122.58 -51.61 -4.13
CA SER JB 382 -123.71 -52.29 -4.74
C SER JB 382 -125.01 -51.98 -4.03
N ASP JB 383 -124.98 -51.88 -2.69
CA ASP JB 383 -126.20 -51.55 -1.99
C ASP JB 383 -126.51 -50.07 -2.14
N GLN JB 384 -125.48 -49.23 -2.24
CA GLN JB 384 -125.70 -47.81 -2.47
C GLN JB 384 -126.20 -47.56 -3.89
N PHE JB 385 -125.81 -48.38 -4.84
CA PHE JB 385 -126.34 -48.26 -6.20
C PHE JB 385 -127.81 -48.67 -6.24
N THR JB 386 -128.14 -49.83 -5.66
CA THR JB 386 -129.50 -50.30 -5.73
C THR JB 386 -130.42 -49.55 -4.77
N ALA JB 387 -129.86 -48.79 -3.84
CA ALA JB 387 -130.69 -47.97 -2.97
C ALA JB 387 -131.37 -46.87 -3.76
N MET JB 388 -130.64 -46.20 -4.64
CA MET JB 388 -131.20 -45.07 -5.36
C MET JB 388 -131.57 -45.39 -6.79
N PHE JB 389 -131.16 -46.53 -7.32
CA PHE JB 389 -131.68 -46.97 -8.60
C PHE JB 389 -133.04 -47.65 -8.47
N ARG JB 390 -133.40 -48.10 -7.27
CA ARG JB 390 -134.72 -48.66 -7.06
C ARG JB 390 -135.80 -47.63 -7.29
N ARG JB 391 -135.66 -46.45 -6.68
CA ARG JB 391 -136.61 -45.37 -6.83
C ARG JB 391 -136.20 -44.41 -7.94
N LYS JB 392 -135.20 -44.78 -8.73
CA LYS JB 392 -134.81 -44.05 -9.95
C LYS JB 392 -134.39 -42.63 -9.65
N ALA JB 393 -133.68 -42.45 -8.54
CA ALA JB 393 -133.18 -41.14 -8.18
C ALA JB 393 -131.99 -40.76 -9.06
N PHE JB 394 -131.94 -39.47 -9.44
CA PHE JB 394 -130.87 -38.90 -10.25
C PHE JB 394 -130.68 -39.64 -11.57
N LEU JB 395 -131.75 -40.15 -12.15
CA LEU JB 395 -131.61 -40.94 -13.36
C LEU JB 395 -131.82 -40.13 -14.62
N HIS JB 396 -132.62 -39.08 -14.57
CA HIS JB 396 -132.95 -38.32 -15.77
C HIS JB 396 -131.74 -37.62 -16.35
N TRP JB 397 -130.78 -37.25 -15.50
CA TRP JB 397 -129.53 -36.71 -16.01
C TRP JB 397 -128.79 -37.75 -16.84
N TYR JB 398 -128.73 -38.97 -16.34
CA TYR JB 398 -128.00 -40.03 -17.03
C TYR JB 398 -128.78 -40.54 -18.24
N THR JB 399 -130.09 -40.75 -18.11
CA THR JB 399 -130.85 -41.33 -19.20
C THR JB 399 -131.31 -40.30 -20.22
N GLY JB 400 -131.13 -39.02 -19.93
CA GLY JB 400 -131.36 -38.01 -20.95
C GLY JB 400 -130.20 -37.75 -21.86
N GLU JB 401 -129.04 -38.33 -21.55
CA GLU JB 401 -127.85 -38.11 -22.35
C GLU JB 401 -127.66 -39.20 -23.39
N GLY JB 402 -128.46 -40.26 -23.36
CA GLY JB 402 -128.38 -41.27 -24.39
C GLY JB 402 -128.45 -42.72 -23.94
N MET JB 403 -128.23 -43.00 -22.67
CA MET JB 403 -128.28 -44.39 -22.26
C MET JB 403 -129.71 -44.89 -22.16
N ASP JB 404 -129.85 -46.21 -22.13
CA ASP JB 404 -131.09 -46.85 -21.76
C ASP JB 404 -130.98 -47.35 -20.34
N GLU JB 405 -132.13 -47.68 -19.75
CA GLU JB 405 -132.15 -48.17 -18.39
C GLU JB 405 -131.58 -49.57 -18.25
N MET JB 406 -131.44 -50.30 -19.36
CA MET JB 406 -130.89 -51.65 -19.30
C MET JB 406 -129.39 -51.65 -19.08
N GLU JB 407 -128.68 -50.57 -19.40
CA GLU JB 407 -127.26 -50.51 -19.10
C GLU JB 407 -127.01 -50.44 -17.60
N PHE JB 408 -127.92 -49.83 -16.85
CA PHE JB 408 -127.79 -49.83 -15.40
C PHE JB 408 -127.98 -51.21 -14.81
N THR JB 409 -128.91 -51.99 -15.36
CA THR JB 409 -129.11 -53.35 -14.86
C THR JB 409 -127.92 -54.23 -15.17
N GLU JB 410 -127.29 -54.03 -16.33
CA GLU JB 410 -126.10 -54.79 -16.66
C GLU JB 410 -124.94 -54.42 -15.74
N ALA JB 411 -124.82 -53.15 -15.38
CA ALA JB 411 -123.76 -52.74 -14.49
C ALA JB 411 -123.95 -53.31 -13.10
N GLU JB 412 -125.21 -53.48 -12.68
CA GLU JB 412 -125.49 -54.16 -11.42
C GLU JB 412 -125.03 -55.60 -11.45
N SER JB 413 -125.47 -56.35 -12.47
CA SER JB 413 -125.16 -57.77 -12.50
C SER JB 413 -123.70 -58.02 -12.76
N ASN JB 414 -123.07 -57.21 -13.61
CA ASN JB 414 -121.64 -57.36 -13.87
C ASN JB 414 -120.78 -56.95 -12.69
N MET JB 415 -121.36 -56.33 -11.67
CA MET JB 415 -120.58 -56.10 -10.46
C MET JB 415 -120.97 -57.07 -9.36
N ASN JB 416 -122.24 -57.47 -9.28
CA ASN JB 416 -122.62 -58.46 -8.27
C ASN JB 416 -122.06 -59.85 -8.56
N ASP JB 417 -121.91 -60.23 -9.83
CA ASP JB 417 -121.30 -61.52 -10.08
C ASP JB 417 -119.80 -61.51 -9.76
N LEU JB 418 -119.16 -60.34 -9.87
CA LEU JB 418 -117.78 -60.22 -9.42
C LEU JB 418 -117.71 -60.34 -7.91
N VAL JB 419 -118.71 -59.83 -7.19
CA VAL JB 419 -118.80 -60.05 -5.76
C VAL JB 419 -119.00 -61.52 -5.46
N SER JB 420 -119.87 -62.19 -6.23
CA SER JB 420 -120.08 -63.62 -6.03
C SER JB 420 -118.85 -64.42 -6.39
N GLU JB 421 -118.00 -63.88 -7.27
CA GLU JB 421 -116.79 -64.58 -7.64
C GLU JB 421 -115.76 -64.56 -6.52
N TYR JB 422 -115.68 -63.46 -5.79
CA TYR JB 422 -114.74 -63.41 -4.69
C TYR JB 422 -115.24 -64.21 -3.50
N GLN JB 423 -116.54 -64.47 -3.42
CA GLN JB 423 -117.07 -65.44 -2.47
C GLN JB 423 -116.53 -66.83 -2.73
N GLN JB 424 -116.46 -67.23 -4.00
CA GLN JB 424 -116.20 -68.63 -4.34
C GLN JB 424 -114.80 -69.05 -3.95
N TYR JB 425 -113.84 -68.12 -3.94
CA TYR JB 425 -112.47 -68.41 -3.55
C TYR JB 425 -112.16 -67.96 -2.14
N GLN JB 426 -113.17 -67.75 -1.32
CA GLN JB 426 -112.94 -67.37 0.07
C GLN JB 426 -113.32 -68.50 1.02
N MET KB 1 2.36 -151.09 9.68
CA MET KB 1 3.11 -152.02 10.52
C MET KB 1 2.38 -152.28 11.83
N ARG KB 2 3.13 -152.34 12.93
CA ARG KB 2 2.57 -152.58 14.25
C ARG KB 2 2.01 -151.25 14.78
N GLU KB 3 0.69 -151.09 14.68
CA GLU KB 3 0.06 -149.80 14.92
C GLU KB 3 -1.09 -149.97 15.91
N VAL KB 4 -1.43 -148.87 16.56
CA VAL KB 4 -2.54 -148.83 17.51
C VAL KB 4 -3.34 -147.56 17.30
N ILE KB 5 -4.66 -147.70 17.20
CA ILE KB 5 -5.56 -146.60 16.92
C ILE KB 5 -6.07 -146.07 18.25
N SER KB 6 -6.00 -144.76 18.43
CA SER KB 6 -6.48 -144.12 19.65
C SER KB 6 -7.82 -143.48 19.37
N ILE KB 7 -8.79 -143.69 20.27
CA ILE KB 7 -10.12 -143.10 20.13
C ILE KB 7 -10.40 -142.25 21.36
N HIS KB 8 -10.82 -141.01 21.13
CA HIS KB 8 -11.15 -140.08 22.20
C HIS KB 8 -12.57 -139.60 22.01
N VAL KB 9 -13.45 -139.92 22.95
CA VAL KB 9 -14.86 -139.58 22.88
C VAL KB 9 -15.22 -138.75 24.09
N GLY KB 10 -15.86 -137.62 23.86
CA GLY KB 10 -16.32 -136.77 24.94
C GLY KB 10 -15.29 -135.73 25.33
N GLN KB 11 -15.72 -134.83 26.23
CA GLN KB 11 -14.83 -133.77 26.68
C GLN KB 11 -13.66 -134.32 27.46
N ALA KB 12 -13.91 -135.33 28.30
CA ALA KB 12 -12.81 -135.95 29.04
C ALA KB 12 -11.87 -136.68 28.11
N GLY KB 13 -12.41 -137.34 27.08
CA GLY KB 13 -11.56 -138.03 26.14
C GLY KB 13 -10.70 -137.09 25.31
N ILE KB 14 -11.27 -135.97 24.88
CA ILE KB 14 -10.54 -135.04 24.03
C ILE KB 14 -9.46 -134.33 24.82
N GLN KB 15 -9.77 -133.86 26.02
CA GLN KB 15 -8.77 -133.13 26.81
C GLN KB 15 -7.67 -134.06 27.31
N ILE KB 16 -8.00 -135.31 27.63
CA ILE KB 16 -6.96 -136.29 27.91
C ILE KB 16 -6.13 -136.56 26.67
N GLY KB 17 -6.80 -136.70 25.52
CA GLY KB 17 -6.11 -136.95 24.28
C GLY KB 17 -5.20 -135.81 23.84
N ASN KB 18 -5.57 -134.58 24.20
CA ASN KB 18 -4.69 -133.45 23.93
C ASN KB 18 -3.41 -133.57 24.74
N ALA KB 19 -3.51 -134.06 25.97
CA ALA KB 19 -2.31 -134.26 26.78
C ALA KB 19 -1.54 -135.47 26.32
N CYS KB 20 -2.23 -136.51 25.85
CA CYS KB 20 -1.56 -137.71 25.38
C CYS KB 20 -0.76 -137.41 24.11
N TRP KB 21 -1.36 -136.68 23.18
CA TRP KB 21 -0.70 -136.48 21.90
C TRP KB 21 0.40 -135.44 21.96
N GLU KB 22 0.35 -134.50 22.90
CA GLU KB 22 1.44 -133.55 23.00
C GLU KB 22 2.68 -134.21 23.60
N LEU KB 23 2.48 -135.23 24.44
CA LEU KB 23 3.62 -135.94 24.97
C LEU KB 23 4.27 -136.81 23.91
N PHE KB 24 3.47 -137.43 23.05
CA PHE KB 24 4.01 -138.27 22.00
C PHE KB 24 4.77 -137.44 20.98
N CYS KB 25 4.32 -136.21 20.74
CA CYS KB 25 5.04 -135.32 19.82
C CYS KB 25 6.40 -134.93 20.40
N LEU KB 26 6.45 -134.63 21.69
CA LEU KB 26 7.73 -134.33 22.33
C LEU KB 26 8.58 -135.57 22.45
N GLU KB 27 7.96 -136.73 22.55
CA GLU KB 27 8.70 -137.98 22.71
C GLU KB 27 9.49 -138.30 21.46
N HIS KB 28 8.82 -138.26 20.30
CA HIS KB 28 9.43 -138.64 19.03
C HIS KB 28 10.03 -137.46 18.29
N GLY KB 29 9.96 -136.26 18.85
CA GLY KB 29 10.62 -135.13 18.27
C GLY KB 29 9.87 -134.43 17.17
N ILE KB 30 8.63 -134.82 16.86
CA ILE KB 30 7.92 -134.14 15.80
C ILE KB 30 7.35 -132.82 16.33
N GLN KB 31 7.03 -131.94 15.41
CA GLN KB 31 6.62 -130.57 15.67
C GLN KB 31 5.12 -130.43 15.48
N PRO KB 32 4.54 -129.29 15.88
CA PRO KB 32 3.12 -129.05 15.57
C PRO KB 32 2.79 -129.01 14.09
N ASP KB 33 3.78 -128.75 13.21
CA ASP KB 33 3.54 -128.95 11.79
C ASP KB 33 3.30 -130.41 11.48
N GLY KB 34 4.04 -131.30 12.13
CA GLY KB 34 3.97 -132.72 11.87
C GLY KB 34 5.20 -133.29 11.22
N GLN KB 35 6.20 -132.45 10.90
CA GLN KB 35 7.44 -132.91 10.31
C GLN KB 35 8.57 -132.77 11.31
N MET KB 36 9.35 -133.83 11.44
CA MET KB 36 10.42 -133.72 12.41
C MET KB 36 11.65 -133.07 11.78
N PRO KB 37 12.45 -132.36 12.59
CA PRO KB 37 13.71 -131.81 12.09
C PRO KB 37 14.76 -132.90 11.90
N ASP KB 47 12.58 -145.65 13.23
CA ASP KB 47 11.19 -145.85 12.84
C ASP KB 47 10.34 -146.24 14.04
N ALA KB 48 10.66 -145.67 15.19
CA ALA KB 48 9.97 -146.01 16.43
C ALA KB 48 8.58 -145.39 16.50
N PHE KB 49 8.34 -144.33 15.75
CA PHE KB 49 7.11 -143.57 15.84
C PHE KB 49 5.97 -144.15 15.01
N ASN KB 50 6.18 -145.29 14.35
CA ASN KB 50 5.16 -145.81 13.45
C ASN KB 50 3.96 -146.38 14.20
N THR KB 51 4.08 -146.61 15.51
CA THR KB 51 2.94 -147.09 16.28
C THR KB 51 1.89 -146.01 16.48
N PHE KB 52 2.26 -144.75 16.38
CA PHE KB 52 1.34 -143.65 16.66
C PHE KB 52 1.12 -142.73 15.49
N PHE KB 53 2.12 -142.48 14.67
CA PHE KB 53 2.03 -141.51 13.59
C PHE KB 53 2.17 -142.20 12.25
N SER KB 54 1.42 -141.70 11.27
CA SER KB 54 1.46 -142.27 9.92
C SER KB 54 2.54 -141.57 9.11
N GLU KB 55 2.59 -141.86 7.82
CA GLU KB 55 3.50 -141.19 6.89
C GLU KB 55 2.65 -140.51 5.82
N THR KB 56 2.80 -139.20 5.70
CA THR KB 56 2.11 -138.46 4.65
C THR KB 56 3.07 -137.44 4.06
N GLY KB 57 3.26 -137.49 2.75
CA GLY KB 57 4.06 -136.47 2.11
C GLY KB 57 5.54 -136.55 2.48
N ALA KB 58 6.21 -135.41 2.33
CA ALA KB 58 7.63 -135.32 2.58
C ALA KB 58 7.84 -134.93 4.04
N GLY KB 59 8.13 -135.91 4.87
CA GLY KB 59 8.54 -135.65 6.24
C GLY KB 59 7.40 -135.51 7.23
N LYS KB 60 6.17 -135.33 6.79
CA LYS KB 60 5.08 -135.09 7.72
C LYS KB 60 4.56 -136.41 8.28
N HIS KB 61 4.21 -136.41 9.56
CA HIS KB 61 3.57 -137.54 10.22
C HIS KB 61 2.29 -137.06 10.89
N VAL KB 62 1.19 -137.80 10.67
CA VAL KB 62 -0.11 -137.42 11.21
C VAL KB 62 -0.56 -138.48 12.20
N PRO KB 63 -1.30 -138.13 13.24
CA PRO KB 63 -1.64 -139.11 14.27
C PRO KB 63 -2.67 -140.12 13.81
N ARG KB 64 -2.62 -141.30 14.40
CA ARG KB 64 -3.61 -142.35 14.17
C ARG KB 64 -4.71 -142.26 15.23
N CYS KB 65 -5.42 -141.14 15.24
CA CYS KB 65 -6.40 -140.90 16.28
C CYS KB 65 -7.67 -140.33 15.69
N VAL KB 66 -8.76 -140.45 16.45
CA VAL KB 66 -10.02 -139.81 16.11
C VAL KB 66 -10.53 -139.08 17.34
N PHE KB 67 -11.09 -137.89 17.13
CA PHE KB 67 -11.71 -137.10 18.18
C PHE KB 67 -13.21 -137.06 17.91
N LEU KB 68 -14.00 -137.49 18.88
CA LEU KB 68 -15.45 -137.53 18.72
C LEU KB 68 -16.11 -136.77 19.85
N ASP KB 69 -16.99 -135.84 19.51
CA ASP KB 69 -17.88 -135.24 20.48
C ASP KB 69 -19.05 -134.64 19.73
N LEU KB 70 -20.22 -134.73 20.36
CA LEU KB 70 -21.41 -134.06 19.83
C LEU KB 70 -21.45 -132.59 20.22
N GLU KB 71 -20.64 -132.17 21.19
CA GLU KB 71 -20.45 -130.76 21.50
C GLU KB 71 -19.31 -130.21 20.67
N PRO KB 72 -19.52 -129.12 19.92
CA PRO KB 72 -18.43 -128.60 19.09
C PRO KB 72 -17.38 -127.81 19.86
N THR KB 73 -17.71 -127.21 20.99
CA THR KB 73 -16.86 -126.16 21.54
C THR KB 73 -15.57 -126.68 22.18
N VAL KB 74 -15.42 -127.99 22.35
CA VAL KB 74 -14.15 -128.51 22.87
C VAL KB 74 -13.28 -129.08 21.74
N VAL KB 75 -13.86 -129.47 20.62
CA VAL KB 75 -13.10 -130.00 19.50
C VAL KB 75 -12.86 -128.94 18.44
N ASP KB 76 -13.73 -127.94 18.32
CA ASP KB 76 -13.44 -126.81 17.45
C ASP KB 76 -12.28 -126.00 18.01
N GLU KB 77 -12.15 -125.95 19.33
CA GLU KB 77 -11.11 -125.12 19.93
C GLU KB 77 -9.75 -125.77 19.76
N VAL KB 78 -9.72 -127.08 19.53
CA VAL KB 78 -8.50 -127.76 19.08
C VAL KB 78 -8.12 -127.30 17.67
N ARG KB 79 -9.11 -127.18 16.78
CA ARG KB 79 -8.85 -126.73 15.42
C ARG KB 79 -8.37 -125.28 15.40
N THR KB 80 -8.72 -124.51 16.42
CA THR KB 80 -8.37 -123.11 16.52
C THR KB 80 -7.00 -122.90 17.16
N GLY KB 81 -6.59 -123.79 18.06
CA GLY KB 81 -5.39 -123.60 18.86
C GLY KB 81 -4.10 -123.88 18.11
N THR KB 82 -3.09 -124.33 18.86
CA THR KB 82 -1.75 -124.48 18.31
C THR KB 82 -1.68 -125.63 17.31
N TYR KB 83 -2.21 -126.79 17.68
CA TYR KB 83 -2.07 -127.98 16.86
C TYR KB 83 -3.19 -128.05 15.83
N ARG KB 84 -3.17 -127.10 14.89
CA ARG KB 84 -4.09 -127.22 13.77
C ARG KB 84 -3.63 -128.30 12.81
N HIS KB 85 -2.45 -128.12 12.23
CA HIS KB 85 -2.01 -128.94 11.12
C HIS KB 85 -1.39 -130.24 11.55
N LEU KB 86 -1.23 -130.46 12.86
CA LEU KB 86 -0.81 -131.78 13.31
C LEU KB 86 -1.89 -132.80 13.03
N PHE KB 87 -3.11 -132.52 13.43
CA PHE KB 87 -4.21 -133.46 13.26
C PHE KB 87 -4.77 -133.38 11.84
N HIS KB 88 -5.37 -134.48 11.42
CA HIS KB 88 -6.05 -134.51 10.13
C HIS KB 88 -7.28 -133.61 10.19
N PRO KB 89 -7.66 -132.99 9.08
CA PRO KB 89 -8.85 -132.11 9.09
C PRO KB 89 -10.15 -132.80 9.45
N GLU KB 90 -10.34 -134.07 9.09
CA GLU KB 90 -11.58 -134.75 9.44
C GLU KB 90 -11.34 -135.94 10.36
N GLN KB 91 -10.25 -135.92 11.10
CA GLN KB 91 -10.11 -136.83 12.23
C GLN KB 91 -10.65 -136.23 13.51
N LEU KB 92 -11.21 -135.03 13.45
CA LEU KB 92 -11.84 -134.36 14.59
C LEU KB 92 -13.30 -134.13 14.20
N ILE KB 93 -14.15 -135.10 14.55
CA ILE KB 93 -15.55 -135.08 14.15
C ILE KB 93 -16.37 -134.37 15.21
N SER KB 94 -17.18 -133.41 14.79
CA SER KB 94 -17.96 -132.59 15.69
C SER KB 94 -19.44 -132.76 15.37
N GLY KB 95 -20.24 -132.88 16.42
CA GLY KB 95 -21.68 -132.97 16.26
C GLY KB 95 -22.30 -131.61 16.11
N LYS KB 96 -23.51 -131.46 16.62
CA LYS KB 96 -24.16 -130.17 16.54
C LYS KB 96 -24.75 -129.77 17.89
N GLU KB 97 -25.18 -130.76 18.67
CA GLU KB 97 -25.91 -130.52 19.91
C GLU KB 97 -25.39 -131.46 20.99
N ASP KB 98 -25.37 -130.96 22.22
CA ASP KB 98 -24.74 -131.67 23.33
C ASP KB 98 -25.59 -132.90 23.68
N ALA KB 99 -24.91 -133.91 24.22
CA ALA KB 99 -25.62 -135.11 24.67
C ALA KB 99 -26.38 -134.85 25.96
N ALA KB 100 -25.89 -133.92 26.79
CA ALA KB 100 -26.57 -133.42 27.99
C ALA KB 100 -26.78 -134.51 29.03
N ASN KB 101 -25.68 -135.13 29.45
CA ASN KB 101 -25.61 -136.11 30.54
C ASN KB 101 -26.61 -137.26 30.39
N ASN KB 102 -27.12 -137.50 29.19
CA ASN KB 102 -28.21 -138.45 29.00
C ASN KB 102 -27.66 -139.61 28.20
N PHE KB 103 -27.64 -140.79 28.82
CA PHE KB 103 -27.19 -141.98 28.11
C PHE KB 103 -28.11 -142.30 26.94
N ALA KB 104 -29.41 -142.12 27.14
CA ALA KB 104 -30.37 -142.41 26.08
C ALA KB 104 -30.20 -141.47 24.90
N ARG KB 105 -29.94 -140.20 25.17
CA ARG KB 105 -29.71 -139.24 24.09
C ARG KB 105 -28.44 -139.58 23.33
N GLY KB 106 -27.39 -139.95 24.04
CA GLY KB 106 -26.13 -140.26 23.39
C GLY KB 106 -26.06 -141.63 22.75
N HIS KB 107 -27.03 -142.50 23.04
CA HIS KB 107 -27.04 -143.83 22.48
C HIS KB 107 -28.13 -144.05 21.45
N TYR KB 108 -29.22 -143.30 21.51
CA TYR KB 108 -30.39 -143.55 20.67
C TYR KB 108 -30.75 -142.37 19.78
N THR KB 109 -30.79 -141.16 20.32
CA THR KB 109 -31.38 -140.05 19.59
C THR KB 109 -30.40 -139.31 18.71
N ILE KB 110 -29.38 -138.68 19.31
CA ILE KB 110 -28.56 -137.74 18.58
C ILE KB 110 -27.26 -138.38 18.08
N GLY KB 111 -26.80 -139.44 18.71
CA GLY KB 111 -25.52 -140.00 18.33
C GLY KB 111 -25.53 -140.86 17.10
N LYS KB 112 -26.71 -141.14 16.53
CA LYS KB 112 -26.81 -142.10 15.45
C LYS KB 112 -26.17 -141.58 14.16
N GLU KB 113 -26.32 -140.29 13.88
CA GLU KB 113 -25.78 -139.74 12.64
C GLU KB 113 -24.30 -139.44 12.73
N ILE KB 114 -23.68 -139.58 13.91
CA ILE KB 114 -22.25 -139.38 14.05
C ILE KB 114 -21.49 -140.69 14.18
N VAL KB 115 -22.19 -141.80 14.40
CA VAL KB 115 -21.52 -143.10 14.47
C VAL KB 115 -20.95 -143.48 13.10
N ASP KB 116 -21.77 -143.38 12.05
CA ASP KB 116 -21.33 -143.80 10.73
C ASP KB 116 -20.24 -142.90 10.18
N LEU KB 117 -20.23 -141.63 10.60
CA LEU KB 117 -19.13 -140.75 10.24
C LEU KB 117 -17.85 -141.14 10.96
N SER KB 118 -17.98 -141.69 12.17
CA SER KB 118 -16.80 -142.13 12.90
C SER KB 118 -16.24 -143.43 12.33
N LEU KB 119 -17.13 -144.38 11.98
CA LEU KB 119 -16.67 -145.66 11.45
C LEU KB 119 -16.04 -145.51 10.08
N ASP KB 120 -16.39 -144.47 9.33
CA ASP KB 120 -15.73 -144.22 8.06
C ASP KB 120 -14.26 -143.90 8.27
N ARG KB 121 -13.96 -143.08 9.29
CA ARG KB 121 -12.57 -142.72 9.52
C ARG KB 121 -11.80 -143.82 10.21
N ILE KB 122 -12.48 -144.66 11.00
CA ILE KB 122 -11.79 -145.75 11.69
C ILE KB 122 -11.29 -146.78 10.67
N ARG KB 123 -12.17 -147.19 9.76
CA ARG KB 123 -11.80 -148.24 8.81
C ARG KB 123 -10.75 -147.76 7.82
N LYS KB 124 -10.83 -146.49 7.41
CA LYS KB 124 -9.85 -145.96 6.48
C LYS KB 124 -8.48 -145.84 7.13
N LEU KB 125 -8.44 -145.53 8.41
CA LEU KB 125 -7.17 -145.46 9.13
C LEU KB 125 -6.70 -146.83 9.58
N ALA KB 126 -7.60 -147.81 9.66
CA ALA KB 126 -7.19 -149.14 10.10
C ALA KB 126 -6.63 -149.97 8.96
N ASP KB 127 -7.11 -149.74 7.74
CA ASP KB 127 -6.77 -150.60 6.62
C ASP KB 127 -5.54 -150.13 5.85
N ASN KB 128 -4.78 -149.17 6.38
CA ASN KB 128 -3.56 -148.75 5.69
C ASN KB 128 -2.50 -149.85 5.75
N CYS KB 129 -2.45 -150.60 6.85
CA CYS KB 129 -1.58 -151.76 6.96
C CYS KB 129 -2.19 -152.74 7.95
N THR KB 130 -1.80 -153.99 7.82
CA THR KB 130 -2.22 -155.01 8.78
C THR KB 130 -1.27 -155.00 9.98
N GLY KB 131 -1.43 -155.97 10.86
CA GLY KB 131 -0.65 -155.95 12.09
C GLY KB 131 -1.09 -154.92 13.09
N LEU KB 132 -2.36 -154.53 13.04
CA LEU KB 132 -2.88 -153.56 14.01
C LEU KB 132 -3.03 -154.22 15.37
N GLN KB 133 -2.40 -153.63 16.37
CA GLN KB 133 -2.39 -154.24 17.70
C GLN KB 133 -3.77 -154.15 18.36
N GLY KB 134 -4.39 -152.98 18.30
CA GLY KB 134 -5.68 -152.83 18.95
C GLY KB 134 -6.08 -151.36 19.01
N PHE KB 135 -7.03 -151.08 19.88
CA PHE KB 135 -7.58 -149.75 20.05
C PHE KB 135 -7.42 -149.30 21.48
N LEU KB 136 -7.15 -148.02 21.66
CA LEU KB 136 -7.22 -147.38 22.97
C LEU KB 136 -8.44 -146.48 23.02
N MET KB 137 -9.24 -146.66 24.06
CA MET KB 137 -10.48 -145.91 24.23
C MET KB 137 -10.36 -145.01 25.44
N PHE KB 138 -10.66 -143.73 25.26
CA PHE KB 138 -10.64 -142.76 26.35
C PHE KB 138 -12.00 -142.10 26.42
N ASN KB 139 -12.68 -142.26 27.55
CA ASN KB 139 -14.01 -141.70 27.71
C ASN KB 139 -14.30 -141.54 29.19
N ALA KB 140 -15.33 -140.74 29.47
CA ALA KB 140 -15.85 -140.59 30.83
C ALA KB 140 -17.18 -141.29 30.91
N VAL KB 141 -17.29 -142.25 31.82
CA VAL KB 141 -18.56 -142.95 31.99
C VAL KB 141 -19.56 -142.08 32.72
N GLY KB 142 -19.11 -141.02 33.39
CA GLY KB 142 -20.04 -140.13 34.05
C GLY KB 142 -20.79 -139.18 33.11
N GLY KB 143 -20.25 -138.94 31.92
CA GLY KB 143 -20.82 -137.98 31.00
C GLY KB 143 -21.87 -138.58 30.10
N GLY KB 144 -22.40 -137.73 29.22
CA GLY KB 144 -23.39 -138.15 28.25
C GLY KB 144 -22.81 -138.82 27.01
N THR KB 145 -22.01 -138.09 26.24
CA THR KB 145 -21.49 -138.66 25.00
C THR KB 145 -20.30 -139.56 25.26
N GLY KB 146 -19.62 -139.38 26.40
CA GLY KB 146 -18.57 -140.31 26.76
C GLY KB 146 -19.07 -141.67 27.15
N SER KB 147 -20.31 -141.76 27.61
CA SER KB 147 -20.90 -143.05 27.98
C SER KB 147 -21.84 -143.56 26.90
N GLY KB 148 -22.70 -142.68 26.37
CA GLY KB 148 -23.65 -143.12 25.36
C GLY KB 148 -22.98 -143.39 24.03
N LEU KB 149 -22.37 -142.36 23.44
CA LEU KB 149 -21.68 -142.54 22.16
C LEU KB 149 -20.45 -143.43 22.31
N GLY KB 150 -19.82 -143.41 23.49
CA GLY KB 150 -18.69 -144.30 23.73
C GLY KB 150 -19.11 -145.76 23.68
N CYS KB 151 -20.30 -146.05 24.21
CA CYS KB 151 -20.82 -147.40 24.10
C CYS KB 151 -21.13 -147.78 22.66
N LEU KB 152 -21.89 -146.93 21.96
CA LEU KB 152 -22.42 -147.27 20.65
C LEU KB 152 -21.33 -147.52 19.64
N LEU KB 153 -20.19 -146.87 19.81
CA LEU KB 153 -19.04 -147.15 18.96
C LEU KB 153 -18.52 -148.56 19.20
N LEU KB 154 -18.64 -149.06 20.42
CA LEU KB 154 -18.06 -150.36 20.75
C LEU KB 154 -18.90 -151.54 20.26
N GLU KB 155 -20.24 -151.42 20.19
CA GLU KB 155 -20.98 -152.47 19.47
C GLU KB 155 -20.63 -152.48 17.99
N ARG KB 156 -20.46 -151.31 17.40
CA ARG KB 156 -20.16 -151.30 15.98
C ARG KB 156 -18.72 -151.70 15.70
N LEU KB 157 -17.81 -151.47 16.65
CA LEU KB 157 -16.44 -151.91 16.46
C LEU KB 157 -16.27 -153.40 16.72
N SER KB 158 -16.99 -153.95 17.69
CA SER KB 158 -16.80 -155.35 18.05
C SER KB 158 -17.38 -156.30 17.02
N VAL KB 159 -18.37 -155.86 16.24
CA VAL KB 159 -18.99 -156.76 15.28
C VAL KB 159 -18.12 -156.92 14.03
N ASP KB 160 -17.36 -155.89 13.66
CA ASP KB 160 -16.55 -155.93 12.44
C ASP KB 160 -15.09 -156.25 12.73
N TYR KB 161 -14.45 -155.46 13.60
CA TYR KB 161 -13.10 -155.73 14.04
C TYR KB 161 -13.17 -156.57 15.31
N GLY KB 162 -13.41 -157.86 15.12
CA GLY KB 162 -13.75 -158.74 16.22
C GLY KB 162 -12.61 -159.12 17.15
N LYS KB 163 -11.62 -159.82 16.64
CA LYS KB 163 -10.59 -160.41 17.49
C LYS KB 163 -9.58 -159.39 18.00
N LYS KB 164 -9.52 -158.20 17.41
CA LYS KB 164 -8.53 -157.23 17.80
C LYS KB 164 -8.82 -156.68 19.20
N SER KB 165 -7.74 -156.37 19.92
CA SER KB 165 -7.86 -155.97 21.31
C SER KB 165 -8.47 -154.57 21.42
N LYS KB 166 -9.15 -154.32 22.54
CA LYS KB 166 -9.84 -153.05 22.78
C LYS KB 166 -9.65 -152.66 24.23
N LEU KB 167 -8.59 -151.91 24.50
CA LEU KB 167 -8.37 -151.39 25.84
C LEU KB 167 -9.23 -150.15 26.06
N ASN KB 168 -9.70 -149.98 27.27
CA ASN KB 168 -10.48 -148.83 27.68
C ASN KB 168 -9.82 -148.16 28.87
N PHE KB 169 -9.76 -146.84 28.83
CA PHE KB 169 -9.26 -146.05 29.95
C PHE KB 169 -10.39 -145.11 30.35
N CYS KB 170 -11.29 -145.60 31.19
CA CYS KB 170 -12.48 -144.85 31.55
C CYS KB 170 -12.23 -144.06 32.83
N SER KB 171 -12.64 -142.80 32.82
CA SER KB 171 -12.52 -141.95 34.00
C SER KB 171 -13.77 -142.17 34.84
N TRP KB 172 -13.68 -143.12 35.76
CA TRP KB 172 -14.80 -143.46 36.62
C TRP KB 172 -15.10 -142.30 37.57
N PRO KB 173 -16.38 -142.06 37.90
CA PRO KB 173 -16.70 -140.94 38.80
C PRO KB 173 -16.16 -141.15 40.21
N SER KB 174 -15.79 -140.04 40.83
CA SER KB 174 -15.26 -140.08 42.18
C SER KB 174 -16.36 -140.42 43.18
N PRO KB 175 -16.01 -141.09 44.28
CA PRO KB 175 -17.04 -141.43 45.28
C PRO KB 175 -17.65 -140.23 45.97
N GLN KB 176 -16.88 -139.18 46.20
CA GLN KB 176 -17.39 -138.01 46.90
C GLN KB 176 -17.68 -136.83 45.99
N VAL KB 177 -17.03 -136.77 44.83
CA VAL KB 177 -17.14 -135.66 43.91
C VAL KB 177 -17.73 -136.19 42.60
N SER KB 178 -18.68 -135.46 42.02
CA SER KB 178 -19.24 -135.97 40.76
C SER KB 178 -19.42 -134.94 39.66
N THR KB 179 -19.52 -133.65 39.95
CA THR KB 179 -19.75 -132.56 38.99
C THR KB 179 -21.02 -132.75 38.16
N ALA KB 180 -21.90 -133.65 38.57
CA ALA KB 180 -23.13 -133.98 37.87
C ALA KB 180 -23.97 -134.80 38.82
N VAL KB 181 -25.28 -134.69 38.67
CA VAL KB 181 -26.19 -135.30 39.62
C VAL KB 181 -26.84 -136.55 39.07
N VAL KB 182 -26.89 -136.72 37.75
CA VAL KB 182 -27.52 -137.88 37.15
C VAL KB 182 -26.47 -138.93 36.78
N GLU KB 183 -25.22 -138.69 37.13
CA GLU KB 183 -24.13 -139.62 36.83
C GLU KB 183 -24.19 -141.02 37.44
N PRO KB 184 -24.92 -141.29 38.54
CA PRO KB 184 -25.14 -142.71 38.86
C PRO KB 184 -25.92 -143.45 37.80
N TYR KB 185 -26.87 -142.79 37.13
CA TYR KB 185 -27.61 -143.42 36.05
C TYR KB 185 -26.71 -143.72 34.86
N ASN KB 186 -25.83 -142.79 34.51
CA ASN KB 186 -24.94 -143.00 33.39
C ASN KB 186 -23.91 -144.07 33.70
N SER KB 187 -23.56 -144.22 34.97
CA SER KB 187 -22.52 -145.19 35.34
C SER KB 187 -23.04 -146.62 35.23
N VAL KB 188 -24.26 -146.88 35.71
CA VAL KB 188 -24.77 -148.25 35.69
C VAL KB 188 -25.04 -148.70 34.26
N LEU KB 189 -25.49 -147.78 33.41
CA LEU KB 189 -25.75 -148.15 32.02
C LEU KB 189 -24.46 -148.37 31.25
N SER KB 190 -23.42 -147.62 31.59
CA SER KB 190 -22.13 -147.83 30.95
C SER KB 190 -21.53 -149.16 31.37
N THR KB 191 -21.52 -149.45 32.67
CA THR KB 191 -20.87 -150.67 33.14
C THR KB 191 -21.65 -151.92 32.77
N HIS KB 192 -22.91 -151.78 32.37
CA HIS KB 192 -23.58 -152.91 31.73
C HIS KB 192 -22.94 -153.23 30.39
N SER KB 193 -22.71 -152.21 29.58
CA SER KB 193 -22.44 -152.44 28.18
C SER KB 193 -20.97 -152.32 27.81
N LEU KB 194 -20.09 -152.06 28.76
CA LEU KB 194 -18.66 -152.19 28.53
C LEU KB 194 -18.09 -153.47 29.12
N LEU KB 195 -18.92 -154.32 29.70
CA LEU KB 195 -18.45 -155.63 30.16
C LEU KB 195 -18.05 -156.51 29.00
N GLU KB 196 -18.94 -156.66 28.02
CA GLU KB 196 -18.72 -157.60 26.93
C GLU KB 196 -18.22 -156.95 25.66
N HIS KB 197 -17.88 -155.67 25.69
CA HIS KB 197 -17.30 -155.00 24.53
C HIS KB 197 -15.90 -154.46 24.76
N THR KB 198 -15.40 -154.48 25.98
CA THR KB 198 -14.05 -154.05 26.27
C THR KB 198 -13.26 -155.23 26.81
N ASP KB 199 -12.02 -155.34 26.36
CA ASP KB 199 -11.18 -156.46 26.77
C ASP KB 199 -10.40 -156.16 28.05
N VAL KB 200 -9.92 -154.93 28.21
CA VAL KB 200 -9.26 -154.50 29.43
C VAL KB 200 -9.77 -153.10 29.76
N ALA KB 201 -10.31 -152.92 30.96
CA ALA KB 201 -10.81 -151.63 31.40
C ALA KB 201 -9.98 -151.16 32.58
N VAL KB 202 -9.53 -149.91 32.52
CA VAL KB 202 -8.69 -149.32 33.56
C VAL KB 202 -9.47 -148.20 34.22
N MET KB 203 -9.51 -148.20 35.55
CA MET KB 203 -10.27 -147.23 36.30
C MET KB 203 -9.40 -146.02 36.64
N LEU KB 204 -9.81 -144.85 36.17
CA LEU KB 204 -9.19 -143.59 36.52
C LEU KB 204 -10.19 -142.77 37.32
N ASP KB 205 -9.69 -142.04 38.30
CA ASP KB 205 -10.55 -141.36 39.25
C ASP KB 205 -10.09 -139.93 39.42
N ASN KB 206 -11.01 -139.03 39.73
CA ASN KB 206 -10.63 -137.62 39.79
C ASN KB 206 -9.92 -137.29 41.09
N GLU KB 207 -10.51 -137.63 42.24
CA GLU KB 207 -9.85 -137.24 43.49
C GLU KB 207 -8.67 -138.14 43.80
N ALA KB 208 -8.56 -139.28 43.13
CA ALA KB 208 -7.35 -140.08 43.24
C ALA KB 208 -6.16 -139.34 42.65
N ILE KB 209 -6.37 -138.63 41.54
CA ILE KB 209 -5.26 -137.87 40.99
C ILE KB 209 -5.16 -136.49 41.62
N TYR KB 210 -6.22 -136.01 42.25
CA TYR KB 210 -6.11 -134.78 43.04
C TYR KB 210 -5.14 -134.94 44.19
N ASP KB 211 -5.29 -136.00 44.98
CA ASP KB 211 -4.42 -136.11 46.14
C ASP KB 211 -3.06 -136.72 45.82
N ILE KB 212 -2.88 -137.31 44.63
CA ILE KB 212 -1.52 -137.55 44.15
C ILE KB 212 -0.83 -136.22 43.88
N CYS KB 213 -1.54 -135.30 43.22
CA CYS KB 213 -0.98 -133.98 42.97
C CYS KB 213 -0.79 -133.20 44.26
N ARG KB 214 -1.49 -133.58 45.33
CA ARG KB 214 -1.40 -132.84 46.58
C ARG KB 214 -0.17 -133.25 47.39
N ARG KB 215 0.08 -134.55 47.54
CA ARG KB 215 1.13 -134.96 48.46
C ARG KB 215 2.45 -135.22 47.75
N ASN KB 216 2.44 -135.50 46.46
CA ASN KB 216 3.67 -135.68 45.71
C ASN KB 216 4.23 -134.37 45.19
N LEU KB 217 3.50 -133.72 44.27
CA LEU KB 217 4.01 -132.50 43.66
C LEU KB 217 3.79 -131.27 44.51
N ASP KB 218 3.02 -131.37 45.59
CA ASP KB 218 2.70 -130.27 46.50
C ASP KB 218 2.07 -129.10 45.73
N ILE KB 219 1.03 -129.42 44.97
CA ILE KB 219 0.26 -128.44 44.23
C ILE KB 219 -1.09 -128.35 44.90
N GLU KB 220 -1.31 -127.28 45.65
CA GLU KB 220 -2.55 -127.15 46.40
C GLU KB 220 -3.73 -126.79 45.52
N ARG KB 221 -3.51 -126.27 44.32
CA ARG KB 221 -4.58 -125.84 43.42
C ARG KB 221 -4.38 -126.46 42.05
N PRO KB 222 -4.56 -127.76 41.91
CA PRO KB 222 -4.40 -128.40 40.60
C PRO KB 222 -5.63 -128.14 39.75
N THR KB 223 -5.52 -128.50 38.47
CA THR KB 223 -6.63 -128.34 37.56
C THR KB 223 -6.62 -129.50 36.58
N TYR KB 224 -7.51 -129.43 35.58
CA TYR KB 224 -7.73 -130.54 34.68
C TYR KB 224 -6.53 -130.80 33.78
N THR KB 225 -5.80 -129.76 33.41
CA THR KB 225 -4.63 -130.00 32.56
C THR KB 225 -3.48 -130.59 33.37
N ASN KB 226 -3.41 -130.30 34.68
CA ASN KB 226 -2.40 -130.95 35.50
C ASN KB 226 -2.67 -132.43 35.66
N LEU KB 227 -3.95 -132.80 35.76
CA LEU KB 227 -4.30 -134.21 35.89
C LEU KB 227 -4.00 -134.98 34.62
N ASN KB 228 -4.26 -134.36 33.47
CA ASN KB 228 -4.18 -135.09 32.22
C ASN KB 228 -2.73 -135.32 31.80
N ARG KB 229 -1.79 -134.53 32.33
CA ARG KB 229 -0.37 -134.82 32.10
C ARG KB 229 0.03 -136.13 32.75
N LEU KB 230 -0.46 -136.38 33.96
CA LEU KB 230 -0.14 -137.62 34.66
C LEU KB 230 -0.75 -138.82 33.97
N ILE KB 231 -1.97 -138.68 33.47
CA ILE KB 231 -2.61 -139.77 32.74
C ILE KB 231 -1.87 -140.03 31.44
N ALA KB 232 -1.38 -138.98 30.80
CA ALA KB 232 -0.64 -139.14 29.54
C ALA KB 232 0.68 -139.85 29.78
N GLN KB 233 1.29 -139.65 30.94
CA GLN KB 233 2.52 -140.37 31.27
C GLN KB 233 2.26 -141.86 31.42
N VAL KB 234 1.10 -142.22 31.97
CA VAL KB 234 0.76 -143.62 32.16
C VAL KB 234 0.53 -144.30 30.83
N ILE KB 235 -0.16 -143.62 29.91
CA ILE KB 235 -0.39 -144.18 28.58
C ILE KB 235 0.92 -144.33 27.83
N SER KB 236 1.80 -143.34 27.94
CA SER KB 236 3.10 -143.43 27.29
C SER KB 236 3.94 -144.55 27.89
N SER KB 237 3.90 -144.71 29.21
CA SER KB 237 4.66 -145.78 29.84
C SER KB 237 4.09 -147.15 29.51
N LEU KB 238 2.79 -147.22 29.24
CA LEU KB 238 2.17 -148.50 28.94
C LEU KB 238 2.53 -148.97 27.54
N THR KB 239 2.60 -148.04 26.60
CA THR KB 239 2.90 -148.37 25.21
C THR KB 239 4.35 -148.14 24.83
N ALA KB 240 5.21 -147.81 25.80
CA ALA KB 240 6.63 -147.59 25.48
C ALA KB 240 7.34 -148.85 25.04
N SER KB 241 6.80 -150.02 25.39
CA SER KB 241 7.34 -151.28 24.91
C SER KB 241 7.20 -151.42 23.40
N LEU KB 242 6.06 -151.00 22.86
CA LEU KB 242 5.85 -151.05 21.42
C LEU KB 242 6.81 -150.13 20.69
N ARG KB 243 7.02 -148.94 21.23
CA ARG KB 243 7.75 -147.92 20.51
C ARG KB 243 9.25 -148.13 20.60
N PHE KB 244 9.76 -148.42 21.79
CA PHE KB 244 11.19 -148.47 22.02
C PHE KB 244 11.60 -149.87 22.46
N ASP KB 245 12.80 -150.27 22.03
CA ASP KB 245 13.30 -151.59 22.35
C ASP KB 245 13.71 -151.69 23.81
N GLY KB 246 13.52 -152.88 24.39
CA GLY KB 246 13.81 -153.09 25.80
C GLY KB 246 14.41 -154.46 26.05
N ALA KB 247 14.92 -154.63 27.26
CA ALA KB 247 15.52 -155.90 27.66
C ALA KB 247 14.48 -157.01 27.71
N LEU KB 248 13.32 -156.72 28.29
CA LEU KB 248 12.26 -157.70 28.44
C LEU KB 248 10.95 -156.96 28.22
N ASN KB 249 10.42 -157.07 27.01
CA ASN KB 249 9.27 -156.26 26.61
C ASN KB 249 7.98 -157.09 26.60
N VAL KB 250 6.89 -156.43 26.96
CA VAL KB 250 5.55 -157.00 26.86
C VAL KB 250 4.66 -155.99 26.14
N ASP KB 251 3.94 -156.45 25.14
CA ASP KB 251 3.18 -155.55 24.28
C ASP KB 251 1.74 -155.43 24.75
N VAL KB 252 0.90 -154.84 23.92
CA VAL KB 252 -0.50 -154.62 24.27
C VAL KB 252 -1.24 -155.94 24.38
N THR KB 253 -0.97 -156.87 23.47
CA THR KB 253 -1.74 -158.11 23.41
C THR KB 253 -1.50 -158.99 24.63
N GLU KB 254 -0.27 -159.01 25.14
CA GLU KB 254 0.05 -159.91 26.24
C GLU KB 254 -0.36 -159.35 27.61
N PHE KB 255 -0.97 -158.16 27.68
CA PHE KB 255 -1.55 -157.71 28.94
C PHE KB 255 -2.77 -158.53 29.32
N GLN KB 256 -3.71 -158.71 28.38
CA GLN KB 256 -4.92 -159.43 28.72
C GLN KB 256 -4.69 -160.93 28.88
N THR KB 257 -3.55 -161.44 28.46
CA THR KB 257 -3.22 -162.83 28.75
C THR KB 257 -2.88 -163.02 30.23
N ASN KB 258 -2.26 -162.02 30.85
CA ASN KB 258 -1.77 -162.15 32.20
C ASN KB 258 -2.56 -161.37 33.23
N LEU KB 259 -3.48 -160.52 32.82
CA LEU KB 259 -4.22 -159.69 33.76
C LEU KB 259 -5.69 -160.03 33.81
N VAL KB 260 -6.22 -160.78 32.84
CA VAL KB 260 -7.64 -161.06 32.76
C VAL KB 260 -7.83 -162.56 32.94
N PRO KB 261 -8.04 -163.04 34.17
CA PRO KB 261 -8.13 -164.49 34.37
C PRO KB 261 -9.51 -165.06 34.07
N TYR KB 262 -10.53 -164.22 34.00
CA TYR KB 262 -11.87 -164.67 33.66
C TYR KB 262 -12.50 -163.63 32.74
N PRO KB 263 -13.42 -164.04 31.86
CA PRO KB 263 -13.95 -163.09 30.87
C PRO KB 263 -14.69 -161.90 31.46
N ARG KB 264 -15.36 -162.07 32.59
CA ARG KB 264 -16.09 -160.96 33.21
C ARG KB 264 -15.20 -160.10 34.10
N ILE KB 265 -13.97 -160.51 34.35
CA ILE KB 265 -13.10 -159.80 35.27
C ILE KB 265 -12.00 -159.08 34.52
N HIS KB 266 -12.24 -157.85 34.11
CA HIS KB 266 -11.23 -157.08 33.40
C HIS KB 266 -11.23 -155.65 33.87
N PHE KB 267 -11.45 -155.44 35.16
CA PHE KB 267 -11.38 -154.13 35.77
C PHE KB 267 -10.15 -154.11 36.67
N MET KB 268 -9.31 -153.09 36.49
CA MET KB 268 -8.01 -153.14 37.14
C MET KB 268 -7.54 -151.75 37.50
N LEU KB 269 -6.64 -151.70 38.48
CA LEU KB 269 -6.20 -150.45 39.08
C LEU KB 269 -5.18 -149.78 38.18
N SER KB 270 -4.54 -148.71 38.67
CA SER KB 270 -3.43 -148.10 37.97
C SER KB 270 -2.60 -147.34 38.98
N SER KB 271 -1.29 -147.26 38.73
CA SER KB 271 -0.40 -146.54 39.61
C SER KB 271 0.88 -146.22 38.86
N TYR KB 272 1.40 -145.03 39.09
CA TYR KB 272 2.62 -144.56 38.44
C TYR KB 272 3.55 -143.98 39.49
N ALA KB 273 4.82 -144.33 39.40
CA ALA KB 273 5.80 -143.85 40.34
C ALA KB 273 7.16 -143.83 39.66
N PRO KB 274 8.02 -142.86 39.95
CA PRO KB 274 7.83 -141.74 40.85
C PRO KB 274 7.10 -140.58 40.22
N ILE KB 275 6.42 -139.80 41.04
CA ILE KB 275 5.83 -138.53 40.62
C ILE KB 275 6.42 -137.48 41.56
N ILE KB 276 7.51 -136.87 41.13
CA ILE KB 276 8.29 -135.98 41.99
C ILE KB 276 8.56 -134.69 41.23
N SER KB 277 8.34 -133.57 41.89
CA SER KB 277 8.65 -132.27 41.31
C SER KB 277 10.12 -131.95 41.55
N ALA KB 278 10.53 -130.74 41.15
CA ALA KB 278 11.91 -130.33 41.36
C ALA KB 278 12.22 -130.04 42.82
N GLU KB 279 11.18 -129.95 43.67
CA GLU KB 279 11.38 -129.81 45.11
C GLU KB 279 12.14 -131.01 45.66
N LYS KB 280 11.53 -132.18 45.59
CA LYS KB 280 12.03 -133.35 46.26
C LYS KB 280 13.04 -134.14 45.44
N ALA KB 281 13.12 -133.89 44.14
CA ALA KB 281 13.97 -134.70 43.27
C ALA KB 281 15.45 -134.52 43.55
N TYR KB 282 15.82 -133.53 44.34
CA TYR KB 282 17.21 -133.35 44.70
C TYR KB 282 17.69 -134.43 45.66
N HIS KB 283 16.78 -134.99 46.45
CA HIS KB 283 17.14 -135.56 47.75
C HIS KB 283 16.86 -137.05 47.92
N GLU KB 284 16.73 -137.84 46.85
CA GLU KB 284 16.64 -139.28 47.09
C GLU KB 284 17.34 -140.04 45.97
N GLN KB 285 17.81 -141.24 46.31
CA GLN KB 285 17.96 -142.24 45.27
C GLN KB 285 16.59 -142.46 44.66
N LEU KB 286 16.52 -142.47 43.35
CA LEU KB 286 15.33 -143.02 42.73
C LEU KB 286 15.54 -144.49 42.44
N SER KB 287 15.94 -145.23 43.48
CA SER KB 287 16.35 -146.61 43.35
C SER KB 287 15.15 -147.47 42.97
N VAL KB 288 15.46 -148.59 42.32
CA VAL KB 288 14.41 -149.46 41.80
C VAL KB 288 13.58 -150.03 42.93
N ALA KB 289 14.21 -150.28 44.08
CA ALA KB 289 13.47 -150.74 45.25
C ALA KB 289 12.55 -149.65 45.78
N GLU KB 290 13.00 -148.39 45.74
CA GLU KB 290 12.22 -147.32 46.34
C GLU KB 290 11.04 -146.93 45.46
N ILE KB 291 11.21 -146.97 44.14
CA ILE KB 291 10.10 -146.59 43.27
C ILE KB 291 9.06 -147.70 43.19
N THR KB 292 9.47 -148.96 43.37
CA THR KB 292 8.46 -150.01 43.38
C THR KB 292 7.79 -150.13 44.75
N ASN KB 293 8.40 -149.56 45.79
CA ASN KB 293 7.74 -149.50 47.08
C ASN KB 293 6.64 -148.45 47.06
N SER KB 294 6.92 -147.31 46.44
CA SER KB 294 5.91 -146.27 46.34
C SER KB 294 4.80 -146.65 45.37
N ALA KB 295 5.10 -147.53 44.41
CA ALA KB 295 4.06 -147.95 43.46
C ALA KB 295 2.98 -148.77 44.15
N PHE KB 296 3.37 -149.64 45.07
CA PHE KB 296 2.41 -150.47 45.78
C PHE KB 296 1.81 -149.77 46.98
N GLU KB 297 2.22 -148.54 47.26
CA GLU KB 297 1.69 -147.80 48.38
C GLU KB 297 0.21 -147.50 48.16
N PRO KB 298 -0.65 -147.72 49.16
CA PRO KB 298 -2.08 -147.46 48.96
C PRO KB 298 -2.43 -146.02 48.71
N ALA KB 299 -1.57 -145.09 49.10
CA ALA KB 299 -1.82 -143.68 48.79
C ALA KB 299 -1.52 -143.34 47.35
N SER KB 300 -0.83 -144.23 46.62
CA SER KB 300 -0.46 -143.96 45.23
C SER KB 300 -1.39 -144.64 44.25
N MET KB 301 -2.48 -145.23 44.71
CA MET KB 301 -3.48 -145.74 43.79
C MET KB 301 -4.10 -144.59 43.01
N MET KB 302 -4.51 -144.88 41.78
CA MET KB 302 -5.05 -143.87 40.90
C MET KB 302 -6.50 -144.19 40.55
N ALA KB 303 -7.21 -144.80 41.50
CA ALA KB 303 -8.62 -145.07 41.31
C ALA KB 303 -9.47 -144.83 42.55
N LYS KB 304 -8.86 -144.40 43.66
CA LYS KB 304 -9.54 -144.13 44.93
C LYS KB 304 -10.27 -145.37 45.44
N CYS KB 305 -9.44 -146.36 45.78
CA CYS KB 305 -9.91 -147.54 46.51
C CYS KB 305 -8.70 -148.09 47.26
N ASP KB 306 -8.80 -148.14 48.58
CA ASP KB 306 -7.70 -148.57 49.42
C ASP KB 306 -7.51 -150.06 49.23
N PRO KB 307 -6.47 -150.50 48.52
CA PRO KB 307 -6.44 -151.85 47.99
C PRO KB 307 -6.18 -152.94 49.02
N ARG KB 308 -5.99 -152.59 50.29
CA ARG KB 308 -5.68 -153.59 51.30
C ARG KB 308 -6.88 -154.43 51.70
N HIS KB 309 -8.11 -154.03 51.34
CA HIS KB 309 -9.26 -154.85 51.66
C HIS KB 309 -9.63 -155.80 50.53
N GLY KB 310 -8.65 -156.22 49.74
CA GLY KB 310 -8.86 -157.19 48.69
C GLY KB 310 -7.58 -157.97 48.44
N LYS KB 311 -7.63 -158.82 47.43
CA LYS KB 311 -6.50 -159.65 47.04
C LYS KB 311 -6.05 -159.25 45.65
N TYR KB 312 -4.75 -159.12 45.45
CA TYR KB 312 -4.22 -158.80 44.13
C TYR KB 312 -4.33 -160.01 43.23
N MET KB 313 -5.33 -159.99 42.34
CA MET KB 313 -5.59 -161.13 41.46
C MET KB 313 -4.45 -161.34 40.47
N ALA KB 314 -3.94 -160.26 39.89
CA ALA KB 314 -2.82 -160.30 38.98
C ALA KB 314 -2.18 -158.92 38.97
N CYS KB 315 -0.93 -158.86 38.51
CA CYS KB 315 -0.19 -157.60 38.57
C CYS KB 315 0.75 -157.52 37.39
N CYS KB 316 0.91 -156.31 36.85
CA CYS KB 316 1.84 -156.03 35.78
C CYS KB 316 2.67 -154.81 36.13
N LEU KB 317 3.97 -154.87 35.85
CA LEU KB 317 4.87 -153.77 36.13
C LEU KB 317 5.62 -153.37 34.86
N MET KB 318 5.55 -152.11 34.52
CA MET KB 318 6.32 -151.51 33.43
C MET KB 318 7.47 -150.72 34.03
N TYR KB 319 8.63 -150.81 33.39
CA TYR KB 319 9.81 -150.08 33.83
C TYR KB 319 10.39 -149.30 32.67
N ARG KB 320 10.87 -148.09 32.95
CA ARG KB 320 11.50 -147.24 31.95
C ARG KB 320 12.88 -146.86 32.46
N GLY KB 321 13.79 -146.60 31.54
CA GLY KB 321 15.09 -146.05 31.90
C GLY KB 321 16.08 -147.10 32.35
N ASP KB 322 17.07 -146.63 33.09
CA ASP KB 322 18.20 -147.47 33.51
C ASP KB 322 17.84 -148.48 34.59
N VAL KB 323 17.00 -149.45 34.25
CA VAL KB 323 16.58 -150.49 35.17
C VAL KB 323 17.23 -151.80 34.74
N VAL KB 324 17.99 -152.40 35.64
CA VAL KB 324 18.65 -153.68 35.35
C VAL KB 324 17.74 -154.80 35.82
N PRO KB 325 17.78 -155.98 35.17
CA PRO KB 325 16.84 -157.05 35.52
C PRO KB 325 16.98 -157.59 36.93
N LYS KB 326 18.19 -157.66 37.48
CA LYS KB 326 18.34 -158.23 38.81
C LYS KB 326 17.90 -157.26 39.89
N ASP KB 327 17.79 -155.97 39.59
CA ASP KB 327 17.18 -155.07 40.55
C ASP KB 327 15.67 -155.22 40.59
N VAL KB 328 15.08 -155.65 39.47
CA VAL KB 328 13.65 -155.94 39.45
C VAL KB 328 13.35 -157.16 40.32
N ASN KB 329 14.16 -158.21 40.16
CA ASN KB 329 13.93 -159.44 40.91
C ASN KB 329 14.15 -159.24 42.40
N ALA KB 330 15.13 -158.41 42.77
CA ALA KB 330 15.29 -158.06 44.16
C ALA KB 330 14.12 -157.21 44.65
N ALA KB 331 13.55 -156.40 43.77
CA ALA KB 331 12.43 -155.56 44.14
C ALA KB 331 11.16 -156.38 44.32
N VAL KB 332 10.90 -157.31 43.41
CA VAL KB 332 9.64 -158.03 43.46
C VAL KB 332 9.67 -159.10 44.53
N ALA KB 333 10.86 -159.56 44.92
CA ALA KB 333 10.96 -160.51 46.03
C ALA KB 333 10.64 -159.84 47.35
N THR KB 334 11.02 -158.58 47.51
CA THR KB 334 10.70 -157.85 48.73
C THR KB 334 9.20 -157.60 48.85
N ILE KB 335 8.55 -157.33 47.73
CA ILE KB 335 7.10 -157.10 47.74
C ILE KB 335 6.37 -158.38 48.13
N LYS KB 336 6.80 -159.52 47.59
CA LYS KB 336 6.19 -160.79 47.96
C LYS KB 336 6.44 -161.11 49.43
N THR KB 337 7.61 -160.77 49.95
CA THR KB 337 7.92 -161.01 51.35
C THR KB 337 7.03 -160.16 52.26
N LYS KB 338 6.77 -158.92 51.87
CA LYS KB 338 5.93 -158.03 52.66
C LYS KB 338 4.50 -158.56 52.70
N ARG KB 339 3.94 -158.63 53.91
CA ARG KB 339 2.65 -159.26 54.12
C ARG KB 339 1.50 -158.28 54.22
N THR KB 340 1.76 -156.98 54.08
CA THR KB 340 0.66 -156.04 53.94
C THR KB 340 -0.08 -156.27 52.64
N ILE KB 341 0.66 -156.56 51.56
CA ILE KB 341 0.07 -156.89 50.27
C ILE KB 341 -0.19 -158.39 50.22
N GLN KB 342 -1.46 -158.77 50.14
CA GLN KB 342 -1.83 -160.17 50.06
C GLN KB 342 -2.20 -160.55 48.64
N PHE KB 343 -2.19 -161.85 48.37
CA PHE KB 343 -2.47 -162.37 47.04
C PHE KB 343 -3.49 -163.49 47.13
N VAL KB 344 -4.16 -163.72 46.01
CA VAL KB 344 -5.15 -164.78 45.93
C VAL KB 344 -4.44 -166.12 45.80
N ASP KB 345 -5.09 -167.18 46.30
CA ASP KB 345 -4.44 -168.48 46.43
C ASP KB 345 -4.19 -169.17 45.09
N TRP KB 346 -5.07 -168.99 44.13
CA TRP KB 346 -4.99 -169.73 42.87
C TRP KB 346 -4.01 -169.13 41.88
N CYS KB 347 -3.34 -168.04 42.22
CA CYS KB 347 -2.38 -167.37 41.34
C CYS KB 347 -1.05 -167.33 42.08
N PRO KB 348 -0.32 -168.45 42.11
CA PRO KB 348 0.91 -168.49 42.92
C PRO KB 348 2.00 -167.59 42.39
N THR KB 349 2.10 -167.46 41.06
CA THR KB 349 2.97 -166.46 40.45
C THR KB 349 2.11 -165.40 39.78
N GLY KB 350 2.35 -164.14 40.14
CA GLY KB 350 1.40 -163.12 39.75
C GLY KB 350 2.02 -161.80 39.33
N PHE KB 351 3.24 -161.85 38.80
CA PHE KB 351 3.94 -160.66 38.38
C PHE KB 351 4.45 -160.87 36.96
N LYS KB 352 4.16 -159.92 36.08
CA LYS KB 352 4.71 -159.94 34.73
C LYS KB 352 5.44 -158.62 34.51
N CYS KB 353 6.75 -158.68 34.37
CA CYS KB 353 7.60 -157.52 34.35
C CYS KB 353 7.84 -157.07 32.91
N GLY KB 354 8.09 -155.77 32.75
CA GLY KB 354 8.43 -155.21 31.46
C GLY KB 354 9.46 -154.11 31.62
N ILE KB 355 10.58 -154.24 30.91
CA ILE KB 355 11.69 -153.31 31.05
C ILE KB 355 11.95 -152.64 29.71
N ASN KB 356 11.95 -151.32 29.70
CA ASN KB 356 12.28 -150.54 28.51
C ASN KB 356 13.43 -149.60 28.86
N TYR KB 357 14.37 -149.47 27.93
CA TYR KB 357 15.56 -148.68 28.18
C TYR KB 357 15.32 -147.19 28.17
N GLN KB 358 14.26 -146.73 27.53
CA GLN KB 358 14.10 -145.32 27.26
C GLN KB 358 13.48 -144.61 28.46
N PRO KB 359 14.16 -143.62 29.04
CA PRO KB 359 13.61 -142.91 30.19
C PRO KB 359 12.48 -142.00 29.77
N PRO KB 360 11.56 -141.66 30.67
CA PRO KB 360 10.45 -140.78 30.30
C PRO KB 360 10.93 -139.38 30.00
N THR KB 361 10.23 -138.71 29.09
CA THR KB 361 10.58 -137.36 28.67
C THR KB 361 9.63 -136.36 29.30
N VAL KB 362 10.19 -135.39 30.00
CA VAL KB 362 9.39 -134.41 30.73
C VAL KB 362 8.97 -133.30 29.78
N VAL KB 363 7.71 -132.91 29.87
CA VAL KB 363 7.24 -131.78 29.06
C VAL KB 363 7.80 -130.49 29.65
N PRO KB 364 8.22 -129.53 28.83
CA PRO KB 364 8.69 -128.25 29.38
C PRO KB 364 7.54 -127.47 29.98
N GLY KB 365 7.81 -126.81 31.11
CA GLY KB 365 6.79 -126.04 31.76
C GLY KB 365 5.74 -126.85 32.49
N GLY KB 366 5.96 -128.15 32.66
CA GLY KB 366 5.02 -128.97 33.40
C GLY KB 366 5.28 -128.91 34.89
N ASP KB 367 5.12 -130.04 35.57
CA ASP KB 367 5.35 -130.09 37.01
C ASP KB 367 6.14 -131.31 37.48
N LEU KB 368 6.24 -132.38 36.71
CA LEU KB 368 7.16 -133.45 37.06
C LEU KB 368 8.60 -133.02 36.78
N ALA KB 369 9.52 -133.64 37.50
CA ALA KB 369 10.94 -133.42 37.29
C ALA KB 369 11.52 -134.52 36.42
N LYS KB 370 12.67 -134.24 35.83
CA LYS KB 370 13.32 -135.22 34.98
C LYS KB 370 13.89 -136.34 35.83
N VAL KB 371 13.55 -137.58 35.50
CA VAL KB 371 13.96 -138.74 36.27
C VAL KB 371 14.63 -139.73 35.35
N MET KB 372 15.50 -140.56 35.94
CA MET KB 372 16.20 -141.56 35.16
C MET KB 372 15.40 -142.84 34.97
N ARG KB 373 14.42 -143.10 35.84
CA ARG KB 373 13.65 -144.34 35.72
C ARG KB 373 12.27 -144.14 36.32
N ALA KB 374 11.33 -144.96 35.88
CA ALA KB 374 9.94 -144.84 36.31
C ALA KB 374 9.25 -146.19 36.23
N VAL KB 375 8.17 -146.34 36.99
CA VAL KB 375 7.41 -147.57 37.07
C VAL KB 375 5.94 -147.24 36.81
N CYS KB 376 5.29 -148.06 35.99
CA CYS KB 376 3.84 -147.97 35.79
C CYS KB 376 3.25 -149.32 36.11
N MET KB 377 2.61 -149.43 37.27
CA MET KB 377 2.08 -150.69 37.77
C MET KB 377 0.58 -150.68 37.63
N ILE KB 378 0.06 -151.57 36.80
CA ILE KB 378 -1.37 -151.72 36.56
C ILE KB 378 -1.76 -153.14 36.98
N SER KB 379 -2.71 -153.24 37.91
CA SER KB 379 -2.96 -154.51 38.56
C SER KB 379 -4.44 -154.77 38.71
N ASN KB 380 -4.82 -156.04 38.51
CA ASN KB 380 -6.16 -156.50 38.76
C ASN KB 380 -6.27 -156.95 40.21
N SER KB 381 -7.30 -156.50 40.90
CA SER KB 381 -7.49 -156.85 42.29
C SER KB 381 -8.95 -157.25 42.51
N THR KB 382 -9.26 -157.58 43.76
CA THR KB 382 -10.63 -157.88 44.16
C THR KB 382 -11.25 -156.72 44.92
N ALA KB 383 -10.47 -155.69 45.25
CA ALA KB 383 -10.99 -154.51 45.91
C ALA KB 383 -11.85 -153.64 45.00
N ILE KB 384 -11.86 -153.90 43.68
CA ILE KB 384 -12.75 -153.21 42.76
C ILE KB 384 -14.21 -153.47 43.08
N ALA KB 385 -14.52 -154.60 43.74
CA ALA KB 385 -15.89 -154.88 44.12
C ALA KB 385 -16.43 -153.85 45.11
N GLU KB 386 -15.55 -153.13 45.81
CA GLU KB 386 -16.00 -152.06 46.70
C GLU KB 386 -16.53 -150.87 45.90
N VAL KB 387 -15.77 -150.41 44.90
CA VAL KB 387 -16.15 -149.18 44.21
C VAL KB 387 -17.35 -149.44 43.30
N PHE KB 388 -17.53 -150.67 42.86
CA PHE KB 388 -18.76 -151.02 42.15
C PHE KB 388 -19.94 -151.05 43.09
N SER KB 389 -19.72 -151.47 44.35
CA SER KB 389 -20.82 -151.58 45.30
C SER KB 389 -21.27 -150.21 45.78
N ARG KB 390 -20.33 -149.30 46.02
CA ARG KB 390 -20.72 -147.99 46.53
C ARG KB 390 -21.43 -147.18 45.46
N MET KB 391 -21.01 -147.32 44.20
CA MET KB 391 -21.74 -146.68 43.13
C MET KB 391 -23.11 -147.30 42.98
N ASP KB 392 -23.23 -148.59 43.27
CA ASP KB 392 -24.52 -149.26 43.20
C ASP KB 392 -25.47 -148.75 44.28
N HIS KB 393 -24.95 -148.46 45.46
CA HIS KB 393 -25.78 -147.95 46.54
C HIS KB 393 -26.36 -146.59 46.20
N LYS KB 394 -25.59 -145.77 45.49
CA LYS KB 394 -26.10 -144.46 45.07
C LYS KB 394 -27.20 -144.60 44.04
N PHE KB 395 -27.07 -145.57 43.14
CA PHE KB 395 -28.08 -145.76 42.10
C PHE KB 395 -29.38 -146.28 42.67
N ASP KB 396 -29.30 -147.08 43.73
CA ASP KB 396 -30.51 -147.68 44.27
C ASP KB 396 -31.39 -146.67 45.00
N LEU KB 397 -30.78 -145.69 45.66
CA LEU KB 397 -31.55 -144.66 46.36
C LEU KB 397 -32.35 -143.82 45.38
N MET KB 398 -31.70 -143.38 44.30
CA MET KB 398 -32.31 -142.39 43.43
C MET KB 398 -33.30 -143.04 42.46
N TYR KB 399 -33.07 -144.29 42.07
CA TYR KB 399 -33.97 -144.95 41.15
C TYR KB 399 -35.26 -145.42 41.81
N ALA KB 400 -35.24 -145.64 43.12
CA ALA KB 400 -36.34 -146.32 43.81
C ALA KB 400 -37.67 -145.58 43.71
N LYS KB 401 -37.64 -144.28 43.49
CA LYS KB 401 -38.86 -143.51 43.27
C LYS KB 401 -38.79 -142.69 42.01
N ARG KB 402 -38.05 -143.17 41.01
CA ARG KB 402 -38.09 -142.67 39.64
C ARG KB 402 -37.68 -141.20 39.57
N ALA KB 403 -36.45 -140.93 39.99
CA ALA KB 403 -35.89 -139.60 39.86
C ALA KB 403 -35.09 -139.52 38.56
N PHE KB 404 -35.31 -138.45 37.81
CA PHE KB 404 -34.65 -138.17 36.54
C PHE KB 404 -34.90 -139.24 35.49
N VAL KB 405 -35.88 -140.12 35.70
CA VAL KB 405 -36.12 -141.18 34.73
C VAL KB 405 -36.78 -140.63 33.47
N HIS KB 406 -37.66 -139.63 33.62
CA HIS KB 406 -38.46 -139.16 32.50
C HIS KB 406 -37.62 -138.48 31.43
N TRP KB 407 -36.42 -138.01 31.78
CA TRP KB 407 -35.49 -137.57 30.74
C TRP KB 407 -35.02 -138.75 29.91
N TYR KB 408 -34.75 -139.88 30.56
CA TYR KB 408 -34.23 -141.04 29.86
C TYR KB 408 -35.31 -141.73 29.03
N VAL KB 409 -36.49 -141.93 29.62
CA VAL KB 409 -37.53 -142.69 28.94
C VAL KB 409 -38.21 -141.87 27.85
N GLY KB 410 -38.13 -140.55 27.92
CA GLY KB 410 -38.63 -139.74 26.82
C GLY KB 410 -37.71 -139.70 25.62
N GLU KB 411 -36.44 -140.03 25.80
CA GLU KB 411 -35.46 -139.96 24.73
C GLU KB 411 -35.28 -141.28 24.00
N GLY KB 412 -36.07 -142.30 24.33
CA GLY KB 412 -36.04 -143.51 23.54
C GLY KB 412 -35.88 -144.81 24.31
N MET KB 413 -35.07 -144.79 25.37
CA MET KB 413 -34.83 -146.03 26.10
C MET KB 413 -36.05 -146.40 26.93
N GLU KB 414 -36.19 -147.69 27.19
CA GLU KB 414 -37.40 -148.22 27.79
C GLU KB 414 -37.13 -148.55 29.26
N GLU KB 415 -38.07 -148.20 30.12
CA GLU KB 415 -37.96 -148.45 31.55
C GLU KB 415 -37.94 -149.95 31.77
N GLY KB 416 -36.78 -150.49 32.11
CA GLY KB 416 -36.57 -151.91 32.07
C GLY KB 416 -35.16 -152.20 31.61
N GLU KB 417 -34.57 -151.24 30.90
CA GLU KB 417 -33.13 -151.25 30.73
C GLU KB 417 -32.42 -150.79 32.00
N PHE KB 418 -33.09 -149.99 32.82
CA PHE KB 418 -32.54 -149.65 34.13
C PHE KB 418 -32.51 -150.87 35.04
N SER KB 419 -33.58 -151.65 35.03
CA SER KB 419 -33.64 -152.82 35.90
C SER KB 419 -32.68 -153.91 35.42
N GLU KB 420 -32.57 -154.09 34.11
CA GLU KB 420 -31.71 -155.15 33.59
C GLU KB 420 -30.25 -154.78 33.76
N ALA KB 421 -29.91 -153.48 33.67
CA ALA KB 421 -28.53 -153.08 33.89
C ALA KB 421 -28.14 -153.20 35.36
N ARG KB 422 -29.10 -152.94 36.26
CA ARG KB 422 -28.81 -153.05 37.69
C ARG KB 422 -28.57 -154.49 38.11
N GLU KB 423 -29.42 -155.41 37.65
CA GLU KB 423 -29.23 -156.81 38.02
C GLU KB 423 -27.98 -157.39 37.37
N ASP KB 424 -27.59 -156.87 36.21
CA ASP KB 424 -26.34 -157.29 35.60
C ASP KB 424 -25.14 -156.80 36.40
N LEU KB 425 -25.26 -155.60 36.98
CA LEU KB 425 -24.21 -155.14 37.89
C LEU KB 425 -24.20 -155.97 39.16
N ALA KB 426 -25.37 -156.47 39.57
CA ALA KB 426 -25.42 -157.36 40.73
C ALA KB 426 -24.71 -158.67 40.45
N ALA KB 427 -24.75 -159.12 39.20
CA ALA KB 427 -23.99 -160.31 38.83
C ALA KB 427 -22.50 -160.02 38.88
N LEU KB 428 -22.09 -158.79 38.56
CA LEU KB 428 -20.69 -158.42 38.69
C LEU KB 428 -20.28 -158.33 40.16
N GLU KB 429 -21.21 -157.93 41.03
CA GLU KB 429 -20.94 -157.97 42.47
C GLU KB 429 -20.70 -159.38 42.94
N LYS KB 430 -21.54 -160.32 42.50
CA LYS KB 430 -21.41 -161.70 42.95
C LYS KB 430 -20.19 -162.37 42.34
N ASP KB 431 -19.83 -161.99 41.12
CA ASP KB 431 -18.71 -162.64 40.44
C ASP KB 431 -17.39 -162.29 41.11
N TYR KB 432 -17.23 -161.03 41.52
CA TYR KB 432 -16.02 -160.66 42.25
C TYR KB 432 -16.01 -161.28 43.63
N GLU KB 433 -17.19 -161.53 44.20
CA GLU KB 433 -17.25 -162.11 45.53
C GLU KB 433 -16.85 -163.58 45.52
N GLU KB 434 -17.32 -164.35 44.55
CA GLU KB 434 -17.07 -165.78 44.56
C GLU KB 434 -15.65 -166.12 44.12
N VAL KB 435 -15.02 -165.25 43.33
CA VAL KB 435 -13.62 -165.48 42.95
C VAL KB 435 -12.70 -165.27 44.13
N GLY KB 436 -12.93 -164.22 44.92
CA GLY KB 436 -11.96 -163.77 45.90
C GLY KB 436 -11.85 -164.64 47.15
N ILE KB 437 -12.72 -165.62 47.32
CA ILE KB 437 -12.69 -166.44 48.54
C ILE KB 437 -11.49 -167.36 48.59
N MET LB 1 -24.71 -123.50 13.49
CA MET LB 1 -24.59 -124.02 14.85
C MET LB 1 -25.81 -123.66 15.68
N ARG LB 2 -25.65 -123.68 17.00
CA ARG LB 2 -26.76 -123.39 17.90
C ARG LB 2 -27.04 -121.88 17.97
N GLU LB 3 -28.31 -121.54 18.19
CA GLU LB 3 -28.71 -120.15 18.33
C GLU LB 3 -29.87 -120.06 19.30
N ILE LB 4 -29.80 -119.07 20.20
CA ILE LB 4 -30.86 -118.77 21.15
C ILE LB 4 -31.70 -117.65 20.60
N VAL LB 5 -32.98 -117.91 20.41
CA VAL LB 5 -33.92 -116.88 19.98
C VAL LB 5 -34.48 -116.20 21.21
N HIS LB 6 -34.42 -114.87 21.23
CA HIS LB 6 -34.82 -114.09 22.39
C HIS LB 6 -36.17 -113.45 22.14
N VAL LB 7 -37.07 -113.58 23.11
CA VAL LB 7 -38.40 -112.99 23.05
C VAL LB 7 -38.58 -112.14 24.30
N GLN LB 8 -38.86 -110.86 24.10
CA GLN LB 8 -39.10 -109.93 25.20
C GLN LB 8 -40.51 -109.39 25.11
N GLY LB 9 -41.29 -109.57 26.15
CA GLY LB 9 -42.68 -109.16 26.13
C GLY LB 9 -43.04 -108.29 27.32
N GLY LB 10 -43.80 -107.25 27.05
CA GLY LB 10 -44.29 -106.37 28.10
C GLY LB 10 -43.27 -105.33 28.48
N GLN LB 11 -43.71 -104.40 29.34
CA GLN LB 11 -42.84 -103.30 29.74
C GLN LB 11 -41.64 -103.79 30.54
N CYS LB 12 -41.87 -104.70 31.49
CA CYS LB 12 -40.77 -105.17 32.32
C CYS LB 12 -39.84 -106.08 31.53
N GLY LB 13 -40.39 -106.89 30.64
CA GLY LB 13 -39.55 -107.75 29.82
C GLY LB 13 -38.68 -106.97 28.86
N ASN LB 14 -39.20 -105.86 28.34
CA ASN LB 14 -38.46 -105.11 27.35
C ASN LB 14 -37.35 -104.28 27.99
N GLN LB 15 -37.59 -103.74 29.18
CA GLN LB 15 -36.53 -102.97 29.83
C GLN LB 15 -35.45 -103.88 30.38
N ILE LB 16 -35.82 -105.07 30.85
CA ILE LB 16 -34.80 -106.04 31.24
C ILE LB 16 -34.03 -106.51 30.02
N GLY LB 17 -34.74 -106.78 28.92
CA GLY LB 17 -34.09 -107.25 27.72
C GLY LB 17 -33.19 -106.20 27.08
N ALA LB 18 -33.58 -104.93 27.16
CA ALA LB 18 -32.73 -103.86 26.65
C ALA LB 18 -31.43 -103.79 27.42
N LYS LB 19 -31.51 -103.94 28.74
CA LYS LB 19 -30.30 -104.00 29.54
C LYS LB 19 -29.53 -105.29 29.32
N PHE LB 20 -30.23 -106.37 28.95
CA PHE LB 20 -29.56 -107.64 28.72
C PHE LB 20 -28.65 -107.58 27.51
N TRP LB 21 -29.12 -106.94 26.44
CA TRP LB 21 -28.28 -106.86 25.25
C TRP LB 21 -27.12 -105.91 25.44
N GLU LB 22 -27.18 -105.06 26.47
CA GLU LB 22 -26.08 -104.15 26.72
C GLU LB 22 -24.87 -104.87 27.29
N VAL LB 23 -25.10 -105.87 28.14
CA VAL LB 23 -23.94 -106.57 28.71
C VAL LB 23 -23.44 -107.66 27.76
N ILE LB 24 -24.31 -108.22 26.92
CA ILE LB 24 -23.86 -109.20 25.93
C ILE LB 24 -23.04 -108.50 24.85
N SER LB 25 -23.47 -107.33 24.42
CA SER LB 25 -22.68 -106.55 23.49
C SER LB 25 -21.37 -106.10 24.11
N ASP LB 26 -21.40 -105.76 25.40
CA ASP LB 26 -20.17 -105.38 26.08
C ASP LB 26 -19.24 -106.57 26.25
N GLU LB 27 -19.80 -107.76 26.50
CA GLU LB 27 -18.96 -108.93 26.67
C GLU LB 27 -18.38 -109.39 25.35
N HIS LB 28 -19.12 -109.23 24.26
CA HIS LB 28 -18.63 -109.58 22.94
C HIS LB 28 -17.98 -108.42 22.21
N GLY LB 29 -17.90 -107.25 22.85
CA GLY LB 29 -17.24 -106.11 22.25
C GLY LB 29 -17.91 -105.55 21.03
N ILE LB 30 -19.23 -105.39 21.06
CA ILE LB 30 -19.97 -104.85 19.93
C ILE LB 30 -20.29 -103.39 20.21
N ASP LB 31 -19.77 -102.53 19.34
CA ASP LB 31 -20.05 -101.10 19.42
C ASP LB 31 -21.54 -100.89 19.18
N PRO LB 32 -22.17 -99.91 19.86
CA PRO LB 32 -23.61 -99.69 19.67
C PRO LB 32 -24.05 -99.41 18.25
N THR LB 33 -23.17 -98.95 17.38
CA THR LB 33 -23.56 -98.76 15.99
C THR LB 33 -23.61 -100.07 15.23
N GLY LB 34 -23.16 -101.17 15.82
CA GLY LB 34 -23.27 -102.48 15.20
C GLY LB 34 -21.94 -103.10 14.82
N THR LB 35 -20.86 -102.34 14.81
CA THR LB 35 -19.58 -102.88 14.37
C THR LB 35 -18.92 -103.65 15.51
N TYR LB 36 -17.66 -103.99 15.32
CA TYR LB 36 -16.88 -104.77 16.27
C TYR LB 36 -15.67 -104.00 16.74
N CYS LB 37 -15.37 -104.10 18.02
CA CYS LB 37 -14.16 -103.54 18.59
C CYS LB 37 -13.53 -104.58 19.50
N GLY LB 38 -12.21 -104.47 19.70
CA GLY LB 38 -11.55 -105.32 20.66
C GLY LB 38 -10.38 -106.12 20.14
N ASP LB 39 -10.50 -106.66 18.92
CA ASP LB 39 -9.45 -107.39 18.22
C ASP LB 39 -8.96 -108.61 19.03
N SER LB 40 -9.89 -109.54 19.26
CA SER LB 40 -9.57 -110.79 19.91
C SER LB 40 -10.47 -111.88 19.36
N ASP LB 41 -9.94 -113.09 19.25
CA ASP LB 41 -10.67 -114.16 18.61
C ASP LB 41 -11.76 -114.70 19.52
N LEU LB 42 -11.50 -114.77 20.82
CA LEU LB 42 -12.43 -115.42 21.75
C LEU LB 42 -13.74 -114.67 21.89
N GLN LB 43 -13.80 -113.42 21.45
CA GLN LB 43 -15.04 -112.66 21.53
C GLN LB 43 -16.03 -113.06 20.45
N LEU LB 44 -15.59 -113.79 19.43
CA LEU LB 44 -16.34 -113.80 18.19
C LEU LB 44 -16.55 -115.17 17.57
N GLU LB 45 -15.90 -116.23 18.06
CA GLU LB 45 -16.05 -117.52 17.40
C GLU LB 45 -17.43 -118.12 17.63
N ARG LB 46 -18.14 -117.68 18.67
CA ARG LB 46 -19.51 -118.11 18.91
C ARG LB 46 -20.32 -116.83 19.10
N ILE LB 47 -20.68 -116.21 17.99
CA ILE LB 47 -21.50 -115.02 18.01
C ILE LB 47 -22.88 -115.29 17.44
N ASN LB 48 -23.06 -116.39 16.72
CA ASN LB 48 -24.35 -116.71 16.13
C ASN LB 48 -25.38 -117.16 17.15
N VAL LB 49 -24.99 -117.40 18.40
CA VAL LB 49 -25.96 -117.74 19.43
C VAL LB 49 -26.85 -116.58 19.78
N PHE LB 50 -26.41 -115.35 19.54
CA PHE LB 50 -27.20 -114.17 19.88
C PHE LB 50 -27.23 -113.11 18.80
N TYR LB 51 -26.42 -113.20 17.75
CA TYR LB 51 -26.34 -112.15 16.73
C TYR LB 51 -26.44 -112.77 15.36
N ASN LB 52 -26.72 -111.92 14.38
CA ASN LB 52 -26.81 -112.33 12.99
C ASN LB 52 -25.98 -111.39 12.12
N GLU LB 53 -25.24 -111.96 11.20
CA GLU LB 53 -24.51 -111.17 10.22
C GLU LB 53 -25.51 -110.46 9.31
N ALA LB 54 -25.16 -109.25 8.88
CA ALA LB 54 -26.09 -108.42 8.14
C ALA LB 54 -25.50 -107.91 6.82
N THR LB 55 -24.65 -108.72 6.20
CA THR LB 55 -24.04 -108.53 4.86
C THR LB 55 -23.39 -107.16 4.66
N GLY LB 56 -23.19 -106.41 5.74
CA GLY LB 56 -22.54 -105.14 5.68
C GLY LB 56 -21.56 -105.11 6.81
N GLY LB 57 -21.52 -106.20 7.55
CA GLY LB 57 -20.58 -106.38 8.63
C GLY LB 57 -21.13 -106.15 10.02
N ARG LB 58 -22.33 -105.63 10.16
CA ARG LB 58 -22.85 -105.38 11.49
C ARG LB 58 -23.59 -106.60 12.00
N PHE LB 59 -23.71 -106.70 13.32
CA PHE LB 59 -24.38 -107.80 13.98
C PHE LB 59 -25.69 -107.29 14.56
N VAL LB 60 -26.79 -107.86 14.11
CA VAL LB 60 -28.10 -107.48 14.62
C VAL LB 60 -28.50 -108.50 15.68
N PRO LB 61 -29.11 -108.08 16.77
CA PRO LB 61 -29.48 -109.03 17.82
C PRO LB 61 -30.55 -109.99 17.37
N ARG LB 62 -30.50 -111.18 17.94
CA ARG LB 62 -31.43 -112.25 17.64
C ARG LB 62 -32.70 -112.15 18.47
N ALA LB 63 -33.33 -110.97 18.48
CA ALA LB 63 -34.31 -110.63 19.50
C ALA LB 63 -35.63 -110.22 18.87
N ILE LB 64 -36.72 -110.51 19.57
CA ILE LB 64 -38.06 -110.07 19.20
C ILE LB 64 -38.60 -109.16 20.30
N LEU LB 65 -39.04 -107.98 19.92
CA LEU LB 65 -39.56 -107.00 20.85
C LEU LB 65 -41.07 -106.99 20.75
N MET LB 66 -41.75 -107.03 21.88
CA MET LB 66 -43.17 -107.35 21.92
C MET LB 66 -43.84 -106.50 22.97
N ASP LB 67 -44.82 -105.70 22.56
CA ASP LB 67 -45.65 -105.01 23.55
C ASP LB 67 -46.99 -104.70 22.90
N LEU LB 68 -47.98 -104.42 23.74
CA LEU LB 68 -49.30 -104.04 23.28
C LEU LB 68 -49.50 -102.53 23.23
N GLU LB 69 -48.45 -101.76 23.49
CA GLU LB 69 -48.53 -100.30 23.39
C GLU LB 69 -47.13 -99.76 23.12
N PRO LB 70 -46.99 -98.74 22.29
CA PRO LB 70 -45.66 -98.39 21.79
C PRO LB 70 -44.88 -97.44 22.70
N GLY LB 71 -45.34 -97.25 23.92
CA GLY LB 71 -44.64 -96.35 24.83
C GLY LB 71 -43.27 -96.83 25.23
N THR LB 72 -43.16 -98.09 25.64
CA THR LB 72 -41.86 -98.60 26.07
C THR LB 72 -40.99 -99.01 24.90
N MET LB 73 -41.55 -99.13 23.70
CA MET LB 73 -40.71 -99.30 22.51
C MET LB 73 -39.88 -98.06 22.25
N ASP LB 74 -40.46 -96.88 22.47
CA ASP LB 74 -39.74 -95.65 22.22
C ASP LB 74 -38.57 -95.50 23.18
N SER LB 75 -38.73 -95.95 24.42
CA SER LB 75 -37.63 -95.84 25.38
C SER LB 75 -36.48 -96.75 25.02
N VAL LB 76 -36.77 -97.96 24.54
CA VAL LB 76 -35.71 -98.88 24.13
C VAL LB 76 -35.02 -98.37 22.86
N ARG LB 77 -35.81 -97.83 21.93
CA ARG LB 77 -35.25 -97.39 20.66
C ARG LB 77 -34.39 -96.15 20.84
N ALA LB 78 -34.78 -95.25 21.74
CA ALA LB 78 -34.03 -94.02 21.95
C ALA LB 78 -32.92 -94.14 22.98
N GLY LB 79 -32.79 -95.28 23.65
CA GLY LB 79 -31.74 -95.45 24.62
C GLY LB 79 -30.43 -95.81 23.96
N PRO LB 80 -29.39 -95.93 24.78
CA PRO LB 80 -28.12 -96.45 24.28
C PRO LB 80 -28.27 -97.92 23.91
N PHE LB 81 -27.50 -98.33 22.90
CA PHE LB 81 -27.65 -99.63 22.24
C PHE LB 81 -29.07 -99.83 21.72
N GLY LB 82 -29.71 -98.76 21.30
CA GLY LB 82 -31.08 -98.84 20.85
C GLY LB 82 -31.20 -99.03 19.36
N GLN LB 83 -30.19 -98.59 18.63
CA GLN LB 83 -30.15 -98.77 17.19
C GLN LB 83 -29.61 -100.12 16.79
N LEU LB 84 -29.28 -100.97 17.76
CA LEU LB 84 -28.77 -102.29 17.44
C LEU LB 84 -29.87 -103.15 16.82
N PHE LB 85 -31.08 -103.09 17.37
CA PHE LB 85 -32.15 -103.99 16.99
C PHE LB 85 -32.65 -103.70 15.59
N ARG LB 86 -33.08 -104.75 14.90
CA ARG LB 86 -33.69 -104.58 13.60
C ARG LB 86 -35.04 -103.90 13.78
N PRO LB 87 -35.37 -102.89 12.98
CA PRO LB 87 -36.64 -102.19 13.16
C PRO LB 87 -37.87 -103.07 12.94
N ASP LB 88 -37.77 -104.05 12.05
CA ASP LB 88 -38.90 -104.94 11.82
C ASP LB 88 -39.08 -105.97 12.92
N ASN LB 89 -38.09 -106.16 13.77
CA ASN LB 89 -38.24 -107.08 14.88
C ASN LB 89 -39.16 -106.56 15.97
N PHE LB 90 -39.39 -105.25 16.01
CA PHE LB 90 -40.38 -104.68 16.89
C PHE LB 90 -41.77 -105.07 16.42
N VAL LB 91 -42.69 -105.19 17.36
CA VAL LB 91 -44.10 -105.30 17.04
C VAL LB 91 -44.87 -104.41 18.02
N PHE LB 92 -45.92 -103.79 17.53
CA PHE LB 92 -46.65 -102.77 18.25
C PHE LB 92 -48.04 -103.25 18.59
N GLY LB 93 -48.62 -102.69 19.65
CA GLY LB 93 -50.04 -102.62 19.81
C GLY LB 93 -50.43 -101.15 19.81
N GLN LB 94 -51.73 -100.91 19.92
CA GLN LB 94 -52.18 -99.53 20.02
C GLN LB 94 -53.13 -99.39 21.20
N THR LB 95 -53.88 -100.44 21.50
CA THR LB 95 -54.81 -100.40 22.62
C THR LB 95 -54.07 -100.54 23.94
N GLY LB 96 -53.43 -101.69 24.15
CA GLY LB 96 -52.76 -101.93 25.40
C GLY LB 96 -53.68 -102.60 26.39
N ALA LB 97 -53.37 -103.84 26.74
CA ALA LB 97 -54.17 -104.54 27.74
C ALA LB 97 -53.91 -103.91 29.10
N GLY LB 98 -54.96 -103.41 29.72
CA GLY LB 98 -54.80 -102.67 30.94
C GLY LB 98 -54.58 -103.61 32.09
N ASN LB 99 -53.35 -104.13 32.18
CA ASN LB 99 -52.84 -105.16 33.08
C ASN LB 99 -53.88 -106.21 33.42
N ASN LB 100 -54.55 -106.69 32.36
CA ASN LB 100 -55.62 -107.67 32.43
C ASN LB 100 -55.13 -108.91 31.70
N TRP LB 101 -55.09 -110.04 32.40
CA TRP LB 101 -54.63 -111.27 31.78
C TRP LB 101 -55.56 -111.71 30.67
N ALA LB 102 -56.86 -111.54 30.87
CA ALA LB 102 -57.82 -111.99 29.87
C ALA LB 102 -57.70 -111.17 28.59
N LYS LB 103 -57.53 -109.86 28.72
CA LYS LB 103 -57.46 -109.00 27.54
C LYS LB 103 -56.16 -109.18 26.78
N GLY LB 104 -55.12 -109.68 27.43
CA GLY LB 104 -53.86 -109.92 26.76
C GLY LB 104 -53.78 -111.30 26.16
N HIS LB 105 -54.61 -112.22 26.64
CA HIS LB 105 -54.57 -113.60 26.23
C HIS LB 105 -55.78 -114.01 25.42
N TYR LB 106 -56.80 -113.17 25.33
CA TYR LB 106 -57.97 -113.61 24.59
C TYR LB 106 -58.47 -112.56 23.60
N THR LB 107 -58.29 -111.28 23.89
CA THR LB 107 -58.91 -110.24 23.10
C THR LB 107 -57.91 -109.38 22.34
N GLU LB 108 -56.98 -108.72 23.03
CA GLU LB 108 -56.08 -107.80 22.34
C GLU LB 108 -54.78 -108.46 21.93
N GLY LB 109 -54.32 -109.45 22.68
CA GLY LB 109 -53.15 -110.17 22.24
C GLY LB 109 -53.41 -111.23 21.20
N ALA LB 110 -54.68 -111.56 20.97
CA ALA LB 110 -54.99 -112.61 20.00
C ALA LB 110 -54.82 -112.11 18.58
N GLU LB 111 -55.23 -110.87 18.30
CA GLU LB 111 -55.07 -110.38 16.94
C GLU LB 111 -53.65 -109.97 16.63
N LEU LB 112 -52.81 -109.82 17.65
CA LEU LB 112 -51.42 -109.48 17.43
C LEU LB 112 -50.53 -110.70 17.27
N ILE LB 113 -50.90 -111.83 17.86
CA ILE LB 113 -49.96 -112.93 18.00
C ILE LB 113 -49.73 -113.63 16.66
N ASP LB 114 -50.66 -113.47 15.72
CA ASP LB 114 -50.44 -114.03 14.39
C ASP LB 114 -49.30 -113.30 13.69
N SER LB 115 -49.19 -112.00 13.92
CA SER LB 115 -48.13 -111.23 13.27
C SER LB 115 -46.76 -111.54 13.86
N VAL LB 116 -46.66 -111.60 15.19
CA VAL LB 116 -45.34 -111.74 15.80
C VAL LB 116 -44.89 -113.20 15.78
N LEU LB 117 -45.81 -114.15 15.60
CA LEU LB 117 -45.39 -115.52 15.41
C LEU LB 117 -44.73 -115.70 14.05
N ASP LB 118 -45.07 -114.84 13.09
CA ASP LB 118 -44.33 -114.82 11.85
C ASP LB 118 -42.91 -114.35 12.06
N VAL LB 119 -42.72 -113.36 12.93
CA VAL LB 119 -41.38 -112.85 13.20
C VAL LB 119 -40.55 -113.89 13.93
N VAL LB 120 -41.18 -114.70 14.77
CA VAL LB 120 -40.46 -115.80 15.41
C VAL LB 120 -40.09 -116.86 14.39
N ARG LB 121 -41.04 -117.25 13.54
CA ARG LB 121 -40.77 -118.25 12.51
C ARG LB 121 -39.76 -117.76 11.50
N LYS LB 122 -39.74 -116.45 11.25
CA LYS LB 122 -38.74 -115.83 10.37
C LYS LB 122 -37.34 -116.08 10.92
N GLU LB 123 -37.18 -115.95 12.22
CA GLU LB 123 -35.88 -116.11 12.84
C GLU LB 123 -35.60 -117.53 13.27
N ALA LB 124 -36.63 -118.32 13.54
CA ALA LB 124 -36.43 -119.69 13.95
C ALA LB 124 -35.96 -120.56 12.80
N GLU LB 125 -36.72 -120.54 11.70
CA GLU LB 125 -36.42 -121.40 10.56
C GLU LB 125 -35.26 -120.87 9.72
N GLY LB 126 -34.79 -119.65 9.99
CA GLY LB 126 -33.77 -119.05 9.15
C GLY LB 126 -32.38 -119.62 9.35
N CYS LB 127 -32.19 -120.44 10.37
CA CYS LB 127 -30.91 -121.07 10.64
C CYS LB 127 -31.01 -122.57 10.45
N ASP LB 128 -29.90 -123.24 10.70
CA ASP LB 128 -29.82 -124.69 10.56
C ASP LB 128 -30.77 -125.45 11.49
N CYS LB 129 -30.52 -125.45 12.80
CA CYS LB 129 -31.46 -125.88 13.82
C CYS LB 129 -31.10 -125.09 15.07
N LEU LB 130 -32.12 -124.61 15.79
CA LEU LB 130 -31.90 -123.70 16.90
C LEU LB 130 -31.78 -124.47 18.21
N GLN LB 131 -31.04 -123.89 19.14
CA GLN LB 131 -30.83 -124.52 20.44
C GLN LB 131 -32.04 -124.38 21.34
N GLY LB 132 -32.71 -123.24 21.29
CA GLY LB 132 -33.84 -123.02 22.16
C GLY LB 132 -34.29 -121.57 22.14
N PHE LB 133 -35.28 -121.29 22.97
CA PHE LB 133 -35.85 -119.96 23.11
C PHE LB 133 -35.57 -119.45 24.52
N GLN LB 134 -35.44 -118.14 24.65
CA GLN LB 134 -35.30 -117.49 25.95
C GLN LB 134 -36.31 -116.35 26.01
N ILE LB 135 -37.14 -116.33 27.05
CA ILE LB 135 -38.23 -115.38 27.15
C ILE LB 135 -38.12 -114.61 28.46
N THR LB 136 -38.17 -113.30 28.36
CA THR LB 136 -38.20 -112.42 29.51
C THR LB 136 -39.53 -111.68 29.54
N HIS LB 137 -40.24 -111.78 30.65
CA HIS LB 137 -41.53 -111.12 30.78
C HIS LB 137 -41.83 -110.91 32.26
N SER LB 138 -42.99 -110.32 32.52
CA SER LB 138 -43.46 -110.03 33.86
C SER LB 138 -44.77 -110.75 34.09
N LEU LB 139 -44.84 -111.52 35.18
CA LEU LB 139 -46.06 -112.26 35.46
C LEU LB 139 -47.10 -111.43 36.18
N GLY LB 140 -46.80 -110.19 36.54
CA GLY LB 140 -47.76 -109.36 37.25
C GLY LB 140 -48.56 -108.42 36.38
N GLY LB 141 -48.15 -108.28 35.12
CA GLY LB 141 -48.79 -107.34 34.20
C GLY LB 141 -49.76 -108.02 33.26
N GLY LB 142 -50.22 -107.25 32.28
CA GLY LB 142 -51.12 -107.79 31.28
C GLY LB 142 -50.49 -108.25 29.98
N THR LB 143 -49.75 -107.37 29.31
CA THR LB 143 -49.16 -107.73 28.02
C THR LB 143 -47.89 -108.52 28.16
N GLY LB 144 -47.31 -108.58 29.35
CA GLY LB 144 -46.19 -109.44 29.59
C GLY LB 144 -46.61 -110.81 30.04
N SER LB 145 -47.55 -110.88 30.99
CA SER LB 145 -47.99 -112.16 31.50
C SER LB 145 -48.98 -112.81 30.55
N GLY LB 146 -50.09 -112.12 30.28
CA GLY LB 146 -51.15 -112.72 29.49
C GLY LB 146 -50.75 -113.00 28.05
N MET LB 147 -50.22 -111.99 27.37
CA MET LB 147 -49.85 -112.20 25.98
C MET LB 147 -48.54 -112.95 25.87
N GLY LB 148 -47.66 -112.80 26.85
CA GLY LB 148 -46.40 -113.52 26.82
C GLY LB 148 -46.58 -115.01 27.01
N THR LB 149 -47.48 -115.41 27.90
CA THR LB 149 -47.71 -116.84 28.10
C THR LB 149 -48.48 -117.44 26.93
N LEU LB 150 -49.22 -116.63 26.18
CA LEU LB 150 -49.90 -117.14 25.00
C LEU LB 150 -48.88 -117.57 23.96
N LEU LB 151 -47.84 -116.78 23.77
CA LEU LB 151 -46.77 -117.14 22.84
C LEU LB 151 -46.08 -118.42 23.29
N ILE LB 152 -45.89 -118.58 24.60
CA ILE LB 152 -45.24 -119.77 25.12
C ILE LB 152 -46.07 -121.00 24.79
N SER LB 153 -47.40 -120.88 24.85
CA SER LB 153 -48.25 -121.98 24.43
C SER LB 153 -48.19 -122.20 22.92
N LYS LB 154 -48.08 -121.11 22.15
CA LYS LB 154 -48.04 -121.26 20.70
C LYS LB 154 -46.73 -121.86 20.24
N VAL LB 155 -45.60 -121.33 20.72
CA VAL LB 155 -44.31 -121.78 20.20
C VAL LB 155 -43.87 -123.08 20.84
N ARG LB 156 -44.51 -123.52 21.93
CA ARG LB 156 -44.25 -124.87 22.40
C ARG LB 156 -44.88 -125.91 21.49
N GLU LB 157 -46.04 -125.60 20.92
CA GLU LB 157 -46.72 -126.55 20.05
C GLU LB 157 -46.01 -126.71 18.72
N GLU LB 158 -45.36 -125.64 18.25
CA GLU LB 158 -44.69 -125.70 16.96
C GLU LB 158 -43.25 -126.20 17.08
N TYR LB 159 -42.62 -125.98 18.22
CA TYR LB 159 -41.26 -126.47 18.48
C TYR LB 159 -41.27 -127.21 19.79
N PRO LB 160 -41.70 -128.47 19.80
CA PRO LB 160 -41.87 -129.18 21.08
C PRO LB 160 -40.56 -129.63 21.72
N ASP LB 161 -39.61 -130.11 20.93
CA ASP LB 161 -38.40 -130.68 21.50
C ASP LB 161 -37.39 -129.64 21.96
N ARG LB 162 -37.46 -128.42 21.44
CA ARG LB 162 -36.51 -127.40 21.83
C ARG LB 162 -36.82 -126.87 23.22
N ILE LB 163 -35.79 -126.38 23.90
CA ILE LB 163 -35.93 -126.01 25.30
C ILE LB 163 -36.65 -124.67 25.41
N MET LB 164 -37.02 -124.34 26.64
CA MET LB 164 -37.94 -123.24 26.93
C MET LB 164 -37.48 -122.59 28.25
N GLU LB 165 -36.68 -121.56 28.14
CA GLU LB 165 -36.11 -120.88 29.29
C GLU LB 165 -36.84 -119.56 29.47
N THR LB 166 -37.43 -119.35 30.64
CA THR LB 166 -38.16 -118.13 30.92
C THR LB 166 -37.57 -117.43 32.13
N PHE LB 167 -37.25 -116.16 31.96
CA PHE LB 167 -36.86 -115.28 33.05
C PHE LB 167 -38.10 -114.47 33.42
N SER LB 168 -38.76 -114.84 34.50
CA SER LB 168 -40.01 -114.21 34.89
C SER LB 168 -39.81 -113.47 36.21
N VAL LB 169 -40.46 -112.33 36.34
CA VAL LB 169 -40.56 -111.67 37.64
C VAL LB 169 -41.95 -111.94 38.19
N PHE LB 170 -42.03 -111.96 39.52
CA PHE LB 170 -43.22 -112.37 40.24
C PHE LB 170 -43.76 -111.21 41.05
N PRO LB 171 -45.02 -111.28 41.47
CA PRO LB 171 -45.51 -110.29 42.43
C PRO LB 171 -44.75 -110.36 43.75
N SER LB 172 -44.52 -109.22 44.31
CA SER LB 172 -43.78 -109.06 45.55
C SER LB 172 -44.68 -109.29 46.75
N PRO LB 173 -44.13 -109.69 47.90
CA PRO LB 173 -44.96 -109.87 49.09
C PRO LB 173 -45.41 -108.55 49.71
N LYS LB 174 -44.50 -107.58 49.80
CA LYS LB 174 -44.74 -106.38 50.57
C LYS LB 174 -45.45 -105.30 49.76
N VAL LB 175 -44.89 -104.90 48.64
CA VAL LB 175 -45.43 -103.79 47.86
C VAL LB 175 -46.56 -104.32 47.00
N SER LB 176 -47.55 -103.48 46.76
CA SER LB 176 -48.70 -103.80 45.94
C SER LB 176 -48.64 -102.95 44.69
N ASP LB 177 -48.17 -103.52 43.60
CA ASP LB 177 -48.25 -102.90 42.29
C ASP LB 177 -49.20 -103.72 41.43
N THR LB 178 -50.04 -103.04 40.66
CA THR LB 178 -51.03 -103.69 39.78
C THR LB 178 -51.93 -104.60 40.60
N VAL LB 179 -52.82 -103.96 41.37
CA VAL LB 179 -53.63 -104.53 42.46
C VAL LB 179 -54.22 -105.89 42.13
N VAL LB 180 -54.58 -106.14 40.88
CA VAL LB 180 -54.84 -107.54 40.53
C VAL LB 180 -53.54 -108.18 40.05
N GLU LB 181 -52.62 -108.38 40.98
CA GLU LB 181 -51.46 -109.23 40.76
C GLU LB 181 -51.72 -110.72 41.00
N PRO LB 182 -52.46 -111.16 42.04
CA PRO LB 182 -52.62 -112.61 42.18
C PRO LB 182 -53.52 -113.22 41.14
N TYR LB 183 -54.47 -112.44 40.60
CA TYR LB 183 -55.25 -112.92 39.48
C TYR LB 183 -54.36 -113.19 38.27
N ASN LB 184 -53.47 -112.25 37.96
CA ASN LB 184 -52.58 -112.42 36.83
C ASN LB 184 -51.51 -113.48 37.09
N ALA LB 185 -51.05 -113.58 38.33
CA ALA LB 185 -50.00 -114.54 38.63
C ALA LB 185 -50.54 -115.97 38.62
N THR LB 186 -51.72 -116.18 39.19
CA THR LB 186 -52.28 -117.53 39.24
C THR LB 186 -52.65 -118.03 37.86
N LEU LB 187 -53.26 -117.17 37.05
CA LEU LB 187 -53.65 -117.60 35.72
C LEU LB 187 -52.44 -117.77 34.80
N SER LB 188 -51.35 -117.07 35.07
CA SER LB 188 -50.17 -117.30 34.26
C SER LB 188 -49.44 -118.56 34.66
N VAL LB 189 -49.47 -118.93 35.94
CA VAL LB 189 -48.68 -120.05 36.40
C VAL LB 189 -49.26 -121.36 35.89
N HIS LB 190 -50.59 -121.53 35.89
CA HIS LB 190 -51.10 -122.87 35.61
C HIS LB 190 -51.02 -123.19 34.13
N GLN LB 191 -50.55 -122.25 33.33
CA GLN LB 191 -50.26 -122.43 31.92
C GLN LB 191 -48.77 -122.46 31.66
N LEU LB 192 -48.00 -121.70 32.43
CA LEU LB 192 -46.56 -121.71 32.29
C LEU LB 192 -45.93 -122.94 32.93
N VAL LB 193 -46.68 -123.65 33.78
CA VAL LB 193 -46.10 -124.80 34.45
C VAL LB 193 -46.03 -126.01 33.53
N GLU LB 194 -46.89 -126.10 32.51
CA GLU LB 194 -46.81 -127.23 31.61
C GLU LB 194 -46.20 -126.87 30.25
N ASN LB 195 -45.87 -125.61 30.02
CA ASN LB 195 -45.37 -125.18 28.73
C ASN LB 195 -44.00 -124.52 28.80
N ALA LB 196 -43.37 -124.49 29.96
CA ALA LB 196 -42.02 -123.96 30.08
C ALA LB 196 -41.10 -125.02 30.67
N ASP LB 197 -39.91 -125.12 30.10
CA ASP LB 197 -39.01 -126.21 30.45
C ASP LB 197 -38.15 -125.88 31.65
N GLU LB 198 -37.74 -124.64 31.81
CA GLU LB 198 -37.15 -124.18 33.06
C GLU LB 198 -37.55 -122.73 33.31
N VAL LB 199 -37.96 -122.43 34.54
CA VAL LB 199 -38.45 -121.12 34.93
C VAL LB 199 -37.61 -120.63 36.08
N GLN LB 200 -37.18 -119.37 36.00
CA GLN LB 200 -36.31 -118.78 37.00
C GLN LB 200 -36.95 -117.52 37.54
N VAL LB 201 -37.11 -117.46 38.86
CA VAL LB 201 -38.00 -116.51 39.52
C VAL LB 201 -37.20 -115.34 40.08
N ILE LB 202 -37.61 -114.13 39.73
CA ILE LB 202 -37.04 -112.90 40.26
C ILE LB 202 -38.15 -112.15 40.96
N ASP LB 203 -37.82 -111.46 42.04
CA ASP LB 203 -38.80 -110.66 42.76
C ASP LB 203 -38.11 -109.37 43.19
N ASN LB 204 -38.84 -108.26 43.11
CA ASN LB 204 -38.22 -106.97 43.32
C ASN LB 204 -37.83 -106.73 44.76
N GLU LB 205 -38.50 -107.39 45.70
CA GLU LB 205 -38.09 -107.27 47.10
C GLU LB 205 -36.73 -107.90 47.33
N ALA LB 206 -36.42 -108.97 46.60
CA ALA LB 206 -35.11 -109.57 46.73
C ALA LB 206 -34.03 -108.65 46.16
N LEU LB 207 -34.35 -107.94 45.08
CA LEU LB 207 -33.37 -107.07 44.46
C LEU LB 207 -33.07 -105.85 45.34
N TYR LB 208 -34.10 -105.30 45.98
CA TYR LB 208 -33.87 -104.20 46.90
C TYR LB 208 -33.11 -104.66 48.13
N ASP LB 209 -33.30 -105.91 48.54
CA ASP LB 209 -32.53 -106.46 49.64
C ASP LB 209 -31.06 -106.53 49.27
N ILE LB 210 -30.77 -106.87 48.02
CA ILE LB 210 -29.38 -106.90 47.55
C ILE LB 210 -28.82 -105.48 47.54
N CYS LB 211 -29.64 -104.51 47.14
CA CYS LB 211 -29.20 -103.12 47.14
C CYS LB 211 -29.15 -102.53 48.55
N PHE LB 212 -29.85 -103.11 49.52
CA PHE LB 212 -29.65 -102.74 50.91
C PHE LB 212 -28.27 -103.18 51.38
N ARG LB 213 -28.10 -104.49 51.44
CA ARG LB 213 -27.13 -105.11 52.33
C ARG LB 213 -25.80 -105.42 51.67
N THR LB 214 -25.76 -105.60 50.36
CA THR LB 214 -24.53 -105.98 49.70
C THR LB 214 -23.93 -104.85 48.89
N LEU LB 215 -24.69 -104.27 47.97
CA LEU LB 215 -24.14 -103.22 47.11
C LEU LB 215 -24.07 -101.87 47.80
N LYS LB 216 -24.83 -101.67 48.87
CA LYS LB 216 -24.87 -100.44 49.65
C LYS LB 216 -25.19 -99.22 48.80
N LEU LB 217 -26.00 -99.39 47.77
CA LEU LB 217 -26.43 -98.27 46.95
C LEU LB 217 -27.57 -97.55 47.65
N THR LB 218 -27.53 -96.22 47.62
CA THR LB 218 -28.56 -95.45 48.29
C THR LB 218 -29.77 -95.15 47.41
N THR LB 219 -29.59 -95.01 46.10
CA THR LB 219 -30.69 -94.76 45.16
C THR LB 219 -30.57 -95.67 43.95
N PRO LB 220 -30.96 -96.94 44.07
CA PRO LB 220 -31.07 -97.79 42.88
C PRO LB 220 -32.40 -97.57 42.18
N THR LB 221 -32.35 -97.30 40.90
CA THR LB 221 -33.53 -97.21 40.06
C THR LB 221 -33.72 -98.54 39.35
N TYR LB 222 -34.65 -98.56 38.39
CA TYR LB 222 -34.81 -99.75 37.57
C TYR LB 222 -33.65 -99.94 36.61
N GLY LB 223 -32.81 -98.93 36.43
CA GLY LB 223 -31.59 -99.13 35.68
C GLY LB 223 -30.64 -100.09 36.38
N ASP LB 224 -30.51 -99.94 37.70
CA ASP LB 224 -29.57 -100.77 38.43
C ASP LB 224 -30.10 -102.18 38.67
N LEU LB 225 -31.39 -102.29 38.99
CA LEU LB 225 -31.96 -103.59 39.31
C LEU LB 225 -31.93 -104.50 38.10
N ASN LB 226 -32.23 -103.95 36.93
CA ASN LB 226 -32.20 -104.75 35.72
C ASN LB 226 -30.79 -105.19 35.37
N HIS LB 227 -29.79 -104.46 35.85
CA HIS LB 227 -28.41 -104.82 35.53
C HIS LB 227 -28.01 -106.10 36.24
N LEU LB 228 -28.45 -106.27 37.49
CA LEU LB 228 -28.15 -107.49 38.22
C LEU LB 228 -28.87 -108.68 37.62
N VAL LB 229 -30.13 -108.49 37.25
CA VAL LB 229 -30.91 -109.55 36.60
C VAL LB 229 -30.27 -109.93 35.28
N SER LB 230 -29.81 -108.93 34.53
CA SER LB 230 -29.14 -109.19 33.26
C SER LB 230 -27.82 -109.90 33.44
N ALA LB 231 -27.17 -109.69 34.59
CA ALA LB 231 -25.89 -110.34 34.84
C ALA LB 231 -26.04 -111.85 34.94
N ALA LB 232 -27.13 -112.31 35.57
CA ALA LB 232 -27.36 -113.75 35.66
C ALA LB 232 -27.87 -114.31 34.35
N MET LB 233 -28.54 -113.48 33.54
CA MET LB 233 -28.99 -113.92 32.23
C MET LB 233 -27.80 -114.28 31.33
N SER LB 234 -26.73 -113.49 31.40
CA SER LB 234 -25.53 -113.81 30.64
C SER LB 234 -24.74 -114.92 31.30
N GLY LB 235 -24.81 -115.03 32.63
CA GLY LB 235 -24.03 -116.03 33.34
C GLY LB 235 -24.55 -117.44 33.17
N VAL LB 236 -25.85 -117.59 32.92
CA VAL LB 236 -26.42 -118.92 32.78
C VAL LB 236 -26.13 -119.47 31.39
N THR LB 237 -25.81 -118.60 30.44
CA THR LB 237 -25.55 -119.02 29.06
C THR LB 237 -24.13 -118.71 28.63
N CYS LB 238 -23.21 -118.55 29.59
CA CYS LB 238 -21.83 -118.17 29.27
C CYS LB 238 -21.14 -119.25 28.45
N CYS LB 239 -21.35 -120.52 28.82
CA CYS LB 239 -20.55 -121.57 28.22
C CYS LB 239 -21.01 -121.90 26.80
N LEU LB 240 -22.22 -121.50 26.42
CA LEU LB 240 -22.59 -121.57 25.01
C LEU LB 240 -21.72 -120.65 24.17
N ARG LB 241 -21.34 -119.51 24.72
CA ARG LB 241 -20.63 -118.48 23.96
C ARG LB 241 -19.12 -118.56 24.13
N PHE LB 242 -18.63 -119.13 25.22
CA PHE LB 242 -17.21 -119.19 25.49
C PHE LB 242 -16.80 -120.61 25.84
N PRO LB 243 -15.56 -121.00 25.55
CA PRO LB 243 -15.11 -122.34 25.93
C PRO LB 243 -14.84 -122.45 27.42
N GLY LB 244 -14.42 -123.62 27.86
CA GLY LB 244 -14.13 -123.81 29.27
C GLY LB 244 -13.62 -125.21 29.52
N GLN LB 245 -13.23 -125.44 30.77
CA GLN LB 245 -12.71 -126.75 31.16
C GLN LB 245 -13.82 -127.78 31.20
N LEU LB 246 -15.00 -127.41 31.69
CA LEU LB 246 -16.15 -128.30 31.74
C LEU LB 246 -17.34 -127.59 31.15
N ASN LB 247 -17.99 -128.21 30.17
CA ASN LB 247 -19.02 -127.52 29.41
C ASN LB 247 -20.40 -127.67 30.04
N SER LB 248 -21.27 -126.71 29.73
CA SER LB 248 -22.66 -126.76 30.14
C SER LB 248 -23.48 -125.88 29.21
N ASP LB 249 -24.73 -126.27 28.99
CA ASP LB 249 -25.69 -125.39 28.34
C ASP LB 249 -27.00 -125.52 29.09
N LEU LB 250 -28.09 -125.05 28.47
CA LEU LB 250 -29.35 -125.00 29.21
C LEU LB 250 -29.96 -126.39 29.38
N ARG LB 251 -29.65 -127.34 28.50
CA ARG LB 251 -30.17 -128.69 28.68
C ARG LB 251 -29.35 -129.49 29.67
N LYS LB 252 -28.07 -129.13 29.86
CA LYS LB 252 -27.32 -129.63 31.02
C LYS LB 252 -28.01 -129.23 32.31
N LEU LB 253 -28.53 -128.00 32.37
CA LEU LB 253 -29.25 -127.56 33.55
C LEU LB 253 -30.57 -128.32 33.70
N ALA LB 254 -31.21 -128.62 32.58
CA ALA LB 254 -32.52 -129.27 32.62
C ALA LB 254 -32.41 -130.70 33.11
N VAL LB 255 -31.42 -131.45 32.63
CA VAL LB 255 -31.30 -132.84 33.02
C VAL LB 255 -30.76 -132.99 34.43
N ASN LB 256 -30.18 -131.94 34.99
CA ASN LB 256 -29.55 -132.03 36.29
C ASN LB 256 -30.26 -131.25 37.38
N LEU LB 257 -31.41 -130.66 37.09
CA LEU LB 257 -32.15 -129.92 38.09
C LEU LB 257 -33.62 -130.30 38.13
N ILE LB 258 -34.08 -131.16 37.23
CA ILE LB 258 -35.50 -131.50 37.14
C ILE LB 258 -35.68 -132.97 37.45
N PRO LB 259 -35.94 -133.34 38.71
CA PRO LB 259 -36.27 -134.74 38.99
C PRO LB 259 -37.62 -135.14 38.45
N PHE LB 260 -38.62 -134.28 38.58
CA PHE LB 260 -39.96 -134.53 38.07
C PHE LB 260 -40.40 -133.34 37.25
N PRO LB 261 -41.09 -133.57 36.12
CA PRO LB 261 -41.29 -132.48 35.16
C PRO LB 261 -42.22 -131.38 35.62
N ARG LB 262 -43.07 -131.64 36.63
CA ARG LB 262 -43.96 -130.60 37.11
C ARG LB 262 -43.23 -129.52 37.89
N LEU LB 263 -42.07 -129.84 38.46
CA LEU LB 263 -41.34 -128.91 39.29
C LEU LB 263 -40.13 -128.42 38.48
N HIS LB 264 -40.23 -127.20 37.96
CA HIS LB 264 -39.17 -126.60 37.18
C HIS LB 264 -39.07 -125.11 37.49
N PHE LB 265 -39.05 -124.78 38.77
CA PHE LB 265 -38.89 -123.40 39.22
C PHE LB 265 -37.61 -123.29 40.02
N PHE LB 266 -36.86 -122.21 39.79
CA PHE LB 266 -35.51 -122.08 40.33
C PHE LB 266 -35.35 -120.80 41.12
N LEU LB 267 -34.22 -120.71 41.80
CA LEU LB 267 -33.80 -119.52 42.53
C LEU LB 267 -32.44 -119.11 42.00
N ILE LB 268 -32.29 -117.83 41.65
CA ILE LB 268 -31.13 -117.35 40.92
C ILE LB 268 -30.33 -116.41 41.80
N GLY LB 269 -29.01 -116.54 41.76
CA GLY LB 269 -28.14 -115.67 42.51
C GLY LB 269 -26.87 -115.41 41.76
N PHE LB 270 -26.26 -114.27 42.05
CA PHE LB 270 -25.02 -113.86 41.40
C PHE LB 270 -24.00 -113.48 42.45
N ALA LB 271 -22.75 -113.88 42.21
CA ALA LB 271 -21.65 -113.55 43.10
C ALA LB 271 -20.41 -113.32 42.25
N PRO LB 272 -19.50 -112.42 42.67
CA PRO LB 272 -19.49 -111.59 43.87
C PRO LB 272 -20.31 -110.32 43.73
N LEU LB 273 -20.69 -109.75 44.87
CA LEU LB 273 -21.45 -108.50 44.91
C LEU LB 273 -21.00 -107.75 46.15
N THR LB 274 -20.15 -106.75 45.97
CA THR LB 274 -19.72 -105.87 47.06
C THR LB 274 -19.86 -104.42 46.63
N SER LB 275 -19.88 -103.55 47.63
CA SER LB 275 -20.02 -102.13 47.37
C SER LB 275 -18.73 -101.59 46.74
N ARG LB 276 -18.81 -100.37 46.21
CA ARG LB 276 -17.63 -99.75 45.61
C ARG LB 276 -16.57 -99.45 46.66
N GLY LB 277 -16.99 -99.11 47.88
CA GLY LB 277 -16.03 -98.88 48.94
C GLY LB 277 -15.29 -100.13 49.34
N SER LB 278 -15.99 -101.26 49.40
CA SER LB 278 -15.40 -102.51 49.81
C SER LB 278 -14.88 -103.33 48.65
N GLN LB 279 -14.68 -102.71 47.49
CA GLN LB 279 -14.17 -103.43 46.32
C GLN LB 279 -12.74 -103.90 46.54
N GLN LB 280 -11.92 -103.05 47.14
CA GLN LB 280 -10.49 -103.32 47.29
C GLN LB 280 -10.16 -104.11 48.55
N TYR LB 281 -11.14 -104.40 49.40
CA TYR LB 281 -10.89 -105.08 50.66
C TYR LB 281 -11.12 -106.59 50.60
N ARG LB 282 -11.72 -107.09 49.53
CA ARG LB 282 -12.19 -108.47 49.49
C ARG LB 282 -11.30 -109.32 48.60
N ALA LB 283 -10.89 -110.48 49.12
CA ALA LB 283 -10.06 -111.42 48.40
C ALA LB 283 -10.94 -112.32 47.54
N LEU LB 284 -10.92 -112.11 46.24
CA LEU LB 284 -11.76 -112.89 45.33
C LEU LB 284 -11.16 -114.27 45.18
N SER LB 285 -11.69 -115.23 45.93
CA SER LB 285 -11.23 -116.60 45.90
C SER LB 285 -12.43 -117.52 45.86
N VAL LB 286 -12.19 -118.75 45.40
CA VAL LB 286 -13.27 -119.73 45.24
C VAL LB 286 -14.02 -120.02 46.54
N PRO LB 287 -13.37 -120.14 47.71
CA PRO LB 287 -14.18 -120.24 48.94
C PRO LB 287 -15.09 -119.06 49.21
N GLU LB 288 -14.66 -117.83 48.91
CA GLU LB 288 -15.54 -116.72 49.24
C GLU LB 288 -16.59 -116.46 48.17
N LEU LB 289 -16.48 -117.07 47.01
CA LEU LB 289 -17.60 -117.07 46.07
C LEU LB 289 -18.71 -117.97 46.57
N THR LB 290 -18.38 -119.17 47.04
CA THR LB 290 -19.41 -120.14 47.35
C THR LB 290 -20.08 -119.88 48.68
N GLN LB 291 -19.44 -119.13 49.59
CA GLN LB 291 -20.14 -118.79 50.82
C GLN LB 291 -21.14 -117.67 50.59
N GLN LB 292 -20.82 -116.74 49.68
CA GLN LB 292 -21.78 -115.72 49.31
C GLN LB 292 -22.89 -116.30 48.44
N MET LB 293 -22.56 -117.32 47.65
CA MET LB 293 -23.54 -117.95 46.78
C MET LB 293 -24.62 -118.64 47.61
N PHE LB 294 -24.25 -119.29 48.71
CA PHE LB 294 -25.22 -119.92 49.61
C PHE LB 294 -25.59 -118.98 50.75
N ASP LB 295 -26.10 -117.82 50.39
CA ASP LB 295 -26.66 -116.89 51.35
C ASP LB 295 -28.06 -116.51 50.90
N ALA LB 296 -28.97 -116.43 51.86
CA ALA LB 296 -30.33 -116.03 51.54
C ALA LB 296 -30.39 -114.59 51.09
N LYS LB 297 -29.44 -113.77 51.52
CA LYS LB 297 -29.42 -112.37 51.11
C LYS LB 297 -28.95 -112.18 49.68
N ASN LB 298 -28.40 -113.22 49.05
CA ASN LB 298 -27.91 -113.11 47.69
C ASN LB 298 -28.90 -113.62 46.66
N MET LB 299 -29.86 -114.45 47.07
CA MET LB 299 -30.88 -114.95 46.16
C MET LB 299 -31.70 -113.81 45.59
N MET LB 300 -32.11 -113.95 44.34
CA MET LB 300 -33.00 -112.99 43.70
C MET LB 300 -34.45 -113.41 43.75
N CYS LB 301 -34.76 -114.47 44.48
CA CYS LB 301 -36.13 -114.84 44.80
C CYS LB 301 -36.37 -114.55 46.27
N ALA LB 302 -37.46 -113.86 46.57
CA ALA LB 302 -37.72 -113.49 47.96
C ALA LB 302 -38.42 -114.60 48.72
N SER LB 303 -37.86 -115.80 48.63
CA SER LB 303 -38.28 -116.93 49.42
C SER LB 303 -37.05 -117.47 50.12
N ASP LB 304 -37.08 -117.52 51.43
CA ASP LB 304 -35.90 -117.83 52.20
C ASP LB 304 -35.55 -119.30 52.05
N PRO LB 305 -34.37 -119.64 51.53
CA PRO LB 305 -34.05 -121.05 51.28
C PRO LB 305 -33.70 -121.84 52.53
N ARG LB 306 -33.46 -121.19 53.66
CA ARG LB 306 -33.11 -121.92 54.86
C ARG LB 306 -34.30 -122.66 55.45
N HIS LB 307 -35.52 -122.24 55.14
CA HIS LB 307 -36.68 -123.02 55.59
C HIS LB 307 -36.78 -124.33 54.84
N GLY LB 308 -36.62 -124.31 53.52
CA GLY LB 308 -36.75 -125.49 52.71
C GLY LB 308 -35.45 -126.25 52.56
N ARG LB 309 -35.47 -127.24 51.68
CA ARG LB 309 -34.31 -128.05 51.36
C ARG LB 309 -34.03 -127.94 49.87
N TYR LB 310 -32.77 -127.75 49.51
CA TYR LB 310 -32.39 -127.72 48.10
C TYR LB 310 -32.56 -129.12 47.51
N LEU LB 311 -33.53 -129.28 46.63
CA LEU LB 311 -33.71 -130.57 45.97
C LEU LB 311 -32.52 -130.89 45.09
N THR LB 312 -32.18 -129.98 44.19
CA THR LB 312 -30.94 -130.01 43.42
C THR LB 312 -30.47 -128.57 43.27
N ALA LB 313 -29.19 -128.40 42.97
CA ALA LB 313 -28.66 -127.07 42.77
C ALA LB 313 -27.54 -127.13 41.74
N SER LB 314 -27.33 -126.01 41.06
CA SER LB 314 -26.30 -125.92 40.04
C SER LB 314 -25.55 -124.61 40.19
N ALA LB 315 -24.26 -124.65 39.86
CA ALA LB 315 -23.41 -123.47 39.96
C ALA LB 315 -22.52 -123.40 38.72
N MET LB 316 -22.70 -122.36 37.92
CA MET LB 316 -21.88 -122.15 36.72
C MET LB 316 -20.76 -121.19 37.07
N PHE LB 317 -19.61 -121.73 37.44
CA PHE LB 317 -18.46 -120.90 37.75
C PHE LB 317 -17.86 -120.33 36.48
N ARG LB 318 -17.34 -119.11 36.58
CA ARG LB 318 -16.70 -118.45 35.47
C ARG LB 318 -15.35 -117.91 35.87
N GLY LB 319 -14.39 -118.02 34.98
CA GLY LB 319 -13.08 -117.40 35.15
C GLY LB 319 -11.97 -118.42 35.29
N ARG LB 320 -10.75 -117.90 35.27
CA ARG LB 320 -9.56 -118.70 35.47
C ARG LB 320 -9.52 -119.17 36.92
N MET LB 321 -9.77 -120.46 37.14
CA MET LB 321 -9.83 -120.98 38.49
C MET LB 321 -9.50 -122.46 38.50
N SER LB 322 -8.83 -122.89 39.55
CA SER LB 322 -8.45 -124.29 39.68
C SER LB 322 -9.67 -125.10 40.10
N THR LB 323 -9.77 -126.30 39.56
CA THR LB 323 -10.99 -127.07 39.70
C THR LB 323 -11.03 -127.95 40.93
N LYS LB 324 -9.95 -128.04 41.70
CA LYS LB 324 -10.07 -128.82 42.93
C LYS LB 324 -10.90 -128.06 43.96
N GLU LB 325 -10.63 -126.77 44.15
CA GLU LB 325 -11.46 -125.96 45.02
C GLU LB 325 -12.80 -125.62 44.38
N VAL LB 326 -12.96 -125.81 43.09
CA VAL LB 326 -14.31 -125.89 42.54
C VAL LB 326 -14.99 -127.16 43.03
N ASP LB 327 -14.29 -128.28 42.92
CA ASP LB 327 -14.91 -129.57 43.22
C ASP LB 327 -15.04 -129.79 44.71
N GLU LB 328 -14.06 -129.34 45.49
CA GLU LB 328 -14.10 -129.55 46.93
C GLU LB 328 -15.21 -128.75 47.57
N GLN LB 329 -15.37 -127.48 47.16
CA GLN LB 329 -16.29 -126.59 47.87
C GLN LB 329 -17.75 -126.98 47.65
N MET LB 330 -18.07 -127.54 46.48
CA MET LB 330 -19.41 -128.07 46.28
C MET LB 330 -19.66 -129.27 47.19
N LEU LB 331 -18.64 -130.11 47.36
CA LEU LB 331 -18.74 -131.19 48.34
C LEU LB 331 -18.70 -130.66 49.76
N ASN LB 332 -17.88 -129.64 50.01
CA ASN LB 332 -17.70 -129.14 51.36
C ASN LB 332 -18.93 -128.41 51.88
N VAL LB 333 -19.68 -127.75 51.00
CA VAL LB 333 -20.90 -127.08 51.45
C VAL LB 333 -22.00 -128.10 51.71
N GLN LB 334 -21.93 -129.27 51.06
CA GLN LB 334 -22.89 -130.33 51.33
C GLN LB 334 -22.64 -131.00 52.67
N ASN LB 335 -21.43 -130.86 53.22
CA ASN LB 335 -21.10 -131.57 54.45
C ASN LB 335 -21.57 -130.81 55.69
N LYS LB 336 -21.34 -129.50 55.74
CA LYS LB 336 -21.86 -128.71 56.86
C LYS LB 336 -23.38 -128.56 56.78
N ASN LB 337 -23.88 -128.07 55.66
CA ASN LB 337 -25.31 -127.81 55.53
C ASN LB 337 -26.04 -129.08 55.07
N SER LB 338 -25.84 -130.15 55.83
CA SER LB 338 -26.46 -131.43 55.48
C SER LB 338 -27.94 -131.45 55.76
N SER LB 339 -28.42 -130.59 56.66
CA SER LB 339 -29.85 -130.50 56.93
C SER LB 339 -30.58 -129.65 55.90
N TYR LB 340 -29.86 -128.92 55.06
CA TYR LB 340 -30.46 -128.08 54.04
C TYR LB 340 -30.55 -128.78 52.68
N PHE LB 341 -30.09 -130.02 52.59
CA PHE LB 341 -30.10 -130.75 51.34
C PHE LB 341 -30.90 -132.03 51.49
N VAL LB 342 -31.55 -132.43 50.42
CA VAL LB 342 -32.41 -133.60 50.44
C VAL LB 342 -31.54 -134.85 50.42
N GLU LB 343 -32.05 -135.94 50.99
CA GLU LB 343 -31.20 -137.08 51.30
C GLU LB 343 -31.21 -138.16 50.24
N TRP LB 344 -32.29 -138.28 49.48
CA TRP LB 344 -32.44 -139.39 48.54
C TRP LB 344 -31.80 -139.12 47.19
N ILE LB 345 -30.94 -138.13 47.10
CA ILE LB 345 -30.07 -137.92 45.95
C ILE LB 345 -28.66 -137.67 46.47
N PRO LB 346 -27.67 -138.46 46.09
CA PRO LB 346 -26.30 -138.15 46.49
C PRO LB 346 -25.69 -137.10 45.58
N ASN LB 347 -25.01 -136.13 46.20
CA ASN LB 347 -24.33 -135.03 45.53
C ASN LB 347 -25.31 -134.21 44.68
N ASN LB 348 -26.18 -133.50 45.40
CA ASN LB 348 -27.19 -132.64 44.80
C ASN LB 348 -26.63 -131.53 43.92
N MET LB 349 -25.32 -131.28 43.93
CA MET LB 349 -24.75 -130.08 43.34
C MET LB 349 -24.05 -130.41 42.03
N LYS LB 350 -24.29 -129.59 41.01
CA LYS LB 350 -23.61 -129.70 39.72
C LYS LB 350 -22.79 -128.45 39.49
N SER LB 351 -21.56 -128.63 39.00
CA SER LB 351 -20.67 -127.50 38.80
C SER LB 351 -20.10 -127.52 37.39
N SER LB 352 -19.84 -126.33 36.85
CA SER LB 352 -19.25 -126.17 35.54
C SER LB 352 -18.30 -124.99 35.55
N VAL LB 353 -17.30 -125.05 34.67
CA VAL LB 353 -16.23 -124.05 34.61
C VAL LB 353 -16.29 -123.37 33.25
N CYS LB 354 -16.23 -122.04 33.26
CA CYS LB 354 -16.46 -121.21 32.08
C CYS LB 354 -15.33 -120.20 32.04
N ASP LB 355 -14.22 -120.54 31.38
CA ASP LB 355 -12.94 -119.88 31.66
C ASP LB 355 -12.80 -118.46 31.08
N ILE LB 356 -13.90 -117.82 30.69
CA ILE LB 356 -13.87 -116.41 30.30
C ILE LB 356 -14.66 -115.59 31.31
N PRO LB 357 -14.00 -114.84 32.18
CA PRO LB 357 -14.72 -114.10 33.22
C PRO LB 357 -15.48 -112.93 32.64
N PRO LB 358 -16.49 -112.42 33.33
CA PRO LB 358 -17.19 -111.24 32.85
C PRO LB 358 -16.29 -110.01 32.88
N LYS LB 359 -16.71 -108.99 32.15
CA LYS LB 359 -15.89 -107.80 31.96
C LYS LB 359 -15.74 -107.04 33.27
N GLY LB 360 -14.50 -106.78 33.66
CA GLY LB 360 -14.22 -106.03 34.85
C GLY LB 360 -13.99 -106.83 36.10
N LEU LB 361 -14.23 -108.14 36.06
CA LEU LB 361 -14.00 -109.03 37.20
C LEU LB 361 -12.94 -110.05 36.82
N LYS LB 362 -12.65 -110.96 37.73
CA LYS LB 362 -11.79 -112.08 37.40
C LYS LB 362 -12.41 -113.44 37.63
N MET LB 363 -13.33 -113.57 38.60
CA MET LB 363 -14.13 -114.77 38.74
C MET LB 363 -15.56 -114.38 39.09
N SER LB 364 -16.49 -115.23 38.71
CA SER LB 364 -17.89 -115.01 39.01
C SER LB 364 -18.59 -116.36 39.02
N VAL LB 365 -19.79 -116.40 39.60
CA VAL LB 365 -20.57 -117.61 39.65
C VAL LB 365 -22.05 -117.24 39.59
N THR LB 366 -22.83 -118.08 38.93
CA THR LB 366 -24.28 -117.94 38.88
C THR LB 366 -24.91 -119.19 39.45
N PHE LB 367 -25.83 -119.01 40.38
CA PHE LB 367 -26.45 -120.12 41.10
C PHE LB 367 -27.85 -120.33 40.58
N VAL LB 368 -28.14 -121.53 40.12
CA VAL LB 368 -29.49 -121.90 39.71
C VAL LB 368 -29.89 -123.08 40.58
N GLY LB 369 -30.75 -122.83 41.56
CA GLY LB 369 -31.07 -123.84 42.54
C GLY LB 369 -32.53 -124.23 42.55
N ASN LB 370 -32.80 -125.53 42.45
CA ASN LB 370 -34.14 -126.05 42.54
C ASN LB 370 -34.42 -126.32 44.01
N SER LB 371 -34.99 -125.34 44.69
CA SER LB 371 -35.25 -125.44 46.11
C SER LB 371 -36.74 -125.56 46.36
N THR LB 372 -37.10 -126.40 47.31
CA THR LB 372 -38.50 -126.54 47.67
C THR LB 372 -38.98 -125.41 48.54
N ALA LB 373 -38.11 -124.49 48.91
CA ALA LB 373 -38.49 -123.29 49.66
C ALA LB 373 -39.15 -122.24 48.78
N ILE LB 374 -39.20 -122.46 47.46
CA ILE LB 374 -40.01 -121.64 46.57
C ILE LB 374 -41.49 -121.92 46.74
N GLN LB 375 -41.84 -122.89 47.57
CA GLN LB 375 -43.22 -123.08 48.01
C GLN LB 375 -43.77 -121.86 48.71
N GLU LB 376 -42.93 -121.16 49.48
CA GLU LB 376 -43.42 -120.04 50.27
C GLU LB 376 -43.93 -118.89 49.42
N MET LB 377 -43.41 -118.74 48.20
CA MET LB 377 -43.95 -117.70 47.34
C MET LB 377 -45.25 -118.13 46.70
N PHE LB 378 -45.37 -119.41 46.34
CA PHE LB 378 -46.59 -119.87 45.70
C PHE LB 378 -47.76 -119.92 46.66
N LYS LB 379 -47.52 -120.26 47.91
CA LYS LB 379 -48.58 -120.24 48.91
C LYS LB 379 -49.12 -118.83 49.10
N ARG LB 380 -48.23 -117.85 49.05
CA ARG LB 380 -48.63 -116.46 49.24
C ARG LB 380 -49.54 -115.99 48.13
N VAL LB 381 -49.29 -116.44 46.90
CA VAL LB 381 -50.16 -116.09 45.80
C VAL LB 381 -51.51 -116.78 45.95
N SER LB 382 -51.51 -118.05 46.34
CA SER LB 382 -52.76 -118.80 46.48
C SER LB 382 -53.58 -118.29 47.65
N ASP LB 383 -52.92 -117.86 48.73
CA ASP LB 383 -53.65 -117.27 49.85
C ASP LB 383 -54.29 -115.96 49.43
N GLN LB 384 -53.57 -115.15 48.66
CA GLN LB 384 -54.15 -113.90 48.19
C GLN LB 384 -55.19 -114.14 47.09
N PHE LB 385 -54.97 -115.15 46.25
CA PHE LB 385 -55.92 -115.42 45.18
C PHE LB 385 -57.24 -115.93 45.71
N THR LB 386 -57.19 -116.73 46.77
CA THR LB 386 -58.43 -117.20 47.39
C THR LB 386 -59.10 -116.07 48.16
N ALA LB 387 -58.33 -115.05 48.53
CA ALA LB 387 -58.91 -113.94 49.26
C ALA LB 387 -59.86 -113.13 48.39
N MET LB 388 -59.56 -112.99 47.10
CA MET LB 388 -60.43 -112.19 46.25
C MET LB 388 -61.49 -113.02 45.55
N PHE LB 389 -61.11 -114.19 45.06
CA PHE LB 389 -62.00 -114.97 44.21
C PHE LB 389 -63.18 -115.53 44.99
N ARG LB 390 -63.02 -115.79 46.29
CA ARG LB 390 -64.13 -116.32 47.07
C ARG LB 390 -65.25 -115.30 47.23
N ARG LB 391 -64.94 -114.01 47.13
CA ARG LB 391 -65.96 -112.98 47.13
C ARG LB 391 -66.17 -112.43 45.71
N LYS LB 392 -65.44 -112.98 44.74
CA LYS LB 392 -65.63 -112.72 43.31
C LYS LB 392 -65.39 -111.25 42.99
N ALA LB 393 -64.33 -110.70 43.54
CA ALA LB 393 -63.97 -109.31 43.29
C ALA LB 393 -63.07 -109.20 42.07
N PHE LB 394 -63.20 -108.09 41.36
CA PHE LB 394 -62.45 -107.80 40.13
C PHE LB 394 -62.59 -108.89 39.09
N LEU LB 395 -63.72 -109.56 39.05
CA LEU LB 395 -63.88 -110.69 38.15
C LEU LB 395 -64.60 -110.33 36.86
N HIS LB 396 -65.38 -109.25 36.87
CA HIS LB 396 -66.27 -108.99 35.75
C HIS LB 396 -65.53 -108.54 34.50
N TRP LB 397 -64.30 -108.03 34.64
CA TRP LB 397 -63.48 -107.81 33.46
C TRP LB 397 -62.98 -109.13 32.92
N TYR LB 398 -62.55 -110.02 33.82
CA TYR LB 398 -62.00 -111.29 33.38
C TYR LB 398 -63.08 -112.18 32.78
N THR LB 399 -64.28 -112.20 33.34
CA THR LB 399 -65.36 -112.99 32.78
C THR LB 399 -66.13 -112.24 31.70
N GLY LB 400 -65.93 -110.94 31.56
CA GLY LB 400 -66.54 -110.18 30.49
C GLY LB 400 -65.67 -110.06 29.26
N GLU LB 401 -64.54 -110.75 29.23
CA GLU LB 401 -63.62 -110.71 28.10
C GLU LB 401 -63.47 -112.09 27.48
N GLY LB 402 -64.58 -112.80 27.34
CA GLY LB 402 -64.58 -114.06 26.65
C GLY LB 402 -63.91 -115.20 27.38
N MET LB 403 -63.88 -115.16 28.70
CA MET LB 403 -63.24 -116.21 29.48
C MET LB 403 -64.21 -116.72 30.53
N ASP LB 404 -64.35 -118.04 30.61
CA ASP LB 404 -65.29 -118.64 31.55
C ASP LB 404 -64.79 -118.52 32.99
N GLU LB 405 -65.70 -118.72 33.92
CA GLU LB 405 -65.36 -118.62 35.33
C GLU LB 405 -64.61 -119.86 35.81
N MET LB 406 -64.92 -121.03 35.25
CA MET LB 406 -64.30 -122.27 35.70
C MET LB 406 -62.82 -122.35 35.35
N GLU LB 407 -62.31 -121.43 34.52
CA GLU LB 407 -60.87 -121.36 34.31
C GLU LB 407 -60.15 -120.96 35.58
N PHE LB 408 -60.79 -120.15 36.41
CA PHE LB 408 -60.19 -119.74 37.68
C PHE LB 408 -60.10 -120.89 38.66
N THR LB 409 -61.13 -121.75 38.72
CA THR LB 409 -61.07 -122.88 39.62
C THR LB 409 -60.02 -123.88 39.18
N GLU LB 410 -59.82 -124.02 37.87
CA GLU LB 410 -58.74 -124.86 37.38
C GLU LB 410 -57.39 -124.23 37.69
N ALA LB 411 -57.32 -122.90 37.67
CA ALA LB 411 -56.06 -122.21 37.91
C ALA LB 411 -55.60 -122.42 39.34
N GLU LB 412 -56.49 -122.23 40.31
CA GLU LB 412 -56.11 -122.41 41.70
C GLU LB 412 -55.93 -123.88 42.05
N SER LB 413 -56.63 -124.78 41.36
CA SER LB 413 -56.49 -126.19 41.70
C SER LB 413 -55.16 -126.73 41.22
N ASN LB 414 -54.70 -126.30 40.05
CA ASN LB 414 -53.43 -126.80 39.54
C ASN LB 414 -52.29 -126.22 40.36
N MET LB 415 -52.34 -124.93 40.67
CA MET LB 415 -51.21 -124.32 41.35
C MET LB 415 -51.18 -124.70 42.83
N ASN LB 416 -52.34 -124.97 43.43
CA ASN LB 416 -52.32 -125.57 44.77
C ASN LB 416 -51.75 -126.98 44.73
N ASP LB 417 -51.99 -127.71 43.63
CA ASP LB 417 -51.42 -129.04 43.49
C ASP LB 417 -49.91 -128.98 43.31
N LEU LB 418 -49.42 -127.90 42.70
CA LEU LB 418 -47.99 -127.68 42.63
C LEU LB 418 -47.41 -127.43 44.01
N VAL LB 419 -48.16 -126.73 44.87
CA VAL LB 419 -47.73 -126.50 46.24
C VAL LB 419 -47.70 -127.80 47.02
N SER LB 420 -48.70 -128.66 46.79
CA SER LB 420 -48.79 -129.91 47.54
C SER LB 420 -47.65 -130.86 47.22
N GLU LB 421 -47.14 -130.84 45.99
CA GLU LB 421 -46.12 -131.80 45.62
C GLU LB 421 -44.72 -131.36 46.04
N TYR LB 422 -44.53 -130.08 46.33
CA TYR LB 422 -43.30 -129.67 47.00
C TYR LB 422 -43.23 -130.16 48.43
N GLN LB 423 -44.38 -130.42 49.05
CA GLN LB 423 -44.39 -130.72 50.49
C GLN LB 423 -43.75 -132.05 50.80
N GLN LB 424 -43.97 -133.06 49.95
CA GLN LB 424 -43.54 -134.40 50.30
C GLN LB 424 -42.03 -134.55 50.22
N TYR LB 425 -41.36 -133.75 49.41
CA TYR LB 425 -39.91 -133.82 49.30
C TYR LB 425 -39.20 -132.91 50.29
N GLN LB 426 -39.94 -132.16 51.09
CA GLN LB 426 -39.32 -131.26 52.05
C GLN LB 426 -39.17 -131.98 53.38
N MET MB 1 -53.07 -91.08 17.17
CA MET MB 1 -52.32 -92.06 17.95
C MET MB 1 -53.08 -92.39 19.23
N ARG MB 2 -52.63 -91.83 20.35
CA ARG MB 2 -53.36 -91.89 21.61
C ARG MB 2 -54.06 -90.57 21.82
N GLU MB 3 -55.37 -90.63 22.08
CA GLU MB 3 -56.17 -89.42 22.22
C GLU MB 3 -57.11 -89.58 23.40
N VAL MB 4 -57.38 -88.45 24.06
CA VAL MB 4 -58.44 -88.36 25.05
C VAL MB 4 -59.28 -87.13 24.72
N ILE MB 5 -60.60 -87.31 24.74
CA ILE MB 5 -61.52 -86.25 24.38
C ILE MB 5 -62.13 -85.70 25.65
N SER MB 6 -61.99 -84.40 25.86
CA SER MB 6 -62.49 -83.75 27.05
C SER MB 6 -63.83 -83.10 26.77
N ILE MB 7 -64.82 -83.39 27.60
CA ILE MB 7 -66.14 -82.79 27.49
C ILE MB 7 -66.39 -81.96 28.74
N HIS MB 8 -66.70 -80.69 28.57
CA HIS MB 8 -66.97 -79.79 29.67
C HIS MB 8 -68.35 -79.20 29.46
N VAL MB 9 -69.33 -79.67 30.21
CA VAL MB 9 -70.70 -79.20 30.11
C VAL MB 9 -71.01 -78.39 31.35
N GLY MB 10 -71.82 -77.35 31.19
CA GLY MB 10 -72.24 -76.55 32.30
C GLY MB 10 -71.20 -75.52 32.70
N GLN MB 11 -71.63 -74.60 33.57
CA GLN MB 11 -70.76 -73.50 33.97
C GLN MB 11 -69.58 -73.99 34.77
N ALA MB 12 -69.78 -74.98 35.62
CA ALA MB 12 -68.66 -75.49 36.40
C ALA MB 12 -67.69 -76.23 35.51
N GLY MB 13 -68.19 -76.94 34.51
CA GLY MB 13 -67.30 -77.67 33.62
C GLY MB 13 -66.45 -76.75 32.76
N ILE MB 14 -67.04 -75.65 32.28
CA ILE MB 14 -66.31 -74.72 31.42
C ILE MB 14 -65.23 -74.02 32.21
N GLN MB 15 -65.58 -73.51 33.39
CA GLN MB 15 -64.63 -72.73 34.15
C GLN MB 15 -63.58 -73.62 34.83
N ILE MB 16 -63.90 -74.89 35.07
CA ILE MB 16 -62.85 -75.84 35.43
C ILE MB 16 -61.94 -76.08 34.24
N GLY MB 17 -62.52 -76.21 33.06
CA GLY MB 17 -61.74 -76.48 31.88
C GLY MB 17 -60.83 -75.35 31.47
N ASN MB 18 -61.17 -74.12 31.83
CA ASN MB 18 -60.31 -72.99 31.51
C ASN MB 18 -59.00 -73.06 32.29
N ALA MB 19 -59.09 -73.43 33.57
CA ALA MB 19 -57.87 -73.70 34.31
C ALA MB 19 -57.23 -74.99 33.86
N CYS MB 20 -58.05 -75.93 33.40
CA CYS MB 20 -57.52 -77.22 32.97
C CYS MB 20 -56.75 -77.08 31.67
N TRP MB 21 -57.19 -76.18 30.79
CA TRP MB 21 -56.53 -76.07 29.50
C TRP MB 21 -55.36 -75.09 29.51
N GLU MB 22 -55.34 -74.12 30.43
CA GLU MB 22 -54.15 -73.28 30.48
C GLU MB 22 -52.97 -74.03 31.09
N LEU MB 23 -53.24 -75.06 31.89
CA LEU MB 23 -52.16 -75.86 32.40
C LEU MB 23 -51.54 -76.71 31.29
N PHE MB 24 -52.38 -77.22 30.39
CA PHE MB 24 -51.85 -78.07 29.33
C PHE MB 24 -51.16 -77.25 28.27
N CYS MB 25 -51.66 -76.04 28.00
CA CYS MB 25 -50.98 -75.15 27.08
C CYS MB 25 -49.63 -74.72 27.61
N LEU MB 26 -49.55 -74.46 28.91
CA LEU MB 26 -48.32 -73.99 29.50
C LEU MB 26 -47.30 -75.12 29.62
N GLU MB 27 -47.77 -76.33 29.92
CA GLU MB 27 -46.86 -77.43 30.20
C GLU MB 27 -46.23 -77.95 28.92
N HIS MB 28 -46.98 -77.95 27.82
CA HIS MB 28 -46.45 -78.28 26.51
C HIS MB 28 -45.86 -77.07 25.80
N GLY MB 29 -46.00 -75.88 26.38
CA GLY MB 29 -45.39 -74.70 25.83
C GLY MB 29 -45.99 -74.22 24.52
N ILE MB 30 -47.30 -74.04 24.47
CA ILE MB 30 -47.91 -73.40 23.32
C ILE MB 30 -48.51 -72.08 23.74
N GLN MB 31 -48.49 -71.12 22.82
CA GLN MB 31 -49.04 -69.80 23.06
C GLN MB 31 -50.54 -69.83 22.93
N PRO MB 32 -51.24 -68.78 23.37
CA PRO MB 32 -52.67 -68.68 23.09
C PRO MB 32 -53.03 -68.63 21.62
N ASP MB 33 -52.09 -68.27 20.74
CA ASP MB 33 -52.33 -68.42 19.31
C ASP MB 33 -52.51 -69.88 18.94
N GLY MB 34 -51.72 -70.76 19.54
CA GLY MB 34 -51.82 -72.17 19.28
C GLY MB 34 -50.60 -72.78 18.65
N GLN MB 35 -49.54 -72.01 18.45
CA GLN MB 35 -48.32 -72.51 17.83
C GLN MB 35 -47.15 -72.34 18.78
N MET MB 36 -46.38 -73.41 18.96
CA MET MB 36 -45.26 -73.35 19.87
C MET MB 36 -44.07 -72.67 19.21
N PRO MB 37 -43.19 -72.05 20.00
CA PRO MB 37 -41.97 -71.48 19.40
C PRO MB 37 -40.91 -72.55 19.14
N ASP MB 47 -43.23 -85.25 20.80
CA ASP MB 47 -44.62 -85.43 20.38
C ASP MB 47 -45.51 -85.80 21.56
N ALA MB 48 -45.31 -85.13 22.69
CA ALA MB 48 -46.11 -85.41 23.87
C ALA MB 48 -47.47 -84.73 23.85
N PHE MB 49 -47.70 -83.81 22.93
CA PHE MB 49 -48.92 -83.04 22.92
C PHE MB 49 -50.09 -83.74 22.27
N ASN MB 50 -49.87 -84.94 21.72
CA ASN MB 50 -50.83 -85.50 20.78
C ASN MB 50 -52.10 -85.94 21.49
N THR MB 51 -51.99 -86.35 22.75
CA THR MB 51 -53.18 -86.79 23.49
C THR MB 51 -54.14 -85.65 23.80
N PHE MB 52 -53.65 -84.42 23.81
CA PHE MB 52 -54.47 -83.26 24.13
C PHE MB 52 -54.69 -82.34 22.96
N PHE MB 53 -53.65 -82.04 22.19
CA PHE MB 53 -53.72 -81.06 21.13
C PHE MB 53 -53.58 -81.72 19.77
N SER MB 54 -54.36 -81.23 18.81
CA SER MB 54 -54.36 -81.79 17.46
C SER MB 54 -53.24 -81.15 16.65
N GLU MB 55 -53.27 -81.34 15.34
CA GLU MB 55 -52.30 -80.75 14.43
C GLU MB 55 -53.04 -80.21 13.22
N THR MB 56 -52.92 -78.92 12.98
CA THR MB 56 -53.48 -78.29 11.80
C THR MB 56 -52.53 -77.21 11.33
N GLY MB 57 -52.37 -77.11 10.02
CA GLY MB 57 -51.57 -76.04 9.45
C GLY MB 57 -50.10 -76.14 9.81
N ALA MB 58 -49.46 -74.99 9.91
CA ALA MB 58 -48.04 -74.90 10.19
C ALA MB 58 -47.87 -74.55 11.67
N GLY MB 59 -47.62 -75.57 12.47
CA GLY MB 59 -47.29 -75.36 13.86
C GLY MB 59 -48.48 -75.17 14.77
N LYS MB 60 -49.68 -74.96 14.24
CA LYS MB 60 -50.82 -74.72 15.10
C LYS MB 60 -51.35 -76.01 15.68
N HIS MB 61 -51.65 -75.99 16.97
CA HIS MB 61 -52.27 -77.11 17.67
C HIS MB 61 -53.56 -76.62 18.31
N VAL MB 62 -54.63 -77.39 18.16
CA VAL MB 62 -55.94 -77.02 18.68
C VAL MB 62 -56.41 -78.11 19.63
N PRO MB 63 -57.18 -77.78 20.66
CA PRO MB 63 -57.51 -78.77 21.68
C PRO MB 63 -58.54 -79.78 21.20
N ARG MB 64 -58.50 -80.96 21.80
CA ARG MB 64 -59.44 -82.05 21.51
C ARG MB 64 -60.62 -81.98 22.48
N CYS MB 65 -61.32 -80.86 22.46
CA CYS MB 65 -62.26 -80.56 23.52
C CYS MB 65 -63.59 -80.05 22.95
N VAL MB 66 -64.65 -80.19 23.73
CA VAL MB 66 -65.93 -79.57 23.44
C VAL MB 66 -66.37 -78.81 24.68
N PHE MB 67 -66.89 -77.61 24.47
CA PHE MB 67 -67.45 -76.79 25.55
C PHE MB 67 -68.95 -76.64 25.32
N LEU MB 68 -69.74 -76.99 26.31
CA LEU MB 68 -71.19 -77.02 26.20
C LEU MB 68 -71.81 -76.16 27.29
N ASP MB 69 -72.76 -75.32 26.90
CA ASP MB 69 -73.64 -74.69 27.85
C ASP MB 69 -74.90 -74.25 27.13
N LEU MB 70 -76.03 -74.32 27.83
CA LEU MB 70 -77.28 -73.83 27.28
C LEU MB 70 -77.42 -72.33 27.38
N GLU MB 71 -76.63 -71.69 28.22
CA GLU MB 71 -76.67 -70.23 28.27
C GLU MB 71 -75.41 -69.67 27.64
N PRO MB 72 -75.49 -68.50 27.01
CA PRO MB 72 -74.33 -67.99 26.28
C PRO MB 72 -73.32 -67.26 27.14
N THR MB 73 -73.66 -66.89 28.36
CA THR MB 73 -72.88 -65.91 29.09
C THR MB 73 -71.58 -66.44 29.67
N VAL MB 74 -71.18 -67.66 29.36
CA VAL MB 74 -69.84 -68.11 29.74
C VAL MB 74 -69.02 -68.64 28.57
N VAL MB 75 -69.63 -69.16 27.50
CA VAL MB 75 -68.85 -69.55 26.35
C VAL MB 75 -68.65 -68.39 25.38
N ASP MB 76 -69.58 -67.44 25.34
CA ASP MB 76 -69.35 -66.23 24.56
C ASP MB 76 -68.21 -65.42 25.15
N GLU MB 77 -68.00 -65.54 26.44
CA GLU MB 77 -67.02 -64.69 27.08
C GLU MB 77 -65.66 -65.38 27.14
N VAL MB 78 -65.62 -66.69 26.87
CA VAL MB 78 -64.38 -67.35 26.47
C VAL MB 78 -63.96 -66.87 25.08
N ARG MB 79 -64.92 -66.72 24.16
CA ARG MB 79 -64.63 -66.28 22.81
C ARG MB 79 -64.05 -64.88 22.76
N THR MB 80 -64.29 -64.07 23.78
CA THR MB 80 -63.82 -62.69 23.78
C THR MB 80 -62.55 -62.54 24.60
N GLY MB 81 -62.29 -63.44 25.53
CA GLY MB 81 -61.10 -63.35 26.36
C GLY MB 81 -59.81 -63.70 25.65
N THR MB 82 -58.75 -63.97 26.41
CA THR MB 82 -57.40 -64.09 25.84
C THR MB 82 -57.29 -65.24 24.85
N TYR MB 83 -57.87 -66.38 25.17
CA TYR MB 83 -57.72 -67.58 24.35
C TYR MB 83 -58.81 -67.66 23.29
N ARG MB 84 -58.85 -66.70 22.38
CA ARG MB 84 -59.80 -66.81 21.27
C ARG MB 84 -59.35 -67.88 20.30
N HIS MB 85 -58.17 -67.74 19.75
CA HIS MB 85 -57.76 -68.51 18.59
C HIS MB 85 -57.17 -69.86 18.94
N LEU MB 86 -56.99 -70.15 20.22
CA LEU MB 86 -56.55 -71.49 20.60
C LEU MB 86 -57.62 -72.51 20.28
N PHE MB 87 -58.86 -72.23 20.69
CA PHE MB 87 -59.95 -73.16 20.49
C PHE MB 87 -60.52 -73.05 19.09
N HIS MB 88 -60.94 -74.19 18.54
CA HIS MB 88 -61.67 -74.19 17.29
C HIS MB 88 -63.01 -73.48 17.51
N PRO MB 89 -63.50 -72.73 16.52
CA PRO MB 89 -64.73 -71.94 16.72
C PRO MB 89 -65.96 -72.73 17.12
N GLU MB 90 -66.17 -73.94 16.61
CA GLU MB 90 -67.33 -74.70 17.03
C GLU MB 90 -66.97 -75.85 17.97
N GLN MB 91 -65.87 -75.71 18.69
CA GLN MB 91 -65.72 -76.47 19.93
C GLN MB 91 -66.41 -75.79 21.09
N LEU MB 92 -67.02 -74.63 20.86
CA LEU MB 92 -67.65 -73.82 21.90
C LEU MB 92 -69.11 -73.70 21.51
N ILE MB 93 -69.93 -74.68 21.92
CA ILE MB 93 -71.32 -74.76 21.50
C ILE MB 93 -72.16 -74.01 22.53
N SER MB 94 -72.99 -73.10 22.06
CA SER MB 94 -73.81 -72.26 22.92
C SER MB 94 -75.28 -72.41 22.56
N GLY MB 95 -76.13 -72.31 23.58
CA GLY MB 95 -77.56 -72.38 23.39
C GLY MB 95 -78.18 -71.01 23.29
N LYS MB 96 -79.38 -70.87 23.84
CA LYS MB 96 -79.98 -69.56 23.98
C LYS MB 96 -80.47 -69.31 25.39
N GLU MB 97 -81.00 -70.33 26.05
CA GLU MB 97 -81.67 -70.15 27.32
C GLU MB 97 -81.08 -71.09 28.36
N ASP MB 98 -80.84 -70.56 29.55
CA ASP MB 98 -80.26 -71.33 30.64
C ASP MB 98 -81.23 -72.42 31.10
N ALA MB 99 -80.67 -73.56 31.50
CA ALA MB 99 -81.49 -74.67 31.96
C ALA MB 99 -82.19 -74.36 33.27
N ALA MB 100 -81.60 -73.49 34.09
CA ALA MB 100 -82.23 -72.92 35.29
C ALA MB 100 -82.57 -73.99 36.32
N ASN MB 101 -81.54 -74.70 36.78
CA ASN MB 101 -81.60 -75.57 37.95
C ASN MB 101 -82.69 -76.63 37.84
N ASN MB 102 -82.87 -77.16 36.64
CA ASN MB 102 -83.97 -78.08 36.39
C ASN MB 102 -83.45 -79.23 35.57
N PHE MB 103 -83.47 -80.43 36.16
CA PHE MB 103 -83.03 -81.62 35.45
C PHE MB 103 -83.97 -81.93 34.30
N ALA MB 104 -85.27 -81.71 34.50
CA ALA MB 104 -86.24 -82.01 33.45
C ALA MB 104 -86.03 -81.12 32.24
N ARG MB 105 -85.66 -79.87 32.49
CA ARG MB 105 -85.31 -78.98 31.40
C ARG MB 105 -84.06 -79.44 30.69
N GLY MB 106 -83.14 -80.09 31.41
CA GLY MB 106 -81.91 -80.55 30.80
C GLY MB 106 -82.14 -81.69 29.82
N HIS MB 107 -83.01 -82.63 30.17
CA HIS MB 107 -83.32 -83.73 29.26
C HIS MB 107 -84.28 -83.35 28.16
N TYR MB 108 -85.50 -82.97 28.52
CA TYR MB 108 -86.62 -83.10 27.61
C TYR MB 108 -87.00 -81.84 26.86
N THR MB 109 -86.61 -80.66 27.35
CA THR MB 109 -87.07 -79.43 26.72
C THR MB 109 -86.03 -78.79 25.83
N ILE MB 110 -84.85 -78.47 26.36
CA ILE MB 110 -83.87 -77.70 25.61
C ILE MB 110 -82.75 -78.60 25.13
N GLY MB 111 -82.41 -79.61 25.92
CA GLY MB 111 -81.28 -80.46 25.63
C GLY MB 111 -81.43 -81.33 24.40
N LYS MB 112 -82.63 -81.41 23.82
CA LYS MB 112 -82.86 -82.24 22.63
C LYS MB 112 -82.46 -81.55 21.35
N GLU MB 113 -81.97 -80.31 21.41
CA GLU MB 113 -81.57 -79.58 20.22
C GLU MB 113 -80.09 -79.25 20.18
N ILE MB 114 -79.43 -79.21 21.33
CA ILE MB 114 -78.01 -78.93 21.38
C ILE MB 114 -77.19 -80.22 21.40
N VAL MB 115 -77.82 -81.36 21.72
CA VAL MB 115 -77.08 -82.61 21.81
C VAL MB 115 -76.68 -83.09 20.41
N ASP MB 116 -77.45 -82.73 19.38
CA ASP MB 116 -77.07 -83.10 18.02
C ASP MB 116 -75.84 -82.35 17.58
N LEU MB 117 -75.67 -81.10 18.03
CA LEU MB 117 -74.46 -80.36 17.70
C LEU MB 117 -73.25 -80.92 18.42
N SER MB 118 -73.45 -81.42 19.64
CA SER MB 118 -72.34 -81.96 20.40
C SER MB 118 -71.85 -83.29 19.82
N LEU MB 119 -72.78 -84.19 19.48
CA LEU MB 119 -72.38 -85.49 18.94
C LEU MB 119 -71.72 -85.37 17.58
N ASP MB 120 -72.12 -84.37 16.79
CA ASP MB 120 -71.46 -84.14 15.53
C ASP MB 120 -70.02 -83.71 15.73
N ARG MB 121 -69.77 -82.85 16.72
CA ARG MB 121 -68.40 -82.42 16.97
C ARG MB 121 -67.61 -83.49 17.70
N ILE MB 122 -68.28 -84.31 18.50
CA ILE MB 122 -67.58 -85.40 19.16
C ILE MB 122 -67.15 -86.45 18.15
N ARG MB 123 -68.04 -86.79 17.22
CA ARG MB 123 -67.74 -87.82 16.23
C ARG MB 123 -66.66 -87.36 15.27
N LYS MB 124 -66.72 -86.10 14.84
CA LYS MB 124 -65.72 -85.59 13.91
C LYS MB 124 -64.35 -85.46 14.56
N LEU MB 125 -64.32 -85.25 15.87
CA LEU MB 125 -63.06 -85.14 16.57
C LEU MB 125 -62.55 -86.50 17.01
N ALA MB 126 -63.43 -87.48 17.11
CA ALA MB 126 -63.01 -88.83 17.50
C ALA MB 126 -62.40 -89.60 16.35
N ASP MB 127 -62.94 -89.43 15.15
CA ASP MB 127 -62.63 -90.33 14.05
C ASP MB 127 -61.39 -89.95 13.27
N ASN MB 128 -60.68 -88.89 13.63
CA ASN MB 128 -59.48 -88.54 12.88
C ASN MB 128 -58.32 -89.49 13.14
N CYS MB 129 -58.36 -90.23 14.25
CA CYS MB 129 -57.40 -91.29 14.49
C CYS MB 129 -58.01 -92.30 15.44
N THR MB 130 -57.75 -93.57 15.18
CA THR MB 130 -58.16 -94.62 16.10
C THR MB 130 -57.10 -94.79 17.17
N GLY MB 131 -57.53 -95.18 18.36
CA GLY MB 131 -56.64 -95.22 19.50
C GLY MB 131 -57.14 -94.27 20.56
N LEU MB 132 -58.44 -93.97 20.50
CA LEU MB 132 -59.08 -93.08 21.45
C LEU MB 132 -59.04 -93.74 22.82
N GLN MB 133 -58.26 -93.17 23.74
CA GLN MB 133 -58.08 -93.80 25.03
C GLN MB 133 -59.33 -93.69 25.88
N GLY MB 134 -60.05 -92.59 25.77
CA GLY MB 134 -61.30 -92.47 26.49
C GLY MB 134 -61.82 -91.05 26.49
N PHE MB 135 -62.96 -90.88 27.14
CA PHE MB 135 -63.63 -89.60 27.28
C PHE MB 135 -63.49 -89.14 28.71
N LEU MB 136 -62.95 -87.95 28.90
CA LEU MB 136 -63.07 -87.28 30.19
C LEU MB 136 -64.30 -86.39 30.17
N MET MB 137 -65.05 -86.42 31.26
CA MET MB 137 -66.28 -85.65 31.36
C MET MB 137 -66.20 -84.76 32.59
N PHE MB 138 -66.51 -83.49 32.41
CA PHE MB 138 -66.50 -82.52 33.49
C PHE MB 138 -67.90 -81.92 33.60
N ASN MB 139 -68.49 -82.02 34.78
CA ASN MB 139 -69.85 -81.56 34.96
C ASN MB 139 -70.11 -81.26 36.42
N ALA MB 140 -71.17 -80.52 36.68
CA ALA MB 140 -71.66 -80.25 38.01
C ALA MB 140 -73.00 -80.94 38.18
N VAL MB 141 -73.10 -81.82 39.18
CA VAL MB 141 -74.38 -82.48 39.39
C VAL MB 141 -75.35 -81.62 40.16
N GLY MB 142 -74.91 -80.45 40.64
CA GLY MB 142 -75.83 -79.55 41.30
C GLY MB 142 -76.67 -78.71 40.36
N GLY MB 143 -76.19 -78.46 39.15
CA GLY MB 143 -76.86 -77.56 38.24
C GLY MB 143 -77.84 -78.26 37.32
N GLY MB 144 -78.35 -77.49 36.36
CA GLY MB 144 -79.27 -78.01 35.38
C GLY MB 144 -78.64 -78.59 34.13
N THR MB 145 -77.84 -77.79 33.42
CA THR MB 145 -77.27 -78.27 32.16
C THR MB 145 -76.05 -79.15 32.39
N GLY MB 146 -75.40 -79.02 33.54
CA GLY MB 146 -74.33 -79.94 33.85
C GLY MB 146 -74.82 -81.31 34.26
N SER MB 147 -76.02 -81.39 34.82
CA SER MB 147 -76.58 -82.66 35.26
C SER MB 147 -77.57 -83.21 34.23
N GLY MB 148 -78.44 -82.34 33.71
CA GLY MB 148 -79.44 -82.81 32.77
C GLY MB 148 -78.86 -83.13 31.40
N LEU MB 149 -78.22 -82.13 30.79
CA LEU MB 149 -77.62 -82.35 29.47
C LEU MB 149 -76.42 -83.27 29.56
N GLY MB 150 -75.72 -83.26 30.70
CA GLY MB 150 -74.61 -84.19 30.87
C GLY MB 150 -75.06 -85.63 30.86
N CYS MB 151 -76.25 -85.90 31.38
CA CYS MB 151 -76.82 -87.24 31.30
C CYS MB 151 -77.12 -87.63 29.87
N LEU MB 152 -77.66 -86.70 29.08
CA LEU MB 152 -78.08 -87.00 27.72
C LEU MB 152 -76.88 -87.34 26.84
N LEU MB 153 -75.75 -86.69 27.08
CA LEU MB 153 -74.53 -87.05 26.36
C LEU MB 153 -74.07 -88.46 26.71
N LEU MB 154 -74.14 -88.83 27.99
CA LEU MB 154 -73.69 -90.15 28.42
C LEU MB 154 -74.57 -91.26 27.84
N GLU MB 155 -75.89 -91.03 27.78
CA GLU MB 155 -76.75 -92.01 27.12
C GLU MB 155 -76.45 -92.10 25.63
N ARG MB 156 -76.18 -90.96 24.99
CA ARG MB 156 -75.91 -90.99 23.56
C ARG MB 156 -74.51 -91.47 23.25
N LEU MB 157 -73.55 -91.25 24.14
CA LEU MB 157 -72.18 -91.67 23.84
C LEU MB 157 -72.00 -93.17 23.98
N SER MB 158 -72.63 -93.77 25.00
CA SER MB 158 -72.44 -95.19 25.24
C SER MB 158 -73.16 -96.05 24.19
N VAL MB 159 -74.16 -95.51 23.51
CA VAL MB 159 -74.89 -96.33 22.54
C VAL MB 159 -74.11 -96.43 21.23
N ASP MB 160 -73.23 -95.47 20.95
CA ASP MB 160 -72.45 -95.48 19.71
C ASP MB 160 -70.99 -95.82 19.97
N TYR MB 161 -70.34 -95.06 20.85
CA TYR MB 161 -68.97 -95.34 21.25
C TYR MB 161 -69.02 -96.25 22.47
N GLY MB 162 -69.13 -97.56 22.20
CA GLY MB 162 -69.51 -98.51 23.23
C GLY MB 162 -68.50 -98.79 24.32
N LYS MB 163 -67.41 -99.45 23.97
CA LYS MB 163 -66.48 -99.96 24.97
C LYS MB 163 -65.38 -98.96 25.32
N LYS MB 164 -65.50 -97.72 24.88
CA LYS MB 164 -64.52 -96.71 25.26
C LYS MB 164 -64.71 -96.30 26.70
N SER MB 165 -63.59 -96.07 27.39
CA SER MB 165 -63.62 -95.69 28.80
C SER MB 165 -64.19 -94.29 28.95
N LYS MB 166 -65.06 -94.10 29.93
CA LYS MB 166 -65.73 -92.81 30.12
C LYS MB 166 -65.55 -92.37 31.58
N LEU MB 167 -64.42 -91.72 31.86
CA LEU MB 167 -64.22 -91.12 33.17
C LEU MB 167 -65.10 -89.89 33.32
N ASN MB 168 -65.39 -89.55 34.57
CA ASN MB 168 -66.22 -88.40 34.89
C ASN MB 168 -65.65 -87.72 36.11
N PHE MB 169 -65.86 -86.41 36.21
CA PHE MB 169 -65.42 -85.64 37.36
C PHE MB 169 -66.57 -84.74 37.75
N CYS MB 170 -67.33 -85.15 38.75
CA CYS MB 170 -68.53 -84.45 39.15
C CYS MB 170 -68.22 -83.57 40.35
N SER MB 171 -68.65 -82.32 40.28
CA SER MB 171 -68.53 -81.40 41.42
C SER MB 171 -69.77 -81.61 42.29
N TRP MB 172 -69.69 -82.67 43.10
CA TRP MB 172 -70.80 -83.08 43.95
C TRP MB 172 -71.09 -82.00 45.00
N PRO MB 173 -72.36 -81.79 45.34
CA PRO MB 173 -72.71 -80.71 46.27
C PRO MB 173 -72.19 -80.96 47.68
N SER MB 174 -71.87 -79.87 48.35
CA SER MB 174 -71.30 -79.86 49.67
C SER MB 174 -72.35 -80.20 50.73
N PRO MB 175 -71.92 -80.79 51.86
CA PRO MB 175 -72.87 -81.05 52.95
C PRO MB 175 -73.51 -79.81 53.54
N GLN MB 176 -72.85 -78.67 53.51
CA GLN MB 176 -73.40 -77.45 54.09
C GLN MB 176 -73.47 -76.29 53.10
N VAL MB 177 -72.50 -76.18 52.20
CA VAL MB 177 -72.45 -75.10 51.22
C VAL MB 177 -73.30 -75.48 50.02
N SER MB 178 -74.21 -74.60 49.62
CA SER MB 178 -75.11 -74.98 48.54
C SER MB 178 -75.08 -74.09 47.30
N THR MB 179 -75.32 -72.79 47.45
CA THR MB 179 -75.58 -71.84 46.35
C THR MB 179 -76.74 -72.26 45.43
N ALA MB 180 -77.57 -73.23 45.85
CA ALA MB 180 -78.69 -73.73 45.06
C ALA MB 180 -79.60 -74.53 45.96
N VAL MB 181 -80.90 -74.22 45.97
CA VAL MB 181 -81.78 -74.84 46.96
C VAL MB 181 -82.43 -76.11 46.40
N VAL MB 182 -82.47 -76.26 45.08
CA VAL MB 182 -83.10 -77.42 44.48
C VAL MB 182 -82.07 -78.49 44.15
N GLU MB 183 -80.80 -78.27 44.50
CA GLU MB 183 -79.77 -79.29 44.25
C GLU MB 183 -79.99 -80.62 44.99
N PRO MB 184 -80.79 -80.73 46.06
CA PRO MB 184 -81.20 -82.08 46.45
C PRO MB 184 -81.91 -82.87 45.36
N TYR MB 185 -82.76 -82.22 44.56
CA TYR MB 185 -83.47 -82.96 43.52
C TYR MB 185 -82.56 -83.31 42.35
N ASN MB 186 -81.67 -82.39 41.98
CA ASN MB 186 -80.94 -82.55 40.73
C ASN MB 186 -79.91 -83.66 40.82
N SER MB 187 -79.16 -83.72 41.92
CA SER MB 187 -78.05 -84.66 41.98
C SER MB 187 -78.51 -86.06 42.39
N VAL MB 188 -79.72 -86.20 42.92
CA VAL MB 188 -80.27 -87.53 43.09
C VAL MB 188 -80.63 -88.12 41.73
N LEU MB 189 -81.27 -87.33 40.86
CA LEU MB 189 -81.67 -87.83 39.55
C LEU MB 189 -80.46 -88.14 38.69
N SER MB 190 -79.40 -87.33 38.81
CA SER MB 190 -78.19 -87.59 38.04
C SER MB 190 -77.51 -88.87 38.51
N THR MB 191 -77.62 -89.17 39.80
CA THR MB 191 -76.95 -90.35 40.34
C THR MB 191 -77.55 -91.62 39.75
N HIS MB 192 -78.86 -91.66 39.58
CA HIS MB 192 -79.47 -92.80 38.90
C HIS MB 192 -79.07 -92.83 37.44
N SER MB 193 -78.71 -91.69 36.87
CA SER MB 193 -78.31 -91.66 35.47
C SER MB 193 -76.89 -92.13 35.30
N LEU MB 194 -75.93 -91.43 35.90
CA LEU MB 194 -74.53 -91.70 35.65
C LEU MB 194 -74.04 -92.99 36.32
N LEU MB 195 -74.89 -93.68 37.06
CA LEU MB 195 -74.49 -94.94 37.66
C LEU MB 195 -74.28 -96.01 36.59
N GLU MB 196 -75.11 -96.01 35.55
CA GLU MB 196 -75.05 -97.04 34.52
C GLU MB 196 -74.42 -96.55 33.22
N HIS MB 197 -73.68 -95.46 33.25
CA HIS MB 197 -72.95 -95.02 32.08
C HIS MB 197 -71.50 -94.72 32.32
N THR MB 198 -71.17 -94.07 33.43
CA THR MB 198 -69.81 -93.65 33.73
C THR MB 198 -69.00 -94.83 34.24
N ASP MB 199 -67.82 -95.04 33.67
CA ASP MB 199 -66.97 -96.13 34.13
C ASP MB 199 -66.29 -95.83 35.45
N VAL MB 200 -65.79 -94.62 35.65
CA VAL MB 200 -65.15 -94.20 36.89
C VAL MB 200 -65.58 -92.78 37.20
N ALA MB 201 -66.14 -92.56 38.37
CA ALA MB 201 -66.62 -91.25 38.76
C ALA MB 201 -65.83 -90.77 39.98
N VAL MB 202 -65.42 -89.51 39.94
CA VAL MB 202 -64.60 -88.92 40.99
C VAL MB 202 -65.34 -87.72 41.55
N MET MB 203 -65.55 -87.71 42.87
CA MET MB 203 -66.30 -86.63 43.50
C MET MB 203 -65.36 -85.52 43.93
N LEU MB 204 -65.70 -84.30 43.56
CA LEU MB 204 -64.98 -83.10 43.95
C LEU MB 204 -65.95 -82.20 44.69
N ASP MB 205 -65.51 -81.62 45.80
CA ASP MB 205 -66.42 -80.93 46.70
C ASP MB 205 -65.85 -79.56 47.02
N ASN MB 206 -66.67 -78.53 46.89
CA ASN MB 206 -66.17 -77.17 47.04
C ASN MB 206 -65.78 -76.88 48.46
N GLU MB 207 -66.46 -77.48 49.43
CA GLU MB 207 -66.08 -77.27 50.82
C GLU MB 207 -64.78 -77.97 51.13
N ALA MB 208 -64.49 -79.07 50.44
CA ALA MB 208 -63.23 -79.76 50.63
C ALA MB 208 -62.05 -78.93 50.13
N ILE MB 209 -62.19 -78.32 48.95
CA ILE MB 209 -61.07 -77.56 48.41
C ILE MB 209 -60.92 -76.24 49.13
N TYR MB 210 -62.01 -75.70 49.69
CA TYR MB 210 -61.92 -74.52 50.53
C TYR MB 210 -61.03 -74.75 51.74
N ASP MB 211 -61.20 -75.89 52.41
CA ASP MB 211 -60.36 -76.12 53.58
C ASP MB 211 -58.94 -76.49 53.18
N ILE MB 212 -58.76 -77.03 51.98
CA ILE MB 212 -57.42 -77.29 51.48
C ILE MB 212 -56.69 -75.96 51.23
N CYS MB 213 -57.38 -75.01 50.61
CA CYS MB 213 -56.76 -73.71 50.34
C CYS MB 213 -56.54 -72.90 51.60
N ARG MB 214 -57.18 -73.26 52.70
CA ARG MB 214 -57.03 -72.44 53.91
C ARG MB 214 -55.90 -72.96 54.77
N ARG MB 215 -55.79 -74.27 54.97
CA ARG MB 215 -54.79 -74.72 55.93
C ARG MB 215 -53.44 -74.91 55.26
N ASN MB 216 -53.42 -75.20 53.97
CA ASN MB 216 -52.16 -75.31 53.24
C ASN MB 216 -51.62 -73.96 52.79
N LEU MB 217 -52.35 -73.28 51.91
CA LEU MB 217 -51.85 -72.08 51.27
C LEU MB 217 -52.08 -70.83 52.08
N ASP MB 218 -52.82 -70.93 53.19
CA ASP MB 218 -53.19 -69.81 54.04
C ASP MB 218 -53.90 -68.73 53.21
N ILE MB 219 -54.81 -69.18 52.36
CA ILE MB 219 -55.65 -68.29 51.57
C ILE MB 219 -56.97 -68.17 52.32
N GLU MB 220 -57.17 -67.03 52.97
CA GLU MB 220 -58.35 -66.87 53.81
C GLU MB 220 -59.61 -66.66 52.97
N ARG MB 221 -59.50 -66.08 51.80
CA ARG MB 221 -60.65 -65.80 50.94
C ARG MB 221 -60.38 -66.27 49.51
N PRO MB 222 -60.45 -67.57 49.26
CA PRO MB 222 -60.28 -68.04 47.89
C PRO MB 222 -61.55 -67.87 47.08
N THR MB 223 -61.37 -67.79 45.77
CA THR MB 223 -62.47 -67.73 44.83
C THR MB 223 -62.47 -68.99 43.98
N TYR MB 224 -63.39 -69.04 43.01
CA TYR MB 224 -63.55 -70.25 42.22
C TYR MB 224 -62.35 -70.53 41.34
N THR MB 225 -61.61 -69.50 40.92
CA THR MB 225 -60.47 -69.77 40.07
C THR MB 225 -59.27 -70.26 40.85
N ASN MB 226 -59.21 -69.99 42.15
CA ASN MB 226 -58.21 -70.67 42.97
C ASN MB 226 -58.53 -72.14 43.09
N LEU MB 227 -59.81 -72.49 43.07
CA LEU MB 227 -60.19 -73.88 43.24
C LEU MB 227 -59.80 -74.69 42.02
N ASN MB 228 -59.99 -74.12 40.84
CA ASN MB 228 -59.87 -74.88 39.61
C ASN MB 228 -58.41 -75.08 39.21
N ARG MB 229 -57.51 -74.27 39.74
CA ARG MB 229 -56.09 -74.51 39.52
C ARG MB 229 -55.67 -75.82 40.14
N LEU MB 230 -56.13 -76.09 41.36
CA LEU MB 230 -55.80 -77.35 42.03
C LEU MB 230 -56.46 -78.52 41.34
N ILE MB 231 -57.67 -78.31 40.80
CA ILE MB 231 -58.35 -79.36 40.07
C ILE MB 231 -57.61 -79.67 38.78
N ALA MB 232 -57.06 -78.63 38.15
CA ALA MB 232 -56.32 -78.81 36.91
C ALA MB 232 -55.06 -79.64 37.13
N GLN MB 233 -54.41 -79.46 38.28
CA GLN MB 233 -53.21 -80.23 38.58
C GLN MB 233 -53.56 -81.70 38.79
N VAL MB 234 -54.74 -81.98 39.33
CA VAL MB 234 -55.14 -83.35 39.55
C VAL MB 234 -55.41 -84.04 38.22
N ILE MB 235 -56.06 -83.34 37.29
CA ILE MB 235 -56.31 -83.87 35.96
C ILE MB 235 -54.99 -84.09 35.23
N SER MB 236 -54.03 -83.18 35.44
CA SER MB 236 -52.75 -83.30 34.77
C SER MB 236 -51.96 -84.50 35.28
N SER MB 237 -52.14 -84.82 36.55
CA SER MB 237 -51.38 -85.93 37.13
C SER MB 237 -51.92 -87.27 36.68
N LEU MB 238 -53.22 -87.35 36.39
CA LEU MB 238 -53.78 -88.62 35.92
C LEU MB 238 -53.28 -88.94 34.52
N THR MB 239 -53.29 -87.95 33.65
CA THR MB 239 -52.92 -88.12 32.26
C THR MB 239 -51.45 -87.86 32.00
N ALA MB 240 -50.65 -87.69 33.05
CA ALA MB 240 -49.23 -87.40 32.86
C ALA MB 240 -48.49 -88.57 32.25
N SER MB 241 -48.90 -89.79 32.56
CA SER MB 241 -48.21 -90.96 32.00
C SER MB 241 -48.56 -91.18 30.54
N LEU MB 242 -49.75 -90.75 30.11
CA LEU MB 242 -50.07 -90.78 28.69
C LEU MB 242 -49.15 -89.86 27.91
N ARG MB 243 -48.82 -88.72 28.49
CA ARG MB 243 -48.14 -87.68 27.72
C ARG MB 243 -46.62 -87.84 27.76
N PHE MB 244 -46.06 -88.03 28.95
CA PHE MB 244 -44.63 -88.04 29.14
C PHE MB 244 -44.16 -89.45 29.45
N ASP MB 245 -42.87 -89.67 29.25
CA ASP MB 245 -42.30 -90.98 29.54
C ASP MB 245 -42.25 -91.22 31.04
N GLY MB 246 -42.36 -92.49 31.43
CA GLY MB 246 -42.36 -92.84 32.83
C GLY MB 246 -41.61 -94.14 33.07
N ALA MB 247 -41.13 -94.29 34.30
CA ALA MB 247 -40.51 -95.55 34.69
C ALA MB 247 -41.55 -96.62 34.91
N LEU MB 248 -42.80 -96.25 35.16
CA LEU MB 248 -43.87 -97.21 35.40
C LEU MB 248 -45.16 -96.52 34.98
N ASN MB 249 -45.64 -96.85 33.80
CA ASN MB 249 -46.75 -96.11 33.23
C ASN MB 249 -48.10 -96.57 33.78
N VAL MB 250 -49.02 -95.62 33.90
CA VAL MB 250 -50.39 -95.86 34.32
C VAL MB 250 -51.27 -95.00 33.43
N ASP MB 251 -51.99 -95.61 32.51
CA ASP MB 251 -52.82 -94.83 31.62
C ASP MB 251 -54.28 -94.89 32.08
N VAL MB 252 -55.18 -94.39 31.23
CA VAL MB 252 -56.59 -94.29 31.58
C VAL MB 252 -57.19 -95.66 31.81
N THR MB 253 -56.78 -96.65 31.01
CA THR MB 253 -57.34 -97.98 31.15
C THR MB 253 -56.89 -98.65 32.46
N GLU MB 254 -55.73 -98.27 32.98
CA GLU MB 254 -55.27 -98.82 34.26
C GLU MB 254 -56.14 -98.39 35.42
N PHE MB 255 -56.75 -97.21 35.33
CA PHE MB 255 -57.55 -96.72 36.46
C PHE MB 255 -58.75 -97.59 36.70
N GLN MB 256 -59.53 -97.87 35.65
CA GLN MB 256 -60.78 -98.59 35.85
C GLN MB 256 -60.51 -100.04 36.23
N THR MB 257 -59.55 -100.69 35.58
CA THR MB 257 -59.30 -102.11 35.82
C THR MB 257 -58.68 -102.40 37.17
N ASN MB 258 -58.37 -101.38 37.95
CA ASN MB 258 -57.67 -101.55 39.20
C ASN MB 258 -58.38 -100.89 40.36
N LEU MB 259 -59.53 -100.28 40.11
CA LEU MB 259 -60.26 -99.56 41.14
C LEU MB 259 -61.74 -99.91 41.24
N VAL MB 260 -62.26 -100.75 40.34
CA VAL MB 260 -63.71 -100.96 40.25
C VAL MB 260 -64.02 -102.43 40.44
N PRO MB 261 -63.95 -102.96 41.67
CA PRO MB 261 -64.13 -104.41 41.86
C PRO MB 261 -65.48 -104.95 41.46
N TYR MB 262 -66.52 -104.12 41.45
CA TYR MB 262 -67.84 -104.52 41.01
C TYR MB 262 -68.43 -103.43 40.11
N PRO MB 263 -69.31 -103.79 39.17
CA PRO MB 263 -69.69 -102.83 38.11
C PRO MB 263 -70.39 -101.58 38.60
N ARG MB 264 -71.08 -101.62 39.73
CA ARG MB 264 -71.77 -100.45 40.26
C ARG MB 264 -70.98 -99.74 41.34
N ILE MB 265 -69.79 -100.23 41.67
CA ILE MB 265 -68.98 -99.59 42.69
C ILE MB 265 -67.82 -98.87 42.02
N HIS MB 266 -68.05 -97.61 41.64
CA HIS MB 266 -66.99 -96.85 40.99
C HIS MB 266 -66.96 -95.40 41.41
N PHE MB 267 -67.55 -95.05 42.54
CA PHE MB 267 -67.48 -93.71 43.08
C PHE MB 267 -66.27 -93.64 44.00
N MET MB 268 -65.40 -92.65 43.78
CA MET MB 268 -64.11 -92.71 44.42
C MET MB 268 -63.55 -91.31 44.67
N LEU MB 269 -62.57 -91.26 45.55
CA LEU MB 269 -62.07 -90.05 46.18
C LEU MB 269 -60.79 -89.55 45.49
N SER MB 270 -60.26 -88.44 45.99
CA SER MB 270 -59.00 -87.90 45.49
C SER MB 270 -58.26 -87.19 46.59
N SER MB 271 -56.95 -87.01 46.38
CA SER MB 271 -56.09 -86.28 47.28
C SER MB 271 -54.83 -85.93 46.53
N TYR MB 272 -54.38 -84.70 46.68
CA TYR MB 272 -53.18 -84.21 46.01
C TYR MB 272 -52.24 -83.69 47.06
N ALA MB 273 -50.96 -84.05 46.95
CA ALA MB 273 -49.97 -83.59 47.88
C ALA MB 273 -48.65 -83.58 47.15
N PRO MB 274 -47.80 -82.57 47.37
CA PRO MB 274 -47.99 -81.44 48.26
C PRO MB 274 -48.71 -80.27 47.62
N ILE MB 275 -49.44 -79.54 48.46
CA ILE MB 275 -50.04 -78.27 48.10
C ILE MB 275 -49.42 -77.25 49.04
N ILE MB 276 -48.32 -76.64 48.60
CA ILE MB 276 -47.50 -75.80 49.47
C ILE MB 276 -47.27 -74.47 48.77
N SER MB 277 -47.43 -73.37 49.50
CA SER MB 277 -47.16 -72.06 48.97
C SER MB 277 -45.65 -71.79 48.95
N ALA MB 278 -45.28 -70.57 48.59
CA ALA MB 278 -43.87 -70.24 48.46
C ALA MB 278 -43.21 -70.06 49.82
N GLU MB 279 -43.95 -69.52 50.80
CA GLU MB 279 -43.36 -69.24 52.10
C GLU MB 279 -43.20 -70.48 52.97
N LYS MB 280 -43.80 -71.60 52.58
CA LYS MB 280 -43.64 -72.83 53.35
C LYS MB 280 -42.79 -73.88 52.65
N ALA MB 281 -42.57 -73.75 51.35
CA ALA MB 281 -41.72 -74.72 50.65
C ALA MB 281 -40.26 -74.51 50.96
N TYR MB 282 -39.92 -73.39 51.55
CA TYR MB 282 -38.55 -73.06 51.90
C TYR MB 282 -38.05 -73.83 53.09
N HIS MB 283 -38.93 -74.48 53.85
CA HIS MB 283 -38.53 -75.06 55.12
C HIS MB 283 -38.79 -76.54 55.25
N GLU MB 284 -39.75 -77.10 54.52
CA GLU MB 284 -39.90 -78.55 54.42
C GLU MB 284 -39.11 -79.13 53.26
N GLN MB 285 -38.37 -80.18 53.55
CA GLN MB 285 -37.93 -81.09 52.51
C GLN MB 285 -39.14 -81.93 52.12
N LEU MB 286 -39.33 -82.13 50.84
CA LEU MB 286 -40.51 -82.83 50.36
C LEU MB 286 -40.14 -84.27 50.02
N SER MB 287 -39.86 -85.03 51.07
CA SER MB 287 -39.47 -86.41 50.90
C SER MB 287 -40.64 -87.23 50.38
N VAL MB 288 -40.31 -88.35 49.72
CA VAL MB 288 -41.34 -89.21 49.15
C VAL MB 288 -42.19 -89.81 50.25
N ALA MB 289 -41.59 -90.05 51.41
CA ALA MB 289 -42.36 -90.51 52.55
C ALA MB 289 -43.35 -89.45 53.02
N GLU MB 290 -42.94 -88.18 53.02
CA GLU MB 290 -43.78 -87.15 53.60
C GLU MB 290 -44.93 -86.78 52.67
N ILE MB 291 -44.68 -86.75 51.36
CA ILE MB 291 -45.74 -86.36 50.42
C ILE MB 291 -46.76 -87.48 50.29
N THR MB 292 -46.38 -88.71 50.60
CA THR MB 292 -47.36 -89.78 50.63
C THR MB 292 -47.99 -89.95 51.99
N ASN MB 293 -47.39 -89.41 53.04
CA ASN MB 293 -48.05 -89.39 54.35
C ASN MB 293 -49.15 -88.36 54.36
N SER MB 294 -48.90 -87.20 53.75
CA SER MB 294 -49.91 -86.16 53.73
C SER MB 294 -51.04 -86.47 52.78
N ALA MB 295 -50.83 -87.36 51.81
CA ALA MB 295 -51.90 -87.72 50.90
C ALA MB 295 -53.00 -88.51 51.59
N PHE MB 296 -52.63 -89.31 52.57
CA PHE MB 296 -53.60 -90.13 53.31
C PHE MB 296 -54.17 -89.40 54.51
N GLU MB 297 -53.80 -88.16 54.73
CA GLU MB 297 -54.34 -87.40 55.84
C GLU MB 297 -55.83 -87.14 55.63
N PRO MB 298 -56.65 -87.29 56.67
CA PRO MB 298 -58.09 -87.08 56.51
C PRO MB 298 -58.45 -85.67 56.10
N ALA MB 299 -57.70 -84.67 56.52
CA ALA MB 299 -57.98 -83.29 56.17
C ALA MB 299 -57.40 -82.89 54.84
N SER MB 300 -56.83 -83.84 54.09
CA SER MB 300 -56.22 -83.58 52.79
C SER MB 300 -57.05 -84.12 51.65
N MET MB 301 -58.33 -84.37 51.86
CA MET MB 301 -59.08 -85.07 50.85
C MET MB 301 -59.70 -84.06 49.89
N MET MB 302 -60.41 -84.58 48.90
CA MET MB 302 -60.96 -83.76 47.82
C MET MB 302 -62.47 -83.80 47.76
N ALA MB 303 -63.14 -84.50 48.68
CA ALA MB 303 -64.58 -84.63 48.57
C ALA MB 303 -65.35 -84.41 49.86
N LYS MB 304 -64.68 -84.04 50.97
CA LYS MB 304 -65.31 -83.78 52.26
C LYS MB 304 -66.12 -85.00 52.73
N CYS MB 305 -65.37 -86.07 53.00
CA CYS MB 305 -65.90 -87.20 53.72
C CYS MB 305 -64.75 -87.82 54.49
N ASP MB 306 -64.95 -88.03 55.77
CA ASP MB 306 -63.89 -88.47 56.65
C ASP MB 306 -63.58 -89.91 56.31
N PRO MB 307 -62.36 -90.25 55.93
CA PRO MB 307 -62.07 -91.63 55.52
C PRO MB 307 -61.97 -92.62 56.66
N ARG MB 308 -61.99 -92.19 57.93
CA ARG MB 308 -61.91 -93.16 59.03
C ARG MB 308 -63.15 -94.02 59.14
N HIS MB 309 -64.31 -93.56 58.67
CA HIS MB 309 -65.48 -94.41 58.77
C HIS MB 309 -65.70 -95.24 57.51
N GLY MB 310 -64.62 -95.68 56.89
CA GLY MB 310 -64.70 -96.61 55.77
C GLY MB 310 -63.43 -97.42 55.67
N LYS MB 311 -63.45 -98.38 54.75
CA LYS MB 311 -62.29 -99.19 54.44
C LYS MB 311 -61.95 -99.01 52.98
N TYR MB 312 -60.68 -98.85 52.67
CA TYR MB 312 -60.26 -98.64 51.29
C TYR MB 312 -60.37 -99.93 50.49
N MET MB 313 -61.19 -99.91 49.45
CA MET MB 313 -61.37 -101.08 48.60
C MET MB 313 -60.17 -101.30 47.70
N ALA MB 314 -59.69 -100.23 47.07
CA ALA MB 314 -58.51 -100.24 46.24
C ALA MB 314 -57.97 -98.81 46.16
N CYS MB 315 -56.71 -98.68 45.79
CA CYS MB 315 -56.06 -97.38 45.85
C CYS MB 315 -55.09 -97.26 44.69
N CYS MB 316 -54.91 -96.03 44.20
CA CYS MB 316 -54.01 -95.78 43.08
C CYS MB 316 -53.19 -94.54 43.38
N LEU MB 317 -51.87 -94.66 43.29
CA LEU MB 317 -50.95 -93.58 43.65
C LEU MB 317 -50.10 -93.20 42.46
N MET MB 318 -50.32 -92.01 41.93
CA MET MB 318 -49.59 -91.51 40.78
C MET MB 318 -48.51 -90.56 41.29
N TYR MB 319 -47.26 -91.02 41.26
CA TYR MB 319 -46.13 -90.18 41.64
C TYR MB 319 -45.64 -89.44 40.41
N ARG MB 320 -45.20 -88.21 40.61
CA ARG MB 320 -44.91 -87.31 39.50
C ARG MB 320 -43.71 -86.46 39.86
N GLY MB 321 -42.56 -86.76 39.29
CA GLY MB 321 -41.37 -85.99 39.59
C GLY MB 321 -40.11 -86.82 39.70
N ASP MB 322 -39.20 -86.44 40.57
CA ASP MB 322 -37.96 -87.18 40.77
C ASP MB 322 -38.15 -88.29 41.81
N VAL MB 323 -39.14 -89.13 41.56
CA VAL MB 323 -39.54 -90.17 42.50
C VAL MB 323 -38.79 -91.43 42.12
N VAL MB 324 -37.85 -91.82 42.96
CA VAL MB 324 -37.13 -93.09 42.76
C VAL MB 324 -38.09 -94.24 43.03
N PRO MB 325 -38.04 -95.32 42.25
CA PRO MB 325 -38.93 -96.45 42.54
C PRO MB 325 -38.63 -97.16 43.83
N LYS MB 326 -37.44 -96.96 44.40
CA LYS MB 326 -37.13 -97.48 45.73
C LYS MB 326 -38.07 -96.91 46.77
N ASP MB 327 -38.19 -95.59 46.83
CA ASP MB 327 -38.86 -94.93 47.94
C ASP MB 327 -40.37 -95.05 47.86
N VAL MB 328 -40.91 -95.45 46.73
CA VAL MB 328 -42.34 -95.73 46.68
C VAL MB 328 -42.66 -96.95 47.53
N ASN MB 329 -41.89 -98.03 47.34
CA ASN MB 329 -42.16 -99.27 48.07
C ASN MB 329 -41.89 -99.11 49.55
N ALA MB 330 -40.88 -98.32 49.91
CA ALA MB 330 -40.59 -98.10 51.32
C ALA MB 330 -41.68 -97.24 51.96
N ALA MB 331 -42.23 -96.30 51.22
CA ALA MB 331 -43.25 -95.42 51.79
C ALA MB 331 -44.61 -96.10 51.84
N VAL MB 332 -44.93 -96.92 50.84
CA VAL MB 332 -46.24 -97.55 50.85
C VAL MB 332 -46.25 -98.74 51.80
N ALA MB 333 -45.08 -99.26 52.17
CA ALA MB 333 -45.01 -100.23 53.24
C ALA MB 333 -45.29 -99.57 54.58
N THR MB 334 -44.92 -98.31 54.73
CA THR MB 334 -45.20 -97.59 55.95
C THR MB 334 -46.70 -97.33 56.11
N ILE MB 335 -47.38 -97.00 55.02
CA ILE MB 335 -48.82 -96.79 55.08
C ILE MB 335 -49.54 -98.07 55.43
N LYS MB 336 -49.11 -99.19 54.84
CA LYS MB 336 -49.75 -100.47 55.12
C LYS MB 336 -49.48 -100.91 56.55
N THR MB 337 -48.36 -100.49 57.14
CA THR MB 337 -48.08 -100.84 58.53
C THR MB 337 -48.92 -100.03 59.49
N LYS MB 338 -49.09 -98.74 59.22
CA LYS MB 338 -49.87 -97.86 60.07
C LYS MB 338 -51.33 -98.30 60.08
N ARG MB 339 -51.92 -98.35 61.26
CA ARG MB 339 -53.20 -99.03 61.44
C ARG MB 339 -54.38 -98.10 61.60
N THR MB 340 -54.18 -96.78 61.55
CA THR MB 340 -55.33 -95.90 61.47
C THR MB 340 -55.96 -95.94 60.09
N ILE MB 341 -55.20 -96.37 59.09
CA ILE MB 341 -55.72 -96.62 57.75
C ILE MB 341 -55.99 -98.11 57.61
N GLN MB 342 -57.22 -98.47 57.31
CA GLN MB 342 -57.61 -99.87 57.24
C GLN MB 342 -57.99 -100.24 55.82
N PHE MB 343 -57.71 -101.49 55.47
CA PHE MB 343 -58.05 -102.05 54.18
C PHE MB 343 -59.01 -103.21 54.38
N VAL MB 344 -59.84 -103.44 53.38
CA VAL MB 344 -60.84 -104.48 53.48
C VAL MB 344 -60.18 -105.82 53.18
N ASP MB 345 -60.77 -106.89 53.71
CA ASP MB 345 -60.08 -108.18 53.75
C ASP MB 345 -59.99 -108.86 52.39
N TRP MB 346 -60.91 -108.55 51.47
CA TRP MB 346 -60.92 -109.21 50.18
C TRP MB 346 -60.03 -108.53 49.16
N CYS MB 347 -59.04 -107.75 49.61
CA CYS MB 347 -58.10 -107.08 48.74
C CYS MB 347 -56.78 -106.94 49.47
N PRO MB 348 -56.01 -108.02 49.59
CA PRO MB 348 -54.81 -107.97 50.42
C PRO MB 348 -53.67 -107.20 49.78
N THR MB 349 -53.46 -107.37 48.48
CA THR MB 349 -52.64 -106.46 47.69
C THR MB 349 -53.57 -105.37 47.20
N GLY MB 350 -53.25 -104.12 47.51
CA GLY MB 350 -54.28 -103.11 47.40
C GLY MB 350 -53.89 -101.77 46.80
N PHE MB 351 -52.67 -101.66 46.32
CA PHE MB 351 -52.15 -100.37 45.91
C PHE MB 351 -51.79 -100.41 44.43
N LYS MB 352 -51.68 -99.23 43.86
CA LYS MB 352 -51.17 -99.04 42.50
C LYS MB 352 -50.11 -97.95 42.52
N CYS MB 353 -49.01 -98.20 41.83
CA CYS MB 353 -47.91 -97.25 41.80
C CYS MB 353 -47.64 -96.86 40.36
N GLY MB 354 -47.59 -95.56 40.11
CA GLY MB 354 -47.24 -95.05 38.80
C GLY MB 354 -46.33 -93.86 38.91
N ILE MB 355 -45.17 -93.94 38.27
CA ILE MB 355 -44.12 -92.94 38.41
C ILE MB 355 -43.88 -92.28 37.06
N ASN MB 356 -43.85 -90.95 37.05
CA ASN MB 356 -43.53 -90.18 35.86
C ASN MB 356 -42.41 -89.23 36.24
N TYR MB 357 -41.44 -89.06 35.33
CA TYR MB 357 -40.29 -88.23 35.65
C TYR MB 357 -40.59 -86.74 35.59
N GLN MB 358 -41.56 -86.32 34.80
CA GLN MB 358 -41.77 -84.89 34.58
C GLN MB 358 -42.34 -84.24 35.82
N PRO MB 359 -41.66 -83.25 36.40
CA PRO MB 359 -42.20 -82.58 37.58
C PRO MB 359 -43.37 -81.70 37.21
N PRO MB 360 -44.23 -81.35 38.17
CA PRO MB 360 -45.41 -80.55 37.84
C PRO MB 360 -45.06 -79.15 37.37
N THR MB 361 -45.91 -78.61 36.50
CA THR MB 361 -45.69 -77.32 35.89
C THR MB 361 -46.50 -76.26 36.63
N VAL MB 362 -45.82 -75.24 37.13
CA VAL MB 362 -46.46 -74.19 37.92
C VAL MB 362 -46.91 -73.07 37.00
N VAL MB 363 -48.16 -72.63 37.20
CA VAL MB 363 -48.67 -71.49 36.43
C VAL MB 363 -48.08 -70.23 37.04
N PRO MB 364 -47.57 -69.31 36.22
CA PRO MB 364 -47.10 -68.04 36.76
C PRO MB 364 -48.25 -67.23 37.30
N GLY MB 365 -48.01 -66.53 38.40
CA GLY MB 365 -49.07 -65.76 39.03
C GLY MB 365 -50.14 -66.60 39.67
N GLY MB 366 -49.83 -67.86 39.97
CA GLY MB 366 -50.76 -68.74 40.63
C GLY MB 366 -50.61 -68.67 42.14
N ASP MB 367 -50.86 -69.80 42.79
CA ASP MB 367 -50.75 -69.88 44.23
C ASP MB 367 -49.80 -70.96 44.73
N LEU MB 368 -49.57 -72.01 43.97
CA LEU MB 368 -48.64 -73.04 44.40
C LEU MB 368 -47.21 -72.62 44.12
N ALA MB 369 -46.28 -73.38 44.67
CA ALA MB 369 -44.85 -73.15 44.47
C ALA MB 369 -44.27 -74.27 43.64
N LYS MB 370 -43.06 -74.05 43.15
CA LYS MB 370 -42.40 -75.05 42.33
C LYS MB 370 -41.89 -76.17 43.21
N VAL MB 371 -42.37 -77.38 42.96
CA VAL MB 371 -42.01 -78.54 43.76
C VAL MB 371 -41.38 -79.57 42.84
N MET MB 372 -40.50 -80.39 43.41
CA MET MB 372 -39.78 -81.36 42.62
C MET MB 372 -40.50 -82.69 42.49
N ARG MB 373 -41.58 -82.89 43.24
CA ARG MB 373 -42.33 -84.14 43.17
C ARG MB 373 -43.73 -83.91 43.70
N ALA MB 374 -44.64 -84.81 43.32
CA ALA MB 374 -46.03 -84.71 43.74
C ALA MB 374 -46.68 -86.08 43.66
N VAL MB 375 -47.75 -86.25 44.43
CA VAL MB 375 -48.54 -87.48 44.45
C VAL MB 375 -49.99 -87.12 44.17
N CYS MB 376 -50.64 -87.89 43.32
CA CYS MB 376 -52.09 -87.86 43.19
C CYS MB 376 -52.60 -89.23 43.56
N MET MB 377 -53.56 -89.28 44.49
CA MET MB 377 -54.03 -90.54 45.03
C MET MB 377 -55.54 -90.60 44.84
N ILE MB 378 -56.01 -91.63 44.14
CA ILE MB 378 -57.42 -91.87 43.93
C ILE MB 378 -57.78 -93.16 44.62
N SER MB 379 -58.74 -93.10 45.54
CA SER MB 379 -59.06 -94.21 46.41
C SER MB 379 -60.52 -94.57 46.28
N ASN MB 380 -60.79 -95.86 46.14
CA ASN MB 380 -62.15 -96.37 46.20
C ASN MB 380 -62.38 -96.83 47.62
N SER MB 381 -63.30 -96.17 48.32
CA SER MB 381 -63.52 -96.46 49.73
C SER MB 381 -64.97 -96.82 49.97
N THR MB 382 -65.20 -97.47 51.11
CA THR MB 382 -66.53 -97.75 51.61
C THR MB 382 -67.13 -96.53 52.29
N ALA MB 383 -66.31 -95.51 52.59
CA ALA MB 383 -66.79 -94.29 53.21
C ALA MB 383 -67.70 -93.46 52.32
N ILE MB 384 -67.80 -93.78 51.03
CA ILE MB 384 -68.68 -93.09 50.11
C ILE MB 384 -70.15 -93.33 50.44
N ALA MB 385 -70.45 -94.33 51.27
CA ALA MB 385 -71.82 -94.55 51.71
C ALA MB 385 -72.37 -93.35 52.46
N GLU MB 386 -71.53 -92.65 53.21
CA GLU MB 386 -72.00 -91.52 53.99
C GLU MB 386 -72.32 -90.31 53.11
N VAL MB 387 -71.51 -90.05 52.08
CA VAL MB 387 -71.76 -88.88 51.25
C VAL MB 387 -72.98 -89.10 50.38
N PHE MB 388 -73.39 -90.35 50.19
CA PHE MB 388 -74.67 -90.61 49.58
C PHE MB 388 -75.79 -90.59 50.60
N SER MB 389 -75.50 -90.95 51.86
CA SER MB 389 -76.54 -91.04 52.87
C SER MB 389 -77.01 -89.66 53.34
N ARG MB 390 -76.08 -88.73 53.56
CA ARG MB 390 -76.49 -87.37 53.85
C ARG MB 390 -77.21 -86.76 52.67
N MET MB 391 -76.79 -87.13 51.47
CA MET MB 391 -77.57 -86.80 50.28
C MET MB 391 -78.94 -87.49 50.32
N ASP MB 392 -78.97 -88.74 50.79
CA ASP MB 392 -80.18 -89.54 50.77
C ASP MB 392 -81.24 -88.95 51.69
N HIS MB 393 -80.82 -88.42 52.83
CA HIS MB 393 -81.75 -87.94 53.83
C HIS MB 393 -82.36 -86.60 53.44
N LYS MB 394 -81.59 -85.76 52.76
CA LYS MB 394 -82.08 -84.43 52.41
C LYS MB 394 -83.18 -84.49 51.36
N PHE MB 395 -83.06 -85.43 50.42
CA PHE MB 395 -84.06 -85.57 49.37
C PHE MB 395 -85.39 -86.05 49.92
N ASP MB 396 -85.34 -87.00 50.86
CA ASP MB 396 -86.57 -87.57 51.41
C ASP MB 396 -87.28 -86.56 52.28
N LEU MB 397 -86.53 -85.71 52.97
CA LEU MB 397 -87.08 -84.72 53.88
C LEU MB 397 -87.90 -83.65 53.16
N MET MB 398 -87.78 -83.54 51.86
CA MET MB 398 -88.45 -82.49 51.11
C MET MB 398 -89.20 -82.97 49.87
N TYR MB 399 -88.91 -84.17 49.36
CA TYR MB 399 -89.78 -84.74 48.34
C TYR MB 399 -91.11 -85.18 48.94
N ALA MB 400 -91.12 -85.57 50.20
CA ALA MB 400 -92.31 -86.16 50.83
C ALA MB 400 -93.47 -85.19 50.92
N LYS MB 401 -93.23 -83.89 50.76
CA LYS MB 401 -94.31 -82.92 50.68
C LYS MB 401 -94.41 -82.26 49.31
N ARG MB 402 -93.75 -82.83 48.31
CA ARG MB 402 -93.89 -82.45 46.91
C ARG MB 402 -93.52 -81.00 46.67
N ALA MB 403 -92.59 -80.46 47.45
CA ALA MB 403 -92.08 -79.14 47.19
C ALA MB 403 -91.17 -79.19 45.98
N PHE MB 404 -91.20 -78.13 45.18
CA PHE MB 404 -90.35 -77.97 43.99
C PHE MB 404 -90.51 -79.11 43.00
N VAL MB 405 -91.71 -79.67 42.88
CA VAL MB 405 -91.94 -80.71 41.89
C VAL MB 405 -92.72 -80.18 40.69
N HIS MB 406 -93.50 -79.11 40.86
CA HIS MB 406 -94.30 -78.61 39.75
C HIS MB 406 -93.43 -78.01 38.65
N TRP MB 407 -92.21 -77.60 38.97
CA TRP MB 407 -91.27 -77.24 37.92
C TRP MB 407 -90.83 -78.47 37.14
N TYR MB 408 -90.56 -79.56 37.85
CA TYR MB 408 -90.05 -80.77 37.21
C TYR MB 408 -91.12 -81.46 36.39
N VAL MB 409 -92.33 -81.60 36.95
CA VAL MB 409 -93.39 -82.30 36.23
C VAL MB 409 -93.95 -81.47 35.11
N GLY MB 410 -93.85 -80.14 35.18
CA GLY MB 410 -94.32 -79.32 34.09
C GLY MB 410 -93.41 -79.37 32.88
N GLU MB 411 -92.15 -79.72 33.07
CA GLU MB 411 -91.18 -79.74 31.98
C GLU MB 411 -90.98 -81.13 31.42
N GLY MB 412 -91.87 -82.06 31.71
CA GLY MB 412 -91.90 -83.30 30.95
C GLY MB 412 -91.79 -84.58 31.73
N MET MB 413 -90.92 -84.62 32.73
CA MET MB 413 -90.74 -85.88 33.44
C MET MB 413 -91.90 -86.13 34.38
N GLU MB 414 -92.16 -87.41 34.63
CA GLU MB 414 -93.25 -87.82 35.51
C GLU MB 414 -92.69 -88.17 36.88
N GLU MB 415 -93.40 -87.75 37.92
CA GLU MB 415 -93.14 -88.30 39.24
C GLU MB 415 -93.40 -89.80 39.20
N GLY MB 416 -92.46 -90.56 39.71
CA GLY MB 416 -92.36 -91.96 39.36
C GLY MB 416 -90.98 -92.18 38.79
N GLU MB 417 -90.43 -91.13 38.18
CA GLU MB 417 -88.99 -91.09 37.96
C GLU MB 417 -88.28 -90.58 39.20
N PHE MB 418 -88.94 -89.72 39.97
CA PHE MB 418 -88.43 -89.34 41.28
C PHE MB 418 -88.38 -90.54 42.21
N SER MB 419 -89.42 -91.37 42.17
CA SER MB 419 -89.45 -92.55 43.03
C SER MB 419 -88.45 -93.60 42.56
N GLU MB 420 -88.32 -93.77 41.25
CA GLU MB 420 -87.39 -94.77 40.73
C GLU MB 420 -85.95 -94.39 41.01
N ALA MB 421 -85.62 -93.10 40.93
CA ALA MB 421 -84.25 -92.68 41.21
C ALA MB 421 -83.94 -92.81 42.70
N ARG MB 422 -84.95 -92.65 43.54
CA ARG MB 422 -84.76 -92.79 44.98
C ARG MB 422 -84.39 -94.21 45.37
N GLU MB 423 -85.12 -95.20 44.86
CA GLU MB 423 -84.84 -96.59 45.21
C GLU MB 423 -83.54 -97.07 44.58
N ASP MB 424 -83.19 -96.53 43.41
CA ASP MB 424 -81.91 -96.88 42.81
C ASP MB 424 -80.74 -96.39 43.66
N LEU MB 425 -80.89 -95.22 44.26
CA LEU MB 425 -79.92 -94.79 45.25
C LEU MB 425 -79.93 -95.72 46.45
N ALA MB 426 -81.12 -96.14 46.88
CA ALA MB 426 -81.21 -97.04 48.03
C ALA MB 426 -80.62 -98.40 47.71
N ALA MB 427 -80.73 -98.83 46.45
CA ALA MB 427 -80.05 -100.05 46.03
C ALA MB 427 -78.54 -99.88 46.09
N LEU MB 428 -78.05 -98.72 45.67
CA LEU MB 428 -76.63 -98.43 45.78
C LEU MB 428 -76.20 -98.33 47.24
N GLU MB 429 -77.07 -97.79 48.09
CA GLU MB 429 -76.78 -97.68 49.51
C GLU MB 429 -76.58 -99.04 50.13
N LYS MB 430 -77.46 -99.99 49.78
CA LYS MB 430 -77.32 -101.35 50.29
C LYS MB 430 -76.08 -102.02 49.75
N ASP MB 431 -75.66 -101.64 48.55
CA ASP MB 431 -74.53 -102.30 47.91
C ASP MB 431 -73.23 -101.99 48.63
N TYR MB 432 -73.07 -100.76 49.08
CA TYR MB 432 -71.89 -100.41 49.87
C TYR MB 432 -71.91 -101.13 51.21
N GLU MB 433 -73.09 -101.35 51.77
CA GLU MB 433 -73.19 -102.03 53.05
C GLU MB 433 -72.86 -103.51 52.91
N GLU MB 434 -73.30 -104.14 51.83
CA GLU MB 434 -73.07 -105.57 51.67
C GLU MB 434 -71.61 -105.85 51.35
N VAL MB 435 -70.95 -104.94 50.63
CA VAL MB 435 -69.56 -105.15 50.24
C VAL MB 435 -68.59 -104.83 51.37
N GLY MB 436 -69.01 -104.09 52.37
CA GLY MB 436 -68.11 -103.76 53.46
C GLY MB 436 -67.94 -104.83 54.51
N ILE MB 437 -68.58 -105.99 54.33
CA ILE MB 437 -68.53 -107.08 55.29
C ILE MB 437 -67.13 -107.68 55.39
N MET NB 1 -80.27 -63.36 21.22
CA MET NB 1 -80.11 -63.61 22.65
C MET NB 1 -81.36 -63.21 23.41
N ARG NB 2 -81.27 -63.20 24.74
CA ARG NB 2 -82.44 -63.00 25.58
C ARG NB 2 -82.79 -61.51 25.69
N GLU NB 3 -84.08 -61.20 25.74
CA GLU NB 3 -84.53 -59.81 25.86
C GLU NB 3 -85.69 -59.73 26.85
N ILE NB 4 -85.67 -58.68 27.66
CA ILE NB 4 -86.73 -58.39 28.62
C ILE NB 4 -87.55 -57.23 28.08
N VAL NB 5 -88.82 -57.50 27.76
CA VAL NB 5 -89.74 -56.46 27.33
C VAL NB 5 -90.28 -55.79 28.59
N HIS NB 6 -90.13 -54.47 28.65
CA HIS NB 6 -90.55 -53.71 29.82
C HIS NB 6 -91.88 -53.04 29.57
N VAL NB 7 -92.78 -53.14 30.55
CA VAL NB 7 -94.11 -52.55 30.45
C VAL NB 7 -94.36 -51.74 31.71
N GLN NB 8 -94.61 -50.44 31.55
CA GLN NB 8 -94.88 -49.56 32.66
C GLN NB 8 -96.32 -49.07 32.56
N GLY NB 9 -97.10 -49.28 33.61
CA GLY NB 9 -98.49 -48.88 33.64
C GLY NB 9 -98.78 -47.97 34.81
N GLY NB 10 -99.59 -46.96 34.58
CA GLY NB 10 -100.03 -46.05 35.61
C GLY NB 10 -99.09 -44.87 35.81
N GLN NB 11 -99.57 -43.89 36.57
CA GLN NB 11 -98.72 -42.75 36.93
C GLN NB 11 -97.55 -43.20 37.76
N CYS NB 12 -97.78 -44.06 38.74
CA CYS NB 12 -96.70 -44.56 39.58
C CYS NB 12 -95.75 -45.41 38.77
N GLY NB 13 -96.28 -46.30 37.93
CA GLY NB 13 -95.43 -47.19 37.17
C GLY NB 13 -94.58 -46.48 36.15
N ASN NB 14 -95.10 -45.41 35.56
CA ASN NB 14 -94.33 -44.69 34.55
C ASN NB 14 -93.17 -43.95 35.18
N GLN NB 15 -93.41 -43.22 36.27
CA GLN NB 15 -92.34 -42.43 36.84
C GLN NB 15 -91.37 -43.28 37.64
N ILE NB 16 -91.76 -44.49 38.03
CA ILE NB 16 -90.79 -45.38 38.65
C ILE NB 16 -90.05 -46.16 37.59
N GLY NB 17 -90.62 -46.28 36.39
CA GLY NB 17 -89.90 -46.88 35.30
C GLY NB 17 -89.00 -45.90 34.59
N ALA NB 18 -89.36 -44.61 34.63
CA ALA NB 18 -88.50 -43.59 34.06
C ALA NB 18 -87.20 -43.47 34.85
N LYS NB 19 -87.30 -43.55 36.18
CA LYS NB 19 -86.10 -43.49 37.00
C LYS NB 19 -85.37 -44.80 36.97
N PHE NB 20 -86.04 -45.86 36.54
CA PHE NB 20 -85.38 -47.14 36.34
C PHE NB 20 -84.48 -47.12 35.12
N TRP NB 21 -84.97 -46.58 34.00
CA TRP NB 21 -84.17 -46.57 32.79
C TRP NB 21 -82.97 -45.64 32.93
N GLU NB 22 -83.02 -44.71 33.87
CA GLU NB 22 -81.88 -43.85 34.14
C GLU NB 22 -80.72 -44.65 34.73
N VAL NB 23 -81.02 -45.59 35.61
CA VAL NB 23 -79.97 -46.37 36.24
C VAL NB 23 -79.39 -47.39 35.26
N ILE NB 24 -80.25 -48.02 34.44
CA ILE NB 24 -79.77 -48.97 33.44
C ILE NB 24 -78.92 -48.27 32.38
N SER NB 25 -79.37 -47.09 31.93
CA SER NB 25 -78.61 -46.36 30.93
C SER NB 25 -77.28 -45.88 31.47
N ASP NB 26 -77.25 -45.46 32.73
CA ASP NB 26 -76.01 -45.03 33.34
C ASP NB 26 -75.05 -46.21 33.45
N GLU NB 27 -75.59 -47.37 33.83
CA GLU NB 27 -74.76 -48.56 34.02
C GLU NB 27 -74.13 -49.00 32.72
N HIS NB 28 -74.87 -48.91 31.62
CA HIS NB 28 -74.33 -49.25 30.32
C HIS NB 28 -73.72 -48.05 29.62
N GLY NB 29 -73.70 -46.89 30.27
CA GLY NB 29 -73.05 -45.72 29.71
C GLY NB 29 -73.74 -45.14 28.50
N ILE NB 30 -75.03 -44.89 28.59
CA ILE NB 30 -75.80 -44.38 27.46
C ILE NB 30 -76.07 -42.89 27.69
N ASP NB 31 -75.60 -42.07 26.75
CA ASP NB 31 -75.92 -40.67 26.70
C ASP NB 31 -77.42 -40.53 26.49
N PRO NB 32 -78.07 -39.58 27.17
CA PRO NB 32 -79.53 -39.39 26.97
C PRO NB 32 -79.97 -39.11 25.54
N THR NB 33 -79.06 -38.75 24.64
CA THR NB 33 -79.41 -38.67 23.23
C THR NB 33 -79.32 -40.00 22.53
N GLY NB 34 -78.89 -41.05 23.22
CA GLY NB 34 -78.87 -42.39 22.68
C GLY NB 34 -77.50 -42.93 22.35
N THR NB 35 -76.48 -42.08 22.24
CA THR NB 35 -75.15 -42.55 21.90
C THR NB 35 -74.51 -43.24 23.08
N TYR NB 36 -73.47 -44.01 22.79
CA TYR NB 36 -72.73 -44.73 23.82
C TYR NB 36 -71.41 -44.03 24.10
N CYS NB 37 -71.09 -43.90 25.38
CA CYS NB 37 -69.84 -43.33 25.83
C CYS NB 37 -69.21 -44.26 26.85
N GLY NB 38 -67.88 -44.39 26.81
CA GLY NB 38 -67.21 -45.12 27.87
C GLY NB 38 -66.05 -46.01 27.47
N ASP NB 39 -66.10 -46.58 26.27
CA ASP NB 39 -65.01 -47.37 25.68
C ASP NB 39 -64.63 -48.57 26.53
N SER NB 40 -65.58 -49.49 26.67
CA SER NB 40 -65.33 -50.80 27.25
C SER NB 40 -66.36 -51.78 26.71
N ASP NB 41 -65.89 -52.89 26.16
CA ASP NB 41 -66.80 -53.81 25.49
C ASP NB 41 -67.67 -54.57 26.47
N LEU NB 42 -67.28 -54.62 27.74
CA LEU NB 42 -68.07 -55.32 28.73
C LEU NB 42 -69.34 -54.55 29.07
N GLN NB 43 -69.36 -53.24 28.82
CA GLN NB 43 -70.58 -52.46 28.95
C GLN NB 43 -71.61 -52.91 27.93
N LEU NB 44 -71.18 -53.13 26.70
CA LEU NB 44 -72.07 -53.16 25.55
C LEU NB 44 -72.26 -54.58 25.04
N GLU NB 45 -71.71 -55.58 25.74
CA GLU NB 45 -71.78 -56.95 25.25
C GLU NB 45 -73.20 -57.47 25.25
N ARG NB 46 -73.96 -57.21 26.30
CA ARG NB 46 -75.37 -57.58 26.38
C ARG NB 46 -76.17 -56.30 26.56
N ILE NB 47 -76.45 -55.63 25.45
CA ILE NB 47 -77.28 -54.45 25.46
C ILE NB 47 -78.64 -54.75 24.88
N ASN NB 48 -78.78 -55.87 24.18
CA ASN NB 48 -80.07 -56.24 23.62
C ASN NB 48 -81.02 -56.78 24.67
N VAL NB 49 -80.57 -56.97 25.91
CA VAL NB 49 -81.48 -57.37 26.97
C VAL NB 49 -82.43 -56.26 27.35
N PHE NB 50 -82.09 -55.00 27.05
CA PHE NB 50 -82.98 -53.89 27.32
C PHE NB 50 -83.07 -52.88 26.20
N TYR NB 51 -82.19 -52.93 25.21
CA TYR NB 51 -82.14 -51.91 24.17
C TYR NB 51 -82.22 -52.53 22.78
N ASN NB 52 -82.63 -51.72 21.82
CA ASN NB 52 -82.68 -52.12 20.42
C ASN NB 52 -81.76 -51.21 19.62
N GLU NB 53 -80.93 -51.81 18.76
CA GLU NB 53 -80.19 -51.03 17.78
C GLU NB 53 -81.18 -50.37 16.83
N ALA NB 54 -80.91 -49.11 16.47
CA ALA NB 54 -81.88 -48.32 15.74
C ALA NB 54 -81.26 -47.64 14.52
N THR NB 55 -80.53 -48.41 13.72
CA THR NB 55 -80.00 -48.11 12.38
C THR NB 55 -79.24 -46.80 12.24
N GLY NB 56 -78.87 -46.18 13.34
CA GLY NB 56 -78.14 -44.95 13.28
C GLY NB 56 -77.11 -44.96 14.36
N GLY NB 57 -76.92 -46.13 14.94
CA GLY NB 57 -76.05 -46.27 16.09
C GLY NB 57 -76.67 -45.91 17.40
N ARG NB 58 -77.94 -45.51 17.43
CA ARG NB 58 -78.56 -45.12 18.69
C ARG NB 58 -79.36 -46.29 19.25
N PHE NB 59 -79.51 -46.28 20.57
CA PHE NB 59 -80.11 -47.38 21.29
C PHE NB 59 -81.43 -46.94 21.89
N VAL NB 60 -82.47 -47.72 21.61
CA VAL NB 60 -83.81 -47.37 22.08
C VAL NB 60 -84.31 -48.45 23.04
N PRO NB 61 -84.91 -48.07 24.16
CA PRO NB 61 -85.40 -49.07 25.08
C PRO NB 61 -86.62 -49.78 24.54
N ARG NB 62 -86.72 -51.08 24.84
CA ARG NB 62 -87.89 -51.86 24.48
C ARG NB 62 -88.93 -51.77 25.59
N ALA NB 63 -89.38 -50.54 25.83
CA ALA NB 63 -90.27 -50.22 26.93
C ALA NB 63 -91.59 -49.70 26.38
N ILE NB 64 -92.69 -50.14 26.98
CA ILE NB 64 -94.02 -49.74 26.55
C ILE NB 64 -94.60 -48.87 27.66
N LEU NB 65 -94.75 -47.59 27.39
CA LEU NB 65 -95.27 -46.64 28.37
C LEU NB 65 -96.78 -46.56 28.18
N MET NB 66 -97.52 -46.80 29.26
CA MET NB 66 -98.94 -47.11 29.15
C MET NB 66 -99.69 -46.41 30.26
N ASP NB 67 -100.60 -45.51 29.91
CA ASP NB 67 -101.41 -44.85 30.94
C ASP NB 67 -102.67 -44.33 30.28
N LEU NB 68 -103.69 -44.10 31.09
CA LEU NB 68 -105.00 -43.67 30.63
C LEU NB 68 -105.21 -42.16 30.65
N GLU NB 69 -104.19 -41.39 30.98
CA GLU NB 69 -104.31 -39.94 30.95
C GLU NB 69 -102.97 -39.34 30.56
N PRO NB 70 -102.96 -38.29 29.74
CA PRO NB 70 -101.71 -37.85 29.12
C PRO NB 70 -100.77 -37.08 30.04
N GLY NB 71 -101.15 -36.82 31.28
CA GLY NB 71 -100.35 -35.93 32.12
C GLY NB 71 -98.99 -36.51 32.50
N THR NB 72 -98.97 -37.78 32.91
CA THR NB 72 -97.73 -38.32 33.44
C THR NB 72 -96.73 -38.67 32.35
N MET NB 73 -97.16 -38.85 31.11
CA MET NB 73 -96.19 -39.02 30.03
C MET NB 73 -95.56 -37.70 29.62
N ASP NB 74 -96.23 -36.58 29.88
CA ASP NB 74 -95.60 -35.30 29.60
C ASP NB 74 -94.43 -35.06 30.54
N SER NB 75 -94.53 -35.51 31.78
CA SER NB 75 -93.45 -35.33 32.73
C SER NB 75 -92.27 -36.22 32.40
N VAL NB 76 -92.54 -37.45 31.96
CA VAL NB 76 -91.46 -38.38 31.63
C VAL NB 76 -90.77 -37.95 30.35
N ARG NB 77 -91.54 -37.50 29.36
CA ARG NB 77 -90.96 -37.09 28.08
C ARG NB 77 -90.12 -35.84 28.23
N ALA NB 78 -90.54 -34.90 29.06
CA ALA NB 78 -89.80 -33.67 29.23
C ALA NB 78 -88.66 -33.79 30.24
N GLY NB 79 -88.58 -34.89 30.96
CA GLY NB 79 -87.53 -35.06 31.95
C GLY NB 79 -86.22 -35.45 31.32
N PRO NB 80 -85.17 -35.52 32.14
CA PRO NB 80 -83.90 -36.06 31.65
C PRO NB 80 -84.07 -37.52 31.31
N PHE NB 81 -83.31 -37.96 30.30
CA PHE NB 81 -83.48 -39.26 29.65
C PHE NB 81 -84.91 -39.45 29.15
N GLY NB 82 -85.53 -38.37 28.70
CA GLY NB 82 -86.89 -38.44 28.20
C GLY NB 82 -86.95 -38.60 26.70
N GLN NB 83 -85.90 -38.18 26.02
CA GLN NB 83 -85.83 -38.33 24.58
C GLN NB 83 -85.35 -39.72 24.18
N LEU NB 84 -85.06 -40.57 25.14
CA LEU NB 84 -84.52 -41.89 24.84
C LEU NB 84 -85.60 -42.84 24.34
N PHE NB 85 -86.81 -42.73 24.88
CA PHE NB 85 -87.89 -43.64 24.52
C PHE NB 85 -88.40 -43.35 23.11
N ARG NB 86 -88.78 -44.41 22.40
CA ARG NB 86 -89.41 -44.23 21.11
C ARG NB 86 -90.82 -43.68 21.30
N PRO NB 87 -91.19 -42.60 20.60
CA PRO NB 87 -92.50 -41.97 20.86
C PRO NB 87 -93.68 -42.81 20.43
N ASP NB 88 -93.50 -43.77 19.54
CA ASP NB 88 -94.60 -44.66 19.20
C ASP NB 88 -94.90 -45.64 20.31
N ASN NB 89 -93.96 -45.86 21.23
CA ASN NB 89 -94.20 -46.75 22.35
C ASN NB 89 -95.10 -46.16 23.41
N PHE NB 90 -95.33 -44.84 23.36
CA PHE NB 90 -96.32 -44.22 24.21
C PHE NB 90 -97.71 -44.60 23.73
N VAL NB 91 -98.62 -44.83 24.67
CA VAL NB 91 -100.03 -45.03 24.33
C VAL NB 91 -100.87 -44.20 25.28
N PHE NB 92 -101.82 -43.47 24.73
CA PHE NB 92 -102.54 -42.42 25.45
C PHE NB 92 -103.98 -42.82 25.69
N GLY NB 93 -104.46 -42.59 26.90
CA GLY NB 93 -105.87 -42.48 27.15
C GLY NB 93 -106.19 -41.01 27.38
N GLN NB 94 -107.43 -40.62 27.10
CA GLN NB 94 -107.82 -39.25 27.31
C GLN NB 94 -108.81 -39.06 28.45
N THR NB 95 -109.52 -40.11 28.86
CA THR NB 95 -110.47 -39.96 29.96
C THR NB 95 -109.79 -40.11 31.31
N GLY NB 96 -109.22 -41.28 31.57
CA GLY NB 96 -108.58 -41.52 32.85
C GLY NB 96 -109.46 -42.26 33.83
N ALA NB 97 -108.98 -43.40 34.32
CA ALA NB 97 -109.72 -44.18 35.30
C ALA NB 97 -109.47 -43.59 36.67
N GLY NB 98 -110.49 -42.98 37.26
CA GLY NB 98 -110.31 -42.24 38.49
C GLY NB 98 -110.23 -43.10 39.73
N ASN NB 99 -109.10 -43.80 39.91
CA ASN NB 99 -108.87 -44.71 41.02
C ASN NB 99 -109.96 -45.76 41.11
N ASN NB 100 -110.40 -46.22 39.95
CA ASN NB 100 -111.51 -47.17 39.83
C ASN NB 100 -111.00 -48.37 39.06
N TRP NB 101 -110.91 -49.51 39.72
CA TRP NB 101 -110.44 -50.72 39.08
C TRP NB 101 -111.39 -51.17 37.98
N ALA NB 102 -112.66 -50.86 38.12
CA ALA NB 102 -113.65 -51.36 37.18
C ALA NB 102 -113.50 -50.69 35.82
N LYS NB 103 -113.36 -49.38 35.79
CA LYS NB 103 -113.23 -48.68 34.52
C LYS NB 103 -111.81 -48.72 33.98
N GLY NB 104 -110.88 -49.31 34.71
CA GLY NB 104 -109.58 -49.60 34.16
C GLY NB 104 -109.57 -50.98 33.52
N HIS NB 105 -110.22 -51.94 34.18
CA HIS NB 105 -110.26 -53.30 33.72
C HIS NB 105 -111.49 -53.62 32.88
N TYR NB 106 -112.46 -52.74 32.82
CA TYR NB 106 -113.59 -53.12 31.98
C TYR NB 106 -114.07 -52.03 31.03
N THR NB 107 -114.06 -50.76 31.44
CA THR NB 107 -114.81 -49.75 30.73
C THR NB 107 -113.96 -48.88 29.81
N GLU NB 108 -112.91 -48.26 30.34
CA GLU NB 108 -112.08 -47.38 29.53
C GLU NB 108 -110.81 -48.06 29.03
N GLY NB 109 -110.21 -48.92 29.84
CA GLY NB 109 -109.03 -49.62 29.40
C GLY NB 109 -109.29 -50.74 28.42
N ALA NB 110 -110.55 -51.10 28.20
CA ALA NB 110 -110.85 -52.13 27.22
C ALA NB 110 -110.59 -51.64 25.81
N GLU NB 111 -110.91 -50.39 25.52
CA GLU NB 111 -110.64 -49.83 24.20
C GLU NB 111 -109.18 -49.50 24.01
N LEU NB 112 -108.40 -49.44 25.08
CA LEU NB 112 -106.98 -49.15 24.94
C LEU NB 112 -106.14 -50.41 24.87
N ILE NB 113 -106.63 -51.54 25.34
CA ILE NB 113 -105.75 -52.68 25.50
C ILE NB 113 -105.46 -53.34 24.16
N ASP NB 114 -106.31 -53.15 23.16
CA ASP NB 114 -105.95 -53.63 21.84
C ASP NB 114 -104.86 -52.78 21.22
N SER NB 115 -104.87 -51.48 21.50
CA SER NB 115 -103.85 -50.59 20.95
C SER NB 115 -102.49 -50.85 21.57
N VAL NB 116 -102.45 -51.18 22.86
CA VAL NB 116 -101.17 -51.44 23.49
C VAL NB 116 -100.68 -52.85 23.18
N LEU NB 117 -101.59 -53.78 22.89
CA LEU NB 117 -101.17 -55.15 22.64
C LEU NB 117 -100.52 -55.29 21.27
N ASP NB 118 -100.88 -54.44 20.31
CA ASP NB 118 -100.14 -54.42 19.07
C ASP NB 118 -98.71 -53.97 19.30
N VAL NB 119 -98.52 -53.01 20.21
CA VAL NB 119 -97.17 -52.54 20.50
C VAL NB 119 -96.39 -53.62 21.23
N VAL NB 120 -97.05 -54.40 22.09
CA VAL NB 120 -96.35 -55.45 22.82
C VAL NB 120 -95.88 -56.54 21.89
N ARG NB 121 -96.72 -56.91 20.91
CA ARG NB 121 -96.31 -57.92 19.93
C ARG NB 121 -95.18 -57.40 19.05
N LYS NB 122 -95.04 -56.09 18.94
CA LYS NB 122 -94.04 -55.50 18.07
C LYS NB 122 -92.63 -55.84 18.53
N GLU NB 123 -92.33 -55.64 19.82
CA GLU NB 123 -91.02 -56.01 20.32
C GLU NB 123 -90.98 -57.41 20.91
N ALA NB 124 -92.07 -58.16 20.84
CA ALA NB 124 -92.00 -59.55 21.24
C ALA NB 124 -91.59 -60.42 20.06
N GLU NB 125 -92.33 -60.33 18.96
CA GLU NB 125 -91.99 -61.11 17.78
C GLU NB 125 -90.84 -60.50 16.99
N GLY NB 126 -90.37 -59.32 17.37
CA GLY NB 126 -89.32 -58.67 16.61
C GLY NB 126 -87.96 -59.30 16.74
N CYS NB 127 -87.77 -60.13 17.74
CA CYS NB 127 -86.54 -60.89 17.91
C CYS NB 127 -86.88 -62.37 17.83
N ASP NB 128 -85.86 -63.21 17.94
CA ASP NB 128 -86.02 -64.65 17.76
C ASP NB 128 -86.93 -65.25 18.82
N CYS NB 129 -86.48 -65.20 20.08
CA CYS NB 129 -87.24 -65.70 21.21
C CYS NB 129 -86.88 -64.83 22.40
N LEU NB 130 -87.89 -64.41 23.16
CA LEU NB 130 -87.71 -63.44 24.23
C LEU NB 130 -87.64 -64.13 25.58
N GLN NB 131 -86.88 -63.52 26.49
CA GLN NB 131 -86.71 -64.11 27.81
C GLN NB 131 -87.97 -63.96 28.65
N GLY NB 132 -88.59 -62.79 28.61
CA GLY NB 132 -89.82 -62.60 29.37
C GLY NB 132 -90.20 -61.15 29.43
N PHE NB 133 -91.04 -60.83 30.42
CA PHE NB 133 -91.63 -59.52 30.56
C PHE NB 133 -91.35 -58.99 31.96
N GLN NB 134 -91.22 -57.68 32.07
CA GLN NB 134 -91.00 -57.01 33.35
C GLN NB 134 -91.97 -55.86 33.46
N ILE NB 135 -92.86 -55.91 34.45
CA ILE NB 135 -93.99 -55.01 34.55
C ILE NB 135 -93.95 -54.30 35.88
N THR NB 136 -94.04 -52.98 35.86
CA THR NB 136 -94.07 -52.20 37.07
C THR NB 136 -95.34 -51.36 37.09
N HIS NB 137 -96.11 -51.47 38.16
CA HIS NB 137 -97.38 -50.77 38.26
C HIS NB 137 -97.75 -50.62 39.73
N SER NB 138 -98.84 -49.92 39.98
CA SER NB 138 -99.33 -49.63 41.32
C SER NB 138 -100.69 -50.29 41.53
N LEU NB 139 -100.83 -51.00 42.63
CA LEU NB 139 -102.09 -51.62 42.96
C LEU NB 139 -103.09 -50.66 43.58
N GLY NB 140 -102.63 -49.51 44.07
CA GLY NB 140 -103.51 -48.58 44.72
C GLY NB 140 -104.46 -47.86 43.78
N GLY NB 141 -103.95 -47.43 42.63
CA GLY NB 141 -104.71 -46.61 41.71
C GLY NB 141 -105.54 -47.42 40.75
N GLY NB 142 -106.11 -46.72 39.77
CA GLY NB 142 -107.02 -47.36 38.84
C GLY NB 142 -106.37 -47.86 37.58
N THR NB 143 -105.63 -47.00 36.88
CA THR NB 143 -105.05 -47.36 35.58
C THR NB 143 -103.70 -48.04 35.70
N GLY NB 144 -103.23 -48.30 36.91
CA GLY NB 144 -102.11 -49.20 37.07
C GLY NB 144 -102.58 -50.56 37.52
N SER NB 145 -103.48 -50.58 38.50
CA SER NB 145 -103.99 -51.85 39.01
C SER NB 145 -104.98 -52.47 38.04
N GLY NB 146 -105.90 -51.68 37.53
CA GLY NB 146 -106.95 -52.24 36.70
C GLY NB 146 -106.51 -52.53 35.29
N MET NB 147 -106.17 -51.48 34.56
CA MET NB 147 -105.80 -51.64 33.16
C MET NB 147 -104.42 -52.26 33.03
N GLY NB 148 -103.59 -52.12 34.06
CA GLY NB 148 -102.30 -52.80 34.05
C GLY NB 148 -102.43 -54.30 34.13
N THR NB 149 -103.30 -54.79 35.02
CA THR NB 149 -103.41 -56.23 35.20
C THR NB 149 -104.28 -56.86 34.14
N LEU NB 150 -105.04 -56.07 33.38
CA LEU NB 150 -105.72 -56.62 32.23
C LEU NB 150 -104.69 -57.08 31.20
N LEU NB 151 -103.65 -56.27 31.01
CA LEU NB 151 -102.56 -56.65 30.13
C LEU NB 151 -101.81 -57.85 30.68
N ILE NB 152 -101.65 -57.91 32.00
CA ILE NB 152 -100.97 -59.03 32.64
C ILE NB 152 -101.71 -60.32 32.35
N SER NB 153 -103.03 -60.26 32.36
CA SER NB 153 -103.81 -61.41 31.91
C SER NB 153 -103.61 -61.65 30.44
N LYS NB 154 -103.78 -60.61 29.62
CA LYS NB 154 -103.87 -60.79 28.17
C LYS NB 154 -102.56 -61.25 27.55
N VAL NB 155 -101.43 -60.77 28.07
CA VAL NB 155 -100.16 -61.20 27.51
C VAL NB 155 -99.82 -62.61 27.97
N ARG NB 156 -100.51 -63.11 28.99
CA ARG NB 156 -100.15 -64.40 29.54
C ARG NB 156 -100.63 -65.54 28.64
N GLU NB 157 -101.84 -65.43 28.08
CA GLU NB 157 -102.23 -66.55 27.20
C GLU NB 157 -101.59 -66.45 25.83
N GLU NB 158 -101.06 -65.30 25.45
CA GLU NB 158 -100.39 -65.20 24.16
C GLU NB 158 -98.96 -65.70 24.23
N TYR NB 159 -98.31 -65.55 25.37
CA TYR NB 159 -96.98 -66.11 25.61
C TYR NB 159 -97.02 -66.81 26.96
N PRO NB 160 -97.41 -68.07 27.00
CA PRO NB 160 -97.60 -68.75 28.29
C PRO NB 160 -96.33 -69.22 28.96
N ASP NB 161 -95.35 -69.66 28.19
CA ASP NB 161 -94.14 -70.22 28.77
C ASP NB 161 -93.12 -69.16 29.18
N ARG NB 162 -93.29 -67.91 28.77
CA ARG NB 162 -92.32 -66.88 29.12
C ARG NB 162 -92.55 -66.41 30.55
N ILE NB 163 -91.48 -65.88 31.15
CA ILE NB 163 -91.55 -65.51 32.54
C ILE NB 163 -92.22 -64.14 32.66
N MET NB 164 -92.79 -63.87 33.83
CA MET NB 164 -93.72 -62.76 34.04
C MET NB 164 -93.38 -62.13 35.39
N GLU NB 165 -92.51 -61.12 35.36
CA GLU NB 165 -91.92 -60.56 36.56
C GLU NB 165 -92.58 -59.21 36.82
N THR NB 166 -93.08 -59.02 38.05
CA THR NB 166 -93.84 -57.83 38.38
C THR NB 166 -93.27 -57.13 39.60
N PHE NB 167 -93.23 -55.81 39.53
CA PHE NB 167 -92.89 -54.95 40.66
C PHE NB 167 -94.14 -54.15 40.98
N SER NB 168 -94.82 -54.54 42.05
CA SER NB 168 -96.07 -53.90 42.42
C SER NB 168 -95.86 -53.15 43.72
N VAL NB 169 -96.30 -51.91 43.78
CA VAL NB 169 -96.36 -51.19 45.04
C VAL NB 169 -97.76 -51.35 45.63
N PHE NB 170 -97.80 -51.84 46.86
CA PHE NB 170 -99.02 -52.23 47.54
C PHE NB 170 -99.57 -51.05 48.34
N PRO NB 171 -100.82 -51.14 48.78
CA PRO NB 171 -101.35 -50.12 49.68
C PRO NB 171 -100.58 -50.04 51.00
N SER NB 172 -100.59 -48.88 51.55
CA SER NB 172 -99.90 -48.50 52.76
C SER NB 172 -100.59 -49.04 54.01
N PRO NB 173 -99.83 -49.40 55.03
CA PRO NB 173 -100.44 -49.72 56.33
C PRO NB 173 -100.98 -48.51 57.07
N LYS NB 174 -100.14 -47.50 57.30
CA LYS NB 174 -100.51 -46.42 58.23
C LYS NB 174 -101.35 -45.35 57.55
N VAL NB 175 -100.75 -44.62 56.61
CA VAL NB 175 -101.41 -43.49 55.97
C VAL NB 175 -101.83 -43.92 54.59
N SER NB 176 -103.13 -43.99 54.37
CA SER NB 176 -103.69 -44.55 53.15
C SER NB 176 -104.38 -43.44 52.37
N ASP NB 177 -103.79 -43.04 51.26
CA ASP NB 177 -104.45 -42.19 50.30
C ASP NB 177 -105.37 -43.05 49.45
N THR NB 178 -105.96 -42.46 48.40
CA THR NB 178 -106.83 -43.10 47.41
C THR NB 178 -107.84 -44.06 48.05
N VAL NB 179 -108.81 -43.50 48.78
CA VAL NB 179 -109.65 -44.13 49.80
C VAL NB 179 -110.15 -45.53 49.44
N VAL NB 180 -110.40 -45.79 48.17
CA VAL NB 180 -110.63 -47.17 47.80
C VAL NB 180 -109.29 -47.83 47.46
N GLU NB 181 -108.50 -48.10 48.49
CA GLU NB 181 -107.35 -49.00 48.38
C GLU NB 181 -107.71 -50.47 48.52
N PRO NB 182 -108.49 -50.91 49.51
CA PRO NB 182 -108.70 -52.36 49.63
C PRO NB 182 -109.49 -52.95 48.48
N TYR NB 183 -110.37 -52.18 47.85
CA TYR NB 183 -111.07 -52.69 46.68
C TYR NB 183 -110.11 -52.91 45.52
N ASN NB 184 -109.26 -51.93 45.24
CA ASN NB 184 -108.33 -52.05 44.11
C ASN NB 184 -107.25 -53.07 44.40
N ALA NB 185 -106.86 -53.22 45.67
CA ALA NB 185 -105.81 -54.19 45.99
C ALA NB 185 -106.33 -55.62 45.88
N THR NB 186 -107.48 -55.91 46.50
CA THR NB 186 -107.98 -57.28 46.51
C THR NB 186 -108.39 -57.74 45.12
N LEU NB 187 -108.99 -56.85 44.35
CA LEU NB 187 -109.39 -57.22 43.01
C LEU NB 187 -108.19 -57.42 42.09
N SER NB 188 -107.06 -56.79 42.41
CA SER NB 188 -105.86 -56.99 41.62
C SER NB 188 -105.09 -58.23 42.05
N VAL NB 189 -105.01 -58.49 43.36
CA VAL NB 189 -104.23 -59.62 43.84
C VAL NB 189 -104.89 -60.93 43.42
N HIS NB 190 -106.20 -61.05 43.53
CA HIS NB 190 -106.88 -62.30 43.22
C HIS NB 190 -106.81 -62.65 41.75
N GLN NB 191 -106.46 -61.68 40.91
CA GLN NB 191 -106.33 -61.88 39.48
C GLN NB 191 -104.87 -61.94 39.06
N LEU NB 192 -103.96 -61.55 39.93
CA LEU NB 192 -102.53 -61.62 39.68
C LEU NB 192 -101.88 -62.86 40.26
N VAL NB 193 -102.55 -63.58 41.17
CA VAL NB 193 -101.93 -64.77 41.72
C VAL NB 193 -101.91 -65.89 40.69
N GLU NB 194 -102.88 -65.94 39.79
CA GLU NB 194 -102.86 -66.98 38.77
C GLU NB 194 -102.22 -66.52 37.47
N ASN NB 195 -101.70 -65.30 37.40
CA ASN NB 195 -101.19 -64.79 36.14
C ASN NB 195 -99.87 -64.04 36.27
N ALA NB 196 -99.08 -64.31 37.31
CA ALA NB 196 -97.78 -63.67 37.46
C ALA NB 196 -96.77 -64.69 37.95
N ASP NB 197 -95.62 -64.74 37.27
CA ASP NB 197 -94.64 -65.78 37.59
C ASP NB 197 -93.87 -65.45 38.86
N GLU NB 198 -93.55 -64.18 39.10
CA GLU NB 198 -92.94 -63.78 40.36
C GLU NB 198 -93.23 -62.32 40.64
N VAL NB 199 -93.63 -62.03 41.86
CA VAL NB 199 -94.15 -60.72 42.27
C VAL NB 199 -93.31 -60.23 43.43
N GLN NB 200 -92.86 -58.98 43.35
CA GLN NB 200 -91.90 -58.42 44.29
C GLN NB 200 -92.52 -57.18 44.93
N VAL NB 201 -93.07 -57.34 46.12
CA VAL NB 201 -93.95 -56.32 46.69
C VAL NB 201 -93.14 -55.22 47.35
N ILE NB 202 -93.62 -53.98 47.22
CA ILE NB 202 -92.96 -52.78 47.71
C ILE NB 202 -94.03 -51.92 48.38
N ASP NB 203 -93.67 -51.25 49.48
CA ASP NB 203 -94.57 -50.34 50.16
C ASP NB 203 -93.88 -49.01 50.37
N ASN NB 204 -94.65 -47.92 50.30
CA ASN NB 204 -94.05 -46.60 50.38
C ASN NB 204 -93.49 -46.33 51.77
N GLU NB 205 -94.23 -46.67 52.82
CA GLU NB 205 -93.73 -46.45 54.17
C GLU NB 205 -92.63 -47.43 54.52
N ALA NB 206 -92.46 -48.49 53.75
CA ALA NB 206 -91.26 -49.28 53.90
C ALA NB 206 -90.06 -48.51 53.38
N LEU NB 207 -90.24 -47.81 52.26
CA LEU NB 207 -89.16 -47.00 51.70
C LEU NB 207 -88.89 -45.76 52.55
N TYR NB 208 -89.94 -45.17 53.11
CA TYR NB 208 -89.78 -44.00 53.96
C TYR NB 208 -88.98 -44.33 55.20
N ASP NB 209 -89.15 -45.54 55.72
CA ASP NB 209 -88.35 -45.98 56.86
C ASP NB 209 -86.89 -46.07 56.47
N ILE NB 210 -86.61 -46.53 55.25
CA ILE NB 210 -85.24 -46.65 54.78
C ILE NB 210 -84.60 -45.26 54.67
N CYS NB 211 -85.33 -44.30 54.12
CA CYS NB 211 -84.77 -42.97 53.92
C CYS NB 211 -84.68 -42.17 55.20
N PHE NB 212 -85.45 -42.51 56.22
CA PHE NB 212 -85.39 -41.78 57.48
C PHE NB 212 -84.39 -42.38 58.44
N ARG NB 213 -84.33 -43.70 58.53
CA ARG NB 213 -83.49 -44.34 59.54
C ARG NB 213 -82.10 -44.65 59.03
N THR NB 214 -81.99 -45.16 57.80
CA THR NB 214 -80.68 -45.55 57.29
C THR NB 214 -80.03 -44.44 56.48
N LEU NB 215 -80.71 -43.94 55.46
CA LEU NB 215 -80.10 -42.98 54.54
C LEU NB 215 -79.94 -41.60 55.13
N LYS NB 216 -80.72 -41.26 56.17
CA LYS NB 216 -80.64 -39.99 56.89
C LYS NB 216 -80.85 -38.79 55.97
N LEU NB 217 -81.76 -38.93 55.03
CA LEU NB 217 -82.19 -37.80 54.22
C LEU NB 217 -83.36 -37.10 54.90
N THR NB 218 -83.28 -35.79 55.03
CA THR NB 218 -84.29 -35.06 55.80
C THR NB 218 -85.55 -34.82 54.97
N THR NB 219 -85.43 -34.68 53.65
CA THR NB 219 -86.56 -34.41 52.77
C THR NB 219 -86.52 -35.35 51.58
N PRO NB 220 -86.97 -36.59 51.74
CA PRO NB 220 -87.00 -37.50 50.60
C PRO NB 220 -88.24 -37.28 49.75
N THR NB 221 -88.03 -37.03 48.47
CA THR NB 221 -89.11 -36.82 47.52
C THR NB 221 -89.42 -38.12 46.80
N TYR NB 222 -90.36 -38.05 45.86
CA TYR NB 222 -90.72 -39.25 45.11
C TYR NB 222 -89.62 -39.64 44.14
N GLY NB 223 -88.80 -38.67 43.73
CA GLY NB 223 -87.65 -39.00 42.92
C GLY NB 223 -86.62 -39.81 43.68
N ASP NB 224 -86.46 -39.53 44.97
CA ASP NB 224 -85.45 -40.22 45.76
C ASP NB 224 -85.89 -41.62 46.12
N LEU NB 225 -87.19 -41.81 46.39
CA LEU NB 225 -87.69 -43.15 46.69
C LEU NB 225 -87.55 -44.07 45.50
N ASN NB 226 -87.83 -43.56 44.30
CA ASN NB 226 -87.82 -44.41 43.13
C ASN NB 226 -86.41 -44.84 42.75
N HIS NB 227 -85.40 -44.10 43.19
CA HIS NB 227 -84.03 -44.51 42.93
C HIS NB 227 -83.67 -45.75 43.75
N LEU NB 228 -84.25 -45.89 44.94
CA LEU NB 228 -84.04 -47.09 45.73
C LEU NB 228 -84.69 -48.30 45.08
N VAL NB 229 -85.89 -48.14 44.55
CA VAL NB 229 -86.55 -49.23 43.86
C VAL NB 229 -85.82 -49.58 42.59
N SER NB 230 -85.27 -48.58 41.91
CA SER NB 230 -84.55 -48.83 40.69
C SER NB 230 -83.22 -49.52 40.96
N ALA NB 231 -82.63 -49.26 42.13
CA ALA NB 231 -81.40 -49.97 42.51
C ALA NB 231 -81.66 -51.45 42.70
N ALA NB 232 -82.85 -51.80 43.22
CA ALA NB 232 -83.16 -53.19 43.46
C ALA NB 232 -83.54 -53.90 42.17
N MET NB 233 -84.32 -53.24 41.31
CA MET NB 233 -84.79 -53.89 40.10
C MET NB 233 -83.75 -53.95 38.99
N SER NB 234 -82.61 -53.30 39.16
CA SER NB 234 -81.48 -53.52 38.26
C SER NB 234 -80.55 -54.60 38.76
N GLY NB 235 -80.50 -54.82 40.08
CA GLY NB 235 -79.68 -55.88 40.62
C GLY NB 235 -80.29 -57.26 40.44
N VAL NB 236 -81.61 -57.32 40.27
CA VAL NB 236 -82.24 -58.62 40.04
C VAL NB 236 -81.93 -59.12 38.64
N THR NB 237 -81.73 -58.22 37.69
CA THR NB 237 -81.42 -58.59 36.31
C THR NB 237 -80.00 -58.23 35.92
N CYS NB 238 -79.14 -57.94 36.90
CA CYS NB 238 -77.75 -57.60 36.57
C CYS NB 238 -77.01 -58.79 36.00
N CYS NB 239 -77.33 -59.98 36.47
CA CYS NB 239 -76.55 -61.15 36.11
C CYS NB 239 -76.89 -61.65 34.72
N LEU NB 240 -77.97 -61.14 34.12
CA LEU NB 240 -78.18 -61.34 32.69
C LEU NB 240 -77.25 -60.48 31.88
N ARG NB 241 -77.04 -59.23 32.31
CA ARG NB 241 -76.36 -58.24 31.51
C ARG NB 241 -74.84 -58.33 31.63
N PHE NB 242 -74.33 -58.92 32.69
CA PHE NB 242 -72.90 -58.96 32.91
C PHE NB 242 -72.48 -60.36 33.32
N PRO NB 243 -71.23 -60.75 33.05
CA PRO NB 243 -70.80 -62.10 33.42
C PRO NB 243 -70.58 -62.26 34.92
N GLY NB 244 -70.08 -63.41 35.34
CA GLY NB 244 -69.81 -63.62 36.75
C GLY NB 244 -69.27 -65.01 37.00
N GLN NB 245 -68.85 -65.22 38.24
CA GLN NB 245 -68.34 -66.52 38.65
C GLN NB 245 -69.47 -67.54 38.78
N LEU NB 246 -70.67 -67.08 39.11
CA LEU NB 246 -71.83 -67.97 39.25
C LEU NB 246 -73.03 -67.21 38.75
N ASN NB 247 -73.64 -67.70 37.68
CA ASN NB 247 -74.57 -66.91 36.88
C ASN NB 247 -76.02 -67.27 37.13
N SER NB 248 -76.90 -66.28 37.06
CA SER NB 248 -78.28 -66.46 37.53
C SER NB 248 -79.25 -65.53 36.84
N ASP NB 249 -80.14 -66.08 36.03
CA ASP NB 249 -81.15 -65.32 35.32
C ASP NB 249 -82.45 -65.26 36.12
N LEU NB 250 -83.53 -64.82 35.47
CA LEU NB 250 -84.80 -64.66 36.16
C LEU NB 250 -85.46 -66.00 36.41
N ARG NB 251 -85.43 -66.90 35.43
CA ARG NB 251 -85.98 -68.24 35.61
C ARG NB 251 -85.14 -69.05 36.59
N LYS NB 252 -83.86 -68.72 36.69
CA LYS NB 252 -82.95 -69.33 37.65
C LYS NB 252 -83.46 -69.07 39.05
N LEU NB 253 -83.97 -67.85 39.26
CA LEU NB 253 -84.37 -67.39 40.58
C LEU NB 253 -85.72 -67.94 40.98
N ALA NB 254 -86.65 -68.05 40.03
CA ALA NB 254 -88.00 -68.49 40.35
C ALA NB 254 -88.04 -69.97 40.69
N VAL NB 255 -87.23 -70.78 40.02
CA VAL NB 255 -87.21 -72.21 40.30
C VAL NB 255 -86.61 -72.49 41.66
N ASN NB 256 -85.87 -71.55 42.21
CA ASN NB 256 -85.28 -71.70 43.52
C ASN NB 256 -85.99 -70.92 44.60
N LEU NB 257 -87.20 -70.41 44.33
CA LEU NB 257 -87.96 -69.72 45.36
C LEU NB 257 -89.43 -70.08 45.38
N ILE NB 258 -89.91 -70.93 44.49
CA ILE NB 258 -91.33 -71.25 44.44
C ILE NB 258 -91.51 -72.72 44.76
N PRO NB 259 -91.80 -73.08 45.98
CA PRO NB 259 -92.13 -74.47 46.28
C PRO NB 259 -93.46 -74.88 45.69
N PHE NB 260 -94.48 -74.08 45.92
CA PHE NB 260 -95.81 -74.32 45.43
C PHE NB 260 -96.28 -73.14 44.60
N PRO NB 261 -96.96 -73.38 43.48
CA PRO NB 261 -97.10 -72.32 42.46
C PRO NB 261 -97.97 -71.15 42.89
N ARG NB 262 -98.77 -71.29 43.93
CA ARG NB 262 -99.64 -70.20 44.34
C ARG NB 262 -98.90 -69.10 45.08
N LEU NB 263 -97.70 -69.37 45.57
CA LEU NB 263 -97.03 -68.48 46.50
C LEU NB 263 -95.76 -67.94 45.84
N HIS NB 264 -95.89 -66.76 45.24
CA HIS NB 264 -94.81 -66.14 44.49
C HIS NB 264 -94.72 -64.67 44.83
N PHE NB 265 -94.66 -64.37 46.11
CA PHE NB 265 -94.53 -63.00 46.59
C PHE NB 265 -93.25 -62.90 47.40
N PHE NB 266 -92.51 -61.81 47.20
CA PHE NB 266 -91.16 -61.70 47.72
C PHE NB 266 -90.95 -60.35 48.40
N LEU NB 267 -90.05 -60.35 49.38
CA LEU NB 267 -89.57 -59.12 49.98
C LEU NB 267 -88.26 -58.73 49.32
N ILE NB 268 -88.08 -57.44 49.07
CA ILE NB 268 -86.93 -56.95 48.33
C ILE NB 268 -86.10 -56.07 49.23
N GLY NB 269 -84.78 -56.23 49.16
CA GLY NB 269 -83.87 -55.40 49.93
C GLY NB 269 -82.62 -55.10 49.14
N PHE NB 270 -81.89 -54.09 49.58
CA PHE NB 270 -80.69 -53.65 48.89
C PHE NB 270 -79.66 -53.17 49.90
N ALA NB 271 -78.44 -53.65 49.76
CA ALA NB 271 -77.35 -53.27 50.64
C ALA NB 271 -76.11 -53.07 49.78
N PRO NB 272 -75.22 -52.13 50.16
CA PRO NB 272 -75.18 -51.26 51.33
C PRO NB 272 -75.98 -49.99 51.18
N LEU NB 273 -76.33 -49.38 52.32
CA LEU NB 273 -77.03 -48.11 52.32
C LEU NB 273 -76.57 -47.33 53.54
N THR NB 274 -75.81 -46.26 53.32
CA THR NB 274 -75.40 -45.37 54.39
C THR NB 274 -75.58 -43.93 53.96
N SER NB 275 -75.65 -43.05 54.95
CA SER NB 275 -75.76 -41.62 54.70
C SER NB 275 -74.46 -41.08 54.13
N ARG NB 276 -74.52 -39.85 53.62
CA ARG NB 276 -73.33 -39.24 53.04
C ARG NB 276 -72.28 -38.95 54.09
N GLY NB 277 -72.70 -38.69 55.33
CA GLY NB 277 -71.74 -38.46 56.39
C GLY NB 277 -71.00 -39.72 56.80
N SER NB 278 -71.71 -40.84 56.91
CA SER NB 278 -71.15 -42.07 57.43
C SER NB 278 -70.64 -43.00 56.34
N GLN NB 279 -70.37 -42.46 55.14
CA GLN NB 279 -69.94 -43.33 54.05
C GLN NB 279 -68.49 -43.74 54.20
N GLN NB 280 -67.64 -42.83 54.66
CA GLN NB 280 -66.22 -43.12 54.80
C GLN NB 280 -65.89 -43.89 56.07
N TYR NB 281 -66.84 -44.01 56.99
CA TYR NB 281 -66.61 -44.65 58.28
C TYR NB 281 -66.82 -46.15 58.24
N ARG NB 282 -67.43 -46.70 57.20
CA ARG NB 282 -67.95 -48.05 57.23
C ARG NB 282 -67.17 -48.95 56.28
N ALA NB 283 -66.61 -50.03 56.82
CA ALA NB 283 -65.99 -51.05 56.01
C ALA NB 283 -67.06 -51.77 55.20
N LEU NB 284 -66.71 -52.15 53.98
CA LEU NB 284 -67.69 -52.69 53.04
C LEU NB 284 -67.14 -54.03 52.58
N SER NB 285 -67.46 -55.07 53.34
CA SER NB 285 -67.03 -56.43 53.08
C SER NB 285 -68.26 -57.31 52.95
N VAL NB 286 -68.03 -58.59 52.68
CA VAL NB 286 -69.15 -59.53 52.58
C VAL NB 286 -69.91 -59.71 53.88
N PRO NB 287 -69.27 -59.87 55.07
CA PRO NB 287 -70.08 -59.98 56.29
C PRO NB 287 -70.90 -58.75 56.60
N GLU NB 288 -70.40 -57.56 56.28
CA GLU NB 288 -71.17 -56.35 56.54
C GLU NB 288 -72.35 -56.23 55.60
N LEU NB 289 -72.24 -56.78 54.40
CA LEU NB 289 -73.35 -56.77 53.47
C LEU NB 289 -74.46 -57.71 53.94
N THR NB 290 -74.10 -58.93 54.34
CA THR NB 290 -75.13 -59.90 54.70
C THR NB 290 -75.71 -59.63 56.07
N GLN NB 291 -75.04 -58.82 56.88
CA GLN NB 291 -75.64 -58.36 58.12
C GLN NB 291 -76.75 -57.35 57.85
N GLN NB 292 -76.48 -56.40 56.96
CA GLN NB 292 -77.49 -55.40 56.62
C GLN NB 292 -78.62 -56.01 55.79
N MET NB 293 -78.31 -57.03 55.01
CA MET NB 293 -79.30 -57.64 54.14
C MET NB 293 -80.41 -58.30 54.94
N PHE NB 294 -80.05 -59.06 55.98
CA PHE NB 294 -81.04 -59.64 56.89
C PHE NB 294 -81.26 -58.70 58.06
N ASP NB 295 -82.05 -57.66 57.80
CA ASP NB 295 -82.51 -56.80 58.88
C ASP NB 295 -83.84 -56.22 58.47
N ALA NB 296 -84.68 -55.93 59.47
CA ALA NB 296 -86.05 -55.55 59.20
C ALA NB 296 -86.14 -54.22 58.46
N LYS NB 297 -85.29 -53.26 58.83
CA LYS NB 297 -85.43 -51.93 58.25
C LYS NB 297 -84.83 -51.83 56.86
N ASN NB 298 -84.17 -52.88 56.38
CA ASN NB 298 -83.65 -52.85 55.02
C ASN NB 298 -84.67 -53.33 54.00
N MET NB 299 -85.69 -54.06 54.43
CA MET NB 299 -86.67 -54.58 53.49
C MET NB 299 -87.54 -53.47 52.93
N MET NB 300 -87.79 -53.55 51.63
CA MET NB 300 -88.65 -52.59 50.96
C MET NB 300 -90.11 -52.98 51.06
N CYS NB 301 -90.44 -53.95 51.88
CA CYS NB 301 -91.81 -54.36 52.12
C CYS NB 301 -92.14 -54.14 53.59
N ALA NB 302 -93.29 -53.53 53.86
CA ALA NB 302 -93.60 -53.08 55.20
C ALA NB 302 -94.16 -54.21 56.05
N SER NB 303 -93.47 -55.33 56.07
CA SER NB 303 -93.87 -56.49 56.85
C SER NB 303 -92.63 -57.04 57.53
N ASP NB 304 -92.64 -57.07 58.85
CA ASP NB 304 -91.47 -57.47 59.62
C ASP NB 304 -91.21 -58.94 59.44
N PRO NB 305 -90.03 -59.34 58.94
CA PRO NB 305 -89.78 -60.77 58.70
C PRO NB 305 -89.41 -61.55 59.94
N ARG NB 306 -89.23 -60.90 61.09
CA ARG NB 306 -88.87 -61.65 62.30
C ARG NB 306 -90.06 -62.43 62.84
N HIS NB 307 -91.28 -61.96 62.61
CA HIS NB 307 -92.45 -62.73 63.03
C HIS NB 307 -92.56 -64.04 62.26
N GLY NB 308 -92.35 -63.99 60.94
CA GLY NB 308 -92.50 -65.15 60.10
C GLY NB 308 -91.20 -65.93 59.95
N ARG NB 309 -91.24 -66.91 59.07
CA ARG NB 309 -90.10 -67.74 58.75
C ARG NB 309 -89.79 -67.64 57.27
N TYR NB 310 -88.52 -67.47 56.94
CA TYR NB 310 -88.11 -67.38 55.54
C TYR NB 310 -88.25 -68.74 54.89
N LEU NB 311 -89.23 -68.87 54.02
CA LEU NB 311 -89.47 -70.16 53.35
C LEU NB 311 -88.33 -70.52 52.43
N THR NB 312 -87.94 -69.60 51.55
CA THR NB 312 -86.74 -69.75 50.75
C THR NB 312 -86.29 -68.35 50.36
N ALA NB 313 -84.98 -68.13 50.34
CA ALA NB 313 -84.48 -66.80 50.07
C ALA NB 313 -83.32 -66.90 49.09
N SER NB 314 -82.93 -65.75 48.53
CA SER NB 314 -81.83 -65.73 47.59
C SER NB 314 -81.12 -64.39 47.65
N ALA NB 315 -79.83 -64.41 47.31
CA ALA NB 315 -79.00 -63.22 47.34
C ALA NB 315 -78.23 -63.10 46.04
N MET NB 316 -78.47 -62.02 45.31
CA MET NB 316 -77.73 -61.72 44.08
C MET NB 316 -76.59 -60.78 44.43
N PHE NB 317 -75.38 -61.31 44.48
CA PHE NB 317 -74.23 -60.52 44.89
C PHE NB 317 -73.53 -59.95 43.67
N ARG NB 318 -73.20 -58.67 43.74
CA ARG NB 318 -72.50 -57.99 42.67
C ARG NB 318 -71.15 -57.50 43.20
N GLY NB 319 -70.11 -57.68 42.40
CA GLY NB 319 -68.80 -57.15 42.69
C GLY NB 319 -67.72 -58.20 42.70
N ARG NB 320 -66.49 -57.73 42.83
CA ARG NB 320 -65.34 -58.61 42.92
C ARG NB 320 -65.31 -59.20 44.32
N MET NB 321 -65.64 -60.48 44.43
CA MET NB 321 -65.85 -61.11 45.72
C MET NB 321 -65.07 -62.41 45.77
N SER NB 322 -65.16 -63.09 46.90
CA SER NB 322 -64.52 -64.36 47.11
C SER NB 322 -65.60 -65.36 47.51
N THR NB 323 -65.73 -66.43 46.73
CA THR NB 323 -66.92 -67.25 46.83
C THR NB 323 -66.93 -68.10 48.10
N LYS NB 324 -65.80 -68.26 48.77
CA LYS NB 324 -65.85 -68.93 50.06
C LYS NB 324 -66.45 -68.00 51.10
N GLU NB 325 -66.14 -66.72 51.01
CA GLU NB 325 -66.66 -65.76 51.98
C GLU NB 325 -68.15 -65.54 51.81
N VAL NB 326 -68.65 -65.61 50.57
CA VAL NB 326 -70.08 -65.46 50.37
C VAL NB 326 -70.81 -66.70 50.82
N ASP NB 327 -70.16 -67.85 50.80
CA ASP NB 327 -70.90 -69.06 51.12
C ASP NB 327 -70.84 -69.39 52.60
N GLU NB 328 -69.74 -69.06 53.27
CA GLU NB 328 -69.71 -69.31 54.71
C GLU NB 328 -70.56 -68.29 55.44
N GLN NB 329 -70.75 -67.10 54.87
CA GLN NB 329 -71.67 -66.13 55.48
C GLN NB 329 -73.11 -66.51 55.21
N MET NB 330 -73.36 -67.15 54.06
CA MET NB 330 -74.71 -67.62 53.76
C MET NB 330 -75.08 -68.79 54.64
N LEU NB 331 -74.11 -69.62 54.99
CA LEU NB 331 -74.34 -70.71 55.91
C LEU NB 331 -74.43 -70.21 57.35
N ASN NB 332 -73.67 -69.17 57.69
CA ASN NB 332 -73.61 -68.72 59.08
C ASN NB 332 -74.91 -68.10 59.53
N VAL NB 333 -75.56 -67.33 58.65
CA VAL NB 333 -76.83 -66.71 59.02
C VAL NB 333 -77.93 -67.77 59.16
N GLN NB 334 -77.80 -68.87 58.43
CA GLN NB 334 -78.75 -69.96 58.59
C GLN NB 334 -78.56 -70.67 59.93
N ASN NB 335 -77.32 -70.72 60.42
CA ASN NB 335 -77.05 -71.44 61.66
C ASN NB 335 -77.14 -70.55 62.90
N LYS NB 336 -77.16 -69.23 62.75
CA LYS NB 336 -77.36 -68.38 63.90
C LYS NB 336 -78.84 -68.03 64.08
N ASN NB 337 -79.50 -67.63 63.01
CA ASN NB 337 -80.93 -67.35 63.05
C ASN NB 337 -81.74 -68.57 62.64
N SER NB 338 -81.48 -69.71 63.29
CA SER NB 338 -82.08 -70.96 62.88
C SER NB 338 -83.56 -71.03 63.18
N SER NB 339 -84.05 -70.21 64.11
CA SER NB 339 -85.47 -70.19 64.43
C SER NB 339 -86.28 -69.37 63.45
N TYR NB 340 -85.64 -68.67 62.52
CA TYR NB 340 -86.31 -67.85 61.53
C TYR NB 340 -86.40 -68.53 60.18
N PHE NB 341 -86.04 -69.79 60.09
CA PHE NB 341 -86.01 -70.49 58.82
C PHE NB 341 -86.85 -71.75 58.91
N VAL NB 342 -87.28 -72.22 57.75
CA VAL NB 342 -88.20 -73.34 57.66
C VAL NB 342 -87.41 -74.63 57.53
N GLU NB 343 -87.70 -75.58 58.41
CA GLU NB 343 -86.84 -76.75 58.59
C GLU NB 343 -86.96 -77.77 57.47
N TRP NB 344 -88.09 -77.85 56.79
CA TRP NB 344 -88.35 -78.96 55.90
C TRP NB 344 -87.84 -78.74 54.48
N ILE NB 345 -87.21 -77.61 54.21
CA ILE NB 345 -86.30 -77.43 53.09
C ILE NB 345 -84.91 -77.24 53.69
N PRO NB 346 -83.96 -78.13 53.41
CA PRO NB 346 -82.59 -77.89 53.87
C PRO NB 346 -81.96 -76.79 53.06
N ASN NB 347 -80.93 -76.17 53.66
CA ASN NB 347 -79.97 -75.22 53.07
C ASN NB 347 -80.62 -74.25 52.07
N ASN NB 348 -81.53 -73.46 52.62
CA ASN NB 348 -82.56 -72.60 52.02
C ASN NB 348 -82.04 -71.48 51.23
N MET NB 349 -80.80 -71.15 50.91
CA MET NB 349 -80.55 -69.91 50.21
C MET NB 349 -79.76 -70.15 48.93
N LYS NB 350 -80.09 -69.37 47.91
CA LYS NB 350 -79.38 -69.40 46.63
C LYS NB 350 -78.45 -68.21 46.56
N SER NB 351 -77.20 -68.46 46.22
CA SER NB 351 -76.21 -67.41 46.11
C SER NB 351 -75.78 -67.29 44.65
N SER NB 352 -75.56 -66.05 44.22
CA SER NB 352 -75.14 -65.80 42.85
C SER NB 352 -74.18 -64.61 42.85
N VAL NB 353 -73.16 -64.69 42.00
CA VAL NB 353 -72.10 -63.70 41.98
C VAL NB 353 -71.99 -63.11 40.58
N CYS NB 354 -72.19 -61.81 40.46
CA CYS NB 354 -71.88 -61.08 39.25
C CYS NB 354 -70.69 -60.19 39.53
N ASP NB 355 -69.78 -60.08 38.57
CA ASP NB 355 -68.49 -59.48 38.82
C ASP NB 355 -68.39 -58.03 38.38
N ILE NB 356 -69.52 -57.39 38.09
CA ILE NB 356 -69.55 -55.97 37.76
C ILE NB 356 -70.38 -55.22 38.80
N PRO NB 357 -69.77 -54.48 39.70
CA PRO NB 357 -70.52 -53.79 40.74
C PRO NB 357 -71.28 -52.61 40.17
N PRO NB 358 -72.28 -52.10 40.88
CA PRO NB 358 -73.02 -50.94 40.38
C PRO NB 358 -72.15 -49.70 40.34
N LYS NB 359 -72.67 -48.68 39.67
CA LYS NB 359 -71.90 -47.48 39.33
C LYS NB 359 -71.58 -46.71 40.61
N GLY NB 360 -70.32 -46.73 41.03
CA GLY NB 360 -69.88 -45.95 42.17
C GLY NB 360 -69.62 -46.74 43.44
N LEU NB 361 -70.08 -47.97 43.53
CA LEU NB 361 -69.81 -48.84 44.67
C LEU NB 361 -68.89 -49.96 44.25
N LYS NB 362 -68.26 -50.60 45.21
CA LYS NB 362 -67.41 -51.73 44.88
C LYS NB 362 -68.09 -53.07 45.07
N MET NB 363 -69.12 -53.15 45.92
CA MET NB 363 -69.89 -54.38 46.11
C MET NB 363 -71.32 -54.02 46.45
N SER NB 364 -72.26 -54.89 46.10
CA SER NB 364 -73.65 -54.69 46.45
C SER NB 364 -74.35 -56.03 46.44
N VAL NB 365 -75.54 -56.08 47.03
CA VAL NB 365 -76.32 -57.30 47.12
C VAL NB 365 -77.80 -56.97 47.11
N THR NB 366 -78.57 -57.74 46.36
CA THR NB 366 -80.02 -57.60 46.29
C THR NB 366 -80.66 -58.87 46.84
N PHE NB 367 -81.65 -58.71 47.71
CA PHE NB 367 -82.26 -59.80 48.43
C PHE NB 367 -83.67 -60.02 47.94
N VAL NB 368 -83.99 -61.25 47.57
CA VAL NB 368 -85.36 -61.66 47.29
C VAL NB 368 -85.73 -62.72 48.32
N GLY NB 369 -86.85 -62.51 49.00
CA GLY NB 369 -87.18 -63.39 50.09
C GLY NB 369 -88.62 -63.86 50.10
N ASN NB 370 -88.81 -65.15 49.93
CA ASN NB 370 -90.14 -65.72 50.00
C ASN NB 370 -90.43 -65.96 51.47
N SER NB 371 -91.01 -64.99 52.13
CA SER NB 371 -91.26 -65.08 53.56
C SER NB 371 -92.75 -65.27 53.80
N THR NB 372 -93.07 -66.02 54.83
CA THR NB 372 -94.46 -66.18 55.23
C THR NB 372 -94.94 -65.05 56.11
N ALA NB 373 -94.12 -64.01 56.28
CA ALA NB 373 -94.54 -62.79 56.93
C ALA NB 373 -95.18 -61.81 55.96
N ILE NB 374 -95.37 -62.21 54.70
CA ILE NB 374 -96.21 -61.46 53.77
C ILE NB 374 -97.67 -61.64 54.11
N GLN NB 375 -97.96 -62.61 54.99
CA GLN NB 375 -99.30 -62.79 55.55
C GLN NB 375 -99.78 -61.55 56.29
N GLU NB 376 -98.85 -60.68 56.72
CA GLU NB 376 -99.21 -59.51 57.49
C GLU NB 376 -100.05 -58.53 56.68
N MET NB 377 -99.51 -57.99 55.60
CA MET NB 377 -100.30 -57.02 54.86
C MET NB 377 -101.38 -57.67 54.01
N PHE NB 378 -101.29 -58.96 53.71
CA PHE NB 378 -102.43 -59.61 53.07
C PHE NB 378 -103.61 -59.64 54.01
N LYS NB 379 -103.38 -59.88 55.30
CA LYS NB 379 -104.45 -59.78 56.26
C LYS NB 379 -104.91 -58.34 56.43
N ARG NB 380 -103.97 -57.40 56.36
CA ARG NB 380 -104.30 -55.98 56.54
C ARG NB 380 -105.15 -55.46 55.40
N VAL NB 381 -104.88 -55.91 54.18
CA VAL NB 381 -105.74 -55.55 53.07
C VAL NB 381 -107.08 -56.27 53.17
N SER NB 382 -107.08 -57.53 53.60
CA SER NB 382 -108.29 -58.34 53.52
C SER NB 382 -109.29 -57.95 54.60
N ASP NB 383 -108.84 -57.66 55.82
CA ASP NB 383 -109.80 -57.24 56.84
C ASP NB 383 -110.28 -55.82 56.61
N GLN NB 384 -109.45 -54.97 56.01
CA GLN NB 384 -109.93 -53.68 55.54
C GLN NB 384 -110.95 -53.85 54.43
N PHE NB 385 -110.72 -54.80 53.53
CA PHE NB 385 -111.67 -55.04 52.45
C PHE NB 385 -112.96 -55.64 52.97
N THR NB 386 -112.86 -56.49 53.98
CA THR NB 386 -114.07 -57.09 54.56
C THR NB 386 -114.91 -56.02 55.23
N ALA NB 387 -114.26 -55.09 55.91
CA ALA NB 387 -115.01 -54.06 56.63
C ALA NB 387 -115.78 -53.17 55.66
N MET NB 388 -115.16 -52.79 54.55
CA MET NB 388 -115.84 -51.90 53.63
C MET NB 388 -116.91 -52.63 52.82
N PHE NB 389 -116.76 -53.94 52.63
CA PHE NB 389 -117.67 -54.66 51.75
C PHE NB 389 -119.01 -54.99 52.41
N ARG NB 390 -119.01 -55.39 53.68
CA ARG NB 390 -120.28 -55.69 54.34
C ARG NB 390 -121.14 -54.45 54.50
N ARG NB 391 -120.51 -53.31 54.73
CA ARG NB 391 -121.20 -52.03 54.73
C ARG NB 391 -121.68 -51.63 53.34
N LYS NB 392 -121.15 -52.27 52.29
CA LYS NB 392 -121.44 -51.98 50.88
C LYS NB 392 -121.06 -50.56 50.51
N ALA NB 393 -119.98 -50.05 51.09
CA ALA NB 393 -119.53 -48.70 50.78
C ALA NB 393 -118.75 -48.70 49.47
N PHE NB 394 -118.97 -47.65 48.68
CA PHE NB 394 -118.26 -47.39 47.42
C PHE NB 394 -118.39 -48.54 46.45
N LEU NB 395 -119.50 -49.26 46.49
CA LEU NB 395 -119.66 -50.38 45.59
C LEU NB 395 -120.40 -49.98 44.33
N HIS NB 396 -121.24 -48.95 44.39
CA HIS NB 396 -121.98 -48.52 43.22
C HIS NB 396 -121.06 -47.92 42.17
N TRP NB 397 -119.90 -47.41 42.58
CA TRP NB 397 -118.92 -46.95 41.60
C TRP NB 397 -118.35 -48.12 40.82
N TYR NB 398 -118.38 -49.33 41.39
CA TYR NB 398 -117.85 -50.51 40.72
C TYR NB 398 -118.92 -51.34 40.03
N THR NB 399 -120.15 -51.34 40.57
CA THR NB 399 -121.21 -52.15 39.99
C THR NB 399 -121.71 -51.57 38.68
N GLY NB 400 -121.81 -50.24 38.59
CA GLY NB 400 -122.29 -49.61 37.39
C GLY NB 400 -121.32 -49.57 36.25
N GLU NB 401 -120.13 -50.13 36.41
CA GLU NB 401 -119.17 -50.24 35.32
C GLU NB 401 -119.09 -51.67 34.81
N GLY NB 402 -120.23 -52.34 34.75
CA GLY NB 402 -120.30 -53.65 34.14
C GLY NB 402 -119.64 -54.75 34.93
N MET NB 403 -119.58 -54.61 36.25
CA MET NB 403 -118.97 -55.62 37.10
C MET NB 403 -120.02 -56.19 38.03
N ASP NB 404 -120.14 -57.52 38.04
CA ASP NB 404 -121.06 -58.15 38.96
C ASP NB 404 -120.51 -58.11 40.38
N GLU NB 405 -121.42 -58.22 41.34
CA GLU NB 405 -121.03 -58.18 42.74
C GLU NB 405 -120.31 -59.44 43.17
N MET NB 406 -120.61 -60.58 42.54
CA MET NB 406 -120.04 -61.85 42.96
C MET NB 406 -118.55 -61.97 42.66
N GLU NB 407 -118.00 -61.08 41.84
CA GLU NB 407 -116.55 -61.06 41.67
C GLU NB 407 -115.85 -60.63 42.95
N PHE NB 408 -116.50 -59.78 43.75
CA PHE NB 408 -115.92 -59.37 45.02
C PHE NB 408 -115.89 -60.52 46.01
N THR NB 409 -116.95 -61.32 46.07
CA THR NB 409 -116.94 -62.48 46.96
C THR NB 409 -115.94 -63.51 46.48
N GLU NB 410 -115.79 -63.62 45.15
CA GLU NB 410 -114.77 -64.50 44.60
C GLU NB 410 -113.37 -63.98 44.90
N ALA NB 411 -113.21 -62.66 44.93
CA ALA NB 411 -111.89 -62.08 45.17
C ALA NB 411 -111.46 -62.28 46.62
N GLU NB 412 -112.38 -62.04 47.56
CA GLU NB 412 -112.01 -62.20 48.97
C GLU NB 412 -111.84 -63.67 49.34
N SER NB 413 -112.54 -64.57 48.66
CA SER NB 413 -112.34 -65.99 48.93
C SER NB 413 -111.03 -66.47 48.34
N ASN NB 414 -110.60 -65.86 47.25
CA ASN NB 414 -109.32 -66.24 46.66
C ASN NB 414 -108.16 -65.71 47.50
N MET NB 415 -108.27 -64.48 48.00
CA MET NB 415 -107.16 -63.90 48.74
C MET NB 415 -107.05 -64.48 50.15
N ASN NB 416 -108.19 -64.83 50.77
CA ASN NB 416 -108.14 -65.43 52.08
C ASN NB 416 -107.52 -66.81 52.05
N ASP NB 417 -107.66 -67.53 50.94
CA ASP NB 417 -107.01 -68.82 50.81
C ASP NB 417 -105.50 -68.67 50.70
N LEU NB 418 -105.05 -67.57 50.09
CA LEU NB 418 -103.62 -67.30 50.04
C LEU NB 418 -103.08 -66.97 51.42
N VAL NB 419 -103.88 -66.30 52.25
CA VAL NB 419 -103.50 -66.05 53.63
C VAL NB 419 -103.41 -67.36 54.39
N SER NB 420 -104.37 -68.26 54.15
CA SER NB 420 -104.36 -69.54 54.85
C SER NB 420 -103.25 -70.46 54.36
N GLU NB 421 -102.83 -70.33 53.10
CA GLU NB 421 -101.80 -71.21 52.57
C GLU NB 421 -100.44 -70.88 53.17
N TYR NB 422 -100.15 -69.60 53.38
CA TYR NB 422 -98.94 -69.20 54.06
C TYR NB 422 -98.90 -69.70 55.50
N GLN NB 423 -100.07 -69.85 56.13
CA GLN NB 423 -100.09 -70.05 57.57
C GLN NB 423 -99.57 -71.42 57.97
N GLN NB 424 -99.81 -72.46 57.15
CA GLN NB 424 -99.44 -73.80 57.57
C GLN NB 424 -97.96 -74.08 57.43
N TYR NB 425 -97.18 -73.19 56.83
CA TYR NB 425 -95.74 -73.37 56.77
C TYR NB 425 -95.01 -72.49 57.78
N GLN NB 426 -95.73 -71.83 58.66
CA GLN NB 426 -95.09 -71.05 59.70
C GLN NB 426 -94.86 -71.90 60.94
N MET OB 1 26.33 -148.52 54.12
CA MET OB 1 26.99 -149.30 55.16
C MET OB 1 26.01 -149.68 56.26
N ARG OB 2 26.43 -149.50 57.50
CA ARG OB 2 25.57 -149.65 58.67
C ARG OB 2 25.37 -148.28 59.28
N GLU OB 3 24.12 -147.80 59.27
CA GLU OB 3 23.79 -146.41 59.56
C GLU OB 3 22.96 -146.32 60.83
N VAL OB 4 22.66 -145.08 61.21
CA VAL OB 4 21.87 -144.79 62.40
C VAL OB 4 20.88 -143.67 62.05
N ILE OB 5 19.66 -143.78 62.58
CA ILE OB 5 18.60 -142.81 62.34
C ILE OB 5 18.46 -141.95 63.59
N SER OB 6 18.43 -140.64 63.40
CA SER OB 6 18.22 -139.70 64.50
C SER OB 6 16.82 -139.12 64.40
N ILE OB 7 16.13 -139.06 65.52
CA ILE OB 7 14.77 -138.53 65.59
C ILE OB 7 14.76 -137.36 66.54
N HIS OB 8 14.20 -136.23 66.10
CA HIS OB 8 14.09 -135.05 66.93
C HIS OB 8 12.62 -134.73 67.17
N VAL OB 9 12.22 -134.71 68.44
CA VAL OB 9 10.86 -134.40 68.84
C VAL OB 9 10.91 -133.24 69.81
N GLY OB 10 10.02 -132.27 69.62
CA GLY OB 10 9.94 -131.12 70.52
C GLY OB 10 10.91 -130.03 70.15
N GLN OB 11 10.69 -128.85 70.75
CA GLN OB 11 11.52 -127.70 70.44
C GLN OB 11 12.96 -127.91 70.86
N ALA OB 12 13.18 -128.49 72.03
CA ALA OB 12 14.53 -128.82 72.45
C ALA OB 12 15.16 -129.84 71.53
N GLY OB 13 14.39 -130.82 71.09
CA GLY OB 13 14.92 -131.82 70.17
C GLY OB 13 15.30 -131.23 68.83
N ILE OB 14 14.53 -130.26 68.35
CA ILE OB 14 14.86 -129.62 67.09
C ILE OB 14 16.12 -128.78 67.24
N GLN OB 15 16.19 -127.99 68.31
CA GLN OB 15 17.30 -127.05 68.45
C GLN OB 15 18.60 -127.78 68.83
N ILE OB 16 18.52 -128.80 69.68
CA ILE OB 16 19.71 -129.58 69.97
C ILE OB 16 20.17 -130.33 68.73
N GLY OB 17 19.22 -130.91 68.00
CA GLY OB 17 19.55 -131.69 66.83
C GLY OB 17 20.13 -130.86 65.70
N ASN OB 18 19.79 -129.58 65.64
CA ASN OB 18 20.33 -128.75 64.56
C ASN OB 18 21.80 -128.43 64.80
N ALA OB 19 22.20 -128.24 66.06
CA ALA OB 19 23.62 -128.12 66.35
C ALA OB 19 24.36 -129.41 66.07
N CYS OB 20 23.69 -130.54 66.26
CA CYS OB 20 24.29 -131.82 65.91
C CYS OB 20 24.52 -131.93 64.41
N TRP OB 21 23.57 -131.46 63.61
CA TRP OB 21 23.73 -131.56 62.17
C TRP OB 21 24.59 -130.44 61.61
N GLU OB 22 24.84 -129.39 62.40
CA GLU OB 22 25.86 -128.43 62.01
C GLU OB 22 27.25 -129.04 62.20
N LEU OB 23 27.43 -129.81 63.26
CA LEU OB 23 28.74 -130.40 63.53
C LEU OB 23 29.05 -131.56 62.59
N PHE OB 24 28.05 -132.41 62.34
CA PHE OB 24 28.27 -133.58 61.49
C PHE OB 24 28.53 -133.18 60.05
N CYS OB 25 27.85 -132.14 59.57
CA CYS OB 25 28.09 -131.66 58.22
C CYS OB 25 29.47 -131.02 58.12
N LEU OB 26 29.93 -130.39 59.20
CA LEU OB 26 31.21 -129.71 59.15
C LEU OB 26 32.38 -130.68 59.18
N GLU OB 27 32.29 -131.71 60.01
CA GLU OB 27 33.42 -132.62 60.15
C GLU OB 27 33.57 -133.55 58.97
N HIS OB 28 32.49 -133.82 58.24
CA HIS OB 28 32.58 -134.62 57.03
C HIS OB 28 32.84 -133.78 55.80
N GLY OB 29 33.01 -132.47 55.96
CA GLY OB 29 33.42 -131.63 54.87
C GLY OB 29 32.34 -131.34 53.85
N ILE OB 30 31.08 -131.50 54.20
CA ILE OB 30 29.99 -131.21 53.28
C ILE OB 30 29.42 -129.85 53.59
N GLN OB 31 29.03 -129.14 52.54
CA GLN OB 31 28.59 -127.76 52.63
C GLN OB 31 27.15 -127.70 53.15
N PRO OB 32 26.68 -126.51 53.51
CA PRO OB 32 25.24 -126.35 53.78
C PRO OB 32 24.35 -126.68 52.61
N ASP OB 33 24.87 -126.62 51.38
CA ASP OB 33 24.13 -127.16 50.25
C ASP OB 33 23.93 -128.66 50.38
N GLY OB 34 24.98 -129.38 50.76
CA GLY OB 34 24.87 -130.80 50.96
C GLY OB 34 25.81 -131.63 50.09
N GLN OB 35 26.68 -130.98 49.35
CA GLN OB 35 27.61 -131.66 48.46
C GLN OB 35 29.05 -131.27 48.80
N MET OB 36 29.97 -132.28 48.79
CA MET OB 36 31.29 -131.90 49.27
C MET OB 36 32.12 -131.31 48.14
N PRO OB 37 33.07 -130.43 48.45
CA PRO OB 37 34.00 -129.94 47.44
C PRO OB 37 35.31 -130.74 47.42
N ASP OB 47 33.77 -143.45 52.33
CA ASP OB 47 32.37 -143.65 52.67
C ASP OB 47 32.18 -143.65 54.17
N ALA OB 48 33.03 -142.90 54.88
CA ALA OB 48 32.93 -142.84 56.33
C ALA OB 48 31.74 -142.02 56.80
N PHE OB 49 31.18 -141.19 55.94
CA PHE OB 49 30.06 -140.34 56.31
C PHE OB 49 28.71 -141.04 56.19
N ASN OB 50 28.70 -142.30 55.75
CA ASN OB 50 27.44 -142.98 55.45
C ASN OB 50 26.62 -143.27 56.70
N THR OB 51 27.24 -143.24 57.89
CA THR OB 51 26.48 -143.44 59.11
C THR OB 51 25.56 -142.28 59.43
N PHE OB 52 25.70 -141.14 58.76
CA PHE OB 52 24.79 -140.03 59.03
C PHE OB 52 24.27 -139.34 57.79
N PHE OB 53 24.80 -139.61 56.61
CA PHE OB 53 24.33 -138.98 55.39
C PHE OB 53 24.11 -140.03 54.32
N SER OB 54 23.04 -139.88 53.56
CA SER OB 54 22.77 -140.75 52.42
C SER OB 54 23.43 -140.17 51.18
N GLU OB 55 23.22 -140.83 50.04
CA GLU OB 55 23.56 -140.28 48.75
C GLU OB 55 22.30 -139.78 48.07
N THR OB 56 22.48 -138.86 47.13
CA THR OB 56 21.35 -138.42 46.31
C THR OB 56 21.91 -137.94 44.97
N GLY OB 57 21.90 -138.84 43.98
CA GLY OB 57 22.25 -138.48 42.62
C GLY OB 57 23.63 -137.91 42.40
N ALA OB 58 23.68 -136.61 42.08
CA ALA OB 58 24.91 -135.96 41.67
C ALA OB 58 25.73 -135.50 42.87
N GLY OB 59 26.13 -136.47 43.68
CA GLY OB 59 27.09 -136.21 44.73
C GLY OB 59 26.61 -135.34 45.86
N LYS OB 60 25.32 -135.32 46.14
CA LYS OB 60 24.78 -134.54 47.24
C LYS OB 60 24.25 -135.47 48.33
N HIS OB 61 24.47 -135.10 49.58
CA HIS OB 61 24.20 -135.96 50.72
C HIS OB 61 23.08 -135.38 51.56
N VAL OB 62 22.18 -136.25 52.00
CA VAL OB 62 21.01 -135.84 52.78
C VAL OB 62 21.04 -136.60 54.11
N PRO OB 63 20.77 -135.95 55.23
CA PRO OB 63 20.90 -136.61 56.53
C PRO OB 63 19.78 -137.61 56.79
N ARG OB 64 20.05 -138.49 57.72
CA ARG OB 64 19.10 -139.52 58.15
C ARG OB 64 18.36 -139.06 59.40
N CYS OB 65 17.70 -137.92 59.30
CA CYS OB 65 17.02 -137.33 60.45
C CYS OB 65 15.60 -136.95 60.08
N VAL OB 66 14.73 -136.97 61.08
CA VAL OB 66 13.37 -136.46 60.94
C VAL OB 66 13.14 -135.40 62.00
N PHE OB 67 12.54 -134.30 61.59
CA PHE OB 67 12.26 -133.19 62.49
C PHE OB 67 10.77 -133.19 62.78
N LEU OB 68 10.41 -133.26 64.05
CA LEU OB 68 9.02 -133.36 64.46
C LEU OB 68 8.72 -132.32 65.51
N ASP OB 69 7.67 -131.52 65.27
CA ASP OB 69 7.14 -130.66 66.30
C ASP OB 69 5.71 -130.36 65.87
N LEU OB 70 4.84 -130.11 66.85
CA LEU OB 70 3.46 -129.78 66.53
C LEU OB 70 3.30 -128.31 66.16
N GLU OB 71 3.84 -127.38 66.96
CA GLU OB 71 3.74 -126.02 66.45
C GLU OB 71 4.80 -125.78 65.36
N PRO OB 72 4.46 -124.98 64.34
CA PRO OB 72 5.38 -124.81 63.22
C PRO OB 72 6.49 -123.79 63.44
N THR OB 73 6.44 -123.02 64.52
CA THR OB 73 7.23 -121.80 64.61
C THR OB 73 8.73 -122.03 64.72
N VAL OB 74 9.20 -123.26 64.94
CA VAL OB 74 10.62 -123.55 64.98
C VAL OB 74 11.06 -124.42 63.81
N VAL OB 75 10.18 -125.28 63.31
CA VAL OB 75 10.55 -126.14 62.19
C VAL OB 75 10.34 -125.40 60.86
N ASP OB 76 9.40 -124.46 60.83
CA ASP OB 76 9.29 -123.59 59.66
C ASP OB 76 10.48 -122.66 59.55
N GLU OB 77 11.08 -122.31 60.68
CA GLU OB 77 12.18 -121.36 60.63
C GLU OB 77 13.45 -122.04 60.11
N VAL OB 78 13.56 -123.36 60.29
CA VAL OB 78 14.67 -124.10 59.70
C VAL OB 78 14.52 -124.15 58.19
N ARG OB 79 13.29 -124.30 57.70
CA ARG OB 79 13.02 -124.35 56.28
C ARG OB 79 13.40 -123.05 55.57
N THR OB 80 13.30 -121.92 56.27
CA THR OB 80 13.74 -120.65 55.72
C THR OB 80 15.15 -120.27 56.16
N GLY OB 81 15.81 -121.13 56.93
CA GLY OB 81 17.15 -120.83 57.41
C GLY OB 81 18.24 -121.10 56.39
N THR OB 82 19.47 -121.23 56.86
CA THR OB 82 20.59 -121.44 55.96
C THR OB 82 20.57 -122.85 55.36
N TYR OB 83 20.22 -123.84 56.16
CA TYR OB 83 20.22 -125.22 55.70
C TYR OB 83 18.89 -125.59 55.08
N ARG OB 84 18.43 -124.83 54.09
CA ARG OB 84 17.10 -125.10 53.54
C ARG OB 84 17.10 -126.30 52.60
N HIS OB 85 18.17 -126.47 51.82
CA HIS OB 85 18.26 -127.62 50.93
C HIS OB 85 19.15 -128.73 51.46
N LEU OB 86 19.64 -128.61 52.69
CA LEU OB 86 20.39 -129.72 53.25
C LEU OB 86 19.46 -130.84 53.68
N PHE OB 87 18.26 -130.52 54.13
CA PHE OB 87 17.30 -131.52 54.57
C PHE OB 87 16.25 -131.76 53.49
N HIS OB 88 15.75 -132.99 53.47
CA HIS OB 88 14.61 -133.32 52.63
C HIS OB 88 13.39 -132.53 53.11
N PRO OB 89 12.58 -132.01 52.18
CA PRO OB 89 11.38 -131.26 52.59
C PRO OB 89 10.37 -132.09 53.37
N GLU OB 90 10.27 -133.38 53.09
CA GLU OB 90 9.37 -134.24 53.84
C GLU OB 90 9.92 -134.57 55.22
N GLN OB 91 11.24 -134.50 55.39
CA GLN OB 91 11.84 -134.88 56.66
C GLN OB 91 11.57 -133.89 57.78
N LEU OB 92 11.08 -132.69 57.47
CA LEU OB 92 10.74 -131.70 58.49
C LEU OB 92 9.22 -131.64 58.56
N ILE OB 93 8.65 -132.28 59.56
CA ILE OB 93 7.21 -132.48 59.67
C ILE OB 93 6.65 -131.52 60.72
N SER OB 94 5.57 -130.84 60.37
CA SER OB 94 4.96 -129.85 61.24
C SER OB 94 3.47 -130.10 61.37
N GLY OB 95 2.92 -129.76 62.53
CA GLY OB 95 1.49 -129.81 62.76
C GLY OB 95 0.86 -128.46 62.56
N LYS OB 96 -0.21 -128.22 63.32
CA LYS OB 96 -0.93 -126.96 63.27
C LYS OB 96 -0.96 -126.23 64.60
N GLU OB 97 -1.20 -126.93 65.70
CA GLU OB 97 -1.35 -126.31 67.00
C GLU OB 97 -0.37 -126.94 67.99
N ASP OB 98 0.08 -126.11 68.93
CA ASP OB 98 1.13 -126.52 69.86
C ASP OB 98 0.48 -127.43 70.90
N ALA OB 99 1.29 -128.33 71.46
CA ALA OB 99 0.82 -129.25 72.49
C ALA OB 99 0.53 -128.54 73.81
N ALA OB 100 1.29 -127.49 74.11
CA ALA OB 100 1.10 -126.61 75.26
C ALA OB 100 1.20 -127.37 76.58
N ASN OB 101 2.41 -127.88 76.84
CA ASN OB 101 2.81 -128.49 78.12
C ASN OB 101 1.84 -129.54 78.63
N ASN OB 102 1.10 -130.18 77.75
CA ASN OB 102 0.10 -131.14 78.15
C ASN OB 102 0.47 -132.47 77.50
N PHE OB 103 1.05 -133.36 78.31
CA PHE OB 103 1.37 -134.69 77.83
C PHE OB 103 0.11 -135.42 77.39
N ALA OB 104 -1.01 -135.13 78.05
CA ALA OB 104 -2.28 -135.71 77.64
C ALA OB 104 -2.69 -135.23 76.25
N ARG OB 105 -2.42 -133.97 75.93
CA ARG OB 105 -2.82 -133.44 74.63
C ARG OB 105 -1.96 -133.99 73.50
N GLY OB 106 -0.66 -134.04 73.70
CA GLY OB 106 0.22 -134.53 72.66
C GLY OB 106 0.24 -136.03 72.49
N HIS OB 107 -0.40 -136.76 73.40
CA HIS OB 107 -0.44 -138.21 73.31
C HIS OB 107 -1.77 -138.74 72.82
N TYR OB 108 -2.85 -137.98 72.97
CA TYR OB 108 -4.17 -138.49 72.65
C TYR OB 108 -4.89 -137.70 71.56
N THR OB 109 -5.04 -136.39 71.70
CA THR OB 109 -5.84 -135.66 70.72
C THR OB 109 -5.06 -135.33 69.46
N ILE OB 110 -4.03 -134.49 69.58
CA ILE OB 110 -3.33 -133.99 68.39
C ILE OB 110 -2.12 -134.83 68.04
N GLY OB 111 -1.82 -135.86 68.83
CA GLY OB 111 -0.70 -136.70 68.50
C GLY OB 111 -0.95 -137.70 67.40
N LYS OB 112 -2.20 -138.11 67.22
CA LYS OB 112 -2.48 -139.17 66.25
C LYS OB 112 -2.44 -138.67 64.81
N GLU OB 113 -2.63 -137.38 64.58
CA GLU OB 113 -2.69 -136.88 63.22
C GLU OB 113 -1.33 -136.66 62.60
N ILE OB 114 -0.26 -136.66 63.41
CA ILE OB 114 1.07 -136.41 62.91
C ILE OB 114 1.99 -137.61 63.07
N VAL OB 115 1.66 -138.56 63.95
CA VAL OB 115 2.54 -139.69 64.19
C VAL OB 115 2.58 -140.63 62.97
N ASP OB 116 1.49 -140.70 62.21
CA ASP OB 116 1.48 -141.57 61.05
C ASP OB 116 2.33 -141.01 59.92
N LEU OB 117 2.33 -139.68 59.74
CA LEU OB 117 3.23 -139.07 58.77
C LEU OB 117 4.67 -139.16 59.23
N SER OB 118 4.90 -139.19 60.54
CA SER OB 118 6.25 -139.33 61.07
C SER OB 118 6.81 -140.70 60.76
N LEU OB 119 6.02 -141.74 60.98
CA LEU OB 119 6.55 -143.09 60.85
C LEU OB 119 6.48 -143.58 59.40
N ASP OB 120 5.86 -142.80 58.52
CA ASP OB 120 5.97 -143.09 57.09
C ASP OB 120 7.38 -142.82 56.63
N ARG OB 121 7.93 -141.67 57.00
CA ARG OB 121 9.26 -141.29 56.53
C ARG OB 121 10.32 -142.14 57.23
N ILE OB 122 10.08 -142.48 58.49
CA ILE OB 122 10.98 -143.38 59.21
C ILE OB 122 11.00 -144.75 58.54
N ARG OB 123 9.84 -145.23 58.10
CA ARG OB 123 9.75 -146.51 57.40
C ARG OB 123 10.54 -146.47 56.10
N LYS OB 124 10.41 -145.37 55.35
CA LYS OB 124 11.12 -145.25 54.08
C LYS OB 124 12.62 -145.14 54.29
N LEU OB 125 13.04 -144.44 55.35
CA LEU OB 125 14.45 -144.18 55.55
C LEU OB 125 15.16 -145.37 56.19
N ALA OB 126 14.43 -146.24 56.87
CA ALA OB 126 15.02 -147.44 57.43
C ALA OB 126 15.06 -148.59 56.43
N ASP OB 127 14.20 -148.55 55.41
CA ASP OB 127 14.13 -149.59 54.40
C ASP OB 127 15.10 -149.36 53.24
N ASN OB 128 15.91 -148.30 53.31
CA ASN OB 128 16.90 -148.05 52.27
C ASN OB 128 17.97 -149.14 52.26
N CYS OB 129 18.55 -149.42 53.42
CA CYS OB 129 19.49 -150.52 53.59
C CYS OB 129 19.12 -151.30 54.84
N THR OB 130 19.36 -152.60 54.80
CA THR OB 130 19.27 -153.39 56.01
C THR OB 130 20.55 -153.23 56.83
N GLY OB 131 20.55 -153.84 58.00
CA GLY OB 131 21.72 -153.84 58.85
C GLY OB 131 22.10 -152.46 59.36
N LEU OB 132 21.10 -151.70 59.79
CA LEU OB 132 21.36 -150.40 60.41
C LEU OB 132 21.38 -150.54 61.92
N GLN OB 133 22.12 -149.64 62.58
CA GLN OB 133 22.46 -149.85 63.98
C GLN OB 133 21.27 -149.63 64.90
N GLY OB 134 20.68 -148.44 64.88
CA GLY OB 134 19.61 -148.17 65.83
C GLY OB 134 19.12 -146.73 65.72
N PHE OB 135 18.50 -146.27 66.79
CA PHE OB 135 17.81 -144.99 66.81
C PHE OB 135 18.36 -144.11 67.92
N LEU OB 136 18.51 -142.83 67.61
CA LEU OB 136 18.76 -141.80 68.61
C LEU OB 136 17.59 -140.83 68.64
N MET OB 137 17.10 -140.56 69.84
CA MET OB 137 15.97 -139.66 70.01
C MET OB 137 16.37 -138.52 70.94
N PHE OB 138 16.11 -137.30 70.49
CA PHE OB 138 16.36 -136.10 71.28
C PHE OB 138 15.02 -135.46 71.60
N ASN OB 139 14.70 -135.33 72.88
CA ASN OB 139 13.38 -134.83 73.24
C ASN OB 139 13.47 -134.12 74.59
N ALA OB 140 12.49 -133.25 74.83
CA ALA OB 140 12.37 -132.51 76.08
C ALA OB 140 11.34 -133.19 76.95
N VAL OB 141 11.72 -133.56 78.16
CA VAL OB 141 10.82 -134.28 79.05
C VAL OB 141 9.73 -133.35 79.55
N GLY OB 142 10.11 -132.13 79.97
CA GLY OB 142 9.15 -131.22 80.56
C GLY OB 142 8.20 -130.57 79.58
N GLY OB 143 8.48 -130.67 78.29
CA GLY OB 143 7.62 -130.07 77.30
C GLY OB 143 6.39 -130.92 77.01
N GLY OB 144 5.53 -130.37 76.17
CA GLY OB 144 4.33 -131.08 75.77
C GLY OB 144 4.58 -132.11 74.69
N THR OB 145 4.99 -131.65 73.50
CA THR OB 145 5.17 -132.58 72.39
C THR OB 145 6.44 -133.40 72.53
N GLY OB 146 7.43 -132.91 73.28
CA GLY OB 146 8.61 -133.71 73.54
C GLY OB 146 8.35 -134.94 74.36
N SER OB 147 7.44 -134.86 75.31
CA SER OB 147 7.04 -136.01 76.10
C SER OB 147 5.86 -136.74 75.46
N GLY OB 148 4.95 -135.99 74.87
CA GLY OB 148 3.77 -136.59 74.28
C GLY OB 148 4.08 -137.37 73.02
N LEU OB 149 4.56 -136.68 71.99
CA LEU OB 149 4.84 -137.34 70.73
C LEU OB 149 6.05 -138.26 70.84
N GLY OB 150 6.96 -137.96 71.76
CA GLY OB 150 8.10 -138.83 71.96
C GLY OB 150 7.71 -140.20 72.46
N CYS OB 151 6.70 -140.26 73.34
CA CYS OB 151 6.17 -141.54 73.76
C CYS OB 151 5.49 -142.28 72.61
N LEU OB 152 4.74 -141.55 71.78
CA LEU OB 152 3.97 -142.19 70.71
C LEU OB 152 4.89 -142.85 69.70
N LEU OB 153 5.98 -142.19 69.32
CA LEU OB 153 6.94 -142.85 68.44
C LEU OB 153 7.66 -143.98 69.15
N LEU OB 154 8.03 -143.78 70.42
CA LEU OB 154 8.74 -144.83 71.14
C LEU OB 154 7.85 -146.05 71.35
N GLU OB 155 6.55 -145.83 71.50
CA GLU OB 155 5.64 -146.97 71.64
C GLU OB 155 5.48 -147.70 70.31
N ARG OB 156 5.27 -146.96 69.22
CA ARG OB 156 4.87 -147.63 68.00
C ARG OB 156 6.09 -148.13 67.22
N LEU OB 157 7.26 -147.53 67.42
CA LEU OB 157 8.47 -148.15 66.88
C LEU OB 157 8.89 -149.36 67.68
N SER OB 158 8.49 -149.46 68.95
CA SER OB 158 8.85 -150.62 69.73
C SER OB 158 8.09 -151.87 69.30
N VAL OB 159 6.91 -151.69 68.70
CA VAL OB 159 6.13 -152.85 68.28
C VAL OB 159 6.47 -153.26 66.85
N ASP OB 160 7.05 -152.37 66.06
CA ASP OB 160 7.34 -152.70 64.67
C ASP OB 160 8.81 -153.08 64.52
N TYR OB 161 9.70 -152.19 64.93
CA TYR OB 161 11.13 -152.49 64.94
C TYR OB 161 11.56 -152.95 66.34
N GLY OB 162 10.98 -154.06 66.77
CA GLY OB 162 11.13 -154.49 68.15
C GLY OB 162 12.51 -155.04 68.47
N LYS OB 163 13.29 -155.40 67.47
CA LYS OB 163 14.57 -156.04 67.73
C LYS OB 163 15.63 -155.03 68.18
N LYS OB 164 15.55 -153.81 67.70
CA LYS OB 164 16.73 -152.96 67.58
C LYS OB 164 16.92 -152.04 68.77
N SER OB 165 18.11 -151.45 68.81
CA SER OB 165 18.50 -150.56 69.90
C SER OB 165 17.92 -149.17 69.70
N LYS OB 166 17.48 -148.57 70.81
CA LYS OB 166 16.88 -147.24 70.79
C LYS OB 166 17.46 -146.42 71.92
N LEU OB 167 18.32 -145.47 71.57
CA LEU OB 167 18.99 -144.63 72.55
C LEU OB 167 18.26 -143.31 72.68
N ASN OB 168 18.17 -142.80 73.90
CA ASN OB 168 17.45 -141.56 74.18
C ASN OB 168 18.38 -140.58 74.87
N PHE OB 169 18.36 -139.34 74.40
CA PHE OB 169 19.11 -138.24 75.01
C PHE OB 169 18.08 -137.20 75.44
N CYS OB 170 17.55 -137.36 76.64
CA CYS OB 170 16.44 -136.55 77.12
C CYS OB 170 16.95 -135.37 77.92
N SER OB 171 16.45 -134.18 77.61
CA SER OB 171 16.77 -132.98 78.39
C SER OB 171 15.88 -133.00 79.64
N TRP OB 172 16.35 -133.73 80.63
CA TRP OB 172 15.60 -133.88 81.87
C TRP OB 172 15.53 -132.54 82.59
N PRO OB 173 14.40 -132.21 83.20
CA PRO OB 173 14.27 -130.93 83.89
C PRO OB 173 15.16 -130.85 85.12
N SER OB 174 15.62 -129.64 85.38
CA SER OB 174 16.65 -129.35 86.36
C SER OB 174 16.07 -129.23 87.76
N PRO OB 175 16.93 -129.34 88.82
CA PRO OB 175 16.41 -129.29 90.20
C PRO OB 175 15.76 -127.98 90.62
N GLN OB 176 16.47 -126.87 90.55
CA GLN OB 176 15.89 -125.59 90.95
C GLN OB 176 15.31 -124.85 89.76
N VAL OB 177 16.08 -124.75 88.68
CA VAL OB 177 15.61 -124.15 87.44
C VAL OB 177 14.51 -125.01 86.83
N SER OB 178 13.41 -124.38 86.45
CA SER OB 178 12.37 -125.12 85.75
C SER OB 178 11.97 -124.53 84.41
N THR OB 179 11.75 -123.21 84.34
CA THR OB 179 11.12 -122.53 83.22
C THR OB 179 9.78 -123.15 82.83
N ALA OB 180 9.06 -123.67 83.83
CA ALA OB 180 7.71 -124.22 83.71
C ALA OB 180 7.21 -124.46 85.12
N VAL OB 181 5.92 -124.78 85.25
CA VAL OB 181 5.40 -125.21 86.54
C VAL OB 181 4.67 -126.54 86.46
N VAL OB 182 4.10 -126.91 85.31
CA VAL OB 182 3.44 -128.19 85.17
C VAL OB 182 4.44 -129.28 84.77
N GLU OB 183 5.72 -128.94 84.68
CA GLU OB 183 6.73 -129.91 84.32
C GLU OB 183 6.95 -131.08 85.28
N PRO OB 184 6.65 -131.02 86.61
CA PRO OB 184 6.69 -132.28 87.37
C PRO OB 184 5.67 -133.29 86.90
N TYR OB 185 4.53 -132.84 86.41
CA TYR OB 185 3.52 -133.76 85.90
C TYR OB 185 4.01 -134.48 84.65
N ASN OB 186 4.58 -133.73 83.70
CA ASN OB 186 4.99 -134.34 82.44
C ASN OB 186 6.20 -135.23 82.63
N SER OB 187 7.01 -134.97 83.66
CA SER OB 187 8.20 -135.79 83.88
C SER OB 187 7.84 -137.18 84.37
N VAL OB 188 6.94 -137.28 85.35
CA VAL OB 188 6.60 -138.59 85.89
C VAL OB 188 5.69 -139.33 84.94
N LEU OB 189 4.98 -138.63 84.07
CA LEU OB 189 4.13 -139.30 83.10
C LEU OB 189 4.96 -139.93 81.98
N SER OB 190 6.02 -139.24 81.55
CA SER OB 190 6.88 -139.82 80.53
C SER OB 190 7.76 -140.92 81.06
N THR OB 191 8.11 -140.87 82.35
CA THR OB 191 9.02 -141.86 82.91
C THR OB 191 8.37 -143.24 82.93
N HIS OB 192 7.06 -143.30 83.14
CA HIS OB 192 6.35 -144.56 83.01
C HIS OB 192 6.36 -145.06 81.57
N SER OB 193 6.48 -144.16 80.61
CA SER OB 193 6.42 -144.54 79.21
C SER OB 193 7.78 -144.74 78.56
N LEU OB 194 8.87 -144.40 79.23
CA LEU OB 194 10.20 -144.72 78.70
C LEU OB 194 10.97 -145.65 79.60
N LEU OB 195 10.37 -146.18 80.66
CA LEU OB 195 10.99 -147.28 81.37
C LEU OB 195 10.98 -148.55 80.56
N GLU OB 196 9.88 -148.83 79.86
CA GLU OB 196 9.68 -150.10 79.17
C GLU OB 196 9.58 -149.94 77.66
N HIS OB 197 10.11 -148.84 77.11
CA HIS OB 197 10.10 -148.70 75.66
C HIS OB 197 11.39 -148.20 75.07
N THR OB 198 12.34 -147.71 75.86
CA THR OB 198 13.65 -147.35 75.34
C THR OB 198 14.69 -148.29 75.92
N ASP OB 199 15.87 -148.27 75.32
CA ASP OB 199 16.93 -149.19 75.73
C ASP OB 199 17.96 -148.51 76.62
N VAL OB 200 18.51 -147.39 76.20
CA VAL OB 200 19.47 -146.64 77.00
C VAL OB 200 19.05 -145.17 76.99
N ALA OB 201 18.90 -144.59 78.17
CA ALA OB 201 18.52 -143.20 78.32
C ALA OB 201 19.65 -142.45 78.98
N VAL OB 202 20.08 -141.35 78.37
CA VAL OB 202 21.12 -140.49 78.92
C VAL OB 202 20.44 -139.21 79.37
N MET OB 203 20.56 -138.90 80.66
CA MET OB 203 19.84 -137.79 81.25
C MET OB 203 20.69 -136.52 81.16
N LEU OB 204 20.08 -135.46 80.65
CA LEU OB 204 20.76 -134.18 80.50
C LEU OB 204 20.06 -133.14 81.37
N ASP OB 205 20.85 -132.19 81.87
CA ASP OB 205 20.38 -131.13 82.73
C ASP OB 205 20.70 -129.79 82.11
N ASN OB 206 19.76 -128.87 82.14
CA ASN OB 206 20.02 -127.57 81.54
C ASN OB 206 20.94 -126.73 82.40
N GLU OB 207 20.71 -126.69 83.71
CA GLU OB 207 21.49 -125.78 84.52
C GLU OB 207 22.80 -126.37 84.99
N ALA OB 208 23.01 -127.67 84.82
CA ALA OB 208 24.34 -128.24 85.02
C ALA OB 208 25.30 -127.75 83.95
N ILE OB 209 24.85 -127.69 82.70
CA ILE OB 209 25.70 -127.18 81.63
C ILE OB 209 25.88 -125.68 81.75
N TYR OB 210 24.94 -125.00 82.39
CA TYR OB 210 25.15 -123.60 82.76
C TYR OB 210 26.29 -123.47 83.74
N ASP OB 211 26.43 -124.43 84.65
CA ASP OB 211 27.55 -124.41 85.58
C ASP OB 211 28.86 -124.72 84.85
N ILE OB 212 28.81 -125.60 83.85
CA ILE OB 212 30.00 -125.96 83.10
C ILE OB 212 30.50 -124.76 82.31
N CYS OB 213 29.60 -124.05 81.64
CA CYS OB 213 30.00 -122.88 80.87
C CYS OB 213 30.47 -121.75 81.78
N ARG OB 214 30.16 -121.82 83.07
CA ARG OB 214 30.53 -120.72 83.96
C ARG OB 214 31.93 -120.88 84.52
N ARG OB 215 32.34 -122.09 84.92
CA ARG OB 215 33.62 -122.20 85.61
C ARG OB 215 34.72 -122.81 84.76
N ASN OB 216 34.39 -123.74 83.87
CA ASN OB 216 35.39 -124.36 83.02
C ASN OB 216 35.71 -123.50 81.81
N LEU OB 217 34.70 -122.81 81.31
CA LEU OB 217 34.79 -122.07 80.07
C LEU OB 217 34.66 -120.57 80.29
N ASP OB 218 34.21 -120.19 81.49
CA ASP OB 218 34.18 -118.82 82.00
C ASP OB 218 33.26 -117.93 81.15
N ILE OB 219 32.18 -118.51 80.64
CA ILE OB 219 31.16 -117.72 79.97
C ILE OB 219 30.18 -117.34 81.04
N GLU OB 220 30.26 -116.10 81.48
CA GLU OB 220 29.37 -115.65 82.53
C GLU OB 220 27.95 -115.42 82.03
N ARG OB 221 27.73 -115.34 80.73
CA ARG OB 221 26.41 -114.95 80.22
C ARG OB 221 26.11 -115.89 79.04
N PRO OB 222 25.65 -117.12 79.29
CA PRO OB 222 25.43 -118.08 78.20
C PRO OB 222 24.03 -118.01 77.63
N THR OB 223 23.77 -118.90 76.66
CA THR OB 223 22.45 -119.06 76.04
C THR OB 223 22.32 -120.45 75.45
N TYR OB 224 21.14 -120.75 74.90
CA TYR OB 224 20.85 -122.11 74.40
C TYR OB 224 21.74 -122.54 73.25
N THR OB 225 22.26 -121.61 72.45
CA THR OB 225 23.16 -122.07 71.40
C THR OB 225 24.49 -122.52 71.97
N ASN OB 226 24.85 -122.06 73.17
CA ASN OB 226 26.02 -122.60 73.85
C ASN OB 226 25.72 -123.96 74.49
N LEU OB 227 24.47 -124.21 74.84
CA LEU OB 227 24.07 -125.52 75.33
C LEU OB 227 24.24 -126.58 74.25
N ASN OB 228 23.68 -126.32 73.08
CA ASN OB 228 23.54 -127.35 72.08
C ASN OB 228 24.84 -127.67 71.36
N ARG OB 229 25.80 -126.74 71.39
CA ARG OB 229 27.12 -127.04 70.85
C ARG OB 229 27.82 -128.10 71.69
N LEU OB 230 27.69 -128.00 73.02
CA LEU OB 230 28.31 -128.96 73.91
C LEU OB 230 27.66 -130.32 73.79
N ILE OB 231 26.34 -130.36 73.57
CA ILE OB 231 25.65 -131.62 73.39
C ILE OB 231 26.08 -132.26 72.07
N ALA OB 232 26.30 -131.44 71.04
CA ALA OB 232 26.71 -131.96 69.74
C ALA OB 232 28.09 -132.59 69.81
N GLN OB 233 28.99 -132.03 70.64
CA GLN OB 233 30.29 -132.65 70.83
C GLN OB 233 30.16 -133.99 71.54
N VAL OB 234 29.19 -134.12 72.44
CA VAL OB 234 28.98 -135.39 73.13
C VAL OB 234 28.49 -136.44 72.16
N ILE OB 235 27.47 -136.10 71.36
CA ILE OB 235 26.84 -137.07 70.46
C ILE OB 235 27.83 -137.52 69.39
N SER OB 236 28.68 -136.60 68.93
CA SER OB 236 29.71 -136.96 67.98
C SER OB 236 30.72 -137.92 68.60
N SER OB 237 30.98 -137.78 69.90
CA SER OB 237 31.95 -138.65 70.55
C SER OB 237 31.38 -140.05 70.77
N LEU OB 238 30.07 -140.14 71.03
CA LEU OB 238 29.42 -141.46 71.09
C LEU OB 238 29.49 -142.18 69.75
N THR OB 239 29.25 -141.47 68.66
CA THR OB 239 29.19 -142.10 67.35
C THR OB 239 30.46 -141.92 66.56
N ALA OB 240 31.57 -141.57 67.21
CA ALA OB 240 32.83 -141.43 66.51
C ALA OB 240 33.40 -142.76 66.04
N SER OB 241 33.16 -143.83 66.80
CA SER OB 241 33.72 -145.12 66.43
C SER OB 241 33.02 -145.70 65.21
N LEU OB 242 31.76 -145.34 64.99
CA LEU OB 242 31.05 -145.81 63.81
C LEU OB 242 31.60 -145.19 62.54
N ARG OB 243 32.01 -143.93 62.60
CA ARG OB 243 32.41 -143.19 61.41
C ARG OB 243 33.88 -143.39 61.07
N PHE OB 244 34.77 -143.06 62.00
CA PHE OB 244 36.20 -143.05 61.73
C PHE OB 244 36.87 -144.29 62.29
N ASP OB 245 37.98 -144.67 61.68
CA ASP OB 245 38.76 -145.80 62.17
C ASP OB 245 39.44 -145.45 63.48
N GLY OB 246 39.61 -146.46 64.33
CA GLY OB 246 40.19 -146.23 65.64
C GLY OB 246 40.98 -147.43 66.11
N ALA OB 247 41.74 -147.21 67.20
CA ALA OB 247 42.55 -148.28 67.76
C ALA OB 247 41.70 -149.38 68.36
N LEU OB 248 40.62 -149.02 69.04
CA LEU OB 248 39.76 -150.00 69.70
C LEU OB 248 38.36 -149.42 69.70
N ASN OB 249 37.56 -149.80 68.72
CA ASN OB 249 36.24 -149.19 68.56
C ASN OB 249 35.17 -149.89 69.37
N VAL OB 250 34.13 -149.14 69.73
CA VAL OB 250 32.94 -149.69 70.37
C VAL OB 250 31.72 -149.03 69.74
N ASP OB 251 30.75 -149.85 69.36
CA ASP OB 251 29.59 -149.37 68.62
C ASP OB 251 28.43 -149.10 69.57
N VAL OB 252 27.27 -148.74 68.99
CA VAL OB 252 26.08 -148.51 69.81
C VAL OB 252 25.35 -149.78 70.17
N THR OB 253 25.71 -150.90 69.57
CA THR OB 253 25.12 -152.17 69.99
C THR OB 253 25.71 -152.63 71.32
N GLU OB 254 27.01 -152.44 71.51
CA GLU OB 254 27.68 -152.85 72.74
C GLU OB 254 27.67 -151.80 73.83
N PHE OB 255 26.95 -150.69 73.65
CA PHE OB 255 26.78 -149.75 74.75
C PHE OB 255 25.88 -150.31 75.83
N GLN OB 256 24.73 -150.88 75.45
CA GLN OB 256 23.84 -151.43 76.45
C GLN OB 256 24.35 -152.75 77.03
N THR OB 257 25.32 -153.39 76.38
CA THR OB 257 25.88 -154.60 76.94
C THR OB 257 26.78 -154.30 78.12
N ASN OB 258 27.54 -153.21 78.03
CA ASN OB 258 28.50 -152.87 79.06
C ASN OB 258 27.98 -151.89 80.09
N LEU OB 259 26.75 -151.38 79.93
CA LEU OB 259 26.26 -150.35 80.82
C LEU OB 259 24.88 -150.64 81.40
N VAL OB 260 24.16 -151.64 80.93
CA VAL OB 260 22.82 -151.94 81.43
C VAL OB 260 22.85 -153.30 82.09
N PRO OB 261 23.01 -153.37 83.40
CA PRO OB 261 23.09 -154.68 84.05
C PRO OB 261 21.73 -155.32 84.24
N TYR OB 262 20.71 -154.51 84.45
CA TYR OB 262 19.36 -154.97 84.68
C TYR OB 262 18.40 -154.23 83.76
N PRO OB 263 17.33 -154.87 83.31
CA PRO OB 263 16.49 -154.27 82.26
C PRO OB 263 15.84 -152.96 82.65
N ARG OB 264 15.47 -152.79 83.91
CA ARG OB 264 14.86 -151.52 84.32
C ARG OB 264 15.89 -150.41 84.49
N ILE OB 265 17.13 -150.76 84.82
CA ILE OB 265 18.13 -149.79 85.28
C ILE OB 265 18.98 -149.40 84.07
N HIS OB 266 18.55 -148.36 83.37
CA HIS OB 266 19.31 -147.85 82.23
C HIS OB 266 19.30 -146.33 82.21
N PHE OB 267 19.38 -145.70 83.37
CA PHE OB 267 19.38 -144.25 83.48
C PHE OB 267 20.80 -143.84 83.87
N MET OB 268 21.50 -143.19 82.95
CA MET OB 268 22.93 -143.02 83.08
C MET OB 268 23.34 -141.62 82.68
N LEU OB 269 24.33 -141.09 83.37
CA LEU OB 269 24.72 -139.70 83.25
C LEU OB 269 25.71 -139.53 82.10
N SER OB 270 26.13 -138.29 81.89
CA SER OB 270 27.10 -137.98 80.84
C SER OB 270 28.14 -137.01 81.38
N SER OB 271 29.32 -137.02 80.74
CA SER OB 271 30.36 -136.07 81.08
C SER OB 271 31.29 -135.93 79.88
N TYR OB 272 31.88 -134.74 79.75
CA TYR OB 272 32.81 -134.47 78.66
C TYR OB 272 34.03 -133.75 79.22
N ALA OB 273 35.18 -134.02 78.63
CA ALA OB 273 36.40 -133.35 79.01
C ALA OB 273 37.31 -133.37 77.80
N PRO OB 274 38.00 -132.27 77.50
CA PRO OB 274 37.95 -131.02 78.23
C PRO OB 274 36.89 -130.05 77.71
N ILE OB 275 36.31 -129.27 78.61
CA ILE OB 275 35.50 -128.14 78.21
C ILE OB 275 36.34 -126.91 78.47
N ILE OB 276 37.08 -126.48 77.46
CA ILE OB 276 38.15 -125.51 77.66
C ILE OB 276 38.01 -124.41 76.63
N SER OB 277 38.46 -123.21 77.00
CA SER OB 277 38.29 -122.04 76.17
C SER OB 277 39.33 -122.00 75.06
N ALA OB 278 39.32 -120.90 74.31
CA ALA OB 278 40.28 -120.73 73.25
C ALA OB 278 41.64 -120.33 73.78
N GLU OB 279 41.68 -119.36 74.68
CA GLU OB 279 42.95 -118.89 75.25
C GLU OB 279 43.38 -119.71 76.44
N LYS OB 280 42.42 -120.35 77.10
CA LYS OB 280 42.71 -121.09 78.32
C LYS OB 280 43.53 -122.33 78.00
N ALA OB 281 43.23 -122.98 76.86
CA ALA OB 281 43.73 -124.32 76.59
C ALA OB 281 45.19 -124.32 76.20
N TYR OB 282 45.61 -123.32 75.42
CA TYR OB 282 46.86 -123.39 74.69
C TYR OB 282 48.07 -123.32 75.63
N HIS OB 283 47.85 -122.99 76.89
CA HIS OB 283 48.90 -122.82 77.87
C HIS OB 283 49.20 -124.09 78.65
N GLU OB 284 48.54 -125.21 78.39
CA GLU OB 284 48.65 -126.31 79.34
C GLU OB 284 48.44 -127.65 78.64
N GLN OB 285 49.23 -128.64 79.04
CA GLN OB 285 49.09 -130.01 78.55
C GLN OB 285 47.74 -130.62 78.85
N LEU OB 286 47.03 -130.98 77.78
CA LEU OB 286 45.85 -131.84 77.94
C LEU OB 286 46.34 -133.29 78.02
N SER OB 287 46.99 -133.60 79.13
CA SER OB 287 47.54 -134.92 79.35
C SER OB 287 46.43 -135.94 79.53
N VAL OB 288 46.69 -137.16 79.07
CA VAL OB 288 45.69 -138.21 79.12
C VAL OB 288 45.35 -138.56 80.55
N ALA OB 289 46.32 -138.44 81.45
CA ALA OB 289 46.05 -138.69 82.86
C ALA OB 289 45.09 -137.65 83.43
N GLU OB 290 45.32 -136.37 83.13
CA GLU OB 290 44.50 -135.35 83.75
C GLU OB 290 43.23 -135.06 82.97
N ILE OB 291 43.16 -135.50 81.71
CA ILE OB 291 41.92 -135.33 80.97
C ILE OB 291 40.83 -136.26 81.47
N THR OB 292 41.22 -137.33 82.19
CA THR OB 292 40.25 -138.17 82.86
C THR OB 292 40.03 -137.74 84.30
N ASN OB 293 41.07 -137.23 84.96
CA ASN OB 293 40.89 -136.62 86.27
C ASN OB 293 40.01 -135.38 86.19
N SER OB 294 39.94 -134.75 85.01
CA SER OB 294 38.98 -133.69 84.74
C SER OB 294 37.66 -134.24 84.22
N ALA OB 295 37.33 -135.49 84.54
CA ALA OB 295 36.05 -136.07 84.17
C ALA OB 295 35.35 -136.75 85.32
N PHE OB 296 36.07 -137.27 86.30
CA PHE OB 296 35.46 -137.97 87.42
C PHE OB 296 35.01 -137.04 88.54
N GLU OB 297 35.35 -135.75 88.51
CA GLU OB 297 34.85 -134.92 89.59
C GLU OB 297 33.38 -134.59 89.35
N PRO OB 298 32.61 -134.40 90.42
CA PRO OB 298 31.16 -134.15 90.26
C PRO OB 298 30.85 -132.88 89.49
N ALA OB 299 31.66 -131.84 89.61
CA ALA OB 299 31.34 -130.57 88.98
C ALA OB 299 31.45 -130.64 87.47
N SER OB 300 32.22 -131.59 86.94
CA SER OB 300 32.30 -131.77 85.50
C SER OB 300 31.18 -132.64 84.97
N MET OB 301 30.36 -133.22 85.85
CA MET OB 301 29.34 -134.14 85.40
C MET OB 301 28.15 -133.35 84.91
N MET OB 302 27.45 -133.87 83.92
CA MET OB 302 26.55 -133.07 83.09
C MET OB 302 25.10 -133.39 83.45
N ALA OB 303 24.81 -133.52 84.75
CA ALA OB 303 23.44 -133.73 85.17
C ALA OB 303 23.03 -132.97 86.42
N LYS OB 304 23.94 -132.30 87.12
CA LYS OB 304 23.73 -131.78 88.47
C LYS OB 304 23.17 -132.89 89.38
N CYS OB 305 24.04 -133.86 89.59
CA CYS OB 305 23.70 -135.04 90.36
C CYS OB 305 25.00 -135.54 90.96
N ASP OB 306 25.18 -135.31 92.25
CA ASP OB 306 26.46 -135.60 92.89
C ASP OB 306 26.62 -137.10 93.04
N PRO OB 307 27.63 -137.71 92.41
CA PRO OB 307 27.81 -139.15 92.54
C PRO OB 307 28.56 -139.56 93.79
N ARG OB 308 29.00 -138.60 94.60
CA ARG OB 308 29.75 -138.93 95.80
C ARG OB 308 28.89 -139.70 96.79
N HIS OB 309 27.59 -139.38 96.86
CA HIS OB 309 26.62 -140.21 97.56
C HIS OB 309 25.91 -141.16 96.61
N GLY OB 310 26.61 -141.63 95.58
CA GLY OB 310 26.14 -142.73 94.77
C GLY OB 310 27.25 -143.75 94.58
N LYS OB 311 26.90 -144.84 93.92
CA LYS OB 311 27.85 -145.91 93.64
C LYS OB 311 27.88 -146.17 92.14
N TYR OB 312 29.08 -146.17 91.56
CA TYR OB 312 29.20 -146.40 90.13
C TYR OB 312 28.97 -147.86 89.80
N MET OB 313 28.00 -148.12 88.93
CA MET OB 313 27.67 -149.48 88.51
C MET OB 313 28.44 -149.89 87.26
N ALA OB 314 28.63 -148.97 86.33
CA ALA OB 314 29.35 -149.23 85.10
C ALA OB 314 29.88 -147.91 84.56
N CYS OB 315 30.83 -148.00 83.65
CA CYS OB 315 31.45 -146.80 83.11
C CYS OB 315 32.01 -147.10 81.72
N CYS OB 316 31.81 -146.17 80.79
CA CYS OB 316 32.27 -146.32 79.42
C CYS OB 316 32.96 -145.04 79.00
N LEU OB 317 34.22 -145.13 78.58
CA LEU OB 317 35.02 -143.98 78.19
C LEU OB 317 35.31 -144.05 76.70
N MET OB 318 35.12 -142.92 76.01
CA MET OB 318 35.38 -142.83 74.58
C MET OB 318 36.43 -141.75 74.37
N TYR OB 319 37.66 -142.14 74.10
CA TYR OB 319 38.71 -141.19 73.81
C TYR OB 319 38.73 -140.87 72.32
N ARG OB 320 39.26 -139.70 71.98
CA ARG OB 320 39.25 -139.23 70.60
C ARG OB 320 40.54 -138.45 70.35
N GLY OB 321 41.37 -138.93 69.43
CA GLY OB 321 42.52 -138.17 68.98
C GLY OB 321 43.83 -138.88 69.32
N ASP OB 322 44.83 -138.08 69.70
CA ASP OB 322 46.17 -138.57 69.98
C ASP OB 322 46.16 -139.29 71.32
N VAL OB 323 45.58 -140.48 71.32
CA VAL OB 323 45.41 -141.28 72.52
C VAL OB 323 46.11 -142.61 72.31
N VAL OB 324 46.99 -142.98 73.24
CA VAL OB 324 47.74 -144.22 73.13
C VAL OB 324 47.24 -145.19 74.21
N PRO OB 325 47.20 -146.48 73.94
CA PRO OB 325 46.59 -147.41 74.90
C PRO OB 325 47.36 -147.56 76.20
N LYS OB 326 48.64 -147.19 76.23
CA LYS OB 326 49.38 -147.24 77.47
C LYS OB 326 48.83 -146.24 78.48
N ASP OB 327 48.51 -145.02 78.02
CA ASP OB 327 48.05 -144.01 78.95
C ASP OB 327 46.60 -144.23 79.36
N VAL OB 328 45.83 -144.95 78.55
CA VAL OB 328 44.46 -145.28 78.95
C VAL OB 328 44.48 -146.25 80.12
N ASN OB 329 45.32 -147.27 80.04
CA ASN OB 329 45.42 -148.25 81.11
C ASN OB 329 46.03 -147.63 82.35
N ALA OB 330 46.94 -146.67 82.16
CA ALA OB 330 47.51 -145.96 83.30
C ALA OB 330 46.47 -145.07 83.96
N ALA OB 331 45.63 -144.40 83.16
CA ALA OB 331 44.66 -143.48 83.73
C ALA OB 331 43.55 -144.21 84.46
N VAL OB 332 43.19 -145.40 83.99
CA VAL OB 332 42.15 -146.18 84.66
C VAL OB 332 42.64 -146.66 86.01
N ALA OB 333 43.90 -147.09 86.08
CA ALA OB 333 44.43 -147.70 87.30
C ALA OB 333 44.53 -146.70 88.44
N THR OB 334 44.92 -145.46 88.14
CA THR OB 334 45.04 -144.48 89.20
C THR OB 334 43.67 -144.02 89.70
N ILE OB 335 42.66 -144.08 88.84
CA ILE OB 335 41.31 -143.70 89.26
C ILE OB 335 40.74 -144.76 90.19
N LYS OB 336 40.92 -146.03 89.84
CA LYS OB 336 40.35 -147.11 90.63
C LYS OB 336 41.00 -147.18 92.02
N THR OB 337 42.30 -146.87 92.11
CA THR OB 337 42.98 -146.83 93.39
C THR OB 337 42.78 -145.52 94.14
N LYS OB 338 42.21 -144.51 93.48
CA LYS OB 338 41.85 -143.29 94.18
C LYS OB 338 40.52 -143.50 94.91
N ARG OB 339 40.44 -143.02 96.14
CA ARG OB 339 39.47 -143.53 97.08
C ARG OB 339 38.12 -142.80 97.04
N THR OB 340 38.10 -141.54 96.64
CA THR OB 340 36.91 -140.71 96.83
C THR OB 340 35.72 -141.14 95.99
N ILE OB 341 35.91 -141.98 94.98
CA ILE OB 341 34.78 -142.59 94.30
C ILE OB 341 34.66 -144.03 94.77
N GLN OB 342 33.46 -144.56 94.72
CA GLN OB 342 33.19 -145.91 95.16
C GLN OB 342 32.55 -146.68 94.03
N PHE OB 343 33.08 -147.86 93.75
CA PHE OB 343 32.42 -148.78 92.84
C PHE OB 343 31.60 -149.79 93.64
N VAL OB 344 30.59 -150.34 92.99
CA VAL OB 344 29.78 -151.36 93.62
C VAL OB 344 30.61 -152.62 93.75
N ASP OB 345 30.36 -153.39 94.80
CA ASP OB 345 31.17 -154.58 95.08
C ASP OB 345 31.03 -155.63 93.99
N TRP OB 346 29.84 -155.79 93.42
CA TRP OB 346 29.65 -156.93 92.54
C TRP OB 346 30.07 -156.67 91.09
N CYS OB 347 30.69 -155.54 90.79
CA CYS OB 347 31.12 -155.23 89.42
C CYS OB 347 32.60 -154.86 89.44
N PRO OB 348 33.48 -155.86 89.36
CA PRO OB 348 34.91 -155.54 89.41
C PRO OB 348 35.43 -154.91 88.13
N THR OB 349 35.04 -155.43 86.97
CA THR OB 349 35.50 -154.89 85.70
C THR OB 349 34.51 -153.84 85.21
N GLY OB 350 34.53 -152.70 85.88
CA GLY OB 350 33.55 -151.68 85.63
C GLY OB 350 33.89 -150.68 84.57
N PHE OB 351 34.98 -150.86 83.84
CA PHE OB 351 35.43 -149.91 82.84
C PHE OB 351 35.35 -150.53 81.46
N LYS OB 352 34.95 -149.74 80.47
CA LYS OB 352 35.01 -150.16 79.08
C LYS OB 352 35.56 -149.02 78.25
N CYS OB 353 36.75 -149.22 77.70
CA CYS OB 353 37.50 -148.16 77.04
C CYS OB 353 37.32 -148.26 75.53
N GLY OB 354 37.13 -147.12 74.90
CA GLY OB 354 37.11 -147.04 73.45
C GLY OB 354 37.97 -145.91 72.98
N ILE OB 355 38.81 -146.18 71.98
CA ILE OB 355 39.78 -145.22 71.48
C ILE OB 355 39.52 -144.99 70.00
N ASN OB 356 39.43 -143.73 69.61
CA ASN OB 356 39.26 -143.36 68.21
C ASN OB 356 40.35 -142.40 67.78
N TYR OB 357 40.82 -142.57 66.55
CA TYR OB 357 41.99 -141.82 66.08
C TYR OB 357 41.66 -140.39 65.70
N GLN OB 358 40.45 -140.13 65.23
CA GLN OB 358 40.13 -138.81 64.68
C GLN OB 358 40.01 -137.79 65.80
N PRO OB 359 40.69 -136.65 65.69
CA PRO OB 359 40.64 -135.66 66.76
C PRO OB 359 39.30 -134.96 66.79
N PRO OB 360 38.96 -134.31 67.90
CA PRO OB 360 37.69 -133.56 67.95
C PRO OB 360 37.70 -132.40 66.99
N THR OB 361 36.59 -132.24 66.28
CA THR OB 361 36.42 -131.12 65.37
C THR OB 361 35.84 -129.94 66.13
N VAL OB 362 36.02 -128.76 65.57
CA VAL OB 362 35.52 -127.56 66.22
C VAL OB 362 34.62 -126.82 65.25
N VAL OB 363 33.63 -126.13 65.81
CA VAL OB 363 32.86 -125.13 65.06
C VAL OB 363 33.61 -123.80 65.16
N PRO OB 364 34.15 -123.28 64.06
CA PRO OB 364 35.07 -122.16 64.15
C PRO OB 364 34.35 -120.89 64.55
N GLY OB 365 34.99 -120.11 65.42
CA GLY OB 365 34.31 -118.97 65.99
C GLY OB 365 33.16 -119.32 66.89
N GLY OB 366 33.04 -120.59 67.25
CA GLY OB 366 32.02 -121.01 68.17
C GLY OB 366 32.52 -120.77 69.57
N ASP OB 367 32.50 -121.80 70.39
CA ASP OB 367 32.74 -121.60 71.81
C ASP OB 367 34.00 -122.31 72.26
N LEU OB 368 34.19 -123.57 71.86
CA LEU OB 368 35.34 -124.33 72.30
C LEU OB 368 36.52 -124.09 71.36
N ALA OB 369 37.55 -124.92 71.51
CA ALA OB 369 38.81 -124.82 70.78
C ALA OB 369 39.15 -126.19 70.20
N LYS OB 370 40.26 -126.29 69.47
CA LYS OB 370 40.82 -127.61 69.22
C LYS OB 370 41.73 -128.00 70.37
N VAL OB 371 41.58 -129.23 70.81
CA VAL OB 371 42.52 -129.91 71.68
C VAL OB 371 42.89 -131.21 70.98
N MET OB 372 44.10 -131.68 71.22
CA MET OB 372 44.58 -132.84 70.49
C MET OB 372 43.89 -134.11 70.92
N ARG OB 373 43.30 -134.14 72.11
CA ARG OB 373 42.62 -135.34 72.58
C ARG OB 373 41.45 -134.93 73.46
N ALA OB 374 40.48 -135.83 73.59
CA ALA OB 374 39.32 -135.58 74.44
C ALA OB 374 38.73 -136.90 74.87
N VAL OB 375 37.90 -136.85 75.91
CA VAL OB 375 37.23 -138.03 76.44
C VAL OB 375 35.78 -137.68 76.71
N CYS OB 376 34.88 -138.62 76.40
CA CYS OB 376 33.47 -138.48 76.71
C CYS OB 376 33.04 -139.63 77.60
N MET OB 377 32.33 -139.30 78.66
CA MET OB 377 31.87 -140.26 79.65
C MET OB 377 30.38 -140.54 79.52
N ILE OB 378 30.03 -141.82 79.50
CA ILE OB 378 28.67 -142.27 79.66
C ILE OB 378 28.71 -143.31 80.78
N SER OB 379 28.27 -142.92 81.98
CA SER OB 379 28.45 -143.74 83.17
C SER OB 379 27.10 -144.01 83.82
N ASN OB 380 26.87 -145.27 84.18
CA ASN OB 380 25.68 -145.69 84.89
C ASN OB 380 26.01 -145.80 86.37
N SER OB 381 25.21 -145.15 87.21
CA SER OB 381 25.46 -145.14 88.64
C SER OB 381 24.14 -145.23 89.39
N THR OB 382 24.24 -145.30 90.72
CA THR OB 382 23.07 -145.24 91.59
C THR OB 382 22.82 -143.85 92.12
N ALA OB 383 23.53 -142.85 91.60
CA ALA OB 383 23.26 -141.48 92.00
C ALA OB 383 21.93 -140.97 91.47
N ILE OB 384 21.35 -141.65 90.48
CA ILE OB 384 20.09 -141.25 89.86
C ILE OB 384 18.93 -141.32 90.85
N ALA OB 385 19.12 -142.00 91.99
CA ALA OB 385 18.06 -142.13 92.97
C ALA OB 385 17.63 -140.78 93.53
N GLU OB 386 18.54 -139.81 93.57
CA GLU OB 386 18.15 -138.51 94.11
C GLU OB 386 17.31 -137.70 93.13
N VAL OB 387 17.54 -137.87 91.83
CA VAL OB 387 16.87 -136.98 90.90
C VAL OB 387 15.45 -137.48 90.63
N PHE OB 388 15.19 -138.77 90.86
CA PHE OB 388 13.82 -139.24 90.77
C PHE OB 388 13.07 -138.99 92.06
N SER OB 389 13.76 -139.05 93.19
CA SER OB 389 13.12 -138.74 94.46
C SER OB 389 12.79 -137.26 94.57
N ARG OB 390 13.67 -136.40 94.05
CA ARG OB 390 13.38 -134.97 94.03
C ARG OB 390 12.21 -134.67 93.11
N MET OB 391 12.13 -135.37 91.98
CA MET OB 391 10.99 -135.21 91.09
C MET OB 391 9.72 -135.73 91.73
N ASP OB 392 9.84 -136.79 92.54
CA ASP OB 392 8.68 -137.32 93.24
C ASP OB 392 8.18 -136.37 94.32
N HIS OB 393 9.09 -135.75 95.05
CA HIS OB 393 8.68 -134.81 96.09
C HIS OB 393 8.02 -133.59 95.49
N LYS OB 394 8.41 -133.19 94.27
CA LYS OB 394 7.71 -132.13 93.58
C LYS OB 394 6.32 -132.56 93.16
N PHE OB 395 6.17 -133.83 92.77
CA PHE OB 395 4.92 -134.30 92.19
C PHE OB 395 3.85 -134.52 93.25
N ASP OB 396 4.24 -134.94 94.45
CA ASP OB 396 3.25 -135.22 95.48
C ASP OB 396 2.59 -133.95 96.00
N LEU OB 397 3.32 -132.82 95.99
CA LEU OB 397 2.71 -131.55 96.37
C LEU OB 397 1.67 -131.10 95.36
N MET OB 398 1.95 -131.28 94.07
CA MET OB 398 0.95 -131.03 93.03
C MET OB 398 -0.26 -131.92 93.21
N TYR OB 399 -0.05 -133.21 93.36
CA TYR OB 399 -1.14 -134.17 93.38
C TYR OB 399 -1.81 -134.25 94.74
N ALA OB 400 -1.30 -133.52 95.74
CA ALA OB 400 -1.93 -133.51 97.06
C ALA OB 400 -3.34 -132.95 96.99
N LYS OB 401 -3.54 -131.90 96.20
CA LYS OB 401 -4.87 -131.37 95.99
C LYS OB 401 -5.09 -131.00 94.53
N ARG OB 402 -4.65 -131.88 93.63
CA ARG OB 402 -5.16 -131.97 92.26
C ARG OB 402 -4.94 -130.71 91.44
N ALA OB 403 -3.83 -130.02 91.68
CA ALA OB 403 -3.52 -128.84 90.91
C ALA OB 403 -3.21 -129.20 89.46
N PHE OB 404 -3.72 -128.40 88.54
CA PHE OB 404 -3.49 -128.54 87.10
C PHE OB 404 -3.93 -129.88 86.56
N VAL OB 405 -4.96 -130.48 87.16
CA VAL OB 405 -5.37 -131.81 86.73
C VAL OB 405 -6.50 -131.75 85.70
N HIS OB 406 -7.39 -130.78 85.82
CA HIS OB 406 -8.53 -130.68 84.91
C HIS OB 406 -8.09 -130.43 83.47
N TRP OB 407 -6.93 -129.82 83.27
CA TRP OB 407 -6.37 -129.71 81.93
C TRP OB 407 -6.04 -131.08 81.37
N TYR OB 408 -5.48 -131.95 82.21
CA TYR OB 408 -5.04 -133.25 81.72
C TYR OB 408 -6.20 -134.20 81.48
N VAL OB 409 -7.15 -134.24 82.42
CA VAL OB 409 -8.23 -135.22 82.32
C VAL OB 409 -9.30 -134.78 81.32
N GLY OB 410 -9.35 -133.49 80.99
CA GLY OB 410 -10.42 -132.99 80.14
C GLY OB 410 -10.31 -133.39 78.69
N GLU OB 411 -9.10 -133.62 78.19
CA GLU OB 411 -8.97 -133.96 76.78
C GLU OB 411 -9.37 -135.40 76.50
N GLY OB 412 -9.24 -136.29 77.48
CA GLY OB 412 -9.52 -137.69 77.25
C GLY OB 412 -8.63 -138.65 78.02
N MET OB 413 -7.60 -138.12 78.68
CA MET OB 413 -6.75 -138.96 79.51
C MET OB 413 -7.51 -139.34 80.78
N GLU OB 414 -7.47 -140.63 81.11
CA GLU OB 414 -8.18 -141.12 82.29
C GLU OB 414 -7.45 -140.70 83.55
N GLU OB 415 -8.21 -140.18 84.52
CA GLU OB 415 -7.65 -139.88 85.82
C GLU OB 415 -7.28 -141.18 86.52
N GLY OB 416 -6.12 -141.19 87.17
CA GLY OB 416 -5.56 -142.38 87.77
C GLY OB 416 -4.29 -142.85 87.12
N GLU OB 417 -4.03 -142.42 85.88
CA GLU OB 417 -2.73 -142.66 85.28
C GLU OB 417 -1.65 -141.86 85.98
N PHE OB 418 -2.01 -140.76 86.65
CA PHE OB 418 -1.09 -140.09 87.57
C PHE OB 418 -0.71 -141.02 88.71
N SER OB 419 -1.70 -141.76 89.23
CA SER OB 419 -1.45 -142.62 90.38
C SER OB 419 -0.54 -143.78 90.03
N GLU OB 420 -0.77 -144.43 88.89
CA GLU OB 420 0.01 -145.61 88.56
C GLU OB 420 1.40 -145.26 88.06
N ALA OB 421 1.56 -144.08 87.42
CA ALA OB 421 2.89 -143.64 87.04
C ALA OB 421 3.70 -143.23 88.26
N ARG OB 422 3.02 -142.71 89.29
CA ARG OB 422 3.68 -142.40 90.55
C ARG OB 422 4.24 -143.64 91.23
N GLU OB 423 3.47 -144.73 91.26
CA GLU OB 423 3.97 -145.92 91.93
C GLU OB 423 5.03 -146.63 91.10
N ASP OB 424 5.02 -146.43 89.78
CA ASP OB 424 6.11 -146.95 88.97
C ASP OB 424 7.41 -146.24 89.30
N LEU OB 425 7.36 -144.91 89.44
CA LEU OB 425 8.54 -144.19 89.88
C LEU OB 425 8.93 -144.57 91.30
N ALA OB 426 7.94 -144.93 92.12
CA ALA OB 426 8.25 -145.53 93.42
C ALA OB 426 8.92 -146.89 93.24
N ALA OB 427 8.42 -147.68 92.27
CA ALA OB 427 9.03 -148.98 92.00
C ALA OB 427 10.42 -148.81 91.42
N LEU OB 428 10.62 -147.78 90.59
CA LEU OB 428 11.95 -147.50 90.07
C LEU OB 428 12.88 -147.00 91.15
N GLU OB 429 12.35 -146.23 92.10
CA GLU OB 429 13.18 -145.71 93.18
C GLU OB 429 13.62 -146.83 94.11
N LYS OB 430 12.75 -147.82 94.33
CA LYS OB 430 13.11 -148.91 95.24
C LYS OB 430 14.17 -149.81 94.64
N ASP OB 431 14.13 -150.01 93.32
CA ASP OB 431 15.11 -150.87 92.65
C ASP OB 431 16.51 -150.29 92.74
N TYR OB 432 16.63 -148.98 92.59
CA TYR OB 432 17.93 -148.32 92.70
C TYR OB 432 18.49 -148.44 94.11
N GLU OB 433 17.62 -148.34 95.12
CA GLU OB 433 18.08 -148.50 96.49
C GLU OB 433 18.49 -149.94 96.77
N GLU OB 434 17.80 -150.90 96.18
CA GLU OB 434 18.08 -152.31 96.44
C GLU OB 434 19.41 -152.72 95.83
N VAL OB 435 19.70 -152.24 94.62
CA VAL OB 435 20.87 -152.72 93.90
C VAL OB 435 22.15 -152.13 94.47
N GLY OB 436 22.05 -151.09 95.30
CA GLY OB 436 23.22 -150.46 95.87
C GLY OB 436 23.75 -151.10 97.14
N ILE OB 437 23.21 -152.24 97.56
CA ILE OB 437 23.63 -152.86 98.80
C ILE OB 437 25.00 -153.51 98.69
N MET PB 1 -1.96 -121.30 59.27
CA MET PB 1 -1.53 -121.76 60.58
C MET PB 1 -2.56 -121.42 61.64
N ARG PB 2 -2.25 -120.43 62.45
CA ARG PB 2 -3.12 -119.98 63.53
C ARG PB 2 -3.52 -118.53 63.29
N GLU PB 3 -4.78 -118.21 63.59
CA GLU PB 3 -5.28 -116.85 63.47
C GLU PB 3 -6.08 -116.49 64.71
N ILE PB 4 -5.88 -115.28 65.20
CA ILE PB 4 -6.61 -114.76 66.35
C ILE PB 4 -7.64 -113.76 65.86
N VAL PB 5 -8.89 -113.95 66.26
CA VAL PB 5 -9.98 -113.07 65.85
C VAL PB 5 -10.18 -112.01 66.92
N HIS PB 6 -10.19 -110.76 66.50
CA HIS PB 6 -10.36 -109.64 67.42
C HIS PB 6 -11.81 -109.20 67.44
N VAL PB 7 -12.33 -108.95 68.63
CA VAL PB 7 -13.68 -108.43 68.81
C VAL PB 7 -13.58 -107.20 69.69
N GLN PB 8 -14.13 -106.08 69.23
CA GLN PB 8 -14.01 -104.80 69.90
C GLN PB 8 -15.41 -104.32 70.24
N GLY PB 9 -15.76 -104.32 71.51
CA GLY PB 9 -17.09 -103.90 71.94
C GLY PB 9 -17.02 -102.75 72.92
N GLY PB 10 -17.97 -101.84 72.80
CA GLY PB 10 -18.09 -100.74 73.72
C GLY PB 10 -17.25 -99.53 73.32
N GLN PB 11 -17.42 -98.45 74.08
CA GLN PB 11 -16.64 -97.25 73.83
C GLN PB 11 -15.18 -97.46 74.22
N CYS PB 12 -14.94 -98.06 75.39
CA CYS PB 12 -13.57 -98.36 75.80
C CYS PB 12 -12.94 -99.37 74.88
N GLY PB 13 -13.68 -100.40 74.48
CA GLY PB 13 -13.10 -101.46 73.68
C GLY PB 13 -12.69 -100.99 72.30
N ASN PB 14 -13.44 -100.04 71.74
CA ASN PB 14 -13.07 -99.52 70.44
C ASN PB 14 -11.84 -98.63 70.54
N GLN PB 15 -11.72 -97.84 71.59
CA GLN PB 15 -10.57 -96.94 71.70
C GLN PB 15 -9.30 -97.69 72.09
N ILE PB 16 -9.40 -98.65 72.99
CA ILE PB 16 -8.20 -99.44 73.28
C ILE PB 16 -7.96 -100.44 72.16
N GLY PB 17 -8.97 -100.70 71.34
CA GLY PB 17 -8.78 -101.57 70.21
C GLY PB 17 -8.24 -100.86 68.99
N ALA PB 18 -8.61 -99.60 68.81
CA ALA PB 18 -8.05 -98.82 67.70
C ALA PB 18 -6.58 -98.54 67.94
N LYS PB 19 -6.21 -98.27 69.19
CA LYS PB 19 -4.81 -98.04 69.49
C LYS PB 19 -4.03 -99.34 69.50
N PHE PB 20 -4.73 -100.47 69.69
CA PHE PB 20 -4.05 -101.77 69.61
C PHE PB 20 -3.62 -102.08 68.19
N TRP PB 21 -4.47 -101.80 67.21
CA TRP PB 21 -4.11 -102.09 65.84
C TRP PB 21 -3.11 -101.08 65.30
N GLU PB 22 -2.93 -99.97 66.02
CA GLU PB 22 -1.92 -98.99 65.64
C GLU PB 22 -0.51 -99.55 65.86
N VAL PB 23 -0.30 -100.28 66.96
CA VAL PB 23 1.07 -100.67 67.27
C VAL PB 23 1.40 -102.03 66.65
N ILE PB 24 0.40 -102.86 66.40
CA ILE PB 24 0.66 -104.12 65.71
C ILE PB 24 1.02 -103.84 64.25
N SER PB 25 0.32 -102.92 63.62
CA SER PB 25 0.68 -102.49 62.28
C SER PB 25 2.02 -101.77 62.27
N ASP PB 26 2.33 -101.05 63.35
CA ASP PB 26 3.65 -100.45 63.48
C ASP PB 26 4.69 -101.56 63.58
N GLU PB 27 4.40 -102.60 64.36
CA GLU PB 27 5.37 -103.66 64.58
C GLU PB 27 5.61 -104.44 63.30
N HIS PB 28 4.56 -104.70 62.55
CA HIS PB 28 4.67 -105.42 61.29
C HIS PB 28 4.94 -104.48 60.13
N GLY PB 29 5.09 -103.20 60.38
CA GLY PB 29 5.42 -102.25 59.34
C GLY PB 29 4.34 -102.07 58.29
N ILE PB 30 3.08 -101.95 58.71
CA ILE PB 30 1.98 -101.80 57.79
C ILE PB 30 1.67 -100.32 57.63
N ASP PB 31 1.67 -99.87 56.38
CA ASP PB 31 1.21 -98.54 56.03
C ASP PB 31 -0.25 -98.40 56.42
N PRO PB 32 -0.67 -97.24 56.94
CA PRO PB 32 -2.12 -97.02 57.16
C PRO PB 32 -2.99 -97.21 55.93
N THR PB 33 -2.44 -97.04 54.72
CA THR PB 33 -3.18 -97.45 53.53
C THR PB 33 -3.44 -98.94 53.53
N GLY PB 34 -2.44 -99.73 53.89
CA GLY PB 34 -2.61 -101.17 53.95
C GLY PB 34 -1.48 -101.93 53.31
N THR PB 35 -0.52 -101.20 52.73
CA THR PB 35 0.60 -101.83 52.06
C THR PB 35 1.64 -102.24 53.08
N TYR PB 36 2.83 -102.61 52.61
CA TYR PB 36 3.91 -103.01 53.49
C TYR PB 36 5.16 -102.22 53.15
N CYS PB 37 5.92 -101.85 54.18
CA CYS PB 37 7.23 -101.25 53.97
C CYS PB 37 8.12 -101.66 55.13
N GLY PB 38 9.35 -102.04 54.81
CA GLY PB 38 10.29 -102.44 55.86
C GLY PB 38 11.19 -103.60 55.50
N ASP PB 39 11.02 -104.14 54.29
CA ASP PB 39 11.85 -105.11 53.56
C ASP PB 39 12.59 -106.13 54.43
N SER PB 40 11.90 -106.77 55.35
CA SER PB 40 12.45 -107.84 56.16
C SER PB 40 11.49 -109.01 56.18
N ASP PB 41 12.04 -110.22 56.29
CA ASP PB 41 11.23 -111.42 56.20
C ASP PB 41 10.46 -111.68 57.48
N LEU PB 42 11.07 -111.38 58.63
CA LEU PB 42 10.52 -111.80 59.92
C LEU PB 42 9.18 -111.14 60.22
N GLN PB 43 9.02 -109.89 59.79
CA GLN PB 43 7.76 -109.19 60.03
C GLN PB 43 6.61 -109.84 59.28
N LEU PB 44 6.86 -110.29 58.06
CA LEU PB 44 5.80 -110.67 57.15
C LEU PB 44 5.59 -112.17 57.06
N GLU PB 45 6.52 -112.98 57.59
CA GLU PB 45 6.40 -114.43 57.47
C GLU PB 45 5.24 -114.98 58.28
N ARG PB 46 4.89 -114.32 59.39
CA ARG PB 46 3.77 -114.72 60.22
C ARG PB 46 2.91 -113.48 60.44
N ILE PB 47 2.03 -113.20 59.48
CA ILE PB 47 1.15 -112.05 59.54
C ILE PB 47 -0.31 -112.44 59.45
N ASN PB 48 -0.63 -113.67 59.05
CA ASN PB 48 -2.02 -114.09 58.96
C ASN PB 48 -2.63 -114.33 60.33
N VAL PB 49 -1.84 -114.28 61.40
CA VAL PB 49 -2.40 -114.39 62.74
C VAL PB 49 -3.29 -113.20 63.06
N PHE PB 50 -2.95 -112.01 62.56
CA PHE PB 50 -3.76 -110.82 62.77
C PHE PB 50 -4.30 -110.19 61.50
N TYR PB 51 -3.86 -110.62 60.32
CA TYR PB 51 -4.22 -109.93 59.09
C TYR PB 51 -4.74 -110.92 58.06
N ASN PB 52 -5.34 -110.37 57.01
CA ASN PB 52 -5.86 -111.15 55.89
C ASN PB 52 -5.48 -110.50 54.57
N GLU PB 53 -5.03 -111.32 53.63
CA GLU PB 53 -4.76 -110.84 52.28
C GLU PB 53 -6.07 -110.54 51.56
N ALA PB 54 -6.06 -109.52 50.70
CA ALA PB 54 -7.27 -109.05 50.05
C ALA PB 54 -7.20 -109.10 48.52
N THR PB 55 -6.26 -109.85 47.96
CA THR PB 55 -6.00 -109.92 46.51
C THR PB 55 -5.80 -108.55 45.90
N GLY PB 56 -5.18 -107.66 46.67
CA GLY PB 56 -4.76 -106.38 46.17
C GLY PB 56 -3.44 -106.09 46.85
N GLY PB 57 -3.00 -107.05 47.66
CA GLY PB 57 -1.79 -106.93 48.42
C GLY PB 57 -1.97 -106.27 49.77
N ARG PB 58 -3.10 -105.64 50.02
CA ARG PB 58 -3.30 -104.95 51.28
C ARG PB 58 -3.74 -105.94 52.35
N PHE PB 59 -3.30 -105.68 53.58
CA PHE PB 59 -3.61 -106.55 54.70
C PHE PB 59 -4.67 -105.89 55.56
N VAL PB 60 -5.78 -106.59 55.77
CA VAL PB 60 -6.88 -106.06 56.56
C VAL PB 60 -6.88 -106.76 57.90
N PRO PB 61 -7.20 -106.07 58.99
CA PRO PB 61 -7.25 -106.72 60.29
C PRO PB 61 -8.41 -107.69 60.38
N ARG PB 62 -8.22 -108.73 61.18
CA ARG PB 62 -9.29 -109.68 61.48
C ARG PB 62 -10.08 -109.24 62.70
N ALA PB 63 -10.56 -107.99 62.67
CA ALA PB 63 -11.21 -107.38 63.81
C ALA PB 63 -12.66 -107.09 63.49
N ILE PB 64 -13.52 -107.29 64.49
CA ILE PB 64 -14.94 -107.05 64.36
C ILE PB 64 -15.30 -105.91 65.30
N LEU PB 65 -15.63 -104.76 64.74
CA LEU PB 65 -15.97 -103.59 65.53
C LEU PB 65 -17.45 -103.66 65.87
N MET PB 66 -17.81 -103.24 67.08
CA MET PB 66 -19.14 -103.51 67.60
C MET PB 66 -19.51 -102.48 68.64
N ASP PB 67 -20.59 -101.73 68.40
CA ASP PB 67 -21.06 -100.75 69.36
C ASP PB 67 -22.50 -100.39 69.01
N LEU PB 68 -23.20 -99.80 69.99
CA LEU PB 68 -24.58 -99.36 69.81
C LEU PB 68 -24.75 -97.87 69.57
N GLU PB 69 -23.67 -97.10 69.49
CA GLU PB 69 -23.77 -95.71 69.06
C GLU PB 69 -22.81 -95.52 67.90
N PRO PB 70 -23.24 -94.88 66.81
CA PRO PB 70 -22.34 -94.71 65.66
C PRO PB 70 -21.27 -93.67 65.89
N GLY PB 71 -21.31 -92.93 66.99
CA GLY PB 71 -20.36 -91.85 67.20
C GLY PB 71 -18.94 -92.34 67.42
N THR PB 72 -18.77 -93.32 68.31
CA THR PB 72 -17.42 -93.77 68.62
C THR PB 72 -16.85 -94.64 67.52
N MET PB 73 -17.69 -95.24 66.69
CA MET PB 73 -17.21 -95.93 65.51
C MET PB 73 -16.76 -94.94 64.45
N ASP PB 74 -17.43 -93.78 64.39
CA ASP PB 74 -17.04 -92.75 63.44
C ASP PB 74 -15.68 -92.19 63.81
N SER PB 75 -15.42 -91.99 65.10
CA SER PB 75 -14.16 -91.41 65.53
C SER PB 75 -12.99 -92.36 65.31
N VAL PB 76 -13.23 -93.66 65.45
CA VAL PB 76 -12.19 -94.65 65.16
C VAL PB 76 -11.86 -94.65 63.68
N ARG PB 77 -12.88 -94.59 62.84
CA ARG PB 77 -12.66 -94.49 61.40
C ARG PB 77 -11.96 -93.19 61.02
N ALA PB 78 -12.35 -92.09 61.65
CA ALA PB 78 -11.85 -90.78 61.25
C ALA PB 78 -10.43 -90.52 61.70
N GLY PB 79 -9.90 -91.29 62.64
CA GLY PB 79 -8.54 -91.12 63.09
C GLY PB 79 -7.56 -91.75 62.13
N PRO PB 80 -6.27 -91.63 62.43
CA PRO PB 80 -5.27 -92.37 61.66
C PRO PB 80 -5.41 -93.86 61.91
N PHE PB 81 -4.96 -94.65 60.94
CA PHE PB 81 -5.17 -96.10 60.92
C PHE PB 81 -6.64 -96.43 61.03
N GLY PB 82 -7.47 -95.65 60.36
CA GLY PB 82 -8.90 -95.86 60.39
C GLY PB 82 -9.39 -96.46 59.10
N GLN PB 83 -8.68 -96.22 58.01
CA GLN PB 83 -9.01 -96.83 56.74
C GLN PB 83 -8.64 -98.29 56.69
N LEU PB 84 -7.88 -98.77 57.67
CA LEU PB 84 -7.34 -100.12 57.62
C LEU PB 84 -8.43 -101.16 57.82
N PHE PB 85 -9.37 -100.90 58.72
CA PHE PB 85 -10.44 -101.86 58.99
C PHE PB 85 -11.42 -101.94 57.83
N ARG PB 86 -12.01 -103.11 57.66
CA ARG PB 86 -12.97 -103.32 56.58
C ARG PB 86 -14.29 -102.61 56.92
N PRO PB 87 -14.91 -101.96 55.95
CA PRO PB 87 -16.21 -101.33 56.21
C PRO PB 87 -17.31 -102.31 56.58
N ASP PB 88 -17.28 -103.52 56.04
CA ASP PB 88 -18.32 -104.49 56.36
C ASP PB 88 -18.18 -105.03 57.77
N ASN PB 89 -16.99 -104.97 58.35
CA ASN PB 89 -16.81 -105.48 59.70
C ASN PB 89 -17.36 -104.56 60.77
N PHE PB 90 -17.61 -103.29 60.45
CA PHE PB 90 -18.35 -102.44 61.37
C PHE PB 90 -19.79 -102.91 61.47
N VAL PB 91 -20.30 -102.95 62.70
CA VAL PB 91 -21.72 -103.17 62.93
C VAL PB 91 -22.20 -102.06 63.84
N PHE PB 92 -23.40 -101.56 63.57
CA PHE PB 92 -23.89 -100.34 64.16
C PHE PB 92 -25.11 -100.62 65.03
N GLY PB 93 -25.27 -99.83 66.08
CA GLY PB 93 -26.51 -99.81 66.83
C GLY PB 93 -27.27 -98.52 66.59
N GLN PB 94 -28.54 -98.66 66.29
CA GLN PB 94 -29.35 -97.50 65.96
C GLN PB 94 -29.91 -96.79 67.18
N THR PB 95 -29.84 -97.39 68.37
CA THR PB 95 -30.48 -96.82 69.55
C THR PB 95 -29.49 -96.39 70.63
N GLY PB 96 -28.68 -97.30 71.13
CA GLY PB 96 -27.75 -96.94 72.19
C GLY PB 96 -28.14 -97.42 73.57
N ALA PB 97 -27.25 -98.17 74.20
CA ALA PB 97 -27.51 -98.72 75.54
C ALA PB 97 -26.97 -97.76 76.59
N GLY PB 98 -27.87 -97.16 77.35
CA GLY PB 98 -27.50 -96.21 78.37
C GLY PB 98 -27.10 -96.88 79.67
N ASN PB 99 -25.86 -97.33 79.77
CA ASN PB 99 -25.26 -97.97 80.94
C ASN PB 99 -26.00 -99.21 81.42
N ASN PB 100 -27.03 -99.65 80.73
CA ASN PB 100 -27.94 -100.64 81.27
C ASN PB 100 -27.50 -101.99 80.71
N TRP PB 101 -27.02 -102.85 81.59
CA TRP PB 101 -26.63 -104.19 81.19
C TRP PB 101 -27.82 -105.00 80.72
N ALA PB 102 -29.02 -104.63 81.15
CA ALA PB 102 -30.21 -105.34 80.71
C ALA PB 102 -30.46 -105.14 79.23
N LYS PB 103 -30.46 -103.89 78.78
CA LYS PB 103 -30.70 -103.66 77.37
C LYS PB 103 -29.49 -103.97 76.52
N GLY PB 104 -28.31 -104.02 77.11
CA GLY PB 104 -27.15 -104.44 76.35
C GLY PB 104 -27.15 -105.93 76.08
N HIS PB 105 -27.88 -106.69 76.87
CA HIS PB 105 -27.81 -108.14 76.82
C HIS PB 105 -29.17 -108.79 76.59
N TYR PB 106 -30.22 -108.30 77.24
CA TYR PB 106 -31.50 -108.99 77.11
C TYR PB 106 -32.41 -108.39 76.05
N THR PB 107 -32.48 -107.08 75.92
CA THR PB 107 -33.50 -106.46 75.09
C THR PB 107 -32.97 -105.89 73.79
N GLU PB 108 -32.02 -104.97 73.85
CA GLU PB 108 -31.60 -104.28 72.62
C GLU PB 108 -30.40 -104.94 71.97
N GLY PB 109 -29.46 -105.46 72.75
CA GLY PB 109 -28.36 -106.18 72.14
C GLY PB 109 -28.76 -107.53 71.59
N ALA PB 110 -29.89 -108.07 72.05
CA ALA PB 110 -30.32 -109.39 71.59
C ALA PB 110 -30.73 -109.40 70.12
N GLU PB 111 -31.15 -108.27 69.58
CA GLU PB 111 -31.51 -108.19 68.17
C GLU PB 111 -30.32 -107.84 67.29
N LEU PB 112 -29.16 -107.56 67.86
CA LEU PB 112 -28.01 -107.17 67.06
C LEU PB 112 -26.89 -108.20 67.09
N ILE PB 113 -26.92 -109.15 68.02
CA ILE PB 113 -25.98 -110.27 67.99
C ILE PB 113 -26.15 -111.09 66.73
N ASP PB 114 -27.39 -111.36 66.33
CA ASP PB 114 -27.64 -112.19 65.16
C ASP PB 114 -27.07 -111.56 63.89
N SER PB 115 -26.97 -110.23 63.86
CA SER PB 115 -26.24 -109.56 62.80
C SER PB 115 -24.73 -109.70 62.94
N VAL PB 116 -24.20 -109.54 64.16
CA VAL PB 116 -22.75 -109.54 64.31
C VAL PB 116 -22.21 -110.95 64.45
N LEU PB 117 -23.04 -111.90 64.87
CA LEU PB 117 -22.59 -113.30 64.90
C LEU PB 117 -22.37 -113.82 63.50
N ASP PB 118 -23.08 -113.27 62.52
CA ASP PB 118 -22.87 -113.66 61.13
C ASP PB 118 -21.49 -113.21 60.67
N VAL PB 119 -21.07 -112.01 61.07
CA VAL PB 119 -19.78 -111.48 60.66
C VAL PB 119 -18.64 -112.29 61.25
N VAL PB 120 -18.76 -112.67 62.53
CA VAL PB 120 -17.68 -113.44 63.14
C VAL PB 120 -17.73 -114.89 62.67
N ARG PB 121 -18.89 -115.37 62.20
CA ARG PB 121 -18.95 -116.69 61.61
C ARG PB 121 -18.24 -116.73 60.26
N LYS PB 122 -18.45 -115.68 59.45
CA LYS PB 122 -17.84 -115.64 58.13
C LYS PB 122 -16.33 -115.56 58.22
N GLU PB 123 -15.81 -114.79 59.17
CA GLU PB 123 -14.38 -114.60 59.24
C GLU PB 123 -13.67 -115.80 59.88
N ALA PB 124 -14.25 -116.38 60.93
CA ALA PB 124 -13.56 -117.45 61.63
C ALA PB 124 -13.60 -118.76 60.86
N GLU PB 125 -14.70 -119.05 60.18
CA GLU PB 125 -14.78 -120.31 59.43
C GLU PB 125 -13.94 -120.29 58.17
N GLY PB 126 -13.68 -119.10 57.62
CA GLY PB 126 -12.92 -119.02 56.39
C GLY PB 126 -11.44 -119.29 56.57
N CYS PB 127 -10.94 -119.31 57.80
CA CYS PB 127 -9.53 -119.52 58.03
C CYS PB 127 -9.18 -121.00 57.94
N ASP PB 128 -7.88 -121.28 57.98
CA ASP PB 128 -7.41 -122.66 57.93
C ASP PB 128 -7.62 -123.37 59.27
N CYS PB 129 -7.04 -122.83 60.34
CA CYS PB 129 -7.14 -123.43 61.68
C CYS PB 129 -7.22 -122.30 62.68
N LEU PB 130 -8.42 -122.07 63.21
CA LEU PB 130 -8.61 -121.05 64.23
C LEU PB 130 -7.92 -121.47 65.53
N GLN PB 131 -7.31 -120.49 66.19
CA GLN PB 131 -6.78 -120.71 67.53
C GLN PB 131 -7.75 -120.22 68.60
N GLY PB 132 -8.18 -118.97 68.52
CA GLY PB 132 -9.05 -118.44 69.54
C GLY PB 132 -9.47 -117.01 69.26
N PHE PB 133 -10.04 -116.38 70.28
CA PHE PB 133 -10.58 -115.05 70.20
C PHE PB 133 -9.95 -114.19 71.29
N GLN PB 134 -9.83 -112.90 71.02
CA GLN PB 134 -9.55 -111.93 72.07
C GLN PB 134 -10.57 -110.80 71.99
N ILE PB 135 -11.05 -110.36 73.14
CA ILE PB 135 -12.11 -109.37 73.24
C ILE PB 135 -11.65 -108.27 74.17
N THR PB 136 -11.69 -107.03 73.70
CA THR PB 136 -11.40 -105.87 74.52
C THR PB 136 -12.69 -105.13 74.76
N HIS PB 137 -13.03 -104.91 76.03
CA HIS PB 137 -14.27 -104.26 76.37
C HIS PB 137 -14.14 -103.67 77.77
N SER PB 138 -15.12 -102.85 78.12
CA SER PB 138 -15.25 -102.34 79.47
C SER PB 138 -16.32 -103.13 80.21
N LEU PB 139 -16.34 -102.96 81.52
CA LEU PB 139 -17.38 -103.57 82.34
C LEU PB 139 -18.24 -102.57 83.07
N GLY PB 140 -17.79 -101.33 83.23
CA GLY PB 140 -18.64 -100.32 83.85
C GLY PB 140 -19.82 -99.95 82.98
N GLY PB 141 -19.60 -99.79 81.68
CA GLY PB 141 -20.62 -99.30 80.79
C GLY PB 141 -21.62 -100.36 80.39
N GLY PB 142 -22.54 -99.95 79.52
CA GLY PB 142 -23.64 -100.80 79.16
C GLY PB 142 -23.36 -101.76 78.02
N THR PB 143 -22.90 -101.22 76.89
CA THR PB 143 -22.67 -102.07 75.74
C THR PB 143 -21.41 -102.93 75.85
N GLY PB 144 -20.37 -102.45 76.50
CA GLY PB 144 -19.21 -103.30 76.70
C GLY PB 144 -19.50 -104.46 77.62
N SER PB 145 -20.12 -104.17 78.76
CA SER PB 145 -20.41 -105.22 79.73
C SER PB 145 -21.58 -106.08 79.28
N GLY PB 146 -22.56 -105.48 78.63
CA GLY PB 146 -23.75 -106.22 78.25
C GLY PB 146 -23.59 -107.06 77.00
N MET PB 147 -23.41 -106.39 75.86
CA MET PB 147 -23.33 -107.12 74.60
C MET PB 147 -22.00 -107.82 74.44
N GLY PB 148 -20.92 -107.26 75.01
CA GLY PB 148 -19.65 -107.93 74.98
C GLY PB 148 -19.67 -109.27 75.70
N THR PB 149 -20.45 -109.35 76.79
CA THR PB 149 -20.55 -110.63 77.50
C THR PB 149 -21.47 -111.58 76.76
N LEU PB 150 -22.51 -111.06 76.10
CA LEU PB 150 -23.39 -111.93 75.32
C LEU PB 150 -22.64 -112.59 74.17
N LEU PB 151 -21.81 -111.81 73.47
CA LEU PB 151 -21.06 -112.37 72.36
C LEU PB 151 -20.04 -113.38 72.85
N ILE PB 152 -19.52 -113.18 74.07
CA ILE PB 152 -18.69 -114.19 74.71
C ILE PB 152 -19.47 -115.46 74.93
N SER PB 153 -20.73 -115.33 75.36
CA SER PB 153 -21.56 -116.50 75.61
C SER PB 153 -21.93 -117.22 74.32
N LYS PB 154 -22.16 -116.48 73.24
CA LYS PB 154 -22.66 -117.11 72.02
C LYS PB 154 -21.58 -117.90 71.30
N VAL PB 155 -20.36 -117.37 71.23
CA VAL PB 155 -19.33 -118.08 70.49
C VAL PB 155 -18.65 -119.15 71.33
N ARG PB 156 -18.86 -119.17 72.64
CA ARG PB 156 -18.35 -120.28 73.43
C ARG PB 156 -19.17 -121.53 73.22
N GLU PB 157 -20.49 -121.39 73.14
CA GLU PB 157 -21.33 -122.54 72.83
C GLU PB 157 -21.28 -122.91 71.36
N GLU PB 158 -20.71 -122.07 70.51
CA GLU PB 158 -20.55 -122.41 69.09
C GLU PB 158 -19.19 -123.02 68.80
N TYR PB 159 -18.13 -122.44 69.38
CA TYR PB 159 -16.75 -122.93 69.22
C TYR PB 159 -16.22 -123.26 70.61
N PRO PB 160 -16.55 -124.44 71.14
CA PRO PB 160 -16.18 -124.74 72.52
C PRO PB 160 -14.75 -125.21 72.69
N ASP PB 161 -14.01 -125.41 71.61
CA ASP PB 161 -12.65 -125.91 71.70
C ASP PB 161 -11.66 -124.74 71.82
N ARG PB 162 -11.90 -123.67 71.06
CA ARG PB 162 -10.93 -122.60 70.94
C ARG PB 162 -10.83 -121.79 72.23
N ILE PB 163 -9.69 -121.15 72.40
CA ILE PB 163 -9.41 -120.41 73.62
C ILE PB 163 -10.07 -119.03 73.54
N MET PB 164 -10.28 -118.41 74.69
CA MET PB 164 -10.83 -117.07 74.74
C MET PB 164 -10.14 -116.28 75.83
N GLU PB 165 -9.70 -115.08 75.52
CA GLU PB 165 -9.04 -114.23 76.50
C GLU PB 165 -9.59 -112.82 76.35
N THR PB 166 -9.87 -112.17 77.46
CA THR PB 166 -10.51 -110.86 77.45
C THR PB 166 -9.60 -109.81 78.06
N PHE PB 167 -9.44 -108.69 77.37
CA PHE PB 167 -8.76 -107.52 77.92
C PHE PB 167 -9.84 -106.58 78.46
N SER PB 168 -10.27 -106.82 79.69
CA SER PB 168 -11.40 -106.13 80.28
C SER PB 168 -10.93 -105.12 81.31
N VAL PB 169 -11.42 -103.90 81.22
CA VAL PB 169 -11.16 -102.92 82.26
C VAL PB 169 -12.29 -102.99 83.28
N PHE PB 170 -11.93 -102.84 84.52
CA PHE PB 170 -12.90 -102.93 85.61
C PHE PB 170 -13.32 -101.53 86.03
N PRO PB 171 -14.41 -101.41 86.79
CA PRO PB 171 -14.68 -100.14 87.45
C PRO PB 171 -13.56 -99.76 88.39
N SER PB 172 -13.25 -98.48 88.39
CA SER PB 172 -12.11 -97.98 89.14
C SER PB 172 -12.41 -98.00 90.64
N PRO PB 173 -11.39 -98.13 91.48
CA PRO PB 173 -11.59 -98.13 92.93
C PRO PB 173 -12.16 -96.87 93.54
N LYS PB 174 -11.47 -95.75 93.38
CA LYS PB 174 -11.77 -94.58 94.19
C LYS PB 174 -13.00 -93.84 93.68
N VAL PB 175 -12.92 -93.27 92.49
CA VAL PB 175 -14.05 -92.56 91.93
C VAL PB 175 -14.55 -93.41 90.79
N SER PB 176 -15.66 -93.02 90.16
CA SER PB 176 -16.26 -93.94 89.21
C SER PB 176 -16.97 -93.19 88.11
N ASP PB 177 -17.21 -93.93 87.03
CA ASP PB 177 -18.18 -93.62 86.00
C ASP PB 177 -19.18 -94.76 85.97
N THR PB 178 -20.30 -94.51 85.30
CA THR PB 178 -21.37 -95.48 85.16
C THR PB 178 -21.83 -95.94 86.54
N VAL PB 179 -22.48 -95.04 87.29
CA VAL PB 179 -22.92 -95.14 88.69
C VAL PB 179 -23.44 -96.53 89.02
N VAL PB 180 -24.15 -97.16 88.09
CA VAL PB 180 -24.40 -98.57 88.29
C VAL PB 180 -23.20 -99.36 87.78
N GLU PB 181 -22.11 -99.35 88.56
CA GLU PB 181 -21.00 -100.22 88.20
C GLU PB 181 -21.31 -101.61 88.75
N PRO PB 182 -21.69 -101.79 90.04
CA PRO PB 182 -21.98 -103.15 90.51
C PRO PB 182 -23.13 -103.80 89.79
N TYR PB 183 -24.10 -103.00 89.34
CA TYR PB 183 -25.18 -103.59 88.57
C TYR PB 183 -24.74 -103.97 87.16
N ASN PB 184 -23.57 -103.52 86.74
CA ASN PB 184 -23.01 -103.92 85.45
C ASN PB 184 -21.80 -104.84 85.62
N ALA PB 185 -20.91 -104.52 86.56
CA ALA PB 185 -19.70 -105.33 86.71
C ALA PB 185 -20.01 -106.70 87.29
N THR PB 186 -20.80 -106.77 88.37
CA THR PB 186 -21.09 -108.05 88.98
C THR PB 186 -21.94 -108.91 88.07
N LEU PB 187 -22.82 -108.29 87.32
CA LEU PB 187 -23.66 -109.04 86.40
C LEU PB 187 -22.87 -109.56 85.21
N SER PB 188 -21.70 -109.00 84.95
CA SER PB 188 -20.85 -109.54 83.90
C SER PB 188 -19.88 -110.57 84.43
N VAL PB 189 -19.42 -110.38 85.67
CA VAL PB 189 -18.38 -111.24 86.21
C VAL PB 189 -18.88 -112.65 86.42
N HIS PB 190 -20.14 -112.82 86.86
CA HIS PB 190 -20.61 -114.18 87.08
C HIS PB 190 -20.90 -114.90 85.78
N GLN PB 191 -20.95 -114.17 84.67
CA GLN PB 191 -21.06 -114.79 83.35
C GLN PB 191 -19.70 -114.84 82.66
N LEU PB 192 -18.79 -113.94 83.02
CA LEU PB 192 -17.44 -114.00 82.49
C LEU PB 192 -16.70 -115.21 83.04
N VAL PB 193 -16.98 -115.59 84.29
CA VAL PB 193 -16.35 -116.78 84.85
C VAL PB 193 -16.88 -118.05 84.22
N GLU PB 194 -18.04 -117.99 83.58
CA GLU PB 194 -18.64 -119.19 83.02
C GLU PB 194 -18.17 -119.48 81.61
N ASN PB 195 -17.80 -118.45 80.86
CA ASN PB 195 -17.56 -118.61 79.43
C ASN PB 195 -16.28 -117.90 78.97
N ALA PB 196 -15.29 -117.75 79.84
CA ALA PB 196 -14.02 -117.19 79.42
C ALA PB 196 -12.88 -117.99 80.04
N ASP PB 197 -11.81 -118.15 79.26
CA ASP PB 197 -10.67 -118.94 79.69
C ASP PB 197 -9.61 -118.10 80.38
N GLU PB 198 -9.34 -116.91 79.89
CA GLU PB 198 -8.43 -115.98 80.54
C GLU PB 198 -9.09 -114.62 80.61
N VAL PB 199 -8.96 -113.96 81.76
CA VAL PB 199 -9.42 -112.58 81.93
C VAL PB 199 -8.24 -111.77 82.42
N GLN PB 200 -7.92 -110.69 81.72
CA GLN PB 200 -6.81 -109.83 82.09
C GLN PB 200 -7.39 -108.50 82.54
N VAL PB 201 -7.12 -108.13 83.78
CA VAL PB 201 -7.83 -107.06 84.45
C VAL PB 201 -7.01 -105.79 84.39
N ILE PB 202 -7.64 -104.71 83.93
CA ILE PB 202 -7.02 -103.39 83.83
C ILE PB 202 -7.84 -102.43 84.67
N ASP PB 203 -7.18 -101.51 85.36
CA ASP PB 203 -7.86 -100.46 86.08
C ASP PB 203 -7.35 -99.11 85.64
N ASN PB 204 -8.23 -98.13 85.58
CA ASN PB 204 -7.80 -96.81 85.13
C ASN PB 204 -7.01 -96.08 86.19
N GLU PB 205 -7.30 -96.31 87.47
CA GLU PB 205 -6.48 -95.67 88.49
C GLU PB 205 -5.10 -96.28 88.57
N ALA PB 206 -4.96 -97.54 88.16
CA ALA PB 206 -3.62 -98.10 88.03
C ALA PB 206 -2.86 -97.45 86.89
N LEU PB 207 -3.55 -97.19 85.79
CA LEU PB 207 -2.90 -96.58 84.63
C LEU PB 207 -2.54 -95.13 84.90
N TYR PB 208 -3.37 -94.43 85.68
CA TYR PB 208 -3.01 -93.09 86.10
C TYR PB 208 -1.83 -93.11 87.04
N ASP PB 209 -1.78 -94.11 87.91
CA ASP PB 209 -0.70 -94.18 88.88
C ASP PB 209 0.61 -94.57 88.22
N ILE PB 210 0.55 -95.46 87.22
CA ILE PB 210 1.74 -95.81 86.46
C ILE PB 210 2.26 -94.60 85.70
N CYS PB 211 1.36 -93.86 85.05
CA CYS PB 211 1.78 -92.74 84.23
C CYS PB 211 2.21 -91.55 85.08
N PHE PB 212 1.96 -91.58 86.39
CA PHE PB 212 2.38 -90.47 87.22
C PHE PB 212 3.82 -90.66 87.70
N ARG PB 213 4.11 -91.74 88.41
CA ARG PB 213 5.43 -91.80 89.03
C ARG PB 213 6.48 -92.30 88.05
N THR PB 214 6.11 -93.19 87.14
CA THR PB 214 7.12 -93.81 86.29
C THR PB 214 7.38 -92.96 85.05
N LEU PB 215 6.34 -92.71 84.25
CA LEU PB 215 6.53 -91.97 83.01
C LEU PB 215 6.66 -90.48 83.22
N LYS PB 216 6.30 -89.97 84.40
CA LYS PB 216 6.38 -88.55 84.76
C LYS PB 216 5.58 -87.66 83.84
N LEU PB 217 4.58 -88.17 83.13
CA LEU PB 217 3.77 -87.30 82.31
C LEU PB 217 2.85 -86.46 83.18
N THR PB 218 2.80 -85.17 82.89
CA THR PB 218 1.92 -84.29 83.64
C THR PB 218 0.46 -84.48 83.23
N THR PB 219 0.20 -84.58 81.92
CA THR PB 219 -1.15 -84.61 81.36
C THR PB 219 -1.37 -85.91 80.61
N PRO PB 220 -1.84 -86.96 81.28
CA PRO PB 220 -2.16 -88.21 80.58
C PRO PB 220 -3.57 -88.18 80.01
N THR PB 221 -3.68 -88.25 78.68
CA THR PB 221 -4.97 -88.39 78.03
C THR PB 221 -5.30 -89.87 77.91
N TYR PB 222 -6.38 -90.19 77.21
CA TYR PB 222 -6.61 -91.60 76.86
C TYR PB 222 -5.76 -92.04 75.69
N GLY PB 223 -5.04 -91.11 75.06
CA GLY PB 223 -4.13 -91.51 74.00
C GLY PB 223 -2.99 -92.36 74.51
N ASP PB 224 -2.42 -91.99 75.65
CA ASP PB 224 -1.27 -92.71 76.15
C ASP PB 224 -1.65 -93.89 77.03
N LEU PB 225 -2.80 -93.83 77.71
CA LEU PB 225 -3.26 -94.98 78.47
C LEU PB 225 -3.56 -96.15 77.55
N ASN PB 226 -4.28 -95.88 76.45
CA ASN PB 226 -4.55 -96.93 75.49
C ASN PB 226 -3.28 -97.38 74.79
N HIS PB 227 -2.31 -96.48 74.63
CA HIS PB 227 -1.03 -96.87 74.05
C HIS PB 227 -0.26 -97.76 75.02
N LEU PB 228 -0.39 -97.50 76.32
CA LEU PB 228 0.31 -98.30 77.30
C LEU PB 228 -0.33 -99.68 77.47
N VAL PB 229 -1.66 -99.73 77.51
CA VAL PB 229 -2.37 -101.01 77.64
C VAL PB 229 -2.14 -101.85 76.39
N SER PB 230 -2.07 -101.21 75.23
CA SER PB 230 -1.79 -101.94 74.00
C SER PB 230 -0.40 -102.53 74.00
N ALA PB 231 0.55 -101.89 74.70
CA ALA PB 231 1.89 -102.46 74.80
C ALA PB 231 1.87 -103.78 75.54
N ALA PB 232 1.00 -103.90 76.55
CA ALA PB 232 0.83 -105.17 77.23
C ALA PB 232 0.14 -106.19 76.34
N MET PB 233 -0.73 -105.73 75.43
CA MET PB 233 -1.45 -106.64 74.56
C MET PB 233 -0.52 -107.33 73.58
N SER PB 234 0.38 -106.57 72.97
CA SER PB 234 1.27 -107.15 71.97
C SER PB 234 2.31 -108.05 72.61
N GLY PB 235 2.68 -107.80 73.87
CA GLY PB 235 3.65 -108.65 74.54
C GLY PB 235 3.12 -110.04 74.82
N VAL PB 236 1.80 -110.17 74.98
CA VAL PB 236 1.22 -111.48 75.23
C VAL PB 236 1.33 -112.37 74.00
N THR PB 237 1.05 -111.80 72.84
CA THR PB 237 0.97 -112.58 71.61
C THR PB 237 2.16 -112.36 70.69
N CYS PB 238 3.32 -111.97 71.22
CA CYS PB 238 4.48 -111.77 70.37
C CYS PB 238 5.02 -113.09 69.86
N CYS PB 239 4.99 -114.12 70.72
CA CYS PB 239 5.57 -115.42 70.36
C CYS PB 239 4.79 -116.09 69.24
N LEU PB 240 3.52 -115.75 69.08
CA LEU PB 240 2.76 -116.25 67.95
C LEU PB 240 3.22 -115.62 66.65
N ARG PB 241 3.74 -114.40 66.70
CA ARG PB 241 4.07 -113.66 65.50
C ARG PB 241 5.55 -113.71 65.14
N PHE PB 242 6.42 -113.88 66.13
CA PHE PB 242 7.85 -113.86 65.88
C PHE PB 242 8.49 -115.12 66.43
N PRO PB 243 9.51 -115.64 65.76
CA PRO PB 243 10.22 -116.80 66.29
C PRO PB 243 11.03 -116.43 67.52
N GLY PB 244 11.27 -117.42 68.37
CA GLY PB 244 12.02 -117.18 69.59
C GLY PB 244 12.65 -118.46 70.08
N GLN PB 245 13.52 -118.31 71.08
CA GLN PB 245 14.18 -119.47 71.67
C GLN PB 245 13.20 -120.34 72.44
N LEU PB 246 12.24 -119.72 73.11
CA LEU PB 246 11.25 -120.45 73.91
C LEU PB 246 9.87 -119.88 73.58
N ASN PB 247 9.11 -120.61 72.79
CA ASN PB 247 7.87 -120.11 72.23
C ASN PB 247 6.70 -120.30 73.21
N SER PB 248 5.71 -119.42 73.11
CA SER PB 248 4.61 -119.45 74.07
C SER PB 248 3.37 -118.81 73.47
N ASP PB 249 2.39 -119.62 73.09
CA ASP PB 249 1.14 -119.07 72.58
C ASP PB 249 0.14 -118.90 73.73
N LEU PB 250 -1.13 -118.69 73.40
CA LEU PB 250 -2.12 -118.46 74.45
C LEU PB 250 -2.46 -119.75 75.19
N ARG PB 251 -2.56 -120.87 74.48
CA ARG PB 251 -2.85 -122.13 75.15
C ARG PB 251 -1.65 -122.60 75.95
N LYS PB 252 -0.45 -122.15 75.58
CA LYS PB 252 0.73 -122.34 76.39
C LYS PB 252 0.48 -121.79 77.78
N LEU PB 253 -0.06 -120.56 77.83
CA LEU PB 253 -0.20 -119.81 79.05
C LEU PB 253 -1.39 -120.31 79.87
N ALA PB 254 -2.46 -120.74 79.20
CA ALA PB 254 -3.68 -121.14 79.89
C ALA PB 254 -3.49 -122.38 80.73
N VAL PB 255 -2.77 -123.38 80.21
CA VAL PB 255 -2.49 -124.58 80.98
C VAL PB 255 -1.45 -124.29 82.06
N ASN PB 256 -0.79 -123.14 81.97
CA ASN PB 256 0.38 -122.81 82.76
C ASN PB 256 0.04 -121.99 83.97
N LEU PB 257 -0.95 -121.11 83.86
CA LEU PB 257 -1.28 -120.16 84.90
C LEU PB 257 -2.59 -120.46 85.60
N ILE PB 258 -3.29 -121.51 85.19
CA ILE PB 258 -4.61 -121.83 85.72
C ILE PB 258 -4.52 -123.17 86.42
N PRO PB 259 -4.40 -123.18 87.73
CA PRO PB 259 -4.47 -124.44 88.46
C PRO PB 259 -5.86 -125.04 88.39
N PHE PB 260 -6.86 -124.25 88.78
CA PHE PB 260 -8.26 -124.64 88.88
C PHE PB 260 -9.11 -123.75 87.99
N PRO PB 261 -10.11 -124.32 87.31
CA PRO PB 261 -10.70 -123.62 86.15
C PRO PB 261 -11.49 -122.38 86.50
N ARG PB 262 -12.11 -122.33 87.67
CA ARG PB 262 -12.95 -121.17 87.98
C ARG PB 262 -12.13 -119.95 88.33
N LEU PB 263 -10.88 -120.12 88.75
CA LEU PB 263 -10.01 -118.97 89.05
C LEU PB 263 -9.16 -118.73 87.82
N HIS PB 264 -9.56 -117.75 87.01
CA HIS PB 264 -8.82 -117.41 85.81
C HIS PB 264 -8.79 -115.91 85.59
N PHE PB 265 -8.52 -115.15 86.64
CA PHE PB 265 -8.36 -113.71 86.53
C PHE PB 265 -6.90 -113.36 86.75
N PHE PB 266 -6.39 -112.43 85.95
CA PHE PB 266 -4.97 -112.17 85.89
C PHE PB 266 -4.65 -110.75 86.33
N LEU PB 267 -3.35 -110.46 86.32
CA LEU PB 267 -2.81 -109.19 86.78
C LEU PB 267 -1.64 -108.86 85.87
N ILE PB 268 -1.78 -107.82 85.06
CA ILE PB 268 -0.90 -107.58 83.92
C ILE PB 268 0.08 -106.48 84.27
N GLY PB 269 1.31 -106.62 83.78
CA GLY PB 269 2.32 -105.59 83.96
C GLY PB 269 3.23 -105.55 82.76
N PHE PB 270 3.90 -104.41 82.61
CA PHE PB 270 4.83 -104.20 81.50
C PHE PB 270 6.08 -103.54 82.03
N ALA PB 271 7.20 -103.80 81.35
CA ALA PB 271 8.49 -103.24 81.69
C ALA PB 271 9.33 -103.21 80.43
N PRO PB 272 10.21 -102.22 80.26
CA PRO PB 272 10.52 -101.08 81.12
C PRO PB 272 9.59 -99.91 80.90
N LEU PB 273 9.50 -99.03 81.89
CA LEU PB 273 8.66 -97.84 81.80
C LEU PB 273 9.46 -96.69 82.40
N THR PB 274 10.15 -95.95 81.54
CA THR PB 274 11.00 -94.85 81.98
C THR PB 274 10.59 -93.57 81.27
N SER PB 275 10.86 -92.44 81.94
CA SER PB 275 10.53 -91.15 81.38
C SER PB 275 11.44 -90.82 80.21
N ARG PB 276 11.03 -89.81 79.44
CA ARG PB 276 11.85 -89.38 78.30
C ARG PB 276 13.15 -88.75 78.77
N GLY PB 277 13.12 -88.03 79.89
CA GLY PB 277 14.33 -87.43 80.40
C GLY PB 277 15.35 -88.45 80.87
N SER PB 278 14.90 -89.46 81.61
CA SER PB 278 15.78 -90.50 82.12
C SER PB 278 15.83 -91.70 81.19
N GLN PB 279 15.60 -91.49 79.89
CA GLN PB 279 15.57 -92.59 78.94
C GLN PB 279 16.94 -93.22 78.76
N GLN PB 280 17.97 -92.39 78.68
CA GLN PB 280 19.29 -92.84 78.26
C GLN PB 280 20.29 -92.95 79.41
N TYR PB 281 19.82 -92.94 80.66
CA TYR PB 281 20.71 -92.99 81.80
C TYR PB 281 20.68 -94.34 82.51
N ARG PB 282 20.05 -95.34 81.92
CA ARG PB 282 19.83 -96.60 82.60
C ARG PB 282 20.60 -97.72 81.94
N ALA PB 283 20.74 -98.82 82.66
CA ALA PB 283 21.37 -100.03 82.16
C ALA PB 283 20.27 -101.06 81.92
N LEU PB 284 19.77 -101.10 80.69
CA LEU PB 284 18.61 -101.91 80.37
C LEU PB 284 19.06 -103.37 80.25
N SER PB 285 19.09 -104.04 81.39
CA SER PB 285 19.55 -105.42 81.47
C SER PB 285 18.62 -106.22 82.36
N VAL PB 286 18.68 -107.55 82.22
CA VAL PB 286 17.78 -108.47 82.91
C VAL PB 286 17.80 -108.44 84.43
N PRO PB 287 18.82 -107.94 85.16
CA PRO PB 287 18.55 -107.61 86.56
C PRO PB 287 17.58 -106.45 86.72
N GLU PB 288 17.70 -105.43 85.89
CA GLU PB 288 16.86 -104.25 86.06
C GLU PB 288 15.43 -104.50 85.60
N LEU PB 289 15.25 -105.36 84.58
CA LEU PB 289 13.90 -105.65 84.11
C LEU PB 289 13.09 -106.35 85.19
N THR PB 290 13.69 -107.31 85.88
CA THR PB 290 12.92 -108.13 86.81
C THR PB 290 12.60 -107.36 88.08
N GLN PB 291 13.49 -106.45 88.49
CA GLN PB 291 13.18 -105.58 89.63
C GLN PB 291 12.00 -104.69 89.32
N GLN PB 292 11.95 -104.15 88.09
CA GLN PB 292 10.83 -103.29 87.72
C GLN PB 292 9.57 -104.10 87.47
N MET PB 293 9.69 -105.30 86.94
CA MET PB 293 8.51 -106.06 86.56
C MET PB 293 7.81 -106.68 87.76
N PHE PB 294 8.54 -107.12 88.78
CA PHE PB 294 7.93 -107.43 90.07
C PHE PB 294 7.94 -106.16 90.91
N ASP PB 295 6.85 -105.42 90.85
CA ASP PB 295 6.66 -104.29 91.74
C ASP PB 295 5.17 -104.07 91.92
N ALA PB 296 4.81 -103.62 93.11
CA ALA PB 296 3.42 -103.21 93.34
C ALA PB 296 3.08 -101.98 92.51
N LYS PB 297 4.07 -101.15 92.21
CA LYS PB 297 3.86 -99.90 91.51
C LYS PB 297 4.11 -100.02 90.02
N ASN PB 298 3.88 -101.22 89.47
CA ASN PB 298 4.00 -101.44 88.04
C ASN PB 298 2.85 -102.22 87.46
N MET PB 299 1.97 -102.79 88.28
CA MET PB 299 0.87 -103.58 87.76
C MET PB 299 -0.18 -102.68 87.14
N MET PB 300 -0.84 -103.20 86.11
CA MET PB 300 -1.87 -102.49 85.39
C MET PB 300 -3.22 -102.60 86.07
N CYS PB 301 -3.26 -103.29 87.20
CA CYS PB 301 -4.48 -103.55 87.94
C CYS PB 301 -4.19 -103.22 89.40
N ALA PB 302 -4.84 -102.18 89.92
CA ALA PB 302 -4.40 -101.64 91.21
C ALA PB 302 -4.95 -102.41 92.39
N SER PB 303 -4.82 -103.73 92.35
CA SER PB 303 -4.96 -104.56 93.53
C SER PB 303 -3.57 -104.76 94.10
N ASP PB 304 -3.45 -104.58 95.40
CA ASP PB 304 -2.14 -104.62 96.02
C ASP PB 304 -1.59 -106.04 95.99
N PRO PB 305 -0.47 -106.30 95.34
CA PRO PB 305 0.00 -107.69 95.18
C PRO PB 305 0.76 -108.23 96.38
N ARG PB 306 1.31 -107.38 97.26
CA ARG PB 306 2.00 -107.93 98.40
C ARG PB 306 1.09 -108.11 99.60
N HIS PB 307 -0.21 -107.84 99.47
CA HIS PB 307 -1.16 -108.26 100.48
C HIS PB 307 -1.75 -109.62 100.20
N GLY PB 308 -1.34 -110.27 99.11
CA GLY PB 308 -1.75 -111.62 98.83
C GLY PB 308 -0.56 -112.50 98.51
N ARG PB 309 -0.81 -113.63 97.85
CA ARG PB 309 0.25 -114.54 97.46
C ARG PB 309 0.12 -114.86 95.98
N TYR PB 310 1.24 -114.95 95.28
CA TYR PB 310 1.21 -115.29 93.87
C TYR PB 310 0.99 -116.79 93.74
N LEU PB 311 -0.15 -117.18 93.17
CA LEU PB 311 -0.39 -118.60 92.94
C LEU PB 311 0.49 -119.12 91.82
N THR PB 312 0.30 -118.60 90.62
CA THR PB 312 1.18 -118.86 89.50
C THR PB 312 1.40 -117.54 88.76
N ALA PB 313 2.47 -117.48 87.98
CA ALA PB 313 2.78 -116.27 87.25
C ALA PB 313 3.64 -116.64 86.05
N SER PB 314 3.73 -115.70 85.11
CA SER PB 314 4.49 -115.92 83.90
C SER PB 314 5.15 -114.62 83.47
N ALA PB 315 6.38 -114.72 82.98
CA ALA PB 315 7.12 -113.57 82.48
C ALA PB 315 7.59 -113.88 81.07
N MET PB 316 7.02 -113.19 80.10
CA MET PB 316 7.32 -113.43 78.69
C MET PB 316 8.27 -112.36 78.21
N PHE PB 317 9.56 -112.70 78.17
CA PHE PB 317 10.61 -111.75 77.85
C PHE PB 317 10.68 -111.55 76.35
N ARG PB 318 11.18 -110.39 75.94
CA ARG PB 318 11.29 -110.08 74.53
C ARG PB 318 12.67 -109.51 74.21
N GLY PB 319 13.13 -109.74 72.98
CA GLY PB 319 14.34 -109.13 72.48
C GLY PB 319 15.41 -110.15 72.18
N ARG PB 320 16.41 -109.68 71.44
CA ARG PB 320 17.66 -110.42 71.36
C ARG PB 320 18.29 -110.48 72.72
N MET PB 321 18.26 -111.66 73.31
CA MET PB 321 18.65 -111.85 74.68
C MET PB 321 19.03 -113.31 74.85
N SER PB 322 19.03 -113.77 76.09
CA SER PB 322 19.97 -114.76 76.55
C SER PB 322 19.50 -115.44 77.83
N THR PB 323 19.67 -116.76 77.90
CA THR PB 323 18.74 -117.61 78.65
C THR PB 323 19.23 -118.07 80.02
N LYS PB 324 20.27 -117.51 80.63
CA LYS PB 324 20.65 -118.02 81.95
C LYS PB 324 20.38 -117.01 83.06
N GLU PB 325 20.65 -115.73 82.81
CA GLU PB 325 20.35 -114.70 83.79
C GLU PB 325 18.87 -114.43 83.87
N VAL PB 326 18.15 -114.56 82.75
CA VAL PB 326 16.70 -114.56 82.83
C VAL PB 326 16.24 -115.81 83.56
N ASP PB 327 17.01 -116.87 83.47
CA ASP PB 327 16.68 -118.10 84.18
C ASP PB 327 17.02 -117.96 85.65
N GLU PB 328 18.17 -117.37 85.96
CA GLU PB 328 18.59 -117.21 87.35
C GLU PB 328 17.76 -116.17 88.07
N GLN PB 329 17.32 -115.12 87.38
CA GLN PB 329 16.53 -114.07 88.02
C GLN PB 329 15.15 -114.59 88.41
N MET PB 330 14.58 -115.50 87.62
CA MET PB 330 13.34 -116.14 88.02
C MET PB 330 13.52 -116.93 89.31
N LEU PB 331 14.63 -117.64 89.43
CA LEU PB 331 14.91 -118.36 90.66
C LEU PB 331 15.24 -117.40 91.79
N ASN PB 332 15.88 -116.28 91.47
CA ASN PB 332 16.29 -115.34 92.50
C ASN PB 332 15.12 -114.61 93.09
N VAL PB 333 14.18 -114.15 92.25
CA VAL PB 333 13.02 -113.45 92.76
C VAL PB 333 12.08 -114.41 93.49
N GLN PB 334 12.13 -115.70 93.15
CA GLN PB 334 11.31 -116.68 93.84
C GLN PB 334 11.92 -117.06 95.18
N ASN PB 335 13.24 -117.06 95.27
CA ASN PB 335 13.89 -117.43 96.53
C ASN PB 335 13.79 -116.33 97.57
N LYS PB 336 13.96 -115.08 97.15
CA LYS PB 336 13.92 -113.98 98.10
C LYS PB 336 12.50 -113.71 98.58
N ASN PB 337 11.54 -113.73 97.66
CA ASN PB 337 10.15 -113.43 97.99
C ASN PB 337 9.37 -114.72 98.25
N SER PB 338 9.85 -115.51 99.21
CA SER PB 338 9.23 -116.79 99.47
C SER PB 338 7.87 -116.64 100.11
N SER PB 339 7.72 -115.64 100.99
CA SER PB 339 6.43 -115.40 101.63
C SER PB 339 5.42 -114.77 100.68
N TYR PB 340 5.89 -114.15 99.61
CA TYR PB 340 5.01 -113.52 98.64
C TYR PB 340 4.39 -114.53 97.68
N PHE PB 341 4.92 -115.75 97.63
CA PHE PB 341 4.45 -116.78 96.72
C PHE PB 341 3.72 -117.85 97.51
N VAL PB 342 3.23 -118.83 96.78
CA VAL PB 342 2.50 -119.94 97.37
C VAL PB 342 3.49 -121.09 97.61
N GLU PB 343 3.19 -121.94 98.58
CA GLU PB 343 4.15 -122.94 99.01
C GLU PB 343 3.97 -124.28 98.32
N TRP PB 344 2.73 -124.76 98.18
CA TRP PB 344 2.51 -126.12 97.68
C TRP PB 344 2.75 -126.26 96.19
N ILE PB 345 2.83 -125.16 95.46
CA ILE PB 345 3.20 -125.16 94.05
C ILE PB 345 4.67 -124.75 93.96
N PRO PB 346 5.57 -125.65 93.56
CA PRO PB 346 6.95 -125.26 93.31
C PRO PB 346 7.03 -124.48 92.00
N ASN PB 347 8.22 -123.92 91.78
CA ASN PB 347 8.71 -123.32 90.52
C ASN PB 347 7.61 -122.56 89.73
N ASN PB 348 7.02 -121.58 90.43
CA ASN PB 348 5.84 -120.88 89.95
C ASN PB 348 6.09 -120.12 88.65
N MET PB 349 7.29 -119.59 88.48
CA MET PB 349 7.55 -118.66 87.39
C MET PB 349 7.64 -119.39 86.05
N LYS PB 350 7.42 -118.63 84.98
CA LYS PB 350 7.60 -119.08 83.62
C LYS PB 350 8.51 -118.13 82.87
N SER PB 351 9.31 -118.67 81.96
CA SER PB 351 10.16 -117.87 81.10
C SER PB 351 9.82 -118.20 79.66
N SER PB 352 9.68 -117.17 78.83
CA SER PB 352 9.38 -117.35 77.42
C SER PB 352 10.14 -116.29 76.63
N VAL PB 353 11.18 -116.71 75.92
CA VAL PB 353 12.04 -115.78 75.19
C VAL PB 353 11.42 -115.55 73.81
N CYS PB 354 11.21 -114.28 73.46
CA CYS PB 354 10.54 -113.85 72.24
C CYS PB 354 11.55 -112.96 71.52
N ASP PB 355 12.18 -113.47 70.47
CA ASP PB 355 13.48 -112.97 70.08
C ASP PB 355 13.44 -111.58 69.43
N ILE PB 356 12.27 -111.10 69.01
CA ILE PB 356 12.15 -109.79 68.38
C ILE PB 356 11.70 -108.80 69.45
N PRO PB 357 12.48 -107.77 69.77
CA PRO PB 357 12.07 -106.81 70.79
C PRO PB 357 10.97 -105.90 70.30
N PRO PB 358 10.23 -105.26 71.20
CA PRO PB 358 9.28 -104.24 70.78
C PRO PB 358 10.00 -103.06 70.17
N LYS PB 359 9.28 -102.36 69.31
CA LYS PB 359 9.91 -101.42 68.39
C LYS PB 359 10.46 -100.22 69.14
N GLY PB 360 11.72 -99.89 68.88
CA GLY PB 360 12.37 -98.76 69.50
C GLY PB 360 13.04 -99.05 70.82
N LEU PB 361 12.87 -100.24 71.38
CA LEU PB 361 13.58 -100.68 72.57
C LEU PB 361 14.59 -101.74 72.17
N LYS PB 362 15.23 -102.34 73.16
CA LYS PB 362 16.11 -103.46 72.90
C LYS PB 362 15.80 -104.69 73.74
N MET PB 363 14.99 -104.56 74.79
CA MET PB 363 14.69 -105.66 75.69
C MET PB 363 13.48 -105.30 76.53
N SER PB 364 12.47 -106.18 76.58
CA SER PB 364 11.29 -105.91 77.38
C SER PB 364 10.81 -107.20 78.02
N VAL PB 365 9.76 -107.06 78.83
CA VAL PB 365 9.07 -108.19 79.43
C VAL PB 365 7.64 -107.78 79.73
N THR PB 366 6.71 -108.67 79.46
CA THR PB 366 5.35 -108.54 79.96
C THR PB 366 5.14 -109.57 81.07
N PHE PB 367 4.26 -109.24 82.00
CA PHE PB 367 4.08 -110.08 83.17
C PHE PB 367 2.60 -110.35 83.34
N VAL PB 368 2.22 -111.62 83.28
CA VAL PB 368 0.85 -112.05 83.49
C VAL PB 368 0.86 -112.94 84.72
N GLY PB 369 0.23 -112.48 85.79
CA GLY PB 369 0.28 -113.21 87.04
C GLY PB 369 -1.07 -113.56 87.62
N ASN PB 370 -1.29 -114.85 87.86
CA ASN PB 370 -2.51 -115.32 88.51
C ASN PB 370 -2.28 -115.20 90.01
N SER PB 371 -2.75 -114.11 90.59
CA SER PB 371 -2.51 -113.81 91.98
C SER PB 371 -3.80 -113.93 92.78
N THR PB 372 -3.68 -114.38 94.02
CA THR PB 372 -4.83 -114.38 94.90
C THR PB 372 -5.06 -113.04 95.55
N ALA PB 373 -4.21 -112.06 95.28
CA ALA PB 373 -4.38 -110.72 95.84
C ALA PB 373 -5.45 -109.92 95.12
N ILE PB 374 -6.04 -110.45 94.06
CA ILE PB 374 -7.07 -109.74 93.32
C ILE PB 374 -8.43 -110.07 93.89
N GLN PB 375 -8.46 -110.76 95.03
CA GLN PB 375 -9.71 -110.94 95.73
C GLN PB 375 -10.15 -109.69 96.47
N GLU PB 376 -9.26 -108.71 96.62
CA GLU PB 376 -9.65 -107.43 97.19
C GLU PB 376 -10.60 -106.69 96.27
N MET PB 377 -10.38 -106.78 94.96
CA MET PB 377 -11.25 -106.07 94.03
C MET PB 377 -12.62 -106.72 93.90
N PHE PB 378 -12.69 -108.05 93.98
CA PHE PB 378 -14.00 -108.68 93.91
C PHE PB 378 -14.81 -108.42 95.17
N LYS PB 379 -14.15 -108.30 96.33
CA LYS PB 379 -14.87 -107.91 97.53
C LYS PB 379 -15.39 -106.49 97.43
N ARG PB 380 -14.53 -105.57 97.01
CA ARG PB 380 -14.86 -104.15 97.03
C ARG PB 380 -15.94 -103.80 96.02
N VAL PB 381 -15.97 -104.49 94.88
CA VAL PB 381 -17.10 -104.34 93.98
C VAL PB 381 -18.34 -104.97 94.60
N SER PB 382 -18.19 -106.13 95.24
CA SER PB 382 -19.33 -106.76 95.91
C SER PB 382 -19.75 -105.99 97.14
N ASP PB 383 -18.82 -105.30 97.80
CA ASP PB 383 -19.19 -104.44 98.92
C ASP PB 383 -20.07 -103.29 98.45
N GLN PB 384 -19.77 -102.73 97.28
CA GLN PB 384 -20.63 -101.72 96.71
C GLN PB 384 -21.95 -102.31 96.23
N PHE PB 385 -21.94 -103.56 95.81
CA PHE PB 385 -23.15 -104.19 95.28
C PHE PB 385 -24.17 -104.43 96.38
N THR PB 386 -23.71 -104.82 97.56
CA THR PB 386 -24.62 -105.16 98.64
C THR PB 386 -25.38 -103.94 99.13
N ALA PB 387 -24.70 -102.79 99.20
CA ALA PB 387 -25.33 -101.58 99.72
C ALA PB 387 -26.45 -101.10 98.82
N MET PB 388 -26.25 -101.16 97.50
CA MET PB 388 -27.31 -100.74 96.60
C MET PB 388 -28.43 -101.76 96.54
N PHE PB 389 -28.09 -103.04 96.61
CA PHE PB 389 -29.09 -104.07 96.40
C PHE PB 389 -30.00 -104.25 97.60
N ARG PB 390 -29.46 -104.15 98.81
CA ARG PB 390 -30.29 -104.27 100.01
C ARG PB 390 -31.29 -103.12 100.11
N ARG PB 391 -31.05 -102.00 99.44
CA ARG PB 391 -31.97 -100.89 99.42
C ARG PB 391 -32.79 -100.84 98.14
N LYS PB 392 -32.69 -101.86 97.29
CA LYS PB 392 -33.48 -102.00 96.08
C LYS PB 392 -33.28 -100.84 95.12
N ALA PB 393 -32.09 -100.26 95.11
CA ALA PB 393 -31.84 -99.03 94.41
C ALA PB 393 -31.48 -99.28 92.95
N PHE PB 394 -31.89 -98.36 92.09
CA PHE PB 394 -31.62 -98.36 90.65
C PHE PB 394 -32.10 -99.62 89.96
N LEU PB 395 -33.00 -100.36 90.58
CA LEU PB 395 -33.36 -101.66 90.06
C LEU PB 395 -34.51 -101.59 89.07
N HIS PB 396 -35.29 -100.52 89.09
CA HIS PB 396 -36.47 -100.45 88.24
C HIS PB 396 -36.09 -100.30 86.78
N TRP PB 397 -34.87 -99.84 86.48
CA TRP PB 397 -34.43 -99.85 85.09
C TRP PB 397 -34.10 -101.26 84.64
N TYR PB 398 -33.49 -102.06 85.51
CA TYR PB 398 -33.12 -103.42 85.13
C TYR PB 398 -34.34 -104.32 85.06
N THR PB 399 -35.21 -104.26 86.07
CA THR PB 399 -36.40 -105.09 86.03
C THR PB 399 -37.48 -104.55 85.11
N GLY PB 400 -37.33 -103.32 84.62
CA GLY PB 400 -38.26 -102.79 83.64
C GLY PB 400 -37.95 -103.31 82.26
N GLU PB 401 -36.69 -103.67 82.04
CA GLU PB 401 -36.25 -104.14 80.73
C GLU PB 401 -36.38 -105.64 80.58
N GLY PB 402 -36.73 -106.36 81.64
CA GLY PB 402 -36.93 -107.78 81.53
C GLY PB 402 -35.90 -108.64 82.24
N MET PB 403 -35.40 -108.18 83.38
CA MET PB 403 -34.49 -108.95 84.20
C MET PB 403 -35.16 -109.35 85.50
N ASP PB 404 -34.88 -110.57 85.94
CA ASP PB 404 -35.51 -111.11 87.12
C ASP PB 404 -34.87 -110.57 88.39
N GLU PB 405 -35.65 -110.59 89.46
CA GLU PB 405 -35.13 -110.31 90.79
C GLU PB 405 -34.10 -111.34 91.22
N MET PB 406 -34.34 -112.61 90.87
CA MET PB 406 -33.50 -113.71 91.33
C MET PB 406 -32.12 -113.68 90.69
N GLU PB 407 -31.98 -113.04 89.53
CA GLU PB 407 -30.70 -113.03 88.81
C GLU PB 407 -29.64 -112.26 89.57
N PHE PB 408 -30.02 -111.17 90.25
CA PHE PB 408 -29.05 -110.40 91.00
C PHE PB 408 -28.56 -111.17 92.22
N THR PB 409 -29.45 -111.89 92.91
CA THR PB 409 -29.04 -112.67 94.06
C THR PB 409 -28.15 -113.83 93.63
N GLU PB 410 -28.42 -114.40 92.46
CA GLU PB 410 -27.57 -115.46 91.94
C GLU PB 410 -26.18 -114.93 91.59
N ALA PB 411 -26.12 -113.72 91.04
CA ALA PB 411 -24.82 -113.14 90.68
C ALA PB 411 -23.99 -112.86 91.91
N GLU PB 412 -24.60 -112.31 92.95
CA GLU PB 412 -23.87 -112.01 94.17
C GLU PB 412 -23.45 -113.30 94.88
N SER PB 413 -24.28 -114.33 94.78
CA SER PB 413 -23.91 -115.62 95.36
C SER PB 413 -22.75 -116.24 94.60
N ASN PB 414 -22.64 -115.95 93.30
CA ASN PB 414 -21.57 -116.54 92.52
C ASN PB 414 -20.22 -115.94 92.85
N MET PB 415 -20.15 -114.60 92.93
CA MET PB 415 -18.86 -113.97 93.18
C MET PB 415 -18.45 -114.08 94.65
N ASN PB 416 -19.41 -114.22 95.55
CA ASN PB 416 -19.05 -114.46 96.94
C ASN PB 416 -18.38 -115.82 97.10
N ASP PB 417 -18.76 -116.79 96.27
CA ASP PB 417 -18.01 -118.04 96.22
C ASP PB 417 -16.64 -117.83 95.58
N LEU PB 418 -16.56 -116.93 94.61
CA LEU PB 418 -15.28 -116.66 93.94
C LEU PB 418 -14.29 -116.02 94.89
N VAL PB 419 -14.75 -115.11 95.76
CA VAL PB 419 -13.89 -114.54 96.78
C VAL PB 419 -13.44 -115.61 97.76
N SER PB 420 -14.39 -116.45 98.21
CA SER PB 420 -14.06 -117.47 99.21
C SER PB 420 -13.13 -118.53 98.64
N GLU PB 421 -13.23 -118.79 97.33
CA GLU PB 421 -12.29 -119.72 96.71
C GLU PB 421 -10.89 -119.15 96.69
N TYR PB 422 -10.76 -117.85 96.40
CA TYR PB 422 -9.45 -117.22 96.40
C TYR PB 422 -8.91 -117.09 97.82
N GLN PB 423 -9.78 -116.79 98.77
CA GLN PB 423 -9.36 -116.57 100.15
C GLN PB 423 -8.84 -117.84 100.79
N GLN PB 424 -9.35 -119.00 100.36
CA GLN PB 424 -8.97 -120.25 100.99
C GLN PB 424 -7.52 -120.61 100.67
N TYR PB 425 -7.00 -120.12 99.54
CA TYR PB 425 -5.67 -120.47 99.08
C TYR PB 425 -4.63 -119.42 99.42
N GLN PB 426 -4.96 -118.48 100.30
CA GLN PB 426 -3.97 -117.55 100.80
C GLN PB 426 -3.29 -118.16 102.01
N MET QB 1 -31.13 -89.56 62.37
CA MET QB 1 -29.85 -89.62 63.06
C MET QB 1 -30.07 -89.70 64.56
N ARG QB 2 -29.49 -88.76 65.30
CA ARG QB 2 -29.66 -88.66 66.75
C ARG QB 2 -30.37 -87.35 67.00
N GLU QB 3 -31.69 -87.34 66.87
CA GLU QB 3 -32.45 -86.10 66.93
C GLU QB 3 -33.24 -86.02 68.22
N VAL QB 4 -33.31 -84.82 68.78
CA VAL QB 4 -34.21 -84.55 69.89
C VAL QB 4 -35.15 -83.42 69.48
N ILE QB 5 -36.31 -83.40 70.11
CA ILE QB 5 -37.36 -82.45 69.79
C ILE QB 5 -37.57 -81.58 71.02
N SER QB 6 -37.44 -80.28 70.84
CA SER QB 6 -37.63 -79.35 71.93
C SER QB 6 -39.02 -78.73 71.83
N ILE QB 7 -39.79 -78.82 72.89
CA ILE QB 7 -41.13 -78.28 72.94
C ILE QB 7 -41.14 -77.10 73.89
N HIS QB 8 -41.63 -75.96 73.43
CA HIS QB 8 -41.70 -74.77 74.24
C HIS QB 8 -43.16 -74.40 74.46
N VAL QB 9 -43.56 -74.35 75.72
CA VAL QB 9 -44.94 -74.08 76.12
C VAL QB 9 -44.94 -72.95 77.13
N GLY QB 10 -45.76 -71.93 76.88
CA GLY QB 10 -45.87 -70.81 77.79
C GLY QB 10 -44.86 -69.72 77.50
N GLN QB 11 -45.07 -68.57 78.13
CA GLN QB 11 -44.21 -67.41 77.88
C GLN QB 11 -42.79 -67.67 78.33
N ALA QB 12 -42.61 -68.30 79.49
CA ALA QB 12 -41.27 -68.68 79.90
C ALA QB 12 -40.70 -69.74 78.96
N GLY QB 13 -41.56 -70.60 78.42
CA GLY QB 13 -41.08 -71.57 77.46
C GLY QB 13 -40.61 -70.92 76.17
N ILE QB 14 -41.36 -69.93 75.68
CA ILE QB 14 -40.98 -69.28 74.44
C ILE QB 14 -39.72 -68.44 74.64
N GLN QB 15 -39.66 -67.70 75.73
CA GLN QB 15 -38.55 -66.77 75.92
C GLN QB 15 -37.27 -67.48 76.31
N ILE QB 16 -37.35 -68.63 76.98
CA ILE QB 16 -36.17 -69.47 77.11
C ILE QB 16 -35.78 -70.05 75.76
N GLY QB 17 -36.79 -70.38 74.96
CA GLY QB 17 -36.52 -70.92 73.63
C GLY QB 17 -35.85 -69.95 72.70
N ASN QB 18 -36.05 -68.65 72.91
CA ASN QB 18 -35.34 -67.65 72.12
C ASN QB 18 -33.86 -67.68 72.40
N ALA QB 19 -33.49 -67.88 73.66
CA ALA QB 19 -32.08 -67.87 74.02
C ALA QB 19 -31.38 -69.14 73.54
N CYS QB 20 -32.03 -70.29 73.64
CA CYS QB 20 -31.38 -71.52 73.26
C CYS QB 20 -31.28 -71.63 71.75
N TRP QB 21 -32.28 -71.14 71.03
CA TRP QB 21 -32.18 -71.17 69.57
C TRP QB 21 -31.41 -70.00 69.01
N GLU QB 22 -30.94 -69.08 69.85
CA GLU QB 22 -29.90 -68.17 69.42
C GLU QB 22 -28.54 -68.83 69.55
N LEU QB 23 -28.33 -69.56 70.64
CA LEU QB 23 -27.02 -70.15 70.91
C LEU QB 23 -26.71 -71.30 69.97
N PHE QB 24 -27.70 -72.15 69.70
CA PHE QB 24 -27.45 -73.29 68.82
C PHE QB 24 -27.22 -72.84 67.39
N CYS QB 25 -27.85 -71.73 66.99
CA CYS QB 25 -27.58 -71.17 65.67
C CYS QB 25 -26.15 -70.67 65.57
N LEU QB 26 -25.66 -69.98 66.60
CA LEU QB 26 -24.31 -69.46 66.58
C LEU QB 26 -23.28 -70.56 66.69
N GLU QB 27 -23.60 -71.60 67.45
CA GLU QB 27 -22.63 -72.66 67.69
C GLU QB 27 -22.35 -73.46 66.43
N HIS QB 28 -23.39 -73.83 65.71
CA HIS QB 28 -23.20 -74.53 64.45
C HIS QB 28 -22.96 -73.58 63.29
N GLY QB 29 -22.88 -72.28 63.56
CA GLY QB 29 -22.54 -71.31 62.55
C GLY QB 29 -23.57 -71.13 61.46
N ILE QB 30 -24.85 -71.24 61.79
CA ILE QB 30 -25.90 -70.99 60.82
C ILE QB 30 -26.46 -69.60 61.09
N GLN QB 31 -26.96 -68.98 60.04
CA GLN QB 31 -27.41 -67.61 60.10
C GLN QB 31 -28.86 -67.54 60.52
N PRO QB 32 -29.35 -66.35 60.88
CA PRO QB 32 -30.80 -66.19 61.07
C PRO QB 32 -31.63 -66.47 59.84
N ASP QB 33 -31.05 -66.40 58.64
CA ASP QB 33 -31.77 -66.85 57.45
C ASP QB 33 -32.02 -68.35 57.49
N GLY QB 34 -31.01 -69.13 57.89
CA GLY QB 34 -31.20 -70.56 58.01
C GLY QB 34 -30.14 -71.39 57.30
N GLN QB 35 -29.26 -70.75 56.54
CA GLN QB 35 -28.25 -71.46 55.79
C GLN QB 35 -26.87 -71.03 56.24
N MET QB 36 -25.93 -71.96 56.21
CA MET QB 36 -24.61 -71.65 56.72
C MET QB 36 -23.63 -71.44 55.58
N PRO QB 37 -22.61 -70.58 55.77
CA PRO QB 37 -21.49 -70.45 54.85
C PRO QB 37 -20.21 -71.09 55.39
N ASP QB 47 -22.12 -82.68 59.68
CA ASP QB 47 -23.44 -83.22 59.98
C ASP QB 47 -23.69 -83.27 61.47
N ALA QB 48 -22.87 -82.52 62.23
CA ALA QB 48 -23.05 -82.47 63.67
C ALA QB 48 -24.24 -81.64 64.09
N PHE QB 49 -24.79 -80.84 63.17
CA PHE QB 49 -25.93 -80.00 63.47
C PHE QB 49 -27.26 -80.74 63.32
N ASN QB 50 -27.23 -82.03 62.99
CA ASN QB 50 -28.45 -82.76 62.72
C ASN QB 50 -29.26 -82.97 63.99
N THR QB 51 -28.62 -82.96 65.16
CA THR QB 51 -29.30 -83.20 66.42
C THR QB 51 -30.31 -82.11 66.76
N PHE QB 52 -30.14 -80.92 66.21
CA PHE QB 52 -31.03 -79.81 66.48
C PHE QB 52 -31.65 -79.20 65.23
N PHE QB 53 -31.15 -79.51 64.05
CA PHE QB 53 -31.63 -78.89 62.83
C PHE QB 53 -31.89 -79.95 61.78
N SER QB 54 -32.88 -79.67 60.94
CA SER QB 54 -33.21 -80.54 59.82
C SER QB 54 -32.49 -80.05 58.57
N GLU QB 55 -32.87 -80.57 57.41
CA GLU QB 55 -32.35 -80.15 56.13
C GLU QB 55 -33.51 -79.83 55.20
N THR QB 56 -33.39 -78.74 54.46
CA THR QB 56 -34.43 -78.36 53.51
C THR QB 56 -33.77 -77.82 52.24
N GLY QB 57 -33.50 -78.73 51.30
CA GLY QB 57 -33.07 -78.33 49.97
C GLY QB 57 -31.76 -77.59 49.88
N ALA QB 58 -31.84 -76.29 49.62
CA ALA QB 58 -30.66 -75.48 49.34
C ALA QB 58 -29.98 -75.01 50.62
N GLY QB 59 -29.60 -75.98 51.44
CA GLY QB 59 -28.76 -75.69 52.58
C GLY QB 59 -29.44 -75.03 53.76
N LYS QB 60 -30.75 -74.87 53.74
CA LYS QB 60 -31.43 -74.33 54.91
C LYS QB 60 -31.63 -75.41 55.96
N HIS QB 61 -31.27 -75.08 57.19
CA HIS QB 61 -31.49 -75.97 58.32
C HIS QB 61 -32.55 -75.34 59.23
N VAL QB 62 -33.65 -76.04 59.41
CA VAL QB 62 -34.76 -75.54 60.21
C VAL QB 62 -34.73 -76.20 61.58
N PRO QB 63 -35.12 -75.49 62.64
CA PRO QB 63 -35.04 -76.08 63.97
C PRO QB 63 -36.10 -77.15 64.19
N ARG QB 64 -35.79 -78.09 65.07
CA ARG QB 64 -36.73 -79.15 65.45
C ARG QB 64 -37.49 -78.75 66.70
N CYS QB 65 -38.18 -77.63 66.61
CA CYS QB 65 -38.84 -77.07 67.78
C CYS QB 65 -40.28 -76.72 67.45
N VAL QB 66 -41.11 -76.71 68.49
CA VAL QB 66 -42.48 -76.24 68.39
C VAL QB 66 -42.71 -75.16 69.43
N PHE QB 67 -43.39 -74.10 69.02
CA PHE QB 67 -43.73 -73.01 69.91
C PHE QB 67 -45.22 -73.07 70.21
N LEU QB 68 -45.57 -73.22 71.48
CA LEU QB 68 -46.96 -73.30 71.90
C LEU QB 68 -47.21 -72.22 72.93
N ASP QB 69 -48.22 -71.39 72.67
CA ASP QB 69 -48.73 -70.49 73.69
C ASP QB 69 -50.13 -70.07 73.25
N LEU QB 70 -51.06 -70.08 74.19
CA LEU QB 70 -52.45 -69.74 73.87
C LEU QB 70 -52.65 -68.26 73.60
N GLU QB 71 -51.66 -67.43 73.86
CA GLU QB 71 -51.76 -65.99 73.77
C GLU QB 71 -50.89 -65.51 72.63
N PRO QB 72 -51.39 -64.66 71.74
CA PRO QB 72 -50.60 -64.30 70.56
C PRO QB 72 -49.41 -63.40 70.84
N THR QB 73 -49.38 -62.69 71.96
CA THR QB 73 -48.50 -61.52 72.06
C THR QB 73 -47.03 -61.85 72.13
N VAL QB 74 -46.64 -63.12 72.27
CA VAL QB 74 -45.24 -63.50 72.30
C VAL QB 74 -44.85 -64.36 71.10
N VAL QB 75 -45.70 -65.28 70.69
CA VAL QB 75 -45.40 -66.10 69.53
C VAL QB 75 -45.51 -65.30 68.24
N ASP QB 76 -46.52 -64.42 68.16
CA ASP QB 76 -46.64 -63.57 66.99
C ASP QB 76 -45.48 -62.59 66.89
N GLU QB 77 -44.93 -62.19 68.01
CA GLU QB 77 -43.88 -61.19 67.96
C GLU QB 77 -42.53 -61.84 67.68
N VAL QB 78 -42.43 -63.15 67.82
CA VAL QB 78 -41.29 -63.89 67.26
C VAL QB 78 -41.37 -63.90 65.74
N ARG QB 79 -42.57 -64.08 65.18
CA ARG QB 79 -42.73 -64.12 63.73
C ARG QB 79 -42.33 -62.81 63.08
N THR QB 80 -42.59 -61.69 63.76
CA THR QB 80 -42.27 -60.40 63.19
C THR QB 80 -40.82 -60.01 63.46
N GLY QB 81 -40.17 -60.66 64.41
CA GLY QB 81 -38.82 -60.32 64.82
C GLY QB 81 -37.71 -60.66 63.85
N THR QB 82 -36.49 -60.85 64.38
CA THR QB 82 -35.34 -61.06 63.50
C THR QB 82 -35.35 -62.45 62.89
N TYR QB 83 -35.68 -63.47 63.68
CA TYR QB 83 -35.68 -64.85 63.21
C TYR QB 83 -37.01 -65.18 62.52
N ARG QB 84 -37.28 -64.47 61.43
CA ARG QB 84 -38.50 -64.73 60.67
C ARG QB 84 -38.44 -66.08 59.98
N HIS QB 85 -37.47 -66.24 59.09
CA HIS QB 85 -37.46 -67.36 58.17
C HIS QB 85 -36.71 -68.56 58.70
N LEU QB 86 -36.16 -68.49 59.90
CA LEU QB 86 -35.54 -69.67 60.49
C LEU QB 86 -36.60 -70.71 60.87
N PHE QB 87 -37.64 -70.27 61.57
CA PHE QB 87 -38.66 -71.20 62.04
C PHE QB 87 -39.70 -71.43 60.97
N HIS QB 88 -40.18 -72.66 60.89
CA HIS QB 88 -41.25 -72.98 59.97
C HIS QB 88 -42.54 -72.30 60.42
N PRO QB 89 -43.35 -71.78 59.49
CA PRO QB 89 -44.50 -70.95 59.89
C PRO QB 89 -45.54 -71.63 60.75
N GLU QB 90 -45.83 -72.92 60.56
CA GLU QB 90 -46.75 -73.59 61.46
C GLU QB 90 -46.03 -74.50 62.44
N GLN QB 91 -44.75 -74.28 62.66
CA GLN QB 91 -44.09 -74.77 63.86
C GLN QB 91 -44.29 -73.84 65.03
N LEU QB 92 -44.86 -72.67 64.80
CA LEU QB 92 -45.22 -71.73 65.86
C LEU QB 92 -46.73 -71.66 65.93
N ILE QB 93 -47.30 -72.12 67.04
CA ILE QB 93 -48.74 -72.28 67.18
C ILE QB 93 -49.23 -71.34 68.26
N SER QB 94 -50.22 -70.53 67.92
CA SER QB 94 -50.77 -69.55 68.86
C SER QB 94 -52.28 -69.61 68.84
N GLY QB 95 -52.88 -69.37 70.00
CA GLY QB 95 -54.31 -69.38 70.15
C GLY QB 95 -54.91 -68.01 70.01
N LYS QB 96 -56.00 -67.77 70.73
CA LYS QB 96 -56.67 -66.48 70.69
C LYS QB 96 -56.69 -65.79 72.04
N GLU QB 97 -57.01 -66.50 73.11
CA GLU QB 97 -57.08 -65.92 74.44
C GLU QB 97 -56.16 -66.69 75.37
N ASP QB 98 -55.51 -65.98 76.29
CA ASP QB 98 -54.55 -66.61 77.17
C ASP QB 98 -55.24 -67.47 78.21
N ALA QB 99 -54.46 -68.35 78.82
CA ALA QB 99 -54.99 -69.18 79.91
C ALA QB 99 -55.26 -68.33 81.15
N ALA QB 100 -54.55 -67.22 81.28
CA ALA QB 100 -54.79 -66.21 82.31
C ALA QB 100 -54.67 -66.81 83.72
N ASN QB 101 -53.50 -67.40 83.98
CA ASN QB 101 -53.09 -67.84 85.30
C ASN QB 101 -54.07 -68.83 85.93
N ASN QB 102 -54.72 -69.63 85.10
CA ASN QB 102 -55.73 -70.58 85.55
C ASN QB 102 -55.41 -71.94 84.96
N PHE QB 103 -55.13 -72.91 85.81
CA PHE QB 103 -54.83 -74.25 85.34
C PHE QB 103 -56.04 -74.91 84.70
N ALA QB 104 -57.23 -74.58 85.17
CA ALA QB 104 -58.43 -75.22 84.63
C ALA QB 104 -58.71 -74.75 83.21
N ARG QB 105 -58.36 -73.50 82.90
CA ARG QB 105 -58.60 -72.98 81.57
C ARG QB 105 -57.71 -73.65 80.54
N GLY QB 106 -56.42 -73.73 80.82
CA GLY QB 106 -55.48 -74.29 79.85
C GLY QB 106 -55.50 -75.79 79.75
N HIS QB 107 -56.30 -76.46 80.59
CA HIS QB 107 -56.35 -77.91 80.60
C HIS QB 107 -57.68 -78.47 80.15
N TYR QB 108 -58.76 -77.73 80.30
CA TYR QB 108 -60.08 -78.25 79.96
C TYR QB 108 -60.78 -77.43 78.89
N THR QB 109 -60.90 -76.11 79.06
CA THR QB 109 -61.71 -75.35 78.12
C THR QB 109 -60.94 -74.96 76.87
N ILE QB 110 -59.92 -74.11 77.00
CA ILE QB 110 -59.26 -73.55 75.83
C ILE QB 110 -58.02 -74.31 75.45
N GLY QB 111 -57.56 -75.23 76.29
CA GLY QB 111 -56.37 -76.01 75.95
C GLY QB 111 -56.62 -76.93 74.77
N LYS QB 112 -57.76 -77.61 74.76
CA LYS QB 112 -58.04 -78.69 73.83
C LYS QB 112 -58.11 -78.24 72.38
N GLU QB 113 -58.32 -76.95 72.13
CA GLU QB 113 -58.41 -76.47 70.76
C GLU QB 113 -57.09 -76.58 70.01
N ILE QB 114 -55.96 -76.30 70.67
CA ILE QB 114 -54.67 -76.29 69.98
C ILE QB 114 -53.80 -77.47 70.36
N VAL QB 115 -54.31 -78.42 71.14
CA VAL QB 115 -53.54 -79.62 71.42
C VAL QB 115 -53.37 -80.44 70.15
N ASP QB 116 -54.46 -80.61 69.40
CA ASP QB 116 -54.40 -81.45 68.19
C ASP QB 116 -53.50 -80.83 67.13
N LEU QB 117 -53.43 -79.49 67.07
CA LEU QB 117 -52.46 -78.84 66.21
C LEU QB 117 -51.04 -79.11 66.67
N SER QB 118 -50.83 -79.16 67.99
CA SER QB 118 -49.50 -79.38 68.51
C SER QB 118 -49.03 -80.81 68.25
N LEU QB 119 -49.91 -81.78 68.45
CA LEU QB 119 -49.54 -83.18 68.20
C LEU QB 119 -49.30 -83.44 66.73
N ASP QB 120 -50.03 -82.74 65.85
CA ASP QB 120 -49.87 -82.93 64.42
C ASP QB 120 -48.47 -82.53 63.96
N ARG QB 121 -47.95 -81.43 64.50
CA ARG QB 121 -46.60 -81.01 64.13
C ARG QB 121 -45.55 -81.86 64.81
N ILE QB 122 -45.84 -82.32 66.03
CA ILE QB 122 -44.91 -83.22 66.71
C ILE QB 122 -44.86 -84.56 66.00
N ARG QB 123 -46.00 -85.06 65.55
CA ARG QB 123 -46.04 -86.29 64.76
C ARG QB 123 -45.27 -86.14 63.46
N LYS QB 124 -45.45 -85.02 62.77
CA LYS QB 124 -44.79 -84.83 61.49
C LYS QB 124 -43.30 -84.60 61.64
N LEU QB 125 -42.84 -84.19 62.82
CA LEU QB 125 -41.43 -83.93 63.03
C LEU QB 125 -40.71 -85.13 63.61
N ALA QB 126 -41.43 -86.03 64.26
CA ALA QB 126 -40.83 -87.25 64.78
C ALA QB 126 -40.79 -88.37 63.75
N ASP QB 127 -41.64 -88.30 62.73
CA ASP QB 127 -41.69 -89.32 61.70
C ASP QB 127 -40.78 -89.04 60.51
N ASN QB 128 -39.98 -87.97 60.59
CA ASN QB 128 -39.03 -87.68 59.53
C ASN QB 128 -37.97 -88.76 59.42
N CYS QB 129 -37.38 -89.13 60.56
CA CYS QB 129 -36.47 -90.26 60.64
C CYS QB 129 -36.70 -90.96 61.97
N THR QB 130 -36.26 -92.20 62.05
CA THR QB 130 -36.26 -92.91 63.32
C THR QB 130 -35.00 -92.53 64.09
N GLY QB 131 -34.73 -93.25 65.17
CA GLY QB 131 -33.66 -92.85 66.05
C GLY QB 131 -33.96 -91.57 66.78
N LEU QB 132 -35.22 -91.35 67.14
CA LEU QB 132 -35.58 -90.20 67.95
C LEU QB 132 -35.03 -90.38 69.35
N GLN QB 133 -34.13 -89.49 69.75
CA GLN QB 133 -33.45 -89.69 71.01
C GLN QB 133 -34.31 -89.33 72.20
N GLY QB 134 -35.17 -88.31 72.08
CA GLY QB 134 -36.06 -87.97 73.17
C GLY QB 134 -36.67 -86.60 72.98
N PHE QB 135 -37.48 -86.23 73.96
CA PHE QB 135 -38.18 -84.95 73.98
C PHE QB 135 -37.63 -84.07 75.08
N LEU QB 136 -37.54 -82.78 74.79
CA LEU QB 136 -37.23 -81.77 75.79
C LEU QB 136 -38.40 -80.81 75.89
N MET QB 137 -38.69 -80.35 77.09
CA MET QB 137 -39.76 -79.38 77.26
C MET QB 137 -39.39 -78.30 78.26
N PHE QB 138 -39.68 -77.06 77.89
CA PHE QB 138 -39.45 -75.89 78.74
C PHE QB 138 -40.80 -75.27 79.03
N ASN QB 139 -41.12 -75.09 80.31
CA ASN QB 139 -42.41 -74.52 80.65
C ASN QB 139 -42.33 -73.86 82.01
N ALA QB 140 -43.31 -73.00 82.27
CA ALA QB 140 -43.44 -72.32 83.56
C ALA QB 140 -44.52 -73.02 84.37
N VAL QB 141 -44.15 -73.48 85.55
CA VAL QB 141 -45.11 -74.14 86.42
C VAL QB 141 -46.10 -73.14 86.98
N GLY QB 142 -45.62 -71.95 87.36
CA GLY QB 142 -46.49 -70.97 87.98
C GLY QB 142 -47.47 -70.29 87.03
N GLY QB 143 -47.29 -70.45 85.73
CA GLY QB 143 -48.14 -69.80 84.76
C GLY QB 143 -49.39 -70.60 84.45
N GLY QB 144 -50.19 -70.05 83.55
CA GLY QB 144 -51.40 -70.72 83.13
C GLY QB 144 -51.18 -71.79 82.10
N THR QB 145 -50.72 -71.42 80.90
CA THR QB 145 -50.60 -72.41 79.84
C THR QB 145 -49.35 -73.25 79.98
N GLY QB 146 -48.32 -72.75 80.68
CA GLY QB 146 -47.15 -73.56 80.93
C GLY QB 146 -47.44 -74.77 81.78
N SER QB 147 -48.40 -74.66 82.68
CA SER QB 147 -48.86 -75.78 83.48
C SER QB 147 -50.03 -76.49 82.82
N GLY QB 148 -50.96 -75.73 82.26
CA GLY QB 148 -52.16 -76.30 81.70
C GLY QB 148 -51.92 -77.06 80.42
N LEU QB 149 -51.38 -76.38 79.41
CA LEU QB 149 -51.14 -77.03 78.13
C LEU QB 149 -50.02 -78.04 78.23
N GLY QB 150 -49.10 -77.82 79.17
CA GLY QB 150 -48.02 -78.78 79.36
C GLY QB 150 -48.49 -80.11 79.90
N CYS QB 151 -49.45 -80.09 80.82
CA CYS QB 151 -49.95 -81.35 81.38
C CYS QB 151 -50.70 -82.15 80.33
N LEU QB 152 -51.51 -81.49 79.50
CA LEU QB 152 -52.18 -82.19 78.40
C LEU QB 152 -51.17 -82.75 77.42
N LEU QB 153 -50.08 -82.02 77.17
CA LEU QB 153 -49.17 -82.42 76.12
C LEU QB 153 -48.30 -83.58 76.57
N LEU QB 154 -47.98 -83.65 77.86
CA LEU QB 154 -47.35 -84.86 78.37
C LEU QB 154 -48.29 -86.05 78.29
N GLU QB 155 -49.56 -85.86 78.64
CA GLU QB 155 -50.50 -86.97 78.70
C GLU QB 155 -50.72 -87.57 77.32
N ARG QB 156 -50.79 -86.72 76.31
CA ARG QB 156 -51.03 -87.22 74.96
C ARG QB 156 -49.74 -87.50 74.21
N LEU QB 157 -48.59 -87.32 74.84
CA LEU QB 157 -47.33 -87.81 74.28
C LEU QB 157 -46.87 -89.11 74.93
N SER QB 158 -47.23 -89.35 76.18
CA SER QB 158 -46.85 -90.59 76.82
C SER QB 158 -47.62 -91.77 76.25
N VAL QB 159 -48.86 -91.54 75.80
CA VAL QB 159 -49.65 -92.62 75.24
C VAL QB 159 -49.15 -93.03 73.86
N ASP QB 160 -48.65 -92.08 73.08
CA ASP QB 160 -48.24 -92.37 71.71
C ASP QB 160 -46.78 -92.80 71.62
N TYR QB 161 -45.87 -91.94 72.05
CA TYR QB 161 -44.46 -92.29 72.13
C TYR QB 161 -44.14 -92.73 73.56
N GLY QB 162 -44.57 -93.95 73.87
CA GLY QB 162 -44.43 -94.45 75.22
C GLY QB 162 -42.99 -94.68 75.64
N LYS QB 163 -42.16 -95.13 74.70
CA LYS QB 163 -40.83 -95.58 75.06
C LYS QB 163 -39.89 -94.43 75.34
N LYS QB 164 -40.05 -93.30 74.66
CA LYS QB 164 -39.03 -92.27 74.60
C LYS QB 164 -38.90 -91.53 75.93
N SER QB 165 -37.73 -90.98 76.16
CA SER QB 165 -37.45 -90.21 77.36
C SER QB 165 -38.06 -88.81 77.25
N LYS QB 166 -38.35 -88.22 78.40
CA LYS QB 166 -38.89 -86.86 78.47
C LYS QB 166 -38.14 -86.07 79.52
N LEU QB 167 -37.40 -85.08 79.09
CA LEU QB 167 -36.61 -84.24 79.99
C LEU QB 167 -37.31 -82.91 80.11
N ASN QB 168 -37.66 -82.52 81.32
CA ASN QB 168 -38.40 -81.29 81.57
C ASN QB 168 -37.51 -80.28 82.27
N PHE QB 169 -37.66 -79.02 81.89
CA PHE QB 169 -36.92 -77.92 82.51
C PHE QB 169 -37.94 -76.88 82.97
N CYS QB 170 -38.43 -77.06 84.19
CA CYS QB 170 -39.54 -76.26 84.70
C CYS QB 170 -39.03 -75.06 85.48
N SER QB 171 -39.62 -73.89 85.21
CA SER QB 171 -39.27 -72.66 85.90
C SER QB 171 -40.13 -72.59 87.16
N TRP QB 172 -39.64 -73.22 88.22
CA TRP QB 172 -40.39 -73.33 89.46
C TRP QB 172 -40.45 -71.98 90.16
N PRO QB 173 -41.54 -71.71 90.88
CA PRO QB 173 -41.63 -70.44 91.60
C PRO QB 173 -40.68 -70.40 92.79
N SER QB 174 -40.10 -69.25 93.04
CA SER QB 174 -39.13 -69.12 94.10
C SER QB 174 -39.84 -69.10 95.45
N PRO QB 175 -39.11 -69.33 96.54
CA PRO QB 175 -39.73 -69.20 97.86
C PRO QB 175 -40.20 -67.79 98.19
N GLN QB 176 -39.35 -66.79 97.99
CA GLN QB 176 -39.76 -65.43 98.30
C GLN QB 176 -40.58 -64.80 97.18
N VAL QB 177 -39.98 -64.64 96.02
CA VAL QB 177 -40.58 -63.88 94.92
C VAL QB 177 -41.40 -64.82 94.04
N SER QB 178 -42.66 -64.46 93.79
CA SER QB 178 -43.48 -65.36 92.97
C SER QB 178 -44.31 -64.66 91.92
N THR QB 179 -44.64 -63.38 92.07
CA THR QB 179 -45.45 -62.60 91.12
C THR QB 179 -46.80 -63.24 90.81
N ALA QB 180 -47.37 -63.97 91.79
CA ALA QB 180 -48.70 -64.56 91.69
C ALA QB 180 -49.16 -65.01 93.06
N VAL QB 181 -50.46 -64.85 93.33
CA VAL QB 181 -51.09 -65.56 94.42
C VAL QB 181 -51.72 -66.85 93.95
N VAL QB 182 -51.88 -67.03 92.65
CA VAL QB 182 -52.46 -68.24 92.13
C VAL QB 182 -51.40 -69.29 91.84
N GLU QB 183 -50.13 -68.94 92.05
CA GLU QB 183 -49.05 -69.88 91.82
C GLU QB 183 -48.90 -71.04 92.81
N PRO QB 184 -49.32 -70.97 94.08
CA PRO QB 184 -49.32 -72.22 94.85
C PRO QB 184 -50.32 -73.23 94.32
N TYR QB 185 -51.43 -72.76 93.76
CA TYR QB 185 -52.40 -73.67 93.20
C TYR QB 185 -51.86 -74.34 91.95
N ASN QB 186 -51.26 -73.56 91.06
CA ASN QB 186 -50.78 -74.12 89.80
C ASN QB 186 -49.55 -74.99 90.01
N SER QB 187 -48.80 -74.73 91.07
CA SER QB 187 -47.64 -75.55 91.36
C SER QB 187 -48.04 -76.94 91.82
N VAL QB 188 -48.97 -77.03 92.77
CA VAL QB 188 -49.30 -78.32 93.32
C VAL QB 188 -50.24 -79.08 92.40
N LEU QB 189 -50.93 -78.40 91.50
CA LEU QB 189 -51.78 -79.08 90.55
C LEU QB 189 -51.00 -79.63 89.36
N SER QB 190 -49.83 -79.09 89.09
CA SER QB 190 -48.99 -79.60 88.03
C SER QB 190 -48.01 -80.66 88.52
N THR QB 191 -47.77 -80.75 89.82
CA THR QB 191 -46.89 -81.79 90.32
C THR QB 191 -47.53 -83.16 90.16
N HIS QB 192 -48.85 -83.22 90.27
CA HIS QB 192 -49.54 -84.48 89.99
C HIS QB 192 -49.49 -84.81 88.50
N SER QB 193 -49.20 -83.82 87.66
CA SER QB 193 -49.05 -84.12 86.24
C SER QB 193 -47.69 -84.72 85.94
N LEU QB 194 -46.63 -84.11 86.43
CA LEU QB 194 -45.29 -84.49 86.01
C LEU QB 194 -44.63 -85.50 86.94
N LEU QB 195 -45.38 -86.10 87.86
CA LEU QB 195 -44.85 -87.25 88.57
C LEU QB 195 -44.84 -88.48 87.67
N GLU QB 196 -45.93 -88.74 86.97
CA GLU QB 196 -46.07 -89.99 86.25
C GLU QB 196 -46.02 -89.84 84.73
N HIS QB 197 -45.54 -88.71 84.23
CA HIS QB 197 -45.36 -88.58 82.79
C HIS QB 197 -43.96 -88.11 82.47
N THR QB 198 -43.45 -87.18 83.25
CA THR QB 198 -42.13 -86.62 83.03
C THR QB 198 -41.09 -87.61 83.53
N ASP QB 199 -40.13 -87.94 82.67
CA ASP QB 199 -39.10 -88.90 83.04
C ASP QB 199 -38.10 -88.30 84.01
N VAL QB 200 -37.45 -87.22 83.62
CA VAL QB 200 -36.47 -86.54 84.47
C VAL QB 200 -36.74 -85.05 84.39
N ALA QB 201 -36.95 -84.43 85.55
CA ALA QB 201 -37.29 -83.01 85.64
C ALA QB 201 -36.14 -82.26 86.30
N VAL QB 202 -35.69 -81.19 85.66
CA VAL QB 202 -34.63 -80.34 86.18
C VAL QB 202 -35.28 -79.06 86.71
N MET QB 203 -34.92 -78.71 87.93
CA MET QB 203 -35.68 -77.78 88.75
C MET QB 203 -35.00 -76.42 88.62
N LEU QB 204 -35.70 -75.44 88.08
CA LEU QB 204 -35.11 -74.12 87.85
C LEU QB 204 -35.84 -73.08 88.68
N ASP QB 205 -35.09 -72.08 89.11
CA ASP QB 205 -35.63 -71.06 90.00
C ASP QB 205 -35.13 -69.71 89.55
N ASN QB 206 -36.03 -68.73 89.49
CA ASN QB 206 -35.68 -67.46 88.88
C ASN QB 206 -34.76 -66.63 89.77
N GLU QB 207 -35.07 -66.47 91.05
CA GLU QB 207 -34.24 -65.55 91.81
C GLU QB 207 -32.99 -66.23 92.34
N ALA QB 208 -32.85 -67.53 92.16
CA ALA QB 208 -31.54 -68.15 92.31
C ALA QB 208 -30.59 -67.63 91.23
N ILE QB 209 -31.06 -67.58 89.99
CA ILE QB 209 -30.25 -67.06 88.89
C ILE QB 209 -30.05 -65.57 89.03
N TYR QB 210 -30.99 -64.86 89.65
CA TYR QB 210 -30.77 -63.46 89.97
C TYR QB 210 -29.59 -63.29 90.91
N ASP QB 211 -29.48 -64.18 91.90
CA ASP QB 211 -28.38 -64.08 92.85
C ASP QB 211 -27.06 -64.50 92.21
N ILE QB 212 -27.09 -65.46 91.29
CA ILE QB 212 -25.87 -65.86 90.59
C ILE QB 212 -25.37 -64.71 89.73
N CYS QB 213 -26.26 -64.08 88.97
CA CYS QB 213 -25.83 -63.02 88.07
C CYS QB 213 -25.63 -61.69 88.79
N ARG QB 214 -25.71 -61.66 90.11
CA ARG QB 214 -25.50 -60.42 90.84
C ARG QB 214 -24.18 -60.43 91.60
N ARG QB 215 -23.67 -61.59 91.97
CA ARG QB 215 -22.41 -61.66 92.71
C ARG QB 215 -21.29 -62.36 91.95
N ASN QB 216 -21.61 -63.17 90.93
CA ASN QB 216 -20.57 -63.81 90.15
C ASN QB 216 -20.22 -62.94 88.95
N LEU QB 217 -21.22 -62.50 88.22
CA LEU QB 217 -20.99 -61.70 87.04
C LEU QB 217 -21.24 -60.22 87.31
N ASP QB 218 -21.84 -59.90 88.45
CA ASP QB 218 -21.88 -58.56 89.04
C ASP QB 218 -22.72 -57.57 88.23
N ILE QB 219 -23.88 -58.02 87.78
CA ILE QB 219 -24.91 -57.14 87.26
C ILE QB 219 -25.86 -56.81 88.40
N GLU QB 220 -26.04 -55.52 88.68
CA GLU QB 220 -26.94 -55.14 89.75
C GLU QB 220 -28.40 -55.29 89.34
N ARG QB 221 -28.72 -55.00 88.10
CA ARG QB 221 -30.11 -54.95 87.64
C ARG QB 221 -30.31 -55.81 86.41
N PRO QB 222 -30.38 -57.13 86.59
CA PRO QB 222 -30.55 -58.02 85.45
C PRO QB 222 -32.00 -58.05 84.98
N THR QB 223 -32.25 -58.87 83.97
CA THR QB 223 -33.59 -58.99 83.42
C THR QB 223 -33.75 -60.40 82.85
N TYR QB 224 -34.86 -60.63 82.16
CA TYR QB 224 -35.18 -61.98 81.70
C TYR QB 224 -34.27 -62.41 80.57
N THR QB 225 -33.80 -61.47 79.76
CA THR QB 225 -32.85 -61.84 78.73
C THR QB 225 -31.43 -61.99 79.27
N ASN QB 226 -31.21 -61.74 80.55
CA ASN QB 226 -29.94 -62.05 81.17
C ASN QB 226 -29.93 -63.42 81.81
N LEU QB 227 -31.07 -63.87 82.33
CA LEU QB 227 -31.16 -65.21 82.88
C LEU QB 227 -31.26 -66.27 81.80
N ASN QB 228 -31.92 -65.97 80.69
CA ASN QB 228 -32.19 -66.98 79.69
C ASN QB 228 -30.92 -67.41 78.96
N ARG QB 229 -29.93 -66.53 78.87
CA ARG QB 229 -28.64 -66.95 78.31
C ARG QB 229 -28.01 -68.03 79.16
N LEU QB 230 -28.09 -67.90 80.49
CA LEU QB 230 -27.52 -68.90 81.37
C LEU QB 230 -28.23 -70.24 81.24
N ILE QB 231 -29.55 -70.20 81.05
CA ILE QB 231 -30.29 -71.44 80.81
C ILE QB 231 -29.87 -72.06 79.49
N ALA QB 232 -29.63 -71.21 78.48
CA ALA QB 232 -29.22 -71.70 77.17
C ALA QB 232 -27.85 -72.37 77.24
N GLN QB 233 -26.94 -71.81 78.03
CA GLN QB 233 -25.64 -72.45 78.20
C GLN QB 233 -25.76 -73.76 78.96
N VAL QB 234 -26.73 -73.86 79.86
CA VAL QB 234 -26.94 -75.13 80.57
C VAL QB 234 -27.44 -76.19 79.60
N ILE QB 235 -28.46 -75.85 78.81
CA ILE QB 235 -29.04 -76.82 77.87
C ILE QB 235 -28.02 -77.23 76.83
N SER QB 236 -27.17 -76.30 76.41
CA SER QB 236 -26.12 -76.63 75.45
C SER QB 236 -25.11 -77.58 76.05
N SER QB 237 -24.89 -77.50 77.36
CA SER QB 237 -23.95 -78.41 77.99
C SER QB 237 -24.54 -79.81 78.17
N LEU QB 238 -25.84 -79.91 78.47
CA LEU QB 238 -26.48 -81.22 78.56
C LEU QB 238 -26.46 -81.94 77.23
N THR QB 239 -26.70 -81.20 76.14
CA THR QB 239 -26.76 -81.81 74.82
C THR QB 239 -25.48 -81.61 74.03
N ALA QB 240 -24.39 -81.20 74.67
CA ALA QB 240 -23.13 -81.09 73.96
C ALA QB 240 -22.62 -82.44 73.51
N SER QB 241 -22.87 -83.47 74.31
CA SER QB 241 -22.32 -84.78 74.02
C SER QB 241 -22.92 -85.41 72.79
N LEU QB 242 -24.20 -85.14 72.51
CA LEU QB 242 -24.81 -85.64 71.29
C LEU QB 242 -24.23 -84.96 70.06
N ARG QB 243 -23.98 -83.66 70.15
CA ARG QB 243 -23.63 -82.88 68.98
C ARG QB 243 -22.19 -83.11 68.55
N PHE QB 244 -21.27 -83.13 69.49
CA PHE QB 244 -19.85 -83.08 69.20
C PHE QB 244 -19.15 -84.31 69.76
N ASP QB 245 -17.97 -84.59 69.20
CA ASP QB 245 -17.18 -85.73 69.64
C ASP QB 245 -16.43 -85.41 70.92
N GLY QB 246 -16.32 -86.39 71.81
CA GLY QB 246 -15.65 -86.18 73.07
C GLY QB 246 -15.03 -87.45 73.60
N ALA QB 247 -14.36 -87.33 74.75
CA ALA QB 247 -13.66 -88.47 75.33
C ALA QB 247 -14.63 -89.46 75.97
N LEU QB 248 -15.77 -88.97 76.47
CA LEU QB 248 -16.76 -89.82 77.14
C LEU QB 248 -18.14 -89.28 76.80
N ASN QB 249 -18.80 -89.89 75.83
CA ASN QB 249 -20.07 -89.39 75.34
C ASN QB 249 -21.22 -89.88 76.20
N VAL QB 250 -22.16 -88.97 76.51
CA VAL QB 250 -23.31 -89.27 77.36
C VAL QB 250 -24.59 -88.71 76.74
N ASP QB 251 -25.50 -89.59 76.35
CA ASP QB 251 -26.70 -89.23 75.61
C ASP QB 251 -27.78 -88.75 76.58
N VAL QB 252 -29.04 -88.68 76.11
CA VAL QB 252 -30.13 -88.35 77.00
C VAL QB 252 -30.78 -89.59 77.59
N THR QB 253 -30.61 -90.75 76.95
CA THR QB 253 -30.93 -92.01 77.61
C THR QB 253 -29.94 -92.29 78.73
N GLU QB 254 -28.79 -91.64 78.68
CA GLU QB 254 -27.71 -91.87 79.62
C GLU QB 254 -28.08 -91.32 80.99
N PHE QB 255 -29.02 -90.37 81.03
CA PHE QB 255 -29.26 -89.57 82.23
C PHE QB 255 -30.26 -90.27 83.15
N GLN QB 256 -31.25 -90.94 82.57
CA GLN QB 256 -32.28 -91.59 83.38
C GLN QB 256 -31.71 -92.78 84.15
N THR QB 257 -30.70 -93.46 83.61
CA THR QB 257 -30.20 -94.66 84.26
C THR QB 257 -29.20 -94.34 85.34
N ASN QB 258 -28.84 -93.08 85.50
CA ASN QB 258 -27.70 -92.69 86.30
C ASN QB 258 -28.05 -91.68 87.37
N LEU QB 259 -29.24 -91.18 87.35
CA LEU QB 259 -29.58 -90.12 88.26
C LEU QB 259 -30.79 -90.45 89.10
N VAL QB 260 -31.73 -91.22 88.58
CA VAL QB 260 -32.94 -91.54 89.30
C VAL QB 260 -32.88 -93.02 89.71
N PRO QB 261 -32.89 -93.32 90.97
CA PRO QB 261 -32.83 -94.72 91.39
C PRO QB 261 -34.20 -95.33 91.58
N TYR QB 262 -35.20 -94.49 91.68
CA TYR QB 262 -36.54 -94.90 92.03
C TYR QB 262 -37.52 -94.26 91.06
N PRO QB 263 -38.67 -94.88 90.81
CA PRO QB 263 -39.56 -94.36 89.75
C PRO QB 263 -40.14 -92.99 90.04
N ARG QB 264 -40.48 -92.70 91.30
CA ARG QB 264 -41.12 -91.45 91.61
C ARG QB 264 -40.15 -90.32 91.92
N ILE QB 265 -38.85 -90.59 91.96
CA ILE QB 265 -37.89 -89.61 92.43
C ILE QB 265 -37.01 -89.13 91.28
N HIS QB 266 -37.43 -88.06 90.62
CA HIS QB 266 -36.68 -87.53 89.48
C HIS QB 266 -36.62 -86.02 89.50
N PHE QB 267 -36.39 -85.45 90.67
CA PHE QB 267 -36.36 -84.00 90.84
C PHE QB 267 -34.95 -83.60 91.24
N MET QB 268 -34.31 -82.78 90.43
CA MET QB 268 -32.87 -82.59 90.57
C MET QB 268 -32.50 -81.15 90.29
N LEU QB 269 -31.38 -80.74 90.88
CA LEU QB 269 -30.90 -79.37 90.81
C LEU QB 269 -30.05 -79.17 89.57
N SER QB 270 -29.42 -78.00 89.48
CA SER QB 270 -28.53 -77.70 88.38
C SER QB 270 -27.46 -76.73 88.86
N SER QB 271 -26.33 -76.73 88.17
CA SER QB 271 -25.24 -75.83 88.50
C SER QB 271 -24.38 -75.63 87.27
N TYR QB 272 -23.81 -74.44 87.15
CA TYR QB 272 -22.88 -74.13 86.09
C TYR QB 272 -21.64 -73.51 86.68
N ALA QB 273 -20.50 -73.81 86.08
CA ALA QB 273 -19.27 -73.15 86.41
C ALA QB 273 -18.43 -73.16 85.16
N PRO QB 274 -17.73 -72.08 84.84
CA PRO QB 274 -17.71 -70.83 85.61
C PRO QB 274 -18.60 -69.73 85.04
N ILE QB 275 -19.43 -69.17 85.91
CA ILE QB 275 -20.21 -67.98 85.58
C ILE QB 275 -19.29 -66.81 85.88
N ILE QB 276 -18.57 -66.36 84.87
CA ILE QB 276 -17.52 -65.37 85.08
C ILE QB 276 -17.68 -64.23 84.10
N SER QB 277 -17.22 -63.06 84.50
CA SER QB 277 -17.48 -61.83 83.78
C SER QB 277 -16.37 -61.55 82.80
N ALA QB 278 -16.30 -60.30 82.32
CA ALA QB 278 -15.26 -59.89 81.41
C ALA QB 278 -13.93 -59.64 82.13
N GLU QB 279 -13.95 -58.88 83.21
CA GLU QB 279 -12.70 -58.54 83.89
C GLU QB 279 -12.13 -59.74 84.61
N LYS QB 280 -13.00 -60.47 85.30
CA LYS QB 280 -12.58 -61.55 86.18
C LYS QB 280 -11.90 -62.67 85.41
N ALA QB 281 -12.39 -62.95 84.21
CA ALA QB 281 -12.02 -64.18 83.49
C ALA QB 281 -10.55 -64.18 83.09
N TYR QB 282 -10.09 -63.06 82.54
CA TYR QB 282 -8.73 -63.00 82.04
C TYR QB 282 -7.69 -63.04 83.15
N HIS QB 283 -8.04 -62.60 84.34
CA HIS QB 283 -7.10 -62.53 85.45
C HIS QB 283 -7.06 -63.79 86.28
N GLU QB 284 -7.63 -64.90 85.82
CA GLU QB 284 -7.81 -66.03 86.72
C GLU QB 284 -7.51 -67.35 86.02
N GLN QB 285 -6.79 -68.21 86.73
CA GLN QB 285 -6.67 -69.61 86.33
C GLN QB 285 -7.98 -70.34 86.56
N LEU QB 286 -8.56 -70.85 85.48
CA LEU QB 286 -9.78 -71.65 85.58
C LEU QB 286 -9.33 -73.11 85.57
N SER QB 287 -8.82 -73.55 86.72
CA SER QB 287 -8.33 -74.91 86.84
C SER QB 287 -9.48 -75.89 86.79
N VAL QB 288 -9.16 -77.14 86.43
CA VAL QB 288 -10.15 -78.18 86.42
C VAL QB 288 -10.59 -78.48 87.84
N ALA QB 289 -9.69 -78.34 88.80
CA ALA QB 289 -10.09 -78.46 90.19
C ALA QB 289 -10.97 -77.29 90.61
N GLU QB 290 -10.70 -76.10 90.09
CA GLU QB 290 -11.40 -74.91 90.56
C GLU QB 290 -12.84 -74.87 90.10
N ILE QB 291 -13.10 -75.24 88.84
CA ILE QB 291 -14.46 -75.13 88.35
C ILE QB 291 -15.35 -76.19 88.99
N THR QB 292 -14.78 -77.33 89.39
CA THR QB 292 -15.58 -78.34 90.08
C THR QB 292 -15.88 -77.93 91.50
N ASN QB 293 -14.90 -77.33 92.18
CA ASN QB 293 -15.14 -76.85 93.54
C ASN QB 293 -16.16 -75.73 93.55
N SER QB 294 -16.09 -74.83 92.57
CA SER QB 294 -17.06 -73.75 92.49
C SER QB 294 -18.44 -74.26 92.11
N ALA QB 295 -18.52 -75.43 91.49
CA ALA QB 295 -19.83 -75.97 91.14
C ALA QB 295 -20.53 -76.53 92.37
N PHE QB 296 -19.79 -77.17 93.26
CA PHE QB 296 -20.39 -77.76 94.44
C PHE QB 296 -20.61 -76.77 95.56
N GLU QB 297 -20.28 -75.51 95.36
CA GLU QB 297 -20.55 -74.50 96.37
C GLU QB 297 -22.06 -74.38 96.56
N PRO QB 298 -22.53 -74.25 97.80
CA PRO QB 298 -23.96 -74.43 98.05
C PRO QB 298 -24.81 -73.32 97.47
N ALA QB 299 -24.33 -72.09 97.54
CA ALA QB 299 -25.09 -70.99 96.98
C ALA QB 299 -24.98 -70.93 95.47
N SER QB 300 -24.00 -71.59 94.88
CA SER QB 300 -23.82 -71.53 93.44
C SER QB 300 -24.76 -72.44 92.67
N MET QB 301 -25.64 -73.16 93.36
CA MET QB 301 -26.65 -73.92 92.66
C MET QB 301 -27.70 -72.99 92.06
N MET QB 302 -28.47 -73.53 91.13
CA MET QB 302 -29.37 -72.76 90.30
C MET QB 302 -30.82 -73.08 90.67
N ALA QB 303 -31.06 -73.23 91.98
CA ALA QB 303 -32.42 -73.52 92.43
C ALA QB 303 -32.84 -72.80 93.70
N LYS QB 304 -31.93 -72.13 94.42
CA LYS QB 304 -32.18 -71.56 95.74
C LYS QB 304 -32.75 -72.66 96.65
N CYS QB 305 -31.85 -73.60 96.93
CA CYS QB 305 -32.18 -74.78 97.70
C CYS QB 305 -30.88 -75.23 98.34
N ASP QB 306 -30.71 -74.92 99.61
CA ASP QB 306 -29.44 -75.15 100.27
C ASP QB 306 -29.21 -76.64 100.41
N PRO QB 307 -28.15 -77.19 99.80
CA PRO QB 307 -27.95 -78.64 99.84
C PRO QB 307 -27.26 -79.15 101.08
N ARG QB 308 -26.89 -78.27 102.02
CA ARG QB 308 -26.26 -78.75 103.24
C ARG QB 308 -27.23 -79.51 104.12
N HIS QB 309 -28.52 -79.21 104.03
CA HIS QB 309 -29.54 -80.00 104.73
C HIS QB 309 -30.17 -81.01 103.81
N GLY QB 310 -29.36 -81.60 102.92
CA GLY QB 310 -29.80 -82.68 102.08
C GLY QB 310 -28.68 -83.70 101.93
N LYS QB 311 -28.99 -84.76 101.20
CA LYS QB 311 -28.02 -85.81 100.91
C LYS QB 311 -27.99 -86.03 99.40
N TYR QB 312 -26.80 -86.04 98.82
CA TYR QB 312 -26.67 -86.24 97.38
C TYR QB 312 -26.87 -87.71 97.05
N MET QB 313 -27.90 -88.01 96.28
CA MET QB 313 -28.17 -89.38 95.87
C MET QB 313 -27.35 -89.76 94.66
N ALA QB 314 -27.28 -88.89 93.66
CA ALA QB 314 -26.50 -89.12 92.47
C ALA QB 314 -26.14 -87.77 91.88
N CYS QB 315 -25.12 -87.77 91.01
CA CYS QB 315 -24.60 -86.50 90.51
C CYS QB 315 -23.90 -86.75 89.18
N CYS QB 316 -24.17 -85.91 88.19
CA CYS QB 316 -23.50 -86.00 86.90
C CYS QB 316 -22.79 -84.70 86.58
N LEU QB 317 -21.57 -84.80 86.08
CA LEU QB 317 -20.75 -83.65 85.74
C LEU QB 317 -20.45 -83.67 84.25
N MET QB 318 -20.83 -82.61 83.56
CA MET QB 318 -20.68 -82.49 82.12
C MET QB 318 -19.55 -81.52 81.85
N TYR QB 319 -18.37 -82.02 81.50
CA TYR QB 319 -17.25 -81.14 81.23
C TYR QB 319 -17.20 -80.77 79.77
N ARG QB 320 -16.67 -79.59 79.50
CA ARG QB 320 -16.82 -78.93 78.20
C ARG QB 320 -15.57 -78.08 77.95
N GLY QB 321 -14.65 -78.59 77.15
CA GLY QB 321 -13.48 -77.81 76.79
C GLY QB 321 -12.17 -78.58 76.77
N ASP QB 322 -11.08 -77.90 77.13
CA ASP QB 322 -9.74 -78.51 77.09
C ASP QB 322 -9.50 -79.28 78.39
N VAL QB 323 -10.31 -80.32 78.58
CA VAL QB 323 -10.36 -81.05 79.84
C VAL QB 323 -9.72 -82.40 79.63
N VAL QB 324 -8.68 -82.68 80.39
CA VAL QB 324 -7.97 -83.96 80.34
C VAL QB 324 -8.56 -84.87 81.41
N PRO QB 325 -8.56 -86.19 81.21
CA PRO QB 325 -9.26 -87.08 82.15
C PRO QB 325 -8.58 -87.26 83.50
N LYS QB 326 -7.27 -87.05 83.62
CA LYS QB 326 -6.64 -87.21 84.93
C LYS QB 326 -7.10 -86.13 85.89
N ASP QB 327 -7.17 -84.88 85.41
CA ASP QB 327 -7.59 -83.79 86.28
C ASP QB 327 -9.05 -83.95 86.69
N VAL QB 328 -9.85 -84.63 85.88
CA VAL QB 328 -11.22 -84.91 86.29
C VAL QB 328 -11.22 -85.92 87.42
N ASN QB 329 -10.45 -87.00 87.28
CA ASN QB 329 -10.35 -88.02 88.31
C ASN QB 329 -9.72 -87.46 89.57
N ALA QB 330 -8.74 -86.58 89.44
CA ALA QB 330 -8.10 -86.01 90.62
C ALA QB 330 -9.03 -85.06 91.35
N ALA QB 331 -9.78 -84.23 90.60
CA ALA QB 331 -10.57 -83.19 91.25
C ALA QB 331 -11.77 -83.78 91.98
N VAL QB 332 -12.36 -84.83 91.43
CA VAL QB 332 -13.58 -85.35 92.02
C VAL QB 332 -13.26 -86.19 93.25
N ALA QB 333 -12.03 -86.67 93.37
CA ALA QB 333 -11.63 -87.38 94.58
C ALA QB 333 -11.51 -86.43 95.75
N THR QB 334 -11.11 -85.18 95.49
CA THR QB 334 -11.09 -84.18 96.53
C THR QB 334 -12.49 -83.86 97.02
N ILE QB 335 -13.46 -83.84 96.10
CA ILE QB 335 -14.84 -83.55 96.44
C ILE QB 335 -15.40 -84.62 97.36
N LYS QB 336 -15.12 -85.88 97.06
CA LYS QB 336 -15.66 -86.97 97.86
C LYS QB 336 -15.03 -87.01 99.25
N THR QB 337 -13.75 -86.68 99.35
CA THR QB 337 -13.10 -86.67 100.66
C THR QB 337 -13.33 -85.37 101.43
N LYS QB 338 -13.94 -84.37 100.80
CA LYS QB 338 -14.37 -83.20 101.55
C LYS QB 338 -15.54 -83.56 102.44
N ARG QB 339 -15.51 -83.07 103.68
CA ARG QB 339 -16.43 -83.54 104.69
C ARG QB 339 -17.77 -82.83 104.64
N THR QB 340 -17.82 -81.62 104.08
CA THR QB 340 -19.01 -80.77 104.19
C THR QB 340 -20.21 -81.40 103.50
N ILE QB 341 -20.07 -81.80 102.25
CA ILE QB 341 -21.19 -82.39 101.54
C ILE QB 341 -21.33 -83.84 101.96
N GLN QB 342 -22.55 -84.24 102.27
CA GLN QB 342 -22.82 -85.60 102.71
C GLN QB 342 -23.38 -86.39 101.54
N PHE QB 343 -22.88 -87.61 101.38
CA PHE QB 343 -23.41 -88.54 100.40
C PHE QB 343 -24.18 -89.64 101.12
N VAL QB 344 -25.15 -90.20 100.42
CA VAL QB 344 -25.99 -91.22 101.02
C VAL QB 344 -25.18 -92.50 101.17
N ASP QB 345 -25.44 -93.24 102.25
CA ASP QB 345 -24.66 -94.44 102.53
C ASP QB 345 -24.88 -95.52 101.47
N TRP QB 346 -26.09 -95.68 100.99
CA TRP QB 346 -26.36 -96.82 100.13
C TRP QB 346 -25.90 -96.62 98.69
N CYS QB 347 -25.42 -95.44 98.32
CA CYS QB 347 -24.93 -95.20 96.96
C CYS QB 347 -23.45 -94.85 97.07
N PRO QB 348 -22.56 -95.84 96.94
CA PRO QB 348 -21.13 -95.56 97.11
C PRO QB 348 -20.53 -94.77 95.96
N THR QB 349 -20.95 -95.04 94.73
CA THR QB 349 -20.43 -94.34 93.57
C THR QB 349 -21.53 -93.47 92.99
N GLY QB 350 -21.27 -92.18 92.88
CA GLY QB 350 -22.32 -91.28 92.47
C GLY QB 350 -21.90 -90.16 91.56
N PHE QB 351 -20.79 -90.32 90.85
CA PHE QB 351 -20.23 -89.25 90.05
C PHE QB 351 -20.19 -89.66 88.58
N LYS QB 352 -20.31 -88.69 87.69
CA LYS QB 352 -20.15 -88.90 86.25
C LYS QB 352 -19.02 -88.06 85.71
N CYS QB 353 -18.28 -88.65 84.81
CA CYS QB 353 -17.42 -87.87 83.94
C CYS QB 353 -17.95 -87.99 82.52
N GLY QB 354 -18.52 -86.91 82.02
CA GLY QB 354 -18.79 -86.85 80.60
C GLY QB 354 -17.99 -85.70 80.03
N ILE QB 355 -16.94 -86.02 79.29
CA ILE QB 355 -15.96 -85.04 78.87
C ILE QB 355 -16.15 -84.78 77.40
N ASN QB 356 -16.27 -83.51 77.03
CA ASN QB 356 -16.45 -83.12 75.64
C ASN QB 356 -15.34 -82.17 75.24
N TYR QB 357 -14.98 -82.20 73.96
CA TYR QB 357 -13.84 -81.46 73.48
C TYR QB 357 -14.17 -79.99 73.19
N GLN QB 358 -15.37 -79.72 72.70
CA GLN QB 358 -15.67 -78.39 72.19
C GLN QB 358 -15.82 -77.39 73.32
N PRO QB 359 -15.18 -76.23 73.23
CA PRO QB 359 -15.32 -75.21 74.27
C PRO QB 359 -16.69 -74.55 74.19
N PRO QB 360 -17.12 -73.85 75.24
CA PRO QB 360 -18.42 -73.19 75.18
C PRO QB 360 -18.37 -71.96 74.28
N THR QB 361 -19.32 -71.87 73.36
CA THR QB 361 -19.36 -70.77 72.41
C THR QB 361 -20.16 -69.63 73.00
N VAL QB 362 -19.54 -68.50 73.13
CA VAL QB 362 -20.13 -67.38 73.83
C VAL QB 362 -20.90 -66.51 72.84
N VAL QB 363 -22.07 -66.06 73.24
CA VAL QB 363 -22.83 -65.11 72.42
C VAL QB 363 -22.21 -63.72 72.61
N PRO QB 364 -21.76 -63.09 71.54
CA PRO QB 364 -21.24 -61.72 71.67
C PRO QB 364 -22.38 -60.77 71.99
N GLY QB 365 -22.02 -59.69 72.69
CA GLY QB 365 -23.05 -58.84 73.22
C GLY QB 365 -23.69 -59.38 74.47
N GLY QB 366 -23.26 -60.53 74.93
CA GLY QB 366 -23.77 -61.14 76.13
C GLY QB 366 -23.01 -60.67 77.34
N ASP QB 367 -22.91 -61.55 78.33
CA ASP QB 367 -22.30 -61.20 79.58
C ASP QB 367 -21.21 -62.16 80.02
N LEU QB 368 -21.14 -63.34 79.46
CA LEU QB 368 -20.11 -64.29 79.82
C LEU QB 368 -18.90 -64.07 78.95
N ALA QB 369 -17.78 -64.65 79.37
CA ALA QB 369 -16.53 -64.54 78.65
C ALA QB 369 -16.22 -65.85 77.94
N LYS QB 370 -15.29 -65.79 77.01
CA LYS QB 370 -14.71 -67.02 76.49
C LYS QB 370 -13.86 -67.66 77.57
N VAL QB 371 -14.24 -68.84 77.99
CA VAL QB 371 -13.45 -69.62 78.94
C VAL QB 371 -13.08 -70.93 78.27
N MET QB 372 -11.91 -71.45 78.61
CA MET QB 372 -11.41 -72.61 77.91
C MET QB 372 -12.13 -73.88 78.32
N ARG QB 373 -12.61 -73.96 79.56
CA ARG QB 373 -13.26 -75.16 80.05
C ARG QB 373 -14.41 -74.78 80.95
N ALA QB 374 -15.40 -75.66 81.05
CA ALA QB 374 -16.57 -75.41 81.87
C ALA QB 374 -17.18 -76.72 82.33
N VAL QB 375 -17.95 -76.66 83.41
CA VAL QB 375 -18.59 -77.84 83.97
C VAL QB 375 -20.05 -77.49 84.29
N CYS QB 376 -20.95 -78.39 83.93
CA CYS QB 376 -22.36 -78.24 84.24
C CYS QB 376 -22.83 -79.47 85.00
N MET QB 377 -23.40 -79.24 86.18
CA MET QB 377 -23.72 -80.31 87.11
C MET QB 377 -25.24 -80.43 87.26
N ILE QB 378 -25.76 -81.64 87.11
CA ILE QB 378 -27.17 -81.92 87.33
C ILE QB 378 -27.21 -82.99 88.40
N SER QB 379 -27.64 -82.62 89.61
CA SER QB 379 -27.49 -83.50 90.76
C SER QB 379 -28.84 -83.81 91.38
N ASN QB 380 -29.08 -85.08 91.63
CA ASN QB 380 -30.27 -85.54 92.32
C ASN QB 380 -29.97 -85.60 93.81
N SER QB 381 -30.68 -84.80 94.60
CA SER QB 381 -30.40 -84.71 96.03
C SER QB 381 -31.69 -84.76 96.81
N THR QB 382 -31.57 -85.12 98.09
CA THR QB 382 -32.72 -85.15 98.98
C THR QB 382 -33.01 -83.80 99.61
N ALA QB 383 -32.46 -82.73 99.06
CA ALA QB 383 -32.80 -81.40 99.51
C ALA QB 383 -34.08 -80.88 98.86
N ILE QB 384 -34.70 -81.68 97.98
CA ILE QB 384 -35.94 -81.27 97.34
C ILE QB 384 -37.11 -81.28 98.31
N ALA QB 385 -36.92 -81.83 99.50
CA ALA QB 385 -38.00 -81.84 100.49
C ALA QB 385 -38.37 -80.43 100.93
N GLU QB 386 -37.39 -79.53 101.04
CA GLU QB 386 -37.72 -78.18 101.50
C GLU QB 386 -38.44 -77.38 100.44
N VAL QB 387 -38.11 -77.58 99.16
CA VAL QB 387 -38.72 -76.75 98.13
C VAL QB 387 -40.14 -77.21 97.86
N PHE QB 388 -40.49 -78.43 98.25
CA PHE QB 388 -41.88 -78.83 98.23
C PHE QB 388 -42.59 -78.47 99.53
N SER QB 389 -41.85 -78.44 100.65
CA SER QB 389 -42.46 -78.04 101.91
C SER QB 389 -42.85 -76.57 101.91
N ARG QB 390 -42.14 -75.74 101.16
CA ARG QB 390 -42.52 -74.34 101.04
C ARG QB 390 -43.81 -74.18 100.27
N MET QB 391 -43.91 -74.85 99.12
CA MET QB 391 -45.14 -74.75 98.34
C MET QB 391 -46.28 -75.49 98.99
N ASP QB 392 -45.98 -76.49 99.82
CA ASP QB 392 -47.04 -77.19 100.51
C ASP QB 392 -47.67 -76.31 101.58
N HIS QB 393 -46.85 -75.59 102.32
CA HIS QB 393 -47.38 -74.74 103.37
C HIS QB 393 -48.10 -73.53 102.79
N LYS QB 394 -47.67 -73.08 101.61
CA LYS QB 394 -48.39 -71.99 100.95
C LYS QB 394 -49.76 -72.46 100.49
N PHE QB 395 -49.87 -73.71 100.06
CA PHE QB 395 -51.14 -74.22 99.58
C PHE QB 395 -52.10 -74.47 100.73
N ASP QB 396 -51.57 -74.82 101.90
CA ASP QB 396 -52.43 -75.11 103.04
C ASP QB 396 -53.06 -73.84 103.60
N LEU QB 397 -52.33 -72.72 103.59
CA LEU QB 397 -52.90 -71.47 104.05
C LEU QB 397 -54.02 -70.98 103.16
N MET QB 398 -53.83 -71.07 101.84
CA MET QB 398 -54.81 -70.52 100.91
C MET QB 398 -56.05 -71.41 100.81
N TYR QB 399 -55.85 -72.72 100.75
CA TYR QB 399 -56.97 -73.65 100.62
C TYR QB 399 -57.70 -73.85 101.94
N ALA QB 400 -57.17 -73.33 103.04
CA ALA QB 400 -57.87 -73.43 104.32
C ALA QB 400 -59.24 -72.74 104.28
N LYS QB 401 -59.38 -71.69 103.48
CA LYS QB 401 -60.64 -70.99 103.38
C LYS QB 401 -61.01 -70.72 101.92
N ARG QB 402 -60.64 -71.66 101.05
CA ARG QB 402 -61.13 -71.75 99.67
C ARG QB 402 -60.89 -70.49 98.85
N ALA QB 403 -59.77 -69.82 99.08
CA ALA QB 403 -59.47 -68.63 98.29
C ALA QB 403 -59.12 -69.01 96.87
N PHE QB 404 -59.62 -68.23 95.91
CA PHE QB 404 -59.32 -68.38 94.50
C PHE QB 404 -59.68 -69.76 93.97
N VAL QB 405 -60.78 -70.31 94.47
CA VAL QB 405 -61.13 -71.68 94.13
C VAL QB 405 -62.24 -71.66 93.08
N HIS QB 406 -63.14 -70.69 93.19
CA HIS QB 406 -64.30 -70.64 92.30
C HIS QB 406 -63.90 -70.39 90.86
N TRP QB 407 -62.73 -69.78 90.63
CA TRP QB 407 -62.23 -69.66 89.27
C TRP QB 407 -61.91 -71.03 88.67
N TYR QB 408 -61.37 -71.92 89.49
CA TYR QB 408 -61.02 -73.24 89.00
C TYR QB 408 -62.24 -74.12 88.81
N VAL QB 409 -63.20 -74.04 89.73
CA VAL QB 409 -64.36 -74.93 89.69
C VAL QB 409 -65.25 -74.61 88.50
N GLY QB 410 -65.38 -73.33 88.15
CA GLY QB 410 -66.31 -72.93 87.11
C GLY QB 410 -65.88 -73.30 85.71
N GLU QB 411 -64.60 -73.62 85.50
CA GLU QB 411 -64.11 -73.92 84.18
C GLU QB 411 -64.11 -75.41 83.88
N GLY QB 412 -64.56 -76.25 84.78
CA GLY QB 412 -64.64 -77.67 84.50
C GLY QB 412 -63.95 -78.55 85.51
N MET QB 413 -62.91 -78.04 86.15
CA MET QB 413 -62.21 -78.81 87.17
C MET QB 413 -63.09 -78.96 88.39
N GLU QB 414 -63.23 -80.19 88.88
CA GLU QB 414 -64.02 -80.40 90.07
C GLU QB 414 -63.25 -79.94 91.30
N GLU QB 415 -63.98 -79.79 92.40
CA GLU QB 415 -63.36 -79.62 93.69
C GLU QB 415 -63.06 -81.01 94.25
N GLY QB 416 -61.79 -81.30 94.44
CA GLY QB 416 -61.40 -82.65 94.78
C GLY QB 416 -60.11 -83.06 94.11
N GLU QB 417 -59.85 -82.52 92.91
CA GLU QB 417 -58.49 -82.56 92.40
C GLU QB 417 -57.57 -81.65 93.21
N PHE QB 418 -58.11 -80.61 93.84
CA PHE QB 418 -57.34 -79.90 94.84
C PHE QB 418 -57.05 -80.79 96.04
N SER QB 419 -58.04 -81.61 96.43
CA SER QB 419 -57.84 -82.48 97.58
C SER QB 419 -56.80 -83.55 97.28
N GLU QB 420 -56.94 -84.24 96.15
CA GLU QB 420 -56.10 -85.41 95.91
C GLU QB 420 -54.67 -85.04 95.55
N ALA QB 421 -54.45 -83.88 94.92
CA ALA QB 421 -53.09 -83.46 94.62
C ALA QB 421 -52.36 -83.02 95.88
N ARG QB 422 -53.09 -82.74 96.95
CA ARG QB 422 -52.45 -82.40 98.21
C ARG QB 422 -51.69 -83.58 98.81
N GLU QB 423 -52.32 -84.75 98.92
CA GLU QB 423 -51.55 -85.86 99.48
C GLU QB 423 -50.59 -86.44 98.47
N ASP QB 424 -50.80 -86.19 97.18
CA ASP QB 424 -49.84 -86.61 96.18
C ASP QB 424 -48.51 -85.90 96.40
N LEU QB 425 -48.56 -84.61 96.70
CA LEU QB 425 -47.36 -83.91 97.11
C LEU QB 425 -46.88 -84.41 98.46
N ALA QB 426 -47.81 -84.78 99.35
CA ALA QB 426 -47.40 -85.31 100.64
C ALA QB 426 -46.82 -86.72 100.50
N ALA QB 427 -47.34 -87.50 99.54
CA ALA QB 427 -46.74 -88.79 99.26
C ALA QB 427 -45.35 -88.65 98.70
N LEU QB 428 -45.14 -87.61 97.89
CA LEU QB 428 -43.79 -87.31 97.40
C LEU QB 428 -42.89 -86.85 98.52
N GLU QB 429 -43.43 -86.08 99.47
CA GLU QB 429 -42.62 -85.56 100.56
C GLU QB 429 -42.19 -86.67 101.51
N LYS QB 430 -43.07 -87.64 101.74
CA LYS QB 430 -42.73 -88.74 102.63
C LYS QB 430 -41.64 -89.62 102.03
N ASP QB 431 -41.67 -89.80 100.70
CA ASP QB 431 -40.69 -90.65 100.04
C ASP QB 431 -39.28 -90.09 100.15
N TYR QB 432 -39.14 -88.77 100.00
CA TYR QB 432 -37.84 -88.15 100.19
C TYR QB 432 -37.36 -88.21 101.63
N GLU QB 433 -38.28 -88.32 102.59
CA GLU QB 433 -37.85 -88.49 103.97
C GLU QB 433 -37.35 -89.90 104.23
N GLU QB 434 -38.06 -90.90 103.72
CA GLU QB 434 -37.68 -92.28 104.02
C GLU QB 434 -36.49 -92.75 103.20
N VAL QB 435 -36.20 -92.08 102.08
CA VAL QB 435 -35.01 -92.45 101.32
C VAL QB 435 -33.75 -91.91 101.96
N GLY QB 436 -33.89 -90.95 102.86
CA GLY QB 436 -32.74 -90.42 103.59
C GLY QB 436 -32.53 -91.11 104.92
N ILE QB 437 -32.51 -92.44 104.90
CA ILE QB 437 -32.33 -93.21 106.11
C ILE QB 437 -31.12 -94.13 106.00
N MET RB 1 -57.54 -61.44 66.90
CA MET RB 1 -57.09 -61.27 68.27
C MET RB 1 -58.26 -61.03 69.20
N ARG RB 2 -58.19 -59.95 69.96
CA ARG RB 2 -59.24 -59.57 70.89
C ARG RB 2 -59.52 -58.09 70.76
N GLU RB 3 -60.77 -57.71 70.97
CA GLU RB 3 -61.16 -56.30 70.95
C GLU RB 3 -61.96 -55.99 72.20
N ILE RB 4 -61.67 -54.85 72.81
CA ILE RB 4 -62.42 -54.37 73.96
C ILE RB 4 -63.48 -53.41 73.45
N VAL RB 5 -64.74 -53.80 73.58
CA VAL RB 5 -65.85 -52.91 73.25
C VAL RB 5 -65.99 -51.87 74.35
N HIS RB 6 -66.05 -50.61 73.95
CA HIS RB 6 -66.11 -49.48 74.87
C HIS RB 6 -67.51 -48.91 74.81
N VAL RB 7 -68.22 -48.95 75.94
CA VAL RB 7 -69.60 -48.47 76.01
C VAL RB 7 -69.61 -47.32 77.00
N GLN RB 8 -70.19 -46.19 76.61
CA GLN RB 8 -69.95 -44.94 77.31
C GLN RB 8 -71.29 -44.26 77.59
N GLY RB 9 -71.59 -44.03 78.85
CA GLY RB 9 -72.91 -43.56 79.19
C GLY RB 9 -72.95 -42.44 80.21
N GLY RB 10 -73.90 -41.54 80.08
CA GLY RB 10 -74.07 -40.45 81.01
C GLY RB 10 -73.19 -39.27 80.67
N GLN RB 11 -73.37 -38.18 81.43
CA GLN RB 11 -72.56 -37.00 81.22
C GLN RB 11 -71.12 -37.23 81.64
N CYS RB 12 -70.92 -37.82 82.80
CA CYS RB 12 -69.56 -38.12 83.25
C CYS RB 12 -68.89 -39.15 82.38
N GLY RB 13 -69.63 -40.20 82.01
CA GLY RB 13 -69.02 -41.30 81.28
C GLY RB 13 -68.54 -40.88 79.90
N ASN RB 14 -69.29 -40.00 79.25
CA ASN RB 14 -68.80 -39.44 78.01
C ASN RB 14 -67.62 -38.54 78.24
N GLN RB 15 -67.73 -37.62 79.20
CA GLN RB 15 -66.74 -36.56 79.33
C GLN RB 15 -65.39 -37.05 79.82
N ILE RB 16 -65.34 -38.08 80.66
CA ILE RB 16 -64.04 -38.62 81.06
C ILE RB 16 -63.58 -39.64 80.05
N GLY RB 17 -64.49 -40.24 79.29
CA GLY RB 17 -64.08 -41.23 78.32
C GLY RB 17 -63.94 -40.73 76.91
N ALA RB 18 -64.45 -39.54 76.61
CA ALA RB 18 -64.08 -38.91 75.35
C ALA RB 18 -62.61 -38.56 75.37
N LYS RB 19 -62.10 -38.16 76.52
CA LYS RB 19 -60.69 -37.82 76.61
C LYS RB 19 -59.85 -39.06 76.94
N PHE RB 20 -60.51 -40.19 77.18
CA PHE RB 20 -59.82 -41.48 77.07
C PHE RB 20 -59.33 -41.71 75.66
N TRP RB 21 -60.14 -41.35 74.67
CA TRP RB 21 -59.74 -41.58 73.29
C TRP RB 21 -58.77 -40.51 72.82
N GLU RB 22 -58.63 -39.42 73.58
CA GLU RB 22 -57.52 -38.50 73.40
C GLU RB 22 -56.19 -39.21 73.63
N VAL RB 23 -56.13 -40.03 74.67
CA VAL RB 23 -54.85 -40.56 75.12
C VAL RB 23 -54.46 -41.80 74.32
N ILE RB 24 -55.43 -42.69 74.07
CA ILE RB 24 -55.14 -43.92 73.33
C ILE RB 24 -54.72 -43.59 71.91
N SER RB 25 -55.41 -42.67 71.26
CA SER RB 25 -55.05 -42.27 69.91
C SER RB 25 -53.71 -41.53 69.90
N ASP RB 26 -53.37 -40.85 70.98
CA ASP RB 26 -52.06 -40.21 71.04
C ASP RB 26 -50.95 -41.23 71.11
N GLU RB 27 -51.12 -42.26 71.93
CA GLU RB 27 -50.10 -43.30 72.04
C GLU RB 27 -49.99 -44.10 70.75
N HIS RB 28 -51.12 -44.39 70.12
CA HIS RB 28 -51.11 -45.13 68.87
C HIS RB 28 -50.86 -44.24 67.68
N GLY RB 29 -50.80 -42.94 67.86
CA GLY RB 29 -50.47 -42.04 66.78
C GLY RB 29 -51.56 -41.93 65.74
N ILE RB 30 -52.74 -41.52 66.16
CA ILE RB 30 -53.88 -41.37 65.26
C ILE RB 30 -54.16 -39.89 65.07
N ASP RB 31 -54.02 -39.44 63.83
CA ASP RB 31 -54.47 -38.13 63.43
C ASP RB 31 -55.98 -38.03 63.67
N PRO RB 32 -56.48 -36.91 64.21
CA PRO RB 32 -57.92 -36.75 64.42
C PRO RB 32 -58.83 -37.03 63.22
N THR RB 33 -58.29 -37.02 62.01
CA THR RB 33 -59.04 -37.43 60.84
C THR RB 33 -59.01 -38.94 60.62
N GLY RB 34 -58.31 -39.68 61.47
CA GLY RB 34 -58.30 -41.12 61.39
C GLY RB 34 -57.07 -41.74 60.78
N THR RB 35 -56.24 -40.96 60.10
CA THR RB 35 -55.06 -41.52 59.47
C THR RB 35 -54.00 -41.82 60.52
N TYR RB 36 -53.02 -42.62 60.14
CA TYR RB 36 -51.92 -42.93 61.03
C TYR RB 36 -50.70 -42.10 60.66
N CYS RB 37 -50.00 -41.63 61.68
CA CYS RB 37 -48.71 -40.98 61.48
C CYS RB 37 -47.80 -41.35 62.63
N GLY RB 38 -46.54 -41.67 62.34
CA GLY RB 38 -45.61 -42.04 63.39
C GLY RB 38 -44.64 -43.16 63.07
N ASP RB 39 -44.68 -43.65 61.83
CA ASP RB 39 -43.65 -44.48 61.16
C ASP RB 39 -42.99 -45.54 62.05
N SER RB 40 -43.81 -46.33 62.73
CA SER RB 40 -43.31 -47.47 63.47
C SER RB 40 -44.36 -48.56 63.50
N ASP RB 41 -43.91 -49.78 63.75
CA ASP RB 41 -44.77 -50.94 63.65
C ASP RB 41 -45.41 -51.32 64.97
N LEU RB 42 -44.81 -50.93 66.10
CA LEU RB 42 -45.27 -51.40 67.39
C LEU RB 42 -46.64 -50.86 67.75
N GLN RB 43 -46.97 -49.64 67.30
CA GLN RB 43 -48.32 -49.15 67.49
C GLN RB 43 -49.32 -49.95 66.70
N LEU RB 44 -49.05 -50.15 65.43
CA LEU RB 44 -50.07 -50.53 64.49
C LEU RB 44 -50.26 -52.05 64.40
N GLU RB 45 -49.35 -52.83 64.99
CA GLU RB 45 -49.46 -54.27 64.87
C GLU RB 45 -50.63 -54.82 65.67
N ARG RB 46 -50.95 -54.20 66.79
CA ARG RB 46 -52.11 -54.58 67.60
C ARG RB 46 -52.89 -53.30 67.83
N ILE RB 47 -53.72 -52.93 66.86
CA ILE RB 47 -54.58 -51.77 66.95
C ILE RB 47 -56.05 -52.12 66.92
N ASN RB 48 -56.39 -53.35 66.55
CA ASN RB 48 -57.79 -53.74 66.52
C ASN RB 48 -58.34 -54.05 67.89
N VAL RB 49 -57.53 -53.92 68.93
CA VAL RB 49 -58.04 -54.03 70.29
C VAL RB 49 -58.95 -52.87 70.64
N PHE RB 50 -58.80 -51.74 69.96
CA PHE RB 50 -59.63 -50.57 70.21
C PHE RB 50 -60.10 -49.85 68.96
N TYR RB 51 -59.72 -50.30 67.77
CA TYR RB 51 -60.08 -49.63 66.54
C TYR RB 51 -60.56 -50.63 65.51
N ASN RB 52 -61.20 -50.11 64.46
CA ASN RB 52 -61.65 -50.89 63.33
C ASN RB 52 -61.20 -50.25 62.02
N GLU RB 53 -60.73 -51.09 61.11
CA GLU RB 53 -60.46 -50.67 59.74
C GLU RB 53 -61.75 -50.27 59.06
N ALA RB 54 -61.71 -49.20 58.29
CA ALA RB 54 -62.93 -48.65 57.70
C ALA RB 54 -62.80 -48.45 56.19
N THR RB 55 -62.19 -49.44 55.52
CA THR RB 55 -62.06 -49.63 54.06
C THR RB 55 -61.56 -48.40 53.31
N GLY RB 56 -61.04 -47.42 54.02
CA GLY RB 56 -60.47 -46.25 53.42
C GLY RB 56 -59.20 -45.96 54.18
N GLY RB 57 -58.84 -46.89 55.05
CA GLY RB 57 -57.65 -46.78 55.85
C GLY RB 57 -57.83 -46.09 57.17
N ARG RB 58 -58.98 -45.48 57.42
CA ARG RB 58 -59.14 -44.73 58.65
C ARG RB 58 -59.61 -45.63 59.76
N PHE RB 59 -59.16 -45.33 60.97
CA PHE RB 59 -59.41 -46.17 62.13
C PHE RB 59 -60.50 -45.53 62.97
N VAL RB 60 -61.64 -46.21 63.08
CA VAL RB 60 -62.74 -45.74 63.90
C VAL RB 60 -62.68 -46.46 65.23
N PRO RB 61 -62.92 -45.77 66.34
CA PRO RB 61 -63.03 -46.46 67.62
C PRO RB 61 -64.24 -47.39 67.63
N ARG RB 62 -64.09 -48.52 68.28
CA ARG RB 62 -65.23 -49.42 68.53
C ARG RB 62 -65.96 -48.97 69.80
N ALA RB 63 -66.43 -47.74 69.77
CA ALA RB 63 -66.99 -47.11 70.95
C ALA RB 63 -68.44 -46.74 70.70
N ILE RB 64 -69.26 -46.87 71.74
CA ILE RB 64 -70.68 -46.53 71.70
C ILE RB 64 -70.95 -45.47 72.74
N LEU RB 65 -71.62 -44.40 72.34
CA LEU RB 65 -71.94 -43.28 73.22
C LEU RB 65 -73.42 -43.32 73.57
N MET RB 66 -73.74 -43.17 74.85
CA MET RB 66 -75.12 -43.19 75.32
C MET RB 66 -75.40 -41.93 76.12
N ASP RB 67 -76.58 -41.36 75.91
CA ASP RB 67 -77.14 -40.37 76.83
C ASP RB 67 -78.62 -40.27 76.53
N LEU RB 68 -79.36 -39.76 77.51
CA LEU RB 68 -80.78 -39.48 77.33
C LEU RB 68 -81.03 -38.03 76.93
N GLU RB 69 -80.00 -37.21 76.78
CA GLU RB 69 -80.15 -35.84 76.33
C GLU RB 69 -79.04 -35.53 75.34
N PRO RB 70 -79.30 -34.70 74.34
CA PRO RB 70 -78.30 -34.45 73.30
C PRO RB 70 -77.31 -33.34 73.61
N GLY RB 71 -77.21 -32.92 74.86
CA GLY RB 71 -76.33 -31.81 75.18
C GLY RB 71 -74.86 -32.18 75.10
N THR RB 72 -74.45 -33.18 75.88
CA THR RB 72 -73.03 -33.51 75.95
C THR RB 72 -72.56 -34.27 74.72
N MET RB 73 -73.49 -34.84 73.95
CA MET RB 73 -73.10 -35.48 72.69
C MET RB 73 -72.66 -34.45 71.67
N ASP RB 74 -73.29 -33.27 71.68
CA ASP RB 74 -72.84 -32.20 70.82
C ASP RB 74 -71.45 -31.73 71.23
N SER RB 75 -71.20 -31.66 72.54
CA SER RB 75 -69.93 -31.11 73.01
C SER RB 75 -68.78 -32.05 72.73
N VAL RB 76 -69.01 -33.36 72.86
CA VAL RB 76 -67.96 -34.33 72.58
C VAL RB 76 -67.63 -34.32 71.10
N ARG RB 77 -68.64 -34.22 70.24
CA ARG RB 77 -68.42 -34.18 68.81
C ARG RB 77 -67.70 -32.92 68.39
N ALA RB 78 -67.94 -31.81 69.09
CA ALA RB 78 -67.41 -30.53 68.64
C ALA RB 78 -65.97 -30.28 69.05
N GLY RB 79 -65.44 -31.06 69.98
CA GLY RB 79 -64.09 -30.84 70.42
C GLY RB 79 -63.08 -31.46 69.47
N PRO RB 80 -61.80 -31.36 69.83
CA PRO RB 80 -60.78 -32.10 69.09
C PRO RB 80 -61.02 -33.59 69.30
N PHE RB 81 -60.65 -34.37 68.28
CA PHE RB 81 -60.90 -35.82 68.25
C PHE RB 81 -62.38 -36.12 68.40
N GLY RB 82 -63.20 -35.25 67.82
CA GLY RB 82 -64.62 -35.50 67.79
C GLY RB 82 -65.06 -36.22 66.55
N GLN RB 83 -64.31 -36.09 65.46
CA GLN RB 83 -64.67 -36.73 64.21
C GLN RB 83 -64.22 -38.17 64.14
N LEU RB 84 -63.53 -38.65 65.18
CA LEU RB 84 -63.03 -40.02 65.16
C LEU RB 84 -64.18 -41.02 65.21
N PHE RB 85 -65.19 -40.73 66.01
CA PHE RB 85 -66.27 -41.68 66.24
C PHE RB 85 -67.19 -41.79 65.04
N ARG RB 86 -67.81 -42.96 64.91
CA ARG RB 86 -68.83 -43.14 63.89
C ARG RB 86 -70.11 -42.47 64.33
N PRO RB 87 -70.77 -41.70 63.46
CA PRO RB 87 -72.03 -41.06 63.86
C PRO RB 87 -73.16 -42.03 64.12
N ASP RB 88 -73.10 -43.23 63.56
CA ASP RB 88 -74.14 -44.21 63.83
C ASP RB 88 -74.07 -44.69 65.27
N ASN RB 89 -72.88 -44.77 65.83
CA ASN RB 89 -72.71 -45.29 67.18
C ASN RB 89 -73.25 -44.37 68.25
N PHE RB 90 -73.61 -43.14 67.90
CA PHE RB 90 -74.30 -42.25 68.83
C PHE RB 90 -75.72 -42.74 69.00
N VAL RB 91 -76.20 -42.81 70.25
CA VAL RB 91 -77.61 -43.04 70.49
C VAL RB 91 -78.13 -42.00 71.46
N PHE RB 92 -79.19 -41.31 71.06
CA PHE RB 92 -79.65 -40.10 71.75
C PHE RB 92 -81.00 -40.35 72.39
N GLY RB 93 -81.25 -39.67 73.49
CA GLY RB 93 -82.59 -39.44 73.97
C GLY RB 93 -82.98 -38.00 73.75
N GLN RB 94 -84.25 -37.70 74.01
CA GLN RB 94 -84.75 -36.35 73.89
C GLN RB 94 -85.24 -35.77 75.21
N THR RB 95 -85.49 -36.60 76.21
CA THR RB 95 -86.07 -36.16 77.48
C THR RB 95 -85.02 -35.91 78.54
N GLY RB 96 -84.25 -36.95 78.89
CA GLY RB 96 -83.25 -36.80 79.91
C GLY RB 96 -83.75 -37.21 81.28
N ALA RB 97 -82.95 -37.99 82.01
CA ALA RB 97 -83.33 -38.48 83.32
C ALA RB 97 -82.82 -37.49 84.35
N GLY RB 98 -83.74 -36.81 85.01
CA GLY RB 98 -83.37 -35.76 85.93
C GLY RB 98 -82.85 -36.29 87.25
N ASN RB 99 -81.66 -36.88 87.21
CA ASN RB 99 -80.99 -37.45 88.38
C ASN RB 99 -81.86 -38.50 89.05
N ASN RB 100 -82.56 -39.28 88.24
CA ASN RB 100 -83.50 -40.28 88.74
C ASN RB 100 -83.14 -41.62 88.13
N TRP RB 101 -82.75 -42.55 88.99
CA TRP RB 101 -82.42 -43.90 88.57
C TRP RB 101 -83.63 -44.63 88.02
N ALA RB 102 -84.82 -44.27 88.49
CA ALA RB 102 -86.04 -44.95 88.05
C ALA RB 102 -86.31 -44.68 86.59
N LYS RB 103 -86.25 -43.43 86.18
CA LYS RB 103 -86.45 -43.14 84.76
C LYS RB 103 -85.19 -43.33 83.96
N GLY RB 104 -84.06 -43.63 84.61
CA GLY RB 104 -82.91 -44.09 83.87
C GLY RB 104 -82.99 -45.56 83.52
N HIS RB 105 -83.60 -46.35 84.39
CA HIS RB 105 -83.57 -47.80 84.28
C HIS RB 105 -84.92 -48.39 83.90
N TYR RB 106 -86.00 -47.99 84.55
CA TYR RB 106 -87.26 -48.69 84.33
C TYR RB 106 -88.07 -48.09 83.20
N THR RB 107 -88.29 -46.78 83.20
CA THR RB 107 -89.34 -46.20 82.39
C THR RB 107 -88.82 -45.59 81.09
N GLU RB 108 -87.96 -44.58 81.19
CA GLU RB 108 -87.51 -43.89 79.99
C GLU RB 108 -86.31 -44.58 79.35
N GLY RB 109 -85.49 -45.25 80.14
CA GLY RB 109 -84.35 -45.95 79.58
C GLY RB 109 -84.70 -47.23 78.86
N ALA RB 110 -85.94 -47.68 78.95
CA ALA RB 110 -86.35 -48.90 78.26
C ALA RB 110 -86.57 -48.68 76.76
N GLU RB 111 -87.08 -47.51 76.37
CA GLU RB 111 -87.32 -47.28 74.95
C GLU RB 111 -86.05 -47.06 74.17
N LEU RB 112 -84.95 -46.78 74.85
CA LEU RB 112 -83.68 -46.55 74.17
C LEU RB 112 -82.76 -47.75 74.25
N ILE RB 113 -82.95 -48.64 75.22
CA ILE RB 113 -82.02 -49.74 75.40
C ILE RB 113 -82.12 -50.76 74.28
N ASP RB 114 -83.21 -50.78 73.52
CA ASP RB 114 -83.29 -51.69 72.38
C ASP RB 114 -82.42 -51.20 71.25
N SER RB 115 -82.33 -49.89 71.05
CA SER RB 115 -81.47 -49.34 70.00
C SER RB 115 -80.00 -49.51 70.34
N VAL RB 116 -79.63 -49.30 71.61
CA VAL RB 116 -78.22 -49.40 71.96
C VAL RB 116 -77.80 -50.86 72.11
N LEU RB 117 -78.75 -51.75 72.40
CA LEU RB 117 -78.41 -53.16 72.32
C LEU RB 117 -78.20 -53.58 70.88
N ASP RB 118 -78.87 -52.93 69.95
CA ASP RB 118 -78.70 -53.27 68.55
C ASP RB 118 -77.31 -52.87 68.06
N VAL RB 119 -76.79 -51.75 68.53
CA VAL RB 119 -75.49 -51.32 68.04
C VAL RB 119 -74.38 -52.10 68.70
N VAL RB 120 -74.59 -52.59 69.92
CA VAL RB 120 -73.54 -53.35 70.58
C VAL RB 120 -73.51 -54.78 70.06
N ARG RB 121 -74.63 -55.26 69.52
CA ARG RB 121 -74.62 -56.59 68.89
C ARG RB 121 -73.90 -56.54 67.54
N LYS RB 122 -73.98 -55.40 66.87
CA LYS RB 122 -73.40 -55.30 65.53
C LYS RB 122 -71.87 -55.30 65.60
N GLU RB 123 -71.30 -54.55 66.54
CA GLU RB 123 -69.86 -54.39 66.58
C GLU RB 123 -69.18 -55.28 67.61
N ALA RB 124 -69.91 -56.18 68.26
CA ALA RB 124 -69.28 -57.24 69.01
C ALA RB 124 -69.32 -58.57 68.29
N GLU RB 125 -70.40 -58.86 67.57
CA GLU RB 125 -70.49 -60.09 66.80
C GLU RB 125 -69.66 -60.04 65.53
N GLY RB 126 -69.44 -58.86 64.97
CA GLY RB 126 -68.75 -58.76 63.70
C GLY RB 126 -67.26 -59.00 63.76
N CYS RB 127 -66.71 -59.13 64.96
CA CYS RB 127 -65.28 -59.33 65.12
C CYS RB 127 -64.96 -60.82 65.12
N ASP RB 128 -63.69 -61.15 65.38
CA ASP RB 128 -63.28 -62.54 65.44
C ASP RB 128 -63.70 -63.20 66.75
N CYS RB 129 -63.20 -62.71 67.88
CA CYS RB 129 -63.58 -63.22 69.19
C CYS RB 129 -63.24 -62.14 70.20
N LEU RB 130 -64.25 -61.47 70.74
CA LEU RB 130 -64.01 -60.38 71.67
C LEU RB 130 -63.54 -60.91 73.02
N GLN RB 131 -62.80 -60.07 73.73
CA GLN RB 131 -62.39 -60.42 75.08
C GLN RB 131 -63.42 -59.96 76.10
N GLY RB 132 -63.76 -58.68 76.08
CA GLY RB 132 -64.69 -58.19 77.07
C GLY RB 132 -65.20 -56.80 76.77
N PHE RB 133 -65.75 -56.19 77.80
CA PHE RB 133 -66.41 -54.90 77.70
C PHE RB 133 -65.79 -53.96 78.73
N GLN RB 134 -65.87 -52.67 78.43
CA GLN RB 134 -65.34 -51.62 79.30
C GLN RB 134 -66.36 -50.50 79.33
N ILE RB 135 -66.98 -50.30 80.48
CA ILE RB 135 -68.09 -49.37 80.63
C ILE RB 135 -67.64 -48.23 81.53
N THR RB 136 -67.91 -47.01 81.11
CA THR RB 136 -67.46 -45.82 81.83
C THR RB 136 -68.67 -44.96 82.12
N HIS RB 137 -68.89 -44.65 83.39
CA HIS RB 137 -70.09 -43.95 83.79
C HIS RB 137 -69.89 -43.40 85.21
N SER RB 138 -70.94 -42.80 85.74
CA SER RB 138 -70.97 -42.30 87.10
C SER RB 138 -72.09 -42.99 87.87
N LEU RB 139 -72.21 -42.65 89.14
CA LEU RB 139 -73.24 -43.22 89.97
C LEU RB 139 -74.19 -42.20 90.58
N GLY RB 140 -73.74 -40.96 90.77
CA GLY RB 140 -74.61 -39.95 91.36
C GLY RB 140 -75.78 -39.59 90.46
N GLY RB 141 -75.56 -39.61 89.15
CA GLY RB 141 -76.54 -39.14 88.20
C GLY RB 141 -77.55 -40.19 87.81
N GLY RB 142 -78.40 -39.83 86.86
CA GLY RB 142 -79.45 -40.71 86.43
C GLY RB 142 -79.14 -41.51 85.18
N THR RB 143 -78.66 -40.85 84.13
CA THR RB 143 -78.46 -41.52 82.86
C THR RB 143 -77.24 -42.41 82.86
N GLY RB 144 -76.23 -42.10 83.68
CA GLY RB 144 -75.05 -42.92 83.73
C GLY RB 144 -75.24 -44.10 84.67
N SER RB 145 -75.78 -43.82 85.85
CA SER RB 145 -76.01 -44.86 86.83
C SER RB 145 -77.14 -45.77 86.39
N GLY RB 146 -78.26 -45.20 85.96
CA GLY RB 146 -79.43 -46.01 85.70
C GLY RB 146 -79.36 -46.74 84.37
N MET RB 147 -79.31 -46.00 83.27
CA MET RB 147 -79.37 -46.63 81.96
C MET RB 147 -78.06 -47.31 81.62
N GLY RB 148 -76.96 -46.90 82.25
CA GLY RB 148 -75.71 -47.62 82.10
C GLY RB 148 -75.74 -48.98 82.74
N THR RB 149 -76.33 -49.08 83.94
CA THR RB 149 -76.37 -50.37 84.62
C THR RB 149 -77.40 -51.30 83.99
N LEU RB 150 -78.40 -50.73 83.33
CA LEU RB 150 -79.33 -51.55 82.55
C LEU RB 150 -78.60 -52.25 81.42
N LEU RB 151 -77.66 -51.55 80.79
CA LEU RB 151 -76.90 -52.17 79.71
C LEU RB 151 -75.97 -53.24 80.25
N ILE RB 152 -75.42 -53.04 81.45
CA ILE RB 152 -74.57 -54.05 82.07
C ILE RB 152 -75.37 -55.32 82.33
N SER RB 153 -76.60 -55.16 82.82
CA SER RB 153 -77.45 -56.31 83.08
C SER RB 153 -77.86 -56.99 81.79
N LYS RB 154 -78.07 -56.22 80.73
CA LYS RB 154 -78.50 -56.80 79.47
C LYS RB 154 -77.37 -57.55 78.78
N VAL RB 155 -76.17 -56.96 78.76
CA VAL RB 155 -75.07 -57.60 78.06
C VAL RB 155 -74.56 -58.82 78.81
N ARG RB 156 -74.59 -58.78 80.14
CA ARG RB 156 -74.16 -59.94 80.94
C ARG RB 156 -75.09 -61.13 80.72
N GLU RB 157 -76.35 -60.89 80.38
CA GLU RB 157 -77.22 -61.97 79.99
C GLU RB 157 -76.89 -62.48 78.60
N GLU RB 158 -76.55 -61.58 77.68
CA GLU RB 158 -76.28 -61.97 76.31
C GLU RB 158 -74.92 -62.64 76.17
N TYR RB 159 -73.87 -62.00 76.69
CA TYR RB 159 -72.53 -62.57 76.65
C TYR RB 159 -72.14 -62.98 78.05
N PRO RB 160 -72.22 -64.25 78.42
CA PRO RB 160 -72.06 -64.65 79.82
C PRO RB 160 -70.65 -65.06 80.22
N ASP RB 161 -69.67 -65.02 79.33
CA ASP RB 161 -68.32 -65.40 79.70
C ASP RB 161 -67.26 -64.34 79.43
N ARG RB 162 -67.60 -63.26 78.74
CA ARG RB 162 -66.64 -62.18 78.53
C ARG RB 162 -66.51 -61.34 79.79
N ILE RB 163 -65.33 -60.77 79.99
CA ILE RB 163 -65.06 -60.00 81.18
C ILE RB 163 -65.73 -58.63 81.05
N MET RB 164 -66.05 -58.02 82.18
CA MET RB 164 -66.88 -56.83 82.21
C MET RB 164 -66.32 -55.91 83.29
N GLU RB 165 -65.51 -54.94 82.92
CA GLU RB 165 -64.86 -54.10 83.91
C GLU RB 165 -65.31 -52.66 83.71
N THR RB 166 -65.47 -51.95 84.83
CA THR RB 166 -66.18 -50.68 84.86
C THR RB 166 -65.32 -49.61 85.52
N PHE RB 167 -65.22 -48.46 84.86
CA PHE RB 167 -64.49 -47.32 85.40
C PHE RB 167 -65.52 -46.36 85.98
N SER RB 168 -65.98 -46.66 87.19
CA SER RB 168 -67.14 -46.02 87.77
C SER RB 168 -66.74 -44.89 88.70
N VAL RB 169 -67.38 -43.74 88.54
CA VAL RB 169 -67.14 -42.59 89.41
C VAL RB 169 -68.16 -42.62 90.53
N PHE RB 170 -67.71 -42.97 91.72
CA PHE RB 170 -68.56 -43.07 92.88
C PHE RB 170 -68.95 -41.69 93.38
N PRO RB 171 -69.96 -41.61 94.24
CA PRO RB 171 -70.28 -40.34 94.90
C PRO RB 171 -69.12 -39.75 95.68
N SER RB 172 -69.27 -38.48 95.96
CA SER RB 172 -68.32 -37.65 96.66
C SER RB 172 -68.37 -37.89 98.16
N PRO RB 173 -67.23 -37.80 98.83
CA PRO RB 173 -67.25 -37.78 100.30
C PRO RB 173 -67.96 -36.59 100.92
N LYS RB 174 -67.51 -35.37 100.61
CA LYS RB 174 -67.91 -34.20 101.36
C LYS RB 174 -68.75 -33.23 100.55
N VAL RB 175 -68.23 -32.72 99.45
CA VAL RB 175 -68.88 -31.69 98.67
C VAL RB 175 -69.62 -32.36 97.52
N SER RB 176 -70.94 -32.23 97.50
CA SER RB 176 -71.77 -32.99 96.58
C SER RB 176 -72.94 -32.15 96.10
N ASP RB 177 -73.05 -31.98 94.78
CA ASP RB 177 -74.31 -31.55 94.20
C ASP RB 177 -75.06 -32.84 93.88
N THR RB 178 -76.23 -32.74 93.22
CA THR RB 178 -77.16 -33.86 93.00
C THR RB 178 -77.58 -34.47 94.34
N VAL RB 179 -78.42 -33.70 95.03
CA VAL RB 179 -78.79 -33.98 96.43
C VAL RB 179 -79.41 -35.36 96.61
N VAL RB 180 -80.10 -35.88 95.60
CA VAL RB 180 -80.51 -37.28 95.71
C VAL RB 180 -79.39 -38.13 95.13
N GLU RB 181 -78.31 -38.20 95.88
CA GLU RB 181 -77.14 -38.96 95.45
C GLU RB 181 -77.12 -40.40 95.96
N PRO RB 182 -77.33 -40.69 97.25
CA PRO RB 182 -77.19 -42.08 97.70
C PRO RB 182 -78.27 -43.00 97.19
N TYR RB 183 -79.42 -42.46 96.78
CA TYR RB 183 -80.44 -43.32 96.19
C TYR RB 183 -79.95 -43.93 94.88
N ASN RB 184 -79.35 -43.10 94.02
CA ASN RB 184 -78.84 -43.61 92.75
C ASN RB 184 -77.61 -44.48 92.96
N ALA RB 185 -76.80 -44.15 93.97
CA ALA RB 185 -75.58 -44.91 94.22
C ALA RB 185 -75.89 -46.31 94.72
N THR RB 186 -76.76 -46.42 95.73
CA THR RB 186 -77.03 -47.71 96.34
C THR RB 186 -77.72 -48.64 95.38
N LEU RB 187 -78.61 -48.10 94.54
CA LEU RB 187 -79.30 -48.93 93.57
C LEU RB 187 -78.37 -49.41 92.48
N SER RB 188 -77.38 -48.59 92.11
CA SER RB 188 -76.43 -49.02 91.11
C SER RB 188 -75.42 -50.00 91.68
N VAL RB 189 -75.12 -49.89 92.98
CA VAL RB 189 -74.11 -50.75 93.57
C VAL RB 189 -74.61 -52.18 93.66
N HIS RB 190 -75.85 -52.38 94.11
CA HIS RB 190 -76.31 -53.76 94.26
C HIS RB 190 -76.61 -54.40 92.92
N GLN RB 191 -76.74 -53.61 91.86
CA GLN RB 191 -76.83 -54.17 90.53
C GLN RB 191 -75.46 -54.34 89.89
N LEU RB 192 -74.46 -53.63 90.39
CA LEU RB 192 -73.11 -53.81 89.89
C LEU RB 192 -72.48 -55.08 90.44
N VAL RB 193 -72.83 -55.46 91.67
CA VAL RB 193 -72.19 -56.62 92.29
C VAL RB 193 -72.64 -57.91 91.66
N GLU RB 194 -73.75 -57.91 90.95
CA GLU RB 194 -74.29 -59.12 90.37
C GLU RB 194 -73.88 -59.34 88.91
N ASN RB 195 -73.35 -58.32 88.26
CA ASN RB 195 -73.13 -58.41 86.82
C ASN RB 195 -71.76 -57.96 86.36
N ALA RB 196 -71.00 -57.25 87.19
CA ALA RB 196 -69.73 -56.67 86.79
C ALA RB 196 -68.60 -57.48 87.42
N ASP RB 197 -67.69 -57.95 86.58
CA ASP RB 197 -66.58 -58.77 87.06
C ASP RB 197 -65.58 -57.92 87.81
N GLU RB 198 -65.27 -56.74 87.29
CA GLU RB 198 -64.34 -55.83 87.93
C GLU RB 198 -64.99 -54.45 87.98
N VAL RB 199 -64.83 -53.76 89.11
CA VAL RB 199 -65.27 -52.38 89.26
C VAL RB 199 -64.09 -51.58 89.78
N GLN RB 200 -63.78 -50.49 89.12
CA GLN RB 200 -62.65 -49.64 89.48
C GLN RB 200 -63.18 -48.28 89.89
N VAL RB 201 -62.95 -47.91 91.14
CA VAL RB 201 -63.63 -46.76 91.74
C VAL RB 201 -62.80 -45.51 91.55
N ILE RB 202 -63.49 -44.40 91.32
CA ILE RB 202 -62.92 -43.08 91.14
C ILE RB 202 -63.75 -42.09 91.96
N ASP RB 203 -63.08 -41.23 92.71
CA ASP RB 203 -63.73 -40.15 93.43
C ASP RB 203 -63.20 -38.82 92.95
N ASN RB 204 -64.06 -37.81 92.91
CA ASN RB 204 -63.61 -36.50 92.44
C ASN RB 204 -62.76 -35.80 93.48
N GLU RB 205 -63.13 -35.89 94.76
CA GLU RB 205 -62.26 -35.33 95.79
C GLU RB 205 -61.00 -36.13 95.98
N ALA RB 206 -60.93 -37.34 95.47
CA ALA RB 206 -59.64 -37.98 95.33
C ALA RB 206 -58.80 -37.29 94.26
N LEU RB 207 -59.41 -37.04 93.10
CA LEU RB 207 -58.68 -36.41 92.01
C LEU RB 207 -58.33 -34.97 92.31
N TYR RB 208 -59.20 -34.26 93.03
CA TYR RB 208 -58.86 -32.92 93.49
C TYR RB 208 -57.71 -32.98 94.48
N ASP RB 209 -57.63 -34.05 95.27
CA ASP RB 209 -56.57 -34.14 96.26
C ASP RB 209 -55.24 -34.47 95.59
N ILE RB 210 -55.26 -35.18 94.47
CA ILE RB 210 -54.03 -35.49 93.74
C ILE RB 210 -53.44 -34.21 93.16
N CYS RB 211 -54.28 -33.43 92.49
CA CYS RB 211 -53.80 -32.26 91.78
C CYS RB 211 -53.63 -31.03 92.66
N PHE RB 212 -53.77 -31.17 93.97
CA PHE RB 212 -53.47 -30.04 94.85
C PHE RB 212 -52.10 -30.17 95.50
N ARG RB 213 -51.67 -31.38 95.82
CA ARG RB 213 -50.33 -31.57 96.38
C ARG RB 213 -49.32 -32.00 95.33
N THR RB 214 -49.62 -33.08 94.61
CA THR RB 214 -48.63 -33.66 93.71
C THR RB 214 -48.44 -32.80 92.47
N LEU RB 215 -49.48 -32.66 91.66
CA LEU RB 215 -49.34 -31.95 90.41
C LEU RB 215 -49.31 -30.43 90.58
N LYS RB 216 -49.69 -29.93 91.76
CA LYS RB 216 -49.56 -28.53 92.13
C LYS RB 216 -50.36 -27.60 91.22
N LEU RB 217 -51.41 -28.11 90.59
CA LEU RB 217 -52.25 -27.26 89.76
C LEU RB 217 -53.13 -26.40 90.65
N THR RB 218 -53.07 -25.09 90.45
CA THR RB 218 -53.86 -24.19 91.28
C THR RB 218 -55.34 -24.24 90.89
N THR RB 219 -55.63 -24.25 89.59
CA THR RB 219 -56.99 -24.20 89.07
C THR RB 219 -57.23 -25.42 88.18
N PRO RB 220 -57.57 -26.55 88.76
CA PRO RB 220 -57.80 -27.75 87.95
C PRO RB 220 -59.20 -27.81 87.38
N THR RB 221 -59.30 -27.78 86.05
CA THR RB 221 -60.60 -27.91 85.40
C THR RB 221 -61.01 -29.37 85.34
N TYR RB 222 -62.14 -29.65 84.71
CA TYR RB 222 -62.56 -31.03 84.55
C TYR RB 222 -61.74 -31.77 83.53
N GLY RB 223 -61.08 -31.07 82.62
CA GLY RB 223 -60.28 -31.74 81.62
C GLY RB 223 -59.08 -32.45 82.20
N ASP RB 224 -58.37 -31.79 83.11
CA ASP RB 224 -57.16 -32.39 83.67
C ASP RB 224 -57.47 -33.50 84.67
N LEU RB 225 -58.67 -33.49 85.27
CA LEU RB 225 -59.07 -34.64 86.05
C LEU RB 225 -59.27 -35.86 85.17
N ASN RB 226 -59.87 -35.67 84.01
CA ASN RB 226 -60.07 -36.79 83.10
C ASN RB 226 -58.75 -37.26 82.50
N HIS RB 227 -57.81 -36.33 82.31
CA HIS RB 227 -56.50 -36.71 81.80
C HIS RB 227 -55.78 -37.57 82.82
N LEU RB 228 -56.03 -37.32 84.10
CA LEU RB 228 -55.44 -38.12 85.16
C LEU RB 228 -56.12 -39.48 85.25
N VAL RB 229 -57.44 -39.52 85.06
CA VAL RB 229 -58.16 -40.79 85.06
C VAL RB 229 -57.78 -41.60 83.84
N SER RB 230 -57.75 -40.97 82.67
CA SER RB 230 -57.47 -41.70 81.44
C SER RB 230 -56.02 -42.16 81.38
N ALA RB 231 -55.14 -41.56 82.18
CA ALA RB 231 -53.77 -42.05 82.26
C ALA RB 231 -53.71 -43.43 82.89
N ALA RB 232 -54.36 -43.60 84.04
CA ALA RB 232 -54.40 -44.91 84.67
C ALA RB 232 -55.41 -45.82 84.01
N MET RB 233 -56.30 -45.27 83.20
CA MET RB 233 -57.27 -46.07 82.48
C MET RB 233 -56.62 -46.81 81.33
N SER RB 234 -55.76 -46.15 80.58
CA SER RB 234 -55.07 -46.79 79.48
C SER RB 234 -53.95 -47.69 79.95
N GLY RB 235 -53.50 -47.55 81.19
CA GLY RB 235 -52.46 -48.42 81.69
C GLY RB 235 -52.94 -49.83 81.97
N VAL RB 236 -54.25 -50.01 82.14
CA VAL RB 236 -54.78 -51.34 82.42
C VAL RB 236 -54.64 -52.24 81.20
N THR RB 237 -54.63 -51.64 80.02
CA THR RB 237 -54.51 -52.38 78.77
C THR RB 237 -53.18 -52.12 78.09
N CYS RB 238 -52.10 -51.96 78.86
CA CYS RB 238 -50.78 -51.88 78.24
C CYS RB 238 -50.37 -53.22 77.67
N CYS RB 239 -50.68 -54.30 78.38
CA CYS RB 239 -50.25 -55.63 77.94
C CYS RB 239 -50.93 -56.05 76.66
N LEU RB 240 -52.15 -55.59 76.43
CA LEU RB 240 -52.89 -56.00 75.24
C LEU RB 240 -52.32 -55.36 73.98
N ARG RB 241 -52.01 -54.08 74.03
CA ARG RB 241 -51.66 -53.34 72.83
C ARG RB 241 -50.19 -53.43 72.48
N PHE RB 242 -49.32 -53.61 73.46
CA PHE RB 242 -47.89 -53.60 73.26
C PHE RB 242 -47.27 -54.85 73.86
N PRO RB 243 -46.20 -55.36 73.26
CA PRO RB 243 -45.54 -56.53 73.82
C PRO RB 243 -44.75 -56.20 75.07
N GLY RB 244 -44.47 -57.22 75.86
CA GLY RB 244 -43.73 -57.01 77.10
C GLY RB 244 -43.14 -58.30 77.60
N GLN RB 245 -42.26 -58.17 78.59
CA GLN RB 245 -41.59 -59.34 79.14
C GLN RB 245 -42.53 -60.21 79.94
N LEU RB 246 -43.54 -59.62 80.57
CA LEU RB 246 -44.51 -60.36 81.37
C LEU RB 246 -45.87 -59.75 81.12
N ASN RB 247 -46.70 -60.44 80.34
CA ASN RB 247 -47.97 -59.88 79.90
C ASN RB 247 -49.08 -60.21 80.88
N SER RB 248 -50.09 -59.35 80.92
CA SER RB 248 -51.20 -59.53 81.85
C SER RB 248 -52.41 -58.81 81.30
N ASP RB 249 -53.35 -59.56 80.72
CA ASP RB 249 -54.56 -58.95 80.19
C ASP RB 249 -55.61 -58.83 81.29
N LEU RB 250 -56.86 -58.60 80.92
CA LEU RB 250 -57.90 -58.36 81.91
C LEU RB 250 -58.26 -59.64 82.66
N ARG RB 251 -58.27 -60.78 81.98
CA ARG RB 251 -58.61 -62.02 82.67
C ARG RB 251 -57.47 -62.50 83.55
N LYS RB 252 -56.23 -62.20 83.17
CA LYS RB 252 -55.10 -62.28 84.11
C LYS RB 252 -55.41 -61.53 85.39
N LEU RB 253 -55.91 -60.31 85.25
CA LEU RB 253 -56.08 -59.44 86.39
C LEU RB 253 -57.24 -59.91 87.26
N ALA RB 254 -58.26 -60.49 86.66
CA ALA RB 254 -59.45 -60.85 87.41
C ALA RB 254 -59.19 -62.05 88.32
N VAL RB 255 -58.48 -63.06 87.82
CA VAL RB 255 -58.23 -64.25 88.60
C VAL RB 255 -57.19 -63.96 89.68
N ASN RB 256 -56.45 -62.87 89.52
CA ASN RB 256 -55.32 -62.62 90.37
C ASN RB 256 -55.67 -61.64 91.48
N LEU RB 257 -56.76 -60.90 91.32
CA LEU RB 257 -57.14 -59.89 92.29
C LEU RB 257 -58.39 -60.22 93.07
N ILE RB 258 -59.19 -61.19 92.63
CA ILE RB 258 -60.49 -61.46 93.21
C ILE RB 258 -60.41 -62.81 93.92
N PRO RB 259 -60.32 -62.83 95.24
CA PRO RB 259 -60.31 -64.12 95.96
C PRO RB 259 -61.68 -64.76 96.02
N PHE RB 260 -62.71 -63.95 96.23
CA PHE RB 260 -64.08 -64.42 96.39
C PHE RB 260 -65.01 -63.59 95.52
N PRO RB 261 -66.02 -64.22 94.93
CA PRO RB 261 -66.68 -63.60 93.77
C PRO RB 261 -67.44 -62.32 94.07
N ARG RB 262 -68.04 -62.20 95.25
CA ARG RB 262 -68.87 -61.03 95.50
C ARG RB 262 -68.04 -59.79 95.75
N LEU RB 263 -66.80 -59.97 96.20
CA LEU RB 263 -65.94 -58.84 96.54
C LEU RB 263 -65.00 -58.60 95.35
N HIS RB 264 -65.34 -57.62 94.54
CA HIS RB 264 -64.54 -57.26 93.38
C HIS RB 264 -64.50 -55.76 93.18
N PHE RB 265 -64.31 -55.01 94.25
CA PHE RB 265 -64.21 -53.55 94.15
C PHE RB 265 -62.78 -53.14 94.37
N PHE RB 266 -62.23 -52.41 93.41
CA PHE RB 266 -60.81 -52.16 93.34
C PHE RB 266 -60.50 -50.70 93.66
N LEU RB 267 -59.23 -50.35 93.50
CA LEU RB 267 -58.68 -49.10 93.97
C LEU RB 267 -57.55 -48.70 93.04
N ILE RB 268 -57.69 -47.59 92.34
CA ILE RB 268 -56.82 -47.25 91.22
C ILE RB 268 -55.80 -46.21 91.65
N GLY RB 269 -54.56 -46.41 91.24
CA GLY RB 269 -53.52 -45.44 91.47
C GLY RB 269 -52.57 -45.42 90.30
N PHE RB 270 -51.89 -44.29 90.14
CA PHE RB 270 -50.99 -44.08 89.02
C PHE RB 270 -49.75 -43.36 89.50
N ALA RB 271 -48.62 -43.66 88.85
CA ALA RB 271 -47.33 -43.06 89.18
C ALA RB 271 -46.48 -43.09 87.92
N PRO RB 272 -45.59 -42.11 87.72
CA PRO RB 272 -45.25 -40.96 88.55
C PRO RB 272 -46.18 -39.78 88.32
N LEU RB 273 -46.20 -38.85 89.28
CA LEU RB 273 -47.02 -37.66 89.17
C LEU RB 273 -46.22 -36.52 89.78
N THR RB 274 -45.65 -35.66 88.94
CA THR RB 274 -44.85 -34.53 89.40
C THR RB 274 -45.25 -33.26 88.68
N SER RB 275 -44.99 -32.13 89.32
CA SER RB 275 -45.30 -30.84 88.74
C SER RB 275 -44.33 -30.52 87.61
N ARG RB 276 -44.67 -29.49 86.85
CA ARG RB 276 -43.81 -29.10 85.74
C ARG RB 276 -42.51 -28.50 86.23
N GLY RB 277 -42.54 -27.84 87.39
CA GLY RB 277 -41.31 -27.26 87.91
C GLY RB 277 -40.31 -28.30 88.35
N SER RB 278 -40.75 -29.26 89.15
CA SER RB 278 -39.88 -30.32 89.64
C SER RB 278 -39.88 -31.53 88.72
N GLN RB 279 -40.17 -31.33 87.44
CA GLN RB 279 -40.18 -32.45 86.49
C GLN RB 279 -38.79 -33.02 86.30
N GLN RB 280 -37.79 -32.15 86.22
CA GLN RB 280 -36.46 -32.52 85.78
C GLN RB 280 -35.47 -32.72 86.92
N TYR RB 281 -35.92 -32.72 88.16
CA TYR RB 281 -35.01 -32.86 89.29
C TYR RB 281 -35.14 -34.21 90.00
N ARG RB 282 -35.81 -35.17 89.40
CA ARG RB 282 -36.09 -36.43 90.09
C ARG RB 282 -35.38 -37.59 89.39
N ALA RB 283 -35.10 -38.62 90.16
CA ALA RB 283 -34.47 -39.83 89.65
C ALA RB 283 -35.55 -40.86 89.46
N LEU RB 284 -35.93 -41.09 88.21
CA LEU RB 284 -37.04 -41.97 87.86
C LEU RB 284 -36.54 -43.41 87.88
N SER RB 285 -36.47 -43.99 89.07
CA SER RB 285 -36.04 -45.36 89.24
C SER RB 285 -37.13 -46.13 89.97
N VAL RB 286 -37.14 -47.44 89.80
CA VAL RB 286 -38.14 -48.30 90.42
C VAL RB 286 -38.16 -48.30 91.95
N PRO RB 287 -37.13 -47.88 92.71
CA PRO RB 287 -37.43 -47.51 94.10
C PRO RB 287 -38.38 -46.34 94.24
N GLU RB 288 -38.24 -45.31 93.42
CA GLU RB 288 -39.06 -44.12 93.58
C GLU RB 288 -40.49 -44.36 93.12
N LEU RB 289 -40.66 -45.11 92.03
CA LEU RB 289 -42.00 -45.39 91.53
C LEU RB 289 -42.80 -46.22 92.52
N THR RB 290 -42.17 -47.22 93.13
CA THR RB 290 -42.92 -48.11 94.01
C THR RB 290 -43.32 -47.42 95.30
N GLN RB 291 -42.47 -46.51 95.80
CA GLN RB 291 -42.88 -45.69 96.94
C GLN RB 291 -43.98 -44.72 96.56
N GLN RB 292 -44.01 -44.27 95.31
CA GLN RB 292 -45.03 -43.33 94.89
C GLN RB 292 -46.41 -43.98 94.85
N MET RB 293 -46.49 -45.22 94.37
CA MET RB 293 -47.79 -45.85 94.22
C MET RB 293 -48.24 -46.64 95.44
N PHE RB 294 -47.39 -46.88 96.43
CA PHE RB 294 -47.87 -47.30 97.75
C PHE RB 294 -47.82 -46.07 98.65
N ASP RB 295 -48.82 -45.22 98.49
CA ASP RB 295 -48.95 -44.09 99.39
C ASP RB 295 -50.43 -43.76 99.38
N ALA RB 296 -50.95 -43.38 100.56
CA ALA RB 296 -52.37 -43.16 100.68
C ALA RB 296 -52.81 -41.96 99.86
N LYS RB 297 -51.94 -40.98 99.71
CA LYS RB 297 -52.31 -39.75 99.02
C LYS RB 297 -52.10 -39.83 97.53
N ASN RB 298 -51.86 -41.03 96.98
CA ASN RB 298 -51.74 -41.22 95.54
C ASN RB 298 -52.90 -41.99 94.93
N MET RB 299 -53.85 -42.44 95.74
CA MET RB 299 -54.94 -43.24 95.22
C MET RB 299 -56.03 -42.36 94.64
N MET RB 300 -56.92 -42.98 93.87
CA MET RB 300 -58.08 -42.32 93.29
C MET RB 300 -59.36 -42.70 94.01
N CYS RB 301 -59.25 -43.05 95.28
CA CYS RB 301 -60.39 -43.06 96.19
C CYS RB 301 -59.96 -42.46 97.51
N ALA RB 302 -60.76 -41.54 98.03
CA ALA RB 302 -60.40 -40.87 99.27
C ALA RB 302 -60.80 -41.71 100.48
N SER RB 303 -60.42 -42.98 100.46
CA SER RB 303 -60.60 -43.89 101.57
C SER RB 303 -59.23 -44.39 101.97
N ASP RB 304 -58.94 -44.36 103.25
CA ASP RB 304 -57.57 -44.57 103.71
C ASP RB 304 -57.16 -46.02 103.58
N PRO RB 305 -56.16 -46.34 102.75
CA PRO RB 305 -55.68 -47.74 102.70
C PRO RB 305 -54.86 -48.14 103.90
N ARG RB 306 -54.48 -47.20 104.77
CA ARG RB 306 -53.88 -47.57 106.04
C ARG RB 306 -54.89 -47.99 107.08
N HIS RB 307 -56.18 -47.76 106.82
CA HIS RB 307 -57.23 -48.14 107.74
C HIS RB 307 -57.80 -49.51 107.42
N GLY RB 308 -57.18 -50.24 106.52
CA GLY RB 308 -57.61 -51.59 106.22
C GLY RB 308 -56.41 -52.44 105.85
N ARG RB 309 -56.67 -53.61 105.27
CA ARG RB 309 -55.62 -54.50 104.81
C ARG RB 309 -55.79 -54.75 103.33
N TYR RB 310 -54.70 -54.67 102.58
CA TYR RB 310 -54.72 -55.09 101.19
C TYR RB 310 -54.91 -56.59 101.14
N LEU RB 311 -56.03 -57.03 100.58
CA LEU RB 311 -56.23 -58.46 100.35
C LEU RB 311 -55.29 -58.95 99.26
N THR RB 312 -55.47 -58.44 98.05
CA THR RB 312 -54.56 -58.68 96.93
C THR RB 312 -54.41 -57.38 96.17
N ALA RB 313 -53.33 -57.27 95.41
CA ALA RB 313 -53.08 -56.07 94.62
C ALA RB 313 -52.20 -56.44 93.45
N SER RB 314 -52.08 -55.51 92.51
CA SER RB 314 -51.27 -55.76 91.33
C SER RB 314 -50.70 -54.45 90.81
N ALA RB 315 -49.47 -54.52 90.33
CA ALA RB 315 -48.82 -53.39 89.67
C ALA RB 315 -48.43 -53.80 88.27
N MET RB 316 -48.78 -52.98 87.29
CA MET RB 316 -48.49 -53.29 85.91
C MET RB 316 -47.52 -52.25 85.40
N PHE RB 317 -46.25 -52.59 85.38
CA PHE RB 317 -45.18 -51.67 85.06
C PHE RB 317 -45.06 -51.48 83.56
N ARG RB 318 -44.70 -50.27 83.16
CA ARG RB 318 -44.50 -49.93 81.76
C ARG RB 318 -43.12 -49.33 81.59
N GLY RB 319 -42.41 -49.75 80.55
CA GLY RB 319 -41.11 -49.20 80.24
C GLY RB 319 -39.99 -50.20 80.32
N ARG RB 320 -38.87 -49.89 79.68
CA ARG RB 320 -37.70 -50.78 79.71
C ARG RB 320 -37.07 -50.70 81.08
N MET RB 321 -37.08 -51.82 81.81
CA MET RB 321 -36.61 -51.81 83.18
C MET RB 321 -36.05 -53.19 83.50
N SER RB 322 -35.71 -53.40 84.77
CA SER RB 322 -35.02 -54.59 85.22
C SER RB 322 -35.99 -55.48 85.98
N THR RB 323 -36.10 -56.73 85.55
CA THR RB 323 -37.11 -57.59 86.15
C THR RB 323 -36.70 -58.02 87.55
N LYS RB 324 -35.41 -58.02 87.86
CA LYS RB 324 -35.00 -58.34 89.23
C LYS RB 324 -35.39 -57.23 90.17
N GLU RB 325 -35.09 -55.99 89.81
CA GLU RB 325 -35.28 -54.89 90.75
C GLU RB 325 -36.75 -54.52 90.85
N VAL RB 326 -37.57 -54.97 89.92
CA VAL RB 326 -39.00 -54.80 90.08
C VAL RB 326 -39.56 -55.96 90.89
N ASP RB 327 -38.83 -57.07 90.97
CA ASP RB 327 -39.32 -58.17 91.80
C ASP RB 327 -38.89 -58.00 93.24
N GLU RB 328 -37.68 -57.50 93.48
CA GLU RB 328 -37.21 -57.33 94.84
C GLU RB 328 -37.94 -56.19 95.54
N GLN RB 329 -38.17 -55.09 94.83
CA GLN RB 329 -38.85 -53.95 95.42
C GLN RB 329 -40.30 -54.27 95.77
N MET RB 330 -40.97 -55.01 94.91
CA MET RB 330 -42.34 -55.38 95.17
C MET RB 330 -42.45 -56.48 96.22
N LEU RB 331 -41.33 -57.07 96.62
CA LEU RB 331 -41.31 -57.83 97.86
C LEU RB 331 -40.76 -56.99 99.00
N ASN RB 332 -40.06 -55.91 98.69
CA ASN RB 332 -39.57 -55.02 99.73
C ASN RB 332 -40.71 -54.31 100.41
N VAL RB 333 -41.79 -54.04 99.67
CA VAL RB 333 -42.95 -53.38 100.26
C VAL RB 333 -43.67 -54.32 101.22
N GLN RB 334 -43.67 -55.63 100.93
CA GLN RB 334 -44.37 -56.56 101.80
C GLN RB 334 -43.60 -56.82 103.07
N ASN RB 335 -42.26 -56.73 103.03
CA ASN RB 335 -41.47 -57.06 104.21
C ASN RB 335 -41.63 -56.03 105.32
N LYS RB 336 -41.65 -54.73 104.98
CA LYS RB 336 -41.94 -53.74 106.02
C LYS RB 336 -43.43 -53.59 106.28
N ASN RB 337 -44.24 -53.49 105.24
CA ASN RB 337 -45.66 -53.23 105.46
C ASN RB 337 -46.45 -54.50 105.67
N SER RB 338 -46.00 -55.38 106.58
CA SER RB 338 -46.70 -56.64 106.76
C SER RB 338 -48.02 -56.44 107.48
N SER RB 339 -48.09 -55.45 108.37
CA SER RB 339 -49.33 -55.17 109.07
C SER RB 339 -50.37 -54.49 108.19
N TYR RB 340 -49.99 -54.04 107.00
CA TYR RB 340 -50.97 -53.47 106.08
C TYR RB 340 -51.54 -54.50 105.13
N PHE RB 341 -51.03 -55.72 105.11
CA PHE RB 341 -51.53 -56.77 104.23
C PHE RB 341 -52.26 -57.82 105.05
N VAL RB 342 -52.66 -58.89 104.37
CA VAL RB 342 -53.38 -59.99 104.99
C VAL RB 342 -52.44 -61.19 105.02
N GLU RB 343 -52.68 -62.11 105.96
CA GLU RB 343 -51.69 -63.13 106.25
C GLU RB 343 -51.96 -64.46 105.55
N TRP RB 344 -53.21 -64.80 105.28
CA TRP RB 344 -53.48 -66.13 104.73
C TRP RB 344 -53.25 -66.20 103.23
N ILE RB 345 -52.87 -65.11 102.57
CA ILE RB 345 -52.48 -65.11 101.17
C ILE RB 345 -50.99 -64.79 101.10
N PRO RB 346 -50.15 -65.73 100.69
CA PRO RB 346 -48.73 -65.42 100.51
C PRO RB 346 -48.48 -64.66 99.21
N ASN RB 347 -47.69 -63.59 99.31
CA ASN RB 347 -47.24 -62.78 98.17
C ASN RB 347 -48.44 -62.22 97.39
N ASN RB 348 -49.11 -61.27 98.06
CA ASN RB 348 -50.31 -60.59 97.60
C ASN RB 348 -50.17 -59.88 96.25
N MET RB 349 -48.98 -59.75 95.69
CA MET RB 349 -48.69 -58.68 94.74
C MET RB 349 -48.31 -59.24 93.37
N LYS RB 350 -48.62 -58.50 92.30
CA LYS RB 350 -48.44 -59.01 90.94
C LYS RB 350 -47.53 -58.09 90.16
N SER RB 351 -46.64 -58.68 89.38
CA SER RB 351 -45.76 -57.92 88.52
C SER RB 351 -46.07 -58.23 87.07
N SER RB 352 -46.07 -57.20 86.24
CA SER RB 352 -46.18 -57.35 84.80
C SER RB 352 -45.52 -56.16 84.14
N VAL RB 353 -44.83 -56.41 83.04
CA VAL RB 353 -43.98 -55.42 82.41
C VAL RB 353 -44.44 -55.21 80.97
N CYS RB 354 -44.66 -53.95 80.60
CA CYS RB 354 -44.85 -53.56 79.21
C CYS RB 354 -43.64 -52.76 78.73
N ASP RB 355 -43.18 -53.07 77.53
CA ASP RB 355 -41.94 -52.50 77.02
C ASP RB 355 -42.13 -51.12 76.39
N ILE RB 356 -43.34 -50.63 76.29
CA ILE RB 356 -43.62 -49.34 75.68
C ILE RB 356 -44.19 -48.42 76.76
N PRO RB 357 -43.37 -47.55 77.33
CA PRO RB 357 -43.86 -46.63 78.36
C PRO RB 357 -44.76 -45.58 77.75
N PRO RB 358 -45.61 -44.93 78.53
CA PRO RB 358 -46.49 -43.91 77.98
C PRO RB 358 -45.72 -42.68 77.51
N LYS RB 359 -46.44 -41.87 76.76
CA LYS RB 359 -45.82 -40.88 75.88
C LYS RB 359 -45.16 -39.78 76.71
N GLY RB 360 -43.91 -39.48 76.41
CA GLY RB 360 -43.23 -38.39 77.06
C GLY RB 360 -42.66 -38.70 78.42
N LEU RB 361 -42.82 -39.92 78.91
CA LEU RB 361 -42.20 -40.40 80.11
C LEU RB 361 -41.16 -41.44 79.71
N LYS RB 362 -40.56 -42.10 80.69
CA LYS RB 362 -39.78 -43.28 80.36
C LYS RB 362 -40.08 -44.48 81.22
N MET RB 363 -40.87 -44.33 82.28
CA MET RB 363 -41.18 -45.44 83.15
C MET RB 363 -42.45 -45.11 83.91
N SER RB 364 -43.36 -46.08 84.01
CA SER RB 364 -44.66 -45.83 84.62
C SER RB 364 -45.18 -47.10 85.26
N VAL RB 365 -46.13 -46.92 86.16
CA VAL RB 365 -46.77 -48.03 86.86
C VAL RB 365 -48.19 -47.62 87.22
N THR RB 366 -49.14 -48.53 87.01
CA THR RB 366 -50.49 -48.33 87.47
C THR RB 366 -50.79 -49.36 88.56
N PHE RB 367 -51.46 -48.93 89.62
CA PHE RB 367 -51.71 -49.80 90.75
C PHE RB 367 -53.21 -50.01 90.88
N VAL RB 368 -53.63 -51.26 90.84
CA VAL RB 368 -55.01 -51.64 91.11
C VAL RB 368 -54.99 -52.70 92.20
N GLY RB 369 -55.76 -52.45 93.26
CA GLY RB 369 -55.69 -53.30 94.43
C GLY RB 369 -57.03 -53.55 95.08
N ASN RB 370 -57.27 -54.79 95.46
CA ASN RB 370 -58.51 -55.17 96.12
C ASN RB 370 -58.29 -54.99 97.62
N SER RB 371 -58.75 -53.88 98.15
CA SER RB 371 -58.49 -53.53 99.54
C SER RB 371 -59.78 -53.57 100.34
N THR RB 372 -59.67 -54.06 101.57
CA THR RB 372 -60.82 -54.07 102.46
C THR RB 372 -61.04 -52.71 103.11
N ALA RB 373 -60.14 -51.75 102.87
CA ALA RB 373 -60.33 -50.39 103.32
C ALA RB 373 -61.38 -49.65 102.50
N ILE RB 374 -61.88 -50.27 101.42
CA ILE RB 374 -62.97 -49.69 100.64
C ILE RB 374 -64.30 -49.77 101.35
N GLN RB 375 -64.36 -50.45 102.49
CA GLN RB 375 -65.59 -50.51 103.27
C GLN RB 375 -65.95 -49.17 103.91
N GLU RB 376 -65.02 -48.23 103.99
CA GLU RB 376 -65.38 -46.90 104.46
C GLU RB 376 -66.25 -46.18 103.44
N MET RB 377 -66.10 -46.53 102.16
CA MET RB 377 -67.01 -46.00 101.15
C MET RB 377 -68.43 -46.49 101.36
N PHE RB 378 -68.61 -47.79 101.46
CA PHE RB 378 -69.97 -48.33 101.43
C PHE RB 378 -70.70 -48.07 102.74
N LYS RB 379 -69.98 -47.91 103.84
CA LYS RB 379 -70.62 -47.45 105.06
C LYS RB 379 -71.11 -46.02 104.92
N ARG RB 380 -70.32 -45.18 104.26
CA ARG RB 380 -70.64 -43.77 104.06
C ARG RB 380 -71.88 -43.60 103.21
N VAL RB 381 -72.01 -44.40 102.15
CA VAL RB 381 -73.21 -44.32 101.33
C VAL RB 381 -74.40 -44.94 102.05
N SER RB 382 -74.16 -45.99 102.84
CA SER RB 382 -75.26 -46.67 103.50
C SER RB 382 -75.89 -45.82 104.60
N ASP RB 383 -75.07 -45.16 105.42
CA ASP RB 383 -75.66 -44.34 106.47
C ASP RB 383 -76.32 -43.09 105.94
N GLN RB 384 -75.87 -42.57 104.80
CA GLN RB 384 -76.62 -41.53 104.11
C GLN RB 384 -77.91 -42.09 103.55
N PHE RB 385 -77.87 -43.33 103.06
CA PHE RB 385 -79.08 -43.97 102.57
C PHE RB 385 -80.06 -44.23 103.69
N THR RB 386 -79.57 -44.69 104.84
CA THR RB 386 -80.44 -45.00 105.96
C THR RB 386 -81.12 -43.76 106.50
N ALA RB 387 -80.39 -42.65 106.58
CA ALA RB 387 -80.96 -41.40 107.10
C ALA RB 387 -82.06 -40.89 106.19
N MET RB 388 -81.88 -41.02 104.88
CA MET RB 388 -82.88 -40.53 103.95
C MET RB 388 -84.00 -41.53 103.70
N PHE RB 389 -83.90 -42.75 104.22
CA PHE RB 389 -84.92 -43.74 103.97
C PHE RB 389 -85.85 -43.96 105.15
N ARG RB 390 -85.40 -43.68 106.37
CA ARG RB 390 -86.30 -43.74 107.51
C ARG RB 390 -87.39 -42.68 107.40
N ARG RB 391 -87.04 -41.49 106.92
CA ARG RB 391 -88.02 -40.43 106.80
C ARG RB 391 -88.81 -40.51 105.50
N LYS RB 392 -88.55 -41.55 104.68
CA LYS RB 392 -89.23 -41.78 103.40
C LYS RB 392 -89.06 -40.60 102.46
N ALA RB 393 -87.95 -39.88 102.58
CA ALA RB 393 -87.72 -38.69 101.79
C ALA RB 393 -87.38 -39.05 100.36
N PHE RB 394 -87.86 -38.23 99.43
CA PHE RB 394 -87.58 -38.29 98.00
C PHE RB 394 -88.02 -39.59 97.35
N LEU RB 395 -88.77 -40.43 98.04
CA LEU RB 395 -89.20 -41.69 97.43
C LEU RB 395 -90.26 -41.49 96.37
N HIS RB 396 -90.97 -40.36 96.40
CA HIS RB 396 -92.15 -40.25 95.56
C HIS RB 396 -91.79 -39.98 94.12
N TRP RB 397 -90.54 -39.59 93.84
CA TRP RB 397 -90.11 -39.56 92.45
C TRP RB 397 -89.79 -40.94 91.93
N TYR RB 398 -89.49 -41.88 92.84
CA TYR RB 398 -89.14 -43.24 92.46
C TYR RB 398 -90.34 -44.16 92.44
N THR RB 399 -91.19 -44.06 93.46
CA THR RB 399 -92.42 -44.84 93.49
C THR RB 399 -93.38 -44.36 92.41
N GLY RB 400 -93.34 -43.07 92.08
CA GLY RB 400 -94.22 -42.55 91.06
C GLY RB 400 -93.92 -43.09 89.67
N GLU RB 401 -92.65 -43.38 89.39
CA GLU RB 401 -92.30 -43.81 88.04
C GLU RB 401 -92.66 -45.27 87.83
N GLY RB 402 -92.81 -46.05 88.90
CA GLY RB 402 -93.13 -47.45 88.74
C GLY RB 402 -92.14 -48.38 89.39
N MET RB 403 -91.48 -47.90 90.42
CA MET RB 403 -90.54 -48.67 91.20
C MET RB 403 -91.11 -48.95 92.58
N ASP RB 404 -90.93 -50.17 93.06
CA ASP RB 404 -91.55 -50.53 94.32
C ASP RB 404 -90.67 -50.14 95.50
N GLU RB 405 -91.28 -50.14 96.69
CA GLU RB 405 -90.57 -49.82 97.92
C GLU RB 405 -89.63 -50.93 98.35
N MET RB 406 -89.88 -52.17 97.94
CA MET RB 406 -89.20 -53.31 98.53
C MET RB 406 -87.73 -53.39 98.13
N GLU RB 407 -87.39 -53.02 96.90
CA GLU RB 407 -85.99 -53.15 96.46
C GLU RB 407 -85.09 -52.11 97.09
N PHE RB 408 -85.66 -51.05 97.68
CA PHE RB 408 -84.85 -50.16 98.51
C PHE RB 408 -84.35 -50.89 99.74
N THR RB 409 -85.19 -51.72 100.36
CA THR RB 409 -84.71 -52.56 101.44
C THR RB 409 -83.76 -53.62 100.93
N GLU RB 410 -84.01 -54.14 99.72
CA GLU RB 410 -83.13 -55.16 99.15
C GLU RB 410 -81.75 -54.60 98.86
N ALA RB 411 -81.68 -53.38 98.34
CA ALA RB 411 -80.39 -52.75 98.08
C ALA RB 411 -79.63 -52.50 99.36
N GLU RB 412 -80.32 -52.10 100.42
CA GLU RB 412 -79.66 -51.88 101.69
C GLU RB 412 -79.23 -53.19 102.32
N SER RB 413 -79.99 -54.27 102.08
CA SER RB 413 -79.57 -55.57 102.58
C SER RB 413 -78.35 -56.08 101.85
N ASN RB 414 -78.17 -55.66 100.59
CA ASN RB 414 -77.04 -56.13 99.80
C ASN RB 414 -75.74 -55.44 100.23
N MET RB 415 -75.78 -54.12 100.46
CA MET RB 415 -74.55 -53.42 100.80
C MET RB 415 -74.14 -53.64 102.25
N ASN RB 416 -75.09 -53.84 103.15
CA ASN RB 416 -74.72 -54.21 104.50
C ASN RB 416 -74.07 -55.59 104.53
N ASP RB 417 -74.53 -56.51 103.68
CA ASP RB 417 -73.84 -57.78 103.52
C ASP RB 417 -72.50 -57.60 102.82
N LEU RB 418 -72.41 -56.63 101.91
CA LEU RB 418 -71.13 -56.34 101.28
C LEU RB 418 -70.15 -55.72 102.27
N VAL RB 419 -70.63 -54.83 103.14
CA VAL RB 419 -69.77 -54.26 104.17
C VAL RB 419 -69.33 -55.33 105.15
N SER RB 420 -70.25 -56.20 105.57
CA SER RB 420 -69.93 -57.23 106.54
C SER RB 420 -68.97 -58.25 105.97
N GLU RB 421 -69.08 -58.55 104.67
CA GLU RB 421 -68.20 -59.53 104.08
C GLU RB 421 -66.77 -59.02 104.02
N TYR RB 422 -66.60 -57.71 103.81
CA TYR RB 422 -65.26 -57.13 103.87
C TYR RB 422 -64.75 -57.08 105.30
N GLN RB 423 -65.66 -56.96 106.27
CA GLN RB 423 -65.24 -56.81 107.66
C GLN RB 423 -64.72 -58.11 108.24
N GLN RB 424 -65.16 -59.25 107.71
CA GLN RB 424 -64.65 -60.54 108.18
C GLN RB 424 -63.16 -60.69 107.90
N TYR RB 425 -62.68 -60.03 106.85
CA TYR RB 425 -61.34 -60.28 106.34
C TYR RB 425 -60.33 -59.25 106.79
N GLN RB 426 -60.73 -58.36 107.68
CA GLN RB 426 -59.78 -57.43 108.26
C GLN RB 426 -59.27 -58.02 109.57
N MET SB 1 60.34 -132.83 86.71
CA MET SB 1 61.25 -133.80 87.30
C MET SB 1 62.17 -133.16 88.32
N ARG SB 2 62.90 -132.12 87.90
CA ARG SB 2 63.87 -131.42 88.73
C ARG SB 2 63.58 -129.92 88.61
N GLU SB 3 62.70 -129.41 89.47
CA GLU SB 3 62.16 -128.07 89.30
C GLU SB 3 61.89 -127.47 90.67
N VAL SB 4 61.60 -126.17 90.67
CA VAL SB 4 61.25 -125.45 91.88
C VAL SB 4 60.08 -124.54 91.58
N ILE SB 5 59.13 -124.49 92.51
CA ILE SB 5 57.91 -123.69 92.36
C ILE SB 5 58.15 -122.35 93.05
N SER SB 6 58.02 -121.26 92.28
CA SER SB 6 58.24 -119.92 92.79
C SER SB 6 56.89 -119.29 93.11
N ILE SB 7 56.83 -118.51 94.18
CA ILE SB 7 55.61 -117.87 94.62
C ILE SB 7 55.88 -116.38 94.83
N HIS SB 8 55.07 -115.54 94.21
CA HIS SB 8 55.13 -114.10 94.44
C HIS SB 8 53.85 -113.67 95.16
N VAL SB 9 54.01 -113.07 96.32
CA VAL SB 9 52.90 -112.63 97.15
C VAL SB 9 53.20 -111.21 97.61
N GLY SB 10 52.25 -110.31 97.38
CA GLY SB 10 52.47 -108.91 97.67
C GLY SB 10 53.09 -108.17 96.51
N GLN SB 11 52.93 -106.85 96.51
CA GLN SB 11 53.37 -106.04 95.38
C GLN SB 11 54.88 -106.06 95.22
N ALA SB 12 55.61 -106.05 96.33
CA ALA SB 12 57.07 -106.11 96.25
C ALA SB 12 57.52 -107.44 95.66
N GLY SB 13 56.83 -108.52 96.02
CA GLY SB 13 57.11 -109.80 95.40
C GLY SB 13 56.73 -109.81 93.92
N ILE SB 14 55.66 -109.10 93.57
CA ILE SB 14 55.16 -109.16 92.20
C ILE SB 14 56.11 -108.46 91.25
N GLN SB 15 56.51 -107.23 91.57
CA GLN SB 15 57.31 -106.49 90.59
C GLN SB 15 58.80 -106.78 90.72
N ILE SB 16 59.23 -107.44 91.78
CA ILE SB 16 60.50 -108.17 91.70
C ILE SB 16 60.34 -109.36 90.78
N GLY SB 17 59.18 -110.02 90.86
CA GLY SB 17 58.97 -111.24 90.09
C GLY SB 17 58.93 -111.02 88.60
N ASN SB 18 58.29 -109.93 88.16
CA ASN SB 18 58.29 -109.67 86.73
C ASN SB 18 59.65 -109.17 86.27
N ALA SB 19 60.47 -108.69 87.19
CA ALA SB 19 61.85 -108.37 86.85
C ALA SB 19 62.71 -109.62 86.78
N CYS SB 20 62.47 -110.58 87.67
CA CYS SB 20 63.28 -111.79 87.65
C CYS SB 20 62.86 -112.72 86.52
N TRP SB 21 61.57 -112.72 86.19
CA TRP SB 21 61.12 -113.61 85.13
C TRP SB 21 61.51 -113.10 83.75
N GLU SB 22 61.65 -111.79 83.57
CA GLU SB 22 62.13 -111.30 82.29
C GLU SB 22 63.62 -111.56 82.14
N LEU SB 23 64.33 -111.65 83.26
CA LEU SB 23 65.74 -112.06 83.20
C LEU SB 23 65.86 -113.56 82.95
N PHE SB 24 65.02 -114.36 83.61
CA PHE SB 24 65.09 -115.82 83.45
C PHE SB 24 64.72 -116.23 82.04
N CYS SB 25 63.73 -115.56 81.45
CA CYS SB 25 63.38 -115.85 80.07
C CYS SB 25 64.52 -115.47 79.13
N LEU SB 26 65.20 -114.36 79.42
CA LEU SB 26 66.15 -113.82 78.47
C LEU SB 26 67.44 -114.62 78.47
N GLU SB 27 67.84 -115.15 79.62
CA GLU SB 27 69.01 -116.02 79.66
C GLU SB 27 68.72 -117.36 78.99
N HIS SB 28 67.48 -117.84 79.08
CA HIS SB 28 67.14 -119.09 78.43
C HIS SB 28 66.77 -118.92 76.97
N GLY SB 29 66.77 -117.69 76.46
CA GLY SB 29 66.50 -117.48 75.06
C GLY SB 29 65.06 -117.71 74.65
N ILE SB 30 64.13 -117.55 75.57
CA ILE SB 30 62.72 -117.69 75.22
C ILE SB 30 62.09 -116.30 75.19
N GLN SB 31 61.13 -116.15 74.31
CA GLN SB 31 60.53 -114.86 74.01
C GLN SB 31 59.49 -114.52 75.06
N PRO SB 32 58.94 -113.30 75.02
CA PRO SB 32 57.73 -113.03 75.82
C PRO SB 32 56.58 -113.95 75.51
N ASP SB 33 56.48 -114.46 74.28
CA ASP SB 33 55.46 -115.44 73.96
C ASP SB 33 55.69 -116.73 74.74
N GLY SB 34 56.95 -117.16 74.83
CA GLY SB 34 57.26 -118.32 75.63
C GLY SB 34 57.82 -119.49 74.84
N GLN SB 35 58.36 -119.22 73.64
CA GLN SB 35 58.92 -120.26 72.80
C GLN SB 35 60.22 -119.79 72.17
N MET SB 36 61.20 -120.70 72.04
CA MET SB 36 62.43 -120.29 71.38
C MET SB 36 62.26 -120.29 69.88
N PRO SB 37 63.02 -119.44 69.16
CA PRO SB 37 62.97 -119.48 67.70
C PRO SB 37 63.85 -120.57 67.13
N ASP SB 47 67.75 -129.41 77.58
CA ASP SB 47 66.75 -129.44 78.64
C ASP SB 47 67.16 -128.53 79.78
N ALA SB 48 67.79 -127.40 79.43
CA ALA SB 48 68.24 -126.47 80.45
C ALA SB 48 67.10 -125.68 81.05
N PHE SB 49 65.96 -125.58 80.36
CA PHE SB 49 64.87 -124.76 80.82
C PHE SB 49 63.96 -125.46 81.81
N ASN SB 50 64.22 -126.73 82.12
CA ASN SB 50 63.25 -127.51 82.87
C ASN SB 50 63.17 -127.11 84.34
N THR SB 51 64.17 -126.40 84.86
CA THR SB 51 64.14 -126.07 86.28
C THR SB 51 63.19 -124.92 86.59
N PHE SB 52 62.86 -124.09 85.61
CA PHE SB 52 62.00 -122.94 85.82
C PHE SB 52 60.76 -122.90 84.93
N PHE SB 53 60.62 -123.82 84.00
CA PHE SB 53 59.50 -123.78 83.08
C PHE SB 53 58.94 -125.18 82.88
N SER SB 54 57.63 -125.25 82.72
CA SER SB 54 57.03 -126.45 82.17
C SER SB 54 57.06 -126.35 80.66
N GLU SB 55 56.68 -127.41 79.98
CA GLU SB 55 56.53 -127.40 78.54
C GLU SB 55 55.05 -127.42 78.23
N THR SB 56 54.59 -126.44 77.46
CA THR SB 56 53.18 -126.30 77.13
C THR SB 56 52.98 -126.63 75.66
N GLY SB 57 52.09 -127.58 75.39
CA GLY SB 57 51.76 -127.96 74.03
C GLY SB 57 52.94 -128.50 73.25
N ALA SB 58 53.35 -127.76 72.23
CA ALA SB 58 54.47 -128.14 71.38
C ALA SB 58 55.39 -126.92 71.22
N GLY SB 59 56.49 -126.92 71.95
CA GLY SB 59 57.51 -125.92 71.79
C GLY SB 59 57.44 -124.71 72.70
N LYS SB 60 56.39 -124.58 73.52
CA LYS SB 60 56.30 -123.41 74.37
C LYS SB 60 56.90 -123.66 75.73
N HIS SB 61 56.70 -122.68 76.62
CA HIS SB 61 56.96 -122.82 78.04
C HIS SB 61 55.94 -121.99 78.80
N VAL SB 62 55.65 -122.39 80.02
CA VAL SB 62 54.96 -121.52 80.96
C VAL SB 62 55.80 -121.48 82.22
N PRO SB 63 55.91 -120.33 82.88
CA PRO SB 63 56.67 -120.28 84.13
C PRO SB 63 56.03 -121.11 85.21
N ARG SB 64 56.88 -121.64 86.09
CA ARG SB 64 56.41 -122.35 87.27
C ARG SB 64 56.32 -121.34 88.42
N CYS SB 65 55.31 -120.48 88.32
CA CYS SB 65 55.13 -119.40 89.27
C CYS SB 65 53.64 -119.16 89.48
N VAL SB 66 53.32 -118.53 90.60
CA VAL SB 66 51.96 -118.08 90.89
C VAL SB 66 52.02 -116.61 91.26
N PHE SB 67 51.04 -115.85 90.80
CA PHE SB 67 50.93 -114.44 91.11
C PHE SB 67 49.75 -114.26 92.05
N LEU SB 68 50.03 -113.83 93.27
CA LEU SB 68 49.02 -113.75 94.32
C LEU SB 68 49.05 -112.37 94.93
N ASP SB 69 47.97 -111.61 94.73
CA ASP SB 69 47.81 -110.35 95.42
C ASP SB 69 46.33 -110.07 95.53
N LEU SB 70 45.97 -109.26 96.53
CA LEU SB 70 44.57 -108.96 96.81
C LEU SB 70 44.09 -107.74 96.04
N GLU SB 71 44.87 -106.69 95.98
CA GLU SB 71 44.45 -105.63 95.07
C GLU SB 71 44.76 -106.05 93.63
N PRO SB 72 43.87 -105.75 92.69
CA PRO SB 72 44.12 -106.19 91.32
C PRO SB 72 45.05 -105.27 90.55
N THR SB 73 45.33 -104.08 91.06
CA THR SB 73 45.92 -103.01 90.26
C THR SB 73 47.37 -103.27 89.87
N VAL SB 74 48.05 -104.23 90.48
CA VAL SB 74 49.41 -104.54 90.07
C VAL SB 74 49.50 -105.83 89.28
N VAL SB 75 48.55 -106.74 89.44
CA VAL SB 75 48.59 -107.99 88.70
C VAL SB 75 47.75 -107.93 87.43
N ASP SB 76 46.74 -107.06 87.37
CA ASP SB 76 46.02 -106.90 86.10
C ASP SB 76 46.87 -106.17 85.08
N GLU SB 77 47.78 -105.33 85.54
CA GLU SB 77 48.61 -104.57 84.62
C GLU SB 77 49.63 -105.50 83.97
N VAL SB 78 50.02 -106.55 84.67
CA VAL SB 78 50.79 -107.64 84.05
C VAL SB 78 49.94 -108.34 83.00
N ARG SB 79 48.65 -108.50 83.27
CA ARG SB 79 47.75 -109.13 82.30
C ARG SB 79 47.58 -108.30 81.05
N THR SB 80 47.89 -107.00 81.10
CA THR SB 80 47.75 -106.12 79.96
C THR SB 80 49.09 -105.63 79.43
N GLY SB 81 50.19 -106.00 80.05
CA GLY SB 81 51.50 -105.56 79.62
C GLY SB 81 52.00 -106.32 78.41
N THR SB 82 53.33 -106.47 78.32
CA THR SB 82 53.91 -107.25 77.24
C THR SB 82 54.11 -108.71 77.61
N TYR SB 83 54.04 -109.05 78.89
CA TYR SB 83 54.13 -110.45 79.31
C TYR SB 83 52.74 -111.02 79.54
N ARG SB 84 51.92 -110.92 78.49
CA ARG SB 84 50.55 -111.42 78.57
C ARG SB 84 50.51 -112.92 78.47
N HIS SB 85 50.92 -113.45 77.33
CA HIS SB 85 50.73 -114.86 77.05
C HIS SB 85 51.84 -115.72 77.63
N LEU SB 86 52.81 -115.12 78.29
CA LEU SB 86 53.82 -115.92 78.96
C LEU SB 86 53.22 -116.70 80.11
N PHE SB 87 52.50 -116.01 80.99
CA PHE SB 87 51.96 -116.64 82.18
C PHE SB 87 50.66 -117.35 81.87
N HIS SB 88 50.48 -118.49 82.50
CA HIS SB 88 49.22 -119.18 82.45
C HIS SB 88 48.17 -118.35 83.19
N PRO SB 89 47.00 -118.13 82.59
CA PRO SB 89 46.07 -117.13 83.12
C PRO SB 89 45.33 -117.56 84.38
N GLU SB 90 45.54 -118.78 84.86
CA GLU SB 90 44.76 -119.22 86.01
C GLU SB 90 45.46 -118.86 87.31
N GLN SB 91 46.77 -118.70 87.32
CA GLN SB 91 47.48 -118.29 88.53
C GLN SB 91 47.90 -116.84 88.53
N LEU SB 92 47.44 -116.02 87.59
CA LEU SB 92 47.57 -114.57 87.71
C LEU SB 92 46.40 -114.05 88.55
N ILE SB 93 46.51 -114.30 89.85
CA ILE SB 93 45.37 -114.17 90.75
C ILE SB 93 45.32 -112.78 91.38
N SER SB 94 44.15 -112.14 91.24
CA SER SB 94 43.81 -110.92 91.94
C SER SB 94 42.69 -111.21 92.93
N GLY SB 95 42.74 -110.54 94.07
CA GLY SB 95 41.62 -110.60 94.99
C GLY SB 95 40.58 -109.56 94.63
N LYS SB 96 40.02 -108.91 95.63
CA LYS SB 96 38.99 -107.91 95.38
C LYS SB 96 39.28 -106.58 96.03
N GLU SB 97 39.78 -106.57 97.27
CA GLU SB 97 40.20 -105.35 97.93
C GLU SB 97 41.54 -105.58 98.62
N ASP SB 98 42.30 -104.51 98.78
CA ASP SB 98 43.68 -104.62 99.24
C ASP SB 98 43.75 -104.93 100.73
N ALA SB 99 44.82 -105.61 101.12
CA ALA SB 99 45.00 -105.99 102.52
C ALA SB 99 45.27 -104.78 103.40
N ALA SB 100 45.80 -103.70 102.82
CA ALA SB 100 45.86 -102.39 103.45
C ALA SB 100 46.69 -102.40 104.74
N ASN SB 101 47.99 -102.70 104.58
CA ASN SB 101 49.01 -102.51 105.61
C ASN SB 101 48.65 -103.13 106.95
N ASN SB 102 47.98 -104.27 106.91
CA ASN SB 102 47.39 -104.88 108.10
C ASN SB 102 47.77 -106.36 108.10
N PHE SB 103 48.49 -106.79 109.13
CA PHE SB 103 48.76 -108.21 109.30
C PHE SB 103 47.48 -109.02 109.47
N ALA SB 104 46.59 -108.55 110.33
CA ALA SB 104 45.41 -109.35 110.65
C ALA SB 104 44.44 -109.41 109.48
N ARG SB 105 44.51 -108.43 108.58
CA ARG SB 105 43.64 -108.46 107.41
C ARG SB 105 44.09 -109.54 106.44
N GLY SB 106 45.38 -109.58 106.13
CA GLY SB 106 45.88 -110.54 105.18
C GLY SB 106 46.01 -111.95 105.72
N HIS SB 107 45.79 -112.14 107.02
CA HIS SB 107 45.93 -113.43 107.66
C HIS SB 107 44.62 -114.05 108.08
N TYR SB 108 43.61 -113.25 108.39
CA TYR SB 108 42.40 -113.76 109.00
C TYR SB 108 41.16 -113.54 108.13
N THR SB 109 40.87 -112.30 107.75
CA THR SB 109 39.56 -112.00 107.18
C THR SB 109 39.52 -112.14 105.66
N ILE SB 110 40.33 -111.36 104.95
CA ILE SB 110 40.26 -111.41 103.50
C ILE SB 110 41.15 -112.50 102.92
N GLY SB 111 42.16 -112.95 103.67
CA GLY SB 111 43.07 -113.94 103.14
C GLY SB 111 42.52 -115.34 103.07
N LYS SB 112 41.39 -115.60 103.73
CA LYS SB 112 40.84 -116.96 103.75
C LYS SB 112 40.34 -117.38 102.37
N GLU SB 113 39.73 -116.45 101.65
CA GLU SB 113 39.03 -116.81 100.42
C GLU SB 113 39.99 -116.97 99.25
N ILE SB 114 41.26 -116.69 99.43
CA ILE SB 114 42.15 -116.54 98.29
C ILE SB 114 43.21 -117.63 98.36
N VAL SB 115 43.47 -118.16 99.56
CA VAL SB 115 44.43 -119.24 99.69
C VAL SB 115 43.90 -120.57 99.20
N ASP SB 116 42.58 -120.78 99.27
CA ASP SB 116 42.02 -122.07 98.87
C ASP SB 116 42.19 -122.31 97.37
N LEU SB 117 42.06 -121.25 96.57
CA LEU SB 117 42.31 -121.38 95.15
C LEU SB 117 43.81 -121.43 94.87
N SER SB 118 44.60 -120.67 95.64
CA SER SB 118 46.03 -120.61 95.41
C SER SB 118 46.72 -121.91 95.75
N LEU SB 119 46.26 -122.57 96.83
CA LEU SB 119 46.80 -123.87 97.18
C LEU SB 119 46.51 -124.89 96.09
N ASP SB 120 45.36 -124.76 95.44
CA ASP SB 120 44.98 -125.69 94.39
C ASP SB 120 45.93 -125.62 93.19
N ARG SB 121 46.32 -124.42 92.80
CA ARG SB 121 47.19 -124.30 91.64
C ARG SB 121 48.63 -124.68 91.98
N ILE SB 122 49.07 -124.42 93.22
CA ILE SB 122 50.37 -124.90 93.66
C ILE SB 122 50.40 -126.42 93.65
N ARG SB 123 49.34 -127.04 94.17
CA ARG SB 123 49.30 -128.49 94.23
C ARG SB 123 49.13 -129.10 92.84
N LYS SB 124 48.45 -128.40 91.93
CA LYS SB 124 48.40 -128.88 90.56
C LYS SB 124 49.74 -128.73 89.88
N LEU SB 125 50.50 -127.70 90.22
CA LEU SB 125 51.81 -127.53 89.62
C LEU SB 125 52.82 -128.51 90.18
N ALA SB 126 52.58 -129.01 91.39
CA ALA SB 126 53.53 -129.88 92.08
C ALA SB 126 53.28 -131.36 91.85
N ASP SB 127 52.09 -131.74 91.39
CA ASP SB 127 51.78 -133.14 91.18
C ASP SB 127 52.18 -133.63 89.80
N ASN SB 128 52.85 -132.79 89.01
CA ASN SB 128 53.30 -133.21 87.69
C ASN SB 128 54.39 -134.27 87.78
N CYS SB 129 55.37 -134.06 88.66
CA CYS SB 129 56.48 -134.98 88.81
C CYS SB 129 56.94 -134.99 90.26
N THR SB 130 57.66 -136.05 90.61
CA THR SB 130 58.32 -136.13 91.90
C THR SB 130 59.66 -135.42 91.81
N GLY SB 131 60.45 -135.51 92.89
CA GLY SB 131 61.72 -134.83 92.93
C GLY SB 131 61.64 -133.32 92.88
N LEU SB 132 60.59 -132.74 93.46
CA LEU SB 132 60.49 -131.29 93.53
C LEU SB 132 61.55 -130.76 94.49
N GLN SB 133 62.20 -129.66 94.10
CA GLN SB 133 63.33 -129.21 94.88
C GLN SB 133 62.89 -128.34 96.04
N GLY SB 134 61.98 -127.40 95.83
CA GLY SB 134 61.57 -126.56 96.94
C GLY SB 134 60.67 -125.43 96.50
N PHE SB 135 60.71 -124.35 97.27
CA PHE SB 135 59.87 -123.18 97.04
C PHE SB 135 60.72 -121.93 97.07
N LEU SB 136 60.32 -120.92 96.30
CA LEU SB 136 60.99 -119.63 96.28
C LEU SB 136 59.95 -118.54 96.56
N MET SB 137 59.79 -118.18 97.82
CA MET SB 137 58.88 -117.12 98.19
C MET SB 137 59.51 -115.77 97.89
N PHE SB 138 58.71 -114.85 97.35
CA PHE SB 138 59.14 -113.49 97.12
C PHE SB 138 58.09 -112.57 97.75
N ASN SB 139 58.46 -111.87 98.81
CA ASN SB 139 57.49 -111.02 99.47
C ASN SB 139 58.22 -109.94 100.25
N ALA SB 140 57.49 -108.88 100.56
CA ALA SB 140 57.96 -107.88 101.51
C ALA SB 140 57.54 -108.28 102.90
N VAL SB 141 58.05 -107.55 103.88
CA VAL SB 141 57.77 -107.84 105.27
C VAL SB 141 56.89 -106.77 105.91
N GLY SB 142 57.18 -105.51 105.64
CA GLY SB 142 56.40 -104.46 106.28
C GLY SB 142 55.03 -104.23 105.68
N GLY SB 143 54.76 -104.73 104.49
CA GLY SB 143 53.49 -104.51 103.86
C GLY SB 143 52.37 -105.37 104.43
N GLY SB 144 51.18 -105.16 103.90
CA GLY SB 144 50.03 -105.90 104.35
C GLY SB 144 49.90 -107.27 103.75
N THR SB 145 49.65 -107.36 102.44
CA THR SB 145 49.46 -108.66 101.82
C THR SB 145 50.79 -109.38 101.64
N GLY SB 146 51.89 -108.64 101.63
CA GLY SB 146 53.19 -109.27 101.53
C GLY SB 146 53.56 -110.06 102.75
N SER SB 147 52.96 -109.73 103.89
CA SER SB 147 53.31 -110.37 105.15
C SER SB 147 52.22 -111.33 105.61
N GLY SB 148 50.98 -110.86 105.67
CA GLY SB 148 49.89 -111.69 106.15
C GLY SB 148 49.56 -112.83 105.19
N LEU SB 149 49.44 -112.52 103.91
CA LEU SB 149 49.12 -113.57 102.95
C LEU SB 149 50.32 -114.48 102.74
N GLY SB 150 51.53 -113.97 102.98
CA GLY SB 150 52.71 -114.80 102.86
C GLY SB 150 52.76 -115.88 103.92
N CYS SB 151 52.33 -115.54 105.14
CA CYS SB 151 52.30 -116.54 106.20
C CYS SB 151 51.27 -117.62 105.92
N LEU SB 152 50.04 -117.21 105.61
CA LEU SB 152 48.94 -118.16 105.50
C LEU SB 152 49.15 -119.10 104.31
N LEU SB 153 49.77 -118.62 103.25
CA LEU SB 153 50.07 -119.51 102.12
C LEU SB 153 51.15 -120.50 102.50
N LEU SB 154 52.22 -120.02 103.13
CA LEU SB 154 53.36 -120.89 103.35
C LEU SB 154 53.17 -121.80 104.56
N GLU SB 155 52.27 -121.43 105.48
CA GLU SB 155 51.97 -122.32 106.59
C GLU SB 155 51.21 -123.56 106.12
N ARG SB 156 50.29 -123.38 105.17
CA ARG SB 156 49.58 -124.53 104.61
C ARG SB 156 50.53 -125.43 103.84
N LEU SB 157 51.52 -124.84 103.19
CA LEU SB 157 52.49 -125.63 102.44
C LEU SB 157 53.37 -126.47 103.37
N SER SB 158 53.71 -125.91 104.54
CA SER SB 158 54.55 -126.64 105.49
C SER SB 158 53.83 -127.83 106.09
N VAL SB 159 52.50 -127.76 106.19
CA VAL SB 159 51.74 -128.90 106.67
C VAL SB 159 51.73 -130.00 105.62
N ASP SB 160 51.52 -129.64 104.37
CA ASP SB 160 51.36 -130.65 103.32
C ASP SB 160 52.71 -131.15 102.82
N TYR SB 161 53.52 -130.26 102.24
CA TYR SB 161 54.85 -130.64 101.75
C TYR SB 161 55.85 -130.28 102.86
N GLY SB 162 55.86 -131.12 103.90
CA GLY SB 162 56.63 -130.79 105.09
C GLY SB 162 58.13 -130.82 104.87
N LYS SB 163 58.62 -131.80 104.12
CA LYS SB 163 60.05 -132.07 104.05
C LYS SB 163 60.69 -131.51 102.78
N LYS SB 164 60.27 -130.34 102.33
CA LYS SB 164 60.91 -129.65 101.22
C LYS SB 164 61.55 -128.36 101.72
N SER SB 165 62.35 -127.75 100.86
CA SER SB 165 63.03 -126.51 101.20
C SER SB 165 62.16 -125.32 100.84
N LYS SB 166 62.29 -124.24 101.63
CA LYS SB 166 61.57 -123.01 101.36
C LYS SB 166 62.54 -121.85 101.40
N LEU SB 167 62.56 -121.05 100.35
CA LEU SB 167 63.49 -119.94 100.19
C LEU SB 167 62.69 -118.65 100.23
N ASN SB 168 62.71 -117.95 101.35
CA ASN SB 168 61.92 -116.73 101.54
C ASN SB 168 62.83 -115.53 101.31
N PHE SB 169 62.77 -114.95 100.11
CA PHE SB 169 63.68 -113.89 99.72
C PHE SB 169 63.06 -112.56 100.11
N CYS SB 170 63.01 -112.32 101.42
CA CYS SB 170 62.20 -111.24 101.97
C CYS SB 170 62.92 -109.90 101.84
N SER SB 171 62.14 -108.85 101.57
CA SER SB 171 62.65 -107.48 101.54
C SER SB 171 62.41 -106.84 102.90
N TRP SB 172 63.45 -106.75 103.70
CA TRP SB 172 63.30 -106.23 105.04
C TRP SB 172 63.10 -104.72 105.03
N PRO SB 173 62.32 -104.21 105.97
CA PRO SB 173 62.25 -102.76 106.16
C PRO SB 173 63.58 -102.17 106.58
N SER SB 174 63.89 -101.03 106.00
CA SER SB 174 65.20 -100.41 106.13
C SER SB 174 65.41 -99.83 107.53
N PRO SB 175 66.65 -99.56 107.90
CA PRO SB 175 66.88 -98.87 109.18
C PRO SB 175 66.39 -97.45 109.19
N GLN SB 176 66.57 -96.70 108.11
CA GLN SB 176 66.20 -95.29 108.08
C GLN SB 176 64.81 -95.05 107.51
N VAL SB 177 64.57 -95.44 106.27
CA VAL SB 177 63.33 -95.13 105.57
C VAL SB 177 62.36 -96.30 105.75
N SER SB 178 61.14 -96.02 106.18
CA SER SB 178 60.18 -97.09 106.41
C SER SB 178 58.89 -96.96 105.63
N THR SB 179 58.35 -95.74 105.50
CA THR SB 179 57.14 -95.43 104.72
C THR SB 179 55.92 -96.23 105.17
N ALA SB 180 55.75 -96.38 106.49
CA ALA SB 180 54.52 -96.81 107.15
C ALA SB 180 54.72 -96.69 108.65
N VAL SB 181 53.63 -96.46 109.38
CA VAL SB 181 53.66 -96.66 110.83
C VAL SB 181 53.80 -98.14 111.12
N VAL SB 182 53.18 -98.97 110.29
CA VAL SB 182 52.99 -100.37 110.62
C VAL SB 182 54.17 -101.21 110.17
N GLU SB 183 55.29 -100.57 109.83
CA GLU SB 183 56.52 -101.31 109.55
C GLU SB 183 57.02 -102.11 110.75
N PRO SB 184 57.09 -101.58 111.97
CA PRO SB 184 57.40 -102.48 113.09
C PRO SB 184 56.24 -103.41 113.43
N TYR SB 185 55.00 -102.95 113.24
CA TYR SB 185 53.87 -103.78 113.60
C TYR SB 185 53.64 -104.91 112.61
N ASN SB 186 54.14 -104.81 111.39
CA ASN SB 186 54.02 -105.94 110.50
C ASN SB 186 55.23 -106.85 110.53
N SER SB 187 56.42 -106.30 110.78
CA SER SB 187 57.63 -107.10 110.71
C SER SB 187 57.72 -108.06 111.89
N VAL SB 188 57.41 -107.58 113.10
CA VAL SB 188 57.55 -108.40 114.29
C VAL SB 188 56.59 -109.58 114.24
N LEU SB 189 55.35 -109.34 113.82
CA LEU SB 189 54.39 -110.42 113.75
C LEU SB 189 54.69 -111.37 112.60
N SER SB 190 55.26 -110.87 111.51
CA SER SB 190 55.55 -111.74 110.37
C SER SB 190 56.63 -112.75 110.72
N THR SB 191 57.74 -112.28 111.26
CA THR SB 191 58.84 -113.18 111.56
C THR SB 191 58.50 -114.14 112.68
N HIS SB 192 57.57 -113.77 113.56
CA HIS SB 192 57.07 -114.73 114.53
C HIS SB 192 56.31 -115.85 113.84
N SER SB 193 55.63 -115.55 112.75
CA SER SB 193 54.88 -116.55 112.02
C SER SB 193 55.60 -117.04 110.79
N LEU SB 194 56.86 -116.68 110.62
CA LEU SB 194 57.71 -117.22 109.57
C LEU SB 194 59.02 -117.81 110.06
N LEU SB 195 59.39 -117.61 111.34
CA LEU SB 195 60.62 -118.20 111.83
C LEU SB 195 60.54 -119.72 111.88
N GLU SB 196 59.40 -120.25 112.32
CA GLU SB 196 59.25 -121.69 112.43
C GLU SB 196 58.59 -122.31 111.22
N HIS SB 197 58.43 -121.55 110.14
CA HIS SB 197 57.89 -122.09 108.91
C HIS SB 197 58.88 -122.14 107.75
N THR SB 198 59.83 -121.23 107.68
CA THR SB 198 60.72 -121.16 106.53
C THR SB 198 62.05 -121.85 106.85
N ASP SB 199 62.80 -122.17 105.80
CA ASP SB 199 64.07 -122.86 105.94
C ASP SB 199 65.26 -121.93 105.76
N VAL SB 200 65.25 -121.12 104.71
CA VAL SB 200 66.30 -120.14 104.45
C VAL SB 200 65.63 -118.83 104.06
N ALA SB 201 65.93 -117.77 104.79
CA ALA SB 201 65.30 -116.47 104.59
C ALA SB 201 66.36 -115.44 104.32
N VAL SB 202 66.55 -115.08 103.06
CA VAL SB 202 67.65 -114.20 102.67
C VAL SB 202 67.25 -112.77 102.93
N MET SB 203 68.11 -112.04 103.64
CA MET SB 203 67.79 -110.72 104.14
C MET SB 203 68.05 -109.70 103.04
N LEU SB 204 67.03 -108.96 102.64
CA LEU SB 204 67.22 -107.95 101.61
C LEU SB 204 66.69 -106.61 102.10
N ASP SB 205 67.42 -105.55 101.77
CA ASP SB 205 67.06 -104.19 102.13
C ASP SB 205 66.72 -103.39 100.88
N ASN SB 206 66.28 -102.16 101.08
CA ASN SB 206 65.99 -101.26 99.97
C ASN SB 206 67.02 -100.15 99.86
N GLU SB 207 67.24 -99.38 100.91
CA GLU SB 207 68.17 -98.27 100.79
C GLU SB 207 69.61 -98.69 100.98
N ALA SB 208 69.86 -99.97 101.25
CA ALA SB 208 71.20 -100.52 101.06
C ALA SB 208 71.50 -100.79 99.60
N ILE SB 209 70.50 -100.71 98.73
CA ILE SB 209 70.71 -100.84 97.30
C ILE SB 209 70.59 -99.49 96.60
N TYR SB 210 69.96 -98.49 97.22
CA TYR SB 210 70.02 -97.13 96.72
C TYR SB 210 71.47 -96.63 96.64
N ASP SB 211 72.22 -96.78 97.73
CA ASP SB 211 73.59 -96.28 97.75
C ASP SB 211 74.53 -97.15 96.94
N ILE SB 212 74.19 -98.41 96.70
CA ILE SB 212 74.96 -99.23 95.76
C ILE SB 212 74.88 -98.63 94.37
N CYS SB 213 73.67 -98.22 93.96
CA CYS SB 213 73.51 -97.55 92.67
C CYS SB 213 74.16 -96.17 92.68
N ARG SB 214 74.31 -95.56 93.86
CA ARG SB 214 74.94 -94.25 93.94
C ARG SB 214 76.44 -94.34 93.75
N ARG SB 215 77.11 -95.21 94.52
CA ARG SB 215 78.57 -95.17 94.57
C ARG SB 215 79.20 -96.02 93.47
N ASN SB 216 78.56 -97.12 93.08
CA ASN SB 216 79.13 -98.01 92.08
C ASN SB 216 78.54 -97.78 90.70
N LEU SB 217 77.23 -97.93 90.58
CA LEU SB 217 76.58 -97.89 89.28
C LEU SB 217 76.54 -96.48 88.70
N ASP SB 218 76.72 -95.47 89.55
CA ASP SB 218 76.70 -94.06 89.18
C ASP SB 218 75.35 -93.70 88.54
N ILE SB 219 74.30 -93.84 89.34
CA ILE SB 219 72.97 -93.35 89.02
C ILE SB 219 72.53 -92.45 90.16
N GLU SB 220 72.23 -91.19 89.84
CA GLU SB 220 71.79 -90.25 90.86
C GLU SB 220 70.35 -90.49 91.28
N ARG SB 221 69.54 -91.07 90.41
CA ARG SB 221 68.08 -91.12 90.59
C ARG SB 221 67.53 -92.55 90.41
N PRO SB 222 67.88 -93.45 91.33
CA PRO SB 222 67.48 -94.85 91.14
C PRO SB 222 66.03 -95.09 91.54
N THR SB 223 65.32 -95.79 90.67
CA THR SB 223 63.91 -96.11 90.86
C THR SB 223 63.76 -97.57 91.27
N TYR SB 224 62.51 -98.00 91.48
CA TYR SB 224 62.23 -99.37 91.93
C TYR SB 224 62.57 -100.41 90.87
N THR SB 225 62.67 -100.02 89.61
CA THR SB 225 63.05 -101.01 88.61
C THR SB 225 64.52 -101.37 88.74
N ASN SB 226 65.39 -100.36 88.89
CA ASN SB 226 66.81 -100.63 89.00
C ASN SB 226 67.14 -101.37 90.29
N LEU SB 227 66.29 -101.21 91.30
CA LEU SB 227 66.37 -102.06 92.48
C LEU SB 227 66.16 -103.52 92.12
N ASN SB 228 65.17 -103.78 91.28
CA ASN SB 228 64.73 -105.16 91.07
C ASN SB 228 65.62 -105.89 90.07
N ARG SB 229 66.34 -105.18 89.21
CA ARG SB 229 67.30 -105.85 88.34
C ARG SB 229 68.42 -106.47 89.14
N LEU SB 230 68.93 -105.73 90.15
CA LEU SB 230 70.00 -106.26 90.98
C LEU SB 230 69.51 -107.43 91.82
N ILE SB 231 68.25 -107.39 92.25
CA ILE SB 231 67.67 -108.53 92.95
C ILE SB 231 67.57 -109.71 92.00
N ALA SB 232 67.20 -109.44 90.75
CA ALA SB 232 67.05 -110.51 89.76
C ALA SB 232 68.39 -111.15 89.43
N GLN SB 233 69.48 -110.38 89.51
CA GLN SB 233 70.79 -110.93 89.17
C GLN SB 233 71.29 -111.88 90.25
N VAL SB 234 70.94 -111.62 91.50
CA VAL SB 234 71.37 -112.49 92.59
C VAL SB 234 70.65 -113.84 92.51
N ILE SB 235 69.35 -113.81 92.18
CA ILE SB 235 68.56 -115.03 92.18
C ILE SB 235 69.00 -115.93 91.03
N SER SB 236 69.34 -115.33 89.89
CA SER SB 236 69.84 -116.11 88.77
C SER SB 236 71.15 -116.79 89.11
N SER SB 237 72.02 -116.09 89.84
CA SER SB 237 73.27 -116.68 90.27
C SER SB 237 73.05 -117.77 91.31
N LEU SB 238 71.93 -117.73 92.03
CA LEU SB 238 71.64 -118.78 92.99
C LEU SB 238 71.32 -120.09 92.31
N THR SB 239 70.43 -120.04 91.31
CA THR SB 239 69.96 -121.23 90.65
C THR SB 239 70.72 -121.54 89.39
N ALA SB 240 71.89 -120.93 89.19
CA ALA SB 240 72.70 -121.22 88.02
C ALA SB 240 73.25 -122.63 88.06
N SER SB 241 73.49 -123.17 89.26
CA SER SB 241 73.97 -124.54 89.37
C SER SB 241 72.91 -125.53 88.95
N LEU SB 242 71.64 -125.26 89.25
CA LEU SB 242 70.56 -126.14 88.82
C LEU SB 242 70.37 -126.08 87.31
N ARG SB 243 70.44 -124.88 86.74
CA ARG SB 243 70.06 -124.71 85.34
C ARG SB 243 71.10 -125.32 84.41
N PHE SB 244 72.37 -125.01 84.63
CA PHE SB 244 73.47 -125.34 83.73
C PHE SB 244 74.51 -126.18 84.46
N ASP SB 245 75.59 -126.46 83.75
CA ASP SB 245 76.68 -127.28 84.25
C ASP SB 245 77.87 -126.44 84.71
N GLY SB 246 78.79 -127.09 85.40
CA GLY SB 246 79.97 -126.39 85.87
C GLY SB 246 80.98 -127.36 86.43
N ALA SB 247 82.14 -126.82 86.79
CA ALA SB 247 83.20 -127.63 87.37
C ALA SB 247 82.79 -128.17 88.73
N LEU SB 248 82.09 -127.38 89.52
CA LEU SB 248 81.71 -127.78 90.87
C LEU SB 248 80.38 -127.13 91.19
N ASN SB 249 79.30 -127.91 91.08
CA ASN SB 249 77.96 -127.40 91.25
C ASN SB 249 77.42 -127.67 92.65
N VAL SB 250 76.45 -126.86 93.04
CA VAL SB 250 75.75 -127.03 94.31
C VAL SB 250 74.27 -127.20 94.00
N ASP SB 251 73.45 -127.29 95.03
CA ASP SB 251 72.02 -127.46 94.83
C ASP SB 251 71.28 -126.77 95.97
N VAL SB 252 70.03 -126.38 95.69
CA VAL SB 252 69.27 -125.65 96.69
C VAL SB 252 68.87 -126.52 97.87
N THR SB 253 68.93 -127.85 97.72
CA THR SB 253 68.76 -128.72 98.88
C THR SB 253 70.03 -128.73 99.73
N GLU SB 254 71.20 -128.61 99.10
CA GLU SB 254 72.47 -128.54 99.80
C GLU SB 254 72.89 -127.13 100.17
N PHE SB 255 71.95 -126.19 100.30
CA PHE SB 255 72.26 -124.92 100.94
C PHE SB 255 72.11 -124.98 102.46
N GLN SB 256 70.95 -125.41 102.94
CA GLN SB 256 70.74 -125.37 104.38
C GLN SB 256 71.55 -126.44 105.11
N THR SB 257 72.13 -127.39 104.40
CA THR SB 257 73.10 -128.27 105.03
C THR SB 257 74.38 -127.52 105.37
N ASN SB 258 74.76 -126.57 104.54
CA ASN SB 258 75.98 -125.80 104.78
C ASN SB 258 75.74 -124.52 105.55
N LEU SB 259 74.49 -124.08 105.70
CA LEU SB 259 74.25 -122.72 106.19
C LEU SB 259 73.35 -122.62 107.41
N VAL SB 260 72.70 -123.69 107.85
CA VAL SB 260 71.84 -123.57 109.02
C VAL SB 260 72.41 -124.46 110.12
N PRO SB 261 73.23 -123.93 111.02
CA PRO SB 261 73.86 -124.77 112.04
C PRO SB 261 72.90 -125.22 113.13
N TYR SB 262 72.09 -124.31 113.63
CA TYR SB 262 71.10 -124.58 114.64
C TYR SB 262 69.72 -124.28 114.05
N PRO SB 263 68.67 -125.01 114.46
CA PRO SB 263 67.42 -125.00 113.66
C PRO SB 263 66.74 -123.64 113.57
N ARG SB 264 67.05 -122.72 114.47
CA ARG SB 264 66.45 -121.40 114.41
C ARG SB 264 67.29 -120.40 113.64
N ILE SB 265 68.59 -120.65 113.50
CA ILE SB 265 69.53 -119.61 113.06
C ILE SB 265 69.56 -119.71 111.54
N HIS SB 266 68.57 -119.09 110.89
CA HIS SB 266 68.55 -119.15 109.44
C HIS SB 266 68.12 -117.84 108.83
N PHE SB 267 68.64 -116.74 109.35
CA PHE SB 267 68.52 -115.44 108.71
C PHE SB 267 69.88 -115.04 108.21
N MET SB 268 70.02 -114.93 106.90
CA MET SB 268 71.32 -114.72 106.29
C MET SB 268 71.25 -113.64 105.21
N LEU SB 269 72.39 -113.00 104.98
CA LEU SB 269 72.51 -111.85 104.10
C LEU SB 269 72.79 -112.30 102.67
N SER SB 270 73.15 -111.34 101.82
CA SER SB 270 73.53 -111.62 100.45
C SER SB 270 74.43 -110.52 99.96
N SER SB 271 75.15 -110.81 98.86
CA SER SB 271 76.03 -109.82 98.24
C SER SB 271 76.26 -110.22 96.80
N TYR SB 272 76.80 -109.29 96.03
CA TYR SB 272 77.07 -109.54 94.63
C TYR SB 272 78.21 -108.62 94.24
N ALA SB 273 79.04 -109.11 93.32
CA ALA SB 273 80.11 -108.33 92.73
C ALA SB 273 80.39 -108.95 91.38
N PRO SB 274 80.69 -108.15 90.35
CA PRO SB 274 80.76 -106.69 90.37
C PRO SB 274 79.43 -106.03 90.02
N ILE SB 275 79.26 -104.78 90.42
CA ILE SB 275 78.19 -103.93 89.89
C ILE SB 275 78.91 -102.69 89.37
N ILE SB 276 79.29 -102.72 88.10
CA ILE SB 276 80.17 -101.71 87.53
C ILE SB 276 79.47 -101.11 86.32
N SER SB 277 79.41 -99.78 86.27
CA SER SB 277 78.88 -99.10 85.11
C SER SB 277 79.85 -99.22 83.93
N ALA SB 278 79.31 -99.05 82.72
CA ALA SB 278 80.12 -99.22 81.51
C ALA SB 278 81.15 -98.13 81.34
N GLU SB 279 81.02 -97.02 82.07
CA GLU SB 279 82.02 -95.96 81.98
C GLU SB 279 83.31 -96.37 82.67
N LYS SB 280 83.20 -96.95 83.87
CA LYS SB 280 84.38 -97.23 84.68
C LYS SB 280 84.83 -98.69 84.50
N ALA SB 281 84.06 -99.51 83.79
CA ALA SB 281 84.45 -100.88 83.55
C ALA SB 281 85.67 -100.96 82.64
N TYR SB 282 85.83 -100.00 81.73
CA TYR SB 282 86.99 -99.96 80.86
C TYR SB 282 88.28 -99.76 81.64
N HIS SB 283 88.20 -99.20 82.84
CA HIS SB 283 89.37 -98.94 83.67
C HIS SB 283 89.72 -100.10 84.58
N GLU SB 284 89.05 -101.24 84.45
CA GLU SB 284 89.32 -102.33 85.38
C GLU SB 284 89.22 -103.67 84.65
N GLN SB 285 90.23 -104.52 84.87
CA GLN SB 285 90.21 -105.90 84.39
C GLN SB 285 89.77 -106.78 85.57
N LEU SB 286 88.55 -107.30 85.50
CA LEU SB 286 87.89 -107.93 86.64
C LEU SB 286 88.46 -109.32 86.87
N SER SB 287 89.47 -109.40 87.73
CA SER SB 287 90.10 -110.67 88.04
C SER SB 287 89.50 -111.26 89.31
N VAL SB 288 89.74 -112.55 89.53
CA VAL SB 288 89.14 -113.26 90.64
C VAL SB 288 89.68 -112.74 91.97
N ALA SB 289 90.92 -112.26 91.96
CA ALA SB 289 91.51 -111.78 93.20
C ALA SB 289 90.85 -110.50 93.68
N GLU SB 290 90.30 -109.69 92.79
CA GLU SB 290 89.76 -108.40 93.21
C GLU SB 290 88.24 -108.41 93.32
N ILE SB 291 87.53 -109.21 92.53
CA ILE SB 291 86.09 -109.25 92.64
C ILE SB 291 85.66 -109.99 93.90
N THR SB 292 86.49 -110.84 94.45
CA THR SB 292 86.14 -111.47 95.71
C THR SB 292 86.43 -110.56 96.89
N ASN SB 293 87.29 -109.57 96.69
CA ASN SB 293 87.56 -108.63 97.78
C ASN SB 293 86.45 -107.60 97.90
N SER SB 294 85.90 -107.15 96.77
CA SER SB 294 84.78 -106.22 96.81
C SER SB 294 83.53 -106.89 97.37
N ALA SB 295 83.41 -108.20 97.21
CA ALA SB 295 82.24 -108.92 97.71
C ALA SB 295 82.22 -108.92 99.24
N PHE SB 296 83.39 -109.00 99.86
CA PHE SB 296 83.44 -109.07 101.31
C PHE SB 296 83.50 -107.69 101.93
N GLU SB 297 83.67 -106.67 101.10
CA GLU SB 297 83.78 -105.30 101.58
C GLU SB 297 82.41 -104.85 102.11
N PRO SB 298 82.37 -104.25 103.30
CA PRO SB 298 81.08 -104.02 103.97
C PRO SB 298 80.14 -103.07 103.26
N ALA SB 299 80.65 -102.19 102.41
CA ALA SB 299 79.76 -101.26 101.73
C ALA SB 299 79.17 -101.82 100.45
N SER SB 300 79.52 -103.05 100.08
CA SER SB 300 79.00 -103.66 98.87
C SER SB 300 77.98 -104.75 99.12
N MET SB 301 77.65 -105.03 100.38
CA MET SB 301 76.58 -105.98 100.62
C MET SB 301 75.23 -105.30 100.48
N MET SB 302 74.19 -106.12 100.47
CA MET SB 302 72.87 -105.67 100.07
C MET SB 302 71.89 -105.58 101.23
N ALA SB 303 72.39 -105.44 102.45
CA ALA SB 303 71.53 -105.05 103.57
C ALA SB 303 72.15 -104.02 104.49
N LYS SB 304 73.47 -103.79 104.42
CA LYS SB 304 74.30 -102.99 105.31
C LYS SB 304 73.98 -103.16 106.79
N CYS SB 305 73.62 -104.38 107.16
CA CYS SB 305 73.71 -104.85 108.54
C CYS SB 305 75.19 -105.02 108.81
N ASP SB 306 75.81 -104.01 109.42
CA ASP SB 306 77.26 -103.81 109.29
C ASP SB 306 78.06 -104.94 109.92
N PRO SB 307 79.03 -105.51 109.20
CA PRO SB 307 79.73 -106.70 109.70
C PRO SB 307 81.02 -106.42 110.45
N ARG SB 308 81.42 -105.16 110.59
CA ARG SB 308 82.62 -104.86 111.36
C ARG SB 308 82.45 -105.26 112.81
N HIS SB 309 81.25 -105.10 113.35
CA HIS SB 309 80.91 -105.70 114.63
C HIS SB 309 80.36 -107.11 114.48
N GLY SB 310 80.20 -107.57 113.24
CA GLY SB 310 79.73 -108.92 113.00
C GLY SB 310 80.82 -109.94 113.22
N LYS SB 311 80.42 -111.21 113.12
CA LYS SB 311 81.32 -112.29 113.50
C LYS SB 311 80.85 -113.48 112.67
N TYR SB 312 81.54 -113.73 111.55
CA TYR SB 312 81.02 -114.59 110.49
C TYR SB 312 80.92 -116.04 110.95
N MET SB 313 79.92 -116.75 110.42
CA MET SB 313 79.65 -118.12 110.80
C MET SB 313 79.70 -119.08 109.61
N ALA SB 314 79.02 -118.76 108.52
CA ALA SB 314 79.05 -119.62 107.35
C ALA SB 314 78.87 -118.75 106.11
N CYS SB 315 79.63 -119.04 105.07
CA CYS SB 315 79.56 -118.31 103.82
C CYS SB 315 79.51 -119.29 102.67
N CYS SB 316 78.71 -118.95 101.65
CA CYS SB 316 78.56 -119.80 100.48
C CYS SB 316 78.80 -118.95 99.25
N LEU SB 317 79.91 -119.21 98.56
CA LEU SB 317 80.38 -118.36 97.47
C LEU SB 317 80.12 -119.09 96.15
N MET SB 318 79.13 -118.63 95.40
CA MET SB 318 78.76 -119.25 94.14
C MET SB 318 79.42 -118.46 93.02
N TYR SB 319 80.64 -118.85 92.65
CA TYR SB 319 81.34 -118.17 91.58
C TYR SB 319 80.68 -118.52 90.26
N ARG SB 320 80.61 -117.53 89.39
CA ARG SB 320 79.92 -117.69 88.12
C ARG SB 320 80.81 -117.19 87.01
N GLY SB 321 80.82 -117.89 85.89
CA GLY SB 321 81.54 -117.45 84.73
C GLY SB 321 82.86 -118.18 84.55
N ASP SB 322 83.76 -117.55 83.78
CA ASP SB 322 85.05 -118.14 83.48
C ASP SB 322 86.00 -117.91 84.65
N VAL SB 323 85.86 -118.77 85.65
CA VAL SB 323 86.77 -118.79 86.78
C VAL SB 323 87.33 -120.20 86.94
N VAL SB 324 88.65 -120.29 87.08
CA VAL SB 324 89.34 -121.57 87.19
C VAL SB 324 89.42 -121.94 88.67
N PRO SB 325 89.50 -123.22 89.01
CA PRO SB 325 89.59 -123.57 90.43
C PRO SB 325 90.90 -123.19 91.08
N LYS SB 326 91.96 -122.98 90.30
CA LYS SB 326 93.27 -122.77 90.90
C LYS SB 326 93.42 -121.37 91.48
N ASP SB 327 92.60 -120.41 91.05
CA ASP SB 327 92.70 -119.10 91.68
C ASP SB 327 91.55 -118.78 92.64
N VAL SB 328 90.43 -119.50 92.56
CA VAL SB 328 89.37 -119.26 93.53
C VAL SB 328 89.80 -119.72 94.91
N ASN SB 329 90.54 -120.82 94.99
CA ASN SB 329 91.11 -121.22 96.27
C ASN SB 329 92.26 -120.30 96.68
N ALA SB 330 92.96 -119.74 95.69
CA ALA SB 330 93.96 -118.73 96.00
C ALA SB 330 93.31 -117.46 96.54
N ALA SB 331 92.12 -117.14 96.03
CA ALA SB 331 91.42 -115.95 96.48
C ALA SB 331 90.89 -116.12 97.91
N VAL SB 332 90.29 -117.26 98.21
CA VAL SB 332 89.71 -117.46 99.53
C VAL SB 332 90.78 -117.67 100.57
N ALA SB 333 91.97 -118.10 100.16
CA ALA SB 333 93.06 -118.25 101.12
C ALA SB 333 93.50 -116.90 101.66
N THR SB 334 93.58 -115.89 100.80
CA THR SB 334 94.00 -114.57 101.24
C THR SB 334 92.95 -113.94 102.14
N ILE SB 335 91.69 -114.33 101.98
CA ILE SB 335 90.63 -113.78 102.82
C ILE SB 335 90.77 -114.27 104.24
N LYS SB 336 91.04 -115.55 104.42
CA LYS SB 336 91.06 -116.13 105.75
C LYS SB 336 92.17 -115.52 106.60
N THR SB 337 93.31 -115.22 105.99
CA THR SB 337 94.39 -114.58 106.72
C THR SB 337 94.18 -113.08 106.89
N LYS SB 338 93.19 -112.49 106.21
CA LYS SB 338 92.91 -111.07 106.42
C LYS SB 338 92.31 -110.86 107.79
N ARG SB 339 92.80 -109.85 108.50
CA ARG SB 339 92.48 -109.71 109.91
C ARG SB 339 91.07 -109.21 110.15
N THR SB 340 90.60 -108.27 109.32
CA THR SB 340 89.33 -107.61 109.61
C THR SB 340 88.13 -108.52 109.34
N ILE SB 341 88.23 -109.42 108.36
CA ILE SB 341 87.16 -110.37 108.09
C ILE SB 341 87.33 -111.51 109.08
N GLN SB 342 86.43 -111.59 110.06
CA GLN SB 342 86.63 -112.43 111.22
C GLN SB 342 85.57 -113.51 111.29
N PHE SB 343 86.01 -114.75 111.41
CA PHE SB 343 85.13 -115.89 111.60
C PHE SB 343 85.04 -116.26 113.07
N VAL SB 344 84.04 -117.06 113.39
CA VAL SB 344 83.78 -117.43 114.78
C VAL SB 344 84.69 -118.59 115.16
N ASP SB 345 85.01 -118.69 116.45
CA ASP SB 345 86.03 -119.64 116.89
C ASP SB 345 85.57 -121.08 116.76
N TRP SB 346 84.31 -121.36 117.04
CA TRP SB 346 83.84 -122.74 117.10
C TRP SB 346 83.66 -123.35 115.71
N CYS SB 347 83.65 -122.54 114.66
CA CYS SB 347 83.46 -123.06 113.32
C CYS SB 347 84.75 -122.86 112.55
N PRO SB 348 85.59 -123.89 112.42
CA PRO SB 348 86.91 -123.72 111.81
C PRO SB 348 86.86 -123.41 110.33
N THR SB 349 86.12 -124.19 109.56
CA THR SB 349 85.94 -123.92 108.15
C THR SB 349 84.55 -123.35 107.92
N GLY SB 350 84.49 -122.24 107.20
CA GLY SB 350 83.22 -121.58 107.00
C GLY SB 350 83.04 -121.20 105.56
N PHE SB 351 83.79 -121.83 104.69
CA PHE SB 351 83.76 -121.52 103.27
C PHE SB 351 83.34 -122.75 102.49
N LYS SB 352 82.26 -122.64 101.75
CA LYS SB 352 81.87 -123.65 100.77
C LYS SB 352 81.58 -122.93 99.48
N CYS SB 353 82.20 -123.39 98.40
CA CYS SB 353 82.21 -122.65 97.15
C CYS SB 353 81.66 -123.49 96.01
N GLY SB 354 81.19 -122.81 94.97
CA GLY SB 354 80.71 -123.47 93.79
C GLY SB 354 81.11 -122.69 92.56
N ILE SB 355 81.22 -123.41 91.45
CA ILE SB 355 81.63 -122.85 90.17
C ILE SB 355 80.60 -123.22 89.12
N ASN SB 356 80.27 -122.27 88.25
CA ASN SB 356 79.45 -122.55 87.09
C ASN SB 356 80.09 -121.94 85.86
N TYR SB 357 79.80 -122.54 84.70
CA TYR SB 357 80.51 -122.16 83.48
C TYR SB 357 79.86 -121.00 82.75
N GLN SB 358 78.57 -120.77 82.94
CA GLN SB 358 77.89 -119.71 82.23
C GLN SB 358 78.31 -118.35 82.78
N PRO SB 359 78.63 -117.38 81.94
CA PRO SB 359 78.85 -116.02 82.43
C PRO SB 359 77.52 -115.37 82.76
N PRO SB 360 77.52 -114.26 83.49
CA PRO SB 360 76.26 -113.56 83.77
C PRO SB 360 75.62 -113.01 82.51
N THR SB 361 74.30 -112.92 82.56
CA THR SB 361 73.51 -112.44 81.44
C THR SB 361 73.11 -111.00 81.70
N VAL SB 362 73.33 -110.13 80.71
CA VAL SB 362 72.97 -108.72 80.82
C VAL SB 362 71.78 -108.45 79.91
N VAL SB 363 70.81 -107.72 80.44
CA VAL SB 363 69.61 -107.38 79.66
C VAL SB 363 69.95 -106.22 78.73
N PRO SB 364 69.36 -106.16 77.55
CA PRO SB 364 69.57 -105.01 76.67
C PRO SB 364 68.92 -103.77 77.25
N GLY SB 365 69.62 -102.65 77.15
CA GLY SB 365 69.11 -101.43 77.71
C GLY SB 365 69.09 -101.39 79.21
N GLY SB 366 69.82 -102.27 79.88
CA GLY SB 366 69.87 -102.33 81.31
C GLY SB 366 70.89 -101.36 81.89
N ASP SB 367 71.20 -101.57 83.16
CA ASP SB 367 72.16 -100.75 83.87
C ASP SB 367 73.54 -101.38 84.00
N LEU SB 368 73.62 -102.70 83.99
CA LEU SB 368 74.88 -103.40 84.22
C LEU SB 368 75.65 -103.61 82.93
N ALA SB 369 76.98 -103.58 83.04
CA ALA SB 369 77.85 -103.78 81.90
C ALA SB 369 78.20 -105.25 81.75
N LYS SB 370 78.74 -105.61 80.60
CA LYS SB 370 79.07 -106.99 80.28
C LYS SB 370 80.35 -107.37 81.01
N VAL SB 371 80.21 -108.15 82.08
CA VAL SB 371 81.36 -108.66 82.80
C VAL SB 371 81.56 -110.12 82.41
N MET SB 372 82.74 -110.63 82.69
CA MET SB 372 83.06 -112.02 82.39
C MET SB 372 82.98 -112.92 83.60
N ARG SB 373 83.09 -112.37 84.81
CA ARG SB 373 83.05 -113.15 86.03
C ARG SB 373 82.17 -112.44 87.04
N ALA SB 374 81.52 -113.22 87.91
CA ALA SB 374 80.74 -112.63 88.97
C ALA SB 374 80.67 -113.56 90.16
N VAL SB 375 80.59 -112.96 91.35
CA VAL SB 375 80.51 -113.69 92.61
C VAL SB 375 79.22 -113.30 93.31
N CYS SB 376 78.46 -114.29 93.74
CA CYS SB 376 77.27 -114.07 94.54
C CYS SB 376 77.48 -114.67 95.92
N MET SB 377 77.27 -113.87 96.94
CA MET SB 377 77.45 -114.31 98.31
C MET SB 377 76.12 -114.52 99.00
N ILE SB 378 76.06 -115.55 99.83
CA ILE SB 378 75.08 -115.68 100.89
C ILE SB 378 75.82 -116.09 102.15
N SER SB 379 75.63 -115.34 103.22
CA SER SB 379 76.42 -115.52 104.41
C SER SB 379 75.57 -115.46 105.65
N ASN SB 380 75.75 -116.43 106.54
CA ASN SB 380 75.14 -116.41 107.86
C ASN SB 380 76.10 -115.71 108.81
N SER SB 381 75.67 -114.61 109.41
CA SER SB 381 76.52 -113.83 110.28
C SER SB 381 75.76 -113.43 111.53
N THR SB 382 76.49 -113.12 112.58
CA THR SB 382 75.91 -112.66 113.83
C THR SB 382 75.68 -111.16 113.85
N ALA SB 383 75.95 -110.48 112.73
CA ALA SB 383 75.61 -109.07 112.65
C ALA SB 383 74.10 -108.84 112.64
N ILE SB 384 73.31 -109.88 112.32
CA ILE SB 384 71.87 -109.80 112.24
C ILE SB 384 71.23 -109.45 113.58
N ALA SB 385 72.00 -109.47 114.67
CA ALA SB 385 71.51 -108.98 115.94
C ALA SB 385 71.10 -107.51 115.85
N GLU SB 386 71.82 -106.71 115.06
CA GLU SB 386 71.52 -105.28 115.05
C GLU SB 386 70.29 -104.96 114.21
N VAL SB 387 70.01 -105.76 113.17
CA VAL SB 387 68.82 -105.47 112.39
C VAL SB 387 67.57 -105.94 113.14
N PHE SB 388 67.72 -106.86 114.07
CA PHE SB 388 66.59 -107.27 114.89
C PHE SB 388 66.45 -106.40 116.14
N SER SB 389 67.57 -105.89 116.65
CA SER SB 389 67.49 -105.06 117.85
C SER SB 389 66.86 -103.71 117.56
N ARG SB 390 67.17 -103.14 116.39
CA ARG SB 390 66.56 -101.85 116.05
C ARG SB 390 65.08 -102.02 115.74
N MET SB 391 64.69 -103.16 115.20
CA MET SB 391 63.29 -103.38 114.91
C MET SB 391 62.52 -103.70 116.19
N ASP SB 392 63.19 -104.28 117.16
CA ASP SB 392 62.58 -104.47 118.47
C ASP SB 392 62.41 -103.14 119.18
N HIS SB 393 63.36 -102.22 118.99
CA HIS SB 393 63.29 -100.93 119.68
C HIS SB 393 62.18 -100.06 119.11
N LYS SB 394 61.97 -100.14 117.80
CA LYS SB 394 60.90 -99.38 117.18
C LYS SB 394 59.52 -99.84 117.67
N PHE SB 395 59.37 -101.15 117.87
CA PHE SB 395 58.09 -101.68 118.32
C PHE SB 395 57.84 -101.26 119.76
N ASP SB 396 58.87 -101.26 120.59
CA ASP SB 396 58.67 -100.96 122.01
C ASP SB 396 58.23 -99.53 122.21
N LEU SB 397 58.74 -98.61 121.40
CA LEU SB 397 58.33 -97.22 121.51
C LEU SB 397 56.89 -97.02 121.06
N MET SB 398 56.48 -97.70 119.99
CA MET SB 398 55.12 -97.56 119.50
C MET SB 398 54.13 -98.28 120.41
N TYR SB 399 54.56 -99.35 121.06
CA TYR SB 399 53.72 -100.10 121.98
C TYR SB 399 53.83 -99.57 123.39
N ALA SB 400 54.51 -98.45 123.59
CA ALA SB 400 54.59 -97.86 124.92
C ALA SB 400 53.21 -97.44 125.40
N LYS SB 401 52.42 -96.82 124.54
CA LYS SB 401 51.04 -96.48 124.86
C LYS SB 401 50.11 -96.89 123.72
N ARG SB 402 50.32 -98.12 123.26
CA ARG SB 402 49.34 -98.92 122.51
C ARG SB 402 48.83 -98.23 121.25
N ALA SB 403 49.72 -97.59 120.51
CA ALA SB 403 49.32 -96.97 119.26
C ALA SB 403 48.97 -98.01 118.22
N PHE SB 404 47.92 -97.72 117.44
CA PHE SB 404 47.50 -98.46 116.26
C PHE SB 404 47.01 -99.87 116.57
N VAL SB 405 46.92 -100.24 117.84
CA VAL SB 405 46.51 -101.59 118.19
C VAL SB 405 45.05 -101.81 117.87
N HIS SB 406 44.24 -100.75 117.91
CA HIS SB 406 42.80 -100.89 117.70
C HIS SB 406 42.46 -101.35 116.29
N TRP SB 407 43.32 -101.07 115.32
CA TRP SB 407 43.11 -101.60 113.97
C TRP SB 407 43.35 -103.10 113.95
N TYR SB 408 44.38 -103.55 114.65
CA TYR SB 408 44.71 -104.97 114.66
C TYR SB 408 43.70 -105.77 115.48
N VAL SB 409 43.35 -105.29 116.67
CA VAL SB 409 42.45 -106.06 117.51
C VAL SB 409 41.02 -105.94 117.00
N GLY SB 410 40.71 -104.84 116.31
CA GLY SB 410 39.40 -104.73 115.69
C GLY SB 410 39.23 -105.61 114.49
N GLU SB 411 40.34 -106.00 113.86
CA GLU SB 411 40.24 -106.84 112.68
C GLU SB 411 39.91 -108.28 113.04
N GLY SB 412 40.40 -108.74 114.19
CA GLY SB 412 40.08 -110.06 114.67
C GLY SB 412 41.20 -110.76 115.42
N MET SB 413 42.42 -110.23 115.28
CA MET SB 413 43.57 -110.82 115.94
C MET SB 413 43.57 -110.44 117.41
N GLU SB 414 43.79 -111.42 118.28
CA GLU SB 414 43.63 -111.21 119.71
C GLU SB 414 44.77 -110.37 120.27
N GLU SB 415 44.43 -109.44 121.15
CA GLU SB 415 45.43 -108.60 121.80
C GLU SB 415 46.29 -109.46 122.71
N GLY SB 416 47.57 -109.16 122.76
CA GLY SB 416 48.52 -109.96 123.45
C GLY SB 416 49.34 -110.85 122.54
N GLU SB 417 48.85 -111.11 121.32
CA GLU SB 417 49.66 -111.76 120.31
C GLU SB 417 50.91 -110.96 119.99
N PHE SB 418 50.86 -109.65 120.20
CA PHE SB 418 52.07 -108.84 120.12
C PHE SB 418 53.07 -109.23 121.21
N SER SB 419 52.58 -109.68 122.36
CA SER SB 419 53.50 -110.03 123.44
C SER SB 419 54.22 -111.34 123.17
N GLU SB 420 53.52 -112.36 122.65
CA GLU SB 420 54.22 -113.58 122.28
C GLU SB 420 55.17 -113.36 121.12
N ALA SB 421 54.79 -112.48 120.20
CA ALA SB 421 55.70 -112.14 119.11
C ALA SB 421 56.92 -111.37 119.63
N ARG SB 422 56.77 -110.67 120.74
CA ARG SB 422 57.91 -109.97 121.32
C ARG SB 422 58.89 -110.92 121.99
N GLU SB 423 58.37 -111.86 122.79
CA GLU SB 423 59.26 -112.75 123.52
C GLU SB 423 59.94 -113.75 122.59
N ASP SB 424 59.32 -114.04 121.45
CA ASP SB 424 60.00 -114.81 120.42
C ASP SB 424 61.20 -114.05 119.88
N LEU SB 425 61.04 -112.76 119.63
CA LEU SB 425 62.14 -111.98 119.12
C LEU SB 425 63.16 -111.68 120.19
N ALA SB 426 62.74 -111.68 121.45
CA ALA SB 426 63.68 -111.59 122.55
C ALA SB 426 64.53 -112.85 122.63
N ALA SB 427 63.92 -114.01 122.38
CA ALA SB 427 64.68 -115.25 122.34
C ALA SB 427 65.63 -115.26 121.16
N LEU SB 428 65.21 -114.71 120.03
CA LEU SB 428 66.05 -114.72 118.84
C LEU SB 428 67.24 -113.79 119.01
N GLU SB 429 67.05 -112.64 119.65
CA GLU SB 429 68.17 -111.73 119.81
C GLU SB 429 69.14 -112.20 120.88
N LYS SB 430 68.71 -113.09 121.76
CA LYS SB 430 69.66 -113.62 122.74
C LYS SB 430 70.36 -114.87 122.23
N ASP SB 431 69.80 -115.54 121.24
CA ASP SB 431 70.48 -116.71 120.67
C ASP SB 431 71.67 -116.31 119.81
N TYR SB 432 71.58 -115.21 119.07
CA TYR SB 432 72.75 -114.70 118.36
C TYR SB 432 73.87 -114.30 119.33
N GLU SB 433 73.53 -113.62 120.41
CA GLU SB 433 74.59 -113.16 121.29
C GLU SB 433 75.16 -114.29 122.13
N GLU SB 434 74.40 -115.35 122.37
CA GLU SB 434 74.94 -116.48 123.10
C GLU SB 434 75.87 -117.31 122.24
N VAL SB 435 75.55 -117.43 120.95
CA VAL SB 435 76.38 -118.22 120.03
C VAL SB 435 77.73 -117.56 119.82
N GLY SB 436 77.76 -116.24 119.74
CA GLY SB 436 78.98 -115.55 119.38
C GLY SB 436 80.00 -115.38 120.47
N ILE SB 437 79.81 -115.99 121.64
CA ILE SB 437 80.75 -115.80 122.74
C ILE SB 437 82.05 -116.54 122.49
N MET TB 1 34.38 -104.26 90.29
CA MET TB 1 35.62 -103.85 90.95
C MET TB 1 35.31 -103.06 92.21
N ARG TB 2 36.04 -101.97 92.42
CA ARG TB 2 35.82 -101.09 93.56
C ARG TB 2 34.97 -99.89 93.17
N GLU TB 3 34.02 -99.55 94.02
CA GLU TB 3 33.06 -98.49 93.79
C GLU TB 3 33.19 -97.47 94.91
N ILE TB 4 33.12 -96.19 94.56
CA ILE TB 4 33.03 -95.11 95.53
C ILE TB 4 31.73 -94.36 95.26
N VAL TB 5 30.89 -94.25 96.28
CA VAL TB 5 29.57 -93.64 96.14
C VAL TB 5 29.68 -92.20 96.60
N HIS TB 6 29.30 -91.26 95.74
CA HIS TB 6 29.39 -89.84 96.05
C HIS TB 6 28.04 -89.28 96.48
N VAL TB 7 28.06 -88.50 97.55
CA VAL TB 7 26.87 -87.84 98.08
C VAL TB 7 27.24 -86.41 98.42
N GLN TB 8 26.50 -85.45 97.87
CA GLN TB 8 26.78 -84.03 98.08
C GLN TB 8 25.64 -83.43 98.90
N GLY TB 9 25.97 -82.75 99.99
CA GLY TB 9 24.97 -82.18 100.88
C GLY TB 9 25.26 -80.72 101.17
N GLY TB 10 24.18 -79.93 101.25
CA GLY TB 10 24.29 -78.52 101.54
C GLY TB 10 24.57 -77.68 100.31
N GLN TB 11 24.51 -76.36 100.49
CA GLN TB 11 24.84 -75.48 99.38
C GLN TB 11 26.34 -75.51 99.09
N CYS TB 12 27.15 -75.63 100.14
CA CYS TB 12 28.59 -75.75 99.95
C CYS TB 12 28.94 -77.06 99.24
N GLY TB 13 28.27 -78.15 99.59
CA GLY TB 13 28.60 -79.43 99.00
C GLY TB 13 28.28 -79.51 97.52
N ASN TB 14 27.11 -79.02 97.12
CA ASN TB 14 26.72 -79.05 95.72
C ASN TB 14 27.59 -78.13 94.89
N GLN TB 15 28.05 -77.02 95.46
CA GLN TB 15 28.93 -76.14 94.71
C GLN TB 15 30.33 -76.73 94.59
N ILE TB 16 30.84 -77.31 95.67
CA ILE TB 16 32.14 -77.98 95.59
C ILE TB 16 32.07 -79.20 94.70
N GLY TB 17 31.03 -80.01 94.89
CA GLY TB 17 30.93 -81.25 94.14
C GLY TB 17 30.71 -81.04 92.66
N ALA TB 18 30.19 -79.88 92.27
CA ALA TB 18 30.08 -79.56 90.86
C ALA TB 18 31.45 -79.43 90.22
N LYS TB 19 32.40 -78.84 90.94
CA LYS TB 19 33.72 -78.64 90.38
C LYS TB 19 34.61 -79.85 90.63
N PHE TB 20 34.24 -80.72 91.57
CA PHE TB 20 34.95 -81.99 91.71
C PHE TB 20 34.72 -82.87 90.50
N TRP TB 21 33.49 -82.90 89.99
CA TRP TB 21 33.22 -83.69 88.80
C TRP TB 21 33.71 -82.96 87.55
N GLU TB 22 34.04 -81.68 87.67
CA GLU TB 22 34.75 -81.00 86.61
C GLU TB 22 36.15 -81.58 86.45
N VAL TB 23 36.86 -81.77 87.55
CA VAL TB 23 38.24 -82.19 87.42
C VAL TB 23 38.35 -83.70 87.20
N ILE TB 24 37.43 -84.49 87.76
CA ILE TB 24 37.49 -85.93 87.59
C ILE TB 24 37.12 -86.32 86.16
N SER TB 25 36.10 -85.66 85.60
CA SER TB 25 35.82 -85.85 84.19
C SER TB 25 36.95 -85.35 83.32
N ASP TB 26 37.72 -84.37 83.80
CA ASP TB 26 38.87 -83.91 83.04
C ASP TB 26 40.09 -84.80 83.22
N GLU TB 27 40.21 -85.48 84.37
CA GLU TB 27 41.29 -86.45 84.55
C GLU TB 27 41.16 -87.61 83.58
N HIS TB 28 39.94 -88.10 83.39
CA HIS TB 28 39.75 -89.25 82.53
C HIS TB 28 39.33 -88.87 81.12
N GLY TB 29 38.85 -87.65 80.92
CA GLY TB 29 38.43 -87.25 79.60
C GLY TB 29 37.06 -87.77 79.22
N ILE TB 30 36.03 -87.38 79.97
CA ILE TB 30 34.65 -87.61 79.57
C ILE TB 30 34.08 -86.27 79.14
N ASP TB 31 33.58 -86.22 77.91
CA ASP TB 31 32.90 -85.04 77.42
C ASP TB 31 31.64 -84.80 78.26
N PRO TB 32 31.26 -83.55 78.49
CA PRO TB 32 30.15 -83.29 79.42
C PRO TB 32 28.82 -83.91 79.02
N THR TB 33 28.62 -84.22 77.74
CA THR TB 33 27.44 -84.99 77.37
C THR TB 33 27.54 -86.45 77.80
N GLY TB 34 28.71 -86.91 78.25
CA GLY TB 34 28.87 -88.26 78.76
C GLY TB 34 29.76 -89.15 77.91
N THR TB 35 30.01 -88.79 76.66
CA THR TB 35 30.83 -89.63 75.80
C THR TB 35 32.29 -89.53 76.20
N TYR TB 36 33.10 -90.44 75.66
CA TYR TB 36 34.52 -90.50 75.96
C TYR TB 36 35.34 -89.93 74.82
N CYS TB 37 36.33 -89.11 75.17
CA CYS TB 37 37.34 -88.64 74.24
C CYS TB 37 38.65 -88.48 74.99
N GLY TB 38 39.74 -88.96 74.39
CA GLY TB 38 41.03 -88.92 75.07
C GLY TB 38 41.96 -90.07 74.77
N ASP TB 39 41.45 -91.07 74.05
CA ASP TB 39 42.18 -92.15 73.34
C ASP TB 39 43.42 -92.68 74.07
N SER TB 40 43.20 -93.12 75.31
CA SER TB 40 44.25 -93.79 76.07
C SER TB 40 43.61 -94.86 76.95
N ASP TB 41 44.10 -96.08 76.84
CA ASP TB 41 43.55 -97.18 77.60
C ASP TB 41 43.86 -97.05 79.09
N LEU TB 42 44.93 -96.35 79.43
CA LEU TB 42 45.31 -96.24 80.83
C LEU TB 42 44.44 -95.25 81.59
N GLN TB 43 43.77 -94.34 80.89
CA GLN TB 43 42.91 -93.36 81.56
C GLN TB 43 41.71 -94.03 82.21
N LEU TB 44 41.05 -94.93 81.51
CA LEU TB 44 39.78 -95.45 81.98
C LEU TB 44 39.79 -96.98 82.06
N GLU TB 45 40.96 -97.58 82.22
CA GLU TB 45 41.00 -98.98 82.59
C GLU TB 45 40.35 -99.19 83.94
N ARG TB 46 40.48 -98.22 84.84
CA ARG TB 46 39.73 -98.18 86.09
C ARG TB 46 38.82 -96.96 86.03
N ILE TB 47 37.67 -97.12 85.38
CA ILE TB 47 36.68 -96.07 85.28
C ILE TB 47 35.50 -96.33 86.19
N ASN TB 48 35.30 -97.56 86.63
CA ASN TB 48 34.14 -97.91 87.43
C ASN TB 48 34.29 -97.49 88.88
N VAL TB 49 35.41 -96.86 89.25
CA VAL TB 49 35.53 -96.35 90.61
C VAL TB 49 34.60 -95.17 90.85
N PHE TB 50 34.17 -94.48 89.79
CA PHE TB 50 33.32 -93.32 89.95
C PHE TB 50 32.14 -93.26 89.00
N TYR TB 51 32.10 -94.08 87.96
CA TYR TB 51 31.09 -93.93 86.91
C TYR TB 51 30.41 -95.27 86.65
N ASN TB 52 29.34 -95.21 85.85
CA ASN TB 52 28.57 -96.40 85.49
C ASN TB 52 28.28 -96.39 84.00
N GLU TB 53 28.26 -97.58 83.40
CA GLU TB 53 27.84 -97.74 82.01
C GLU TB 53 26.34 -97.53 81.91
N ALA TB 54 25.87 -97.02 80.77
CA ALA TB 54 24.47 -96.67 80.63
C ALA TB 54 23.92 -97.02 79.24
N THR TB 55 24.37 -98.15 78.69
CA THR TB 55 23.83 -98.80 77.48
C THR TB 55 23.71 -97.87 76.28
N GLY TB 56 24.47 -96.80 76.25
CA GLY TB 56 24.57 -95.95 75.09
C GLY TB 56 26.01 -95.53 75.03
N GLY TB 57 26.77 -96.14 75.92
CA GLY TB 57 28.18 -95.86 76.04
C GLY TB 57 28.52 -94.68 76.92
N ARG TB 58 27.54 -93.94 77.39
CA ARG TB 58 27.81 -92.79 78.23
C ARG TB 58 28.09 -93.24 79.66
N PHE TB 59 28.86 -92.44 80.37
CA PHE TB 59 29.19 -92.70 81.76
C PHE TB 59 28.44 -91.71 82.64
N VAL TB 60 27.60 -92.22 83.53
CA VAL TB 60 26.91 -91.37 84.48
C VAL TB 60 27.63 -91.45 85.81
N PRO TB 61 27.86 -90.33 86.49
CA PRO TB 61 28.54 -90.39 87.77
C PRO TB 61 27.66 -91.01 88.83
N ARG TB 62 28.30 -91.69 89.78
CA ARG TB 62 27.58 -92.29 90.89
C ARG TB 62 27.40 -91.29 92.02
N ALA TB 63 26.74 -90.17 91.72
CA ALA TB 63 26.58 -89.08 92.67
C ALA TB 63 25.11 -88.96 93.05
N ILE TB 64 24.86 -88.74 94.33
CA ILE TB 64 23.52 -88.51 94.85
C ILE TB 64 23.45 -87.07 95.34
N LEU TB 65 22.81 -86.21 94.57
CA LEU TB 65 22.74 -84.79 94.89
C LEU TB 65 21.60 -84.58 95.88
N MET TB 66 21.90 -83.90 96.98
CA MET TB 66 21.06 -84.03 98.16
C MET TB 66 21.00 -82.72 98.93
N ASP TB 67 19.80 -82.17 99.05
CA ASP TB 67 19.57 -80.91 99.75
C ASP TB 67 18.10 -80.80 100.14
N LEU TB 68 17.72 -79.63 100.60
CA LEU TB 68 16.33 -79.34 100.94
C LEU TB 68 15.81 -78.09 100.28
N GLU TB 69 16.65 -77.33 99.60
CA GLU TB 69 16.26 -76.09 98.95
C GLU TB 69 16.33 -76.34 97.45
N PRO TB 70 15.21 -76.30 96.73
CA PRO TB 70 15.19 -76.80 95.35
C PRO TB 70 15.89 -75.93 94.34
N GLY TB 71 16.45 -74.80 94.75
CA GLY TB 71 17.07 -73.92 93.79
C GLY TB 71 18.55 -74.17 93.59
N THR TB 72 19.26 -74.54 94.66
CA THR TB 72 20.71 -74.56 94.58
C THR TB 72 21.25 -75.73 93.77
N MET TB 73 20.54 -76.85 93.72
CA MET TB 73 20.97 -77.85 92.75
C MET TB 73 20.18 -77.78 91.46
N ASP TB 74 19.17 -76.92 91.38
CA ASP TB 74 18.66 -76.51 90.08
C ASP TB 74 19.74 -75.74 89.35
N SER TB 75 20.56 -75.00 90.09
CA SER TB 75 21.70 -74.31 89.52
C SER TB 75 22.73 -75.28 88.94
N VAL TB 76 22.96 -76.39 89.62
CA VAL TB 76 23.94 -77.36 89.15
C VAL TB 76 23.47 -78.00 87.85
N ARG TB 77 22.15 -78.20 87.73
CA ARG TB 77 21.57 -78.77 86.51
C ARG TB 77 21.82 -77.87 85.30
N ALA TB 78 21.59 -76.58 85.44
CA ALA TB 78 21.76 -75.68 84.31
C ALA TB 78 23.22 -75.34 84.05
N GLY TB 79 24.10 -75.58 85.01
CA GLY TB 79 25.49 -75.20 84.88
C GLY TB 79 26.26 -76.12 83.96
N PRO TB 80 27.57 -75.91 83.87
CA PRO TB 80 28.39 -76.78 83.02
C PRO TB 80 28.50 -78.17 83.65
N PHE TB 81 28.56 -79.17 82.78
CA PHE TB 81 28.66 -80.58 83.16
C PHE TB 81 27.49 -81.04 84.02
N GLY TB 82 26.36 -80.36 83.94
CA GLY TB 82 25.19 -80.77 84.69
C GLY TB 82 24.36 -81.83 84.02
N GLN TB 83 24.63 -82.11 82.75
CA GLN TB 83 23.90 -83.15 82.06
C GLN TB 83 24.42 -84.54 82.40
N LEU TB 84 25.54 -84.63 83.11
CA LEU TB 84 26.05 -85.94 83.52
C LEU TB 84 25.16 -86.59 84.56
N PHE TB 85 24.70 -85.81 85.53
CA PHE TB 85 24.10 -86.37 86.73
C PHE TB 85 22.74 -86.99 86.44
N ARG TB 86 22.44 -88.07 87.13
CA ARG TB 86 21.19 -88.79 86.89
C ARG TB 86 20.01 -88.00 87.46
N PRO TB 87 18.93 -87.82 86.70
CA PRO TB 87 17.77 -87.09 87.24
C PRO TB 87 17.10 -87.79 88.41
N ASP TB 88 17.12 -89.11 88.45
CA ASP TB 88 16.60 -89.81 89.62
C ASP TB 88 17.48 -89.62 90.84
N ASN TB 89 18.76 -89.31 90.64
CA ASN TB 89 19.67 -89.09 91.75
C ASN TB 89 19.41 -87.79 92.48
N PHE TB 90 18.66 -86.87 91.89
CA PHE TB 90 18.27 -85.66 92.59
C PHE TB 90 17.22 -85.98 93.64
N VAL TB 91 17.43 -85.53 94.86
CA VAL TB 91 16.40 -85.58 95.90
C VAL TB 91 16.12 -84.15 96.35
N PHE TB 92 15.12 -83.54 95.74
CA PHE TB 92 14.74 -82.17 96.03
C PHE TB 92 14.20 -82.05 97.44
N GLY TB 93 14.12 -80.81 97.91
CA GLY TB 93 13.30 -80.45 99.03
C GLY TB 93 12.42 -79.27 98.64
N GLN TB 94 11.51 -78.91 99.53
CA GLN TB 94 10.70 -77.75 99.25
C GLN TB 94 10.87 -76.63 100.25
N THR TB 95 10.84 -76.95 101.55
CA THR TB 95 10.80 -75.90 102.54
C THR TB 95 12.16 -75.24 102.70
N GLY TB 96 13.19 -76.03 102.94
CA GLY TB 96 14.51 -75.46 103.11
C GLY TB 96 14.85 -75.33 104.57
N ALA TB 97 15.86 -76.07 105.02
CA ALA TB 97 16.26 -76.04 106.41
C ALA TB 97 16.95 -74.71 106.70
N GLY TB 98 16.21 -73.78 107.28
CA GLY TB 98 16.69 -72.43 107.39
C GLY TB 98 17.79 -72.26 108.41
N ASN TB 99 18.96 -72.84 108.11
CA ASN TB 99 20.18 -72.74 108.90
C ASN TB 99 19.99 -73.25 110.32
N ASN TB 100 19.05 -74.15 110.53
CA ASN TB 100 18.76 -74.71 111.84
C ASN TB 100 19.15 -76.16 111.80
N TRP TB 101 20.17 -76.52 112.57
CA TRP TB 101 20.62 -77.90 112.65
C TRP TB 101 19.54 -78.83 113.15
N ALA TB 102 18.65 -78.31 114.02
CA ALA TB 102 17.61 -79.15 114.56
C ALA TB 102 16.66 -79.62 113.49
N LYS TB 103 16.24 -78.72 112.60
CA LYS TB 103 15.27 -79.17 111.61
C LYS TB 103 15.92 -79.91 110.46
N GLY TB 104 17.22 -79.75 110.24
CA GLY TB 104 17.89 -80.60 109.30
C GLY TB 104 17.88 -82.05 109.73
N HIS TB 105 18.17 -82.29 111.01
CA HIS TB 105 18.25 -83.65 111.50
C HIS TB 105 16.88 -84.22 111.82
N TYR TB 106 16.20 -83.66 112.81
CA TYR TB 106 15.07 -84.36 113.41
C TYR TB 106 13.75 -84.08 112.68
N THR TB 107 13.32 -82.83 112.62
CA THR TB 107 11.95 -82.58 112.19
C THR TB 107 11.82 -82.60 110.66
N GLU TB 108 12.48 -81.67 109.98
CA GLU TB 108 12.19 -81.49 108.56
C GLU TB 108 12.87 -82.54 107.69
N GLY TB 109 14.07 -82.97 108.07
CA GLY TB 109 14.80 -83.89 107.22
C GLY TB 109 14.22 -85.28 107.16
N ALA TB 110 13.53 -85.70 108.22
CA ALA TB 110 13.11 -87.09 108.38
C ALA TB 110 12.11 -87.55 107.34
N GLU TB 111 11.41 -86.66 106.66
CA GLU TB 111 10.51 -87.08 105.59
C GLU TB 111 11.21 -87.19 104.24
N LEU TB 112 12.49 -86.83 104.16
CA LEU TB 112 13.23 -86.94 102.92
C LEU TB 112 14.14 -88.15 102.90
N ILE TB 113 14.51 -88.68 104.05
CA ILE TB 113 15.48 -89.77 104.13
C ILE TB 113 14.92 -91.07 103.58
N ASP TB 114 13.59 -91.23 103.62
CA ASP TB 114 12.97 -92.40 103.00
C ASP TB 114 13.16 -92.43 101.48
N SER TB 115 13.52 -91.30 100.89
CA SER TB 115 13.87 -91.29 99.47
C SER TB 115 15.37 -91.39 99.24
N VAL TB 116 16.17 -90.67 100.02
CA VAL TB 116 17.60 -90.59 99.72
C VAL TB 116 18.30 -91.88 100.12
N LEU TB 117 17.79 -92.58 101.13
CA LEU TB 117 18.38 -93.86 101.48
C LEU TB 117 17.98 -94.92 100.47
N ASP TB 118 16.82 -94.76 99.84
CA ASP TB 118 16.41 -95.68 98.79
C ASP TB 118 17.32 -95.60 97.58
N VAL TB 119 17.68 -94.38 97.18
CA VAL TB 119 18.46 -94.23 95.97
C VAL TB 119 19.93 -94.57 96.22
N VAL TB 120 20.41 -94.39 97.46
CA VAL TB 120 21.82 -94.69 97.72
C VAL TB 120 22.04 -96.19 97.77
N ARG TB 121 21.05 -96.95 98.22
CA ARG TB 121 21.24 -98.40 98.31
C ARG TB 121 20.97 -99.08 96.98
N LYS TB 122 20.15 -98.46 96.12
CA LYS TB 122 19.91 -99.05 94.81
C LYS TB 122 21.16 -98.96 93.95
N GLU TB 123 21.94 -97.89 94.12
CA GLU TB 123 23.19 -97.79 93.39
C GLU TB 123 24.31 -98.53 94.12
N ALA TB 124 24.21 -98.67 95.44
CA ALA TB 124 25.23 -99.42 96.17
C ALA TB 124 25.15 -100.91 95.88
N GLU TB 125 23.95 -101.47 95.95
CA GLU TB 125 23.82 -102.92 95.81
C GLU TB 125 23.91 -103.37 94.35
N GLY TB 126 23.86 -102.45 93.40
CA GLY TB 126 23.87 -102.84 92.01
C GLY TB 126 25.22 -103.34 91.52
N CYS TB 127 26.30 -102.96 92.20
CA CYS TB 127 27.64 -103.36 91.80
C CYS TB 127 27.99 -104.70 92.44
N ASP TB 128 29.26 -105.08 92.36
CA ASP TB 128 29.69 -106.32 92.99
C ASP TB 128 29.80 -106.17 94.50
N CYS TB 129 30.74 -105.36 94.97
CA CYS TB 129 30.75 -104.94 96.37
C CYS TB 129 31.54 -103.65 96.47
N LEU TB 130 31.02 -102.75 97.28
CA LEU TB 130 31.40 -101.35 97.41
C LEU TB 130 32.71 -101.22 98.18
N GLN TB 131 33.33 -100.05 98.04
CA GLN TB 131 34.58 -99.73 98.74
C GLN TB 131 34.42 -98.60 99.73
N GLY TB 132 33.86 -97.46 99.34
CA GLY TB 132 33.72 -96.36 100.27
C GLY TB 132 32.67 -95.36 99.85
N PHE TB 133 32.56 -94.29 100.64
CA PHE TB 133 31.63 -93.21 100.40
C PHE TB 133 32.34 -91.87 100.46
N GLN TB 134 31.85 -90.93 99.66
CA GLN TB 134 32.29 -89.54 99.70
C GLN TB 134 31.14 -88.62 100.06
N ILE TB 135 31.34 -87.79 101.08
CA ILE TB 135 30.35 -86.82 101.52
C ILE TB 135 31.00 -85.45 101.47
N THR TB 136 30.53 -84.59 100.58
CA THR TB 136 31.00 -83.20 100.53
C THR TB 136 29.94 -82.31 101.15
N HIS TB 137 30.32 -81.56 102.18
CA HIS TB 137 29.37 -80.73 102.91
C HIS TB 137 30.12 -79.66 103.67
N SER TB 138 29.34 -78.85 104.41
CA SER TB 138 29.85 -77.82 105.28
C SER TB 138 29.32 -78.06 106.68
N LEU TB 139 30.15 -77.81 107.70
CA LEU TB 139 29.70 -77.94 109.07
C LEU TB 139 29.47 -76.60 109.73
N GLY TB 140 28.96 -75.63 108.98
CA GLY TB 140 28.52 -74.39 109.57
C GLY TB 140 27.07 -74.10 109.23
N GLY TB 141 26.59 -74.70 108.14
CA GLY TB 141 25.28 -74.43 107.63
C GLY TB 141 24.21 -75.29 108.26
N GLY TB 142 23.04 -75.28 107.64
CA GLY TB 142 21.95 -76.07 108.16
C GLY TB 142 21.72 -77.39 107.46
N THR TB 143 21.55 -77.36 106.15
CA THR TB 143 21.11 -78.55 105.43
C THR TB 143 22.25 -79.48 105.07
N GLY TB 144 23.49 -79.04 105.24
CA GLY TB 144 24.63 -79.91 105.04
C GLY TB 144 25.19 -80.40 106.36
N SER TB 145 25.22 -79.51 107.35
CA SER TB 145 25.81 -79.87 108.64
C SER TB 145 24.89 -80.77 109.44
N GLY TB 146 23.59 -80.55 109.36
CA GLY TB 146 22.68 -81.39 110.12
C GLY TB 146 22.03 -82.49 109.32
N MET TB 147 21.43 -82.13 108.20
CA MET TB 147 20.65 -83.10 107.47
C MET TB 147 21.56 -84.00 106.65
N GLY TB 148 22.78 -83.54 106.35
CA GLY TB 148 23.77 -84.41 105.76
C GLY TB 148 24.43 -85.32 106.78
N THR TB 149 24.47 -84.91 108.05
CA THR TB 149 25.05 -85.75 109.08
C THR TB 149 24.12 -86.90 109.43
N LEU TB 150 22.82 -86.72 109.21
CA LEU TB 150 21.90 -87.85 109.30
C LEU TB 150 22.26 -88.92 108.28
N LEU TB 151 22.57 -88.50 107.06
CA LEU TB 151 22.89 -89.46 106.01
C LEU TB 151 24.23 -90.12 106.29
N ILE TB 152 25.10 -89.46 107.05
CA ILE TB 152 26.31 -90.10 107.53
C ILE TB 152 25.97 -91.25 108.48
N SER TB 153 25.02 -91.02 109.38
CA SER TB 153 24.77 -92.00 110.43
C SER TB 153 24.02 -93.21 109.92
N LYS TB 154 23.09 -93.02 108.98
CA LYS TB 154 22.28 -94.14 108.54
C LYS TB 154 23.04 -95.10 107.64
N VAL TB 155 23.93 -94.59 106.79
CA VAL TB 155 24.58 -95.50 105.85
C VAL TB 155 25.68 -96.27 106.57
N ARG TB 156 26.19 -95.73 107.68
CA ARG TB 156 27.20 -96.44 108.46
C ARG TB 156 26.62 -97.66 109.14
N GLU TB 157 25.43 -97.53 109.73
CA GLU TB 157 24.81 -98.69 110.36
C GLU TB 157 24.27 -99.68 109.34
N GLU TB 158 24.15 -99.29 108.08
CA GLU TB 158 23.73 -100.22 107.04
C GLU TB 158 24.91 -100.91 106.37
N TYR TB 159 26.08 -100.27 106.34
CA TYR TB 159 27.30 -100.83 105.78
C TYR TB 159 28.42 -100.65 106.79
N PRO TB 160 28.46 -101.47 107.84
CA PRO TB 160 29.43 -101.23 108.92
C PRO TB 160 30.86 -101.57 108.54
N ASP TB 161 31.04 -102.48 107.58
CA ASP TB 161 32.38 -102.91 107.18
C ASP TB 161 32.98 -102.08 106.06
N ARG TB 162 32.27 -101.08 105.56
CA ARG TB 162 32.81 -100.18 104.57
C ARG TB 162 33.39 -98.94 105.25
N ILE TB 163 34.07 -98.12 104.46
CA ILE TB 163 34.62 -96.87 104.97
C ILE TB 163 33.88 -95.71 104.32
N MET TB 164 34.10 -94.52 104.88
CA MET TB 164 33.57 -93.30 104.31
C MET TB 164 34.43 -92.14 104.79
N GLU TB 165 34.71 -91.20 103.89
CA GLU TB 165 35.54 -90.07 104.25
C GLU TB 165 35.03 -88.81 103.59
N THR TB 166 35.00 -87.72 104.34
CA THR TB 166 34.32 -86.49 103.98
C THR TB 166 35.30 -85.35 103.81
N PHE TB 167 34.88 -84.36 103.04
CA PHE TB 167 35.56 -83.08 102.94
C PHE TB 167 34.63 -81.99 103.44
N SER TB 168 34.95 -81.44 104.62
CA SER TB 168 34.05 -80.54 105.32
C SER TB 168 34.78 -79.25 105.66
N VAL TB 169 34.14 -78.13 105.38
CA VAL TB 169 34.68 -76.83 105.78
C VAL TB 169 34.13 -76.49 107.16
N PHE TB 170 34.90 -75.70 107.90
CA PHE TB 170 34.52 -75.28 109.24
C PHE TB 170 34.34 -73.77 109.33
N PRO TB 171 33.90 -73.23 110.46
CA PRO TB 171 34.01 -71.80 110.70
C PRO TB 171 35.45 -71.31 110.60
N SER TB 172 35.59 -70.19 110.06
CA SER TB 172 36.71 -69.28 109.85
C SER TB 172 36.89 -68.37 111.06
N PRO TB 173 38.13 -68.06 111.44
CA PRO TB 173 38.35 -67.28 112.66
C PRO TB 173 37.82 -65.85 112.63
N LYS TB 174 38.22 -65.04 111.65
CA LYS TB 174 37.87 -63.62 111.70
C LYS TB 174 36.54 -63.38 110.99
N VAL TB 175 36.49 -63.64 109.69
CA VAL TB 175 35.23 -63.64 108.98
C VAL TB 175 34.41 -64.84 109.44
N SER TB 176 33.09 -64.68 109.47
CA SER TB 176 32.22 -65.77 109.87
C SER TB 176 30.84 -65.52 109.28
N ASP TB 177 30.39 -66.41 108.40
CA ASP TB 177 29.01 -66.37 107.95
C ASP TB 177 28.11 -66.94 109.03
N THR TB 178 26.80 -66.94 108.74
CA THR TB 178 25.84 -67.90 109.28
C THR TB 178 25.90 -67.96 110.81
N VAL TB 179 25.36 -66.89 111.42
CA VAL TB 179 25.65 -66.48 112.80
C VAL TB 179 25.51 -67.62 113.80
N VAL TB 180 24.72 -68.64 113.51
CA VAL TB 180 24.85 -69.85 114.29
C VAL TB 180 25.86 -70.78 113.62
N GLU TB 181 27.13 -70.44 113.76
CA GLU TB 181 28.22 -71.36 113.46
C GLU TB 181 28.43 -72.36 114.58
N PRO TB 182 28.73 -71.95 115.83
CA PRO TB 182 29.20 -72.94 116.80
C PRO TB 182 28.12 -73.88 117.24
N TYR TB 183 26.86 -73.47 117.14
CA TYR TB 183 25.78 -74.42 117.37
C TYR TB 183 25.79 -75.50 116.30
N ASN TB 184 25.95 -75.11 115.03
CA ASN TB 184 25.90 -76.08 113.97
C ASN TB 184 27.17 -76.92 113.91
N ALA TB 185 28.31 -76.32 114.25
CA ALA TB 185 29.56 -77.07 114.19
C ALA TB 185 29.63 -78.10 115.30
N THR TB 186 29.37 -77.68 116.55
CA THR TB 186 29.60 -78.57 117.68
C THR TB 186 28.59 -79.70 117.71
N LEU TB 187 27.37 -79.45 117.27
CA LEU TB 187 26.40 -80.53 117.15
C LEU TB 187 26.79 -81.51 116.05
N SER TB 188 27.55 -81.04 115.07
CA SER TB 188 27.92 -81.94 113.97
C SER TB 188 29.17 -82.73 114.30
N VAL TB 189 30.10 -82.14 115.06
CA VAL TB 189 31.34 -82.83 115.39
C VAL TB 189 31.07 -84.04 116.27
N HIS TB 190 30.22 -83.89 117.29
CA HIS TB 190 30.00 -85.00 118.19
C HIS TB 190 29.21 -86.13 117.56
N GLN TB 191 28.60 -85.89 116.41
CA GLN TB 191 28.09 -86.98 115.60
C GLN TB 191 29.12 -87.47 114.61
N LEU TB 192 30.08 -86.62 114.25
CA LEU TB 192 31.05 -87.00 113.23
C LEU TB 192 32.15 -87.89 113.80
N VAL TB 193 32.53 -87.65 115.05
CA VAL TB 193 33.53 -88.50 115.69
C VAL TB 193 32.97 -89.87 116.02
N GLU TB 194 31.66 -90.03 115.97
CA GLU TB 194 31.02 -91.29 116.33
C GLU TB 194 30.64 -92.14 115.13
N ASN TB 195 30.44 -91.53 113.95
CA ASN TB 195 29.94 -92.30 112.82
C ASN TB 195 30.73 -92.07 111.54
N ALA TB 196 31.89 -91.44 111.60
CA ALA TB 196 32.69 -91.19 110.41
C ALA TB 196 34.12 -91.70 110.62
N ASP TB 197 34.73 -92.15 109.52
CA ASP TB 197 36.04 -92.77 109.59
C ASP TB 197 37.17 -91.79 109.37
N GLU TB 198 36.95 -90.76 108.55
CA GLU TB 198 38.02 -89.86 108.13
C GLU TB 198 37.42 -88.55 107.67
N VAL TB 199 37.97 -87.43 108.15
CA VAL TB 199 37.47 -86.11 107.82
C VAL TB 199 38.63 -85.23 107.40
N GLN TB 200 38.49 -84.56 106.27
CA GLN TB 200 39.49 -83.62 105.80
C GLN TB 200 38.98 -82.21 106.04
N VAL TB 201 39.68 -81.44 106.85
CA VAL TB 201 39.20 -80.13 107.25
C VAL TB 201 39.65 -79.11 106.23
N ILE TB 202 38.79 -78.14 105.96
CA ILE TB 202 39.10 -76.99 105.12
C ILE TB 202 38.63 -75.75 105.85
N ASP TB 203 39.40 -74.67 105.77
CA ASP TB 203 39.02 -73.39 106.32
C ASP TB 203 38.85 -72.41 105.17
N ASN TB 204 37.86 -71.53 105.27
CA ASN TB 204 37.60 -70.62 104.17
C ASN TB 204 38.68 -69.57 104.02
N GLU TB 205 39.14 -68.96 105.10
CA GLU TB 205 40.11 -67.90 104.87
C GLU TB 205 41.51 -68.45 104.68
N ALA TB 206 41.71 -69.74 104.93
CA ALA TB 206 42.94 -70.37 104.47
C ALA TB 206 42.98 -70.46 102.96
N LEU TB 207 41.84 -70.76 102.34
CA LEU TB 207 41.75 -70.77 100.88
C LEU TB 207 41.99 -69.39 100.31
N TYR TB 208 41.51 -68.35 100.99
CA TYR TB 208 41.69 -66.99 100.52
C TYR TB 208 43.15 -66.55 100.61
N ASP TB 209 43.87 -67.09 101.59
CA ASP TB 209 45.29 -66.79 101.70
C ASP TB 209 46.05 -67.39 100.52
N ILE TB 210 45.61 -68.57 100.06
CA ILE TB 210 46.26 -69.24 98.93
C ILE TB 210 46.15 -68.41 97.67
N CYS TB 211 44.96 -67.88 97.38
CA CYS TB 211 44.78 -67.14 96.15
C CYS TB 211 45.38 -65.74 96.20
N PHE TB 212 45.69 -65.22 97.39
CA PHE TB 212 46.46 -63.99 97.47
C PHE TB 212 47.94 -64.26 97.26
N ARG TB 213 48.55 -65.00 98.18
CA ARG TB 213 50.00 -65.10 98.22
C ARG TB 213 50.57 -65.99 97.12
N THR TB 214 49.91 -67.09 96.80
CA THR TB 214 50.47 -68.00 95.82
C THR TB 214 49.97 -67.69 94.41
N LEU TB 215 48.65 -67.73 94.22
CA LEU TB 215 48.10 -67.68 92.87
C LEU TB 215 48.18 -66.31 92.22
N LYS TB 216 48.45 -65.25 93.00
CA LYS TB 216 48.52 -63.87 92.51
C LYS TB 216 47.24 -63.45 91.77
N LEU TB 217 46.10 -63.89 92.26
CA LEU TB 217 44.81 -63.53 91.68
C LEU TB 217 44.10 -62.55 92.62
N THR TB 218 43.66 -61.43 92.07
CA THR TB 218 43.06 -60.38 92.89
C THR TB 218 41.64 -60.72 93.28
N THR TB 219 40.74 -60.85 92.30
CA THR TB 219 39.32 -61.10 92.55
C THR TB 219 38.77 -62.23 91.69
N PRO TB 220 39.08 -63.49 92.00
CA PRO TB 220 38.22 -64.58 91.53
C PRO TB 220 37.18 -65.01 92.58
N THR TB 221 36.18 -65.72 92.08
CA THR TB 221 35.00 -66.09 92.86
C THR TB 221 35.22 -67.47 93.51
N TYR TB 222 34.14 -68.10 93.98
CA TYR TB 222 34.19 -69.45 94.53
C TYR TB 222 34.70 -70.49 93.55
N GLY TB 223 34.65 -70.21 92.24
CA GLY TB 223 35.10 -71.20 91.27
C GLY TB 223 36.57 -71.57 91.42
N ASP TB 224 37.40 -70.61 91.80
CA ASP TB 224 38.82 -70.91 91.96
C ASP TB 224 39.10 -71.64 93.27
N LEU TB 225 38.39 -71.30 94.35
CA LEU TB 225 38.61 -72.01 95.60
C LEU TB 225 38.17 -73.46 95.49
N ASN TB 226 37.03 -73.70 94.83
CA ASN TB 226 36.57 -75.06 94.67
C ASN TB 226 37.51 -75.86 93.79
N HIS TB 227 38.22 -75.19 92.89
CA HIS TB 227 39.15 -75.86 92.01
C HIS TB 227 40.32 -76.41 92.80
N LEU TB 228 40.77 -75.67 93.81
CA LEU TB 228 41.85 -76.12 94.67
C LEU TB 228 41.42 -77.29 95.54
N VAL TB 229 40.19 -77.25 96.05
CA VAL TB 229 39.68 -78.37 96.84
C VAL TB 229 39.44 -79.58 95.95
N SER TB 230 38.98 -79.35 94.72
CA SER TB 230 38.72 -80.46 93.81
C SER TB 230 40.00 -81.17 93.39
N ALA TB 231 41.10 -80.42 93.25
CA ALA TB 231 42.38 -81.05 92.97
C ALA TB 231 42.85 -81.90 94.15
N ALA TB 232 42.61 -81.42 95.38
CA ALA TB 232 43.00 -82.18 96.55
C ALA TB 232 42.19 -83.46 96.68
N MET TB 233 40.90 -83.40 96.35
CA MET TB 233 40.08 -84.61 96.40
C MET TB 233 40.49 -85.60 95.33
N SER TB 234 40.85 -85.10 94.14
CA SER TB 234 41.33 -86.00 93.09
C SER TB 234 42.68 -86.59 93.46
N GLY TB 235 43.51 -85.85 94.19
CA GLY TB 235 44.83 -86.34 94.53
C GLY TB 235 44.82 -87.45 95.55
N VAL TB 236 43.87 -87.44 96.47
CA VAL TB 236 43.83 -88.46 97.51
C VAL TB 236 43.43 -89.81 96.92
N THR TB 237 42.46 -89.82 96.01
CA THR TB 237 41.99 -91.06 95.41
C THR TB 237 42.53 -91.26 93.99
N CYS TB 238 43.71 -90.72 93.69
CA CYS TB 238 44.30 -90.96 92.37
C CYS TB 238 44.69 -92.41 92.23
N CYS TB 239 45.23 -92.99 93.29
CA CYS TB 239 45.89 -94.28 93.19
C CYS TB 239 44.91 -95.42 92.96
N LEU TB 240 43.65 -95.23 93.32
CA LEU TB 240 42.63 -96.23 92.98
C LEU TB 240 42.44 -96.32 91.48
N ARG TB 241 42.62 -95.23 90.76
CA ARG TB 241 42.30 -95.20 89.35
C ARG TB 241 43.51 -95.45 88.46
N PHE TB 242 44.72 -95.23 88.98
CA PHE TB 242 45.91 -95.35 88.17
C PHE TB 242 46.96 -96.20 88.87
N PRO TB 243 47.82 -96.87 88.12
CA PRO TB 243 48.87 -97.66 88.76
C PRO TB 243 49.99 -96.80 89.33
N GLY TB 244 51.03 -97.46 89.86
CA GLY TB 244 52.15 -96.73 90.44
C GLY TB 244 53.10 -97.68 91.12
N GLN TB 245 54.15 -97.09 91.69
CA GLN TB 245 55.15 -97.89 92.37
C GLN TB 245 54.68 -98.29 93.76
N LEU TB 246 54.49 -97.32 94.64
CA LEU TB 246 54.01 -97.56 95.99
C LEU TB 246 52.54 -97.18 95.99
N ASN TB 247 51.67 -98.19 95.94
CA ASN TB 247 50.26 -97.95 95.72
C ASN TB 247 49.58 -97.42 96.97
N SER TB 248 48.34 -96.97 96.80
CA SER TB 248 47.57 -96.46 97.93
C SER TB 248 46.10 -96.77 97.75
N ASP TB 249 45.41 -96.87 98.88
CA ASP TB 249 43.97 -97.03 98.93
C ASP TB 249 43.46 -96.14 100.06
N LEU TB 250 42.17 -95.80 100.01
CA LEU TB 250 41.59 -95.00 101.09
C LEU TB 250 41.67 -95.72 102.43
N ARG TB 251 41.46 -97.04 102.43
CA ARG TB 251 41.54 -97.77 103.69
C ARG TB 251 42.99 -98.00 104.11
N LYS TB 252 43.92 -98.04 103.16
CA LYS TB 252 45.30 -98.29 103.56
C LYS TB 252 45.92 -97.02 104.13
N LEU TB 253 45.52 -95.85 103.63
CA LEU TB 253 45.93 -94.64 104.32
C LEU TB 253 45.09 -94.40 105.56
N ALA TB 254 43.94 -95.07 105.67
CA ALA TB 254 43.17 -94.96 106.90
C ALA TB 254 43.88 -95.67 108.04
N VAL TB 255 44.36 -96.90 107.80
CA VAL TB 255 45.04 -97.64 108.85
C VAL TB 255 46.43 -97.06 109.12
N ASN TB 256 47.01 -96.40 108.12
CA ASN TB 256 48.35 -95.87 108.31
C ASN TB 256 48.31 -94.59 109.14
N LEU TB 257 47.22 -93.85 109.08
CA LEU TB 257 47.22 -92.51 109.63
C LEU TB 257 46.75 -92.48 111.09
N ILE TB 258 45.54 -92.92 111.36
CA ILE TB 258 44.95 -92.68 112.67
C ILE TB 258 45.57 -93.64 113.69
N PRO TB 259 46.08 -93.14 114.80
CA PRO TB 259 46.57 -94.02 115.86
C PRO TB 259 45.48 -94.51 116.78
N PHE TB 260 44.52 -93.64 117.06
CA PHE TB 260 43.43 -93.94 117.97
C PHE TB 260 42.13 -93.59 117.28
N PRO TB 261 41.05 -94.34 117.54
CA PRO TB 261 39.84 -94.18 116.73
C PRO TB 261 39.16 -92.84 116.90
N ARG TB 262 39.44 -92.12 117.99
CA ARG TB 262 38.74 -90.87 118.25
C ARG TB 262 39.23 -89.73 117.38
N LEU TB 263 40.51 -89.72 117.02
CA LEU TB 263 41.09 -88.59 116.31
C LEU TB 263 41.38 -88.99 114.86
N HIS TB 264 40.57 -88.48 113.93
CA HIS TB 264 40.73 -88.79 112.52
C HIS TB 264 40.45 -87.57 111.68
N PHE TB 265 40.92 -86.41 112.10
CA PHE TB 265 40.68 -85.17 111.38
C PHE TB 265 41.97 -84.70 110.75
N PHE TB 266 41.95 -84.50 109.44
CA PHE TB 266 43.16 -84.40 108.66
C PHE TB 266 43.29 -83.06 107.97
N LEU TB 267 44.51 -82.56 107.96
CA LEU TB 267 44.88 -81.38 107.21
C LEU TB 267 45.19 -81.76 105.77
N ILE TB 268 45.23 -80.77 104.89
CA ILE TB 268 45.38 -81.00 103.46
C ILE TB 268 46.42 -80.04 102.90
N GLY TB 269 47.26 -80.53 101.98
CA GLY TB 269 48.15 -79.67 101.23
C GLY TB 269 48.09 -80.00 99.76
N PHE TB 270 48.62 -79.09 98.95
CA PHE TB 270 48.78 -79.35 97.53
C PHE TB 270 49.90 -78.48 96.97
N ALA TB 271 50.59 -79.01 95.96
CA ALA TB 271 51.64 -78.32 95.24
C ALA TB 271 51.74 -78.92 93.84
N PRO TB 272 52.22 -78.16 92.85
CA PRO TB 272 52.71 -76.79 92.83
C PRO TB 272 51.60 -75.78 92.77
N LEU TB 273 51.86 -74.61 93.37
CA LEU TB 273 50.92 -73.49 93.36
C LEU TB 273 51.76 -72.27 93.01
N THR TB 274 51.92 -72.05 91.71
CA THR TB 274 52.72 -70.94 91.22
C THR TB 274 51.90 -70.15 90.21
N SER TB 275 52.17 -68.85 90.16
CA SER TB 275 51.48 -67.97 89.23
C SER TB 275 52.09 -68.08 87.84
N ARG TB 276 51.49 -67.35 86.89
CA ARG TB 276 52.01 -67.36 85.52
C ARG TB 276 53.34 -66.64 85.41
N GLY TB 277 53.54 -65.59 86.20
CA GLY TB 277 54.83 -64.89 86.18
C GLY TB 277 55.95 -65.72 86.76
N SER TB 278 55.69 -66.46 87.83
CA SER TB 278 56.70 -67.26 88.50
C SER TB 278 56.79 -68.68 87.95
N GLN TB 279 56.02 -69.01 86.90
CA GLN TB 279 56.09 -70.34 86.32
C GLN TB 279 57.43 -70.57 85.64
N GLN TB 280 57.98 -69.54 85.01
CA GLN TB 280 59.25 -69.68 84.30
C GLN TB 280 60.46 -69.73 85.24
N TYR TB 281 60.34 -69.19 86.46
CA TYR TB 281 61.47 -69.26 87.38
C TYR TB 281 61.68 -70.68 87.91
N ARG TB 282 60.59 -71.39 88.18
CA ARG TB 282 60.71 -72.72 88.76
C ARG TB 282 61.04 -73.75 87.70
N ALA TB 283 61.87 -74.72 88.08
CA ALA TB 283 62.15 -75.90 87.26
C ALA TB 283 61.78 -77.11 88.12
N LEU TB 284 60.55 -77.59 87.95
CA LEU TB 284 59.91 -78.46 88.92
C LEU TB 284 60.67 -79.78 89.10
N SER TB 285 60.99 -80.09 90.34
CA SER TB 285 61.71 -81.29 90.69
C SER TB 285 61.40 -81.60 92.15
N VAL TB 286 61.74 -82.82 92.56
CA VAL TB 286 61.31 -83.37 93.85
C VAL TB 286 61.65 -82.54 95.10
N PRO TB 287 62.85 -81.92 95.31
CA PRO TB 287 63.03 -81.19 96.57
C PRO TB 287 62.21 -79.93 96.77
N GLU TB 288 61.87 -79.18 95.74
CA GLU TB 288 61.06 -78.00 96.02
C GLU TB 288 59.58 -78.32 96.19
N LEU TB 289 59.11 -79.47 95.74
CA LEU TB 289 57.77 -79.90 96.14
C LEU TB 289 57.70 -80.16 97.62
N THR TB 290 58.71 -80.80 98.18
CA THR TB 290 58.68 -81.15 99.59
C THR TB 290 58.81 -79.91 100.47
N GLN TB 291 59.51 -78.88 99.98
CA GLN TB 291 59.66 -77.66 100.77
C GLN TB 291 58.33 -76.93 100.94
N GLN TB 292 57.47 -76.96 99.92
CA GLN TB 292 56.17 -76.32 100.01
C GLN TB 292 55.04 -77.27 100.44
N MET TB 293 55.34 -78.54 100.69
CA MET TB 293 54.52 -79.33 101.60
C MET TB 293 54.57 -78.79 103.02
N PHE TB 294 55.76 -78.58 103.55
CA PHE TB 294 55.88 -78.17 104.94
C PHE TB 294 56.04 -76.66 105.04
N ASP TB 295 55.13 -75.98 104.37
CA ASP TB 295 54.99 -74.54 104.43
C ASP TB 295 53.63 -74.25 105.05
N ALA TB 296 53.63 -73.52 106.16
CA ALA TB 296 52.40 -73.29 106.90
C ALA TB 296 51.40 -72.48 106.09
N LYS TB 297 51.89 -71.56 105.28
CA LYS TB 297 50.99 -70.76 104.45
C LYS TB 297 50.38 -71.58 103.32
N ASN TB 298 50.95 -72.74 102.99
CA ASN TB 298 50.42 -73.58 101.93
C ASN TB 298 49.45 -74.61 102.48
N MET TB 299 49.16 -74.57 103.77
CA MET TB 299 48.27 -75.52 104.39
C MET TB 299 46.83 -75.16 104.04
N MET TB 300 45.99 -76.17 103.79
CA MET TB 300 44.63 -75.89 103.35
C MET TB 300 43.74 -75.39 104.47
N CYS TB 301 44.15 -75.61 105.72
CA CYS TB 301 43.42 -75.12 106.88
C CYS TB 301 44.31 -74.22 107.71
N ALA TB 302 43.77 -73.11 108.17
CA ALA TB 302 44.60 -72.07 108.77
C ALA TB 302 44.80 -72.26 110.26
N SER TB 303 45.17 -73.47 110.64
CA SER TB 303 45.71 -73.73 111.97
C SER TB 303 47.22 -73.80 111.82
N ASP TB 304 47.92 -72.89 112.46
CA ASP TB 304 49.36 -72.76 112.30
C ASP TB 304 50.07 -73.99 112.86
N PRO TB 305 50.66 -74.84 112.01
CA PRO TB 305 51.20 -76.11 112.51
C PRO TB 305 52.48 -75.96 113.31
N ARG TB 306 53.10 -74.79 113.31
CA ARG TB 306 54.31 -74.59 114.08
C ARG TB 306 54.06 -74.63 115.58
N HIS TB 307 52.81 -74.41 116.01
CA HIS TB 307 52.50 -74.46 117.43
C HIS TB 307 52.47 -75.89 117.96
N GLY TB 308 52.02 -76.83 117.14
CA GLY TB 308 51.96 -78.22 117.53
C GLY TB 308 53.04 -79.05 116.86
N ARG TB 309 52.99 -80.35 117.13
CA ARG TB 309 53.88 -81.32 116.52
C ARG TB 309 53.06 -82.30 115.71
N TYR TB 310 53.53 -82.60 114.50
CA TYR TB 310 52.81 -83.53 113.64
C TYR TB 310 52.84 -84.92 114.24
N LEU TB 311 51.67 -85.52 114.36
CA LEU TB 311 51.60 -86.87 114.91
C LEU TB 311 51.95 -87.88 113.84
N THR TB 312 51.41 -87.71 112.64
CA THR TB 312 51.74 -88.50 111.46
C THR TB 312 51.22 -87.78 110.23
N ALA TB 313 51.70 -88.20 109.07
CA ALA TB 313 51.31 -87.55 107.83
C ALA TB 313 51.57 -88.47 106.66
N SER TB 314 50.96 -88.14 105.52
CA SER TB 314 51.10 -88.90 104.30
C SER TB 314 51.33 -87.96 103.14
N ALA TB 315 51.96 -88.48 102.09
CA ALA TB 315 52.26 -87.68 100.91
C ALA TB 315 52.07 -88.55 99.68
N MET TB 316 50.97 -88.34 98.97
CA MET TB 316 50.70 -89.07 97.75
C MET TB 316 51.31 -88.31 96.58
N PHE TB 317 52.56 -88.63 96.26
CA PHE TB 317 53.21 -88.02 95.11
C PHE TB 317 52.60 -88.56 93.83
N ARG TB 318 52.56 -87.72 92.80
CA ARG TB 318 51.99 -88.11 91.53
C ARG TB 318 52.90 -87.68 90.40
N GLY TB 319 53.18 -88.59 89.48
CA GLY TB 319 54.01 -88.30 88.33
C GLY TB 319 55.03 -89.37 88.01
N ARG TB 320 56.15 -88.98 87.40
CA ARG TB 320 57.27 -89.89 87.12
C ARG TB 320 58.44 -89.46 87.99
N MET TB 321 58.46 -89.95 89.21
CA MET TB 321 59.49 -89.63 90.18
C MET TB 321 60.48 -90.78 90.27
N SER TB 322 61.71 -90.44 90.61
CA SER TB 322 62.70 -91.44 90.98
C SER TB 322 62.63 -91.59 92.49
N THR TB 323 62.34 -92.81 92.95
CA THR TB 323 61.86 -93.01 94.30
C THR TB 323 62.92 -92.79 95.37
N LYS TB 324 64.19 -92.80 95.00
CA LYS TB 324 65.23 -92.54 96.00
C LYS TB 324 65.19 -91.08 96.44
N GLU TB 325 65.10 -90.15 95.49
CA GLU TB 325 64.98 -88.76 95.90
C GLU TB 325 63.59 -88.45 96.44
N VAL TB 326 62.63 -89.35 96.25
CA VAL TB 326 61.38 -89.25 96.97
C VAL TB 326 61.61 -89.51 98.45
N ASP TB 327 62.06 -90.73 98.79
CA ASP TB 327 62.02 -91.14 100.18
C ASP TB 327 63.21 -90.62 100.98
N GLU TB 328 64.34 -90.35 100.34
CA GLU TB 328 65.48 -89.80 101.09
C GLU TB 328 65.18 -88.39 101.55
N GLN TB 329 64.59 -87.58 100.69
CA GLN TB 329 64.15 -86.25 101.09
C GLN TB 329 63.00 -86.33 102.06
N MET TB 330 62.18 -87.38 101.91
CA MET TB 330 61.05 -87.60 102.79
C MET TB 330 61.53 -87.86 104.21
N LEU TB 331 62.64 -88.59 104.33
CA LEU TB 331 63.34 -88.72 105.61
C LEU TB 331 64.07 -87.44 105.98
N ASN TB 332 64.57 -86.69 104.99
CA ASN TB 332 65.35 -85.50 105.28
C ASN TB 332 64.48 -84.44 105.94
N VAL TB 333 63.24 -84.31 105.51
CA VAL TB 333 62.36 -83.32 106.12
C VAL TB 333 61.99 -83.73 107.54
N GLN TB 334 62.05 -85.01 107.85
CA GLN TB 334 61.79 -85.44 109.22
C GLN TB 334 62.97 -85.14 110.13
N ASN TB 335 64.19 -85.25 109.61
CA ASN TB 335 65.36 -84.88 110.39
C ASN TB 335 65.55 -83.39 110.46
N LYS TB 336 65.22 -82.67 109.38
CA LYS TB 336 65.38 -81.22 109.37
C LYS TB 336 64.38 -80.54 110.29
N ASN TB 337 63.11 -80.93 110.20
CA ASN TB 337 62.09 -80.44 111.11
C ASN TB 337 61.95 -81.41 112.27
N SER TB 338 62.95 -81.39 113.14
CA SER TB 338 63.06 -82.38 114.20
C SER TB 338 61.96 -82.20 115.25
N SER TB 339 61.77 -80.97 115.72
CA SER TB 339 60.76 -80.73 116.73
C SER TB 339 59.35 -80.65 116.14
N TYR TB 340 59.22 -80.51 114.83
CA TYR TB 340 57.91 -80.36 114.23
C TYR TB 340 57.13 -81.67 114.19
N PHE TB 341 57.78 -82.79 114.42
CA PHE TB 341 57.13 -84.08 114.47
C PHE TB 341 57.13 -84.60 115.90
N VAL TB 342 56.53 -85.76 116.09
CA VAL TB 342 56.40 -86.36 117.40
C VAL TB 342 57.46 -87.43 117.54
N GLU TB 343 57.92 -87.65 118.77
CA GLU TB 343 59.06 -88.52 119.03
C GLU TB 343 58.68 -89.99 119.13
N TRP TB 344 57.54 -90.30 119.75
CA TRP TB 344 57.24 -91.68 120.05
C TRP TB 344 56.73 -92.48 118.87
N ILE TB 345 56.73 -91.92 117.66
CA ILE TB 345 56.52 -92.71 116.46
C ILE TB 345 57.78 -92.65 115.61
N PRO TB 346 58.50 -93.75 115.42
CA PRO TB 346 59.54 -93.76 114.38
C PRO TB 346 58.91 -93.78 113.00
N ASN TB 347 59.56 -93.10 112.06
CA ASN TB 347 59.08 -92.90 110.70
C ASN TB 347 57.70 -92.23 110.70
N ASN TB 348 57.71 -90.97 111.12
CA ASN TB 348 56.50 -90.18 111.19
C ASN TB 348 55.84 -89.91 109.85
N MET TB 349 56.60 -89.95 108.76
CA MET TB 349 56.18 -89.33 107.51
C MET TB 349 56.32 -90.31 106.36
N LYS TB 350 55.32 -90.34 105.48
CA LYS TB 350 55.10 -91.47 104.59
C LYS TB 350 55.01 -90.99 103.16
N SER TB 351 54.91 -91.95 102.24
CA SER TB 351 54.99 -91.63 100.83
C SER TB 351 54.20 -92.63 100.00
N SER TB 352 53.90 -92.23 98.78
CA SER TB 352 53.37 -93.11 97.76
C SER TB 352 53.67 -92.50 96.41
N VAL TB 353 53.64 -93.34 95.38
CA VAL TB 353 53.89 -92.89 94.01
C VAL TB 353 52.70 -93.29 93.17
N CYS TB 354 52.10 -92.30 92.52
CA CYS TB 354 50.88 -92.45 91.73
C CYS TB 354 51.28 -92.08 90.30
N ASP TB 355 51.37 -93.07 89.42
CA ASP TB 355 52.22 -92.94 88.24
C ASP TB 355 51.71 -91.95 87.20
N ILE TB 356 50.50 -91.42 87.33
CA ILE TB 356 49.97 -90.50 86.34
C ILE TB 356 49.93 -89.11 86.94
N PRO TB 357 50.71 -88.16 86.44
CA PRO TB 357 50.62 -86.79 86.91
C PRO TB 357 49.35 -86.15 86.40
N PRO TB 358 48.85 -85.11 87.08
CA PRO TB 358 47.65 -84.44 86.58
C PRO TB 358 47.97 -83.64 85.34
N LYS TB 359 46.96 -83.46 84.50
CA LYS TB 359 47.13 -82.70 83.27
C LYS TB 359 47.38 -81.23 83.56
N GLY TB 360 48.20 -80.62 82.72
CA GLY TB 360 48.69 -79.28 82.93
C GLY TB 360 49.96 -79.20 83.73
N LEU TB 361 50.41 -80.33 84.29
CA LEU TB 361 51.59 -80.36 85.13
C LEU TB 361 52.34 -81.65 84.85
N LYS TB 362 53.50 -81.80 85.47
CA LYS TB 362 54.24 -83.04 85.36
C LYS TB 362 54.56 -83.71 86.69
N MET TB 363 54.52 -82.98 87.79
CA MET TB 363 54.74 -83.58 89.10
C MET TB 363 53.84 -82.89 90.11
N SER TB 364 53.15 -83.67 90.94
CA SER TB 364 52.26 -83.11 91.94
C SER TB 364 52.29 -83.99 93.18
N VAL TB 365 51.88 -83.41 94.30
CA VAL TB 365 51.90 -84.10 95.58
C VAL TB 365 50.78 -83.54 96.44
N THR TB 366 50.06 -84.44 97.11
CA THR TB 366 48.97 -84.08 97.99
C THR TB 366 49.33 -84.47 99.41
N PHE TB 367 49.18 -83.54 100.34
CA PHE TB 367 49.57 -83.73 101.72
C PHE TB 367 48.33 -84.04 102.55
N VAL TB 368 48.40 -85.07 103.37
CA VAL TB 368 47.37 -85.37 104.36
C VAL TB 368 48.07 -85.53 105.69
N GLY TB 369 47.88 -84.59 106.58
CA GLY TB 369 48.59 -84.64 107.83
C GLY TB 369 47.71 -84.67 109.06
N ASN TB 370 47.87 -85.71 109.88
CA ASN TB 370 47.20 -85.79 111.17
C ASN TB 370 48.08 -85.06 112.17
N SER TB 371 47.86 -83.76 112.31
CA SER TB 371 48.63 -82.94 113.23
C SER TB 371 47.85 -82.73 114.50
N THR TB 372 48.52 -82.20 115.51
CA THR TB 372 47.87 -81.78 116.72
C THR TB 372 47.56 -80.29 116.71
N ALA TB 373 47.79 -79.61 115.59
CA ALA TB 373 47.47 -78.19 115.47
C ALA TB 373 45.97 -77.92 115.46
N ILE TB 374 45.14 -78.95 115.32
CA ILE TB 374 43.69 -78.79 115.43
C ILE TB 374 43.26 -78.60 116.87
N GLN TB 375 44.20 -78.68 117.81
CA GLN TB 375 43.91 -78.35 119.21
C GLN TB 375 43.38 -76.93 119.35
N GLU TB 376 44.04 -75.97 118.71
CA GLU TB 376 43.60 -74.58 118.87
C GLU TB 376 42.33 -74.30 118.08
N MET TB 377 42.09 -75.05 117.00
CA MET TB 377 40.95 -74.71 116.15
C MET TB 377 39.64 -75.22 116.76
N PHE TB 378 39.65 -76.42 117.32
CA PHE TB 378 38.49 -76.87 118.06
C PHE TB 378 38.31 -76.09 119.35
N LYS TB 379 39.40 -75.57 119.92
CA LYS TB 379 39.29 -74.70 121.08
C LYS TB 379 38.63 -73.39 120.71
N ARG TB 380 38.81 -72.95 119.46
CA ARG TB 380 38.16 -71.73 118.98
C ARG TB 380 36.65 -71.89 118.94
N VAL TB 381 36.17 -73.00 118.38
CA VAL TB 381 34.73 -73.24 118.34
C VAL TB 381 34.20 -73.56 119.73
N SER TB 382 35.05 -74.11 120.60
CA SER TB 382 34.64 -74.38 121.97
C SER TB 382 34.35 -73.09 122.74
N ASP TB 383 35.20 -72.08 122.57
CA ASP TB 383 34.92 -70.80 123.21
C ASP TB 383 33.76 -70.08 122.54
N GLN TB 384 33.63 -70.21 121.22
CA GLN TB 384 32.50 -69.59 120.53
C GLN TB 384 31.19 -70.23 120.93
N PHE TB 385 31.19 -71.52 121.24
CA PHE TB 385 29.98 -72.18 121.70
C PHE TB 385 29.62 -71.78 123.11
N THR TB 386 30.63 -71.64 123.98
CA THR TB 386 30.34 -71.26 125.36
C THR TB 386 29.84 -69.83 125.46
N ALA TB 387 30.26 -68.97 124.54
CA ALA TB 387 29.82 -67.59 124.56
C ALA TB 387 28.32 -67.47 124.33
N MET TB 388 27.77 -68.28 123.43
CA MET TB 388 26.35 -68.26 123.14
C MET TB 388 25.60 -69.43 123.76
N PHE TB 389 26.08 -69.96 124.87
CA PHE TB 389 25.30 -70.95 125.60
C PHE TB 389 25.19 -70.66 127.09
N ARG TB 390 25.97 -69.70 127.62
CA ARG TB 390 25.89 -69.41 129.05
C ARG TB 390 24.51 -68.92 129.46
N ARG TB 391 23.83 -68.19 128.57
CA ARG TB 391 22.43 -67.93 128.86
C ARG TB 391 21.59 -68.00 127.58
N LYS TB 392 21.83 -69.05 126.79
CA LYS TB 392 20.87 -69.59 125.83
C LYS TB 392 20.56 -68.61 124.70
N ALA TB 393 21.60 -68.09 124.08
CA ALA TB 393 21.43 -67.28 122.89
C ALA TB 393 21.01 -68.14 121.72
N PHE TB 394 20.01 -67.67 120.97
CA PHE TB 394 19.51 -68.29 119.74
C PHE TB 394 19.01 -69.71 119.94
N LEU TB 395 18.75 -70.12 121.18
CA LEU TB 395 18.45 -71.50 121.46
C LEU TB 395 17.04 -71.92 121.09
N HIS TB 396 16.13 -70.97 120.92
CA HIS TB 396 14.73 -71.34 120.85
C HIS TB 396 14.35 -71.98 119.53
N TRP TB 397 15.09 -71.69 118.46
CA TRP TB 397 14.81 -72.35 117.18
C TRP TB 397 15.20 -73.80 117.20
N TYR TB 398 16.29 -74.14 117.89
CA TYR TB 398 16.62 -75.54 118.09
C TYR TB 398 15.64 -76.20 119.05
N THR TB 399 15.39 -75.55 120.18
CA THR TB 399 14.58 -76.15 121.25
C THR TB 399 13.15 -76.40 120.80
N GLY TB 400 12.65 -75.59 119.89
CA GLY TB 400 11.30 -75.79 119.41
C GLY TB 400 11.14 -76.94 118.45
N GLU TB 401 12.24 -77.53 117.99
CA GLU TB 401 12.16 -78.64 117.05
C GLU TB 401 12.54 -79.98 117.71
N GLY TB 402 12.33 -80.09 119.01
CA GLY TB 402 12.59 -81.34 119.70
C GLY TB 402 13.92 -81.46 120.37
N MET TB 403 14.67 -80.37 120.48
CA MET TB 403 15.96 -80.43 121.16
C MET TB 403 15.76 -80.50 122.66
N ASP TB 404 16.86 -80.70 123.37
CA ASP TB 404 16.88 -80.68 124.82
C ASP TB 404 18.00 -79.78 125.30
N GLU TB 405 17.82 -79.26 126.51
CA GLU TB 405 18.91 -78.55 127.18
C GLU TB 405 20.06 -79.48 127.48
N MET TB 406 19.77 -80.76 127.73
CA MET TB 406 20.81 -81.70 128.11
C MET TB 406 21.67 -82.09 126.92
N GLU TB 407 21.10 -82.18 125.72
CA GLU TB 407 21.87 -82.69 124.59
C GLU TB 407 22.86 -81.65 124.08
N PHE TB 408 22.64 -80.38 124.40
CA PHE TB 408 23.65 -79.38 124.06
C PHE TB 408 24.86 -79.47 124.98
N THR TB 409 24.63 -79.77 126.25
CA THR TB 409 25.75 -79.91 127.18
C THR TB 409 26.58 -81.14 126.86
N GLU TB 410 25.93 -82.19 126.35
CA GLU TB 410 26.66 -83.37 125.92
C GLU TB 410 27.56 -83.06 124.73
N ALA TB 411 27.07 -82.25 123.80
CA ALA TB 411 27.85 -81.91 122.62
C ALA TB 411 29.09 -81.10 122.98
N GLU TB 412 28.96 -80.21 123.96
CA GLU TB 412 30.12 -79.45 124.41
C GLU TB 412 31.12 -80.35 125.10
N SER TB 413 30.66 -81.22 125.99
CA SER TB 413 31.57 -82.10 126.72
C SER TB 413 32.22 -83.11 125.79
N ASN TB 414 31.47 -83.64 124.83
CA ASN TB 414 32.03 -84.62 123.91
C ASN TB 414 33.09 -83.98 123.02
N MET TB 415 32.83 -82.78 122.52
CA MET TB 415 33.80 -82.13 121.67
C MET TB 415 34.94 -81.53 122.49
N ASN TB 416 34.72 -81.22 123.76
CA ASN TB 416 35.83 -80.80 124.61
C ASN TB 416 36.76 -81.96 124.95
N ASP TB 417 36.23 -83.18 125.00
CA ASP TB 417 37.09 -84.34 125.23
C ASP TB 417 38.01 -84.57 124.04
N LEU TB 418 37.53 -84.28 122.83
CA LEU TB 418 38.39 -84.37 121.66
C LEU TB 418 39.54 -83.38 121.74
N VAL TB 419 39.29 -82.20 122.31
CA VAL TB 419 40.36 -81.24 122.56
C VAL TB 419 41.36 -81.81 123.56
N SER TB 420 40.85 -82.46 124.61
CA SER TB 420 41.73 -82.98 125.66
C SER TB 420 42.61 -84.11 125.15
N GLU TB 421 42.10 -84.92 124.25
CA GLU TB 421 42.86 -86.07 123.77
C GLU TB 421 44.03 -85.62 122.89
N TYR TB 422 43.87 -84.53 122.16
CA TYR TB 422 44.98 -84.01 121.37
C TYR TB 422 46.06 -83.42 122.25
N GLN TB 423 45.67 -82.69 123.29
CA GLN TB 423 46.66 -81.99 124.12
C GLN TB 423 47.42 -82.96 125.00
N GLN TB 424 46.83 -84.12 125.30
CA GLN TB 424 47.53 -85.14 126.07
C GLN TB 424 48.74 -85.66 125.32
N TYR TB 425 48.68 -85.65 123.99
CA TYR TB 425 49.72 -86.25 123.16
C TYR TB 425 50.68 -85.17 122.68
N GLN TB 426 51.50 -84.70 123.61
CA GLN TB 426 52.51 -83.71 123.31
C GLN TB 426 53.61 -83.90 124.35
N MET UB 1 4.83 -73.01 93.45
CA MET UB 1 5.91 -73.69 94.16
C MET UB 1 6.25 -72.98 95.46
N ARG UB 2 7.32 -72.20 95.46
CA ARG UB 2 7.75 -71.42 96.60
C ARG UB 2 7.59 -69.94 96.29
N GLU UB 3 6.98 -69.21 97.22
CA GLU UB 3 6.53 -67.85 96.97
C GLU UB 3 6.20 -67.20 98.30
N VAL UB 4 5.99 -65.88 98.25
CA VAL UB 4 5.58 -65.13 99.43
C VAL UB 4 4.37 -64.27 99.08
N ILE UB 5 3.35 -64.32 99.93
CA ILE UB 5 2.12 -63.57 99.74
C ILE UB 5 2.26 -62.24 100.46
N SER UB 6 2.11 -61.16 99.73
CA SER UB 6 2.28 -59.81 100.27
C SER UB 6 0.92 -59.22 100.60
N ILE UB 7 0.85 -58.47 101.69
CA ILE UB 7 -0.37 -57.81 102.13
C ILE UB 7 -0.10 -56.33 102.29
N HIS UB 8 -1.01 -55.50 101.79
CA HIS UB 8 -0.91 -54.06 101.94
C HIS UB 8 -2.15 -53.53 102.63
N VAL UB 9 -1.96 -52.90 103.78
CA VAL UB 9 -3.06 -52.46 104.64
C VAL UB 9 -2.75 -51.05 105.10
N GLY UB 10 -3.69 -50.13 104.89
CA GLY UB 10 -3.47 -48.74 105.21
C GLY UB 10 -2.77 -48.00 104.09
N GLN UB 11 -2.97 -46.69 104.06
CA GLN UB 11 -2.53 -45.89 102.91
C GLN UB 11 -1.01 -45.91 102.75
N ALA UB 12 -0.28 -45.86 103.86
CA ALA UB 12 1.18 -45.92 103.78
C ALA UB 12 1.63 -47.25 103.23
N GLY UB 13 0.94 -48.32 103.58
CA GLY UB 13 1.24 -49.61 102.99
C GLY UB 13 0.93 -49.67 101.51
N ILE UB 14 -0.17 -49.04 101.10
CA ILE UB 14 -0.59 -49.11 99.70
C ILE UB 14 0.40 -48.38 98.80
N GLN UB 15 0.74 -47.14 99.13
CA GLN UB 15 1.53 -46.38 98.18
C GLN UB 15 3.02 -46.63 98.33
N ILE UB 16 3.47 -47.20 99.45
CA ILE UB 16 4.81 -47.78 99.46
C ILE UB 16 4.85 -49.00 98.57
N GLY UB 17 3.86 -49.88 98.74
CA GLY UB 17 3.83 -51.10 97.96
C GLY UB 17 3.48 -50.89 96.52
N ASN UB 18 2.84 -49.77 96.21
CA ASN UB 18 2.60 -49.46 94.81
C ASN UB 18 3.89 -49.06 94.14
N ALA UB 19 4.83 -48.52 94.90
CA ALA UB 19 6.18 -48.35 94.39
C ALA UB 19 6.93 -49.67 94.40
N CYS UB 20 6.64 -50.54 95.37
CA CYS UB 20 7.34 -51.81 95.45
C CYS UB 20 6.95 -52.71 94.29
N TRP UB 21 5.70 -52.64 93.84
CA TRP UB 21 5.29 -53.50 92.75
C TRP UB 21 5.76 -52.98 91.41
N GLU UB 22 5.87 -51.66 91.26
CA GLU UB 22 6.33 -51.16 89.97
C GLU UB 22 7.83 -51.37 89.81
N LEU UB 23 8.54 -51.56 90.91
CA LEU UB 23 9.94 -51.94 90.83
C LEU UB 23 10.08 -53.40 90.42
N PHE UB 24 9.17 -54.25 90.88
CA PHE UB 24 9.28 -55.66 90.59
C PHE UB 24 8.86 -55.97 89.16
N CYS UB 25 7.93 -55.19 88.61
CA CYS UB 25 7.46 -55.47 87.25
C CYS UB 25 8.56 -55.21 86.24
N LEU UB 26 9.35 -54.17 86.43
CA LEU UB 26 10.44 -53.90 85.52
C LEU UB 26 11.67 -54.74 85.82
N GLU UB 27 11.72 -55.37 86.99
CA GLU UB 27 12.80 -56.30 87.28
C GLU UB 27 12.69 -57.54 86.41
N HIS UB 28 11.48 -58.03 86.21
CA HIS UB 28 11.25 -59.24 85.42
C HIS UB 28 10.75 -58.94 84.03
N GLY UB 29 10.74 -57.68 83.62
CA GLY UB 29 10.27 -57.37 82.28
C GLY UB 29 8.77 -57.47 82.11
N ILE UB 30 8.01 -57.40 83.18
CA ILE UB 30 6.56 -57.45 83.09
C ILE UB 30 6.03 -56.05 82.87
N GLN UB 31 5.31 -55.88 81.77
CA GLN UB 31 4.69 -54.62 81.44
C GLN UB 31 3.51 -54.36 82.37
N PRO UB 32 3.05 -53.10 82.46
CA PRO UB 32 1.88 -52.82 83.31
C PRO UB 32 0.61 -53.54 82.91
N ASP UB 33 0.53 -54.05 81.69
CA ASP UB 33 -0.60 -54.92 81.36
C ASP UB 33 -0.51 -56.20 82.19
N GLY UB 34 0.69 -56.70 82.40
CA GLY UB 34 0.89 -57.96 83.07
C GLY UB 34 1.43 -59.07 82.20
N GLN UB 35 1.77 -58.78 80.96
CA GLN UB 35 2.37 -59.76 80.08
C GLN UB 35 3.87 -59.51 80.00
N MET UB 36 4.57 -60.47 79.39
CA MET UB 36 5.99 -60.32 79.16
C MET UB 36 6.30 -60.43 77.68
N PRO UB 37 7.11 -59.52 77.13
CA PRO UB 37 7.26 -59.40 75.68
C PRO UB 37 8.13 -60.49 75.06
N ASP UB 47 11.66 -69.87 85.24
CA ASP UB 47 10.74 -69.69 86.36
C ASP UB 47 11.27 -68.63 87.30
N ALA UB 48 11.69 -67.50 86.72
CA ALA UB 48 12.19 -66.41 87.54
C ALA UB 48 11.07 -65.74 88.33
N PHE UB 49 9.92 -65.53 87.70
CA PHE UB 49 8.86 -64.72 88.27
C PHE UB 49 7.91 -65.51 89.13
N ASN UB 50 8.32 -66.66 89.65
CA ASN UB 50 7.38 -67.50 90.37
C ASN UB 50 7.12 -66.99 91.79
N THR UB 51 8.09 -66.35 92.41
CA THR UB 51 8.00 -66.07 93.83
C THR UB 51 7.18 -64.82 94.16
N PHE UB 52 6.86 -63.97 93.18
CA PHE UB 52 5.95 -62.86 93.41
C PHE UB 52 4.77 -62.82 92.45
N PHE UB 53 4.69 -63.71 91.49
CA PHE UB 53 3.62 -63.68 90.51
C PHE UB 53 3.04 -65.07 90.30
N SER UB 54 1.74 -65.12 90.08
CA SER UB 54 1.14 -66.30 89.48
C SER UB 54 1.09 -66.13 87.98
N GLU UB 55 0.77 -67.20 87.29
CA GLU UB 55 0.63 -67.16 85.84
C GLU UB 55 -0.77 -67.59 85.49
N THR UB 56 -1.45 -66.78 84.69
CA THR UB 56 -2.87 -66.97 84.39
C THR UB 56 -3.03 -67.24 82.90
N GLY UB 57 -3.47 -68.44 82.57
CA GLY UB 57 -3.75 -68.76 81.19
C GLY UB 57 -2.49 -68.85 80.34
N ALA UB 58 -2.28 -67.86 79.48
CA ALA UB 58 -1.12 -67.82 78.62
C ALA UB 58 -0.50 -66.44 78.67
N GLY UB 59 0.75 -66.37 79.12
CA GLY UB 59 1.54 -65.17 79.02
C GLY UB 59 1.30 -64.11 80.08
N LYS UB 60 0.38 -64.34 81.00
CA LYS UB 60 0.04 -63.33 81.98
C LYS UB 60 0.90 -63.48 83.23
N HIS UB 61 0.90 -62.44 84.05
CA HIS UB 61 1.47 -62.50 85.39
C HIS UB 61 0.63 -61.61 86.30
N VAL UB 62 -0.22 -62.20 87.12
CA VAL UB 62 -0.94 -61.46 88.14
C VAL UB 62 -0.09 -61.50 89.41
N PRO UB 63 -0.15 -60.48 90.26
CA PRO UB 63 0.75 -60.44 91.41
C PRO UB 63 0.25 -61.31 92.53
N ARG UB 64 1.13 -61.51 93.51
CA ARG UB 64 0.76 -62.11 94.79
C ARG UB 64 0.65 -60.98 95.81
N CYS UB 65 -0.49 -60.30 95.79
CA CYS UB 65 -0.69 -59.17 96.68
C CYS UB 65 -2.17 -59.00 96.98
N VAL UB 66 -2.47 -58.31 98.07
CA VAL UB 66 -3.81 -57.84 98.37
C VAL UB 66 -3.72 -56.39 98.82
N PHE UB 67 -4.58 -55.54 98.27
CA PHE UB 67 -4.75 -54.18 98.76
C PHE UB 67 -5.99 -54.10 99.64
N LEU UB 68 -5.81 -53.59 100.85
CA LEU UB 68 -6.91 -53.36 101.77
C LEU UB 68 -6.88 -51.93 102.27
N ASP UB 69 -8.02 -51.27 102.21
CA ASP UB 69 -8.21 -50.01 102.92
C ASP UB 69 -9.70 -49.81 103.17
N LEU UB 70 -10.00 -49.08 104.24
CA LEU UB 70 -11.40 -48.85 104.57
C LEU UB 70 -11.99 -47.67 103.84
N GLU UB 71 -11.19 -46.84 103.26
CA GLU UB 71 -11.62 -45.77 102.39
C GLU UB 71 -11.33 -46.12 100.95
N PRO UB 72 -12.15 -45.69 100.00
CA PRO UB 72 -11.84 -45.99 98.61
C PRO UB 72 -10.69 -45.16 98.07
N THR UB 73 -10.43 -44.00 98.66
CA THR UB 73 -9.75 -42.91 97.96
C THR UB 73 -8.31 -43.20 97.57
N VAL UB 74 -7.66 -44.20 98.17
CA VAL UB 74 -6.29 -44.46 97.75
C VAL UB 74 -6.27 -45.73 96.93
N VAL UB 75 -7.25 -46.60 97.11
CA VAL UB 75 -7.23 -47.87 96.42
C VAL UB 75 -7.99 -47.81 95.09
N ASP UB 76 -9.06 -47.01 95.00
CA ASP UB 76 -9.73 -46.87 93.71
C ASP UB 76 -8.91 -46.03 92.75
N GLU UB 77 -8.03 -45.20 93.29
CA GLU UB 77 -7.23 -44.34 92.44
C GLU UB 77 -6.16 -45.16 91.74
N VAL UB 78 -5.80 -46.30 92.34
CA VAL UB 78 -5.03 -47.31 91.63
C VAL UB 78 -5.88 -48.00 90.58
N ARG UB 79 -7.17 -48.17 90.85
CA ARG UB 79 -8.06 -48.87 89.92
C ARG UB 79 -8.22 -48.11 88.63
N THR UB 80 -8.03 -46.79 88.66
CA THR UB 80 -8.04 -45.97 87.46
C THR UB 80 -6.66 -45.52 87.04
N GLY UB 81 -5.62 -45.92 87.75
CA GLY UB 81 -4.26 -45.49 87.43
C GLY UB 81 -3.69 -46.21 86.23
N THR UB 82 -2.37 -46.22 86.09
CA THR UB 82 -1.79 -46.93 84.97
C THR UB 82 -1.66 -48.43 85.23
N TYR UB 83 -1.81 -48.86 86.48
CA TYR UB 83 -1.82 -50.28 86.80
C TYR UB 83 -3.26 -50.77 86.98
N ARG UB 84 -4.02 -50.65 85.89
CA ARG UB 84 -5.42 -51.07 85.92
C ARG UB 84 -5.53 -52.57 85.86
N HIS UB 85 -5.11 -53.15 84.74
CA HIS UB 85 -5.31 -54.57 84.53
C HIS UB 85 -4.21 -55.41 85.15
N LEU UB 86 -3.24 -54.79 85.80
CA LEU UB 86 -2.17 -55.58 86.38
C LEU UB 86 -2.64 -56.36 87.58
N PHE UB 87 -3.57 -55.81 88.35
CA PHE UB 87 -4.08 -56.48 89.54
C PHE UB 87 -5.42 -57.14 89.21
N HIS UB 88 -5.61 -58.34 89.73
CA HIS UB 88 -6.92 -58.99 89.68
C HIS UB 88 -7.91 -58.13 90.45
N PRO UB 89 -9.10 -57.90 89.95
CA PRO UB 89 -9.93 -56.83 90.49
C PRO UB 89 -10.68 -57.22 91.74
N GLU UB 90 -10.36 -58.36 92.33
CA GLU UB 90 -11.05 -58.77 93.54
C GLU UB 90 -10.18 -58.62 94.77
N GLN UB 91 -8.86 -58.63 94.67
CA GLN UB 91 -8.12 -58.40 95.90
C GLN UB 91 -7.89 -56.92 96.16
N LEU UB 92 -8.33 -56.03 95.28
CA LEU UB 92 -8.31 -54.62 95.58
C LEU UB 92 -9.56 -54.33 96.40
N ILE UB 93 -9.40 -54.00 97.68
CA ILE UB 93 -10.50 -53.97 98.62
C ILE UB 93 -10.65 -52.57 99.18
N SER UB 94 -11.85 -52.03 99.04
CA SER UB 94 -12.22 -50.76 99.66
C SER UB 94 -13.41 -50.99 100.57
N GLY UB 95 -13.37 -50.38 101.73
CA GLY UB 95 -14.52 -50.37 102.62
C GLY UB 95 -15.51 -49.31 102.19
N LYS UB 96 -16.19 -48.72 103.17
CA LYS UB 96 -17.07 -47.61 102.89
C LYS UB 96 -16.56 -46.31 103.49
N GLU UB 97 -16.31 -46.26 104.79
CA GLU UB 97 -15.84 -45.04 105.42
C GLU UB 97 -14.48 -45.25 106.07
N ASP UB 98 -13.76 -44.14 106.21
CA ASP UB 98 -12.36 -44.16 106.63
C ASP UB 98 -12.22 -44.54 108.10
N ALA UB 99 -11.07 -45.13 108.44
CA ALA UB 99 -10.83 -45.57 109.80
C ALA UB 99 -10.65 -44.42 110.77
N ALA UB 100 -10.12 -43.29 110.28
CA ALA UB 100 -10.01 -42.04 111.04
C ALA UB 100 -9.20 -42.22 112.33
N ASN UB 101 -7.94 -42.61 112.16
CA ASN UB 101 -6.88 -42.49 113.16
C ASN UB 101 -7.18 -43.18 114.48
N ASN UB 102 -8.11 -44.12 114.51
CA ASN UB 102 -8.40 -44.88 115.71
C ASN UB 102 -7.83 -46.28 115.57
N PHE UB 103 -7.14 -46.74 116.60
CA PHE UB 103 -6.89 -48.17 116.69
C PHE UB 103 -8.22 -48.90 116.84
N ALA UB 104 -9.10 -48.37 117.69
CA ALA UB 104 -10.33 -49.06 118.04
C ALA UB 104 -11.24 -49.22 116.84
N ARG UB 105 -11.33 -48.19 116.01
CA ARG UB 105 -12.27 -48.25 114.91
C ARG UB 105 -11.78 -49.19 113.83
N GLY UB 106 -10.47 -49.24 113.60
CA GLY UB 106 -9.96 -50.22 112.67
C GLY UB 106 -9.92 -51.63 113.19
N HIS UB 107 -10.14 -51.83 114.49
CA HIS UB 107 -10.05 -53.13 115.10
C HIS UB 107 -11.39 -53.70 115.51
N TYR UB 108 -12.36 -52.86 115.84
CA TYR UB 108 -13.58 -53.33 116.47
C TYR UB 108 -14.81 -53.12 115.62
N THR UB 109 -15.07 -51.90 115.14
CA THR UB 109 -16.35 -51.65 114.49
C THR UB 109 -16.29 -51.81 112.98
N ILE UB 110 -15.48 -51.00 112.30
CA ILE UB 110 -15.50 -51.07 110.84
C ILE UB 110 -14.48 -52.09 110.32
N GLY UB 111 -13.56 -52.54 111.16
CA GLY UB 111 -12.58 -53.49 110.69
C GLY UB 111 -13.08 -54.90 110.50
N LYS UB 112 -14.28 -55.20 110.99
CA LYS UB 112 -14.78 -56.57 110.91
C LYS UB 112 -15.17 -56.94 109.48
N GLU UB 113 -15.72 -55.99 108.75
CA GLU UB 113 -16.39 -56.31 107.49
C GLU UB 113 -15.42 -56.57 106.35
N ILE UB 114 -14.13 -56.32 106.56
CA ILE UB 114 -13.13 -56.50 105.53
C ILE UB 114 -12.26 -57.73 105.77
N VAL UB 115 -11.96 -58.07 107.03
CA VAL UB 115 -11.16 -59.26 107.29
C VAL UB 115 -11.90 -60.53 106.89
N ASP UB 116 -13.23 -60.52 106.96
CA ASP UB 116 -13.99 -61.70 106.57
C ASP UB 116 -14.00 -61.92 105.07
N LEU UB 117 -13.62 -60.92 104.28
CA LEU UB 117 -13.46 -61.12 102.86
C LEU UB 117 -11.99 -61.24 102.48
N SER UB 118 -11.13 -60.55 103.21
CA SER UB 118 -9.71 -60.53 102.86
C SER UB 118 -9.04 -61.85 103.17
N LEU UB 119 -9.36 -62.46 104.31
CA LEU UB 119 -8.78 -63.75 104.66
C LEU UB 119 -9.20 -64.82 103.68
N ASP UB 120 -10.38 -64.67 103.07
CA ASP UB 120 -10.78 -65.61 102.02
C ASP UB 120 -9.85 -65.53 100.82
N ARG UB 121 -9.46 -64.32 100.42
CA ARG UB 121 -8.57 -64.19 99.28
C ARG UB 121 -7.15 -64.60 99.63
N ILE UB 122 -6.75 -64.43 100.89
CA ILE UB 122 -5.48 -64.98 101.35
C ILE UB 122 -5.50 -66.51 101.25
N ARG UB 123 -6.62 -67.12 101.63
CA ARG UB 123 -6.78 -68.55 101.46
C ARG UB 123 -6.77 -68.94 99.99
N LYS UB 124 -7.41 -68.12 99.15
CA LYS UB 124 -7.48 -68.43 97.73
C LYS UB 124 -6.11 -68.37 97.08
N LEU UB 125 -5.21 -67.56 97.62
CA LEU UB 125 -3.90 -67.41 97.02
C LEU UB 125 -2.88 -68.36 97.61
N ALA UB 126 -3.13 -68.91 98.80
CA ALA UB 126 -2.18 -69.78 99.45
C ALA UB 126 -2.47 -71.26 99.24
N ASP UB 127 -3.62 -71.59 98.69
CA ASP UB 127 -3.99 -73.00 98.56
C ASP UB 127 -3.53 -73.61 97.25
N ASN UB 128 -2.79 -72.88 96.43
CA ASN UB 128 -2.30 -73.43 95.17
C ASN UB 128 -1.12 -74.38 95.40
N CYS UB 129 -0.03 -73.86 95.97
CA CYS UB 129 1.18 -74.63 96.20
C CYS UB 129 1.49 -74.66 97.69
N THR UB 130 2.00 -75.78 98.16
CA THR UB 130 2.49 -75.83 99.53
C THR UB 130 3.87 -75.21 99.62
N GLY UB 131 4.34 -75.06 100.85
CA GLY UB 131 5.63 -74.44 101.07
C GLY UB 131 5.58 -72.94 100.93
N LEU UB 132 4.65 -72.31 101.64
CA LEU UB 132 4.61 -70.86 101.68
C LEU UB 132 5.83 -70.33 102.43
N GLN UB 133 6.53 -69.39 101.83
CA GLN UB 133 7.72 -68.86 102.46
C GLN UB 133 7.36 -67.93 103.62
N GLY UB 134 6.38 -67.06 103.42
CA GLY UB 134 6.03 -66.13 104.47
C GLY UB 134 4.97 -65.14 104.03
N PHE UB 135 4.88 -64.05 104.77
CA PHE UB 135 3.89 -63.01 104.55
C PHE UB 135 4.59 -61.66 104.69
N LEU UB 136 4.65 -60.90 103.59
CA LEU UB 136 5.26 -59.58 103.61
C LEU UB 136 4.17 -58.53 103.72
N MET UB 137 3.89 -58.05 104.93
CA MET UB 137 2.75 -57.17 105.16
C MET UB 137 3.24 -55.78 105.48
N PHE UB 138 2.84 -54.80 104.68
CA PHE UB 138 3.28 -53.42 104.79
C PHE UB 138 2.21 -52.62 105.53
N ASN UB 139 2.63 -51.82 106.50
CA ASN UB 139 1.67 -51.00 107.21
C ASN UB 139 2.41 -49.86 107.89
N ALA UB 140 1.66 -48.81 108.19
CA ALA UB 140 2.13 -47.75 109.09
C ALA UB 140 1.64 -48.07 110.48
N VAL UB 141 2.24 -47.41 111.46
CA VAL UB 141 1.93 -47.74 112.83
C VAL UB 141 1.11 -46.67 113.51
N GLY UB 142 1.39 -45.40 113.22
CA GLY UB 142 0.60 -44.35 113.84
C GLY UB 142 -0.77 -44.15 113.23
N GLY UB 143 -1.02 -44.71 112.06
CA GLY UB 143 -2.28 -44.51 111.39
C GLY UB 143 -3.40 -45.31 112.02
N GLY UB 144 -4.61 -45.09 111.51
CA GLY UB 144 -5.77 -45.78 112.01
C GLY UB 144 -5.92 -47.18 111.45
N THR UB 145 -6.13 -47.29 110.16
CA THR UB 145 -6.32 -48.60 109.56
C THR UB 145 -4.99 -49.33 109.42
N GLY UB 146 -3.87 -48.60 109.50
CA GLY UB 146 -2.57 -49.23 109.44
C GLY UB 146 -2.27 -50.10 110.63
N SER UB 147 -2.90 -49.82 111.77
CA SER UB 147 -2.73 -50.65 112.95
C SER UB 147 -3.92 -51.58 113.16
N GLY UB 148 -5.13 -51.02 113.20
CA GLY UB 148 -6.28 -51.81 113.58
C GLY UB 148 -6.62 -52.89 112.59
N LEU UB 149 -6.69 -52.54 111.31
CA LEU UB 149 -6.91 -53.57 110.31
C LEU UB 149 -5.69 -54.46 110.18
N GLY UB 150 -4.50 -53.89 110.41
CA GLY UB 150 -3.28 -54.67 110.34
C GLY UB 150 -3.19 -55.70 111.45
N CYS UB 151 -3.59 -55.33 112.66
CA CYS UB 151 -3.65 -56.29 113.76
C CYS UB 151 -4.60 -57.42 113.49
N LEU UB 152 -5.84 -57.09 113.14
CA LEU UB 152 -6.88 -58.09 113.00
C LEU UB 152 -6.57 -59.05 111.86
N LEU UB 153 -5.91 -58.56 110.83
CA LEU UB 153 -5.49 -59.45 109.74
C LEU UB 153 -4.33 -60.32 110.17
N LEU UB 154 -3.37 -59.76 110.90
CA LEU UB 154 -2.19 -60.52 111.25
C LEU UB 154 -2.49 -61.52 112.36
N GLU UB 155 -3.43 -61.19 113.23
CA GLU UB 155 -3.81 -62.10 114.30
C GLU UB 155 -4.52 -63.33 113.75
N ARG UB 156 -5.47 -63.13 112.83
CA ARG UB 156 -6.18 -64.28 112.28
C ARG UB 156 -5.29 -65.12 111.39
N LEU UB 157 -4.28 -64.52 110.78
CA LEU UB 157 -3.36 -65.29 109.96
C LEU UB 157 -2.50 -66.22 110.81
N SER UB 158 -2.15 -65.78 112.02
CA SER UB 158 -1.32 -66.62 112.89
C SER UB 158 -2.07 -67.86 113.35
N VAL UB 159 -3.35 -67.74 113.67
CA VAL UB 159 -4.13 -68.90 114.07
C VAL UB 159 -4.34 -69.84 112.90
N ASP UB 160 -4.72 -69.29 111.75
CA ASP UB 160 -5.09 -70.11 110.61
C ASP UB 160 -3.86 -70.81 110.01
N TYR UB 161 -2.78 -70.07 109.82
CA TYR UB 161 -1.54 -70.64 109.31
C TYR UB 161 -0.51 -70.59 110.43
N GLY UB 162 -0.03 -71.75 110.86
CA GLY UB 162 0.73 -71.84 112.08
C GLY UB 162 2.12 -71.24 112.06
N LYS UB 163 3.05 -71.88 111.35
CA LYS UB 163 4.46 -71.58 111.50
C LYS UB 163 5.09 -71.00 110.24
N LYS UB 164 4.30 -70.36 109.40
CA LYS UB 164 4.88 -69.57 108.31
C LYS UB 164 5.39 -68.24 108.85
N SER UB 165 6.50 -67.78 108.30
CA SER UB 165 7.10 -66.54 108.77
C SER UB 165 6.26 -65.34 108.37
N LYS UB 166 6.50 -64.20 109.01
CA LYS UB 166 5.69 -63.01 108.81
C LYS UB 166 6.60 -61.79 108.85
N LEU UB 167 6.94 -61.27 107.68
CA LEU UB 167 7.74 -60.06 107.56
C LEU UB 167 6.83 -58.85 107.56
N ASN UB 168 7.16 -57.85 108.37
CA ASN UB 168 6.30 -56.69 108.56
C ASN UB 168 7.13 -55.42 108.58
N PHE UB 169 7.03 -54.64 107.50
CA PHE UB 169 7.76 -53.38 107.40
C PHE UB 169 6.87 -52.27 107.93
N CYS UB 170 7.28 -51.70 109.06
CA CYS UB 170 6.45 -50.76 109.79
C CYS UB 170 7.01 -49.36 109.60
N SER UB 171 6.21 -48.48 108.99
CA SER UB 171 6.62 -47.09 108.88
C SER UB 171 6.48 -46.43 110.23
N TRP UB 172 7.51 -46.52 111.05
CA TRP UB 172 7.41 -46.09 112.43
C TRP UB 172 7.23 -44.58 112.53
N PRO UB 173 6.50 -44.11 113.53
CA PRO UB 173 6.42 -42.68 113.77
C PRO UB 173 7.76 -42.10 114.16
N SER UB 174 7.98 -40.88 113.69
CA SER UB 174 9.25 -40.20 113.81
C SER UB 174 9.60 -39.87 115.25
N PRO UB 175 10.89 -39.79 115.57
CA PRO UB 175 11.29 -39.13 116.80
C PRO UB 175 10.94 -37.67 116.87
N GLN UB 176 10.80 -36.97 115.76
CA GLN UB 176 10.55 -35.54 115.87
C GLN UB 176 9.21 -35.11 115.29
N VAL UB 177 9.00 -35.36 114.02
CA VAL UB 177 7.75 -35.00 113.35
C VAL UB 177 6.69 -36.03 113.73
N SER UB 178 5.40 -35.71 113.63
CA SER UB 178 4.44 -36.81 113.71
C SER UB 178 3.32 -36.72 112.69
N THR UB 179 2.93 -35.50 112.29
CA THR UB 179 1.82 -35.22 111.38
C THR UB 179 0.49 -35.84 111.80
N ALA UB 180 0.32 -36.14 113.09
CA ALA UB 180 -0.92 -36.57 113.72
C ALA UB 180 -0.69 -36.55 115.23
N VAL UB 181 -1.74 -36.20 115.97
CA VAL UB 181 -1.60 -36.09 117.42
C VAL UB 181 -1.85 -37.42 118.11
N VAL UB 182 -2.63 -38.31 117.52
CA VAL UB 182 -2.97 -39.56 118.15
C VAL UB 182 -1.91 -40.63 117.90
N GLU UB 183 -0.77 -40.23 117.34
CA GLU UB 183 0.30 -41.20 117.06
C GLU UB 183 0.82 -41.93 118.30
N PRO UB 184 1.10 -41.27 119.44
CA PRO UB 184 1.53 -42.07 120.61
C PRO UB 184 0.47 -43.02 121.11
N TYR UB 185 -0.81 -42.66 121.03
CA TYR UB 185 -1.84 -43.61 121.43
C TYR UB 185 -1.96 -44.73 120.40
N ASN UB 186 -1.76 -44.42 119.14
CA ASN UB 186 -1.91 -45.45 118.12
C ASN UB 186 -0.70 -46.37 118.08
N SER UB 187 0.49 -45.84 118.34
CA SER UB 187 1.70 -46.65 118.18
C SER UB 187 1.85 -47.65 119.30
N VAL UB 188 1.62 -47.24 120.54
CA VAL UB 188 1.81 -48.11 121.70
C VAL UB 188 0.86 -49.30 121.64
N LEU UB 189 -0.39 -49.05 121.28
CA LEU UB 189 -1.38 -50.10 121.25
C LEU UB 189 -1.12 -51.10 120.14
N SER UB 190 -0.47 -50.67 119.06
CA SER UB 190 -0.12 -51.60 118.00
C SER UB 190 0.95 -52.58 118.45
N THR UB 191 1.91 -52.11 119.23
CA THR UB 191 3.04 -52.95 119.65
C THR UB 191 2.58 -54.12 120.50
N HIS UB 192 1.64 -53.88 121.42
CA HIS UB 192 1.14 -54.96 122.27
C HIS UB 192 0.45 -56.03 121.45
N SER UB 193 -0.03 -55.69 120.27
CA SER UB 193 -0.59 -56.66 119.35
C SER UB 193 0.34 -56.92 118.17
N LEU UB 194 1.60 -56.55 118.28
CA LEU UB 194 2.58 -56.89 117.26
C LEU UB 194 3.66 -57.82 117.77
N LEU UB 195 3.90 -57.84 119.08
CA LEU UB 195 4.95 -58.68 119.64
C LEU UB 195 4.65 -60.16 119.44
N GLU UB 196 3.41 -60.57 119.64
CA GLU UB 196 3.10 -61.98 119.66
C GLU UB 196 2.51 -62.48 118.34
N HIS UB 197 2.57 -61.66 117.29
CA HIS UB 197 2.09 -62.06 115.98
C HIS UB 197 3.21 -62.15 114.96
N THR UB 198 3.97 -61.08 114.76
CA THR UB 198 4.95 -61.06 113.69
C THR UB 198 6.23 -61.77 114.12
N ASP UB 199 7.10 -62.01 113.14
CA ASP UB 199 8.35 -62.71 113.37
C ASP UB 199 9.57 -61.85 113.08
N VAL UB 200 9.51 -60.99 112.08
CA VAL UB 200 10.56 -60.04 111.74
C VAL UB 200 9.88 -58.72 111.46
N ALA UB 201 9.99 -57.78 112.38
CA ALA UB 201 9.39 -56.46 112.21
C ALA UB 201 10.51 -55.46 111.96
N VAL UB 202 10.59 -54.98 110.73
CA VAL UB 202 11.65 -54.06 110.33
C VAL UB 202 11.15 -52.63 110.55
N MET UB 203 11.90 -51.84 111.32
CA MET UB 203 11.46 -50.51 111.68
C MET UB 203 11.98 -49.53 110.65
N LEU UB 204 11.09 -48.75 110.05
CA LEU UB 204 11.48 -47.72 109.11
C LEU UB 204 10.95 -46.38 109.59
N ASP UB 205 11.69 -45.33 109.30
CA ASP UB 205 11.35 -43.97 109.69
C ASP UB 205 10.97 -43.16 108.47
N ASN UB 206 10.65 -41.88 108.68
CA ASN UB 206 10.37 -40.99 107.56
C ASN UB 206 11.43 -39.91 107.39
N GLU UB 207 11.81 -39.21 108.44
CA GLU UB 207 12.68 -38.05 108.22
C GLU UB 207 14.11 -38.49 108.07
N ALA UB 208 14.40 -39.75 108.43
CA ALA UB 208 15.69 -40.32 108.07
C ALA UB 208 15.85 -40.33 106.57
N ILE UB 209 14.83 -40.82 105.87
CA ILE UB 209 14.89 -40.84 104.42
C ILE UB 209 14.77 -39.43 103.85
N TYR UB 210 14.11 -38.54 104.58
CA TYR UB 210 14.22 -37.11 104.24
C TYR UB 210 15.66 -36.65 104.40
N ASP UB 211 16.32 -37.07 105.47
CA ASP UB 211 17.70 -36.65 105.72
C ASP UB 211 18.66 -37.37 104.78
N ILE UB 212 18.34 -38.60 104.40
CA ILE UB 212 19.11 -39.29 103.37
C ILE UB 212 19.01 -38.56 102.05
N CYS UB 213 17.79 -38.24 101.61
CA CYS UB 213 17.65 -37.59 100.31
C CYS UB 213 18.11 -36.14 100.35
N ARG UB 214 18.26 -35.56 101.54
CA ARG UB 214 18.81 -34.21 101.63
C ARG UB 214 20.31 -34.21 101.36
N ARG UB 215 21.03 -35.15 101.96
CA ARG UB 215 22.49 -35.17 101.87
C ARG UB 215 22.98 -36.00 100.68
N ASN UB 216 22.70 -37.30 100.71
CA ASN UB 216 23.31 -38.19 99.73
C ASN UB 216 22.72 -38.00 98.34
N LEU UB 217 21.40 -37.98 98.25
CA LEU UB 217 20.77 -37.91 96.93
C LEU UB 217 20.90 -36.52 96.33
N ASP UB 218 21.04 -35.50 97.18
CA ASP UB 218 21.27 -34.11 96.78
C ASP UB 218 20.19 -33.61 95.83
N ILE UB 219 18.94 -33.81 96.23
CA ILE UB 219 17.79 -33.17 95.61
C ILE UB 219 17.05 -32.41 96.70
N GLU UB 220 16.61 -31.19 96.35
CA GLU UB 220 16.19 -30.23 97.37
C GLU UB 220 14.85 -30.61 97.99
N ARG UB 221 13.88 -30.98 97.16
CA ARG UB 221 12.52 -31.23 97.60
C ARG UB 221 11.96 -32.56 97.10
N PRO UB 222 12.44 -33.70 97.62
CA PRO UB 222 11.69 -34.95 97.43
C PRO UB 222 10.53 -35.10 98.40
N THR UB 223 9.55 -35.89 97.97
CA THR UB 223 8.27 -36.07 98.66
C THR UB 223 8.01 -37.55 98.94
N TYR UB 224 6.77 -37.90 99.30
CA TYR UB 224 6.48 -39.30 99.66
C TYR UB 224 6.76 -40.27 98.53
N THR UB 225 6.69 -39.81 97.29
CA THR UB 225 6.98 -40.74 96.22
C THR UB 225 8.45 -41.02 96.07
N ASN UB 226 9.32 -40.26 96.72
CA ASN UB 226 10.75 -40.57 96.72
C ASN UB 226 11.19 -41.27 97.99
N LEU UB 227 10.42 -41.13 99.07
CA LEU UB 227 10.51 -42.05 100.19
C LEU UB 227 10.35 -43.49 99.73
N ASN UB 228 9.36 -43.72 98.86
CA ASN UB 228 8.91 -45.07 98.59
C ASN UB 228 9.84 -45.80 97.63
N ARG UB 229 10.56 -45.10 96.77
CA ARG UB 229 11.50 -45.78 95.89
C ARG UB 229 12.66 -46.35 96.69
N LEU UB 230 13.16 -45.58 97.67
CA LEU UB 230 14.23 -46.08 98.51
C LEU UB 230 13.76 -47.23 99.39
N ILE UB 231 12.50 -47.17 99.85
CA ILE UB 231 11.93 -48.29 100.58
C ILE UB 231 11.79 -49.50 99.66
N ALA UB 232 11.38 -49.26 98.42
CA ALA UB 232 11.25 -50.36 97.48
C ALA UB 232 12.60 -50.98 97.14
N GLN UB 233 13.68 -50.21 97.25
CA GLN UB 233 14.99 -50.76 96.93
C GLN UB 233 15.50 -51.67 98.03
N VAL UB 234 15.06 -51.46 99.27
CA VAL UB 234 15.44 -52.38 100.33
C VAL UB 234 14.72 -53.71 100.17
N ILE UB 235 13.43 -53.67 99.80
CA ILE UB 235 12.65 -54.90 99.73
C ILE UB 235 13.15 -55.79 98.61
N SER UB 236 13.50 -55.19 97.47
CA SER UB 236 13.98 -55.98 96.34
C SER UB 236 15.29 -56.66 96.68
N SER UB 237 16.18 -55.95 97.35
CA SER UB 237 17.43 -56.56 97.78
C SER UB 237 17.23 -57.53 98.92
N LEU UB 238 16.14 -57.39 99.67
CA LEU UB 238 15.85 -58.36 100.73
C LEU UB 238 15.50 -59.70 100.13
N THR UB 239 14.60 -59.72 99.16
CA THR UB 239 14.17 -60.94 98.51
C THR UB 239 14.89 -61.20 97.21
N ALA UB 240 16.12 -60.69 97.08
CA ALA UB 240 16.87 -60.92 95.84
C ALA UB 240 17.32 -62.36 95.71
N SER UB 241 17.46 -63.07 96.84
CA SER UB 241 17.99 -64.42 96.78
C SER UB 241 16.98 -65.40 96.21
N LEU UB 242 15.70 -65.19 96.51
CA LEU UB 242 14.67 -66.09 96.00
C LEU UB 242 14.54 -65.99 94.49
N ARG UB 243 14.61 -64.77 93.97
CA ARG UB 243 14.30 -64.56 92.57
C ARG UB 243 15.43 -65.03 91.66
N PHE UB 244 16.67 -64.78 92.07
CA PHE UB 244 17.82 -64.93 91.20
C PHE UB 244 18.88 -65.81 91.85
N ASP UB 245 19.70 -66.43 91.02
CA ASP UB 245 20.76 -67.28 91.52
C ASP UB 245 21.90 -66.44 92.06
N GLY UB 246 22.66 -67.03 92.98
CA GLY UB 246 23.78 -66.33 93.59
C GLY UB 246 24.84 -67.30 94.05
N ALA UB 247 26.04 -66.76 94.27
CA ALA UB 247 27.14 -67.59 94.74
C ALA UB 247 26.94 -68.02 96.18
N LEU UB 248 26.16 -67.27 96.95
CA LEU UB 248 25.89 -67.63 98.32
C LEU UB 248 24.54 -67.00 98.68
N ASN UB 249 23.48 -67.81 98.65
CA ASN UB 249 22.13 -67.29 98.79
C ASN UB 249 21.56 -67.55 100.18
N VAL UB 250 20.52 -66.77 100.49
CA VAL UB 250 19.81 -66.91 101.76
C VAL UB 250 18.34 -67.17 101.45
N ASP UB 251 17.52 -67.27 102.47
CA ASP UB 251 16.09 -67.50 102.33
C ASP UB 251 15.37 -66.54 103.26
N VAL UB 252 14.05 -66.45 103.14
CA VAL UB 252 13.30 -65.62 104.07
C VAL UB 252 12.85 -66.40 105.28
N THR UB 253 12.98 -67.72 105.27
CA THR UB 253 12.71 -68.52 106.45
C THR UB 253 13.95 -68.75 107.31
N GLU UB 254 15.12 -68.31 106.86
CA GLU UB 254 16.32 -68.42 107.66
C GLU UB 254 16.65 -67.14 108.39
N PHE UB 255 16.03 -66.02 108.02
CA PHE UB 255 16.29 -64.74 108.69
C PHE UB 255 15.92 -64.81 110.15
N GLN UB 256 14.79 -65.43 110.48
CA GLN UB 256 14.41 -65.51 111.88
C GLN UB 256 15.30 -66.48 112.65
N THR UB 257 15.96 -67.40 111.97
CA THR UB 257 17.00 -68.19 112.63
C THR UB 257 18.34 -67.49 112.60
N ASN UB 258 18.44 -66.42 111.84
CA ASN UB 258 19.66 -65.62 111.75
C ASN UB 258 19.66 -64.50 112.77
N LEU UB 259 18.50 -63.95 113.11
CA LEU UB 259 18.50 -62.64 113.71
C LEU UB 259 17.90 -62.55 115.11
N VAL UB 260 16.95 -63.40 115.47
CA VAL UB 260 16.32 -63.24 116.78
C VAL UB 260 17.00 -64.21 117.75
N PRO UB 261 17.55 -63.72 118.85
CA PRO UB 261 18.13 -64.63 119.84
C PRO UB 261 17.16 -65.07 120.91
N TYR UB 262 16.17 -64.23 121.19
CA TYR UB 262 15.11 -64.49 122.15
C TYR UB 262 13.81 -64.15 121.47
N PRO UB 263 12.71 -64.84 121.81
CA PRO UB 263 11.51 -64.77 120.95
C PRO UB 263 10.88 -63.40 120.90
N ARG UB 264 11.07 -62.56 121.89
CA ARG UB 264 10.40 -61.28 121.94
C ARG UB 264 11.25 -60.17 121.33
N ILE UB 265 12.45 -60.48 120.87
CA ILE UB 265 13.32 -59.48 120.27
C ILE UB 265 13.39 -59.67 118.77
N HIS UB 266 12.53 -58.99 118.03
CA HIS UB 266 12.56 -59.06 116.58
C HIS UB 266 12.31 -57.71 115.96
N PHE UB 267 12.96 -56.69 116.48
CA PHE UB 267 12.80 -55.34 116.00
C PHE UB 267 14.11 -54.89 115.37
N MET UB 268 14.20 -55.02 114.07
CA MET UB 268 15.42 -54.75 113.34
C MET UB 268 15.31 -53.50 112.49
N LEU UB 269 16.46 -52.90 112.22
CA LEU UB 269 16.60 -51.68 111.46
C LEU UB 269 16.92 -52.01 110.01
N SER UB 270 17.31 -51.01 109.24
CA SER UB 270 17.63 -51.20 107.84
C SER UB 270 18.75 -50.26 107.44
N SER UB 271 19.40 -50.59 106.33
CA SER UB 271 20.40 -49.72 105.74
C SER UB 271 20.54 -50.07 104.27
N TYR UB 272 21.07 -49.12 103.50
CA TYR UB 272 21.24 -49.33 102.09
C TYR UB 272 22.37 -48.44 101.61
N ALA UB 273 23.14 -48.94 100.64
CA ALA UB 273 24.22 -48.22 100.00
C ALA UB 273 24.56 -48.96 98.73
N PRO UB 274 24.97 -48.27 97.67
CA PRO UB 274 25.14 -46.84 97.53
C PRO UB 274 23.85 -46.11 97.19
N ILE UB 275 23.79 -44.89 97.66
CA ILE UB 275 22.67 -43.99 97.43
C ILE UB 275 23.26 -42.65 96.98
N ILE UB 276 23.49 -42.52 95.67
CA ILE UB 276 24.28 -41.42 95.15
C ILE UB 276 23.60 -40.82 93.93
N SER UB 277 23.74 -39.51 93.80
CA SER UB 277 23.26 -38.80 92.62
C SER UB 277 24.10 -39.14 91.40
N ALA UB 278 23.49 -39.01 90.23
CA ALA UB 278 24.21 -39.28 89.00
C ALA UB 278 25.24 -38.20 88.69
N GLU UB 279 25.11 -37.02 89.28
CA GLU UB 279 26.09 -35.98 89.05
C GLU UB 279 27.38 -36.26 89.80
N LYS UB 280 27.28 -36.72 91.04
CA LYS UB 280 28.46 -37.02 91.85
C LYS UB 280 28.81 -38.49 91.86
N ALA UB 281 28.17 -39.30 91.01
CA ALA UB 281 28.55 -40.69 90.88
C ALA UB 281 29.93 -40.84 90.27
N TYR UB 282 30.31 -39.89 89.40
CA TYR UB 282 31.58 -39.98 88.68
C TYR UB 282 32.77 -39.84 89.61
N HIS UB 283 32.59 -39.24 90.78
CA HIS UB 283 33.69 -39.00 91.69
C HIS UB 283 33.91 -40.15 92.67
N GLU UB 284 33.16 -41.23 92.55
CA GLU UB 284 33.34 -42.37 93.44
C GLU UB 284 33.32 -43.65 92.62
N GLN UB 285 34.45 -44.35 92.59
CA GLN UB 285 34.49 -45.71 92.05
C GLN UB 285 34.09 -46.63 93.19
N LEU UB 286 32.84 -47.09 93.16
CA LEU UB 286 32.21 -47.76 94.30
C LEU UB 286 32.77 -49.17 94.44
N SER UB 287 33.64 -49.36 95.43
CA SER UB 287 34.21 -50.66 95.71
C SER UB 287 33.55 -51.28 96.92
N VAL UB 288 33.80 -52.56 97.10
CA VAL UB 288 33.20 -53.29 98.22
C VAL UB 288 33.78 -52.80 99.54
N ALA UB 289 35.01 -52.33 99.51
CA ALA UB 289 35.62 -51.85 100.75
C ALA UB 289 35.00 -50.55 101.22
N GLU UB 290 34.45 -49.75 100.32
CA GLU UB 290 33.94 -48.45 100.73
C GLU UB 290 32.43 -48.39 100.86
N ILE UB 291 31.69 -49.28 100.20
CA ILE UB 291 30.25 -49.26 100.37
C ILE UB 291 29.85 -49.90 101.68
N THR UB 292 30.65 -50.82 102.20
CA THR UB 292 30.32 -51.45 103.47
C THR UB 292 30.54 -50.48 104.62
N ASN UB 293 31.57 -49.65 104.53
CA ASN UB 293 31.80 -48.65 105.55
C ASN UB 293 30.69 -47.63 105.58
N SER UB 294 30.17 -47.24 104.41
CA SER UB 294 29.05 -46.33 104.38
C SER UB 294 27.79 -46.99 104.90
N ALA UB 295 27.72 -48.32 104.86
CA ALA UB 295 26.55 -49.01 105.38
C ALA UB 295 26.48 -48.90 106.90
N PHE UB 296 27.63 -48.94 107.55
CA PHE UB 296 27.68 -48.88 109.01
C PHE UB 296 27.80 -47.46 109.53
N GLU UB 297 27.97 -46.49 108.65
CA GLU UB 297 28.07 -45.11 109.06
C GLU UB 297 26.71 -44.63 109.53
N PRO UB 298 26.62 -43.99 110.70
CA PRO UB 298 25.31 -43.75 111.33
C PRO UB 298 24.40 -42.81 110.57
N ALA UB 299 24.93 -41.99 109.68
CA ALA UB 299 24.09 -41.10 108.89
C ALA UB 299 23.61 -41.73 107.60
N SER UB 300 23.57 -43.06 107.53
CA SER UB 300 23.11 -43.74 106.33
C SER UB 300 22.02 -44.77 106.61
N MET UB 301 21.71 -45.04 107.87
CA MET UB 301 20.65 -45.99 108.15
C MET UB 301 19.28 -45.32 108.02
N MET UB 302 18.26 -46.15 107.85
CA MET UB 302 16.92 -45.71 107.49
C MET UB 302 15.97 -45.74 108.67
N ALA UB 303 16.47 -45.49 109.88
CA ALA UB 303 15.61 -45.48 111.06
C ALA UB 303 15.78 -44.27 111.94
N LYS UB 304 16.88 -43.54 111.83
CA LYS UB 304 17.21 -42.37 112.65
C LYS UB 304 17.14 -42.69 114.14
N CYS UB 305 18.04 -43.57 114.54
CA CYS UB 305 18.46 -43.68 115.92
C CYS UB 305 19.97 -43.72 115.93
N ASP UB 306 20.58 -42.97 116.83
CA ASP UB 306 22.03 -42.92 116.89
C ASP UB 306 22.51 -44.27 117.42
N PRO UB 307 23.33 -45.01 116.66
CA PRO UB 307 23.82 -46.31 117.13
C PRO UB 307 25.09 -46.25 117.95
N ARG UB 308 25.66 -45.05 118.15
CA ARG UB 308 26.86 -44.94 118.96
C ARG UB 308 26.62 -45.35 120.41
N HIS UB 309 25.38 -45.27 120.88
CA HIS UB 309 25.01 -45.82 122.18
C HIS UB 309 24.41 -47.20 122.04
N GLY UB 310 24.71 -47.90 120.96
CA GLY UB 310 24.11 -49.19 120.71
C GLY UB 310 25.16 -50.28 120.55
N LYS UB 311 24.92 -51.39 121.23
CA LYS UB 311 25.72 -52.59 121.07
C LYS UB 311 25.02 -53.46 120.03
N TYR UB 312 25.70 -53.71 118.92
CA TYR UB 312 25.14 -54.58 117.89
C TYR UB 312 25.04 -56.02 118.40
N MET UB 313 24.04 -56.73 117.91
CA MET UB 313 23.65 -58.03 118.40
C MET UB 313 23.61 -59.08 117.31
N ALA UB 314 23.18 -58.69 116.11
CA ALA UB 314 23.22 -59.54 114.93
C ALA UB 314 23.17 -58.63 113.72
N CYS UB 315 23.78 -59.08 112.63
CA CYS UB 315 23.83 -58.31 111.40
C CYS UB 315 23.69 -59.25 110.23
N CYS UB 316 22.99 -58.81 109.19
CA CYS UB 316 22.71 -59.64 108.03
C CYS UB 316 22.85 -58.77 106.79
N LEU UB 317 23.94 -58.96 106.06
CA LEU UB 317 24.24 -58.15 104.88
C LEU UB 317 23.91 -58.99 103.66
N MET UB 318 23.11 -58.45 102.76
CA MET UB 318 22.90 -59.10 101.47
C MET UB 318 23.56 -58.27 100.39
N TYR UB 319 24.70 -58.73 99.91
CA TYR UB 319 25.39 -58.03 98.87
C TYR UB 319 24.69 -58.30 97.55
N ARG UB 320 24.74 -57.33 96.66
CA ARG UB 320 24.06 -57.43 95.39
C ARG UB 320 25.05 -57.08 94.30
N GLY UB 321 24.95 -57.75 93.17
CA GLY UB 321 25.71 -57.37 92.02
C GLY UB 321 27.05 -58.08 91.94
N ASP UB 322 27.92 -57.52 91.09
CA ASP UB 322 29.21 -58.12 90.80
C ASP UB 322 30.10 -57.90 92.02
N VAL UB 323 30.00 -58.81 92.97
CA VAL UB 323 30.86 -58.79 94.14
C VAL UB 323 31.49 -60.17 94.31
N VAL UB 324 32.80 -60.20 94.48
CA VAL UB 324 33.51 -61.45 94.65
C VAL UB 324 33.50 -61.76 96.14
N PRO UB 325 33.72 -62.98 96.59
CA PRO UB 325 33.48 -63.26 98.00
C PRO UB 325 34.54 -62.77 98.95
N LYS UB 326 35.77 -62.55 98.50
CA LYS UB 326 36.80 -62.30 99.50
C LYS UB 326 36.97 -60.84 99.83
N ASP UB 327 36.65 -59.91 98.92
CA ASP UB 327 36.68 -58.53 99.34
C ASP UB 327 35.50 -58.20 100.23
N VAL UB 328 34.45 -59.03 100.19
CA VAL UB 328 33.48 -59.05 101.28
C VAL UB 328 34.18 -59.44 102.57
N ASN UB 329 34.97 -60.52 102.52
CA ASN UB 329 35.67 -60.97 103.71
C ASN UB 329 36.75 -59.98 104.11
N ALA UB 330 37.30 -59.25 103.15
CA ALA UB 330 38.20 -58.17 103.49
C ALA UB 330 37.48 -57.06 104.21
N ALA UB 331 36.29 -56.68 103.71
CA ALA UB 331 35.57 -55.56 104.30
C ALA UB 331 35.06 -55.88 105.70
N VAL UB 332 34.56 -57.10 105.90
CA VAL UB 332 34.00 -57.43 107.20
C VAL UB 332 35.09 -57.66 108.22
N ALA UB 333 36.31 -57.97 107.78
CA ALA UB 333 37.42 -58.09 108.71
C ALA UB 333 37.77 -56.74 109.31
N THR UB 334 37.87 -55.72 108.47
CA THR UB 334 38.17 -54.38 108.97
C THR UB 334 37.01 -53.80 109.75
N ILE UB 335 35.79 -54.23 109.45
CA ILE UB 335 34.63 -53.73 110.15
C ILE UB 335 34.65 -54.17 111.61
N LYS UB 336 34.99 -55.44 111.84
CA LYS UB 336 34.98 -55.97 113.19
C LYS UB 336 36.09 -55.36 114.04
N THR UB 337 37.24 -55.06 113.44
CA THR UB 337 38.32 -54.49 114.22
C THR UB 337 38.16 -53.00 114.47
N LYS UB 338 37.25 -52.34 113.78
CA LYS UB 338 36.99 -50.94 114.07
C LYS UB 338 36.24 -50.82 115.38
N ARG UB 339 36.57 -49.77 116.14
CA ARG UB 339 36.08 -49.62 117.49
C ARG UB 339 34.89 -48.68 117.61
N THR UB 340 34.43 -48.10 116.51
CA THR UB 340 33.20 -47.33 116.53
C THR UB 340 31.96 -48.18 116.33
N ILE UB 341 32.13 -49.45 115.94
CA ILE UB 341 31.00 -50.36 115.74
C ILE UB 341 31.08 -51.43 116.82
N GLN UB 342 30.39 -51.19 117.92
CA GLN UB 342 30.57 -51.99 119.12
C GLN UB 342 29.62 -53.17 119.12
N PHE UB 343 30.18 -54.37 119.11
CA PHE UB 343 29.39 -55.58 119.26
C PHE UB 343 29.34 -55.98 120.73
N VAL UB 344 28.30 -56.69 121.08
CA VAL UB 344 28.15 -57.15 122.45
C VAL UB 344 29.00 -58.40 122.67
N ASP UB 345 29.36 -58.65 123.93
CA ASP UB 345 30.37 -59.66 124.24
C ASP UB 345 29.84 -61.07 124.01
N TRP UB 346 28.61 -61.35 124.42
CA TRP UB 346 28.11 -62.71 124.44
C TRP UB 346 27.83 -63.27 123.06
N CYS UB 347 27.83 -62.44 122.03
CA CYS UB 347 27.54 -62.89 120.67
C CYS UB 347 28.80 -62.66 119.86
N PRO UB 348 29.72 -63.63 119.86
CA PRO UB 348 31.07 -63.36 119.31
C PRO UB 348 31.09 -63.31 117.80
N THR UB 349 30.25 -64.09 117.14
CA THR UB 349 30.05 -63.96 115.70
C THR UB 349 28.72 -63.27 115.49
N GLY UB 350 28.69 -62.31 114.59
CA GLY UB 350 27.49 -61.52 114.47
C GLY UB 350 27.18 -61.11 113.05
N PHE UB 351 27.77 -61.77 112.07
CA PHE UB 351 27.54 -61.40 110.69
C PHE UB 351 27.01 -62.59 109.92
N LYS UB 352 26.03 -62.35 109.07
CA LYS UB 352 25.71 -63.24 107.97
C LYS UB 352 25.78 -62.43 106.69
N CYS UB 353 26.50 -62.93 105.70
CA CYS UB 353 26.54 -62.24 104.42
C CYS UB 353 26.17 -63.20 103.31
N GLY UB 354 25.09 -62.91 102.61
CA GLY UB 354 24.75 -63.59 101.39
C GLY UB 354 25.11 -62.73 100.20
N ILE UB 355 25.21 -63.36 99.04
CA ILE UB 355 25.67 -62.68 97.85
C ILE UB 355 24.83 -63.14 96.67
N ASN UB 356 24.35 -62.21 95.87
CA ASN UB 356 23.57 -62.53 94.68
C ASN UB 356 24.19 -61.85 93.47
N TYR UB 357 23.92 -62.42 92.30
CA TYR UB 357 24.63 -61.99 91.10
C TYR UB 357 24.05 -60.71 90.51
N GLN UB 358 22.74 -60.59 90.42
CA GLN UB 358 22.17 -59.59 89.53
C GLN UB 358 22.16 -58.22 90.19
N PRO UB 359 22.74 -57.20 89.58
CA PRO UB 359 22.85 -55.89 90.21
C PRO UB 359 21.50 -55.21 90.26
N PRO UB 360 21.32 -54.22 91.14
CA PRO UB 360 19.99 -53.62 91.29
C PRO UB 360 19.59 -52.83 90.06
N THR UB 361 18.33 -52.93 89.72
CA THR UB 361 17.84 -52.13 88.62
C THR UB 361 17.70 -50.67 89.03
N VAL UB 362 17.54 -49.82 88.04
CA VAL UB 362 17.20 -48.42 88.25
C VAL UB 362 15.88 -48.14 87.56
N VAL UB 363 14.98 -47.47 88.26
CA VAL UB 363 13.74 -47.06 87.60
C VAL UB 363 14.06 -45.94 86.62
N PRO UB 364 13.49 -45.95 85.42
CA PRO UB 364 13.68 -44.81 84.52
C PRO UB 364 13.05 -43.57 85.09
N GLY UB 365 13.77 -42.46 84.98
CA GLY UB 365 13.29 -41.23 85.58
C GLY UB 365 13.42 -41.15 87.08
N GLY UB 366 14.11 -42.10 87.70
CA GLY UB 366 14.33 -42.06 89.12
C GLY UB 366 15.49 -41.15 89.46
N ASP UB 367 15.84 -41.17 90.75
CA ASP UB 367 16.94 -40.37 91.26
C ASP UB 367 18.14 -41.22 91.67
N LEU UB 368 18.19 -42.46 91.21
CA LEU UB 368 19.26 -43.38 91.57
C LEU UB 368 20.13 -43.64 90.34
N ALA UB 369 21.42 -43.40 90.46
CA ALA UB 369 22.34 -43.69 89.37
C ALA UB 369 22.57 -45.18 89.29
N LYS UB 370 22.92 -45.65 88.11
CA LYS UB 370 23.17 -47.07 87.90
C LYS UB 370 24.49 -47.45 88.54
N VAL UB 371 24.43 -48.27 89.58
CA VAL UB 371 25.62 -48.74 90.26
C VAL UB 371 25.79 -50.22 89.98
N MET UB 372 27.01 -50.70 90.15
CA MET UB 372 27.30 -52.09 89.85
C MET UB 372 27.21 -53.01 91.05
N ARG UB 373 27.25 -52.48 92.26
CA ARG UB 373 27.12 -53.28 93.46
C ARG UB 373 26.27 -52.54 94.46
N ALA UB 374 25.63 -53.27 95.37
CA ALA UB 374 24.87 -52.63 96.43
C ALA UB 374 24.77 -53.55 97.63
N VAL UB 375 24.64 -52.93 98.80
CA VAL UB 375 24.58 -53.62 100.08
C VAL UB 375 23.29 -53.25 100.78
N CYS UB 376 22.59 -54.24 101.31
CA CYS UB 376 21.42 -54.02 102.13
C CYS UB 376 21.62 -54.65 103.49
N MET UB 377 21.32 -53.91 104.53
CA MET UB 377 21.57 -54.34 105.89
C MET UB 377 20.27 -54.38 106.67
N ILE UB 378 20.06 -55.46 107.41
CA ILE UB 378 19.02 -55.55 108.42
C ILE UB 378 19.67 -56.11 109.66
N SER UB 379 19.71 -55.31 110.71
CA SER UB 379 20.50 -55.63 111.87
C SER UB 379 19.68 -55.50 113.14
N ASN UB 380 19.98 -56.35 114.12
CA ASN UB 380 19.38 -56.28 115.44
C ASN UB 380 20.34 -55.55 116.35
N SER UB 381 19.89 -54.45 116.93
CA SER UB 381 20.75 -53.67 117.82
C SER UB 381 19.96 -53.22 119.03
N THR UB 382 20.70 -52.85 120.07
CA THR UB 382 20.10 -52.40 121.31
C THR UB 382 19.81 -50.90 121.30
N ALA UB 383 19.96 -50.26 120.15
CA ALA UB 383 19.60 -48.85 120.05
C ALA UB 383 18.10 -48.63 119.97
N ILE UB 384 17.32 -49.69 119.73
CA ILE UB 384 15.87 -49.58 119.71
C ILE UB 384 15.30 -49.27 121.09
N ALA UB 385 16.10 -49.44 122.14
CA ALA UB 385 15.69 -48.95 123.45
C ALA UB 385 15.49 -47.44 123.44
N GLU UB 386 16.19 -46.73 122.56
CA GLU UB 386 15.95 -45.30 122.41
C GLU UB 386 14.63 -45.05 121.69
N VAL UB 387 14.32 -45.87 120.68
CA VAL UB 387 13.12 -45.65 119.89
C VAL UB 387 11.87 -45.91 120.71
N PHE UB 388 11.96 -46.82 121.69
CA PHE UB 388 10.79 -47.14 122.49
C PHE UB 388 10.68 -46.32 123.75
N SER UB 389 11.79 -46.03 124.44
CA SER UB 389 11.71 -45.27 125.68
C SER UB 389 11.30 -43.83 125.41
N ARG UB 390 11.69 -43.31 124.26
CA ARG UB 390 11.19 -42.01 123.83
C ARG UB 390 9.69 -42.04 123.56
N MET UB 391 9.22 -43.10 122.91
CA MET UB 391 7.80 -43.22 122.58
C MET UB 391 6.94 -43.35 123.82
N ASP UB 392 7.39 -44.11 124.80
CA ASP UB 392 6.64 -44.26 126.04
C ASP UB 392 6.53 -42.94 126.78
N HIS UB 393 7.49 -42.03 126.56
CA HIS UB 393 7.39 -40.71 127.18
C HIS UB 393 6.31 -39.87 126.50
N LYS UB 394 6.08 -40.09 125.21
CA LYS UB 394 5.00 -39.38 124.53
C LYS UB 394 3.65 -39.89 124.98
N PHE UB 395 3.58 -41.14 125.41
CA PHE UB 395 2.33 -41.72 125.84
C PHE UB 395 1.88 -41.17 127.18
N ASP UB 396 2.67 -41.41 128.22
CA ASP UB 396 2.23 -41.14 129.58
C ASP UB 396 2.06 -39.66 129.86
N LEU UB 397 2.83 -38.81 129.18
CA LEU UB 397 2.61 -37.38 129.29
C LEU UB 397 1.29 -36.97 128.67
N MET UB 398 0.90 -37.63 127.60
CA MET UB 398 -0.41 -37.40 126.98
C MET UB 398 -1.51 -38.17 127.68
N TYR UB 399 -1.18 -39.30 128.32
CA TYR UB 399 -2.08 -40.04 129.17
C TYR UB 399 -2.01 -39.57 130.61
N ALA UB 400 -1.36 -38.43 130.86
CA ALA UB 400 -1.29 -37.92 132.22
C ALA UB 400 -2.68 -37.61 132.76
N LYS UB 401 -3.51 -36.99 131.96
CA LYS UB 401 -4.89 -36.71 132.36
C LYS UB 401 -5.85 -37.09 131.25
N ARG UB 402 -5.61 -38.27 130.67
CA ARG UB 402 -6.61 -39.02 129.92
C ARG UB 402 -7.06 -38.28 128.66
N ALA UB 403 -6.13 -37.60 128.01
CA ALA UB 403 -6.43 -36.93 126.76
C ALA UB 403 -6.80 -37.93 125.68
N PHE UB 404 -7.80 -37.57 124.87
CA PHE UB 404 -8.26 -38.31 123.71
C PHE UB 404 -8.80 -39.69 124.04
N VAL UB 405 -9.07 -39.98 125.31
CA VAL UB 405 -9.38 -41.34 125.70
C VAL UB 405 -10.78 -41.71 125.28
N HIS UB 406 -11.72 -40.78 125.35
CA HIS UB 406 -13.13 -41.10 125.14
C HIS UB 406 -13.41 -41.51 123.71
N TRP UB 407 -12.56 -41.09 122.76
CA TRP UB 407 -12.70 -41.57 121.40
C TRP UB 407 -12.43 -43.06 121.31
N TYR UB 408 -11.40 -43.54 121.99
CA TYR UB 408 -11.12 -44.96 122.01
C TYR UB 408 -12.10 -45.72 122.89
N VAL UB 409 -12.49 -45.13 124.03
CA VAL UB 409 -13.43 -45.77 124.93
C VAL UB 409 -14.79 -45.90 124.26
N GLY UB 410 -15.25 -44.82 123.63
CA GLY UB 410 -16.55 -44.84 122.99
C GLY UB 410 -16.61 -45.71 121.76
N GLU UB 411 -15.47 -46.04 121.18
CA GLU UB 411 -15.47 -46.80 119.95
C GLU UB 411 -15.45 -48.30 120.22
N GLY UB 412 -15.04 -48.73 121.40
CA GLY UB 412 -15.12 -50.13 121.77
C GLY UB 412 -14.05 -50.67 122.70
N MET UB 413 -12.92 -49.98 122.83
CA MET UB 413 -11.89 -50.43 123.77
C MET UB 413 -12.35 -50.31 125.21
N GLU UB 414 -11.71 -51.10 126.06
CA GLU UB 414 -11.89 -51.02 127.49
C GLU UB 414 -10.83 -50.09 128.07
N GLU UB 415 -11.25 -49.05 128.77
CA GLU UB 415 -10.31 -48.22 129.50
C GLU UB 415 -9.60 -49.07 130.56
N GLY UB 416 -8.28 -48.94 130.61
CA GLY UB 416 -7.45 -49.82 131.38
C GLY UB 416 -6.69 -50.81 130.53
N GLU UB 417 -7.17 -51.08 129.31
CA GLU UB 417 -6.37 -51.83 128.35
C GLU UB 417 -5.14 -51.04 127.91
N PHE UB 418 -5.21 -49.73 128.02
CA PHE UB 418 -4.04 -48.89 127.73
C PHE UB 418 -2.94 -49.14 128.75
N SER UB 419 -3.30 -49.61 129.94
CA SER UB 419 -2.30 -49.84 130.97
C SER UB 419 -1.41 -51.04 130.64
N GLU UB 420 -2.02 -52.20 130.35
CA GLU UB 420 -1.17 -53.35 130.10
C GLU UB 420 -0.51 -53.29 128.74
N ALA UB 421 -1.01 -52.47 127.82
CA ALA UB 421 -0.25 -52.18 126.62
C ALA UB 421 1.06 -51.47 126.95
N ARG UB 422 1.01 -50.53 127.89
CA ARG UB 422 2.24 -49.84 128.28
C ARG UB 422 3.10 -50.72 129.17
N GLU UB 423 2.50 -51.49 130.06
CA GLU UB 423 3.27 -52.43 130.86
C GLU UB 423 3.88 -53.54 130.02
N ASP UB 424 3.27 -53.86 128.88
CA ASP UB 424 3.93 -54.73 127.91
C ASP UB 424 5.17 -54.05 127.37
N LEU UB 425 5.05 -52.79 126.96
CA LEU UB 425 6.19 -52.08 126.39
C LEU UB 425 7.22 -51.74 127.46
N ALA UB 426 6.82 -51.73 128.73
CA ALA UB 426 7.80 -51.58 129.79
C ALA UB 426 8.71 -52.79 129.87
N ALA UB 427 8.15 -53.99 129.69
CA ALA UB 427 8.96 -55.20 129.71
C ALA UB 427 9.91 -55.24 128.52
N LEU UB 428 9.45 -54.78 127.36
CA LEU UB 428 10.32 -54.68 126.21
C LEU UB 428 11.37 -53.60 126.39
N GLU UB 429 11.14 -52.67 127.31
CA GLU UB 429 12.16 -51.70 127.63
C GLU UB 429 13.24 -52.31 128.52
N LYS UB 430 12.83 -53.18 129.44
CA LYS UB 430 13.78 -53.65 130.44
C LYS UB 430 14.64 -54.79 129.92
N ASP UB 431 14.13 -55.61 128.99
CA ASP UB 431 14.92 -56.74 128.54
C ASP UB 431 16.04 -56.30 127.62
N TYR UB 432 15.85 -55.22 126.86
CA TYR UB 432 16.96 -54.61 126.16
C TYR UB 432 18.04 -54.15 127.11
N GLU UB 433 17.63 -53.54 128.23
CA GLU UB 433 18.61 -53.10 129.20
C GLU UB 433 19.25 -54.29 129.90
N GLU UB 434 18.49 -55.39 130.05
CA GLU UB 434 19.05 -56.56 130.70
C GLU UB 434 20.02 -57.31 129.79
N VAL UB 435 19.76 -57.28 128.48
CA VAL UB 435 20.62 -57.98 127.53
C VAL UB 435 21.99 -57.33 127.46
N GLY UB 436 22.03 -56.00 127.44
CA GLY UB 436 23.26 -55.29 127.09
C GLY UB 436 24.37 -55.36 128.12
N ILE UB 437 24.07 -55.82 129.32
CA ILE UB 437 25.07 -55.79 130.39
C ILE UB 437 26.12 -56.87 130.20
N MET VB 1 -21.83 -44.12 98.31
CA MET VB 1 -20.51 -43.89 98.86
C MET VB 1 -20.60 -43.06 100.14
N ARG VB 2 -19.95 -41.90 100.12
CA ARG VB 2 -19.96 -40.95 101.23
C ARG VB 2 -20.76 -39.72 100.80
N GLU VB 3 -21.68 -39.29 101.65
CA GLU VB 3 -22.63 -38.24 101.33
C GLU VB 3 -22.59 -37.23 102.47
N ILE VB 4 -22.70 -35.94 102.14
CA ILE VB 4 -22.83 -34.90 103.13
C ILE VB 4 -24.07 -34.09 102.82
N VAL VB 5 -25.02 -34.09 103.73
CA VAL VB 5 -26.30 -33.40 103.54
C VAL VB 5 -26.14 -31.98 104.06
N HIS VB 6 -26.44 -31.01 103.22
CA HIS VB 6 -26.33 -29.61 103.61
C HIS VB 6 -27.69 -29.08 104.07
N VAL VB 7 -27.69 -28.41 105.21
CA VAL VB 7 -28.87 -27.75 105.76
C VAL VB 7 -28.53 -26.29 105.95
N GLN VB 8 -29.35 -25.40 105.43
CA GLN VB 8 -29.12 -23.97 105.57
C GLN VB 8 -30.27 -23.35 106.35
N GLY VB 9 -29.95 -22.75 107.48
CA GLY VB 9 -30.97 -22.17 108.35
C GLY VB 9 -30.73 -20.70 108.62
N GLY VB 10 -31.80 -19.93 108.70
CA GLY VB 10 -31.73 -18.51 108.98
C GLY VB 10 -31.50 -17.69 107.74
N GLN VB 11 -31.49 -16.37 107.92
CA GLN VB 11 -31.14 -15.49 106.82
C GLN VB 11 -29.66 -15.56 106.53
N CYS VB 12 -28.82 -15.60 107.57
CA CYS VB 12 -27.38 -15.65 107.37
C CYS VB 12 -26.97 -16.95 106.68
N GLY VB 13 -27.49 -18.07 107.15
CA GLY VB 13 -27.12 -19.35 106.57
C GLY VB 13 -27.53 -19.47 105.12
N ASN VB 14 -28.72 -18.98 104.78
CA ASN VB 14 -29.19 -19.10 103.41
C ASN VB 14 -28.40 -18.19 102.49
N GLN VB 15 -27.98 -17.03 102.99
CA GLN VB 15 -27.11 -16.18 102.19
C GLN VB 15 -25.72 -16.75 102.09
N ILE VB 16 -25.18 -17.29 103.20
CA ILE VB 16 -23.81 -17.74 103.18
C ILE VB 16 -23.71 -19.06 102.44
N GLY VB 17 -24.82 -19.81 102.36
CA GLY VB 17 -24.78 -21.06 101.65
C GLY VB 17 -24.88 -20.88 100.16
N ALA VB 18 -25.59 -19.85 99.72
CA ALA VB 18 -25.75 -19.64 98.28
C ALA VB 18 -24.44 -19.20 97.65
N LYS VB 19 -23.53 -18.64 98.44
CA LYS VB 19 -22.19 -18.37 97.94
C LYS VB 19 -21.32 -19.60 98.05
N PHE VB 20 -21.62 -20.48 99.00
CA PHE VB 20 -20.87 -21.73 99.13
C PHE VB 20 -21.11 -22.64 97.95
N TRP VB 21 -22.36 -22.76 97.52
CA TRP VB 21 -22.63 -23.66 96.41
C TRP VB 21 -22.12 -23.09 95.11
N GLU VB 22 -21.83 -21.79 95.08
CA GLU VB 22 -21.16 -21.23 93.92
C GLU VB 22 -19.69 -21.64 93.89
N VAL VB 23 -19.05 -21.70 95.05
CA VAL VB 23 -17.63 -22.05 95.11
C VAL VB 23 -17.44 -23.54 94.80
N ILE VB 24 -18.31 -24.41 95.31
CA ILE VB 24 -18.19 -25.82 95.02
C ILE VB 24 -18.51 -26.11 93.57
N SER VB 25 -19.52 -25.44 93.02
CA SER VB 25 -19.94 -25.73 91.65
C SER VB 25 -18.87 -25.38 90.63
N ASP VB 26 -18.19 -24.26 90.81
CA ASP VB 26 -17.14 -23.95 89.84
C ASP VB 26 -15.78 -24.52 90.22
N GLU VB 27 -15.64 -25.04 91.45
CA GLU VB 27 -14.47 -25.88 91.72
C GLU VB 27 -14.59 -27.20 90.99
N HIS VB 28 -15.81 -27.72 90.89
CA HIS VB 28 -16.07 -28.89 90.07
C HIS VB 28 -16.42 -28.54 88.64
N GLY VB 29 -16.65 -27.26 88.34
CA GLY VB 29 -17.02 -26.87 87.00
C GLY VB 29 -18.40 -27.35 86.62
N ILE VB 30 -19.44 -26.79 87.24
CA ILE VB 30 -20.81 -27.11 86.87
C ILE VB 30 -21.54 -25.82 86.51
N ASP VB 31 -22.05 -25.79 85.28
CA ASP VB 31 -22.86 -24.70 84.77
C ASP VB 31 -24.04 -24.50 85.70
N PRO VB 32 -24.38 -23.26 86.09
CA PRO VB 32 -25.50 -23.04 87.02
C PRO VB 32 -26.85 -23.61 86.57
N THR VB 33 -27.02 -23.95 85.30
CA THR VB 33 -28.19 -24.73 84.93
C THR VB 33 -28.11 -26.17 85.41
N GLY VB 34 -26.96 -26.62 85.91
CA GLY VB 34 -26.81 -27.95 86.47
C GLY VB 34 -26.00 -28.92 85.63
N THR VB 35 -25.76 -28.62 84.37
CA THR VB 35 -25.03 -29.52 83.50
C THR VB 35 -23.53 -29.47 83.83
N TYR VB 36 -22.75 -30.27 83.12
CA TYR VB 36 -21.32 -30.36 83.37
C TYR VB 36 -20.56 -29.68 82.24
N CYS VB 37 -19.57 -28.86 82.59
CA CYS VB 37 -18.60 -28.38 81.63
C CYS VB 37 -17.24 -28.29 82.32
N GLY VB 38 -16.19 -28.81 81.68
CA GLY VB 38 -14.86 -28.68 82.26
C GLY VB 38 -13.83 -29.78 82.01
N ASP VB 39 -14.27 -30.98 81.65
CA ASP VB 39 -13.43 -32.03 81.05
C ASP VB 39 -12.27 -32.46 81.97
N SER VB 40 -12.62 -33.12 83.06
CA SER VB 40 -11.62 -33.80 83.88
C SER VB 40 -12.28 -34.91 84.68
N ASP VB 41 -11.66 -36.08 84.69
CA ASP VB 41 -12.10 -37.15 85.58
C ASP VB 41 -11.83 -36.85 87.03
N LEU VB 42 -10.75 -36.13 87.31
CA LEU VB 42 -10.29 -36.04 88.67
C LEU VB 42 -11.13 -35.10 89.53
N GLN VB 43 -11.84 -34.16 88.90
CA GLN VB 43 -12.78 -33.30 89.62
C GLN VB 43 -14.19 -33.87 89.64
N LEU VB 44 -14.39 -35.03 89.05
CA LEU VB 44 -15.69 -35.59 88.81
C LEU VB 44 -15.92 -36.93 89.47
N GLU VB 45 -14.87 -37.72 89.68
CA GLU VB 45 -15.02 -39.06 90.20
C GLU VB 45 -15.56 -39.08 91.61
N ARG VB 46 -15.37 -38.00 92.36
CA ARG VB 46 -16.04 -37.86 93.64
C ARG VB 46 -16.94 -36.64 93.54
N ILE VB 47 -18.12 -36.85 92.97
CA ILE VB 47 -19.13 -35.82 92.86
C ILE VB 47 -20.40 -36.19 93.59
N ASN VB 48 -20.57 -37.47 93.95
CA ASN VB 48 -21.70 -37.90 94.75
C ASN VB 48 -21.59 -37.44 96.19
N VAL VB 49 -20.46 -36.87 96.59
CA VAL VB 49 -20.28 -36.37 97.93
C VAL VB 49 -21.20 -35.20 98.22
N PHE VB 50 -21.67 -34.49 97.19
CA PHE VB 50 -22.56 -33.36 97.41
C PHE VB 50 -23.76 -33.30 96.48
N TYR VB 51 -23.77 -34.05 95.38
CA TYR VB 51 -24.77 -33.90 94.34
C TYR VB 51 -25.48 -35.22 94.06
N ASN VB 52 -26.59 -35.13 93.35
CA ASN VB 52 -27.37 -36.28 92.90
C ASN VB 52 -27.69 -36.14 91.43
N GLU VB 53 -27.59 -37.24 90.69
CA GLU VB 53 -28.01 -37.25 89.30
C GLU VB 53 -29.54 -37.20 89.21
N ALA VB 54 -30.05 -36.57 88.15
CA ALA VB 54 -31.48 -36.36 87.99
C ALA VB 54 -31.94 -36.67 86.58
N THR VB 55 -31.53 -37.82 86.05
CA THR VB 55 -32.04 -38.46 84.82
C THR VB 55 -31.79 -37.69 83.54
N GLY VB 56 -31.23 -36.49 83.62
CA GLY VB 56 -30.72 -35.80 82.46
C GLY VB 56 -29.22 -35.63 82.54
N GLY VB 57 -28.57 -36.25 83.51
CA GLY VB 57 -27.18 -35.99 83.78
C GLY VB 57 -26.93 -34.73 84.59
N ARG VB 58 -27.98 -34.00 84.95
CA ARG VB 58 -27.77 -32.83 85.76
C ARG VB 58 -27.56 -33.22 87.22
N PHE VB 59 -27.11 -32.26 88.01
CA PHE VB 59 -26.81 -32.49 89.41
C PHE VB 59 -27.61 -31.51 90.24
N VAL VB 60 -28.43 -32.03 91.13
CA VAL VB 60 -29.15 -31.22 92.11
C VAL VB 60 -28.48 -31.40 93.46
N PRO VB 61 -28.10 -30.33 94.15
CA PRO VB 61 -27.33 -30.48 95.37
C PRO VB 61 -28.15 -31.07 96.49
N ARG VB 62 -27.46 -31.75 97.39
CA ARG VB 62 -28.12 -32.35 98.54
C ARG VB 62 -28.31 -31.32 99.65
N ALA VB 63 -28.92 -30.20 99.30
CA ALA VB 63 -29.09 -29.07 100.21
C ALA VB 63 -30.56 -28.89 100.51
N ILE VB 64 -30.88 -28.72 101.78
CA ILE VB 64 -32.22 -28.37 102.23
C ILE VB 64 -32.19 -26.97 102.81
N LEU VB 65 -33.15 -26.14 102.39
CA LEU VB 65 -33.16 -24.73 102.73
C LEU VB 65 -34.34 -24.47 103.65
N MET VB 66 -34.08 -23.87 104.80
CA MET VB 66 -35.13 -23.63 105.78
C MET VB 66 -35.06 -22.21 106.29
N ASP VB 67 -36.23 -21.60 106.48
CA ASP VB 67 -36.37 -20.27 107.05
C ASP VB 67 -37.84 -20.10 107.41
N LEU VB 68 -38.08 -19.30 108.45
CA LEU VB 68 -39.42 -19.07 108.94
C LEU VB 68 -40.10 -17.88 108.28
N GLU VB 69 -39.40 -17.12 107.44
CA GLU VB 69 -40.02 -16.08 106.64
C GLU VB 69 -39.56 -16.24 105.20
N PRO VB 70 -40.45 -16.04 104.23
CA PRO VB 70 -40.14 -16.39 102.85
C PRO VB 70 -39.33 -15.35 102.09
N GLY VB 71 -38.86 -14.30 102.76
CA GLY VB 71 -38.18 -13.23 102.05
C GLY VB 71 -36.86 -13.63 101.44
N THR VB 72 -36.03 -14.38 102.19
CA THR VB 72 -34.69 -14.66 101.71
C THR VB 72 -34.59 -15.96 100.93
N MET VB 73 -35.62 -16.79 100.94
CA MET VB 73 -35.57 -18.01 100.15
C MET VB 73 -35.94 -17.73 98.70
N ASP VB 74 -36.69 -16.66 98.43
CA ASP VB 74 -36.79 -16.26 97.04
C ASP VB 74 -35.58 -15.48 96.60
N SER VB 75 -34.80 -14.94 97.55
CA SER VB 75 -33.58 -14.22 97.21
C SER VB 75 -32.56 -15.16 96.59
N VAL VB 76 -32.38 -16.34 97.18
CA VAL VB 76 -31.48 -17.32 96.61
C VAL VB 76 -32.07 -17.91 95.34
N ARG VB 77 -33.40 -17.98 95.25
CA ARG VB 77 -34.02 -18.55 94.06
C ARG VB 77 -33.84 -17.65 92.85
N ALA VB 78 -34.12 -16.36 93.00
CA ALA VB 78 -34.04 -15.46 91.86
C ALA VB 78 -32.59 -15.13 91.50
N GLY VB 79 -31.67 -15.28 92.44
CA GLY VB 79 -30.29 -14.90 92.22
C GLY VB 79 -29.54 -15.91 91.38
N PRO VB 80 -28.22 -15.81 91.35
CA PRO VB 80 -27.42 -16.76 90.58
C PRO VB 80 -27.42 -18.11 91.25
N PHE VB 81 -27.29 -19.16 90.44
CA PHE VB 81 -27.33 -20.55 90.87
C PHE VB 81 -28.61 -20.87 91.64
N GLY VB 82 -29.71 -20.27 91.24
CA GLY VB 82 -30.97 -20.50 91.92
C GLY VB 82 -31.74 -21.62 91.27
N GLN VB 83 -31.49 -21.84 89.99
CA GLN VB 83 -32.12 -22.94 89.27
C GLN VB 83 -31.53 -24.29 89.65
N LEU VB 84 -30.45 -24.30 90.41
CA LEU VB 84 -29.77 -25.54 90.74
C LEU VB 84 -30.51 -26.31 91.82
N PHE VB 85 -31.06 -25.59 92.79
CA PHE VB 85 -31.67 -26.23 93.95
C PHE VB 85 -33.00 -26.88 93.59
N ARG VB 86 -33.43 -27.80 94.44
CA ARG VB 86 -34.67 -28.55 94.28
C ARG VB 86 -35.84 -27.80 94.91
N PRO VB 87 -36.98 -27.62 94.23
CA PRO VB 87 -38.10 -26.89 94.83
C PRO VB 87 -38.77 -27.63 95.95
N ASP VB 88 -38.74 -28.96 95.95
CA ASP VB 88 -39.21 -29.70 97.12
C ASP VB 88 -38.30 -29.50 98.31
N ASN VB 89 -37.03 -29.18 98.09
CA ASN VB 89 -36.10 -28.96 99.19
C ASN VB 89 -36.35 -27.67 99.93
N PHE VB 90 -37.02 -26.70 99.30
CA PHE VB 90 -37.41 -25.50 100.01
C PHE VB 90 -38.50 -25.81 101.02
N VAL VB 91 -38.35 -25.29 102.23
CA VAL VB 91 -39.42 -25.34 103.21
C VAL VB 91 -39.62 -23.94 103.79
N PHE VB 92 -40.85 -23.45 103.70
CA PHE VB 92 -41.18 -22.07 104.03
C PHE VB 92 -41.87 -21.99 105.38
N GLY VB 93 -41.58 -20.92 106.11
CA GLY VB 93 -42.48 -20.40 107.12
C GLY VB 93 -43.04 -19.09 106.58
N GLN VB 94 -44.32 -18.85 106.79
CA GLN VB 94 -44.94 -17.64 106.28
C GLN VB 94 -45.07 -16.55 107.33
N THR VB 95 -44.48 -16.74 108.51
CA THR VB 95 -44.68 -15.81 109.60
C THR VB 95 -43.42 -15.03 109.96
N GLY VB 96 -42.35 -15.73 110.28
CA GLY VB 96 -41.10 -15.06 110.61
C GLY VB 96 -40.84 -14.94 112.10
N ALA VB 97 -39.85 -15.65 112.60
CA ALA VB 97 -39.51 -15.60 114.01
C ALA VB 97 -38.74 -14.32 114.27
N GLY VB 98 -39.39 -13.38 114.93
CA GLY VB 98 -38.81 -12.06 115.09
C GLY VB 98 -37.71 -12.01 116.11
N ASN VB 99 -36.56 -12.60 115.78
CA ASN VB 99 -35.36 -12.60 116.62
C ASN VB 99 -35.62 -13.21 117.99
N ASN VB 100 -36.57 -14.13 118.05
CA ASN VB 100 -37.00 -14.73 119.31
C ASN VB 100 -36.65 -16.20 119.27
N TRP VB 101 -35.73 -16.61 120.14
CA TRP VB 101 -35.31 -18.00 120.18
C TRP VB 101 -36.44 -18.90 120.62
N ALA VB 102 -37.34 -18.39 121.45
CA ALA VB 102 -38.45 -19.20 121.94
C ALA VB 102 -39.36 -19.64 120.80
N LYS VB 103 -39.71 -18.72 119.92
CA LYS VB 103 -40.55 -19.14 118.81
C LYS VB 103 -39.75 -19.79 117.69
N GLY VB 104 -38.44 -19.57 117.65
CA GLY VB 104 -37.61 -20.37 116.78
C GLY VB 104 -37.61 -21.83 117.19
N HIS VB 105 -37.61 -22.09 118.49
CA HIS VB 105 -37.47 -23.45 118.97
C HIS VB 105 -38.83 -24.05 119.31
N TYR VB 106 -39.53 -23.52 120.30
CA TYR VB 106 -40.70 -24.22 120.82
C TYR VB 106 -41.95 -23.96 120.00
N THR VB 107 -42.45 -22.73 119.99
CA THR VB 107 -43.84 -22.54 119.58
C THR VB 107 -43.99 -22.49 118.07
N GLU VB 108 -43.35 -21.52 117.43
CA GLU VB 108 -43.59 -21.33 116.00
C GLU VB 108 -42.87 -22.38 115.18
N GLY VB 109 -41.71 -22.84 115.64
CA GLY VB 109 -40.93 -23.78 114.86
C GLY VB 109 -41.50 -25.19 114.83
N ALA VB 110 -42.29 -25.57 115.83
CA ALA VB 110 -42.68 -26.97 115.97
C ALA VB 110 -43.61 -27.44 114.87
N GLU VB 111 -44.39 -26.55 114.27
CA GLU VB 111 -45.27 -26.95 113.19
C GLU VB 111 -44.57 -26.95 111.84
N LEU VB 112 -43.27 -26.68 111.81
CA LEU VB 112 -42.53 -26.77 110.57
C LEU VB 112 -41.53 -27.93 110.58
N ILE VB 113 -41.21 -28.47 111.76
CA ILE VB 113 -40.29 -29.59 111.88
C ILE VB 113 -40.89 -30.86 111.28
N ASP VB 114 -42.21 -31.01 111.34
CA ASP VB 114 -42.87 -32.17 110.76
C ASP VB 114 -42.78 -32.21 109.24
N SER VB 115 -42.31 -31.14 108.60
CA SER VB 115 -42.02 -31.14 107.18
C SER VB 115 -40.54 -31.17 106.88
N VAL VB 116 -39.72 -30.46 107.65
CA VAL VB 116 -38.30 -30.36 107.30
C VAL VB 116 -37.60 -31.67 107.61
N LEU VB 117 -38.09 -32.43 108.58
CA LEU VB 117 -37.53 -33.74 108.81
C LEU VB 117 -37.89 -34.71 107.71
N ASP VB 118 -39.04 -34.49 107.06
CA ASP VB 118 -39.45 -35.40 106.00
C ASP VB 118 -38.47 -35.35 104.85
N VAL VB 119 -38.08 -34.13 104.44
CA VAL VB 119 -37.21 -34.01 103.27
C VAL VB 119 -35.80 -34.46 103.61
N VAL VB 120 -35.32 -34.19 104.83
CA VAL VB 120 -33.94 -34.53 105.14
C VAL VB 120 -33.75 -36.05 105.24
N ARG VB 121 -34.73 -36.80 105.76
CA ARG VB 121 -34.53 -38.24 105.72
C ARG VB 121 -34.81 -38.80 104.34
N LYS VB 122 -35.60 -38.10 103.52
CA LYS VB 122 -35.81 -38.57 102.16
C LYS VB 122 -34.52 -38.47 101.36
N GLU VB 123 -33.71 -37.45 101.62
CA GLU VB 123 -32.40 -37.38 101.00
C GLU VB 123 -31.42 -38.32 101.70
N ALA VB 124 -31.63 -38.58 102.99
CA ALA VB 124 -30.66 -39.36 103.75
C ALA VB 124 -30.66 -40.83 103.35
N GLU VB 125 -31.82 -41.45 103.30
CA GLU VB 125 -31.83 -42.90 103.08
C GLU VB 125 -31.81 -43.26 101.60
N GLY VB 126 -31.86 -42.28 100.70
CA GLY VB 126 -31.84 -42.59 99.29
C GLY VB 126 -30.49 -43.09 98.81
N CYS VB 127 -29.43 -42.75 99.51
CA CYS VB 127 -28.10 -43.22 99.17
C CYS VB 127 -27.84 -44.56 99.88
N ASP VB 128 -26.59 -44.99 99.88
CA ASP VB 128 -26.24 -46.22 100.58
C ASP VB 128 -26.00 -45.99 102.08
N CYS VB 129 -25.11 -45.07 102.41
CA CYS VB 129 -24.69 -44.87 103.79
C CYS VB 129 -24.12 -43.46 103.90
N LEU VB 130 -24.76 -42.64 104.71
CA LEU VB 130 -24.42 -41.24 104.84
C LEU VB 130 -23.16 -41.08 105.68
N GLN VB 131 -22.48 -39.96 105.51
CA GLN VB 131 -21.26 -39.68 106.25
C GLN VB 131 -21.45 -38.59 107.30
N GLY VB 132 -22.09 -37.49 106.95
CA GLY VB 132 -22.29 -36.43 107.93
C GLY VB 132 -23.23 -35.37 107.41
N PHE VB 133 -23.42 -34.34 108.23
CA PHE VB 133 -24.19 -33.16 107.87
C PHE VB 133 -23.33 -31.93 108.06
N GLN VB 134 -23.67 -30.86 107.35
CA GLN VB 134 -23.09 -29.57 107.64
C GLN VB 134 -24.19 -28.52 107.59
N ILE VB 135 -24.18 -27.61 108.54
CA ILE VB 135 -25.29 -26.69 108.78
C ILE VB 135 -24.73 -25.28 108.91
N THR VB 136 -25.28 -24.35 108.14
CA THR VB 136 -24.85 -22.96 108.21
C THR VB 136 -25.94 -22.16 108.91
N HIS VB 137 -25.60 -21.60 110.06
CA HIS VB 137 -26.52 -20.73 110.78
C HIS VB 137 -25.72 -19.65 111.47
N SER VB 138 -26.40 -18.58 111.85
CA SER VB 138 -25.83 -17.55 112.70
C SER VB 138 -26.52 -17.61 114.06
N LEU VB 139 -25.75 -17.43 115.11
CA LEU VB 139 -26.31 -17.58 116.44
C LEU VB 139 -26.76 -16.26 117.02
N GLY VB 140 -27.12 -15.32 116.16
CA GLY VB 140 -27.66 -14.05 116.61
C GLY VB 140 -29.17 -13.96 116.56
N GLY VB 141 -29.75 -14.32 115.41
CA GLY VB 141 -31.15 -14.13 115.18
C GLY VB 141 -32.00 -15.23 115.77
N GLY VB 142 -33.22 -15.33 115.26
CA GLY VB 142 -34.17 -16.29 115.79
C GLY VB 142 -34.31 -17.54 114.96
N THR VB 143 -34.46 -17.38 113.66
CA THR VB 143 -34.72 -18.52 112.80
C THR VB 143 -33.47 -19.28 112.41
N GLY VB 144 -32.31 -18.86 112.88
CA GLY VB 144 -31.11 -19.65 112.72
C GLY VB 144 -30.62 -20.21 114.03
N SER VB 145 -30.70 -19.40 115.09
CA SER VB 145 -30.11 -19.81 116.36
C SER VB 145 -31.01 -20.73 117.16
N GLY VB 146 -32.32 -20.63 116.99
CA GLY VB 146 -33.22 -21.53 117.68
C GLY VB 146 -33.91 -22.50 116.75
N MET VB 147 -34.32 -22.01 115.59
CA MET VB 147 -34.93 -22.84 114.59
C MET VB 147 -33.93 -23.80 113.98
N GLY VB 148 -32.65 -23.45 114.06
CA GLY VB 148 -31.60 -24.31 113.55
C GLY VB 148 -31.12 -25.29 114.60
N THR VB 149 -31.04 -24.86 115.86
CA THR VB 149 -30.53 -25.75 116.88
C THR VB 149 -31.54 -26.82 117.26
N LEU VB 150 -32.80 -26.66 116.86
CA LEU VB 150 -33.73 -27.77 117.02
C LEU VB 150 -33.51 -28.81 115.95
N LEU VB 151 -33.21 -28.38 114.72
CA LEU VB 151 -32.92 -29.35 113.67
C LEU VB 151 -31.62 -30.06 113.94
N ILE VB 152 -30.71 -29.40 114.66
CA ILE VB 152 -29.51 -30.09 115.12
C ILE VB 152 -29.87 -31.21 116.09
N SER VB 153 -30.79 -30.94 117.01
CA SER VB 153 -31.08 -31.92 118.03
C SER VB 153 -31.92 -33.08 117.50
N LYS VB 154 -32.77 -32.84 116.50
CA LYS VB 154 -33.62 -33.91 116.00
C LYS VB 154 -32.84 -34.91 115.14
N VAL VB 155 -31.97 -34.42 114.27
CA VAL VB 155 -31.28 -35.34 113.37
C VAL VB 155 -30.15 -36.06 114.09
N ARG VB 156 -29.71 -35.53 115.23
CA ARG VB 156 -28.64 -36.17 115.99
C ARG VB 156 -29.14 -37.44 116.65
N GLU VB 157 -30.31 -37.38 117.27
CA GLU VB 157 -30.85 -38.56 117.93
C GLU VB 157 -31.35 -39.60 116.94
N GLU VB 158 -31.76 -39.19 115.73
CA GLU VB 158 -32.21 -40.19 114.77
C GLU VB 158 -31.06 -40.96 114.15
N TYR VB 159 -29.94 -40.29 113.87
CA TYR VB 159 -28.75 -40.90 113.31
C TYR VB 159 -27.58 -40.61 114.25
N PRO VB 160 -27.46 -41.34 115.35
CA PRO VB 160 -26.42 -40.99 116.33
C PRO VB 160 -25.01 -41.42 115.96
N ASP VB 161 -24.84 -42.25 114.94
CA ASP VB 161 -23.52 -42.72 114.54
C ASP VB 161 -22.96 -41.95 113.35
N ARG VB 162 -23.48 -40.77 113.09
CA ARG VB 162 -22.98 -39.88 112.06
C ARG VB 162 -22.44 -38.62 112.73
N ILE VB 163 -21.93 -37.70 111.93
CA ILE VB 163 -21.35 -36.47 112.48
C ILE VB 163 -22.01 -35.26 111.85
N MET VB 164 -21.71 -34.09 112.43
CA MET VB 164 -22.23 -32.83 111.91
C MET VB 164 -21.28 -31.70 112.29
N GLU VB 165 -21.09 -30.78 111.36
CA GLU VB 165 -20.26 -29.61 111.59
C GLU VB 165 -21.01 -28.35 111.23
N THR VB 166 -21.13 -27.44 112.18
CA THR VB 166 -21.97 -26.26 112.04
C THR VB 166 -21.09 -25.03 111.93
N PHE VB 167 -21.23 -24.31 110.84
CA PHE VB 167 -20.47 -23.08 110.61
C PHE VB 167 -21.29 -21.92 111.15
N SER VB 168 -20.87 -21.40 112.31
CA SER VB 168 -21.71 -20.54 113.14
C SER VB 168 -21.10 -19.18 113.34
N VAL VB 169 -21.88 -18.14 113.09
CA VAL VB 169 -21.46 -16.76 113.29
C VAL VB 169 -21.94 -16.27 114.64
N PHE VB 170 -21.04 -15.78 115.46
CA PHE VB 170 -21.31 -15.32 116.81
C PHE VB 170 -21.44 -13.81 116.89
N PRO VB 171 -21.80 -13.29 118.06
CA PRO VB 171 -21.68 -11.85 118.32
C PRO VB 171 -20.29 -11.25 118.10
N SER VB 172 -20.25 -9.95 118.23
CA SER VB 172 -19.17 -9.03 117.92
C SER VB 172 -18.78 -8.21 119.12
N PRO VB 173 -17.52 -7.77 119.21
CA PRO VB 173 -17.14 -6.88 120.32
C PRO VB 173 -17.85 -5.54 120.29
N LYS VB 174 -17.72 -4.79 119.20
CA LYS VB 174 -18.17 -3.40 119.22
C LYS VB 174 -19.56 -3.24 118.63
N VAL VB 175 -19.71 -3.54 117.36
CA VAL VB 175 -21.01 -3.38 116.70
C VAL VB 175 -21.90 -4.53 117.13
N SER VB 176 -23.21 -4.30 117.16
CA SER VB 176 -24.10 -5.36 117.64
C SER VB 176 -25.44 -5.20 116.94
N ASP VB 177 -25.62 -5.94 115.84
CA ASP VB 177 -26.95 -6.10 115.30
C ASP VB 177 -27.76 -6.99 116.24
N THR VB 178 -29.08 -6.94 116.10
CA THR VB 178 -30.01 -7.81 116.81
C THR VB 178 -29.85 -7.66 118.32
N VAL VB 179 -30.33 -6.52 118.82
CA VAL VB 179 -30.22 -6.04 120.20
C VAL VB 179 -30.41 -7.12 121.25
N VAL VB 180 -31.31 -8.08 121.02
CA VAL VB 180 -31.28 -9.25 121.88
C VAL VB 180 -30.31 -10.25 121.26
N GLU VB 181 -29.04 -9.93 121.39
CA GLU VB 181 -27.92 -10.74 120.97
C GLU VB 181 -27.54 -11.81 121.98
N PRO VB 182 -27.28 -11.51 123.25
CA PRO VB 182 -26.74 -12.56 124.12
C PRO VB 182 -27.77 -13.58 124.55
N TYR VB 183 -29.06 -13.26 124.45
CA TYR VB 183 -30.06 -14.25 124.80
C TYR VB 183 -30.08 -15.38 123.79
N ASN VB 184 -30.03 -15.05 122.51
CA ASN VB 184 -30.12 -16.08 121.49
C ASN VB 184 -28.83 -16.88 121.39
N ALA VB 185 -27.70 -16.26 121.69
CA ALA VB 185 -26.44 -16.97 121.60
C ALA VB 185 -26.28 -17.97 122.74
N THR VB 186 -26.50 -17.52 123.97
CA THR VB 186 -26.27 -18.38 125.12
C THR VB 186 -27.27 -19.52 125.16
N LEU VB 187 -28.50 -19.28 124.73
CA LEU VB 187 -29.47 -20.36 124.66
C LEU VB 187 -29.10 -21.38 123.60
N SER VB 188 -28.30 -20.97 122.63
CA SER VB 188 -27.95 -21.90 121.57
C SER VB 188 -26.62 -22.59 121.81
N VAL VB 189 -25.69 -21.96 122.52
CA VAL VB 189 -24.43 -22.63 122.83
C VAL VB 189 -24.67 -23.84 123.72
N HIS VB 190 -25.54 -23.72 124.72
CA HIS VB 190 -25.77 -24.85 125.60
C HIS VB 190 -26.60 -25.93 124.96
N GLN VB 191 -27.17 -25.67 123.79
CA GLN VB 191 -27.73 -26.73 122.98
C GLN VB 191 -26.74 -27.28 121.97
N LEU VB 192 -25.82 -26.44 121.51
CA LEU VB 192 -24.93 -26.83 120.45
C LEU VB 192 -23.77 -27.66 120.99
N VAL VB 193 -23.44 -27.45 122.27
CA VAL VB 193 -22.41 -28.23 122.92
C VAL VB 193 -22.92 -29.61 123.30
N GLU VB 194 -24.22 -29.81 123.27
CA GLU VB 194 -24.79 -31.10 123.63
C GLU VB 194 -25.09 -31.98 122.43
N ASN VB 195 -25.24 -31.42 121.24
CA ASN VB 195 -25.70 -32.21 120.11
C ASN VB 195 -24.90 -32.04 118.83
N ALA VB 196 -23.72 -31.43 118.87
CA ALA VB 196 -22.91 -31.24 117.68
C ALA VB 196 -21.46 -31.62 117.96
N ASP VB 197 -20.80 -32.15 116.93
CA ASP VB 197 -19.43 -32.65 117.11
C ASP VB 197 -18.38 -31.60 116.85
N GLU VB 198 -18.63 -30.68 115.92
CA GLU VB 198 -17.63 -29.71 115.50
C GLU VB 198 -18.33 -28.42 115.11
N VAL VB 199 -17.80 -27.29 115.56
CA VAL VB 199 -18.39 -25.99 115.28
C VAL VB 199 -17.28 -25.04 114.88
N GLN VB 200 -17.32 -24.57 113.65
CA GLN VB 200 -16.36 -23.57 113.18
C GLN VB 200 -16.89 -22.19 113.50
N VAL VB 201 -16.17 -21.45 114.33
CA VAL VB 201 -16.66 -20.14 114.75
C VAL VB 201 -16.28 -19.15 113.67
N ILE VB 202 -17.14 -18.16 113.46
CA ILE VB 202 -16.88 -17.05 112.55
C ILE VB 202 -17.37 -15.79 113.22
N ASP VB 203 -16.62 -14.71 113.11
CA ASP VB 203 -17.05 -13.41 113.59
C ASP VB 203 -17.02 -12.47 112.41
N ASN VB 204 -17.91 -11.48 112.41
CA ASN VB 204 -17.98 -10.60 111.26
C ASN VB 204 -16.81 -9.62 111.21
N GLU VB 205 -16.17 -9.39 112.35
CA GLU VB 205 -15.32 -8.21 112.48
C GLU VB 205 -13.84 -8.56 112.44
N ALA VB 206 -13.49 -9.79 112.77
CA ALA VB 206 -12.25 -10.31 112.24
C ALA VB 206 -12.35 -10.46 110.74
N LEU VB 207 -13.55 -10.76 110.26
CA LEU VB 207 -13.81 -10.86 108.83
C LEU VB 207 -13.93 -9.50 108.17
N TYR VB 208 -14.32 -8.47 108.91
CA TYR VB 208 -14.23 -7.12 108.38
C TYR VB 208 -12.80 -6.61 108.41
N ASP VB 209 -12.02 -7.08 109.37
CA ASP VB 209 -10.61 -6.67 109.45
C ASP VB 209 -9.82 -7.20 108.26
N ILE VB 210 -10.12 -8.43 107.85
CA ILE VB 210 -9.34 -9.09 106.80
C ILE VB 210 -9.52 -8.38 105.46
N CYS VB 211 -10.76 -8.07 105.11
CA CYS VB 211 -11.02 -7.40 103.86
C CYS VB 211 -10.59 -5.93 103.86
N PHE VB 212 -10.50 -5.30 105.02
CA PHE VB 212 -9.97 -3.95 105.06
C PHE VB 212 -8.46 -3.95 104.85
N ARG VB 213 -7.74 -4.85 105.51
CA ARG VB 213 -6.28 -4.83 105.49
C ARG VB 213 -5.70 -5.68 104.36
N THR VB 214 -5.96 -6.98 104.38
CA THR VB 214 -5.26 -7.86 103.45
C THR VB 214 -5.80 -7.73 102.04
N LEU VB 215 -7.11 -7.91 101.85
CA LEU VB 215 -7.68 -7.82 100.52
C LEU VB 215 -7.65 -6.40 99.98
N LYS VB 216 -7.63 -5.41 100.89
CA LYS VB 216 -7.59 -3.98 100.56
C LYS VB 216 -8.77 -3.58 99.67
N LEU VB 217 -9.96 -3.77 100.23
CA LEU VB 217 -11.20 -3.29 99.61
C LEU VB 217 -11.82 -2.23 100.50
N THR VB 218 -12.12 -1.06 99.93
CA THR VB 218 -12.71 0.02 100.71
C THR VB 218 -14.16 -0.31 101.08
N THR VB 219 -14.91 -0.91 100.16
CA THR VB 219 -16.33 -1.21 100.36
C THR VB 219 -16.54 -2.72 100.25
N PRO VB 220 -16.45 -3.45 101.34
CA PRO VB 220 -16.79 -4.87 101.29
C PRO VB 220 -18.27 -5.13 101.48
N THR VB 221 -18.91 -5.68 100.45
CA THR VB 221 -20.30 -6.09 100.57
C THR VB 221 -20.36 -7.47 101.23
N TYR VB 222 -21.58 -7.97 101.44
CA TYR VB 222 -21.73 -9.30 102.01
C TYR VB 222 -21.32 -10.39 101.05
N GLY VB 223 -21.33 -10.12 99.75
CA GLY VB 223 -20.94 -11.14 98.79
C GLY VB 223 -19.47 -11.47 98.86
N ASP VB 224 -18.62 -10.47 99.00
CA ASP VB 224 -17.18 -10.72 99.06
C ASP VB 224 -16.80 -11.36 100.38
N LEU VB 225 -17.54 -11.04 101.45
CA LEU VB 225 -17.22 -11.58 102.75
C LEU VB 225 -17.61 -13.05 102.86
N ASN VB 226 -18.77 -13.40 102.30
CA ASN VB 226 -19.18 -14.79 102.30
C ASN VB 226 -18.29 -15.62 101.40
N HIS VB 227 -17.68 -14.99 100.41
CA HIS VB 227 -16.82 -15.71 99.48
C HIS VB 227 -15.53 -16.14 100.19
N LEU VB 228 -15.24 -15.50 101.31
CA LEU VB 228 -14.04 -15.82 102.09
C LEU VB 228 -14.33 -16.90 103.13
N VAL VB 229 -15.56 -16.98 103.62
CA VAL VB 229 -15.95 -18.12 104.43
C VAL VB 229 -16.12 -19.35 103.55
N SER VB 230 -16.74 -19.18 102.38
CA SER VB 230 -17.07 -20.31 101.53
C SER VB 230 -15.83 -21.00 100.98
N ALA VB 231 -14.74 -20.27 100.80
CA ALA VB 231 -13.49 -20.91 100.40
C ALA VB 231 -12.94 -21.78 101.53
N ALA VB 232 -13.02 -21.29 102.77
CA ALA VB 232 -12.54 -22.07 103.90
C ALA VB 232 -13.43 -23.27 104.15
N MET VB 233 -14.74 -23.08 104.07
CA MET VB 233 -15.70 -24.16 104.23
C MET VB 233 -15.73 -25.10 103.04
N SER VB 234 -15.12 -24.72 101.92
CA SER VB 234 -14.80 -25.69 100.88
C SER VB 234 -13.44 -26.35 101.11
N GLY VB 235 -12.52 -25.66 101.78
CA GLY VB 235 -11.19 -26.22 101.97
C GLY VB 235 -11.13 -27.32 103.00
N VAL VB 236 -12.02 -27.26 104.00
CA VAL VB 236 -11.99 -28.25 105.07
C VAL VB 236 -12.52 -29.59 104.57
N THR VB 237 -13.24 -29.59 103.46
CA THR VB 237 -13.82 -30.79 102.88
C THR VB 237 -13.24 -31.13 101.51
N CYS VB 238 -12.03 -30.64 101.21
CA CYS VB 238 -11.39 -30.99 99.95
C CYS VB 238 -11.08 -32.47 99.86
N CYS VB 239 -10.59 -33.04 100.96
CA CYS VB 239 -9.99 -34.35 100.89
C CYS VB 239 -11.00 -35.46 100.69
N LEU VB 240 -12.26 -35.21 101.04
CA LEU VB 240 -13.31 -36.16 100.69
C LEU VB 240 -13.49 -36.24 99.19
N ARG VB 241 -13.18 -35.17 98.48
CA ARG VB 241 -13.46 -35.06 97.06
C ARG VB 241 -12.27 -35.34 96.18
N PHE VB 242 -11.07 -35.00 96.64
CA PHE VB 242 -9.90 -35.07 95.81
C PHE VB 242 -8.84 -35.94 96.47
N PRO VB 243 -8.05 -36.65 95.69
CA PRO VB 243 -7.02 -37.48 96.30
C PRO VB 243 -5.87 -36.66 96.85
N GLY VB 244 -4.89 -37.34 97.43
CA GLY VB 244 -3.74 -36.65 97.97
C GLY VB 244 -2.80 -37.65 98.58
N GLN VB 245 -1.66 -37.14 99.06
CA GLN VB 245 -0.70 -38.00 99.72
C GLN VB 245 -1.16 -38.35 101.13
N LEU VB 246 -1.29 -37.37 102.00
CA LEU VB 246 -1.70 -37.61 103.38
C LEU VB 246 -3.17 -37.19 103.46
N ASN VB 247 -4.05 -38.16 103.27
CA ASN VB 247 -5.46 -37.88 103.14
C ASN VB 247 -6.07 -37.50 104.49
N SER VB 248 -7.27 -36.94 104.43
CA SER VB 248 -7.99 -36.58 105.64
C SER VB 248 -9.48 -36.82 105.43
N ASP VB 249 -10.25 -36.51 106.46
CA ASP VB 249 -11.69 -36.70 106.49
C ASP VB 249 -12.20 -35.84 107.63
N LEU VB 250 -13.51 -35.61 107.65
CA LEU VB 250 -14.10 -34.92 108.79
C LEU VB 250 -13.92 -35.71 110.07
N ARG VB 251 -14.13 -37.03 110.02
CA ARG VB 251 -13.91 -37.85 111.21
C ARG VB 251 -12.43 -38.03 111.50
N LYS VB 252 -11.59 -37.95 110.47
CA LYS VB 252 -10.15 -37.98 110.68
C LYS VB 252 -9.70 -36.79 111.50
N LEU VB 253 -10.25 -35.61 111.23
CA LEU VB 253 -9.92 -34.45 112.05
C LEU VB 253 -10.88 -34.29 113.22
N ALA VB 254 -11.98 -35.02 113.26
CA ALA VB 254 -12.78 -35.00 114.47
C ALA VB 254 -12.04 -35.63 115.62
N VAL VB 255 -11.39 -36.77 115.39
CA VAL VB 255 -10.70 -37.46 116.47
C VAL VB 255 -9.34 -36.84 116.73
N ASN VB 256 -8.76 -36.17 115.75
CA ASN VB 256 -7.41 -35.67 115.93
C ASN VB 256 -7.38 -34.33 116.63
N LEU VB 257 -8.49 -33.61 116.67
CA LEU VB 257 -8.50 -32.27 117.25
C LEU VB 257 -8.96 -32.28 118.71
N ILE VB 258 -10.17 -32.75 118.98
CA ILE VB 258 -10.76 -32.52 120.30
C ILE VB 258 -10.18 -33.52 121.29
N PRO VB 259 -9.62 -33.06 122.39
CA PRO VB 259 -9.14 -34.00 123.40
C PRO VB 259 -10.28 -34.57 124.22
N PHE VB 260 -11.14 -33.69 124.69
CA PHE VB 260 -12.21 -33.96 125.62
C PHE VB 260 -13.52 -33.51 124.99
N PRO VB 261 -14.63 -34.19 125.26
CA PRO VB 261 -15.79 -34.07 124.37
C PRO VB 261 -16.50 -32.73 124.43
N ARG VB 262 -16.36 -31.96 125.50
CA ARG VB 262 -17.23 -30.80 125.60
C ARG VB 262 -16.60 -29.57 124.96
N LEU VB 263 -15.31 -29.58 124.69
CA LEU VB 263 -14.66 -28.47 124.00
C LEU VB 263 -14.38 -28.87 122.55
N HIS VB 264 -15.20 -28.34 121.63
CA HIS VB 264 -15.03 -28.63 120.21
C HIS VB 264 -15.34 -27.41 119.37
N PHE VB 265 -14.93 -26.23 119.81
CA PHE VB 265 -15.20 -25.01 119.06
C PHE VB 265 -13.90 -24.52 118.45
N PHE VB 266 -13.89 -24.39 117.14
CA PHE VB 266 -12.68 -24.34 116.33
C PHE VB 266 -12.53 -22.97 115.68
N LEU VB 267 -11.28 -22.55 115.49
CA LEU VB 267 -10.95 -21.36 114.74
C LEU VB 267 -10.64 -21.72 113.30
N ILE VB 268 -10.89 -20.79 112.40
CA ILE VB 268 -10.59 -20.97 110.99
C ILE VB 268 -9.68 -19.84 110.51
N GLY VB 269 -8.67 -20.22 109.73
CA GLY VB 269 -7.90 -19.25 108.98
C GLY VB 269 -7.69 -19.75 107.56
N PHE VB 270 -7.44 -18.81 106.66
CA PHE VB 270 -7.21 -19.16 105.27
C PHE VB 270 -6.07 -18.32 104.74
N ALA VB 271 -5.34 -18.88 103.78
CA ALA VB 271 -4.19 -18.27 103.15
C ALA VB 271 -4.01 -18.94 101.81
N PRO VB 272 -3.53 -18.23 100.79
CA PRO VB 272 -3.08 -16.84 100.72
C PRO VB 272 -4.20 -15.84 100.54
N LEU VB 273 -4.01 -14.66 101.12
CA LEU VB 273 -4.92 -13.54 100.99
C LEU VB 273 -4.07 -12.34 100.61
N THR VB 274 -3.82 -12.18 99.31
CA THR VB 274 -3.01 -11.08 98.80
C THR VB 274 -3.89 -10.20 97.91
N SER VB 275 -3.64 -8.90 97.96
CA SER VB 275 -4.41 -7.95 97.18
C SER VB 275 -3.94 -7.94 95.73
N ARG VB 276 -4.58 -7.11 94.91
CA ARG VB 276 -4.20 -7.02 93.51
C ARG VB 276 -2.83 -6.38 93.34
N GLY VB 277 -2.49 -5.40 94.19
CA GLY VB 277 -1.20 -4.74 94.07
C GLY VB 277 -0.03 -5.65 94.41
N SER VB 278 -0.19 -6.49 95.43
CA SER VB 278 0.87 -7.38 95.89
C SER VB 278 0.81 -8.76 95.27
N GLN VB 279 -0.12 -9.00 94.34
CA GLN VB 279 -0.26 -10.32 93.74
C GLN VB 279 0.94 -10.65 92.85
N GLN VB 280 1.47 -9.66 92.15
CA GLN VB 280 2.60 -9.87 91.27
C GLN VB 280 3.93 -9.79 91.99
N TYR VB 281 3.93 -9.50 93.29
CA TYR VB 281 5.16 -9.34 94.05
C TYR VB 281 5.34 -10.42 95.11
N ARG VB 282 4.66 -11.55 94.96
CA ARG VB 282 4.84 -12.69 95.85
C ARG VB 282 5.24 -13.91 95.04
N ALA VB 283 6.16 -14.71 95.58
CA ALA VB 283 6.57 -15.98 95.00
C ALA VB 283 6.08 -17.08 95.93
N LEU VB 284 4.84 -17.52 95.70
CA LEU VB 284 4.10 -18.34 96.66
C LEU VB 284 4.80 -19.67 96.92
N SER VB 285 5.22 -19.89 98.15
CA SER VB 285 5.87 -21.11 98.54
C SER VB 285 5.39 -21.51 99.92
N VAL VB 286 5.82 -22.69 100.36
CA VAL VB 286 5.30 -23.24 101.61
C VAL VB 286 5.77 -22.48 102.84
N PRO VB 287 7.02 -21.90 102.89
CA PRO VB 287 7.35 -20.99 104.00
C PRO VB 287 6.38 -19.88 104.33
N GLU VB 288 6.08 -18.99 103.38
CA GLU VB 288 5.24 -17.86 103.73
C GLU VB 288 3.78 -18.24 103.87
N LEU VB 289 3.38 -19.41 103.38
CA LEU VB 289 2.04 -19.89 103.66
C LEU VB 289 1.88 -20.14 105.14
N THR VB 290 2.89 -20.69 105.79
CA THR VB 290 2.79 -20.98 107.21
C THR VB 290 2.92 -19.71 108.04
N GLN VB 291 3.73 -18.76 107.59
CA GLN VB 291 3.80 -17.48 108.29
C GLN VB 291 2.50 -16.70 108.17
N GLN VB 292 1.82 -16.81 107.03
CA GLN VB 292 0.53 -16.13 106.88
C GLN VB 292 -0.55 -16.82 107.71
N MET VB 293 -0.51 -18.15 107.79
CA MET VB 293 -1.55 -18.89 108.47
C MET VB 293 -1.42 -18.83 109.98
N PHE VB 294 -0.25 -18.49 110.52
CA PHE VB 294 -0.13 -18.19 111.94
C PHE VB 294 0.04 -16.69 112.08
N ASP VB 295 -1.07 -15.98 112.00
CA ASP VB 295 -1.05 -14.55 112.20
C ASP VB 295 -2.30 -14.15 112.95
N ALA VB 296 -2.13 -13.36 114.00
CA ALA VB 296 -3.23 -13.03 114.89
C ALA VB 296 -4.33 -12.28 114.15
N LYS VB 297 -3.95 -11.45 113.18
CA LYS VB 297 -4.90 -10.69 112.39
C LYS VB 297 -5.33 -11.45 111.15
N ASN VB 298 -5.24 -12.79 111.16
CA ASN VB 298 -5.62 -13.56 109.99
C ASN VB 298 -6.72 -14.58 110.31
N MET VB 299 -6.87 -14.97 111.58
CA MET VB 299 -7.98 -15.85 111.96
C MET VB 299 -9.30 -15.11 111.81
N MET VB 300 -10.36 -15.87 111.54
CA MET VB 300 -11.67 -15.29 111.32
C MET VB 300 -12.50 -15.18 112.58
N CYS VB 301 -11.93 -15.47 113.74
CA CYS VB 301 -12.58 -15.18 115.00
C CYS VB 301 -11.85 -14.04 115.66
N ALA VB 302 -12.59 -13.08 116.21
CA ALA VB 302 -11.97 -11.87 116.71
C ALA VB 302 -11.36 -12.09 118.08
N SER VB 303 -10.51 -13.10 118.20
CA SER VB 303 -9.81 -13.39 119.43
C SER VB 303 -8.32 -13.34 119.14
N ASP VB 304 -7.58 -12.59 119.94
CA ASP VB 304 -6.14 -12.53 119.76
C ASP VB 304 -5.51 -13.80 120.31
N PRO VB 305 -4.90 -14.65 119.48
CA PRO VB 305 -4.42 -15.93 119.97
C PRO VB 305 -3.19 -15.82 120.85
N ARG VB 306 -2.58 -14.64 120.96
CA ARG VB 306 -1.41 -14.48 121.79
C ARG VB 306 -1.70 -14.65 123.27
N HIS VB 307 -2.96 -14.48 123.69
CA HIS VB 307 -3.28 -14.58 125.10
C HIS VB 307 -3.26 -16.03 125.58
N GLY VB 308 -3.83 -16.94 124.79
CA GLY VB 308 -3.87 -18.34 125.15
C GLY VB 308 -2.82 -19.15 124.39
N ARG VB 309 -2.85 -20.45 124.64
CA ARG VB 309 -1.97 -21.40 123.97
C ARG VB 309 -2.80 -22.35 123.13
N TYR VB 310 -2.35 -22.60 121.91
CA TYR VB 310 -3.08 -23.49 121.01
C TYR VB 310 -3.01 -24.91 121.52
N LEU VB 311 -4.16 -25.58 121.57
CA LEU VB 311 -4.24 -26.93 122.10
C LEU VB 311 -3.95 -27.95 121.01
N THR VB 312 -4.71 -27.90 119.92
CA THR VB 312 -4.54 -28.80 118.79
C THR VB 312 -4.89 -28.03 117.53
N ALA VB 313 -4.15 -28.28 116.45
CA ALA VB 313 -4.29 -27.46 115.27
C ALA VB 313 -3.97 -28.28 114.04
N SER VB 314 -4.76 -28.11 112.99
CA SER VB 314 -4.67 -28.92 111.79
C SER VB 314 -4.49 -28.02 110.58
N ALA VB 315 -3.80 -28.53 109.57
CA ALA VB 315 -3.47 -27.77 108.37
C ALA VB 315 -3.76 -28.62 107.16
N MET VB 316 -4.79 -28.27 106.41
CA MET VB 316 -5.13 -28.98 105.19
C MET VB 316 -4.49 -28.23 104.03
N PHE VB 317 -3.23 -28.54 103.74
CA PHE VB 317 -2.58 -27.94 102.59
C PHE VB 317 -3.21 -28.48 101.32
N ARG VB 318 -3.09 -27.72 100.24
CA ARG VB 318 -3.85 -28.03 99.05
C ARG VB 318 -3.05 -27.64 97.83
N GLY VB 319 -2.58 -28.62 97.08
CA GLY VB 319 -1.81 -28.40 95.89
C GLY VB 319 -0.66 -29.37 95.80
N ARG VB 320 0.22 -29.14 94.83
CA ARG VB 320 1.41 -29.97 94.63
C ARG VB 320 2.58 -29.30 95.33
N MET VB 321 2.83 -29.69 96.58
CA MET VB 321 3.99 -29.19 97.30
C MET VB 321 4.73 -30.35 97.94
N SER VB 322 6.04 -30.17 98.09
CA SER VB 322 6.91 -31.19 98.65
C SER VB 322 6.69 -31.29 100.14
N THR VB 323 6.93 -32.47 100.69
CA THR VB 323 6.31 -32.79 101.96
C THR VB 323 7.23 -32.64 103.17
N LYS VB 324 8.56 -32.65 103.03
CA LYS VB 324 9.28 -32.17 104.19
C LYS VB 324 9.13 -30.68 104.32
N GLU VB 325 9.03 -29.97 103.19
CA GLU VB 325 8.74 -28.55 103.23
C GLU VB 325 7.39 -28.32 103.87
N VAL VB 326 6.49 -29.28 103.76
CA VAL VB 326 5.33 -29.31 104.61
C VAL VB 326 5.75 -29.52 106.06
N ASP VB 327 6.27 -30.70 106.39
CA ASP VB 327 6.31 -31.08 107.80
C ASP VB 327 7.41 -30.37 108.59
N GLU VB 328 8.53 -30.05 107.94
CA GLU VB 328 9.63 -29.41 108.68
C GLU VB 328 9.22 -28.03 109.16
N GLN VB 329 8.35 -27.36 108.43
CA GLN VB 329 7.97 -26.03 108.86
C GLN VB 329 6.98 -26.06 110.00
N MET VB 330 6.06 -27.03 110.05
CA MET VB 330 5.24 -27.16 111.24
C MET VB 330 6.08 -27.56 112.44
N LEU VB 331 7.17 -28.28 112.21
CA LEU VB 331 8.17 -28.40 113.27
C LEU VB 331 8.75 -27.05 113.62
N ASN VB 332 9.02 -26.22 112.62
CA ASN VB 332 9.70 -24.96 112.88
C ASN VB 332 8.82 -24.01 113.69
N VAL VB 333 7.53 -23.94 113.37
CA VAL VB 333 6.66 -23.03 114.09
C VAL VB 333 6.33 -23.56 115.47
N GLN VB 334 6.27 -24.89 115.63
CA GLN VB 334 6.06 -25.44 116.96
C GLN VB 334 7.29 -25.25 117.83
N ASN VB 335 8.48 -25.20 117.23
CA ASN VB 335 9.68 -24.87 118.00
C ASN VB 335 9.81 -23.37 118.21
N LYS VB 336 9.53 -22.57 117.18
CA LYS VB 336 9.71 -21.12 117.28
C LYS VB 336 8.66 -20.51 118.19
N ASN VB 337 7.40 -20.88 118.01
CA ASN VB 337 6.33 -20.40 118.87
C ASN VB 337 6.10 -21.38 120.02
N SER VB 338 7.13 -21.49 120.86
CA SER VB 338 7.13 -22.50 121.91
C SER VB 338 6.09 -22.20 122.98
N SER VB 339 5.95 -20.94 123.37
CA SER VB 339 4.98 -20.57 124.39
C SER VB 339 3.57 -20.49 123.84
N TYR VB 340 3.39 -20.57 122.53
CA TYR VB 340 2.07 -20.40 121.94
C TYR VB 340 1.32 -21.71 121.85
N PHE VB 341 1.94 -22.82 122.17
CA PHE VB 341 1.28 -24.12 122.15
C PHE VB 341 1.26 -24.69 123.56
N VAL VB 342 0.82 -25.93 123.67
CA VAL VB 342 0.56 -26.56 124.96
C VAL VB 342 1.55 -27.69 125.14
N GLU VB 343 2.19 -27.72 126.32
CA GLU VB 343 3.30 -28.64 126.54
C GLU VB 343 2.84 -30.09 126.64
N TRP VB 344 1.66 -30.35 127.17
CA TRP VB 344 1.29 -31.74 127.40
C TRP VB 344 0.73 -32.43 126.18
N ILE VB 345 0.88 -31.86 124.99
CA ILE VB 345 0.62 -32.60 123.77
C ILE VB 345 1.89 -32.55 122.93
N PRO VB 346 2.63 -33.64 122.80
CA PRO VB 346 3.74 -33.66 121.86
C PRO VB 346 3.22 -33.76 120.44
N ASN VB 347 3.83 -33.01 119.54
CA ASN VB 347 3.34 -32.78 118.18
C ASN VB 347 1.90 -32.26 118.22
N ASN VB 348 1.79 -31.02 118.70
CA ASN VB 348 0.52 -30.31 118.72
C ASN VB 348 -0.15 -30.27 117.36
N MET VB 349 0.62 -30.13 116.29
CA MET VB 349 0.08 -29.76 115.01
C MET VB 349 -0.36 -31.02 114.25
N LYS VB 350 -1.13 -30.83 113.18
CA LYS VB 350 -1.54 -31.92 112.30
C LYS VB 350 -1.48 -31.40 110.87
N SER VB 351 -1.22 -32.30 109.94
CA SER VB 351 -1.02 -31.94 108.55
C SER VB 351 -1.84 -32.81 107.62
N SER VB 352 -2.07 -32.30 106.42
CA SER VB 352 -2.78 -33.02 105.37
C SER VB 352 -2.39 -32.40 104.05
N VAL VB 353 -2.17 -33.22 103.04
CA VAL VB 353 -1.70 -32.75 101.75
C VAL VB 353 -2.71 -33.21 100.70
N CYS VB 354 -3.66 -32.33 100.40
CA CYS VB 354 -4.72 -32.58 99.44
C CYS VB 354 -4.20 -32.16 98.07
N ASP VB 355 -4.35 -33.02 97.07
CA ASP VB 355 -3.48 -32.88 95.90
C ASP VB 355 -3.96 -31.89 94.85
N ILE VB 356 -5.14 -31.31 94.99
CA ILE VB 356 -5.67 -30.41 93.98
C ILE VB 356 -5.79 -29.01 94.56
N PRO VB 357 -5.13 -28.01 93.99
CA PRO VB 357 -5.19 -26.66 94.54
C PRO VB 357 -6.49 -25.99 94.14
N PRO VB 358 -6.84 -24.88 94.77
CA PRO VB 358 -8.06 -24.17 94.37
C PRO VB 358 -7.92 -23.61 92.97
N LYS VB 359 -9.07 -23.18 92.44
CA LYS VB 359 -9.14 -22.80 91.05
C LYS VB 359 -8.39 -21.50 90.83
N GLY VB 360 -7.44 -21.51 89.91
CA GLY VB 360 -6.65 -20.33 89.61
C GLY VB 360 -5.44 -20.15 90.50
N LEU VB 361 -5.62 -20.37 91.79
CA LEU VB 361 -4.53 -20.31 92.74
C LEU VB 361 -3.67 -21.56 92.62
N LYS VB 362 -2.53 -21.60 93.29
CA LYS VB 362 -1.59 -22.69 93.06
C LYS VB 362 -1.26 -23.43 94.34
N MET VB 363 -1.25 -22.75 95.46
CA MET VB 363 -0.79 -23.36 96.70
C MET VB 363 -1.60 -22.74 97.84
N SER VB 364 -2.49 -23.51 98.45
CA SER VB 364 -3.36 -22.96 99.49
C SER VB 364 -3.39 -23.82 100.73
N VAL VB 365 -3.75 -23.19 101.84
CA VAL VB 365 -3.85 -23.86 103.13
C VAL VB 365 -5.11 -23.36 103.80
N THR VB 366 -5.75 -24.24 104.59
CA THR VB 366 -6.91 -23.88 105.38
C THR VB 366 -6.69 -24.36 106.80
N PHE VB 367 -6.57 -23.42 107.73
CA PHE VB 367 -6.10 -23.73 109.06
C PHE VB 367 -7.28 -23.83 110.00
N VAL VB 368 -7.44 -24.99 110.63
CA VAL VB 368 -8.46 -25.19 111.63
C VAL VB 368 -7.78 -25.52 112.95
N GLY VB 369 -8.17 -24.81 114.01
CA GLY VB 369 -7.41 -24.91 115.23
C GLY VB 369 -8.20 -24.77 116.50
N ASN VB 370 -8.09 -25.76 117.37
CA ASN VB 370 -8.72 -25.73 118.68
C ASN VB 370 -7.82 -24.94 119.61
N SER VB 371 -8.11 -23.66 119.78
CA SER VB 371 -7.36 -22.81 120.68
C SER VB 371 -8.05 -22.74 122.03
N THR VB 372 -7.35 -22.18 123.00
CA THR VB 372 -7.99 -21.82 124.25
C THR VB 372 -8.28 -20.33 124.31
N ALA VB 373 -8.10 -19.62 123.19
CA ALA VB 373 -8.34 -18.19 123.13
C ALA VB 373 -9.81 -17.84 123.06
N ILE VB 374 -10.71 -18.83 123.06
CA ILE VB 374 -12.13 -18.56 123.18
C ILE VB 374 -12.54 -18.49 124.64
N GLN VB 375 -11.56 -18.46 125.54
CA GLN VB 375 -11.84 -18.10 126.93
C GLN VB 375 -12.43 -16.69 127.00
N GLU VB 376 -11.85 -15.75 126.26
CA GLU VB 376 -12.33 -14.38 126.35
C GLU VB 376 -13.61 -14.19 125.55
N MET VB 377 -13.83 -14.97 124.50
CA MET VB 377 -15.01 -14.76 123.69
C MET VB 377 -16.27 -15.25 124.38
N PHE VB 378 -16.22 -16.43 124.97
CA PHE VB 378 -17.42 -16.92 125.64
C PHE VB 378 -17.63 -16.22 126.97
N LYS VB 379 -16.57 -15.66 127.57
CA LYS VB 379 -16.78 -14.86 128.77
C LYS VB 379 -17.30 -13.48 128.41
N ARG VB 380 -17.16 -13.10 127.14
CA ARG VB 380 -17.78 -11.86 126.66
C ARG VB 380 -19.28 -12.00 126.53
N VAL VB 381 -19.75 -13.10 125.96
CA VAL VB 381 -21.18 -13.31 125.88
C VAL VB 381 -21.75 -13.67 127.25
N SER VB 382 -20.89 -14.14 128.17
CA SER VB 382 -21.37 -14.47 129.50
C SER VB 382 -21.72 -13.22 130.28
N ASP VB 383 -20.84 -12.22 130.31
CA ASP VB 383 -21.17 -11.02 131.05
C ASP VB 383 -22.18 -10.14 130.34
N GLN VB 384 -22.31 -10.26 129.02
CA GLN VB 384 -23.43 -9.62 128.32
C GLN VB 384 -24.75 -10.25 128.75
N PHE VB 385 -24.75 -11.56 128.99
CA PHE VB 385 -25.94 -12.21 129.51
C PHE VB 385 -26.24 -11.75 130.94
N THR VB 386 -25.21 -11.61 131.77
CA THR VB 386 -25.47 -11.19 133.14
C THR VB 386 -25.95 -9.75 133.21
N ALA VB 387 -25.50 -8.92 132.27
CA ALA VB 387 -25.89 -7.52 132.27
C ALA VB 387 -27.37 -7.36 131.94
N MET VB 388 -27.88 -8.19 131.04
CA MET VB 388 -29.27 -8.10 130.61
C MET VB 388 -30.18 -9.08 131.32
N PHE VB 389 -29.72 -9.72 132.39
CA PHE VB 389 -30.59 -10.62 133.12
C PHE VB 389 -30.94 -10.15 134.51
N ARG VB 390 -30.07 -9.39 135.17
CA ARG VB 390 -30.40 -8.93 136.52
C ARG VB 390 -31.55 -7.93 136.48
N ARG VB 391 -31.55 -7.03 135.50
CA ARG VB 391 -32.71 -6.20 135.27
C ARG VB 391 -33.85 -6.96 134.62
N LYS VB 392 -33.61 -8.20 134.18
CA LYS VB 392 -34.57 -9.04 133.45
C LYS VB 392 -35.11 -8.34 132.21
N ALA VB 393 -34.24 -7.66 131.49
CA ALA VB 393 -34.65 -6.93 130.32
C ALA VB 393 -34.99 -7.87 129.18
N PHE VB 394 -35.98 -7.48 128.39
CA PHE VB 394 -36.41 -8.18 127.17
C PHE VB 394 -36.84 -9.62 127.42
N LEU VB 395 -37.22 -9.97 128.65
CA LEU VB 395 -37.54 -11.35 128.96
C LEU VB 395 -38.97 -11.73 128.66
N HIS VB 396 -39.87 -10.75 128.54
CA HIS VB 396 -41.28 -11.08 128.40
C HIS VB 396 -41.58 -11.66 127.03
N TRP VB 397 -40.80 -11.27 126.01
CA TRP VB 397 -41.02 -11.79 124.67
C TRP VB 397 -40.57 -13.23 124.53
N TYR VB 398 -39.86 -13.77 125.53
CA TYR VB 398 -39.48 -15.17 125.56
C TYR VB 398 -40.43 -15.97 126.45
N THR VB 399 -40.65 -15.46 127.66
CA THR VB 399 -41.37 -16.19 128.70
C THR VB 399 -42.80 -16.50 128.28
N GLY VB 400 -43.40 -15.66 127.46
CA GLY VB 400 -44.78 -15.86 127.09
C GLY VB 400 -45.02 -16.97 126.08
N GLU VB 401 -43.96 -17.61 125.59
CA GLU VB 401 -44.11 -18.65 124.59
C GLU VB 401 -43.51 -19.97 125.07
N GLY VB 402 -43.83 -20.36 126.30
CA GLY VB 402 -43.40 -21.63 126.82
C GLY VB 402 -42.02 -21.64 127.42
N MET VB 403 -41.33 -20.52 127.46
CA MET VB 403 -40.03 -20.47 128.07
C MET VB 403 -40.15 -20.57 129.58
N ASP VB 404 -39.01 -20.71 130.24
CA ASP VB 404 -38.97 -20.74 131.69
C ASP VB 404 -37.75 -19.98 132.16
N GLU VB 405 -37.88 -19.33 133.32
CA GLU VB 405 -36.76 -18.60 133.88
C GLU VB 405 -35.67 -19.54 134.36
N MET VB 406 -36.02 -20.79 134.68
CA MET VB 406 -35.02 -21.77 135.06
C MET VB 406 -34.14 -22.17 133.90
N GLU VB 407 -34.62 -22.00 132.67
CA GLU VB 407 -33.81 -22.36 131.51
C GLU VB 407 -32.66 -21.38 131.33
N PHE VB 408 -32.86 -20.11 131.67
CA PHE VB 408 -31.78 -19.15 131.54
C PHE VB 408 -30.73 -19.33 132.62
N THR VB 409 -31.15 -19.72 133.82
CA THR VB 409 -30.17 -19.97 134.88
C THR VB 409 -29.31 -21.18 134.54
N GLU VB 410 -29.91 -22.20 133.93
CA GLU VB 410 -29.13 -23.34 133.48
C GLU VB 410 -28.24 -22.97 132.31
N ALA VB 411 -28.72 -22.08 131.43
CA ALA VB 411 -27.97 -21.73 130.22
C ALA VB 411 -26.67 -21.02 130.57
N GLU VB 412 -26.70 -20.13 131.55
CA GLU VB 412 -25.48 -19.46 131.96
C GLU VB 412 -24.56 -20.41 132.71
N SER VB 413 -25.11 -21.26 133.56
CA SER VB 413 -24.28 -22.25 134.26
C SER VB 413 -23.69 -23.25 133.28
N ASN VB 414 -24.46 -23.66 132.27
CA ASN VB 414 -23.94 -24.60 131.30
C ASN VB 414 -23.04 -23.95 130.27
N MET VB 415 -22.88 -22.63 130.29
CA MET VB 415 -21.94 -21.99 129.39
C MET VB 415 -20.78 -21.35 130.15
N ASN VB 416 -20.99 -20.96 131.41
CA ASN VB 416 -19.85 -20.57 132.22
C ASN VB 416 -18.98 -21.78 132.56
N ASP VB 417 -19.57 -22.97 132.60
CA ASP VB 417 -18.79 -24.18 132.80
C ASP VB 417 -17.91 -24.49 131.59
N LEU VB 418 -18.38 -24.12 130.39
CA LEU VB 418 -17.54 -24.33 129.21
C LEU VB 418 -16.32 -23.43 129.26
N VAL VB 419 -16.48 -22.23 129.81
CA VAL VB 419 -15.35 -21.33 130.01
C VAL VB 419 -14.36 -21.95 130.99
N SER VB 420 -14.88 -22.68 131.97
CA SER VB 420 -14.06 -23.20 133.06
C SER VB 420 -12.97 -24.14 132.56
N GLU VB 421 -13.26 -24.95 131.56
CA GLU VB 421 -12.25 -25.90 131.09
C GLU VB 421 -11.20 -25.25 130.21
N TYR VB 422 -11.56 -24.19 129.49
CA TYR VB 422 -10.54 -23.47 128.73
C TYR VB 422 -9.49 -22.87 129.64
N GLN VB 423 -9.91 -22.25 130.73
CA GLN VB 423 -8.94 -21.64 131.64
C GLN VB 423 -8.27 -22.67 132.52
N GLN VB 424 -8.89 -23.84 132.71
CA GLN VB 424 -8.29 -24.87 133.55
C GLN VB 424 -7.05 -25.46 132.89
N TYR VB 425 -6.96 -25.40 131.58
CA TYR VB 425 -5.95 -26.12 130.79
C TYR VB 425 -4.94 -25.16 130.20
N GLN VB 426 -4.51 -24.18 130.99
CA GLN VB 426 -3.54 -23.21 130.55
C GLN VB 426 -2.29 -23.31 131.41
N ILE WB 48 16.37 5.17 64.40
CA ILE WB 48 16.74 6.40 63.71
C ILE WB 48 16.08 7.63 64.34
N LEU WB 49 16.91 8.54 64.82
CA LEU WB 49 16.39 9.76 65.44
C LEU WB 49 16.03 10.82 64.41
N PHE WB 50 16.80 10.92 63.34
CA PHE WB 50 16.58 11.95 62.34
C PHE WB 50 16.36 11.34 60.98
N PRO WB 51 15.24 11.61 60.31
CA PRO WB 51 15.09 11.17 58.91
C PRO WB 51 16.03 11.90 57.97
N GLU WB 52 15.86 11.65 56.68
CA GLU WB 52 16.90 11.89 55.69
C GLU WB 52 17.23 13.36 55.48
N GLY WB 53 16.45 14.31 55.99
CA GLY WB 53 16.69 15.68 55.61
C GLY WB 53 16.51 16.73 56.68
N SER WB 54 16.54 16.33 57.94
CA SER WB 54 16.31 17.29 59.01
C SER WB 54 17.57 18.08 59.37
N LEU WB 55 18.73 17.72 58.84
CA LEU WB 55 20.01 18.28 59.26
C LEU WB 55 20.66 19.00 58.08
N LYS WB 56 21.16 20.21 58.33
CA LYS WB 56 21.88 20.98 57.33
C LYS WB 56 23.16 21.51 57.95
N ASN WB 57 24.20 21.65 57.13
CA ASN WB 57 25.46 22.21 57.62
C ASN WB 57 25.44 23.72 57.45
N SER WB 58 26.60 24.36 57.64
CA SER WB 58 26.68 25.81 57.52
C SER WB 58 26.50 26.27 56.07
N ASN WB 59 26.79 25.40 55.10
CA ASN WB 59 26.59 25.74 53.70
C ASN WB 59 25.28 25.21 53.15
N ASN WB 60 24.34 24.84 54.02
CA ASN WB 60 22.99 24.42 53.64
C ASN WB 60 23.02 23.22 52.71
N THR WB 61 23.81 22.21 53.07
CA THR WB 61 23.78 20.92 52.39
C THR WB 61 23.45 19.84 53.40
N VAL WB 62 22.56 18.94 53.02
CA VAL WB 62 22.05 17.94 53.94
C VAL WB 62 23.11 16.87 54.20
N ILE WB 63 23.20 16.42 55.45
CA ILE WB 63 24.03 15.27 55.77
C ILE WB 63 23.16 14.22 56.45
N PRO WB 64 23.32 12.96 56.12
CA PRO WB 64 22.47 11.94 56.72
C PRO WB 64 22.80 11.65 58.17
N GLN WB 65 22.09 10.68 58.74
CA GLN WB 65 22.25 10.33 60.14
C GLN WB 65 23.65 9.80 60.43
N SER WB 66 24.18 8.98 59.53
CA SER WB 66 25.36 8.18 59.84
C SER WB 66 26.63 9.01 59.97
N HIS WB 67 26.63 10.25 59.51
CA HIS WB 67 27.81 11.07 59.62
C HIS WB 67 28.15 11.41 61.05
N LEU WB 68 27.16 11.38 61.94
CA LEU WB 68 27.37 11.83 63.30
C LEU WB 68 28.14 10.84 64.14
N LYS WB 69 28.33 9.61 63.67
CA LYS WB 69 28.80 8.57 64.57
C LYS WB 69 30.28 8.71 64.84
N GLY WB 70 30.68 8.32 66.03
CA GLY WB 70 32.04 8.49 66.49
C GLY WB 70 32.29 9.75 67.28
N LYS WB 71 31.36 10.69 67.31
CA LYS WB 71 31.59 11.94 67.98
C LYS WB 71 30.38 12.35 68.80
N SER WB 72 30.64 13.06 69.88
CA SER WB 72 29.59 13.52 70.77
C SER WB 72 28.70 14.53 70.05
N VAL WB 73 27.39 14.42 70.28
CA VAL WB 73 26.45 15.30 69.62
C VAL WB 73 25.43 15.79 70.65
N ALA WB 74 25.13 17.09 70.61
CA ALA WB 74 24.22 17.70 71.57
C ALA WB 74 23.24 18.62 70.86
N LEU WB 75 22.02 18.65 71.37
CA LEU WB 75 20.97 19.51 70.85
C LEU WB 75 20.94 20.79 71.66
N TYR WB 76 20.91 21.92 70.97
CA TYR WB 76 20.97 23.25 71.56
C TYR WB 76 19.61 23.92 71.34
N PHE WB 77 18.79 23.94 72.38
CA PHE WB 77 17.46 24.54 72.34
C PHE WB 77 17.59 26.02 72.64
N ALA WB 78 17.30 26.85 71.65
CA ALA WB 78 17.54 28.27 71.82
C ALA WB 78 16.66 29.07 70.88
N ASP WB 79 16.72 30.40 71.04
CA ASP WB 79 15.96 31.30 70.18
C ASP WB 79 16.69 32.63 70.11
N GLY WB 80 16.32 33.43 69.11
CA GLY WB 80 17.06 34.66 68.85
C GLY WB 80 16.84 35.74 69.89
N ALA WB 81 15.59 35.96 70.29
CA ALA WB 81 15.26 37.14 71.07
C ALA WB 81 15.70 37.07 72.53
N ASP WB 82 16.16 35.94 72.99
CA ASP WB 82 16.38 35.81 74.43
C ASP WB 82 17.72 36.39 74.83
N PRO WB 83 17.78 37.20 75.88
CA PRO WB 83 19.07 37.66 76.40
C PRO WB 83 19.98 36.54 76.86
N LYS WB 84 19.42 35.46 77.41
CA LYS WB 84 20.26 34.36 77.86
C LYS WB 84 20.92 33.64 76.69
N CYS WB 85 20.18 33.45 75.59
CA CYS WB 85 20.79 32.86 74.42
C CYS WB 85 21.84 33.78 73.81
N ALA WB 86 21.56 35.09 73.81
CA ALA WB 86 22.55 36.04 73.33
C ALA WB 86 23.81 36.03 74.17
N SER WB 87 23.68 35.75 75.47
CA SER WB 87 24.84 35.72 76.33
C SER WB 87 25.57 34.39 76.26
N LEU WB 88 24.88 33.30 75.92
CA LEU WB 88 25.52 32.00 75.90
C LEU WB 88 26.14 31.64 74.56
N LEU WB 89 25.63 32.19 73.46
CA LEU WB 89 26.16 31.83 72.14
C LEU WB 89 27.65 32.08 71.94
N PRO WB 90 28.25 33.21 72.35
CA PRO WB 90 29.68 33.38 72.04
C PRO WB 90 30.59 32.45 72.81
N PHE WB 91 30.28 32.19 74.07
CA PHE WB 91 31.06 31.23 74.84
C PHE WB 91 30.96 29.84 74.23
N LEU WB 92 29.78 29.49 73.74
CA LEU WB 92 29.59 28.22 73.05
C LEU WB 92 30.41 28.15 71.77
N LEU WB 93 30.46 29.26 71.03
CA LEU WB 93 31.26 29.32 69.81
C LEU WB 93 32.73 29.06 70.11
N ASN WB 94 33.25 29.70 71.16
CA ASN WB 94 34.65 29.50 71.50
C ASN WB 94 34.91 28.08 71.97
N TYR WB 95 33.99 27.51 72.74
CA TYR WB 95 34.14 26.13 73.19
C TYR WB 95 34.17 25.17 72.02
N TYR WB 96 33.30 25.39 71.05
CA TYR WB 96 33.24 24.55 69.86
C TYR WB 96 34.55 24.63 69.08
N ARG WB 97 35.04 25.86 68.88
CA ARG WB 97 36.28 26.06 68.15
C ARG WB 97 37.44 25.34 68.81
N THR WB 98 37.57 25.48 70.14
CA THR WB 98 38.74 24.91 70.78
C THR WB 98 38.66 23.40 70.88
N MET WB 99 37.48 22.88 71.22
CA MET WB 99 37.34 21.43 71.34
C MET WB 99 37.51 20.72 70.02
N ASN WB 100 37.27 21.41 68.91
CA ASN WB 100 37.57 20.75 67.66
C ASN WB 100 38.98 21.02 67.14
N GLU WB 101 39.57 22.17 67.43
CA GLU WB 101 40.96 22.41 66.97
C GLU WB 101 41.97 21.57 67.72
N GLY WB 102 41.83 21.42 69.02
CA GLY WB 102 42.86 20.74 69.77
C GLY WB 102 42.78 19.24 69.65
N GLY WB 103 43.24 18.67 68.54
CA GLY WB 103 43.25 17.22 68.42
C GLY WB 103 43.33 16.80 66.97
N ALA WB 104 43.08 15.52 66.75
CA ALA WB 104 43.18 14.94 65.42
C ALA WB 104 41.83 14.55 64.84
N ASN WB 105 40.76 14.61 65.62
CA ASN WB 105 39.44 14.25 65.15
C ASN WB 105 38.45 15.37 65.43
N GLN WB 106 37.18 15.11 65.22
CA GLN WB 106 36.13 15.97 65.73
C GLN WB 106 35.59 15.36 67.01
N LYS WB 107 35.46 16.17 68.05
CA LYS WB 107 35.07 15.70 69.36
C LYS WB 107 33.65 16.05 69.74
N ILE WB 108 33.18 17.24 69.36
CA ILE WB 108 31.82 17.68 69.69
C ILE WB 108 31.13 18.15 68.43
N GLU WB 109 29.81 18.08 68.46
CA GLU WB 109 28.99 18.54 67.36
C GLU WB 109 27.66 19.00 67.92
N ILE WB 110 27.12 20.09 67.37
CA ILE WB 110 25.96 20.74 67.94
C ILE WB 110 24.88 20.83 66.87
N ILE WB 111 23.69 20.33 67.19
CA ILE WB 111 22.51 20.47 66.34
C ILE WB 111 21.57 21.44 67.04
N PHE WB 112 21.18 22.50 66.34
CA PHE WB 112 20.45 23.61 66.92
C PHE WB 112 18.96 23.48 66.64
N VAL WB 113 18.16 23.60 67.69
CA VAL WB 113 16.70 23.56 67.60
C VAL WB 113 16.17 24.93 67.97
N SER WB 114 15.39 25.52 67.07
CA SER WB 114 14.96 26.90 67.19
C SER WB 114 13.58 27.00 67.81
N LEU WB 115 13.44 27.94 68.73
CA LEU WB 115 12.15 28.32 69.29
C LEU WB 115 11.81 29.76 68.93
N ASP WB 116 12.38 30.25 67.82
CA ASP WB 116 12.15 31.60 67.36
C ASP WB 116 10.71 31.76 66.87
N ARG WB 117 10.31 33.01 66.62
CA ARG WB 117 8.92 33.24 66.25
C ARG WB 117 8.62 32.80 64.81
N ASP WB 118 9.47 33.14 63.85
CA ASP WB 118 9.28 32.60 62.49
C ASP WB 118 10.59 32.66 61.71
N ARG WB 119 10.47 32.51 60.38
CA ARG WB 119 11.61 32.22 59.52
C ARG WB 119 12.60 33.37 59.47
N GLU WB 120 12.11 34.60 59.52
CA GLU WB 120 12.99 35.77 59.45
C GLU WB 120 13.94 35.82 60.64
N ALA WB 121 13.46 35.41 61.81
CA ALA WB 121 14.38 35.24 62.93
C ALA WB 121 15.20 33.97 62.79
N PHE WB 122 14.63 32.95 62.15
CA PHE WB 122 15.32 31.65 62.11
C PHE WB 122 16.63 31.73 61.34
N GLU WB 123 16.60 32.25 60.10
CA GLU WB 123 17.87 32.35 59.40
C GLU WB 123 18.79 33.40 60.02
N SER WB 124 18.23 34.45 60.61
CA SER WB 124 19.08 35.48 61.16
C SER WB 124 19.81 35.01 62.40
N HIS WB 125 19.26 34.02 63.10
CA HIS WB 125 19.99 33.42 64.21
C HIS WB 125 20.69 32.14 63.80
N ARG WB 126 20.44 31.63 62.60
CA ARG WB 126 21.15 30.46 62.14
C ARG WB 126 22.45 30.81 61.44
N ALA WB 127 22.51 31.95 60.77
CA ALA WB 127 23.70 32.33 60.03
C ALA WB 127 24.87 32.64 60.95
N HIS WB 128 24.64 32.83 62.23
CA HIS WB 128 25.70 33.04 63.21
C HIS WB 128 26.31 31.74 63.68
N MET WB 129 25.78 30.60 63.27
CA MET WB 129 26.15 29.33 63.86
C MET WB 129 26.97 28.49 62.88
N PRO WB 130 28.13 28.04 63.28
CA PRO WB 130 28.94 27.19 62.42
C PRO WB 130 28.66 25.71 62.57
N TRP WB 131 27.54 25.37 63.18
CA TRP WB 131 27.12 23.99 63.37
C TRP WB 131 25.77 23.69 62.75
N LEU WB 132 25.30 22.46 62.94
CA LEU WB 132 24.15 21.99 62.21
C LEU WB 132 22.88 22.52 62.85
N SER WB 133 21.79 22.54 62.09
CA SER WB 133 20.54 23.00 62.67
C SER WB 133 19.38 22.27 62.01
N ILE WB 134 18.27 22.19 62.75
CA ILE WB 134 17.04 21.60 62.24
C ILE WB 134 16.13 22.70 61.76
N ASP WB 135 15.57 22.53 60.57
CA ASP WB 135 14.68 23.53 60.01
C ASP WB 135 13.42 23.66 60.84
N LEU WB 136 12.91 24.89 60.94
CA LEU WB 136 11.73 25.13 61.78
C LEU WB 136 10.46 24.53 61.20
N GLU WB 137 10.42 24.27 59.89
CA GLU WB 137 9.21 23.76 59.24
C GLU WB 137 9.12 22.25 59.25
N ASN WB 138 10.14 21.55 59.67
CA ASN WB 138 10.05 20.12 59.90
C ASN WB 138 9.31 19.86 61.21
N PRO WB 139 8.45 18.85 61.27
CA PRO WB 139 7.83 18.50 62.55
C PRO WB 139 8.81 18.05 63.63
N LEU WB 140 10.00 17.59 63.23
CA LEU WB 140 10.95 17.00 64.17
C LEU WB 140 11.34 17.96 65.28
N THR WB 141 11.28 19.27 65.03
CA THR WB 141 11.48 20.25 66.09
C THR WB 141 10.44 20.09 67.18
N GLU WB 142 9.17 19.93 66.78
CA GLU WB 142 8.13 19.78 67.79
C GLU WB 142 8.18 18.42 68.47
N ILE WB 143 8.55 17.36 67.74
CA ILE WB 143 8.72 16.06 68.42
C ILE WB 143 9.82 16.13 69.47
N LEU WB 144 10.99 16.69 69.14
CA LEU WB 144 12.05 16.78 70.14
C LEU WB 144 11.67 17.73 71.26
N LYS WB 145 10.96 18.81 70.92
CA LYS WB 145 10.50 19.79 71.88
C LYS WB 145 9.63 19.12 72.93
N ARG WB 146 8.63 18.39 72.48
CA ARG WB 146 7.72 17.70 73.39
C ARG WB 146 8.42 16.57 74.14
N HIS WB 147 9.37 15.91 73.50
CA HIS WB 147 10.07 14.81 74.15
C HIS WB 147 10.90 15.29 75.32
N PHE WB 148 11.72 16.31 75.09
CA PHE WB 148 12.69 16.71 76.11
C PHE WB 148 12.17 17.81 77.01
N ARG WB 149 10.94 18.26 76.78
CA ARG WB 149 10.20 19.10 77.72
C ARG WB 149 10.88 20.43 77.97
N VAL WB 150 11.44 21.00 76.96
CA VAL WB 150 11.77 22.41 76.98
C VAL WB 150 10.56 23.16 76.48
N MET WB 151 10.41 24.41 76.91
CA MET WB 151 9.26 25.23 76.53
C MET WB 151 9.61 26.68 76.80
N LYS WB 152 9.15 27.57 75.92
CA LYS WB 152 9.44 28.99 76.03
C LYS WB 152 8.69 29.63 77.21
N SER WB 163 7.71 21.98 80.07
CA SER WB 163 7.58 23.23 80.81
C SER WB 163 8.52 23.26 82.00
N ARG WB 164 9.01 22.08 82.38
CA ARG WB 164 9.92 21.98 83.51
C ARG WB 164 11.28 22.60 83.21
N THR WB 165 11.66 22.64 81.94
CA THR WB 165 12.93 23.21 81.52
C THR WB 165 12.67 24.27 80.46
N GLY WB 166 13.63 25.18 80.30
CA GLY WB 166 13.41 26.34 79.46
C GLY WB 166 14.63 26.71 78.64
N VAL WB 167 14.44 27.72 77.81
CA VAL WB 167 15.50 28.26 76.95
C VAL WB 167 16.52 29.01 77.80
N PRO WB 168 17.82 28.89 77.54
CA PRO WB 168 18.58 28.01 76.64
C PRO WB 168 18.82 26.66 77.26
N SER WB 169 19.04 25.62 76.45
CA SER WB 169 19.27 24.30 77.00
C SER WB 169 20.05 23.46 75.99
N VAL WB 170 21.32 23.23 76.25
CA VAL WB 170 22.09 22.24 75.49
C VAL WB 170 22.06 20.94 76.26
N ILE WB 171 21.61 19.88 75.60
CA ILE WB 171 21.49 18.56 76.20
C ILE WB 171 22.15 17.55 75.27
N VAL WB 172 23.04 16.74 75.84
CA VAL WB 172 23.81 15.82 75.03
C VAL WB 172 22.98 14.56 74.83
N ILE WB 173 23.03 14.01 73.62
CA ILE WB 173 22.12 12.94 73.24
C ILE WB 173 22.92 11.66 72.98
N GLY WB 174 22.45 10.57 73.56
CA GLY WB 174 23.13 9.30 73.48
C GLY WB 174 22.72 8.50 72.25
N SER WB 175 22.63 7.18 72.44
CA SER WB 175 22.43 6.26 71.32
C SER WB 175 21.06 6.40 70.70
N ASP WB 176 20.00 6.35 71.52
CA ASP WB 176 18.62 6.38 71.03
C ASP WB 176 17.77 7.11 72.06
N GLY WB 177 17.40 8.35 71.75
CA GLY WB 177 16.89 9.22 72.79
C GLY WB 177 17.99 9.37 73.82
N ARG WB 178 17.65 9.07 75.07
CA ARG WB 178 18.65 8.80 76.12
C ARG WB 178 19.60 9.97 76.35
N GLU WB 179 19.05 11.08 76.81
CA GLU WB 179 19.90 12.20 77.17
C GLU WB 179 20.78 11.84 78.35
N ALA WB 180 22.08 12.12 78.21
CA ALA WB 180 23.03 11.72 79.25
C ALA WB 180 23.03 12.71 80.40
N GLN WB 181 23.21 13.99 80.10
CA GLN WB 181 23.27 15.01 81.13
C GLN WB 181 22.72 16.32 80.60
N PHE WB 182 22.20 17.14 81.51
CA PHE WB 182 21.39 18.29 81.16
C PHE WB 182 22.20 19.57 80.98
N LEU WB 183 23.49 19.55 81.33
CA LEU WB 183 24.39 20.69 81.18
C LEU WB 183 23.82 21.93 81.89
N PRO WB 184 23.95 22.01 83.21
CA PRO WB 184 23.12 22.91 84.01
C PRO WB 184 23.37 24.39 83.77
N ILE WB 185 23.02 24.86 82.58
CA ILE WB 185 23.09 26.28 82.27
C ILE WB 185 21.91 27.05 82.85
N CYS WB 186 20.73 26.43 82.93
CA CYS WB 186 19.58 27.00 83.64
C CYS WB 186 18.88 25.83 84.34
N SER WB 187 19.34 25.53 85.55
CA SER WB 187 18.76 24.46 86.35
C SER WB 187 18.98 24.81 87.81
N GLY WB 188 18.87 23.81 88.69
CA GLY WB 188 19.17 24.04 90.10
C GLY WB 188 20.63 24.42 90.36
N LEU WB 189 21.55 23.86 89.57
CA LEU WB 189 22.95 24.24 89.70
C LEU WB 189 23.21 25.63 89.15
N GLU WB 190 22.63 25.94 87.98
CA GLU WB 190 22.67 27.27 87.35
C GLU WB 190 24.10 27.75 87.12
N GLU WB 191 24.80 27.03 86.25
CA GLU WB 191 26.19 27.32 85.94
C GLU WB 191 26.22 28.04 84.59
N GLY WB 192 26.02 29.35 84.62
CA GLY WB 192 25.96 30.12 83.39
C GLY WB 192 27.32 30.19 82.72
N ASP WB 193 27.41 29.72 81.48
CA ASP WB 193 28.61 29.75 80.63
C ASP WB 193 29.78 28.99 81.24
N ARG WB 194 29.51 28.14 82.22
CA ARG WB 194 30.53 27.30 82.81
C ARG WB 194 30.06 25.87 82.99
N ALA WB 195 28.77 25.59 82.82
CA ALA WB 195 28.30 24.22 82.78
C ALA WB 195 28.79 23.49 81.56
N LEU WB 196 29.20 24.22 80.51
CA LEU WB 196 29.62 23.59 79.29
C LEU WB 196 30.91 22.80 79.45
N LEU WB 197 31.66 23.06 80.51
CA LEU WB 197 32.83 22.25 80.80
C LEU WB 197 32.46 20.86 81.31
N ARG WB 198 31.23 20.66 81.78
CA ARG WB 198 30.81 19.36 82.30
C ARG WB 198 30.56 18.34 81.20
N TRP WB 199 30.60 18.75 79.94
CA TRP WB 199 30.43 17.83 78.83
C TRP WB 199 31.47 16.72 78.89
N ASP WB 200 31.01 15.48 78.78
CA ASP WB 200 31.88 14.31 78.87
C ASP WB 200 31.86 13.63 77.51
N TRP WB 201 32.64 14.17 76.57
CA TRP WB 201 32.68 13.63 75.22
C TRP WB 201 33.47 12.35 75.15
N ARG WB 202 34.37 12.11 76.11
CA ARG WB 202 35.03 10.82 76.19
C ARG WB 202 34.02 9.73 76.51
N ASN WB 203 33.07 10.01 77.39
CA ASN WB 203 32.09 9.01 77.77
C ASN WB 203 31.00 8.83 76.73
N THR WB 204 30.39 9.93 76.27
CA THR WB 204 29.30 9.82 75.31
C THR WB 204 29.82 9.99 73.88
N LYS WB 205 29.48 9.03 73.03
CA LYS WB 205 29.90 9.01 71.64
C LYS WB 205 28.76 8.43 70.85
N PHE WB 206 28.31 9.16 69.84
CA PHE WB 206 27.10 8.76 69.12
C PHE WB 206 27.35 7.51 68.30
N ALA WB 207 26.36 6.63 68.28
CA ALA WB 207 26.49 5.35 67.62
C ALA WB 207 25.13 4.79 67.24
N ILE XB 48 -39.26 65.09 72.39
CA ILE XB 48 -38.91 66.31 71.68
C ILE XB 48 -39.57 67.52 72.35
N LEU XB 49 -38.80 68.59 72.50
CA LEU XB 49 -39.30 69.80 73.14
C LEU XB 49 -39.59 70.91 72.15
N PHE XB 50 -38.84 71.01 71.07
CA PHE XB 50 -39.10 72.07 70.12
C PHE XB 50 -39.43 71.48 68.75
N PRO XB 51 -40.38 72.06 68.03
CA PRO XB 51 -40.67 71.58 66.68
C PRO XB 51 -39.60 71.99 65.69
N GLU XB 52 -39.84 71.73 64.40
CA GLU XB 52 -38.80 71.84 63.40
C GLU XB 52 -38.42 73.28 63.07
N GLY XB 53 -39.16 74.27 63.55
CA GLY XB 53 -38.91 75.61 63.10
C GLY XB 53 -39.02 76.68 64.16
N SER XB 54 -39.10 76.27 65.42
CA SER XB 54 -39.29 77.24 66.49
C SER XB 54 -38.04 78.06 66.75
N LEU XB 55 -36.88 77.41 66.79
CA LEU XB 55 -35.65 78.08 67.16
C LEU XB 55 -35.01 78.80 65.98
N LYS XB 56 -34.55 80.03 66.21
CA LYS XB 56 -33.87 80.80 65.19
C LYS XB 56 -32.69 81.53 65.82
N ASN XB 57 -31.62 81.71 65.04
CA ASN XB 57 -30.38 82.25 65.56
C ASN XB 57 -30.34 83.77 65.39
N SER XB 58 -29.15 84.35 65.56
CA SER XB 58 -29.00 85.79 65.55
C SER XB 58 -29.26 86.37 64.16
N ASN XB 59 -28.78 85.71 63.11
CA ASN XB 59 -28.98 86.18 61.75
C ASN XB 59 -30.16 85.50 61.06
N ASN XB 60 -31.15 85.08 61.84
CA ASN XB 60 -32.48 84.71 61.33
C ASN XB 60 -32.43 83.49 60.42
N THR XB 61 -31.72 82.46 60.84
CA THR XB 61 -31.73 81.17 60.15
C THR XB 61 -32.16 80.09 61.14
N VAL XB 62 -33.06 79.23 60.72
CA VAL XB 62 -33.60 78.21 61.62
C VAL XB 62 -32.56 77.14 61.87
N ILE XB 63 -32.50 76.66 63.11
CA ILE XB 63 -31.67 75.50 63.44
C ILE XB 63 -32.57 74.42 64.02
N PRO XB 64 -32.31 73.17 63.74
CA PRO XB 64 -33.18 72.11 64.26
C PRO XB 64 -32.98 71.83 65.73
N GLN XB 65 -33.70 70.83 66.24
CA GLN XB 65 -33.67 70.46 67.65
C GLN XB 65 -32.28 69.99 68.06
N SER XB 66 -31.69 69.08 67.29
CA SER XB 66 -30.53 68.32 67.72
C SER XB 66 -29.26 69.15 67.79
N HIS XB 67 -29.27 70.38 67.30
CA HIS XB 67 -28.07 71.21 67.33
C HIS XB 67 -27.70 71.64 68.73
N LEU XB 68 -28.62 71.51 69.69
CA LEU XB 68 -28.37 71.91 71.07
C LEU XB 68 -27.67 70.84 71.87
N LYS XB 69 -27.20 69.78 71.22
CA LYS XB 69 -26.66 68.64 71.94
C LYS XB 69 -25.29 68.96 72.50
N GLY XB 70 -25.03 68.48 73.71
CA GLY XB 70 -23.73 68.62 74.32
C GLY XB 70 -23.45 69.95 74.95
N LYS XB 71 -24.44 70.83 75.06
CA LYS XB 71 -24.24 72.17 75.58
C LYS XB 71 -25.36 72.50 76.54
N SER XB 72 -25.05 73.34 77.52
CA SER XB 72 -26.03 73.72 78.53
C SER XB 72 -26.90 74.84 77.98
N VAL XB 73 -28.19 74.57 77.78
CA VAL XB 73 -29.09 75.56 77.21
C VAL XB 73 -30.06 76.00 78.29
N ALA XB 74 -30.43 77.29 78.25
CA ALA XB 74 -31.31 77.88 79.24
C ALA XB 74 -32.29 78.83 78.55
N LEU XB 75 -33.55 78.75 78.97
CA LEU XB 75 -34.54 79.69 78.51
C LEU XB 75 -34.45 80.98 79.32
N TYR XB 76 -34.82 82.08 78.67
CA TYR XB 76 -34.69 83.41 79.25
C TYR XB 76 -36.02 84.13 79.05
N PHE XB 77 -36.88 84.09 80.06
CA PHE XB 77 -38.17 84.75 80.00
C PHE XB 77 -37.99 86.22 80.33
N ALA XB 78 -38.30 87.09 79.37
CA ALA XB 78 -37.99 88.49 79.54
C ALA XB 78 -38.95 89.35 78.73
N ASP XB 79 -38.92 90.64 79.03
CA ASP XB 79 -39.80 91.63 78.42
C ASP XB 79 -38.99 92.84 78.00
N GLY XB 80 -39.39 93.46 76.88
CA GLY XB 80 -38.65 94.59 76.36
C GLY XB 80 -38.75 95.83 77.23
N ALA XB 81 -39.91 96.06 77.83
CA ALA XB 81 -40.17 97.31 78.53
C ALA XB 81 -39.81 97.27 80.00
N ASP XB 82 -39.24 96.19 80.50
CA ASP XB 82 -39.18 96.21 81.94
C ASP XB 82 -37.81 96.67 82.45
N PRO XB 83 -37.81 97.45 83.53
CA PRO XB 83 -36.53 97.90 84.10
C PRO XB 83 -35.64 96.77 84.57
N LYS XB 84 -36.22 95.70 85.12
CA LYS XB 84 -35.39 94.64 85.66
C LYS XB 84 -34.75 93.82 84.53
N CYS XB 85 -35.48 93.61 83.43
CA CYS XB 85 -34.86 92.97 82.28
C CYS XB 85 -33.78 93.85 81.66
N ALA XB 86 -34.03 95.17 81.59
CA ALA XB 86 -33.02 96.07 81.05
C ALA XB 86 -31.78 96.10 81.94
N SER XB 87 -31.94 95.90 83.23
CA SER XB 87 -30.78 95.82 84.11
C SER XB 87 -30.08 94.47 84.00
N LEU XB 88 -30.82 93.40 83.75
CA LEU XB 88 -30.19 92.09 83.71
C LEU XB 88 -29.42 91.87 82.41
N LEU XB 89 -29.90 92.42 81.30
CA LEU XB 89 -29.36 92.11 79.97
C LEU XB 89 -27.85 92.33 79.79
N PRO XB 90 -27.23 93.43 80.23
CA PRO XB 90 -25.78 93.57 79.97
C PRO XB 90 -24.92 92.55 80.68
N PHE XB 91 -25.31 92.16 81.90
CA PHE XB 91 -24.56 91.14 82.61
C PHE XB 91 -24.69 89.79 81.94
N LEU XB 92 -25.87 89.47 81.42
CA LEU XB 92 -26.02 88.22 80.67
C LEU XB 92 -25.20 88.24 79.39
N LEU XB 93 -25.15 89.39 78.72
CA LEU XB 93 -24.32 89.51 77.52
C LEU XB 93 -22.84 89.28 77.84
N ASN XB 94 -22.36 89.87 78.93
CA ASN XB 94 -20.97 89.67 79.32
C ASN XB 94 -20.70 88.23 79.72
N TYR XB 95 -21.66 87.60 80.42
CA TYR XB 95 -21.48 86.21 80.82
C TYR XB 95 -21.43 85.29 79.62
N TYR XB 96 -22.30 85.53 78.64
CA TYR XB 96 -22.29 84.76 77.40
C TYR XB 96 -20.97 84.91 76.68
N ARG XB 97 -20.49 86.16 76.57
CA ARG XB 97 -19.20 86.45 75.96
C ARG XB 97 -18.08 85.66 76.61
N THR XB 98 -18.01 85.71 77.94
CA THR XB 98 -16.88 85.11 78.63
C THR XB 98 -16.91 83.59 78.55
N MET XB 99 -18.07 82.97 78.84
CA MET XB 99 -18.16 81.52 78.81
C MET XB 99 -17.92 80.96 77.43
N ASN XB 100 -18.49 81.55 76.41
CA ASN XB 100 -18.33 80.98 75.10
C ASN XB 100 -17.06 81.44 74.41
N GLU XB 101 -16.32 82.39 74.98
CA GLU XB 101 -15.08 82.84 74.36
C GLU XB 101 -13.87 82.19 74.97
N GLY XB 102 -13.76 82.18 76.29
CA GLY XB 102 -12.58 81.64 76.90
C GLY XB 102 -12.60 80.13 76.98
N GLY XB 103 -12.37 79.45 75.87
CA GLY XB 103 -12.43 78.00 75.90
C GLY XB 103 -12.23 77.39 74.54
N ALA XB 104 -12.49 76.08 74.46
CA ALA XB 104 -12.34 75.33 73.24
C ALA XB 104 -13.66 74.83 72.67
N ASN XB 105 -14.71 74.77 73.47
CA ASN XB 105 -16.04 74.40 73.02
C ASN XB 105 -16.98 75.56 73.28
N GLN XB 106 -18.26 75.33 72.98
CA GLN XB 106 -19.29 76.33 73.20
C GLN XB 106 -20.18 75.78 74.31
N LYS XB 107 -20.10 76.38 75.49
CA LYS XB 107 -20.64 75.80 76.71
C LYS XB 107 -22.11 76.13 76.94
N ILE XB 108 -22.46 77.41 76.96
CA ILE XB 108 -23.80 77.83 77.32
C ILE XB 108 -24.53 78.36 76.08
N GLU XB 109 -25.85 78.24 76.11
CA GLU XB 109 -26.70 78.75 75.04
C GLU XB 109 -27.97 79.30 75.66
N ILE XB 110 -28.46 80.41 75.11
CA ILE XB 110 -29.63 81.09 75.63
C ILE XB 110 -30.72 81.10 74.58
N ILE XB 111 -31.92 80.67 74.97
CA ILE XB 111 -33.11 80.74 74.14
C ILE XB 111 -34.04 81.78 74.76
N PHE XB 112 -34.26 82.86 74.04
CA PHE XB 112 -35.12 83.94 74.51
C PHE XB 112 -36.58 83.62 74.34
N VAL XB 113 -37.37 83.82 75.39
CA VAL XB 113 -38.82 83.75 75.36
C VAL XB 113 -39.36 85.12 75.72
N SER XB 114 -40.30 85.61 74.92
CA SER XB 114 -40.67 87.01 74.93
C SER XB 114 -42.00 87.23 75.62
N LEU XB 115 -42.10 88.36 76.32
CA LEU XB 115 -43.37 88.84 76.88
C LEU XB 115 -43.74 90.20 76.36
N ASP XB 116 -43.16 90.62 75.23
CA ASP XB 116 -43.44 91.95 74.70
C ASP XB 116 -44.85 92.02 74.15
N ARG XB 117 -45.34 93.24 74.00
CA ARG XB 117 -46.75 93.43 73.66
C ARG XB 117 -47.04 93.14 72.20
N ASP XB 118 -46.11 93.42 71.28
CA ASP XB 118 -46.42 93.23 69.88
C ASP XB 118 -45.15 92.88 69.10
N ARG XB 119 -45.33 92.69 67.79
CA ARG XB 119 -44.29 92.17 66.93
C ARG XB 119 -43.11 93.12 66.81
N GLU XB 120 -43.38 94.42 66.68
CA GLU XB 120 -42.29 95.37 66.51
C GLU XB 120 -41.44 95.49 67.76
N ALA XB 121 -42.07 95.50 68.94
CA ALA XB 121 -41.31 95.52 70.19
C ALA XB 121 -40.53 94.23 70.36
N PHE XB 122 -41.13 93.10 69.96
CA PHE XB 122 -40.44 91.82 70.05
C PHE XB 122 -39.17 91.81 69.21
N GLU XB 123 -39.29 92.18 67.94
CA GLU XB 123 -38.11 92.14 67.08
C GLU XB 123 -37.08 93.21 67.48
N SER XB 124 -37.54 94.33 68.03
CA SER XB 124 -36.62 95.35 68.48
C SER XB 124 -35.80 94.86 69.66
N HIS XB 125 -36.43 94.14 70.59
CA HIS XB 125 -35.66 93.60 71.69
C HIS XB 125 -34.86 92.37 71.27
N ARG XB 126 -35.29 91.70 70.21
CA ARG XB 126 -34.55 90.52 69.76
C ARG XB 126 -33.28 90.90 69.04
N ALA XB 127 -33.26 92.05 68.36
CA ALA XB 127 -32.05 92.46 67.65
C ALA XB 127 -30.89 92.76 68.59
N HIS XB 128 -31.16 92.99 69.88
CA HIS XB 128 -30.12 93.30 70.85
C HIS XB 128 -29.34 92.07 71.29
N MET XB 129 -29.80 90.87 70.99
CA MET XB 129 -29.30 89.68 71.65
C MET XB 129 -28.60 88.76 70.68
N PRO XB 130 -27.44 88.24 71.02
CA PRO XB 130 -26.70 87.37 70.11
C PRO XB 130 -26.99 85.88 70.24
N TRP XB 131 -28.08 85.52 70.91
CA TRP XB 131 -28.40 84.13 71.13
C TRP XB 131 -29.72 83.78 70.46
N LEU XB 132 -30.17 82.53 70.67
CA LEU XB 132 -31.35 82.07 69.95
C LEU XB 132 -32.60 82.67 70.57
N SER XB 133 -33.69 82.68 69.81
CA SER XB 133 -34.94 83.18 70.34
C SER XB 133 -36.10 82.44 69.72
N ILE XB 134 -37.21 82.37 70.45
CA ILE XB 134 -38.46 81.79 69.98
C ILE XB 134 -39.34 82.90 69.47
N ASP XB 135 -39.87 82.75 68.26
CA ASP XB 135 -40.78 83.74 67.70
C ASP XB 135 -42.06 83.83 68.55
N LEU XB 136 -42.58 85.04 68.65
CA LEU XB 136 -43.74 85.27 69.50
C LEU XB 136 -45.00 84.64 68.94
N GLU XB 137 -45.15 84.62 67.61
CA GLU XB 137 -46.37 84.13 67.00
C GLU XB 137 -46.49 82.62 66.98
N ASN XB 138 -45.38 81.89 67.10
CA ASN XB 138 -45.44 80.45 67.18
C ASN XB 138 -46.05 80.07 68.53
N PRO XB 139 -47.06 79.22 68.56
CA PRO XB 139 -47.72 78.93 69.84
C PRO XB 139 -47.02 77.92 70.73
N LEU XB 140 -45.70 77.79 70.58
CA LEU XB 140 -44.92 77.07 71.59
C LEU XB 140 -44.71 77.94 72.83
N THR XB 141 -44.68 79.26 72.65
CA THR XB 141 -44.33 80.15 73.75
C THR XB 141 -45.35 80.12 74.88
N GLU XB 142 -46.64 80.06 74.56
CA GLU XB 142 -47.65 79.98 75.61
C GLU XB 142 -47.58 78.64 76.33
N ILE XB 143 -47.22 77.58 75.61
CA ILE XB 143 -47.02 76.28 76.23
C ILE XB 143 -45.87 76.35 77.23
N LEU XB 144 -44.81 77.06 76.86
CA LEU XB 144 -43.67 77.21 77.77
C LEU XB 144 -44.03 78.01 79.01
N LYS XB 145 -44.79 79.10 78.84
CA LYS XB 145 -45.26 79.86 79.99
C LYS XB 145 -46.12 79.00 80.91
N ARG XB 146 -47.07 78.26 80.34
CA ARG XB 146 -47.95 77.45 81.17
C ARG XB 146 -47.20 76.33 81.85
N HIS XB 147 -46.15 75.81 81.22
CA HIS XB 147 -45.40 74.73 81.83
C HIS XB 147 -44.54 75.24 82.98
N PHE XB 148 -43.85 76.36 82.80
CA PHE XB 148 -42.87 76.80 83.78
C PHE XB 148 -43.42 77.86 84.72
N ARG XB 149 -44.71 78.16 84.63
CA ARG XB 149 -45.44 78.99 85.60
C ARG XB 149 -44.92 80.41 85.70
N VAL XB 150 -44.13 80.85 84.75
CA VAL XB 150 -43.80 82.26 84.65
C VAL XB 150 -44.93 82.97 83.94
N MET XB 151 -45.20 84.22 84.35
CA MET XB 151 -46.29 85.00 83.79
C MET XB 151 -46.07 86.46 84.17
N LYS XB 152 -46.40 87.36 83.25
CA LYS XB 152 -46.28 88.80 83.50
C LYS XB 152 -47.31 89.26 84.52
N SER XB 163 -48.39 82.70 88.71
CA SER XB 163 -47.91 84.08 88.70
C SER XB 163 -46.88 84.30 89.79
N ARG XB 164 -46.50 83.22 90.49
CA ARG XB 164 -45.53 83.32 91.57
C ARG XB 164 -44.12 83.55 91.06
N THR XB 165 -43.81 83.14 89.83
CA THR XB 165 -42.53 83.40 89.19
C THR XB 165 -42.76 84.31 88.00
N GLY XB 166 -41.86 85.27 87.79
CA GLY XB 166 -42.12 86.34 86.85
C GLY XB 166 -40.86 86.84 86.17
N VAL XB 167 -41.04 87.90 85.39
CA VAL XB 167 -39.99 88.52 84.60
C VAL XB 167 -39.00 89.21 85.53
N PRO XB 168 -37.69 89.17 85.26
CA PRO XB 168 -36.98 88.30 84.33
C PRO XB 168 -36.63 86.97 84.96
N SER XB 169 -36.49 85.91 84.16
CA SER XB 169 -36.19 84.60 84.74
C SER XB 169 -35.46 83.74 83.74
N VAL XB 170 -34.22 83.38 84.06
CA VAL XB 170 -33.48 82.40 83.29
C VAL XB 170 -33.57 81.06 83.99
N ILE XB 171 -33.92 80.04 83.22
CA ILE XB 171 -34.20 78.70 83.73
C ILE XB 171 -33.47 77.68 82.86
N VAL XB 172 -32.68 76.84 83.46
CA VAL XB 172 -31.94 75.84 82.70
C VAL XB 172 -32.82 74.63 82.51
N ILE XB 173 -32.69 73.97 81.37
CA ILE XB 173 -33.53 72.82 81.05
C ILE XB 173 -32.64 71.60 80.83
N GLY XB 174 -33.10 70.46 81.34
CA GLY XB 174 -32.39 69.22 81.15
C GLY XB 174 -32.77 68.56 79.85
N SER XB 175 -32.29 67.32 79.68
CA SER XB 175 -32.54 66.58 78.46
C SER XB 175 -33.97 66.03 78.39
N ASP XB 176 -34.61 65.80 79.54
CA ASP XB 176 -35.90 65.14 79.59
C ASP XB 176 -37.05 66.12 79.83
N GLY XB 177 -36.92 67.36 79.36
CA GLY XB 177 -37.96 68.35 79.58
C GLY XB 177 -38.14 68.74 81.02
N ARG XB 178 -37.06 68.74 81.79
CA ARG XB 178 -37.09 69.07 83.20
C ARG XB 178 -36.11 70.21 83.48
N GLU XB 179 -36.39 70.98 84.52
CA GLU XB 179 -35.57 72.12 84.89
C GLU XB 179 -34.71 71.76 86.09
N ALA XB 180 -33.46 72.20 86.06
CA ALA XB 180 -32.53 71.88 87.15
C ALA XB 180 -32.53 72.98 88.20
N GLN XB 181 -32.13 74.19 87.82
CA GLN XB 181 -31.96 75.30 88.75
C GLN XB 181 -32.78 76.49 88.29
N PHE XB 182 -33.41 77.15 89.24
CA PHE XB 182 -34.26 78.30 88.93
C PHE XB 182 -33.46 79.57 88.69
N LEU XB 183 -32.16 79.57 89.01
CA LEU XB 183 -31.27 80.72 88.85
C LEU XB 183 -31.84 81.95 89.54
N PRO XB 184 -31.69 82.05 90.85
CA PRO XB 184 -32.49 82.98 91.66
C PRO XB 184 -32.20 84.45 91.42
N ILE XB 185 -32.57 84.97 90.25
CA ILE XB 185 -32.56 86.41 90.06
C ILE XB 185 -33.82 87.06 90.62
N CYS XB 186 -34.92 86.30 90.72
CA CYS XB 186 -36.14 86.77 91.38
C CYS XB 186 -36.74 85.57 92.11
N SER XB 187 -36.35 85.39 93.37
CA SER XB 187 -36.82 84.29 94.19
C SER XB 187 -36.82 84.79 95.64
N GLY XB 188 -36.78 83.86 96.59
CA GLY XB 188 -36.48 84.25 97.95
C GLY XB 188 -35.04 84.69 98.18
N LEU XB 189 -34.13 84.31 97.28
CA LEU XB 189 -32.72 84.67 97.44
C LEU XB 189 -32.43 86.08 96.96
N GLU XB 190 -33.16 86.57 95.96
CA GLU XB 190 -33.22 87.99 95.59
C GLU XB 190 -31.85 88.59 95.29
N GLU XB 191 -30.98 87.81 94.65
CA GLU XB 191 -29.65 88.30 94.32
C GLU XB 191 -29.48 88.21 92.80
N GLY XB 192 -30.00 89.23 92.14
CA GLY XB 192 -29.88 89.30 90.70
C GLY XB 192 -28.51 89.77 90.28
N ASP XB 193 -28.17 89.45 89.03
CA ASP XB 193 -26.94 89.81 88.33
C ASP XB 193 -25.71 89.13 88.93
N ARG XB 194 -25.88 88.36 90.00
CA ARG XB 194 -24.83 87.52 90.54
C ARG XB 194 -25.31 86.10 90.77
N ALA XB 195 -26.59 85.82 90.55
CA ALA XB 195 -27.10 84.45 90.55
C ALA XB 195 -26.68 83.68 89.31
N LEU XB 196 -26.09 84.35 88.33
CA LEU XB 196 -25.62 83.68 87.13
C LEU XB 196 -24.47 82.73 87.41
N LEU XB 197 -23.76 82.93 88.53
CA LEU XB 197 -22.72 82.00 88.93
C LEU XB 197 -23.28 80.66 89.40
N ARG XB 198 -24.57 80.60 89.74
CA ARG XB 198 -25.17 79.35 90.18
C ARG XB 198 -25.35 78.34 89.06
N TRP XB 199 -25.14 78.76 87.81
CA TRP XB 199 -25.24 77.86 86.67
C TRP XB 199 -24.19 76.76 86.78
N ASP XB 200 -24.63 75.52 86.63
CA ASP XB 200 -23.74 74.36 86.68
C ASP XB 200 -23.79 73.68 85.32
N TRP XB 201 -23.03 74.22 84.36
CA TRP XB 201 -23.08 73.76 82.99
C TRP XB 201 -22.42 72.41 82.81
N ARG XB 202 -21.64 71.93 83.78
CA ARG XB 202 -21.17 70.56 83.70
C ARG XB 202 -22.28 69.58 84.05
N ASN XB 203 -23.05 69.88 85.09
CA ASN XB 203 -24.10 68.95 85.48
C ASN XB 203 -25.33 69.02 84.60
N THR XB 204 -25.62 70.18 83.97
CA THR XB 204 -26.70 70.21 82.98
C THR XB 204 -26.11 70.24 81.58
N LYS XB 205 -26.44 69.24 80.78
CA LYS XB 205 -25.92 69.12 79.43
C LYS XB 205 -27.02 68.51 78.58
N PHE XB 206 -27.45 69.24 77.55
CA PHE XB 206 -28.63 68.85 76.80
C PHE XB 206 -28.35 67.60 75.97
N ALA XB 207 -29.32 66.68 75.95
CA ALA XB 207 -29.17 65.42 75.25
C ALA XB 207 -30.54 64.87 74.86
N SER YB 2 40.45 21.14 59.41
CA SER YB 2 40.40 22.03 60.56
C SER YB 2 41.66 22.84 60.70
N GLN YB 3 42.13 23.39 59.59
CA GLN YB 3 43.28 24.27 59.55
C GLN YB 3 43.01 25.26 58.43
N PRO YB 4 43.17 26.57 58.66
CA PRO YB 4 43.55 27.23 59.90
C PRO YB 4 42.38 27.44 60.84
N VAL YB 5 41.16 27.28 60.33
CA VAL YB 5 39.96 27.52 61.11
C VAL YB 5 39.04 26.33 60.99
N PHE YB 6 38.28 26.07 62.05
CA PHE YB 6 37.32 24.99 62.00
C PHE YB 6 36.07 25.39 61.23
N ALA YB 7 35.71 26.66 61.27
CA ALA YB 7 34.44 27.12 60.71
C ALA YB 7 34.67 27.80 59.36
N SER YB 8 34.89 27.01 58.32
CA SER YB 8 35.05 27.59 56.99
C SER YB 8 34.39 26.69 55.97
N PRO YB 9 33.95 27.25 54.84
CA PRO YB 9 33.24 26.45 53.84
C PRO YB 9 34.06 25.34 53.20
N LEU YB 10 35.33 25.58 52.89
CA LEU YB 10 36.18 24.50 52.38
C LEU YB 10 36.31 23.39 53.40
N ASN YB 11 36.47 23.75 54.67
CA ASN YB 11 36.65 22.75 55.69
C ASN YB 11 35.39 21.91 55.89
N VAL YB 12 34.22 22.55 55.87
CA VAL YB 12 33.03 21.74 56.09
C VAL YB 12 32.73 20.88 54.87
N GLU YB 13 33.07 21.35 53.68
CA GLU YB 13 32.90 20.52 52.49
C GLU YB 13 33.84 19.32 52.52
N LYS YB 14 35.11 19.54 52.87
CA LYS YB 14 36.04 18.42 52.86
C LYS YB 14 35.76 17.46 54.01
N ARG YB 15 35.24 17.96 55.13
CA ARG YB 15 34.82 17.08 56.21
C ARG YB 15 33.66 16.21 55.77
N ARG YB 16 32.70 16.79 55.05
CA ARG YB 16 31.57 16.02 54.56
C ARG YB 16 32.01 14.94 53.59
N LEU YB 17 32.86 15.29 52.61
CA LEU YB 17 33.29 14.30 51.64
C LEU YB 17 34.14 13.20 52.26
N ASN YB 18 35.05 13.54 53.17
CA ASN YB 18 35.87 12.50 53.77
C ASN YB 18 35.09 11.59 54.70
N GLU YB 19 34.11 12.14 55.44
CA GLU YB 19 33.26 11.29 56.24
C GLU YB 19 32.43 10.37 55.37
N GLU YB 20 31.94 10.87 54.25
CA GLU YB 20 31.18 10.03 53.32
C GLU YB 20 32.05 8.95 52.74
N ARG YB 21 33.31 9.27 52.44
CA ARG YB 21 34.24 8.28 51.89
C ARG YB 21 34.52 7.17 52.88
N ALA YB 22 34.78 7.53 54.13
CA ALA YB 22 35.04 6.52 55.15
C ALA YB 22 33.80 5.66 55.40
N LEU YB 23 32.62 6.26 55.43
CA LEU YB 23 31.41 5.49 55.66
C LEU YB 23 31.09 4.59 54.49
N MET YB 24 31.35 5.04 53.26
CA MET YB 24 31.18 4.19 52.09
C MET YB 24 32.14 3.01 52.14
N GLN YB 25 33.38 3.26 52.59
CA GLN YB 25 34.33 2.16 52.78
C GLN YB 25 33.81 1.14 53.78
N ALA YB 26 33.27 1.63 54.90
CA ALA YB 26 32.78 0.71 55.94
C ALA YB 26 31.58 -0.08 55.45
N GLN YB 27 30.70 0.55 54.67
CA GLN YB 27 29.55 -0.16 54.16
C GLN YB 27 29.92 -1.16 53.08
N LYS YB 28 30.96 -0.86 52.30
CA LYS YB 28 31.42 -1.83 51.31
C LYS YB 28 32.11 -3.02 51.96
N ALA YB 29 32.93 -2.77 52.98
CA ALA YB 29 33.66 -3.85 53.64
C ALA YB 29 32.96 -4.26 54.93
N ASN YB 35 36.46 -1.60 61.52
CA ASN YB 35 37.88 -1.48 61.83
C ASN YB 35 38.50 -0.25 61.17
N ILE YB 36 37.66 0.69 60.77
CA ILE YB 36 38.08 1.98 60.23
C ILE YB 36 37.69 3.05 61.23
N GLN YB 37 38.61 3.98 61.48
CA GLN YB 37 38.41 4.98 62.51
C GLN YB 37 37.48 6.07 62.03
N LEU YB 38 36.38 6.27 62.73
CA LEU YB 38 35.44 7.35 62.47
C LEU YB 38 35.39 8.29 63.66
N PRO YB 39 35.34 9.60 63.45
CA PRO YB 39 35.40 10.37 62.22
C PRO YB 39 36.82 10.46 61.69
N PRO YB 40 36.98 10.61 60.37
CA PRO YB 40 38.32 10.55 59.78
C PRO YB 40 39.21 11.67 60.28
N ASN YB 41 40.49 11.35 60.43
CA ASN YB 41 41.42 12.30 60.99
C ASN YB 41 41.78 13.36 59.96
N TYR YB 42 42.24 14.50 60.49
CA TYR YB 42 42.52 15.66 59.66
C TYR YB 42 43.65 15.39 58.67
N GLY YB 43 44.66 14.64 59.09
CA GLY YB 43 45.71 14.25 58.17
C GLY YB 43 45.23 13.32 57.08
N ASP YB 44 44.32 12.42 57.43
CA ASP YB 44 43.83 11.46 56.46
C ASP YB 44 42.85 12.07 55.47
N MET YB 45 42.28 13.22 55.79
CA MET YB 45 41.36 13.85 54.86
C MET YB 45 42.08 14.31 53.60
N ASP YB 46 41.35 14.35 52.48
CA ASP YB 46 41.92 14.76 51.21
C ASP YB 46 41.01 15.75 50.51
N LEU YB 47 41.60 16.57 49.66
CA LEU YB 47 40.91 17.72 49.09
C LEU YB 47 41.58 18.15 47.80
N ILE YB 48 40.77 18.47 46.80
CA ILE YB 48 41.22 19.25 45.66
C ILE YB 48 40.82 20.70 45.93
N LEU YB 49 41.79 21.60 45.86
CA LEU YB 49 41.54 22.97 46.24
C LEU YB 49 40.91 23.75 45.09
N PHE YB 50 41.46 23.59 43.90
CA PHE YB 50 40.97 24.27 42.73
C PHE YB 50 40.33 23.26 41.79
N PRO YB 51 39.06 23.34 41.54
CA PRO YB 51 38.43 22.43 40.59
C PRO YB 51 38.85 22.68 39.14
N GLU YB 52 38.19 21.96 38.22
CA GLU YB 52 38.73 21.77 36.88
C GLU YB 52 38.85 23.07 36.10
N GLY YB 53 38.01 24.06 36.40
CA GLY YB 53 38.02 25.26 35.60
C GLY YB 53 38.26 26.53 36.39
N SER YB 54 38.96 26.41 37.51
CA SER YB 54 39.09 27.56 38.40
C SER YB 54 40.13 28.54 37.91
N LEU YB 55 41.37 28.09 37.76
CA LEU YB 55 42.46 28.97 37.39
C LEU YB 55 42.43 29.30 35.92
N LYS YB 56 42.95 30.48 35.59
CA LYS YB 56 43.27 30.81 34.22
C LYS YB 56 44.40 31.82 34.20
N ASN YB 57 45.27 31.69 33.21
CA ASN YB 57 46.50 32.46 33.11
C ASN YB 57 46.25 33.76 32.35
N SER YB 58 47.34 34.40 31.93
CA SER YB 58 47.26 35.70 31.29
C SER YB 58 46.58 35.67 29.93
N ASN YB 59 46.50 34.51 29.29
CA ASN YB 59 45.83 34.39 28.01
C ASN YB 59 44.50 33.65 28.11
N ASN YB 60 43.93 33.59 29.31
CA ASN YB 60 42.62 32.98 29.55
C ASN YB 60 42.56 31.54 29.09
N THR YB 61 43.63 30.79 29.34
CA THR YB 61 43.63 29.36 29.14
C THR YB 61 43.64 28.67 30.50
N VAL YB 62 42.72 27.75 30.70
CA VAL YB 62 42.56 27.10 31.99
C VAL YB 62 43.72 26.14 32.23
N ILE YB 63 44.27 26.17 33.43
CA ILE YB 63 45.31 25.23 33.81
C ILE YB 63 44.88 24.53 35.10
N PRO YB 64 45.15 23.24 35.23
CA PRO YB 64 44.65 22.48 36.37
C PRO YB 64 45.47 22.75 37.63
N GLN YB 65 45.12 22.03 38.68
CA GLN YB 65 45.88 22.09 39.92
C GLN YB 65 47.26 21.45 39.76
N SER YB 66 47.35 20.39 38.96
CA SER YB 66 48.57 19.62 38.85
C SER YB 66 49.71 20.39 38.21
N HIS YB 67 49.40 21.44 37.46
CA HIS YB 67 50.45 22.25 36.86
C HIS YB 67 51.20 23.08 37.89
N LEU YB 68 50.75 23.11 39.12
CA LEU YB 68 51.35 23.92 40.15
C LEU YB 68 52.31 23.15 41.04
N LYS YB 69 52.69 21.94 40.66
CA LYS YB 69 53.64 21.19 41.48
C LYS YB 69 55.00 21.85 41.44
N GLY YB 70 55.73 21.75 42.55
CA GLY YB 70 57.07 22.24 42.63
C GLY YB 70 57.22 23.74 42.65
N LYS YB 71 56.14 24.49 42.84
CA LYS YB 71 56.18 25.93 42.78
C LYS YB 71 55.60 26.49 44.07
N SER YB 72 56.19 27.55 44.59
CA SER YB 72 55.62 28.23 45.74
C SER YB 72 54.46 29.07 45.26
N VAL YB 73 53.25 28.70 45.66
CA VAL YB 73 52.04 29.37 45.19
C VAL YB 73 51.52 30.28 46.29
N ALA YB 74 51.36 31.55 45.96
CA ALA YB 74 50.89 32.54 46.91
C ALA YB 74 49.66 33.22 46.35
N LEU YB 75 48.69 33.46 47.22
CA LEU YB 75 47.44 34.10 46.87
C LEU YB 75 47.50 35.58 47.21
N TYR YB 76 47.17 36.40 46.23
CA TYR YB 76 47.17 37.85 46.33
C TYR YB 76 45.71 38.28 46.42
N PHE YB 77 45.26 38.59 47.63
CA PHE YB 77 43.92 39.10 47.85
C PHE YB 77 43.99 40.59 47.66
N ALA YB 78 43.24 41.10 46.67
CA ALA YB 78 43.48 42.46 46.22
C ALA YB 78 42.19 43.08 45.68
N ASP YB 79 42.17 44.41 45.68
CA ASP YB 79 41.05 45.21 45.23
C ASP YB 79 41.56 46.30 44.30
N GLY YB 80 40.82 46.55 43.22
CA GLY YB 80 41.31 47.48 42.21
C GLY YB 80 41.34 48.92 42.66
N ALA YB 81 40.34 49.35 43.41
CA ALA YB 81 40.20 50.75 43.78
C ALA YB 81 41.00 51.11 45.02
N ASP YB 82 41.66 50.15 45.64
CA ASP YB 82 42.41 50.42 46.84
C ASP YB 82 43.67 51.19 46.49
N PRO YB 83 43.91 52.36 47.10
CA PRO YB 83 45.17 53.06 46.88
C PRO YB 83 46.35 52.22 47.33
N LYS YB 84 46.12 51.46 48.38
CA LYS YB 84 47.15 50.67 49.01
C LYS YB 84 47.52 49.48 48.16
N CYS YB 85 46.52 48.86 47.52
CA CYS YB 85 46.79 47.81 46.54
C CYS YB 85 47.49 48.35 45.31
N ALA YB 86 47.06 49.52 44.83
CA ALA YB 86 47.70 50.10 43.66
C ALA YB 86 49.15 50.48 43.95
N SER YB 87 49.46 50.79 45.21
CA SER YB 87 50.84 51.02 45.59
C SER YB 87 51.63 49.74 45.75
N LEU YB 88 51.01 48.66 46.22
CA LEU YB 88 51.76 47.43 46.44
C LEU YB 88 52.09 46.71 45.14
N LEU YB 89 51.17 46.76 44.18
CA LEU YB 89 51.32 45.96 42.95
C LEU YB 89 52.65 46.08 42.19
N PRO YB 90 53.25 47.27 42.00
CA PRO YB 90 54.47 47.28 41.18
C PRO YB 90 55.65 46.56 41.79
N PHE YB 91 55.82 46.65 43.11
CA PHE YB 91 56.93 45.93 43.73
C PHE YB 91 56.74 44.43 43.66
N LEU YB 92 55.50 43.97 43.68
CA LEU YB 92 55.26 42.54 43.61
C LEU YB 92 55.38 42.05 42.17
N LEU YB 93 55.05 42.90 41.19
CA LEU YB 93 55.40 42.63 39.80
C LEU YB 93 56.90 42.46 39.63
N ASN YB 94 57.66 43.39 40.20
CA ASN YB 94 59.11 43.35 40.09
C ASN YB 94 59.65 42.10 40.78
N TYR YB 95 59.14 41.79 41.97
CA TYR YB 95 59.54 40.62 42.71
C TYR YB 95 59.30 39.34 41.92
N TYR YB 96 58.12 39.21 41.33
CA TYR YB 96 57.82 38.07 40.47
C TYR YB 96 58.81 37.97 39.34
N ARG YB 97 59.00 39.07 38.63
CA ARG YB 97 59.84 39.12 37.45
C ARG YB 97 61.26 38.68 37.75
N THR YB 98 61.88 39.33 38.72
CA THR YB 98 63.29 39.11 38.97
C THR YB 98 63.57 38.00 39.95
N MET YB 99 62.55 37.31 40.47
CA MET YB 99 62.94 36.01 41.00
C MET YB 99 62.77 34.87 40.02
N ASN YB 100 61.68 34.81 39.27
CA ASN YB 100 61.54 33.61 38.46
C ASN YB 100 62.07 33.81 37.05
N GLU YB 101 62.77 34.91 36.80
CA GLU YB 101 63.51 35.03 35.54
C GLU YB 101 64.93 34.52 35.67
N GLY YB 102 65.66 35.00 36.67
CA GLY YB 102 67.03 34.62 36.83
C GLY YB 102 67.23 33.33 37.58
N GLY YB 103 66.95 32.20 36.94
CA GLY YB 103 67.08 30.92 37.60
C GLY YB 103 66.87 29.80 36.61
N ALA YB 104 66.95 28.57 37.12
CA ALA YB 104 66.85 27.41 36.25
C ALA YB 104 65.41 27.13 35.84
N ASN YB 105 64.45 27.33 36.74
CA ASN YB 105 63.07 26.98 36.49
C ASN YB 105 62.18 28.04 37.14
N GLN YB 106 60.90 27.73 37.28
CA GLN YB 106 59.96 28.66 37.88
C GLN YB 106 59.88 28.43 39.37
N LYS YB 107 60.08 29.50 40.13
CA LYS YB 107 60.06 29.41 41.58
C LYS YB 107 58.69 29.74 42.16
N ILE YB 108 58.20 30.94 41.91
CA ILE YB 108 56.98 31.44 42.55
C ILE YB 108 55.89 31.57 41.51
N GLU YB 109 54.64 31.47 41.98
CA GLU YB 109 53.47 31.68 41.15
C GLU YB 109 52.37 32.23 42.03
N ILE YB 110 51.63 33.21 41.51
CA ILE YB 110 50.69 33.99 42.30
C ILE YB 110 49.29 33.86 41.72
N ILE YB 111 48.33 33.53 42.59
CA ILE YB 111 46.93 33.39 42.25
C ILE YB 111 46.22 34.63 42.75
N PHE YB 112 45.48 35.29 41.88
CA PHE YB 112 44.84 36.56 42.21
C PHE YB 112 43.39 36.32 42.61
N VAL YB 113 43.00 36.86 43.76
CA VAL YB 113 41.63 36.76 44.27
C VAL YB 113 41.10 38.17 44.46
N SER YB 114 39.98 38.45 43.81
CA SER YB 114 39.47 39.80 43.69
C SER YB 114 38.46 40.12 44.77
N LEU YB 115 38.57 41.33 45.30
CA LEU YB 115 37.57 41.86 46.21
C LEU YB 115 36.79 43.00 45.57
N ASP YB 116 36.89 43.16 44.26
CA ASP YB 116 36.38 44.34 43.56
C ASP YB 116 34.87 44.28 43.45
N ARG YB 117 34.29 45.23 42.72
CA ARG YB 117 32.86 45.40 42.71
C ARG YB 117 32.17 45.04 41.41
N ASP YB 118 32.90 44.83 40.31
CA ASP YB 118 32.25 44.59 39.05
C ASP YB 118 33.15 43.79 38.13
N ARG YB 119 32.53 43.20 37.11
CA ARG YB 119 33.28 42.46 36.09
C ARG YB 119 34.25 43.35 35.35
N GLU YB 120 33.82 44.56 34.99
CA GLU YB 120 34.70 45.45 34.23
C GLU YB 120 35.91 45.89 35.05
N ALA YB 121 35.68 46.23 36.32
CA ALA YB 121 36.78 46.61 37.19
C ALA YB 121 37.72 45.45 37.42
N PHE YB 122 37.18 44.23 37.57
CA PHE YB 122 38.04 43.07 37.72
C PHE YB 122 38.86 42.81 36.47
N GLU YB 123 38.26 42.95 35.29
CA GLU YB 123 39.00 42.69 34.05
C GLU YB 123 40.08 43.74 33.85
N SER YB 124 39.79 45.00 34.16
CA SER YB 124 40.78 46.05 34.05
C SER YB 124 41.94 45.84 35.03
N HIS YB 125 41.64 45.41 36.25
CA HIS YB 125 42.72 45.21 37.20
C HIS YB 125 43.49 43.92 36.95
N ARG YB 126 42.90 42.95 36.26
CA ARG YB 126 43.60 41.72 35.94
C ARG YB 126 44.43 41.84 34.68
N ALA YB 127 44.09 42.73 33.76
CA ALA YB 127 44.93 42.95 32.59
C ALA YB 127 46.29 43.53 32.95
N HIS YB 128 46.44 44.12 34.13
CA HIS YB 128 47.70 44.67 34.59
C HIS YB 128 48.66 43.62 35.12
N MET YB 129 48.24 42.37 35.24
CA MET YB 129 49.01 41.42 35.99
C MET YB 129 49.33 40.18 35.16
N PRO YB 130 50.52 39.61 35.32
CA PRO YB 130 50.92 38.49 34.48
C PRO YB 130 50.70 37.11 35.08
N TRP YB 131 50.16 37.01 36.29
CA TRP YB 131 50.06 35.73 36.97
C TRP YB 131 48.61 35.26 36.98
N LEU YB 132 48.38 34.10 37.61
CA LEU YB 132 47.12 33.41 37.42
C LEU YB 132 46.04 34.09 38.26
N SER YB 133 44.79 33.89 37.89
CA SER YB 133 43.71 34.60 38.57
C SER YB 133 42.49 33.71 38.66
N ILE YB 134 41.61 34.04 39.61
CA ILE YB 134 40.35 33.32 39.80
C ILE YB 134 39.23 34.28 39.47
N ASP YB 135 38.30 33.84 38.63
CA ASP YB 135 37.21 34.69 38.17
C ASP YB 135 36.27 35.04 39.32
N LEU YB 136 35.57 36.16 39.15
CA LEU YB 136 34.79 36.73 40.25
C LEU YB 136 33.52 35.92 40.51
N GLU YB 137 32.79 35.55 39.46
CA GLU YB 137 31.54 34.82 39.67
C GLU YB 137 31.76 33.41 40.15
N ASN YB 138 32.95 32.88 39.99
CA ASN YB 138 33.28 31.57 40.51
C ASN YB 138 33.17 31.68 42.03
N PRO YB 139 32.36 30.85 42.68
CA PRO YB 139 32.11 31.04 44.12
C PRO YB 139 33.32 30.84 44.98
N LEU YB 140 34.38 30.26 44.44
CA LEU YB 140 35.58 29.99 45.21
C LEU YB 140 36.28 31.26 45.67
N THR YB 141 36.00 32.43 45.08
CA THR YB 141 36.54 33.66 45.65
C THR YB 141 35.91 33.97 47.00
N GLU YB 142 34.58 33.91 47.08
CA GLU YB 142 33.91 34.09 48.36
C GLU YB 142 34.31 33.01 49.34
N ILE YB 143 34.43 31.77 48.86
CA ILE YB 143 34.82 30.67 49.71
C ILE YB 143 36.23 30.86 50.25
N LEU YB 144 37.13 31.40 49.44
CA LEU YB 144 38.51 31.55 49.89
C LEU YB 144 38.65 32.73 50.84
N LYS YB 145 37.88 33.79 50.61
CA LYS YB 145 37.84 34.89 51.57
C LYS YB 145 37.35 34.40 52.93
N ARG YB 146 36.29 33.58 52.92
CA ARG YB 146 35.76 33.04 54.16
C ARG YB 146 36.75 32.09 54.80
N HIS YB 147 37.49 31.34 54.00
CA HIS YB 147 38.44 30.38 54.56
C HIS YB 147 39.59 31.10 55.24
N PHE YB 148 40.15 32.11 54.61
CA PHE YB 148 41.38 32.72 55.10
C PHE YB 148 41.13 33.97 55.92
N ARG YB 149 39.88 34.33 56.16
CA ARG YB 149 39.50 35.44 57.03
C ARG YB 149 40.08 36.77 56.56
N VAL YB 150 39.92 37.05 55.27
CA VAL YB 150 40.24 38.36 54.72
C VAL YB 150 38.94 39.08 54.43
N MET YB 151 38.83 40.30 54.93
CA MET YB 151 37.61 41.08 54.78
C MET YB 151 37.94 42.55 54.93
N LYS YB 152 37.30 43.38 54.11
CA LYS YB 152 37.52 44.81 54.20
C LYS YB 152 36.55 45.48 55.15
N GLU YB 153 35.33 44.94 55.26
CA GLU YB 153 34.30 45.49 56.12
C GLU YB 153 33.37 44.36 56.52
N TYR YB 154 32.60 44.58 57.59
CA TYR YB 154 31.73 43.54 58.14
C TYR YB 154 30.52 43.34 57.24
N GLU YB 155 30.78 42.81 56.05
CA GLU YB 155 29.75 42.32 55.14
C GLU YB 155 29.69 40.81 55.15
N VAL YB 156 30.41 40.18 56.07
CA VAL YB 156 30.56 38.74 56.14
C VAL YB 156 30.11 38.28 57.52
N PRO YB 157 29.14 37.36 57.61
CA PRO YB 157 28.80 36.78 58.92
C PRO YB 157 29.96 35.92 59.41
N THR YB 158 30.48 36.26 60.58
CA THR YB 158 31.68 35.63 61.09
C THR YB 158 31.38 34.78 62.32
N TYR YB 159 32.05 33.65 62.41
CA TYR YB 159 31.83 32.71 63.50
C TYR YB 159 32.90 32.86 64.58
N GLY YB 160 32.95 34.04 65.17
CA GLY YB 160 33.96 34.27 66.19
C GLY YB 160 35.37 34.35 65.66
N TYR YB 161 35.55 34.67 64.39
CA TYR YB 161 36.87 34.94 63.87
C TYR YB 161 37.44 36.20 64.46
N GLY YB 162 38.70 36.44 64.16
CA GLY YB 162 39.22 37.78 64.08
C GLY YB 162 39.40 38.08 62.61
N SER YB 163 39.33 39.36 62.27
CA SER YB 163 39.74 39.76 60.94
C SER YB 163 41.24 39.55 60.83
N ARG YB 164 41.65 38.53 60.08
CA ARG YB 164 43.06 38.18 59.99
C ARG YB 164 43.85 39.27 59.29
N THR YB 165 43.39 39.69 58.11
CA THR YB 165 44.08 40.72 57.35
C THR YB 165 43.09 41.38 56.41
N GLY YB 166 43.47 42.57 55.95
CA GLY YB 166 42.67 43.31 55.01
C GLY YB 166 43.33 43.35 53.64
N VAL YB 167 42.64 44.01 52.73
CA VAL YB 167 43.19 44.21 51.39
C VAL YB 167 44.37 45.17 51.47
N PRO YB 168 45.49 44.90 50.80
CA PRO YB 168 45.89 43.68 50.10
C PRO YB 168 46.69 42.76 50.99
N SER YB 169 46.67 41.47 50.69
CA SER YB 169 47.43 40.53 51.49
C SER YB 169 47.85 39.35 50.66
N VAL YB 170 49.09 38.89 50.84
CA VAL YB 170 49.59 37.71 50.15
C VAL YB 170 49.77 36.58 51.17
N ILE YB 171 49.25 35.42 50.82
CA ILE YB 171 49.19 34.25 51.69
C ILE YB 171 49.85 33.11 50.94
N VAL YB 172 50.91 32.55 51.50
CA VAL YB 172 51.57 31.44 50.85
C VAL YB 172 50.87 30.16 51.30
N ILE YB 173 50.35 29.40 50.36
CA ILE YB 173 49.50 28.28 50.69
C ILE YB 173 50.28 26.98 50.58
N GLY YB 174 49.69 25.90 51.08
CA GLY YB 174 50.13 24.55 50.82
C GLY YB 174 49.17 23.82 49.90
N SER YB 175 49.32 22.50 49.88
CA SER YB 175 48.53 21.69 48.97
C SER YB 175 47.12 21.44 49.48
N ASP YB 176 46.82 21.78 50.72
CA ASP YB 176 45.56 21.43 51.36
C ASP YB 176 44.84 22.62 51.96
N GLY YB 177 45.12 23.82 51.46
CA GLY YB 177 44.41 25.01 51.90
C GLY YB 177 44.97 25.69 53.12
N ARG YB 178 46.02 25.15 53.74
CA ARG YB 178 46.60 25.79 54.90
C ARG YB 178 47.55 26.89 54.48
N GLU YB 179 47.72 27.87 55.35
CA GLU YB 179 48.62 28.98 55.07
C GLU YB 179 50.01 28.64 55.58
N ALA YB 180 51.00 28.77 54.71
CA ALA YB 180 52.35 28.39 55.08
C ALA YB 180 52.99 29.47 55.95
N GLN YB 181 53.13 30.66 55.41
CA GLN YB 181 53.51 31.80 56.22
C GLN YB 181 52.68 32.99 55.78
N PHE YB 182 52.34 33.83 56.74
CA PHE YB 182 51.71 35.10 56.45
C PHE YB 182 52.82 36.08 56.12
N LEU YB 183 52.70 36.74 54.99
CA LEU YB 183 53.67 37.77 54.62
C LEU YB 183 53.18 39.08 55.19
N PRO YB 184 53.83 39.64 56.19
CA PRO YB 184 53.26 40.78 56.89
C PRO YB 184 53.31 42.07 56.10
N ILE YB 185 52.43 42.19 55.11
CA ILE YB 185 52.26 43.47 54.45
C ILE YB 185 51.67 44.47 55.43
N CYS YB 186 50.49 44.17 55.97
CA CYS YB 186 49.85 44.98 57.02
C CYS YB 186 49.28 44.03 58.06
N SER YB 187 49.94 43.95 59.20
CA SER YB 187 49.64 43.04 60.28
C SER YB 187 50.11 43.70 61.57
N GLY YB 188 50.36 42.88 62.59
CA GLY YB 188 51.12 43.35 63.74
C GLY YB 188 52.50 43.85 63.35
N LEU YB 189 53.11 43.23 62.33
CA LEU YB 189 54.42 43.69 61.88
C LEU YB 189 54.30 44.85 60.90
N GLU YB 190 53.38 44.73 59.94
CA GLU YB 190 53.01 45.75 58.94
C GLU YB 190 54.22 46.44 58.30
N GLU YB 191 55.14 45.61 57.80
CA GLU YB 191 56.26 46.12 57.00
C GLU YB 191 55.94 45.97 55.51
N GLY YB 192 55.04 46.81 55.03
CA GLY YB 192 54.61 46.73 53.65
C GLY YB 192 55.73 47.02 52.67
N ASP YB 193 55.62 46.39 51.50
CA ASP YB 193 56.47 46.56 50.32
C ASP YB 193 57.89 46.03 50.52
N ARG YB 194 58.24 45.59 51.73
CA ARG YB 194 59.49 44.91 52.00
C ARG YB 194 59.30 43.61 52.74
N ALA YB 195 58.06 43.24 53.06
CA ALA YB 195 57.79 41.92 53.60
C ALA YB 195 57.75 40.84 52.53
N LEU YB 196 57.81 41.22 51.26
CA LEU YB 196 57.95 40.22 50.21
C LEU YB 196 59.27 39.49 50.31
N LEU YB 197 60.29 40.11 50.90
CA LEU YB 197 61.59 39.49 51.08
C LEU YB 197 61.60 38.39 52.13
N ARG YB 198 60.52 38.25 52.89
CA ARG YB 198 60.39 37.22 53.92
C ARG YB 198 59.93 35.88 53.38
N TRP YB 199 59.77 35.76 52.07
CA TRP YB 199 59.24 34.56 51.45
C TRP YB 199 60.24 33.41 51.52
N ASP YB 200 59.76 32.20 51.78
CA ASP YB 200 60.60 30.99 51.79
C ASP YB 200 60.13 29.98 50.75
N TRP YB 201 60.66 30.17 49.54
CA TRP YB 201 60.18 29.44 48.39
C TRP YB 201 60.66 28.00 48.30
N ARG YB 202 61.73 27.61 49.01
CA ARG YB 202 62.00 26.18 49.06
C ARG YB 202 61.13 25.49 50.09
N ASN YB 203 61.06 26.04 51.28
CA ASN YB 203 60.35 25.39 52.35
C ASN YB 203 58.84 25.41 52.17
N THR YB 204 58.31 26.20 51.23
CA THR YB 204 56.95 25.99 50.79
C THR YB 204 56.93 25.63 49.32
N LYS YB 205 56.46 24.43 49.00
CA LYS YB 205 56.26 24.00 47.64
C LYS YB 205 54.95 23.25 47.57
N PHE YB 206 54.17 23.53 46.52
CA PHE YB 206 52.83 22.98 46.36
C PHE YB 206 52.97 21.52 45.97
N ALA YB 207 53.27 20.68 46.96
CA ALA YB 207 53.48 19.26 46.71
C ALA YB 207 52.17 18.50 46.67
N SER ZB 2 -15.02 81.24 67.14
CA SER ZB 2 -15.16 82.21 68.21
C SER ZB 2 -13.90 83.04 68.36
N GLN ZB 3 -13.49 83.70 67.29
CA GLN ZB 3 -12.30 84.51 67.30
C GLN ZB 3 -12.48 85.53 66.19
N PRO ZB 4 -12.32 86.83 66.48
CA PRO ZB 4 -11.98 87.45 67.75
C PRO ZB 4 -13.19 87.73 68.62
N VAL ZB 5 -14.38 87.49 68.09
CA VAL ZB 5 -15.62 87.75 68.81
C VAL ZB 5 -16.51 86.52 68.69
N PHE ZB 6 -17.43 86.40 69.65
CA PHE ZB 6 -18.40 85.32 69.60
C PHE ZB 6 -19.70 85.74 68.94
N ALA ZB 7 -20.03 87.03 68.96
CA ALA ZB 7 -21.31 87.49 68.43
C ALA ZB 7 -21.12 88.07 67.03
N SER ZB 8 -20.79 87.19 66.09
CA SER ZB 8 -20.49 87.64 64.75
C SER ZB 8 -21.25 86.84 63.72
N PRO ZB 9 -21.59 87.44 62.58
CA PRO ZB 9 -22.30 86.68 61.53
C PRO ZB 9 -21.48 85.59 60.89
N LEU ZB 10 -20.20 85.85 60.59
CA LEU ZB 10 -19.32 84.78 60.12
C LEU ZB 10 -19.23 83.66 61.12
N ASN ZB 11 -19.15 84.00 62.41
CA ASN ZB 11 -18.98 83.00 63.43
C ASN ZB 11 -20.23 82.15 63.59
N VAL ZB 12 -21.42 82.77 63.53
CA VAL ZB 12 -22.63 81.96 63.68
C VAL ZB 12 -22.84 81.10 62.45
N GLU ZB 13 -22.47 81.59 61.27
CA GLU ZB 13 -22.58 80.78 60.06
C GLU ZB 13 -21.64 79.59 60.11
N LYS ZB 14 -20.39 79.84 60.52
CA LYS ZB 14 -19.39 78.77 60.63
C LYS ZB 14 -19.80 77.73 61.66
N ARG ZB 15 -20.29 78.19 62.81
CA ARG ZB 15 -20.70 77.26 63.86
C ARG ZB 15 -21.86 76.40 63.40
N ARG ZB 16 -22.84 76.99 62.72
CA ARG ZB 16 -23.98 76.20 62.27
C ARG ZB 16 -23.57 75.17 61.23
N LEU ZB 17 -22.74 75.57 60.26
CA LEU ZB 17 -22.32 74.63 59.22
C LEU ZB 17 -21.49 73.50 59.78
N ASN ZB 18 -20.49 73.81 60.60
CA ASN ZB 18 -19.64 72.72 61.04
C ASN ZB 18 -20.29 71.87 62.11
N GLU ZB 19 -21.23 72.43 62.87
CA GLU ZB 19 -21.95 71.64 63.85
C GLU ZB 19 -22.92 70.70 63.16
N GLU ZB 20 -23.57 71.15 62.08
CA GLU ZB 20 -24.41 70.20 61.36
C GLU ZB 20 -23.57 69.21 60.56
N ARG ZB 21 -22.34 69.56 60.20
CA ARG ZB 21 -21.45 68.59 59.56
C ARG ZB 21 -21.09 67.47 60.53
N ALA ZB 22 -20.77 67.84 61.77
CA ALA ZB 22 -20.51 66.84 62.79
C ALA ZB 22 -21.73 65.97 63.07
N LEU ZB 23 -22.91 66.59 63.12
CA LEU ZB 23 -24.10 65.79 63.36
C LEU ZB 23 -24.44 64.90 62.18
N MET ZB 24 -24.18 65.37 60.96
CA MET ZB 24 -24.42 64.54 59.78
C MET ZB 24 -23.51 63.32 59.77
N GLN ZB 25 -22.24 63.50 60.11
CA GLN ZB 25 -21.37 62.32 60.12
C GLN ZB 25 -21.69 61.42 61.31
N ALA ZB 26 -22.22 61.99 62.39
CA ALA ZB 26 -22.63 61.15 63.52
C ALA ZB 26 -23.83 60.27 63.13
N GLN ZB 27 -24.82 60.84 62.46
CA GLN ZB 27 -25.98 60.05 62.07
C GLN ZB 27 -25.69 59.16 60.87
N LYS ZB 28 -24.65 59.46 60.10
CA LYS ZB 28 -24.22 58.52 59.07
C LYS ZB 28 -23.50 57.32 59.68
N ALA ZB 29 -22.64 57.55 60.67
CA ALA ZB 29 -21.90 56.47 61.30
C ALA ZB 29 -22.60 55.97 62.56
N ASN ZB 35 -19.19 58.38 69.34
CA ASN ZB 35 -17.76 58.44 69.59
C ASN ZB 35 -17.14 59.65 68.91
N ILE ZB 36 -17.97 60.64 68.58
CA ILE ZB 36 -17.54 61.88 67.96
C ILE ZB 36 -17.83 63.02 68.92
N GLN ZB 37 -16.81 63.81 69.23
CA GLN ZB 37 -16.92 64.83 70.26
C GLN ZB 37 -17.67 66.04 69.71
N LEU ZB 38 -18.85 66.28 70.24
CA LEU ZB 38 -19.71 67.40 69.87
C LEU ZB 38 -20.05 68.20 71.12
N PRO ZB 39 -20.21 69.52 71.01
CA PRO ZB 39 -20.13 70.42 69.86
C PRO ZB 39 -18.71 70.63 69.36
N PRO ZB 40 -18.54 70.85 68.06
CA PRO ZB 40 -17.20 70.88 67.49
C PRO ZB 40 -16.38 72.04 68.00
N ASN ZB 41 -15.07 71.84 67.98
CA ASN ZB 41 -14.14 72.75 68.61
C ASN ZB 41 -13.81 73.92 67.69
N TYR ZB 42 -13.31 75.00 68.31
CA TYR ZB 42 -12.93 76.18 67.55
C TYR ZB 42 -11.78 75.90 66.61
N GLY ZB 43 -10.80 75.10 67.05
CA GLY ZB 43 -9.73 74.70 66.15
C GLY ZB 43 -10.20 73.77 65.06
N ASP ZB 44 -11.15 72.89 65.37
CA ASP ZB 44 -11.58 71.89 64.42
C ASP ZB 44 -12.53 72.44 63.37
N MET ZB 45 -13.13 73.60 63.62
CA MET ZB 45 -14.07 74.12 62.63
C MET ZB 45 -13.34 74.59 61.38
N ASP ZB 46 -14.09 74.74 60.29
CA ASP ZB 46 -13.51 75.17 59.03
C ASP ZB 46 -14.51 75.95 58.19
N LEU ZB 47 -14.07 77.08 57.65
CA LEU ZB 47 -14.93 77.99 56.89
C LEU ZB 47 -14.29 78.29 55.54
N ILE ZB 48 -15.03 79.05 54.75
CA ILE ZB 48 -14.52 79.66 53.52
C ILE ZB 48 -14.81 81.14 53.63
N LEU ZB 49 -13.75 81.95 53.71
CA LEU ZB 49 -13.94 83.38 54.00
C LEU ZB 49 -14.50 84.11 52.80
N PHE ZB 50 -13.96 83.86 51.61
CA PHE ZB 50 -14.41 84.53 50.41
C PHE ZB 50 -15.03 83.52 49.47
N PRO ZB 51 -16.33 83.56 49.26
CA PRO ZB 51 -16.97 82.63 48.32
C PRO ZB 51 -16.61 82.88 46.86
N GLU ZB 52 -17.29 82.16 45.97
CA GLU ZB 52 -16.81 81.98 44.60
C GLU ZB 52 -16.69 83.29 43.84
N GLY ZB 53 -17.68 84.17 43.98
CA GLY ZB 53 -17.68 85.42 43.24
C GLY ZB 53 -17.38 86.66 44.05
N SER ZB 54 -16.93 86.53 45.29
CA SER ZB 54 -16.91 87.68 46.19
C SER ZB 54 -15.77 88.64 45.89
N LEU ZB 55 -14.61 88.13 45.49
CA LEU ZB 55 -13.40 88.92 45.44
C LEU ZB 55 -13.06 89.28 44.00
N LYS ZB 56 -12.76 90.55 43.76
CA LYS ZB 56 -12.61 91.08 42.42
C LYS ZB 56 -11.44 92.04 42.38
N ASN ZB 57 -10.60 91.94 41.35
CA ASN ZB 57 -9.42 92.77 41.24
C ASN ZB 57 -9.65 93.93 40.29
N SER ZB 58 -8.61 94.71 40.04
CA SER ZB 58 -8.64 95.67 38.94
C SER ZB 58 -8.70 94.92 37.63
N ASN ZB 59 -9.36 95.54 36.65
CA ASN ZB 59 -9.86 94.97 35.40
C ASN ZB 59 -11.00 93.98 35.62
N ASN ZB 60 -11.52 93.89 36.85
CA ASN ZB 60 -12.78 93.20 37.16
C ASN ZB 60 -12.77 91.73 36.75
N THR ZB 61 -11.76 91.01 37.22
CA THR ZB 61 -11.70 89.57 37.03
C THR ZB 61 -11.80 88.90 38.39
N VAL ZB 62 -12.79 88.03 38.55
CA VAL ZB 62 -13.00 87.38 39.83
C VAL ZB 62 -11.88 86.37 40.07
N ILE ZB 63 -11.27 86.44 41.24
CA ILE ZB 63 -10.24 85.47 41.61
C ILE ZB 63 -10.72 84.73 42.84
N PRO ZB 64 -10.42 83.45 42.97
CA PRO ZB 64 -10.91 82.67 44.10
C PRO ZB 64 -10.10 82.93 45.35
N GLN ZB 65 -10.45 82.21 46.41
CA GLN ZB 65 -9.67 82.28 47.64
C GLN ZB 65 -8.32 81.59 47.47
N SER ZB 66 -8.26 80.59 46.60
CA SER ZB 66 -7.04 79.80 46.46
C SER ZB 66 -5.89 80.60 45.89
N HIS ZB 67 -6.18 81.66 45.14
CA HIS ZB 67 -5.13 82.50 44.59
C HIS ZB 67 -4.41 83.33 45.64
N LEU ZB 68 -4.93 83.35 46.86
CA LEU ZB 68 -4.40 84.17 47.93
C LEU ZB 68 -3.31 83.47 48.72
N LYS ZB 69 -2.92 82.27 48.32
CA LYS ZB 69 -2.05 81.46 49.16
C LYS ZB 69 -0.64 82.01 49.20
N GLY ZB 70 0.01 81.85 50.34
CA GLY ZB 70 1.40 82.24 50.49
C GLY ZB 70 1.64 83.73 50.52
N LYS ZB 71 0.60 84.52 50.76
CA LYS ZB 71 0.68 85.97 50.65
C LYS ZB 71 0.01 86.63 51.85
N SER ZB 72 0.66 87.65 52.37
CA SER ZB 72 0.11 88.43 53.48
C SER ZB 72 -1.05 89.25 52.97
N VAL ZB 73 -2.27 88.84 53.29
CA VAL ZB 73 -3.46 89.55 52.83
C VAL ZB 73 -4.00 90.41 53.97
N ALA ZB 74 -4.38 91.63 53.64
CA ALA ZB 74 -4.82 92.60 54.64
C ALA ZB 74 -6.09 93.28 54.16
N LEU ZB 75 -7.07 93.36 55.04
CA LEU ZB 75 -8.27 94.12 54.76
C LEU ZB 75 -8.01 95.60 54.99
N TYR ZB 76 -8.60 96.43 54.14
CA TYR ZB 76 -8.46 97.88 54.19
C TYR ZB 76 -9.87 98.43 54.27
N PHE ZB 77 -10.31 98.73 55.49
CA PHE ZB 77 -11.63 99.32 55.68
C PHE ZB 77 -11.51 100.82 55.46
N ALA ZB 78 -12.25 101.33 54.48
CA ALA ZB 78 -12.03 102.69 54.04
C ALA ZB 78 -13.32 103.30 53.53
N ASP ZB 79 -13.35 104.64 53.54
CA ASP ZB 79 -14.48 105.43 53.11
C ASP ZB 79 -14.01 106.52 52.16
N GLY ZB 80 -14.77 106.76 51.09
CA GLY ZB 80 -14.30 107.66 50.06
C GLY ZB 80 -14.24 109.11 50.49
N ALA ZB 81 -15.21 109.55 51.28
CA ALA ZB 81 -15.29 110.95 51.67
C ALA ZB 81 -14.49 111.26 52.92
N ASP ZB 82 -13.87 110.27 53.53
CA ASP ZB 82 -13.12 110.49 54.76
C ASP ZB 82 -11.83 111.25 54.46
N PRO ZB 83 -11.62 112.42 55.06
CA PRO ZB 83 -10.33 113.10 54.87
C PRO ZB 83 -9.14 112.28 55.34
N LYS ZB 84 -9.33 111.51 56.42
CA LYS ZB 84 -8.25 110.68 56.91
C LYS ZB 84 -7.94 109.56 55.94
N CYS ZB 85 -8.96 108.97 55.31
CA CYS ZB 85 -8.73 107.96 54.30
C CYS ZB 85 -8.01 108.53 53.08
N ALA ZB 86 -8.43 109.71 52.65
CA ALA ZB 86 -7.78 110.35 51.51
C ALA ZB 86 -6.33 110.71 51.81
N SER ZB 87 -6.02 111.02 53.06
CA SER ZB 87 -4.63 111.25 53.42
C SER ZB 87 -3.84 109.96 53.58
N LEU ZB 88 -4.51 108.87 53.98
CA LEU ZB 88 -3.83 107.60 54.17
C LEU ZB 88 -3.43 106.95 52.86
N LEU ZB 89 -4.30 107.03 51.86
CA LEU ZB 89 -4.13 106.24 50.63
C LEU ZB 89 -2.78 106.33 49.92
N PRO ZB 90 -2.14 107.51 49.74
CA PRO ZB 90 -0.89 107.52 48.98
C PRO ZB 90 0.25 106.76 49.63
N PHE ZB 91 0.35 106.79 50.96
CA PHE ZB 91 1.41 106.05 51.63
C PHE ZB 91 1.17 104.55 51.51
N LEU ZB 92 -0.09 104.13 51.53
CA LEU ZB 92 -0.41 102.73 51.32
C LEU ZB 92 -0.08 102.30 49.89
N LEU ZB 93 -0.32 103.19 48.92
CA LEU ZB 93 0.06 102.90 47.55
C LEU ZB 93 1.56 102.72 47.42
N ASN ZB 94 2.33 103.63 48.03
CA ASN ZB 94 3.78 103.56 47.94
C ASN ZB 94 4.32 102.31 48.63
N TYR ZB 95 3.78 101.98 49.80
CA TYR ZB 95 4.17 100.78 50.51
C TYR ZB 95 3.88 99.53 49.69
N TYR ZB 96 2.68 99.46 49.11
CA TYR ZB 96 2.29 98.29 48.33
C TYR ZB 96 3.20 98.11 47.14
N ARG ZB 97 3.37 99.17 46.34
CA ARG ZB 97 4.16 99.06 45.13
C ARG ZB 97 5.60 98.71 45.46
N THR ZB 98 6.15 99.30 46.53
CA THR ZB 98 7.57 99.13 46.76
C THR ZB 98 7.88 97.75 47.31
N MET ZB 99 7.09 97.24 48.26
CA MET ZB 99 7.37 95.90 48.75
C MET ZB 99 7.11 94.85 47.69
N ASN ZB 100 6.01 94.92 46.96
CA ASN ZB 100 5.83 93.79 46.05
C ASN ZB 100 6.56 93.98 44.73
N GLU ZB 101 7.23 95.12 44.53
CA GLU ZB 101 8.09 95.31 43.37
C GLU ZB 101 9.52 94.89 43.65
N GLY ZB 102 10.08 95.31 44.77
CA GLY ZB 102 11.44 94.94 45.04
C GLY ZB 102 11.57 93.56 45.62
N GLY ZB 103 11.41 92.52 44.82
CA GLY ZB 103 11.51 91.19 45.36
C GLY ZB 103 11.27 90.15 44.28
N ALA ZB 104 11.28 88.89 44.73
CA ALA ZB 104 11.17 87.78 43.82
C ALA ZB 104 9.74 87.33 43.57
N ASN ZB 105 8.82 87.62 44.48
CA ASN ZB 105 7.42 87.24 44.33
C ASN ZB 105 6.55 88.29 45.01
N GLN ZB 106 5.25 88.03 45.07
CA GLN ZB 106 4.31 88.97 45.63
C GLN ZB 106 4.11 88.67 47.12
N LYS ZB 107 4.40 89.66 47.96
CA LYS ZB 107 4.33 89.48 49.40
C LYS ZB 107 2.99 89.92 49.96
N ILE ZB 108 2.68 91.20 49.82
CA ILE ZB 108 1.50 91.76 50.43
C ILE ZB 108 0.41 91.94 49.39
N GLU ZB 109 -0.83 91.79 49.84
CA GLU ZB 109 -1.99 91.95 48.98
C GLU ZB 109 -3.13 92.49 49.82
N ILE ZB 110 -3.75 93.56 49.34
CA ILE ZB 110 -4.71 94.31 50.13
C ILE ZB 110 -6.07 94.18 49.46
N ILE ZB 111 -7.03 93.69 50.21
CA ILE ZB 111 -8.42 93.70 49.81
C ILE ZB 111 -9.07 94.93 50.41
N PHE ZB 112 -9.96 95.56 49.66
CA PHE ZB 112 -10.55 96.85 50.02
C PHE ZB 112 -12.02 96.66 50.33
N VAL ZB 113 -12.43 97.09 51.52
CA VAL ZB 113 -13.82 97.02 51.96
C VAL ZB 113 -14.30 98.45 52.17
N SER ZB 114 -15.35 98.81 51.45
CA SER ZB 114 -15.79 100.19 51.35
C SER ZB 114 -16.98 100.43 52.25
N LEU ZB 115 -16.97 101.55 52.94
CA LEU ZB 115 -18.10 101.99 53.74
C LEU ZB 115 -18.61 103.33 53.25
N ASP ZB 116 -18.62 103.50 51.92
CA ASP ZB 116 -19.08 104.74 51.32
C ASP ZB 116 -20.61 104.73 51.25
N ARG ZB 117 -21.18 105.68 50.52
CA ARG ZB 117 -22.62 105.88 50.55
C ARG ZB 117 -23.32 105.45 49.27
N ASP ZB 118 -22.61 105.23 48.17
CA ASP ZB 118 -23.29 104.93 46.92
C ASP ZB 118 -22.37 104.13 46.02
N ARG ZB 119 -22.98 103.49 45.02
CA ARG ZB 119 -22.22 102.70 44.04
C ARG ZB 119 -21.29 103.57 43.23
N GLU ZB 120 -21.74 104.76 42.83
CA GLU ZB 120 -20.90 105.65 42.03
C GLU ZB 120 -19.69 106.12 42.83
N ALA ZB 121 -19.90 106.49 44.09
CA ALA ZB 121 -18.78 106.91 44.93
C ALA ZB 121 -17.83 105.75 45.20
N PHE ZB 122 -18.37 104.54 45.35
CA PHE ZB 122 -17.52 103.37 45.53
C PHE ZB 122 -16.67 103.11 44.29
N GLU ZB 123 -17.26 103.21 43.11
CA GLU ZB 123 -16.49 102.98 41.88
C GLU ZB 123 -15.45 104.07 41.67
N SER ZB 124 -15.79 105.31 42.00
CA SER ZB 124 -14.83 106.39 41.89
C SER ZB 124 -13.66 106.20 42.84
N HIS ZB 125 -13.92 105.72 44.05
CA HIS ZB 125 -12.82 105.48 44.98
C HIS ZB 125 -12.06 104.21 44.64
N ARG ZB 126 -12.67 103.29 43.91
CA ARG ZB 126 -11.97 102.10 43.44
C ARG ZB 126 -11.07 102.35 42.24
N ALA ZB 127 -11.42 103.31 41.39
CA ALA ZB 127 -10.58 103.61 40.24
C ALA ZB 127 -9.20 104.12 40.66
N HIS ZB 128 -9.11 104.74 41.84
CA HIS ZB 128 -7.84 105.18 42.38
C HIS ZB 128 -6.97 104.03 42.88
N MET ZB 129 -7.50 102.82 42.94
CA MET ZB 129 -6.95 101.76 43.75
C MET ZB 129 -6.57 100.56 42.92
N PRO ZB 130 -5.36 100.05 43.02
CA PRO ZB 130 -4.94 98.95 42.13
C PRO ZB 130 -5.24 97.56 42.66
N TRP ZB 131 -5.40 97.42 43.98
CA TRP ZB 131 -5.44 96.10 44.59
C TRP ZB 131 -6.87 95.59 44.69
N LEU ZB 132 -7.06 94.50 45.42
CA LEU ZB 132 -8.30 93.74 45.41
C LEU ZB 132 -9.42 94.49 46.11
N SER ZB 133 -10.65 94.12 45.79
CA SER ZB 133 -11.77 94.80 46.41
C SER ZB 133 -12.95 93.86 46.55
N ILE ZB 134 -13.84 94.20 47.47
CA ILE ZB 134 -15.09 93.49 47.66
C ILE ZB 134 -16.22 94.43 47.31
N ASP ZB 135 -17.16 93.95 46.49
CA ASP ZB 135 -18.22 94.79 45.97
C ASP ZB 135 -19.12 95.26 47.11
N LEU ZB 136 -19.71 96.45 46.93
CA LEU ZB 136 -20.37 97.16 48.03
C LEU ZB 136 -21.60 96.41 48.52
N GLU ZB 137 -22.60 96.24 47.66
CA GLU ZB 137 -23.85 95.65 48.08
C GLU ZB 137 -23.77 94.14 48.26
N ASN ZB 138 -22.62 93.54 48.08
CA ASN ZB 138 -22.40 92.18 48.54
C ASN ZB 138 -22.60 92.15 50.04
N PRO ZB 139 -23.36 91.19 50.58
CA PRO ZB 139 -23.58 91.16 52.03
C PRO ZB 139 -22.32 90.93 52.84
N LEU ZB 140 -21.26 90.42 52.20
CA LEU ZB 140 -20.02 90.15 52.90
C LEU ZB 140 -19.34 91.42 53.40
N THR ZB 141 -19.60 92.58 52.78
CA THR ZB 141 -19.04 93.82 53.33
C THR ZB 141 -19.63 94.15 54.68
N GLU ZB 142 -20.96 94.09 54.80
CA GLU ZB 142 -21.60 94.30 56.09
C GLU ZB 142 -21.19 93.23 57.09
N ILE ZB 143 -21.04 92.00 56.61
CA ILE ZB 143 -20.70 90.89 57.49
C ILE ZB 143 -19.29 91.05 58.04
N LEU ZB 144 -18.33 91.45 57.21
CA LEU ZB 144 -16.96 91.64 57.69
C LEU ZB 144 -16.82 92.91 58.52
N LYS ZB 145 -17.61 93.95 58.22
CA LYS ZB 145 -17.71 95.09 59.10
C LYS ZB 145 -18.13 94.67 60.50
N ARG ZB 146 -19.17 93.83 60.58
CA ARG ZB 146 -19.62 93.30 61.86
C ARG ZB 146 -18.56 92.45 62.52
N HIS ZB 147 -17.87 91.61 61.73
CA HIS ZB 147 -16.95 90.65 62.31
C HIS ZB 147 -15.74 91.35 62.93
N PHE ZB 148 -15.21 92.35 62.25
CA PHE ZB 148 -14.01 93.00 62.73
C PHE ZB 148 -14.29 94.28 63.51
N ARG ZB 149 -15.55 94.64 63.71
CA ARG ZB 149 -15.96 95.73 64.60
C ARG ZB 149 -15.40 97.06 64.15
N VAL ZB 150 -15.69 97.42 62.91
CA VAL ZB 150 -15.37 98.73 62.36
C VAL ZB 150 -16.69 99.50 62.28
N MET ZB 151 -16.72 100.71 62.83
CA MET ZB 151 -17.93 101.49 62.74
C MET ZB 151 -17.60 102.97 62.84
N LYS ZB 152 -18.13 103.76 61.92
CA LYS ZB 152 -17.95 105.20 62.00
C LYS ZB 152 -18.96 105.83 62.94
N GLU ZB 153 -20.16 105.25 63.05
CA GLU ZB 153 -21.22 105.78 63.90
C GLU ZB 153 -22.14 104.62 64.27
N TYR ZB 154 -22.82 104.77 65.40
CA TYR ZB 154 -23.71 103.72 65.90
C TYR ZB 154 -24.99 103.69 65.05
N GLU ZB 155 -24.83 103.18 63.83
CA GLU ZB 155 -25.94 102.87 62.97
C GLU ZB 155 -26.13 101.37 62.83
N VAL ZB 156 -25.35 100.59 63.57
CA VAL ZB 156 -25.31 99.14 63.45
C VAL ZB 156 -25.56 98.54 64.83
N PRO ZB 157 -26.51 97.61 64.97
CA PRO ZB 157 -26.77 97.02 66.29
C PRO ZB 157 -25.57 96.23 66.79
N THR ZB 158 -25.33 96.33 68.09
CA THR ZB 158 -24.15 95.75 68.72
C THR ZB 158 -24.53 94.82 69.85
N TYR ZB 159 -23.83 93.69 69.93
CA TYR ZB 159 -24.06 92.71 70.99
C TYR ZB 159 -23.00 92.83 72.07
N GLY ZB 160 -22.96 94.00 72.72
CA GLY ZB 160 -21.94 94.21 73.73
C GLY ZB 160 -20.55 94.34 73.18
N TYR ZB 161 -20.41 94.62 71.89
CA TYR ZB 161 -19.11 94.87 71.30
C TYR ZB 161 -18.48 96.11 71.90
N GLY ZB 162 -17.21 96.28 71.60
CA GLY ZB 162 -16.58 97.57 71.66
C GLY ZB 162 -16.33 98.05 70.25
N SER ZB 163 -16.36 99.36 70.05
CA SER ZB 163 -15.93 99.91 68.77
C SER ZB 163 -14.42 99.72 68.70
N ARG ZB 164 -13.98 98.73 67.93
CA ARG ZB 164 -12.56 98.42 67.85
C ARG ZB 164 -11.80 99.54 67.15
N THR ZB 165 -12.30 99.96 65.99
CA THR ZB 165 -11.66 101.04 65.26
C THR ZB 165 -12.65 101.67 64.31
N GLY ZB 166 -12.31 102.87 63.85
CA GLY ZB 166 -13.05 103.55 62.82
C GLY ZB 166 -12.26 103.58 61.54
N VAL ZB 167 -12.90 104.05 60.49
CA VAL ZB 167 -12.23 104.09 59.18
C VAL ZB 167 -11.22 105.23 59.19
N PRO ZB 168 -10.07 105.09 58.51
CA PRO ZB 168 -9.58 103.91 57.81
C PRO ZB 168 -8.83 102.98 58.74
N SER ZB 169 -8.77 101.70 58.40
CA SER ZB 169 -8.03 100.76 59.23
C SER ZB 169 -7.63 99.54 58.42
N VAL ZB 170 -6.39 99.09 58.58
CA VAL ZB 170 -5.90 97.90 57.91
C VAL ZB 170 -5.74 96.80 58.95
N ILE ZB 171 -6.20 95.60 58.59
CA ILE ZB 171 -6.23 94.45 59.48
C ILE ZB 171 -5.66 93.28 58.69
N VAL ZB 172 -4.48 92.81 59.06
CA VAL ZB 172 -3.98 91.61 58.42
C VAL ZB 172 -4.71 90.42 58.99
N ILE ZB 173 -5.13 89.50 58.12
CA ILE ZB 173 -6.02 88.44 58.54
C ILE ZB 173 -5.34 87.09 58.40
N GLY ZB 174 -6.03 86.03 58.82
CA GLY ZB 174 -5.57 84.67 58.65
C GLY ZB 174 -6.46 83.90 57.69
N SER ZB 175 -6.22 82.59 57.66
CA SER ZB 175 -6.98 81.74 56.75
C SER ZB 175 -8.41 81.51 57.20
N ASP ZB 176 -8.71 81.72 58.47
CA ASP ZB 176 -10.00 81.42 59.05
C ASP ZB 176 -10.72 82.65 59.58
N GLY ZB 177 -10.38 83.83 59.07
CA GLY ZB 177 -11.04 85.04 59.50
C GLY ZB 177 -10.57 85.60 60.81
N ARG ZB 178 -9.45 85.13 61.34
CA ARG ZB 178 -8.92 85.70 62.57
C ARG ZB 178 -8.20 87.01 62.27
N GLU ZB 179 -7.77 87.68 63.33
CA GLU ZB 179 -7.13 88.98 63.24
C GLU ZB 179 -5.67 88.80 63.65
N ALA ZB 180 -4.76 88.94 62.69
CA ALA ZB 180 -3.37 88.60 62.96
C ALA ZB 180 -2.69 89.68 63.79
N GLN ZB 181 -2.57 90.89 63.26
CA GLN ZB 181 -2.13 92.00 64.09
C GLN ZB 181 -2.77 93.29 63.60
N PHE ZB 182 -3.29 94.07 64.54
CA PHE ZB 182 -3.79 95.39 64.21
C PHE ZB 182 -2.62 96.27 63.81
N LEU ZB 183 -2.78 97.01 62.70
CA LEU ZB 183 -1.81 98.04 62.36
C LEU ZB 183 -2.33 99.35 62.89
N PRO ZB 184 -1.71 99.93 63.89
CA PRO ZB 184 -2.31 101.07 64.57
C PRO ZB 184 -2.29 102.36 63.78
N ILE ZB 185 -3.24 102.52 62.84
CA ILE ZB 185 -3.38 103.79 62.14
C ILE ZB 185 -3.99 104.83 63.08
N CYS ZB 186 -5.22 104.59 63.52
CA CYS ZB 186 -5.89 105.42 64.53
C CYS ZB 186 -6.54 104.45 65.52
N SER ZB 187 -5.80 104.14 66.57
CA SER ZB 187 -6.17 103.13 67.55
C SER ZB 187 -5.55 103.55 68.87
N GLY ZB 188 -5.37 102.57 69.77
CA GLY ZB 188 -4.69 102.84 71.03
C GLY ZB 188 -3.31 103.45 70.88
N LEU ZB 189 -2.61 103.13 69.79
CA LEU ZB 189 -1.35 103.82 69.51
C LEU ZB 189 -1.53 105.02 68.59
N GLU ZB 190 -2.52 104.96 67.70
CA GLU ZB 190 -2.86 106.00 66.71
C GLU ZB 190 -1.61 106.62 66.05
N GLU ZB 191 -0.94 105.77 65.27
CA GLU ZB 191 0.27 106.13 64.54
C GLU ZB 191 -0.08 106.15 63.06
N GLY ZB 192 -0.53 107.30 62.58
CA GLY ZB 192 -0.92 107.40 61.18
C GLY ZB 192 0.28 107.37 60.26
N ASP ZB 193 0.11 106.71 59.12
CA ASP ZB 193 1.01 106.76 57.97
C ASP ZB 193 2.42 106.23 58.24
N ARG ZB 194 2.65 105.68 59.41
CA ARG ZB 194 3.99 105.22 59.78
C ARG ZB 194 3.87 103.84 60.40
N ALA ZB 195 2.68 103.50 60.89
CA ALA ZB 195 2.44 102.16 61.41
C ALA ZB 195 2.28 101.12 60.32
N LEU ZB 196 2.42 101.49 59.05
CA LEU ZB 196 2.50 100.50 58.00
C LEU ZB 196 3.79 99.70 58.08
N LEU ZB 197 4.83 100.23 58.74
CA LEU ZB 197 6.08 99.52 58.92
C LEU ZB 197 6.00 98.39 59.94
N ARG ZB 198 4.90 98.30 60.70
CA ARG ZB 198 4.71 97.24 61.68
C ARG ZB 198 4.08 95.99 61.09
N TRP ZB 199 4.13 95.82 59.78
CA TRP ZB 199 3.59 94.64 59.13
C TRP ZB 199 4.57 93.49 59.26
N ASP ZB 200 4.08 92.28 59.52
CA ASP ZB 200 4.92 91.12 59.72
C ASP ZB 200 4.50 90.11 58.66
N TRP ZB 201 5.16 90.15 57.51
CA TRP ZB 201 4.71 89.36 56.37
C TRP ZB 201 5.36 87.99 56.24
N ARG ZB 202 6.31 87.60 57.08
CA ARG ZB 202 6.54 86.16 57.10
C ARG ZB 202 5.50 85.44 57.94
N ASN ZB 203 5.14 86.00 59.07
CA ASN ZB 203 4.32 85.28 60.02
C ASN ZB 203 2.84 85.60 59.86
N THR ZB 204 2.48 86.48 58.95
CA THR ZB 204 1.10 86.57 58.50
C THR ZB 204 1.08 86.14 57.03
N LYS ZB 205 0.77 84.89 56.78
CA LYS ZB 205 0.60 84.38 55.43
C LYS ZB 205 -0.70 83.59 55.34
N PHE ZB 206 -1.46 83.83 54.29
CA PHE ZB 206 -2.78 83.24 54.12
C PHE ZB 206 -2.61 81.79 53.72
N ALA ZB 207 -2.37 80.95 54.73
CA ALA ZB 207 -2.20 79.53 54.48
C ALA ZB 207 -3.55 78.83 54.39
N SER AC 2 61.48 31.77 29.25
CA SER AC 2 61.83 32.90 30.09
C SER AC 2 62.95 33.76 29.52
N GLN AC 3 62.98 33.87 28.19
CA GLN AC 3 63.91 34.74 27.50
C GLN AC 3 63.13 35.40 26.38
N PRO AC 4 63.20 36.72 26.21
CA PRO AC 4 63.99 37.68 26.97
C PRO AC 4 63.31 38.11 28.26
N VAL AC 5 62.00 37.90 28.34
CA VAL AC 5 61.22 38.31 29.49
C VAL AC 5 60.42 37.12 29.99
N PHE AC 6 60.06 37.16 31.26
CA PHE AC 6 59.22 36.10 31.81
C PHE AC 6 57.81 36.23 31.30
N ALA AC 7 57.26 37.44 31.33
CA ALA AC 7 55.85 37.66 31.08
C ALA AC 7 55.61 38.03 29.61
N SER AC 8 55.75 37.02 28.77
CA SER AC 8 55.43 37.16 27.36
C SER AC 8 54.50 36.02 26.97
N PRO AC 9 53.63 36.25 25.99
CA PRO AC 9 52.66 35.20 25.63
C PRO AC 9 53.28 33.94 25.03
N LEU AC 10 54.35 34.04 24.24
CA LEU AC 10 55.04 32.83 23.82
C LEU AC 10 55.56 32.05 25.02
N ASN AC 11 56.14 32.75 25.98
CA ASN AC 11 56.70 32.06 27.13
C ASN AC 11 55.61 31.38 27.95
N VAL AC 12 54.48 32.05 28.19
CA VAL AC 12 53.47 31.44 29.04
C VAL AC 12 52.84 30.24 28.34
N GLU AC 13 52.65 30.32 27.02
CA GLU AC 13 52.08 29.18 26.31
C GLU AC 13 53.08 28.02 26.20
N LYS AC 14 54.36 28.36 26.06
CA LYS AC 14 55.40 27.33 26.02
C LYS AC 14 55.49 26.58 27.33
N ARG AC 15 55.49 27.32 28.44
CA ARG AC 15 55.57 26.66 29.73
C ARG AC 15 54.30 25.88 30.04
N ARG AC 16 53.16 26.34 29.54
CA ARG AC 16 51.93 25.56 29.69
C ARG AC 16 52.05 24.21 29.00
N LEU AC 17 52.47 24.20 27.73
CA LEU AC 17 52.60 22.94 26.99
C LEU AC 17 53.65 22.04 27.62
N ASN AC 18 54.76 22.60 28.05
CA ASN AC 18 55.84 21.74 28.49
C ASN AC 18 55.61 21.22 29.89
N GLU AC 19 54.90 21.97 30.73
CA GLU AC 19 54.44 21.41 31.99
C GLU AC 19 53.42 20.32 31.77
N GLU AC 20 52.57 20.46 30.75
CA GLU AC 20 51.63 19.39 30.40
C GLU AC 20 52.36 18.11 30.04
N ARG AC 21 53.36 18.23 29.17
CA ARG AC 21 54.09 17.04 28.74
C ARG AC 21 54.89 16.43 29.88
N ALA AC 22 55.46 17.27 30.74
CA ALA AC 22 56.20 16.77 31.89
C ALA AC 22 55.30 16.01 32.85
N LEU AC 23 54.08 16.51 33.05
CA LEU AC 23 53.14 15.81 33.93
C LEU AC 23 52.71 14.49 33.35
N MET AC 24 52.46 14.44 32.03
CA MET AC 24 52.09 13.19 31.40
C MET AC 24 53.21 12.15 31.51
N GLN AC 25 54.45 12.59 31.29
CA GLN AC 25 55.58 11.68 31.42
C GLN AC 25 55.77 11.23 32.85
N ALA AC 26 55.52 12.12 33.81
CA ALA AC 26 55.65 11.75 35.22
C ALA AC 26 54.61 10.70 35.60
N GLN AC 27 53.39 10.83 35.10
CA GLN AC 27 52.39 9.80 35.38
C GLN AC 27 52.76 8.47 34.72
N LYS AC 28 53.26 8.52 33.49
CA LYS AC 28 53.61 7.29 32.79
C LYS AC 28 54.77 6.56 33.47
N ALA AC 29 55.78 7.30 33.90
CA ALA AC 29 56.95 6.69 34.53
C ALA AC 29 56.63 6.26 35.96
N ASN AC 35 60.40 10.54 39.66
CA ASN AC 35 61.84 10.72 39.71
C ASN AC 35 62.29 11.73 38.66
N ILE AC 36 61.36 12.59 38.26
CA ILE AC 36 61.58 13.55 37.20
C ILE AC 36 61.32 14.95 37.73
N GLN AC 37 62.04 15.92 37.17
CA GLN AC 37 61.96 17.28 37.67
C GLN AC 37 60.65 17.96 37.25
N LEU AC 38 59.92 18.48 38.23
CA LEU AC 38 58.79 19.36 37.99
C LEU AC 38 58.93 20.61 38.86
N PRO AC 39 58.68 21.80 38.32
CA PRO AC 39 58.39 22.11 36.92
C PRO AC 39 59.67 22.05 36.10
N PRO AC 40 59.56 21.78 34.80
CA PRO AC 40 60.75 21.49 34.02
C PRO AC 40 61.67 22.70 33.87
N ASN AC 41 62.93 22.41 33.57
CA ASN AC 41 63.91 23.45 33.37
C ASN AC 41 63.67 24.20 32.07
N TYR AC 42 64.03 25.48 32.08
CA TYR AC 42 63.81 26.34 30.93
C TYR AC 42 64.59 25.88 29.70
N GLY AC 43 65.84 25.47 29.92
CA GLY AC 43 66.65 24.99 28.80
C GLY AC 43 66.09 23.73 28.18
N ASP AC 44 65.56 22.84 29.02
CA ASP AC 44 64.95 21.62 28.51
C ASP AC 44 63.57 21.87 27.92
N MET AC 45 62.97 23.02 28.16
CA MET AC 45 61.71 23.32 27.48
C MET AC 45 61.91 23.46 25.98
N ASP AC 46 60.88 23.06 25.22
CA ASP AC 46 60.93 23.08 23.77
C ASP AC 46 59.65 23.71 23.22
N LEU AC 47 59.79 24.44 22.12
CA LEU AC 47 58.66 25.11 21.48
C LEU AC 47 59.01 25.44 20.05
N ILE AC 48 58.21 24.94 19.11
CA ILE AC 48 58.31 25.44 17.76
C ILE AC 48 57.80 26.88 17.75
N LEU AC 49 58.60 27.78 17.20
CA LEU AC 49 58.25 29.19 17.35
C LEU AC 49 57.23 29.55 16.29
N PHE AC 50 57.61 29.43 15.05
CA PHE AC 50 56.68 29.70 13.96
C PHE AC 50 55.83 28.47 13.70
N PRO AC 51 54.52 28.58 13.67
CA PRO AC 51 53.67 27.43 13.36
C PRO AC 51 53.78 27.00 11.91
N GLU AC 52 52.97 26.01 11.54
CA GLU AC 52 53.07 25.45 10.20
C GLU AC 52 52.67 26.45 9.14
N GLY AC 53 51.77 27.37 9.45
CA GLY AC 53 51.25 28.22 8.41
C GLY AC 53 51.62 29.68 8.47
N SER AC 54 52.69 30.02 9.18
CA SER AC 54 52.94 31.44 9.41
C SER AC 54 53.86 32.05 8.35
N LEU AC 55 55.04 31.48 8.15
CA LEU AC 55 56.04 32.10 7.30
C LEU AC 55 55.68 31.93 5.84
N LYS AC 56 55.58 33.05 5.12
CA LYS AC 56 55.31 33.04 3.69
C LYS AC 56 56.32 33.94 2.99
N ASN AC 57 56.95 33.43 1.94
CA ASN AC 57 57.95 34.17 1.20
C ASN AC 57 57.34 35.13 0.19
N SER AC 58 58.16 35.61 -0.74
CA SER AC 58 57.74 36.60 -1.72
C SER AC 58 56.63 36.08 -2.63
N ASN AC 59 56.66 34.78 -2.93
CA ASN AC 59 55.68 34.15 -3.80
C ASN AC 59 54.46 33.66 -3.04
N ASN AC 60 54.21 34.22 -1.85
CA ASN AC 60 53.22 33.92 -0.83
C ASN AC 60 52.89 32.44 -0.71
N THR AC 61 53.91 31.58 -0.76
CA THR AC 61 53.75 30.17 -0.50
C THR AC 61 54.38 29.85 0.85
N VAL AC 62 53.69 29.06 1.67
CA VAL AC 62 54.09 28.90 3.05
C VAL AC 62 55.29 27.98 3.14
N ILE AC 63 56.26 28.35 3.97
CA ILE AC 63 57.41 27.47 4.20
C ILE AC 63 57.46 27.11 5.67
N PRO AC 64 57.91 25.93 6.02
CA PRO AC 64 57.98 25.51 7.42
C PRO AC 64 59.17 26.13 8.13
N GLN AC 65 59.30 25.78 9.41
CA GLN AC 65 60.38 26.31 10.21
C GLN AC 65 61.70 25.65 9.88
N SER AC 66 61.68 24.37 9.51
CA SER AC 66 62.91 23.64 9.29
C SER AC 66 63.63 24.06 8.03
N HIS AC 67 62.96 24.81 7.16
CA HIS AC 67 63.63 25.42 6.01
C HIS AC 67 64.66 26.46 6.44
N LEU AC 68 64.46 27.05 7.61
CA LEU AC 68 65.28 28.16 8.05
C LEU AC 68 66.51 27.72 8.82
N LYS AC 69 66.77 26.42 8.90
CA LYS AC 69 67.87 25.94 9.72
C LYS AC 69 69.19 26.22 9.02
N GLY AC 70 70.13 26.78 9.77
CA GLY AC 70 71.43 27.09 9.24
C GLY AC 70 71.60 28.49 8.72
N LYS AC 71 70.65 29.38 8.95
CA LYS AC 71 70.75 30.74 8.50
C LYS AC 71 70.50 31.67 9.67
N SER AC 72 71.08 32.86 9.61
CA SER AC 72 70.88 33.84 10.66
C SER AC 72 69.60 34.61 10.37
N VAL AC 73 68.56 34.36 11.15
CA VAL AC 73 67.26 34.95 10.89
C VAL AC 73 67.00 36.08 11.87
N ALA AC 74 66.52 37.19 11.35
CA ALA AC 74 66.26 38.38 12.15
C ALA AC 74 64.85 38.88 11.88
N LEU AC 75 64.20 39.33 12.94
CA LEU AC 75 62.86 39.86 12.87
C LEU AC 75 62.91 41.35 12.61
N TYR AC 76 62.12 41.81 11.64
CA TYR AC 76 62.08 43.19 11.20
C TYR AC 76 60.71 43.74 11.57
N PHE AC 77 60.62 44.40 12.72
CA PHE AC 77 59.41 45.08 13.12
C PHE AC 77 59.35 46.41 12.40
N ALA AC 78 58.33 46.60 11.57
CA ALA AC 78 58.29 47.80 10.75
C ALA AC 78 56.86 48.24 10.51
N ASP AC 79 56.74 49.51 10.16
CA ASP AC 79 55.46 50.11 9.82
C ASP AC 79 55.64 50.88 8.51
N GLY AC 80 54.57 50.91 7.72
CA GLY AC 80 54.69 51.49 6.39
C GLY AC 80 54.85 53.00 6.42
N ALA AC 81 53.97 53.68 7.14
CA ALA AC 81 53.91 55.13 7.07
C ALA AC 81 55.00 55.81 7.88
N ASP AC 82 55.77 55.07 8.63
CA ASP AC 82 56.74 55.70 9.51
C ASP AC 82 57.95 56.14 8.71
N PRO AC 83 58.34 57.41 8.80
CA PRO AC 83 59.49 57.89 8.03
C PRO AC 83 60.79 57.22 8.37
N LYS AC 84 60.97 56.79 9.62
CA LYS AC 84 62.19 56.07 9.97
C LYS AC 84 62.26 54.73 9.25
N CYS AC 85 61.16 54.00 9.16
CA CYS AC 85 61.17 52.73 8.45
C CYS AC 85 61.37 52.95 6.96
N ALA AC 86 60.76 54.00 6.42
CA ALA AC 86 60.96 54.31 5.02
C ALA AC 86 62.41 54.68 4.72
N SER AC 87 63.10 55.31 5.67
CA SER AC 87 64.51 55.61 5.48
C SER AC 87 65.42 54.44 5.83
N LEU AC 88 64.93 53.43 6.53
CA LEU AC 88 65.78 52.29 6.85
C LEU AC 88 65.75 51.22 5.78
N LEU AC 89 64.58 51.00 5.18
CA LEU AC 89 64.39 49.88 4.25
C LEU AC 89 65.39 49.76 3.10
N PRO AC 90 65.84 50.83 2.42
CA PRO AC 90 66.81 50.62 1.33
C PRO AC 90 68.12 50.01 1.78
N PHE AC 91 68.61 50.40 2.95
CA PHE AC 91 69.87 49.86 3.43
C PHE AC 91 69.73 48.40 3.81
N LEU AC 92 68.57 48.01 4.34
CA LEU AC 92 68.32 46.62 4.66
C LEU AC 92 68.20 45.77 3.40
N LEU AC 93 67.55 46.30 2.36
CA LEU AC 93 67.51 45.61 1.07
C LEU AC 93 68.91 45.41 0.50
N ASN AC 94 69.74 46.45 0.58
CA ASN AC 94 71.09 46.37 0.04
C ASN AC 94 71.93 45.37 0.80
N TYR AC 95 71.76 45.32 2.12
CA TYR AC 95 72.56 44.42 2.93
C TYR AC 95 72.15 42.97 2.68
N TYR AC 96 70.84 42.74 2.52
CA TYR AC 96 70.35 41.42 2.15
C TYR AC 96 70.91 40.98 0.82
N ARG AC 97 70.87 41.87 -0.18
CA ARG AC 97 71.47 41.65 -1.48
C ARG AC 97 72.93 41.24 -1.37
N THR AC 98 73.70 42.00 -0.60
CA THR AC 98 75.14 41.77 -0.55
C THR AC 98 75.48 40.42 0.06
N MET AC 99 74.96 40.10 1.24
CA MET AC 99 75.41 38.83 1.80
C MET AC 99 74.57 37.65 1.42
N ASN AC 100 73.61 37.81 0.53
CA ASN AC 100 73.09 36.61 -0.08
C ASN AC 100 73.53 36.42 -1.52
N GLU AC 101 74.20 37.41 -2.10
CA GLU AC 101 74.83 37.20 -3.40
C GLU AC 101 76.29 36.82 -3.24
N GLY AC 102 77.08 37.64 -2.57
CA GLY AC 102 78.50 37.44 -2.54
C GLY AC 102 78.96 36.31 -1.65
N GLY AC 103 78.65 35.08 -2.02
CA GLY AC 103 79.04 33.96 -1.17
C GLY AC 103 78.55 32.67 -1.75
N ALA AC 104 78.84 31.59 -1.03
CA ALA AC 104 78.53 30.25 -1.49
C ALA AC 104 77.29 29.66 -0.85
N ASN AC 105 76.65 30.38 0.08
CA ASN AC 105 75.45 29.86 0.70
C ASN AC 105 74.67 31.06 1.24
N GLN AC 106 73.37 30.86 1.46
CA GLN AC 106 72.54 31.92 1.97
C GLN AC 106 72.81 32.12 3.45
N LYS AC 107 73.26 33.30 3.81
CA LYS AC 107 73.76 33.58 5.15
C LYS AC 107 72.70 34.14 6.07
N ILE AC 108 71.94 35.13 5.62
CA ILE AC 108 70.97 35.79 6.48
C ILE AC 108 69.58 35.61 5.91
N GLU AC 109 68.58 35.77 6.77
CA GLU AC 109 67.18 35.74 6.38
C GLU AC 109 66.39 36.67 7.28
N ILE AC 110 65.45 37.39 6.71
CA ILE AC 110 64.64 38.37 7.43
C ILE AC 110 63.20 37.89 7.46
N ILE AC 111 62.54 38.10 8.59
CA ILE AC 111 61.12 37.81 8.75
C ILE AC 111 60.43 39.10 9.14
N PHE AC 112 59.45 39.50 8.34
CA PHE AC 112 58.83 40.82 8.45
C PHE AC 112 57.59 40.73 9.33
N VAL AC 113 57.58 41.55 10.38
CA VAL AC 113 56.45 41.67 11.29
C VAL AC 113 55.93 43.09 11.19
N SER AC 114 54.66 43.21 10.83
CA SER AC 114 54.07 44.48 10.45
C SER AC 114 53.34 45.11 11.61
N LEU AC 115 53.39 46.42 11.66
CA LEU AC 115 52.72 47.21 12.68
C LEU AC 115 51.70 48.12 12.04
N ASP AC 116 51.17 47.68 10.90
CA ASP AC 116 50.40 48.54 10.03
C ASP AC 116 48.99 48.72 10.57
N ARG AC 117 48.30 49.72 10.02
CA ARG AC 117 46.92 49.95 10.39
C ARG AC 117 46.00 48.89 9.82
N ASP AC 118 46.26 48.42 8.61
CA ASP AC 118 45.28 47.57 7.93
C ASP AC 118 45.94 46.67 6.89
N ARG AC 119 45.13 45.75 6.36
CA ARG AC 119 45.60 44.83 5.34
C ARG AC 119 45.98 45.56 4.06
N GLU AC 120 45.20 46.58 3.70
CA GLU AC 120 45.38 47.24 2.42
C GLU AC 120 46.72 47.94 2.32
N ALA AC 121 47.26 48.41 3.43
CA ALA AC 121 48.58 48.99 3.42
C ALA AC 121 49.66 48.01 3.86
N PHE AC 122 49.29 46.97 4.60
CA PHE AC 122 50.24 45.91 4.91
C PHE AC 122 50.74 45.23 3.65
N GLU AC 123 49.83 44.95 2.72
CA GLU AC 123 50.25 44.31 1.47
C GLU AC 123 51.12 45.24 0.63
N SER AC 124 50.83 46.54 0.66
CA SER AC 124 51.63 47.49 -0.10
C SER AC 124 53.04 47.59 0.45
N HIS AC 125 53.19 47.61 1.77
CA HIS AC 125 54.54 47.62 2.33
C HIS AC 125 55.21 46.27 2.19
N ARG AC 126 54.43 45.20 2.09
CA ARG AC 126 54.98 43.87 1.96
C ARG AC 126 55.57 43.65 0.58
N ALA AC 127 54.98 44.26 -0.44
CA ALA AC 127 55.43 44.02 -1.81
C ALA AC 127 56.86 44.49 -2.05
N HIS AC 128 57.39 45.40 -1.25
CA HIS AC 128 58.75 45.86 -1.45
C HIS AC 128 59.79 44.92 -0.88
N MET AC 129 59.38 43.88 -0.16
CA MET AC 129 60.31 43.08 0.61
C MET AC 129 60.50 41.73 -0.03
N PRO AC 130 61.74 41.28 -0.20
CA PRO AC 130 61.97 39.94 -0.74
C PRO AC 130 61.98 38.82 0.30
N TRP AC 131 61.91 39.15 1.58
CA TRP AC 131 62.16 38.18 2.62
C TRP AC 131 60.84 37.63 3.14
N LEU AC 132 60.91 36.75 4.15
CA LEU AC 132 59.67 36.15 4.61
C LEU AC 132 58.88 37.15 5.43
N SER AC 133 57.62 36.84 5.66
CA SER AC 133 56.78 37.75 6.41
C SER AC 133 55.66 36.98 7.07
N ILE AC 134 55.07 37.58 8.09
CA ILE AC 134 53.93 37.02 8.79
C ILE AC 134 52.71 37.86 8.49
N ASP AC 135 51.62 37.20 8.11
CA ASP AC 135 50.39 37.89 7.75
C ASP AC 135 49.81 38.62 8.95
N LEU AC 136 49.11 39.73 8.67
CA LEU AC 136 48.75 40.66 9.73
C LEU AC 136 47.68 40.10 10.65
N GLU AC 137 46.66 39.45 10.09
CA GLU AC 137 45.57 38.95 10.91
C GLU AC 137 45.95 37.71 11.72
N ASN AC 138 47.11 37.13 11.46
CA ASN AC 138 47.62 36.06 12.29
C ASN AC 138 47.96 36.62 13.66
N PRO AC 139 47.46 36.04 14.75
CA PRO AC 139 47.79 36.54 16.09
C PRO AC 139 49.25 36.41 16.46
N LEU AC 140 50.03 35.63 15.71
CA LEU AC 140 51.45 35.47 16.00
C LEU AC 140 52.20 36.79 15.92
N THR AC 141 51.70 37.73 15.11
CA THR AC 141 52.27 39.07 15.10
C THR AC 141 52.14 39.73 16.46
N GLU AC 142 50.96 39.66 17.08
CA GLU AC 142 50.76 40.26 18.39
C GLU AC 142 51.60 39.56 19.45
N ILE AC 143 51.69 38.24 19.37
CA ILE AC 143 52.51 37.49 20.31
C ILE AC 143 53.98 37.89 20.20
N LEU AC 144 54.48 38.07 18.97
CA LEU AC 144 55.88 38.44 18.79
C LEU AC 144 56.14 39.87 19.22
N LYS AC 145 55.18 40.77 18.96
CA LYS AC 145 55.27 42.15 19.44
C LYS AC 145 55.46 42.17 20.95
N ARG AC 146 54.59 41.47 21.68
CA ARG AC 146 54.69 41.49 23.13
C ARG AC 146 55.88 40.69 23.61
N HIS AC 147 56.36 39.73 22.84
CA HIS AC 147 57.48 38.91 23.27
C HIS AC 147 58.77 39.71 23.24
N PHE AC 148 58.98 40.48 22.18
CA PHE AC 148 60.18 41.29 22.11
C PHE AC 148 59.93 42.73 22.53
N ARG AC 149 58.78 42.98 23.17
CA ARG AC 149 58.31 44.26 23.70
C ARG AC 149 58.65 45.44 22.79
N VAL AC 150 58.20 45.34 21.56
CA VAL AC 150 58.24 46.43 20.61
C VAL AC 150 56.82 46.92 20.36
N MET AC 151 56.61 48.22 20.52
CA MET AC 151 55.34 48.85 20.23
C MET AC 151 55.59 50.32 19.95
N LYS AC 152 54.75 50.90 19.09
CA LYS AC 152 54.98 52.27 18.67
C LYS AC 152 54.68 53.26 19.79
N GLU AC 153 53.57 53.06 20.48
CA GLU AC 153 53.19 53.86 21.64
C GLU AC 153 52.68 52.92 22.71
N TYR AC 154 52.74 53.36 23.96
CA TYR AC 154 52.29 52.52 25.07
C TYR AC 154 50.77 52.47 25.02
N GLU AC 155 50.26 51.55 24.19
CA GLU AC 155 48.82 51.45 24.00
C GLU AC 155 48.17 50.56 25.06
N VAL AC 156 48.56 49.30 25.11
CA VAL AC 156 47.99 48.33 26.04
C VAL AC 156 49.11 47.90 26.99
N PRO AC 157 48.92 48.02 28.31
CA PRO AC 157 50.07 48.01 29.22
C PRO AC 157 50.77 46.66 29.31
N THR AC 158 52.08 46.71 29.13
CA THR AC 158 52.96 45.59 29.41
C THR AC 158 53.26 45.52 30.89
N TYR AC 159 53.72 44.35 31.32
CA TYR AC 159 53.67 43.98 32.73
C TYR AC 159 54.97 44.40 33.43
N GLY AC 160 55.10 45.71 33.62
CA GLY AC 160 56.18 46.22 34.43
C GLY AC 160 57.50 46.43 33.70
N TYR AC 161 57.73 45.63 32.67
CA TYR AC 161 58.86 45.85 31.79
C TYR AC 161 58.70 47.16 31.04
N GLY AC 162 59.80 47.68 30.56
CA GLY AC 162 59.74 48.79 29.65
C GLY AC 162 59.60 48.34 28.22
N SER AC 163 59.62 49.30 27.33
CA SER AC 163 59.74 48.99 25.91
C SER AC 163 61.21 48.75 25.57
N ARG AC 164 61.48 47.66 24.86
CA ARG AC 164 62.85 47.37 24.42
C ARG AC 164 63.33 48.42 23.44
N THR AC 165 62.54 48.67 22.42
CA THR AC 165 62.94 49.56 21.33
C THR AC 165 61.69 50.01 20.61
N GLY AC 166 61.85 51.04 19.79
CA GLY AC 166 60.78 51.60 19.02
C GLY AC 166 60.66 50.90 17.69
N VAL AC 167 60.23 51.66 16.69
CA VAL AC 167 59.98 51.17 15.35
C VAL AC 167 60.79 52.05 14.41
N PRO AC 168 61.61 51.51 13.51
CA PRO AC 168 61.85 50.13 13.10
C PRO AC 168 62.82 49.41 14.00
N SER AC 169 62.84 48.09 13.90
CA SER AC 169 63.80 47.36 14.70
C SER AC 169 64.11 46.03 14.05
N VAL AC 170 65.34 45.57 14.19
CA VAL AC 170 65.73 44.23 13.79
C VAL AC 170 66.33 43.50 14.98
N ILE AC 171 65.80 42.32 15.25
CA ILE AC 171 66.17 41.49 16.39
C ILE AC 171 66.72 40.19 15.85
N VAL AC 172 67.98 39.88 16.15
CA VAL AC 172 68.55 38.63 15.64
C VAL AC 172 68.12 37.51 16.58
N ILE AC 173 67.16 36.72 16.15
CA ILE AC 173 66.55 35.72 17.03
C ILE AC 173 67.35 34.44 16.96
N GLY AC 174 67.09 33.54 17.89
CA GLY AC 174 67.70 32.23 17.89
C GLY AC 174 66.67 31.13 17.72
N SER AC 175 66.96 29.94 18.28
CA SER AC 175 66.11 28.79 18.02
C SER AC 175 64.78 28.90 18.73
N ASP AC 176 64.78 29.36 19.98
CA ASP AC 176 63.62 29.30 20.85
C ASP AC 176 63.24 30.67 21.41
N GLY AC 177 63.29 31.70 20.60
CA GLY AC 177 62.79 32.99 20.99
C GLY AC 177 63.78 33.91 21.68
N ARG AC 178 65.02 33.48 21.89
CA ARG AC 178 66.00 34.37 22.47
C ARG AC 178 66.43 35.41 21.45
N GLU AC 179 66.76 36.61 21.94
CA GLU AC 179 67.41 37.60 21.10
C GLU AC 179 68.91 37.40 21.25
N ALA AC 180 69.59 37.19 20.14
CA ALA AC 180 71.01 37.00 20.20
C ALA AC 180 71.76 38.30 20.04
N GLN AC 181 71.18 39.25 19.31
CA GLN AC 181 71.80 40.53 19.10
C GLN AC 181 70.75 41.52 18.67
N PHE AC 182 70.54 42.56 19.47
CA PHE AC 182 69.63 43.64 19.10
C PHE AC 182 70.44 44.70 18.35
N LEU AC 183 70.17 44.83 17.07
CA LEU AC 183 70.94 45.74 16.24
C LEU AC 183 70.50 47.17 16.53
N PRO AC 184 71.38 48.02 17.04
CA PRO AC 184 70.96 49.33 17.54
C PRO AC 184 70.64 50.38 16.48
N ILE AC 185 69.42 50.32 15.97
CA ILE AC 185 68.99 51.30 14.97
C ILE AC 185 68.44 52.56 15.62
N CYS AC 186 67.50 52.41 16.54
CA CYS AC 186 66.97 53.54 17.34
C CYS AC 186 67.01 53.14 18.81
N SER AC 187 68.16 53.32 19.43
CA SER AC 187 68.36 52.87 20.80
C SER AC 187 69.43 53.75 21.45
N GLY AC 188 70.03 53.23 22.52
CA GLY AC 188 71.06 53.97 23.22
C GLY AC 188 72.28 54.25 22.36
N LEU AC 189 72.65 53.30 21.49
CA LEU AC 189 73.78 53.56 20.61
C LEU AC 189 73.43 54.54 19.51
N GLU AC 190 72.23 54.39 18.94
CA GLU AC 190 71.71 55.28 17.89
C GLU AC 190 72.65 55.34 16.69
N GLU AC 191 72.81 54.20 16.05
CA GLU AC 191 73.57 54.07 14.82
C GLU AC 191 72.58 53.63 13.74
N GLY AC 192 71.89 54.60 13.15
CA GLY AC 192 70.90 54.29 12.15
C GLY AC 192 71.55 53.92 10.83
N ASP AC 193 71.00 52.89 10.18
CA ASP AC 193 71.37 52.40 8.86
C ASP AC 193 72.80 51.88 8.80
N ARG AC 194 73.48 51.85 9.92
CA ARG AC 194 74.85 51.39 10.03
C ARG AC 194 75.00 50.31 11.07
N ALA AC 195 74.05 50.18 11.99
CA ALA AC 195 74.04 49.06 12.90
C ALA AC 195 73.76 47.73 12.21
N LEU AC 196 73.33 47.74 10.95
CA LEU AC 196 73.19 46.50 10.20
C LEU AC 196 74.53 45.80 10.07
N LEU AC 197 75.62 46.58 10.03
CA LEU AC 197 76.94 45.99 9.97
C LEU AC 197 77.36 45.33 11.28
N ARG AC 198 76.60 45.48 12.34
CA ARG AC 198 76.96 44.83 13.58
C ARG AC 198 76.48 43.39 13.64
N TRP AC 199 75.85 42.88 12.58
CA TRP AC 199 75.36 41.51 12.54
C TRP AC 199 76.52 40.53 12.55
N ASP AC 200 76.37 39.45 13.33
CA ASP AC 200 77.31 38.33 13.32
C ASP AC 200 76.64 37.03 12.86
N TRP AC 201 76.60 36.88 11.54
CA TRP AC 201 76.02 35.72 10.87
C TRP AC 201 76.86 34.46 11.01
N ARG AC 202 78.06 34.56 11.57
CA ARG AC 202 78.78 33.34 11.91
C ARG AC 202 78.30 32.80 13.25
N ASN AC 203 78.22 33.66 14.26
CA ASN AC 203 77.89 33.19 15.59
C ASN AC 203 76.41 32.87 15.74
N THR AC 204 75.53 33.60 15.07
CA THR AC 204 74.10 33.39 15.28
C THR AC 204 73.52 32.56 14.15
N LYS AC 205 72.93 31.43 14.51
CA LYS AC 205 72.34 30.51 13.55
C LYS AC 205 71.04 29.99 14.12
N PHE AC 206 70.12 29.62 13.24
CA PHE AC 206 68.81 29.12 13.65
C PHE AC 206 68.86 27.60 13.84
N ALA AC 207 69.75 27.16 14.70
CA ALA AC 207 69.88 25.74 14.97
C ALA AC 207 68.77 25.28 15.88
N SER BC 2 6.06 91.77 37.14
CA SER BC 2 6.27 92.95 37.96
C SER BC 2 7.38 93.83 37.42
N GLN BC 3 7.45 93.96 36.10
CA GLN BC 3 8.38 94.86 35.44
C GLN BC 3 7.61 95.50 34.29
N PRO BC 4 7.73 96.82 34.08
CA PRO BC 4 8.56 97.76 34.83
C PRO BC 4 7.93 98.22 36.13
N VAL BC 5 6.60 98.12 36.20
CA VAL BC 5 5.86 98.53 37.38
C VAL BC 5 4.91 97.41 37.77
N PHE BC 6 4.56 97.37 39.05
CA PHE BC 6 3.69 96.30 39.54
C PHE BC 6 2.28 96.47 39.01
N ALA BC 7 1.72 97.66 39.15
CA ALA BC 7 0.31 97.90 38.84
C ALA BC 7 0.18 98.20 37.35
N SER BC 8 -0.19 97.19 36.58
CA SER BC 8 -0.41 97.32 35.16
C SER BC 8 -1.27 96.16 34.72
N PRO BC 9 -2.10 96.34 33.70
CA PRO BC 9 -3.02 95.26 33.31
C PRO BC 9 -2.34 94.03 32.74
N LEU BC 10 -1.24 94.17 32.00
CA LEU BC 10 -0.49 92.99 31.58
C LEU BC 10 0.01 92.21 32.78
N ASN BC 11 0.50 92.92 33.79
CA ASN BC 11 1.02 92.24 34.95
C ASN BC 11 -0.09 91.54 35.73
N VAL BC 12 -1.26 92.16 35.86
CA VAL BC 12 -2.31 91.47 36.61
C VAL BC 12 -2.85 90.27 35.84
N GLU BC 13 -2.90 90.35 34.51
CA GLU BC 13 -3.30 89.19 33.72
C GLU BC 13 -2.28 88.06 33.82
N LYS BC 14 -0.98 88.40 33.75
CA LYS BC 14 0.05 87.39 33.91
C LYS BC 14 0.01 86.74 35.28
N ARG BC 15 -0.15 87.55 36.32
CA ARG BC 15 -0.21 87.02 37.67
C ARG BC 15 -1.39 86.08 37.84
N ARG BC 16 -2.55 86.46 37.31
CA ARG BC 16 -3.73 85.63 37.48
C ARG BC 16 -3.57 84.28 36.76
N LEU BC 17 -3.09 84.32 35.51
CA LEU BC 17 -2.95 83.07 34.76
C LEU BC 17 -1.89 82.16 35.36
N ASN BC 18 -0.78 82.72 35.83
CA ASN BC 18 0.25 81.87 36.36
C ASN BC 18 -0.07 81.37 37.75
N GLU BC 19 -0.82 82.14 38.54
CA GLU BC 19 -1.33 81.60 39.79
C GLU BC 19 -2.31 80.46 39.52
N GLU BC 20 -3.12 80.58 38.47
CA GLU BC 20 -4.01 79.48 38.09
C GLU BC 20 -3.24 78.23 37.74
N ARG BC 21 -2.20 78.37 36.92
CA ARG BC 21 -1.40 77.22 36.53
C ARG BC 21 -0.68 76.60 37.71
N ALA BC 22 -0.12 77.44 38.59
CA ALA BC 22 0.61 76.92 39.74
C ALA BC 22 -0.32 76.18 40.69
N LEU BC 23 -1.54 76.69 40.86
CA LEU BC 23 -2.50 76.02 41.71
C LEU BC 23 -2.92 74.68 41.12
N MET BC 24 -3.15 74.63 39.81
CA MET BC 24 -3.55 73.37 39.20
C MET BC 24 -2.43 72.34 39.26
N GLN BC 25 -1.19 72.78 39.05
CA GLN BC 25 -0.07 71.85 39.12
C GLN BC 25 0.15 71.36 40.54
N ALA BC 26 -0.05 72.24 41.52
CA ALA BC 26 0.07 71.83 42.92
C ALA BC 26 -1.02 70.82 43.28
N GLN BC 27 -2.23 71.01 42.76
CA GLN BC 27 -3.29 70.06 43.02
C GLN BC 27 -2.99 68.70 42.41
N LYS BC 28 -2.48 68.68 41.18
CA LYS BC 28 -2.17 67.40 40.53
C LYS BC 28 -1.00 66.72 41.22
N ALA BC 29 0.01 67.47 41.64
CA ALA BC 29 1.18 66.88 42.27
C ALA BC 29 0.88 66.46 43.71
N ASN BC 35 4.90 70.63 47.46
CA ASN BC 35 6.35 70.77 47.38
C ASN BC 35 6.71 71.75 46.27
N ILE BC 36 5.85 72.73 46.06
CA ILE BC 36 6.00 73.69 44.98
C ILE BC 36 5.74 75.08 45.53
N GLN BC 37 6.29 76.08 44.85
CA GLN BC 37 6.27 77.45 45.33
C GLN BC 37 4.98 78.14 44.92
N LEU BC 38 4.22 78.63 45.90
CA LEU BC 38 3.10 79.53 45.67
C LEU BC 38 3.29 80.76 46.53
N PRO BC 39 3.14 81.97 45.99
CA PRO BC 39 2.90 82.32 44.59
C PRO BC 39 4.19 82.22 43.81
N PRO BC 40 4.12 82.01 42.51
CA PRO BC 40 5.33 81.74 41.73
C PRO BC 40 6.25 82.95 41.63
N ASN BC 41 7.49 82.67 41.30
CA ASN BC 41 8.51 83.70 41.14
C ASN BC 41 8.32 84.48 39.86
N TYR BC 42 8.66 85.77 39.92
CA TYR BC 42 8.46 86.68 38.79
C TYR BC 42 9.28 86.26 37.58
N GLY BC 43 10.51 85.80 37.79
CA GLY BC 43 11.30 85.30 36.68
C GLY BC 43 10.72 84.04 36.07
N ASP BC 44 10.17 83.17 36.90
CA ASP BC 44 9.57 81.93 36.42
C ASP BC 44 8.20 82.13 35.82
N MET BC 45 7.65 83.34 35.88
CA MET BC 45 6.41 83.60 35.15
C MET BC 45 6.60 83.48 33.64
N ASP BC 46 5.49 83.23 32.96
CA ASP BC 46 5.43 83.16 31.50
C ASP BC 46 4.30 84.04 31.01
N LEU BC 47 4.49 84.62 29.83
CA LEU BC 47 3.57 85.59 29.27
C LEU BC 47 3.70 85.60 27.76
N ILE BC 48 2.57 85.59 27.07
CA ILE BC 48 2.51 85.84 25.64
C ILE BC 48 1.99 87.26 25.46
N LEU BC 49 2.85 88.16 24.97
CA LEU BC 49 2.49 89.56 25.07
C LEU BC 49 1.54 89.94 23.96
N PHE BC 50 1.93 89.66 22.72
CA PHE BC 50 1.06 89.93 21.60
C PHE BC 50 0.24 88.69 21.33
N PRO BC 51 -1.08 88.78 21.34
CA PRO BC 51 -1.90 87.61 21.01
C PRO BC 51 -1.80 87.20 19.56
N GLU BC 52 -2.60 86.21 19.17
CA GLU BC 52 -2.50 85.65 17.83
C GLU BC 52 -2.85 86.67 16.77
N GLY BC 53 -3.85 87.51 17.03
CA GLY BC 53 -4.32 88.39 15.98
C GLY BC 53 -3.97 89.85 16.17
N SER BC 54 -2.96 90.15 16.99
CA SER BC 54 -2.70 91.53 17.34
C SER BC 54 -1.74 92.20 16.35
N LEU BC 55 -0.55 91.62 16.18
CA LEU BC 55 0.45 92.22 15.30
C LEU BC 55 0.00 92.12 13.85
N LYS BC 56 0.37 93.13 13.06
CA LYS BC 56 -0.18 93.27 11.73
C LYS BC 56 0.78 94.11 10.90
N ASN BC 57 1.31 93.53 9.82
CA ASN BC 57 2.42 94.11 9.10
C ASN BC 57 1.97 95.17 8.12
N SER BC 58 2.88 95.57 7.21
CA SER BC 58 2.63 96.69 6.33
C SER BC 58 1.52 96.42 5.34
N ASN BC 59 1.48 95.21 4.77
CA ASN BC 59 0.43 94.85 3.83
C ASN BC 59 -0.73 94.13 4.48
N ASN BC 60 -1.02 94.44 5.75
CA ASN BC 60 -2.27 94.11 6.41
C ASN BC 60 -2.46 92.60 6.57
N THR BC 61 -1.40 91.92 6.97
CA THR BC 61 -1.42 90.48 7.17
C THR BC 61 -1.00 90.18 8.60
N VAL BC 62 -1.77 89.31 9.26
CA VAL BC 62 -1.53 89.03 10.67
C VAL BC 62 -0.28 88.18 10.80
N ILE BC 63 0.69 88.65 11.59
CA ILE BC 63 1.86 87.83 11.86
C ILE BC 63 1.88 87.47 13.34
N PRO BC 64 2.36 86.30 13.72
CA PRO BC 64 2.36 85.92 15.13
C PRO BC 64 3.60 86.44 15.83
N GLN BC 65 3.70 86.08 17.12
CA GLN BC 65 4.77 86.63 17.94
C GLN BC 65 6.10 85.95 17.65
N SER BC 66 6.07 84.65 17.35
CA SER BC 66 7.29 83.88 17.18
C SER BC 66 8.12 84.33 15.99
N HIS BC 67 7.52 85.10 15.09
CA HIS BC 67 8.26 85.67 13.96
C HIS BC 67 9.32 86.65 14.43
N LEU BC 68 9.09 87.35 15.52
CA LEU BC 68 9.98 88.43 15.93
C LEU BC 68 11.14 87.94 16.78
N LYS BC 69 11.51 86.68 16.66
CA LYS BC 69 12.62 86.18 17.46
C LYS BC 69 13.92 86.52 16.75
N GLY BC 70 14.87 87.08 17.49
CA GLY BC 70 16.13 87.47 16.94
C GLY BC 70 16.21 88.87 16.38
N LYS BC 71 15.14 89.63 16.47
CA LYS BC 71 15.13 91.03 16.08
C LYS BC 71 14.93 91.87 17.32
N SER BC 72 15.32 93.14 17.25
CA SER BC 72 15.17 94.05 18.38
C SER BC 72 13.91 94.85 18.14
N VAL BC 73 12.86 94.53 18.88
CA VAL BC 73 11.55 95.16 18.67
C VAL BC 73 11.40 96.33 19.63
N ALA BC 74 10.94 97.45 19.10
CA ALA BC 74 10.74 98.66 19.88
C ALA BC 74 9.32 99.14 19.69
N LEU BC 75 8.66 99.46 20.78
CA LEU BC 75 7.32 100.01 20.72
C LEU BC 75 7.38 101.50 20.46
N TYR BC 76 6.56 101.97 19.54
CA TYR BC 76 6.55 103.35 19.08
C TYR BC 76 5.20 103.93 19.42
N PHE BC 77 5.13 104.65 20.54
CA PHE BC 77 3.91 105.32 20.94
C PHE BC 77 3.88 106.67 20.25
N ALA BC 78 2.87 106.89 19.42
CA ALA BC 78 2.81 108.13 18.65
C ALA BC 78 1.37 108.50 18.34
N ASP BC 79 1.17 109.76 18.01
CA ASP BC 79 -0.11 110.30 17.61
C ASP BC 79 0.11 111.16 16.38
N GLY BC 80 -0.83 111.08 15.44
CA GLY BC 80 -0.62 111.71 14.15
C GLY BC 80 -0.56 113.22 14.21
N ALA BC 81 -1.46 113.85 14.95
CA ALA BC 81 -1.58 115.29 14.94
C ALA BC 81 -0.48 115.99 15.73
N ASP BC 82 0.30 115.27 16.49
CA ASP BC 82 1.30 115.90 17.32
C ASP BC 82 2.46 116.40 16.46
N PRO BC 83 2.83 117.67 16.57
CA PRO BC 83 3.97 118.18 15.79
C PRO BC 83 5.27 117.48 16.10
N LYS BC 84 5.49 117.05 17.33
CA LYS BC 84 6.73 116.37 17.65
C LYS BC 84 6.78 114.98 17.02
N CYS BC 85 5.64 114.28 16.99
CA CYS BC 85 5.62 112.99 16.32
C CYS BC 85 5.83 113.13 14.82
N ALA BC 86 5.21 114.15 14.24
CA ALA BC 86 5.42 114.40 12.82
C ALA BC 86 6.85 114.80 12.51
N SER BC 87 7.53 115.43 13.46
CA SER BC 87 8.95 115.72 13.29
C SER BC 87 9.82 114.50 13.50
N LEU BC 88 9.43 113.58 14.38
CA LEU BC 88 10.28 112.44 14.68
C LEU BC 88 10.22 111.38 13.60
N LEU BC 89 9.05 111.20 12.99
CA LEU BC 89 8.85 110.12 12.02
C LEU BC 89 9.86 110.04 10.87
N PRO BC 90 10.30 111.14 10.23
CA PRO BC 90 11.30 110.97 9.15
C PRO BC 90 12.61 110.35 9.61
N PHE BC 91 13.08 110.72 10.78
CA PHE BC 91 14.35 110.19 11.26
C PHE BC 91 14.21 108.73 11.65
N LEU BC 92 13.07 108.34 12.20
CA LEU BC 92 12.82 106.93 12.51
C LEU BC 92 12.71 106.10 11.25
N LEU BC 93 12.07 106.62 10.20
CA LEU BC 93 12.02 105.94 8.92
C LEU BC 93 13.41 105.75 8.34
N ASN BC 94 14.23 106.81 8.38
CA ASN BC 94 15.57 106.72 7.83
C ASN BC 94 16.43 105.75 8.61
N TYR BC 95 16.26 105.71 9.93
CA TYR BC 95 17.05 104.81 10.76
C TYR BC 95 16.66 103.36 10.54
N TYR BC 96 15.36 103.11 10.39
CA TYR BC 96 14.88 101.77 10.08
C TYR BC 96 15.40 101.30 8.74
N ARG BC 97 15.30 102.15 7.72
CA ARG BC 97 15.79 101.82 6.40
C ARG BC 97 17.28 101.53 6.41
N THR BC 98 18.05 102.37 7.10
CA THR BC 98 19.50 102.23 7.11
C THR BC 98 19.92 100.93 7.78
N MET BC 99 19.45 100.67 8.99
CA MET BC 99 19.96 99.47 9.65
C MET BC 99 19.23 98.21 9.27
N ASN BC 100 18.20 98.27 8.45
CA ASN BC 100 17.65 97.04 7.95
C ASN BC 100 18.05 96.76 6.52
N GLU BC 101 18.61 97.74 5.81
CA GLU BC 101 19.19 97.45 4.51
C GLU BC 101 20.66 97.08 4.64
N GLY BC 102 21.45 97.89 5.35
CA GLY BC 102 22.87 97.69 5.31
C GLY BC 102 23.35 96.56 6.20
N GLY BC 103 23.11 95.32 5.80
CA GLY BC 103 23.57 94.21 6.59
C GLY BC 103 23.04 92.90 6.06
N ALA BC 104 23.44 91.83 6.73
CA ALA BC 104 23.10 90.50 6.29
C ALA BC 104 21.83 89.96 6.92
N ASN BC 105 21.22 90.69 7.84
CA ASN BC 105 20.01 90.21 8.48
C ASN BC 105 19.23 91.42 8.98
N GLN BC 106 17.96 91.19 9.28
CA GLN BC 106 17.11 92.24 9.82
C GLN BC 106 17.41 92.44 11.29
N LYS BC 107 17.72 93.68 11.66
CA LYS BC 107 18.22 93.95 12.99
C LYS BC 107 17.17 94.55 13.90
N ILE BC 108 16.47 95.59 13.45
CA ILE BC 108 15.49 96.23 14.29
C ILE BC 108 14.11 96.02 13.70
N GLU BC 109 13.10 96.01 14.57
CA GLU BC 109 11.71 95.97 14.20
C GLU BC 109 10.95 96.97 15.07
N ILE BC 110 9.94 97.60 14.50
CA ILE BC 110 9.17 98.61 15.21
C ILE BC 110 7.71 98.16 15.25
N ILE BC 111 7.06 98.38 16.39
CA ILE BC 111 5.66 98.05 16.56
C ILE BC 111 4.94 99.34 16.95
N PHE BC 112 3.95 99.72 16.17
CA PHE BC 112 3.33 101.03 16.25
C PHE BC 112 2.08 100.97 17.13
N VAL BC 113 2.07 101.77 18.19
CA VAL BC 113 0.92 101.95 19.05
C VAL BC 113 0.46 103.39 18.91
N SER BC 114 -0.81 103.57 18.57
CA SER BC 114 -1.35 104.85 18.17
C SER BC 114 -2.21 105.43 19.28
N LEU BC 115 -2.03 106.72 19.54
CA LEU BC 115 -2.87 107.43 20.48
C LEU BC 115 -3.80 108.38 19.77
N ASP BC 116 -4.20 108.01 18.56
CA ASP BC 116 -5.01 108.87 17.73
C ASP BC 116 -6.43 108.98 18.29
N ARG BC 117 -7.14 109.99 17.80
CA ARG BC 117 -8.51 110.20 18.27
C ARG BC 117 -9.48 109.20 17.66
N ASP BC 118 -9.25 108.78 16.42
CA ASP BC 118 -10.25 107.96 15.75
C ASP BC 118 -9.61 107.05 14.70
N ARG BC 119 -10.44 106.15 14.18
CA ARG BC 119 -9.99 105.12 13.25
C ARG BC 119 -9.50 105.71 11.94
N GLU BC 120 -10.17 106.75 11.45
CA GLU BC 120 -9.82 107.32 10.15
C GLU BC 120 -8.44 107.95 10.18
N ALA BC 121 -8.19 108.80 11.17
CA ALA BC 121 -6.85 109.37 11.27
C ALA BC 121 -5.82 108.34 11.71
N PHE BC 122 -6.26 107.28 12.40
CA PHE BC 122 -5.33 106.21 12.74
C PHE BC 122 -4.81 105.53 11.47
N GLU BC 123 -5.71 105.16 10.56
CA GLU BC 123 -5.24 104.50 9.35
C GLU BC 123 -4.49 105.47 8.43
N SER BC 124 -4.87 106.76 8.48
CA SER BC 124 -4.11 107.77 7.73
C SER BC 124 -2.68 107.87 8.22
N HIS BC 125 -2.47 107.84 9.52
CA HIS BC 125 -1.11 107.87 10.05
C HIS BC 125 -0.40 106.53 9.88
N ARG BC 126 -1.16 105.44 9.87
CA ARG BC 126 -0.57 104.12 9.73
C ARG BC 126 0.00 103.92 8.34
N ALA BC 127 -0.64 104.48 7.31
CA ALA BC 127 -0.20 104.28 5.94
C ALA BC 127 1.22 104.77 5.69
N HIS BC 128 1.75 105.66 6.52
CA HIS BC 128 3.11 106.15 6.33
C HIS BC 128 4.16 105.18 6.86
N MET BC 129 3.75 104.11 7.51
CA MET BC 129 4.73 103.33 8.24
C MET BC 129 4.90 101.94 7.64
N PRO BC 130 6.14 101.46 7.55
CA PRO BC 130 6.38 100.11 7.04
C PRO BC 130 6.39 99.03 8.09
N TRP BC 131 6.45 99.37 9.36
CA TRP BC 131 6.68 98.40 10.41
C TRP BC 131 5.36 97.88 10.94
N LEU BC 132 5.41 97.01 11.96
CA LEU BC 132 4.17 96.41 12.42
C LEU BC 132 3.37 97.42 13.23
N SER BC 133 2.12 97.09 13.48
CA SER BC 133 1.28 97.99 14.26
C SER BC 133 0.17 97.19 14.92
N ILE BC 134 -0.42 97.79 15.96
CA ILE BC 134 -1.57 97.21 16.62
C ILE BC 134 -2.78 98.09 16.31
N ASP BC 135 -3.89 97.45 15.95
CA ASP BC 135 -5.09 98.18 15.57
C ASP BC 135 -5.64 98.95 16.77
N LEU BC 136 -6.31 100.06 16.47
CA LEU BC 136 -6.70 100.99 17.52
C LEU BC 136 -7.78 100.41 18.42
N GLU BC 137 -8.81 99.79 17.84
CA GLU BC 137 -9.92 99.30 18.63
C GLU BC 137 -9.57 98.07 19.46
N ASN BC 138 -8.47 97.41 19.15
CA ASN BC 138 -8.03 96.28 19.95
C ASN BC 138 -7.57 96.83 21.30
N PRO BC 139 -8.02 96.24 22.42
CA PRO BC 139 -7.66 96.79 23.74
C PRO BC 139 -6.19 96.65 24.10
N LEU BC 140 -5.38 95.95 23.29
CA LEU BC 140 -3.97 95.79 23.60
C LEU BC 140 -3.24 97.13 23.60
N THR BC 141 -3.70 98.09 22.80
CA THR BC 141 -3.11 99.43 22.81
C THR BC 141 -3.31 100.09 24.17
N GLU BC 142 -4.53 99.99 24.70
CA GLU BC 142 -4.84 100.54 26.02
C GLU BC 142 -4.01 99.87 27.10
N ILE BC 143 -3.90 98.55 27.04
CA ILE BC 143 -3.12 97.80 28.02
C ILE BC 143 -1.65 98.18 27.96
N LEU BC 144 -1.10 98.35 26.75
CA LEU BC 144 0.30 98.73 26.63
C LEU BC 144 0.55 100.15 27.08
N LYS BC 145 -0.40 101.05 26.86
CA LYS BC 145 -0.29 102.41 27.38
C LYS BC 145 -0.19 102.40 28.89
N ARG BC 146 -1.14 101.75 29.56
CA ARG BC 146 -1.10 101.75 31.02
C ARG BC 146 -0.05 100.79 31.58
N HIS BC 147 0.59 100.00 30.73
CA HIS BC 147 1.70 99.17 31.17
C HIS BC 147 3.01 99.95 31.16
N PHE BC 148 3.28 100.67 30.08
CA PHE BC 148 4.53 101.40 29.97
C PHE BC 148 4.42 102.85 30.43
N ARG BC 149 3.25 103.24 30.93
CA ARG BC 149 3.01 104.56 31.52
C ARG BC 149 3.26 105.67 30.52
N VAL BC 150 2.59 105.60 29.38
CA VAL BC 150 2.65 106.67 28.39
C VAL BC 150 1.25 107.19 28.14
N MET BC 151 1.10 108.52 28.24
CA MET BC 151 -0.16 109.19 27.94
C MET BC 151 0.14 110.65 27.68
N LYS BC 152 -0.65 111.25 26.80
CA LYS BC 152 -0.39 112.63 26.42
C LYS BC 152 -0.81 113.61 27.51
N GLU BC 153 -1.87 113.28 28.25
CA GLU BC 153 -2.34 114.11 29.35
C GLU BC 153 -2.86 113.18 30.44
N TYR BC 154 -2.79 113.65 31.68
CA TYR BC 154 -3.25 112.82 32.77
C TYR BC 154 -4.77 112.72 32.74
N GLU BC 155 -5.29 111.69 32.08
CA GLU BC 155 -6.73 111.52 31.97
C GLU BC 155 -7.24 110.40 32.87
N VAL BC 156 -6.73 109.19 32.72
CA VAL BC 156 -7.11 108.05 33.54
C VAL BC 156 -6.10 107.92 34.67
N PRO BC 157 -6.54 107.86 35.93
CA PRO BC 157 -5.58 107.94 37.05
C PRO BC 157 -4.72 106.69 37.13
N THR BC 158 -3.42 106.88 36.94
CA THR BC 158 -2.46 105.84 37.23
C THR BC 158 -2.30 105.70 38.74
N TYR BC 159 -1.76 104.56 39.15
CA TYR BC 159 -1.82 104.14 40.54
C TYR BC 159 -0.59 104.62 41.32
N GLY BC 160 -0.40 105.93 41.31
CA GLY BC 160 0.64 106.55 42.11
C GLY BC 160 1.98 106.65 41.44
N TYR BC 161 2.16 106.02 40.28
CA TYR BC 161 3.41 106.12 39.56
C TYR BC 161 3.43 107.39 38.74
N GLY BC 162 4.61 107.95 38.54
CA GLY BC 162 4.74 109.07 37.63
C GLY BC 162 4.58 108.63 36.20
N SER BC 163 4.22 109.57 35.33
CA SER BC 163 4.22 109.28 33.91
C SER BC 163 5.65 109.16 33.41
N ARG BC 164 5.93 108.07 32.68
CA ARG BC 164 7.28 107.84 32.19
C ARG BC 164 7.66 108.87 31.14
N THR BC 165 6.80 109.04 30.13
CA THR BC 165 7.08 109.95 29.03
C THR BC 165 5.79 110.24 28.28
N GLY BC 166 5.83 111.28 27.45
CA GLY BC 166 4.74 111.58 26.55
C GLY BC 166 5.10 111.18 25.12
N VAL BC 167 4.20 111.49 24.21
CA VAL BC 167 4.43 111.20 22.81
C VAL BC 167 5.43 112.19 22.25
N PRO BC 168 6.30 111.78 21.31
CA PRO BC 168 6.52 110.41 20.84
C PRO BC 168 7.44 109.66 21.76
N SER BC 169 7.40 108.33 21.72
CA SER BC 169 8.37 107.59 22.52
C SER BC 169 8.63 106.24 21.89
N VAL BC 170 9.85 105.76 22.03
CA VAL BC 170 10.22 104.41 21.65
C VAL BC 170 10.78 103.68 22.85
N ILE BC 171 10.24 102.50 23.12
CA ILE BC 171 10.63 101.66 24.24
C ILE BC 171 11.21 100.39 23.66
N VAL BC 172 12.48 100.12 23.91
CA VAL BC 172 13.05 98.88 23.42
C VAL BC 172 12.72 97.79 24.43
N ILE BC 173 11.97 96.79 23.99
CA ILE BC 173 11.34 95.86 24.90
C ILE BC 173 12.00 94.50 24.80
N GLY BC 174 11.58 93.59 25.67
CA GLY BC 174 12.10 92.23 25.66
C GLY BC 174 11.01 91.20 25.55
N SER BC 175 11.27 90.00 26.08
CA SER BC 175 10.36 88.88 25.88
C SER BC 175 9.06 89.06 26.65
N ASP BC 176 9.16 89.47 27.92
CA ASP BC 176 8.02 89.48 28.83
C ASP BC 176 7.65 90.89 29.26
N GLY BC 177 7.72 91.85 28.35
CA GLY BC 177 7.28 93.19 28.67
C GLY BC 177 8.24 94.03 29.47
N ARG BC 178 9.53 93.72 29.45
CA ARG BC 178 10.47 94.59 30.12
C ARG BC 178 10.74 95.82 29.27
N GLU BC 179 11.36 96.82 29.89
CA GLU BC 179 11.77 98.03 29.21
C GLU BC 179 13.29 97.97 29.21
N ALA BC 180 13.85 97.43 28.14
CA ALA BC 180 15.29 97.18 28.10
C ALA BC 180 16.06 98.47 27.96
N GLN BC 181 15.54 99.42 27.19
CA GLN BC 181 16.25 100.66 26.92
C GLN BC 181 15.24 101.70 26.47
N PHE BC 182 15.09 102.76 27.23
CA PHE BC 182 14.21 103.86 26.88
C PHE BC 182 15.02 104.91 26.14
N LEU BC 183 14.78 105.04 24.84
CA LEU BC 183 15.53 106.02 24.06
C LEU BC 183 15.04 107.43 24.39
N PRO BC 184 15.91 108.30 24.87
CA PRO BC 184 15.45 109.60 25.36
C PRO BC 184 15.10 110.60 24.28
N ILE BC 185 13.89 110.55 23.75
CA ILE BC 185 13.47 111.48 22.72
C ILE BC 185 12.97 112.77 23.34
N CYS BC 186 11.94 112.69 24.18
CA CYS BC 186 11.45 113.84 24.95
C CYS BC 186 11.42 113.42 26.42
N SER BC 187 12.55 113.54 27.10
CA SER BC 187 12.70 113.02 28.45
C SER BC 187 13.75 113.84 29.18
N GLY BC 188 14.31 113.26 30.24
CA GLY BC 188 15.34 113.94 31.01
C GLY BC 188 16.58 114.26 30.19
N LEU BC 189 17.01 113.34 29.34
CA LEU BC 189 18.17 113.64 28.49
C LEU BC 189 17.78 114.59 27.37
N GLU BC 190 16.59 114.42 26.81
CA GLU BC 190 16.00 115.34 25.82
C GLU BC 190 16.91 115.52 24.61
N GLU BC 191 17.08 114.43 23.88
CA GLU BC 191 17.82 114.44 22.63
C GLU BC 191 16.93 113.83 21.55
N GLY BC 192 16.07 114.67 20.99
CA GLY BC 192 15.19 114.19 19.94
C GLY BC 192 15.94 113.97 18.64
N ASP BC 193 15.49 112.96 17.88
CA ASP BC 193 16.01 112.58 16.57
C ASP BC 193 17.45 112.13 16.59
N ARG BC 194 18.06 112.04 17.77
CA ARG BC 194 19.45 111.62 17.92
C ARG BC 194 19.59 110.55 18.97
N ALA BC 195 18.59 110.36 19.84
CA ALA BC 195 18.55 109.22 20.73
C ALA BC 195 18.26 107.92 19.99
N LEU BC 196 17.89 107.99 18.72
CA LEU BC 196 17.76 106.78 17.92
C LEU BC 196 19.09 106.09 17.76
N LEU BC 197 20.18 106.84 17.78
CA LEU BC 197 21.50 106.25 17.73
C LEU BC 197 21.90 105.56 19.02
N ARG BC 198 21.11 105.68 20.08
CA ARG BC 198 21.46 105.04 21.33
C ARG BC 198 21.01 103.60 21.39
N TRP BC 199 20.33 103.12 20.35
CA TRP BC 199 19.83 101.75 20.33
C TRP BC 199 20.98 100.76 20.36
N ASP BC 200 20.84 99.71 21.19
CA ASP BC 200 21.79 98.62 21.24
C ASP BC 200 21.10 97.33 20.82
N TRP BC 201 21.05 97.13 19.50
CA TRP BC 201 20.40 95.99 18.91
C TRP BC 201 21.19 94.70 19.04
N ARG BC 202 22.48 94.77 19.36
CA ARG BC 202 23.19 93.55 19.69
C ARG BC 202 22.71 93.00 21.02
N ASN BC 203 22.54 93.86 22.01
CA ASN BC 203 22.23 93.38 23.34
C ASN BC 203 20.75 93.10 23.52
N THR BC 204 19.88 93.96 22.98
CA THR BC 204 18.46 93.80 23.19
C THR BC 204 17.89 92.95 22.06
N LYS BC 205 17.46 91.74 22.39
CA LYS BC 205 16.90 90.82 21.42
C LYS BC 205 15.62 90.23 21.97
N PHE BC 206 14.63 90.05 21.10
CA PHE BC 206 13.33 89.52 21.50
C PHE BC 206 13.38 87.99 21.55
N ALA BC 207 14.16 87.50 22.50
CA ALA BC 207 14.31 86.06 22.66
C ALA BC 207 13.07 85.46 23.29
N SER CC 2 71.23 32.30 -6.71
CA SER CC 2 71.93 33.54 -6.45
C SER CC 2 72.23 34.33 -7.72
N GLN CC 3 72.50 33.63 -8.80
CA GLN CC 3 72.72 34.30 -10.08
C GLN CC 3 71.44 34.32 -10.89
N PRO CC 4 71.08 35.43 -11.55
CA PRO CC 4 71.77 36.71 -11.64
C PRO CC 4 71.58 37.57 -10.41
N VAL CC 5 70.37 37.53 -9.85
CA VAL CC 5 70.04 38.26 -8.65
C VAL CC 5 69.57 37.26 -7.60
N PHE CC 6 69.49 37.72 -6.36
CA PHE CC 6 69.04 36.82 -5.30
C PHE CC 6 67.53 36.79 -5.15
N ALA CC 7 66.87 37.93 -5.32
CA ALA CC 7 65.44 38.02 -5.05
C ALA CC 7 64.60 37.79 -6.30
N SER CC 8 64.88 36.75 -7.04
CA SER CC 8 64.05 36.51 -8.20
C SER CC 8 63.15 35.32 -7.93
N PRO CC 9 61.95 35.27 -8.53
CA PRO CC 9 61.02 34.17 -8.22
C PRO CC 9 61.50 32.79 -8.60
N LEU CC 10 62.21 32.66 -9.72
CA LEU CC 10 62.87 31.41 -10.05
C LEU CC 10 63.84 31.00 -8.97
N ASN CC 11 64.65 31.95 -8.49
CA ASN CC 11 65.60 31.64 -7.45
C ASN CC 11 64.92 31.27 -6.15
N VAL CC 12 63.83 31.96 -5.81
CA VAL CC 12 63.14 31.69 -4.55
C VAL CC 12 62.55 30.30 -4.54
N GLU CC 13 61.86 29.93 -5.62
CA GLU CC 13 61.31 28.57 -5.65
C GLU CC 13 62.42 27.54 -5.82
N LYS CC 14 63.55 27.90 -6.43
CA LYS CC 14 64.67 26.96 -6.53
C LYS CC 14 65.23 26.65 -5.16
N ARG CC 15 65.52 27.68 -4.37
CA ARG CC 15 66.03 27.47 -3.02
C ARG CC 15 65.05 26.68 -2.17
N ARG CC 16 63.77 27.01 -2.24
CA ARG CC 16 62.79 26.30 -1.44
C ARG CC 16 62.70 24.83 -1.84
N LEU CC 17 62.65 24.55 -3.14
CA LEU CC 17 62.43 23.18 -3.57
C LEU CC 17 63.65 22.30 -3.29
N ASN CC 18 64.84 22.75 -3.67
CA ASN CC 18 65.95 21.83 -3.46
C ASN CC 18 66.40 21.83 -2.00
N GLU CC 19 66.07 22.87 -1.25
CA GLU CC 19 66.41 22.82 0.16
C GLU CC 19 65.43 21.94 0.94
N GLU CC 20 64.15 21.88 0.54
CA GLU CC 20 63.29 20.88 1.19
C GLU CC 20 63.70 19.47 0.77
N ARG CC 21 64.21 19.30 -0.44
CA ARG CC 21 64.81 18.03 -0.81
C ARG CC 21 65.98 17.68 0.10
N ALA CC 22 66.84 18.65 0.39
CA ALA CC 22 67.98 18.40 1.26
C ALA CC 22 67.53 18.04 2.67
N LEU CC 23 66.52 18.73 3.18
CA LEU CC 23 66.00 18.40 4.51
C LEU CC 23 65.39 17.02 4.55
N MET CC 24 64.65 16.66 3.50
CA MET CC 24 64.02 15.34 3.47
C MET CC 24 65.08 14.25 3.45
N GLN CC 25 66.14 14.44 2.67
CA GLN CC 25 67.13 13.36 2.61
C GLN CC 25 68.00 13.34 3.87
N ALA CC 26 68.16 14.47 4.55
CA ALA CC 26 68.84 14.44 5.84
C ALA CC 26 68.01 13.71 6.89
N GLN CC 27 66.69 13.92 6.87
CA GLN CC 27 65.80 13.16 7.75
C GLN CC 27 65.82 11.68 7.41
N LYS CC 28 65.94 11.34 6.13
CA LYS CC 28 66.10 9.96 5.72
C LYS CC 28 67.38 9.36 6.29
N ALA CC 29 68.48 10.09 6.18
CA ALA CC 29 69.75 9.62 6.73
C ALA CC 29 69.77 9.74 8.24
N ASN CC 35 76.32 13.27 6.98
CA ASN CC 35 76.98 14.55 6.78
C ASN CC 35 76.37 15.32 5.62
N ILE CC 36 75.64 16.39 5.93
CA ILE CC 36 75.07 17.26 4.91
C ILE CC 36 75.14 18.69 5.42
N GLN CC 37 75.30 19.64 4.50
CA GLN CC 37 75.38 21.05 4.83
C GLN CC 37 74.03 21.68 4.57
N LEU CC 38 73.42 22.24 5.62
CA LEU CC 38 72.18 22.94 5.46
C LEU CC 38 72.39 24.41 5.82
N PRO CC 39 71.91 25.36 5.01
CA PRO CC 39 71.18 25.24 3.74
C PRO CC 39 72.11 24.87 2.59
N PRO CC 40 71.58 24.22 1.56
CA PRO CC 40 72.45 23.63 0.54
C PRO CC 40 73.17 24.67 -0.28
N ASN CC 41 74.35 24.29 -0.76
CA ASN CC 41 75.15 25.18 -1.56
C ASN CC 41 74.50 25.46 -2.90
N TYR CC 42 74.76 26.66 -3.41
CA TYR CC 42 74.19 27.07 -4.69
C TYR CC 42 74.68 26.19 -5.82
N GLY CC 43 75.90 25.66 -5.72
CA GLY CC 43 76.37 24.73 -6.71
C GLY CC 43 75.61 23.42 -6.71
N ASP CC 44 75.19 22.96 -5.54
CA ASP CC 44 74.42 21.73 -5.43
C ASP CC 44 72.94 21.94 -5.69
N MET CC 45 72.48 23.18 -5.80
CA MET CC 45 71.11 23.44 -6.17
C MET CC 45 70.82 23.01 -7.60
N ASP CC 46 69.61 22.53 -7.84
CA ASP CC 46 69.22 21.98 -9.14
C ASP CC 46 67.85 22.49 -9.55
N LEU CC 47 67.67 22.73 -10.85
CA LEU CC 47 66.52 23.44 -11.36
C LEU CC 47 66.16 22.93 -12.75
N ILE CC 48 64.86 22.96 -13.06
CA ILE CC 48 64.33 22.68 -14.38
C ILE CC 48 63.73 23.97 -14.90
N LEU CC 49 64.38 24.58 -15.89
CA LEU CC 49 64.03 25.93 -16.30
C LEU CC 49 62.69 25.98 -17.00
N PHE CC 50 62.43 25.01 -17.87
CA PHE CC 50 61.20 24.97 -18.60
C PHE CC 50 60.47 23.67 -18.29
N PRO CC 51 59.23 23.72 -17.86
CA PRO CC 51 58.50 22.49 -17.54
C PRO CC 51 58.10 21.69 -18.78
N GLU CC 52 57.27 20.68 -18.58
CA GLU CC 52 56.99 19.71 -19.64
C GLU CC 52 56.29 20.35 -20.83
N GLY CC 53 55.30 21.20 -20.58
CA GLY CC 53 54.50 21.70 -21.67
C GLY CC 53 54.72 23.15 -22.04
N SER CC 54 55.85 23.73 -21.61
CA SER CC 54 56.01 25.18 -21.74
C SER CC 54 56.42 25.57 -23.15
N LEU CC 55 57.56 25.07 -23.60
CA LEU CC 55 58.10 25.47 -24.89
C LEU CC 55 57.26 24.90 -26.03
N LYS CC 56 57.29 25.58 -27.17
CA LYS CC 56 56.41 25.23 -28.27
C LYS CC 56 56.99 25.80 -29.55
N ASN CC 57 57.09 24.98 -30.60
CA ASN CC 57 57.73 25.41 -31.83
C ASN CC 57 56.71 26.06 -32.77
N SER CC 58 57.10 26.25 -34.02
CA SER CC 58 56.23 26.96 -34.95
C SER CC 58 55.07 26.11 -35.43
N ASN CC 59 55.12 24.79 -35.26
CA ASN CC 59 54.02 23.92 -35.61
C ASN CC 59 53.09 23.66 -34.45
N ASN CC 60 53.30 24.34 -33.32
CA ASN CC 60 52.54 24.15 -32.09
C ASN CC 60 52.61 22.71 -31.59
N THR CC 61 53.78 22.10 -31.67
CA THR CC 61 54.04 20.82 -31.05
C THR CC 61 54.97 21.05 -29.87
N VAL CC 62 54.65 20.43 -28.73
CA VAL CC 62 55.33 20.74 -27.48
C VAL CC 62 56.76 20.20 -27.54
N ILE CC 63 57.73 21.08 -27.33
CA ILE CC 63 59.14 20.73 -27.32
C ILE CC 63 59.59 20.63 -25.88
N PRO CC 64 60.00 19.47 -25.40
CA PRO CC 64 60.53 19.39 -24.04
C PRO CC 64 61.87 20.07 -23.89
N GLN CC 65 62.28 20.22 -22.63
CA GLN CC 65 63.45 20.99 -22.26
C GLN CC 65 64.75 20.28 -22.57
N SER CC 66 64.73 18.96 -22.73
CA SER CC 66 65.96 18.21 -22.96
C SER CC 66 66.40 18.26 -24.41
N HIS CC 67 65.60 18.84 -25.29
CA HIS CC 67 65.90 18.91 -26.71
C HIS CC 67 66.84 20.05 -27.04
N LEU CC 68 67.10 20.94 -26.07
CA LEU CC 68 68.02 22.06 -26.24
C LEU CC 68 69.43 21.73 -25.78
N LYS CC 69 69.77 20.46 -25.62
CA LYS CC 69 71.11 20.11 -25.19
C LYS CC 69 72.11 20.41 -26.28
N GLY CC 70 73.21 21.05 -25.92
CA GLY CC 70 74.27 21.30 -26.88
C GLY CC 70 73.97 22.38 -27.88
N LYS CC 71 73.06 23.30 -27.57
CA LYS CC 71 72.71 24.40 -28.46
C LYS CC 71 72.75 25.70 -27.67
N SER CC 72 73.31 26.73 -28.28
CA SER CC 72 73.37 28.03 -27.62
C SER CC 72 71.98 28.65 -27.63
N VAL CC 73 71.32 28.71 -26.49
CA VAL CC 73 69.93 29.13 -26.43
C VAL CC 73 69.86 30.51 -25.81
N ALA CC 74 69.02 31.37 -26.39
CA ALA CC 74 68.89 32.73 -25.92
C ALA CC 74 67.43 33.13 -25.87
N LEU CC 75 67.06 33.89 -24.85
CA LEU CC 75 65.72 34.42 -24.73
C LEU CC 75 65.63 35.75 -25.44
N TYR CC 76 64.50 35.99 -26.10
CA TYR CC 76 64.23 37.21 -26.84
C TYR CC 76 62.99 37.83 -26.22
N PHE CC 77 63.20 38.85 -25.39
CA PHE CC 77 62.11 39.60 -24.78
C PHE CC 77 61.72 40.70 -25.73
N ALA CC 78 60.47 40.69 -26.17
CA ALA CC 78 60.09 41.54 -27.30
C ALA CC 78 58.64 41.96 -27.20
N ASP CC 79 58.33 43.08 -27.85
CA ASP CC 79 56.99 43.65 -27.86
C ASP CC 79 56.60 44.04 -29.29
N GLY CC 80 55.31 43.87 -29.59
CA GLY CC 80 54.85 44.11 -30.95
C GLY CC 80 54.73 45.57 -31.34
N ALA CC 81 54.58 46.46 -30.38
CA ALA CC 81 54.39 47.87 -30.67
C ALA CC 81 55.66 48.70 -30.58
N ASP CC 82 56.74 48.12 -30.10
CA ASP CC 82 57.99 48.86 -29.96
C ASP CC 82 58.64 49.00 -31.33
N PRO CC 83 58.92 50.21 -31.79
CA PRO CC 83 59.63 50.36 -33.06
C PRO CC 83 61.03 49.78 -33.04
N LYS CC 84 61.69 49.75 -31.89
CA LYS CC 84 63.00 49.12 -31.82
C LYS CC 84 62.90 47.61 -32.03
N CYS CC 85 61.85 46.98 -31.50
CA CYS CC 85 61.64 45.57 -31.75
C CYS CC 85 61.28 45.32 -33.21
N ALA CC 86 60.46 46.17 -33.78
CA ALA CC 86 60.13 46.05 -35.20
C ALA CC 86 61.37 46.24 -36.08
N SER CC 87 62.34 47.03 -35.63
CA SER CC 87 63.56 47.20 -36.40
C SER CC 87 64.56 46.09 -36.16
N LEU CC 88 64.54 45.47 -34.99
CA LEU CC 88 65.52 44.45 -34.69
C LEU CC 88 65.12 43.07 -35.18
N LEU CC 89 63.83 42.82 -35.36
CA LEU CC 89 63.37 41.49 -35.78
C LEU CC 89 64.03 40.97 -37.05
N PRO CC 90 64.14 41.71 -38.16
CA PRO CC 90 64.67 41.08 -39.37
C PRO CC 90 66.15 40.75 -39.31
N PHE CC 91 66.94 41.56 -38.61
CA PHE CC 91 68.35 41.25 -38.47
C PHE CC 91 68.56 39.95 -37.71
N LEU CC 92 67.75 39.74 -36.68
CA LEU CC 92 67.91 38.53 -35.89
C LEU CC 92 67.35 37.33 -36.65
N LEU CC 93 66.34 37.56 -37.50
CA LEU CC 93 65.86 36.52 -38.40
C LEU CC 93 66.99 36.03 -39.29
N ASN CC 94 67.70 36.96 -39.91
CA ASN CC 94 68.76 36.58 -40.83
C ASN CC 94 69.96 35.98 -40.10
N TYR CC 95 70.24 36.43 -38.87
CA TYR CC 95 71.31 35.81 -38.11
C TYR CC 95 71.01 34.36 -37.81
N TYR CC 96 69.77 34.07 -37.40
CA TYR CC 96 69.36 32.69 -37.17
C TYR CC 96 69.46 31.86 -38.45
N ARG CC 97 69.02 32.45 -39.56
CA ARG CC 97 69.13 31.81 -40.88
C ARG CC 97 70.57 31.42 -41.21
N THR CC 98 71.48 32.39 -41.17
CA THR CC 98 72.86 32.12 -41.58
C THR CC 98 73.53 31.15 -40.63
N MET CC 99 73.37 31.35 -39.32
CA MET CC 99 74.04 30.53 -38.34
C MET CC 99 73.59 29.08 -38.40
N ASN CC 100 72.33 28.84 -38.74
CA ASN CC 100 71.89 27.46 -38.74
C ASN CC 100 71.96 26.79 -40.11
N GLU CC 101 71.93 27.55 -41.20
CA GLU CC 101 72.20 26.94 -42.50
C GLU CC 101 73.67 26.58 -42.64
N GLY CC 102 74.55 27.55 -42.51
CA GLY CC 102 75.92 27.27 -42.85
C GLY CC 102 76.65 26.47 -41.79
N GLY CC 103 76.35 25.18 -41.69
CA GLY CC 103 77.00 24.38 -40.67
C GLY CC 103 76.62 22.93 -40.79
N ALA CC 104 77.23 22.13 -39.92
CA ALA CC 104 76.97 20.70 -39.88
C ALA CC 104 75.89 20.30 -38.89
N ASN CC 105 75.62 21.13 -37.89
CA ASN CC 105 74.50 20.91 -37.00
C ASN CC 105 73.96 22.26 -36.55
N GLN CC 106 72.81 22.24 -35.89
CA GLN CC 106 72.20 23.46 -35.42
C GLN CC 106 73.04 24.07 -34.31
N LYS CC 107 73.27 25.38 -34.39
CA LYS CC 107 74.12 26.06 -33.42
C LYS CC 107 73.30 26.77 -32.35
N ILE CC 108 72.40 27.64 -32.76
CA ILE CC 108 71.73 28.53 -31.82
C ILE CC 108 70.24 28.27 -31.85
N GLU CC 109 69.57 28.68 -30.77
CA GLU CC 109 68.12 28.60 -30.65
C GLU CC 109 67.62 29.84 -29.92
N ILE CC 110 66.41 30.27 -30.27
CA ILE CC 110 65.82 31.48 -29.73
C ILE CC 110 64.48 31.12 -29.09
N ILE CC 111 64.24 31.65 -27.91
CA ILE CC 111 63.04 31.37 -27.14
C ILE CC 111 62.35 32.71 -26.95
N PHE CC 112 61.11 32.80 -27.38
CA PHE CC 112 60.42 34.07 -27.43
C PHE CC 112 59.59 34.29 -26.17
N VAL CC 113 59.87 35.37 -25.46
CA VAL CC 113 59.07 35.83 -24.34
C VAL CC 113 58.50 37.19 -24.68
N SER CC 114 57.20 37.31 -24.51
CA SER CC 114 56.44 38.41 -25.10
C SER CC 114 56.08 39.43 -24.04
N LEU CC 115 56.09 40.69 -24.44
CA LEU CC 115 55.66 41.79 -23.61
C LEU CC 115 54.44 42.46 -24.22
N ASP CC 116 53.70 41.70 -25.03
CA ASP CC 116 52.65 42.25 -25.87
C ASP CC 116 51.42 42.62 -25.05
N ARG CC 117 50.52 43.35 -25.70
CA ARG CC 117 49.35 43.87 -25.01
C ARG CC 117 48.32 42.78 -24.74
N ASP CC 118 48.03 41.91 -25.72
CA ASP CC 118 47.04 40.88 -25.50
C ASP CC 118 47.25 39.71 -26.46
N ARG CC 119 46.24 38.86 -26.54
CA ARG CC 119 46.35 37.56 -27.19
C ARG CC 119 46.53 37.67 -28.69
N GLU CC 120 45.75 38.50 -29.36
CA GLU CC 120 45.90 38.59 -30.81
C GLU CC 120 47.19 39.28 -31.20
N ALA CC 121 47.67 40.21 -30.37
CA ALA CC 121 48.99 40.79 -30.59
C ALA CC 121 50.09 39.74 -30.47
N PHE CC 122 49.98 38.86 -29.47
CA PHE CC 122 50.95 37.78 -29.33
C PHE CC 122 50.93 36.85 -30.52
N GLU CC 123 49.73 36.44 -30.94
CA GLU CC 123 49.66 35.48 -32.04
C GLU CC 123 50.15 36.08 -33.35
N SER CC 124 49.79 37.32 -33.62
CA SER CC 124 50.25 37.99 -34.83
C SER CC 124 51.76 38.18 -34.83
N HIS CC 125 52.35 38.51 -33.68
CA HIS CC 125 53.80 38.70 -33.66
C HIS CC 125 54.55 37.38 -33.68
N ARG CC 126 54.00 36.34 -33.09
CA ARG CC 126 54.67 35.05 -33.07
C ARG CC 126 54.54 34.33 -34.40
N ALA CC 127 53.57 34.72 -35.23
CA ALA CC 127 53.48 34.12 -36.56
C ALA CC 127 54.71 34.40 -37.41
N HIS CC 128 55.40 35.51 -37.17
CA HIS CC 128 56.59 35.83 -37.93
C HIS CC 128 57.82 35.05 -37.48
N MET CC 129 57.72 34.26 -36.42
CA MET CC 129 58.88 33.86 -35.66
C MET CC 129 58.98 32.34 -35.65
N PRO CC 130 60.04 31.76 -36.23
CA PRO CC 130 60.09 30.31 -36.40
C PRO CC 130 60.67 29.54 -35.23
N TRP CC 131 61.27 30.20 -34.27
CA TRP CC 131 61.93 29.54 -33.16
C TRP CC 131 60.90 29.33 -32.05
N LEU CC 132 61.34 28.92 -30.87
CA LEU CC 132 60.34 28.47 -29.91
C LEU CC 132 59.81 29.67 -29.14
N SER CC 133 58.72 29.47 -28.40
CA SER CC 133 58.12 30.57 -27.65
C SER CC 133 57.39 30.03 -26.44
N ILE CC 134 57.17 30.90 -25.45
CA ILE CC 134 56.28 30.57 -24.34
C ILE CC 134 55.00 31.36 -24.53
N ASP CC 135 53.86 30.67 -24.41
CA ASP CC 135 52.56 31.32 -24.51
C ASP CC 135 52.37 32.31 -23.37
N LEU CC 136 51.60 33.36 -23.65
CA LEU CC 136 51.61 34.54 -22.79
C LEU CC 136 50.91 34.29 -21.46
N GLU CC 137 49.86 33.46 -21.44
CA GLU CC 137 49.13 33.29 -20.19
C GLU CC 137 49.88 32.42 -19.20
N ASN CC 138 50.87 31.68 -19.66
CA ASN CC 138 51.69 30.86 -18.78
C ASN CC 138 52.46 31.77 -17.83
N PRO CC 139 52.48 31.47 -16.53
CA PRO CC 139 53.19 32.34 -15.58
C PRO CC 139 54.69 32.38 -15.78
N LEU CC 140 55.27 31.44 -16.54
CA LEU CC 140 56.71 31.42 -16.75
C LEU CC 140 57.20 32.66 -17.50
N THR CC 141 56.34 33.30 -18.29
CA THR CC 141 56.75 34.53 -18.96
C THR CC 141 57.03 35.64 -17.96
N GLU CC 142 56.10 35.86 -17.05
CA GLU CC 142 56.31 36.89 -16.04
C GLU CC 142 57.44 36.53 -15.10
N ILE CC 143 57.57 35.24 -14.77
CA ILE CC 143 58.66 34.83 -13.90
C ILE CC 143 60.01 35.05 -14.56
N LEU CC 144 60.10 34.82 -15.87
CA LEU CC 144 61.35 35.05 -16.59
C LEU CC 144 61.67 36.53 -16.71
N LYS CC 145 60.64 37.37 -16.93
CA LYS CC 145 60.82 38.80 -16.92
C LYS CC 145 61.42 39.26 -15.60
N ARG CC 146 60.83 38.79 -14.49
CA ARG CC 146 61.29 39.21 -13.17
C ARG CC 146 62.68 38.68 -12.89
N HIS CC 147 62.97 37.46 -13.33
CA HIS CC 147 64.25 36.83 -13.06
C HIS CC 147 65.38 37.53 -13.79
N PHE CC 148 65.15 37.94 -15.04
CA PHE CC 148 66.21 38.54 -15.83
C PHE CC 148 66.11 40.06 -15.88
N ARG CC 149 65.23 40.65 -15.07
CA ARG CC 149 65.23 42.09 -14.81
C ARG CC 149 64.89 42.91 -16.05
N VAL CC 150 63.96 42.43 -16.86
CA VAL CC 150 63.55 43.15 -18.06
C VAL CC 150 62.16 43.71 -17.83
N MET CC 151 61.96 44.97 -18.23
CA MET CC 151 60.69 45.65 -17.98
C MET CC 151 60.56 46.83 -18.93
N LYS CC 152 59.32 47.08 -19.38
CA LYS CC 152 59.07 48.22 -20.23
C LYS CC 152 59.02 49.51 -19.42
N GLU CC 153 58.08 49.59 -18.50
CA GLU CC 153 57.97 50.70 -17.56
C GLU CC 153 57.95 50.15 -16.14
N TYR CC 154 58.35 50.99 -15.19
CA TYR CC 154 58.58 50.56 -13.83
C TYR CC 154 57.26 50.36 -13.07
N GLU CC 155 56.44 49.45 -13.58
CA GLU CC 155 55.14 49.14 -12.97
C GLU CC 155 55.20 47.90 -12.10
N VAL CC 156 56.33 47.19 -12.08
CA VAL CC 156 56.49 45.96 -11.33
C VAL CC 156 57.54 46.20 -10.26
N PRO CC 157 57.26 45.91 -8.99
CA PRO CC 157 58.22 46.23 -7.93
C PRO CC 157 59.49 45.40 -8.06
N THR CC 158 60.61 46.06 -7.82
CA THR CC 158 61.91 45.41 -7.79
C THR CC 158 62.60 45.77 -6.50
N TYR CC 159 63.10 44.74 -5.82
CA TYR CC 159 63.53 44.83 -4.43
C TYR CC 159 64.90 45.50 -4.35
N GLY CC 160 64.89 46.81 -4.53
CA GLY CC 160 66.13 47.56 -4.48
C GLY CC 160 67.03 47.33 -5.67
N TYR CC 161 66.48 46.84 -6.76
CA TYR CC 161 67.22 46.48 -7.96
C TYR CC 161 67.54 47.70 -8.77
N GLY CC 162 67.92 47.47 -10.00
CA GLY CC 162 67.69 48.45 -11.04
C GLY CC 162 66.75 47.85 -12.05
N SER CC 163 66.99 48.09 -13.32
CA SER CC 163 66.41 47.31 -14.40
C SER CC 163 67.55 46.99 -15.35
N ARG CC 164 67.69 45.71 -15.70
CA ARG CC 164 68.83 45.32 -16.53
C ARG CC 164 68.72 45.94 -17.91
N THR CC 165 67.52 45.95 -18.48
CA THR CC 165 67.34 46.38 -19.86
C THR CC 165 65.87 46.67 -20.08
N GLY CC 166 65.53 46.96 -21.32
CA GLY CC 166 64.15 47.10 -21.74
C GLY CC 166 63.91 46.31 -23.01
N VAL CC 167 62.68 46.42 -23.49
CA VAL CC 167 62.37 45.83 -24.79
C VAL CC 167 63.14 46.57 -25.87
N PRO CC 168 63.76 45.88 -26.83
CA PRO CC 168 63.98 44.45 -26.93
C PRO CC 168 65.25 44.02 -26.25
N SER CC 169 65.36 42.73 -25.94
CA SER CC 169 66.66 42.25 -25.51
C SER CC 169 66.80 40.76 -25.81
N VAL CC 170 68.04 40.33 -25.93
CA VAL CC 170 68.38 38.92 -26.02
C VAL CC 170 69.34 38.57 -24.90
N ILE CC 171 69.03 37.49 -24.20
CA ILE CC 171 69.78 37.04 -23.03
C ILE CC 171 70.23 35.62 -23.32
N VAL CC 172 71.53 35.41 -23.42
CA VAL CC 172 72.03 34.05 -23.65
C VAL CC 172 72.11 33.37 -22.29
N ILE CC 173 71.42 32.25 -22.15
CA ILE CC 173 71.15 31.68 -20.85
C ILE CC 173 71.84 30.34 -20.69
N GLY CC 174 72.20 30.03 -19.45
CA GLY CC 174 72.71 28.73 -19.08
C GLY CC 174 71.61 27.83 -18.56
N SER CC 175 72.01 26.66 -18.08
CA SER CC 175 71.03 25.70 -17.61
C SER CC 175 70.45 26.08 -16.26
N ASP CC 176 71.26 26.66 -15.38
CA ASP CC 176 70.80 27.00 -14.05
C ASP CC 176 70.19 28.38 -13.97
N GLY CC 177 70.10 29.09 -15.09
CA GLY CC 177 69.43 30.36 -15.13
C GLY CC 177 70.33 31.57 -15.14
N ARG CC 178 71.64 31.38 -15.14
CA ARG CC 178 72.53 32.54 -15.18
C ARG CC 178 72.54 33.14 -16.58
N GLU CC 179 72.89 34.41 -16.67
CA GLU CC 179 73.10 35.02 -17.97
C GLU CC 179 74.54 34.73 -18.38
N ALA CC 180 74.70 34.03 -19.50
CA ALA CC 180 76.03 33.76 -19.99
C ALA CC 180 76.67 35.02 -20.53
N GLN CC 181 75.94 35.74 -21.37
CA GLN CC 181 76.28 37.10 -21.74
C GLN CC 181 75.03 37.79 -22.27
N PHE CC 182 74.98 39.09 -22.06
CA PHE CC 182 73.86 39.93 -22.45
C PHE CC 182 74.29 40.77 -23.64
N LEU CC 183 73.68 40.52 -24.79
CA LEU CC 183 74.12 41.16 -26.01
C LEU CC 183 73.71 42.63 -25.98
N PRO CC 184 74.63 43.55 -26.12
CA PRO CC 184 74.37 44.96 -25.85
C PRO CC 184 73.70 45.73 -26.98
N ILE CC 185 72.38 45.61 -27.05
CA ILE CC 185 71.59 46.28 -28.07
C ILE CC 185 71.13 47.64 -27.57
N CYS CC 186 70.35 47.66 -26.50
CA CYS CC 186 69.95 48.89 -25.82
C CYS CC 186 70.52 48.81 -24.42
N SER CC 187 71.78 49.18 -24.28
CA SER CC 187 72.52 48.98 -23.05
C SER CC 187 73.62 50.02 -22.95
N GLY CC 188 74.63 49.74 -22.14
CA GLY CC 188 75.77 50.63 -22.03
C GLY CC 188 76.56 50.75 -23.32
N LEU CC 189 76.55 49.71 -24.15
CA LEU CC 189 77.26 49.78 -25.41
C LEU CC 189 76.40 50.33 -26.55
N GLU CC 190 75.09 50.06 -26.52
CA GLU CC 190 74.12 50.63 -27.45
C GLU CC 190 74.41 50.29 -28.90
N GLU CC 191 75.10 49.18 -29.15
CA GLU CC 191 75.43 48.80 -30.52
C GLU CC 191 74.23 48.06 -31.09
N GLY CC 192 73.26 48.83 -31.57
CA GLY CC 192 72.01 48.24 -32.01
C GLY CC 192 72.19 47.43 -33.28
N ASP CC 193 71.68 46.19 -33.27
CA ASP CC 193 71.57 45.28 -34.42
C ASP CC 193 72.92 44.80 -34.92
N ARG CC 194 74.00 45.32 -34.36
CA ARG CC 194 75.35 44.82 -34.60
C ARG CC 194 75.87 44.04 -33.40
N ALA CC 195 75.22 44.18 -32.25
CA ALA CC 195 75.58 43.41 -31.07
C ALA CC 195 75.32 41.92 -31.21
N LEU CC 196 74.51 41.52 -32.20
CA LEU CC 196 74.21 40.11 -32.36
C LEU CC 196 75.42 39.31 -32.80
N LEU CC 197 76.42 39.95 -33.38
CA LEU CC 197 77.63 39.26 -33.78
C LEU CC 197 78.52 38.89 -32.60
N ARG CC 198 78.20 39.35 -31.40
CA ARG CC 198 79.01 39.06 -30.23
C ARG CC 198 78.72 37.71 -29.61
N TRP CC 199 77.73 36.99 -30.11
CA TRP CC 199 77.28 35.76 -29.47
C TRP CC 199 78.34 34.69 -29.55
N ASP CC 200 78.68 34.10 -28.41
CA ASP CC 200 79.72 33.09 -28.33
C ASP CC 200 79.06 31.72 -28.22
N TRP CC 201 78.65 31.21 -29.37
CA TRP CC 201 77.98 29.93 -29.41
C TRP CC 201 78.93 28.76 -29.19
N ARG CC 202 80.23 28.97 -29.28
CA ARG CC 202 81.17 27.90 -29.00
C ARG CC 202 81.28 27.62 -27.52
N ASN CC 203 81.14 28.65 -26.69
CA ASN CC 203 81.25 28.48 -25.24
C ASN CC 203 79.91 28.36 -24.55
N THR CC 204 78.94 29.20 -24.89
CA THR CC 204 77.68 29.18 -24.17
C THR CC 204 76.81 28.07 -24.74
N LYS CC 205 76.98 26.87 -24.22
CA LYS CC 205 76.22 25.70 -24.65
C LYS CC 205 75.26 25.29 -23.53
N PHE CC 206 74.00 25.09 -23.88
CA PHE CC 206 73.00 24.68 -22.90
C PHE CC 206 73.21 23.23 -22.51
N ALA CC 207 73.66 23.00 -21.29
CA ALA CC 207 73.90 21.65 -20.81
C ALA CC 207 73.01 21.33 -19.63
N SER DC 2 15.48 92.23 1.14
CA SER DC 2 16.02 93.54 1.45
C SER DC 2 16.68 94.23 0.28
N GLN DC 3 16.32 93.82 -0.94
CA GLN DC 3 16.81 94.44 -2.16
C GLN DC 3 15.65 94.59 -3.13
N PRO DC 4 15.54 95.73 -3.82
CA PRO DC 4 16.41 96.89 -3.74
C PRO DC 4 16.05 97.82 -2.61
N VAL DC 5 14.88 97.61 -2.02
CA VAL DC 5 14.40 98.43 -0.91
C VAL DC 5 13.92 97.50 0.18
N PHE DC 6 13.82 98.04 1.39
CA PHE DC 6 13.38 97.22 2.51
C PHE DC 6 11.88 97.21 2.67
N ALA DC 7 11.23 98.35 2.46
CA ALA DC 7 9.81 98.48 2.72
C ALA DC 7 8.95 98.22 1.49
N SER DC 8 9.18 97.12 0.81
CA SER DC 8 8.41 96.83 -0.37
C SER DC 8 7.54 95.62 -0.12
N PRO DC 9 6.31 95.59 -0.64
CA PRO DC 9 5.38 94.50 -0.29
C PRO DC 9 5.84 93.13 -0.72
N LEU DC 10 6.57 93.04 -1.84
CA LEU DC 10 7.19 91.78 -2.23
C LEU DC 10 8.16 91.31 -1.16
N ASN DC 11 9.00 92.21 -0.66
CA ASN DC 11 9.95 91.81 0.37
C ASN DC 11 9.26 91.53 1.69
N VAL DC 12 8.16 92.22 1.98
CA VAL DC 12 7.48 91.99 3.24
C VAL DC 12 6.86 90.60 3.28
N GLU DC 13 6.20 90.21 2.18
CA GLU DC 13 5.70 88.85 2.14
C GLU DC 13 6.81 87.83 2.01
N LYS DC 14 7.96 88.21 1.41
CA LYS DC 14 9.09 87.30 1.36
C LYS DC 14 9.58 87.00 2.77
N ARG DC 15 9.71 88.03 3.60
CA ARG DC 15 10.09 87.81 4.99
C ARG DC 15 9.08 86.95 5.72
N ARG DC 16 7.80 87.29 5.63
CA ARG DC 16 6.81 86.56 6.41
C ARG DC 16 6.77 85.09 6.03
N LEU DC 17 6.78 84.81 4.72
CA LEU DC 17 6.79 83.43 4.26
C LEU DC 17 8.06 82.70 4.68
N ASN DC 18 9.21 83.35 4.56
CA ASN DC 18 10.45 82.61 4.66
C ASN DC 18 10.83 82.36 6.11
N GLU DC 19 10.63 83.32 6.99
CA GLU DC 19 10.81 82.95 8.38
C GLU DC 19 9.62 82.22 8.99
N GLU DC 20 8.45 82.17 8.34
CA GLU DC 20 7.47 81.16 8.71
C GLU DC 20 8.03 79.76 8.44
N ARG DC 21 8.64 79.58 7.27
CA ARG DC 21 9.26 78.30 6.93
C ARG DC 21 10.40 77.97 7.88
N ALA DC 22 11.22 78.96 8.20
CA ALA DC 22 12.35 78.73 9.09
C ALA DC 22 11.89 78.38 10.50
N LEU DC 23 10.81 79.02 10.95
CA LEU DC 23 10.30 78.71 12.29
C LEU DC 23 9.75 77.31 12.36
N MET DC 24 9.00 76.89 11.33
CA MET DC 24 8.48 75.52 11.39
C MET DC 24 9.60 74.51 11.21
N GLN DC 25 10.68 74.87 10.49
CA GLN DC 25 11.83 73.99 10.43
C GLN DC 25 12.49 73.83 11.80
N ALA DC 26 12.59 74.93 12.55
CA ALA DC 26 13.17 74.85 13.89
C ALA DC 26 12.29 74.03 14.82
N GLN DC 27 10.98 74.16 14.69
CA GLN DC 27 10.07 73.36 15.51
C GLN DC 27 10.16 71.88 15.15
N LYS DC 28 10.35 71.58 13.86
CA LYS DC 28 10.57 70.20 13.45
C LYS DC 28 11.87 69.64 14.02
N ALA DC 29 12.93 70.44 13.97
CA ALA DC 29 14.22 70.00 14.52
C ALA DC 29 14.19 70.02 16.04
N ASN DC 35 20.96 73.28 14.73
CA ASN DC 35 21.55 74.60 14.53
C ASN DC 35 20.86 75.37 13.42
N ILE DC 36 20.05 76.35 13.80
CA ILE DC 36 19.38 77.23 12.85
C ILE DC 36 19.60 78.66 13.33
N GLN DC 37 19.63 79.59 12.38
CA GLN DC 37 19.92 80.99 12.67
C GLN DC 37 18.66 81.78 12.40
N LEU DC 38 18.06 82.33 13.44
CA LEU DC 38 16.88 83.13 13.24
C LEU DC 38 17.12 84.58 13.64
N PRO DC 39 16.63 85.55 12.86
CA PRO DC 39 15.86 85.45 11.61
C PRO DC 39 16.75 85.14 10.41
N PRO DC 40 16.20 84.50 9.38
CA PRO DC 40 17.04 83.91 8.33
C PRO DC 40 17.73 84.94 7.47
N ASN DC 41 18.85 84.52 6.89
CA ASN DC 41 19.66 85.40 6.08
C ASN DC 41 18.99 85.72 4.74
N TYR DC 42 19.19 86.96 4.31
CA TYR DC 42 18.65 87.41 3.04
C TYR DC 42 19.19 86.58 1.88
N GLY DC 43 20.43 86.09 1.99
CA GLY DC 43 20.95 85.20 0.96
C GLY DC 43 20.34 83.82 1.00
N ASP DC 44 19.89 83.39 2.16
CA ASP DC 44 19.21 82.11 2.27
C ASP DC 44 17.73 82.22 1.97
N MET DC 45 17.25 83.42 1.67
CA MET DC 45 15.84 83.62 1.40
C MET DC 45 15.50 83.36 -0.06
N ASP DC 46 14.40 82.66 -0.31
CA ASP DC 46 13.99 82.27 -1.65
C ASP DC 46 12.56 82.72 -1.95
N LEU DC 47 12.32 83.08 -3.21
CA LEU DC 47 11.08 83.71 -3.63
C LEU DC 47 10.70 83.25 -5.03
N ILE DC 48 9.39 83.18 -5.27
CA ILE DC 48 8.82 82.86 -6.58
C ILE DC 48 8.22 84.14 -7.13
N LEU DC 49 8.88 84.72 -8.14
CA LEU DC 49 8.58 86.09 -8.54
C LEU DC 49 7.24 86.19 -9.24
N PHE DC 50 6.92 85.23 -10.09
CA PHE DC 50 5.67 85.21 -10.78
C PHE DC 50 4.93 83.92 -10.48
N PRO DC 51 3.67 83.99 -10.09
CA PRO DC 51 2.93 82.77 -9.77
C PRO DC 51 2.57 81.95 -10.99
N GLU DC 52 1.73 80.94 -10.79
CA GLU DC 52 1.45 79.96 -11.86
C GLU DC 52 0.77 80.61 -13.06
N GLY DC 53 -0.18 81.51 -12.82
CA GLY DC 53 -0.96 82.01 -13.93
C GLY DC 53 -0.74 83.47 -14.26
N SER DC 54 0.40 84.03 -13.87
CA SER DC 54 0.58 85.47 -13.98
C SER DC 54 1.00 85.89 -15.38
N LEU DC 55 2.15 85.41 -15.83
CA LEU DC 55 2.66 85.79 -17.13
C LEU DC 55 1.78 85.21 -18.23
N LYS DC 56 1.73 85.91 -19.36
CA LYS DC 56 0.86 85.49 -20.44
C LYS DC 56 1.43 86.04 -21.75
N ASN DC 57 1.57 85.18 -22.75
CA ASN DC 57 2.23 85.55 -23.99
C ASN DC 57 1.27 86.33 -24.90
N SER DC 58 1.68 86.55 -26.14
CA SER DC 58 0.86 87.34 -27.05
C SER DC 58 -0.32 86.55 -27.60
N ASN DC 59 -0.30 85.23 -27.48
CA ASN DC 59 -1.41 84.40 -27.90
C ASN DC 59 -2.39 84.13 -26.77
N ASN DC 60 -2.24 84.84 -25.64
CA ASN DC 60 -3.02 84.62 -24.43
C ASN DC 60 -2.90 83.17 -23.94
N THR DC 61 -1.66 82.71 -23.80
CA THR DC 61 -1.35 81.41 -23.24
C THR DC 61 -0.50 81.61 -22.00
N VAL DC 62 -0.86 80.93 -20.92
CA VAL DC 62 -0.21 81.14 -19.64
C VAL DC 62 1.20 80.58 -19.68
N ILE DC 63 2.18 81.42 -19.39
CA ILE DC 63 3.60 81.10 -19.44
C ILE DC 63 4.10 80.95 -18.01
N PRO DC 64 4.51 79.76 -17.59
CA PRO DC 64 5.19 79.61 -16.31
C PRO DC 64 6.48 80.40 -16.22
N GLN DC 65 6.90 80.63 -14.98
CA GLN DC 65 8.15 81.33 -14.72
C GLN DC 65 9.36 80.53 -15.17
N SER DC 66 9.25 79.20 -15.14
CA SER DC 66 10.37 78.33 -15.47
C SER DC 66 10.80 78.43 -16.92
N HIS DC 67 10.00 79.05 -17.78
CA HIS DC 67 10.38 79.22 -19.18
C HIS DC 67 11.45 80.28 -19.36
N LEU DC 68 11.68 81.11 -18.34
CA LEU DC 68 12.55 82.25 -18.43
C LEU DC 68 13.98 81.95 -17.98
N LYS DC 69 14.32 80.70 -17.76
CA LYS DC 69 15.68 80.37 -17.32
C LYS DC 69 16.65 80.64 -18.46
N GLY DC 70 17.72 81.35 -18.14
CA GLY DC 70 18.76 81.60 -19.12
C GLY DC 70 18.49 82.70 -20.10
N LYS DC 71 17.56 83.61 -19.81
CA LYS DC 71 17.24 84.72 -20.69
C LYS DC 71 17.26 86.00 -19.89
N SER DC 72 17.82 87.06 -20.47
CA SER DC 72 17.84 88.35 -19.80
C SER DC 72 16.45 88.94 -19.84
N VAL DC 73 15.78 89.01 -18.69
CA VAL DC 73 14.38 89.43 -18.65
C VAL DC 73 14.31 90.83 -18.03
N ALA DC 74 13.50 91.68 -18.63
CA ALA DC 74 13.37 93.06 -18.17
C ALA DC 74 11.92 93.46 -18.12
N LEU DC 75 11.55 94.22 -17.10
CA LEU DC 75 10.22 94.77 -17.01
C LEU DC 75 10.13 96.09 -17.76
N TYR DC 76 8.97 96.32 -18.37
CA TYR DC 76 8.68 97.52 -19.13
C TYR DC 76 7.47 98.17 -18.46
N PHE DC 77 7.74 99.13 -17.58
CA PHE DC 77 6.68 99.90 -16.95
C PHE DC 77 6.29 100.99 -17.92
N ALA DC 78 5.04 100.94 -18.41
CA ALA DC 78 4.66 101.74 -19.56
C ALA DC 78 3.22 102.22 -19.44
N ASP DC 79 2.94 103.36 -20.08
CA ASP DC 79 1.61 103.98 -20.07
C ASP DC 79 1.21 104.35 -21.49
N GLY DC 80 -0.09 104.26 -21.77
CA GLY DC 80 -0.57 104.51 -23.12
C GLY DC 80 -0.62 105.97 -23.51
N ALA DC 81 -0.88 106.85 -22.55
CA ALA DC 81 -1.06 108.26 -22.86
C ALA DC 81 0.23 109.07 -22.76
N ASP DC 82 1.31 108.47 -22.29
CA ASP DC 82 2.57 109.19 -22.16
C ASP DC 82 3.21 109.34 -23.53
N PRO DC 83 3.47 110.56 -24.00
CA PRO DC 83 4.16 110.71 -25.27
C PRO DC 83 5.58 110.17 -25.25
N LYS DC 84 6.24 110.17 -24.09
CA LYS DC 84 7.55 109.56 -24.02
C LYS DC 84 7.48 108.05 -24.20
N CYS DC 85 6.44 107.41 -23.65
CA CYS DC 85 6.26 105.99 -23.88
C CYS DC 85 5.93 105.69 -25.32
N ALA DC 86 5.08 106.51 -25.94
CA ALA DC 86 4.78 106.33 -27.35
C ALA DC 86 6.02 106.53 -28.22
N SER DC 87 6.95 107.38 -27.81
CA SER DC 87 8.19 107.55 -28.57
C SER DC 87 9.17 106.41 -28.33
N LEU DC 88 9.25 105.90 -27.09
CA LEU DC 88 10.22 104.85 -26.79
C LEU DC 88 9.81 103.51 -27.36
N LEU DC 89 8.50 103.26 -27.51
CA LEU DC 89 8.03 101.94 -27.90
C LEU DC 89 8.61 101.39 -29.21
N PRO DC 90 8.69 102.13 -30.33
CA PRO DC 90 9.23 101.49 -31.53
C PRO DC 90 10.70 101.15 -31.46
N PHE DC 91 11.47 101.94 -30.71
CA PHE DC 91 12.89 101.62 -30.55
C PHE DC 91 13.06 100.32 -29.77
N LEU DC 92 12.24 100.13 -28.74
CA LEU DC 92 12.27 98.88 -28.00
C LEU DC 92 11.83 97.71 -28.87
N LEU DC 93 10.84 97.94 -29.74
CA LEU DC 93 10.37 96.89 -30.63
C LEU DC 93 11.49 96.45 -31.56
N ASN DC 94 12.18 97.41 -32.15
CA ASN DC 94 13.26 97.09 -33.07
C ASN DC 94 14.44 96.43 -32.36
N TYR DC 95 14.73 96.85 -31.13
CA TYR DC 95 15.82 96.23 -30.39
C TYR DC 95 15.51 94.77 -30.09
N TYR DC 96 14.28 94.48 -29.68
CA TYR DC 96 13.88 93.11 -29.41
C TYR DC 96 13.93 92.26 -30.67
N ARG DC 97 13.39 92.79 -31.77
CA ARG DC 97 13.54 92.23 -33.11
C ARG DC 97 14.97 91.81 -33.43
N THR DC 98 15.90 92.77 -33.44
CA THR DC 98 17.25 92.50 -33.92
C THR DC 98 18.01 91.58 -32.98
N MET DC 99 17.94 91.85 -31.67
CA MET DC 99 18.63 91.04 -30.69
C MET DC 99 18.14 89.60 -30.68
N ASN DC 100 16.87 89.34 -30.98
CA ASN DC 100 16.39 87.97 -30.90
C ASN DC 100 16.42 87.24 -32.24
N GLU DC 101 16.42 87.96 -33.36
CA GLU DC 101 16.70 87.31 -34.63
C GLU DC 101 18.17 86.94 -34.74
N GLY DC 102 19.06 87.91 -34.66
CA GLY DC 102 20.43 87.64 -35.03
C GLY DC 102 21.19 86.82 -34.00
N GLY DC 103 20.87 85.54 -33.90
CA GLY DC 103 21.58 84.69 -32.94
C GLY DC 103 21.08 83.28 -33.03
N ALA DC 104 21.77 82.40 -32.31
CA ALA DC 104 21.43 80.99 -32.26
C ALA DC 104 20.46 80.65 -31.14
N ASN DC 105 20.17 81.58 -30.26
CA ASN DC 105 19.28 81.34 -29.13
C ASN DC 105 18.55 82.62 -28.78
N GLN DC 106 17.42 82.49 -28.11
CA GLN DC 106 16.73 83.67 -27.60
C GLN DC 106 17.55 84.30 -26.49
N LYS DC 107 17.70 85.61 -26.54
CA LYS DC 107 18.57 86.32 -25.61
C LYS DC 107 17.80 87.10 -24.56
N ILE DC 108 16.89 87.98 -24.97
CA ILE DC 108 16.20 88.84 -24.02
C ILE DC 108 14.70 88.59 -24.08
N GLU DC 109 14.03 88.90 -22.98
CA GLU DC 109 12.58 88.84 -22.88
C GLU DC 109 12.07 90.04 -22.12
N ILE DC 110 10.87 90.49 -22.45
CA ILE DC 110 10.28 91.68 -21.85
C ILE DC 110 8.94 91.31 -21.22
N ILE DC 111 8.74 91.75 -19.99
CA ILE DC 111 7.49 91.59 -19.27
C ILE DC 111 6.87 92.98 -19.16
N PHE DC 112 5.62 93.11 -19.55
CA PHE DC 112 4.98 94.41 -19.63
C PHE DC 112 4.14 94.64 -18.39
N VAL DC 113 4.40 95.74 -17.69
CA VAL DC 113 3.62 96.15 -16.54
C VAL DC 113 3.02 97.51 -16.85
N SER DC 114 1.70 97.60 -16.73
CA SER DC 114 0.93 98.69 -17.28
C SER DC 114 0.61 99.73 -16.22
N LEU DC 115 0.65 100.99 -16.63
CA LEU DC 115 0.23 102.11 -15.82
C LEU DC 115 -0.98 102.80 -16.44
N ASP DC 116 -1.75 102.07 -17.25
CA ASP DC 116 -2.81 102.65 -18.05
C ASP DC 116 -4.02 103.00 -17.19
N ARG DC 117 -5.04 103.55 -17.82
CA ARG DC 117 -6.23 103.99 -17.12
C ARG DC 117 -7.25 102.87 -16.93
N ASP DC 118 -7.51 102.07 -17.94
CA ASP DC 118 -8.59 101.10 -17.83
C ASP DC 118 -8.33 99.91 -18.76
N ARG DC 119 -9.34 99.05 -18.86
CA ARG DC 119 -9.25 97.83 -19.65
C ARG DC 119 -9.03 98.10 -21.13
N GLU DC 120 -9.75 99.06 -21.70
CA GLU DC 120 -9.60 99.33 -23.12
C GLU DC 120 -8.21 99.88 -23.45
N ALA DC 121 -7.68 100.74 -22.58
CA ALA DC 121 -6.33 101.26 -22.77
C ALA DC 121 -5.30 100.16 -22.67
N PHE DC 122 -5.45 99.27 -21.68
CA PHE DC 122 -4.50 98.17 -21.52
C PHE DC 122 -4.53 97.24 -22.72
N GLU DC 123 -5.72 96.89 -23.20
CA GLU DC 123 -5.81 95.94 -24.30
C GLU DC 123 -5.29 96.55 -25.60
N SER DC 124 -5.66 97.80 -25.88
CA SER DC 124 -5.19 98.45 -27.08
C SER DC 124 -3.67 98.64 -27.07
N HIS DC 125 -3.09 98.92 -25.90
CA HIS DC 125 -1.64 99.08 -25.87
C HIS DC 125 -0.93 97.74 -25.90
N ARG DC 126 -1.48 96.71 -25.27
CA ARG DC 126 -0.82 95.42 -25.23
C ARG DC 126 -0.92 94.68 -26.55
N ALA DC 127 -1.90 95.03 -27.38
CA ALA DC 127 -1.95 94.41 -28.71
C ALA DC 127 -0.74 94.76 -29.56
N HIS DC 128 -0.10 95.91 -29.32
CA HIS DC 128 1.03 96.32 -30.13
C HIS DC 128 2.30 95.55 -29.83
N MET DC 129 2.36 94.85 -28.71
CA MET DC 129 3.61 94.33 -28.21
C MET DC 129 3.59 92.82 -28.13
N PRO DC 130 4.64 92.13 -28.59
CA PRO DC 130 4.61 90.68 -28.71
C PRO DC 130 5.12 89.91 -27.52
N TRP DC 131 5.81 90.57 -26.58
CA TRP DC 131 6.41 89.90 -25.45
C TRP DC 131 5.37 89.68 -24.36
N LEU DC 132 5.82 89.25 -23.20
CA LEU DC 132 4.85 88.79 -22.23
C LEU DC 132 4.31 89.97 -21.44
N SER DC 133 3.16 89.79 -20.80
CA SER DC 133 2.57 90.90 -20.07
C SER DC 133 1.89 90.38 -18.83
N ILE DC 134 1.78 91.24 -17.83
CA ILE DC 134 1.06 90.94 -16.60
C ILE DC 134 -0.23 91.72 -16.62
N ASP DC 135 -1.35 91.04 -16.43
CA ASP DC 135 -2.66 91.65 -16.56
C ASP DC 135 -2.90 92.70 -15.49
N LEU DC 136 -3.76 93.66 -15.81
CA LEU DC 136 -3.85 94.88 -15.01
C LEU DC 136 -4.55 94.66 -13.67
N GLU DC 137 -5.57 93.80 -13.63
CA GLU DC 137 -6.32 93.63 -12.39
C GLU DC 137 -5.56 92.78 -11.39
N ASN DC 138 -4.53 92.07 -11.84
CA ASN DC 138 -3.73 91.26 -10.94
C ASN DC 138 -3.01 92.16 -9.96
N PRO DC 139 -2.95 91.80 -8.68
CA PRO DC 139 -2.21 92.62 -7.71
C PRO DC 139 -0.72 92.69 -7.97
N LEU DC 140 -0.18 91.80 -8.80
CA LEU DC 140 1.24 91.80 -9.08
C LEU DC 140 1.69 93.10 -9.75
N THR DC 141 0.80 93.77 -10.47
CA THR DC 141 1.16 95.05 -11.07
C THR DC 141 1.49 96.09 -10.00
N GLU DC 142 0.60 96.25 -9.02
CA GLU DC 142 0.86 97.21 -7.96
C GLU DC 142 2.02 96.78 -7.09
N ILE DC 143 2.18 95.48 -6.85
CA ILE DC 143 3.29 95.02 -6.05
C ILE DC 143 4.62 95.31 -6.75
N LEU DC 144 4.68 95.08 -8.06
CA LEU DC 144 5.91 95.32 -8.80
C LEU DC 144 6.22 96.81 -8.90
N LYS DC 145 5.19 97.63 -9.11
CA LYS DC 145 5.38 99.08 -9.15
C LYS DC 145 5.94 99.59 -7.83
N ARG DC 146 5.32 99.18 -6.73
CA ARG DC 146 5.72 99.69 -5.42
C ARG DC 146 7.08 99.15 -5.03
N HIS DC 147 7.41 97.95 -5.50
CA HIS DC 147 8.69 97.33 -5.18
C HIS DC 147 9.83 97.99 -5.92
N PHE DC 148 9.61 98.37 -7.17
CA PHE DC 148 10.67 98.96 -7.97
C PHE DC 148 10.62 100.48 -8.00
N ARG DC 149 9.70 101.10 -7.27
CA ARG DC 149 9.54 102.55 -7.18
C ARG DC 149 9.31 103.18 -8.55
N VAL DC 150 8.20 102.82 -9.18
CA VAL DC 150 7.80 103.45 -10.43
C VAL DC 150 6.46 104.12 -10.19
N MET DC 151 6.39 105.41 -10.48
CA MET DC 151 5.17 106.16 -10.21
C MET DC 151 5.07 107.34 -11.16
N LYS DC 152 3.85 107.65 -11.58
CA LYS DC 152 3.63 108.80 -12.44
C LYS DC 152 3.58 110.08 -11.62
N GLU DC 153 2.60 110.17 -10.72
CA GLU DC 153 2.50 111.24 -9.75
C GLU DC 153 2.48 110.64 -8.36
N TYR DC 154 2.84 111.46 -7.37
CA TYR DC 154 3.02 110.95 -6.01
C TYR DC 154 1.68 110.72 -5.32
N GLU DC 155 0.93 109.77 -5.86
CA GLU DC 155 -0.30 109.29 -5.24
C GLU DC 155 -0.07 108.02 -4.43
N VAL DC 156 1.17 107.56 -4.38
CA VAL DC 156 1.53 106.30 -3.74
C VAL DC 156 2.34 106.63 -2.50
N PRO DC 157 1.94 106.15 -1.32
CA PRO DC 157 2.76 106.39 -0.12
C PRO DC 157 4.05 105.58 -0.20
N THR DC 158 5.17 106.29 -0.06
CA THR DC 158 6.47 105.64 -0.06
C THR DC 158 7.20 106.03 1.20
N TYR DC 159 7.64 105.02 1.95
CA TYR DC 159 8.07 105.18 3.33
C TYR DC 159 9.47 105.75 3.35
N GLY DC 160 9.53 107.08 3.21
CA GLY DC 160 10.81 107.77 3.24
C GLY DC 160 11.65 107.55 2.01
N TYR DC 161 11.04 107.08 0.93
CA TYR DC 161 11.75 106.73 -0.29
C TYR DC 161 12.07 107.99 -1.08
N GLY DC 162 12.42 107.78 -2.33
CA GLY DC 162 12.17 108.76 -3.35
C GLY DC 162 11.32 108.09 -4.40
N SER DC 163 11.41 108.54 -5.64
CA SER DC 163 10.94 107.78 -6.77
C SER DC 163 12.16 107.39 -7.59
N ARG DC 164 12.29 106.09 -7.88
CA ARG DC 164 13.41 105.65 -8.71
C ARG DC 164 13.31 106.23 -10.10
N THR DC 165 12.12 106.24 -10.68
CA THR DC 165 11.93 106.66 -12.04
C THR DC 165 10.46 106.92 -12.29
N GLY DC 166 10.17 107.48 -13.45
CA GLY DC 166 8.82 107.61 -13.94
C GLY DC 166 8.60 106.75 -15.16
N VAL DC 167 7.36 106.78 -15.62
CA VAL DC 167 7.03 106.11 -16.89
C VAL DC 167 7.72 106.85 -18.02
N PRO DC 168 8.30 106.17 -19.01
CA PRO DC 168 8.55 104.74 -19.12
C PRO DC 168 9.81 104.31 -18.44
N SER DC 169 9.93 103.03 -18.13
CA SER DC 169 11.23 102.52 -17.72
C SER DC 169 11.33 101.04 -18.01
N VAL DC 170 12.56 100.59 -18.19
CA VAL DC 170 12.86 99.16 -18.28
C VAL DC 170 13.83 98.81 -17.17
N ILE DC 171 13.51 97.74 -16.45
CA ILE DC 171 14.28 97.31 -15.29
C ILE DC 171 14.72 95.89 -15.54
N VAL DC 172 16.03 95.66 -15.60
CA VAL DC 172 16.55 94.32 -15.83
C VAL DC 172 16.59 93.63 -14.49
N ILE DC 173 15.76 92.62 -14.31
CA ILE DC 173 15.53 92.03 -13.00
C ILE DC 173 16.27 90.72 -12.87
N GLY DC 174 16.60 90.38 -11.62
CA GLY DC 174 17.13 89.08 -11.28
C GLY DC 174 16.04 88.15 -10.80
N SER DC 175 16.47 86.95 -10.39
CA SER DC 175 15.50 85.97 -9.93
C SER DC 175 14.92 86.32 -8.58
N ASP DC 176 15.70 86.94 -7.70
CA ASP DC 176 15.27 87.24 -6.35
C ASP DC 176 14.74 88.67 -6.21
N GLY DC 177 14.56 89.38 -7.30
CA GLY DC 177 13.91 90.67 -7.27
C GLY DC 177 14.83 91.86 -7.30
N ARG DC 178 16.13 91.67 -7.36
CA ARG DC 178 17.04 92.80 -7.40
C ARG DC 178 17.08 93.39 -8.79
N GLU DC 179 17.37 94.69 -8.87
CA GLU DC 179 17.60 95.29 -10.16
C GLU DC 179 19.05 95.03 -10.56
N ALA DC 180 19.22 94.32 -11.67
CA ALA DC 180 20.56 94.08 -12.17
C ALA DC 180 21.12 95.32 -12.85
N GLN DC 181 20.28 96.02 -13.61
CA GLN DC 181 20.72 97.22 -14.30
C GLN DC 181 19.50 98.06 -14.63
N PHE DC 182 19.53 99.32 -14.22
CA PHE DC 182 18.47 100.27 -14.47
C PHE DC 182 18.82 101.08 -15.71
N LEU DC 183 18.12 100.83 -16.80
CA LEU DC 183 18.47 101.46 -18.07
C LEU DC 183 17.97 102.90 -18.09
N PRO DC 184 18.83 103.87 -18.31
CA PRO DC 184 18.45 105.29 -18.14
C PRO DC 184 17.80 105.97 -19.34
N ILE DC 185 16.49 105.74 -19.50
CA ILE DC 185 15.75 106.43 -20.54
C ILE DC 185 15.33 107.82 -20.08
N CYS DC 186 14.69 107.91 -18.92
CA CYS DC 186 14.33 109.18 -18.30
C CYS DC 186 14.86 109.11 -16.87
N SER DC 187 16.13 109.45 -16.70
CA SER DC 187 16.84 109.20 -15.45
C SER DC 187 17.94 110.23 -15.30
N GLY DC 188 18.92 109.92 -14.45
CA GLY DC 188 20.07 110.78 -14.31
C GLY DC 188 20.89 110.92 -15.58
N LEU DC 189 21.05 109.82 -16.31
CA LEU DC 189 21.79 109.91 -17.57
C LEU DC 189 20.95 110.53 -18.68
N GLU DC 190 19.64 110.30 -18.68
CA GLU DC 190 18.69 110.89 -19.63
C GLU DC 190 19.02 110.55 -21.08
N GLU DC 191 19.61 109.37 -21.32
CA GLU DC 191 19.91 108.96 -22.68
C GLU DC 191 18.67 108.30 -23.27
N GLY DC 192 17.77 109.14 -23.77
CA GLY DC 192 16.52 108.64 -24.30
C GLY DC 192 16.74 107.86 -25.58
N ASP DC 193 16.14 106.67 -25.65
CA ASP DC 193 16.08 105.77 -26.80
C ASP DC 193 17.42 105.18 -27.18
N ARG DC 194 18.51 105.61 -26.54
CA ARG DC 194 19.84 105.11 -26.77
C ARG DC 194 20.36 104.33 -25.57
N ALA DC 195 19.69 104.44 -24.43
CA ALA DC 195 20.07 103.69 -23.24
C ALA DC 195 19.81 102.20 -23.36
N LEU DC 196 19.05 101.79 -24.36
CA LEU DC 196 18.76 100.37 -24.54
C LEU DC 196 20.01 99.58 -24.92
N LEU DC 197 21.02 100.24 -25.45
CA LEU DC 197 22.23 99.52 -25.84
C LEU DC 197 23.11 99.16 -24.65
N ARG DC 198 22.78 99.64 -23.46
CA ARG DC 198 23.59 99.35 -22.29
C ARG DC 198 23.21 98.03 -21.63
N TRP DC 199 22.21 97.33 -22.17
CA TRP DC 199 21.74 96.10 -21.57
C TRP DC 199 22.80 95.02 -21.66
N ASP DC 200 23.19 94.49 -20.51
CA ASP DC 200 24.28 93.52 -20.45
C ASP DC 200 23.66 92.14 -20.32
N TRP DC 201 23.24 91.60 -21.44
CA TRP DC 201 22.54 90.33 -21.43
C TRP DC 201 23.46 89.13 -21.28
N ARG DC 202 24.77 89.31 -21.42
CA ARG DC 202 25.68 88.21 -21.15
C ARG DC 202 25.83 87.97 -19.65
N ASN DC 203 25.78 89.04 -18.85
CA ASN DC 203 25.90 88.88 -17.42
C ASN DC 203 24.56 88.71 -16.73
N THR DC 204 23.59 89.56 -17.06
CA THR DC 204 22.30 89.48 -16.38
C THR DC 204 21.48 88.38 -17.02
N LYS DC 205 21.45 87.22 -16.40
CA LYS DC 205 20.66 86.09 -16.86
C LYS DC 205 19.71 85.67 -15.75
N PHE DC 206 18.47 85.39 -16.12
CA PHE DC 206 17.45 84.98 -15.14
C PHE DC 206 17.71 83.52 -14.79
N ALA DC 207 18.49 83.29 -13.75
CA ALA DC 207 18.79 81.95 -13.32
C ALA DC 207 17.59 81.35 -12.60
N SER EC 2 68.03 20.50 -42.90
CA SER EC 2 68.10 21.95 -43.03
C SER EC 2 68.34 22.36 -44.46
N GLN EC 3 67.74 21.62 -45.39
CA GLN EC 3 67.73 21.96 -46.80
C GLN EC 3 66.31 21.81 -47.33
N PRO EC 4 65.85 22.73 -48.18
CA PRO EC 4 66.53 23.91 -48.70
C PRO EC 4 66.45 25.09 -47.77
N VAL EC 5 65.61 24.97 -46.74
CA VAL EC 5 65.40 26.04 -45.77
C VAL EC 5 65.50 25.47 -44.36
N PHE EC 6 65.68 26.35 -43.40
CA PHE EC 6 65.67 25.94 -42.01
C PHE EC 6 64.27 26.04 -41.42
N ALA EC 7 63.52 27.06 -41.81
CA ALA EC 7 62.17 27.26 -41.28
C ALA EC 7 61.18 26.67 -42.26
N SER EC 8 60.95 25.38 -42.13
CA SER EC 8 59.92 24.67 -42.87
C SER EC 8 59.25 23.69 -41.92
N PRO EC 9 57.97 23.41 -42.12
CA PRO EC 9 57.32 22.39 -41.30
C PRO EC 9 57.95 21.01 -41.41
N LEU EC 10 58.37 20.61 -42.61
CA LEU EC 10 59.12 19.37 -42.75
C LEU EC 10 60.40 19.40 -41.96
N ASN EC 11 61.07 20.54 -41.94
CA ASN EC 11 62.36 20.58 -41.26
C ASN EC 11 62.21 20.57 -39.76
N VAL EC 12 61.21 21.28 -39.22
CA VAL EC 12 61.03 21.21 -37.78
C VAL EC 12 60.55 19.83 -37.36
N GLU EC 13 59.71 19.18 -38.18
CA GLU EC 13 59.30 17.82 -37.85
C GLU EC 13 60.46 16.85 -37.95
N LYS EC 14 61.32 17.02 -38.95
CA LYS EC 14 62.47 16.15 -39.13
C LYS EC 14 63.44 16.29 -37.97
N ARG EC 15 63.72 17.53 -37.56
CA ARG EC 15 64.60 17.76 -36.42
C ARG EC 15 64.01 17.18 -35.15
N ARG EC 16 62.71 17.41 -34.92
CA ARG EC 16 62.07 16.95 -33.70
C ARG EC 16 62.12 15.43 -33.58
N LEU EC 17 61.69 14.71 -34.62
CA LEU EC 17 61.71 13.25 -34.57
C LEU EC 17 63.13 12.71 -34.47
N ASN EC 18 64.06 13.28 -35.22
CA ASN EC 18 65.40 12.74 -35.23
C ASN EC 18 66.10 12.91 -33.89
N GLU EC 19 65.88 14.03 -33.21
CA GLU EC 19 66.55 14.11 -31.92
C GLU EC 19 65.71 13.60 -30.75
N GLU EC 20 64.43 13.28 -30.93
CA GLU EC 20 63.80 12.28 -30.06
C GLU EC 20 64.55 10.96 -30.13
N ARG EC 21 64.81 10.50 -31.36
CA ARG EC 21 65.52 9.23 -31.53
C ARG EC 21 66.91 9.29 -30.91
N ALA EC 22 67.61 10.40 -31.12
CA ALA EC 22 68.95 10.57 -30.57
C ALA EC 22 68.94 10.55 -29.04
N LEU EC 23 67.94 11.19 -28.43
CA LEU EC 23 67.85 11.13 -26.98
C LEU EC 23 67.52 9.73 -26.48
N MET EC 24 66.74 8.96 -27.25
CA MET EC 24 66.48 7.57 -26.86
C MET EC 24 67.74 6.72 -26.90
N GLN EC 25 68.58 6.87 -27.94
CA GLN EC 25 69.84 6.14 -27.92
C GLN EC 25 70.75 6.60 -26.79
N ALA EC 26 70.74 7.90 -26.48
CA ALA EC 26 71.55 8.41 -25.38
C ALA EC 26 71.12 7.82 -24.04
N GLN EC 27 69.80 7.73 -23.82
CA GLN EC 27 69.32 7.16 -22.57
C GLN EC 27 69.59 5.67 -22.50
N LYS EC 28 69.42 4.95 -23.61
CA LYS EC 28 69.66 3.51 -23.59
C LYS EC 28 71.13 3.19 -23.36
N ALA EC 29 72.03 3.98 -23.93
CA ALA EC 29 73.46 3.76 -23.72
C ALA EC 29 73.87 4.16 -22.31
N ASN EC 35 78.38 9.96 -24.97
CA ASN EC 35 79.49 10.21 -25.89
C ASN EC 35 78.97 10.57 -27.27
N ILE EC 36 77.72 10.22 -27.55
CA ILE EC 36 77.11 10.53 -28.83
C ILE EC 36 76.83 12.03 -28.90
N GLN EC 37 77.02 12.60 -30.08
CA GLN EC 37 76.85 14.02 -30.28
C GLN EC 37 75.38 14.41 -30.30
N LEU EC 38 75.10 15.61 -29.81
CA LEU EC 38 73.78 16.16 -29.72
C LEU EC 38 73.96 17.66 -29.87
N PRO EC 39 73.17 18.32 -30.71
CA PRO EC 39 72.08 17.88 -31.58
C PRO EC 39 72.61 17.11 -32.79
N PRO EC 40 71.80 16.23 -33.37
CA PRO EC 40 72.33 15.33 -34.40
C PRO EC 40 72.66 16.08 -35.68
N ASN EC 41 73.60 15.52 -36.43
CA ASN EC 41 73.96 16.11 -37.70
C ASN EC 41 72.83 15.94 -38.72
N TYR EC 42 72.69 16.94 -39.58
CA TYR EC 42 71.68 16.89 -40.62
C TYR EC 42 71.90 15.72 -41.54
N GLY EC 43 73.15 15.29 -41.71
CA GLY EC 43 73.42 14.13 -42.54
C GLY EC 43 72.87 12.86 -41.92
N ASP EC 44 72.91 12.76 -40.60
CA ASP EC 44 72.39 11.58 -39.94
C ASP EC 44 70.88 11.64 -39.75
N MET EC 45 70.28 12.82 -39.84
CA MET EC 45 68.83 12.91 -39.71
C MET EC 45 68.13 12.19 -40.84
N ASP EC 46 67.04 11.49 -40.50
CA ASP EC 46 66.31 10.68 -41.46
C ASP EC 46 64.83 11.03 -41.42
N LEU EC 47 64.18 10.93 -42.57
CA LEU EC 47 62.81 11.38 -42.71
C LEU EC 47 62.12 10.59 -43.81
N ILE EC 48 60.96 10.03 -43.49
CA ILE EC 48 60.08 9.49 -44.51
C ILE EC 48 59.24 10.62 -45.08
N LEU EC 49 59.32 10.82 -46.39
CA LEU EC 49 58.76 12.02 -47.00
C LEU EC 49 57.29 11.84 -47.33
N PHE EC 50 56.95 10.78 -48.04
CA PHE EC 50 55.56 10.53 -48.41
C PHE EC 50 55.03 9.35 -47.62
N PRO EC 51 54.12 9.56 -46.68
CA PRO EC 51 53.58 8.43 -45.91
C PRO EC 51 52.68 7.53 -46.74
N GLU EC 52 52.08 6.54 -46.06
CA GLU EC 52 51.45 5.44 -46.76
C GLU EC 52 50.24 5.88 -47.56
N GLY EC 53 49.35 6.64 -46.94
CA GLY EC 53 48.12 7.03 -47.61
C GLY EC 53 48.22 8.27 -48.46
N SER EC 54 49.44 8.70 -48.78
CA SER EC 54 49.65 9.99 -49.43
C SER EC 54 49.44 9.91 -50.93
N LEU EC 55 50.21 9.06 -51.60
CA LEU EC 55 50.31 9.10 -53.05
C LEU EC 55 49.25 8.24 -53.71
N LYS EC 56 48.43 8.85 -54.57
CA LYS EC 56 47.40 8.12 -55.29
C LYS EC 56 47.44 8.45 -56.76
N ASN EC 57 47.16 7.44 -57.58
CA ASN EC 57 47.26 7.55 -59.03
C ASN EC 57 45.92 8.00 -59.60
N SER EC 58 45.73 7.83 -60.91
CA SER EC 58 44.52 8.30 -61.58
C SER EC 58 43.27 7.61 -61.07
N ASN EC 59 43.34 6.30 -60.85
CA ASN EC 59 42.23 5.54 -60.30
C ASN EC 59 42.16 5.55 -58.78
N ASN EC 60 42.82 6.51 -58.13
CA ASN EC 60 42.72 6.79 -56.70
C ASN EC 60 43.13 5.61 -55.82
N THR EC 61 43.88 4.66 -56.36
CA THR EC 61 44.43 3.59 -55.56
C THR EC 61 45.83 3.94 -55.10
N VAL EC 62 46.05 3.77 -53.79
CA VAL EC 62 47.26 4.25 -53.14
C VAL EC 62 48.47 3.48 -53.65
N ILE EC 63 49.53 4.20 -53.97
CA ILE EC 63 50.80 3.63 -54.41
C ILE EC 63 51.83 3.87 -53.32
N PRO EC 64 52.59 2.87 -52.91
CA PRO EC 64 53.54 3.06 -51.81
C PRO EC 64 54.70 3.97 -52.19
N GLN EC 65 55.33 4.50 -51.16
CA GLN EC 65 56.48 5.38 -51.34
C GLN EC 65 57.67 4.63 -51.90
N SER EC 66 57.81 3.35 -51.57
CA SER EC 66 58.94 2.58 -52.07
C SER EC 66 58.80 2.19 -53.53
N HIS EC 67 57.63 2.41 -54.14
CA HIS EC 67 57.49 2.14 -55.56
C HIS EC 67 58.26 3.15 -56.41
N LEU EC 68 58.58 4.32 -55.88
CA LEU EC 68 59.30 5.32 -56.66
C LEU EC 68 60.79 5.13 -56.66
N LYS EC 69 61.31 4.10 -56.00
CA LYS EC 69 62.76 3.97 -55.87
C LYS EC 69 63.39 3.66 -57.22
N GLY EC 70 64.53 4.28 -57.47
CA GLY EC 70 65.19 4.11 -58.74
C GLY EC 70 64.55 4.86 -59.88
N LYS EC 71 63.98 6.03 -59.61
CA LYS EC 71 63.39 6.85 -60.64
C LYS EC 71 63.80 8.28 -60.35
N SER EC 72 63.47 9.18 -61.28
CA SER EC 72 63.66 10.61 -61.03
C SER EC 72 62.29 11.21 -60.80
N VAL EC 73 62.05 11.74 -59.60
CA VAL EC 73 60.72 12.16 -59.19
C VAL EC 73 60.70 13.69 -59.09
N ALA EC 74 59.57 14.28 -59.46
CA ALA EC 74 59.46 15.73 -59.42
C ALA EC 74 58.07 16.15 -58.97
N LEU EC 75 58.04 17.16 -58.10
CA LEU EC 75 56.79 17.77 -57.72
C LEU EC 75 56.40 18.81 -58.74
N TYR EC 76 55.14 18.76 -59.15
CA TYR EC 76 54.53 19.69 -60.11
C TYR EC 76 53.59 20.58 -59.33
N PHE EC 77 54.10 21.71 -58.87
CA PHE EC 77 53.26 22.67 -58.18
C PHE EC 77 52.47 23.39 -59.24
N ALA EC 78 51.17 23.12 -59.31
CA ALA EC 78 50.37 23.60 -60.41
C ALA EC 78 49.08 24.22 -59.89
N ASP EC 79 48.38 24.87 -60.81
CA ASP EC 79 47.09 25.47 -60.58
C ASP EC 79 46.21 25.15 -61.78
N GLY EC 80 44.91 25.05 -61.54
CA GLY EC 80 44.00 24.78 -62.63
C GLY EC 80 43.54 26.04 -63.33
N ALA EC 81 43.79 27.20 -62.72
CA ALA EC 81 43.23 28.45 -63.20
C ALA EC 81 44.26 29.40 -63.78
N ASP EC 82 45.52 29.26 -63.42
CA ASP EC 82 46.54 30.15 -63.96
C ASP EC 82 46.88 29.74 -65.39
N PRO EC 83 46.81 30.68 -66.35
CA PRO EC 83 47.06 30.31 -67.74
C PRO EC 83 48.48 29.87 -68.02
N LYS EC 84 49.45 30.27 -67.21
CA LYS EC 84 50.80 29.76 -67.39
C LYS EC 84 50.86 28.27 -67.10
N CYS EC 85 50.17 27.82 -66.04
CA CYS EC 85 50.04 26.40 -65.79
C CYS EC 85 49.27 25.72 -66.91
N ALA EC 86 48.24 26.38 -67.43
CA ALA EC 86 47.47 25.82 -68.53
C ALA EC 86 48.32 25.63 -69.78
N SER EC 87 49.28 26.52 -70.00
CA SER EC 87 50.18 26.35 -71.14
C SER EC 87 51.23 25.30 -70.87
N LEU EC 88 51.72 25.23 -69.63
CA LEU EC 88 52.79 24.29 -69.33
C LEU EC 88 52.31 22.85 -69.35
N LEU EC 89 51.03 22.62 -69.08
CA LEU EC 89 50.55 21.25 -68.88
C LEU EC 89 50.67 20.34 -70.10
N PRO EC 90 50.28 20.72 -71.33
CA PRO EC 90 50.45 19.77 -72.45
C PRO EC 90 51.90 19.49 -72.78
N PHE EC 91 52.79 20.45 -72.58
CA PHE EC 91 54.22 20.19 -72.75
C PHE EC 91 54.70 19.15 -71.76
N LEU EC 92 54.25 19.26 -70.51
CA LEU EC 92 54.64 18.30 -69.48
C LEU EC 92 54.10 16.92 -69.79
N LEU EC 93 52.85 16.86 -70.27
CA LEU EC 93 52.27 15.58 -70.66
C LEU EC 93 53.03 14.95 -71.81
N ASN EC 94 53.41 15.74 -72.81
CA ASN EC 94 54.13 15.21 -73.95
C ASN EC 94 55.49 14.68 -73.54
N TYR EC 95 56.24 15.48 -72.76
CA TYR EC 95 57.55 15.06 -72.29
C TYR EC 95 57.46 13.79 -71.45
N TYR EC 96 56.52 13.77 -70.51
CA TYR EC 96 56.37 12.62 -69.61
C TYR EC 96 56.01 11.37 -70.40
N ARG EC 97 55.07 11.49 -71.34
CA ARG EC 97 54.63 10.32 -72.09
C ARG EC 97 55.76 9.76 -72.92
N THR EC 98 56.43 10.60 -73.73
CA THR EC 98 57.46 10.06 -74.59
C THR EC 98 58.69 9.61 -73.81
N MET EC 99 58.99 10.27 -72.70
CA MET EC 99 60.19 9.96 -71.96
C MET EC 99 60.01 8.68 -71.15
N ASN EC 100 58.78 8.36 -70.77
CA ASN EC 100 58.54 7.11 -70.09
C ASN EC 100 58.00 6.00 -71.00
N GLU EC 101 57.83 6.27 -72.30
CA GLU EC 101 57.63 5.15 -73.22
C GLU EC 101 58.87 4.82 -74.03
N GLY EC 102 59.90 5.67 -73.99
CA GLY EC 102 61.12 5.34 -74.71
C GLY EC 102 61.79 4.07 -74.20
N GLY EC 103 61.95 3.95 -72.88
CA GLY EC 103 62.63 2.83 -72.28
C GLY EC 103 61.69 1.73 -71.80
N ALA EC 104 62.30 0.66 -71.31
CA ALA EC 104 61.53 -0.45 -70.76
C ALA EC 104 60.89 -0.06 -69.43
N ASN EC 105 61.73 0.23 -68.44
CA ASN EC 105 61.22 0.77 -67.19
C ASN EC 105 60.84 2.23 -67.38
N GLN EC 106 59.96 2.71 -66.51
CA GLN EC 106 59.66 4.14 -66.50
C GLN EC 106 60.80 4.88 -65.79
N LYS EC 107 61.20 6.01 -66.36
CA LYS EC 107 62.39 6.72 -65.91
C LYS EC 107 62.07 7.93 -65.05
N ILE EC 108 61.09 8.72 -65.45
CA ILE EC 108 60.70 9.91 -64.71
C ILE EC 108 59.33 9.67 -64.09
N GLU EC 109 59.04 10.39 -63.01
CA GLU EC 109 57.74 10.37 -62.38
C GLU EC 109 57.40 11.75 -61.86
N ILE EC 110 56.12 12.12 -62.00
CA ILE EC 110 55.63 13.45 -61.65
C ILE EC 110 54.51 13.29 -60.64
N ILE EC 111 54.61 14.02 -59.54
CA ILE EC 111 53.60 14.03 -58.49
C ILE EC 111 52.96 15.40 -58.48
N PHE EC 112 51.65 15.44 -58.66
CA PHE EC 112 50.92 16.70 -58.80
C PHE EC 112 50.55 17.25 -57.42
N VAL EC 113 50.92 18.51 -57.20
CA VAL EC 113 50.61 19.22 -55.97
C VAL EC 113 49.80 20.44 -56.35
N SER EC 114 48.60 20.54 -55.80
CA SER EC 114 47.62 21.49 -56.26
C SER EC 114 47.68 22.80 -55.47
N LEU EC 115 47.37 23.89 -56.16
CA LEU EC 115 47.16 25.18 -55.55
C LEU EC 115 45.76 25.69 -55.85
N ASP EC 116 44.82 24.77 -56.07
CA ASP EC 116 43.48 25.11 -56.53
C ASP EC 116 42.66 25.64 -55.36
N ARG EC 117 41.36 25.72 -55.55
CA ARG EC 117 40.48 26.19 -54.50
C ARG EC 117 39.41 25.20 -54.05
N ASP EC 118 38.99 24.24 -54.89
CA ASP EC 118 37.94 23.34 -54.46
C ASP EC 118 38.01 22.02 -55.22
N ARG EC 119 37.10 21.12 -54.82
CA ARG EC 119 37.09 19.75 -55.33
C ARG EC 119 36.77 19.71 -56.81
N GLU EC 120 35.86 20.58 -57.26
CA GLU EC 120 35.41 20.51 -58.65
C GLU EC 120 36.55 20.87 -59.60
N ALA EC 121 37.26 21.97 -59.30
CA ALA EC 121 38.42 22.34 -60.10
C ALA EC 121 39.52 21.31 -59.97
N PHE EC 122 39.73 20.76 -58.77
CA PHE EC 122 40.74 19.75 -58.57
C PHE EC 122 40.49 18.53 -59.45
N GLU EC 123 39.27 18.01 -59.43
CA GLU EC 123 38.97 16.78 -60.16
C GLU EC 123 38.94 17.06 -61.66
N SER EC 124 38.45 18.23 -62.05
CA SER EC 124 38.44 18.60 -63.46
C SER EC 124 39.85 18.68 -64.01
N HIS EC 125 40.80 19.11 -63.18
CA HIS EC 125 42.19 19.16 -63.64
C HIS EC 125 42.89 17.81 -63.52
N ARG EC 126 42.44 16.95 -62.59
CA ARG EC 126 42.96 15.57 -62.54
C ARG EC 126 42.51 14.71 -63.70
N ALA EC 127 41.36 15.01 -64.30
CA ALA EC 127 40.86 14.15 -65.37
C ALA EC 127 41.78 14.08 -66.58
N HIS EC 128 42.67 15.05 -66.74
CA HIS EC 128 43.61 15.06 -67.86
C HIS EC 128 44.98 14.52 -67.52
N MET EC 129 45.22 14.07 -66.29
CA MET EC 129 46.58 13.88 -65.80
C MET EC 129 46.86 12.42 -65.46
N PRO EC 130 47.73 11.73 -66.21
CA PRO EC 130 48.00 10.30 -65.90
C PRO EC 130 48.94 10.04 -64.73
N TRP EC 131 49.78 10.97 -64.30
CA TRP EC 131 50.80 10.65 -63.33
C TRP EC 131 50.27 10.75 -61.90
N LEU EC 132 51.16 10.71 -60.90
CA LEU EC 132 50.73 10.57 -59.52
C LEU EC 132 50.29 11.90 -58.95
N SER EC 133 49.65 11.87 -57.78
CA SER EC 133 49.12 13.09 -57.20
C SER EC 133 49.00 12.99 -55.69
N ILE EC 134 48.93 14.16 -55.05
CA ILE EC 134 48.73 14.28 -53.61
C ILE EC 134 47.49 15.12 -53.38
N ASP EC 135 46.57 14.63 -52.54
CA ASP EC 135 45.27 15.27 -52.44
C ASP EC 135 45.37 16.62 -51.73
N LEU EC 136 44.27 17.38 -51.83
CA LEU EC 136 44.31 18.79 -51.48
C LEU EC 136 44.20 19.04 -49.98
N GLU EC 137 43.51 18.19 -49.24
CA GLU EC 137 43.22 18.47 -47.85
C GLU EC 137 44.16 17.78 -46.89
N ASN EC 138 45.19 17.12 -47.38
CA ASN EC 138 46.24 16.69 -46.48
C ASN EC 138 46.98 17.92 -45.98
N PRO EC 139 47.52 17.87 -44.76
CA PRO EC 139 48.46 18.91 -44.37
C PRO EC 139 49.75 18.87 -45.17
N LEU EC 140 49.99 17.74 -45.85
CA LEU EC 140 51.25 17.54 -46.54
C LEU EC 140 51.41 18.51 -47.70
N THR EC 141 50.32 18.90 -48.36
CA THR EC 141 50.46 19.79 -49.49
C THR EC 141 50.85 21.21 -49.07
N GLU EC 142 50.28 21.74 -47.98
CA GLU EC 142 50.78 23.01 -47.50
C GLU EC 142 52.17 22.90 -46.91
N ILE EC 143 52.49 21.75 -46.29
CA ILE EC 143 53.84 21.54 -45.78
C ILE EC 143 54.85 21.56 -46.93
N LEU EC 144 54.51 20.96 -48.06
CA LEU EC 144 55.41 20.96 -49.22
C LEU EC 144 55.58 22.35 -49.80
N LYS EC 145 54.48 23.09 -49.94
CA LYS EC 145 54.56 24.45 -50.48
C LYS EC 145 55.44 25.33 -49.60
N ARG EC 146 55.26 25.25 -48.29
CA ARG EC 146 56.08 26.01 -47.37
C ARG EC 146 57.54 25.56 -47.42
N HIS EC 147 57.76 24.26 -47.62
CA HIS EC 147 59.10 23.73 -47.64
C HIS EC 147 59.88 24.24 -48.84
N PHE EC 148 59.23 24.32 -49.99
CA PHE EC 148 59.91 24.73 -51.22
C PHE EC 148 59.76 26.21 -51.53
N ARG EC 149 59.03 26.96 -50.71
CA ARG EC 149 58.74 28.37 -50.93
C ARG EC 149 58.05 28.63 -52.27
N VAL EC 150 57.12 27.76 -52.63
CA VAL EC 150 56.32 27.96 -53.83
C VAL EC 150 55.01 28.56 -53.36
N MET EC 151 54.86 29.87 -53.52
CA MET EC 151 53.65 30.55 -53.07
C MET EC 151 53.12 31.45 -54.18
N LYS EC 152 51.80 31.41 -54.36
CA LYS EC 152 51.19 32.08 -55.51
C LYS EC 152 51.19 33.59 -55.34
N GLU EC 153 50.77 34.06 -54.17
CA GLU EC 153 50.83 35.48 -53.84
C GLU EC 153 50.99 35.59 -52.34
N TYR EC 154 51.71 36.61 -51.91
CA TYR EC 154 52.30 36.62 -50.57
C TYR EC 154 51.21 36.81 -49.53
N GLU EC 155 50.77 35.70 -48.95
CA GLU EC 155 49.83 35.71 -47.84
C GLU EC 155 50.45 35.20 -46.55
N VAL EC 156 51.18 34.10 -46.61
CA VAL EC 156 51.79 33.51 -45.43
C VAL EC 156 52.91 34.42 -44.94
N PRO EC 157 52.98 34.72 -43.64
CA PRO EC 157 54.21 35.30 -43.09
C PRO EC 157 55.37 34.35 -43.33
N THR EC 158 56.33 34.81 -44.14
CA THR EC 158 57.49 34.02 -44.48
C THR EC 158 58.70 34.57 -43.74
N TYR EC 159 59.41 33.68 -43.07
CA TYR EC 159 60.66 33.98 -42.39
C TYR EC 159 61.78 34.39 -43.32
N GLY EC 160 61.81 35.67 -43.66
CA GLY EC 160 63.02 36.28 -44.19
C GLY EC 160 63.40 35.87 -45.60
N TYR EC 161 63.15 34.61 -45.94
CA TYR EC 161 63.31 34.12 -47.28
C TYR EC 161 62.28 34.78 -48.18
N GLY EC 162 62.64 34.91 -49.45
CA GLY EC 162 61.67 35.31 -50.44
C GLY EC 162 60.93 34.11 -50.97
N SER EC 163 59.97 34.37 -51.84
CA SER EC 163 59.34 33.28 -52.56
C SER EC 163 60.35 32.73 -53.56
N ARG EC 164 60.51 31.41 -53.57
CA ARG EC 164 61.45 30.80 -54.51
C ARG EC 164 61.00 30.99 -55.94
N THR EC 165 59.71 30.81 -56.18
CA THR EC 165 59.15 30.91 -57.52
C THR EC 165 57.66 31.18 -57.39
N GLY EC 166 56.99 31.17 -58.52
CA GLY EC 166 55.55 31.21 -58.50
C GLY EC 166 55.00 29.98 -59.20
N VAL EC 167 53.72 29.71 -59.01
CA VAL EC 167 53.07 28.64 -59.75
C VAL EC 167 53.05 29.00 -61.23
N PRO EC 168 53.29 28.05 -62.16
CA PRO EC 168 53.68 26.66 -62.08
C PRO EC 168 55.15 26.45 -61.81
N SER EC 169 55.50 25.28 -61.28
CA SER EC 169 56.91 24.96 -61.13
C SER EC 169 57.06 23.45 -61.08
N VAL EC 170 58.22 22.99 -61.53
CA VAL EC 170 58.63 21.59 -61.44
C VAL EC 170 59.92 21.56 -60.64
N ILE EC 171 59.95 20.78 -59.58
CA ILE EC 171 61.17 20.64 -58.79
C ILE EC 171 61.45 19.14 -58.62
N VAL EC 172 62.63 18.70 -59.05
CA VAL EC 172 63.02 17.32 -58.80
C VAL EC 172 63.64 17.23 -57.42
N ILE EC 173 63.24 16.21 -56.66
CA ILE EC 173 63.52 16.17 -55.25
C ILE EC 173 64.26 14.89 -54.92
N GLY EC 174 65.01 14.93 -53.82
CA GLY EC 174 65.66 13.76 -53.29
C GLY EC 174 64.84 13.10 -52.22
N SER EC 175 65.47 12.17 -51.51
CA SER EC 175 64.79 11.49 -50.42
C SER EC 175 64.67 12.36 -49.18
N ASP EC 176 65.63 13.26 -48.97
CA ASP EC 176 65.66 14.11 -47.79
C ASP EC 176 65.00 15.45 -48.02
N GLY EC 177 64.23 15.59 -49.08
CA GLY EC 177 63.50 16.81 -49.33
C GLY EC 177 64.30 17.92 -49.94
N ARG EC 178 65.58 17.69 -50.19
CA ARG EC 178 66.42 18.71 -50.80
C ARG EC 178 66.07 18.85 -52.27
N GLU EC 179 65.98 20.08 -52.75
CA GLU EC 179 65.77 20.27 -54.17
C GLU EC 179 67.04 19.90 -54.92
N ALA EC 180 66.91 18.97 -55.86
CA ALA EC 180 68.07 18.52 -56.60
C ALA EC 180 68.38 19.47 -57.74
N GLN EC 181 67.41 19.66 -58.62
CA GLN EC 181 67.52 20.61 -59.72
C GLN EC 181 66.24 21.42 -59.72
N PHE EC 182 66.38 22.73 -59.86
CA PHE EC 182 65.24 23.61 -59.98
C PHE EC 182 65.03 23.92 -61.45
N LEU EC 183 63.95 23.45 -62.02
CA LEU EC 183 63.69 23.68 -63.42
C LEU EC 183 63.24 25.12 -63.63
N PRO EC 184 63.84 25.85 -64.55
CA PRO EC 184 63.51 27.27 -64.76
C PRO EC 184 62.37 27.59 -65.73
N ILE EC 185 61.14 27.49 -65.24
CA ILE EC 185 59.99 27.86 -66.06
C ILE EC 185 59.66 29.33 -65.90
N CYS EC 186 59.49 29.82 -64.68
CA CYS EC 186 59.38 31.25 -64.39
C CYS EC 186 60.27 31.49 -63.17
N SER EC 187 61.56 31.71 -63.41
CA SER EC 187 62.55 31.78 -62.36
C SER EC 187 63.67 32.68 -62.83
N GLY EC 188 64.86 32.52 -62.25
CA GLY EC 188 66.01 33.32 -62.62
C GLY EC 188 66.44 33.19 -64.07
N LEU EC 189 66.03 32.13 -64.76
CA LEU EC 189 66.38 31.99 -66.17
C LEU EC 189 65.24 32.30 -67.12
N GLU EC 190 63.99 32.08 -66.70
CA GLU EC 190 62.80 32.44 -67.47
C GLU EC 190 62.73 31.76 -68.83
N GLU EC 191 63.39 30.62 -69.00
CA GLU EC 191 63.34 29.90 -70.25
C GLU EC 191 62.09 29.01 -70.27
N GLY EC 192 60.94 29.69 -70.27
CA GLY EC 192 59.70 29.01 -70.00
C GLY EC 192 59.30 28.04 -71.08
N ASP EC 193 58.64 26.97 -70.66
CA ASP EC 193 58.00 25.95 -71.48
C ASP EC 193 58.99 25.10 -72.26
N ARG EC 194 60.27 25.40 -72.19
CA ARG EC 194 61.33 24.64 -72.83
C ARG EC 194 62.28 24.04 -71.82
N ALA EC 195 62.34 24.58 -70.62
CA ALA EC 195 63.25 24.16 -69.56
C ALA EC 195 62.96 22.77 -69.03
N LEU EC 196 61.98 22.05 -69.58
CA LEU EC 196 61.86 20.64 -69.27
C LEU EC 196 63.03 19.84 -69.79
N LEU EC 197 63.72 20.34 -70.81
CA LEU EC 197 64.84 19.61 -71.38
C LEU EC 197 66.04 19.63 -70.45
N ARG EC 198 66.17 20.65 -69.61
CA ARG EC 198 67.33 20.79 -68.75
C ARG EC 198 67.29 19.86 -67.55
N TRP EC 199 66.20 19.14 -67.37
CA TRP EC 199 66.08 18.12 -66.34
C TRP EC 199 67.01 16.96 -66.64
N ASP EC 200 68.01 16.74 -65.80
CA ASP EC 200 68.79 15.52 -65.90
C ASP EC 200 68.27 14.49 -64.91
N TRP EC 201 68.39 13.23 -65.29
CA TRP EC 201 67.78 12.17 -64.51
C TRP EC 201 68.72 11.08 -64.05
N ARG EC 202 69.95 11.00 -64.58
CA ARG EC 202 70.87 10.02 -64.02
C ARG EC 202 71.27 10.43 -62.62
N ASN EC 203 71.57 11.70 -62.45
CA ASN EC 203 72.19 12.18 -61.23
C ASN EC 203 71.18 12.59 -60.17
N THR EC 204 69.89 12.57 -60.49
CA THR EC 204 68.84 12.84 -59.53
C THR EC 204 67.92 11.63 -59.52
N LYS EC 205 68.30 10.60 -58.77
CA LYS EC 205 67.50 9.41 -58.61
C LYS EC 205 66.90 9.41 -57.22
N PHE EC 206 65.78 8.73 -57.06
CA PHE EC 206 65.06 8.72 -55.80
C PHE EC 206 65.52 7.48 -55.06
N ALA EC 207 66.51 7.63 -54.19
CA ALA EC 207 67.09 6.50 -53.48
C ALA EC 207 66.86 6.62 -51.99
N SER FC 2 12.54 80.81 -34.90
CA SER FC 2 12.52 82.26 -35.09
C SER FC 2 12.84 82.64 -36.51
N GLN FC 3 12.20 81.97 -37.46
CA GLN FC 3 12.30 82.29 -38.86
C GLN FC 3 10.91 82.15 -39.48
N PRO FC 4 10.50 83.08 -40.33
CA PRO FC 4 11.20 84.27 -40.82
C PRO FC 4 11.14 85.43 -39.84
N VAL FC 5 10.07 85.51 -39.07
CA VAL FC 5 9.89 86.59 -38.11
C VAL FC 5 9.99 86.01 -36.71
N PHE FC 6 10.27 86.87 -35.74
CA PHE FC 6 10.25 86.41 -34.35
C PHE FC 6 8.84 86.40 -33.80
N ALA FC 7 8.11 87.48 -34.01
CA ALA FC 7 6.77 87.66 -33.45
C ALA FC 7 5.77 87.04 -34.43
N SER FC 8 5.55 85.75 -34.29
CA SER FC 8 4.55 85.03 -35.04
C SER FC 8 3.81 84.10 -34.09
N PRO FC 9 2.53 83.83 -34.36
CA PRO FC 9 1.83 82.82 -33.56
C PRO FC 9 2.46 81.44 -33.65
N LEU FC 10 2.93 81.02 -34.83
CA LEU FC 10 3.66 79.76 -34.92
C LEU FC 10 4.94 79.81 -34.12
N ASN FC 11 5.63 80.94 -34.12
CA ASN FC 11 6.90 80.96 -33.43
C ASN FC 11 6.72 80.99 -31.92
N VAL FC 12 5.72 81.69 -31.39
CA VAL FC 12 5.52 81.61 -29.95
C VAL FC 12 5.04 80.23 -29.55
N GLU FC 13 4.19 79.59 -30.37
CA GLU FC 13 3.75 78.24 -30.06
C GLU FC 13 4.90 77.26 -30.12
N LYS FC 14 5.76 77.41 -31.13
CA LYS FC 14 6.89 76.52 -31.30
C LYS FC 14 7.87 76.65 -30.14
N ARG FC 15 8.17 77.90 -29.75
CA ARG FC 15 9.08 78.10 -28.63
C ARG FC 15 8.48 77.56 -27.35
N ARG FC 16 7.19 77.78 -27.11
CA ARG FC 16 6.57 77.33 -25.87
C ARG FC 16 6.59 75.81 -25.75
N LEU FC 17 6.16 75.09 -26.80
CA LEU FC 17 6.18 73.64 -26.75
C LEU FC 17 7.61 73.09 -26.64
N ASN FC 18 8.54 73.69 -27.35
CA ASN FC 18 9.88 73.10 -27.35
C ASN FC 18 10.61 73.36 -26.05
N GLU FC 19 10.38 74.48 -25.38
CA GLU FC 19 10.97 74.58 -24.06
C GLU FC 19 10.20 73.82 -22.99
N GLU FC 20 8.91 73.50 -23.22
CA GLU FC 20 8.27 72.51 -22.36
C GLU FC 20 8.97 71.16 -22.45
N ARG FC 21 9.27 70.72 -23.67
CA ARG FC 21 10.00 69.48 -23.85
C ARG FC 21 11.38 69.56 -23.21
N ALA FC 22 12.06 70.70 -23.37
CA ALA FC 22 13.39 70.87 -22.79
C ALA FC 22 13.36 70.83 -21.27
N LEU FC 23 12.37 71.47 -20.66
CA LEU FC 23 12.32 71.51 -19.20
C LEU FC 23 11.95 70.15 -18.63
N MET FC 24 11.04 69.43 -19.29
CA MET FC 24 10.73 68.08 -18.83
C MET FC 24 11.93 67.16 -18.95
N GLN FC 25 12.69 67.29 -20.03
CA GLN FC 25 13.88 66.46 -20.19
C GLN FC 25 14.91 66.80 -19.11
N ALA FC 26 15.07 68.09 -18.80
CA ALA FC 26 16.02 68.50 -17.76
C ALA FC 26 15.61 67.99 -16.39
N GLN FC 27 14.31 68.03 -16.08
CA GLN FC 27 13.85 67.52 -14.79
C GLN FC 27 14.02 66.00 -14.72
N LYS FC 28 13.74 65.28 -15.81
CA LYS FC 28 13.88 63.83 -15.78
C LYS FC 28 15.34 63.41 -15.70
N ALA FC 29 16.24 64.22 -16.25
CA ALA FC 29 17.67 63.91 -16.14
C ALA FC 29 18.16 64.15 -14.72
N ASN FC 35 23.24 70.35 -17.24
CA ASN FC 35 24.30 70.48 -18.22
C ASN FC 35 23.72 70.53 -19.63
N ILE FC 36 22.60 71.21 -19.78
CA ILE FC 36 21.92 71.29 -21.06
C ILE FC 36 21.60 72.76 -21.34
N GLN FC 37 21.41 73.07 -22.62
CA GLN FC 37 21.19 74.44 -23.08
C GLN FC 37 19.73 74.81 -22.91
N LEU FC 38 19.46 75.73 -21.99
CA LEU FC 38 18.19 76.40 -21.88
C LEU FC 38 18.41 77.90 -22.03
N PRO FC 39 17.64 78.61 -22.85
CA PRO FC 39 16.50 78.24 -23.69
C PRO FC 39 16.94 77.41 -24.89
N PRO FC 40 16.06 76.57 -25.43
CA PRO FC 40 16.50 75.62 -26.45
C PRO FC 40 16.89 76.34 -27.72
N ASN FC 41 17.84 75.73 -28.43
CA ASN FC 41 18.32 76.33 -29.67
C ASN FC 41 17.27 76.20 -30.77
N TYR FC 42 17.26 77.19 -31.66
CA TYR FC 42 16.30 77.24 -32.75
C TYR FC 42 16.47 76.07 -33.68
N GLY FC 43 17.70 75.58 -33.84
CA GLY FC 43 17.91 74.40 -34.66
C GLY FC 43 17.30 73.16 -34.05
N ASP FC 44 17.32 73.07 -32.72
CA ASP FC 44 16.76 71.90 -32.08
C ASP FC 44 15.26 71.99 -31.89
N MET FC 45 14.68 73.18 -32.03
CA MET FC 45 13.24 73.31 -31.94
C MET FC 45 12.55 72.56 -33.08
N ASP FC 46 11.54 71.77 -32.73
CA ASP FC 46 10.82 70.94 -33.69
C ASP FC 46 9.34 71.31 -33.68
N LEU FC 47 8.75 71.42 -34.85
CA LEU FC 47 7.37 71.85 -34.99
C LEU FC 47 6.67 71.05 -36.05
N ILE FC 48 5.53 70.45 -35.69
CA ILE FC 48 4.63 69.89 -36.68
C ILE FC 48 3.75 71.02 -37.19
N LEU FC 49 3.66 71.15 -38.51
CA LEU FC 49 3.07 72.33 -39.12
C LEU FC 49 1.63 72.11 -39.53
N PHE FC 50 1.36 71.09 -40.32
CA PHE FC 50 0.00 70.80 -40.74
C PHE FC 50 -0.51 69.60 -39.96
N PRO FC 51 -1.46 69.77 -39.05
CA PRO FC 51 -1.95 68.64 -38.26
C PRO FC 51 -2.81 67.68 -39.06
N GLU FC 52 -3.39 66.70 -38.38
CA GLU FC 52 -4.03 65.58 -39.05
C GLU FC 52 -5.30 65.98 -39.76
N GLY FC 53 -6.03 66.97 -39.24
CA GLY FC 53 -7.25 67.39 -39.90
C GLY FC 53 -7.13 68.66 -40.70
N SER FC 54 -5.89 69.04 -41.04
CA SER FC 54 -5.66 70.35 -41.63
C SER FC 54 -5.91 70.34 -43.13
N LEU FC 55 -5.15 69.55 -43.86
CA LEU FC 55 -5.17 69.60 -45.31
C LEU FC 55 -6.26 68.70 -45.87
N LYS FC 56 -6.80 69.11 -47.01
CA LYS FC 56 -7.87 68.37 -47.67
C LYS FC 56 -8.00 68.83 -49.11
N ASN FC 57 -8.10 67.89 -50.02
CA ASN FC 57 -8.22 68.18 -51.44
C ASN FC 57 -9.70 68.25 -51.82
N SER FC 58 -9.99 68.17 -53.11
CA SER FC 58 -11.35 68.07 -53.59
C SER FC 58 -12.00 66.77 -53.12
N ASN FC 59 -13.33 66.81 -53.05
CA ASN FC 59 -14.15 65.80 -52.36
C ASN FC 59 -13.75 65.61 -50.91
N ASN FC 60 -13.21 66.66 -50.29
CA ASN FC 60 -13.08 66.77 -48.83
C ASN FC 60 -12.17 65.71 -48.22
N THR FC 61 -11.44 64.95 -49.02
CA THR FC 61 -10.68 63.82 -48.52
C THR FC 61 -9.43 64.33 -47.81
N VAL FC 62 -9.41 64.19 -46.49
CA VAL FC 62 -8.29 64.67 -45.70
C VAL FC 62 -7.06 63.80 -45.99
N ILE FC 63 -5.93 64.45 -46.20
CA ILE FC 63 -4.69 63.79 -46.60
C ILE FC 63 -3.63 64.12 -45.56
N PRO FC 64 -2.86 63.14 -45.08
CA PRO FC 64 -1.93 63.41 -43.99
C PRO FC 64 -0.75 64.27 -44.42
N GLN FC 65 -0.10 64.85 -43.41
CA GLN FC 65 1.06 65.71 -43.63
C GLN FC 65 2.24 64.94 -44.19
N SER FC 66 2.34 63.65 -43.89
CA SER FC 66 3.46 62.86 -44.37
C SER FC 66 3.35 62.53 -45.84
N HIS FC 67 2.18 62.72 -46.46
CA HIS FC 67 2.05 62.50 -47.89
C HIS FC 67 2.79 63.53 -48.72
N LEU FC 68 3.07 64.71 -48.15
CA LEU FC 68 3.77 65.76 -48.87
C LEU FC 68 5.28 65.58 -48.87
N LYS FC 69 5.79 64.55 -48.21
CA LYS FC 69 7.23 64.38 -48.13
C LYS FC 69 7.82 64.01 -49.48
N GLY FC 70 8.98 64.58 -49.77
CA GLY FC 70 9.61 64.33 -51.04
C GLY FC 70 9.04 65.13 -52.18
N LYS FC 71 8.44 66.29 -51.90
CA LYS FC 71 7.89 67.15 -52.93
C LYS FC 71 8.35 68.57 -52.65
N SER FC 72 7.97 69.49 -53.52
CA SER FC 72 8.16 70.91 -53.25
C SER FC 72 6.80 71.52 -53.01
N VAL FC 73 6.61 72.09 -51.82
CA VAL FC 73 5.29 72.55 -51.39
C VAL FC 73 5.29 74.07 -51.33
N ALA FC 74 4.21 74.67 -51.80
CA ALA FC 74 4.09 76.12 -51.75
C ALA FC 74 2.72 76.50 -51.25
N LEU FC 75 2.67 77.39 -50.27
CA LEU FC 75 1.42 78.00 -49.89
C LEU FC 75 1.07 79.07 -50.91
N TYR FC 76 -0.22 79.19 -51.21
CA TYR FC 76 -0.69 80.14 -52.20
C TYR FC 76 -1.82 80.92 -51.56
N PHE FC 77 -1.54 82.16 -51.20
CA PHE FC 77 -2.51 83.03 -50.58
C PHE FC 77 -3.26 83.75 -51.67
N ALA FC 78 -4.59 83.60 -51.68
CA ALA FC 78 -5.38 84.16 -52.74
C ALA FC 78 -6.68 84.73 -52.20
N ASP FC 79 -7.22 85.66 -52.97
CA ASP FC 79 -8.55 86.20 -52.78
C ASP FC 79 -9.40 85.74 -53.96
N GLY FC 80 -10.71 85.70 -53.75
CA GLY FC 80 -11.58 85.35 -54.83
C GLY FC 80 -12.00 86.56 -55.64
N ALA FC 81 -11.83 87.75 -55.07
CA ALA FC 81 -12.36 88.96 -55.66
C ALA FC 81 -11.31 89.89 -56.24
N ASP FC 82 -10.06 89.77 -55.81
CA ASP FC 82 -9.03 90.66 -56.33
C ASP FC 82 -8.67 90.26 -57.76
N PRO FC 83 -8.68 91.21 -58.69
CA PRO FC 83 -8.40 90.85 -60.09
C PRO FC 83 -6.98 90.38 -60.34
N LYS FC 84 -6.00 90.77 -59.51
CA LYS FC 84 -4.67 90.22 -59.67
C LYS FC 84 -4.66 88.73 -59.38
N CYS FC 85 -5.39 88.31 -58.34
CA CYS FC 85 -5.57 86.89 -58.09
C CYS FC 85 -6.27 86.22 -59.26
N ALA FC 86 -7.33 86.87 -59.77
CA ALA FC 86 -8.08 86.29 -60.87
C ALA FC 86 -7.23 86.11 -62.11
N SER FC 87 -6.24 86.98 -62.30
CA SER FC 87 -5.30 86.78 -63.39
C SER FC 87 -4.31 85.67 -63.07
N LEU FC 88 -3.94 85.52 -61.80
CA LEU FC 88 -2.90 84.57 -61.48
C LEU FC 88 -3.38 83.12 -61.49
N LEU FC 89 -4.67 82.86 -61.28
CA LEU FC 89 -5.12 81.47 -61.23
C LEU FC 89 -4.86 80.63 -62.48
N PRO FC 90 -5.19 81.06 -63.71
CA PRO FC 90 -4.98 80.14 -64.84
C PRO FC 90 -3.52 79.88 -65.15
N PHE FC 91 -2.63 80.85 -64.88
CA PHE FC 91 -1.21 80.60 -65.06
C PHE FC 91 -0.71 79.56 -64.09
N LEU FC 92 -1.13 79.64 -62.83
CA LEU FC 92 -0.68 78.67 -61.85
C LEU FC 92 -1.29 77.31 -62.12
N LEU FC 93 -2.53 77.27 -62.59
CA LEU FC 93 -3.14 76.00 -62.98
C LEU FC 93 -2.39 75.36 -64.12
N ASN FC 94 -2.01 76.16 -65.13
CA ASN FC 94 -1.28 75.62 -66.27
C ASN FC 94 0.08 75.09 -65.83
N TYR FC 95 0.81 75.87 -65.04
CA TYR FC 95 2.13 75.45 -64.56
C TYR FC 95 2.02 74.18 -63.73
N TYR FC 96 1.05 74.13 -62.82
CA TYR FC 96 0.88 72.97 -61.96
C TYR FC 96 0.53 71.74 -62.77
N ARG FC 97 -0.40 71.86 -63.70
CA ARG FC 97 -0.84 70.70 -64.45
C ARG FC 97 0.27 70.16 -65.34
N THR FC 98 0.91 71.02 -66.12
CA THR FC 98 1.93 70.49 -67.01
C THR FC 98 3.27 70.32 -66.33
N MET FC 99 3.38 70.66 -65.06
CA MET FC 99 4.59 70.38 -64.33
C MET FC 99 4.48 69.09 -63.55
N ASN FC 100 3.27 68.69 -63.16
CA ASN FC 100 3.08 67.40 -62.53
C ASN FC 100 2.48 66.32 -63.43
N GLU FC 101 2.21 66.61 -64.70
CA GLU FC 101 1.96 65.48 -65.61
C GLU FC 101 3.23 64.99 -66.27
N GLY FC 102 4.32 65.71 -66.11
CA GLY FC 102 5.62 65.30 -66.59
C GLY FC 102 6.31 64.36 -65.63
N GLY FC 103 5.98 63.07 -65.68
CA GLY FC 103 6.75 62.12 -64.91
C GLY FC 103 5.95 61.07 -64.17
N ALA FC 104 6.66 60.14 -63.53
CA ALA FC 104 5.99 59.08 -62.79
C ALA FC 104 5.35 59.60 -61.51
N ASN FC 105 5.92 60.64 -60.91
CA ASN FC 105 5.44 61.18 -59.66
C ASN FC 105 5.16 62.66 -59.81
N GLN FC 106 4.38 63.20 -58.88
CA GLN FC 106 4.21 64.64 -58.81
C GLN FC 106 5.46 65.27 -58.19
N LYS FC 107 5.79 66.47 -58.65
CA LYS FC 107 6.98 67.17 -58.16
C LYS FC 107 6.65 68.33 -57.26
N ILE FC 108 5.60 69.08 -57.57
CA ILE FC 108 5.23 70.24 -56.78
C ILE FC 108 3.81 70.07 -56.27
N GLU FC 109 3.49 70.78 -55.19
CA GLU FC 109 2.18 70.77 -54.57
C GLU FC 109 1.84 72.15 -54.05
N ILE FC 110 0.56 72.49 -54.13
CA ILE FC 110 0.08 73.83 -53.79
C ILE FC 110 -0.99 73.72 -52.71
N ILE FC 111 -0.77 74.42 -51.61
CA ILE FC 111 -1.72 74.48 -50.49
C ILE FC 111 -2.41 75.83 -50.58
N PHE FC 112 -3.72 75.83 -50.75
CA PHE FC 112 -4.47 77.07 -50.88
C PHE FC 112 -4.82 77.63 -49.52
N VAL FC 113 -4.48 78.89 -49.31
CA VAL FC 113 -4.85 79.65 -48.12
C VAL FC 113 -5.65 80.85 -48.59
N SER FC 114 -6.80 81.07 -47.97
CA SER FC 114 -7.80 82.00 -48.47
C SER FC 114 -7.80 83.29 -47.68
N LEU FC 115 -8.07 84.39 -48.38
CA LEU FC 115 -8.31 85.68 -47.77
C LEU FC 115 -9.72 86.15 -48.04
N ASP FC 116 -10.65 85.24 -48.26
CA ASP FC 116 -11.96 85.58 -48.78
C ASP FC 116 -12.84 86.13 -47.65
N ARG FC 117 -14.13 86.25 -47.94
CA ARG FC 117 -15.10 86.78 -46.99
C ARG FC 117 -15.97 85.70 -46.38
N ASP FC 118 -16.52 84.80 -47.19
CA ASP FC 118 -17.55 83.89 -46.71
C ASP FC 118 -17.44 82.54 -47.38
N ARG FC 119 -18.25 81.60 -46.89
CA ARG FC 119 -18.21 80.22 -47.35
C ARG FC 119 -18.59 80.09 -48.81
N GLU FC 120 -19.55 80.91 -49.26
CA GLU FC 120 -20.02 80.77 -50.63
C GLU FC 120 -18.93 81.14 -51.63
N ALA FC 121 -18.25 82.26 -51.38
CA ALA FC 121 -17.12 82.64 -52.24
C ALA FC 121 -15.98 81.63 -52.12
N PHE FC 122 -15.76 81.12 -50.90
CA PHE FC 122 -14.70 80.14 -50.69
C PHE FC 122 -14.93 78.89 -51.54
N GLU FC 123 -16.14 78.33 -51.47
CA GLU FC 123 -16.41 77.10 -52.21
C GLU FC 123 -16.51 77.36 -53.70
N SER FC 124 -17.01 78.53 -54.09
CA SER FC 124 -17.10 78.85 -55.51
C SER FC 124 -15.72 78.95 -56.13
N HIS FC 125 -14.76 79.52 -55.39
CA HIS FC 125 -13.41 79.63 -55.91
C HIS FC 125 -12.67 78.29 -55.78
N ARG FC 126 -13.00 77.51 -54.75
CA ARG FC 126 -12.39 76.20 -54.56
C ARG FC 126 -12.80 75.18 -55.62
N ALA FC 127 -14.01 75.31 -56.16
CA ALA FC 127 -14.49 74.32 -57.13
C ALA FC 127 -13.66 74.30 -58.40
N HIS FC 128 -12.89 75.35 -58.69
CA HIS FC 128 -12.04 75.35 -59.87
C HIS FC 128 -10.75 74.55 -59.65
N MET FC 129 -10.17 74.64 -58.45
CA MET FC 129 -8.76 74.32 -58.19
C MET FC 129 -8.58 72.87 -57.75
N PRO FC 130 -7.70 72.11 -58.41
CA PRO FC 130 -7.45 70.71 -58.03
C PRO FC 130 -6.43 70.46 -56.92
N TRP FC 131 -5.71 71.44 -56.40
CA TRP FC 131 -4.68 71.15 -55.41
C TRP FC 131 -5.26 71.22 -54.00
N LEU FC 132 -4.39 71.16 -52.99
CA LEU FC 132 -4.90 71.00 -51.62
C LEU FC 132 -5.27 72.36 -51.04
N SER FC 133 -5.95 72.35 -49.88
CA SER FC 133 -6.41 73.60 -49.28
C SER FC 133 -6.54 73.49 -47.77
N ILE FC 134 -6.69 74.66 -47.15
CA ILE FC 134 -6.95 74.78 -45.72
C ILE FC 134 -8.22 75.57 -45.55
N ASP FC 135 -9.12 75.10 -44.67
CA ASP FC 135 -10.44 75.68 -44.55
C ASP FC 135 -10.39 77.08 -43.96
N LEU FC 136 -11.30 77.93 -44.41
CA LEU FC 136 -11.31 79.33 -44.00
C LEU FC 136 -11.58 79.48 -42.52
N GLU FC 137 -12.50 78.70 -41.98
CA GLU FC 137 -12.90 78.84 -40.58
C GLU FC 137 -11.82 78.34 -39.63
N ASN FC 138 -10.93 77.51 -40.12
CA ASN FC 138 -9.88 76.94 -39.30
C ASN FC 138 -8.89 78.05 -39.00
N PRO FC 139 -8.46 78.23 -37.75
CA PRO FC 139 -7.58 79.36 -37.42
C PRO FC 139 -6.18 79.25 -37.99
N LEU FC 140 -5.83 78.10 -38.57
CA LEU FC 140 -4.49 77.92 -39.11
C LEU FC 140 -4.25 78.84 -40.30
N THR FC 141 -5.31 79.22 -41.03
CA THR FC 141 -5.16 80.22 -42.07
C THR FC 141 -4.69 81.55 -41.48
N GLU FC 142 -5.33 81.99 -40.40
CA GLU FC 142 -4.95 83.25 -39.77
C GLU FC 142 -3.54 83.19 -39.25
N ILE FC 143 -3.17 82.04 -38.67
CA ILE FC 143 -1.83 81.87 -38.14
C ILE FC 143 -0.78 81.91 -39.24
N LEU FC 144 -1.05 81.24 -40.38
CA LEU FC 144 -0.11 81.26 -41.50
C LEU FC 144 0.02 82.65 -42.11
N LYS FC 145 -1.10 83.36 -42.24
CA LYS FC 145 -1.06 84.73 -42.76
C LYS FC 145 -0.16 85.60 -41.93
N ARG FC 146 -0.35 85.56 -40.62
CA ARG FC 146 0.47 86.40 -39.76
C ARG FC 146 1.92 85.93 -39.74
N HIS FC 147 2.14 84.63 -39.94
CA HIS FC 147 3.49 84.10 -39.91
C HIS FC 147 4.29 84.56 -41.12
N PHE FC 148 3.73 84.41 -42.31
CA PHE FC 148 4.44 84.77 -43.52
C PHE FC 148 4.27 86.23 -43.87
N ARG FC 149 3.51 86.96 -43.05
CA ARG FC 149 3.36 88.41 -43.14
C ARG FC 149 2.67 88.85 -44.42
N VAL FC 150 1.87 87.99 -45.01
CA VAL FC 150 1.02 88.41 -46.11
C VAL FC 150 -0.26 88.97 -45.53
N MET FC 151 -0.60 90.19 -45.92
CA MET FC 151 -1.78 90.83 -45.36
C MET FC 151 -2.30 91.86 -46.35
N LYS FC 152 -3.62 91.89 -46.51
CA LYS FC 152 -4.21 92.56 -47.65
C LYS FC 152 -4.17 94.07 -47.48
N GLU FC 153 -4.88 94.58 -46.49
CA GLU FC 153 -4.80 95.97 -46.12
C GLU FC 153 -4.60 96.05 -44.61
N TYR FC 154 -3.85 97.06 -44.19
CA TYR FC 154 -3.28 97.10 -42.85
C TYR FC 154 -4.37 97.26 -41.81
N GLU FC 155 -4.78 96.15 -41.19
CA GLU FC 155 -5.70 96.17 -40.07
C GLU FC 155 -5.13 95.58 -38.80
N VAL FC 156 -4.40 94.48 -38.89
CA VAL FC 156 -3.78 93.90 -37.69
C VAL FC 156 -2.60 94.77 -37.28
N PRO FC 157 -2.54 95.22 -36.03
CA PRO FC 157 -1.31 95.84 -35.54
C PRO FC 157 -0.17 94.84 -35.53
N THR FC 158 0.82 95.06 -36.39
CA THR FC 158 1.95 94.16 -36.48
C THR FC 158 3.16 94.76 -35.79
N TYR FC 159 3.97 93.88 -35.23
CA TYR FC 159 5.22 94.21 -34.57
C TYR FC 159 6.29 94.71 -35.52
N GLY FC 160 6.22 95.98 -35.89
CA GLY FC 160 7.39 96.65 -36.40
C GLY FC 160 7.85 96.24 -37.79
N TYR FC 161 7.67 94.96 -38.09
CA TYR FC 161 7.88 94.44 -39.42
C TYR FC 161 6.90 95.09 -40.38
N GLY FC 162 7.33 95.32 -41.59
CA GLY FC 162 6.40 95.73 -42.61
C GLY FC 162 5.67 94.54 -43.17
N SER FC 163 4.70 94.81 -44.03
CA SER FC 163 4.04 93.74 -44.74
C SER FC 163 5.01 93.17 -45.76
N ARG FC 164 5.12 91.84 -45.81
CA ARG FC 164 6.03 91.22 -46.75
C ARG FC 164 5.54 91.39 -48.17
N THR FC 165 4.24 91.19 -48.40
CA THR FC 165 3.70 91.21 -49.74
C THR FC 165 2.20 91.46 -49.64
N GLY FC 166 1.55 91.42 -50.78
CA GLY FC 166 0.11 91.50 -50.81
C GLY FC 166 -0.48 90.32 -51.53
N VAL FC 167 -1.78 90.10 -51.33
CA VAL FC 167 -2.47 89.03 -52.05
C VAL FC 167 -2.54 89.38 -53.53
N PRO FC 168 -2.33 88.43 -54.45
CA PRO FC 168 -1.96 87.03 -54.37
C PRO FC 168 -0.48 86.82 -54.16
N SER FC 169 -0.11 85.69 -53.58
CA SER FC 169 1.30 85.40 -53.43
C SER FC 169 1.51 83.90 -53.34
N VAL FC 170 2.68 83.46 -53.77
CA VAL FC 170 3.11 82.08 -53.67
C VAL FC 170 4.40 82.05 -52.86
N ILE FC 171 4.42 81.33 -51.77
CA ILE FC 171 5.61 81.20 -50.94
C ILE FC 171 5.96 79.72 -50.82
N VAL FC 172 7.18 79.37 -51.23
CA VAL FC 172 7.63 77.99 -51.20
C VAL FC 172 8.27 77.74 -49.84
N ILE FC 173 7.70 76.80 -49.09
CA ILE FC 173 7.95 76.71 -47.66
C ILE FC 173 8.72 75.43 -47.36
N GLY FC 174 9.45 75.48 -46.24
CA GLY FC 174 10.15 74.33 -45.74
C GLY FC 174 9.36 73.61 -44.65
N SER FC 175 10.06 72.74 -43.95
CA SER FC 175 9.42 71.96 -42.90
C SER FC 175 9.22 72.77 -41.64
N ASP FC 176 10.16 73.64 -41.30
CA ASP FC 176 10.10 74.42 -40.07
C ASP FC 176 9.52 75.81 -40.28
N GLY FC 177 8.62 75.95 -41.24
CA GLY FC 177 7.96 77.23 -41.45
C GLY FC 177 8.82 78.29 -42.09
N ARG FC 178 10.00 77.93 -42.54
CA ARG FC 178 10.93 78.88 -43.13
C ARG FC 178 10.57 79.11 -44.59
N GLU FC 179 10.53 80.36 -45.01
CA GLU FC 179 10.31 80.63 -46.42
C GLU FC 179 11.55 80.24 -47.21
N ALA FC 180 11.44 79.14 -47.95
CA ALA FC 180 12.59 78.69 -48.71
C ALA FC 180 12.84 79.61 -49.88
N GLN FC 181 11.79 80.02 -50.57
CA GLN FC 181 11.92 80.86 -51.74
C GLN FC 181 10.66 81.69 -51.87
N PHE FC 182 10.82 82.95 -52.24
CA PHE FC 182 9.72 83.89 -52.38
C PHE FC 182 9.54 84.21 -53.85
N LEU FC 183 8.42 83.83 -54.40
CA LEU FC 183 8.17 84.12 -55.81
C LEU FC 183 7.70 85.57 -55.96
N PRO FC 184 8.35 86.34 -56.81
CA PRO FC 184 7.98 87.75 -57.00
C PRO FC 184 6.84 88.01 -57.99
N ILE FC 185 5.60 87.91 -57.53
CA ILE FC 185 4.45 88.26 -58.35
C ILE FC 185 4.15 89.75 -58.19
N CYS FC 186 3.87 90.19 -56.97
CA CYS FC 186 3.80 91.60 -56.61
C CYS FC 186 4.74 91.76 -55.41
N SER FC 187 6.01 92.01 -55.71
CA SER FC 187 7.06 91.90 -54.70
C SER FC 187 8.24 92.76 -55.15
N GLY FC 188 9.41 92.50 -54.58
CA GLY FC 188 10.59 93.31 -54.84
C GLY FC 188 11.03 93.33 -56.29
N LEU FC 189 10.67 92.32 -57.07
CA LEU FC 189 11.04 92.32 -58.48
C LEU FC 189 9.90 92.72 -59.40
N GLU FC 190 8.65 92.47 -58.99
CA GLU FC 190 7.43 92.82 -59.74
C GLU FC 190 7.39 92.17 -61.11
N GLU FC 191 8.10 91.07 -61.32
CA GLU FC 191 8.02 90.34 -62.59
C GLU FC 191 6.81 89.41 -62.54
N GLY FC 192 5.64 90.03 -62.48
CA GLY FC 192 4.44 89.27 -62.19
C GLY FC 192 4.06 88.34 -63.32
N ASP FC 193 3.36 87.27 -62.95
CA ASP FC 193 2.75 86.28 -63.83
C ASP FC 193 3.78 85.43 -64.57
N ARG FC 194 5.07 85.70 -64.39
CA ARG FC 194 6.14 84.91 -64.97
C ARG FC 194 7.02 84.30 -63.90
N ALA FC 195 6.95 84.80 -62.67
CA ALA FC 195 7.79 84.36 -61.57
C ALA FC 195 7.51 82.94 -61.13
N LEU FC 196 6.55 82.25 -61.74
CA LEU FC 196 6.44 80.82 -61.52
C LEU FC 196 7.63 80.09 -62.09
N LEU FC 197 8.28 80.66 -63.10
CA LEU FC 197 9.45 80.02 -63.68
C LEU FC 197 10.66 80.10 -62.76
N ARG FC 198 10.67 81.03 -61.81
CA ARG FC 198 11.81 81.15 -60.92
C ARG FC 198 11.77 80.15 -59.77
N TRP FC 199 10.73 79.34 -59.71
CA TRP FC 199 10.60 78.32 -58.69
C TRP FC 199 11.57 77.19 -58.98
N ASP FC 200 12.46 76.89 -58.02
CA ASP FC 200 13.25 75.67 -58.11
C ASP FC 200 12.72 74.63 -57.13
N TRP FC 201 12.71 73.39 -57.58
CA TRP FC 201 12.14 72.31 -56.80
C TRP FC 201 13.17 71.32 -56.32
N ARG FC 202 14.41 71.37 -56.82
CA ARG FC 202 15.42 70.46 -56.29
C ARG FC 202 15.73 70.82 -54.86
N ASN FC 203 16.11 72.07 -54.65
CA ASN FC 203 16.67 72.47 -53.38
C ASN FC 203 15.61 72.72 -52.34
N THR FC 204 14.38 73.00 -52.76
CA THR FC 204 13.28 73.25 -51.85
C THR FC 204 12.38 72.02 -51.72
N LYS FC 205 12.96 70.91 -51.26
CA LYS FC 205 12.15 69.73 -51.00
C LYS FC 205 11.46 69.88 -49.66
N PHE FC 206 10.52 68.99 -49.40
CA PHE FC 206 9.77 69.01 -48.14
C PHE FC 206 10.24 67.78 -47.36
N ALA FC 207 11.28 67.97 -46.54
CA ALA FC 207 11.85 66.89 -45.76
C ALA FC 207 11.56 67.07 -44.28
N VAL GC 12 41.99 -11.84 -63.71
CA VAL GC 12 41.93 -10.39 -63.87
C VAL GC 12 41.46 -10.02 -65.27
N VAL GC 13 41.65 -10.95 -66.21
CA VAL GC 13 41.18 -10.80 -67.59
C VAL GC 13 40.42 -12.08 -67.95
N LYS GC 14 39.36 -11.94 -68.72
CA LYS GC 14 38.27 -12.90 -68.69
C LYS GC 14 38.10 -13.64 -70.01
N ARG GC 15 37.98 -14.96 -69.93
CA ARG GC 15 37.53 -15.80 -71.03
C ARG GC 15 36.11 -16.28 -70.71
N THR GC 16 35.47 -16.90 -71.69
CA THR GC 16 34.05 -17.21 -71.57
C THR GC 16 33.82 -18.66 -71.19
N GLN GC 17 32.65 -18.87 -70.58
CA GLN GC 17 32.09 -20.17 -70.25
C GLN GC 17 30.64 -19.95 -69.86
N GLN GC 18 29.75 -20.80 -70.35
CA GLN GC 18 28.33 -20.58 -70.16
C GLN GC 18 27.90 -21.15 -68.82
N GLY GC 19 27.30 -20.31 -67.99
CA GLY GC 19 26.87 -20.72 -66.67
C GLY GC 19 27.68 -20.07 -65.57
N ASN GC 20 28.99 -19.98 -65.77
CA ASN GC 20 29.87 -19.28 -64.85
C ASN GC 20 31.06 -18.73 -65.62
N TYR GC 21 31.62 -17.63 -65.13
CA TYR GC 21 32.66 -16.91 -65.83
C TYR GC 21 34.01 -17.37 -65.29
N VAL GC 22 34.90 -17.79 -66.19
CA VAL GC 22 36.17 -18.38 -65.79
C VAL GC 22 37.30 -17.45 -66.23
N PRO GC 23 38.29 -17.17 -65.37
CA PRO GC 23 39.43 -16.37 -65.81
C PRO GC 23 40.48 -17.21 -66.53
N VAL GC 24 41.20 -16.54 -67.43
CA VAL GC 24 42.12 -17.20 -68.33
C VAL GC 24 43.49 -17.28 -67.65
N ARG GC 25 44.31 -18.24 -68.06
CA ARG GC 25 45.66 -18.38 -67.52
C ARG GC 25 46.59 -17.35 -68.15
N PRO GC 26 47.60 -16.88 -67.43
CA PRO GC 26 48.64 -16.06 -68.07
C PRO GC 26 49.47 -16.82 -69.07
N ASP GC 27 49.58 -18.14 -68.92
CA ASP GC 27 50.33 -18.97 -69.85
C ASP GC 27 49.48 -19.42 -71.03
N HIS GC 28 48.22 -18.98 -71.10
CA HIS GC 28 47.39 -19.29 -72.26
C HIS GC 28 47.91 -18.66 -73.52
N PHE GC 29 48.58 -17.52 -73.43
CA PHE GC 29 48.98 -16.75 -74.60
C PHE GC 29 50.33 -17.19 -75.15
N ALA GC 30 50.84 -18.35 -74.73
CA ALA GC 30 52.14 -18.79 -75.17
C ALA GC 30 52.11 -19.17 -76.63
N GLY GC 31 53.03 -18.61 -77.41
CA GLY GC 31 53.17 -19.00 -78.79
C GLY GC 31 52.09 -18.51 -79.73
N VAL GC 32 51.25 -17.58 -79.28
CA VAL GC 32 50.19 -17.05 -80.12
C VAL GC 32 50.43 -15.56 -80.35
N SER GC 33 49.64 -14.98 -81.24
CA SER GC 33 49.68 -13.56 -81.55
C SER GC 33 48.43 -12.89 -81.01
N VAL GC 34 48.61 -11.82 -80.23
CA VAL GC 34 47.52 -11.20 -79.49
C VAL GC 34 47.17 -9.87 -80.13
N ALA GC 35 45.92 -9.75 -80.54
CA ALA GC 35 45.39 -8.54 -81.15
C ALA GC 35 44.35 -7.93 -80.24
N LEU GC 36 44.53 -6.66 -79.91
CA LEU GC 36 43.53 -5.91 -79.18
C LEU GC 36 42.47 -5.44 -80.17
N PHE GC 37 41.20 -5.65 -79.81
CA PHE GC 37 40.06 -5.29 -80.65
C PHE GC 37 39.18 -4.33 -79.88
N PHE GC 38 39.01 -3.13 -80.41
CA PHE GC 38 38.23 -2.09 -79.76
C PHE GC 38 36.84 -2.04 -80.37
N ALA GC 39 35.81 -2.04 -79.53
CA ALA GC 39 34.45 -1.91 -80.02
C ALA GC 39 33.58 -1.29 -78.95
N LYS GC 40 32.50 -0.65 -79.38
CA LYS GC 40 31.45 -0.23 -78.47
C LYS GC 40 30.11 -0.59 -79.09
N ALA GC 41 29.19 -1.03 -78.24
CA ALA GC 41 27.93 -1.56 -78.73
C ALA GC 41 27.04 -0.43 -79.23
N GLY GC 42 26.15 -0.78 -80.16
CA GLY GC 42 25.27 0.19 -80.77
C GLY GC 42 25.94 1.08 -81.80
N HIS GC 43 27.27 1.15 -81.81
CA HIS GC 43 27.97 1.88 -82.83
C HIS GC 43 27.73 1.23 -84.18
N SER GC 44 27.68 2.05 -85.22
CA SER GC 44 27.25 1.55 -86.52
C SER GC 44 28.31 0.64 -87.13
N LYS GC 45 29.57 1.05 -87.10
CA LYS GC 45 30.62 0.26 -87.75
C LYS GC 45 30.97 -1.00 -86.98
N CYS GC 46 30.83 -0.97 -85.65
CA CYS GC 46 31.16 -2.13 -84.85
C CYS GC 46 30.27 -3.32 -85.17
N ALA GC 47 29.01 -3.07 -85.56
CA ALA GC 47 28.09 -4.15 -85.85
C ALA GC 47 28.47 -4.91 -87.11
N GLN GC 48 29.24 -4.31 -88.02
CA GLN GC 48 29.76 -5.05 -89.16
C GLN GC 48 31.23 -5.41 -89.03
N ILE GC 49 31.93 -4.89 -88.02
CA ILE GC 49 33.27 -5.39 -87.78
C ILE GC 49 33.26 -6.64 -86.91
N VAL GC 50 32.24 -6.79 -86.04
CA VAL GC 50 32.16 -7.99 -85.19
C VAL GC 50 32.02 -9.30 -85.96
N PRO GC 51 31.10 -9.44 -86.94
CA PRO GC 51 30.92 -10.78 -87.53
C PRO GC 51 32.08 -11.21 -88.42
N VAL GC 52 32.72 -10.28 -89.12
CA VAL GC 52 33.82 -10.68 -89.99
C VAL GC 52 35.02 -11.13 -89.18
N VAL GC 53 35.30 -10.46 -88.05
CA VAL GC 53 36.40 -10.91 -87.22
C VAL GC 53 36.01 -12.15 -86.43
N ARG GC 54 34.71 -12.37 -86.18
CA ARG GC 54 34.25 -13.64 -85.65
C ARG GC 54 34.56 -14.79 -86.59
N GLN GC 55 34.20 -14.63 -87.86
CA GLN GC 55 34.44 -15.67 -88.86
C GLN GC 55 35.92 -15.91 -89.07
N PHE GC 56 36.72 -14.84 -89.06
CA PHE GC 56 38.15 -14.99 -89.21
C PHE GC 56 38.76 -15.72 -88.01
N TYR GC 57 38.28 -15.42 -86.80
CA TYR GC 57 38.74 -16.14 -85.62
C TYR GC 57 38.49 -17.63 -85.79
N LYS GC 58 37.27 -18.00 -86.13
CA LYS GC 58 36.90 -19.40 -86.23
C LYS GC 58 37.75 -20.11 -87.27
N THR GC 59 37.77 -19.56 -88.49
CA THR GC 59 38.45 -20.22 -89.60
C THR GC 59 39.95 -20.31 -89.38
N THR GC 60 40.60 -19.18 -89.07
CA THR GC 60 42.05 -19.19 -88.96
C THR GC 60 42.53 -19.97 -87.74
N ASN GC 61 41.84 -19.83 -86.61
CA ASN GC 61 42.40 -20.45 -85.43
C ASN GC 61 41.90 -21.87 -85.18
N PHE GC 62 40.94 -22.39 -85.97
CA PHE GC 62 40.49 -23.73 -85.63
C PHE GC 62 40.66 -24.71 -86.78
N SER GC 63 41.74 -24.57 -87.52
CA SER GC 63 42.30 -25.67 -88.28
C SER GC 63 43.52 -26.27 -87.59
N GLY GC 64 44.29 -25.45 -86.89
CA GLY GC 64 45.45 -25.95 -86.17
C GLY GC 64 45.05 -26.74 -84.94
N GLU GC 65 45.78 -27.83 -84.69
CA GLU GC 65 45.68 -28.50 -83.40
C GLU GC 65 46.18 -27.60 -82.29
N LYS GC 66 47.11 -26.71 -82.62
CA LYS GC 66 47.50 -25.62 -81.76
C LYS GC 66 46.82 -24.35 -82.25
N ALA GC 67 46.08 -23.69 -81.36
CA ALA GC 67 45.56 -22.37 -81.66
C ALA GC 67 46.70 -21.37 -81.81
N VAL GC 68 46.57 -20.44 -82.74
CA VAL GC 68 47.68 -19.58 -83.10
C VAL GC 68 47.38 -18.10 -82.88
N ILE GC 69 46.12 -17.69 -82.76
CA ILE GC 69 45.80 -16.28 -82.55
C ILE GC 69 45.00 -16.14 -81.26
N GLU GC 70 44.96 -14.91 -80.76
CA GLU GC 70 44.04 -14.55 -79.69
C GLU GC 70 43.63 -13.09 -79.85
N ILE GC 71 42.37 -12.81 -79.56
CA ILE GC 71 41.80 -11.48 -79.70
C ILE GC 71 41.25 -11.06 -78.35
N ILE GC 72 41.72 -9.92 -77.85
CA ILE GC 72 41.28 -9.39 -76.56
C ILE GC 72 40.26 -8.29 -76.81
N TYR GC 73 39.06 -8.46 -76.26
CA TYR GC 73 37.96 -7.55 -76.50
C TYR GC 73 38.00 -6.42 -75.50
N VAL GC 74 37.99 -5.18 -75.99
CA VAL GC 74 37.88 -3.99 -75.15
C VAL GC 74 36.69 -3.18 -75.63
N SER GC 75 35.76 -2.91 -74.72
CA SER GC 75 34.51 -2.24 -75.03
C SER GC 75 34.53 -0.82 -74.49
N LEU GC 76 34.13 0.12 -75.33
CA LEU GC 76 33.94 1.52 -74.93
C LEU GC 76 32.49 1.80 -74.59
N ASP GC 77 31.80 0.81 -74.03
CA ASP GC 77 30.37 0.94 -73.78
C ASP GC 77 30.11 1.85 -72.59
N LYS GC 78 28.88 2.35 -72.51
CA LYS GC 78 28.45 3.20 -71.41
C LYS GC 78 27.63 2.44 -70.37
N ASP GC 79 27.42 1.14 -70.56
CA ASP GC 79 26.55 0.40 -69.66
C ASP GC 79 27.06 -1.02 -69.48
N GLU GC 80 27.03 -1.48 -68.22
CA GLU GC 80 27.47 -2.82 -67.88
C GLU GC 80 26.59 -3.88 -68.54
N GLN GC 81 25.27 -3.66 -68.54
CA GLN GC 81 24.36 -4.64 -69.13
C GLN GC 81 24.53 -4.70 -70.64
N ASP GC 82 24.80 -3.56 -71.29
CA ASP GC 82 25.00 -3.57 -72.73
C ASP GC 82 26.31 -4.27 -73.07
N PHE GC 83 27.35 -4.03 -72.27
CA PHE GC 83 28.61 -4.74 -72.47
C PHE GC 83 28.41 -6.25 -72.26
N GLU GC 84 27.60 -6.63 -71.28
CA GLU GC 84 27.33 -8.05 -71.04
C GLU GC 84 26.59 -8.69 -72.20
N ARG GC 85 25.58 -8.00 -72.73
CA ARG GC 85 24.81 -8.60 -73.81
C ARG GC 85 25.60 -8.65 -75.11
N VAL GC 86 26.62 -7.81 -75.28
CA VAL GC 86 27.47 -7.96 -76.46
C VAL GC 86 28.60 -8.96 -76.22
N ARG GC 87 29.06 -9.11 -74.97
CA ARG GC 87 29.93 -10.23 -74.61
C ARG GC 87 29.24 -11.55 -74.89
N ALA GC 88 27.92 -11.61 -74.68
CA ALA GC 88 27.15 -12.81 -74.97
C ALA GC 88 27.19 -13.18 -76.45
N LEU GC 89 27.53 -12.25 -77.33
CA LEU GC 89 27.74 -12.57 -78.73
C LEU GC 89 29.21 -12.75 -79.06
N MET GC 90 30.10 -12.16 -78.29
CA MET GC 90 31.53 -12.25 -78.59
C MET GC 90 32.10 -13.61 -78.22
N PRO GC 91 32.71 -14.35 -79.17
CA PRO GC 91 33.27 -15.67 -78.86
C PRO GC 91 34.72 -15.68 -78.38
N TRP GC 92 35.46 -14.61 -78.60
CA TRP GC 92 36.82 -14.49 -78.08
C TRP GC 92 36.83 -13.93 -76.66
N CYS GC 93 38.03 -13.65 -76.16
CA CYS GC 93 38.24 -13.26 -74.77
C CYS GC 93 38.08 -11.77 -74.58
N SER GC 94 37.81 -11.37 -73.34
CA SER GC 94 37.48 -9.98 -73.03
C SER GC 94 38.05 -9.63 -71.66
N VAL GC 95 37.60 -8.51 -71.10
CA VAL GC 95 38.07 -8.02 -69.81
C VAL GC 95 36.87 -7.49 -69.04
N GLU GC 96 36.96 -7.57 -67.72
CA GLU GC 96 35.89 -7.10 -66.85
C GLU GC 96 35.75 -5.58 -66.90
N TYR GC 97 34.51 -5.11 -66.79
CA TYR GC 97 34.24 -3.68 -66.90
C TYR GC 97 34.78 -2.90 -65.71
N LYS GC 98 34.61 -3.43 -64.50
CA LYS GC 98 35.01 -2.70 -63.31
C LYS GC 98 36.52 -2.61 -63.12
N SER GC 99 37.29 -3.41 -63.85
CA SER GC 99 38.74 -3.38 -63.68
C SER GC 99 39.31 -2.15 -64.36
N CYS GC 100 40.48 -1.72 -63.87
CA CYS GC 100 41.14 -0.52 -64.36
C CYS GC 100 42.03 -0.76 -65.57
N LEU GC 101 42.25 -2.02 -65.94
CA LEU GC 101 43.12 -2.32 -67.08
C LEU GC 101 42.51 -1.83 -68.38
N ARG GC 102 41.18 -1.91 -68.51
CA ARG GC 102 40.52 -1.40 -69.71
C ARG GC 102 40.72 0.10 -69.86
N LYS GC 103 40.56 0.84 -68.76
CA LYS GC 103 40.75 2.29 -68.79
C LYS GC 103 42.19 2.64 -69.11
N LYS GC 104 43.16 1.95 -68.49
CA LYS GC 104 44.55 2.25 -68.80
C LYS GC 104 44.89 1.89 -70.25
N LEU GC 105 44.31 0.82 -70.76
CA LEU GC 105 44.63 0.38 -72.11
C LEU GC 105 44.05 1.33 -73.14
N ILE GC 106 42.83 1.83 -72.92
CA ILE GC 106 42.27 2.79 -73.87
C ILE GC 106 42.96 4.14 -73.75
N GLU GC 107 43.39 4.53 -72.55
CA GLU GC 107 44.12 5.79 -72.44
C GLU GC 107 45.56 5.66 -72.91
N ARG GC 108 46.04 4.44 -73.14
CA ARG GC 108 47.39 4.24 -73.65
C ARG GC 108 47.42 4.13 -75.16
N TYR GC 109 46.59 3.27 -75.75
CA TYR GC 109 46.76 2.94 -77.16
C TYR GC 109 46.11 3.94 -78.11
N ARG GC 110 45.77 5.14 -77.62
CA ARG GC 110 45.34 6.28 -78.43
C ARG GC 110 44.07 5.94 -79.23
N VAL GC 111 43.00 5.73 -78.48
CA VAL GC 111 41.69 5.47 -79.08
C VAL GC 111 40.69 6.49 -78.55
N PRO GC 112 40.24 7.43 -79.38
CA PRO GC 112 39.24 8.39 -78.92
C PRO GC 112 37.88 7.74 -78.71
N ASN GC 113 37.09 8.36 -77.84
CA ASN GC 113 35.75 7.87 -77.53
C ASN GC 113 34.74 8.41 -78.52
N THR GC 126 35.70 8.52 -84.07
CA THR GC 126 35.30 7.59 -85.13
C THR GC 126 36.44 6.63 -85.48
N ALA GC 127 37.54 6.72 -84.74
CA ALA GC 127 38.63 5.79 -84.93
C ALA GC 127 38.22 4.37 -84.54
N ILE GC 128 37.44 4.24 -83.48
CA ILE GC 128 36.84 2.95 -83.12
C ILE GC 128 35.87 2.52 -84.21
N PRO GC 129 35.85 1.26 -84.65
CA PRO GC 129 36.62 0.08 -84.25
C PRO GC 129 37.99 -0.05 -84.89
N LEU GC 130 38.92 -0.68 -84.18
CA LEU GC 130 40.29 -0.82 -84.67
C LEU GC 130 40.97 -1.95 -83.94
N LEU GC 131 42.08 -2.40 -84.51
CA LEU GC 131 42.83 -3.55 -84.04
C LEU GC 131 44.31 -3.19 -83.94
N ILE GC 132 44.94 -3.65 -82.87
CA ILE GC 132 46.37 -3.46 -82.67
C ILE GC 132 46.96 -4.80 -82.26
N VAL GC 133 47.76 -5.39 -83.13
CA VAL GC 133 48.51 -6.57 -82.76
C VAL GC 133 49.72 -6.13 -81.95
N ILE GC 134 49.98 -6.84 -80.85
CA ILE GC 134 51.04 -6.44 -79.94
C ILE GC 134 52.10 -7.54 -79.88
N GLY GC 135 53.11 -7.34 -79.03
CA GLY GC 135 54.14 -8.32 -78.84
C GLY GC 135 54.21 -8.83 -77.41
N PRO GC 136 55.24 -9.63 -77.12
CA PRO GC 136 55.40 -10.16 -75.75
C PRO GC 136 55.59 -9.08 -74.70
N ASN GC 137 56.26 -7.99 -75.07
CA ASN GC 137 56.43 -6.88 -74.14
C ASN GC 137 55.18 -6.03 -74.01
N GLY GC 138 54.17 -6.29 -74.84
CA GLY GC 138 52.94 -5.56 -74.80
C GLY GC 138 52.94 -4.26 -75.57
N GLU GC 139 54.08 -3.85 -76.10
CA GLU GC 139 54.13 -2.63 -76.88
C GLU GC 139 53.67 -2.89 -78.31
N GLU GC 140 53.32 -1.81 -79.00
CA GLU GC 140 52.55 -1.92 -80.23
C GLU GC 140 53.38 -2.48 -81.37
N ALA GC 141 52.84 -3.50 -82.03
CA ALA GC 141 53.52 -4.13 -83.15
C ALA GC 141 52.84 -3.90 -84.49
N GLY GC 142 51.56 -3.55 -84.48
CA GLY GC 142 50.88 -3.24 -85.73
C GLY GC 142 49.48 -2.69 -85.53
N ARG GC 143 49.14 -1.67 -86.31
CA ARG GC 143 47.87 -0.98 -86.19
C ARG GC 143 47.10 -1.12 -87.49
N MET GC 144 45.83 -1.52 -87.40
CA MET GC 144 44.96 -1.43 -88.57
C MET GC 144 43.56 -1.00 -88.16
N ASN GC 145 43.06 0.02 -88.83
CA ASN GC 145 41.73 0.56 -88.61
C ASN GC 145 40.78 0.00 -89.67
N PHE GC 146 39.54 0.50 -89.64
CA PHE GC 146 38.50 -0.02 -90.52
C PHE GC 146 37.70 1.10 -91.17
N GLN GC 147 38.21 2.32 -91.14
CA GLN GC 147 37.48 3.44 -91.73
C GLN GC 147 37.51 3.32 -93.26
N GLN GC 148 36.35 3.45 -93.87
CA GLN GC 148 36.23 3.33 -95.32
C GLN GC 148 35.11 4.21 -95.86
N PHE GC 152 38.18 -6.75 -96.07
CA PHE GC 152 39.35 -7.18 -96.82
C PHE GC 152 40.63 -6.74 -96.11
N VAL GC 153 40.47 -6.04 -94.99
CA VAL GC 153 41.62 -5.54 -94.23
C VAL GC 153 41.91 -6.37 -92.99
N LEU GC 154 41.04 -7.32 -92.63
CA LEU GC 154 41.34 -8.21 -91.52
C LEU GC 154 42.52 -9.11 -91.84
N GLN GC 155 42.69 -9.45 -93.11
CA GLN GC 155 43.71 -10.41 -93.49
C GLN GC 155 45.11 -9.82 -93.45
N ARG GC 156 45.25 -8.49 -93.36
CA ARG GC 156 46.57 -7.86 -93.37
C ARG GC 156 47.42 -8.30 -92.19
N TRP GC 157 46.79 -8.67 -91.09
CA TRP GC 157 47.49 -9.30 -89.99
C TRP GC 157 47.80 -10.76 -90.31
N ASP GC 158 49.03 -11.16 -90.03
CA ASP GC 158 49.47 -12.54 -90.13
C ASP GC 158 49.78 -13.09 -88.75
N TYR GC 159 49.31 -14.32 -88.50
CA TYR GC 159 49.55 -14.95 -87.21
C TYR GC 159 51.00 -15.37 -87.04
N ARG GC 160 51.71 -15.56 -88.14
CA ARG GC 160 53.12 -15.91 -88.13
C ARG GC 160 54.00 -14.75 -87.73
N PHE GC 161 53.44 -13.56 -87.57
CA PHE GC 161 54.28 -12.44 -87.20
C PHE GC 161 54.62 -12.47 -85.72
N ASN GC 162 53.62 -12.39 -84.86
CA ASN GC 162 53.85 -12.33 -83.42
C ASN GC 162 53.72 -13.69 -82.73
N LYS GC 163 54.50 -14.68 -83.14
CA LYS GC 163 54.76 -15.78 -82.20
C LYS GC 163 55.40 -15.25 -80.93
N TRP GC 164 54.96 -15.78 -79.81
CA TRP GC 164 55.61 -15.41 -78.58
C TRP GC 164 56.43 -16.59 -78.07
N PRO GC 165 57.50 -16.34 -77.30
CA PRO GC 165 58.27 -17.45 -76.72
C PRO GC 165 57.47 -18.25 -75.69
N VAL HC 12 -13.18 48.48 -56.26
CA VAL HC 12 -13.50 49.90 -56.32
C VAL HC 12 -14.02 50.27 -57.72
N VAL HC 13 -13.61 49.51 -58.73
CA VAL HC 13 -14.22 49.56 -60.06
C VAL HC 13 -14.91 48.23 -60.29
N LYS HC 14 -16.07 48.29 -60.93
CA LYS HC 14 -17.14 47.36 -60.60
C LYS HC 14 -17.60 46.64 -61.86
N ARG HC 15 -17.64 45.31 -61.82
CA ARG HC 15 -18.20 44.50 -62.90
C ARG HC 15 -19.71 44.40 -62.75
N THR HC 16 -20.32 43.48 -63.49
CA THR HC 16 -21.74 43.23 -63.38
C THR HC 16 -22.04 41.74 -63.46
N GLN HC 17 -23.13 41.35 -62.80
CA GLN HC 17 -23.77 40.05 -63.01
C GLN HC 17 -25.22 40.18 -62.59
N GLN HC 18 -25.93 39.06 -62.56
CA GLN HC 18 -27.37 39.08 -62.30
C GLN HC 18 -27.66 38.88 -60.83
N GLY HC 19 -28.49 39.76 -60.26
CA GLY HC 19 -28.86 39.67 -58.86
C GLY HC 19 -28.00 40.56 -57.98
N ASN HC 20 -26.70 40.57 -58.27
CA ASN HC 20 -25.74 41.44 -57.59
C ASN HC 20 -24.64 41.76 -58.58
N TYR HC 21 -23.63 42.50 -58.13
CA TYR HC 21 -22.48 42.82 -58.95
C TYR HC 21 -21.24 42.69 -58.08
N VAL HC 22 -20.10 42.41 -58.71
CA VAL HC 22 -18.86 42.17 -57.96
C VAL HC 22 -17.75 43.04 -58.52
N PRO HC 23 -16.93 43.68 -57.69
CA PRO HC 23 -15.79 44.44 -58.20
C PRO HC 23 -14.76 43.54 -58.87
N VAL HC 24 -14.12 44.09 -59.91
CA VAL HC 24 -13.23 43.32 -60.76
C VAL HC 24 -11.86 43.23 -60.10
N ARG HC 25 -11.12 42.18 -60.42
CA ARG HC 25 -9.78 42.00 -59.89
C ARG HC 25 -8.82 43.02 -60.52
N PRO HC 26 -7.80 43.46 -59.78
CA PRO HC 26 -6.76 44.28 -60.41
C PRO HC 26 -5.93 43.51 -61.42
N ASP HC 27 -5.80 42.20 -61.24
CA ASP HC 27 -5.07 41.35 -62.17
C ASP HC 27 -5.93 40.89 -63.34
N HIS HC 28 -7.18 41.35 -63.41
CA HIS HC 28 -8.02 41.07 -64.56
C HIS HC 28 -7.49 41.71 -65.83
N PHE HC 29 -6.84 42.85 -65.71
CA PHE HC 29 -6.38 43.61 -66.87
C PHE HC 29 -5.05 43.13 -67.42
N ALA HC 30 -4.59 41.94 -67.03
CA ALA HC 30 -3.28 41.48 -67.47
C ALA HC 30 -3.32 41.11 -68.94
N GLY HC 31 -2.39 41.67 -69.71
CA GLY HC 31 -2.25 41.29 -71.09
C GLY HC 31 -3.31 41.80 -72.02
N VAL HC 32 -4.14 42.76 -71.59
CA VAL HC 32 -5.21 43.26 -72.41
C VAL HC 32 -4.93 44.73 -72.74
N SER HC 33 -5.74 45.28 -73.63
CA SER HC 33 -5.74 46.70 -73.93
C SER HC 33 -7.05 47.30 -73.42
N VAL HC 34 -6.96 48.31 -72.58
CA VAL HC 34 -8.14 48.88 -71.93
C VAL HC 34 -8.32 50.34 -72.35
N ALA HC 35 -9.57 50.70 -72.58
CA ALA HC 35 -9.92 52.02 -73.08
C ALA HC 35 -11.05 52.58 -72.23
N LEU HC 36 -10.89 53.83 -71.82
CA LEU HC 36 -11.96 54.59 -71.22
C LEU HC 36 -12.98 54.93 -72.29
N PHE HC 37 -14.25 54.80 -71.96
CA PHE HC 37 -15.35 55.17 -72.83
C PHE HC 37 -16.26 56.10 -72.05
N PHE HC 38 -16.27 57.38 -72.41
CA PHE HC 38 -17.10 58.37 -71.75
C PHE HC 38 -18.45 58.42 -72.45
N ALA HC 39 -19.53 58.40 -71.68
CA ALA HC 39 -20.85 58.54 -72.25
C ALA HC 39 -21.77 59.20 -71.23
N LYS HC 40 -22.77 59.90 -71.72
CA LYS HC 40 -23.82 60.41 -70.86
C LYS HC 40 -25.16 60.09 -71.51
N ALA HC 41 -26.05 59.49 -70.73
CA ALA HC 41 -27.24 58.92 -71.31
C ALA HC 41 -28.27 59.99 -71.61
N GLY HC 42 -29.15 59.68 -72.54
CA GLY HC 42 -30.10 60.66 -73.03
C GLY HC 42 -29.51 61.46 -74.17
N HIS HC 43 -28.21 61.71 -74.10
CA HIS HC 43 -27.51 62.35 -75.20
C HIS HC 43 -27.56 61.45 -76.43
N SER HC 44 -27.88 62.06 -77.55
CA SER HC 44 -28.21 61.32 -78.75
C SER HC 44 -27.01 60.56 -79.30
N LYS HC 45 -25.85 61.23 -79.41
CA LYS HC 45 -24.68 60.55 -79.94
C LYS HC 45 -24.22 59.41 -79.05
N CYS HC 46 -24.40 59.54 -77.73
CA CYS HC 46 -24.16 58.41 -76.85
C CYS HC 46 -25.14 57.27 -77.15
N ALA HC 47 -26.39 57.61 -77.41
CA ALA HC 47 -27.40 56.57 -77.70
C ALA HC 47 -27.06 55.82 -78.98
N GLN HC 48 -26.56 56.51 -80.01
CA GLN HC 48 -26.16 55.80 -81.21
C GLN HC 48 -24.70 55.36 -81.24
N ILE HC 49 -23.94 55.57 -80.17
CA ILE HC 49 -22.61 54.98 -80.13
C ILE HC 49 -22.60 53.72 -79.25
N VAL HC 50 -23.58 53.56 -78.35
CA VAL HC 50 -23.66 52.34 -77.55
C VAL HC 50 -23.79 51.06 -78.38
N PRO HC 51 -24.69 50.97 -79.38
CA PRO HC 51 -24.83 49.67 -80.06
C PRO HC 51 -23.62 49.25 -80.88
N VAL HC 52 -22.97 50.17 -81.59
CA VAL HC 52 -21.84 49.78 -82.41
C VAL HC 52 -20.67 49.34 -81.52
N VAL HC 53 -20.47 50.01 -80.38
CA VAL HC 53 -19.35 49.60 -79.53
C VAL HC 53 -19.69 48.32 -78.78
N ARG HC 54 -20.95 48.06 -78.47
CA ARG HC 54 -21.28 46.78 -77.84
C ARG HC 54 -21.13 45.63 -78.84
N GLN HC 55 -21.46 45.89 -80.12
CA GLN HC 55 -21.30 44.86 -81.13
C GLN HC 55 -19.84 44.56 -81.38
N PHE HC 56 -19.01 45.59 -81.47
CA PHE HC 56 -17.58 45.39 -81.63
C PHE HC 56 -16.98 44.68 -80.43
N TYR HC 57 -17.46 45.04 -79.22
CA TYR HC 57 -16.98 44.40 -78.00
C TYR HC 57 -17.20 42.90 -78.05
N LYS HC 58 -18.44 42.49 -78.36
CA LYS HC 58 -18.72 41.06 -78.48
C LYS HC 58 -17.88 40.41 -79.57
N THR HC 59 -17.97 40.92 -80.80
CA THR HC 59 -17.43 40.18 -81.93
C THR HC 59 -15.91 40.20 -81.96
N THR HC 60 -15.25 41.06 -81.21
CA THR HC 60 -13.80 40.98 -81.11
C THR HC 60 -13.36 40.24 -79.86
N ASN HC 61 -13.99 40.48 -78.72
CA ASN HC 61 -13.43 39.98 -77.49
C ASN HC 61 -13.93 38.59 -77.14
N PHE HC 62 -14.93 38.06 -77.87
CA PHE HC 62 -15.34 36.68 -77.62
C PHE HC 62 -15.26 35.80 -78.85
N SER HC 63 -14.65 36.28 -79.94
CA SER HC 63 -14.31 35.38 -81.04
C SER HC 63 -13.10 34.52 -80.68
N GLY HC 64 -12.29 34.97 -79.73
CA GLY HC 64 -11.11 34.23 -79.32
C GLY HC 64 -11.25 33.60 -77.96
N GLU HC 65 -10.30 32.71 -77.65
CA GLU HC 65 -10.23 32.16 -76.30
C GLU HC 65 -9.57 33.14 -75.34
N LYS HC 66 -9.01 34.23 -75.85
CA LYS HC 66 -8.31 35.21 -75.03
C LYS HC 66 -9.15 36.47 -74.96
N ALA HC 67 -9.48 36.89 -73.74
CA ALA HC 67 -9.93 38.25 -73.55
C ALA HC 67 -8.77 39.18 -73.80
N VAL HC 68 -8.92 40.07 -74.77
CA VAL HC 68 -7.81 40.94 -75.17
C VAL HC 68 -8.17 42.42 -75.10
N ILE HC 69 -9.43 42.80 -75.13
CA ILE HC 69 -9.83 44.19 -74.99
C ILE HC 69 -10.65 44.36 -73.72
N GLU HC 70 -10.66 45.57 -73.19
CA GLU HC 70 -11.51 45.90 -72.06
C GLU HC 70 -11.90 47.36 -72.15
N ILE HC 71 -13.12 47.66 -71.75
CA ILE HC 71 -13.69 49.00 -71.84
C ILE HC 71 -14.17 49.41 -70.46
N ILE HC 72 -13.68 50.54 -69.97
CA ILE HC 72 -14.12 51.10 -68.70
C ILE HC 72 -15.18 52.16 -68.99
N TYR HC 73 -16.39 51.95 -68.50
CA TYR HC 73 -17.49 52.85 -68.77
C TYR HC 73 -17.45 53.99 -67.74
N VAL HC 74 -17.44 55.23 -68.22
CA VAL HC 74 -17.53 56.39 -67.35
C VAL HC 74 -18.71 57.23 -67.80
N SER HC 75 -19.64 57.47 -66.89
CA SER HC 75 -20.87 58.20 -67.18
C SER HC 75 -20.75 59.64 -66.72
N LEU HC 76 -21.15 60.56 -67.60
CA LEU HC 76 -21.23 61.97 -67.28
C LEU HC 76 -22.64 62.40 -66.92
N ASP HC 77 -23.48 61.46 -66.50
CA ASP HC 77 -24.88 61.75 -66.28
C ASP HC 77 -25.08 62.54 -64.98
N LYS HC 78 -26.16 63.31 -64.95
CA LYS HC 78 -26.56 64.06 -63.77
C LYS HC 78 -27.54 63.30 -62.89
N ASP HC 79 -27.89 62.07 -63.27
CA ASP HC 79 -28.95 61.33 -62.60
C ASP HC 79 -28.47 59.91 -62.32
N GLU HC 80 -28.49 59.52 -61.04
CA GLU HC 80 -27.92 58.25 -60.63
C GLU HC 80 -28.76 57.07 -61.14
N GLN HC 81 -30.09 57.16 -61.05
CA GLN HC 81 -30.92 56.05 -61.49
C GLN HC 81 -30.90 55.92 -63.01
N ASP HC 82 -30.76 57.04 -63.72
CA ASP HC 82 -30.56 56.99 -65.15
C ASP HC 82 -29.22 56.29 -65.45
N PHE HC 83 -28.20 56.58 -64.64
CA PHE HC 83 -26.90 55.94 -64.81
C PHE HC 83 -27.01 54.43 -64.65
N GLU HC 84 -27.71 53.94 -63.62
CA GLU HC 84 -27.76 52.48 -63.50
C GLU HC 84 -28.71 51.86 -64.54
N ARG HC 85 -29.75 52.56 -64.98
CA ARG HC 85 -30.61 51.93 -65.96
C ARG HC 85 -29.97 51.88 -67.34
N VAL HC 86 -28.96 52.69 -67.62
CA VAL HC 86 -28.22 52.51 -68.85
C VAL HC 86 -26.97 51.64 -68.66
N ARG HC 87 -26.44 51.59 -67.43
CA ARG HC 87 -25.44 50.59 -67.10
C ARG HC 87 -26.01 49.18 -67.26
N ALA HC 88 -27.29 49.01 -66.96
CA ALA HC 88 -27.97 47.74 -67.17
C ALA HC 88 -28.05 47.36 -68.64
N LEU HC 89 -27.92 48.33 -69.54
CA LEU HC 89 -27.79 48.00 -70.95
C LEU HC 89 -26.33 47.73 -71.32
N MET HC 90 -25.41 48.41 -70.65
CA MET HC 90 -23.99 48.25 -70.95
C MET HC 90 -23.49 46.88 -70.50
N PRO HC 91 -22.86 46.09 -71.38
CA PRO HC 91 -22.36 44.77 -70.99
C PRO HC 91 -20.95 44.70 -70.44
N TRP HC 92 -20.15 45.75 -70.56
CA TRP HC 92 -18.80 45.77 -69.97
C TRP HC 92 -18.83 46.45 -68.60
N CYS HC 93 -17.65 46.70 -68.03
CA CYS HC 93 -17.49 47.17 -66.67
C CYS HC 93 -17.59 48.70 -66.58
N SER HC 94 -17.72 49.19 -65.35
CA SER HC 94 -17.98 50.59 -65.11
C SER HC 94 -17.52 50.94 -63.69
N VAL HC 95 -17.55 52.23 -63.40
CA VAL HC 95 -17.11 52.75 -62.10
C VAL HC 95 -18.36 53.14 -61.30
N GLU HC 96 -18.31 52.92 -60.00
CA GLU HC 96 -19.41 53.29 -59.11
C GLU HC 96 -19.56 54.81 -59.04
N TYR HC 97 -20.81 55.27 -58.96
CA TYR HC 97 -21.09 56.70 -58.98
C TYR HC 97 -20.56 57.41 -57.73
N LYS HC 98 -20.64 56.76 -56.58
CA LYS HC 98 -20.23 57.40 -55.33
C LYS HC 98 -18.72 57.60 -55.26
N SER HC 99 -17.94 56.75 -55.93
CA SER HC 99 -16.49 56.83 -55.82
C SER HC 99 -15.97 58.06 -56.55
N CYS HC 100 -14.78 58.49 -56.14
CA CYS HC 100 -14.15 59.71 -56.62
C CYS HC 100 -13.40 59.52 -57.93
N LEU HC 101 -13.14 58.27 -58.31
CA LEU HC 101 -12.34 58.00 -59.51
C LEU HC 101 -13.03 58.48 -60.78
N ARG HC 102 -14.37 58.50 -60.78
CA ARG HC 102 -15.09 58.98 -61.95
C ARG HC 102 -14.81 60.44 -62.21
N LYS HC 103 -14.84 61.28 -61.17
CA LYS HC 103 -14.57 62.68 -61.48
C LYS HC 103 -13.07 62.90 -61.67
N LYS HC 104 -12.20 62.06 -61.10
CA LYS HC 104 -10.78 62.12 -61.49
C LYS HC 104 -10.63 61.91 -62.99
N LEU HC 105 -11.27 60.88 -63.53
CA LEU HC 105 -11.12 60.57 -64.95
C LEU HC 105 -11.68 61.68 -65.82
N ILE HC 106 -12.85 62.23 -65.47
CA ILE HC 106 -13.41 63.25 -66.34
C ILE HC 106 -12.71 64.59 -66.17
N GLU HC 107 -12.08 64.87 -65.02
CA GLU HC 107 -11.32 66.09 -64.87
C GLU HC 107 -9.88 65.94 -65.33
N ARG HC 108 -9.46 64.73 -65.64
CA ARG HC 108 -8.11 64.50 -66.15
C ARG HC 108 -8.07 64.42 -67.66
N TYR HC 109 -8.89 63.56 -68.26
CA TYR HC 109 -8.73 63.24 -69.67
C TYR HC 109 -9.42 64.24 -70.59
N ARG HC 110 -9.79 65.42 -70.08
CA ARG HC 110 -10.24 66.56 -70.86
C ARG HC 110 -11.48 66.23 -71.69
N VAL HC 111 -12.56 65.98 -70.98
CA VAL HC 111 -13.89 65.82 -71.57
C VAL HC 111 -14.83 66.85 -70.96
N PRO HC 112 -15.43 67.73 -71.75
CA PRO HC 112 -16.38 68.70 -71.20
C PRO HC 112 -17.71 68.03 -70.86
N ASN HC 113 -18.47 68.71 -70.00
CA ASN HC 113 -19.79 68.23 -69.60
C ASN HC 113 -20.87 68.84 -70.49
N THR HC 126 -20.79 68.12 -76.57
CA THR HC 126 -20.44 67.99 -77.99
C THR HC 126 -19.22 67.09 -78.18
N ALA HC 127 -18.21 67.27 -77.33
CA ALA HC 127 -17.05 66.40 -77.38
C ALA HC 127 -17.34 64.99 -76.87
N ILE HC 128 -18.41 64.82 -76.10
CA ILE HC 128 -18.90 63.49 -75.74
C ILE HC 128 -19.44 62.82 -76.99
N PRO HC 129 -19.30 61.49 -77.19
CA PRO HC 129 -18.63 60.37 -76.51
C PRO HC 129 -17.23 60.09 -77.01
N LEU HC 130 -16.31 59.97 -76.07
CA LEU HC 130 -14.88 59.96 -76.37
C LEU HC 130 -14.24 58.71 -75.80
N LEU HC 131 -13.21 58.22 -76.48
CA LEU HC 131 -12.54 56.98 -76.10
C LEU HC 131 -11.05 57.26 -75.90
N ILE HC 132 -10.47 56.68 -74.86
CA ILE HC 132 -9.05 56.81 -74.57
C ILE HC 132 -8.48 55.42 -74.38
N VAL HC 133 -7.67 54.95 -75.29
CA VAL HC 133 -6.90 53.75 -74.96
C VAL HC 133 -5.76 54.18 -74.07
N ILE HC 134 -5.56 53.47 -72.96
CA ILE HC 134 -4.56 53.84 -71.98
C ILE HC 134 -3.55 52.70 -71.83
N GLY HC 135 -2.34 53.07 -71.44
CA GLY HC 135 -1.31 52.10 -71.15
C GLY HC 135 -1.34 51.63 -69.71
N PRO HC 136 -0.35 50.83 -69.32
CA PRO HC 136 -0.35 50.32 -67.94
C PRO HC 136 -0.08 51.40 -66.91
N ASN HC 137 0.56 52.49 -67.32
CA ASN HC 137 0.76 53.62 -66.43
C ASN HC 137 -0.39 54.61 -66.48
N GLY HC 138 -1.43 54.31 -67.27
CA GLY HC 138 -2.53 55.22 -67.40
C GLY HC 138 -2.28 56.40 -68.30
N GLU HC 139 -1.22 56.39 -69.08
CA GLU HC 139 -0.93 57.48 -70.00
C GLU HC 139 -1.96 57.50 -71.11
N GLU HC 140 -2.27 58.70 -71.60
CA GLU HC 140 -3.28 58.88 -72.64
C GLU HC 140 -2.70 58.42 -73.97
N ALA HC 141 -2.77 57.10 -74.19
CA ALA HC 141 -2.14 56.52 -75.35
C ALA HC 141 -2.89 56.88 -76.63
N GLY HC 142 -4.22 56.91 -76.58
CA GLY HC 142 -4.95 57.25 -77.78
C GLY HC 142 -6.29 57.93 -77.60
N ARG HC 143 -6.45 59.06 -78.31
CA ARG HC 143 -7.69 59.82 -78.39
C ARG HC 143 -8.52 59.25 -79.52
N MET HC 144 -9.79 59.01 -79.26
CA MET HC 144 -10.73 58.56 -80.28
C MET HC 144 -11.99 59.38 -80.18
N ASN HC 145 -12.26 60.16 -81.23
CA ASN HC 145 -13.37 61.12 -81.23
C ASN HC 145 -14.37 60.59 -82.26
N PHE HC 146 -15.65 60.64 -81.91
CA PHE HC 146 -16.69 60.11 -82.77
C PHE HC 146 -17.56 61.19 -83.40
N GLN HC 147 -17.14 62.45 -83.33
CA GLN HC 147 -17.92 63.51 -83.97
C GLN HC 147 -17.83 63.38 -85.48
N GLN HC 148 -18.97 63.60 -86.14
CA GLN HC 148 -19.05 63.50 -87.59
C GLN HC 148 -20.10 64.45 -88.15
N PHE HC 152 -17.29 52.81 -88.41
CA PHE HC 152 -16.09 52.41 -89.14
C PHE HC 152 -14.86 53.13 -88.59
N VAL HC 153 -15.08 54.25 -87.92
CA VAL HC 153 -13.98 54.96 -87.28
C VAL HC 153 -13.48 54.22 -86.05
N LEU HC 154 -14.32 53.39 -85.43
CA LEU HC 154 -13.92 52.60 -84.27
C LEU HC 154 -12.86 51.57 -84.62
N GLN HC 155 -12.73 51.22 -85.91
CA GLN HC 155 -11.74 50.26 -86.35
C GLN HC 155 -10.32 50.72 -86.02
N ARG HC 156 -10.06 52.04 -86.08
CA ARG HC 156 -8.74 52.65 -85.89
C ARG HC 156 -8.02 52.20 -84.63
N TRP HC 157 -8.74 51.70 -83.64
CA TRP HC 157 -8.13 51.11 -82.46
C TRP HC 157 -7.39 49.83 -82.83
N ASP HC 158 -6.12 49.74 -82.46
CA ASP HC 158 -5.42 48.47 -82.37
C ASP HC 158 -5.39 48.01 -80.92
N TYR HC 159 -5.85 46.79 -80.70
CA TYR HC 159 -5.89 46.18 -79.38
C TYR HC 159 -4.54 45.65 -78.93
N ARG HC 160 -3.45 46.15 -79.50
CA ARG HC 160 -2.11 45.91 -79.00
C ARG HC 160 -1.29 47.18 -78.83
N PHE HC 161 -1.88 48.36 -79.12
CA PHE HC 161 -1.24 49.61 -78.74
C PHE HC 161 -1.01 49.74 -77.26
N ASN HC 162 -1.76 49.02 -76.43
CA ASN HC 162 -1.35 48.82 -75.05
C ASN HC 162 -1.57 47.34 -74.70
N LYS HC 163 -0.61 46.50 -75.05
CA LYS HC 163 -0.63 45.12 -74.61
C LYS HC 163 0.18 45.04 -73.33
N TRP HC 164 -0.40 44.43 -72.30
CA TRP HC 164 0.33 44.68 -71.08
C TRP HC 164 1.15 43.45 -70.67
N PRO HC 165 2.25 43.64 -69.93
CA PRO HC 165 2.99 42.48 -69.40
C PRO HC 165 2.21 41.70 -68.36
N SER IC 2 17.28 -61.10 -72.89
CA SER IC 2 16.66 -60.97 -74.20
C SER IC 2 15.53 -61.96 -74.42
N GLN IC 3 15.18 -62.71 -73.37
CA GLN IC 3 14.09 -63.67 -73.44
C GLN IC 3 13.18 -63.47 -72.24
N PRO IC 4 11.87 -63.37 -72.43
CA PRO IC 4 11.17 -63.37 -73.71
C PRO IC 4 11.16 -62.00 -74.35
N VAL IC 5 11.30 -60.96 -73.54
CA VAL IC 5 11.26 -59.60 -74.03
C VAL IC 5 12.52 -58.88 -73.59
N PHE IC 6 12.93 -57.91 -74.41
CA PHE IC 6 14.14 -57.17 -74.10
C PHE IC 6 13.90 -56.16 -73.00
N ALA IC 7 12.77 -55.49 -73.01
CA ALA IC 7 12.52 -54.37 -72.11
C ALA IC 7 11.60 -54.80 -70.99
N SER IC 8 12.18 -55.46 -69.99
CA SER IC 8 11.47 -55.86 -68.79
C SER IC 8 12.34 -55.54 -67.59
N PRO IC 9 11.76 -55.23 -66.44
CA PRO IC 9 12.57 -54.85 -65.28
C PRO IC 9 13.52 -55.93 -64.81
N LEU IC 10 13.08 -57.18 -64.88
CA LEU IC 10 13.93 -58.29 -64.50
C LEU IC 10 15.13 -58.37 -65.43
N ASN IC 11 14.91 -58.17 -66.73
CA ASN IC 11 15.99 -58.26 -67.69
C ASN IC 11 16.94 -57.06 -67.58
N VAL IC 12 16.41 -55.87 -67.31
CA VAL IC 12 17.32 -54.72 -67.27
C VAL IC 12 18.16 -54.77 -66.01
N GLU IC 13 17.62 -55.26 -64.90
CA GLU IC 13 18.44 -55.42 -63.72
C GLU IC 13 19.44 -56.55 -63.91
N LYS IC 14 19.03 -57.61 -64.59
CA LYS IC 14 19.95 -58.69 -64.94
C LYS IC 14 21.13 -58.17 -65.75
N ARG IC 15 20.83 -57.38 -66.78
CA ARG IC 15 21.86 -56.85 -67.66
C ARG IC 15 22.81 -55.95 -66.89
N ARG IC 16 22.26 -55.10 -66.01
CA ARG IC 16 23.10 -54.22 -65.21
C ARG IC 16 24.06 -55.01 -64.33
N LEU IC 17 23.54 -56.05 -63.65
CA LEU IC 17 24.41 -56.83 -62.77
C LEU IC 17 25.49 -57.57 -63.53
N ASN IC 18 25.14 -58.19 -64.66
CA ASN IC 18 26.15 -58.95 -65.40
C ASN IC 18 27.23 -58.04 -65.97
N GLU IC 19 26.86 -56.84 -66.42
CA GLU IC 19 27.95 -55.99 -66.89
C GLU IC 19 28.71 -55.30 -65.76
N GLU IC 20 28.14 -55.17 -64.55
CA GLU IC 20 29.00 -54.83 -63.41
C GLU IC 20 30.06 -55.89 -63.18
N ARG IC 21 29.64 -57.15 -63.21
CA ARG IC 21 30.60 -58.25 -63.05
C ARG IC 21 31.65 -58.23 -64.15
N ALA IC 22 31.22 -57.94 -65.38
CA ALA IC 22 32.16 -57.92 -66.50
C ALA IC 22 33.18 -56.80 -66.37
N LEU IC 23 32.73 -55.58 -66.06
CA LEU IC 23 33.69 -54.49 -65.89
C LEU IC 23 34.61 -54.71 -64.71
N MET IC 24 34.09 -55.26 -63.60
CA MET IC 24 34.96 -55.49 -62.46
C MET IC 24 35.99 -56.56 -62.75
N GLN IC 25 35.61 -57.61 -63.48
CA GLN IC 25 36.56 -58.64 -63.87
C GLN IC 25 37.59 -58.09 -64.85
N ALA IC 26 37.16 -57.22 -65.75
CA ALA IC 26 38.10 -56.61 -66.70
C ALA IC 26 39.09 -55.70 -65.98
N GLN IC 27 38.61 -54.93 -65.00
CA GLN IC 27 39.50 -54.05 -64.25
C GLN IC 27 40.45 -54.83 -63.35
N LYS IC 28 39.99 -55.96 -62.80
CA LYS IC 28 40.89 -56.83 -62.05
C LYS IC 28 41.95 -57.44 -62.95
N ALA IC 29 41.56 -57.89 -64.14
CA ALA IC 29 42.52 -58.43 -65.10
C ALA IC 29 42.04 -58.22 -66.53
N ASN IC 35 41.30 -59.03 -73.34
CA ASN IC 35 40.49 -59.78 -74.29
C ASN IC 35 39.26 -60.37 -73.61
N ILE IC 36 38.41 -59.48 -73.12
CA ILE IC 36 37.14 -59.87 -72.51
C ILE IC 36 36.01 -59.16 -73.24
N GLN IC 37 34.92 -59.88 -73.48
CA GLN IC 37 33.87 -59.42 -74.37
C GLN IC 37 32.94 -58.47 -73.61
N LEU IC 38 32.87 -57.22 -74.06
CA LEU IC 38 31.98 -56.23 -73.48
C LEU IC 38 31.04 -55.70 -74.54
N PRO IC 39 29.73 -55.65 -74.30
CA PRO IC 39 28.98 -56.11 -73.13
C PRO IC 39 28.79 -57.61 -73.18
N PRO IC 40 28.58 -58.27 -72.04
CA PRO IC 40 28.59 -59.74 -72.02
C PRO IC 40 27.44 -60.34 -72.78
N ASN IC 41 27.64 -61.57 -73.24
CA ASN IC 41 26.65 -62.24 -74.06
C ASN IC 41 25.44 -62.65 -73.24
N TYR IC 42 24.30 -62.75 -73.93
CA TYR IC 42 23.05 -63.12 -73.27
C TYR IC 42 23.12 -64.54 -72.73
N GLY IC 43 23.74 -65.45 -73.48
CA GLY IC 43 23.86 -66.82 -73.02
C GLY IC 43 24.79 -66.99 -71.83
N ASP IC 44 25.71 -66.07 -71.64
CA ASP IC 44 26.63 -66.13 -70.51
C ASP IC 44 26.16 -65.29 -69.33
N MET IC 45 25.14 -64.46 -69.49
CA MET IC 45 24.56 -63.76 -68.36
C MET IC 45 23.90 -64.74 -67.40
N ASP IC 46 23.89 -64.38 -66.12
CA ASP IC 46 23.32 -65.25 -65.09
C ASP IC 46 22.51 -64.42 -64.10
N LEU IC 47 21.52 -65.07 -63.48
CA LEU IC 47 20.58 -64.39 -62.60
C LEU IC 47 19.88 -65.38 -61.70
N ILE IC 48 19.77 -65.03 -60.42
CA ILE IC 48 18.92 -65.76 -59.50
C ILE IC 48 17.51 -65.17 -59.61
N LEU IC 49 16.53 -66.04 -59.84
CA LEU IC 49 15.20 -65.58 -60.20
C LEU IC 49 14.36 -65.29 -58.98
N PHE IC 50 14.29 -66.24 -58.06
CA PHE IC 50 13.56 -66.06 -56.81
C PHE IC 50 14.57 -65.88 -55.69
N PRO IC 51 14.66 -64.71 -55.09
CA PRO IC 51 15.67 -64.49 -54.05
C PRO IC 51 15.42 -65.27 -52.77
N GLU IC 52 16.24 -65.00 -51.76
CA GLU IC 52 16.41 -65.91 -50.63
C GLU IC 52 15.17 -66.07 -49.77
N GLY IC 53 14.16 -65.23 -49.92
CA GLY IC 53 13.02 -65.34 -49.03
C GLY IC 53 11.66 -65.10 -49.67
N SER IC 54 11.50 -65.46 -50.94
CA SER IC 54 10.29 -65.06 -51.64
C SER IC 54 9.29 -66.17 -51.82
N LEU IC 55 9.69 -67.43 -51.68
CA LEU IC 55 8.83 -68.57 -51.94
C LEU IC 55 8.42 -69.25 -50.64
N LYS IC 56 7.12 -69.47 -50.46
CA LYS IC 56 6.59 -70.10 -49.26
C LYS IC 56 5.62 -71.21 -49.65
N ASN IC 57 5.60 -72.28 -48.83
CA ASN IC 57 4.71 -73.41 -49.06
C ASN IC 57 3.42 -73.25 -48.25
N SER IC 58 2.65 -74.33 -48.17
CA SER IC 58 1.36 -74.27 -47.50
C SER IC 58 1.48 -74.16 -45.99
N ASN IC 59 2.65 -74.42 -45.44
CA ASN IC 59 2.88 -74.25 -44.02
C ASN IC 59 3.35 -72.84 -43.68
N ASN IC 60 3.45 -71.97 -44.68
CA ASN IC 60 4.10 -70.68 -44.56
C ASN IC 60 5.51 -70.80 -44.01
N THR IC 61 6.27 -71.72 -44.59
CA THR IC 61 7.70 -71.85 -44.35
C THR IC 61 8.45 -71.55 -45.64
N VAL IC 62 9.45 -70.68 -45.54
CA VAL IC 62 10.18 -70.25 -46.73
C VAL IC 62 11.08 -71.37 -47.22
N ILE IC 63 11.12 -71.58 -48.52
CA ILE IC 63 12.05 -72.56 -49.07
C ILE IC 63 12.98 -71.87 -50.06
N PRO IC 64 14.27 -72.22 -50.05
CA PRO IC 64 15.20 -71.61 -50.99
C PRO IC 64 14.95 -72.07 -52.42
N GLN IC 65 15.49 -71.30 -53.35
CA GLN IC 65 15.28 -71.52 -54.76
C GLN IC 65 15.94 -72.81 -55.25
N SER IC 66 16.92 -73.33 -54.52
CA SER IC 66 17.62 -74.54 -54.95
C SER IC 66 16.75 -75.78 -54.85
N HIS IC 67 15.64 -75.71 -54.14
CA HIS IC 67 14.75 -76.85 -53.99
C HIS IC 67 14.04 -77.20 -55.28
N LEU IC 68 13.85 -76.24 -56.17
CA LEU IC 68 12.99 -76.45 -57.32
C LEU IC 68 13.63 -77.28 -58.43
N LYS IC 69 14.90 -77.62 -58.30
CA LYS IC 69 15.58 -78.29 -59.40
C LYS IC 69 15.11 -79.73 -59.53
N GLY IC 70 15.11 -80.22 -60.77
CA GLY IC 70 14.60 -81.53 -61.07
C GLY IC 70 13.10 -81.59 -61.25
N LYS IC 71 12.39 -80.49 -61.04
CA LYS IC 71 10.94 -80.44 -61.09
C LYS IC 71 10.52 -79.40 -62.12
N SER IC 72 9.58 -79.76 -62.99
CA SER IC 72 9.04 -78.81 -63.94
C SER IC 72 8.17 -77.82 -63.19
N VAL IC 73 8.58 -76.56 -63.16
CA VAL IC 73 7.91 -75.54 -62.35
C VAL IC 73 7.12 -74.61 -63.26
N ALA IC 74 5.93 -74.23 -62.81
CA ALA IC 74 5.08 -73.38 -63.61
C ALA IC 74 4.51 -72.25 -62.77
N LEU IC 75 4.68 -71.03 -63.26
CA LEU IC 75 3.98 -69.90 -62.69
C LEU IC 75 2.51 -70.00 -63.02
N TYR IC 76 1.67 -69.69 -62.05
CA TYR IC 76 0.22 -69.67 -62.20
C TYR IC 76 -0.23 -68.26 -61.89
N PHE IC 77 -0.51 -67.49 -62.95
CA PHE IC 77 -1.01 -66.13 -62.83
C PHE IC 77 -2.51 -66.18 -62.63
N ALA IC 78 -2.98 -65.70 -61.48
CA ALA IC 78 -4.36 -65.96 -61.11
C ALA IC 78 -4.95 -64.82 -60.29
N ASP IC 79 -6.27 -64.73 -60.32
CA ASP IC 79 -7.04 -63.71 -59.62
C ASP IC 79 -8.21 -64.39 -58.94
N GLY IC 80 -8.39 -64.14 -57.64
CA GLY IC 80 -9.40 -64.85 -56.89
C GLY IC 80 -10.82 -64.53 -57.32
N ALA IC 81 -11.10 -63.26 -57.59
CA ALA IC 81 -12.45 -62.85 -57.94
C ALA IC 81 -12.86 -63.21 -59.35
N ASP IC 82 -11.93 -63.64 -60.18
CA ASP IC 82 -12.24 -63.91 -61.58
C ASP IC 82 -13.03 -65.21 -61.71
N PRO IC 83 -14.15 -65.20 -62.44
CA PRO IC 83 -14.87 -66.45 -62.68
C PRO IC 83 -14.04 -67.51 -63.38
N LYS IC 84 -13.15 -67.11 -64.28
CA LYS IC 84 -12.39 -68.12 -65.00
C LYS IC 84 -11.35 -68.77 -64.12
N CYS IC 85 -10.72 -68.00 -63.24
CA CYS IC 85 -9.77 -68.61 -62.31
C CYS IC 85 -10.47 -69.51 -61.31
N ALA IC 86 -11.66 -69.10 -60.86
CA ALA IC 86 -12.45 -69.96 -59.99
C ALA IC 86 -12.84 -71.26 -60.69
N SER IC 87 -13.18 -71.19 -61.96
CA SER IC 87 -13.56 -72.38 -62.70
C SER IC 87 -12.37 -73.18 -63.20
N LEU IC 88 -11.15 -72.68 -63.09
CA LEU IC 88 -9.99 -73.46 -63.48
C LEU IC 88 -9.27 -74.11 -62.31
N LEU IC 89 -9.36 -73.53 -61.11
CA LEU IC 89 -8.66 -74.08 -59.95
C LEU IC 89 -8.91 -75.56 -59.66
N PRO IC 90 -10.15 -76.09 -59.68
CA PRO IC 90 -10.30 -77.53 -59.39
C PRO IC 90 -9.59 -78.45 -60.36
N PHE IC 91 -9.56 -78.10 -61.64
CA PHE IC 91 -8.87 -78.94 -62.61
C PHE IC 91 -7.39 -78.94 -62.35
N LEU IC 92 -6.83 -77.80 -61.96
CA LEU IC 92 -5.41 -77.75 -61.69
C LEU IC 92 -5.06 -78.51 -60.42
N LEU IC 93 -5.93 -78.48 -59.42
CA LEU IC 93 -5.72 -79.28 -58.22
C LEU IC 93 -5.73 -80.76 -58.55
N ASN IC 94 -6.69 -81.20 -59.36
CA ASN IC 94 -6.74 -82.60 -59.78
C ASN IC 94 -5.53 -82.97 -60.60
N TYR IC 95 -5.07 -82.07 -61.46
CA TYR IC 95 -3.89 -82.32 -62.26
C TYR IC 95 -2.66 -82.49 -61.38
N TYR IC 96 -2.52 -81.61 -60.39
CA TYR IC 96 -1.43 -81.69 -59.44
C TYR IC 96 -1.40 -83.05 -58.74
N ARG IC 97 -2.56 -83.45 -58.19
CA ARG IC 97 -2.73 -84.77 -57.59
C ARG IC 97 -2.25 -85.88 -58.50
N THR IC 98 -2.92 -86.02 -59.64
CA THR IC 98 -2.70 -87.18 -60.48
C THR IC 98 -1.34 -87.17 -61.16
N MET IC 99 -0.60 -86.05 -61.12
CA MET IC 99 0.73 -86.12 -61.68
C MET IC 99 1.79 -86.42 -60.63
N ASN IC 100 1.72 -85.84 -59.44
CA ASN IC 100 2.81 -86.09 -58.51
C ASN IC 100 2.43 -87.10 -57.43
N GLU IC 101 1.30 -87.79 -57.59
CA GLU IC 101 0.99 -88.94 -56.74
C GLU IC 101 1.59 -90.23 -57.29
N GLY IC 102 1.18 -90.60 -58.50
CA GLY IC 102 1.61 -91.85 -59.08
C GLY IC 102 2.95 -91.79 -59.76
N GLY IC 103 4.02 -91.82 -58.98
CA GLY IC 103 5.35 -91.80 -59.56
C GLY IC 103 6.39 -91.92 -58.47
N ALA IC 104 7.63 -92.09 -58.91
CA ALA IC 104 8.71 -92.28 -57.96
C ALA IC 104 9.06 -90.98 -57.24
N ASN IC 105 8.99 -89.85 -57.93
CA ASN IC 105 9.36 -88.57 -57.34
C ASN IC 105 8.42 -87.50 -57.88
N GLN IC 106 8.44 -86.34 -57.23
CA GLN IC 106 7.61 -85.23 -57.66
C GLN IC 106 8.10 -84.71 -59.00
N LYS IC 107 7.19 -84.50 -59.93
CA LYS IC 107 7.57 -84.09 -61.26
C LYS IC 107 7.13 -82.69 -61.63
N ILE IC 108 6.00 -82.23 -61.14
CA ILE IC 108 5.55 -80.87 -61.42
C ILE IC 108 5.51 -80.08 -60.13
N GLU IC 109 5.56 -78.76 -60.27
CA GLU IC 109 5.43 -77.86 -59.13
C GLU IC 109 4.86 -76.55 -59.65
N ILE IC 110 4.04 -75.89 -58.84
CA ILE IC 110 3.35 -74.69 -59.28
C ILE IC 110 3.62 -73.56 -58.29
N ILE IC 111 4.12 -72.45 -58.80
CA ILE IC 111 4.37 -71.23 -58.02
C ILE IC 111 3.27 -70.25 -58.38
N PHE IC 112 2.54 -69.79 -57.37
CA PHE IC 112 1.32 -69.03 -57.57
C PHE IC 112 1.61 -67.55 -57.42
N VAL IC 113 1.23 -66.77 -58.43
CA VAL IC 113 1.41 -65.33 -58.41
C VAL IC 113 0.06 -64.67 -58.66
N SER IC 114 -0.24 -63.66 -57.84
CA SER IC 114 -1.59 -63.25 -57.54
C SER IC 114 -1.88 -61.84 -58.03
N LEU IC 115 -3.12 -61.64 -58.47
CA LEU IC 115 -3.58 -60.34 -58.94
C LEU IC 115 -4.71 -59.80 -58.08
N ASP IC 116 -4.82 -60.29 -56.86
CA ASP IC 116 -5.96 -59.99 -56.02
C ASP IC 116 -5.92 -58.54 -55.56
N ARG IC 117 -7.09 -58.04 -55.16
CA ARG IC 117 -7.21 -56.62 -54.85
C ARG IC 117 -6.59 -56.26 -53.51
N ASP IC 118 -6.40 -57.22 -52.62
CA ASP IC 118 -5.94 -56.89 -51.28
C ASP IC 118 -5.28 -58.09 -50.62
N ARG IC 119 -4.65 -57.82 -49.47
CA ARG IC 119 -3.97 -58.85 -48.71
C ARG IC 119 -4.95 -59.92 -48.22
N GLU IC 120 -6.13 -59.50 -47.78
CA GLU IC 120 -7.12 -60.45 -47.29
C GLU IC 120 -7.62 -61.33 -48.41
N ALA IC 121 -7.84 -60.77 -49.60
CA ALA IC 121 -8.27 -61.57 -50.73
C ALA IC 121 -7.18 -62.54 -51.14
N PHE IC 122 -5.93 -62.10 -51.09
CA PHE IC 122 -4.81 -62.99 -51.42
C PHE IC 122 -4.72 -64.14 -50.44
N GLU IC 123 -4.90 -63.88 -49.14
CA GLU IC 123 -4.88 -64.96 -48.16
C GLU IC 123 -6.03 -65.93 -48.37
N SER IC 124 -7.22 -65.42 -48.64
CA SER IC 124 -8.37 -66.29 -48.83
C SER IC 124 -8.23 -67.13 -50.09
N HIS IC 125 -7.54 -66.61 -51.11
CA HIS IC 125 -7.31 -67.42 -52.30
C HIS IC 125 -6.11 -68.33 -52.14
N ARG IC 126 -5.17 -68.00 -51.27
CA ARG IC 126 -3.99 -68.80 -51.11
C ARG IC 126 -4.20 -69.94 -50.12
N ALA IC 127 -5.26 -69.87 -49.30
CA ALA IC 127 -5.56 -70.97 -48.40
C ALA IC 127 -5.95 -72.24 -49.15
N HIS IC 128 -6.50 -72.11 -50.34
CA HIS IC 128 -6.82 -73.27 -51.17
C HIS IC 128 -5.60 -73.82 -51.90
N MET IC 129 -4.44 -73.21 -51.76
CA MET IC 129 -3.29 -73.58 -52.56
C MET IC 129 -2.49 -74.65 -51.80
N PRO IC 130 -2.28 -75.80 -52.37
CA PRO IC 130 -1.31 -76.72 -51.76
C PRO IC 130 0.11 -76.49 -52.22
N TRP IC 131 0.25 -75.80 -53.35
CA TRP IC 131 1.51 -75.44 -53.94
C TRP IC 131 2.02 -74.06 -53.51
N LEU IC 132 3.16 -73.66 -54.06
CA LEU IC 132 3.87 -72.51 -53.52
C LEU IC 132 3.21 -71.21 -53.98
N SER IC 133 3.58 -70.12 -53.32
CA SER IC 133 2.97 -68.83 -53.62
C SER IC 133 3.93 -67.71 -53.27
N ILE IC 134 3.93 -66.67 -54.09
CA ILE IC 134 4.72 -65.47 -53.85
C ILE IC 134 3.83 -64.45 -53.15
N ASP IC 135 4.37 -63.79 -52.13
CA ASP IC 135 3.57 -62.85 -51.36
C ASP IC 135 3.15 -61.67 -52.21
N LEU IC 136 2.00 -61.09 -51.87
CA LEU IC 136 1.41 -60.06 -52.73
C LEU IC 136 2.13 -58.74 -52.59
N GLU IC 137 2.65 -58.45 -51.40
CA GLU IC 137 3.36 -57.20 -51.19
C GLU IC 137 4.81 -57.26 -51.64
N ASN IC 138 5.27 -58.40 -52.13
CA ASN IC 138 6.61 -58.48 -52.70
C ASN IC 138 6.65 -57.70 -54.01
N PRO IC 139 7.70 -56.92 -54.23
CA PRO IC 139 7.91 -56.33 -55.56
C PRO IC 139 8.12 -57.36 -56.65
N LEU IC 140 8.54 -58.57 -56.28
CA LEU IC 140 8.81 -59.60 -57.26
C LEU IC 140 7.56 -59.99 -58.02
N THR IC 141 6.39 -59.80 -57.40
CA THR IC 141 5.12 -60.04 -58.09
C THR IC 141 4.96 -59.14 -59.31
N GLU IC 142 5.14 -57.84 -59.10
CA GLU IC 142 5.03 -56.90 -60.22
C GLU IC 142 6.17 -57.07 -61.21
N ILE IC 143 7.35 -57.47 -60.74
CA ILE IC 143 8.45 -57.77 -61.66
C ILE IC 143 8.06 -58.91 -62.61
N LEU IC 144 7.47 -59.98 -62.08
CA LEU IC 144 7.05 -61.08 -62.95
C LEU IC 144 5.90 -60.69 -63.86
N LYS IC 145 4.96 -59.87 -63.36
CA LYS IC 145 3.95 -59.27 -64.24
C LYS IC 145 4.57 -58.62 -65.45
N ARG IC 146 5.49 -57.68 -65.22
CA ARG IC 146 6.08 -56.96 -66.34
C ARG IC 146 6.95 -57.85 -67.20
N HIS IC 147 7.56 -58.88 -66.60
CA HIS IC 147 8.50 -59.68 -67.36
C HIS IC 147 7.80 -60.65 -68.29
N PHE IC 148 6.67 -61.20 -67.88
CA PHE IC 148 5.96 -62.16 -68.72
C PHE IC 148 4.74 -61.56 -69.41
N ARG IC 149 4.45 -60.28 -69.17
CA ARG IC 149 3.48 -59.52 -69.95
C ARG IC 149 2.07 -60.10 -69.84
N VAL IC 150 1.57 -60.14 -68.62
CA VAL IC 150 0.17 -60.46 -68.38
C VAL IC 150 -0.49 -59.28 -67.69
N MET IC 151 -1.73 -59.00 -68.10
CA MET IC 151 -2.54 -58.00 -67.42
C MET IC 151 -3.99 -58.19 -67.81
N LYS IC 152 -4.87 -57.86 -66.88
CA LYS IC 152 -6.29 -57.97 -67.13
C LYS IC 152 -6.85 -56.81 -67.93
N GLU IC 153 -6.19 -55.65 -67.88
CA GLU IC 153 -6.46 -54.53 -68.76
C GLU IC 153 -5.22 -53.66 -68.75
N TYR IC 154 -5.12 -52.79 -69.76
CA TYR IC 154 -3.91 -52.00 -69.91
C TYR IC 154 -3.83 -50.96 -68.80
N GLU IC 155 -3.22 -51.35 -67.68
CA GLU IC 155 -3.05 -50.46 -66.53
C GLU IC 155 -1.59 -50.27 -66.17
N VAL IC 156 -0.68 -50.64 -67.06
CA VAL IC 156 0.76 -50.55 -66.79
C VAL IC 156 1.44 -50.30 -68.12
N PRO IC 157 2.49 -49.46 -68.18
CA PRO IC 157 3.12 -49.19 -69.47
C PRO IC 157 3.93 -50.35 -70.02
N THR IC 158 3.47 -50.92 -71.13
CA THR IC 158 4.28 -51.83 -71.91
C THR IC 158 5.03 -51.02 -72.97
N TYR IC 159 6.25 -51.45 -73.27
CA TYR IC 159 7.12 -50.66 -74.14
C TYR IC 159 7.01 -51.16 -75.57
N GLY IC 160 5.83 -50.98 -76.14
CA GLY IC 160 5.60 -51.25 -77.54
C GLY IC 160 5.03 -52.61 -77.84
N TYR IC 161 5.11 -53.54 -76.91
CA TYR IC 161 4.55 -54.88 -77.08
C TYR IC 161 3.04 -54.82 -76.90
N GLY IC 162 2.42 -56.00 -76.84
CA GLY IC 162 1.06 -56.15 -76.40
C GLY IC 162 0.99 -57.12 -75.24
N SER IC 163 -0.24 -57.41 -74.85
CA SER IC 163 -0.44 -58.41 -73.82
C SER IC 163 -0.15 -59.79 -74.39
N ARG IC 164 0.74 -60.52 -73.73
CA ARG IC 164 0.94 -61.92 -74.11
C ARG IC 164 -0.31 -62.72 -73.83
N THR IC 165 -0.93 -62.48 -72.68
CA THR IC 165 -2.15 -63.17 -72.28
C THR IC 165 -2.74 -62.42 -71.09
N GLY IC 166 -3.79 -63.00 -70.52
CA GLY IC 166 -4.42 -62.46 -69.33
C GLY IC 166 -4.67 -63.55 -68.31
N VAL IC 167 -5.30 -63.14 -67.22
CA VAL IC 167 -5.66 -64.08 -66.17
C VAL IC 167 -6.75 -65.02 -66.68
N PRO IC 168 -6.69 -66.33 -66.41
CA PRO IC 168 -5.62 -67.10 -65.80
C PRO IC 168 -4.56 -67.48 -66.80
N SER IC 169 -3.35 -67.73 -66.32
CA SER IC 169 -2.28 -68.14 -67.22
C SER IC 169 -1.34 -69.07 -66.49
N VAL IC 170 -0.73 -69.98 -67.22
CA VAL IC 170 0.32 -70.82 -66.66
C VAL IC 170 1.52 -70.78 -67.58
N ILE IC 171 2.69 -70.57 -66.99
CA ILE IC 171 3.93 -70.31 -67.71
C ILE IC 171 4.95 -71.29 -67.17
N VAL IC 172 5.29 -72.30 -67.95
CA VAL IC 172 6.42 -73.13 -67.56
C VAL IC 172 7.70 -72.34 -67.78
N ILE IC 173 8.54 -72.30 -66.75
CA ILE IC 173 9.70 -71.42 -66.82
C ILE IC 173 10.98 -72.22 -66.85
N GLY IC 174 12.10 -71.53 -66.99
CA GLY IC 174 13.42 -72.13 -66.92
C GLY IC 174 14.25 -71.50 -65.82
N SER IC 175 15.52 -71.89 -65.72
CA SER IC 175 16.35 -71.37 -64.64
C SER IC 175 16.69 -69.91 -64.83
N ASP IC 176 16.85 -69.46 -66.07
CA ASP IC 176 17.28 -68.09 -66.36
C ASP IC 176 16.12 -67.15 -66.56
N GLY IC 177 14.93 -67.51 -66.08
CA GLY IC 177 13.77 -66.67 -66.25
C GLY IC 177 13.13 -66.74 -67.61
N ARG IC 178 13.59 -67.63 -68.48
CA ARG IC 178 13.01 -67.73 -69.80
C ARG IC 178 11.65 -68.42 -69.74
N GLU IC 179 10.87 -68.20 -70.79
CA GLU IC 179 9.58 -68.87 -70.94
C GLU IC 179 9.79 -70.18 -71.67
N ALA IC 180 9.54 -71.30 -70.98
CA ALA IC 180 9.76 -72.60 -71.60
C ALA IC 180 8.63 -72.92 -72.58
N GLN IC 181 7.40 -72.96 -72.10
CA GLN IC 181 6.27 -73.02 -72.99
C GLN IC 181 5.07 -72.34 -72.36
N PHE IC 182 4.17 -71.91 -73.22
CA PHE IC 182 2.88 -71.35 -72.85
C PHE IC 182 1.81 -72.41 -72.94
N LEU IC 183 1.02 -72.53 -71.92
CA LEU IC 183 -0.10 -73.44 -72.04
C LEU IC 183 -1.35 -72.66 -72.38
N PRO IC 184 -2.03 -73.01 -73.44
CA PRO IC 184 -3.10 -72.19 -74.01
C PRO IC 184 -4.48 -72.30 -73.35
N ILE IC 185 -4.69 -71.50 -72.31
CA ILE IC 185 -5.99 -71.46 -71.65
C ILE IC 185 -6.82 -70.29 -72.17
N CYS IC 186 -6.32 -69.08 -71.96
CA CYS IC 186 -6.90 -67.87 -72.52
C CYS IC 186 -5.88 -67.33 -73.52
N SER IC 187 -5.90 -67.87 -74.72
CA SER IC 187 -4.91 -67.51 -75.73
C SER IC 187 -5.54 -67.73 -77.10
N GLY IC 188 -4.70 -67.88 -78.11
CA GLY IC 188 -5.20 -68.20 -79.44
C GLY IC 188 -5.88 -69.55 -79.51
N LEU IC 189 -5.34 -70.56 -78.83
CA LEU IC 189 -5.88 -71.90 -78.99
C LEU IC 189 -7.17 -72.10 -78.18
N GLU IC 190 -7.26 -71.47 -77.01
CA GLU IC 190 -8.47 -71.42 -76.18
C GLU IC 190 -8.94 -72.79 -75.72
N GLU IC 191 -8.03 -73.74 -75.56
CA GLU IC 191 -8.36 -75.08 -75.07
C GLU IC 191 -8.17 -75.18 -73.56
N GLY IC 192 -8.73 -74.23 -72.82
CA GLY IC 192 -8.56 -74.19 -71.39
C GLY IC 192 -9.19 -75.38 -70.69
N ASP IC 193 -8.60 -75.72 -69.53
CA ASP IC 193 -8.93 -76.85 -68.66
C ASP IC 193 -8.58 -78.20 -69.28
N ARG IC 194 -8.15 -78.18 -70.53
CA ARG IC 194 -7.52 -79.32 -71.18
C ARG IC 194 -6.15 -78.95 -71.71
N ALA IC 195 -5.77 -77.67 -71.63
CA ALA IC 195 -4.44 -77.26 -72.03
C ALA IC 195 -3.38 -77.75 -71.07
N LEU IC 196 -3.76 -78.15 -69.87
CA LEU IC 196 -2.79 -78.71 -68.94
C LEU IC 196 -2.24 -80.03 -69.40
N LEU IC 197 -2.94 -80.72 -70.29
CA LEU IC 197 -2.39 -81.93 -70.89
C LEU IC 197 -1.18 -81.63 -71.76
N ARG IC 198 -1.06 -80.41 -72.27
CA ARG IC 198 0.06 -80.00 -73.11
C ARG IC 198 1.33 -79.75 -72.32
N TRP IC 199 1.29 -79.92 -71.01
CA TRP IC 199 2.49 -79.75 -70.18
C TRP IC 199 3.50 -80.84 -70.50
N ASP IC 200 4.63 -80.45 -71.06
CA ASP IC 200 5.72 -81.36 -71.38
C ASP IC 200 6.66 -81.26 -70.19
N TRP IC 201 6.64 -82.27 -69.33
CA TRP IC 201 7.45 -82.25 -68.13
C TRP IC 201 8.74 -83.05 -68.25
N ARG IC 202 9.06 -83.58 -69.42
CA ARG IC 202 10.42 -84.05 -69.67
C ARG IC 202 11.39 -82.89 -69.81
N ASN IC 203 11.21 -82.11 -70.86
CA ASN IC 203 12.27 -81.24 -71.32
C ASN IC 203 12.34 -79.94 -70.54
N THR IC 204 11.29 -79.59 -69.82
CA THR IC 204 11.28 -78.34 -69.06
C THR IC 204 11.58 -78.63 -67.60
N LYS IC 205 12.74 -79.23 -67.38
CA LYS IC 205 13.25 -79.45 -66.04
C LYS IC 205 13.91 -78.17 -65.55
N PHE IC 206 13.71 -77.86 -64.28
CA PHE IC 206 14.40 -76.73 -63.68
C PHE IC 206 15.85 -77.11 -63.41
N ALA IC 207 16.79 -76.31 -63.89
CA ALA IC 207 18.19 -76.61 -63.68
C ALA IC 207 18.93 -75.37 -63.21
N SER JC 2 -38.24 -0.48 -64.90
CA SER JC 2 -38.74 -0.37 -66.27
C SER JC 2 -39.82 -1.37 -66.62
N GLN JC 3 -40.24 -2.17 -65.65
CA GLN JC 3 -41.38 -3.07 -65.81
C GLN JC 3 -42.29 -2.93 -64.61
N PRO JC 4 -43.61 -2.85 -64.81
CA PRO JC 4 -44.34 -2.86 -66.07
C PRO JC 4 -44.32 -1.52 -66.75
N VAL JC 5 -44.34 -0.46 -65.95
CA VAL JC 5 -44.34 0.90 -66.47
C VAL JC 5 -43.07 1.60 -66.00
N PHE JC 6 -42.63 2.56 -66.80
CA PHE JC 6 -41.42 3.28 -66.47
C PHE JC 6 -41.68 4.36 -65.42
N ALA JC 7 -42.87 4.93 -65.40
CA ALA JC 7 -43.18 6.06 -64.55
C ALA JC 7 -44.07 5.59 -63.41
N SER JC 8 -43.44 5.10 -62.34
CA SER JC 8 -44.15 4.63 -61.18
C SER JC 8 -43.21 4.79 -60.00
N PRO JC 9 -43.73 5.18 -58.82
CA PRO JC 9 -42.85 5.54 -57.70
C PRO JC 9 -41.96 4.41 -57.23
N LEU JC 10 -42.42 3.17 -57.36
CA LEU JC 10 -41.58 2.01 -57.08
C LEU JC 10 -40.35 2.02 -57.98
N ASN JC 11 -40.57 2.22 -59.27
CA ASN JC 11 -39.46 2.25 -60.21
C ASN JC 11 -38.59 3.48 -60.03
N VAL JC 12 -39.18 4.60 -59.61
CA VAL JC 12 -38.42 5.83 -59.43
C VAL JC 12 -37.44 5.69 -58.28
N GLU JC 13 -37.91 5.17 -57.15
CA GLU JC 13 -37.01 4.92 -56.04
C GLU JC 13 -36.00 3.83 -56.37
N LYS JC 14 -36.41 2.81 -57.13
CA LYS JC 14 -35.48 1.76 -57.52
C LYS JC 14 -34.33 2.31 -58.34
N ARG JC 15 -34.65 3.11 -59.36
CA ARG JC 15 -33.63 3.73 -60.19
C ARG JC 15 -32.74 4.67 -59.40
N ARG JC 16 -33.33 5.46 -58.50
CA ARG JC 16 -32.55 6.41 -57.72
C ARG JC 16 -31.53 5.70 -56.84
N LEU JC 17 -31.99 4.73 -56.05
CA LEU JC 17 -31.05 4.13 -55.10
C LEU JC 17 -30.05 3.24 -55.81
N ASN JC 18 -30.41 2.70 -56.97
CA ASN JC 18 -29.44 1.85 -57.65
C ASN JC 18 -28.40 2.65 -58.40
N GLU JC 19 -28.75 3.79 -59.00
CA GLU JC 19 -27.70 4.63 -59.55
C GLU JC 19 -26.85 5.25 -58.45
N GLU JC 20 -27.42 5.45 -57.25
CA GLU JC 20 -26.61 5.89 -56.12
C GLU JC 20 -25.58 4.84 -55.74
N ARG JC 21 -26.00 3.56 -55.71
CA ARG JC 21 -25.07 2.48 -55.45
C ARG JC 21 -23.97 2.41 -56.52
N ALA JC 22 -24.35 2.61 -57.78
CA ALA JC 22 -23.38 2.60 -58.86
C ALA JC 22 -22.36 3.72 -58.72
N LEU JC 23 -22.81 4.92 -58.36
CA LEU JC 23 -21.88 6.03 -58.16
C LEU JC 23 -20.94 5.78 -57.00
N MET JC 24 -21.45 5.24 -55.89
CA MET JC 24 -20.56 4.94 -54.77
C MET JC 24 -19.55 3.87 -55.14
N GLN JC 25 -19.96 2.86 -55.89
CA GLN JC 25 -19.01 1.81 -56.30
C GLN JC 25 -17.97 2.36 -57.26
N ALA JC 26 -18.38 3.25 -58.17
CA ALA JC 26 -17.42 3.84 -59.10
C ALA JC 26 -16.44 4.75 -58.37
N GLN JC 27 -16.93 5.51 -57.38
CA GLN JC 27 -16.05 6.39 -56.61
C GLN JC 27 -15.10 5.59 -55.73
N LYS JC 28 -15.56 4.46 -55.20
CA LYS JC 28 -14.67 3.59 -54.44
C LYS JC 28 -13.60 2.98 -55.35
N ALA JC 29 -14.00 2.52 -56.53
CA ALA JC 29 -13.03 2.00 -57.50
C ALA JC 29 -13.54 2.22 -58.93
N ASN JC 35 -14.70 1.17 -65.06
CA ASN JC 35 -15.26 0.64 -66.30
C ASN JC 35 -16.69 0.16 -66.07
N ILE JC 36 -17.27 0.51 -64.93
CA ILE JC 36 -18.67 0.24 -64.69
C ILE JC 36 -19.50 1.15 -65.60
N GLN JC 37 -20.56 0.61 -66.17
CA GLN JC 37 -21.35 1.35 -67.14
C GLN JC 37 -22.52 2.02 -66.44
N LEU JC 38 -22.82 3.25 -66.85
CA LEU JC 38 -23.83 4.04 -66.18
C LEU JC 38 -24.81 4.58 -67.21
N PRO JC 39 -26.09 4.69 -66.86
CA PRO JC 39 -26.76 4.22 -65.65
C PRO JC 39 -26.97 2.72 -65.71
N PRO JC 40 -27.07 2.05 -64.57
CA PRO JC 40 -27.05 0.59 -64.56
C PRO JC 40 -28.27 -0.01 -65.23
N ASN JC 41 -28.11 -1.25 -65.67
CA ASN JC 41 -29.12 -1.91 -66.47
C ASN JC 41 -30.33 -2.31 -65.62
N TYR JC 42 -31.47 -2.38 -66.31
CA TYR JC 42 -32.72 -2.77 -65.68
C TYR JC 42 -32.64 -4.20 -65.17
N GLY JC 43 -32.01 -5.09 -65.95
CA GLY JC 43 -31.90 -6.47 -65.54
C GLY JC 43 -30.95 -6.70 -64.39
N ASP JC 44 -30.05 -5.77 -64.14
CA ASP JC 44 -29.13 -5.86 -63.02
C ASP JC 44 -29.58 -5.02 -61.84
N MET JC 45 -30.68 -4.30 -61.96
CA MET JC 45 -31.20 -3.57 -60.81
C MET JC 45 -31.82 -4.54 -59.80
N ASP JC 46 -32.00 -4.05 -58.57
CA ASP JC 46 -32.51 -4.84 -57.46
C ASP JC 46 -33.48 -4.03 -56.61
N LEU JC 47 -34.30 -4.73 -55.81
CA LEU JC 47 -35.38 -4.12 -55.06
C LEU JC 47 -35.86 -5.08 -53.97
N ILE JC 48 -36.13 -4.52 -52.79
CA ILE JC 48 -36.86 -5.23 -51.74
C ILE JC 48 -38.31 -4.78 -51.83
N LEU JC 49 -39.16 -5.62 -52.42
CA LEU JC 49 -40.51 -5.23 -52.77
C LEU JC 49 -41.36 -4.96 -51.54
N PHE JC 50 -41.21 -5.79 -50.50
CA PHE JC 50 -41.91 -5.62 -49.25
C PHE JC 50 -40.90 -5.49 -48.12
N PRO JC 51 -40.80 -4.34 -47.46
CA PRO JC 51 -39.78 -4.15 -46.44
C PRO JC 51 -40.01 -4.96 -45.18
N GLU JC 52 -39.17 -4.72 -44.17
CA GLU JC 52 -39.02 -5.63 -43.04
C GLU JC 52 -40.26 -5.74 -42.16
N GLY JC 53 -41.23 -4.85 -42.31
CA GLY JC 53 -42.37 -4.90 -41.41
C GLY JC 53 -43.72 -4.62 -42.01
N SER JC 54 -43.92 -4.96 -43.28
CA SER JC 54 -45.15 -4.59 -43.96
C SER JC 54 -46.16 -5.73 -44.02
N LEU JC 55 -45.72 -6.90 -44.46
CA LEU JC 55 -46.59 -8.05 -44.58
C LEU JC 55 -47.01 -8.59 -43.22
N LYS JC 56 -48.26 -9.03 -43.11
CA LYS JC 56 -48.71 -9.72 -41.92
C LYS JC 56 -49.87 -10.63 -42.25
N ASN JC 57 -49.86 -11.82 -41.65
CA ASN JC 57 -50.88 -12.84 -41.89
C ASN JC 57 -52.03 -12.70 -40.91
N SER JC 58 -52.97 -13.63 -40.96
CA SER JC 58 -53.95 -13.74 -39.90
C SER JC 58 -53.25 -14.17 -38.61
N ASN JC 59 -53.79 -13.72 -37.49
CA ASN JC 59 -53.25 -13.60 -36.13
C ASN JC 59 -52.40 -12.34 -36.01
N ASN JC 60 -52.33 -11.52 -37.04
CA ASN JC 60 -51.62 -10.23 -37.01
C ASN JC 60 -50.16 -10.40 -36.59
N THR JC 61 -49.51 -11.42 -37.12
CA THR JC 61 -48.09 -11.64 -36.91
C THR JC 61 -47.36 -11.23 -38.17
N VAL JC 62 -46.38 -10.32 -38.03
CA VAL JC 62 -45.60 -9.87 -39.16
C VAL JC 62 -44.73 -11.02 -39.65
N ILE JC 63 -44.71 -11.23 -40.97
CA ILE JC 63 -43.75 -12.20 -41.48
C ILE JC 63 -42.81 -11.50 -42.44
N PRO JC 64 -41.53 -11.84 -42.43
CA PRO JC 64 -40.59 -11.23 -43.37
C PRO JC 64 -40.86 -11.69 -44.79
N GLN JC 65 -40.36 -10.90 -45.73
CA GLN JC 65 -40.53 -11.17 -47.15
C GLN JC 65 -39.74 -12.39 -47.59
N SER JC 66 -38.82 -12.88 -46.78
CA SER JC 66 -38.02 -14.05 -47.14
C SER JC 66 -38.82 -15.33 -47.11
N HIS JC 67 -39.95 -15.36 -46.40
CA HIS JC 67 -40.77 -16.56 -46.37
C HIS JC 67 -41.45 -16.83 -47.69
N LEU JC 68 -41.64 -15.82 -48.52
CA LEU JC 68 -42.52 -15.94 -49.66
C LEU JC 68 -41.93 -16.76 -50.79
N LYS JC 69 -40.67 -17.14 -50.73
CA LYS JC 69 -40.04 -17.78 -51.87
C LYS JC 69 -40.50 -19.23 -52.01
N GLY JC 70 -40.48 -19.70 -53.24
CA GLY JC 70 -40.98 -21.01 -53.58
C GLY JC 70 -42.46 -21.08 -53.80
N LYS JC 71 -43.18 -19.98 -53.61
CA LYS JC 71 -44.63 -19.95 -53.66
C LYS JC 71 -45.08 -18.93 -54.70
N SER JC 72 -46.10 -19.28 -55.48
CA SER JC 72 -46.68 -18.32 -56.42
C SER JC 72 -47.41 -17.24 -55.63
N VAL JC 73 -46.88 -16.03 -55.65
CA VAL JC 73 -47.39 -14.93 -54.85
C VAL JC 73 -48.24 -14.02 -55.73
N ALA JC 74 -49.48 -13.77 -55.31
CA ALA JC 74 -50.40 -12.94 -56.09
C ALA JC 74 -50.95 -11.83 -55.23
N LEU JC 75 -50.94 -10.61 -55.78
CA LEU JC 75 -51.59 -9.49 -55.14
C LEU JC 75 -53.06 -9.49 -55.49
N TYR JC 76 -53.88 -9.19 -54.51
CA TYR JC 76 -55.34 -9.16 -54.66
C TYR JC 76 -55.79 -7.75 -54.29
N PHE JC 77 -56.04 -6.94 -55.31
CA PHE JC 77 -56.56 -5.60 -55.15
C PHE JC 77 -58.06 -5.68 -54.95
N ALA JC 78 -58.54 -5.20 -53.81
CA ALA JC 78 -59.93 -5.45 -53.48
C ALA JC 78 -60.54 -4.31 -52.67
N ASP JC 79 -61.86 -4.22 -52.75
CA ASP JC 79 -62.66 -3.23 -52.04
C ASP JC 79 -63.86 -3.91 -51.42
N GLY JC 80 -64.07 -3.70 -50.12
CA GLY JC 80 -65.12 -4.42 -49.42
C GLY JC 80 -66.52 -4.04 -49.87
N ALA JC 81 -66.74 -2.76 -50.13
CA ALA JC 81 -68.07 -2.30 -50.53
C ALA JC 81 -68.43 -2.68 -51.96
N ASP JC 82 -67.48 -3.13 -52.74
CA ASP JC 82 -67.76 -3.42 -54.14
C ASP JC 82 -68.54 -4.72 -54.27
N PRO JC 83 -69.68 -4.71 -54.96
CA PRO JC 83 -70.42 -5.96 -55.16
C PRO JC 83 -69.65 -7.01 -55.91
N LYS JC 84 -68.78 -6.61 -56.84
CA LYS JC 84 -68.04 -7.63 -57.58
C LYS JC 84 -66.98 -8.27 -56.71
N CYS JC 85 -66.34 -7.50 -55.83
CA CYS JC 85 -65.36 -8.10 -54.94
C CYS JC 85 -66.05 -9.01 -53.93
N ALA JC 86 -67.26 -8.62 -53.49
CA ALA JC 86 -68.04 -9.49 -52.63
C ALA JC 86 -68.38 -10.80 -53.33
N SER JC 87 -68.73 -10.74 -54.61
CA SER JC 87 -69.07 -11.96 -55.34
C SER JC 87 -67.85 -12.74 -55.79
N LEU JC 88 -66.66 -12.16 -55.73
CA LEU JC 88 -65.45 -12.88 -56.10
C LEU JC 88 -64.78 -13.57 -54.92
N LEU JC 89 -64.88 -13.00 -53.73
CA LEU JC 89 -64.24 -13.58 -52.55
C LEU JC 89 -64.55 -15.05 -52.25
N PRO JC 90 -65.79 -15.56 -52.35
CA PRO JC 90 -66.01 -16.97 -52.03
C PRO JC 90 -65.27 -17.93 -52.93
N PHE JC 91 -65.27 -17.68 -54.23
CA PHE JC 91 -64.60 -18.57 -55.16
C PHE JC 91 -63.10 -18.54 -54.93
N LEU JC 92 -62.57 -17.38 -54.57
CA LEU JC 92 -61.15 -17.27 -54.27
C LEU JC 92 -60.78 -18.06 -53.03
N LEU JC 93 -61.63 -18.00 -52.01
CA LEU JC 93 -61.39 -18.78 -50.79
C LEU JC 93 -61.39 -20.26 -51.10
N ASN JC 94 -62.35 -20.71 -51.90
CA ASN JC 94 -62.42 -22.11 -52.26
C ASN JC 94 -61.19 -22.53 -53.05
N TYR JC 95 -60.76 -21.68 -54.00
CA TYR JC 95 -59.60 -22.01 -54.82
C TYR JC 95 -58.34 -22.08 -53.99
N TYR JC 96 -58.17 -21.15 -53.06
CA TYR JC 96 -57.04 -21.16 -52.14
C TYR JC 96 -57.01 -22.46 -51.35
N ARG JC 97 -58.13 -22.84 -50.76
CA ARG JC 97 -58.20 -24.05 -49.97
C ARG JC 97 -57.89 -25.27 -50.82
N THR JC 98 -58.55 -25.41 -51.96
CA THR JC 98 -58.47 -26.67 -52.69
C THR JC 98 -57.21 -26.80 -53.52
N MET JC 99 -56.48 -25.72 -53.75
CA MET JC 99 -55.17 -25.92 -54.32
C MET JC 99 -54.10 -26.08 -53.27
N ASN JC 100 -54.18 -25.32 -52.19
CA ASN JC 100 -53.06 -25.28 -51.26
C ASN JC 100 -53.15 -26.40 -50.24
N GLU JC 101 -54.30 -27.06 -50.11
CA GLU JC 101 -54.43 -28.10 -49.09
C GLU JC 101 -53.97 -29.46 -49.58
N GLY JC 102 -54.51 -29.92 -50.70
CA GLY JC 102 -54.19 -31.24 -51.20
C GLY JC 102 -52.87 -31.32 -51.95
N GLY JC 103 -51.77 -31.32 -51.22
CA GLY JC 103 -50.46 -31.43 -51.88
C GLY JC 103 -49.37 -31.45 -50.83
N ALA JC 104 -48.14 -31.62 -51.32
CA ALA JC 104 -47.01 -31.80 -50.42
C ALA JC 104 -46.62 -30.51 -49.73
N ASN JC 105 -46.58 -29.41 -50.47
CA ASN JC 105 -46.13 -28.13 -49.93
C ASN JC 105 -47.10 -27.04 -50.36
N GLN JC 106 -46.95 -25.88 -49.74
CA GLN JC 106 -47.78 -24.74 -50.13
C GLN JC 106 -47.39 -24.26 -51.51
N LYS JC 107 -48.38 -24.04 -52.35
CA LYS JC 107 -48.15 -23.70 -53.74
C LYS JC 107 -48.47 -22.26 -54.08
N ILE JC 108 -49.54 -21.70 -53.52
CA ILE JC 108 -49.91 -20.31 -53.79
C ILE JC 108 -49.97 -19.54 -52.48
N GLU JC 109 -49.90 -18.21 -52.61
CA GLU JC 109 -50.04 -17.30 -51.49
C GLU JC 109 -50.59 -15.98 -52.01
N ILE JC 110 -51.51 -15.38 -51.27
CA ILE JC 110 -52.22 -14.19 -51.71
C ILE JC 110 -51.98 -13.07 -50.70
N ILE JC 111 -51.58 -11.90 -51.21
CA ILE JC 111 -51.42 -10.69 -50.41
C ILE JC 111 -52.55 -9.75 -50.74
N PHE JC 112 -53.33 -9.38 -49.73
CA PHE JC 112 -54.48 -8.51 -49.90
C PHE JC 112 -54.03 -7.07 -49.81
N VAL JC 113 -54.34 -6.31 -50.85
CA VAL JC 113 -54.06 -4.88 -50.91
C VAL JC 113 -55.39 -4.14 -51.10
N SER JC 114 -55.61 -3.17 -50.24
CA SER JC 114 -56.94 -2.70 -49.88
C SER JC 114 -57.32 -1.43 -50.61
N LEU JC 115 -58.63 -1.23 -50.70
CA LEU JC 115 -59.18 -0.01 -51.26
C LEU JC 115 -60.29 0.58 -50.38
N ASP JC 116 -60.47 0.05 -49.18
CA ASP JC 116 -61.60 0.41 -48.35
C ASP JC 116 -61.47 1.84 -47.83
N ARG JC 117 -62.57 2.37 -47.33
CA ARG JC 117 -62.64 3.78 -46.98
C ARG JC 117 -61.92 4.09 -45.67
N ASP JC 118 -61.90 3.18 -44.72
CA ASP JC 118 -61.32 3.48 -43.42
C ASP JC 118 -60.84 2.19 -42.77
N ARG JC 119 -60.31 2.34 -41.55
CA ARG JC 119 -59.82 1.18 -40.80
C ARG JC 119 -60.94 0.21 -40.46
N GLU JC 120 -62.13 0.73 -40.15
CA GLU JC 120 -63.25 -0.14 -39.80
C GLU JC 120 -63.64 -1.04 -40.98
N ALA JC 121 -63.81 -0.43 -42.16
CA ALA JC 121 -64.14 -1.21 -43.34
C ALA JC 121 -63.02 -2.15 -43.71
N PHE JC 122 -61.78 -1.69 -43.58
CA PHE JC 122 -60.63 -2.52 -43.94
C PHE JC 122 -60.52 -3.74 -43.04
N GLU JC 123 -60.68 -3.56 -41.74
CA GLU JC 123 -60.58 -4.71 -40.84
C GLU JC 123 -61.78 -5.63 -40.96
N SER JC 124 -62.97 -5.07 -41.24
CA SER JC 124 -64.12 -5.93 -41.43
C SER JC 124 -63.97 -6.78 -42.68
N HIS JC 125 -63.37 -6.23 -43.74
CA HIS JC 125 -63.14 -7.04 -44.93
C HIS JC 125 -61.95 -7.98 -44.76
N ARG JC 126 -60.97 -7.60 -43.95
CA ARG JC 126 -59.78 -8.40 -43.78
C ARG JC 126 -60.00 -9.60 -42.86
N ALA JC 127 -60.89 -9.48 -41.89
CA ALA JC 127 -61.14 -10.59 -40.97
C ALA JC 127 -61.77 -11.79 -41.68
N HIS JC 128 -62.36 -11.60 -42.84
CA HIS JC 128 -62.88 -12.72 -43.62
C HIS JC 128 -61.80 -13.46 -44.39
N MET JC 129 -60.56 -13.02 -44.30
CA MET JC 129 -59.54 -13.39 -45.26
C MET JC 129 -58.36 -14.02 -44.51
N PRO JC 130 -57.98 -15.24 -44.84
CA PRO JC 130 -56.94 -15.92 -44.06
C PRO JC 130 -55.52 -15.67 -44.53
N TRP JC 131 -55.37 -15.20 -45.76
CA TRP JC 131 -54.06 -14.96 -46.33
C TRP JC 131 -53.52 -13.59 -45.93
N LEU JC 132 -52.40 -13.21 -46.53
CA LEU JC 132 -51.65 -12.08 -46.05
C LEU JC 132 -52.36 -10.77 -46.41
N SER JC 133 -51.95 -9.69 -45.76
CA SER JC 133 -52.55 -8.40 -46.02
C SER JC 133 -51.56 -7.29 -45.73
N ILE JC 134 -51.68 -6.19 -46.47
CA ILE JC 134 -50.85 -5.01 -46.30
C ILE JC 134 -51.72 -3.93 -45.69
N ASP JC 135 -51.21 -3.27 -44.65
CA ASP JC 135 -52.00 -2.34 -43.87
C ASP JC 135 -52.41 -1.13 -44.70
N LEU JC 136 -53.52 -0.51 -44.29
CA LEU JC 136 -54.12 0.55 -45.09
C LEU JC 136 -53.38 1.87 -44.96
N GLU JC 137 -52.87 2.18 -43.77
CA GLU JC 137 -52.12 3.43 -43.62
C GLU JC 137 -50.71 3.34 -44.15
N ASN JC 138 -50.27 2.18 -44.58
CA ASN JC 138 -48.93 2.03 -45.14
C ASN JC 138 -48.84 2.84 -46.43
N PRO JC 139 -47.73 3.54 -46.67
CA PRO JC 139 -47.51 4.10 -47.99
C PRO JC 139 -47.44 3.07 -49.09
N LEU JC 140 -47.09 1.82 -48.74
CA LEU JC 140 -46.86 0.81 -49.77
C LEU JC 140 -48.12 0.45 -50.52
N THR JC 141 -49.31 0.56 -49.89
CA THR JC 141 -50.52 0.25 -50.65
C THR JC 141 -50.75 1.27 -51.75
N GLU JC 142 -50.49 2.55 -51.48
CA GLU JC 142 -50.63 3.55 -52.52
C GLU JC 142 -49.55 3.41 -53.57
N ILE JC 143 -48.33 3.07 -53.14
CA ILE JC 143 -47.24 2.83 -54.10
C ILE JC 143 -47.59 1.69 -55.05
N LEU JC 144 -48.23 0.64 -54.53
CA LEU JC 144 -48.55 -0.50 -55.39
C LEU JC 144 -49.75 -0.19 -56.29
N LYS JC 145 -50.69 0.64 -55.81
CA LYS JC 145 -51.71 1.20 -56.69
C LYS JC 145 -51.08 1.87 -57.90
N ARG JC 146 -50.14 2.78 -57.66
CA ARG JC 146 -49.53 3.49 -58.77
C ARG JC 146 -48.69 2.59 -59.63
N HIS JC 147 -48.01 1.61 -59.03
CA HIS JC 147 -47.10 0.77 -59.78
C HIS JC 147 -47.83 -0.16 -60.71
N PHE JC 148 -48.98 -0.68 -60.30
CA PHE JC 148 -49.70 -1.65 -61.11
C PHE JC 148 -50.89 -1.06 -61.83
N ARG JC 149 -51.16 0.23 -61.65
CA ARG JC 149 -52.16 0.97 -62.41
C ARG JC 149 -53.56 0.39 -62.23
N VAL JC 150 -54.04 0.44 -61.00
CA VAL JC 150 -55.41 0.09 -60.68
C VAL JC 150 -56.05 1.31 -60.02
N MET JC 151 -57.28 1.62 -60.44
CA MET JC 151 -58.09 2.59 -59.72
C MET JC 151 -59.55 2.37 -60.10
N LYS JC 152 -60.43 2.68 -59.15
CA LYS JC 152 -61.86 2.50 -59.38
C LYS JC 152 -62.38 3.53 -60.37
N GLU JC 153 -61.94 4.77 -60.26
CA GLU JC 153 -62.11 5.77 -61.30
C GLU JC 153 -61.01 6.81 -61.11
N TYR JC 154 -60.81 7.61 -62.14
CA TYR JC 154 -59.63 8.47 -62.24
C TYR JC 154 -59.65 9.53 -61.13
N GLU JC 155 -58.77 9.36 -60.16
CA GLU JC 155 -58.55 10.37 -59.12
C GLU JC 155 -57.07 10.56 -58.83
N VAL JC 156 -56.18 9.91 -59.58
CA VAL JC 156 -54.75 9.98 -59.31
C VAL JC 156 -54.06 10.29 -60.63
N PRO JC 157 -52.97 11.06 -60.63
CA PRO JC 157 -52.29 11.35 -61.89
C PRO JC 157 -51.53 10.17 -62.46
N THR JC 158 -52.00 9.65 -63.57
CA THR JC 158 -51.23 8.73 -64.39
C THR JC 158 -50.48 9.52 -65.45
N TYR JC 159 -49.27 9.08 -65.76
CA TYR JC 159 -48.39 9.86 -66.61
C TYR JC 159 -48.48 9.34 -68.04
N GLY JC 160 -49.64 9.58 -68.65
CA GLY JC 160 -49.88 9.24 -70.02
C GLY JC 160 -50.44 7.84 -70.24
N TYR JC 161 -50.01 6.88 -69.44
CA TYR JC 161 -50.61 5.55 -69.43
C TYR JC 161 -52.06 5.63 -69.02
N GLY JC 162 -52.78 4.55 -69.24
CA GLY JC 162 -54.13 4.45 -68.73
C GLY JC 162 -54.26 3.42 -67.64
N SER JC 163 -55.50 3.22 -67.21
CA SER JC 163 -55.79 2.22 -66.21
C SER JC 163 -55.58 0.84 -66.79
N ARG JC 164 -54.81 0.00 -66.08
CA ARG JC 164 -54.70 -1.39 -66.49
C ARG JC 164 -56.00 -2.12 -66.26
N THR JC 165 -56.59 -1.94 -65.08
CA THR JC 165 -57.83 -2.60 -64.70
C THR JC 165 -58.35 -1.92 -63.45
N GLY JC 166 -59.50 -2.39 -62.97
CA GLY JC 166 -60.11 -1.89 -61.77
C GLY JC 166 -60.31 -2.97 -60.72
N VAL JC 167 -60.83 -2.55 -59.59
CA VAL JC 167 -61.16 -3.48 -58.51
C VAL JC 167 -62.32 -4.38 -58.94
N PRO JC 168 -62.26 -5.70 -58.71
CA PRO JC 168 -61.22 -6.55 -58.14
C PRO JC 168 -60.15 -6.93 -59.13
N SER JC 169 -58.95 -7.23 -58.65
CA SER JC 169 -57.89 -7.61 -59.56
C SER JC 169 -56.94 -8.56 -58.86
N VAL JC 170 -56.55 -9.63 -59.54
CA VAL JC 170 -55.49 -10.48 -59.04
C VAL JC 170 -54.35 -10.47 -60.05
N ILE JC 171 -53.15 -10.22 -59.57
CA ILE JC 171 -51.96 -10.07 -60.39
C ILE JC 171 -50.84 -10.83 -59.72
N VAL JC 172 -50.38 -11.90 -60.33
CA VAL JC 172 -49.26 -12.62 -59.73
C VAL JC 172 -48.00 -11.82 -59.98
N ILE JC 173 -47.06 -11.90 -59.05
CA ILE JC 173 -45.92 -10.99 -59.12
C ILE JC 173 -44.63 -11.77 -59.21
N GLY JC 174 -43.51 -11.06 -59.23
CA GLY JC 174 -42.20 -11.67 -59.22
C GLY JC 174 -41.32 -11.06 -58.16
N SER JC 175 -40.05 -11.43 -58.14
CA SER JC 175 -39.16 -10.94 -57.10
C SER JC 175 -38.84 -9.46 -57.28
N ASP JC 176 -38.74 -9.00 -58.53
CA ASP JC 176 -38.30 -7.65 -58.83
C ASP JC 176 -39.46 -6.70 -59.08
N GLY JC 177 -40.64 -7.01 -58.57
CA GLY JC 177 -41.79 -6.16 -58.79
C GLY JC 177 -42.39 -6.28 -60.16
N ARG JC 178 -42.00 -7.27 -60.95
CA ARG JC 178 -42.55 -7.41 -62.28
C ARG JC 178 -43.96 -7.99 -62.22
N GLU JC 179 -44.66 -7.85 -63.33
CA GLU JC 179 -46.01 -8.40 -63.50
C GLU JC 179 -45.88 -9.71 -64.25
N ALA JC 180 -45.96 -10.82 -63.52
CA ALA JC 180 -45.74 -12.12 -64.14
C ALA JC 180 -46.93 -12.51 -65.02
N GLN JC 181 -48.14 -12.32 -64.51
CA GLN JC 181 -49.33 -12.70 -65.26
C GLN JC 181 -50.53 -11.98 -64.66
N PHE JC 182 -51.41 -11.51 -65.51
CA PHE JC 182 -52.62 -10.82 -65.09
C PHE JC 182 -53.79 -11.75 -65.33
N LEU JC 183 -54.50 -12.11 -64.27
CA LEU JC 183 -55.63 -13.00 -64.40
C LEU JC 183 -56.87 -12.19 -64.75
N PRO JC 184 -57.56 -12.50 -65.82
CA PRO JC 184 -58.65 -11.65 -66.34
C PRO JC 184 -60.02 -11.81 -65.69
N ILE JC 185 -60.23 -11.11 -64.57
CA ILE JC 185 -61.55 -11.05 -63.96
C ILE JC 185 -62.36 -9.88 -64.51
N CYS JC 186 -61.78 -8.69 -64.54
CA CYS JC 186 -62.41 -7.50 -65.11
C CYS JC 186 -61.41 -6.89 -66.09
N SER JC 187 -61.38 -7.41 -67.30
CA SER JC 187 -60.46 -6.94 -68.32
C SER JC 187 -61.12 -7.21 -69.67
N GLY JC 188 -60.32 -7.29 -70.72
CA GLY JC 188 -60.85 -7.60 -72.04
C GLY JC 188 -61.49 -8.97 -72.14
N LEU JC 189 -61.08 -9.92 -71.30
CA LEU JC 189 -61.62 -11.27 -71.38
C LEU JC 189 -62.87 -11.47 -70.54
N GLU JC 190 -62.97 -10.79 -69.40
CA GLU JC 190 -64.19 -10.72 -68.59
C GLU JC 190 -64.67 -12.08 -68.08
N GLU JC 191 -63.76 -13.01 -67.84
CA GLU JC 191 -64.14 -14.32 -67.32
C GLU JC 191 -63.88 -14.36 -65.80
N GLY JC 192 -64.79 -13.75 -65.06
CA GLY JC 192 -64.71 -13.80 -63.62
C GLY JC 192 -65.00 -15.18 -63.08
N ASP JC 193 -64.38 -15.50 -61.94
CA ASP JC 193 -64.53 -16.73 -61.18
C ASP JC 193 -64.04 -17.97 -61.93
N ARG JC 194 -63.55 -17.78 -63.14
CA ARG JC 194 -62.94 -18.84 -63.91
C ARG JC 194 -61.57 -18.47 -64.42
N ALA JC 195 -61.19 -17.19 -64.33
CA ALA JC 195 -59.83 -16.79 -64.66
C ALA JC 195 -58.85 -17.25 -63.61
N LEU JC 196 -59.31 -17.50 -62.38
CA LEU JC 196 -58.43 -18.02 -61.36
C LEU JC 196 -57.90 -19.40 -61.70
N LEU JC 197 -58.59 -20.11 -62.59
CA LEU JC 197 -58.07 -21.37 -63.11
C LEU JC 197 -56.74 -21.15 -63.81
N ARG JC 198 -56.60 -20.06 -64.56
CA ARG JC 198 -55.47 -19.85 -65.44
C ARG JC 198 -54.20 -19.40 -64.72
N TRP JC 199 -54.12 -19.59 -63.42
CA TRP JC 199 -52.89 -19.35 -62.69
C TRP JC 199 -51.84 -20.40 -63.05
N ASP JC 200 -50.64 -19.95 -63.43
CA ASP JC 200 -49.51 -20.86 -63.68
C ASP JC 200 -48.57 -20.88 -62.47
N TRP JC 201 -49.03 -21.57 -61.43
CA TRP JC 201 -48.29 -21.64 -60.19
C TRP JC 201 -46.99 -22.42 -60.31
N ARG JC 202 -46.81 -23.20 -61.36
CA ARG JC 202 -45.54 -23.90 -61.51
C ARG JC 202 -44.48 -23.00 -62.09
N ASN JC 203 -44.80 -22.27 -63.15
CA ASN JC 203 -43.81 -21.41 -63.78
C ASN JC 203 -43.57 -20.14 -62.97
N THR JC 204 -44.61 -19.57 -62.38
CA THR JC 204 -44.45 -18.34 -61.60
C THR JC 204 -44.15 -18.71 -60.16
N LYS JC 205 -42.89 -18.66 -59.78
CA LYS JC 205 -42.46 -18.90 -58.42
C LYS JC 205 -41.70 -17.68 -57.91
N PHE JC 206 -42.04 -17.23 -56.73
CA PHE JC 206 -41.32 -16.12 -56.12
C PHE JC 206 -39.90 -16.56 -55.82
N ALA JC 207 -38.92 -15.82 -56.33
CA ALA JC 207 -37.53 -16.19 -56.13
C ALA JC 207 -36.69 -14.98 -55.78
N SER KC 2 4.35 -89.04 -50.05
CA SER KC 2 3.20 -88.95 -50.94
C SER KC 2 2.18 -90.03 -50.66
N GLN KC 3 2.03 -90.41 -49.39
CA GLN KC 3 1.05 -91.37 -48.96
C GLN KC 3 0.44 -90.90 -47.65
N PRO KC 4 -0.88 -91.03 -47.49
CA PRO KC 4 -1.84 -91.58 -48.45
C PRO KC 4 -2.27 -90.52 -49.44
N VAL KC 5 -1.82 -89.29 -49.20
CA VAL KC 5 -2.17 -88.13 -49.99
C VAL KC 5 -0.93 -87.29 -50.21
N PHE KC 6 -1.00 -86.40 -51.19
CA PHE KC 6 0.13 -85.51 -51.46
C PHE KC 6 0.06 -84.25 -50.61
N ALA KC 7 -1.05 -83.53 -50.72
CA ALA KC 7 -1.17 -82.21 -50.13
C ALA KC 7 -1.59 -82.33 -48.67
N SER KC 8 -0.65 -82.78 -47.85
CA SER KC 8 -0.85 -82.85 -46.41
C SER KC 8 0.38 -82.31 -45.73
N PRO KC 9 0.24 -81.73 -44.53
CA PRO KC 9 1.36 -81.06 -43.89
C PRO KC 9 2.52 -81.97 -43.52
N LEU KC 10 2.28 -83.22 -43.11
CA LEU KC 10 3.38 -84.14 -42.91
C LEU KC 10 4.16 -84.37 -44.18
N ASN KC 11 3.46 -84.52 -45.31
CA ASN KC 11 4.17 -84.77 -46.56
C ASN KC 11 4.94 -83.55 -47.03
N VAL KC 12 4.38 -82.34 -46.88
CA VAL KC 12 5.13 -81.18 -47.34
C VAL KC 12 6.35 -80.94 -46.44
N GLU KC 13 6.22 -81.22 -45.14
CA GLU KC 13 7.35 -80.99 -44.24
C GLU KC 13 8.41 -82.06 -44.42
N LYS KC 14 7.98 -83.30 -44.69
CA LYS KC 14 8.91 -84.38 -45.02
C LYS KC 14 9.68 -84.06 -46.29
N ARG KC 15 8.97 -83.61 -47.33
CA ARG KC 15 9.62 -83.32 -48.59
C ARG KC 15 10.60 -82.18 -48.44
N ARG KC 16 10.25 -81.17 -47.64
CA ARG KC 16 11.16 -80.05 -47.39
C ARG KC 16 12.44 -80.52 -46.73
N LEU KC 17 12.33 -81.24 -45.59
CA LEU KC 17 13.54 -81.65 -44.87
C LEU KC 17 14.38 -82.59 -45.70
N ASN KC 18 13.75 -83.55 -46.36
CA ASN KC 18 14.50 -84.60 -46.99
C ASN KC 18 15.11 -84.11 -48.29
N GLU KC 19 14.45 -83.18 -48.96
CA GLU KC 19 14.99 -82.65 -50.19
C GLU KC 19 16.11 -81.66 -49.90
N GLU KC 20 16.04 -80.91 -48.79
CA GLU KC 20 17.20 -80.08 -48.45
C GLU KC 20 18.35 -80.93 -47.93
N ARG KC 21 18.07 -82.08 -47.32
CA ARG KC 21 19.15 -82.99 -46.96
C ARG KC 21 19.82 -83.56 -48.20
N ALA KC 22 19.03 -83.86 -49.24
CA ALA KC 22 19.61 -84.30 -50.51
C ALA KC 22 20.47 -83.21 -51.13
N LEU KC 23 20.02 -81.95 -51.07
CA LEU KC 23 20.86 -80.85 -51.55
C LEU KC 23 22.15 -80.72 -50.76
N MET KC 24 22.09 -80.89 -49.44
CA MET KC 24 23.30 -80.80 -48.63
C MET KC 24 24.28 -81.91 -48.99
N GLN KC 25 23.77 -83.12 -49.19
CA GLN KC 25 24.62 -84.24 -49.58
C GLN KC 25 25.24 -84.00 -50.95
N ALA KC 26 24.47 -83.45 -51.89
CA ALA KC 26 25.01 -83.17 -53.22
C ALA KC 26 26.05 -82.07 -53.17
N GLN KC 27 25.82 -81.03 -52.39
CA GLN KC 27 26.79 -79.94 -52.29
C GLN KC 27 28.08 -80.39 -51.62
N LYS KC 28 27.97 -81.30 -50.64
CA LYS KC 28 29.18 -81.90 -50.09
C LYS KC 28 29.88 -82.76 -51.13
N ALA KC 29 29.12 -83.46 -51.96
CA ALA KC 29 29.70 -84.23 -53.06
C ALA KC 29 30.25 -83.30 -54.13
N ASN KC 35 26.43 -87.87 -58.52
CA ASN KC 35 25.48 -88.80 -59.13
C ASN KC 35 24.32 -89.07 -58.18
N ILE KC 36 23.67 -88.00 -57.72
CA ILE KC 36 22.51 -88.08 -56.86
C ILE KC 36 21.33 -87.50 -57.61
N GLN KC 37 20.24 -88.25 -57.69
CA GLN KC 37 19.07 -87.77 -58.41
C GLN KC 37 18.27 -86.83 -57.52
N LEU KC 38 17.75 -85.76 -58.12
CA LEU KC 38 16.98 -84.76 -57.39
C LEU KC 38 15.67 -84.51 -58.12
N PRO KC 39 14.55 -84.37 -57.39
CA PRO KC 39 14.34 -84.50 -55.95
C PRO KC 39 14.30 -85.97 -55.54
N PRO KC 40 14.54 -86.27 -54.27
CA PRO KC 40 14.68 -87.67 -53.86
C PRO KC 40 13.38 -88.46 -54.01
N ASN KC 41 13.53 -89.77 -54.17
CA ASN KC 41 12.37 -90.64 -54.26
C ASN KC 41 11.61 -90.68 -52.94
N TYR KC 42 10.30 -90.91 -53.05
CA TYR KC 42 9.45 -91.01 -51.87
C TYR KC 42 9.86 -92.19 -51.01
N GLY KC 43 10.25 -93.30 -51.64
CA GLY KC 43 10.76 -94.42 -50.88
C GLY KC 43 12.06 -94.13 -50.18
N ASP KC 44 12.91 -93.32 -50.80
CA ASP KC 44 14.17 -92.95 -50.16
C ASP KC 44 13.98 -91.94 -49.04
N MET KC 45 12.85 -91.22 -49.03
CA MET KC 45 12.59 -90.30 -47.93
C MET KC 45 12.38 -91.04 -46.62
N ASP KC 46 12.87 -90.43 -45.53
CA ASP KC 46 12.72 -90.94 -44.18
C ASP KC 46 12.04 -89.89 -43.31
N LEU KC 47 11.04 -90.31 -42.55
CA LEU KC 47 10.22 -89.42 -41.74
C LEU KC 47 10.20 -89.91 -40.30
N ILE KC 48 10.24 -88.98 -39.37
CA ILE KC 48 10.04 -89.28 -37.96
C ILE KC 48 8.63 -88.82 -37.59
N LEU KC 49 7.75 -89.79 -37.31
CA LEU KC 49 6.33 -89.49 -37.24
C LEU KC 49 5.98 -88.78 -35.94
N PHE KC 50 6.31 -89.38 -34.83
CA PHE KC 50 6.00 -88.83 -33.54
C PHE KC 50 7.25 -88.21 -32.94
N PRO KC 51 7.25 -86.92 -32.68
CA PRO KC 51 8.45 -86.29 -32.10
C PRO KC 51 8.71 -86.73 -30.67
N GLU KC 52 9.74 -86.13 -30.06
CA GLU KC 52 10.30 -86.66 -28.83
C GLU KC 52 9.30 -86.62 -27.67
N GLY KC 53 8.37 -85.68 -27.69
CA GLY KC 53 7.47 -85.55 -26.56
C GLY KC 53 5.99 -85.60 -26.90
N SER KC 54 5.64 -86.28 -27.98
CA SER KC 54 4.27 -86.24 -28.48
C SER KC 54 3.37 -87.31 -27.89
N LEU KC 55 3.94 -88.37 -27.34
CA LEU KC 55 3.18 -89.50 -26.83
C LEU KC 55 3.33 -89.64 -25.32
N LYS KC 56 2.28 -90.13 -24.69
CA LYS KC 56 2.31 -90.41 -23.26
C LYS KC 56 1.32 -91.52 -22.96
N ASN KC 57 1.68 -92.38 -22.02
CA ASN KC 57 0.85 -93.50 -21.62
C ASN KC 57 -0.18 -93.03 -20.59
N SER KC 58 -0.84 -93.99 -19.94
CA SER KC 58 -1.86 -93.66 -18.96
C SER KC 58 -1.30 -92.98 -17.72
N ASN KC 59 0.00 -93.12 -17.46
CA ASN KC 59 0.62 -92.46 -16.32
C ASN KC 59 1.19 -91.10 -16.67
N ASN KC 60 0.90 -90.59 -17.86
CA ASN KC 60 1.40 -89.31 -18.35
C ASN KC 60 2.94 -89.28 -18.35
N THR KC 61 3.54 -90.38 -18.77
CA THR KC 61 4.99 -90.46 -18.93
C THR KC 61 5.30 -90.57 -20.42
N VAL KC 62 6.20 -89.71 -20.89
CA VAL KC 62 6.52 -89.68 -22.32
C VAL KC 62 7.24 -90.95 -22.72
N ILE KC 63 6.86 -91.50 -23.86
CA ILE KC 63 7.56 -92.65 -24.42
C ILE KC 63 8.05 -92.30 -25.82
N PRO KC 64 9.23 -92.76 -26.20
CA PRO KC 64 9.75 -92.43 -27.53
C PRO KC 64 9.02 -93.18 -28.62
N GLN KC 65 9.24 -92.72 -29.85
CA GLN KC 65 8.67 -93.36 -31.03
C GLN KC 65 9.23 -94.75 -31.26
N SER KC 66 10.47 -94.99 -30.80
CA SER KC 66 11.10 -96.29 -31.01
C SER KC 66 10.50 -97.38 -30.17
N HIS KC 67 9.73 -97.05 -29.13
CA HIS KC 67 9.13 -98.06 -28.28
C HIS KC 67 8.06 -98.86 -28.99
N LEU KC 68 7.50 -98.31 -30.07
CA LEU KC 68 6.35 -98.89 -30.73
C LEU KC 68 6.70 -99.98 -31.72
N LYS KC 69 7.98 -100.31 -31.89
CA LYS KC 69 8.34 -101.25 -32.94
C LYS KC 69 7.99 -102.67 -32.54
N GLY KC 70 7.70 -103.49 -33.54
CA GLY KC 70 7.23 -104.82 -33.28
C GLY KC 70 5.79 -104.88 -32.83
N LYS KC 71 5.02 -103.81 -33.05
CA LYS KC 71 3.64 -103.74 -32.60
C LYS KC 71 2.79 -103.18 -33.73
N SER KC 72 1.51 -103.50 -33.70
CA SER KC 72 0.55 -102.99 -34.68
C SER KC 72 -0.09 -101.76 -34.07
N VAL KC 73 0.31 -100.59 -34.54
CA VAL KC 73 -0.16 -99.35 -33.96
C VAL KC 73 -1.27 -98.78 -34.83
N ALA KC 74 -2.33 -98.32 -34.19
CA ALA KC 74 -3.47 -97.76 -34.92
C ALA KC 74 -3.91 -96.46 -34.28
N LEU KC 75 -4.14 -95.46 -35.11
CA LEU KC 75 -4.71 -94.21 -34.65
C LEU KC 75 -6.21 -94.39 -34.43
N TYR KC 76 -6.71 -93.76 -33.39
CA TYR KC 76 -8.13 -93.78 -33.04
C TYR KC 76 -8.54 -92.33 -32.90
N PHE KC 77 -9.22 -91.81 -33.91
CA PHE KC 77 -9.76 -90.46 -33.87
C PHE KC 77 -11.10 -90.52 -33.19
N ALA KC 78 -11.25 -89.78 -32.09
CA ALA KC 78 -12.42 -89.89 -31.24
C ALA KC 78 -12.86 -88.53 -30.74
N ASP KC 79 -14.15 -88.43 -30.47
CA ASP KC 79 -14.78 -87.24 -29.93
C ASP KC 79 -15.54 -87.61 -28.67
N GLY KC 80 -15.51 -86.72 -27.68
CA GLY KC 80 -16.13 -87.05 -26.40
C GLY KC 80 -17.64 -87.12 -26.46
N ALA KC 81 -18.27 -86.13 -27.05
CA ALA KC 81 -19.71 -86.00 -27.02
C ALA KC 81 -20.41 -86.76 -28.14
N ASP KC 82 -19.66 -87.35 -29.05
CA ASP KC 82 -20.28 -88.09 -30.13
C ASP KC 82 -20.82 -89.42 -29.60
N PRO KC 83 -22.11 -89.70 -29.78
CA PRO KC 83 -22.65 -90.96 -29.31
C PRO KC 83 -22.04 -92.16 -29.99
N LYS KC 84 -21.59 -92.00 -31.23
CA LYS KC 84 -20.98 -93.12 -31.93
C LYS KC 84 -19.64 -93.48 -31.31
N CYS KC 85 -18.89 -92.48 -30.84
CA CYS KC 85 -17.66 -92.78 -30.13
C CYS KC 85 -17.94 -93.38 -28.77
N ALA KC 86 -18.95 -92.87 -28.08
CA ALA KC 86 -19.32 -93.42 -26.78
C ALA KC 86 -19.77 -94.88 -26.90
N SER KC 87 -20.34 -95.25 -28.05
CA SER KC 87 -20.75 -96.63 -28.27
C SER KC 87 -19.61 -97.50 -28.77
N LEU KC 88 -18.67 -96.95 -29.54
CA LEU KC 88 -17.57 -97.75 -30.06
C LEU KC 88 -16.53 -98.06 -28.99
N LEU KC 89 -16.31 -97.14 -28.05
CA LEU KC 89 -15.24 -97.30 -27.06
C LEU KC 89 -15.25 -98.60 -26.26
N PRO KC 90 -16.38 -99.13 -25.75
CA PRO KC 90 -16.28 -100.39 -24.98
C PRO KC 90 -15.83 -101.58 -25.79
N PHE KC 91 -16.24 -101.69 -27.05
CA PHE KC 91 -15.79 -102.80 -27.88
C PHE KC 91 -14.31 -102.69 -28.17
N LEU KC 92 -13.81 -101.48 -28.35
CA LEU KC 92 -12.37 -101.29 -28.55
C LEU KC 92 -11.59 -101.65 -27.30
N LEU KC 93 -12.12 -101.31 -26.12
CA LEU KC 93 -11.48 -101.70 -24.87
C LEU KC 93 -11.44 -103.21 -24.72
N ASN KC 94 -12.55 -103.87 -25.04
CA ASN KC 94 -12.61 -105.32 -24.95
C ASN KC 94 -11.63 -105.97 -25.91
N TYR KC 95 -11.53 -105.43 -27.13
CA TYR KC 95 -10.57 -105.93 -28.11
C TYR KC 95 -9.14 -105.75 -27.62
N TYR KC 96 -8.86 -104.60 -27.01
CA TYR KC 96 -7.53 -104.31 -26.52
C TYR KC 96 -7.09 -105.32 -25.47
N ARG KC 97 -7.94 -105.57 -24.46
CA ARG KC 97 -7.58 -106.62 -23.51
C ARG KC 97 -7.49 -108.00 -24.15
N THR KC 98 -8.48 -108.36 -24.95
CA THR KC 98 -8.50 -109.75 -25.39
C THR KC 98 -7.43 -110.08 -26.41
N MET KC 99 -6.80 -109.08 -27.04
CA MET KC 99 -5.64 -109.42 -27.85
C MET KC 99 -4.31 -109.18 -27.17
N ASN KC 100 -4.21 -108.24 -26.22
CA ASN KC 100 -2.92 -108.05 -25.59
C ASN KC 100 -2.72 -108.91 -24.36
N GLU KC 101 -3.77 -109.54 -23.84
CA GLU KC 101 -3.67 -110.31 -22.62
C GLU KC 101 -3.36 -111.77 -22.89
N GLY KC 102 -4.11 -112.40 -23.78
CA GLY KC 102 -3.89 -113.79 -24.08
C GLY KC 102 -2.78 -114.02 -25.08
N GLY KC 103 -1.54 -113.88 -24.65
CA GLY KC 103 -0.43 -114.11 -25.56
C GLY KC 103 0.88 -113.91 -24.83
N ALA KC 104 1.96 -114.22 -25.54
CA ALA KC 104 3.30 -114.08 -25.01
C ALA KC 104 3.97 -112.79 -25.45
N ASN KC 105 3.22 -111.88 -26.08
CA ASN KC 105 3.81 -110.69 -26.67
C ASN KC 105 2.70 -109.67 -26.85
N GLN KC 106 3.06 -108.39 -26.73
CA GLN KC 106 2.10 -107.33 -26.97
C GLN KC 106 1.92 -107.15 -28.46
N LYS KC 107 0.69 -107.35 -28.95
CA LYS KC 107 0.44 -107.36 -30.37
C LYS KC 107 0.04 -106.00 -30.92
N ILE KC 108 -0.99 -105.38 -30.35
CA ILE KC 108 -1.49 -104.12 -30.86
C ILE KC 108 -1.33 -103.02 -29.84
N GLU KC 109 -1.38 -101.79 -30.33
CA GLU KC 109 -1.27 -100.58 -29.54
C GLU KC 109 -2.07 -99.49 -30.24
N ILE KC 110 -2.70 -98.64 -29.45
CA ILE KC 110 -3.64 -97.65 -30.00
C ILE KC 110 -3.17 -96.27 -29.55
N ILE KC 111 -3.07 -95.36 -30.51
CA ILE KC 111 -2.84 -93.94 -30.24
C ILE KC 111 -4.21 -93.27 -30.25
N PHE KC 112 -4.43 -92.33 -29.34
CA PHE KC 112 -5.69 -91.61 -29.24
C PHE KC 112 -5.48 -90.18 -29.72
N VAL KC 113 -6.25 -89.79 -30.73
CA VAL KC 113 -6.21 -88.45 -31.28
C VAL KC 113 -7.59 -87.84 -31.12
N SER KC 114 -7.63 -86.66 -30.51
CA SER KC 114 -8.86 -86.07 -30.05
C SER KC 114 -9.50 -85.21 -31.12
N LEU KC 115 -10.79 -85.01 -30.97
CA LEU KC 115 -11.54 -84.05 -31.77
C LEU KC 115 -12.44 -83.22 -30.86
N ASP KC 116 -12.07 -83.12 -29.60
CA ASP KC 116 -12.94 -82.57 -28.58
C ASP KC 116 -12.96 -81.04 -28.65
N ARG KC 117 -13.57 -80.40 -27.67
CA ARG KC 117 -13.70 -78.95 -27.69
C ARG KC 117 -12.73 -78.23 -26.78
N ASP KC 118 -12.35 -78.80 -25.64
CA ASP KC 118 -11.40 -78.12 -24.76
C ASP KC 118 -10.60 -79.13 -23.96
N ARG KC 119 -9.67 -78.62 -23.17
CA ARG KC 119 -8.72 -79.45 -22.45
C ARG KC 119 -9.41 -80.30 -21.39
N GLU KC 120 -10.44 -79.75 -20.74
CA GLU KC 120 -11.16 -80.52 -19.74
C GLU KC 120 -11.89 -81.70 -20.38
N ALA KC 121 -12.50 -81.48 -21.54
CA ALA KC 121 -13.16 -82.58 -22.24
C ALA KC 121 -12.15 -83.63 -22.70
N PHE KC 122 -10.98 -83.17 -23.15
CA PHE KC 122 -9.93 -84.12 -23.56
C PHE KC 122 -9.47 -84.95 -22.37
N GLU KC 123 -9.26 -84.33 -21.22
CA GLU KC 123 -8.77 -85.07 -20.06
C GLU KC 123 -9.80 -86.03 -19.53
N SER KC 124 -11.07 -85.61 -19.46
CA SER KC 124 -12.13 -86.49 -18.99
C SER KC 124 -12.35 -87.66 -19.94
N HIS KC 125 -12.24 -87.44 -21.26
CA HIS KC 125 -12.41 -88.54 -22.17
C HIS KC 125 -11.22 -89.48 -22.15
N ARG KC 126 -10.01 -88.94 -22.10
CA ARG KC 126 -8.82 -89.78 -22.19
C ARG KC 126 -8.58 -90.54 -20.91
N ALA KC 127 -9.18 -90.11 -19.79
CA ALA KC 127 -9.05 -90.88 -18.55
C ALA KC 127 -9.66 -92.27 -18.65
N HIS KC 128 -10.61 -92.49 -19.56
CA HIS KC 128 -11.15 -93.82 -19.77
C HIS KC 128 -10.22 -94.72 -20.56
N MET KC 129 -9.17 -94.19 -21.16
CA MET KC 129 -8.44 -95.02 -22.09
C MET KC 129 -7.13 -95.51 -21.49
N PRO KC 130 -6.80 -96.79 -21.70
CA PRO KC 130 -5.52 -97.32 -21.20
C PRO KC 130 -4.37 -97.24 -22.18
N TRP KC 131 -4.63 -96.98 -23.45
CA TRP KC 131 -3.61 -96.88 -24.47
C TRP KC 131 -3.03 -95.48 -24.57
N LEU KC 132 -2.17 -95.25 -25.56
CA LEU KC 132 -1.41 -94.01 -25.60
C LEU KC 132 -2.25 -92.89 -26.21
N SER KC 133 -1.83 -91.65 -26.01
CA SER KC 133 -2.62 -90.53 -26.50
C SER KC 133 -1.71 -89.37 -26.83
N ILE KC 134 -2.22 -88.47 -27.67
CA ILE KC 134 -1.52 -87.24 -28.01
C ILE KC 134 -2.26 -86.08 -27.36
N ASP KC 135 -1.50 -85.17 -26.75
CA ASP KC 135 -2.08 -84.02 -26.09
C ASP KC 135 -2.80 -83.13 -27.10
N LEU KC 136 -3.87 -82.49 -26.65
CA LEU KC 136 -4.72 -81.70 -27.53
C LEU KC 136 -4.01 -80.45 -28.03
N GLU KC 137 -3.32 -79.74 -27.14
CA GLU KC 137 -2.67 -78.50 -27.54
C GLU KC 137 -1.48 -78.73 -28.45
N ASN KC 138 -0.98 -79.96 -28.52
CA ASN KC 138 0.06 -80.29 -29.48
C ASN KC 138 -0.47 -80.09 -30.88
N PRO KC 139 0.31 -79.49 -31.79
CA PRO KC 139 -0.16 -79.35 -33.18
C PRO KC 139 -0.32 -80.67 -33.88
N LEU KC 140 0.37 -81.72 -33.43
CA LEU KC 140 0.40 -83.00 -34.13
C LEU KC 140 -0.99 -83.58 -34.32
N THR KC 141 -1.93 -83.25 -33.44
CA THR KC 141 -3.32 -83.63 -33.68
C THR KC 141 -3.85 -82.99 -34.95
N GLU KC 142 -3.56 -81.71 -35.16
CA GLU KC 142 -4.07 -81.04 -36.34
C GLU KC 142 -3.36 -81.54 -37.60
N ILE KC 143 -2.04 -81.74 -37.53
CA ILE KC 143 -1.36 -82.29 -38.71
C ILE KC 143 -1.83 -83.70 -39.02
N LEU KC 144 -2.05 -84.54 -38.01
CA LEU KC 144 -2.50 -85.90 -38.28
C LEU KC 144 -3.91 -85.92 -38.83
N LYS KC 145 -4.77 -85.01 -38.35
CA LYS KC 145 -6.12 -84.90 -38.90
C LYS KC 145 -6.09 -84.52 -40.36
N ARG KC 146 -5.28 -83.53 -40.72
CA ARG KC 146 -5.21 -83.13 -42.12
C ARG KC 146 -4.51 -84.17 -42.96
N HIS KC 147 -3.64 -84.97 -42.35
CA HIS KC 147 -2.93 -86.00 -43.11
C HIS KC 147 -3.84 -87.15 -43.46
N PHE KC 148 -4.61 -87.63 -42.48
CA PHE KC 148 -5.45 -88.80 -42.70
C PHE KC 148 -6.88 -88.45 -43.06
N ARG KC 149 -7.17 -87.15 -43.22
CA ARG KC 149 -8.45 -86.66 -43.74
C ARG KC 149 -9.63 -87.11 -42.88
N VAL KC 150 -9.51 -86.89 -41.57
CA VAL KC 150 -10.57 -87.18 -40.63
C VAL KC 150 -11.08 -85.87 -40.05
N MET KC 151 -12.35 -85.57 -40.30
CA MET KC 151 -12.96 -84.38 -39.75
C MET KC 151 -14.47 -84.59 -39.75
N LYS KC 152 -15.14 -83.81 -38.90
CA LYS KC 152 -16.59 -83.91 -38.79
C LYS KC 152 -17.32 -82.88 -39.61
N GLU KC 153 -16.72 -81.72 -39.86
CA GLU KC 153 -17.34 -80.69 -40.67
C GLU KC 153 -16.23 -79.92 -41.40
N TYR KC 154 -16.61 -79.31 -42.52
CA TYR KC 154 -15.63 -78.83 -43.49
C TYR KC 154 -15.18 -77.39 -43.22
N GLU KC 155 -14.80 -77.09 -41.99
CA GLU KC 155 -14.08 -75.85 -41.76
C GLU KC 155 -12.63 -75.95 -42.21
N VAL KC 156 -12.08 -77.16 -42.19
CA VAL KC 156 -10.72 -77.39 -42.65
C VAL KC 156 -10.66 -77.25 -44.17
N PRO KC 157 -9.74 -76.47 -44.73
CA PRO KC 157 -9.61 -76.44 -46.19
C PRO KC 157 -8.98 -77.71 -46.72
N THR KC 158 -9.78 -78.58 -47.30
CA THR KC 158 -9.25 -79.73 -48.01
C THR KC 158 -8.87 -79.31 -49.41
N TYR KC 159 -7.75 -79.85 -49.89
CA TYR KC 159 -7.18 -79.40 -51.15
C TYR KC 159 -7.73 -80.20 -52.32
N GLY KC 160 -9.03 -80.06 -52.53
CA GLY KC 160 -9.70 -80.73 -53.61
C GLY KC 160 -9.99 -82.18 -53.37
N TYR KC 161 -9.66 -82.68 -52.19
CA TYR KC 161 -9.82 -84.09 -51.83
C TYR KC 161 -11.19 -84.22 -51.20
N GLY KC 162 -11.43 -85.30 -50.48
CA GLY KC 162 -12.54 -85.36 -49.57
C GLY KC 162 -12.16 -86.04 -48.27
N SER KC 163 -13.13 -86.11 -47.37
CA SER KC 163 -12.93 -86.85 -46.15
C SER KC 163 -12.85 -88.33 -46.45
N ARG KC 164 -11.81 -88.99 -45.95
CA ARG KC 164 -11.80 -90.44 -45.97
C ARG KC 164 -12.91 -90.98 -45.11
N THR KC 165 -13.12 -90.39 -43.95
CA THR KC 165 -14.14 -90.81 -43.01
C THR KC 165 -14.39 -89.69 -42.01
N GLY KC 166 -15.25 -89.96 -41.04
CA GLY KC 166 -15.50 -89.07 -39.95
C GLY KC 166 -15.09 -89.70 -38.63
N VAL KC 167 -15.39 -88.99 -37.57
CA VAL KC 167 -15.20 -89.50 -36.21
C VAL KC 167 -16.27 -90.54 -35.92
N PRO KC 168 -15.98 -91.65 -35.24
CA PRO KC 168 -14.71 -92.22 -34.82
C PRO KC 168 -14.09 -93.01 -35.92
N SER KC 169 -12.77 -93.18 -35.87
CA SER KC 169 -12.13 -93.97 -36.90
C SER KC 169 -10.85 -94.58 -36.37
N VAL KC 170 -10.66 -95.86 -36.63
CA VAL KC 170 -9.39 -96.52 -36.35
C VAL KC 170 -8.68 -96.78 -37.67
N ILE KC 171 -7.44 -96.32 -37.76
CA ILE KC 171 -6.63 -96.44 -38.95
C ILE KC 171 -5.30 -97.06 -38.53
N VAL KC 172 -5.02 -98.26 -39.02
CA VAL KC 172 -3.74 -98.89 -38.73
C VAL KC 172 -2.68 -98.24 -39.60
N ILE KC 173 -1.59 -97.78 -38.98
CA ILE KC 173 -0.60 -96.96 -39.67
C ILE KC 173 0.73 -97.70 -39.70
N GLY KC 174 1.62 -97.21 -40.56
CA GLY KC 174 2.95 -97.75 -40.70
C GLY KC 174 4.01 -96.81 -40.16
N SER KC 175 5.27 -97.22 -40.35
CA SER KC 175 6.38 -96.45 -39.83
C SER KC 175 6.57 -95.15 -40.61
N ASP KC 176 6.33 -95.17 -41.91
CA ASP KC 176 6.51 -94.00 -42.75
C ASP KC 176 5.30 -93.10 -42.75
N GLY KC 177 4.26 -93.44 -42.01
CA GLY KC 177 3.05 -92.65 -41.98
C GLY KC 177 2.00 -93.07 -42.98
N ARG KC 178 2.21 -94.17 -43.69
CA ARG KC 178 1.23 -94.58 -44.68
C ARG KC 178 0.02 -95.22 -44.01
N GLU KC 179 -1.05 -95.31 -44.78
CA GLU KC 179 -2.32 -95.86 -44.32
C GLU KC 179 -2.32 -97.34 -44.68
N ALA KC 180 -2.10 -98.20 -43.68
CA ALA KC 180 -1.96 -99.62 -43.95
C ALA KC 180 -3.30 -100.24 -44.31
N GLN KC 181 -4.27 -100.16 -43.40
CA GLN KC 181 -5.61 -100.61 -43.74
C GLN KC 181 -6.61 -99.78 -42.95
N PHE KC 182 -7.80 -99.68 -43.49
CA PHE KC 182 -8.85 -98.84 -42.93
C PHE KC 182 -9.96 -99.73 -42.38
N LEU KC 183 -10.09 -99.76 -41.07
CA LEU KC 183 -11.12 -100.58 -40.45
C LEU KC 183 -12.44 -99.84 -40.52
N PRO KC 184 -13.43 -100.37 -41.20
CA PRO KC 184 -14.64 -99.59 -41.46
C PRO KC 184 -15.63 -99.52 -40.32
N ILE KC 185 -15.45 -98.59 -39.38
CA ILE KC 185 -16.43 -98.42 -38.32
C ILE KC 185 -17.68 -97.72 -38.85
N CYS KC 186 -17.54 -96.48 -39.29
CA CYS KC 186 -18.62 -95.72 -39.93
C CYS KC 186 -18.06 -95.17 -41.22
N SER KC 187 -18.08 -96.00 -42.25
CA SER KC 187 -17.49 -95.67 -43.54
C SER KC 187 -18.26 -96.43 -44.62
N GLY KC 188 -17.61 -96.64 -45.77
CA GLY KC 188 -18.26 -97.26 -46.91
C GLY KC 188 -18.76 -98.67 -46.68
N LEU KC 189 -18.11 -99.43 -45.81
CA LEU KC 189 -18.60 -100.76 -45.52
C LEU KC 189 -19.59 -100.79 -44.36
N GLU KC 190 -19.42 -99.88 -43.40
CA GLU KC 190 -20.33 -99.68 -42.27
C GLU KC 190 -20.49 -100.98 -41.46
N GLU KC 191 -19.35 -101.49 -41.01
CA GLU KC 191 -19.31 -102.63 -40.12
C GLU KC 191 -19.05 -102.14 -38.71
N GLY KC 192 -20.08 -101.58 -38.09
CA GLY KC 192 -19.92 -101.03 -36.76
C GLY KC 192 -19.66 -102.13 -35.75
N ASP KC 193 -18.60 -101.96 -34.95
CA ASP KC 193 -18.17 -102.79 -33.83
C ASP KC 193 -17.69 -104.17 -34.24
N ARG KC 194 -17.77 -104.54 -35.51
CA ARG KC 194 -17.24 -105.79 -35.99
C ARG KC 194 -16.06 -105.55 -36.93
N ALA KC 195 -15.81 -104.30 -37.31
CA ALA KC 195 -14.67 -103.99 -38.16
C ALA KC 195 -13.34 -104.16 -37.43
N LEU KC 196 -13.37 -104.25 -36.10
CA LEU KC 196 -12.15 -104.51 -35.36
C LEU KC 196 -11.60 -105.90 -35.61
N LEU KC 197 -12.43 -106.82 -36.09
CA LEU KC 197 -11.95 -108.16 -36.43
C LEU KC 197 -11.11 -108.18 -37.69
N ARG KC 198 -11.13 -107.10 -38.47
CA ARG KC 198 -10.41 -107.03 -39.73
C ARG KC 198 -8.94 -106.66 -39.55
N TRP KC 199 -8.50 -106.46 -38.32
CA TRP KC 199 -7.13 -106.05 -38.03
C TRP KC 199 -6.16 -107.18 -38.30
N ASP KC 200 -5.23 -106.99 -39.24
CA ASP KC 200 -4.22 -108.00 -39.55
C ASP KC 200 -2.91 -107.60 -38.90
N TRP KC 201 -2.81 -107.95 -37.62
CA TRP KC 201 -1.67 -107.59 -36.81
C TRP KC 201 -0.42 -108.38 -37.14
N ARG KC 202 -0.51 -109.44 -37.96
CA ARG KC 202 0.72 -110.00 -38.50
C ARG KC 202 1.36 -109.00 -39.45
N ASN KC 203 0.64 -108.68 -40.52
CA ASN KC 203 1.21 -107.98 -41.65
C ASN KC 203 1.23 -106.48 -41.47
N THR KC 204 0.67 -105.96 -40.38
CA THR KC 204 0.82 -104.54 -40.07
C THR KC 204 1.68 -104.42 -38.82
N LYS KC 205 2.98 -104.34 -39.02
CA LYS KC 205 3.93 -104.08 -37.94
C LYS KC 205 4.52 -102.69 -38.10
N PHE KC 206 4.70 -102.00 -36.99
CA PHE KC 206 5.35 -100.70 -36.98
C PHE KC 206 6.85 -100.95 -36.95
N ALA KC 207 7.57 -100.39 -37.90
CA ALA KC 207 9.01 -100.65 -37.98
C ALA KC 207 9.82 -99.38 -37.80
N SER LC 2 -51.42 -28.67 -42.71
CA SER LC 2 -52.52 -28.66 -43.67
C SER LC 2 -53.56 -29.73 -43.43
N GLN LC 3 -53.67 -30.20 -42.19
CA GLN LC 3 -54.74 -31.05 -41.75
C GLN LC 3 -55.31 -30.50 -40.44
N PRO LC 4 -56.63 -30.50 -40.26
CA PRO LC 4 -57.69 -30.92 -41.18
C PRO LC 4 -58.08 -29.82 -42.15
N VAL LC 5 -57.76 -28.58 -41.82
CA VAL LC 5 -58.06 -27.43 -42.66
C VAL LC 5 -56.76 -26.69 -42.92
N PHE LC 6 -56.79 -25.79 -43.89
CA PHE LC 6 -55.60 -24.98 -44.11
C PHE LC 6 -55.62 -23.72 -43.27
N ALA LC 7 -56.76 -23.03 -43.23
CA ALA LC 7 -56.84 -21.72 -42.61
C ALA LC 7 -57.19 -21.83 -41.13
N SER LC 8 -56.23 -22.34 -40.38
CA SER LC 8 -56.42 -22.44 -38.94
C SER LC 8 -55.24 -21.79 -38.24
N PRO LC 9 -55.48 -21.15 -37.09
CA PRO LC 9 -54.41 -20.41 -36.42
C PRO LC 9 -53.23 -21.27 -36.02
N LEU LC 10 -53.51 -22.51 -35.62
CA LEU LC 10 -52.43 -23.42 -35.27
C LEU LC 10 -51.60 -23.75 -36.50
N ASN LC 11 -52.24 -23.91 -37.66
CA ASN LC 11 -51.50 -24.23 -38.87
C ASN LC 11 -50.71 -23.04 -39.38
N VAL LC 12 -51.25 -21.82 -39.27
CA VAL LC 12 -50.47 -20.67 -39.72
C VAL LC 12 -49.27 -20.43 -38.80
N GLU LC 13 -49.44 -20.68 -37.50
CA GLU LC 13 -48.31 -20.57 -36.57
C GLU LC 13 -47.26 -21.63 -36.85
N LYS LC 14 -47.70 -22.87 -37.09
CA LYS LC 14 -46.77 -23.95 -37.40
C LYS LC 14 -46.02 -23.68 -38.68
N ARG LC 15 -46.72 -23.19 -39.70
CA ARG LC 15 -46.07 -22.90 -40.97
C ARG LC 15 -45.11 -21.73 -40.85
N ARG LC 16 -45.42 -20.75 -40.01
CA ARG LC 16 -44.51 -19.63 -39.82
C ARG LC 16 -43.20 -20.09 -39.19
N LEU LC 17 -43.28 -20.82 -38.08
CA LEU LC 17 -42.05 -21.25 -37.41
C LEU LC 17 -41.26 -22.25 -38.25
N ASN LC 18 -41.93 -23.13 -38.96
CA ASN LC 18 -41.17 -24.11 -39.72
C ASN LC 18 -40.60 -23.51 -41.00
N GLU LC 19 -41.27 -22.53 -41.60
CA GLU LC 19 -40.69 -21.77 -42.69
C GLU LC 19 -39.46 -21.01 -42.22
N GLU LC 20 -39.54 -20.44 -41.01
CA GLU LC 20 -38.42 -19.70 -40.44
C GLU LC 20 -37.21 -20.61 -40.21
N ARG LC 21 -37.45 -21.78 -39.63
CA ARG LC 21 -36.37 -22.70 -39.35
C ARG LC 21 -35.75 -23.24 -40.62
N ALA LC 22 -36.57 -23.54 -41.63
CA ALA LC 22 -36.04 -24.01 -42.91
C ALA LC 22 -35.18 -22.95 -43.58
N LEU LC 23 -35.64 -21.69 -43.55
CA LEU LC 23 -34.83 -20.60 -44.11
C LEU LC 23 -33.53 -20.43 -43.35
N MET LC 24 -33.57 -20.54 -42.02
CA MET LC 24 -32.37 -20.33 -41.22
C MET LC 24 -31.33 -21.41 -41.50
N GLN LC 25 -31.75 -22.68 -41.53
CA GLN LC 25 -30.77 -23.72 -41.76
C GLN LC 25 -30.33 -23.75 -43.21
N ALA LC 26 -31.16 -23.28 -44.13
CA ALA LC 26 -30.70 -23.15 -45.52
C ALA LC 26 -29.68 -22.04 -45.65
N GLN LC 27 -29.87 -20.93 -44.93
CA GLN LC 27 -28.91 -19.84 -44.97
C GLN LC 27 -27.58 -20.24 -44.35
N LYS LC 28 -27.62 -21.05 -43.29
CA LYS LC 28 -26.39 -21.62 -42.76
C LYS LC 28 -25.74 -22.56 -43.77
N ALA LC 29 -26.55 -23.36 -44.46
CA ALA LC 29 -26.03 -24.24 -45.49
C ALA LC 29 -25.90 -23.51 -46.80
N ASN LC 35 -29.95 -27.18 -51.55
CA ASN LC 35 -30.61 -28.47 -51.66
C ASN LC 35 -31.64 -28.63 -50.54
N ILE LC 36 -32.40 -27.56 -50.30
CA ILE LC 36 -33.41 -27.51 -49.25
C ILE LC 36 -34.73 -27.14 -49.89
N GLN LC 37 -35.77 -27.92 -49.61
CA GLN LC 37 -37.08 -27.70 -50.22
C GLN LC 37 -37.77 -26.55 -49.52
N LEU LC 38 -37.79 -25.38 -50.17
CA LEU LC 38 -38.46 -24.21 -49.63
C LEU LC 38 -39.71 -23.95 -50.44
N PRO LC 39 -40.90 -23.92 -49.84
CA PRO LC 39 -41.25 -24.10 -48.43
C PRO LC 39 -41.22 -25.56 -48.04
N PRO LC 40 -41.03 -25.86 -46.75
CA PRO LC 40 -40.89 -27.25 -46.33
C PRO LC 40 -42.17 -28.03 -46.53
N ASN LC 41 -42.02 -29.33 -46.70
CA ASN LC 41 -43.18 -30.19 -46.86
C ASN LC 41 -43.95 -30.29 -45.55
N TYR LC 42 -45.26 -30.48 -45.68
CA TYR LC 42 -46.11 -30.53 -44.50
C TYR LC 42 -45.80 -31.72 -43.62
N GLY LC 43 -45.34 -32.82 -44.20
CA GLY LC 43 -44.90 -33.94 -43.39
C GLY LC 43 -43.66 -33.62 -42.58
N ASP LC 44 -42.74 -32.87 -43.16
CA ASP LC 44 -41.50 -32.55 -42.47
C ASP LC 44 -41.66 -31.43 -41.47
N MET LC 45 -42.75 -30.67 -41.53
CA MET LC 45 -43.00 -29.67 -40.50
C MET LC 45 -43.23 -30.32 -39.14
N ASP LC 46 -42.69 -29.69 -38.09
CA ASP LC 46 -42.77 -30.22 -36.73
C ASP LC 46 -43.45 -29.23 -35.78
N LEU LC 47 -44.42 -29.74 -35.03
CA LEU LC 47 -45.26 -28.93 -34.16
C LEU LC 47 -45.27 -29.46 -32.74
N ILE LC 48 -45.27 -28.55 -31.79
CA ILE LC 48 -45.53 -28.85 -30.40
C ILE LC 48 -46.95 -28.38 -30.10
N LEU LC 49 -47.83 -29.32 -29.74
CA LEU LC 49 -49.26 -29.02 -29.71
C LEU LC 49 -49.65 -28.33 -28.42
N PHE LC 50 -49.51 -29.03 -27.31
CA PHE LC 50 -49.82 -28.46 -26.03
C PHE LC 50 -48.54 -27.87 -25.46
N PRO LC 51 -48.50 -26.58 -25.17
CA PRO LC 51 -47.27 -25.98 -24.66
C PRO LC 51 -46.90 -26.44 -23.27
N GLU LC 52 -45.86 -25.84 -22.70
CA GLU LC 52 -45.25 -26.38 -21.50
C GLU LC 52 -46.20 -26.35 -20.31
N GLY LC 53 -47.13 -25.41 -20.27
CA GLY LC 53 -47.95 -25.29 -19.09
C GLY LC 53 -49.44 -25.26 -19.34
N SER LC 54 -49.89 -25.85 -20.44
CA SER LC 54 -51.29 -25.75 -20.81
C SER LC 54 -52.15 -26.81 -20.17
N LEU LC 55 -51.66 -28.04 -20.06
CA LEU LC 55 -52.43 -29.14 -19.51
C LEU LC 55 -52.34 -29.19 -18.00
N LYS LC 56 -53.36 -29.77 -17.38
CA LYS LC 56 -53.33 -30.05 -15.95
C LYS LC 56 -54.31 -31.17 -15.65
N ASN LC 57 -53.96 -31.99 -14.65
CA ASN LC 57 -54.79 -33.11 -14.26
C ASN LC 57 -55.85 -32.64 -13.27
N SER LC 58 -56.53 -33.59 -12.63
CA SER LC 58 -57.59 -33.23 -11.70
C SER LC 58 -57.06 -32.69 -10.38
N ASN LC 59 -55.77 -32.86 -10.11
CA ASN LC 59 -55.15 -32.27 -8.93
C ASN LC 59 -54.57 -30.89 -9.20
N ASN LC 60 -54.79 -30.36 -10.41
CA ASN LC 60 -54.29 -29.05 -10.82
C ASN LC 60 -52.78 -28.95 -10.72
N THR LC 61 -52.09 -29.95 -11.24
CA THR LC 61 -50.67 -29.85 -11.50
C THR LC 61 -50.40 -30.12 -12.96
N VAL LC 62 -49.42 -29.41 -13.52
CA VAL LC 62 -49.17 -29.46 -14.96
C VAL LC 62 -48.52 -30.78 -15.32
N ILE LC 63 -48.93 -31.34 -16.46
CA ILE LC 63 -48.20 -32.45 -17.04
C ILE LC 63 -47.65 -31.99 -18.39
N PRO LC 64 -46.46 -32.44 -18.79
CA PRO LC 64 -45.95 -32.08 -20.10
C PRO LC 64 -46.70 -32.83 -21.19
N GLN LC 65 -46.55 -32.34 -22.41
CA GLN LC 65 -47.13 -32.99 -23.58
C GLN LC 65 -46.55 -34.37 -23.81
N SER LC 66 -45.30 -34.58 -23.40
CA SER LC 66 -44.63 -35.85 -23.62
C SER LC 66 -45.19 -36.96 -22.76
N HIS LC 67 -45.95 -36.63 -21.72
CA HIS LC 67 -46.54 -37.66 -20.89
C HIS LC 67 -47.63 -38.42 -21.63
N LEU LC 68 -48.20 -37.84 -22.67
CA LEU LC 68 -49.30 -38.46 -23.40
C LEU LC 68 -48.85 -39.53 -24.37
N LYS LC 69 -47.62 -40.02 -24.28
CA LYS LC 69 -47.15 -41.00 -25.24
C LYS LC 69 -47.68 -42.37 -24.89
N GLY LC 70 -48.21 -43.06 -25.89
CA GLY LC 70 -48.78 -44.37 -25.69
C GLY LC 70 -50.22 -44.41 -25.26
N LYS LC 71 -50.93 -43.29 -25.36
CA LYS LC 71 -52.33 -43.20 -24.97
C LYS LC 71 -53.12 -42.58 -26.10
N SER LC 72 -54.32 -43.09 -26.34
CA SER LC 72 -55.23 -42.48 -27.30
C SER LC 72 -55.80 -41.23 -26.67
N VAL LC 73 -55.36 -40.06 -27.13
CA VAL LC 73 -55.76 -38.80 -26.53
C VAL LC 73 -56.90 -38.22 -27.35
N ALA LC 74 -58.01 -37.93 -26.68
CA ALA LC 74 -59.19 -37.42 -27.35
C ALA LC 74 -59.57 -36.07 -26.79
N LEU LC 75 -59.77 -35.10 -27.66
CA LEU LC 75 -60.29 -33.81 -27.27
C LEU LC 75 -61.79 -33.93 -27.06
N TYR LC 76 -62.29 -33.27 -26.03
CA TYR LC 76 -63.69 -33.33 -25.64
C TYR LC 76 -64.15 -31.89 -25.48
N PHE LC 77 -64.82 -31.38 -26.51
CA PHE LC 77 -65.36 -30.04 -26.48
C PHE LC 77 -66.73 -30.08 -25.83
N ALA LC 78 -66.89 -29.39 -24.70
CA ALA LC 78 -68.12 -29.48 -23.94
C ALA LC 78 -68.54 -28.12 -23.43
N ASP LC 79 -69.84 -27.90 -23.39
CA ASP LC 79 -70.43 -26.74 -22.74
C ASP LC 79 -71.25 -27.22 -21.55
N GLY LC 80 -71.12 -26.50 -20.44
CA GLY LC 80 -71.72 -26.97 -19.20
C GLY LC 80 -73.23 -26.92 -19.22
N ALA LC 81 -73.79 -25.77 -19.57
CA ALA LC 81 -75.24 -25.60 -19.51
C ALA LC 81 -75.96 -26.33 -20.63
N ASP LC 82 -75.26 -26.88 -21.59
CA ASP LC 82 -75.88 -27.61 -22.67
C ASP LC 82 -76.48 -28.90 -22.14
N PRO LC 83 -77.79 -29.13 -22.32
CA PRO LC 83 -78.38 -30.39 -21.89
C PRO LC 83 -77.75 -31.59 -22.55
N LYS LC 84 -77.27 -31.43 -23.77
CA LYS LC 84 -76.74 -32.56 -24.51
C LYS LC 84 -75.42 -33.02 -23.91
N CYS LC 85 -74.55 -32.08 -23.53
CA CYS LC 85 -73.30 -32.44 -22.88
C CYS LC 85 -73.56 -32.96 -21.49
N ALA LC 86 -74.55 -32.39 -20.80
CA ALA LC 86 -74.92 -32.90 -19.49
C ALA LC 86 -75.39 -34.35 -19.56
N SER LC 87 -76.05 -34.71 -20.66
CA SER LC 87 -76.46 -36.09 -20.86
C SER LC 87 -75.31 -36.99 -21.30
N LEU LC 88 -74.35 -36.47 -22.07
CA LEU LC 88 -73.27 -37.31 -22.55
C LEU LC 88 -72.24 -37.64 -21.47
N LEU LC 89 -71.97 -36.71 -20.55
CA LEU LC 89 -70.90 -36.89 -19.57
C LEU LC 89 -70.95 -38.19 -18.75
N PRO LC 90 -72.09 -38.69 -18.24
CA PRO LC 90 -72.04 -39.95 -17.48
C PRO LC 90 -71.52 -41.14 -18.27
N PHE LC 91 -71.94 -41.26 -19.53
CA PHE LC 91 -71.48 -42.38 -20.35
C PHE LC 91 -69.99 -42.30 -20.60
N LEU LC 92 -69.46 -41.08 -20.73
CA LEU LC 92 -68.04 -40.93 -20.98
C LEU LC 92 -67.23 -41.22 -19.73
N LEU LC 93 -67.76 -40.86 -18.56
CA LEU LC 93 -67.13 -41.27 -17.31
C LEU LC 93 -67.08 -42.78 -17.19
N ASN LC 94 -68.17 -43.45 -17.57
CA ASN LC 94 -68.22 -44.90 -17.50
C ASN LC 94 -67.29 -45.54 -18.52
N TYR LC 95 -67.13 -44.93 -19.69
CA TYR LC 95 -66.20 -45.45 -20.67
C TYR LC 95 -64.77 -45.34 -20.17
N TYR LC 96 -64.41 -44.19 -19.58
CA TYR LC 96 -63.09 -44.00 -19.01
C TYR LC 96 -62.83 -45.01 -17.91
N ARG LC 97 -63.78 -45.14 -16.98
CA ARG LC 97 -63.83 -46.20 -15.97
C ARG LC 97 -63.42 -47.53 -16.52
N THR LC 98 -64.23 -48.05 -17.43
CA THR LC 98 -64.11 -49.44 -17.85
C THR LC 98 -62.85 -49.68 -18.64
N MET LC 99 -62.59 -48.82 -19.63
CA MET LC 99 -61.47 -49.11 -20.52
C MET LC 99 -60.13 -48.86 -19.86
N ASN LC 100 -60.02 -47.90 -18.95
CA ASN LC 100 -58.71 -47.79 -18.33
C ASN LC 100 -58.55 -48.61 -17.06
N GLU LC 101 -59.63 -49.21 -16.54
CA GLU LC 101 -59.43 -50.09 -15.40
C GLU LC 101 -59.27 -51.56 -15.78
N GLY LC 102 -59.88 -52.01 -16.87
CA GLY LC 102 -59.70 -53.39 -17.25
C GLY LC 102 -58.50 -53.62 -18.15
N GLY LC 103 -57.29 -53.59 -17.60
CA GLY LC 103 -56.13 -53.83 -18.43
C GLY LC 103 -54.85 -53.64 -17.66
N ALA LC 104 -53.74 -53.73 -18.40
CA ALA LC 104 -52.42 -53.65 -17.80
C ALA LC 104 -51.86 -52.24 -17.81
N ASN LC 105 -52.05 -51.48 -18.88
CA ASN LC 105 -51.61 -50.11 -18.97
C ASN LC 105 -52.79 -49.22 -19.32
N GLN LC 106 -52.57 -47.91 -19.20
CA GLN LC 106 -53.60 -46.95 -19.53
C GLN LC 106 -53.74 -46.83 -21.04
N LYS LC 107 -54.98 -46.89 -21.53
CA LYS LC 107 -55.25 -46.97 -22.95
C LYS LC 107 -55.70 -45.64 -23.55
N ILE LC 108 -56.67 -44.98 -22.94
CA ILE LC 108 -57.19 -43.72 -23.46
C ILE LC 108 -57.02 -42.62 -22.43
N GLU LC 109 -57.04 -41.38 -22.92
CA GLU LC 109 -56.91 -40.21 -22.07
C GLU LC 109 -57.64 -39.06 -22.74
N ILE LC 110 -58.27 -38.20 -21.93
CA ILE LC 110 -59.20 -37.21 -22.44
C ILE LC 110 -58.73 -35.83 -22.03
N ILE LC 111 -58.73 -34.89 -22.98
CA ILE LC 111 -58.54 -33.47 -22.73
C ILE LC 111 -59.90 -32.81 -22.78
N PHE LC 112 -60.17 -31.94 -21.82
CA PHE LC 112 -61.43 -31.21 -21.77
C PHE LC 112 -61.21 -29.77 -22.22
N VAL LC 113 -61.97 -29.34 -23.22
CA VAL LC 113 -61.92 -27.97 -23.72
C VAL LC 113 -63.30 -27.35 -23.52
N SER LC 114 -63.31 -26.21 -22.84
CA SER LC 114 -64.54 -25.57 -22.43
C SER LC 114 -65.11 -24.71 -23.53
N LEU LC 115 -66.44 -24.73 -23.65
CA LEU LC 115 -67.18 -23.75 -24.41
C LEU LC 115 -68.06 -22.89 -23.49
N ASP LC 116 -67.72 -22.85 -22.20
CA ASP LC 116 -68.59 -22.24 -21.21
C ASP LC 116 -68.54 -20.71 -21.32
N ARG LC 117 -69.18 -20.03 -20.38
CA ARG LC 117 -69.29 -18.59 -20.44
C ARG LC 117 -68.35 -17.85 -19.50
N ASP LC 118 -68.01 -18.41 -18.34
CA ASP LC 118 -67.12 -17.70 -17.43
C ASP LC 118 -66.42 -18.69 -16.49
N ARG LC 119 -65.62 -18.13 -15.59
CA ARG LC 119 -64.62 -18.91 -14.86
C ARG LC 119 -65.26 -19.85 -13.86
N GLU LC 120 -66.26 -19.39 -13.11
CA GLU LC 120 -66.85 -20.29 -12.12
C GLU LC 120 -67.67 -21.39 -12.79
N ALA LC 121 -68.24 -21.11 -13.97
CA ALA LC 121 -68.89 -22.17 -14.73
C ALA LC 121 -67.88 -23.20 -15.19
N PHE LC 122 -66.69 -22.75 -15.62
CA PHE LC 122 -65.66 -23.69 -16.03
C PHE LC 122 -65.18 -24.53 -14.86
N GLU LC 123 -64.98 -23.91 -13.70
CA GLU LC 123 -64.52 -24.65 -12.54
C GLU LC 123 -65.56 -25.67 -12.07
N SER LC 124 -66.83 -25.25 -12.02
CA SER LC 124 -67.89 -26.16 -11.60
C SER LC 124 -68.06 -27.32 -12.57
N HIS LC 125 -67.86 -27.09 -13.86
CA HIS LC 125 -67.99 -28.19 -14.80
C HIS LC 125 -66.78 -29.11 -14.76
N ARG LC 126 -65.59 -28.55 -14.57
CA ARG LC 126 -64.39 -29.36 -14.64
C ARG LC 126 -64.21 -30.18 -13.37
N ALA LC 127 -64.83 -29.77 -12.26
CA ALA LC 127 -64.74 -30.54 -11.04
C ALA LC 127 -65.36 -31.93 -11.17
N HIS LC 128 -66.27 -32.13 -12.10
CA HIS LC 128 -66.87 -33.44 -12.31
C HIS LC 128 -66.00 -34.37 -13.15
N MET LC 129 -64.89 -33.89 -13.68
CA MET LC 129 -64.13 -34.61 -14.70
C MET LC 129 -62.77 -35.03 -14.18
N PRO LC 130 -62.42 -36.32 -14.26
CA PRO LC 130 -61.10 -36.76 -13.80
C PRO LC 130 -60.00 -36.70 -14.84
N TRP LC 131 -60.32 -36.37 -16.08
CA TRP LC 131 -59.33 -36.34 -17.12
C TRP LC 131 -58.65 -34.98 -17.17
N LEU LC 132 -57.70 -34.81 -18.09
CA LEU LC 132 -56.96 -33.56 -18.14
C LEU LC 132 -57.82 -32.47 -18.74
N SER LC 133 -57.47 -31.22 -18.47
CA SER LC 133 -58.27 -30.12 -18.96
C SER LC 133 -57.38 -28.95 -19.32
N ILE LC 134 -57.87 -28.10 -20.22
CA ILE LC 134 -57.17 -26.87 -20.60
C ILE LC 134 -57.92 -25.70 -19.97
N ASP LC 135 -57.16 -24.79 -19.37
CA ASP LC 135 -57.74 -23.62 -18.71
C ASP LC 135 -58.48 -22.74 -19.71
N LEU LC 136 -59.51 -22.07 -19.23
CA LEU LC 136 -60.42 -21.33 -20.10
C LEU LC 136 -59.76 -20.09 -20.68
N GLU LC 137 -59.06 -19.32 -19.86
CA GLU LC 137 -58.44 -18.09 -20.32
C GLU LC 137 -57.24 -18.33 -21.21
N ASN LC 138 -56.76 -19.56 -21.31
CA ASN LC 138 -55.66 -19.88 -22.18
C ASN LC 138 -56.07 -19.65 -23.64
N PRO LC 139 -55.18 -19.09 -24.47
CA PRO LC 139 -55.52 -18.93 -25.88
C PRO LC 139 -55.62 -20.24 -26.64
N LEU LC 140 -55.09 -21.33 -26.09
CA LEU LC 140 -55.17 -22.62 -26.76
C LEU LC 140 -56.60 -23.11 -26.89
N THR LC 141 -57.50 -22.70 -26.00
CA THR LC 141 -58.89 -23.09 -26.12
C THR LC 141 -59.49 -22.55 -27.40
N GLU LC 142 -59.36 -21.25 -27.63
CA GLU LC 142 -59.87 -20.65 -28.85
C GLU LC 142 -59.13 -21.19 -30.07
N ILE LC 143 -57.82 -21.41 -29.94
CA ILE LC 143 -57.03 -21.93 -31.06
C ILE LC 143 -57.53 -23.30 -31.48
N LEU LC 144 -57.79 -24.18 -30.51
CA LEU LC 144 -58.25 -25.52 -30.82
C LEU LC 144 -59.68 -25.52 -31.34
N LYS LC 145 -60.52 -24.62 -30.85
CA LYS LC 145 -61.86 -24.47 -31.41
C LYS LC 145 -61.80 -24.10 -32.89
N ARG LC 146 -60.94 -23.14 -33.23
CA ARG LC 146 -60.75 -22.77 -34.62
C ARG LC 146 -60.20 -23.93 -35.43
N HIS LC 147 -59.24 -24.65 -34.86
CA HIS LC 147 -58.51 -25.67 -35.61
C HIS LC 147 -59.41 -26.85 -35.96
N PHE LC 148 -60.20 -27.31 -35.01
CA PHE LC 148 -61.08 -28.43 -35.26
C PHE LC 148 -62.47 -28.01 -35.68
N ARG LC 149 -62.69 -26.70 -35.83
CA ARG LC 149 -63.93 -26.14 -36.36
C ARG LC 149 -65.15 -26.50 -35.52
N VAL LC 150 -64.95 -26.66 -34.22
CA VAL LC 150 -66.05 -26.87 -33.30
C VAL LC 150 -66.60 -25.51 -32.88
N MET LC 151 -67.92 -25.37 -32.97
CA MET LC 151 -68.55 -24.10 -32.65
C MET LC 151 -70.02 -24.33 -32.39
N LYS LC 152 -70.54 -23.65 -31.38
CA LYS LC 152 -71.95 -23.78 -31.05
C LYS LC 152 -72.82 -23.01 -32.04
N GLU LC 153 -72.42 -21.79 -32.39
CA GLU LC 153 -73.15 -20.97 -33.35
C GLU LC 153 -72.19 -19.97 -33.97
N TYR LC 154 -72.46 -19.64 -35.23
CA TYR LC 154 -71.55 -18.87 -36.07
C TYR LC 154 -71.47 -17.44 -35.59
N GLU LC 155 -70.36 -17.08 -34.94
CA GLU LC 155 -69.95 -15.70 -34.82
C GLU LC 155 -68.51 -15.62 -35.27
N VAL LC 156 -67.80 -16.72 -35.06
CA VAL LC 156 -66.40 -16.85 -35.49
C VAL LC 156 -66.34 -16.81 -37.01
N PRO LC 157 -65.47 -16.00 -37.60
CA PRO LC 157 -65.33 -16.04 -39.06
C PRO LC 157 -64.64 -17.32 -39.51
N THR LC 158 -65.39 -18.25 -40.05
CA THR LC 158 -64.77 -19.41 -40.70
C THR LC 158 -64.40 -19.03 -42.12
N TYR LC 159 -63.22 -19.44 -42.53
CA TYR LC 159 -62.65 -18.95 -43.79
C TYR LC 159 -63.13 -19.81 -44.96
N GLY LC 160 -64.43 -19.78 -45.17
CA GLY LC 160 -65.04 -20.47 -46.27
C GLY LC 160 -65.42 -21.89 -45.98
N TYR LC 161 -64.90 -22.47 -44.90
CA TYR LC 161 -65.30 -23.79 -44.47
C TYR LC 161 -66.64 -23.69 -43.76
N GLY LC 162 -67.01 -24.75 -43.07
CA GLY LC 162 -68.14 -24.65 -42.19
C GLY LC 162 -67.82 -25.16 -40.81
N SER LC 163 -68.76 -25.87 -40.21
CA SER LC 163 -68.59 -26.42 -38.87
C SER LC 163 -68.56 -27.92 -39.00
N ARG LC 164 -67.50 -28.54 -38.48
CA ARG LC 164 -67.42 -29.99 -38.50
C ARG LC 164 -68.41 -30.61 -37.53
N THR LC 165 -68.66 -29.95 -36.41
CA THR LC 165 -69.45 -30.53 -35.35
C THR LC 165 -69.98 -29.42 -34.47
N GLY LC 166 -70.88 -29.78 -33.58
CA GLY LC 166 -71.35 -28.85 -32.59
C GLY LC 166 -70.77 -29.22 -31.24
N VAL LC 167 -71.57 -29.09 -30.20
CA VAL LC 167 -71.11 -29.40 -28.85
C VAL LC 167 -72.12 -30.39 -28.26
N PRO LC 168 -71.70 -31.46 -27.59
CA PRO LC 168 -70.35 -31.92 -27.31
C PRO LC 168 -69.75 -32.63 -28.48
N SER LC 169 -68.43 -32.73 -28.48
CA SER LC 169 -67.79 -33.53 -29.51
C SER LC 169 -66.55 -34.18 -28.93
N VAL LC 170 -66.27 -35.39 -29.37
CA VAL LC 170 -64.99 -36.03 -29.05
C VAL LC 170 -64.28 -36.32 -30.35
N ILE LC 171 -63.03 -35.88 -30.42
CA ILE LC 171 -62.18 -36.11 -31.58
C ILE LC 171 -60.86 -36.68 -31.09
N VAL LC 172 -60.54 -37.89 -31.51
CA VAL LC 172 -59.24 -38.42 -31.16
C VAL LC 172 -58.20 -37.79 -32.07
N ILE LC 173 -57.04 -37.47 -31.51
CA ILE LC 173 -56.06 -36.64 -32.19
C ILE LC 173 -54.73 -37.39 -32.26
N GLY LC 174 -53.84 -36.86 -33.08
CA GLY LC 174 -52.48 -37.35 -33.18
C GLY LC 174 -51.49 -36.33 -32.66
N SER LC 175 -50.22 -36.71 -32.72
CA SER LC 175 -49.17 -35.87 -32.17
C SER LC 175 -48.95 -34.62 -32.99
N ASP LC 176 -49.21 -34.68 -34.30
CA ASP LC 176 -49.00 -33.54 -35.16
C ASP LC 176 -50.21 -32.60 -35.20
N GLY LC 177 -51.31 -32.96 -34.56
CA GLY LC 177 -52.45 -32.09 -34.49
C GLY LC 177 -53.59 -32.44 -35.42
N ARG LC 178 -53.52 -33.55 -36.13
CA ARG LC 178 -54.59 -33.93 -37.05
C ARG LC 178 -55.73 -34.56 -36.28
N GLU LC 179 -56.69 -35.13 -36.99
CA GLU LC 179 -57.74 -35.94 -36.38
C GLU LC 179 -57.66 -37.34 -36.98
N ALA LC 180 -57.69 -38.33 -36.11
CA ALA LC 180 -57.69 -39.71 -36.57
C ALA LC 180 -59.08 -40.28 -36.70
N GLN LC 181 -60.01 -39.81 -35.88
CA GLN LC 181 -61.38 -40.25 -35.92
C GLN LC 181 -62.23 -39.20 -35.25
N PHE LC 182 -63.41 -38.98 -35.81
CA PHE LC 182 -64.34 -38.03 -35.25
C PHE LC 182 -65.57 -38.84 -34.87
N LEU LC 183 -65.70 -39.12 -33.59
CA LEU LC 183 -66.70 -40.05 -33.11
C LEU LC 183 -68.09 -39.41 -33.20
N PRO LC 184 -69.03 -40.02 -33.88
CA PRO LC 184 -70.31 -39.40 -34.22
C PRO LC 184 -71.33 -39.29 -33.09
N ILE LC 185 -71.20 -38.24 -32.27
CA ILE LC 185 -72.17 -38.03 -31.20
C ILE LC 185 -73.38 -37.25 -31.71
N CYS LC 186 -73.15 -36.06 -32.24
CA CYS LC 186 -74.18 -35.30 -32.96
C CYS LC 186 -73.52 -34.79 -34.23
N SER LC 187 -73.63 -35.58 -35.29
CA SER LC 187 -72.88 -35.43 -36.52
C SER LC 187 -73.73 -35.96 -37.65
N GLY LC 188 -73.07 -36.33 -38.75
CA GLY LC 188 -73.77 -36.99 -39.84
C GLY LC 188 -74.42 -38.31 -39.44
N LEU LC 189 -73.85 -39.01 -38.47
CA LEU LC 189 -74.41 -40.29 -38.06
C LEU LC 189 -75.35 -40.20 -36.87
N GLU LC 190 -75.19 -39.19 -36.02
CA GLU LC 190 -76.11 -38.87 -34.93
C GLU LC 190 -76.30 -40.01 -33.95
N GLU LC 191 -75.28 -40.86 -33.76
CA GLU LC 191 -75.41 -42.00 -32.86
C GLU LC 191 -74.75 -41.62 -31.54
N GLY LC 192 -75.46 -40.81 -30.77
CA GLY LC 192 -74.93 -40.39 -29.49
C GLY LC 192 -74.93 -41.52 -28.48
N ASP LC 193 -73.95 -41.48 -27.58
CA ASP LC 193 -73.73 -42.38 -26.46
C ASP LC 193 -73.37 -43.80 -26.87
N ARG LC 194 -73.42 -44.12 -28.16
CA ARG LC 194 -72.89 -45.34 -28.70
C ARG LC 194 -71.75 -45.05 -29.66
N ALA LC 195 -71.45 -43.77 -29.89
CA ALA LC 195 -70.29 -43.41 -30.69
C ALA LC 195 -68.99 -43.71 -29.99
N LEU LC 196 -69.01 -43.81 -28.66
CA LEU LC 196 -67.79 -44.08 -27.93
C LEU LC 196 -67.28 -45.48 -28.18
N LEU LC 197 -68.15 -46.39 -28.63
CA LEU LC 197 -67.69 -47.74 -28.92
C LEU LC 197 -66.83 -47.81 -30.16
N ARG LC 198 -66.83 -46.79 -30.99
CA ARG LC 198 -66.09 -46.81 -32.24
C ARG LC 198 -64.66 -46.32 -32.10
N TRP LC 199 -64.21 -46.03 -30.88
CA TRP LC 199 -62.87 -45.55 -30.63
C TRP LC 199 -61.86 -46.66 -30.91
N ASP LC 200 -60.97 -46.46 -31.90
CA ASP LC 200 -59.97 -47.46 -32.24
C ASP LC 200 -58.65 -47.10 -31.55
N TRP LC 201 -58.61 -47.38 -30.26
CA TRP LC 201 -57.49 -47.04 -29.43
C TRP LC 201 -56.24 -47.84 -29.71
N ARG LC 202 -56.32 -48.92 -30.49
CA ARG LC 202 -55.10 -49.61 -30.84
C ARG LC 202 -54.36 -48.86 -31.94
N ASN LC 203 -55.08 -48.42 -32.96
CA ASN LC 203 -54.47 -47.78 -34.11
C ASN LC 203 -54.49 -46.26 -34.02
N THR LC 204 -54.97 -45.69 -32.91
CA THR LC 204 -54.83 -44.26 -32.68
C THR LC 204 -54.02 -44.05 -31.41
N LYS LC 205 -52.72 -43.82 -31.57
CA LYS LC 205 -51.85 -43.58 -30.42
C LYS LC 205 -51.11 -42.26 -30.60
N PHE LC 206 -50.95 -41.54 -29.49
CA PHE LC 206 -50.27 -40.25 -29.48
C PHE LC 206 -48.77 -40.47 -29.41
N ALA LC 207 -48.15 -40.63 -30.56
CA ALA LC 207 -46.72 -40.89 -30.60
C ALA LC 207 -45.96 -39.60 -30.84
N SER MC 2 1.51 -108.05 -18.22
CA SER MC 2 0.17 -108.42 -18.63
C SER MC 2 -0.39 -109.58 -17.83
N GLN MC 3 -0.40 -109.43 -16.51
CA GLN MC 3 -0.92 -110.45 -15.64
C GLN MC 3 -1.12 -109.71 -14.32
N PRO MC 4 -2.33 -109.70 -13.75
CA PRO MC 4 -3.58 -110.34 -14.19
C PRO MC 4 -4.32 -109.54 -15.22
N VAL MC 5 -4.03 -108.24 -15.30
CA VAL MC 5 -4.72 -107.32 -16.18
C VAL MC 5 -3.68 -106.56 -16.98
N PHE MC 6 -4.00 -106.30 -18.25
CA PHE MC 6 -3.06 -105.58 -19.10
C PHE MC 6 -2.98 -104.12 -18.70
N ALA MC 7 -4.10 -103.54 -18.29
CA ALA MC 7 -4.19 -102.11 -18.02
C ALA MC 7 -4.08 -101.87 -16.52
N SER MC 8 -2.86 -101.94 -16.02
CA SER MC 8 -2.59 -101.55 -14.64
C SER MC 8 -1.32 -100.73 -14.59
N PRO MC 9 -1.20 -99.81 -13.62
CA PRO MC 9 0.00 -98.96 -13.58
C PRO MC 9 1.31 -99.70 -13.37
N LEU MC 10 1.34 -100.75 -12.54
CA LEU MC 10 2.55 -101.56 -12.42
C LEU MC 10 2.92 -102.21 -13.75
N ASN MC 11 1.93 -102.70 -14.50
CA ASN MC 11 2.26 -103.37 -15.74
C ASN MC 11 2.70 -102.38 -16.82
N VAL MC 12 2.12 -101.19 -16.87
CA VAL MC 12 2.60 -100.26 -17.89
C VAL MC 12 3.97 -99.70 -17.53
N GLU MC 13 4.24 -99.50 -16.23
CA GLU MC 13 5.57 -99.08 -15.80
C GLU MC 13 6.60 -100.16 -16.10
N LYS MC 14 6.24 -101.41 -15.83
CA LYS MC 14 7.11 -102.55 -16.12
C LYS MC 14 7.37 -102.68 -17.61
N ARG MC 15 6.33 -102.50 -18.42
CA ARG MC 15 6.49 -102.59 -19.86
C ARG MC 15 7.44 -101.53 -20.36
N ARG MC 16 7.26 -100.28 -19.89
CA ARG MC 16 8.13 -99.20 -20.36
C ARG MC 16 9.58 -99.43 -19.97
N LEU MC 17 9.84 -99.80 -18.71
CA LEU MC 17 11.22 -100.06 -18.30
C LEU MC 17 11.83 -101.24 -19.04
N ASN MC 18 11.07 -102.31 -19.24
CA ASN MC 18 11.67 -103.51 -19.78
C ASN MC 18 11.96 -103.37 -21.26
N GLU MC 19 11.07 -102.75 -22.04
CA GLU MC 19 11.47 -102.51 -23.42
C GLU MC 19 12.38 -101.30 -23.58
N GLU MC 20 12.50 -100.45 -22.55
CA GLU MC 20 13.62 -99.50 -22.54
C GLU MC 20 14.95 -100.22 -22.48
N ARG MC 21 15.06 -101.19 -21.56
CA ARG MC 21 16.27 -101.99 -21.45
C ARG MC 21 16.51 -102.80 -22.71
N ALA MC 22 15.43 -103.33 -23.30
CA ALA MC 22 15.54 -104.11 -24.53
C ALA MC 22 16.09 -103.28 -25.68
N LEU MC 23 15.56 -102.06 -25.86
CA LEU MC 23 16.07 -101.20 -26.93
C LEU MC 23 17.49 -100.77 -26.65
N MET MC 24 17.83 -100.49 -25.38
CA MET MC 24 19.17 -100.05 -25.05
C MET MC 24 20.20 -101.12 -25.37
N GLN MC 25 19.92 -102.36 -24.97
CA GLN MC 25 20.90 -103.41 -25.23
C GLN MC 25 20.87 -103.83 -26.70
N ALA MC 26 19.74 -103.66 -27.39
CA ALA MC 26 19.72 -103.93 -28.82
C ALA MC 26 20.57 -102.93 -29.59
N GLN MC 27 20.49 -101.65 -29.23
CA GLN MC 27 21.36 -100.65 -29.85
C GLN MC 27 22.81 -100.86 -29.46
N LYS MC 28 23.06 -101.32 -28.23
CA LYS MC 28 24.44 -101.58 -27.81
C LYS MC 28 25.04 -102.74 -28.58
N ALA MC 29 24.26 -103.77 -28.85
CA ALA MC 29 24.73 -104.86 -29.69
C ALA MC 29 24.82 -104.40 -31.14
N ASN MC 35 18.49 -109.60 -34.07
CA ASN MC 35 18.18 -110.97 -33.72
C ASN MC 35 17.70 -111.05 -32.28
N ILE MC 36 17.15 -109.93 -31.79
CA ILE MC 36 16.62 -109.83 -30.45
C ILE MC 36 15.15 -109.46 -30.54
N GLN MC 37 14.30 -110.19 -29.84
CA GLN MC 37 12.87 -110.08 -30.01
C GLN MC 37 12.35 -108.80 -29.36
N LEU MC 38 11.57 -108.03 -30.11
CA LEU MC 38 10.95 -106.81 -29.65
C LEU MC 38 9.48 -106.78 -30.03
N PRO MC 39 8.59 -106.40 -29.11
CA PRO MC 39 8.79 -106.09 -27.69
C PRO MC 39 8.95 -107.34 -26.88
N PRO MC 40 9.65 -107.28 -25.75
CA PRO MC 40 10.03 -108.51 -25.05
C PRO MC 40 8.82 -109.26 -24.51
N ASN MC 41 8.96 -110.57 -24.42
CA ASN MC 41 7.89 -111.41 -23.91
C ASN MC 41 7.65 -111.13 -22.44
N TYR MC 42 6.40 -111.33 -22.02
CA TYR MC 42 6.04 -111.10 -20.62
C TYR MC 42 6.78 -112.04 -19.68
N GLY MC 43 7.09 -113.25 -20.14
CA GLY MC 43 7.92 -114.13 -19.35
C GLY MC 43 9.33 -113.59 -19.17
N ASP MC 44 9.88 -112.98 -20.21
CA ASP MC 44 11.19 -112.37 -20.11
C ASP MC 44 11.17 -111.06 -19.32
N MET MC 45 9.99 -110.47 -19.14
CA MET MC 45 9.89 -109.24 -18.37
C MET MC 45 10.19 -109.48 -16.89
N ASP MC 46 10.89 -108.53 -16.28
CA ASP MC 46 11.26 -108.60 -14.87
C ASP MC 46 11.11 -107.22 -14.24
N LEU MC 47 10.66 -107.19 -12.99
CA LEU MC 47 10.51 -105.94 -12.27
C LEU MC 47 10.90 -106.14 -10.82
N ILE MC 48 10.91 -105.04 -10.07
CA ILE MC 48 10.93 -105.07 -8.61
C ILE MC 48 9.58 -104.56 -8.13
N LEU MC 49 8.90 -105.38 -7.34
CA LEU MC 49 7.55 -105.02 -6.92
C LEU MC 49 7.55 -103.94 -5.85
N PHE MC 50 8.41 -104.09 -4.86
CA PHE MC 50 8.50 -103.13 -3.77
C PHE MC 50 9.83 -102.41 -3.85
N PRO MC 51 9.86 -101.09 -4.00
CA PRO MC 51 11.12 -100.35 -3.95
C PRO MC 51 11.79 -100.39 -2.59
N GLU MC 52 12.92 -99.68 -2.46
CA GLU MC 52 13.77 -99.83 -1.29
C GLU MC 52 13.09 -99.37 -0.01
N GLY MC 53 12.22 -98.38 -0.09
CA GLY MC 53 11.66 -97.80 1.12
C GLY MC 53 10.20 -98.09 1.37
N SER MC 54 9.67 -99.15 0.77
CA SER MC 54 8.23 -99.38 0.85
C SER MC 54 7.83 -100.05 2.16
N LEU MC 55 8.30 -101.27 2.38
CA LEU MC 55 7.81 -102.09 3.47
C LEU MC 55 8.45 -101.70 4.78
N LYS MC 56 7.64 -101.54 5.82
CA LYS MC 56 8.15 -101.33 7.17
C LYS MC 56 7.39 -102.21 8.15
N ASN MC 57 8.11 -102.77 9.12
CA ASN MC 57 7.56 -103.74 10.03
C ASN MC 57 6.97 -103.05 11.27
N SER MC 58 6.70 -103.84 12.31
CA SER MC 58 6.02 -103.32 13.49
C SER MC 58 6.89 -102.39 14.33
N ASN MC 59 8.20 -102.38 14.10
CA ASN MC 59 9.10 -101.46 14.78
C ASN MC 59 9.44 -100.25 13.93
N ASN MC 60 8.71 -100.04 12.83
CA ASN MC 60 8.93 -98.94 11.89
C ASN MC 60 10.34 -98.96 11.32
N THR MC 61 10.85 -100.15 11.03
CA THR MC 61 12.15 -100.33 10.40
C THR MC 61 11.95 -100.91 9.01
N VAL MC 62 12.50 -100.22 8.00
CA VAL MC 62 12.30 -100.63 6.62
C VAL MC 62 13.03 -101.93 6.34
N ILE MC 63 12.41 -102.81 5.57
CA ILE MC 63 13.05 -104.05 5.17
C ILE MC 63 13.03 -104.14 3.65
N PRO MC 64 14.03 -104.74 3.04
CA PRO MC 64 14.05 -104.85 1.58
C PRO MC 64 13.10 -105.93 1.09
N GLN MC 65 12.90 -105.94 -0.23
CA GLN MC 65 12.14 -106.99 -0.87
C GLN MC 65 12.86 -108.32 -0.82
N SER MC 66 14.18 -108.31 -0.69
CA SER MC 66 14.96 -109.52 -0.61
C SER MC 66 14.72 -110.30 0.67
N HIS MC 67 14.11 -109.68 1.67
CA HIS MC 67 13.78 -110.38 2.90
C HIS MC 67 12.57 -111.29 2.77
N LEU MC 68 11.82 -111.21 1.68
CA LEU MC 68 10.59 -111.96 1.52
C LEU MC 68 10.78 -113.24 0.74
N LYS MC 69 12.01 -113.63 0.47
CA LYS MC 69 12.25 -114.87 -0.26
C LYS MC 69 12.00 -116.07 0.65
N GLY MC 70 11.36 -117.10 0.10
CA GLY MC 70 11.07 -118.28 0.87
C GLY MC 70 9.83 -118.18 1.75
N LYS MC 71 9.01 -117.18 1.52
CA LYS MC 71 7.84 -116.92 2.33
C LYS MC 71 6.61 -117.06 1.45
N SER MC 72 5.46 -117.22 2.07
CA SER MC 72 4.20 -117.10 1.36
C SER MC 72 3.62 -115.73 1.72
N VAL MC 73 3.69 -114.80 0.80
CA VAL MC 73 3.34 -113.42 1.08
C VAL MC 73 1.97 -113.12 0.51
N ALA MC 74 1.16 -112.40 1.29
CA ALA MC 74 -0.19 -112.04 0.89
C ALA MC 74 -0.45 -110.57 1.17
N LEU MC 75 -1.04 -109.89 0.20
CA LEU MC 75 -1.48 -108.52 0.39
C LEU MC 75 -2.85 -108.53 1.06
N TYR MC 76 -3.01 -107.68 2.06
CA TYR MC 76 -4.25 -107.56 2.82
C TYR MC 76 -4.76 -106.14 2.62
N PHE MC 77 -5.71 -105.97 1.72
CA PHE MC 77 -6.38 -104.68 1.54
C PHE MC 77 -7.43 -104.56 2.63
N ALA MC 78 -7.28 -103.54 3.47
CA ALA MC 78 -8.15 -103.41 4.63
C ALA MC 78 -8.56 -101.95 4.84
N ASP MC 79 -9.73 -101.76 5.42
CA ASP MC 79 -10.23 -100.47 5.82
C ASP MC 79 -10.50 -100.49 7.31
N GLY MC 80 -10.12 -99.41 8.00
CA GLY MC 80 -10.24 -99.38 9.44
C GLY MC 80 -11.68 -99.37 9.92
N ALA MC 81 -12.54 -98.62 9.24
CA ALA MC 81 -13.89 -98.39 9.72
C ALA MC 81 -14.91 -99.39 9.17
N ASP MC 82 -14.50 -100.28 8.27
CA ASP MC 82 -15.45 -101.22 7.69
C ASP MC 82 -15.71 -102.35 8.68
N PRO MC 83 -16.98 -102.61 9.04
CA PRO MC 83 -17.27 -103.71 9.97
C PRO MC 83 -16.90 -105.07 9.44
N LYS MC 84 -16.89 -105.27 8.12
CA LYS MC 84 -16.45 -106.53 7.56
C LYS MC 84 -14.96 -106.77 7.83
N CYS MC 85 -14.14 -105.72 7.67
CA CYS MC 85 -12.73 -105.83 8.02
C CYS MC 85 -12.55 -106.02 9.51
N ALA MC 86 -13.38 -105.34 10.32
CA ALA MC 86 -13.31 -105.51 11.76
C ALA MC 86 -13.64 -106.94 12.16
N SER MC 87 -14.53 -107.60 11.43
CA SER MC 87 -14.82 -109.00 11.70
C SER MC 87 -13.69 -109.91 11.22
N LEU MC 88 -13.08 -109.60 10.08
CA LEU MC 88 -12.07 -110.51 9.52
C LEU MC 88 -10.75 -110.43 10.27
N LEU MC 89 -10.44 -109.29 10.89
CA LEU MC 89 -9.10 -109.08 11.47
C LEU MC 89 -8.70 -110.07 12.56
N PRO MC 90 -9.52 -110.39 13.59
CA PRO MC 90 -9.03 -111.32 14.61
C PRO MC 90 -8.74 -112.72 14.11
N PHE MC 91 -9.52 -113.20 13.14
CA PHE MC 91 -9.26 -114.51 12.58
C PHE MC 91 -7.96 -114.53 11.78
N LEU MC 92 -7.68 -113.42 11.09
CA LEU MC 92 -6.41 -113.30 10.36
C LEU MC 92 -5.23 -113.25 11.32
N LEU MC 93 -5.37 -112.54 12.43
CA LEU MC 93 -4.35 -112.54 13.48
C LEU MC 93 -4.10 -113.94 14.01
N ASN MC 94 -5.17 -114.67 14.29
CA ASN MC 94 -5.03 -116.01 14.86
C ASN MC 94 -4.39 -116.97 13.86
N TYR MC 95 -4.77 -116.86 12.59
CA TYR MC 95 -4.21 -117.76 11.59
C TYR MC 95 -2.72 -117.52 11.42
N TYR MC 96 -2.34 -116.24 11.30
CA TYR MC 96 -0.94 -115.87 11.17
C TYR MC 96 -0.14 -116.36 12.37
N ARG MC 97 -0.62 -116.02 13.57
CA ARG MC 97 -0.17 -116.52 14.86
C ARG MC 97 0.18 -117.98 14.88
N THR MC 98 -0.82 -118.84 14.74
CA THR MC 98 -0.55 -120.23 15.06
C THR MC 98 0.08 -120.98 13.90
N MET MC 99 -0.33 -120.72 12.65
CA MET MC 99 0.25 -121.52 11.59
C MET MC 99 1.64 -121.02 11.25
N ASN MC 100 2.02 -119.82 11.71
CA ASN MC 100 3.41 -119.43 11.56
C ASN MC 100 4.24 -119.78 12.78
N GLU MC 101 3.63 -119.83 13.97
CA GLU MC 101 4.40 -120.13 15.18
C GLU MC 101 4.73 -121.60 15.28
N GLY MC 102 3.80 -122.47 14.88
CA GLY MC 102 4.05 -123.88 15.03
C GLY MC 102 4.98 -124.45 13.98
N GLY MC 103 6.27 -124.15 14.07
CA GLY MC 103 7.22 -124.70 13.12
C GLY MC 103 8.62 -124.19 13.42
N ALA MC 104 9.59 -124.76 12.71
CA ALA MC 104 10.98 -124.35 12.80
C ALA MC 104 11.36 -123.39 11.70
N ASN MC 105 10.37 -122.79 11.06
CA ASN MC 105 10.59 -121.88 9.95
C ASN MC 105 9.38 -120.95 9.90
N GLN MC 106 9.52 -119.82 9.24
CA GLN MC 106 8.51 -118.78 9.31
C GLN MC 106 7.79 -118.80 7.96
N LYS MC 107 6.52 -119.24 7.98
CA LYS MC 107 5.82 -119.66 6.76
C LYS MC 107 5.35 -118.47 5.94
N ILE MC 108 4.46 -117.65 6.49
CA ILE MC 108 3.75 -116.65 5.71
C ILE MC 108 4.20 -115.26 6.13
N GLU MC 109 3.77 -114.28 5.36
CA GLU MC 109 4.02 -112.88 5.65
C GLU MC 109 2.89 -112.09 5.02
N ILE MC 110 2.39 -111.09 5.73
CA ILE MC 110 1.23 -110.31 5.27
C ILE MC 110 1.63 -108.85 5.15
N ILE MC 111 1.38 -108.27 3.99
CA ILE MC 111 1.66 -106.86 3.73
C ILE MC 111 0.34 -106.12 3.69
N PHE MC 112 0.21 -105.11 4.54
CA PHE MC 112 -1.04 -104.40 4.75
C PHE MC 112 -1.12 -103.19 3.84
N VAL MC 113 -2.20 -103.12 3.07
CA VAL MC 113 -2.48 -102.01 2.17
C VAL MC 113 -3.77 -101.34 2.64
N SER MC 114 -3.69 -100.05 2.92
CA SER MC 114 -4.75 -99.32 3.57
C SER MC 114 -5.75 -98.76 2.57
N LEU MC 115 -7.00 -98.67 3.00
CA LEU MC 115 -8.01 -97.89 2.30
C LEU MC 115 -8.69 -96.91 3.25
N ASP MC 116 -8.00 -96.50 4.30
CA ASP MC 116 -8.63 -95.72 5.36
C ASP MC 116 -8.84 -94.27 4.92
N ARG MC 117 -9.46 -93.50 5.81
CA ARG MC 117 -9.79 -92.11 5.50
C ARG MC 117 -8.54 -91.23 5.49
N ASP MC 118 -7.70 -91.36 6.51
CA ASP MC 118 -6.61 -90.42 6.68
C ASP MC 118 -5.46 -91.06 7.46
N ARG MC 119 -4.43 -90.26 7.71
CA ARG MC 119 -3.22 -90.75 8.35
C ARG MC 119 -3.48 -91.21 9.78
N GLU MC 120 -4.29 -90.47 10.53
CA GLU MC 120 -4.56 -90.83 11.92
C GLU MC 120 -5.25 -92.18 12.02
N ALA MC 121 -6.27 -92.39 11.17
CA ALA MC 121 -6.96 -93.68 11.16
C ALA MC 121 -6.06 -94.79 10.66
N PHE MC 122 -5.19 -94.49 9.68
CA PHE MC 122 -4.27 -95.50 9.17
C PHE MC 122 -3.31 -95.97 10.24
N GLU MC 123 -2.71 -95.05 10.98
CA GLU MC 123 -1.75 -95.48 12.00
C GLU MC 123 -2.44 -96.10 13.19
N SER MC 124 -3.67 -95.65 13.51
CA SER MC 124 -4.42 -96.28 14.59
C SER MC 124 -4.79 -97.71 14.24
N HIS MC 125 -5.17 -97.98 12.99
CA HIS MC 125 -5.46 -99.35 12.61
C HIS MC 125 -4.19 -100.18 12.46
N ARG MC 126 -3.10 -99.57 12.03
CA ARG MC 126 -1.85 -100.31 11.86
C ARG MC 126 -1.20 -100.66 13.19
N ALA MC 127 -1.52 -99.93 14.25
CA ALA MC 127 -1.00 -100.28 15.57
C ALA MC 127 -1.53 -101.61 16.08
N HIS MC 128 -2.69 -102.06 15.60
CA HIS MC 128 -3.28 -103.34 16.00
C HIS MC 128 -2.71 -104.51 15.22
N MET MC 129 -1.53 -104.37 14.65
CA MET MC 129 -1.16 -105.29 13.59
C MET MC 129 0.32 -105.64 13.59
N PRO MC 130 0.67 -106.92 13.55
CA PRO MC 130 2.08 -107.32 13.69
C PRO MC 130 2.86 -107.49 12.40
N TRP MC 131 2.22 -107.55 11.24
CA TRP MC 131 2.92 -107.85 10.01
C TRP MC 131 3.26 -106.57 9.27
N LEU MC 132 3.77 -106.69 8.04
CA LEU MC 132 4.31 -105.52 7.37
C LEU MC 132 3.19 -104.64 6.84
N SER MC 133 3.54 -103.41 6.47
CA SER MC 133 2.56 -102.49 5.94
C SER MC 133 3.23 -101.50 4.99
N ILE MC 134 2.43 -100.91 4.13
CA ILE MC 134 2.90 -99.84 3.26
C ILE MC 134 2.22 -98.54 3.68
N ASP MC 135 3.00 -97.47 3.74
CA ASP MC 135 2.48 -96.19 4.20
C ASP MC 135 1.47 -95.62 3.22
N LEU MC 136 0.46 -94.91 3.77
CA LEU MC 136 -0.68 -94.47 2.97
C LEU MC 136 -0.29 -93.39 1.98
N GLU MC 137 0.63 -92.50 2.37
CA GLU MC 137 1.05 -91.44 1.44
C GLU MC 137 1.85 -91.98 0.28
N ASN MC 138 2.47 -93.13 0.43
CA ASN MC 138 3.36 -93.69 -0.57
C ASN MC 138 2.45 -94.11 -1.73
N PRO MC 139 2.76 -93.74 -2.96
CA PRO MC 139 1.85 -94.03 -4.08
C PRO MC 139 1.71 -95.51 -4.41
N LEU MC 140 2.57 -96.37 -3.86
CA LEU MC 140 2.49 -97.79 -4.15
C LEU MC 140 1.18 -98.40 -3.68
N THR MC 141 0.55 -97.84 -2.65
CA THR MC 141 -0.73 -98.37 -2.21
C THR MC 141 -1.80 -98.17 -3.28
N GLU MC 142 -1.88 -96.96 -3.83
CA GLU MC 142 -2.84 -96.70 -4.89
C GLU MC 142 -2.52 -97.51 -6.13
N ILE MC 143 -1.23 -97.62 -6.47
CA ILE MC 143 -0.84 -98.38 -7.65
C ILE MC 143 -1.19 -99.86 -7.50
N LEU MC 144 -1.00 -100.42 -6.30
CA LEU MC 144 -1.37 -101.81 -6.05
C LEU MC 144 -2.88 -101.99 -6.08
N LYS MC 145 -3.62 -101.01 -5.59
CA LYS MC 145 -5.08 -101.08 -5.63
C LYS MC 145 -5.58 -101.13 -7.06
N ARG MC 146 -5.03 -100.29 -7.93
CA ARG MC 146 -5.38 -100.36 -9.35
C ARG MC 146 -4.89 -101.65 -10.00
N HIS MC 147 -3.74 -102.15 -9.57
CA HIS MC 147 -3.19 -103.35 -10.18
C HIS MC 147 -4.05 -104.57 -9.89
N PHE MC 148 -4.49 -104.74 -8.65
CA PHE MC 148 -5.26 -105.90 -8.28
C PHE MC 148 -6.76 -105.65 -8.27
N ARG MC 149 -7.21 -104.46 -8.68
CA ARG MC 149 -8.61 -104.17 -8.95
C ARG MC 149 -9.49 -104.34 -7.71
N VAL MC 150 -9.04 -103.83 -6.59
CA VAL MC 150 -9.85 -103.75 -5.39
C VAL MC 150 -10.30 -102.31 -5.22
N MET MC 151 -11.59 -102.13 -4.92
CA MET MC 151 -12.13 -100.80 -4.68
C MET MC 151 -13.41 -100.94 -3.87
N LYS MC 152 -13.58 -100.04 -2.90
CA LYS MC 152 -14.79 -100.09 -2.10
C LYS MC 152 -15.99 -99.55 -2.85
N GLU MC 153 -15.75 -98.74 -3.88
CA GLU MC 153 -16.79 -98.20 -4.74
C GLU MC 153 -16.08 -97.81 -6.03
N TYR MC 154 -16.84 -97.61 -7.09
CA TYR MC 154 -16.24 -97.17 -8.34
C TYR MC 154 -15.97 -95.67 -8.25
N GLU MC 155 -14.80 -95.30 -7.73
CA GLU MC 155 -14.34 -93.91 -7.86
C GLU MC 155 -13.26 -93.78 -8.93
N VAL MC 156 -12.17 -94.53 -8.82
CA VAL MC 156 -11.06 -94.38 -9.74
C VAL MC 156 -11.37 -95.23 -10.97
N PRO MC 157 -11.27 -94.69 -12.18
CA PRO MC 157 -11.84 -95.39 -13.34
C PRO MC 157 -11.04 -96.59 -13.80
N THR MC 158 -11.56 -97.77 -13.50
CA THR MC 158 -11.15 -98.96 -14.22
C THR MC 158 -11.65 -98.88 -15.65
N TYR MC 159 -10.95 -99.56 -16.54
CA TYR MC 159 -11.12 -99.29 -17.97
C TYR MC 159 -12.14 -100.22 -18.62
N GLY MC 160 -13.34 -100.24 -18.07
CA GLY MC 160 -14.39 -101.05 -18.65
C GLY MC 160 -14.36 -102.49 -18.23
N TYR MC 161 -13.79 -102.77 -17.06
CA TYR MC 161 -13.69 -104.09 -16.49
C TYR MC 161 -14.25 -104.06 -15.09
N GLY MC 162 -14.48 -105.24 -14.52
CA GLY MC 162 -15.09 -105.31 -13.21
C GLY MC 162 -14.11 -104.98 -12.11
N SER MC 163 -14.64 -104.97 -10.89
CA SER MC 163 -13.81 -104.96 -9.70
C SER MC 163 -13.59 -106.41 -9.30
N ARG MC 164 -12.35 -106.76 -8.98
CA ARG MC 164 -12.04 -108.12 -8.59
C ARG MC 164 -12.73 -108.48 -7.28
N THR MC 165 -12.78 -107.53 -6.35
CA THR MC 165 -13.30 -107.79 -5.02
C THR MC 165 -13.63 -106.47 -4.36
N GLY MC 166 -14.01 -106.55 -3.09
CA GLY MC 166 -14.18 -105.38 -2.26
C GLY MC 166 -13.36 -105.50 -1.00
N VAL MC 167 -13.15 -104.39 -0.31
CA VAL MC 167 -12.44 -104.43 0.97
C VAL MC 167 -13.30 -105.15 1.99
N PRO MC 168 -12.75 -106.04 2.83
CA PRO MC 168 -11.40 -106.58 2.97
C PRO MC 168 -11.06 -107.64 1.94
N SER MC 169 -9.77 -107.80 1.67
CA SER MC 169 -9.38 -108.86 0.74
C SER MC 169 -7.96 -109.32 1.05
N VAL MC 170 -7.74 -110.62 0.95
CA VAL MC 170 -6.42 -111.22 1.10
C VAL MC 170 -6.08 -111.88 -0.22
N ILE MC 171 -4.99 -111.45 -0.84
CA ILE MC 171 -4.59 -111.94 -2.15
C ILE MC 171 -3.15 -112.41 -2.05
N VAL MC 172 -2.92 -113.69 -2.32
CA VAL MC 172 -1.57 -114.21 -2.36
C VAL MC 172 -0.92 -113.77 -3.65
N ILE MC 173 0.25 -113.18 -3.56
CA ILE MC 173 0.89 -112.55 -4.71
C ILE MC 173 2.16 -113.31 -5.05
N GLY MC 174 2.61 -113.11 -6.29
CA GLY MC 174 3.86 -113.66 -6.78
C GLY MC 174 4.95 -112.60 -6.85
N SER MC 175 6.09 -113.04 -7.38
CA SER MC 175 7.22 -112.14 -7.51
C SER MC 175 7.05 -111.13 -8.63
N ASP MC 176 6.15 -111.38 -9.57
CA ASP MC 176 5.95 -110.51 -10.71
C ASP MC 176 4.58 -109.84 -10.70
N GLY MC 177 3.98 -109.68 -9.53
CA GLY MC 177 2.64 -109.17 -9.46
C GLY MC 177 1.57 -110.16 -9.87
N ARG MC 178 1.93 -111.43 -10.06
CA ARG MC 178 0.96 -112.43 -10.45
C ARG MC 178 0.11 -112.82 -9.26
N GLU MC 179 -1.21 -112.82 -9.47
CA GLU MC 179 -2.14 -113.23 -8.44
C GLU MC 179 -2.04 -114.73 -8.26
N ALA MC 180 -1.36 -115.16 -7.20
CA ALA MC 180 -1.13 -116.58 -6.99
C ALA MC 180 -2.44 -117.31 -6.73
N GLN MC 181 -3.23 -116.83 -5.77
CA GLN MC 181 -4.59 -117.30 -5.59
C GLN MC 181 -5.37 -116.24 -4.83
N PHE MC 182 -6.67 -116.21 -5.06
CA PHE MC 182 -7.56 -115.29 -4.40
C PHE MC 182 -8.27 -116.01 -3.27
N LEU MC 183 -8.10 -115.53 -2.05
CA LEU MC 183 -8.80 -116.11 -0.92
C LEU MC 183 -10.23 -115.60 -0.91
N PRO MC 184 -11.23 -116.46 -1.02
CA PRO MC 184 -12.62 -116.00 -1.16
C PRO MC 184 -13.25 -115.52 0.14
N ILE MC 185 -12.85 -114.34 0.59
CA ILE MC 185 -13.42 -113.76 1.80
C ILE MC 185 -14.81 -113.22 1.52
N CYS MC 186 -14.90 -112.24 0.61
CA CYS MC 186 -16.18 -111.69 0.15
C CYS MC 186 -16.13 -111.70 -1.36
N SER MC 187 -16.48 -112.83 -1.95
CA SER MC 187 -16.45 -113.04 -3.40
C SER MC 187 -17.53 -114.05 -3.73
N GLY MC 188 -17.40 -114.70 -4.89
CA GLY MC 188 -18.41 -115.64 -5.33
C GLY MC 188 -18.58 -116.82 -4.40
N LEU MC 189 -17.49 -117.29 -3.80
CA LEU MC 189 -17.62 -118.40 -2.86
C LEU MC 189 -18.21 -117.93 -1.53
N GLU MC 190 -17.79 -116.76 -1.06
CA GLU MC 190 -18.27 -116.13 0.17
C GLU MC 190 -18.03 -117.06 1.37
N GLU MC 191 -16.76 -117.38 1.59
CA GLU MC 191 -16.36 -118.15 2.76
C GLU MC 191 -15.78 -117.17 3.78
N GLY MC 192 -16.67 -116.45 4.44
CA GLY MC 192 -16.26 -115.44 5.40
C GLY MC 192 -15.55 -116.03 6.59
N ASP MC 193 -14.31 -115.58 6.82
CA ASP MC 193 -13.43 -115.93 7.94
C ASP MC 193 -12.95 -117.38 7.88
N ARG MC 194 -13.42 -118.18 6.94
CA ARG MC 194 -13.02 -119.56 6.80
C ARG MC 194 -12.22 -119.80 5.53
N ALA MC 195 -12.20 -118.83 4.62
CA ALA MC 195 -11.41 -118.96 3.41
C ALA MC 195 -9.91 -118.87 3.66
N LEU MC 196 -9.50 -118.47 4.85
CA LEU MC 196 -8.09 -118.44 5.17
C LEU MC 196 -7.50 -119.84 5.18
N LEU MC 197 -8.30 -120.85 5.50
CA LEU MC 197 -7.81 -122.22 5.49
C LEU MC 197 -7.50 -122.70 4.08
N ARG MC 198 -8.04 -122.06 3.06
CA ARG MC 198 -7.74 -122.41 1.69
C ARG MC 198 -6.34 -121.99 1.26
N TRP MC 199 -5.64 -121.21 2.08
CA TRP MC 199 -4.30 -120.74 1.75
C TRP MC 199 -3.34 -121.92 1.69
N ASP MC 200 -2.71 -122.11 0.53
CA ASP MC 200 -1.66 -123.11 0.39
C ASP MC 200 -0.31 -122.40 0.32
N TRP MC 201 0.49 -122.60 1.34
CA TRP MC 201 1.77 -121.91 1.46
C TRP MC 201 2.90 -122.69 0.85
N ARG MC 202 2.63 -123.90 0.34
CA ARG MC 202 3.69 -124.66 -0.29
C ARG MC 202 4.04 -124.05 -1.64
N ASN MC 203 3.06 -123.99 -2.53
CA ASN MC 203 3.28 -123.72 -3.94
C ASN MC 203 3.35 -122.24 -4.25
N THR MC 204 3.03 -121.38 -3.30
CA THR MC 204 3.09 -119.93 -3.48
C THR MC 204 4.21 -119.40 -2.61
N LYS MC 205 5.43 -119.42 -3.15
CA LYS MC 205 6.59 -118.89 -2.47
C LYS MC 205 7.08 -117.66 -3.23
N PHE MC 206 7.30 -116.57 -2.51
CA PHE MC 206 7.80 -115.36 -3.12
C PHE MC 206 9.26 -115.53 -3.50
N ALA MC 207 9.52 -115.94 -4.74
CA ALA MC 207 10.89 -116.16 -5.18
C ALA MC 207 11.22 -115.29 -6.37
N SER NC 2 -54.02 -47.77 -10.97
CA SER NC 2 -55.43 -47.97 -11.23
C SER NC 2 -56.03 -49.13 -10.47
N GLN NC 3 -56.04 -49.01 -9.14
CA GLN NC 3 -56.67 -49.94 -8.23
C GLN NC 3 -56.81 -49.25 -6.88
N PRO NC 4 -57.97 -49.26 -6.23
CA PRO NC 4 -59.23 -49.92 -6.56
C PRO NC 4 -60.03 -49.16 -7.59
N VAL NC 5 -59.68 -47.89 -7.78
CA VAL NC 5 -60.34 -47.03 -8.73
C VAL NC 5 -59.27 -46.37 -9.58
N PHE NC 6 -59.69 -45.84 -10.73
CA PHE NC 6 -58.77 -45.11 -11.58
C PHE NC 6 -58.62 -43.67 -11.12
N ALA NC 7 -59.73 -43.04 -10.80
CA ALA NC 7 -59.75 -41.61 -10.55
C ALA NC 7 -59.69 -41.36 -9.06
N SER NC 8 -58.51 -41.56 -8.49
CA SER NC 8 -58.27 -41.18 -7.12
C SER NC 8 -56.98 -40.39 -7.04
N PRO NC 9 -56.90 -39.45 -6.10
CA PRO NC 9 -55.73 -38.56 -6.05
C PRO NC 9 -54.39 -39.25 -5.82
N LEU NC 10 -54.33 -40.29 -5.00
CA LEU NC 10 -53.09 -41.06 -4.88
C LEU NC 10 -52.72 -41.69 -6.21
N ASN NC 11 -53.70 -42.20 -6.96
CA ASN NC 11 -53.36 -42.83 -8.22
C ASN NC 11 -52.98 -41.82 -9.30
N VAL NC 12 -53.55 -40.63 -9.28
CA VAL NC 12 -53.13 -39.66 -10.29
C VAL NC 12 -51.73 -39.13 -9.97
N GLU NC 13 -51.39 -38.94 -8.69
CA GLU NC 13 -50.03 -38.58 -8.34
C GLU NC 13 -49.06 -39.72 -8.65
N LYS NC 14 -49.51 -40.96 -8.41
CA LYS NC 14 -48.69 -42.13 -8.70
C LYS NC 14 -48.39 -42.24 -10.17
N ARG NC 15 -49.40 -42.04 -11.01
CA ARG NC 15 -49.18 -42.13 -12.44
C ARG NC 15 -48.26 -41.03 -12.93
N ARG NC 16 -48.50 -39.79 -12.46
CA ARG NC 16 -47.65 -38.68 -12.87
C ARG NC 16 -46.19 -38.92 -12.50
N LEU NC 17 -45.93 -39.31 -11.26
CA LEU NC 17 -44.56 -39.51 -10.80
C LEU NC 17 -43.89 -40.69 -11.49
N ASN NC 18 -44.59 -41.83 -11.62
CA ASN NC 18 -43.96 -43.00 -12.20
C ASN NC 18 -43.66 -42.81 -13.68
N GLU NC 19 -44.57 -42.22 -14.45
CA GLU NC 19 -44.11 -42.06 -15.82
C GLU NC 19 -43.24 -40.84 -16.01
N GLU NC 20 -43.16 -39.92 -15.05
CA GLU NC 20 -42.08 -38.94 -15.09
C GLU NC 20 -40.73 -39.63 -15.00
N ARG NC 21 -40.61 -40.58 -14.07
CA ARG NC 21 -39.40 -41.39 -13.96
C ARG NC 21 -39.17 -42.22 -15.21
N ALA NC 22 -40.24 -42.76 -15.80
CA ALA NC 22 -40.11 -43.61 -16.98
C ALA NC 22 -39.57 -42.83 -18.16
N LEU NC 23 -40.09 -41.63 -18.41
CA LEU NC 23 -39.51 -40.79 -19.46
C LEU NC 23 -38.09 -40.35 -19.16
N MET NC 24 -37.78 -40.04 -17.90
CA MET NC 24 -36.39 -39.66 -17.59
C MET NC 24 -35.42 -40.78 -17.93
N GLN NC 25 -35.70 -42.00 -17.46
CA GLN NC 25 -34.74 -43.05 -17.75
C GLN NC 25 -34.81 -43.53 -19.19
N ALA NC 26 -35.94 -43.34 -19.88
CA ALA NC 26 -35.99 -43.65 -21.30
C ALA NC 26 -35.12 -42.68 -22.10
N GLN NC 27 -35.14 -41.40 -21.75
CA GLN NC 27 -34.25 -40.46 -22.41
C GLN NC 27 -32.81 -40.72 -22.05
N LYS NC 28 -32.56 -41.13 -20.80
CA LYS NC 28 -31.18 -41.39 -20.37
C LYS NC 28 -30.60 -42.61 -21.08
N ALA NC 29 -31.42 -43.61 -21.36
CA ALA NC 29 -30.98 -44.74 -22.14
C ALA NC 29 -30.79 -44.34 -23.61
N ASN NC 35 -37.54 -49.09 -26.44
CA ASN NC 35 -37.54 -50.46 -25.92
C ASN NC 35 -38.19 -50.52 -24.55
N ILE NC 36 -38.37 -49.36 -23.94
CA ILE NC 36 -39.02 -49.25 -22.64
C ILE NC 36 -40.49 -48.98 -22.87
N GLN NC 37 -41.35 -49.73 -22.20
CA GLN NC 37 -42.78 -49.66 -22.43
C GLN NC 37 -43.34 -48.41 -21.74
N LEU NC 38 -43.89 -47.49 -22.53
CA LEU NC 38 -44.56 -46.31 -22.02
C LEU NC 38 -46.01 -46.36 -22.44
N PRO NC 39 -46.97 -46.07 -21.55
CA PRO NC 39 -46.84 -45.77 -20.12
C PRO NC 39 -46.61 -47.03 -19.32
N PRO NC 40 -45.90 -46.92 -18.20
CA PRO NC 40 -45.55 -48.12 -17.43
C PRO NC 40 -46.80 -48.80 -16.90
N ASN NC 41 -46.73 -50.13 -16.84
CA ASN NC 41 -47.86 -50.91 -16.38
C ASN NC 41 -48.15 -50.61 -14.91
N TYR NC 42 -49.42 -50.81 -14.55
CA TYR NC 42 -49.83 -50.63 -13.17
C TYR NC 42 -49.10 -51.56 -12.22
N GLY NC 43 -48.76 -52.76 -12.70
CA GLY NC 43 -47.94 -53.65 -11.89
C GLY NC 43 -46.53 -53.12 -11.70
N ASP NC 44 -45.96 -52.50 -12.73
CA ASP NC 44 -44.60 -52.00 -12.64
C ASP NC 44 -44.52 -50.70 -11.86
N MET NC 45 -45.61 -50.00 -11.66
CA MET NC 45 -45.53 -48.75 -10.91
C MET NC 45 -45.32 -49.02 -9.43
N ASP NC 46 -44.70 -48.05 -8.75
CA ASP NC 46 -44.42 -48.15 -7.33
C ASP NC 46 -44.59 -46.78 -6.70
N LEU NC 47 -45.07 -46.76 -5.46
CA LEU NC 47 -45.24 -45.52 -4.73
C LEU NC 47 -44.84 -45.71 -3.28
N ILE NC 48 -44.59 -44.59 -2.62
CA ILE NC 48 -44.49 -44.52 -1.17
C ILE NC 48 -45.83 -44.02 -0.64
N LEU NC 49 -46.51 -44.85 0.15
CA LEU NC 49 -47.86 -44.53 0.53
C LEU NC 49 -47.91 -43.47 1.61
N PHE NC 50 -47.35 -43.77 2.77
CA PHE NC 50 -47.30 -42.81 3.86
C PHE NC 50 -45.95 -42.11 3.83
N PRO NC 51 -45.92 -40.79 3.67
CA PRO NC 51 -44.64 -40.07 3.64
C PRO NC 51 -43.92 -40.07 4.97
N GLU NC 52 -42.83 -39.31 5.05
CA GLU NC 52 -41.91 -39.42 6.18
C GLU NC 52 -42.57 -39.01 7.49
N GLY NC 53 -43.47 -38.05 7.46
CA GLY NC 53 -44.01 -37.55 8.70
C GLY NC 53 -45.49 -37.77 8.91
N SER NC 54 -46.06 -38.80 8.29
CA SER NC 54 -47.50 -38.98 8.40
C SER NC 54 -47.90 -39.70 9.69
N LEU NC 55 -47.46 -40.93 9.86
CA LEU NC 55 -47.93 -41.75 10.96
C LEU NC 55 -47.29 -41.32 12.27
N LYS NC 56 -48.08 -41.32 13.34
CA LYS NC 56 -47.56 -41.05 14.67
C LYS NC 56 -48.34 -41.85 15.70
N ASN NC 57 -47.63 -42.39 16.69
CA ASN NC 57 -48.22 -43.34 17.62
C ASN NC 57 -48.77 -42.62 18.86
N SER NC 58 -49.09 -43.40 19.89
CA SER NC 58 -49.74 -42.88 21.09
C SER NC 58 -48.85 -41.96 21.90
N ASN NC 59 -47.54 -42.03 21.70
CA ASN NC 59 -46.61 -41.12 22.34
C ASN NC 59 -46.29 -39.90 21.48
N ASN NC 60 -47.04 -39.71 20.39
CA ASN NC 60 -46.84 -38.65 19.40
C ASN NC 60 -45.43 -38.66 18.82
N THR NC 61 -44.91 -39.86 18.55
CA THR NC 61 -43.62 -40.03 17.91
C THR NC 61 -43.81 -40.67 16.55
N VAL NC 62 -43.24 -40.07 15.53
CA VAL NC 62 -43.46 -40.49 14.15
C VAL NC 62 -42.72 -41.78 13.89
N ILE NC 63 -43.40 -42.76 13.30
CA ILE NC 63 -42.69 -43.94 12.85
C ILE NC 63 -42.71 -43.97 11.33
N PRO NC 64 -41.65 -44.45 10.69
CA PRO NC 64 -41.62 -44.52 9.23
C PRO NC 64 -42.51 -45.63 8.71
N GLN NC 65 -42.67 -45.66 7.39
CA GLN NC 65 -43.49 -46.68 6.77
C GLN NC 65 -42.86 -48.06 6.89
N SER NC 66 -41.53 -48.11 6.93
CA SER NC 66 -40.82 -49.39 6.98
C SER NC 66 -41.11 -50.16 8.25
N HIS NC 67 -41.66 -49.52 9.28
CA HIS NC 67 -42.04 -50.20 10.50
C HIS NC 67 -43.23 -51.12 10.31
N LEU NC 68 -44.05 -50.92 9.29
CA LEU NC 68 -45.27 -51.69 9.10
C LEU NC 68 -45.04 -52.95 8.29
N LYS NC 69 -43.80 -53.28 7.97
CA LYS NC 69 -43.54 -54.48 7.18
C LYS NC 69 -43.74 -55.71 8.04
N GLY NC 70 -44.52 -56.66 7.53
CA GLY NC 70 -44.78 -57.90 8.23
C GLY NC 70 -45.99 -57.88 9.14
N LYS NC 71 -46.81 -56.85 9.07
CA LYS NC 71 -47.98 -56.72 9.92
C LYS NC 71 -49.19 -56.44 9.06
N SER NC 72 -50.32 -57.05 9.41
CA SER NC 72 -51.56 -56.79 8.69
C SER NC 72 -52.06 -55.43 9.10
N VAL NC 73 -51.97 -54.46 8.22
CA VAL NC 73 -52.33 -53.08 8.56
C VAL NC 73 -53.69 -52.77 7.98
N ALA NC 74 -54.49 -52.01 8.73
CA ALA NC 74 -55.83 -51.68 8.29
C ALA NC 74 -56.15 -50.25 8.68
N LEU NC 75 -56.75 -49.52 7.75
CA LEU NC 75 -57.20 -48.17 8.03
C LEU NC 75 -58.56 -48.23 8.69
N TYR NC 76 -58.82 -47.26 9.56
CA TYR NC 76 -60.08 -47.19 10.30
C TYR NC 76 -60.58 -45.76 10.13
N PHE NC 77 -61.57 -45.60 9.28
CA PHE NC 77 -62.21 -44.32 9.06
C PHE NC 77 -63.27 -44.16 10.14
N ALA NC 78 -63.09 -43.13 10.98
CA ALA NC 78 -63.96 -42.98 12.13
C ALA NC 78 -64.33 -41.53 12.35
N ASP NC 79 -65.49 -41.33 12.95
CA ASP NC 79 -65.99 -40.03 13.37
C ASP NC 79 -66.22 -40.07 14.87
N GLY NC 80 -65.89 -38.96 15.54
CA GLY NC 80 -66.02 -38.93 16.99
C GLY NC 80 -67.44 -38.98 17.46
N ALA NC 81 -68.34 -38.24 16.81
CA ALA NC 81 -69.70 -38.06 17.27
C ALA NC 81 -70.70 -38.96 16.56
N ASP NC 82 -70.26 -39.85 15.72
CA ASP NC 82 -71.19 -40.77 15.10
C ASP NC 82 -71.48 -41.94 16.04
N PRO NC 83 -72.74 -42.21 16.34
CA PRO NC 83 -73.07 -43.30 17.28
C PRO NC 83 -72.66 -44.68 16.81
N LYS NC 84 -72.66 -44.94 15.51
CA LYS NC 84 -72.17 -46.23 15.02
C LYS NC 84 -70.69 -46.42 15.31
N CYS NC 85 -69.90 -45.37 15.14
CA CYS NC 85 -68.48 -45.45 15.46
C CYS NC 85 -68.28 -45.59 16.96
N ALA NC 86 -69.11 -44.91 17.74
CA ALA NC 86 -69.02 -45.07 19.19
C ALA NC 86 -69.37 -46.49 19.61
N SER NC 87 -70.25 -47.15 18.87
CA SER NC 87 -70.55 -48.55 19.16
C SER NC 87 -69.42 -49.47 18.74
N LEU NC 88 -68.82 -49.21 17.57
CA LEU NC 88 -67.81 -50.13 17.03
C LEU NC 88 -66.46 -50.01 17.73
N LEU NC 89 -66.15 -48.87 18.32
CA LEU NC 89 -64.82 -48.67 18.91
C LEU NC 89 -64.43 -49.66 20.00
N PRO NC 90 -65.26 -49.98 21.01
CA PRO NC 90 -64.79 -50.94 22.03
C PRO NC 90 -64.51 -52.33 21.49
N PHE NC 91 -65.26 -52.80 20.52
CA PHE NC 91 -65.02 -54.13 19.99
C PHE NC 91 -63.74 -54.17 19.17
N LEU NC 92 -63.46 -53.11 18.42
CA LEU NC 92 -62.21 -53.04 17.67
C LEU NC 92 -61.02 -52.95 18.61
N LEU NC 93 -61.17 -52.21 19.72
CA LEU NC 93 -60.10 -52.12 20.69
C LEU NC 93 -59.84 -53.45 21.37
N ASN NC 94 -60.90 -54.19 21.72
CA ASN NC 94 -60.74 -55.49 22.34
C ASN NC 94 -60.13 -56.50 21.37
N TYR NC 95 -60.51 -56.41 20.10
CA TYR NC 95 -59.92 -57.29 19.10
C TYR NC 95 -58.44 -57.02 18.96
N TYR NC 96 -58.06 -55.73 18.95
CA TYR NC 96 -56.64 -55.35 18.86
C TYR NC 96 -55.87 -55.91 20.04
N ARG NC 97 -56.38 -55.67 21.25
CA ARG NC 97 -55.91 -56.27 22.50
C ARG NC 97 -55.61 -57.74 22.41
N THR NC 98 -56.65 -58.53 22.20
CA THR NC 98 -56.51 -59.97 22.33
C THR NC 98 -55.68 -60.55 21.20
N MET NC 99 -55.94 -60.10 19.98
CA MET NC 99 -55.22 -60.62 18.82
C MET NC 99 -53.74 -60.34 18.90
N ASN NC 100 -53.33 -59.18 19.40
CA ASN NC 100 -51.91 -58.98 19.39
C ASN NC 100 -51.24 -59.48 20.65
N GLU NC 101 -51.96 -59.54 21.78
CA GLU NC 101 -51.43 -60.18 22.98
C GLU NC 101 -51.17 -61.66 22.78
N GLY NC 102 -52.06 -62.35 22.06
CA GLY NC 102 -51.97 -63.79 22.06
C GLY NC 102 -50.91 -64.39 21.17
N GLY NC 103 -49.73 -63.77 21.10
CA GLY NC 103 -48.69 -64.33 20.24
C GLY NC 103 -47.35 -63.80 20.67
N ALA NC 104 -46.31 -64.38 20.05
CA ALA NC 104 -44.94 -63.95 20.28
C ALA NC 104 -44.47 -62.96 19.24
N ASN NC 105 -45.40 -62.24 18.62
CA ASN NC 105 -45.07 -61.43 17.46
C ASN NC 105 -46.23 -60.46 17.25
N GLN NC 106 -45.91 -59.27 16.76
CA GLN NC 106 -46.95 -58.33 16.35
C GLN NC 106 -47.72 -58.87 15.17
N LYS NC 107 -49.05 -58.73 15.19
CA LYS NC 107 -49.86 -59.31 14.13
C LYS NC 107 -50.56 -58.26 13.28
N ILE NC 108 -51.35 -57.38 13.88
CA ILE NC 108 -52.10 -56.37 13.13
C ILE NC 108 -51.81 -54.99 13.67
N GLU NC 109 -52.07 -53.99 12.83
CA GLU NC 109 -51.89 -52.59 13.20
C GLU NC 109 -53.01 -51.78 12.58
N ILE NC 110 -53.46 -50.75 13.29
CA ILE NC 110 -54.58 -49.93 12.85
C ILE NC 110 -54.08 -48.52 12.66
N ILE NC 111 -54.44 -47.92 11.53
CA ILE NC 111 -54.22 -46.49 11.29
C ILE NC 111 -55.56 -45.80 11.48
N PHE NC 112 -55.54 -44.61 12.06
CA PHE NC 112 -56.75 -43.85 12.31
C PHE NC 112 -56.84 -42.74 11.27
N VAL NC 113 -57.92 -42.73 10.50
CA VAL NC 113 -58.23 -41.67 9.55
C VAL NC 113 -59.53 -41.04 9.99
N SER NC 114 -59.52 -39.72 10.13
CA SER NC 114 -60.53 -39.00 10.88
C SER NC 114 -61.49 -38.30 9.95
N LEU NC 115 -62.76 -38.65 10.02
CA LEU NC 115 -63.82 -37.90 9.38
C LEU NC 115 -64.41 -36.87 10.32
N ASP NC 116 -63.70 -36.51 11.38
CA ASP NC 116 -64.23 -35.71 12.46
C ASP NC 116 -64.21 -34.24 12.05
N ARG NC 117 -64.90 -33.40 12.81
CA ARG NC 117 -65.16 -32.03 12.38
C ARG NC 117 -63.96 -31.11 12.61
N ASP NC 118 -63.31 -31.19 13.76
CA ASP NC 118 -62.30 -30.20 14.07
C ASP NC 118 -61.21 -30.80 14.96
N ARG NC 119 -60.18 -29.98 15.20
CA ARG NC 119 -58.95 -30.46 15.83
C ARG NC 119 -59.17 -30.90 17.27
N GLU NC 120 -59.94 -30.13 18.04
CA GLU NC 120 -60.13 -30.46 19.45
C GLU NC 120 -60.86 -31.78 19.63
N ALA NC 121 -61.92 -31.98 18.85
CA ALA NC 121 -62.63 -33.25 18.90
C ALA NC 121 -61.78 -34.39 18.35
N PHE NC 122 -60.95 -34.12 17.35
CA PHE NC 122 -60.07 -35.16 16.82
C PHE NC 122 -59.08 -35.62 17.87
N GLU NC 123 -58.47 -34.69 18.60
CA GLU NC 123 -57.51 -35.08 19.62
C GLU NC 123 -58.21 -35.78 20.79
N SER NC 124 -59.42 -35.33 21.13
CA SER NC 124 -60.18 -36.00 22.18
C SER NC 124 -60.51 -37.43 21.81
N HIS NC 125 -60.90 -37.67 20.55
CA HIS NC 125 -61.18 -39.03 20.14
C HIS NC 125 -59.91 -39.86 19.99
N ARG NC 126 -58.81 -39.24 19.55
CA ARG NC 126 -57.56 -39.96 19.37
C ARG NC 126 -56.91 -40.31 20.68
N ALA NC 127 -57.29 -39.66 21.77
CA ALA NC 127 -56.78 -40.06 23.08
C ALA NC 127 -57.24 -41.46 23.49
N HIS NC 128 -58.32 -41.98 22.90
CA HIS NC 128 -58.82 -43.30 23.23
C HIS NC 128 -58.16 -44.41 22.43
N MET NC 129 -57.38 -44.08 21.42
CA MET NC 129 -56.92 -45.18 20.57
C MET NC 129 -55.47 -45.50 20.84
N PRO NC 130 -55.11 -46.77 20.94
CA PRO NC 130 -53.72 -47.17 21.16
C PRO NC 130 -52.93 -47.46 19.88
N TRP NC 131 -53.46 -47.15 18.72
CA TRP NC 131 -52.83 -47.45 17.44
C TRP NC 131 -52.43 -46.16 16.73
N LEU NC 132 -51.95 -46.28 15.50
CA LEU NC 132 -51.40 -45.11 14.83
C LEU NC 132 -52.51 -44.21 14.31
N SER NC 133 -52.14 -42.99 13.93
CA SER NC 133 -53.12 -42.05 13.41
C SER NC 133 -52.46 -41.11 12.43
N ILE NC 134 -53.27 -40.50 11.58
CA ILE NC 134 -52.83 -39.43 10.69
C ILE NC 134 -53.55 -38.15 11.10
N ASP NC 135 -52.81 -37.07 11.21
CA ASP NC 135 -53.36 -35.80 11.69
C ASP NC 135 -54.38 -35.25 10.69
N LEU NC 136 -55.36 -34.51 11.21
CA LEU NC 136 -56.51 -34.12 10.41
C LEU NC 136 -56.14 -33.05 9.38
N GLU NC 137 -55.30 -32.09 9.76
CA GLU NC 137 -54.94 -31.04 8.82
C GLU NC 137 -54.00 -31.55 7.73
N ASN NC 138 -53.39 -32.71 7.92
CA ASN NC 138 -52.53 -33.30 6.91
C ASN NC 138 -53.38 -33.65 5.70
N PRO NC 139 -52.97 -33.27 4.49
CA PRO NC 139 -53.79 -33.57 3.31
C PRO NC 139 -53.95 -35.05 3.02
N LEU NC 140 -53.08 -35.89 3.58
CA LEU NC 140 -53.16 -37.32 3.31
C LEU NC 140 -54.47 -37.92 3.79
N THR NC 141 -55.11 -37.33 4.79
CA THR NC 141 -56.41 -37.82 5.24
C THR NC 141 -57.45 -37.69 4.14
N GLU NC 142 -57.57 -36.50 3.56
CA GLU NC 142 -58.54 -36.29 2.51
C GLU NC 142 -58.18 -37.08 1.26
N ILE NC 143 -56.88 -37.20 0.98
CA ILE NC 143 -56.46 -37.98 -0.18
C ILE NC 143 -56.82 -39.45 0.00
N LEU NC 144 -56.64 -39.99 1.20
CA LEU NC 144 -56.98 -41.39 1.46
C LEU NC 144 -58.49 -41.61 1.42
N LYS NC 145 -59.25 -40.64 1.92
CA LYS NC 145 -60.71 -40.74 1.83
C LYS NC 145 -61.17 -40.80 0.39
N ARG NC 146 -60.63 -39.93 -0.46
CA ARG NC 146 -61.02 -39.96 -1.87
C ARG NC 146 -60.49 -41.20 -2.58
N HIS NC 147 -59.39 -41.77 -2.07
CA HIS NC 147 -58.85 -42.97 -2.69
C HIS NC 147 -59.73 -44.18 -2.40
N PHE NC 148 -60.20 -44.33 -1.17
CA PHE NC 148 -60.96 -45.51 -0.79
C PHE NC 148 -62.45 -45.29 -0.79
N ARG NC 149 -62.91 -44.12 -1.24
CA ARG NC 149 -64.31 -43.84 -1.51
C ARG NC 149 -65.18 -44.01 -0.27
N VAL NC 150 -64.74 -43.46 0.85
CA VAL NC 150 -65.56 -43.37 2.04
C VAL NC 150 -66.00 -41.92 2.19
N MET NC 151 -67.28 -41.71 2.45
CA MET NC 151 -67.80 -40.39 2.70
C MET NC 151 -69.08 -40.52 3.51
N LYS NC 152 -69.31 -39.57 4.41
CA LYS NC 152 -70.52 -39.63 5.22
C LYS NC 152 -71.71 -38.99 4.52
N GLU NC 153 -71.46 -38.09 3.59
CA GLU NC 153 -72.51 -37.44 2.82
C GLU NC 153 -71.91 -37.00 1.51
N TYR NC 154 -72.74 -36.99 0.45
CA TYR NC 154 -72.22 -36.67 -0.87
C TYR NC 154 -71.86 -35.20 -0.93
N GLU NC 155 -70.61 -34.89 -0.62
CA GLU NC 155 -70.14 -33.50 -0.60
C GLU NC 155 -69.04 -33.26 -1.61
N VAL NC 156 -67.98 -34.04 -1.58
CA VAL NC 156 -66.88 -33.94 -2.53
C VAL NC 156 -67.19 -34.87 -3.71
N PRO NC 157 -67.08 -34.39 -4.95
CA PRO NC 157 -67.62 -35.16 -6.08
C PRO NC 157 -66.86 -36.44 -6.35
N THR NC 158 -67.61 -37.44 -6.79
CA THR NC 158 -67.06 -38.70 -7.25
C THR NC 158 -67.43 -38.89 -8.70
N TYR NC 159 -66.55 -39.56 -9.44
CA TYR NC 159 -66.60 -39.53 -10.90
C TYR NC 159 -67.30 -40.77 -11.43
N GLY NC 160 -68.61 -40.81 -11.23
CA GLY NC 160 -69.40 -41.93 -11.67
C GLY NC 160 -69.38 -43.10 -10.72
N TYR NC 161 -68.54 -43.07 -9.71
CA TYR NC 161 -68.46 -44.10 -8.69
C TYR NC 161 -69.57 -43.82 -7.67
N GLY NC 162 -69.58 -44.57 -6.59
CA GLY NC 162 -70.47 -44.26 -5.50
C GLY NC 162 -69.72 -44.32 -4.20
N SER NC 163 -70.43 -44.23 -3.09
CA SER NC 163 -69.80 -44.47 -1.81
C SER NC 163 -69.50 -45.96 -1.68
N ARG NC 164 -68.25 -46.30 -1.38
CA ARG NC 164 -67.96 -47.69 -1.09
C ARG NC 164 -68.62 -48.09 0.23
N THR NC 165 -68.63 -47.18 1.18
CA THR NC 165 -69.13 -47.46 2.52
C THR NC 165 -69.48 -46.13 3.17
N GLY NC 166 -69.73 -46.19 4.48
CA GLY NC 166 -69.86 -45.00 5.28
C GLY NC 166 -69.00 -45.12 6.51
N VAL NC 167 -68.78 -43.99 7.17
CA VAL NC 167 -68.08 -44.00 8.44
C VAL NC 167 -68.96 -44.64 9.50
N PRO NC 168 -68.48 -45.61 10.30
CA PRO NC 168 -67.17 -46.22 10.45
C PRO NC 168 -66.84 -47.28 9.43
N SER NC 169 -65.57 -47.44 9.11
CA SER NC 169 -65.19 -48.51 8.20
C SER NC 169 -63.76 -48.94 8.47
N VAL NC 170 -63.48 -50.21 8.22
CA VAL NC 170 -62.15 -50.77 8.33
C VAL NC 170 -61.77 -51.35 6.98
N ILE NC 171 -60.62 -50.94 6.47
CA ILE NC 171 -60.14 -51.36 5.16
C ILE NC 171 -58.78 -51.99 5.36
N VAL NC 172 -58.64 -53.27 5.06
CA VAL NC 172 -57.32 -53.88 5.09
C VAL NC 172 -56.61 -53.52 3.80
N ILE NC 173 -55.47 -52.86 3.90
CA ILE NC 173 -54.81 -52.28 2.74
C ILE NC 173 -53.54 -53.07 2.44
N GLY NC 174 -52.95 -52.75 1.30
CA GLY NC 174 -51.70 -53.33 0.88
C GLY NC 174 -50.65 -52.28 0.69
N SER NC 175 -49.53 -52.64 0.08
CA SER NC 175 -48.42 -51.69 -0.03
C SER NC 175 -48.68 -50.64 -1.07
N ASP NC 176 -49.51 -50.95 -2.07
CA ASP NC 176 -49.70 -50.07 -3.22
C ASP NC 176 -51.08 -49.43 -3.28
N GLY NC 177 -51.78 -49.38 -2.16
CA GLY NC 177 -53.13 -48.86 -2.17
C GLY NC 177 -54.19 -49.87 -2.55
N ARG NC 178 -53.83 -51.14 -2.65
CA ARG NC 178 -54.81 -52.17 -2.97
C ARG NC 178 -55.71 -52.40 -1.78
N GLU NC 179 -57.01 -52.49 -2.04
CA GLU NC 179 -57.98 -52.85 -1.01
C GLU NC 179 -57.93 -54.36 -0.88
N ALA NC 180 -57.23 -54.84 0.14
CA ALA NC 180 -57.02 -56.27 0.28
C ALA NC 180 -58.32 -56.99 0.60
N GLN NC 181 -59.07 -56.49 1.58
CA GLN NC 181 -60.43 -56.94 1.78
C GLN NC 181 -61.20 -55.84 2.50
N PHE NC 182 -62.50 -55.85 2.30
CA PHE NC 182 -63.40 -54.95 3.00
C PHE NC 182 -64.01 -55.69 4.17
N LEU NC 183 -63.93 -55.10 5.35
CA LEU NC 183 -64.56 -55.69 6.50
C LEU NC 183 -66.01 -55.21 6.58
N PRO NC 184 -66.98 -56.10 6.48
CA PRO NC 184 -68.38 -55.67 6.34
C PRO NC 184 -69.05 -55.20 7.63
N ILE NC 185 -68.72 -53.98 8.02
CA ILE NC 185 -69.32 -53.41 9.23
C ILE NC 185 -70.68 -52.81 8.92
N CYS NC 186 -70.72 -51.84 8.01
CA CYS NC 186 -71.96 -51.31 7.44
C CYS NC 186 -71.78 -51.33 5.93
N SER NC 187 -72.25 -52.41 5.31
CA SER NC 187 -71.93 -52.74 3.93
C SER NC 187 -73.13 -53.47 3.36
N GLY NC 188 -72.90 -54.24 2.30
CA GLY NC 188 -73.94 -55.13 1.82
C GLY NC 188 -74.20 -56.33 2.71
N LEU NC 189 -73.38 -56.56 3.73
CA LEU NC 189 -73.55 -57.73 4.60
C LEU NC 189 -74.00 -57.40 6.01
N GLU NC 190 -73.62 -56.23 6.54
CA GLU NC 190 -74.03 -55.72 7.86
C GLU NC 190 -73.76 -56.74 8.98
N GLU NC 191 -72.48 -57.04 9.20
CA GLU NC 191 -72.11 -57.73 10.44
C GLU NC 191 -71.47 -56.68 11.34
N GLY NC 192 -72.32 -55.92 12.03
CA GLY NC 192 -71.82 -54.92 12.96
C GLY NC 192 -71.13 -55.60 14.11
N ASP NC 193 -69.87 -55.21 14.37
CA ASP NC 193 -69.03 -55.61 15.50
C ASP NC 193 -68.59 -57.07 15.41
N ARG NC 194 -69.08 -57.83 14.45
CA ARG NC 194 -68.75 -59.23 14.27
C ARG NC 194 -67.93 -59.46 13.03
N ALA NC 195 -67.92 -58.52 12.09
CA ALA NC 195 -67.17 -58.66 10.87
C ALA NC 195 -65.68 -58.56 11.08
N LEU NC 196 -65.22 -58.18 12.26
CA LEU NC 196 -63.79 -58.12 12.50
C LEU NC 196 -63.15 -59.49 12.53
N LEU NC 197 -63.93 -60.54 12.78
CA LEU NC 197 -63.37 -61.88 12.74
C LEU NC 197 -63.16 -62.38 11.32
N ARG NC 198 -63.59 -61.62 10.32
CA ARG NC 198 -63.38 -61.99 8.93
C ARG NC 198 -61.98 -61.71 8.46
N TRP NC 199 -61.16 -61.08 9.29
CA TRP NC 199 -59.85 -60.62 8.92
C TRP NC 199 -58.91 -61.80 8.70
N ASP NC 200 -58.37 -61.92 7.49
CA ASP NC 200 -57.38 -62.96 7.20
C ASP NC 200 -56.02 -62.30 7.28
N TRP NC 201 -55.48 -62.27 8.49
CA TRP NC 201 -54.22 -61.60 8.74
C TRP NC 201 -53.02 -62.36 8.19
N ARG NC 202 -53.22 -63.59 7.73
CA ARG NC 202 -52.11 -64.41 7.30
C ARG NC 202 -51.69 -64.03 5.90
N ASN NC 203 -52.66 -63.77 5.03
CA ASN NC 203 -52.45 -63.54 3.61
C ASN NC 203 -52.38 -62.08 3.23
N THR NC 204 -52.63 -61.17 4.16
CA THR NC 204 -52.54 -59.74 3.90
C THR NC 204 -51.50 -59.16 4.86
N LYS NC 205 -50.24 -59.26 4.48
CA LYS NC 205 -49.16 -58.64 5.22
C LYS NC 205 -48.61 -57.49 4.39
N PHE NC 206 -48.33 -56.38 5.05
CA PHE NC 206 -47.92 -55.15 4.39
C PHE NC 206 -46.49 -55.29 3.92
N ALA NC 207 -46.33 -55.89 2.74
CA ALA NC 207 -45.00 -56.12 2.22
C ALA NC 207 -44.61 -55.01 1.26
N SER OC 2 10.85 -117.31 17.69
CA SER OC 2 9.44 -117.61 17.72
C SER OC 2 8.99 -118.10 19.09
N GLN OC 3 9.86 -117.96 20.08
CA GLN OC 3 9.55 -118.37 21.43
C GLN OC 3 9.83 -117.22 22.39
N PRO OC 4 8.99 -117.02 23.42
CA PRO OC 4 7.76 -117.75 23.73
C PRO OC 4 6.64 -117.27 22.85
N VAL OC 5 6.93 -116.19 22.15
CA VAL OC 5 5.95 -115.42 21.40
C VAL OC 5 6.52 -115.19 20.01
N PHE OC 6 5.65 -114.81 19.08
CA PHE OC 6 6.14 -114.42 17.76
C PHE OC 6 6.12 -112.92 17.54
N ALA OC 7 4.98 -112.27 17.75
CA ALA OC 7 4.83 -110.85 17.48
C ALA OC 7 5.31 -110.04 18.69
N SER OC 8 6.62 -110.00 18.84
CA SER OC 8 7.28 -109.21 19.87
C SER OC 8 8.41 -108.41 19.24
N PRO OC 9 8.77 -107.26 19.80
CA PRO OC 9 9.87 -106.48 19.22
C PRO OC 9 11.19 -107.21 19.22
N LEU OC 10 11.47 -108.00 20.26
CA LEU OC 10 12.71 -108.76 20.32
C LEU OC 10 12.78 -109.77 19.19
N ASN OC 11 11.70 -110.51 18.97
CA ASN OC 11 11.70 -111.51 17.91
C ASN OC 11 11.69 -110.86 16.54
N VAL OC 12 11.05 -109.70 16.39
CA VAL OC 12 11.06 -109.02 15.10
C VAL OC 12 12.47 -108.56 14.74
N GLU OC 13 13.16 -107.92 15.69
CA GLU OC 13 14.53 -107.49 15.45
C GLU OC 13 15.46 -108.68 15.23
N LYS OC 14 15.28 -109.75 16.01
CA LYS OC 14 16.11 -110.94 15.86
C LYS OC 14 15.93 -111.56 14.48
N ARG OC 15 14.67 -111.68 14.03
CA ARG OC 15 14.41 -112.25 12.72
C ARG OC 15 15.00 -111.40 11.61
N ARG OC 16 14.88 -110.07 11.74
CA ARG OC 16 15.42 -109.17 10.73
C ARG OC 16 16.93 -109.30 10.62
N LEU OC 17 17.63 -109.26 11.76
CA LEU OC 17 19.10 -109.34 11.70
C LEU OC 17 19.59 -110.70 11.23
N ASN OC 18 18.98 -111.79 11.70
CA ASN OC 18 19.47 -113.09 11.27
C ASN OC 18 19.16 -113.36 9.81
N GLU OC 19 18.04 -112.87 9.30
CA GLU OC 19 17.77 -113.11 7.90
C GLU OC 19 18.60 -112.18 7.01
N GLU OC 20 18.98 -111.00 7.53
CA GLU OC 20 19.98 -110.18 6.85
C GLU OC 20 21.32 -110.90 6.75
N ARG OC 21 21.74 -111.52 7.85
CA ARG OC 21 22.97 -112.29 7.85
C ARG OC 21 22.90 -113.45 6.87
N ALA OC 22 21.76 -114.13 6.81
CA ALA OC 22 21.59 -115.24 5.88
C ALA OC 22 21.66 -114.77 4.44
N LEU OC 23 21.07 -113.60 4.14
CA LEU OC 23 21.17 -113.06 2.80
C LEU OC 23 22.60 -112.70 2.44
N MET OC 24 23.36 -112.14 3.38
CA MET OC 24 24.75 -111.81 3.09
C MET OC 24 25.59 -113.07 2.88
N GLN OC 25 25.34 -114.12 3.65
CA GLN OC 25 26.03 -115.39 3.44
C GLN OC 25 25.68 -115.98 2.08
N ALA OC 26 24.41 -115.90 1.69
CA ALA OC 26 24.00 -116.39 0.37
C ALA OC 26 24.64 -115.59 -0.74
N GLN OC 27 24.77 -114.28 -0.55
CA GLN OC 27 25.41 -113.44 -1.56
C GLN OC 27 26.90 -113.77 -1.69
N LYS OC 28 27.58 -114.02 -0.58
CA LYS OC 28 29.00 -114.31 -0.64
C LYS OC 28 29.24 -115.69 -1.23
N ALA OC 29 28.43 -116.68 -0.87
CA ALA OC 29 28.61 -118.04 -1.37
C ALA OC 29 28.10 -118.15 -2.81
N ASN OC 35 23.59 -123.95 -1.30
CA ASN OC 35 22.36 -124.57 -0.84
C ASN OC 35 22.02 -124.13 0.56
N ILE OC 36 21.88 -122.82 0.75
CA ILE OC 36 21.53 -122.24 2.03
C ILE OC 36 20.02 -122.07 2.07
N GLN OC 37 19.45 -122.19 3.27
CA GLN OC 37 18.01 -122.28 3.43
C GLN OC 37 17.46 -120.93 3.89
N LEU OC 38 16.62 -120.33 3.06
CA LEU OC 38 15.98 -119.06 3.34
C LEU OC 38 14.47 -119.26 3.45
N PRO OC 39 13.81 -118.72 4.48
CA PRO OC 39 14.31 -117.93 5.60
C PRO OC 39 14.97 -118.81 6.64
N PRO OC 40 15.88 -118.26 7.44
CA PRO OC 40 16.65 -119.10 8.37
C PRO OC 40 15.78 -119.69 9.46
N ASN OC 41 16.21 -120.85 9.95
CA ASN OC 41 15.46 -121.55 10.98
C ASN OC 41 15.56 -120.83 12.32
N TYR OC 42 14.55 -121.05 13.16
CA TYR OC 42 14.56 -120.45 14.48
C TYR OC 42 15.68 -121.00 15.34
N GLY OC 43 16.03 -122.27 15.16
CA GLY OC 43 17.15 -122.82 15.89
C GLY OC 43 18.47 -122.20 15.50
N ASP OC 44 18.62 -121.85 14.22
CA ASP OC 44 19.85 -121.24 13.75
C ASP OC 44 19.86 -119.73 13.92
N MET OC 45 18.73 -119.13 14.27
CA MET OC 45 18.71 -117.72 14.59
C MET OC 45 19.47 -117.46 15.89
N ASP OC 46 20.04 -116.26 16.02
CA ASP OC 46 20.85 -115.93 17.18
C ASP OC 46 20.71 -114.45 17.49
N LEU OC 47 20.79 -114.12 18.77
CA LEU OC 47 20.73 -112.73 19.22
C LEU OC 47 21.64 -112.54 20.43
N ILE OC 48 22.02 -111.29 20.66
CA ILE OC 48 22.58 -110.87 21.93
C ILE OC 48 21.48 -110.14 22.70
N LEU OC 49 21.26 -110.53 23.94
CA LEU OC 49 20.07 -110.08 24.66
C LEU OC 49 20.33 -108.80 25.43
N PHE OC 50 21.32 -108.81 26.31
CA PHE OC 50 21.65 -107.64 27.11
C PHE OC 50 22.91 -107.02 26.55
N PRO OC 51 22.84 -105.87 25.89
CA PRO OC 51 24.05 -105.27 25.31
C PRO OC 51 25.00 -104.73 26.37
N GLU OC 52 26.08 -104.08 25.92
CA GLU OC 52 27.18 -103.73 26.82
C GLU OC 52 26.74 -102.75 27.90
N GLY OC 53 25.88 -101.80 27.55
CA GLY OC 53 25.50 -100.78 28.51
C GLY OC 53 24.20 -101.07 29.23
N SER OC 54 23.75 -102.33 29.18
CA SER OC 54 22.44 -102.66 29.72
C SER OC 54 22.47 -102.88 31.23
N LEU OC 55 23.24 -103.87 31.68
CA LEU OC 55 23.16 -104.32 33.05
C LEU OC 55 24.13 -103.54 33.93
N LYS OC 56 23.77 -103.37 35.20
CA LYS OC 56 24.61 -102.66 36.15
C LYS OC 56 24.27 -103.09 37.56
N ASN OC 57 25.25 -103.01 38.45
CA ASN OC 57 25.15 -103.59 39.78
C ASN OC 57 24.61 -102.58 40.78
N SER OC 58 24.76 -102.90 42.07
CA SER OC 58 24.17 -102.08 43.13
C SER OC 58 24.84 -100.72 43.21
N ASN OC 59 26.15 -100.65 43.04
CA ASN OC 59 26.88 -99.39 43.16
C ASN OC 59 27.02 -98.71 41.80
N ASN OC 60 26.14 -99.04 40.86
CA ASN OC 60 26.02 -98.40 39.55
C ASN OC 60 27.31 -98.51 38.72
N THR OC 61 27.95 -99.67 38.78
CA THR OC 61 29.04 -99.98 37.87
C THR OC 61 28.58 -101.06 36.92
N VAL OC 62 29.04 -100.97 35.67
CA VAL OC 62 28.50 -101.82 34.62
C VAL OC 62 28.97 -103.25 34.79
N ILE OC 63 28.06 -104.20 34.57
CA ILE OC 63 28.34 -105.62 34.66
C ILE OC 63 28.02 -106.24 33.31
N PRO OC 64 28.96 -106.92 32.66
CA PRO OC 64 28.72 -107.42 31.30
C PRO OC 64 27.82 -108.64 31.30
N GLN OC 65 27.42 -109.03 30.09
CA GLN OC 65 26.63 -110.26 29.92
C GLN OC 65 27.43 -111.50 30.29
N SER OC 66 28.75 -111.47 30.11
CA SER OC 66 29.57 -112.65 30.28
C SER OC 66 29.60 -113.17 31.71
N HIS OC 67 29.24 -112.35 32.68
CA HIS OC 67 29.19 -112.82 34.06
C HIS OC 67 27.88 -113.52 34.39
N LEU OC 68 27.00 -113.71 33.41
CA LEU OC 68 25.77 -114.44 33.61
C LEU OC 68 25.89 -115.89 33.20
N LYS OC 69 27.09 -116.32 32.80
CA LYS OC 69 27.29 -117.69 32.37
C LYS OC 69 27.30 -118.62 33.58
N GLY OC 70 26.71 -119.79 33.41
CA GLY OC 70 26.62 -120.75 34.50
C GLY OC 70 25.70 -120.30 35.62
N LYS OC 71 24.56 -119.73 35.28
CA LYS OC 71 23.65 -119.11 36.23
C LYS OC 71 22.25 -119.62 36.00
N SER OC 72 21.42 -119.48 37.01
CA SER OC 72 19.97 -119.58 36.86
C SER OC 72 19.47 -118.16 36.94
N VAL OC 73 19.22 -117.54 35.78
CA VAL OC 73 18.93 -116.12 35.71
C VAL OC 73 17.43 -115.91 35.47
N ALA OC 74 16.87 -114.92 36.16
CA ALA OC 74 15.45 -114.64 36.07
C ALA OC 74 15.22 -113.14 36.00
N LEU OC 75 14.24 -112.75 35.20
CA LEU OC 75 13.80 -111.37 35.13
C LEU OC 75 12.69 -111.17 36.16
N TYR OC 76 12.82 -110.14 36.97
CA TYR OC 76 11.86 -109.81 38.02
C TYR OC 76 11.15 -108.55 37.55
N PHE OC 77 9.95 -108.72 37.02
CA PHE OC 77 9.10 -107.58 36.67
C PHE OC 77 8.36 -107.13 37.92
N ALA OC 78 8.62 -105.89 38.35
CA ALA OC 78 8.10 -105.42 39.62
C ALA OC 78 7.73 -103.94 39.54
N ASP OC 79 6.82 -103.53 40.42
CA ASP OC 79 6.38 -102.15 40.53
C ASP OC 79 6.54 -101.70 41.96
N GLY OC 80 6.94 -100.43 42.14
CA GLY OC 80 7.21 -99.95 43.48
C GLY OC 80 5.96 -99.80 44.34
N ALA OC 81 4.88 -99.30 43.74
CA ALA OC 81 3.69 -98.93 44.49
C ALA OC 81 2.72 -100.09 44.70
N ASP OC 82 2.97 -101.24 44.10
CA ASP OC 82 2.05 -102.35 44.20
C ASP OC 82 2.23 -103.05 45.54
N PRO OC 83 1.18 -103.18 46.36
CA PRO OC 83 1.32 -103.88 47.63
C PRO OC 83 1.68 -105.34 47.48
N LYS OC 84 1.27 -105.99 46.39
CA LYS OC 84 1.68 -107.36 46.15
C LYS OC 84 3.19 -107.45 45.93
N CYS OC 85 3.75 -106.48 45.21
CA CYS OC 85 5.20 -106.42 45.02
C CYS OC 85 5.91 -106.18 46.34
N ALA OC 86 5.37 -105.26 47.16
CA ALA OC 86 5.97 -104.98 48.45
C ALA OC 86 5.93 -106.19 49.37
N SER OC 87 4.90 -107.02 49.23
CA SER OC 87 4.86 -108.26 50.00
C SER OC 87 5.83 -109.30 49.46
N LEU OC 88 6.00 -109.35 48.14
CA LEU OC 88 6.84 -110.40 47.55
C LEU OC 88 8.33 -110.12 47.75
N LEU OC 89 8.72 -108.84 47.85
CA LEU OC 89 10.14 -108.49 47.89
C LEU OC 89 10.95 -109.13 49.03
N PRO OC 90 10.51 -109.12 50.30
CA PRO OC 90 11.39 -109.69 51.34
C PRO OC 90 11.59 -111.19 51.21
N PHE OC 91 10.58 -111.92 50.75
CA PHE OC 91 10.73 -113.36 50.55
C PHE OC 91 11.78 -113.65 49.48
N LEU OC 92 11.77 -112.88 48.40
CA LEU OC 92 12.75 -113.11 47.35
C LEU OC 92 14.13 -112.65 47.80
N LEU OC 93 14.21 -111.64 48.67
CA LEU OC 93 15.48 -111.25 49.24
C LEU OC 93 16.09 -112.37 50.07
N ASN OC 94 15.27 -112.98 50.94
CA ASN OC 94 15.75 -114.09 51.76
C ASN OC 94 16.12 -115.29 50.89
N TYR OC 95 15.33 -115.55 49.84
CA TYR OC 95 15.63 -116.67 48.95
C TYR OC 95 16.95 -116.46 48.22
N TYR OC 96 17.18 -115.23 47.72
CA TYR OC 96 18.43 -114.94 47.03
C TYR OC 96 19.63 -115.06 47.97
N ARG OC 97 19.49 -114.56 49.19
CA ARG OC 97 20.60 -114.63 50.14
C ARG OC 97 20.92 -116.06 50.53
N THR OC 98 19.89 -116.86 50.86
CA THR OC 98 20.14 -118.23 51.26
C THR OC 98 20.49 -119.13 50.09
N MET OC 99 20.21 -118.72 48.86
CA MET OC 99 20.72 -119.48 47.71
C MET OC 99 22.19 -119.19 47.47
N ASN OC 100 22.55 -117.91 47.46
CA ASN OC 100 23.90 -117.52 47.06
C ASN OC 100 24.92 -117.63 48.19
N GLU OC 101 24.48 -117.81 49.43
CA GLU OC 101 25.46 -117.97 50.49
C GLU OC 101 25.83 -119.44 50.70
N GLY OC 102 24.84 -120.31 50.81
CA GLY OC 102 25.11 -121.71 51.13
C GLY OC 102 25.67 -122.50 49.97
N GLY OC 103 26.86 -122.14 49.52
CA GLY OC 103 27.51 -122.87 48.45
C GLY OC 103 28.86 -122.27 48.14
N ALA OC 104 29.68 -123.06 47.43
CA ALA OC 104 30.96 -122.55 46.98
C ALA OC 104 30.78 -121.44 45.96
N ASN OC 105 29.98 -121.70 44.94
CA ASN OC 105 29.69 -120.74 43.88
C ASN OC 105 28.28 -120.21 44.03
N GLN OC 106 28.03 -119.05 43.44
CA GLN OC 106 26.70 -118.48 43.42
C GLN OC 106 25.92 -119.07 42.26
N LYS OC 107 24.61 -119.25 42.46
CA LYS OC 107 23.80 -120.06 41.57
C LYS OC 107 22.79 -119.25 40.78
N ILE OC 108 21.92 -118.51 41.46
CA ILE OC 108 20.85 -117.79 40.79
C ILE OC 108 21.21 -116.32 40.71
N GLU OC 109 20.64 -115.65 39.71
CA GLU OC 109 20.84 -114.23 39.55
C GLU OC 109 19.55 -113.60 39.02
N ILE OC 110 19.26 -112.40 39.50
CA ILE OC 110 18.00 -111.73 39.22
C ILE OC 110 18.27 -110.37 38.60
N ILE OC 111 17.71 -110.14 37.42
CA ILE OC 111 17.75 -108.85 36.75
C ILE OC 111 16.39 -108.19 36.90
N PHE OC 112 16.40 -106.96 37.37
CA PHE OC 112 15.19 -106.25 37.74
C PHE OC 112 14.68 -105.40 36.58
N VAL OC 113 13.41 -105.55 36.26
CA VAL OC 113 12.71 -104.75 35.27
C VAL OC 113 11.58 -104.02 35.98
N SER OC 114 11.49 -102.72 35.74
CA SER OC 114 10.67 -101.83 36.55
C SER OC 114 9.38 -101.45 35.83
N LEU OC 115 8.32 -101.29 36.62
CA LEU OC 115 7.06 -100.71 36.17
C LEU OC 115 6.75 -99.43 36.95
N ASP OC 116 7.80 -98.77 37.45
CA ASP OC 116 7.59 -97.62 38.30
C ASP OC 116 7.13 -96.42 37.48
N ARG OC 117 6.58 -95.42 38.19
CA ARG OC 117 6.08 -94.24 37.51
C ARG OC 117 7.22 -93.35 37.03
N ASP OC 118 8.25 -93.18 37.84
CA ASP OC 118 9.31 -92.24 37.51
C ASP OC 118 10.64 -92.68 38.13
N ARG OC 119 11.67 -91.90 37.84
CA ARG OC 119 13.03 -92.22 38.26
C ARG OC 119 13.18 -92.15 39.78
N GLU OC 120 12.45 -91.25 40.44
CA GLU OC 120 12.54 -91.17 41.88
C GLU OC 120 12.02 -92.45 42.53
N ALA OC 121 10.88 -92.95 42.05
CA ALA OC 121 10.36 -94.22 42.55
C ALA OC 121 11.29 -95.37 42.21
N PHE OC 122 11.89 -95.32 41.02
CA PHE OC 122 12.83 -96.37 40.63
C PHE OC 122 14.02 -96.44 41.57
N GLU OC 123 14.61 -95.28 41.89
CA GLU OC 123 15.77 -95.28 42.77
C GLU OC 123 15.38 -95.67 44.19
N SER OC 124 14.23 -95.20 44.66
CA SER OC 124 13.78 -95.53 46.01
C SER OC 124 13.54 -97.02 46.16
N HIS OC 125 12.96 -97.67 45.15
CA HIS OC 125 12.76 -99.11 45.25
C HIS OC 125 14.04 -99.89 45.00
N ARG OC 126 14.93 -99.39 44.13
CA ARG OC 126 16.15 -100.10 43.81
C ARG OC 126 17.19 -100.00 44.90
N ALA OC 127 17.05 -99.05 45.82
CA ALA OC 127 17.97 -98.96 46.95
C ALA OC 127 17.91 -100.18 47.86
N HIS OC 128 16.78 -100.90 47.88
CA HIS OC 128 16.69 -102.12 48.68
C HIS OC 128 17.51 -103.24 48.07
N MET OC 129 17.38 -103.43 46.78
CA MET OC 129 17.74 -104.61 46.02
C MET OC 129 19.26 -104.72 45.86
N PRO OC 130 19.85 -105.90 46.13
CA PRO OC 130 21.27 -106.09 45.86
C PRO OC 130 21.58 -106.76 44.54
N TRP OC 131 20.59 -107.33 43.86
CA TRP OC 131 20.83 -107.99 42.59
C TRP OC 131 20.82 -106.99 41.44
N LEU OC 132 20.94 -107.50 40.21
CA LEU OC 132 21.20 -106.59 39.10
C LEU OC 132 19.90 -105.97 38.62
N SER OC 133 20.01 -104.81 37.97
CA SER OC 133 18.82 -104.07 37.58
C SER OC 133 19.06 -103.35 36.27
N ILE OC 134 17.98 -103.10 35.55
CA ILE OC 134 18.02 -102.32 34.32
C ILE OC 134 17.25 -101.03 34.57
N ASP OC 135 17.86 -99.89 34.23
CA ASP OC 135 17.25 -98.61 34.52
C ASP OC 135 16.00 -98.37 33.65
N LEU OC 136 15.19 -97.41 34.08
CA LEU OC 136 13.86 -97.24 33.51
C LEU OC 136 13.89 -96.64 32.11
N GLU OC 137 14.86 -95.77 31.82
CA GLU OC 137 14.88 -95.06 30.55
C GLU OC 137 15.31 -95.94 29.38
N ASN OC 138 15.96 -97.05 29.65
CA ASN OC 138 16.41 -97.93 28.59
C ASN OC 138 15.20 -98.60 27.94
N PRO OC 139 15.06 -98.54 26.61
CA PRO OC 139 13.94 -99.23 25.96
C PRO OC 139 14.03 -100.75 26.00
N LEU OC 140 15.13 -101.30 26.51
CA LEU OC 140 15.21 -102.72 26.76
C LEU OC 140 14.12 -103.19 27.71
N THR OC 141 13.77 -102.35 28.70
CA THR OC 141 12.70 -102.70 29.62
C THR OC 141 11.38 -102.88 28.89
N GLU OC 142 11.07 -101.93 28.00
CA GLU OC 142 9.80 -101.98 27.30
C GLU OC 142 9.76 -103.14 26.30
N ILE OC 143 10.86 -103.40 25.59
CA ILE OC 143 10.83 -104.47 24.59
C ILE OC 143 10.82 -105.83 25.26
N LEU OC 144 11.54 -105.98 26.37
CA LEU OC 144 11.47 -107.23 27.14
C LEU OC 144 10.09 -107.42 27.75
N LYS OC 145 9.46 -106.33 28.13
CA LYS OC 145 8.14 -106.39 28.72
C LYS OC 145 7.11 -106.87 27.70
N ARG OC 146 7.18 -106.33 26.49
CA ARG OC 146 6.31 -106.82 25.43
C ARG OC 146 6.65 -108.25 25.05
N HIS OC 147 7.92 -108.62 25.09
CA HIS OC 147 8.33 -109.95 24.67
C HIS OC 147 7.86 -111.02 25.66
N PHE OC 148 7.90 -110.71 26.95
CA PHE OC 148 7.47 -111.65 27.97
C PHE OC 148 6.05 -111.39 28.47
N ARG OC 149 5.33 -110.48 27.82
CA ARG OC 149 3.89 -110.30 27.99
C ARG OC 149 3.51 -109.83 29.38
N VAL OC 150 4.31 -108.97 29.98
CA VAL OC 150 3.98 -108.43 31.29
C VAL OC 150 3.21 -107.14 31.08
N MET OC 151 2.06 -107.03 31.72
CA MET OC 151 1.33 -105.77 31.67
C MET OC 151 0.53 -105.58 32.95
N LYS OC 152 0.63 -104.37 33.49
CA LYS OC 152 -0.16 -104.03 34.67
C LYS OC 152 -1.64 -103.94 34.32
N GLU OC 153 -1.96 -103.26 33.22
CA GLU OC 153 -3.30 -103.19 32.68
C GLU OC 153 -3.20 -103.15 31.16
N TYR OC 154 -4.30 -103.49 30.50
CA TYR OC 154 -4.33 -103.55 29.05
C TYR OC 154 -4.31 -102.12 28.50
N GLU OC 155 -3.11 -101.56 28.41
CA GLU OC 155 -2.93 -100.21 27.92
C GLU OC 155 -2.28 -100.15 26.55
N VAL OC 156 -1.44 -101.12 26.21
CA VAL OC 156 -0.76 -101.13 24.92
C VAL OC 156 -1.46 -102.13 24.02
N PRO OC 157 -1.63 -101.85 22.73
CA PRO OC 157 -2.18 -102.87 21.83
C PRO OC 157 -1.27 -104.06 21.69
N THR OC 158 -1.77 -105.23 22.08
CA THR OC 158 -1.05 -106.47 21.86
C THR OC 158 -1.82 -107.32 20.85
N TYR OC 159 -1.04 -108.06 20.05
CA TYR OC 159 -1.55 -108.56 18.77
C TYR OC 159 -2.19 -109.93 18.95
N GLY OC 160 -3.36 -109.91 19.60
CA GLY OC 160 -4.08 -111.14 19.84
C GLY OC 160 -3.59 -111.94 21.02
N TYR OC 161 -2.54 -111.47 21.70
CA TYR OC 161 -2.02 -112.12 22.88
C TYR OC 161 -3.00 -111.97 24.04
N GLY OC 162 -2.81 -112.79 25.05
CA GLY OC 162 -3.38 -112.55 26.35
C GLY OC 162 -2.32 -112.07 27.30
N SER OC 163 -2.75 -111.35 28.33
CA SER OC 163 -1.83 -110.92 29.37
C SER OC 163 -1.35 -112.14 30.14
N ARG OC 164 -0.11 -112.55 29.91
CA ARG OC 164 0.42 -113.74 30.57
C ARG OC 164 0.57 -113.54 32.07
N THR OC 165 1.01 -112.36 32.50
CA THR OC 165 1.32 -112.12 33.90
C THR OC 165 0.65 -110.85 34.37
N GLY OC 166 0.49 -110.75 35.68
CA GLY OC 166 0.29 -109.47 36.31
C GLY OC 166 1.52 -109.15 37.13
N VAL OC 167 1.78 -107.88 37.35
CA VAL OC 167 2.92 -107.50 38.21
C VAL OC 167 2.60 -107.90 39.65
N PRO OC 168 3.56 -108.47 40.40
CA PRO OC 168 4.92 -108.89 40.08
C PRO OC 168 4.99 -110.26 39.44
N SER OC 169 6.09 -110.51 38.74
CA SER OC 169 6.29 -111.83 38.19
C SER OC 169 7.77 -112.06 37.93
N VAL OC 170 8.25 -113.26 38.24
CA VAL OC 170 9.61 -113.65 37.91
C VAL OC 170 9.55 -114.71 36.83
N ILE OC 171 10.23 -114.45 35.72
CA ILE OC 171 10.28 -115.35 34.58
C ILE OC 171 11.72 -115.78 34.40
N VAL OC 172 11.97 -117.08 34.44
CA VAL OC 172 13.32 -117.61 34.22
C VAL OC 172 13.55 -117.66 32.72
N ILE OC 173 14.62 -117.02 32.26
CA ILE OC 173 14.84 -116.82 30.84
C ILE OC 173 15.95 -117.76 30.36
N GLY OC 174 16.02 -117.92 29.04
CA GLY OC 174 17.09 -118.65 28.40
C GLY OC 174 18.10 -117.72 27.76
N SER OC 175 19.00 -118.33 27.00
CA SER OC 175 20.01 -117.53 26.29
C SER OC 175 19.38 -116.75 25.15
N ASP OC 176 18.38 -117.33 24.49
CA ASP OC 176 17.78 -116.72 23.31
C ASP OC 176 16.42 -116.10 23.60
N GLY OC 177 16.14 -115.78 24.85
CA GLY OC 177 14.89 -115.15 25.20
C GLY OC 177 13.74 -116.10 25.43
N ARG OC 178 13.93 -117.39 25.21
CA ARG OC 178 12.91 -118.38 25.53
C ARG OC 178 12.75 -118.46 27.04
N GLU OC 179 11.51 -118.53 27.49
CA GLU OC 179 11.24 -118.63 28.92
C GLU OC 179 11.59 -120.04 29.40
N ALA OC 180 12.55 -120.13 30.32
CA ALA OC 180 13.00 -121.43 30.79
C ALA OC 180 11.92 -122.11 31.62
N GLN OC 181 11.37 -121.38 32.59
CA GLN OC 181 10.23 -121.86 33.35
C GLN OC 181 9.48 -120.67 33.90
N PHE OC 182 8.21 -120.89 34.22
CA PHE OC 182 7.32 -119.86 34.72
C PHE OC 182 7.11 -120.09 36.20
N LEU OC 183 7.31 -119.05 37.01
CA LEU OC 183 7.08 -119.19 38.43
C LEU OC 183 5.73 -118.60 38.77
N PRO OC 184 4.76 -119.39 39.21
CA PRO OC 184 3.39 -118.88 39.35
C PRO OC 184 3.10 -118.16 40.66
N ILE OC 185 3.41 -116.87 40.74
CA ILE OC 185 3.01 -116.08 41.90
C ILE OC 185 1.56 -115.63 41.76
N CYS OC 186 1.26 -114.87 40.71
CA CYS OC 186 -0.09 -114.48 40.35
C CYS OC 186 -0.32 -114.99 38.93
N SER OC 187 -0.76 -116.23 38.82
CA SER OC 187 -0.80 -116.92 37.54
C SER OC 187 -1.95 -117.92 37.58
N GLY OC 188 -1.92 -118.89 36.67
CA GLY OC 188 -2.92 -119.94 36.65
C GLY OC 188 -2.93 -120.82 37.90
N LEU OC 189 -1.81 -120.88 38.62
CA LEU OC 189 -1.77 -121.60 39.88
C LEU OC 189 -2.11 -120.73 41.08
N GLU OC 190 -1.84 -119.42 40.99
CA GLU OC 190 -2.07 -118.45 42.06
C GLU OC 190 -1.39 -118.86 43.36
N GLU OC 191 -0.24 -119.52 43.24
CA GLU OC 191 0.45 -120.11 44.38
C GLU OC 191 1.46 -119.10 44.89
N GLY OC 192 0.94 -118.03 45.49
CA GLY OC 192 1.75 -116.85 45.72
C GLY OC 192 2.74 -116.99 46.85
N ASP OC 193 3.84 -116.24 46.74
CA ASP OC 193 4.86 -115.97 47.74
C ASP OC 193 5.71 -117.18 48.10
N ARG OC 194 5.38 -118.36 47.62
CA ARG OC 194 6.23 -119.51 47.85
C ARG OC 194 6.33 -120.38 46.61
N ALA OC 195 5.91 -119.87 45.45
CA ALA OC 195 6.27 -120.48 44.17
C ALA OC 195 7.74 -120.28 43.84
N LEU OC 196 8.43 -119.40 44.57
CA LEU OC 196 9.87 -119.24 44.41
C LEU OC 196 10.61 -120.51 44.80
N LEU OC 197 10.00 -121.37 45.61
CA LEU OC 197 10.63 -122.64 45.93
C LEU OC 197 10.72 -123.54 44.71
N ARG OC 198 9.79 -123.40 43.77
CA ARG OC 198 9.76 -124.25 42.59
C ARG OC 198 10.88 -123.95 41.61
N TRP OC 199 11.65 -122.89 41.83
CA TRP OC 199 12.76 -122.54 40.97
C TRP OC 199 13.83 -123.61 40.98
N ASP OC 200 13.95 -124.37 39.90
CA ASP OC 200 15.00 -125.35 39.77
C ASP OC 200 16.21 -124.74 39.06
N TRP OC 201 17.38 -125.27 39.36
CA TRP OC 201 18.59 -124.75 38.74
C TRP OC 201 19.53 -125.79 38.15
N ARG OC 202 19.18 -127.08 38.09
CA ARG OC 202 19.93 -127.93 37.16
C ARG OC 202 19.64 -127.49 35.74
N ASN OC 203 18.37 -127.32 35.41
CA ASN OC 203 17.92 -127.28 34.03
C ASN OC 203 17.91 -125.89 33.45
N THR OC 204 17.69 -124.86 34.27
CA THR OC 204 17.66 -123.49 33.79
C THR OC 204 19.04 -122.89 33.92
N LYS OC 205 19.86 -123.06 32.89
CA LYS OC 205 21.22 -122.53 32.88
C LYS OC 205 21.37 -121.55 31.74
N PHE OC 206 21.90 -120.37 32.03
CA PHE OC 206 22.08 -119.34 31.02
C PHE OC 206 23.36 -119.64 30.27
N ALA OC 207 23.25 -120.52 29.28
CA ALA OC 207 24.39 -120.91 28.47
C ALA OC 207 24.65 -119.87 27.40
N SER PC 2 -45.05 -57.56 24.77
CA SER PC 2 -46.39 -57.18 25.19
C SER PC 2 -46.76 -57.77 26.54
N GLN PC 3 -45.94 -57.52 27.54
CA GLN PC 3 -46.23 -57.94 28.90
C GLN PC 3 -46.05 -56.75 29.83
N PRO PC 4 -46.98 -56.52 30.77
CA PRO PC 4 -48.21 -57.29 30.95
C PRO PC 4 -49.32 -56.76 30.08
N VAL PC 5 -49.04 -55.68 29.37
CA VAL PC 5 -50.01 -55.00 28.53
C VAL PC 5 -49.38 -54.79 27.17
N PHE PC 6 -50.23 -54.57 26.18
CA PHE PC 6 -49.69 -54.15 24.90
C PHE PC 6 -49.76 -52.64 24.72
N ALA PC 7 -50.80 -52.00 25.24
CA ALA PC 7 -50.97 -50.58 25.06
C ALA PC 7 -50.30 -49.79 26.16
N SER PC 8 -49.10 -50.00 26.35
CA SER PC 8 -48.35 -49.19 27.29
C SER PC 8 -47.45 -48.23 26.55
N PRO PC 9 -47.21 -47.04 27.10
CA PRO PC 9 -46.21 -46.16 26.47
C PRO PC 9 -44.83 -46.76 26.49
N LEU PC 10 -44.49 -47.46 27.57
CA LEU PC 10 -43.19 -48.11 27.65
C LEU PC 10 -43.07 -49.23 26.64
N ASN PC 11 -44.14 -49.99 26.44
CA ASN PC 11 -44.09 -51.06 25.45
C ASN PC 11 -44.07 -50.51 24.03
N VAL PC 12 -44.76 -49.39 23.81
CA VAL PC 12 -44.70 -48.73 22.50
C VAL PC 12 -43.29 -48.27 22.19
N GLU PC 13 -42.63 -47.68 23.19
CA GLU PC 13 -41.28 -47.19 23.02
C GLU PC 13 -40.32 -48.36 22.79
N LYS PC 14 -40.53 -49.45 23.53
CA LYS PC 14 -39.78 -50.68 23.36
C LYS PC 14 -39.88 -51.20 21.93
N ARG PC 15 -41.11 -51.32 21.43
CA ARG PC 15 -41.31 -51.87 20.10
C ARG PC 15 -40.69 -50.98 19.03
N ARG PC 16 -40.80 -49.66 19.20
CA ARG PC 16 -40.23 -48.75 18.22
C ARG PC 16 -38.71 -48.89 18.13
N LEU PC 17 -38.01 -48.85 19.28
CA LEU PC 17 -36.56 -48.98 19.23
C LEU PC 17 -36.11 -50.35 18.77
N ASN PC 18 -36.73 -51.42 19.24
CA ASN PC 18 -36.24 -52.74 18.82
C ASN PC 18 -36.54 -53.01 17.36
N GLU PC 19 -37.65 -52.53 16.84
CA GLU PC 19 -37.94 -52.81 15.45
C GLU PC 19 -37.11 -51.90 14.55
N GLU PC 20 -36.75 -50.70 15.03
CA GLU PC 20 -35.79 -49.87 14.32
C GLU PC 20 -34.43 -50.54 14.26
N ARG PC 21 -34.00 -51.16 15.36
CA ARG PC 21 -32.76 -51.92 15.36
C ARG PC 21 -32.81 -53.07 14.37
N ALA PC 22 -33.95 -53.77 14.32
CA ALA PC 22 -34.10 -54.89 13.40
C ALA PC 22 -34.05 -54.42 11.95
N LEU PC 23 -34.68 -53.29 11.64
CA LEU PC 23 -34.63 -52.77 10.28
C LEU PC 23 -33.23 -52.35 9.89
N MET PC 24 -32.51 -51.70 10.80
CA MET PC 24 -31.15 -51.27 10.48
C MET PC 24 -30.24 -52.47 10.28
N GLN PC 25 -30.41 -53.51 11.11
CA GLN PC 25 -29.63 -54.73 10.93
C GLN PC 25 -29.95 -55.43 9.61
N ALA PC 26 -31.22 -55.44 9.24
CA ALA PC 26 -31.61 -56.07 7.98
C ALA PC 26 -31.06 -55.29 6.79
N GLN PC 27 -31.04 -53.95 6.89
CA GLN PC 27 -30.46 -53.14 5.83
C GLN PC 27 -28.96 -53.36 5.73
N LYS PC 28 -28.28 -53.51 6.86
CA LYS PC 28 -26.85 -53.76 6.84
C LYS PC 28 -26.53 -55.12 6.23
N ALA PC 29 -27.20 -56.17 6.67
CA ALA PC 29 -26.97 -57.49 6.12
C ALA PC 29 -27.59 -57.62 4.74
N ASN PC 35 -33.65 -62.65 5.58
CA ASN PC 35 -33.99 -63.86 6.30
C ASN PC 35 -34.00 -63.61 7.79
N ILE PC 36 -34.46 -62.43 8.18
CA ILE PC 36 -34.60 -62.05 9.57
C ILE PC 36 -36.04 -61.64 9.82
N GLN PC 37 -36.55 -61.98 11.00
CA GLN PC 37 -37.98 -61.86 11.28
C GLN PC 37 -38.36 -60.41 11.48
N LEU PC 38 -39.22 -59.90 10.60
CA LEU PC 38 -39.81 -58.57 10.76
C LEU PC 38 -41.32 -58.73 10.85
N PRO PC 39 -41.97 -58.24 11.92
CA PRO PC 39 -41.47 -57.54 13.11
C PRO PC 39 -40.82 -58.50 14.09
N PRO PC 40 -39.90 -58.00 14.91
CA PRO PC 40 -39.12 -58.89 15.77
C PRO PC 40 -39.98 -59.52 16.86
N ASN PC 41 -39.52 -60.67 17.33
CA ASN PC 41 -40.22 -61.37 18.41
C ASN PC 41 -40.07 -60.64 19.73
N TYR PC 42 -41.09 -60.81 20.57
CA TYR PC 42 -41.15 -60.12 21.84
C TYR PC 42 -40.08 -60.62 22.80
N GLY PC 43 -39.69 -61.88 22.68
CA GLY PC 43 -38.58 -62.38 23.47
C GLY PC 43 -37.27 -61.72 23.09
N ASP PC 44 -37.09 -61.43 21.80
CA ASP PC 44 -35.85 -60.85 21.33
C ASP PC 44 -35.81 -59.34 21.48
N MET PC 45 -36.95 -58.69 21.71
CA MET PC 45 -36.91 -57.27 22.02
C MET PC 45 -36.29 -57.05 23.40
N ASP PC 46 -35.45 -56.01 23.48
CA ASP PC 46 -34.75 -55.68 24.71
C ASP PC 46 -34.87 -54.20 25.00
N LEU PC 47 -34.92 -53.86 26.29
CA LEU PC 47 -34.99 -52.48 26.74
C LEU PC 47 -34.07 -52.27 27.91
N ILE PC 48 -33.69 -51.02 28.13
CA ILE PC 48 -33.07 -50.59 29.38
C ILE PC 48 -34.17 -49.89 30.17
N LEU PC 49 -34.40 -50.35 31.39
CA LEU PC 49 -35.61 -49.92 32.09
C LEU PC 49 -35.39 -48.62 32.83
N PHE PC 50 -34.44 -48.63 33.76
CA PHE PC 50 -34.12 -47.43 34.52
C PHE PC 50 -32.85 -46.85 33.95
N PRO PC 51 -32.90 -45.73 33.25
CA PRO PC 51 -31.66 -45.14 32.71
C PRO PC 51 -30.79 -44.57 33.82
N GLU PC 52 -29.68 -43.92 33.42
CA GLU PC 52 -28.63 -43.59 34.38
C GLU PC 52 -29.11 -42.58 35.42
N GLY PC 53 -30.03 -41.72 35.06
CA GLY PC 53 -30.43 -40.68 35.98
C GLY PC 53 -31.68 -40.96 36.78
N SER PC 54 -32.14 -42.21 36.82
CA SER PC 54 -33.41 -42.50 37.45
C SER PC 54 -33.29 -42.67 38.96
N LEU PC 55 -32.57 -43.69 39.39
CA LEU PC 55 -32.65 -44.13 40.78
C LEU PC 55 -31.69 -43.36 41.66
N LYS PC 56 -32.21 -42.83 42.76
CA LYS PC 56 -31.44 -42.06 43.73
C LYS PC 56 -31.66 -42.65 45.11
N ASN PC 57 -30.59 -42.81 45.86
CA ASN PC 57 -30.71 -43.39 47.20
C ASN PC 57 -30.89 -42.28 48.22
N SER PC 58 -30.71 -42.60 49.51
CA SER PC 58 -30.79 -41.59 50.55
C SER PC 58 -29.70 -40.56 50.36
N ASN PC 59 -30.02 -39.34 50.83
CA ASN PC 59 -29.39 -38.03 50.59
C ASN PC 59 -28.81 -37.89 49.19
N ASN PC 60 -29.60 -38.31 48.19
CA ASN PC 60 -29.48 -37.91 46.78
C ASN PC 60 -28.12 -38.26 46.18
N THR PC 61 -27.88 -39.55 46.04
CA THR PC 61 -26.71 -40.02 45.29
C THR PC 61 -27.19 -41.05 44.27
N VAL PC 62 -26.71 -40.91 43.03
CA VAL PC 62 -27.24 -41.70 41.93
C VAL PC 62 -26.78 -43.14 42.08
N ILE PC 63 -27.73 -44.07 41.99
CA ILE PC 63 -27.45 -45.51 42.01
C ILE PC 63 -27.83 -46.10 40.67
N PRO PC 64 -26.91 -46.70 39.95
CA PRO PC 64 -27.22 -47.22 38.61
C PRO PC 64 -28.03 -48.50 38.68
N GLN PC 65 -28.47 -48.95 37.52
CA GLN PC 65 -29.19 -50.20 37.38
C GLN PC 65 -28.29 -51.41 37.65
N SER PC 66 -26.97 -51.24 37.61
CA SER PC 66 -26.05 -52.36 37.82
C SER PC 66 -26.15 -52.94 39.21
N HIS PC 67 -26.53 -52.14 40.20
CA HIS PC 67 -26.60 -52.61 41.57
C HIS PC 67 -27.93 -53.23 41.93
N LEU PC 68 -28.79 -53.48 40.95
CA LEU PC 68 -30.04 -54.17 41.18
C LEU PC 68 -29.95 -55.61 40.73
N LYS PC 69 -28.78 -56.07 40.32
CA LYS PC 69 -28.61 -57.37 39.71
C LYS PC 69 -28.61 -58.46 40.77
N GLY PC 70 -29.25 -59.59 40.45
CA GLY PC 70 -29.24 -60.74 41.33
C GLY PC 70 -30.01 -60.51 42.61
N LYS PC 71 -31.12 -59.79 42.52
CA LYS PC 71 -31.91 -59.36 43.67
C LYS PC 71 -33.37 -59.41 43.29
N SER PC 72 -34.25 -59.29 44.28
CA SER PC 72 -35.68 -59.24 44.03
C SER PC 72 -36.14 -57.80 44.17
N VAL PC 73 -36.61 -57.22 43.07
CA VAL PC 73 -36.87 -55.79 42.98
C VAL PC 73 -38.36 -55.57 42.84
N ALA PC 74 -38.92 -54.70 43.67
CA ALA PC 74 -40.34 -54.42 43.65
C ALA PC 74 -40.59 -52.91 43.61
N LEU PC 75 -41.55 -52.52 42.78
CA LEU PC 75 -42.01 -51.14 42.74
C LEU PC 75 -43.09 -50.94 43.79
N TYR PC 76 -42.96 -49.85 44.53
CA TYR PC 76 -43.92 -49.47 45.56
C TYR PC 76 -44.65 -48.24 45.05
N PHE PC 77 -45.84 -48.45 44.48
CA PHE PC 77 -46.69 -47.35 44.06
C PHE PC 77 -47.41 -46.85 45.30
N ALA PC 78 -47.07 -45.64 45.73
CA ALA PC 78 -47.54 -45.16 47.02
C ALA PC 78 -47.97 -43.71 46.94
N ASP PC 79 -48.84 -43.34 47.88
CA ASP PC 79 -49.35 -41.99 48.02
C ASP PC 79 -49.05 -41.49 49.42
N GLY PC 80 -49.07 -40.18 49.59
CA GLY PC 80 -48.70 -39.59 50.86
C GLY PC 80 -49.84 -39.53 51.85
N ALA PC 81 -50.97 -38.96 51.44
CA ALA PC 81 -52.09 -38.74 52.34
C ALA PC 81 -53.09 -39.88 52.34
N ASP PC 82 -52.80 -40.96 51.61
CA ASP PC 82 -53.72 -42.08 51.58
C ASP PC 82 -53.57 -42.86 52.88
N PRO PC 83 -54.63 -43.01 53.67
CA PRO PC 83 -54.50 -43.71 54.96
C PRO PC 83 -54.09 -45.16 54.82
N LYS PC 84 -54.47 -45.82 53.72
CA LYS PC 84 -54.00 -47.18 53.50
C LYS PC 84 -52.49 -47.22 53.29
N CYS PC 85 -51.95 -46.23 52.58
CA CYS PC 85 -50.50 -46.15 52.42
C CYS PC 85 -49.82 -45.90 53.76
N ALA PC 86 -50.39 -45.01 54.57
CA ALA PC 86 -49.81 -44.72 55.88
C ALA PC 86 -49.87 -45.92 56.79
N SER PC 87 -50.88 -46.78 56.61
CA SER PC 87 -50.93 -48.00 57.40
C SER PC 87 -49.97 -49.05 56.89
N LEU PC 88 -49.78 -49.14 55.57
CA LEU PC 88 -48.94 -50.19 55.02
C LEU PC 88 -47.46 -49.89 55.18
N LEU PC 89 -47.08 -48.61 55.30
CA LEU PC 89 -45.67 -48.26 55.36
C LEU PC 89 -44.89 -48.89 56.52
N PRO PC 90 -45.35 -48.88 57.78
CA PRO PC 90 -44.50 -49.46 58.83
C PRO PC 90 -44.30 -50.95 58.70
N PHE PC 91 -45.30 -51.67 58.20
CA PHE PC 91 -45.14 -53.11 57.99
C PHE PC 91 -44.07 -53.39 56.96
N LEU PC 92 -44.04 -52.62 55.87
CA LEU PC 92 -43.05 -52.87 54.85
C LEU PC 92 -41.67 -52.41 55.30
N LEU PC 93 -41.61 -51.39 56.15
CA LEU PC 93 -40.33 -50.98 56.74
C LEU PC 93 -39.74 -52.09 57.60
N ASN PC 94 -40.56 -52.66 58.47
CA ASN PC 94 -40.09 -53.75 59.32
C ASN PC 94 -39.71 -54.96 58.48
N TYR PC 95 -40.49 -55.26 57.46
CA TYR PC 95 -40.21 -56.41 56.60
C TYR PC 95 -38.89 -56.23 55.87
N TYR PC 96 -38.66 -55.04 55.32
CA TYR PC 96 -37.42 -54.77 54.60
C TYR PC 96 -36.21 -54.87 55.51
N ARG PC 97 -36.30 -54.26 56.70
CA ARG PC 97 -35.18 -54.26 57.62
C ARG PC 97 -34.85 -55.68 58.09
N THR PC 98 -35.86 -56.42 58.52
CA THR PC 98 -35.63 -57.78 59.02
C THR PC 98 -35.10 -58.68 57.92
N MET PC 99 -35.68 -58.57 56.72
CA MET PC 99 -35.28 -59.43 55.63
C MET PC 99 -33.84 -59.16 55.19
N ASN PC 100 -33.44 -57.89 55.19
CA ASN PC 100 -32.07 -57.62 54.77
C ASN PC 100 -31.06 -57.97 55.86
N GLU PC 101 -31.41 -57.81 57.13
CA GLU PC 101 -30.51 -58.26 58.18
C GLU PC 101 -30.38 -59.78 58.20
N GLY PC 102 -31.44 -60.49 57.85
CA GLY PC 102 -31.37 -61.94 57.93
C GLY PC 102 -30.57 -62.58 56.83
N GLY PC 103 -29.26 -62.43 56.88
CA GLY PC 103 -28.39 -63.07 55.91
C GLY PC 103 -27.15 -62.25 55.66
N ALA PC 104 -26.20 -62.87 54.96
CA ALA PC 104 -24.96 -62.19 54.63
C ALA PC 104 -25.18 -61.11 53.58
N ASN PC 105 -25.90 -61.46 52.52
CA ASN PC 105 -26.17 -60.55 51.41
C ASN PC 105 -27.58 -60.01 51.50
N GLN PC 106 -27.79 -58.84 50.91
CA GLN PC 106 -29.10 -58.21 50.89
C GLN PC 106 -29.90 -58.74 49.70
N LYS PC 107 -31.18 -59.05 49.92
CA LYS PC 107 -31.98 -59.80 48.96
C LYS PC 107 -33.00 -58.94 48.22
N ILE PC 108 -33.83 -58.19 48.93
CA ILE PC 108 -34.89 -57.43 48.31
C ILE PC 108 -34.46 -55.98 48.13
N GLU PC 109 -35.09 -55.30 47.17
CA GLU PC 109 -35.05 -53.85 47.10
C GLU PC 109 -36.39 -53.29 46.65
N ILE PC 110 -36.66 -52.08 47.12
CA ILE PC 110 -37.90 -51.37 46.84
C ILE PC 110 -37.55 -50.09 46.12
N ILE PC 111 -38.17 -49.87 44.96
CA ILE PC 111 -38.08 -48.61 44.25
C ILE PC 111 -39.44 -47.92 44.36
N PHE PC 112 -39.43 -46.69 44.84
CA PHE PC 112 -40.62 -45.99 45.24
C PHE PC 112 -41.10 -45.10 44.09
N VAL PC 113 -42.35 -45.30 43.68
CA VAL PC 113 -42.99 -44.50 42.66
C VAL PC 113 -44.12 -43.73 43.33
N SER PC 114 -44.08 -42.42 43.21
CA SER PC 114 -44.90 -41.53 44.01
C SER PC 114 -46.14 -41.11 43.25
N LEU PC 115 -47.26 -41.07 43.94
CA LEU PC 115 -48.50 -40.50 43.41
C LEU PC 115 -48.91 -39.27 44.20
N ASP PC 116 -47.94 -38.59 44.80
CA ASP PC 116 -48.24 -37.44 45.64
C ASP PC 116 -48.63 -36.23 44.78
N ARG PC 117 -49.13 -35.20 45.46
CA ARG PC 117 -49.57 -33.99 44.77
C ARG PC 117 -48.40 -33.14 44.32
N ASP PC 118 -47.38 -32.97 45.17
CA ASP PC 118 -46.35 -31.98 44.92
C ASP PC 118 -45.05 -32.37 45.63
N ARG PC 119 -44.02 -31.54 45.40
CA ARG PC 119 -42.68 -31.84 45.90
C ARG PC 119 -42.60 -31.78 47.41
N GLU PC 120 -43.35 -30.90 48.06
CA GLU PC 120 -43.30 -30.85 49.51
C GLU PC 120 -43.83 -32.14 50.11
N ALA PC 121 -44.94 -32.66 49.57
CA ALA PC 121 -45.45 -33.95 50.01
C ALA PC 121 -44.47 -35.07 49.69
N PHE PC 122 -43.80 -34.98 48.53
CA PHE PC 122 -42.83 -36.00 48.15
C PHE PC 122 -41.68 -36.07 49.14
N GLU PC 123 -41.09 -34.92 49.47
CA GLU PC 123 -39.96 -34.95 50.38
C GLU PC 123 -40.40 -35.29 51.79
N SER PC 124 -41.59 -34.86 52.20
CA SER PC 124 -42.08 -35.18 53.54
C SER PC 124 -42.31 -36.67 53.69
N HIS PC 125 -42.84 -37.33 52.67
CA HIS PC 125 -43.04 -38.77 52.77
C HIS PC 125 -41.75 -39.54 52.60
N ARG PC 126 -40.90 -39.12 51.65
CA ARG PC 126 -39.70 -39.87 51.34
C ARG PC 126 -38.62 -39.68 52.38
N ALA PC 127 -38.77 -38.72 53.30
CA ALA PC 127 -37.81 -38.57 54.38
C ALA PC 127 -37.78 -39.78 55.30
N HIS PC 128 -38.88 -40.53 55.39
CA HIS PC 128 -38.87 -41.75 56.19
C HIS PC 128 -38.02 -42.84 55.54
N MET PC 129 -38.22 -43.08 54.28
CA MET PC 129 -37.91 -44.30 53.56
C MET PC 129 -36.41 -44.47 53.36
N PRO PC 130 -35.88 -45.69 53.53
CA PRO PC 130 -34.47 -45.93 53.26
C PRO PC 130 -34.16 -46.54 51.90
N TRP PC 131 -35.17 -46.99 51.16
CA TRP PC 131 -34.94 -47.65 49.88
C TRP PC 131 -34.91 -46.64 48.75
N LEU PC 132 -34.83 -47.13 47.52
CA LEU PC 132 -34.57 -46.20 46.43
C LEU PC 132 -35.88 -45.53 46.00
N SER PC 133 -35.75 -44.36 45.38
CA SER PC 133 -36.94 -43.58 45.05
C SER PC 133 -36.75 -42.86 43.73
N ILE PC 134 -37.80 -42.84 42.91
CA ILE PC 134 -37.80 -42.14 41.64
C ILE PC 134 -38.50 -40.80 41.84
N ASP PC 135 -37.89 -39.72 41.34
CA ASP PC 135 -38.40 -38.38 41.54
C ASP PC 135 -39.74 -38.18 40.84
N LEU PC 136 -40.48 -37.18 41.29
CA LEU PC 136 -41.83 -36.95 40.79
C LEU PC 136 -41.85 -36.31 39.40
N GLU PC 137 -40.88 -35.46 39.08
CA GLU PC 137 -40.88 -34.82 37.77
C GLU PC 137 -40.39 -35.71 36.65
N ASN PC 138 -39.69 -36.77 36.95
CA ASN PC 138 -39.15 -37.63 35.91
C ASN PC 138 -40.32 -38.37 35.28
N PRO PC 139 -40.47 -38.35 33.95
CA PRO PC 139 -41.64 -38.99 33.32
C PRO PC 139 -41.68 -40.50 33.47
N LEU PC 140 -40.63 -41.10 34.02
CA LEU PC 140 -40.68 -42.51 34.38
C LEU PC 140 -41.78 -42.79 35.40
N THR PC 141 -42.03 -41.83 36.31
CA THR PC 141 -43.00 -42.09 37.37
C THR PC 141 -44.43 -42.11 36.85
N GLU PC 142 -44.65 -41.68 35.61
CA GLU PC 142 -45.97 -41.80 35.01
C GLU PC 142 -46.01 -42.87 33.93
N ILE PC 143 -44.90 -43.10 33.22
CA ILE PC 143 -44.92 -44.17 32.23
C ILE PC 143 -44.94 -45.53 32.91
N LEU PC 144 -44.29 -45.69 34.06
CA LEU PC 144 -44.38 -46.94 34.81
C LEU PC 144 -45.77 -47.13 35.38
N LYS PC 145 -46.39 -46.03 35.79
CA LYS PC 145 -47.76 -46.05 36.28
C LYS PC 145 -48.71 -46.56 35.21
N ARG PC 146 -48.61 -46.02 34.01
CA ARG PC 146 -49.47 -46.46 32.93
C ARG PC 146 -49.13 -47.87 32.50
N HIS PC 147 -47.88 -48.28 32.66
CA HIS PC 147 -47.45 -49.61 32.25
C HIS PC 147 -47.99 -50.69 33.17
N PHE PC 148 -47.94 -50.47 34.47
CA PHE PC 148 -48.39 -51.46 35.44
C PHE PC 148 -49.81 -51.20 35.92
N ARG PC 149 -50.51 -50.25 35.30
CA ARG PC 149 -51.97 -50.08 35.40
C ARG PC 149 -52.38 -49.63 36.81
N VAL PC 150 -51.67 -48.67 37.36
CA VAL PC 150 -51.98 -48.13 38.67
C VAL PC 150 -52.74 -46.84 38.48
N MET PC 151 -53.85 -46.67 39.19
CA MET PC 151 -54.61 -45.45 39.09
C MET PC 151 -55.38 -45.19 40.37
N LYS PC 152 -55.18 -44.00 40.94
CA LYS PC 152 -55.96 -43.58 42.09
C LYS PC 152 -57.43 -43.47 41.73
N GLU PC 153 -57.73 -42.84 40.59
CA GLU PC 153 -59.08 -42.76 40.06
C GLU PC 153 -59.03 -42.81 38.55
N TYR PC 154 -60.15 -43.20 37.96
CA TYR PC 154 -60.26 -43.39 36.51
C TYR PC 154 -60.29 -42.02 35.85
N GLU PC 155 -59.11 -41.45 35.65
CA GLU PC 155 -58.95 -40.19 34.95
C GLU PC 155 -58.00 -40.28 33.78
N VAL PC 156 -57.04 -41.19 33.82
CA VAL PC 156 -56.13 -41.42 32.70
C VAL PC 156 -56.92 -41.96 31.51
N PRO PC 157 -56.68 -41.47 30.29
CA PRO PC 157 -57.17 -42.20 29.11
C PRO PC 157 -56.54 -43.57 29.09
N THR PC 158 -57.37 -44.59 29.31
CA THR PC 158 -56.90 -45.94 29.55
C THR PC 158 -57.54 -46.88 28.53
N TYR PC 159 -56.71 -47.59 27.79
CA TYR PC 159 -57.11 -48.14 26.49
C TYR PC 159 -57.77 -49.49 26.69
N GLY PC 160 -58.97 -49.45 27.27
CA GLY PC 160 -59.68 -50.68 27.56
C GLY PC 160 -59.10 -51.50 28.69
N TYR PC 161 -58.17 -50.94 29.46
CA TYR PC 161 -57.67 -51.60 30.65
C TYR PC 161 -58.78 -51.74 31.67
N GLY PC 162 -58.50 -52.53 32.69
CA GLY PC 162 -59.17 -52.39 33.97
C GLY PC 162 -58.17 -51.81 34.92
N SER PC 163 -58.64 -51.15 35.96
CA SER PC 163 -57.73 -50.71 37.02
C SER PC 163 -57.20 -51.95 37.71
N ARG PC 164 -55.95 -52.31 37.41
CA ARG PC 164 -55.35 -53.50 38.00
C ARG PC 164 -55.17 -53.34 39.49
N THR PC 165 -54.83 -52.14 39.94
CA THR PC 165 -54.68 -51.92 41.37
C THR PC 165 -55.03 -50.49 41.73
N GLY PC 166 -55.28 -50.28 43.00
CA GLY PC 166 -55.37 -48.95 43.55
C GLY PC 166 -54.21 -48.74 44.48
N VAL PC 167 -53.85 -47.49 44.72
CA VAL PC 167 -52.74 -47.18 45.62
C VAL PC 167 -53.16 -47.52 47.04
N PRO PC 168 -52.30 -48.15 47.86
CA PRO PC 168 -50.93 -48.63 47.67
C PRO PC 168 -50.86 -49.94 46.94
N SER PC 169 -49.74 -50.18 46.28
CA SER PC 169 -49.51 -51.49 45.71
C SER PC 169 -48.02 -51.72 45.58
N VAL PC 170 -47.62 -52.98 45.61
CA VAL PC 170 -46.25 -53.38 45.32
C VAL PC 170 -46.28 -54.42 44.22
N ILE PC 171 -45.44 -54.21 43.21
CA ILE PC 171 -45.42 -55.07 42.03
C ILE PC 171 -43.98 -55.52 41.84
N VAL PC 172 -43.76 -56.82 41.85
CA VAL PC 172 -42.42 -57.35 41.63
C VAL PC 172 -42.15 -57.35 40.14
N ILE PC 173 -41.11 -56.66 39.73
CA ILE PC 173 -40.84 -56.41 38.33
C ILE PC 173 -39.74 -57.33 37.85
N GLY PC 174 -39.79 -57.66 36.56
CA GLY PC 174 -38.76 -58.44 35.93
C GLY PC 174 -37.73 -57.55 35.26
N SER PC 175 -36.80 -58.19 34.56
CA SER PC 175 -35.77 -57.44 33.85
C SER PC 175 -36.37 -56.65 32.70
N ASP PC 176 -37.31 -57.25 31.97
CA ASP PC 176 -37.88 -56.63 30.78
C ASP PC 176 -39.27 -56.05 31.05
N GLY PC 177 -39.56 -55.70 32.29
CA GLY PC 177 -40.80 -55.02 32.60
C GLY PC 177 -41.99 -55.92 32.86
N ARG PC 178 -41.85 -57.23 32.68
CA ARG PC 178 -42.95 -58.12 33.01
C ARG PC 178 -43.13 -58.20 34.51
N GLU PC 179 -44.38 -58.31 34.95
CA GLU PC 179 -44.63 -58.39 36.37
C GLU PC 179 -44.34 -59.81 36.85
N ALA PC 180 -43.43 -59.92 37.82
CA ALA PC 180 -43.10 -61.23 38.34
C ALA PC 180 -44.25 -61.79 39.14
N GLN PC 181 -44.80 -60.99 40.05
CA GLN PC 181 -45.99 -61.38 40.79
C GLN PC 181 -46.66 -60.14 41.36
N PHE PC 182 -47.98 -60.19 41.36
CA PHE PC 182 -48.78 -59.18 42.03
C PHE PC 182 -48.85 -59.57 43.50
N LEU PC 183 -48.56 -58.62 44.38
CA LEU PC 183 -48.76 -58.87 45.79
C LEU PC 183 -50.11 -58.30 46.19
N PRO PC 184 -51.03 -59.12 46.66
CA PRO PC 184 -52.44 -58.70 46.82
C PRO PC 184 -52.78 -57.99 48.12
N ILE PC 185 -52.52 -56.68 48.15
CA ILE PC 185 -52.96 -55.87 49.28
C ILE PC 185 -54.38 -55.40 49.09
N CYS PC 186 -54.64 -54.64 48.03
CA CYS PC 186 -55.99 -54.28 47.61
C CYS PC 186 -56.20 -54.89 46.24
N SER PC 187 -56.58 -56.16 46.21
CA SER PC 187 -56.68 -56.92 44.97
C SER PC 187 -57.75 -57.98 45.14
N GLY PC 188 -57.71 -59.00 44.29
CA GLY PC 188 -58.66 -60.10 44.38
C GLY PC 188 -58.55 -60.93 45.64
N LEU PC 189 -57.39 -60.89 46.30
CA LEU PC 189 -57.25 -61.64 47.55
C LEU PC 189 -57.52 -60.78 48.78
N GLU PC 190 -57.27 -59.47 48.69
CA GLU PC 190 -57.65 -58.49 49.71
C GLU PC 190 -57.00 -58.79 51.07
N GLU PC 191 -55.73 -59.19 51.06
CA GLU PC 191 -55.04 -59.54 52.30
C GLU PC 191 -54.06 -58.41 52.62
N GLY PC 192 -54.56 -57.41 53.35
CA GLY PC 192 -53.76 -56.22 53.61
C GLY PC 192 -52.68 -56.47 54.64
N ASP PC 193 -51.48 -55.98 54.33
CA ASP PC 193 -50.30 -55.96 55.20
C ASP PC 193 -49.77 -57.36 55.54
N ARG PC 194 -50.41 -58.38 55.00
CA ARG PC 194 -49.97 -59.75 55.14
C ARG PC 194 -49.67 -60.37 53.79
N ALA PC 195 -49.98 -59.69 52.71
CA ALA PC 195 -49.57 -60.13 51.38
C ALA PC 195 -48.07 -60.03 51.17
N LEU PC 196 -47.37 -59.30 52.03
CA LEU PC 196 -45.93 -59.17 51.90
C LEU PC 196 -45.23 -60.49 52.16
N LEU PC 197 -45.85 -61.38 52.93
CA LEU PC 197 -45.25 -62.68 53.18
C LEU PC 197 -45.30 -63.58 51.96
N ARG PC 198 -46.18 -63.30 51.01
CA ARG PC 198 -46.25 -64.10 49.79
C ARG PC 198 -45.12 -63.79 48.83
N TRP PC 199 -44.32 -62.76 49.10
CA TRP PC 199 -43.24 -62.35 48.21
C TRP PC 199 -42.16 -63.42 48.21
N ASP PC 200 -42.03 -64.14 47.11
CA ASP PC 200 -40.93 -65.08 46.96
C ASP PC 200 -39.78 -64.38 46.26
N TRP PC 201 -38.57 -64.80 46.59
CA TRP PC 201 -37.39 -64.10 46.13
C TRP PC 201 -36.37 -65.02 45.50
N ARG PC 202 -36.54 -66.34 45.58
CA ARG PC 202 -35.73 -67.20 44.74
C ARG PC 202 -36.04 -66.94 43.28
N ASN PC 203 -37.32 -66.97 42.94
CA ASN PC 203 -37.73 -67.02 41.55
C ASN PC 203 -37.76 -65.64 40.90
N THR PC 204 -38.09 -64.61 41.65
CA THR PC 204 -38.22 -63.27 41.06
C THR PC 204 -36.92 -62.49 41.23
N LYS PC 205 -35.86 -63.01 40.62
CA LYS PC 205 -34.57 -62.34 40.65
C LYS PC 205 -34.46 -61.39 39.48
N PHE PC 206 -34.07 -60.15 39.76
CA PHE PC 206 -33.83 -59.17 38.70
C PHE PC 206 -32.54 -59.48 37.97
N ALA PC 207 -32.62 -60.26 36.90
CA ALA PC 207 -31.43 -60.64 36.17
C ALA PC 207 -31.13 -59.64 35.06
N VAL QC 12 42.30 -101.10 47.31
CA VAL QC 12 41.06 -101.10 48.08
C VAL QC 12 41.36 -101.22 49.57
N VAL QC 13 42.46 -101.88 49.89
CA VAL QC 13 42.92 -102.03 51.27
C VAL QC 13 44.27 -101.35 51.40
N LYS QC 14 44.41 -100.52 52.43
CA LYS QC 14 45.48 -99.54 52.52
C LYS QC 14 46.27 -99.74 53.81
N ARG QC 15 47.59 -99.80 53.68
CA ARG QC 15 48.50 -99.91 54.81
C ARG QC 15 49.06 -98.53 55.14
N THR QC 16 48.86 -98.09 56.37
CA THR QC 16 49.30 -96.77 56.81
C THR QC 16 50.71 -96.87 57.35
N GLN QC 17 51.63 -96.12 56.76
CA GLN QC 17 53.01 -96.11 57.23
C GLN QC 17 53.47 -94.68 57.47
N GLN QC 18 54.76 -94.50 57.78
CA GLN QC 18 55.29 -93.21 58.20
C GLN QC 18 55.55 -92.34 56.98
N GLY QC 19 54.67 -91.37 56.74
CA GLY QC 19 54.90 -90.40 55.71
C GLY QC 19 53.80 -90.33 54.67
N ASN QC 20 53.31 -91.49 54.25
CA ASN QC 20 52.19 -91.58 53.31
C ASN QC 20 51.53 -92.94 53.48
N TYR QC 21 50.60 -93.26 52.59
CA TYR QC 21 49.77 -94.45 52.70
C TYR QC 21 50.07 -95.35 51.51
N VAL QC 22 50.33 -96.62 51.77
CA VAL QC 22 50.76 -97.54 50.73
C VAL QC 22 49.74 -98.67 50.61
N PRO QC 23 49.43 -99.15 49.41
CA PRO QC 23 48.64 -100.39 49.31
C PRO QC 23 49.42 -101.56 49.89
N VAL QC 24 48.71 -102.46 50.51
CA VAL QC 24 49.35 -103.56 51.22
C VAL QC 24 49.37 -104.78 50.30
N ARG QC 25 50.44 -105.57 50.43
CA ARG QC 25 50.62 -106.75 49.61
C ARG QC 25 49.58 -107.80 49.99
N PRO QC 26 49.12 -108.60 49.01
CA PRO QC 26 48.19 -109.69 49.34
C PRO QC 26 48.85 -110.84 50.09
N ASP QC 27 50.17 -110.87 50.17
CA ASP QC 27 50.86 -111.87 50.96
C ASP QC 27 50.94 -111.52 52.44
N HIS QC 28 50.52 -110.32 52.83
CA HIS QC 28 50.54 -109.95 54.23
C HIS QC 28 49.47 -110.72 55.01
N PHE QC 29 48.27 -110.84 54.42
CA PHE QC 29 47.17 -111.51 55.10
C PHE QC 29 47.34 -113.02 55.15
N ALA QC 30 48.30 -113.58 54.42
CA ALA QC 30 48.47 -115.03 54.39
C ALA QC 30 49.17 -115.53 55.64
N GLY QC 31 48.70 -116.66 56.15
CA GLY QC 31 49.31 -117.29 57.31
C GLY QC 31 48.85 -116.78 58.66
N VAL QC 32 47.93 -115.82 58.70
CA VAL QC 32 47.48 -115.21 59.94
C VAL QC 32 45.95 -115.28 60.01
N SER QC 33 45.41 -114.67 61.07
CA SER QC 33 43.97 -114.51 61.23
C SER QC 33 43.63 -113.04 61.04
N VAL QC 34 42.65 -112.76 60.18
CA VAL QC 34 42.27 -111.40 59.83
C VAL QC 34 40.88 -111.14 60.38
N ALA QC 35 40.75 -110.06 61.14
CA ALA QC 35 39.50 -109.64 61.75
C ALA QC 35 39.06 -108.32 61.14
N LEU QC 36 37.80 -108.24 60.73
CA LEU QC 36 37.24 -106.97 60.31
C LEU QC 36 36.62 -106.26 61.52
N PHE QC 37 37.01 -105.01 61.71
CA PHE QC 37 36.59 -104.18 62.83
C PHE QC 37 35.59 -103.16 62.32
N PHE QC 38 34.31 -103.41 62.55
CA PHE QC 38 33.24 -102.50 62.17
C PHE QC 38 33.16 -101.41 63.23
N ALA QC 39 33.34 -100.15 62.83
CA ALA QC 39 33.38 -99.10 63.85
C ALA QC 39 32.93 -97.75 63.30
N LYS QC 40 32.65 -96.86 64.25
CA LYS QC 40 32.30 -95.46 64.04
C LYS QC 40 33.54 -94.57 64.12
N ALA QC 41 33.29 -93.26 64.21
CA ALA QC 41 34.26 -92.28 64.68
C ALA QC 41 33.53 -91.34 65.64
N GLY QC 42 34.13 -91.09 66.79
CA GLY QC 42 33.55 -90.20 67.77
C GLY QC 42 32.51 -90.82 68.66
N HIS QC 43 32.10 -92.05 68.39
CA HIS QC 43 31.20 -92.77 69.26
C HIS QC 43 31.92 -93.14 70.56
N SER QC 44 31.16 -93.17 71.66
CA SER QC 44 31.75 -93.38 72.97
C SER QC 44 32.34 -94.77 73.13
N LYS QC 45 31.59 -95.81 72.75
CA LYS QC 45 32.16 -97.16 72.78
C LYS QC 45 33.21 -97.38 71.71
N CYS QC 46 33.14 -96.67 70.58
CA CYS QC 46 34.23 -96.76 69.62
C CYS QC 46 35.53 -96.25 70.22
N ALA QC 47 35.47 -95.09 70.89
CA ALA QC 47 36.66 -94.56 71.54
C ALA QC 47 37.06 -95.39 72.75
N GLN QC 48 36.11 -96.10 73.34
CA GLN QC 48 36.44 -97.05 74.40
C GLN QC 48 37.22 -98.25 73.87
N ILE QC 49 36.85 -98.75 72.71
CA ILE QC 49 37.38 -100.04 72.29
C ILE QC 49 38.63 -99.92 71.43
N VAL QC 50 38.85 -98.78 70.76
CA VAL QC 50 40.10 -98.57 70.01
C VAL QC 50 41.37 -98.75 70.83
N PRO QC 51 41.54 -98.19 72.03
CA PRO QC 51 42.86 -98.32 72.68
C PRO QC 51 43.12 -99.69 73.26
N VAL QC 52 42.10 -100.38 73.78
CA VAL QC 52 42.36 -101.72 74.31
C VAL QC 52 42.68 -102.68 73.18
N VAL QC 53 42.05 -102.52 72.01
CA VAL QC 53 42.39 -103.34 70.87
C VAL QC 53 43.78 -102.99 70.36
N ARG QC 54 44.16 -101.71 70.43
CA ARG QC 54 45.50 -101.31 70.00
C ARG QC 54 46.55 -101.95 70.89
N GLN QC 55 46.32 -101.94 72.20
CA GLN QC 55 47.24 -102.57 73.14
C GLN QC 55 47.35 -104.07 72.89
N PHE QC 56 46.20 -104.73 72.68
CA PHE QC 56 46.19 -106.16 72.44
C PHE QC 56 46.92 -106.52 71.15
N TYR QC 57 46.66 -105.76 70.08
CA TYR QC 57 47.32 -105.99 68.80
C TYR QC 57 48.83 -105.84 68.94
N LYS QC 58 49.26 -104.75 69.59
CA LYS QC 58 50.69 -104.50 69.71
C LYS QC 58 51.38 -105.59 70.51
N THR QC 59 50.78 -106.01 71.63
CA THR QC 59 51.47 -107.00 72.45
C THR QC 59 51.49 -108.37 71.79
N THR QC 60 50.41 -108.75 71.09
CA THR QC 60 50.42 -110.08 70.52
C THR QC 60 51.21 -110.16 69.22
N ASN QC 61 51.42 -109.05 68.51
CA ASN QC 61 52.27 -109.12 67.33
C ASN QC 61 53.74 -108.87 67.64
N PHE QC 62 54.04 -108.04 68.63
CA PHE QC 62 55.44 -107.85 68.98
C PHE QC 62 55.96 -108.95 69.89
N SER QC 63 55.07 -109.72 70.52
CA SER QC 63 55.51 -110.87 71.29
C SER QC 63 55.82 -112.01 70.32
N GLY QC 64 57.10 -112.15 69.99
CA GLY QC 64 57.51 -113.19 69.06
C GLY QC 64 58.24 -112.65 67.86
N GLU QC 65 58.30 -113.44 66.78
CA GLU QC 65 58.98 -113.04 65.56
C GLU QC 65 58.02 -112.73 64.42
N LYS QC 66 57.09 -113.64 64.13
CA LYS QC 66 56.17 -113.46 63.03
C LYS QC 66 54.90 -112.76 63.48
N ALA QC 67 54.33 -111.96 62.57
CA ALA QC 67 53.01 -111.38 62.80
C ALA QC 67 51.97 -112.49 62.87
N VAL QC 68 51.00 -112.31 63.76
CA VAL QC 68 50.11 -113.43 64.07
C VAL QC 68 48.65 -113.09 63.78
N ILE QC 69 48.27 -111.81 63.88
CA ILE QC 69 46.91 -111.38 63.58
C ILE QC 69 46.99 -110.12 62.73
N GLU QC 70 45.87 -109.81 62.09
CA GLU QC 70 45.80 -108.61 61.28
C GLU QC 70 44.34 -108.15 61.27
N ILE QC 71 44.09 -106.90 61.63
CA ILE QC 71 42.74 -106.36 61.72
C ILE QC 71 42.56 -105.29 60.65
N ILE QC 72 41.65 -105.54 59.72
CA ILE QC 72 41.23 -104.53 58.75
C ILE QC 72 40.10 -103.74 59.38
N TYR QC 73 40.28 -102.43 59.48
CA TYR QC 73 39.29 -101.57 60.12
C TYR QC 73 38.38 -101.02 59.03
N VAL QC 74 37.08 -101.18 59.23
CA VAL QC 74 36.07 -100.65 58.32
C VAL QC 74 35.19 -99.66 59.08
N SER QC 75 34.95 -98.53 58.46
CA SER QC 75 34.23 -97.41 59.06
C SER QC 75 32.78 -97.39 58.58
N LEU QC 76 31.93 -96.78 59.37
CA LEU QC 76 30.60 -96.38 58.93
C LEU QC 76 30.38 -94.90 59.21
N ASP QC 77 31.36 -94.09 58.83
CA ASP QC 77 31.33 -92.65 59.01
C ASP QC 77 30.70 -91.98 57.79
N LYS QC 78 30.31 -90.72 57.96
CA LYS QC 78 29.70 -89.93 56.90
C LYS QC 78 30.59 -88.79 56.43
N ASP QC 79 31.86 -88.75 56.84
CA ASP QC 79 32.71 -87.62 56.51
C ASP QC 79 34.13 -88.08 56.22
N GLU QC 80 34.74 -87.47 55.20
CA GLU QC 80 36.15 -87.71 54.91
C GLU QC 80 37.03 -87.31 56.08
N GLN QC 81 36.75 -86.16 56.69
CA GLN QC 81 37.55 -85.68 57.80
C GLN QC 81 37.45 -86.59 59.00
N ASP QC 82 36.23 -87.07 59.32
CA ASP QC 82 36.06 -88.00 60.42
C ASP QC 82 36.75 -89.33 60.14
N PHE QC 83 36.66 -89.82 58.91
CA PHE QC 83 37.31 -91.07 58.53
C PHE QC 83 38.82 -90.96 58.68
N GLU QC 84 39.41 -89.88 58.17
CA GLU QC 84 40.85 -89.68 58.28
C GLU QC 84 41.27 -89.49 59.73
N ARG QC 85 40.45 -88.79 60.52
CA ARG QC 85 40.79 -88.53 61.92
C ARG QC 85 40.81 -89.82 62.73
N VAL QC 86 39.83 -90.70 62.51
CA VAL QC 86 39.82 -91.95 63.27
C VAL QC 86 40.81 -92.95 62.68
N ARG QC 87 41.21 -92.75 61.42
CA ARG QC 87 42.11 -93.71 60.81
C ARG QC 87 43.58 -93.40 61.08
N ALA QC 88 43.90 -92.13 61.36
CA ALA QC 88 45.31 -91.74 61.43
C ALA QC 88 46.02 -92.20 62.69
N LEU QC 89 45.30 -92.69 63.70
CA LEU QC 89 45.91 -93.04 64.97
C LEU QC 89 45.94 -94.55 65.22
N MET QC 90 45.89 -95.35 64.15
CA MET QC 90 45.78 -96.79 64.33
C MET QC 90 46.97 -97.51 63.71
N PRO QC 91 47.44 -98.59 64.32
CA PRO QC 91 48.63 -99.28 63.80
C PRO QC 91 48.34 -100.27 62.68
N TRP QC 92 47.10 -100.71 62.50
CA TRP QC 92 46.80 -101.71 61.49
C TRP QC 92 46.30 -101.05 60.22
N CYS QC 93 46.05 -101.87 59.20
CA CYS QC 93 45.60 -101.36 57.92
C CYS QC 93 44.13 -101.00 57.98
N SER QC 94 43.63 -100.43 56.88
CA SER QC 94 42.23 -100.04 56.81
C SER QC 94 41.73 -100.26 55.39
N VAL QC 95 40.48 -99.89 55.16
CA VAL QC 95 39.87 -100.01 53.85
C VAL QC 95 39.65 -98.60 53.31
N GLU QC 96 39.68 -98.48 51.98
CA GLU QC 96 39.54 -97.17 51.36
C GLU QC 96 38.10 -96.70 51.44
N TYR QC 97 37.93 -95.40 51.72
CA TYR QC 97 36.60 -94.85 51.95
C TYR QC 97 35.77 -94.85 50.68
N LYS QC 98 36.40 -94.58 49.54
CA LYS QC 98 35.68 -94.52 48.28
C LYS QC 98 35.52 -95.87 47.59
N SER QC 99 36.15 -96.92 48.11
CA SER QC 99 36.06 -98.23 47.46
C SER QC 99 34.70 -98.86 47.72
N CYS QC 100 34.19 -99.56 46.70
CA CYS QC 100 32.88 -100.18 46.81
C CYS QC 100 32.89 -101.41 47.71
N LEU QC 101 34.07 -101.95 48.01
CA LEU QC 101 34.15 -103.13 48.86
C LEU QC 101 33.70 -102.85 50.29
N ARG QC 102 33.77 -101.59 50.74
CA ARG QC 102 33.26 -101.25 52.07
C ARG QC 102 31.75 -101.44 52.13
N LYS QC 103 31.03 -100.85 51.17
CA LYS QC 103 29.58 -101.03 51.12
C LYS QC 103 29.20 -102.48 50.83
N LYS QC 104 30.03 -103.18 50.06
CA LYS QC 104 29.81 -104.60 49.83
C LYS QC 104 29.90 -105.39 51.13
N LEU QC 105 30.89 -105.07 51.97
CA LEU QC 105 31.03 -105.74 53.26
C LEU QC 105 29.85 -105.41 54.17
N ILE QC 106 29.39 -104.15 54.17
CA ILE QC 106 28.25 -103.78 54.99
C ILE QC 106 27.01 -104.55 54.60
N GLU QC 107 26.70 -104.56 53.30
CA GLU QC 107 25.50 -105.25 52.84
C GLU QC 107 25.61 -106.76 52.97
N ARG QC 108 26.83 -107.31 52.93
CA ARG QC 108 26.99 -108.75 53.02
C ARG QC 108 27.02 -109.24 54.46
N TYR QC 109 27.37 -108.39 55.42
CA TYR QC 109 27.42 -108.82 56.81
C TYR QC 109 26.26 -108.30 57.64
N ARG QC 110 25.46 -107.37 57.10
CA ARG QC 110 24.21 -106.90 57.69
C ARG QC 110 24.42 -106.30 59.09
N VAL QC 111 25.18 -105.22 59.12
CA VAL QC 111 25.26 -104.37 60.31
C VAL QC 111 24.19 -103.30 60.19
N PRO QC 112 23.34 -103.12 61.21
CA PRO QC 112 22.22 -102.17 61.08
C PRO QC 112 22.62 -100.71 61.12
N ASN QC 113 23.87 -100.41 61.48
CA ASN QC 113 24.40 -99.04 61.54
C ASN QC 113 23.58 -98.12 62.44
N SER QC 125 24.06 -96.88 68.73
CA SER QC 125 23.40 -98.18 68.60
C SER QC 125 24.14 -99.26 69.38
N THR QC 126 23.52 -100.43 69.50
CA THR QC 126 24.12 -101.55 70.22
C THR QC 126 24.90 -102.49 69.32
N ALA QC 127 24.95 -102.23 68.02
CA ALA QC 127 25.67 -103.09 67.09
C ALA QC 127 27.10 -102.65 66.87
N ILE QC 128 27.57 -101.66 67.63
CA ILE QC 128 28.89 -101.07 67.43
C ILE QC 128 29.64 -101.07 68.77
N PRO QC 129 30.96 -101.29 68.78
CA PRO QC 129 31.79 -101.76 67.67
C PRO QC 129 31.68 -103.26 67.50
N LEU QC 130 32.19 -103.81 66.39
CA LEU QC 130 32.02 -105.23 66.11
C LEU QC 130 33.31 -105.83 65.59
N LEU QC 131 33.62 -107.06 66.00
CA LEU QC 131 34.78 -107.79 65.49
C LEU QC 131 34.30 -109.08 64.85
N ILE QC 132 34.44 -109.20 63.53
CA ILE QC 132 34.11 -110.43 62.84
C ILE QC 132 35.41 -110.99 62.26
N VAL QC 133 35.83 -112.12 62.79
CA VAL QC 133 37.07 -112.74 62.34
C VAL QC 133 36.73 -113.64 61.17
N ILE QC 134 37.61 -113.68 60.17
CA ILE QC 134 37.25 -114.08 58.82
C ILE QC 134 38.14 -115.25 58.39
N GLY QC 135 37.51 -116.25 57.75
CA GLY QC 135 38.25 -117.33 57.17
C GLY QC 135 38.80 -116.99 55.80
N PRO QC 136 39.43 -117.97 55.16
CA PRO QC 136 40.03 -117.73 53.84
C PRO QC 136 39.01 -117.42 52.75
N ASN QC 137 37.76 -117.80 52.92
CA ASN QC 137 36.75 -117.61 51.90
C ASN QC 137 35.96 -116.32 52.09
N GLY QC 138 36.47 -115.41 52.91
CA GLY QC 138 35.86 -114.09 53.03
C GLY QC 138 34.55 -114.04 53.77
N GLU QC 139 34.23 -115.05 54.56
CA GLU QC 139 32.95 -115.15 55.26
C GLU QC 139 33.17 -115.18 56.77
N GLU QC 140 32.06 -115.31 57.49
CA GLU QC 140 32.05 -115.17 58.96
C GLU QC 140 32.62 -116.42 59.59
N ALA QC 141 33.91 -116.39 59.92
CA ALA QC 141 34.51 -117.47 60.68
C ALA QC 141 34.32 -117.30 62.18
N GLY QC 142 33.91 -116.13 62.63
CA GLY QC 142 33.55 -115.93 64.02
C GLY QC 142 33.04 -114.53 64.28
N ARG QC 143 32.03 -114.40 65.14
CA ARG QC 143 31.37 -113.12 65.37
C ARG QC 143 31.51 -112.73 66.83
N MET QC 144 31.81 -111.45 67.08
CA MET QC 144 32.04 -111.02 68.45
C MET QC 144 31.59 -109.57 68.62
N ASN QC 145 30.79 -109.35 69.65
CA ASN QC 145 30.16 -108.07 69.94
C ASN QC 145 30.68 -107.54 71.26
N PHE QC 146 30.94 -106.23 71.31
CA PHE QC 146 31.50 -105.60 72.49
C PHE QC 146 30.44 -105.01 73.42
N GLN QC 147 29.20 -104.85 72.95
CA GLN QC 147 28.16 -104.17 73.71
C GLN QC 147 27.64 -105.08 74.82
N GLN QC 148 28.52 -105.31 75.80
CA GLN QC 148 28.23 -106.22 76.91
C GLN QC 148 29.24 -105.88 78.01
N SER QC 149 28.95 -106.34 79.22
CA SER QC 149 29.74 -105.94 80.39
C SER QC 149 31.15 -106.50 80.37
N ASP QC 150 31.34 -107.69 79.82
CA ASP QC 150 32.64 -108.35 79.86
C ASP QC 150 33.63 -107.67 78.93
N GLU QC 151 34.92 -107.69 79.31
CA GLU QC 151 35.96 -107.09 78.51
C GLU QC 151 37.16 -108.02 78.30
N PHE QC 152 37.04 -109.30 78.61
CA PHE QC 152 38.10 -110.28 78.34
C PHE QC 152 37.94 -110.95 76.99
N VAL QC 153 36.97 -110.51 76.19
CA VAL QC 153 36.76 -111.07 74.87
C VAL QC 153 37.92 -110.82 73.92
N LEU QC 154 38.71 -109.77 74.18
CA LEU QC 154 39.91 -109.52 73.39
C LEU QC 154 40.92 -110.66 73.55
N GLN QC 155 41.16 -111.08 74.79
CA GLN QC 155 41.99 -112.26 75.01
C GLN QC 155 41.29 -113.52 74.56
N ARG QC 156 39.96 -113.51 74.54
CA ARG QC 156 39.23 -114.71 74.15
C ARG QC 156 39.38 -115.03 72.67
N TRP QC 157 39.40 -114.00 71.82
CA TRP QC 157 39.61 -114.25 70.40
C TRP QC 157 41.01 -114.84 70.20
N ASP QC 158 41.07 -116.09 69.76
CA ASP QC 158 42.33 -116.77 69.56
C ASP QC 158 42.51 -117.11 68.09
N TYR QC 159 43.74 -116.92 67.61
CA TYR QC 159 44.06 -117.03 66.19
C TYR QC 159 44.66 -118.37 65.82
N ARG QC 160 45.00 -119.20 66.80
CA ARG QC 160 45.64 -120.48 66.55
C ARG QC 160 44.66 -121.50 65.99
N PHE QC 161 43.37 -121.15 65.92
CA PHE QC 161 42.35 -122.09 65.51
C PHE QC 161 41.77 -121.75 64.14
N ASN QC 162 41.86 -120.48 63.72
CA ASN QC 162 41.45 -120.07 62.38
C ASN QC 162 42.45 -119.11 61.72
N LYS QC 163 43.48 -119.68 61.11
CA LYS QC 163 44.45 -118.93 60.32
C LYS QC 163 44.43 -119.41 58.87
N TRP QC 164 44.65 -118.48 57.95
CA TRP QC 164 44.53 -118.86 56.55
C TRP QC 164 45.81 -119.54 56.06
N PRO QC 165 45.72 -120.38 55.01
CA PRO QC 165 46.90 -120.97 54.37
C PRO QC 165 47.94 -119.96 53.93
N VAL RC 12 -13.15 -40.90 55.01
CA VAL RC 12 -14.41 -40.84 55.74
C VAL RC 12 -14.18 -40.97 57.23
N VAL RC 13 -13.09 -41.64 57.61
CA VAL RC 13 -12.70 -41.79 59.00
C VAL RC 13 -11.32 -41.17 59.17
N LYS RC 14 -11.22 -40.21 60.08
CA LYS RC 14 -10.03 -39.39 60.24
C LYS RC 14 -9.41 -39.59 61.62
N ARG RC 15 -8.11 -39.34 61.68
CA ARG RC 15 -7.30 -39.47 62.89
C ARG RC 15 -6.63 -38.14 63.15
N THR RC 16 -6.62 -37.71 64.41
CA THR RC 16 -6.02 -36.44 64.76
C THR RC 16 -4.54 -36.63 65.09
N GLN RC 17 -3.68 -35.89 64.40
CA GLN RC 17 -2.26 -35.89 64.69
C GLN RC 17 -1.84 -34.48 65.11
N GLN RC 18 -0.54 -34.27 65.28
CA GLN RC 18 -0.01 -32.99 65.72
C GLN RC 18 -0.13 -31.99 64.59
N GLY RC 19 -1.21 -31.22 64.59
CA GLY RC 19 -1.35 -30.13 63.65
C GLY RC 19 -2.59 -30.20 62.78
N ASN RC 20 -2.95 -31.39 62.34
CA ASN RC 20 -4.03 -31.52 61.37
C ASN RC 20 -4.63 -32.92 61.49
N TYR RC 21 -5.37 -33.32 60.46
CA TYR RC 21 -6.09 -34.59 60.41
C TYR RC 21 -5.54 -35.43 59.27
N VAL RC 22 -5.59 -36.75 59.43
CA VAL RC 22 -5.13 -37.65 58.38
C VAL RC 22 -6.22 -38.71 58.17
N PRO RC 23 -6.47 -39.14 56.94
CA PRO RC 23 -7.35 -40.29 56.73
C PRO RC 23 -6.75 -41.55 57.36
N VAL RC 24 -7.62 -42.41 57.87
CA VAL RC 24 -7.19 -43.59 58.60
C VAL RC 24 -6.72 -44.66 57.62
N ARG RC 25 -5.79 -45.48 58.07
CA ARG RC 25 -5.38 -46.62 57.28
C ARG RC 25 -6.27 -47.82 57.59
N PRO RC 26 -6.85 -48.46 56.59
CA PRO RC 26 -7.73 -49.62 56.85
C PRO RC 26 -6.99 -50.80 57.45
N ASP RC 27 -5.67 -50.85 57.34
CA ASP RC 27 -4.92 -51.93 57.96
C ASP RC 27 -4.78 -51.74 59.46
N HIS RC 28 -5.09 -50.56 59.98
CA HIS RC 28 -4.93 -50.33 61.42
C HIS RC 28 -6.06 -51.02 62.19
N PHE RC 29 -7.28 -51.02 61.63
CA PHE RC 29 -8.43 -51.60 62.31
C PHE RC 29 -8.34 -53.11 62.45
N ALA RC 30 -7.42 -53.77 61.77
CA ALA RC 30 -7.27 -55.21 61.87
C ALA RC 30 -6.35 -55.59 63.04
N GLY RC 31 -6.54 -56.82 63.52
CA GLY RC 31 -5.76 -57.34 64.63
C GLY RC 31 -6.19 -56.84 66.00
N VAL RC 32 -7.21 -55.97 66.06
CA VAL RC 32 -7.62 -55.27 67.27
C VAL RC 32 -9.14 -55.28 67.40
N SER RC 33 -9.67 -54.57 68.38
CA SER RC 33 -11.10 -54.50 68.62
C SER RC 33 -11.61 -53.09 68.40
N VAL RC 34 -12.88 -52.99 68.01
CA VAL RC 34 -13.46 -51.77 67.46
C VAL RC 34 -14.80 -51.48 68.12
N ALA RC 35 -14.96 -50.26 68.64
CA ALA RC 35 -16.26 -49.79 69.11
C ALA RC 35 -16.54 -48.40 68.56
N LEU RC 36 -17.78 -48.14 68.20
CA LEU RC 36 -18.19 -46.77 67.93
C LEU RC 36 -18.93 -46.15 69.11
N PHE RC 37 -18.71 -44.86 69.26
CA PHE RC 37 -19.15 -44.05 70.38
C PHE RC 37 -20.15 -43.04 69.84
N PHE RC 38 -21.44 -43.32 70.02
CA PHE RC 38 -22.49 -42.39 69.64
C PHE RC 38 -22.62 -41.36 70.76
N ALA RC 39 -22.40 -40.09 70.43
CA ALA RC 39 -22.45 -39.05 71.45
C ALA RC 39 -22.88 -37.72 70.84
N LYS RC 40 -22.86 -36.68 71.68
CA LYS RC 40 -23.33 -35.34 71.34
C LYS RC 40 -22.66 -34.33 72.25
N ALA RC 41 -22.08 -33.28 71.66
CA ALA RC 41 -21.57 -32.19 72.48
C ALA RC 41 -22.71 -31.44 73.14
N GLY RC 42 -22.41 -30.81 74.27
CA GLY RC 42 -23.39 -30.02 74.99
C GLY RC 42 -24.32 -30.81 75.89
N HIS RC 43 -24.19 -32.12 75.93
CA HIS RC 43 -24.98 -32.96 76.80
C HIS RC 43 -24.24 -33.19 78.12
N SER RC 44 -25.00 -33.11 79.22
CA SER RC 44 -24.39 -33.28 80.54
C SER RC 44 -23.84 -34.69 80.73
N LYS RC 45 -24.58 -35.69 80.28
CA LYS RC 45 -24.08 -37.06 80.39
C LYS RC 45 -22.94 -37.34 79.43
N CYS RC 46 -22.92 -36.69 78.26
CA CYS RC 46 -21.78 -36.87 77.38
C CYS RC 46 -20.52 -36.25 77.97
N ALA RC 47 -20.64 -35.07 78.59
CA ALA RC 47 -19.49 -34.48 79.27
C ALA RC 47 -19.11 -35.30 80.49
N GLN RC 48 -20.08 -36.00 81.09
CA GLN RC 48 -19.78 -36.95 82.15
C GLN RC 48 -18.89 -38.08 81.63
N ILE RC 49 -19.28 -38.68 80.51
CA ILE RC 49 -18.70 -39.96 80.12
C ILE RC 49 -17.42 -39.83 79.27
N VAL RC 50 -17.31 -38.77 78.46
CA VAL RC 50 -16.15 -38.63 77.56
C VAL RC 50 -14.79 -38.70 78.24
N PRO RC 51 -14.51 -37.98 79.34
CA PRO RC 51 -13.17 -38.10 79.92
C PRO RC 51 -12.90 -39.45 80.55
N VAL RC 52 -13.92 -40.12 81.06
CA VAL RC 52 -13.73 -41.45 81.64
C VAL RC 52 -13.29 -42.44 80.59
N VAL RC 53 -13.97 -42.44 79.44
CA VAL RC 53 -13.58 -43.30 78.33
C VAL RC 53 -12.23 -42.87 77.78
N ARG RC 54 -11.90 -41.58 77.85
CA ARG RC 54 -10.59 -41.11 77.41
C ARG RC 54 -9.47 -41.73 78.25
N GLN RC 55 -9.60 -41.63 79.57
CA GLN RC 55 -8.56 -42.15 80.44
C GLN RC 55 -8.50 -43.68 80.37
N PHE RC 56 -9.66 -44.32 80.24
CA PHE RC 56 -9.69 -45.77 80.09
C PHE RC 56 -9.01 -46.20 78.79
N TYR RC 57 -9.26 -45.47 77.70
CA TYR RC 57 -8.65 -45.78 76.42
C TYR RC 57 -7.14 -45.66 76.50
N LYS RC 58 -6.66 -44.53 77.04
CA LYS RC 58 -5.22 -44.33 77.05
C LYS RC 58 -4.53 -45.32 77.97
N THR RC 59 -5.17 -45.68 79.08
CA THR RC 59 -4.57 -46.65 79.99
C THR RC 59 -4.49 -48.03 79.35
N THR RC 60 -5.60 -48.52 78.79
CA THR RC 60 -5.57 -49.86 78.25
C THR RC 60 -4.86 -49.96 76.90
N ASN RC 61 -4.58 -48.84 76.24
CA ASN RC 61 -3.85 -48.93 74.98
C ASN RC 61 -2.38 -48.59 75.09
N PHE RC 62 -1.97 -47.87 76.13
CA PHE RC 62 -0.56 -47.63 76.34
C PHE RC 62 0.01 -48.50 77.44
N SER RC 63 -0.83 -49.31 78.09
CA SER RC 63 -0.35 -50.37 78.96
C SER RC 63 -0.14 -51.62 78.10
N GLY RC 64 0.93 -51.58 77.33
CA GLY RC 64 1.26 -52.70 76.48
C GLY RC 64 2.09 -52.25 75.30
N GLU RC 65 2.47 -53.24 74.49
CA GLU RC 65 3.18 -52.97 73.25
C GLU RC 65 2.24 -52.74 72.09
N LYS RC 66 1.24 -53.60 71.94
CA LYS RC 66 0.28 -53.52 70.85
C LYS RC 66 -1.02 -52.90 71.34
N ALA RC 67 -1.68 -52.15 70.46
CA ALA RC 67 -2.98 -51.59 70.79
C ALA RC 67 -4.03 -52.69 70.86
N VAL RC 68 -5.00 -52.51 71.75
CA VAL RC 68 -5.99 -53.56 71.97
C VAL RC 68 -7.38 -53.12 71.57
N ILE RC 69 -7.69 -51.82 71.70
CA ILE RC 69 -8.99 -51.30 71.32
C ILE RC 69 -8.81 -50.03 70.51
N GLU RC 70 -9.86 -49.67 69.79
CA GLU RC 70 -10.00 -48.30 69.30
C GLU RC 70 -11.46 -47.93 69.21
N ILE RC 71 -11.69 -46.63 69.22
CA ILE RC 71 -13.01 -46.05 69.26
C ILE RC 71 -13.14 -45.15 68.04
N ILE RC 72 -14.22 -45.33 67.30
CA ILE RC 72 -14.62 -44.37 66.28
C ILE RC 72 -15.77 -43.54 66.84
N TYR RC 73 -15.53 -42.23 66.94
CA TYR RC 73 -16.48 -41.31 67.52
C TYR RC 73 -17.46 -40.85 66.45
N VAL RC 74 -18.75 -41.04 66.70
CA VAL RC 74 -19.80 -40.53 65.82
C VAL RC 74 -20.66 -39.56 66.62
N SER RC 75 -21.01 -38.45 65.97
CA SER RC 75 -21.60 -37.30 66.63
C SER RC 75 -23.02 -37.08 66.15
N LEU RC 76 -23.85 -36.55 67.04
CA LEU RC 76 -25.20 -36.11 66.69
C LEU RC 76 -25.32 -34.59 66.75
N ASP RC 77 -24.18 -33.88 66.70
CA ASP RC 77 -24.17 -32.43 66.78
C ASP RC 77 -24.72 -31.82 65.50
N LYS RC 78 -25.29 -30.62 65.63
CA LYS RC 78 -25.84 -29.88 64.51
C LYS RC 78 -24.95 -28.73 64.06
N ASP RC 79 -23.70 -28.68 64.54
CA ASP RC 79 -22.84 -27.55 64.25
C ASP RC 79 -21.41 -28.01 63.96
N GLU RC 80 -20.84 -27.46 62.89
CA GLU RC 80 -19.44 -27.68 62.58
C GLU RC 80 -18.54 -27.18 63.71
N GLN RC 81 -18.95 -26.09 64.36
CA GLN RC 81 -18.16 -25.53 65.45
C GLN RC 81 -18.06 -26.51 66.62
N ASP RC 82 -19.18 -27.11 67.00
CA ASP RC 82 -19.16 -28.09 68.09
C ASP RC 82 -18.45 -29.36 67.68
N PHE RC 83 -18.60 -29.77 66.41
CA PHE RC 83 -17.93 -30.97 65.93
C PHE RC 83 -16.42 -30.82 65.98
N GLU RC 84 -15.92 -29.71 65.43
CA GLU RC 84 -14.49 -29.42 65.52
C GLU RC 84 -14.05 -29.18 66.95
N ARG RC 85 -14.96 -28.68 67.80
CA ARG RC 85 -14.62 -28.43 69.20
C ARG RC 85 -14.31 -29.73 69.92
N VAL RC 86 -15.18 -30.73 69.79
CA VAL RC 86 -14.90 -32.00 70.46
C VAL RC 86 -13.77 -32.76 69.79
N ARG RC 87 -13.63 -32.65 68.47
CA ARG RC 87 -12.52 -33.33 67.81
C ARG RC 87 -11.18 -32.71 68.14
N ALA RC 88 -11.15 -31.44 68.57
CA ALA RC 88 -9.89 -30.80 68.93
C ALA RC 88 -9.27 -31.38 70.19
N LEU RC 89 -10.05 -32.08 71.04
CA LEU RC 89 -9.48 -32.60 72.27
C LEU RC 89 -9.77 -34.08 72.46
N MET RC 90 -10.49 -34.72 71.56
CA MET RC 90 -10.70 -36.14 71.79
C MET RC 90 -9.60 -36.95 71.10
N PRO RC 91 -8.93 -37.86 71.81
CA PRO RC 91 -7.70 -38.44 71.26
C PRO RC 91 -7.91 -39.45 70.15
N TRP RC 92 -8.95 -40.28 70.24
CA TRP RC 92 -9.14 -41.34 69.25
C TRP RC 92 -9.76 -40.86 67.93
N CYS RC 93 -10.21 -41.81 67.12
CA CYS RC 93 -10.64 -41.54 65.76
C CYS RC 93 -11.89 -40.67 65.72
N SER RC 94 -12.28 -40.28 64.52
CA SER RC 94 -13.51 -39.55 64.31
C SER RC 94 -14.02 -39.82 62.91
N VAL RC 95 -15.28 -39.50 62.66
CA VAL RC 95 -15.84 -39.60 61.33
C VAL RC 95 -15.87 -38.21 60.71
N GLU RC 96 -16.12 -38.16 59.40
CA GLU RC 96 -16.24 -36.90 58.69
C GLU RC 96 -17.68 -36.42 58.76
N TYR RC 97 -17.85 -35.11 58.88
CA TYR RC 97 -19.16 -34.55 59.19
C TYR RC 97 -20.10 -34.64 57.99
N LYS RC 98 -19.61 -34.28 56.80
CA LYS RC 98 -20.48 -34.24 55.64
C LYS RC 98 -20.59 -35.57 54.91
N SER RC 99 -19.79 -36.57 55.31
CA SER RC 99 -19.88 -37.89 54.68
C SER RC 99 -21.19 -38.57 55.06
N CYS RC 100 -21.76 -39.31 54.11
CA CYS RC 100 -23.04 -39.96 54.33
C CYS RC 100 -22.97 -41.11 55.32
N LEU RC 101 -21.77 -41.57 55.67
CA LEU RC 101 -21.64 -42.70 56.57
C LEU RC 101 -22.14 -42.39 57.97
N ARG RC 102 -22.12 -41.13 58.37
CA ARG RC 102 -22.59 -40.78 59.71
C ARG RC 102 -24.10 -40.99 59.83
N LYS RC 103 -24.87 -40.46 58.88
CA LYS RC 103 -26.31 -40.70 58.86
C LYS RC 103 -26.64 -42.16 58.56
N LYS RC 104 -25.81 -42.83 57.74
CA LYS RC 104 -26.01 -44.24 57.48
C LYS RC 104 -25.86 -45.05 58.76
N LEU RC 105 -24.86 -44.72 59.58
CA LEU RC 105 -24.67 -45.41 60.85
C LEU RC 105 -25.82 -45.12 61.81
N ILE RC 106 -26.33 -43.89 61.81
CA ILE RC 106 -27.47 -43.55 62.68
C ILE RC 106 -28.69 -44.41 62.33
N GLU RC 107 -29.09 -44.38 61.06
CA GLU RC 107 -30.30 -45.11 60.70
C GLU RC 107 -30.08 -46.62 60.68
N ARG RC 108 -28.82 -47.05 60.57
CA ARG RC 108 -28.48 -48.46 60.62
C ARG RC 108 -28.46 -48.99 62.04
N TYR RC 109 -28.15 -48.15 63.02
CA TYR RC 109 -27.91 -48.62 64.37
C TYR RC 109 -28.95 -48.17 65.38
N ARG RC 110 -29.92 -47.34 64.97
CA ARG RC 110 -31.05 -46.90 65.79
C ARG RC 110 -30.58 -46.17 67.05
N VAL RC 111 -30.09 -44.97 66.84
CA VAL RC 111 -29.98 -43.96 67.90
C VAL RC 111 -31.06 -42.91 67.66
N PRO RC 112 -31.87 -42.59 68.66
CA PRO RC 112 -33.06 -41.74 68.41
C PRO RC 112 -32.78 -40.25 68.39
N ASN RC 113 -31.53 -39.84 68.66
CA ASN RC 113 -31.12 -38.43 68.66
C ASN RC 113 -31.94 -37.57 69.62
N SER RC 125 -31.43 -36.40 76.25
CA SER RC 125 -32.21 -37.62 76.09
C SER RC 125 -31.69 -38.72 77.00
N THR RC 126 -32.23 -39.93 76.83
CA THR RC 126 -31.85 -41.09 77.64
C THR RC 126 -31.13 -42.15 76.82
N ALA RC 127 -30.62 -41.79 75.65
CA ALA RC 127 -29.92 -42.73 74.79
C ALA RC 127 -28.45 -42.43 74.61
N ILE RC 128 -28.07 -41.16 74.47
CA ILE RC 128 -26.67 -40.79 74.37
C ILE RC 128 -26.13 -40.63 75.78
N PRO RC 129 -24.88 -41.03 76.06
CA PRO RC 129 -23.91 -41.67 75.18
C PRO RC 129 -24.14 -43.16 74.99
N LEU RC 130 -23.50 -43.75 74.00
CA LEU RC 130 -23.64 -45.18 73.75
C LEU RC 130 -22.36 -45.73 73.15
N LEU RC 131 -21.95 -46.92 73.58
CA LEU RC 131 -20.88 -47.65 72.90
C LEU RC 131 -21.44 -48.92 72.28
N ILE RC 132 -21.35 -49.01 70.96
CA ILE RC 132 -21.71 -50.20 70.22
C ILE RC 132 -20.41 -50.82 69.72
N VAL RC 133 -20.07 -51.97 70.28
CA VAL RC 133 -18.89 -52.72 69.87
C VAL RC 133 -19.24 -53.56 68.65
N ILE RC 134 -18.41 -53.49 67.62
CA ILE RC 134 -18.77 -54.02 66.32
C ILE RC 134 -17.80 -55.14 65.94
N GLY RC 135 -18.35 -56.21 65.37
CA GLY RC 135 -17.54 -57.27 64.81
C GLY RC 135 -16.96 -56.89 63.47
N PRO RC 136 -16.18 -57.82 62.91
CA PRO RC 136 -15.47 -57.50 61.65
C PRO RC 136 -16.39 -57.32 60.47
N ASN RC 137 -17.54 -58.00 60.43
CA ASN RC 137 -18.47 -57.90 59.32
C ASN RC 137 -19.46 -56.76 59.48
N GLY RC 138 -19.11 -55.76 60.28
CA GLY RC 138 -19.90 -54.56 60.40
C GLY RC 138 -21.11 -54.71 61.30
N GLU RC 139 -21.33 -55.87 61.90
CA GLU RC 139 -22.52 -56.07 62.70
C GLU RC 139 -22.08 -56.22 64.15
N GLU RC 140 -22.94 -55.79 65.07
CA GLU RC 140 -22.55 -55.48 66.44
C GLU RC 140 -22.09 -56.70 67.21
N ALA RC 141 -21.13 -56.48 68.12
CA ALA RC 141 -20.72 -57.46 69.10
C ALA RC 141 -21.00 -57.05 70.53
N GLY RC 142 -21.61 -55.89 70.74
CA GLY RC 142 -21.99 -55.51 72.09
C GLY RC 142 -22.67 -54.17 72.14
N ARG RC 143 -23.56 -54.03 73.13
CA ARG RC 143 -24.27 -52.79 73.39
C ARG RC 143 -23.99 -52.34 74.83
N MET RC 144 -23.70 -51.05 75.01
CA MET RC 144 -23.44 -50.56 76.35
C MET RC 144 -23.91 -49.12 76.49
N ASN RC 145 -24.64 -48.85 77.57
CA ASN RC 145 -25.17 -47.52 77.86
C ASN RC 145 -24.71 -47.06 79.25
N PHE RC 146 -24.91 -45.77 79.51
CA PHE RC 146 -24.53 -45.18 80.77
C PHE RC 146 -25.67 -44.50 81.51
N GLN RC 147 -26.86 -44.41 80.91
CA GLN RC 147 -28.00 -43.78 81.58
C GLN RC 147 -28.57 -44.75 82.62
N GLN RC 148 -27.78 -44.91 83.68
CA GLN RC 148 -28.06 -45.90 84.73
C GLN RC 148 -27.21 -45.54 85.94
N SER RC 149 -27.47 -46.22 87.06
CA SER RC 149 -26.77 -45.90 88.29
C SER RC 149 -25.31 -46.36 88.25
N ASP RC 150 -25.04 -47.50 87.62
CA ASP RC 150 -23.70 -48.07 87.63
C ASP RC 150 -22.78 -47.33 86.66
N GLU RC 151 -21.55 -47.09 87.09
CA GLU RC 151 -20.55 -46.43 86.27
C GLU RC 151 -19.30 -47.27 86.06
N PHE RC 152 -19.22 -48.45 86.65
CA PHE RC 152 -18.08 -49.36 86.50
C PHE RC 152 -18.27 -50.32 85.33
N VAL RC 153 -19.05 -49.94 84.32
CA VAL RC 153 -19.45 -50.86 83.27
C VAL RC 153 -18.54 -50.80 82.06
N LEU RC 154 -17.53 -49.93 82.06
CA LEU RC 154 -16.67 -49.80 80.88
C LEU RC 154 -15.85 -51.06 80.65
N GLN RC 155 -15.42 -51.71 81.72
CA GLN RC 155 -14.54 -52.85 81.65
C GLN RC 155 -15.31 -54.16 81.51
N ARG RC 156 -16.62 -54.12 81.44
CA ARG RC 156 -17.43 -55.31 81.23
C ARG RC 156 -17.44 -55.76 79.78
N TRP RC 157 -16.71 -55.05 78.92
CA TRP RC 157 -16.54 -55.41 77.52
C TRP RC 157 -15.21 -56.12 77.30
N ASP RC 158 -15.28 -57.39 76.89
CA ASP RC 158 -14.10 -58.16 76.57
C ASP RC 158 -13.50 -57.68 75.26
N TYR RC 159 -12.22 -57.32 75.32
CA TYR RC 159 -11.47 -56.90 74.15
C TYR RC 159 -10.49 -57.97 73.71
N ARG RC 160 -10.79 -59.23 74.01
CA ARG RC 160 -9.95 -60.33 73.61
C ARG RC 160 -10.70 -61.49 72.99
N PHE RC 161 -11.98 -61.68 73.28
CA PHE RC 161 -12.78 -62.61 72.50
C PHE RC 161 -13.03 -62.08 71.10
N ASN RC 162 -13.32 -60.78 70.99
CA ASN RC 162 -13.70 -60.17 69.72
C ASN RC 162 -12.64 -59.19 69.21
N LYS RC 163 -11.63 -59.74 68.56
CA LYS RC 163 -10.62 -58.99 67.85
C LYS RC 163 -10.81 -59.22 66.36
N TRP RC 164 -10.71 -58.16 65.57
CA TRP RC 164 -10.82 -58.32 64.13
C TRP RC 164 -9.60 -59.06 63.60
N PRO RC 165 -9.75 -59.89 62.55
CA PRO RC 165 -8.67 -60.65 61.92
C PRO RC 165 -7.46 -59.82 61.53
N LEU SC 239 -42.45 50.43 -78.63
CA LEU SC 239 -42.47 48.98 -78.80
C LEU SC 239 -41.05 48.45 -78.99
N PRO SC 240 -40.70 47.40 -78.24
CA PRO SC 240 -39.36 46.82 -78.36
C PRO SC 240 -39.15 46.14 -79.70
N PHE SC 241 -37.88 46.05 -80.09
CA PHE SC 241 -37.47 45.44 -81.35
C PHE SC 241 -36.83 44.10 -81.07
N ASN SC 242 -37.35 43.04 -81.68
CA ASN SC 242 -36.91 41.67 -81.43
C ASN SC 242 -36.73 40.93 -82.75
N ALA SC 243 -36.02 41.54 -83.69
CA ALA SC 243 -35.77 40.94 -84.99
C ALA SC 243 -34.28 41.01 -85.30
N GLN SC 244 -33.72 39.89 -85.76
CA GLN SC 244 -32.31 39.79 -86.07
C GLN SC 244 -32.14 39.07 -87.41
N SER SC 245 -31.04 39.36 -88.09
CA SER SC 245 -30.80 38.82 -89.42
C SER SC 245 -30.45 37.33 -89.34
N CYS SC 246 -30.47 36.68 -90.50
CA CYS SC 246 -30.19 35.26 -90.56
C CYS SC 246 -28.73 34.96 -90.23
N TYR SC 247 -27.82 35.69 -90.86
CA TYR SC 247 -26.39 35.47 -90.68
C TYR SC 247 -25.96 35.73 -89.23
N ARG SC 248 -26.50 36.80 -88.64
CA ARG SC 248 -26.10 37.16 -87.28
C ARG SC 248 -26.61 36.15 -86.27
N SER SC 249 -27.83 35.66 -86.47
CA SER SC 249 -28.48 34.79 -85.49
C SER SC 249 -28.10 33.33 -85.64
N GLU SC 250 -27.42 32.95 -86.72
CA GLU SC 250 -27.05 31.56 -86.91
C GLU SC 250 -25.56 31.32 -86.82
N TYR SC 251 -24.73 32.10 -87.51
CA TYR SC 251 -23.29 31.87 -87.54
C TYR SC 251 -22.66 32.32 -86.22
N VAL SC 252 -23.05 31.64 -85.17
CA VAL SC 252 -22.45 31.84 -83.86
C VAL SC 252 -21.07 31.18 -83.89
N ALA SC 253 -20.15 31.65 -83.06
CA ALA SC 253 -18.82 31.06 -82.98
C ALA SC 253 -18.96 29.62 -82.48
N LYS SC 254 -18.84 28.67 -83.40
CA LYS SC 254 -19.05 27.27 -83.07
C LYS SC 254 -17.88 26.76 -82.22
N PRO SC 255 -18.11 25.75 -81.38
CA PRO SC 255 -16.99 25.14 -80.65
C PRO SC 255 -16.08 24.37 -81.60
N LEU SC 256 -14.79 24.42 -81.30
CA LEU SC 256 -13.82 23.78 -82.18
C LEU SC 256 -13.86 22.26 -82.00
N PRO SC 257 -13.73 21.50 -83.07
CA PRO SC 257 -13.75 20.05 -82.94
C PRO SC 257 -12.52 19.55 -82.23
N PRO SC 258 -12.58 18.39 -81.57
CA PRO SC 258 -11.41 17.84 -80.89
C PRO SC 258 -10.41 17.23 -81.86
N LEU TC 239 12.60 -10.27 -85.72
CA LEU TC 239 12.72 -11.71 -85.90
C LEU TC 239 14.14 -12.10 -86.27
N PRO TC 240 14.64 -13.19 -85.70
CA PRO TC 240 16.03 -13.60 -85.96
C PRO TC 240 16.18 -14.21 -87.34
N PHE TC 241 17.45 -14.39 -87.72
CA PHE TC 241 17.83 -14.98 -89.00
C PHE TC 241 18.59 -16.27 -88.72
N ASN TC 242 18.12 -17.37 -89.31
CA ASN TC 242 18.64 -18.71 -89.01
C ASN TC 242 18.84 -19.50 -90.30
N ALA TC 243 19.46 -18.88 -91.30
CA ALA TC 243 19.69 -19.54 -92.58
C ALA TC 243 21.17 -19.46 -92.93
N GLN TC 244 21.73 -20.60 -93.32
CA GLN TC 244 23.14 -20.70 -93.70
C GLN TC 244 23.25 -21.38 -95.05
N SER TC 245 24.35 -21.11 -95.75
CA SER TC 245 24.55 -21.67 -97.07
C SER TC 245 24.87 -23.17 -96.99
N CYS TC 246 24.84 -23.83 -98.14
CA CYS TC 246 25.15 -25.25 -98.18
C CYS TC 246 26.60 -25.50 -97.84
N TYR TC 247 27.50 -24.72 -98.44
CA TYR TC 247 28.94 -24.93 -98.28
C TYR TC 247 29.38 -24.72 -96.84
N ARG TC 248 28.89 -23.67 -96.19
CA ARG TC 248 29.36 -23.35 -94.84
C ARG TC 248 28.82 -24.35 -93.83
N SER TC 249 27.57 -24.77 -94.00
CA SER TC 249 26.92 -25.64 -93.04
C SER TC 249 27.28 -27.10 -93.23
N GLU TC 250 28.06 -27.44 -94.25
CA GLU TC 250 28.40 -28.82 -94.54
C GLU TC 250 29.89 -29.12 -94.43
N TYR TC 251 30.73 -28.37 -95.14
CA TYR TC 251 32.17 -28.67 -95.20
C TYR TC 251 32.85 -28.24 -93.91
N VAL TC 252 32.44 -28.88 -92.82
CA VAL TC 252 33.07 -28.66 -91.54
C VAL TC 252 34.44 -29.33 -91.56
N ALA TC 253 35.34 -28.88 -90.69
CA ALA TC 253 36.68 -29.46 -90.63
C ALA TC 253 36.57 -30.89 -90.10
N LYS TC 254 36.57 -31.85 -91.02
CA LYS TC 254 36.43 -33.24 -90.67
C LYS TC 254 37.67 -33.74 -89.95
N PRO TC 255 37.52 -34.70 -89.03
CA PRO TC 255 38.70 -35.27 -88.37
C PRO TC 255 39.55 -36.09 -89.32
N LEU TC 256 40.85 -36.04 -89.10
CA LEU TC 256 41.78 -36.77 -89.97
C LEU TC 256 41.74 -38.26 -89.65
N PRO TC 257 41.82 -39.12 -90.66
CA PRO TC 257 41.76 -40.56 -90.40
C PRO TC 257 43.05 -41.04 -89.77
N PRO TC 258 43.02 -42.13 -89.01
CA PRO TC 258 44.24 -42.67 -88.41
C PRO TC 258 45.11 -43.40 -89.43
N SER UC 2 -18.62 31.16 -72.34
CA SER UC 2 -18.80 31.82 -73.62
C SER UC 2 -19.99 31.25 -74.38
N GLN UC 3 -20.45 30.08 -73.94
CA GLN UC 3 -21.57 29.39 -74.57
C GLN UC 3 -22.76 29.36 -73.62
N PRO UC 4 -23.97 29.71 -74.07
CA PRO UC 4 -24.30 30.16 -75.43
C PRO UC 4 -24.01 31.63 -75.68
N VAL UC 5 -24.21 32.47 -74.65
CA VAL UC 5 -24.01 33.91 -74.76
C VAL UC 5 -23.11 34.38 -73.63
N PHE UC 6 -22.50 35.55 -73.83
CA PHE UC 6 -21.59 36.11 -72.84
C PHE UC 6 -22.34 36.63 -71.62
N ALA UC 7 -23.29 37.56 -71.84
CA ALA UC 7 -24.03 38.17 -70.74
C ALA UC 7 -25.08 37.20 -70.25
N SER UC 8 -24.64 36.21 -69.48
CA SER UC 8 -25.49 35.14 -69.03
C SER UC 8 -25.15 34.80 -67.58
N PRO UC 9 -26.18 34.52 -66.77
CA PRO UC 9 -25.98 34.44 -65.32
C PRO UC 9 -25.12 33.28 -64.86
N LEU UC 10 -25.06 32.17 -65.60
CA LEU UC 10 -24.15 31.12 -65.17
C LEU UC 10 -22.72 31.40 -65.64
N ASN UC 11 -22.55 31.98 -66.85
CA ASN UC 11 -21.20 32.28 -67.31
C ASN UC 11 -20.53 33.37 -66.47
N VAL UC 12 -21.30 34.35 -66.00
CA VAL UC 12 -20.67 35.43 -65.22
C VAL UC 12 -20.13 34.89 -63.90
N GLU UC 13 -20.91 34.07 -63.19
CA GLU UC 13 -20.41 33.51 -61.93
C GLU UC 13 -19.36 32.44 -62.20
N LYS UC 14 -19.46 31.76 -63.35
CA LYS UC 14 -18.45 30.79 -63.74
C LYS UC 14 -17.10 31.46 -63.94
N ARG UC 15 -17.07 32.56 -64.70
CA ARG UC 15 -15.80 33.24 -64.92
C ARG UC 15 -15.31 33.92 -63.67
N ARG UC 16 -16.22 34.42 -62.82
CA ARG UC 16 -15.80 35.00 -61.54
C ARG UC 16 -15.12 33.95 -60.65
N LEU UC 17 -15.80 32.83 -60.42
CA LEU UC 17 -15.27 31.79 -59.54
C LEU UC 17 -14.02 31.15 -60.12
N ASN UC 18 -13.98 30.94 -61.44
CA ASN UC 18 -12.84 30.25 -62.03
C ASN UC 18 -11.63 31.17 -62.16
N GLU UC 19 -11.86 32.47 -62.42
CA GLU UC 19 -10.76 33.42 -62.37
C GLU UC 19 -10.23 33.56 -60.94
N GLU UC 20 -11.13 33.50 -59.94
CA GLU UC 20 -10.68 33.52 -58.55
C GLU UC 20 -9.84 32.29 -58.21
N ARG UC 21 -10.27 31.12 -58.69
CA ARG UC 21 -9.52 29.89 -58.45
C ARG UC 21 -8.16 29.92 -59.15
N ALA UC 22 -8.13 30.42 -60.38
CA ALA UC 22 -6.86 30.53 -61.11
C ALA UC 22 -5.91 31.52 -60.44
N LEU UC 23 -6.45 32.65 -59.95
CA LEU UC 23 -5.61 33.62 -59.25
C LEU UC 23 -5.11 33.06 -57.93
N MET UC 24 -5.94 32.28 -57.23
CA MET UC 24 -5.49 31.64 -56.00
C MET UC 24 -4.40 30.62 -56.26
N GLN UC 25 -4.53 29.84 -57.35
CA GLN UC 25 -3.48 28.90 -57.72
C GLN UC 25 -2.19 29.61 -58.12
N ALA UC 26 -2.31 30.73 -58.83
CA ALA UC 26 -1.12 31.50 -59.21
C ALA UC 26 -0.44 32.11 -57.99
N GLN UC 27 -1.23 32.58 -57.02
CA GLN UC 27 -0.65 33.14 -55.80
C GLN UC 27 0.01 32.07 -54.95
N LYS UC 28 -0.59 30.87 -54.91
CA LYS UC 28 0.03 29.76 -54.17
C LYS UC 28 1.31 29.30 -54.84
N ALA UC 29 1.32 29.23 -56.17
CA ALA UC 29 2.51 28.82 -56.90
C ALA UC 29 3.25 30.02 -57.48
N ASN UC 35 3.89 29.15 -64.07
CA ASN UC 35 3.40 29.98 -65.17
C ASN UC 35 2.00 29.54 -65.60
N ILE UC 36 1.00 30.36 -65.28
CA ILE UC 36 -0.39 30.10 -65.64
C ILE UC 36 -0.93 31.34 -66.35
N GLN UC 37 -1.98 31.14 -67.13
CA GLN UC 37 -2.55 32.20 -67.96
C GLN UC 37 -3.85 32.72 -67.38
N LEU UC 38 -3.96 34.04 -67.30
CA LEU UC 38 -5.18 34.73 -66.94
C LEU UC 38 -5.49 35.73 -68.05
N PRO UC 39 -6.69 35.68 -68.67
CA PRO UC 39 -7.79 34.72 -68.46
C PRO UC 39 -7.52 33.37 -69.13
N PRO UC 40 -8.05 32.30 -68.54
CA PRO UC 40 -7.80 30.97 -69.11
C PRO UC 40 -8.59 30.74 -70.39
N ASN UC 41 -8.17 29.71 -71.13
CA ASN UC 41 -8.95 29.20 -72.24
C ASN UC 41 -10.28 28.66 -71.75
N TYR UC 42 -11.33 28.81 -72.57
CA TYR UC 42 -12.65 28.32 -72.22
C TYR UC 42 -12.71 26.80 -72.08
N GLY UC 43 -11.74 26.08 -72.65
CA GLY UC 43 -11.66 24.66 -72.46
C GLY UC 43 -10.91 24.22 -71.23
N ASP UC 44 -10.51 25.15 -70.37
CA ASP UC 44 -9.70 24.84 -69.19
C ASP UC 44 -10.49 24.74 -67.90
N MET UC 45 -11.41 25.68 -67.63
CA MET UC 45 -12.05 25.64 -66.33
C MET UC 45 -13.13 24.57 -66.28
N ASP UC 46 -13.54 24.24 -65.05
CA ASP UC 46 -14.63 23.32 -64.79
C ASP UC 46 -15.62 23.98 -63.83
N LEU UC 47 -16.91 23.81 -64.11
CA LEU UC 47 -17.96 24.44 -63.33
C LEU UC 47 -19.01 23.41 -62.95
N ILE UC 48 -19.39 23.41 -61.67
CA ILE UC 48 -20.56 22.65 -61.24
C ILE UC 48 -21.81 23.39 -61.73
N LEU UC 49 -22.44 22.83 -62.76
CA LEU UC 49 -23.52 23.55 -63.42
C LEU UC 49 -24.77 23.60 -62.58
N PHE UC 50 -25.13 22.48 -61.95
CA PHE UC 50 -26.38 22.33 -61.24
C PHE UC 50 -26.10 22.23 -59.75
N PRO UC 51 -26.57 23.16 -58.93
CA PRO UC 51 -26.29 23.10 -57.49
C PRO UC 51 -26.89 21.89 -56.78
N GLU UC 52 -26.68 21.83 -55.47
CA GLU UC 52 -27.03 20.62 -54.72
C GLU UC 52 -28.53 20.46 -54.60
N GLY UC 53 -29.21 21.40 -53.97
CA GLY UC 53 -30.60 21.20 -53.66
C GLY UC 53 -31.56 21.74 -54.71
N SER UC 54 -31.43 21.28 -55.94
CA SER UC 54 -32.20 21.86 -57.03
C SER UC 54 -33.08 20.85 -57.75
N LEU UC 55 -32.53 19.69 -58.11
CA LEU UC 55 -33.28 18.71 -58.88
C LEU UC 55 -34.12 17.86 -57.94
N LYS UC 56 -35.41 17.76 -58.23
CA LYS UC 56 -36.31 16.90 -57.47
C LYS UC 56 -37.04 16.01 -58.45
N ASN UC 57 -37.11 14.72 -58.16
CA ASN UC 57 -37.87 13.86 -59.06
C ASN UC 57 -39.32 13.79 -58.60
N SER UC 58 -40.10 12.98 -59.29
CA SER UC 58 -41.35 12.53 -58.70
C SER UC 58 -41.04 11.75 -57.44
N ASN UC 59 -41.93 11.87 -56.46
CA ASN UC 59 -41.84 11.54 -55.03
C ASN UC 59 -41.09 12.62 -54.28
N ASN UC 60 -40.69 13.70 -54.93
CA ASN UC 60 -40.10 14.89 -54.32
C ASN UC 60 -38.83 14.56 -53.52
N THR UC 61 -37.97 13.76 -54.11
CA THR UC 61 -36.68 13.42 -53.51
C THR UC 61 -35.57 14.11 -54.30
N VAL UC 62 -34.65 14.75 -53.60
CA VAL UC 62 -33.56 15.44 -54.28
C VAL UC 62 -32.58 14.42 -54.83
N ILE UC 63 -32.16 14.61 -56.09
CA ILE UC 63 -31.05 13.80 -56.55
C ILE UC 63 -29.88 14.71 -56.88
N PRO UC 64 -28.65 14.30 -56.59
CA PRO UC 64 -27.50 15.11 -56.94
C PRO UC 64 -27.27 15.12 -58.44
N GLN UC 65 -26.50 16.12 -58.88
CA GLN UC 65 -26.16 16.26 -60.29
C GLN UC 65 -25.38 15.06 -60.79
N SER UC 66 -24.63 14.41 -59.90
CA SER UC 66 -23.80 13.27 -60.27
C SER UC 66 -24.60 12.07 -60.73
N HIS UC 67 -25.90 12.02 -60.43
CA HIS UC 67 -26.75 10.97 -60.96
C HIS UC 67 -26.98 11.11 -62.45
N LEU UC 68 -26.72 12.29 -63.01
CA LEU UC 68 -27.18 12.59 -64.37
C LEU UC 68 -26.31 11.97 -65.44
N LYS UC 69 -25.21 11.33 -65.07
CA LYS UC 69 -24.24 10.83 -66.03
C LYS UC 69 -24.88 9.76 -66.91
N GLY UC 70 -24.43 9.71 -68.15
CA GLY UC 70 -24.85 8.64 -69.02
C GLY UC 70 -26.21 8.80 -69.64
N LYS UC 71 -26.81 9.97 -69.54
CA LYS UC 71 -28.13 10.22 -70.12
C LYS UC 71 -28.08 11.48 -70.97
N SER UC 72 -29.03 11.60 -71.88
CA SER UC 72 -29.24 12.84 -72.63
C SER UC 72 -30.18 13.73 -71.84
N VAL UC 73 -29.68 14.87 -71.39
CA VAL UC 73 -30.39 15.74 -70.47
C VAL UC 73 -30.97 16.91 -71.23
N ALA UC 74 -32.30 16.99 -71.28
CA ALA UC 74 -32.95 18.08 -72.00
C ALA UC 74 -33.63 19.03 -71.05
N LEU UC 75 -33.33 20.31 -71.17
CA LEU UC 75 -34.07 21.33 -70.45
C LEU UC 75 -35.35 21.65 -71.19
N TYR UC 76 -36.45 21.65 -70.45
CA TYR UC 76 -37.79 21.85 -70.99
C TYR UC 76 -38.38 23.04 -70.26
N PHE UC 77 -38.42 24.17 -70.95
CA PHE UC 77 -39.01 25.39 -70.43
C PHE UC 77 -40.47 25.42 -70.82
N ALA UC 78 -41.35 25.51 -69.83
CA ALA UC 78 -42.78 25.39 -70.08
C ALA UC 78 -43.58 26.29 -69.16
N ASP UC 79 -44.78 26.61 -69.62
CA ASP UC 79 -45.77 27.36 -68.87
C ASP UC 79 -47.05 26.55 -68.77
N GLY UC 80 -47.73 26.68 -67.62
CA GLY UC 80 -48.97 25.97 -67.44
C GLY UC 80 -50.09 26.46 -68.32
N ALA UC 81 -50.13 27.76 -68.57
CA ALA UC 81 -51.28 28.35 -69.24
C ALA UC 81 -51.19 28.39 -70.75
N ASP UC 82 -50.06 28.04 -71.32
CA ASP UC 82 -49.88 28.27 -72.74
C ASP UC 82 -50.50 27.10 -73.50
N PRO UC 83 -51.37 27.36 -74.45
CA PRO UC 83 -51.95 26.28 -75.26
C PRO UC 83 -50.92 25.47 -76.05
N LYS UC 84 -49.83 26.09 -76.48
CA LYS UC 84 -48.79 25.32 -77.16
C LYS UC 84 -48.13 24.31 -76.22
N CYS UC 85 -47.89 24.69 -74.96
CA CYS UC 85 -47.37 23.73 -74.01
C CYS UC 85 -48.37 22.63 -73.73
N ALA UC 86 -49.65 22.99 -73.64
CA ALA UC 86 -50.68 21.98 -73.41
C ALA UC 86 -50.73 21.00 -74.57
N SER UC 87 -50.53 21.47 -75.79
CA SER UC 87 -50.44 20.56 -76.92
C SER UC 87 -49.18 19.74 -76.89
N LEU UC 88 -48.07 20.30 -76.41
CA LEU UC 88 -46.79 19.62 -76.51
C LEU UC 88 -46.64 18.50 -75.49
N LEU UC 89 -47.19 18.70 -74.29
CA LEU UC 89 -46.92 17.76 -73.19
C LEU UC 89 -47.26 16.30 -73.47
N PRO UC 90 -48.42 15.93 -74.05
CA PRO UC 90 -48.69 14.49 -74.23
C PRO UC 90 -47.72 13.79 -75.15
N PHE UC 91 -47.27 14.46 -76.20
CA PHE UC 91 -46.34 13.83 -77.11
C PHE UC 91 -45.00 13.61 -76.47
N LEU UC 92 -44.57 14.53 -75.62
CA LEU UC 92 -43.27 14.35 -75.01
C LEU UC 92 -43.36 13.33 -73.89
N LEU UC 93 -44.55 13.22 -73.26
CA LEU UC 93 -44.82 12.13 -72.33
C LEU UC 93 -44.64 10.78 -73.01
N ASN UC 94 -45.27 10.61 -74.16
CA ASN UC 94 -45.16 9.35 -74.89
C ASN UC 94 -43.74 9.08 -75.36
N TYR UC 95 -43.03 10.13 -75.80
CA TYR UC 95 -41.67 9.94 -76.29
C TYR UC 95 -40.76 9.51 -75.16
N TYR UC 96 -40.90 10.14 -73.99
CA TYR UC 96 -40.16 9.72 -72.80
C TYR UC 96 -40.45 8.27 -72.45
N ARG UC 97 -41.74 7.93 -72.45
CA ARG UC 97 -42.19 6.57 -72.15
C ARG UC 97 -41.51 5.55 -73.05
N THR UC 98 -41.62 5.75 -74.35
CA THR UC 98 -41.13 4.76 -75.30
C THR UC 98 -39.61 4.70 -75.29
N MET UC 99 -38.95 5.86 -75.32
CA MET UC 99 -37.50 5.90 -75.40
C MET UC 99 -36.84 5.29 -74.17
N ASN UC 100 -37.35 5.59 -72.99
CA ASN UC 100 -36.73 4.99 -71.83
C ASN UC 100 -37.32 3.64 -71.46
N GLU UC 101 -38.38 3.20 -72.12
CA GLU UC 101 -38.97 1.92 -71.78
C GLU UC 101 -38.35 0.81 -72.61
N GLY UC 102 -38.36 0.96 -73.92
CA GLY UC 102 -37.70 -0.03 -74.75
C GLY UC 102 -36.20 0.09 -74.61
N GLY UC 103 -35.53 -0.96 -74.19
CA GLY UC 103 -34.09 -0.94 -74.14
C GLY UC 103 -33.59 -1.52 -72.85
N ALA UC 104 -32.34 -1.20 -72.52
CA ALA UC 104 -31.70 -1.70 -71.32
C ALA UC 104 -31.27 -0.64 -70.34
N ASN UC 105 -31.13 0.61 -70.78
CA ASN UC 105 -30.70 1.70 -69.93
C ASN UC 105 -31.77 2.78 -69.91
N GLN UC 106 -31.48 3.86 -69.22
CA GLN UC 106 -32.31 5.06 -69.25
C GLN UC 106 -31.62 6.04 -70.17
N LYS UC 107 -32.12 6.14 -71.40
CA LYS UC 107 -31.42 6.88 -72.43
C LYS UC 107 -31.47 8.39 -72.17
N ILE UC 108 -32.65 8.92 -71.92
CA ILE UC 108 -32.87 10.35 -71.86
C ILE UC 108 -33.48 10.71 -70.52
N GLU UC 109 -33.44 12.00 -70.18
CA GLU UC 109 -34.37 12.51 -69.18
C GLU UC 109 -34.58 14.00 -69.41
N ILE UC 110 -35.55 14.54 -68.68
CA ILE UC 110 -36.04 15.90 -68.87
C ILE UC 110 -35.92 16.65 -67.55
N ILE UC 111 -35.28 17.81 -67.59
CA ILE UC 111 -35.25 18.74 -66.47
C ILE UC 111 -36.26 19.82 -66.79
N PHE UC 112 -37.22 20.04 -65.91
CA PHE UC 112 -38.34 20.93 -66.17
C PHE UC 112 -38.12 22.26 -65.49
N VAL UC 113 -38.18 23.33 -66.27
CA VAL UC 113 -38.10 24.69 -65.76
C VAL UC 113 -39.38 25.41 -66.13
N SER UC 114 -40.03 25.99 -65.13
CA SER UC 114 -41.35 26.57 -65.29
C SER UC 114 -41.27 28.08 -65.37
N LEU UC 115 -42.08 28.65 -66.25
CA LEU UC 115 -42.29 30.09 -66.29
C LEU UC 115 -43.73 30.43 -65.89
N ASP UC 116 -44.28 29.65 -64.96
CA ASP UC 116 -45.66 29.78 -64.53
C ASP UC 116 -45.86 31.06 -63.73
N ARG UC 117 -47.09 31.28 -63.26
CA ARG UC 117 -47.39 32.54 -62.60
C ARG UC 117 -47.44 32.47 -61.07
N ASP UC 118 -47.42 31.28 -60.46
CA ASP UC 118 -47.10 31.18 -59.03
C ASP UC 118 -46.79 29.74 -58.65
N ARG UC 119 -46.69 29.52 -57.34
CA ARG UC 119 -46.44 28.20 -56.77
C ARG UC 119 -47.56 27.23 -57.09
N GLU UC 120 -48.81 27.69 -57.04
CA GLU UC 120 -49.93 26.79 -57.28
C GLU UC 120 -49.95 26.29 -58.71
N ALA UC 121 -49.70 27.18 -59.67
CA ALA UC 121 -49.61 26.76 -61.06
C ALA UC 121 -48.43 25.83 -61.28
N PHE UC 122 -47.30 26.13 -60.63
CA PHE UC 122 -46.13 25.27 -60.78
C PHE UC 122 -46.39 23.86 -60.25
N GLU UC 123 -47.02 23.76 -59.08
CA GLU UC 123 -47.33 22.45 -58.52
C GLU UC 123 -48.35 21.70 -59.38
N SER UC 124 -49.40 22.39 -59.82
CA SER UC 124 -50.44 21.74 -60.61
C SER UC 124 -49.90 21.25 -61.95
N HIS UC 125 -49.05 22.04 -62.60
CA HIS UC 125 -48.48 21.58 -63.87
C HIS UC 125 -47.39 20.54 -63.64
N ARG UC 126 -46.73 20.57 -62.48
CA ARG UC 126 -45.66 19.63 -62.25
C ARG UC 126 -46.20 18.25 -61.89
N ALA UC 127 -47.42 18.19 -61.38
CA ALA UC 127 -48.01 16.91 -61.05
C ALA UC 127 -48.24 16.01 -62.27
N HIS UC 128 -48.36 16.59 -63.46
CA HIS UC 128 -48.60 15.78 -64.64
C HIS UC 128 -47.35 15.19 -65.25
N MET UC 129 -46.17 15.44 -64.70
CA MET UC 129 -44.95 15.11 -65.40
C MET UC 129 -44.11 14.12 -64.62
N PRO UC 130 -43.61 13.05 -65.25
CA PRO UC 130 -42.82 12.05 -64.54
C PRO UC 130 -41.31 12.24 -64.61
N TRP UC 131 -40.83 13.37 -65.07
CA TRP UC 131 -39.41 13.62 -65.11
C TRP UC 131 -39.03 14.57 -63.99
N LEU UC 132 -37.78 15.01 -64.01
CA LEU UC 132 -37.26 15.88 -62.98
C LEU UC 132 -37.80 17.29 -63.13
N SER UC 133 -37.58 18.11 -62.11
CA SER UC 133 -38.01 19.50 -62.14
C SER UC 133 -37.18 20.32 -61.19
N ILE UC 134 -37.20 21.63 -61.41
CA ILE UC 134 -36.53 22.61 -60.56
C ILE UC 134 -37.60 23.47 -59.92
N ASP UC 135 -37.50 23.67 -58.61
CA ASP UC 135 -38.47 24.51 -57.91
C ASP UC 135 -38.39 25.94 -58.40
N LEU UC 136 -39.55 26.60 -58.45
CA LEU UC 136 -39.64 27.93 -58.99
C LEU UC 136 -38.99 28.96 -58.06
N GLU UC 137 -38.93 28.64 -56.77
CA GLU UC 137 -38.37 29.58 -55.81
C GLU UC 137 -36.84 29.61 -55.85
N ASN UC 138 -36.20 28.51 -56.17
CA ASN UC 138 -34.74 28.49 -56.20
C ASN UC 138 -34.25 29.34 -57.38
N PRO UC 139 -33.32 30.27 -57.14
CA PRO UC 139 -32.99 31.29 -58.17
C PRO UC 139 -32.39 30.72 -59.44
N LEU UC 140 -31.99 29.45 -59.42
CA LEU UC 140 -31.42 28.80 -60.60
C LEU UC 140 -32.39 28.82 -61.77
N THR UC 141 -33.70 28.87 -61.51
CA THR UC 141 -34.66 28.96 -62.61
C THR UC 141 -34.52 30.28 -63.37
N GLU UC 142 -34.38 31.39 -62.65
CA GLU UC 142 -34.19 32.67 -63.32
C GLU UC 142 -32.82 32.72 -63.98
N ILE UC 143 -31.82 32.15 -63.30
CA ILE UC 143 -30.48 32.04 -63.85
C ILE UC 143 -30.51 31.33 -65.19
N LEU UC 144 -31.20 30.19 -65.24
CA LEU UC 144 -31.20 29.38 -66.44
C LEU UC 144 -32.00 30.03 -67.56
N LYS UC 145 -33.15 30.63 -67.23
CA LYS UC 145 -33.96 31.23 -68.29
C LYS UC 145 -33.27 32.43 -68.90
N ARG UC 146 -32.55 33.21 -68.09
CA ARG UC 146 -31.79 34.31 -68.66
C ARG UC 146 -30.56 33.82 -69.39
N HIS UC 147 -29.97 32.72 -68.92
CA HIS UC 147 -28.81 32.13 -69.59
C HIS UC 147 -29.18 31.67 -70.99
N PHE UC 148 -30.33 31.05 -71.12
CA PHE UC 148 -30.74 30.40 -72.34
C PHE UC 148 -31.67 31.29 -73.15
N ARG UC 149 -31.85 32.54 -72.69
CA ARG UC 149 -32.58 33.62 -73.39
C ARG UC 149 -33.98 33.21 -73.80
N VAL UC 150 -34.61 32.35 -73.00
CA VAL UC 150 -35.99 31.95 -73.21
C VAL UC 150 -36.87 33.01 -72.54
N MET UC 151 -37.31 33.99 -73.33
CA MET UC 151 -38.10 35.10 -72.83
C MET UC 151 -39.56 34.90 -73.22
N LYS UC 152 -40.46 35.07 -72.26
CA LYS UC 152 -41.88 34.94 -72.56
C LYS UC 152 -42.37 36.15 -73.35
N GLU UC 153 -42.31 37.32 -72.74
CA GLU UC 153 -42.53 38.59 -73.42
C GLU UC 153 -41.33 39.47 -73.17
N TYR UC 154 -41.30 40.64 -73.82
CA TYR UC 154 -40.20 41.57 -73.60
C TYR UC 154 -40.40 42.27 -72.25
N GLU UC 155 -40.00 41.56 -71.19
CA GLU UC 155 -40.06 42.10 -69.84
C GLU UC 155 -38.69 42.23 -69.19
N VAL UC 156 -37.73 41.41 -69.58
CA VAL UC 156 -36.36 41.47 -69.09
C VAL UC 156 -35.49 42.08 -70.19
N PRO UC 157 -34.83 43.21 -69.95
CA PRO UC 157 -33.97 43.80 -70.99
C PRO UC 157 -32.76 42.93 -71.30
N THR UC 158 -32.31 43.01 -72.54
CA THR UC 158 -31.21 42.20 -73.03
C THR UC 158 -30.00 43.08 -73.33
N TYR UC 159 -28.84 42.43 -73.40
CA TYR UC 159 -27.59 43.09 -73.79
C TYR UC 159 -27.35 42.96 -75.28
N GLY UC 160 -28.35 43.33 -76.08
CA GLY UC 160 -28.27 43.21 -77.52
C GLY UC 160 -28.49 41.80 -78.04
N TYR UC 161 -28.84 40.85 -77.18
CA TYR UC 161 -29.01 39.46 -77.58
C TYR UC 161 -30.46 39.21 -77.99
N GLY UC 162 -30.64 38.62 -79.17
CA GLY UC 162 -31.98 38.33 -79.66
C GLY UC 162 -32.61 37.15 -78.97
N SER UC 163 -33.92 37.25 -78.76
CA SER UC 163 -34.66 36.19 -78.08
C SER UC 163 -34.74 34.96 -78.98
N ARG UC 164 -34.17 33.86 -78.53
CA ARG UC 164 -34.20 32.64 -79.33
C ARG UC 164 -35.59 32.02 -79.34
N THR UC 165 -36.22 31.94 -78.17
CA THR UC 165 -37.45 31.17 -78.06
C THR UC 165 -38.24 31.61 -76.83
N GLY UC 166 -39.49 31.16 -76.79
CA GLY UC 166 -40.34 31.28 -75.62
C GLY UC 166 -41.00 29.96 -75.29
N VAL UC 167 -42.07 30.01 -74.51
CA VAL UC 167 -42.82 28.80 -74.15
C VAL UC 167 -43.44 28.20 -75.40
N PRO UC 168 -43.32 26.88 -75.62
CA PRO UC 168 -42.44 26.01 -74.86
C PRO UC 168 -41.14 25.80 -75.60
N SER UC 169 -40.15 25.23 -74.93
CA SER UC 169 -38.90 24.98 -75.64
C SER UC 169 -38.18 23.81 -75.01
N VAL UC 170 -37.66 22.93 -75.84
CA VAL UC 170 -36.80 21.84 -75.42
C VAL UC 170 -35.43 22.07 -76.04
N ILE UC 171 -34.41 22.12 -75.21
CA ILE UC 171 -33.05 22.04 -75.73
C ILE UC 171 -32.39 20.88 -75.01
N VAL UC 172 -31.28 20.39 -75.55
CA VAL UC 172 -30.54 19.35 -74.86
C VAL UC 172 -29.14 19.89 -74.53
N ILE UC 173 -28.75 19.77 -73.27
CA ILE UC 173 -27.54 20.42 -72.80
C ILE UC 173 -26.31 19.54 -72.89
N GLY UC 174 -25.14 20.16 -72.71
CA GLY UC 174 -23.89 19.44 -72.61
C GLY UC 174 -23.29 19.59 -71.22
N SER UC 175 -22.04 19.12 -71.10
CA SER UC 175 -21.42 19.01 -69.78
C SER UC 175 -21.03 20.37 -69.20
N ASP UC 176 -20.43 21.23 -70.02
CA ASP UC 176 -19.92 22.51 -69.54
C ASP UC 176 -20.89 23.65 -69.74
N GLY UC 177 -22.20 23.37 -69.79
CA GLY UC 177 -23.19 24.40 -69.98
C GLY UC 177 -23.45 24.76 -71.42
N ARG UC 178 -22.70 24.18 -72.36
CA ARG UC 178 -22.93 24.45 -73.76
C ARG UC 178 -24.22 23.77 -74.20
N GLU UC 179 -25.08 24.52 -74.87
CA GLU UC 179 -26.35 23.98 -75.35
C GLU UC 179 -26.06 23.20 -76.63
N ALA UC 180 -26.28 21.88 -76.57
CA ALA UC 180 -25.96 21.03 -77.71
C ALA UC 180 -26.84 21.36 -78.90
N GLN UC 181 -28.15 21.39 -78.70
CA GLN UC 181 -29.04 21.83 -79.77
C GLN UC 181 -30.37 22.27 -79.19
N PHE UC 182 -31.05 23.09 -79.99
CA PHE UC 182 -32.41 23.56 -79.77
C PHE UC 182 -33.34 22.71 -80.62
N LEU UC 183 -34.37 22.18 -80.01
CA LEU UC 183 -35.23 21.34 -80.82
C LEU UC 183 -36.28 22.21 -81.51
N PRO UC 184 -36.47 22.04 -82.80
CA PRO UC 184 -37.32 22.96 -83.58
C PRO UC 184 -38.81 22.79 -83.32
N ILE UC 185 -39.26 23.21 -82.13
CA ILE UC 185 -40.69 23.18 -81.81
C ILE UC 185 -41.32 24.51 -82.19
N CYS UC 186 -40.76 25.61 -81.67
CA CYS UC 186 -41.18 26.96 -82.02
C CYS UC 186 -39.94 27.74 -82.40
N SER UC 187 -39.57 27.69 -83.67
CA SER UC 187 -38.38 28.36 -84.18
C SER UC 187 -38.65 28.77 -85.62
N GLY UC 188 -37.58 29.08 -86.35
CA GLY UC 188 -37.70 29.29 -87.78
C GLY UC 188 -38.15 28.03 -88.51
N LEU UC 189 -37.75 26.86 -88.00
CA LEU UC 189 -38.21 25.62 -88.59
C LEU UC 189 -39.67 25.36 -88.26
N GLU UC 190 -40.06 25.56 -87.00
CA GLU UC 190 -41.44 25.50 -86.53
C GLU UC 190 -42.07 24.15 -86.87
N GLU UC 191 -41.56 23.11 -86.23
CA GLU UC 191 -42.05 21.74 -86.42
C GLU UC 191 -42.54 21.21 -85.08
N GLY UC 192 -43.79 21.53 -84.75
CA GLY UC 192 -44.33 21.13 -83.45
C GLY UC 192 -44.71 19.66 -83.42
N ASP UC 193 -44.47 19.04 -82.26
CA ASP UC 193 -44.86 17.68 -81.90
C ASP UC 193 -44.25 16.61 -82.80
N ARG UC 194 -43.33 16.97 -83.65
CA ARG UC 194 -42.63 16.04 -84.53
C ARG UC 194 -41.13 16.17 -84.40
N ALA UC 195 -40.63 17.39 -84.21
CA ALA UC 195 -39.20 17.61 -84.11
C ALA UC 195 -38.59 17.07 -82.83
N LEU UC 196 -39.37 16.42 -81.97
CA LEU UC 196 -38.78 15.69 -80.86
C LEU UC 196 -37.96 14.52 -81.34
N LEU UC 197 -38.21 14.03 -82.56
CA LEU UC 197 -37.39 13.00 -83.14
C LEU UC 197 -35.98 13.48 -83.44
N ARG UC 198 -35.79 14.78 -83.62
CA ARG UC 198 -34.50 15.35 -84.02
C ARG UC 198 -33.46 15.26 -82.91
N TRP UC 199 -33.86 14.84 -81.72
CA TRP UC 199 -32.94 14.62 -80.60
C TRP UC 199 -31.92 13.54 -80.94
N ASP UC 200 -30.66 13.79 -80.58
CA ASP UC 200 -29.54 12.90 -80.94
C ASP UC 200 -29.00 12.40 -79.59
N TRP UC 201 -29.55 11.27 -79.14
CA TRP UC 201 -29.29 10.76 -77.81
C TRP UC 201 -28.02 9.93 -77.72
N ARG UC 202 -27.40 9.57 -78.84
CA ARG UC 202 -26.13 8.88 -78.77
C ARG UC 202 -25.00 9.87 -78.56
N ASN UC 203 -24.98 10.92 -79.37
CA ASN UC 203 -23.89 11.89 -79.27
C ASN UC 203 -24.07 12.79 -78.07
N THR UC 204 -25.30 13.20 -77.77
CA THR UC 204 -25.45 14.14 -76.66
C THR UC 204 -25.57 13.34 -75.37
N LYS UC 205 -24.45 13.16 -74.67
CA LYS UC 205 -24.40 12.44 -73.41
C LYS UC 205 -23.83 13.37 -72.37
N PHE UC 206 -24.56 13.57 -71.27
CA PHE UC 206 -24.06 14.42 -70.20
C PHE UC 206 -22.89 13.75 -69.50
N ALA UC 207 -21.95 14.56 -69.05
CA ALA UC 207 -20.75 14.03 -68.40
C ALA UC 207 -20.16 15.05 -67.44
N SER VC 2 37.24 -29.12 -80.45
CA SER VC 2 36.68 -28.31 -81.54
C SER VC 2 35.52 -29.03 -82.21
N GLN VC 3 35.08 -30.13 -81.60
CA GLN VC 3 33.97 -30.92 -82.11
C GLN VC 3 32.86 -30.96 -81.07
N PRO VC 4 31.61 -30.67 -81.44
CA PRO VC 4 31.16 -30.28 -82.79
C PRO VC 4 31.40 -28.80 -83.10
N VAL VC 5 31.18 -27.94 -82.11
CA VAL VC 5 31.31 -26.50 -82.27
C VAL VC 5 32.12 -25.96 -81.10
N PHE VC 6 32.94 -24.94 -81.38
CA PHE VC 6 33.75 -24.33 -80.33
C PHE VC 6 32.91 -23.59 -79.30
N ALA VC 7 31.86 -22.90 -79.74
CA ALA VC 7 30.96 -22.19 -78.82
C ALA VC 7 30.05 -23.22 -78.17
N SER VC 8 30.63 -23.97 -77.22
CA SER VC 8 29.90 -25.05 -76.57
C SER VC 8 30.51 -25.31 -75.20
N PRO VC 9 29.66 -25.44 -74.18
CA PRO VC 9 30.18 -25.50 -72.81
C PRO VC 9 30.97 -26.76 -72.52
N LEU VC 10 30.61 -27.91 -73.10
CA LEU VC 10 31.39 -29.13 -72.88
C LEU VC 10 32.81 -28.98 -73.42
N ASN VC 11 32.94 -28.46 -74.65
CA ASN VC 11 34.27 -28.25 -75.21
C ASN VC 11 35.08 -27.25 -74.39
N VAL VC 12 34.45 -26.14 -73.98
CA VAL VC 12 35.25 -25.12 -73.31
C VAL VC 12 35.64 -25.59 -71.90
N GLU VC 13 34.76 -26.32 -71.21
CA GLU VC 13 35.14 -26.82 -69.89
C GLU VC 13 36.16 -27.94 -70.01
N LYS VC 14 36.06 -28.75 -71.08
CA LYS VC 14 37.04 -29.80 -71.32
C LYS VC 14 38.41 -29.21 -71.57
N ARG VC 15 38.49 -28.17 -72.38
CA ARG VC 15 39.79 -27.56 -72.64
C ARG VC 15 40.29 -26.74 -71.47
N ARG VC 16 39.41 -26.17 -70.66
CA ARG VC 16 39.85 -25.51 -69.43
C ARG VC 16 40.46 -26.50 -68.47
N LEU VC 17 39.77 -27.62 -68.22
CA LEU VC 17 40.27 -28.64 -67.30
C LEU VC 17 41.54 -29.28 -67.83
N ASN VC 18 41.61 -29.56 -69.13
CA ASN VC 18 42.78 -30.22 -69.68
C ASN VC 18 43.96 -29.27 -69.81
N GLU VC 19 43.72 -27.98 -70.09
CA GLU VC 19 44.80 -27.00 -70.06
C GLU VC 19 45.33 -26.83 -68.64
N GLU VC 20 44.44 -26.86 -67.65
CA GLU VC 20 44.88 -26.81 -66.26
C GLU VC 20 45.72 -28.05 -65.90
N ARG VC 21 45.29 -29.22 -66.36
CA ARG VC 21 46.05 -30.44 -66.12
C ARG VC 21 47.40 -30.42 -66.81
N ALA VC 22 47.46 -29.92 -68.04
CA ALA VC 22 48.73 -29.83 -68.77
C ALA VC 22 49.67 -28.82 -68.13
N LEU VC 23 49.13 -27.69 -67.65
CA LEU VC 23 49.97 -26.71 -66.96
C LEU VC 23 50.47 -27.26 -65.63
N MET VC 24 49.64 -28.02 -64.92
CA MET VC 24 50.09 -28.66 -63.68
C MET VC 24 51.18 -29.69 -63.95
N GLN VC 25 51.04 -30.47 -65.03
CA GLN VC 25 52.06 -31.44 -65.39
C GLN VC 25 53.37 -30.76 -65.80
N ALA VC 26 53.27 -29.63 -66.53
CA ALA VC 26 54.47 -28.89 -66.92
C ALA VC 26 55.14 -28.25 -65.71
N GLN VC 27 54.36 -27.79 -64.74
CA GLN VC 27 54.93 -27.21 -63.53
C GLN VC 27 55.59 -28.29 -62.67
N LYS VC 28 54.99 -29.49 -62.62
CA LYS VC 28 55.60 -30.59 -61.88
C LYS VC 28 56.88 -31.07 -62.55
N ALA VC 29 56.89 -31.14 -63.87
CA ALA VC 29 58.07 -31.58 -64.60
C ALA VC 29 58.81 -30.39 -65.20
N ASN VC 35 59.33 -31.13 -71.60
CA ASN VC 35 58.87 -30.35 -72.75
C ASN VC 35 57.54 -30.87 -73.26
N ILE VC 36 56.50 -30.07 -73.11
CA ILE VC 36 55.15 -30.42 -73.57
C ILE VC 36 54.63 -29.27 -74.42
N GLN VC 37 53.72 -29.58 -75.33
CA GLN VC 37 53.27 -28.62 -76.32
C GLN VC 37 52.14 -27.76 -75.78
N LEU VC 38 52.28 -26.44 -75.92
CA LEU VC 38 51.23 -25.48 -75.60
C LEU VC 38 50.92 -24.66 -76.85
N PRO VC 39 49.66 -24.59 -77.30
CA PRO VC 39 48.50 -25.31 -76.75
C PRO VC 39 48.41 -26.74 -77.26
N PRO VC 40 47.87 -27.64 -76.45
CA PRO VC 40 47.87 -29.06 -76.81
C PRO VC 40 46.97 -29.36 -78.00
N ASN VC 41 47.28 -30.47 -78.67
CA ASN VC 41 46.50 -30.93 -79.79
C ASN VC 41 45.15 -31.46 -79.34
N TYR VC 42 44.24 -31.61 -80.29
CA TYR VC 42 42.88 -32.04 -79.97
C TYR VC 42 42.83 -33.48 -79.49
N GLY VC 43 43.71 -34.33 -80.00
CA GLY VC 43 43.80 -35.69 -79.47
C GLY VC 43 44.36 -35.77 -78.06
N ASP VC 44 45.05 -34.72 -77.61
CA ASP VC 44 45.61 -34.71 -76.27
C ASP VC 44 44.56 -34.47 -75.20
N MET VC 45 43.51 -33.70 -75.49
CA MET VC 45 42.45 -33.52 -74.51
C MET VC 45 41.62 -34.79 -74.36
N ASP VC 46 41.44 -35.22 -73.12
CA ASP VC 46 40.61 -36.37 -72.78
C ASP VC 46 39.64 -35.97 -71.68
N LEU VC 47 38.40 -36.41 -71.78
CA LEU VC 47 37.35 -35.99 -70.87
C LEU VC 47 36.43 -37.15 -70.53
N ILE VC 48 36.08 -37.27 -69.26
CA ILE VC 48 34.96 -38.10 -68.84
C ILE VC 48 33.67 -37.33 -69.18
N LEU VC 49 33.04 -37.75 -70.28
CA LEU VC 49 31.96 -36.95 -70.86
C LEU VC 49 30.72 -36.93 -69.97
N PHE VC 50 30.37 -38.07 -69.41
CA PHE VC 50 29.15 -38.17 -68.61
C PHE VC 50 29.53 -38.31 -67.14
N PRO VC 51 29.15 -37.37 -66.29
CA PRO VC 51 29.42 -37.51 -64.86
C PRO VC 51 28.65 -38.64 -64.21
N GLU VC 52 28.81 -38.78 -62.90
CA GLU VC 52 28.30 -39.96 -62.19
C GLU VC 52 26.78 -39.99 -62.18
N GLY VC 53 26.17 -38.98 -61.58
CA GLY VC 53 24.72 -39.00 -61.45
C GLY VC 53 24.01 -38.46 -62.67
N SER VC 54 24.20 -39.09 -63.81
CA SER VC 54 23.62 -38.60 -65.05
C SER VC 54 22.66 -39.59 -65.69
N LEU VC 55 23.09 -40.82 -65.92
CA LEU VC 55 22.32 -41.79 -66.67
C LEU VC 55 21.54 -42.67 -65.72
N LYS VC 56 20.23 -42.78 -65.94
CA LYS VC 56 19.40 -43.69 -65.16
C LYS VC 56 18.53 -44.49 -66.11
N ASN VC 57 18.35 -45.77 -65.81
CA ASN VC 57 17.52 -46.62 -66.65
C ASN VC 57 16.09 -46.64 -66.14
N SER VC 58 15.26 -47.49 -66.73
CA SER VC 58 14.03 -47.86 -66.06
C SER VC 58 14.38 -48.58 -64.77
N ASN VC 59 13.48 -48.45 -63.79
CA ASN VC 59 13.61 -48.75 -62.35
C ASN VC 59 14.41 -47.66 -61.65
N ASN VC 60 14.91 -46.66 -62.37
CA ASN VC 60 15.58 -45.48 -61.82
C ASN VC 60 16.81 -45.86 -60.99
N THR VC 61 17.76 -46.50 -61.66
CA THR VC 61 19.05 -46.83 -61.06
C THR VC 61 20.15 -46.11 -61.82
N VAL VC 62 20.98 -45.37 -61.11
CA VAL VC 62 22.01 -44.58 -61.76
C VAL VC 62 23.17 -45.48 -62.17
N ILE VC 63 23.58 -45.35 -63.42
CA ILE VC 63 24.61 -46.24 -63.95
C ILE VC 63 25.81 -45.45 -64.43
N PRO VC 64 27.03 -45.89 -64.12
CA PRO VC 64 28.21 -45.16 -64.58
C PRO VC 64 28.41 -45.26 -66.08
N GLN VC 65 29.22 -44.34 -66.59
CA GLN VC 65 29.50 -44.22 -68.02
C GLN VC 65 30.18 -45.47 -68.55
N SER VC 66 30.93 -46.17 -67.70
CA SER VC 66 31.74 -47.31 -68.10
C SER VC 66 30.93 -48.47 -68.62
N HIS VC 67 29.62 -48.45 -68.40
CA HIS VC 67 28.74 -49.48 -68.90
C HIS VC 67 28.53 -49.40 -70.40
N LEU VC 68 28.76 -48.24 -71.00
CA LEU VC 68 28.37 -48.02 -72.38
C LEU VC 68 29.37 -48.57 -73.38
N LYS VC 69 30.40 -49.24 -72.91
CA LYS VC 69 31.44 -49.75 -73.78
C LYS VC 69 30.87 -50.83 -74.69
N GLY VC 70 31.34 -50.82 -75.94
CA GLY VC 70 30.93 -51.85 -76.86
C GLY VC 70 29.53 -51.70 -77.40
N LYS VC 71 28.91 -50.55 -77.27
CA LYS VC 71 27.60 -50.31 -77.85
C LYS VC 71 27.62 -49.05 -78.67
N SER VC 72 26.71 -48.97 -79.64
CA SER VC 72 26.49 -47.75 -80.41
C SER VC 72 25.47 -46.90 -79.68
N VAL VC 73 25.90 -45.74 -79.21
CA VAL VC 73 25.09 -44.92 -78.33
C VAL VC 73 24.59 -43.72 -79.10
N ALA VC 74 23.32 -43.39 -78.94
CA ALA VC 74 22.73 -42.22 -79.57
C ALA VC 74 21.98 -41.38 -78.56
N LEU VC 75 22.25 -40.07 -78.57
CA LEU VC 75 21.40 -39.11 -77.90
C LEU VC 75 20.13 -38.89 -78.70
N TYR VC 76 19.02 -38.84 -77.98
CA TYR VC 76 17.70 -38.63 -78.55
C TYR VC 76 17.11 -37.43 -77.83
N PHE VC 77 17.05 -36.30 -78.54
CA PHE VC 77 16.47 -35.08 -78.02
C PHE VC 77 15.01 -35.06 -78.41
N ALA VC 78 14.13 -34.94 -77.41
CA ALA VC 78 12.71 -35.12 -77.64
C ALA VC 78 11.89 -34.21 -76.75
N ASP VC 79 10.65 -33.97 -77.18
CA ASP VC 79 9.67 -33.13 -76.49
C ASP VC 79 8.37 -33.91 -76.37
N GLY VC 80 7.70 -33.70 -75.24
CA GLY VC 80 6.43 -34.39 -75.02
C GLY VC 80 5.32 -33.90 -75.93
N ALA VC 81 5.27 -32.60 -76.17
CA ALA VC 81 4.15 -32.01 -76.87
C ALA VC 81 4.29 -32.04 -78.38
N ASP VC 82 5.43 -32.47 -78.88
CA ASP VC 82 5.73 -32.36 -80.30
C ASP VC 82 5.05 -33.47 -81.09
N PRO VC 83 4.23 -33.14 -82.08
CA PRO VC 83 3.61 -34.18 -82.92
C PRO VC 83 4.61 -35.01 -83.70
N LYS VC 84 5.72 -34.43 -84.15
CA LYS VC 84 6.71 -35.23 -84.86
C LYS VC 84 7.41 -36.19 -83.92
N CYS VC 85 7.62 -35.80 -82.66
CA CYS VC 85 8.14 -36.74 -81.68
C CYS VC 85 7.17 -37.88 -81.42
N ALA VC 86 5.88 -37.55 -81.32
CA ALA VC 86 4.89 -38.61 -81.12
C ALA VC 86 4.83 -39.55 -82.30
N SER VC 87 5.08 -39.05 -83.51
CA SER VC 87 5.17 -39.92 -84.66
C SER VC 87 6.44 -40.77 -84.62
N LEU VC 88 7.55 -40.21 -84.13
CA LEU VC 88 8.82 -40.90 -84.23
C LEU VC 88 8.96 -42.00 -83.19
N LEU VC 89 8.41 -41.79 -81.99
CA LEU VC 89 8.66 -42.71 -80.87
C LEU VC 89 8.29 -44.17 -81.12
N PRO VC 90 7.13 -44.53 -81.71
CA PRO VC 90 6.84 -45.97 -81.88
C PRO VC 90 7.79 -46.67 -82.80
N PHE VC 91 8.17 -46.02 -83.89
CA PHE VC 91 9.11 -46.61 -84.83
C PHE VC 91 10.44 -46.84 -84.17
N LEU VC 92 10.83 -45.93 -83.30
CA LEU VC 92 12.12 -46.06 -82.65
C LEU VC 92 12.08 -47.12 -81.58
N LEU VC 93 10.92 -47.30 -80.92
CA LEU VC 93 10.74 -48.40 -79.99
C LEU VC 93 10.88 -49.74 -80.68
N ASN VC 94 10.21 -49.89 -81.83
CA ASN VC 94 10.29 -51.14 -82.57
C ASN VC 94 11.70 -51.39 -83.09
N TYR VC 95 12.39 -50.33 -83.52
CA TYR VC 95 13.78 -50.51 -83.98
C TYR VC 95 14.68 -50.95 -82.85
N TYR VC 96 14.55 -50.32 -81.69
CA TYR VC 96 15.31 -50.75 -80.51
C TYR VC 96 15.04 -52.20 -80.19
N ARG VC 97 13.76 -52.56 -80.15
CA ARG VC 97 13.28 -53.90 -79.82
C ARG VC 97 13.91 -54.94 -80.74
N THR VC 98 13.68 -54.80 -82.04
CA THR VC 98 14.19 -55.78 -83.01
C THR VC 98 15.70 -55.76 -83.08
N MET VC 99 16.29 -54.58 -83.31
CA MET VC 99 17.71 -54.45 -83.54
C MET VC 99 18.53 -54.87 -82.35
N ASN VC 100 17.94 -54.89 -81.17
CA ASN VC 100 18.72 -55.21 -80.01
C ASN VC 100 18.44 -56.61 -79.50
N GLU VC 101 17.26 -57.18 -79.74
CA GLU VC 101 17.07 -58.57 -79.37
C GLU VC 101 17.63 -59.51 -80.41
N GLY VC 102 17.93 -59.03 -81.62
CA GLY VC 102 18.54 -59.93 -82.57
C GLY VC 102 19.98 -60.17 -82.21
N GLY VC 103 20.31 -61.37 -81.75
CA GLY VC 103 21.70 -61.69 -81.51
C GLY VC 103 22.10 -61.90 -80.07
N ALA VC 104 23.38 -61.68 -79.76
CA ALA VC 104 23.90 -62.02 -78.45
C ALA VC 104 24.30 -60.82 -77.61
N ASN VC 105 24.62 -59.69 -78.22
CA ASN VC 105 25.06 -58.52 -77.48
C ASN VC 105 23.98 -57.45 -77.48
N GLN VC 106 24.13 -56.50 -76.56
CA GLN VC 106 23.30 -55.29 -76.59
C GLN VC 106 23.97 -54.32 -77.54
N LYS VC 107 23.44 -54.22 -78.75
CA LYS VC 107 24.12 -53.45 -79.78
C LYS VC 107 23.93 -51.95 -79.62
N ILE VC 108 22.69 -51.48 -79.74
CA ILE VC 108 22.43 -50.06 -79.69
C ILE VC 108 22.05 -49.67 -78.27
N GLU VC 109 22.21 -48.40 -77.95
CA GLU VC 109 21.74 -47.89 -76.67
C GLU VC 109 21.43 -46.41 -76.83
N ILE VC 110 20.39 -45.94 -76.14
CA ILE VC 110 19.81 -44.62 -76.38
C ILE VC 110 19.76 -43.83 -75.08
N ILE VC 111 20.26 -42.60 -75.13
CA ILE VC 111 20.24 -41.68 -74.01
C ILE VC 111 19.21 -40.61 -74.34
N PHE VC 112 18.21 -40.44 -73.49
CA PHE VC 112 17.10 -39.56 -73.79
C PHE VC 112 17.29 -38.23 -73.08
N VAL VC 113 17.29 -37.14 -73.84
CA VAL VC 113 17.34 -35.80 -73.28
C VAL VC 113 16.07 -35.06 -73.68
N SER VC 114 15.41 -34.48 -72.70
CA SER VC 114 14.10 -33.87 -72.87
C SER VC 114 14.20 -32.37 -72.97
N LEU VC 115 13.43 -31.81 -73.88
CA LEU VC 115 13.17 -30.38 -73.93
C LEU VC 115 11.80 -30.04 -73.38
N ASP VC 116 11.26 -30.91 -72.52
CA ASP VC 116 9.89 -30.82 -72.04
C ASP VC 116 9.70 -29.57 -71.18
N ARG VC 117 8.44 -29.19 -70.99
CA ARG VC 117 8.16 -27.90 -70.38
C ARG VC 117 8.02 -27.94 -68.86
N ASP VC 118 8.04 -29.12 -68.23
CA ASP VC 118 8.32 -29.21 -66.80
C ASP VC 118 8.68 -30.64 -66.43
N ARG VC 119 8.83 -30.86 -65.12
CA ARG VC 119 9.17 -32.17 -64.59
C ARG VC 119 8.05 -33.17 -64.80
N GLU VC 120 6.80 -32.71 -64.72
CA GLU VC 120 5.67 -33.61 -64.92
C GLU VC 120 5.65 -34.15 -66.33
N ALA VC 121 5.86 -33.26 -67.31
CA ALA VC 121 5.93 -33.70 -68.70
C ALA VC 121 7.13 -34.60 -68.94
N PHE VC 122 8.26 -34.28 -68.30
CA PHE VC 122 9.45 -35.11 -68.46
C PHE VC 122 9.22 -36.52 -67.96
N GLU VC 123 8.65 -36.65 -66.76
CA GLU VC 123 8.43 -37.98 -66.18
C GLU VC 123 7.37 -38.75 -66.97
N SER VC 124 6.30 -38.07 -67.38
CA SER VC 124 5.25 -38.75 -68.12
C SER VC 124 5.74 -39.23 -69.48
N HIS VC 125 6.53 -38.42 -70.18
CA HIS VC 125 7.06 -38.89 -71.47
C HIS VC 125 8.17 -39.90 -71.27
N ARG VC 126 8.82 -39.87 -70.11
CA ARG VC 126 9.89 -40.83 -69.87
C ARG VC 126 9.34 -42.21 -69.56
N ALA VC 127 8.14 -42.29 -69.00
CA ALA VC 127 7.58 -43.57 -68.63
C ALA VC 127 7.32 -44.47 -69.84
N HIS VC 128 7.26 -43.92 -71.04
CA HIS VC 128 6.99 -44.70 -72.24
C HIS VC 128 8.22 -45.37 -72.82
N MET VC 129 9.41 -45.18 -72.26
CA MET VC 129 10.61 -45.54 -73.00
C MET VC 129 11.49 -46.49 -72.21
N PRO VC 130 12.08 -47.46 -72.87
CA PRO VC 130 12.88 -48.46 -72.17
C PRO VC 130 14.37 -48.16 -72.08
N TRP VC 131 14.85 -47.19 -72.83
CA TRP VC 131 16.28 -46.89 -72.82
C TRP VC 131 16.62 -45.97 -71.65
N LEU VC 132 17.86 -45.49 -71.63
CA LEU VC 132 18.36 -44.67 -70.54
C LEU VC 132 17.81 -43.25 -70.64
N SER VC 133 18.07 -42.45 -69.62
CA SER VC 133 17.64 -41.05 -69.64
C SER VC 133 18.50 -40.22 -68.71
N ILE VC 134 18.44 -38.91 -68.89
CA ILE VC 134 19.11 -37.95 -68.03
C ILE VC 134 18.05 -37.06 -67.41
N ASP VC 135 18.09 -36.94 -66.09
CA ASP VC 135 17.12 -36.11 -65.39
C ASP VC 135 17.26 -34.65 -65.78
N LEU VC 136 16.14 -33.94 -65.77
CA LEU VC 136 16.12 -32.55 -66.22
C LEU VC 136 16.77 -31.61 -65.22
N GLU VC 137 16.83 -31.99 -63.95
CA GLU VC 137 17.39 -31.09 -62.94
C GLU VC 137 18.89 -30.92 -63.11
N ASN VC 138 19.58 -31.96 -63.52
CA ASN VC 138 21.02 -31.85 -63.72
C ASN VC 138 21.30 -30.99 -64.96
N PRO VC 139 22.20 -30.02 -64.87
CA PRO VC 139 22.35 -29.04 -65.96
C PRO VC 139 22.91 -29.63 -67.22
N LEU VC 140 23.43 -30.87 -67.16
CA LEU VC 140 24.04 -31.52 -68.30
C LEU VC 140 23.10 -31.59 -69.49
N THR VC 141 21.79 -31.59 -69.25
CA THR VC 141 20.83 -31.47 -70.33
C THR VC 141 21.00 -30.17 -71.09
N GLU VC 142 21.07 -29.04 -70.37
CA GLU VC 142 21.18 -27.75 -71.03
C GLU VC 142 22.52 -27.59 -71.72
N ILE VC 143 23.60 -27.98 -71.04
CA ILE VC 143 24.91 -27.97 -71.68
C ILE VC 143 24.93 -28.88 -72.91
N LEU VC 144 24.31 -30.05 -72.84
CA LEU VC 144 24.33 -30.96 -73.97
C LEU VC 144 23.55 -30.41 -75.15
N LYS VC 145 22.38 -29.81 -74.90
CA LYS VC 145 21.56 -29.35 -76.00
C LYS VC 145 22.20 -28.15 -76.68
N ARG VC 146 22.85 -27.27 -75.93
CA ARG VC 146 23.58 -26.22 -76.62
C ARG VC 146 24.87 -26.73 -77.24
N HIS VC 147 25.44 -27.78 -76.69
CA HIS VC 147 26.69 -28.34 -77.18
C HIS VC 147 26.49 -28.99 -78.53
N PHE VC 148 25.33 -29.59 -78.73
CA PHE VC 148 24.97 -30.12 -80.03
C PHE VC 148 24.13 -29.16 -80.83
N ARG VC 149 23.92 -27.95 -80.31
CA ARG VC 149 23.23 -26.83 -80.97
C ARG VC 149 21.82 -27.22 -81.42
N VAL VC 150 21.21 -28.17 -80.72
CA VAL VC 150 19.85 -28.61 -81.03
C VAL VC 150 18.91 -27.60 -80.39
N MET VC 151 18.35 -26.70 -81.20
CA MET VC 151 17.55 -25.59 -80.72
C MET VC 151 16.08 -25.83 -81.07
N LYS VC 152 15.20 -25.65 -80.08
CA LYS VC 152 13.78 -25.78 -80.36
C LYS VC 152 13.26 -24.57 -81.11
N GLU VC 153 13.31 -23.40 -80.48
CA GLU VC 153 13.03 -22.13 -81.10
C GLU VC 153 14.20 -21.21 -80.80
N TYR VC 154 14.29 -20.09 -81.52
CA TYR VC 154 15.38 -19.15 -81.29
C TYR VC 154 15.13 -18.41 -79.99
N GLU VC 155 15.52 -19.05 -78.89
CA GLU VC 155 15.44 -18.46 -77.55
C GLU VC 155 16.79 -18.25 -76.90
N VAL VC 156 17.81 -19.00 -77.30
CA VAL VC 156 19.18 -18.88 -76.79
C VAL VC 156 20.04 -18.35 -77.94
N PRO VC 157 20.75 -17.24 -77.76
CA PRO VC 157 21.58 -16.71 -78.85
C PRO VC 157 22.78 -17.61 -79.13
N THR VC 158 23.20 -17.60 -80.39
CA THR VC 158 24.33 -18.38 -80.86
C THR VC 158 25.51 -17.47 -81.17
N TYR VC 159 26.69 -18.07 -81.21
CA TYR VC 159 27.91 -17.36 -81.59
C TYR VC 159 28.19 -17.51 -83.08
N GLY VC 160 27.19 -17.23 -83.90
CA GLY VC 160 27.32 -17.32 -85.33
C GLY VC 160 27.10 -18.70 -85.92
N TYR VC 161 27.05 -19.75 -85.09
CA TYR VC 161 26.82 -21.09 -85.61
C TYR VC 161 25.35 -21.27 -85.96
N GLY VC 162 25.09 -21.90 -87.10
CA GLY VC 162 23.73 -22.16 -87.51
C GLY VC 162 23.15 -23.40 -86.87
N SER VC 163 21.85 -23.35 -86.62
CA SER VC 163 21.17 -24.46 -85.97
C SER VC 163 21.06 -25.63 -86.93
N ARG VC 164 21.68 -26.75 -86.57
CA ARG VC 164 21.66 -27.92 -87.44
C ARG VC 164 20.27 -28.54 -87.48
N THR VC 165 19.69 -28.81 -86.31
CA THR VC 165 18.40 -29.48 -86.25
C THR VC 165 17.75 -29.21 -84.90
N GLY VC 166 16.47 -29.54 -84.84
CA GLY VC 166 15.70 -29.40 -83.61
C GLY VC 166 14.97 -30.67 -83.25
N VAL VC 167 13.96 -30.55 -82.40
CA VAL VC 167 13.19 -31.70 -81.93
C VAL VC 167 12.38 -32.27 -83.09
N PRO VC 168 12.27 -33.60 -83.23
CA PRO VC 168 13.06 -34.62 -82.55
C PRO VC 168 14.39 -34.81 -83.25
N SER VC 169 15.39 -35.30 -82.54
CA SER VC 169 16.66 -35.55 -83.21
C SER VC 169 17.34 -36.74 -82.57
N VAL VC 170 17.97 -37.55 -83.40
CA VAL VC 170 18.77 -38.68 -82.96
C VAL VC 170 20.18 -38.48 -83.53
N ILE VC 171 21.19 -38.63 -82.69
CA ILE VC 171 22.56 -38.46 -83.14
C ILE VC 171 23.47 -39.43 -82.40
N VAL VC 172 24.36 -40.08 -83.15
CA VAL VC 172 25.18 -41.15 -82.57
C VAL VC 172 26.55 -40.60 -82.19
N ILE VC 173 27.10 -41.13 -81.10
CA ILE VC 173 28.14 -40.44 -80.34
C ILE VC 173 29.46 -41.17 -80.49
N GLY VC 174 30.58 -40.45 -80.32
CA GLY VC 174 31.89 -41.07 -80.20
C GLY VC 174 32.46 -40.87 -78.81
N SER VC 175 33.65 -41.46 -78.60
CA SER VC 175 34.22 -41.55 -77.25
C SER VC 175 34.71 -40.19 -76.74
N ASP VC 176 35.27 -39.37 -77.62
CA ASP VC 176 35.81 -38.07 -77.24
C ASP VC 176 34.79 -36.95 -77.36
N GLY VC 177 33.51 -37.27 -77.37
CA GLY VC 177 32.49 -36.26 -77.54
C GLY VC 177 32.26 -35.83 -78.97
N ARG VC 178 33.00 -36.41 -79.91
CA ARG VC 178 32.82 -36.07 -81.31
C ARG VC 178 31.49 -36.64 -81.81
N GLU VC 179 30.68 -35.78 -82.42
CA GLU VC 179 29.40 -36.24 -82.96
C GLU VC 179 29.67 -37.03 -84.22
N ALA VC 180 29.13 -38.25 -84.30
CA ALA VC 180 29.40 -39.09 -85.46
C ALA VC 180 28.48 -38.72 -86.62
N GLN VC 181 27.17 -38.91 -86.44
CA GLN VC 181 26.24 -38.41 -87.44
C GLN VC 181 24.86 -38.18 -86.84
N PHE VC 182 24.20 -37.16 -87.38
CA PHE VC 182 22.79 -36.86 -87.20
C PHE VC 182 22.00 -37.83 -88.06
N LEU VC 183 21.07 -38.55 -87.47
CA LEU VC 183 20.20 -39.38 -88.26
C LEU VC 183 19.16 -38.47 -88.92
N PRO VC 184 19.03 -38.51 -90.23
CA PRO VC 184 18.20 -37.53 -90.92
C PRO VC 184 16.71 -37.70 -90.71
N ILE VC 185 16.21 -37.27 -89.55
CA ILE VC 185 14.78 -37.33 -89.26
C ILE VC 185 14.14 -36.01 -89.69
N CYS VC 186 14.56 -34.92 -89.06
CA CYS VC 186 14.09 -33.58 -89.41
C CYS VC 186 15.34 -32.78 -89.78
N SER VC 187 15.76 -32.90 -91.03
CA SER VC 187 16.98 -32.24 -91.48
C SER VC 187 16.79 -31.90 -92.96
N GLY VC 188 17.91 -31.62 -93.65
CA GLY VC 188 17.83 -31.35 -95.08
C GLY VC 188 17.36 -32.54 -95.87
N LEU VC 189 17.73 -33.75 -95.44
CA LEU VC 189 17.24 -34.94 -96.11
C LEU VC 189 15.77 -35.19 -95.80
N GLU VC 190 15.40 -35.06 -94.52
CA GLU VC 190 14.02 -35.21 -94.04
C GLU VC 190 13.42 -36.56 -94.44
N GLU VC 191 14.03 -37.62 -93.92
CA GLU VC 191 13.54 -38.98 -94.10
C GLU VC 191 12.94 -39.42 -92.76
N GLY VC 192 11.66 -39.10 -92.57
CA GLY VC 192 11.03 -39.36 -91.28
C GLY VC 192 10.69 -40.83 -91.11
N ASP VC 193 10.98 -41.36 -89.93
CA ASP VC 193 10.64 -42.72 -89.48
C ASP VC 193 11.27 -43.81 -90.35
N ARG VC 194 12.21 -43.46 -91.22
CA ARG VC 194 12.80 -44.43 -92.13
C ARG VC 194 14.30 -44.27 -92.11
N ALA VC 195 14.78 -43.11 -91.70
CA ALA VC 195 16.21 -42.90 -91.57
C ALA VC 195 16.75 -43.41 -90.26
N LEU VC 196 15.92 -43.97 -89.39
CA LEU VC 196 16.41 -44.57 -88.17
C LEU VC 196 17.30 -45.76 -88.45
N LEU VC 197 17.14 -46.39 -89.60
CA LEU VC 197 17.93 -47.53 -89.99
C LEU VC 197 19.20 -47.14 -90.73
N ARG VC 198 19.54 -45.85 -90.75
CA ARG VC 198 20.83 -45.38 -91.26
C ARG VC 198 21.93 -45.45 -90.23
N TRP VC 199 21.60 -45.90 -89.03
CA TRP VC 199 22.56 -46.00 -87.94
C TRP VC 199 23.64 -47.01 -88.28
N ASP VC 200 24.89 -46.68 -87.96
CA ASP VC 200 26.04 -47.51 -88.28
C ASP VC 200 26.58 -48.03 -86.95
N TRP VC 201 25.99 -49.12 -86.48
CA TRP VC 201 26.30 -49.66 -85.16
C TRP VC 201 27.58 -50.47 -85.12
N ARG VC 202 28.07 -50.94 -86.27
CA ARG VC 202 29.37 -51.60 -86.27
C ARG VC 202 30.48 -50.61 -86.01
N ASN VC 203 30.44 -49.47 -86.69
CA ASN VC 203 31.51 -48.50 -86.60
C ASN VC 203 31.38 -47.65 -85.35
N THR VC 204 30.19 -47.13 -85.06
CA THR VC 204 30.02 -46.26 -83.92
C THR VC 204 30.06 -47.11 -82.65
N LYS VC 205 31.15 -47.04 -81.91
CA LYS VC 205 31.34 -47.86 -80.73
C LYS VC 205 31.91 -46.96 -79.65
N PHE VC 206 31.16 -46.76 -78.57
CA PHE VC 206 31.65 -45.90 -77.50
C PHE VC 206 32.82 -46.58 -76.79
N ALA VC 207 33.84 -45.80 -76.49
CA ALA VC 207 35.03 -46.33 -75.85
C ALA VC 207 35.65 -45.32 -74.91
#